data_2P80
#
_entry.id   2P80
#
loop_
_entity.id
_entity.type
_entity.pdbx_description
1 polymer 'Copper-containing nitrite reductase'
2 polymer Pseudoazurin
3 non-polymer 'COPPER (II) ION'
4 non-polymer 'GADOLINIUM ATOM'
#
loop_
_entity_poly.entity_id
_entity_poly.type
_entity_poly.pdbx_seq_one_letter_code
_entity_poly.pdbx_strand_id
1 'polypeptide(L)'
;ATAAEIAALPRQKVELVDPPFVHAHSQVAEGGPKVVEFTMVIEEKKIVIDDAGTEVHAMAFNGTVPGPLMVVHQDDYLEL
TLINPETNTLMHNIDFHAATGALGGGGLTEINPGEKTILRFKATKPGVFVYHCAPPGMVPWHVVSGMNGAIMVLPREGLH
DGKGKALTYDKIYYVGEQDFYVPRDENGKYKKYEAPGDAYEDTVKVMRTLTPTHVVFNGAVGALTGDKAMTAAVGEKVLI
VHSQANRDTRPHLIGGHGDYVWATGKFNTPPDVDQETWFIPGGAAGAAFYTFQQPGIYAYVNHNLIEAFELGAAAHFKVT
GEWNDDLMTSVLAPSGTIEGR
;
A,B,C
2 'polypeptide(L)'
;ENIEVHMLNKGAEGAMVFEPAYIKANPGDTVTFIPVDKGHNVESIKDMIPEGAEKFKSKINENYVLTVTQPGAYLVKCTP
HYAMGMIALIAVGDSPANLDQIVSAKKPKIVQERLEKVIASAK
;
D
#
loop_
_chem_comp.id
_chem_comp.type
_chem_comp.name
_chem_comp.formula
CU non-polymer 'COPPER (II) ION' 'Cu 2'
GD non-polymer 'GADOLINIUM ATOM' Gd
#
# COMPACT_ATOMS: atom_id res chain seq x y z
N THR A 2 -42.01 13.15 -4.76
CA THR A 2 -42.43 14.59 -4.75
C THR A 2 -42.08 15.24 -3.40
N ALA A 3 -42.38 16.50 -3.23
CA ALA A 3 -42.06 17.18 -1.94
C ALA A 3 -42.91 16.59 -0.81
N ALA A 4 -44.18 16.37 -1.03
CA ALA A 4 -45.04 15.81 0.05
C ALA A 4 -44.52 14.43 0.46
N GLU A 5 -44.10 13.65 -0.50
CA GLU A 5 -43.58 12.29 -0.16
C GLU A 5 -42.33 12.41 0.72
N ILE A 6 -41.42 13.28 0.37
CA ILE A 6 -40.18 13.43 1.19
C ILE A 6 -40.54 13.93 2.59
N ALA A 7 -41.45 14.87 2.68
CA ALA A 7 -41.85 15.40 4.02
C ALA A 7 -42.65 14.35 4.83
N ALA A 8 -43.25 13.38 4.20
CA ALA A 8 -44.04 12.36 4.96
C ALA A 8 -43.16 11.18 5.43
N LEU A 9 -41.93 11.09 4.99
CA LEU A 9 -41.07 9.95 5.44
C LEU A 9 -40.83 10.04 6.96
N PRO A 10 -40.86 8.92 7.65
CA PRO A 10 -40.63 8.89 9.13
C PRO A 10 -39.21 9.32 9.55
N ARG A 11 -39.09 10.18 10.53
CA ARG A 11 -37.77 10.64 11.00
C ARG A 11 -37.45 9.84 12.27
N GLN A 12 -36.26 9.35 12.37
CA GLN A 12 -35.90 8.54 13.57
C GLN A 12 -34.52 8.95 14.07
N LYS A 13 -34.44 9.30 15.30
CA LYS A 13 -33.14 9.72 15.88
C LYS A 13 -32.41 8.47 16.36
N VAL A 14 -31.12 8.47 16.24
CA VAL A 14 -30.32 7.30 16.68
C VAL A 14 -29.15 7.77 17.55
N GLU A 15 -28.93 7.09 18.63
CA GLU A 15 -27.84 7.45 19.55
C GLU A 15 -26.58 6.81 19.00
N LEU A 16 -25.53 7.56 18.95
CA LEU A 16 -24.27 6.99 18.38
C LEU A 16 -23.32 6.49 19.47
N VAL A 17 -22.51 5.50 19.18
CA VAL A 17 -21.56 5.00 20.18
C VAL A 17 -20.19 5.47 19.75
N ASP A 18 -19.19 5.06 20.43
CA ASP A 18 -17.81 5.49 20.04
C ASP A 18 -17.02 4.30 19.47
N PRO A 19 -16.26 4.52 18.43
CA PRO A 19 -15.44 3.45 17.80
C PRO A 19 -14.67 2.63 18.84
N PRO A 20 -14.35 1.41 18.52
CA PRO A 20 -14.69 0.80 17.20
C PRO A 20 -16.11 0.21 17.17
N PHE A 21 -16.86 0.35 18.23
CA PHE A 21 -18.23 -0.20 18.26
C PHE A 21 -19.11 0.53 17.23
N VAL A 22 -20.29 0.05 17.07
CA VAL A 22 -21.24 0.67 16.12
C VAL A 22 -22.59 0.73 16.82
N HIS A 23 -23.37 1.68 16.48
CA HIS A 23 -24.69 1.84 17.12
C HIS A 23 -25.58 0.64 16.80
N ALA A 24 -26.85 0.76 17.08
CA ALA A 24 -27.78 -0.38 16.80
C ALA A 24 -28.44 -0.17 15.43
N HIS A 25 -28.37 -1.17 14.59
CA HIS A 25 -29.00 -1.06 13.24
C HIS A 25 -29.29 -2.46 12.70
N SER A 26 -30.12 -2.56 11.69
CA SER A 26 -30.44 -3.89 11.11
C SER A 26 -29.82 -3.97 9.71
N GLN A 27 -29.31 -5.11 9.36
CA GLN A 27 -28.68 -5.24 8.01
C GLN A 27 -29.76 -4.96 7.01
N VAL A 28 -30.71 -5.83 6.93
CA VAL A 28 -31.84 -5.59 6.00
C VAL A 28 -32.63 -4.37 6.52
N ALA A 29 -33.00 -3.47 5.66
CA ALA A 29 -33.73 -2.25 6.10
C ALA A 29 -35.09 -2.64 6.67
N GLU A 30 -35.48 -1.99 7.72
CA GLU A 30 -36.80 -2.27 8.35
C GLU A 30 -37.76 -1.13 7.99
N GLY A 31 -38.69 -1.39 7.12
CA GLY A 31 -39.64 -0.32 6.71
C GLY A 31 -39.10 0.31 5.44
N GLY A 32 -39.73 1.35 4.99
CA GLY A 32 -39.26 2.01 3.75
C GLY A 32 -38.21 3.07 4.12
N PRO A 33 -37.94 3.95 3.21
CA PRO A 33 -36.94 5.04 3.41
C PRO A 33 -37.28 5.90 4.63
N LYS A 34 -36.30 6.31 5.37
CA LYS A 34 -36.57 7.16 6.57
C LYS A 34 -35.39 8.13 6.84
N VAL A 35 -35.72 9.34 7.23
CA VAL A 35 -34.71 10.37 7.55
C VAL A 35 -34.11 10.04 8.91
N VAL A 36 -32.90 9.59 8.88
CA VAL A 36 -32.18 9.21 10.10
C VAL A 36 -31.54 10.44 10.63
N GLU A 37 -31.72 10.66 11.87
CA GLU A 37 -31.16 11.88 12.49
C GLU A 37 -30.06 11.54 13.49
N PHE A 38 -28.94 12.18 13.35
CA PHE A 38 -27.80 11.96 14.28
C PHE A 38 -27.21 13.32 14.66
N THR A 39 -26.77 13.50 15.88
CA THR A 39 -26.20 14.81 16.30
C THR A 39 -24.82 14.60 16.90
N MET A 40 -23.85 15.35 16.46
CA MET A 40 -22.48 15.19 17.02
C MET A 40 -21.86 16.56 17.36
N VAL A 41 -21.33 16.68 18.56
CA VAL A 41 -20.69 17.94 18.99
C VAL A 41 -19.21 17.77 18.77
N ILE A 42 -18.58 18.77 18.27
CA ILE A 42 -17.13 18.67 17.98
C ILE A 42 -16.35 19.12 19.20
N GLU A 43 -15.32 18.42 19.54
CA GLU A 43 -14.54 18.82 20.74
C GLU A 43 -13.05 18.94 20.41
N GLU A 44 -12.49 20.12 20.54
CA GLU A 44 -11.03 20.28 20.25
C GLU A 44 -10.27 20.17 21.58
N LYS A 45 -9.52 19.11 21.78
CA LYS A 45 -8.80 18.97 23.05
C LYS A 45 -7.46 18.31 22.81
N LYS A 46 -6.69 18.20 23.83
CA LYS A 46 -5.35 17.56 23.69
C LYS A 46 -5.41 16.10 24.14
N ILE A 47 -5.00 15.20 23.29
CA ILE A 47 -5.01 13.76 23.64
C ILE A 47 -3.60 13.17 23.44
N VAL A 48 -3.23 12.24 24.27
CA VAL A 48 -1.93 11.60 24.19
C VAL A 48 -2.06 10.49 23.19
N ILE A 49 -1.05 10.26 22.46
CA ILE A 49 -1.13 9.20 21.40
C ILE A 49 0.18 8.42 21.31
N ASP A 50 0.81 8.18 22.42
CA ASP A 50 2.10 7.41 22.44
C ASP A 50 2.54 7.17 23.91
N ASP A 51 3.18 6.05 24.20
CA ASP A 51 3.62 5.79 25.61
C ASP A 51 4.60 6.88 26.12
N ALA A 52 5.09 7.77 25.29
CA ALA A 52 6.04 8.82 25.77
C ALA A 52 5.30 10.12 26.12
N GLY A 53 4.00 10.11 26.18
CA GLY A 53 3.24 11.37 26.53
C GLY A 53 3.16 12.36 25.34
N THR A 54 3.32 11.91 24.12
CA THR A 54 3.22 12.84 22.96
C THR A 54 1.78 13.34 22.93
N GLU A 55 1.58 14.56 22.60
CA GLU A 55 0.16 15.06 22.61
C GLU A 55 -0.19 15.75 21.29
N VAL A 56 -1.37 15.51 20.79
CA VAL A 56 -1.81 16.18 19.53
C VAL A 56 -3.19 16.86 19.72
N HIS A 57 -3.26 18.16 19.48
CA HIS A 57 -4.54 18.90 19.62
C HIS A 57 -5.53 18.29 18.65
N ALA A 58 -6.30 17.38 19.14
CA ALA A 58 -7.27 16.66 18.28
C ALA A 58 -8.53 17.48 18.05
N MET A 59 -9.07 17.32 16.88
CA MET A 59 -10.31 18.00 16.48
C MET A 59 -11.20 16.82 16.27
N ALA A 60 -12.16 16.65 17.10
CA ALA A 60 -12.86 15.38 16.98
C ALA A 60 -14.32 15.54 16.92
N PHE A 61 -14.87 14.85 16.02
CA PHE A 61 -16.36 14.85 15.90
C PHE A 61 -16.92 13.85 16.92
N ASN A 62 -17.79 14.28 17.80
CA ASN A 62 -18.33 13.34 18.83
C ASN A 62 -17.27 13.09 19.92
N GLY A 63 -16.24 13.90 20.01
CA GLY A 63 -15.18 13.69 21.04
C GLY A 63 -14.38 12.40 20.82
N THR A 64 -14.37 11.81 19.63
CA THR A 64 -13.54 10.56 19.46
C THR A 64 -12.87 10.47 18.06
N VAL A 65 -11.58 10.13 18.01
CA VAL A 65 -10.88 9.95 16.72
C VAL A 65 -10.70 8.45 16.54
N PRO A 66 -11.26 7.91 15.50
CA PRO A 66 -12.02 8.68 14.50
C PRO A 66 -13.49 8.87 14.86
N GLY A 67 -14.13 9.87 14.33
CA GLY A 67 -15.56 10.10 14.63
C GLY A 67 -16.27 8.75 14.66
N PRO A 68 -17.51 8.76 15.03
CA PRO A 68 -18.34 7.52 15.11
C PRO A 68 -18.90 7.10 13.75
N LEU A 69 -19.09 5.82 13.55
CA LEU A 69 -19.63 5.35 12.24
C LEU A 69 -21.18 5.40 12.25
N MET A 70 -21.76 6.19 11.38
CA MET A 70 -23.23 6.28 11.29
C MET A 70 -23.66 5.25 10.26
N VAL A 71 -24.74 4.62 10.48
CA VAL A 71 -25.17 3.57 9.51
C VAL A 71 -26.65 3.72 9.12
N VAL A 72 -26.88 3.87 7.85
CA VAL A 72 -28.26 3.97 7.31
C VAL A 72 -28.32 3.07 6.06
N HIS A 73 -29.46 2.99 5.42
CA HIS A 73 -29.56 2.14 4.22
C HIS A 73 -29.60 3.04 2.98
N GLN A 74 -29.51 2.44 1.83
CA GLN A 74 -29.53 3.21 0.57
C GLN A 74 -30.93 3.78 0.38
N ASP A 75 -31.00 5.02 0.03
CA ASP A 75 -32.34 5.66 -0.16
C ASP A 75 -32.67 6.50 1.08
N ASP A 76 -32.32 6.04 2.25
CA ASP A 76 -32.61 6.80 3.47
C ASP A 76 -31.79 8.10 3.47
N TYR A 77 -32.29 9.12 4.10
CA TYR A 77 -31.58 10.42 4.15
C TYR A 77 -30.95 10.62 5.53
N LEU A 78 -29.71 10.99 5.55
CA LEU A 78 -29.00 11.22 6.82
C LEU A 78 -29.10 12.70 7.14
N GLU A 79 -29.57 13.01 8.30
CA GLU A 79 -29.74 14.42 8.72
C GLU A 79 -28.91 14.59 9.95
N LEU A 80 -27.86 15.31 9.84
CA LEU A 80 -26.97 15.41 11.03
C LEU A 80 -26.87 16.84 11.56
N THR A 81 -27.22 17.00 12.81
CA THR A 81 -27.10 18.34 13.47
C THR A 81 -25.70 18.41 14.11
N LEU A 82 -24.83 19.23 13.58
CA LEU A 82 -23.48 19.35 14.10
C LEU A 82 -23.45 20.54 14.99
N ILE A 83 -22.64 20.51 15.95
CA ILE A 83 -22.58 21.64 16.91
C ILE A 83 -21.13 21.94 17.28
N ASN A 84 -20.75 23.17 17.15
CA ASN A 84 -19.36 23.59 17.51
C ASN A 84 -19.46 24.52 18.71
N PRO A 85 -19.20 24.00 19.87
CA PRO A 85 -19.29 24.74 21.16
C PRO A 85 -18.53 26.07 21.16
N GLU A 86 -18.99 27.01 21.94
CA GLU A 86 -18.28 28.32 22.00
C GLU A 86 -16.87 28.12 22.58
N THR A 87 -16.66 27.10 23.37
CA THR A 87 -15.30 26.87 23.96
C THR A 87 -14.27 26.63 22.86
N ASN A 88 -14.68 26.03 21.77
CA ASN A 88 -13.71 25.74 20.67
C ASN A 88 -13.18 27.06 20.10
N THR A 89 -12.09 27.01 19.39
CA THR A 89 -11.52 28.26 18.81
C THR A 89 -11.31 28.15 17.28
N LEU A 90 -11.80 27.12 16.62
CA LEU A 90 -11.59 27.04 15.13
C LEU A 90 -12.91 26.67 14.42
N MET A 91 -13.24 27.36 13.35
CA MET A 91 -14.49 27.02 12.61
C MET A 91 -14.29 25.68 11.89
N HIS A 92 -15.30 24.84 11.86
CA HIS A 92 -15.16 23.53 11.17
C HIS A 92 -16.17 23.40 10.03
N ASN A 93 -16.49 22.19 9.70
CA ASN A 93 -17.46 21.89 8.60
C ASN A 93 -17.38 20.38 8.32
N ILE A 94 -18.39 19.78 7.72
CA ILE A 94 -18.32 18.31 7.46
C ILE A 94 -18.65 17.99 6.00
N ASP A 95 -17.80 17.22 5.36
CA ASP A 95 -18.05 16.82 3.94
C ASP A 95 -18.17 15.29 3.89
N PHE A 96 -19.34 14.77 3.63
CA PHE A 96 -19.51 13.29 3.59
C PHE A 96 -19.36 12.78 2.15
N HIS A 97 -18.36 12.00 1.91
CA HIS A 97 -18.14 11.43 0.55
C HIS A 97 -19.43 10.76 0.03
N ALA A 98 -20.26 10.23 0.91
CA ALA A 98 -21.51 9.55 0.46
C ALA A 98 -22.62 10.54 0.08
N ALA A 99 -22.34 11.82 0.04
CA ALA A 99 -23.38 12.81 -0.34
C ALA A 99 -23.04 13.39 -1.71
N THR A 100 -23.96 14.11 -2.31
CA THR A 100 -23.68 14.70 -3.65
C THR A 100 -24.12 16.17 -3.70
N GLY A 101 -23.18 17.07 -3.84
CA GLY A 101 -23.51 18.55 -3.93
C GLY A 101 -22.92 19.35 -2.75
N ALA A 102 -22.36 20.53 -3.01
CA ALA A 102 -21.80 21.35 -1.88
C ALA A 102 -20.53 20.72 -1.30
N LEU A 103 -19.61 20.30 -2.13
CA LEU A 103 -18.33 19.73 -1.61
C LEU A 103 -18.61 18.66 -0.57
N GLY A 104 -19.67 17.92 -0.75
CA GLY A 104 -20.00 16.84 0.23
C GLY A 104 -20.61 17.43 1.50
N GLY A 105 -21.23 18.57 1.40
CA GLY A 105 -21.86 19.20 2.61
C GLY A 105 -20.92 20.21 3.29
N GLY A 106 -19.67 20.32 2.90
CA GLY A 106 -18.75 21.29 3.56
C GLY A 106 -19.15 22.74 3.24
N GLY A 107 -19.66 22.99 2.05
CA GLY A 107 -20.04 24.39 1.68
C GLY A 107 -21.31 24.85 2.44
N LEU A 108 -22.02 23.96 3.07
CA LEU A 108 -23.27 24.39 3.80
C LEU A 108 -23.20 23.93 5.27
N THR A 109 -22.03 23.82 5.82
CA THR A 109 -21.89 23.40 7.24
C THR A 109 -20.73 24.14 7.95
N GLU A 110 -20.30 25.28 7.45
CA GLU A 110 -19.21 26.04 8.11
C GLU A 110 -19.78 26.67 9.37
N ILE A 111 -19.37 26.20 10.51
CA ILE A 111 -19.94 26.76 11.76
C ILE A 111 -18.81 27.18 12.68
N ASN A 112 -18.81 28.42 13.06
CA ASN A 112 -17.73 28.91 13.98
C ASN A 112 -18.17 28.69 15.42
N PRO A 113 -17.24 28.67 16.34
CA PRO A 113 -17.54 28.48 17.78
C PRO A 113 -18.85 29.16 18.20
N GLY A 114 -19.75 28.43 18.80
CA GLY A 114 -21.05 29.03 19.21
C GLY A 114 -22.10 28.87 18.10
N GLU A 115 -21.85 28.03 17.12
CA GLU A 115 -22.87 27.87 16.03
C GLU A 115 -23.09 26.38 15.67
N LYS A 116 -24.33 26.00 15.38
CA LYS A 116 -24.62 24.59 14.98
C LYS A 116 -25.58 24.59 13.77
N THR A 117 -25.51 23.61 12.91
CA THR A 117 -26.41 23.61 11.75
C THR A 117 -26.99 22.22 11.59
N ILE A 118 -27.73 22.04 10.56
CA ILE A 118 -28.34 20.71 10.30
C ILE A 118 -28.34 20.48 8.79
N LEU A 119 -27.66 19.47 8.34
CA LEU A 119 -27.61 19.21 6.87
C LEU A 119 -28.16 17.82 6.57
N ARG A 120 -29.05 17.74 5.63
CA ARG A 120 -29.64 16.41 5.27
C ARG A 120 -29.30 16.06 3.81
N PHE A 121 -28.87 14.84 3.57
CA PHE A 121 -28.53 14.41 2.19
C PHE A 121 -29.06 12.98 1.97
N LYS A 122 -29.47 12.69 0.77
CA LYS A 122 -30.00 11.34 0.44
C LYS A 122 -28.84 10.39 0.15
N ALA A 123 -28.82 9.29 0.82
CA ALA A 123 -27.76 8.28 0.63
C ALA A 123 -28.16 7.49 -0.58
N THR A 124 -27.68 7.91 -1.69
CA THR A 124 -28.12 7.25 -2.98
C THR A 124 -27.21 6.08 -3.41
N LYS A 125 -26.08 5.89 -2.80
CA LYS A 125 -25.19 4.78 -3.21
C LYS A 125 -24.81 3.96 -1.99
N PRO A 126 -24.80 2.68 -2.13
CA PRO A 126 -24.47 1.75 -1.02
C PRO A 126 -22.95 1.52 -0.85
N GLY A 127 -22.47 1.56 0.36
CA GLY A 127 -21.01 1.33 0.56
C GLY A 127 -20.47 2.23 1.67
N VAL A 128 -19.39 1.81 2.30
CA VAL A 128 -18.79 2.61 3.37
C VAL A 128 -18.13 3.82 2.73
N PHE A 129 -18.14 4.92 3.40
CA PHE A 129 -17.54 6.12 2.81
C PHE A 129 -16.93 6.93 3.93
N VAL A 130 -15.89 7.65 3.66
CA VAL A 130 -15.26 8.45 4.77
C VAL A 130 -15.75 9.93 4.81
N TYR A 131 -16.17 10.41 5.97
CA TYR A 131 -16.59 11.82 6.11
C TYR A 131 -15.44 12.54 6.82
N HIS A 132 -15.29 13.82 6.61
CA HIS A 132 -14.15 14.53 7.26
C HIS A 132 -14.34 16.05 7.18
N CYS A 133 -13.94 16.78 8.19
CA CYS A 133 -14.09 18.26 8.17
C CYS A 133 -13.09 18.84 7.18
N ALA A 134 -13.43 19.90 6.50
CA ALA A 134 -12.47 20.45 5.51
C ALA A 134 -12.71 21.92 5.25
N PRO A 135 -12.39 22.75 6.19
CA PRO A 135 -12.54 24.23 6.06
C PRO A 135 -11.62 24.78 4.97
N PRO A 136 -12.18 25.46 4.01
CA PRO A 136 -11.41 26.03 2.87
C PRO A 136 -10.05 26.61 3.28
N GLY A 137 -8.97 26.08 2.74
CA GLY A 137 -7.62 26.63 3.08
C GLY A 137 -6.93 25.83 4.22
N MET A 138 -7.64 25.05 4.98
CA MET A 138 -6.98 24.30 6.08
C MET A 138 -7.54 22.89 6.12
N VAL A 139 -7.79 22.34 4.97
CA VAL A 139 -8.36 20.96 4.91
C VAL A 139 -7.41 19.94 5.56
N PRO A 140 -6.25 19.72 4.98
CA PRO A 140 -5.25 18.74 5.47
C PRO A 140 -4.97 18.85 6.97
N TRP A 141 -5.03 20.03 7.51
CA TRP A 141 -4.75 20.17 8.97
C TRP A 141 -5.90 19.59 9.80
N HIS A 142 -7.10 19.96 9.47
CA HIS A 142 -8.28 19.45 10.22
C HIS A 142 -8.39 17.92 10.11
N VAL A 143 -8.07 17.36 8.98
CA VAL A 143 -8.19 15.88 8.82
C VAL A 143 -7.07 15.18 9.60
N VAL A 144 -5.86 15.62 9.44
CA VAL A 144 -4.73 14.97 10.15
C VAL A 144 -4.93 15.11 11.67
N SER A 145 -5.56 16.18 12.09
CA SER A 145 -5.78 16.37 13.55
C SER A 145 -6.77 15.32 14.09
N GLY A 146 -7.30 14.50 13.22
CA GLY A 146 -8.26 13.45 13.69
C GLY A 146 -9.72 13.91 13.47
N MET A 147 -9.98 14.78 12.52
CA MET A 147 -11.38 15.22 12.28
C MET A 147 -11.96 14.45 11.08
N ASN A 148 -12.15 13.18 11.23
CA ASN A 148 -12.70 12.37 10.11
C ASN A 148 -13.14 10.99 10.63
N GLY A 149 -14.14 10.44 10.02
CA GLY A 149 -14.67 9.09 10.44
C GLY A 149 -15.21 8.36 9.20
N ALA A 150 -16.37 7.74 9.29
CA ALA A 150 -16.93 7.03 8.10
C ALA A 150 -18.37 6.57 8.34
N ILE A 151 -19.18 6.57 7.32
CA ILE A 151 -20.59 6.11 7.47
C ILE A 151 -20.84 4.91 6.54
N MET A 152 -21.68 4.00 6.94
CA MET A 152 -21.96 2.80 6.08
C MET A 152 -23.41 2.80 5.60
N VAL A 153 -23.61 2.92 4.32
CA VAL A 153 -24.98 2.90 3.76
C VAL A 153 -25.19 1.51 3.23
N LEU A 154 -25.89 0.71 3.95
CA LEU A 154 -26.03 -0.72 3.52
C LEU A 154 -27.22 -0.92 2.58
N PRO A 155 -27.05 -1.75 1.57
CA PRO A 155 -28.14 -2.07 0.63
C PRO A 155 -29.44 -2.40 1.39
N ARG A 156 -30.56 -1.98 0.89
CA ARG A 156 -31.85 -2.25 1.60
C ARG A 156 -31.99 -3.74 1.91
N GLU A 157 -31.46 -4.58 1.06
CA GLU A 157 -31.57 -6.06 1.30
C GLU A 157 -30.34 -6.62 2.04
N GLY A 158 -29.52 -5.78 2.63
CA GLY A 158 -28.33 -6.30 3.36
C GLY A 158 -27.16 -6.47 2.39
N LEU A 159 -26.12 -7.15 2.82
CA LEU A 159 -24.95 -7.36 1.92
C LEU A 159 -24.95 -8.78 1.34
N HIS A 160 -24.49 -8.94 0.12
CA HIS A 160 -24.44 -10.27 -0.51
C HIS A 160 -23.10 -10.42 -1.24
N ASP A 161 -22.72 -11.61 -1.58
CA ASP A 161 -21.43 -11.82 -2.29
C ASP A 161 -21.56 -11.43 -3.77
N GLY A 162 -20.69 -11.92 -4.62
CA GLY A 162 -20.76 -11.57 -6.07
C GLY A 162 -21.84 -12.42 -6.78
N LYS A 163 -22.22 -13.54 -6.22
CA LYS A 163 -23.26 -14.40 -6.90
C LYS A 163 -24.67 -14.13 -6.32
N GLY A 164 -24.83 -13.16 -5.46
CA GLY A 164 -26.20 -12.88 -4.89
C GLY A 164 -26.42 -13.55 -3.50
N LYS A 165 -25.57 -14.44 -3.06
CA LYS A 165 -25.76 -15.09 -1.75
C LYS A 165 -25.71 -14.05 -0.64
N ALA A 166 -26.60 -14.14 0.30
CA ALA A 166 -26.61 -13.14 1.42
C ALA A 166 -25.44 -13.38 2.40
N LEU A 167 -24.77 -12.33 2.78
CA LEU A 167 -23.64 -12.40 3.74
C LEU A 167 -24.06 -11.58 4.96
N THR A 168 -24.36 -12.24 6.03
CA THR A 168 -24.85 -11.55 7.23
C THR A 168 -23.80 -11.68 8.29
N TYR A 169 -23.43 -10.60 8.84
CA TYR A 169 -22.35 -10.63 9.87
C TYR A 169 -22.95 -10.61 11.28
N ASP A 170 -22.36 -11.34 12.20
CA ASP A 170 -22.86 -11.35 13.60
C ASP A 170 -22.38 -10.09 14.35
N LYS A 171 -21.25 -9.54 13.97
CA LYS A 171 -20.73 -8.33 14.67
C LYS A 171 -19.96 -7.48 13.68
N ILE A 172 -19.88 -6.20 13.92
CA ILE A 172 -19.13 -5.30 12.99
C ILE A 172 -18.35 -4.26 13.80
N TYR A 173 -17.11 -4.06 13.46
CA TYR A 173 -16.28 -3.06 14.16
C TYR A 173 -15.74 -2.07 13.14
N TYR A 174 -15.54 -0.85 13.56
CA TYR A 174 -15.02 0.19 12.62
C TYR A 174 -13.66 0.67 13.13
N VAL A 175 -12.64 0.43 12.37
CA VAL A 175 -11.27 0.84 12.78
C VAL A 175 -10.80 2.00 11.90
N GLY A 176 -10.83 3.19 12.41
CA GLY A 176 -10.38 4.37 11.65
C GLY A 176 -8.88 4.55 11.89
N GLU A 177 -8.14 4.65 10.85
CA GLU A 177 -6.68 4.79 10.96
C GLU A 177 -6.38 6.26 10.81
N GLN A 178 -5.40 6.72 11.51
CA GLN A 178 -5.10 8.18 11.42
C GLN A 178 -3.60 8.41 11.41
N ASP A 179 -3.10 9.04 10.37
CA ASP A 179 -1.64 9.34 10.31
C ASP A 179 -1.40 10.76 10.85
N PHE A 180 -0.68 10.90 11.93
CA PHE A 180 -0.43 12.23 12.48
C PHE A 180 0.92 12.75 12.00
N TYR A 181 1.23 13.93 12.37
CA TYR A 181 2.51 14.57 11.98
C TYR A 181 2.88 15.51 13.11
N VAL A 182 3.55 15.00 14.09
CA VAL A 182 3.86 15.82 15.29
C VAL A 182 5.23 16.44 15.15
N PRO A 183 5.29 17.72 15.34
CA PRO A 183 6.58 18.48 15.24
C PRO A 183 7.56 18.13 16.39
N ARG A 184 8.83 17.96 16.07
CA ARG A 184 9.85 17.64 17.11
C ARG A 184 10.90 18.75 17.13
N ASP A 185 11.49 19.01 18.25
CA ASP A 185 12.52 20.09 18.33
C ASP A 185 13.81 19.62 17.67
N GLU A 186 14.91 20.27 17.96
CA GLU A 186 16.21 19.86 17.35
C GLU A 186 16.73 18.56 17.98
N ASN A 187 16.43 18.31 19.23
CA ASN A 187 16.92 17.06 19.89
C ASN A 187 16.07 15.83 19.55
N GLY A 188 15.01 15.98 18.77
CA GLY A 188 14.17 14.80 18.43
C GLY A 188 13.02 14.59 19.45
N LYS A 189 12.75 15.53 20.32
CA LYS A 189 11.64 15.37 21.30
C LYS A 189 10.37 16.03 20.76
N TYR A 190 9.26 15.35 20.84
CA TYR A 190 7.99 15.91 20.34
C TYR A 190 7.74 17.23 21.05
N LYS A 191 7.20 18.17 20.36
CA LYS A 191 6.94 19.50 20.99
C LYS A 191 5.44 19.64 21.34
N LYS A 192 5.16 20.29 22.44
CA LYS A 192 3.75 20.50 22.84
C LYS A 192 3.45 21.99 22.73
N TYR A 193 2.22 22.34 22.64
CA TYR A 193 1.87 23.77 22.51
C TYR A 193 0.70 24.07 23.42
N GLU A 194 0.35 25.30 23.51
CA GLU A 194 -0.78 25.70 24.39
C GLU A 194 -2.11 25.59 23.63
N ALA A 195 -2.19 26.10 22.42
CA ALA A 195 -3.46 26.02 21.67
C ALA A 195 -3.24 25.28 20.37
N PRO A 196 -4.29 25.04 19.65
CA PRO A 196 -4.24 24.32 18.34
C PRO A 196 -3.56 25.13 17.22
N GLY A 197 -3.74 26.43 17.18
CA GLY A 197 -3.10 27.24 16.09
C GLY A 197 -1.60 27.39 16.33
N ASP A 198 -1.17 27.40 17.55
CA ASP A 198 0.29 27.57 17.84
C ASP A 198 1.11 26.48 17.13
N ALA A 199 0.53 25.35 16.86
CA ALA A 199 1.30 24.25 16.18
C ALA A 199 0.90 24.12 14.70
N TYR A 200 0.35 25.14 14.11
CA TYR A 200 -0.03 25.06 12.66
C TYR A 200 1.21 25.13 11.72
N GLU A 201 2.11 26.07 11.91
CA GLU A 201 3.28 26.17 10.98
C GLU A 201 4.20 24.96 11.14
N ASP A 202 4.51 24.61 12.36
CA ASP A 202 5.42 23.45 12.58
C ASP A 202 4.78 22.16 12.08
N THR A 203 3.49 22.03 12.19
CA THR A 203 2.82 20.79 11.73
C THR A 203 2.84 20.74 10.21
N VAL A 204 2.52 21.82 9.57
CA VAL A 204 2.54 21.84 8.08
C VAL A 204 3.91 21.37 7.59
N LYS A 205 4.95 21.86 8.19
CA LYS A 205 6.31 21.43 7.76
C LYS A 205 6.40 19.91 7.81
N VAL A 206 5.96 19.31 8.88
CA VAL A 206 6.01 17.83 8.99
C VAL A 206 5.09 17.18 7.94
N MET A 207 3.92 17.73 7.74
CA MET A 207 2.98 17.14 6.73
C MET A 207 3.60 17.18 5.33
N ARG A 208 4.33 18.20 4.99
CA ARG A 208 4.94 18.30 3.64
C ARG A 208 5.85 17.10 3.41
N THR A 209 6.55 16.69 4.42
CA THR A 209 7.48 15.53 4.27
C THR A 209 6.71 14.26 3.84
N LEU A 210 5.40 14.26 3.91
CA LEU A 210 4.63 13.05 3.52
C LEU A 210 5.06 11.87 4.37
N THR A 211 5.55 12.11 5.56
CA THR A 211 5.99 10.98 6.43
C THR A 211 5.38 11.18 7.82
N PRO A 212 4.36 10.42 8.13
CA PRO A 212 3.66 10.53 9.46
C PRO A 212 4.51 10.02 10.64
N THR A 213 4.62 10.79 11.70
CA THR A 213 5.41 10.33 12.87
C THR A 213 4.67 9.17 13.57
N HIS A 214 3.36 9.08 13.43
CA HIS A 214 2.62 7.98 14.09
C HIS A 214 1.37 7.64 13.26
N VAL A 215 1.15 6.37 13.03
CA VAL A 215 -0.04 5.95 12.25
C VAL A 215 -0.77 5.00 13.14
N VAL A 216 -1.94 5.30 13.55
CA VAL A 216 -2.56 4.36 14.52
C VAL A 216 -4.03 4.15 14.27
N PHE A 217 -4.60 3.35 15.11
CA PHE A 217 -6.06 3.07 14.98
C PHE A 217 -6.78 3.46 16.27
N ASN A 218 -7.91 4.09 16.16
CA ASN A 218 -8.66 4.51 17.39
C ASN A 218 -8.09 5.80 18.02
N GLY A 219 -7.11 6.43 17.39
CA GLY A 219 -6.54 7.68 17.97
C GLY A 219 -5.32 7.45 18.93
N ALA A 220 -4.69 6.30 18.98
CA ALA A 220 -3.51 6.16 19.90
C ALA A 220 -2.79 4.81 19.70
N VAL A 221 -1.48 4.81 19.72
CA VAL A 221 -0.75 3.52 19.55
C VAL A 221 -1.21 2.55 20.65
N GLY A 222 -1.61 1.37 20.28
CA GLY A 222 -2.11 0.40 21.31
C GLY A 222 -3.57 0.69 21.76
N ALA A 223 -4.35 1.46 21.01
CA ALA A 223 -5.75 1.72 21.44
C ALA A 223 -6.64 0.46 21.27
N LEU A 224 -6.32 -0.44 20.36
CA LEU A 224 -7.17 -1.64 20.16
C LEU A 224 -6.37 -2.91 20.46
N THR A 225 -5.45 -2.83 21.37
CA THR A 225 -4.62 -4.03 21.71
C THR A 225 -4.60 -4.19 23.23
N GLY A 226 -4.35 -5.39 23.71
CA GLY A 226 -4.29 -5.63 25.17
C GLY A 226 -5.71 -5.89 25.68
N ASP A 227 -6.14 -5.15 26.66
CA ASP A 227 -7.53 -5.34 27.19
C ASP A 227 -8.56 -4.73 26.23
N LYS A 228 -8.14 -3.88 25.32
CA LYS A 228 -9.12 -3.25 24.38
C LYS A 228 -9.13 -4.00 23.04
N ALA A 229 -8.56 -5.18 22.98
CA ALA A 229 -8.54 -5.93 21.70
C ALA A 229 -9.98 -6.37 21.35
N MET A 230 -10.37 -6.23 20.10
CA MET A 230 -11.74 -6.63 19.74
C MET A 230 -11.97 -8.05 20.24
N THR A 231 -13.01 -8.65 19.79
CA THR A 231 -13.32 -10.05 20.21
C THR A 231 -14.14 -10.76 19.10
N ALA A 232 -14.00 -12.07 19.02
CA ALA A 232 -14.72 -12.89 18.02
C ALA A 232 -14.56 -14.36 18.39
N ALA A 233 -15.54 -15.19 18.12
CA ALA A 233 -15.42 -16.62 18.48
C ALA A 233 -15.48 -17.48 17.22
N VAL A 234 -14.80 -18.59 17.23
CA VAL A 234 -14.79 -19.48 16.05
C VAL A 234 -16.21 -19.67 15.57
N GLY A 235 -16.42 -19.53 14.30
CA GLY A 235 -17.80 -19.68 13.75
C GLY A 235 -18.54 -18.32 13.69
N GLU A 236 -17.91 -17.25 14.12
CA GLU A 236 -18.58 -15.92 14.10
C GLU A 236 -18.15 -15.17 12.83
N LYS A 237 -19.08 -14.49 12.23
CA LYS A 237 -18.80 -13.73 11.00
C LYS A 237 -18.66 -12.28 11.42
N VAL A 238 -17.62 -11.65 11.04
CA VAL A 238 -17.44 -10.26 11.50
C VAL A 238 -17.02 -9.35 10.36
N LEU A 239 -17.66 -8.23 10.25
CA LEU A 239 -17.33 -7.25 9.20
C LEU A 239 -16.46 -6.16 9.82
N ILE A 240 -15.33 -5.88 9.24
CA ILE A 240 -14.42 -4.86 9.79
C ILE A 240 -14.28 -3.70 8.80
N VAL A 241 -14.92 -2.62 9.10
CA VAL A 241 -14.86 -1.43 8.23
C VAL A 241 -13.63 -0.64 8.61
N HIS A 242 -12.90 -0.20 7.65
CA HIS A 242 -11.66 0.55 7.95
C HIS A 242 -11.64 1.78 7.07
N SER A 243 -11.20 2.87 7.61
CA SER A 243 -11.16 4.13 6.82
C SER A 243 -9.83 4.88 7.02
N GLN A 244 -9.45 5.61 6.02
CA GLN A 244 -8.21 6.44 6.02
C GLN A 244 -8.56 7.67 5.18
N ALA A 245 -8.78 8.77 5.83
CA ALA A 245 -9.24 10.00 5.09
C ALA A 245 -8.12 10.78 4.38
N ASN A 246 -6.89 10.45 4.61
CA ASN A 246 -5.79 11.21 3.94
C ASN A 246 -4.47 10.39 3.90
N ARG A 247 -4.56 9.11 3.66
CA ARG A 247 -3.32 8.27 3.59
C ARG A 247 -3.69 6.85 3.11
N ASP A 248 -2.98 6.28 2.16
CA ASP A 248 -3.35 4.89 1.71
C ASP A 248 -2.81 3.82 2.68
N THR A 249 -3.63 2.85 3.06
CA THR A 249 -3.16 1.78 3.96
C THR A 249 -3.33 0.44 3.25
N ARG A 250 -3.10 -0.61 3.96
CA ARG A 250 -3.24 -1.99 3.38
C ARG A 250 -3.52 -2.96 4.53
N PRO A 251 -4.77 -3.09 4.88
CA PRO A 251 -5.23 -3.95 6.00
C PRO A 251 -4.85 -5.42 5.84
N HIS A 252 -4.59 -6.08 6.94
CA HIS A 252 -4.23 -7.53 6.90
C HIS A 252 -4.47 -8.19 8.29
N LEU A 253 -5.34 -9.18 8.35
CA LEU A 253 -5.61 -9.90 9.63
C LEU A 253 -4.61 -11.04 9.76
N ILE A 254 -3.67 -10.87 10.64
CA ILE A 254 -2.61 -11.88 10.85
C ILE A 254 -3.26 -13.15 11.37
N GLY A 255 -3.07 -14.20 10.68
CA GLY A 255 -3.67 -15.49 11.10
C GLY A 255 -5.01 -15.73 10.38
N GLY A 256 -5.57 -14.72 9.75
CA GLY A 256 -6.86 -14.93 9.05
C GLY A 256 -6.78 -14.34 7.64
N HIS A 257 -7.90 -13.95 7.10
CA HIS A 257 -7.90 -13.37 5.73
C HIS A 257 -9.28 -12.75 5.44
N GLY A 258 -9.34 -11.84 4.53
CA GLY A 258 -10.64 -11.18 4.19
C GLY A 258 -11.39 -12.11 3.24
N ASP A 259 -12.34 -12.82 3.75
CA ASP A 259 -13.10 -13.77 2.89
C ASP A 259 -13.67 -13.00 1.72
N TYR A 260 -14.37 -11.96 2.03
CA TYR A 260 -14.96 -11.08 0.98
C TYR A 260 -14.57 -9.66 1.35
N VAL A 261 -13.94 -8.94 0.47
CA VAL A 261 -13.50 -7.57 0.86
C VAL A 261 -13.84 -6.54 -0.21
N TRP A 262 -14.77 -5.68 0.09
CA TRP A 262 -15.11 -4.58 -0.86
C TRP A 262 -14.02 -3.55 -0.67
N ALA A 263 -12.94 -3.75 -1.35
CA ALA A 263 -11.73 -2.87 -1.16
C ALA A 263 -12.10 -1.44 -1.42
N THR A 264 -12.82 -1.23 -2.45
CA THR A 264 -13.21 0.16 -2.82
C THR A 264 -14.27 0.69 -1.85
N GLY A 265 -14.81 -0.15 -1.01
CA GLY A 265 -15.86 0.33 -0.04
C GLY A 265 -17.23 0.58 -0.74
N LYS A 266 -17.44 0.00 -1.89
CA LYS A 266 -18.72 0.17 -2.62
C LYS A 266 -19.38 -1.21 -2.71
N PHE A 267 -20.60 -1.31 -2.34
CA PHE A 267 -21.28 -2.65 -2.36
C PHE A 267 -21.59 -3.07 -3.80
N ASN A 268 -21.97 -2.14 -4.62
CA ASN A 268 -22.30 -2.48 -6.04
C ASN A 268 -21.09 -3.15 -6.69
N THR A 269 -19.92 -2.77 -6.30
CA THR A 269 -18.70 -3.37 -6.90
C THR A 269 -18.42 -4.71 -6.22
N PRO A 270 -18.44 -5.76 -6.99
CA PRO A 270 -18.21 -7.14 -6.45
C PRO A 270 -17.04 -7.19 -5.45
N PRO A 271 -17.19 -7.89 -4.35
CA PRO A 271 -16.10 -7.97 -3.32
C PRO A 271 -14.99 -8.99 -3.64
N ASP A 272 -13.73 -8.58 -3.74
CA ASP A 272 -12.67 -9.58 -4.00
C ASP A 272 -12.87 -10.70 -3.00
N VAL A 273 -12.17 -11.78 -3.14
CA VAL A 273 -12.37 -12.90 -2.17
C VAL A 273 -11.02 -13.59 -1.86
N ASP A 274 -10.91 -14.13 -0.68
CA ASP A 274 -9.66 -14.84 -0.29
C ASP A 274 -8.56 -13.82 -0.32
N GLN A 275 -8.74 -12.74 0.40
CA GLN A 275 -7.68 -11.68 0.35
C GLN A 275 -6.71 -11.75 1.55
N GLU A 276 -5.41 -11.80 1.29
CA GLU A 276 -4.43 -11.79 2.42
C GLU A 276 -4.20 -10.33 2.90
N THR A 277 -4.14 -9.38 1.99
CA THR A 277 -3.91 -7.96 2.36
C THR A 277 -4.61 -7.10 1.32
N TRP A 278 -5.50 -6.27 1.73
CA TRP A 278 -6.25 -5.45 0.74
C TRP A 278 -5.57 -4.10 0.59
N PHE A 279 -6.24 -3.18 -0.01
CA PHE A 279 -5.65 -1.83 -0.20
C PHE A 279 -6.75 -0.75 -0.26
N ILE A 280 -6.72 0.18 0.66
CA ILE A 280 -7.71 1.28 0.68
C ILE A 280 -6.96 2.59 0.50
N PRO A 281 -7.23 3.28 -0.57
CA PRO A 281 -6.53 4.55 -0.91
C PRO A 281 -6.95 5.75 -0.05
N GLY A 282 -5.99 6.52 0.41
CA GLY A 282 -6.32 7.71 1.21
C GLY A 282 -7.59 8.33 0.64
N GLY A 283 -8.45 8.78 1.49
CA GLY A 283 -9.73 9.37 1.04
C GLY A 283 -10.76 8.26 0.75
N ALA A 284 -10.71 7.15 1.45
CA ALA A 284 -11.73 6.09 1.15
C ALA A 284 -11.84 5.05 2.27
N ALA A 285 -13.01 4.50 2.48
CA ALA A 285 -13.17 3.45 3.54
C ALA A 285 -13.64 2.13 2.89
N GLY A 286 -13.06 1.02 3.27
CA GLY A 286 -13.48 -0.28 2.66
C GLY A 286 -14.13 -1.15 3.72
N ALA A 287 -14.31 -2.42 3.44
CA ALA A 287 -14.95 -3.33 4.42
C ALA A 287 -14.58 -4.78 4.11
N ALA A 288 -14.22 -5.54 5.10
CA ALA A 288 -13.85 -6.96 4.88
C ALA A 288 -14.71 -7.84 5.79
N PHE A 289 -15.18 -8.94 5.28
CA PHE A 289 -16.03 -9.85 6.08
C PHE A 289 -15.32 -11.19 6.20
N TYR A 290 -15.14 -11.69 7.38
CA TYR A 290 -14.41 -12.97 7.52
C TYR A 290 -14.99 -13.80 8.67
N THR A 291 -15.11 -15.07 8.44
CA THR A 291 -15.62 -16.00 9.48
C THR A 291 -14.42 -16.63 10.18
N PHE A 292 -14.31 -16.39 11.45
CA PHE A 292 -13.15 -16.92 12.22
C PHE A 292 -13.24 -18.43 12.32
N GLN A 293 -12.14 -19.09 12.11
CA GLN A 293 -12.12 -20.59 12.20
C GLN A 293 -11.14 -21.09 13.28
N GLN A 294 -10.27 -20.24 13.81
CA GLN A 294 -9.31 -20.71 14.85
C GLN A 294 -9.27 -19.72 16.00
N PRO A 295 -9.22 -20.22 17.20
CA PRO A 295 -9.18 -19.38 18.44
C PRO A 295 -7.76 -18.94 18.78
N GLY A 296 -7.65 -17.86 19.48
CA GLY A 296 -6.29 -17.37 19.85
C GLY A 296 -6.22 -15.86 19.62
N ILE A 297 -5.06 -15.29 19.71
CA ILE A 297 -4.92 -13.83 19.50
C ILE A 297 -4.42 -13.55 18.06
N TYR A 298 -5.10 -12.68 17.36
CA TYR A 298 -4.68 -12.34 15.97
C TYR A 298 -4.48 -10.83 15.88
N ALA A 299 -3.46 -10.40 15.19
CA ALA A 299 -3.20 -8.95 15.07
C ALA A 299 -3.76 -8.49 13.74
N TYR A 300 -4.26 -7.30 13.69
CA TYR A 300 -4.83 -6.82 12.41
C TYR A 300 -4.22 -5.48 12.15
N VAL A 301 -3.46 -5.33 11.12
CA VAL A 301 -2.83 -4.00 10.99
C VAL A 301 -2.39 -3.69 9.57
N ASN A 302 -1.97 -2.48 9.41
CA ASN A 302 -1.48 -2.01 8.10
C ASN A 302 -0.26 -2.83 7.81
N HIS A 303 -0.22 -3.42 6.67
CA HIS A 303 0.94 -4.30 6.40
C HIS A 303 2.18 -3.47 6.46
N ASN A 304 2.23 -2.34 5.82
CA ASN A 304 3.50 -1.58 6.03
C ASN A 304 4.01 -1.97 7.46
N LEU A 305 4.79 -3.03 7.58
CA LEU A 305 5.23 -3.52 8.92
C LEU A 305 5.76 -2.36 9.71
N ILE A 306 6.54 -1.57 9.09
CA ILE A 306 7.11 -0.38 9.80
C ILE A 306 5.97 0.45 10.35
N GLU A 307 5.01 0.76 9.51
CA GLU A 307 3.84 1.55 9.98
C GLU A 307 3.03 0.75 11.06
N ALA A 308 3.00 -0.55 10.98
CA ALA A 308 2.21 -1.34 11.99
C ALA A 308 3.00 -1.64 13.30
N PHE A 309 4.31 -1.74 13.29
CA PHE A 309 5.01 -2.06 14.56
C PHE A 309 5.83 -0.88 15.06
N GLU A 310 6.40 -0.13 14.17
CA GLU A 310 7.22 1.04 14.59
C GLU A 310 6.38 2.33 14.73
N LEU A 311 5.30 2.48 13.99
CA LEU A 311 4.51 3.75 14.10
C LEU A 311 3.36 3.54 15.08
N GLY A 312 2.66 2.46 14.94
CA GLY A 312 1.51 2.18 15.85
C GLY A 312 0.23 1.78 15.06
N ALA A 313 0.34 1.14 13.92
CA ALA A 313 -0.89 0.74 13.18
C ALA A 313 -1.14 -0.77 13.38
N ALA A 314 -1.39 -1.21 14.60
CA ALA A 314 -1.63 -2.66 14.81
C ALA A 314 -2.58 -2.90 16.00
N ALA A 315 -3.70 -3.54 15.76
CA ALA A 315 -4.65 -3.83 16.87
C ALA A 315 -4.67 -5.34 17.05
N HIS A 316 -5.49 -5.85 17.93
CA HIS A 316 -5.50 -7.34 18.10
C HIS A 316 -6.90 -7.87 18.47
N PHE A 317 -7.31 -8.96 17.84
CA PHE A 317 -8.65 -9.56 18.18
C PHE A 317 -8.45 -10.90 18.95
N LYS A 318 -9.09 -11.03 20.10
CA LYS A 318 -8.99 -12.25 20.91
C LYS A 318 -10.18 -13.08 20.51
N VAL A 319 -9.94 -14.30 20.20
CA VAL A 319 -11.04 -15.15 19.73
C VAL A 319 -11.11 -16.39 20.57
N THR A 320 -12.28 -16.77 20.92
CA THR A 320 -12.45 -17.99 21.76
C THR A 320 -13.03 -19.13 20.92
N GLY A 321 -12.82 -20.36 21.32
CA GLY A 321 -13.37 -21.50 20.53
C GLY A 321 -12.43 -22.70 20.62
N GLU A 322 -12.62 -23.66 19.75
CA GLU A 322 -11.75 -24.87 19.77
C GLU A 322 -10.81 -24.82 18.56
N TRP A 323 -9.58 -25.17 18.79
CA TRP A 323 -8.58 -25.16 17.70
C TRP A 323 -8.93 -26.25 16.71
N ASN A 324 -8.54 -26.05 15.50
CA ASN A 324 -8.82 -27.04 14.43
C ASN A 324 -7.50 -27.48 13.85
N ASP A 325 -7.08 -28.67 14.16
CA ASP A 325 -5.77 -29.16 13.67
C ASP A 325 -5.81 -29.33 12.16
N ASP A 326 -6.92 -29.73 11.64
CA ASP A 326 -7.03 -29.92 10.16
C ASP A 326 -6.48 -28.68 9.46
N LEU A 327 -6.87 -27.53 9.90
CA LEU A 327 -6.39 -26.27 9.29
C LEU A 327 -4.91 -26.06 9.61
N MET A 328 -4.46 -26.33 10.82
CA MET A 328 -3.03 -26.10 11.12
C MET A 328 -2.63 -26.86 12.37
N THR A 329 -1.51 -27.53 12.34
CA THR A 329 -1.07 -28.28 13.55
C THR A 329 0.47 -28.32 13.64
N SER A 330 1.03 -28.08 14.80
CA SER A 330 2.52 -28.13 14.95
C SER A 330 2.93 -29.59 15.08
N VAL A 331 3.39 -30.18 14.02
CA VAL A 331 3.79 -31.61 14.08
C VAL A 331 4.94 -31.75 15.04
N LEU A 332 5.92 -30.92 14.89
CA LEU A 332 7.08 -30.97 15.82
C LEU A 332 7.31 -29.57 16.43
N ALA A 333 6.98 -29.39 17.69
CA ALA A 333 7.18 -28.05 18.32
C ALA A 333 8.66 -27.72 18.34
N PRO A 334 9.00 -26.46 18.37
CA PRO A 334 10.40 -26.00 18.40
C PRO A 334 11.26 -26.79 19.40
N SER A 335 12.30 -27.42 18.95
CA SER A 335 13.15 -28.21 19.89
C SER A 335 14.50 -28.46 19.25
N GLY A 336 15.45 -28.90 20.03
CA GLY A 336 16.81 -29.17 19.47
C GLY A 336 16.68 -29.97 18.17
N ALA B 1 -2.20 -8.65 -40.05
CA ALA B 1 -2.32 -8.04 -41.40
C ALA B 1 -0.93 -7.98 -42.06
N THR B 2 -0.87 -8.16 -43.35
CA THR B 2 0.44 -8.10 -44.04
C THR B 2 0.74 -6.66 -44.42
N ALA B 3 1.94 -6.40 -44.86
CA ALA B 3 2.30 -5.01 -45.24
C ALA B 3 1.35 -4.48 -46.33
N ALA B 4 1.03 -5.28 -47.31
CA ALA B 4 0.12 -4.81 -48.40
C ALA B 4 -1.23 -4.38 -47.81
N GLU B 5 -1.72 -5.12 -46.86
CA GLU B 5 -3.04 -4.76 -46.26
C GLU B 5 -2.91 -3.46 -45.47
N ILE B 6 -1.88 -3.35 -44.68
CA ILE B 6 -1.70 -2.10 -43.88
C ILE B 6 -1.55 -0.91 -44.82
N ALA B 7 -0.83 -1.07 -45.90
CA ALA B 7 -0.63 0.06 -46.86
C ALA B 7 -1.97 0.48 -47.50
N ALA B 8 -2.90 -0.44 -47.66
CA ALA B 8 -4.21 -0.08 -48.31
C ALA B 8 -5.22 0.50 -47.29
N LEU B 9 -4.88 0.64 -46.04
CA LEU B 9 -5.87 1.21 -45.06
C LEU B 9 -5.87 2.75 -45.14
N PRO B 10 -7.02 3.35 -44.97
CA PRO B 10 -7.16 4.85 -45.01
C PRO B 10 -6.33 5.56 -43.93
N ARG B 11 -5.69 6.65 -44.28
CA ARG B 11 -4.87 7.40 -43.28
C ARG B 11 -5.64 8.67 -42.89
N GLN B 12 -5.62 9.01 -41.64
CA GLN B 12 -6.33 10.22 -41.16
C GLN B 12 -5.41 11.02 -40.25
N LYS B 13 -5.05 12.20 -40.68
CA LYS B 13 -4.14 13.05 -39.88
C LYS B 13 -4.98 13.75 -38.84
N VAL B 14 -4.48 13.84 -37.66
CA VAL B 14 -5.27 14.49 -36.58
C VAL B 14 -4.46 15.61 -35.90
N GLU B 15 -5.05 16.77 -35.80
CA GLU B 15 -4.38 17.91 -35.14
C GLU B 15 -4.63 17.76 -33.65
N LEU B 16 -3.59 17.76 -32.89
CA LEU B 16 -3.76 17.56 -31.42
C LEU B 16 -3.99 18.90 -30.72
N VAL B 17 -4.69 18.87 -29.62
CA VAL B 17 -4.95 20.11 -28.88
C VAL B 17 -4.11 20.07 -27.60
N ASP B 18 -4.23 21.04 -26.77
CA ASP B 18 -3.42 21.01 -25.52
C ASP B 18 -4.31 20.68 -24.30
N PRO B 19 -3.90 19.75 -23.46
CA PRO B 19 -4.67 19.38 -22.26
C PRO B 19 -5.22 20.62 -21.54
N PRO B 20 -6.28 20.47 -20.78
CA PRO B 20 -6.95 19.15 -20.58
C PRO B 20 -7.92 18.78 -21.73
N PHE B 21 -8.02 19.61 -22.73
CA PHE B 21 -8.94 19.31 -23.86
C PHE B 21 -8.42 18.11 -24.63
N VAL B 22 -9.27 17.57 -25.46
CA VAL B 22 -8.91 16.40 -26.28
C VAL B 22 -9.35 16.68 -27.71
N HIS B 23 -8.58 16.24 -28.64
CA HIS B 23 -8.90 16.48 -30.07
C HIS B 23 -10.24 15.85 -30.42
N ALA B 24 -10.82 16.31 -31.47
CA ALA B 24 -12.13 15.76 -31.92
C ALA B 24 -11.97 14.30 -32.29
N HIS B 25 -12.94 13.51 -31.93
CA HIS B 25 -12.91 12.06 -32.22
C HIS B 25 -14.31 11.49 -31.97
N SER B 26 -14.62 10.37 -32.54
CA SER B 26 -15.96 9.78 -32.34
C SER B 26 -15.84 8.60 -31.39
N GLN B 27 -16.76 8.46 -30.50
CA GLN B 27 -16.68 7.33 -29.53
C GLN B 27 -16.74 6.06 -30.33
N VAL B 28 -17.81 5.88 -31.02
CA VAL B 28 -17.95 4.68 -31.89
C VAL B 28 -17.07 4.90 -33.13
N ALA B 29 -16.31 3.92 -33.50
CA ALA B 29 -15.40 4.06 -34.67
C ALA B 29 -16.22 4.23 -35.95
N GLU B 30 -15.81 5.13 -36.79
CA GLU B 30 -16.53 5.36 -38.08
C GLU B 30 -15.72 4.71 -39.20
N GLY B 31 -16.16 3.58 -39.69
CA GLY B 31 -15.41 2.89 -40.76
C GLY B 31 -14.53 1.80 -40.13
N GLY B 32 -13.76 1.09 -40.93
CA GLY B 32 -12.89 0.01 -40.38
C GLY B 32 -11.58 0.63 -39.85
N PRO B 33 -10.57 -0.19 -39.67
CA PRO B 33 -9.24 0.25 -39.16
C PRO B 33 -8.59 1.32 -40.03
N LYS B 34 -7.97 2.29 -39.42
CA LYS B 34 -7.29 3.38 -40.20
C LYS B 34 -5.99 3.83 -39.50
N VAL B 35 -4.96 4.08 -40.28
CA VAL B 35 -3.66 4.56 -39.74
C VAL B 35 -3.81 6.02 -39.36
N VAL B 36 -3.85 6.24 -38.09
CA VAL B 36 -4.01 7.59 -37.55
C VAL B 36 -2.65 8.20 -37.51
N GLU B 37 -2.59 9.40 -37.91
CA GLU B 37 -1.25 10.07 -37.97
C GLU B 37 -1.21 11.26 -37.02
N PHE B 38 -0.22 11.29 -36.18
CA PHE B 38 -0.06 12.44 -35.23
C PHE B 38 1.42 12.88 -35.20
N THR B 39 1.69 14.16 -35.15
CA THR B 39 3.11 14.62 -35.13
C THR B 39 3.32 15.53 -33.92
N MET B 40 4.34 15.28 -33.14
CA MET B 40 4.60 16.13 -31.95
C MET B 40 6.09 16.51 -31.85
N VAL B 41 6.37 17.78 -31.73
CA VAL B 41 7.76 18.26 -31.60
C VAL B 41 8.03 18.42 -30.11
N ILE B 42 9.15 17.99 -29.68
CA ILE B 42 9.48 18.06 -28.24
C ILE B 42 10.19 19.36 -27.97
N GLU B 43 9.82 20.03 -26.93
CA GLU B 43 10.50 21.34 -26.66
C GLU B 43 10.99 21.41 -25.22
N GLU B 44 12.28 21.38 -24.99
CA GLU B 44 12.78 21.50 -23.59
C GLU B 44 12.85 22.99 -23.23
N LYS B 45 11.96 23.49 -22.40
CA LYS B 45 12.02 24.92 -22.09
C LYS B 45 11.81 25.12 -20.61
N LYS B 46 11.68 26.33 -20.22
CA LYS B 46 11.45 26.64 -18.79
C LYS B 46 10.00 27.05 -18.55
N ILE B 47 9.35 26.39 -17.62
CA ILE B 47 7.94 26.71 -17.30
C ILE B 47 7.81 26.95 -15.79
N VAL B 48 6.90 27.79 -15.42
CA VAL B 48 6.69 28.11 -14.01
C VAL B 48 5.71 27.11 -13.50
N ILE B 49 5.83 26.76 -12.29
CA ILE B 49 4.89 25.72 -11.75
C ILE B 49 4.03 26.24 -10.59
N ASP B 50 4.34 27.36 -10.01
CA ASP B 50 3.51 27.85 -8.88
C ASP B 50 3.36 29.35 -8.98
N ASP B 51 2.74 29.95 -8.00
CA ASP B 51 2.54 31.42 -8.02
C ASP B 51 3.84 32.13 -7.62
N ALA B 52 4.66 31.49 -6.82
CA ALA B 52 5.94 32.13 -6.39
C ALA B 52 6.91 32.31 -7.58
N GLY B 53 6.67 31.65 -8.68
CA GLY B 53 7.61 31.80 -9.85
C GLY B 53 8.63 30.64 -9.92
N THR B 54 8.41 29.56 -9.20
CA THR B 54 9.35 28.42 -9.25
C THR B 54 9.46 27.98 -10.69
N GLU B 55 10.64 27.72 -11.15
CA GLU B 55 10.78 27.32 -12.59
C GLU B 55 11.43 25.94 -12.73
N VAL B 56 10.91 25.15 -13.64
CA VAL B 56 11.49 23.79 -13.90
C VAL B 56 11.74 23.59 -15.43
N HIS B 57 12.95 23.22 -15.80
CA HIS B 57 13.30 23.00 -17.22
C HIS B 57 12.53 21.79 -17.67
N ALA B 58 11.38 22.02 -18.18
CA ALA B 58 10.50 20.90 -18.59
C ALA B 58 10.85 20.37 -19.97
N MET B 59 10.64 19.10 -20.14
CA MET B 59 10.87 18.41 -21.43
C MET B 59 9.48 18.10 -21.83
N ALA B 60 9.01 18.69 -22.85
CA ALA B 60 7.58 18.50 -23.09
C ALA B 60 7.29 18.13 -24.49
N PHE B 61 6.55 17.10 -24.59
CA PHE B 61 6.09 16.65 -25.93
C PHE B 61 4.96 17.58 -26.38
N ASN B 62 5.08 18.20 -27.53
CA ASN B 62 4.00 19.14 -27.97
C ASN B 62 4.08 20.47 -27.18
N GLY B 63 5.16 20.73 -26.46
CA GLY B 63 5.27 21.99 -25.69
C GLY B 63 4.27 22.04 -24.52
N THR B 64 3.75 20.92 -24.05
CA THR B 64 2.79 21.04 -22.88
C THR B 64 2.90 19.84 -21.90
N VAL B 65 2.95 20.12 -20.59
CA VAL B 65 2.97 19.04 -19.59
C VAL B 65 1.58 18.98 -18.96
N PRO B 66 0.92 17.87 -19.08
CA PRO B 66 1.46 16.67 -19.76
C PRO B 66 1.19 16.68 -21.27
N GLY B 67 2.00 15.97 -22.02
CA GLY B 67 1.77 15.91 -23.48
C GLY B 67 0.28 15.83 -23.76
N PRO B 68 -0.09 15.90 -25.00
CA PRO B 68 -1.52 15.85 -25.42
C PRO B 68 -2.06 14.41 -25.47
N LEU B 69 -3.35 14.24 -25.27
CA LEU B 69 -3.93 12.87 -25.31
C LEU B 69 -4.35 12.49 -26.74
N MET B 70 -3.73 11.48 -27.31
CA MET B 70 -4.08 11.03 -28.66
C MET B 70 -5.19 10.02 -28.51
N VAL B 71 -6.09 9.99 -29.43
CA VAL B 71 -7.24 9.04 -29.29
C VAL B 71 -7.52 8.30 -30.61
N VAL B 72 -7.43 7.01 -30.56
CA VAL B 72 -7.73 6.16 -31.73
C VAL B 72 -8.59 4.98 -31.25
N HIS B 73 -9.00 4.11 -32.12
CA HIS B 73 -9.84 2.97 -31.70
C HIS B 73 -8.99 1.71 -31.68
N GLN B 74 -9.51 0.68 -31.10
CA GLN B 74 -8.76 -0.60 -31.03
C GLN B 74 -8.64 -1.18 -32.42
N ASP B 75 -7.48 -1.60 -32.78
CA ASP B 75 -7.27 -2.16 -34.14
C ASP B 75 -6.58 -1.12 -35.02
N ASP B 76 -6.93 0.14 -34.86
CA ASP B 76 -6.31 1.21 -35.68
C ASP B 76 -4.82 1.34 -35.31
N TYR B 77 -4.00 1.70 -36.26
CA TYR B 77 -2.55 1.85 -36.00
C TYR B 77 -2.23 3.34 -35.78
N LEU B 78 -1.49 3.61 -34.75
CA LEU B 78 -1.10 5.00 -34.41
C LEU B 78 0.29 5.23 -34.98
N GLU B 79 0.40 6.19 -35.83
CA GLU B 79 1.70 6.49 -36.48
C GLU B 79 2.09 7.85 -36.01
N LEU B 80 3.13 7.92 -35.27
CA LEU B 80 3.52 9.26 -34.72
C LEU B 80 4.89 9.73 -35.19
N THR B 81 4.91 10.85 -35.86
CA THR B 81 6.21 11.46 -36.31
C THR B 81 6.70 12.37 -35.17
N LEU B 82 7.77 12.00 -34.53
CA LEU B 82 8.29 12.76 -33.40
C LEU B 82 9.46 13.52 -33.92
N ILE B 83 9.62 14.68 -33.44
CA ILE B 83 10.73 15.54 -33.92
C ILE B 83 11.43 16.23 -32.76
N ASN B 84 12.71 16.07 -32.68
CA ASN B 84 13.52 16.70 -31.60
C ASN B 84 14.36 17.81 -32.26
N PRO B 85 13.89 19.01 -32.17
CA PRO B 85 14.53 20.21 -32.78
C PRO B 85 15.99 20.36 -32.41
N GLU B 86 16.76 20.94 -33.29
CA GLU B 86 18.21 21.14 -33.00
C GLU B 86 18.38 22.08 -31.79
N THR B 87 17.42 22.93 -31.52
CA THR B 87 17.55 23.87 -30.37
C THR B 87 17.66 23.08 -29.05
N ASN B 88 17.12 21.90 -28.99
CA ASN B 88 17.18 21.10 -27.74
C ASN B 88 18.62 20.62 -27.52
N THR B 89 18.92 20.14 -26.34
CA THR B 89 20.31 19.66 -26.06
C THR B 89 20.34 18.19 -25.55
N LEU B 90 19.23 17.47 -25.48
CA LEU B 90 19.31 16.05 -24.99
C LEU B 90 18.53 15.10 -25.91
N MET B 91 19.05 13.91 -26.15
CA MET B 91 18.33 12.94 -27.02
C MET B 91 17.13 12.39 -26.25
N HIS B 92 16.01 12.21 -26.90
CA HIS B 92 14.82 11.69 -26.20
C HIS B 92 14.39 10.34 -26.78
N ASN B 93 13.12 10.06 -26.68
CA ASN B 93 12.56 8.78 -27.20
C ASN B 93 11.14 8.62 -26.62
N ILE B 94 10.27 7.87 -27.27
CA ILE B 94 8.88 7.74 -26.71
C ILE B 94 8.52 6.25 -26.52
N ASP B 95 8.02 5.91 -25.36
CA ASP B 95 7.59 4.51 -25.09
C ASP B 95 6.09 4.51 -24.76
N PHE B 96 5.26 4.04 -25.65
CA PHE B 96 3.79 4.03 -25.39
C PHE B 96 3.38 2.71 -24.74
N HIS B 97 2.91 2.79 -23.53
CA HIS B 97 2.45 1.56 -22.80
C HIS B 97 1.43 0.78 -23.67
N ALA B 98 0.71 1.45 -24.54
CA ALA B 98 -0.32 0.73 -25.37
C ALA B 98 0.29 0.03 -26.60
N ALA B 99 1.59 -0.01 -26.72
CA ALA B 99 2.21 -0.69 -27.89
C ALA B 99 2.91 -1.96 -27.42
N THR B 100 3.29 -2.81 -28.32
CA THR B 100 3.97 -4.08 -27.90
C THR B 100 5.25 -4.32 -28.72
N GLY B 101 6.40 -4.25 -28.10
CA GLY B 101 7.70 -4.53 -28.81
C GLY B 101 8.66 -3.30 -28.79
N ALA B 102 9.93 -3.50 -28.49
CA ALA B 102 10.89 -2.34 -28.51
C ALA B 102 10.65 -1.42 -27.31
N LEU B 103 10.55 -1.99 -26.15
CA LEU B 103 10.35 -1.15 -24.93
C LEU B 103 9.23 -0.12 -25.16
N GLY B 104 8.17 -0.51 -25.80
CA GLY B 104 7.04 0.45 -26.04
C GLY B 104 7.43 1.48 -27.12
N GLY B 105 8.34 1.13 -27.98
CA GLY B 105 8.75 2.10 -29.06
C GLY B 105 9.96 2.95 -28.64
N GLY B 106 10.43 2.83 -27.43
CA GLY B 106 11.60 3.65 -26.99
C GLY B 106 12.89 3.14 -27.64
N GLY B 107 12.96 1.88 -27.99
CA GLY B 107 14.20 1.33 -28.61
C GLY B 107 14.29 1.71 -30.10
N LEU B 108 13.21 2.16 -30.69
CA LEU B 108 13.26 2.53 -32.15
C LEU B 108 12.90 4.02 -32.36
N THR B 109 13.01 4.83 -31.34
CA THR B 109 12.69 6.29 -31.49
C THR B 109 13.75 7.19 -30.81
N GLU B 110 14.94 6.70 -30.55
CA GLU B 110 15.98 7.54 -29.91
C GLU B 110 16.44 8.58 -30.94
N ILE B 111 16.12 9.81 -30.72
CA ILE B 111 16.51 10.85 -31.71
C ILE B 111 17.25 11.98 -31.02
N ASN B 112 18.40 12.30 -31.51
CA ASN B 112 19.18 13.40 -30.88
C ASN B 112 18.82 14.71 -31.56
N PRO B 113 19.06 15.81 -30.92
CA PRO B 113 18.76 17.16 -31.48
C PRO B 113 18.99 17.21 -32.99
N GLY B 114 18.02 17.67 -33.73
CA GLY B 114 18.18 17.73 -35.23
C GLY B 114 17.77 16.40 -35.88
N GLU B 115 17.03 15.55 -35.19
CA GLU B 115 16.61 14.26 -35.82
C GLU B 115 15.13 13.95 -35.52
N LYS B 116 14.42 13.37 -36.46
CA LYS B 116 12.98 13.03 -36.23
C LYS B 116 12.71 11.63 -36.82
N THR B 117 11.78 10.90 -36.27
CA THR B 117 11.49 9.55 -36.82
C THR B 117 9.99 9.36 -36.91
N ILE B 118 9.57 8.20 -37.30
CA ILE B 118 8.13 7.91 -37.42
C ILE B 118 7.88 6.47 -36.97
N LEU B 119 7.17 6.28 -35.91
CA LEU B 119 6.93 4.89 -35.42
C LEU B 119 5.43 4.57 -35.52
N ARG B 120 5.12 3.42 -36.04
CA ARG B 120 3.68 3.03 -36.17
C ARG B 120 3.43 1.71 -35.40
N PHE B 121 2.45 1.70 -34.55
CA PHE B 121 2.14 0.46 -33.77
C PHE B 121 0.63 0.20 -33.80
N LYS B 122 0.26 -1.04 -33.74
CA LYS B 122 -1.18 -1.42 -33.76
C LYS B 122 -1.72 -1.36 -32.34
N ALA B 123 -2.80 -0.67 -32.20
CA ALA B 123 -3.46 -0.50 -30.89
C ALA B 123 -4.30 -1.73 -30.71
N THR B 124 -3.74 -2.68 -30.08
CA THR B 124 -4.47 -4.00 -29.95
C THR B 124 -5.30 -4.13 -28.67
N LYS B 125 -5.20 -3.22 -27.75
CA LYS B 125 -5.99 -3.33 -26.50
C LYS B 125 -6.69 -2.01 -26.22
N PRO B 126 -7.92 -2.08 -25.78
CA PRO B 126 -8.72 -0.87 -25.47
C PRO B 126 -8.48 -0.32 -24.06
N GLY B 127 -8.28 0.97 -23.92
CA GLY B 127 -8.05 1.53 -22.56
C GLY B 127 -7.05 2.69 -22.61
N VAL B 128 -7.10 3.54 -21.62
CA VAL B 128 -6.17 4.70 -21.58
C VAL B 128 -4.83 4.18 -21.11
N PHE B 129 -3.78 4.72 -21.63
CA PHE B 129 -2.44 4.23 -21.24
C PHE B 129 -1.53 5.42 -21.18
N VAL B 130 -0.49 5.34 -20.44
CA VAL B 130 0.44 6.52 -20.35
C VAL B 130 1.72 6.35 -21.21
N TYR B 131 2.04 7.34 -22.04
CA TYR B 131 3.28 7.29 -22.84
C TYR B 131 4.30 8.19 -22.14
N HIS B 132 5.56 7.97 -22.34
CA HIS B 132 6.57 8.82 -21.64
C HIS B 132 7.97 8.55 -22.22
N CYS B 133 8.80 9.58 -22.33
CA CYS B 133 10.16 9.40 -22.88
C CYS B 133 11.02 8.64 -21.88
N ALA B 134 11.94 7.82 -22.32
CA ALA B 134 12.76 7.06 -21.35
C ALA B 134 14.12 6.69 -21.95
N PRO B 135 14.99 7.65 -22.09
CA PRO B 135 16.35 7.41 -22.63
C PRO B 135 17.19 6.55 -21.68
N PRO B 136 17.70 5.44 -22.14
CA PRO B 136 18.51 4.52 -21.30
C PRO B 136 19.50 5.25 -20.36
N GLY B 137 19.35 5.08 -19.06
CA GLY B 137 20.29 5.75 -18.11
C GLY B 137 19.70 7.06 -17.53
N MET B 138 18.68 7.63 -18.13
CA MET B 138 18.13 8.90 -17.59
C MET B 138 16.62 8.87 -17.73
N VAL B 139 16.04 7.75 -17.42
CA VAL B 139 14.55 7.62 -17.54
C VAL B 139 13.82 8.55 -16.56
N PRO B 140 13.92 8.26 -15.28
CA PRO B 140 13.24 9.03 -14.20
C PRO B 140 13.39 10.53 -14.34
N TRP B 141 14.52 10.97 -14.81
CA TRP B 141 14.73 12.44 -14.96
C TRP B 141 13.82 13.00 -16.05
N HIS B 142 13.82 12.37 -17.20
CA HIS B 142 12.97 12.86 -18.33
C HIS B 142 11.47 12.80 -17.96
N VAL B 143 11.04 11.79 -17.26
CA VAL B 143 9.59 11.68 -16.91
C VAL B 143 9.21 12.73 -15.87
N VAL B 144 10.01 12.87 -14.85
CA VAL B 144 9.69 13.87 -13.79
C VAL B 144 9.73 15.26 -14.39
N SER B 145 10.59 15.47 -15.35
CA SER B 145 10.68 16.81 -15.99
C SER B 145 9.38 17.15 -16.74
N GLY B 146 8.44 16.22 -16.80
CA GLY B 146 7.17 16.49 -17.51
C GLY B 146 7.19 15.89 -18.93
N MET B 147 7.97 14.86 -19.17
CA MET B 147 7.98 14.26 -20.54
C MET B 147 7.09 13.02 -20.54
N ASN B 148 5.80 13.21 -20.42
CA ASN B 148 4.87 12.05 -20.41
C ASN B 148 3.42 12.53 -20.55
N GLY B 149 2.60 11.74 -21.16
CA GLY B 149 1.16 12.10 -21.36
C GLY B 149 0.31 10.81 -21.35
N ALA B 150 -0.63 10.65 -22.25
CA ALA B 150 -1.44 9.41 -22.26
C ALA B 150 -2.34 9.34 -23.51
N ILE B 151 -2.55 8.16 -24.04
CA ILE B 151 -3.43 8.02 -25.24
C ILE B 151 -4.64 7.15 -24.88
N MET B 152 -5.75 7.34 -25.53
CA MET B 152 -6.95 6.53 -25.21
C MET B 152 -7.40 5.73 -26.45
N VAL B 153 -7.32 4.43 -26.38
CA VAL B 153 -7.74 3.56 -27.50
C VAL B 153 -9.13 3.10 -27.15
N LEU B 154 -10.12 3.67 -27.75
CA LEU B 154 -11.52 3.30 -27.36
C LEU B 154 -12.05 2.12 -28.17
N PRO B 155 -12.79 1.25 -27.52
CA PRO B 155 -13.42 0.09 -28.19
C PRO B 155 -14.14 0.53 -29.46
N ARG B 156 -14.02 -0.22 -30.52
CA ARG B 156 -14.68 0.17 -31.81
C ARG B 156 -16.15 0.51 -31.57
N GLU B 157 -16.78 -0.15 -30.64
CA GLU B 157 -18.22 0.12 -30.37
C GLU B 157 -18.41 1.17 -29.25
N GLY B 158 -17.39 1.93 -28.91
CA GLY B 158 -17.56 2.96 -27.84
C GLY B 158 -17.33 2.34 -26.47
N LEU B 159 -17.66 3.03 -25.43
CA LEU B 159 -17.47 2.47 -24.06
C LEU B 159 -18.80 1.94 -23.48
N HIS B 160 -18.75 0.82 -22.79
CA HIS B 160 -19.97 0.25 -22.17
C HIS B 160 -19.64 -0.13 -20.73
N ASP B 161 -20.62 -0.26 -19.90
CA ASP B 161 -20.38 -0.61 -18.47
C ASP B 161 -19.90 -2.07 -18.36
N GLY B 162 -19.94 -2.62 -17.18
CA GLY B 162 -19.49 -4.04 -17.00
C GLY B 162 -20.58 -5.07 -17.42
N LYS B 163 -21.76 -4.65 -17.80
CA LYS B 163 -22.81 -5.65 -18.20
C LYS B 163 -23.12 -5.54 -19.70
N GLY B 164 -22.53 -4.60 -20.40
CA GLY B 164 -22.81 -4.45 -21.87
C GLY B 164 -23.58 -3.15 -22.22
N LYS B 165 -24.10 -2.42 -21.26
CA LYS B 165 -24.86 -1.18 -21.57
C LYS B 165 -23.91 -0.15 -22.14
N ALA B 166 -24.36 0.63 -23.08
CA ALA B 166 -23.48 1.67 -23.69
C ALA B 166 -23.39 2.93 -22.79
N LEU B 167 -22.18 3.41 -22.60
CA LEU B 167 -21.94 4.63 -21.79
C LEU B 167 -21.34 5.66 -22.74
N THR B 168 -22.03 6.73 -22.97
CA THR B 168 -21.57 7.75 -23.92
C THR B 168 -21.38 9.01 -23.16
N TYR B 169 -20.24 9.57 -23.25
CA TYR B 169 -19.95 10.81 -22.47
C TYR B 169 -20.17 12.06 -23.35
N ASP B 170 -20.73 13.09 -22.78
CA ASP B 170 -20.95 14.34 -23.57
C ASP B 170 -19.61 15.09 -23.75
N LYS B 171 -18.75 15.04 -22.76
CA LYS B 171 -17.44 15.74 -22.87
C LYS B 171 -16.37 14.91 -22.17
N ILE B 172 -15.14 15.15 -22.48
CA ILE B 172 -14.03 14.38 -21.84
C ILE B 172 -12.81 15.28 -21.63
N TYR B 173 -12.24 15.24 -20.46
CA TYR B 173 -11.06 16.07 -20.15
C TYR B 173 -9.94 15.12 -19.70
N TYR B 174 -8.73 15.48 -19.99
CA TYR B 174 -7.58 14.61 -19.61
C TYR B 174 -6.69 15.38 -18.65
N VAL B 175 -6.65 14.96 -17.43
CA VAL B 175 -5.82 15.66 -16.42
C VAL B 175 -4.57 14.84 -16.10
N GLY B 176 -3.45 15.30 -16.57
CA GLY B 176 -2.17 14.60 -16.31
C GLY B 176 -1.56 15.17 -15.03
N GLU B 177 -1.22 14.32 -14.13
CA GLU B 177 -0.65 14.76 -12.85
C GLU B 177 0.83 14.61 -12.96
N GLN B 178 1.55 15.48 -12.36
CA GLN B 178 3.02 15.39 -12.48
C GLN B 178 3.69 15.74 -11.15
N ASP B 179 4.46 14.83 -10.63
CA ASP B 179 5.17 15.10 -9.34
C ASP B 179 6.58 15.60 -9.67
N PHE B 180 6.91 16.80 -9.29
CA PHE B 180 8.25 17.33 -9.58
C PHE B 180 9.11 17.18 -8.34
N TYR B 181 10.34 17.52 -8.49
CA TYR B 181 11.31 17.42 -7.37
C TYR B 181 12.27 18.58 -7.58
N VAL B 182 11.94 19.70 -7.03
CA VAL B 182 12.77 20.90 -7.26
C VAL B 182 13.75 21.13 -6.14
N PRO B 183 14.98 21.30 -6.49
CA PRO B 183 16.07 21.55 -5.49
C PRO B 183 15.88 22.90 -4.75
N ARG B 184 16.18 22.93 -3.47
CA ARG B 184 16.03 24.19 -2.70
C ARG B 184 17.40 24.56 -2.13
N ASP B 185 17.63 25.81 -1.91
CA ASP B 185 18.96 26.24 -1.37
C ASP B 185 18.97 26.08 0.15
N GLU B 186 19.85 26.77 0.82
CA GLU B 186 19.92 26.66 2.30
C GLU B 186 18.70 27.36 2.93
N ASN B 187 18.27 28.45 2.35
CA ASN B 187 17.10 29.19 2.92
C ASN B 187 15.77 28.43 2.64
N GLY B 188 15.83 27.26 2.06
CA GLY B 188 14.55 26.52 1.77
C GLY B 188 13.81 27.10 0.54
N LYS B 189 14.44 27.96 -0.22
CA LYS B 189 13.77 28.52 -1.43
C LYS B 189 14.16 27.69 -2.64
N TYR B 190 13.28 27.59 -3.59
CA TYR B 190 13.58 26.79 -4.80
C TYR B 190 14.75 27.42 -5.54
N LYS B 191 15.54 26.61 -6.18
CA LYS B 191 16.72 27.16 -6.92
C LYS B 191 16.45 27.15 -8.43
N LYS B 192 16.96 28.13 -9.14
CA LYS B 192 16.76 28.19 -10.59
C LYS B 192 18.11 27.97 -11.26
N TYR B 193 18.12 27.46 -12.44
CA TYR B 193 19.41 27.20 -13.11
C TYR B 193 19.38 27.81 -14.50
N GLU B 194 20.47 27.76 -15.18
CA GLU B 194 20.53 28.33 -16.55
C GLU B 194 20.14 27.26 -17.59
N ALA B 195 20.76 26.11 -17.53
CA ALA B 195 20.43 25.05 -18.50
C ALA B 195 19.93 23.80 -17.75
N PRO B 196 19.19 22.97 -18.43
CA PRO B 196 18.62 21.72 -17.83
C PRO B 196 19.69 20.82 -17.20
N GLY B 197 20.87 20.78 -17.76
CA GLY B 197 21.95 19.90 -17.19
C GLY B 197 22.45 20.42 -15.82
N ASP B 198 22.44 21.71 -15.59
CA ASP B 198 22.96 22.25 -14.29
C ASP B 198 22.04 21.83 -13.14
N ALA B 199 20.85 21.40 -13.43
CA ALA B 199 19.92 20.98 -12.34
C ALA B 199 19.77 19.45 -12.29
N TYR B 200 20.64 18.72 -12.92
CA TYR B 200 20.55 17.22 -12.89
C TYR B 200 21.00 16.61 -11.54
N GLU B 201 22.17 16.95 -11.02
CA GLU B 201 22.65 16.31 -9.75
C GLU B 201 21.78 16.74 -8.57
N ASP B 202 21.45 17.99 -8.51
CA ASP B 202 20.62 18.48 -7.37
C ASP B 202 19.22 17.88 -7.45
N THR B 203 18.72 17.65 -8.63
CA THR B 203 17.36 17.06 -8.77
C THR B 203 17.40 15.60 -8.34
N VAL B 204 18.34 14.86 -8.86
CA VAL B 204 18.44 13.43 -8.48
C VAL B 204 18.37 13.31 -6.96
N LYS B 205 19.13 14.12 -6.26
CA LYS B 205 19.10 14.06 -4.77
C LYS B 205 17.65 14.17 -4.27
N VAL B 206 16.91 15.12 -4.78
CA VAL B 206 15.49 15.27 -4.35
C VAL B 206 14.67 14.06 -4.79
N MET B 207 14.90 13.59 -5.99
CA MET B 207 14.12 12.41 -6.48
C MET B 207 14.36 11.18 -5.58
N ARG B 208 15.54 11.03 -5.04
CA ARG B 208 15.82 9.84 -4.18
C ARG B 208 14.95 9.89 -2.93
N THR B 209 14.71 11.06 -2.41
CA THR B 209 13.86 11.18 -1.18
C THR B 209 12.43 10.66 -1.43
N LEU B 210 12.08 10.35 -2.66
CA LEU B 210 10.70 9.86 -2.93
C LEU B 210 9.69 10.85 -2.35
N THR B 211 10.02 12.12 -2.36
CA THR B 211 9.08 13.13 -1.81
C THR B 211 9.04 14.32 -2.76
N PRO B 212 8.03 14.39 -3.57
CA PRO B 212 7.87 15.51 -4.56
C PRO B 212 7.58 16.87 -3.91
N THR B 213 8.29 17.92 -4.29
CA THR B 213 8.03 19.26 -3.70
C THR B 213 6.70 19.81 -4.25
N HIS B 214 6.26 19.37 -5.40
CA HIS B 214 4.98 19.88 -5.97
C HIS B 214 4.32 18.78 -6.82
N VAL B 215 3.06 18.54 -6.59
CA VAL B 215 2.35 17.50 -7.37
C VAL B 215 1.19 18.23 -7.97
N VAL B 216 1.12 18.34 -9.26
CA VAL B 216 0.01 19.17 -9.76
C VAL B 216 -0.62 18.61 -11.01
N PHE B 217 -1.55 19.34 -11.52
CA PHE B 217 -2.26 18.88 -12.75
C PHE B 217 -2.09 19.94 -13.84
N ASN B 218 -1.87 19.51 -15.06
CA ASN B 218 -1.70 20.50 -16.17
C ASN B 218 -0.30 21.18 -16.16
N GLY B 219 0.61 20.77 -15.31
CA GLY B 219 1.96 21.40 -15.29
C GLY B 219 2.12 22.54 -14.23
N ALA B 220 1.14 22.85 -13.38
CA ALA B 220 1.40 23.95 -12.40
C ALA B 220 0.31 24.01 -11.33
N VAL B 221 0.67 24.38 -10.13
CA VAL B 221 -0.35 24.48 -9.05
C VAL B 221 -1.40 25.52 -9.48
N GLY B 222 -2.65 25.16 -9.42
CA GLY B 222 -3.72 26.12 -9.85
C GLY B 222 -3.80 26.22 -11.39
N ALA B 223 -3.37 25.21 -12.13
CA ALA B 223 -3.45 25.28 -13.63
C ALA B 223 -4.91 25.08 -14.11
N LEU B 224 -5.72 24.32 -13.41
CA LEU B 224 -7.12 24.07 -13.85
C LEU B 224 -8.13 24.78 -12.93
N THR B 225 -7.89 26.02 -12.63
CA THR B 225 -8.82 26.80 -11.77
C THR B 225 -9.00 28.18 -12.38
N GLY B 226 -9.88 28.97 -11.86
CA GLY B 226 -10.11 30.33 -12.41
C GLY B 226 -10.72 30.19 -13.78
N ASP B 227 -10.26 30.97 -14.72
CA ASP B 227 -10.81 30.87 -16.10
C ASP B 227 -10.47 29.50 -16.70
N LYS B 228 -9.49 28.81 -16.17
CA LYS B 228 -9.13 27.47 -16.72
C LYS B 228 -9.88 26.34 -16.00
N ALA B 229 -10.71 26.64 -15.02
CA ALA B 229 -11.45 25.55 -14.31
C ALA B 229 -12.35 24.79 -15.30
N MET B 230 -12.32 23.48 -15.28
CA MET B 230 -13.17 22.71 -16.20
C MET B 230 -14.60 23.20 -16.06
N THR B 231 -15.47 22.70 -16.86
CA THR B 231 -16.90 23.13 -16.80
C THR B 231 -17.83 21.94 -17.09
N ALA B 232 -18.97 21.94 -16.48
CA ALA B 232 -19.98 20.86 -16.68
C ALA B 232 -21.32 21.34 -16.13
N ALA B 233 -22.42 20.80 -16.61
CA ALA B 233 -23.74 21.25 -16.12
C ALA B 233 -24.53 20.04 -15.62
N VAL B 234 -25.46 20.29 -14.75
CA VAL B 234 -26.30 19.20 -14.20
C VAL B 234 -26.85 18.37 -15.35
N GLY B 235 -26.72 17.10 -15.26
CA GLY B 235 -27.23 16.21 -16.36
C GLY B 235 -26.14 15.95 -17.44
N GLU B 236 -24.96 16.50 -17.28
CA GLU B 236 -23.88 16.27 -18.28
C GLU B 236 -23.04 15.07 -17.85
N LYS B 237 -22.70 14.25 -18.78
CA LYS B 237 -21.88 13.06 -18.48
C LYS B 237 -20.47 13.40 -18.91
N VAL B 238 -19.55 13.27 -18.03
CA VAL B 238 -18.16 13.66 -18.39
C VAL B 238 -17.17 12.57 -18.01
N LEU B 239 -16.32 12.24 -18.93
CA LEU B 239 -15.29 11.21 -18.65
C LEU B 239 -13.96 11.92 -18.38
N ILE B 240 -13.39 11.69 -17.24
CA ILE B 240 -12.11 12.38 -16.89
C ILE B 240 -10.96 11.37 -16.84
N VAL B 241 -10.13 11.41 -17.84
CA VAL B 241 -8.97 10.49 -17.89
C VAL B 241 -7.86 11.13 -17.08
N HIS B 242 -7.18 10.35 -16.33
CA HIS B 242 -6.11 10.91 -15.48
C HIS B 242 -4.91 9.98 -15.57
N SER B 243 -3.76 10.54 -15.67
CA SER B 243 -2.54 9.69 -15.78
C SER B 243 -1.42 10.18 -14.85
N GLN B 244 -0.60 9.25 -14.42
CA GLN B 244 0.56 9.53 -13.53
C GLN B 244 1.67 8.57 -13.98
N ALA B 245 2.64 9.07 -14.69
CA ALA B 245 3.73 8.20 -15.24
C ALA B 245 4.97 8.33 -14.38
N ASN B 246 4.78 8.25 -13.11
CA ASN B 246 5.91 8.34 -12.15
C ASN B 246 5.39 8.51 -10.69
N ARG B 247 4.22 7.99 -10.32
CA ARG B 247 3.78 8.17 -8.91
C ARG B 247 2.34 7.72 -8.76
N ASP B 248 2.01 7.07 -7.66
CA ASP B 248 0.59 6.63 -7.49
C ASP B 248 -0.31 7.78 -6.95
N THR B 249 -1.49 7.98 -7.52
CA THR B 249 -2.39 9.03 -7.03
C THR B 249 -3.73 8.38 -6.67
N ARG B 250 -4.63 9.15 -6.18
CA ARG B 250 -5.97 8.61 -5.78
C ARG B 250 -7.01 9.71 -6.02
N PRO B 251 -7.49 9.80 -7.23
CA PRO B 251 -8.48 10.82 -7.66
C PRO B 251 -9.75 10.85 -6.82
N HIS B 252 -10.33 12.00 -6.70
CA HIS B 252 -11.60 12.15 -5.92
C HIS B 252 -12.31 13.49 -6.26
N LEU B 253 -13.52 13.43 -6.77
CA LEU B 253 -14.28 14.66 -7.10
C LEU B 253 -15.07 15.09 -5.87
N ILE B 254 -14.66 16.16 -5.27
CA ILE B 254 -15.31 16.68 -4.06
C ILE B 254 -16.73 17.06 -4.39
N GLY B 255 -17.64 16.50 -3.69
CA GLY B 255 -19.07 16.80 -3.95
C GLY B 255 -19.66 15.80 -4.97
N GLY B 256 -18.84 15.00 -5.61
CA GLY B 256 -19.38 14.03 -6.60
C GLY B 256 -18.81 12.63 -6.34
N HIS B 257 -18.73 11.84 -7.36
CA HIS B 257 -18.19 10.47 -7.23
C HIS B 257 -18.04 9.86 -8.63
N GLY B 258 -17.20 8.88 -8.75
CA GLY B 258 -16.99 8.23 -10.08
C GLY B 258 -18.07 7.18 -10.27
N ASP B 259 -19.02 7.47 -11.08
CA ASP B 259 -20.13 6.50 -11.30
C ASP B 259 -19.53 5.19 -11.78
N TYR B 260 -18.74 5.27 -12.79
CA TYR B 260 -18.07 4.07 -13.34
C TYR B 260 -16.60 4.42 -13.48
N VAL B 261 -15.72 3.67 -12.88
CA VAL B 261 -14.29 4.07 -12.98
C VAL B 261 -13.37 2.90 -13.35
N TRP B 262 -12.84 2.92 -14.54
CA TRP B 262 -11.88 1.88 -14.96
C TRP B 262 -10.57 2.26 -14.29
N ALA B 263 -10.43 1.84 -13.08
CA ALA B 263 -9.25 2.27 -12.26
C ALA B 263 -7.97 1.84 -12.93
N THR B 264 -8.00 0.68 -13.48
CA THR B 264 -6.79 0.16 -14.15
C THR B 264 -6.62 0.81 -15.53
N GLY B 265 -7.59 1.56 -15.97
CA GLY B 265 -7.46 2.21 -17.33
C GLY B 265 -7.58 1.17 -18.47
N LYS B 266 -8.25 0.07 -18.24
CA LYS B 266 -8.43 -0.98 -19.28
C LYS B 266 -9.94 -1.14 -19.47
N PHE B 267 -10.40 -1.00 -20.68
CA PHE B 267 -11.87 -1.10 -20.92
C PHE B 267 -12.37 -2.53 -20.71
N ASN B 268 -11.60 -3.51 -21.11
CA ASN B 268 -12.05 -4.91 -20.96
C ASN B 268 -12.27 -5.24 -19.49
N THR B 269 -11.52 -4.61 -18.63
CA THR B 269 -11.66 -4.87 -17.18
C THR B 269 -12.87 -4.09 -16.66
N PRO B 270 -13.87 -4.79 -16.22
CA PRO B 270 -15.12 -4.14 -15.71
C PRO B 270 -14.83 -2.91 -14.84
N PRO B 271 -15.55 -1.81 -15.04
CA PRO B 271 -15.31 -0.56 -14.24
C PRO B 271 -15.98 -0.57 -12.84
N ASP B 272 -15.21 -0.34 -11.77
CA ASP B 272 -15.86 -0.30 -10.44
C ASP B 272 -17.03 0.66 -10.55
N VAL B 273 -17.82 0.78 -9.54
CA VAL B 273 -18.98 1.72 -9.63
C VAL B 273 -19.25 2.41 -8.28
N ASP B 274 -19.76 3.61 -8.32
CA ASP B 274 -20.07 4.34 -7.07
C ASP B 274 -18.78 4.50 -6.32
N GLN B 275 -17.81 5.08 -6.94
CA GLN B 275 -16.48 5.21 -6.23
C GLN B 275 -16.27 6.62 -5.63
N GLU B 276 -15.92 6.68 -4.35
CA GLU B 276 -15.64 8.01 -3.73
C GLU B 276 -14.19 8.45 -4.06
N THR B 277 -13.26 7.52 -4.04
CA THR B 277 -11.84 7.85 -4.35
C THR B 277 -11.22 6.61 -5.00
N TRP B 278 -10.70 6.75 -6.17
CA TRP B 278 -10.13 5.57 -6.86
C TRP B 278 -8.63 5.48 -6.59
N PHE B 279 -7.94 4.74 -7.40
CA PHE B 279 -6.47 4.59 -7.20
C PHE B 279 -5.78 4.22 -8.53
N ILE B 280 -4.89 5.07 -8.97
CA ILE B 280 -4.14 4.81 -10.24
C ILE B 280 -2.67 4.73 -9.89
N PRO B 281 -2.07 3.58 -10.08
CA PRO B 281 -0.65 3.33 -9.72
C PRO B 281 0.36 4.01 -10.66
N GLY B 282 1.36 4.62 -10.11
CA GLY B 282 2.40 5.26 -10.95
C GLY B 282 2.64 4.37 -12.15
N GLY B 283 2.79 4.94 -13.30
CA GLY B 283 3.00 4.16 -14.52
C GLY B 283 1.66 3.72 -15.10
N ALA B 284 0.59 4.48 -14.91
CA ALA B 284 -0.71 4.01 -15.49
C ALA B 284 -1.75 5.13 -15.56
N ALA B 285 -2.64 5.08 -16.53
CA ALA B 285 -3.71 6.12 -16.64
C ALA B 285 -5.09 5.45 -16.50
N GLY B 286 -5.99 6.03 -15.73
CA GLY B 286 -7.33 5.41 -15.57
C GLY B 286 -8.39 6.31 -16.20
N ALA B 287 -9.63 6.09 -15.88
CA ALA B 287 -10.73 6.92 -16.46
C ALA B 287 -11.98 6.79 -15.58
N ALA B 288 -12.62 7.89 -15.30
CA ALA B 288 -13.85 7.87 -14.46
C ALA B 288 -14.97 8.61 -15.20
N PHE B 289 -16.14 8.05 -15.21
CA PHE B 289 -17.28 8.69 -15.91
C PHE B 289 -18.34 9.04 -14.87
N TYR B 290 -18.78 10.26 -14.85
CA TYR B 290 -19.79 10.63 -13.83
C TYR B 290 -20.76 11.68 -14.38
N THR B 291 -22.01 11.50 -14.09
CA THR B 291 -23.05 12.47 -14.54
C THR B 291 -23.31 13.44 -13.40
N PHE B 292 -23.05 14.69 -13.63
CA PHE B 292 -23.25 15.72 -12.57
C PHE B 292 -24.72 15.85 -12.22
N GLN B 293 -25.00 16.00 -10.96
CA GLN B 293 -26.43 16.16 -10.53
C GLN B 293 -26.63 17.48 -9.75
N GLN B 294 -25.58 18.12 -9.28
CA GLN B 294 -25.75 19.39 -8.52
C GLN B 294 -24.83 20.46 -9.09
N PRO B 295 -25.31 21.68 -9.15
CA PRO B 295 -24.53 22.83 -9.67
C PRO B 295 -23.67 23.47 -8.60
N GLY B 296 -22.64 24.16 -9.00
CA GLY B 296 -21.75 24.82 -8.01
C GLY B 296 -20.29 24.57 -8.39
N ILE B 297 -19.40 24.81 -7.48
CA ILE B 297 -17.95 24.58 -7.78
C ILE B 297 -17.44 23.35 -7.03
N TYR B 298 -16.87 22.41 -7.73
CA TYR B 298 -16.36 21.19 -7.08
C TYR B 298 -14.86 21.07 -7.34
N ALA B 299 -14.12 20.58 -6.38
CA ALA B 299 -12.65 20.44 -6.55
C ALA B 299 -12.34 18.99 -6.85
N TYR B 300 -11.49 18.74 -7.81
CA TYR B 300 -11.16 17.33 -8.14
C TYR B 300 -9.70 17.16 -7.86
N VAL B 301 -9.34 16.33 -6.94
CA VAL B 301 -7.88 16.27 -6.68
C VAL B 301 -7.44 14.98 -6.03
N ASN B 302 -6.16 14.84 -5.92
CA ASN B 302 -5.57 13.65 -5.29
C ASN B 302 -5.98 13.70 -3.85
N HIS B 303 -6.52 12.65 -3.36
CA HIS B 303 -7.00 12.70 -1.96
C HIS B 303 -5.83 12.99 -1.07
N ASN B 304 -4.72 12.32 -1.22
CA ASN B 304 -3.62 12.76 -0.31
C ASN B 304 -3.88 14.28 -0.02
N LEU B 305 -4.66 14.61 1.00
CA LEU B 305 -5.02 16.03 1.27
C LEU B 305 -3.78 16.89 1.19
N ILE B 306 -2.74 16.42 1.78
CA ILE B 306 -1.47 17.20 1.76
C ILE B 306 -1.06 17.42 0.31
N GLU B 307 -1.03 16.37 -0.45
CA GLU B 307 -0.65 16.50 -1.89
C GLU B 307 -1.67 17.39 -2.64
N ALA B 308 -2.94 17.34 -2.29
CA ALA B 308 -3.95 18.17 -3.01
C ALA B 308 -4.02 19.66 -2.53
N PHE B 309 -3.66 19.99 -1.30
CA PHE B 309 -3.79 21.42 -0.89
C PHE B 309 -2.41 22.03 -0.64
N GLU B 310 -1.53 21.28 -0.06
CA GLU B 310 -0.16 21.82 0.23
C GLU B 310 0.80 21.65 -0.97
N LEU B 311 0.64 20.66 -1.81
CA LEU B 311 1.60 20.49 -2.94
C LEU B 311 1.06 21.17 -4.19
N GLY B 312 -0.18 20.98 -4.47
CA GLY B 312 -0.81 21.60 -5.68
C GLY B 312 -1.54 20.55 -6.55
N ALA B 313 -2.15 19.51 -5.98
CA ALA B 313 -2.87 18.54 -6.84
C ALA B 313 -4.39 18.76 -6.71
N ALA B 314 -4.89 19.92 -7.07
CA ALA B 314 -6.36 20.15 -6.95
C ALA B 314 -6.86 21.10 -8.04
N ALA B 315 -7.79 20.66 -8.86
CA ALA B 315 -8.34 21.54 -9.91
C ALA B 315 -9.76 21.90 -9.51
N HIS B 316 -10.49 22.58 -10.33
CA HIS B 316 -11.89 22.93 -9.92
C HIS B 316 -12.85 22.91 -11.11
N PHE B 317 -14.00 22.28 -10.98
CA PHE B 317 -14.99 22.27 -12.10
C PHE B 317 -16.25 23.11 -11.75
N LYS B 318 -16.56 24.11 -12.56
CA LYS B 318 -17.74 24.95 -12.32
C LYS B 318 -18.90 24.26 -13.01
N VAL B 319 -20.01 24.17 -12.37
CA VAL B 319 -21.14 23.46 -12.98
C VAL B 319 -22.38 24.32 -12.88
N THR B 320 -23.05 24.47 -13.98
CA THR B 320 -24.29 25.29 -14.00
C THR B 320 -25.52 24.38 -13.94
N GLY B 321 -26.62 24.88 -13.45
CA GLY B 321 -27.84 24.04 -13.37
C GLY B 321 -28.70 24.48 -12.17
N GLU B 322 -29.61 23.63 -11.76
CA GLU B 322 -30.50 23.96 -10.62
C GLU B 322 -30.16 23.03 -9.46
N TRP B 323 -30.16 23.55 -8.29
CA TRP B 323 -29.83 22.74 -7.10
C TRP B 323 -30.93 21.72 -6.88
N ASN B 324 -30.58 20.66 -6.26
CA ASN B 324 -31.58 19.57 -5.99
C ASN B 324 -31.60 19.31 -4.49
N ASP B 325 -32.61 19.81 -3.83
CA ASP B 325 -32.70 19.63 -2.36
C ASP B 325 -32.85 18.14 -2.05
N ASP B 326 -33.64 17.46 -2.81
CA ASP B 326 -33.84 16.01 -2.56
C ASP B 326 -32.48 15.36 -2.26
N LEU B 327 -31.50 15.64 -3.07
CA LEU B 327 -30.14 15.06 -2.84
C LEU B 327 -29.48 15.70 -1.61
N MET B 328 -29.61 17.00 -1.43
CA MET B 328 -28.96 17.62 -0.25
C MET B 328 -29.62 18.95 0.05
N THR B 329 -29.84 19.24 1.30
CA THR B 329 -30.48 20.54 1.66
C THR B 329 -30.06 20.98 3.06
N SER B 330 -29.70 22.23 3.22
CA SER B 330 -29.29 22.73 4.55
C SER B 330 -30.55 23.04 5.37
N VAL B 331 -30.97 22.13 6.20
CA VAL B 331 -32.20 22.37 7.00
C VAL B 331 -31.99 23.58 7.89
N LEU B 332 -30.87 23.64 8.53
CA LEU B 332 -30.58 24.81 9.42
C LEU B 332 -29.20 25.39 9.07
N ALA B 333 -29.16 26.54 8.47
CA ALA B 333 -27.85 27.14 8.11
C ALA B 333 -27.08 27.47 9.39
N PRO B 334 -25.79 27.52 9.32
CA PRO B 334 -24.92 27.82 10.49
C PRO B 334 -25.44 29.02 11.29
N SER B 335 -25.82 28.81 12.52
CA SER B 335 -26.33 29.94 13.33
C SER B 335 -25.93 29.74 14.79
N GLY B 336 -26.47 30.55 15.66
CA GLY B 336 -26.14 30.41 17.11
C GLY B 336 -26.86 29.20 17.69
N ALA C 1 -11.21 -32.67 7.41
CA ALA C 1 -10.76 -34.09 7.46
C ALA C 1 -10.30 -34.42 8.89
N THR C 2 -10.35 -35.67 9.27
CA THR C 2 -9.92 -36.05 10.63
C THR C 2 -8.43 -36.40 10.60
N ALA C 3 -7.83 -36.54 11.75
CA ALA C 3 -6.38 -36.88 11.79
C ALA C 3 -6.14 -38.18 11.02
N ALA C 4 -6.97 -39.16 11.19
CA ALA C 4 -6.77 -40.46 10.47
C ALA C 4 -6.80 -40.21 8.97
N GLU C 5 -7.77 -39.46 8.50
CA GLU C 5 -7.85 -39.19 7.03
C GLU C 5 -6.57 -38.50 6.55
N ILE C 6 -6.08 -37.55 7.30
CA ILE C 6 -4.84 -36.83 6.88
C ILE C 6 -3.63 -37.79 6.91
N ALA C 7 -3.61 -38.68 7.86
CA ALA C 7 -2.45 -39.62 7.95
C ALA C 7 -2.44 -40.60 6.76
N ALA C 8 -3.57 -40.86 6.16
CA ALA C 8 -3.61 -41.82 5.02
C ALA C 8 -3.39 -41.10 3.67
N LEU C 9 -3.22 -39.81 3.65
CA LEU C 9 -3.01 -39.10 2.34
C LEU C 9 -1.55 -39.30 1.88
N PRO C 10 -1.33 -39.40 0.60
CA PRO C 10 0.04 -39.59 0.03
C PRO C 10 0.95 -38.37 0.28
N ARG C 11 2.18 -38.58 0.71
CA ARG C 11 3.09 -37.43 0.96
C ARG C 11 4.13 -37.33 -0.18
N GLN C 12 4.42 -36.13 -0.61
CA GLN C 12 5.42 -35.93 -1.69
C GLN C 12 6.46 -34.89 -1.24
N LYS C 13 7.71 -35.26 -1.24
CA LYS C 13 8.78 -34.34 -0.82
C LYS C 13 9.21 -33.55 -2.04
N VAL C 14 9.40 -32.29 -1.86
CA VAL C 14 9.80 -31.45 -3.01
C VAL C 14 11.11 -30.73 -2.72
N GLU C 15 11.97 -30.69 -3.70
CA GLU C 15 13.27 -30.01 -3.57
C GLU C 15 13.09 -28.59 -4.08
N LEU C 16 13.38 -27.64 -3.27
CA LEU C 16 13.17 -26.22 -3.67
C LEU C 16 14.38 -25.70 -4.42
N VAL C 17 14.16 -24.76 -5.30
CA VAL C 17 15.28 -24.17 -6.07
C VAL C 17 15.46 -22.73 -5.61
N ASP C 18 16.35 -22.01 -6.20
CA ASP C 18 16.53 -20.59 -5.76
C ASP C 18 15.90 -19.63 -6.80
N PRO C 19 15.12 -18.67 -6.35
CA PRO C 19 14.48 -17.68 -7.26
C PRO C 19 15.48 -17.15 -8.30
N PRO C 20 14.99 -16.66 -9.40
CA PRO C 20 13.52 -16.59 -9.68
C PRO C 20 12.93 -17.91 -10.18
N PHE C 21 13.73 -18.92 -10.35
CA PHE C 21 13.23 -20.23 -10.83
C PHE C 21 12.33 -20.86 -9.78
N VAL C 22 11.45 -21.71 -10.19
CA VAL C 22 10.54 -22.38 -9.27
C VAL C 22 10.81 -23.86 -9.38
N HIS C 23 10.41 -24.59 -8.41
CA HIS C 23 10.65 -26.06 -8.43
C HIS C 23 9.68 -26.72 -9.40
N ALA C 24 9.91 -27.97 -9.68
CA ALA C 24 9.02 -28.72 -10.60
C ALA C 24 7.64 -28.85 -9.96
N HIS C 25 6.62 -28.75 -10.77
CA HIS C 25 5.23 -28.87 -10.26
C HIS C 25 4.27 -28.92 -11.46
N SER C 26 3.13 -29.53 -11.30
CA SER C 26 2.16 -29.61 -12.41
C SER C 26 1.06 -28.59 -12.18
N GLN C 27 0.61 -27.95 -13.21
CA GLN C 27 -0.46 -26.92 -13.03
C GLN C 27 -1.69 -27.64 -12.53
N VAL C 28 -2.13 -28.58 -13.30
CA VAL C 28 -3.29 -29.41 -12.89
C VAL C 28 -2.81 -30.41 -11.85
N ALA C 29 -3.53 -30.54 -10.78
CA ALA C 29 -3.11 -31.46 -9.69
C ALA C 29 -3.08 -32.90 -10.18
N GLU C 30 -2.05 -33.61 -9.86
CA GLU C 30 -1.95 -35.04 -10.28
C GLU C 30 -2.38 -35.93 -9.11
N GLY C 31 -3.62 -36.33 -9.08
CA GLY C 31 -4.11 -37.17 -7.97
C GLY C 31 -4.93 -36.31 -7.01
N GLY C 32 -5.31 -36.85 -5.90
CA GLY C 32 -6.12 -36.06 -4.92
C GLY C 32 -5.18 -35.27 -3.98
N PRO C 33 -5.69 -34.87 -2.84
CA PRO C 33 -4.93 -34.10 -1.83
C PRO C 33 -3.70 -34.85 -1.33
N LYS C 34 -2.63 -34.14 -1.13
CA LYS C 34 -1.39 -34.80 -0.64
C LYS C 34 -0.57 -33.84 0.26
N VAL C 35 0.02 -34.37 1.30
CA VAL C 35 0.84 -33.57 2.24
C VAL C 35 2.21 -33.33 1.60
N VAL C 36 2.38 -32.15 1.12
CA VAL C 36 3.61 -31.76 0.44
C VAL C 36 4.60 -31.44 1.52
N GLU C 37 5.78 -31.86 1.33
CA GLU C 37 6.81 -31.63 2.38
C GLU C 37 7.95 -30.80 1.83
N PHE C 38 8.29 -29.74 2.51
CA PHE C 38 9.42 -28.88 2.07
C PHE C 38 10.26 -28.47 3.30
N THR C 39 11.56 -28.43 3.18
CA THR C 39 12.40 -28.05 4.35
C THR C 39 13.32 -26.89 3.97
N MET C 40 13.41 -25.90 4.81
CA MET C 40 14.28 -24.72 4.49
C MET C 40 15.09 -24.30 5.72
N VAL C 41 16.39 -24.23 5.59
CA VAL C 41 17.27 -23.81 6.70
C VAL C 41 17.45 -22.30 6.57
N ILE C 42 17.43 -21.62 7.65
CA ILE C 42 17.57 -20.14 7.61
C ILE C 42 19.03 -19.79 7.77
N GLU C 43 19.53 -18.92 6.95
CA GLU C 43 20.97 -18.57 7.07
C GLU C 43 21.15 -17.05 7.17
N GLU C 44 21.55 -16.55 8.31
CA GLU C 44 21.76 -15.07 8.42
C GLU C 44 23.21 -14.73 8.01
N LYS C 45 23.40 -14.08 6.88
CA LYS C 45 24.78 -13.76 6.47
C LYS C 45 24.77 -12.36 5.87
N LYS C 46 25.82 -12.02 5.21
CA LYS C 46 25.89 -10.66 4.57
C LYS C 46 25.80 -10.76 3.03
N ILE C 47 24.88 -10.03 2.44
CA ILE C 47 24.72 -10.01 0.96
C ILE C 47 24.96 -8.58 0.44
N VAL C 48 25.64 -8.48 -0.66
CA VAL C 48 25.95 -7.19 -1.27
C VAL C 48 24.74 -6.84 -2.05
N ILE C 49 24.40 -5.64 -2.05
CA ILE C 49 23.15 -5.25 -2.76
C ILE C 49 23.39 -4.32 -3.95
N ASP C 50 24.52 -3.69 -4.03
CA ASP C 50 24.75 -2.75 -5.17
C ASP C 50 26.18 -2.88 -5.68
N ASP C 51 26.58 -2.00 -6.55
CA ASP C 51 27.95 -2.07 -7.10
C ASP C 51 28.91 -1.39 -6.12
N ALA C 52 28.40 -0.48 -5.33
CA ALA C 52 29.29 0.22 -4.35
C ALA C 52 29.71 -0.73 -3.21
N GLY C 53 29.32 -1.98 -3.25
CA GLY C 53 29.72 -2.93 -2.16
C GLY C 53 28.83 -2.77 -0.91
N THR C 54 27.70 -2.09 -1.00
CA THR C 54 26.82 -1.94 0.18
C THR C 54 26.49 -3.33 0.69
N GLU C 55 26.37 -3.50 1.97
CA GLU C 55 26.08 -4.86 2.48
C GLU C 55 24.90 -4.85 3.48
N VAL C 56 24.01 -5.80 3.36
CA VAL C 56 22.87 -5.90 4.31
C VAL C 56 22.86 -7.29 5.01
N HIS C 57 22.82 -7.30 6.32
CA HIS C 57 22.80 -8.57 7.10
C HIS C 57 21.48 -9.25 6.79
N ALA C 58 21.49 -10.06 5.81
CA ALA C 58 20.25 -10.73 5.37
C ALA C 58 19.91 -11.97 6.22
N MET C 59 18.64 -12.12 6.45
CA MET C 59 18.10 -13.27 7.21
C MET C 59 17.39 -13.98 6.11
N ALA C 60 17.86 -15.09 5.72
CA ALA C 60 17.28 -15.63 4.50
C ALA C 60 16.89 -17.04 4.65
N PHE C 61 15.70 -17.25 4.30
CA PHE C 61 15.17 -18.66 4.32
C PHE C 61 15.72 -19.38 3.09
N ASN C 62 16.38 -20.50 3.25
CA ASN C 62 16.97 -21.20 2.08
C ASN C 62 18.24 -20.48 1.57
N GLY C 63 18.80 -19.57 2.34
CA GLY C 63 20.03 -18.86 1.88
C GLY C 63 19.75 -17.91 0.69
N THR C 64 18.53 -17.53 0.43
CA THR C 64 18.31 -16.59 -0.75
C THR C 64 17.16 -15.57 -0.50
N VAL C 65 17.38 -14.30 -0.84
CA VAL C 65 16.32 -13.29 -0.70
C VAL C 65 15.82 -12.99 -2.11
N PRO C 66 14.57 -13.21 -2.35
CA PRO C 66 13.61 -13.70 -1.33
C PRO C 66 13.58 -15.23 -1.25
N GLY C 67 13.18 -15.74 -0.13
CA GLY C 67 13.11 -17.22 0.02
C GLY C 67 12.57 -17.82 -1.28
N PRO C 68 12.57 -19.11 -1.37
CA PRO C 68 12.07 -19.84 -2.57
C PRO C 68 10.54 -19.92 -2.62
N LEU C 69 9.99 -20.04 -3.80
CA LEU C 69 8.50 -20.13 -3.92
C LEU C 69 8.05 -21.59 -3.85
N MET C 70 7.22 -21.92 -2.89
CA MET C 70 6.71 -23.29 -2.76
C MET C 70 5.41 -23.35 -3.54
N VAL C 71 5.14 -24.45 -4.13
CA VAL C 71 3.89 -24.53 -4.95
C VAL C 71 3.11 -25.83 -4.68
N VAL C 72 1.94 -25.70 -4.14
CA VAL C 72 1.05 -26.86 -3.88
C VAL C 72 -0.34 -26.50 -4.44
N HIS C 73 -1.27 -27.41 -4.42
CA HIS C 73 -2.62 -27.10 -4.95
C HIS C 73 -3.55 -26.79 -3.78
N GLN C 74 -4.72 -26.36 -4.09
CA GLN C 74 -5.70 -26.03 -3.03
C GLN C 74 -6.21 -27.32 -2.42
N ASP C 75 -6.23 -27.39 -1.13
CA ASP C 75 -6.68 -28.63 -0.45
C ASP C 75 -5.47 -29.38 0.08
N ASP C 76 -4.39 -29.37 -0.65
CA ASP C 76 -3.16 -30.08 -0.19
C ASP C 76 -2.61 -29.39 1.06
N TYR C 77 -2.00 -30.15 1.92
CA TYR C 77 -1.43 -29.57 3.17
C TYR C 77 0.09 -29.39 2.99
N LEU C 78 0.55 -28.23 3.29
CA LEU C 78 1.99 -27.91 3.17
C LEU C 78 2.64 -28.14 4.52
N GLU C 79 3.61 -28.99 4.55
CA GLU C 79 4.29 -29.32 5.82
C GLU C 79 5.71 -28.85 5.66
N LEU C 80 6.09 -27.89 6.41
CA LEU C 80 7.46 -27.34 6.23
C LEU C 80 8.33 -27.51 7.47
N THR C 81 9.42 -28.20 7.32
CA THR C 81 10.38 -28.37 8.46
C THR C 81 11.41 -27.24 8.37
N LEU C 82 11.35 -26.30 9.28
CA LEU C 82 12.27 -25.17 9.26
C LEU C 82 13.36 -25.48 10.23
N ILE C 83 14.49 -24.98 9.96
CA ILE C 83 15.65 -25.27 10.85
C ILE C 83 16.53 -24.02 11.01
N ASN C 84 16.75 -23.64 12.23
CA ASN C 84 17.62 -22.46 12.52
C ASN C 84 18.93 -22.99 13.09
N PRO C 85 19.94 -23.03 12.26
CA PRO C 85 21.28 -23.56 12.63
C PRO C 85 21.94 -22.86 13.82
N GLU C 86 22.73 -23.57 14.58
CA GLU C 86 23.42 -22.94 15.74
C GLU C 86 24.29 -21.75 15.27
N THR C 87 24.78 -21.79 14.05
CA THR C 87 25.64 -20.66 13.55
C THR C 87 24.89 -19.32 13.61
N ASN C 88 23.58 -19.33 13.53
CA ASN C 88 22.83 -18.04 13.55
C ASN C 88 22.86 -17.45 14.96
N THR C 89 22.38 -16.25 15.11
CA THR C 89 22.38 -15.61 16.46
C THR C 89 20.98 -15.04 16.84
N LEU C 90 19.96 -15.20 16.02
CA LEU C 90 18.62 -14.63 16.42
C LEU C 90 17.50 -15.66 16.24
N MET C 91 16.53 -15.69 17.14
CA MET C 91 15.40 -16.66 16.97
C MET C 91 14.45 -16.15 15.88
N HIS C 92 13.99 -17.03 15.01
CA HIS C 92 13.08 -16.60 13.93
C HIS C 92 11.71 -17.29 14.08
N ASN C 93 10.99 -17.34 13.00
CA ASN C 93 9.64 -17.97 12.97
C ASN C 93 9.04 -17.71 11.57
N ILE C 94 8.07 -18.48 11.13
CA ILE C 94 7.51 -18.24 9.77
C ILE C 94 5.98 -18.09 9.81
N ASP C 95 5.47 -17.04 9.23
CA ASP C 95 4.00 -16.83 9.17
C ASP C 95 3.55 -16.83 7.69
N PHE C 96 2.82 -17.84 7.28
CA PHE C 96 2.38 -17.92 5.87
C PHE C 96 0.98 -17.33 5.72
N HIS C 97 0.88 -16.28 4.97
CA HIS C 97 -0.44 -15.62 4.74
C HIS C 97 -1.47 -16.65 4.23
N ALA C 98 -1.02 -17.69 3.58
CA ALA C 98 -1.97 -18.70 3.03
C ALA C 98 -2.41 -19.73 4.09
N ALA C 99 -2.10 -19.49 5.33
CA ALA C 99 -2.53 -20.44 6.40
C ALA C 99 -3.57 -19.77 7.28
N THR C 100 -4.21 -20.52 8.13
CA THR C 100 -5.26 -19.91 9.02
C THR C 100 -5.10 -20.39 10.47
N GLY C 101 -4.69 -19.51 11.35
CA GLY C 101 -4.55 -19.88 12.81
C GLY C 101 -3.09 -19.69 13.31
N ALA C 102 -2.90 -19.16 14.52
CA ALA C 102 -1.51 -19.00 15.05
C ALA C 102 -0.71 -17.93 14.28
N LEU C 103 -1.31 -16.79 14.05
CA LEU C 103 -0.58 -15.69 13.34
C LEU C 103 0.06 -16.20 12.05
N GLY C 104 -0.60 -17.10 11.37
CA GLY C 104 -0.04 -17.62 10.09
C GLY C 104 1.08 -18.64 10.37
N GLY C 105 1.08 -19.24 11.52
CA GLY C 105 2.14 -20.25 11.84
C GLY C 105 3.31 -19.62 12.63
N GLY C 106 3.33 -18.33 12.83
CA GLY C 106 4.46 -17.70 13.58
C GLY C 106 4.36 -18.04 15.08
N GLY C 107 3.17 -18.20 15.59
CA GLY C 107 3.02 -18.52 17.05
C GLY C 107 3.46 -19.96 17.36
N LEU C 108 3.56 -20.82 16.37
CA LEU C 108 3.97 -22.23 16.64
C LEU C 108 5.27 -22.60 15.88
N THR C 109 6.09 -21.64 15.55
CA THR C 109 7.37 -21.94 14.83
C THR C 109 8.54 -21.06 15.37
N GLU C 110 8.46 -20.52 16.56
CA GLU C 110 9.58 -19.70 17.09
C GLU C 110 10.71 -20.64 17.46
N ILE C 111 11.80 -20.60 16.74
CA ILE C 111 12.91 -21.54 17.04
C ILE C 111 14.21 -20.78 17.18
N ASN C 112 14.87 -20.92 18.28
CA ASN C 112 16.16 -20.22 18.48
C ASN C 112 17.30 -21.07 17.91
N PRO C 113 18.43 -20.46 17.65
CA PRO C 113 19.61 -21.17 17.11
C PRO C 113 19.73 -22.59 17.68
N GLY C 114 19.93 -23.56 16.83
CA GLY C 114 20.03 -24.97 17.32
C GLY C 114 18.64 -25.61 17.50
N GLU C 115 17.59 -25.04 16.94
CA GLU C 115 16.24 -25.65 17.10
C GLU C 115 15.50 -25.70 15.74
N LYS C 116 14.74 -26.74 15.50
CA LYS C 116 13.96 -26.86 14.23
C LYS C 116 12.56 -27.38 14.54
N THR C 117 11.59 -27.03 13.76
CA THR C 117 10.22 -27.49 14.03
C THR C 117 9.57 -27.89 12.72
N ILE C 118 8.38 -28.39 12.81
CA ILE C 118 7.65 -28.80 11.59
C ILE C 118 6.19 -28.35 11.72
N LEU C 119 5.72 -27.55 10.81
CA LEU C 119 4.32 -27.07 10.90
C LEU C 119 3.57 -27.46 9.64
N ARG C 120 2.39 -27.97 9.80
CA ARG C 120 1.60 -28.38 8.61
C ARG C 120 0.25 -27.65 8.60
N PHE C 121 -0.08 -27.01 7.52
CA PHE C 121 -1.37 -26.29 7.43
C PHE C 121 -2.08 -26.66 6.11
N LYS C 122 -3.39 -26.57 6.09
CA LYS C 122 -4.17 -26.89 4.88
C LYS C 122 -4.27 -25.64 4.00
N ALA C 123 -3.97 -25.80 2.76
CA ALA C 123 -4.03 -24.68 1.80
C ALA C 123 -5.45 -24.62 1.32
N THR C 124 -6.23 -23.88 2.01
CA THR C 124 -7.70 -23.84 1.69
C THR C 124 -8.10 -22.76 0.66
N LYS C 125 -7.21 -21.90 0.28
CA LYS C 125 -7.57 -20.83 -0.68
C LYS C 125 -6.52 -20.79 -1.79
N PRO C 126 -6.96 -20.69 -3.01
CA PRO C 126 -6.06 -20.66 -4.19
C PRO C 126 -5.51 -19.26 -4.48
N GLY C 127 -4.21 -19.14 -4.67
CA GLY C 127 -3.65 -17.79 -4.98
C GLY C 127 -2.24 -17.64 -4.39
N VAL C 128 -1.45 -16.77 -4.96
CA VAL C 128 -0.08 -16.55 -4.46
C VAL C 128 -0.19 -15.78 -3.15
N PHE C 129 0.67 -16.07 -2.23
CA PHE C 129 0.59 -15.39 -0.93
C PHE C 129 2.00 -15.18 -0.43
N VAL C 130 2.21 -14.19 0.36
CA VAL C 130 3.62 -13.95 0.85
C VAL C 130 3.87 -14.51 2.28
N TYR C 131 4.94 -15.28 2.47
CA TYR C 131 5.29 -15.79 3.80
C TYR C 131 6.44 -14.94 4.32
N HIS C 132 6.60 -14.81 5.60
CA HIS C 132 7.70 -13.95 6.13
C HIS C 132 7.87 -14.15 7.64
N CYS C 133 9.10 -14.12 8.12
CA CYS C 133 9.34 -14.34 9.58
C CYS C 133 8.86 -13.10 10.34
N ALA C 134 8.39 -13.27 11.54
CA ALA C 134 7.90 -12.08 12.29
C ALA C 134 7.96 -12.34 13.79
N PRO C 135 9.13 -12.36 14.34
CA PRO C 135 9.33 -12.58 15.80
C PRO C 135 8.74 -11.41 16.61
N PRO C 136 7.88 -11.71 17.55
CA PRO C 136 7.23 -10.66 18.40
C PRO C 136 8.19 -9.54 18.84
N GLY C 137 7.89 -8.30 18.51
CA GLY C 137 8.79 -7.18 18.93
C GLY C 137 9.80 -6.78 17.83
N MET C 138 10.12 -7.65 16.90
CA MET C 138 11.11 -7.28 15.86
C MET C 138 10.62 -7.77 14.51
N VAL C 139 9.36 -7.58 14.26
CA VAL C 139 8.79 -8.04 12.96
C VAL C 139 9.42 -7.30 11.76
N PRO C 140 9.16 -6.03 11.64
CA PRO C 140 9.65 -5.18 10.52
C PRO C 140 11.14 -5.37 10.24
N TRP C 141 11.92 -5.56 11.27
CA TRP C 141 13.39 -5.75 11.07
C TRP C 141 13.67 -7.05 10.30
N HIS C 142 13.08 -8.14 10.71
CA HIS C 142 13.32 -9.44 10.03
C HIS C 142 12.82 -9.39 8.58
N VAL C 143 11.70 -8.78 8.34
CA VAL C 143 11.15 -8.73 6.95
C VAL C 143 12.06 -7.87 6.06
N VAL C 144 12.44 -6.71 6.53
CA VAL C 144 13.30 -5.81 5.70
C VAL C 144 14.64 -6.49 5.47
N SER C 145 15.09 -7.24 6.43
CA SER C 145 16.39 -7.95 6.27
C SER C 145 16.31 -9.00 5.14
N GLY C 146 15.19 -9.15 4.50
CA GLY C 146 15.05 -10.15 3.41
C GLY C 146 14.52 -11.48 3.94
N MET C 147 13.79 -11.48 5.03
CA MET C 147 13.26 -12.77 5.55
C MET C 147 11.80 -12.93 5.09
N ASN C 148 11.61 -13.15 3.82
CA ASN C 148 10.23 -13.29 3.31
C ASN C 148 10.26 -13.79 1.85
N GLY C 149 9.27 -14.52 1.47
CA GLY C 149 9.19 -15.06 0.07
C GLY C 149 7.71 -15.19 -0.32
N ALA C 150 7.31 -16.28 -0.94
CA ALA C 150 5.87 -16.41 -1.32
C ALA C 150 5.55 -17.83 -1.83
N ILE C 151 4.36 -18.32 -1.55
CA ILE C 151 3.96 -19.67 -2.03
C ILE C 151 2.76 -19.55 -2.97
N MET C 152 2.63 -20.44 -3.91
CA MET C 152 1.49 -20.38 -4.87
C MET C 152 0.62 -21.64 -4.76
N VAL C 153 -0.59 -21.48 -4.30
CA VAL C 153 -1.52 -22.63 -4.17
C VAL C 153 -2.39 -22.57 -5.40
N LEU C 154 -2.14 -23.43 -6.32
CA LEU C 154 -2.90 -23.35 -7.61
C LEU C 154 -4.16 -24.20 -7.59
N PRO C 155 -5.22 -23.70 -8.17
CA PRO C 155 -6.49 -24.46 -8.27
C PRO C 155 -6.23 -25.89 -8.76
N ARG C 156 -6.89 -26.87 -8.20
CA ARG C 156 -6.67 -28.27 -8.62
C ARG C 156 -6.72 -28.39 -10.13
N GLU C 157 -7.59 -27.66 -10.76
CA GLU C 157 -7.71 -27.73 -12.25
C GLU C 157 -6.79 -26.70 -12.96
N GLY C 158 -5.80 -26.16 -12.29
CA GLY C 158 -4.90 -25.17 -12.97
C GLY C 158 -5.51 -23.77 -12.92
N LEU C 159 -4.96 -22.86 -13.68
CA LEU C 159 -5.51 -21.46 -13.68
C LEU C 159 -6.45 -21.26 -14.87
N HIS C 160 -7.45 -20.42 -14.70
CA HIS C 160 -8.41 -20.15 -15.80
C HIS C 160 -8.73 -18.64 -15.77
N ASP C 161 -9.16 -18.11 -16.87
CA ASP C 161 -9.48 -16.64 -16.92
C ASP C 161 -10.74 -16.35 -16.11
N GLY C 162 -11.39 -15.24 -16.38
CA GLY C 162 -12.63 -14.89 -15.61
C GLY C 162 -13.85 -15.66 -16.18
N LYS C 163 -13.79 -16.11 -17.40
CA LYS C 163 -14.96 -16.85 -17.97
C LYS C 163 -14.86 -18.36 -17.70
N GLY C 164 -13.73 -18.82 -17.22
CA GLY C 164 -13.59 -20.30 -16.95
C GLY C 164 -12.57 -20.97 -17.92
N LYS C 165 -12.14 -20.32 -18.97
CA LYS C 165 -11.18 -20.96 -19.92
C LYS C 165 -9.88 -21.26 -19.20
N ALA C 166 -9.20 -22.28 -19.60
CA ALA C 166 -7.91 -22.64 -18.94
C ALA C 166 -6.72 -21.82 -19.51
N LEU C 167 -5.94 -21.22 -18.63
CA LEU C 167 -4.74 -20.46 -19.02
C LEU C 167 -3.55 -21.25 -18.50
N THR C 168 -2.74 -21.73 -19.39
CA THR C 168 -1.61 -22.56 -18.99
C THR C 168 -0.37 -21.85 -19.39
N TYR C 169 0.56 -21.82 -18.54
CA TYR C 169 1.82 -21.09 -18.85
C TYR C 169 2.96 -22.06 -19.14
N ASP C 170 3.82 -21.71 -20.06
CA ASP C 170 4.99 -22.58 -20.37
C ASP C 170 6.16 -22.28 -19.41
N LYS C 171 6.24 -21.08 -18.87
CA LYS C 171 7.36 -20.76 -17.95
C LYS C 171 6.86 -19.87 -16.81
N ILE C 172 7.36 -20.08 -15.63
CA ILE C 172 6.93 -19.25 -14.47
C ILE C 172 8.16 -18.77 -13.67
N TYR C 173 8.21 -17.49 -13.38
CA TYR C 173 9.36 -16.93 -12.62
C TYR C 173 8.79 -16.20 -11.41
N TYR C 174 9.51 -16.19 -10.34
CA TYR C 174 9.05 -15.51 -9.11
C TYR C 174 10.02 -14.41 -8.75
N VAL C 175 9.57 -13.19 -8.81
CA VAL C 175 10.46 -12.04 -8.50
C VAL C 175 10.03 -11.40 -7.18
N GLY C 176 10.80 -11.61 -6.16
CA GLY C 176 10.50 -11.03 -4.83
C GLY C 176 11.19 -9.69 -4.71
N GLU C 177 10.44 -8.67 -4.47
CA GLU C 177 10.99 -7.31 -4.36
C GLU C 177 11.30 -7.08 -2.91
N GLN C 178 12.30 -6.33 -2.65
CA GLN C 178 12.66 -6.08 -1.23
C GLN C 178 13.14 -4.65 -1.02
N ASP C 179 12.53 -3.95 -0.12
CA ASP C 179 12.96 -2.55 0.16
C ASP C 179 13.88 -2.56 1.39
N PHE C 180 15.10 -2.14 1.24
CA PHE C 180 16.02 -2.15 2.39
C PHE C 180 16.11 -0.75 2.99
N TYR C 181 16.88 -0.64 4.02
CA TYR C 181 17.06 0.67 4.71
C TYR C 181 18.46 0.64 5.30
N VAL C 182 19.43 1.00 4.52
CA VAL C 182 20.83 0.91 4.99
C VAL C 182 21.28 2.21 5.61
N PRO C 183 21.81 2.12 6.79
CA PRO C 183 22.33 3.32 7.52
C PRO C 183 23.60 3.91 6.87
N ARG C 184 23.70 5.23 6.79
CA ARG C 184 24.89 5.87 6.19
C ARG C 184 25.56 6.73 7.25
N ASP C 185 26.82 7.00 7.09
CA ASP C 185 27.55 7.83 8.10
C ASP C 185 27.29 9.33 7.87
N GLU C 186 28.20 10.19 8.27
CA GLU C 186 27.98 11.66 8.08
C GLU C 186 28.33 12.08 6.65
N ASN C 187 29.24 11.38 6.00
CA ASN C 187 29.62 11.77 4.61
C ASN C 187 28.63 11.18 3.57
N GLY C 188 27.71 10.35 3.97
CA GLY C 188 26.74 9.77 2.99
C GLY C 188 27.16 8.34 2.56
N LYS C 189 28.23 7.79 3.09
CA LYS C 189 28.64 6.41 2.70
C LYS C 189 27.90 5.37 3.54
N TYR C 190 27.45 4.31 2.92
CA TYR C 190 26.73 3.26 3.66
C TYR C 190 27.65 2.70 4.72
N LYS C 191 27.11 2.32 5.82
CA LYS C 191 27.95 1.78 6.92
C LYS C 191 27.89 0.24 6.91
N LYS C 192 28.97 -0.38 7.28
CA LYS C 192 28.99 -1.86 7.32
C LYS C 192 29.30 -2.29 8.74
N TYR C 193 28.85 -3.44 9.14
CA TYR C 193 29.12 -3.87 10.52
C TYR C 193 29.71 -5.25 10.52
N GLU C 194 29.67 -5.91 11.62
CA GLU C 194 30.24 -7.29 11.69
C GLU C 194 29.14 -8.29 12.09
N ALA C 195 28.09 -7.84 12.74
CA ALA C 195 27.02 -8.77 13.14
C ALA C 195 25.68 -8.14 12.81
N PRO C 196 24.65 -8.92 12.87
CA PRO C 196 23.26 -8.46 12.57
C PRO C 196 22.70 -7.53 13.65
N GLY C 197 22.98 -7.81 14.90
CA GLY C 197 22.44 -6.95 15.99
C GLY C 197 23.15 -5.57 16.01
N ASP C 198 24.40 -5.52 15.63
CA ASP C 198 25.14 -4.22 15.65
C ASP C 198 24.46 -3.20 14.74
N ALA C 199 23.73 -3.64 13.75
CA ALA C 199 23.06 -2.67 12.82
C ALA C 199 21.54 -2.54 13.11
N TYR C 200 21.07 -3.00 14.24
CA TYR C 200 19.60 -2.87 14.55
C TYR C 200 19.17 -1.40 14.85
N GLU C 201 19.84 -0.69 15.74
CA GLU C 201 19.41 0.69 16.08
C GLU C 201 19.53 1.61 14.87
N ASP C 202 20.64 1.56 14.20
CA ASP C 202 20.85 2.45 13.01
C ASP C 202 19.83 2.11 11.93
N THR C 203 19.53 0.87 11.76
CA THR C 203 18.54 0.48 10.71
C THR C 203 17.15 1.00 11.09
N VAL C 204 16.73 0.79 12.30
CA VAL C 204 15.38 1.27 12.73
C VAL C 204 15.23 2.75 12.38
N LYS C 205 16.24 3.53 12.68
CA LYS C 205 16.16 4.98 12.37
C LYS C 205 15.84 5.18 10.89
N VAL C 206 16.48 4.44 10.02
CA VAL C 206 16.21 4.59 8.56
C VAL C 206 14.82 4.05 8.24
N MET C 207 14.45 2.94 8.83
CA MET C 207 13.11 2.36 8.53
C MET C 207 12.00 3.34 8.92
N ARG C 208 12.17 4.08 9.98
CA ARG C 208 11.11 5.05 10.40
C ARG C 208 10.87 6.09 9.29
N THR C 209 11.91 6.49 8.62
CA THR C 209 11.75 7.50 7.54
C THR C 209 10.83 6.98 6.42
N LEU C 210 10.46 5.72 6.44
CA LEU C 210 9.57 5.19 5.36
C LEU C 210 10.19 5.48 3.98
N THR C 211 11.50 5.55 3.91
CA THR C 211 12.15 5.82 2.60
C THR C 211 13.30 4.83 2.43
N PRO C 212 13.08 3.80 1.66
CA PRO C 212 14.11 2.74 1.42
C PRO C 212 15.32 3.22 0.61
N THR C 213 16.52 2.96 1.09
CA THR C 213 17.73 3.40 0.33
C THR C 213 17.86 2.55 -0.96
N HIS C 214 17.29 1.38 -1.00
CA HIS C 214 17.40 0.53 -2.22
C HIS C 214 16.19 -0.40 -2.30
N VAL C 215 15.59 -0.49 -3.46
CA VAL C 215 14.41 -1.37 -3.62
C VAL C 215 14.75 -2.25 -4.79
N VAL C 216 14.92 -3.51 -4.59
CA VAL C 216 15.37 -4.28 -5.76
C VAL C 216 14.68 -5.61 -5.86
N PHE C 217 15.12 -6.40 -6.78
CA PHE C 217 14.50 -7.73 -6.98
C PHE C 217 15.57 -8.81 -6.86
N ASN C 218 15.28 -9.86 -6.15
CA ASN C 218 16.29 -10.96 -5.97
C ASN C 218 17.38 -10.61 -4.93
N GLY C 219 17.22 -9.55 -4.16
CA GLY C 219 18.25 -9.20 -3.13
C GLY C 219 19.44 -8.34 -3.69
N ALA C 220 19.36 -7.69 -4.84
CA ALA C 220 20.53 -6.85 -5.27
C ALA C 220 20.22 -6.03 -6.54
N VAL C 221 20.65 -4.78 -6.58
CA VAL C 221 20.42 -3.97 -7.81
C VAL C 221 21.08 -4.69 -8.98
N GLY C 222 20.36 -4.90 -10.04
CA GLY C 222 20.95 -5.62 -11.20
C GLY C 222 21.05 -7.14 -10.93
N ALA C 223 20.23 -7.69 -10.04
CA ALA C 223 20.31 -9.16 -9.78
C ALA C 223 19.68 -10.00 -10.92
N LEU C 224 18.55 -9.60 -11.46
CA LEU C 224 17.88 -10.40 -12.55
C LEU C 224 18.20 -9.86 -13.95
N THR C 225 19.41 -9.46 -14.18
CA THR C 225 19.85 -8.97 -15.52
C THR C 225 21.24 -9.55 -15.83
N GLY C 226 21.56 -9.73 -17.08
CA GLY C 226 22.88 -10.32 -17.45
C GLY C 226 22.75 -11.83 -17.40
N ASP C 227 23.57 -12.47 -16.62
CA ASP C 227 23.46 -13.96 -16.52
C ASP C 227 22.12 -14.37 -15.87
N LYS C 228 21.49 -13.48 -15.12
CA LYS C 228 20.18 -13.85 -14.48
C LYS C 228 18.97 -13.31 -15.27
N ALA C 229 19.17 -12.60 -16.35
CA ALA C 229 17.98 -12.08 -17.11
C ALA C 229 17.03 -13.24 -17.45
N MET C 230 15.76 -13.09 -17.15
CA MET C 230 14.80 -14.16 -17.47
C MET C 230 14.87 -14.43 -18.96
N THR C 231 14.20 -15.43 -19.40
CA THR C 231 14.20 -15.76 -20.84
C THR C 231 12.79 -16.19 -21.29
N ALA C 232 12.49 -15.95 -22.54
CA ALA C 232 11.16 -16.33 -23.10
C ALA C 232 11.22 -16.14 -24.63
N ALA C 233 10.46 -16.91 -25.38
CA ALA C 233 10.49 -16.78 -26.85
C ALA C 233 9.10 -16.41 -27.36
N VAL C 234 9.05 -15.69 -28.43
CA VAL C 234 7.75 -15.27 -29.01
C VAL C 234 6.83 -16.46 -29.05
N GLY C 235 5.61 -16.27 -28.64
CA GLY C 235 4.63 -17.40 -28.63
C GLY C 235 4.61 -18.14 -27.26
N GLU C 236 5.51 -17.84 -26.36
CA GLU C 236 5.53 -18.52 -25.05
C GLU C 236 4.69 -17.74 -24.04
N LYS C 237 4.03 -18.44 -23.18
CA LYS C 237 3.18 -17.80 -22.15
C LYS C 237 3.94 -17.91 -20.86
N VAL C 238 4.04 -16.86 -20.14
CA VAL C 238 4.83 -16.90 -18.90
C VAL C 238 4.10 -16.23 -17.76
N LEU C 239 4.11 -16.86 -16.63
CA LEU C 239 3.45 -16.29 -15.43
C LEU C 239 4.53 -15.72 -14.52
N ILE C 240 4.44 -14.46 -14.18
CA ILE C 240 5.46 -13.82 -13.33
C ILE C 240 4.85 -13.45 -11.97
N VAL C 241 5.13 -14.25 -10.98
CA VAL C 241 4.62 -13.97 -9.62
C VAL C 241 5.54 -12.96 -8.97
N HIS C 242 4.98 -12.04 -8.28
CA HIS C 242 5.80 -10.99 -7.65
C HIS C 242 5.27 -10.74 -6.25
N SER C 243 6.14 -10.59 -5.32
CA SER C 243 5.68 -10.36 -3.92
C SER C 243 6.49 -9.26 -3.23
N GLN C 244 5.83 -8.55 -2.35
CA GLN C 244 6.45 -7.46 -1.55
C GLN C 244 5.85 -7.58 -0.14
N ALA C 245 6.63 -8.04 0.80
CA ALA C 245 6.12 -8.27 2.18
C ALA C 245 6.60 -7.16 3.11
N ASN C 246 6.45 -5.98 2.65
CA ASN C 246 6.85 -4.77 3.43
C ASN C 246 6.86 -3.50 2.54
N ARG C 247 5.99 -3.38 1.54
CA ARG C 247 6.02 -2.14 0.72
C ARG C 247 5.14 -2.30 -0.51
N ASP C 248 4.40 -1.29 -0.88
CA ASP C 248 3.53 -1.42 -2.10
C ASP C 248 4.36 -1.17 -3.40
N THR C 249 4.19 -2.01 -4.41
CA THR C 249 4.92 -1.81 -5.69
C THR C 249 3.90 -1.73 -6.83
N ARG C 250 4.37 -1.53 -8.01
CA ARG C 250 3.48 -1.44 -9.21
C ARG C 250 4.23 -1.99 -10.42
N PRO C 251 4.15 -3.28 -10.60
CA PRO C 251 4.85 -4.01 -11.69
C PRO C 251 4.49 -3.50 -13.09
N HIS C 252 5.42 -3.57 -13.98
CA HIS C 252 5.18 -3.13 -15.39
C HIS C 252 6.25 -3.72 -16.35
N LEU C 253 5.82 -4.54 -17.29
CA LEU C 253 6.75 -5.13 -18.29
C LEU C 253 6.90 -4.15 -19.45
N ILE C 254 8.04 -3.56 -19.55
CA ILE C 254 8.34 -2.57 -20.60
C ILE C 254 8.31 -3.27 -21.93
N GLY C 255 7.53 -2.76 -22.81
CA GLY C 255 7.43 -3.41 -24.15
C GLY C 255 6.28 -4.44 -24.16
N GLY C 256 5.76 -4.83 -23.02
CA GLY C 256 4.66 -5.83 -23.01
C GLY C 256 3.57 -5.39 -22.05
N HIS C 257 2.78 -6.31 -21.59
CA HIS C 257 1.68 -5.96 -20.66
C HIS C 257 1.20 -7.23 -19.94
N GLY C 258 0.40 -7.06 -18.93
CA GLY C 258 -0.12 -8.23 -18.18
C GLY C 258 -1.44 -8.64 -18.80
N ASP C 259 -1.41 -9.60 -19.66
CA ASP C 259 -2.66 -10.03 -20.34
C ASP C 259 -3.72 -10.27 -19.28
N TYR C 260 -3.41 -11.12 -18.37
CA TYR C 260 -4.34 -11.42 -17.25
C TYR C 260 -3.56 -11.21 -15.96
N VAL C 261 -4.03 -10.39 -15.06
CA VAL C 261 -3.22 -10.15 -13.83
C VAL C 261 -4.06 -10.24 -12.56
N TRP C 262 -3.85 -11.26 -11.79
CA TRP C 262 -4.57 -11.38 -10.49
C TRP C 262 -3.83 -10.46 -9.55
N ALA C 263 -4.18 -9.21 -9.58
CA ALA C 263 -3.45 -8.18 -8.80
C ALA C 263 -3.49 -8.53 -7.33
N THR C 264 -4.61 -8.93 -6.89
CA THR C 264 -4.77 -9.29 -5.45
C THR C 264 -4.07 -10.63 -5.15
N GLY C 265 -3.60 -11.31 -6.16
CA GLY C 265 -2.92 -12.63 -5.89
C GLY C 265 -3.94 -13.70 -5.39
N LYS C 266 -5.18 -13.60 -5.79
CA LYS C 266 -6.20 -14.59 -5.37
C LYS C 266 -6.84 -15.12 -6.66
N PHE C 267 -6.81 -16.39 -6.85
CA PHE C 267 -7.36 -16.98 -8.12
C PHE C 267 -8.89 -16.81 -8.18
N ASN C 268 -9.56 -16.97 -7.09
CA ASN C 268 -11.04 -16.85 -7.08
C ASN C 268 -11.43 -15.48 -7.59
N THR C 269 -10.63 -14.50 -7.31
CA THR C 269 -10.95 -13.13 -7.77
C THR C 269 -10.56 -13.00 -9.25
N PRO C 270 -11.52 -12.75 -10.10
CA PRO C 270 -11.27 -12.61 -11.57
C PRO C 270 -10.02 -11.77 -11.87
N PRO C 271 -9.19 -12.18 -12.81
CA PRO C 271 -7.94 -11.42 -13.14
C PRO C 271 -8.15 -10.20 -14.08
N ASP C 272 -7.74 -9.00 -13.69
CA ASP C 272 -7.90 -7.86 -14.61
C ASP C 272 -7.29 -8.27 -15.95
N VAL C 273 -7.49 -7.52 -16.98
CA VAL C 273 -6.91 -7.93 -18.30
C VAL C 273 -6.38 -6.70 -19.07
N ASP C 274 -5.38 -6.91 -19.89
CA ASP C 274 -4.82 -5.81 -20.70
C ASP C 274 -4.28 -4.79 -19.73
N GLN C 275 -3.44 -5.22 -18.85
CA GLN C 275 -2.92 -4.24 -17.83
C GLN C 275 -1.53 -3.69 -18.19
N GLU C 276 -1.37 -2.37 -18.22
CA GLU C 276 -0.02 -1.78 -18.49
C GLU C 276 0.83 -1.79 -17.20
N THR C 277 0.24 -1.48 -16.06
CA THR C 277 0.97 -1.45 -14.78
C THR C 277 -0.02 -1.87 -13.69
N TRP C 278 0.31 -2.85 -12.93
CA TRP C 278 -0.63 -3.33 -11.89
C TRP C 278 -0.31 -2.70 -10.55
N PHE C 279 -0.79 -3.28 -9.48
CA PHE C 279 -0.52 -2.72 -8.14
C PHE C 279 -0.63 -3.81 -7.07
N ILE C 280 0.45 -4.07 -6.37
CA ILE C 280 0.44 -5.10 -5.30
C ILE C 280 0.79 -4.39 -4.00
N PRO C 281 -0.12 -4.39 -3.07
CA PRO C 281 0.06 -3.70 -1.75
C PRO C 281 1.01 -4.43 -0.79
N GLY C 282 1.91 -3.70 -0.18
CA GLY C 282 2.83 -4.32 0.79
C GLY C 282 2.07 -5.40 1.54
N GLY C 283 2.72 -6.47 1.82
CA GLY C 283 2.06 -7.60 2.52
C GLY C 283 1.23 -8.42 1.53
N ALA C 284 1.61 -8.50 0.27
CA ALA C 284 0.76 -9.31 -0.67
C ALA C 284 1.52 -9.69 -1.95
N ALA C 285 1.27 -10.86 -2.48
CA ALA C 285 1.94 -11.27 -3.76
C ALA C 285 0.89 -11.45 -4.87
N GLY C 286 1.15 -10.97 -6.06
CA GLY C 286 0.16 -11.11 -7.16
C GLY C 286 0.75 -12.00 -8.26
N ALA C 287 0.15 -11.97 -9.42
CA ALA C 287 0.65 -12.80 -10.55
C ALA C 287 0.13 -12.23 -11.87
N ALA C 288 0.97 -12.20 -12.87
CA ALA C 288 0.56 -11.67 -14.20
C ALA C 288 0.98 -12.67 -15.27
N PHE C 289 0.09 -12.96 -16.17
CA PHE C 289 0.41 -13.94 -17.24
C PHE C 289 0.40 -13.21 -18.57
N TYR C 290 1.38 -13.41 -19.37
CA TYR C 290 1.43 -12.70 -20.67
C TYR C 290 2.12 -13.55 -21.73
N THR C 291 1.61 -13.51 -22.92
CA THR C 291 2.20 -14.27 -24.04
C THR C 291 3.06 -13.32 -24.85
N PHE C 292 4.33 -13.59 -24.92
CA PHE C 292 5.25 -12.70 -25.67
C PHE C 292 4.94 -12.72 -27.16
N GLN C 293 4.96 -11.57 -27.78
CA GLN C 293 4.69 -11.49 -29.24
C GLN C 293 5.88 -10.86 -30.00
N GLN C 294 6.82 -10.25 -29.31
CA GLN C 294 7.98 -9.63 -30.02
C GLN C 294 9.28 -10.00 -29.32
N PRO C 295 10.31 -10.26 -30.09
CA PRO C 295 11.65 -10.64 -29.57
C PRO C 295 12.50 -9.43 -29.22
N GLY C 296 13.41 -9.57 -28.30
CA GLY C 296 14.26 -8.42 -27.92
C GLY C 296 14.43 -8.41 -26.40
N ILE C 297 14.97 -7.35 -25.88
CA ILE C 297 15.17 -7.26 -24.40
C ILE C 297 14.10 -6.34 -23.80
N TYR C 298 13.39 -6.82 -22.82
CA TYR C 298 12.33 -6.01 -22.17
C TYR C 298 12.65 -5.88 -20.68
N ALA C 299 12.46 -4.73 -20.13
CA ALA C 299 12.75 -4.52 -18.69
C ALA C 299 11.47 -4.67 -17.92
N TYR C 300 11.54 -5.22 -16.75
CA TYR C 300 10.29 -5.42 -15.98
C TYR C 300 10.53 -4.79 -14.64
N VAL C 301 9.83 -3.77 -14.28
CA VAL C 301 10.20 -3.19 -12.97
C VAL C 301 9.10 -2.37 -12.34
N ASN C 302 9.35 -1.98 -11.13
CA ASN C 302 8.39 -1.17 -10.37
C ASN C 302 8.27 0.13 -11.12
N HIS C 303 7.10 0.52 -11.45
CA HIS C 303 6.98 1.77 -12.26
C HIS C 303 7.62 2.90 -11.48
N ASN C 304 7.30 3.09 -10.23
CA ASN C 304 8.04 4.19 -9.56
C ASN C 304 9.41 4.31 -10.30
N LEU C 305 9.47 5.10 -11.36
CA LEU C 305 10.71 5.20 -12.18
C LEU C 305 11.91 5.38 -11.27
N ILE C 306 11.75 6.21 -10.31
CA ILE C 306 12.87 6.46 -9.36
C ILE C 306 13.22 5.15 -8.68
N GLU C 307 12.23 4.51 -8.13
CA GLU C 307 12.48 3.19 -7.47
C GLU C 307 13.06 2.16 -8.48
N ALA C 308 12.67 2.21 -9.74
CA ALA C 308 13.20 1.22 -10.73
C ALA C 308 14.58 1.61 -11.35
N PHE C 309 14.95 2.87 -11.43
CA PHE C 309 16.26 3.19 -12.07
C PHE C 309 17.24 3.75 -11.06
N GLU C 310 16.75 4.52 -10.14
CA GLU C 310 17.66 5.12 -9.12
C GLU C 310 17.82 4.21 -7.88
N LEU C 311 16.85 3.39 -7.54
CA LEU C 311 17.01 2.54 -6.33
C LEU C 311 17.53 1.17 -6.73
N GLY C 312 16.95 0.59 -7.74
CA GLY C 312 17.40 -0.76 -8.20
C GLY C 312 16.20 -1.74 -8.41
N ALA C 313 15.00 -1.28 -8.72
CA ALA C 313 13.88 -2.24 -8.95
C ALA C 313 13.68 -2.46 -10.45
N ALA C 314 14.62 -3.07 -11.14
CA ALA C 314 14.44 -3.30 -12.60
C ALA C 314 15.19 -4.55 -13.06
N ALA C 315 14.49 -5.51 -13.63
CA ALA C 315 15.16 -6.74 -14.12
C ALA C 315 15.01 -6.75 -15.63
N HIS C 316 15.46 -7.75 -16.30
CA HIS C 316 15.29 -7.73 -17.79
C HIS C 316 15.06 -9.13 -18.39
N PHE C 317 14.06 -9.27 -19.26
CA PHE C 317 13.83 -10.59 -19.93
C PHE C 317 14.31 -10.55 -21.41
N LYS C 318 15.10 -11.52 -21.83
CA LYS C 318 15.61 -11.59 -23.20
C LYS C 318 14.72 -12.57 -23.91
N VAL C 319 14.19 -12.19 -25.01
CA VAL C 319 13.25 -13.07 -25.71
C VAL C 319 13.73 -13.28 -27.11
N THR C 320 13.60 -14.47 -27.56
CA THR C 320 14.06 -14.79 -28.95
C THR C 320 12.86 -15.03 -29.84
N GLY C 321 13.03 -14.91 -31.13
CA GLY C 321 11.87 -15.14 -32.06
C GLY C 321 11.98 -14.21 -33.28
N GLU C 322 10.89 -14.02 -33.97
CA GLU C 322 10.90 -13.14 -35.17
C GLU C 322 10.09 -11.89 -34.84
N TRP C 323 10.54 -10.77 -35.31
CA TRP C 323 9.84 -9.50 -35.04
C TRP C 323 8.56 -9.46 -35.86
N ASN C 324 7.58 -8.79 -35.34
CA ASN C 324 6.27 -8.67 -36.04
C ASN C 324 6.04 -7.20 -36.36
N ASP C 325 6.17 -6.84 -37.60
CA ASP C 325 6.00 -5.42 -37.99
C ASP C 325 4.55 -5.00 -37.78
N ASP C 326 3.64 -5.87 -38.10
CA ASP C 326 2.20 -5.53 -37.93
C ASP C 326 2.01 -4.85 -36.57
N LEU C 327 2.50 -5.45 -35.53
CA LEU C 327 2.38 -4.86 -34.17
C LEU C 327 3.17 -3.55 -34.08
N MET C 328 4.38 -3.49 -34.59
CA MET C 328 5.14 -2.21 -34.47
C MET C 328 6.25 -2.16 -35.50
N THR C 329 6.39 -1.06 -36.16
CA THR C 329 7.46 -0.95 -37.19
C THR C 329 7.98 0.50 -37.26
N SER C 330 9.28 0.68 -37.36
CA SER C 330 9.84 2.06 -37.46
C SER C 330 9.78 2.51 -38.91
N VAL C 331 8.74 3.22 -39.27
CA VAL C 331 8.60 3.67 -40.68
C VAL C 331 9.82 4.50 -41.06
N LEU C 332 10.17 5.41 -40.22
CA LEU C 332 11.36 6.26 -40.50
C LEU C 332 12.32 6.22 -39.31
N ALA C 333 13.42 5.52 -39.44
CA ALA C 333 14.39 5.43 -38.31
C ALA C 333 14.94 6.83 -38.02
N PRO C 334 15.38 7.04 -36.81
CA PRO C 334 15.93 8.34 -36.37
C PRO C 334 16.94 8.90 -37.38
N SER C 335 16.69 10.05 -37.92
CA SER C 335 17.65 10.63 -38.91
C SER C 335 17.71 12.14 -38.74
N GLY C 336 18.24 12.83 -39.70
CA GLY C 336 18.33 14.31 -39.61
C GLY C 336 17.03 14.93 -40.10
N GLU D 1 21.37 -0.19 47.73
CA GLU D 1 21.15 0.86 46.74
C GLU D 1 20.39 0.33 45.52
N ASN D 2 20.16 1.21 44.56
CA ASN D 2 19.33 0.90 43.41
C ASN D 2 20.16 0.93 42.13
N ILE D 3 19.83 -0.01 41.23
CA ILE D 3 20.52 -0.06 39.94
C ILE D 3 19.44 -0.02 38.86
N GLU D 4 19.57 0.95 37.96
CA GLU D 4 18.55 1.10 36.92
C GLU D 4 18.97 0.39 35.63
N VAL D 5 18.04 -0.36 35.08
CA VAL D 5 18.30 -1.14 33.85
C VAL D 5 17.26 -0.75 32.82
N HIS D 6 17.66 -0.53 31.56
CA HIS D 6 16.67 -0.20 30.53
C HIS D 6 16.48 -1.40 29.59
N MET D 7 15.25 -1.54 29.13
CA MET D 7 14.88 -2.55 28.12
C MET D 7 14.69 -1.81 26.80
N LEU D 8 15.45 -2.22 25.80
CA LEU D 8 15.43 -1.54 24.51
C LEU D 8 15.29 -2.49 23.33
N ASN D 9 14.72 -1.97 22.25
CA ASN D 9 14.62 -2.73 21.01
C ASN D 9 15.98 -2.81 20.34
N LYS D 10 16.82 -1.80 20.59
CA LYS D 10 18.14 -1.80 19.95
C LYS D 10 19.13 -1.07 20.85
N GLY D 11 20.31 -1.63 21.03
CA GLY D 11 21.30 -0.97 21.90
C GLY D 11 22.68 -1.36 21.41
N ALA D 12 23.67 -1.26 22.28
CA ALA D 12 25.04 -1.53 21.89
C ALA D 12 25.27 -2.93 21.36
N GLU D 13 24.66 -3.94 21.98
CA GLU D 13 24.96 -5.29 21.51
C GLU D 13 24.07 -5.76 20.37
N GLY D 14 23.14 -4.95 19.91
CA GLY D 14 22.26 -5.39 18.83
C GLY D 14 20.81 -5.17 19.19
N ALA D 15 19.92 -6.00 18.64
CA ALA D 15 18.50 -5.89 18.89
C ALA D 15 18.13 -6.61 20.20
N MET D 16 17.09 -6.09 20.84
CA MET D 16 16.42 -6.64 22.01
C MET D 16 17.38 -6.84 23.18
N VAL D 17 17.65 -5.77 23.91
CA VAL D 17 18.67 -5.90 24.96
C VAL D 17 18.28 -5.22 26.28
N PHE D 18 18.98 -5.69 27.32
CA PHE D 18 18.88 -5.06 28.65
C PHE D 18 20.18 -4.23 28.73
N GLU D 19 20.12 -3.01 29.22
CA GLU D 19 21.35 -2.20 29.39
C GLU D 19 21.34 -1.63 30.81
N PRO D 20 22.27 -1.99 31.66
CA PRO D 20 23.36 -2.92 31.42
C PRO D 20 22.89 -4.38 31.42
N ALA D 21 23.69 -5.30 30.89
CA ALA D 21 23.23 -6.69 30.88
C ALA D 21 23.96 -7.46 31.98
N TYR D 22 24.88 -6.76 32.64
CA TYR D 22 25.61 -7.37 33.74
C TYR D 22 25.37 -6.46 34.94
N ILE D 23 24.75 -6.98 35.99
CA ILE D 23 24.38 -6.15 37.13
C ILE D 23 25.00 -6.73 38.40
N LYS D 24 25.81 -5.88 39.03
CA LYS D 24 26.49 -6.32 40.26
C LYS D 24 25.74 -5.76 41.46
N ALA D 25 25.33 -6.61 42.40
CA ALA D 25 24.55 -6.05 43.49
C ALA D 25 24.81 -6.77 44.80
N ASN D 26 24.28 -6.27 45.90
CA ASN D 26 24.43 -6.94 47.19
C ASN D 26 23.06 -7.23 47.80
N PRO D 27 22.95 -8.16 48.74
CA PRO D 27 21.65 -8.47 49.36
C PRO D 27 20.98 -7.23 49.92
N GLY D 28 19.71 -6.98 49.62
CA GLY D 28 19.01 -5.79 50.05
C GLY D 28 18.98 -4.72 48.97
N ASP D 29 19.80 -4.81 47.92
CA ASP D 29 19.74 -3.81 46.84
C ASP D 29 18.49 -3.99 46.00
N THR D 30 18.14 -2.96 45.22
CA THR D 30 17.02 -3.12 44.31
C THR D 30 17.55 -2.90 42.87
N VAL D 31 16.88 -3.56 41.96
CA VAL D 31 17.14 -3.45 40.53
C VAL D 31 15.82 -2.97 39.91
N THR D 32 15.88 -1.79 39.30
CA THR D 32 14.69 -1.23 38.67
C THR D 32 14.79 -1.36 37.15
N PHE D 33 13.83 -2.09 36.59
CA PHE D 33 13.78 -2.38 35.16
C PHE D 33 12.81 -1.43 34.49
N ILE D 34 13.31 -0.64 33.54
CA ILE D 34 12.48 0.38 32.88
C ILE D 34 12.32 0.10 31.41
N PRO D 35 11.13 -0.25 30.95
CA PRO D 35 10.98 -0.47 29.50
C PRO D 35 10.94 0.86 28.76
N VAL D 36 12.06 1.23 28.16
CA VAL D 36 12.15 2.46 27.37
C VAL D 36 11.40 2.30 26.07
N ASP D 37 11.46 1.11 25.50
CA ASP D 37 10.63 0.80 24.34
C ASP D 37 9.51 -0.13 24.79
N LYS D 38 8.42 -0.23 24.04
CA LYS D 38 7.36 -1.14 24.47
C LYS D 38 7.64 -2.58 24.01
N GLY D 39 6.98 -3.54 24.64
CA GLY D 39 7.06 -4.92 24.25
C GLY D 39 7.98 -5.77 25.13
N HIS D 40 8.45 -5.23 26.25
CA HIS D 40 9.40 -5.99 27.06
C HIS D 40 8.94 -6.21 28.50
N ASN D 41 9.48 -7.24 29.16
CA ASN D 41 9.19 -7.55 30.56
C ASN D 41 10.46 -8.21 31.12
N VAL D 42 10.39 -8.73 32.32
CA VAL D 42 11.54 -9.43 32.91
C VAL D 42 10.98 -10.62 33.70
N GLU D 43 11.65 -11.75 33.58
CA GLU D 43 11.20 -13.00 34.18
C GLU D 43 12.42 -13.83 34.59
N SER D 44 12.42 -14.40 35.78
CA SER D 44 13.58 -15.21 36.16
C SER D 44 13.51 -16.51 35.37
N ILE D 45 14.67 -17.08 35.03
CA ILE D 45 14.69 -18.31 34.25
C ILE D 45 14.76 -19.53 35.19
N LYS D 46 13.93 -20.51 34.94
CA LYS D 46 13.90 -21.74 35.79
C LYS D 46 15.29 -22.38 35.95
N ASP D 47 15.64 -22.62 37.18
CA ASP D 47 16.90 -23.24 37.55
C ASP D 47 18.11 -22.40 37.25
N MET D 48 17.89 -21.10 37.00
CA MET D 48 19.04 -20.20 36.80
C MET D 48 18.94 -19.02 37.75
N ILE D 49 18.44 -19.28 38.95
CA ILE D 49 18.45 -18.35 40.07
C ILE D 49 18.90 -19.16 41.29
N PRO D 50 19.40 -18.50 42.31
CA PRO D 50 19.94 -19.26 43.44
C PRO D 50 18.88 -20.06 44.21
N GLU D 51 19.35 -21.13 44.81
CA GLU D 51 18.62 -22.08 45.60
C GLU D 51 17.37 -21.62 46.33
N GLY D 52 17.41 -20.60 47.19
CA GLY D 52 16.22 -20.20 47.93
C GLY D 52 15.56 -18.90 47.53
N ALA D 53 15.83 -18.49 46.29
CA ALA D 53 15.26 -17.19 45.86
C ALA D 53 13.89 -17.44 45.26
N GLU D 54 13.01 -16.46 45.29
CA GLU D 54 11.69 -16.63 44.69
C GLU D 54 11.71 -16.34 43.19
N LYS D 55 10.91 -17.05 42.42
CA LYS D 55 10.79 -16.79 40.99
C LYS D 55 10.02 -15.49 40.80
N PHE D 56 10.19 -14.80 39.66
CA PHE D 56 9.50 -13.54 39.46
C PHE D 56 9.19 -13.31 37.99
N LYS D 57 8.13 -12.56 37.74
CA LYS D 57 7.75 -12.27 36.36
C LYS D 57 6.97 -10.97 36.32
N SER D 58 7.46 -10.01 35.55
CA SER D 58 6.75 -8.73 35.51
C SER D 58 5.76 -8.66 34.38
N LYS D 59 4.85 -7.67 34.34
CA LYS D 59 3.96 -7.57 33.18
C LYS D 59 4.66 -6.79 32.07
N ILE D 60 4.30 -7.05 30.81
CA ILE D 60 4.93 -6.34 29.70
C ILE D 60 4.65 -4.85 29.78
N ASN D 61 5.65 -4.02 29.54
CA ASN D 61 5.57 -2.58 29.54
C ASN D 61 5.57 -1.89 30.90
N GLU D 62 5.54 -2.66 31.99
CA GLU D 62 5.59 -2.08 33.34
C GLU D 62 7.02 -1.94 33.87
N ASN D 63 7.16 -0.88 34.67
CA ASN D 63 8.40 -0.61 35.40
C ASN D 63 8.39 -1.64 36.52
N TYR D 64 9.47 -2.38 36.73
CA TYR D 64 9.43 -3.38 37.79
C TYR D 64 10.61 -3.22 38.72
N VAL D 65 10.35 -3.27 40.03
CA VAL D 65 11.45 -3.14 40.96
C VAL D 65 11.72 -4.51 41.62
N LEU D 66 12.89 -5.06 41.36
CA LEU D 66 13.26 -6.34 41.96
C LEU D 66 14.08 -6.12 43.21
N THR D 67 13.72 -6.72 44.34
CA THR D 67 14.61 -6.67 45.50
C THR D 67 15.41 -7.97 45.54
N VAL D 68 16.73 -7.87 45.65
CA VAL D 68 17.51 -9.10 45.65
C VAL D 68 18.00 -9.40 47.07
N THR D 69 17.77 -10.64 47.48
CA THR D 69 18.13 -11.09 48.84
C THR D 69 19.22 -12.14 48.80
N GLN D 70 18.94 -13.27 48.18
CA GLN D 70 19.93 -14.37 48.16
C GLN D 70 21.13 -14.11 47.27
N PRO D 71 22.32 -14.39 47.78
CA PRO D 71 23.56 -14.25 47.02
C PRO D 71 23.60 -15.34 45.93
N GLY D 72 24.36 -15.07 44.89
CA GLY D 72 24.41 -16.01 43.78
C GLY D 72 24.12 -15.27 42.47
N ALA D 73 24.14 -16.03 41.39
CA ALA D 73 23.88 -15.44 40.06
C ALA D 73 22.43 -15.75 39.67
N TYR D 74 21.87 -14.82 38.92
CA TYR D 74 20.50 -14.89 38.44
C TYR D 74 20.57 -14.55 36.93
N LEU D 75 19.99 -15.44 36.12
CA LEU D 75 19.88 -15.06 34.69
C LEU D 75 18.42 -14.73 34.49
N VAL D 76 18.15 -13.53 33.98
CA VAL D 76 16.75 -13.17 33.74
C VAL D 76 16.58 -12.96 32.23
N LYS D 77 15.34 -13.13 31.79
CA LYS D 77 15.10 -12.94 30.37
C LYS D 77 13.94 -11.97 30.20
N CYS D 78 13.76 -11.53 28.97
CA CYS D 78 12.53 -10.86 28.56
C CYS D 78 11.68 -12.01 28.00
N THR D 79 10.45 -12.19 28.44
CA THR D 79 9.65 -13.35 28.01
C THR D 79 9.47 -13.37 26.50
N PRO D 80 9.00 -12.31 25.87
CA PRO D 80 8.84 -12.39 24.41
C PRO D 80 10.15 -12.45 23.67
N HIS D 81 11.24 -11.80 24.11
CA HIS D 81 12.42 -11.82 23.26
C HIS D 81 13.59 -12.67 23.73
N TYR D 82 13.34 -13.60 24.63
CA TYR D 82 14.38 -14.49 25.10
C TYR D 82 15.07 -15.22 23.95
N ALA D 83 14.27 -15.73 23.01
CA ALA D 83 14.91 -16.43 21.88
C ALA D 83 15.75 -15.53 21.00
N MET D 84 15.60 -14.22 21.06
CA MET D 84 16.41 -13.28 20.31
C MET D 84 17.58 -12.77 21.12
N GLY D 85 17.81 -13.35 22.29
CA GLY D 85 18.98 -13.04 23.09
C GLY D 85 18.76 -12.06 24.22
N MET D 86 17.53 -11.66 24.51
CA MET D 86 17.37 -10.59 25.51
C MET D 86 17.48 -11.12 26.93
N ILE D 87 18.67 -11.01 27.51
CA ILE D 87 18.87 -11.53 28.89
C ILE D 87 19.74 -10.58 29.68
N ALA D 88 19.79 -10.75 30.99
CA ALA D 88 20.73 -10.00 31.81
C ALA D 88 21.17 -10.98 32.92
N LEU D 89 22.38 -10.75 33.42
CA LEU D 89 22.92 -11.57 34.51
C LEU D 89 23.05 -10.65 35.72
N ILE D 90 22.45 -11.06 36.84
CA ILE D 90 22.59 -10.30 38.07
C ILE D 90 23.50 -11.12 38.99
N ALA D 91 24.58 -10.52 39.48
CA ALA D 91 25.50 -11.22 40.37
C ALA D 91 25.38 -10.57 41.76
N VAL D 92 24.90 -11.35 42.71
CA VAL D 92 24.71 -10.90 44.09
C VAL D 92 25.80 -11.45 44.99
N GLY D 93 26.63 -10.57 45.53
CA GLY D 93 27.71 -10.98 46.42
C GLY D 93 28.93 -11.40 45.61
N ASP D 94 30.03 -11.81 46.24
CA ASP D 94 31.18 -12.19 45.40
C ASP D 94 31.18 -13.70 45.10
N SER D 95 31.91 -14.09 44.08
CA SER D 95 32.07 -15.41 43.50
C SER D 95 30.84 -16.28 43.64
N PRO D 96 29.82 -15.92 42.87
CA PRO D 96 28.51 -16.58 42.95
C PRO D 96 28.67 -18.11 42.73
N ALA D 97 28.17 -18.88 43.68
CA ALA D 97 28.38 -20.32 43.67
C ALA D 97 27.81 -20.98 42.41
N ASN D 98 26.71 -20.42 41.88
CA ASN D 98 26.03 -21.07 40.77
C ASN D 98 26.35 -20.54 39.40
N LEU D 99 27.33 -19.65 39.23
CA LEU D 99 27.67 -19.05 37.95
C LEU D 99 28.10 -20.06 36.89
N ASP D 100 29.02 -20.98 37.18
CA ASP D 100 29.47 -21.97 36.19
C ASP D 100 28.32 -22.87 35.77
N GLN D 101 27.44 -23.19 36.70
CA GLN D 101 26.27 -24.01 36.40
C GLN D 101 25.41 -23.25 35.39
N ILE D 102 25.19 -21.94 35.63
CA ILE D 102 24.35 -21.21 34.67
C ILE D 102 25.00 -21.09 33.32
N VAL D 103 26.32 -20.94 33.29
CA VAL D 103 26.98 -20.81 31.98
C VAL D 103 26.87 -22.12 31.20
N SER D 104 26.90 -23.25 31.91
CA SER D 104 26.80 -24.53 31.21
C SER D 104 25.36 -24.91 30.87
N ALA D 105 24.33 -24.34 31.51
CA ALA D 105 22.96 -24.82 31.28
C ALA D 105 22.49 -24.68 29.84
N LYS D 106 21.50 -25.51 29.49
CA LYS D 106 20.96 -25.45 28.15
C LYS D 106 20.18 -24.15 27.92
N LYS D 107 20.47 -23.48 26.80
CA LYS D 107 19.76 -22.25 26.45
C LYS D 107 19.98 -21.96 24.97
N PRO D 108 19.21 -21.05 24.37
CA PRO D 108 19.39 -20.72 22.96
C PRO D 108 20.81 -20.26 22.66
N LYS D 109 21.27 -20.62 21.46
CA LYS D 109 22.64 -20.28 21.05
C LYS D 109 22.91 -18.80 21.13
N ILE D 110 21.92 -18.00 20.70
CA ILE D 110 22.14 -16.55 20.72
C ILE D 110 22.24 -16.06 22.16
N VAL D 111 21.43 -16.66 23.02
CA VAL D 111 21.54 -16.31 24.46
C VAL D 111 22.93 -16.60 24.99
N GLN D 112 23.40 -17.83 24.71
CA GLN D 112 24.73 -18.27 25.17
C GLN D 112 25.82 -17.32 24.71
N GLU D 113 25.76 -16.89 23.45
CA GLU D 113 26.77 -15.97 22.94
C GLU D 113 26.73 -14.63 23.66
N ARG D 114 25.53 -14.11 23.96
CA ARG D 114 25.53 -12.83 24.69
C ARG D 114 25.98 -12.95 26.13
N LEU D 115 25.59 -14.06 26.77
CA LEU D 115 25.98 -14.36 28.15
C LEU D 115 27.50 -14.39 28.24
N GLU D 116 28.13 -15.10 27.29
CA GLU D 116 29.58 -15.23 27.30
C GLU D 116 30.27 -13.88 27.15
N LYS D 117 29.66 -13.04 26.33
CA LYS D 117 30.22 -11.72 26.14
C LYS D 117 30.10 -10.89 27.41
N VAL D 118 28.90 -10.87 28.00
CA VAL D 118 28.71 -10.10 29.22
C VAL D 118 29.61 -10.55 30.36
N ILE D 119 29.87 -11.85 30.48
CA ILE D 119 30.74 -12.27 31.57
C ILE D 119 32.17 -11.86 31.30
N ALA D 120 32.54 -11.80 30.03
CA ALA D 120 33.91 -11.41 29.66
C ALA D 120 34.06 -9.89 29.67
N SER D 121 33.25 -9.28 28.83
CA SER D 121 33.07 -7.90 28.45
C SER D 121 31.78 -7.28 28.97
N ALA D 122 31.70 -7.13 30.28
CA ALA D 122 30.57 -6.52 30.97
C ALA D 122 30.73 -6.68 32.48
N LYS D 123 31.60 -7.60 32.87
CA LYS D 123 31.86 -7.93 34.27
C LYS D 123 32.43 -6.74 35.06
CU CU E . -12.39 20.89 11.44
CU CU F . -12.42 13.59 0.92
GD GD G . -10.19 4.45 25.63
GD GD H . -18.45 -10.20 24.90
GD GD I . -0.15 -31.42 21.44
CU CU J . 13.19 12.78 -22.92
CU CU K . 6.24 3.17 -18.25
GD GD L . -1.43 27.45 -19.96
GD GD M . -20.82 28.25 -21.95
GD GD N . -33.45 28.55 1.67
CU CU O . 13.46 -13.79 11.37
CU CU P . 2.14 -10.38 6.66
GD GD Q . 22.96 -14.51 -5.99
GD GD R . 17.07 -22.12 -22.00
GD GD S . 14.19 -2.23 -42.19
CU CU T . 11.88 -7.80 25.23
N THR A 2 -42.01 13.15 -4.76
CA THR A 2 -42.43 14.59 -4.75
C THR A 2 -42.08 15.24 -3.40
N ALA A 3 -42.38 16.50 -3.23
CA ALA A 3 -42.06 17.18 -1.94
C ALA A 3 -42.91 16.59 -0.81
N ALA A 4 -44.18 16.37 -1.03
CA ALA A 4 -45.04 15.81 0.05
C ALA A 4 -44.52 14.43 0.46
N GLU A 5 -44.10 13.65 -0.50
CA GLU A 5 -43.58 12.29 -0.16
C GLU A 5 -42.33 12.41 0.72
N ILE A 6 -41.42 13.28 0.37
CA ILE A 6 -40.18 13.43 1.19
C ILE A 6 -40.54 13.93 2.59
N ALA A 7 -41.45 14.87 2.68
CA ALA A 7 -41.85 15.40 4.02
C ALA A 7 -42.65 14.35 4.83
N ALA A 8 -43.25 13.38 4.20
CA ALA A 8 -44.04 12.36 4.96
C ALA A 8 -43.16 11.18 5.43
N LEU A 9 -41.93 11.09 4.99
CA LEU A 9 -41.07 9.95 5.44
C LEU A 9 -40.83 10.04 6.96
N PRO A 10 -40.86 8.92 7.65
CA PRO A 10 -40.63 8.89 9.13
C PRO A 10 -39.21 9.32 9.55
N ARG A 11 -39.09 10.18 10.53
CA ARG A 11 -37.77 10.64 11.00
C ARG A 11 -37.45 9.84 12.27
N GLN A 12 -36.26 9.35 12.37
CA GLN A 12 -35.90 8.54 13.57
C GLN A 12 -34.52 8.95 14.07
N LYS A 13 -34.44 9.30 15.30
CA LYS A 13 -33.14 9.72 15.88
C LYS A 13 -32.41 8.47 16.36
N VAL A 14 -31.12 8.47 16.24
CA VAL A 14 -30.32 7.30 16.68
C VAL A 14 -29.15 7.77 17.55
N GLU A 15 -28.93 7.09 18.63
CA GLU A 15 -27.84 7.45 19.55
C GLU A 15 -26.58 6.81 19.00
N LEU A 16 -25.53 7.56 18.95
CA LEU A 16 -24.27 6.99 18.38
C LEU A 16 -23.32 6.49 19.47
N VAL A 17 -22.51 5.50 19.18
CA VAL A 17 -21.56 5.00 20.18
C VAL A 17 -20.19 5.47 19.75
N ASP A 18 -19.19 5.06 20.43
CA ASP A 18 -17.81 5.49 20.04
C ASP A 18 -17.02 4.30 19.47
N PRO A 19 -16.26 4.52 18.43
CA PRO A 19 -15.44 3.45 17.80
C PRO A 19 -14.67 2.63 18.84
N PRO A 20 -14.35 1.41 18.52
CA PRO A 20 -14.69 0.80 17.20
C PRO A 20 -16.11 0.21 17.17
N PHE A 21 -16.86 0.35 18.23
CA PHE A 21 -18.23 -0.20 18.26
C PHE A 21 -19.11 0.53 17.23
N VAL A 22 -20.29 0.05 17.07
CA VAL A 22 -21.24 0.67 16.12
C VAL A 22 -22.59 0.73 16.82
N HIS A 23 -23.37 1.68 16.48
CA HIS A 23 -24.69 1.84 17.12
C HIS A 23 -25.58 0.64 16.80
N ALA A 24 -26.85 0.76 17.08
CA ALA A 24 -27.78 -0.38 16.80
C ALA A 24 -28.44 -0.17 15.43
N HIS A 25 -28.37 -1.17 14.59
CA HIS A 25 -29.00 -1.06 13.24
C HIS A 25 -29.29 -2.46 12.70
N SER A 26 -30.12 -2.56 11.69
CA SER A 26 -30.44 -3.89 11.11
C SER A 26 -29.82 -3.97 9.71
N GLN A 27 -29.31 -5.11 9.36
CA GLN A 27 -28.68 -5.24 8.01
C GLN A 27 -29.76 -4.96 7.01
N VAL A 28 -30.71 -5.83 6.93
CA VAL A 28 -31.84 -5.59 6.00
C VAL A 28 -32.63 -4.37 6.52
N ALA A 29 -33.00 -3.47 5.66
CA ALA A 29 -33.73 -2.25 6.10
C ALA A 29 -35.09 -2.64 6.67
N GLU A 30 -35.48 -1.99 7.72
CA GLU A 30 -36.80 -2.27 8.35
C GLU A 30 -37.76 -1.13 7.99
N GLY A 31 -38.69 -1.39 7.12
CA GLY A 31 -39.64 -0.32 6.71
C GLY A 31 -39.10 0.31 5.44
N GLY A 32 -39.73 1.35 4.99
CA GLY A 32 -39.26 2.01 3.75
C GLY A 32 -38.21 3.07 4.12
N PRO A 33 -37.94 3.95 3.21
CA PRO A 33 -36.94 5.04 3.41
C PRO A 33 -37.28 5.90 4.63
N LYS A 34 -36.30 6.31 5.37
CA LYS A 34 -36.57 7.16 6.57
C LYS A 34 -35.39 8.13 6.84
N VAL A 35 -35.72 9.34 7.23
CA VAL A 35 -34.71 10.37 7.55
C VAL A 35 -34.11 10.04 8.91
N VAL A 36 -32.90 9.59 8.88
CA VAL A 36 -32.18 9.21 10.10
C VAL A 36 -31.54 10.44 10.63
N GLU A 37 -31.72 10.66 11.87
CA GLU A 37 -31.16 11.88 12.49
C GLU A 37 -30.06 11.54 13.49
N PHE A 38 -28.94 12.18 13.35
CA PHE A 38 -27.80 11.96 14.28
C PHE A 38 -27.21 13.32 14.66
N THR A 39 -26.77 13.50 15.88
CA THR A 39 -26.20 14.81 16.30
C THR A 39 -24.82 14.60 16.90
N MET A 40 -23.85 15.35 16.46
CA MET A 40 -22.48 15.19 17.02
C MET A 40 -21.86 16.56 17.36
N VAL A 41 -21.33 16.68 18.56
CA VAL A 41 -20.69 17.94 18.99
C VAL A 41 -19.21 17.77 18.77
N ILE A 42 -18.58 18.77 18.27
CA ILE A 42 -17.13 18.67 17.98
C ILE A 42 -16.35 19.12 19.20
N GLU A 43 -15.32 18.42 19.54
CA GLU A 43 -14.54 18.82 20.74
C GLU A 43 -13.05 18.94 20.41
N GLU A 44 -12.49 20.12 20.54
CA GLU A 44 -11.03 20.28 20.25
C GLU A 44 -10.27 20.17 21.58
N LYS A 45 -9.52 19.11 21.78
CA LYS A 45 -8.80 18.97 23.05
C LYS A 45 -7.46 18.31 22.81
N LYS A 46 -6.69 18.20 23.83
CA LYS A 46 -5.35 17.56 23.69
C LYS A 46 -5.41 16.10 24.14
N ILE A 47 -5.00 15.20 23.29
CA ILE A 47 -5.01 13.76 23.64
C ILE A 47 -3.60 13.17 23.44
N VAL A 48 -3.23 12.24 24.27
CA VAL A 48 -1.93 11.60 24.19
C VAL A 48 -2.06 10.49 23.19
N ILE A 49 -1.05 10.26 22.46
CA ILE A 49 -1.13 9.20 21.40
C ILE A 49 0.18 8.42 21.31
N ASP A 50 0.81 8.18 22.42
CA ASP A 50 2.10 7.41 22.44
C ASP A 50 2.54 7.17 23.91
N ASP A 51 3.18 6.05 24.20
CA ASP A 51 3.62 5.79 25.61
C ASP A 51 4.60 6.88 26.12
N ALA A 52 5.09 7.77 25.29
CA ALA A 52 6.04 8.82 25.77
C ALA A 52 5.30 10.12 26.12
N GLY A 53 4.00 10.11 26.18
CA GLY A 53 3.24 11.37 26.53
C GLY A 53 3.16 12.36 25.34
N THR A 54 3.32 11.91 24.12
CA THR A 54 3.22 12.84 22.96
C THR A 54 1.78 13.34 22.93
N GLU A 55 1.58 14.56 22.60
CA GLU A 55 0.16 15.06 22.61
C GLU A 55 -0.19 15.75 21.29
N VAL A 56 -1.37 15.51 20.79
CA VAL A 56 -1.81 16.18 19.53
C VAL A 56 -3.19 16.86 19.72
N HIS A 57 -3.26 18.16 19.48
CA HIS A 57 -4.54 18.90 19.62
C HIS A 57 -5.53 18.29 18.65
N ALA A 58 -6.30 17.38 19.14
CA ALA A 58 -7.27 16.66 18.28
C ALA A 58 -8.53 17.48 18.05
N MET A 59 -9.07 17.32 16.88
CA MET A 59 -10.31 18.00 16.48
C MET A 59 -11.20 16.82 16.27
N ALA A 60 -12.16 16.65 17.10
CA ALA A 60 -12.86 15.38 16.98
C ALA A 60 -14.32 15.54 16.92
N PHE A 61 -14.87 14.85 16.02
CA PHE A 61 -16.36 14.85 15.90
C PHE A 61 -16.92 13.85 16.92
N ASN A 62 -17.79 14.28 17.80
CA ASN A 62 -18.33 13.34 18.83
C ASN A 62 -17.27 13.09 19.92
N GLY A 63 -16.24 13.90 20.01
CA GLY A 63 -15.18 13.69 21.04
C GLY A 63 -14.38 12.40 20.82
N THR A 64 -14.37 11.81 19.63
CA THR A 64 -13.54 10.56 19.46
C THR A 64 -12.87 10.47 18.06
N VAL A 65 -11.58 10.13 18.01
CA VAL A 65 -10.88 9.95 16.72
C VAL A 65 -10.70 8.45 16.54
N PRO A 66 -11.26 7.91 15.50
CA PRO A 66 -12.02 8.68 14.50
C PRO A 66 -13.49 8.87 14.86
N GLY A 67 -14.13 9.87 14.33
CA GLY A 67 -15.56 10.10 14.63
C GLY A 67 -16.27 8.75 14.66
N PRO A 68 -17.51 8.76 15.03
CA PRO A 68 -18.34 7.52 15.11
C PRO A 68 -18.90 7.10 13.75
N LEU A 69 -19.09 5.82 13.55
CA LEU A 69 -19.63 5.35 12.24
C LEU A 69 -21.18 5.40 12.25
N MET A 70 -21.76 6.19 11.38
CA MET A 70 -23.23 6.28 11.29
C MET A 70 -23.66 5.25 10.26
N VAL A 71 -24.74 4.62 10.48
CA VAL A 71 -25.17 3.57 9.51
C VAL A 71 -26.65 3.72 9.12
N VAL A 72 -26.88 3.87 7.85
CA VAL A 72 -28.26 3.97 7.31
C VAL A 72 -28.32 3.07 6.06
N HIS A 73 -29.46 2.99 5.42
CA HIS A 73 -29.56 2.14 4.22
C HIS A 73 -29.60 3.04 2.98
N GLN A 74 -29.51 2.44 1.83
CA GLN A 74 -29.53 3.21 0.57
C GLN A 74 -30.93 3.78 0.38
N ASP A 75 -31.00 5.02 0.03
CA ASP A 75 -32.34 5.66 -0.16
C ASP A 75 -32.67 6.50 1.08
N ASP A 76 -32.32 6.04 2.25
CA ASP A 76 -32.61 6.80 3.47
C ASP A 76 -31.79 8.10 3.47
N TYR A 77 -32.29 9.12 4.10
CA TYR A 77 -31.58 10.42 4.15
C TYR A 77 -30.95 10.62 5.53
N LEU A 78 -29.71 10.99 5.55
CA LEU A 78 -29.00 11.22 6.82
C LEU A 78 -29.10 12.70 7.14
N GLU A 79 -29.57 13.01 8.30
CA GLU A 79 -29.74 14.42 8.72
C GLU A 79 -28.91 14.59 9.95
N LEU A 80 -27.86 15.31 9.84
CA LEU A 80 -26.97 15.41 11.03
C LEU A 80 -26.87 16.84 11.56
N THR A 81 -27.22 17.00 12.81
CA THR A 81 -27.10 18.34 13.47
C THR A 81 -25.70 18.41 14.11
N LEU A 82 -24.83 19.23 13.58
CA LEU A 82 -23.48 19.35 14.10
C LEU A 82 -23.45 20.54 14.99
N ILE A 83 -22.64 20.51 15.95
CA ILE A 83 -22.58 21.64 16.91
C ILE A 83 -21.13 21.94 17.28
N ASN A 84 -20.75 23.17 17.15
CA ASN A 84 -19.36 23.59 17.51
C ASN A 84 -19.46 24.52 18.71
N PRO A 85 -19.20 24.00 19.87
CA PRO A 85 -19.29 24.74 21.16
C PRO A 85 -18.53 26.07 21.16
N GLU A 86 -18.99 27.01 21.94
CA GLU A 86 -18.28 28.32 22.00
C GLU A 86 -16.87 28.12 22.58
N THR A 87 -16.66 27.10 23.37
CA THR A 87 -15.30 26.87 23.96
C THR A 87 -14.27 26.63 22.86
N ASN A 88 -14.68 26.03 21.77
CA ASN A 88 -13.71 25.74 20.67
C ASN A 88 -13.18 27.06 20.10
N THR A 89 -12.09 27.01 19.39
CA THR A 89 -11.52 28.26 18.81
C THR A 89 -11.31 28.15 17.28
N LEU A 90 -11.80 27.12 16.62
CA LEU A 90 -11.59 27.04 15.13
C LEU A 90 -12.91 26.67 14.42
N MET A 91 -13.24 27.36 13.35
CA MET A 91 -14.49 27.02 12.61
C MET A 91 -14.29 25.68 11.89
N HIS A 92 -15.30 24.84 11.86
CA HIS A 92 -15.16 23.53 11.17
C HIS A 92 -16.17 23.40 10.03
N ASN A 93 -16.49 22.19 9.70
CA ASN A 93 -17.46 21.89 8.60
C ASN A 93 -17.38 20.38 8.32
N ILE A 94 -18.39 19.78 7.72
CA ILE A 94 -18.32 18.31 7.46
C ILE A 94 -18.65 17.99 6.00
N ASP A 95 -17.80 17.22 5.36
CA ASP A 95 -18.05 16.82 3.94
C ASP A 95 -18.17 15.29 3.89
N PHE A 96 -19.34 14.77 3.63
CA PHE A 96 -19.51 13.29 3.59
C PHE A 96 -19.36 12.78 2.15
N HIS A 97 -18.36 12.00 1.91
CA HIS A 97 -18.14 11.43 0.55
C HIS A 97 -19.43 10.76 0.03
N ALA A 98 -20.26 10.23 0.91
CA ALA A 98 -21.51 9.55 0.46
C ALA A 98 -22.62 10.54 0.08
N ALA A 99 -22.34 11.82 0.04
CA ALA A 99 -23.38 12.81 -0.34
C ALA A 99 -23.04 13.39 -1.71
N THR A 100 -23.96 14.11 -2.31
CA THR A 100 -23.68 14.70 -3.65
C THR A 100 -24.12 16.17 -3.70
N GLY A 101 -23.18 17.07 -3.84
CA GLY A 101 -23.51 18.55 -3.93
C GLY A 101 -22.92 19.35 -2.75
N ALA A 102 -22.36 20.53 -3.01
CA ALA A 102 -21.80 21.35 -1.88
C ALA A 102 -20.53 20.72 -1.30
N LEU A 103 -19.61 20.30 -2.13
CA LEU A 103 -18.33 19.73 -1.61
C LEU A 103 -18.61 18.66 -0.57
N GLY A 104 -19.67 17.92 -0.75
CA GLY A 104 -20.00 16.84 0.23
C GLY A 104 -20.61 17.43 1.50
N GLY A 105 -21.23 18.57 1.40
CA GLY A 105 -21.86 19.20 2.61
C GLY A 105 -20.92 20.21 3.29
N GLY A 106 -19.67 20.32 2.90
CA GLY A 106 -18.75 21.29 3.56
C GLY A 106 -19.15 22.74 3.24
N GLY A 107 -19.66 22.99 2.05
CA GLY A 107 -20.04 24.39 1.68
C GLY A 107 -21.31 24.85 2.44
N LEU A 108 -22.02 23.96 3.07
CA LEU A 108 -23.27 24.39 3.80
C LEU A 108 -23.20 23.93 5.27
N THR A 109 -22.03 23.82 5.82
CA THR A 109 -21.89 23.40 7.24
C THR A 109 -20.73 24.14 7.95
N GLU A 110 -20.30 25.28 7.45
CA GLU A 110 -19.21 26.04 8.11
C GLU A 110 -19.78 26.67 9.37
N ILE A 111 -19.37 26.20 10.51
CA ILE A 111 -19.94 26.76 11.76
C ILE A 111 -18.81 27.18 12.68
N ASN A 112 -18.81 28.42 13.06
CA ASN A 112 -17.73 28.91 13.98
C ASN A 112 -18.17 28.69 15.42
N PRO A 113 -17.24 28.67 16.34
CA PRO A 113 -17.54 28.48 17.78
C PRO A 113 -18.85 29.16 18.20
N GLY A 114 -19.75 28.43 18.80
CA GLY A 114 -21.05 29.03 19.21
C GLY A 114 -22.10 28.87 18.10
N GLU A 115 -21.85 28.03 17.12
CA GLU A 115 -22.87 27.87 16.03
C GLU A 115 -23.09 26.38 15.67
N LYS A 116 -24.33 26.00 15.38
CA LYS A 116 -24.62 24.59 14.98
C LYS A 116 -25.58 24.59 13.77
N THR A 117 -25.51 23.61 12.91
CA THR A 117 -26.41 23.61 11.75
C THR A 117 -26.99 22.22 11.59
N ILE A 118 -27.73 22.04 10.56
CA ILE A 118 -28.34 20.71 10.30
C ILE A 118 -28.34 20.48 8.79
N LEU A 119 -27.66 19.47 8.34
CA LEU A 119 -27.61 19.21 6.87
C LEU A 119 -28.16 17.82 6.57
N ARG A 120 -29.05 17.74 5.63
CA ARG A 120 -29.64 16.41 5.27
C ARG A 120 -29.30 16.06 3.81
N PHE A 121 -28.87 14.84 3.57
CA PHE A 121 -28.53 14.41 2.19
C PHE A 121 -29.06 12.98 1.97
N LYS A 122 -29.47 12.69 0.77
CA LYS A 122 -30.00 11.34 0.44
C LYS A 122 -28.84 10.39 0.15
N ALA A 123 -28.82 9.29 0.82
CA ALA A 123 -27.76 8.28 0.63
C ALA A 123 -28.16 7.49 -0.58
N THR A 124 -27.68 7.91 -1.69
CA THR A 124 -28.12 7.25 -2.98
C THR A 124 -27.21 6.08 -3.41
N LYS A 125 -26.08 5.89 -2.80
CA LYS A 125 -25.19 4.78 -3.21
C LYS A 125 -24.81 3.96 -1.99
N PRO A 126 -24.80 2.68 -2.13
CA PRO A 126 -24.47 1.75 -1.02
C PRO A 126 -22.95 1.52 -0.85
N GLY A 127 -22.47 1.56 0.36
CA GLY A 127 -21.01 1.33 0.56
C GLY A 127 -20.47 2.23 1.67
N VAL A 128 -19.39 1.81 2.30
CA VAL A 128 -18.79 2.61 3.37
C VAL A 128 -18.13 3.82 2.73
N PHE A 129 -18.14 4.92 3.40
CA PHE A 129 -17.54 6.12 2.81
C PHE A 129 -16.93 6.93 3.93
N VAL A 130 -15.89 7.65 3.66
CA VAL A 130 -15.26 8.45 4.77
C VAL A 130 -15.75 9.93 4.81
N TYR A 131 -16.17 10.41 5.97
CA TYR A 131 -16.59 11.82 6.11
C TYR A 131 -15.44 12.54 6.82
N HIS A 132 -15.29 13.82 6.61
CA HIS A 132 -14.15 14.53 7.26
C HIS A 132 -14.34 16.05 7.18
N CYS A 133 -13.94 16.78 8.19
CA CYS A 133 -14.09 18.26 8.17
C CYS A 133 -13.09 18.84 7.18
N ALA A 134 -13.43 19.90 6.50
CA ALA A 134 -12.47 20.45 5.51
C ALA A 134 -12.71 21.92 5.25
N PRO A 135 -12.39 22.75 6.19
CA PRO A 135 -12.54 24.23 6.06
C PRO A 135 -11.62 24.78 4.97
N PRO A 136 -12.18 25.46 4.01
CA PRO A 136 -11.41 26.03 2.87
C PRO A 136 -10.05 26.61 3.28
N GLY A 137 -8.97 26.08 2.74
CA GLY A 137 -7.62 26.63 3.08
C GLY A 137 -6.93 25.83 4.22
N MET A 138 -7.64 25.05 4.98
CA MET A 138 -6.98 24.30 6.08
C MET A 138 -7.54 22.89 6.12
N VAL A 139 -7.79 22.34 4.97
CA VAL A 139 -8.36 20.96 4.91
C VAL A 139 -7.41 19.94 5.56
N PRO A 140 -6.25 19.72 4.98
CA PRO A 140 -5.25 18.74 5.47
C PRO A 140 -4.97 18.85 6.97
N TRP A 141 -5.03 20.03 7.51
CA TRP A 141 -4.75 20.17 8.97
C TRP A 141 -5.90 19.59 9.80
N HIS A 142 -7.10 19.96 9.47
CA HIS A 142 -8.28 19.45 10.22
C HIS A 142 -8.39 17.92 10.11
N VAL A 143 -8.07 17.36 8.98
CA VAL A 143 -8.19 15.88 8.82
C VAL A 143 -7.07 15.18 9.60
N VAL A 144 -5.86 15.62 9.44
CA VAL A 144 -4.73 14.97 10.15
C VAL A 144 -4.93 15.11 11.67
N SER A 145 -5.56 16.18 12.09
CA SER A 145 -5.78 16.37 13.55
C SER A 145 -6.77 15.32 14.09
N GLY A 146 -7.30 14.50 13.22
CA GLY A 146 -8.26 13.45 13.69
C GLY A 146 -9.72 13.91 13.47
N MET A 147 -9.98 14.78 12.52
CA MET A 147 -11.38 15.22 12.28
C MET A 147 -11.96 14.45 11.08
N ASN A 148 -12.15 13.18 11.23
CA ASN A 148 -12.70 12.37 10.11
C ASN A 148 -13.14 10.99 10.63
N GLY A 149 -14.14 10.44 10.02
CA GLY A 149 -14.67 9.09 10.44
C GLY A 149 -15.21 8.36 9.20
N ALA A 150 -16.37 7.74 9.29
CA ALA A 150 -16.93 7.03 8.10
C ALA A 150 -18.37 6.57 8.34
N ILE A 151 -19.18 6.57 7.32
CA ILE A 151 -20.59 6.11 7.47
C ILE A 151 -20.84 4.91 6.54
N MET A 152 -21.68 4.00 6.94
CA MET A 152 -21.96 2.80 6.08
C MET A 152 -23.41 2.80 5.60
N VAL A 153 -23.61 2.92 4.32
CA VAL A 153 -24.98 2.90 3.76
C VAL A 153 -25.19 1.51 3.23
N LEU A 154 -25.89 0.71 3.95
CA LEU A 154 -26.03 -0.72 3.52
C LEU A 154 -27.22 -0.92 2.58
N PRO A 155 -27.05 -1.75 1.57
CA PRO A 155 -28.14 -2.07 0.63
C PRO A 155 -29.44 -2.40 1.39
N ARG A 156 -30.56 -1.98 0.89
CA ARG A 156 -31.85 -2.25 1.60
C ARG A 156 -31.99 -3.74 1.91
N GLU A 157 -31.46 -4.58 1.06
CA GLU A 157 -31.57 -6.06 1.30
C GLU A 157 -30.34 -6.62 2.04
N GLY A 158 -29.52 -5.78 2.63
CA GLY A 158 -28.33 -6.30 3.36
C GLY A 158 -27.16 -6.47 2.39
N LEU A 159 -26.12 -7.15 2.82
CA LEU A 159 -24.95 -7.36 1.92
C LEU A 159 -24.95 -8.78 1.34
N HIS A 160 -24.49 -8.94 0.12
CA HIS A 160 -24.44 -10.27 -0.51
C HIS A 160 -23.10 -10.42 -1.24
N ASP A 161 -22.72 -11.61 -1.58
CA ASP A 161 -21.43 -11.82 -2.29
C ASP A 161 -21.56 -11.43 -3.77
N GLY A 162 -20.69 -11.92 -4.62
CA GLY A 162 -20.76 -11.57 -6.07
C GLY A 162 -21.84 -12.42 -6.78
N LYS A 163 -22.22 -13.54 -6.22
CA LYS A 163 -23.26 -14.40 -6.90
C LYS A 163 -24.67 -14.13 -6.32
N GLY A 164 -24.83 -13.16 -5.46
CA GLY A 164 -26.20 -12.88 -4.89
C GLY A 164 -26.42 -13.55 -3.50
N LYS A 165 -25.57 -14.44 -3.06
CA LYS A 165 -25.76 -15.09 -1.75
C LYS A 165 -25.71 -14.05 -0.64
N ALA A 166 -26.60 -14.14 0.30
CA ALA A 166 -26.61 -13.14 1.42
C ALA A 166 -25.44 -13.38 2.40
N LEU A 167 -24.77 -12.33 2.78
CA LEU A 167 -23.64 -12.40 3.74
C LEU A 167 -24.06 -11.58 4.96
N THR A 168 -24.36 -12.24 6.03
CA THR A 168 -24.85 -11.55 7.23
C THR A 168 -23.80 -11.68 8.29
N TYR A 169 -23.43 -10.60 8.84
CA TYR A 169 -22.35 -10.63 9.87
C TYR A 169 -22.95 -10.61 11.28
N ASP A 170 -22.36 -11.34 12.20
CA ASP A 170 -22.86 -11.35 13.60
C ASP A 170 -22.38 -10.09 14.35
N LYS A 171 -21.25 -9.54 13.97
CA LYS A 171 -20.73 -8.33 14.67
C LYS A 171 -19.96 -7.48 13.68
N ILE A 172 -19.88 -6.20 13.92
CA ILE A 172 -19.13 -5.30 12.99
C ILE A 172 -18.35 -4.26 13.80
N TYR A 173 -17.11 -4.06 13.46
CA TYR A 173 -16.28 -3.06 14.16
C TYR A 173 -15.74 -2.07 13.14
N TYR A 174 -15.54 -0.85 13.56
CA TYR A 174 -15.02 0.19 12.62
C TYR A 174 -13.66 0.67 13.13
N VAL A 175 -12.64 0.43 12.37
CA VAL A 175 -11.27 0.84 12.78
C VAL A 175 -10.80 2.00 11.90
N GLY A 176 -10.83 3.19 12.41
CA GLY A 176 -10.38 4.37 11.65
C GLY A 176 -8.88 4.55 11.89
N GLU A 177 -8.14 4.65 10.85
CA GLU A 177 -6.68 4.79 10.96
C GLU A 177 -6.38 6.26 10.81
N GLN A 178 -5.40 6.72 11.51
CA GLN A 178 -5.10 8.18 11.42
C GLN A 178 -3.60 8.41 11.41
N ASP A 179 -3.10 9.04 10.37
CA ASP A 179 -1.64 9.34 10.31
C ASP A 179 -1.40 10.76 10.85
N PHE A 180 -0.68 10.90 11.93
CA PHE A 180 -0.43 12.23 12.48
C PHE A 180 0.92 12.75 12.00
N TYR A 181 1.23 13.93 12.37
CA TYR A 181 2.51 14.57 11.98
C TYR A 181 2.88 15.51 13.11
N VAL A 182 3.55 15.00 14.09
CA VAL A 182 3.86 15.82 15.29
C VAL A 182 5.23 16.44 15.15
N PRO A 183 5.29 17.72 15.34
CA PRO A 183 6.58 18.48 15.24
C PRO A 183 7.56 18.13 16.39
N ARG A 184 8.83 17.96 16.07
CA ARG A 184 9.85 17.64 17.11
C ARG A 184 10.90 18.75 17.13
N ASP A 185 11.49 19.01 18.25
CA ASP A 185 12.52 20.09 18.33
C ASP A 185 13.81 19.62 17.67
N GLU A 186 14.91 20.27 17.96
CA GLU A 186 16.21 19.86 17.35
C GLU A 186 16.73 18.56 17.98
N ASN A 187 16.43 18.31 19.23
CA ASN A 187 16.92 17.06 19.89
C ASN A 187 16.07 15.83 19.55
N GLY A 188 15.01 15.98 18.77
CA GLY A 188 14.17 14.80 18.43
C GLY A 188 13.02 14.59 19.45
N LYS A 189 12.75 15.53 20.32
CA LYS A 189 11.64 15.37 21.30
C LYS A 189 10.37 16.03 20.76
N TYR A 190 9.26 15.35 20.84
CA TYR A 190 7.99 15.91 20.34
C TYR A 190 7.74 17.23 21.05
N LYS A 191 7.20 18.17 20.36
CA LYS A 191 6.94 19.50 20.99
C LYS A 191 5.44 19.64 21.34
N LYS A 192 5.16 20.29 22.44
CA LYS A 192 3.75 20.50 22.84
C LYS A 192 3.45 21.99 22.73
N TYR A 193 2.22 22.34 22.64
CA TYR A 193 1.87 23.77 22.51
C TYR A 193 0.70 24.07 23.42
N GLU A 194 0.35 25.30 23.51
CA GLU A 194 -0.78 25.70 24.39
C GLU A 194 -2.11 25.59 23.63
N ALA A 195 -2.19 26.10 22.42
CA ALA A 195 -3.46 26.02 21.67
C ALA A 195 -3.24 25.28 20.37
N PRO A 196 -4.29 25.04 19.65
CA PRO A 196 -4.24 24.32 18.34
C PRO A 196 -3.56 25.13 17.22
N GLY A 197 -3.74 26.43 17.18
CA GLY A 197 -3.10 27.24 16.09
C GLY A 197 -1.60 27.39 16.33
N ASP A 198 -1.17 27.40 17.55
CA ASP A 198 0.29 27.57 17.84
C ASP A 198 1.11 26.48 17.13
N ALA A 199 0.53 25.35 16.86
CA ALA A 199 1.30 24.25 16.18
C ALA A 199 0.90 24.12 14.70
N TYR A 200 0.35 25.14 14.11
CA TYR A 200 -0.03 25.06 12.66
C TYR A 200 1.21 25.13 11.72
N GLU A 201 2.11 26.07 11.91
CA GLU A 201 3.28 26.17 10.98
C GLU A 201 4.20 24.96 11.14
N ASP A 202 4.51 24.61 12.36
CA ASP A 202 5.42 23.45 12.58
C ASP A 202 4.78 22.16 12.08
N THR A 203 3.49 22.03 12.19
CA THR A 203 2.82 20.79 11.73
C THR A 203 2.84 20.74 10.21
N VAL A 204 2.52 21.82 9.57
CA VAL A 204 2.54 21.84 8.08
C VAL A 204 3.91 21.37 7.59
N LYS A 205 4.95 21.86 8.19
CA LYS A 205 6.31 21.43 7.76
C LYS A 205 6.40 19.91 7.81
N VAL A 206 5.96 19.31 8.88
CA VAL A 206 6.01 17.83 8.99
C VAL A 206 5.09 17.18 7.94
N MET A 207 3.92 17.73 7.74
CA MET A 207 2.98 17.14 6.73
C MET A 207 3.60 17.18 5.33
N ARG A 208 4.33 18.20 4.99
CA ARG A 208 4.94 18.30 3.64
C ARG A 208 5.85 17.10 3.41
N THR A 209 6.55 16.69 4.42
CA THR A 209 7.48 15.53 4.27
C THR A 209 6.71 14.26 3.84
N LEU A 210 5.40 14.26 3.91
CA LEU A 210 4.63 13.05 3.52
C LEU A 210 5.06 11.87 4.37
N THR A 211 5.55 12.11 5.56
CA THR A 211 5.99 10.98 6.43
C THR A 211 5.38 11.18 7.82
N PRO A 212 4.36 10.42 8.13
CA PRO A 212 3.66 10.53 9.46
C PRO A 212 4.51 10.02 10.64
N THR A 213 4.62 10.79 11.70
CA THR A 213 5.41 10.33 12.87
C THR A 213 4.67 9.17 13.57
N HIS A 214 3.36 9.08 13.43
CA HIS A 214 2.62 7.98 14.09
C HIS A 214 1.37 7.64 13.26
N VAL A 215 1.15 6.37 13.03
CA VAL A 215 -0.04 5.95 12.25
C VAL A 215 -0.77 5.00 13.14
N VAL A 216 -1.94 5.30 13.55
CA VAL A 216 -2.56 4.36 14.52
C VAL A 216 -4.03 4.15 14.27
N PHE A 217 -4.60 3.35 15.11
CA PHE A 217 -6.06 3.07 14.98
C PHE A 217 -6.78 3.46 16.27
N ASN A 218 -7.91 4.09 16.16
CA ASN A 218 -8.66 4.51 17.39
C ASN A 218 -8.09 5.80 18.02
N GLY A 219 -7.11 6.43 17.39
CA GLY A 219 -6.54 7.68 17.97
C GLY A 219 -5.32 7.45 18.93
N ALA A 220 -4.69 6.30 18.98
CA ALA A 220 -3.51 6.16 19.90
C ALA A 220 -2.79 4.81 19.70
N VAL A 221 -1.48 4.81 19.72
CA VAL A 221 -0.75 3.52 19.55
C VAL A 221 -1.21 2.55 20.65
N GLY A 222 -1.61 1.37 20.28
CA GLY A 222 -2.11 0.40 21.31
C GLY A 222 -3.57 0.69 21.76
N ALA A 223 -4.35 1.46 21.01
CA ALA A 223 -5.75 1.72 21.44
C ALA A 223 -6.64 0.46 21.27
N LEU A 224 -6.32 -0.44 20.36
CA LEU A 224 -7.17 -1.64 20.16
C LEU A 224 -6.37 -2.91 20.46
N THR A 225 -5.45 -2.83 21.37
CA THR A 225 -4.62 -4.03 21.71
C THR A 225 -4.60 -4.19 23.23
N GLY A 226 -4.35 -5.39 23.71
CA GLY A 226 -4.29 -5.63 25.17
C GLY A 226 -5.71 -5.89 25.68
N ASP A 227 -6.14 -5.15 26.66
CA ASP A 227 -7.53 -5.34 27.19
C ASP A 227 -8.56 -4.73 26.23
N LYS A 228 -8.14 -3.88 25.32
CA LYS A 228 -9.12 -3.25 24.38
C LYS A 228 -9.13 -4.00 23.04
N ALA A 229 -8.56 -5.18 22.98
CA ALA A 229 -8.54 -5.93 21.70
C ALA A 229 -9.98 -6.37 21.35
N MET A 230 -10.37 -6.23 20.10
CA MET A 230 -11.74 -6.63 19.74
C MET A 230 -11.97 -8.05 20.24
N THR A 231 -13.01 -8.65 19.79
CA THR A 231 -13.32 -10.05 20.21
C THR A 231 -14.14 -10.76 19.10
N ALA A 232 -14.00 -12.07 19.02
CA ALA A 232 -14.72 -12.89 18.02
C ALA A 232 -14.56 -14.36 18.39
N ALA A 233 -15.54 -15.19 18.12
CA ALA A 233 -15.42 -16.62 18.48
C ALA A 233 -15.48 -17.48 17.22
N VAL A 234 -14.80 -18.59 17.23
CA VAL A 234 -14.79 -19.48 16.05
C VAL A 234 -16.21 -19.67 15.57
N GLY A 235 -16.42 -19.53 14.30
CA GLY A 235 -17.80 -19.68 13.75
C GLY A 235 -18.54 -18.32 13.69
N GLU A 236 -17.91 -17.25 14.12
CA GLU A 236 -18.58 -15.92 14.10
C GLU A 236 -18.15 -15.17 12.83
N LYS A 237 -19.08 -14.49 12.23
CA LYS A 237 -18.80 -13.73 11.00
C LYS A 237 -18.66 -12.28 11.42
N VAL A 238 -17.62 -11.65 11.04
CA VAL A 238 -17.44 -10.26 11.50
C VAL A 238 -17.02 -9.35 10.36
N LEU A 239 -17.66 -8.23 10.25
CA LEU A 239 -17.33 -7.25 9.20
C LEU A 239 -16.46 -6.16 9.82
N ILE A 240 -15.33 -5.88 9.24
CA ILE A 240 -14.42 -4.86 9.79
C ILE A 240 -14.28 -3.70 8.80
N VAL A 241 -14.92 -2.62 9.10
CA VAL A 241 -14.86 -1.43 8.23
C VAL A 241 -13.63 -0.64 8.61
N HIS A 242 -12.90 -0.20 7.65
CA HIS A 242 -11.66 0.55 7.95
C HIS A 242 -11.64 1.78 7.07
N SER A 243 -11.20 2.87 7.61
CA SER A 243 -11.16 4.13 6.82
C SER A 243 -9.83 4.88 7.02
N GLN A 244 -9.45 5.61 6.02
CA GLN A 244 -8.21 6.44 6.02
C GLN A 244 -8.56 7.67 5.18
N ALA A 245 -8.78 8.77 5.83
CA ALA A 245 -9.24 10.00 5.09
C ALA A 245 -8.12 10.78 4.38
N ASN A 246 -6.89 10.45 4.61
CA ASN A 246 -5.79 11.21 3.94
C ASN A 246 -4.47 10.39 3.90
N ARG A 247 -4.56 9.11 3.66
CA ARG A 247 -3.32 8.27 3.59
C ARG A 247 -3.69 6.85 3.11
N ASP A 248 -2.98 6.28 2.16
CA ASP A 248 -3.35 4.89 1.71
C ASP A 248 -2.81 3.82 2.68
N THR A 249 -3.63 2.85 3.06
CA THR A 249 -3.16 1.78 3.96
C THR A 249 -3.33 0.44 3.25
N ARG A 250 -3.10 -0.61 3.96
CA ARG A 250 -3.24 -1.99 3.38
C ARG A 250 -3.52 -2.96 4.53
N PRO A 251 -4.77 -3.09 4.88
CA PRO A 251 -5.23 -3.95 6.00
C PRO A 251 -4.85 -5.42 5.84
N HIS A 252 -4.59 -6.08 6.94
CA HIS A 252 -4.23 -7.53 6.90
C HIS A 252 -4.47 -8.19 8.29
N LEU A 253 -5.34 -9.18 8.35
CA LEU A 253 -5.61 -9.90 9.63
C LEU A 253 -4.61 -11.04 9.76
N ILE A 254 -3.67 -10.87 10.64
CA ILE A 254 -2.61 -11.88 10.85
C ILE A 254 -3.26 -13.15 11.37
N GLY A 255 -3.07 -14.20 10.68
CA GLY A 255 -3.67 -15.49 11.10
C GLY A 255 -5.01 -15.73 10.38
N GLY A 256 -5.57 -14.72 9.75
CA GLY A 256 -6.86 -14.93 9.05
C GLY A 256 -6.78 -14.34 7.64
N HIS A 257 -7.90 -13.95 7.10
CA HIS A 257 -7.90 -13.37 5.73
C HIS A 257 -9.28 -12.75 5.44
N GLY A 258 -9.34 -11.84 4.53
CA GLY A 258 -10.64 -11.18 4.19
C GLY A 258 -11.39 -12.11 3.24
N ASP A 259 -12.34 -12.82 3.75
CA ASP A 259 -13.10 -13.77 2.89
C ASP A 259 -13.67 -13.00 1.72
N TYR A 260 -14.37 -11.96 2.03
CA TYR A 260 -14.96 -11.08 0.98
C TYR A 260 -14.57 -9.66 1.35
N VAL A 261 -13.94 -8.94 0.47
CA VAL A 261 -13.50 -7.57 0.86
C VAL A 261 -13.84 -6.54 -0.21
N TRP A 262 -14.77 -5.68 0.09
CA TRP A 262 -15.11 -4.58 -0.86
C TRP A 262 -14.02 -3.55 -0.67
N ALA A 263 -12.94 -3.75 -1.35
CA ALA A 263 -11.73 -2.87 -1.16
C ALA A 263 -12.10 -1.44 -1.42
N THR A 264 -12.82 -1.23 -2.45
CA THR A 264 -13.21 0.16 -2.82
C THR A 264 -14.27 0.69 -1.85
N GLY A 265 -14.81 -0.15 -1.01
CA GLY A 265 -15.86 0.33 -0.04
C GLY A 265 -17.23 0.58 -0.74
N LYS A 266 -17.44 0.00 -1.89
CA LYS A 266 -18.72 0.17 -2.62
C LYS A 266 -19.38 -1.21 -2.71
N PHE A 267 -20.60 -1.31 -2.34
CA PHE A 267 -21.28 -2.65 -2.36
C PHE A 267 -21.59 -3.07 -3.80
N ASN A 268 -21.97 -2.14 -4.62
CA ASN A 268 -22.30 -2.48 -6.04
C ASN A 268 -21.09 -3.15 -6.69
N THR A 269 -19.92 -2.77 -6.30
CA THR A 269 -18.70 -3.37 -6.90
C THR A 269 -18.42 -4.71 -6.22
N PRO A 270 -18.44 -5.76 -6.99
CA PRO A 270 -18.21 -7.14 -6.45
C PRO A 270 -17.04 -7.19 -5.45
N PRO A 271 -17.19 -7.89 -4.35
CA PRO A 271 -16.10 -7.97 -3.32
C PRO A 271 -14.99 -8.99 -3.64
N ASP A 272 -13.73 -8.58 -3.74
CA ASP A 272 -12.67 -9.58 -4.00
C ASP A 272 -12.87 -10.70 -3.00
N VAL A 273 -12.17 -11.78 -3.14
CA VAL A 273 -12.37 -12.90 -2.17
C VAL A 273 -11.02 -13.59 -1.86
N ASP A 274 -10.91 -14.13 -0.68
CA ASP A 274 -9.66 -14.84 -0.29
C ASP A 274 -8.56 -13.82 -0.32
N GLN A 275 -8.74 -12.74 0.40
CA GLN A 275 -7.68 -11.68 0.35
C GLN A 275 -6.71 -11.75 1.55
N GLU A 276 -5.41 -11.80 1.29
CA GLU A 276 -4.43 -11.79 2.42
C GLU A 276 -4.20 -10.33 2.90
N THR A 277 -4.14 -9.38 1.99
CA THR A 277 -3.91 -7.96 2.36
C THR A 277 -4.61 -7.10 1.32
N TRP A 278 -5.50 -6.27 1.73
CA TRP A 278 -6.25 -5.45 0.74
C TRP A 278 -5.57 -4.10 0.59
N PHE A 279 -6.24 -3.18 -0.01
CA PHE A 279 -5.65 -1.83 -0.20
C PHE A 279 -6.75 -0.75 -0.26
N ILE A 280 -6.72 0.18 0.66
CA ILE A 280 -7.71 1.28 0.68
C ILE A 280 -6.96 2.59 0.50
N PRO A 281 -7.23 3.28 -0.57
CA PRO A 281 -6.53 4.55 -0.91
C PRO A 281 -6.95 5.75 -0.05
N GLY A 282 -5.99 6.52 0.41
CA GLY A 282 -6.32 7.71 1.21
C GLY A 282 -7.59 8.33 0.64
N GLY A 283 -8.45 8.78 1.49
CA GLY A 283 -9.73 9.37 1.04
C GLY A 283 -10.76 8.26 0.75
N ALA A 284 -10.71 7.15 1.45
CA ALA A 284 -11.73 6.09 1.15
C ALA A 284 -11.84 5.05 2.27
N ALA A 285 -13.01 4.50 2.48
CA ALA A 285 -13.17 3.45 3.54
C ALA A 285 -13.64 2.13 2.89
N GLY A 286 -13.06 1.02 3.27
CA GLY A 286 -13.48 -0.28 2.66
C GLY A 286 -14.13 -1.15 3.72
N ALA A 287 -14.31 -2.42 3.44
CA ALA A 287 -14.95 -3.33 4.42
C ALA A 287 -14.58 -4.78 4.11
N ALA A 288 -14.22 -5.54 5.10
CA ALA A 288 -13.85 -6.96 4.88
C ALA A 288 -14.71 -7.84 5.79
N PHE A 289 -15.18 -8.94 5.28
CA PHE A 289 -16.03 -9.85 6.08
C PHE A 289 -15.32 -11.19 6.20
N TYR A 290 -15.14 -11.69 7.38
CA TYR A 290 -14.41 -12.97 7.52
C TYR A 290 -14.99 -13.80 8.67
N THR A 291 -15.11 -15.07 8.44
CA THR A 291 -15.62 -16.00 9.48
C THR A 291 -14.42 -16.63 10.18
N PHE A 292 -14.31 -16.39 11.45
CA PHE A 292 -13.15 -16.92 12.22
C PHE A 292 -13.24 -18.43 12.32
N GLN A 293 -12.14 -19.09 12.11
CA GLN A 293 -12.12 -20.59 12.20
C GLN A 293 -11.14 -21.09 13.28
N GLN A 294 -10.27 -20.24 13.81
CA GLN A 294 -9.31 -20.71 14.85
C GLN A 294 -9.27 -19.72 16.00
N PRO A 295 -9.22 -20.22 17.20
CA PRO A 295 -9.18 -19.38 18.44
C PRO A 295 -7.76 -18.94 18.78
N GLY A 296 -7.65 -17.86 19.48
CA GLY A 296 -6.29 -17.37 19.85
C GLY A 296 -6.22 -15.86 19.62
N ILE A 297 -5.06 -15.29 19.71
CA ILE A 297 -4.92 -13.83 19.50
C ILE A 297 -4.42 -13.55 18.06
N TYR A 298 -5.10 -12.68 17.36
CA TYR A 298 -4.68 -12.34 15.97
C TYR A 298 -4.48 -10.83 15.88
N ALA A 299 -3.46 -10.40 15.19
CA ALA A 299 -3.20 -8.95 15.07
C ALA A 299 -3.76 -8.49 13.74
N TYR A 300 -4.26 -7.30 13.69
CA TYR A 300 -4.83 -6.82 12.41
C TYR A 300 -4.22 -5.48 12.15
N VAL A 301 -3.46 -5.33 11.12
CA VAL A 301 -2.83 -4.00 10.99
C VAL A 301 -2.39 -3.69 9.57
N ASN A 302 -1.97 -2.48 9.41
CA ASN A 302 -1.48 -2.01 8.10
C ASN A 302 -0.26 -2.83 7.81
N HIS A 303 -0.22 -3.42 6.67
CA HIS A 303 0.94 -4.30 6.40
C HIS A 303 2.18 -3.47 6.46
N ASN A 304 2.23 -2.34 5.82
CA ASN A 304 3.50 -1.58 6.03
C ASN A 304 4.01 -1.97 7.46
N LEU A 305 4.79 -3.03 7.58
CA LEU A 305 5.23 -3.52 8.92
C LEU A 305 5.76 -2.36 9.71
N ILE A 306 6.54 -1.57 9.09
CA ILE A 306 7.11 -0.38 9.80
C ILE A 306 5.97 0.45 10.35
N GLU A 307 5.01 0.76 9.51
CA GLU A 307 3.84 1.55 9.98
C GLU A 307 3.03 0.75 11.06
N ALA A 308 3.00 -0.55 10.98
CA ALA A 308 2.21 -1.34 11.99
C ALA A 308 3.00 -1.64 13.30
N PHE A 309 4.31 -1.74 13.29
CA PHE A 309 5.01 -2.06 14.56
C PHE A 309 5.83 -0.88 15.06
N GLU A 310 6.40 -0.13 14.17
CA GLU A 310 7.22 1.04 14.59
C GLU A 310 6.38 2.33 14.73
N LEU A 311 5.30 2.48 13.99
CA LEU A 311 4.51 3.75 14.10
C LEU A 311 3.36 3.54 15.08
N GLY A 312 2.66 2.46 14.94
CA GLY A 312 1.51 2.18 15.85
C GLY A 312 0.23 1.78 15.06
N ALA A 313 0.34 1.14 13.92
CA ALA A 313 -0.89 0.74 13.18
C ALA A 313 -1.14 -0.77 13.38
N ALA A 314 -1.39 -1.21 14.60
CA ALA A 314 -1.63 -2.66 14.81
C ALA A 314 -2.58 -2.90 16.00
N ALA A 315 -3.70 -3.54 15.76
CA ALA A 315 -4.65 -3.83 16.87
C ALA A 315 -4.67 -5.34 17.05
N HIS A 316 -5.49 -5.85 17.93
CA HIS A 316 -5.50 -7.34 18.10
C HIS A 316 -6.90 -7.87 18.47
N PHE A 317 -7.31 -8.96 17.84
CA PHE A 317 -8.65 -9.56 18.18
C PHE A 317 -8.45 -10.90 18.95
N LYS A 318 -9.09 -11.03 20.10
CA LYS A 318 -8.99 -12.25 20.91
C LYS A 318 -10.18 -13.08 20.51
N VAL A 319 -9.94 -14.30 20.20
CA VAL A 319 -11.04 -15.15 19.73
C VAL A 319 -11.11 -16.39 20.57
N THR A 320 -12.28 -16.77 20.92
CA THR A 320 -12.45 -17.99 21.76
C THR A 320 -13.03 -19.13 20.92
N GLY A 321 -12.82 -20.36 21.32
CA GLY A 321 -13.37 -21.50 20.53
C GLY A 321 -12.43 -22.70 20.62
N GLU A 322 -12.62 -23.66 19.75
CA GLU A 322 -11.75 -24.87 19.77
C GLU A 322 -10.81 -24.82 18.56
N TRP A 323 -9.58 -25.17 18.79
CA TRP A 323 -8.58 -25.16 17.70
C TRP A 323 -8.93 -26.25 16.71
N ASN A 324 -8.54 -26.05 15.50
CA ASN A 324 -8.82 -27.04 14.43
C ASN A 324 -7.50 -27.48 13.85
N ASP A 325 -7.08 -28.67 14.16
CA ASP A 325 -5.77 -29.16 13.67
C ASP A 325 -5.81 -29.33 12.16
N ASP A 326 -6.92 -29.73 11.64
CA ASP A 326 -7.03 -29.92 10.16
C ASP A 326 -6.48 -28.68 9.46
N LEU A 327 -6.87 -27.53 9.90
CA LEU A 327 -6.39 -26.27 9.29
C LEU A 327 -4.91 -26.06 9.61
N MET A 328 -4.46 -26.33 10.82
CA MET A 328 -3.03 -26.10 11.12
C MET A 328 -2.63 -26.86 12.37
N THR A 329 -1.51 -27.53 12.34
CA THR A 329 -1.07 -28.28 13.55
C THR A 329 0.47 -28.32 13.64
N SER A 330 1.03 -28.08 14.80
CA SER A 330 2.52 -28.13 14.95
C SER A 330 2.93 -29.59 15.08
N VAL A 331 3.39 -30.18 14.02
CA VAL A 331 3.79 -31.61 14.08
C VAL A 331 4.94 -31.75 15.04
N LEU A 332 5.92 -30.92 14.89
CA LEU A 332 7.08 -30.97 15.82
C LEU A 332 7.31 -29.57 16.43
N ALA A 333 6.98 -29.39 17.69
CA ALA A 333 7.18 -28.05 18.32
C ALA A 333 8.66 -27.72 18.34
N PRO A 334 9.00 -26.46 18.37
CA PRO A 334 10.40 -26.00 18.40
C PRO A 334 11.26 -26.79 19.40
N SER A 335 12.30 -27.42 18.95
CA SER A 335 13.15 -28.21 19.89
C SER A 335 14.50 -28.46 19.25
N GLY A 336 15.45 -28.90 20.03
CA GLY A 336 16.81 -29.17 19.47
C GLY A 336 16.68 -29.97 18.17
N ALA B 1 -2.20 -8.65 -40.05
CA ALA B 1 -2.32 -8.04 -41.40
C ALA B 1 -0.93 -7.98 -42.06
N THR B 2 -0.87 -8.16 -43.35
CA THR B 2 0.44 -8.10 -44.04
C THR B 2 0.74 -6.66 -44.42
N ALA B 3 1.94 -6.40 -44.86
CA ALA B 3 2.30 -5.01 -45.24
C ALA B 3 1.35 -4.48 -46.33
N ALA B 4 1.03 -5.28 -47.31
CA ALA B 4 0.12 -4.81 -48.40
C ALA B 4 -1.23 -4.38 -47.81
N GLU B 5 -1.72 -5.12 -46.86
CA GLU B 5 -3.04 -4.76 -46.26
C GLU B 5 -2.91 -3.46 -45.47
N ILE B 6 -1.88 -3.35 -44.68
CA ILE B 6 -1.70 -2.10 -43.88
C ILE B 6 -1.55 -0.91 -44.82
N ALA B 7 -0.83 -1.07 -45.90
CA ALA B 7 -0.63 0.06 -46.86
C ALA B 7 -1.97 0.48 -47.50
N ALA B 8 -2.90 -0.44 -47.66
CA ALA B 8 -4.21 -0.08 -48.31
C ALA B 8 -5.22 0.50 -47.29
N LEU B 9 -4.88 0.64 -46.04
CA LEU B 9 -5.87 1.21 -45.06
C LEU B 9 -5.87 2.75 -45.14
N PRO B 10 -7.02 3.35 -44.97
CA PRO B 10 -7.16 4.85 -45.01
C PRO B 10 -6.33 5.56 -43.93
N ARG B 11 -5.69 6.65 -44.28
CA ARG B 11 -4.87 7.40 -43.28
C ARG B 11 -5.64 8.67 -42.89
N GLN B 12 -5.62 9.01 -41.64
CA GLN B 12 -6.33 10.22 -41.16
C GLN B 12 -5.41 11.02 -40.25
N LYS B 13 -5.05 12.20 -40.68
CA LYS B 13 -4.14 13.05 -39.88
C LYS B 13 -4.98 13.75 -38.84
N VAL B 14 -4.48 13.84 -37.66
CA VAL B 14 -5.27 14.49 -36.58
C VAL B 14 -4.46 15.61 -35.90
N GLU B 15 -5.05 16.77 -35.80
CA GLU B 15 -4.38 17.91 -35.14
C GLU B 15 -4.63 17.76 -33.65
N LEU B 16 -3.59 17.76 -32.89
CA LEU B 16 -3.76 17.56 -31.42
C LEU B 16 -3.99 18.90 -30.72
N VAL B 17 -4.69 18.87 -29.62
CA VAL B 17 -4.95 20.11 -28.88
C VAL B 17 -4.11 20.07 -27.60
N ASP B 18 -4.23 21.04 -26.77
CA ASP B 18 -3.42 21.01 -25.52
C ASP B 18 -4.31 20.68 -24.30
N PRO B 19 -3.90 19.75 -23.46
CA PRO B 19 -4.67 19.38 -22.26
C PRO B 19 -5.22 20.62 -21.54
N PRO B 20 -6.28 20.47 -20.78
CA PRO B 20 -6.95 19.15 -20.58
C PRO B 20 -7.92 18.78 -21.73
N PHE B 21 -8.02 19.61 -22.73
CA PHE B 21 -8.94 19.31 -23.86
C PHE B 21 -8.42 18.11 -24.63
N VAL B 22 -9.27 17.57 -25.46
CA VAL B 22 -8.91 16.40 -26.28
C VAL B 22 -9.35 16.68 -27.71
N HIS B 23 -8.58 16.24 -28.64
CA HIS B 23 -8.90 16.48 -30.07
C HIS B 23 -10.24 15.85 -30.42
N ALA B 24 -10.82 16.31 -31.47
CA ALA B 24 -12.13 15.76 -31.92
C ALA B 24 -11.97 14.30 -32.29
N HIS B 25 -12.94 13.51 -31.93
CA HIS B 25 -12.91 12.06 -32.22
C HIS B 25 -14.31 11.49 -31.97
N SER B 26 -14.62 10.37 -32.54
CA SER B 26 -15.96 9.78 -32.34
C SER B 26 -15.84 8.60 -31.39
N GLN B 27 -16.76 8.46 -30.50
CA GLN B 27 -16.68 7.33 -29.53
C GLN B 27 -16.74 6.06 -30.33
N VAL B 28 -17.81 5.88 -31.02
CA VAL B 28 -17.95 4.68 -31.89
C VAL B 28 -17.07 4.90 -33.13
N ALA B 29 -16.31 3.92 -33.50
CA ALA B 29 -15.40 4.06 -34.67
C ALA B 29 -16.22 4.23 -35.95
N GLU B 30 -15.81 5.13 -36.79
CA GLU B 30 -16.53 5.36 -38.08
C GLU B 30 -15.72 4.71 -39.20
N GLY B 31 -16.16 3.58 -39.69
CA GLY B 31 -15.41 2.89 -40.76
C GLY B 31 -14.53 1.80 -40.13
N GLY B 32 -13.76 1.09 -40.93
CA GLY B 32 -12.89 0.01 -40.38
C GLY B 32 -11.58 0.63 -39.85
N PRO B 33 -10.57 -0.19 -39.67
CA PRO B 33 -9.24 0.25 -39.16
C PRO B 33 -8.59 1.32 -40.03
N LYS B 34 -7.97 2.29 -39.42
CA LYS B 34 -7.29 3.38 -40.20
C LYS B 34 -5.99 3.83 -39.50
N VAL B 35 -4.96 4.08 -40.28
CA VAL B 35 -3.66 4.56 -39.74
C VAL B 35 -3.81 6.02 -39.36
N VAL B 36 -3.85 6.24 -38.09
CA VAL B 36 -4.01 7.59 -37.55
C VAL B 36 -2.65 8.20 -37.51
N GLU B 37 -2.59 9.40 -37.91
CA GLU B 37 -1.25 10.07 -37.97
C GLU B 37 -1.21 11.26 -37.02
N PHE B 38 -0.22 11.29 -36.18
CA PHE B 38 -0.06 12.44 -35.23
C PHE B 38 1.42 12.88 -35.20
N THR B 39 1.69 14.16 -35.15
CA THR B 39 3.11 14.62 -35.13
C THR B 39 3.32 15.53 -33.92
N MET B 40 4.34 15.28 -33.14
CA MET B 40 4.60 16.13 -31.95
C MET B 40 6.09 16.51 -31.85
N VAL B 41 6.37 17.78 -31.73
CA VAL B 41 7.76 18.26 -31.60
C VAL B 41 8.03 18.42 -30.11
N ILE B 42 9.15 17.99 -29.68
CA ILE B 42 9.48 18.06 -28.24
C ILE B 42 10.19 19.36 -27.97
N GLU B 43 9.82 20.03 -26.93
CA GLU B 43 10.50 21.34 -26.66
C GLU B 43 10.99 21.41 -25.22
N GLU B 44 12.28 21.38 -24.99
CA GLU B 44 12.78 21.50 -23.59
C GLU B 44 12.85 22.99 -23.23
N LYS B 45 11.96 23.49 -22.40
CA LYS B 45 12.02 24.92 -22.09
C LYS B 45 11.81 25.12 -20.61
N LYS B 46 11.68 26.33 -20.22
CA LYS B 46 11.45 26.64 -18.79
C LYS B 46 10.00 27.05 -18.55
N ILE B 47 9.35 26.39 -17.62
CA ILE B 47 7.94 26.71 -17.30
C ILE B 47 7.81 26.95 -15.79
N VAL B 48 6.90 27.79 -15.42
CA VAL B 48 6.69 28.11 -14.01
C VAL B 48 5.71 27.11 -13.50
N ILE B 49 5.83 26.76 -12.29
CA ILE B 49 4.89 25.72 -11.75
C ILE B 49 4.03 26.24 -10.59
N ASP B 50 4.34 27.36 -10.01
CA ASP B 50 3.51 27.85 -8.88
C ASP B 50 3.36 29.35 -8.98
N ASP B 51 2.74 29.95 -8.00
CA ASP B 51 2.54 31.42 -8.02
C ASP B 51 3.84 32.13 -7.62
N ALA B 52 4.66 31.49 -6.82
CA ALA B 52 5.94 32.13 -6.39
C ALA B 52 6.91 32.31 -7.58
N GLY B 53 6.67 31.65 -8.68
CA GLY B 53 7.61 31.80 -9.85
C GLY B 53 8.63 30.64 -9.92
N THR B 54 8.41 29.56 -9.20
CA THR B 54 9.35 28.42 -9.25
C THR B 54 9.46 27.98 -10.69
N GLU B 55 10.64 27.72 -11.15
CA GLU B 55 10.78 27.32 -12.59
C GLU B 55 11.43 25.94 -12.73
N VAL B 56 10.91 25.15 -13.64
CA VAL B 56 11.49 23.79 -13.90
C VAL B 56 11.74 23.59 -15.43
N HIS B 57 12.95 23.22 -15.80
CA HIS B 57 13.30 23.00 -17.22
C HIS B 57 12.53 21.79 -17.67
N ALA B 58 11.38 22.02 -18.18
CA ALA B 58 10.50 20.90 -18.59
C ALA B 58 10.85 20.37 -19.97
N MET B 59 10.64 19.10 -20.14
CA MET B 59 10.87 18.41 -21.43
C MET B 59 9.48 18.10 -21.83
N ALA B 60 9.01 18.69 -22.85
CA ALA B 60 7.58 18.50 -23.09
C ALA B 60 7.29 18.13 -24.49
N PHE B 61 6.55 17.10 -24.59
CA PHE B 61 6.09 16.65 -25.93
C PHE B 61 4.96 17.58 -26.38
N ASN B 62 5.08 18.20 -27.53
CA ASN B 62 4.00 19.14 -27.97
C ASN B 62 4.08 20.47 -27.18
N GLY B 63 5.16 20.73 -26.46
CA GLY B 63 5.27 21.99 -25.69
C GLY B 63 4.27 22.04 -24.52
N THR B 64 3.75 20.92 -24.05
CA THR B 64 2.79 21.04 -22.88
C THR B 64 2.90 19.84 -21.90
N VAL B 65 2.95 20.12 -20.59
CA VAL B 65 2.97 19.04 -19.59
C VAL B 65 1.58 18.98 -18.96
N PRO B 66 0.92 17.87 -19.08
CA PRO B 66 1.46 16.67 -19.76
C PRO B 66 1.19 16.68 -21.27
N GLY B 67 2.00 15.97 -22.02
CA GLY B 67 1.77 15.91 -23.48
C GLY B 67 0.28 15.83 -23.76
N PRO B 68 -0.09 15.90 -25.00
CA PRO B 68 -1.52 15.85 -25.42
C PRO B 68 -2.06 14.41 -25.47
N LEU B 69 -3.35 14.24 -25.27
CA LEU B 69 -3.93 12.87 -25.31
C LEU B 69 -4.35 12.49 -26.74
N MET B 70 -3.73 11.48 -27.31
CA MET B 70 -4.08 11.03 -28.66
C MET B 70 -5.19 10.02 -28.51
N VAL B 71 -6.09 9.99 -29.43
CA VAL B 71 -7.24 9.04 -29.29
C VAL B 71 -7.52 8.30 -30.61
N VAL B 72 -7.43 7.01 -30.56
CA VAL B 72 -7.73 6.16 -31.73
C VAL B 72 -8.59 4.98 -31.25
N HIS B 73 -9.00 4.11 -32.12
CA HIS B 73 -9.84 2.97 -31.70
C HIS B 73 -8.99 1.71 -31.68
N GLN B 74 -9.51 0.68 -31.10
CA GLN B 74 -8.76 -0.60 -31.03
C GLN B 74 -8.64 -1.18 -32.42
N ASP B 75 -7.48 -1.60 -32.78
CA ASP B 75 -7.27 -2.16 -34.14
C ASP B 75 -6.58 -1.12 -35.02
N ASP B 76 -6.93 0.14 -34.86
CA ASP B 76 -6.31 1.21 -35.68
C ASP B 76 -4.82 1.34 -35.31
N TYR B 77 -4.00 1.70 -36.26
CA TYR B 77 -2.55 1.85 -36.00
C TYR B 77 -2.23 3.34 -35.78
N LEU B 78 -1.49 3.61 -34.75
CA LEU B 78 -1.10 5.00 -34.41
C LEU B 78 0.29 5.23 -34.98
N GLU B 79 0.40 6.19 -35.83
CA GLU B 79 1.70 6.49 -36.48
C GLU B 79 2.09 7.85 -36.01
N LEU B 80 3.13 7.92 -35.27
CA LEU B 80 3.52 9.26 -34.72
C LEU B 80 4.89 9.73 -35.19
N THR B 81 4.91 10.85 -35.86
CA THR B 81 6.21 11.46 -36.31
C THR B 81 6.70 12.37 -35.17
N LEU B 82 7.77 12.00 -34.53
CA LEU B 82 8.29 12.76 -33.40
C LEU B 82 9.46 13.52 -33.92
N ILE B 83 9.62 14.68 -33.44
CA ILE B 83 10.73 15.54 -33.92
C ILE B 83 11.43 16.23 -32.76
N ASN B 84 12.71 16.07 -32.68
CA ASN B 84 13.52 16.70 -31.60
C ASN B 84 14.36 17.81 -32.26
N PRO B 85 13.89 19.01 -32.17
CA PRO B 85 14.53 20.21 -32.78
C PRO B 85 15.99 20.36 -32.41
N GLU B 86 16.76 20.94 -33.29
CA GLU B 86 18.21 21.14 -33.00
C GLU B 86 18.38 22.08 -31.79
N THR B 87 17.42 22.93 -31.52
CA THR B 87 17.55 23.87 -30.37
C THR B 87 17.66 23.08 -29.05
N ASN B 88 17.12 21.90 -28.99
CA ASN B 88 17.18 21.10 -27.74
C ASN B 88 18.62 20.62 -27.52
N THR B 89 18.92 20.14 -26.34
CA THR B 89 20.31 19.66 -26.06
C THR B 89 20.34 18.19 -25.55
N LEU B 90 19.23 17.47 -25.48
CA LEU B 90 19.31 16.05 -24.99
C LEU B 90 18.53 15.10 -25.91
N MET B 91 19.05 13.91 -26.15
CA MET B 91 18.33 12.94 -27.02
C MET B 91 17.13 12.39 -26.25
N HIS B 92 16.01 12.21 -26.90
CA HIS B 92 14.82 11.69 -26.20
C HIS B 92 14.39 10.34 -26.78
N ASN B 93 13.12 10.06 -26.68
CA ASN B 93 12.56 8.78 -27.20
C ASN B 93 11.14 8.62 -26.62
N ILE B 94 10.27 7.87 -27.27
CA ILE B 94 8.88 7.74 -26.71
C ILE B 94 8.52 6.25 -26.52
N ASP B 95 8.02 5.91 -25.36
CA ASP B 95 7.59 4.51 -25.09
C ASP B 95 6.09 4.51 -24.76
N PHE B 96 5.26 4.04 -25.65
CA PHE B 96 3.79 4.03 -25.39
C PHE B 96 3.38 2.71 -24.74
N HIS B 97 2.91 2.79 -23.53
CA HIS B 97 2.45 1.56 -22.80
C HIS B 97 1.43 0.78 -23.67
N ALA B 98 0.71 1.45 -24.54
CA ALA B 98 -0.32 0.73 -25.37
C ALA B 98 0.29 0.03 -26.60
N ALA B 99 1.59 -0.01 -26.72
CA ALA B 99 2.21 -0.69 -27.89
C ALA B 99 2.91 -1.96 -27.42
N THR B 100 3.29 -2.81 -28.32
CA THR B 100 3.97 -4.08 -27.90
C THR B 100 5.25 -4.32 -28.72
N GLY B 101 6.40 -4.25 -28.10
CA GLY B 101 7.70 -4.53 -28.81
C GLY B 101 8.66 -3.30 -28.79
N ALA B 102 9.93 -3.50 -28.49
CA ALA B 102 10.89 -2.34 -28.51
C ALA B 102 10.65 -1.42 -27.31
N LEU B 103 10.55 -1.99 -26.15
CA LEU B 103 10.35 -1.15 -24.93
C LEU B 103 9.23 -0.12 -25.16
N GLY B 104 8.17 -0.51 -25.80
CA GLY B 104 7.04 0.45 -26.04
C GLY B 104 7.43 1.48 -27.12
N GLY B 105 8.34 1.13 -27.98
CA GLY B 105 8.75 2.10 -29.06
C GLY B 105 9.96 2.95 -28.64
N GLY B 106 10.43 2.83 -27.43
CA GLY B 106 11.60 3.65 -26.99
C GLY B 106 12.89 3.14 -27.64
N GLY B 107 12.96 1.88 -27.99
CA GLY B 107 14.20 1.33 -28.61
C GLY B 107 14.29 1.71 -30.10
N LEU B 108 13.21 2.16 -30.69
CA LEU B 108 13.26 2.53 -32.15
C LEU B 108 12.90 4.02 -32.36
N THR B 109 13.01 4.83 -31.34
CA THR B 109 12.69 6.29 -31.49
C THR B 109 13.75 7.19 -30.81
N GLU B 110 14.94 6.70 -30.55
CA GLU B 110 15.98 7.54 -29.91
C GLU B 110 16.44 8.58 -30.94
N ILE B 111 16.12 9.81 -30.72
CA ILE B 111 16.51 10.85 -31.71
C ILE B 111 17.25 11.98 -31.02
N ASN B 112 18.40 12.30 -31.51
CA ASN B 112 19.18 13.40 -30.88
C ASN B 112 18.82 14.71 -31.56
N PRO B 113 19.06 15.81 -30.92
CA PRO B 113 18.76 17.16 -31.48
C PRO B 113 18.99 17.21 -32.99
N GLY B 114 18.02 17.67 -33.73
CA GLY B 114 18.18 17.73 -35.23
C GLY B 114 17.77 16.40 -35.88
N GLU B 115 17.03 15.55 -35.19
CA GLU B 115 16.61 14.26 -35.82
C GLU B 115 15.13 13.95 -35.52
N LYS B 116 14.42 13.37 -36.46
CA LYS B 116 12.98 13.03 -36.23
C LYS B 116 12.71 11.63 -36.82
N THR B 117 11.78 10.90 -36.27
CA THR B 117 11.49 9.55 -36.82
C THR B 117 9.99 9.36 -36.91
N ILE B 118 9.57 8.20 -37.30
CA ILE B 118 8.13 7.91 -37.42
C ILE B 118 7.88 6.47 -36.97
N LEU B 119 7.17 6.28 -35.91
CA LEU B 119 6.93 4.89 -35.42
C LEU B 119 5.43 4.57 -35.52
N ARG B 120 5.12 3.42 -36.04
CA ARG B 120 3.68 3.03 -36.17
C ARG B 120 3.43 1.71 -35.40
N PHE B 121 2.45 1.70 -34.55
CA PHE B 121 2.14 0.46 -33.77
C PHE B 121 0.63 0.20 -33.80
N LYS B 122 0.26 -1.04 -33.74
CA LYS B 122 -1.18 -1.42 -33.76
C LYS B 122 -1.72 -1.36 -32.34
N ALA B 123 -2.80 -0.67 -32.20
CA ALA B 123 -3.46 -0.50 -30.89
C ALA B 123 -4.30 -1.73 -30.71
N THR B 124 -3.74 -2.68 -30.08
CA THR B 124 -4.47 -4.00 -29.95
C THR B 124 -5.30 -4.13 -28.67
N LYS B 125 -5.20 -3.22 -27.75
CA LYS B 125 -5.99 -3.33 -26.50
C LYS B 125 -6.69 -2.01 -26.22
N PRO B 126 -7.92 -2.08 -25.78
CA PRO B 126 -8.72 -0.87 -25.47
C PRO B 126 -8.48 -0.32 -24.06
N GLY B 127 -8.28 0.97 -23.92
CA GLY B 127 -8.05 1.53 -22.56
C GLY B 127 -7.05 2.69 -22.61
N VAL B 128 -7.10 3.54 -21.62
CA VAL B 128 -6.17 4.70 -21.58
C VAL B 128 -4.83 4.18 -21.11
N PHE B 129 -3.78 4.72 -21.63
CA PHE B 129 -2.44 4.23 -21.24
C PHE B 129 -1.53 5.42 -21.18
N VAL B 130 -0.49 5.34 -20.44
CA VAL B 130 0.44 6.52 -20.35
C VAL B 130 1.72 6.35 -21.21
N TYR B 131 2.04 7.34 -22.04
CA TYR B 131 3.28 7.29 -22.84
C TYR B 131 4.30 8.19 -22.14
N HIS B 132 5.56 7.97 -22.34
CA HIS B 132 6.57 8.82 -21.64
C HIS B 132 7.97 8.55 -22.22
N CYS B 133 8.80 9.58 -22.33
CA CYS B 133 10.16 9.40 -22.88
C CYS B 133 11.02 8.64 -21.88
N ALA B 134 11.94 7.82 -22.32
CA ALA B 134 12.76 7.06 -21.35
C ALA B 134 14.12 6.69 -21.95
N PRO B 135 14.99 7.65 -22.09
CA PRO B 135 16.35 7.41 -22.63
C PRO B 135 17.19 6.55 -21.68
N PRO B 136 17.70 5.44 -22.14
CA PRO B 136 18.51 4.52 -21.30
C PRO B 136 19.50 5.25 -20.36
N GLY B 137 19.35 5.08 -19.06
CA GLY B 137 20.29 5.75 -18.11
C GLY B 137 19.70 7.06 -17.53
N MET B 138 18.68 7.63 -18.13
CA MET B 138 18.13 8.90 -17.59
C MET B 138 16.62 8.87 -17.73
N VAL B 139 16.04 7.75 -17.42
CA VAL B 139 14.55 7.62 -17.54
C VAL B 139 13.82 8.55 -16.56
N PRO B 140 13.92 8.26 -15.28
CA PRO B 140 13.24 9.03 -14.20
C PRO B 140 13.39 10.53 -14.34
N TRP B 141 14.52 10.97 -14.81
CA TRP B 141 14.73 12.44 -14.96
C TRP B 141 13.82 13.00 -16.05
N HIS B 142 13.82 12.37 -17.20
CA HIS B 142 12.97 12.86 -18.33
C HIS B 142 11.47 12.80 -17.96
N VAL B 143 11.04 11.79 -17.26
CA VAL B 143 9.59 11.68 -16.91
C VAL B 143 9.21 12.73 -15.87
N VAL B 144 10.01 12.87 -14.85
CA VAL B 144 9.69 13.87 -13.79
C VAL B 144 9.73 15.26 -14.39
N SER B 145 10.59 15.47 -15.35
CA SER B 145 10.68 16.81 -15.99
C SER B 145 9.38 17.15 -16.74
N GLY B 146 8.44 16.22 -16.80
CA GLY B 146 7.17 16.49 -17.51
C GLY B 146 7.19 15.89 -18.93
N MET B 147 7.97 14.86 -19.17
CA MET B 147 7.98 14.26 -20.54
C MET B 147 7.09 13.02 -20.54
N ASN B 148 5.80 13.21 -20.42
CA ASN B 148 4.87 12.05 -20.41
C ASN B 148 3.42 12.53 -20.55
N GLY B 149 2.60 11.74 -21.16
CA GLY B 149 1.16 12.10 -21.36
C GLY B 149 0.31 10.81 -21.35
N ALA B 150 -0.63 10.65 -22.25
CA ALA B 150 -1.44 9.41 -22.26
C ALA B 150 -2.34 9.34 -23.51
N ILE B 151 -2.55 8.16 -24.04
CA ILE B 151 -3.43 8.02 -25.24
C ILE B 151 -4.64 7.15 -24.88
N MET B 152 -5.75 7.34 -25.53
CA MET B 152 -6.95 6.53 -25.21
C MET B 152 -7.40 5.73 -26.45
N VAL B 153 -7.32 4.43 -26.38
CA VAL B 153 -7.74 3.56 -27.50
C VAL B 153 -9.13 3.10 -27.15
N LEU B 154 -10.12 3.67 -27.75
CA LEU B 154 -11.52 3.30 -27.36
C LEU B 154 -12.05 2.12 -28.17
N PRO B 155 -12.79 1.25 -27.52
CA PRO B 155 -13.42 0.09 -28.19
C PRO B 155 -14.14 0.53 -29.46
N ARG B 156 -14.02 -0.22 -30.52
CA ARG B 156 -14.68 0.17 -31.81
C ARG B 156 -16.15 0.51 -31.57
N GLU B 157 -16.78 -0.15 -30.64
CA GLU B 157 -18.22 0.12 -30.37
C GLU B 157 -18.41 1.17 -29.25
N GLY B 158 -17.39 1.93 -28.91
CA GLY B 158 -17.56 2.96 -27.84
C GLY B 158 -17.33 2.34 -26.47
N LEU B 159 -17.66 3.03 -25.43
CA LEU B 159 -17.47 2.47 -24.06
C LEU B 159 -18.80 1.94 -23.48
N HIS B 160 -18.75 0.82 -22.79
CA HIS B 160 -19.97 0.25 -22.17
C HIS B 160 -19.64 -0.13 -20.73
N ASP B 161 -20.62 -0.26 -19.90
CA ASP B 161 -20.38 -0.61 -18.47
C ASP B 161 -19.90 -2.07 -18.36
N GLY B 162 -19.94 -2.62 -17.18
CA GLY B 162 -19.49 -4.04 -17.00
C GLY B 162 -20.58 -5.07 -17.42
N LYS B 163 -21.76 -4.65 -17.80
CA LYS B 163 -22.81 -5.65 -18.20
C LYS B 163 -23.12 -5.54 -19.70
N GLY B 164 -22.53 -4.60 -20.40
CA GLY B 164 -22.81 -4.45 -21.87
C GLY B 164 -23.58 -3.15 -22.22
N LYS B 165 -24.10 -2.42 -21.26
CA LYS B 165 -24.86 -1.18 -21.57
C LYS B 165 -23.91 -0.15 -22.14
N ALA B 166 -24.36 0.63 -23.08
CA ALA B 166 -23.48 1.67 -23.69
C ALA B 166 -23.39 2.93 -22.79
N LEU B 167 -22.18 3.41 -22.60
CA LEU B 167 -21.94 4.63 -21.79
C LEU B 167 -21.34 5.66 -22.74
N THR B 168 -22.03 6.73 -22.97
CA THR B 168 -21.57 7.75 -23.92
C THR B 168 -21.38 9.01 -23.16
N TYR B 169 -20.24 9.57 -23.25
CA TYR B 169 -19.95 10.81 -22.47
C TYR B 169 -20.17 12.06 -23.35
N ASP B 170 -20.73 13.09 -22.78
CA ASP B 170 -20.95 14.34 -23.57
C ASP B 170 -19.61 15.09 -23.75
N LYS B 171 -18.75 15.04 -22.76
CA LYS B 171 -17.44 15.74 -22.87
C LYS B 171 -16.37 14.91 -22.17
N ILE B 172 -15.14 15.15 -22.48
CA ILE B 172 -14.03 14.38 -21.84
C ILE B 172 -12.81 15.28 -21.63
N TYR B 173 -12.24 15.24 -20.46
CA TYR B 173 -11.06 16.07 -20.15
C TYR B 173 -9.94 15.12 -19.70
N TYR B 174 -8.73 15.48 -19.99
CA TYR B 174 -7.58 14.61 -19.61
C TYR B 174 -6.69 15.38 -18.65
N VAL B 175 -6.65 14.96 -17.43
CA VAL B 175 -5.82 15.66 -16.42
C VAL B 175 -4.57 14.84 -16.10
N GLY B 176 -3.45 15.30 -16.57
CA GLY B 176 -2.17 14.60 -16.31
C GLY B 176 -1.56 15.17 -15.03
N GLU B 177 -1.22 14.32 -14.13
CA GLU B 177 -0.65 14.76 -12.85
C GLU B 177 0.83 14.61 -12.96
N GLN B 178 1.55 15.48 -12.36
CA GLN B 178 3.02 15.39 -12.48
C GLN B 178 3.69 15.74 -11.15
N ASP B 179 4.46 14.83 -10.63
CA ASP B 179 5.17 15.10 -9.34
C ASP B 179 6.58 15.60 -9.67
N PHE B 180 6.91 16.80 -9.29
CA PHE B 180 8.25 17.33 -9.58
C PHE B 180 9.11 17.18 -8.34
N TYR B 181 10.34 17.52 -8.49
CA TYR B 181 11.31 17.42 -7.37
C TYR B 181 12.27 18.58 -7.58
N VAL B 182 11.94 19.70 -7.03
CA VAL B 182 12.77 20.90 -7.26
C VAL B 182 13.75 21.13 -6.14
N PRO B 183 14.98 21.30 -6.49
CA PRO B 183 16.07 21.55 -5.49
C PRO B 183 15.88 22.90 -4.75
N ARG B 184 16.18 22.93 -3.47
CA ARG B 184 16.03 24.19 -2.70
C ARG B 184 17.40 24.56 -2.13
N ASP B 185 17.63 25.81 -1.91
CA ASP B 185 18.96 26.24 -1.37
C ASP B 185 18.97 26.08 0.15
N GLU B 186 19.85 26.77 0.82
CA GLU B 186 19.92 26.66 2.30
C GLU B 186 18.70 27.36 2.93
N ASN B 187 18.27 28.45 2.35
CA ASN B 187 17.10 29.19 2.92
C ASN B 187 15.77 28.43 2.64
N GLY B 188 15.83 27.26 2.06
CA GLY B 188 14.55 26.52 1.77
C GLY B 188 13.81 27.10 0.54
N LYS B 189 14.44 27.96 -0.22
CA LYS B 189 13.77 28.52 -1.43
C LYS B 189 14.16 27.69 -2.64
N TYR B 190 13.28 27.59 -3.59
CA TYR B 190 13.58 26.79 -4.80
C TYR B 190 14.75 27.42 -5.54
N LYS B 191 15.54 26.61 -6.18
CA LYS B 191 16.72 27.16 -6.92
C LYS B 191 16.45 27.15 -8.43
N LYS B 192 16.96 28.13 -9.14
CA LYS B 192 16.76 28.19 -10.59
C LYS B 192 18.11 27.97 -11.26
N TYR B 193 18.12 27.46 -12.44
CA TYR B 193 19.41 27.20 -13.11
C TYR B 193 19.38 27.81 -14.50
N GLU B 194 20.47 27.76 -15.18
CA GLU B 194 20.53 28.33 -16.55
C GLU B 194 20.14 27.26 -17.59
N ALA B 195 20.76 26.11 -17.53
CA ALA B 195 20.43 25.05 -18.50
C ALA B 195 19.93 23.80 -17.75
N PRO B 196 19.19 22.97 -18.43
CA PRO B 196 18.62 21.72 -17.83
C PRO B 196 19.69 20.82 -17.20
N GLY B 197 20.87 20.78 -17.76
CA GLY B 197 21.95 19.90 -17.19
C GLY B 197 22.45 20.42 -15.82
N ASP B 198 22.44 21.71 -15.59
CA ASP B 198 22.96 22.25 -14.29
C ASP B 198 22.04 21.83 -13.14
N ALA B 199 20.85 21.40 -13.43
CA ALA B 199 19.92 20.98 -12.34
C ALA B 199 19.77 19.45 -12.29
N TYR B 200 20.64 18.72 -12.92
CA TYR B 200 20.55 17.22 -12.89
C TYR B 200 21.00 16.61 -11.54
N GLU B 201 22.17 16.95 -11.02
CA GLU B 201 22.65 16.31 -9.75
C GLU B 201 21.78 16.74 -8.57
N ASP B 202 21.45 17.99 -8.51
CA ASP B 202 20.62 18.48 -7.37
C ASP B 202 19.22 17.88 -7.45
N THR B 203 18.72 17.65 -8.63
CA THR B 203 17.36 17.06 -8.77
C THR B 203 17.40 15.60 -8.34
N VAL B 204 18.34 14.86 -8.86
CA VAL B 204 18.44 13.43 -8.48
C VAL B 204 18.37 13.31 -6.96
N LYS B 205 19.13 14.12 -6.26
CA LYS B 205 19.10 14.06 -4.77
C LYS B 205 17.65 14.17 -4.27
N VAL B 206 16.91 15.12 -4.78
CA VAL B 206 15.49 15.27 -4.35
C VAL B 206 14.67 14.06 -4.79
N MET B 207 14.90 13.59 -5.99
CA MET B 207 14.12 12.41 -6.48
C MET B 207 14.36 11.18 -5.58
N ARG B 208 15.54 11.03 -5.04
CA ARG B 208 15.82 9.84 -4.18
C ARG B 208 14.95 9.89 -2.93
N THR B 209 14.71 11.06 -2.41
CA THR B 209 13.86 11.18 -1.18
C THR B 209 12.43 10.66 -1.43
N LEU B 210 12.08 10.35 -2.66
CA LEU B 210 10.70 9.86 -2.93
C LEU B 210 9.69 10.85 -2.35
N THR B 211 10.02 12.12 -2.36
CA THR B 211 9.08 13.13 -1.81
C THR B 211 9.04 14.32 -2.76
N PRO B 212 8.03 14.39 -3.57
CA PRO B 212 7.87 15.51 -4.56
C PRO B 212 7.58 16.87 -3.91
N THR B 213 8.29 17.92 -4.29
CA THR B 213 8.03 19.26 -3.70
C THR B 213 6.70 19.81 -4.25
N HIS B 214 6.26 19.37 -5.40
CA HIS B 214 4.98 19.88 -5.97
C HIS B 214 4.32 18.78 -6.82
N VAL B 215 3.06 18.54 -6.59
CA VAL B 215 2.35 17.50 -7.37
C VAL B 215 1.19 18.23 -7.97
N VAL B 216 1.12 18.34 -9.26
CA VAL B 216 0.01 19.17 -9.76
C VAL B 216 -0.62 18.61 -11.01
N PHE B 217 -1.55 19.34 -11.52
CA PHE B 217 -2.26 18.88 -12.75
C PHE B 217 -2.09 19.94 -13.84
N ASN B 218 -1.87 19.51 -15.06
CA ASN B 218 -1.70 20.50 -16.17
C ASN B 218 -0.30 21.18 -16.16
N GLY B 219 0.61 20.77 -15.31
CA GLY B 219 1.96 21.40 -15.29
C GLY B 219 2.12 22.54 -14.23
N ALA B 220 1.14 22.85 -13.38
CA ALA B 220 1.40 23.95 -12.40
C ALA B 220 0.31 24.01 -11.33
N VAL B 221 0.67 24.38 -10.13
CA VAL B 221 -0.35 24.48 -9.05
C VAL B 221 -1.40 25.52 -9.48
N GLY B 222 -2.65 25.16 -9.42
CA GLY B 222 -3.72 26.12 -9.85
C GLY B 222 -3.80 26.22 -11.39
N ALA B 223 -3.37 25.21 -12.13
CA ALA B 223 -3.45 25.28 -13.63
C ALA B 223 -4.91 25.08 -14.11
N LEU B 224 -5.72 24.32 -13.41
CA LEU B 224 -7.12 24.07 -13.85
C LEU B 224 -8.13 24.78 -12.93
N THR B 225 -7.89 26.02 -12.63
CA THR B 225 -8.82 26.80 -11.77
C THR B 225 -9.00 28.18 -12.38
N GLY B 226 -9.88 28.97 -11.86
CA GLY B 226 -10.11 30.33 -12.41
C GLY B 226 -10.72 30.19 -13.78
N ASP B 227 -10.26 30.97 -14.72
CA ASP B 227 -10.81 30.87 -16.10
C ASP B 227 -10.47 29.50 -16.70
N LYS B 228 -9.49 28.81 -16.17
CA LYS B 228 -9.13 27.47 -16.72
C LYS B 228 -9.88 26.34 -16.00
N ALA B 229 -10.71 26.64 -15.02
CA ALA B 229 -11.45 25.55 -14.31
C ALA B 229 -12.35 24.79 -15.30
N MET B 230 -12.32 23.48 -15.28
CA MET B 230 -13.17 22.71 -16.20
C MET B 230 -14.60 23.20 -16.06
N THR B 231 -15.47 22.70 -16.86
CA THR B 231 -16.90 23.13 -16.80
C THR B 231 -17.83 21.94 -17.09
N ALA B 232 -18.97 21.94 -16.48
CA ALA B 232 -19.98 20.86 -16.68
C ALA B 232 -21.32 21.34 -16.13
N ALA B 233 -22.42 20.80 -16.61
CA ALA B 233 -23.74 21.25 -16.12
C ALA B 233 -24.53 20.04 -15.62
N VAL B 234 -25.46 20.29 -14.75
CA VAL B 234 -26.30 19.20 -14.20
C VAL B 234 -26.85 18.37 -15.35
N GLY B 235 -26.72 17.10 -15.26
CA GLY B 235 -27.23 16.21 -16.36
C GLY B 235 -26.14 15.95 -17.44
N GLU B 236 -24.96 16.50 -17.28
CA GLU B 236 -23.88 16.27 -18.28
C GLU B 236 -23.04 15.07 -17.85
N LYS B 237 -22.70 14.25 -18.78
CA LYS B 237 -21.88 13.06 -18.48
C LYS B 237 -20.47 13.40 -18.91
N VAL B 238 -19.55 13.27 -18.03
CA VAL B 238 -18.16 13.66 -18.39
C VAL B 238 -17.17 12.57 -18.01
N LEU B 239 -16.32 12.24 -18.93
CA LEU B 239 -15.29 11.21 -18.65
C LEU B 239 -13.96 11.92 -18.38
N ILE B 240 -13.39 11.69 -17.24
CA ILE B 240 -12.11 12.38 -16.89
C ILE B 240 -10.96 11.37 -16.84
N VAL B 241 -10.13 11.41 -17.84
CA VAL B 241 -8.97 10.49 -17.89
C VAL B 241 -7.86 11.13 -17.08
N HIS B 242 -7.18 10.35 -16.33
CA HIS B 242 -6.11 10.91 -15.48
C HIS B 242 -4.91 9.98 -15.57
N SER B 243 -3.76 10.54 -15.67
CA SER B 243 -2.54 9.69 -15.78
C SER B 243 -1.42 10.18 -14.85
N GLN B 244 -0.60 9.25 -14.42
CA GLN B 244 0.56 9.53 -13.53
C GLN B 244 1.67 8.57 -13.98
N ALA B 245 2.64 9.07 -14.69
CA ALA B 245 3.73 8.20 -15.24
C ALA B 245 4.97 8.33 -14.38
N ASN B 246 4.78 8.25 -13.11
CA ASN B 246 5.91 8.34 -12.15
C ASN B 246 5.39 8.51 -10.69
N ARG B 247 4.22 7.99 -10.32
CA ARG B 247 3.78 8.17 -8.91
C ARG B 247 2.34 7.72 -8.76
N ASP B 248 2.01 7.07 -7.66
CA ASP B 248 0.59 6.63 -7.49
C ASP B 248 -0.31 7.78 -6.95
N THR B 249 -1.49 7.98 -7.52
CA THR B 249 -2.39 9.03 -7.03
C THR B 249 -3.73 8.38 -6.67
N ARG B 250 -4.63 9.15 -6.18
CA ARG B 250 -5.97 8.61 -5.78
C ARG B 250 -7.01 9.71 -6.02
N PRO B 251 -7.49 9.80 -7.23
CA PRO B 251 -8.48 10.82 -7.66
C PRO B 251 -9.75 10.85 -6.82
N HIS B 252 -10.33 12.00 -6.70
CA HIS B 252 -11.60 12.15 -5.92
C HIS B 252 -12.31 13.49 -6.26
N LEU B 253 -13.52 13.43 -6.77
CA LEU B 253 -14.28 14.66 -7.10
C LEU B 253 -15.07 15.09 -5.87
N ILE B 254 -14.66 16.16 -5.27
CA ILE B 254 -15.31 16.68 -4.06
C ILE B 254 -16.73 17.06 -4.39
N GLY B 255 -17.64 16.50 -3.69
CA GLY B 255 -19.07 16.80 -3.95
C GLY B 255 -19.66 15.80 -4.97
N GLY B 256 -18.84 15.00 -5.61
CA GLY B 256 -19.38 14.03 -6.60
C GLY B 256 -18.81 12.63 -6.34
N HIS B 257 -18.73 11.84 -7.36
CA HIS B 257 -18.19 10.47 -7.23
C HIS B 257 -18.04 9.86 -8.63
N GLY B 258 -17.20 8.88 -8.75
CA GLY B 258 -16.99 8.23 -10.08
C GLY B 258 -18.07 7.18 -10.27
N ASP B 259 -19.02 7.47 -11.08
CA ASP B 259 -20.13 6.50 -11.30
C ASP B 259 -19.53 5.19 -11.78
N TYR B 260 -18.74 5.27 -12.79
CA TYR B 260 -18.07 4.07 -13.34
C TYR B 260 -16.60 4.42 -13.48
N VAL B 261 -15.72 3.67 -12.88
CA VAL B 261 -14.29 4.07 -12.98
C VAL B 261 -13.37 2.90 -13.35
N TRP B 262 -12.84 2.92 -14.54
CA TRP B 262 -11.88 1.88 -14.96
C TRP B 262 -10.57 2.26 -14.29
N ALA B 263 -10.43 1.84 -13.08
CA ALA B 263 -9.25 2.27 -12.26
C ALA B 263 -7.97 1.84 -12.93
N THR B 264 -8.00 0.68 -13.48
CA THR B 264 -6.79 0.16 -14.15
C THR B 264 -6.62 0.81 -15.53
N GLY B 265 -7.59 1.56 -15.97
CA GLY B 265 -7.46 2.21 -17.33
C GLY B 265 -7.58 1.17 -18.47
N LYS B 266 -8.25 0.07 -18.24
CA LYS B 266 -8.43 -0.98 -19.28
C LYS B 266 -9.94 -1.14 -19.47
N PHE B 267 -10.40 -1.00 -20.68
CA PHE B 267 -11.87 -1.10 -20.92
C PHE B 267 -12.37 -2.53 -20.71
N ASN B 268 -11.60 -3.51 -21.11
CA ASN B 268 -12.05 -4.91 -20.96
C ASN B 268 -12.27 -5.24 -19.49
N THR B 269 -11.52 -4.61 -18.63
CA THR B 269 -11.66 -4.87 -17.18
C THR B 269 -12.87 -4.09 -16.66
N PRO B 270 -13.87 -4.79 -16.22
CA PRO B 270 -15.12 -4.14 -15.71
C PRO B 270 -14.83 -2.91 -14.84
N PRO B 271 -15.55 -1.81 -15.04
CA PRO B 271 -15.31 -0.56 -14.24
C PRO B 271 -15.98 -0.57 -12.84
N ASP B 272 -15.21 -0.34 -11.77
CA ASP B 272 -15.86 -0.30 -10.44
C ASP B 272 -17.03 0.66 -10.55
N VAL B 273 -17.82 0.78 -9.54
CA VAL B 273 -18.98 1.72 -9.63
C VAL B 273 -19.25 2.41 -8.28
N ASP B 274 -19.76 3.61 -8.32
CA ASP B 274 -20.07 4.34 -7.07
C ASP B 274 -18.78 4.50 -6.32
N GLN B 275 -17.81 5.08 -6.94
CA GLN B 275 -16.48 5.21 -6.23
C GLN B 275 -16.27 6.62 -5.63
N GLU B 276 -15.92 6.68 -4.35
CA GLU B 276 -15.64 8.01 -3.73
C GLU B 276 -14.19 8.45 -4.06
N THR B 277 -13.26 7.52 -4.04
CA THR B 277 -11.84 7.85 -4.35
C THR B 277 -11.22 6.61 -5.00
N TRP B 278 -10.70 6.75 -6.17
CA TRP B 278 -10.13 5.57 -6.86
C TRP B 278 -8.63 5.48 -6.59
N PHE B 279 -7.94 4.74 -7.40
CA PHE B 279 -6.47 4.59 -7.20
C PHE B 279 -5.78 4.22 -8.53
N ILE B 280 -4.89 5.07 -8.97
CA ILE B 280 -4.14 4.81 -10.24
C ILE B 280 -2.67 4.73 -9.89
N PRO B 281 -2.07 3.58 -10.08
CA PRO B 281 -0.65 3.33 -9.72
C PRO B 281 0.36 4.01 -10.66
N GLY B 282 1.36 4.62 -10.11
CA GLY B 282 2.40 5.26 -10.95
C GLY B 282 2.64 4.37 -12.15
N GLY B 283 2.79 4.94 -13.30
CA GLY B 283 3.00 4.16 -14.52
C GLY B 283 1.66 3.72 -15.10
N ALA B 284 0.59 4.48 -14.91
CA ALA B 284 -0.71 4.01 -15.49
C ALA B 284 -1.75 5.13 -15.56
N ALA B 285 -2.64 5.08 -16.53
CA ALA B 285 -3.71 6.12 -16.64
C ALA B 285 -5.09 5.45 -16.50
N GLY B 286 -5.99 6.03 -15.73
CA GLY B 286 -7.33 5.41 -15.57
C GLY B 286 -8.39 6.31 -16.20
N ALA B 287 -9.63 6.09 -15.88
CA ALA B 287 -10.73 6.92 -16.46
C ALA B 287 -11.98 6.79 -15.58
N ALA B 288 -12.62 7.89 -15.30
CA ALA B 288 -13.85 7.87 -14.46
C ALA B 288 -14.97 8.61 -15.20
N PHE B 289 -16.14 8.05 -15.21
CA PHE B 289 -17.28 8.69 -15.91
C PHE B 289 -18.34 9.04 -14.87
N TYR B 290 -18.78 10.26 -14.85
CA TYR B 290 -19.79 10.63 -13.83
C TYR B 290 -20.76 11.68 -14.38
N THR B 291 -22.01 11.50 -14.09
CA THR B 291 -23.05 12.47 -14.54
C THR B 291 -23.31 13.44 -13.40
N PHE B 292 -23.05 14.69 -13.63
CA PHE B 292 -23.25 15.72 -12.57
C PHE B 292 -24.72 15.85 -12.22
N GLN B 293 -25.00 16.00 -10.96
CA GLN B 293 -26.43 16.16 -10.53
C GLN B 293 -26.63 17.48 -9.75
N GLN B 294 -25.58 18.12 -9.28
CA GLN B 294 -25.75 19.39 -8.52
C GLN B 294 -24.83 20.46 -9.09
N PRO B 295 -25.31 21.68 -9.15
CA PRO B 295 -24.53 22.83 -9.67
C PRO B 295 -23.67 23.47 -8.60
N GLY B 296 -22.64 24.16 -9.00
CA GLY B 296 -21.75 24.82 -8.01
C GLY B 296 -20.29 24.57 -8.39
N ILE B 297 -19.40 24.81 -7.48
CA ILE B 297 -17.95 24.58 -7.78
C ILE B 297 -17.44 23.35 -7.03
N TYR B 298 -16.87 22.41 -7.73
CA TYR B 298 -16.36 21.19 -7.08
C TYR B 298 -14.86 21.07 -7.34
N ALA B 299 -14.12 20.58 -6.38
CA ALA B 299 -12.65 20.44 -6.55
C ALA B 299 -12.34 18.99 -6.85
N TYR B 300 -11.49 18.74 -7.81
CA TYR B 300 -11.16 17.33 -8.14
C TYR B 300 -9.70 17.16 -7.86
N VAL B 301 -9.34 16.33 -6.94
CA VAL B 301 -7.88 16.27 -6.68
C VAL B 301 -7.44 14.98 -6.03
N ASN B 302 -6.16 14.84 -5.92
CA ASN B 302 -5.57 13.65 -5.29
C ASN B 302 -5.98 13.70 -3.85
N HIS B 303 -6.52 12.65 -3.36
CA HIS B 303 -7.00 12.70 -1.96
C HIS B 303 -5.83 12.99 -1.07
N ASN B 304 -4.72 12.32 -1.22
CA ASN B 304 -3.62 12.76 -0.31
C ASN B 304 -3.88 14.28 -0.02
N LEU B 305 -4.66 14.61 1.00
CA LEU B 305 -5.02 16.03 1.27
C LEU B 305 -3.78 16.89 1.19
N ILE B 306 -2.74 16.42 1.78
CA ILE B 306 -1.47 17.20 1.76
C ILE B 306 -1.06 17.42 0.31
N GLU B 307 -1.03 16.37 -0.45
CA GLU B 307 -0.65 16.50 -1.89
C GLU B 307 -1.67 17.39 -2.64
N ALA B 308 -2.94 17.34 -2.29
CA ALA B 308 -3.95 18.17 -3.01
C ALA B 308 -4.02 19.66 -2.53
N PHE B 309 -3.66 19.99 -1.30
CA PHE B 309 -3.79 21.42 -0.89
C PHE B 309 -2.41 22.03 -0.64
N GLU B 310 -1.53 21.28 -0.06
CA GLU B 310 -0.16 21.82 0.23
C GLU B 310 0.80 21.65 -0.97
N LEU B 311 0.64 20.66 -1.81
CA LEU B 311 1.60 20.49 -2.94
C LEU B 311 1.06 21.17 -4.19
N GLY B 312 -0.18 20.98 -4.47
CA GLY B 312 -0.81 21.60 -5.68
C GLY B 312 -1.54 20.55 -6.55
N ALA B 313 -2.15 19.51 -5.98
CA ALA B 313 -2.87 18.54 -6.84
C ALA B 313 -4.39 18.76 -6.71
N ALA B 314 -4.89 19.92 -7.07
CA ALA B 314 -6.36 20.15 -6.95
C ALA B 314 -6.86 21.10 -8.04
N ALA B 315 -7.79 20.66 -8.86
CA ALA B 315 -8.34 21.54 -9.91
C ALA B 315 -9.76 21.90 -9.51
N HIS B 316 -10.49 22.58 -10.33
CA HIS B 316 -11.89 22.93 -9.92
C HIS B 316 -12.85 22.91 -11.11
N PHE B 317 -14.00 22.28 -10.98
CA PHE B 317 -14.99 22.27 -12.10
C PHE B 317 -16.25 23.11 -11.75
N LYS B 318 -16.56 24.11 -12.56
CA LYS B 318 -17.74 24.95 -12.32
C LYS B 318 -18.90 24.26 -13.01
N VAL B 319 -20.01 24.17 -12.37
CA VAL B 319 -21.14 23.46 -12.98
C VAL B 319 -22.38 24.32 -12.88
N THR B 320 -23.05 24.47 -13.98
CA THR B 320 -24.29 25.29 -14.00
C THR B 320 -25.52 24.38 -13.94
N GLY B 321 -26.62 24.88 -13.45
CA GLY B 321 -27.84 24.04 -13.37
C GLY B 321 -28.70 24.48 -12.17
N GLU B 322 -29.61 23.63 -11.76
CA GLU B 322 -30.50 23.96 -10.62
C GLU B 322 -30.16 23.03 -9.46
N TRP B 323 -30.16 23.55 -8.29
CA TRP B 323 -29.83 22.74 -7.10
C TRP B 323 -30.93 21.72 -6.88
N ASN B 324 -30.58 20.66 -6.26
CA ASN B 324 -31.58 19.57 -5.99
C ASN B 324 -31.60 19.31 -4.49
N ASP B 325 -32.61 19.81 -3.83
CA ASP B 325 -32.70 19.63 -2.36
C ASP B 325 -32.85 18.14 -2.05
N ASP B 326 -33.64 17.46 -2.81
CA ASP B 326 -33.84 16.01 -2.56
C ASP B 326 -32.48 15.36 -2.26
N LEU B 327 -31.50 15.64 -3.07
CA LEU B 327 -30.14 15.06 -2.84
C LEU B 327 -29.48 15.70 -1.61
N MET B 328 -29.61 17.00 -1.43
CA MET B 328 -28.96 17.62 -0.25
C MET B 328 -29.62 18.95 0.05
N THR B 329 -29.84 19.24 1.30
CA THR B 329 -30.48 20.54 1.66
C THR B 329 -30.06 20.98 3.06
N SER B 330 -29.70 22.23 3.22
CA SER B 330 -29.29 22.73 4.55
C SER B 330 -30.55 23.04 5.37
N VAL B 331 -30.97 22.13 6.20
CA VAL B 331 -32.20 22.37 7.00
C VAL B 331 -31.99 23.58 7.89
N LEU B 332 -30.87 23.64 8.53
CA LEU B 332 -30.58 24.81 9.42
C LEU B 332 -29.20 25.39 9.07
N ALA B 333 -29.16 26.54 8.47
CA ALA B 333 -27.85 27.14 8.11
C ALA B 333 -27.08 27.47 9.39
N PRO B 334 -25.79 27.52 9.32
CA PRO B 334 -24.92 27.82 10.49
C PRO B 334 -25.44 29.02 11.29
N SER B 335 -25.82 28.81 12.52
CA SER B 335 -26.33 29.94 13.33
C SER B 335 -25.93 29.74 14.79
N GLY B 336 -26.47 30.55 15.66
CA GLY B 336 -26.14 30.41 17.11
C GLY B 336 -26.86 29.20 17.69
N ALA C 1 -11.21 -32.67 7.41
CA ALA C 1 -10.76 -34.09 7.46
C ALA C 1 -10.30 -34.42 8.89
N THR C 2 -10.35 -35.67 9.27
CA THR C 2 -9.92 -36.05 10.63
C THR C 2 -8.43 -36.40 10.60
N ALA C 3 -7.83 -36.54 11.75
CA ALA C 3 -6.38 -36.88 11.79
C ALA C 3 -6.14 -38.18 11.02
N ALA C 4 -6.97 -39.16 11.19
CA ALA C 4 -6.77 -40.46 10.47
C ALA C 4 -6.80 -40.21 8.97
N GLU C 5 -7.77 -39.46 8.50
CA GLU C 5 -7.85 -39.19 7.03
C GLU C 5 -6.57 -38.50 6.55
N ILE C 6 -6.08 -37.55 7.30
CA ILE C 6 -4.84 -36.83 6.88
C ILE C 6 -3.63 -37.79 6.91
N ALA C 7 -3.61 -38.68 7.86
CA ALA C 7 -2.45 -39.62 7.95
C ALA C 7 -2.44 -40.60 6.76
N ALA C 8 -3.57 -40.86 6.16
CA ALA C 8 -3.61 -41.82 5.02
C ALA C 8 -3.39 -41.10 3.67
N LEU C 9 -3.22 -39.81 3.65
CA LEU C 9 -3.01 -39.10 2.34
C LEU C 9 -1.55 -39.30 1.88
N PRO C 10 -1.33 -39.40 0.60
CA PRO C 10 0.04 -39.59 0.03
C PRO C 10 0.95 -38.37 0.28
N ARG C 11 2.18 -38.58 0.71
CA ARG C 11 3.09 -37.43 0.96
C ARG C 11 4.13 -37.33 -0.18
N GLN C 12 4.42 -36.13 -0.61
CA GLN C 12 5.42 -35.93 -1.69
C GLN C 12 6.46 -34.89 -1.24
N LYS C 13 7.71 -35.26 -1.24
CA LYS C 13 8.78 -34.34 -0.82
C LYS C 13 9.21 -33.55 -2.04
N VAL C 14 9.40 -32.29 -1.86
CA VAL C 14 9.80 -31.45 -3.01
C VAL C 14 11.11 -30.73 -2.72
N GLU C 15 11.97 -30.69 -3.70
CA GLU C 15 13.27 -30.01 -3.57
C GLU C 15 13.09 -28.59 -4.08
N LEU C 16 13.38 -27.64 -3.27
CA LEU C 16 13.17 -26.22 -3.67
C LEU C 16 14.38 -25.70 -4.42
N VAL C 17 14.16 -24.76 -5.30
CA VAL C 17 15.28 -24.17 -6.07
C VAL C 17 15.46 -22.73 -5.61
N ASP C 18 16.35 -22.01 -6.20
CA ASP C 18 16.53 -20.59 -5.76
C ASP C 18 15.90 -19.63 -6.80
N PRO C 19 15.12 -18.67 -6.35
CA PRO C 19 14.48 -17.68 -7.26
C PRO C 19 15.48 -17.15 -8.30
N PRO C 20 14.99 -16.66 -9.40
CA PRO C 20 13.52 -16.59 -9.68
C PRO C 20 12.93 -17.91 -10.18
N PHE C 21 13.73 -18.92 -10.35
CA PHE C 21 13.23 -20.23 -10.83
C PHE C 21 12.33 -20.86 -9.78
N VAL C 22 11.45 -21.71 -10.19
CA VAL C 22 10.54 -22.38 -9.27
C VAL C 22 10.81 -23.86 -9.38
N HIS C 23 10.41 -24.59 -8.41
CA HIS C 23 10.65 -26.06 -8.43
C HIS C 23 9.68 -26.72 -9.40
N ALA C 24 9.91 -27.97 -9.68
CA ALA C 24 9.02 -28.72 -10.60
C ALA C 24 7.64 -28.85 -9.96
N HIS C 25 6.62 -28.75 -10.77
CA HIS C 25 5.23 -28.87 -10.26
C HIS C 25 4.27 -28.92 -11.46
N SER C 26 3.13 -29.53 -11.30
CA SER C 26 2.16 -29.61 -12.41
C SER C 26 1.06 -28.59 -12.18
N GLN C 27 0.61 -27.95 -13.21
CA GLN C 27 -0.46 -26.92 -13.03
C GLN C 27 -1.69 -27.64 -12.53
N VAL C 28 -2.13 -28.58 -13.30
CA VAL C 28 -3.29 -29.41 -12.89
C VAL C 28 -2.81 -30.41 -11.85
N ALA C 29 -3.53 -30.54 -10.78
CA ALA C 29 -3.11 -31.46 -9.69
C ALA C 29 -3.08 -32.90 -10.18
N GLU C 30 -2.05 -33.61 -9.86
CA GLU C 30 -1.95 -35.04 -10.28
C GLU C 30 -2.38 -35.93 -9.11
N GLY C 31 -3.62 -36.33 -9.08
CA GLY C 31 -4.11 -37.17 -7.97
C GLY C 31 -4.93 -36.31 -7.01
N GLY C 32 -5.31 -36.85 -5.90
CA GLY C 32 -6.12 -36.06 -4.92
C GLY C 32 -5.18 -35.27 -3.98
N PRO C 33 -5.69 -34.87 -2.84
CA PRO C 33 -4.93 -34.10 -1.83
C PRO C 33 -3.70 -34.85 -1.33
N LYS C 34 -2.63 -34.14 -1.13
CA LYS C 34 -1.39 -34.80 -0.64
C LYS C 34 -0.57 -33.84 0.26
N VAL C 35 0.02 -34.37 1.30
CA VAL C 35 0.84 -33.57 2.24
C VAL C 35 2.21 -33.33 1.60
N VAL C 36 2.38 -32.15 1.12
CA VAL C 36 3.61 -31.76 0.44
C VAL C 36 4.60 -31.44 1.52
N GLU C 37 5.78 -31.86 1.33
CA GLU C 37 6.81 -31.63 2.38
C GLU C 37 7.95 -30.80 1.83
N PHE C 38 8.29 -29.74 2.51
CA PHE C 38 9.42 -28.88 2.07
C PHE C 38 10.26 -28.47 3.30
N THR C 39 11.56 -28.43 3.18
CA THR C 39 12.40 -28.05 4.35
C THR C 39 13.32 -26.89 3.97
N MET C 40 13.41 -25.90 4.81
CA MET C 40 14.28 -24.72 4.49
C MET C 40 15.09 -24.30 5.72
N VAL C 41 16.39 -24.23 5.59
CA VAL C 41 17.27 -23.81 6.70
C VAL C 41 17.45 -22.30 6.57
N ILE C 42 17.43 -21.62 7.65
CA ILE C 42 17.57 -20.14 7.61
C ILE C 42 19.03 -19.79 7.77
N GLU C 43 19.53 -18.92 6.95
CA GLU C 43 20.97 -18.57 7.07
C GLU C 43 21.15 -17.05 7.17
N GLU C 44 21.55 -16.55 8.31
CA GLU C 44 21.76 -15.07 8.42
C GLU C 44 23.21 -14.73 8.01
N LYS C 45 23.40 -14.08 6.88
CA LYS C 45 24.78 -13.76 6.47
C LYS C 45 24.77 -12.36 5.87
N LYS C 46 25.82 -12.02 5.21
CA LYS C 46 25.89 -10.66 4.57
C LYS C 46 25.80 -10.76 3.03
N ILE C 47 24.88 -10.03 2.44
CA ILE C 47 24.72 -10.01 0.96
C ILE C 47 24.96 -8.58 0.44
N VAL C 48 25.64 -8.48 -0.66
CA VAL C 48 25.95 -7.19 -1.27
C VAL C 48 24.74 -6.84 -2.05
N ILE C 49 24.40 -5.64 -2.05
CA ILE C 49 23.15 -5.25 -2.76
C ILE C 49 23.39 -4.32 -3.95
N ASP C 50 24.52 -3.69 -4.03
CA ASP C 50 24.75 -2.75 -5.17
C ASP C 50 26.18 -2.88 -5.68
N ASP C 51 26.58 -2.00 -6.55
CA ASP C 51 27.95 -2.07 -7.10
C ASP C 51 28.91 -1.39 -6.12
N ALA C 52 28.40 -0.48 -5.33
CA ALA C 52 29.29 0.22 -4.35
C ALA C 52 29.71 -0.73 -3.21
N GLY C 53 29.32 -1.98 -3.25
CA GLY C 53 29.72 -2.93 -2.16
C GLY C 53 28.83 -2.77 -0.91
N THR C 54 27.70 -2.09 -1.00
CA THR C 54 26.82 -1.94 0.18
C THR C 54 26.49 -3.33 0.69
N GLU C 55 26.37 -3.50 1.97
CA GLU C 55 26.08 -4.86 2.48
C GLU C 55 24.90 -4.85 3.48
N VAL C 56 24.01 -5.80 3.36
CA VAL C 56 22.87 -5.90 4.31
C VAL C 56 22.86 -7.29 5.01
N HIS C 57 22.82 -7.30 6.32
CA HIS C 57 22.80 -8.57 7.10
C HIS C 57 21.48 -9.25 6.79
N ALA C 58 21.49 -10.06 5.81
CA ALA C 58 20.25 -10.73 5.37
C ALA C 58 19.91 -11.97 6.22
N MET C 59 18.64 -12.12 6.45
CA MET C 59 18.10 -13.27 7.21
C MET C 59 17.39 -13.98 6.11
N ALA C 60 17.86 -15.09 5.72
CA ALA C 60 17.28 -15.63 4.50
C ALA C 60 16.89 -17.04 4.65
N PHE C 61 15.70 -17.25 4.30
CA PHE C 61 15.17 -18.66 4.32
C PHE C 61 15.72 -19.38 3.09
N ASN C 62 16.38 -20.50 3.25
CA ASN C 62 16.97 -21.20 2.08
C ASN C 62 18.24 -20.48 1.57
N GLY C 63 18.80 -19.57 2.34
CA GLY C 63 20.03 -18.86 1.88
C GLY C 63 19.75 -17.91 0.69
N THR C 64 18.53 -17.53 0.43
CA THR C 64 18.31 -16.59 -0.75
C THR C 64 17.16 -15.57 -0.50
N VAL C 65 17.38 -14.30 -0.84
CA VAL C 65 16.32 -13.29 -0.70
C VAL C 65 15.82 -12.99 -2.11
N PRO C 66 14.57 -13.21 -2.35
CA PRO C 66 13.61 -13.70 -1.33
C PRO C 66 13.58 -15.23 -1.25
N GLY C 67 13.18 -15.74 -0.13
CA GLY C 67 13.11 -17.22 0.02
C GLY C 67 12.57 -17.82 -1.28
N PRO C 68 12.57 -19.11 -1.37
CA PRO C 68 12.07 -19.84 -2.57
C PRO C 68 10.54 -19.92 -2.62
N LEU C 69 9.99 -20.04 -3.80
CA LEU C 69 8.50 -20.13 -3.92
C LEU C 69 8.05 -21.59 -3.85
N MET C 70 7.22 -21.92 -2.89
CA MET C 70 6.71 -23.29 -2.76
C MET C 70 5.41 -23.35 -3.54
N VAL C 71 5.14 -24.45 -4.13
CA VAL C 71 3.89 -24.53 -4.95
C VAL C 71 3.11 -25.83 -4.68
N VAL C 72 1.94 -25.70 -4.14
CA VAL C 72 1.05 -26.86 -3.88
C VAL C 72 -0.34 -26.50 -4.44
N HIS C 73 -1.27 -27.41 -4.42
CA HIS C 73 -2.62 -27.10 -4.95
C HIS C 73 -3.55 -26.79 -3.78
N GLN C 74 -4.72 -26.36 -4.09
CA GLN C 74 -5.70 -26.03 -3.03
C GLN C 74 -6.21 -27.32 -2.42
N ASP C 75 -6.23 -27.39 -1.13
CA ASP C 75 -6.68 -28.63 -0.45
C ASP C 75 -5.47 -29.38 0.08
N ASP C 76 -4.39 -29.37 -0.65
CA ASP C 76 -3.16 -30.08 -0.19
C ASP C 76 -2.61 -29.39 1.06
N TYR C 77 -2.00 -30.15 1.92
CA TYR C 77 -1.43 -29.57 3.17
C TYR C 77 0.09 -29.39 2.99
N LEU C 78 0.55 -28.23 3.29
CA LEU C 78 1.99 -27.91 3.17
C LEU C 78 2.64 -28.14 4.52
N GLU C 79 3.61 -28.99 4.55
CA GLU C 79 4.29 -29.32 5.82
C GLU C 79 5.71 -28.85 5.66
N LEU C 80 6.09 -27.89 6.41
CA LEU C 80 7.46 -27.34 6.23
C LEU C 80 8.33 -27.51 7.47
N THR C 81 9.42 -28.20 7.32
CA THR C 81 10.38 -28.37 8.46
C THR C 81 11.41 -27.24 8.37
N LEU C 82 11.35 -26.30 9.28
CA LEU C 82 12.27 -25.17 9.26
C LEU C 82 13.36 -25.48 10.23
N ILE C 83 14.49 -24.98 9.96
CA ILE C 83 15.65 -25.27 10.85
C ILE C 83 16.53 -24.02 11.01
N ASN C 84 16.75 -23.64 12.23
CA ASN C 84 17.62 -22.46 12.52
C ASN C 84 18.93 -22.99 13.09
N PRO C 85 19.94 -23.03 12.26
CA PRO C 85 21.28 -23.56 12.63
C PRO C 85 21.94 -22.86 13.82
N GLU C 86 22.73 -23.57 14.58
CA GLU C 86 23.42 -22.94 15.74
C GLU C 86 24.29 -21.75 15.27
N THR C 87 24.78 -21.79 14.05
CA THR C 87 25.64 -20.66 13.55
C THR C 87 24.89 -19.32 13.61
N ASN C 88 23.58 -19.33 13.53
CA ASN C 88 22.83 -18.04 13.55
C ASN C 88 22.86 -17.45 14.96
N THR C 89 22.38 -16.25 15.11
CA THR C 89 22.38 -15.61 16.46
C THR C 89 20.98 -15.04 16.84
N LEU C 90 19.96 -15.20 16.02
CA LEU C 90 18.62 -14.63 16.42
C LEU C 90 17.50 -15.66 16.24
N MET C 91 16.53 -15.69 17.14
CA MET C 91 15.40 -16.66 16.97
C MET C 91 14.45 -16.15 15.88
N HIS C 92 13.99 -17.03 15.01
CA HIS C 92 13.08 -16.60 13.93
C HIS C 92 11.71 -17.29 14.08
N ASN C 93 10.99 -17.34 13.00
CA ASN C 93 9.64 -17.97 12.97
C ASN C 93 9.04 -17.71 11.57
N ILE C 94 8.07 -18.48 11.13
CA ILE C 94 7.51 -18.24 9.77
C ILE C 94 5.98 -18.09 9.81
N ASP C 95 5.47 -17.04 9.23
CA ASP C 95 4.00 -16.83 9.17
C ASP C 95 3.55 -16.83 7.69
N PHE C 96 2.82 -17.84 7.28
CA PHE C 96 2.38 -17.92 5.87
C PHE C 96 0.98 -17.33 5.72
N HIS C 97 0.88 -16.28 4.97
CA HIS C 97 -0.44 -15.62 4.74
C HIS C 97 -1.47 -16.65 4.23
N ALA C 98 -1.02 -17.69 3.58
CA ALA C 98 -1.97 -18.70 3.03
C ALA C 98 -2.41 -19.73 4.09
N ALA C 99 -2.10 -19.49 5.33
CA ALA C 99 -2.53 -20.44 6.40
C ALA C 99 -3.57 -19.77 7.28
N THR C 100 -4.21 -20.52 8.13
CA THR C 100 -5.26 -19.91 9.02
C THR C 100 -5.10 -20.39 10.47
N GLY C 101 -4.69 -19.51 11.35
CA GLY C 101 -4.55 -19.88 12.81
C GLY C 101 -3.09 -19.69 13.31
N ALA C 102 -2.90 -19.16 14.52
CA ALA C 102 -1.51 -19.00 15.05
C ALA C 102 -0.71 -17.93 14.28
N LEU C 103 -1.31 -16.79 14.05
CA LEU C 103 -0.58 -15.69 13.34
C LEU C 103 0.06 -16.20 12.05
N GLY C 104 -0.60 -17.10 11.37
CA GLY C 104 -0.04 -17.62 10.09
C GLY C 104 1.08 -18.64 10.37
N GLY C 105 1.08 -19.24 11.52
CA GLY C 105 2.14 -20.25 11.84
C GLY C 105 3.31 -19.62 12.63
N GLY C 106 3.33 -18.33 12.83
CA GLY C 106 4.46 -17.70 13.58
C GLY C 106 4.36 -18.04 15.08
N GLY C 107 3.17 -18.20 15.59
CA GLY C 107 3.02 -18.52 17.05
C GLY C 107 3.46 -19.96 17.36
N LEU C 108 3.56 -20.82 16.37
CA LEU C 108 3.97 -22.23 16.64
C LEU C 108 5.27 -22.60 15.88
N THR C 109 6.09 -21.64 15.55
CA THR C 109 7.37 -21.94 14.83
C THR C 109 8.54 -21.06 15.37
N GLU C 110 8.46 -20.52 16.56
CA GLU C 110 9.58 -19.70 17.09
C GLU C 110 10.71 -20.64 17.46
N ILE C 111 11.80 -20.60 16.74
CA ILE C 111 12.91 -21.54 17.04
C ILE C 111 14.21 -20.78 17.18
N ASN C 112 14.87 -20.92 18.28
CA ASN C 112 16.16 -20.22 18.48
C ASN C 112 17.30 -21.07 17.91
N PRO C 113 18.43 -20.46 17.65
CA PRO C 113 19.61 -21.17 17.11
C PRO C 113 19.73 -22.59 17.68
N GLY C 114 19.93 -23.56 16.83
CA GLY C 114 20.03 -24.97 17.32
C GLY C 114 18.64 -25.61 17.50
N GLU C 115 17.59 -25.04 16.94
CA GLU C 115 16.24 -25.65 17.10
C GLU C 115 15.50 -25.70 15.74
N LYS C 116 14.74 -26.74 15.50
CA LYS C 116 13.96 -26.86 14.23
C LYS C 116 12.56 -27.38 14.54
N THR C 117 11.59 -27.03 13.76
CA THR C 117 10.22 -27.49 14.03
C THR C 117 9.57 -27.89 12.72
N ILE C 118 8.38 -28.39 12.81
CA ILE C 118 7.65 -28.80 11.59
C ILE C 118 6.19 -28.35 11.72
N LEU C 119 5.72 -27.55 10.81
CA LEU C 119 4.32 -27.07 10.90
C LEU C 119 3.57 -27.46 9.64
N ARG C 120 2.39 -27.97 9.80
CA ARG C 120 1.60 -28.38 8.61
C ARG C 120 0.25 -27.65 8.60
N PHE C 121 -0.08 -27.01 7.52
CA PHE C 121 -1.37 -26.29 7.43
C PHE C 121 -2.08 -26.66 6.11
N LYS C 122 -3.39 -26.57 6.09
CA LYS C 122 -4.17 -26.89 4.88
C LYS C 122 -4.27 -25.64 4.00
N ALA C 123 -3.97 -25.80 2.76
CA ALA C 123 -4.03 -24.68 1.80
C ALA C 123 -5.45 -24.62 1.32
N THR C 124 -6.23 -23.88 2.01
CA THR C 124 -7.70 -23.84 1.69
C THR C 124 -8.10 -22.76 0.66
N LYS C 125 -7.21 -21.90 0.28
CA LYS C 125 -7.57 -20.83 -0.68
C LYS C 125 -6.52 -20.79 -1.79
N PRO C 126 -6.96 -20.69 -3.01
CA PRO C 126 -6.06 -20.66 -4.19
C PRO C 126 -5.51 -19.26 -4.48
N GLY C 127 -4.21 -19.14 -4.67
CA GLY C 127 -3.65 -17.79 -4.98
C GLY C 127 -2.24 -17.64 -4.39
N VAL C 128 -1.45 -16.77 -4.96
CA VAL C 128 -0.08 -16.55 -4.46
C VAL C 128 -0.19 -15.78 -3.15
N PHE C 129 0.67 -16.07 -2.23
CA PHE C 129 0.59 -15.39 -0.93
C PHE C 129 2.00 -15.18 -0.43
N VAL C 130 2.21 -14.19 0.36
CA VAL C 130 3.62 -13.95 0.85
C VAL C 130 3.87 -14.51 2.28
N TYR C 131 4.94 -15.28 2.47
CA TYR C 131 5.29 -15.79 3.80
C TYR C 131 6.44 -14.94 4.32
N HIS C 132 6.60 -14.81 5.60
CA HIS C 132 7.70 -13.95 6.13
C HIS C 132 7.87 -14.15 7.64
N CYS C 133 9.10 -14.12 8.12
CA CYS C 133 9.34 -14.34 9.58
C CYS C 133 8.86 -13.10 10.34
N ALA C 134 8.39 -13.27 11.54
CA ALA C 134 7.90 -12.08 12.29
C ALA C 134 7.96 -12.34 13.79
N PRO C 135 9.13 -12.36 14.34
CA PRO C 135 9.33 -12.58 15.80
C PRO C 135 8.74 -11.41 16.61
N PRO C 136 7.88 -11.71 17.55
CA PRO C 136 7.23 -10.66 18.40
C PRO C 136 8.19 -9.54 18.84
N GLY C 137 7.89 -8.30 18.51
CA GLY C 137 8.79 -7.18 18.93
C GLY C 137 9.80 -6.78 17.83
N MET C 138 10.12 -7.65 16.90
CA MET C 138 11.11 -7.28 15.86
C MET C 138 10.62 -7.77 14.51
N VAL C 139 9.36 -7.58 14.26
CA VAL C 139 8.79 -8.04 12.96
C VAL C 139 9.42 -7.30 11.76
N PRO C 140 9.16 -6.03 11.64
CA PRO C 140 9.65 -5.18 10.52
C PRO C 140 11.14 -5.37 10.24
N TRP C 141 11.92 -5.56 11.27
CA TRP C 141 13.39 -5.75 11.07
C TRP C 141 13.67 -7.05 10.30
N HIS C 142 13.08 -8.14 10.71
CA HIS C 142 13.32 -9.44 10.03
C HIS C 142 12.82 -9.39 8.58
N VAL C 143 11.70 -8.78 8.34
CA VAL C 143 11.15 -8.73 6.95
C VAL C 143 12.06 -7.87 6.06
N VAL C 144 12.44 -6.71 6.53
CA VAL C 144 13.30 -5.81 5.70
C VAL C 144 14.64 -6.49 5.47
N SER C 145 15.09 -7.24 6.43
CA SER C 145 16.39 -7.95 6.27
C SER C 145 16.31 -9.00 5.14
N GLY C 146 15.19 -9.15 4.50
CA GLY C 146 15.05 -10.15 3.41
C GLY C 146 14.52 -11.48 3.94
N MET C 147 13.79 -11.48 5.03
CA MET C 147 13.26 -12.77 5.55
C MET C 147 11.80 -12.93 5.09
N ASN C 148 11.61 -13.15 3.82
CA ASN C 148 10.23 -13.29 3.31
C ASN C 148 10.26 -13.79 1.85
N GLY C 149 9.27 -14.52 1.47
CA GLY C 149 9.19 -15.06 0.07
C GLY C 149 7.71 -15.19 -0.32
N ALA C 150 7.31 -16.28 -0.94
CA ALA C 150 5.87 -16.41 -1.32
C ALA C 150 5.55 -17.83 -1.83
N ILE C 151 4.36 -18.32 -1.55
CA ILE C 151 3.96 -19.67 -2.03
C ILE C 151 2.76 -19.55 -2.97
N MET C 152 2.63 -20.44 -3.91
CA MET C 152 1.49 -20.38 -4.87
C MET C 152 0.62 -21.64 -4.76
N VAL C 153 -0.59 -21.48 -4.30
CA VAL C 153 -1.52 -22.63 -4.17
C VAL C 153 -2.39 -22.57 -5.40
N LEU C 154 -2.14 -23.43 -6.32
CA LEU C 154 -2.90 -23.35 -7.61
C LEU C 154 -4.16 -24.20 -7.59
N PRO C 155 -5.22 -23.70 -8.17
CA PRO C 155 -6.49 -24.46 -8.27
C PRO C 155 -6.23 -25.89 -8.76
N ARG C 156 -6.89 -26.87 -8.20
CA ARG C 156 -6.67 -28.27 -8.62
C ARG C 156 -6.72 -28.39 -10.13
N GLU C 157 -7.59 -27.66 -10.76
CA GLU C 157 -7.71 -27.73 -12.25
C GLU C 157 -6.79 -26.70 -12.96
N GLY C 158 -5.80 -26.16 -12.29
CA GLY C 158 -4.90 -25.17 -12.97
C GLY C 158 -5.51 -23.77 -12.92
N LEU C 159 -4.96 -22.86 -13.68
CA LEU C 159 -5.51 -21.46 -13.68
C LEU C 159 -6.45 -21.26 -14.87
N HIS C 160 -7.45 -20.42 -14.70
CA HIS C 160 -8.41 -20.15 -15.80
C HIS C 160 -8.73 -18.64 -15.77
N ASP C 161 -9.16 -18.11 -16.87
CA ASP C 161 -9.48 -16.64 -16.92
C ASP C 161 -10.74 -16.35 -16.11
N GLY C 162 -11.39 -15.24 -16.38
CA GLY C 162 -12.63 -14.89 -15.61
C GLY C 162 -13.85 -15.66 -16.18
N LYS C 163 -13.79 -16.11 -17.40
CA LYS C 163 -14.96 -16.85 -17.97
C LYS C 163 -14.86 -18.36 -17.70
N GLY C 164 -13.73 -18.82 -17.22
CA GLY C 164 -13.59 -20.30 -16.95
C GLY C 164 -12.57 -20.97 -17.92
N LYS C 165 -12.14 -20.32 -18.97
CA LYS C 165 -11.18 -20.96 -19.92
C LYS C 165 -9.88 -21.26 -19.20
N ALA C 166 -9.20 -22.28 -19.60
CA ALA C 166 -7.91 -22.64 -18.94
C ALA C 166 -6.72 -21.82 -19.51
N LEU C 167 -5.94 -21.22 -18.63
CA LEU C 167 -4.74 -20.46 -19.02
C LEU C 167 -3.55 -21.25 -18.50
N THR C 168 -2.74 -21.73 -19.39
CA THR C 168 -1.61 -22.56 -18.99
C THR C 168 -0.37 -21.85 -19.39
N TYR C 169 0.56 -21.82 -18.54
CA TYR C 169 1.82 -21.09 -18.85
C TYR C 169 2.96 -22.06 -19.14
N ASP C 170 3.82 -21.71 -20.06
CA ASP C 170 4.99 -22.58 -20.37
C ASP C 170 6.16 -22.28 -19.41
N LYS C 171 6.24 -21.08 -18.87
CA LYS C 171 7.36 -20.76 -17.95
C LYS C 171 6.86 -19.87 -16.81
N ILE C 172 7.36 -20.08 -15.63
CA ILE C 172 6.93 -19.25 -14.47
C ILE C 172 8.16 -18.77 -13.67
N TYR C 173 8.21 -17.49 -13.38
CA TYR C 173 9.36 -16.93 -12.62
C TYR C 173 8.79 -16.20 -11.41
N TYR C 174 9.51 -16.19 -10.34
CA TYR C 174 9.05 -15.51 -9.11
C TYR C 174 10.02 -14.41 -8.75
N VAL C 175 9.57 -13.19 -8.81
CA VAL C 175 10.46 -12.04 -8.50
C VAL C 175 10.03 -11.40 -7.18
N GLY C 176 10.80 -11.61 -6.16
CA GLY C 176 10.50 -11.03 -4.83
C GLY C 176 11.19 -9.69 -4.71
N GLU C 177 10.44 -8.67 -4.47
CA GLU C 177 10.99 -7.31 -4.36
C GLU C 177 11.30 -7.08 -2.91
N GLN C 178 12.30 -6.33 -2.65
CA GLN C 178 12.66 -6.08 -1.23
C GLN C 178 13.14 -4.65 -1.02
N ASP C 179 12.53 -3.95 -0.12
CA ASP C 179 12.96 -2.55 0.16
C ASP C 179 13.88 -2.56 1.39
N PHE C 180 15.10 -2.14 1.24
CA PHE C 180 16.02 -2.15 2.39
C PHE C 180 16.11 -0.75 2.99
N TYR C 181 16.88 -0.64 4.02
CA TYR C 181 17.06 0.67 4.71
C TYR C 181 18.46 0.64 5.30
N VAL C 182 19.43 1.00 4.52
CA VAL C 182 20.83 0.91 4.99
C VAL C 182 21.28 2.21 5.61
N PRO C 183 21.81 2.12 6.79
CA PRO C 183 22.33 3.32 7.52
C PRO C 183 23.60 3.91 6.87
N ARG C 184 23.70 5.23 6.79
CA ARG C 184 24.89 5.87 6.19
C ARG C 184 25.56 6.73 7.25
N ASP C 185 26.82 7.00 7.09
CA ASP C 185 27.55 7.83 8.10
C ASP C 185 27.29 9.33 7.87
N GLU C 186 28.20 10.19 8.27
CA GLU C 186 27.98 11.66 8.08
C GLU C 186 28.33 12.08 6.65
N ASN C 187 29.24 11.38 6.00
CA ASN C 187 29.62 11.77 4.61
C ASN C 187 28.63 11.18 3.57
N GLY C 188 27.71 10.35 3.97
CA GLY C 188 26.74 9.77 2.99
C GLY C 188 27.16 8.34 2.56
N LYS C 189 28.23 7.79 3.09
CA LYS C 189 28.64 6.41 2.70
C LYS C 189 27.90 5.37 3.54
N TYR C 190 27.45 4.31 2.92
CA TYR C 190 26.73 3.26 3.66
C TYR C 190 27.65 2.70 4.72
N LYS C 191 27.11 2.32 5.82
CA LYS C 191 27.95 1.78 6.92
C LYS C 191 27.89 0.24 6.91
N LYS C 192 28.97 -0.38 7.28
CA LYS C 192 28.99 -1.86 7.32
C LYS C 192 29.30 -2.29 8.74
N TYR C 193 28.85 -3.44 9.14
CA TYR C 193 29.12 -3.87 10.52
C TYR C 193 29.71 -5.25 10.52
N GLU C 194 29.67 -5.91 11.62
CA GLU C 194 30.24 -7.29 11.69
C GLU C 194 29.14 -8.29 12.09
N ALA C 195 28.09 -7.84 12.74
CA ALA C 195 27.02 -8.77 13.14
C ALA C 195 25.68 -8.14 12.81
N PRO C 196 24.65 -8.92 12.87
CA PRO C 196 23.26 -8.46 12.57
C PRO C 196 22.70 -7.53 13.65
N GLY C 197 22.98 -7.81 14.90
CA GLY C 197 22.44 -6.95 15.99
C GLY C 197 23.15 -5.57 16.01
N ASP C 198 24.40 -5.52 15.63
CA ASP C 198 25.14 -4.22 15.65
C ASP C 198 24.46 -3.20 14.74
N ALA C 199 23.73 -3.64 13.75
CA ALA C 199 23.06 -2.67 12.82
C ALA C 199 21.54 -2.54 13.11
N TYR C 200 21.07 -3.00 14.24
CA TYR C 200 19.60 -2.87 14.55
C TYR C 200 19.17 -1.40 14.85
N GLU C 201 19.84 -0.69 15.74
CA GLU C 201 19.41 0.69 16.08
C GLU C 201 19.53 1.61 14.87
N ASP C 202 20.64 1.56 14.20
CA ASP C 202 20.85 2.45 13.01
C ASP C 202 19.83 2.11 11.93
N THR C 203 19.53 0.87 11.76
CA THR C 203 18.54 0.48 10.71
C THR C 203 17.15 1.00 11.09
N VAL C 204 16.73 0.79 12.30
CA VAL C 204 15.38 1.27 12.73
C VAL C 204 15.23 2.75 12.38
N LYS C 205 16.24 3.53 12.68
CA LYS C 205 16.16 4.98 12.37
C LYS C 205 15.84 5.18 10.89
N VAL C 206 16.48 4.44 10.02
CA VAL C 206 16.21 4.59 8.56
C VAL C 206 14.82 4.05 8.24
N MET C 207 14.45 2.94 8.83
CA MET C 207 13.11 2.36 8.53
C MET C 207 12.00 3.34 8.92
N ARG C 208 12.17 4.08 9.98
CA ARG C 208 11.11 5.05 10.40
C ARG C 208 10.87 6.09 9.29
N THR C 209 11.91 6.49 8.62
CA THR C 209 11.75 7.50 7.54
C THR C 209 10.83 6.98 6.42
N LEU C 210 10.46 5.72 6.44
CA LEU C 210 9.57 5.19 5.36
C LEU C 210 10.19 5.48 3.98
N THR C 211 11.50 5.55 3.91
CA THR C 211 12.15 5.82 2.60
C THR C 211 13.30 4.83 2.43
N PRO C 212 13.08 3.80 1.66
CA PRO C 212 14.11 2.74 1.42
C PRO C 212 15.32 3.22 0.61
N THR C 213 16.52 2.96 1.09
CA THR C 213 17.73 3.40 0.33
C THR C 213 17.86 2.55 -0.96
N HIS C 214 17.29 1.38 -1.00
CA HIS C 214 17.40 0.53 -2.22
C HIS C 214 16.19 -0.40 -2.30
N VAL C 215 15.59 -0.49 -3.46
CA VAL C 215 14.41 -1.37 -3.62
C VAL C 215 14.75 -2.25 -4.79
N VAL C 216 14.92 -3.51 -4.59
CA VAL C 216 15.37 -4.28 -5.76
C VAL C 216 14.68 -5.61 -5.86
N PHE C 217 15.12 -6.40 -6.78
CA PHE C 217 14.50 -7.73 -6.98
C PHE C 217 15.57 -8.81 -6.86
N ASN C 218 15.28 -9.86 -6.15
CA ASN C 218 16.29 -10.96 -5.97
C ASN C 218 17.38 -10.61 -4.93
N GLY C 219 17.22 -9.55 -4.16
CA GLY C 219 18.25 -9.20 -3.13
C GLY C 219 19.44 -8.34 -3.69
N ALA C 220 19.36 -7.69 -4.84
CA ALA C 220 20.53 -6.85 -5.27
C ALA C 220 20.22 -6.03 -6.54
N VAL C 221 20.65 -4.78 -6.58
CA VAL C 221 20.42 -3.97 -7.81
C VAL C 221 21.08 -4.69 -8.98
N GLY C 222 20.36 -4.90 -10.04
CA GLY C 222 20.95 -5.62 -11.20
C GLY C 222 21.05 -7.14 -10.93
N ALA C 223 20.23 -7.69 -10.04
CA ALA C 223 20.31 -9.16 -9.78
C ALA C 223 19.68 -10.00 -10.92
N LEU C 224 18.55 -9.60 -11.46
CA LEU C 224 17.88 -10.40 -12.55
C LEU C 224 18.20 -9.86 -13.95
N THR C 225 19.41 -9.46 -14.18
CA THR C 225 19.85 -8.97 -15.52
C THR C 225 21.24 -9.55 -15.83
N GLY C 226 21.56 -9.73 -17.08
CA GLY C 226 22.88 -10.32 -17.45
C GLY C 226 22.75 -11.83 -17.40
N ASP C 227 23.57 -12.47 -16.62
CA ASP C 227 23.46 -13.96 -16.52
C ASP C 227 22.12 -14.37 -15.87
N LYS C 228 21.49 -13.48 -15.12
CA LYS C 228 20.18 -13.85 -14.48
C LYS C 228 18.97 -13.31 -15.27
N ALA C 229 19.17 -12.60 -16.35
CA ALA C 229 17.98 -12.08 -17.11
C ALA C 229 17.03 -13.24 -17.45
N MET C 230 15.76 -13.09 -17.15
CA MET C 230 14.80 -14.16 -17.47
C MET C 230 14.87 -14.43 -18.96
N THR C 231 14.20 -15.43 -19.40
CA THR C 231 14.20 -15.76 -20.84
C THR C 231 12.79 -16.19 -21.29
N ALA C 232 12.49 -15.95 -22.54
CA ALA C 232 11.16 -16.33 -23.10
C ALA C 232 11.22 -16.14 -24.63
N ALA C 233 10.46 -16.91 -25.38
CA ALA C 233 10.49 -16.78 -26.85
C ALA C 233 9.10 -16.41 -27.36
N VAL C 234 9.05 -15.69 -28.43
CA VAL C 234 7.75 -15.27 -29.01
C VAL C 234 6.83 -16.46 -29.05
N GLY C 235 5.61 -16.27 -28.64
CA GLY C 235 4.63 -17.40 -28.63
C GLY C 235 4.61 -18.14 -27.26
N GLU C 236 5.51 -17.84 -26.36
CA GLU C 236 5.53 -18.52 -25.05
C GLU C 236 4.69 -17.74 -24.04
N LYS C 237 4.03 -18.44 -23.18
CA LYS C 237 3.18 -17.80 -22.15
C LYS C 237 3.94 -17.91 -20.86
N VAL C 238 4.04 -16.86 -20.14
CA VAL C 238 4.83 -16.90 -18.90
C VAL C 238 4.10 -16.23 -17.76
N LEU C 239 4.11 -16.86 -16.63
CA LEU C 239 3.45 -16.29 -15.43
C LEU C 239 4.53 -15.72 -14.52
N ILE C 240 4.44 -14.46 -14.18
CA ILE C 240 5.46 -13.82 -13.33
C ILE C 240 4.85 -13.45 -11.97
N VAL C 241 5.13 -14.25 -10.98
CA VAL C 241 4.62 -13.97 -9.62
C VAL C 241 5.54 -12.96 -8.97
N HIS C 242 4.98 -12.04 -8.28
CA HIS C 242 5.80 -10.99 -7.65
C HIS C 242 5.27 -10.74 -6.25
N SER C 243 6.14 -10.59 -5.32
CA SER C 243 5.68 -10.36 -3.92
C SER C 243 6.49 -9.26 -3.23
N GLN C 244 5.83 -8.55 -2.35
CA GLN C 244 6.45 -7.46 -1.55
C GLN C 244 5.85 -7.58 -0.14
N ALA C 245 6.63 -8.04 0.80
CA ALA C 245 6.12 -8.27 2.18
C ALA C 245 6.60 -7.16 3.11
N ASN C 246 6.45 -5.98 2.65
CA ASN C 246 6.85 -4.77 3.43
C ASN C 246 6.86 -3.50 2.54
N ARG C 247 5.99 -3.38 1.54
CA ARG C 247 6.02 -2.14 0.72
C ARG C 247 5.14 -2.30 -0.51
N ASP C 248 4.40 -1.29 -0.88
CA ASP C 248 3.53 -1.42 -2.10
C ASP C 248 4.36 -1.17 -3.40
N THR C 249 4.19 -2.01 -4.41
CA THR C 249 4.92 -1.81 -5.69
C THR C 249 3.90 -1.73 -6.83
N ARG C 250 4.37 -1.53 -8.01
CA ARG C 250 3.48 -1.44 -9.21
C ARG C 250 4.23 -1.99 -10.42
N PRO C 251 4.15 -3.28 -10.60
CA PRO C 251 4.85 -4.01 -11.69
C PRO C 251 4.49 -3.50 -13.09
N HIS C 252 5.42 -3.57 -13.98
CA HIS C 252 5.18 -3.13 -15.39
C HIS C 252 6.25 -3.72 -16.35
N LEU C 253 5.82 -4.54 -17.29
CA LEU C 253 6.75 -5.13 -18.29
C LEU C 253 6.90 -4.15 -19.45
N ILE C 254 8.04 -3.56 -19.55
CA ILE C 254 8.34 -2.57 -20.60
C ILE C 254 8.31 -3.27 -21.93
N GLY C 255 7.53 -2.76 -22.81
CA GLY C 255 7.43 -3.41 -24.15
C GLY C 255 6.28 -4.44 -24.16
N GLY C 256 5.76 -4.83 -23.02
CA GLY C 256 4.66 -5.83 -23.01
C GLY C 256 3.57 -5.39 -22.05
N HIS C 257 2.78 -6.31 -21.59
CA HIS C 257 1.68 -5.96 -20.66
C HIS C 257 1.20 -7.23 -19.94
N GLY C 258 0.40 -7.06 -18.93
CA GLY C 258 -0.12 -8.23 -18.18
C GLY C 258 -1.44 -8.64 -18.80
N ASP C 259 -1.41 -9.60 -19.66
CA ASP C 259 -2.66 -10.03 -20.34
C ASP C 259 -3.72 -10.27 -19.28
N TYR C 260 -3.41 -11.12 -18.37
CA TYR C 260 -4.34 -11.42 -17.25
C TYR C 260 -3.56 -11.21 -15.96
N VAL C 261 -4.03 -10.39 -15.06
CA VAL C 261 -3.22 -10.15 -13.83
C VAL C 261 -4.06 -10.24 -12.56
N TRP C 262 -3.85 -11.26 -11.79
CA TRP C 262 -4.57 -11.38 -10.49
C TRP C 262 -3.83 -10.46 -9.55
N ALA C 263 -4.18 -9.21 -9.58
CA ALA C 263 -3.45 -8.18 -8.80
C ALA C 263 -3.49 -8.53 -7.33
N THR C 264 -4.61 -8.93 -6.89
CA THR C 264 -4.77 -9.29 -5.45
C THR C 264 -4.07 -10.63 -5.15
N GLY C 265 -3.60 -11.31 -6.16
CA GLY C 265 -2.92 -12.63 -5.89
C GLY C 265 -3.94 -13.70 -5.39
N LYS C 266 -5.18 -13.60 -5.79
CA LYS C 266 -6.20 -14.59 -5.37
C LYS C 266 -6.84 -15.12 -6.66
N PHE C 267 -6.81 -16.39 -6.85
CA PHE C 267 -7.36 -16.98 -8.12
C PHE C 267 -8.89 -16.81 -8.18
N ASN C 268 -9.56 -16.97 -7.09
CA ASN C 268 -11.04 -16.85 -7.08
C ASN C 268 -11.43 -15.48 -7.59
N THR C 269 -10.63 -14.50 -7.31
CA THR C 269 -10.95 -13.13 -7.77
C THR C 269 -10.56 -13.00 -9.25
N PRO C 270 -11.52 -12.75 -10.10
CA PRO C 270 -11.27 -12.61 -11.57
C PRO C 270 -10.02 -11.77 -11.87
N PRO C 271 -9.19 -12.18 -12.81
CA PRO C 271 -7.94 -11.42 -13.14
C PRO C 271 -8.15 -10.20 -14.08
N ASP C 272 -7.74 -9.00 -13.69
CA ASP C 272 -7.90 -7.86 -14.61
C ASP C 272 -7.29 -8.27 -15.95
N VAL C 273 -7.49 -7.52 -16.98
CA VAL C 273 -6.91 -7.93 -18.30
C VAL C 273 -6.38 -6.70 -19.07
N ASP C 274 -5.38 -6.91 -19.89
CA ASP C 274 -4.82 -5.81 -20.70
C ASP C 274 -4.28 -4.79 -19.73
N GLN C 275 -3.44 -5.22 -18.85
CA GLN C 275 -2.92 -4.24 -17.83
C GLN C 275 -1.53 -3.69 -18.19
N GLU C 276 -1.37 -2.37 -18.22
CA GLU C 276 -0.02 -1.78 -18.49
C GLU C 276 0.83 -1.79 -17.20
N THR C 277 0.24 -1.48 -16.06
CA THR C 277 0.97 -1.45 -14.78
C THR C 277 -0.02 -1.87 -13.69
N TRP C 278 0.31 -2.85 -12.93
CA TRP C 278 -0.63 -3.33 -11.89
C TRP C 278 -0.31 -2.70 -10.55
N PHE C 279 -0.79 -3.28 -9.48
CA PHE C 279 -0.52 -2.72 -8.14
C PHE C 279 -0.63 -3.81 -7.07
N ILE C 280 0.45 -4.07 -6.37
CA ILE C 280 0.44 -5.10 -5.30
C ILE C 280 0.79 -4.39 -4.00
N PRO C 281 -0.12 -4.39 -3.07
CA PRO C 281 0.06 -3.70 -1.75
C PRO C 281 1.01 -4.43 -0.79
N GLY C 282 1.91 -3.70 -0.18
CA GLY C 282 2.83 -4.32 0.79
C GLY C 282 2.07 -5.40 1.54
N GLY C 283 2.72 -6.47 1.82
CA GLY C 283 2.06 -7.60 2.52
C GLY C 283 1.23 -8.42 1.53
N ALA C 284 1.61 -8.50 0.27
CA ALA C 284 0.76 -9.31 -0.67
C ALA C 284 1.52 -9.69 -1.95
N ALA C 285 1.27 -10.86 -2.48
CA ALA C 285 1.94 -11.27 -3.76
C ALA C 285 0.89 -11.45 -4.87
N GLY C 286 1.15 -10.97 -6.06
CA GLY C 286 0.16 -11.11 -7.16
C GLY C 286 0.75 -12.00 -8.26
N ALA C 287 0.15 -11.97 -9.42
CA ALA C 287 0.65 -12.80 -10.55
C ALA C 287 0.13 -12.23 -11.87
N ALA C 288 0.97 -12.20 -12.87
CA ALA C 288 0.56 -11.67 -14.20
C ALA C 288 0.98 -12.67 -15.27
N PHE C 289 0.09 -12.96 -16.17
CA PHE C 289 0.41 -13.94 -17.24
C PHE C 289 0.40 -13.21 -18.57
N TYR C 290 1.38 -13.41 -19.37
CA TYR C 290 1.43 -12.70 -20.67
C TYR C 290 2.12 -13.55 -21.73
N THR C 291 1.61 -13.51 -22.92
CA THR C 291 2.20 -14.27 -24.04
C THR C 291 3.06 -13.32 -24.85
N PHE C 292 4.33 -13.59 -24.92
CA PHE C 292 5.25 -12.70 -25.67
C PHE C 292 4.94 -12.72 -27.16
N GLN C 293 4.96 -11.57 -27.78
CA GLN C 293 4.69 -11.49 -29.24
C GLN C 293 5.88 -10.86 -30.00
N GLN C 294 6.82 -10.25 -29.31
CA GLN C 294 7.98 -9.63 -30.02
C GLN C 294 9.28 -10.00 -29.32
N PRO C 295 10.31 -10.26 -30.09
CA PRO C 295 11.65 -10.64 -29.57
C PRO C 295 12.50 -9.43 -29.22
N GLY C 296 13.41 -9.57 -28.30
CA GLY C 296 14.26 -8.42 -27.92
C GLY C 296 14.43 -8.41 -26.40
N ILE C 297 14.97 -7.35 -25.88
CA ILE C 297 15.17 -7.26 -24.40
C ILE C 297 14.10 -6.34 -23.80
N TYR C 298 13.39 -6.82 -22.82
CA TYR C 298 12.33 -6.01 -22.17
C TYR C 298 12.65 -5.88 -20.68
N ALA C 299 12.46 -4.73 -20.13
CA ALA C 299 12.75 -4.52 -18.69
C ALA C 299 11.47 -4.67 -17.92
N TYR C 300 11.54 -5.22 -16.75
CA TYR C 300 10.29 -5.42 -15.98
C TYR C 300 10.53 -4.79 -14.64
N VAL C 301 9.83 -3.77 -14.28
CA VAL C 301 10.20 -3.19 -12.97
C VAL C 301 9.10 -2.37 -12.34
N ASN C 302 9.35 -1.98 -11.13
CA ASN C 302 8.39 -1.17 -10.37
C ASN C 302 8.27 0.13 -11.12
N HIS C 303 7.10 0.52 -11.45
CA HIS C 303 6.98 1.77 -12.26
C HIS C 303 7.62 2.90 -11.48
N ASN C 304 7.30 3.09 -10.23
CA ASN C 304 8.04 4.19 -9.56
C ASN C 304 9.41 4.31 -10.30
N LEU C 305 9.47 5.10 -11.36
CA LEU C 305 10.71 5.20 -12.18
C LEU C 305 11.91 5.38 -11.27
N ILE C 306 11.75 6.21 -10.31
CA ILE C 306 12.87 6.46 -9.36
C ILE C 306 13.22 5.15 -8.68
N GLU C 307 12.23 4.51 -8.13
CA GLU C 307 12.48 3.19 -7.47
C GLU C 307 13.06 2.16 -8.48
N ALA C 308 12.67 2.21 -9.74
CA ALA C 308 13.20 1.22 -10.73
C ALA C 308 14.58 1.61 -11.35
N PHE C 309 14.95 2.87 -11.43
CA PHE C 309 16.26 3.19 -12.07
C PHE C 309 17.24 3.75 -11.06
N GLU C 310 16.75 4.52 -10.14
CA GLU C 310 17.66 5.12 -9.12
C GLU C 310 17.82 4.21 -7.88
N LEU C 311 16.85 3.39 -7.54
CA LEU C 311 17.01 2.54 -6.33
C LEU C 311 17.53 1.17 -6.73
N GLY C 312 16.95 0.59 -7.74
CA GLY C 312 17.40 -0.76 -8.20
C GLY C 312 16.20 -1.74 -8.41
N ALA C 313 15.00 -1.28 -8.72
CA ALA C 313 13.88 -2.24 -8.95
C ALA C 313 13.68 -2.46 -10.45
N ALA C 314 14.62 -3.07 -11.14
CA ALA C 314 14.44 -3.30 -12.60
C ALA C 314 15.19 -4.55 -13.06
N ALA C 315 14.49 -5.51 -13.63
CA ALA C 315 15.16 -6.74 -14.12
C ALA C 315 15.01 -6.75 -15.63
N HIS C 316 15.46 -7.75 -16.30
CA HIS C 316 15.29 -7.73 -17.79
C HIS C 316 15.06 -9.13 -18.39
N PHE C 317 14.06 -9.27 -19.26
CA PHE C 317 13.83 -10.59 -19.93
C PHE C 317 14.31 -10.55 -21.41
N LYS C 318 15.10 -11.52 -21.83
CA LYS C 318 15.61 -11.59 -23.20
C LYS C 318 14.72 -12.57 -23.91
N VAL C 319 14.19 -12.19 -25.01
CA VAL C 319 13.25 -13.07 -25.71
C VAL C 319 13.73 -13.28 -27.11
N THR C 320 13.60 -14.47 -27.56
CA THR C 320 14.06 -14.79 -28.95
C THR C 320 12.86 -15.03 -29.84
N GLY C 321 13.03 -14.91 -31.13
CA GLY C 321 11.87 -15.14 -32.06
C GLY C 321 11.98 -14.21 -33.28
N GLU C 322 10.89 -14.02 -33.97
CA GLU C 322 10.90 -13.14 -35.17
C GLU C 322 10.09 -11.89 -34.84
N TRP C 323 10.54 -10.77 -35.31
CA TRP C 323 9.84 -9.50 -35.04
C TRP C 323 8.56 -9.46 -35.86
N ASN C 324 7.58 -8.79 -35.34
CA ASN C 324 6.27 -8.67 -36.04
C ASN C 324 6.04 -7.20 -36.36
N ASP C 325 6.17 -6.84 -37.60
CA ASP C 325 6.00 -5.42 -37.99
C ASP C 325 4.55 -5.00 -37.78
N ASP C 326 3.64 -5.87 -38.10
CA ASP C 326 2.20 -5.53 -37.93
C ASP C 326 2.01 -4.85 -36.57
N LEU C 327 2.50 -5.45 -35.53
CA LEU C 327 2.38 -4.86 -34.17
C LEU C 327 3.17 -3.55 -34.08
N MET C 328 4.38 -3.49 -34.59
CA MET C 328 5.14 -2.21 -34.47
C MET C 328 6.25 -2.16 -35.50
N THR C 329 6.39 -1.06 -36.16
CA THR C 329 7.46 -0.95 -37.19
C THR C 329 7.98 0.50 -37.26
N SER C 330 9.28 0.68 -37.36
CA SER C 330 9.84 2.06 -37.46
C SER C 330 9.78 2.51 -38.91
N VAL C 331 8.74 3.22 -39.27
CA VAL C 331 8.60 3.67 -40.68
C VAL C 331 9.82 4.50 -41.06
N LEU C 332 10.17 5.41 -40.22
CA LEU C 332 11.36 6.26 -40.50
C LEU C 332 12.32 6.22 -39.31
N ALA C 333 13.42 5.52 -39.44
CA ALA C 333 14.39 5.43 -38.31
C ALA C 333 14.94 6.83 -38.02
N PRO C 334 15.38 7.04 -36.81
CA PRO C 334 15.93 8.34 -36.37
C PRO C 334 16.94 8.90 -37.38
N SER C 335 16.69 10.05 -37.92
CA SER C 335 17.65 10.63 -38.91
C SER C 335 17.71 12.14 -38.74
N GLY C 336 18.24 12.83 -39.70
CA GLY C 336 18.33 14.31 -39.61
C GLY C 336 17.03 14.93 -40.10
N GLU D 1 22.12 0.22 48.22
CA GLU D 1 21.91 1.27 47.23
C GLU D 1 21.15 0.73 46.00
N ASN D 2 20.93 1.60 45.04
CA ASN D 2 20.10 1.31 43.89
C ASN D 2 20.92 1.32 42.61
N ILE D 3 20.60 0.37 41.71
CA ILE D 3 21.28 0.32 40.42
C ILE D 3 20.21 0.35 39.34
N GLU D 4 20.34 1.32 38.45
CA GLU D 4 19.33 1.46 37.41
C GLU D 4 19.74 0.76 36.11
N VAL D 5 18.80 0.00 35.56
CA VAL D 5 19.07 -0.78 34.34
C VAL D 5 18.02 -0.39 33.30
N HIS D 6 18.43 -0.18 32.05
CA HIS D 6 17.45 0.15 31.02
C HIS D 6 17.25 -1.05 30.07
N MET D 7 16.02 -1.18 29.61
CA MET D 7 15.65 -2.20 28.62
C MET D 7 15.46 -1.47 27.29
N LEU D 8 16.22 -1.88 26.29
CA LEU D 8 16.21 -1.22 25.01
C LEU D 8 16.06 -2.17 23.82
N ASN D 9 15.49 -1.65 22.74
CA ASN D 9 15.39 -2.42 21.50
C ASN D 9 16.76 -2.51 20.83
N LYS D 10 17.60 -1.50 21.08
CA LYS D 10 18.91 -1.52 20.45
C LYS D 10 19.91 -0.80 21.35
N GLY D 11 21.09 -1.36 21.52
CA GLY D 11 22.08 -0.70 22.39
C GLY D 11 23.46 -1.09 21.91
N ALA D 12 24.46 -1.01 22.78
CA ALA D 12 25.83 -1.28 22.39
C ALA D 12 26.04 -2.69 21.87
N GLU D 13 25.42 -3.70 22.50
CA GLU D 13 25.71 -5.05 22.03
C GLU D 13 24.83 -5.52 20.90
N GLY D 14 23.90 -4.71 20.42
CA GLY D 14 23.03 -5.14 19.34
C GLY D 14 21.57 -4.92 19.70
N ALA D 15 20.67 -5.73 19.17
CA ALA D 15 19.25 -5.62 19.40
C ALA D 15 18.87 -6.32 20.71
N MET D 16 17.84 -5.79 21.36
CA MET D 16 17.16 -6.33 22.52
C MET D 16 18.12 -6.54 23.70
N VAL D 17 18.40 -5.46 24.43
CA VAL D 17 19.41 -5.59 25.48
C VAL D 17 19.03 -4.91 26.79
N PHE D 18 19.72 -5.37 27.84
CA PHE D 18 19.63 -4.73 29.16
C PHE D 18 20.93 -3.93 29.25
N GLU D 19 20.87 -2.69 29.72
CA GLU D 19 22.10 -1.89 29.89
C GLU D 19 22.11 -1.32 31.31
N PRO D 20 23.03 -1.68 32.17
CA PRO D 20 24.13 -2.61 31.92
C PRO D 20 23.64 -4.07 31.93
N ALA D 21 24.43 -5.00 31.41
CA ALA D 21 23.96 -6.40 31.41
C ALA D 21 24.68 -7.16 32.51
N TYR D 22 25.60 -6.46 33.16
CA TYR D 22 26.34 -7.07 34.28
C TYR D 22 26.09 -6.15 35.48
N ILE D 23 25.46 -6.66 36.52
CA ILE D 23 25.10 -5.82 37.65
C ILE D 23 25.72 -6.40 38.93
N LYS D 24 26.54 -5.55 39.57
CA LYS D 24 27.20 -5.99 40.79
C LYS D 24 26.47 -5.42 41.99
N ALA D 25 26.04 -6.26 42.93
CA ALA D 25 25.26 -5.68 44.01
C ALA D 25 25.53 -6.40 45.32
N ASN D 26 24.99 -5.88 46.43
CA ASN D 26 25.14 -6.56 47.72
C ASN D 26 23.76 -6.84 48.33
N PRO D 27 23.64 -7.76 49.27
CA PRO D 27 22.33 -8.05 49.90
C PRO D 27 21.68 -6.80 50.46
N GLY D 28 20.42 -6.55 50.15
CA GLY D 28 19.73 -5.35 50.57
C GLY D 28 19.70 -4.30 49.49
N ASP D 29 20.52 -4.39 48.44
CA ASP D 29 20.47 -3.39 47.35
C ASP D 29 19.21 -3.57 46.50
N THR D 30 18.87 -2.54 45.72
CA THR D 30 17.76 -2.70 44.80
C THR D 30 18.29 -2.49 43.38
N VAL D 31 17.62 -3.15 42.45
CA VAL D 31 17.89 -3.05 41.03
C VAL D 31 16.57 -2.56 40.41
N THR D 32 16.64 -1.38 39.78
CA THR D 32 15.45 -0.82 39.15
C THR D 32 15.55 -0.97 37.63
N PHE D 33 14.59 -1.70 37.08
CA PHE D 33 14.54 -1.99 35.65
C PHE D 33 13.57 -1.03 34.98
N ILE D 34 14.07 -0.24 34.01
CA ILE D 34 13.26 0.76 33.36
C ILE D 34 13.10 0.49 31.87
N PRO D 35 11.90 0.13 31.43
CA PRO D 35 11.76 -0.09 29.98
C PRO D 35 11.73 1.24 29.23
N VAL D 36 12.85 1.60 28.62
CA VAL D 36 12.95 2.83 27.83
C VAL D 36 12.21 2.67 26.53
N ASP D 37 12.25 1.46 25.97
CA ASP D 37 11.42 1.16 24.80
C ASP D 37 10.29 0.24 25.26
N LYS D 38 9.21 0.15 24.51
CA LYS D 38 8.14 -0.76 24.93
C LYS D 38 8.42 -2.20 24.49
N GLY D 39 7.74 -3.15 25.13
CA GLY D 39 7.82 -4.53 24.75
C GLY D 39 8.73 -5.38 25.62
N HIS D 40 9.20 -4.85 26.74
CA HIS D 40 10.15 -5.61 27.57
C HIS D 40 9.67 -5.82 29.00
N ASN D 41 10.22 -6.84 29.67
CA ASN D 41 9.92 -7.14 31.07
C ASN D 41 11.18 -7.81 31.64
N VAL D 42 11.11 -8.32 32.84
CA VAL D 42 12.24 -9.03 33.43
C VAL D 42 11.68 -10.20 34.23
N GLU D 43 12.33 -11.34 34.12
CA GLU D 43 11.87 -12.59 34.73
C GLU D 43 13.10 -13.42 35.13
N SER D 44 13.09 -13.99 36.34
CA SER D 44 14.24 -14.80 36.72
C SER D 44 14.17 -16.11 35.93
N ILE D 45 15.32 -16.68 35.60
CA ILE D 45 15.33 -17.93 34.83
C ILE D 45 15.38 -19.13 35.78
N LYS D 46 14.56 -20.12 35.53
CA LYS D 46 14.52 -21.35 36.39
C LYS D 46 15.90 -21.99 36.55
N ASP D 47 16.23 -22.22 37.79
CA ASP D 47 17.50 -22.84 38.16
C ASP D 47 18.72 -22.02 37.86
N MET D 48 18.51 -20.73 37.60
CA MET D 48 19.65 -19.84 37.40
C MET D 48 19.57 -18.64 38.35
N ILE D 49 19.07 -18.90 39.54
CA ILE D 49 19.08 -17.96 40.65
C ILE D 49 19.52 -18.76 41.88
N PRO D 50 20.03 -18.11 42.89
CA PRO D 50 20.55 -18.87 44.03
C PRO D 50 19.49 -19.64 44.80
N GLU D 51 19.95 -20.72 45.41
CA GLU D 51 19.21 -21.66 46.21
C GLU D 51 17.97 -21.19 46.93
N GLY D 52 18.01 -20.17 47.78
CA GLY D 52 16.83 -19.74 48.51
C GLY D 52 16.18 -18.45 48.12
N ALA D 53 16.44 -18.04 46.87
CA ALA D 53 15.89 -16.75 46.43
C ALA D 53 14.52 -16.99 45.82
N GLU D 54 13.64 -16.00 45.85
CA GLU D 54 12.32 -16.17 45.25
C GLU D 54 12.35 -15.88 43.75
N LYS D 55 11.55 -16.60 42.98
CA LYS D 55 11.43 -16.34 41.55
C LYS D 55 10.67 -15.03 41.37
N PHE D 56 10.85 -14.36 40.23
CA PHE D 56 10.16 -13.09 40.00
C PHE D 56 9.86 -12.87 38.53
N LYS D 57 8.81 -12.10 38.27
CA LYS D 57 8.43 -11.83 36.89
C LYS D 57 7.67 -10.51 36.85
N SER D 58 8.16 -9.57 36.07
CA SER D 58 7.47 -8.27 36.03
C SER D 58 6.47 -8.20 34.88
N LYS D 59 5.57 -7.22 34.85
CA LYS D 59 4.69 -7.11 33.68
C LYS D 59 5.38 -6.35 32.56
N ILE D 60 5.03 -6.61 31.31
CA ILE D 60 5.66 -5.91 30.19
C ILE D 60 5.39 -4.41 30.27
N ASN D 61 6.41 -3.60 30.01
CA ASN D 61 6.33 -2.15 30.02
C ASN D 61 6.34 -1.46 31.38
N GLU D 62 6.29 -2.21 32.48
CA GLU D 62 6.36 -1.64 33.82
C GLU D 62 7.78 -1.49 34.35
N ASN D 63 7.92 -0.43 35.14
CA ASN D 63 9.16 -0.18 35.87
C ASN D 63 9.15 -1.20 37.00
N TYR D 64 10.23 -1.94 37.21
CA TYR D 64 10.17 -2.94 38.28
C TYR D 64 11.36 -2.79 39.22
N VAL D 65 11.10 -2.83 40.52
CA VAL D 65 12.20 -2.70 41.45
C VAL D 65 12.45 -4.06 42.12
N LEU D 66 13.62 -4.63 41.87
CA LEU D 66 13.97 -5.90 42.47
C LEU D 66 14.80 -5.68 43.72
N THR D 67 14.42 -6.28 44.86
CA THR D 67 15.32 -6.23 46.01
C THR D 67 16.11 -7.53 46.07
N VAL D 68 17.43 -7.44 46.19
CA VAL D 68 18.21 -8.67 46.18
C VAL D 68 18.69 -8.97 47.60
N THR D 69 18.44 -10.20 48.02
CA THR D 69 18.80 -10.65 49.38
C THR D 69 19.88 -11.71 49.36
N GLN D 70 19.60 -12.85 48.72
CA GLN D 70 20.57 -13.95 48.73
C GLN D 70 21.78 -13.70 47.83
N PRO D 71 22.98 -13.99 48.35
CA PRO D 71 24.21 -13.86 47.59
C PRO D 71 24.24 -14.96 46.51
N GLY D 72 25.01 -14.69 45.46
CA GLY D 72 25.04 -15.65 44.36
C GLY D 72 24.77 -14.91 43.05
N ALA D 73 24.79 -15.67 41.96
CA ALA D 73 24.53 -15.09 40.65
C ALA D 73 23.09 -15.39 40.24
N TYR D 74 22.53 -14.46 39.49
CA TYR D 74 21.16 -14.53 39.00
C TYR D 74 21.23 -14.19 37.49
N LEU D 75 20.65 -15.08 36.69
CA LEU D 75 20.55 -14.71 35.26
C LEU D 75 19.08 -14.37 35.05
N VAL D 76 18.82 -13.18 34.53
CA VAL D 76 17.43 -12.79 34.29
C VAL D 76 17.26 -12.61 32.78
N LYS D 77 16.02 -12.76 32.35
CA LYS D 77 15.78 -12.58 30.91
C LYS D 77 14.63 -11.60 30.74
N CYS D 78 14.46 -11.16 29.51
CA CYS D 78 13.22 -10.48 29.10
C CYS D 78 12.38 -11.64 28.53
N THR D 79 11.15 -11.81 28.98
CA THR D 79 10.33 -12.95 28.55
C THR D 79 10.16 -12.99 27.05
N PRO D 80 9.69 -11.93 26.40
CA PRO D 80 9.53 -12.02 24.95
C PRO D 80 10.85 -12.09 24.21
N HIS D 81 11.94 -11.45 24.65
CA HIS D 81 13.12 -11.47 23.80
C HIS D 81 14.29 -12.32 24.28
N TYR D 82 14.03 -13.27 25.18
CA TYR D 82 15.06 -14.16 25.66
C TYR D 82 15.75 -14.89 24.51
N ALA D 83 14.94 -15.41 23.57
CA ALA D 83 15.58 -16.11 22.45
C ALA D 83 16.43 -15.23 21.56
N MET D 84 16.29 -13.91 21.62
CA MET D 84 17.11 -12.98 20.86
C MET D 84 18.28 -12.48 21.68
N GLY D 85 18.50 -13.05 22.85
CA GLY D 85 19.68 -12.75 23.64
C GLY D 85 19.46 -11.76 24.77
N MET D 86 18.24 -11.35 25.05
CA MET D 86 18.08 -10.28 26.05
C MET D 86 18.18 -10.79 27.47
N ILE D 87 19.38 -10.70 28.06
CA ILE D 87 19.57 -11.21 29.43
C ILE D 87 20.45 -10.26 30.22
N ALA D 88 20.49 -10.43 31.54
CA ALA D 88 21.43 -9.67 32.34
C ALA D 88 21.86 -10.65 33.47
N LEU D 89 23.07 -10.43 33.97
CA LEU D 89 23.61 -11.24 35.07
C LEU D 89 23.74 -10.32 36.28
N ILE D 90 23.14 -10.72 37.39
CA ILE D 90 23.27 -9.96 38.62
C ILE D 90 24.19 -10.77 39.55
N ALA D 91 25.26 -10.17 40.03
CA ALA D 91 26.18 -10.87 40.93
C ALA D 91 26.07 -10.21 42.31
N VAL D 92 25.58 -11.00 43.26
CA VAL D 92 25.39 -10.54 44.64
C VAL D 92 26.47 -11.09 45.54
N GLY D 93 27.31 -10.20 46.08
CA GLY D 93 28.39 -10.62 46.98
C GLY D 93 29.60 -11.06 46.17
N ASP D 94 30.70 -11.48 46.79
CA ASP D 94 31.86 -11.87 45.98
C ASP D 94 31.84 -13.37 45.67
N SER D 95 32.57 -13.78 44.66
CA SER D 95 32.72 -15.10 44.08
C SER D 95 31.48 -15.96 44.23
N PRO D 96 30.46 -15.60 43.46
CA PRO D 96 29.15 -16.25 43.55
C PRO D 96 29.30 -17.78 43.32
N ALA D 97 28.79 -18.54 44.27
CA ALA D 97 28.98 -19.98 44.27
C ALA D 97 28.41 -20.65 43.02
N ASN D 98 27.33 -20.09 42.49
CA ASN D 98 26.65 -20.73 41.38
C ASN D 98 26.96 -20.20 40.00
N LEU D 99 27.95 -19.33 39.83
CA LEU D 99 28.29 -18.74 38.55
C LEU D 99 28.73 -19.76 37.49
N ASP D 100 29.64 -20.68 37.79
CA ASP D 100 30.09 -21.68 36.82
C ASP D 100 28.92 -22.58 36.39
N GLN D 101 28.04 -22.89 37.32
CA GLN D 101 26.86 -23.70 37.02
C GLN D 101 26.01 -22.93 36.01
N ILE D 102 25.80 -21.63 36.25
CA ILE D 102 24.97 -20.89 35.27
C ILE D 102 25.62 -20.79 33.92
N VAL D 103 26.93 -20.64 33.89
CA VAL D 103 27.61 -20.54 32.58
C VAL D 103 27.49 -21.84 31.82
N SER D 104 27.52 -22.97 32.53
CA SER D 104 27.40 -24.25 31.84
C SER D 104 25.96 -24.63 31.50
N ALA D 105 24.93 -24.04 32.14
CA ALA D 105 23.56 -24.51 31.91
C ALA D 105 23.09 -24.38 30.46
N LYS D 106 22.10 -25.21 30.12
CA LYS D 106 21.55 -25.15 28.77
C LYS D 106 20.79 -23.84 28.54
N LYS D 107 21.08 -23.18 27.42
CA LYS D 107 20.39 -21.95 27.06
C LYS D 107 20.61 -21.66 25.57
N PRO D 108 19.84 -20.75 24.97
CA PRO D 108 20.03 -20.43 23.55
C PRO D 108 21.46 -19.98 23.26
N LYS D 109 21.92 -20.35 22.05
CA LYS D 109 23.28 -20.03 21.65
C LYS D 109 23.56 -18.54 21.72
N ILE D 110 22.58 -17.74 21.29
CA ILE D 110 22.82 -16.30 21.30
C ILE D 110 22.92 -15.80 22.74
N VAL D 111 22.10 -16.38 23.61
CA VAL D 111 22.20 -16.03 25.04
C VAL D 111 23.60 -16.33 25.56
N GLN D 112 24.05 -17.56 25.30
CA GLN D 112 25.38 -18.01 25.76
C GLN D 112 26.48 -17.07 25.30
N GLU D 113 26.43 -16.64 24.03
CA GLU D 113 27.44 -15.72 23.52
C GLU D 113 27.42 -14.38 24.24
N ARG D 114 26.22 -13.86 24.54
CA ARG D 114 26.23 -12.58 25.26
C ARG D 114 26.67 -12.70 26.70
N LEU D 115 26.28 -13.79 27.35
CA LEU D 115 26.66 -14.09 28.72
C LEU D 115 28.18 -14.13 28.82
N GLU D 116 28.80 -14.84 27.88
CA GLU D 116 30.25 -14.98 27.89
C GLU D 116 30.95 -13.65 27.73
N LYS D 117 30.35 -12.81 26.90
CA LYS D 117 30.92 -11.49 26.71
C LYS D 117 30.79 -10.66 27.97
N VAL D 118 29.60 -10.63 28.56
CA VAL D 118 29.43 -9.84 29.77
C VAL D 118 30.31 -10.30 30.91
N ILE D 119 30.56 -11.60 31.04
CA ILE D 119 31.42 -12.02 32.13
C ILE D 119 32.86 -11.62 31.87
N ALA D 120 33.24 -11.57 30.60
CA ALA D 120 34.61 -11.20 30.23
C ALA D 120 34.77 -9.67 30.24
N SER D 121 33.98 -9.06 29.39
CA SER D 121 33.80 -7.69 28.99
C SER D 121 32.50 -7.05 29.51
N ALA D 122 32.43 -6.90 30.83
CA ALA D 122 31.30 -6.27 31.51
C ALA D 122 31.45 -6.42 33.02
N LYS D 123 32.32 -7.35 33.42
CA LYS D 123 32.57 -7.67 34.81
C LYS D 123 33.15 -6.48 35.59
CU CU E . -12.39 20.89 11.44
CU CU F . -12.42 13.59 0.92
GD GD G . -10.19 4.45 25.63
GD GD H . -18.45 -10.20 24.90
GD GD I . -0.15 -31.42 21.44
CU CU J . 13.19 12.78 -22.92
CU CU K . 6.24 3.17 -18.25
GD GD L . -1.43 27.45 -19.96
GD GD M . -20.82 28.25 -21.95
GD GD N . -33.45 28.55 1.67
CU CU O . 13.46 -13.79 11.37
CU CU P . 2.14 -10.38 6.66
GD GD Q . 22.96 -14.51 -5.99
GD GD R . 17.07 -22.12 -22.00
GD GD S . 14.19 -2.23 -42.19
CU CU T . 12.61 -7.45 25.75
N THR A 2 -42.01 13.15 -4.76
CA THR A 2 -42.43 14.59 -4.75
C THR A 2 -42.08 15.24 -3.40
N ALA A 3 -42.38 16.50 -3.23
CA ALA A 3 -42.06 17.18 -1.94
C ALA A 3 -42.91 16.59 -0.81
N ALA A 4 -44.18 16.37 -1.03
CA ALA A 4 -45.04 15.81 0.05
C ALA A 4 -44.52 14.43 0.46
N GLU A 5 -44.10 13.65 -0.50
CA GLU A 5 -43.58 12.29 -0.16
C GLU A 5 -42.33 12.41 0.72
N ILE A 6 -41.42 13.28 0.37
CA ILE A 6 -40.18 13.43 1.19
C ILE A 6 -40.54 13.93 2.59
N ALA A 7 -41.45 14.87 2.68
CA ALA A 7 -41.85 15.40 4.02
C ALA A 7 -42.65 14.35 4.83
N ALA A 8 -43.25 13.38 4.20
CA ALA A 8 -44.04 12.36 4.96
C ALA A 8 -43.16 11.18 5.43
N LEU A 9 -41.93 11.09 4.99
CA LEU A 9 -41.07 9.95 5.44
C LEU A 9 -40.83 10.04 6.96
N PRO A 10 -40.86 8.92 7.65
CA PRO A 10 -40.63 8.89 9.13
C PRO A 10 -39.21 9.32 9.55
N ARG A 11 -39.09 10.18 10.53
CA ARG A 11 -37.77 10.64 11.00
C ARG A 11 -37.45 9.84 12.27
N GLN A 12 -36.26 9.35 12.37
CA GLN A 12 -35.90 8.54 13.57
C GLN A 12 -34.52 8.95 14.07
N LYS A 13 -34.44 9.30 15.30
CA LYS A 13 -33.14 9.72 15.88
C LYS A 13 -32.41 8.47 16.36
N VAL A 14 -31.12 8.47 16.24
CA VAL A 14 -30.32 7.30 16.68
C VAL A 14 -29.15 7.77 17.55
N GLU A 15 -28.93 7.09 18.63
CA GLU A 15 -27.84 7.45 19.55
C GLU A 15 -26.58 6.81 19.00
N LEU A 16 -25.53 7.56 18.95
CA LEU A 16 -24.27 6.99 18.38
C LEU A 16 -23.32 6.49 19.47
N VAL A 17 -22.51 5.50 19.18
CA VAL A 17 -21.56 5.00 20.18
C VAL A 17 -20.19 5.47 19.75
N ASP A 18 -19.19 5.06 20.43
CA ASP A 18 -17.81 5.49 20.04
C ASP A 18 -17.02 4.30 19.47
N PRO A 19 -16.26 4.52 18.43
CA PRO A 19 -15.44 3.45 17.80
C PRO A 19 -14.67 2.63 18.84
N PRO A 20 -14.35 1.41 18.52
CA PRO A 20 -14.69 0.80 17.20
C PRO A 20 -16.11 0.21 17.17
N PHE A 21 -16.86 0.35 18.23
CA PHE A 21 -18.23 -0.20 18.26
C PHE A 21 -19.11 0.53 17.23
N VAL A 22 -20.29 0.05 17.07
CA VAL A 22 -21.24 0.67 16.12
C VAL A 22 -22.59 0.73 16.82
N HIS A 23 -23.37 1.68 16.48
CA HIS A 23 -24.69 1.84 17.12
C HIS A 23 -25.58 0.64 16.80
N ALA A 24 -26.85 0.76 17.08
CA ALA A 24 -27.78 -0.38 16.80
C ALA A 24 -28.44 -0.17 15.43
N HIS A 25 -28.37 -1.17 14.59
CA HIS A 25 -29.00 -1.06 13.24
C HIS A 25 -29.29 -2.46 12.70
N SER A 26 -30.12 -2.56 11.69
CA SER A 26 -30.44 -3.89 11.11
C SER A 26 -29.82 -3.97 9.71
N GLN A 27 -29.31 -5.11 9.36
CA GLN A 27 -28.68 -5.24 8.01
C GLN A 27 -29.76 -4.96 7.01
N VAL A 28 -30.71 -5.83 6.93
CA VAL A 28 -31.84 -5.59 6.00
C VAL A 28 -32.63 -4.37 6.52
N ALA A 29 -33.00 -3.47 5.66
CA ALA A 29 -33.73 -2.25 6.10
C ALA A 29 -35.09 -2.64 6.67
N GLU A 30 -35.48 -1.99 7.72
CA GLU A 30 -36.80 -2.27 8.35
C GLU A 30 -37.76 -1.13 7.99
N GLY A 31 -38.69 -1.39 7.12
CA GLY A 31 -39.64 -0.32 6.71
C GLY A 31 -39.10 0.31 5.44
N GLY A 32 -39.73 1.35 4.99
CA GLY A 32 -39.26 2.01 3.75
C GLY A 32 -38.21 3.07 4.12
N PRO A 33 -37.94 3.95 3.21
CA PRO A 33 -36.94 5.04 3.41
C PRO A 33 -37.28 5.90 4.63
N LYS A 34 -36.30 6.31 5.37
CA LYS A 34 -36.57 7.16 6.57
C LYS A 34 -35.39 8.13 6.84
N VAL A 35 -35.72 9.34 7.23
CA VAL A 35 -34.71 10.37 7.55
C VAL A 35 -34.11 10.04 8.91
N VAL A 36 -32.90 9.59 8.88
CA VAL A 36 -32.18 9.21 10.10
C VAL A 36 -31.54 10.44 10.63
N GLU A 37 -31.72 10.66 11.87
CA GLU A 37 -31.16 11.88 12.49
C GLU A 37 -30.06 11.54 13.49
N PHE A 38 -28.94 12.18 13.35
CA PHE A 38 -27.80 11.96 14.28
C PHE A 38 -27.21 13.32 14.66
N THR A 39 -26.77 13.50 15.88
CA THR A 39 -26.20 14.81 16.30
C THR A 39 -24.82 14.60 16.90
N MET A 40 -23.85 15.35 16.46
CA MET A 40 -22.48 15.19 17.02
C MET A 40 -21.86 16.56 17.36
N VAL A 41 -21.33 16.68 18.56
CA VAL A 41 -20.69 17.94 18.99
C VAL A 41 -19.21 17.77 18.77
N ILE A 42 -18.58 18.77 18.27
CA ILE A 42 -17.13 18.67 17.98
C ILE A 42 -16.35 19.12 19.20
N GLU A 43 -15.32 18.42 19.54
CA GLU A 43 -14.54 18.82 20.74
C GLU A 43 -13.05 18.94 20.41
N GLU A 44 -12.49 20.12 20.54
CA GLU A 44 -11.03 20.28 20.25
C GLU A 44 -10.27 20.17 21.58
N LYS A 45 -9.52 19.11 21.78
CA LYS A 45 -8.80 18.97 23.05
C LYS A 45 -7.46 18.31 22.81
N LYS A 46 -6.69 18.20 23.83
CA LYS A 46 -5.35 17.56 23.69
C LYS A 46 -5.41 16.10 24.14
N ILE A 47 -5.00 15.20 23.29
CA ILE A 47 -5.01 13.76 23.64
C ILE A 47 -3.60 13.17 23.44
N VAL A 48 -3.23 12.24 24.27
CA VAL A 48 -1.93 11.60 24.19
C VAL A 48 -2.06 10.49 23.19
N ILE A 49 -1.05 10.26 22.46
CA ILE A 49 -1.13 9.20 21.40
C ILE A 49 0.18 8.42 21.31
N ASP A 50 0.81 8.18 22.42
CA ASP A 50 2.10 7.41 22.44
C ASP A 50 2.54 7.17 23.91
N ASP A 51 3.18 6.05 24.20
CA ASP A 51 3.62 5.79 25.61
C ASP A 51 4.60 6.88 26.12
N ALA A 52 5.09 7.77 25.29
CA ALA A 52 6.04 8.82 25.77
C ALA A 52 5.30 10.12 26.12
N GLY A 53 4.00 10.11 26.18
CA GLY A 53 3.24 11.37 26.53
C GLY A 53 3.16 12.36 25.34
N THR A 54 3.32 11.91 24.12
CA THR A 54 3.22 12.84 22.96
C THR A 54 1.78 13.34 22.93
N GLU A 55 1.58 14.56 22.60
CA GLU A 55 0.16 15.06 22.61
C GLU A 55 -0.19 15.75 21.29
N VAL A 56 -1.37 15.51 20.79
CA VAL A 56 -1.81 16.18 19.53
C VAL A 56 -3.19 16.86 19.72
N HIS A 57 -3.26 18.16 19.48
CA HIS A 57 -4.54 18.90 19.62
C HIS A 57 -5.53 18.29 18.65
N ALA A 58 -6.30 17.38 19.14
CA ALA A 58 -7.27 16.66 18.28
C ALA A 58 -8.53 17.48 18.05
N MET A 59 -9.07 17.32 16.88
CA MET A 59 -10.31 18.00 16.48
C MET A 59 -11.20 16.82 16.27
N ALA A 60 -12.16 16.65 17.10
CA ALA A 60 -12.86 15.38 16.98
C ALA A 60 -14.32 15.54 16.92
N PHE A 61 -14.87 14.85 16.02
CA PHE A 61 -16.36 14.85 15.90
C PHE A 61 -16.92 13.85 16.92
N ASN A 62 -17.79 14.28 17.80
CA ASN A 62 -18.33 13.34 18.83
C ASN A 62 -17.27 13.09 19.92
N GLY A 63 -16.24 13.90 20.01
CA GLY A 63 -15.18 13.69 21.04
C GLY A 63 -14.38 12.40 20.82
N THR A 64 -14.37 11.81 19.63
CA THR A 64 -13.54 10.56 19.46
C THR A 64 -12.87 10.47 18.06
N VAL A 65 -11.58 10.13 18.01
CA VAL A 65 -10.88 9.95 16.72
C VAL A 65 -10.70 8.45 16.54
N PRO A 66 -11.26 7.91 15.50
CA PRO A 66 -12.02 8.68 14.50
C PRO A 66 -13.49 8.87 14.86
N GLY A 67 -14.13 9.87 14.33
CA GLY A 67 -15.56 10.10 14.63
C GLY A 67 -16.27 8.75 14.66
N PRO A 68 -17.51 8.76 15.03
CA PRO A 68 -18.34 7.52 15.11
C PRO A 68 -18.90 7.10 13.75
N LEU A 69 -19.09 5.82 13.55
CA LEU A 69 -19.63 5.35 12.24
C LEU A 69 -21.18 5.40 12.25
N MET A 70 -21.76 6.19 11.38
CA MET A 70 -23.23 6.28 11.29
C MET A 70 -23.66 5.25 10.26
N VAL A 71 -24.74 4.62 10.48
CA VAL A 71 -25.17 3.57 9.51
C VAL A 71 -26.65 3.72 9.12
N VAL A 72 -26.88 3.87 7.85
CA VAL A 72 -28.26 3.97 7.31
C VAL A 72 -28.32 3.07 6.06
N HIS A 73 -29.46 2.99 5.42
CA HIS A 73 -29.56 2.14 4.22
C HIS A 73 -29.60 3.04 2.98
N GLN A 74 -29.51 2.44 1.83
CA GLN A 74 -29.53 3.21 0.57
C GLN A 74 -30.93 3.78 0.38
N ASP A 75 -31.00 5.02 0.03
CA ASP A 75 -32.34 5.66 -0.16
C ASP A 75 -32.67 6.50 1.08
N ASP A 76 -32.32 6.04 2.25
CA ASP A 76 -32.61 6.80 3.47
C ASP A 76 -31.79 8.10 3.47
N TYR A 77 -32.29 9.12 4.10
CA TYR A 77 -31.58 10.42 4.15
C TYR A 77 -30.95 10.62 5.53
N LEU A 78 -29.71 10.99 5.55
CA LEU A 78 -29.00 11.22 6.82
C LEU A 78 -29.10 12.70 7.14
N GLU A 79 -29.57 13.01 8.30
CA GLU A 79 -29.74 14.42 8.72
C GLU A 79 -28.91 14.59 9.95
N LEU A 80 -27.86 15.31 9.84
CA LEU A 80 -26.97 15.41 11.03
C LEU A 80 -26.87 16.84 11.56
N THR A 81 -27.22 17.00 12.81
CA THR A 81 -27.10 18.34 13.47
C THR A 81 -25.70 18.41 14.11
N LEU A 82 -24.83 19.23 13.58
CA LEU A 82 -23.48 19.35 14.10
C LEU A 82 -23.45 20.54 14.99
N ILE A 83 -22.64 20.51 15.95
CA ILE A 83 -22.58 21.64 16.91
C ILE A 83 -21.13 21.94 17.28
N ASN A 84 -20.75 23.17 17.15
CA ASN A 84 -19.36 23.59 17.51
C ASN A 84 -19.46 24.52 18.71
N PRO A 85 -19.20 24.00 19.87
CA PRO A 85 -19.29 24.74 21.16
C PRO A 85 -18.53 26.07 21.16
N GLU A 86 -18.99 27.01 21.94
CA GLU A 86 -18.28 28.32 22.00
C GLU A 86 -16.87 28.12 22.58
N THR A 87 -16.66 27.10 23.37
CA THR A 87 -15.30 26.87 23.96
C THR A 87 -14.27 26.63 22.86
N ASN A 88 -14.68 26.03 21.77
CA ASN A 88 -13.71 25.74 20.67
C ASN A 88 -13.18 27.06 20.10
N THR A 89 -12.09 27.01 19.39
CA THR A 89 -11.52 28.26 18.81
C THR A 89 -11.31 28.15 17.28
N LEU A 90 -11.80 27.12 16.62
CA LEU A 90 -11.59 27.04 15.13
C LEU A 90 -12.91 26.67 14.42
N MET A 91 -13.24 27.36 13.35
CA MET A 91 -14.49 27.02 12.61
C MET A 91 -14.29 25.68 11.89
N HIS A 92 -15.30 24.84 11.86
CA HIS A 92 -15.16 23.53 11.17
C HIS A 92 -16.17 23.40 10.03
N ASN A 93 -16.49 22.19 9.70
CA ASN A 93 -17.46 21.89 8.60
C ASN A 93 -17.38 20.38 8.32
N ILE A 94 -18.39 19.78 7.72
CA ILE A 94 -18.32 18.31 7.46
C ILE A 94 -18.65 17.99 6.00
N ASP A 95 -17.80 17.22 5.36
CA ASP A 95 -18.05 16.82 3.94
C ASP A 95 -18.17 15.29 3.89
N PHE A 96 -19.34 14.77 3.63
CA PHE A 96 -19.51 13.29 3.59
C PHE A 96 -19.36 12.78 2.15
N HIS A 97 -18.36 12.00 1.91
CA HIS A 97 -18.14 11.43 0.55
C HIS A 97 -19.43 10.76 0.03
N ALA A 98 -20.26 10.23 0.91
CA ALA A 98 -21.51 9.55 0.46
C ALA A 98 -22.62 10.54 0.08
N ALA A 99 -22.34 11.82 0.04
CA ALA A 99 -23.38 12.81 -0.34
C ALA A 99 -23.04 13.39 -1.71
N THR A 100 -23.96 14.11 -2.31
CA THR A 100 -23.68 14.70 -3.65
C THR A 100 -24.12 16.17 -3.70
N GLY A 101 -23.18 17.07 -3.84
CA GLY A 101 -23.51 18.55 -3.93
C GLY A 101 -22.92 19.35 -2.75
N ALA A 102 -22.36 20.53 -3.01
CA ALA A 102 -21.80 21.35 -1.88
C ALA A 102 -20.53 20.72 -1.30
N LEU A 103 -19.61 20.30 -2.13
CA LEU A 103 -18.33 19.73 -1.61
C LEU A 103 -18.61 18.66 -0.57
N GLY A 104 -19.67 17.92 -0.75
CA GLY A 104 -20.00 16.84 0.23
C GLY A 104 -20.61 17.43 1.50
N GLY A 105 -21.23 18.57 1.40
CA GLY A 105 -21.86 19.20 2.61
C GLY A 105 -20.92 20.21 3.29
N GLY A 106 -19.67 20.32 2.90
CA GLY A 106 -18.75 21.29 3.56
C GLY A 106 -19.15 22.74 3.24
N GLY A 107 -19.66 22.99 2.05
CA GLY A 107 -20.04 24.39 1.68
C GLY A 107 -21.31 24.85 2.44
N LEU A 108 -22.02 23.96 3.07
CA LEU A 108 -23.27 24.39 3.80
C LEU A 108 -23.20 23.93 5.27
N THR A 109 -22.03 23.82 5.82
CA THR A 109 -21.89 23.40 7.24
C THR A 109 -20.73 24.14 7.95
N GLU A 110 -20.30 25.28 7.45
CA GLU A 110 -19.21 26.04 8.11
C GLU A 110 -19.78 26.67 9.37
N ILE A 111 -19.37 26.20 10.51
CA ILE A 111 -19.94 26.76 11.76
C ILE A 111 -18.81 27.18 12.68
N ASN A 112 -18.81 28.42 13.06
CA ASN A 112 -17.73 28.91 13.98
C ASN A 112 -18.17 28.69 15.42
N PRO A 113 -17.24 28.67 16.34
CA PRO A 113 -17.54 28.48 17.78
C PRO A 113 -18.85 29.16 18.20
N GLY A 114 -19.75 28.43 18.80
CA GLY A 114 -21.05 29.03 19.21
C GLY A 114 -22.10 28.87 18.10
N GLU A 115 -21.85 28.03 17.12
CA GLU A 115 -22.87 27.87 16.03
C GLU A 115 -23.09 26.38 15.67
N LYS A 116 -24.33 26.00 15.38
CA LYS A 116 -24.62 24.59 14.98
C LYS A 116 -25.58 24.59 13.77
N THR A 117 -25.51 23.61 12.91
CA THR A 117 -26.41 23.61 11.75
C THR A 117 -26.99 22.22 11.59
N ILE A 118 -27.73 22.04 10.56
CA ILE A 118 -28.34 20.71 10.30
C ILE A 118 -28.34 20.48 8.79
N LEU A 119 -27.66 19.47 8.34
CA LEU A 119 -27.61 19.21 6.87
C LEU A 119 -28.16 17.82 6.57
N ARG A 120 -29.05 17.74 5.63
CA ARG A 120 -29.64 16.41 5.27
C ARG A 120 -29.30 16.06 3.81
N PHE A 121 -28.87 14.84 3.57
CA PHE A 121 -28.53 14.41 2.19
C PHE A 121 -29.06 12.98 1.97
N LYS A 122 -29.47 12.69 0.77
CA LYS A 122 -30.00 11.34 0.44
C LYS A 122 -28.84 10.39 0.15
N ALA A 123 -28.82 9.29 0.82
CA ALA A 123 -27.76 8.28 0.63
C ALA A 123 -28.16 7.49 -0.58
N THR A 124 -27.68 7.91 -1.69
CA THR A 124 -28.12 7.25 -2.98
C THR A 124 -27.21 6.08 -3.41
N LYS A 125 -26.08 5.89 -2.80
CA LYS A 125 -25.19 4.78 -3.21
C LYS A 125 -24.81 3.96 -1.99
N PRO A 126 -24.80 2.68 -2.13
CA PRO A 126 -24.47 1.75 -1.02
C PRO A 126 -22.95 1.52 -0.85
N GLY A 127 -22.47 1.56 0.36
CA GLY A 127 -21.01 1.33 0.56
C GLY A 127 -20.47 2.23 1.67
N VAL A 128 -19.39 1.81 2.30
CA VAL A 128 -18.79 2.61 3.37
C VAL A 128 -18.13 3.82 2.73
N PHE A 129 -18.14 4.92 3.40
CA PHE A 129 -17.54 6.12 2.81
C PHE A 129 -16.93 6.93 3.93
N VAL A 130 -15.89 7.65 3.66
CA VAL A 130 -15.26 8.45 4.77
C VAL A 130 -15.75 9.93 4.81
N TYR A 131 -16.17 10.41 5.97
CA TYR A 131 -16.59 11.82 6.11
C TYR A 131 -15.44 12.54 6.82
N HIS A 132 -15.29 13.82 6.61
CA HIS A 132 -14.15 14.53 7.26
C HIS A 132 -14.34 16.05 7.18
N CYS A 133 -13.94 16.78 8.19
CA CYS A 133 -14.09 18.26 8.17
C CYS A 133 -13.09 18.84 7.18
N ALA A 134 -13.43 19.90 6.50
CA ALA A 134 -12.47 20.45 5.51
C ALA A 134 -12.71 21.92 5.25
N PRO A 135 -12.39 22.75 6.19
CA PRO A 135 -12.54 24.23 6.06
C PRO A 135 -11.62 24.78 4.97
N PRO A 136 -12.18 25.46 4.01
CA PRO A 136 -11.41 26.03 2.87
C PRO A 136 -10.05 26.61 3.28
N GLY A 137 -8.97 26.08 2.74
CA GLY A 137 -7.62 26.63 3.08
C GLY A 137 -6.93 25.83 4.22
N MET A 138 -7.64 25.05 4.98
CA MET A 138 -6.98 24.30 6.08
C MET A 138 -7.54 22.89 6.12
N VAL A 139 -7.79 22.34 4.97
CA VAL A 139 -8.36 20.96 4.91
C VAL A 139 -7.41 19.94 5.56
N PRO A 140 -6.25 19.72 4.98
CA PRO A 140 -5.25 18.74 5.47
C PRO A 140 -4.97 18.85 6.97
N TRP A 141 -5.03 20.03 7.51
CA TRP A 141 -4.75 20.17 8.97
C TRP A 141 -5.90 19.59 9.80
N HIS A 142 -7.10 19.96 9.47
CA HIS A 142 -8.28 19.45 10.22
C HIS A 142 -8.39 17.92 10.11
N VAL A 143 -8.07 17.36 8.98
CA VAL A 143 -8.19 15.88 8.82
C VAL A 143 -7.07 15.18 9.60
N VAL A 144 -5.86 15.62 9.44
CA VAL A 144 -4.73 14.97 10.15
C VAL A 144 -4.93 15.11 11.67
N SER A 145 -5.56 16.18 12.09
CA SER A 145 -5.78 16.37 13.55
C SER A 145 -6.77 15.32 14.09
N GLY A 146 -7.30 14.50 13.22
CA GLY A 146 -8.26 13.45 13.69
C GLY A 146 -9.72 13.91 13.47
N MET A 147 -9.98 14.78 12.52
CA MET A 147 -11.38 15.22 12.28
C MET A 147 -11.96 14.45 11.08
N ASN A 148 -12.15 13.18 11.23
CA ASN A 148 -12.70 12.37 10.11
C ASN A 148 -13.14 10.99 10.63
N GLY A 149 -14.14 10.44 10.02
CA GLY A 149 -14.67 9.09 10.44
C GLY A 149 -15.21 8.36 9.20
N ALA A 150 -16.37 7.74 9.29
CA ALA A 150 -16.93 7.03 8.10
C ALA A 150 -18.37 6.57 8.34
N ILE A 151 -19.18 6.57 7.32
CA ILE A 151 -20.59 6.11 7.47
C ILE A 151 -20.84 4.91 6.54
N MET A 152 -21.68 4.00 6.94
CA MET A 152 -21.96 2.80 6.08
C MET A 152 -23.41 2.80 5.60
N VAL A 153 -23.61 2.92 4.32
CA VAL A 153 -24.98 2.90 3.76
C VAL A 153 -25.19 1.51 3.23
N LEU A 154 -25.89 0.71 3.95
CA LEU A 154 -26.03 -0.72 3.52
C LEU A 154 -27.22 -0.92 2.58
N PRO A 155 -27.05 -1.75 1.57
CA PRO A 155 -28.14 -2.07 0.63
C PRO A 155 -29.44 -2.40 1.39
N ARG A 156 -30.56 -1.98 0.89
CA ARG A 156 -31.85 -2.25 1.60
C ARG A 156 -31.99 -3.74 1.91
N GLU A 157 -31.46 -4.58 1.06
CA GLU A 157 -31.57 -6.06 1.30
C GLU A 157 -30.34 -6.62 2.04
N GLY A 158 -29.52 -5.78 2.63
CA GLY A 158 -28.33 -6.30 3.36
C GLY A 158 -27.16 -6.47 2.39
N LEU A 159 -26.12 -7.15 2.82
CA LEU A 159 -24.95 -7.36 1.92
C LEU A 159 -24.95 -8.78 1.34
N HIS A 160 -24.49 -8.94 0.12
CA HIS A 160 -24.44 -10.27 -0.51
C HIS A 160 -23.10 -10.42 -1.24
N ASP A 161 -22.72 -11.61 -1.58
CA ASP A 161 -21.43 -11.82 -2.29
C ASP A 161 -21.56 -11.43 -3.77
N GLY A 162 -20.69 -11.92 -4.62
CA GLY A 162 -20.76 -11.57 -6.07
C GLY A 162 -21.84 -12.42 -6.78
N LYS A 163 -22.22 -13.54 -6.22
CA LYS A 163 -23.26 -14.40 -6.90
C LYS A 163 -24.67 -14.13 -6.32
N GLY A 164 -24.83 -13.16 -5.46
CA GLY A 164 -26.20 -12.88 -4.89
C GLY A 164 -26.42 -13.55 -3.50
N LYS A 165 -25.57 -14.44 -3.06
CA LYS A 165 -25.76 -15.09 -1.75
C LYS A 165 -25.71 -14.05 -0.64
N ALA A 166 -26.60 -14.14 0.30
CA ALA A 166 -26.61 -13.14 1.42
C ALA A 166 -25.44 -13.38 2.40
N LEU A 167 -24.77 -12.33 2.78
CA LEU A 167 -23.64 -12.40 3.74
C LEU A 167 -24.06 -11.58 4.96
N THR A 168 -24.36 -12.24 6.03
CA THR A 168 -24.85 -11.55 7.23
C THR A 168 -23.80 -11.68 8.29
N TYR A 169 -23.43 -10.60 8.84
CA TYR A 169 -22.35 -10.63 9.87
C TYR A 169 -22.95 -10.61 11.28
N ASP A 170 -22.36 -11.34 12.20
CA ASP A 170 -22.86 -11.35 13.60
C ASP A 170 -22.38 -10.09 14.35
N LYS A 171 -21.25 -9.54 13.97
CA LYS A 171 -20.73 -8.33 14.67
C LYS A 171 -19.96 -7.48 13.68
N ILE A 172 -19.88 -6.20 13.92
CA ILE A 172 -19.13 -5.30 12.99
C ILE A 172 -18.35 -4.26 13.80
N TYR A 173 -17.11 -4.06 13.46
CA TYR A 173 -16.28 -3.06 14.16
C TYR A 173 -15.74 -2.07 13.14
N TYR A 174 -15.54 -0.85 13.56
CA TYR A 174 -15.02 0.19 12.62
C TYR A 174 -13.66 0.67 13.13
N VAL A 175 -12.64 0.43 12.37
CA VAL A 175 -11.27 0.84 12.78
C VAL A 175 -10.80 2.00 11.90
N GLY A 176 -10.83 3.19 12.41
CA GLY A 176 -10.38 4.37 11.65
C GLY A 176 -8.88 4.55 11.89
N GLU A 177 -8.14 4.65 10.85
CA GLU A 177 -6.68 4.79 10.96
C GLU A 177 -6.38 6.26 10.81
N GLN A 178 -5.40 6.72 11.51
CA GLN A 178 -5.10 8.18 11.42
C GLN A 178 -3.60 8.41 11.41
N ASP A 179 -3.10 9.04 10.37
CA ASP A 179 -1.64 9.34 10.31
C ASP A 179 -1.40 10.76 10.85
N PHE A 180 -0.68 10.90 11.93
CA PHE A 180 -0.43 12.23 12.48
C PHE A 180 0.92 12.75 12.00
N TYR A 181 1.23 13.93 12.37
CA TYR A 181 2.51 14.57 11.98
C TYR A 181 2.88 15.51 13.11
N VAL A 182 3.55 15.00 14.09
CA VAL A 182 3.86 15.82 15.29
C VAL A 182 5.23 16.44 15.15
N PRO A 183 5.29 17.72 15.34
CA PRO A 183 6.58 18.48 15.24
C PRO A 183 7.56 18.13 16.39
N ARG A 184 8.83 17.96 16.07
CA ARG A 184 9.85 17.64 17.11
C ARG A 184 10.90 18.75 17.13
N ASP A 185 11.49 19.01 18.25
CA ASP A 185 12.52 20.09 18.33
C ASP A 185 13.81 19.62 17.67
N GLU A 186 14.91 20.27 17.96
CA GLU A 186 16.21 19.86 17.35
C GLU A 186 16.73 18.56 17.98
N ASN A 187 16.43 18.31 19.23
CA ASN A 187 16.92 17.06 19.89
C ASN A 187 16.07 15.83 19.55
N GLY A 188 15.01 15.98 18.77
CA GLY A 188 14.17 14.80 18.43
C GLY A 188 13.02 14.59 19.45
N LYS A 189 12.75 15.53 20.32
CA LYS A 189 11.64 15.37 21.30
C LYS A 189 10.37 16.03 20.76
N TYR A 190 9.26 15.35 20.84
CA TYR A 190 7.99 15.91 20.34
C TYR A 190 7.74 17.23 21.05
N LYS A 191 7.20 18.17 20.36
CA LYS A 191 6.94 19.50 20.99
C LYS A 191 5.44 19.64 21.34
N LYS A 192 5.16 20.29 22.44
CA LYS A 192 3.75 20.50 22.84
C LYS A 192 3.45 21.99 22.73
N TYR A 193 2.22 22.34 22.64
CA TYR A 193 1.87 23.77 22.51
C TYR A 193 0.70 24.07 23.42
N GLU A 194 0.35 25.30 23.51
CA GLU A 194 -0.78 25.70 24.39
C GLU A 194 -2.11 25.59 23.63
N ALA A 195 -2.19 26.10 22.42
CA ALA A 195 -3.46 26.02 21.67
C ALA A 195 -3.24 25.28 20.37
N PRO A 196 -4.29 25.04 19.65
CA PRO A 196 -4.24 24.32 18.34
C PRO A 196 -3.56 25.13 17.22
N GLY A 197 -3.74 26.43 17.18
CA GLY A 197 -3.10 27.24 16.09
C GLY A 197 -1.60 27.39 16.33
N ASP A 198 -1.17 27.40 17.55
CA ASP A 198 0.29 27.57 17.84
C ASP A 198 1.11 26.48 17.13
N ALA A 199 0.53 25.35 16.86
CA ALA A 199 1.30 24.25 16.18
C ALA A 199 0.90 24.12 14.70
N TYR A 200 0.35 25.14 14.11
CA TYR A 200 -0.03 25.06 12.66
C TYR A 200 1.21 25.13 11.72
N GLU A 201 2.11 26.07 11.91
CA GLU A 201 3.28 26.17 10.98
C GLU A 201 4.20 24.96 11.14
N ASP A 202 4.51 24.61 12.36
CA ASP A 202 5.42 23.45 12.58
C ASP A 202 4.78 22.16 12.08
N THR A 203 3.49 22.03 12.19
CA THR A 203 2.82 20.79 11.73
C THR A 203 2.84 20.74 10.21
N VAL A 204 2.52 21.82 9.57
CA VAL A 204 2.54 21.84 8.08
C VAL A 204 3.91 21.37 7.59
N LYS A 205 4.95 21.86 8.19
CA LYS A 205 6.31 21.43 7.76
C LYS A 205 6.40 19.91 7.81
N VAL A 206 5.96 19.31 8.88
CA VAL A 206 6.01 17.83 8.99
C VAL A 206 5.09 17.18 7.94
N MET A 207 3.92 17.73 7.74
CA MET A 207 2.98 17.14 6.73
C MET A 207 3.60 17.18 5.33
N ARG A 208 4.33 18.20 4.99
CA ARG A 208 4.94 18.30 3.64
C ARG A 208 5.85 17.10 3.41
N THR A 209 6.55 16.69 4.42
CA THR A 209 7.48 15.53 4.27
C THR A 209 6.71 14.26 3.84
N LEU A 210 5.40 14.26 3.91
CA LEU A 210 4.63 13.05 3.52
C LEU A 210 5.06 11.87 4.37
N THR A 211 5.55 12.11 5.56
CA THR A 211 5.99 10.98 6.43
C THR A 211 5.38 11.18 7.82
N PRO A 212 4.36 10.42 8.13
CA PRO A 212 3.66 10.53 9.46
C PRO A 212 4.51 10.02 10.64
N THR A 213 4.62 10.79 11.70
CA THR A 213 5.41 10.33 12.87
C THR A 213 4.67 9.17 13.57
N HIS A 214 3.36 9.08 13.43
CA HIS A 214 2.62 7.98 14.09
C HIS A 214 1.37 7.64 13.26
N VAL A 215 1.15 6.37 13.03
CA VAL A 215 -0.04 5.95 12.25
C VAL A 215 -0.77 5.00 13.14
N VAL A 216 -1.94 5.30 13.55
CA VAL A 216 -2.56 4.36 14.52
C VAL A 216 -4.03 4.15 14.27
N PHE A 217 -4.60 3.35 15.11
CA PHE A 217 -6.06 3.07 14.98
C PHE A 217 -6.78 3.46 16.27
N ASN A 218 -7.91 4.09 16.16
CA ASN A 218 -8.66 4.51 17.39
C ASN A 218 -8.09 5.80 18.02
N GLY A 219 -7.11 6.43 17.39
CA GLY A 219 -6.54 7.68 17.97
C GLY A 219 -5.32 7.45 18.93
N ALA A 220 -4.69 6.30 18.98
CA ALA A 220 -3.51 6.16 19.90
C ALA A 220 -2.79 4.81 19.70
N VAL A 221 -1.48 4.81 19.72
CA VAL A 221 -0.75 3.52 19.55
C VAL A 221 -1.21 2.55 20.65
N GLY A 222 -1.61 1.37 20.28
CA GLY A 222 -2.11 0.40 21.31
C GLY A 222 -3.57 0.69 21.76
N ALA A 223 -4.35 1.46 21.01
CA ALA A 223 -5.75 1.72 21.44
C ALA A 223 -6.64 0.46 21.27
N LEU A 224 -6.32 -0.44 20.36
CA LEU A 224 -7.17 -1.64 20.16
C LEU A 224 -6.37 -2.91 20.46
N THR A 225 -5.45 -2.83 21.37
CA THR A 225 -4.62 -4.03 21.71
C THR A 225 -4.60 -4.19 23.23
N GLY A 226 -4.35 -5.39 23.71
CA GLY A 226 -4.29 -5.63 25.17
C GLY A 226 -5.71 -5.89 25.68
N ASP A 227 -6.14 -5.15 26.66
CA ASP A 227 -7.53 -5.34 27.19
C ASP A 227 -8.56 -4.73 26.23
N LYS A 228 -8.14 -3.88 25.32
CA LYS A 228 -9.12 -3.25 24.38
C LYS A 228 -9.13 -4.00 23.04
N ALA A 229 -8.56 -5.18 22.98
CA ALA A 229 -8.54 -5.93 21.70
C ALA A 229 -9.98 -6.37 21.35
N MET A 230 -10.37 -6.23 20.10
CA MET A 230 -11.74 -6.63 19.74
C MET A 230 -11.97 -8.05 20.24
N THR A 231 -13.01 -8.65 19.79
CA THR A 231 -13.32 -10.05 20.21
C THR A 231 -14.14 -10.76 19.10
N ALA A 232 -14.00 -12.07 19.02
CA ALA A 232 -14.72 -12.89 18.02
C ALA A 232 -14.56 -14.36 18.39
N ALA A 233 -15.54 -15.19 18.12
CA ALA A 233 -15.42 -16.62 18.48
C ALA A 233 -15.48 -17.48 17.22
N VAL A 234 -14.80 -18.59 17.23
CA VAL A 234 -14.79 -19.48 16.05
C VAL A 234 -16.21 -19.67 15.57
N GLY A 235 -16.42 -19.53 14.30
CA GLY A 235 -17.80 -19.68 13.75
C GLY A 235 -18.54 -18.32 13.69
N GLU A 236 -17.91 -17.25 14.12
CA GLU A 236 -18.58 -15.92 14.10
C GLU A 236 -18.15 -15.17 12.83
N LYS A 237 -19.08 -14.49 12.23
CA LYS A 237 -18.80 -13.73 11.00
C LYS A 237 -18.66 -12.28 11.42
N VAL A 238 -17.62 -11.65 11.04
CA VAL A 238 -17.44 -10.26 11.50
C VAL A 238 -17.02 -9.35 10.36
N LEU A 239 -17.66 -8.23 10.25
CA LEU A 239 -17.33 -7.25 9.20
C LEU A 239 -16.46 -6.16 9.82
N ILE A 240 -15.33 -5.88 9.24
CA ILE A 240 -14.42 -4.86 9.79
C ILE A 240 -14.28 -3.70 8.80
N VAL A 241 -14.92 -2.62 9.10
CA VAL A 241 -14.86 -1.43 8.23
C VAL A 241 -13.63 -0.64 8.61
N HIS A 242 -12.90 -0.20 7.65
CA HIS A 242 -11.66 0.55 7.95
C HIS A 242 -11.64 1.78 7.07
N SER A 243 -11.20 2.87 7.61
CA SER A 243 -11.16 4.13 6.82
C SER A 243 -9.83 4.88 7.02
N GLN A 244 -9.45 5.61 6.02
CA GLN A 244 -8.21 6.44 6.02
C GLN A 244 -8.56 7.67 5.18
N ALA A 245 -8.78 8.77 5.83
CA ALA A 245 -9.24 10.00 5.09
C ALA A 245 -8.12 10.78 4.38
N ASN A 246 -6.89 10.45 4.61
CA ASN A 246 -5.79 11.21 3.94
C ASN A 246 -4.47 10.39 3.90
N ARG A 247 -4.56 9.11 3.66
CA ARG A 247 -3.32 8.27 3.59
C ARG A 247 -3.69 6.85 3.11
N ASP A 248 -2.98 6.28 2.16
CA ASP A 248 -3.35 4.89 1.71
C ASP A 248 -2.81 3.82 2.68
N THR A 249 -3.63 2.85 3.06
CA THR A 249 -3.16 1.78 3.96
C THR A 249 -3.33 0.44 3.25
N ARG A 250 -3.10 -0.61 3.96
CA ARG A 250 -3.24 -1.99 3.38
C ARG A 250 -3.52 -2.96 4.53
N PRO A 251 -4.77 -3.09 4.88
CA PRO A 251 -5.23 -3.95 6.00
C PRO A 251 -4.85 -5.42 5.84
N HIS A 252 -4.59 -6.08 6.94
CA HIS A 252 -4.23 -7.53 6.90
C HIS A 252 -4.47 -8.19 8.29
N LEU A 253 -5.34 -9.18 8.35
CA LEU A 253 -5.61 -9.90 9.63
C LEU A 253 -4.61 -11.04 9.76
N ILE A 254 -3.67 -10.87 10.64
CA ILE A 254 -2.61 -11.88 10.85
C ILE A 254 -3.26 -13.15 11.37
N GLY A 255 -3.07 -14.20 10.68
CA GLY A 255 -3.67 -15.49 11.10
C GLY A 255 -5.01 -15.73 10.38
N GLY A 256 -5.57 -14.72 9.75
CA GLY A 256 -6.86 -14.93 9.05
C GLY A 256 -6.78 -14.34 7.64
N HIS A 257 -7.90 -13.95 7.10
CA HIS A 257 -7.90 -13.37 5.73
C HIS A 257 -9.28 -12.75 5.44
N GLY A 258 -9.34 -11.84 4.53
CA GLY A 258 -10.64 -11.18 4.19
C GLY A 258 -11.39 -12.11 3.24
N ASP A 259 -12.34 -12.82 3.75
CA ASP A 259 -13.10 -13.77 2.89
C ASP A 259 -13.67 -13.00 1.72
N TYR A 260 -14.37 -11.96 2.03
CA TYR A 260 -14.96 -11.08 0.98
C TYR A 260 -14.57 -9.66 1.35
N VAL A 261 -13.94 -8.94 0.47
CA VAL A 261 -13.50 -7.57 0.86
C VAL A 261 -13.84 -6.54 -0.21
N TRP A 262 -14.77 -5.68 0.09
CA TRP A 262 -15.11 -4.58 -0.86
C TRP A 262 -14.02 -3.55 -0.67
N ALA A 263 -12.94 -3.75 -1.35
CA ALA A 263 -11.73 -2.87 -1.16
C ALA A 263 -12.10 -1.44 -1.42
N THR A 264 -12.82 -1.23 -2.45
CA THR A 264 -13.21 0.16 -2.82
C THR A 264 -14.27 0.69 -1.85
N GLY A 265 -14.81 -0.15 -1.01
CA GLY A 265 -15.86 0.33 -0.04
C GLY A 265 -17.23 0.58 -0.74
N LYS A 266 -17.44 0.00 -1.89
CA LYS A 266 -18.72 0.17 -2.62
C LYS A 266 -19.38 -1.21 -2.71
N PHE A 267 -20.60 -1.31 -2.34
CA PHE A 267 -21.28 -2.65 -2.36
C PHE A 267 -21.59 -3.07 -3.80
N ASN A 268 -21.97 -2.14 -4.62
CA ASN A 268 -22.30 -2.48 -6.04
C ASN A 268 -21.09 -3.15 -6.69
N THR A 269 -19.92 -2.77 -6.30
CA THR A 269 -18.70 -3.37 -6.90
C THR A 269 -18.42 -4.71 -6.22
N PRO A 270 -18.44 -5.76 -6.99
CA PRO A 270 -18.21 -7.14 -6.45
C PRO A 270 -17.04 -7.19 -5.45
N PRO A 271 -17.19 -7.89 -4.35
CA PRO A 271 -16.10 -7.97 -3.32
C PRO A 271 -14.99 -8.99 -3.64
N ASP A 272 -13.73 -8.58 -3.74
CA ASP A 272 -12.67 -9.58 -4.00
C ASP A 272 -12.87 -10.70 -3.00
N VAL A 273 -12.17 -11.78 -3.14
CA VAL A 273 -12.37 -12.90 -2.17
C VAL A 273 -11.02 -13.59 -1.86
N ASP A 274 -10.91 -14.13 -0.68
CA ASP A 274 -9.66 -14.84 -0.29
C ASP A 274 -8.56 -13.82 -0.32
N GLN A 275 -8.74 -12.74 0.40
CA GLN A 275 -7.68 -11.68 0.35
C GLN A 275 -6.71 -11.75 1.55
N GLU A 276 -5.41 -11.80 1.29
CA GLU A 276 -4.43 -11.79 2.42
C GLU A 276 -4.20 -10.33 2.90
N THR A 277 -4.14 -9.38 1.99
CA THR A 277 -3.91 -7.96 2.36
C THR A 277 -4.61 -7.10 1.32
N TRP A 278 -5.50 -6.27 1.73
CA TRP A 278 -6.25 -5.45 0.74
C TRP A 278 -5.57 -4.10 0.59
N PHE A 279 -6.24 -3.18 -0.01
CA PHE A 279 -5.65 -1.83 -0.20
C PHE A 279 -6.75 -0.75 -0.26
N ILE A 280 -6.72 0.18 0.66
CA ILE A 280 -7.71 1.28 0.68
C ILE A 280 -6.96 2.59 0.50
N PRO A 281 -7.23 3.28 -0.57
CA PRO A 281 -6.53 4.55 -0.91
C PRO A 281 -6.95 5.75 -0.05
N GLY A 282 -5.99 6.52 0.41
CA GLY A 282 -6.32 7.71 1.21
C GLY A 282 -7.59 8.33 0.64
N GLY A 283 -8.45 8.78 1.49
CA GLY A 283 -9.73 9.37 1.04
C GLY A 283 -10.76 8.26 0.75
N ALA A 284 -10.71 7.15 1.45
CA ALA A 284 -11.73 6.09 1.15
C ALA A 284 -11.84 5.05 2.27
N ALA A 285 -13.01 4.50 2.48
CA ALA A 285 -13.17 3.45 3.54
C ALA A 285 -13.64 2.13 2.89
N GLY A 286 -13.06 1.02 3.27
CA GLY A 286 -13.48 -0.28 2.66
C GLY A 286 -14.13 -1.15 3.72
N ALA A 287 -14.31 -2.42 3.44
CA ALA A 287 -14.95 -3.33 4.42
C ALA A 287 -14.58 -4.78 4.11
N ALA A 288 -14.22 -5.54 5.10
CA ALA A 288 -13.85 -6.96 4.88
C ALA A 288 -14.71 -7.84 5.79
N PHE A 289 -15.18 -8.94 5.28
CA PHE A 289 -16.03 -9.85 6.08
C PHE A 289 -15.32 -11.19 6.20
N TYR A 290 -15.14 -11.69 7.38
CA TYR A 290 -14.41 -12.97 7.52
C TYR A 290 -14.99 -13.80 8.67
N THR A 291 -15.11 -15.07 8.44
CA THR A 291 -15.62 -16.00 9.48
C THR A 291 -14.42 -16.63 10.18
N PHE A 292 -14.31 -16.39 11.45
CA PHE A 292 -13.15 -16.92 12.22
C PHE A 292 -13.24 -18.43 12.32
N GLN A 293 -12.14 -19.09 12.11
CA GLN A 293 -12.12 -20.59 12.20
C GLN A 293 -11.14 -21.09 13.28
N GLN A 294 -10.27 -20.24 13.81
CA GLN A 294 -9.31 -20.71 14.85
C GLN A 294 -9.27 -19.72 16.00
N PRO A 295 -9.22 -20.22 17.20
CA PRO A 295 -9.18 -19.38 18.44
C PRO A 295 -7.76 -18.94 18.78
N GLY A 296 -7.65 -17.86 19.48
CA GLY A 296 -6.29 -17.37 19.85
C GLY A 296 -6.22 -15.86 19.62
N ILE A 297 -5.06 -15.29 19.71
CA ILE A 297 -4.92 -13.83 19.50
C ILE A 297 -4.42 -13.55 18.06
N TYR A 298 -5.10 -12.68 17.36
CA TYR A 298 -4.68 -12.34 15.97
C TYR A 298 -4.48 -10.83 15.88
N ALA A 299 -3.46 -10.40 15.19
CA ALA A 299 -3.20 -8.95 15.07
C ALA A 299 -3.76 -8.49 13.74
N TYR A 300 -4.26 -7.30 13.69
CA TYR A 300 -4.83 -6.82 12.41
C TYR A 300 -4.22 -5.48 12.15
N VAL A 301 -3.46 -5.33 11.12
CA VAL A 301 -2.83 -4.00 10.99
C VAL A 301 -2.39 -3.69 9.57
N ASN A 302 -1.97 -2.48 9.41
CA ASN A 302 -1.48 -2.01 8.10
C ASN A 302 -0.26 -2.83 7.81
N HIS A 303 -0.22 -3.42 6.67
CA HIS A 303 0.94 -4.30 6.40
C HIS A 303 2.18 -3.47 6.46
N ASN A 304 2.23 -2.34 5.82
CA ASN A 304 3.50 -1.58 6.03
C ASN A 304 4.01 -1.97 7.46
N LEU A 305 4.79 -3.03 7.58
CA LEU A 305 5.23 -3.52 8.92
C LEU A 305 5.76 -2.36 9.71
N ILE A 306 6.54 -1.57 9.09
CA ILE A 306 7.11 -0.38 9.80
C ILE A 306 5.97 0.45 10.35
N GLU A 307 5.01 0.76 9.51
CA GLU A 307 3.84 1.55 9.98
C GLU A 307 3.03 0.75 11.06
N ALA A 308 3.00 -0.55 10.98
CA ALA A 308 2.21 -1.34 11.99
C ALA A 308 3.00 -1.64 13.30
N PHE A 309 4.31 -1.74 13.29
CA PHE A 309 5.01 -2.06 14.56
C PHE A 309 5.83 -0.88 15.06
N GLU A 310 6.40 -0.13 14.17
CA GLU A 310 7.22 1.04 14.59
C GLU A 310 6.38 2.33 14.73
N LEU A 311 5.30 2.48 13.99
CA LEU A 311 4.51 3.75 14.10
C LEU A 311 3.36 3.54 15.08
N GLY A 312 2.66 2.46 14.94
CA GLY A 312 1.51 2.18 15.85
C GLY A 312 0.23 1.78 15.06
N ALA A 313 0.34 1.14 13.92
CA ALA A 313 -0.89 0.74 13.18
C ALA A 313 -1.14 -0.77 13.38
N ALA A 314 -1.39 -1.21 14.60
CA ALA A 314 -1.63 -2.66 14.81
C ALA A 314 -2.58 -2.90 16.00
N ALA A 315 -3.70 -3.54 15.76
CA ALA A 315 -4.65 -3.83 16.87
C ALA A 315 -4.67 -5.34 17.05
N HIS A 316 -5.49 -5.85 17.93
CA HIS A 316 -5.50 -7.34 18.10
C HIS A 316 -6.90 -7.87 18.47
N PHE A 317 -7.31 -8.96 17.84
CA PHE A 317 -8.65 -9.56 18.18
C PHE A 317 -8.45 -10.90 18.95
N LYS A 318 -9.09 -11.03 20.10
CA LYS A 318 -8.99 -12.25 20.91
C LYS A 318 -10.18 -13.08 20.51
N VAL A 319 -9.94 -14.30 20.20
CA VAL A 319 -11.04 -15.15 19.73
C VAL A 319 -11.11 -16.39 20.57
N THR A 320 -12.28 -16.77 20.92
CA THR A 320 -12.45 -17.99 21.76
C THR A 320 -13.03 -19.13 20.92
N GLY A 321 -12.82 -20.36 21.32
CA GLY A 321 -13.37 -21.50 20.53
C GLY A 321 -12.43 -22.70 20.62
N GLU A 322 -12.62 -23.66 19.75
CA GLU A 322 -11.75 -24.87 19.77
C GLU A 322 -10.81 -24.82 18.56
N TRP A 323 -9.58 -25.17 18.79
CA TRP A 323 -8.58 -25.16 17.70
C TRP A 323 -8.93 -26.25 16.71
N ASN A 324 -8.54 -26.05 15.50
CA ASN A 324 -8.82 -27.04 14.43
C ASN A 324 -7.50 -27.48 13.85
N ASP A 325 -7.08 -28.67 14.16
CA ASP A 325 -5.77 -29.16 13.67
C ASP A 325 -5.81 -29.33 12.16
N ASP A 326 -6.92 -29.73 11.64
CA ASP A 326 -7.03 -29.92 10.16
C ASP A 326 -6.48 -28.68 9.46
N LEU A 327 -6.87 -27.53 9.90
CA LEU A 327 -6.39 -26.27 9.29
C LEU A 327 -4.91 -26.06 9.61
N MET A 328 -4.46 -26.33 10.82
CA MET A 328 -3.03 -26.10 11.12
C MET A 328 -2.63 -26.86 12.37
N THR A 329 -1.51 -27.53 12.34
CA THR A 329 -1.07 -28.28 13.55
C THR A 329 0.47 -28.32 13.64
N SER A 330 1.03 -28.08 14.80
CA SER A 330 2.52 -28.13 14.95
C SER A 330 2.93 -29.59 15.08
N VAL A 331 3.39 -30.18 14.02
CA VAL A 331 3.79 -31.61 14.08
C VAL A 331 4.94 -31.75 15.04
N LEU A 332 5.92 -30.92 14.89
CA LEU A 332 7.08 -30.97 15.82
C LEU A 332 7.31 -29.57 16.43
N ALA A 333 6.98 -29.39 17.69
CA ALA A 333 7.18 -28.05 18.32
C ALA A 333 8.66 -27.72 18.34
N PRO A 334 9.00 -26.46 18.37
CA PRO A 334 10.40 -26.00 18.40
C PRO A 334 11.26 -26.79 19.40
N SER A 335 12.30 -27.42 18.95
CA SER A 335 13.15 -28.21 19.89
C SER A 335 14.50 -28.46 19.25
N GLY A 336 15.45 -28.90 20.03
CA GLY A 336 16.81 -29.17 19.47
C GLY A 336 16.68 -29.97 18.17
N ALA B 1 -2.20 -8.65 -40.05
CA ALA B 1 -2.32 -8.04 -41.40
C ALA B 1 -0.93 -7.98 -42.06
N THR B 2 -0.87 -8.16 -43.35
CA THR B 2 0.44 -8.10 -44.04
C THR B 2 0.74 -6.66 -44.42
N ALA B 3 1.94 -6.40 -44.86
CA ALA B 3 2.30 -5.01 -45.24
C ALA B 3 1.35 -4.48 -46.33
N ALA B 4 1.03 -5.28 -47.31
CA ALA B 4 0.12 -4.81 -48.40
C ALA B 4 -1.23 -4.38 -47.81
N GLU B 5 -1.72 -5.12 -46.86
CA GLU B 5 -3.04 -4.76 -46.26
C GLU B 5 -2.91 -3.46 -45.47
N ILE B 6 -1.88 -3.35 -44.68
CA ILE B 6 -1.70 -2.10 -43.88
C ILE B 6 -1.55 -0.91 -44.82
N ALA B 7 -0.83 -1.07 -45.90
CA ALA B 7 -0.63 0.06 -46.86
C ALA B 7 -1.97 0.48 -47.50
N ALA B 8 -2.90 -0.44 -47.66
CA ALA B 8 -4.21 -0.08 -48.31
C ALA B 8 -5.22 0.50 -47.29
N LEU B 9 -4.88 0.64 -46.04
CA LEU B 9 -5.87 1.21 -45.06
C LEU B 9 -5.87 2.75 -45.14
N PRO B 10 -7.02 3.35 -44.97
CA PRO B 10 -7.16 4.85 -45.01
C PRO B 10 -6.33 5.56 -43.93
N ARG B 11 -5.69 6.65 -44.28
CA ARG B 11 -4.87 7.40 -43.28
C ARG B 11 -5.64 8.67 -42.89
N GLN B 12 -5.62 9.01 -41.64
CA GLN B 12 -6.33 10.22 -41.16
C GLN B 12 -5.41 11.02 -40.25
N LYS B 13 -5.05 12.20 -40.68
CA LYS B 13 -4.14 13.05 -39.88
C LYS B 13 -4.98 13.75 -38.84
N VAL B 14 -4.48 13.84 -37.66
CA VAL B 14 -5.27 14.49 -36.58
C VAL B 14 -4.46 15.61 -35.90
N GLU B 15 -5.05 16.77 -35.80
CA GLU B 15 -4.38 17.91 -35.14
C GLU B 15 -4.63 17.76 -33.65
N LEU B 16 -3.59 17.76 -32.89
CA LEU B 16 -3.76 17.56 -31.42
C LEU B 16 -3.99 18.90 -30.72
N VAL B 17 -4.69 18.87 -29.62
CA VAL B 17 -4.95 20.11 -28.88
C VAL B 17 -4.11 20.07 -27.60
N ASP B 18 -4.23 21.04 -26.77
CA ASP B 18 -3.42 21.01 -25.52
C ASP B 18 -4.31 20.68 -24.30
N PRO B 19 -3.90 19.75 -23.46
CA PRO B 19 -4.67 19.38 -22.26
C PRO B 19 -5.22 20.62 -21.54
N PRO B 20 -6.28 20.47 -20.78
CA PRO B 20 -6.95 19.15 -20.58
C PRO B 20 -7.92 18.78 -21.73
N PHE B 21 -8.02 19.61 -22.73
CA PHE B 21 -8.94 19.31 -23.86
C PHE B 21 -8.42 18.11 -24.63
N VAL B 22 -9.27 17.57 -25.46
CA VAL B 22 -8.91 16.40 -26.28
C VAL B 22 -9.35 16.68 -27.71
N HIS B 23 -8.58 16.24 -28.64
CA HIS B 23 -8.90 16.48 -30.07
C HIS B 23 -10.24 15.85 -30.42
N ALA B 24 -10.82 16.31 -31.47
CA ALA B 24 -12.13 15.76 -31.92
C ALA B 24 -11.97 14.30 -32.29
N HIS B 25 -12.94 13.51 -31.93
CA HIS B 25 -12.91 12.06 -32.22
C HIS B 25 -14.31 11.49 -31.97
N SER B 26 -14.62 10.37 -32.54
CA SER B 26 -15.96 9.78 -32.34
C SER B 26 -15.84 8.60 -31.39
N GLN B 27 -16.76 8.46 -30.50
CA GLN B 27 -16.68 7.33 -29.53
C GLN B 27 -16.74 6.06 -30.33
N VAL B 28 -17.81 5.88 -31.02
CA VAL B 28 -17.95 4.68 -31.89
C VAL B 28 -17.07 4.90 -33.13
N ALA B 29 -16.31 3.92 -33.50
CA ALA B 29 -15.40 4.06 -34.67
C ALA B 29 -16.22 4.23 -35.95
N GLU B 30 -15.81 5.13 -36.79
CA GLU B 30 -16.53 5.36 -38.08
C GLU B 30 -15.72 4.71 -39.20
N GLY B 31 -16.16 3.58 -39.69
CA GLY B 31 -15.41 2.89 -40.76
C GLY B 31 -14.53 1.80 -40.13
N GLY B 32 -13.76 1.09 -40.93
CA GLY B 32 -12.89 0.01 -40.38
C GLY B 32 -11.58 0.63 -39.85
N PRO B 33 -10.57 -0.19 -39.67
CA PRO B 33 -9.24 0.25 -39.16
C PRO B 33 -8.59 1.32 -40.03
N LYS B 34 -7.97 2.29 -39.42
CA LYS B 34 -7.29 3.38 -40.20
C LYS B 34 -5.99 3.83 -39.50
N VAL B 35 -4.96 4.08 -40.28
CA VAL B 35 -3.66 4.56 -39.74
C VAL B 35 -3.81 6.02 -39.36
N VAL B 36 -3.85 6.24 -38.09
CA VAL B 36 -4.01 7.59 -37.55
C VAL B 36 -2.65 8.20 -37.51
N GLU B 37 -2.59 9.40 -37.91
CA GLU B 37 -1.25 10.07 -37.97
C GLU B 37 -1.21 11.26 -37.02
N PHE B 38 -0.22 11.29 -36.18
CA PHE B 38 -0.06 12.44 -35.23
C PHE B 38 1.42 12.88 -35.20
N THR B 39 1.69 14.16 -35.15
CA THR B 39 3.11 14.62 -35.13
C THR B 39 3.32 15.53 -33.92
N MET B 40 4.34 15.28 -33.14
CA MET B 40 4.60 16.13 -31.95
C MET B 40 6.09 16.51 -31.85
N VAL B 41 6.37 17.78 -31.73
CA VAL B 41 7.76 18.26 -31.60
C VAL B 41 8.03 18.42 -30.11
N ILE B 42 9.15 17.99 -29.68
CA ILE B 42 9.48 18.06 -28.24
C ILE B 42 10.19 19.36 -27.97
N GLU B 43 9.82 20.03 -26.93
CA GLU B 43 10.50 21.34 -26.66
C GLU B 43 10.99 21.41 -25.22
N GLU B 44 12.28 21.38 -24.99
CA GLU B 44 12.78 21.50 -23.59
C GLU B 44 12.85 22.99 -23.23
N LYS B 45 11.96 23.49 -22.40
CA LYS B 45 12.02 24.92 -22.09
C LYS B 45 11.81 25.12 -20.61
N LYS B 46 11.68 26.33 -20.22
CA LYS B 46 11.45 26.64 -18.79
C LYS B 46 10.00 27.05 -18.55
N ILE B 47 9.35 26.39 -17.62
CA ILE B 47 7.94 26.71 -17.30
C ILE B 47 7.81 26.95 -15.79
N VAL B 48 6.90 27.79 -15.42
CA VAL B 48 6.69 28.11 -14.01
C VAL B 48 5.71 27.11 -13.50
N ILE B 49 5.83 26.76 -12.29
CA ILE B 49 4.89 25.72 -11.75
C ILE B 49 4.03 26.24 -10.59
N ASP B 50 4.34 27.36 -10.01
CA ASP B 50 3.51 27.85 -8.88
C ASP B 50 3.36 29.35 -8.98
N ASP B 51 2.74 29.95 -8.00
CA ASP B 51 2.54 31.42 -8.02
C ASP B 51 3.84 32.13 -7.62
N ALA B 52 4.66 31.49 -6.82
CA ALA B 52 5.94 32.13 -6.39
C ALA B 52 6.91 32.31 -7.58
N GLY B 53 6.67 31.65 -8.68
CA GLY B 53 7.61 31.80 -9.85
C GLY B 53 8.63 30.64 -9.92
N THR B 54 8.41 29.56 -9.20
CA THR B 54 9.35 28.42 -9.25
C THR B 54 9.46 27.98 -10.69
N GLU B 55 10.64 27.72 -11.15
CA GLU B 55 10.78 27.32 -12.59
C GLU B 55 11.43 25.94 -12.73
N VAL B 56 10.91 25.15 -13.64
CA VAL B 56 11.49 23.79 -13.90
C VAL B 56 11.74 23.59 -15.43
N HIS B 57 12.95 23.22 -15.80
CA HIS B 57 13.30 23.00 -17.22
C HIS B 57 12.53 21.79 -17.67
N ALA B 58 11.38 22.02 -18.18
CA ALA B 58 10.50 20.90 -18.59
C ALA B 58 10.85 20.37 -19.97
N MET B 59 10.64 19.10 -20.14
CA MET B 59 10.87 18.41 -21.43
C MET B 59 9.48 18.10 -21.83
N ALA B 60 9.01 18.69 -22.85
CA ALA B 60 7.58 18.50 -23.09
C ALA B 60 7.29 18.13 -24.49
N PHE B 61 6.55 17.10 -24.59
CA PHE B 61 6.09 16.65 -25.93
C PHE B 61 4.96 17.58 -26.38
N ASN B 62 5.08 18.20 -27.53
CA ASN B 62 4.00 19.14 -27.97
C ASN B 62 4.08 20.47 -27.18
N GLY B 63 5.16 20.73 -26.46
CA GLY B 63 5.27 21.99 -25.69
C GLY B 63 4.27 22.04 -24.52
N THR B 64 3.75 20.92 -24.05
CA THR B 64 2.79 21.04 -22.88
C THR B 64 2.90 19.84 -21.90
N VAL B 65 2.95 20.12 -20.59
CA VAL B 65 2.97 19.04 -19.59
C VAL B 65 1.58 18.98 -18.96
N PRO B 66 0.92 17.87 -19.08
CA PRO B 66 1.46 16.67 -19.76
C PRO B 66 1.19 16.68 -21.27
N GLY B 67 2.00 15.97 -22.02
CA GLY B 67 1.77 15.91 -23.48
C GLY B 67 0.28 15.83 -23.76
N PRO B 68 -0.09 15.90 -25.00
CA PRO B 68 -1.52 15.85 -25.42
C PRO B 68 -2.06 14.41 -25.47
N LEU B 69 -3.35 14.24 -25.27
CA LEU B 69 -3.93 12.87 -25.31
C LEU B 69 -4.35 12.49 -26.74
N MET B 70 -3.73 11.48 -27.31
CA MET B 70 -4.08 11.03 -28.66
C MET B 70 -5.19 10.02 -28.51
N VAL B 71 -6.09 9.99 -29.43
CA VAL B 71 -7.24 9.04 -29.29
C VAL B 71 -7.52 8.30 -30.61
N VAL B 72 -7.43 7.01 -30.56
CA VAL B 72 -7.73 6.16 -31.73
C VAL B 72 -8.59 4.98 -31.25
N HIS B 73 -9.00 4.11 -32.12
CA HIS B 73 -9.84 2.97 -31.70
C HIS B 73 -8.99 1.71 -31.68
N GLN B 74 -9.51 0.68 -31.10
CA GLN B 74 -8.76 -0.60 -31.03
C GLN B 74 -8.64 -1.18 -32.42
N ASP B 75 -7.48 -1.60 -32.78
CA ASP B 75 -7.27 -2.16 -34.14
C ASP B 75 -6.58 -1.12 -35.02
N ASP B 76 -6.93 0.14 -34.86
CA ASP B 76 -6.31 1.21 -35.68
C ASP B 76 -4.82 1.34 -35.31
N TYR B 77 -4.00 1.70 -36.26
CA TYR B 77 -2.55 1.85 -36.00
C TYR B 77 -2.23 3.34 -35.78
N LEU B 78 -1.49 3.61 -34.75
CA LEU B 78 -1.10 5.00 -34.41
C LEU B 78 0.29 5.23 -34.98
N GLU B 79 0.40 6.19 -35.83
CA GLU B 79 1.70 6.49 -36.48
C GLU B 79 2.09 7.85 -36.01
N LEU B 80 3.13 7.92 -35.27
CA LEU B 80 3.52 9.26 -34.72
C LEU B 80 4.89 9.73 -35.19
N THR B 81 4.91 10.85 -35.86
CA THR B 81 6.21 11.46 -36.31
C THR B 81 6.70 12.37 -35.17
N LEU B 82 7.77 12.00 -34.53
CA LEU B 82 8.29 12.76 -33.40
C LEU B 82 9.46 13.52 -33.92
N ILE B 83 9.62 14.68 -33.44
CA ILE B 83 10.73 15.54 -33.92
C ILE B 83 11.43 16.23 -32.76
N ASN B 84 12.71 16.07 -32.68
CA ASN B 84 13.52 16.70 -31.60
C ASN B 84 14.36 17.81 -32.26
N PRO B 85 13.89 19.01 -32.17
CA PRO B 85 14.53 20.21 -32.78
C PRO B 85 15.99 20.36 -32.41
N GLU B 86 16.76 20.94 -33.29
CA GLU B 86 18.21 21.14 -33.00
C GLU B 86 18.38 22.08 -31.79
N THR B 87 17.42 22.93 -31.52
CA THR B 87 17.55 23.87 -30.37
C THR B 87 17.66 23.08 -29.05
N ASN B 88 17.12 21.90 -28.99
CA ASN B 88 17.18 21.10 -27.74
C ASN B 88 18.62 20.62 -27.52
N THR B 89 18.92 20.14 -26.34
CA THR B 89 20.31 19.66 -26.06
C THR B 89 20.34 18.19 -25.55
N LEU B 90 19.23 17.47 -25.48
CA LEU B 90 19.31 16.05 -24.99
C LEU B 90 18.53 15.10 -25.91
N MET B 91 19.05 13.91 -26.15
CA MET B 91 18.33 12.94 -27.02
C MET B 91 17.13 12.39 -26.25
N HIS B 92 16.01 12.21 -26.90
CA HIS B 92 14.82 11.69 -26.20
C HIS B 92 14.39 10.34 -26.78
N ASN B 93 13.12 10.06 -26.68
CA ASN B 93 12.56 8.78 -27.20
C ASN B 93 11.14 8.62 -26.62
N ILE B 94 10.27 7.87 -27.27
CA ILE B 94 8.88 7.74 -26.71
C ILE B 94 8.52 6.25 -26.52
N ASP B 95 8.02 5.91 -25.36
CA ASP B 95 7.59 4.51 -25.09
C ASP B 95 6.09 4.51 -24.76
N PHE B 96 5.26 4.04 -25.65
CA PHE B 96 3.79 4.03 -25.39
C PHE B 96 3.38 2.71 -24.74
N HIS B 97 2.91 2.79 -23.53
CA HIS B 97 2.45 1.56 -22.80
C HIS B 97 1.43 0.78 -23.67
N ALA B 98 0.71 1.45 -24.54
CA ALA B 98 -0.32 0.73 -25.37
C ALA B 98 0.29 0.03 -26.60
N ALA B 99 1.59 -0.01 -26.72
CA ALA B 99 2.21 -0.69 -27.89
C ALA B 99 2.91 -1.96 -27.42
N THR B 100 3.29 -2.81 -28.32
CA THR B 100 3.97 -4.08 -27.90
C THR B 100 5.25 -4.32 -28.72
N GLY B 101 6.40 -4.25 -28.10
CA GLY B 101 7.70 -4.53 -28.81
C GLY B 101 8.66 -3.30 -28.79
N ALA B 102 9.93 -3.50 -28.49
CA ALA B 102 10.89 -2.34 -28.51
C ALA B 102 10.65 -1.42 -27.31
N LEU B 103 10.55 -1.99 -26.15
CA LEU B 103 10.35 -1.15 -24.93
C LEU B 103 9.23 -0.12 -25.16
N GLY B 104 8.17 -0.51 -25.80
CA GLY B 104 7.04 0.45 -26.04
C GLY B 104 7.43 1.48 -27.12
N GLY B 105 8.34 1.13 -27.98
CA GLY B 105 8.75 2.10 -29.06
C GLY B 105 9.96 2.95 -28.64
N GLY B 106 10.43 2.83 -27.43
CA GLY B 106 11.60 3.65 -26.99
C GLY B 106 12.89 3.14 -27.64
N GLY B 107 12.96 1.88 -27.99
CA GLY B 107 14.20 1.33 -28.61
C GLY B 107 14.29 1.71 -30.10
N LEU B 108 13.21 2.16 -30.69
CA LEU B 108 13.26 2.53 -32.15
C LEU B 108 12.90 4.02 -32.36
N THR B 109 13.01 4.83 -31.34
CA THR B 109 12.69 6.29 -31.49
C THR B 109 13.75 7.19 -30.81
N GLU B 110 14.94 6.70 -30.55
CA GLU B 110 15.98 7.54 -29.91
C GLU B 110 16.44 8.58 -30.94
N ILE B 111 16.12 9.81 -30.72
CA ILE B 111 16.51 10.85 -31.71
C ILE B 111 17.25 11.98 -31.02
N ASN B 112 18.40 12.30 -31.51
CA ASN B 112 19.18 13.40 -30.88
C ASN B 112 18.82 14.71 -31.56
N PRO B 113 19.06 15.81 -30.92
CA PRO B 113 18.76 17.16 -31.48
C PRO B 113 18.99 17.21 -32.99
N GLY B 114 18.02 17.67 -33.73
CA GLY B 114 18.18 17.73 -35.23
C GLY B 114 17.77 16.40 -35.88
N GLU B 115 17.03 15.55 -35.19
CA GLU B 115 16.61 14.26 -35.82
C GLU B 115 15.13 13.95 -35.52
N LYS B 116 14.42 13.37 -36.46
CA LYS B 116 12.98 13.03 -36.23
C LYS B 116 12.71 11.63 -36.82
N THR B 117 11.78 10.90 -36.27
CA THR B 117 11.49 9.55 -36.82
C THR B 117 9.99 9.36 -36.91
N ILE B 118 9.57 8.20 -37.30
CA ILE B 118 8.13 7.91 -37.42
C ILE B 118 7.88 6.47 -36.97
N LEU B 119 7.17 6.28 -35.91
CA LEU B 119 6.93 4.89 -35.42
C LEU B 119 5.43 4.57 -35.52
N ARG B 120 5.12 3.42 -36.04
CA ARG B 120 3.68 3.03 -36.17
C ARG B 120 3.43 1.71 -35.40
N PHE B 121 2.45 1.70 -34.55
CA PHE B 121 2.14 0.46 -33.77
C PHE B 121 0.63 0.20 -33.80
N LYS B 122 0.26 -1.04 -33.74
CA LYS B 122 -1.18 -1.42 -33.76
C LYS B 122 -1.72 -1.36 -32.34
N ALA B 123 -2.80 -0.67 -32.20
CA ALA B 123 -3.46 -0.50 -30.89
C ALA B 123 -4.30 -1.73 -30.71
N THR B 124 -3.74 -2.68 -30.08
CA THR B 124 -4.47 -4.00 -29.95
C THR B 124 -5.30 -4.13 -28.67
N LYS B 125 -5.20 -3.22 -27.75
CA LYS B 125 -5.99 -3.33 -26.50
C LYS B 125 -6.69 -2.01 -26.22
N PRO B 126 -7.92 -2.08 -25.78
CA PRO B 126 -8.72 -0.87 -25.47
C PRO B 126 -8.48 -0.32 -24.06
N GLY B 127 -8.28 0.97 -23.92
CA GLY B 127 -8.05 1.53 -22.56
C GLY B 127 -7.05 2.69 -22.61
N VAL B 128 -7.10 3.54 -21.62
CA VAL B 128 -6.17 4.70 -21.58
C VAL B 128 -4.83 4.18 -21.11
N PHE B 129 -3.78 4.72 -21.63
CA PHE B 129 -2.44 4.23 -21.24
C PHE B 129 -1.53 5.42 -21.18
N VAL B 130 -0.49 5.34 -20.44
CA VAL B 130 0.44 6.52 -20.35
C VAL B 130 1.72 6.35 -21.21
N TYR B 131 2.04 7.34 -22.04
CA TYR B 131 3.28 7.29 -22.84
C TYR B 131 4.30 8.19 -22.14
N HIS B 132 5.56 7.97 -22.34
CA HIS B 132 6.57 8.82 -21.64
C HIS B 132 7.97 8.55 -22.22
N CYS B 133 8.80 9.58 -22.33
CA CYS B 133 10.16 9.40 -22.88
C CYS B 133 11.02 8.64 -21.88
N ALA B 134 11.94 7.82 -22.32
CA ALA B 134 12.76 7.06 -21.35
C ALA B 134 14.12 6.69 -21.95
N PRO B 135 14.99 7.65 -22.09
CA PRO B 135 16.35 7.41 -22.63
C PRO B 135 17.19 6.55 -21.68
N PRO B 136 17.70 5.44 -22.14
CA PRO B 136 18.51 4.52 -21.30
C PRO B 136 19.50 5.25 -20.36
N GLY B 137 19.35 5.08 -19.06
CA GLY B 137 20.29 5.75 -18.11
C GLY B 137 19.70 7.06 -17.53
N MET B 138 18.68 7.63 -18.13
CA MET B 138 18.13 8.90 -17.59
C MET B 138 16.62 8.87 -17.73
N VAL B 139 16.04 7.75 -17.42
CA VAL B 139 14.55 7.62 -17.54
C VAL B 139 13.82 8.55 -16.56
N PRO B 140 13.92 8.26 -15.28
CA PRO B 140 13.24 9.03 -14.20
C PRO B 140 13.39 10.53 -14.34
N TRP B 141 14.52 10.97 -14.81
CA TRP B 141 14.73 12.44 -14.96
C TRP B 141 13.82 13.00 -16.05
N HIS B 142 13.82 12.37 -17.20
CA HIS B 142 12.97 12.86 -18.33
C HIS B 142 11.47 12.80 -17.96
N VAL B 143 11.04 11.79 -17.26
CA VAL B 143 9.59 11.68 -16.91
C VAL B 143 9.21 12.73 -15.87
N VAL B 144 10.01 12.87 -14.85
CA VAL B 144 9.69 13.87 -13.79
C VAL B 144 9.73 15.26 -14.39
N SER B 145 10.59 15.47 -15.35
CA SER B 145 10.68 16.81 -15.99
C SER B 145 9.38 17.15 -16.74
N GLY B 146 8.44 16.22 -16.80
CA GLY B 146 7.17 16.49 -17.51
C GLY B 146 7.19 15.89 -18.93
N MET B 147 7.97 14.86 -19.17
CA MET B 147 7.98 14.26 -20.54
C MET B 147 7.09 13.02 -20.54
N ASN B 148 5.80 13.21 -20.42
CA ASN B 148 4.87 12.05 -20.41
C ASN B 148 3.42 12.53 -20.55
N GLY B 149 2.60 11.74 -21.16
CA GLY B 149 1.16 12.10 -21.36
C GLY B 149 0.31 10.81 -21.35
N ALA B 150 -0.63 10.65 -22.25
CA ALA B 150 -1.44 9.41 -22.26
C ALA B 150 -2.34 9.34 -23.51
N ILE B 151 -2.55 8.16 -24.04
CA ILE B 151 -3.43 8.02 -25.24
C ILE B 151 -4.64 7.15 -24.88
N MET B 152 -5.75 7.34 -25.53
CA MET B 152 -6.95 6.53 -25.21
C MET B 152 -7.40 5.73 -26.45
N VAL B 153 -7.32 4.43 -26.38
CA VAL B 153 -7.74 3.56 -27.50
C VAL B 153 -9.13 3.10 -27.15
N LEU B 154 -10.12 3.67 -27.75
CA LEU B 154 -11.52 3.30 -27.36
C LEU B 154 -12.05 2.12 -28.17
N PRO B 155 -12.79 1.25 -27.52
CA PRO B 155 -13.42 0.09 -28.19
C PRO B 155 -14.14 0.53 -29.46
N ARG B 156 -14.02 -0.22 -30.52
CA ARG B 156 -14.68 0.17 -31.81
C ARG B 156 -16.15 0.51 -31.57
N GLU B 157 -16.78 -0.15 -30.64
CA GLU B 157 -18.22 0.12 -30.37
C GLU B 157 -18.41 1.17 -29.25
N GLY B 158 -17.39 1.93 -28.91
CA GLY B 158 -17.56 2.96 -27.84
C GLY B 158 -17.33 2.34 -26.47
N LEU B 159 -17.66 3.03 -25.43
CA LEU B 159 -17.47 2.47 -24.06
C LEU B 159 -18.80 1.94 -23.48
N HIS B 160 -18.75 0.82 -22.79
CA HIS B 160 -19.97 0.25 -22.17
C HIS B 160 -19.64 -0.13 -20.73
N ASP B 161 -20.62 -0.26 -19.90
CA ASP B 161 -20.38 -0.61 -18.47
C ASP B 161 -19.90 -2.07 -18.36
N GLY B 162 -19.94 -2.62 -17.18
CA GLY B 162 -19.49 -4.04 -17.00
C GLY B 162 -20.58 -5.07 -17.42
N LYS B 163 -21.76 -4.65 -17.80
CA LYS B 163 -22.81 -5.65 -18.20
C LYS B 163 -23.12 -5.54 -19.70
N GLY B 164 -22.53 -4.60 -20.40
CA GLY B 164 -22.81 -4.45 -21.87
C GLY B 164 -23.58 -3.15 -22.22
N LYS B 165 -24.10 -2.42 -21.26
CA LYS B 165 -24.86 -1.18 -21.57
C LYS B 165 -23.91 -0.15 -22.14
N ALA B 166 -24.36 0.63 -23.08
CA ALA B 166 -23.48 1.67 -23.69
C ALA B 166 -23.39 2.93 -22.79
N LEU B 167 -22.18 3.41 -22.60
CA LEU B 167 -21.94 4.63 -21.79
C LEU B 167 -21.34 5.66 -22.74
N THR B 168 -22.03 6.73 -22.97
CA THR B 168 -21.57 7.75 -23.92
C THR B 168 -21.38 9.01 -23.16
N TYR B 169 -20.24 9.57 -23.25
CA TYR B 169 -19.95 10.81 -22.47
C TYR B 169 -20.17 12.06 -23.35
N ASP B 170 -20.73 13.09 -22.78
CA ASP B 170 -20.95 14.34 -23.57
C ASP B 170 -19.61 15.09 -23.75
N LYS B 171 -18.75 15.04 -22.76
CA LYS B 171 -17.44 15.74 -22.87
C LYS B 171 -16.37 14.91 -22.17
N ILE B 172 -15.14 15.15 -22.48
CA ILE B 172 -14.03 14.38 -21.84
C ILE B 172 -12.81 15.28 -21.63
N TYR B 173 -12.24 15.24 -20.46
CA TYR B 173 -11.06 16.07 -20.15
C TYR B 173 -9.94 15.12 -19.70
N TYR B 174 -8.73 15.48 -19.99
CA TYR B 174 -7.58 14.61 -19.61
C TYR B 174 -6.69 15.38 -18.65
N VAL B 175 -6.65 14.96 -17.43
CA VAL B 175 -5.82 15.66 -16.42
C VAL B 175 -4.57 14.84 -16.10
N GLY B 176 -3.45 15.30 -16.57
CA GLY B 176 -2.17 14.60 -16.31
C GLY B 176 -1.56 15.17 -15.03
N GLU B 177 -1.22 14.32 -14.13
CA GLU B 177 -0.65 14.76 -12.85
C GLU B 177 0.83 14.61 -12.96
N GLN B 178 1.55 15.48 -12.36
CA GLN B 178 3.02 15.39 -12.48
C GLN B 178 3.69 15.74 -11.15
N ASP B 179 4.46 14.83 -10.63
CA ASP B 179 5.17 15.10 -9.34
C ASP B 179 6.58 15.60 -9.67
N PHE B 180 6.91 16.80 -9.29
CA PHE B 180 8.25 17.33 -9.58
C PHE B 180 9.11 17.18 -8.34
N TYR B 181 10.34 17.52 -8.49
CA TYR B 181 11.31 17.42 -7.37
C TYR B 181 12.27 18.58 -7.58
N VAL B 182 11.94 19.70 -7.03
CA VAL B 182 12.77 20.90 -7.26
C VAL B 182 13.75 21.13 -6.14
N PRO B 183 14.98 21.30 -6.49
CA PRO B 183 16.07 21.55 -5.49
C PRO B 183 15.88 22.90 -4.75
N ARG B 184 16.18 22.93 -3.47
CA ARG B 184 16.03 24.19 -2.70
C ARG B 184 17.40 24.56 -2.13
N ASP B 185 17.63 25.81 -1.91
CA ASP B 185 18.96 26.24 -1.37
C ASP B 185 18.97 26.08 0.15
N GLU B 186 19.85 26.77 0.82
CA GLU B 186 19.92 26.66 2.30
C GLU B 186 18.70 27.36 2.93
N ASN B 187 18.27 28.45 2.35
CA ASN B 187 17.10 29.19 2.92
C ASN B 187 15.77 28.43 2.64
N GLY B 188 15.83 27.26 2.06
CA GLY B 188 14.55 26.52 1.77
C GLY B 188 13.81 27.10 0.54
N LYS B 189 14.44 27.96 -0.22
CA LYS B 189 13.77 28.52 -1.43
C LYS B 189 14.16 27.69 -2.64
N TYR B 190 13.28 27.59 -3.59
CA TYR B 190 13.58 26.79 -4.80
C TYR B 190 14.75 27.42 -5.54
N LYS B 191 15.54 26.61 -6.18
CA LYS B 191 16.72 27.16 -6.92
C LYS B 191 16.45 27.15 -8.43
N LYS B 192 16.96 28.13 -9.14
CA LYS B 192 16.76 28.19 -10.59
C LYS B 192 18.11 27.97 -11.26
N TYR B 193 18.12 27.46 -12.44
CA TYR B 193 19.41 27.20 -13.11
C TYR B 193 19.38 27.81 -14.50
N GLU B 194 20.47 27.76 -15.18
CA GLU B 194 20.53 28.33 -16.55
C GLU B 194 20.14 27.26 -17.59
N ALA B 195 20.76 26.11 -17.53
CA ALA B 195 20.43 25.05 -18.50
C ALA B 195 19.93 23.80 -17.75
N PRO B 196 19.19 22.97 -18.43
CA PRO B 196 18.62 21.72 -17.83
C PRO B 196 19.69 20.82 -17.20
N GLY B 197 20.87 20.78 -17.76
CA GLY B 197 21.95 19.90 -17.19
C GLY B 197 22.45 20.42 -15.82
N ASP B 198 22.44 21.71 -15.59
CA ASP B 198 22.96 22.25 -14.29
C ASP B 198 22.04 21.83 -13.14
N ALA B 199 20.85 21.40 -13.43
CA ALA B 199 19.92 20.98 -12.34
C ALA B 199 19.77 19.45 -12.29
N TYR B 200 20.64 18.72 -12.92
CA TYR B 200 20.55 17.22 -12.89
C TYR B 200 21.00 16.61 -11.54
N GLU B 201 22.17 16.95 -11.02
CA GLU B 201 22.65 16.31 -9.75
C GLU B 201 21.78 16.74 -8.57
N ASP B 202 21.45 17.99 -8.51
CA ASP B 202 20.62 18.48 -7.37
C ASP B 202 19.22 17.88 -7.45
N THR B 203 18.72 17.65 -8.63
CA THR B 203 17.36 17.06 -8.77
C THR B 203 17.40 15.60 -8.34
N VAL B 204 18.34 14.86 -8.86
CA VAL B 204 18.44 13.43 -8.48
C VAL B 204 18.37 13.31 -6.96
N LYS B 205 19.13 14.12 -6.26
CA LYS B 205 19.10 14.06 -4.77
C LYS B 205 17.65 14.17 -4.27
N VAL B 206 16.91 15.12 -4.78
CA VAL B 206 15.49 15.27 -4.35
C VAL B 206 14.67 14.06 -4.79
N MET B 207 14.90 13.59 -5.99
CA MET B 207 14.12 12.41 -6.48
C MET B 207 14.36 11.18 -5.58
N ARG B 208 15.54 11.03 -5.04
CA ARG B 208 15.82 9.84 -4.18
C ARG B 208 14.95 9.89 -2.93
N THR B 209 14.71 11.06 -2.41
CA THR B 209 13.86 11.18 -1.18
C THR B 209 12.43 10.66 -1.43
N LEU B 210 12.08 10.35 -2.66
CA LEU B 210 10.70 9.86 -2.93
C LEU B 210 9.69 10.85 -2.35
N THR B 211 10.02 12.12 -2.36
CA THR B 211 9.08 13.13 -1.81
C THR B 211 9.04 14.32 -2.76
N PRO B 212 8.03 14.39 -3.57
CA PRO B 212 7.87 15.51 -4.56
C PRO B 212 7.58 16.87 -3.91
N THR B 213 8.29 17.92 -4.29
CA THR B 213 8.03 19.26 -3.70
C THR B 213 6.70 19.81 -4.25
N HIS B 214 6.26 19.37 -5.40
CA HIS B 214 4.98 19.88 -5.97
C HIS B 214 4.32 18.78 -6.82
N VAL B 215 3.06 18.54 -6.59
CA VAL B 215 2.35 17.50 -7.37
C VAL B 215 1.19 18.23 -7.97
N VAL B 216 1.12 18.34 -9.26
CA VAL B 216 0.01 19.17 -9.76
C VAL B 216 -0.62 18.61 -11.01
N PHE B 217 -1.55 19.34 -11.52
CA PHE B 217 -2.26 18.88 -12.75
C PHE B 217 -2.09 19.94 -13.84
N ASN B 218 -1.87 19.51 -15.06
CA ASN B 218 -1.70 20.50 -16.17
C ASN B 218 -0.30 21.18 -16.16
N GLY B 219 0.61 20.77 -15.31
CA GLY B 219 1.96 21.40 -15.29
C GLY B 219 2.12 22.54 -14.23
N ALA B 220 1.14 22.85 -13.38
CA ALA B 220 1.40 23.95 -12.40
C ALA B 220 0.31 24.01 -11.33
N VAL B 221 0.67 24.38 -10.13
CA VAL B 221 -0.35 24.48 -9.05
C VAL B 221 -1.40 25.52 -9.48
N GLY B 222 -2.65 25.16 -9.42
CA GLY B 222 -3.72 26.12 -9.85
C GLY B 222 -3.80 26.22 -11.39
N ALA B 223 -3.37 25.21 -12.13
CA ALA B 223 -3.45 25.28 -13.63
C ALA B 223 -4.91 25.08 -14.11
N LEU B 224 -5.72 24.32 -13.41
CA LEU B 224 -7.12 24.07 -13.85
C LEU B 224 -8.13 24.78 -12.93
N THR B 225 -7.89 26.02 -12.63
CA THR B 225 -8.82 26.80 -11.77
C THR B 225 -9.00 28.18 -12.38
N GLY B 226 -9.88 28.97 -11.86
CA GLY B 226 -10.11 30.33 -12.41
C GLY B 226 -10.72 30.19 -13.78
N ASP B 227 -10.26 30.97 -14.72
CA ASP B 227 -10.81 30.87 -16.10
C ASP B 227 -10.47 29.50 -16.70
N LYS B 228 -9.49 28.81 -16.17
CA LYS B 228 -9.13 27.47 -16.72
C LYS B 228 -9.88 26.34 -16.00
N ALA B 229 -10.71 26.64 -15.02
CA ALA B 229 -11.45 25.55 -14.31
C ALA B 229 -12.35 24.79 -15.30
N MET B 230 -12.32 23.48 -15.28
CA MET B 230 -13.17 22.71 -16.20
C MET B 230 -14.60 23.20 -16.06
N THR B 231 -15.47 22.70 -16.86
CA THR B 231 -16.90 23.13 -16.80
C THR B 231 -17.83 21.94 -17.09
N ALA B 232 -18.97 21.94 -16.48
CA ALA B 232 -19.98 20.86 -16.68
C ALA B 232 -21.32 21.34 -16.13
N ALA B 233 -22.42 20.80 -16.61
CA ALA B 233 -23.74 21.25 -16.12
C ALA B 233 -24.53 20.04 -15.62
N VAL B 234 -25.46 20.29 -14.75
CA VAL B 234 -26.30 19.20 -14.20
C VAL B 234 -26.85 18.37 -15.35
N GLY B 235 -26.72 17.10 -15.26
CA GLY B 235 -27.23 16.21 -16.36
C GLY B 235 -26.14 15.95 -17.44
N GLU B 236 -24.96 16.50 -17.28
CA GLU B 236 -23.88 16.27 -18.28
C GLU B 236 -23.04 15.07 -17.85
N LYS B 237 -22.70 14.25 -18.78
CA LYS B 237 -21.88 13.06 -18.48
C LYS B 237 -20.47 13.40 -18.91
N VAL B 238 -19.55 13.27 -18.03
CA VAL B 238 -18.16 13.66 -18.39
C VAL B 238 -17.17 12.57 -18.01
N LEU B 239 -16.32 12.24 -18.93
CA LEU B 239 -15.29 11.21 -18.65
C LEU B 239 -13.96 11.92 -18.38
N ILE B 240 -13.39 11.69 -17.24
CA ILE B 240 -12.11 12.38 -16.89
C ILE B 240 -10.96 11.37 -16.84
N VAL B 241 -10.13 11.41 -17.84
CA VAL B 241 -8.97 10.49 -17.89
C VAL B 241 -7.86 11.13 -17.08
N HIS B 242 -7.18 10.35 -16.33
CA HIS B 242 -6.11 10.91 -15.48
C HIS B 242 -4.91 9.98 -15.57
N SER B 243 -3.76 10.54 -15.67
CA SER B 243 -2.54 9.69 -15.78
C SER B 243 -1.42 10.18 -14.85
N GLN B 244 -0.60 9.25 -14.42
CA GLN B 244 0.56 9.53 -13.53
C GLN B 244 1.67 8.57 -13.98
N ALA B 245 2.64 9.07 -14.69
CA ALA B 245 3.73 8.20 -15.24
C ALA B 245 4.97 8.33 -14.38
N ASN B 246 4.78 8.25 -13.11
CA ASN B 246 5.91 8.34 -12.15
C ASN B 246 5.39 8.51 -10.69
N ARG B 247 4.22 7.99 -10.32
CA ARG B 247 3.78 8.17 -8.91
C ARG B 247 2.34 7.72 -8.76
N ASP B 248 2.01 7.07 -7.66
CA ASP B 248 0.59 6.63 -7.49
C ASP B 248 -0.31 7.78 -6.95
N THR B 249 -1.49 7.98 -7.52
CA THR B 249 -2.39 9.03 -7.03
C THR B 249 -3.73 8.38 -6.67
N ARG B 250 -4.63 9.15 -6.18
CA ARG B 250 -5.97 8.61 -5.78
C ARG B 250 -7.01 9.71 -6.02
N PRO B 251 -7.49 9.80 -7.23
CA PRO B 251 -8.48 10.82 -7.66
C PRO B 251 -9.75 10.85 -6.82
N HIS B 252 -10.33 12.00 -6.70
CA HIS B 252 -11.60 12.15 -5.92
C HIS B 252 -12.31 13.49 -6.26
N LEU B 253 -13.52 13.43 -6.77
CA LEU B 253 -14.28 14.66 -7.10
C LEU B 253 -15.07 15.09 -5.87
N ILE B 254 -14.66 16.16 -5.27
CA ILE B 254 -15.31 16.68 -4.06
C ILE B 254 -16.73 17.06 -4.39
N GLY B 255 -17.64 16.50 -3.69
CA GLY B 255 -19.07 16.80 -3.95
C GLY B 255 -19.66 15.80 -4.97
N GLY B 256 -18.84 15.00 -5.61
CA GLY B 256 -19.38 14.03 -6.60
C GLY B 256 -18.81 12.63 -6.34
N HIS B 257 -18.73 11.84 -7.36
CA HIS B 257 -18.19 10.47 -7.23
C HIS B 257 -18.04 9.86 -8.63
N GLY B 258 -17.20 8.88 -8.75
CA GLY B 258 -16.99 8.23 -10.08
C GLY B 258 -18.07 7.18 -10.27
N ASP B 259 -19.02 7.47 -11.08
CA ASP B 259 -20.13 6.50 -11.30
C ASP B 259 -19.53 5.19 -11.78
N TYR B 260 -18.74 5.27 -12.79
CA TYR B 260 -18.07 4.07 -13.34
C TYR B 260 -16.60 4.42 -13.48
N VAL B 261 -15.72 3.67 -12.88
CA VAL B 261 -14.29 4.07 -12.98
C VAL B 261 -13.37 2.90 -13.35
N TRP B 262 -12.84 2.92 -14.54
CA TRP B 262 -11.88 1.88 -14.96
C TRP B 262 -10.57 2.26 -14.29
N ALA B 263 -10.43 1.84 -13.08
CA ALA B 263 -9.25 2.27 -12.26
C ALA B 263 -7.97 1.84 -12.93
N THR B 264 -8.00 0.68 -13.48
CA THR B 264 -6.79 0.16 -14.15
C THR B 264 -6.62 0.81 -15.53
N GLY B 265 -7.59 1.56 -15.97
CA GLY B 265 -7.46 2.21 -17.33
C GLY B 265 -7.58 1.17 -18.47
N LYS B 266 -8.25 0.07 -18.24
CA LYS B 266 -8.43 -0.98 -19.28
C LYS B 266 -9.94 -1.14 -19.47
N PHE B 267 -10.40 -1.00 -20.68
CA PHE B 267 -11.87 -1.10 -20.92
C PHE B 267 -12.37 -2.53 -20.71
N ASN B 268 -11.60 -3.51 -21.11
CA ASN B 268 -12.05 -4.91 -20.96
C ASN B 268 -12.27 -5.24 -19.49
N THR B 269 -11.52 -4.61 -18.63
CA THR B 269 -11.66 -4.87 -17.18
C THR B 269 -12.87 -4.09 -16.66
N PRO B 270 -13.87 -4.79 -16.22
CA PRO B 270 -15.12 -4.14 -15.71
C PRO B 270 -14.83 -2.91 -14.84
N PRO B 271 -15.55 -1.81 -15.04
CA PRO B 271 -15.31 -0.56 -14.24
C PRO B 271 -15.98 -0.57 -12.84
N ASP B 272 -15.21 -0.34 -11.77
CA ASP B 272 -15.86 -0.30 -10.44
C ASP B 272 -17.03 0.66 -10.55
N VAL B 273 -17.82 0.78 -9.54
CA VAL B 273 -18.98 1.72 -9.63
C VAL B 273 -19.25 2.41 -8.28
N ASP B 274 -19.76 3.61 -8.32
CA ASP B 274 -20.07 4.34 -7.07
C ASP B 274 -18.78 4.50 -6.32
N GLN B 275 -17.81 5.08 -6.94
CA GLN B 275 -16.48 5.21 -6.23
C GLN B 275 -16.27 6.62 -5.63
N GLU B 276 -15.92 6.68 -4.35
CA GLU B 276 -15.64 8.01 -3.73
C GLU B 276 -14.19 8.45 -4.06
N THR B 277 -13.26 7.52 -4.04
CA THR B 277 -11.84 7.85 -4.35
C THR B 277 -11.22 6.61 -5.00
N TRP B 278 -10.70 6.75 -6.17
CA TRP B 278 -10.13 5.57 -6.86
C TRP B 278 -8.63 5.48 -6.59
N PHE B 279 -7.94 4.74 -7.40
CA PHE B 279 -6.47 4.59 -7.20
C PHE B 279 -5.78 4.22 -8.53
N ILE B 280 -4.89 5.07 -8.97
CA ILE B 280 -4.14 4.81 -10.24
C ILE B 280 -2.67 4.73 -9.89
N PRO B 281 -2.07 3.58 -10.08
CA PRO B 281 -0.65 3.33 -9.72
C PRO B 281 0.36 4.01 -10.66
N GLY B 282 1.36 4.62 -10.11
CA GLY B 282 2.40 5.26 -10.95
C GLY B 282 2.64 4.37 -12.15
N GLY B 283 2.79 4.94 -13.30
CA GLY B 283 3.00 4.16 -14.52
C GLY B 283 1.66 3.72 -15.10
N ALA B 284 0.59 4.48 -14.91
CA ALA B 284 -0.71 4.01 -15.49
C ALA B 284 -1.75 5.13 -15.56
N ALA B 285 -2.64 5.08 -16.53
CA ALA B 285 -3.71 6.12 -16.64
C ALA B 285 -5.09 5.45 -16.50
N GLY B 286 -5.99 6.03 -15.73
CA GLY B 286 -7.33 5.41 -15.57
C GLY B 286 -8.39 6.31 -16.20
N ALA B 287 -9.63 6.09 -15.88
CA ALA B 287 -10.73 6.92 -16.46
C ALA B 287 -11.98 6.79 -15.58
N ALA B 288 -12.62 7.89 -15.30
CA ALA B 288 -13.85 7.87 -14.46
C ALA B 288 -14.97 8.61 -15.20
N PHE B 289 -16.14 8.05 -15.21
CA PHE B 289 -17.28 8.69 -15.91
C PHE B 289 -18.34 9.04 -14.87
N TYR B 290 -18.78 10.26 -14.85
CA TYR B 290 -19.79 10.63 -13.83
C TYR B 290 -20.76 11.68 -14.38
N THR B 291 -22.01 11.50 -14.09
CA THR B 291 -23.05 12.47 -14.54
C THR B 291 -23.31 13.44 -13.40
N PHE B 292 -23.05 14.69 -13.63
CA PHE B 292 -23.25 15.72 -12.57
C PHE B 292 -24.72 15.85 -12.22
N GLN B 293 -25.00 16.00 -10.96
CA GLN B 293 -26.43 16.16 -10.53
C GLN B 293 -26.63 17.48 -9.75
N GLN B 294 -25.58 18.12 -9.28
CA GLN B 294 -25.75 19.39 -8.52
C GLN B 294 -24.83 20.46 -9.09
N PRO B 295 -25.31 21.68 -9.15
CA PRO B 295 -24.53 22.83 -9.67
C PRO B 295 -23.67 23.47 -8.60
N GLY B 296 -22.64 24.16 -9.00
CA GLY B 296 -21.75 24.82 -8.01
C GLY B 296 -20.29 24.57 -8.39
N ILE B 297 -19.40 24.81 -7.48
CA ILE B 297 -17.95 24.58 -7.78
C ILE B 297 -17.44 23.35 -7.03
N TYR B 298 -16.87 22.41 -7.73
CA TYR B 298 -16.36 21.19 -7.08
C TYR B 298 -14.86 21.07 -7.34
N ALA B 299 -14.12 20.58 -6.38
CA ALA B 299 -12.65 20.44 -6.55
C ALA B 299 -12.34 18.99 -6.85
N TYR B 300 -11.49 18.74 -7.81
CA TYR B 300 -11.16 17.33 -8.14
C TYR B 300 -9.70 17.16 -7.86
N VAL B 301 -9.34 16.33 -6.94
CA VAL B 301 -7.88 16.27 -6.68
C VAL B 301 -7.44 14.98 -6.03
N ASN B 302 -6.16 14.84 -5.92
CA ASN B 302 -5.57 13.65 -5.29
C ASN B 302 -5.98 13.70 -3.85
N HIS B 303 -6.52 12.65 -3.36
CA HIS B 303 -7.00 12.70 -1.96
C HIS B 303 -5.83 12.99 -1.07
N ASN B 304 -4.72 12.32 -1.22
CA ASN B 304 -3.62 12.76 -0.31
C ASN B 304 -3.88 14.28 -0.02
N LEU B 305 -4.66 14.61 1.00
CA LEU B 305 -5.02 16.03 1.27
C LEU B 305 -3.78 16.89 1.19
N ILE B 306 -2.74 16.42 1.78
CA ILE B 306 -1.47 17.20 1.76
C ILE B 306 -1.06 17.42 0.31
N GLU B 307 -1.03 16.37 -0.45
CA GLU B 307 -0.65 16.50 -1.89
C GLU B 307 -1.67 17.39 -2.64
N ALA B 308 -2.94 17.34 -2.29
CA ALA B 308 -3.95 18.17 -3.01
C ALA B 308 -4.02 19.66 -2.53
N PHE B 309 -3.66 19.99 -1.30
CA PHE B 309 -3.79 21.42 -0.89
C PHE B 309 -2.41 22.03 -0.64
N GLU B 310 -1.53 21.28 -0.06
CA GLU B 310 -0.16 21.82 0.23
C GLU B 310 0.80 21.65 -0.97
N LEU B 311 0.64 20.66 -1.81
CA LEU B 311 1.60 20.49 -2.94
C LEU B 311 1.06 21.17 -4.19
N GLY B 312 -0.18 20.98 -4.47
CA GLY B 312 -0.81 21.60 -5.68
C GLY B 312 -1.54 20.55 -6.55
N ALA B 313 -2.15 19.51 -5.98
CA ALA B 313 -2.87 18.54 -6.84
C ALA B 313 -4.39 18.76 -6.71
N ALA B 314 -4.89 19.92 -7.07
CA ALA B 314 -6.36 20.15 -6.95
C ALA B 314 -6.86 21.10 -8.04
N ALA B 315 -7.79 20.66 -8.86
CA ALA B 315 -8.34 21.54 -9.91
C ALA B 315 -9.76 21.90 -9.51
N HIS B 316 -10.49 22.58 -10.33
CA HIS B 316 -11.89 22.93 -9.92
C HIS B 316 -12.85 22.91 -11.11
N PHE B 317 -14.00 22.28 -10.98
CA PHE B 317 -14.99 22.27 -12.10
C PHE B 317 -16.25 23.11 -11.75
N LYS B 318 -16.56 24.11 -12.56
CA LYS B 318 -17.74 24.95 -12.32
C LYS B 318 -18.90 24.26 -13.01
N VAL B 319 -20.01 24.17 -12.37
CA VAL B 319 -21.14 23.46 -12.98
C VAL B 319 -22.38 24.32 -12.88
N THR B 320 -23.05 24.47 -13.98
CA THR B 320 -24.29 25.29 -14.00
C THR B 320 -25.52 24.38 -13.94
N GLY B 321 -26.62 24.88 -13.45
CA GLY B 321 -27.84 24.04 -13.37
C GLY B 321 -28.70 24.48 -12.17
N GLU B 322 -29.61 23.63 -11.76
CA GLU B 322 -30.50 23.96 -10.62
C GLU B 322 -30.16 23.03 -9.46
N TRP B 323 -30.16 23.55 -8.29
CA TRP B 323 -29.83 22.74 -7.10
C TRP B 323 -30.93 21.72 -6.88
N ASN B 324 -30.58 20.66 -6.26
CA ASN B 324 -31.58 19.57 -5.99
C ASN B 324 -31.60 19.31 -4.49
N ASP B 325 -32.61 19.81 -3.83
CA ASP B 325 -32.70 19.63 -2.36
C ASP B 325 -32.85 18.14 -2.05
N ASP B 326 -33.64 17.46 -2.81
CA ASP B 326 -33.84 16.01 -2.56
C ASP B 326 -32.48 15.36 -2.26
N LEU B 327 -31.50 15.64 -3.07
CA LEU B 327 -30.14 15.06 -2.84
C LEU B 327 -29.48 15.70 -1.61
N MET B 328 -29.61 17.00 -1.43
CA MET B 328 -28.96 17.62 -0.25
C MET B 328 -29.62 18.95 0.05
N THR B 329 -29.84 19.24 1.30
CA THR B 329 -30.48 20.54 1.66
C THR B 329 -30.06 20.98 3.06
N SER B 330 -29.70 22.23 3.22
CA SER B 330 -29.29 22.73 4.55
C SER B 330 -30.55 23.04 5.37
N VAL B 331 -30.97 22.13 6.20
CA VAL B 331 -32.20 22.37 7.00
C VAL B 331 -31.99 23.58 7.89
N LEU B 332 -30.87 23.64 8.53
CA LEU B 332 -30.58 24.81 9.42
C LEU B 332 -29.20 25.39 9.07
N ALA B 333 -29.16 26.54 8.47
CA ALA B 333 -27.85 27.14 8.11
C ALA B 333 -27.08 27.47 9.39
N PRO B 334 -25.79 27.52 9.32
CA PRO B 334 -24.92 27.82 10.49
C PRO B 334 -25.44 29.02 11.29
N SER B 335 -25.82 28.81 12.52
CA SER B 335 -26.33 29.94 13.33
C SER B 335 -25.93 29.74 14.79
N GLY B 336 -26.47 30.55 15.66
CA GLY B 336 -26.14 30.41 17.11
C GLY B 336 -26.86 29.20 17.69
N ALA C 1 -11.21 -32.67 7.41
CA ALA C 1 -10.76 -34.09 7.46
C ALA C 1 -10.30 -34.42 8.89
N THR C 2 -10.35 -35.67 9.27
CA THR C 2 -9.92 -36.05 10.63
C THR C 2 -8.43 -36.40 10.60
N ALA C 3 -7.83 -36.54 11.75
CA ALA C 3 -6.38 -36.88 11.79
C ALA C 3 -6.14 -38.18 11.02
N ALA C 4 -6.97 -39.16 11.19
CA ALA C 4 -6.77 -40.46 10.47
C ALA C 4 -6.80 -40.21 8.97
N GLU C 5 -7.77 -39.46 8.50
CA GLU C 5 -7.85 -39.19 7.03
C GLU C 5 -6.57 -38.50 6.55
N ILE C 6 -6.08 -37.55 7.30
CA ILE C 6 -4.84 -36.83 6.88
C ILE C 6 -3.63 -37.79 6.91
N ALA C 7 -3.61 -38.68 7.86
CA ALA C 7 -2.45 -39.62 7.95
C ALA C 7 -2.44 -40.60 6.76
N ALA C 8 -3.57 -40.86 6.16
CA ALA C 8 -3.61 -41.82 5.02
C ALA C 8 -3.39 -41.10 3.67
N LEU C 9 -3.22 -39.81 3.65
CA LEU C 9 -3.01 -39.10 2.34
C LEU C 9 -1.55 -39.30 1.88
N PRO C 10 -1.33 -39.40 0.60
CA PRO C 10 0.04 -39.59 0.03
C PRO C 10 0.95 -38.37 0.28
N ARG C 11 2.18 -38.58 0.71
CA ARG C 11 3.09 -37.43 0.96
C ARG C 11 4.13 -37.33 -0.18
N GLN C 12 4.42 -36.13 -0.61
CA GLN C 12 5.42 -35.93 -1.69
C GLN C 12 6.46 -34.89 -1.24
N LYS C 13 7.71 -35.26 -1.24
CA LYS C 13 8.78 -34.34 -0.82
C LYS C 13 9.21 -33.55 -2.04
N VAL C 14 9.40 -32.29 -1.86
CA VAL C 14 9.80 -31.45 -3.01
C VAL C 14 11.11 -30.73 -2.72
N GLU C 15 11.97 -30.69 -3.70
CA GLU C 15 13.27 -30.01 -3.57
C GLU C 15 13.09 -28.59 -4.08
N LEU C 16 13.38 -27.64 -3.27
CA LEU C 16 13.17 -26.22 -3.67
C LEU C 16 14.38 -25.70 -4.42
N VAL C 17 14.16 -24.76 -5.30
CA VAL C 17 15.28 -24.17 -6.07
C VAL C 17 15.46 -22.73 -5.61
N ASP C 18 16.35 -22.01 -6.20
CA ASP C 18 16.53 -20.59 -5.76
C ASP C 18 15.90 -19.63 -6.80
N PRO C 19 15.12 -18.67 -6.35
CA PRO C 19 14.48 -17.68 -7.26
C PRO C 19 15.48 -17.15 -8.30
N PRO C 20 14.99 -16.66 -9.40
CA PRO C 20 13.52 -16.59 -9.68
C PRO C 20 12.93 -17.91 -10.18
N PHE C 21 13.73 -18.92 -10.35
CA PHE C 21 13.23 -20.23 -10.83
C PHE C 21 12.33 -20.86 -9.78
N VAL C 22 11.45 -21.71 -10.19
CA VAL C 22 10.54 -22.38 -9.27
C VAL C 22 10.81 -23.86 -9.38
N HIS C 23 10.41 -24.59 -8.41
CA HIS C 23 10.65 -26.06 -8.43
C HIS C 23 9.68 -26.72 -9.40
N ALA C 24 9.91 -27.97 -9.68
CA ALA C 24 9.02 -28.72 -10.60
C ALA C 24 7.64 -28.85 -9.96
N HIS C 25 6.62 -28.75 -10.77
CA HIS C 25 5.23 -28.87 -10.26
C HIS C 25 4.27 -28.92 -11.46
N SER C 26 3.13 -29.53 -11.30
CA SER C 26 2.16 -29.61 -12.41
C SER C 26 1.06 -28.59 -12.18
N GLN C 27 0.61 -27.95 -13.21
CA GLN C 27 -0.46 -26.92 -13.03
C GLN C 27 -1.69 -27.64 -12.53
N VAL C 28 -2.13 -28.58 -13.30
CA VAL C 28 -3.29 -29.41 -12.89
C VAL C 28 -2.81 -30.41 -11.85
N ALA C 29 -3.53 -30.54 -10.78
CA ALA C 29 -3.11 -31.46 -9.69
C ALA C 29 -3.08 -32.90 -10.18
N GLU C 30 -2.05 -33.61 -9.86
CA GLU C 30 -1.95 -35.04 -10.28
C GLU C 30 -2.38 -35.93 -9.11
N GLY C 31 -3.62 -36.33 -9.08
CA GLY C 31 -4.11 -37.17 -7.97
C GLY C 31 -4.93 -36.31 -7.01
N GLY C 32 -5.31 -36.85 -5.90
CA GLY C 32 -6.12 -36.06 -4.92
C GLY C 32 -5.18 -35.27 -3.98
N PRO C 33 -5.69 -34.87 -2.84
CA PRO C 33 -4.93 -34.10 -1.83
C PRO C 33 -3.70 -34.85 -1.33
N LYS C 34 -2.63 -34.14 -1.13
CA LYS C 34 -1.39 -34.80 -0.64
C LYS C 34 -0.57 -33.84 0.26
N VAL C 35 0.02 -34.37 1.30
CA VAL C 35 0.84 -33.57 2.24
C VAL C 35 2.21 -33.33 1.60
N VAL C 36 2.38 -32.15 1.12
CA VAL C 36 3.61 -31.76 0.44
C VAL C 36 4.60 -31.44 1.52
N GLU C 37 5.78 -31.86 1.33
CA GLU C 37 6.81 -31.63 2.38
C GLU C 37 7.95 -30.80 1.83
N PHE C 38 8.29 -29.74 2.51
CA PHE C 38 9.42 -28.88 2.07
C PHE C 38 10.26 -28.47 3.30
N THR C 39 11.56 -28.43 3.18
CA THR C 39 12.40 -28.05 4.35
C THR C 39 13.32 -26.89 3.97
N MET C 40 13.41 -25.90 4.81
CA MET C 40 14.28 -24.72 4.49
C MET C 40 15.09 -24.30 5.72
N VAL C 41 16.39 -24.23 5.59
CA VAL C 41 17.27 -23.81 6.70
C VAL C 41 17.45 -22.30 6.57
N ILE C 42 17.43 -21.62 7.65
CA ILE C 42 17.57 -20.14 7.61
C ILE C 42 19.03 -19.79 7.77
N GLU C 43 19.53 -18.92 6.95
CA GLU C 43 20.97 -18.57 7.07
C GLU C 43 21.15 -17.05 7.17
N GLU C 44 21.55 -16.55 8.31
CA GLU C 44 21.76 -15.07 8.42
C GLU C 44 23.21 -14.73 8.01
N LYS C 45 23.40 -14.08 6.88
CA LYS C 45 24.78 -13.76 6.47
C LYS C 45 24.77 -12.36 5.87
N LYS C 46 25.82 -12.02 5.21
CA LYS C 46 25.89 -10.66 4.57
C LYS C 46 25.80 -10.76 3.03
N ILE C 47 24.88 -10.03 2.44
CA ILE C 47 24.72 -10.01 0.96
C ILE C 47 24.96 -8.58 0.44
N VAL C 48 25.64 -8.48 -0.66
CA VAL C 48 25.95 -7.19 -1.27
C VAL C 48 24.74 -6.84 -2.05
N ILE C 49 24.40 -5.64 -2.05
CA ILE C 49 23.15 -5.25 -2.76
C ILE C 49 23.39 -4.32 -3.95
N ASP C 50 24.52 -3.69 -4.03
CA ASP C 50 24.75 -2.75 -5.17
C ASP C 50 26.18 -2.88 -5.68
N ASP C 51 26.58 -2.00 -6.55
CA ASP C 51 27.95 -2.07 -7.10
C ASP C 51 28.91 -1.39 -6.12
N ALA C 52 28.40 -0.48 -5.33
CA ALA C 52 29.29 0.22 -4.35
C ALA C 52 29.71 -0.73 -3.21
N GLY C 53 29.32 -1.98 -3.25
CA GLY C 53 29.72 -2.93 -2.16
C GLY C 53 28.83 -2.77 -0.91
N THR C 54 27.70 -2.09 -1.00
CA THR C 54 26.82 -1.94 0.18
C THR C 54 26.49 -3.33 0.69
N GLU C 55 26.37 -3.50 1.97
CA GLU C 55 26.08 -4.86 2.48
C GLU C 55 24.90 -4.85 3.48
N VAL C 56 24.01 -5.80 3.36
CA VAL C 56 22.87 -5.90 4.31
C VAL C 56 22.86 -7.29 5.01
N HIS C 57 22.82 -7.30 6.32
CA HIS C 57 22.80 -8.57 7.10
C HIS C 57 21.48 -9.25 6.79
N ALA C 58 21.49 -10.06 5.81
CA ALA C 58 20.25 -10.73 5.37
C ALA C 58 19.91 -11.97 6.22
N MET C 59 18.64 -12.12 6.45
CA MET C 59 18.10 -13.27 7.21
C MET C 59 17.39 -13.98 6.11
N ALA C 60 17.86 -15.09 5.72
CA ALA C 60 17.28 -15.63 4.50
C ALA C 60 16.89 -17.04 4.65
N PHE C 61 15.70 -17.25 4.30
CA PHE C 61 15.17 -18.66 4.32
C PHE C 61 15.72 -19.38 3.09
N ASN C 62 16.38 -20.50 3.25
CA ASN C 62 16.97 -21.20 2.08
C ASN C 62 18.24 -20.48 1.57
N GLY C 63 18.80 -19.57 2.34
CA GLY C 63 20.03 -18.86 1.88
C GLY C 63 19.75 -17.91 0.69
N THR C 64 18.53 -17.53 0.43
CA THR C 64 18.31 -16.59 -0.75
C THR C 64 17.16 -15.57 -0.50
N VAL C 65 17.38 -14.30 -0.84
CA VAL C 65 16.32 -13.29 -0.70
C VAL C 65 15.82 -12.99 -2.11
N PRO C 66 14.57 -13.21 -2.35
CA PRO C 66 13.61 -13.70 -1.33
C PRO C 66 13.58 -15.23 -1.25
N GLY C 67 13.18 -15.74 -0.13
CA GLY C 67 13.11 -17.22 0.02
C GLY C 67 12.57 -17.82 -1.28
N PRO C 68 12.57 -19.11 -1.37
CA PRO C 68 12.07 -19.84 -2.57
C PRO C 68 10.54 -19.92 -2.62
N LEU C 69 9.99 -20.04 -3.80
CA LEU C 69 8.50 -20.13 -3.92
C LEU C 69 8.05 -21.59 -3.85
N MET C 70 7.22 -21.92 -2.89
CA MET C 70 6.71 -23.29 -2.76
C MET C 70 5.41 -23.35 -3.54
N VAL C 71 5.14 -24.45 -4.13
CA VAL C 71 3.89 -24.53 -4.95
C VAL C 71 3.11 -25.83 -4.68
N VAL C 72 1.94 -25.70 -4.14
CA VAL C 72 1.05 -26.86 -3.88
C VAL C 72 -0.34 -26.50 -4.44
N HIS C 73 -1.27 -27.41 -4.42
CA HIS C 73 -2.62 -27.10 -4.95
C HIS C 73 -3.55 -26.79 -3.78
N GLN C 74 -4.72 -26.36 -4.09
CA GLN C 74 -5.70 -26.03 -3.03
C GLN C 74 -6.21 -27.32 -2.42
N ASP C 75 -6.23 -27.39 -1.13
CA ASP C 75 -6.68 -28.63 -0.45
C ASP C 75 -5.47 -29.38 0.08
N ASP C 76 -4.39 -29.37 -0.65
CA ASP C 76 -3.16 -30.08 -0.19
C ASP C 76 -2.61 -29.39 1.06
N TYR C 77 -2.00 -30.15 1.92
CA TYR C 77 -1.43 -29.57 3.17
C TYR C 77 0.09 -29.39 2.99
N LEU C 78 0.55 -28.23 3.29
CA LEU C 78 1.99 -27.91 3.17
C LEU C 78 2.64 -28.14 4.52
N GLU C 79 3.61 -28.99 4.55
CA GLU C 79 4.29 -29.32 5.82
C GLU C 79 5.71 -28.85 5.66
N LEU C 80 6.09 -27.89 6.41
CA LEU C 80 7.46 -27.34 6.23
C LEU C 80 8.33 -27.51 7.47
N THR C 81 9.42 -28.20 7.32
CA THR C 81 10.38 -28.37 8.46
C THR C 81 11.41 -27.24 8.37
N LEU C 82 11.35 -26.30 9.28
CA LEU C 82 12.27 -25.17 9.26
C LEU C 82 13.36 -25.48 10.23
N ILE C 83 14.49 -24.98 9.96
CA ILE C 83 15.65 -25.27 10.85
C ILE C 83 16.53 -24.02 11.01
N ASN C 84 16.75 -23.64 12.23
CA ASN C 84 17.62 -22.46 12.52
C ASN C 84 18.93 -22.99 13.09
N PRO C 85 19.94 -23.03 12.26
CA PRO C 85 21.28 -23.56 12.63
C PRO C 85 21.94 -22.86 13.82
N GLU C 86 22.73 -23.57 14.58
CA GLU C 86 23.42 -22.94 15.74
C GLU C 86 24.29 -21.75 15.27
N THR C 87 24.78 -21.79 14.05
CA THR C 87 25.64 -20.66 13.55
C THR C 87 24.89 -19.32 13.61
N ASN C 88 23.58 -19.33 13.53
CA ASN C 88 22.83 -18.04 13.55
C ASN C 88 22.86 -17.45 14.96
N THR C 89 22.38 -16.25 15.11
CA THR C 89 22.38 -15.61 16.46
C THR C 89 20.98 -15.04 16.84
N LEU C 90 19.96 -15.20 16.02
CA LEU C 90 18.62 -14.63 16.42
C LEU C 90 17.50 -15.66 16.24
N MET C 91 16.53 -15.69 17.14
CA MET C 91 15.40 -16.66 16.97
C MET C 91 14.45 -16.15 15.88
N HIS C 92 13.99 -17.03 15.01
CA HIS C 92 13.08 -16.60 13.93
C HIS C 92 11.71 -17.29 14.08
N ASN C 93 10.99 -17.34 13.00
CA ASN C 93 9.64 -17.97 12.97
C ASN C 93 9.04 -17.71 11.57
N ILE C 94 8.07 -18.48 11.13
CA ILE C 94 7.51 -18.24 9.77
C ILE C 94 5.98 -18.09 9.81
N ASP C 95 5.47 -17.04 9.23
CA ASP C 95 4.00 -16.83 9.17
C ASP C 95 3.55 -16.83 7.69
N PHE C 96 2.82 -17.84 7.28
CA PHE C 96 2.38 -17.92 5.87
C PHE C 96 0.98 -17.33 5.72
N HIS C 97 0.88 -16.28 4.97
CA HIS C 97 -0.44 -15.62 4.74
C HIS C 97 -1.47 -16.65 4.23
N ALA C 98 -1.02 -17.69 3.58
CA ALA C 98 -1.97 -18.70 3.03
C ALA C 98 -2.41 -19.73 4.09
N ALA C 99 -2.10 -19.49 5.33
CA ALA C 99 -2.53 -20.44 6.40
C ALA C 99 -3.57 -19.77 7.28
N THR C 100 -4.21 -20.52 8.13
CA THR C 100 -5.26 -19.91 9.02
C THR C 100 -5.10 -20.39 10.47
N GLY C 101 -4.69 -19.51 11.35
CA GLY C 101 -4.55 -19.88 12.81
C GLY C 101 -3.09 -19.69 13.31
N ALA C 102 -2.90 -19.16 14.52
CA ALA C 102 -1.51 -19.00 15.05
C ALA C 102 -0.71 -17.93 14.28
N LEU C 103 -1.31 -16.79 14.05
CA LEU C 103 -0.58 -15.69 13.34
C LEU C 103 0.06 -16.20 12.05
N GLY C 104 -0.60 -17.10 11.37
CA GLY C 104 -0.04 -17.62 10.09
C GLY C 104 1.08 -18.64 10.37
N GLY C 105 1.08 -19.24 11.52
CA GLY C 105 2.14 -20.25 11.84
C GLY C 105 3.31 -19.62 12.63
N GLY C 106 3.33 -18.33 12.83
CA GLY C 106 4.46 -17.70 13.58
C GLY C 106 4.36 -18.04 15.08
N GLY C 107 3.17 -18.20 15.59
CA GLY C 107 3.02 -18.52 17.05
C GLY C 107 3.46 -19.96 17.36
N LEU C 108 3.56 -20.82 16.37
CA LEU C 108 3.97 -22.23 16.64
C LEU C 108 5.27 -22.60 15.88
N THR C 109 6.09 -21.64 15.55
CA THR C 109 7.37 -21.94 14.83
C THR C 109 8.54 -21.06 15.37
N GLU C 110 8.46 -20.52 16.56
CA GLU C 110 9.58 -19.70 17.09
C GLU C 110 10.71 -20.64 17.46
N ILE C 111 11.80 -20.60 16.74
CA ILE C 111 12.91 -21.54 17.04
C ILE C 111 14.21 -20.78 17.18
N ASN C 112 14.87 -20.92 18.28
CA ASN C 112 16.16 -20.22 18.48
C ASN C 112 17.30 -21.07 17.91
N PRO C 113 18.43 -20.46 17.65
CA PRO C 113 19.61 -21.17 17.11
C PRO C 113 19.73 -22.59 17.68
N GLY C 114 19.93 -23.56 16.83
CA GLY C 114 20.03 -24.97 17.32
C GLY C 114 18.64 -25.61 17.50
N GLU C 115 17.59 -25.04 16.94
CA GLU C 115 16.24 -25.65 17.10
C GLU C 115 15.50 -25.70 15.74
N LYS C 116 14.74 -26.74 15.50
CA LYS C 116 13.96 -26.86 14.23
C LYS C 116 12.56 -27.38 14.54
N THR C 117 11.59 -27.03 13.76
CA THR C 117 10.22 -27.49 14.03
C THR C 117 9.57 -27.89 12.72
N ILE C 118 8.38 -28.39 12.81
CA ILE C 118 7.65 -28.80 11.59
C ILE C 118 6.19 -28.35 11.72
N LEU C 119 5.72 -27.55 10.81
CA LEU C 119 4.32 -27.07 10.90
C LEU C 119 3.57 -27.46 9.64
N ARG C 120 2.39 -27.97 9.80
CA ARG C 120 1.60 -28.38 8.61
C ARG C 120 0.25 -27.65 8.60
N PHE C 121 -0.08 -27.01 7.52
CA PHE C 121 -1.37 -26.29 7.43
C PHE C 121 -2.08 -26.66 6.11
N LYS C 122 -3.39 -26.57 6.09
CA LYS C 122 -4.17 -26.89 4.88
C LYS C 122 -4.27 -25.64 4.00
N ALA C 123 -3.97 -25.80 2.76
CA ALA C 123 -4.03 -24.68 1.80
C ALA C 123 -5.45 -24.62 1.32
N THR C 124 -6.23 -23.88 2.01
CA THR C 124 -7.70 -23.84 1.69
C THR C 124 -8.10 -22.76 0.66
N LYS C 125 -7.21 -21.90 0.28
CA LYS C 125 -7.57 -20.83 -0.68
C LYS C 125 -6.52 -20.79 -1.79
N PRO C 126 -6.96 -20.69 -3.01
CA PRO C 126 -6.06 -20.66 -4.19
C PRO C 126 -5.51 -19.26 -4.48
N GLY C 127 -4.21 -19.14 -4.67
CA GLY C 127 -3.65 -17.79 -4.98
C GLY C 127 -2.24 -17.64 -4.39
N VAL C 128 -1.45 -16.77 -4.96
CA VAL C 128 -0.08 -16.55 -4.46
C VAL C 128 -0.19 -15.78 -3.15
N PHE C 129 0.67 -16.07 -2.23
CA PHE C 129 0.59 -15.39 -0.93
C PHE C 129 2.00 -15.18 -0.43
N VAL C 130 2.21 -14.19 0.36
CA VAL C 130 3.62 -13.95 0.85
C VAL C 130 3.87 -14.51 2.28
N TYR C 131 4.94 -15.28 2.47
CA TYR C 131 5.29 -15.79 3.80
C TYR C 131 6.44 -14.94 4.32
N HIS C 132 6.60 -14.81 5.60
CA HIS C 132 7.70 -13.95 6.13
C HIS C 132 7.87 -14.15 7.64
N CYS C 133 9.10 -14.12 8.12
CA CYS C 133 9.34 -14.34 9.58
C CYS C 133 8.86 -13.10 10.34
N ALA C 134 8.39 -13.27 11.54
CA ALA C 134 7.90 -12.08 12.29
C ALA C 134 7.96 -12.34 13.79
N PRO C 135 9.13 -12.36 14.34
CA PRO C 135 9.33 -12.58 15.80
C PRO C 135 8.74 -11.41 16.61
N PRO C 136 7.88 -11.71 17.55
CA PRO C 136 7.23 -10.66 18.40
C PRO C 136 8.19 -9.54 18.84
N GLY C 137 7.89 -8.30 18.51
CA GLY C 137 8.79 -7.18 18.93
C GLY C 137 9.80 -6.78 17.83
N MET C 138 10.12 -7.65 16.90
CA MET C 138 11.11 -7.28 15.86
C MET C 138 10.62 -7.77 14.51
N VAL C 139 9.36 -7.58 14.26
CA VAL C 139 8.79 -8.04 12.96
C VAL C 139 9.42 -7.30 11.76
N PRO C 140 9.16 -6.03 11.64
CA PRO C 140 9.65 -5.18 10.52
C PRO C 140 11.14 -5.37 10.24
N TRP C 141 11.92 -5.56 11.27
CA TRP C 141 13.39 -5.75 11.07
C TRP C 141 13.67 -7.05 10.30
N HIS C 142 13.08 -8.14 10.71
CA HIS C 142 13.32 -9.44 10.03
C HIS C 142 12.82 -9.39 8.58
N VAL C 143 11.70 -8.78 8.34
CA VAL C 143 11.15 -8.73 6.95
C VAL C 143 12.06 -7.87 6.06
N VAL C 144 12.44 -6.71 6.53
CA VAL C 144 13.30 -5.81 5.70
C VAL C 144 14.64 -6.49 5.47
N SER C 145 15.09 -7.24 6.43
CA SER C 145 16.39 -7.95 6.27
C SER C 145 16.31 -9.00 5.14
N GLY C 146 15.19 -9.15 4.50
CA GLY C 146 15.05 -10.15 3.41
C GLY C 146 14.52 -11.48 3.94
N MET C 147 13.79 -11.48 5.03
CA MET C 147 13.26 -12.77 5.55
C MET C 147 11.80 -12.93 5.09
N ASN C 148 11.61 -13.15 3.82
CA ASN C 148 10.23 -13.29 3.31
C ASN C 148 10.26 -13.79 1.85
N GLY C 149 9.27 -14.52 1.47
CA GLY C 149 9.19 -15.06 0.07
C GLY C 149 7.71 -15.19 -0.32
N ALA C 150 7.31 -16.28 -0.94
CA ALA C 150 5.87 -16.41 -1.32
C ALA C 150 5.55 -17.83 -1.83
N ILE C 151 4.36 -18.32 -1.55
CA ILE C 151 3.96 -19.67 -2.03
C ILE C 151 2.76 -19.55 -2.97
N MET C 152 2.63 -20.44 -3.91
CA MET C 152 1.49 -20.38 -4.87
C MET C 152 0.62 -21.64 -4.76
N VAL C 153 -0.59 -21.48 -4.30
CA VAL C 153 -1.52 -22.63 -4.17
C VAL C 153 -2.39 -22.57 -5.40
N LEU C 154 -2.14 -23.43 -6.32
CA LEU C 154 -2.90 -23.35 -7.61
C LEU C 154 -4.16 -24.20 -7.59
N PRO C 155 -5.22 -23.70 -8.17
CA PRO C 155 -6.49 -24.46 -8.27
C PRO C 155 -6.23 -25.89 -8.76
N ARG C 156 -6.89 -26.87 -8.20
CA ARG C 156 -6.67 -28.27 -8.62
C ARG C 156 -6.72 -28.39 -10.13
N GLU C 157 -7.59 -27.66 -10.76
CA GLU C 157 -7.71 -27.73 -12.25
C GLU C 157 -6.79 -26.70 -12.96
N GLY C 158 -5.80 -26.16 -12.29
CA GLY C 158 -4.90 -25.17 -12.97
C GLY C 158 -5.51 -23.77 -12.92
N LEU C 159 -4.96 -22.86 -13.68
CA LEU C 159 -5.51 -21.46 -13.68
C LEU C 159 -6.45 -21.26 -14.87
N HIS C 160 -7.45 -20.42 -14.70
CA HIS C 160 -8.41 -20.15 -15.80
C HIS C 160 -8.73 -18.64 -15.77
N ASP C 161 -9.16 -18.11 -16.87
CA ASP C 161 -9.48 -16.64 -16.92
C ASP C 161 -10.74 -16.35 -16.11
N GLY C 162 -11.39 -15.24 -16.38
CA GLY C 162 -12.63 -14.89 -15.61
C GLY C 162 -13.85 -15.66 -16.18
N LYS C 163 -13.79 -16.11 -17.40
CA LYS C 163 -14.96 -16.85 -17.97
C LYS C 163 -14.86 -18.36 -17.70
N GLY C 164 -13.73 -18.82 -17.22
CA GLY C 164 -13.59 -20.30 -16.95
C GLY C 164 -12.57 -20.97 -17.92
N LYS C 165 -12.14 -20.32 -18.97
CA LYS C 165 -11.18 -20.96 -19.92
C LYS C 165 -9.88 -21.26 -19.20
N ALA C 166 -9.20 -22.28 -19.60
CA ALA C 166 -7.91 -22.64 -18.94
C ALA C 166 -6.72 -21.82 -19.51
N LEU C 167 -5.94 -21.22 -18.63
CA LEU C 167 -4.74 -20.46 -19.02
C LEU C 167 -3.55 -21.25 -18.50
N THR C 168 -2.74 -21.73 -19.39
CA THR C 168 -1.61 -22.56 -18.99
C THR C 168 -0.37 -21.85 -19.39
N TYR C 169 0.56 -21.82 -18.54
CA TYR C 169 1.82 -21.09 -18.85
C TYR C 169 2.96 -22.06 -19.14
N ASP C 170 3.82 -21.71 -20.06
CA ASP C 170 4.99 -22.58 -20.37
C ASP C 170 6.16 -22.28 -19.41
N LYS C 171 6.24 -21.08 -18.87
CA LYS C 171 7.36 -20.76 -17.95
C LYS C 171 6.86 -19.87 -16.81
N ILE C 172 7.36 -20.08 -15.63
CA ILE C 172 6.93 -19.25 -14.47
C ILE C 172 8.16 -18.77 -13.67
N TYR C 173 8.21 -17.49 -13.38
CA TYR C 173 9.36 -16.93 -12.62
C TYR C 173 8.79 -16.20 -11.41
N TYR C 174 9.51 -16.19 -10.34
CA TYR C 174 9.05 -15.51 -9.11
C TYR C 174 10.02 -14.41 -8.75
N VAL C 175 9.57 -13.19 -8.81
CA VAL C 175 10.46 -12.04 -8.50
C VAL C 175 10.03 -11.40 -7.18
N GLY C 176 10.80 -11.61 -6.16
CA GLY C 176 10.50 -11.03 -4.83
C GLY C 176 11.19 -9.69 -4.71
N GLU C 177 10.44 -8.67 -4.47
CA GLU C 177 10.99 -7.31 -4.36
C GLU C 177 11.30 -7.08 -2.91
N GLN C 178 12.30 -6.33 -2.65
CA GLN C 178 12.66 -6.08 -1.23
C GLN C 178 13.14 -4.65 -1.02
N ASP C 179 12.53 -3.95 -0.12
CA ASP C 179 12.96 -2.55 0.16
C ASP C 179 13.88 -2.56 1.39
N PHE C 180 15.10 -2.14 1.24
CA PHE C 180 16.02 -2.15 2.39
C PHE C 180 16.11 -0.75 2.99
N TYR C 181 16.88 -0.64 4.02
CA TYR C 181 17.06 0.67 4.71
C TYR C 181 18.46 0.64 5.30
N VAL C 182 19.43 1.00 4.52
CA VAL C 182 20.83 0.91 4.99
C VAL C 182 21.28 2.21 5.61
N PRO C 183 21.81 2.12 6.79
CA PRO C 183 22.33 3.32 7.52
C PRO C 183 23.60 3.91 6.87
N ARG C 184 23.70 5.23 6.79
CA ARG C 184 24.89 5.87 6.19
C ARG C 184 25.56 6.73 7.25
N ASP C 185 26.82 7.00 7.09
CA ASP C 185 27.55 7.83 8.10
C ASP C 185 27.29 9.33 7.87
N GLU C 186 28.20 10.19 8.27
CA GLU C 186 27.98 11.66 8.08
C GLU C 186 28.33 12.08 6.65
N ASN C 187 29.24 11.38 6.00
CA ASN C 187 29.62 11.77 4.61
C ASN C 187 28.63 11.18 3.57
N GLY C 188 27.71 10.35 3.97
CA GLY C 188 26.74 9.77 2.99
C GLY C 188 27.16 8.34 2.56
N LYS C 189 28.23 7.79 3.09
CA LYS C 189 28.64 6.41 2.70
C LYS C 189 27.90 5.37 3.54
N TYR C 190 27.45 4.31 2.92
CA TYR C 190 26.73 3.26 3.66
C TYR C 190 27.65 2.70 4.72
N LYS C 191 27.11 2.32 5.82
CA LYS C 191 27.95 1.78 6.92
C LYS C 191 27.89 0.24 6.91
N LYS C 192 28.97 -0.38 7.28
CA LYS C 192 28.99 -1.86 7.32
C LYS C 192 29.30 -2.29 8.74
N TYR C 193 28.85 -3.44 9.14
CA TYR C 193 29.12 -3.87 10.52
C TYR C 193 29.71 -5.25 10.52
N GLU C 194 29.67 -5.91 11.62
CA GLU C 194 30.24 -7.29 11.69
C GLU C 194 29.14 -8.29 12.09
N ALA C 195 28.09 -7.84 12.74
CA ALA C 195 27.02 -8.77 13.14
C ALA C 195 25.68 -8.14 12.81
N PRO C 196 24.65 -8.92 12.87
CA PRO C 196 23.26 -8.46 12.57
C PRO C 196 22.70 -7.53 13.65
N GLY C 197 22.98 -7.81 14.90
CA GLY C 197 22.44 -6.95 15.99
C GLY C 197 23.15 -5.57 16.01
N ASP C 198 24.40 -5.52 15.63
CA ASP C 198 25.14 -4.22 15.65
C ASP C 198 24.46 -3.20 14.74
N ALA C 199 23.73 -3.64 13.75
CA ALA C 199 23.06 -2.67 12.82
C ALA C 199 21.54 -2.54 13.11
N TYR C 200 21.07 -3.00 14.24
CA TYR C 200 19.60 -2.87 14.55
C TYR C 200 19.17 -1.40 14.85
N GLU C 201 19.84 -0.69 15.74
CA GLU C 201 19.41 0.69 16.08
C GLU C 201 19.53 1.61 14.87
N ASP C 202 20.64 1.56 14.20
CA ASP C 202 20.85 2.45 13.01
C ASP C 202 19.83 2.11 11.93
N THR C 203 19.53 0.87 11.76
CA THR C 203 18.54 0.48 10.71
C THR C 203 17.15 1.00 11.09
N VAL C 204 16.73 0.79 12.30
CA VAL C 204 15.38 1.27 12.73
C VAL C 204 15.23 2.75 12.38
N LYS C 205 16.24 3.53 12.68
CA LYS C 205 16.16 4.98 12.37
C LYS C 205 15.84 5.18 10.89
N VAL C 206 16.48 4.44 10.02
CA VAL C 206 16.21 4.59 8.56
C VAL C 206 14.82 4.05 8.24
N MET C 207 14.45 2.94 8.83
CA MET C 207 13.11 2.36 8.53
C MET C 207 12.00 3.34 8.92
N ARG C 208 12.17 4.08 9.98
CA ARG C 208 11.11 5.05 10.40
C ARG C 208 10.87 6.09 9.29
N THR C 209 11.91 6.49 8.62
CA THR C 209 11.75 7.50 7.54
C THR C 209 10.83 6.98 6.42
N LEU C 210 10.46 5.72 6.44
CA LEU C 210 9.57 5.19 5.36
C LEU C 210 10.19 5.48 3.98
N THR C 211 11.50 5.55 3.91
CA THR C 211 12.15 5.82 2.60
C THR C 211 13.30 4.83 2.43
N PRO C 212 13.08 3.80 1.66
CA PRO C 212 14.11 2.74 1.42
C PRO C 212 15.32 3.22 0.61
N THR C 213 16.52 2.96 1.09
CA THR C 213 17.73 3.40 0.33
C THR C 213 17.86 2.55 -0.96
N HIS C 214 17.29 1.38 -1.00
CA HIS C 214 17.40 0.53 -2.22
C HIS C 214 16.19 -0.40 -2.30
N VAL C 215 15.59 -0.49 -3.46
CA VAL C 215 14.41 -1.37 -3.62
C VAL C 215 14.75 -2.25 -4.79
N VAL C 216 14.92 -3.51 -4.59
CA VAL C 216 15.37 -4.28 -5.76
C VAL C 216 14.68 -5.61 -5.86
N PHE C 217 15.12 -6.40 -6.78
CA PHE C 217 14.50 -7.73 -6.98
C PHE C 217 15.57 -8.81 -6.86
N ASN C 218 15.28 -9.86 -6.15
CA ASN C 218 16.29 -10.96 -5.97
C ASN C 218 17.38 -10.61 -4.93
N GLY C 219 17.22 -9.55 -4.16
CA GLY C 219 18.25 -9.20 -3.13
C GLY C 219 19.44 -8.34 -3.69
N ALA C 220 19.36 -7.69 -4.84
CA ALA C 220 20.53 -6.85 -5.27
C ALA C 220 20.22 -6.03 -6.54
N VAL C 221 20.65 -4.78 -6.58
CA VAL C 221 20.42 -3.97 -7.81
C VAL C 221 21.08 -4.69 -8.98
N GLY C 222 20.36 -4.90 -10.04
CA GLY C 222 20.95 -5.62 -11.20
C GLY C 222 21.05 -7.14 -10.93
N ALA C 223 20.23 -7.69 -10.04
CA ALA C 223 20.31 -9.16 -9.78
C ALA C 223 19.68 -10.00 -10.92
N LEU C 224 18.55 -9.60 -11.46
CA LEU C 224 17.88 -10.40 -12.55
C LEU C 224 18.20 -9.86 -13.95
N THR C 225 19.41 -9.46 -14.18
CA THR C 225 19.85 -8.97 -15.52
C THR C 225 21.24 -9.55 -15.83
N GLY C 226 21.56 -9.73 -17.08
CA GLY C 226 22.88 -10.32 -17.45
C GLY C 226 22.75 -11.83 -17.40
N ASP C 227 23.57 -12.47 -16.62
CA ASP C 227 23.46 -13.96 -16.52
C ASP C 227 22.12 -14.37 -15.87
N LYS C 228 21.49 -13.48 -15.12
CA LYS C 228 20.18 -13.85 -14.48
C LYS C 228 18.97 -13.31 -15.27
N ALA C 229 19.17 -12.60 -16.35
CA ALA C 229 17.98 -12.08 -17.11
C ALA C 229 17.03 -13.24 -17.45
N MET C 230 15.76 -13.09 -17.15
CA MET C 230 14.80 -14.16 -17.47
C MET C 230 14.87 -14.43 -18.96
N THR C 231 14.20 -15.43 -19.40
CA THR C 231 14.20 -15.76 -20.84
C THR C 231 12.79 -16.19 -21.29
N ALA C 232 12.49 -15.95 -22.54
CA ALA C 232 11.16 -16.33 -23.10
C ALA C 232 11.22 -16.14 -24.63
N ALA C 233 10.46 -16.91 -25.38
CA ALA C 233 10.49 -16.78 -26.85
C ALA C 233 9.10 -16.41 -27.36
N VAL C 234 9.05 -15.69 -28.43
CA VAL C 234 7.75 -15.27 -29.01
C VAL C 234 6.83 -16.46 -29.05
N GLY C 235 5.61 -16.27 -28.64
CA GLY C 235 4.63 -17.40 -28.63
C GLY C 235 4.61 -18.14 -27.26
N GLU C 236 5.51 -17.84 -26.36
CA GLU C 236 5.53 -18.52 -25.05
C GLU C 236 4.69 -17.74 -24.04
N LYS C 237 4.03 -18.44 -23.18
CA LYS C 237 3.18 -17.80 -22.15
C LYS C 237 3.94 -17.91 -20.86
N VAL C 238 4.04 -16.86 -20.14
CA VAL C 238 4.83 -16.90 -18.90
C VAL C 238 4.10 -16.23 -17.76
N LEU C 239 4.11 -16.86 -16.63
CA LEU C 239 3.45 -16.29 -15.43
C LEU C 239 4.53 -15.72 -14.52
N ILE C 240 4.44 -14.46 -14.18
CA ILE C 240 5.46 -13.82 -13.33
C ILE C 240 4.85 -13.45 -11.97
N VAL C 241 5.13 -14.25 -10.98
CA VAL C 241 4.62 -13.97 -9.62
C VAL C 241 5.54 -12.96 -8.97
N HIS C 242 4.98 -12.04 -8.28
CA HIS C 242 5.80 -10.99 -7.65
C HIS C 242 5.27 -10.74 -6.25
N SER C 243 6.14 -10.59 -5.32
CA SER C 243 5.68 -10.36 -3.92
C SER C 243 6.49 -9.26 -3.23
N GLN C 244 5.83 -8.55 -2.35
CA GLN C 244 6.45 -7.46 -1.55
C GLN C 244 5.85 -7.58 -0.14
N ALA C 245 6.63 -8.04 0.80
CA ALA C 245 6.12 -8.27 2.18
C ALA C 245 6.60 -7.16 3.11
N ASN C 246 6.45 -5.98 2.65
CA ASN C 246 6.85 -4.77 3.43
C ASN C 246 6.86 -3.50 2.54
N ARG C 247 5.99 -3.38 1.54
CA ARG C 247 6.02 -2.14 0.72
C ARG C 247 5.14 -2.30 -0.51
N ASP C 248 4.40 -1.29 -0.88
CA ASP C 248 3.53 -1.42 -2.10
C ASP C 248 4.36 -1.17 -3.40
N THR C 249 4.19 -2.01 -4.41
CA THR C 249 4.92 -1.81 -5.69
C THR C 249 3.90 -1.73 -6.83
N ARG C 250 4.37 -1.53 -8.01
CA ARG C 250 3.48 -1.44 -9.21
C ARG C 250 4.23 -1.99 -10.42
N PRO C 251 4.15 -3.28 -10.60
CA PRO C 251 4.85 -4.01 -11.69
C PRO C 251 4.49 -3.50 -13.09
N HIS C 252 5.42 -3.57 -13.98
CA HIS C 252 5.18 -3.13 -15.39
C HIS C 252 6.25 -3.72 -16.35
N LEU C 253 5.82 -4.54 -17.29
CA LEU C 253 6.75 -5.13 -18.29
C LEU C 253 6.90 -4.15 -19.45
N ILE C 254 8.04 -3.56 -19.55
CA ILE C 254 8.34 -2.57 -20.60
C ILE C 254 8.31 -3.27 -21.93
N GLY C 255 7.53 -2.76 -22.81
CA GLY C 255 7.43 -3.41 -24.15
C GLY C 255 6.28 -4.44 -24.16
N GLY C 256 5.76 -4.83 -23.02
CA GLY C 256 4.66 -5.83 -23.01
C GLY C 256 3.57 -5.39 -22.05
N HIS C 257 2.78 -6.31 -21.59
CA HIS C 257 1.68 -5.96 -20.66
C HIS C 257 1.20 -7.23 -19.94
N GLY C 258 0.40 -7.06 -18.93
CA GLY C 258 -0.12 -8.23 -18.18
C GLY C 258 -1.44 -8.64 -18.80
N ASP C 259 -1.41 -9.60 -19.66
CA ASP C 259 -2.66 -10.03 -20.34
C ASP C 259 -3.72 -10.27 -19.28
N TYR C 260 -3.41 -11.12 -18.37
CA TYR C 260 -4.34 -11.42 -17.25
C TYR C 260 -3.56 -11.21 -15.96
N VAL C 261 -4.03 -10.39 -15.06
CA VAL C 261 -3.22 -10.15 -13.83
C VAL C 261 -4.06 -10.24 -12.56
N TRP C 262 -3.85 -11.26 -11.79
CA TRP C 262 -4.57 -11.38 -10.49
C TRP C 262 -3.83 -10.46 -9.55
N ALA C 263 -4.18 -9.21 -9.58
CA ALA C 263 -3.45 -8.18 -8.80
C ALA C 263 -3.49 -8.53 -7.33
N THR C 264 -4.61 -8.93 -6.89
CA THR C 264 -4.77 -9.29 -5.45
C THR C 264 -4.07 -10.63 -5.15
N GLY C 265 -3.60 -11.31 -6.16
CA GLY C 265 -2.92 -12.63 -5.89
C GLY C 265 -3.94 -13.70 -5.39
N LYS C 266 -5.18 -13.60 -5.79
CA LYS C 266 -6.20 -14.59 -5.37
C LYS C 266 -6.84 -15.12 -6.66
N PHE C 267 -6.81 -16.39 -6.85
CA PHE C 267 -7.36 -16.98 -8.12
C PHE C 267 -8.89 -16.81 -8.18
N ASN C 268 -9.56 -16.97 -7.09
CA ASN C 268 -11.04 -16.85 -7.08
C ASN C 268 -11.43 -15.48 -7.59
N THR C 269 -10.63 -14.50 -7.31
CA THR C 269 -10.95 -13.13 -7.77
C THR C 269 -10.56 -13.00 -9.25
N PRO C 270 -11.52 -12.75 -10.10
CA PRO C 270 -11.27 -12.61 -11.57
C PRO C 270 -10.02 -11.77 -11.87
N PRO C 271 -9.19 -12.18 -12.81
CA PRO C 271 -7.94 -11.42 -13.14
C PRO C 271 -8.15 -10.20 -14.08
N ASP C 272 -7.74 -9.00 -13.69
CA ASP C 272 -7.90 -7.86 -14.61
C ASP C 272 -7.29 -8.27 -15.95
N VAL C 273 -7.49 -7.52 -16.98
CA VAL C 273 -6.91 -7.93 -18.30
C VAL C 273 -6.38 -6.70 -19.07
N ASP C 274 -5.38 -6.91 -19.89
CA ASP C 274 -4.82 -5.81 -20.70
C ASP C 274 -4.28 -4.79 -19.73
N GLN C 275 -3.44 -5.22 -18.85
CA GLN C 275 -2.92 -4.24 -17.83
C GLN C 275 -1.53 -3.69 -18.19
N GLU C 276 -1.37 -2.37 -18.22
CA GLU C 276 -0.02 -1.78 -18.49
C GLU C 276 0.83 -1.79 -17.20
N THR C 277 0.24 -1.48 -16.06
CA THR C 277 0.97 -1.45 -14.78
C THR C 277 -0.02 -1.87 -13.69
N TRP C 278 0.31 -2.85 -12.93
CA TRP C 278 -0.63 -3.33 -11.89
C TRP C 278 -0.31 -2.70 -10.55
N PHE C 279 -0.79 -3.28 -9.48
CA PHE C 279 -0.52 -2.72 -8.14
C PHE C 279 -0.63 -3.81 -7.07
N ILE C 280 0.45 -4.07 -6.37
CA ILE C 280 0.44 -5.10 -5.30
C ILE C 280 0.79 -4.39 -4.00
N PRO C 281 -0.12 -4.39 -3.07
CA PRO C 281 0.06 -3.70 -1.75
C PRO C 281 1.01 -4.43 -0.79
N GLY C 282 1.91 -3.70 -0.18
CA GLY C 282 2.83 -4.32 0.79
C GLY C 282 2.07 -5.40 1.54
N GLY C 283 2.72 -6.47 1.82
CA GLY C 283 2.06 -7.60 2.52
C GLY C 283 1.23 -8.42 1.53
N ALA C 284 1.61 -8.50 0.27
CA ALA C 284 0.76 -9.31 -0.67
C ALA C 284 1.52 -9.69 -1.95
N ALA C 285 1.27 -10.86 -2.48
CA ALA C 285 1.94 -11.27 -3.76
C ALA C 285 0.89 -11.45 -4.87
N GLY C 286 1.15 -10.97 -6.06
CA GLY C 286 0.16 -11.11 -7.16
C GLY C 286 0.75 -12.00 -8.26
N ALA C 287 0.15 -11.97 -9.42
CA ALA C 287 0.65 -12.80 -10.55
C ALA C 287 0.13 -12.23 -11.87
N ALA C 288 0.97 -12.20 -12.87
CA ALA C 288 0.56 -11.67 -14.20
C ALA C 288 0.98 -12.67 -15.27
N PHE C 289 0.09 -12.96 -16.17
CA PHE C 289 0.41 -13.94 -17.24
C PHE C 289 0.40 -13.21 -18.57
N TYR C 290 1.38 -13.41 -19.37
CA TYR C 290 1.43 -12.70 -20.67
C TYR C 290 2.12 -13.55 -21.73
N THR C 291 1.61 -13.51 -22.92
CA THR C 291 2.20 -14.27 -24.04
C THR C 291 3.06 -13.32 -24.85
N PHE C 292 4.33 -13.59 -24.92
CA PHE C 292 5.25 -12.70 -25.67
C PHE C 292 4.94 -12.72 -27.16
N GLN C 293 4.96 -11.57 -27.78
CA GLN C 293 4.69 -11.49 -29.24
C GLN C 293 5.88 -10.86 -30.00
N GLN C 294 6.82 -10.25 -29.31
CA GLN C 294 7.98 -9.63 -30.02
C GLN C 294 9.28 -10.00 -29.32
N PRO C 295 10.31 -10.26 -30.09
CA PRO C 295 11.65 -10.64 -29.57
C PRO C 295 12.50 -9.43 -29.22
N GLY C 296 13.41 -9.57 -28.30
CA GLY C 296 14.26 -8.42 -27.92
C GLY C 296 14.43 -8.41 -26.40
N ILE C 297 14.97 -7.35 -25.88
CA ILE C 297 15.17 -7.26 -24.40
C ILE C 297 14.10 -6.34 -23.80
N TYR C 298 13.39 -6.82 -22.82
CA TYR C 298 12.33 -6.01 -22.17
C TYR C 298 12.65 -5.88 -20.68
N ALA C 299 12.46 -4.73 -20.13
CA ALA C 299 12.75 -4.52 -18.69
C ALA C 299 11.47 -4.67 -17.92
N TYR C 300 11.54 -5.22 -16.75
CA TYR C 300 10.29 -5.42 -15.98
C TYR C 300 10.53 -4.79 -14.64
N VAL C 301 9.83 -3.77 -14.28
CA VAL C 301 10.20 -3.19 -12.97
C VAL C 301 9.10 -2.37 -12.34
N ASN C 302 9.35 -1.98 -11.13
CA ASN C 302 8.39 -1.17 -10.37
C ASN C 302 8.27 0.13 -11.12
N HIS C 303 7.10 0.52 -11.45
CA HIS C 303 6.98 1.77 -12.26
C HIS C 303 7.62 2.90 -11.48
N ASN C 304 7.30 3.09 -10.23
CA ASN C 304 8.04 4.19 -9.56
C ASN C 304 9.41 4.31 -10.30
N LEU C 305 9.47 5.10 -11.36
CA LEU C 305 10.71 5.20 -12.18
C LEU C 305 11.91 5.38 -11.27
N ILE C 306 11.75 6.21 -10.31
CA ILE C 306 12.87 6.46 -9.36
C ILE C 306 13.22 5.15 -8.68
N GLU C 307 12.23 4.51 -8.13
CA GLU C 307 12.48 3.19 -7.47
C GLU C 307 13.06 2.16 -8.48
N ALA C 308 12.67 2.21 -9.74
CA ALA C 308 13.20 1.22 -10.73
C ALA C 308 14.58 1.61 -11.35
N PHE C 309 14.95 2.87 -11.43
CA PHE C 309 16.26 3.19 -12.07
C PHE C 309 17.24 3.75 -11.06
N GLU C 310 16.75 4.52 -10.14
CA GLU C 310 17.66 5.12 -9.12
C GLU C 310 17.82 4.21 -7.88
N LEU C 311 16.85 3.39 -7.54
CA LEU C 311 17.01 2.54 -6.33
C LEU C 311 17.53 1.17 -6.73
N GLY C 312 16.95 0.59 -7.74
CA GLY C 312 17.40 -0.76 -8.20
C GLY C 312 16.20 -1.74 -8.41
N ALA C 313 15.00 -1.28 -8.72
CA ALA C 313 13.88 -2.24 -8.95
C ALA C 313 13.68 -2.46 -10.45
N ALA C 314 14.62 -3.07 -11.14
CA ALA C 314 14.44 -3.30 -12.60
C ALA C 314 15.19 -4.55 -13.06
N ALA C 315 14.49 -5.51 -13.63
CA ALA C 315 15.16 -6.74 -14.12
C ALA C 315 15.01 -6.75 -15.63
N HIS C 316 15.46 -7.75 -16.30
CA HIS C 316 15.29 -7.73 -17.79
C HIS C 316 15.06 -9.13 -18.39
N PHE C 317 14.06 -9.27 -19.26
CA PHE C 317 13.83 -10.59 -19.93
C PHE C 317 14.31 -10.55 -21.41
N LYS C 318 15.10 -11.52 -21.83
CA LYS C 318 15.61 -11.59 -23.20
C LYS C 318 14.72 -12.57 -23.91
N VAL C 319 14.19 -12.19 -25.01
CA VAL C 319 13.25 -13.07 -25.71
C VAL C 319 13.73 -13.28 -27.11
N THR C 320 13.60 -14.47 -27.56
CA THR C 320 14.06 -14.79 -28.95
C THR C 320 12.86 -15.03 -29.84
N GLY C 321 13.03 -14.91 -31.13
CA GLY C 321 11.87 -15.14 -32.06
C GLY C 321 11.98 -14.21 -33.28
N GLU C 322 10.89 -14.02 -33.97
CA GLU C 322 10.90 -13.14 -35.17
C GLU C 322 10.09 -11.89 -34.84
N TRP C 323 10.54 -10.77 -35.31
CA TRP C 323 9.84 -9.50 -35.04
C TRP C 323 8.56 -9.46 -35.86
N ASN C 324 7.58 -8.79 -35.34
CA ASN C 324 6.27 -8.67 -36.04
C ASN C 324 6.04 -7.20 -36.36
N ASP C 325 6.17 -6.84 -37.60
CA ASP C 325 6.00 -5.42 -37.99
C ASP C 325 4.55 -5.00 -37.78
N ASP C 326 3.64 -5.87 -38.10
CA ASP C 326 2.20 -5.53 -37.93
C ASP C 326 2.01 -4.85 -36.57
N LEU C 327 2.50 -5.45 -35.53
CA LEU C 327 2.38 -4.86 -34.17
C LEU C 327 3.17 -3.55 -34.08
N MET C 328 4.38 -3.49 -34.59
CA MET C 328 5.14 -2.21 -34.47
C MET C 328 6.25 -2.16 -35.50
N THR C 329 6.39 -1.06 -36.16
CA THR C 329 7.46 -0.95 -37.19
C THR C 329 7.98 0.50 -37.26
N SER C 330 9.28 0.68 -37.36
CA SER C 330 9.84 2.06 -37.46
C SER C 330 9.78 2.51 -38.91
N VAL C 331 8.74 3.22 -39.27
CA VAL C 331 8.60 3.67 -40.68
C VAL C 331 9.82 4.50 -41.06
N LEU C 332 10.17 5.41 -40.22
CA LEU C 332 11.36 6.26 -40.50
C LEU C 332 12.32 6.22 -39.31
N ALA C 333 13.42 5.52 -39.44
CA ALA C 333 14.39 5.43 -38.31
C ALA C 333 14.94 6.83 -38.02
N PRO C 334 15.38 7.04 -36.81
CA PRO C 334 15.93 8.34 -36.37
C PRO C 334 16.94 8.90 -37.38
N SER C 335 16.69 10.05 -37.92
CA SER C 335 17.65 10.63 -38.91
C SER C 335 17.71 12.14 -38.74
N GLY C 336 18.24 12.83 -39.70
CA GLY C 336 18.33 14.31 -39.61
C GLY C 336 17.03 14.93 -40.10
N GLU D 1 21.43 -0.22 47.87
CA GLU D 1 21.15 0.83 46.90
C GLU D 1 20.39 0.27 45.69
N ASN D 2 20.10 1.14 44.73
CA ASN D 2 19.27 0.82 43.60
C ASN D 2 20.07 0.88 42.31
N ILE D 3 19.77 -0.06 41.41
CA ILE D 3 20.42 -0.07 40.10
C ILE D 3 19.33 -0.08 39.04
N GLU D 4 19.40 0.90 38.15
CA GLU D 4 18.36 1.01 37.14
C GLU D 4 18.78 0.34 35.83
N VAL D 5 17.87 -0.45 35.28
CA VAL D 5 18.15 -1.21 34.06
C VAL D 5 17.07 -0.86 33.04
N HIS D 6 17.43 -0.61 31.78
CA HIS D 6 16.41 -0.32 30.77
C HIS D 6 16.25 -1.52 29.81
N MET D 7 15.02 -1.71 29.37
CA MET D 7 14.67 -2.73 28.38
C MET D 7 14.43 -2.00 27.06
N LEU D 8 15.19 -2.36 26.05
CA LEU D 8 15.11 -1.69 24.77
C LEU D 8 14.99 -2.63 23.58
N ASN D 9 14.37 -2.13 22.51
CA ASN D 9 14.28 -2.88 21.27
C ASN D 9 15.63 -2.90 20.57
N LYS D 10 16.44 -1.86 20.81
CA LYS D 10 17.74 -1.80 20.16
C LYS D 10 18.72 -1.04 21.04
N GLY D 11 19.92 -1.55 21.19
CA GLY D 11 20.90 -0.85 22.04
C GLY D 11 22.29 -1.17 21.53
N ALA D 12 23.30 -1.04 22.38
CA ALA D 12 24.67 -1.24 21.95
C ALA D 12 24.95 -2.63 21.42
N GLU D 13 24.38 -3.68 22.04
CA GLU D 13 24.74 -5.00 21.56
C GLU D 13 23.84 -5.51 20.44
N GLY D 14 22.86 -4.74 19.99
CA GLY D 14 21.99 -5.20 18.92
C GLY D 14 20.54 -5.05 19.31
N ALA D 15 19.67 -5.91 18.79
CA ALA D 15 18.25 -5.86 19.05
C ALA D 15 17.93 -6.61 20.37
N MET D 16 16.89 -6.14 21.03
CA MET D 16 16.27 -6.71 22.21
C MET D 16 17.25 -6.89 23.36
N VAL D 17 17.50 -5.80 24.10
CA VAL D 17 18.54 -5.90 25.12
C VAL D 17 18.15 -5.25 26.46
N PHE D 18 18.88 -5.69 27.49
CA PHE D 18 18.79 -5.07 28.82
C PHE D 18 20.05 -4.20 28.88
N GLU D 19 19.95 -2.97 29.37
CA GLU D 19 21.14 -2.12 29.53
C GLU D 19 21.14 -1.56 30.95
N PRO D 20 22.10 -1.89 31.78
CA PRO D 20 23.23 -2.76 31.51
C PRO D 20 22.81 -4.24 31.51
N ALA D 21 23.65 -5.13 30.96
CA ALA D 21 23.23 -6.55 30.95
C ALA D 21 24.02 -7.29 32.03
N TYR D 22 24.92 -6.54 32.67
CA TYR D 22 25.71 -7.14 33.76
C TYR D 22 25.44 -6.24 34.98
N ILE D 23 24.86 -6.79 36.02
CA ILE D 23 24.48 -5.99 37.18
C ILE D 23 25.16 -6.55 38.43
N LYS D 24 25.94 -5.67 39.06
CA LYS D 24 26.65 -6.09 40.27
C LYS D 24 25.92 -5.57 41.48
N ALA D 25 25.55 -6.44 42.42
CA ALA D 25 24.76 -5.91 43.54
C ALA D 25 25.09 -6.63 44.84
N ASN D 26 24.55 -6.16 45.96
CA ASN D 26 24.77 -6.84 47.23
C ASN D 26 23.41 -7.18 47.86
N PRO D 27 23.36 -8.12 48.81
CA PRO D 27 22.08 -8.49 49.44
C PRO D 27 21.38 -7.27 50.03
N GLY D 28 20.10 -7.08 49.75
CA GLY D 28 19.36 -5.92 50.20
C GLY D 28 19.25 -4.86 49.13
N ASP D 29 20.06 -4.90 48.07
CA ASP D 29 19.93 -3.89 46.99
C ASP D 29 18.68 -4.13 46.18
N THR D 30 18.26 -3.11 45.41
CA THR D 30 17.14 -3.31 44.51
C THR D 30 17.63 -3.06 43.07
N VAL D 31 16.98 -3.74 42.16
CA VAL D 31 17.21 -3.60 40.73
C VAL D 31 15.85 -3.18 40.15
N THR D 32 15.85 -1.99 39.53
CA THR D 32 14.63 -1.48 38.93
C THR D 32 14.70 -1.60 37.40
N PHE D 33 13.77 -2.37 36.87
CA PHE D 33 13.70 -2.65 35.44
C PHE D 33 12.68 -1.73 34.79
N ILE D 34 13.12 -0.91 33.84
CA ILE D 34 12.25 0.06 33.20
C ILE D 34 12.06 -0.21 31.72
N PRO D 35 10.88 -0.61 31.29
CA PRO D 35 10.72 -0.83 29.86
C PRO D 35 10.61 0.51 29.11
N VAL D 36 11.70 0.92 28.49
CA VAL D 36 11.73 2.16 27.71
C VAL D 36 10.95 1.99 26.42
N ASP D 37 11.05 0.79 25.84
CA ASP D 37 10.21 0.45 24.69
C ASP D 37 9.15 -0.51 25.16
N LYS D 38 8.04 -0.66 24.44
CA LYS D 38 7.03 -1.61 24.87
C LYS D 38 7.36 -3.04 24.40
N GLY D 39 6.76 -4.02 25.04
CA GLY D 39 6.89 -5.41 24.65
C GLY D 39 7.85 -6.22 25.48
N HIS D 40 8.33 -5.67 26.61
CA HIS D 40 9.33 -6.39 27.40
C HIS D 40 8.90 -6.64 28.85
N ASN D 41 9.49 -7.65 29.48
CA ASN D 41 9.25 -7.97 30.88
C ASN D 41 10.54 -8.59 31.42
N VAL D 42 10.53 -9.11 32.62
CA VAL D 42 11.71 -9.78 33.18
C VAL D 42 11.23 -10.98 33.97
N GLU D 43 11.92 -12.09 33.83
CA GLU D 43 11.54 -13.36 34.44
C GLU D 43 12.81 -14.15 34.81
N SER D 44 12.86 -14.72 36.00
CA SER D 44 14.06 -15.48 36.35
C SER D 44 14.03 -16.78 35.55
N ILE D 45 15.20 -17.29 35.19
CA ILE D 45 15.26 -18.53 34.41
C ILE D 45 15.39 -19.73 35.34
N LYS D 46 14.61 -20.76 35.09
CA LYS D 46 14.64 -22.00 35.94
C LYS D 46 16.05 -22.57 36.06
N ASP D 47 16.43 -22.81 37.29
CA ASP D 47 17.72 -23.37 37.63
C ASP D 47 18.91 -22.48 37.30
N MET D 48 18.62 -21.19 37.07
CA MET D 48 19.72 -20.25 36.86
C MET D 48 19.59 -19.08 37.82
N ILE D 49 19.14 -19.36 39.02
CA ILE D 49 19.12 -18.44 40.15
C ILE D 49 19.62 -19.24 41.35
N PRO D 50 20.13 -18.57 42.36
CA PRO D 50 20.71 -19.31 43.49
C PRO D 50 19.71 -20.15 44.27
N GLU D 51 20.22 -21.21 44.85
CA GLU D 51 19.56 -22.18 45.66
C GLU D 51 18.30 -21.79 46.41
N GLY D 52 18.31 -20.77 47.28
CA GLY D 52 17.12 -20.42 48.04
C GLY D 52 16.40 -19.15 47.66
N ALA D 53 16.63 -18.72 46.42
CA ALA D 53 16.00 -17.46 46.01
C ALA D 53 14.63 -17.76 45.42
N GLU D 54 13.71 -16.81 45.48
CA GLU D 54 12.39 -17.03 44.90
C GLU D 54 12.37 -16.72 43.41
N LYS D 55 11.58 -17.48 42.65
CA LYS D 55 11.43 -17.21 41.22
C LYS D 55 10.59 -15.94 41.07
N PHE D 56 10.72 -15.24 39.93
CA PHE D 56 9.97 -14.00 39.74
C PHE D 56 9.62 -13.78 38.28
N LYS D 57 8.53 -13.07 38.05
CA LYS D 57 8.12 -12.80 36.68
C LYS D 57 7.28 -11.51 36.67
N SER D 58 7.72 -10.54 35.89
CA SER D 58 6.96 -9.29 35.88
C SER D 58 5.93 -9.25 34.76
N LYS D 59 4.99 -8.30 34.74
CA LYS D 59 4.07 -8.23 33.60
C LYS D 59 4.71 -7.42 32.48
N ILE D 60 4.34 -7.68 31.23
CA ILE D 60 4.91 -6.94 30.12
C ILE D 60 4.58 -5.46 30.21
N ASN D 61 5.55 -4.60 29.95
CA ASN D 61 5.40 -3.16 29.98
C ASN D 61 5.40 -2.48 31.34
N GLU D 62 5.42 -3.25 32.42
CA GLU D 62 5.48 -2.69 33.76
C GLU D 62 6.90 -2.48 34.28
N ASN D 63 7.02 -1.42 35.07
CA ASN D 63 8.25 -1.11 35.79
C ASN D 63 8.31 -2.14 36.91
N TYR D 64 9.42 -2.84 37.08
CA TYR D 64 9.44 -3.84 38.14
C TYR D 64 10.64 -3.64 39.05
N VAL D 65 10.41 -3.71 40.36
CA VAL D 65 11.52 -3.54 41.28
C VAL D 65 11.85 -4.90 41.91
N LEU D 66 13.04 -5.40 41.63
CA LEU D 66 13.46 -6.66 42.22
C LEU D 66 14.31 -6.42 43.46
N THR D 67 13.99 -7.04 44.59
CA THR D 67 14.91 -6.97 45.72
C THR D 67 15.76 -8.22 45.75
N VAL D 68 17.07 -8.08 45.84
CA VAL D 68 17.91 -9.28 45.81
C VAL D 68 18.44 -9.56 47.22
N THR D 69 18.26 -10.81 47.63
CA THR D 69 18.67 -11.25 48.97
C THR D 69 19.81 -12.26 48.91
N GLN D 70 19.55 -13.40 48.28
CA GLN D 70 20.59 -14.45 48.24
C GLN D 70 21.76 -14.14 47.33
N PRO D 71 22.98 -14.36 47.80
CA PRO D 71 24.19 -14.17 47.03
C PRO D 71 24.25 -15.26 45.94
N GLY D 72 24.98 -14.94 44.88
CA GLY D 72 25.04 -15.87 43.77
C GLY D 72 24.70 -15.14 42.47
N ALA D 73 24.74 -15.88 41.37
CA ALA D 73 24.43 -15.30 40.06
C ALA D 73 23.00 -15.67 39.69
N TYR D 74 22.37 -14.76 38.96
CA TYR D 74 20.99 -14.90 38.50
C TYR D 74 21.02 -14.53 36.99
N LEU D 75 20.47 -15.44 36.19
CA LEU D 75 20.32 -15.06 34.77
C LEU D 75 18.82 -14.79 34.60
N VAL D 76 18.51 -13.61 34.10
CA VAL D 76 17.09 -13.29 33.89
C VAL D 76 16.89 -13.09 32.39
N LYS D 77 15.64 -13.31 31.97
CA LYS D 77 15.37 -13.11 30.54
C LYS D 77 14.16 -12.19 30.40
N CYS D 78 13.94 -11.75 29.18
CA CYS D 78 12.68 -11.13 28.80
C CYS D 78 11.87 -12.32 28.25
N THR D 79 10.66 -12.56 28.72
CA THR D 79 9.89 -13.73 28.29
C THR D 79 9.69 -13.75 26.78
N PRO D 80 9.16 -12.72 26.16
CA PRO D 80 8.98 -12.79 24.71
C PRO D 80 10.28 -12.80 23.94
N HIS D 81 11.34 -12.11 24.38
CA HIS D 81 12.51 -12.07 23.50
C HIS D 81 13.72 -12.87 23.95
N TYR D 82 13.53 -13.82 24.84
CA TYR D 82 14.61 -14.67 25.29
C TYR D 82 15.32 -15.36 24.12
N ALA D 83 14.51 -15.90 23.19
CA ALA D 83 15.17 -16.56 22.04
C ALA D 83 15.95 -15.62 21.16
N MET D 84 15.74 -14.32 21.24
CA MET D 84 16.50 -13.34 20.46
C MET D 84 17.67 -12.79 21.26
N GLY D 85 17.94 -13.37 22.42
CA GLY D 85 19.11 -13.01 23.19
C GLY D 85 18.87 -12.05 24.34
N MET D 86 17.64 -11.70 24.66
CA MET D 86 17.44 -10.65 25.66
C MET D 86 17.60 -11.17 27.08
N ILE D 87 18.80 -11.03 27.64
CA ILE D 87 19.05 -11.55 29.00
C ILE D 87 19.90 -10.55 29.78
N ALA D 88 19.98 -10.74 31.10
CA ALA D 88 20.90 -9.96 31.90
C ALA D 88 21.40 -10.92 32.99
N LEU D 89 22.60 -10.64 33.48
CA LEU D 89 23.20 -11.44 34.56
C LEU D 89 23.32 -10.53 35.77
N ILE D 90 22.76 -10.97 36.89
CA ILE D 90 22.88 -10.21 38.13
C ILE D 90 23.85 -10.99 39.03
N ALA D 91 24.91 -10.36 39.50
CA ALA D 91 25.87 -11.02 40.37
C ALA D 91 25.76 -10.38 41.76
N VAL D 92 25.33 -11.19 42.72
CA VAL D 92 25.14 -10.77 44.11
C VAL D 92 26.27 -11.26 44.98
N GLY D 93 27.07 -10.35 45.51
CA GLY D 93 28.19 -10.73 46.37
C GLY D 93 29.41 -11.09 45.54
N ASP D 94 30.54 -11.46 46.14
CA ASP D 94 31.69 -11.79 45.28
C ASP D 94 31.74 -13.29 44.97
N SER D 95 32.47 -13.64 43.93
CA SER D 95 32.67 -14.95 43.34
C SER D 95 31.48 -15.87 43.51
N PRO D 96 30.43 -15.55 42.75
CA PRO D 96 29.16 -16.27 42.86
C PRO D 96 29.37 -17.78 42.62
N ALA D 97 28.92 -18.59 43.57
CA ALA D 97 29.19 -20.01 43.55
C ALA D 97 28.63 -20.69 42.29
N ASN D 98 27.50 -20.18 41.80
CA ASN D 98 26.82 -20.85 40.69
C ASN D 98 27.09 -20.29 39.32
N LEU D 99 28.03 -19.36 39.13
CA LEU D 99 28.31 -18.75 37.85
C LEU D 99 28.77 -19.72 36.77
N ASP D 100 29.74 -20.61 37.04
CA ASP D 100 30.21 -21.57 36.05
C ASP D 100 29.09 -22.52 35.63
N GLN D 101 28.24 -22.89 36.58
CA GLN D 101 27.09 -23.74 36.29
C GLN D 101 26.19 -23.01 35.31
N ILE D 102 25.92 -21.72 35.56
CA ILE D 102 25.04 -21.02 34.63
C ILE D 102 25.65 -20.86 33.26
N VAL D 103 26.96 -20.66 33.21
CA VAL D 103 27.59 -20.50 31.88
C VAL D 103 27.52 -21.80 31.11
N SER D 104 27.62 -22.93 31.80
CA SER D 104 27.55 -24.21 31.10
C SER D 104 26.13 -24.65 30.78
N ALA D 105 25.09 -24.12 31.44
CA ALA D 105 23.73 -24.66 31.23
C ALA D 105 23.22 -24.53 29.81
N LYS D 106 22.27 -25.41 29.47
CA LYS D 106 21.70 -25.36 28.14
C LYS D 106 20.86 -24.09 27.92
N LYS D 107 21.10 -23.40 26.82
CA LYS D 107 20.34 -22.20 26.48
C LYS D 107 20.52 -21.89 24.99
N PRO D 108 19.69 -21.02 24.42
CA PRO D 108 19.84 -20.67 23.00
C PRO D 108 21.22 -20.14 22.69
N LYS D 109 21.68 -20.47 21.48
CA LYS D 109 23.02 -20.08 21.05
C LYS D 109 23.23 -18.58 21.13
N ILE D 110 22.21 -17.83 20.73
CA ILE D 110 22.37 -16.38 20.75
C ILE D 110 22.48 -15.89 22.19
N VAL D 111 21.71 -16.53 23.06
CA VAL D 111 21.82 -16.18 24.51
C VAL D 111 23.24 -16.42 25.00
N GLN D 112 23.75 -17.62 24.70
CA GLN D 112 25.10 -18.01 25.13
C GLN D 112 26.15 -17.02 24.67
N GLU D 113 26.05 -16.58 23.39
CA GLU D 113 27.01 -15.61 22.88
C GLU D 113 26.93 -14.28 23.62
N ARG D 114 25.72 -13.81 23.94
CA ARG D 114 25.68 -12.54 24.68
C ARG D 114 26.15 -12.65 26.12
N LEU D 115 25.83 -13.77 26.74
CA LEU D 115 26.26 -14.07 28.12
C LEU D 115 27.78 -14.03 28.19
N GLU D 116 28.42 -14.71 27.22
CA GLU D 116 29.87 -14.77 27.20
C GLU D 116 30.50 -13.41 27.04
N LYS D 117 29.84 -12.59 26.23
CA LYS D 117 30.34 -11.24 26.04
C LYS D 117 30.20 -10.43 27.33
N VAL D 118 29.02 -10.46 27.93
CA VAL D 118 28.83 -9.70 29.17
C VAL D 118 29.77 -10.12 30.28
N ILE D 119 30.07 -11.41 30.38
CA ILE D 119 30.98 -11.81 31.46
C ILE D 119 32.39 -11.33 31.17
N ALA D 120 32.74 -11.25 29.90
CA ALA D 120 34.09 -10.80 29.50
C ALA D 120 34.17 -9.27 29.52
N SER D 121 33.32 -8.69 28.69
CA SER D 121 33.07 -7.32 28.32
C SER D 121 31.76 -6.76 28.87
N ALA D 122 31.71 -6.62 30.18
CA ALA D 122 30.57 -6.06 30.90
C ALA D 122 30.76 -6.22 32.41
N LYS D 123 31.68 -7.11 32.78
CA LYS D 123 31.98 -7.43 34.17
C LYS D 123 32.51 -6.23 34.95
CU CU E . -12.39 20.89 11.44
CU CU F . -12.42 13.59 0.92
GD GD G . -10.19 4.45 25.63
GD GD H . -18.45 -10.20 24.90
GD GD I . -0.15 -31.42 21.44
CU CU J . 13.19 12.78 -22.92
CU CU K . 6.24 3.17 -18.25
GD GD L . -1.43 27.45 -19.96
GD GD M . -20.82 28.25 -21.95
GD GD N . -33.45 28.55 1.67
CU CU O . 13.46 -13.79 11.37
CU CU P . 2.14 -10.38 6.66
GD GD Q . 22.96 -14.51 -5.99
GD GD R . 17.07 -22.12 -22.00
GD GD S . 14.19 -2.23 -42.19
CU CU T . 11.84 -8.09 25.50
N THR A 2 -42.01 13.15 -4.76
CA THR A 2 -42.43 14.59 -4.75
C THR A 2 -42.08 15.24 -3.40
N ALA A 3 -42.38 16.50 -3.23
CA ALA A 3 -42.06 17.18 -1.94
C ALA A 3 -42.91 16.59 -0.81
N ALA A 4 -44.18 16.37 -1.03
CA ALA A 4 -45.04 15.81 0.05
C ALA A 4 -44.52 14.43 0.46
N GLU A 5 -44.10 13.65 -0.50
CA GLU A 5 -43.58 12.29 -0.16
C GLU A 5 -42.33 12.41 0.72
N ILE A 6 -41.42 13.28 0.37
CA ILE A 6 -40.18 13.43 1.19
C ILE A 6 -40.54 13.93 2.59
N ALA A 7 -41.45 14.87 2.68
CA ALA A 7 -41.85 15.40 4.02
C ALA A 7 -42.65 14.35 4.83
N ALA A 8 -43.25 13.38 4.20
CA ALA A 8 -44.04 12.36 4.96
C ALA A 8 -43.16 11.18 5.43
N LEU A 9 -41.93 11.09 4.99
CA LEU A 9 -41.07 9.95 5.44
C LEU A 9 -40.83 10.04 6.96
N PRO A 10 -40.86 8.92 7.65
CA PRO A 10 -40.63 8.89 9.13
C PRO A 10 -39.21 9.32 9.55
N ARG A 11 -39.09 10.18 10.53
CA ARG A 11 -37.77 10.64 11.00
C ARG A 11 -37.45 9.84 12.27
N GLN A 12 -36.26 9.35 12.37
CA GLN A 12 -35.90 8.54 13.57
C GLN A 12 -34.52 8.95 14.07
N LYS A 13 -34.44 9.30 15.30
CA LYS A 13 -33.14 9.72 15.88
C LYS A 13 -32.41 8.47 16.36
N VAL A 14 -31.12 8.47 16.24
CA VAL A 14 -30.32 7.30 16.68
C VAL A 14 -29.15 7.77 17.55
N GLU A 15 -28.93 7.09 18.63
CA GLU A 15 -27.84 7.45 19.55
C GLU A 15 -26.58 6.81 19.00
N LEU A 16 -25.53 7.56 18.95
CA LEU A 16 -24.27 6.99 18.38
C LEU A 16 -23.32 6.49 19.47
N VAL A 17 -22.51 5.50 19.18
CA VAL A 17 -21.56 5.00 20.18
C VAL A 17 -20.19 5.47 19.75
N ASP A 18 -19.19 5.06 20.43
CA ASP A 18 -17.81 5.49 20.04
C ASP A 18 -17.02 4.30 19.47
N PRO A 19 -16.26 4.52 18.43
CA PRO A 19 -15.44 3.45 17.80
C PRO A 19 -14.67 2.63 18.84
N PRO A 20 -14.35 1.41 18.52
CA PRO A 20 -14.69 0.80 17.20
C PRO A 20 -16.11 0.21 17.17
N PHE A 21 -16.86 0.35 18.23
CA PHE A 21 -18.23 -0.20 18.26
C PHE A 21 -19.11 0.53 17.23
N VAL A 22 -20.29 0.05 17.07
CA VAL A 22 -21.24 0.67 16.12
C VAL A 22 -22.59 0.73 16.82
N HIS A 23 -23.37 1.68 16.48
CA HIS A 23 -24.69 1.84 17.12
C HIS A 23 -25.58 0.64 16.80
N ALA A 24 -26.85 0.76 17.08
CA ALA A 24 -27.78 -0.38 16.80
C ALA A 24 -28.44 -0.17 15.43
N HIS A 25 -28.37 -1.17 14.59
CA HIS A 25 -29.00 -1.06 13.24
C HIS A 25 -29.29 -2.46 12.70
N SER A 26 -30.12 -2.56 11.69
CA SER A 26 -30.44 -3.89 11.11
C SER A 26 -29.82 -3.97 9.71
N GLN A 27 -29.31 -5.11 9.36
CA GLN A 27 -28.68 -5.24 8.01
C GLN A 27 -29.76 -4.96 7.01
N VAL A 28 -30.71 -5.83 6.93
CA VAL A 28 -31.84 -5.59 6.00
C VAL A 28 -32.63 -4.37 6.52
N ALA A 29 -33.00 -3.47 5.66
CA ALA A 29 -33.73 -2.25 6.10
C ALA A 29 -35.09 -2.64 6.67
N GLU A 30 -35.48 -1.99 7.72
CA GLU A 30 -36.80 -2.27 8.35
C GLU A 30 -37.76 -1.13 7.99
N GLY A 31 -38.69 -1.39 7.12
CA GLY A 31 -39.64 -0.32 6.71
C GLY A 31 -39.10 0.31 5.44
N GLY A 32 -39.73 1.35 4.99
CA GLY A 32 -39.26 2.01 3.75
C GLY A 32 -38.21 3.07 4.12
N PRO A 33 -37.94 3.95 3.21
CA PRO A 33 -36.94 5.04 3.41
C PRO A 33 -37.28 5.90 4.63
N LYS A 34 -36.30 6.31 5.37
CA LYS A 34 -36.57 7.16 6.57
C LYS A 34 -35.39 8.13 6.84
N VAL A 35 -35.72 9.34 7.23
CA VAL A 35 -34.71 10.37 7.55
C VAL A 35 -34.11 10.04 8.91
N VAL A 36 -32.90 9.59 8.88
CA VAL A 36 -32.18 9.21 10.10
C VAL A 36 -31.54 10.44 10.63
N GLU A 37 -31.72 10.66 11.87
CA GLU A 37 -31.16 11.88 12.49
C GLU A 37 -30.06 11.54 13.49
N PHE A 38 -28.94 12.18 13.35
CA PHE A 38 -27.80 11.96 14.28
C PHE A 38 -27.21 13.32 14.66
N THR A 39 -26.77 13.50 15.88
CA THR A 39 -26.20 14.81 16.30
C THR A 39 -24.82 14.60 16.90
N MET A 40 -23.85 15.35 16.46
CA MET A 40 -22.48 15.19 17.02
C MET A 40 -21.86 16.56 17.36
N VAL A 41 -21.33 16.68 18.56
CA VAL A 41 -20.69 17.94 18.99
C VAL A 41 -19.21 17.77 18.77
N ILE A 42 -18.58 18.77 18.27
CA ILE A 42 -17.13 18.67 17.98
C ILE A 42 -16.35 19.12 19.20
N GLU A 43 -15.32 18.42 19.54
CA GLU A 43 -14.54 18.82 20.74
C GLU A 43 -13.05 18.94 20.41
N GLU A 44 -12.49 20.12 20.54
CA GLU A 44 -11.03 20.28 20.25
C GLU A 44 -10.27 20.17 21.58
N LYS A 45 -9.52 19.11 21.78
CA LYS A 45 -8.80 18.97 23.05
C LYS A 45 -7.46 18.31 22.81
N LYS A 46 -6.69 18.20 23.83
CA LYS A 46 -5.35 17.56 23.69
C LYS A 46 -5.41 16.10 24.14
N ILE A 47 -5.00 15.20 23.29
CA ILE A 47 -5.01 13.76 23.64
C ILE A 47 -3.60 13.17 23.44
N VAL A 48 -3.23 12.24 24.27
CA VAL A 48 -1.93 11.60 24.19
C VAL A 48 -2.06 10.49 23.19
N ILE A 49 -1.05 10.26 22.46
CA ILE A 49 -1.13 9.20 21.40
C ILE A 49 0.18 8.42 21.31
N ASP A 50 0.81 8.18 22.42
CA ASP A 50 2.10 7.41 22.44
C ASP A 50 2.54 7.17 23.91
N ASP A 51 3.18 6.05 24.20
CA ASP A 51 3.62 5.79 25.61
C ASP A 51 4.60 6.88 26.12
N ALA A 52 5.09 7.77 25.29
CA ALA A 52 6.04 8.82 25.77
C ALA A 52 5.30 10.12 26.12
N GLY A 53 4.00 10.11 26.18
CA GLY A 53 3.24 11.37 26.53
C GLY A 53 3.16 12.36 25.34
N THR A 54 3.32 11.91 24.12
CA THR A 54 3.22 12.84 22.96
C THR A 54 1.78 13.34 22.93
N GLU A 55 1.58 14.56 22.60
CA GLU A 55 0.16 15.06 22.61
C GLU A 55 -0.19 15.75 21.29
N VAL A 56 -1.37 15.51 20.79
CA VAL A 56 -1.81 16.18 19.53
C VAL A 56 -3.19 16.86 19.72
N HIS A 57 -3.26 18.16 19.48
CA HIS A 57 -4.54 18.90 19.62
C HIS A 57 -5.53 18.29 18.65
N ALA A 58 -6.30 17.38 19.14
CA ALA A 58 -7.27 16.66 18.28
C ALA A 58 -8.53 17.48 18.05
N MET A 59 -9.07 17.32 16.88
CA MET A 59 -10.31 18.00 16.48
C MET A 59 -11.20 16.82 16.27
N ALA A 60 -12.16 16.65 17.10
CA ALA A 60 -12.86 15.38 16.98
C ALA A 60 -14.32 15.54 16.92
N PHE A 61 -14.87 14.85 16.02
CA PHE A 61 -16.36 14.85 15.90
C PHE A 61 -16.92 13.85 16.92
N ASN A 62 -17.79 14.28 17.80
CA ASN A 62 -18.33 13.34 18.83
C ASN A 62 -17.27 13.09 19.92
N GLY A 63 -16.24 13.90 20.01
CA GLY A 63 -15.18 13.69 21.04
C GLY A 63 -14.38 12.40 20.82
N THR A 64 -14.37 11.81 19.63
CA THR A 64 -13.54 10.56 19.46
C THR A 64 -12.87 10.47 18.06
N VAL A 65 -11.58 10.13 18.01
CA VAL A 65 -10.88 9.95 16.72
C VAL A 65 -10.70 8.45 16.54
N PRO A 66 -11.26 7.91 15.50
CA PRO A 66 -12.02 8.68 14.50
C PRO A 66 -13.49 8.87 14.86
N GLY A 67 -14.13 9.87 14.33
CA GLY A 67 -15.56 10.10 14.63
C GLY A 67 -16.27 8.75 14.66
N PRO A 68 -17.51 8.76 15.03
CA PRO A 68 -18.34 7.52 15.11
C PRO A 68 -18.90 7.10 13.75
N LEU A 69 -19.09 5.82 13.55
CA LEU A 69 -19.63 5.35 12.24
C LEU A 69 -21.18 5.40 12.25
N MET A 70 -21.76 6.19 11.38
CA MET A 70 -23.23 6.28 11.29
C MET A 70 -23.66 5.25 10.26
N VAL A 71 -24.74 4.62 10.48
CA VAL A 71 -25.17 3.57 9.51
C VAL A 71 -26.65 3.72 9.12
N VAL A 72 -26.88 3.87 7.85
CA VAL A 72 -28.26 3.97 7.31
C VAL A 72 -28.32 3.07 6.06
N HIS A 73 -29.46 2.99 5.42
CA HIS A 73 -29.56 2.14 4.22
C HIS A 73 -29.60 3.04 2.98
N GLN A 74 -29.51 2.44 1.83
CA GLN A 74 -29.53 3.21 0.57
C GLN A 74 -30.93 3.78 0.38
N ASP A 75 -31.00 5.02 0.03
CA ASP A 75 -32.34 5.66 -0.16
C ASP A 75 -32.67 6.50 1.08
N ASP A 76 -32.32 6.04 2.25
CA ASP A 76 -32.61 6.80 3.47
C ASP A 76 -31.79 8.10 3.47
N TYR A 77 -32.29 9.12 4.10
CA TYR A 77 -31.58 10.42 4.15
C TYR A 77 -30.95 10.62 5.53
N LEU A 78 -29.71 10.99 5.55
CA LEU A 78 -29.00 11.22 6.82
C LEU A 78 -29.10 12.70 7.14
N GLU A 79 -29.57 13.01 8.30
CA GLU A 79 -29.74 14.42 8.72
C GLU A 79 -28.91 14.59 9.95
N LEU A 80 -27.86 15.31 9.84
CA LEU A 80 -26.97 15.41 11.03
C LEU A 80 -26.87 16.84 11.56
N THR A 81 -27.22 17.00 12.81
CA THR A 81 -27.10 18.34 13.47
C THR A 81 -25.70 18.41 14.11
N LEU A 82 -24.83 19.23 13.58
CA LEU A 82 -23.48 19.35 14.10
C LEU A 82 -23.45 20.54 14.99
N ILE A 83 -22.64 20.51 15.95
CA ILE A 83 -22.58 21.64 16.91
C ILE A 83 -21.13 21.94 17.28
N ASN A 84 -20.75 23.17 17.15
CA ASN A 84 -19.36 23.59 17.51
C ASN A 84 -19.46 24.52 18.71
N PRO A 85 -19.20 24.00 19.87
CA PRO A 85 -19.29 24.74 21.16
C PRO A 85 -18.53 26.07 21.16
N GLU A 86 -18.99 27.01 21.94
CA GLU A 86 -18.28 28.32 22.00
C GLU A 86 -16.87 28.12 22.58
N THR A 87 -16.66 27.10 23.37
CA THR A 87 -15.30 26.87 23.96
C THR A 87 -14.27 26.63 22.86
N ASN A 88 -14.68 26.03 21.77
CA ASN A 88 -13.71 25.74 20.67
C ASN A 88 -13.18 27.06 20.10
N THR A 89 -12.09 27.01 19.39
CA THR A 89 -11.52 28.26 18.81
C THR A 89 -11.31 28.15 17.28
N LEU A 90 -11.80 27.12 16.62
CA LEU A 90 -11.59 27.04 15.13
C LEU A 90 -12.91 26.67 14.42
N MET A 91 -13.24 27.36 13.35
CA MET A 91 -14.49 27.02 12.61
C MET A 91 -14.29 25.68 11.89
N HIS A 92 -15.30 24.84 11.86
CA HIS A 92 -15.16 23.53 11.17
C HIS A 92 -16.17 23.40 10.03
N ASN A 93 -16.49 22.19 9.70
CA ASN A 93 -17.46 21.89 8.60
C ASN A 93 -17.38 20.38 8.32
N ILE A 94 -18.39 19.78 7.72
CA ILE A 94 -18.32 18.31 7.46
C ILE A 94 -18.65 17.99 6.00
N ASP A 95 -17.80 17.22 5.36
CA ASP A 95 -18.05 16.82 3.94
C ASP A 95 -18.17 15.29 3.89
N PHE A 96 -19.34 14.77 3.63
CA PHE A 96 -19.51 13.29 3.59
C PHE A 96 -19.36 12.78 2.15
N HIS A 97 -18.36 12.00 1.91
CA HIS A 97 -18.14 11.43 0.55
C HIS A 97 -19.43 10.76 0.03
N ALA A 98 -20.26 10.23 0.91
CA ALA A 98 -21.51 9.55 0.46
C ALA A 98 -22.62 10.54 0.08
N ALA A 99 -22.34 11.82 0.04
CA ALA A 99 -23.38 12.81 -0.34
C ALA A 99 -23.04 13.39 -1.71
N THR A 100 -23.96 14.11 -2.31
CA THR A 100 -23.68 14.70 -3.65
C THR A 100 -24.12 16.17 -3.70
N GLY A 101 -23.18 17.07 -3.84
CA GLY A 101 -23.51 18.55 -3.93
C GLY A 101 -22.92 19.35 -2.75
N ALA A 102 -22.36 20.53 -3.01
CA ALA A 102 -21.80 21.35 -1.88
C ALA A 102 -20.53 20.72 -1.30
N LEU A 103 -19.61 20.30 -2.13
CA LEU A 103 -18.33 19.73 -1.61
C LEU A 103 -18.61 18.66 -0.57
N GLY A 104 -19.67 17.92 -0.75
CA GLY A 104 -20.00 16.84 0.23
C GLY A 104 -20.61 17.43 1.50
N GLY A 105 -21.23 18.57 1.40
CA GLY A 105 -21.86 19.20 2.61
C GLY A 105 -20.92 20.21 3.29
N GLY A 106 -19.67 20.32 2.90
CA GLY A 106 -18.75 21.29 3.56
C GLY A 106 -19.15 22.74 3.24
N GLY A 107 -19.66 22.99 2.05
CA GLY A 107 -20.04 24.39 1.68
C GLY A 107 -21.31 24.85 2.44
N LEU A 108 -22.02 23.96 3.07
CA LEU A 108 -23.27 24.39 3.80
C LEU A 108 -23.20 23.93 5.27
N THR A 109 -22.03 23.82 5.82
CA THR A 109 -21.89 23.40 7.24
C THR A 109 -20.73 24.14 7.95
N GLU A 110 -20.30 25.28 7.45
CA GLU A 110 -19.21 26.04 8.11
C GLU A 110 -19.78 26.67 9.37
N ILE A 111 -19.37 26.20 10.51
CA ILE A 111 -19.94 26.76 11.76
C ILE A 111 -18.81 27.18 12.68
N ASN A 112 -18.81 28.42 13.06
CA ASN A 112 -17.73 28.91 13.98
C ASN A 112 -18.17 28.69 15.42
N PRO A 113 -17.24 28.67 16.34
CA PRO A 113 -17.54 28.48 17.78
C PRO A 113 -18.85 29.16 18.20
N GLY A 114 -19.75 28.43 18.80
CA GLY A 114 -21.05 29.03 19.21
C GLY A 114 -22.10 28.87 18.10
N GLU A 115 -21.85 28.03 17.12
CA GLU A 115 -22.87 27.87 16.03
C GLU A 115 -23.09 26.38 15.67
N LYS A 116 -24.33 26.00 15.38
CA LYS A 116 -24.62 24.59 14.98
C LYS A 116 -25.58 24.59 13.77
N THR A 117 -25.51 23.61 12.91
CA THR A 117 -26.41 23.61 11.75
C THR A 117 -26.99 22.22 11.59
N ILE A 118 -27.73 22.04 10.56
CA ILE A 118 -28.34 20.71 10.30
C ILE A 118 -28.34 20.48 8.79
N LEU A 119 -27.66 19.47 8.34
CA LEU A 119 -27.61 19.21 6.87
C LEU A 119 -28.16 17.82 6.57
N ARG A 120 -29.05 17.74 5.63
CA ARG A 120 -29.64 16.41 5.27
C ARG A 120 -29.30 16.06 3.81
N PHE A 121 -28.87 14.84 3.57
CA PHE A 121 -28.53 14.41 2.19
C PHE A 121 -29.06 12.98 1.97
N LYS A 122 -29.47 12.69 0.77
CA LYS A 122 -30.00 11.34 0.44
C LYS A 122 -28.84 10.39 0.15
N ALA A 123 -28.82 9.29 0.82
CA ALA A 123 -27.76 8.28 0.63
C ALA A 123 -28.16 7.49 -0.58
N THR A 124 -27.68 7.91 -1.69
CA THR A 124 -28.12 7.25 -2.98
C THR A 124 -27.21 6.08 -3.41
N LYS A 125 -26.08 5.89 -2.80
CA LYS A 125 -25.19 4.78 -3.21
C LYS A 125 -24.81 3.96 -1.99
N PRO A 126 -24.80 2.68 -2.13
CA PRO A 126 -24.47 1.75 -1.02
C PRO A 126 -22.95 1.52 -0.85
N GLY A 127 -22.47 1.56 0.36
CA GLY A 127 -21.01 1.33 0.56
C GLY A 127 -20.47 2.23 1.67
N VAL A 128 -19.39 1.81 2.30
CA VAL A 128 -18.79 2.61 3.37
C VAL A 128 -18.13 3.82 2.73
N PHE A 129 -18.14 4.92 3.40
CA PHE A 129 -17.54 6.12 2.81
C PHE A 129 -16.93 6.93 3.93
N VAL A 130 -15.89 7.65 3.66
CA VAL A 130 -15.26 8.45 4.77
C VAL A 130 -15.75 9.93 4.81
N TYR A 131 -16.17 10.41 5.97
CA TYR A 131 -16.59 11.82 6.11
C TYR A 131 -15.44 12.54 6.82
N HIS A 132 -15.29 13.82 6.61
CA HIS A 132 -14.15 14.53 7.26
C HIS A 132 -14.34 16.05 7.18
N CYS A 133 -13.94 16.78 8.19
CA CYS A 133 -14.09 18.26 8.17
C CYS A 133 -13.09 18.84 7.18
N ALA A 134 -13.43 19.90 6.50
CA ALA A 134 -12.47 20.45 5.51
C ALA A 134 -12.71 21.92 5.25
N PRO A 135 -12.39 22.75 6.19
CA PRO A 135 -12.54 24.23 6.06
C PRO A 135 -11.62 24.78 4.97
N PRO A 136 -12.18 25.46 4.01
CA PRO A 136 -11.41 26.03 2.87
C PRO A 136 -10.05 26.61 3.28
N GLY A 137 -8.97 26.08 2.74
CA GLY A 137 -7.62 26.63 3.08
C GLY A 137 -6.93 25.83 4.22
N MET A 138 -7.64 25.05 4.98
CA MET A 138 -6.98 24.30 6.08
C MET A 138 -7.54 22.89 6.12
N VAL A 139 -7.79 22.34 4.97
CA VAL A 139 -8.36 20.96 4.91
C VAL A 139 -7.41 19.94 5.56
N PRO A 140 -6.25 19.72 4.98
CA PRO A 140 -5.25 18.74 5.47
C PRO A 140 -4.97 18.85 6.97
N TRP A 141 -5.03 20.03 7.51
CA TRP A 141 -4.75 20.17 8.97
C TRP A 141 -5.90 19.59 9.80
N HIS A 142 -7.10 19.96 9.47
CA HIS A 142 -8.28 19.45 10.22
C HIS A 142 -8.39 17.92 10.11
N VAL A 143 -8.07 17.36 8.98
CA VAL A 143 -8.19 15.88 8.82
C VAL A 143 -7.07 15.18 9.60
N VAL A 144 -5.86 15.62 9.44
CA VAL A 144 -4.73 14.97 10.15
C VAL A 144 -4.93 15.11 11.67
N SER A 145 -5.56 16.18 12.09
CA SER A 145 -5.78 16.37 13.55
C SER A 145 -6.77 15.32 14.09
N GLY A 146 -7.30 14.50 13.22
CA GLY A 146 -8.26 13.45 13.69
C GLY A 146 -9.72 13.91 13.47
N MET A 147 -9.98 14.78 12.52
CA MET A 147 -11.38 15.22 12.28
C MET A 147 -11.96 14.45 11.08
N ASN A 148 -12.15 13.18 11.23
CA ASN A 148 -12.70 12.37 10.11
C ASN A 148 -13.14 10.99 10.63
N GLY A 149 -14.14 10.44 10.02
CA GLY A 149 -14.67 9.09 10.44
C GLY A 149 -15.21 8.36 9.20
N ALA A 150 -16.37 7.74 9.29
CA ALA A 150 -16.93 7.03 8.10
C ALA A 150 -18.37 6.57 8.34
N ILE A 151 -19.18 6.57 7.32
CA ILE A 151 -20.59 6.11 7.47
C ILE A 151 -20.84 4.91 6.54
N MET A 152 -21.68 4.00 6.94
CA MET A 152 -21.96 2.80 6.08
C MET A 152 -23.41 2.80 5.60
N VAL A 153 -23.61 2.92 4.32
CA VAL A 153 -24.98 2.90 3.76
C VAL A 153 -25.19 1.51 3.23
N LEU A 154 -25.89 0.71 3.95
CA LEU A 154 -26.03 -0.72 3.52
C LEU A 154 -27.22 -0.92 2.58
N PRO A 155 -27.05 -1.75 1.57
CA PRO A 155 -28.14 -2.07 0.63
C PRO A 155 -29.44 -2.40 1.39
N ARG A 156 -30.56 -1.98 0.89
CA ARG A 156 -31.85 -2.25 1.60
C ARG A 156 -31.99 -3.74 1.91
N GLU A 157 -31.46 -4.58 1.06
CA GLU A 157 -31.57 -6.06 1.30
C GLU A 157 -30.34 -6.62 2.04
N GLY A 158 -29.52 -5.78 2.63
CA GLY A 158 -28.33 -6.30 3.36
C GLY A 158 -27.16 -6.47 2.39
N LEU A 159 -26.12 -7.15 2.82
CA LEU A 159 -24.95 -7.36 1.92
C LEU A 159 -24.95 -8.78 1.34
N HIS A 160 -24.49 -8.94 0.12
CA HIS A 160 -24.44 -10.27 -0.51
C HIS A 160 -23.10 -10.42 -1.24
N ASP A 161 -22.72 -11.61 -1.58
CA ASP A 161 -21.43 -11.82 -2.29
C ASP A 161 -21.56 -11.43 -3.77
N GLY A 162 -20.69 -11.92 -4.62
CA GLY A 162 -20.76 -11.57 -6.07
C GLY A 162 -21.84 -12.42 -6.78
N LYS A 163 -22.22 -13.54 -6.22
CA LYS A 163 -23.26 -14.40 -6.90
C LYS A 163 -24.67 -14.13 -6.32
N GLY A 164 -24.83 -13.16 -5.46
CA GLY A 164 -26.20 -12.88 -4.89
C GLY A 164 -26.42 -13.55 -3.50
N LYS A 165 -25.57 -14.44 -3.06
CA LYS A 165 -25.76 -15.09 -1.75
C LYS A 165 -25.71 -14.05 -0.64
N ALA A 166 -26.60 -14.14 0.30
CA ALA A 166 -26.61 -13.14 1.42
C ALA A 166 -25.44 -13.38 2.40
N LEU A 167 -24.77 -12.33 2.78
CA LEU A 167 -23.64 -12.40 3.74
C LEU A 167 -24.06 -11.58 4.96
N THR A 168 -24.36 -12.24 6.03
CA THR A 168 -24.85 -11.55 7.23
C THR A 168 -23.80 -11.68 8.29
N TYR A 169 -23.43 -10.60 8.84
CA TYR A 169 -22.35 -10.63 9.87
C TYR A 169 -22.95 -10.61 11.28
N ASP A 170 -22.36 -11.34 12.20
CA ASP A 170 -22.86 -11.35 13.60
C ASP A 170 -22.38 -10.09 14.35
N LYS A 171 -21.25 -9.54 13.97
CA LYS A 171 -20.73 -8.33 14.67
C LYS A 171 -19.96 -7.48 13.68
N ILE A 172 -19.88 -6.20 13.92
CA ILE A 172 -19.13 -5.30 12.99
C ILE A 172 -18.35 -4.26 13.80
N TYR A 173 -17.11 -4.06 13.46
CA TYR A 173 -16.28 -3.06 14.16
C TYR A 173 -15.74 -2.07 13.14
N TYR A 174 -15.54 -0.85 13.56
CA TYR A 174 -15.02 0.19 12.62
C TYR A 174 -13.66 0.67 13.13
N VAL A 175 -12.64 0.43 12.37
CA VAL A 175 -11.27 0.84 12.78
C VAL A 175 -10.80 2.00 11.90
N GLY A 176 -10.83 3.19 12.41
CA GLY A 176 -10.38 4.37 11.65
C GLY A 176 -8.88 4.55 11.89
N GLU A 177 -8.14 4.65 10.85
CA GLU A 177 -6.68 4.79 10.96
C GLU A 177 -6.38 6.26 10.81
N GLN A 178 -5.40 6.72 11.51
CA GLN A 178 -5.10 8.18 11.42
C GLN A 178 -3.60 8.41 11.41
N ASP A 179 -3.10 9.04 10.37
CA ASP A 179 -1.64 9.34 10.31
C ASP A 179 -1.40 10.76 10.85
N PHE A 180 -0.68 10.90 11.93
CA PHE A 180 -0.43 12.23 12.48
C PHE A 180 0.92 12.75 12.00
N TYR A 181 1.23 13.93 12.37
CA TYR A 181 2.51 14.57 11.98
C TYR A 181 2.88 15.51 13.11
N VAL A 182 3.55 15.00 14.09
CA VAL A 182 3.86 15.82 15.29
C VAL A 182 5.23 16.44 15.15
N PRO A 183 5.29 17.72 15.34
CA PRO A 183 6.58 18.48 15.24
C PRO A 183 7.56 18.13 16.39
N ARG A 184 8.83 17.96 16.07
CA ARG A 184 9.85 17.64 17.11
C ARG A 184 10.90 18.75 17.13
N ASP A 185 11.49 19.01 18.25
CA ASP A 185 12.52 20.09 18.33
C ASP A 185 13.81 19.62 17.67
N GLU A 186 14.91 20.27 17.96
CA GLU A 186 16.21 19.86 17.35
C GLU A 186 16.73 18.56 17.98
N ASN A 187 16.43 18.31 19.23
CA ASN A 187 16.92 17.06 19.89
C ASN A 187 16.07 15.83 19.55
N GLY A 188 15.01 15.98 18.77
CA GLY A 188 14.17 14.80 18.43
C GLY A 188 13.02 14.59 19.45
N LYS A 189 12.75 15.53 20.32
CA LYS A 189 11.64 15.37 21.30
C LYS A 189 10.37 16.03 20.76
N TYR A 190 9.26 15.35 20.84
CA TYR A 190 7.99 15.91 20.34
C TYR A 190 7.74 17.23 21.05
N LYS A 191 7.20 18.17 20.36
CA LYS A 191 6.94 19.50 20.99
C LYS A 191 5.44 19.64 21.34
N LYS A 192 5.16 20.29 22.44
CA LYS A 192 3.75 20.50 22.84
C LYS A 192 3.45 21.99 22.73
N TYR A 193 2.22 22.34 22.64
CA TYR A 193 1.87 23.77 22.51
C TYR A 193 0.70 24.07 23.42
N GLU A 194 0.35 25.30 23.51
CA GLU A 194 -0.78 25.70 24.39
C GLU A 194 -2.11 25.59 23.63
N ALA A 195 -2.19 26.10 22.42
CA ALA A 195 -3.46 26.02 21.67
C ALA A 195 -3.24 25.28 20.37
N PRO A 196 -4.29 25.04 19.65
CA PRO A 196 -4.24 24.32 18.34
C PRO A 196 -3.56 25.13 17.22
N GLY A 197 -3.74 26.43 17.18
CA GLY A 197 -3.10 27.24 16.09
C GLY A 197 -1.60 27.39 16.33
N ASP A 198 -1.17 27.40 17.55
CA ASP A 198 0.29 27.57 17.84
C ASP A 198 1.11 26.48 17.13
N ALA A 199 0.53 25.35 16.86
CA ALA A 199 1.30 24.25 16.18
C ALA A 199 0.90 24.12 14.70
N TYR A 200 0.35 25.14 14.11
CA TYR A 200 -0.03 25.06 12.66
C TYR A 200 1.21 25.13 11.72
N GLU A 201 2.11 26.07 11.91
CA GLU A 201 3.28 26.17 10.98
C GLU A 201 4.20 24.96 11.14
N ASP A 202 4.51 24.61 12.36
CA ASP A 202 5.42 23.45 12.58
C ASP A 202 4.78 22.16 12.08
N THR A 203 3.49 22.03 12.19
CA THR A 203 2.82 20.79 11.73
C THR A 203 2.84 20.74 10.21
N VAL A 204 2.52 21.82 9.57
CA VAL A 204 2.54 21.84 8.08
C VAL A 204 3.91 21.37 7.59
N LYS A 205 4.95 21.86 8.19
CA LYS A 205 6.31 21.43 7.76
C LYS A 205 6.40 19.91 7.81
N VAL A 206 5.96 19.31 8.88
CA VAL A 206 6.01 17.83 8.99
C VAL A 206 5.09 17.18 7.94
N MET A 207 3.92 17.73 7.74
CA MET A 207 2.98 17.14 6.73
C MET A 207 3.60 17.18 5.33
N ARG A 208 4.33 18.20 4.99
CA ARG A 208 4.94 18.30 3.64
C ARG A 208 5.85 17.10 3.41
N THR A 209 6.55 16.69 4.42
CA THR A 209 7.48 15.53 4.27
C THR A 209 6.71 14.26 3.84
N LEU A 210 5.40 14.26 3.91
CA LEU A 210 4.63 13.05 3.52
C LEU A 210 5.06 11.87 4.37
N THR A 211 5.55 12.11 5.56
CA THR A 211 5.99 10.98 6.43
C THR A 211 5.38 11.18 7.82
N PRO A 212 4.36 10.42 8.13
CA PRO A 212 3.66 10.53 9.46
C PRO A 212 4.51 10.02 10.64
N THR A 213 4.62 10.79 11.70
CA THR A 213 5.41 10.33 12.87
C THR A 213 4.67 9.17 13.57
N HIS A 214 3.36 9.08 13.43
CA HIS A 214 2.62 7.98 14.09
C HIS A 214 1.37 7.64 13.26
N VAL A 215 1.15 6.37 13.03
CA VAL A 215 -0.04 5.95 12.25
C VAL A 215 -0.77 5.00 13.14
N VAL A 216 -1.94 5.30 13.55
CA VAL A 216 -2.56 4.36 14.52
C VAL A 216 -4.03 4.15 14.27
N PHE A 217 -4.60 3.35 15.11
CA PHE A 217 -6.06 3.07 14.98
C PHE A 217 -6.78 3.46 16.27
N ASN A 218 -7.91 4.09 16.16
CA ASN A 218 -8.66 4.51 17.39
C ASN A 218 -8.09 5.80 18.02
N GLY A 219 -7.11 6.43 17.39
CA GLY A 219 -6.54 7.68 17.97
C GLY A 219 -5.32 7.45 18.93
N ALA A 220 -4.69 6.30 18.98
CA ALA A 220 -3.51 6.16 19.90
C ALA A 220 -2.79 4.81 19.70
N VAL A 221 -1.48 4.81 19.72
CA VAL A 221 -0.75 3.52 19.55
C VAL A 221 -1.21 2.55 20.65
N GLY A 222 -1.61 1.37 20.28
CA GLY A 222 -2.11 0.40 21.31
C GLY A 222 -3.57 0.69 21.76
N ALA A 223 -4.35 1.46 21.01
CA ALA A 223 -5.75 1.72 21.44
C ALA A 223 -6.64 0.46 21.27
N LEU A 224 -6.32 -0.44 20.36
CA LEU A 224 -7.17 -1.64 20.16
C LEU A 224 -6.37 -2.91 20.46
N THR A 225 -5.45 -2.83 21.37
CA THR A 225 -4.62 -4.03 21.71
C THR A 225 -4.60 -4.19 23.23
N GLY A 226 -4.35 -5.39 23.71
CA GLY A 226 -4.29 -5.63 25.17
C GLY A 226 -5.71 -5.89 25.68
N ASP A 227 -6.14 -5.15 26.66
CA ASP A 227 -7.53 -5.34 27.19
C ASP A 227 -8.56 -4.73 26.23
N LYS A 228 -8.14 -3.88 25.32
CA LYS A 228 -9.12 -3.25 24.38
C LYS A 228 -9.13 -4.00 23.04
N ALA A 229 -8.56 -5.18 22.98
CA ALA A 229 -8.54 -5.93 21.70
C ALA A 229 -9.98 -6.37 21.35
N MET A 230 -10.37 -6.23 20.10
CA MET A 230 -11.74 -6.63 19.74
C MET A 230 -11.97 -8.05 20.24
N THR A 231 -13.01 -8.65 19.79
CA THR A 231 -13.32 -10.05 20.21
C THR A 231 -14.14 -10.76 19.10
N ALA A 232 -14.00 -12.07 19.02
CA ALA A 232 -14.72 -12.89 18.02
C ALA A 232 -14.56 -14.36 18.39
N ALA A 233 -15.54 -15.19 18.12
CA ALA A 233 -15.42 -16.62 18.48
C ALA A 233 -15.48 -17.48 17.22
N VAL A 234 -14.80 -18.59 17.23
CA VAL A 234 -14.79 -19.48 16.05
C VAL A 234 -16.21 -19.67 15.57
N GLY A 235 -16.42 -19.53 14.30
CA GLY A 235 -17.80 -19.68 13.75
C GLY A 235 -18.54 -18.32 13.69
N GLU A 236 -17.91 -17.25 14.12
CA GLU A 236 -18.58 -15.92 14.10
C GLU A 236 -18.15 -15.17 12.83
N LYS A 237 -19.08 -14.49 12.23
CA LYS A 237 -18.80 -13.73 11.00
C LYS A 237 -18.66 -12.28 11.42
N VAL A 238 -17.62 -11.65 11.04
CA VAL A 238 -17.44 -10.26 11.50
C VAL A 238 -17.02 -9.35 10.36
N LEU A 239 -17.66 -8.23 10.25
CA LEU A 239 -17.33 -7.25 9.20
C LEU A 239 -16.46 -6.16 9.82
N ILE A 240 -15.33 -5.88 9.24
CA ILE A 240 -14.42 -4.86 9.79
C ILE A 240 -14.28 -3.70 8.80
N VAL A 241 -14.92 -2.62 9.10
CA VAL A 241 -14.86 -1.43 8.23
C VAL A 241 -13.63 -0.64 8.61
N HIS A 242 -12.90 -0.20 7.65
CA HIS A 242 -11.66 0.55 7.95
C HIS A 242 -11.64 1.78 7.07
N SER A 243 -11.20 2.87 7.61
CA SER A 243 -11.16 4.13 6.82
C SER A 243 -9.83 4.88 7.02
N GLN A 244 -9.45 5.61 6.02
CA GLN A 244 -8.21 6.44 6.02
C GLN A 244 -8.56 7.67 5.18
N ALA A 245 -8.78 8.77 5.83
CA ALA A 245 -9.24 10.00 5.09
C ALA A 245 -8.12 10.78 4.38
N ASN A 246 -6.89 10.45 4.61
CA ASN A 246 -5.79 11.21 3.94
C ASN A 246 -4.47 10.39 3.90
N ARG A 247 -4.56 9.11 3.66
CA ARG A 247 -3.32 8.27 3.59
C ARG A 247 -3.69 6.85 3.11
N ASP A 248 -2.98 6.28 2.16
CA ASP A 248 -3.35 4.89 1.71
C ASP A 248 -2.81 3.82 2.68
N THR A 249 -3.63 2.85 3.06
CA THR A 249 -3.16 1.78 3.96
C THR A 249 -3.33 0.44 3.25
N ARG A 250 -3.10 -0.61 3.96
CA ARG A 250 -3.24 -1.99 3.38
C ARG A 250 -3.52 -2.96 4.53
N PRO A 251 -4.77 -3.09 4.88
CA PRO A 251 -5.23 -3.95 6.00
C PRO A 251 -4.85 -5.42 5.84
N HIS A 252 -4.59 -6.08 6.94
CA HIS A 252 -4.23 -7.53 6.90
C HIS A 252 -4.47 -8.19 8.29
N LEU A 253 -5.34 -9.18 8.35
CA LEU A 253 -5.61 -9.90 9.63
C LEU A 253 -4.61 -11.04 9.76
N ILE A 254 -3.67 -10.87 10.64
CA ILE A 254 -2.61 -11.88 10.85
C ILE A 254 -3.26 -13.15 11.37
N GLY A 255 -3.07 -14.20 10.68
CA GLY A 255 -3.67 -15.49 11.10
C GLY A 255 -5.01 -15.73 10.38
N GLY A 256 -5.57 -14.72 9.75
CA GLY A 256 -6.86 -14.93 9.05
C GLY A 256 -6.78 -14.34 7.64
N HIS A 257 -7.90 -13.95 7.10
CA HIS A 257 -7.90 -13.37 5.73
C HIS A 257 -9.28 -12.75 5.44
N GLY A 258 -9.34 -11.84 4.53
CA GLY A 258 -10.64 -11.18 4.19
C GLY A 258 -11.39 -12.11 3.24
N ASP A 259 -12.34 -12.82 3.75
CA ASP A 259 -13.10 -13.77 2.89
C ASP A 259 -13.67 -13.00 1.72
N TYR A 260 -14.37 -11.96 2.03
CA TYR A 260 -14.96 -11.08 0.98
C TYR A 260 -14.57 -9.66 1.35
N VAL A 261 -13.94 -8.94 0.47
CA VAL A 261 -13.50 -7.57 0.86
C VAL A 261 -13.84 -6.54 -0.21
N TRP A 262 -14.77 -5.68 0.09
CA TRP A 262 -15.11 -4.58 -0.86
C TRP A 262 -14.02 -3.55 -0.67
N ALA A 263 -12.94 -3.75 -1.35
CA ALA A 263 -11.73 -2.87 -1.16
C ALA A 263 -12.10 -1.44 -1.42
N THR A 264 -12.82 -1.23 -2.45
CA THR A 264 -13.21 0.16 -2.82
C THR A 264 -14.27 0.69 -1.85
N GLY A 265 -14.81 -0.15 -1.01
CA GLY A 265 -15.86 0.33 -0.04
C GLY A 265 -17.23 0.58 -0.74
N LYS A 266 -17.44 0.00 -1.89
CA LYS A 266 -18.72 0.17 -2.62
C LYS A 266 -19.38 -1.21 -2.71
N PHE A 267 -20.60 -1.31 -2.34
CA PHE A 267 -21.28 -2.65 -2.36
C PHE A 267 -21.59 -3.07 -3.80
N ASN A 268 -21.97 -2.14 -4.62
CA ASN A 268 -22.30 -2.48 -6.04
C ASN A 268 -21.09 -3.15 -6.69
N THR A 269 -19.92 -2.77 -6.30
CA THR A 269 -18.70 -3.37 -6.90
C THR A 269 -18.42 -4.71 -6.22
N PRO A 270 -18.44 -5.76 -6.99
CA PRO A 270 -18.21 -7.14 -6.45
C PRO A 270 -17.04 -7.19 -5.45
N PRO A 271 -17.19 -7.89 -4.35
CA PRO A 271 -16.10 -7.97 -3.32
C PRO A 271 -14.99 -8.99 -3.64
N ASP A 272 -13.73 -8.58 -3.74
CA ASP A 272 -12.67 -9.58 -4.00
C ASP A 272 -12.87 -10.70 -3.00
N VAL A 273 -12.17 -11.78 -3.14
CA VAL A 273 -12.37 -12.90 -2.17
C VAL A 273 -11.02 -13.59 -1.86
N ASP A 274 -10.91 -14.13 -0.68
CA ASP A 274 -9.66 -14.84 -0.29
C ASP A 274 -8.56 -13.82 -0.32
N GLN A 275 -8.74 -12.74 0.40
CA GLN A 275 -7.68 -11.68 0.35
C GLN A 275 -6.71 -11.75 1.55
N GLU A 276 -5.41 -11.80 1.29
CA GLU A 276 -4.43 -11.79 2.42
C GLU A 276 -4.20 -10.33 2.90
N THR A 277 -4.14 -9.38 1.99
CA THR A 277 -3.91 -7.96 2.36
C THR A 277 -4.61 -7.10 1.32
N TRP A 278 -5.50 -6.27 1.73
CA TRP A 278 -6.25 -5.45 0.74
C TRP A 278 -5.57 -4.10 0.59
N PHE A 279 -6.24 -3.18 -0.01
CA PHE A 279 -5.65 -1.83 -0.20
C PHE A 279 -6.75 -0.75 -0.26
N ILE A 280 -6.72 0.18 0.66
CA ILE A 280 -7.71 1.28 0.68
C ILE A 280 -6.96 2.59 0.50
N PRO A 281 -7.23 3.28 -0.57
CA PRO A 281 -6.53 4.55 -0.91
C PRO A 281 -6.95 5.75 -0.05
N GLY A 282 -5.99 6.52 0.41
CA GLY A 282 -6.32 7.71 1.21
C GLY A 282 -7.59 8.33 0.64
N GLY A 283 -8.45 8.78 1.49
CA GLY A 283 -9.73 9.37 1.04
C GLY A 283 -10.76 8.26 0.75
N ALA A 284 -10.71 7.15 1.45
CA ALA A 284 -11.73 6.09 1.15
C ALA A 284 -11.84 5.05 2.27
N ALA A 285 -13.01 4.50 2.48
CA ALA A 285 -13.17 3.45 3.54
C ALA A 285 -13.64 2.13 2.89
N GLY A 286 -13.06 1.02 3.27
CA GLY A 286 -13.48 -0.28 2.66
C GLY A 286 -14.13 -1.15 3.72
N ALA A 287 -14.31 -2.42 3.44
CA ALA A 287 -14.95 -3.33 4.42
C ALA A 287 -14.58 -4.78 4.11
N ALA A 288 -14.22 -5.54 5.10
CA ALA A 288 -13.85 -6.96 4.88
C ALA A 288 -14.71 -7.84 5.79
N PHE A 289 -15.18 -8.94 5.28
CA PHE A 289 -16.03 -9.85 6.08
C PHE A 289 -15.32 -11.19 6.20
N TYR A 290 -15.14 -11.69 7.38
CA TYR A 290 -14.41 -12.97 7.52
C TYR A 290 -14.99 -13.80 8.67
N THR A 291 -15.11 -15.07 8.44
CA THR A 291 -15.62 -16.00 9.48
C THR A 291 -14.42 -16.63 10.18
N PHE A 292 -14.31 -16.39 11.45
CA PHE A 292 -13.15 -16.92 12.22
C PHE A 292 -13.24 -18.43 12.32
N GLN A 293 -12.14 -19.09 12.11
CA GLN A 293 -12.12 -20.59 12.20
C GLN A 293 -11.14 -21.09 13.28
N GLN A 294 -10.27 -20.24 13.81
CA GLN A 294 -9.31 -20.71 14.85
C GLN A 294 -9.27 -19.72 16.00
N PRO A 295 -9.22 -20.22 17.20
CA PRO A 295 -9.18 -19.38 18.44
C PRO A 295 -7.76 -18.94 18.78
N GLY A 296 -7.65 -17.86 19.48
CA GLY A 296 -6.29 -17.37 19.85
C GLY A 296 -6.22 -15.86 19.62
N ILE A 297 -5.06 -15.29 19.71
CA ILE A 297 -4.92 -13.83 19.50
C ILE A 297 -4.42 -13.55 18.06
N TYR A 298 -5.10 -12.68 17.36
CA TYR A 298 -4.68 -12.34 15.97
C TYR A 298 -4.48 -10.83 15.88
N ALA A 299 -3.46 -10.40 15.19
CA ALA A 299 -3.20 -8.95 15.07
C ALA A 299 -3.76 -8.49 13.74
N TYR A 300 -4.26 -7.30 13.69
CA TYR A 300 -4.83 -6.82 12.41
C TYR A 300 -4.22 -5.48 12.15
N VAL A 301 -3.46 -5.33 11.12
CA VAL A 301 -2.83 -4.00 10.99
C VAL A 301 -2.39 -3.69 9.57
N ASN A 302 -1.97 -2.48 9.41
CA ASN A 302 -1.48 -2.01 8.10
C ASN A 302 -0.26 -2.83 7.81
N HIS A 303 -0.22 -3.42 6.67
CA HIS A 303 0.94 -4.30 6.40
C HIS A 303 2.18 -3.47 6.46
N ASN A 304 2.23 -2.34 5.82
CA ASN A 304 3.50 -1.58 6.03
C ASN A 304 4.01 -1.97 7.46
N LEU A 305 4.79 -3.03 7.58
CA LEU A 305 5.23 -3.52 8.92
C LEU A 305 5.76 -2.36 9.71
N ILE A 306 6.54 -1.57 9.09
CA ILE A 306 7.11 -0.38 9.80
C ILE A 306 5.97 0.45 10.35
N GLU A 307 5.01 0.76 9.51
CA GLU A 307 3.84 1.55 9.98
C GLU A 307 3.03 0.75 11.06
N ALA A 308 3.00 -0.55 10.98
CA ALA A 308 2.21 -1.34 11.99
C ALA A 308 3.00 -1.64 13.30
N PHE A 309 4.31 -1.74 13.29
CA PHE A 309 5.01 -2.06 14.56
C PHE A 309 5.83 -0.88 15.06
N GLU A 310 6.40 -0.13 14.17
CA GLU A 310 7.22 1.04 14.59
C GLU A 310 6.38 2.33 14.73
N LEU A 311 5.30 2.48 13.99
CA LEU A 311 4.51 3.75 14.10
C LEU A 311 3.36 3.54 15.08
N GLY A 312 2.66 2.46 14.94
CA GLY A 312 1.51 2.18 15.85
C GLY A 312 0.23 1.78 15.06
N ALA A 313 0.34 1.14 13.92
CA ALA A 313 -0.89 0.74 13.18
C ALA A 313 -1.14 -0.77 13.38
N ALA A 314 -1.39 -1.21 14.60
CA ALA A 314 -1.63 -2.66 14.81
C ALA A 314 -2.58 -2.90 16.00
N ALA A 315 -3.70 -3.54 15.76
CA ALA A 315 -4.65 -3.83 16.87
C ALA A 315 -4.67 -5.34 17.05
N HIS A 316 -5.49 -5.85 17.93
CA HIS A 316 -5.50 -7.34 18.10
C HIS A 316 -6.90 -7.87 18.47
N PHE A 317 -7.31 -8.96 17.84
CA PHE A 317 -8.65 -9.56 18.18
C PHE A 317 -8.45 -10.90 18.95
N LYS A 318 -9.09 -11.03 20.10
CA LYS A 318 -8.99 -12.25 20.91
C LYS A 318 -10.18 -13.08 20.51
N VAL A 319 -9.94 -14.30 20.20
CA VAL A 319 -11.04 -15.15 19.73
C VAL A 319 -11.11 -16.39 20.57
N THR A 320 -12.28 -16.77 20.92
CA THR A 320 -12.45 -17.99 21.76
C THR A 320 -13.03 -19.13 20.92
N GLY A 321 -12.82 -20.36 21.32
CA GLY A 321 -13.37 -21.50 20.53
C GLY A 321 -12.43 -22.70 20.62
N GLU A 322 -12.62 -23.66 19.75
CA GLU A 322 -11.75 -24.87 19.77
C GLU A 322 -10.81 -24.82 18.56
N TRP A 323 -9.58 -25.17 18.79
CA TRP A 323 -8.58 -25.16 17.70
C TRP A 323 -8.93 -26.25 16.71
N ASN A 324 -8.54 -26.05 15.50
CA ASN A 324 -8.82 -27.04 14.43
C ASN A 324 -7.50 -27.48 13.85
N ASP A 325 -7.08 -28.67 14.16
CA ASP A 325 -5.77 -29.16 13.67
C ASP A 325 -5.81 -29.33 12.16
N ASP A 326 -6.92 -29.73 11.64
CA ASP A 326 -7.03 -29.92 10.16
C ASP A 326 -6.48 -28.68 9.46
N LEU A 327 -6.87 -27.53 9.90
CA LEU A 327 -6.39 -26.27 9.29
C LEU A 327 -4.91 -26.06 9.61
N MET A 328 -4.46 -26.33 10.82
CA MET A 328 -3.03 -26.10 11.12
C MET A 328 -2.63 -26.86 12.37
N THR A 329 -1.51 -27.53 12.34
CA THR A 329 -1.07 -28.28 13.55
C THR A 329 0.47 -28.32 13.64
N SER A 330 1.03 -28.08 14.80
CA SER A 330 2.52 -28.13 14.95
C SER A 330 2.93 -29.59 15.08
N VAL A 331 3.39 -30.18 14.02
CA VAL A 331 3.79 -31.61 14.08
C VAL A 331 4.94 -31.75 15.04
N LEU A 332 5.92 -30.92 14.89
CA LEU A 332 7.08 -30.97 15.82
C LEU A 332 7.31 -29.57 16.43
N ALA A 333 6.98 -29.39 17.69
CA ALA A 333 7.18 -28.05 18.32
C ALA A 333 8.66 -27.72 18.34
N PRO A 334 9.00 -26.46 18.37
CA PRO A 334 10.40 -26.00 18.40
C PRO A 334 11.26 -26.79 19.40
N SER A 335 12.30 -27.42 18.95
CA SER A 335 13.15 -28.21 19.89
C SER A 335 14.50 -28.46 19.25
N GLY A 336 15.45 -28.90 20.03
CA GLY A 336 16.81 -29.17 19.47
C GLY A 336 16.68 -29.97 18.17
N ALA B 1 -2.20 -8.65 -40.05
CA ALA B 1 -2.32 -8.04 -41.40
C ALA B 1 -0.93 -7.98 -42.06
N THR B 2 -0.87 -8.16 -43.35
CA THR B 2 0.44 -8.10 -44.04
C THR B 2 0.74 -6.66 -44.42
N ALA B 3 1.94 -6.40 -44.86
CA ALA B 3 2.30 -5.01 -45.24
C ALA B 3 1.35 -4.48 -46.33
N ALA B 4 1.03 -5.28 -47.31
CA ALA B 4 0.12 -4.81 -48.40
C ALA B 4 -1.23 -4.38 -47.81
N GLU B 5 -1.72 -5.12 -46.86
CA GLU B 5 -3.04 -4.76 -46.26
C GLU B 5 -2.91 -3.46 -45.47
N ILE B 6 -1.88 -3.35 -44.68
CA ILE B 6 -1.70 -2.10 -43.88
C ILE B 6 -1.55 -0.91 -44.82
N ALA B 7 -0.83 -1.07 -45.90
CA ALA B 7 -0.63 0.06 -46.86
C ALA B 7 -1.97 0.48 -47.50
N ALA B 8 -2.90 -0.44 -47.66
CA ALA B 8 -4.21 -0.08 -48.31
C ALA B 8 -5.22 0.50 -47.29
N LEU B 9 -4.88 0.64 -46.04
CA LEU B 9 -5.87 1.21 -45.06
C LEU B 9 -5.87 2.75 -45.14
N PRO B 10 -7.02 3.35 -44.97
CA PRO B 10 -7.16 4.85 -45.01
C PRO B 10 -6.33 5.56 -43.93
N ARG B 11 -5.69 6.65 -44.28
CA ARG B 11 -4.87 7.40 -43.28
C ARG B 11 -5.64 8.67 -42.89
N GLN B 12 -5.62 9.01 -41.64
CA GLN B 12 -6.33 10.22 -41.16
C GLN B 12 -5.41 11.02 -40.25
N LYS B 13 -5.05 12.20 -40.68
CA LYS B 13 -4.14 13.05 -39.88
C LYS B 13 -4.98 13.75 -38.84
N VAL B 14 -4.48 13.84 -37.66
CA VAL B 14 -5.27 14.49 -36.58
C VAL B 14 -4.46 15.61 -35.90
N GLU B 15 -5.05 16.77 -35.80
CA GLU B 15 -4.38 17.91 -35.14
C GLU B 15 -4.63 17.76 -33.65
N LEU B 16 -3.59 17.76 -32.89
CA LEU B 16 -3.76 17.56 -31.42
C LEU B 16 -3.99 18.90 -30.72
N VAL B 17 -4.69 18.87 -29.62
CA VAL B 17 -4.95 20.11 -28.88
C VAL B 17 -4.11 20.07 -27.60
N ASP B 18 -4.23 21.04 -26.77
CA ASP B 18 -3.42 21.01 -25.52
C ASP B 18 -4.31 20.68 -24.30
N PRO B 19 -3.90 19.75 -23.46
CA PRO B 19 -4.67 19.38 -22.26
C PRO B 19 -5.22 20.62 -21.54
N PRO B 20 -6.28 20.47 -20.78
CA PRO B 20 -6.95 19.15 -20.58
C PRO B 20 -7.92 18.78 -21.73
N PHE B 21 -8.02 19.61 -22.73
CA PHE B 21 -8.94 19.31 -23.86
C PHE B 21 -8.42 18.11 -24.63
N VAL B 22 -9.27 17.57 -25.46
CA VAL B 22 -8.91 16.40 -26.28
C VAL B 22 -9.35 16.68 -27.71
N HIS B 23 -8.58 16.24 -28.64
CA HIS B 23 -8.90 16.48 -30.07
C HIS B 23 -10.24 15.85 -30.42
N ALA B 24 -10.82 16.31 -31.47
CA ALA B 24 -12.13 15.76 -31.92
C ALA B 24 -11.97 14.30 -32.29
N HIS B 25 -12.94 13.51 -31.93
CA HIS B 25 -12.91 12.06 -32.22
C HIS B 25 -14.31 11.49 -31.97
N SER B 26 -14.62 10.37 -32.54
CA SER B 26 -15.96 9.78 -32.34
C SER B 26 -15.84 8.60 -31.39
N GLN B 27 -16.76 8.46 -30.50
CA GLN B 27 -16.68 7.33 -29.53
C GLN B 27 -16.74 6.06 -30.33
N VAL B 28 -17.81 5.88 -31.02
CA VAL B 28 -17.95 4.68 -31.89
C VAL B 28 -17.07 4.90 -33.13
N ALA B 29 -16.31 3.92 -33.50
CA ALA B 29 -15.40 4.06 -34.67
C ALA B 29 -16.22 4.23 -35.95
N GLU B 30 -15.81 5.13 -36.79
CA GLU B 30 -16.53 5.36 -38.08
C GLU B 30 -15.72 4.71 -39.20
N GLY B 31 -16.16 3.58 -39.69
CA GLY B 31 -15.41 2.89 -40.76
C GLY B 31 -14.53 1.80 -40.13
N GLY B 32 -13.76 1.09 -40.93
CA GLY B 32 -12.89 0.01 -40.38
C GLY B 32 -11.58 0.63 -39.85
N PRO B 33 -10.57 -0.19 -39.67
CA PRO B 33 -9.24 0.25 -39.16
C PRO B 33 -8.59 1.32 -40.03
N LYS B 34 -7.97 2.29 -39.42
CA LYS B 34 -7.29 3.38 -40.20
C LYS B 34 -5.99 3.83 -39.50
N VAL B 35 -4.96 4.08 -40.28
CA VAL B 35 -3.66 4.56 -39.74
C VAL B 35 -3.81 6.02 -39.36
N VAL B 36 -3.85 6.24 -38.09
CA VAL B 36 -4.01 7.59 -37.55
C VAL B 36 -2.65 8.20 -37.51
N GLU B 37 -2.59 9.40 -37.91
CA GLU B 37 -1.25 10.07 -37.97
C GLU B 37 -1.21 11.26 -37.02
N PHE B 38 -0.22 11.29 -36.18
CA PHE B 38 -0.06 12.44 -35.23
C PHE B 38 1.42 12.88 -35.20
N THR B 39 1.69 14.16 -35.15
CA THR B 39 3.11 14.62 -35.13
C THR B 39 3.32 15.53 -33.92
N MET B 40 4.34 15.28 -33.14
CA MET B 40 4.60 16.13 -31.95
C MET B 40 6.09 16.51 -31.85
N VAL B 41 6.37 17.78 -31.73
CA VAL B 41 7.76 18.26 -31.60
C VAL B 41 8.03 18.42 -30.11
N ILE B 42 9.15 17.99 -29.68
CA ILE B 42 9.48 18.06 -28.24
C ILE B 42 10.19 19.36 -27.97
N GLU B 43 9.82 20.03 -26.93
CA GLU B 43 10.50 21.34 -26.66
C GLU B 43 10.99 21.41 -25.22
N GLU B 44 12.28 21.38 -24.99
CA GLU B 44 12.78 21.50 -23.59
C GLU B 44 12.85 22.99 -23.23
N LYS B 45 11.96 23.49 -22.40
CA LYS B 45 12.02 24.92 -22.09
C LYS B 45 11.81 25.12 -20.61
N LYS B 46 11.68 26.33 -20.22
CA LYS B 46 11.45 26.64 -18.79
C LYS B 46 10.00 27.05 -18.55
N ILE B 47 9.35 26.39 -17.62
CA ILE B 47 7.94 26.71 -17.30
C ILE B 47 7.81 26.95 -15.79
N VAL B 48 6.90 27.79 -15.42
CA VAL B 48 6.69 28.11 -14.01
C VAL B 48 5.71 27.11 -13.50
N ILE B 49 5.83 26.76 -12.29
CA ILE B 49 4.89 25.72 -11.75
C ILE B 49 4.03 26.24 -10.59
N ASP B 50 4.34 27.36 -10.01
CA ASP B 50 3.51 27.85 -8.88
C ASP B 50 3.36 29.35 -8.98
N ASP B 51 2.74 29.95 -8.00
CA ASP B 51 2.54 31.42 -8.02
C ASP B 51 3.84 32.13 -7.62
N ALA B 52 4.66 31.49 -6.82
CA ALA B 52 5.94 32.13 -6.39
C ALA B 52 6.91 32.31 -7.58
N GLY B 53 6.67 31.65 -8.68
CA GLY B 53 7.61 31.80 -9.85
C GLY B 53 8.63 30.64 -9.92
N THR B 54 8.41 29.56 -9.20
CA THR B 54 9.35 28.42 -9.25
C THR B 54 9.46 27.98 -10.69
N GLU B 55 10.64 27.72 -11.15
CA GLU B 55 10.78 27.32 -12.59
C GLU B 55 11.43 25.94 -12.73
N VAL B 56 10.91 25.15 -13.64
CA VAL B 56 11.49 23.79 -13.90
C VAL B 56 11.74 23.59 -15.43
N HIS B 57 12.95 23.22 -15.80
CA HIS B 57 13.30 23.00 -17.22
C HIS B 57 12.53 21.79 -17.67
N ALA B 58 11.38 22.02 -18.18
CA ALA B 58 10.50 20.90 -18.59
C ALA B 58 10.85 20.37 -19.97
N MET B 59 10.64 19.10 -20.14
CA MET B 59 10.87 18.41 -21.43
C MET B 59 9.48 18.10 -21.83
N ALA B 60 9.01 18.69 -22.85
CA ALA B 60 7.58 18.50 -23.09
C ALA B 60 7.29 18.13 -24.49
N PHE B 61 6.55 17.10 -24.59
CA PHE B 61 6.09 16.65 -25.93
C PHE B 61 4.96 17.58 -26.38
N ASN B 62 5.08 18.20 -27.53
CA ASN B 62 4.00 19.14 -27.97
C ASN B 62 4.08 20.47 -27.18
N GLY B 63 5.16 20.73 -26.46
CA GLY B 63 5.27 21.99 -25.69
C GLY B 63 4.27 22.04 -24.52
N THR B 64 3.75 20.92 -24.05
CA THR B 64 2.79 21.04 -22.88
C THR B 64 2.90 19.84 -21.90
N VAL B 65 2.95 20.12 -20.59
CA VAL B 65 2.97 19.04 -19.59
C VAL B 65 1.58 18.98 -18.96
N PRO B 66 0.92 17.87 -19.08
CA PRO B 66 1.46 16.67 -19.76
C PRO B 66 1.19 16.68 -21.27
N GLY B 67 2.00 15.97 -22.02
CA GLY B 67 1.77 15.91 -23.48
C GLY B 67 0.28 15.83 -23.76
N PRO B 68 -0.09 15.90 -25.00
CA PRO B 68 -1.52 15.85 -25.42
C PRO B 68 -2.06 14.41 -25.47
N LEU B 69 -3.35 14.24 -25.27
CA LEU B 69 -3.93 12.87 -25.31
C LEU B 69 -4.35 12.49 -26.74
N MET B 70 -3.73 11.48 -27.31
CA MET B 70 -4.08 11.03 -28.66
C MET B 70 -5.19 10.02 -28.51
N VAL B 71 -6.09 9.99 -29.43
CA VAL B 71 -7.24 9.04 -29.29
C VAL B 71 -7.52 8.30 -30.61
N VAL B 72 -7.43 7.01 -30.56
CA VAL B 72 -7.73 6.16 -31.73
C VAL B 72 -8.59 4.98 -31.25
N HIS B 73 -9.00 4.11 -32.12
CA HIS B 73 -9.84 2.97 -31.70
C HIS B 73 -8.99 1.71 -31.68
N GLN B 74 -9.51 0.68 -31.10
CA GLN B 74 -8.76 -0.60 -31.03
C GLN B 74 -8.64 -1.18 -32.42
N ASP B 75 -7.48 -1.60 -32.78
CA ASP B 75 -7.27 -2.16 -34.14
C ASP B 75 -6.58 -1.12 -35.02
N ASP B 76 -6.93 0.14 -34.86
CA ASP B 76 -6.31 1.21 -35.68
C ASP B 76 -4.82 1.34 -35.31
N TYR B 77 -4.00 1.70 -36.26
CA TYR B 77 -2.55 1.85 -36.00
C TYR B 77 -2.23 3.34 -35.78
N LEU B 78 -1.49 3.61 -34.75
CA LEU B 78 -1.10 5.00 -34.41
C LEU B 78 0.29 5.23 -34.98
N GLU B 79 0.40 6.19 -35.83
CA GLU B 79 1.70 6.49 -36.48
C GLU B 79 2.09 7.85 -36.01
N LEU B 80 3.13 7.92 -35.27
CA LEU B 80 3.52 9.26 -34.72
C LEU B 80 4.89 9.73 -35.19
N THR B 81 4.91 10.85 -35.86
CA THR B 81 6.21 11.46 -36.31
C THR B 81 6.70 12.37 -35.17
N LEU B 82 7.77 12.00 -34.53
CA LEU B 82 8.29 12.76 -33.40
C LEU B 82 9.46 13.52 -33.92
N ILE B 83 9.62 14.68 -33.44
CA ILE B 83 10.73 15.54 -33.92
C ILE B 83 11.43 16.23 -32.76
N ASN B 84 12.71 16.07 -32.68
CA ASN B 84 13.52 16.70 -31.60
C ASN B 84 14.36 17.81 -32.26
N PRO B 85 13.89 19.01 -32.17
CA PRO B 85 14.53 20.21 -32.78
C PRO B 85 15.99 20.36 -32.41
N GLU B 86 16.76 20.94 -33.29
CA GLU B 86 18.21 21.14 -33.00
C GLU B 86 18.38 22.08 -31.79
N THR B 87 17.42 22.93 -31.52
CA THR B 87 17.55 23.87 -30.37
C THR B 87 17.66 23.08 -29.05
N ASN B 88 17.12 21.90 -28.99
CA ASN B 88 17.18 21.10 -27.74
C ASN B 88 18.62 20.62 -27.52
N THR B 89 18.92 20.14 -26.34
CA THR B 89 20.31 19.66 -26.06
C THR B 89 20.34 18.19 -25.55
N LEU B 90 19.23 17.47 -25.48
CA LEU B 90 19.31 16.05 -24.99
C LEU B 90 18.53 15.10 -25.91
N MET B 91 19.05 13.91 -26.15
CA MET B 91 18.33 12.94 -27.02
C MET B 91 17.13 12.39 -26.25
N HIS B 92 16.01 12.21 -26.90
CA HIS B 92 14.82 11.69 -26.20
C HIS B 92 14.39 10.34 -26.78
N ASN B 93 13.12 10.06 -26.68
CA ASN B 93 12.56 8.78 -27.20
C ASN B 93 11.14 8.62 -26.62
N ILE B 94 10.27 7.87 -27.27
CA ILE B 94 8.88 7.74 -26.71
C ILE B 94 8.52 6.25 -26.52
N ASP B 95 8.02 5.91 -25.36
CA ASP B 95 7.59 4.51 -25.09
C ASP B 95 6.09 4.51 -24.76
N PHE B 96 5.26 4.04 -25.65
CA PHE B 96 3.79 4.03 -25.39
C PHE B 96 3.38 2.71 -24.74
N HIS B 97 2.91 2.79 -23.53
CA HIS B 97 2.45 1.56 -22.80
C HIS B 97 1.43 0.78 -23.67
N ALA B 98 0.71 1.45 -24.54
CA ALA B 98 -0.32 0.73 -25.37
C ALA B 98 0.29 0.03 -26.60
N ALA B 99 1.59 -0.01 -26.72
CA ALA B 99 2.21 -0.69 -27.89
C ALA B 99 2.91 -1.96 -27.42
N THR B 100 3.29 -2.81 -28.32
CA THR B 100 3.97 -4.08 -27.90
C THR B 100 5.25 -4.32 -28.72
N GLY B 101 6.40 -4.25 -28.10
CA GLY B 101 7.70 -4.53 -28.81
C GLY B 101 8.66 -3.30 -28.79
N ALA B 102 9.93 -3.50 -28.49
CA ALA B 102 10.89 -2.34 -28.51
C ALA B 102 10.65 -1.42 -27.31
N LEU B 103 10.55 -1.99 -26.15
CA LEU B 103 10.35 -1.15 -24.93
C LEU B 103 9.23 -0.12 -25.16
N GLY B 104 8.17 -0.51 -25.80
CA GLY B 104 7.04 0.45 -26.04
C GLY B 104 7.43 1.48 -27.12
N GLY B 105 8.34 1.13 -27.98
CA GLY B 105 8.75 2.10 -29.06
C GLY B 105 9.96 2.95 -28.64
N GLY B 106 10.43 2.83 -27.43
CA GLY B 106 11.60 3.65 -26.99
C GLY B 106 12.89 3.14 -27.64
N GLY B 107 12.96 1.88 -27.99
CA GLY B 107 14.20 1.33 -28.61
C GLY B 107 14.29 1.71 -30.10
N LEU B 108 13.21 2.16 -30.69
CA LEU B 108 13.26 2.53 -32.15
C LEU B 108 12.90 4.02 -32.36
N THR B 109 13.01 4.83 -31.34
CA THR B 109 12.69 6.29 -31.49
C THR B 109 13.75 7.19 -30.81
N GLU B 110 14.94 6.70 -30.55
CA GLU B 110 15.98 7.54 -29.91
C GLU B 110 16.44 8.58 -30.94
N ILE B 111 16.12 9.81 -30.72
CA ILE B 111 16.51 10.85 -31.71
C ILE B 111 17.25 11.98 -31.02
N ASN B 112 18.40 12.30 -31.51
CA ASN B 112 19.18 13.40 -30.88
C ASN B 112 18.82 14.71 -31.56
N PRO B 113 19.06 15.81 -30.92
CA PRO B 113 18.76 17.16 -31.48
C PRO B 113 18.99 17.21 -32.99
N GLY B 114 18.02 17.67 -33.73
CA GLY B 114 18.18 17.73 -35.23
C GLY B 114 17.77 16.40 -35.88
N GLU B 115 17.03 15.55 -35.19
CA GLU B 115 16.61 14.26 -35.82
C GLU B 115 15.13 13.95 -35.52
N LYS B 116 14.42 13.37 -36.46
CA LYS B 116 12.98 13.03 -36.23
C LYS B 116 12.71 11.63 -36.82
N THR B 117 11.78 10.90 -36.27
CA THR B 117 11.49 9.55 -36.82
C THR B 117 9.99 9.36 -36.91
N ILE B 118 9.57 8.20 -37.30
CA ILE B 118 8.13 7.91 -37.42
C ILE B 118 7.88 6.47 -36.97
N LEU B 119 7.17 6.28 -35.91
CA LEU B 119 6.93 4.89 -35.42
C LEU B 119 5.43 4.57 -35.52
N ARG B 120 5.12 3.42 -36.04
CA ARG B 120 3.68 3.03 -36.17
C ARG B 120 3.43 1.71 -35.40
N PHE B 121 2.45 1.70 -34.55
CA PHE B 121 2.14 0.46 -33.77
C PHE B 121 0.63 0.20 -33.80
N LYS B 122 0.26 -1.04 -33.74
CA LYS B 122 -1.18 -1.42 -33.76
C LYS B 122 -1.72 -1.36 -32.34
N ALA B 123 -2.80 -0.67 -32.20
CA ALA B 123 -3.46 -0.50 -30.89
C ALA B 123 -4.30 -1.73 -30.71
N THR B 124 -3.74 -2.68 -30.08
CA THR B 124 -4.47 -4.00 -29.95
C THR B 124 -5.30 -4.13 -28.67
N LYS B 125 -5.20 -3.22 -27.75
CA LYS B 125 -5.99 -3.33 -26.50
C LYS B 125 -6.69 -2.01 -26.22
N PRO B 126 -7.92 -2.08 -25.78
CA PRO B 126 -8.72 -0.87 -25.47
C PRO B 126 -8.48 -0.32 -24.06
N GLY B 127 -8.28 0.97 -23.92
CA GLY B 127 -8.05 1.53 -22.56
C GLY B 127 -7.05 2.69 -22.61
N VAL B 128 -7.10 3.54 -21.62
CA VAL B 128 -6.17 4.70 -21.58
C VAL B 128 -4.83 4.18 -21.11
N PHE B 129 -3.78 4.72 -21.63
CA PHE B 129 -2.44 4.23 -21.24
C PHE B 129 -1.53 5.42 -21.18
N VAL B 130 -0.49 5.34 -20.44
CA VAL B 130 0.44 6.52 -20.35
C VAL B 130 1.72 6.35 -21.21
N TYR B 131 2.04 7.34 -22.04
CA TYR B 131 3.28 7.29 -22.84
C TYR B 131 4.30 8.19 -22.14
N HIS B 132 5.56 7.97 -22.34
CA HIS B 132 6.57 8.82 -21.64
C HIS B 132 7.97 8.55 -22.22
N CYS B 133 8.80 9.58 -22.33
CA CYS B 133 10.16 9.40 -22.88
C CYS B 133 11.02 8.64 -21.88
N ALA B 134 11.94 7.82 -22.32
CA ALA B 134 12.76 7.06 -21.35
C ALA B 134 14.12 6.69 -21.95
N PRO B 135 14.99 7.65 -22.09
CA PRO B 135 16.35 7.41 -22.63
C PRO B 135 17.19 6.55 -21.68
N PRO B 136 17.70 5.44 -22.14
CA PRO B 136 18.51 4.52 -21.30
C PRO B 136 19.50 5.25 -20.36
N GLY B 137 19.35 5.08 -19.06
CA GLY B 137 20.29 5.75 -18.11
C GLY B 137 19.70 7.06 -17.53
N MET B 138 18.68 7.63 -18.13
CA MET B 138 18.13 8.90 -17.59
C MET B 138 16.62 8.87 -17.73
N VAL B 139 16.04 7.75 -17.42
CA VAL B 139 14.55 7.62 -17.54
C VAL B 139 13.82 8.55 -16.56
N PRO B 140 13.92 8.26 -15.28
CA PRO B 140 13.24 9.03 -14.20
C PRO B 140 13.39 10.53 -14.34
N TRP B 141 14.52 10.97 -14.81
CA TRP B 141 14.73 12.44 -14.96
C TRP B 141 13.82 13.00 -16.05
N HIS B 142 13.82 12.37 -17.20
CA HIS B 142 12.97 12.86 -18.33
C HIS B 142 11.47 12.80 -17.96
N VAL B 143 11.04 11.79 -17.26
CA VAL B 143 9.59 11.68 -16.91
C VAL B 143 9.21 12.73 -15.87
N VAL B 144 10.01 12.87 -14.85
CA VAL B 144 9.69 13.87 -13.79
C VAL B 144 9.73 15.26 -14.39
N SER B 145 10.59 15.47 -15.35
CA SER B 145 10.68 16.81 -15.99
C SER B 145 9.38 17.15 -16.74
N GLY B 146 8.44 16.22 -16.80
CA GLY B 146 7.17 16.49 -17.51
C GLY B 146 7.19 15.89 -18.93
N MET B 147 7.97 14.86 -19.17
CA MET B 147 7.98 14.26 -20.54
C MET B 147 7.09 13.02 -20.54
N ASN B 148 5.80 13.21 -20.42
CA ASN B 148 4.87 12.05 -20.41
C ASN B 148 3.42 12.53 -20.55
N GLY B 149 2.60 11.74 -21.16
CA GLY B 149 1.16 12.10 -21.36
C GLY B 149 0.31 10.81 -21.35
N ALA B 150 -0.63 10.65 -22.25
CA ALA B 150 -1.44 9.41 -22.26
C ALA B 150 -2.34 9.34 -23.51
N ILE B 151 -2.55 8.16 -24.04
CA ILE B 151 -3.43 8.02 -25.24
C ILE B 151 -4.64 7.15 -24.88
N MET B 152 -5.75 7.34 -25.53
CA MET B 152 -6.95 6.53 -25.21
C MET B 152 -7.40 5.73 -26.45
N VAL B 153 -7.32 4.43 -26.38
CA VAL B 153 -7.74 3.56 -27.50
C VAL B 153 -9.13 3.10 -27.15
N LEU B 154 -10.12 3.67 -27.75
CA LEU B 154 -11.52 3.30 -27.36
C LEU B 154 -12.05 2.12 -28.17
N PRO B 155 -12.79 1.25 -27.52
CA PRO B 155 -13.42 0.09 -28.19
C PRO B 155 -14.14 0.53 -29.46
N ARG B 156 -14.02 -0.22 -30.52
CA ARG B 156 -14.68 0.17 -31.81
C ARG B 156 -16.15 0.51 -31.57
N GLU B 157 -16.78 -0.15 -30.64
CA GLU B 157 -18.22 0.12 -30.37
C GLU B 157 -18.41 1.17 -29.25
N GLY B 158 -17.39 1.93 -28.91
CA GLY B 158 -17.56 2.96 -27.84
C GLY B 158 -17.33 2.34 -26.47
N LEU B 159 -17.66 3.03 -25.43
CA LEU B 159 -17.47 2.47 -24.06
C LEU B 159 -18.80 1.94 -23.48
N HIS B 160 -18.75 0.82 -22.79
CA HIS B 160 -19.97 0.25 -22.17
C HIS B 160 -19.64 -0.13 -20.73
N ASP B 161 -20.62 -0.26 -19.90
CA ASP B 161 -20.38 -0.61 -18.47
C ASP B 161 -19.90 -2.07 -18.36
N GLY B 162 -19.94 -2.62 -17.18
CA GLY B 162 -19.49 -4.04 -17.00
C GLY B 162 -20.58 -5.07 -17.42
N LYS B 163 -21.76 -4.65 -17.80
CA LYS B 163 -22.81 -5.65 -18.20
C LYS B 163 -23.12 -5.54 -19.70
N GLY B 164 -22.53 -4.60 -20.40
CA GLY B 164 -22.81 -4.45 -21.87
C GLY B 164 -23.58 -3.15 -22.22
N LYS B 165 -24.10 -2.42 -21.26
CA LYS B 165 -24.86 -1.18 -21.57
C LYS B 165 -23.91 -0.15 -22.14
N ALA B 166 -24.36 0.63 -23.08
CA ALA B 166 -23.48 1.67 -23.69
C ALA B 166 -23.39 2.93 -22.79
N LEU B 167 -22.18 3.41 -22.60
CA LEU B 167 -21.94 4.63 -21.79
C LEU B 167 -21.34 5.66 -22.74
N THR B 168 -22.03 6.73 -22.97
CA THR B 168 -21.57 7.75 -23.92
C THR B 168 -21.38 9.01 -23.16
N TYR B 169 -20.24 9.57 -23.25
CA TYR B 169 -19.95 10.81 -22.47
C TYR B 169 -20.17 12.06 -23.35
N ASP B 170 -20.73 13.09 -22.78
CA ASP B 170 -20.95 14.34 -23.57
C ASP B 170 -19.61 15.09 -23.75
N LYS B 171 -18.75 15.04 -22.76
CA LYS B 171 -17.44 15.74 -22.87
C LYS B 171 -16.37 14.91 -22.17
N ILE B 172 -15.14 15.15 -22.48
CA ILE B 172 -14.03 14.38 -21.84
C ILE B 172 -12.81 15.28 -21.63
N TYR B 173 -12.24 15.24 -20.46
CA TYR B 173 -11.06 16.07 -20.15
C TYR B 173 -9.94 15.12 -19.70
N TYR B 174 -8.73 15.48 -19.99
CA TYR B 174 -7.58 14.61 -19.61
C TYR B 174 -6.69 15.38 -18.65
N VAL B 175 -6.65 14.96 -17.43
CA VAL B 175 -5.82 15.66 -16.42
C VAL B 175 -4.57 14.84 -16.10
N GLY B 176 -3.45 15.30 -16.57
CA GLY B 176 -2.17 14.60 -16.31
C GLY B 176 -1.56 15.17 -15.03
N GLU B 177 -1.22 14.32 -14.13
CA GLU B 177 -0.65 14.76 -12.85
C GLU B 177 0.83 14.61 -12.96
N GLN B 178 1.55 15.48 -12.36
CA GLN B 178 3.02 15.39 -12.48
C GLN B 178 3.69 15.74 -11.15
N ASP B 179 4.46 14.83 -10.63
CA ASP B 179 5.17 15.10 -9.34
C ASP B 179 6.58 15.60 -9.67
N PHE B 180 6.91 16.80 -9.29
CA PHE B 180 8.25 17.33 -9.58
C PHE B 180 9.11 17.18 -8.34
N TYR B 181 10.34 17.52 -8.49
CA TYR B 181 11.31 17.42 -7.37
C TYR B 181 12.27 18.58 -7.58
N VAL B 182 11.94 19.70 -7.03
CA VAL B 182 12.77 20.90 -7.26
C VAL B 182 13.75 21.13 -6.14
N PRO B 183 14.98 21.30 -6.49
CA PRO B 183 16.07 21.55 -5.49
C PRO B 183 15.88 22.90 -4.75
N ARG B 184 16.18 22.93 -3.47
CA ARG B 184 16.03 24.19 -2.70
C ARG B 184 17.40 24.56 -2.13
N ASP B 185 17.63 25.81 -1.91
CA ASP B 185 18.96 26.24 -1.37
C ASP B 185 18.97 26.08 0.15
N GLU B 186 19.85 26.77 0.82
CA GLU B 186 19.92 26.66 2.30
C GLU B 186 18.70 27.36 2.93
N ASN B 187 18.27 28.45 2.35
CA ASN B 187 17.10 29.19 2.92
C ASN B 187 15.77 28.43 2.64
N GLY B 188 15.83 27.26 2.06
CA GLY B 188 14.55 26.52 1.77
C GLY B 188 13.81 27.10 0.54
N LYS B 189 14.44 27.96 -0.22
CA LYS B 189 13.77 28.52 -1.43
C LYS B 189 14.16 27.69 -2.64
N TYR B 190 13.28 27.59 -3.59
CA TYR B 190 13.58 26.79 -4.80
C TYR B 190 14.75 27.42 -5.54
N LYS B 191 15.54 26.61 -6.18
CA LYS B 191 16.72 27.16 -6.92
C LYS B 191 16.45 27.15 -8.43
N LYS B 192 16.96 28.13 -9.14
CA LYS B 192 16.76 28.19 -10.59
C LYS B 192 18.11 27.97 -11.26
N TYR B 193 18.12 27.46 -12.44
CA TYR B 193 19.41 27.20 -13.11
C TYR B 193 19.38 27.81 -14.50
N GLU B 194 20.47 27.76 -15.18
CA GLU B 194 20.53 28.33 -16.55
C GLU B 194 20.14 27.26 -17.59
N ALA B 195 20.76 26.11 -17.53
CA ALA B 195 20.43 25.05 -18.50
C ALA B 195 19.93 23.80 -17.75
N PRO B 196 19.19 22.97 -18.43
CA PRO B 196 18.62 21.72 -17.83
C PRO B 196 19.69 20.82 -17.20
N GLY B 197 20.87 20.78 -17.76
CA GLY B 197 21.95 19.90 -17.19
C GLY B 197 22.45 20.42 -15.82
N ASP B 198 22.44 21.71 -15.59
CA ASP B 198 22.96 22.25 -14.29
C ASP B 198 22.04 21.83 -13.14
N ALA B 199 20.85 21.40 -13.43
CA ALA B 199 19.92 20.98 -12.34
C ALA B 199 19.77 19.45 -12.29
N TYR B 200 20.64 18.72 -12.92
CA TYR B 200 20.55 17.22 -12.89
C TYR B 200 21.00 16.61 -11.54
N GLU B 201 22.17 16.95 -11.02
CA GLU B 201 22.65 16.31 -9.75
C GLU B 201 21.78 16.74 -8.57
N ASP B 202 21.45 17.99 -8.51
CA ASP B 202 20.62 18.48 -7.37
C ASP B 202 19.22 17.88 -7.45
N THR B 203 18.72 17.65 -8.63
CA THR B 203 17.36 17.06 -8.77
C THR B 203 17.40 15.60 -8.34
N VAL B 204 18.34 14.86 -8.86
CA VAL B 204 18.44 13.43 -8.48
C VAL B 204 18.37 13.31 -6.96
N LYS B 205 19.13 14.12 -6.26
CA LYS B 205 19.10 14.06 -4.77
C LYS B 205 17.65 14.17 -4.27
N VAL B 206 16.91 15.12 -4.78
CA VAL B 206 15.49 15.27 -4.35
C VAL B 206 14.67 14.06 -4.79
N MET B 207 14.90 13.59 -5.99
CA MET B 207 14.12 12.41 -6.48
C MET B 207 14.36 11.18 -5.58
N ARG B 208 15.54 11.03 -5.04
CA ARG B 208 15.82 9.84 -4.18
C ARG B 208 14.95 9.89 -2.93
N THR B 209 14.71 11.06 -2.41
CA THR B 209 13.86 11.18 -1.18
C THR B 209 12.43 10.66 -1.43
N LEU B 210 12.08 10.35 -2.66
CA LEU B 210 10.70 9.86 -2.93
C LEU B 210 9.69 10.85 -2.35
N THR B 211 10.02 12.12 -2.36
CA THR B 211 9.08 13.13 -1.81
C THR B 211 9.04 14.32 -2.76
N PRO B 212 8.03 14.39 -3.57
CA PRO B 212 7.87 15.51 -4.56
C PRO B 212 7.58 16.87 -3.91
N THR B 213 8.29 17.92 -4.29
CA THR B 213 8.03 19.26 -3.70
C THR B 213 6.70 19.81 -4.25
N HIS B 214 6.26 19.37 -5.40
CA HIS B 214 4.98 19.88 -5.97
C HIS B 214 4.32 18.78 -6.82
N VAL B 215 3.06 18.54 -6.59
CA VAL B 215 2.35 17.50 -7.37
C VAL B 215 1.19 18.23 -7.97
N VAL B 216 1.12 18.34 -9.26
CA VAL B 216 0.01 19.17 -9.76
C VAL B 216 -0.62 18.61 -11.01
N PHE B 217 -1.55 19.34 -11.52
CA PHE B 217 -2.26 18.88 -12.75
C PHE B 217 -2.09 19.94 -13.84
N ASN B 218 -1.87 19.51 -15.06
CA ASN B 218 -1.70 20.50 -16.17
C ASN B 218 -0.30 21.18 -16.16
N GLY B 219 0.61 20.77 -15.31
CA GLY B 219 1.96 21.40 -15.29
C GLY B 219 2.12 22.54 -14.23
N ALA B 220 1.14 22.85 -13.38
CA ALA B 220 1.40 23.95 -12.40
C ALA B 220 0.31 24.01 -11.33
N VAL B 221 0.67 24.38 -10.13
CA VAL B 221 -0.35 24.48 -9.05
C VAL B 221 -1.40 25.52 -9.48
N GLY B 222 -2.65 25.16 -9.42
CA GLY B 222 -3.72 26.12 -9.85
C GLY B 222 -3.80 26.22 -11.39
N ALA B 223 -3.37 25.21 -12.13
CA ALA B 223 -3.45 25.28 -13.63
C ALA B 223 -4.91 25.08 -14.11
N LEU B 224 -5.72 24.32 -13.41
CA LEU B 224 -7.12 24.07 -13.85
C LEU B 224 -8.13 24.78 -12.93
N THR B 225 -7.89 26.02 -12.63
CA THR B 225 -8.82 26.80 -11.77
C THR B 225 -9.00 28.18 -12.38
N GLY B 226 -9.88 28.97 -11.86
CA GLY B 226 -10.11 30.33 -12.41
C GLY B 226 -10.72 30.19 -13.78
N ASP B 227 -10.26 30.97 -14.72
CA ASP B 227 -10.81 30.87 -16.10
C ASP B 227 -10.47 29.50 -16.70
N LYS B 228 -9.49 28.81 -16.17
CA LYS B 228 -9.13 27.47 -16.72
C LYS B 228 -9.88 26.34 -16.00
N ALA B 229 -10.71 26.64 -15.02
CA ALA B 229 -11.45 25.55 -14.31
C ALA B 229 -12.35 24.79 -15.30
N MET B 230 -12.32 23.48 -15.28
CA MET B 230 -13.17 22.71 -16.20
C MET B 230 -14.60 23.20 -16.06
N THR B 231 -15.47 22.70 -16.86
CA THR B 231 -16.90 23.13 -16.80
C THR B 231 -17.83 21.94 -17.09
N ALA B 232 -18.97 21.94 -16.48
CA ALA B 232 -19.98 20.86 -16.68
C ALA B 232 -21.32 21.34 -16.13
N ALA B 233 -22.42 20.80 -16.61
CA ALA B 233 -23.74 21.25 -16.12
C ALA B 233 -24.53 20.04 -15.62
N VAL B 234 -25.46 20.29 -14.75
CA VAL B 234 -26.30 19.20 -14.20
C VAL B 234 -26.85 18.37 -15.35
N GLY B 235 -26.72 17.10 -15.26
CA GLY B 235 -27.23 16.21 -16.36
C GLY B 235 -26.14 15.95 -17.44
N GLU B 236 -24.96 16.50 -17.28
CA GLU B 236 -23.88 16.27 -18.28
C GLU B 236 -23.04 15.07 -17.85
N LYS B 237 -22.70 14.25 -18.78
CA LYS B 237 -21.88 13.06 -18.48
C LYS B 237 -20.47 13.40 -18.91
N VAL B 238 -19.55 13.27 -18.03
CA VAL B 238 -18.16 13.66 -18.39
C VAL B 238 -17.17 12.57 -18.01
N LEU B 239 -16.32 12.24 -18.93
CA LEU B 239 -15.29 11.21 -18.65
C LEU B 239 -13.96 11.92 -18.38
N ILE B 240 -13.39 11.69 -17.24
CA ILE B 240 -12.11 12.38 -16.89
C ILE B 240 -10.96 11.37 -16.84
N VAL B 241 -10.13 11.41 -17.84
CA VAL B 241 -8.97 10.49 -17.89
C VAL B 241 -7.86 11.13 -17.08
N HIS B 242 -7.18 10.35 -16.33
CA HIS B 242 -6.11 10.91 -15.48
C HIS B 242 -4.91 9.98 -15.57
N SER B 243 -3.76 10.54 -15.67
CA SER B 243 -2.54 9.69 -15.78
C SER B 243 -1.42 10.18 -14.85
N GLN B 244 -0.60 9.25 -14.42
CA GLN B 244 0.56 9.53 -13.53
C GLN B 244 1.67 8.57 -13.98
N ALA B 245 2.64 9.07 -14.69
CA ALA B 245 3.73 8.20 -15.24
C ALA B 245 4.97 8.33 -14.38
N ASN B 246 4.78 8.25 -13.11
CA ASN B 246 5.91 8.34 -12.15
C ASN B 246 5.39 8.51 -10.69
N ARG B 247 4.22 7.99 -10.32
CA ARG B 247 3.78 8.17 -8.91
C ARG B 247 2.34 7.72 -8.76
N ASP B 248 2.01 7.07 -7.66
CA ASP B 248 0.59 6.63 -7.49
C ASP B 248 -0.31 7.78 -6.95
N THR B 249 -1.49 7.98 -7.52
CA THR B 249 -2.39 9.03 -7.03
C THR B 249 -3.73 8.38 -6.67
N ARG B 250 -4.63 9.15 -6.18
CA ARG B 250 -5.97 8.61 -5.78
C ARG B 250 -7.01 9.71 -6.02
N PRO B 251 -7.49 9.80 -7.23
CA PRO B 251 -8.48 10.82 -7.66
C PRO B 251 -9.75 10.85 -6.82
N HIS B 252 -10.33 12.00 -6.70
CA HIS B 252 -11.60 12.15 -5.92
C HIS B 252 -12.31 13.49 -6.26
N LEU B 253 -13.52 13.43 -6.77
CA LEU B 253 -14.28 14.66 -7.10
C LEU B 253 -15.07 15.09 -5.87
N ILE B 254 -14.66 16.16 -5.27
CA ILE B 254 -15.31 16.68 -4.06
C ILE B 254 -16.73 17.06 -4.39
N GLY B 255 -17.64 16.50 -3.69
CA GLY B 255 -19.07 16.80 -3.95
C GLY B 255 -19.66 15.80 -4.97
N GLY B 256 -18.84 15.00 -5.61
CA GLY B 256 -19.38 14.03 -6.60
C GLY B 256 -18.81 12.63 -6.34
N HIS B 257 -18.73 11.84 -7.36
CA HIS B 257 -18.19 10.47 -7.23
C HIS B 257 -18.04 9.86 -8.63
N GLY B 258 -17.20 8.88 -8.75
CA GLY B 258 -16.99 8.23 -10.08
C GLY B 258 -18.07 7.18 -10.27
N ASP B 259 -19.02 7.47 -11.08
CA ASP B 259 -20.13 6.50 -11.30
C ASP B 259 -19.53 5.19 -11.78
N TYR B 260 -18.74 5.27 -12.79
CA TYR B 260 -18.07 4.07 -13.34
C TYR B 260 -16.60 4.42 -13.48
N VAL B 261 -15.72 3.67 -12.88
CA VAL B 261 -14.29 4.07 -12.98
C VAL B 261 -13.37 2.90 -13.35
N TRP B 262 -12.84 2.92 -14.54
CA TRP B 262 -11.88 1.88 -14.96
C TRP B 262 -10.57 2.26 -14.29
N ALA B 263 -10.43 1.84 -13.08
CA ALA B 263 -9.25 2.27 -12.26
C ALA B 263 -7.97 1.84 -12.93
N THR B 264 -8.00 0.68 -13.48
CA THR B 264 -6.79 0.16 -14.15
C THR B 264 -6.62 0.81 -15.53
N GLY B 265 -7.59 1.56 -15.97
CA GLY B 265 -7.46 2.21 -17.33
C GLY B 265 -7.58 1.17 -18.47
N LYS B 266 -8.25 0.07 -18.24
CA LYS B 266 -8.43 -0.98 -19.28
C LYS B 266 -9.94 -1.14 -19.47
N PHE B 267 -10.40 -1.00 -20.68
CA PHE B 267 -11.87 -1.10 -20.92
C PHE B 267 -12.37 -2.53 -20.71
N ASN B 268 -11.60 -3.51 -21.11
CA ASN B 268 -12.05 -4.91 -20.96
C ASN B 268 -12.27 -5.24 -19.49
N THR B 269 -11.52 -4.61 -18.63
CA THR B 269 -11.66 -4.87 -17.18
C THR B 269 -12.87 -4.09 -16.66
N PRO B 270 -13.87 -4.79 -16.22
CA PRO B 270 -15.12 -4.14 -15.71
C PRO B 270 -14.83 -2.91 -14.84
N PRO B 271 -15.55 -1.81 -15.04
CA PRO B 271 -15.31 -0.56 -14.24
C PRO B 271 -15.98 -0.57 -12.84
N ASP B 272 -15.21 -0.34 -11.77
CA ASP B 272 -15.86 -0.30 -10.44
C ASP B 272 -17.03 0.66 -10.55
N VAL B 273 -17.82 0.78 -9.54
CA VAL B 273 -18.98 1.72 -9.63
C VAL B 273 -19.25 2.41 -8.28
N ASP B 274 -19.76 3.61 -8.32
CA ASP B 274 -20.07 4.34 -7.07
C ASP B 274 -18.78 4.50 -6.32
N GLN B 275 -17.81 5.08 -6.94
CA GLN B 275 -16.48 5.21 -6.23
C GLN B 275 -16.27 6.62 -5.63
N GLU B 276 -15.92 6.68 -4.35
CA GLU B 276 -15.64 8.01 -3.73
C GLU B 276 -14.19 8.45 -4.06
N THR B 277 -13.26 7.52 -4.04
CA THR B 277 -11.84 7.85 -4.35
C THR B 277 -11.22 6.61 -5.00
N TRP B 278 -10.70 6.75 -6.17
CA TRP B 278 -10.13 5.57 -6.86
C TRP B 278 -8.63 5.48 -6.59
N PHE B 279 -7.94 4.74 -7.40
CA PHE B 279 -6.47 4.59 -7.20
C PHE B 279 -5.78 4.22 -8.53
N ILE B 280 -4.89 5.07 -8.97
CA ILE B 280 -4.14 4.81 -10.24
C ILE B 280 -2.67 4.73 -9.89
N PRO B 281 -2.07 3.58 -10.08
CA PRO B 281 -0.65 3.33 -9.72
C PRO B 281 0.36 4.01 -10.66
N GLY B 282 1.36 4.62 -10.11
CA GLY B 282 2.40 5.26 -10.95
C GLY B 282 2.64 4.37 -12.15
N GLY B 283 2.79 4.94 -13.30
CA GLY B 283 3.00 4.16 -14.52
C GLY B 283 1.66 3.72 -15.10
N ALA B 284 0.59 4.48 -14.91
CA ALA B 284 -0.71 4.01 -15.49
C ALA B 284 -1.75 5.13 -15.56
N ALA B 285 -2.64 5.08 -16.53
CA ALA B 285 -3.71 6.12 -16.64
C ALA B 285 -5.09 5.45 -16.50
N GLY B 286 -5.99 6.03 -15.73
CA GLY B 286 -7.33 5.41 -15.57
C GLY B 286 -8.39 6.31 -16.20
N ALA B 287 -9.63 6.09 -15.88
CA ALA B 287 -10.73 6.92 -16.46
C ALA B 287 -11.98 6.79 -15.58
N ALA B 288 -12.62 7.89 -15.30
CA ALA B 288 -13.85 7.87 -14.46
C ALA B 288 -14.97 8.61 -15.20
N PHE B 289 -16.14 8.05 -15.21
CA PHE B 289 -17.28 8.69 -15.91
C PHE B 289 -18.34 9.04 -14.87
N TYR B 290 -18.78 10.26 -14.85
CA TYR B 290 -19.79 10.63 -13.83
C TYR B 290 -20.76 11.68 -14.38
N THR B 291 -22.01 11.50 -14.09
CA THR B 291 -23.05 12.47 -14.54
C THR B 291 -23.31 13.44 -13.40
N PHE B 292 -23.05 14.69 -13.63
CA PHE B 292 -23.25 15.72 -12.57
C PHE B 292 -24.72 15.85 -12.22
N GLN B 293 -25.00 16.00 -10.96
CA GLN B 293 -26.43 16.16 -10.53
C GLN B 293 -26.63 17.48 -9.75
N GLN B 294 -25.58 18.12 -9.28
CA GLN B 294 -25.75 19.39 -8.52
C GLN B 294 -24.83 20.46 -9.09
N PRO B 295 -25.31 21.68 -9.15
CA PRO B 295 -24.53 22.83 -9.67
C PRO B 295 -23.67 23.47 -8.60
N GLY B 296 -22.64 24.16 -9.00
CA GLY B 296 -21.75 24.82 -8.01
C GLY B 296 -20.29 24.57 -8.39
N ILE B 297 -19.40 24.81 -7.48
CA ILE B 297 -17.95 24.58 -7.78
C ILE B 297 -17.44 23.35 -7.03
N TYR B 298 -16.87 22.41 -7.73
CA TYR B 298 -16.36 21.19 -7.08
C TYR B 298 -14.86 21.07 -7.34
N ALA B 299 -14.12 20.58 -6.38
CA ALA B 299 -12.65 20.44 -6.55
C ALA B 299 -12.34 18.99 -6.85
N TYR B 300 -11.49 18.74 -7.81
CA TYR B 300 -11.16 17.33 -8.14
C TYR B 300 -9.70 17.16 -7.86
N VAL B 301 -9.34 16.33 -6.94
CA VAL B 301 -7.88 16.27 -6.68
C VAL B 301 -7.44 14.98 -6.03
N ASN B 302 -6.16 14.84 -5.92
CA ASN B 302 -5.57 13.65 -5.29
C ASN B 302 -5.98 13.70 -3.85
N HIS B 303 -6.52 12.65 -3.36
CA HIS B 303 -7.00 12.70 -1.96
C HIS B 303 -5.83 12.99 -1.07
N ASN B 304 -4.72 12.32 -1.22
CA ASN B 304 -3.62 12.76 -0.31
C ASN B 304 -3.88 14.28 -0.02
N LEU B 305 -4.66 14.61 1.00
CA LEU B 305 -5.02 16.03 1.27
C LEU B 305 -3.78 16.89 1.19
N ILE B 306 -2.74 16.42 1.78
CA ILE B 306 -1.47 17.20 1.76
C ILE B 306 -1.06 17.42 0.31
N GLU B 307 -1.03 16.37 -0.45
CA GLU B 307 -0.65 16.50 -1.89
C GLU B 307 -1.67 17.39 -2.64
N ALA B 308 -2.94 17.34 -2.29
CA ALA B 308 -3.95 18.17 -3.01
C ALA B 308 -4.02 19.66 -2.53
N PHE B 309 -3.66 19.99 -1.30
CA PHE B 309 -3.79 21.42 -0.89
C PHE B 309 -2.41 22.03 -0.64
N GLU B 310 -1.53 21.28 -0.06
CA GLU B 310 -0.16 21.82 0.23
C GLU B 310 0.80 21.65 -0.97
N LEU B 311 0.64 20.66 -1.81
CA LEU B 311 1.60 20.49 -2.94
C LEU B 311 1.06 21.17 -4.19
N GLY B 312 -0.18 20.98 -4.47
CA GLY B 312 -0.81 21.60 -5.68
C GLY B 312 -1.54 20.55 -6.55
N ALA B 313 -2.15 19.51 -5.98
CA ALA B 313 -2.87 18.54 -6.84
C ALA B 313 -4.39 18.76 -6.71
N ALA B 314 -4.89 19.92 -7.07
CA ALA B 314 -6.36 20.15 -6.95
C ALA B 314 -6.86 21.10 -8.04
N ALA B 315 -7.79 20.66 -8.86
CA ALA B 315 -8.34 21.54 -9.91
C ALA B 315 -9.76 21.90 -9.51
N HIS B 316 -10.49 22.58 -10.33
CA HIS B 316 -11.89 22.93 -9.92
C HIS B 316 -12.85 22.91 -11.11
N PHE B 317 -14.00 22.28 -10.98
CA PHE B 317 -14.99 22.27 -12.10
C PHE B 317 -16.25 23.11 -11.75
N LYS B 318 -16.56 24.11 -12.56
CA LYS B 318 -17.74 24.95 -12.32
C LYS B 318 -18.90 24.26 -13.01
N VAL B 319 -20.01 24.17 -12.37
CA VAL B 319 -21.14 23.46 -12.98
C VAL B 319 -22.38 24.32 -12.88
N THR B 320 -23.05 24.47 -13.98
CA THR B 320 -24.29 25.29 -14.00
C THR B 320 -25.52 24.38 -13.94
N GLY B 321 -26.62 24.88 -13.45
CA GLY B 321 -27.84 24.04 -13.37
C GLY B 321 -28.70 24.48 -12.17
N GLU B 322 -29.61 23.63 -11.76
CA GLU B 322 -30.50 23.96 -10.62
C GLU B 322 -30.16 23.03 -9.46
N TRP B 323 -30.16 23.55 -8.29
CA TRP B 323 -29.83 22.74 -7.10
C TRP B 323 -30.93 21.72 -6.88
N ASN B 324 -30.58 20.66 -6.26
CA ASN B 324 -31.58 19.57 -5.99
C ASN B 324 -31.60 19.31 -4.49
N ASP B 325 -32.61 19.81 -3.83
CA ASP B 325 -32.70 19.63 -2.36
C ASP B 325 -32.85 18.14 -2.05
N ASP B 326 -33.64 17.46 -2.81
CA ASP B 326 -33.84 16.01 -2.56
C ASP B 326 -32.48 15.36 -2.26
N LEU B 327 -31.50 15.64 -3.07
CA LEU B 327 -30.14 15.06 -2.84
C LEU B 327 -29.48 15.70 -1.61
N MET B 328 -29.61 17.00 -1.43
CA MET B 328 -28.96 17.62 -0.25
C MET B 328 -29.62 18.95 0.05
N THR B 329 -29.84 19.24 1.30
CA THR B 329 -30.48 20.54 1.66
C THR B 329 -30.06 20.98 3.06
N SER B 330 -29.70 22.23 3.22
CA SER B 330 -29.29 22.73 4.55
C SER B 330 -30.55 23.04 5.37
N VAL B 331 -30.97 22.13 6.20
CA VAL B 331 -32.20 22.37 7.00
C VAL B 331 -31.99 23.58 7.89
N LEU B 332 -30.87 23.64 8.53
CA LEU B 332 -30.58 24.81 9.42
C LEU B 332 -29.20 25.39 9.07
N ALA B 333 -29.16 26.54 8.47
CA ALA B 333 -27.85 27.14 8.11
C ALA B 333 -27.08 27.47 9.39
N PRO B 334 -25.79 27.52 9.32
CA PRO B 334 -24.92 27.82 10.49
C PRO B 334 -25.44 29.02 11.29
N SER B 335 -25.82 28.81 12.52
CA SER B 335 -26.33 29.94 13.33
C SER B 335 -25.93 29.74 14.79
N GLY B 336 -26.47 30.55 15.66
CA GLY B 336 -26.14 30.41 17.11
C GLY B 336 -26.86 29.20 17.69
N ALA C 1 -11.21 -32.67 7.41
CA ALA C 1 -10.76 -34.09 7.46
C ALA C 1 -10.30 -34.42 8.89
N THR C 2 -10.35 -35.67 9.27
CA THR C 2 -9.92 -36.05 10.63
C THR C 2 -8.43 -36.40 10.60
N ALA C 3 -7.83 -36.54 11.75
CA ALA C 3 -6.38 -36.88 11.79
C ALA C 3 -6.14 -38.18 11.02
N ALA C 4 -6.97 -39.16 11.19
CA ALA C 4 -6.77 -40.46 10.47
C ALA C 4 -6.80 -40.21 8.97
N GLU C 5 -7.77 -39.46 8.50
CA GLU C 5 -7.85 -39.19 7.03
C GLU C 5 -6.57 -38.50 6.55
N ILE C 6 -6.08 -37.55 7.30
CA ILE C 6 -4.84 -36.83 6.88
C ILE C 6 -3.63 -37.79 6.91
N ALA C 7 -3.61 -38.68 7.86
CA ALA C 7 -2.45 -39.62 7.95
C ALA C 7 -2.44 -40.60 6.76
N ALA C 8 -3.57 -40.86 6.16
CA ALA C 8 -3.61 -41.82 5.02
C ALA C 8 -3.39 -41.10 3.67
N LEU C 9 -3.22 -39.81 3.65
CA LEU C 9 -3.01 -39.10 2.34
C LEU C 9 -1.55 -39.30 1.88
N PRO C 10 -1.33 -39.40 0.60
CA PRO C 10 0.04 -39.59 0.03
C PRO C 10 0.95 -38.37 0.28
N ARG C 11 2.18 -38.58 0.71
CA ARG C 11 3.09 -37.43 0.96
C ARG C 11 4.13 -37.33 -0.18
N GLN C 12 4.42 -36.13 -0.61
CA GLN C 12 5.42 -35.93 -1.69
C GLN C 12 6.46 -34.89 -1.24
N LYS C 13 7.71 -35.26 -1.24
CA LYS C 13 8.78 -34.34 -0.82
C LYS C 13 9.21 -33.55 -2.04
N VAL C 14 9.40 -32.29 -1.86
CA VAL C 14 9.80 -31.45 -3.01
C VAL C 14 11.11 -30.73 -2.72
N GLU C 15 11.97 -30.69 -3.70
CA GLU C 15 13.27 -30.01 -3.57
C GLU C 15 13.09 -28.59 -4.08
N LEU C 16 13.38 -27.64 -3.27
CA LEU C 16 13.17 -26.22 -3.67
C LEU C 16 14.38 -25.70 -4.42
N VAL C 17 14.16 -24.76 -5.30
CA VAL C 17 15.28 -24.17 -6.07
C VAL C 17 15.46 -22.73 -5.61
N ASP C 18 16.35 -22.01 -6.20
CA ASP C 18 16.53 -20.59 -5.76
C ASP C 18 15.90 -19.63 -6.80
N PRO C 19 15.12 -18.67 -6.35
CA PRO C 19 14.48 -17.68 -7.26
C PRO C 19 15.48 -17.15 -8.30
N PRO C 20 14.99 -16.66 -9.40
CA PRO C 20 13.52 -16.59 -9.68
C PRO C 20 12.93 -17.91 -10.18
N PHE C 21 13.73 -18.92 -10.35
CA PHE C 21 13.23 -20.23 -10.83
C PHE C 21 12.33 -20.86 -9.78
N VAL C 22 11.45 -21.71 -10.19
CA VAL C 22 10.54 -22.38 -9.27
C VAL C 22 10.81 -23.86 -9.38
N HIS C 23 10.41 -24.59 -8.41
CA HIS C 23 10.65 -26.06 -8.43
C HIS C 23 9.68 -26.72 -9.40
N ALA C 24 9.91 -27.97 -9.68
CA ALA C 24 9.02 -28.72 -10.60
C ALA C 24 7.64 -28.85 -9.96
N HIS C 25 6.62 -28.75 -10.77
CA HIS C 25 5.23 -28.87 -10.26
C HIS C 25 4.27 -28.92 -11.46
N SER C 26 3.13 -29.53 -11.30
CA SER C 26 2.16 -29.61 -12.41
C SER C 26 1.06 -28.59 -12.18
N GLN C 27 0.61 -27.95 -13.21
CA GLN C 27 -0.46 -26.92 -13.03
C GLN C 27 -1.69 -27.64 -12.53
N VAL C 28 -2.13 -28.58 -13.30
CA VAL C 28 -3.29 -29.41 -12.89
C VAL C 28 -2.81 -30.41 -11.85
N ALA C 29 -3.53 -30.54 -10.78
CA ALA C 29 -3.11 -31.46 -9.69
C ALA C 29 -3.08 -32.90 -10.18
N GLU C 30 -2.05 -33.61 -9.86
CA GLU C 30 -1.95 -35.04 -10.28
C GLU C 30 -2.38 -35.93 -9.11
N GLY C 31 -3.62 -36.33 -9.08
CA GLY C 31 -4.11 -37.17 -7.97
C GLY C 31 -4.93 -36.31 -7.01
N GLY C 32 -5.31 -36.85 -5.90
CA GLY C 32 -6.12 -36.06 -4.92
C GLY C 32 -5.18 -35.27 -3.98
N PRO C 33 -5.69 -34.87 -2.84
CA PRO C 33 -4.93 -34.10 -1.83
C PRO C 33 -3.70 -34.85 -1.33
N LYS C 34 -2.63 -34.14 -1.13
CA LYS C 34 -1.39 -34.80 -0.64
C LYS C 34 -0.57 -33.84 0.26
N VAL C 35 0.02 -34.37 1.30
CA VAL C 35 0.84 -33.57 2.24
C VAL C 35 2.21 -33.33 1.60
N VAL C 36 2.38 -32.15 1.12
CA VAL C 36 3.61 -31.76 0.44
C VAL C 36 4.60 -31.44 1.52
N GLU C 37 5.78 -31.86 1.33
CA GLU C 37 6.81 -31.63 2.38
C GLU C 37 7.95 -30.80 1.83
N PHE C 38 8.29 -29.74 2.51
CA PHE C 38 9.42 -28.88 2.07
C PHE C 38 10.26 -28.47 3.30
N THR C 39 11.56 -28.43 3.18
CA THR C 39 12.40 -28.05 4.35
C THR C 39 13.32 -26.89 3.97
N MET C 40 13.41 -25.90 4.81
CA MET C 40 14.28 -24.72 4.49
C MET C 40 15.09 -24.30 5.72
N VAL C 41 16.39 -24.23 5.59
CA VAL C 41 17.27 -23.81 6.70
C VAL C 41 17.45 -22.30 6.57
N ILE C 42 17.43 -21.62 7.65
CA ILE C 42 17.57 -20.14 7.61
C ILE C 42 19.03 -19.79 7.77
N GLU C 43 19.53 -18.92 6.95
CA GLU C 43 20.97 -18.57 7.07
C GLU C 43 21.15 -17.05 7.17
N GLU C 44 21.55 -16.55 8.31
CA GLU C 44 21.76 -15.07 8.42
C GLU C 44 23.21 -14.73 8.01
N LYS C 45 23.40 -14.08 6.88
CA LYS C 45 24.78 -13.76 6.47
C LYS C 45 24.77 -12.36 5.87
N LYS C 46 25.82 -12.02 5.21
CA LYS C 46 25.89 -10.66 4.57
C LYS C 46 25.80 -10.76 3.03
N ILE C 47 24.88 -10.03 2.44
CA ILE C 47 24.72 -10.01 0.96
C ILE C 47 24.96 -8.58 0.44
N VAL C 48 25.64 -8.48 -0.66
CA VAL C 48 25.95 -7.19 -1.27
C VAL C 48 24.74 -6.84 -2.05
N ILE C 49 24.40 -5.64 -2.05
CA ILE C 49 23.15 -5.25 -2.76
C ILE C 49 23.39 -4.32 -3.95
N ASP C 50 24.52 -3.69 -4.03
CA ASP C 50 24.75 -2.75 -5.17
C ASP C 50 26.18 -2.88 -5.68
N ASP C 51 26.58 -2.00 -6.55
CA ASP C 51 27.95 -2.07 -7.10
C ASP C 51 28.91 -1.39 -6.12
N ALA C 52 28.40 -0.48 -5.33
CA ALA C 52 29.29 0.22 -4.35
C ALA C 52 29.71 -0.73 -3.21
N GLY C 53 29.32 -1.98 -3.25
CA GLY C 53 29.72 -2.93 -2.16
C GLY C 53 28.83 -2.77 -0.91
N THR C 54 27.70 -2.09 -1.00
CA THR C 54 26.82 -1.94 0.18
C THR C 54 26.49 -3.33 0.69
N GLU C 55 26.37 -3.50 1.97
CA GLU C 55 26.08 -4.86 2.48
C GLU C 55 24.90 -4.85 3.48
N VAL C 56 24.01 -5.80 3.36
CA VAL C 56 22.87 -5.90 4.31
C VAL C 56 22.86 -7.29 5.01
N HIS C 57 22.82 -7.30 6.32
CA HIS C 57 22.80 -8.57 7.10
C HIS C 57 21.48 -9.25 6.79
N ALA C 58 21.49 -10.06 5.81
CA ALA C 58 20.25 -10.73 5.37
C ALA C 58 19.91 -11.97 6.22
N MET C 59 18.64 -12.12 6.45
CA MET C 59 18.10 -13.27 7.21
C MET C 59 17.39 -13.98 6.11
N ALA C 60 17.86 -15.09 5.72
CA ALA C 60 17.28 -15.63 4.50
C ALA C 60 16.89 -17.04 4.65
N PHE C 61 15.70 -17.25 4.30
CA PHE C 61 15.17 -18.66 4.32
C PHE C 61 15.72 -19.38 3.09
N ASN C 62 16.38 -20.50 3.25
CA ASN C 62 16.97 -21.20 2.08
C ASN C 62 18.24 -20.48 1.57
N GLY C 63 18.80 -19.57 2.34
CA GLY C 63 20.03 -18.86 1.88
C GLY C 63 19.75 -17.91 0.69
N THR C 64 18.53 -17.53 0.43
CA THR C 64 18.31 -16.59 -0.75
C THR C 64 17.16 -15.57 -0.50
N VAL C 65 17.38 -14.30 -0.84
CA VAL C 65 16.32 -13.29 -0.70
C VAL C 65 15.82 -12.99 -2.11
N PRO C 66 14.57 -13.21 -2.35
CA PRO C 66 13.61 -13.70 -1.33
C PRO C 66 13.58 -15.23 -1.25
N GLY C 67 13.18 -15.74 -0.13
CA GLY C 67 13.11 -17.22 0.02
C GLY C 67 12.57 -17.82 -1.28
N PRO C 68 12.57 -19.11 -1.37
CA PRO C 68 12.07 -19.84 -2.57
C PRO C 68 10.54 -19.92 -2.62
N LEU C 69 9.99 -20.04 -3.80
CA LEU C 69 8.50 -20.13 -3.92
C LEU C 69 8.05 -21.59 -3.85
N MET C 70 7.22 -21.92 -2.89
CA MET C 70 6.71 -23.29 -2.76
C MET C 70 5.41 -23.35 -3.54
N VAL C 71 5.14 -24.45 -4.13
CA VAL C 71 3.89 -24.53 -4.95
C VAL C 71 3.11 -25.83 -4.68
N VAL C 72 1.94 -25.70 -4.14
CA VAL C 72 1.05 -26.86 -3.88
C VAL C 72 -0.34 -26.50 -4.44
N HIS C 73 -1.27 -27.41 -4.42
CA HIS C 73 -2.62 -27.10 -4.95
C HIS C 73 -3.55 -26.79 -3.78
N GLN C 74 -4.72 -26.36 -4.09
CA GLN C 74 -5.70 -26.03 -3.03
C GLN C 74 -6.21 -27.32 -2.42
N ASP C 75 -6.23 -27.39 -1.13
CA ASP C 75 -6.68 -28.63 -0.45
C ASP C 75 -5.47 -29.38 0.08
N ASP C 76 -4.39 -29.37 -0.65
CA ASP C 76 -3.16 -30.08 -0.19
C ASP C 76 -2.61 -29.39 1.06
N TYR C 77 -2.00 -30.15 1.92
CA TYR C 77 -1.43 -29.57 3.17
C TYR C 77 0.09 -29.39 2.99
N LEU C 78 0.55 -28.23 3.29
CA LEU C 78 1.99 -27.91 3.17
C LEU C 78 2.64 -28.14 4.52
N GLU C 79 3.61 -28.99 4.55
CA GLU C 79 4.29 -29.32 5.82
C GLU C 79 5.71 -28.85 5.66
N LEU C 80 6.09 -27.89 6.41
CA LEU C 80 7.46 -27.34 6.23
C LEU C 80 8.33 -27.51 7.47
N THR C 81 9.42 -28.20 7.32
CA THR C 81 10.38 -28.37 8.46
C THR C 81 11.41 -27.24 8.37
N LEU C 82 11.35 -26.30 9.28
CA LEU C 82 12.27 -25.17 9.26
C LEU C 82 13.36 -25.48 10.23
N ILE C 83 14.49 -24.98 9.96
CA ILE C 83 15.65 -25.27 10.85
C ILE C 83 16.53 -24.02 11.01
N ASN C 84 16.75 -23.64 12.23
CA ASN C 84 17.62 -22.46 12.52
C ASN C 84 18.93 -22.99 13.09
N PRO C 85 19.94 -23.03 12.26
CA PRO C 85 21.28 -23.56 12.63
C PRO C 85 21.94 -22.86 13.82
N GLU C 86 22.73 -23.57 14.58
CA GLU C 86 23.42 -22.94 15.74
C GLU C 86 24.29 -21.75 15.27
N THR C 87 24.78 -21.79 14.05
CA THR C 87 25.64 -20.66 13.55
C THR C 87 24.89 -19.32 13.61
N ASN C 88 23.58 -19.33 13.53
CA ASN C 88 22.83 -18.04 13.55
C ASN C 88 22.86 -17.45 14.96
N THR C 89 22.38 -16.25 15.11
CA THR C 89 22.38 -15.61 16.46
C THR C 89 20.98 -15.04 16.84
N LEU C 90 19.96 -15.20 16.02
CA LEU C 90 18.62 -14.63 16.42
C LEU C 90 17.50 -15.66 16.24
N MET C 91 16.53 -15.69 17.14
CA MET C 91 15.40 -16.66 16.97
C MET C 91 14.45 -16.15 15.88
N HIS C 92 13.99 -17.03 15.01
CA HIS C 92 13.08 -16.60 13.93
C HIS C 92 11.71 -17.29 14.08
N ASN C 93 10.99 -17.34 13.00
CA ASN C 93 9.64 -17.97 12.97
C ASN C 93 9.04 -17.71 11.57
N ILE C 94 8.07 -18.48 11.13
CA ILE C 94 7.51 -18.24 9.77
C ILE C 94 5.98 -18.09 9.81
N ASP C 95 5.47 -17.04 9.23
CA ASP C 95 4.00 -16.83 9.17
C ASP C 95 3.55 -16.83 7.69
N PHE C 96 2.82 -17.84 7.28
CA PHE C 96 2.38 -17.92 5.87
C PHE C 96 0.98 -17.33 5.72
N HIS C 97 0.88 -16.28 4.97
CA HIS C 97 -0.44 -15.62 4.74
C HIS C 97 -1.47 -16.65 4.23
N ALA C 98 -1.02 -17.69 3.58
CA ALA C 98 -1.97 -18.70 3.03
C ALA C 98 -2.41 -19.73 4.09
N ALA C 99 -2.10 -19.49 5.33
CA ALA C 99 -2.53 -20.44 6.40
C ALA C 99 -3.57 -19.77 7.28
N THR C 100 -4.21 -20.52 8.13
CA THR C 100 -5.26 -19.91 9.02
C THR C 100 -5.10 -20.39 10.47
N GLY C 101 -4.69 -19.51 11.35
CA GLY C 101 -4.55 -19.88 12.81
C GLY C 101 -3.09 -19.69 13.31
N ALA C 102 -2.90 -19.16 14.52
CA ALA C 102 -1.51 -19.00 15.05
C ALA C 102 -0.71 -17.93 14.28
N LEU C 103 -1.31 -16.79 14.05
CA LEU C 103 -0.58 -15.69 13.34
C LEU C 103 0.06 -16.20 12.05
N GLY C 104 -0.60 -17.10 11.37
CA GLY C 104 -0.04 -17.62 10.09
C GLY C 104 1.08 -18.64 10.37
N GLY C 105 1.08 -19.24 11.52
CA GLY C 105 2.14 -20.25 11.84
C GLY C 105 3.31 -19.62 12.63
N GLY C 106 3.33 -18.33 12.83
CA GLY C 106 4.46 -17.70 13.58
C GLY C 106 4.36 -18.04 15.08
N GLY C 107 3.17 -18.20 15.59
CA GLY C 107 3.02 -18.52 17.05
C GLY C 107 3.46 -19.96 17.36
N LEU C 108 3.56 -20.82 16.37
CA LEU C 108 3.97 -22.23 16.64
C LEU C 108 5.27 -22.60 15.88
N THR C 109 6.09 -21.64 15.55
CA THR C 109 7.37 -21.94 14.83
C THR C 109 8.54 -21.06 15.37
N GLU C 110 8.46 -20.52 16.56
CA GLU C 110 9.58 -19.70 17.09
C GLU C 110 10.71 -20.64 17.46
N ILE C 111 11.80 -20.60 16.74
CA ILE C 111 12.91 -21.54 17.04
C ILE C 111 14.21 -20.78 17.18
N ASN C 112 14.87 -20.92 18.28
CA ASN C 112 16.16 -20.22 18.48
C ASN C 112 17.30 -21.07 17.91
N PRO C 113 18.43 -20.46 17.65
CA PRO C 113 19.61 -21.17 17.11
C PRO C 113 19.73 -22.59 17.68
N GLY C 114 19.93 -23.56 16.83
CA GLY C 114 20.03 -24.97 17.32
C GLY C 114 18.64 -25.61 17.50
N GLU C 115 17.59 -25.04 16.94
CA GLU C 115 16.24 -25.65 17.10
C GLU C 115 15.50 -25.70 15.74
N LYS C 116 14.74 -26.74 15.50
CA LYS C 116 13.96 -26.86 14.23
C LYS C 116 12.56 -27.38 14.54
N THR C 117 11.59 -27.03 13.76
CA THR C 117 10.22 -27.49 14.03
C THR C 117 9.57 -27.89 12.72
N ILE C 118 8.38 -28.39 12.81
CA ILE C 118 7.65 -28.80 11.59
C ILE C 118 6.19 -28.35 11.72
N LEU C 119 5.72 -27.55 10.81
CA LEU C 119 4.32 -27.07 10.90
C LEU C 119 3.57 -27.46 9.64
N ARG C 120 2.39 -27.97 9.80
CA ARG C 120 1.60 -28.38 8.61
C ARG C 120 0.25 -27.65 8.60
N PHE C 121 -0.08 -27.01 7.52
CA PHE C 121 -1.37 -26.29 7.43
C PHE C 121 -2.08 -26.66 6.11
N LYS C 122 -3.39 -26.57 6.09
CA LYS C 122 -4.17 -26.89 4.88
C LYS C 122 -4.27 -25.64 4.00
N ALA C 123 -3.97 -25.80 2.76
CA ALA C 123 -4.03 -24.68 1.80
C ALA C 123 -5.45 -24.62 1.32
N THR C 124 -6.23 -23.88 2.01
CA THR C 124 -7.70 -23.84 1.69
C THR C 124 -8.10 -22.76 0.66
N LYS C 125 -7.21 -21.90 0.28
CA LYS C 125 -7.57 -20.83 -0.68
C LYS C 125 -6.52 -20.79 -1.79
N PRO C 126 -6.96 -20.69 -3.01
CA PRO C 126 -6.06 -20.66 -4.19
C PRO C 126 -5.51 -19.26 -4.48
N GLY C 127 -4.21 -19.14 -4.67
CA GLY C 127 -3.65 -17.79 -4.98
C GLY C 127 -2.24 -17.64 -4.39
N VAL C 128 -1.45 -16.77 -4.96
CA VAL C 128 -0.08 -16.55 -4.46
C VAL C 128 -0.19 -15.78 -3.15
N PHE C 129 0.67 -16.07 -2.23
CA PHE C 129 0.59 -15.39 -0.93
C PHE C 129 2.00 -15.18 -0.43
N VAL C 130 2.21 -14.19 0.36
CA VAL C 130 3.62 -13.95 0.85
C VAL C 130 3.87 -14.51 2.28
N TYR C 131 4.94 -15.28 2.47
CA TYR C 131 5.29 -15.79 3.80
C TYR C 131 6.44 -14.94 4.32
N HIS C 132 6.60 -14.81 5.60
CA HIS C 132 7.70 -13.95 6.13
C HIS C 132 7.87 -14.15 7.64
N CYS C 133 9.10 -14.12 8.12
CA CYS C 133 9.34 -14.34 9.58
C CYS C 133 8.86 -13.10 10.34
N ALA C 134 8.39 -13.27 11.54
CA ALA C 134 7.90 -12.08 12.29
C ALA C 134 7.96 -12.34 13.79
N PRO C 135 9.13 -12.36 14.34
CA PRO C 135 9.33 -12.58 15.80
C PRO C 135 8.74 -11.41 16.61
N PRO C 136 7.88 -11.71 17.55
CA PRO C 136 7.23 -10.66 18.40
C PRO C 136 8.19 -9.54 18.84
N GLY C 137 7.89 -8.30 18.51
CA GLY C 137 8.79 -7.18 18.93
C GLY C 137 9.80 -6.78 17.83
N MET C 138 10.12 -7.65 16.90
CA MET C 138 11.11 -7.28 15.86
C MET C 138 10.62 -7.77 14.51
N VAL C 139 9.36 -7.58 14.26
CA VAL C 139 8.79 -8.04 12.96
C VAL C 139 9.42 -7.30 11.76
N PRO C 140 9.16 -6.03 11.64
CA PRO C 140 9.65 -5.18 10.52
C PRO C 140 11.14 -5.37 10.24
N TRP C 141 11.92 -5.56 11.27
CA TRP C 141 13.39 -5.75 11.07
C TRP C 141 13.67 -7.05 10.30
N HIS C 142 13.08 -8.14 10.71
CA HIS C 142 13.32 -9.44 10.03
C HIS C 142 12.82 -9.39 8.58
N VAL C 143 11.70 -8.78 8.34
CA VAL C 143 11.15 -8.73 6.95
C VAL C 143 12.06 -7.87 6.06
N VAL C 144 12.44 -6.71 6.53
CA VAL C 144 13.30 -5.81 5.70
C VAL C 144 14.64 -6.49 5.47
N SER C 145 15.09 -7.24 6.43
CA SER C 145 16.39 -7.95 6.27
C SER C 145 16.31 -9.00 5.14
N GLY C 146 15.19 -9.15 4.50
CA GLY C 146 15.05 -10.15 3.41
C GLY C 146 14.52 -11.48 3.94
N MET C 147 13.79 -11.48 5.03
CA MET C 147 13.26 -12.77 5.55
C MET C 147 11.80 -12.93 5.09
N ASN C 148 11.61 -13.15 3.82
CA ASN C 148 10.23 -13.29 3.31
C ASN C 148 10.26 -13.79 1.85
N GLY C 149 9.27 -14.52 1.47
CA GLY C 149 9.19 -15.06 0.07
C GLY C 149 7.71 -15.19 -0.32
N ALA C 150 7.31 -16.28 -0.94
CA ALA C 150 5.87 -16.41 -1.32
C ALA C 150 5.55 -17.83 -1.83
N ILE C 151 4.36 -18.32 -1.55
CA ILE C 151 3.96 -19.67 -2.03
C ILE C 151 2.76 -19.55 -2.97
N MET C 152 2.63 -20.44 -3.91
CA MET C 152 1.49 -20.38 -4.87
C MET C 152 0.62 -21.64 -4.76
N VAL C 153 -0.59 -21.48 -4.30
CA VAL C 153 -1.52 -22.63 -4.17
C VAL C 153 -2.39 -22.57 -5.40
N LEU C 154 -2.14 -23.43 -6.32
CA LEU C 154 -2.90 -23.35 -7.61
C LEU C 154 -4.16 -24.20 -7.59
N PRO C 155 -5.22 -23.70 -8.17
CA PRO C 155 -6.49 -24.46 -8.27
C PRO C 155 -6.23 -25.89 -8.76
N ARG C 156 -6.89 -26.87 -8.20
CA ARG C 156 -6.67 -28.27 -8.62
C ARG C 156 -6.72 -28.39 -10.13
N GLU C 157 -7.59 -27.66 -10.76
CA GLU C 157 -7.71 -27.73 -12.25
C GLU C 157 -6.79 -26.70 -12.96
N GLY C 158 -5.80 -26.16 -12.29
CA GLY C 158 -4.90 -25.17 -12.97
C GLY C 158 -5.51 -23.77 -12.92
N LEU C 159 -4.96 -22.86 -13.68
CA LEU C 159 -5.51 -21.46 -13.68
C LEU C 159 -6.45 -21.26 -14.87
N HIS C 160 -7.45 -20.42 -14.70
CA HIS C 160 -8.41 -20.15 -15.80
C HIS C 160 -8.73 -18.64 -15.77
N ASP C 161 -9.16 -18.11 -16.87
CA ASP C 161 -9.48 -16.64 -16.92
C ASP C 161 -10.74 -16.35 -16.11
N GLY C 162 -11.39 -15.24 -16.38
CA GLY C 162 -12.63 -14.89 -15.61
C GLY C 162 -13.85 -15.66 -16.18
N LYS C 163 -13.79 -16.11 -17.40
CA LYS C 163 -14.96 -16.85 -17.97
C LYS C 163 -14.86 -18.36 -17.70
N GLY C 164 -13.73 -18.82 -17.22
CA GLY C 164 -13.59 -20.30 -16.95
C GLY C 164 -12.57 -20.97 -17.92
N LYS C 165 -12.14 -20.32 -18.97
CA LYS C 165 -11.18 -20.96 -19.92
C LYS C 165 -9.88 -21.26 -19.20
N ALA C 166 -9.20 -22.28 -19.60
CA ALA C 166 -7.91 -22.64 -18.94
C ALA C 166 -6.72 -21.82 -19.51
N LEU C 167 -5.94 -21.22 -18.63
CA LEU C 167 -4.74 -20.46 -19.02
C LEU C 167 -3.55 -21.25 -18.50
N THR C 168 -2.74 -21.73 -19.39
CA THR C 168 -1.61 -22.56 -18.99
C THR C 168 -0.37 -21.85 -19.39
N TYR C 169 0.56 -21.82 -18.54
CA TYR C 169 1.82 -21.09 -18.85
C TYR C 169 2.96 -22.06 -19.14
N ASP C 170 3.82 -21.71 -20.06
CA ASP C 170 4.99 -22.58 -20.37
C ASP C 170 6.16 -22.28 -19.41
N LYS C 171 6.24 -21.08 -18.87
CA LYS C 171 7.36 -20.76 -17.95
C LYS C 171 6.86 -19.87 -16.81
N ILE C 172 7.36 -20.08 -15.63
CA ILE C 172 6.93 -19.25 -14.47
C ILE C 172 8.16 -18.77 -13.67
N TYR C 173 8.21 -17.49 -13.38
CA TYR C 173 9.36 -16.93 -12.62
C TYR C 173 8.79 -16.20 -11.41
N TYR C 174 9.51 -16.19 -10.34
CA TYR C 174 9.05 -15.51 -9.11
C TYR C 174 10.02 -14.41 -8.75
N VAL C 175 9.57 -13.19 -8.81
CA VAL C 175 10.46 -12.04 -8.50
C VAL C 175 10.03 -11.40 -7.18
N GLY C 176 10.80 -11.61 -6.16
CA GLY C 176 10.50 -11.03 -4.83
C GLY C 176 11.19 -9.69 -4.71
N GLU C 177 10.44 -8.67 -4.47
CA GLU C 177 10.99 -7.31 -4.36
C GLU C 177 11.30 -7.08 -2.91
N GLN C 178 12.30 -6.33 -2.65
CA GLN C 178 12.66 -6.08 -1.23
C GLN C 178 13.14 -4.65 -1.02
N ASP C 179 12.53 -3.95 -0.12
CA ASP C 179 12.96 -2.55 0.16
C ASP C 179 13.88 -2.56 1.39
N PHE C 180 15.10 -2.14 1.24
CA PHE C 180 16.02 -2.15 2.39
C PHE C 180 16.11 -0.75 2.99
N TYR C 181 16.88 -0.64 4.02
CA TYR C 181 17.06 0.67 4.71
C TYR C 181 18.46 0.64 5.30
N VAL C 182 19.43 1.00 4.52
CA VAL C 182 20.83 0.91 4.99
C VAL C 182 21.28 2.21 5.61
N PRO C 183 21.81 2.12 6.79
CA PRO C 183 22.33 3.32 7.52
C PRO C 183 23.60 3.91 6.87
N ARG C 184 23.70 5.23 6.79
CA ARG C 184 24.89 5.87 6.19
C ARG C 184 25.56 6.73 7.25
N ASP C 185 26.82 7.00 7.09
CA ASP C 185 27.55 7.83 8.10
C ASP C 185 27.29 9.33 7.87
N GLU C 186 28.20 10.19 8.27
CA GLU C 186 27.98 11.66 8.08
C GLU C 186 28.33 12.08 6.65
N ASN C 187 29.24 11.38 6.00
CA ASN C 187 29.62 11.77 4.61
C ASN C 187 28.63 11.18 3.57
N GLY C 188 27.71 10.35 3.97
CA GLY C 188 26.74 9.77 2.99
C GLY C 188 27.16 8.34 2.56
N LYS C 189 28.23 7.79 3.09
CA LYS C 189 28.64 6.41 2.70
C LYS C 189 27.90 5.37 3.54
N TYR C 190 27.45 4.31 2.92
CA TYR C 190 26.73 3.26 3.66
C TYR C 190 27.65 2.70 4.72
N LYS C 191 27.11 2.32 5.82
CA LYS C 191 27.95 1.78 6.92
C LYS C 191 27.89 0.24 6.91
N LYS C 192 28.97 -0.38 7.28
CA LYS C 192 28.99 -1.86 7.32
C LYS C 192 29.30 -2.29 8.74
N TYR C 193 28.85 -3.44 9.14
CA TYR C 193 29.12 -3.87 10.52
C TYR C 193 29.71 -5.25 10.52
N GLU C 194 29.67 -5.91 11.62
CA GLU C 194 30.24 -7.29 11.69
C GLU C 194 29.14 -8.29 12.09
N ALA C 195 28.09 -7.84 12.74
CA ALA C 195 27.02 -8.77 13.14
C ALA C 195 25.68 -8.14 12.81
N PRO C 196 24.65 -8.92 12.87
CA PRO C 196 23.26 -8.46 12.57
C PRO C 196 22.70 -7.53 13.65
N GLY C 197 22.98 -7.81 14.90
CA GLY C 197 22.44 -6.95 15.99
C GLY C 197 23.15 -5.57 16.01
N ASP C 198 24.40 -5.52 15.63
CA ASP C 198 25.14 -4.22 15.65
C ASP C 198 24.46 -3.20 14.74
N ALA C 199 23.73 -3.64 13.75
CA ALA C 199 23.06 -2.67 12.82
C ALA C 199 21.54 -2.54 13.11
N TYR C 200 21.07 -3.00 14.24
CA TYR C 200 19.60 -2.87 14.55
C TYR C 200 19.17 -1.40 14.85
N GLU C 201 19.84 -0.69 15.74
CA GLU C 201 19.41 0.69 16.08
C GLU C 201 19.53 1.61 14.87
N ASP C 202 20.64 1.56 14.20
CA ASP C 202 20.85 2.45 13.01
C ASP C 202 19.83 2.11 11.93
N THR C 203 19.53 0.87 11.76
CA THR C 203 18.54 0.48 10.71
C THR C 203 17.15 1.00 11.09
N VAL C 204 16.73 0.79 12.30
CA VAL C 204 15.38 1.27 12.73
C VAL C 204 15.23 2.75 12.38
N LYS C 205 16.24 3.53 12.68
CA LYS C 205 16.16 4.98 12.37
C LYS C 205 15.84 5.18 10.89
N VAL C 206 16.48 4.44 10.02
CA VAL C 206 16.21 4.59 8.56
C VAL C 206 14.82 4.05 8.24
N MET C 207 14.45 2.94 8.83
CA MET C 207 13.11 2.36 8.53
C MET C 207 12.00 3.34 8.92
N ARG C 208 12.17 4.08 9.98
CA ARG C 208 11.11 5.05 10.40
C ARG C 208 10.87 6.09 9.29
N THR C 209 11.91 6.49 8.62
CA THR C 209 11.75 7.50 7.54
C THR C 209 10.83 6.98 6.42
N LEU C 210 10.46 5.72 6.44
CA LEU C 210 9.57 5.19 5.36
C LEU C 210 10.19 5.48 3.98
N THR C 211 11.50 5.55 3.91
CA THR C 211 12.15 5.82 2.60
C THR C 211 13.30 4.83 2.43
N PRO C 212 13.08 3.80 1.66
CA PRO C 212 14.11 2.74 1.42
C PRO C 212 15.32 3.22 0.61
N THR C 213 16.52 2.96 1.09
CA THR C 213 17.73 3.40 0.33
C THR C 213 17.86 2.55 -0.96
N HIS C 214 17.29 1.38 -1.00
CA HIS C 214 17.40 0.53 -2.22
C HIS C 214 16.19 -0.40 -2.30
N VAL C 215 15.59 -0.49 -3.46
CA VAL C 215 14.41 -1.37 -3.62
C VAL C 215 14.75 -2.25 -4.79
N VAL C 216 14.92 -3.51 -4.59
CA VAL C 216 15.37 -4.28 -5.76
C VAL C 216 14.68 -5.61 -5.86
N PHE C 217 15.12 -6.40 -6.78
CA PHE C 217 14.50 -7.73 -6.98
C PHE C 217 15.57 -8.81 -6.86
N ASN C 218 15.28 -9.86 -6.15
CA ASN C 218 16.29 -10.96 -5.97
C ASN C 218 17.38 -10.61 -4.93
N GLY C 219 17.22 -9.55 -4.16
CA GLY C 219 18.25 -9.20 -3.13
C GLY C 219 19.44 -8.34 -3.69
N ALA C 220 19.36 -7.69 -4.84
CA ALA C 220 20.53 -6.85 -5.27
C ALA C 220 20.22 -6.03 -6.54
N VAL C 221 20.65 -4.78 -6.58
CA VAL C 221 20.42 -3.97 -7.81
C VAL C 221 21.08 -4.69 -8.98
N GLY C 222 20.36 -4.90 -10.04
CA GLY C 222 20.95 -5.62 -11.20
C GLY C 222 21.05 -7.14 -10.93
N ALA C 223 20.23 -7.69 -10.04
CA ALA C 223 20.31 -9.16 -9.78
C ALA C 223 19.68 -10.00 -10.92
N LEU C 224 18.55 -9.60 -11.46
CA LEU C 224 17.88 -10.40 -12.55
C LEU C 224 18.20 -9.86 -13.95
N THR C 225 19.41 -9.46 -14.18
CA THR C 225 19.85 -8.97 -15.52
C THR C 225 21.24 -9.55 -15.83
N GLY C 226 21.56 -9.73 -17.08
CA GLY C 226 22.88 -10.32 -17.45
C GLY C 226 22.75 -11.83 -17.40
N ASP C 227 23.57 -12.47 -16.62
CA ASP C 227 23.46 -13.96 -16.52
C ASP C 227 22.12 -14.37 -15.87
N LYS C 228 21.49 -13.48 -15.12
CA LYS C 228 20.18 -13.85 -14.48
C LYS C 228 18.97 -13.31 -15.27
N ALA C 229 19.17 -12.60 -16.35
CA ALA C 229 17.98 -12.08 -17.11
C ALA C 229 17.03 -13.24 -17.45
N MET C 230 15.76 -13.09 -17.15
CA MET C 230 14.80 -14.16 -17.47
C MET C 230 14.87 -14.43 -18.96
N THR C 231 14.20 -15.43 -19.40
CA THR C 231 14.20 -15.76 -20.84
C THR C 231 12.79 -16.19 -21.29
N ALA C 232 12.49 -15.95 -22.54
CA ALA C 232 11.16 -16.33 -23.10
C ALA C 232 11.22 -16.14 -24.63
N ALA C 233 10.46 -16.91 -25.38
CA ALA C 233 10.49 -16.78 -26.85
C ALA C 233 9.10 -16.41 -27.36
N VAL C 234 9.05 -15.69 -28.43
CA VAL C 234 7.75 -15.27 -29.01
C VAL C 234 6.83 -16.46 -29.05
N GLY C 235 5.61 -16.27 -28.64
CA GLY C 235 4.63 -17.40 -28.63
C GLY C 235 4.61 -18.14 -27.26
N GLU C 236 5.51 -17.84 -26.36
CA GLU C 236 5.53 -18.52 -25.05
C GLU C 236 4.69 -17.74 -24.04
N LYS C 237 4.03 -18.44 -23.18
CA LYS C 237 3.18 -17.80 -22.15
C LYS C 237 3.94 -17.91 -20.86
N VAL C 238 4.04 -16.86 -20.14
CA VAL C 238 4.83 -16.90 -18.90
C VAL C 238 4.10 -16.23 -17.76
N LEU C 239 4.11 -16.86 -16.63
CA LEU C 239 3.45 -16.29 -15.43
C LEU C 239 4.53 -15.72 -14.52
N ILE C 240 4.44 -14.46 -14.18
CA ILE C 240 5.46 -13.82 -13.33
C ILE C 240 4.85 -13.45 -11.97
N VAL C 241 5.13 -14.25 -10.98
CA VAL C 241 4.62 -13.97 -9.62
C VAL C 241 5.54 -12.96 -8.97
N HIS C 242 4.98 -12.04 -8.28
CA HIS C 242 5.80 -10.99 -7.65
C HIS C 242 5.27 -10.74 -6.25
N SER C 243 6.14 -10.59 -5.32
CA SER C 243 5.68 -10.36 -3.92
C SER C 243 6.49 -9.26 -3.23
N GLN C 244 5.83 -8.55 -2.35
CA GLN C 244 6.45 -7.46 -1.55
C GLN C 244 5.85 -7.58 -0.14
N ALA C 245 6.63 -8.04 0.80
CA ALA C 245 6.12 -8.27 2.18
C ALA C 245 6.60 -7.16 3.11
N ASN C 246 6.45 -5.98 2.65
CA ASN C 246 6.85 -4.77 3.43
C ASN C 246 6.86 -3.50 2.54
N ARG C 247 5.99 -3.38 1.54
CA ARG C 247 6.02 -2.14 0.72
C ARG C 247 5.14 -2.30 -0.51
N ASP C 248 4.40 -1.29 -0.88
CA ASP C 248 3.53 -1.42 -2.10
C ASP C 248 4.36 -1.17 -3.40
N THR C 249 4.19 -2.01 -4.41
CA THR C 249 4.92 -1.81 -5.69
C THR C 249 3.90 -1.73 -6.83
N ARG C 250 4.37 -1.53 -8.01
CA ARG C 250 3.48 -1.44 -9.21
C ARG C 250 4.23 -1.99 -10.42
N PRO C 251 4.15 -3.28 -10.60
CA PRO C 251 4.85 -4.01 -11.69
C PRO C 251 4.49 -3.50 -13.09
N HIS C 252 5.42 -3.57 -13.98
CA HIS C 252 5.18 -3.13 -15.39
C HIS C 252 6.25 -3.72 -16.35
N LEU C 253 5.82 -4.54 -17.29
CA LEU C 253 6.75 -5.13 -18.29
C LEU C 253 6.90 -4.15 -19.45
N ILE C 254 8.04 -3.56 -19.55
CA ILE C 254 8.34 -2.57 -20.60
C ILE C 254 8.31 -3.27 -21.93
N GLY C 255 7.53 -2.76 -22.81
CA GLY C 255 7.43 -3.41 -24.15
C GLY C 255 6.28 -4.44 -24.16
N GLY C 256 5.76 -4.83 -23.02
CA GLY C 256 4.66 -5.83 -23.01
C GLY C 256 3.57 -5.39 -22.05
N HIS C 257 2.78 -6.31 -21.59
CA HIS C 257 1.68 -5.96 -20.66
C HIS C 257 1.20 -7.23 -19.94
N GLY C 258 0.40 -7.06 -18.93
CA GLY C 258 -0.12 -8.23 -18.18
C GLY C 258 -1.44 -8.64 -18.80
N ASP C 259 -1.41 -9.60 -19.66
CA ASP C 259 -2.66 -10.03 -20.34
C ASP C 259 -3.72 -10.27 -19.28
N TYR C 260 -3.41 -11.12 -18.37
CA TYR C 260 -4.34 -11.42 -17.25
C TYR C 260 -3.56 -11.21 -15.96
N VAL C 261 -4.03 -10.39 -15.06
CA VAL C 261 -3.22 -10.15 -13.83
C VAL C 261 -4.06 -10.24 -12.56
N TRP C 262 -3.85 -11.26 -11.79
CA TRP C 262 -4.57 -11.38 -10.49
C TRP C 262 -3.83 -10.46 -9.55
N ALA C 263 -4.18 -9.21 -9.58
CA ALA C 263 -3.45 -8.18 -8.80
C ALA C 263 -3.49 -8.53 -7.33
N THR C 264 -4.61 -8.93 -6.89
CA THR C 264 -4.77 -9.29 -5.45
C THR C 264 -4.07 -10.63 -5.15
N GLY C 265 -3.60 -11.31 -6.16
CA GLY C 265 -2.92 -12.63 -5.89
C GLY C 265 -3.94 -13.70 -5.39
N LYS C 266 -5.18 -13.60 -5.79
CA LYS C 266 -6.20 -14.59 -5.37
C LYS C 266 -6.84 -15.12 -6.66
N PHE C 267 -6.81 -16.39 -6.85
CA PHE C 267 -7.36 -16.98 -8.12
C PHE C 267 -8.89 -16.81 -8.18
N ASN C 268 -9.56 -16.97 -7.09
CA ASN C 268 -11.04 -16.85 -7.08
C ASN C 268 -11.43 -15.48 -7.59
N THR C 269 -10.63 -14.50 -7.31
CA THR C 269 -10.95 -13.13 -7.77
C THR C 269 -10.56 -13.00 -9.25
N PRO C 270 -11.52 -12.75 -10.10
CA PRO C 270 -11.27 -12.61 -11.57
C PRO C 270 -10.02 -11.77 -11.87
N PRO C 271 -9.19 -12.18 -12.81
CA PRO C 271 -7.94 -11.42 -13.14
C PRO C 271 -8.15 -10.20 -14.08
N ASP C 272 -7.74 -9.00 -13.69
CA ASP C 272 -7.90 -7.86 -14.61
C ASP C 272 -7.29 -8.27 -15.95
N VAL C 273 -7.49 -7.52 -16.98
CA VAL C 273 -6.91 -7.93 -18.30
C VAL C 273 -6.38 -6.70 -19.07
N ASP C 274 -5.38 -6.91 -19.89
CA ASP C 274 -4.82 -5.81 -20.70
C ASP C 274 -4.28 -4.79 -19.73
N GLN C 275 -3.44 -5.22 -18.85
CA GLN C 275 -2.92 -4.24 -17.83
C GLN C 275 -1.53 -3.69 -18.19
N GLU C 276 -1.37 -2.37 -18.22
CA GLU C 276 -0.02 -1.78 -18.49
C GLU C 276 0.83 -1.79 -17.20
N THR C 277 0.24 -1.48 -16.06
CA THR C 277 0.97 -1.45 -14.78
C THR C 277 -0.02 -1.87 -13.69
N TRP C 278 0.31 -2.85 -12.93
CA TRP C 278 -0.63 -3.33 -11.89
C TRP C 278 -0.31 -2.70 -10.55
N PHE C 279 -0.79 -3.28 -9.48
CA PHE C 279 -0.52 -2.72 -8.14
C PHE C 279 -0.63 -3.81 -7.07
N ILE C 280 0.45 -4.07 -6.37
CA ILE C 280 0.44 -5.10 -5.30
C ILE C 280 0.79 -4.39 -4.00
N PRO C 281 -0.12 -4.39 -3.07
CA PRO C 281 0.06 -3.70 -1.75
C PRO C 281 1.01 -4.43 -0.79
N GLY C 282 1.91 -3.70 -0.18
CA GLY C 282 2.83 -4.32 0.79
C GLY C 282 2.07 -5.40 1.54
N GLY C 283 2.72 -6.47 1.82
CA GLY C 283 2.06 -7.60 2.52
C GLY C 283 1.23 -8.42 1.53
N ALA C 284 1.61 -8.50 0.27
CA ALA C 284 0.76 -9.31 -0.67
C ALA C 284 1.52 -9.69 -1.95
N ALA C 285 1.27 -10.86 -2.48
CA ALA C 285 1.94 -11.27 -3.76
C ALA C 285 0.89 -11.45 -4.87
N GLY C 286 1.15 -10.97 -6.06
CA GLY C 286 0.16 -11.11 -7.16
C GLY C 286 0.75 -12.00 -8.26
N ALA C 287 0.15 -11.97 -9.42
CA ALA C 287 0.65 -12.80 -10.55
C ALA C 287 0.13 -12.23 -11.87
N ALA C 288 0.97 -12.20 -12.87
CA ALA C 288 0.56 -11.67 -14.20
C ALA C 288 0.98 -12.67 -15.27
N PHE C 289 0.09 -12.96 -16.17
CA PHE C 289 0.41 -13.94 -17.24
C PHE C 289 0.40 -13.21 -18.57
N TYR C 290 1.38 -13.41 -19.37
CA TYR C 290 1.43 -12.70 -20.67
C TYR C 290 2.12 -13.55 -21.73
N THR C 291 1.61 -13.51 -22.92
CA THR C 291 2.20 -14.27 -24.04
C THR C 291 3.06 -13.32 -24.85
N PHE C 292 4.33 -13.59 -24.92
CA PHE C 292 5.25 -12.70 -25.67
C PHE C 292 4.94 -12.72 -27.16
N GLN C 293 4.96 -11.57 -27.78
CA GLN C 293 4.69 -11.49 -29.24
C GLN C 293 5.88 -10.86 -30.00
N GLN C 294 6.82 -10.25 -29.31
CA GLN C 294 7.98 -9.63 -30.02
C GLN C 294 9.28 -10.00 -29.32
N PRO C 295 10.31 -10.26 -30.09
CA PRO C 295 11.65 -10.64 -29.57
C PRO C 295 12.50 -9.43 -29.22
N GLY C 296 13.41 -9.57 -28.30
CA GLY C 296 14.26 -8.42 -27.92
C GLY C 296 14.43 -8.41 -26.40
N ILE C 297 14.97 -7.35 -25.88
CA ILE C 297 15.17 -7.26 -24.40
C ILE C 297 14.10 -6.34 -23.80
N TYR C 298 13.39 -6.82 -22.82
CA TYR C 298 12.33 -6.01 -22.17
C TYR C 298 12.65 -5.88 -20.68
N ALA C 299 12.46 -4.73 -20.13
CA ALA C 299 12.75 -4.52 -18.69
C ALA C 299 11.47 -4.67 -17.92
N TYR C 300 11.54 -5.22 -16.75
CA TYR C 300 10.29 -5.42 -15.98
C TYR C 300 10.53 -4.79 -14.64
N VAL C 301 9.83 -3.77 -14.28
CA VAL C 301 10.20 -3.19 -12.97
C VAL C 301 9.10 -2.37 -12.34
N ASN C 302 9.35 -1.98 -11.13
CA ASN C 302 8.39 -1.17 -10.37
C ASN C 302 8.27 0.13 -11.12
N HIS C 303 7.10 0.52 -11.45
CA HIS C 303 6.98 1.77 -12.26
C HIS C 303 7.62 2.90 -11.48
N ASN C 304 7.30 3.09 -10.23
CA ASN C 304 8.04 4.19 -9.56
C ASN C 304 9.41 4.31 -10.30
N LEU C 305 9.47 5.10 -11.36
CA LEU C 305 10.71 5.20 -12.18
C LEU C 305 11.91 5.38 -11.27
N ILE C 306 11.75 6.21 -10.31
CA ILE C 306 12.87 6.46 -9.36
C ILE C 306 13.22 5.15 -8.68
N GLU C 307 12.23 4.51 -8.13
CA GLU C 307 12.48 3.19 -7.47
C GLU C 307 13.06 2.16 -8.48
N ALA C 308 12.67 2.21 -9.74
CA ALA C 308 13.20 1.22 -10.73
C ALA C 308 14.58 1.61 -11.35
N PHE C 309 14.95 2.87 -11.43
CA PHE C 309 16.26 3.19 -12.07
C PHE C 309 17.24 3.75 -11.06
N GLU C 310 16.75 4.52 -10.14
CA GLU C 310 17.66 5.12 -9.12
C GLU C 310 17.82 4.21 -7.88
N LEU C 311 16.85 3.39 -7.54
CA LEU C 311 17.01 2.54 -6.33
C LEU C 311 17.53 1.17 -6.73
N GLY C 312 16.95 0.59 -7.74
CA GLY C 312 17.40 -0.76 -8.20
C GLY C 312 16.20 -1.74 -8.41
N ALA C 313 15.00 -1.28 -8.72
CA ALA C 313 13.88 -2.24 -8.95
C ALA C 313 13.68 -2.46 -10.45
N ALA C 314 14.62 -3.07 -11.14
CA ALA C 314 14.44 -3.30 -12.60
C ALA C 314 15.19 -4.55 -13.06
N ALA C 315 14.49 -5.51 -13.63
CA ALA C 315 15.16 -6.74 -14.12
C ALA C 315 15.01 -6.75 -15.63
N HIS C 316 15.46 -7.75 -16.30
CA HIS C 316 15.29 -7.73 -17.79
C HIS C 316 15.06 -9.13 -18.39
N PHE C 317 14.06 -9.27 -19.26
CA PHE C 317 13.83 -10.59 -19.93
C PHE C 317 14.31 -10.55 -21.41
N LYS C 318 15.10 -11.52 -21.83
CA LYS C 318 15.61 -11.59 -23.20
C LYS C 318 14.72 -12.57 -23.91
N VAL C 319 14.19 -12.19 -25.01
CA VAL C 319 13.25 -13.07 -25.71
C VAL C 319 13.73 -13.28 -27.11
N THR C 320 13.60 -14.47 -27.56
CA THR C 320 14.06 -14.79 -28.95
C THR C 320 12.86 -15.03 -29.84
N GLY C 321 13.03 -14.91 -31.13
CA GLY C 321 11.87 -15.14 -32.06
C GLY C 321 11.98 -14.21 -33.28
N GLU C 322 10.89 -14.02 -33.97
CA GLU C 322 10.90 -13.14 -35.17
C GLU C 322 10.09 -11.89 -34.84
N TRP C 323 10.54 -10.77 -35.31
CA TRP C 323 9.84 -9.50 -35.04
C TRP C 323 8.56 -9.46 -35.86
N ASN C 324 7.58 -8.79 -35.34
CA ASN C 324 6.27 -8.67 -36.04
C ASN C 324 6.04 -7.20 -36.36
N ASP C 325 6.17 -6.84 -37.60
CA ASP C 325 6.00 -5.42 -37.99
C ASP C 325 4.55 -5.00 -37.78
N ASP C 326 3.64 -5.87 -38.10
CA ASP C 326 2.20 -5.53 -37.93
C ASP C 326 2.01 -4.85 -36.57
N LEU C 327 2.50 -5.45 -35.53
CA LEU C 327 2.38 -4.86 -34.17
C LEU C 327 3.17 -3.55 -34.08
N MET C 328 4.38 -3.49 -34.59
CA MET C 328 5.14 -2.21 -34.47
C MET C 328 6.25 -2.16 -35.50
N THR C 329 6.39 -1.06 -36.16
CA THR C 329 7.46 -0.95 -37.19
C THR C 329 7.98 0.50 -37.26
N SER C 330 9.28 0.68 -37.36
CA SER C 330 9.84 2.06 -37.46
C SER C 330 9.78 2.51 -38.91
N VAL C 331 8.74 3.22 -39.27
CA VAL C 331 8.60 3.67 -40.68
C VAL C 331 9.82 4.50 -41.06
N LEU C 332 10.17 5.41 -40.22
CA LEU C 332 11.36 6.26 -40.50
C LEU C 332 12.32 6.22 -39.31
N ALA C 333 13.42 5.52 -39.44
CA ALA C 333 14.39 5.43 -38.31
C ALA C 333 14.94 6.83 -38.02
N PRO C 334 15.38 7.04 -36.81
CA PRO C 334 15.93 8.34 -36.37
C PRO C 334 16.94 8.90 -37.38
N SER C 335 16.69 10.05 -37.92
CA SER C 335 17.65 10.63 -38.91
C SER C 335 17.71 12.14 -38.74
N GLY C 336 18.24 12.83 -39.70
CA GLY C 336 18.33 14.31 -39.61
C GLY C 336 17.03 14.93 -40.10
N GLU D 1 21.71 -2.12 49.06
CA GLU D 1 21.46 -0.97 48.19
C GLU D 1 20.70 -1.37 46.92
N ASN D 2 20.45 -0.41 46.06
CA ASN D 2 19.62 -0.59 44.89
C ASN D 2 20.43 -0.42 43.62
N ILE D 3 20.12 -1.27 42.63
CA ILE D 3 20.78 -1.17 41.33
C ILE D 3 19.70 -1.04 40.26
N GLU D 4 19.80 0.03 39.48
CA GLU D 4 18.77 0.27 38.48
C GLU D 4 19.18 -0.28 37.11
N VAL D 5 18.26 -0.99 36.49
CA VAL D 5 18.52 -1.63 35.19
C VAL D 5 17.46 -1.15 34.20
N HIS D 6 17.84 -0.79 32.98
CA HIS D 6 16.86 -0.37 31.99
C HIS D 6 16.66 -1.46 30.92
N MET D 7 15.43 -1.56 30.46
CA MET D 7 15.06 -2.46 29.37
C MET D 7 14.85 -1.60 28.13
N LEU D 8 15.61 -1.89 27.09
CA LEU D 8 15.58 -1.08 25.88
C LEU D 8 15.43 -1.90 24.60
N ASN D 9 14.84 -1.27 23.59
CA ASN D 9 14.73 -1.90 22.27
C ASN D 9 16.09 -1.89 21.59
N LYS D 10 16.92 -0.90 21.93
CA LYS D 10 18.23 -0.83 21.30
C LYS D 10 19.22 -0.19 22.26
N GLY D 11 20.42 -0.75 22.37
CA GLY D 11 21.41 -0.17 23.29
C GLY D 11 22.80 -0.48 22.76
N ALA D 12 23.79 -0.48 23.62
CA ALA D 12 25.16 -0.68 23.19
C ALA D 12 25.40 -2.02 22.52
N GLU D 13 24.80 -3.10 23.04
CA GLU D 13 25.11 -4.38 22.42
C GLU D 13 24.21 -4.75 21.25
N GLY D 14 23.27 -3.91 20.88
CA GLY D 14 22.39 -4.23 19.76
C GLY D 14 20.93 -4.07 20.15
N ALA D 15 20.05 -4.85 19.54
CA ALA D 15 18.63 -4.78 19.80
C ALA D 15 18.27 -5.64 21.03
N MET D 16 17.24 -5.20 21.74
CA MET D 16 16.59 -5.87 22.84
C MET D 16 17.56 -6.19 23.98
N VAL D 17 17.83 -5.20 24.82
CA VAL D 17 18.85 -5.42 25.84
C VAL D 17 18.47 -4.89 27.22
N PHE D 18 19.18 -5.46 28.21
CA PHE D 18 19.10 -4.97 29.59
C PHE D 18 20.38 -4.15 29.76
N GLU D 19 20.32 -2.98 30.37
CA GLU D 19 21.53 -2.19 30.61
C GLU D 19 21.53 -1.77 32.09
N PRO D 20 22.48 -2.20 32.89
CA PRO D 20 23.58 -3.09 32.54
C PRO D 20 23.12 -4.55 32.39
N ALA D 21 23.92 -5.40 31.76
CA ALA D 21 23.47 -6.79 31.61
C ALA D 21 24.22 -7.66 32.61
N TYR D 22 25.14 -7.02 33.33
CA TYR D 22 25.89 -7.74 34.37
C TYR D 22 25.65 -6.96 35.65
N ILE D 23 25.04 -7.59 36.65
CA ILE D 23 24.68 -6.90 37.87
C ILE D 23 25.32 -7.60 39.07
N LYS D 24 26.12 -6.81 39.78
CA LYS D 24 26.82 -7.37 40.94
C LYS D 24 26.08 -6.95 42.20
N ALA D 25 25.68 -7.90 43.04
CA ALA D 25 24.90 -7.45 44.20
C ALA D 25 25.20 -8.31 45.42
N ASN D 26 24.65 -7.93 46.58
CA ASN D 26 24.83 -8.75 47.79
C ASN D 26 23.47 -9.10 48.36
N PRO D 27 23.38 -10.14 49.21
CA PRO D 27 22.08 -10.52 49.80
C PRO D 27 21.41 -9.34 50.51
N GLY D 28 20.14 -9.08 50.24
CA GLY D 28 19.43 -7.96 50.80
C GLY D 28 19.38 -6.78 49.84
N ASP D 29 20.19 -6.74 48.78
CA ASP D 29 20.10 -5.64 47.81
C ASP D 29 18.85 -5.74 46.96
N THR D 30 18.47 -4.64 46.30
CA THR D 30 17.35 -4.71 45.38
C THR D 30 17.87 -4.34 43.98
N VAL D 31 17.20 -4.91 43.00
CA VAL D 31 17.45 -4.64 41.59
C VAL D 31 16.11 -4.12 41.04
N THR D 32 16.16 -2.87 40.55
CA THR D 32 14.96 -2.27 39.99
C THR D 32 15.04 -2.23 38.46
N PHE D 33 14.09 -2.91 37.85
CA PHE D 33 14.03 -3.05 36.39
C PHE D 33 13.04 -2.04 35.83
N ILE D 34 13.51 -1.15 34.97
CA ILE D 34 12.68 -0.08 34.43
C ILE D 34 12.50 -0.20 32.93
N PRO D 35 11.31 -0.52 32.45
CA PRO D 35 11.15 -0.59 31.00
C PRO D 35 11.10 0.81 30.39
N VAL D 36 12.20 1.26 29.82
CA VAL D 36 12.28 2.57 29.17
C VAL D 36 11.52 2.53 27.86
N ASP D 37 11.58 1.40 27.17
CA ASP D 37 10.74 1.21 25.98
C ASP D 37 9.64 0.24 26.35
N LYS D 38 8.54 0.20 25.61
CA LYS D 38 7.49 -0.77 25.93
C LYS D 38 7.79 -2.14 25.33
N GLY D 39 7.14 -3.17 25.87
CA GLY D 39 7.23 -4.50 25.34
C GLY D 39 8.16 -5.42 26.09
N HIS D 40 8.64 -5.01 27.27
CA HIS D 40 9.61 -5.83 28.00
C HIS D 40 9.17 -6.21 29.41
N ASN D 41 9.73 -7.30 29.95
CA ASN D 41 9.45 -7.76 31.31
C ASN D 41 10.73 -8.46 31.79
N VAL D 42 10.67 -9.10 32.92
CA VAL D 42 11.84 -9.85 33.43
C VAL D 42 11.29 -11.11 34.09
N GLU D 43 11.97 -12.21 33.85
CA GLU D 43 11.53 -13.54 34.32
C GLU D 43 12.77 -14.39 34.62
N SER D 44 12.79 -15.09 35.76
CA SER D 44 13.96 -15.92 36.03
C SER D 44 13.90 -17.12 35.11
N ILE D 45 15.06 -17.64 34.70
CA ILE D 45 15.08 -18.79 33.81
C ILE D 45 15.17 -20.08 34.61
N LYS D 46 14.36 -21.06 34.26
CA LYS D 46 14.34 -22.37 34.98
C LYS D 46 15.74 -23.00 35.07
N ASP D 47 16.10 -23.36 36.26
CA ASP D 47 17.36 -24.01 36.55
C ASP D 47 18.58 -23.13 36.33
N MET D 48 18.34 -21.81 36.21
CA MET D 48 19.47 -20.90 36.11
C MET D 48 19.37 -19.81 37.18
N ILE D 49 18.89 -20.21 38.34
CA ILE D 49 18.90 -19.40 39.56
C ILE D 49 19.36 -20.32 40.68
N PRO D 50 19.87 -19.77 41.76
CA PRO D 50 20.42 -20.65 42.80
C PRO D 50 19.38 -21.52 43.49
N GLU D 51 19.86 -22.65 43.97
CA GLU D 51 19.15 -23.68 44.67
C GLU D 51 17.90 -23.31 45.45
N GLY D 52 17.94 -22.39 46.41
CA GLY D 52 16.75 -22.08 47.19
C GLY D 52 16.08 -20.76 46.94
N ALA D 53 16.33 -20.22 45.75
CA ALA D 53 15.75 -18.89 45.46
C ALA D 53 14.37 -19.08 44.84
N GLU D 54 13.48 -18.13 44.98
CA GLU D 54 12.16 -18.25 44.38
C GLU D 54 12.16 -17.80 42.92
N LYS D 55 11.36 -18.44 42.09
CA LYS D 55 11.23 -18.03 40.69
C LYS D 55 10.45 -16.72 40.66
N PHE D 56 10.60 -15.92 39.60
CA PHE D 56 9.89 -14.64 39.53
C PHE D 56 9.57 -14.27 38.09
N LYS D 57 8.49 -13.50 37.93
CA LYS D 57 8.11 -13.08 36.59
C LYS D 57 7.31 -11.79 36.70
N SER D 58 7.79 -10.75 36.02
CA SER D 58 7.06 -9.48 36.13
C SER D 58 6.06 -9.29 35.01
N LYS D 59 5.14 -8.32 35.09
CA LYS D 59 4.24 -8.10 33.96
C LYS D 59 4.92 -7.21 32.92
N ILE D 60 4.55 -7.34 31.65
CA ILE D 60 5.15 -6.51 30.62
C ILE D 60 4.86 -5.04 30.85
N ASN D 61 5.86 -4.18 30.69
CA ASN D 61 5.77 -2.74 30.86
C ASN D 61 5.77 -2.21 32.27
N GLU D 62 5.75 -3.07 33.28
CA GLU D 62 5.83 -2.66 34.67
C GLU D 62 7.25 -2.55 35.22
N ASN D 63 7.38 -1.57 36.11
CA ASN D 63 8.62 -1.38 36.86
C ASN D 63 8.64 -2.51 37.87
N TYR D 64 9.73 -3.27 37.98
CA TYR D 64 9.70 -4.36 38.94
C TYR D 64 10.90 -4.30 39.87
N VAL D 65 10.65 -4.49 41.17
CA VAL D 65 11.76 -4.45 42.11
C VAL D 65 12.04 -5.87 42.60
N LEU D 66 13.22 -6.38 42.28
CA LEU D 66 13.60 -7.71 42.74
C LEU D 66 14.43 -7.61 44.00
N THR D 67 14.08 -8.33 45.06
CA THR D 67 14.99 -8.40 46.21
C THR D 67 15.80 -9.69 46.11
N VAL D 68 17.12 -9.59 46.22
CA VAL D 68 17.92 -10.80 46.08
C VAL D 68 18.42 -11.25 47.46
N THR D 69 18.20 -12.51 47.75
CA THR D 69 18.58 -13.09 49.04
C THR D 69 19.68 -14.13 48.89
N GLN D 70 19.41 -15.20 48.14
CA GLN D 70 20.41 -16.27 48.00
C GLN D 70 21.59 -15.91 47.14
N PRO D 71 22.80 -16.23 47.60
CA PRO D 71 24.03 -16.00 46.85
C PRO D 71 24.06 -16.97 45.66
N GLY D 72 24.82 -16.58 44.64
CA GLY D 72 24.86 -17.39 43.45
C GLY D 72 24.56 -16.53 42.22
N ALA D 73 24.57 -17.16 41.06
CA ALA D 73 24.30 -16.44 39.81
C ALA D 73 22.86 -16.72 39.40
N TYR D 74 22.27 -15.73 38.75
CA TYR D 74 20.90 -15.78 38.28
C TYR D 74 20.95 -15.26 36.81
N LEU D 75 20.37 -16.07 35.92
CA LEU D 75 20.25 -15.54 34.54
C LEU D 75 18.77 -15.21 34.39
N VAL D 76 18.49 -13.97 34.01
CA VAL D 76 17.09 -13.59 33.82
C VAL D 76 16.90 -13.24 32.34
N LYS D 77 15.66 -13.37 31.90
CA LYS D 77 15.40 -13.03 30.49
C LYS D 77 14.23 -12.06 30.45
N CYS D 78 14.03 -11.50 29.27
CA CYS D 78 12.80 -10.79 28.94
C CYS D 78 11.96 -11.90 28.26
N THR D 79 10.73 -12.14 28.70
CA THR D 79 9.93 -13.24 28.16
C THR D 79 9.74 -13.11 26.66
N PRO D 80 9.25 -12.00 26.14
CA PRO D 80 9.09 -11.93 24.69
C PRO D 80 10.39 -11.89 23.93
N HIS D 81 11.47 -11.29 24.44
CA HIS D 81 12.65 -11.19 23.58
C HIS D 81 13.84 -12.08 23.95
N TYR D 82 13.60 -13.11 24.74
CA TYR D 82 14.66 -14.04 25.11
C TYR D 82 15.34 -14.62 23.88
N ALA D 83 14.53 -15.04 22.90
CA ALA D 83 15.17 -15.62 21.70
C ALA D 83 15.99 -14.61 20.91
N MET D 84 15.83 -13.32 21.12
CA MET D 84 16.62 -12.30 20.45
C MET D 84 17.80 -11.87 21.31
N GLY D 85 18.05 -12.56 22.41
CA GLY D 85 19.22 -12.32 23.23
C GLY D 85 18.99 -11.47 24.45
N MET D 86 17.77 -11.12 24.79
CA MET D 86 17.61 -10.16 25.91
C MET D 86 17.73 -10.84 27.26
N ILE D 87 18.93 -10.79 27.84
CA ILE D 87 19.15 -11.44 29.14
C ILE D 87 20.02 -10.56 30.03
N ALA D 88 20.09 -10.88 31.31
CA ALA D 88 21.01 -10.20 32.20
C ALA D 88 21.48 -11.29 33.19
N LEU D 89 22.69 -11.10 33.70
CA LEU D 89 23.24 -12.01 34.70
C LEU D 89 23.37 -11.23 36.01
N ILE D 90 22.79 -11.77 37.08
CA ILE D 90 22.93 -11.14 38.38
C ILE D 90 23.87 -12.04 39.20
N ALA D 91 24.94 -11.48 39.74
CA ALA D 91 25.87 -12.26 40.55
C ALA D 91 25.76 -11.76 41.99
N VAL D 92 25.31 -12.64 42.86
CA VAL D 92 25.12 -12.35 44.29
C VAL D 92 26.22 -12.97 45.12
N GLY D 93 27.05 -12.14 45.74
CA GLY D 93 28.14 -12.63 46.56
C GLY D 93 29.35 -12.95 45.71
N ASP D 94 30.46 -13.42 46.28
CA ASP D 94 31.62 -13.70 45.40
C ASP D 94 31.62 -15.16 44.94
N SER D 95 32.35 -15.44 43.88
CA SER D 95 32.52 -16.68 43.16
C SER D 95 31.30 -17.58 43.23
N PRO D 96 30.26 -17.15 42.51
CA PRO D 96 28.96 -17.84 42.53
C PRO D 96 29.14 -19.33 42.14
N ALA D 97 28.64 -20.19 43.01
CA ALA D 97 28.87 -21.62 42.84
C ALA D 97 28.30 -22.16 41.53
N ASN D 98 27.19 -21.56 41.07
CA ASN D 98 26.51 -22.10 39.91
C ASN D 98 26.80 -21.41 38.59
N LEU D 99 27.78 -20.51 38.50
CA LEU D 99 28.09 -19.78 37.30
C LEU D 99 28.53 -20.66 36.13
N ASP D 100 29.46 -21.60 36.32
CA ASP D 100 29.92 -22.47 35.23
C ASP D 100 28.77 -23.33 34.72
N GLN D 101 27.90 -23.76 35.63
CA GLN D 101 26.73 -24.55 35.24
C GLN D 101 25.85 -23.69 34.33
N ILE D 102 25.63 -22.43 34.71
CA ILE D 102 24.78 -21.62 33.83
C ILE D 102 25.41 -21.34 32.50
N VAL D 103 26.73 -21.18 32.47
CA VAL D 103 27.38 -20.90 31.18
C VAL D 103 27.27 -22.12 30.28
N SER D 104 27.33 -23.31 30.86
CA SER D 104 27.22 -24.52 30.03
C SER D 104 25.79 -24.88 29.66
N ALA D 105 24.75 -24.38 30.37
CA ALA D 105 23.39 -24.86 30.10
C ALA D 105 22.90 -24.57 28.69
N LYS D 106 21.92 -25.38 28.26
CA LYS D 106 21.36 -25.18 26.93
C LYS D 106 20.57 -23.87 26.85
N LYS D 107 20.85 -23.09 25.81
CA LYS D 107 20.12 -21.82 25.59
C LYS D 107 20.33 -21.38 24.14
N PRO D 108 19.54 -20.43 23.65
CA PRO D 108 19.70 -19.94 22.28
C PRO D 108 21.11 -19.44 22.02
N LYS D 109 21.58 -19.66 20.78
CA LYS D 109 22.92 -19.27 20.40
C LYS D 109 23.18 -17.80 20.63
N ILE D 110 22.18 -16.98 20.31
CA ILE D 110 22.40 -15.53 20.47
C ILE D 110 22.50 -15.19 21.96
N VAL D 111 21.70 -15.89 22.77
CA VAL D 111 21.82 -15.69 24.22
C VAL D 111 23.22 -16.02 24.70
N GLN D 112 23.70 -17.21 24.30
CA GLN D 112 25.03 -17.68 24.70
C GLN D 112 26.12 -16.67 24.33
N GLU D 113 26.05 -16.11 23.12
CA GLU D 113 27.04 -15.13 22.71
C GLU D 113 26.99 -13.88 23.56
N ARG D 114 25.79 -13.41 23.93
CA ARG D 114 25.78 -12.22 24.79
C ARG D 114 26.24 -12.48 26.20
N LEU D 115 25.87 -13.65 26.72
CA LEU D 115 26.28 -14.09 28.06
C LEU D 115 27.80 -14.12 28.14
N GLU D 116 28.43 -14.71 27.12
CA GLU D 116 29.88 -14.83 27.10
C GLU D 116 30.56 -13.47 27.08
N LYS D 117 29.93 -12.55 26.36
CA LYS D 117 30.47 -11.21 26.30
C LYS D 117 30.34 -10.52 27.66
N VAL D 118 29.16 -10.59 28.26
CA VAL D 118 28.98 -9.93 29.55
C VAL D 118 29.89 -10.50 30.62
N ILE D 119 30.16 -11.80 30.60
CA ILE D 119 31.04 -12.33 31.64
C ILE D 119 32.47 -11.87 31.41
N ALA D 120 32.83 -11.67 30.15
CA ALA D 120 34.19 -11.24 29.81
C ALA D 120 34.33 -9.72 29.99
N SER D 121 33.51 -9.04 29.21
CA SER D 121 33.32 -7.63 28.98
C SER D 121 32.01 -7.08 29.57
N ALA D 122 31.94 -7.07 30.90
CA ALA D 122 30.81 -6.55 31.65
C ALA D 122 30.99 -6.86 33.14
N LYS D 123 31.87 -7.81 33.43
CA LYS D 123 32.15 -8.28 34.77
C LYS D 123 32.71 -7.18 35.68
CU CU E . -12.39 20.89 11.44
CU CU F . -12.42 13.59 0.92
GD GD G . -10.19 4.45 25.63
GD GD H . -18.45 -10.20 24.90
GD GD I . -0.15 -31.42 21.44
CU CU J . 13.19 12.78 -22.92
CU CU K . 6.24 3.17 -18.25
GD GD L . -1.43 27.45 -19.96
GD GD M . -20.82 28.25 -21.95
GD GD N . -33.45 28.55 1.67
CU CU O . 13.46 -13.79 11.37
CU CU P . 2.14 -10.38 6.66
GD GD Q . 22.96 -14.51 -5.99
GD GD R . 17.07 -22.12 -22.00
GD GD S . 14.19 -2.23 -42.19
CU CU T . 12.09 -7.42 25.96
N THR A 2 -42.01 13.15 -4.76
CA THR A 2 -42.43 14.59 -4.75
C THR A 2 -42.08 15.24 -3.40
N ALA A 3 -42.38 16.50 -3.23
CA ALA A 3 -42.06 17.18 -1.94
C ALA A 3 -42.91 16.59 -0.81
N ALA A 4 -44.18 16.37 -1.03
CA ALA A 4 -45.04 15.81 0.05
C ALA A 4 -44.52 14.43 0.46
N GLU A 5 -44.10 13.65 -0.50
CA GLU A 5 -43.58 12.29 -0.16
C GLU A 5 -42.33 12.41 0.72
N ILE A 6 -41.42 13.28 0.37
CA ILE A 6 -40.18 13.43 1.19
C ILE A 6 -40.54 13.93 2.59
N ALA A 7 -41.45 14.87 2.68
CA ALA A 7 -41.85 15.40 4.02
C ALA A 7 -42.65 14.35 4.83
N ALA A 8 -43.25 13.38 4.20
CA ALA A 8 -44.04 12.36 4.96
C ALA A 8 -43.16 11.18 5.43
N LEU A 9 -41.93 11.09 4.99
CA LEU A 9 -41.07 9.95 5.44
C LEU A 9 -40.83 10.04 6.96
N PRO A 10 -40.86 8.92 7.65
CA PRO A 10 -40.63 8.89 9.13
C PRO A 10 -39.21 9.32 9.55
N ARG A 11 -39.09 10.18 10.53
CA ARG A 11 -37.77 10.64 11.00
C ARG A 11 -37.45 9.84 12.27
N GLN A 12 -36.26 9.35 12.37
CA GLN A 12 -35.90 8.54 13.57
C GLN A 12 -34.52 8.95 14.07
N LYS A 13 -34.44 9.30 15.30
CA LYS A 13 -33.14 9.72 15.88
C LYS A 13 -32.41 8.47 16.36
N VAL A 14 -31.12 8.47 16.24
CA VAL A 14 -30.32 7.30 16.68
C VAL A 14 -29.15 7.77 17.55
N GLU A 15 -28.93 7.09 18.63
CA GLU A 15 -27.84 7.45 19.55
C GLU A 15 -26.58 6.81 19.00
N LEU A 16 -25.53 7.56 18.95
CA LEU A 16 -24.27 6.99 18.38
C LEU A 16 -23.32 6.49 19.47
N VAL A 17 -22.51 5.50 19.18
CA VAL A 17 -21.56 5.00 20.18
C VAL A 17 -20.19 5.47 19.75
N ASP A 18 -19.19 5.06 20.43
CA ASP A 18 -17.81 5.49 20.04
C ASP A 18 -17.02 4.30 19.47
N PRO A 19 -16.26 4.52 18.43
CA PRO A 19 -15.44 3.45 17.80
C PRO A 19 -14.67 2.63 18.84
N PRO A 20 -14.35 1.41 18.52
CA PRO A 20 -14.69 0.80 17.20
C PRO A 20 -16.11 0.21 17.17
N PHE A 21 -16.86 0.35 18.23
CA PHE A 21 -18.23 -0.20 18.26
C PHE A 21 -19.11 0.53 17.23
N VAL A 22 -20.29 0.05 17.07
CA VAL A 22 -21.24 0.67 16.12
C VAL A 22 -22.59 0.73 16.82
N HIS A 23 -23.37 1.68 16.48
CA HIS A 23 -24.69 1.84 17.12
C HIS A 23 -25.58 0.64 16.80
N ALA A 24 -26.85 0.76 17.08
CA ALA A 24 -27.78 -0.38 16.80
C ALA A 24 -28.44 -0.17 15.43
N HIS A 25 -28.37 -1.17 14.59
CA HIS A 25 -29.00 -1.06 13.24
C HIS A 25 -29.29 -2.46 12.70
N SER A 26 -30.12 -2.56 11.69
CA SER A 26 -30.44 -3.89 11.11
C SER A 26 -29.82 -3.97 9.71
N GLN A 27 -29.31 -5.11 9.36
CA GLN A 27 -28.68 -5.24 8.01
C GLN A 27 -29.76 -4.96 7.01
N VAL A 28 -30.71 -5.83 6.93
CA VAL A 28 -31.84 -5.59 6.00
C VAL A 28 -32.63 -4.37 6.52
N ALA A 29 -33.00 -3.47 5.66
CA ALA A 29 -33.73 -2.25 6.10
C ALA A 29 -35.09 -2.64 6.67
N GLU A 30 -35.48 -1.99 7.72
CA GLU A 30 -36.80 -2.27 8.35
C GLU A 30 -37.76 -1.13 7.99
N GLY A 31 -38.69 -1.39 7.12
CA GLY A 31 -39.64 -0.32 6.71
C GLY A 31 -39.10 0.31 5.44
N GLY A 32 -39.73 1.35 4.99
CA GLY A 32 -39.26 2.01 3.75
C GLY A 32 -38.21 3.07 4.12
N PRO A 33 -37.94 3.95 3.21
CA PRO A 33 -36.94 5.04 3.41
C PRO A 33 -37.28 5.90 4.63
N LYS A 34 -36.30 6.31 5.37
CA LYS A 34 -36.57 7.16 6.57
C LYS A 34 -35.39 8.13 6.84
N VAL A 35 -35.72 9.34 7.23
CA VAL A 35 -34.71 10.37 7.55
C VAL A 35 -34.11 10.04 8.91
N VAL A 36 -32.90 9.59 8.88
CA VAL A 36 -32.18 9.21 10.10
C VAL A 36 -31.54 10.44 10.63
N GLU A 37 -31.72 10.66 11.87
CA GLU A 37 -31.16 11.88 12.49
C GLU A 37 -30.06 11.54 13.49
N PHE A 38 -28.94 12.18 13.35
CA PHE A 38 -27.80 11.96 14.28
C PHE A 38 -27.21 13.32 14.66
N THR A 39 -26.77 13.50 15.88
CA THR A 39 -26.20 14.81 16.30
C THR A 39 -24.82 14.60 16.90
N MET A 40 -23.85 15.35 16.46
CA MET A 40 -22.48 15.19 17.02
C MET A 40 -21.86 16.56 17.36
N VAL A 41 -21.33 16.68 18.56
CA VAL A 41 -20.69 17.94 18.99
C VAL A 41 -19.21 17.77 18.77
N ILE A 42 -18.58 18.77 18.27
CA ILE A 42 -17.13 18.67 17.98
C ILE A 42 -16.35 19.12 19.20
N GLU A 43 -15.32 18.42 19.54
CA GLU A 43 -14.54 18.82 20.74
C GLU A 43 -13.05 18.94 20.41
N GLU A 44 -12.49 20.12 20.54
CA GLU A 44 -11.03 20.28 20.25
C GLU A 44 -10.27 20.17 21.58
N LYS A 45 -9.52 19.11 21.78
CA LYS A 45 -8.80 18.97 23.05
C LYS A 45 -7.46 18.31 22.81
N LYS A 46 -6.69 18.20 23.83
CA LYS A 46 -5.35 17.56 23.69
C LYS A 46 -5.41 16.10 24.14
N ILE A 47 -5.00 15.20 23.29
CA ILE A 47 -5.01 13.76 23.64
C ILE A 47 -3.60 13.17 23.44
N VAL A 48 -3.23 12.24 24.27
CA VAL A 48 -1.93 11.60 24.19
C VAL A 48 -2.06 10.49 23.19
N ILE A 49 -1.05 10.26 22.46
CA ILE A 49 -1.13 9.20 21.40
C ILE A 49 0.18 8.42 21.31
N ASP A 50 0.81 8.18 22.42
CA ASP A 50 2.10 7.41 22.44
C ASP A 50 2.54 7.17 23.91
N ASP A 51 3.18 6.05 24.20
CA ASP A 51 3.62 5.79 25.61
C ASP A 51 4.60 6.88 26.12
N ALA A 52 5.09 7.77 25.29
CA ALA A 52 6.04 8.82 25.77
C ALA A 52 5.30 10.12 26.12
N GLY A 53 4.00 10.11 26.18
CA GLY A 53 3.24 11.37 26.53
C GLY A 53 3.16 12.36 25.34
N THR A 54 3.32 11.91 24.12
CA THR A 54 3.22 12.84 22.96
C THR A 54 1.78 13.34 22.93
N GLU A 55 1.58 14.56 22.60
CA GLU A 55 0.16 15.06 22.61
C GLU A 55 -0.19 15.75 21.29
N VAL A 56 -1.37 15.51 20.79
CA VAL A 56 -1.81 16.18 19.53
C VAL A 56 -3.19 16.86 19.72
N HIS A 57 -3.26 18.16 19.48
CA HIS A 57 -4.54 18.90 19.62
C HIS A 57 -5.53 18.29 18.65
N ALA A 58 -6.30 17.38 19.14
CA ALA A 58 -7.27 16.66 18.28
C ALA A 58 -8.53 17.48 18.05
N MET A 59 -9.07 17.32 16.88
CA MET A 59 -10.31 18.00 16.48
C MET A 59 -11.20 16.82 16.27
N ALA A 60 -12.16 16.65 17.10
CA ALA A 60 -12.86 15.38 16.98
C ALA A 60 -14.32 15.54 16.92
N PHE A 61 -14.87 14.85 16.02
CA PHE A 61 -16.36 14.85 15.90
C PHE A 61 -16.92 13.85 16.92
N ASN A 62 -17.79 14.28 17.80
CA ASN A 62 -18.33 13.34 18.83
C ASN A 62 -17.27 13.09 19.92
N GLY A 63 -16.24 13.90 20.01
CA GLY A 63 -15.18 13.69 21.04
C GLY A 63 -14.38 12.40 20.82
N THR A 64 -14.37 11.81 19.63
CA THR A 64 -13.54 10.56 19.46
C THR A 64 -12.87 10.47 18.06
N VAL A 65 -11.58 10.13 18.01
CA VAL A 65 -10.88 9.95 16.72
C VAL A 65 -10.70 8.45 16.54
N PRO A 66 -11.26 7.91 15.50
CA PRO A 66 -12.02 8.68 14.50
C PRO A 66 -13.49 8.87 14.86
N GLY A 67 -14.13 9.87 14.33
CA GLY A 67 -15.56 10.10 14.63
C GLY A 67 -16.27 8.75 14.66
N PRO A 68 -17.51 8.76 15.03
CA PRO A 68 -18.34 7.52 15.11
C PRO A 68 -18.90 7.10 13.75
N LEU A 69 -19.09 5.82 13.55
CA LEU A 69 -19.63 5.35 12.24
C LEU A 69 -21.18 5.40 12.25
N MET A 70 -21.76 6.19 11.38
CA MET A 70 -23.23 6.28 11.29
C MET A 70 -23.66 5.25 10.26
N VAL A 71 -24.74 4.62 10.48
CA VAL A 71 -25.17 3.57 9.51
C VAL A 71 -26.65 3.72 9.12
N VAL A 72 -26.88 3.87 7.85
CA VAL A 72 -28.26 3.97 7.31
C VAL A 72 -28.32 3.07 6.06
N HIS A 73 -29.46 2.99 5.42
CA HIS A 73 -29.56 2.14 4.22
C HIS A 73 -29.60 3.04 2.98
N GLN A 74 -29.51 2.44 1.83
CA GLN A 74 -29.53 3.21 0.57
C GLN A 74 -30.93 3.78 0.38
N ASP A 75 -31.00 5.02 0.03
CA ASP A 75 -32.34 5.66 -0.16
C ASP A 75 -32.67 6.50 1.08
N ASP A 76 -32.32 6.04 2.25
CA ASP A 76 -32.61 6.80 3.47
C ASP A 76 -31.79 8.10 3.47
N TYR A 77 -32.29 9.12 4.10
CA TYR A 77 -31.58 10.42 4.15
C TYR A 77 -30.95 10.62 5.53
N LEU A 78 -29.71 10.99 5.55
CA LEU A 78 -29.00 11.22 6.82
C LEU A 78 -29.10 12.70 7.14
N GLU A 79 -29.57 13.01 8.30
CA GLU A 79 -29.74 14.42 8.72
C GLU A 79 -28.91 14.59 9.95
N LEU A 80 -27.86 15.31 9.84
CA LEU A 80 -26.97 15.41 11.03
C LEU A 80 -26.87 16.84 11.56
N THR A 81 -27.22 17.00 12.81
CA THR A 81 -27.10 18.34 13.47
C THR A 81 -25.70 18.41 14.11
N LEU A 82 -24.83 19.23 13.58
CA LEU A 82 -23.48 19.35 14.10
C LEU A 82 -23.45 20.54 14.99
N ILE A 83 -22.64 20.51 15.95
CA ILE A 83 -22.58 21.64 16.91
C ILE A 83 -21.13 21.94 17.28
N ASN A 84 -20.75 23.17 17.15
CA ASN A 84 -19.36 23.59 17.51
C ASN A 84 -19.46 24.52 18.71
N PRO A 85 -19.20 24.00 19.87
CA PRO A 85 -19.29 24.74 21.16
C PRO A 85 -18.53 26.07 21.16
N GLU A 86 -18.99 27.01 21.94
CA GLU A 86 -18.28 28.32 22.00
C GLU A 86 -16.87 28.12 22.58
N THR A 87 -16.66 27.10 23.37
CA THR A 87 -15.30 26.87 23.96
C THR A 87 -14.27 26.63 22.86
N ASN A 88 -14.68 26.03 21.77
CA ASN A 88 -13.71 25.74 20.67
C ASN A 88 -13.18 27.06 20.10
N THR A 89 -12.09 27.01 19.39
CA THR A 89 -11.52 28.26 18.81
C THR A 89 -11.31 28.15 17.28
N LEU A 90 -11.80 27.12 16.62
CA LEU A 90 -11.59 27.04 15.13
C LEU A 90 -12.91 26.67 14.42
N MET A 91 -13.24 27.36 13.35
CA MET A 91 -14.49 27.02 12.61
C MET A 91 -14.29 25.68 11.89
N HIS A 92 -15.30 24.84 11.86
CA HIS A 92 -15.16 23.53 11.17
C HIS A 92 -16.17 23.40 10.03
N ASN A 93 -16.49 22.19 9.70
CA ASN A 93 -17.46 21.89 8.60
C ASN A 93 -17.38 20.38 8.32
N ILE A 94 -18.39 19.78 7.72
CA ILE A 94 -18.32 18.31 7.46
C ILE A 94 -18.65 17.99 6.00
N ASP A 95 -17.80 17.22 5.36
CA ASP A 95 -18.05 16.82 3.94
C ASP A 95 -18.17 15.29 3.89
N PHE A 96 -19.34 14.77 3.63
CA PHE A 96 -19.51 13.29 3.59
C PHE A 96 -19.36 12.78 2.15
N HIS A 97 -18.36 12.00 1.91
CA HIS A 97 -18.14 11.43 0.55
C HIS A 97 -19.43 10.76 0.03
N ALA A 98 -20.26 10.23 0.91
CA ALA A 98 -21.51 9.55 0.46
C ALA A 98 -22.62 10.54 0.08
N ALA A 99 -22.34 11.82 0.04
CA ALA A 99 -23.38 12.81 -0.34
C ALA A 99 -23.04 13.39 -1.71
N THR A 100 -23.96 14.11 -2.31
CA THR A 100 -23.68 14.70 -3.65
C THR A 100 -24.12 16.17 -3.70
N GLY A 101 -23.18 17.07 -3.84
CA GLY A 101 -23.51 18.55 -3.93
C GLY A 101 -22.92 19.35 -2.75
N ALA A 102 -22.36 20.53 -3.01
CA ALA A 102 -21.80 21.35 -1.88
C ALA A 102 -20.53 20.72 -1.30
N LEU A 103 -19.61 20.30 -2.13
CA LEU A 103 -18.33 19.73 -1.61
C LEU A 103 -18.61 18.66 -0.57
N GLY A 104 -19.67 17.92 -0.75
CA GLY A 104 -20.00 16.84 0.23
C GLY A 104 -20.61 17.43 1.50
N GLY A 105 -21.23 18.57 1.40
CA GLY A 105 -21.86 19.20 2.61
C GLY A 105 -20.92 20.21 3.29
N GLY A 106 -19.67 20.32 2.90
CA GLY A 106 -18.75 21.29 3.56
C GLY A 106 -19.15 22.74 3.24
N GLY A 107 -19.66 22.99 2.05
CA GLY A 107 -20.04 24.39 1.68
C GLY A 107 -21.31 24.85 2.44
N LEU A 108 -22.02 23.96 3.07
CA LEU A 108 -23.27 24.39 3.80
C LEU A 108 -23.20 23.93 5.27
N THR A 109 -22.03 23.82 5.82
CA THR A 109 -21.89 23.40 7.24
C THR A 109 -20.73 24.14 7.95
N GLU A 110 -20.30 25.28 7.45
CA GLU A 110 -19.21 26.04 8.11
C GLU A 110 -19.78 26.67 9.37
N ILE A 111 -19.37 26.20 10.51
CA ILE A 111 -19.94 26.76 11.76
C ILE A 111 -18.81 27.18 12.68
N ASN A 112 -18.81 28.42 13.06
CA ASN A 112 -17.73 28.91 13.98
C ASN A 112 -18.17 28.69 15.42
N PRO A 113 -17.24 28.67 16.34
CA PRO A 113 -17.54 28.48 17.78
C PRO A 113 -18.85 29.16 18.20
N GLY A 114 -19.75 28.43 18.80
CA GLY A 114 -21.05 29.03 19.21
C GLY A 114 -22.10 28.87 18.10
N GLU A 115 -21.85 28.03 17.12
CA GLU A 115 -22.87 27.87 16.03
C GLU A 115 -23.09 26.38 15.67
N LYS A 116 -24.33 26.00 15.38
CA LYS A 116 -24.62 24.59 14.98
C LYS A 116 -25.58 24.59 13.77
N THR A 117 -25.51 23.61 12.91
CA THR A 117 -26.41 23.61 11.75
C THR A 117 -26.99 22.22 11.59
N ILE A 118 -27.73 22.04 10.56
CA ILE A 118 -28.34 20.71 10.30
C ILE A 118 -28.34 20.48 8.79
N LEU A 119 -27.66 19.47 8.34
CA LEU A 119 -27.61 19.21 6.87
C LEU A 119 -28.16 17.82 6.57
N ARG A 120 -29.05 17.74 5.63
CA ARG A 120 -29.64 16.41 5.27
C ARG A 120 -29.30 16.06 3.81
N PHE A 121 -28.87 14.84 3.57
CA PHE A 121 -28.53 14.41 2.19
C PHE A 121 -29.06 12.98 1.97
N LYS A 122 -29.47 12.69 0.77
CA LYS A 122 -30.00 11.34 0.44
C LYS A 122 -28.84 10.39 0.15
N ALA A 123 -28.82 9.29 0.82
CA ALA A 123 -27.76 8.28 0.63
C ALA A 123 -28.16 7.49 -0.58
N THR A 124 -27.68 7.91 -1.69
CA THR A 124 -28.12 7.25 -2.98
C THR A 124 -27.21 6.08 -3.41
N LYS A 125 -26.08 5.89 -2.80
CA LYS A 125 -25.19 4.78 -3.21
C LYS A 125 -24.81 3.96 -1.99
N PRO A 126 -24.80 2.68 -2.13
CA PRO A 126 -24.47 1.75 -1.02
C PRO A 126 -22.95 1.52 -0.85
N GLY A 127 -22.47 1.56 0.36
CA GLY A 127 -21.01 1.33 0.56
C GLY A 127 -20.47 2.23 1.67
N VAL A 128 -19.39 1.81 2.30
CA VAL A 128 -18.79 2.61 3.37
C VAL A 128 -18.13 3.82 2.73
N PHE A 129 -18.14 4.92 3.40
CA PHE A 129 -17.54 6.12 2.81
C PHE A 129 -16.93 6.93 3.93
N VAL A 130 -15.89 7.65 3.66
CA VAL A 130 -15.26 8.45 4.77
C VAL A 130 -15.75 9.93 4.81
N TYR A 131 -16.17 10.41 5.97
CA TYR A 131 -16.59 11.82 6.11
C TYR A 131 -15.44 12.54 6.82
N HIS A 132 -15.29 13.82 6.61
CA HIS A 132 -14.15 14.53 7.26
C HIS A 132 -14.34 16.05 7.18
N CYS A 133 -13.94 16.78 8.19
CA CYS A 133 -14.09 18.26 8.17
C CYS A 133 -13.09 18.84 7.18
N ALA A 134 -13.43 19.90 6.50
CA ALA A 134 -12.47 20.45 5.51
C ALA A 134 -12.71 21.92 5.25
N PRO A 135 -12.39 22.75 6.19
CA PRO A 135 -12.54 24.23 6.06
C PRO A 135 -11.62 24.78 4.97
N PRO A 136 -12.18 25.46 4.01
CA PRO A 136 -11.41 26.03 2.87
C PRO A 136 -10.05 26.61 3.28
N GLY A 137 -8.97 26.08 2.74
CA GLY A 137 -7.62 26.63 3.08
C GLY A 137 -6.93 25.83 4.22
N MET A 138 -7.64 25.05 4.98
CA MET A 138 -6.98 24.30 6.08
C MET A 138 -7.54 22.89 6.12
N VAL A 139 -7.79 22.34 4.97
CA VAL A 139 -8.36 20.96 4.91
C VAL A 139 -7.41 19.94 5.56
N PRO A 140 -6.25 19.72 4.98
CA PRO A 140 -5.25 18.74 5.47
C PRO A 140 -4.97 18.85 6.97
N TRP A 141 -5.03 20.03 7.51
CA TRP A 141 -4.75 20.17 8.97
C TRP A 141 -5.90 19.59 9.80
N HIS A 142 -7.10 19.96 9.47
CA HIS A 142 -8.28 19.45 10.22
C HIS A 142 -8.39 17.92 10.11
N VAL A 143 -8.07 17.36 8.98
CA VAL A 143 -8.19 15.88 8.82
C VAL A 143 -7.07 15.18 9.60
N VAL A 144 -5.86 15.62 9.44
CA VAL A 144 -4.73 14.97 10.15
C VAL A 144 -4.93 15.11 11.67
N SER A 145 -5.56 16.18 12.09
CA SER A 145 -5.78 16.37 13.55
C SER A 145 -6.77 15.32 14.09
N GLY A 146 -7.30 14.50 13.22
CA GLY A 146 -8.26 13.45 13.69
C GLY A 146 -9.72 13.91 13.47
N MET A 147 -9.98 14.78 12.52
CA MET A 147 -11.38 15.22 12.28
C MET A 147 -11.96 14.45 11.08
N ASN A 148 -12.15 13.18 11.23
CA ASN A 148 -12.70 12.37 10.11
C ASN A 148 -13.14 10.99 10.63
N GLY A 149 -14.14 10.44 10.02
CA GLY A 149 -14.67 9.09 10.44
C GLY A 149 -15.21 8.36 9.20
N ALA A 150 -16.37 7.74 9.29
CA ALA A 150 -16.93 7.03 8.10
C ALA A 150 -18.37 6.57 8.34
N ILE A 151 -19.18 6.57 7.32
CA ILE A 151 -20.59 6.11 7.47
C ILE A 151 -20.84 4.91 6.54
N MET A 152 -21.68 4.00 6.94
CA MET A 152 -21.96 2.80 6.08
C MET A 152 -23.41 2.80 5.60
N VAL A 153 -23.61 2.92 4.32
CA VAL A 153 -24.98 2.90 3.76
C VAL A 153 -25.19 1.51 3.23
N LEU A 154 -25.89 0.71 3.95
CA LEU A 154 -26.03 -0.72 3.52
C LEU A 154 -27.22 -0.92 2.58
N PRO A 155 -27.05 -1.75 1.57
CA PRO A 155 -28.14 -2.07 0.63
C PRO A 155 -29.44 -2.40 1.39
N ARG A 156 -30.56 -1.98 0.89
CA ARG A 156 -31.85 -2.25 1.60
C ARG A 156 -31.99 -3.74 1.91
N GLU A 157 -31.46 -4.58 1.06
CA GLU A 157 -31.57 -6.06 1.30
C GLU A 157 -30.34 -6.62 2.04
N GLY A 158 -29.52 -5.78 2.63
CA GLY A 158 -28.33 -6.30 3.36
C GLY A 158 -27.16 -6.47 2.39
N LEU A 159 -26.12 -7.15 2.82
CA LEU A 159 -24.95 -7.36 1.92
C LEU A 159 -24.95 -8.78 1.34
N HIS A 160 -24.49 -8.94 0.12
CA HIS A 160 -24.44 -10.27 -0.51
C HIS A 160 -23.10 -10.42 -1.24
N ASP A 161 -22.72 -11.61 -1.58
CA ASP A 161 -21.43 -11.82 -2.29
C ASP A 161 -21.56 -11.43 -3.77
N GLY A 162 -20.69 -11.92 -4.62
CA GLY A 162 -20.76 -11.57 -6.07
C GLY A 162 -21.84 -12.42 -6.78
N LYS A 163 -22.22 -13.54 -6.22
CA LYS A 163 -23.26 -14.40 -6.90
C LYS A 163 -24.67 -14.13 -6.32
N GLY A 164 -24.83 -13.16 -5.46
CA GLY A 164 -26.20 -12.88 -4.89
C GLY A 164 -26.42 -13.55 -3.50
N LYS A 165 -25.57 -14.44 -3.06
CA LYS A 165 -25.76 -15.09 -1.75
C LYS A 165 -25.71 -14.05 -0.64
N ALA A 166 -26.60 -14.14 0.30
CA ALA A 166 -26.61 -13.14 1.42
C ALA A 166 -25.44 -13.38 2.40
N LEU A 167 -24.77 -12.33 2.78
CA LEU A 167 -23.64 -12.40 3.74
C LEU A 167 -24.06 -11.58 4.96
N THR A 168 -24.36 -12.24 6.03
CA THR A 168 -24.85 -11.55 7.23
C THR A 168 -23.80 -11.68 8.29
N TYR A 169 -23.43 -10.60 8.84
CA TYR A 169 -22.35 -10.63 9.87
C TYR A 169 -22.95 -10.61 11.28
N ASP A 170 -22.36 -11.34 12.20
CA ASP A 170 -22.86 -11.35 13.60
C ASP A 170 -22.38 -10.09 14.35
N LYS A 171 -21.25 -9.54 13.97
CA LYS A 171 -20.73 -8.33 14.67
C LYS A 171 -19.96 -7.48 13.68
N ILE A 172 -19.88 -6.20 13.92
CA ILE A 172 -19.13 -5.30 12.99
C ILE A 172 -18.35 -4.26 13.80
N TYR A 173 -17.11 -4.06 13.46
CA TYR A 173 -16.28 -3.06 14.16
C TYR A 173 -15.74 -2.07 13.14
N TYR A 174 -15.54 -0.85 13.56
CA TYR A 174 -15.02 0.19 12.62
C TYR A 174 -13.66 0.67 13.13
N VAL A 175 -12.64 0.43 12.37
CA VAL A 175 -11.27 0.84 12.78
C VAL A 175 -10.80 2.00 11.90
N GLY A 176 -10.83 3.19 12.41
CA GLY A 176 -10.38 4.37 11.65
C GLY A 176 -8.88 4.55 11.89
N GLU A 177 -8.14 4.65 10.85
CA GLU A 177 -6.68 4.79 10.96
C GLU A 177 -6.38 6.26 10.81
N GLN A 178 -5.40 6.72 11.51
CA GLN A 178 -5.10 8.18 11.42
C GLN A 178 -3.60 8.41 11.41
N ASP A 179 -3.10 9.04 10.37
CA ASP A 179 -1.64 9.34 10.31
C ASP A 179 -1.40 10.76 10.85
N PHE A 180 -0.68 10.90 11.93
CA PHE A 180 -0.43 12.23 12.48
C PHE A 180 0.92 12.75 12.00
N TYR A 181 1.23 13.93 12.37
CA TYR A 181 2.51 14.57 11.98
C TYR A 181 2.88 15.51 13.11
N VAL A 182 3.55 15.00 14.09
CA VAL A 182 3.86 15.82 15.29
C VAL A 182 5.23 16.44 15.15
N PRO A 183 5.29 17.72 15.34
CA PRO A 183 6.58 18.48 15.24
C PRO A 183 7.56 18.13 16.39
N ARG A 184 8.83 17.96 16.07
CA ARG A 184 9.85 17.64 17.11
C ARG A 184 10.90 18.75 17.13
N ASP A 185 11.49 19.01 18.25
CA ASP A 185 12.52 20.09 18.33
C ASP A 185 13.81 19.62 17.67
N GLU A 186 14.91 20.27 17.96
CA GLU A 186 16.21 19.86 17.35
C GLU A 186 16.73 18.56 17.98
N ASN A 187 16.43 18.31 19.23
CA ASN A 187 16.92 17.06 19.89
C ASN A 187 16.07 15.83 19.55
N GLY A 188 15.01 15.98 18.77
CA GLY A 188 14.17 14.80 18.43
C GLY A 188 13.02 14.59 19.45
N LYS A 189 12.75 15.53 20.32
CA LYS A 189 11.64 15.37 21.30
C LYS A 189 10.37 16.03 20.76
N TYR A 190 9.26 15.35 20.84
CA TYR A 190 7.99 15.91 20.34
C TYR A 190 7.74 17.23 21.05
N LYS A 191 7.20 18.17 20.36
CA LYS A 191 6.94 19.50 20.99
C LYS A 191 5.44 19.64 21.34
N LYS A 192 5.16 20.29 22.44
CA LYS A 192 3.75 20.50 22.84
C LYS A 192 3.45 21.99 22.73
N TYR A 193 2.22 22.34 22.64
CA TYR A 193 1.87 23.77 22.51
C TYR A 193 0.70 24.07 23.42
N GLU A 194 0.35 25.30 23.51
CA GLU A 194 -0.78 25.70 24.39
C GLU A 194 -2.11 25.59 23.63
N ALA A 195 -2.19 26.10 22.42
CA ALA A 195 -3.46 26.02 21.67
C ALA A 195 -3.24 25.28 20.37
N PRO A 196 -4.29 25.04 19.65
CA PRO A 196 -4.24 24.32 18.34
C PRO A 196 -3.56 25.13 17.22
N GLY A 197 -3.74 26.43 17.18
CA GLY A 197 -3.10 27.24 16.09
C GLY A 197 -1.60 27.39 16.33
N ASP A 198 -1.17 27.40 17.55
CA ASP A 198 0.29 27.57 17.84
C ASP A 198 1.11 26.48 17.13
N ALA A 199 0.53 25.35 16.86
CA ALA A 199 1.30 24.25 16.18
C ALA A 199 0.90 24.12 14.70
N TYR A 200 0.35 25.14 14.11
CA TYR A 200 -0.03 25.06 12.66
C TYR A 200 1.21 25.13 11.72
N GLU A 201 2.11 26.07 11.91
CA GLU A 201 3.28 26.17 10.98
C GLU A 201 4.20 24.96 11.14
N ASP A 202 4.51 24.61 12.36
CA ASP A 202 5.42 23.45 12.58
C ASP A 202 4.78 22.16 12.08
N THR A 203 3.49 22.03 12.19
CA THR A 203 2.82 20.79 11.73
C THR A 203 2.84 20.74 10.21
N VAL A 204 2.52 21.82 9.57
CA VAL A 204 2.54 21.84 8.08
C VAL A 204 3.91 21.37 7.59
N LYS A 205 4.95 21.86 8.19
CA LYS A 205 6.31 21.43 7.76
C LYS A 205 6.40 19.91 7.81
N VAL A 206 5.96 19.31 8.88
CA VAL A 206 6.01 17.83 8.99
C VAL A 206 5.09 17.18 7.94
N MET A 207 3.92 17.73 7.74
CA MET A 207 2.98 17.14 6.73
C MET A 207 3.60 17.18 5.33
N ARG A 208 4.33 18.20 4.99
CA ARG A 208 4.94 18.30 3.64
C ARG A 208 5.85 17.10 3.41
N THR A 209 6.55 16.69 4.42
CA THR A 209 7.48 15.53 4.27
C THR A 209 6.71 14.26 3.84
N LEU A 210 5.40 14.26 3.91
CA LEU A 210 4.63 13.05 3.52
C LEU A 210 5.06 11.87 4.37
N THR A 211 5.55 12.11 5.56
CA THR A 211 5.99 10.98 6.43
C THR A 211 5.38 11.18 7.82
N PRO A 212 4.36 10.42 8.13
CA PRO A 212 3.66 10.53 9.46
C PRO A 212 4.51 10.02 10.64
N THR A 213 4.62 10.79 11.70
CA THR A 213 5.41 10.33 12.87
C THR A 213 4.67 9.17 13.57
N HIS A 214 3.36 9.08 13.43
CA HIS A 214 2.62 7.98 14.09
C HIS A 214 1.37 7.64 13.26
N VAL A 215 1.15 6.37 13.03
CA VAL A 215 -0.04 5.95 12.25
C VAL A 215 -0.77 5.00 13.14
N VAL A 216 -1.94 5.30 13.55
CA VAL A 216 -2.56 4.36 14.52
C VAL A 216 -4.03 4.15 14.27
N PHE A 217 -4.60 3.35 15.11
CA PHE A 217 -6.06 3.07 14.98
C PHE A 217 -6.78 3.46 16.27
N ASN A 218 -7.91 4.09 16.16
CA ASN A 218 -8.66 4.51 17.39
C ASN A 218 -8.09 5.80 18.02
N GLY A 219 -7.11 6.43 17.39
CA GLY A 219 -6.54 7.68 17.97
C GLY A 219 -5.32 7.45 18.93
N ALA A 220 -4.69 6.30 18.98
CA ALA A 220 -3.51 6.16 19.90
C ALA A 220 -2.79 4.81 19.70
N VAL A 221 -1.48 4.81 19.72
CA VAL A 221 -0.75 3.52 19.55
C VAL A 221 -1.21 2.55 20.65
N GLY A 222 -1.61 1.37 20.28
CA GLY A 222 -2.11 0.40 21.31
C GLY A 222 -3.57 0.69 21.76
N ALA A 223 -4.35 1.46 21.01
CA ALA A 223 -5.75 1.72 21.44
C ALA A 223 -6.64 0.46 21.27
N LEU A 224 -6.32 -0.44 20.36
CA LEU A 224 -7.17 -1.64 20.16
C LEU A 224 -6.37 -2.91 20.46
N THR A 225 -5.45 -2.83 21.37
CA THR A 225 -4.62 -4.03 21.71
C THR A 225 -4.60 -4.19 23.23
N GLY A 226 -4.35 -5.39 23.71
CA GLY A 226 -4.29 -5.63 25.17
C GLY A 226 -5.71 -5.89 25.68
N ASP A 227 -6.14 -5.15 26.66
CA ASP A 227 -7.53 -5.34 27.19
C ASP A 227 -8.56 -4.73 26.23
N LYS A 228 -8.14 -3.88 25.32
CA LYS A 228 -9.12 -3.25 24.38
C LYS A 228 -9.13 -4.00 23.04
N ALA A 229 -8.56 -5.18 22.98
CA ALA A 229 -8.54 -5.93 21.70
C ALA A 229 -9.98 -6.37 21.35
N MET A 230 -10.37 -6.23 20.10
CA MET A 230 -11.74 -6.63 19.74
C MET A 230 -11.97 -8.05 20.24
N THR A 231 -13.01 -8.65 19.79
CA THR A 231 -13.32 -10.05 20.21
C THR A 231 -14.14 -10.76 19.10
N ALA A 232 -14.00 -12.07 19.02
CA ALA A 232 -14.72 -12.89 18.02
C ALA A 232 -14.56 -14.36 18.39
N ALA A 233 -15.54 -15.19 18.12
CA ALA A 233 -15.42 -16.62 18.48
C ALA A 233 -15.48 -17.48 17.22
N VAL A 234 -14.80 -18.59 17.23
CA VAL A 234 -14.79 -19.48 16.05
C VAL A 234 -16.21 -19.67 15.57
N GLY A 235 -16.42 -19.53 14.30
CA GLY A 235 -17.80 -19.68 13.75
C GLY A 235 -18.54 -18.32 13.69
N GLU A 236 -17.91 -17.25 14.12
CA GLU A 236 -18.58 -15.92 14.10
C GLU A 236 -18.15 -15.17 12.83
N LYS A 237 -19.08 -14.49 12.23
CA LYS A 237 -18.80 -13.73 11.00
C LYS A 237 -18.66 -12.28 11.42
N VAL A 238 -17.62 -11.65 11.04
CA VAL A 238 -17.44 -10.26 11.50
C VAL A 238 -17.02 -9.35 10.36
N LEU A 239 -17.66 -8.23 10.25
CA LEU A 239 -17.33 -7.25 9.20
C LEU A 239 -16.46 -6.16 9.82
N ILE A 240 -15.33 -5.88 9.24
CA ILE A 240 -14.42 -4.86 9.79
C ILE A 240 -14.28 -3.70 8.80
N VAL A 241 -14.92 -2.62 9.10
CA VAL A 241 -14.86 -1.43 8.23
C VAL A 241 -13.63 -0.64 8.61
N HIS A 242 -12.90 -0.20 7.65
CA HIS A 242 -11.66 0.55 7.95
C HIS A 242 -11.64 1.78 7.07
N SER A 243 -11.20 2.87 7.61
CA SER A 243 -11.16 4.13 6.82
C SER A 243 -9.83 4.88 7.02
N GLN A 244 -9.45 5.61 6.02
CA GLN A 244 -8.21 6.44 6.02
C GLN A 244 -8.56 7.67 5.18
N ALA A 245 -8.78 8.77 5.83
CA ALA A 245 -9.24 10.00 5.09
C ALA A 245 -8.12 10.78 4.38
N ASN A 246 -6.89 10.45 4.61
CA ASN A 246 -5.79 11.21 3.94
C ASN A 246 -4.47 10.39 3.90
N ARG A 247 -4.56 9.11 3.66
CA ARG A 247 -3.32 8.27 3.59
C ARG A 247 -3.69 6.85 3.11
N ASP A 248 -2.98 6.28 2.16
CA ASP A 248 -3.35 4.89 1.71
C ASP A 248 -2.81 3.82 2.68
N THR A 249 -3.63 2.85 3.06
CA THR A 249 -3.16 1.78 3.96
C THR A 249 -3.33 0.44 3.25
N ARG A 250 -3.10 -0.61 3.96
CA ARG A 250 -3.24 -1.99 3.38
C ARG A 250 -3.52 -2.96 4.53
N PRO A 251 -4.77 -3.09 4.88
CA PRO A 251 -5.23 -3.95 6.00
C PRO A 251 -4.85 -5.42 5.84
N HIS A 252 -4.59 -6.08 6.94
CA HIS A 252 -4.23 -7.53 6.90
C HIS A 252 -4.47 -8.19 8.29
N LEU A 253 -5.34 -9.18 8.35
CA LEU A 253 -5.61 -9.90 9.63
C LEU A 253 -4.61 -11.04 9.76
N ILE A 254 -3.67 -10.87 10.64
CA ILE A 254 -2.61 -11.88 10.85
C ILE A 254 -3.26 -13.15 11.37
N GLY A 255 -3.07 -14.20 10.68
CA GLY A 255 -3.67 -15.49 11.10
C GLY A 255 -5.01 -15.73 10.38
N GLY A 256 -5.57 -14.72 9.75
CA GLY A 256 -6.86 -14.93 9.05
C GLY A 256 -6.78 -14.34 7.64
N HIS A 257 -7.90 -13.95 7.10
CA HIS A 257 -7.90 -13.37 5.73
C HIS A 257 -9.28 -12.75 5.44
N GLY A 258 -9.34 -11.84 4.53
CA GLY A 258 -10.64 -11.18 4.19
C GLY A 258 -11.39 -12.11 3.24
N ASP A 259 -12.34 -12.82 3.75
CA ASP A 259 -13.10 -13.77 2.89
C ASP A 259 -13.67 -13.00 1.72
N TYR A 260 -14.37 -11.96 2.03
CA TYR A 260 -14.96 -11.08 0.98
C TYR A 260 -14.57 -9.66 1.35
N VAL A 261 -13.94 -8.94 0.47
CA VAL A 261 -13.50 -7.57 0.86
C VAL A 261 -13.84 -6.54 -0.21
N TRP A 262 -14.77 -5.68 0.09
CA TRP A 262 -15.11 -4.58 -0.86
C TRP A 262 -14.02 -3.55 -0.67
N ALA A 263 -12.94 -3.75 -1.35
CA ALA A 263 -11.73 -2.87 -1.16
C ALA A 263 -12.10 -1.44 -1.42
N THR A 264 -12.82 -1.23 -2.45
CA THR A 264 -13.21 0.16 -2.82
C THR A 264 -14.27 0.69 -1.85
N GLY A 265 -14.81 -0.15 -1.01
CA GLY A 265 -15.86 0.33 -0.04
C GLY A 265 -17.23 0.58 -0.74
N LYS A 266 -17.44 0.00 -1.89
CA LYS A 266 -18.72 0.17 -2.62
C LYS A 266 -19.38 -1.21 -2.71
N PHE A 267 -20.60 -1.31 -2.34
CA PHE A 267 -21.28 -2.65 -2.36
C PHE A 267 -21.59 -3.07 -3.80
N ASN A 268 -21.97 -2.14 -4.62
CA ASN A 268 -22.30 -2.48 -6.04
C ASN A 268 -21.09 -3.15 -6.69
N THR A 269 -19.92 -2.77 -6.30
CA THR A 269 -18.70 -3.37 -6.90
C THR A 269 -18.42 -4.71 -6.22
N PRO A 270 -18.44 -5.76 -6.99
CA PRO A 270 -18.21 -7.14 -6.45
C PRO A 270 -17.04 -7.19 -5.45
N PRO A 271 -17.19 -7.89 -4.35
CA PRO A 271 -16.10 -7.97 -3.32
C PRO A 271 -14.99 -8.99 -3.64
N ASP A 272 -13.73 -8.58 -3.74
CA ASP A 272 -12.67 -9.58 -4.00
C ASP A 272 -12.87 -10.70 -3.00
N VAL A 273 -12.17 -11.78 -3.14
CA VAL A 273 -12.37 -12.90 -2.17
C VAL A 273 -11.02 -13.59 -1.86
N ASP A 274 -10.91 -14.13 -0.68
CA ASP A 274 -9.66 -14.84 -0.29
C ASP A 274 -8.56 -13.82 -0.32
N GLN A 275 -8.74 -12.74 0.40
CA GLN A 275 -7.68 -11.68 0.35
C GLN A 275 -6.71 -11.75 1.55
N GLU A 276 -5.41 -11.80 1.29
CA GLU A 276 -4.43 -11.79 2.42
C GLU A 276 -4.20 -10.33 2.90
N THR A 277 -4.14 -9.38 1.99
CA THR A 277 -3.91 -7.96 2.36
C THR A 277 -4.61 -7.10 1.32
N TRP A 278 -5.50 -6.27 1.73
CA TRP A 278 -6.25 -5.45 0.74
C TRP A 278 -5.57 -4.10 0.59
N PHE A 279 -6.24 -3.18 -0.01
CA PHE A 279 -5.65 -1.83 -0.20
C PHE A 279 -6.75 -0.75 -0.26
N ILE A 280 -6.72 0.18 0.66
CA ILE A 280 -7.71 1.28 0.68
C ILE A 280 -6.96 2.59 0.50
N PRO A 281 -7.23 3.28 -0.57
CA PRO A 281 -6.53 4.55 -0.91
C PRO A 281 -6.95 5.75 -0.05
N GLY A 282 -5.99 6.52 0.41
CA GLY A 282 -6.32 7.71 1.21
C GLY A 282 -7.59 8.33 0.64
N GLY A 283 -8.45 8.78 1.49
CA GLY A 283 -9.73 9.37 1.04
C GLY A 283 -10.76 8.26 0.75
N ALA A 284 -10.71 7.15 1.45
CA ALA A 284 -11.73 6.09 1.15
C ALA A 284 -11.84 5.05 2.27
N ALA A 285 -13.01 4.50 2.48
CA ALA A 285 -13.17 3.45 3.54
C ALA A 285 -13.64 2.13 2.89
N GLY A 286 -13.06 1.02 3.27
CA GLY A 286 -13.48 -0.28 2.66
C GLY A 286 -14.13 -1.15 3.72
N ALA A 287 -14.31 -2.42 3.44
CA ALA A 287 -14.95 -3.33 4.42
C ALA A 287 -14.58 -4.78 4.11
N ALA A 288 -14.22 -5.54 5.10
CA ALA A 288 -13.85 -6.96 4.88
C ALA A 288 -14.71 -7.84 5.79
N PHE A 289 -15.18 -8.94 5.28
CA PHE A 289 -16.03 -9.85 6.08
C PHE A 289 -15.32 -11.19 6.20
N TYR A 290 -15.14 -11.69 7.38
CA TYR A 290 -14.41 -12.97 7.52
C TYR A 290 -14.99 -13.80 8.67
N THR A 291 -15.11 -15.07 8.44
CA THR A 291 -15.62 -16.00 9.48
C THR A 291 -14.42 -16.63 10.18
N PHE A 292 -14.31 -16.39 11.45
CA PHE A 292 -13.15 -16.92 12.22
C PHE A 292 -13.24 -18.43 12.32
N GLN A 293 -12.14 -19.09 12.11
CA GLN A 293 -12.12 -20.59 12.20
C GLN A 293 -11.14 -21.09 13.28
N GLN A 294 -10.27 -20.24 13.81
CA GLN A 294 -9.31 -20.71 14.85
C GLN A 294 -9.27 -19.72 16.00
N PRO A 295 -9.22 -20.22 17.20
CA PRO A 295 -9.18 -19.38 18.44
C PRO A 295 -7.76 -18.94 18.78
N GLY A 296 -7.65 -17.86 19.48
CA GLY A 296 -6.29 -17.37 19.85
C GLY A 296 -6.22 -15.86 19.62
N ILE A 297 -5.06 -15.29 19.71
CA ILE A 297 -4.92 -13.83 19.50
C ILE A 297 -4.42 -13.55 18.06
N TYR A 298 -5.10 -12.68 17.36
CA TYR A 298 -4.68 -12.34 15.97
C TYR A 298 -4.48 -10.83 15.88
N ALA A 299 -3.46 -10.40 15.19
CA ALA A 299 -3.20 -8.95 15.07
C ALA A 299 -3.76 -8.49 13.74
N TYR A 300 -4.26 -7.30 13.69
CA TYR A 300 -4.83 -6.82 12.41
C TYR A 300 -4.22 -5.48 12.15
N VAL A 301 -3.46 -5.33 11.12
CA VAL A 301 -2.83 -4.00 10.99
C VAL A 301 -2.39 -3.69 9.57
N ASN A 302 -1.97 -2.48 9.41
CA ASN A 302 -1.48 -2.01 8.10
C ASN A 302 -0.26 -2.83 7.81
N HIS A 303 -0.22 -3.42 6.67
CA HIS A 303 0.94 -4.30 6.40
C HIS A 303 2.18 -3.47 6.46
N ASN A 304 2.23 -2.34 5.82
CA ASN A 304 3.50 -1.58 6.03
C ASN A 304 4.01 -1.97 7.46
N LEU A 305 4.79 -3.03 7.58
CA LEU A 305 5.23 -3.52 8.92
C LEU A 305 5.76 -2.36 9.71
N ILE A 306 6.54 -1.57 9.09
CA ILE A 306 7.11 -0.38 9.80
C ILE A 306 5.97 0.45 10.35
N GLU A 307 5.01 0.76 9.51
CA GLU A 307 3.84 1.55 9.98
C GLU A 307 3.03 0.75 11.06
N ALA A 308 3.00 -0.55 10.98
CA ALA A 308 2.21 -1.34 11.99
C ALA A 308 3.00 -1.64 13.30
N PHE A 309 4.31 -1.74 13.29
CA PHE A 309 5.01 -2.06 14.56
C PHE A 309 5.83 -0.88 15.06
N GLU A 310 6.40 -0.13 14.17
CA GLU A 310 7.22 1.04 14.59
C GLU A 310 6.38 2.33 14.73
N LEU A 311 5.30 2.48 13.99
CA LEU A 311 4.51 3.75 14.10
C LEU A 311 3.36 3.54 15.08
N GLY A 312 2.66 2.46 14.94
CA GLY A 312 1.51 2.18 15.85
C GLY A 312 0.23 1.78 15.06
N ALA A 313 0.34 1.14 13.92
CA ALA A 313 -0.89 0.74 13.18
C ALA A 313 -1.14 -0.77 13.38
N ALA A 314 -1.39 -1.21 14.60
CA ALA A 314 -1.63 -2.66 14.81
C ALA A 314 -2.58 -2.90 16.00
N ALA A 315 -3.70 -3.54 15.76
CA ALA A 315 -4.65 -3.83 16.87
C ALA A 315 -4.67 -5.34 17.05
N HIS A 316 -5.49 -5.85 17.93
CA HIS A 316 -5.50 -7.34 18.10
C HIS A 316 -6.90 -7.87 18.47
N PHE A 317 -7.31 -8.96 17.84
CA PHE A 317 -8.65 -9.56 18.18
C PHE A 317 -8.45 -10.90 18.95
N LYS A 318 -9.09 -11.03 20.10
CA LYS A 318 -8.99 -12.25 20.91
C LYS A 318 -10.18 -13.08 20.51
N VAL A 319 -9.94 -14.30 20.20
CA VAL A 319 -11.04 -15.15 19.73
C VAL A 319 -11.11 -16.39 20.57
N THR A 320 -12.28 -16.77 20.92
CA THR A 320 -12.45 -17.99 21.76
C THR A 320 -13.03 -19.13 20.92
N GLY A 321 -12.82 -20.36 21.32
CA GLY A 321 -13.37 -21.50 20.53
C GLY A 321 -12.43 -22.70 20.62
N GLU A 322 -12.62 -23.66 19.75
CA GLU A 322 -11.75 -24.87 19.77
C GLU A 322 -10.81 -24.82 18.56
N TRP A 323 -9.58 -25.17 18.79
CA TRP A 323 -8.58 -25.16 17.70
C TRP A 323 -8.93 -26.25 16.71
N ASN A 324 -8.54 -26.05 15.50
CA ASN A 324 -8.82 -27.04 14.43
C ASN A 324 -7.50 -27.48 13.85
N ASP A 325 -7.08 -28.67 14.16
CA ASP A 325 -5.77 -29.16 13.67
C ASP A 325 -5.81 -29.33 12.16
N ASP A 326 -6.92 -29.73 11.64
CA ASP A 326 -7.03 -29.92 10.16
C ASP A 326 -6.48 -28.68 9.46
N LEU A 327 -6.87 -27.53 9.90
CA LEU A 327 -6.39 -26.27 9.29
C LEU A 327 -4.91 -26.06 9.61
N MET A 328 -4.46 -26.33 10.82
CA MET A 328 -3.03 -26.10 11.12
C MET A 328 -2.63 -26.86 12.37
N THR A 329 -1.51 -27.53 12.34
CA THR A 329 -1.07 -28.28 13.55
C THR A 329 0.47 -28.32 13.64
N SER A 330 1.03 -28.08 14.80
CA SER A 330 2.52 -28.13 14.95
C SER A 330 2.93 -29.59 15.08
N VAL A 331 3.39 -30.18 14.02
CA VAL A 331 3.79 -31.61 14.08
C VAL A 331 4.94 -31.75 15.04
N LEU A 332 5.92 -30.92 14.89
CA LEU A 332 7.08 -30.97 15.82
C LEU A 332 7.31 -29.57 16.43
N ALA A 333 6.98 -29.39 17.69
CA ALA A 333 7.18 -28.05 18.32
C ALA A 333 8.66 -27.72 18.34
N PRO A 334 9.00 -26.46 18.37
CA PRO A 334 10.40 -26.00 18.40
C PRO A 334 11.26 -26.79 19.40
N SER A 335 12.30 -27.42 18.95
CA SER A 335 13.15 -28.21 19.89
C SER A 335 14.50 -28.46 19.25
N GLY A 336 15.45 -28.90 20.03
CA GLY A 336 16.81 -29.17 19.47
C GLY A 336 16.68 -29.97 18.17
N ALA B 1 -2.20 -8.65 -40.05
CA ALA B 1 -2.32 -8.04 -41.40
C ALA B 1 -0.93 -7.98 -42.06
N THR B 2 -0.87 -8.16 -43.35
CA THR B 2 0.44 -8.10 -44.04
C THR B 2 0.74 -6.66 -44.42
N ALA B 3 1.94 -6.40 -44.86
CA ALA B 3 2.30 -5.01 -45.24
C ALA B 3 1.35 -4.48 -46.33
N ALA B 4 1.03 -5.28 -47.31
CA ALA B 4 0.12 -4.81 -48.40
C ALA B 4 -1.23 -4.38 -47.81
N GLU B 5 -1.72 -5.12 -46.86
CA GLU B 5 -3.04 -4.76 -46.26
C GLU B 5 -2.91 -3.46 -45.47
N ILE B 6 -1.88 -3.35 -44.68
CA ILE B 6 -1.70 -2.10 -43.88
C ILE B 6 -1.55 -0.91 -44.82
N ALA B 7 -0.83 -1.07 -45.90
CA ALA B 7 -0.63 0.06 -46.86
C ALA B 7 -1.97 0.48 -47.50
N ALA B 8 -2.90 -0.44 -47.66
CA ALA B 8 -4.21 -0.08 -48.31
C ALA B 8 -5.22 0.50 -47.29
N LEU B 9 -4.88 0.64 -46.04
CA LEU B 9 -5.87 1.21 -45.06
C LEU B 9 -5.87 2.75 -45.14
N PRO B 10 -7.02 3.35 -44.97
CA PRO B 10 -7.16 4.85 -45.01
C PRO B 10 -6.33 5.56 -43.93
N ARG B 11 -5.69 6.65 -44.28
CA ARG B 11 -4.87 7.40 -43.28
C ARG B 11 -5.64 8.67 -42.89
N GLN B 12 -5.62 9.01 -41.64
CA GLN B 12 -6.33 10.22 -41.16
C GLN B 12 -5.41 11.02 -40.25
N LYS B 13 -5.05 12.20 -40.68
CA LYS B 13 -4.14 13.05 -39.88
C LYS B 13 -4.98 13.75 -38.84
N VAL B 14 -4.48 13.84 -37.66
CA VAL B 14 -5.27 14.49 -36.58
C VAL B 14 -4.46 15.61 -35.90
N GLU B 15 -5.05 16.77 -35.80
CA GLU B 15 -4.38 17.91 -35.14
C GLU B 15 -4.63 17.76 -33.65
N LEU B 16 -3.59 17.76 -32.89
CA LEU B 16 -3.76 17.56 -31.42
C LEU B 16 -3.99 18.90 -30.72
N VAL B 17 -4.69 18.87 -29.62
CA VAL B 17 -4.95 20.11 -28.88
C VAL B 17 -4.11 20.07 -27.60
N ASP B 18 -4.23 21.04 -26.77
CA ASP B 18 -3.42 21.01 -25.52
C ASP B 18 -4.31 20.68 -24.30
N PRO B 19 -3.90 19.75 -23.46
CA PRO B 19 -4.67 19.38 -22.26
C PRO B 19 -5.22 20.62 -21.54
N PRO B 20 -6.28 20.47 -20.78
CA PRO B 20 -6.95 19.15 -20.58
C PRO B 20 -7.92 18.78 -21.73
N PHE B 21 -8.02 19.61 -22.73
CA PHE B 21 -8.94 19.31 -23.86
C PHE B 21 -8.42 18.11 -24.63
N VAL B 22 -9.27 17.57 -25.46
CA VAL B 22 -8.91 16.40 -26.28
C VAL B 22 -9.35 16.68 -27.71
N HIS B 23 -8.58 16.24 -28.64
CA HIS B 23 -8.90 16.48 -30.07
C HIS B 23 -10.24 15.85 -30.42
N ALA B 24 -10.82 16.31 -31.47
CA ALA B 24 -12.13 15.76 -31.92
C ALA B 24 -11.97 14.30 -32.29
N HIS B 25 -12.94 13.51 -31.93
CA HIS B 25 -12.91 12.06 -32.22
C HIS B 25 -14.31 11.49 -31.97
N SER B 26 -14.62 10.37 -32.54
CA SER B 26 -15.96 9.78 -32.34
C SER B 26 -15.84 8.60 -31.39
N GLN B 27 -16.76 8.46 -30.50
CA GLN B 27 -16.68 7.33 -29.53
C GLN B 27 -16.74 6.06 -30.33
N VAL B 28 -17.81 5.88 -31.02
CA VAL B 28 -17.95 4.68 -31.89
C VAL B 28 -17.07 4.90 -33.13
N ALA B 29 -16.31 3.92 -33.50
CA ALA B 29 -15.40 4.06 -34.67
C ALA B 29 -16.22 4.23 -35.95
N GLU B 30 -15.81 5.13 -36.79
CA GLU B 30 -16.53 5.36 -38.08
C GLU B 30 -15.72 4.71 -39.20
N GLY B 31 -16.16 3.58 -39.69
CA GLY B 31 -15.41 2.89 -40.76
C GLY B 31 -14.53 1.80 -40.13
N GLY B 32 -13.76 1.09 -40.93
CA GLY B 32 -12.89 0.01 -40.38
C GLY B 32 -11.58 0.63 -39.85
N PRO B 33 -10.57 -0.19 -39.67
CA PRO B 33 -9.24 0.25 -39.16
C PRO B 33 -8.59 1.32 -40.03
N LYS B 34 -7.97 2.29 -39.42
CA LYS B 34 -7.29 3.38 -40.20
C LYS B 34 -5.99 3.83 -39.50
N VAL B 35 -4.96 4.08 -40.28
CA VAL B 35 -3.66 4.56 -39.74
C VAL B 35 -3.81 6.02 -39.36
N VAL B 36 -3.85 6.24 -38.09
CA VAL B 36 -4.01 7.59 -37.55
C VAL B 36 -2.65 8.20 -37.51
N GLU B 37 -2.59 9.40 -37.91
CA GLU B 37 -1.25 10.07 -37.97
C GLU B 37 -1.21 11.26 -37.02
N PHE B 38 -0.22 11.29 -36.18
CA PHE B 38 -0.06 12.44 -35.23
C PHE B 38 1.42 12.88 -35.20
N THR B 39 1.69 14.16 -35.15
CA THR B 39 3.11 14.62 -35.13
C THR B 39 3.32 15.53 -33.92
N MET B 40 4.34 15.28 -33.14
CA MET B 40 4.60 16.13 -31.95
C MET B 40 6.09 16.51 -31.85
N VAL B 41 6.37 17.78 -31.73
CA VAL B 41 7.76 18.26 -31.60
C VAL B 41 8.03 18.42 -30.11
N ILE B 42 9.15 17.99 -29.68
CA ILE B 42 9.48 18.06 -28.24
C ILE B 42 10.19 19.36 -27.97
N GLU B 43 9.82 20.03 -26.93
CA GLU B 43 10.50 21.34 -26.66
C GLU B 43 10.99 21.41 -25.22
N GLU B 44 12.28 21.38 -24.99
CA GLU B 44 12.78 21.50 -23.59
C GLU B 44 12.85 22.99 -23.23
N LYS B 45 11.96 23.49 -22.40
CA LYS B 45 12.02 24.92 -22.09
C LYS B 45 11.81 25.12 -20.61
N LYS B 46 11.68 26.33 -20.22
CA LYS B 46 11.45 26.64 -18.79
C LYS B 46 10.00 27.05 -18.55
N ILE B 47 9.35 26.39 -17.62
CA ILE B 47 7.94 26.71 -17.30
C ILE B 47 7.81 26.95 -15.79
N VAL B 48 6.90 27.79 -15.42
CA VAL B 48 6.69 28.11 -14.01
C VAL B 48 5.71 27.11 -13.50
N ILE B 49 5.83 26.76 -12.29
CA ILE B 49 4.89 25.72 -11.75
C ILE B 49 4.03 26.24 -10.59
N ASP B 50 4.34 27.36 -10.01
CA ASP B 50 3.51 27.85 -8.88
C ASP B 50 3.36 29.35 -8.98
N ASP B 51 2.74 29.95 -8.00
CA ASP B 51 2.54 31.42 -8.02
C ASP B 51 3.84 32.13 -7.62
N ALA B 52 4.66 31.49 -6.82
CA ALA B 52 5.94 32.13 -6.39
C ALA B 52 6.91 32.31 -7.58
N GLY B 53 6.67 31.65 -8.68
CA GLY B 53 7.61 31.80 -9.85
C GLY B 53 8.63 30.64 -9.92
N THR B 54 8.41 29.56 -9.20
CA THR B 54 9.35 28.42 -9.25
C THR B 54 9.46 27.98 -10.69
N GLU B 55 10.64 27.72 -11.15
CA GLU B 55 10.78 27.32 -12.59
C GLU B 55 11.43 25.94 -12.73
N VAL B 56 10.91 25.15 -13.64
CA VAL B 56 11.49 23.79 -13.90
C VAL B 56 11.74 23.59 -15.43
N HIS B 57 12.95 23.22 -15.80
CA HIS B 57 13.30 23.00 -17.22
C HIS B 57 12.53 21.79 -17.67
N ALA B 58 11.38 22.02 -18.18
CA ALA B 58 10.50 20.90 -18.59
C ALA B 58 10.85 20.37 -19.97
N MET B 59 10.64 19.10 -20.14
CA MET B 59 10.87 18.41 -21.43
C MET B 59 9.48 18.10 -21.83
N ALA B 60 9.01 18.69 -22.85
CA ALA B 60 7.58 18.50 -23.09
C ALA B 60 7.29 18.13 -24.49
N PHE B 61 6.55 17.10 -24.59
CA PHE B 61 6.09 16.65 -25.93
C PHE B 61 4.96 17.58 -26.38
N ASN B 62 5.08 18.20 -27.53
CA ASN B 62 4.00 19.14 -27.97
C ASN B 62 4.08 20.47 -27.18
N GLY B 63 5.16 20.73 -26.46
CA GLY B 63 5.27 21.99 -25.69
C GLY B 63 4.27 22.04 -24.52
N THR B 64 3.75 20.92 -24.05
CA THR B 64 2.79 21.04 -22.88
C THR B 64 2.90 19.84 -21.90
N VAL B 65 2.95 20.12 -20.59
CA VAL B 65 2.97 19.04 -19.59
C VAL B 65 1.58 18.98 -18.96
N PRO B 66 0.92 17.87 -19.08
CA PRO B 66 1.46 16.67 -19.76
C PRO B 66 1.19 16.68 -21.27
N GLY B 67 2.00 15.97 -22.02
CA GLY B 67 1.77 15.91 -23.48
C GLY B 67 0.28 15.83 -23.76
N PRO B 68 -0.09 15.90 -25.00
CA PRO B 68 -1.52 15.85 -25.42
C PRO B 68 -2.06 14.41 -25.47
N LEU B 69 -3.35 14.24 -25.27
CA LEU B 69 -3.93 12.87 -25.31
C LEU B 69 -4.35 12.49 -26.74
N MET B 70 -3.73 11.48 -27.31
CA MET B 70 -4.08 11.03 -28.66
C MET B 70 -5.19 10.02 -28.51
N VAL B 71 -6.09 9.99 -29.43
CA VAL B 71 -7.24 9.04 -29.29
C VAL B 71 -7.52 8.30 -30.61
N VAL B 72 -7.43 7.01 -30.56
CA VAL B 72 -7.73 6.16 -31.73
C VAL B 72 -8.59 4.98 -31.25
N HIS B 73 -9.00 4.11 -32.12
CA HIS B 73 -9.84 2.97 -31.70
C HIS B 73 -8.99 1.71 -31.68
N GLN B 74 -9.51 0.68 -31.10
CA GLN B 74 -8.76 -0.60 -31.03
C GLN B 74 -8.64 -1.18 -32.42
N ASP B 75 -7.48 -1.60 -32.78
CA ASP B 75 -7.27 -2.16 -34.14
C ASP B 75 -6.58 -1.12 -35.02
N ASP B 76 -6.93 0.14 -34.86
CA ASP B 76 -6.31 1.21 -35.68
C ASP B 76 -4.82 1.34 -35.31
N TYR B 77 -4.00 1.70 -36.26
CA TYR B 77 -2.55 1.85 -36.00
C TYR B 77 -2.23 3.34 -35.78
N LEU B 78 -1.49 3.61 -34.75
CA LEU B 78 -1.10 5.00 -34.41
C LEU B 78 0.29 5.23 -34.98
N GLU B 79 0.40 6.19 -35.83
CA GLU B 79 1.70 6.49 -36.48
C GLU B 79 2.09 7.85 -36.01
N LEU B 80 3.13 7.92 -35.27
CA LEU B 80 3.52 9.26 -34.72
C LEU B 80 4.89 9.73 -35.19
N THR B 81 4.91 10.85 -35.86
CA THR B 81 6.21 11.46 -36.31
C THR B 81 6.70 12.37 -35.17
N LEU B 82 7.77 12.00 -34.53
CA LEU B 82 8.29 12.76 -33.40
C LEU B 82 9.46 13.52 -33.92
N ILE B 83 9.62 14.68 -33.44
CA ILE B 83 10.73 15.54 -33.92
C ILE B 83 11.43 16.23 -32.76
N ASN B 84 12.71 16.07 -32.68
CA ASN B 84 13.52 16.70 -31.60
C ASN B 84 14.36 17.81 -32.26
N PRO B 85 13.89 19.01 -32.17
CA PRO B 85 14.53 20.21 -32.78
C PRO B 85 15.99 20.36 -32.41
N GLU B 86 16.76 20.94 -33.29
CA GLU B 86 18.21 21.14 -33.00
C GLU B 86 18.38 22.08 -31.79
N THR B 87 17.42 22.93 -31.52
CA THR B 87 17.55 23.87 -30.37
C THR B 87 17.66 23.08 -29.05
N ASN B 88 17.12 21.90 -28.99
CA ASN B 88 17.18 21.10 -27.74
C ASN B 88 18.62 20.62 -27.52
N THR B 89 18.92 20.14 -26.34
CA THR B 89 20.31 19.66 -26.06
C THR B 89 20.34 18.19 -25.55
N LEU B 90 19.23 17.47 -25.48
CA LEU B 90 19.31 16.05 -24.99
C LEU B 90 18.53 15.10 -25.91
N MET B 91 19.05 13.91 -26.15
CA MET B 91 18.33 12.94 -27.02
C MET B 91 17.13 12.39 -26.25
N HIS B 92 16.01 12.21 -26.90
CA HIS B 92 14.82 11.69 -26.20
C HIS B 92 14.39 10.34 -26.78
N ASN B 93 13.12 10.06 -26.68
CA ASN B 93 12.56 8.78 -27.20
C ASN B 93 11.14 8.62 -26.62
N ILE B 94 10.27 7.87 -27.27
CA ILE B 94 8.88 7.74 -26.71
C ILE B 94 8.52 6.25 -26.52
N ASP B 95 8.02 5.91 -25.36
CA ASP B 95 7.59 4.51 -25.09
C ASP B 95 6.09 4.51 -24.76
N PHE B 96 5.26 4.04 -25.65
CA PHE B 96 3.79 4.03 -25.39
C PHE B 96 3.38 2.71 -24.74
N HIS B 97 2.91 2.79 -23.53
CA HIS B 97 2.45 1.56 -22.80
C HIS B 97 1.43 0.78 -23.67
N ALA B 98 0.71 1.45 -24.54
CA ALA B 98 -0.32 0.73 -25.37
C ALA B 98 0.29 0.03 -26.60
N ALA B 99 1.59 -0.01 -26.72
CA ALA B 99 2.21 -0.69 -27.89
C ALA B 99 2.91 -1.96 -27.42
N THR B 100 3.29 -2.81 -28.32
CA THR B 100 3.97 -4.08 -27.90
C THR B 100 5.25 -4.32 -28.72
N GLY B 101 6.40 -4.25 -28.10
CA GLY B 101 7.70 -4.53 -28.81
C GLY B 101 8.66 -3.30 -28.79
N ALA B 102 9.93 -3.50 -28.49
CA ALA B 102 10.89 -2.34 -28.51
C ALA B 102 10.65 -1.42 -27.31
N LEU B 103 10.55 -1.99 -26.15
CA LEU B 103 10.35 -1.15 -24.93
C LEU B 103 9.23 -0.12 -25.16
N GLY B 104 8.17 -0.51 -25.80
CA GLY B 104 7.04 0.45 -26.04
C GLY B 104 7.43 1.48 -27.12
N GLY B 105 8.34 1.13 -27.98
CA GLY B 105 8.75 2.10 -29.06
C GLY B 105 9.96 2.95 -28.64
N GLY B 106 10.43 2.83 -27.43
CA GLY B 106 11.60 3.65 -26.99
C GLY B 106 12.89 3.14 -27.64
N GLY B 107 12.96 1.88 -27.99
CA GLY B 107 14.20 1.33 -28.61
C GLY B 107 14.29 1.71 -30.10
N LEU B 108 13.21 2.16 -30.69
CA LEU B 108 13.26 2.53 -32.15
C LEU B 108 12.90 4.02 -32.36
N THR B 109 13.01 4.83 -31.34
CA THR B 109 12.69 6.29 -31.49
C THR B 109 13.75 7.19 -30.81
N GLU B 110 14.94 6.70 -30.55
CA GLU B 110 15.98 7.54 -29.91
C GLU B 110 16.44 8.58 -30.94
N ILE B 111 16.12 9.81 -30.72
CA ILE B 111 16.51 10.85 -31.71
C ILE B 111 17.25 11.98 -31.02
N ASN B 112 18.40 12.30 -31.51
CA ASN B 112 19.18 13.40 -30.88
C ASN B 112 18.82 14.71 -31.56
N PRO B 113 19.06 15.81 -30.92
CA PRO B 113 18.76 17.16 -31.48
C PRO B 113 18.99 17.21 -32.99
N GLY B 114 18.02 17.67 -33.73
CA GLY B 114 18.18 17.73 -35.23
C GLY B 114 17.77 16.40 -35.88
N GLU B 115 17.03 15.55 -35.19
CA GLU B 115 16.61 14.26 -35.82
C GLU B 115 15.13 13.95 -35.52
N LYS B 116 14.42 13.37 -36.46
CA LYS B 116 12.98 13.03 -36.23
C LYS B 116 12.71 11.63 -36.82
N THR B 117 11.78 10.90 -36.27
CA THR B 117 11.49 9.55 -36.82
C THR B 117 9.99 9.36 -36.91
N ILE B 118 9.57 8.20 -37.30
CA ILE B 118 8.13 7.91 -37.42
C ILE B 118 7.88 6.47 -36.97
N LEU B 119 7.17 6.28 -35.91
CA LEU B 119 6.93 4.89 -35.42
C LEU B 119 5.43 4.57 -35.52
N ARG B 120 5.12 3.42 -36.04
CA ARG B 120 3.68 3.03 -36.17
C ARG B 120 3.43 1.71 -35.40
N PHE B 121 2.45 1.70 -34.55
CA PHE B 121 2.14 0.46 -33.77
C PHE B 121 0.63 0.20 -33.80
N LYS B 122 0.26 -1.04 -33.74
CA LYS B 122 -1.18 -1.42 -33.76
C LYS B 122 -1.72 -1.36 -32.34
N ALA B 123 -2.80 -0.67 -32.20
CA ALA B 123 -3.46 -0.50 -30.89
C ALA B 123 -4.30 -1.73 -30.71
N THR B 124 -3.74 -2.68 -30.08
CA THR B 124 -4.47 -4.00 -29.95
C THR B 124 -5.30 -4.13 -28.67
N LYS B 125 -5.20 -3.22 -27.75
CA LYS B 125 -5.99 -3.33 -26.50
C LYS B 125 -6.69 -2.01 -26.22
N PRO B 126 -7.92 -2.08 -25.78
CA PRO B 126 -8.72 -0.87 -25.47
C PRO B 126 -8.48 -0.32 -24.06
N GLY B 127 -8.28 0.97 -23.92
CA GLY B 127 -8.05 1.53 -22.56
C GLY B 127 -7.05 2.69 -22.61
N VAL B 128 -7.10 3.54 -21.62
CA VAL B 128 -6.17 4.70 -21.58
C VAL B 128 -4.83 4.18 -21.11
N PHE B 129 -3.78 4.72 -21.63
CA PHE B 129 -2.44 4.23 -21.24
C PHE B 129 -1.53 5.42 -21.18
N VAL B 130 -0.49 5.34 -20.44
CA VAL B 130 0.44 6.52 -20.35
C VAL B 130 1.72 6.35 -21.21
N TYR B 131 2.04 7.34 -22.04
CA TYR B 131 3.28 7.29 -22.84
C TYR B 131 4.30 8.19 -22.14
N HIS B 132 5.56 7.97 -22.34
CA HIS B 132 6.57 8.82 -21.64
C HIS B 132 7.97 8.55 -22.22
N CYS B 133 8.80 9.58 -22.33
CA CYS B 133 10.16 9.40 -22.88
C CYS B 133 11.02 8.64 -21.88
N ALA B 134 11.94 7.82 -22.32
CA ALA B 134 12.76 7.06 -21.35
C ALA B 134 14.12 6.69 -21.95
N PRO B 135 14.99 7.65 -22.09
CA PRO B 135 16.35 7.41 -22.63
C PRO B 135 17.19 6.55 -21.68
N PRO B 136 17.70 5.44 -22.14
CA PRO B 136 18.51 4.52 -21.30
C PRO B 136 19.50 5.25 -20.36
N GLY B 137 19.35 5.08 -19.06
CA GLY B 137 20.29 5.75 -18.11
C GLY B 137 19.70 7.06 -17.53
N MET B 138 18.68 7.63 -18.13
CA MET B 138 18.13 8.90 -17.59
C MET B 138 16.62 8.87 -17.73
N VAL B 139 16.04 7.75 -17.42
CA VAL B 139 14.55 7.62 -17.54
C VAL B 139 13.82 8.55 -16.56
N PRO B 140 13.92 8.26 -15.28
CA PRO B 140 13.24 9.03 -14.20
C PRO B 140 13.39 10.53 -14.34
N TRP B 141 14.52 10.97 -14.81
CA TRP B 141 14.73 12.44 -14.96
C TRP B 141 13.82 13.00 -16.05
N HIS B 142 13.82 12.37 -17.20
CA HIS B 142 12.97 12.86 -18.33
C HIS B 142 11.47 12.80 -17.96
N VAL B 143 11.04 11.79 -17.26
CA VAL B 143 9.59 11.68 -16.91
C VAL B 143 9.21 12.73 -15.87
N VAL B 144 10.01 12.87 -14.85
CA VAL B 144 9.69 13.87 -13.79
C VAL B 144 9.73 15.26 -14.39
N SER B 145 10.59 15.47 -15.35
CA SER B 145 10.68 16.81 -15.99
C SER B 145 9.38 17.15 -16.74
N GLY B 146 8.44 16.22 -16.80
CA GLY B 146 7.17 16.49 -17.51
C GLY B 146 7.19 15.89 -18.93
N MET B 147 7.97 14.86 -19.17
CA MET B 147 7.98 14.26 -20.54
C MET B 147 7.09 13.02 -20.54
N ASN B 148 5.80 13.21 -20.42
CA ASN B 148 4.87 12.05 -20.41
C ASN B 148 3.42 12.53 -20.55
N GLY B 149 2.60 11.74 -21.16
CA GLY B 149 1.16 12.10 -21.36
C GLY B 149 0.31 10.81 -21.35
N ALA B 150 -0.63 10.65 -22.25
CA ALA B 150 -1.44 9.41 -22.26
C ALA B 150 -2.34 9.34 -23.51
N ILE B 151 -2.55 8.16 -24.04
CA ILE B 151 -3.43 8.02 -25.24
C ILE B 151 -4.64 7.15 -24.88
N MET B 152 -5.75 7.34 -25.53
CA MET B 152 -6.95 6.53 -25.21
C MET B 152 -7.40 5.73 -26.45
N VAL B 153 -7.32 4.43 -26.38
CA VAL B 153 -7.74 3.56 -27.50
C VAL B 153 -9.13 3.10 -27.15
N LEU B 154 -10.12 3.67 -27.75
CA LEU B 154 -11.52 3.30 -27.36
C LEU B 154 -12.05 2.12 -28.17
N PRO B 155 -12.79 1.25 -27.52
CA PRO B 155 -13.42 0.09 -28.19
C PRO B 155 -14.14 0.53 -29.46
N ARG B 156 -14.02 -0.22 -30.52
CA ARG B 156 -14.68 0.17 -31.81
C ARG B 156 -16.15 0.51 -31.57
N GLU B 157 -16.78 -0.15 -30.64
CA GLU B 157 -18.22 0.12 -30.37
C GLU B 157 -18.41 1.17 -29.25
N GLY B 158 -17.39 1.93 -28.91
CA GLY B 158 -17.56 2.96 -27.84
C GLY B 158 -17.33 2.34 -26.47
N LEU B 159 -17.66 3.03 -25.43
CA LEU B 159 -17.47 2.47 -24.06
C LEU B 159 -18.80 1.94 -23.48
N HIS B 160 -18.75 0.82 -22.79
CA HIS B 160 -19.97 0.25 -22.17
C HIS B 160 -19.64 -0.13 -20.73
N ASP B 161 -20.62 -0.26 -19.90
CA ASP B 161 -20.38 -0.61 -18.47
C ASP B 161 -19.90 -2.07 -18.36
N GLY B 162 -19.94 -2.62 -17.18
CA GLY B 162 -19.49 -4.04 -17.00
C GLY B 162 -20.58 -5.07 -17.42
N LYS B 163 -21.76 -4.65 -17.80
CA LYS B 163 -22.81 -5.65 -18.20
C LYS B 163 -23.12 -5.54 -19.70
N GLY B 164 -22.53 -4.60 -20.40
CA GLY B 164 -22.81 -4.45 -21.87
C GLY B 164 -23.58 -3.15 -22.22
N LYS B 165 -24.10 -2.42 -21.26
CA LYS B 165 -24.86 -1.18 -21.57
C LYS B 165 -23.91 -0.15 -22.14
N ALA B 166 -24.36 0.63 -23.08
CA ALA B 166 -23.48 1.67 -23.69
C ALA B 166 -23.39 2.93 -22.79
N LEU B 167 -22.18 3.41 -22.60
CA LEU B 167 -21.94 4.63 -21.79
C LEU B 167 -21.34 5.66 -22.74
N THR B 168 -22.03 6.73 -22.97
CA THR B 168 -21.57 7.75 -23.92
C THR B 168 -21.38 9.01 -23.16
N TYR B 169 -20.24 9.57 -23.25
CA TYR B 169 -19.95 10.81 -22.47
C TYR B 169 -20.17 12.06 -23.35
N ASP B 170 -20.73 13.09 -22.78
CA ASP B 170 -20.95 14.34 -23.57
C ASP B 170 -19.61 15.09 -23.75
N LYS B 171 -18.75 15.04 -22.76
CA LYS B 171 -17.44 15.74 -22.87
C LYS B 171 -16.37 14.91 -22.17
N ILE B 172 -15.14 15.15 -22.48
CA ILE B 172 -14.03 14.38 -21.84
C ILE B 172 -12.81 15.28 -21.63
N TYR B 173 -12.24 15.24 -20.46
CA TYR B 173 -11.06 16.07 -20.15
C TYR B 173 -9.94 15.12 -19.70
N TYR B 174 -8.73 15.48 -19.99
CA TYR B 174 -7.58 14.61 -19.61
C TYR B 174 -6.69 15.38 -18.65
N VAL B 175 -6.65 14.96 -17.43
CA VAL B 175 -5.82 15.66 -16.42
C VAL B 175 -4.57 14.84 -16.10
N GLY B 176 -3.45 15.30 -16.57
CA GLY B 176 -2.17 14.60 -16.31
C GLY B 176 -1.56 15.17 -15.03
N GLU B 177 -1.22 14.32 -14.13
CA GLU B 177 -0.65 14.76 -12.85
C GLU B 177 0.83 14.61 -12.96
N GLN B 178 1.55 15.48 -12.36
CA GLN B 178 3.02 15.39 -12.48
C GLN B 178 3.69 15.74 -11.15
N ASP B 179 4.46 14.83 -10.63
CA ASP B 179 5.17 15.10 -9.34
C ASP B 179 6.58 15.60 -9.67
N PHE B 180 6.91 16.80 -9.29
CA PHE B 180 8.25 17.33 -9.58
C PHE B 180 9.11 17.18 -8.34
N TYR B 181 10.34 17.52 -8.49
CA TYR B 181 11.31 17.42 -7.37
C TYR B 181 12.27 18.58 -7.58
N VAL B 182 11.94 19.70 -7.03
CA VAL B 182 12.77 20.90 -7.26
C VAL B 182 13.75 21.13 -6.14
N PRO B 183 14.98 21.30 -6.49
CA PRO B 183 16.07 21.55 -5.49
C PRO B 183 15.88 22.90 -4.75
N ARG B 184 16.18 22.93 -3.47
CA ARG B 184 16.03 24.19 -2.70
C ARG B 184 17.40 24.56 -2.13
N ASP B 185 17.63 25.81 -1.91
CA ASP B 185 18.96 26.24 -1.37
C ASP B 185 18.97 26.08 0.15
N GLU B 186 19.85 26.77 0.82
CA GLU B 186 19.92 26.66 2.30
C GLU B 186 18.70 27.36 2.93
N ASN B 187 18.27 28.45 2.35
CA ASN B 187 17.10 29.19 2.92
C ASN B 187 15.77 28.43 2.64
N GLY B 188 15.83 27.26 2.06
CA GLY B 188 14.55 26.52 1.77
C GLY B 188 13.81 27.10 0.54
N LYS B 189 14.44 27.96 -0.22
CA LYS B 189 13.77 28.52 -1.43
C LYS B 189 14.16 27.69 -2.64
N TYR B 190 13.28 27.59 -3.59
CA TYR B 190 13.58 26.79 -4.80
C TYR B 190 14.75 27.42 -5.54
N LYS B 191 15.54 26.61 -6.18
CA LYS B 191 16.72 27.16 -6.92
C LYS B 191 16.45 27.15 -8.43
N LYS B 192 16.96 28.13 -9.14
CA LYS B 192 16.76 28.19 -10.59
C LYS B 192 18.11 27.97 -11.26
N TYR B 193 18.12 27.46 -12.44
CA TYR B 193 19.41 27.20 -13.11
C TYR B 193 19.38 27.81 -14.50
N GLU B 194 20.47 27.76 -15.18
CA GLU B 194 20.53 28.33 -16.55
C GLU B 194 20.14 27.26 -17.59
N ALA B 195 20.76 26.11 -17.53
CA ALA B 195 20.43 25.05 -18.50
C ALA B 195 19.93 23.80 -17.75
N PRO B 196 19.19 22.97 -18.43
CA PRO B 196 18.62 21.72 -17.83
C PRO B 196 19.69 20.82 -17.20
N GLY B 197 20.87 20.78 -17.76
CA GLY B 197 21.95 19.90 -17.19
C GLY B 197 22.45 20.42 -15.82
N ASP B 198 22.44 21.71 -15.59
CA ASP B 198 22.96 22.25 -14.29
C ASP B 198 22.04 21.83 -13.14
N ALA B 199 20.85 21.40 -13.43
CA ALA B 199 19.92 20.98 -12.34
C ALA B 199 19.77 19.45 -12.29
N TYR B 200 20.64 18.72 -12.92
CA TYR B 200 20.55 17.22 -12.89
C TYR B 200 21.00 16.61 -11.54
N GLU B 201 22.17 16.95 -11.02
CA GLU B 201 22.65 16.31 -9.75
C GLU B 201 21.78 16.74 -8.57
N ASP B 202 21.45 17.99 -8.51
CA ASP B 202 20.62 18.48 -7.37
C ASP B 202 19.22 17.88 -7.45
N THR B 203 18.72 17.65 -8.63
CA THR B 203 17.36 17.06 -8.77
C THR B 203 17.40 15.60 -8.34
N VAL B 204 18.34 14.86 -8.86
CA VAL B 204 18.44 13.43 -8.48
C VAL B 204 18.37 13.31 -6.96
N LYS B 205 19.13 14.12 -6.26
CA LYS B 205 19.10 14.06 -4.77
C LYS B 205 17.65 14.17 -4.27
N VAL B 206 16.91 15.12 -4.78
CA VAL B 206 15.49 15.27 -4.35
C VAL B 206 14.67 14.06 -4.79
N MET B 207 14.90 13.59 -5.99
CA MET B 207 14.12 12.41 -6.48
C MET B 207 14.36 11.18 -5.58
N ARG B 208 15.54 11.03 -5.04
CA ARG B 208 15.82 9.84 -4.18
C ARG B 208 14.95 9.89 -2.93
N THR B 209 14.71 11.06 -2.41
CA THR B 209 13.86 11.18 -1.18
C THR B 209 12.43 10.66 -1.43
N LEU B 210 12.08 10.35 -2.66
CA LEU B 210 10.70 9.86 -2.93
C LEU B 210 9.69 10.85 -2.35
N THR B 211 10.02 12.12 -2.36
CA THR B 211 9.08 13.13 -1.81
C THR B 211 9.04 14.32 -2.76
N PRO B 212 8.03 14.39 -3.57
CA PRO B 212 7.87 15.51 -4.56
C PRO B 212 7.58 16.87 -3.91
N THR B 213 8.29 17.92 -4.29
CA THR B 213 8.03 19.26 -3.70
C THR B 213 6.70 19.81 -4.25
N HIS B 214 6.26 19.37 -5.40
CA HIS B 214 4.98 19.88 -5.97
C HIS B 214 4.32 18.78 -6.82
N VAL B 215 3.06 18.54 -6.59
CA VAL B 215 2.35 17.50 -7.37
C VAL B 215 1.19 18.23 -7.97
N VAL B 216 1.12 18.34 -9.26
CA VAL B 216 0.01 19.17 -9.76
C VAL B 216 -0.62 18.61 -11.01
N PHE B 217 -1.55 19.34 -11.52
CA PHE B 217 -2.26 18.88 -12.75
C PHE B 217 -2.09 19.94 -13.84
N ASN B 218 -1.87 19.51 -15.06
CA ASN B 218 -1.70 20.50 -16.17
C ASN B 218 -0.30 21.18 -16.16
N GLY B 219 0.61 20.77 -15.31
CA GLY B 219 1.96 21.40 -15.29
C GLY B 219 2.12 22.54 -14.23
N ALA B 220 1.14 22.85 -13.38
CA ALA B 220 1.40 23.95 -12.40
C ALA B 220 0.31 24.01 -11.33
N VAL B 221 0.67 24.38 -10.13
CA VAL B 221 -0.35 24.48 -9.05
C VAL B 221 -1.40 25.52 -9.48
N GLY B 222 -2.65 25.16 -9.42
CA GLY B 222 -3.72 26.12 -9.85
C GLY B 222 -3.80 26.22 -11.39
N ALA B 223 -3.37 25.21 -12.13
CA ALA B 223 -3.45 25.28 -13.63
C ALA B 223 -4.91 25.08 -14.11
N LEU B 224 -5.72 24.32 -13.41
CA LEU B 224 -7.12 24.07 -13.85
C LEU B 224 -8.13 24.78 -12.93
N THR B 225 -7.89 26.02 -12.63
CA THR B 225 -8.82 26.80 -11.77
C THR B 225 -9.00 28.18 -12.38
N GLY B 226 -9.88 28.97 -11.86
CA GLY B 226 -10.11 30.33 -12.41
C GLY B 226 -10.72 30.19 -13.78
N ASP B 227 -10.26 30.97 -14.72
CA ASP B 227 -10.81 30.87 -16.10
C ASP B 227 -10.47 29.50 -16.70
N LYS B 228 -9.49 28.81 -16.17
CA LYS B 228 -9.13 27.47 -16.72
C LYS B 228 -9.88 26.34 -16.00
N ALA B 229 -10.71 26.64 -15.02
CA ALA B 229 -11.45 25.55 -14.31
C ALA B 229 -12.35 24.79 -15.30
N MET B 230 -12.32 23.48 -15.28
CA MET B 230 -13.17 22.71 -16.20
C MET B 230 -14.60 23.20 -16.06
N THR B 231 -15.47 22.70 -16.86
CA THR B 231 -16.90 23.13 -16.80
C THR B 231 -17.83 21.94 -17.09
N ALA B 232 -18.97 21.94 -16.48
CA ALA B 232 -19.98 20.86 -16.68
C ALA B 232 -21.32 21.34 -16.13
N ALA B 233 -22.42 20.80 -16.61
CA ALA B 233 -23.74 21.25 -16.12
C ALA B 233 -24.53 20.04 -15.62
N VAL B 234 -25.46 20.29 -14.75
CA VAL B 234 -26.30 19.20 -14.20
C VAL B 234 -26.85 18.37 -15.35
N GLY B 235 -26.72 17.10 -15.26
CA GLY B 235 -27.23 16.21 -16.36
C GLY B 235 -26.14 15.95 -17.44
N GLU B 236 -24.96 16.50 -17.28
CA GLU B 236 -23.88 16.27 -18.28
C GLU B 236 -23.04 15.07 -17.85
N LYS B 237 -22.70 14.25 -18.78
CA LYS B 237 -21.88 13.06 -18.48
C LYS B 237 -20.47 13.40 -18.91
N VAL B 238 -19.55 13.27 -18.03
CA VAL B 238 -18.16 13.66 -18.39
C VAL B 238 -17.17 12.57 -18.01
N LEU B 239 -16.32 12.24 -18.93
CA LEU B 239 -15.29 11.21 -18.65
C LEU B 239 -13.96 11.92 -18.38
N ILE B 240 -13.39 11.69 -17.24
CA ILE B 240 -12.11 12.38 -16.89
C ILE B 240 -10.96 11.37 -16.84
N VAL B 241 -10.13 11.41 -17.84
CA VAL B 241 -8.97 10.49 -17.89
C VAL B 241 -7.86 11.13 -17.08
N HIS B 242 -7.18 10.35 -16.33
CA HIS B 242 -6.11 10.91 -15.48
C HIS B 242 -4.91 9.98 -15.57
N SER B 243 -3.76 10.54 -15.67
CA SER B 243 -2.54 9.69 -15.78
C SER B 243 -1.42 10.18 -14.85
N GLN B 244 -0.60 9.25 -14.42
CA GLN B 244 0.56 9.53 -13.53
C GLN B 244 1.67 8.57 -13.98
N ALA B 245 2.64 9.07 -14.69
CA ALA B 245 3.73 8.20 -15.24
C ALA B 245 4.97 8.33 -14.38
N ASN B 246 4.78 8.25 -13.11
CA ASN B 246 5.91 8.34 -12.15
C ASN B 246 5.39 8.51 -10.69
N ARG B 247 4.22 7.99 -10.32
CA ARG B 247 3.78 8.17 -8.91
C ARG B 247 2.34 7.72 -8.76
N ASP B 248 2.01 7.07 -7.66
CA ASP B 248 0.59 6.63 -7.49
C ASP B 248 -0.31 7.78 -6.95
N THR B 249 -1.49 7.98 -7.52
CA THR B 249 -2.39 9.03 -7.03
C THR B 249 -3.73 8.38 -6.67
N ARG B 250 -4.63 9.15 -6.18
CA ARG B 250 -5.97 8.61 -5.78
C ARG B 250 -7.01 9.71 -6.02
N PRO B 251 -7.49 9.80 -7.23
CA PRO B 251 -8.48 10.82 -7.66
C PRO B 251 -9.75 10.85 -6.82
N HIS B 252 -10.33 12.00 -6.70
CA HIS B 252 -11.60 12.15 -5.92
C HIS B 252 -12.31 13.49 -6.26
N LEU B 253 -13.52 13.43 -6.77
CA LEU B 253 -14.28 14.66 -7.10
C LEU B 253 -15.07 15.09 -5.87
N ILE B 254 -14.66 16.16 -5.27
CA ILE B 254 -15.31 16.68 -4.06
C ILE B 254 -16.73 17.06 -4.39
N GLY B 255 -17.64 16.50 -3.69
CA GLY B 255 -19.07 16.80 -3.95
C GLY B 255 -19.66 15.80 -4.97
N GLY B 256 -18.84 15.00 -5.61
CA GLY B 256 -19.38 14.03 -6.60
C GLY B 256 -18.81 12.63 -6.34
N HIS B 257 -18.73 11.84 -7.36
CA HIS B 257 -18.19 10.47 -7.23
C HIS B 257 -18.04 9.86 -8.63
N GLY B 258 -17.20 8.88 -8.75
CA GLY B 258 -16.99 8.23 -10.08
C GLY B 258 -18.07 7.18 -10.27
N ASP B 259 -19.02 7.47 -11.08
CA ASP B 259 -20.13 6.50 -11.30
C ASP B 259 -19.53 5.19 -11.78
N TYR B 260 -18.74 5.27 -12.79
CA TYR B 260 -18.07 4.07 -13.34
C TYR B 260 -16.60 4.42 -13.48
N VAL B 261 -15.72 3.67 -12.88
CA VAL B 261 -14.29 4.07 -12.98
C VAL B 261 -13.37 2.90 -13.35
N TRP B 262 -12.84 2.92 -14.54
CA TRP B 262 -11.88 1.88 -14.96
C TRP B 262 -10.57 2.26 -14.29
N ALA B 263 -10.43 1.84 -13.08
CA ALA B 263 -9.25 2.27 -12.26
C ALA B 263 -7.97 1.84 -12.93
N THR B 264 -8.00 0.68 -13.48
CA THR B 264 -6.79 0.16 -14.15
C THR B 264 -6.62 0.81 -15.53
N GLY B 265 -7.59 1.56 -15.97
CA GLY B 265 -7.46 2.21 -17.33
C GLY B 265 -7.58 1.17 -18.47
N LYS B 266 -8.25 0.07 -18.24
CA LYS B 266 -8.43 -0.98 -19.28
C LYS B 266 -9.94 -1.14 -19.47
N PHE B 267 -10.40 -1.00 -20.68
CA PHE B 267 -11.87 -1.10 -20.92
C PHE B 267 -12.37 -2.53 -20.71
N ASN B 268 -11.60 -3.51 -21.11
CA ASN B 268 -12.05 -4.91 -20.96
C ASN B 268 -12.27 -5.24 -19.49
N THR B 269 -11.52 -4.61 -18.63
CA THR B 269 -11.66 -4.87 -17.18
C THR B 269 -12.87 -4.09 -16.66
N PRO B 270 -13.87 -4.79 -16.22
CA PRO B 270 -15.12 -4.14 -15.71
C PRO B 270 -14.83 -2.91 -14.84
N PRO B 271 -15.55 -1.81 -15.04
CA PRO B 271 -15.31 -0.56 -14.24
C PRO B 271 -15.98 -0.57 -12.84
N ASP B 272 -15.21 -0.34 -11.77
CA ASP B 272 -15.86 -0.30 -10.44
C ASP B 272 -17.03 0.66 -10.55
N VAL B 273 -17.82 0.78 -9.54
CA VAL B 273 -18.98 1.72 -9.63
C VAL B 273 -19.25 2.41 -8.28
N ASP B 274 -19.76 3.61 -8.32
CA ASP B 274 -20.07 4.34 -7.07
C ASP B 274 -18.78 4.50 -6.32
N GLN B 275 -17.81 5.08 -6.94
CA GLN B 275 -16.48 5.21 -6.23
C GLN B 275 -16.27 6.62 -5.63
N GLU B 276 -15.92 6.68 -4.35
CA GLU B 276 -15.64 8.01 -3.73
C GLU B 276 -14.19 8.45 -4.06
N THR B 277 -13.26 7.52 -4.04
CA THR B 277 -11.84 7.85 -4.35
C THR B 277 -11.22 6.61 -5.00
N TRP B 278 -10.70 6.75 -6.17
CA TRP B 278 -10.13 5.57 -6.86
C TRP B 278 -8.63 5.48 -6.59
N PHE B 279 -7.94 4.74 -7.40
CA PHE B 279 -6.47 4.59 -7.20
C PHE B 279 -5.78 4.22 -8.53
N ILE B 280 -4.89 5.07 -8.97
CA ILE B 280 -4.14 4.81 -10.24
C ILE B 280 -2.67 4.73 -9.89
N PRO B 281 -2.07 3.58 -10.08
CA PRO B 281 -0.65 3.33 -9.72
C PRO B 281 0.36 4.01 -10.66
N GLY B 282 1.36 4.62 -10.11
CA GLY B 282 2.40 5.26 -10.95
C GLY B 282 2.64 4.37 -12.15
N GLY B 283 2.79 4.94 -13.30
CA GLY B 283 3.00 4.16 -14.52
C GLY B 283 1.66 3.72 -15.10
N ALA B 284 0.59 4.48 -14.91
CA ALA B 284 -0.71 4.01 -15.49
C ALA B 284 -1.75 5.13 -15.56
N ALA B 285 -2.64 5.08 -16.53
CA ALA B 285 -3.71 6.12 -16.64
C ALA B 285 -5.09 5.45 -16.50
N GLY B 286 -5.99 6.03 -15.73
CA GLY B 286 -7.33 5.41 -15.57
C GLY B 286 -8.39 6.31 -16.20
N ALA B 287 -9.63 6.09 -15.88
CA ALA B 287 -10.73 6.92 -16.46
C ALA B 287 -11.98 6.79 -15.58
N ALA B 288 -12.62 7.89 -15.30
CA ALA B 288 -13.85 7.87 -14.46
C ALA B 288 -14.97 8.61 -15.20
N PHE B 289 -16.14 8.05 -15.21
CA PHE B 289 -17.28 8.69 -15.91
C PHE B 289 -18.34 9.04 -14.87
N TYR B 290 -18.78 10.26 -14.85
CA TYR B 290 -19.79 10.63 -13.83
C TYR B 290 -20.76 11.68 -14.38
N THR B 291 -22.01 11.50 -14.09
CA THR B 291 -23.05 12.47 -14.54
C THR B 291 -23.31 13.44 -13.40
N PHE B 292 -23.05 14.69 -13.63
CA PHE B 292 -23.25 15.72 -12.57
C PHE B 292 -24.72 15.85 -12.22
N GLN B 293 -25.00 16.00 -10.96
CA GLN B 293 -26.43 16.16 -10.53
C GLN B 293 -26.63 17.48 -9.75
N GLN B 294 -25.58 18.12 -9.28
CA GLN B 294 -25.75 19.39 -8.52
C GLN B 294 -24.83 20.46 -9.09
N PRO B 295 -25.31 21.68 -9.15
CA PRO B 295 -24.53 22.83 -9.67
C PRO B 295 -23.67 23.47 -8.60
N GLY B 296 -22.64 24.16 -9.00
CA GLY B 296 -21.75 24.82 -8.01
C GLY B 296 -20.29 24.57 -8.39
N ILE B 297 -19.40 24.81 -7.48
CA ILE B 297 -17.95 24.58 -7.78
C ILE B 297 -17.44 23.35 -7.03
N TYR B 298 -16.87 22.41 -7.73
CA TYR B 298 -16.36 21.19 -7.08
C TYR B 298 -14.86 21.07 -7.34
N ALA B 299 -14.12 20.58 -6.38
CA ALA B 299 -12.65 20.44 -6.55
C ALA B 299 -12.34 18.99 -6.85
N TYR B 300 -11.49 18.74 -7.81
CA TYR B 300 -11.16 17.33 -8.14
C TYR B 300 -9.70 17.16 -7.86
N VAL B 301 -9.34 16.33 -6.94
CA VAL B 301 -7.88 16.27 -6.68
C VAL B 301 -7.44 14.98 -6.03
N ASN B 302 -6.16 14.84 -5.92
CA ASN B 302 -5.57 13.65 -5.29
C ASN B 302 -5.98 13.70 -3.85
N HIS B 303 -6.52 12.65 -3.36
CA HIS B 303 -7.00 12.70 -1.96
C HIS B 303 -5.83 12.99 -1.07
N ASN B 304 -4.72 12.32 -1.22
CA ASN B 304 -3.62 12.76 -0.31
C ASN B 304 -3.88 14.28 -0.02
N LEU B 305 -4.66 14.61 1.00
CA LEU B 305 -5.02 16.03 1.27
C LEU B 305 -3.78 16.89 1.19
N ILE B 306 -2.74 16.42 1.78
CA ILE B 306 -1.47 17.20 1.76
C ILE B 306 -1.06 17.42 0.31
N GLU B 307 -1.03 16.37 -0.45
CA GLU B 307 -0.65 16.50 -1.89
C GLU B 307 -1.67 17.39 -2.64
N ALA B 308 -2.94 17.34 -2.29
CA ALA B 308 -3.95 18.17 -3.01
C ALA B 308 -4.02 19.66 -2.53
N PHE B 309 -3.66 19.99 -1.30
CA PHE B 309 -3.79 21.42 -0.89
C PHE B 309 -2.41 22.03 -0.64
N GLU B 310 -1.53 21.28 -0.06
CA GLU B 310 -0.16 21.82 0.23
C GLU B 310 0.80 21.65 -0.97
N LEU B 311 0.64 20.66 -1.81
CA LEU B 311 1.60 20.49 -2.94
C LEU B 311 1.06 21.17 -4.19
N GLY B 312 -0.18 20.98 -4.47
CA GLY B 312 -0.81 21.60 -5.68
C GLY B 312 -1.54 20.55 -6.55
N ALA B 313 -2.15 19.51 -5.98
CA ALA B 313 -2.87 18.54 -6.84
C ALA B 313 -4.39 18.76 -6.71
N ALA B 314 -4.89 19.92 -7.07
CA ALA B 314 -6.36 20.15 -6.95
C ALA B 314 -6.86 21.10 -8.04
N ALA B 315 -7.79 20.66 -8.86
CA ALA B 315 -8.34 21.54 -9.91
C ALA B 315 -9.76 21.90 -9.51
N HIS B 316 -10.49 22.58 -10.33
CA HIS B 316 -11.89 22.93 -9.92
C HIS B 316 -12.85 22.91 -11.11
N PHE B 317 -14.00 22.28 -10.98
CA PHE B 317 -14.99 22.27 -12.10
C PHE B 317 -16.25 23.11 -11.75
N LYS B 318 -16.56 24.11 -12.56
CA LYS B 318 -17.74 24.95 -12.32
C LYS B 318 -18.90 24.26 -13.01
N VAL B 319 -20.01 24.17 -12.37
CA VAL B 319 -21.14 23.46 -12.98
C VAL B 319 -22.38 24.32 -12.88
N THR B 320 -23.05 24.47 -13.98
CA THR B 320 -24.29 25.29 -14.00
C THR B 320 -25.52 24.38 -13.94
N GLY B 321 -26.62 24.88 -13.45
CA GLY B 321 -27.84 24.04 -13.37
C GLY B 321 -28.70 24.48 -12.17
N GLU B 322 -29.61 23.63 -11.76
CA GLU B 322 -30.50 23.96 -10.62
C GLU B 322 -30.16 23.03 -9.46
N TRP B 323 -30.16 23.55 -8.29
CA TRP B 323 -29.83 22.74 -7.10
C TRP B 323 -30.93 21.72 -6.88
N ASN B 324 -30.58 20.66 -6.26
CA ASN B 324 -31.58 19.57 -5.99
C ASN B 324 -31.60 19.31 -4.49
N ASP B 325 -32.61 19.81 -3.83
CA ASP B 325 -32.70 19.63 -2.36
C ASP B 325 -32.85 18.14 -2.05
N ASP B 326 -33.64 17.46 -2.81
CA ASP B 326 -33.84 16.01 -2.56
C ASP B 326 -32.48 15.36 -2.26
N LEU B 327 -31.50 15.64 -3.07
CA LEU B 327 -30.14 15.06 -2.84
C LEU B 327 -29.48 15.70 -1.61
N MET B 328 -29.61 17.00 -1.43
CA MET B 328 -28.96 17.62 -0.25
C MET B 328 -29.62 18.95 0.05
N THR B 329 -29.84 19.24 1.30
CA THR B 329 -30.48 20.54 1.66
C THR B 329 -30.06 20.98 3.06
N SER B 330 -29.70 22.23 3.22
CA SER B 330 -29.29 22.73 4.55
C SER B 330 -30.55 23.04 5.37
N VAL B 331 -30.97 22.13 6.20
CA VAL B 331 -32.20 22.37 7.00
C VAL B 331 -31.99 23.58 7.89
N LEU B 332 -30.87 23.64 8.53
CA LEU B 332 -30.58 24.81 9.42
C LEU B 332 -29.20 25.39 9.07
N ALA B 333 -29.16 26.54 8.47
CA ALA B 333 -27.85 27.14 8.11
C ALA B 333 -27.08 27.47 9.39
N PRO B 334 -25.79 27.52 9.32
CA PRO B 334 -24.92 27.82 10.49
C PRO B 334 -25.44 29.02 11.29
N SER B 335 -25.82 28.81 12.52
CA SER B 335 -26.33 29.94 13.33
C SER B 335 -25.93 29.74 14.79
N GLY B 336 -26.47 30.55 15.66
CA GLY B 336 -26.14 30.41 17.11
C GLY B 336 -26.86 29.20 17.69
N ALA C 1 -11.21 -32.67 7.41
CA ALA C 1 -10.76 -34.09 7.46
C ALA C 1 -10.30 -34.42 8.89
N THR C 2 -10.35 -35.67 9.27
CA THR C 2 -9.92 -36.05 10.63
C THR C 2 -8.43 -36.40 10.60
N ALA C 3 -7.83 -36.54 11.75
CA ALA C 3 -6.38 -36.88 11.79
C ALA C 3 -6.14 -38.18 11.02
N ALA C 4 -6.97 -39.16 11.19
CA ALA C 4 -6.77 -40.46 10.47
C ALA C 4 -6.80 -40.21 8.97
N GLU C 5 -7.77 -39.46 8.50
CA GLU C 5 -7.85 -39.19 7.03
C GLU C 5 -6.57 -38.50 6.55
N ILE C 6 -6.08 -37.55 7.30
CA ILE C 6 -4.84 -36.83 6.88
C ILE C 6 -3.63 -37.79 6.91
N ALA C 7 -3.61 -38.68 7.86
CA ALA C 7 -2.45 -39.62 7.95
C ALA C 7 -2.44 -40.60 6.76
N ALA C 8 -3.57 -40.86 6.16
CA ALA C 8 -3.61 -41.82 5.02
C ALA C 8 -3.39 -41.10 3.67
N LEU C 9 -3.22 -39.81 3.65
CA LEU C 9 -3.01 -39.10 2.34
C LEU C 9 -1.55 -39.30 1.88
N PRO C 10 -1.33 -39.40 0.60
CA PRO C 10 0.04 -39.59 0.03
C PRO C 10 0.95 -38.37 0.28
N ARG C 11 2.18 -38.58 0.71
CA ARG C 11 3.09 -37.43 0.96
C ARG C 11 4.13 -37.33 -0.18
N GLN C 12 4.42 -36.13 -0.61
CA GLN C 12 5.42 -35.93 -1.69
C GLN C 12 6.46 -34.89 -1.24
N LYS C 13 7.71 -35.26 -1.24
CA LYS C 13 8.78 -34.34 -0.82
C LYS C 13 9.21 -33.55 -2.04
N VAL C 14 9.40 -32.29 -1.86
CA VAL C 14 9.80 -31.45 -3.01
C VAL C 14 11.11 -30.73 -2.72
N GLU C 15 11.97 -30.69 -3.70
CA GLU C 15 13.27 -30.01 -3.57
C GLU C 15 13.09 -28.59 -4.08
N LEU C 16 13.38 -27.64 -3.27
CA LEU C 16 13.17 -26.22 -3.67
C LEU C 16 14.38 -25.70 -4.42
N VAL C 17 14.16 -24.76 -5.30
CA VAL C 17 15.28 -24.17 -6.07
C VAL C 17 15.46 -22.73 -5.61
N ASP C 18 16.35 -22.01 -6.20
CA ASP C 18 16.53 -20.59 -5.76
C ASP C 18 15.90 -19.63 -6.80
N PRO C 19 15.12 -18.67 -6.35
CA PRO C 19 14.48 -17.68 -7.26
C PRO C 19 15.48 -17.15 -8.30
N PRO C 20 14.99 -16.66 -9.40
CA PRO C 20 13.52 -16.59 -9.68
C PRO C 20 12.93 -17.91 -10.18
N PHE C 21 13.73 -18.92 -10.35
CA PHE C 21 13.23 -20.23 -10.83
C PHE C 21 12.33 -20.86 -9.78
N VAL C 22 11.45 -21.71 -10.19
CA VAL C 22 10.54 -22.38 -9.27
C VAL C 22 10.81 -23.86 -9.38
N HIS C 23 10.41 -24.59 -8.41
CA HIS C 23 10.65 -26.06 -8.43
C HIS C 23 9.68 -26.72 -9.40
N ALA C 24 9.91 -27.97 -9.68
CA ALA C 24 9.02 -28.72 -10.60
C ALA C 24 7.64 -28.85 -9.96
N HIS C 25 6.62 -28.75 -10.77
CA HIS C 25 5.23 -28.87 -10.26
C HIS C 25 4.27 -28.92 -11.46
N SER C 26 3.13 -29.53 -11.30
CA SER C 26 2.16 -29.61 -12.41
C SER C 26 1.06 -28.59 -12.18
N GLN C 27 0.61 -27.95 -13.21
CA GLN C 27 -0.46 -26.92 -13.03
C GLN C 27 -1.69 -27.64 -12.53
N VAL C 28 -2.13 -28.58 -13.30
CA VAL C 28 -3.29 -29.41 -12.89
C VAL C 28 -2.81 -30.41 -11.85
N ALA C 29 -3.53 -30.54 -10.78
CA ALA C 29 -3.11 -31.46 -9.69
C ALA C 29 -3.08 -32.90 -10.18
N GLU C 30 -2.05 -33.61 -9.86
CA GLU C 30 -1.95 -35.04 -10.28
C GLU C 30 -2.38 -35.93 -9.11
N GLY C 31 -3.62 -36.33 -9.08
CA GLY C 31 -4.11 -37.17 -7.97
C GLY C 31 -4.93 -36.31 -7.01
N GLY C 32 -5.31 -36.85 -5.90
CA GLY C 32 -6.12 -36.06 -4.92
C GLY C 32 -5.18 -35.27 -3.98
N PRO C 33 -5.69 -34.87 -2.84
CA PRO C 33 -4.93 -34.10 -1.83
C PRO C 33 -3.70 -34.85 -1.33
N LYS C 34 -2.63 -34.14 -1.13
CA LYS C 34 -1.39 -34.80 -0.64
C LYS C 34 -0.57 -33.84 0.26
N VAL C 35 0.02 -34.37 1.30
CA VAL C 35 0.84 -33.57 2.24
C VAL C 35 2.21 -33.33 1.60
N VAL C 36 2.38 -32.15 1.12
CA VAL C 36 3.61 -31.76 0.44
C VAL C 36 4.60 -31.44 1.52
N GLU C 37 5.78 -31.86 1.33
CA GLU C 37 6.81 -31.63 2.38
C GLU C 37 7.95 -30.80 1.83
N PHE C 38 8.29 -29.74 2.51
CA PHE C 38 9.42 -28.88 2.07
C PHE C 38 10.26 -28.47 3.30
N THR C 39 11.56 -28.43 3.18
CA THR C 39 12.40 -28.05 4.35
C THR C 39 13.32 -26.89 3.97
N MET C 40 13.41 -25.90 4.81
CA MET C 40 14.28 -24.72 4.49
C MET C 40 15.09 -24.30 5.72
N VAL C 41 16.39 -24.23 5.59
CA VAL C 41 17.27 -23.81 6.70
C VAL C 41 17.45 -22.30 6.57
N ILE C 42 17.43 -21.62 7.65
CA ILE C 42 17.57 -20.14 7.61
C ILE C 42 19.03 -19.79 7.77
N GLU C 43 19.53 -18.92 6.95
CA GLU C 43 20.97 -18.57 7.07
C GLU C 43 21.15 -17.05 7.17
N GLU C 44 21.55 -16.55 8.31
CA GLU C 44 21.76 -15.07 8.42
C GLU C 44 23.21 -14.73 8.01
N LYS C 45 23.40 -14.08 6.88
CA LYS C 45 24.78 -13.76 6.47
C LYS C 45 24.77 -12.36 5.87
N LYS C 46 25.82 -12.02 5.21
CA LYS C 46 25.89 -10.66 4.57
C LYS C 46 25.80 -10.76 3.03
N ILE C 47 24.88 -10.03 2.44
CA ILE C 47 24.72 -10.01 0.96
C ILE C 47 24.96 -8.58 0.44
N VAL C 48 25.64 -8.48 -0.66
CA VAL C 48 25.95 -7.19 -1.27
C VAL C 48 24.74 -6.84 -2.05
N ILE C 49 24.40 -5.64 -2.05
CA ILE C 49 23.15 -5.25 -2.76
C ILE C 49 23.39 -4.32 -3.95
N ASP C 50 24.52 -3.69 -4.03
CA ASP C 50 24.75 -2.75 -5.17
C ASP C 50 26.18 -2.88 -5.68
N ASP C 51 26.58 -2.00 -6.55
CA ASP C 51 27.95 -2.07 -7.10
C ASP C 51 28.91 -1.39 -6.12
N ALA C 52 28.40 -0.48 -5.33
CA ALA C 52 29.29 0.22 -4.35
C ALA C 52 29.71 -0.73 -3.21
N GLY C 53 29.32 -1.98 -3.25
CA GLY C 53 29.72 -2.93 -2.16
C GLY C 53 28.83 -2.77 -0.91
N THR C 54 27.70 -2.09 -1.00
CA THR C 54 26.82 -1.94 0.18
C THR C 54 26.49 -3.33 0.69
N GLU C 55 26.37 -3.50 1.97
CA GLU C 55 26.08 -4.86 2.48
C GLU C 55 24.90 -4.85 3.48
N VAL C 56 24.01 -5.80 3.36
CA VAL C 56 22.87 -5.90 4.31
C VAL C 56 22.86 -7.29 5.01
N HIS C 57 22.82 -7.30 6.32
CA HIS C 57 22.80 -8.57 7.10
C HIS C 57 21.48 -9.25 6.79
N ALA C 58 21.49 -10.06 5.81
CA ALA C 58 20.25 -10.73 5.37
C ALA C 58 19.91 -11.97 6.22
N MET C 59 18.64 -12.12 6.45
CA MET C 59 18.10 -13.27 7.21
C MET C 59 17.39 -13.98 6.11
N ALA C 60 17.86 -15.09 5.72
CA ALA C 60 17.28 -15.63 4.50
C ALA C 60 16.89 -17.04 4.65
N PHE C 61 15.70 -17.25 4.30
CA PHE C 61 15.17 -18.66 4.32
C PHE C 61 15.72 -19.38 3.09
N ASN C 62 16.38 -20.50 3.25
CA ASN C 62 16.97 -21.20 2.08
C ASN C 62 18.24 -20.48 1.57
N GLY C 63 18.80 -19.57 2.34
CA GLY C 63 20.03 -18.86 1.88
C GLY C 63 19.75 -17.91 0.69
N THR C 64 18.53 -17.53 0.43
CA THR C 64 18.31 -16.59 -0.75
C THR C 64 17.16 -15.57 -0.50
N VAL C 65 17.38 -14.30 -0.84
CA VAL C 65 16.32 -13.29 -0.70
C VAL C 65 15.82 -12.99 -2.11
N PRO C 66 14.57 -13.21 -2.35
CA PRO C 66 13.61 -13.70 -1.33
C PRO C 66 13.58 -15.23 -1.25
N GLY C 67 13.18 -15.74 -0.13
CA GLY C 67 13.11 -17.22 0.02
C GLY C 67 12.57 -17.82 -1.28
N PRO C 68 12.57 -19.11 -1.37
CA PRO C 68 12.07 -19.84 -2.57
C PRO C 68 10.54 -19.92 -2.62
N LEU C 69 9.99 -20.04 -3.80
CA LEU C 69 8.50 -20.13 -3.92
C LEU C 69 8.05 -21.59 -3.85
N MET C 70 7.22 -21.92 -2.89
CA MET C 70 6.71 -23.29 -2.76
C MET C 70 5.41 -23.35 -3.54
N VAL C 71 5.14 -24.45 -4.13
CA VAL C 71 3.89 -24.53 -4.95
C VAL C 71 3.11 -25.83 -4.68
N VAL C 72 1.94 -25.70 -4.14
CA VAL C 72 1.05 -26.86 -3.88
C VAL C 72 -0.34 -26.50 -4.44
N HIS C 73 -1.27 -27.41 -4.42
CA HIS C 73 -2.62 -27.10 -4.95
C HIS C 73 -3.55 -26.79 -3.78
N GLN C 74 -4.72 -26.36 -4.09
CA GLN C 74 -5.70 -26.03 -3.03
C GLN C 74 -6.21 -27.32 -2.42
N ASP C 75 -6.23 -27.39 -1.13
CA ASP C 75 -6.68 -28.63 -0.45
C ASP C 75 -5.47 -29.38 0.08
N ASP C 76 -4.39 -29.37 -0.65
CA ASP C 76 -3.16 -30.08 -0.19
C ASP C 76 -2.61 -29.39 1.06
N TYR C 77 -2.00 -30.15 1.92
CA TYR C 77 -1.43 -29.57 3.17
C TYR C 77 0.09 -29.39 2.99
N LEU C 78 0.55 -28.23 3.29
CA LEU C 78 1.99 -27.91 3.17
C LEU C 78 2.64 -28.14 4.52
N GLU C 79 3.61 -28.99 4.55
CA GLU C 79 4.29 -29.32 5.82
C GLU C 79 5.71 -28.85 5.66
N LEU C 80 6.09 -27.89 6.41
CA LEU C 80 7.46 -27.34 6.23
C LEU C 80 8.33 -27.51 7.47
N THR C 81 9.42 -28.20 7.32
CA THR C 81 10.38 -28.37 8.46
C THR C 81 11.41 -27.24 8.37
N LEU C 82 11.35 -26.30 9.28
CA LEU C 82 12.27 -25.17 9.26
C LEU C 82 13.36 -25.48 10.23
N ILE C 83 14.49 -24.98 9.96
CA ILE C 83 15.65 -25.27 10.85
C ILE C 83 16.53 -24.02 11.01
N ASN C 84 16.75 -23.64 12.23
CA ASN C 84 17.62 -22.46 12.52
C ASN C 84 18.93 -22.99 13.09
N PRO C 85 19.94 -23.03 12.26
CA PRO C 85 21.28 -23.56 12.63
C PRO C 85 21.94 -22.86 13.82
N GLU C 86 22.73 -23.57 14.58
CA GLU C 86 23.42 -22.94 15.74
C GLU C 86 24.29 -21.75 15.27
N THR C 87 24.78 -21.79 14.05
CA THR C 87 25.64 -20.66 13.55
C THR C 87 24.89 -19.32 13.61
N ASN C 88 23.58 -19.33 13.53
CA ASN C 88 22.83 -18.04 13.55
C ASN C 88 22.86 -17.45 14.96
N THR C 89 22.38 -16.25 15.11
CA THR C 89 22.38 -15.61 16.46
C THR C 89 20.98 -15.04 16.84
N LEU C 90 19.96 -15.20 16.02
CA LEU C 90 18.62 -14.63 16.42
C LEU C 90 17.50 -15.66 16.24
N MET C 91 16.53 -15.69 17.14
CA MET C 91 15.40 -16.66 16.97
C MET C 91 14.45 -16.15 15.88
N HIS C 92 13.99 -17.03 15.01
CA HIS C 92 13.08 -16.60 13.93
C HIS C 92 11.71 -17.29 14.08
N ASN C 93 10.99 -17.34 13.00
CA ASN C 93 9.64 -17.97 12.97
C ASN C 93 9.04 -17.71 11.57
N ILE C 94 8.07 -18.48 11.13
CA ILE C 94 7.51 -18.24 9.77
C ILE C 94 5.98 -18.09 9.81
N ASP C 95 5.47 -17.04 9.23
CA ASP C 95 4.00 -16.83 9.17
C ASP C 95 3.55 -16.83 7.69
N PHE C 96 2.82 -17.84 7.28
CA PHE C 96 2.38 -17.92 5.87
C PHE C 96 0.98 -17.33 5.72
N HIS C 97 0.88 -16.28 4.97
CA HIS C 97 -0.44 -15.62 4.74
C HIS C 97 -1.47 -16.65 4.23
N ALA C 98 -1.02 -17.69 3.58
CA ALA C 98 -1.97 -18.70 3.03
C ALA C 98 -2.41 -19.73 4.09
N ALA C 99 -2.10 -19.49 5.33
CA ALA C 99 -2.53 -20.44 6.40
C ALA C 99 -3.57 -19.77 7.28
N THR C 100 -4.21 -20.52 8.13
CA THR C 100 -5.26 -19.91 9.02
C THR C 100 -5.10 -20.39 10.47
N GLY C 101 -4.69 -19.51 11.35
CA GLY C 101 -4.55 -19.88 12.81
C GLY C 101 -3.09 -19.69 13.31
N ALA C 102 -2.90 -19.16 14.52
CA ALA C 102 -1.51 -19.00 15.05
C ALA C 102 -0.71 -17.93 14.28
N LEU C 103 -1.31 -16.79 14.05
CA LEU C 103 -0.58 -15.69 13.34
C LEU C 103 0.06 -16.20 12.05
N GLY C 104 -0.60 -17.10 11.37
CA GLY C 104 -0.04 -17.62 10.09
C GLY C 104 1.08 -18.64 10.37
N GLY C 105 1.08 -19.24 11.52
CA GLY C 105 2.14 -20.25 11.84
C GLY C 105 3.31 -19.62 12.63
N GLY C 106 3.33 -18.33 12.83
CA GLY C 106 4.46 -17.70 13.58
C GLY C 106 4.36 -18.04 15.08
N GLY C 107 3.17 -18.20 15.59
CA GLY C 107 3.02 -18.52 17.05
C GLY C 107 3.46 -19.96 17.36
N LEU C 108 3.56 -20.82 16.37
CA LEU C 108 3.97 -22.23 16.64
C LEU C 108 5.27 -22.60 15.88
N THR C 109 6.09 -21.64 15.55
CA THR C 109 7.37 -21.94 14.83
C THR C 109 8.54 -21.06 15.37
N GLU C 110 8.46 -20.52 16.56
CA GLU C 110 9.58 -19.70 17.09
C GLU C 110 10.71 -20.64 17.46
N ILE C 111 11.80 -20.60 16.74
CA ILE C 111 12.91 -21.54 17.04
C ILE C 111 14.21 -20.78 17.18
N ASN C 112 14.87 -20.92 18.28
CA ASN C 112 16.16 -20.22 18.48
C ASN C 112 17.30 -21.07 17.91
N PRO C 113 18.43 -20.46 17.65
CA PRO C 113 19.61 -21.17 17.11
C PRO C 113 19.73 -22.59 17.68
N GLY C 114 19.93 -23.56 16.83
CA GLY C 114 20.03 -24.97 17.32
C GLY C 114 18.64 -25.61 17.50
N GLU C 115 17.59 -25.04 16.94
CA GLU C 115 16.24 -25.65 17.10
C GLU C 115 15.50 -25.70 15.74
N LYS C 116 14.74 -26.74 15.50
CA LYS C 116 13.96 -26.86 14.23
C LYS C 116 12.56 -27.38 14.54
N THR C 117 11.59 -27.03 13.76
CA THR C 117 10.22 -27.49 14.03
C THR C 117 9.57 -27.89 12.72
N ILE C 118 8.38 -28.39 12.81
CA ILE C 118 7.65 -28.80 11.59
C ILE C 118 6.19 -28.35 11.72
N LEU C 119 5.72 -27.55 10.81
CA LEU C 119 4.32 -27.07 10.90
C LEU C 119 3.57 -27.46 9.64
N ARG C 120 2.39 -27.97 9.80
CA ARG C 120 1.60 -28.38 8.61
C ARG C 120 0.25 -27.65 8.60
N PHE C 121 -0.08 -27.01 7.52
CA PHE C 121 -1.37 -26.29 7.43
C PHE C 121 -2.08 -26.66 6.11
N LYS C 122 -3.39 -26.57 6.09
CA LYS C 122 -4.17 -26.89 4.88
C LYS C 122 -4.27 -25.64 4.00
N ALA C 123 -3.97 -25.80 2.76
CA ALA C 123 -4.03 -24.68 1.80
C ALA C 123 -5.45 -24.62 1.32
N THR C 124 -6.23 -23.88 2.01
CA THR C 124 -7.70 -23.84 1.69
C THR C 124 -8.10 -22.76 0.66
N LYS C 125 -7.21 -21.90 0.28
CA LYS C 125 -7.57 -20.83 -0.68
C LYS C 125 -6.52 -20.79 -1.79
N PRO C 126 -6.96 -20.69 -3.01
CA PRO C 126 -6.06 -20.66 -4.19
C PRO C 126 -5.51 -19.26 -4.48
N GLY C 127 -4.21 -19.14 -4.67
CA GLY C 127 -3.65 -17.79 -4.98
C GLY C 127 -2.24 -17.64 -4.39
N VAL C 128 -1.45 -16.77 -4.96
CA VAL C 128 -0.08 -16.55 -4.46
C VAL C 128 -0.19 -15.78 -3.15
N PHE C 129 0.67 -16.07 -2.23
CA PHE C 129 0.59 -15.39 -0.93
C PHE C 129 2.00 -15.18 -0.43
N VAL C 130 2.21 -14.19 0.36
CA VAL C 130 3.62 -13.95 0.85
C VAL C 130 3.87 -14.51 2.28
N TYR C 131 4.94 -15.28 2.47
CA TYR C 131 5.29 -15.79 3.80
C TYR C 131 6.44 -14.94 4.32
N HIS C 132 6.60 -14.81 5.60
CA HIS C 132 7.70 -13.95 6.13
C HIS C 132 7.87 -14.15 7.64
N CYS C 133 9.10 -14.12 8.12
CA CYS C 133 9.34 -14.34 9.58
C CYS C 133 8.86 -13.10 10.34
N ALA C 134 8.39 -13.27 11.54
CA ALA C 134 7.90 -12.08 12.29
C ALA C 134 7.96 -12.34 13.79
N PRO C 135 9.13 -12.36 14.34
CA PRO C 135 9.33 -12.58 15.80
C PRO C 135 8.74 -11.41 16.61
N PRO C 136 7.88 -11.71 17.55
CA PRO C 136 7.23 -10.66 18.40
C PRO C 136 8.19 -9.54 18.84
N GLY C 137 7.89 -8.30 18.51
CA GLY C 137 8.79 -7.18 18.93
C GLY C 137 9.80 -6.78 17.83
N MET C 138 10.12 -7.65 16.90
CA MET C 138 11.11 -7.28 15.86
C MET C 138 10.62 -7.77 14.51
N VAL C 139 9.36 -7.58 14.26
CA VAL C 139 8.79 -8.04 12.96
C VAL C 139 9.42 -7.30 11.76
N PRO C 140 9.16 -6.03 11.64
CA PRO C 140 9.65 -5.18 10.52
C PRO C 140 11.14 -5.37 10.24
N TRP C 141 11.92 -5.56 11.27
CA TRP C 141 13.39 -5.75 11.07
C TRP C 141 13.67 -7.05 10.30
N HIS C 142 13.08 -8.14 10.71
CA HIS C 142 13.32 -9.44 10.03
C HIS C 142 12.82 -9.39 8.58
N VAL C 143 11.70 -8.78 8.34
CA VAL C 143 11.15 -8.73 6.95
C VAL C 143 12.06 -7.87 6.06
N VAL C 144 12.44 -6.71 6.53
CA VAL C 144 13.30 -5.81 5.70
C VAL C 144 14.64 -6.49 5.47
N SER C 145 15.09 -7.24 6.43
CA SER C 145 16.39 -7.95 6.27
C SER C 145 16.31 -9.00 5.14
N GLY C 146 15.19 -9.15 4.50
CA GLY C 146 15.05 -10.15 3.41
C GLY C 146 14.52 -11.48 3.94
N MET C 147 13.79 -11.48 5.03
CA MET C 147 13.26 -12.77 5.55
C MET C 147 11.80 -12.93 5.09
N ASN C 148 11.61 -13.15 3.82
CA ASN C 148 10.23 -13.29 3.31
C ASN C 148 10.26 -13.79 1.85
N GLY C 149 9.27 -14.52 1.47
CA GLY C 149 9.19 -15.06 0.07
C GLY C 149 7.71 -15.19 -0.32
N ALA C 150 7.31 -16.28 -0.94
CA ALA C 150 5.87 -16.41 -1.32
C ALA C 150 5.55 -17.83 -1.83
N ILE C 151 4.36 -18.32 -1.55
CA ILE C 151 3.96 -19.67 -2.03
C ILE C 151 2.76 -19.55 -2.97
N MET C 152 2.63 -20.44 -3.91
CA MET C 152 1.49 -20.38 -4.87
C MET C 152 0.62 -21.64 -4.76
N VAL C 153 -0.59 -21.48 -4.30
CA VAL C 153 -1.52 -22.63 -4.17
C VAL C 153 -2.39 -22.57 -5.40
N LEU C 154 -2.14 -23.43 -6.32
CA LEU C 154 -2.90 -23.35 -7.61
C LEU C 154 -4.16 -24.20 -7.59
N PRO C 155 -5.22 -23.70 -8.17
CA PRO C 155 -6.49 -24.46 -8.27
C PRO C 155 -6.23 -25.89 -8.76
N ARG C 156 -6.89 -26.87 -8.20
CA ARG C 156 -6.67 -28.27 -8.62
C ARG C 156 -6.72 -28.39 -10.13
N GLU C 157 -7.59 -27.66 -10.76
CA GLU C 157 -7.71 -27.73 -12.25
C GLU C 157 -6.79 -26.70 -12.96
N GLY C 158 -5.80 -26.16 -12.29
CA GLY C 158 -4.90 -25.17 -12.97
C GLY C 158 -5.51 -23.77 -12.92
N LEU C 159 -4.96 -22.86 -13.68
CA LEU C 159 -5.51 -21.46 -13.68
C LEU C 159 -6.45 -21.26 -14.87
N HIS C 160 -7.45 -20.42 -14.70
CA HIS C 160 -8.41 -20.15 -15.80
C HIS C 160 -8.73 -18.64 -15.77
N ASP C 161 -9.16 -18.11 -16.87
CA ASP C 161 -9.48 -16.64 -16.92
C ASP C 161 -10.74 -16.35 -16.11
N GLY C 162 -11.39 -15.24 -16.38
CA GLY C 162 -12.63 -14.89 -15.61
C GLY C 162 -13.85 -15.66 -16.18
N LYS C 163 -13.79 -16.11 -17.40
CA LYS C 163 -14.96 -16.85 -17.97
C LYS C 163 -14.86 -18.36 -17.70
N GLY C 164 -13.73 -18.82 -17.22
CA GLY C 164 -13.59 -20.30 -16.95
C GLY C 164 -12.57 -20.97 -17.92
N LYS C 165 -12.14 -20.32 -18.97
CA LYS C 165 -11.18 -20.96 -19.92
C LYS C 165 -9.88 -21.26 -19.20
N ALA C 166 -9.20 -22.28 -19.60
CA ALA C 166 -7.91 -22.64 -18.94
C ALA C 166 -6.72 -21.82 -19.51
N LEU C 167 -5.94 -21.22 -18.63
CA LEU C 167 -4.74 -20.46 -19.02
C LEU C 167 -3.55 -21.25 -18.50
N THR C 168 -2.74 -21.73 -19.39
CA THR C 168 -1.61 -22.56 -18.99
C THR C 168 -0.37 -21.85 -19.39
N TYR C 169 0.56 -21.82 -18.54
CA TYR C 169 1.82 -21.09 -18.85
C TYR C 169 2.96 -22.06 -19.14
N ASP C 170 3.82 -21.71 -20.06
CA ASP C 170 4.99 -22.58 -20.37
C ASP C 170 6.16 -22.28 -19.41
N LYS C 171 6.24 -21.08 -18.87
CA LYS C 171 7.36 -20.76 -17.95
C LYS C 171 6.86 -19.87 -16.81
N ILE C 172 7.36 -20.08 -15.63
CA ILE C 172 6.93 -19.25 -14.47
C ILE C 172 8.16 -18.77 -13.67
N TYR C 173 8.21 -17.49 -13.38
CA TYR C 173 9.36 -16.93 -12.62
C TYR C 173 8.79 -16.20 -11.41
N TYR C 174 9.51 -16.19 -10.34
CA TYR C 174 9.05 -15.51 -9.11
C TYR C 174 10.02 -14.41 -8.75
N VAL C 175 9.57 -13.19 -8.81
CA VAL C 175 10.46 -12.04 -8.50
C VAL C 175 10.03 -11.40 -7.18
N GLY C 176 10.80 -11.61 -6.16
CA GLY C 176 10.50 -11.03 -4.83
C GLY C 176 11.19 -9.69 -4.71
N GLU C 177 10.44 -8.67 -4.47
CA GLU C 177 10.99 -7.31 -4.36
C GLU C 177 11.30 -7.08 -2.91
N GLN C 178 12.30 -6.33 -2.65
CA GLN C 178 12.66 -6.08 -1.23
C GLN C 178 13.14 -4.65 -1.02
N ASP C 179 12.53 -3.95 -0.12
CA ASP C 179 12.96 -2.55 0.16
C ASP C 179 13.88 -2.56 1.39
N PHE C 180 15.10 -2.14 1.24
CA PHE C 180 16.02 -2.15 2.39
C PHE C 180 16.11 -0.75 2.99
N TYR C 181 16.88 -0.64 4.02
CA TYR C 181 17.06 0.67 4.71
C TYR C 181 18.46 0.64 5.30
N VAL C 182 19.43 1.00 4.52
CA VAL C 182 20.83 0.91 4.99
C VAL C 182 21.28 2.21 5.61
N PRO C 183 21.81 2.12 6.79
CA PRO C 183 22.33 3.32 7.52
C PRO C 183 23.60 3.91 6.87
N ARG C 184 23.70 5.23 6.79
CA ARG C 184 24.89 5.87 6.19
C ARG C 184 25.56 6.73 7.25
N ASP C 185 26.82 7.00 7.09
CA ASP C 185 27.55 7.83 8.10
C ASP C 185 27.29 9.33 7.87
N GLU C 186 28.20 10.19 8.27
CA GLU C 186 27.98 11.66 8.08
C GLU C 186 28.33 12.08 6.65
N ASN C 187 29.24 11.38 6.00
CA ASN C 187 29.62 11.77 4.61
C ASN C 187 28.63 11.18 3.57
N GLY C 188 27.71 10.35 3.97
CA GLY C 188 26.74 9.77 2.99
C GLY C 188 27.16 8.34 2.56
N LYS C 189 28.23 7.79 3.09
CA LYS C 189 28.64 6.41 2.70
C LYS C 189 27.90 5.37 3.54
N TYR C 190 27.45 4.31 2.92
CA TYR C 190 26.73 3.26 3.66
C TYR C 190 27.65 2.70 4.72
N LYS C 191 27.11 2.32 5.82
CA LYS C 191 27.95 1.78 6.92
C LYS C 191 27.89 0.24 6.91
N LYS C 192 28.97 -0.38 7.28
CA LYS C 192 28.99 -1.86 7.32
C LYS C 192 29.30 -2.29 8.74
N TYR C 193 28.85 -3.44 9.14
CA TYR C 193 29.12 -3.87 10.52
C TYR C 193 29.71 -5.25 10.52
N GLU C 194 29.67 -5.91 11.62
CA GLU C 194 30.24 -7.29 11.69
C GLU C 194 29.14 -8.29 12.09
N ALA C 195 28.09 -7.84 12.74
CA ALA C 195 27.02 -8.77 13.14
C ALA C 195 25.68 -8.14 12.81
N PRO C 196 24.65 -8.92 12.87
CA PRO C 196 23.26 -8.46 12.57
C PRO C 196 22.70 -7.53 13.65
N GLY C 197 22.98 -7.81 14.90
CA GLY C 197 22.44 -6.95 15.99
C GLY C 197 23.15 -5.57 16.01
N ASP C 198 24.40 -5.52 15.63
CA ASP C 198 25.14 -4.22 15.65
C ASP C 198 24.46 -3.20 14.74
N ALA C 199 23.73 -3.64 13.75
CA ALA C 199 23.06 -2.67 12.82
C ALA C 199 21.54 -2.54 13.11
N TYR C 200 21.07 -3.00 14.24
CA TYR C 200 19.60 -2.87 14.55
C TYR C 200 19.17 -1.40 14.85
N GLU C 201 19.84 -0.69 15.74
CA GLU C 201 19.41 0.69 16.08
C GLU C 201 19.53 1.61 14.87
N ASP C 202 20.64 1.56 14.20
CA ASP C 202 20.85 2.45 13.01
C ASP C 202 19.83 2.11 11.93
N THR C 203 19.53 0.87 11.76
CA THR C 203 18.54 0.48 10.71
C THR C 203 17.15 1.00 11.09
N VAL C 204 16.73 0.79 12.30
CA VAL C 204 15.38 1.27 12.73
C VAL C 204 15.23 2.75 12.38
N LYS C 205 16.24 3.53 12.68
CA LYS C 205 16.16 4.98 12.37
C LYS C 205 15.84 5.18 10.89
N VAL C 206 16.48 4.44 10.02
CA VAL C 206 16.21 4.59 8.56
C VAL C 206 14.82 4.05 8.24
N MET C 207 14.45 2.94 8.83
CA MET C 207 13.11 2.36 8.53
C MET C 207 12.00 3.34 8.92
N ARG C 208 12.17 4.08 9.98
CA ARG C 208 11.11 5.05 10.40
C ARG C 208 10.87 6.09 9.29
N THR C 209 11.91 6.49 8.62
CA THR C 209 11.75 7.50 7.54
C THR C 209 10.83 6.98 6.42
N LEU C 210 10.46 5.72 6.44
CA LEU C 210 9.57 5.19 5.36
C LEU C 210 10.19 5.48 3.98
N THR C 211 11.50 5.55 3.91
CA THR C 211 12.15 5.82 2.60
C THR C 211 13.30 4.83 2.43
N PRO C 212 13.08 3.80 1.66
CA PRO C 212 14.11 2.74 1.42
C PRO C 212 15.32 3.22 0.61
N THR C 213 16.52 2.96 1.09
CA THR C 213 17.73 3.40 0.33
C THR C 213 17.86 2.55 -0.96
N HIS C 214 17.29 1.38 -1.00
CA HIS C 214 17.40 0.53 -2.22
C HIS C 214 16.19 -0.40 -2.30
N VAL C 215 15.59 -0.49 -3.46
CA VAL C 215 14.41 -1.37 -3.62
C VAL C 215 14.75 -2.25 -4.79
N VAL C 216 14.92 -3.51 -4.59
CA VAL C 216 15.37 -4.28 -5.76
C VAL C 216 14.68 -5.61 -5.86
N PHE C 217 15.12 -6.40 -6.78
CA PHE C 217 14.50 -7.73 -6.98
C PHE C 217 15.57 -8.81 -6.86
N ASN C 218 15.28 -9.86 -6.15
CA ASN C 218 16.29 -10.96 -5.97
C ASN C 218 17.38 -10.61 -4.93
N GLY C 219 17.22 -9.55 -4.16
CA GLY C 219 18.25 -9.20 -3.13
C GLY C 219 19.44 -8.34 -3.69
N ALA C 220 19.36 -7.69 -4.84
CA ALA C 220 20.53 -6.85 -5.27
C ALA C 220 20.22 -6.03 -6.54
N VAL C 221 20.65 -4.78 -6.58
CA VAL C 221 20.42 -3.97 -7.81
C VAL C 221 21.08 -4.69 -8.98
N GLY C 222 20.36 -4.90 -10.04
CA GLY C 222 20.95 -5.62 -11.20
C GLY C 222 21.05 -7.14 -10.93
N ALA C 223 20.23 -7.69 -10.04
CA ALA C 223 20.31 -9.16 -9.78
C ALA C 223 19.68 -10.00 -10.92
N LEU C 224 18.55 -9.60 -11.46
CA LEU C 224 17.88 -10.40 -12.55
C LEU C 224 18.20 -9.86 -13.95
N THR C 225 19.41 -9.46 -14.18
CA THR C 225 19.85 -8.97 -15.52
C THR C 225 21.24 -9.55 -15.83
N GLY C 226 21.56 -9.73 -17.08
CA GLY C 226 22.88 -10.32 -17.45
C GLY C 226 22.75 -11.83 -17.40
N ASP C 227 23.57 -12.47 -16.62
CA ASP C 227 23.46 -13.96 -16.52
C ASP C 227 22.12 -14.37 -15.87
N LYS C 228 21.49 -13.48 -15.12
CA LYS C 228 20.18 -13.85 -14.48
C LYS C 228 18.97 -13.31 -15.27
N ALA C 229 19.17 -12.60 -16.35
CA ALA C 229 17.98 -12.08 -17.11
C ALA C 229 17.03 -13.24 -17.45
N MET C 230 15.76 -13.09 -17.15
CA MET C 230 14.80 -14.16 -17.47
C MET C 230 14.87 -14.43 -18.96
N THR C 231 14.20 -15.43 -19.40
CA THR C 231 14.20 -15.76 -20.84
C THR C 231 12.79 -16.19 -21.29
N ALA C 232 12.49 -15.95 -22.54
CA ALA C 232 11.16 -16.33 -23.10
C ALA C 232 11.22 -16.14 -24.63
N ALA C 233 10.46 -16.91 -25.38
CA ALA C 233 10.49 -16.78 -26.85
C ALA C 233 9.10 -16.41 -27.36
N VAL C 234 9.05 -15.69 -28.43
CA VAL C 234 7.75 -15.27 -29.01
C VAL C 234 6.83 -16.46 -29.05
N GLY C 235 5.61 -16.27 -28.64
CA GLY C 235 4.63 -17.40 -28.63
C GLY C 235 4.61 -18.14 -27.26
N GLU C 236 5.51 -17.84 -26.36
CA GLU C 236 5.53 -18.52 -25.05
C GLU C 236 4.69 -17.74 -24.04
N LYS C 237 4.03 -18.44 -23.18
CA LYS C 237 3.18 -17.80 -22.15
C LYS C 237 3.94 -17.91 -20.86
N VAL C 238 4.04 -16.86 -20.14
CA VAL C 238 4.83 -16.90 -18.90
C VAL C 238 4.10 -16.23 -17.76
N LEU C 239 4.11 -16.86 -16.63
CA LEU C 239 3.45 -16.29 -15.43
C LEU C 239 4.53 -15.72 -14.52
N ILE C 240 4.44 -14.46 -14.18
CA ILE C 240 5.46 -13.82 -13.33
C ILE C 240 4.85 -13.45 -11.97
N VAL C 241 5.13 -14.25 -10.98
CA VAL C 241 4.62 -13.97 -9.62
C VAL C 241 5.54 -12.96 -8.97
N HIS C 242 4.98 -12.04 -8.28
CA HIS C 242 5.80 -10.99 -7.65
C HIS C 242 5.27 -10.74 -6.25
N SER C 243 6.14 -10.59 -5.32
CA SER C 243 5.68 -10.36 -3.92
C SER C 243 6.49 -9.26 -3.23
N GLN C 244 5.83 -8.55 -2.35
CA GLN C 244 6.45 -7.46 -1.55
C GLN C 244 5.85 -7.58 -0.14
N ALA C 245 6.63 -8.04 0.80
CA ALA C 245 6.12 -8.27 2.18
C ALA C 245 6.60 -7.16 3.11
N ASN C 246 6.45 -5.98 2.65
CA ASN C 246 6.85 -4.77 3.43
C ASN C 246 6.86 -3.50 2.54
N ARG C 247 5.99 -3.38 1.54
CA ARG C 247 6.02 -2.14 0.72
C ARG C 247 5.14 -2.30 -0.51
N ASP C 248 4.40 -1.29 -0.88
CA ASP C 248 3.53 -1.42 -2.10
C ASP C 248 4.36 -1.17 -3.40
N THR C 249 4.19 -2.01 -4.41
CA THR C 249 4.92 -1.81 -5.69
C THR C 249 3.90 -1.73 -6.83
N ARG C 250 4.37 -1.53 -8.01
CA ARG C 250 3.48 -1.44 -9.21
C ARG C 250 4.23 -1.99 -10.42
N PRO C 251 4.15 -3.28 -10.60
CA PRO C 251 4.85 -4.01 -11.69
C PRO C 251 4.49 -3.50 -13.09
N HIS C 252 5.42 -3.57 -13.98
CA HIS C 252 5.18 -3.13 -15.39
C HIS C 252 6.25 -3.72 -16.35
N LEU C 253 5.82 -4.54 -17.29
CA LEU C 253 6.75 -5.13 -18.29
C LEU C 253 6.90 -4.15 -19.45
N ILE C 254 8.04 -3.56 -19.55
CA ILE C 254 8.34 -2.57 -20.60
C ILE C 254 8.31 -3.27 -21.93
N GLY C 255 7.53 -2.76 -22.81
CA GLY C 255 7.43 -3.41 -24.15
C GLY C 255 6.28 -4.44 -24.16
N GLY C 256 5.76 -4.83 -23.02
CA GLY C 256 4.66 -5.83 -23.01
C GLY C 256 3.57 -5.39 -22.05
N HIS C 257 2.78 -6.31 -21.59
CA HIS C 257 1.68 -5.96 -20.66
C HIS C 257 1.20 -7.23 -19.94
N GLY C 258 0.40 -7.06 -18.93
CA GLY C 258 -0.12 -8.23 -18.18
C GLY C 258 -1.44 -8.64 -18.80
N ASP C 259 -1.41 -9.60 -19.66
CA ASP C 259 -2.66 -10.03 -20.34
C ASP C 259 -3.72 -10.27 -19.28
N TYR C 260 -3.41 -11.12 -18.37
CA TYR C 260 -4.34 -11.42 -17.25
C TYR C 260 -3.56 -11.21 -15.96
N VAL C 261 -4.03 -10.39 -15.06
CA VAL C 261 -3.22 -10.15 -13.83
C VAL C 261 -4.06 -10.24 -12.56
N TRP C 262 -3.85 -11.26 -11.79
CA TRP C 262 -4.57 -11.38 -10.49
C TRP C 262 -3.83 -10.46 -9.55
N ALA C 263 -4.18 -9.21 -9.58
CA ALA C 263 -3.45 -8.18 -8.80
C ALA C 263 -3.49 -8.53 -7.33
N THR C 264 -4.61 -8.93 -6.89
CA THR C 264 -4.77 -9.29 -5.45
C THR C 264 -4.07 -10.63 -5.15
N GLY C 265 -3.60 -11.31 -6.16
CA GLY C 265 -2.92 -12.63 -5.89
C GLY C 265 -3.94 -13.70 -5.39
N LYS C 266 -5.18 -13.60 -5.79
CA LYS C 266 -6.20 -14.59 -5.37
C LYS C 266 -6.84 -15.12 -6.66
N PHE C 267 -6.81 -16.39 -6.85
CA PHE C 267 -7.36 -16.98 -8.12
C PHE C 267 -8.89 -16.81 -8.18
N ASN C 268 -9.56 -16.97 -7.09
CA ASN C 268 -11.04 -16.85 -7.08
C ASN C 268 -11.43 -15.48 -7.59
N THR C 269 -10.63 -14.50 -7.31
CA THR C 269 -10.95 -13.13 -7.77
C THR C 269 -10.56 -13.00 -9.25
N PRO C 270 -11.52 -12.75 -10.10
CA PRO C 270 -11.27 -12.61 -11.57
C PRO C 270 -10.02 -11.77 -11.87
N PRO C 271 -9.19 -12.18 -12.81
CA PRO C 271 -7.94 -11.42 -13.14
C PRO C 271 -8.15 -10.20 -14.08
N ASP C 272 -7.74 -9.00 -13.69
CA ASP C 272 -7.90 -7.86 -14.61
C ASP C 272 -7.29 -8.27 -15.95
N VAL C 273 -7.49 -7.52 -16.98
CA VAL C 273 -6.91 -7.93 -18.30
C VAL C 273 -6.38 -6.70 -19.07
N ASP C 274 -5.38 -6.91 -19.89
CA ASP C 274 -4.82 -5.81 -20.70
C ASP C 274 -4.28 -4.79 -19.73
N GLN C 275 -3.44 -5.22 -18.85
CA GLN C 275 -2.92 -4.24 -17.83
C GLN C 275 -1.53 -3.69 -18.19
N GLU C 276 -1.37 -2.37 -18.22
CA GLU C 276 -0.02 -1.78 -18.49
C GLU C 276 0.83 -1.79 -17.20
N THR C 277 0.24 -1.48 -16.06
CA THR C 277 0.97 -1.45 -14.78
C THR C 277 -0.02 -1.87 -13.69
N TRP C 278 0.31 -2.85 -12.93
CA TRP C 278 -0.63 -3.33 -11.89
C TRP C 278 -0.31 -2.70 -10.55
N PHE C 279 -0.79 -3.28 -9.48
CA PHE C 279 -0.52 -2.72 -8.14
C PHE C 279 -0.63 -3.81 -7.07
N ILE C 280 0.45 -4.07 -6.37
CA ILE C 280 0.44 -5.10 -5.30
C ILE C 280 0.79 -4.39 -4.00
N PRO C 281 -0.12 -4.39 -3.07
CA PRO C 281 0.06 -3.70 -1.75
C PRO C 281 1.01 -4.43 -0.79
N GLY C 282 1.91 -3.70 -0.18
CA GLY C 282 2.83 -4.32 0.79
C GLY C 282 2.07 -5.40 1.54
N GLY C 283 2.72 -6.47 1.82
CA GLY C 283 2.06 -7.60 2.52
C GLY C 283 1.23 -8.42 1.53
N ALA C 284 1.61 -8.50 0.27
CA ALA C 284 0.76 -9.31 -0.67
C ALA C 284 1.52 -9.69 -1.95
N ALA C 285 1.27 -10.86 -2.48
CA ALA C 285 1.94 -11.27 -3.76
C ALA C 285 0.89 -11.45 -4.87
N GLY C 286 1.15 -10.97 -6.06
CA GLY C 286 0.16 -11.11 -7.16
C GLY C 286 0.75 -12.00 -8.26
N ALA C 287 0.15 -11.97 -9.42
CA ALA C 287 0.65 -12.80 -10.55
C ALA C 287 0.13 -12.23 -11.87
N ALA C 288 0.97 -12.20 -12.87
CA ALA C 288 0.56 -11.67 -14.20
C ALA C 288 0.98 -12.67 -15.27
N PHE C 289 0.09 -12.96 -16.17
CA PHE C 289 0.41 -13.94 -17.24
C PHE C 289 0.40 -13.21 -18.57
N TYR C 290 1.38 -13.41 -19.37
CA TYR C 290 1.43 -12.70 -20.67
C TYR C 290 2.12 -13.55 -21.73
N THR C 291 1.61 -13.51 -22.92
CA THR C 291 2.20 -14.27 -24.04
C THR C 291 3.06 -13.32 -24.85
N PHE C 292 4.33 -13.59 -24.92
CA PHE C 292 5.25 -12.70 -25.67
C PHE C 292 4.94 -12.72 -27.16
N GLN C 293 4.96 -11.57 -27.78
CA GLN C 293 4.69 -11.49 -29.24
C GLN C 293 5.88 -10.86 -30.00
N GLN C 294 6.82 -10.25 -29.31
CA GLN C 294 7.98 -9.63 -30.02
C GLN C 294 9.28 -10.00 -29.32
N PRO C 295 10.31 -10.26 -30.09
CA PRO C 295 11.65 -10.64 -29.57
C PRO C 295 12.50 -9.43 -29.22
N GLY C 296 13.41 -9.57 -28.30
CA GLY C 296 14.26 -8.42 -27.92
C GLY C 296 14.43 -8.41 -26.40
N ILE C 297 14.97 -7.35 -25.88
CA ILE C 297 15.17 -7.26 -24.40
C ILE C 297 14.10 -6.34 -23.80
N TYR C 298 13.39 -6.82 -22.82
CA TYR C 298 12.33 -6.01 -22.17
C TYR C 298 12.65 -5.88 -20.68
N ALA C 299 12.46 -4.73 -20.13
CA ALA C 299 12.75 -4.52 -18.69
C ALA C 299 11.47 -4.67 -17.92
N TYR C 300 11.54 -5.22 -16.75
CA TYR C 300 10.29 -5.42 -15.98
C TYR C 300 10.53 -4.79 -14.64
N VAL C 301 9.83 -3.77 -14.28
CA VAL C 301 10.20 -3.19 -12.97
C VAL C 301 9.10 -2.37 -12.34
N ASN C 302 9.35 -1.98 -11.13
CA ASN C 302 8.39 -1.17 -10.37
C ASN C 302 8.27 0.13 -11.12
N HIS C 303 7.10 0.52 -11.45
CA HIS C 303 6.98 1.77 -12.26
C HIS C 303 7.62 2.90 -11.48
N ASN C 304 7.30 3.09 -10.23
CA ASN C 304 8.04 4.19 -9.56
C ASN C 304 9.41 4.31 -10.30
N LEU C 305 9.47 5.10 -11.36
CA LEU C 305 10.71 5.20 -12.18
C LEU C 305 11.91 5.38 -11.27
N ILE C 306 11.75 6.21 -10.31
CA ILE C 306 12.87 6.46 -9.36
C ILE C 306 13.22 5.15 -8.68
N GLU C 307 12.23 4.51 -8.13
CA GLU C 307 12.48 3.19 -7.47
C GLU C 307 13.06 2.16 -8.48
N ALA C 308 12.67 2.21 -9.74
CA ALA C 308 13.20 1.22 -10.73
C ALA C 308 14.58 1.61 -11.35
N PHE C 309 14.95 2.87 -11.43
CA PHE C 309 16.26 3.19 -12.07
C PHE C 309 17.24 3.75 -11.06
N GLU C 310 16.75 4.52 -10.14
CA GLU C 310 17.66 5.12 -9.12
C GLU C 310 17.82 4.21 -7.88
N LEU C 311 16.85 3.39 -7.54
CA LEU C 311 17.01 2.54 -6.33
C LEU C 311 17.53 1.17 -6.73
N GLY C 312 16.95 0.59 -7.74
CA GLY C 312 17.40 -0.76 -8.20
C GLY C 312 16.20 -1.74 -8.41
N ALA C 313 15.00 -1.28 -8.72
CA ALA C 313 13.88 -2.24 -8.95
C ALA C 313 13.68 -2.46 -10.45
N ALA C 314 14.62 -3.07 -11.14
CA ALA C 314 14.44 -3.30 -12.60
C ALA C 314 15.19 -4.55 -13.06
N ALA C 315 14.49 -5.51 -13.63
CA ALA C 315 15.16 -6.74 -14.12
C ALA C 315 15.01 -6.75 -15.63
N HIS C 316 15.46 -7.75 -16.30
CA HIS C 316 15.29 -7.73 -17.79
C HIS C 316 15.06 -9.13 -18.39
N PHE C 317 14.06 -9.27 -19.26
CA PHE C 317 13.83 -10.59 -19.93
C PHE C 317 14.31 -10.55 -21.41
N LYS C 318 15.10 -11.52 -21.83
CA LYS C 318 15.61 -11.59 -23.20
C LYS C 318 14.72 -12.57 -23.91
N VAL C 319 14.19 -12.19 -25.01
CA VAL C 319 13.25 -13.07 -25.71
C VAL C 319 13.73 -13.28 -27.11
N THR C 320 13.60 -14.47 -27.56
CA THR C 320 14.06 -14.79 -28.95
C THR C 320 12.86 -15.03 -29.84
N GLY C 321 13.03 -14.91 -31.13
CA GLY C 321 11.87 -15.14 -32.06
C GLY C 321 11.98 -14.21 -33.28
N GLU C 322 10.89 -14.02 -33.97
CA GLU C 322 10.90 -13.14 -35.17
C GLU C 322 10.09 -11.89 -34.84
N TRP C 323 10.54 -10.77 -35.31
CA TRP C 323 9.84 -9.50 -35.04
C TRP C 323 8.56 -9.46 -35.86
N ASN C 324 7.58 -8.79 -35.34
CA ASN C 324 6.27 -8.67 -36.04
C ASN C 324 6.04 -7.20 -36.36
N ASP C 325 6.17 -6.84 -37.60
CA ASP C 325 6.00 -5.42 -37.99
C ASP C 325 4.55 -5.00 -37.78
N ASP C 326 3.64 -5.87 -38.10
CA ASP C 326 2.20 -5.53 -37.93
C ASP C 326 2.01 -4.85 -36.57
N LEU C 327 2.50 -5.45 -35.53
CA LEU C 327 2.38 -4.86 -34.17
C LEU C 327 3.17 -3.55 -34.08
N MET C 328 4.38 -3.49 -34.59
CA MET C 328 5.14 -2.21 -34.47
C MET C 328 6.25 -2.16 -35.50
N THR C 329 6.39 -1.06 -36.16
CA THR C 329 7.46 -0.95 -37.19
C THR C 329 7.98 0.50 -37.26
N SER C 330 9.28 0.68 -37.36
CA SER C 330 9.84 2.06 -37.46
C SER C 330 9.78 2.51 -38.91
N VAL C 331 8.74 3.22 -39.27
CA VAL C 331 8.60 3.67 -40.68
C VAL C 331 9.82 4.50 -41.06
N LEU C 332 10.17 5.41 -40.22
CA LEU C 332 11.36 6.26 -40.50
C LEU C 332 12.32 6.22 -39.31
N ALA C 333 13.42 5.52 -39.44
CA ALA C 333 14.39 5.43 -38.31
C ALA C 333 14.94 6.83 -38.02
N PRO C 334 15.38 7.04 -36.81
CA PRO C 334 15.93 8.34 -36.37
C PRO C 334 16.94 8.90 -37.38
N SER C 335 16.69 10.05 -37.92
CA SER C 335 17.65 10.63 -38.91
C SER C 335 17.71 12.14 -38.74
N GLY C 336 18.24 12.83 -39.70
CA GLY C 336 18.33 14.31 -39.61
C GLY C 336 17.03 14.93 -40.10
N GLU D 1 22.27 -1.01 49.21
CA GLU D 1 22.21 0.09 48.25
C GLU D 1 21.47 -0.33 46.98
N ASN D 2 21.40 0.59 46.03
CA ASN D 2 20.61 0.42 44.83
C ASN D 2 21.49 0.38 43.60
N ILE D 3 21.12 -0.50 42.66
CA ILE D 3 21.86 -0.58 41.40
C ILE D 3 20.85 -0.41 40.26
N GLU D 4 21.12 0.57 39.40
CA GLU D 4 20.18 0.85 38.33
C GLU D 4 20.59 0.15 37.04
N VAL D 5 19.62 -0.50 36.41
CA VAL D 5 19.87 -1.26 35.18
C VAL D 5 18.92 -0.73 34.11
N HIS D 6 19.40 -0.52 32.88
CA HIS D 6 18.52 -0.07 31.82
C HIS D 6 18.25 -1.21 30.81
N MET D 7 17.04 -1.20 30.29
CA MET D 7 16.61 -2.14 29.24
C MET D 7 16.57 -1.36 27.93
N LEU D 8 17.34 -1.82 26.97
CA LEU D 8 17.46 -1.11 25.70
C LEU D 8 17.28 -2.01 24.48
N ASN D 9 16.82 -1.40 23.39
CA ASN D 9 16.71 -2.11 22.12
C ASN D 9 18.10 -2.32 21.51
N LYS D 10 19.02 -1.42 21.84
CA LYS D 10 20.37 -1.55 21.28
C LYS D 10 21.38 -0.97 22.24
N GLY D 11 22.48 -1.65 22.46
CA GLY D 11 23.49 -1.12 23.40
C GLY D 11 24.85 -1.64 22.98
N ALA D 12 25.80 -1.69 23.89
CA ALA D 12 27.15 -2.09 23.56
C ALA D 12 27.25 -3.50 23.00
N GLU D 13 26.50 -4.45 23.56
CA GLU D 13 26.68 -5.81 23.06
C GLU D 13 25.81 -6.15 21.87
N GLY D 14 24.99 -5.23 21.38
CA GLY D 14 24.13 -5.54 20.24
C GLY D 14 22.69 -5.18 20.54
N ALA D 15 21.75 -5.88 19.93
CA ALA D 15 20.33 -5.63 20.10
C ALA D 15 19.81 -6.34 21.37
N MET D 16 18.81 -5.73 21.98
CA MET D 16 18.03 -6.22 23.09
C MET D 16 18.88 -6.56 24.31
N VAL D 17 19.25 -5.54 25.08
CA VAL D 17 20.18 -5.81 26.17
C VAL D 17 19.80 -5.13 27.49
N PHE D 18 20.38 -5.69 28.56
CA PHE D 18 20.29 -5.08 29.89
C PHE D 18 21.66 -4.42 30.07
N GLU D 19 21.71 -3.20 30.59
CA GLU D 19 23.00 -2.54 30.84
C GLU D 19 22.98 -2.01 32.28
N PRO D 20 23.82 -2.49 33.17
CA PRO D 20 24.83 -3.53 32.95
C PRO D 20 24.20 -4.93 32.88
N ALA D 21 24.91 -5.92 32.37
CA ALA D 21 24.30 -7.25 32.29
C ALA D 21 24.89 -8.12 33.39
N TYR D 22 25.85 -7.54 34.12
CA TYR D 22 26.44 -8.26 35.25
C TYR D 22 26.24 -7.36 36.46
N ILE D 23 25.50 -7.82 37.45
CA ILE D 23 25.18 -6.99 38.60
C ILE D 23 25.66 -7.67 39.87
N LYS D 24 26.52 -6.93 40.59
CA LYS D 24 27.08 -7.48 41.83
C LYS D 24 26.34 -6.87 43.01
N ALA D 25 25.79 -7.69 43.89
CA ALA D 25 25.01 -7.07 44.96
C ALA D 25 25.14 -7.86 46.25
N ASN D 26 24.59 -7.32 47.35
CA ASN D 26 24.60 -8.05 48.62
C ASN D 26 23.18 -8.19 49.15
N PRO D 27 22.92 -9.13 50.06
CA PRO D 27 21.56 -9.30 50.59
C PRO D 27 21.00 -8.01 51.17
N GLY D 28 19.79 -7.62 50.80
CA GLY D 28 19.20 -6.37 51.24
C GLY D 28 19.34 -5.29 50.19
N ASP D 29 20.20 -5.43 49.18
CA ASP D 29 20.30 -4.40 48.13
C ASP D 29 19.09 -4.42 47.23
N THR D 30 18.88 -3.34 46.46
CA THR D 30 17.82 -3.35 45.48
C THR D 30 18.44 -3.16 44.09
N VAL D 31 17.75 -3.72 43.12
CA VAL D 31 18.10 -3.60 41.72
C VAL D 31 16.87 -2.96 41.05
N THR D 32 17.10 -1.78 40.47
CA THR D 32 16.01 -1.07 39.80
C THR D 32 16.17 -1.19 38.28
N PHE D 33 15.18 -1.79 37.66
CA PHE D 33 15.17 -2.03 36.22
C PHE D 33 14.34 -0.96 35.53
N ILE D 34 14.97 -0.20 34.63
CA ILE D 34 14.30 0.91 33.96
C ILE D 34 14.19 0.69 32.46
N PRO D 35 12.98 0.49 31.95
CA PRO D 35 12.89 0.31 30.49
C PRO D 35 13.04 1.66 29.78
N VAL D 36 14.22 1.92 29.25
CA VAL D 36 14.50 3.15 28.51
C VAL D 36 13.80 3.11 27.16
N ASP D 37 13.75 1.93 26.56
CA ASP D 37 12.96 1.74 25.35
C ASP D 37 11.73 0.94 25.72
N LYS D 38 10.68 0.97 24.92
CA LYS D 38 9.50 0.18 25.26
C LYS D 38 9.65 -1.27 24.77
N GLY D 39 8.85 -2.16 25.34
CA GLY D 39 8.81 -3.54 24.92
C GLY D 39 9.58 -4.50 25.80
N HIS D 40 10.04 -4.05 26.96
CA HIS D 40 10.86 -4.93 27.81
C HIS D 40 10.30 -5.14 29.21
N ASN D 41 10.69 -6.23 29.86
CA ASN D 41 10.30 -6.55 31.23
C ASN D 41 11.46 -7.36 31.85
N VAL D 42 11.27 -7.89 33.02
CA VAL D 42 12.30 -8.73 33.64
C VAL D 42 11.57 -9.86 34.36
N GLU D 43 12.11 -11.06 34.24
CA GLU D 43 11.50 -12.28 34.79
C GLU D 43 12.60 -13.24 35.23
N SER D 44 12.48 -13.84 36.40
CA SER D 44 13.53 -14.78 36.81
C SER D 44 13.36 -16.05 35.98
N ILE D 45 14.46 -16.72 35.68
CA ILE D 45 14.38 -17.94 34.87
C ILE D 45 14.27 -19.17 35.77
N LYS D 46 13.36 -20.06 35.45
CA LYS D 46 13.15 -21.30 36.26
C LYS D 46 14.44 -22.08 36.47
N ASP D 47 14.70 -22.39 37.70
CA ASP D 47 15.86 -23.16 38.12
C ASP D 47 17.18 -22.45 37.90
N MET D 48 17.12 -21.14 37.68
CA MET D 48 18.35 -20.37 37.57
C MET D 48 18.34 -19.20 38.55
N ILE D 49 17.76 -19.43 39.71
CA ILE D 49 17.80 -18.53 40.87
C ILE D 49 18.09 -19.42 42.07
N PRO D 50 18.61 -18.85 43.14
CA PRO D 50 19.00 -19.69 44.27
C PRO D 50 17.83 -20.38 44.96
N GLU D 51 18.15 -21.52 45.55
CA GLU D 51 17.27 -22.39 46.28
C GLU D 51 16.04 -21.82 46.96
N GLY D 52 16.14 -20.83 47.85
CA GLY D 52 14.97 -20.33 48.54
C GLY D 52 14.48 -18.95 48.15
N ALA D 53 14.86 -18.54 46.94
CA ALA D 53 14.46 -17.19 46.51
C ALA D 53 13.11 -17.26 45.83
N GLU D 54 12.33 -16.19 45.86
CA GLU D 54 11.04 -16.20 45.18
C GLU D 54 11.16 -15.87 43.69
N LYS D 55 10.34 -16.48 42.87
CA LYS D 55 10.32 -16.17 41.44
C LYS D 55 9.71 -14.78 41.27
N PHE D 56 10.01 -14.09 40.15
CA PHE D 56 9.48 -12.75 39.95
C PHE D 56 9.27 -12.45 38.48
N LYS D 57 8.32 -11.58 38.18
CA LYS D 57 8.05 -11.23 36.81
C LYS D 57 7.41 -9.84 36.77
N SER D 58 8.05 -8.93 36.05
CA SER D 58 7.49 -7.57 36.03
C SER D 58 6.56 -7.36 34.84
N LYS D 59 5.77 -6.28 34.79
CA LYS D 59 4.97 -6.05 33.59
C LYS D 59 5.79 -5.33 32.54
N ILE D 60 5.48 -5.52 31.25
CA ILE D 60 6.24 -4.85 30.20
C ILE D 60 6.11 -3.33 30.31
N ASN D 61 7.22 -2.62 30.14
CA ASN D 61 7.30 -1.18 30.20
C ASN D 61 7.30 -0.54 31.57
N GLU D 62 7.12 -1.31 32.64
CA GLU D 62 7.18 -0.79 33.99
C GLU D 62 8.57 -0.81 34.61
N ASN D 63 8.79 0.21 35.44
CA ASN D 63 10.00 0.32 36.24
C ASN D 63 9.82 -0.73 37.33
N TYR D 64 10.81 -1.60 37.57
CA TYR D 64 10.60 -2.61 38.59
C TYR D 64 11.74 -2.61 39.59
N VAL D 65 11.41 -2.66 40.88
CA VAL D 65 12.47 -2.68 41.87
C VAL D 65 12.55 -4.08 42.49
N LEU D 66 13.66 -4.75 42.28
CA LEU D 66 13.85 -6.08 42.86
C LEU D 66 14.63 -5.98 44.16
N THR D 67 14.14 -6.57 45.25
CA THR D 67 14.97 -6.65 46.44
C THR D 67 15.62 -8.03 46.49
N VAL D 68 16.93 -8.08 46.67
CA VAL D 68 17.58 -9.39 46.67
C VAL D 68 17.96 -9.78 48.11
N THR D 69 17.57 -10.98 48.47
CA THR D 69 17.81 -11.50 49.82
C THR D 69 18.78 -12.67 49.81
N GLN D 70 18.41 -13.75 49.14
CA GLN D 70 19.27 -14.95 49.13
C GLN D 70 20.55 -14.80 48.32
N PRO D 71 21.68 -15.22 48.87
CA PRO D 71 22.96 -15.20 48.18
C PRO D 71 22.93 -16.26 47.06
N GLY D 72 23.77 -16.05 46.07
CA GLY D 72 23.77 -16.96 44.94
C GLY D 72 23.63 -16.16 43.64
N ALA D 73 23.64 -16.89 42.53
CA ALA D 73 23.51 -16.24 41.22
C ALA D 73 22.07 -16.38 40.75
N TYR D 74 21.65 -15.38 39.99
CA TYR D 74 20.30 -15.30 39.44
C TYR D 74 20.49 -14.92 37.94
N LEU D 75 19.86 -15.71 37.09
CA LEU D 75 19.87 -15.28 35.67
C LEU D 75 18.46 -14.80 35.40
N VAL D 76 18.35 -13.56 34.91
CA VAL D 76 17.02 -13.03 34.62
C VAL D 76 16.95 -12.78 33.11
N LYS D 77 15.73 -12.80 32.60
CA LYS D 77 15.58 -12.54 31.17
C LYS D 77 14.54 -11.45 30.98
N CYS D 78 14.48 -10.96 29.75
CA CYS D 78 13.36 -10.15 29.31
C CYS D 78 12.42 -11.19 28.67
N THR D 79 11.15 -11.25 29.04
CA THR D 79 10.25 -12.28 28.53
C THR D 79 10.16 -12.26 27.02
N PRO D 80 9.83 -11.14 26.40
CA PRO D 80 9.75 -11.16 24.93
C PRO D 80 11.08 -11.35 24.25
N HIS D 81 12.20 -10.84 24.78
CA HIS D 81 13.42 -10.95 23.98
C HIS D 81 14.48 -11.94 24.48
N TYR D 82 14.08 -12.87 25.34
CA TYR D 82 14.98 -13.88 25.83
C TYR D 82 15.65 -14.65 24.70
N ALA D 83 14.85 -15.04 23.70
CA ALA D 83 15.46 -15.79 22.59
C ALA D 83 16.45 -14.96 21.78
N MET D 84 16.44 -13.64 21.88
CA MET D 84 17.38 -12.78 21.18
C MET D 84 18.56 -12.41 22.08
N GLY D 85 18.66 -13.05 23.24
CA GLY D 85 19.81 -12.89 24.09
C GLY D 85 19.64 -11.92 25.24
N MET D 86 18.44 -11.40 25.49
CA MET D 86 18.35 -10.34 26.51
C MET D 86 18.32 -10.92 27.92
N ILE D 87 19.49 -10.96 28.57
CA ILE D 87 19.56 -11.54 29.92
C ILE D 87 20.48 -10.69 30.79
N ALA D 88 20.45 -10.91 32.09
CA ALA D 88 21.42 -10.28 32.98
C ALA D 88 21.69 -11.34 34.08
N LEU D 89 22.88 -11.24 34.65
CA LEU D 89 23.27 -12.15 35.75
C LEU D 89 23.44 -11.28 37.00
N ILE D 90 22.74 -11.65 38.06
CA ILE D 90 22.89 -10.94 39.33
C ILE D 90 23.66 -11.88 40.27
N ALA D 91 24.77 -11.41 40.82
CA ALA D 91 25.56 -12.23 41.74
C ALA D 91 25.44 -11.60 43.14
N VAL D 92 24.84 -12.35 44.04
CA VAL D 92 24.61 -11.93 45.41
C VAL D 92 25.59 -12.61 46.35
N GLY D 93 26.48 -11.84 46.96
CA GLY D 93 27.46 -12.40 47.90
C GLY D 93 28.66 -12.93 47.13
N ASP D 94 29.68 -13.48 47.79
CA ASP D 94 30.83 -13.96 47.02
C ASP D 94 30.68 -15.44 46.66
N SER D 95 31.41 -15.89 45.66
CA SER D 95 31.46 -17.20 45.05
C SER D 95 30.14 -17.93 45.12
N PRO D 96 29.20 -17.44 44.30
CA PRO D 96 27.83 -17.97 44.30
C PRO D 96 27.83 -19.48 44.04
N ALA D 97 27.20 -20.22 44.93
CA ALA D 97 27.25 -21.67 44.89
C ALA D 97 26.68 -22.24 43.59
N ASN D 98 25.68 -21.55 43.02
CA ASN D 98 25.00 -22.09 41.86
C ASN D 98 25.44 -21.56 40.52
N LEU D 99 26.53 -20.79 40.42
CA LEU D 99 26.98 -20.21 39.18
C LEU D 99 27.37 -21.22 38.11
N ASP D 100 28.17 -22.25 38.43
CA ASP D 100 28.56 -23.24 37.43
C ASP D 100 27.34 -24.00 36.92
N GLN D 101 26.38 -24.25 37.80
CA GLN D 101 25.15 -24.93 37.41
C GLN D 101 24.43 -24.04 36.39
N ILE D 102 24.34 -22.74 36.66
CA ILE D 102 23.64 -21.89 35.68
C ILE D 102 24.37 -21.81 34.37
N VAL D 103 25.70 -21.80 34.41
CA VAL D 103 26.43 -21.71 33.13
C VAL D 103 26.23 -22.98 32.32
N SER D 104 26.11 -24.13 32.98
CA SER D 104 25.89 -25.37 32.25
C SER D 104 24.43 -25.58 31.82
N ALA D 105 23.45 -24.91 32.43
CA ALA D 105 22.05 -25.23 32.12
C ALA D 105 21.67 -25.01 30.66
N LYS D 106 20.62 -25.72 30.23
CA LYS D 106 20.15 -25.57 28.87
C LYS D 106 19.53 -24.19 28.63
N LYS D 107 19.96 -23.52 27.56
CA LYS D 107 19.42 -22.21 27.21
C LYS D 107 19.74 -21.91 25.75
N PRO D 108 19.10 -20.92 25.14
CA PRO D 108 19.39 -20.56 23.75
C PRO D 108 20.87 -20.26 23.54
N LYS D 109 21.35 -20.63 22.35
CA LYS D 109 22.76 -20.44 22.03
C LYS D 109 23.19 -18.99 22.16
N ILE D 110 22.32 -18.08 21.71
CA ILE D 110 22.69 -16.67 21.79
C ILE D 110 22.77 -16.23 23.24
N VAL D 111 21.85 -16.76 24.05
CA VAL D 111 21.92 -16.46 25.50
C VAL D 111 23.25 -16.92 26.08
N GLN D 112 23.60 -18.18 25.79
CA GLN D 112 24.84 -18.77 26.30
C GLN D 112 26.05 -17.94 25.93
N GLU D 113 26.11 -17.47 24.67
CA GLU D 113 27.23 -16.65 24.25
C GLU D 113 27.30 -15.33 25.01
N ARG D 114 26.15 -14.70 25.26
CA ARG D 114 26.26 -13.45 26.03
C ARG D 114 26.61 -13.65 27.49
N LEU D 115 26.07 -14.72 28.08
CA LEU D 115 26.35 -15.11 29.46
C LEU D 115 27.85 -15.30 29.64
N GLU D 116 28.44 -16.05 28.69
CA GLU D 116 29.87 -16.34 28.78
C GLU D 116 30.71 -15.07 28.69
N LYS D 117 30.24 -14.14 27.86
CA LYS D 117 30.95 -12.89 27.75
C LYS D 117 30.85 -12.09 29.03
N VAL D 118 29.63 -11.96 29.56
CA VAL D 118 29.47 -11.20 30.80
C VAL D 118 30.25 -11.77 31.97
N ILE D 119 30.35 -13.10 32.05
CA ILE D 119 31.11 -13.64 33.17
C ILE D 119 32.60 -13.37 32.99
N ALA D 120 33.05 -13.33 31.75
CA ALA D 120 34.46 -13.08 31.46
C ALA D 120 34.78 -11.58 31.53
N SER D 121 34.09 -10.87 30.66
CA SER D 121 34.07 -9.48 30.31
C SER D 121 32.82 -8.73 30.78
N ALA D 122 32.70 -8.60 32.09
CA ALA D 122 31.61 -7.89 32.75
C ALA D 122 31.66 -8.10 34.27
N LYS D 123 32.40 -9.13 34.67
CA LYS D 123 32.55 -9.51 36.06
C LYS D 123 33.22 -8.42 36.91
CU CU E . -12.39 20.89 11.44
CU CU F . -12.42 13.59 0.92
GD GD G . -10.19 4.45 25.63
GD GD H . -18.45 -10.20 24.90
GD GD I . -0.15 -31.42 21.44
CU CU J . 13.19 12.78 -22.92
CU CU K . 6.24 3.17 -18.25
GD GD L . -1.43 27.45 -19.96
GD GD M . -20.82 28.25 -21.95
GD GD N . -33.45 28.55 1.67
CU CU O . 13.46 -13.79 11.37
CU CU P . 2.14 -10.38 6.66
GD GD Q . 22.96 -14.51 -5.99
GD GD R . 17.07 -22.12 -22.00
GD GD S . 14.19 -2.23 -42.19
CU CU T . 13.22 -6.96 26.04
N THR A 2 -42.01 13.15 -4.76
CA THR A 2 -42.43 14.59 -4.75
C THR A 2 -42.08 15.24 -3.40
N ALA A 3 -42.38 16.50 -3.23
CA ALA A 3 -42.06 17.18 -1.94
C ALA A 3 -42.91 16.59 -0.81
N ALA A 4 -44.18 16.37 -1.03
CA ALA A 4 -45.04 15.81 0.05
C ALA A 4 -44.52 14.43 0.46
N GLU A 5 -44.10 13.65 -0.50
CA GLU A 5 -43.58 12.29 -0.16
C GLU A 5 -42.33 12.41 0.72
N ILE A 6 -41.42 13.28 0.37
CA ILE A 6 -40.18 13.43 1.19
C ILE A 6 -40.54 13.93 2.59
N ALA A 7 -41.45 14.87 2.68
CA ALA A 7 -41.85 15.40 4.02
C ALA A 7 -42.65 14.35 4.83
N ALA A 8 -43.25 13.38 4.20
CA ALA A 8 -44.04 12.36 4.96
C ALA A 8 -43.16 11.18 5.43
N LEU A 9 -41.93 11.09 4.99
CA LEU A 9 -41.07 9.95 5.44
C LEU A 9 -40.83 10.04 6.96
N PRO A 10 -40.86 8.92 7.65
CA PRO A 10 -40.63 8.89 9.13
C PRO A 10 -39.21 9.32 9.55
N ARG A 11 -39.09 10.18 10.53
CA ARG A 11 -37.77 10.64 11.00
C ARG A 11 -37.45 9.84 12.27
N GLN A 12 -36.26 9.35 12.37
CA GLN A 12 -35.90 8.54 13.57
C GLN A 12 -34.52 8.95 14.07
N LYS A 13 -34.44 9.30 15.30
CA LYS A 13 -33.14 9.72 15.88
C LYS A 13 -32.41 8.47 16.36
N VAL A 14 -31.12 8.47 16.24
CA VAL A 14 -30.32 7.30 16.68
C VAL A 14 -29.15 7.77 17.55
N GLU A 15 -28.93 7.09 18.63
CA GLU A 15 -27.84 7.45 19.55
C GLU A 15 -26.58 6.81 19.00
N LEU A 16 -25.53 7.56 18.95
CA LEU A 16 -24.27 6.99 18.38
C LEU A 16 -23.32 6.49 19.47
N VAL A 17 -22.51 5.50 19.18
CA VAL A 17 -21.56 5.00 20.18
C VAL A 17 -20.19 5.47 19.75
N ASP A 18 -19.19 5.06 20.43
CA ASP A 18 -17.81 5.49 20.04
C ASP A 18 -17.02 4.30 19.47
N PRO A 19 -16.26 4.52 18.43
CA PRO A 19 -15.44 3.45 17.80
C PRO A 19 -14.67 2.63 18.84
N PRO A 20 -14.35 1.41 18.52
CA PRO A 20 -14.69 0.80 17.20
C PRO A 20 -16.11 0.21 17.17
N PHE A 21 -16.86 0.35 18.23
CA PHE A 21 -18.23 -0.20 18.26
C PHE A 21 -19.11 0.53 17.23
N VAL A 22 -20.29 0.05 17.07
CA VAL A 22 -21.24 0.67 16.12
C VAL A 22 -22.59 0.73 16.82
N HIS A 23 -23.37 1.68 16.48
CA HIS A 23 -24.69 1.84 17.12
C HIS A 23 -25.58 0.64 16.80
N ALA A 24 -26.85 0.76 17.08
CA ALA A 24 -27.78 -0.38 16.80
C ALA A 24 -28.44 -0.17 15.43
N HIS A 25 -28.37 -1.17 14.59
CA HIS A 25 -29.00 -1.06 13.24
C HIS A 25 -29.29 -2.46 12.70
N SER A 26 -30.12 -2.56 11.69
CA SER A 26 -30.44 -3.89 11.11
C SER A 26 -29.82 -3.97 9.71
N GLN A 27 -29.31 -5.11 9.36
CA GLN A 27 -28.68 -5.24 8.01
C GLN A 27 -29.76 -4.96 7.01
N VAL A 28 -30.71 -5.83 6.93
CA VAL A 28 -31.84 -5.59 6.00
C VAL A 28 -32.63 -4.37 6.52
N ALA A 29 -33.00 -3.47 5.66
CA ALA A 29 -33.73 -2.25 6.10
C ALA A 29 -35.09 -2.64 6.67
N GLU A 30 -35.48 -1.99 7.72
CA GLU A 30 -36.80 -2.27 8.35
C GLU A 30 -37.76 -1.13 7.99
N GLY A 31 -38.69 -1.39 7.12
CA GLY A 31 -39.64 -0.32 6.71
C GLY A 31 -39.10 0.31 5.44
N GLY A 32 -39.73 1.35 4.99
CA GLY A 32 -39.26 2.01 3.75
C GLY A 32 -38.21 3.07 4.12
N PRO A 33 -37.94 3.95 3.21
CA PRO A 33 -36.94 5.04 3.41
C PRO A 33 -37.28 5.90 4.63
N LYS A 34 -36.30 6.31 5.37
CA LYS A 34 -36.57 7.16 6.57
C LYS A 34 -35.39 8.13 6.84
N VAL A 35 -35.72 9.34 7.23
CA VAL A 35 -34.71 10.37 7.55
C VAL A 35 -34.11 10.04 8.91
N VAL A 36 -32.90 9.59 8.88
CA VAL A 36 -32.18 9.21 10.10
C VAL A 36 -31.54 10.44 10.63
N GLU A 37 -31.72 10.66 11.87
CA GLU A 37 -31.16 11.88 12.49
C GLU A 37 -30.06 11.54 13.49
N PHE A 38 -28.94 12.18 13.35
CA PHE A 38 -27.80 11.96 14.28
C PHE A 38 -27.21 13.32 14.66
N THR A 39 -26.77 13.50 15.88
CA THR A 39 -26.20 14.81 16.30
C THR A 39 -24.82 14.60 16.90
N MET A 40 -23.85 15.35 16.46
CA MET A 40 -22.48 15.19 17.02
C MET A 40 -21.86 16.56 17.36
N VAL A 41 -21.33 16.68 18.56
CA VAL A 41 -20.69 17.94 18.99
C VAL A 41 -19.21 17.77 18.77
N ILE A 42 -18.58 18.77 18.27
CA ILE A 42 -17.13 18.67 17.98
C ILE A 42 -16.35 19.12 19.20
N GLU A 43 -15.32 18.42 19.54
CA GLU A 43 -14.54 18.82 20.74
C GLU A 43 -13.05 18.94 20.41
N GLU A 44 -12.49 20.12 20.54
CA GLU A 44 -11.03 20.28 20.25
C GLU A 44 -10.27 20.17 21.58
N LYS A 45 -9.52 19.11 21.78
CA LYS A 45 -8.80 18.97 23.05
C LYS A 45 -7.46 18.31 22.81
N LYS A 46 -6.69 18.20 23.83
CA LYS A 46 -5.35 17.56 23.69
C LYS A 46 -5.41 16.10 24.14
N ILE A 47 -5.00 15.20 23.29
CA ILE A 47 -5.01 13.76 23.64
C ILE A 47 -3.60 13.17 23.44
N VAL A 48 -3.23 12.24 24.27
CA VAL A 48 -1.93 11.60 24.19
C VAL A 48 -2.06 10.49 23.19
N ILE A 49 -1.05 10.26 22.46
CA ILE A 49 -1.13 9.20 21.40
C ILE A 49 0.18 8.42 21.31
N ASP A 50 0.81 8.18 22.42
CA ASP A 50 2.10 7.41 22.44
C ASP A 50 2.54 7.17 23.91
N ASP A 51 3.18 6.05 24.20
CA ASP A 51 3.62 5.79 25.61
C ASP A 51 4.60 6.88 26.12
N ALA A 52 5.09 7.77 25.29
CA ALA A 52 6.04 8.82 25.77
C ALA A 52 5.30 10.12 26.12
N GLY A 53 4.00 10.11 26.18
CA GLY A 53 3.24 11.37 26.53
C GLY A 53 3.16 12.36 25.34
N THR A 54 3.32 11.91 24.12
CA THR A 54 3.22 12.84 22.96
C THR A 54 1.78 13.34 22.93
N GLU A 55 1.58 14.56 22.60
CA GLU A 55 0.16 15.06 22.61
C GLU A 55 -0.19 15.75 21.29
N VAL A 56 -1.37 15.51 20.79
CA VAL A 56 -1.81 16.18 19.53
C VAL A 56 -3.19 16.86 19.72
N HIS A 57 -3.26 18.16 19.48
CA HIS A 57 -4.54 18.90 19.62
C HIS A 57 -5.53 18.29 18.65
N ALA A 58 -6.30 17.38 19.14
CA ALA A 58 -7.27 16.66 18.28
C ALA A 58 -8.53 17.48 18.05
N MET A 59 -9.07 17.32 16.88
CA MET A 59 -10.31 18.00 16.48
C MET A 59 -11.20 16.82 16.27
N ALA A 60 -12.16 16.65 17.10
CA ALA A 60 -12.86 15.38 16.98
C ALA A 60 -14.32 15.54 16.92
N PHE A 61 -14.87 14.85 16.02
CA PHE A 61 -16.36 14.85 15.90
C PHE A 61 -16.92 13.85 16.92
N ASN A 62 -17.79 14.28 17.80
CA ASN A 62 -18.33 13.34 18.83
C ASN A 62 -17.27 13.09 19.92
N GLY A 63 -16.24 13.90 20.01
CA GLY A 63 -15.18 13.69 21.04
C GLY A 63 -14.38 12.40 20.82
N THR A 64 -14.37 11.81 19.63
CA THR A 64 -13.54 10.56 19.46
C THR A 64 -12.87 10.47 18.06
N VAL A 65 -11.58 10.13 18.01
CA VAL A 65 -10.88 9.95 16.72
C VAL A 65 -10.70 8.45 16.54
N PRO A 66 -11.26 7.91 15.50
CA PRO A 66 -12.02 8.68 14.50
C PRO A 66 -13.49 8.87 14.86
N GLY A 67 -14.13 9.87 14.33
CA GLY A 67 -15.56 10.10 14.63
C GLY A 67 -16.27 8.75 14.66
N PRO A 68 -17.51 8.76 15.03
CA PRO A 68 -18.34 7.52 15.11
C PRO A 68 -18.90 7.10 13.75
N LEU A 69 -19.09 5.82 13.55
CA LEU A 69 -19.63 5.35 12.24
C LEU A 69 -21.18 5.40 12.25
N MET A 70 -21.76 6.19 11.38
CA MET A 70 -23.23 6.28 11.29
C MET A 70 -23.66 5.25 10.26
N VAL A 71 -24.74 4.62 10.48
CA VAL A 71 -25.17 3.57 9.51
C VAL A 71 -26.65 3.72 9.12
N VAL A 72 -26.88 3.87 7.85
CA VAL A 72 -28.26 3.97 7.31
C VAL A 72 -28.32 3.07 6.06
N HIS A 73 -29.46 2.99 5.42
CA HIS A 73 -29.56 2.14 4.22
C HIS A 73 -29.60 3.04 2.98
N GLN A 74 -29.51 2.44 1.83
CA GLN A 74 -29.53 3.21 0.57
C GLN A 74 -30.93 3.78 0.38
N ASP A 75 -31.00 5.02 0.03
CA ASP A 75 -32.34 5.66 -0.16
C ASP A 75 -32.67 6.50 1.08
N ASP A 76 -32.32 6.04 2.25
CA ASP A 76 -32.61 6.80 3.47
C ASP A 76 -31.79 8.10 3.47
N TYR A 77 -32.29 9.12 4.10
CA TYR A 77 -31.58 10.42 4.15
C TYR A 77 -30.95 10.62 5.53
N LEU A 78 -29.71 10.99 5.55
CA LEU A 78 -29.00 11.22 6.82
C LEU A 78 -29.10 12.70 7.14
N GLU A 79 -29.57 13.01 8.30
CA GLU A 79 -29.74 14.42 8.72
C GLU A 79 -28.91 14.59 9.95
N LEU A 80 -27.86 15.31 9.84
CA LEU A 80 -26.97 15.41 11.03
C LEU A 80 -26.87 16.84 11.56
N THR A 81 -27.22 17.00 12.81
CA THR A 81 -27.10 18.34 13.47
C THR A 81 -25.70 18.41 14.11
N LEU A 82 -24.83 19.23 13.58
CA LEU A 82 -23.48 19.35 14.10
C LEU A 82 -23.45 20.54 14.99
N ILE A 83 -22.64 20.51 15.95
CA ILE A 83 -22.58 21.64 16.91
C ILE A 83 -21.13 21.94 17.28
N ASN A 84 -20.75 23.17 17.15
CA ASN A 84 -19.36 23.59 17.51
C ASN A 84 -19.46 24.52 18.71
N PRO A 85 -19.20 24.00 19.87
CA PRO A 85 -19.29 24.74 21.16
C PRO A 85 -18.53 26.07 21.16
N GLU A 86 -18.99 27.01 21.94
CA GLU A 86 -18.28 28.32 22.00
C GLU A 86 -16.87 28.12 22.58
N THR A 87 -16.66 27.10 23.37
CA THR A 87 -15.30 26.87 23.96
C THR A 87 -14.27 26.63 22.86
N ASN A 88 -14.68 26.03 21.77
CA ASN A 88 -13.71 25.74 20.67
C ASN A 88 -13.18 27.06 20.10
N THR A 89 -12.09 27.01 19.39
CA THR A 89 -11.52 28.26 18.81
C THR A 89 -11.31 28.15 17.28
N LEU A 90 -11.80 27.12 16.62
CA LEU A 90 -11.59 27.04 15.13
C LEU A 90 -12.91 26.67 14.42
N MET A 91 -13.24 27.36 13.35
CA MET A 91 -14.49 27.02 12.61
C MET A 91 -14.29 25.68 11.89
N HIS A 92 -15.30 24.84 11.86
CA HIS A 92 -15.16 23.53 11.17
C HIS A 92 -16.17 23.40 10.03
N ASN A 93 -16.49 22.19 9.70
CA ASN A 93 -17.46 21.89 8.60
C ASN A 93 -17.38 20.38 8.32
N ILE A 94 -18.39 19.78 7.72
CA ILE A 94 -18.32 18.31 7.46
C ILE A 94 -18.65 17.99 6.00
N ASP A 95 -17.80 17.22 5.36
CA ASP A 95 -18.05 16.82 3.94
C ASP A 95 -18.17 15.29 3.89
N PHE A 96 -19.34 14.77 3.63
CA PHE A 96 -19.51 13.29 3.59
C PHE A 96 -19.36 12.78 2.15
N HIS A 97 -18.36 12.00 1.91
CA HIS A 97 -18.14 11.43 0.55
C HIS A 97 -19.43 10.76 0.03
N ALA A 98 -20.26 10.23 0.91
CA ALA A 98 -21.51 9.55 0.46
C ALA A 98 -22.62 10.54 0.08
N ALA A 99 -22.34 11.82 0.04
CA ALA A 99 -23.38 12.81 -0.34
C ALA A 99 -23.04 13.39 -1.71
N THR A 100 -23.96 14.11 -2.31
CA THR A 100 -23.68 14.70 -3.65
C THR A 100 -24.12 16.17 -3.70
N GLY A 101 -23.18 17.07 -3.84
CA GLY A 101 -23.51 18.55 -3.93
C GLY A 101 -22.92 19.35 -2.75
N ALA A 102 -22.36 20.53 -3.01
CA ALA A 102 -21.80 21.35 -1.88
C ALA A 102 -20.53 20.72 -1.30
N LEU A 103 -19.61 20.30 -2.13
CA LEU A 103 -18.33 19.73 -1.61
C LEU A 103 -18.61 18.66 -0.57
N GLY A 104 -19.67 17.92 -0.75
CA GLY A 104 -20.00 16.84 0.23
C GLY A 104 -20.61 17.43 1.50
N GLY A 105 -21.23 18.57 1.40
CA GLY A 105 -21.86 19.20 2.61
C GLY A 105 -20.92 20.21 3.29
N GLY A 106 -19.67 20.32 2.90
CA GLY A 106 -18.75 21.29 3.56
C GLY A 106 -19.15 22.74 3.24
N GLY A 107 -19.66 22.99 2.05
CA GLY A 107 -20.04 24.39 1.68
C GLY A 107 -21.31 24.85 2.44
N LEU A 108 -22.02 23.96 3.07
CA LEU A 108 -23.27 24.39 3.80
C LEU A 108 -23.20 23.93 5.27
N THR A 109 -22.03 23.82 5.82
CA THR A 109 -21.89 23.40 7.24
C THR A 109 -20.73 24.14 7.95
N GLU A 110 -20.30 25.28 7.45
CA GLU A 110 -19.21 26.04 8.11
C GLU A 110 -19.78 26.67 9.37
N ILE A 111 -19.37 26.20 10.51
CA ILE A 111 -19.94 26.76 11.76
C ILE A 111 -18.81 27.18 12.68
N ASN A 112 -18.81 28.42 13.06
CA ASN A 112 -17.73 28.91 13.98
C ASN A 112 -18.17 28.69 15.42
N PRO A 113 -17.24 28.67 16.34
CA PRO A 113 -17.54 28.48 17.78
C PRO A 113 -18.85 29.16 18.20
N GLY A 114 -19.75 28.43 18.80
CA GLY A 114 -21.05 29.03 19.21
C GLY A 114 -22.10 28.87 18.10
N GLU A 115 -21.85 28.03 17.12
CA GLU A 115 -22.87 27.87 16.03
C GLU A 115 -23.09 26.38 15.67
N LYS A 116 -24.33 26.00 15.38
CA LYS A 116 -24.62 24.59 14.98
C LYS A 116 -25.58 24.59 13.77
N THR A 117 -25.51 23.61 12.91
CA THR A 117 -26.41 23.61 11.75
C THR A 117 -26.99 22.22 11.59
N ILE A 118 -27.73 22.04 10.56
CA ILE A 118 -28.34 20.71 10.30
C ILE A 118 -28.34 20.48 8.79
N LEU A 119 -27.66 19.47 8.34
CA LEU A 119 -27.61 19.21 6.87
C LEU A 119 -28.16 17.82 6.57
N ARG A 120 -29.05 17.74 5.63
CA ARG A 120 -29.64 16.41 5.27
C ARG A 120 -29.30 16.06 3.81
N PHE A 121 -28.87 14.84 3.57
CA PHE A 121 -28.53 14.41 2.19
C PHE A 121 -29.06 12.98 1.97
N LYS A 122 -29.47 12.69 0.77
CA LYS A 122 -30.00 11.34 0.44
C LYS A 122 -28.84 10.39 0.15
N ALA A 123 -28.82 9.29 0.82
CA ALA A 123 -27.76 8.28 0.63
C ALA A 123 -28.16 7.49 -0.58
N THR A 124 -27.68 7.91 -1.69
CA THR A 124 -28.12 7.25 -2.98
C THR A 124 -27.21 6.08 -3.41
N LYS A 125 -26.08 5.89 -2.80
CA LYS A 125 -25.19 4.78 -3.21
C LYS A 125 -24.81 3.96 -1.99
N PRO A 126 -24.80 2.68 -2.13
CA PRO A 126 -24.47 1.75 -1.02
C PRO A 126 -22.95 1.52 -0.85
N GLY A 127 -22.47 1.56 0.36
CA GLY A 127 -21.01 1.33 0.56
C GLY A 127 -20.47 2.23 1.67
N VAL A 128 -19.39 1.81 2.30
CA VAL A 128 -18.79 2.61 3.37
C VAL A 128 -18.13 3.82 2.73
N PHE A 129 -18.14 4.92 3.40
CA PHE A 129 -17.54 6.12 2.81
C PHE A 129 -16.93 6.93 3.93
N VAL A 130 -15.89 7.65 3.66
CA VAL A 130 -15.26 8.45 4.77
C VAL A 130 -15.75 9.93 4.81
N TYR A 131 -16.17 10.41 5.97
CA TYR A 131 -16.59 11.82 6.11
C TYR A 131 -15.44 12.54 6.82
N HIS A 132 -15.29 13.82 6.61
CA HIS A 132 -14.15 14.53 7.26
C HIS A 132 -14.34 16.05 7.18
N CYS A 133 -13.94 16.78 8.19
CA CYS A 133 -14.09 18.26 8.17
C CYS A 133 -13.09 18.84 7.18
N ALA A 134 -13.43 19.90 6.50
CA ALA A 134 -12.47 20.45 5.51
C ALA A 134 -12.71 21.92 5.25
N PRO A 135 -12.39 22.75 6.19
CA PRO A 135 -12.54 24.23 6.06
C PRO A 135 -11.62 24.78 4.97
N PRO A 136 -12.18 25.46 4.01
CA PRO A 136 -11.41 26.03 2.87
C PRO A 136 -10.05 26.61 3.28
N GLY A 137 -8.97 26.08 2.74
CA GLY A 137 -7.62 26.63 3.08
C GLY A 137 -6.93 25.83 4.22
N MET A 138 -7.64 25.05 4.98
CA MET A 138 -6.98 24.30 6.08
C MET A 138 -7.54 22.89 6.12
N VAL A 139 -7.79 22.34 4.97
CA VAL A 139 -8.36 20.96 4.91
C VAL A 139 -7.41 19.94 5.56
N PRO A 140 -6.25 19.72 4.98
CA PRO A 140 -5.25 18.74 5.47
C PRO A 140 -4.97 18.85 6.97
N TRP A 141 -5.03 20.03 7.51
CA TRP A 141 -4.75 20.17 8.97
C TRP A 141 -5.90 19.59 9.80
N HIS A 142 -7.10 19.96 9.47
CA HIS A 142 -8.28 19.45 10.22
C HIS A 142 -8.39 17.92 10.11
N VAL A 143 -8.07 17.36 8.98
CA VAL A 143 -8.19 15.88 8.82
C VAL A 143 -7.07 15.18 9.60
N VAL A 144 -5.86 15.62 9.44
CA VAL A 144 -4.73 14.97 10.15
C VAL A 144 -4.93 15.11 11.67
N SER A 145 -5.56 16.18 12.09
CA SER A 145 -5.78 16.37 13.55
C SER A 145 -6.77 15.32 14.09
N GLY A 146 -7.30 14.50 13.22
CA GLY A 146 -8.26 13.45 13.69
C GLY A 146 -9.72 13.91 13.47
N MET A 147 -9.98 14.78 12.52
CA MET A 147 -11.38 15.22 12.28
C MET A 147 -11.96 14.45 11.08
N ASN A 148 -12.15 13.18 11.23
CA ASN A 148 -12.70 12.37 10.11
C ASN A 148 -13.14 10.99 10.63
N GLY A 149 -14.14 10.44 10.02
CA GLY A 149 -14.67 9.09 10.44
C GLY A 149 -15.21 8.36 9.20
N ALA A 150 -16.37 7.74 9.29
CA ALA A 150 -16.93 7.03 8.10
C ALA A 150 -18.37 6.57 8.34
N ILE A 151 -19.18 6.57 7.32
CA ILE A 151 -20.59 6.11 7.47
C ILE A 151 -20.84 4.91 6.54
N MET A 152 -21.68 4.00 6.94
CA MET A 152 -21.96 2.80 6.08
C MET A 152 -23.41 2.80 5.60
N VAL A 153 -23.61 2.92 4.32
CA VAL A 153 -24.98 2.90 3.76
C VAL A 153 -25.19 1.51 3.23
N LEU A 154 -25.89 0.71 3.95
CA LEU A 154 -26.03 -0.72 3.52
C LEU A 154 -27.22 -0.92 2.58
N PRO A 155 -27.05 -1.75 1.57
CA PRO A 155 -28.14 -2.07 0.63
C PRO A 155 -29.44 -2.40 1.39
N ARG A 156 -30.56 -1.98 0.89
CA ARG A 156 -31.85 -2.25 1.60
C ARG A 156 -31.99 -3.74 1.91
N GLU A 157 -31.46 -4.58 1.06
CA GLU A 157 -31.57 -6.06 1.30
C GLU A 157 -30.34 -6.62 2.04
N GLY A 158 -29.52 -5.78 2.63
CA GLY A 158 -28.33 -6.30 3.36
C GLY A 158 -27.16 -6.47 2.39
N LEU A 159 -26.12 -7.15 2.82
CA LEU A 159 -24.95 -7.36 1.92
C LEU A 159 -24.95 -8.78 1.34
N HIS A 160 -24.49 -8.94 0.12
CA HIS A 160 -24.44 -10.27 -0.51
C HIS A 160 -23.10 -10.42 -1.24
N ASP A 161 -22.72 -11.61 -1.58
CA ASP A 161 -21.43 -11.82 -2.29
C ASP A 161 -21.56 -11.43 -3.77
N GLY A 162 -20.69 -11.92 -4.62
CA GLY A 162 -20.76 -11.57 -6.07
C GLY A 162 -21.84 -12.42 -6.78
N LYS A 163 -22.22 -13.54 -6.22
CA LYS A 163 -23.26 -14.40 -6.90
C LYS A 163 -24.67 -14.13 -6.32
N GLY A 164 -24.83 -13.16 -5.46
CA GLY A 164 -26.20 -12.88 -4.89
C GLY A 164 -26.42 -13.55 -3.50
N LYS A 165 -25.57 -14.44 -3.06
CA LYS A 165 -25.76 -15.09 -1.75
C LYS A 165 -25.71 -14.05 -0.64
N ALA A 166 -26.60 -14.14 0.30
CA ALA A 166 -26.61 -13.14 1.42
C ALA A 166 -25.44 -13.38 2.40
N LEU A 167 -24.77 -12.33 2.78
CA LEU A 167 -23.64 -12.40 3.74
C LEU A 167 -24.06 -11.58 4.96
N THR A 168 -24.36 -12.24 6.03
CA THR A 168 -24.85 -11.55 7.23
C THR A 168 -23.80 -11.68 8.29
N TYR A 169 -23.43 -10.60 8.84
CA TYR A 169 -22.35 -10.63 9.87
C TYR A 169 -22.95 -10.61 11.28
N ASP A 170 -22.36 -11.34 12.20
CA ASP A 170 -22.86 -11.35 13.60
C ASP A 170 -22.38 -10.09 14.35
N LYS A 171 -21.25 -9.54 13.97
CA LYS A 171 -20.73 -8.33 14.67
C LYS A 171 -19.96 -7.48 13.68
N ILE A 172 -19.88 -6.20 13.92
CA ILE A 172 -19.13 -5.30 12.99
C ILE A 172 -18.35 -4.26 13.80
N TYR A 173 -17.11 -4.06 13.46
CA TYR A 173 -16.28 -3.06 14.16
C TYR A 173 -15.74 -2.07 13.14
N TYR A 174 -15.54 -0.85 13.56
CA TYR A 174 -15.02 0.19 12.62
C TYR A 174 -13.66 0.67 13.13
N VAL A 175 -12.64 0.43 12.37
CA VAL A 175 -11.27 0.84 12.78
C VAL A 175 -10.80 2.00 11.90
N GLY A 176 -10.83 3.19 12.41
CA GLY A 176 -10.38 4.37 11.65
C GLY A 176 -8.88 4.55 11.89
N GLU A 177 -8.14 4.65 10.85
CA GLU A 177 -6.68 4.79 10.96
C GLU A 177 -6.38 6.26 10.81
N GLN A 178 -5.40 6.72 11.51
CA GLN A 178 -5.10 8.18 11.42
C GLN A 178 -3.60 8.41 11.41
N ASP A 179 -3.10 9.04 10.37
CA ASP A 179 -1.64 9.34 10.31
C ASP A 179 -1.40 10.76 10.85
N PHE A 180 -0.68 10.90 11.93
CA PHE A 180 -0.43 12.23 12.48
C PHE A 180 0.92 12.75 12.00
N TYR A 181 1.23 13.93 12.37
CA TYR A 181 2.51 14.57 11.98
C TYR A 181 2.88 15.51 13.11
N VAL A 182 3.55 15.00 14.09
CA VAL A 182 3.86 15.82 15.29
C VAL A 182 5.23 16.44 15.15
N PRO A 183 5.29 17.72 15.34
CA PRO A 183 6.58 18.48 15.24
C PRO A 183 7.56 18.13 16.39
N ARG A 184 8.83 17.96 16.07
CA ARG A 184 9.85 17.64 17.11
C ARG A 184 10.90 18.75 17.13
N ASP A 185 11.49 19.01 18.25
CA ASP A 185 12.52 20.09 18.33
C ASP A 185 13.81 19.62 17.67
N GLU A 186 14.91 20.27 17.96
CA GLU A 186 16.21 19.86 17.35
C GLU A 186 16.73 18.56 17.98
N ASN A 187 16.43 18.31 19.23
CA ASN A 187 16.92 17.06 19.89
C ASN A 187 16.07 15.83 19.55
N GLY A 188 15.01 15.98 18.77
CA GLY A 188 14.17 14.80 18.43
C GLY A 188 13.02 14.59 19.45
N LYS A 189 12.75 15.53 20.32
CA LYS A 189 11.64 15.37 21.30
C LYS A 189 10.37 16.03 20.76
N TYR A 190 9.26 15.35 20.84
CA TYR A 190 7.99 15.91 20.34
C TYR A 190 7.74 17.23 21.05
N LYS A 191 7.20 18.17 20.36
CA LYS A 191 6.94 19.50 20.99
C LYS A 191 5.44 19.64 21.34
N LYS A 192 5.16 20.29 22.44
CA LYS A 192 3.75 20.50 22.84
C LYS A 192 3.45 21.99 22.73
N TYR A 193 2.22 22.34 22.64
CA TYR A 193 1.87 23.77 22.51
C TYR A 193 0.70 24.07 23.42
N GLU A 194 0.35 25.30 23.51
CA GLU A 194 -0.78 25.70 24.39
C GLU A 194 -2.11 25.59 23.63
N ALA A 195 -2.19 26.10 22.42
CA ALA A 195 -3.46 26.02 21.67
C ALA A 195 -3.24 25.28 20.37
N PRO A 196 -4.29 25.04 19.65
CA PRO A 196 -4.24 24.32 18.34
C PRO A 196 -3.56 25.13 17.22
N GLY A 197 -3.74 26.43 17.18
CA GLY A 197 -3.10 27.24 16.09
C GLY A 197 -1.60 27.39 16.33
N ASP A 198 -1.17 27.40 17.55
CA ASP A 198 0.29 27.57 17.84
C ASP A 198 1.11 26.48 17.13
N ALA A 199 0.53 25.35 16.86
CA ALA A 199 1.30 24.25 16.18
C ALA A 199 0.90 24.12 14.70
N TYR A 200 0.35 25.14 14.11
CA TYR A 200 -0.03 25.06 12.66
C TYR A 200 1.21 25.13 11.72
N GLU A 201 2.11 26.07 11.91
CA GLU A 201 3.28 26.17 10.98
C GLU A 201 4.20 24.96 11.14
N ASP A 202 4.51 24.61 12.36
CA ASP A 202 5.42 23.45 12.58
C ASP A 202 4.78 22.16 12.08
N THR A 203 3.49 22.03 12.19
CA THR A 203 2.82 20.79 11.73
C THR A 203 2.84 20.74 10.21
N VAL A 204 2.52 21.82 9.57
CA VAL A 204 2.54 21.84 8.08
C VAL A 204 3.91 21.37 7.59
N LYS A 205 4.95 21.86 8.19
CA LYS A 205 6.31 21.43 7.76
C LYS A 205 6.40 19.91 7.81
N VAL A 206 5.96 19.31 8.88
CA VAL A 206 6.01 17.83 8.99
C VAL A 206 5.09 17.18 7.94
N MET A 207 3.92 17.73 7.74
CA MET A 207 2.98 17.14 6.73
C MET A 207 3.60 17.18 5.33
N ARG A 208 4.33 18.20 4.99
CA ARG A 208 4.94 18.30 3.64
C ARG A 208 5.85 17.10 3.41
N THR A 209 6.55 16.69 4.42
CA THR A 209 7.48 15.53 4.27
C THR A 209 6.71 14.26 3.84
N LEU A 210 5.40 14.26 3.91
CA LEU A 210 4.63 13.05 3.52
C LEU A 210 5.06 11.87 4.37
N THR A 211 5.55 12.11 5.56
CA THR A 211 5.99 10.98 6.43
C THR A 211 5.38 11.18 7.82
N PRO A 212 4.36 10.42 8.13
CA PRO A 212 3.66 10.53 9.46
C PRO A 212 4.51 10.02 10.64
N THR A 213 4.62 10.79 11.70
CA THR A 213 5.41 10.33 12.87
C THR A 213 4.67 9.17 13.57
N HIS A 214 3.36 9.08 13.43
CA HIS A 214 2.62 7.98 14.09
C HIS A 214 1.37 7.64 13.26
N VAL A 215 1.15 6.37 13.03
CA VAL A 215 -0.04 5.95 12.25
C VAL A 215 -0.77 5.00 13.14
N VAL A 216 -1.94 5.30 13.55
CA VAL A 216 -2.56 4.36 14.52
C VAL A 216 -4.03 4.15 14.27
N PHE A 217 -4.60 3.35 15.11
CA PHE A 217 -6.06 3.07 14.98
C PHE A 217 -6.78 3.46 16.27
N ASN A 218 -7.91 4.09 16.16
CA ASN A 218 -8.66 4.51 17.39
C ASN A 218 -8.09 5.80 18.02
N GLY A 219 -7.11 6.43 17.39
CA GLY A 219 -6.54 7.68 17.97
C GLY A 219 -5.32 7.45 18.93
N ALA A 220 -4.69 6.30 18.98
CA ALA A 220 -3.51 6.16 19.90
C ALA A 220 -2.79 4.81 19.70
N VAL A 221 -1.48 4.81 19.72
CA VAL A 221 -0.75 3.52 19.55
C VAL A 221 -1.21 2.55 20.65
N GLY A 222 -1.61 1.37 20.28
CA GLY A 222 -2.11 0.40 21.31
C GLY A 222 -3.57 0.69 21.76
N ALA A 223 -4.35 1.46 21.01
CA ALA A 223 -5.75 1.72 21.44
C ALA A 223 -6.64 0.46 21.27
N LEU A 224 -6.32 -0.44 20.36
CA LEU A 224 -7.17 -1.64 20.16
C LEU A 224 -6.37 -2.91 20.46
N THR A 225 -5.45 -2.83 21.37
CA THR A 225 -4.62 -4.03 21.71
C THR A 225 -4.60 -4.19 23.23
N GLY A 226 -4.35 -5.39 23.71
CA GLY A 226 -4.29 -5.63 25.17
C GLY A 226 -5.71 -5.89 25.68
N ASP A 227 -6.14 -5.15 26.66
CA ASP A 227 -7.53 -5.34 27.19
C ASP A 227 -8.56 -4.73 26.23
N LYS A 228 -8.14 -3.88 25.32
CA LYS A 228 -9.12 -3.25 24.38
C LYS A 228 -9.13 -4.00 23.04
N ALA A 229 -8.56 -5.18 22.98
CA ALA A 229 -8.54 -5.93 21.70
C ALA A 229 -9.98 -6.37 21.35
N MET A 230 -10.37 -6.23 20.10
CA MET A 230 -11.74 -6.63 19.74
C MET A 230 -11.97 -8.05 20.24
N THR A 231 -13.01 -8.65 19.79
CA THR A 231 -13.32 -10.05 20.21
C THR A 231 -14.14 -10.76 19.10
N ALA A 232 -14.00 -12.07 19.02
CA ALA A 232 -14.72 -12.89 18.02
C ALA A 232 -14.56 -14.36 18.39
N ALA A 233 -15.54 -15.19 18.12
CA ALA A 233 -15.42 -16.62 18.48
C ALA A 233 -15.48 -17.48 17.22
N VAL A 234 -14.80 -18.59 17.23
CA VAL A 234 -14.79 -19.48 16.05
C VAL A 234 -16.21 -19.67 15.57
N GLY A 235 -16.42 -19.53 14.30
CA GLY A 235 -17.80 -19.68 13.75
C GLY A 235 -18.54 -18.32 13.69
N GLU A 236 -17.91 -17.25 14.12
CA GLU A 236 -18.58 -15.92 14.10
C GLU A 236 -18.15 -15.17 12.83
N LYS A 237 -19.08 -14.49 12.23
CA LYS A 237 -18.80 -13.73 11.00
C LYS A 237 -18.66 -12.28 11.42
N VAL A 238 -17.62 -11.65 11.04
CA VAL A 238 -17.44 -10.26 11.50
C VAL A 238 -17.02 -9.35 10.36
N LEU A 239 -17.66 -8.23 10.25
CA LEU A 239 -17.33 -7.25 9.20
C LEU A 239 -16.46 -6.16 9.82
N ILE A 240 -15.33 -5.88 9.24
CA ILE A 240 -14.42 -4.86 9.79
C ILE A 240 -14.28 -3.70 8.80
N VAL A 241 -14.92 -2.62 9.10
CA VAL A 241 -14.86 -1.43 8.23
C VAL A 241 -13.63 -0.64 8.61
N HIS A 242 -12.90 -0.20 7.65
CA HIS A 242 -11.66 0.55 7.95
C HIS A 242 -11.64 1.78 7.07
N SER A 243 -11.20 2.87 7.61
CA SER A 243 -11.16 4.13 6.82
C SER A 243 -9.83 4.88 7.02
N GLN A 244 -9.45 5.61 6.02
CA GLN A 244 -8.21 6.44 6.02
C GLN A 244 -8.56 7.67 5.18
N ALA A 245 -8.78 8.77 5.83
CA ALA A 245 -9.24 10.00 5.09
C ALA A 245 -8.12 10.78 4.38
N ASN A 246 -6.89 10.45 4.61
CA ASN A 246 -5.79 11.21 3.94
C ASN A 246 -4.47 10.39 3.90
N ARG A 247 -4.56 9.11 3.66
CA ARG A 247 -3.32 8.27 3.59
C ARG A 247 -3.69 6.85 3.11
N ASP A 248 -2.98 6.28 2.16
CA ASP A 248 -3.35 4.89 1.71
C ASP A 248 -2.81 3.82 2.68
N THR A 249 -3.63 2.85 3.06
CA THR A 249 -3.16 1.78 3.96
C THR A 249 -3.33 0.44 3.25
N ARG A 250 -3.10 -0.61 3.96
CA ARG A 250 -3.24 -1.99 3.38
C ARG A 250 -3.52 -2.96 4.53
N PRO A 251 -4.77 -3.09 4.88
CA PRO A 251 -5.23 -3.95 6.00
C PRO A 251 -4.85 -5.42 5.84
N HIS A 252 -4.59 -6.08 6.94
CA HIS A 252 -4.23 -7.53 6.90
C HIS A 252 -4.47 -8.19 8.29
N LEU A 253 -5.34 -9.18 8.35
CA LEU A 253 -5.61 -9.90 9.63
C LEU A 253 -4.61 -11.04 9.76
N ILE A 254 -3.67 -10.87 10.64
CA ILE A 254 -2.61 -11.88 10.85
C ILE A 254 -3.26 -13.15 11.37
N GLY A 255 -3.07 -14.20 10.68
CA GLY A 255 -3.67 -15.49 11.10
C GLY A 255 -5.01 -15.73 10.38
N GLY A 256 -5.57 -14.72 9.75
CA GLY A 256 -6.86 -14.93 9.05
C GLY A 256 -6.78 -14.34 7.64
N HIS A 257 -7.90 -13.95 7.10
CA HIS A 257 -7.90 -13.37 5.73
C HIS A 257 -9.28 -12.75 5.44
N GLY A 258 -9.34 -11.84 4.53
CA GLY A 258 -10.64 -11.18 4.19
C GLY A 258 -11.39 -12.11 3.24
N ASP A 259 -12.34 -12.82 3.75
CA ASP A 259 -13.10 -13.77 2.89
C ASP A 259 -13.67 -13.00 1.72
N TYR A 260 -14.37 -11.96 2.03
CA TYR A 260 -14.96 -11.08 0.98
C TYR A 260 -14.57 -9.66 1.35
N VAL A 261 -13.94 -8.94 0.47
CA VAL A 261 -13.50 -7.57 0.86
C VAL A 261 -13.84 -6.54 -0.21
N TRP A 262 -14.77 -5.68 0.09
CA TRP A 262 -15.11 -4.58 -0.86
C TRP A 262 -14.02 -3.55 -0.67
N ALA A 263 -12.94 -3.75 -1.35
CA ALA A 263 -11.73 -2.87 -1.16
C ALA A 263 -12.10 -1.44 -1.42
N THR A 264 -12.82 -1.23 -2.45
CA THR A 264 -13.21 0.16 -2.82
C THR A 264 -14.27 0.69 -1.85
N GLY A 265 -14.81 -0.15 -1.01
CA GLY A 265 -15.86 0.33 -0.04
C GLY A 265 -17.23 0.58 -0.74
N LYS A 266 -17.44 0.00 -1.89
CA LYS A 266 -18.72 0.17 -2.62
C LYS A 266 -19.38 -1.21 -2.71
N PHE A 267 -20.60 -1.31 -2.34
CA PHE A 267 -21.28 -2.65 -2.36
C PHE A 267 -21.59 -3.07 -3.80
N ASN A 268 -21.97 -2.14 -4.62
CA ASN A 268 -22.30 -2.48 -6.04
C ASN A 268 -21.09 -3.15 -6.69
N THR A 269 -19.92 -2.77 -6.30
CA THR A 269 -18.70 -3.37 -6.90
C THR A 269 -18.42 -4.71 -6.22
N PRO A 270 -18.44 -5.76 -6.99
CA PRO A 270 -18.21 -7.14 -6.45
C PRO A 270 -17.04 -7.19 -5.45
N PRO A 271 -17.19 -7.89 -4.35
CA PRO A 271 -16.10 -7.97 -3.32
C PRO A 271 -14.99 -8.99 -3.64
N ASP A 272 -13.73 -8.58 -3.74
CA ASP A 272 -12.67 -9.58 -4.00
C ASP A 272 -12.87 -10.70 -3.00
N VAL A 273 -12.17 -11.78 -3.14
CA VAL A 273 -12.37 -12.90 -2.17
C VAL A 273 -11.02 -13.59 -1.86
N ASP A 274 -10.91 -14.13 -0.68
CA ASP A 274 -9.66 -14.84 -0.29
C ASP A 274 -8.56 -13.82 -0.32
N GLN A 275 -8.74 -12.74 0.40
CA GLN A 275 -7.68 -11.68 0.35
C GLN A 275 -6.71 -11.75 1.55
N GLU A 276 -5.41 -11.80 1.29
CA GLU A 276 -4.43 -11.79 2.42
C GLU A 276 -4.20 -10.33 2.90
N THR A 277 -4.14 -9.38 1.99
CA THR A 277 -3.91 -7.96 2.36
C THR A 277 -4.61 -7.10 1.32
N TRP A 278 -5.50 -6.27 1.73
CA TRP A 278 -6.25 -5.45 0.74
C TRP A 278 -5.57 -4.10 0.59
N PHE A 279 -6.24 -3.18 -0.01
CA PHE A 279 -5.65 -1.83 -0.20
C PHE A 279 -6.75 -0.75 -0.26
N ILE A 280 -6.72 0.18 0.66
CA ILE A 280 -7.71 1.28 0.68
C ILE A 280 -6.96 2.59 0.50
N PRO A 281 -7.23 3.28 -0.57
CA PRO A 281 -6.53 4.55 -0.91
C PRO A 281 -6.95 5.75 -0.05
N GLY A 282 -5.99 6.52 0.41
CA GLY A 282 -6.32 7.71 1.21
C GLY A 282 -7.59 8.33 0.64
N GLY A 283 -8.45 8.78 1.49
CA GLY A 283 -9.73 9.37 1.04
C GLY A 283 -10.76 8.26 0.75
N ALA A 284 -10.71 7.15 1.45
CA ALA A 284 -11.73 6.09 1.15
C ALA A 284 -11.84 5.05 2.27
N ALA A 285 -13.01 4.50 2.48
CA ALA A 285 -13.17 3.45 3.54
C ALA A 285 -13.64 2.13 2.89
N GLY A 286 -13.06 1.02 3.27
CA GLY A 286 -13.48 -0.28 2.66
C GLY A 286 -14.13 -1.15 3.72
N ALA A 287 -14.31 -2.42 3.44
CA ALA A 287 -14.95 -3.33 4.42
C ALA A 287 -14.58 -4.78 4.11
N ALA A 288 -14.22 -5.54 5.10
CA ALA A 288 -13.85 -6.96 4.88
C ALA A 288 -14.71 -7.84 5.79
N PHE A 289 -15.18 -8.94 5.28
CA PHE A 289 -16.03 -9.85 6.08
C PHE A 289 -15.32 -11.19 6.20
N TYR A 290 -15.14 -11.69 7.38
CA TYR A 290 -14.41 -12.97 7.52
C TYR A 290 -14.99 -13.80 8.67
N THR A 291 -15.11 -15.07 8.44
CA THR A 291 -15.62 -16.00 9.48
C THR A 291 -14.42 -16.63 10.18
N PHE A 292 -14.31 -16.39 11.45
CA PHE A 292 -13.15 -16.92 12.22
C PHE A 292 -13.24 -18.43 12.32
N GLN A 293 -12.14 -19.09 12.11
CA GLN A 293 -12.12 -20.59 12.20
C GLN A 293 -11.14 -21.09 13.28
N GLN A 294 -10.27 -20.24 13.81
CA GLN A 294 -9.31 -20.71 14.85
C GLN A 294 -9.27 -19.72 16.00
N PRO A 295 -9.22 -20.22 17.20
CA PRO A 295 -9.18 -19.38 18.44
C PRO A 295 -7.76 -18.94 18.78
N GLY A 296 -7.65 -17.86 19.48
CA GLY A 296 -6.29 -17.37 19.85
C GLY A 296 -6.22 -15.86 19.62
N ILE A 297 -5.06 -15.29 19.71
CA ILE A 297 -4.92 -13.83 19.50
C ILE A 297 -4.42 -13.55 18.06
N TYR A 298 -5.10 -12.68 17.36
CA TYR A 298 -4.68 -12.34 15.97
C TYR A 298 -4.48 -10.83 15.88
N ALA A 299 -3.46 -10.40 15.19
CA ALA A 299 -3.20 -8.95 15.07
C ALA A 299 -3.76 -8.49 13.74
N TYR A 300 -4.26 -7.30 13.69
CA TYR A 300 -4.83 -6.82 12.41
C TYR A 300 -4.22 -5.48 12.15
N VAL A 301 -3.46 -5.33 11.12
CA VAL A 301 -2.83 -4.00 10.99
C VAL A 301 -2.39 -3.69 9.57
N ASN A 302 -1.97 -2.48 9.41
CA ASN A 302 -1.48 -2.01 8.10
C ASN A 302 -0.26 -2.83 7.81
N HIS A 303 -0.22 -3.42 6.67
CA HIS A 303 0.94 -4.30 6.40
C HIS A 303 2.18 -3.47 6.46
N ASN A 304 2.23 -2.34 5.82
CA ASN A 304 3.50 -1.58 6.03
C ASN A 304 4.01 -1.97 7.46
N LEU A 305 4.79 -3.03 7.58
CA LEU A 305 5.23 -3.52 8.92
C LEU A 305 5.76 -2.36 9.71
N ILE A 306 6.54 -1.57 9.09
CA ILE A 306 7.11 -0.38 9.80
C ILE A 306 5.97 0.45 10.35
N GLU A 307 5.01 0.76 9.51
CA GLU A 307 3.84 1.55 9.98
C GLU A 307 3.03 0.75 11.06
N ALA A 308 3.00 -0.55 10.98
CA ALA A 308 2.21 -1.34 11.99
C ALA A 308 3.00 -1.64 13.30
N PHE A 309 4.31 -1.74 13.29
CA PHE A 309 5.01 -2.06 14.56
C PHE A 309 5.83 -0.88 15.06
N GLU A 310 6.40 -0.13 14.17
CA GLU A 310 7.22 1.04 14.59
C GLU A 310 6.38 2.33 14.73
N LEU A 311 5.30 2.48 13.99
CA LEU A 311 4.51 3.75 14.10
C LEU A 311 3.36 3.54 15.08
N GLY A 312 2.66 2.46 14.94
CA GLY A 312 1.51 2.18 15.85
C GLY A 312 0.23 1.78 15.06
N ALA A 313 0.34 1.14 13.92
CA ALA A 313 -0.89 0.74 13.18
C ALA A 313 -1.14 -0.77 13.38
N ALA A 314 -1.39 -1.21 14.60
CA ALA A 314 -1.63 -2.66 14.81
C ALA A 314 -2.58 -2.90 16.00
N ALA A 315 -3.70 -3.54 15.76
CA ALA A 315 -4.65 -3.83 16.87
C ALA A 315 -4.67 -5.34 17.05
N HIS A 316 -5.49 -5.85 17.93
CA HIS A 316 -5.50 -7.34 18.10
C HIS A 316 -6.90 -7.87 18.47
N PHE A 317 -7.31 -8.96 17.84
CA PHE A 317 -8.65 -9.56 18.18
C PHE A 317 -8.45 -10.90 18.95
N LYS A 318 -9.09 -11.03 20.10
CA LYS A 318 -8.99 -12.25 20.91
C LYS A 318 -10.18 -13.08 20.51
N VAL A 319 -9.94 -14.30 20.20
CA VAL A 319 -11.04 -15.15 19.73
C VAL A 319 -11.11 -16.39 20.57
N THR A 320 -12.28 -16.77 20.92
CA THR A 320 -12.45 -17.99 21.76
C THR A 320 -13.03 -19.13 20.92
N GLY A 321 -12.82 -20.36 21.32
CA GLY A 321 -13.37 -21.50 20.53
C GLY A 321 -12.43 -22.70 20.62
N GLU A 322 -12.62 -23.66 19.75
CA GLU A 322 -11.75 -24.87 19.77
C GLU A 322 -10.81 -24.82 18.56
N TRP A 323 -9.58 -25.17 18.79
CA TRP A 323 -8.58 -25.16 17.70
C TRP A 323 -8.93 -26.25 16.71
N ASN A 324 -8.54 -26.05 15.50
CA ASN A 324 -8.82 -27.04 14.43
C ASN A 324 -7.50 -27.48 13.85
N ASP A 325 -7.08 -28.67 14.16
CA ASP A 325 -5.77 -29.16 13.67
C ASP A 325 -5.81 -29.33 12.16
N ASP A 326 -6.92 -29.73 11.64
CA ASP A 326 -7.03 -29.92 10.16
C ASP A 326 -6.48 -28.68 9.46
N LEU A 327 -6.87 -27.53 9.90
CA LEU A 327 -6.39 -26.27 9.29
C LEU A 327 -4.91 -26.06 9.61
N MET A 328 -4.46 -26.33 10.82
CA MET A 328 -3.03 -26.10 11.12
C MET A 328 -2.63 -26.86 12.37
N THR A 329 -1.51 -27.53 12.34
CA THR A 329 -1.07 -28.28 13.55
C THR A 329 0.47 -28.32 13.64
N SER A 330 1.03 -28.08 14.80
CA SER A 330 2.52 -28.13 14.95
C SER A 330 2.93 -29.59 15.08
N VAL A 331 3.39 -30.18 14.02
CA VAL A 331 3.79 -31.61 14.08
C VAL A 331 4.94 -31.75 15.04
N LEU A 332 5.92 -30.92 14.89
CA LEU A 332 7.08 -30.97 15.82
C LEU A 332 7.31 -29.57 16.43
N ALA A 333 6.98 -29.39 17.69
CA ALA A 333 7.18 -28.05 18.32
C ALA A 333 8.66 -27.72 18.34
N PRO A 334 9.00 -26.46 18.37
CA PRO A 334 10.40 -26.00 18.40
C PRO A 334 11.26 -26.79 19.40
N SER A 335 12.30 -27.42 18.95
CA SER A 335 13.15 -28.21 19.89
C SER A 335 14.50 -28.46 19.25
N GLY A 336 15.45 -28.90 20.03
CA GLY A 336 16.81 -29.17 19.47
C GLY A 336 16.68 -29.97 18.17
N ALA B 1 -2.20 -8.65 -40.05
CA ALA B 1 -2.32 -8.04 -41.40
C ALA B 1 -0.93 -7.98 -42.06
N THR B 2 -0.87 -8.16 -43.35
CA THR B 2 0.44 -8.10 -44.04
C THR B 2 0.74 -6.66 -44.42
N ALA B 3 1.94 -6.40 -44.86
CA ALA B 3 2.30 -5.01 -45.24
C ALA B 3 1.35 -4.48 -46.33
N ALA B 4 1.03 -5.28 -47.31
CA ALA B 4 0.12 -4.81 -48.40
C ALA B 4 -1.23 -4.38 -47.81
N GLU B 5 -1.72 -5.12 -46.86
CA GLU B 5 -3.04 -4.76 -46.26
C GLU B 5 -2.91 -3.46 -45.47
N ILE B 6 -1.88 -3.35 -44.68
CA ILE B 6 -1.70 -2.10 -43.88
C ILE B 6 -1.55 -0.91 -44.82
N ALA B 7 -0.83 -1.07 -45.90
CA ALA B 7 -0.63 0.06 -46.86
C ALA B 7 -1.97 0.48 -47.50
N ALA B 8 -2.90 -0.44 -47.66
CA ALA B 8 -4.21 -0.08 -48.31
C ALA B 8 -5.22 0.50 -47.29
N LEU B 9 -4.88 0.64 -46.04
CA LEU B 9 -5.87 1.21 -45.06
C LEU B 9 -5.87 2.75 -45.14
N PRO B 10 -7.02 3.35 -44.97
CA PRO B 10 -7.16 4.85 -45.01
C PRO B 10 -6.33 5.56 -43.93
N ARG B 11 -5.69 6.65 -44.28
CA ARG B 11 -4.87 7.40 -43.28
C ARG B 11 -5.64 8.67 -42.89
N GLN B 12 -5.62 9.01 -41.64
CA GLN B 12 -6.33 10.22 -41.16
C GLN B 12 -5.41 11.02 -40.25
N LYS B 13 -5.05 12.20 -40.68
CA LYS B 13 -4.14 13.05 -39.88
C LYS B 13 -4.98 13.75 -38.84
N VAL B 14 -4.48 13.84 -37.66
CA VAL B 14 -5.27 14.49 -36.58
C VAL B 14 -4.46 15.61 -35.90
N GLU B 15 -5.05 16.77 -35.80
CA GLU B 15 -4.38 17.91 -35.14
C GLU B 15 -4.63 17.76 -33.65
N LEU B 16 -3.59 17.76 -32.89
CA LEU B 16 -3.76 17.56 -31.42
C LEU B 16 -3.99 18.90 -30.72
N VAL B 17 -4.69 18.87 -29.62
CA VAL B 17 -4.95 20.11 -28.88
C VAL B 17 -4.11 20.07 -27.60
N ASP B 18 -4.23 21.04 -26.77
CA ASP B 18 -3.42 21.01 -25.52
C ASP B 18 -4.31 20.68 -24.30
N PRO B 19 -3.90 19.75 -23.46
CA PRO B 19 -4.67 19.38 -22.26
C PRO B 19 -5.22 20.62 -21.54
N PRO B 20 -6.28 20.47 -20.78
CA PRO B 20 -6.95 19.15 -20.58
C PRO B 20 -7.92 18.78 -21.73
N PHE B 21 -8.02 19.61 -22.73
CA PHE B 21 -8.94 19.31 -23.86
C PHE B 21 -8.42 18.11 -24.63
N VAL B 22 -9.27 17.57 -25.46
CA VAL B 22 -8.91 16.40 -26.28
C VAL B 22 -9.35 16.68 -27.71
N HIS B 23 -8.58 16.24 -28.64
CA HIS B 23 -8.90 16.48 -30.07
C HIS B 23 -10.24 15.85 -30.42
N ALA B 24 -10.82 16.31 -31.47
CA ALA B 24 -12.13 15.76 -31.92
C ALA B 24 -11.97 14.30 -32.29
N HIS B 25 -12.94 13.51 -31.93
CA HIS B 25 -12.91 12.06 -32.22
C HIS B 25 -14.31 11.49 -31.97
N SER B 26 -14.62 10.37 -32.54
CA SER B 26 -15.96 9.78 -32.34
C SER B 26 -15.84 8.60 -31.39
N GLN B 27 -16.76 8.46 -30.50
CA GLN B 27 -16.68 7.33 -29.53
C GLN B 27 -16.74 6.06 -30.33
N VAL B 28 -17.81 5.88 -31.02
CA VAL B 28 -17.95 4.68 -31.89
C VAL B 28 -17.07 4.90 -33.13
N ALA B 29 -16.31 3.92 -33.50
CA ALA B 29 -15.40 4.06 -34.67
C ALA B 29 -16.22 4.23 -35.95
N GLU B 30 -15.81 5.13 -36.79
CA GLU B 30 -16.53 5.36 -38.08
C GLU B 30 -15.72 4.71 -39.20
N GLY B 31 -16.16 3.58 -39.69
CA GLY B 31 -15.41 2.89 -40.76
C GLY B 31 -14.53 1.80 -40.13
N GLY B 32 -13.76 1.09 -40.93
CA GLY B 32 -12.89 0.01 -40.38
C GLY B 32 -11.58 0.63 -39.85
N PRO B 33 -10.57 -0.19 -39.67
CA PRO B 33 -9.24 0.25 -39.16
C PRO B 33 -8.59 1.32 -40.03
N LYS B 34 -7.97 2.29 -39.42
CA LYS B 34 -7.29 3.38 -40.20
C LYS B 34 -5.99 3.83 -39.50
N VAL B 35 -4.96 4.08 -40.28
CA VAL B 35 -3.66 4.56 -39.74
C VAL B 35 -3.81 6.02 -39.36
N VAL B 36 -3.85 6.24 -38.09
CA VAL B 36 -4.01 7.59 -37.55
C VAL B 36 -2.65 8.20 -37.51
N GLU B 37 -2.59 9.40 -37.91
CA GLU B 37 -1.25 10.07 -37.97
C GLU B 37 -1.21 11.26 -37.02
N PHE B 38 -0.22 11.29 -36.18
CA PHE B 38 -0.06 12.44 -35.23
C PHE B 38 1.42 12.88 -35.20
N THR B 39 1.69 14.16 -35.15
CA THR B 39 3.11 14.62 -35.13
C THR B 39 3.32 15.53 -33.92
N MET B 40 4.34 15.28 -33.14
CA MET B 40 4.60 16.13 -31.95
C MET B 40 6.09 16.51 -31.85
N VAL B 41 6.37 17.78 -31.73
CA VAL B 41 7.76 18.26 -31.60
C VAL B 41 8.03 18.42 -30.11
N ILE B 42 9.15 17.99 -29.68
CA ILE B 42 9.48 18.06 -28.24
C ILE B 42 10.19 19.36 -27.97
N GLU B 43 9.82 20.03 -26.93
CA GLU B 43 10.50 21.34 -26.66
C GLU B 43 10.99 21.41 -25.22
N GLU B 44 12.28 21.38 -24.99
CA GLU B 44 12.78 21.50 -23.59
C GLU B 44 12.85 22.99 -23.23
N LYS B 45 11.96 23.49 -22.40
CA LYS B 45 12.02 24.92 -22.09
C LYS B 45 11.81 25.12 -20.61
N LYS B 46 11.68 26.33 -20.22
CA LYS B 46 11.45 26.64 -18.79
C LYS B 46 10.00 27.05 -18.55
N ILE B 47 9.35 26.39 -17.62
CA ILE B 47 7.94 26.71 -17.30
C ILE B 47 7.81 26.95 -15.79
N VAL B 48 6.90 27.79 -15.42
CA VAL B 48 6.69 28.11 -14.01
C VAL B 48 5.71 27.11 -13.50
N ILE B 49 5.83 26.76 -12.29
CA ILE B 49 4.89 25.72 -11.75
C ILE B 49 4.03 26.24 -10.59
N ASP B 50 4.34 27.36 -10.01
CA ASP B 50 3.51 27.85 -8.88
C ASP B 50 3.36 29.35 -8.98
N ASP B 51 2.74 29.95 -8.00
CA ASP B 51 2.54 31.42 -8.02
C ASP B 51 3.84 32.13 -7.62
N ALA B 52 4.66 31.49 -6.82
CA ALA B 52 5.94 32.13 -6.39
C ALA B 52 6.91 32.31 -7.58
N GLY B 53 6.67 31.65 -8.68
CA GLY B 53 7.61 31.80 -9.85
C GLY B 53 8.63 30.64 -9.92
N THR B 54 8.41 29.56 -9.20
CA THR B 54 9.35 28.42 -9.25
C THR B 54 9.46 27.98 -10.69
N GLU B 55 10.64 27.72 -11.15
CA GLU B 55 10.78 27.32 -12.59
C GLU B 55 11.43 25.94 -12.73
N VAL B 56 10.91 25.15 -13.64
CA VAL B 56 11.49 23.79 -13.90
C VAL B 56 11.74 23.59 -15.43
N HIS B 57 12.95 23.22 -15.80
CA HIS B 57 13.30 23.00 -17.22
C HIS B 57 12.53 21.79 -17.67
N ALA B 58 11.38 22.02 -18.18
CA ALA B 58 10.50 20.90 -18.59
C ALA B 58 10.85 20.37 -19.97
N MET B 59 10.64 19.10 -20.14
CA MET B 59 10.87 18.41 -21.43
C MET B 59 9.48 18.10 -21.83
N ALA B 60 9.01 18.69 -22.85
CA ALA B 60 7.58 18.50 -23.09
C ALA B 60 7.29 18.13 -24.49
N PHE B 61 6.55 17.10 -24.59
CA PHE B 61 6.09 16.65 -25.93
C PHE B 61 4.96 17.58 -26.38
N ASN B 62 5.08 18.20 -27.53
CA ASN B 62 4.00 19.14 -27.97
C ASN B 62 4.08 20.47 -27.18
N GLY B 63 5.16 20.73 -26.46
CA GLY B 63 5.27 21.99 -25.69
C GLY B 63 4.27 22.04 -24.52
N THR B 64 3.75 20.92 -24.05
CA THR B 64 2.79 21.04 -22.88
C THR B 64 2.90 19.84 -21.90
N VAL B 65 2.95 20.12 -20.59
CA VAL B 65 2.97 19.04 -19.59
C VAL B 65 1.58 18.98 -18.96
N PRO B 66 0.92 17.87 -19.08
CA PRO B 66 1.46 16.67 -19.76
C PRO B 66 1.19 16.68 -21.27
N GLY B 67 2.00 15.97 -22.02
CA GLY B 67 1.77 15.91 -23.48
C GLY B 67 0.28 15.83 -23.76
N PRO B 68 -0.09 15.90 -25.00
CA PRO B 68 -1.52 15.85 -25.42
C PRO B 68 -2.06 14.41 -25.47
N LEU B 69 -3.35 14.24 -25.27
CA LEU B 69 -3.93 12.87 -25.31
C LEU B 69 -4.35 12.49 -26.74
N MET B 70 -3.73 11.48 -27.31
CA MET B 70 -4.08 11.03 -28.66
C MET B 70 -5.19 10.02 -28.51
N VAL B 71 -6.09 9.99 -29.43
CA VAL B 71 -7.24 9.04 -29.29
C VAL B 71 -7.52 8.30 -30.61
N VAL B 72 -7.43 7.01 -30.56
CA VAL B 72 -7.73 6.16 -31.73
C VAL B 72 -8.59 4.98 -31.25
N HIS B 73 -9.00 4.11 -32.12
CA HIS B 73 -9.84 2.97 -31.70
C HIS B 73 -8.99 1.71 -31.68
N GLN B 74 -9.51 0.68 -31.10
CA GLN B 74 -8.76 -0.60 -31.03
C GLN B 74 -8.64 -1.18 -32.42
N ASP B 75 -7.48 -1.60 -32.78
CA ASP B 75 -7.27 -2.16 -34.14
C ASP B 75 -6.58 -1.12 -35.02
N ASP B 76 -6.93 0.14 -34.86
CA ASP B 76 -6.31 1.21 -35.68
C ASP B 76 -4.82 1.34 -35.31
N TYR B 77 -4.00 1.70 -36.26
CA TYR B 77 -2.55 1.85 -36.00
C TYR B 77 -2.23 3.34 -35.78
N LEU B 78 -1.49 3.61 -34.75
CA LEU B 78 -1.10 5.00 -34.41
C LEU B 78 0.29 5.23 -34.98
N GLU B 79 0.40 6.19 -35.83
CA GLU B 79 1.70 6.49 -36.48
C GLU B 79 2.09 7.85 -36.01
N LEU B 80 3.13 7.92 -35.27
CA LEU B 80 3.52 9.26 -34.72
C LEU B 80 4.89 9.73 -35.19
N THR B 81 4.91 10.85 -35.86
CA THR B 81 6.21 11.46 -36.31
C THR B 81 6.70 12.37 -35.17
N LEU B 82 7.77 12.00 -34.53
CA LEU B 82 8.29 12.76 -33.40
C LEU B 82 9.46 13.52 -33.92
N ILE B 83 9.62 14.68 -33.44
CA ILE B 83 10.73 15.54 -33.92
C ILE B 83 11.43 16.23 -32.76
N ASN B 84 12.71 16.07 -32.68
CA ASN B 84 13.52 16.70 -31.60
C ASN B 84 14.36 17.81 -32.26
N PRO B 85 13.89 19.01 -32.17
CA PRO B 85 14.53 20.21 -32.78
C PRO B 85 15.99 20.36 -32.41
N GLU B 86 16.76 20.94 -33.29
CA GLU B 86 18.21 21.14 -33.00
C GLU B 86 18.38 22.08 -31.79
N THR B 87 17.42 22.93 -31.52
CA THR B 87 17.55 23.87 -30.37
C THR B 87 17.66 23.08 -29.05
N ASN B 88 17.12 21.90 -28.99
CA ASN B 88 17.18 21.10 -27.74
C ASN B 88 18.62 20.62 -27.52
N THR B 89 18.92 20.14 -26.34
CA THR B 89 20.31 19.66 -26.06
C THR B 89 20.34 18.19 -25.55
N LEU B 90 19.23 17.47 -25.48
CA LEU B 90 19.31 16.05 -24.99
C LEU B 90 18.53 15.10 -25.91
N MET B 91 19.05 13.91 -26.15
CA MET B 91 18.33 12.94 -27.02
C MET B 91 17.13 12.39 -26.25
N HIS B 92 16.01 12.21 -26.90
CA HIS B 92 14.82 11.69 -26.20
C HIS B 92 14.39 10.34 -26.78
N ASN B 93 13.12 10.06 -26.68
CA ASN B 93 12.56 8.78 -27.20
C ASN B 93 11.14 8.62 -26.62
N ILE B 94 10.27 7.87 -27.27
CA ILE B 94 8.88 7.74 -26.71
C ILE B 94 8.52 6.25 -26.52
N ASP B 95 8.02 5.91 -25.36
CA ASP B 95 7.59 4.51 -25.09
C ASP B 95 6.09 4.51 -24.76
N PHE B 96 5.26 4.04 -25.65
CA PHE B 96 3.79 4.03 -25.39
C PHE B 96 3.38 2.71 -24.74
N HIS B 97 2.91 2.79 -23.53
CA HIS B 97 2.45 1.56 -22.80
C HIS B 97 1.43 0.78 -23.67
N ALA B 98 0.71 1.45 -24.54
CA ALA B 98 -0.32 0.73 -25.37
C ALA B 98 0.29 0.03 -26.60
N ALA B 99 1.59 -0.01 -26.72
CA ALA B 99 2.21 -0.69 -27.89
C ALA B 99 2.91 -1.96 -27.42
N THR B 100 3.29 -2.81 -28.32
CA THR B 100 3.97 -4.08 -27.90
C THR B 100 5.25 -4.32 -28.72
N GLY B 101 6.40 -4.25 -28.10
CA GLY B 101 7.70 -4.53 -28.81
C GLY B 101 8.66 -3.30 -28.79
N ALA B 102 9.93 -3.50 -28.49
CA ALA B 102 10.89 -2.34 -28.51
C ALA B 102 10.65 -1.42 -27.31
N LEU B 103 10.55 -1.99 -26.15
CA LEU B 103 10.35 -1.15 -24.93
C LEU B 103 9.23 -0.12 -25.16
N GLY B 104 8.17 -0.51 -25.80
CA GLY B 104 7.04 0.45 -26.04
C GLY B 104 7.43 1.48 -27.12
N GLY B 105 8.34 1.13 -27.98
CA GLY B 105 8.75 2.10 -29.06
C GLY B 105 9.96 2.95 -28.64
N GLY B 106 10.43 2.83 -27.43
CA GLY B 106 11.60 3.65 -26.99
C GLY B 106 12.89 3.14 -27.64
N GLY B 107 12.96 1.88 -27.99
CA GLY B 107 14.20 1.33 -28.61
C GLY B 107 14.29 1.71 -30.10
N LEU B 108 13.21 2.16 -30.69
CA LEU B 108 13.26 2.53 -32.15
C LEU B 108 12.90 4.02 -32.36
N THR B 109 13.01 4.83 -31.34
CA THR B 109 12.69 6.29 -31.49
C THR B 109 13.75 7.19 -30.81
N GLU B 110 14.94 6.70 -30.55
CA GLU B 110 15.98 7.54 -29.91
C GLU B 110 16.44 8.58 -30.94
N ILE B 111 16.12 9.81 -30.72
CA ILE B 111 16.51 10.85 -31.71
C ILE B 111 17.25 11.98 -31.02
N ASN B 112 18.40 12.30 -31.51
CA ASN B 112 19.18 13.40 -30.88
C ASN B 112 18.82 14.71 -31.56
N PRO B 113 19.06 15.81 -30.92
CA PRO B 113 18.76 17.16 -31.48
C PRO B 113 18.99 17.21 -32.99
N GLY B 114 18.02 17.67 -33.73
CA GLY B 114 18.18 17.73 -35.23
C GLY B 114 17.77 16.40 -35.88
N GLU B 115 17.03 15.55 -35.19
CA GLU B 115 16.61 14.26 -35.82
C GLU B 115 15.13 13.95 -35.52
N LYS B 116 14.42 13.37 -36.46
CA LYS B 116 12.98 13.03 -36.23
C LYS B 116 12.71 11.63 -36.82
N THR B 117 11.78 10.90 -36.27
CA THR B 117 11.49 9.55 -36.82
C THR B 117 9.99 9.36 -36.91
N ILE B 118 9.57 8.20 -37.30
CA ILE B 118 8.13 7.91 -37.42
C ILE B 118 7.88 6.47 -36.97
N LEU B 119 7.17 6.28 -35.91
CA LEU B 119 6.93 4.89 -35.42
C LEU B 119 5.43 4.57 -35.52
N ARG B 120 5.12 3.42 -36.04
CA ARG B 120 3.68 3.03 -36.17
C ARG B 120 3.43 1.71 -35.40
N PHE B 121 2.45 1.70 -34.55
CA PHE B 121 2.14 0.46 -33.77
C PHE B 121 0.63 0.20 -33.80
N LYS B 122 0.26 -1.04 -33.74
CA LYS B 122 -1.18 -1.42 -33.76
C LYS B 122 -1.72 -1.36 -32.34
N ALA B 123 -2.80 -0.67 -32.20
CA ALA B 123 -3.46 -0.50 -30.89
C ALA B 123 -4.30 -1.73 -30.71
N THR B 124 -3.74 -2.68 -30.08
CA THR B 124 -4.47 -4.00 -29.95
C THR B 124 -5.30 -4.13 -28.67
N LYS B 125 -5.20 -3.22 -27.75
CA LYS B 125 -5.99 -3.33 -26.50
C LYS B 125 -6.69 -2.01 -26.22
N PRO B 126 -7.92 -2.08 -25.78
CA PRO B 126 -8.72 -0.87 -25.47
C PRO B 126 -8.48 -0.32 -24.06
N GLY B 127 -8.28 0.97 -23.92
CA GLY B 127 -8.05 1.53 -22.56
C GLY B 127 -7.05 2.69 -22.61
N VAL B 128 -7.10 3.54 -21.62
CA VAL B 128 -6.17 4.70 -21.58
C VAL B 128 -4.83 4.18 -21.11
N PHE B 129 -3.78 4.72 -21.63
CA PHE B 129 -2.44 4.23 -21.24
C PHE B 129 -1.53 5.42 -21.18
N VAL B 130 -0.49 5.34 -20.44
CA VAL B 130 0.44 6.52 -20.35
C VAL B 130 1.72 6.35 -21.21
N TYR B 131 2.04 7.34 -22.04
CA TYR B 131 3.28 7.29 -22.84
C TYR B 131 4.30 8.19 -22.14
N HIS B 132 5.56 7.97 -22.34
CA HIS B 132 6.57 8.82 -21.64
C HIS B 132 7.97 8.55 -22.22
N CYS B 133 8.80 9.58 -22.33
CA CYS B 133 10.16 9.40 -22.88
C CYS B 133 11.02 8.64 -21.88
N ALA B 134 11.94 7.82 -22.32
CA ALA B 134 12.76 7.06 -21.35
C ALA B 134 14.12 6.69 -21.95
N PRO B 135 14.99 7.65 -22.09
CA PRO B 135 16.35 7.41 -22.63
C PRO B 135 17.19 6.55 -21.68
N PRO B 136 17.70 5.44 -22.14
CA PRO B 136 18.51 4.52 -21.30
C PRO B 136 19.50 5.25 -20.36
N GLY B 137 19.35 5.08 -19.06
CA GLY B 137 20.29 5.75 -18.11
C GLY B 137 19.70 7.06 -17.53
N MET B 138 18.68 7.63 -18.13
CA MET B 138 18.13 8.90 -17.59
C MET B 138 16.62 8.87 -17.73
N VAL B 139 16.04 7.75 -17.42
CA VAL B 139 14.55 7.62 -17.54
C VAL B 139 13.82 8.55 -16.56
N PRO B 140 13.92 8.26 -15.28
CA PRO B 140 13.24 9.03 -14.20
C PRO B 140 13.39 10.53 -14.34
N TRP B 141 14.52 10.97 -14.81
CA TRP B 141 14.73 12.44 -14.96
C TRP B 141 13.82 13.00 -16.05
N HIS B 142 13.82 12.37 -17.20
CA HIS B 142 12.97 12.86 -18.33
C HIS B 142 11.47 12.80 -17.96
N VAL B 143 11.04 11.79 -17.26
CA VAL B 143 9.59 11.68 -16.91
C VAL B 143 9.21 12.73 -15.87
N VAL B 144 10.01 12.87 -14.85
CA VAL B 144 9.69 13.87 -13.79
C VAL B 144 9.73 15.26 -14.39
N SER B 145 10.59 15.47 -15.35
CA SER B 145 10.68 16.81 -15.99
C SER B 145 9.38 17.15 -16.74
N GLY B 146 8.44 16.22 -16.80
CA GLY B 146 7.17 16.49 -17.51
C GLY B 146 7.19 15.89 -18.93
N MET B 147 7.97 14.86 -19.17
CA MET B 147 7.98 14.26 -20.54
C MET B 147 7.09 13.02 -20.54
N ASN B 148 5.80 13.21 -20.42
CA ASN B 148 4.87 12.05 -20.41
C ASN B 148 3.42 12.53 -20.55
N GLY B 149 2.60 11.74 -21.16
CA GLY B 149 1.16 12.10 -21.36
C GLY B 149 0.31 10.81 -21.35
N ALA B 150 -0.63 10.65 -22.25
CA ALA B 150 -1.44 9.41 -22.26
C ALA B 150 -2.34 9.34 -23.51
N ILE B 151 -2.55 8.16 -24.04
CA ILE B 151 -3.43 8.02 -25.24
C ILE B 151 -4.64 7.15 -24.88
N MET B 152 -5.75 7.34 -25.53
CA MET B 152 -6.95 6.53 -25.21
C MET B 152 -7.40 5.73 -26.45
N VAL B 153 -7.32 4.43 -26.38
CA VAL B 153 -7.74 3.56 -27.50
C VAL B 153 -9.13 3.10 -27.15
N LEU B 154 -10.12 3.67 -27.75
CA LEU B 154 -11.52 3.30 -27.36
C LEU B 154 -12.05 2.12 -28.17
N PRO B 155 -12.79 1.25 -27.52
CA PRO B 155 -13.42 0.09 -28.19
C PRO B 155 -14.14 0.53 -29.46
N ARG B 156 -14.02 -0.22 -30.52
CA ARG B 156 -14.68 0.17 -31.81
C ARG B 156 -16.15 0.51 -31.57
N GLU B 157 -16.78 -0.15 -30.64
CA GLU B 157 -18.22 0.12 -30.37
C GLU B 157 -18.41 1.17 -29.25
N GLY B 158 -17.39 1.93 -28.91
CA GLY B 158 -17.56 2.96 -27.84
C GLY B 158 -17.33 2.34 -26.47
N LEU B 159 -17.66 3.03 -25.43
CA LEU B 159 -17.47 2.47 -24.06
C LEU B 159 -18.80 1.94 -23.48
N HIS B 160 -18.75 0.82 -22.79
CA HIS B 160 -19.97 0.25 -22.17
C HIS B 160 -19.64 -0.13 -20.73
N ASP B 161 -20.62 -0.26 -19.90
CA ASP B 161 -20.38 -0.61 -18.47
C ASP B 161 -19.90 -2.07 -18.36
N GLY B 162 -19.94 -2.62 -17.18
CA GLY B 162 -19.49 -4.04 -17.00
C GLY B 162 -20.58 -5.07 -17.42
N LYS B 163 -21.76 -4.65 -17.80
CA LYS B 163 -22.81 -5.65 -18.20
C LYS B 163 -23.12 -5.54 -19.70
N GLY B 164 -22.53 -4.60 -20.40
CA GLY B 164 -22.81 -4.45 -21.87
C GLY B 164 -23.58 -3.15 -22.22
N LYS B 165 -24.10 -2.42 -21.26
CA LYS B 165 -24.86 -1.18 -21.57
C LYS B 165 -23.91 -0.15 -22.14
N ALA B 166 -24.36 0.63 -23.08
CA ALA B 166 -23.48 1.67 -23.69
C ALA B 166 -23.39 2.93 -22.79
N LEU B 167 -22.18 3.41 -22.60
CA LEU B 167 -21.94 4.63 -21.79
C LEU B 167 -21.34 5.66 -22.74
N THR B 168 -22.03 6.73 -22.97
CA THR B 168 -21.57 7.75 -23.92
C THR B 168 -21.38 9.01 -23.16
N TYR B 169 -20.24 9.57 -23.25
CA TYR B 169 -19.95 10.81 -22.47
C TYR B 169 -20.17 12.06 -23.35
N ASP B 170 -20.73 13.09 -22.78
CA ASP B 170 -20.95 14.34 -23.57
C ASP B 170 -19.61 15.09 -23.75
N LYS B 171 -18.75 15.04 -22.76
CA LYS B 171 -17.44 15.74 -22.87
C LYS B 171 -16.37 14.91 -22.17
N ILE B 172 -15.14 15.15 -22.48
CA ILE B 172 -14.03 14.38 -21.84
C ILE B 172 -12.81 15.28 -21.63
N TYR B 173 -12.24 15.24 -20.46
CA TYR B 173 -11.06 16.07 -20.15
C TYR B 173 -9.94 15.12 -19.70
N TYR B 174 -8.73 15.48 -19.99
CA TYR B 174 -7.58 14.61 -19.61
C TYR B 174 -6.69 15.38 -18.65
N VAL B 175 -6.65 14.96 -17.43
CA VAL B 175 -5.82 15.66 -16.42
C VAL B 175 -4.57 14.84 -16.10
N GLY B 176 -3.45 15.30 -16.57
CA GLY B 176 -2.17 14.60 -16.31
C GLY B 176 -1.56 15.17 -15.03
N GLU B 177 -1.22 14.32 -14.13
CA GLU B 177 -0.65 14.76 -12.85
C GLU B 177 0.83 14.61 -12.96
N GLN B 178 1.55 15.48 -12.36
CA GLN B 178 3.02 15.39 -12.48
C GLN B 178 3.69 15.74 -11.15
N ASP B 179 4.46 14.83 -10.63
CA ASP B 179 5.17 15.10 -9.34
C ASP B 179 6.58 15.60 -9.67
N PHE B 180 6.91 16.80 -9.29
CA PHE B 180 8.25 17.33 -9.58
C PHE B 180 9.11 17.18 -8.34
N TYR B 181 10.34 17.52 -8.49
CA TYR B 181 11.31 17.42 -7.37
C TYR B 181 12.27 18.58 -7.58
N VAL B 182 11.94 19.70 -7.03
CA VAL B 182 12.77 20.90 -7.26
C VAL B 182 13.75 21.13 -6.14
N PRO B 183 14.98 21.30 -6.49
CA PRO B 183 16.07 21.55 -5.49
C PRO B 183 15.88 22.90 -4.75
N ARG B 184 16.18 22.93 -3.47
CA ARG B 184 16.03 24.19 -2.70
C ARG B 184 17.40 24.56 -2.13
N ASP B 185 17.63 25.81 -1.91
CA ASP B 185 18.96 26.24 -1.37
C ASP B 185 18.97 26.08 0.15
N GLU B 186 19.85 26.77 0.82
CA GLU B 186 19.92 26.66 2.30
C GLU B 186 18.70 27.36 2.93
N ASN B 187 18.27 28.45 2.35
CA ASN B 187 17.10 29.19 2.92
C ASN B 187 15.77 28.43 2.64
N GLY B 188 15.83 27.26 2.06
CA GLY B 188 14.55 26.52 1.77
C GLY B 188 13.81 27.10 0.54
N LYS B 189 14.44 27.96 -0.22
CA LYS B 189 13.77 28.52 -1.43
C LYS B 189 14.16 27.69 -2.64
N TYR B 190 13.28 27.59 -3.59
CA TYR B 190 13.58 26.79 -4.80
C TYR B 190 14.75 27.42 -5.54
N LYS B 191 15.54 26.61 -6.18
CA LYS B 191 16.72 27.16 -6.92
C LYS B 191 16.45 27.15 -8.43
N LYS B 192 16.96 28.13 -9.14
CA LYS B 192 16.76 28.19 -10.59
C LYS B 192 18.11 27.97 -11.26
N TYR B 193 18.12 27.46 -12.44
CA TYR B 193 19.41 27.20 -13.11
C TYR B 193 19.38 27.81 -14.50
N GLU B 194 20.47 27.76 -15.18
CA GLU B 194 20.53 28.33 -16.55
C GLU B 194 20.14 27.26 -17.59
N ALA B 195 20.76 26.11 -17.53
CA ALA B 195 20.43 25.05 -18.50
C ALA B 195 19.93 23.80 -17.75
N PRO B 196 19.19 22.97 -18.43
CA PRO B 196 18.62 21.72 -17.83
C PRO B 196 19.69 20.82 -17.20
N GLY B 197 20.87 20.78 -17.76
CA GLY B 197 21.95 19.90 -17.19
C GLY B 197 22.45 20.42 -15.82
N ASP B 198 22.44 21.71 -15.59
CA ASP B 198 22.96 22.25 -14.29
C ASP B 198 22.04 21.83 -13.14
N ALA B 199 20.85 21.40 -13.43
CA ALA B 199 19.92 20.98 -12.34
C ALA B 199 19.77 19.45 -12.29
N TYR B 200 20.64 18.72 -12.92
CA TYR B 200 20.55 17.22 -12.89
C TYR B 200 21.00 16.61 -11.54
N GLU B 201 22.17 16.95 -11.02
CA GLU B 201 22.65 16.31 -9.75
C GLU B 201 21.78 16.74 -8.57
N ASP B 202 21.45 17.99 -8.51
CA ASP B 202 20.62 18.48 -7.37
C ASP B 202 19.22 17.88 -7.45
N THR B 203 18.72 17.65 -8.63
CA THR B 203 17.36 17.06 -8.77
C THR B 203 17.40 15.60 -8.34
N VAL B 204 18.34 14.86 -8.86
CA VAL B 204 18.44 13.43 -8.48
C VAL B 204 18.37 13.31 -6.96
N LYS B 205 19.13 14.12 -6.26
CA LYS B 205 19.10 14.06 -4.77
C LYS B 205 17.65 14.17 -4.27
N VAL B 206 16.91 15.12 -4.78
CA VAL B 206 15.49 15.27 -4.35
C VAL B 206 14.67 14.06 -4.79
N MET B 207 14.90 13.59 -5.99
CA MET B 207 14.12 12.41 -6.48
C MET B 207 14.36 11.18 -5.58
N ARG B 208 15.54 11.03 -5.04
CA ARG B 208 15.82 9.84 -4.18
C ARG B 208 14.95 9.89 -2.93
N THR B 209 14.71 11.06 -2.41
CA THR B 209 13.86 11.18 -1.18
C THR B 209 12.43 10.66 -1.43
N LEU B 210 12.08 10.35 -2.66
CA LEU B 210 10.70 9.86 -2.93
C LEU B 210 9.69 10.85 -2.35
N THR B 211 10.02 12.12 -2.36
CA THR B 211 9.08 13.13 -1.81
C THR B 211 9.04 14.32 -2.76
N PRO B 212 8.03 14.39 -3.57
CA PRO B 212 7.87 15.51 -4.56
C PRO B 212 7.58 16.87 -3.91
N THR B 213 8.29 17.92 -4.29
CA THR B 213 8.03 19.26 -3.70
C THR B 213 6.70 19.81 -4.25
N HIS B 214 6.26 19.37 -5.40
CA HIS B 214 4.98 19.88 -5.97
C HIS B 214 4.32 18.78 -6.82
N VAL B 215 3.06 18.54 -6.59
CA VAL B 215 2.35 17.50 -7.37
C VAL B 215 1.19 18.23 -7.97
N VAL B 216 1.12 18.34 -9.26
CA VAL B 216 0.01 19.17 -9.76
C VAL B 216 -0.62 18.61 -11.01
N PHE B 217 -1.55 19.34 -11.52
CA PHE B 217 -2.26 18.88 -12.75
C PHE B 217 -2.09 19.94 -13.84
N ASN B 218 -1.87 19.51 -15.06
CA ASN B 218 -1.70 20.50 -16.17
C ASN B 218 -0.30 21.18 -16.16
N GLY B 219 0.61 20.77 -15.31
CA GLY B 219 1.96 21.40 -15.29
C GLY B 219 2.12 22.54 -14.23
N ALA B 220 1.14 22.85 -13.38
CA ALA B 220 1.40 23.95 -12.40
C ALA B 220 0.31 24.01 -11.33
N VAL B 221 0.67 24.38 -10.13
CA VAL B 221 -0.35 24.48 -9.05
C VAL B 221 -1.40 25.52 -9.48
N GLY B 222 -2.65 25.16 -9.42
CA GLY B 222 -3.72 26.12 -9.85
C GLY B 222 -3.80 26.22 -11.39
N ALA B 223 -3.37 25.21 -12.13
CA ALA B 223 -3.45 25.28 -13.63
C ALA B 223 -4.91 25.08 -14.11
N LEU B 224 -5.72 24.32 -13.41
CA LEU B 224 -7.12 24.07 -13.85
C LEU B 224 -8.13 24.78 -12.93
N THR B 225 -7.89 26.02 -12.63
CA THR B 225 -8.82 26.80 -11.77
C THR B 225 -9.00 28.18 -12.38
N GLY B 226 -9.88 28.97 -11.86
CA GLY B 226 -10.11 30.33 -12.41
C GLY B 226 -10.72 30.19 -13.78
N ASP B 227 -10.26 30.97 -14.72
CA ASP B 227 -10.81 30.87 -16.10
C ASP B 227 -10.47 29.50 -16.70
N LYS B 228 -9.49 28.81 -16.17
CA LYS B 228 -9.13 27.47 -16.72
C LYS B 228 -9.88 26.34 -16.00
N ALA B 229 -10.71 26.64 -15.02
CA ALA B 229 -11.45 25.55 -14.31
C ALA B 229 -12.35 24.79 -15.30
N MET B 230 -12.32 23.48 -15.28
CA MET B 230 -13.17 22.71 -16.20
C MET B 230 -14.60 23.20 -16.06
N THR B 231 -15.47 22.70 -16.86
CA THR B 231 -16.90 23.13 -16.80
C THR B 231 -17.83 21.94 -17.09
N ALA B 232 -18.97 21.94 -16.48
CA ALA B 232 -19.98 20.86 -16.68
C ALA B 232 -21.32 21.34 -16.13
N ALA B 233 -22.42 20.80 -16.61
CA ALA B 233 -23.74 21.25 -16.12
C ALA B 233 -24.53 20.04 -15.62
N VAL B 234 -25.46 20.29 -14.75
CA VAL B 234 -26.30 19.20 -14.20
C VAL B 234 -26.85 18.37 -15.35
N GLY B 235 -26.72 17.10 -15.26
CA GLY B 235 -27.23 16.21 -16.36
C GLY B 235 -26.14 15.95 -17.44
N GLU B 236 -24.96 16.50 -17.28
CA GLU B 236 -23.88 16.27 -18.28
C GLU B 236 -23.04 15.07 -17.85
N LYS B 237 -22.70 14.25 -18.78
CA LYS B 237 -21.88 13.06 -18.48
C LYS B 237 -20.47 13.40 -18.91
N VAL B 238 -19.55 13.27 -18.03
CA VAL B 238 -18.16 13.66 -18.39
C VAL B 238 -17.17 12.57 -18.01
N LEU B 239 -16.32 12.24 -18.93
CA LEU B 239 -15.29 11.21 -18.65
C LEU B 239 -13.96 11.92 -18.38
N ILE B 240 -13.39 11.69 -17.24
CA ILE B 240 -12.11 12.38 -16.89
C ILE B 240 -10.96 11.37 -16.84
N VAL B 241 -10.13 11.41 -17.84
CA VAL B 241 -8.97 10.49 -17.89
C VAL B 241 -7.86 11.13 -17.08
N HIS B 242 -7.18 10.35 -16.33
CA HIS B 242 -6.11 10.91 -15.48
C HIS B 242 -4.91 9.98 -15.57
N SER B 243 -3.76 10.54 -15.67
CA SER B 243 -2.54 9.69 -15.78
C SER B 243 -1.42 10.18 -14.85
N GLN B 244 -0.60 9.25 -14.42
CA GLN B 244 0.56 9.53 -13.53
C GLN B 244 1.67 8.57 -13.98
N ALA B 245 2.64 9.07 -14.69
CA ALA B 245 3.73 8.20 -15.24
C ALA B 245 4.97 8.33 -14.38
N ASN B 246 4.78 8.25 -13.11
CA ASN B 246 5.91 8.34 -12.15
C ASN B 246 5.39 8.51 -10.69
N ARG B 247 4.22 7.99 -10.32
CA ARG B 247 3.78 8.17 -8.91
C ARG B 247 2.34 7.72 -8.76
N ASP B 248 2.01 7.07 -7.66
CA ASP B 248 0.59 6.63 -7.49
C ASP B 248 -0.31 7.78 -6.95
N THR B 249 -1.49 7.98 -7.52
CA THR B 249 -2.39 9.03 -7.03
C THR B 249 -3.73 8.38 -6.67
N ARG B 250 -4.63 9.15 -6.18
CA ARG B 250 -5.97 8.61 -5.78
C ARG B 250 -7.01 9.71 -6.02
N PRO B 251 -7.49 9.80 -7.23
CA PRO B 251 -8.48 10.82 -7.66
C PRO B 251 -9.75 10.85 -6.82
N HIS B 252 -10.33 12.00 -6.70
CA HIS B 252 -11.60 12.15 -5.92
C HIS B 252 -12.31 13.49 -6.26
N LEU B 253 -13.52 13.43 -6.77
CA LEU B 253 -14.28 14.66 -7.10
C LEU B 253 -15.07 15.09 -5.87
N ILE B 254 -14.66 16.16 -5.27
CA ILE B 254 -15.31 16.68 -4.06
C ILE B 254 -16.73 17.06 -4.39
N GLY B 255 -17.64 16.50 -3.69
CA GLY B 255 -19.07 16.80 -3.95
C GLY B 255 -19.66 15.80 -4.97
N GLY B 256 -18.84 15.00 -5.61
CA GLY B 256 -19.38 14.03 -6.60
C GLY B 256 -18.81 12.63 -6.34
N HIS B 257 -18.73 11.84 -7.36
CA HIS B 257 -18.19 10.47 -7.23
C HIS B 257 -18.04 9.86 -8.63
N GLY B 258 -17.20 8.88 -8.75
CA GLY B 258 -16.99 8.23 -10.08
C GLY B 258 -18.07 7.18 -10.27
N ASP B 259 -19.02 7.47 -11.08
CA ASP B 259 -20.13 6.50 -11.30
C ASP B 259 -19.53 5.19 -11.78
N TYR B 260 -18.74 5.27 -12.79
CA TYR B 260 -18.07 4.07 -13.34
C TYR B 260 -16.60 4.42 -13.48
N VAL B 261 -15.72 3.67 -12.88
CA VAL B 261 -14.29 4.07 -12.98
C VAL B 261 -13.37 2.90 -13.35
N TRP B 262 -12.84 2.92 -14.54
CA TRP B 262 -11.88 1.88 -14.96
C TRP B 262 -10.57 2.26 -14.29
N ALA B 263 -10.43 1.84 -13.08
CA ALA B 263 -9.25 2.27 -12.26
C ALA B 263 -7.97 1.84 -12.93
N THR B 264 -8.00 0.68 -13.48
CA THR B 264 -6.79 0.16 -14.15
C THR B 264 -6.62 0.81 -15.53
N GLY B 265 -7.59 1.56 -15.97
CA GLY B 265 -7.46 2.21 -17.33
C GLY B 265 -7.58 1.17 -18.47
N LYS B 266 -8.25 0.07 -18.24
CA LYS B 266 -8.43 -0.98 -19.28
C LYS B 266 -9.94 -1.14 -19.47
N PHE B 267 -10.40 -1.00 -20.68
CA PHE B 267 -11.87 -1.10 -20.92
C PHE B 267 -12.37 -2.53 -20.71
N ASN B 268 -11.60 -3.51 -21.11
CA ASN B 268 -12.05 -4.91 -20.96
C ASN B 268 -12.27 -5.24 -19.49
N THR B 269 -11.52 -4.61 -18.63
CA THR B 269 -11.66 -4.87 -17.18
C THR B 269 -12.87 -4.09 -16.66
N PRO B 270 -13.87 -4.79 -16.22
CA PRO B 270 -15.12 -4.14 -15.71
C PRO B 270 -14.83 -2.91 -14.84
N PRO B 271 -15.55 -1.81 -15.04
CA PRO B 271 -15.31 -0.56 -14.24
C PRO B 271 -15.98 -0.57 -12.84
N ASP B 272 -15.21 -0.34 -11.77
CA ASP B 272 -15.86 -0.30 -10.44
C ASP B 272 -17.03 0.66 -10.55
N VAL B 273 -17.82 0.78 -9.54
CA VAL B 273 -18.98 1.72 -9.63
C VAL B 273 -19.25 2.41 -8.28
N ASP B 274 -19.76 3.61 -8.32
CA ASP B 274 -20.07 4.34 -7.07
C ASP B 274 -18.78 4.50 -6.32
N GLN B 275 -17.81 5.08 -6.94
CA GLN B 275 -16.48 5.21 -6.23
C GLN B 275 -16.27 6.62 -5.63
N GLU B 276 -15.92 6.68 -4.35
CA GLU B 276 -15.64 8.01 -3.73
C GLU B 276 -14.19 8.45 -4.06
N THR B 277 -13.26 7.52 -4.04
CA THR B 277 -11.84 7.85 -4.35
C THR B 277 -11.22 6.61 -5.00
N TRP B 278 -10.70 6.75 -6.17
CA TRP B 278 -10.13 5.57 -6.86
C TRP B 278 -8.63 5.48 -6.59
N PHE B 279 -7.94 4.74 -7.40
CA PHE B 279 -6.47 4.59 -7.20
C PHE B 279 -5.78 4.22 -8.53
N ILE B 280 -4.89 5.07 -8.97
CA ILE B 280 -4.14 4.81 -10.24
C ILE B 280 -2.67 4.73 -9.89
N PRO B 281 -2.07 3.58 -10.08
CA PRO B 281 -0.65 3.33 -9.72
C PRO B 281 0.36 4.01 -10.66
N GLY B 282 1.36 4.62 -10.11
CA GLY B 282 2.40 5.26 -10.95
C GLY B 282 2.64 4.37 -12.15
N GLY B 283 2.79 4.94 -13.30
CA GLY B 283 3.00 4.16 -14.52
C GLY B 283 1.66 3.72 -15.10
N ALA B 284 0.59 4.48 -14.91
CA ALA B 284 -0.71 4.01 -15.49
C ALA B 284 -1.75 5.13 -15.56
N ALA B 285 -2.64 5.08 -16.53
CA ALA B 285 -3.71 6.12 -16.64
C ALA B 285 -5.09 5.45 -16.50
N GLY B 286 -5.99 6.03 -15.73
CA GLY B 286 -7.33 5.41 -15.57
C GLY B 286 -8.39 6.31 -16.20
N ALA B 287 -9.63 6.09 -15.88
CA ALA B 287 -10.73 6.92 -16.46
C ALA B 287 -11.98 6.79 -15.58
N ALA B 288 -12.62 7.89 -15.30
CA ALA B 288 -13.85 7.87 -14.46
C ALA B 288 -14.97 8.61 -15.20
N PHE B 289 -16.14 8.05 -15.21
CA PHE B 289 -17.28 8.69 -15.91
C PHE B 289 -18.34 9.04 -14.87
N TYR B 290 -18.78 10.26 -14.85
CA TYR B 290 -19.79 10.63 -13.83
C TYR B 290 -20.76 11.68 -14.38
N THR B 291 -22.01 11.50 -14.09
CA THR B 291 -23.05 12.47 -14.54
C THR B 291 -23.31 13.44 -13.40
N PHE B 292 -23.05 14.69 -13.63
CA PHE B 292 -23.25 15.72 -12.57
C PHE B 292 -24.72 15.85 -12.22
N GLN B 293 -25.00 16.00 -10.96
CA GLN B 293 -26.43 16.16 -10.53
C GLN B 293 -26.63 17.48 -9.75
N GLN B 294 -25.58 18.12 -9.28
CA GLN B 294 -25.75 19.39 -8.52
C GLN B 294 -24.83 20.46 -9.09
N PRO B 295 -25.31 21.68 -9.15
CA PRO B 295 -24.53 22.83 -9.67
C PRO B 295 -23.67 23.47 -8.60
N GLY B 296 -22.64 24.16 -9.00
CA GLY B 296 -21.75 24.82 -8.01
C GLY B 296 -20.29 24.57 -8.39
N ILE B 297 -19.40 24.81 -7.48
CA ILE B 297 -17.95 24.58 -7.78
C ILE B 297 -17.44 23.35 -7.03
N TYR B 298 -16.87 22.41 -7.73
CA TYR B 298 -16.36 21.19 -7.08
C TYR B 298 -14.86 21.07 -7.34
N ALA B 299 -14.12 20.58 -6.38
CA ALA B 299 -12.65 20.44 -6.55
C ALA B 299 -12.34 18.99 -6.85
N TYR B 300 -11.49 18.74 -7.81
CA TYR B 300 -11.16 17.33 -8.14
C TYR B 300 -9.70 17.16 -7.86
N VAL B 301 -9.34 16.33 -6.94
CA VAL B 301 -7.88 16.27 -6.68
C VAL B 301 -7.44 14.98 -6.03
N ASN B 302 -6.16 14.84 -5.92
CA ASN B 302 -5.57 13.65 -5.29
C ASN B 302 -5.98 13.70 -3.85
N HIS B 303 -6.52 12.65 -3.36
CA HIS B 303 -7.00 12.70 -1.96
C HIS B 303 -5.83 12.99 -1.07
N ASN B 304 -4.72 12.32 -1.22
CA ASN B 304 -3.62 12.76 -0.31
C ASN B 304 -3.88 14.28 -0.02
N LEU B 305 -4.66 14.61 1.00
CA LEU B 305 -5.02 16.03 1.27
C LEU B 305 -3.78 16.89 1.19
N ILE B 306 -2.74 16.42 1.78
CA ILE B 306 -1.47 17.20 1.76
C ILE B 306 -1.06 17.42 0.31
N GLU B 307 -1.03 16.37 -0.45
CA GLU B 307 -0.65 16.50 -1.89
C GLU B 307 -1.67 17.39 -2.64
N ALA B 308 -2.94 17.34 -2.29
CA ALA B 308 -3.95 18.17 -3.01
C ALA B 308 -4.02 19.66 -2.53
N PHE B 309 -3.66 19.99 -1.30
CA PHE B 309 -3.79 21.42 -0.89
C PHE B 309 -2.41 22.03 -0.64
N GLU B 310 -1.53 21.28 -0.06
CA GLU B 310 -0.16 21.82 0.23
C GLU B 310 0.80 21.65 -0.97
N LEU B 311 0.64 20.66 -1.81
CA LEU B 311 1.60 20.49 -2.94
C LEU B 311 1.06 21.17 -4.19
N GLY B 312 -0.18 20.98 -4.47
CA GLY B 312 -0.81 21.60 -5.68
C GLY B 312 -1.54 20.55 -6.55
N ALA B 313 -2.15 19.51 -5.98
CA ALA B 313 -2.87 18.54 -6.84
C ALA B 313 -4.39 18.76 -6.71
N ALA B 314 -4.89 19.92 -7.07
CA ALA B 314 -6.36 20.15 -6.95
C ALA B 314 -6.86 21.10 -8.04
N ALA B 315 -7.79 20.66 -8.86
CA ALA B 315 -8.34 21.54 -9.91
C ALA B 315 -9.76 21.90 -9.51
N HIS B 316 -10.49 22.58 -10.33
CA HIS B 316 -11.89 22.93 -9.92
C HIS B 316 -12.85 22.91 -11.11
N PHE B 317 -14.00 22.28 -10.98
CA PHE B 317 -14.99 22.27 -12.10
C PHE B 317 -16.25 23.11 -11.75
N LYS B 318 -16.56 24.11 -12.56
CA LYS B 318 -17.74 24.95 -12.32
C LYS B 318 -18.90 24.26 -13.01
N VAL B 319 -20.01 24.17 -12.37
CA VAL B 319 -21.14 23.46 -12.98
C VAL B 319 -22.38 24.32 -12.88
N THR B 320 -23.05 24.47 -13.98
CA THR B 320 -24.29 25.29 -14.00
C THR B 320 -25.52 24.38 -13.94
N GLY B 321 -26.62 24.88 -13.45
CA GLY B 321 -27.84 24.04 -13.37
C GLY B 321 -28.70 24.48 -12.17
N GLU B 322 -29.61 23.63 -11.76
CA GLU B 322 -30.50 23.96 -10.62
C GLU B 322 -30.16 23.03 -9.46
N TRP B 323 -30.16 23.55 -8.29
CA TRP B 323 -29.83 22.74 -7.10
C TRP B 323 -30.93 21.72 -6.88
N ASN B 324 -30.58 20.66 -6.26
CA ASN B 324 -31.58 19.57 -5.99
C ASN B 324 -31.60 19.31 -4.49
N ASP B 325 -32.61 19.81 -3.83
CA ASP B 325 -32.70 19.63 -2.36
C ASP B 325 -32.85 18.14 -2.05
N ASP B 326 -33.64 17.46 -2.81
CA ASP B 326 -33.84 16.01 -2.56
C ASP B 326 -32.48 15.36 -2.26
N LEU B 327 -31.50 15.64 -3.07
CA LEU B 327 -30.14 15.06 -2.84
C LEU B 327 -29.48 15.70 -1.61
N MET B 328 -29.61 17.00 -1.43
CA MET B 328 -28.96 17.62 -0.25
C MET B 328 -29.62 18.95 0.05
N THR B 329 -29.84 19.24 1.30
CA THR B 329 -30.48 20.54 1.66
C THR B 329 -30.06 20.98 3.06
N SER B 330 -29.70 22.23 3.22
CA SER B 330 -29.29 22.73 4.55
C SER B 330 -30.55 23.04 5.37
N VAL B 331 -30.97 22.13 6.20
CA VAL B 331 -32.20 22.37 7.00
C VAL B 331 -31.99 23.58 7.89
N LEU B 332 -30.87 23.64 8.53
CA LEU B 332 -30.58 24.81 9.42
C LEU B 332 -29.20 25.39 9.07
N ALA B 333 -29.16 26.54 8.47
CA ALA B 333 -27.85 27.14 8.11
C ALA B 333 -27.08 27.47 9.39
N PRO B 334 -25.79 27.52 9.32
CA PRO B 334 -24.92 27.82 10.49
C PRO B 334 -25.44 29.02 11.29
N SER B 335 -25.82 28.81 12.52
CA SER B 335 -26.33 29.94 13.33
C SER B 335 -25.93 29.74 14.79
N GLY B 336 -26.47 30.55 15.66
CA GLY B 336 -26.14 30.41 17.11
C GLY B 336 -26.86 29.20 17.69
N ALA C 1 -11.21 -32.67 7.41
CA ALA C 1 -10.76 -34.09 7.46
C ALA C 1 -10.30 -34.42 8.89
N THR C 2 -10.35 -35.67 9.27
CA THR C 2 -9.92 -36.05 10.63
C THR C 2 -8.43 -36.40 10.60
N ALA C 3 -7.83 -36.54 11.75
CA ALA C 3 -6.38 -36.88 11.79
C ALA C 3 -6.14 -38.18 11.02
N ALA C 4 -6.97 -39.16 11.19
CA ALA C 4 -6.77 -40.46 10.47
C ALA C 4 -6.80 -40.21 8.97
N GLU C 5 -7.77 -39.46 8.50
CA GLU C 5 -7.85 -39.19 7.03
C GLU C 5 -6.57 -38.50 6.55
N ILE C 6 -6.08 -37.55 7.30
CA ILE C 6 -4.84 -36.83 6.88
C ILE C 6 -3.63 -37.79 6.91
N ALA C 7 -3.61 -38.68 7.86
CA ALA C 7 -2.45 -39.62 7.95
C ALA C 7 -2.44 -40.60 6.76
N ALA C 8 -3.57 -40.86 6.16
CA ALA C 8 -3.61 -41.82 5.02
C ALA C 8 -3.39 -41.10 3.67
N LEU C 9 -3.22 -39.81 3.65
CA LEU C 9 -3.01 -39.10 2.34
C LEU C 9 -1.55 -39.30 1.88
N PRO C 10 -1.33 -39.40 0.60
CA PRO C 10 0.04 -39.59 0.03
C PRO C 10 0.95 -38.37 0.28
N ARG C 11 2.18 -38.58 0.71
CA ARG C 11 3.09 -37.43 0.96
C ARG C 11 4.13 -37.33 -0.18
N GLN C 12 4.42 -36.13 -0.61
CA GLN C 12 5.42 -35.93 -1.69
C GLN C 12 6.46 -34.89 -1.24
N LYS C 13 7.71 -35.26 -1.24
CA LYS C 13 8.78 -34.34 -0.82
C LYS C 13 9.21 -33.55 -2.04
N VAL C 14 9.40 -32.29 -1.86
CA VAL C 14 9.80 -31.45 -3.01
C VAL C 14 11.11 -30.73 -2.72
N GLU C 15 11.97 -30.69 -3.70
CA GLU C 15 13.27 -30.01 -3.57
C GLU C 15 13.09 -28.59 -4.08
N LEU C 16 13.38 -27.64 -3.27
CA LEU C 16 13.17 -26.22 -3.67
C LEU C 16 14.38 -25.70 -4.42
N VAL C 17 14.16 -24.76 -5.30
CA VAL C 17 15.28 -24.17 -6.07
C VAL C 17 15.46 -22.73 -5.61
N ASP C 18 16.35 -22.01 -6.20
CA ASP C 18 16.53 -20.59 -5.76
C ASP C 18 15.90 -19.63 -6.80
N PRO C 19 15.12 -18.67 -6.35
CA PRO C 19 14.48 -17.68 -7.26
C PRO C 19 15.48 -17.15 -8.30
N PRO C 20 14.99 -16.66 -9.40
CA PRO C 20 13.52 -16.59 -9.68
C PRO C 20 12.93 -17.91 -10.18
N PHE C 21 13.73 -18.92 -10.35
CA PHE C 21 13.23 -20.23 -10.83
C PHE C 21 12.33 -20.86 -9.78
N VAL C 22 11.45 -21.71 -10.19
CA VAL C 22 10.54 -22.38 -9.27
C VAL C 22 10.81 -23.86 -9.38
N HIS C 23 10.41 -24.59 -8.41
CA HIS C 23 10.65 -26.06 -8.43
C HIS C 23 9.68 -26.72 -9.40
N ALA C 24 9.91 -27.97 -9.68
CA ALA C 24 9.02 -28.72 -10.60
C ALA C 24 7.64 -28.85 -9.96
N HIS C 25 6.62 -28.75 -10.77
CA HIS C 25 5.23 -28.87 -10.26
C HIS C 25 4.27 -28.92 -11.46
N SER C 26 3.13 -29.53 -11.30
CA SER C 26 2.16 -29.61 -12.41
C SER C 26 1.06 -28.59 -12.18
N GLN C 27 0.61 -27.95 -13.21
CA GLN C 27 -0.46 -26.92 -13.03
C GLN C 27 -1.69 -27.64 -12.53
N VAL C 28 -2.13 -28.58 -13.30
CA VAL C 28 -3.29 -29.41 -12.89
C VAL C 28 -2.81 -30.41 -11.85
N ALA C 29 -3.53 -30.54 -10.78
CA ALA C 29 -3.11 -31.46 -9.69
C ALA C 29 -3.08 -32.90 -10.18
N GLU C 30 -2.05 -33.61 -9.86
CA GLU C 30 -1.95 -35.04 -10.28
C GLU C 30 -2.38 -35.93 -9.11
N GLY C 31 -3.62 -36.33 -9.08
CA GLY C 31 -4.11 -37.17 -7.97
C GLY C 31 -4.93 -36.31 -7.01
N GLY C 32 -5.31 -36.85 -5.90
CA GLY C 32 -6.12 -36.06 -4.92
C GLY C 32 -5.18 -35.27 -3.98
N PRO C 33 -5.69 -34.87 -2.84
CA PRO C 33 -4.93 -34.10 -1.83
C PRO C 33 -3.70 -34.85 -1.33
N LYS C 34 -2.63 -34.14 -1.13
CA LYS C 34 -1.39 -34.80 -0.64
C LYS C 34 -0.57 -33.84 0.26
N VAL C 35 0.02 -34.37 1.30
CA VAL C 35 0.84 -33.57 2.24
C VAL C 35 2.21 -33.33 1.60
N VAL C 36 2.38 -32.15 1.12
CA VAL C 36 3.61 -31.76 0.44
C VAL C 36 4.60 -31.44 1.52
N GLU C 37 5.78 -31.86 1.33
CA GLU C 37 6.81 -31.63 2.38
C GLU C 37 7.95 -30.80 1.83
N PHE C 38 8.29 -29.74 2.51
CA PHE C 38 9.42 -28.88 2.07
C PHE C 38 10.26 -28.47 3.30
N THR C 39 11.56 -28.43 3.18
CA THR C 39 12.40 -28.05 4.35
C THR C 39 13.32 -26.89 3.97
N MET C 40 13.41 -25.90 4.81
CA MET C 40 14.28 -24.72 4.49
C MET C 40 15.09 -24.30 5.72
N VAL C 41 16.39 -24.23 5.59
CA VAL C 41 17.27 -23.81 6.70
C VAL C 41 17.45 -22.30 6.57
N ILE C 42 17.43 -21.62 7.65
CA ILE C 42 17.57 -20.14 7.61
C ILE C 42 19.03 -19.79 7.77
N GLU C 43 19.53 -18.92 6.95
CA GLU C 43 20.97 -18.57 7.07
C GLU C 43 21.15 -17.05 7.17
N GLU C 44 21.55 -16.55 8.31
CA GLU C 44 21.76 -15.07 8.42
C GLU C 44 23.21 -14.73 8.01
N LYS C 45 23.40 -14.08 6.88
CA LYS C 45 24.78 -13.76 6.47
C LYS C 45 24.77 -12.36 5.87
N LYS C 46 25.82 -12.02 5.21
CA LYS C 46 25.89 -10.66 4.57
C LYS C 46 25.80 -10.76 3.03
N ILE C 47 24.88 -10.03 2.44
CA ILE C 47 24.72 -10.01 0.96
C ILE C 47 24.96 -8.58 0.44
N VAL C 48 25.64 -8.48 -0.66
CA VAL C 48 25.95 -7.19 -1.27
C VAL C 48 24.74 -6.84 -2.05
N ILE C 49 24.40 -5.64 -2.05
CA ILE C 49 23.15 -5.25 -2.76
C ILE C 49 23.39 -4.32 -3.95
N ASP C 50 24.52 -3.69 -4.03
CA ASP C 50 24.75 -2.75 -5.17
C ASP C 50 26.18 -2.88 -5.68
N ASP C 51 26.58 -2.00 -6.55
CA ASP C 51 27.95 -2.07 -7.10
C ASP C 51 28.91 -1.39 -6.12
N ALA C 52 28.40 -0.48 -5.33
CA ALA C 52 29.29 0.22 -4.35
C ALA C 52 29.71 -0.73 -3.21
N GLY C 53 29.32 -1.98 -3.25
CA GLY C 53 29.72 -2.93 -2.16
C GLY C 53 28.83 -2.77 -0.91
N THR C 54 27.70 -2.09 -1.00
CA THR C 54 26.82 -1.94 0.18
C THR C 54 26.49 -3.33 0.69
N GLU C 55 26.37 -3.50 1.97
CA GLU C 55 26.08 -4.86 2.48
C GLU C 55 24.90 -4.85 3.48
N VAL C 56 24.01 -5.80 3.36
CA VAL C 56 22.87 -5.90 4.31
C VAL C 56 22.86 -7.29 5.01
N HIS C 57 22.82 -7.30 6.32
CA HIS C 57 22.80 -8.57 7.10
C HIS C 57 21.48 -9.25 6.79
N ALA C 58 21.49 -10.06 5.81
CA ALA C 58 20.25 -10.73 5.37
C ALA C 58 19.91 -11.97 6.22
N MET C 59 18.64 -12.12 6.45
CA MET C 59 18.10 -13.27 7.21
C MET C 59 17.39 -13.98 6.11
N ALA C 60 17.86 -15.09 5.72
CA ALA C 60 17.28 -15.63 4.50
C ALA C 60 16.89 -17.04 4.65
N PHE C 61 15.70 -17.25 4.30
CA PHE C 61 15.17 -18.66 4.32
C PHE C 61 15.72 -19.38 3.09
N ASN C 62 16.38 -20.50 3.25
CA ASN C 62 16.97 -21.20 2.08
C ASN C 62 18.24 -20.48 1.57
N GLY C 63 18.80 -19.57 2.34
CA GLY C 63 20.03 -18.86 1.88
C GLY C 63 19.75 -17.91 0.69
N THR C 64 18.53 -17.53 0.43
CA THR C 64 18.31 -16.59 -0.75
C THR C 64 17.16 -15.57 -0.50
N VAL C 65 17.38 -14.30 -0.84
CA VAL C 65 16.32 -13.29 -0.70
C VAL C 65 15.82 -12.99 -2.11
N PRO C 66 14.57 -13.21 -2.35
CA PRO C 66 13.61 -13.70 -1.33
C PRO C 66 13.58 -15.23 -1.25
N GLY C 67 13.18 -15.74 -0.13
CA GLY C 67 13.11 -17.22 0.02
C GLY C 67 12.57 -17.82 -1.28
N PRO C 68 12.57 -19.11 -1.37
CA PRO C 68 12.07 -19.84 -2.57
C PRO C 68 10.54 -19.92 -2.62
N LEU C 69 9.99 -20.04 -3.80
CA LEU C 69 8.50 -20.13 -3.92
C LEU C 69 8.05 -21.59 -3.85
N MET C 70 7.22 -21.92 -2.89
CA MET C 70 6.71 -23.29 -2.76
C MET C 70 5.41 -23.35 -3.54
N VAL C 71 5.14 -24.45 -4.13
CA VAL C 71 3.89 -24.53 -4.95
C VAL C 71 3.11 -25.83 -4.68
N VAL C 72 1.94 -25.70 -4.14
CA VAL C 72 1.05 -26.86 -3.88
C VAL C 72 -0.34 -26.50 -4.44
N HIS C 73 -1.27 -27.41 -4.42
CA HIS C 73 -2.62 -27.10 -4.95
C HIS C 73 -3.55 -26.79 -3.78
N GLN C 74 -4.72 -26.36 -4.09
CA GLN C 74 -5.70 -26.03 -3.03
C GLN C 74 -6.21 -27.32 -2.42
N ASP C 75 -6.23 -27.39 -1.13
CA ASP C 75 -6.68 -28.63 -0.45
C ASP C 75 -5.47 -29.38 0.08
N ASP C 76 -4.39 -29.37 -0.65
CA ASP C 76 -3.16 -30.08 -0.19
C ASP C 76 -2.61 -29.39 1.06
N TYR C 77 -2.00 -30.15 1.92
CA TYR C 77 -1.43 -29.57 3.17
C TYR C 77 0.09 -29.39 2.99
N LEU C 78 0.55 -28.23 3.29
CA LEU C 78 1.99 -27.91 3.17
C LEU C 78 2.64 -28.14 4.52
N GLU C 79 3.61 -28.99 4.55
CA GLU C 79 4.29 -29.32 5.82
C GLU C 79 5.71 -28.85 5.66
N LEU C 80 6.09 -27.89 6.41
CA LEU C 80 7.46 -27.34 6.23
C LEU C 80 8.33 -27.51 7.47
N THR C 81 9.42 -28.20 7.32
CA THR C 81 10.38 -28.37 8.46
C THR C 81 11.41 -27.24 8.37
N LEU C 82 11.35 -26.30 9.28
CA LEU C 82 12.27 -25.17 9.26
C LEU C 82 13.36 -25.48 10.23
N ILE C 83 14.49 -24.98 9.96
CA ILE C 83 15.65 -25.27 10.85
C ILE C 83 16.53 -24.02 11.01
N ASN C 84 16.75 -23.64 12.23
CA ASN C 84 17.62 -22.46 12.52
C ASN C 84 18.93 -22.99 13.09
N PRO C 85 19.94 -23.03 12.26
CA PRO C 85 21.28 -23.56 12.63
C PRO C 85 21.94 -22.86 13.82
N GLU C 86 22.73 -23.57 14.58
CA GLU C 86 23.42 -22.94 15.74
C GLU C 86 24.29 -21.75 15.27
N THR C 87 24.78 -21.79 14.05
CA THR C 87 25.64 -20.66 13.55
C THR C 87 24.89 -19.32 13.61
N ASN C 88 23.58 -19.33 13.53
CA ASN C 88 22.83 -18.04 13.55
C ASN C 88 22.86 -17.45 14.96
N THR C 89 22.38 -16.25 15.11
CA THR C 89 22.38 -15.61 16.46
C THR C 89 20.98 -15.04 16.84
N LEU C 90 19.96 -15.20 16.02
CA LEU C 90 18.62 -14.63 16.42
C LEU C 90 17.50 -15.66 16.24
N MET C 91 16.53 -15.69 17.14
CA MET C 91 15.40 -16.66 16.97
C MET C 91 14.45 -16.15 15.88
N HIS C 92 13.99 -17.03 15.01
CA HIS C 92 13.08 -16.60 13.93
C HIS C 92 11.71 -17.29 14.08
N ASN C 93 10.99 -17.34 13.00
CA ASN C 93 9.64 -17.97 12.97
C ASN C 93 9.04 -17.71 11.57
N ILE C 94 8.07 -18.48 11.13
CA ILE C 94 7.51 -18.24 9.77
C ILE C 94 5.98 -18.09 9.81
N ASP C 95 5.47 -17.04 9.23
CA ASP C 95 4.00 -16.83 9.17
C ASP C 95 3.55 -16.83 7.69
N PHE C 96 2.82 -17.84 7.28
CA PHE C 96 2.38 -17.92 5.87
C PHE C 96 0.98 -17.33 5.72
N HIS C 97 0.88 -16.28 4.97
CA HIS C 97 -0.44 -15.62 4.74
C HIS C 97 -1.47 -16.65 4.23
N ALA C 98 -1.02 -17.69 3.58
CA ALA C 98 -1.97 -18.70 3.03
C ALA C 98 -2.41 -19.73 4.09
N ALA C 99 -2.10 -19.49 5.33
CA ALA C 99 -2.53 -20.44 6.40
C ALA C 99 -3.57 -19.77 7.28
N THR C 100 -4.21 -20.52 8.13
CA THR C 100 -5.26 -19.91 9.02
C THR C 100 -5.10 -20.39 10.47
N GLY C 101 -4.69 -19.51 11.35
CA GLY C 101 -4.55 -19.88 12.81
C GLY C 101 -3.09 -19.69 13.31
N ALA C 102 -2.90 -19.16 14.52
CA ALA C 102 -1.51 -19.00 15.05
C ALA C 102 -0.71 -17.93 14.28
N LEU C 103 -1.31 -16.79 14.05
CA LEU C 103 -0.58 -15.69 13.34
C LEU C 103 0.06 -16.20 12.05
N GLY C 104 -0.60 -17.10 11.37
CA GLY C 104 -0.04 -17.62 10.09
C GLY C 104 1.08 -18.64 10.37
N GLY C 105 1.08 -19.24 11.52
CA GLY C 105 2.14 -20.25 11.84
C GLY C 105 3.31 -19.62 12.63
N GLY C 106 3.33 -18.33 12.83
CA GLY C 106 4.46 -17.70 13.58
C GLY C 106 4.36 -18.04 15.08
N GLY C 107 3.17 -18.20 15.59
CA GLY C 107 3.02 -18.52 17.05
C GLY C 107 3.46 -19.96 17.36
N LEU C 108 3.56 -20.82 16.37
CA LEU C 108 3.97 -22.23 16.64
C LEU C 108 5.27 -22.60 15.88
N THR C 109 6.09 -21.64 15.55
CA THR C 109 7.37 -21.94 14.83
C THR C 109 8.54 -21.06 15.37
N GLU C 110 8.46 -20.52 16.56
CA GLU C 110 9.58 -19.70 17.09
C GLU C 110 10.71 -20.64 17.46
N ILE C 111 11.80 -20.60 16.74
CA ILE C 111 12.91 -21.54 17.04
C ILE C 111 14.21 -20.78 17.18
N ASN C 112 14.87 -20.92 18.28
CA ASN C 112 16.16 -20.22 18.48
C ASN C 112 17.30 -21.07 17.91
N PRO C 113 18.43 -20.46 17.65
CA PRO C 113 19.61 -21.17 17.11
C PRO C 113 19.73 -22.59 17.68
N GLY C 114 19.93 -23.56 16.83
CA GLY C 114 20.03 -24.97 17.32
C GLY C 114 18.64 -25.61 17.50
N GLU C 115 17.59 -25.04 16.94
CA GLU C 115 16.24 -25.65 17.10
C GLU C 115 15.50 -25.70 15.74
N LYS C 116 14.74 -26.74 15.50
CA LYS C 116 13.96 -26.86 14.23
C LYS C 116 12.56 -27.38 14.54
N THR C 117 11.59 -27.03 13.76
CA THR C 117 10.22 -27.49 14.03
C THR C 117 9.57 -27.89 12.72
N ILE C 118 8.38 -28.39 12.81
CA ILE C 118 7.65 -28.80 11.59
C ILE C 118 6.19 -28.35 11.72
N LEU C 119 5.72 -27.55 10.81
CA LEU C 119 4.32 -27.07 10.90
C LEU C 119 3.57 -27.46 9.64
N ARG C 120 2.39 -27.97 9.80
CA ARG C 120 1.60 -28.38 8.61
C ARG C 120 0.25 -27.65 8.60
N PHE C 121 -0.08 -27.01 7.52
CA PHE C 121 -1.37 -26.29 7.43
C PHE C 121 -2.08 -26.66 6.11
N LYS C 122 -3.39 -26.57 6.09
CA LYS C 122 -4.17 -26.89 4.88
C LYS C 122 -4.27 -25.64 4.00
N ALA C 123 -3.97 -25.80 2.76
CA ALA C 123 -4.03 -24.68 1.80
C ALA C 123 -5.45 -24.62 1.32
N THR C 124 -6.23 -23.88 2.01
CA THR C 124 -7.70 -23.84 1.69
C THR C 124 -8.10 -22.76 0.66
N LYS C 125 -7.21 -21.90 0.28
CA LYS C 125 -7.57 -20.83 -0.68
C LYS C 125 -6.52 -20.79 -1.79
N PRO C 126 -6.96 -20.69 -3.01
CA PRO C 126 -6.06 -20.66 -4.19
C PRO C 126 -5.51 -19.26 -4.48
N GLY C 127 -4.21 -19.14 -4.67
CA GLY C 127 -3.65 -17.79 -4.98
C GLY C 127 -2.24 -17.64 -4.39
N VAL C 128 -1.45 -16.77 -4.96
CA VAL C 128 -0.08 -16.55 -4.46
C VAL C 128 -0.19 -15.78 -3.15
N PHE C 129 0.67 -16.07 -2.23
CA PHE C 129 0.59 -15.39 -0.93
C PHE C 129 2.00 -15.18 -0.43
N VAL C 130 2.21 -14.19 0.36
CA VAL C 130 3.62 -13.95 0.85
C VAL C 130 3.87 -14.51 2.28
N TYR C 131 4.94 -15.28 2.47
CA TYR C 131 5.29 -15.79 3.80
C TYR C 131 6.44 -14.94 4.32
N HIS C 132 6.60 -14.81 5.60
CA HIS C 132 7.70 -13.95 6.13
C HIS C 132 7.87 -14.15 7.64
N CYS C 133 9.10 -14.12 8.12
CA CYS C 133 9.34 -14.34 9.58
C CYS C 133 8.86 -13.10 10.34
N ALA C 134 8.39 -13.27 11.54
CA ALA C 134 7.90 -12.08 12.29
C ALA C 134 7.96 -12.34 13.79
N PRO C 135 9.13 -12.36 14.34
CA PRO C 135 9.33 -12.58 15.80
C PRO C 135 8.74 -11.41 16.61
N PRO C 136 7.88 -11.71 17.55
CA PRO C 136 7.23 -10.66 18.40
C PRO C 136 8.19 -9.54 18.84
N GLY C 137 7.89 -8.30 18.51
CA GLY C 137 8.79 -7.18 18.93
C GLY C 137 9.80 -6.78 17.83
N MET C 138 10.12 -7.65 16.90
CA MET C 138 11.11 -7.28 15.86
C MET C 138 10.62 -7.77 14.51
N VAL C 139 9.36 -7.58 14.26
CA VAL C 139 8.79 -8.04 12.96
C VAL C 139 9.42 -7.30 11.76
N PRO C 140 9.16 -6.03 11.64
CA PRO C 140 9.65 -5.18 10.52
C PRO C 140 11.14 -5.37 10.24
N TRP C 141 11.92 -5.56 11.27
CA TRP C 141 13.39 -5.75 11.07
C TRP C 141 13.67 -7.05 10.30
N HIS C 142 13.08 -8.14 10.71
CA HIS C 142 13.32 -9.44 10.03
C HIS C 142 12.82 -9.39 8.58
N VAL C 143 11.70 -8.78 8.34
CA VAL C 143 11.15 -8.73 6.95
C VAL C 143 12.06 -7.87 6.06
N VAL C 144 12.44 -6.71 6.53
CA VAL C 144 13.30 -5.81 5.70
C VAL C 144 14.64 -6.49 5.47
N SER C 145 15.09 -7.24 6.43
CA SER C 145 16.39 -7.95 6.27
C SER C 145 16.31 -9.00 5.14
N GLY C 146 15.19 -9.15 4.50
CA GLY C 146 15.05 -10.15 3.41
C GLY C 146 14.52 -11.48 3.94
N MET C 147 13.79 -11.48 5.03
CA MET C 147 13.26 -12.77 5.55
C MET C 147 11.80 -12.93 5.09
N ASN C 148 11.61 -13.15 3.82
CA ASN C 148 10.23 -13.29 3.31
C ASN C 148 10.26 -13.79 1.85
N GLY C 149 9.27 -14.52 1.47
CA GLY C 149 9.19 -15.06 0.07
C GLY C 149 7.71 -15.19 -0.32
N ALA C 150 7.31 -16.28 -0.94
CA ALA C 150 5.87 -16.41 -1.32
C ALA C 150 5.55 -17.83 -1.83
N ILE C 151 4.36 -18.32 -1.55
CA ILE C 151 3.96 -19.67 -2.03
C ILE C 151 2.76 -19.55 -2.97
N MET C 152 2.63 -20.44 -3.91
CA MET C 152 1.49 -20.38 -4.87
C MET C 152 0.62 -21.64 -4.76
N VAL C 153 -0.59 -21.48 -4.30
CA VAL C 153 -1.52 -22.63 -4.17
C VAL C 153 -2.39 -22.57 -5.40
N LEU C 154 -2.14 -23.43 -6.32
CA LEU C 154 -2.90 -23.35 -7.61
C LEU C 154 -4.16 -24.20 -7.59
N PRO C 155 -5.22 -23.70 -8.17
CA PRO C 155 -6.49 -24.46 -8.27
C PRO C 155 -6.23 -25.89 -8.76
N ARG C 156 -6.89 -26.87 -8.20
CA ARG C 156 -6.67 -28.27 -8.62
C ARG C 156 -6.72 -28.39 -10.13
N GLU C 157 -7.59 -27.66 -10.76
CA GLU C 157 -7.71 -27.73 -12.25
C GLU C 157 -6.79 -26.70 -12.96
N GLY C 158 -5.80 -26.16 -12.29
CA GLY C 158 -4.90 -25.17 -12.97
C GLY C 158 -5.51 -23.77 -12.92
N LEU C 159 -4.96 -22.86 -13.68
CA LEU C 159 -5.51 -21.46 -13.68
C LEU C 159 -6.45 -21.26 -14.87
N HIS C 160 -7.45 -20.42 -14.70
CA HIS C 160 -8.41 -20.15 -15.80
C HIS C 160 -8.73 -18.64 -15.77
N ASP C 161 -9.16 -18.11 -16.87
CA ASP C 161 -9.48 -16.64 -16.92
C ASP C 161 -10.74 -16.35 -16.11
N GLY C 162 -11.39 -15.24 -16.38
CA GLY C 162 -12.63 -14.89 -15.61
C GLY C 162 -13.85 -15.66 -16.18
N LYS C 163 -13.79 -16.11 -17.40
CA LYS C 163 -14.96 -16.85 -17.97
C LYS C 163 -14.86 -18.36 -17.70
N GLY C 164 -13.73 -18.82 -17.22
CA GLY C 164 -13.59 -20.30 -16.95
C GLY C 164 -12.57 -20.97 -17.92
N LYS C 165 -12.14 -20.32 -18.97
CA LYS C 165 -11.18 -20.96 -19.92
C LYS C 165 -9.88 -21.26 -19.20
N ALA C 166 -9.20 -22.28 -19.60
CA ALA C 166 -7.91 -22.64 -18.94
C ALA C 166 -6.72 -21.82 -19.51
N LEU C 167 -5.94 -21.22 -18.63
CA LEU C 167 -4.74 -20.46 -19.02
C LEU C 167 -3.55 -21.25 -18.50
N THR C 168 -2.74 -21.73 -19.39
CA THR C 168 -1.61 -22.56 -18.99
C THR C 168 -0.37 -21.85 -19.39
N TYR C 169 0.56 -21.82 -18.54
CA TYR C 169 1.82 -21.09 -18.85
C TYR C 169 2.96 -22.06 -19.14
N ASP C 170 3.82 -21.71 -20.06
CA ASP C 170 4.99 -22.58 -20.37
C ASP C 170 6.16 -22.28 -19.41
N LYS C 171 6.24 -21.08 -18.87
CA LYS C 171 7.36 -20.76 -17.95
C LYS C 171 6.86 -19.87 -16.81
N ILE C 172 7.36 -20.08 -15.63
CA ILE C 172 6.93 -19.25 -14.47
C ILE C 172 8.16 -18.77 -13.67
N TYR C 173 8.21 -17.49 -13.38
CA TYR C 173 9.36 -16.93 -12.62
C TYR C 173 8.79 -16.20 -11.41
N TYR C 174 9.51 -16.19 -10.34
CA TYR C 174 9.05 -15.51 -9.11
C TYR C 174 10.02 -14.41 -8.75
N VAL C 175 9.57 -13.19 -8.81
CA VAL C 175 10.46 -12.04 -8.50
C VAL C 175 10.03 -11.40 -7.18
N GLY C 176 10.80 -11.61 -6.16
CA GLY C 176 10.50 -11.03 -4.83
C GLY C 176 11.19 -9.69 -4.71
N GLU C 177 10.44 -8.67 -4.47
CA GLU C 177 10.99 -7.31 -4.36
C GLU C 177 11.30 -7.08 -2.91
N GLN C 178 12.30 -6.33 -2.65
CA GLN C 178 12.66 -6.08 -1.23
C GLN C 178 13.14 -4.65 -1.02
N ASP C 179 12.53 -3.95 -0.12
CA ASP C 179 12.96 -2.55 0.16
C ASP C 179 13.88 -2.56 1.39
N PHE C 180 15.10 -2.14 1.24
CA PHE C 180 16.02 -2.15 2.39
C PHE C 180 16.11 -0.75 2.99
N TYR C 181 16.88 -0.64 4.02
CA TYR C 181 17.06 0.67 4.71
C TYR C 181 18.46 0.64 5.30
N VAL C 182 19.43 1.00 4.52
CA VAL C 182 20.83 0.91 4.99
C VAL C 182 21.28 2.21 5.61
N PRO C 183 21.81 2.12 6.79
CA PRO C 183 22.33 3.32 7.52
C PRO C 183 23.60 3.91 6.87
N ARG C 184 23.70 5.23 6.79
CA ARG C 184 24.89 5.87 6.19
C ARG C 184 25.56 6.73 7.25
N ASP C 185 26.82 7.00 7.09
CA ASP C 185 27.55 7.83 8.10
C ASP C 185 27.29 9.33 7.87
N GLU C 186 28.20 10.19 8.27
CA GLU C 186 27.98 11.66 8.08
C GLU C 186 28.33 12.08 6.65
N ASN C 187 29.24 11.38 6.00
CA ASN C 187 29.62 11.77 4.61
C ASN C 187 28.63 11.18 3.57
N GLY C 188 27.71 10.35 3.97
CA GLY C 188 26.74 9.77 2.99
C GLY C 188 27.16 8.34 2.56
N LYS C 189 28.23 7.79 3.09
CA LYS C 189 28.64 6.41 2.70
C LYS C 189 27.90 5.37 3.54
N TYR C 190 27.45 4.31 2.92
CA TYR C 190 26.73 3.26 3.66
C TYR C 190 27.65 2.70 4.72
N LYS C 191 27.11 2.32 5.82
CA LYS C 191 27.95 1.78 6.92
C LYS C 191 27.89 0.24 6.91
N LYS C 192 28.97 -0.38 7.28
CA LYS C 192 28.99 -1.86 7.32
C LYS C 192 29.30 -2.29 8.74
N TYR C 193 28.85 -3.44 9.14
CA TYR C 193 29.12 -3.87 10.52
C TYR C 193 29.71 -5.25 10.52
N GLU C 194 29.67 -5.91 11.62
CA GLU C 194 30.24 -7.29 11.69
C GLU C 194 29.14 -8.29 12.09
N ALA C 195 28.09 -7.84 12.74
CA ALA C 195 27.02 -8.77 13.14
C ALA C 195 25.68 -8.14 12.81
N PRO C 196 24.65 -8.92 12.87
CA PRO C 196 23.26 -8.46 12.57
C PRO C 196 22.70 -7.53 13.65
N GLY C 197 22.98 -7.81 14.90
CA GLY C 197 22.44 -6.95 15.99
C GLY C 197 23.15 -5.57 16.01
N ASP C 198 24.40 -5.52 15.63
CA ASP C 198 25.14 -4.22 15.65
C ASP C 198 24.46 -3.20 14.74
N ALA C 199 23.73 -3.64 13.75
CA ALA C 199 23.06 -2.67 12.82
C ALA C 199 21.54 -2.54 13.11
N TYR C 200 21.07 -3.00 14.24
CA TYR C 200 19.60 -2.87 14.55
C TYR C 200 19.17 -1.40 14.85
N GLU C 201 19.84 -0.69 15.74
CA GLU C 201 19.41 0.69 16.08
C GLU C 201 19.53 1.61 14.87
N ASP C 202 20.64 1.56 14.20
CA ASP C 202 20.85 2.45 13.01
C ASP C 202 19.83 2.11 11.93
N THR C 203 19.53 0.87 11.76
CA THR C 203 18.54 0.48 10.71
C THR C 203 17.15 1.00 11.09
N VAL C 204 16.73 0.79 12.30
CA VAL C 204 15.38 1.27 12.73
C VAL C 204 15.23 2.75 12.38
N LYS C 205 16.24 3.53 12.68
CA LYS C 205 16.16 4.98 12.37
C LYS C 205 15.84 5.18 10.89
N VAL C 206 16.48 4.44 10.02
CA VAL C 206 16.21 4.59 8.56
C VAL C 206 14.82 4.05 8.24
N MET C 207 14.45 2.94 8.83
CA MET C 207 13.11 2.36 8.53
C MET C 207 12.00 3.34 8.92
N ARG C 208 12.17 4.08 9.98
CA ARG C 208 11.11 5.05 10.40
C ARG C 208 10.87 6.09 9.29
N THR C 209 11.91 6.49 8.62
CA THR C 209 11.75 7.50 7.54
C THR C 209 10.83 6.98 6.42
N LEU C 210 10.46 5.72 6.44
CA LEU C 210 9.57 5.19 5.36
C LEU C 210 10.19 5.48 3.98
N THR C 211 11.50 5.55 3.91
CA THR C 211 12.15 5.82 2.60
C THR C 211 13.30 4.83 2.43
N PRO C 212 13.08 3.80 1.66
CA PRO C 212 14.11 2.74 1.42
C PRO C 212 15.32 3.22 0.61
N THR C 213 16.52 2.96 1.09
CA THR C 213 17.73 3.40 0.33
C THR C 213 17.86 2.55 -0.96
N HIS C 214 17.29 1.38 -1.00
CA HIS C 214 17.40 0.53 -2.22
C HIS C 214 16.19 -0.40 -2.30
N VAL C 215 15.59 -0.49 -3.46
CA VAL C 215 14.41 -1.37 -3.62
C VAL C 215 14.75 -2.25 -4.79
N VAL C 216 14.92 -3.51 -4.59
CA VAL C 216 15.37 -4.28 -5.76
C VAL C 216 14.68 -5.61 -5.86
N PHE C 217 15.12 -6.40 -6.78
CA PHE C 217 14.50 -7.73 -6.98
C PHE C 217 15.57 -8.81 -6.86
N ASN C 218 15.28 -9.86 -6.15
CA ASN C 218 16.29 -10.96 -5.97
C ASN C 218 17.38 -10.61 -4.93
N GLY C 219 17.22 -9.55 -4.16
CA GLY C 219 18.25 -9.20 -3.13
C GLY C 219 19.44 -8.34 -3.69
N ALA C 220 19.36 -7.69 -4.84
CA ALA C 220 20.53 -6.85 -5.27
C ALA C 220 20.22 -6.03 -6.54
N VAL C 221 20.65 -4.78 -6.58
CA VAL C 221 20.42 -3.97 -7.81
C VAL C 221 21.08 -4.69 -8.98
N GLY C 222 20.36 -4.90 -10.04
CA GLY C 222 20.95 -5.62 -11.20
C GLY C 222 21.05 -7.14 -10.93
N ALA C 223 20.23 -7.69 -10.04
CA ALA C 223 20.31 -9.16 -9.78
C ALA C 223 19.68 -10.00 -10.92
N LEU C 224 18.55 -9.60 -11.46
CA LEU C 224 17.88 -10.40 -12.55
C LEU C 224 18.20 -9.86 -13.95
N THR C 225 19.41 -9.46 -14.18
CA THR C 225 19.85 -8.97 -15.52
C THR C 225 21.24 -9.55 -15.83
N GLY C 226 21.56 -9.73 -17.08
CA GLY C 226 22.88 -10.32 -17.45
C GLY C 226 22.75 -11.83 -17.40
N ASP C 227 23.57 -12.47 -16.62
CA ASP C 227 23.46 -13.96 -16.52
C ASP C 227 22.12 -14.37 -15.87
N LYS C 228 21.49 -13.48 -15.12
CA LYS C 228 20.18 -13.85 -14.48
C LYS C 228 18.97 -13.31 -15.27
N ALA C 229 19.17 -12.60 -16.35
CA ALA C 229 17.98 -12.08 -17.11
C ALA C 229 17.03 -13.24 -17.45
N MET C 230 15.76 -13.09 -17.15
CA MET C 230 14.80 -14.16 -17.47
C MET C 230 14.87 -14.43 -18.96
N THR C 231 14.20 -15.43 -19.40
CA THR C 231 14.20 -15.76 -20.84
C THR C 231 12.79 -16.19 -21.29
N ALA C 232 12.49 -15.95 -22.54
CA ALA C 232 11.16 -16.33 -23.10
C ALA C 232 11.22 -16.14 -24.63
N ALA C 233 10.46 -16.91 -25.38
CA ALA C 233 10.49 -16.78 -26.85
C ALA C 233 9.10 -16.41 -27.36
N VAL C 234 9.05 -15.69 -28.43
CA VAL C 234 7.75 -15.27 -29.01
C VAL C 234 6.83 -16.46 -29.05
N GLY C 235 5.61 -16.27 -28.64
CA GLY C 235 4.63 -17.40 -28.63
C GLY C 235 4.61 -18.14 -27.26
N GLU C 236 5.51 -17.84 -26.36
CA GLU C 236 5.53 -18.52 -25.05
C GLU C 236 4.69 -17.74 -24.04
N LYS C 237 4.03 -18.44 -23.18
CA LYS C 237 3.18 -17.80 -22.15
C LYS C 237 3.94 -17.91 -20.86
N VAL C 238 4.04 -16.86 -20.14
CA VAL C 238 4.83 -16.90 -18.90
C VAL C 238 4.10 -16.23 -17.76
N LEU C 239 4.11 -16.86 -16.63
CA LEU C 239 3.45 -16.29 -15.43
C LEU C 239 4.53 -15.72 -14.52
N ILE C 240 4.44 -14.46 -14.18
CA ILE C 240 5.46 -13.82 -13.33
C ILE C 240 4.85 -13.45 -11.97
N VAL C 241 5.13 -14.25 -10.98
CA VAL C 241 4.62 -13.97 -9.62
C VAL C 241 5.54 -12.96 -8.97
N HIS C 242 4.98 -12.04 -8.28
CA HIS C 242 5.80 -10.99 -7.65
C HIS C 242 5.27 -10.74 -6.25
N SER C 243 6.14 -10.59 -5.32
CA SER C 243 5.68 -10.36 -3.92
C SER C 243 6.49 -9.26 -3.23
N GLN C 244 5.83 -8.55 -2.35
CA GLN C 244 6.45 -7.46 -1.55
C GLN C 244 5.85 -7.58 -0.14
N ALA C 245 6.63 -8.04 0.80
CA ALA C 245 6.12 -8.27 2.18
C ALA C 245 6.60 -7.16 3.11
N ASN C 246 6.45 -5.98 2.65
CA ASN C 246 6.85 -4.77 3.43
C ASN C 246 6.86 -3.50 2.54
N ARG C 247 5.99 -3.38 1.54
CA ARG C 247 6.02 -2.14 0.72
C ARG C 247 5.14 -2.30 -0.51
N ASP C 248 4.40 -1.29 -0.88
CA ASP C 248 3.53 -1.42 -2.10
C ASP C 248 4.36 -1.17 -3.40
N THR C 249 4.19 -2.01 -4.41
CA THR C 249 4.92 -1.81 -5.69
C THR C 249 3.90 -1.73 -6.83
N ARG C 250 4.37 -1.53 -8.01
CA ARG C 250 3.48 -1.44 -9.21
C ARG C 250 4.23 -1.99 -10.42
N PRO C 251 4.15 -3.28 -10.60
CA PRO C 251 4.85 -4.01 -11.69
C PRO C 251 4.49 -3.50 -13.09
N HIS C 252 5.42 -3.57 -13.98
CA HIS C 252 5.18 -3.13 -15.39
C HIS C 252 6.25 -3.72 -16.35
N LEU C 253 5.82 -4.54 -17.29
CA LEU C 253 6.75 -5.13 -18.29
C LEU C 253 6.90 -4.15 -19.45
N ILE C 254 8.04 -3.56 -19.55
CA ILE C 254 8.34 -2.57 -20.60
C ILE C 254 8.31 -3.27 -21.93
N GLY C 255 7.53 -2.76 -22.81
CA GLY C 255 7.43 -3.41 -24.15
C GLY C 255 6.28 -4.44 -24.16
N GLY C 256 5.76 -4.83 -23.02
CA GLY C 256 4.66 -5.83 -23.01
C GLY C 256 3.57 -5.39 -22.05
N HIS C 257 2.78 -6.31 -21.59
CA HIS C 257 1.68 -5.96 -20.66
C HIS C 257 1.20 -7.23 -19.94
N GLY C 258 0.40 -7.06 -18.93
CA GLY C 258 -0.12 -8.23 -18.18
C GLY C 258 -1.44 -8.64 -18.80
N ASP C 259 -1.41 -9.60 -19.66
CA ASP C 259 -2.66 -10.03 -20.34
C ASP C 259 -3.72 -10.27 -19.28
N TYR C 260 -3.41 -11.12 -18.37
CA TYR C 260 -4.34 -11.42 -17.25
C TYR C 260 -3.56 -11.21 -15.96
N VAL C 261 -4.03 -10.39 -15.06
CA VAL C 261 -3.22 -10.15 -13.83
C VAL C 261 -4.06 -10.24 -12.56
N TRP C 262 -3.85 -11.26 -11.79
CA TRP C 262 -4.57 -11.38 -10.49
C TRP C 262 -3.83 -10.46 -9.55
N ALA C 263 -4.18 -9.21 -9.58
CA ALA C 263 -3.45 -8.18 -8.80
C ALA C 263 -3.49 -8.53 -7.33
N THR C 264 -4.61 -8.93 -6.89
CA THR C 264 -4.77 -9.29 -5.45
C THR C 264 -4.07 -10.63 -5.15
N GLY C 265 -3.60 -11.31 -6.16
CA GLY C 265 -2.92 -12.63 -5.89
C GLY C 265 -3.94 -13.70 -5.39
N LYS C 266 -5.18 -13.60 -5.79
CA LYS C 266 -6.20 -14.59 -5.37
C LYS C 266 -6.84 -15.12 -6.66
N PHE C 267 -6.81 -16.39 -6.85
CA PHE C 267 -7.36 -16.98 -8.12
C PHE C 267 -8.89 -16.81 -8.18
N ASN C 268 -9.56 -16.97 -7.09
CA ASN C 268 -11.04 -16.85 -7.08
C ASN C 268 -11.43 -15.48 -7.59
N THR C 269 -10.63 -14.50 -7.31
CA THR C 269 -10.95 -13.13 -7.77
C THR C 269 -10.56 -13.00 -9.25
N PRO C 270 -11.52 -12.75 -10.10
CA PRO C 270 -11.27 -12.61 -11.57
C PRO C 270 -10.02 -11.77 -11.87
N PRO C 271 -9.19 -12.18 -12.81
CA PRO C 271 -7.94 -11.42 -13.14
C PRO C 271 -8.15 -10.20 -14.08
N ASP C 272 -7.74 -9.00 -13.69
CA ASP C 272 -7.90 -7.86 -14.61
C ASP C 272 -7.29 -8.27 -15.95
N VAL C 273 -7.49 -7.52 -16.98
CA VAL C 273 -6.91 -7.93 -18.30
C VAL C 273 -6.38 -6.70 -19.07
N ASP C 274 -5.38 -6.91 -19.89
CA ASP C 274 -4.82 -5.81 -20.70
C ASP C 274 -4.28 -4.79 -19.73
N GLN C 275 -3.44 -5.22 -18.85
CA GLN C 275 -2.92 -4.24 -17.83
C GLN C 275 -1.53 -3.69 -18.19
N GLU C 276 -1.37 -2.37 -18.22
CA GLU C 276 -0.02 -1.78 -18.49
C GLU C 276 0.83 -1.79 -17.20
N THR C 277 0.24 -1.48 -16.06
CA THR C 277 0.97 -1.45 -14.78
C THR C 277 -0.02 -1.87 -13.69
N TRP C 278 0.31 -2.85 -12.93
CA TRP C 278 -0.63 -3.33 -11.89
C TRP C 278 -0.31 -2.70 -10.55
N PHE C 279 -0.79 -3.28 -9.48
CA PHE C 279 -0.52 -2.72 -8.14
C PHE C 279 -0.63 -3.81 -7.07
N ILE C 280 0.45 -4.07 -6.37
CA ILE C 280 0.44 -5.10 -5.30
C ILE C 280 0.79 -4.39 -4.00
N PRO C 281 -0.12 -4.39 -3.07
CA PRO C 281 0.06 -3.70 -1.75
C PRO C 281 1.01 -4.43 -0.79
N GLY C 282 1.91 -3.70 -0.18
CA GLY C 282 2.83 -4.32 0.79
C GLY C 282 2.07 -5.40 1.54
N GLY C 283 2.72 -6.47 1.82
CA GLY C 283 2.06 -7.60 2.52
C GLY C 283 1.23 -8.42 1.53
N ALA C 284 1.61 -8.50 0.27
CA ALA C 284 0.76 -9.31 -0.67
C ALA C 284 1.52 -9.69 -1.95
N ALA C 285 1.27 -10.86 -2.48
CA ALA C 285 1.94 -11.27 -3.76
C ALA C 285 0.89 -11.45 -4.87
N GLY C 286 1.15 -10.97 -6.06
CA GLY C 286 0.16 -11.11 -7.16
C GLY C 286 0.75 -12.00 -8.26
N ALA C 287 0.15 -11.97 -9.42
CA ALA C 287 0.65 -12.80 -10.55
C ALA C 287 0.13 -12.23 -11.87
N ALA C 288 0.97 -12.20 -12.87
CA ALA C 288 0.56 -11.67 -14.20
C ALA C 288 0.98 -12.67 -15.27
N PHE C 289 0.09 -12.96 -16.17
CA PHE C 289 0.41 -13.94 -17.24
C PHE C 289 0.40 -13.21 -18.57
N TYR C 290 1.38 -13.41 -19.37
CA TYR C 290 1.43 -12.70 -20.67
C TYR C 290 2.12 -13.55 -21.73
N THR C 291 1.61 -13.51 -22.92
CA THR C 291 2.20 -14.27 -24.04
C THR C 291 3.06 -13.32 -24.85
N PHE C 292 4.33 -13.59 -24.92
CA PHE C 292 5.25 -12.70 -25.67
C PHE C 292 4.94 -12.72 -27.16
N GLN C 293 4.96 -11.57 -27.78
CA GLN C 293 4.69 -11.49 -29.24
C GLN C 293 5.88 -10.86 -30.00
N GLN C 294 6.82 -10.25 -29.31
CA GLN C 294 7.98 -9.63 -30.02
C GLN C 294 9.28 -10.00 -29.32
N PRO C 295 10.31 -10.26 -30.09
CA PRO C 295 11.65 -10.64 -29.57
C PRO C 295 12.50 -9.43 -29.22
N GLY C 296 13.41 -9.57 -28.30
CA GLY C 296 14.26 -8.42 -27.92
C GLY C 296 14.43 -8.41 -26.40
N ILE C 297 14.97 -7.35 -25.88
CA ILE C 297 15.17 -7.26 -24.40
C ILE C 297 14.10 -6.34 -23.80
N TYR C 298 13.39 -6.82 -22.82
CA TYR C 298 12.33 -6.01 -22.17
C TYR C 298 12.65 -5.88 -20.68
N ALA C 299 12.46 -4.73 -20.13
CA ALA C 299 12.75 -4.52 -18.69
C ALA C 299 11.47 -4.67 -17.92
N TYR C 300 11.54 -5.22 -16.75
CA TYR C 300 10.29 -5.42 -15.98
C TYR C 300 10.53 -4.79 -14.64
N VAL C 301 9.83 -3.77 -14.28
CA VAL C 301 10.20 -3.19 -12.97
C VAL C 301 9.10 -2.37 -12.34
N ASN C 302 9.35 -1.98 -11.13
CA ASN C 302 8.39 -1.17 -10.37
C ASN C 302 8.27 0.13 -11.12
N HIS C 303 7.10 0.52 -11.45
CA HIS C 303 6.98 1.77 -12.26
C HIS C 303 7.62 2.90 -11.48
N ASN C 304 7.30 3.09 -10.23
CA ASN C 304 8.04 4.19 -9.56
C ASN C 304 9.41 4.31 -10.30
N LEU C 305 9.47 5.10 -11.36
CA LEU C 305 10.71 5.20 -12.18
C LEU C 305 11.91 5.38 -11.27
N ILE C 306 11.75 6.21 -10.31
CA ILE C 306 12.87 6.46 -9.36
C ILE C 306 13.22 5.15 -8.68
N GLU C 307 12.23 4.51 -8.13
CA GLU C 307 12.48 3.19 -7.47
C GLU C 307 13.06 2.16 -8.48
N ALA C 308 12.67 2.21 -9.74
CA ALA C 308 13.20 1.22 -10.73
C ALA C 308 14.58 1.61 -11.35
N PHE C 309 14.95 2.87 -11.43
CA PHE C 309 16.26 3.19 -12.07
C PHE C 309 17.24 3.75 -11.06
N GLU C 310 16.75 4.52 -10.14
CA GLU C 310 17.66 5.12 -9.12
C GLU C 310 17.82 4.21 -7.88
N LEU C 311 16.85 3.39 -7.54
CA LEU C 311 17.01 2.54 -6.33
C LEU C 311 17.53 1.17 -6.73
N GLY C 312 16.95 0.59 -7.74
CA GLY C 312 17.40 -0.76 -8.20
C GLY C 312 16.20 -1.74 -8.41
N ALA C 313 15.00 -1.28 -8.72
CA ALA C 313 13.88 -2.24 -8.95
C ALA C 313 13.68 -2.46 -10.45
N ALA C 314 14.62 -3.07 -11.14
CA ALA C 314 14.44 -3.30 -12.60
C ALA C 314 15.19 -4.55 -13.06
N ALA C 315 14.49 -5.51 -13.63
CA ALA C 315 15.16 -6.74 -14.12
C ALA C 315 15.01 -6.75 -15.63
N HIS C 316 15.46 -7.75 -16.30
CA HIS C 316 15.29 -7.73 -17.79
C HIS C 316 15.06 -9.13 -18.39
N PHE C 317 14.06 -9.27 -19.26
CA PHE C 317 13.83 -10.59 -19.93
C PHE C 317 14.31 -10.55 -21.41
N LYS C 318 15.10 -11.52 -21.83
CA LYS C 318 15.61 -11.59 -23.20
C LYS C 318 14.72 -12.57 -23.91
N VAL C 319 14.19 -12.19 -25.01
CA VAL C 319 13.25 -13.07 -25.71
C VAL C 319 13.73 -13.28 -27.11
N THR C 320 13.60 -14.47 -27.56
CA THR C 320 14.06 -14.79 -28.95
C THR C 320 12.86 -15.03 -29.84
N GLY C 321 13.03 -14.91 -31.13
CA GLY C 321 11.87 -15.14 -32.06
C GLY C 321 11.98 -14.21 -33.28
N GLU C 322 10.89 -14.02 -33.97
CA GLU C 322 10.90 -13.14 -35.17
C GLU C 322 10.09 -11.89 -34.84
N TRP C 323 10.54 -10.77 -35.31
CA TRP C 323 9.84 -9.50 -35.04
C TRP C 323 8.56 -9.46 -35.86
N ASN C 324 7.58 -8.79 -35.34
CA ASN C 324 6.27 -8.67 -36.04
C ASN C 324 6.04 -7.20 -36.36
N ASP C 325 6.17 -6.84 -37.60
CA ASP C 325 6.00 -5.42 -37.99
C ASP C 325 4.55 -5.00 -37.78
N ASP C 326 3.64 -5.87 -38.10
CA ASP C 326 2.20 -5.53 -37.93
C ASP C 326 2.01 -4.85 -36.57
N LEU C 327 2.50 -5.45 -35.53
CA LEU C 327 2.38 -4.86 -34.17
C LEU C 327 3.17 -3.55 -34.08
N MET C 328 4.38 -3.49 -34.59
CA MET C 328 5.14 -2.21 -34.47
C MET C 328 6.25 -2.16 -35.50
N THR C 329 6.39 -1.06 -36.16
CA THR C 329 7.46 -0.95 -37.19
C THR C 329 7.98 0.50 -37.26
N SER C 330 9.28 0.68 -37.36
CA SER C 330 9.84 2.06 -37.46
C SER C 330 9.78 2.51 -38.91
N VAL C 331 8.74 3.22 -39.27
CA VAL C 331 8.60 3.67 -40.68
C VAL C 331 9.82 4.50 -41.06
N LEU C 332 10.17 5.41 -40.22
CA LEU C 332 11.36 6.26 -40.50
C LEU C 332 12.32 6.22 -39.31
N ALA C 333 13.42 5.52 -39.44
CA ALA C 333 14.39 5.43 -38.31
C ALA C 333 14.94 6.83 -38.02
N PRO C 334 15.38 7.04 -36.81
CA PRO C 334 15.93 8.34 -36.37
C PRO C 334 16.94 8.90 -37.38
N SER C 335 16.69 10.05 -37.92
CA SER C 335 17.65 10.63 -38.91
C SER C 335 17.71 12.14 -38.74
N GLY C 336 18.24 12.83 -39.70
CA GLY C 336 18.33 14.31 -39.61
C GLY C 336 17.03 14.93 -40.10
N GLU D 1 23.29 -1.72 47.72
CA GLU D 1 23.06 -0.64 46.76
C GLU D 1 22.21 -1.12 45.57
N ASN D 2 21.97 -0.22 44.64
CA ASN D 2 21.07 -0.47 43.53
C ASN D 2 21.82 -0.46 42.21
N ILE D 3 21.42 -1.37 41.32
CA ILE D 3 22.01 -1.43 39.99
C ILE D 3 20.88 -1.33 38.97
N GLU D 4 21.01 -0.35 38.08
CA GLU D 4 19.95 -0.14 37.11
C GLU D 4 20.26 -0.84 35.79
N VAL D 5 19.26 -1.55 35.26
CA VAL D 5 19.43 -2.32 34.02
C VAL D 5 18.35 -1.86 33.05
N HIS D 6 18.68 -1.64 31.78
CA HIS D 6 17.66 -1.25 30.81
C HIS D 6 17.37 -2.43 29.86
N MET D 7 16.10 -2.50 29.46
CA MET D 7 15.64 -3.49 28.48
C MET D 7 15.40 -2.72 27.17
N LEU D 8 16.10 -3.15 26.13
CA LEU D 8 16.04 -2.45 24.86
C LEU D 8 15.79 -3.37 23.67
N ASN D 9 15.18 -2.81 22.63
CA ASN D 9 14.97 -3.55 21.38
C ASN D 9 16.30 -3.67 20.63
N LYS D 10 17.19 -2.71 20.84
CA LYS D 10 18.47 -2.76 20.15
C LYS D 10 19.55 -2.10 21.00
N GLY D 11 20.71 -2.71 21.10
CA GLY D 11 21.77 -2.11 21.92
C GLY D 11 23.11 -2.54 21.37
N ALA D 12 24.15 -2.51 22.18
CA ALA D 12 25.49 -2.83 21.70
C ALA D 12 25.62 -4.24 21.14
N GLU D 13 25.00 -5.23 21.78
CA GLU D 13 25.20 -6.59 21.28
C GLU D 13 24.24 -6.99 20.19
N GLY D 14 23.31 -6.14 19.78
CA GLY D 14 22.37 -6.51 18.75
C GLY D 14 20.94 -6.24 19.19
N ALA D 15 19.99 -7.02 18.69
CA ALA D 15 18.59 -6.85 19.01
C ALA D 15 18.25 -7.57 20.33
N MET D 16 17.28 -7.01 21.04
CA MET D 16 16.65 -7.54 22.22
C MET D 16 17.66 -7.82 23.35
N VAL D 17 18.03 -6.76 24.08
CA VAL D 17 19.09 -6.95 25.06
C VAL D 17 18.80 -6.28 26.41
N PHE D 18 19.53 -6.79 27.41
CA PHE D 18 19.54 -6.18 28.74
C PHE D 18 20.87 -5.42 28.78
N GLU D 19 20.90 -4.19 29.28
CA GLU D 19 22.16 -3.45 29.39
C GLU D 19 22.26 -2.90 30.81
N PRO D 20 23.23 -3.32 31.61
CA PRO D 20 24.26 -4.30 31.29
C PRO D 20 23.73 -5.72 31.30
N ALA D 21 24.45 -6.68 30.72
CA ALA D 21 23.91 -8.05 30.72
C ALA D 21 24.67 -8.86 31.75
N TYR D 22 25.66 -8.21 32.38
CA TYR D 22 26.43 -8.88 33.44
C TYR D 22 26.29 -7.97 34.66
N ILE D 23 25.70 -8.48 35.73
CA ILE D 23 25.44 -7.65 36.90
C ILE D 23 26.10 -8.27 38.12
N LYS D 24 26.98 -7.48 38.73
CA LYS D 24 27.70 -7.97 39.90
C LYS D 24 27.05 -7.39 41.15
N ALA D 25 26.64 -8.23 42.10
CA ALA D 25 25.94 -7.65 43.24
C ALA D 25 26.26 -8.41 44.52
N ASN D 26 25.80 -7.90 45.66
CA ASN D 26 26.00 -8.59 46.93
C ASN D 26 24.65 -8.84 47.61
N PRO D 27 24.55 -9.77 48.54
CA PRO D 27 23.26 -10.03 49.23
C PRO D 27 22.69 -8.76 49.85
N GLY D 28 21.42 -8.46 49.62
CA GLY D 28 20.80 -7.24 50.10
C GLY D 28 20.76 -6.16 49.03
N ASP D 29 21.51 -6.27 47.94
CA ASP D 29 21.45 -5.25 46.87
C ASP D 29 20.14 -5.36 46.10
N THR D 30 19.79 -4.30 45.36
CA THR D 30 18.63 -4.40 44.50
C THR D 30 19.08 -4.18 43.05
N VAL D 31 18.33 -4.80 42.15
CA VAL D 31 18.53 -4.68 40.72
C VAL D 31 17.20 -4.12 40.19
N THR D 32 17.29 -2.94 39.58
CA THR D 32 16.09 -2.32 39.03
C THR D 32 16.09 -2.43 37.50
N PHE D 33 15.08 -3.11 36.99
CA PHE D 33 14.94 -3.38 35.56
C PHE D 33 13.97 -2.36 34.96
N ILE D 34 14.45 -1.58 33.99
CA ILE D 34 13.64 -0.53 33.40
C ILE D 34 13.38 -0.77 31.92
N PRO D 35 12.15 -1.06 31.53
CA PRO D 35 11.92 -1.26 30.09
C PRO D 35 11.90 0.09 29.37
N VAL D 36 13.00 0.42 28.71
CA VAL D 36 13.11 1.66 27.94
C VAL D 36 12.27 1.55 26.67
N ASP D 37 12.24 0.36 26.09
CA ASP D 37 11.34 0.11 24.97
C ASP D 37 10.21 -0.77 25.47
N LYS D 38 9.08 -0.81 24.78
CA LYS D 38 8.00 -1.67 25.25
C LYS D 38 8.19 -3.12 24.76
N GLY D 39 7.52 -4.06 25.42
CA GLY D 39 7.52 -5.44 25.02
C GLY D 39 8.44 -6.34 25.81
N HIS D 40 9.00 -5.84 26.92
CA HIS D 40 9.95 -6.65 27.68
C HIS D 40 9.56 -6.88 29.13
N ASN D 41 10.09 -7.94 29.74
CA ASN D 41 9.86 -8.26 31.15
C ASN D 41 11.12 -8.98 31.64
N VAL D 42 11.10 -9.52 32.83
CA VAL D 42 12.25 -10.27 33.35
C VAL D 42 11.68 -11.44 34.16
N GLU D 43 12.28 -12.60 33.99
CA GLU D 43 11.80 -13.85 34.60
C GLU D 43 13.01 -14.74 34.92
N SER D 44 13.06 -15.33 36.11
CA SER D 44 14.19 -16.19 36.40
C SER D 44 14.02 -17.48 35.60
N ILE D 45 15.13 -18.09 35.19
CA ILE D 45 15.04 -19.32 34.41
C ILE D 45 15.11 -20.53 35.32
N LYS D 46 14.23 -21.49 35.11
CA LYS D 46 14.19 -22.73 35.94
C LYS D 46 15.54 -23.43 36.02
N ASP D 47 15.95 -23.70 37.23
CA ASP D 47 17.20 -24.38 37.52
C ASP D 47 18.44 -23.60 37.16
N MET D 48 18.26 -22.28 36.93
CA MET D 48 19.44 -21.45 36.69
C MET D 48 19.44 -20.27 37.65
N ILE D 49 19.00 -20.52 38.87
CA ILE D 49 19.11 -19.61 40.01
C ILE D 49 19.59 -20.46 41.18
N PRO D 50 20.18 -19.84 42.18
CA PRO D 50 20.73 -20.64 43.28
C PRO D 50 19.69 -21.39 44.09
N GLU D 51 20.14 -22.50 44.66
CA GLU D 51 19.41 -23.42 45.48
C GLU D 51 18.22 -22.92 46.28
N GLY D 52 18.35 -21.92 47.14
CA GLY D 52 17.22 -21.47 47.95
C GLY D 52 16.61 -20.14 47.61
N ALA D 53 16.82 -19.72 46.36
CA ALA D 53 16.30 -18.40 45.98
C ALA D 53 14.89 -18.58 45.44
N GLU D 54 14.06 -17.56 45.53
CA GLU D 54 12.70 -17.66 45.00
C GLU D 54 12.65 -17.33 43.51
N LYS D 55 11.78 -18.01 42.78
CA LYS D 55 11.59 -17.71 41.36
C LYS D 55 10.87 -16.38 41.24
N PHE D 56 11.02 -15.69 40.11
CA PHE D 56 10.37 -14.39 39.95
C PHE D 56 10.00 -14.12 38.50
N LYS D 57 8.96 -13.31 38.31
CA LYS D 57 8.53 -12.99 36.96
C LYS D 57 7.81 -11.66 36.99
N SER D 58 8.30 -10.71 36.20
CA SER D 58 7.65 -9.40 36.23
C SER D 58 6.59 -9.26 35.14
N LYS D 59 5.73 -8.23 35.16
CA LYS D 59 4.79 -8.07 34.06
C LYS D 59 5.45 -7.32 32.91
N ILE D 60 5.02 -7.54 31.69
CA ILE D 60 5.62 -6.84 30.55
C ILE D 60 5.41 -5.33 30.66
N ASN D 61 6.44 -4.56 30.37
CA ASN D 61 6.42 -3.11 30.41
C ASN D 61 6.54 -2.45 31.77
N GLU D 62 6.52 -3.22 32.85
CA GLU D 62 6.69 -2.68 34.19
C GLU D 62 8.13 -2.60 34.66
N ASN D 63 8.37 -1.56 35.45
CA ASN D 63 9.65 -1.36 36.12
C ASN D 63 9.66 -2.41 37.23
N TYR D 64 10.72 -3.20 37.36
CA TYR D 64 10.68 -4.21 38.42
C TYR D 64 11.92 -4.13 39.28
N VAL D 65 11.74 -4.18 40.60
CA VAL D 65 12.89 -4.12 41.48
C VAL D 65 13.13 -5.50 42.09
N LEU D 66 14.26 -6.10 41.77
CA LEU D 66 14.59 -7.41 42.33
C LEU D 66 15.50 -7.23 43.53
N THR D 67 15.16 -7.84 44.68
CA THR D 67 16.13 -7.85 45.78
C THR D 67 16.87 -9.19 45.77
N VAL D 68 18.19 -9.15 45.81
CA VAL D 68 18.92 -10.41 45.74
C VAL D 68 19.46 -10.76 47.13
N THR D 69 19.19 -11.99 47.54
CA THR D 69 19.62 -12.47 48.86
C THR D 69 20.65 -13.58 48.77
N GLN D 70 20.28 -14.69 48.13
CA GLN D 70 21.21 -15.82 48.05
C GLN D 70 22.37 -15.61 47.11
N PRO D 71 23.58 -15.95 47.53
CA PRO D 71 24.78 -15.85 46.71
C PRO D 71 24.70 -16.93 45.62
N GLY D 72 25.42 -16.67 44.54
CA GLY D 72 25.36 -17.60 43.41
C GLY D 72 25.04 -16.82 42.13
N ALA D 73 24.97 -17.56 41.04
CA ALA D 73 24.67 -16.94 39.74
C ALA D 73 23.19 -17.19 39.42
N TYR D 74 22.63 -16.22 38.71
CA TYR D 74 21.23 -16.23 38.31
C TYR D 74 21.23 -15.86 36.80
N LEU D 75 20.57 -16.71 36.01
CA LEU D 75 20.40 -16.31 34.60
C LEU D 75 18.93 -15.91 34.48
N VAL D 76 18.70 -14.70 34.00
CA VAL D 76 17.32 -14.25 33.84
C VAL D 76 17.07 -14.02 32.35
N LYS D 77 15.81 -14.13 31.98
CA LYS D 77 15.49 -13.90 30.57
C LYS D 77 14.36 -12.88 30.48
N CYS D 78 14.15 -12.41 29.27
CA CYS D 78 12.92 -11.68 28.93
C CYS D 78 12.00 -12.79 28.40
N THR D 79 10.79 -12.92 28.91
CA THR D 79 9.91 -14.02 28.52
C THR D 79 9.65 -14.02 27.02
N PRO D 80 9.19 -12.94 26.43
CA PRO D 80 8.95 -12.98 24.97
C PRO D 80 10.22 -13.09 24.16
N HIS D 81 11.36 -12.51 24.55
CA HIS D 81 12.49 -12.55 23.64
C HIS D 81 13.65 -13.46 24.03
N TYR D 82 13.40 -14.40 24.93
CA TYR D 82 14.42 -15.35 25.33
C TYR D 82 15.01 -16.09 24.14
N ALA D 83 14.14 -16.54 23.23
CA ALA D 83 14.68 -17.26 22.06
C ALA D 83 15.52 -16.38 21.14
N MET D 84 15.43 -15.07 21.24
CA MET D 84 16.24 -14.16 20.45
C MET D 84 17.48 -13.71 21.21
N GLY D 85 17.74 -14.32 22.36
CA GLY D 85 18.96 -14.07 23.08
C GLY D 85 18.85 -13.10 24.24
N MET D 86 17.66 -12.65 24.61
CA MET D 86 17.60 -11.59 25.63
C MET D 86 17.76 -12.15 27.03
N ILE D 87 18.99 -12.10 27.55
CA ILE D 87 19.24 -12.65 28.90
C ILE D 87 20.20 -11.75 29.65
N ALA D 88 20.31 -11.95 30.96
CA ALA D 88 21.32 -11.25 31.74
C ALA D 88 21.78 -12.27 32.81
N LEU D 89 23.02 -12.09 33.24
CA LEU D 89 23.57 -12.96 34.30
C LEU D 89 23.82 -12.07 35.51
N ILE D 90 23.26 -12.46 36.65
CA ILE D 90 23.51 -11.73 37.89
C ILE D 90 24.42 -12.60 38.74
N ALA D 91 25.55 -12.05 39.18
CA ALA D 91 26.49 -12.81 40.01
C ALA D 91 26.48 -12.17 41.41
N VAL D 92 26.02 -12.95 42.38
CA VAL D 92 25.92 -12.52 43.77
C VAL D 92 27.03 -13.12 44.60
N GLY D 93 27.93 -12.28 45.10
CA GLY D 93 29.04 -12.76 45.93
C GLY D 93 30.19 -13.23 45.05
N ASP D 94 31.30 -13.70 45.61
CA ASP D 94 32.39 -14.13 44.72
C ASP D 94 32.30 -15.62 44.38
N SER D 95 32.95 -16.03 43.32
CA SER D 95 33.02 -17.34 42.72
C SER D 95 31.76 -18.17 42.92
N PRO D 96 30.72 -17.74 42.21
CA PRO D 96 29.39 -18.35 42.36
C PRO D 96 29.47 -19.87 42.10
N ALA D 97 28.97 -20.63 43.06
CA ALA D 97 29.12 -22.09 43.02
C ALA D 97 28.45 -22.71 41.79
N ASN D 98 27.36 -22.09 41.34
CA ASN D 98 26.59 -22.68 40.26
C ASN D 98 26.85 -22.15 38.87
N LEU D 99 27.86 -21.31 38.66
CA LEU D 99 28.15 -20.70 37.38
C LEU D 99 28.49 -21.72 36.27
N ASP D 100 29.37 -22.68 36.51
CA ASP D 100 29.73 -23.67 35.48
C ASP D 100 28.51 -24.50 35.11
N GLN D 101 27.67 -24.81 36.09
CA GLN D 101 26.44 -25.56 35.84
C GLN D 101 25.57 -24.74 34.89
N ILE D 102 25.43 -23.44 35.16
CA ILE D 102 24.58 -22.66 34.25
C ILE D 102 25.15 -22.55 32.87
N VAL D 103 26.47 -22.46 32.77
CA VAL D 103 27.07 -22.34 31.42
C VAL D 103 26.85 -23.62 30.64
N SER D 104 26.88 -24.76 31.33
CA SER D 104 26.67 -26.03 30.62
C SER D 104 25.20 -26.34 30.36
N ALA D 105 24.24 -25.73 31.07
CA ALA D 105 22.84 -26.15 30.90
C ALA D 105 22.29 -25.97 29.49
N LYS D 106 21.25 -26.75 29.19
CA LYS D 106 20.63 -26.64 27.88
C LYS D 106 19.90 -25.31 27.71
N LYS D 107 20.17 -24.63 26.59
CA LYS D 107 19.50 -23.36 26.28
C LYS D 107 19.65 -23.05 24.79
N PRO D 108 18.88 -22.11 24.26
CA PRO D 108 19.01 -21.76 22.84
C PRO D 108 20.43 -21.37 22.47
N LYS D 109 20.81 -21.73 21.23
CA LYS D 109 22.16 -21.44 20.76
C LYS D 109 22.51 -19.97 20.85
N ILE D 110 21.54 -19.12 20.48
CA ILE D 110 21.83 -17.69 20.51
C ILE D 110 22.02 -17.22 21.95
N VAL D 111 21.24 -17.80 22.85
CA VAL D 111 21.44 -17.48 24.27
C VAL D 111 22.84 -17.84 24.72
N GLN D 112 23.24 -19.09 24.40
CA GLN D 112 24.56 -19.59 24.79
C GLN D 112 25.68 -18.69 24.28
N GLU D 113 25.57 -18.23 23.02
CA GLU D 113 26.59 -17.35 22.48
C GLU D 113 26.66 -16.02 23.22
N ARG D 114 25.50 -15.46 23.59
CA ARG D 114 25.60 -14.20 24.33
C ARG D 114 26.12 -14.36 25.74
N LEU D 115 25.72 -15.45 26.39
CA LEU D 115 26.17 -15.79 27.74
C LEU D 115 27.68 -15.89 27.75
N GLU D 116 28.23 -16.61 26.76
CA GLU D 116 29.66 -16.80 26.69
C GLU D 116 30.41 -15.49 26.51
N LYS D 117 29.79 -14.60 25.74
CA LYS D 117 30.40 -13.31 25.54
C LYS D 117 30.38 -12.50 26.83
N VAL D 118 29.22 -12.44 27.48
CA VAL D 118 29.14 -11.67 28.72
C VAL D 118 30.08 -12.19 29.79
N ILE D 119 30.28 -13.49 29.88
CA ILE D 119 31.18 -13.98 30.92
C ILE D 119 32.63 -13.62 30.58
N ALA D 120 32.94 -13.56 29.29
CA ALA D 120 34.29 -13.23 28.85
C ALA D 120 34.51 -11.71 28.87
N SER D 121 33.69 -11.05 28.08
CA SER D 121 33.56 -9.67 27.72
C SER D 121 32.32 -9.00 28.32
N ALA D 122 32.32 -8.86 29.65
CA ALA D 122 31.26 -8.21 30.40
C ALA D 122 31.49 -8.40 31.91
N LYS D 123 32.33 -9.37 32.24
CA LYS D 123 32.66 -9.72 33.61
C LYS D 123 33.33 -8.58 34.38
CU CU E . -12.39 20.89 11.44
CU CU F . -12.42 13.59 0.92
GD GD G . -10.19 4.45 25.63
GD GD H . -18.45 -10.20 24.90
GD GD I . -0.15 -31.42 21.44
CU CU J . 13.19 12.78 -22.92
CU CU K . 6.24 3.17 -18.25
GD GD L . -1.43 27.45 -19.96
GD GD M . -20.82 28.25 -21.95
GD GD N . -33.45 28.55 1.67
CU CU O . 13.46 -13.79 11.37
CU CU P . 2.14 -10.38 6.66
GD GD Q . 22.96 -14.51 -5.99
GD GD R . 17.07 -22.12 -22.00
GD GD S . 14.19 -2.23 -42.19
CU CU T . 12.24 -8.56 25.68
N THR A 2 -42.01 13.15 -4.76
CA THR A 2 -42.43 14.59 -4.75
C THR A 2 -42.08 15.24 -3.40
N ALA A 3 -42.38 16.50 -3.23
CA ALA A 3 -42.06 17.18 -1.94
C ALA A 3 -42.91 16.59 -0.81
N ALA A 4 -44.18 16.37 -1.03
CA ALA A 4 -45.04 15.81 0.05
C ALA A 4 -44.52 14.43 0.46
N GLU A 5 -44.10 13.65 -0.50
CA GLU A 5 -43.58 12.29 -0.16
C GLU A 5 -42.33 12.41 0.72
N ILE A 6 -41.42 13.28 0.37
CA ILE A 6 -40.18 13.43 1.19
C ILE A 6 -40.54 13.93 2.59
N ALA A 7 -41.45 14.87 2.68
CA ALA A 7 -41.85 15.40 4.02
C ALA A 7 -42.65 14.35 4.83
N ALA A 8 -43.25 13.38 4.20
CA ALA A 8 -44.04 12.36 4.96
C ALA A 8 -43.16 11.18 5.43
N LEU A 9 -41.93 11.09 4.99
CA LEU A 9 -41.07 9.95 5.44
C LEU A 9 -40.83 10.04 6.96
N PRO A 10 -40.86 8.92 7.65
CA PRO A 10 -40.63 8.89 9.13
C PRO A 10 -39.21 9.32 9.55
N ARG A 11 -39.09 10.18 10.53
CA ARG A 11 -37.77 10.64 11.00
C ARG A 11 -37.45 9.84 12.27
N GLN A 12 -36.26 9.35 12.37
CA GLN A 12 -35.90 8.54 13.57
C GLN A 12 -34.52 8.95 14.07
N LYS A 13 -34.44 9.30 15.30
CA LYS A 13 -33.14 9.72 15.88
C LYS A 13 -32.41 8.47 16.36
N VAL A 14 -31.12 8.47 16.24
CA VAL A 14 -30.32 7.30 16.68
C VAL A 14 -29.15 7.77 17.55
N GLU A 15 -28.93 7.09 18.63
CA GLU A 15 -27.84 7.45 19.55
C GLU A 15 -26.58 6.81 19.00
N LEU A 16 -25.53 7.56 18.95
CA LEU A 16 -24.27 6.99 18.38
C LEU A 16 -23.32 6.49 19.47
N VAL A 17 -22.51 5.50 19.18
CA VAL A 17 -21.56 5.00 20.18
C VAL A 17 -20.19 5.47 19.75
N ASP A 18 -19.19 5.06 20.43
CA ASP A 18 -17.81 5.49 20.04
C ASP A 18 -17.02 4.30 19.47
N PRO A 19 -16.26 4.52 18.43
CA PRO A 19 -15.44 3.45 17.80
C PRO A 19 -14.67 2.63 18.84
N PRO A 20 -14.35 1.41 18.52
CA PRO A 20 -14.69 0.80 17.20
C PRO A 20 -16.11 0.21 17.17
N PHE A 21 -16.86 0.35 18.23
CA PHE A 21 -18.23 -0.20 18.26
C PHE A 21 -19.11 0.53 17.23
N VAL A 22 -20.29 0.05 17.07
CA VAL A 22 -21.24 0.67 16.12
C VAL A 22 -22.59 0.73 16.82
N HIS A 23 -23.37 1.68 16.48
CA HIS A 23 -24.69 1.84 17.12
C HIS A 23 -25.58 0.64 16.80
N ALA A 24 -26.85 0.76 17.08
CA ALA A 24 -27.78 -0.38 16.80
C ALA A 24 -28.44 -0.17 15.43
N HIS A 25 -28.37 -1.17 14.59
CA HIS A 25 -29.00 -1.06 13.24
C HIS A 25 -29.29 -2.46 12.70
N SER A 26 -30.12 -2.56 11.69
CA SER A 26 -30.44 -3.89 11.11
C SER A 26 -29.82 -3.97 9.71
N GLN A 27 -29.31 -5.11 9.36
CA GLN A 27 -28.68 -5.24 8.01
C GLN A 27 -29.76 -4.96 7.01
N VAL A 28 -30.71 -5.83 6.93
CA VAL A 28 -31.84 -5.59 6.00
C VAL A 28 -32.63 -4.37 6.52
N ALA A 29 -33.00 -3.47 5.66
CA ALA A 29 -33.73 -2.25 6.10
C ALA A 29 -35.09 -2.64 6.67
N GLU A 30 -35.48 -1.99 7.72
CA GLU A 30 -36.80 -2.27 8.35
C GLU A 30 -37.76 -1.13 7.99
N GLY A 31 -38.69 -1.39 7.12
CA GLY A 31 -39.64 -0.32 6.71
C GLY A 31 -39.10 0.31 5.44
N GLY A 32 -39.73 1.35 4.99
CA GLY A 32 -39.26 2.01 3.75
C GLY A 32 -38.21 3.07 4.12
N PRO A 33 -37.94 3.95 3.21
CA PRO A 33 -36.94 5.04 3.41
C PRO A 33 -37.28 5.90 4.63
N LYS A 34 -36.30 6.31 5.37
CA LYS A 34 -36.57 7.16 6.57
C LYS A 34 -35.39 8.13 6.84
N VAL A 35 -35.72 9.34 7.23
CA VAL A 35 -34.71 10.37 7.55
C VAL A 35 -34.11 10.04 8.91
N VAL A 36 -32.90 9.59 8.88
CA VAL A 36 -32.18 9.21 10.10
C VAL A 36 -31.54 10.44 10.63
N GLU A 37 -31.72 10.66 11.87
CA GLU A 37 -31.16 11.88 12.49
C GLU A 37 -30.06 11.54 13.49
N PHE A 38 -28.94 12.18 13.35
CA PHE A 38 -27.80 11.96 14.28
C PHE A 38 -27.21 13.32 14.66
N THR A 39 -26.77 13.50 15.88
CA THR A 39 -26.20 14.81 16.30
C THR A 39 -24.82 14.60 16.90
N MET A 40 -23.85 15.35 16.46
CA MET A 40 -22.48 15.19 17.02
C MET A 40 -21.86 16.56 17.36
N VAL A 41 -21.33 16.68 18.56
CA VAL A 41 -20.69 17.94 18.99
C VAL A 41 -19.21 17.77 18.77
N ILE A 42 -18.58 18.77 18.27
CA ILE A 42 -17.13 18.67 17.98
C ILE A 42 -16.35 19.12 19.20
N GLU A 43 -15.32 18.42 19.54
CA GLU A 43 -14.54 18.82 20.74
C GLU A 43 -13.05 18.94 20.41
N GLU A 44 -12.49 20.12 20.54
CA GLU A 44 -11.03 20.28 20.25
C GLU A 44 -10.27 20.17 21.58
N LYS A 45 -9.52 19.11 21.78
CA LYS A 45 -8.80 18.97 23.05
C LYS A 45 -7.46 18.31 22.81
N LYS A 46 -6.69 18.20 23.83
CA LYS A 46 -5.35 17.56 23.69
C LYS A 46 -5.41 16.10 24.14
N ILE A 47 -5.00 15.20 23.29
CA ILE A 47 -5.01 13.76 23.64
C ILE A 47 -3.60 13.17 23.44
N VAL A 48 -3.23 12.24 24.27
CA VAL A 48 -1.93 11.60 24.19
C VAL A 48 -2.06 10.49 23.19
N ILE A 49 -1.05 10.26 22.46
CA ILE A 49 -1.13 9.20 21.40
C ILE A 49 0.18 8.42 21.31
N ASP A 50 0.81 8.18 22.42
CA ASP A 50 2.10 7.41 22.44
C ASP A 50 2.54 7.17 23.91
N ASP A 51 3.18 6.05 24.20
CA ASP A 51 3.62 5.79 25.61
C ASP A 51 4.60 6.88 26.12
N ALA A 52 5.09 7.77 25.29
CA ALA A 52 6.04 8.82 25.77
C ALA A 52 5.30 10.12 26.12
N GLY A 53 4.00 10.11 26.18
CA GLY A 53 3.24 11.37 26.53
C GLY A 53 3.16 12.36 25.34
N THR A 54 3.32 11.91 24.12
CA THR A 54 3.22 12.84 22.96
C THR A 54 1.78 13.34 22.93
N GLU A 55 1.58 14.56 22.60
CA GLU A 55 0.16 15.06 22.61
C GLU A 55 -0.19 15.75 21.29
N VAL A 56 -1.37 15.51 20.79
CA VAL A 56 -1.81 16.18 19.53
C VAL A 56 -3.19 16.86 19.72
N HIS A 57 -3.26 18.16 19.48
CA HIS A 57 -4.54 18.90 19.62
C HIS A 57 -5.53 18.29 18.65
N ALA A 58 -6.30 17.38 19.14
CA ALA A 58 -7.27 16.66 18.28
C ALA A 58 -8.53 17.48 18.05
N MET A 59 -9.07 17.32 16.88
CA MET A 59 -10.31 18.00 16.48
C MET A 59 -11.20 16.82 16.27
N ALA A 60 -12.16 16.65 17.10
CA ALA A 60 -12.86 15.38 16.98
C ALA A 60 -14.32 15.54 16.92
N PHE A 61 -14.87 14.85 16.02
CA PHE A 61 -16.36 14.85 15.90
C PHE A 61 -16.92 13.85 16.92
N ASN A 62 -17.79 14.28 17.80
CA ASN A 62 -18.33 13.34 18.83
C ASN A 62 -17.27 13.09 19.92
N GLY A 63 -16.24 13.90 20.01
CA GLY A 63 -15.18 13.69 21.04
C GLY A 63 -14.38 12.40 20.82
N THR A 64 -14.37 11.81 19.63
CA THR A 64 -13.54 10.56 19.46
C THR A 64 -12.87 10.47 18.06
N VAL A 65 -11.58 10.13 18.01
CA VAL A 65 -10.88 9.95 16.72
C VAL A 65 -10.70 8.45 16.54
N PRO A 66 -11.26 7.91 15.50
CA PRO A 66 -12.02 8.68 14.50
C PRO A 66 -13.49 8.87 14.86
N GLY A 67 -14.13 9.87 14.33
CA GLY A 67 -15.56 10.10 14.63
C GLY A 67 -16.27 8.75 14.66
N PRO A 68 -17.51 8.76 15.03
CA PRO A 68 -18.34 7.52 15.11
C PRO A 68 -18.90 7.10 13.75
N LEU A 69 -19.09 5.82 13.55
CA LEU A 69 -19.63 5.35 12.24
C LEU A 69 -21.18 5.40 12.25
N MET A 70 -21.76 6.19 11.38
CA MET A 70 -23.23 6.28 11.29
C MET A 70 -23.66 5.25 10.26
N VAL A 71 -24.74 4.62 10.48
CA VAL A 71 -25.17 3.57 9.51
C VAL A 71 -26.65 3.72 9.12
N VAL A 72 -26.88 3.87 7.85
CA VAL A 72 -28.26 3.97 7.31
C VAL A 72 -28.32 3.07 6.06
N HIS A 73 -29.46 2.99 5.42
CA HIS A 73 -29.56 2.14 4.22
C HIS A 73 -29.60 3.04 2.98
N GLN A 74 -29.51 2.44 1.83
CA GLN A 74 -29.53 3.21 0.57
C GLN A 74 -30.93 3.78 0.38
N ASP A 75 -31.00 5.02 0.03
CA ASP A 75 -32.34 5.66 -0.16
C ASP A 75 -32.67 6.50 1.08
N ASP A 76 -32.32 6.04 2.25
CA ASP A 76 -32.61 6.80 3.47
C ASP A 76 -31.79 8.10 3.47
N TYR A 77 -32.29 9.12 4.10
CA TYR A 77 -31.58 10.42 4.15
C TYR A 77 -30.95 10.62 5.53
N LEU A 78 -29.71 10.99 5.55
CA LEU A 78 -29.00 11.22 6.82
C LEU A 78 -29.10 12.70 7.14
N GLU A 79 -29.57 13.01 8.30
CA GLU A 79 -29.74 14.42 8.72
C GLU A 79 -28.91 14.59 9.95
N LEU A 80 -27.86 15.31 9.84
CA LEU A 80 -26.97 15.41 11.03
C LEU A 80 -26.87 16.84 11.56
N THR A 81 -27.22 17.00 12.81
CA THR A 81 -27.10 18.34 13.47
C THR A 81 -25.70 18.41 14.11
N LEU A 82 -24.83 19.23 13.58
CA LEU A 82 -23.48 19.35 14.10
C LEU A 82 -23.45 20.54 14.99
N ILE A 83 -22.64 20.51 15.95
CA ILE A 83 -22.58 21.64 16.91
C ILE A 83 -21.13 21.94 17.28
N ASN A 84 -20.75 23.17 17.15
CA ASN A 84 -19.36 23.59 17.51
C ASN A 84 -19.46 24.52 18.71
N PRO A 85 -19.20 24.00 19.87
CA PRO A 85 -19.29 24.74 21.16
C PRO A 85 -18.53 26.07 21.16
N GLU A 86 -18.99 27.01 21.94
CA GLU A 86 -18.28 28.32 22.00
C GLU A 86 -16.87 28.12 22.58
N THR A 87 -16.66 27.10 23.37
CA THR A 87 -15.30 26.87 23.96
C THR A 87 -14.27 26.63 22.86
N ASN A 88 -14.68 26.03 21.77
CA ASN A 88 -13.71 25.74 20.67
C ASN A 88 -13.18 27.06 20.10
N THR A 89 -12.09 27.01 19.39
CA THR A 89 -11.52 28.26 18.81
C THR A 89 -11.31 28.15 17.28
N LEU A 90 -11.80 27.12 16.62
CA LEU A 90 -11.59 27.04 15.13
C LEU A 90 -12.91 26.67 14.42
N MET A 91 -13.24 27.36 13.35
CA MET A 91 -14.49 27.02 12.61
C MET A 91 -14.29 25.68 11.89
N HIS A 92 -15.30 24.84 11.86
CA HIS A 92 -15.16 23.53 11.17
C HIS A 92 -16.17 23.40 10.03
N ASN A 93 -16.49 22.19 9.70
CA ASN A 93 -17.46 21.89 8.60
C ASN A 93 -17.38 20.38 8.32
N ILE A 94 -18.39 19.78 7.72
CA ILE A 94 -18.32 18.31 7.46
C ILE A 94 -18.65 17.99 6.00
N ASP A 95 -17.80 17.22 5.36
CA ASP A 95 -18.05 16.82 3.94
C ASP A 95 -18.17 15.29 3.89
N PHE A 96 -19.34 14.77 3.63
CA PHE A 96 -19.51 13.29 3.59
C PHE A 96 -19.36 12.78 2.15
N HIS A 97 -18.36 12.00 1.91
CA HIS A 97 -18.14 11.43 0.55
C HIS A 97 -19.43 10.76 0.03
N ALA A 98 -20.26 10.23 0.91
CA ALA A 98 -21.51 9.55 0.46
C ALA A 98 -22.62 10.54 0.08
N ALA A 99 -22.34 11.82 0.04
CA ALA A 99 -23.38 12.81 -0.34
C ALA A 99 -23.04 13.39 -1.71
N THR A 100 -23.96 14.11 -2.31
CA THR A 100 -23.68 14.70 -3.65
C THR A 100 -24.12 16.17 -3.70
N GLY A 101 -23.18 17.07 -3.84
CA GLY A 101 -23.51 18.55 -3.93
C GLY A 101 -22.92 19.35 -2.75
N ALA A 102 -22.36 20.53 -3.01
CA ALA A 102 -21.80 21.35 -1.88
C ALA A 102 -20.53 20.72 -1.30
N LEU A 103 -19.61 20.30 -2.13
CA LEU A 103 -18.33 19.73 -1.61
C LEU A 103 -18.61 18.66 -0.57
N GLY A 104 -19.67 17.92 -0.75
CA GLY A 104 -20.00 16.84 0.23
C GLY A 104 -20.61 17.43 1.50
N GLY A 105 -21.23 18.57 1.40
CA GLY A 105 -21.86 19.20 2.61
C GLY A 105 -20.92 20.21 3.29
N GLY A 106 -19.67 20.32 2.90
CA GLY A 106 -18.75 21.29 3.56
C GLY A 106 -19.15 22.74 3.24
N GLY A 107 -19.66 22.99 2.05
CA GLY A 107 -20.04 24.39 1.68
C GLY A 107 -21.31 24.85 2.44
N LEU A 108 -22.02 23.96 3.07
CA LEU A 108 -23.27 24.39 3.80
C LEU A 108 -23.20 23.93 5.27
N THR A 109 -22.03 23.82 5.82
CA THR A 109 -21.89 23.40 7.24
C THR A 109 -20.73 24.14 7.95
N GLU A 110 -20.30 25.28 7.45
CA GLU A 110 -19.21 26.04 8.11
C GLU A 110 -19.78 26.67 9.37
N ILE A 111 -19.37 26.20 10.51
CA ILE A 111 -19.94 26.76 11.76
C ILE A 111 -18.81 27.18 12.68
N ASN A 112 -18.81 28.42 13.06
CA ASN A 112 -17.73 28.91 13.98
C ASN A 112 -18.17 28.69 15.42
N PRO A 113 -17.24 28.67 16.34
CA PRO A 113 -17.54 28.48 17.78
C PRO A 113 -18.85 29.16 18.20
N GLY A 114 -19.75 28.43 18.80
CA GLY A 114 -21.05 29.03 19.21
C GLY A 114 -22.10 28.87 18.10
N GLU A 115 -21.85 28.03 17.12
CA GLU A 115 -22.87 27.87 16.03
C GLU A 115 -23.09 26.38 15.67
N LYS A 116 -24.33 26.00 15.38
CA LYS A 116 -24.62 24.59 14.98
C LYS A 116 -25.58 24.59 13.77
N THR A 117 -25.51 23.61 12.91
CA THR A 117 -26.41 23.61 11.75
C THR A 117 -26.99 22.22 11.59
N ILE A 118 -27.73 22.04 10.56
CA ILE A 118 -28.34 20.71 10.30
C ILE A 118 -28.34 20.48 8.79
N LEU A 119 -27.66 19.47 8.34
CA LEU A 119 -27.61 19.21 6.87
C LEU A 119 -28.16 17.82 6.57
N ARG A 120 -29.05 17.74 5.63
CA ARG A 120 -29.64 16.41 5.27
C ARG A 120 -29.30 16.06 3.81
N PHE A 121 -28.87 14.84 3.57
CA PHE A 121 -28.53 14.41 2.19
C PHE A 121 -29.06 12.98 1.97
N LYS A 122 -29.47 12.69 0.77
CA LYS A 122 -30.00 11.34 0.44
C LYS A 122 -28.84 10.39 0.15
N ALA A 123 -28.82 9.29 0.82
CA ALA A 123 -27.76 8.28 0.63
C ALA A 123 -28.16 7.49 -0.58
N THR A 124 -27.68 7.91 -1.69
CA THR A 124 -28.12 7.25 -2.98
C THR A 124 -27.21 6.08 -3.41
N LYS A 125 -26.08 5.89 -2.80
CA LYS A 125 -25.19 4.78 -3.21
C LYS A 125 -24.81 3.96 -1.99
N PRO A 126 -24.80 2.68 -2.13
CA PRO A 126 -24.47 1.75 -1.02
C PRO A 126 -22.95 1.52 -0.85
N GLY A 127 -22.47 1.56 0.36
CA GLY A 127 -21.01 1.33 0.56
C GLY A 127 -20.47 2.23 1.67
N VAL A 128 -19.39 1.81 2.30
CA VAL A 128 -18.79 2.61 3.37
C VAL A 128 -18.13 3.82 2.73
N PHE A 129 -18.14 4.92 3.40
CA PHE A 129 -17.54 6.12 2.81
C PHE A 129 -16.93 6.93 3.93
N VAL A 130 -15.89 7.65 3.66
CA VAL A 130 -15.26 8.45 4.77
C VAL A 130 -15.75 9.93 4.81
N TYR A 131 -16.17 10.41 5.97
CA TYR A 131 -16.59 11.82 6.11
C TYR A 131 -15.44 12.54 6.82
N HIS A 132 -15.29 13.82 6.61
CA HIS A 132 -14.15 14.53 7.26
C HIS A 132 -14.34 16.05 7.18
N CYS A 133 -13.94 16.78 8.19
CA CYS A 133 -14.09 18.26 8.17
C CYS A 133 -13.09 18.84 7.18
N ALA A 134 -13.43 19.90 6.50
CA ALA A 134 -12.47 20.45 5.51
C ALA A 134 -12.71 21.92 5.25
N PRO A 135 -12.39 22.75 6.19
CA PRO A 135 -12.54 24.23 6.06
C PRO A 135 -11.62 24.78 4.97
N PRO A 136 -12.18 25.46 4.01
CA PRO A 136 -11.41 26.03 2.87
C PRO A 136 -10.05 26.61 3.28
N GLY A 137 -8.97 26.08 2.74
CA GLY A 137 -7.62 26.63 3.08
C GLY A 137 -6.93 25.83 4.22
N MET A 138 -7.64 25.05 4.98
CA MET A 138 -6.98 24.30 6.08
C MET A 138 -7.54 22.89 6.12
N VAL A 139 -7.79 22.34 4.97
CA VAL A 139 -8.36 20.96 4.91
C VAL A 139 -7.41 19.94 5.56
N PRO A 140 -6.25 19.72 4.98
CA PRO A 140 -5.25 18.74 5.47
C PRO A 140 -4.97 18.85 6.97
N TRP A 141 -5.03 20.03 7.51
CA TRP A 141 -4.75 20.17 8.97
C TRP A 141 -5.90 19.59 9.80
N HIS A 142 -7.10 19.96 9.47
CA HIS A 142 -8.28 19.45 10.22
C HIS A 142 -8.39 17.92 10.11
N VAL A 143 -8.07 17.36 8.98
CA VAL A 143 -8.19 15.88 8.82
C VAL A 143 -7.07 15.18 9.60
N VAL A 144 -5.86 15.62 9.44
CA VAL A 144 -4.73 14.97 10.15
C VAL A 144 -4.93 15.11 11.67
N SER A 145 -5.56 16.18 12.09
CA SER A 145 -5.78 16.37 13.55
C SER A 145 -6.77 15.32 14.09
N GLY A 146 -7.30 14.50 13.22
CA GLY A 146 -8.26 13.45 13.69
C GLY A 146 -9.72 13.91 13.47
N MET A 147 -9.98 14.78 12.52
CA MET A 147 -11.38 15.22 12.28
C MET A 147 -11.96 14.45 11.08
N ASN A 148 -12.15 13.18 11.23
CA ASN A 148 -12.70 12.37 10.11
C ASN A 148 -13.14 10.99 10.63
N GLY A 149 -14.14 10.44 10.02
CA GLY A 149 -14.67 9.09 10.44
C GLY A 149 -15.21 8.36 9.20
N ALA A 150 -16.37 7.74 9.29
CA ALA A 150 -16.93 7.03 8.10
C ALA A 150 -18.37 6.57 8.34
N ILE A 151 -19.18 6.57 7.32
CA ILE A 151 -20.59 6.11 7.47
C ILE A 151 -20.84 4.91 6.54
N MET A 152 -21.68 4.00 6.94
CA MET A 152 -21.96 2.80 6.08
C MET A 152 -23.41 2.80 5.60
N VAL A 153 -23.61 2.92 4.32
CA VAL A 153 -24.98 2.90 3.76
C VAL A 153 -25.19 1.51 3.23
N LEU A 154 -25.89 0.71 3.95
CA LEU A 154 -26.03 -0.72 3.52
C LEU A 154 -27.22 -0.92 2.58
N PRO A 155 -27.05 -1.75 1.57
CA PRO A 155 -28.14 -2.07 0.63
C PRO A 155 -29.44 -2.40 1.39
N ARG A 156 -30.56 -1.98 0.89
CA ARG A 156 -31.85 -2.25 1.60
C ARG A 156 -31.99 -3.74 1.91
N GLU A 157 -31.46 -4.58 1.06
CA GLU A 157 -31.57 -6.06 1.30
C GLU A 157 -30.34 -6.62 2.04
N GLY A 158 -29.52 -5.78 2.63
CA GLY A 158 -28.33 -6.30 3.36
C GLY A 158 -27.16 -6.47 2.39
N LEU A 159 -26.12 -7.15 2.82
CA LEU A 159 -24.95 -7.36 1.92
C LEU A 159 -24.95 -8.78 1.34
N HIS A 160 -24.49 -8.94 0.12
CA HIS A 160 -24.44 -10.27 -0.51
C HIS A 160 -23.10 -10.42 -1.24
N ASP A 161 -22.72 -11.61 -1.58
CA ASP A 161 -21.43 -11.82 -2.29
C ASP A 161 -21.56 -11.43 -3.77
N GLY A 162 -20.69 -11.92 -4.62
CA GLY A 162 -20.76 -11.57 -6.07
C GLY A 162 -21.84 -12.42 -6.78
N LYS A 163 -22.22 -13.54 -6.22
CA LYS A 163 -23.26 -14.40 -6.90
C LYS A 163 -24.67 -14.13 -6.32
N GLY A 164 -24.83 -13.16 -5.46
CA GLY A 164 -26.20 -12.88 -4.89
C GLY A 164 -26.42 -13.55 -3.50
N LYS A 165 -25.57 -14.44 -3.06
CA LYS A 165 -25.76 -15.09 -1.75
C LYS A 165 -25.71 -14.05 -0.64
N ALA A 166 -26.60 -14.14 0.30
CA ALA A 166 -26.61 -13.14 1.42
C ALA A 166 -25.44 -13.38 2.40
N LEU A 167 -24.77 -12.33 2.78
CA LEU A 167 -23.64 -12.40 3.74
C LEU A 167 -24.06 -11.58 4.96
N THR A 168 -24.36 -12.24 6.03
CA THR A 168 -24.85 -11.55 7.23
C THR A 168 -23.80 -11.68 8.29
N TYR A 169 -23.43 -10.60 8.84
CA TYR A 169 -22.35 -10.63 9.87
C TYR A 169 -22.95 -10.61 11.28
N ASP A 170 -22.36 -11.34 12.20
CA ASP A 170 -22.86 -11.35 13.60
C ASP A 170 -22.38 -10.09 14.35
N LYS A 171 -21.25 -9.54 13.97
CA LYS A 171 -20.73 -8.33 14.67
C LYS A 171 -19.96 -7.48 13.68
N ILE A 172 -19.88 -6.20 13.92
CA ILE A 172 -19.13 -5.30 12.99
C ILE A 172 -18.35 -4.26 13.80
N TYR A 173 -17.11 -4.06 13.46
CA TYR A 173 -16.28 -3.06 14.16
C TYR A 173 -15.74 -2.07 13.14
N TYR A 174 -15.54 -0.85 13.56
CA TYR A 174 -15.02 0.19 12.62
C TYR A 174 -13.66 0.67 13.13
N VAL A 175 -12.64 0.43 12.37
CA VAL A 175 -11.27 0.84 12.78
C VAL A 175 -10.80 2.00 11.90
N GLY A 176 -10.83 3.19 12.41
CA GLY A 176 -10.38 4.37 11.65
C GLY A 176 -8.88 4.55 11.89
N GLU A 177 -8.14 4.65 10.85
CA GLU A 177 -6.68 4.79 10.96
C GLU A 177 -6.38 6.26 10.81
N GLN A 178 -5.40 6.72 11.51
CA GLN A 178 -5.10 8.18 11.42
C GLN A 178 -3.60 8.41 11.41
N ASP A 179 -3.10 9.04 10.37
CA ASP A 179 -1.64 9.34 10.31
C ASP A 179 -1.40 10.76 10.85
N PHE A 180 -0.68 10.90 11.93
CA PHE A 180 -0.43 12.23 12.48
C PHE A 180 0.92 12.75 12.00
N TYR A 181 1.23 13.93 12.37
CA TYR A 181 2.51 14.57 11.98
C TYR A 181 2.88 15.51 13.11
N VAL A 182 3.55 15.00 14.09
CA VAL A 182 3.86 15.82 15.29
C VAL A 182 5.23 16.44 15.15
N PRO A 183 5.29 17.72 15.34
CA PRO A 183 6.58 18.48 15.24
C PRO A 183 7.56 18.13 16.39
N ARG A 184 8.83 17.96 16.07
CA ARG A 184 9.85 17.64 17.11
C ARG A 184 10.90 18.75 17.13
N ASP A 185 11.49 19.01 18.25
CA ASP A 185 12.52 20.09 18.33
C ASP A 185 13.81 19.62 17.67
N GLU A 186 14.91 20.27 17.96
CA GLU A 186 16.21 19.86 17.35
C GLU A 186 16.73 18.56 17.98
N ASN A 187 16.43 18.31 19.23
CA ASN A 187 16.92 17.06 19.89
C ASN A 187 16.07 15.83 19.55
N GLY A 188 15.01 15.98 18.77
CA GLY A 188 14.17 14.80 18.43
C GLY A 188 13.02 14.59 19.45
N LYS A 189 12.75 15.53 20.32
CA LYS A 189 11.64 15.37 21.30
C LYS A 189 10.37 16.03 20.76
N TYR A 190 9.26 15.35 20.84
CA TYR A 190 7.99 15.91 20.34
C TYR A 190 7.74 17.23 21.05
N LYS A 191 7.20 18.17 20.36
CA LYS A 191 6.94 19.50 20.99
C LYS A 191 5.44 19.64 21.34
N LYS A 192 5.16 20.29 22.44
CA LYS A 192 3.75 20.50 22.84
C LYS A 192 3.45 21.99 22.73
N TYR A 193 2.22 22.34 22.64
CA TYR A 193 1.87 23.77 22.51
C TYR A 193 0.70 24.07 23.42
N GLU A 194 0.35 25.30 23.51
CA GLU A 194 -0.78 25.70 24.39
C GLU A 194 -2.11 25.59 23.63
N ALA A 195 -2.19 26.10 22.42
CA ALA A 195 -3.46 26.02 21.67
C ALA A 195 -3.24 25.28 20.37
N PRO A 196 -4.29 25.04 19.65
CA PRO A 196 -4.24 24.32 18.34
C PRO A 196 -3.56 25.13 17.22
N GLY A 197 -3.74 26.43 17.18
CA GLY A 197 -3.10 27.24 16.09
C GLY A 197 -1.60 27.39 16.33
N ASP A 198 -1.17 27.40 17.55
CA ASP A 198 0.29 27.57 17.84
C ASP A 198 1.11 26.48 17.13
N ALA A 199 0.53 25.35 16.86
CA ALA A 199 1.30 24.25 16.18
C ALA A 199 0.90 24.12 14.70
N TYR A 200 0.35 25.14 14.11
CA TYR A 200 -0.03 25.06 12.66
C TYR A 200 1.21 25.13 11.72
N GLU A 201 2.11 26.07 11.91
CA GLU A 201 3.28 26.17 10.98
C GLU A 201 4.20 24.96 11.14
N ASP A 202 4.51 24.61 12.36
CA ASP A 202 5.42 23.45 12.58
C ASP A 202 4.78 22.16 12.08
N THR A 203 3.49 22.03 12.19
CA THR A 203 2.82 20.79 11.73
C THR A 203 2.84 20.74 10.21
N VAL A 204 2.52 21.82 9.57
CA VAL A 204 2.54 21.84 8.08
C VAL A 204 3.91 21.37 7.59
N LYS A 205 4.95 21.86 8.19
CA LYS A 205 6.31 21.43 7.76
C LYS A 205 6.40 19.91 7.81
N VAL A 206 5.96 19.31 8.88
CA VAL A 206 6.01 17.83 8.99
C VAL A 206 5.09 17.18 7.94
N MET A 207 3.92 17.73 7.74
CA MET A 207 2.98 17.14 6.73
C MET A 207 3.60 17.18 5.33
N ARG A 208 4.33 18.20 4.99
CA ARG A 208 4.94 18.30 3.64
C ARG A 208 5.85 17.10 3.41
N THR A 209 6.55 16.69 4.42
CA THR A 209 7.48 15.53 4.27
C THR A 209 6.71 14.26 3.84
N LEU A 210 5.40 14.26 3.91
CA LEU A 210 4.63 13.05 3.52
C LEU A 210 5.06 11.87 4.37
N THR A 211 5.55 12.11 5.56
CA THR A 211 5.99 10.98 6.43
C THR A 211 5.38 11.18 7.82
N PRO A 212 4.36 10.42 8.13
CA PRO A 212 3.66 10.53 9.46
C PRO A 212 4.51 10.02 10.64
N THR A 213 4.62 10.79 11.70
CA THR A 213 5.41 10.33 12.87
C THR A 213 4.67 9.17 13.57
N HIS A 214 3.36 9.08 13.43
CA HIS A 214 2.62 7.98 14.09
C HIS A 214 1.37 7.64 13.26
N VAL A 215 1.15 6.37 13.03
CA VAL A 215 -0.04 5.95 12.25
C VAL A 215 -0.77 5.00 13.14
N VAL A 216 -1.94 5.30 13.55
CA VAL A 216 -2.56 4.36 14.52
C VAL A 216 -4.03 4.15 14.27
N PHE A 217 -4.60 3.35 15.11
CA PHE A 217 -6.06 3.07 14.98
C PHE A 217 -6.78 3.46 16.27
N ASN A 218 -7.91 4.09 16.16
CA ASN A 218 -8.66 4.51 17.39
C ASN A 218 -8.09 5.80 18.02
N GLY A 219 -7.11 6.43 17.39
CA GLY A 219 -6.54 7.68 17.97
C GLY A 219 -5.32 7.45 18.93
N ALA A 220 -4.69 6.30 18.98
CA ALA A 220 -3.51 6.16 19.90
C ALA A 220 -2.79 4.81 19.70
N VAL A 221 -1.48 4.81 19.72
CA VAL A 221 -0.75 3.52 19.55
C VAL A 221 -1.21 2.55 20.65
N GLY A 222 -1.61 1.37 20.28
CA GLY A 222 -2.11 0.40 21.31
C GLY A 222 -3.57 0.69 21.76
N ALA A 223 -4.35 1.46 21.01
CA ALA A 223 -5.75 1.72 21.44
C ALA A 223 -6.64 0.46 21.27
N LEU A 224 -6.32 -0.44 20.36
CA LEU A 224 -7.17 -1.64 20.16
C LEU A 224 -6.37 -2.91 20.46
N THR A 225 -5.45 -2.83 21.37
CA THR A 225 -4.62 -4.03 21.71
C THR A 225 -4.60 -4.19 23.23
N GLY A 226 -4.35 -5.39 23.71
CA GLY A 226 -4.29 -5.63 25.17
C GLY A 226 -5.71 -5.89 25.68
N ASP A 227 -6.14 -5.15 26.66
CA ASP A 227 -7.53 -5.34 27.19
C ASP A 227 -8.56 -4.73 26.23
N LYS A 228 -8.14 -3.88 25.32
CA LYS A 228 -9.12 -3.25 24.38
C LYS A 228 -9.13 -4.00 23.04
N ALA A 229 -8.56 -5.18 22.98
CA ALA A 229 -8.54 -5.93 21.70
C ALA A 229 -9.98 -6.37 21.35
N MET A 230 -10.37 -6.23 20.10
CA MET A 230 -11.74 -6.63 19.74
C MET A 230 -11.97 -8.05 20.24
N THR A 231 -13.01 -8.65 19.79
CA THR A 231 -13.32 -10.05 20.21
C THR A 231 -14.14 -10.76 19.10
N ALA A 232 -14.00 -12.07 19.02
CA ALA A 232 -14.72 -12.89 18.02
C ALA A 232 -14.56 -14.36 18.39
N ALA A 233 -15.54 -15.19 18.12
CA ALA A 233 -15.42 -16.62 18.48
C ALA A 233 -15.48 -17.48 17.22
N VAL A 234 -14.80 -18.59 17.23
CA VAL A 234 -14.79 -19.48 16.05
C VAL A 234 -16.21 -19.67 15.57
N GLY A 235 -16.42 -19.53 14.30
CA GLY A 235 -17.80 -19.68 13.75
C GLY A 235 -18.54 -18.32 13.69
N GLU A 236 -17.91 -17.25 14.12
CA GLU A 236 -18.58 -15.92 14.10
C GLU A 236 -18.15 -15.17 12.83
N LYS A 237 -19.08 -14.49 12.23
CA LYS A 237 -18.80 -13.73 11.00
C LYS A 237 -18.66 -12.28 11.42
N VAL A 238 -17.62 -11.65 11.04
CA VAL A 238 -17.44 -10.26 11.50
C VAL A 238 -17.02 -9.35 10.36
N LEU A 239 -17.66 -8.23 10.25
CA LEU A 239 -17.33 -7.25 9.20
C LEU A 239 -16.46 -6.16 9.82
N ILE A 240 -15.33 -5.88 9.24
CA ILE A 240 -14.42 -4.86 9.79
C ILE A 240 -14.28 -3.70 8.80
N VAL A 241 -14.92 -2.62 9.10
CA VAL A 241 -14.86 -1.43 8.23
C VAL A 241 -13.63 -0.64 8.61
N HIS A 242 -12.90 -0.20 7.65
CA HIS A 242 -11.66 0.55 7.95
C HIS A 242 -11.64 1.78 7.07
N SER A 243 -11.20 2.87 7.61
CA SER A 243 -11.16 4.13 6.82
C SER A 243 -9.83 4.88 7.02
N GLN A 244 -9.45 5.61 6.02
CA GLN A 244 -8.21 6.44 6.02
C GLN A 244 -8.56 7.67 5.18
N ALA A 245 -8.78 8.77 5.83
CA ALA A 245 -9.24 10.00 5.09
C ALA A 245 -8.12 10.78 4.38
N ASN A 246 -6.89 10.45 4.61
CA ASN A 246 -5.79 11.21 3.94
C ASN A 246 -4.47 10.39 3.90
N ARG A 247 -4.56 9.11 3.66
CA ARG A 247 -3.32 8.27 3.59
C ARG A 247 -3.69 6.85 3.11
N ASP A 248 -2.98 6.28 2.16
CA ASP A 248 -3.35 4.89 1.71
C ASP A 248 -2.81 3.82 2.68
N THR A 249 -3.63 2.85 3.06
CA THR A 249 -3.16 1.78 3.96
C THR A 249 -3.33 0.44 3.25
N ARG A 250 -3.10 -0.61 3.96
CA ARG A 250 -3.24 -1.99 3.38
C ARG A 250 -3.52 -2.96 4.53
N PRO A 251 -4.77 -3.09 4.88
CA PRO A 251 -5.23 -3.95 6.00
C PRO A 251 -4.85 -5.42 5.84
N HIS A 252 -4.59 -6.08 6.94
CA HIS A 252 -4.23 -7.53 6.90
C HIS A 252 -4.47 -8.19 8.29
N LEU A 253 -5.34 -9.18 8.35
CA LEU A 253 -5.61 -9.90 9.63
C LEU A 253 -4.61 -11.04 9.76
N ILE A 254 -3.67 -10.87 10.64
CA ILE A 254 -2.61 -11.88 10.85
C ILE A 254 -3.26 -13.15 11.37
N GLY A 255 -3.07 -14.20 10.68
CA GLY A 255 -3.67 -15.49 11.10
C GLY A 255 -5.01 -15.73 10.38
N GLY A 256 -5.57 -14.72 9.75
CA GLY A 256 -6.86 -14.93 9.05
C GLY A 256 -6.78 -14.34 7.64
N HIS A 257 -7.90 -13.95 7.10
CA HIS A 257 -7.90 -13.37 5.73
C HIS A 257 -9.28 -12.75 5.44
N GLY A 258 -9.34 -11.84 4.53
CA GLY A 258 -10.64 -11.18 4.19
C GLY A 258 -11.39 -12.11 3.24
N ASP A 259 -12.34 -12.82 3.75
CA ASP A 259 -13.10 -13.77 2.89
C ASP A 259 -13.67 -13.00 1.72
N TYR A 260 -14.37 -11.96 2.03
CA TYR A 260 -14.96 -11.08 0.98
C TYR A 260 -14.57 -9.66 1.35
N VAL A 261 -13.94 -8.94 0.47
CA VAL A 261 -13.50 -7.57 0.86
C VAL A 261 -13.84 -6.54 -0.21
N TRP A 262 -14.77 -5.68 0.09
CA TRP A 262 -15.11 -4.58 -0.86
C TRP A 262 -14.02 -3.55 -0.67
N ALA A 263 -12.94 -3.75 -1.35
CA ALA A 263 -11.73 -2.87 -1.16
C ALA A 263 -12.10 -1.44 -1.42
N THR A 264 -12.82 -1.23 -2.45
CA THR A 264 -13.21 0.16 -2.82
C THR A 264 -14.27 0.69 -1.85
N GLY A 265 -14.81 -0.15 -1.01
CA GLY A 265 -15.86 0.33 -0.04
C GLY A 265 -17.23 0.58 -0.74
N LYS A 266 -17.44 0.00 -1.89
CA LYS A 266 -18.72 0.17 -2.62
C LYS A 266 -19.38 -1.21 -2.71
N PHE A 267 -20.60 -1.31 -2.34
CA PHE A 267 -21.28 -2.65 -2.36
C PHE A 267 -21.59 -3.07 -3.80
N ASN A 268 -21.97 -2.14 -4.62
CA ASN A 268 -22.30 -2.48 -6.04
C ASN A 268 -21.09 -3.15 -6.69
N THR A 269 -19.92 -2.77 -6.30
CA THR A 269 -18.70 -3.37 -6.90
C THR A 269 -18.42 -4.71 -6.22
N PRO A 270 -18.44 -5.76 -6.99
CA PRO A 270 -18.21 -7.14 -6.45
C PRO A 270 -17.04 -7.19 -5.45
N PRO A 271 -17.19 -7.89 -4.35
CA PRO A 271 -16.10 -7.97 -3.32
C PRO A 271 -14.99 -8.99 -3.64
N ASP A 272 -13.73 -8.58 -3.74
CA ASP A 272 -12.67 -9.58 -4.00
C ASP A 272 -12.87 -10.70 -3.00
N VAL A 273 -12.17 -11.78 -3.14
CA VAL A 273 -12.37 -12.90 -2.17
C VAL A 273 -11.02 -13.59 -1.86
N ASP A 274 -10.91 -14.13 -0.68
CA ASP A 274 -9.66 -14.84 -0.29
C ASP A 274 -8.56 -13.82 -0.32
N GLN A 275 -8.74 -12.74 0.40
CA GLN A 275 -7.68 -11.68 0.35
C GLN A 275 -6.71 -11.75 1.55
N GLU A 276 -5.41 -11.80 1.29
CA GLU A 276 -4.43 -11.79 2.42
C GLU A 276 -4.20 -10.33 2.90
N THR A 277 -4.14 -9.38 1.99
CA THR A 277 -3.91 -7.96 2.36
C THR A 277 -4.61 -7.10 1.32
N TRP A 278 -5.50 -6.27 1.73
CA TRP A 278 -6.25 -5.45 0.74
C TRP A 278 -5.57 -4.10 0.59
N PHE A 279 -6.24 -3.18 -0.01
CA PHE A 279 -5.65 -1.83 -0.20
C PHE A 279 -6.75 -0.75 -0.26
N ILE A 280 -6.72 0.18 0.66
CA ILE A 280 -7.71 1.28 0.68
C ILE A 280 -6.96 2.59 0.50
N PRO A 281 -7.23 3.28 -0.57
CA PRO A 281 -6.53 4.55 -0.91
C PRO A 281 -6.95 5.75 -0.05
N GLY A 282 -5.99 6.52 0.41
CA GLY A 282 -6.32 7.71 1.21
C GLY A 282 -7.59 8.33 0.64
N GLY A 283 -8.45 8.78 1.49
CA GLY A 283 -9.73 9.37 1.04
C GLY A 283 -10.76 8.26 0.75
N ALA A 284 -10.71 7.15 1.45
CA ALA A 284 -11.73 6.09 1.15
C ALA A 284 -11.84 5.05 2.27
N ALA A 285 -13.01 4.50 2.48
CA ALA A 285 -13.17 3.45 3.54
C ALA A 285 -13.64 2.13 2.89
N GLY A 286 -13.06 1.02 3.27
CA GLY A 286 -13.48 -0.28 2.66
C GLY A 286 -14.13 -1.15 3.72
N ALA A 287 -14.31 -2.42 3.44
CA ALA A 287 -14.95 -3.33 4.42
C ALA A 287 -14.58 -4.78 4.11
N ALA A 288 -14.22 -5.54 5.10
CA ALA A 288 -13.85 -6.96 4.88
C ALA A 288 -14.71 -7.84 5.79
N PHE A 289 -15.18 -8.94 5.28
CA PHE A 289 -16.03 -9.85 6.08
C PHE A 289 -15.32 -11.19 6.20
N TYR A 290 -15.14 -11.69 7.38
CA TYR A 290 -14.41 -12.97 7.52
C TYR A 290 -14.99 -13.80 8.67
N THR A 291 -15.11 -15.07 8.44
CA THR A 291 -15.62 -16.00 9.48
C THR A 291 -14.42 -16.63 10.18
N PHE A 292 -14.31 -16.39 11.45
CA PHE A 292 -13.15 -16.92 12.22
C PHE A 292 -13.24 -18.43 12.32
N GLN A 293 -12.14 -19.09 12.11
CA GLN A 293 -12.12 -20.59 12.20
C GLN A 293 -11.14 -21.09 13.28
N GLN A 294 -10.27 -20.24 13.81
CA GLN A 294 -9.31 -20.71 14.85
C GLN A 294 -9.27 -19.72 16.00
N PRO A 295 -9.22 -20.22 17.20
CA PRO A 295 -9.18 -19.38 18.44
C PRO A 295 -7.76 -18.94 18.78
N GLY A 296 -7.65 -17.86 19.48
CA GLY A 296 -6.29 -17.37 19.85
C GLY A 296 -6.22 -15.86 19.62
N ILE A 297 -5.06 -15.29 19.71
CA ILE A 297 -4.92 -13.83 19.50
C ILE A 297 -4.42 -13.55 18.06
N TYR A 298 -5.10 -12.68 17.36
CA TYR A 298 -4.68 -12.34 15.97
C TYR A 298 -4.48 -10.83 15.88
N ALA A 299 -3.46 -10.40 15.19
CA ALA A 299 -3.20 -8.95 15.07
C ALA A 299 -3.76 -8.49 13.74
N TYR A 300 -4.26 -7.30 13.69
CA TYR A 300 -4.83 -6.82 12.41
C TYR A 300 -4.22 -5.48 12.15
N VAL A 301 -3.46 -5.33 11.12
CA VAL A 301 -2.83 -4.00 10.99
C VAL A 301 -2.39 -3.69 9.57
N ASN A 302 -1.97 -2.48 9.41
CA ASN A 302 -1.48 -2.01 8.10
C ASN A 302 -0.26 -2.83 7.81
N HIS A 303 -0.22 -3.42 6.67
CA HIS A 303 0.94 -4.30 6.40
C HIS A 303 2.18 -3.47 6.46
N ASN A 304 2.23 -2.34 5.82
CA ASN A 304 3.50 -1.58 6.03
C ASN A 304 4.01 -1.97 7.46
N LEU A 305 4.79 -3.03 7.58
CA LEU A 305 5.23 -3.52 8.92
C LEU A 305 5.76 -2.36 9.71
N ILE A 306 6.54 -1.57 9.09
CA ILE A 306 7.11 -0.38 9.80
C ILE A 306 5.97 0.45 10.35
N GLU A 307 5.01 0.76 9.51
CA GLU A 307 3.84 1.55 9.98
C GLU A 307 3.03 0.75 11.06
N ALA A 308 3.00 -0.55 10.98
CA ALA A 308 2.21 -1.34 11.99
C ALA A 308 3.00 -1.64 13.30
N PHE A 309 4.31 -1.74 13.29
CA PHE A 309 5.01 -2.06 14.56
C PHE A 309 5.83 -0.88 15.06
N GLU A 310 6.40 -0.13 14.17
CA GLU A 310 7.22 1.04 14.59
C GLU A 310 6.38 2.33 14.73
N LEU A 311 5.30 2.48 13.99
CA LEU A 311 4.51 3.75 14.10
C LEU A 311 3.36 3.54 15.08
N GLY A 312 2.66 2.46 14.94
CA GLY A 312 1.51 2.18 15.85
C GLY A 312 0.23 1.78 15.06
N ALA A 313 0.34 1.14 13.92
CA ALA A 313 -0.89 0.74 13.18
C ALA A 313 -1.14 -0.77 13.38
N ALA A 314 -1.39 -1.21 14.60
CA ALA A 314 -1.63 -2.66 14.81
C ALA A 314 -2.58 -2.90 16.00
N ALA A 315 -3.70 -3.54 15.76
CA ALA A 315 -4.65 -3.83 16.87
C ALA A 315 -4.67 -5.34 17.05
N HIS A 316 -5.49 -5.85 17.93
CA HIS A 316 -5.50 -7.34 18.10
C HIS A 316 -6.90 -7.87 18.47
N PHE A 317 -7.31 -8.96 17.84
CA PHE A 317 -8.65 -9.56 18.18
C PHE A 317 -8.45 -10.90 18.95
N LYS A 318 -9.09 -11.03 20.10
CA LYS A 318 -8.99 -12.25 20.91
C LYS A 318 -10.18 -13.08 20.51
N VAL A 319 -9.94 -14.30 20.20
CA VAL A 319 -11.04 -15.15 19.73
C VAL A 319 -11.11 -16.39 20.57
N THR A 320 -12.28 -16.77 20.92
CA THR A 320 -12.45 -17.99 21.76
C THR A 320 -13.03 -19.13 20.92
N GLY A 321 -12.82 -20.36 21.32
CA GLY A 321 -13.37 -21.50 20.53
C GLY A 321 -12.43 -22.70 20.62
N GLU A 322 -12.62 -23.66 19.75
CA GLU A 322 -11.75 -24.87 19.77
C GLU A 322 -10.81 -24.82 18.56
N TRP A 323 -9.58 -25.17 18.79
CA TRP A 323 -8.58 -25.16 17.70
C TRP A 323 -8.93 -26.25 16.71
N ASN A 324 -8.54 -26.05 15.50
CA ASN A 324 -8.82 -27.04 14.43
C ASN A 324 -7.50 -27.48 13.85
N ASP A 325 -7.08 -28.67 14.16
CA ASP A 325 -5.77 -29.16 13.67
C ASP A 325 -5.81 -29.33 12.16
N ASP A 326 -6.92 -29.73 11.64
CA ASP A 326 -7.03 -29.92 10.16
C ASP A 326 -6.48 -28.68 9.46
N LEU A 327 -6.87 -27.53 9.90
CA LEU A 327 -6.39 -26.27 9.29
C LEU A 327 -4.91 -26.06 9.61
N MET A 328 -4.46 -26.33 10.82
CA MET A 328 -3.03 -26.10 11.12
C MET A 328 -2.63 -26.86 12.37
N THR A 329 -1.51 -27.53 12.34
CA THR A 329 -1.07 -28.28 13.55
C THR A 329 0.47 -28.32 13.64
N SER A 330 1.03 -28.08 14.80
CA SER A 330 2.52 -28.13 14.95
C SER A 330 2.93 -29.59 15.08
N VAL A 331 3.39 -30.18 14.02
CA VAL A 331 3.79 -31.61 14.08
C VAL A 331 4.94 -31.75 15.04
N LEU A 332 5.92 -30.92 14.89
CA LEU A 332 7.08 -30.97 15.82
C LEU A 332 7.31 -29.57 16.43
N ALA A 333 6.98 -29.39 17.69
CA ALA A 333 7.18 -28.05 18.32
C ALA A 333 8.66 -27.72 18.34
N PRO A 334 9.00 -26.46 18.37
CA PRO A 334 10.40 -26.00 18.40
C PRO A 334 11.26 -26.79 19.40
N SER A 335 12.30 -27.42 18.95
CA SER A 335 13.15 -28.21 19.89
C SER A 335 14.50 -28.46 19.25
N GLY A 336 15.45 -28.90 20.03
CA GLY A 336 16.81 -29.17 19.47
C GLY A 336 16.68 -29.97 18.17
N ALA B 1 -2.20 -8.65 -40.05
CA ALA B 1 -2.32 -8.04 -41.40
C ALA B 1 -0.93 -7.98 -42.06
N THR B 2 -0.87 -8.16 -43.35
CA THR B 2 0.44 -8.10 -44.04
C THR B 2 0.74 -6.66 -44.42
N ALA B 3 1.94 -6.40 -44.86
CA ALA B 3 2.30 -5.01 -45.24
C ALA B 3 1.35 -4.48 -46.33
N ALA B 4 1.03 -5.28 -47.31
CA ALA B 4 0.12 -4.81 -48.40
C ALA B 4 -1.23 -4.38 -47.81
N GLU B 5 -1.72 -5.12 -46.86
CA GLU B 5 -3.04 -4.76 -46.26
C GLU B 5 -2.91 -3.46 -45.47
N ILE B 6 -1.88 -3.35 -44.68
CA ILE B 6 -1.70 -2.10 -43.88
C ILE B 6 -1.55 -0.91 -44.82
N ALA B 7 -0.83 -1.07 -45.90
CA ALA B 7 -0.63 0.06 -46.86
C ALA B 7 -1.97 0.48 -47.50
N ALA B 8 -2.90 -0.44 -47.66
CA ALA B 8 -4.21 -0.08 -48.31
C ALA B 8 -5.22 0.50 -47.29
N LEU B 9 -4.88 0.64 -46.04
CA LEU B 9 -5.87 1.21 -45.06
C LEU B 9 -5.87 2.75 -45.14
N PRO B 10 -7.02 3.35 -44.97
CA PRO B 10 -7.16 4.85 -45.01
C PRO B 10 -6.33 5.56 -43.93
N ARG B 11 -5.69 6.65 -44.28
CA ARG B 11 -4.87 7.40 -43.28
C ARG B 11 -5.64 8.67 -42.89
N GLN B 12 -5.62 9.01 -41.64
CA GLN B 12 -6.33 10.22 -41.16
C GLN B 12 -5.41 11.02 -40.25
N LYS B 13 -5.05 12.20 -40.68
CA LYS B 13 -4.14 13.05 -39.88
C LYS B 13 -4.98 13.75 -38.84
N VAL B 14 -4.48 13.84 -37.66
CA VAL B 14 -5.27 14.49 -36.58
C VAL B 14 -4.46 15.61 -35.90
N GLU B 15 -5.05 16.77 -35.80
CA GLU B 15 -4.38 17.91 -35.14
C GLU B 15 -4.63 17.76 -33.65
N LEU B 16 -3.59 17.76 -32.89
CA LEU B 16 -3.76 17.56 -31.42
C LEU B 16 -3.99 18.90 -30.72
N VAL B 17 -4.69 18.87 -29.62
CA VAL B 17 -4.95 20.11 -28.88
C VAL B 17 -4.11 20.07 -27.60
N ASP B 18 -4.23 21.04 -26.77
CA ASP B 18 -3.42 21.01 -25.52
C ASP B 18 -4.31 20.68 -24.30
N PRO B 19 -3.90 19.75 -23.46
CA PRO B 19 -4.67 19.38 -22.26
C PRO B 19 -5.22 20.62 -21.54
N PRO B 20 -6.28 20.47 -20.78
CA PRO B 20 -6.95 19.15 -20.58
C PRO B 20 -7.92 18.78 -21.73
N PHE B 21 -8.02 19.61 -22.73
CA PHE B 21 -8.94 19.31 -23.86
C PHE B 21 -8.42 18.11 -24.63
N VAL B 22 -9.27 17.57 -25.46
CA VAL B 22 -8.91 16.40 -26.28
C VAL B 22 -9.35 16.68 -27.71
N HIS B 23 -8.58 16.24 -28.64
CA HIS B 23 -8.90 16.48 -30.07
C HIS B 23 -10.24 15.85 -30.42
N ALA B 24 -10.82 16.31 -31.47
CA ALA B 24 -12.13 15.76 -31.92
C ALA B 24 -11.97 14.30 -32.29
N HIS B 25 -12.94 13.51 -31.93
CA HIS B 25 -12.91 12.06 -32.22
C HIS B 25 -14.31 11.49 -31.97
N SER B 26 -14.62 10.37 -32.54
CA SER B 26 -15.96 9.78 -32.34
C SER B 26 -15.84 8.60 -31.39
N GLN B 27 -16.76 8.46 -30.50
CA GLN B 27 -16.68 7.33 -29.53
C GLN B 27 -16.74 6.06 -30.33
N VAL B 28 -17.81 5.88 -31.02
CA VAL B 28 -17.95 4.68 -31.89
C VAL B 28 -17.07 4.90 -33.13
N ALA B 29 -16.31 3.92 -33.50
CA ALA B 29 -15.40 4.06 -34.67
C ALA B 29 -16.22 4.23 -35.95
N GLU B 30 -15.81 5.13 -36.79
CA GLU B 30 -16.53 5.36 -38.08
C GLU B 30 -15.72 4.71 -39.20
N GLY B 31 -16.16 3.58 -39.69
CA GLY B 31 -15.41 2.89 -40.76
C GLY B 31 -14.53 1.80 -40.13
N GLY B 32 -13.76 1.09 -40.93
CA GLY B 32 -12.89 0.01 -40.38
C GLY B 32 -11.58 0.63 -39.85
N PRO B 33 -10.57 -0.19 -39.67
CA PRO B 33 -9.24 0.25 -39.16
C PRO B 33 -8.59 1.32 -40.03
N LYS B 34 -7.97 2.29 -39.42
CA LYS B 34 -7.29 3.38 -40.20
C LYS B 34 -5.99 3.83 -39.50
N VAL B 35 -4.96 4.08 -40.28
CA VAL B 35 -3.66 4.56 -39.74
C VAL B 35 -3.81 6.02 -39.36
N VAL B 36 -3.85 6.24 -38.09
CA VAL B 36 -4.01 7.59 -37.55
C VAL B 36 -2.65 8.20 -37.51
N GLU B 37 -2.59 9.40 -37.91
CA GLU B 37 -1.25 10.07 -37.97
C GLU B 37 -1.21 11.26 -37.02
N PHE B 38 -0.22 11.29 -36.18
CA PHE B 38 -0.06 12.44 -35.23
C PHE B 38 1.42 12.88 -35.20
N THR B 39 1.69 14.16 -35.15
CA THR B 39 3.11 14.62 -35.13
C THR B 39 3.32 15.53 -33.92
N MET B 40 4.34 15.28 -33.14
CA MET B 40 4.60 16.13 -31.95
C MET B 40 6.09 16.51 -31.85
N VAL B 41 6.37 17.78 -31.73
CA VAL B 41 7.76 18.26 -31.60
C VAL B 41 8.03 18.42 -30.11
N ILE B 42 9.15 17.99 -29.68
CA ILE B 42 9.48 18.06 -28.24
C ILE B 42 10.19 19.36 -27.97
N GLU B 43 9.82 20.03 -26.93
CA GLU B 43 10.50 21.34 -26.66
C GLU B 43 10.99 21.41 -25.22
N GLU B 44 12.28 21.38 -24.99
CA GLU B 44 12.78 21.50 -23.59
C GLU B 44 12.85 22.99 -23.23
N LYS B 45 11.96 23.49 -22.40
CA LYS B 45 12.02 24.92 -22.09
C LYS B 45 11.81 25.12 -20.61
N LYS B 46 11.68 26.33 -20.22
CA LYS B 46 11.45 26.64 -18.79
C LYS B 46 10.00 27.05 -18.55
N ILE B 47 9.35 26.39 -17.62
CA ILE B 47 7.94 26.71 -17.30
C ILE B 47 7.81 26.95 -15.79
N VAL B 48 6.90 27.79 -15.42
CA VAL B 48 6.69 28.11 -14.01
C VAL B 48 5.71 27.11 -13.50
N ILE B 49 5.83 26.76 -12.29
CA ILE B 49 4.89 25.72 -11.75
C ILE B 49 4.03 26.24 -10.59
N ASP B 50 4.34 27.36 -10.01
CA ASP B 50 3.51 27.85 -8.88
C ASP B 50 3.36 29.35 -8.98
N ASP B 51 2.74 29.95 -8.00
CA ASP B 51 2.54 31.42 -8.02
C ASP B 51 3.84 32.13 -7.62
N ALA B 52 4.66 31.49 -6.82
CA ALA B 52 5.94 32.13 -6.39
C ALA B 52 6.91 32.31 -7.58
N GLY B 53 6.67 31.65 -8.68
CA GLY B 53 7.61 31.80 -9.85
C GLY B 53 8.63 30.64 -9.92
N THR B 54 8.41 29.56 -9.20
CA THR B 54 9.35 28.42 -9.25
C THR B 54 9.46 27.98 -10.69
N GLU B 55 10.64 27.72 -11.15
CA GLU B 55 10.78 27.32 -12.59
C GLU B 55 11.43 25.94 -12.73
N VAL B 56 10.91 25.15 -13.64
CA VAL B 56 11.49 23.79 -13.90
C VAL B 56 11.74 23.59 -15.43
N HIS B 57 12.95 23.22 -15.80
CA HIS B 57 13.30 23.00 -17.22
C HIS B 57 12.53 21.79 -17.67
N ALA B 58 11.38 22.02 -18.18
CA ALA B 58 10.50 20.90 -18.59
C ALA B 58 10.85 20.37 -19.97
N MET B 59 10.64 19.10 -20.14
CA MET B 59 10.87 18.41 -21.43
C MET B 59 9.48 18.10 -21.83
N ALA B 60 9.01 18.69 -22.85
CA ALA B 60 7.58 18.50 -23.09
C ALA B 60 7.29 18.13 -24.49
N PHE B 61 6.55 17.10 -24.59
CA PHE B 61 6.09 16.65 -25.93
C PHE B 61 4.96 17.58 -26.38
N ASN B 62 5.08 18.20 -27.53
CA ASN B 62 4.00 19.14 -27.97
C ASN B 62 4.08 20.47 -27.18
N GLY B 63 5.16 20.73 -26.46
CA GLY B 63 5.27 21.99 -25.69
C GLY B 63 4.27 22.04 -24.52
N THR B 64 3.75 20.92 -24.05
CA THR B 64 2.79 21.04 -22.88
C THR B 64 2.90 19.84 -21.90
N VAL B 65 2.95 20.12 -20.59
CA VAL B 65 2.97 19.04 -19.59
C VAL B 65 1.58 18.98 -18.96
N PRO B 66 0.92 17.87 -19.08
CA PRO B 66 1.46 16.67 -19.76
C PRO B 66 1.19 16.68 -21.27
N GLY B 67 2.00 15.97 -22.02
CA GLY B 67 1.77 15.91 -23.48
C GLY B 67 0.28 15.83 -23.76
N PRO B 68 -0.09 15.90 -25.00
CA PRO B 68 -1.52 15.85 -25.42
C PRO B 68 -2.06 14.41 -25.47
N LEU B 69 -3.35 14.24 -25.27
CA LEU B 69 -3.93 12.87 -25.31
C LEU B 69 -4.35 12.49 -26.74
N MET B 70 -3.73 11.48 -27.31
CA MET B 70 -4.08 11.03 -28.66
C MET B 70 -5.19 10.02 -28.51
N VAL B 71 -6.09 9.99 -29.43
CA VAL B 71 -7.24 9.04 -29.29
C VAL B 71 -7.52 8.30 -30.61
N VAL B 72 -7.43 7.01 -30.56
CA VAL B 72 -7.73 6.16 -31.73
C VAL B 72 -8.59 4.98 -31.25
N HIS B 73 -9.00 4.11 -32.12
CA HIS B 73 -9.84 2.97 -31.70
C HIS B 73 -8.99 1.71 -31.68
N GLN B 74 -9.51 0.68 -31.10
CA GLN B 74 -8.76 -0.60 -31.03
C GLN B 74 -8.64 -1.18 -32.42
N ASP B 75 -7.48 -1.60 -32.78
CA ASP B 75 -7.27 -2.16 -34.14
C ASP B 75 -6.58 -1.12 -35.02
N ASP B 76 -6.93 0.14 -34.86
CA ASP B 76 -6.31 1.21 -35.68
C ASP B 76 -4.82 1.34 -35.31
N TYR B 77 -4.00 1.70 -36.26
CA TYR B 77 -2.55 1.85 -36.00
C TYR B 77 -2.23 3.34 -35.78
N LEU B 78 -1.49 3.61 -34.75
CA LEU B 78 -1.10 5.00 -34.41
C LEU B 78 0.29 5.23 -34.98
N GLU B 79 0.40 6.19 -35.83
CA GLU B 79 1.70 6.49 -36.48
C GLU B 79 2.09 7.85 -36.01
N LEU B 80 3.13 7.92 -35.27
CA LEU B 80 3.52 9.26 -34.72
C LEU B 80 4.89 9.73 -35.19
N THR B 81 4.91 10.85 -35.86
CA THR B 81 6.21 11.46 -36.31
C THR B 81 6.70 12.37 -35.17
N LEU B 82 7.77 12.00 -34.53
CA LEU B 82 8.29 12.76 -33.40
C LEU B 82 9.46 13.52 -33.92
N ILE B 83 9.62 14.68 -33.44
CA ILE B 83 10.73 15.54 -33.92
C ILE B 83 11.43 16.23 -32.76
N ASN B 84 12.71 16.07 -32.68
CA ASN B 84 13.52 16.70 -31.60
C ASN B 84 14.36 17.81 -32.26
N PRO B 85 13.89 19.01 -32.17
CA PRO B 85 14.53 20.21 -32.78
C PRO B 85 15.99 20.36 -32.41
N GLU B 86 16.76 20.94 -33.29
CA GLU B 86 18.21 21.14 -33.00
C GLU B 86 18.38 22.08 -31.79
N THR B 87 17.42 22.93 -31.52
CA THR B 87 17.55 23.87 -30.37
C THR B 87 17.66 23.08 -29.05
N ASN B 88 17.12 21.90 -28.99
CA ASN B 88 17.18 21.10 -27.74
C ASN B 88 18.62 20.62 -27.52
N THR B 89 18.92 20.14 -26.34
CA THR B 89 20.31 19.66 -26.06
C THR B 89 20.34 18.19 -25.55
N LEU B 90 19.23 17.47 -25.48
CA LEU B 90 19.31 16.05 -24.99
C LEU B 90 18.53 15.10 -25.91
N MET B 91 19.05 13.91 -26.15
CA MET B 91 18.33 12.94 -27.02
C MET B 91 17.13 12.39 -26.25
N HIS B 92 16.01 12.21 -26.90
CA HIS B 92 14.82 11.69 -26.20
C HIS B 92 14.39 10.34 -26.78
N ASN B 93 13.12 10.06 -26.68
CA ASN B 93 12.56 8.78 -27.20
C ASN B 93 11.14 8.62 -26.62
N ILE B 94 10.27 7.87 -27.27
CA ILE B 94 8.88 7.74 -26.71
C ILE B 94 8.52 6.25 -26.52
N ASP B 95 8.02 5.91 -25.36
CA ASP B 95 7.59 4.51 -25.09
C ASP B 95 6.09 4.51 -24.76
N PHE B 96 5.26 4.04 -25.65
CA PHE B 96 3.79 4.03 -25.39
C PHE B 96 3.38 2.71 -24.74
N HIS B 97 2.91 2.79 -23.53
CA HIS B 97 2.45 1.56 -22.80
C HIS B 97 1.43 0.78 -23.67
N ALA B 98 0.71 1.45 -24.54
CA ALA B 98 -0.32 0.73 -25.37
C ALA B 98 0.29 0.03 -26.60
N ALA B 99 1.59 -0.01 -26.72
CA ALA B 99 2.21 -0.69 -27.89
C ALA B 99 2.91 -1.96 -27.42
N THR B 100 3.29 -2.81 -28.32
CA THR B 100 3.97 -4.08 -27.90
C THR B 100 5.25 -4.32 -28.72
N GLY B 101 6.40 -4.25 -28.10
CA GLY B 101 7.70 -4.53 -28.81
C GLY B 101 8.66 -3.30 -28.79
N ALA B 102 9.93 -3.50 -28.49
CA ALA B 102 10.89 -2.34 -28.51
C ALA B 102 10.65 -1.42 -27.31
N LEU B 103 10.55 -1.99 -26.15
CA LEU B 103 10.35 -1.15 -24.93
C LEU B 103 9.23 -0.12 -25.16
N GLY B 104 8.17 -0.51 -25.80
CA GLY B 104 7.04 0.45 -26.04
C GLY B 104 7.43 1.48 -27.12
N GLY B 105 8.34 1.13 -27.98
CA GLY B 105 8.75 2.10 -29.06
C GLY B 105 9.96 2.95 -28.64
N GLY B 106 10.43 2.83 -27.43
CA GLY B 106 11.60 3.65 -26.99
C GLY B 106 12.89 3.14 -27.64
N GLY B 107 12.96 1.88 -27.99
CA GLY B 107 14.20 1.33 -28.61
C GLY B 107 14.29 1.71 -30.10
N LEU B 108 13.21 2.16 -30.69
CA LEU B 108 13.26 2.53 -32.15
C LEU B 108 12.90 4.02 -32.36
N THR B 109 13.01 4.83 -31.34
CA THR B 109 12.69 6.29 -31.49
C THR B 109 13.75 7.19 -30.81
N GLU B 110 14.94 6.70 -30.55
CA GLU B 110 15.98 7.54 -29.91
C GLU B 110 16.44 8.58 -30.94
N ILE B 111 16.12 9.81 -30.72
CA ILE B 111 16.51 10.85 -31.71
C ILE B 111 17.25 11.98 -31.02
N ASN B 112 18.40 12.30 -31.51
CA ASN B 112 19.18 13.40 -30.88
C ASN B 112 18.82 14.71 -31.56
N PRO B 113 19.06 15.81 -30.92
CA PRO B 113 18.76 17.16 -31.48
C PRO B 113 18.99 17.21 -32.99
N GLY B 114 18.02 17.67 -33.73
CA GLY B 114 18.18 17.73 -35.23
C GLY B 114 17.77 16.40 -35.88
N GLU B 115 17.03 15.55 -35.19
CA GLU B 115 16.61 14.26 -35.82
C GLU B 115 15.13 13.95 -35.52
N LYS B 116 14.42 13.37 -36.46
CA LYS B 116 12.98 13.03 -36.23
C LYS B 116 12.71 11.63 -36.82
N THR B 117 11.78 10.90 -36.27
CA THR B 117 11.49 9.55 -36.82
C THR B 117 9.99 9.36 -36.91
N ILE B 118 9.57 8.20 -37.30
CA ILE B 118 8.13 7.91 -37.42
C ILE B 118 7.88 6.47 -36.97
N LEU B 119 7.17 6.28 -35.91
CA LEU B 119 6.93 4.89 -35.42
C LEU B 119 5.43 4.57 -35.52
N ARG B 120 5.12 3.42 -36.04
CA ARG B 120 3.68 3.03 -36.17
C ARG B 120 3.43 1.71 -35.40
N PHE B 121 2.45 1.70 -34.55
CA PHE B 121 2.14 0.46 -33.77
C PHE B 121 0.63 0.20 -33.80
N LYS B 122 0.26 -1.04 -33.74
CA LYS B 122 -1.18 -1.42 -33.76
C LYS B 122 -1.72 -1.36 -32.34
N ALA B 123 -2.80 -0.67 -32.20
CA ALA B 123 -3.46 -0.50 -30.89
C ALA B 123 -4.30 -1.73 -30.71
N THR B 124 -3.74 -2.68 -30.08
CA THR B 124 -4.47 -4.00 -29.95
C THR B 124 -5.30 -4.13 -28.67
N LYS B 125 -5.20 -3.22 -27.75
CA LYS B 125 -5.99 -3.33 -26.50
C LYS B 125 -6.69 -2.01 -26.22
N PRO B 126 -7.92 -2.08 -25.78
CA PRO B 126 -8.72 -0.87 -25.47
C PRO B 126 -8.48 -0.32 -24.06
N GLY B 127 -8.28 0.97 -23.92
CA GLY B 127 -8.05 1.53 -22.56
C GLY B 127 -7.05 2.69 -22.61
N VAL B 128 -7.10 3.54 -21.62
CA VAL B 128 -6.17 4.70 -21.58
C VAL B 128 -4.83 4.18 -21.11
N PHE B 129 -3.78 4.72 -21.63
CA PHE B 129 -2.44 4.23 -21.24
C PHE B 129 -1.53 5.42 -21.18
N VAL B 130 -0.49 5.34 -20.44
CA VAL B 130 0.44 6.52 -20.35
C VAL B 130 1.72 6.35 -21.21
N TYR B 131 2.04 7.34 -22.04
CA TYR B 131 3.28 7.29 -22.84
C TYR B 131 4.30 8.19 -22.14
N HIS B 132 5.56 7.97 -22.34
CA HIS B 132 6.57 8.82 -21.64
C HIS B 132 7.97 8.55 -22.22
N CYS B 133 8.80 9.58 -22.33
CA CYS B 133 10.16 9.40 -22.88
C CYS B 133 11.02 8.64 -21.88
N ALA B 134 11.94 7.82 -22.32
CA ALA B 134 12.76 7.06 -21.35
C ALA B 134 14.12 6.69 -21.95
N PRO B 135 14.99 7.65 -22.09
CA PRO B 135 16.35 7.41 -22.63
C PRO B 135 17.19 6.55 -21.68
N PRO B 136 17.70 5.44 -22.14
CA PRO B 136 18.51 4.52 -21.30
C PRO B 136 19.50 5.25 -20.36
N GLY B 137 19.35 5.08 -19.06
CA GLY B 137 20.29 5.75 -18.11
C GLY B 137 19.70 7.06 -17.53
N MET B 138 18.68 7.63 -18.13
CA MET B 138 18.13 8.90 -17.59
C MET B 138 16.62 8.87 -17.73
N VAL B 139 16.04 7.75 -17.42
CA VAL B 139 14.55 7.62 -17.54
C VAL B 139 13.82 8.55 -16.56
N PRO B 140 13.92 8.26 -15.28
CA PRO B 140 13.24 9.03 -14.20
C PRO B 140 13.39 10.53 -14.34
N TRP B 141 14.52 10.97 -14.81
CA TRP B 141 14.73 12.44 -14.96
C TRP B 141 13.82 13.00 -16.05
N HIS B 142 13.82 12.37 -17.20
CA HIS B 142 12.97 12.86 -18.33
C HIS B 142 11.47 12.80 -17.96
N VAL B 143 11.04 11.79 -17.26
CA VAL B 143 9.59 11.68 -16.91
C VAL B 143 9.21 12.73 -15.87
N VAL B 144 10.01 12.87 -14.85
CA VAL B 144 9.69 13.87 -13.79
C VAL B 144 9.73 15.26 -14.39
N SER B 145 10.59 15.47 -15.35
CA SER B 145 10.68 16.81 -15.99
C SER B 145 9.38 17.15 -16.74
N GLY B 146 8.44 16.22 -16.80
CA GLY B 146 7.17 16.49 -17.51
C GLY B 146 7.19 15.89 -18.93
N MET B 147 7.97 14.86 -19.17
CA MET B 147 7.98 14.26 -20.54
C MET B 147 7.09 13.02 -20.54
N ASN B 148 5.80 13.21 -20.42
CA ASN B 148 4.87 12.05 -20.41
C ASN B 148 3.42 12.53 -20.55
N GLY B 149 2.60 11.74 -21.16
CA GLY B 149 1.16 12.10 -21.36
C GLY B 149 0.31 10.81 -21.35
N ALA B 150 -0.63 10.65 -22.25
CA ALA B 150 -1.44 9.41 -22.26
C ALA B 150 -2.34 9.34 -23.51
N ILE B 151 -2.55 8.16 -24.04
CA ILE B 151 -3.43 8.02 -25.24
C ILE B 151 -4.64 7.15 -24.88
N MET B 152 -5.75 7.34 -25.53
CA MET B 152 -6.95 6.53 -25.21
C MET B 152 -7.40 5.73 -26.45
N VAL B 153 -7.32 4.43 -26.38
CA VAL B 153 -7.74 3.56 -27.50
C VAL B 153 -9.13 3.10 -27.15
N LEU B 154 -10.12 3.67 -27.75
CA LEU B 154 -11.52 3.30 -27.36
C LEU B 154 -12.05 2.12 -28.17
N PRO B 155 -12.79 1.25 -27.52
CA PRO B 155 -13.42 0.09 -28.19
C PRO B 155 -14.14 0.53 -29.46
N ARG B 156 -14.02 -0.22 -30.52
CA ARG B 156 -14.68 0.17 -31.81
C ARG B 156 -16.15 0.51 -31.57
N GLU B 157 -16.78 -0.15 -30.64
CA GLU B 157 -18.22 0.12 -30.37
C GLU B 157 -18.41 1.17 -29.25
N GLY B 158 -17.39 1.93 -28.91
CA GLY B 158 -17.56 2.96 -27.84
C GLY B 158 -17.33 2.34 -26.47
N LEU B 159 -17.66 3.03 -25.43
CA LEU B 159 -17.47 2.47 -24.06
C LEU B 159 -18.80 1.94 -23.48
N HIS B 160 -18.75 0.82 -22.79
CA HIS B 160 -19.97 0.25 -22.17
C HIS B 160 -19.64 -0.13 -20.73
N ASP B 161 -20.62 -0.26 -19.90
CA ASP B 161 -20.38 -0.61 -18.47
C ASP B 161 -19.90 -2.07 -18.36
N GLY B 162 -19.94 -2.62 -17.18
CA GLY B 162 -19.49 -4.04 -17.00
C GLY B 162 -20.58 -5.07 -17.42
N LYS B 163 -21.76 -4.65 -17.80
CA LYS B 163 -22.81 -5.65 -18.20
C LYS B 163 -23.12 -5.54 -19.70
N GLY B 164 -22.53 -4.60 -20.40
CA GLY B 164 -22.81 -4.45 -21.87
C GLY B 164 -23.58 -3.15 -22.22
N LYS B 165 -24.10 -2.42 -21.26
CA LYS B 165 -24.86 -1.18 -21.57
C LYS B 165 -23.91 -0.15 -22.14
N ALA B 166 -24.36 0.63 -23.08
CA ALA B 166 -23.48 1.67 -23.69
C ALA B 166 -23.39 2.93 -22.79
N LEU B 167 -22.18 3.41 -22.60
CA LEU B 167 -21.94 4.63 -21.79
C LEU B 167 -21.34 5.66 -22.74
N THR B 168 -22.03 6.73 -22.97
CA THR B 168 -21.57 7.75 -23.92
C THR B 168 -21.38 9.01 -23.16
N TYR B 169 -20.24 9.57 -23.25
CA TYR B 169 -19.95 10.81 -22.47
C TYR B 169 -20.17 12.06 -23.35
N ASP B 170 -20.73 13.09 -22.78
CA ASP B 170 -20.95 14.34 -23.57
C ASP B 170 -19.61 15.09 -23.75
N LYS B 171 -18.75 15.04 -22.76
CA LYS B 171 -17.44 15.74 -22.87
C LYS B 171 -16.37 14.91 -22.17
N ILE B 172 -15.14 15.15 -22.48
CA ILE B 172 -14.03 14.38 -21.84
C ILE B 172 -12.81 15.28 -21.63
N TYR B 173 -12.24 15.24 -20.46
CA TYR B 173 -11.06 16.07 -20.15
C TYR B 173 -9.94 15.12 -19.70
N TYR B 174 -8.73 15.48 -19.99
CA TYR B 174 -7.58 14.61 -19.61
C TYR B 174 -6.69 15.38 -18.65
N VAL B 175 -6.65 14.96 -17.43
CA VAL B 175 -5.82 15.66 -16.42
C VAL B 175 -4.57 14.84 -16.10
N GLY B 176 -3.45 15.30 -16.57
CA GLY B 176 -2.17 14.60 -16.31
C GLY B 176 -1.56 15.17 -15.03
N GLU B 177 -1.22 14.32 -14.13
CA GLU B 177 -0.65 14.76 -12.85
C GLU B 177 0.83 14.61 -12.96
N GLN B 178 1.55 15.48 -12.36
CA GLN B 178 3.02 15.39 -12.48
C GLN B 178 3.69 15.74 -11.15
N ASP B 179 4.46 14.83 -10.63
CA ASP B 179 5.17 15.10 -9.34
C ASP B 179 6.58 15.60 -9.67
N PHE B 180 6.91 16.80 -9.29
CA PHE B 180 8.25 17.33 -9.58
C PHE B 180 9.11 17.18 -8.34
N TYR B 181 10.34 17.52 -8.49
CA TYR B 181 11.31 17.42 -7.37
C TYR B 181 12.27 18.58 -7.58
N VAL B 182 11.94 19.70 -7.03
CA VAL B 182 12.77 20.90 -7.26
C VAL B 182 13.75 21.13 -6.14
N PRO B 183 14.98 21.30 -6.49
CA PRO B 183 16.07 21.55 -5.49
C PRO B 183 15.88 22.90 -4.75
N ARG B 184 16.18 22.93 -3.47
CA ARG B 184 16.03 24.19 -2.70
C ARG B 184 17.40 24.56 -2.13
N ASP B 185 17.63 25.81 -1.91
CA ASP B 185 18.96 26.24 -1.37
C ASP B 185 18.97 26.08 0.15
N GLU B 186 19.85 26.77 0.82
CA GLU B 186 19.92 26.66 2.30
C GLU B 186 18.70 27.36 2.93
N ASN B 187 18.27 28.45 2.35
CA ASN B 187 17.10 29.19 2.92
C ASN B 187 15.77 28.43 2.64
N GLY B 188 15.83 27.26 2.06
CA GLY B 188 14.55 26.52 1.77
C GLY B 188 13.81 27.10 0.54
N LYS B 189 14.44 27.96 -0.22
CA LYS B 189 13.77 28.52 -1.43
C LYS B 189 14.16 27.69 -2.64
N TYR B 190 13.28 27.59 -3.59
CA TYR B 190 13.58 26.79 -4.80
C TYR B 190 14.75 27.42 -5.54
N LYS B 191 15.54 26.61 -6.18
CA LYS B 191 16.72 27.16 -6.92
C LYS B 191 16.45 27.15 -8.43
N LYS B 192 16.96 28.13 -9.14
CA LYS B 192 16.76 28.19 -10.59
C LYS B 192 18.11 27.97 -11.26
N TYR B 193 18.12 27.46 -12.44
CA TYR B 193 19.41 27.20 -13.11
C TYR B 193 19.38 27.81 -14.50
N GLU B 194 20.47 27.76 -15.18
CA GLU B 194 20.53 28.33 -16.55
C GLU B 194 20.14 27.26 -17.59
N ALA B 195 20.76 26.11 -17.53
CA ALA B 195 20.43 25.05 -18.50
C ALA B 195 19.93 23.80 -17.75
N PRO B 196 19.19 22.97 -18.43
CA PRO B 196 18.62 21.72 -17.83
C PRO B 196 19.69 20.82 -17.20
N GLY B 197 20.87 20.78 -17.76
CA GLY B 197 21.95 19.90 -17.19
C GLY B 197 22.45 20.42 -15.82
N ASP B 198 22.44 21.71 -15.59
CA ASP B 198 22.96 22.25 -14.29
C ASP B 198 22.04 21.83 -13.14
N ALA B 199 20.85 21.40 -13.43
CA ALA B 199 19.92 20.98 -12.34
C ALA B 199 19.77 19.45 -12.29
N TYR B 200 20.64 18.72 -12.92
CA TYR B 200 20.55 17.22 -12.89
C TYR B 200 21.00 16.61 -11.54
N GLU B 201 22.17 16.95 -11.02
CA GLU B 201 22.65 16.31 -9.75
C GLU B 201 21.78 16.74 -8.57
N ASP B 202 21.45 17.99 -8.51
CA ASP B 202 20.62 18.48 -7.37
C ASP B 202 19.22 17.88 -7.45
N THR B 203 18.72 17.65 -8.63
CA THR B 203 17.36 17.06 -8.77
C THR B 203 17.40 15.60 -8.34
N VAL B 204 18.34 14.86 -8.86
CA VAL B 204 18.44 13.43 -8.48
C VAL B 204 18.37 13.31 -6.96
N LYS B 205 19.13 14.12 -6.26
CA LYS B 205 19.10 14.06 -4.77
C LYS B 205 17.65 14.17 -4.27
N VAL B 206 16.91 15.12 -4.78
CA VAL B 206 15.49 15.27 -4.35
C VAL B 206 14.67 14.06 -4.79
N MET B 207 14.90 13.59 -5.99
CA MET B 207 14.12 12.41 -6.48
C MET B 207 14.36 11.18 -5.58
N ARG B 208 15.54 11.03 -5.04
CA ARG B 208 15.82 9.84 -4.18
C ARG B 208 14.95 9.89 -2.93
N THR B 209 14.71 11.06 -2.41
CA THR B 209 13.86 11.18 -1.18
C THR B 209 12.43 10.66 -1.43
N LEU B 210 12.08 10.35 -2.66
CA LEU B 210 10.70 9.86 -2.93
C LEU B 210 9.69 10.85 -2.35
N THR B 211 10.02 12.12 -2.36
CA THR B 211 9.08 13.13 -1.81
C THR B 211 9.04 14.32 -2.76
N PRO B 212 8.03 14.39 -3.57
CA PRO B 212 7.87 15.51 -4.56
C PRO B 212 7.58 16.87 -3.91
N THR B 213 8.29 17.92 -4.29
CA THR B 213 8.03 19.26 -3.70
C THR B 213 6.70 19.81 -4.25
N HIS B 214 6.26 19.37 -5.40
CA HIS B 214 4.98 19.88 -5.97
C HIS B 214 4.32 18.78 -6.82
N VAL B 215 3.06 18.54 -6.59
CA VAL B 215 2.35 17.50 -7.37
C VAL B 215 1.19 18.23 -7.97
N VAL B 216 1.12 18.34 -9.26
CA VAL B 216 0.01 19.17 -9.76
C VAL B 216 -0.62 18.61 -11.01
N PHE B 217 -1.55 19.34 -11.52
CA PHE B 217 -2.26 18.88 -12.75
C PHE B 217 -2.09 19.94 -13.84
N ASN B 218 -1.87 19.51 -15.06
CA ASN B 218 -1.70 20.50 -16.17
C ASN B 218 -0.30 21.18 -16.16
N GLY B 219 0.61 20.77 -15.31
CA GLY B 219 1.96 21.40 -15.29
C GLY B 219 2.12 22.54 -14.23
N ALA B 220 1.14 22.85 -13.38
CA ALA B 220 1.40 23.95 -12.40
C ALA B 220 0.31 24.01 -11.33
N VAL B 221 0.67 24.38 -10.13
CA VAL B 221 -0.35 24.48 -9.05
C VAL B 221 -1.40 25.52 -9.48
N GLY B 222 -2.65 25.16 -9.42
CA GLY B 222 -3.72 26.12 -9.85
C GLY B 222 -3.80 26.22 -11.39
N ALA B 223 -3.37 25.21 -12.13
CA ALA B 223 -3.45 25.28 -13.63
C ALA B 223 -4.91 25.08 -14.11
N LEU B 224 -5.72 24.32 -13.41
CA LEU B 224 -7.12 24.07 -13.85
C LEU B 224 -8.13 24.78 -12.93
N THR B 225 -7.89 26.02 -12.63
CA THR B 225 -8.82 26.80 -11.77
C THR B 225 -9.00 28.18 -12.38
N GLY B 226 -9.88 28.97 -11.86
CA GLY B 226 -10.11 30.33 -12.41
C GLY B 226 -10.72 30.19 -13.78
N ASP B 227 -10.26 30.97 -14.72
CA ASP B 227 -10.81 30.87 -16.10
C ASP B 227 -10.47 29.50 -16.70
N LYS B 228 -9.49 28.81 -16.17
CA LYS B 228 -9.13 27.47 -16.72
C LYS B 228 -9.88 26.34 -16.00
N ALA B 229 -10.71 26.64 -15.02
CA ALA B 229 -11.45 25.55 -14.31
C ALA B 229 -12.35 24.79 -15.30
N MET B 230 -12.32 23.48 -15.28
CA MET B 230 -13.17 22.71 -16.20
C MET B 230 -14.60 23.20 -16.06
N THR B 231 -15.47 22.70 -16.86
CA THR B 231 -16.90 23.13 -16.80
C THR B 231 -17.83 21.94 -17.09
N ALA B 232 -18.97 21.94 -16.48
CA ALA B 232 -19.98 20.86 -16.68
C ALA B 232 -21.32 21.34 -16.13
N ALA B 233 -22.42 20.80 -16.61
CA ALA B 233 -23.74 21.25 -16.12
C ALA B 233 -24.53 20.04 -15.62
N VAL B 234 -25.46 20.29 -14.75
CA VAL B 234 -26.30 19.20 -14.20
C VAL B 234 -26.85 18.37 -15.35
N GLY B 235 -26.72 17.10 -15.26
CA GLY B 235 -27.23 16.21 -16.36
C GLY B 235 -26.14 15.95 -17.44
N GLU B 236 -24.96 16.50 -17.28
CA GLU B 236 -23.88 16.27 -18.28
C GLU B 236 -23.04 15.07 -17.85
N LYS B 237 -22.70 14.25 -18.78
CA LYS B 237 -21.88 13.06 -18.48
C LYS B 237 -20.47 13.40 -18.91
N VAL B 238 -19.55 13.27 -18.03
CA VAL B 238 -18.16 13.66 -18.39
C VAL B 238 -17.17 12.57 -18.01
N LEU B 239 -16.32 12.24 -18.93
CA LEU B 239 -15.29 11.21 -18.65
C LEU B 239 -13.96 11.92 -18.38
N ILE B 240 -13.39 11.69 -17.24
CA ILE B 240 -12.11 12.38 -16.89
C ILE B 240 -10.96 11.37 -16.84
N VAL B 241 -10.13 11.41 -17.84
CA VAL B 241 -8.97 10.49 -17.89
C VAL B 241 -7.86 11.13 -17.08
N HIS B 242 -7.18 10.35 -16.33
CA HIS B 242 -6.11 10.91 -15.48
C HIS B 242 -4.91 9.98 -15.57
N SER B 243 -3.76 10.54 -15.67
CA SER B 243 -2.54 9.69 -15.78
C SER B 243 -1.42 10.18 -14.85
N GLN B 244 -0.60 9.25 -14.42
CA GLN B 244 0.56 9.53 -13.53
C GLN B 244 1.67 8.57 -13.98
N ALA B 245 2.64 9.07 -14.69
CA ALA B 245 3.73 8.20 -15.24
C ALA B 245 4.97 8.33 -14.38
N ASN B 246 4.78 8.25 -13.11
CA ASN B 246 5.91 8.34 -12.15
C ASN B 246 5.39 8.51 -10.69
N ARG B 247 4.22 7.99 -10.32
CA ARG B 247 3.78 8.17 -8.91
C ARG B 247 2.34 7.72 -8.76
N ASP B 248 2.01 7.07 -7.66
CA ASP B 248 0.59 6.63 -7.49
C ASP B 248 -0.31 7.78 -6.95
N THR B 249 -1.49 7.98 -7.52
CA THR B 249 -2.39 9.03 -7.03
C THR B 249 -3.73 8.38 -6.67
N ARG B 250 -4.63 9.15 -6.18
CA ARG B 250 -5.97 8.61 -5.78
C ARG B 250 -7.01 9.71 -6.02
N PRO B 251 -7.49 9.80 -7.23
CA PRO B 251 -8.48 10.82 -7.66
C PRO B 251 -9.75 10.85 -6.82
N HIS B 252 -10.33 12.00 -6.70
CA HIS B 252 -11.60 12.15 -5.92
C HIS B 252 -12.31 13.49 -6.26
N LEU B 253 -13.52 13.43 -6.77
CA LEU B 253 -14.28 14.66 -7.10
C LEU B 253 -15.07 15.09 -5.87
N ILE B 254 -14.66 16.16 -5.27
CA ILE B 254 -15.31 16.68 -4.06
C ILE B 254 -16.73 17.06 -4.39
N GLY B 255 -17.64 16.50 -3.69
CA GLY B 255 -19.07 16.80 -3.95
C GLY B 255 -19.66 15.80 -4.97
N GLY B 256 -18.84 15.00 -5.61
CA GLY B 256 -19.38 14.03 -6.60
C GLY B 256 -18.81 12.63 -6.34
N HIS B 257 -18.73 11.84 -7.36
CA HIS B 257 -18.19 10.47 -7.23
C HIS B 257 -18.04 9.86 -8.63
N GLY B 258 -17.20 8.88 -8.75
CA GLY B 258 -16.99 8.23 -10.08
C GLY B 258 -18.07 7.18 -10.27
N ASP B 259 -19.02 7.47 -11.08
CA ASP B 259 -20.13 6.50 -11.30
C ASP B 259 -19.53 5.19 -11.78
N TYR B 260 -18.74 5.27 -12.79
CA TYR B 260 -18.07 4.07 -13.34
C TYR B 260 -16.60 4.42 -13.48
N VAL B 261 -15.72 3.67 -12.88
CA VAL B 261 -14.29 4.07 -12.98
C VAL B 261 -13.37 2.90 -13.35
N TRP B 262 -12.84 2.92 -14.54
CA TRP B 262 -11.88 1.88 -14.96
C TRP B 262 -10.57 2.26 -14.29
N ALA B 263 -10.43 1.84 -13.08
CA ALA B 263 -9.25 2.27 -12.26
C ALA B 263 -7.97 1.84 -12.93
N THR B 264 -8.00 0.68 -13.48
CA THR B 264 -6.79 0.16 -14.15
C THR B 264 -6.62 0.81 -15.53
N GLY B 265 -7.59 1.56 -15.97
CA GLY B 265 -7.46 2.21 -17.33
C GLY B 265 -7.58 1.17 -18.47
N LYS B 266 -8.25 0.07 -18.24
CA LYS B 266 -8.43 -0.98 -19.28
C LYS B 266 -9.94 -1.14 -19.47
N PHE B 267 -10.40 -1.00 -20.68
CA PHE B 267 -11.87 -1.10 -20.92
C PHE B 267 -12.37 -2.53 -20.71
N ASN B 268 -11.60 -3.51 -21.11
CA ASN B 268 -12.05 -4.91 -20.96
C ASN B 268 -12.27 -5.24 -19.49
N THR B 269 -11.52 -4.61 -18.63
CA THR B 269 -11.66 -4.87 -17.18
C THR B 269 -12.87 -4.09 -16.66
N PRO B 270 -13.87 -4.79 -16.22
CA PRO B 270 -15.12 -4.14 -15.71
C PRO B 270 -14.83 -2.91 -14.84
N PRO B 271 -15.55 -1.81 -15.04
CA PRO B 271 -15.31 -0.56 -14.24
C PRO B 271 -15.98 -0.57 -12.84
N ASP B 272 -15.21 -0.34 -11.77
CA ASP B 272 -15.86 -0.30 -10.44
C ASP B 272 -17.03 0.66 -10.55
N VAL B 273 -17.82 0.78 -9.54
CA VAL B 273 -18.98 1.72 -9.63
C VAL B 273 -19.25 2.41 -8.28
N ASP B 274 -19.76 3.61 -8.32
CA ASP B 274 -20.07 4.34 -7.07
C ASP B 274 -18.78 4.50 -6.32
N GLN B 275 -17.81 5.08 -6.94
CA GLN B 275 -16.48 5.21 -6.23
C GLN B 275 -16.27 6.62 -5.63
N GLU B 276 -15.92 6.68 -4.35
CA GLU B 276 -15.64 8.01 -3.73
C GLU B 276 -14.19 8.45 -4.06
N THR B 277 -13.26 7.52 -4.04
CA THR B 277 -11.84 7.85 -4.35
C THR B 277 -11.22 6.61 -5.00
N TRP B 278 -10.70 6.75 -6.17
CA TRP B 278 -10.13 5.57 -6.86
C TRP B 278 -8.63 5.48 -6.59
N PHE B 279 -7.94 4.74 -7.40
CA PHE B 279 -6.47 4.59 -7.20
C PHE B 279 -5.78 4.22 -8.53
N ILE B 280 -4.89 5.07 -8.97
CA ILE B 280 -4.14 4.81 -10.24
C ILE B 280 -2.67 4.73 -9.89
N PRO B 281 -2.07 3.58 -10.08
CA PRO B 281 -0.65 3.33 -9.72
C PRO B 281 0.36 4.01 -10.66
N GLY B 282 1.36 4.62 -10.11
CA GLY B 282 2.40 5.26 -10.95
C GLY B 282 2.64 4.37 -12.15
N GLY B 283 2.79 4.94 -13.30
CA GLY B 283 3.00 4.16 -14.52
C GLY B 283 1.66 3.72 -15.10
N ALA B 284 0.59 4.48 -14.91
CA ALA B 284 -0.71 4.01 -15.49
C ALA B 284 -1.75 5.13 -15.56
N ALA B 285 -2.64 5.08 -16.53
CA ALA B 285 -3.71 6.12 -16.64
C ALA B 285 -5.09 5.45 -16.50
N GLY B 286 -5.99 6.03 -15.73
CA GLY B 286 -7.33 5.41 -15.57
C GLY B 286 -8.39 6.31 -16.20
N ALA B 287 -9.63 6.09 -15.88
CA ALA B 287 -10.73 6.92 -16.46
C ALA B 287 -11.98 6.79 -15.58
N ALA B 288 -12.62 7.89 -15.30
CA ALA B 288 -13.85 7.87 -14.46
C ALA B 288 -14.97 8.61 -15.20
N PHE B 289 -16.14 8.05 -15.21
CA PHE B 289 -17.28 8.69 -15.91
C PHE B 289 -18.34 9.04 -14.87
N TYR B 290 -18.78 10.26 -14.85
CA TYR B 290 -19.79 10.63 -13.83
C TYR B 290 -20.76 11.68 -14.38
N THR B 291 -22.01 11.50 -14.09
CA THR B 291 -23.05 12.47 -14.54
C THR B 291 -23.31 13.44 -13.40
N PHE B 292 -23.05 14.69 -13.63
CA PHE B 292 -23.25 15.72 -12.57
C PHE B 292 -24.72 15.85 -12.22
N GLN B 293 -25.00 16.00 -10.96
CA GLN B 293 -26.43 16.16 -10.53
C GLN B 293 -26.63 17.48 -9.75
N GLN B 294 -25.58 18.12 -9.28
CA GLN B 294 -25.75 19.39 -8.52
C GLN B 294 -24.83 20.46 -9.09
N PRO B 295 -25.31 21.68 -9.15
CA PRO B 295 -24.53 22.83 -9.67
C PRO B 295 -23.67 23.47 -8.60
N GLY B 296 -22.64 24.16 -9.00
CA GLY B 296 -21.75 24.82 -8.01
C GLY B 296 -20.29 24.57 -8.39
N ILE B 297 -19.40 24.81 -7.48
CA ILE B 297 -17.95 24.58 -7.78
C ILE B 297 -17.44 23.35 -7.03
N TYR B 298 -16.87 22.41 -7.73
CA TYR B 298 -16.36 21.19 -7.08
C TYR B 298 -14.86 21.07 -7.34
N ALA B 299 -14.12 20.58 -6.38
CA ALA B 299 -12.65 20.44 -6.55
C ALA B 299 -12.34 18.99 -6.85
N TYR B 300 -11.49 18.74 -7.81
CA TYR B 300 -11.16 17.33 -8.14
C TYR B 300 -9.70 17.16 -7.86
N VAL B 301 -9.34 16.33 -6.94
CA VAL B 301 -7.88 16.27 -6.68
C VAL B 301 -7.44 14.98 -6.03
N ASN B 302 -6.16 14.84 -5.92
CA ASN B 302 -5.57 13.65 -5.29
C ASN B 302 -5.98 13.70 -3.85
N HIS B 303 -6.52 12.65 -3.36
CA HIS B 303 -7.00 12.70 -1.96
C HIS B 303 -5.83 12.99 -1.07
N ASN B 304 -4.72 12.32 -1.22
CA ASN B 304 -3.62 12.76 -0.31
C ASN B 304 -3.88 14.28 -0.02
N LEU B 305 -4.66 14.61 1.00
CA LEU B 305 -5.02 16.03 1.27
C LEU B 305 -3.78 16.89 1.19
N ILE B 306 -2.74 16.42 1.78
CA ILE B 306 -1.47 17.20 1.76
C ILE B 306 -1.06 17.42 0.31
N GLU B 307 -1.03 16.37 -0.45
CA GLU B 307 -0.65 16.50 -1.89
C GLU B 307 -1.67 17.39 -2.64
N ALA B 308 -2.94 17.34 -2.29
CA ALA B 308 -3.95 18.17 -3.01
C ALA B 308 -4.02 19.66 -2.53
N PHE B 309 -3.66 19.99 -1.30
CA PHE B 309 -3.79 21.42 -0.89
C PHE B 309 -2.41 22.03 -0.64
N GLU B 310 -1.53 21.28 -0.06
CA GLU B 310 -0.16 21.82 0.23
C GLU B 310 0.80 21.65 -0.97
N LEU B 311 0.64 20.66 -1.81
CA LEU B 311 1.60 20.49 -2.94
C LEU B 311 1.06 21.17 -4.19
N GLY B 312 -0.18 20.98 -4.47
CA GLY B 312 -0.81 21.60 -5.68
C GLY B 312 -1.54 20.55 -6.55
N ALA B 313 -2.15 19.51 -5.98
CA ALA B 313 -2.87 18.54 -6.84
C ALA B 313 -4.39 18.76 -6.71
N ALA B 314 -4.89 19.92 -7.07
CA ALA B 314 -6.36 20.15 -6.95
C ALA B 314 -6.86 21.10 -8.04
N ALA B 315 -7.79 20.66 -8.86
CA ALA B 315 -8.34 21.54 -9.91
C ALA B 315 -9.76 21.90 -9.51
N HIS B 316 -10.49 22.58 -10.33
CA HIS B 316 -11.89 22.93 -9.92
C HIS B 316 -12.85 22.91 -11.11
N PHE B 317 -14.00 22.28 -10.98
CA PHE B 317 -14.99 22.27 -12.10
C PHE B 317 -16.25 23.11 -11.75
N LYS B 318 -16.56 24.11 -12.56
CA LYS B 318 -17.74 24.95 -12.32
C LYS B 318 -18.90 24.26 -13.01
N VAL B 319 -20.01 24.17 -12.37
CA VAL B 319 -21.14 23.46 -12.98
C VAL B 319 -22.38 24.32 -12.88
N THR B 320 -23.05 24.47 -13.98
CA THR B 320 -24.29 25.29 -14.00
C THR B 320 -25.52 24.38 -13.94
N GLY B 321 -26.62 24.88 -13.45
CA GLY B 321 -27.84 24.04 -13.37
C GLY B 321 -28.70 24.48 -12.17
N GLU B 322 -29.61 23.63 -11.76
CA GLU B 322 -30.50 23.96 -10.62
C GLU B 322 -30.16 23.03 -9.46
N TRP B 323 -30.16 23.55 -8.29
CA TRP B 323 -29.83 22.74 -7.10
C TRP B 323 -30.93 21.72 -6.88
N ASN B 324 -30.58 20.66 -6.26
CA ASN B 324 -31.58 19.57 -5.99
C ASN B 324 -31.60 19.31 -4.49
N ASP B 325 -32.61 19.81 -3.83
CA ASP B 325 -32.70 19.63 -2.36
C ASP B 325 -32.85 18.14 -2.05
N ASP B 326 -33.64 17.46 -2.81
CA ASP B 326 -33.84 16.01 -2.56
C ASP B 326 -32.48 15.36 -2.26
N LEU B 327 -31.50 15.64 -3.07
CA LEU B 327 -30.14 15.06 -2.84
C LEU B 327 -29.48 15.70 -1.61
N MET B 328 -29.61 17.00 -1.43
CA MET B 328 -28.96 17.62 -0.25
C MET B 328 -29.62 18.95 0.05
N THR B 329 -29.84 19.24 1.30
CA THR B 329 -30.48 20.54 1.66
C THR B 329 -30.06 20.98 3.06
N SER B 330 -29.70 22.23 3.22
CA SER B 330 -29.29 22.73 4.55
C SER B 330 -30.55 23.04 5.37
N VAL B 331 -30.97 22.13 6.20
CA VAL B 331 -32.20 22.37 7.00
C VAL B 331 -31.99 23.58 7.89
N LEU B 332 -30.87 23.64 8.53
CA LEU B 332 -30.58 24.81 9.42
C LEU B 332 -29.20 25.39 9.07
N ALA B 333 -29.16 26.54 8.47
CA ALA B 333 -27.85 27.14 8.11
C ALA B 333 -27.08 27.47 9.39
N PRO B 334 -25.79 27.52 9.32
CA PRO B 334 -24.92 27.82 10.49
C PRO B 334 -25.44 29.02 11.29
N SER B 335 -25.82 28.81 12.52
CA SER B 335 -26.33 29.94 13.33
C SER B 335 -25.93 29.74 14.79
N GLY B 336 -26.47 30.55 15.66
CA GLY B 336 -26.14 30.41 17.11
C GLY B 336 -26.86 29.20 17.69
N ALA C 1 -11.21 -32.67 7.41
CA ALA C 1 -10.76 -34.09 7.46
C ALA C 1 -10.30 -34.42 8.89
N THR C 2 -10.35 -35.67 9.27
CA THR C 2 -9.92 -36.05 10.63
C THR C 2 -8.43 -36.40 10.60
N ALA C 3 -7.83 -36.54 11.75
CA ALA C 3 -6.38 -36.88 11.79
C ALA C 3 -6.14 -38.18 11.02
N ALA C 4 -6.97 -39.16 11.19
CA ALA C 4 -6.77 -40.46 10.47
C ALA C 4 -6.80 -40.21 8.97
N GLU C 5 -7.77 -39.46 8.50
CA GLU C 5 -7.85 -39.19 7.03
C GLU C 5 -6.57 -38.50 6.55
N ILE C 6 -6.08 -37.55 7.30
CA ILE C 6 -4.84 -36.83 6.88
C ILE C 6 -3.63 -37.79 6.91
N ALA C 7 -3.61 -38.68 7.86
CA ALA C 7 -2.45 -39.62 7.95
C ALA C 7 -2.44 -40.60 6.76
N ALA C 8 -3.57 -40.86 6.16
CA ALA C 8 -3.61 -41.82 5.02
C ALA C 8 -3.39 -41.10 3.67
N LEU C 9 -3.22 -39.81 3.65
CA LEU C 9 -3.01 -39.10 2.34
C LEU C 9 -1.55 -39.30 1.88
N PRO C 10 -1.33 -39.40 0.60
CA PRO C 10 0.04 -39.59 0.03
C PRO C 10 0.95 -38.37 0.28
N ARG C 11 2.18 -38.58 0.71
CA ARG C 11 3.09 -37.43 0.96
C ARG C 11 4.13 -37.33 -0.18
N GLN C 12 4.42 -36.13 -0.61
CA GLN C 12 5.42 -35.93 -1.69
C GLN C 12 6.46 -34.89 -1.24
N LYS C 13 7.71 -35.26 -1.24
CA LYS C 13 8.78 -34.34 -0.82
C LYS C 13 9.21 -33.55 -2.04
N VAL C 14 9.40 -32.29 -1.86
CA VAL C 14 9.80 -31.45 -3.01
C VAL C 14 11.11 -30.73 -2.72
N GLU C 15 11.97 -30.69 -3.70
CA GLU C 15 13.27 -30.01 -3.57
C GLU C 15 13.09 -28.59 -4.08
N LEU C 16 13.38 -27.64 -3.27
CA LEU C 16 13.17 -26.22 -3.67
C LEU C 16 14.38 -25.70 -4.42
N VAL C 17 14.16 -24.76 -5.30
CA VAL C 17 15.28 -24.17 -6.07
C VAL C 17 15.46 -22.73 -5.61
N ASP C 18 16.35 -22.01 -6.20
CA ASP C 18 16.53 -20.59 -5.76
C ASP C 18 15.90 -19.63 -6.80
N PRO C 19 15.12 -18.67 -6.35
CA PRO C 19 14.48 -17.68 -7.26
C PRO C 19 15.48 -17.15 -8.30
N PRO C 20 14.99 -16.66 -9.40
CA PRO C 20 13.52 -16.59 -9.68
C PRO C 20 12.93 -17.91 -10.18
N PHE C 21 13.73 -18.92 -10.35
CA PHE C 21 13.23 -20.23 -10.83
C PHE C 21 12.33 -20.86 -9.78
N VAL C 22 11.45 -21.71 -10.19
CA VAL C 22 10.54 -22.38 -9.27
C VAL C 22 10.81 -23.86 -9.38
N HIS C 23 10.41 -24.59 -8.41
CA HIS C 23 10.65 -26.06 -8.43
C HIS C 23 9.68 -26.72 -9.40
N ALA C 24 9.91 -27.97 -9.68
CA ALA C 24 9.02 -28.72 -10.60
C ALA C 24 7.64 -28.85 -9.96
N HIS C 25 6.62 -28.75 -10.77
CA HIS C 25 5.23 -28.87 -10.26
C HIS C 25 4.27 -28.92 -11.46
N SER C 26 3.13 -29.53 -11.30
CA SER C 26 2.16 -29.61 -12.41
C SER C 26 1.06 -28.59 -12.18
N GLN C 27 0.61 -27.95 -13.21
CA GLN C 27 -0.46 -26.92 -13.03
C GLN C 27 -1.69 -27.64 -12.53
N VAL C 28 -2.13 -28.58 -13.30
CA VAL C 28 -3.29 -29.41 -12.89
C VAL C 28 -2.81 -30.41 -11.85
N ALA C 29 -3.53 -30.54 -10.78
CA ALA C 29 -3.11 -31.46 -9.69
C ALA C 29 -3.08 -32.90 -10.18
N GLU C 30 -2.05 -33.61 -9.86
CA GLU C 30 -1.95 -35.04 -10.28
C GLU C 30 -2.38 -35.93 -9.11
N GLY C 31 -3.62 -36.33 -9.08
CA GLY C 31 -4.11 -37.17 -7.97
C GLY C 31 -4.93 -36.31 -7.01
N GLY C 32 -5.31 -36.85 -5.90
CA GLY C 32 -6.12 -36.06 -4.92
C GLY C 32 -5.18 -35.27 -3.98
N PRO C 33 -5.69 -34.87 -2.84
CA PRO C 33 -4.93 -34.10 -1.83
C PRO C 33 -3.70 -34.85 -1.33
N LYS C 34 -2.63 -34.14 -1.13
CA LYS C 34 -1.39 -34.80 -0.64
C LYS C 34 -0.57 -33.84 0.26
N VAL C 35 0.02 -34.37 1.30
CA VAL C 35 0.84 -33.57 2.24
C VAL C 35 2.21 -33.33 1.60
N VAL C 36 2.38 -32.15 1.12
CA VAL C 36 3.61 -31.76 0.44
C VAL C 36 4.60 -31.44 1.52
N GLU C 37 5.78 -31.86 1.33
CA GLU C 37 6.81 -31.63 2.38
C GLU C 37 7.95 -30.80 1.83
N PHE C 38 8.29 -29.74 2.51
CA PHE C 38 9.42 -28.88 2.07
C PHE C 38 10.26 -28.47 3.30
N THR C 39 11.56 -28.43 3.18
CA THR C 39 12.40 -28.05 4.35
C THR C 39 13.32 -26.89 3.97
N MET C 40 13.41 -25.90 4.81
CA MET C 40 14.28 -24.72 4.49
C MET C 40 15.09 -24.30 5.72
N VAL C 41 16.39 -24.23 5.59
CA VAL C 41 17.27 -23.81 6.70
C VAL C 41 17.45 -22.30 6.57
N ILE C 42 17.43 -21.62 7.65
CA ILE C 42 17.57 -20.14 7.61
C ILE C 42 19.03 -19.79 7.77
N GLU C 43 19.53 -18.92 6.95
CA GLU C 43 20.97 -18.57 7.07
C GLU C 43 21.15 -17.05 7.17
N GLU C 44 21.55 -16.55 8.31
CA GLU C 44 21.76 -15.07 8.42
C GLU C 44 23.21 -14.73 8.01
N LYS C 45 23.40 -14.08 6.88
CA LYS C 45 24.78 -13.76 6.47
C LYS C 45 24.77 -12.36 5.87
N LYS C 46 25.82 -12.02 5.21
CA LYS C 46 25.89 -10.66 4.57
C LYS C 46 25.80 -10.76 3.03
N ILE C 47 24.88 -10.03 2.44
CA ILE C 47 24.72 -10.01 0.96
C ILE C 47 24.96 -8.58 0.44
N VAL C 48 25.64 -8.48 -0.66
CA VAL C 48 25.95 -7.19 -1.27
C VAL C 48 24.74 -6.84 -2.05
N ILE C 49 24.40 -5.64 -2.05
CA ILE C 49 23.15 -5.25 -2.76
C ILE C 49 23.39 -4.32 -3.95
N ASP C 50 24.52 -3.69 -4.03
CA ASP C 50 24.75 -2.75 -5.17
C ASP C 50 26.18 -2.88 -5.68
N ASP C 51 26.58 -2.00 -6.55
CA ASP C 51 27.95 -2.07 -7.10
C ASP C 51 28.91 -1.39 -6.12
N ALA C 52 28.40 -0.48 -5.33
CA ALA C 52 29.29 0.22 -4.35
C ALA C 52 29.71 -0.73 -3.21
N GLY C 53 29.32 -1.98 -3.25
CA GLY C 53 29.72 -2.93 -2.16
C GLY C 53 28.83 -2.77 -0.91
N THR C 54 27.70 -2.09 -1.00
CA THR C 54 26.82 -1.94 0.18
C THR C 54 26.49 -3.33 0.69
N GLU C 55 26.37 -3.50 1.97
CA GLU C 55 26.08 -4.86 2.48
C GLU C 55 24.90 -4.85 3.48
N VAL C 56 24.01 -5.80 3.36
CA VAL C 56 22.87 -5.90 4.31
C VAL C 56 22.86 -7.29 5.01
N HIS C 57 22.82 -7.30 6.32
CA HIS C 57 22.80 -8.57 7.10
C HIS C 57 21.48 -9.25 6.79
N ALA C 58 21.49 -10.06 5.81
CA ALA C 58 20.25 -10.73 5.37
C ALA C 58 19.91 -11.97 6.22
N MET C 59 18.64 -12.12 6.45
CA MET C 59 18.10 -13.27 7.21
C MET C 59 17.39 -13.98 6.11
N ALA C 60 17.86 -15.09 5.72
CA ALA C 60 17.28 -15.63 4.50
C ALA C 60 16.89 -17.04 4.65
N PHE C 61 15.70 -17.25 4.30
CA PHE C 61 15.17 -18.66 4.32
C PHE C 61 15.72 -19.38 3.09
N ASN C 62 16.38 -20.50 3.25
CA ASN C 62 16.97 -21.20 2.08
C ASN C 62 18.24 -20.48 1.57
N GLY C 63 18.80 -19.57 2.34
CA GLY C 63 20.03 -18.86 1.88
C GLY C 63 19.75 -17.91 0.69
N THR C 64 18.53 -17.53 0.43
CA THR C 64 18.31 -16.59 -0.75
C THR C 64 17.16 -15.57 -0.50
N VAL C 65 17.38 -14.30 -0.84
CA VAL C 65 16.32 -13.29 -0.70
C VAL C 65 15.82 -12.99 -2.11
N PRO C 66 14.57 -13.21 -2.35
CA PRO C 66 13.61 -13.70 -1.33
C PRO C 66 13.58 -15.23 -1.25
N GLY C 67 13.18 -15.74 -0.13
CA GLY C 67 13.11 -17.22 0.02
C GLY C 67 12.57 -17.82 -1.28
N PRO C 68 12.57 -19.11 -1.37
CA PRO C 68 12.07 -19.84 -2.57
C PRO C 68 10.54 -19.92 -2.62
N LEU C 69 9.99 -20.04 -3.80
CA LEU C 69 8.50 -20.13 -3.92
C LEU C 69 8.05 -21.59 -3.85
N MET C 70 7.22 -21.92 -2.89
CA MET C 70 6.71 -23.29 -2.76
C MET C 70 5.41 -23.35 -3.54
N VAL C 71 5.14 -24.45 -4.13
CA VAL C 71 3.89 -24.53 -4.95
C VAL C 71 3.11 -25.83 -4.68
N VAL C 72 1.94 -25.70 -4.14
CA VAL C 72 1.05 -26.86 -3.88
C VAL C 72 -0.34 -26.50 -4.44
N HIS C 73 -1.27 -27.41 -4.42
CA HIS C 73 -2.62 -27.10 -4.95
C HIS C 73 -3.55 -26.79 -3.78
N GLN C 74 -4.72 -26.36 -4.09
CA GLN C 74 -5.70 -26.03 -3.03
C GLN C 74 -6.21 -27.32 -2.42
N ASP C 75 -6.23 -27.39 -1.13
CA ASP C 75 -6.68 -28.63 -0.45
C ASP C 75 -5.47 -29.38 0.08
N ASP C 76 -4.39 -29.37 -0.65
CA ASP C 76 -3.16 -30.08 -0.19
C ASP C 76 -2.61 -29.39 1.06
N TYR C 77 -2.00 -30.15 1.92
CA TYR C 77 -1.43 -29.57 3.17
C TYR C 77 0.09 -29.39 2.99
N LEU C 78 0.55 -28.23 3.29
CA LEU C 78 1.99 -27.91 3.17
C LEU C 78 2.64 -28.14 4.52
N GLU C 79 3.61 -28.99 4.55
CA GLU C 79 4.29 -29.32 5.82
C GLU C 79 5.71 -28.85 5.66
N LEU C 80 6.09 -27.89 6.41
CA LEU C 80 7.46 -27.34 6.23
C LEU C 80 8.33 -27.51 7.47
N THR C 81 9.42 -28.20 7.32
CA THR C 81 10.38 -28.37 8.46
C THR C 81 11.41 -27.24 8.37
N LEU C 82 11.35 -26.30 9.28
CA LEU C 82 12.27 -25.17 9.26
C LEU C 82 13.36 -25.48 10.23
N ILE C 83 14.49 -24.98 9.96
CA ILE C 83 15.65 -25.27 10.85
C ILE C 83 16.53 -24.02 11.01
N ASN C 84 16.75 -23.64 12.23
CA ASN C 84 17.62 -22.46 12.52
C ASN C 84 18.93 -22.99 13.09
N PRO C 85 19.94 -23.03 12.26
CA PRO C 85 21.28 -23.56 12.63
C PRO C 85 21.94 -22.86 13.82
N GLU C 86 22.73 -23.57 14.58
CA GLU C 86 23.42 -22.94 15.74
C GLU C 86 24.29 -21.75 15.27
N THR C 87 24.78 -21.79 14.05
CA THR C 87 25.64 -20.66 13.55
C THR C 87 24.89 -19.32 13.61
N ASN C 88 23.58 -19.33 13.53
CA ASN C 88 22.83 -18.04 13.55
C ASN C 88 22.86 -17.45 14.96
N THR C 89 22.38 -16.25 15.11
CA THR C 89 22.38 -15.61 16.46
C THR C 89 20.98 -15.04 16.84
N LEU C 90 19.96 -15.20 16.02
CA LEU C 90 18.62 -14.63 16.42
C LEU C 90 17.50 -15.66 16.24
N MET C 91 16.53 -15.69 17.14
CA MET C 91 15.40 -16.66 16.97
C MET C 91 14.45 -16.15 15.88
N HIS C 92 13.99 -17.03 15.01
CA HIS C 92 13.08 -16.60 13.93
C HIS C 92 11.71 -17.29 14.08
N ASN C 93 10.99 -17.34 13.00
CA ASN C 93 9.64 -17.97 12.97
C ASN C 93 9.04 -17.71 11.57
N ILE C 94 8.07 -18.48 11.13
CA ILE C 94 7.51 -18.24 9.77
C ILE C 94 5.98 -18.09 9.81
N ASP C 95 5.47 -17.04 9.23
CA ASP C 95 4.00 -16.83 9.17
C ASP C 95 3.55 -16.83 7.69
N PHE C 96 2.82 -17.84 7.28
CA PHE C 96 2.38 -17.92 5.87
C PHE C 96 0.98 -17.33 5.72
N HIS C 97 0.88 -16.28 4.97
CA HIS C 97 -0.44 -15.62 4.74
C HIS C 97 -1.47 -16.65 4.23
N ALA C 98 -1.02 -17.69 3.58
CA ALA C 98 -1.97 -18.70 3.03
C ALA C 98 -2.41 -19.73 4.09
N ALA C 99 -2.10 -19.49 5.33
CA ALA C 99 -2.53 -20.44 6.40
C ALA C 99 -3.57 -19.77 7.28
N THR C 100 -4.21 -20.52 8.13
CA THR C 100 -5.26 -19.91 9.02
C THR C 100 -5.10 -20.39 10.47
N GLY C 101 -4.69 -19.51 11.35
CA GLY C 101 -4.55 -19.88 12.81
C GLY C 101 -3.09 -19.69 13.31
N ALA C 102 -2.90 -19.16 14.52
CA ALA C 102 -1.51 -19.00 15.05
C ALA C 102 -0.71 -17.93 14.28
N LEU C 103 -1.31 -16.79 14.05
CA LEU C 103 -0.58 -15.69 13.34
C LEU C 103 0.06 -16.20 12.05
N GLY C 104 -0.60 -17.10 11.37
CA GLY C 104 -0.04 -17.62 10.09
C GLY C 104 1.08 -18.64 10.37
N GLY C 105 1.08 -19.24 11.52
CA GLY C 105 2.14 -20.25 11.84
C GLY C 105 3.31 -19.62 12.63
N GLY C 106 3.33 -18.33 12.83
CA GLY C 106 4.46 -17.70 13.58
C GLY C 106 4.36 -18.04 15.08
N GLY C 107 3.17 -18.20 15.59
CA GLY C 107 3.02 -18.52 17.05
C GLY C 107 3.46 -19.96 17.36
N LEU C 108 3.56 -20.82 16.37
CA LEU C 108 3.97 -22.23 16.64
C LEU C 108 5.27 -22.60 15.88
N THR C 109 6.09 -21.64 15.55
CA THR C 109 7.37 -21.94 14.83
C THR C 109 8.54 -21.06 15.37
N GLU C 110 8.46 -20.52 16.56
CA GLU C 110 9.58 -19.70 17.09
C GLU C 110 10.71 -20.64 17.46
N ILE C 111 11.80 -20.60 16.74
CA ILE C 111 12.91 -21.54 17.04
C ILE C 111 14.21 -20.78 17.18
N ASN C 112 14.87 -20.92 18.28
CA ASN C 112 16.16 -20.22 18.48
C ASN C 112 17.30 -21.07 17.91
N PRO C 113 18.43 -20.46 17.65
CA PRO C 113 19.61 -21.17 17.11
C PRO C 113 19.73 -22.59 17.68
N GLY C 114 19.93 -23.56 16.83
CA GLY C 114 20.03 -24.97 17.32
C GLY C 114 18.64 -25.61 17.50
N GLU C 115 17.59 -25.04 16.94
CA GLU C 115 16.24 -25.65 17.10
C GLU C 115 15.50 -25.70 15.74
N LYS C 116 14.74 -26.74 15.50
CA LYS C 116 13.96 -26.86 14.23
C LYS C 116 12.56 -27.38 14.54
N THR C 117 11.59 -27.03 13.76
CA THR C 117 10.22 -27.49 14.03
C THR C 117 9.57 -27.89 12.72
N ILE C 118 8.38 -28.39 12.81
CA ILE C 118 7.65 -28.80 11.59
C ILE C 118 6.19 -28.35 11.72
N LEU C 119 5.72 -27.55 10.81
CA LEU C 119 4.32 -27.07 10.90
C LEU C 119 3.57 -27.46 9.64
N ARG C 120 2.39 -27.97 9.80
CA ARG C 120 1.60 -28.38 8.61
C ARG C 120 0.25 -27.65 8.60
N PHE C 121 -0.08 -27.01 7.52
CA PHE C 121 -1.37 -26.29 7.43
C PHE C 121 -2.08 -26.66 6.11
N LYS C 122 -3.39 -26.57 6.09
CA LYS C 122 -4.17 -26.89 4.88
C LYS C 122 -4.27 -25.64 4.00
N ALA C 123 -3.97 -25.80 2.76
CA ALA C 123 -4.03 -24.68 1.80
C ALA C 123 -5.45 -24.62 1.32
N THR C 124 -6.23 -23.88 2.01
CA THR C 124 -7.70 -23.84 1.69
C THR C 124 -8.10 -22.76 0.66
N LYS C 125 -7.21 -21.90 0.28
CA LYS C 125 -7.57 -20.83 -0.68
C LYS C 125 -6.52 -20.79 -1.79
N PRO C 126 -6.96 -20.69 -3.01
CA PRO C 126 -6.06 -20.66 -4.19
C PRO C 126 -5.51 -19.26 -4.48
N GLY C 127 -4.21 -19.14 -4.67
CA GLY C 127 -3.65 -17.79 -4.98
C GLY C 127 -2.24 -17.64 -4.39
N VAL C 128 -1.45 -16.77 -4.96
CA VAL C 128 -0.08 -16.55 -4.46
C VAL C 128 -0.19 -15.78 -3.15
N PHE C 129 0.67 -16.07 -2.23
CA PHE C 129 0.59 -15.39 -0.93
C PHE C 129 2.00 -15.18 -0.43
N VAL C 130 2.21 -14.19 0.36
CA VAL C 130 3.62 -13.95 0.85
C VAL C 130 3.87 -14.51 2.28
N TYR C 131 4.94 -15.28 2.47
CA TYR C 131 5.29 -15.79 3.80
C TYR C 131 6.44 -14.94 4.32
N HIS C 132 6.60 -14.81 5.60
CA HIS C 132 7.70 -13.95 6.13
C HIS C 132 7.87 -14.15 7.64
N CYS C 133 9.10 -14.12 8.12
CA CYS C 133 9.34 -14.34 9.58
C CYS C 133 8.86 -13.10 10.34
N ALA C 134 8.39 -13.27 11.54
CA ALA C 134 7.90 -12.08 12.29
C ALA C 134 7.96 -12.34 13.79
N PRO C 135 9.13 -12.36 14.34
CA PRO C 135 9.33 -12.58 15.80
C PRO C 135 8.74 -11.41 16.61
N PRO C 136 7.88 -11.71 17.55
CA PRO C 136 7.23 -10.66 18.40
C PRO C 136 8.19 -9.54 18.84
N GLY C 137 7.89 -8.30 18.51
CA GLY C 137 8.79 -7.18 18.93
C GLY C 137 9.80 -6.78 17.83
N MET C 138 10.12 -7.65 16.90
CA MET C 138 11.11 -7.28 15.86
C MET C 138 10.62 -7.77 14.51
N VAL C 139 9.36 -7.58 14.26
CA VAL C 139 8.79 -8.04 12.96
C VAL C 139 9.42 -7.30 11.76
N PRO C 140 9.16 -6.03 11.64
CA PRO C 140 9.65 -5.18 10.52
C PRO C 140 11.14 -5.37 10.24
N TRP C 141 11.92 -5.56 11.27
CA TRP C 141 13.39 -5.75 11.07
C TRP C 141 13.67 -7.05 10.30
N HIS C 142 13.08 -8.14 10.71
CA HIS C 142 13.32 -9.44 10.03
C HIS C 142 12.82 -9.39 8.58
N VAL C 143 11.70 -8.78 8.34
CA VAL C 143 11.15 -8.73 6.95
C VAL C 143 12.06 -7.87 6.06
N VAL C 144 12.44 -6.71 6.53
CA VAL C 144 13.30 -5.81 5.70
C VAL C 144 14.64 -6.49 5.47
N SER C 145 15.09 -7.24 6.43
CA SER C 145 16.39 -7.95 6.27
C SER C 145 16.31 -9.00 5.14
N GLY C 146 15.19 -9.15 4.50
CA GLY C 146 15.05 -10.15 3.41
C GLY C 146 14.52 -11.48 3.94
N MET C 147 13.79 -11.48 5.03
CA MET C 147 13.26 -12.77 5.55
C MET C 147 11.80 -12.93 5.09
N ASN C 148 11.61 -13.15 3.82
CA ASN C 148 10.23 -13.29 3.31
C ASN C 148 10.26 -13.79 1.85
N GLY C 149 9.27 -14.52 1.47
CA GLY C 149 9.19 -15.06 0.07
C GLY C 149 7.71 -15.19 -0.32
N ALA C 150 7.31 -16.28 -0.94
CA ALA C 150 5.87 -16.41 -1.32
C ALA C 150 5.55 -17.83 -1.83
N ILE C 151 4.36 -18.32 -1.55
CA ILE C 151 3.96 -19.67 -2.03
C ILE C 151 2.76 -19.55 -2.97
N MET C 152 2.63 -20.44 -3.91
CA MET C 152 1.49 -20.38 -4.87
C MET C 152 0.62 -21.64 -4.76
N VAL C 153 -0.59 -21.48 -4.30
CA VAL C 153 -1.52 -22.63 -4.17
C VAL C 153 -2.39 -22.57 -5.40
N LEU C 154 -2.14 -23.43 -6.32
CA LEU C 154 -2.90 -23.35 -7.61
C LEU C 154 -4.16 -24.20 -7.59
N PRO C 155 -5.22 -23.70 -8.17
CA PRO C 155 -6.49 -24.46 -8.27
C PRO C 155 -6.23 -25.89 -8.76
N ARG C 156 -6.89 -26.87 -8.20
CA ARG C 156 -6.67 -28.27 -8.62
C ARG C 156 -6.72 -28.39 -10.13
N GLU C 157 -7.59 -27.66 -10.76
CA GLU C 157 -7.71 -27.73 -12.25
C GLU C 157 -6.79 -26.70 -12.96
N GLY C 158 -5.80 -26.16 -12.29
CA GLY C 158 -4.90 -25.17 -12.97
C GLY C 158 -5.51 -23.77 -12.92
N LEU C 159 -4.96 -22.86 -13.68
CA LEU C 159 -5.51 -21.46 -13.68
C LEU C 159 -6.45 -21.26 -14.87
N HIS C 160 -7.45 -20.42 -14.70
CA HIS C 160 -8.41 -20.15 -15.80
C HIS C 160 -8.73 -18.64 -15.77
N ASP C 161 -9.16 -18.11 -16.87
CA ASP C 161 -9.48 -16.64 -16.92
C ASP C 161 -10.74 -16.35 -16.11
N GLY C 162 -11.39 -15.24 -16.38
CA GLY C 162 -12.63 -14.89 -15.61
C GLY C 162 -13.85 -15.66 -16.18
N LYS C 163 -13.79 -16.11 -17.40
CA LYS C 163 -14.96 -16.85 -17.97
C LYS C 163 -14.86 -18.36 -17.70
N GLY C 164 -13.73 -18.82 -17.22
CA GLY C 164 -13.59 -20.30 -16.95
C GLY C 164 -12.57 -20.97 -17.92
N LYS C 165 -12.14 -20.32 -18.97
CA LYS C 165 -11.18 -20.96 -19.92
C LYS C 165 -9.88 -21.26 -19.20
N ALA C 166 -9.20 -22.28 -19.60
CA ALA C 166 -7.91 -22.64 -18.94
C ALA C 166 -6.72 -21.82 -19.51
N LEU C 167 -5.94 -21.22 -18.63
CA LEU C 167 -4.74 -20.46 -19.02
C LEU C 167 -3.55 -21.25 -18.50
N THR C 168 -2.74 -21.73 -19.39
CA THR C 168 -1.61 -22.56 -18.99
C THR C 168 -0.37 -21.85 -19.39
N TYR C 169 0.56 -21.82 -18.54
CA TYR C 169 1.82 -21.09 -18.85
C TYR C 169 2.96 -22.06 -19.14
N ASP C 170 3.82 -21.71 -20.06
CA ASP C 170 4.99 -22.58 -20.37
C ASP C 170 6.16 -22.28 -19.41
N LYS C 171 6.24 -21.08 -18.87
CA LYS C 171 7.36 -20.76 -17.95
C LYS C 171 6.86 -19.87 -16.81
N ILE C 172 7.36 -20.08 -15.63
CA ILE C 172 6.93 -19.25 -14.47
C ILE C 172 8.16 -18.77 -13.67
N TYR C 173 8.21 -17.49 -13.38
CA TYR C 173 9.36 -16.93 -12.62
C TYR C 173 8.79 -16.20 -11.41
N TYR C 174 9.51 -16.19 -10.34
CA TYR C 174 9.05 -15.51 -9.11
C TYR C 174 10.02 -14.41 -8.75
N VAL C 175 9.57 -13.19 -8.81
CA VAL C 175 10.46 -12.04 -8.50
C VAL C 175 10.03 -11.40 -7.18
N GLY C 176 10.80 -11.61 -6.16
CA GLY C 176 10.50 -11.03 -4.83
C GLY C 176 11.19 -9.69 -4.71
N GLU C 177 10.44 -8.67 -4.47
CA GLU C 177 10.99 -7.31 -4.36
C GLU C 177 11.30 -7.08 -2.91
N GLN C 178 12.30 -6.33 -2.65
CA GLN C 178 12.66 -6.08 -1.23
C GLN C 178 13.14 -4.65 -1.02
N ASP C 179 12.53 -3.95 -0.12
CA ASP C 179 12.96 -2.55 0.16
C ASP C 179 13.88 -2.56 1.39
N PHE C 180 15.10 -2.14 1.24
CA PHE C 180 16.02 -2.15 2.39
C PHE C 180 16.11 -0.75 2.99
N TYR C 181 16.88 -0.64 4.02
CA TYR C 181 17.06 0.67 4.71
C TYR C 181 18.46 0.64 5.30
N VAL C 182 19.43 1.00 4.52
CA VAL C 182 20.83 0.91 4.99
C VAL C 182 21.28 2.21 5.61
N PRO C 183 21.81 2.12 6.79
CA PRO C 183 22.33 3.32 7.52
C PRO C 183 23.60 3.91 6.87
N ARG C 184 23.70 5.23 6.79
CA ARG C 184 24.89 5.87 6.19
C ARG C 184 25.56 6.73 7.25
N ASP C 185 26.82 7.00 7.09
CA ASP C 185 27.55 7.83 8.10
C ASP C 185 27.29 9.33 7.87
N GLU C 186 28.20 10.19 8.27
CA GLU C 186 27.98 11.66 8.08
C GLU C 186 28.33 12.08 6.65
N ASN C 187 29.24 11.38 6.00
CA ASN C 187 29.62 11.77 4.61
C ASN C 187 28.63 11.18 3.57
N GLY C 188 27.71 10.35 3.97
CA GLY C 188 26.74 9.77 2.99
C GLY C 188 27.16 8.34 2.56
N LYS C 189 28.23 7.79 3.09
CA LYS C 189 28.64 6.41 2.70
C LYS C 189 27.90 5.37 3.54
N TYR C 190 27.45 4.31 2.92
CA TYR C 190 26.73 3.26 3.66
C TYR C 190 27.65 2.70 4.72
N LYS C 191 27.11 2.32 5.82
CA LYS C 191 27.95 1.78 6.92
C LYS C 191 27.89 0.24 6.91
N LYS C 192 28.97 -0.38 7.28
CA LYS C 192 28.99 -1.86 7.32
C LYS C 192 29.30 -2.29 8.74
N TYR C 193 28.85 -3.44 9.14
CA TYR C 193 29.12 -3.87 10.52
C TYR C 193 29.71 -5.25 10.52
N GLU C 194 29.67 -5.91 11.62
CA GLU C 194 30.24 -7.29 11.69
C GLU C 194 29.14 -8.29 12.09
N ALA C 195 28.09 -7.84 12.74
CA ALA C 195 27.02 -8.77 13.14
C ALA C 195 25.68 -8.14 12.81
N PRO C 196 24.65 -8.92 12.87
CA PRO C 196 23.26 -8.46 12.57
C PRO C 196 22.70 -7.53 13.65
N GLY C 197 22.98 -7.81 14.90
CA GLY C 197 22.44 -6.95 15.99
C GLY C 197 23.15 -5.57 16.01
N ASP C 198 24.40 -5.52 15.63
CA ASP C 198 25.14 -4.22 15.65
C ASP C 198 24.46 -3.20 14.74
N ALA C 199 23.73 -3.64 13.75
CA ALA C 199 23.06 -2.67 12.82
C ALA C 199 21.54 -2.54 13.11
N TYR C 200 21.07 -3.00 14.24
CA TYR C 200 19.60 -2.87 14.55
C TYR C 200 19.17 -1.40 14.85
N GLU C 201 19.84 -0.69 15.74
CA GLU C 201 19.41 0.69 16.08
C GLU C 201 19.53 1.61 14.87
N ASP C 202 20.64 1.56 14.20
CA ASP C 202 20.85 2.45 13.01
C ASP C 202 19.83 2.11 11.93
N THR C 203 19.53 0.87 11.76
CA THR C 203 18.54 0.48 10.71
C THR C 203 17.15 1.00 11.09
N VAL C 204 16.73 0.79 12.30
CA VAL C 204 15.38 1.27 12.73
C VAL C 204 15.23 2.75 12.38
N LYS C 205 16.24 3.53 12.68
CA LYS C 205 16.16 4.98 12.37
C LYS C 205 15.84 5.18 10.89
N VAL C 206 16.48 4.44 10.02
CA VAL C 206 16.21 4.59 8.56
C VAL C 206 14.82 4.05 8.24
N MET C 207 14.45 2.94 8.83
CA MET C 207 13.11 2.36 8.53
C MET C 207 12.00 3.34 8.92
N ARG C 208 12.17 4.08 9.98
CA ARG C 208 11.11 5.05 10.40
C ARG C 208 10.87 6.09 9.29
N THR C 209 11.91 6.49 8.62
CA THR C 209 11.75 7.50 7.54
C THR C 209 10.83 6.98 6.42
N LEU C 210 10.46 5.72 6.44
CA LEU C 210 9.57 5.19 5.36
C LEU C 210 10.19 5.48 3.98
N THR C 211 11.50 5.55 3.91
CA THR C 211 12.15 5.82 2.60
C THR C 211 13.30 4.83 2.43
N PRO C 212 13.08 3.80 1.66
CA PRO C 212 14.11 2.74 1.42
C PRO C 212 15.32 3.22 0.61
N THR C 213 16.52 2.96 1.09
CA THR C 213 17.73 3.40 0.33
C THR C 213 17.86 2.55 -0.96
N HIS C 214 17.29 1.38 -1.00
CA HIS C 214 17.40 0.53 -2.22
C HIS C 214 16.19 -0.40 -2.30
N VAL C 215 15.59 -0.49 -3.46
CA VAL C 215 14.41 -1.37 -3.62
C VAL C 215 14.75 -2.25 -4.79
N VAL C 216 14.92 -3.51 -4.59
CA VAL C 216 15.37 -4.28 -5.76
C VAL C 216 14.68 -5.61 -5.86
N PHE C 217 15.12 -6.40 -6.78
CA PHE C 217 14.50 -7.73 -6.98
C PHE C 217 15.57 -8.81 -6.86
N ASN C 218 15.28 -9.86 -6.15
CA ASN C 218 16.29 -10.96 -5.97
C ASN C 218 17.38 -10.61 -4.93
N GLY C 219 17.22 -9.55 -4.16
CA GLY C 219 18.25 -9.20 -3.13
C GLY C 219 19.44 -8.34 -3.69
N ALA C 220 19.36 -7.69 -4.84
CA ALA C 220 20.53 -6.85 -5.27
C ALA C 220 20.22 -6.03 -6.54
N VAL C 221 20.65 -4.78 -6.58
CA VAL C 221 20.42 -3.97 -7.81
C VAL C 221 21.08 -4.69 -8.98
N GLY C 222 20.36 -4.90 -10.04
CA GLY C 222 20.95 -5.62 -11.20
C GLY C 222 21.05 -7.14 -10.93
N ALA C 223 20.23 -7.69 -10.04
CA ALA C 223 20.31 -9.16 -9.78
C ALA C 223 19.68 -10.00 -10.92
N LEU C 224 18.55 -9.60 -11.46
CA LEU C 224 17.88 -10.40 -12.55
C LEU C 224 18.20 -9.86 -13.95
N THR C 225 19.41 -9.46 -14.18
CA THR C 225 19.85 -8.97 -15.52
C THR C 225 21.24 -9.55 -15.83
N GLY C 226 21.56 -9.73 -17.08
CA GLY C 226 22.88 -10.32 -17.45
C GLY C 226 22.75 -11.83 -17.40
N ASP C 227 23.57 -12.47 -16.62
CA ASP C 227 23.46 -13.96 -16.52
C ASP C 227 22.12 -14.37 -15.87
N LYS C 228 21.49 -13.48 -15.12
CA LYS C 228 20.18 -13.85 -14.48
C LYS C 228 18.97 -13.31 -15.27
N ALA C 229 19.17 -12.60 -16.35
CA ALA C 229 17.98 -12.08 -17.11
C ALA C 229 17.03 -13.24 -17.45
N MET C 230 15.76 -13.09 -17.15
CA MET C 230 14.80 -14.16 -17.47
C MET C 230 14.87 -14.43 -18.96
N THR C 231 14.20 -15.43 -19.40
CA THR C 231 14.20 -15.76 -20.84
C THR C 231 12.79 -16.19 -21.29
N ALA C 232 12.49 -15.95 -22.54
CA ALA C 232 11.16 -16.33 -23.10
C ALA C 232 11.22 -16.14 -24.63
N ALA C 233 10.46 -16.91 -25.38
CA ALA C 233 10.49 -16.78 -26.85
C ALA C 233 9.10 -16.41 -27.36
N VAL C 234 9.05 -15.69 -28.43
CA VAL C 234 7.75 -15.27 -29.01
C VAL C 234 6.83 -16.46 -29.05
N GLY C 235 5.61 -16.27 -28.64
CA GLY C 235 4.63 -17.40 -28.63
C GLY C 235 4.61 -18.14 -27.26
N GLU C 236 5.51 -17.84 -26.36
CA GLU C 236 5.53 -18.52 -25.05
C GLU C 236 4.69 -17.74 -24.04
N LYS C 237 4.03 -18.44 -23.18
CA LYS C 237 3.18 -17.80 -22.15
C LYS C 237 3.94 -17.91 -20.86
N VAL C 238 4.04 -16.86 -20.14
CA VAL C 238 4.83 -16.90 -18.90
C VAL C 238 4.10 -16.23 -17.76
N LEU C 239 4.11 -16.86 -16.63
CA LEU C 239 3.45 -16.29 -15.43
C LEU C 239 4.53 -15.72 -14.52
N ILE C 240 4.44 -14.46 -14.18
CA ILE C 240 5.46 -13.82 -13.33
C ILE C 240 4.85 -13.45 -11.97
N VAL C 241 5.13 -14.25 -10.98
CA VAL C 241 4.62 -13.97 -9.62
C VAL C 241 5.54 -12.96 -8.97
N HIS C 242 4.98 -12.04 -8.28
CA HIS C 242 5.80 -10.99 -7.65
C HIS C 242 5.27 -10.74 -6.25
N SER C 243 6.14 -10.59 -5.32
CA SER C 243 5.68 -10.36 -3.92
C SER C 243 6.49 -9.26 -3.23
N GLN C 244 5.83 -8.55 -2.35
CA GLN C 244 6.45 -7.46 -1.55
C GLN C 244 5.85 -7.58 -0.14
N ALA C 245 6.63 -8.04 0.80
CA ALA C 245 6.12 -8.27 2.18
C ALA C 245 6.60 -7.16 3.11
N ASN C 246 6.45 -5.98 2.65
CA ASN C 246 6.85 -4.77 3.43
C ASN C 246 6.86 -3.50 2.54
N ARG C 247 5.99 -3.38 1.54
CA ARG C 247 6.02 -2.14 0.72
C ARG C 247 5.14 -2.30 -0.51
N ASP C 248 4.40 -1.29 -0.88
CA ASP C 248 3.53 -1.42 -2.10
C ASP C 248 4.36 -1.17 -3.40
N THR C 249 4.19 -2.01 -4.41
CA THR C 249 4.92 -1.81 -5.69
C THR C 249 3.90 -1.73 -6.83
N ARG C 250 4.37 -1.53 -8.01
CA ARG C 250 3.48 -1.44 -9.21
C ARG C 250 4.23 -1.99 -10.42
N PRO C 251 4.15 -3.28 -10.60
CA PRO C 251 4.85 -4.01 -11.69
C PRO C 251 4.49 -3.50 -13.09
N HIS C 252 5.42 -3.57 -13.98
CA HIS C 252 5.18 -3.13 -15.39
C HIS C 252 6.25 -3.72 -16.35
N LEU C 253 5.82 -4.54 -17.29
CA LEU C 253 6.75 -5.13 -18.29
C LEU C 253 6.90 -4.15 -19.45
N ILE C 254 8.04 -3.56 -19.55
CA ILE C 254 8.34 -2.57 -20.60
C ILE C 254 8.31 -3.27 -21.93
N GLY C 255 7.53 -2.76 -22.81
CA GLY C 255 7.43 -3.41 -24.15
C GLY C 255 6.28 -4.44 -24.16
N GLY C 256 5.76 -4.83 -23.02
CA GLY C 256 4.66 -5.83 -23.01
C GLY C 256 3.57 -5.39 -22.05
N HIS C 257 2.78 -6.31 -21.59
CA HIS C 257 1.68 -5.96 -20.66
C HIS C 257 1.20 -7.23 -19.94
N GLY C 258 0.40 -7.06 -18.93
CA GLY C 258 -0.12 -8.23 -18.18
C GLY C 258 -1.44 -8.64 -18.80
N ASP C 259 -1.41 -9.60 -19.66
CA ASP C 259 -2.66 -10.03 -20.34
C ASP C 259 -3.72 -10.27 -19.28
N TYR C 260 -3.41 -11.12 -18.37
CA TYR C 260 -4.34 -11.42 -17.25
C TYR C 260 -3.56 -11.21 -15.96
N VAL C 261 -4.03 -10.39 -15.06
CA VAL C 261 -3.22 -10.15 -13.83
C VAL C 261 -4.06 -10.24 -12.56
N TRP C 262 -3.85 -11.26 -11.79
CA TRP C 262 -4.57 -11.38 -10.49
C TRP C 262 -3.83 -10.46 -9.55
N ALA C 263 -4.18 -9.21 -9.58
CA ALA C 263 -3.45 -8.18 -8.80
C ALA C 263 -3.49 -8.53 -7.33
N THR C 264 -4.61 -8.93 -6.89
CA THR C 264 -4.77 -9.29 -5.45
C THR C 264 -4.07 -10.63 -5.15
N GLY C 265 -3.60 -11.31 -6.16
CA GLY C 265 -2.92 -12.63 -5.89
C GLY C 265 -3.94 -13.70 -5.39
N LYS C 266 -5.18 -13.60 -5.79
CA LYS C 266 -6.20 -14.59 -5.37
C LYS C 266 -6.84 -15.12 -6.66
N PHE C 267 -6.81 -16.39 -6.85
CA PHE C 267 -7.36 -16.98 -8.12
C PHE C 267 -8.89 -16.81 -8.18
N ASN C 268 -9.56 -16.97 -7.09
CA ASN C 268 -11.04 -16.85 -7.08
C ASN C 268 -11.43 -15.48 -7.59
N THR C 269 -10.63 -14.50 -7.31
CA THR C 269 -10.95 -13.13 -7.77
C THR C 269 -10.56 -13.00 -9.25
N PRO C 270 -11.52 -12.75 -10.10
CA PRO C 270 -11.27 -12.61 -11.57
C PRO C 270 -10.02 -11.77 -11.87
N PRO C 271 -9.19 -12.18 -12.81
CA PRO C 271 -7.94 -11.42 -13.14
C PRO C 271 -8.15 -10.20 -14.08
N ASP C 272 -7.74 -9.00 -13.69
CA ASP C 272 -7.90 -7.86 -14.61
C ASP C 272 -7.29 -8.27 -15.95
N VAL C 273 -7.49 -7.52 -16.98
CA VAL C 273 -6.91 -7.93 -18.30
C VAL C 273 -6.38 -6.70 -19.07
N ASP C 274 -5.38 -6.91 -19.89
CA ASP C 274 -4.82 -5.81 -20.70
C ASP C 274 -4.28 -4.79 -19.73
N GLN C 275 -3.44 -5.22 -18.85
CA GLN C 275 -2.92 -4.24 -17.83
C GLN C 275 -1.53 -3.69 -18.19
N GLU C 276 -1.37 -2.37 -18.22
CA GLU C 276 -0.02 -1.78 -18.49
C GLU C 276 0.83 -1.79 -17.20
N THR C 277 0.24 -1.48 -16.06
CA THR C 277 0.97 -1.45 -14.78
C THR C 277 -0.02 -1.87 -13.69
N TRP C 278 0.31 -2.85 -12.93
CA TRP C 278 -0.63 -3.33 -11.89
C TRP C 278 -0.31 -2.70 -10.55
N PHE C 279 -0.79 -3.28 -9.48
CA PHE C 279 -0.52 -2.72 -8.14
C PHE C 279 -0.63 -3.81 -7.07
N ILE C 280 0.45 -4.07 -6.37
CA ILE C 280 0.44 -5.10 -5.30
C ILE C 280 0.79 -4.39 -4.00
N PRO C 281 -0.12 -4.39 -3.07
CA PRO C 281 0.06 -3.70 -1.75
C PRO C 281 1.01 -4.43 -0.79
N GLY C 282 1.91 -3.70 -0.18
CA GLY C 282 2.83 -4.32 0.79
C GLY C 282 2.07 -5.40 1.54
N GLY C 283 2.72 -6.47 1.82
CA GLY C 283 2.06 -7.60 2.52
C GLY C 283 1.23 -8.42 1.53
N ALA C 284 1.61 -8.50 0.27
CA ALA C 284 0.76 -9.31 -0.67
C ALA C 284 1.52 -9.69 -1.95
N ALA C 285 1.27 -10.86 -2.48
CA ALA C 285 1.94 -11.27 -3.76
C ALA C 285 0.89 -11.45 -4.87
N GLY C 286 1.15 -10.97 -6.06
CA GLY C 286 0.16 -11.11 -7.16
C GLY C 286 0.75 -12.00 -8.26
N ALA C 287 0.15 -11.97 -9.42
CA ALA C 287 0.65 -12.80 -10.55
C ALA C 287 0.13 -12.23 -11.87
N ALA C 288 0.97 -12.20 -12.87
CA ALA C 288 0.56 -11.67 -14.20
C ALA C 288 0.98 -12.67 -15.27
N PHE C 289 0.09 -12.96 -16.17
CA PHE C 289 0.41 -13.94 -17.24
C PHE C 289 0.40 -13.21 -18.57
N TYR C 290 1.38 -13.41 -19.37
CA TYR C 290 1.43 -12.70 -20.67
C TYR C 290 2.12 -13.55 -21.73
N THR C 291 1.61 -13.51 -22.92
CA THR C 291 2.20 -14.27 -24.04
C THR C 291 3.06 -13.32 -24.85
N PHE C 292 4.33 -13.59 -24.92
CA PHE C 292 5.25 -12.70 -25.67
C PHE C 292 4.94 -12.72 -27.16
N GLN C 293 4.96 -11.57 -27.78
CA GLN C 293 4.69 -11.49 -29.24
C GLN C 293 5.88 -10.86 -30.00
N GLN C 294 6.82 -10.25 -29.31
CA GLN C 294 7.98 -9.63 -30.02
C GLN C 294 9.28 -10.00 -29.32
N PRO C 295 10.31 -10.26 -30.09
CA PRO C 295 11.65 -10.64 -29.57
C PRO C 295 12.50 -9.43 -29.22
N GLY C 296 13.41 -9.57 -28.30
CA GLY C 296 14.26 -8.42 -27.92
C GLY C 296 14.43 -8.41 -26.40
N ILE C 297 14.97 -7.35 -25.88
CA ILE C 297 15.17 -7.26 -24.40
C ILE C 297 14.10 -6.34 -23.80
N TYR C 298 13.39 -6.82 -22.82
CA TYR C 298 12.33 -6.01 -22.17
C TYR C 298 12.65 -5.88 -20.68
N ALA C 299 12.46 -4.73 -20.13
CA ALA C 299 12.75 -4.52 -18.69
C ALA C 299 11.47 -4.67 -17.92
N TYR C 300 11.54 -5.22 -16.75
CA TYR C 300 10.29 -5.42 -15.98
C TYR C 300 10.53 -4.79 -14.64
N VAL C 301 9.83 -3.77 -14.28
CA VAL C 301 10.20 -3.19 -12.97
C VAL C 301 9.10 -2.37 -12.34
N ASN C 302 9.35 -1.98 -11.13
CA ASN C 302 8.39 -1.17 -10.37
C ASN C 302 8.27 0.13 -11.12
N HIS C 303 7.10 0.52 -11.45
CA HIS C 303 6.98 1.77 -12.26
C HIS C 303 7.62 2.90 -11.48
N ASN C 304 7.30 3.09 -10.23
CA ASN C 304 8.04 4.19 -9.56
C ASN C 304 9.41 4.31 -10.30
N LEU C 305 9.47 5.10 -11.36
CA LEU C 305 10.71 5.20 -12.18
C LEU C 305 11.91 5.38 -11.27
N ILE C 306 11.75 6.21 -10.31
CA ILE C 306 12.87 6.46 -9.36
C ILE C 306 13.22 5.15 -8.68
N GLU C 307 12.23 4.51 -8.13
CA GLU C 307 12.48 3.19 -7.47
C GLU C 307 13.06 2.16 -8.48
N ALA C 308 12.67 2.21 -9.74
CA ALA C 308 13.20 1.22 -10.73
C ALA C 308 14.58 1.61 -11.35
N PHE C 309 14.95 2.87 -11.43
CA PHE C 309 16.26 3.19 -12.07
C PHE C 309 17.24 3.75 -11.06
N GLU C 310 16.75 4.52 -10.14
CA GLU C 310 17.66 5.12 -9.12
C GLU C 310 17.82 4.21 -7.88
N LEU C 311 16.85 3.39 -7.54
CA LEU C 311 17.01 2.54 -6.33
C LEU C 311 17.53 1.17 -6.73
N GLY C 312 16.95 0.59 -7.74
CA GLY C 312 17.40 -0.76 -8.20
C GLY C 312 16.20 -1.74 -8.41
N ALA C 313 15.00 -1.28 -8.72
CA ALA C 313 13.88 -2.24 -8.95
C ALA C 313 13.68 -2.46 -10.45
N ALA C 314 14.62 -3.07 -11.14
CA ALA C 314 14.44 -3.30 -12.60
C ALA C 314 15.19 -4.55 -13.06
N ALA C 315 14.49 -5.51 -13.63
CA ALA C 315 15.16 -6.74 -14.12
C ALA C 315 15.01 -6.75 -15.63
N HIS C 316 15.46 -7.75 -16.30
CA HIS C 316 15.29 -7.73 -17.79
C HIS C 316 15.06 -9.13 -18.39
N PHE C 317 14.06 -9.27 -19.26
CA PHE C 317 13.83 -10.59 -19.93
C PHE C 317 14.31 -10.55 -21.41
N LYS C 318 15.10 -11.52 -21.83
CA LYS C 318 15.61 -11.59 -23.20
C LYS C 318 14.72 -12.57 -23.91
N VAL C 319 14.19 -12.19 -25.01
CA VAL C 319 13.25 -13.07 -25.71
C VAL C 319 13.73 -13.28 -27.11
N THR C 320 13.60 -14.47 -27.56
CA THR C 320 14.06 -14.79 -28.95
C THR C 320 12.86 -15.03 -29.84
N GLY C 321 13.03 -14.91 -31.13
CA GLY C 321 11.87 -15.14 -32.06
C GLY C 321 11.98 -14.21 -33.28
N GLU C 322 10.89 -14.02 -33.97
CA GLU C 322 10.90 -13.14 -35.17
C GLU C 322 10.09 -11.89 -34.84
N TRP C 323 10.54 -10.77 -35.31
CA TRP C 323 9.84 -9.50 -35.04
C TRP C 323 8.56 -9.46 -35.86
N ASN C 324 7.58 -8.79 -35.34
CA ASN C 324 6.27 -8.67 -36.04
C ASN C 324 6.04 -7.20 -36.36
N ASP C 325 6.17 -6.84 -37.60
CA ASP C 325 6.00 -5.42 -37.99
C ASP C 325 4.55 -5.00 -37.78
N ASP C 326 3.64 -5.87 -38.10
CA ASP C 326 2.20 -5.53 -37.93
C ASP C 326 2.01 -4.85 -36.57
N LEU C 327 2.50 -5.45 -35.53
CA LEU C 327 2.38 -4.86 -34.17
C LEU C 327 3.17 -3.55 -34.08
N MET C 328 4.38 -3.49 -34.59
CA MET C 328 5.14 -2.21 -34.47
C MET C 328 6.25 -2.16 -35.50
N THR C 329 6.39 -1.06 -36.16
CA THR C 329 7.46 -0.95 -37.19
C THR C 329 7.98 0.50 -37.26
N SER C 330 9.28 0.68 -37.36
CA SER C 330 9.84 2.06 -37.46
C SER C 330 9.78 2.51 -38.91
N VAL C 331 8.74 3.22 -39.27
CA VAL C 331 8.60 3.67 -40.68
C VAL C 331 9.82 4.50 -41.06
N LEU C 332 10.17 5.41 -40.22
CA LEU C 332 11.36 6.26 -40.50
C LEU C 332 12.32 6.22 -39.31
N ALA C 333 13.42 5.52 -39.44
CA ALA C 333 14.39 5.43 -38.31
C ALA C 333 14.94 6.83 -38.02
N PRO C 334 15.38 7.04 -36.81
CA PRO C 334 15.93 8.34 -36.37
C PRO C 334 16.94 8.90 -37.38
N SER C 335 16.69 10.05 -37.92
CA SER C 335 17.65 10.63 -38.91
C SER C 335 17.71 12.14 -38.74
N GLY C 336 18.24 12.83 -39.70
CA GLY C 336 18.33 14.31 -39.61
C GLY C 336 17.03 14.93 -40.10
N GLU D 1 21.00 -1.92 48.51
CA GLU D 1 20.73 -0.79 47.62
C GLU D 1 20.00 -1.25 46.35
N ASN D 2 19.73 -0.30 45.48
CA ASN D 2 18.93 -0.53 44.30
C ASN D 2 19.74 -0.36 43.03
N ILE D 3 19.46 -1.24 42.05
CA ILE D 3 20.14 -1.14 40.76
C ILE D 3 19.07 -1.06 39.68
N GLU D 4 19.16 -0.01 38.87
CA GLU D 4 18.14 0.19 37.86
C GLU D 4 18.58 -0.37 36.51
N VAL D 5 17.67 -1.13 35.89
CA VAL D 5 17.97 -1.78 34.60
C VAL D 5 16.92 -1.34 33.60
N HIS D 6 17.31 -1.00 32.37
CA HIS D 6 16.32 -0.62 31.37
C HIS D 6 16.17 -1.74 30.31
N MET D 7 14.94 -1.88 29.84
CA MET D 7 14.62 -2.82 28.75
C MET D 7 14.39 -1.99 27.50
N LEU D 8 15.18 -2.27 26.48
CA LEU D 8 15.13 -1.49 25.25
C LEU D 8 15.03 -2.33 23.99
N ASN D 9 14.43 -1.74 22.95
CA ASN D 9 14.37 -2.40 21.65
C ASN D 9 15.74 -2.36 20.98
N LYS D 10 16.53 -1.34 21.32
CA LYS D 10 17.85 -1.25 20.69
C LYS D 10 18.81 -0.56 21.65
N GLY D 11 20.02 -1.08 21.78
CA GLY D 11 20.98 -0.46 22.71
C GLY D 11 22.37 -0.74 22.20
N ALA D 12 23.36 -0.68 23.08
CA ALA D 12 24.73 -0.85 22.67
C ALA D 12 25.02 -2.21 22.02
N GLU D 13 24.45 -3.29 22.55
CA GLU D 13 24.81 -4.58 21.96
C GLU D 13 23.94 -4.99 20.79
N GLY D 14 22.97 -4.18 20.39
CA GLY D 14 22.12 -4.55 19.27
C GLY D 14 20.65 -4.42 19.64
N ALA D 15 19.80 -5.24 19.03
CA ALA D 15 18.37 -5.21 19.28
C ALA D 15 18.02 -6.05 20.52
N MET D 16 16.97 -5.63 21.20
CA MET D 16 16.32 -6.29 22.31
C MET D 16 17.28 -6.58 23.47
N VAL D 17 17.52 -5.56 24.29
CA VAL D 17 18.54 -5.73 25.33
C VAL D 17 18.13 -5.19 26.69
N PHE D 18 18.84 -5.71 27.71
CA PHE D 18 18.72 -5.20 29.08
C PHE D 18 19.98 -4.35 29.24
N GLU D 19 19.87 -3.16 29.83
CA GLU D 19 21.06 -2.33 30.07
C GLU D 19 21.03 -1.88 31.54
N PRO D 20 21.98 -2.29 32.36
CA PRO D 20 23.12 -3.14 32.04
C PRO D 20 22.69 -4.61 31.91
N ALA D 21 23.53 -5.46 31.31
CA ALA D 21 23.11 -6.86 31.18
C ALA D 21 23.88 -7.69 32.20
N TYR D 22 24.77 -7.01 32.92
CA TYR D 22 25.53 -7.69 33.98
C TYR D 22 25.25 -6.89 35.25
N ILE D 23 24.65 -7.52 36.24
CA ILE D 23 24.24 -6.81 37.45
C ILE D 23 24.89 -7.47 38.67
N LYS D 24 25.66 -6.66 39.38
CA LYS D 24 26.35 -7.17 40.56
C LYS D 24 25.60 -6.74 41.80
N ALA D 25 25.21 -7.69 42.66
CA ALA D 25 24.40 -7.25 43.79
C ALA D 25 24.70 -8.07 45.04
N ASN D 26 24.14 -7.69 46.19
CA ASN D 26 24.32 -8.47 47.41
C ASN D 26 22.96 -8.86 47.98
N PRO D 27 22.89 -9.87 48.84
CA PRO D 27 21.60 -10.29 49.43
C PRO D 27 20.88 -9.12 50.10
N GLY D 28 19.61 -8.90 49.80
CA GLY D 28 18.86 -7.79 50.34
C GLY D 28 18.79 -6.63 49.35
N ASP D 29 19.61 -6.59 48.30
CA ASP D 29 19.51 -5.50 47.32
C ASP D 29 18.27 -5.66 46.45
N THR D 30 17.87 -4.59 45.76
CA THR D 30 16.78 -4.71 44.83
C THR D 30 17.29 -4.35 43.43
N VAL D 31 16.65 -4.94 42.45
CA VAL D 31 16.91 -4.70 41.05
C VAL D 31 15.56 -4.22 40.47
N THR D 32 15.59 -2.99 39.95
CA THR D 32 14.38 -2.42 39.37
C THR D 32 14.48 -2.43 37.84
N PHE D 33 13.55 -3.14 37.23
CA PHE D 33 13.51 -3.31 35.78
C PHE D 33 12.49 -2.33 35.18
N ILE D 34 12.96 -1.45 34.30
CA ILE D 34 12.11 -0.41 33.74
C ILE D 34 11.95 -0.57 32.24
N PRO D 35 10.77 -0.92 31.76
CA PRO D 35 10.63 -1.03 30.30
C PRO D 35 10.55 0.36 29.67
N VAL D 36 11.65 0.83 29.10
CA VAL D 36 11.70 2.13 28.43
C VAL D 36 10.95 2.05 27.10
N ASP D 37 11.05 0.91 26.44
CA ASP D 37 10.24 0.67 25.25
C ASP D 37 9.16 -0.33 25.62
N LYS D 38 8.07 -0.41 24.87
CA LYS D 38 7.05 -1.40 25.20
C LYS D 38 7.39 -2.78 24.62
N GLY D 39 6.77 -3.82 25.17
CA GLY D 39 6.90 -5.15 24.66
C GLY D 39 7.86 -6.04 25.45
N HIS D 40 8.29 -5.58 26.62
CA HIS D 40 9.28 -6.37 27.38
C HIS D 40 8.83 -6.73 28.79
N ASN D 41 9.41 -7.80 29.35
CA ASN D 41 9.13 -8.23 30.72
C ASN D 41 10.42 -8.89 31.24
N VAL D 42 10.37 -9.51 32.39
CA VAL D 42 11.55 -10.22 32.91
C VAL D 42 11.04 -11.48 33.59
N GLU D 43 11.74 -12.58 33.39
CA GLU D 43 11.34 -13.90 33.88
C GLU D 43 12.60 -14.71 34.21
N SER D 44 12.63 -15.38 35.35
CA SER D 44 13.82 -16.17 35.66
C SER D 44 13.79 -17.40 34.76
N ILE D 45 14.97 -17.88 34.37
CA ILE D 45 15.04 -19.05 33.50
C ILE D 45 15.16 -20.33 34.33
N LYS D 46 14.38 -21.33 33.99
CA LYS D 46 14.39 -22.63 34.73
C LYS D 46 15.80 -23.23 34.84
N ASP D 47 16.16 -23.56 36.05
CA ASP D 47 17.44 -24.14 36.37
C ASP D 47 18.63 -23.24 36.14
N MET D 48 18.35 -21.94 36.00
CA MET D 48 19.46 -20.99 35.89
C MET D 48 19.31 -19.89 36.94
N ILE D 49 18.83 -20.27 38.10
CA ILE D 49 18.80 -19.45 39.30
C ILE D 49 19.28 -20.34 40.44
N PRO D 50 19.75 -19.75 41.52
CA PRO D 50 20.31 -20.59 42.59
C PRO D 50 19.30 -21.48 43.28
N GLU D 51 19.80 -22.59 43.79
CA GLU D 51 19.12 -23.63 44.50
C GLU D 51 17.84 -23.28 45.25
N GLY D 52 17.85 -22.34 46.20
CA GLY D 52 16.64 -22.05 46.96
C GLY D 52 15.93 -20.75 46.68
N ALA D 53 16.18 -20.22 45.48
CA ALA D 53 15.56 -18.92 45.17
C ALA D 53 14.21 -19.17 44.52
N GLU D 54 13.29 -18.22 44.64
CA GLU D 54 11.98 -18.40 44.02
C GLU D 54 11.98 -17.97 42.55
N LYS D 55 11.21 -18.65 41.72
CA LYS D 55 11.08 -18.28 40.32
C LYS D 55 10.26 -16.99 40.25
N PHE D 56 10.40 -16.20 39.18
CA PHE D 56 9.66 -14.95 39.07
C PHE D 56 9.35 -14.62 37.63
N LYS D 57 8.25 -13.88 37.43
CA LYS D 57 7.87 -13.49 36.08
C LYS D 57 7.04 -12.21 36.16
N SER D 58 7.50 -11.18 35.48
CA SER D 58 6.74 -9.93 35.54
C SER D 58 5.74 -9.80 34.41
N LYS D 59 4.80 -8.85 34.46
CA LYS D 59 3.90 -8.68 33.31
C LYS D 59 4.56 -7.78 32.27
N ILE D 60 4.22 -7.95 31.00
CA ILE D 60 4.82 -7.12 29.95
C ILE D 60 4.48 -5.65 30.16
N ASN D 61 5.45 -4.77 29.99
CA ASN D 61 5.32 -3.33 30.13
C ASN D 61 5.29 -2.77 31.54
N GLU D 62 5.28 -3.63 32.56
CA GLU D 62 5.32 -3.18 33.95
C GLU D 62 6.74 -3.02 34.50
N ASN D 63 6.83 -2.02 35.38
CA ASN D 63 8.05 -1.77 36.15
C ASN D 63 8.10 -2.89 37.17
N TYR D 64 9.20 -3.61 37.31
CA TYR D 64 9.19 -4.70 38.29
C TYR D 64 10.37 -4.57 39.23
N VAL D 65 10.12 -4.75 40.53
CA VAL D 65 11.21 -4.66 41.49
C VAL D 65 11.52 -6.07 42.01
N LEU D 66 12.72 -6.54 41.71
CA LEU D 66 13.13 -7.85 42.20
C LEU D 66 13.95 -7.71 43.47
N THR D 67 13.60 -8.43 44.55
CA THR D 67 14.50 -8.45 45.70
C THR D 67 15.35 -9.70 45.64
N VAL D 68 16.66 -9.57 45.77
CA VAL D 68 17.50 -10.76 45.66
C VAL D 68 18.00 -11.16 47.05
N THR D 69 17.81 -12.44 47.36
CA THR D 69 18.19 -12.98 48.66
C THR D 69 19.32 -13.98 48.55
N GLN D 70 19.09 -15.08 47.82
CA GLN D 70 20.11 -16.12 47.71
C GLN D 70 21.31 -15.74 46.85
N PRO D 71 22.51 -16.01 47.34
CA PRO D 71 23.74 -15.77 46.60
C PRO D 71 23.82 -16.76 45.42
N GLY D 72 24.57 -16.36 44.42
CA GLY D 72 24.66 -17.20 43.23
C GLY D 72 24.34 -16.36 41.98
N ALA D 73 24.39 -17.02 40.84
CA ALA D 73 24.12 -16.33 39.58
C ALA D 73 22.69 -16.66 39.15
N TYR D 74 22.08 -15.70 38.47
CA TYR D 74 20.71 -15.78 37.98
C TYR D 74 20.76 -15.30 36.50
N LEU D 75 20.23 -16.15 35.62
CA LEU D 75 20.11 -15.64 34.24
C LEU D 75 18.62 -15.35 34.05
N VAL D 76 18.31 -14.14 33.65
CA VAL D 76 16.90 -13.80 33.44
C VAL D 76 16.72 -13.48 31.96
N LYS D 77 15.49 -13.66 31.50
CA LYS D 77 15.24 -13.35 30.09
C LYS D 77 14.04 -12.42 30.00
N CYS D 78 13.85 -11.87 28.81
CA CYS D 78 12.60 -11.22 28.46
C CYS D 78 11.80 -12.35 27.80
N THR D 79 10.57 -12.63 28.22
CA THR D 79 9.81 -13.76 27.69
C THR D 79 9.65 -13.66 26.18
N PRO D 80 9.12 -12.58 25.64
CA PRO D 80 8.97 -12.53 24.18
C PRO D 80 10.29 -12.48 23.43
N HIS D 81 11.35 -11.84 23.94
CA HIS D 81 12.52 -11.72 23.10
C HIS D 81 13.74 -12.56 23.50
N TYR D 82 13.52 -13.58 24.31
CA TYR D 82 14.59 -14.47 24.71
C TYR D 82 15.31 -15.07 23.50
N ALA D 83 14.53 -15.52 22.51
CA ALA D 83 15.20 -16.10 21.34
C ALA D 83 16.01 -15.09 20.54
N MET D 84 15.80 -13.79 20.72
CA MET D 84 16.57 -12.77 20.04
C MET D 84 17.72 -12.28 20.90
N GLY D 85 17.97 -12.96 22.03
CA GLY D 85 19.13 -12.66 22.84
C GLY D 85 18.87 -11.80 24.06
N MET D 86 17.62 -11.48 24.38
CA MET D 86 17.43 -10.50 25.46
C MET D 86 17.55 -11.15 26.84
N ILE D 87 18.74 -11.05 27.43
CA ILE D 87 18.96 -11.68 28.75
C ILE D 87 19.79 -10.75 29.61
N ALA D 88 19.84 -11.04 30.92
CA ALA D 88 20.75 -10.33 31.80
C ALA D 88 21.23 -11.38 32.83
N LEU D 89 22.43 -11.15 33.34
CA LEU D 89 23.00 -12.03 34.37
C LEU D 89 23.09 -11.23 35.67
N ILE D 90 22.51 -11.75 36.73
CA ILE D 90 22.62 -11.10 38.03
C ILE D 90 23.56 -11.95 38.88
N ALA D 91 24.61 -11.35 39.42
CA ALA D 91 25.56 -12.09 40.25
C ALA D 91 25.41 -11.57 41.69
N VAL D 92 24.97 -12.45 42.57
CA VAL D 92 24.76 -12.14 43.98
C VAL D 92 25.87 -12.71 44.83
N GLY D 93 26.67 -11.84 45.45
CA GLY D 93 27.76 -12.30 46.30
C GLY D 93 28.99 -12.59 45.47
N ASP D 94 30.11 -13.02 46.06
CA ASP D 94 31.28 -13.28 45.21
C ASP D 94 31.34 -14.75 44.77
N SER D 95 32.07 -15.02 43.71
CA SER D 95 32.29 -16.28 43.03
C SER D 95 31.10 -17.21 43.10
N PRO D 96 30.06 -16.82 42.35
CA PRO D 96 28.79 -17.54 42.37
C PRO D 96 29.00 -19.03 42.02
N ALA D 97 28.53 -19.90 42.89
CA ALA D 97 28.79 -21.33 42.76
C ALA D 97 28.25 -21.90 41.44
N ASN D 98 27.14 -21.34 40.97
CA ASN D 98 26.48 -21.92 39.79
C ASN D 98 26.78 -21.25 38.47
N LEU D 99 27.72 -20.32 38.38
CA LEU D 99 28.04 -19.60 37.16
C LEU D 99 28.51 -20.49 36.02
N ASP D 100 29.46 -21.40 36.24
CA ASP D 100 29.96 -22.28 35.18
C ASP D 100 28.84 -23.18 34.66
N GLN D 101 27.98 -23.63 35.57
CA GLN D 101 26.83 -24.45 35.19
C GLN D 101 25.94 -23.63 34.25
N ILE D 102 25.68 -22.37 34.60
CA ILE D 102 24.81 -21.59 33.69
C ILE D 102 25.45 -21.33 32.37
N VAL D 103 26.76 -21.12 32.35
CA VAL D 103 27.43 -20.86 31.06
C VAL D 103 27.37 -22.10 30.18
N SER D 104 27.45 -23.28 30.78
CA SER D 104 27.39 -24.50 29.97
C SER D 104 25.97 -24.91 29.60
N ALA D 105 24.91 -24.43 30.28
CA ALA D 105 23.57 -24.94 30.01
C ALA D 105 23.09 -24.70 28.57
N LYS D 106 22.14 -25.54 28.16
CA LYS D 106 21.59 -25.38 26.82
C LYS D 106 20.77 -24.10 26.70
N LYS D 107 21.03 -23.32 25.65
CA LYS D 107 20.28 -22.09 25.40
C LYS D 107 20.49 -21.67 23.94
N PRO D 108 19.67 -20.75 23.43
CA PRO D 108 19.84 -20.28 22.05
C PRO D 108 21.24 -19.75 21.81
N LYS D 109 21.72 -19.98 20.57
CA LYS D 109 23.07 -19.56 20.21
C LYS D 109 23.28 -18.07 20.41
N ILE D 110 22.26 -17.28 20.05
CA ILE D 110 22.43 -15.84 20.20
C ILE D 110 22.51 -15.47 21.67
N VAL D 111 21.72 -16.17 22.48
CA VAL D 111 21.81 -15.94 23.94
C VAL D 111 23.22 -16.23 24.45
N GLN D 112 23.74 -17.40 24.07
CA GLN D 112 25.08 -17.83 24.49
C GLN D 112 26.14 -16.80 24.12
N GLU D 113 26.06 -16.26 22.90
CA GLU D 113 27.03 -15.26 22.48
C GLU D 113 26.94 -13.99 23.32
N ARG D 114 25.72 -13.55 23.65
CA ARG D 114 25.67 -12.35 24.49
C ARG D 114 26.12 -12.57 25.92
N LEU D 115 25.78 -13.74 26.46
CA LEU D 115 26.18 -14.14 27.81
C LEU D 115 27.70 -14.12 27.90
N GLU D 116 28.35 -14.71 26.90
CA GLU D 116 29.80 -14.79 26.90
C GLU D 116 30.44 -13.41 26.87
N LYS D 117 29.80 -12.53 26.11
CA LYS D 117 30.31 -11.17 26.05
C LYS D 117 30.15 -10.47 27.39
N VAL D 118 28.96 -10.55 27.97
CA VAL D 118 28.74 -9.89 29.25
C VAL D 118 29.65 -10.40 30.34
N ILE D 119 29.96 -11.70 30.35
CA ILE D 119 30.84 -12.18 31.40
C ILE D 119 32.26 -11.68 31.18
N ALA D 120 32.63 -11.50 29.92
CA ALA D 120 33.98 -11.02 29.60
C ALA D 120 34.07 -9.51 29.74
N SER D 121 33.25 -8.86 28.95
CA SER D 121 33.01 -7.46 28.68
C SER D 121 31.69 -6.94 29.25
N ALA D 122 31.60 -6.91 30.58
CA ALA D 122 30.45 -6.41 31.30
C ALA D 122 30.61 -6.69 32.81
N LYS D 123 31.52 -7.61 33.11
CA LYS D 123 31.80 -8.04 34.48
C LYS D 123 32.31 -6.91 35.37
CU CU E . -12.39 20.89 11.44
CU CU F . -12.42 13.59 0.92
GD GD G . -10.19 4.45 25.63
GD GD H . -18.45 -10.20 24.90
GD GD I . -0.15 -31.42 21.44
CU CU J . 13.19 12.78 -22.92
CU CU K . 6.24 3.17 -18.25
GD GD L . -1.43 27.45 -19.96
GD GD M . -20.82 28.25 -21.95
GD GD N . -33.45 28.55 1.67
CU CU O . 13.46 -13.79 11.37
CU CU P . 2.14 -10.38 6.66
GD GD Q . 22.96 -14.51 -5.99
GD GD R . 17.07 -22.12 -22.00
GD GD S . 14.19 -2.23 -42.19
CU CU T . 11.84 -7.92 25.41
N THR A 2 -42.01 13.15 -4.76
CA THR A 2 -42.43 14.59 -4.75
C THR A 2 -42.08 15.24 -3.40
N ALA A 3 -42.38 16.50 -3.23
CA ALA A 3 -42.06 17.18 -1.94
C ALA A 3 -42.91 16.59 -0.81
N ALA A 4 -44.18 16.37 -1.03
CA ALA A 4 -45.04 15.81 0.05
C ALA A 4 -44.52 14.43 0.46
N GLU A 5 -44.10 13.65 -0.50
CA GLU A 5 -43.58 12.29 -0.16
C GLU A 5 -42.33 12.41 0.72
N ILE A 6 -41.42 13.28 0.37
CA ILE A 6 -40.18 13.43 1.19
C ILE A 6 -40.54 13.93 2.59
N ALA A 7 -41.45 14.87 2.68
CA ALA A 7 -41.85 15.40 4.02
C ALA A 7 -42.65 14.35 4.83
N ALA A 8 -43.25 13.38 4.20
CA ALA A 8 -44.04 12.36 4.96
C ALA A 8 -43.16 11.18 5.43
N LEU A 9 -41.93 11.09 4.99
CA LEU A 9 -41.07 9.95 5.44
C LEU A 9 -40.83 10.04 6.96
N PRO A 10 -40.86 8.92 7.65
CA PRO A 10 -40.63 8.89 9.13
C PRO A 10 -39.21 9.32 9.55
N ARG A 11 -39.09 10.18 10.53
CA ARG A 11 -37.77 10.64 11.00
C ARG A 11 -37.45 9.84 12.27
N GLN A 12 -36.26 9.35 12.37
CA GLN A 12 -35.90 8.54 13.57
C GLN A 12 -34.52 8.95 14.07
N LYS A 13 -34.44 9.30 15.30
CA LYS A 13 -33.14 9.72 15.88
C LYS A 13 -32.41 8.47 16.36
N VAL A 14 -31.12 8.47 16.24
CA VAL A 14 -30.32 7.30 16.68
C VAL A 14 -29.15 7.77 17.55
N GLU A 15 -28.93 7.09 18.63
CA GLU A 15 -27.84 7.45 19.55
C GLU A 15 -26.58 6.81 19.00
N LEU A 16 -25.53 7.56 18.95
CA LEU A 16 -24.27 6.99 18.38
C LEU A 16 -23.32 6.49 19.47
N VAL A 17 -22.51 5.50 19.18
CA VAL A 17 -21.56 5.00 20.18
C VAL A 17 -20.19 5.47 19.75
N ASP A 18 -19.19 5.06 20.43
CA ASP A 18 -17.81 5.49 20.04
C ASP A 18 -17.02 4.30 19.47
N PRO A 19 -16.26 4.52 18.43
CA PRO A 19 -15.44 3.45 17.80
C PRO A 19 -14.67 2.63 18.84
N PRO A 20 -14.35 1.41 18.52
CA PRO A 20 -14.69 0.80 17.20
C PRO A 20 -16.11 0.21 17.17
N PHE A 21 -16.86 0.35 18.23
CA PHE A 21 -18.23 -0.20 18.26
C PHE A 21 -19.11 0.53 17.23
N VAL A 22 -20.29 0.05 17.07
CA VAL A 22 -21.24 0.67 16.12
C VAL A 22 -22.59 0.73 16.82
N HIS A 23 -23.37 1.68 16.48
CA HIS A 23 -24.69 1.84 17.12
C HIS A 23 -25.58 0.64 16.80
N ALA A 24 -26.85 0.76 17.08
CA ALA A 24 -27.78 -0.38 16.80
C ALA A 24 -28.44 -0.17 15.43
N HIS A 25 -28.37 -1.17 14.59
CA HIS A 25 -29.00 -1.06 13.24
C HIS A 25 -29.29 -2.46 12.70
N SER A 26 -30.12 -2.56 11.69
CA SER A 26 -30.44 -3.89 11.11
C SER A 26 -29.82 -3.97 9.71
N GLN A 27 -29.31 -5.11 9.36
CA GLN A 27 -28.68 -5.24 8.01
C GLN A 27 -29.76 -4.96 7.01
N VAL A 28 -30.71 -5.83 6.93
CA VAL A 28 -31.84 -5.59 6.00
C VAL A 28 -32.63 -4.37 6.52
N ALA A 29 -33.00 -3.47 5.66
CA ALA A 29 -33.73 -2.25 6.10
C ALA A 29 -35.09 -2.64 6.67
N GLU A 30 -35.48 -1.99 7.72
CA GLU A 30 -36.80 -2.27 8.35
C GLU A 30 -37.76 -1.13 7.99
N GLY A 31 -38.69 -1.39 7.12
CA GLY A 31 -39.64 -0.32 6.71
C GLY A 31 -39.10 0.31 5.44
N GLY A 32 -39.73 1.35 4.99
CA GLY A 32 -39.26 2.01 3.75
C GLY A 32 -38.21 3.07 4.12
N PRO A 33 -37.94 3.95 3.21
CA PRO A 33 -36.94 5.04 3.41
C PRO A 33 -37.28 5.90 4.63
N LYS A 34 -36.30 6.31 5.37
CA LYS A 34 -36.57 7.16 6.57
C LYS A 34 -35.39 8.13 6.84
N VAL A 35 -35.72 9.34 7.23
CA VAL A 35 -34.71 10.37 7.55
C VAL A 35 -34.11 10.04 8.91
N VAL A 36 -32.90 9.59 8.88
CA VAL A 36 -32.18 9.21 10.10
C VAL A 36 -31.54 10.44 10.63
N GLU A 37 -31.72 10.66 11.87
CA GLU A 37 -31.16 11.88 12.49
C GLU A 37 -30.06 11.54 13.49
N PHE A 38 -28.94 12.18 13.35
CA PHE A 38 -27.80 11.96 14.28
C PHE A 38 -27.21 13.32 14.66
N THR A 39 -26.77 13.50 15.88
CA THR A 39 -26.20 14.81 16.30
C THR A 39 -24.82 14.60 16.90
N MET A 40 -23.85 15.35 16.46
CA MET A 40 -22.48 15.19 17.02
C MET A 40 -21.86 16.56 17.36
N VAL A 41 -21.33 16.68 18.56
CA VAL A 41 -20.69 17.94 18.99
C VAL A 41 -19.21 17.77 18.77
N ILE A 42 -18.58 18.77 18.27
CA ILE A 42 -17.13 18.67 17.98
C ILE A 42 -16.35 19.12 19.20
N GLU A 43 -15.32 18.42 19.54
CA GLU A 43 -14.54 18.82 20.74
C GLU A 43 -13.05 18.94 20.41
N GLU A 44 -12.49 20.12 20.54
CA GLU A 44 -11.03 20.28 20.25
C GLU A 44 -10.27 20.17 21.58
N LYS A 45 -9.52 19.11 21.78
CA LYS A 45 -8.80 18.97 23.05
C LYS A 45 -7.46 18.31 22.81
N LYS A 46 -6.69 18.20 23.83
CA LYS A 46 -5.35 17.56 23.69
C LYS A 46 -5.41 16.10 24.14
N ILE A 47 -5.00 15.20 23.29
CA ILE A 47 -5.01 13.76 23.64
C ILE A 47 -3.60 13.17 23.44
N VAL A 48 -3.23 12.24 24.27
CA VAL A 48 -1.93 11.60 24.19
C VAL A 48 -2.06 10.49 23.19
N ILE A 49 -1.05 10.26 22.46
CA ILE A 49 -1.13 9.20 21.40
C ILE A 49 0.18 8.42 21.31
N ASP A 50 0.81 8.18 22.42
CA ASP A 50 2.10 7.41 22.44
C ASP A 50 2.54 7.17 23.91
N ASP A 51 3.18 6.05 24.20
CA ASP A 51 3.62 5.79 25.61
C ASP A 51 4.60 6.88 26.12
N ALA A 52 5.09 7.77 25.29
CA ALA A 52 6.04 8.82 25.77
C ALA A 52 5.30 10.12 26.12
N GLY A 53 4.00 10.11 26.18
CA GLY A 53 3.24 11.37 26.53
C GLY A 53 3.16 12.36 25.34
N THR A 54 3.32 11.91 24.12
CA THR A 54 3.22 12.84 22.96
C THR A 54 1.78 13.34 22.93
N GLU A 55 1.58 14.56 22.60
CA GLU A 55 0.16 15.06 22.61
C GLU A 55 -0.19 15.75 21.29
N VAL A 56 -1.37 15.51 20.79
CA VAL A 56 -1.81 16.18 19.53
C VAL A 56 -3.19 16.86 19.72
N HIS A 57 -3.26 18.16 19.48
CA HIS A 57 -4.54 18.90 19.62
C HIS A 57 -5.53 18.29 18.65
N ALA A 58 -6.30 17.38 19.14
CA ALA A 58 -7.27 16.66 18.28
C ALA A 58 -8.53 17.48 18.05
N MET A 59 -9.07 17.32 16.88
CA MET A 59 -10.31 18.00 16.48
C MET A 59 -11.20 16.82 16.27
N ALA A 60 -12.16 16.65 17.10
CA ALA A 60 -12.86 15.38 16.98
C ALA A 60 -14.32 15.54 16.92
N PHE A 61 -14.87 14.85 16.02
CA PHE A 61 -16.36 14.85 15.90
C PHE A 61 -16.92 13.85 16.92
N ASN A 62 -17.79 14.28 17.80
CA ASN A 62 -18.33 13.34 18.83
C ASN A 62 -17.27 13.09 19.92
N GLY A 63 -16.24 13.90 20.01
CA GLY A 63 -15.18 13.69 21.04
C GLY A 63 -14.38 12.40 20.82
N THR A 64 -14.37 11.81 19.63
CA THR A 64 -13.54 10.56 19.46
C THR A 64 -12.87 10.47 18.06
N VAL A 65 -11.58 10.13 18.01
CA VAL A 65 -10.88 9.95 16.72
C VAL A 65 -10.70 8.45 16.54
N PRO A 66 -11.26 7.91 15.50
CA PRO A 66 -12.02 8.68 14.50
C PRO A 66 -13.49 8.87 14.86
N GLY A 67 -14.13 9.87 14.33
CA GLY A 67 -15.56 10.10 14.63
C GLY A 67 -16.27 8.75 14.66
N PRO A 68 -17.51 8.76 15.03
CA PRO A 68 -18.34 7.52 15.11
C PRO A 68 -18.90 7.10 13.75
N LEU A 69 -19.09 5.82 13.55
CA LEU A 69 -19.63 5.35 12.24
C LEU A 69 -21.18 5.40 12.25
N MET A 70 -21.76 6.19 11.38
CA MET A 70 -23.23 6.28 11.29
C MET A 70 -23.66 5.25 10.26
N VAL A 71 -24.74 4.62 10.48
CA VAL A 71 -25.17 3.57 9.51
C VAL A 71 -26.65 3.72 9.12
N VAL A 72 -26.88 3.87 7.85
CA VAL A 72 -28.26 3.97 7.31
C VAL A 72 -28.32 3.07 6.06
N HIS A 73 -29.46 2.99 5.42
CA HIS A 73 -29.56 2.14 4.22
C HIS A 73 -29.60 3.04 2.98
N GLN A 74 -29.51 2.44 1.83
CA GLN A 74 -29.53 3.21 0.57
C GLN A 74 -30.93 3.78 0.38
N ASP A 75 -31.00 5.02 0.03
CA ASP A 75 -32.34 5.66 -0.16
C ASP A 75 -32.67 6.50 1.08
N ASP A 76 -32.32 6.04 2.25
CA ASP A 76 -32.61 6.80 3.47
C ASP A 76 -31.79 8.10 3.47
N TYR A 77 -32.29 9.12 4.10
CA TYR A 77 -31.58 10.42 4.15
C TYR A 77 -30.95 10.62 5.53
N LEU A 78 -29.71 10.99 5.55
CA LEU A 78 -29.00 11.22 6.82
C LEU A 78 -29.10 12.70 7.14
N GLU A 79 -29.57 13.01 8.30
CA GLU A 79 -29.74 14.42 8.72
C GLU A 79 -28.91 14.59 9.95
N LEU A 80 -27.86 15.31 9.84
CA LEU A 80 -26.97 15.41 11.03
C LEU A 80 -26.87 16.84 11.56
N THR A 81 -27.22 17.00 12.81
CA THR A 81 -27.10 18.34 13.47
C THR A 81 -25.70 18.41 14.11
N LEU A 82 -24.83 19.23 13.58
CA LEU A 82 -23.48 19.35 14.10
C LEU A 82 -23.45 20.54 14.99
N ILE A 83 -22.64 20.51 15.95
CA ILE A 83 -22.58 21.64 16.91
C ILE A 83 -21.13 21.94 17.28
N ASN A 84 -20.75 23.17 17.15
CA ASN A 84 -19.36 23.59 17.51
C ASN A 84 -19.46 24.52 18.71
N PRO A 85 -19.20 24.00 19.87
CA PRO A 85 -19.29 24.74 21.16
C PRO A 85 -18.53 26.07 21.16
N GLU A 86 -18.99 27.01 21.94
CA GLU A 86 -18.28 28.32 22.00
C GLU A 86 -16.87 28.12 22.58
N THR A 87 -16.66 27.10 23.37
CA THR A 87 -15.30 26.87 23.96
C THR A 87 -14.27 26.63 22.86
N ASN A 88 -14.68 26.03 21.77
CA ASN A 88 -13.71 25.74 20.67
C ASN A 88 -13.18 27.06 20.10
N THR A 89 -12.09 27.01 19.39
CA THR A 89 -11.52 28.26 18.81
C THR A 89 -11.31 28.15 17.28
N LEU A 90 -11.80 27.12 16.62
CA LEU A 90 -11.59 27.04 15.13
C LEU A 90 -12.91 26.67 14.42
N MET A 91 -13.24 27.36 13.35
CA MET A 91 -14.49 27.02 12.61
C MET A 91 -14.29 25.68 11.89
N HIS A 92 -15.30 24.84 11.86
CA HIS A 92 -15.16 23.53 11.17
C HIS A 92 -16.17 23.40 10.03
N ASN A 93 -16.49 22.19 9.70
CA ASN A 93 -17.46 21.89 8.60
C ASN A 93 -17.38 20.38 8.32
N ILE A 94 -18.39 19.78 7.72
CA ILE A 94 -18.32 18.31 7.46
C ILE A 94 -18.65 17.99 6.00
N ASP A 95 -17.80 17.22 5.36
CA ASP A 95 -18.05 16.82 3.94
C ASP A 95 -18.17 15.29 3.89
N PHE A 96 -19.34 14.77 3.63
CA PHE A 96 -19.51 13.29 3.59
C PHE A 96 -19.36 12.78 2.15
N HIS A 97 -18.36 12.00 1.91
CA HIS A 97 -18.14 11.43 0.55
C HIS A 97 -19.43 10.76 0.03
N ALA A 98 -20.26 10.23 0.91
CA ALA A 98 -21.51 9.55 0.46
C ALA A 98 -22.62 10.54 0.08
N ALA A 99 -22.34 11.82 0.04
CA ALA A 99 -23.38 12.81 -0.34
C ALA A 99 -23.04 13.39 -1.71
N THR A 100 -23.96 14.11 -2.31
CA THR A 100 -23.68 14.70 -3.65
C THR A 100 -24.12 16.17 -3.70
N GLY A 101 -23.18 17.07 -3.84
CA GLY A 101 -23.51 18.55 -3.93
C GLY A 101 -22.92 19.35 -2.75
N ALA A 102 -22.36 20.53 -3.01
CA ALA A 102 -21.80 21.35 -1.88
C ALA A 102 -20.53 20.72 -1.30
N LEU A 103 -19.61 20.30 -2.13
CA LEU A 103 -18.33 19.73 -1.61
C LEU A 103 -18.61 18.66 -0.57
N GLY A 104 -19.67 17.92 -0.75
CA GLY A 104 -20.00 16.84 0.23
C GLY A 104 -20.61 17.43 1.50
N GLY A 105 -21.23 18.57 1.40
CA GLY A 105 -21.86 19.20 2.61
C GLY A 105 -20.92 20.21 3.29
N GLY A 106 -19.67 20.32 2.90
CA GLY A 106 -18.75 21.29 3.56
C GLY A 106 -19.15 22.74 3.24
N GLY A 107 -19.66 22.99 2.05
CA GLY A 107 -20.04 24.39 1.68
C GLY A 107 -21.31 24.85 2.44
N LEU A 108 -22.02 23.96 3.07
CA LEU A 108 -23.27 24.39 3.80
C LEU A 108 -23.20 23.93 5.27
N THR A 109 -22.03 23.82 5.82
CA THR A 109 -21.89 23.40 7.24
C THR A 109 -20.73 24.14 7.95
N GLU A 110 -20.30 25.28 7.45
CA GLU A 110 -19.21 26.04 8.11
C GLU A 110 -19.78 26.67 9.37
N ILE A 111 -19.37 26.20 10.51
CA ILE A 111 -19.94 26.76 11.76
C ILE A 111 -18.81 27.18 12.68
N ASN A 112 -18.81 28.42 13.06
CA ASN A 112 -17.73 28.91 13.98
C ASN A 112 -18.17 28.69 15.42
N PRO A 113 -17.24 28.67 16.34
CA PRO A 113 -17.54 28.48 17.78
C PRO A 113 -18.85 29.16 18.20
N GLY A 114 -19.75 28.43 18.80
CA GLY A 114 -21.05 29.03 19.21
C GLY A 114 -22.10 28.87 18.10
N GLU A 115 -21.85 28.03 17.12
CA GLU A 115 -22.87 27.87 16.03
C GLU A 115 -23.09 26.38 15.67
N LYS A 116 -24.33 26.00 15.38
CA LYS A 116 -24.62 24.59 14.98
C LYS A 116 -25.58 24.59 13.77
N THR A 117 -25.51 23.61 12.91
CA THR A 117 -26.41 23.61 11.75
C THR A 117 -26.99 22.22 11.59
N ILE A 118 -27.73 22.04 10.56
CA ILE A 118 -28.34 20.71 10.30
C ILE A 118 -28.34 20.48 8.79
N LEU A 119 -27.66 19.47 8.34
CA LEU A 119 -27.61 19.21 6.87
C LEU A 119 -28.16 17.82 6.57
N ARG A 120 -29.05 17.74 5.63
CA ARG A 120 -29.64 16.41 5.27
C ARG A 120 -29.30 16.06 3.81
N PHE A 121 -28.87 14.84 3.57
CA PHE A 121 -28.53 14.41 2.19
C PHE A 121 -29.06 12.98 1.97
N LYS A 122 -29.47 12.69 0.77
CA LYS A 122 -30.00 11.34 0.44
C LYS A 122 -28.84 10.39 0.15
N ALA A 123 -28.82 9.29 0.82
CA ALA A 123 -27.76 8.28 0.63
C ALA A 123 -28.16 7.49 -0.58
N THR A 124 -27.68 7.91 -1.69
CA THR A 124 -28.12 7.25 -2.98
C THR A 124 -27.21 6.08 -3.41
N LYS A 125 -26.08 5.89 -2.80
CA LYS A 125 -25.19 4.78 -3.21
C LYS A 125 -24.81 3.96 -1.99
N PRO A 126 -24.80 2.68 -2.13
CA PRO A 126 -24.47 1.75 -1.02
C PRO A 126 -22.95 1.52 -0.85
N GLY A 127 -22.47 1.56 0.36
CA GLY A 127 -21.01 1.33 0.56
C GLY A 127 -20.47 2.23 1.67
N VAL A 128 -19.39 1.81 2.30
CA VAL A 128 -18.79 2.61 3.37
C VAL A 128 -18.13 3.82 2.73
N PHE A 129 -18.14 4.92 3.40
CA PHE A 129 -17.54 6.12 2.81
C PHE A 129 -16.93 6.93 3.93
N VAL A 130 -15.89 7.65 3.66
CA VAL A 130 -15.26 8.45 4.77
C VAL A 130 -15.75 9.93 4.81
N TYR A 131 -16.17 10.41 5.97
CA TYR A 131 -16.59 11.82 6.11
C TYR A 131 -15.44 12.54 6.82
N HIS A 132 -15.29 13.82 6.61
CA HIS A 132 -14.15 14.53 7.26
C HIS A 132 -14.34 16.05 7.18
N CYS A 133 -13.94 16.78 8.19
CA CYS A 133 -14.09 18.26 8.17
C CYS A 133 -13.09 18.84 7.18
N ALA A 134 -13.43 19.90 6.50
CA ALA A 134 -12.47 20.45 5.51
C ALA A 134 -12.71 21.92 5.25
N PRO A 135 -12.39 22.75 6.19
CA PRO A 135 -12.54 24.23 6.06
C PRO A 135 -11.62 24.78 4.97
N PRO A 136 -12.18 25.46 4.01
CA PRO A 136 -11.41 26.03 2.87
C PRO A 136 -10.05 26.61 3.28
N GLY A 137 -8.97 26.08 2.74
CA GLY A 137 -7.62 26.63 3.08
C GLY A 137 -6.93 25.83 4.22
N MET A 138 -7.64 25.05 4.98
CA MET A 138 -6.98 24.30 6.08
C MET A 138 -7.54 22.89 6.12
N VAL A 139 -7.79 22.34 4.97
CA VAL A 139 -8.36 20.96 4.91
C VAL A 139 -7.41 19.94 5.56
N PRO A 140 -6.25 19.72 4.98
CA PRO A 140 -5.25 18.74 5.47
C PRO A 140 -4.97 18.85 6.97
N TRP A 141 -5.03 20.03 7.51
CA TRP A 141 -4.75 20.17 8.97
C TRP A 141 -5.90 19.59 9.80
N HIS A 142 -7.10 19.96 9.47
CA HIS A 142 -8.28 19.45 10.22
C HIS A 142 -8.39 17.92 10.11
N VAL A 143 -8.07 17.36 8.98
CA VAL A 143 -8.19 15.88 8.82
C VAL A 143 -7.07 15.18 9.60
N VAL A 144 -5.86 15.62 9.44
CA VAL A 144 -4.73 14.97 10.15
C VAL A 144 -4.93 15.11 11.67
N SER A 145 -5.56 16.18 12.09
CA SER A 145 -5.78 16.37 13.55
C SER A 145 -6.77 15.32 14.09
N GLY A 146 -7.30 14.50 13.22
CA GLY A 146 -8.26 13.45 13.69
C GLY A 146 -9.72 13.91 13.47
N MET A 147 -9.98 14.78 12.52
CA MET A 147 -11.38 15.22 12.28
C MET A 147 -11.96 14.45 11.08
N ASN A 148 -12.15 13.18 11.23
CA ASN A 148 -12.70 12.37 10.11
C ASN A 148 -13.14 10.99 10.63
N GLY A 149 -14.14 10.44 10.02
CA GLY A 149 -14.67 9.09 10.44
C GLY A 149 -15.21 8.36 9.20
N ALA A 150 -16.37 7.74 9.29
CA ALA A 150 -16.93 7.03 8.10
C ALA A 150 -18.37 6.57 8.34
N ILE A 151 -19.18 6.57 7.32
CA ILE A 151 -20.59 6.11 7.47
C ILE A 151 -20.84 4.91 6.54
N MET A 152 -21.68 4.00 6.94
CA MET A 152 -21.96 2.80 6.08
C MET A 152 -23.41 2.80 5.60
N VAL A 153 -23.61 2.92 4.32
CA VAL A 153 -24.98 2.90 3.76
C VAL A 153 -25.19 1.51 3.23
N LEU A 154 -25.89 0.71 3.95
CA LEU A 154 -26.03 -0.72 3.52
C LEU A 154 -27.22 -0.92 2.58
N PRO A 155 -27.05 -1.75 1.57
CA PRO A 155 -28.14 -2.07 0.63
C PRO A 155 -29.44 -2.40 1.39
N ARG A 156 -30.56 -1.98 0.89
CA ARG A 156 -31.85 -2.25 1.60
C ARG A 156 -31.99 -3.74 1.91
N GLU A 157 -31.46 -4.58 1.06
CA GLU A 157 -31.57 -6.06 1.30
C GLU A 157 -30.34 -6.62 2.04
N GLY A 158 -29.52 -5.78 2.63
CA GLY A 158 -28.33 -6.30 3.36
C GLY A 158 -27.16 -6.47 2.39
N LEU A 159 -26.12 -7.15 2.82
CA LEU A 159 -24.95 -7.36 1.92
C LEU A 159 -24.95 -8.78 1.34
N HIS A 160 -24.49 -8.94 0.12
CA HIS A 160 -24.44 -10.27 -0.51
C HIS A 160 -23.10 -10.42 -1.24
N ASP A 161 -22.72 -11.61 -1.58
CA ASP A 161 -21.43 -11.82 -2.29
C ASP A 161 -21.56 -11.43 -3.77
N GLY A 162 -20.69 -11.92 -4.62
CA GLY A 162 -20.76 -11.57 -6.07
C GLY A 162 -21.84 -12.42 -6.78
N LYS A 163 -22.22 -13.54 -6.22
CA LYS A 163 -23.26 -14.40 -6.90
C LYS A 163 -24.67 -14.13 -6.32
N GLY A 164 -24.83 -13.16 -5.46
CA GLY A 164 -26.20 -12.88 -4.89
C GLY A 164 -26.42 -13.55 -3.50
N LYS A 165 -25.57 -14.44 -3.06
CA LYS A 165 -25.76 -15.09 -1.75
C LYS A 165 -25.71 -14.05 -0.64
N ALA A 166 -26.60 -14.14 0.30
CA ALA A 166 -26.61 -13.14 1.42
C ALA A 166 -25.44 -13.38 2.40
N LEU A 167 -24.77 -12.33 2.78
CA LEU A 167 -23.64 -12.40 3.74
C LEU A 167 -24.06 -11.58 4.96
N THR A 168 -24.36 -12.24 6.03
CA THR A 168 -24.85 -11.55 7.23
C THR A 168 -23.80 -11.68 8.29
N TYR A 169 -23.43 -10.60 8.84
CA TYR A 169 -22.35 -10.63 9.87
C TYR A 169 -22.95 -10.61 11.28
N ASP A 170 -22.36 -11.34 12.20
CA ASP A 170 -22.86 -11.35 13.60
C ASP A 170 -22.38 -10.09 14.35
N LYS A 171 -21.25 -9.54 13.97
CA LYS A 171 -20.73 -8.33 14.67
C LYS A 171 -19.96 -7.48 13.68
N ILE A 172 -19.88 -6.20 13.92
CA ILE A 172 -19.13 -5.30 12.99
C ILE A 172 -18.35 -4.26 13.80
N TYR A 173 -17.11 -4.06 13.46
CA TYR A 173 -16.28 -3.06 14.16
C TYR A 173 -15.74 -2.07 13.14
N TYR A 174 -15.54 -0.85 13.56
CA TYR A 174 -15.02 0.19 12.62
C TYR A 174 -13.66 0.67 13.13
N VAL A 175 -12.64 0.43 12.37
CA VAL A 175 -11.27 0.84 12.78
C VAL A 175 -10.80 2.00 11.90
N GLY A 176 -10.83 3.19 12.41
CA GLY A 176 -10.38 4.37 11.65
C GLY A 176 -8.88 4.55 11.89
N GLU A 177 -8.14 4.65 10.85
CA GLU A 177 -6.68 4.79 10.96
C GLU A 177 -6.38 6.26 10.81
N GLN A 178 -5.40 6.72 11.51
CA GLN A 178 -5.10 8.18 11.42
C GLN A 178 -3.60 8.41 11.41
N ASP A 179 -3.10 9.04 10.37
CA ASP A 179 -1.64 9.34 10.31
C ASP A 179 -1.40 10.76 10.85
N PHE A 180 -0.68 10.90 11.93
CA PHE A 180 -0.43 12.23 12.48
C PHE A 180 0.92 12.75 12.00
N TYR A 181 1.23 13.93 12.37
CA TYR A 181 2.51 14.57 11.98
C TYR A 181 2.88 15.51 13.11
N VAL A 182 3.55 15.00 14.09
CA VAL A 182 3.86 15.82 15.29
C VAL A 182 5.23 16.44 15.15
N PRO A 183 5.29 17.72 15.34
CA PRO A 183 6.58 18.48 15.24
C PRO A 183 7.56 18.13 16.39
N ARG A 184 8.83 17.96 16.07
CA ARG A 184 9.85 17.64 17.11
C ARG A 184 10.90 18.75 17.13
N ASP A 185 11.49 19.01 18.25
CA ASP A 185 12.52 20.09 18.33
C ASP A 185 13.81 19.62 17.67
N GLU A 186 14.91 20.27 17.96
CA GLU A 186 16.21 19.86 17.35
C GLU A 186 16.73 18.56 17.98
N ASN A 187 16.43 18.31 19.23
CA ASN A 187 16.92 17.06 19.89
C ASN A 187 16.07 15.83 19.55
N GLY A 188 15.01 15.98 18.77
CA GLY A 188 14.17 14.80 18.43
C GLY A 188 13.02 14.59 19.45
N LYS A 189 12.75 15.53 20.32
CA LYS A 189 11.64 15.37 21.30
C LYS A 189 10.37 16.03 20.76
N TYR A 190 9.26 15.35 20.84
CA TYR A 190 7.99 15.91 20.34
C TYR A 190 7.74 17.23 21.05
N LYS A 191 7.20 18.17 20.36
CA LYS A 191 6.94 19.50 20.99
C LYS A 191 5.44 19.64 21.34
N LYS A 192 5.16 20.29 22.44
CA LYS A 192 3.75 20.50 22.84
C LYS A 192 3.45 21.99 22.73
N TYR A 193 2.22 22.34 22.64
CA TYR A 193 1.87 23.77 22.51
C TYR A 193 0.70 24.07 23.42
N GLU A 194 0.35 25.30 23.51
CA GLU A 194 -0.78 25.70 24.39
C GLU A 194 -2.11 25.59 23.63
N ALA A 195 -2.19 26.10 22.42
CA ALA A 195 -3.46 26.02 21.67
C ALA A 195 -3.24 25.28 20.37
N PRO A 196 -4.29 25.04 19.65
CA PRO A 196 -4.24 24.32 18.34
C PRO A 196 -3.56 25.13 17.22
N GLY A 197 -3.74 26.43 17.18
CA GLY A 197 -3.10 27.24 16.09
C GLY A 197 -1.60 27.39 16.33
N ASP A 198 -1.17 27.40 17.55
CA ASP A 198 0.29 27.57 17.84
C ASP A 198 1.11 26.48 17.13
N ALA A 199 0.53 25.35 16.86
CA ALA A 199 1.30 24.25 16.18
C ALA A 199 0.90 24.12 14.70
N TYR A 200 0.35 25.14 14.11
CA TYR A 200 -0.03 25.06 12.66
C TYR A 200 1.21 25.13 11.72
N GLU A 201 2.11 26.07 11.91
CA GLU A 201 3.28 26.17 10.98
C GLU A 201 4.20 24.96 11.14
N ASP A 202 4.51 24.61 12.36
CA ASP A 202 5.42 23.45 12.58
C ASP A 202 4.78 22.16 12.08
N THR A 203 3.49 22.03 12.19
CA THR A 203 2.82 20.79 11.73
C THR A 203 2.84 20.74 10.21
N VAL A 204 2.52 21.82 9.57
CA VAL A 204 2.54 21.84 8.08
C VAL A 204 3.91 21.37 7.59
N LYS A 205 4.95 21.86 8.19
CA LYS A 205 6.31 21.43 7.76
C LYS A 205 6.40 19.91 7.81
N VAL A 206 5.96 19.31 8.88
CA VAL A 206 6.01 17.83 8.99
C VAL A 206 5.09 17.18 7.94
N MET A 207 3.92 17.73 7.74
CA MET A 207 2.98 17.14 6.73
C MET A 207 3.60 17.18 5.33
N ARG A 208 4.33 18.20 4.99
CA ARG A 208 4.94 18.30 3.64
C ARG A 208 5.85 17.10 3.41
N THR A 209 6.55 16.69 4.42
CA THR A 209 7.48 15.53 4.27
C THR A 209 6.71 14.26 3.84
N LEU A 210 5.40 14.26 3.91
CA LEU A 210 4.63 13.05 3.52
C LEU A 210 5.06 11.87 4.37
N THR A 211 5.55 12.11 5.56
CA THR A 211 5.99 10.98 6.43
C THR A 211 5.38 11.18 7.82
N PRO A 212 4.36 10.42 8.13
CA PRO A 212 3.66 10.53 9.46
C PRO A 212 4.51 10.02 10.64
N THR A 213 4.62 10.79 11.70
CA THR A 213 5.41 10.33 12.87
C THR A 213 4.67 9.17 13.57
N HIS A 214 3.36 9.08 13.43
CA HIS A 214 2.62 7.98 14.09
C HIS A 214 1.37 7.64 13.26
N VAL A 215 1.15 6.37 13.03
CA VAL A 215 -0.04 5.95 12.25
C VAL A 215 -0.77 5.00 13.14
N VAL A 216 -1.94 5.30 13.55
CA VAL A 216 -2.56 4.36 14.52
C VAL A 216 -4.03 4.15 14.27
N PHE A 217 -4.60 3.35 15.11
CA PHE A 217 -6.06 3.07 14.98
C PHE A 217 -6.78 3.46 16.27
N ASN A 218 -7.91 4.09 16.16
CA ASN A 218 -8.66 4.51 17.39
C ASN A 218 -8.09 5.80 18.02
N GLY A 219 -7.11 6.43 17.39
CA GLY A 219 -6.54 7.68 17.97
C GLY A 219 -5.32 7.45 18.93
N ALA A 220 -4.69 6.30 18.98
CA ALA A 220 -3.51 6.16 19.90
C ALA A 220 -2.79 4.81 19.70
N VAL A 221 -1.48 4.81 19.72
CA VAL A 221 -0.75 3.52 19.55
C VAL A 221 -1.21 2.55 20.65
N GLY A 222 -1.61 1.37 20.28
CA GLY A 222 -2.11 0.40 21.31
C GLY A 222 -3.57 0.69 21.76
N ALA A 223 -4.35 1.46 21.01
CA ALA A 223 -5.75 1.72 21.44
C ALA A 223 -6.64 0.46 21.27
N LEU A 224 -6.32 -0.44 20.36
CA LEU A 224 -7.17 -1.64 20.16
C LEU A 224 -6.37 -2.91 20.46
N THR A 225 -5.45 -2.83 21.37
CA THR A 225 -4.62 -4.03 21.71
C THR A 225 -4.60 -4.19 23.23
N GLY A 226 -4.35 -5.39 23.71
CA GLY A 226 -4.29 -5.63 25.17
C GLY A 226 -5.71 -5.89 25.68
N ASP A 227 -6.14 -5.15 26.66
CA ASP A 227 -7.53 -5.34 27.19
C ASP A 227 -8.56 -4.73 26.23
N LYS A 228 -8.14 -3.88 25.32
CA LYS A 228 -9.12 -3.25 24.38
C LYS A 228 -9.13 -4.00 23.04
N ALA A 229 -8.56 -5.18 22.98
CA ALA A 229 -8.54 -5.93 21.70
C ALA A 229 -9.98 -6.37 21.35
N MET A 230 -10.37 -6.23 20.10
CA MET A 230 -11.74 -6.63 19.74
C MET A 230 -11.97 -8.05 20.24
N THR A 231 -13.01 -8.65 19.79
CA THR A 231 -13.32 -10.05 20.21
C THR A 231 -14.14 -10.76 19.10
N ALA A 232 -14.00 -12.07 19.02
CA ALA A 232 -14.72 -12.89 18.02
C ALA A 232 -14.56 -14.36 18.39
N ALA A 233 -15.54 -15.19 18.12
CA ALA A 233 -15.42 -16.62 18.48
C ALA A 233 -15.48 -17.48 17.22
N VAL A 234 -14.80 -18.59 17.23
CA VAL A 234 -14.79 -19.48 16.05
C VAL A 234 -16.21 -19.67 15.57
N GLY A 235 -16.42 -19.53 14.30
CA GLY A 235 -17.80 -19.68 13.75
C GLY A 235 -18.54 -18.32 13.69
N GLU A 236 -17.91 -17.25 14.12
CA GLU A 236 -18.58 -15.92 14.10
C GLU A 236 -18.15 -15.17 12.83
N LYS A 237 -19.08 -14.49 12.23
CA LYS A 237 -18.80 -13.73 11.00
C LYS A 237 -18.66 -12.28 11.42
N VAL A 238 -17.62 -11.65 11.04
CA VAL A 238 -17.44 -10.26 11.50
C VAL A 238 -17.02 -9.35 10.36
N LEU A 239 -17.66 -8.23 10.25
CA LEU A 239 -17.33 -7.25 9.20
C LEU A 239 -16.46 -6.16 9.82
N ILE A 240 -15.33 -5.88 9.24
CA ILE A 240 -14.42 -4.86 9.79
C ILE A 240 -14.28 -3.70 8.80
N VAL A 241 -14.92 -2.62 9.10
CA VAL A 241 -14.86 -1.43 8.23
C VAL A 241 -13.63 -0.64 8.61
N HIS A 242 -12.90 -0.20 7.65
CA HIS A 242 -11.66 0.55 7.95
C HIS A 242 -11.64 1.78 7.07
N SER A 243 -11.20 2.87 7.61
CA SER A 243 -11.16 4.13 6.82
C SER A 243 -9.83 4.88 7.02
N GLN A 244 -9.45 5.61 6.02
CA GLN A 244 -8.21 6.44 6.02
C GLN A 244 -8.56 7.67 5.18
N ALA A 245 -8.78 8.77 5.83
CA ALA A 245 -9.24 10.00 5.09
C ALA A 245 -8.12 10.78 4.38
N ASN A 246 -6.89 10.45 4.61
CA ASN A 246 -5.79 11.21 3.94
C ASN A 246 -4.47 10.39 3.90
N ARG A 247 -4.56 9.11 3.66
CA ARG A 247 -3.32 8.27 3.59
C ARG A 247 -3.69 6.85 3.11
N ASP A 248 -2.98 6.28 2.16
CA ASP A 248 -3.35 4.89 1.71
C ASP A 248 -2.81 3.82 2.68
N THR A 249 -3.63 2.85 3.06
CA THR A 249 -3.16 1.78 3.96
C THR A 249 -3.33 0.44 3.25
N ARG A 250 -3.10 -0.61 3.96
CA ARG A 250 -3.24 -1.99 3.38
C ARG A 250 -3.52 -2.96 4.53
N PRO A 251 -4.77 -3.09 4.88
CA PRO A 251 -5.23 -3.95 6.00
C PRO A 251 -4.85 -5.42 5.84
N HIS A 252 -4.59 -6.08 6.94
CA HIS A 252 -4.23 -7.53 6.90
C HIS A 252 -4.47 -8.19 8.29
N LEU A 253 -5.34 -9.18 8.35
CA LEU A 253 -5.61 -9.90 9.63
C LEU A 253 -4.61 -11.04 9.76
N ILE A 254 -3.67 -10.87 10.64
CA ILE A 254 -2.61 -11.88 10.85
C ILE A 254 -3.26 -13.15 11.37
N GLY A 255 -3.07 -14.20 10.68
CA GLY A 255 -3.67 -15.49 11.10
C GLY A 255 -5.01 -15.73 10.38
N GLY A 256 -5.57 -14.72 9.75
CA GLY A 256 -6.86 -14.93 9.05
C GLY A 256 -6.78 -14.34 7.64
N HIS A 257 -7.90 -13.95 7.10
CA HIS A 257 -7.90 -13.37 5.73
C HIS A 257 -9.28 -12.75 5.44
N GLY A 258 -9.34 -11.84 4.53
CA GLY A 258 -10.64 -11.18 4.19
C GLY A 258 -11.39 -12.11 3.24
N ASP A 259 -12.34 -12.82 3.75
CA ASP A 259 -13.10 -13.77 2.89
C ASP A 259 -13.67 -13.00 1.72
N TYR A 260 -14.37 -11.96 2.03
CA TYR A 260 -14.96 -11.08 0.98
C TYR A 260 -14.57 -9.66 1.35
N VAL A 261 -13.94 -8.94 0.47
CA VAL A 261 -13.50 -7.57 0.86
C VAL A 261 -13.84 -6.54 -0.21
N TRP A 262 -14.77 -5.68 0.09
CA TRP A 262 -15.11 -4.58 -0.86
C TRP A 262 -14.02 -3.55 -0.67
N ALA A 263 -12.94 -3.75 -1.35
CA ALA A 263 -11.73 -2.87 -1.16
C ALA A 263 -12.10 -1.44 -1.42
N THR A 264 -12.82 -1.23 -2.45
CA THR A 264 -13.21 0.16 -2.82
C THR A 264 -14.27 0.69 -1.85
N GLY A 265 -14.81 -0.15 -1.01
CA GLY A 265 -15.86 0.33 -0.04
C GLY A 265 -17.23 0.58 -0.74
N LYS A 266 -17.44 0.00 -1.89
CA LYS A 266 -18.72 0.17 -2.62
C LYS A 266 -19.38 -1.21 -2.71
N PHE A 267 -20.60 -1.31 -2.34
CA PHE A 267 -21.28 -2.65 -2.36
C PHE A 267 -21.59 -3.07 -3.80
N ASN A 268 -21.97 -2.14 -4.62
CA ASN A 268 -22.30 -2.48 -6.04
C ASN A 268 -21.09 -3.15 -6.69
N THR A 269 -19.92 -2.77 -6.30
CA THR A 269 -18.70 -3.37 -6.90
C THR A 269 -18.42 -4.71 -6.22
N PRO A 270 -18.44 -5.76 -6.99
CA PRO A 270 -18.21 -7.14 -6.45
C PRO A 270 -17.04 -7.19 -5.45
N PRO A 271 -17.19 -7.89 -4.35
CA PRO A 271 -16.10 -7.97 -3.32
C PRO A 271 -14.99 -8.99 -3.64
N ASP A 272 -13.73 -8.58 -3.74
CA ASP A 272 -12.67 -9.58 -4.00
C ASP A 272 -12.87 -10.70 -3.00
N VAL A 273 -12.17 -11.78 -3.14
CA VAL A 273 -12.37 -12.90 -2.17
C VAL A 273 -11.02 -13.59 -1.86
N ASP A 274 -10.91 -14.13 -0.68
CA ASP A 274 -9.66 -14.84 -0.29
C ASP A 274 -8.56 -13.82 -0.32
N GLN A 275 -8.74 -12.74 0.40
CA GLN A 275 -7.68 -11.68 0.35
C GLN A 275 -6.71 -11.75 1.55
N GLU A 276 -5.41 -11.80 1.29
CA GLU A 276 -4.43 -11.79 2.42
C GLU A 276 -4.20 -10.33 2.90
N THR A 277 -4.14 -9.38 1.99
CA THR A 277 -3.91 -7.96 2.36
C THR A 277 -4.61 -7.10 1.32
N TRP A 278 -5.50 -6.27 1.73
CA TRP A 278 -6.25 -5.45 0.74
C TRP A 278 -5.57 -4.10 0.59
N PHE A 279 -6.24 -3.18 -0.01
CA PHE A 279 -5.65 -1.83 -0.20
C PHE A 279 -6.75 -0.75 -0.26
N ILE A 280 -6.72 0.18 0.66
CA ILE A 280 -7.71 1.28 0.68
C ILE A 280 -6.96 2.59 0.50
N PRO A 281 -7.23 3.28 -0.57
CA PRO A 281 -6.53 4.55 -0.91
C PRO A 281 -6.95 5.75 -0.05
N GLY A 282 -5.99 6.52 0.41
CA GLY A 282 -6.32 7.71 1.21
C GLY A 282 -7.59 8.33 0.64
N GLY A 283 -8.45 8.78 1.49
CA GLY A 283 -9.73 9.37 1.04
C GLY A 283 -10.76 8.26 0.75
N ALA A 284 -10.71 7.15 1.45
CA ALA A 284 -11.73 6.09 1.15
C ALA A 284 -11.84 5.05 2.27
N ALA A 285 -13.01 4.50 2.48
CA ALA A 285 -13.17 3.45 3.54
C ALA A 285 -13.64 2.13 2.89
N GLY A 286 -13.06 1.02 3.27
CA GLY A 286 -13.48 -0.28 2.66
C GLY A 286 -14.13 -1.15 3.72
N ALA A 287 -14.31 -2.42 3.44
CA ALA A 287 -14.95 -3.33 4.42
C ALA A 287 -14.58 -4.78 4.11
N ALA A 288 -14.22 -5.54 5.10
CA ALA A 288 -13.85 -6.96 4.88
C ALA A 288 -14.71 -7.84 5.79
N PHE A 289 -15.18 -8.94 5.28
CA PHE A 289 -16.03 -9.85 6.08
C PHE A 289 -15.32 -11.19 6.20
N TYR A 290 -15.14 -11.69 7.38
CA TYR A 290 -14.41 -12.97 7.52
C TYR A 290 -14.99 -13.80 8.67
N THR A 291 -15.11 -15.07 8.44
CA THR A 291 -15.62 -16.00 9.48
C THR A 291 -14.42 -16.63 10.18
N PHE A 292 -14.31 -16.39 11.45
CA PHE A 292 -13.15 -16.92 12.22
C PHE A 292 -13.24 -18.43 12.32
N GLN A 293 -12.14 -19.09 12.11
CA GLN A 293 -12.12 -20.59 12.20
C GLN A 293 -11.14 -21.09 13.28
N GLN A 294 -10.27 -20.24 13.81
CA GLN A 294 -9.31 -20.71 14.85
C GLN A 294 -9.27 -19.72 16.00
N PRO A 295 -9.22 -20.22 17.20
CA PRO A 295 -9.18 -19.38 18.44
C PRO A 295 -7.76 -18.94 18.78
N GLY A 296 -7.65 -17.86 19.48
CA GLY A 296 -6.29 -17.37 19.85
C GLY A 296 -6.22 -15.86 19.62
N ILE A 297 -5.06 -15.29 19.71
CA ILE A 297 -4.92 -13.83 19.50
C ILE A 297 -4.42 -13.55 18.06
N TYR A 298 -5.10 -12.68 17.36
CA TYR A 298 -4.68 -12.34 15.97
C TYR A 298 -4.48 -10.83 15.88
N ALA A 299 -3.46 -10.40 15.19
CA ALA A 299 -3.20 -8.95 15.07
C ALA A 299 -3.76 -8.49 13.74
N TYR A 300 -4.26 -7.30 13.69
CA TYR A 300 -4.83 -6.82 12.41
C TYR A 300 -4.22 -5.48 12.15
N VAL A 301 -3.46 -5.33 11.12
CA VAL A 301 -2.83 -4.00 10.99
C VAL A 301 -2.39 -3.69 9.57
N ASN A 302 -1.97 -2.48 9.41
CA ASN A 302 -1.48 -2.01 8.10
C ASN A 302 -0.26 -2.83 7.81
N HIS A 303 -0.22 -3.42 6.67
CA HIS A 303 0.94 -4.30 6.40
C HIS A 303 2.18 -3.47 6.46
N ASN A 304 2.23 -2.34 5.82
CA ASN A 304 3.50 -1.58 6.03
C ASN A 304 4.01 -1.97 7.46
N LEU A 305 4.79 -3.03 7.58
CA LEU A 305 5.23 -3.52 8.92
C LEU A 305 5.76 -2.36 9.71
N ILE A 306 6.54 -1.57 9.09
CA ILE A 306 7.11 -0.38 9.80
C ILE A 306 5.97 0.45 10.35
N GLU A 307 5.01 0.76 9.51
CA GLU A 307 3.84 1.55 9.98
C GLU A 307 3.03 0.75 11.06
N ALA A 308 3.00 -0.55 10.98
CA ALA A 308 2.21 -1.34 11.99
C ALA A 308 3.00 -1.64 13.30
N PHE A 309 4.31 -1.74 13.29
CA PHE A 309 5.01 -2.06 14.56
C PHE A 309 5.83 -0.88 15.06
N GLU A 310 6.40 -0.13 14.17
CA GLU A 310 7.22 1.04 14.59
C GLU A 310 6.38 2.33 14.73
N LEU A 311 5.30 2.48 13.99
CA LEU A 311 4.51 3.75 14.10
C LEU A 311 3.36 3.54 15.08
N GLY A 312 2.66 2.46 14.94
CA GLY A 312 1.51 2.18 15.85
C GLY A 312 0.23 1.78 15.06
N ALA A 313 0.34 1.14 13.92
CA ALA A 313 -0.89 0.74 13.18
C ALA A 313 -1.14 -0.77 13.38
N ALA A 314 -1.39 -1.21 14.60
CA ALA A 314 -1.63 -2.66 14.81
C ALA A 314 -2.58 -2.90 16.00
N ALA A 315 -3.70 -3.54 15.76
CA ALA A 315 -4.65 -3.83 16.87
C ALA A 315 -4.67 -5.34 17.05
N HIS A 316 -5.49 -5.85 17.93
CA HIS A 316 -5.50 -7.34 18.10
C HIS A 316 -6.90 -7.87 18.47
N PHE A 317 -7.31 -8.96 17.84
CA PHE A 317 -8.65 -9.56 18.18
C PHE A 317 -8.45 -10.90 18.95
N LYS A 318 -9.09 -11.03 20.10
CA LYS A 318 -8.99 -12.25 20.91
C LYS A 318 -10.18 -13.08 20.51
N VAL A 319 -9.94 -14.30 20.20
CA VAL A 319 -11.04 -15.15 19.73
C VAL A 319 -11.11 -16.39 20.57
N THR A 320 -12.28 -16.77 20.92
CA THR A 320 -12.45 -17.99 21.76
C THR A 320 -13.03 -19.13 20.92
N GLY A 321 -12.82 -20.36 21.32
CA GLY A 321 -13.37 -21.50 20.53
C GLY A 321 -12.43 -22.70 20.62
N GLU A 322 -12.62 -23.66 19.75
CA GLU A 322 -11.75 -24.87 19.77
C GLU A 322 -10.81 -24.82 18.56
N TRP A 323 -9.58 -25.17 18.79
CA TRP A 323 -8.58 -25.16 17.70
C TRP A 323 -8.93 -26.25 16.71
N ASN A 324 -8.54 -26.05 15.50
CA ASN A 324 -8.82 -27.04 14.43
C ASN A 324 -7.50 -27.48 13.85
N ASP A 325 -7.08 -28.67 14.16
CA ASP A 325 -5.77 -29.16 13.67
C ASP A 325 -5.81 -29.33 12.16
N ASP A 326 -6.92 -29.73 11.64
CA ASP A 326 -7.03 -29.92 10.16
C ASP A 326 -6.48 -28.68 9.46
N LEU A 327 -6.87 -27.53 9.90
CA LEU A 327 -6.39 -26.27 9.29
C LEU A 327 -4.91 -26.06 9.61
N MET A 328 -4.46 -26.33 10.82
CA MET A 328 -3.03 -26.10 11.12
C MET A 328 -2.63 -26.86 12.37
N THR A 329 -1.51 -27.53 12.34
CA THR A 329 -1.07 -28.28 13.55
C THR A 329 0.47 -28.32 13.64
N SER A 330 1.03 -28.08 14.80
CA SER A 330 2.52 -28.13 14.95
C SER A 330 2.93 -29.59 15.08
N VAL A 331 3.39 -30.18 14.02
CA VAL A 331 3.79 -31.61 14.08
C VAL A 331 4.94 -31.75 15.04
N LEU A 332 5.92 -30.92 14.89
CA LEU A 332 7.08 -30.97 15.82
C LEU A 332 7.31 -29.57 16.43
N ALA A 333 6.98 -29.39 17.69
CA ALA A 333 7.18 -28.05 18.32
C ALA A 333 8.66 -27.72 18.34
N PRO A 334 9.00 -26.46 18.37
CA PRO A 334 10.40 -26.00 18.40
C PRO A 334 11.26 -26.79 19.40
N SER A 335 12.30 -27.42 18.95
CA SER A 335 13.15 -28.21 19.89
C SER A 335 14.50 -28.46 19.25
N GLY A 336 15.45 -28.90 20.03
CA GLY A 336 16.81 -29.17 19.47
C GLY A 336 16.68 -29.97 18.17
N ALA B 1 -2.20 -8.65 -40.05
CA ALA B 1 -2.32 -8.04 -41.40
C ALA B 1 -0.93 -7.98 -42.06
N THR B 2 -0.87 -8.16 -43.35
CA THR B 2 0.44 -8.10 -44.04
C THR B 2 0.74 -6.66 -44.42
N ALA B 3 1.94 -6.40 -44.86
CA ALA B 3 2.30 -5.01 -45.24
C ALA B 3 1.35 -4.48 -46.33
N ALA B 4 1.03 -5.28 -47.31
CA ALA B 4 0.12 -4.81 -48.40
C ALA B 4 -1.23 -4.38 -47.81
N GLU B 5 -1.72 -5.12 -46.86
CA GLU B 5 -3.04 -4.76 -46.26
C GLU B 5 -2.91 -3.46 -45.47
N ILE B 6 -1.88 -3.35 -44.68
CA ILE B 6 -1.70 -2.10 -43.88
C ILE B 6 -1.55 -0.91 -44.82
N ALA B 7 -0.83 -1.07 -45.90
CA ALA B 7 -0.63 0.06 -46.86
C ALA B 7 -1.97 0.48 -47.50
N ALA B 8 -2.90 -0.44 -47.66
CA ALA B 8 -4.21 -0.08 -48.31
C ALA B 8 -5.22 0.50 -47.29
N LEU B 9 -4.88 0.64 -46.04
CA LEU B 9 -5.87 1.21 -45.06
C LEU B 9 -5.87 2.75 -45.14
N PRO B 10 -7.02 3.35 -44.97
CA PRO B 10 -7.16 4.85 -45.01
C PRO B 10 -6.33 5.56 -43.93
N ARG B 11 -5.69 6.65 -44.28
CA ARG B 11 -4.87 7.40 -43.28
C ARG B 11 -5.64 8.67 -42.89
N GLN B 12 -5.62 9.01 -41.64
CA GLN B 12 -6.33 10.22 -41.16
C GLN B 12 -5.41 11.02 -40.25
N LYS B 13 -5.05 12.20 -40.68
CA LYS B 13 -4.14 13.05 -39.88
C LYS B 13 -4.98 13.75 -38.84
N VAL B 14 -4.48 13.84 -37.66
CA VAL B 14 -5.27 14.49 -36.58
C VAL B 14 -4.46 15.61 -35.90
N GLU B 15 -5.05 16.77 -35.80
CA GLU B 15 -4.38 17.91 -35.14
C GLU B 15 -4.63 17.76 -33.65
N LEU B 16 -3.59 17.76 -32.89
CA LEU B 16 -3.76 17.56 -31.42
C LEU B 16 -3.99 18.90 -30.72
N VAL B 17 -4.69 18.87 -29.62
CA VAL B 17 -4.95 20.11 -28.88
C VAL B 17 -4.11 20.07 -27.60
N ASP B 18 -4.23 21.04 -26.77
CA ASP B 18 -3.42 21.01 -25.52
C ASP B 18 -4.31 20.68 -24.30
N PRO B 19 -3.90 19.75 -23.46
CA PRO B 19 -4.67 19.38 -22.26
C PRO B 19 -5.22 20.62 -21.54
N PRO B 20 -6.28 20.47 -20.78
CA PRO B 20 -6.95 19.15 -20.58
C PRO B 20 -7.92 18.78 -21.73
N PHE B 21 -8.02 19.61 -22.73
CA PHE B 21 -8.94 19.31 -23.86
C PHE B 21 -8.42 18.11 -24.63
N VAL B 22 -9.27 17.57 -25.46
CA VAL B 22 -8.91 16.40 -26.28
C VAL B 22 -9.35 16.68 -27.71
N HIS B 23 -8.58 16.24 -28.64
CA HIS B 23 -8.90 16.48 -30.07
C HIS B 23 -10.24 15.85 -30.42
N ALA B 24 -10.82 16.31 -31.47
CA ALA B 24 -12.13 15.76 -31.92
C ALA B 24 -11.97 14.30 -32.29
N HIS B 25 -12.94 13.51 -31.93
CA HIS B 25 -12.91 12.06 -32.22
C HIS B 25 -14.31 11.49 -31.97
N SER B 26 -14.62 10.37 -32.54
CA SER B 26 -15.96 9.78 -32.34
C SER B 26 -15.84 8.60 -31.39
N GLN B 27 -16.76 8.46 -30.50
CA GLN B 27 -16.68 7.33 -29.53
C GLN B 27 -16.74 6.06 -30.33
N VAL B 28 -17.81 5.88 -31.02
CA VAL B 28 -17.95 4.68 -31.89
C VAL B 28 -17.07 4.90 -33.13
N ALA B 29 -16.31 3.92 -33.50
CA ALA B 29 -15.40 4.06 -34.67
C ALA B 29 -16.22 4.23 -35.95
N GLU B 30 -15.81 5.13 -36.79
CA GLU B 30 -16.53 5.36 -38.08
C GLU B 30 -15.72 4.71 -39.20
N GLY B 31 -16.16 3.58 -39.69
CA GLY B 31 -15.41 2.89 -40.76
C GLY B 31 -14.53 1.80 -40.13
N GLY B 32 -13.76 1.09 -40.93
CA GLY B 32 -12.89 0.01 -40.38
C GLY B 32 -11.58 0.63 -39.85
N PRO B 33 -10.57 -0.19 -39.67
CA PRO B 33 -9.24 0.25 -39.16
C PRO B 33 -8.59 1.32 -40.03
N LYS B 34 -7.97 2.29 -39.42
CA LYS B 34 -7.29 3.38 -40.20
C LYS B 34 -5.99 3.83 -39.50
N VAL B 35 -4.96 4.08 -40.28
CA VAL B 35 -3.66 4.56 -39.74
C VAL B 35 -3.81 6.02 -39.36
N VAL B 36 -3.85 6.24 -38.09
CA VAL B 36 -4.01 7.59 -37.55
C VAL B 36 -2.65 8.20 -37.51
N GLU B 37 -2.59 9.40 -37.91
CA GLU B 37 -1.25 10.07 -37.97
C GLU B 37 -1.21 11.26 -37.02
N PHE B 38 -0.22 11.29 -36.18
CA PHE B 38 -0.06 12.44 -35.23
C PHE B 38 1.42 12.88 -35.20
N THR B 39 1.69 14.16 -35.15
CA THR B 39 3.11 14.62 -35.13
C THR B 39 3.32 15.53 -33.92
N MET B 40 4.34 15.28 -33.14
CA MET B 40 4.60 16.13 -31.95
C MET B 40 6.09 16.51 -31.85
N VAL B 41 6.37 17.78 -31.73
CA VAL B 41 7.76 18.26 -31.60
C VAL B 41 8.03 18.42 -30.11
N ILE B 42 9.15 17.99 -29.68
CA ILE B 42 9.48 18.06 -28.24
C ILE B 42 10.19 19.36 -27.97
N GLU B 43 9.82 20.03 -26.93
CA GLU B 43 10.50 21.34 -26.66
C GLU B 43 10.99 21.41 -25.22
N GLU B 44 12.28 21.38 -24.99
CA GLU B 44 12.78 21.50 -23.59
C GLU B 44 12.85 22.99 -23.23
N LYS B 45 11.96 23.49 -22.40
CA LYS B 45 12.02 24.92 -22.09
C LYS B 45 11.81 25.12 -20.61
N LYS B 46 11.68 26.33 -20.22
CA LYS B 46 11.45 26.64 -18.79
C LYS B 46 10.00 27.05 -18.55
N ILE B 47 9.35 26.39 -17.62
CA ILE B 47 7.94 26.71 -17.30
C ILE B 47 7.81 26.95 -15.79
N VAL B 48 6.90 27.79 -15.42
CA VAL B 48 6.69 28.11 -14.01
C VAL B 48 5.71 27.11 -13.50
N ILE B 49 5.83 26.76 -12.29
CA ILE B 49 4.89 25.72 -11.75
C ILE B 49 4.03 26.24 -10.59
N ASP B 50 4.34 27.36 -10.01
CA ASP B 50 3.51 27.85 -8.88
C ASP B 50 3.36 29.35 -8.98
N ASP B 51 2.74 29.95 -8.00
CA ASP B 51 2.54 31.42 -8.02
C ASP B 51 3.84 32.13 -7.62
N ALA B 52 4.66 31.49 -6.82
CA ALA B 52 5.94 32.13 -6.39
C ALA B 52 6.91 32.31 -7.58
N GLY B 53 6.67 31.65 -8.68
CA GLY B 53 7.61 31.80 -9.85
C GLY B 53 8.63 30.64 -9.92
N THR B 54 8.41 29.56 -9.20
CA THR B 54 9.35 28.42 -9.25
C THR B 54 9.46 27.98 -10.69
N GLU B 55 10.64 27.72 -11.15
CA GLU B 55 10.78 27.32 -12.59
C GLU B 55 11.43 25.94 -12.73
N VAL B 56 10.91 25.15 -13.64
CA VAL B 56 11.49 23.79 -13.90
C VAL B 56 11.74 23.59 -15.43
N HIS B 57 12.95 23.22 -15.80
CA HIS B 57 13.30 23.00 -17.22
C HIS B 57 12.53 21.79 -17.67
N ALA B 58 11.38 22.02 -18.18
CA ALA B 58 10.50 20.90 -18.59
C ALA B 58 10.85 20.37 -19.97
N MET B 59 10.64 19.10 -20.14
CA MET B 59 10.87 18.41 -21.43
C MET B 59 9.48 18.10 -21.83
N ALA B 60 9.01 18.69 -22.85
CA ALA B 60 7.58 18.50 -23.09
C ALA B 60 7.29 18.13 -24.49
N PHE B 61 6.55 17.10 -24.59
CA PHE B 61 6.09 16.65 -25.93
C PHE B 61 4.96 17.58 -26.38
N ASN B 62 5.08 18.20 -27.53
CA ASN B 62 4.00 19.14 -27.97
C ASN B 62 4.08 20.47 -27.18
N GLY B 63 5.16 20.73 -26.46
CA GLY B 63 5.27 21.99 -25.69
C GLY B 63 4.27 22.04 -24.52
N THR B 64 3.75 20.92 -24.05
CA THR B 64 2.79 21.04 -22.88
C THR B 64 2.90 19.84 -21.90
N VAL B 65 2.95 20.12 -20.59
CA VAL B 65 2.97 19.04 -19.59
C VAL B 65 1.58 18.98 -18.96
N PRO B 66 0.92 17.87 -19.08
CA PRO B 66 1.46 16.67 -19.76
C PRO B 66 1.19 16.68 -21.27
N GLY B 67 2.00 15.97 -22.02
CA GLY B 67 1.77 15.91 -23.48
C GLY B 67 0.28 15.83 -23.76
N PRO B 68 -0.09 15.90 -25.00
CA PRO B 68 -1.52 15.85 -25.42
C PRO B 68 -2.06 14.41 -25.47
N LEU B 69 -3.35 14.24 -25.27
CA LEU B 69 -3.93 12.87 -25.31
C LEU B 69 -4.35 12.49 -26.74
N MET B 70 -3.73 11.48 -27.31
CA MET B 70 -4.08 11.03 -28.66
C MET B 70 -5.19 10.02 -28.51
N VAL B 71 -6.09 9.99 -29.43
CA VAL B 71 -7.24 9.04 -29.29
C VAL B 71 -7.52 8.30 -30.61
N VAL B 72 -7.43 7.01 -30.56
CA VAL B 72 -7.73 6.16 -31.73
C VAL B 72 -8.59 4.98 -31.25
N HIS B 73 -9.00 4.11 -32.12
CA HIS B 73 -9.84 2.97 -31.70
C HIS B 73 -8.99 1.71 -31.68
N GLN B 74 -9.51 0.68 -31.10
CA GLN B 74 -8.76 -0.60 -31.03
C GLN B 74 -8.64 -1.18 -32.42
N ASP B 75 -7.48 -1.60 -32.78
CA ASP B 75 -7.27 -2.16 -34.14
C ASP B 75 -6.58 -1.12 -35.02
N ASP B 76 -6.93 0.14 -34.86
CA ASP B 76 -6.31 1.21 -35.68
C ASP B 76 -4.82 1.34 -35.31
N TYR B 77 -4.00 1.70 -36.26
CA TYR B 77 -2.55 1.85 -36.00
C TYR B 77 -2.23 3.34 -35.78
N LEU B 78 -1.49 3.61 -34.75
CA LEU B 78 -1.10 5.00 -34.41
C LEU B 78 0.29 5.23 -34.98
N GLU B 79 0.40 6.19 -35.83
CA GLU B 79 1.70 6.49 -36.48
C GLU B 79 2.09 7.85 -36.01
N LEU B 80 3.13 7.92 -35.27
CA LEU B 80 3.52 9.26 -34.72
C LEU B 80 4.89 9.73 -35.19
N THR B 81 4.91 10.85 -35.86
CA THR B 81 6.21 11.46 -36.31
C THR B 81 6.70 12.37 -35.17
N LEU B 82 7.77 12.00 -34.53
CA LEU B 82 8.29 12.76 -33.40
C LEU B 82 9.46 13.52 -33.92
N ILE B 83 9.62 14.68 -33.44
CA ILE B 83 10.73 15.54 -33.92
C ILE B 83 11.43 16.23 -32.76
N ASN B 84 12.71 16.07 -32.68
CA ASN B 84 13.52 16.70 -31.60
C ASN B 84 14.36 17.81 -32.26
N PRO B 85 13.89 19.01 -32.17
CA PRO B 85 14.53 20.21 -32.78
C PRO B 85 15.99 20.36 -32.41
N GLU B 86 16.76 20.94 -33.29
CA GLU B 86 18.21 21.14 -33.00
C GLU B 86 18.38 22.08 -31.79
N THR B 87 17.42 22.93 -31.52
CA THR B 87 17.55 23.87 -30.37
C THR B 87 17.66 23.08 -29.05
N ASN B 88 17.12 21.90 -28.99
CA ASN B 88 17.18 21.10 -27.74
C ASN B 88 18.62 20.62 -27.52
N THR B 89 18.92 20.14 -26.34
CA THR B 89 20.31 19.66 -26.06
C THR B 89 20.34 18.19 -25.55
N LEU B 90 19.23 17.47 -25.48
CA LEU B 90 19.31 16.05 -24.99
C LEU B 90 18.53 15.10 -25.91
N MET B 91 19.05 13.91 -26.15
CA MET B 91 18.33 12.94 -27.02
C MET B 91 17.13 12.39 -26.25
N HIS B 92 16.01 12.21 -26.90
CA HIS B 92 14.82 11.69 -26.20
C HIS B 92 14.39 10.34 -26.78
N ASN B 93 13.12 10.06 -26.68
CA ASN B 93 12.56 8.78 -27.20
C ASN B 93 11.14 8.62 -26.62
N ILE B 94 10.27 7.87 -27.27
CA ILE B 94 8.88 7.74 -26.71
C ILE B 94 8.52 6.25 -26.52
N ASP B 95 8.02 5.91 -25.36
CA ASP B 95 7.59 4.51 -25.09
C ASP B 95 6.09 4.51 -24.76
N PHE B 96 5.26 4.04 -25.65
CA PHE B 96 3.79 4.03 -25.39
C PHE B 96 3.38 2.71 -24.74
N HIS B 97 2.91 2.79 -23.53
CA HIS B 97 2.45 1.56 -22.80
C HIS B 97 1.43 0.78 -23.67
N ALA B 98 0.71 1.45 -24.54
CA ALA B 98 -0.32 0.73 -25.37
C ALA B 98 0.29 0.03 -26.60
N ALA B 99 1.59 -0.01 -26.72
CA ALA B 99 2.21 -0.69 -27.89
C ALA B 99 2.91 -1.96 -27.42
N THR B 100 3.29 -2.81 -28.32
CA THR B 100 3.97 -4.08 -27.90
C THR B 100 5.25 -4.32 -28.72
N GLY B 101 6.40 -4.25 -28.10
CA GLY B 101 7.70 -4.53 -28.81
C GLY B 101 8.66 -3.30 -28.79
N ALA B 102 9.93 -3.50 -28.49
CA ALA B 102 10.89 -2.34 -28.51
C ALA B 102 10.65 -1.42 -27.31
N LEU B 103 10.55 -1.99 -26.15
CA LEU B 103 10.35 -1.15 -24.93
C LEU B 103 9.23 -0.12 -25.16
N GLY B 104 8.17 -0.51 -25.80
CA GLY B 104 7.04 0.45 -26.04
C GLY B 104 7.43 1.48 -27.12
N GLY B 105 8.34 1.13 -27.98
CA GLY B 105 8.75 2.10 -29.06
C GLY B 105 9.96 2.95 -28.64
N GLY B 106 10.43 2.83 -27.43
CA GLY B 106 11.60 3.65 -26.99
C GLY B 106 12.89 3.14 -27.64
N GLY B 107 12.96 1.88 -27.99
CA GLY B 107 14.20 1.33 -28.61
C GLY B 107 14.29 1.71 -30.10
N LEU B 108 13.21 2.16 -30.69
CA LEU B 108 13.26 2.53 -32.15
C LEU B 108 12.90 4.02 -32.36
N THR B 109 13.01 4.83 -31.34
CA THR B 109 12.69 6.29 -31.49
C THR B 109 13.75 7.19 -30.81
N GLU B 110 14.94 6.70 -30.55
CA GLU B 110 15.98 7.54 -29.91
C GLU B 110 16.44 8.58 -30.94
N ILE B 111 16.12 9.81 -30.72
CA ILE B 111 16.51 10.85 -31.71
C ILE B 111 17.25 11.98 -31.02
N ASN B 112 18.40 12.30 -31.51
CA ASN B 112 19.18 13.40 -30.88
C ASN B 112 18.82 14.71 -31.56
N PRO B 113 19.06 15.81 -30.92
CA PRO B 113 18.76 17.16 -31.48
C PRO B 113 18.99 17.21 -32.99
N GLY B 114 18.02 17.67 -33.73
CA GLY B 114 18.18 17.73 -35.23
C GLY B 114 17.77 16.40 -35.88
N GLU B 115 17.03 15.55 -35.19
CA GLU B 115 16.61 14.26 -35.82
C GLU B 115 15.13 13.95 -35.52
N LYS B 116 14.42 13.37 -36.46
CA LYS B 116 12.98 13.03 -36.23
C LYS B 116 12.71 11.63 -36.82
N THR B 117 11.78 10.90 -36.27
CA THR B 117 11.49 9.55 -36.82
C THR B 117 9.99 9.36 -36.91
N ILE B 118 9.57 8.20 -37.30
CA ILE B 118 8.13 7.91 -37.42
C ILE B 118 7.88 6.47 -36.97
N LEU B 119 7.17 6.28 -35.91
CA LEU B 119 6.93 4.89 -35.42
C LEU B 119 5.43 4.57 -35.52
N ARG B 120 5.12 3.42 -36.04
CA ARG B 120 3.68 3.03 -36.17
C ARG B 120 3.43 1.71 -35.40
N PHE B 121 2.45 1.70 -34.55
CA PHE B 121 2.14 0.46 -33.77
C PHE B 121 0.63 0.20 -33.80
N LYS B 122 0.26 -1.04 -33.74
CA LYS B 122 -1.18 -1.42 -33.76
C LYS B 122 -1.72 -1.36 -32.34
N ALA B 123 -2.80 -0.67 -32.20
CA ALA B 123 -3.46 -0.50 -30.89
C ALA B 123 -4.30 -1.73 -30.71
N THR B 124 -3.74 -2.68 -30.08
CA THR B 124 -4.47 -4.00 -29.95
C THR B 124 -5.30 -4.13 -28.67
N LYS B 125 -5.20 -3.22 -27.75
CA LYS B 125 -5.99 -3.33 -26.50
C LYS B 125 -6.69 -2.01 -26.22
N PRO B 126 -7.92 -2.08 -25.78
CA PRO B 126 -8.72 -0.87 -25.47
C PRO B 126 -8.48 -0.32 -24.06
N GLY B 127 -8.28 0.97 -23.92
CA GLY B 127 -8.05 1.53 -22.56
C GLY B 127 -7.05 2.69 -22.61
N VAL B 128 -7.10 3.54 -21.62
CA VAL B 128 -6.17 4.70 -21.58
C VAL B 128 -4.83 4.18 -21.11
N PHE B 129 -3.78 4.72 -21.63
CA PHE B 129 -2.44 4.23 -21.24
C PHE B 129 -1.53 5.42 -21.18
N VAL B 130 -0.49 5.34 -20.44
CA VAL B 130 0.44 6.52 -20.35
C VAL B 130 1.72 6.35 -21.21
N TYR B 131 2.04 7.34 -22.04
CA TYR B 131 3.28 7.29 -22.84
C TYR B 131 4.30 8.19 -22.14
N HIS B 132 5.56 7.97 -22.34
CA HIS B 132 6.57 8.82 -21.64
C HIS B 132 7.97 8.55 -22.22
N CYS B 133 8.80 9.58 -22.33
CA CYS B 133 10.16 9.40 -22.88
C CYS B 133 11.02 8.64 -21.88
N ALA B 134 11.94 7.82 -22.32
CA ALA B 134 12.76 7.06 -21.35
C ALA B 134 14.12 6.69 -21.95
N PRO B 135 14.99 7.65 -22.09
CA PRO B 135 16.35 7.41 -22.63
C PRO B 135 17.19 6.55 -21.68
N PRO B 136 17.70 5.44 -22.14
CA PRO B 136 18.51 4.52 -21.30
C PRO B 136 19.50 5.25 -20.36
N GLY B 137 19.35 5.08 -19.06
CA GLY B 137 20.29 5.75 -18.11
C GLY B 137 19.70 7.06 -17.53
N MET B 138 18.68 7.63 -18.13
CA MET B 138 18.13 8.90 -17.59
C MET B 138 16.62 8.87 -17.73
N VAL B 139 16.04 7.75 -17.42
CA VAL B 139 14.55 7.62 -17.54
C VAL B 139 13.82 8.55 -16.56
N PRO B 140 13.92 8.26 -15.28
CA PRO B 140 13.24 9.03 -14.20
C PRO B 140 13.39 10.53 -14.34
N TRP B 141 14.52 10.97 -14.81
CA TRP B 141 14.73 12.44 -14.96
C TRP B 141 13.82 13.00 -16.05
N HIS B 142 13.82 12.37 -17.20
CA HIS B 142 12.97 12.86 -18.33
C HIS B 142 11.47 12.80 -17.96
N VAL B 143 11.04 11.79 -17.26
CA VAL B 143 9.59 11.68 -16.91
C VAL B 143 9.21 12.73 -15.87
N VAL B 144 10.01 12.87 -14.85
CA VAL B 144 9.69 13.87 -13.79
C VAL B 144 9.73 15.26 -14.39
N SER B 145 10.59 15.47 -15.35
CA SER B 145 10.68 16.81 -15.99
C SER B 145 9.38 17.15 -16.74
N GLY B 146 8.44 16.22 -16.80
CA GLY B 146 7.17 16.49 -17.51
C GLY B 146 7.19 15.89 -18.93
N MET B 147 7.97 14.86 -19.17
CA MET B 147 7.98 14.26 -20.54
C MET B 147 7.09 13.02 -20.54
N ASN B 148 5.80 13.21 -20.42
CA ASN B 148 4.87 12.05 -20.41
C ASN B 148 3.42 12.53 -20.55
N GLY B 149 2.60 11.74 -21.16
CA GLY B 149 1.16 12.10 -21.36
C GLY B 149 0.31 10.81 -21.35
N ALA B 150 -0.63 10.65 -22.25
CA ALA B 150 -1.44 9.41 -22.26
C ALA B 150 -2.34 9.34 -23.51
N ILE B 151 -2.55 8.16 -24.04
CA ILE B 151 -3.43 8.02 -25.24
C ILE B 151 -4.64 7.15 -24.88
N MET B 152 -5.75 7.34 -25.53
CA MET B 152 -6.95 6.53 -25.21
C MET B 152 -7.40 5.73 -26.45
N VAL B 153 -7.32 4.43 -26.38
CA VAL B 153 -7.74 3.56 -27.50
C VAL B 153 -9.13 3.10 -27.15
N LEU B 154 -10.12 3.67 -27.75
CA LEU B 154 -11.52 3.30 -27.36
C LEU B 154 -12.05 2.12 -28.17
N PRO B 155 -12.79 1.25 -27.52
CA PRO B 155 -13.42 0.09 -28.19
C PRO B 155 -14.14 0.53 -29.46
N ARG B 156 -14.02 -0.22 -30.52
CA ARG B 156 -14.68 0.17 -31.81
C ARG B 156 -16.15 0.51 -31.57
N GLU B 157 -16.78 -0.15 -30.64
CA GLU B 157 -18.22 0.12 -30.37
C GLU B 157 -18.41 1.17 -29.25
N GLY B 158 -17.39 1.93 -28.91
CA GLY B 158 -17.56 2.96 -27.84
C GLY B 158 -17.33 2.34 -26.47
N LEU B 159 -17.66 3.03 -25.43
CA LEU B 159 -17.47 2.47 -24.06
C LEU B 159 -18.80 1.94 -23.48
N HIS B 160 -18.75 0.82 -22.79
CA HIS B 160 -19.97 0.25 -22.17
C HIS B 160 -19.64 -0.13 -20.73
N ASP B 161 -20.62 -0.26 -19.90
CA ASP B 161 -20.38 -0.61 -18.47
C ASP B 161 -19.90 -2.07 -18.36
N GLY B 162 -19.94 -2.62 -17.18
CA GLY B 162 -19.49 -4.04 -17.00
C GLY B 162 -20.58 -5.07 -17.42
N LYS B 163 -21.76 -4.65 -17.80
CA LYS B 163 -22.81 -5.65 -18.20
C LYS B 163 -23.12 -5.54 -19.70
N GLY B 164 -22.53 -4.60 -20.40
CA GLY B 164 -22.81 -4.45 -21.87
C GLY B 164 -23.58 -3.15 -22.22
N LYS B 165 -24.10 -2.42 -21.26
CA LYS B 165 -24.86 -1.18 -21.57
C LYS B 165 -23.91 -0.15 -22.14
N ALA B 166 -24.36 0.63 -23.08
CA ALA B 166 -23.48 1.67 -23.69
C ALA B 166 -23.39 2.93 -22.79
N LEU B 167 -22.18 3.41 -22.60
CA LEU B 167 -21.94 4.63 -21.79
C LEU B 167 -21.34 5.66 -22.74
N THR B 168 -22.03 6.73 -22.97
CA THR B 168 -21.57 7.75 -23.92
C THR B 168 -21.38 9.01 -23.16
N TYR B 169 -20.24 9.57 -23.25
CA TYR B 169 -19.95 10.81 -22.47
C TYR B 169 -20.17 12.06 -23.35
N ASP B 170 -20.73 13.09 -22.78
CA ASP B 170 -20.95 14.34 -23.57
C ASP B 170 -19.61 15.09 -23.75
N LYS B 171 -18.75 15.04 -22.76
CA LYS B 171 -17.44 15.74 -22.87
C LYS B 171 -16.37 14.91 -22.17
N ILE B 172 -15.14 15.15 -22.48
CA ILE B 172 -14.03 14.38 -21.84
C ILE B 172 -12.81 15.28 -21.63
N TYR B 173 -12.24 15.24 -20.46
CA TYR B 173 -11.06 16.07 -20.15
C TYR B 173 -9.94 15.12 -19.70
N TYR B 174 -8.73 15.48 -19.99
CA TYR B 174 -7.58 14.61 -19.61
C TYR B 174 -6.69 15.38 -18.65
N VAL B 175 -6.65 14.96 -17.43
CA VAL B 175 -5.82 15.66 -16.42
C VAL B 175 -4.57 14.84 -16.10
N GLY B 176 -3.45 15.30 -16.57
CA GLY B 176 -2.17 14.60 -16.31
C GLY B 176 -1.56 15.17 -15.03
N GLU B 177 -1.22 14.32 -14.13
CA GLU B 177 -0.65 14.76 -12.85
C GLU B 177 0.83 14.61 -12.96
N GLN B 178 1.55 15.48 -12.36
CA GLN B 178 3.02 15.39 -12.48
C GLN B 178 3.69 15.74 -11.15
N ASP B 179 4.46 14.83 -10.63
CA ASP B 179 5.17 15.10 -9.34
C ASP B 179 6.58 15.60 -9.67
N PHE B 180 6.91 16.80 -9.29
CA PHE B 180 8.25 17.33 -9.58
C PHE B 180 9.11 17.18 -8.34
N TYR B 181 10.34 17.52 -8.49
CA TYR B 181 11.31 17.42 -7.37
C TYR B 181 12.27 18.58 -7.58
N VAL B 182 11.94 19.70 -7.03
CA VAL B 182 12.77 20.90 -7.26
C VAL B 182 13.75 21.13 -6.14
N PRO B 183 14.98 21.30 -6.49
CA PRO B 183 16.07 21.55 -5.49
C PRO B 183 15.88 22.90 -4.75
N ARG B 184 16.18 22.93 -3.47
CA ARG B 184 16.03 24.19 -2.70
C ARG B 184 17.40 24.56 -2.13
N ASP B 185 17.63 25.81 -1.91
CA ASP B 185 18.96 26.24 -1.37
C ASP B 185 18.97 26.08 0.15
N GLU B 186 19.85 26.77 0.82
CA GLU B 186 19.92 26.66 2.30
C GLU B 186 18.70 27.36 2.93
N ASN B 187 18.27 28.45 2.35
CA ASN B 187 17.10 29.19 2.92
C ASN B 187 15.77 28.43 2.64
N GLY B 188 15.83 27.26 2.06
CA GLY B 188 14.55 26.52 1.77
C GLY B 188 13.81 27.10 0.54
N LYS B 189 14.44 27.96 -0.22
CA LYS B 189 13.77 28.52 -1.43
C LYS B 189 14.16 27.69 -2.64
N TYR B 190 13.28 27.59 -3.59
CA TYR B 190 13.58 26.79 -4.80
C TYR B 190 14.75 27.42 -5.54
N LYS B 191 15.54 26.61 -6.18
CA LYS B 191 16.72 27.16 -6.92
C LYS B 191 16.45 27.15 -8.43
N LYS B 192 16.96 28.13 -9.14
CA LYS B 192 16.76 28.19 -10.59
C LYS B 192 18.11 27.97 -11.26
N TYR B 193 18.12 27.46 -12.44
CA TYR B 193 19.41 27.20 -13.11
C TYR B 193 19.38 27.81 -14.50
N GLU B 194 20.47 27.76 -15.18
CA GLU B 194 20.53 28.33 -16.55
C GLU B 194 20.14 27.26 -17.59
N ALA B 195 20.76 26.11 -17.53
CA ALA B 195 20.43 25.05 -18.50
C ALA B 195 19.93 23.80 -17.75
N PRO B 196 19.19 22.97 -18.43
CA PRO B 196 18.62 21.72 -17.83
C PRO B 196 19.69 20.82 -17.20
N GLY B 197 20.87 20.78 -17.76
CA GLY B 197 21.95 19.90 -17.19
C GLY B 197 22.45 20.42 -15.82
N ASP B 198 22.44 21.71 -15.59
CA ASP B 198 22.96 22.25 -14.29
C ASP B 198 22.04 21.83 -13.14
N ALA B 199 20.85 21.40 -13.43
CA ALA B 199 19.92 20.98 -12.34
C ALA B 199 19.77 19.45 -12.29
N TYR B 200 20.64 18.72 -12.92
CA TYR B 200 20.55 17.22 -12.89
C TYR B 200 21.00 16.61 -11.54
N GLU B 201 22.17 16.95 -11.02
CA GLU B 201 22.65 16.31 -9.75
C GLU B 201 21.78 16.74 -8.57
N ASP B 202 21.45 17.99 -8.51
CA ASP B 202 20.62 18.48 -7.37
C ASP B 202 19.22 17.88 -7.45
N THR B 203 18.72 17.65 -8.63
CA THR B 203 17.36 17.06 -8.77
C THR B 203 17.40 15.60 -8.34
N VAL B 204 18.34 14.86 -8.86
CA VAL B 204 18.44 13.43 -8.48
C VAL B 204 18.37 13.31 -6.96
N LYS B 205 19.13 14.12 -6.26
CA LYS B 205 19.10 14.06 -4.77
C LYS B 205 17.65 14.17 -4.27
N VAL B 206 16.91 15.12 -4.78
CA VAL B 206 15.49 15.27 -4.35
C VAL B 206 14.67 14.06 -4.79
N MET B 207 14.90 13.59 -5.99
CA MET B 207 14.12 12.41 -6.48
C MET B 207 14.36 11.18 -5.58
N ARG B 208 15.54 11.03 -5.04
CA ARG B 208 15.82 9.84 -4.18
C ARG B 208 14.95 9.89 -2.93
N THR B 209 14.71 11.06 -2.41
CA THR B 209 13.86 11.18 -1.18
C THR B 209 12.43 10.66 -1.43
N LEU B 210 12.08 10.35 -2.66
CA LEU B 210 10.70 9.86 -2.93
C LEU B 210 9.69 10.85 -2.35
N THR B 211 10.02 12.12 -2.36
CA THR B 211 9.08 13.13 -1.81
C THR B 211 9.04 14.32 -2.76
N PRO B 212 8.03 14.39 -3.57
CA PRO B 212 7.87 15.51 -4.56
C PRO B 212 7.58 16.87 -3.91
N THR B 213 8.29 17.92 -4.29
CA THR B 213 8.03 19.26 -3.70
C THR B 213 6.70 19.81 -4.25
N HIS B 214 6.26 19.37 -5.40
CA HIS B 214 4.98 19.88 -5.97
C HIS B 214 4.32 18.78 -6.82
N VAL B 215 3.06 18.54 -6.59
CA VAL B 215 2.35 17.50 -7.37
C VAL B 215 1.19 18.23 -7.97
N VAL B 216 1.12 18.34 -9.26
CA VAL B 216 0.01 19.17 -9.76
C VAL B 216 -0.62 18.61 -11.01
N PHE B 217 -1.55 19.34 -11.52
CA PHE B 217 -2.26 18.88 -12.75
C PHE B 217 -2.09 19.94 -13.84
N ASN B 218 -1.87 19.51 -15.06
CA ASN B 218 -1.70 20.50 -16.17
C ASN B 218 -0.30 21.18 -16.16
N GLY B 219 0.61 20.77 -15.31
CA GLY B 219 1.96 21.40 -15.29
C GLY B 219 2.12 22.54 -14.23
N ALA B 220 1.14 22.85 -13.38
CA ALA B 220 1.40 23.95 -12.40
C ALA B 220 0.31 24.01 -11.33
N VAL B 221 0.67 24.38 -10.13
CA VAL B 221 -0.35 24.48 -9.05
C VAL B 221 -1.40 25.52 -9.48
N GLY B 222 -2.65 25.16 -9.42
CA GLY B 222 -3.72 26.12 -9.85
C GLY B 222 -3.80 26.22 -11.39
N ALA B 223 -3.37 25.21 -12.13
CA ALA B 223 -3.45 25.28 -13.63
C ALA B 223 -4.91 25.08 -14.11
N LEU B 224 -5.72 24.32 -13.41
CA LEU B 224 -7.12 24.07 -13.85
C LEU B 224 -8.13 24.78 -12.93
N THR B 225 -7.89 26.02 -12.63
CA THR B 225 -8.82 26.80 -11.77
C THR B 225 -9.00 28.18 -12.38
N GLY B 226 -9.88 28.97 -11.86
CA GLY B 226 -10.11 30.33 -12.41
C GLY B 226 -10.72 30.19 -13.78
N ASP B 227 -10.26 30.97 -14.72
CA ASP B 227 -10.81 30.87 -16.10
C ASP B 227 -10.47 29.50 -16.70
N LYS B 228 -9.49 28.81 -16.17
CA LYS B 228 -9.13 27.47 -16.72
C LYS B 228 -9.88 26.34 -16.00
N ALA B 229 -10.71 26.64 -15.02
CA ALA B 229 -11.45 25.55 -14.31
C ALA B 229 -12.35 24.79 -15.30
N MET B 230 -12.32 23.48 -15.28
CA MET B 230 -13.17 22.71 -16.20
C MET B 230 -14.60 23.20 -16.06
N THR B 231 -15.47 22.70 -16.86
CA THR B 231 -16.90 23.13 -16.80
C THR B 231 -17.83 21.94 -17.09
N ALA B 232 -18.97 21.94 -16.48
CA ALA B 232 -19.98 20.86 -16.68
C ALA B 232 -21.32 21.34 -16.13
N ALA B 233 -22.42 20.80 -16.61
CA ALA B 233 -23.74 21.25 -16.12
C ALA B 233 -24.53 20.04 -15.62
N VAL B 234 -25.46 20.29 -14.75
CA VAL B 234 -26.30 19.20 -14.20
C VAL B 234 -26.85 18.37 -15.35
N GLY B 235 -26.72 17.10 -15.26
CA GLY B 235 -27.23 16.21 -16.36
C GLY B 235 -26.14 15.95 -17.44
N GLU B 236 -24.96 16.50 -17.28
CA GLU B 236 -23.88 16.27 -18.28
C GLU B 236 -23.04 15.07 -17.85
N LYS B 237 -22.70 14.25 -18.78
CA LYS B 237 -21.88 13.06 -18.48
C LYS B 237 -20.47 13.40 -18.91
N VAL B 238 -19.55 13.27 -18.03
CA VAL B 238 -18.16 13.66 -18.39
C VAL B 238 -17.17 12.57 -18.01
N LEU B 239 -16.32 12.24 -18.93
CA LEU B 239 -15.29 11.21 -18.65
C LEU B 239 -13.96 11.92 -18.38
N ILE B 240 -13.39 11.69 -17.24
CA ILE B 240 -12.11 12.38 -16.89
C ILE B 240 -10.96 11.37 -16.84
N VAL B 241 -10.13 11.41 -17.84
CA VAL B 241 -8.97 10.49 -17.89
C VAL B 241 -7.86 11.13 -17.08
N HIS B 242 -7.18 10.35 -16.33
CA HIS B 242 -6.11 10.91 -15.48
C HIS B 242 -4.91 9.98 -15.57
N SER B 243 -3.76 10.54 -15.67
CA SER B 243 -2.54 9.69 -15.78
C SER B 243 -1.42 10.18 -14.85
N GLN B 244 -0.60 9.25 -14.42
CA GLN B 244 0.56 9.53 -13.53
C GLN B 244 1.67 8.57 -13.98
N ALA B 245 2.64 9.07 -14.69
CA ALA B 245 3.73 8.20 -15.24
C ALA B 245 4.97 8.33 -14.38
N ASN B 246 4.78 8.25 -13.11
CA ASN B 246 5.91 8.34 -12.15
C ASN B 246 5.39 8.51 -10.69
N ARG B 247 4.22 7.99 -10.32
CA ARG B 247 3.78 8.17 -8.91
C ARG B 247 2.34 7.72 -8.76
N ASP B 248 2.01 7.07 -7.66
CA ASP B 248 0.59 6.63 -7.49
C ASP B 248 -0.31 7.78 -6.95
N THR B 249 -1.49 7.98 -7.52
CA THR B 249 -2.39 9.03 -7.03
C THR B 249 -3.73 8.38 -6.67
N ARG B 250 -4.63 9.15 -6.18
CA ARG B 250 -5.97 8.61 -5.78
C ARG B 250 -7.01 9.71 -6.02
N PRO B 251 -7.49 9.80 -7.23
CA PRO B 251 -8.48 10.82 -7.66
C PRO B 251 -9.75 10.85 -6.82
N HIS B 252 -10.33 12.00 -6.70
CA HIS B 252 -11.60 12.15 -5.92
C HIS B 252 -12.31 13.49 -6.26
N LEU B 253 -13.52 13.43 -6.77
CA LEU B 253 -14.28 14.66 -7.10
C LEU B 253 -15.07 15.09 -5.87
N ILE B 254 -14.66 16.16 -5.27
CA ILE B 254 -15.31 16.68 -4.06
C ILE B 254 -16.73 17.06 -4.39
N GLY B 255 -17.64 16.50 -3.69
CA GLY B 255 -19.07 16.80 -3.95
C GLY B 255 -19.66 15.80 -4.97
N GLY B 256 -18.84 15.00 -5.61
CA GLY B 256 -19.38 14.03 -6.60
C GLY B 256 -18.81 12.63 -6.34
N HIS B 257 -18.73 11.84 -7.36
CA HIS B 257 -18.19 10.47 -7.23
C HIS B 257 -18.04 9.86 -8.63
N GLY B 258 -17.20 8.88 -8.75
CA GLY B 258 -16.99 8.23 -10.08
C GLY B 258 -18.07 7.18 -10.27
N ASP B 259 -19.02 7.47 -11.08
CA ASP B 259 -20.13 6.50 -11.30
C ASP B 259 -19.53 5.19 -11.78
N TYR B 260 -18.74 5.27 -12.79
CA TYR B 260 -18.07 4.07 -13.34
C TYR B 260 -16.60 4.42 -13.48
N VAL B 261 -15.72 3.67 -12.88
CA VAL B 261 -14.29 4.07 -12.98
C VAL B 261 -13.37 2.90 -13.35
N TRP B 262 -12.84 2.92 -14.54
CA TRP B 262 -11.88 1.88 -14.96
C TRP B 262 -10.57 2.26 -14.29
N ALA B 263 -10.43 1.84 -13.08
CA ALA B 263 -9.25 2.27 -12.26
C ALA B 263 -7.97 1.84 -12.93
N THR B 264 -8.00 0.68 -13.48
CA THR B 264 -6.79 0.16 -14.15
C THR B 264 -6.62 0.81 -15.53
N GLY B 265 -7.59 1.56 -15.97
CA GLY B 265 -7.46 2.21 -17.33
C GLY B 265 -7.58 1.17 -18.47
N LYS B 266 -8.25 0.07 -18.24
CA LYS B 266 -8.43 -0.98 -19.28
C LYS B 266 -9.94 -1.14 -19.47
N PHE B 267 -10.40 -1.00 -20.68
CA PHE B 267 -11.87 -1.10 -20.92
C PHE B 267 -12.37 -2.53 -20.71
N ASN B 268 -11.60 -3.51 -21.11
CA ASN B 268 -12.05 -4.91 -20.96
C ASN B 268 -12.27 -5.24 -19.49
N THR B 269 -11.52 -4.61 -18.63
CA THR B 269 -11.66 -4.87 -17.18
C THR B 269 -12.87 -4.09 -16.66
N PRO B 270 -13.87 -4.79 -16.22
CA PRO B 270 -15.12 -4.14 -15.71
C PRO B 270 -14.83 -2.91 -14.84
N PRO B 271 -15.55 -1.81 -15.04
CA PRO B 271 -15.31 -0.56 -14.24
C PRO B 271 -15.98 -0.57 -12.84
N ASP B 272 -15.21 -0.34 -11.77
CA ASP B 272 -15.86 -0.30 -10.44
C ASP B 272 -17.03 0.66 -10.55
N VAL B 273 -17.82 0.78 -9.54
CA VAL B 273 -18.98 1.72 -9.63
C VAL B 273 -19.25 2.41 -8.28
N ASP B 274 -19.76 3.61 -8.32
CA ASP B 274 -20.07 4.34 -7.07
C ASP B 274 -18.78 4.50 -6.32
N GLN B 275 -17.81 5.08 -6.94
CA GLN B 275 -16.48 5.21 -6.23
C GLN B 275 -16.27 6.62 -5.63
N GLU B 276 -15.92 6.68 -4.35
CA GLU B 276 -15.64 8.01 -3.73
C GLU B 276 -14.19 8.45 -4.06
N THR B 277 -13.26 7.52 -4.04
CA THR B 277 -11.84 7.85 -4.35
C THR B 277 -11.22 6.61 -5.00
N TRP B 278 -10.70 6.75 -6.17
CA TRP B 278 -10.13 5.57 -6.86
C TRP B 278 -8.63 5.48 -6.59
N PHE B 279 -7.94 4.74 -7.40
CA PHE B 279 -6.47 4.59 -7.20
C PHE B 279 -5.78 4.22 -8.53
N ILE B 280 -4.89 5.07 -8.97
CA ILE B 280 -4.14 4.81 -10.24
C ILE B 280 -2.67 4.73 -9.89
N PRO B 281 -2.07 3.58 -10.08
CA PRO B 281 -0.65 3.33 -9.72
C PRO B 281 0.36 4.01 -10.66
N GLY B 282 1.36 4.62 -10.11
CA GLY B 282 2.40 5.26 -10.95
C GLY B 282 2.64 4.37 -12.15
N GLY B 283 2.79 4.94 -13.30
CA GLY B 283 3.00 4.16 -14.52
C GLY B 283 1.66 3.72 -15.10
N ALA B 284 0.59 4.48 -14.91
CA ALA B 284 -0.71 4.01 -15.49
C ALA B 284 -1.75 5.13 -15.56
N ALA B 285 -2.64 5.08 -16.53
CA ALA B 285 -3.71 6.12 -16.64
C ALA B 285 -5.09 5.45 -16.50
N GLY B 286 -5.99 6.03 -15.73
CA GLY B 286 -7.33 5.41 -15.57
C GLY B 286 -8.39 6.31 -16.20
N ALA B 287 -9.63 6.09 -15.88
CA ALA B 287 -10.73 6.92 -16.46
C ALA B 287 -11.98 6.79 -15.58
N ALA B 288 -12.62 7.89 -15.30
CA ALA B 288 -13.85 7.87 -14.46
C ALA B 288 -14.97 8.61 -15.20
N PHE B 289 -16.14 8.05 -15.21
CA PHE B 289 -17.28 8.69 -15.91
C PHE B 289 -18.34 9.04 -14.87
N TYR B 290 -18.78 10.26 -14.85
CA TYR B 290 -19.79 10.63 -13.83
C TYR B 290 -20.76 11.68 -14.38
N THR B 291 -22.01 11.50 -14.09
CA THR B 291 -23.05 12.47 -14.54
C THR B 291 -23.31 13.44 -13.40
N PHE B 292 -23.05 14.69 -13.63
CA PHE B 292 -23.25 15.72 -12.57
C PHE B 292 -24.72 15.85 -12.22
N GLN B 293 -25.00 16.00 -10.96
CA GLN B 293 -26.43 16.16 -10.53
C GLN B 293 -26.63 17.48 -9.75
N GLN B 294 -25.58 18.12 -9.28
CA GLN B 294 -25.75 19.39 -8.52
C GLN B 294 -24.83 20.46 -9.09
N PRO B 295 -25.31 21.68 -9.15
CA PRO B 295 -24.53 22.83 -9.67
C PRO B 295 -23.67 23.47 -8.60
N GLY B 296 -22.64 24.16 -9.00
CA GLY B 296 -21.75 24.82 -8.01
C GLY B 296 -20.29 24.57 -8.39
N ILE B 297 -19.40 24.81 -7.48
CA ILE B 297 -17.95 24.58 -7.78
C ILE B 297 -17.44 23.35 -7.03
N TYR B 298 -16.87 22.41 -7.73
CA TYR B 298 -16.36 21.19 -7.08
C TYR B 298 -14.86 21.07 -7.34
N ALA B 299 -14.12 20.58 -6.38
CA ALA B 299 -12.65 20.44 -6.55
C ALA B 299 -12.34 18.99 -6.85
N TYR B 300 -11.49 18.74 -7.81
CA TYR B 300 -11.16 17.33 -8.14
C TYR B 300 -9.70 17.16 -7.86
N VAL B 301 -9.34 16.33 -6.94
CA VAL B 301 -7.88 16.27 -6.68
C VAL B 301 -7.44 14.98 -6.03
N ASN B 302 -6.16 14.84 -5.92
CA ASN B 302 -5.57 13.65 -5.29
C ASN B 302 -5.98 13.70 -3.85
N HIS B 303 -6.52 12.65 -3.36
CA HIS B 303 -7.00 12.70 -1.96
C HIS B 303 -5.83 12.99 -1.07
N ASN B 304 -4.72 12.32 -1.22
CA ASN B 304 -3.62 12.76 -0.31
C ASN B 304 -3.88 14.28 -0.02
N LEU B 305 -4.66 14.61 1.00
CA LEU B 305 -5.02 16.03 1.27
C LEU B 305 -3.78 16.89 1.19
N ILE B 306 -2.74 16.42 1.78
CA ILE B 306 -1.47 17.20 1.76
C ILE B 306 -1.06 17.42 0.31
N GLU B 307 -1.03 16.37 -0.45
CA GLU B 307 -0.65 16.50 -1.89
C GLU B 307 -1.67 17.39 -2.64
N ALA B 308 -2.94 17.34 -2.29
CA ALA B 308 -3.95 18.17 -3.01
C ALA B 308 -4.02 19.66 -2.53
N PHE B 309 -3.66 19.99 -1.30
CA PHE B 309 -3.79 21.42 -0.89
C PHE B 309 -2.41 22.03 -0.64
N GLU B 310 -1.53 21.28 -0.06
CA GLU B 310 -0.16 21.82 0.23
C GLU B 310 0.80 21.65 -0.97
N LEU B 311 0.64 20.66 -1.81
CA LEU B 311 1.60 20.49 -2.94
C LEU B 311 1.06 21.17 -4.19
N GLY B 312 -0.18 20.98 -4.47
CA GLY B 312 -0.81 21.60 -5.68
C GLY B 312 -1.54 20.55 -6.55
N ALA B 313 -2.15 19.51 -5.98
CA ALA B 313 -2.87 18.54 -6.84
C ALA B 313 -4.39 18.76 -6.71
N ALA B 314 -4.89 19.92 -7.07
CA ALA B 314 -6.36 20.15 -6.95
C ALA B 314 -6.86 21.10 -8.04
N ALA B 315 -7.79 20.66 -8.86
CA ALA B 315 -8.34 21.54 -9.91
C ALA B 315 -9.76 21.90 -9.51
N HIS B 316 -10.49 22.58 -10.33
CA HIS B 316 -11.89 22.93 -9.92
C HIS B 316 -12.85 22.91 -11.11
N PHE B 317 -14.00 22.28 -10.98
CA PHE B 317 -14.99 22.27 -12.10
C PHE B 317 -16.25 23.11 -11.75
N LYS B 318 -16.56 24.11 -12.56
CA LYS B 318 -17.74 24.95 -12.32
C LYS B 318 -18.90 24.26 -13.01
N VAL B 319 -20.01 24.17 -12.37
CA VAL B 319 -21.14 23.46 -12.98
C VAL B 319 -22.38 24.32 -12.88
N THR B 320 -23.05 24.47 -13.98
CA THR B 320 -24.29 25.29 -14.00
C THR B 320 -25.52 24.38 -13.94
N GLY B 321 -26.62 24.88 -13.45
CA GLY B 321 -27.84 24.04 -13.37
C GLY B 321 -28.70 24.48 -12.17
N GLU B 322 -29.61 23.63 -11.76
CA GLU B 322 -30.50 23.96 -10.62
C GLU B 322 -30.16 23.03 -9.46
N TRP B 323 -30.16 23.55 -8.29
CA TRP B 323 -29.83 22.74 -7.10
C TRP B 323 -30.93 21.72 -6.88
N ASN B 324 -30.58 20.66 -6.26
CA ASN B 324 -31.58 19.57 -5.99
C ASN B 324 -31.60 19.31 -4.49
N ASP B 325 -32.61 19.81 -3.83
CA ASP B 325 -32.70 19.63 -2.36
C ASP B 325 -32.85 18.14 -2.05
N ASP B 326 -33.64 17.46 -2.81
CA ASP B 326 -33.84 16.01 -2.56
C ASP B 326 -32.48 15.36 -2.26
N LEU B 327 -31.50 15.64 -3.07
CA LEU B 327 -30.14 15.06 -2.84
C LEU B 327 -29.48 15.70 -1.61
N MET B 328 -29.61 17.00 -1.43
CA MET B 328 -28.96 17.62 -0.25
C MET B 328 -29.62 18.95 0.05
N THR B 329 -29.84 19.24 1.30
CA THR B 329 -30.48 20.54 1.66
C THR B 329 -30.06 20.98 3.06
N SER B 330 -29.70 22.23 3.22
CA SER B 330 -29.29 22.73 4.55
C SER B 330 -30.55 23.04 5.37
N VAL B 331 -30.97 22.13 6.20
CA VAL B 331 -32.20 22.37 7.00
C VAL B 331 -31.99 23.58 7.89
N LEU B 332 -30.87 23.64 8.53
CA LEU B 332 -30.58 24.81 9.42
C LEU B 332 -29.20 25.39 9.07
N ALA B 333 -29.16 26.54 8.47
CA ALA B 333 -27.85 27.14 8.11
C ALA B 333 -27.08 27.47 9.39
N PRO B 334 -25.79 27.52 9.32
CA PRO B 334 -24.92 27.82 10.49
C PRO B 334 -25.44 29.02 11.29
N SER B 335 -25.82 28.81 12.52
CA SER B 335 -26.33 29.94 13.33
C SER B 335 -25.93 29.74 14.79
N GLY B 336 -26.47 30.55 15.66
CA GLY B 336 -26.14 30.41 17.11
C GLY B 336 -26.86 29.20 17.69
N ALA C 1 -11.21 -32.67 7.41
CA ALA C 1 -10.76 -34.09 7.46
C ALA C 1 -10.30 -34.42 8.89
N THR C 2 -10.35 -35.67 9.27
CA THR C 2 -9.92 -36.05 10.63
C THR C 2 -8.43 -36.40 10.60
N ALA C 3 -7.83 -36.54 11.75
CA ALA C 3 -6.38 -36.88 11.79
C ALA C 3 -6.14 -38.18 11.02
N ALA C 4 -6.97 -39.16 11.19
CA ALA C 4 -6.77 -40.46 10.47
C ALA C 4 -6.80 -40.21 8.97
N GLU C 5 -7.77 -39.46 8.50
CA GLU C 5 -7.85 -39.19 7.03
C GLU C 5 -6.57 -38.50 6.55
N ILE C 6 -6.08 -37.55 7.30
CA ILE C 6 -4.84 -36.83 6.88
C ILE C 6 -3.63 -37.79 6.91
N ALA C 7 -3.61 -38.68 7.86
CA ALA C 7 -2.45 -39.62 7.95
C ALA C 7 -2.44 -40.60 6.76
N ALA C 8 -3.57 -40.86 6.16
CA ALA C 8 -3.61 -41.82 5.02
C ALA C 8 -3.39 -41.10 3.67
N LEU C 9 -3.22 -39.81 3.65
CA LEU C 9 -3.01 -39.10 2.34
C LEU C 9 -1.55 -39.30 1.88
N PRO C 10 -1.33 -39.40 0.60
CA PRO C 10 0.04 -39.59 0.03
C PRO C 10 0.95 -38.37 0.28
N ARG C 11 2.18 -38.58 0.71
CA ARG C 11 3.09 -37.43 0.96
C ARG C 11 4.13 -37.33 -0.18
N GLN C 12 4.42 -36.13 -0.61
CA GLN C 12 5.42 -35.93 -1.69
C GLN C 12 6.46 -34.89 -1.24
N LYS C 13 7.71 -35.26 -1.24
CA LYS C 13 8.78 -34.34 -0.82
C LYS C 13 9.21 -33.55 -2.04
N VAL C 14 9.40 -32.29 -1.86
CA VAL C 14 9.80 -31.45 -3.01
C VAL C 14 11.11 -30.73 -2.72
N GLU C 15 11.97 -30.69 -3.70
CA GLU C 15 13.27 -30.01 -3.57
C GLU C 15 13.09 -28.59 -4.08
N LEU C 16 13.38 -27.64 -3.27
CA LEU C 16 13.17 -26.22 -3.67
C LEU C 16 14.38 -25.70 -4.42
N VAL C 17 14.16 -24.76 -5.30
CA VAL C 17 15.28 -24.17 -6.07
C VAL C 17 15.46 -22.73 -5.61
N ASP C 18 16.35 -22.01 -6.20
CA ASP C 18 16.53 -20.59 -5.76
C ASP C 18 15.90 -19.63 -6.80
N PRO C 19 15.12 -18.67 -6.35
CA PRO C 19 14.48 -17.68 -7.26
C PRO C 19 15.48 -17.15 -8.30
N PRO C 20 14.99 -16.66 -9.40
CA PRO C 20 13.52 -16.59 -9.68
C PRO C 20 12.93 -17.91 -10.18
N PHE C 21 13.73 -18.92 -10.35
CA PHE C 21 13.23 -20.23 -10.83
C PHE C 21 12.33 -20.86 -9.78
N VAL C 22 11.45 -21.71 -10.19
CA VAL C 22 10.54 -22.38 -9.27
C VAL C 22 10.81 -23.86 -9.38
N HIS C 23 10.41 -24.59 -8.41
CA HIS C 23 10.65 -26.06 -8.43
C HIS C 23 9.68 -26.72 -9.40
N ALA C 24 9.91 -27.97 -9.68
CA ALA C 24 9.02 -28.72 -10.60
C ALA C 24 7.64 -28.85 -9.96
N HIS C 25 6.62 -28.75 -10.77
CA HIS C 25 5.23 -28.87 -10.26
C HIS C 25 4.27 -28.92 -11.46
N SER C 26 3.13 -29.53 -11.30
CA SER C 26 2.16 -29.61 -12.41
C SER C 26 1.06 -28.59 -12.18
N GLN C 27 0.61 -27.95 -13.21
CA GLN C 27 -0.46 -26.92 -13.03
C GLN C 27 -1.69 -27.64 -12.53
N VAL C 28 -2.13 -28.58 -13.30
CA VAL C 28 -3.29 -29.41 -12.89
C VAL C 28 -2.81 -30.41 -11.85
N ALA C 29 -3.53 -30.54 -10.78
CA ALA C 29 -3.11 -31.46 -9.69
C ALA C 29 -3.08 -32.90 -10.18
N GLU C 30 -2.05 -33.61 -9.86
CA GLU C 30 -1.95 -35.04 -10.28
C GLU C 30 -2.38 -35.93 -9.11
N GLY C 31 -3.62 -36.33 -9.08
CA GLY C 31 -4.11 -37.17 -7.97
C GLY C 31 -4.93 -36.31 -7.01
N GLY C 32 -5.31 -36.85 -5.90
CA GLY C 32 -6.12 -36.06 -4.92
C GLY C 32 -5.18 -35.27 -3.98
N PRO C 33 -5.69 -34.87 -2.84
CA PRO C 33 -4.93 -34.10 -1.83
C PRO C 33 -3.70 -34.85 -1.33
N LYS C 34 -2.63 -34.14 -1.13
CA LYS C 34 -1.39 -34.80 -0.64
C LYS C 34 -0.57 -33.84 0.26
N VAL C 35 0.02 -34.37 1.30
CA VAL C 35 0.84 -33.57 2.24
C VAL C 35 2.21 -33.33 1.60
N VAL C 36 2.38 -32.15 1.12
CA VAL C 36 3.61 -31.76 0.44
C VAL C 36 4.60 -31.44 1.52
N GLU C 37 5.78 -31.86 1.33
CA GLU C 37 6.81 -31.63 2.38
C GLU C 37 7.95 -30.80 1.83
N PHE C 38 8.29 -29.74 2.51
CA PHE C 38 9.42 -28.88 2.07
C PHE C 38 10.26 -28.47 3.30
N THR C 39 11.56 -28.43 3.18
CA THR C 39 12.40 -28.05 4.35
C THR C 39 13.32 -26.89 3.97
N MET C 40 13.41 -25.90 4.81
CA MET C 40 14.28 -24.72 4.49
C MET C 40 15.09 -24.30 5.72
N VAL C 41 16.39 -24.23 5.59
CA VAL C 41 17.27 -23.81 6.70
C VAL C 41 17.45 -22.30 6.57
N ILE C 42 17.43 -21.62 7.65
CA ILE C 42 17.57 -20.14 7.61
C ILE C 42 19.03 -19.79 7.77
N GLU C 43 19.53 -18.92 6.95
CA GLU C 43 20.97 -18.57 7.07
C GLU C 43 21.15 -17.05 7.17
N GLU C 44 21.55 -16.55 8.31
CA GLU C 44 21.76 -15.07 8.42
C GLU C 44 23.21 -14.73 8.01
N LYS C 45 23.40 -14.08 6.88
CA LYS C 45 24.78 -13.76 6.47
C LYS C 45 24.77 -12.36 5.87
N LYS C 46 25.82 -12.02 5.21
CA LYS C 46 25.89 -10.66 4.57
C LYS C 46 25.80 -10.76 3.03
N ILE C 47 24.88 -10.03 2.44
CA ILE C 47 24.72 -10.01 0.96
C ILE C 47 24.96 -8.58 0.44
N VAL C 48 25.64 -8.48 -0.66
CA VAL C 48 25.95 -7.19 -1.27
C VAL C 48 24.74 -6.84 -2.05
N ILE C 49 24.40 -5.64 -2.05
CA ILE C 49 23.15 -5.25 -2.76
C ILE C 49 23.39 -4.32 -3.95
N ASP C 50 24.52 -3.69 -4.03
CA ASP C 50 24.75 -2.75 -5.17
C ASP C 50 26.18 -2.88 -5.68
N ASP C 51 26.58 -2.00 -6.55
CA ASP C 51 27.95 -2.07 -7.10
C ASP C 51 28.91 -1.39 -6.12
N ALA C 52 28.40 -0.48 -5.33
CA ALA C 52 29.29 0.22 -4.35
C ALA C 52 29.71 -0.73 -3.21
N GLY C 53 29.32 -1.98 -3.25
CA GLY C 53 29.72 -2.93 -2.16
C GLY C 53 28.83 -2.77 -0.91
N THR C 54 27.70 -2.09 -1.00
CA THR C 54 26.82 -1.94 0.18
C THR C 54 26.49 -3.33 0.69
N GLU C 55 26.37 -3.50 1.97
CA GLU C 55 26.08 -4.86 2.48
C GLU C 55 24.90 -4.85 3.48
N VAL C 56 24.01 -5.80 3.36
CA VAL C 56 22.87 -5.90 4.31
C VAL C 56 22.86 -7.29 5.01
N HIS C 57 22.82 -7.30 6.32
CA HIS C 57 22.80 -8.57 7.10
C HIS C 57 21.48 -9.25 6.79
N ALA C 58 21.49 -10.06 5.81
CA ALA C 58 20.25 -10.73 5.37
C ALA C 58 19.91 -11.97 6.22
N MET C 59 18.64 -12.12 6.45
CA MET C 59 18.10 -13.27 7.21
C MET C 59 17.39 -13.98 6.11
N ALA C 60 17.86 -15.09 5.72
CA ALA C 60 17.28 -15.63 4.50
C ALA C 60 16.89 -17.04 4.65
N PHE C 61 15.70 -17.25 4.30
CA PHE C 61 15.17 -18.66 4.32
C PHE C 61 15.72 -19.38 3.09
N ASN C 62 16.38 -20.50 3.25
CA ASN C 62 16.97 -21.20 2.08
C ASN C 62 18.24 -20.48 1.57
N GLY C 63 18.80 -19.57 2.34
CA GLY C 63 20.03 -18.86 1.88
C GLY C 63 19.75 -17.91 0.69
N THR C 64 18.53 -17.53 0.43
CA THR C 64 18.31 -16.59 -0.75
C THR C 64 17.16 -15.57 -0.50
N VAL C 65 17.38 -14.30 -0.84
CA VAL C 65 16.32 -13.29 -0.70
C VAL C 65 15.82 -12.99 -2.11
N PRO C 66 14.57 -13.21 -2.35
CA PRO C 66 13.61 -13.70 -1.33
C PRO C 66 13.58 -15.23 -1.25
N GLY C 67 13.18 -15.74 -0.13
CA GLY C 67 13.11 -17.22 0.02
C GLY C 67 12.57 -17.82 -1.28
N PRO C 68 12.57 -19.11 -1.37
CA PRO C 68 12.07 -19.84 -2.57
C PRO C 68 10.54 -19.92 -2.62
N LEU C 69 9.99 -20.04 -3.80
CA LEU C 69 8.50 -20.13 -3.92
C LEU C 69 8.05 -21.59 -3.85
N MET C 70 7.22 -21.92 -2.89
CA MET C 70 6.71 -23.29 -2.76
C MET C 70 5.41 -23.35 -3.54
N VAL C 71 5.14 -24.45 -4.13
CA VAL C 71 3.89 -24.53 -4.95
C VAL C 71 3.11 -25.83 -4.68
N VAL C 72 1.94 -25.70 -4.14
CA VAL C 72 1.05 -26.86 -3.88
C VAL C 72 -0.34 -26.50 -4.44
N HIS C 73 -1.27 -27.41 -4.42
CA HIS C 73 -2.62 -27.10 -4.95
C HIS C 73 -3.55 -26.79 -3.78
N GLN C 74 -4.72 -26.36 -4.09
CA GLN C 74 -5.70 -26.03 -3.03
C GLN C 74 -6.21 -27.32 -2.42
N ASP C 75 -6.23 -27.39 -1.13
CA ASP C 75 -6.68 -28.63 -0.45
C ASP C 75 -5.47 -29.38 0.08
N ASP C 76 -4.39 -29.37 -0.65
CA ASP C 76 -3.16 -30.08 -0.19
C ASP C 76 -2.61 -29.39 1.06
N TYR C 77 -2.00 -30.15 1.92
CA TYR C 77 -1.43 -29.57 3.17
C TYR C 77 0.09 -29.39 2.99
N LEU C 78 0.55 -28.23 3.29
CA LEU C 78 1.99 -27.91 3.17
C LEU C 78 2.64 -28.14 4.52
N GLU C 79 3.61 -28.99 4.55
CA GLU C 79 4.29 -29.32 5.82
C GLU C 79 5.71 -28.85 5.66
N LEU C 80 6.09 -27.89 6.41
CA LEU C 80 7.46 -27.34 6.23
C LEU C 80 8.33 -27.51 7.47
N THR C 81 9.42 -28.20 7.32
CA THR C 81 10.38 -28.37 8.46
C THR C 81 11.41 -27.24 8.37
N LEU C 82 11.35 -26.30 9.28
CA LEU C 82 12.27 -25.17 9.26
C LEU C 82 13.36 -25.48 10.23
N ILE C 83 14.49 -24.98 9.96
CA ILE C 83 15.65 -25.27 10.85
C ILE C 83 16.53 -24.02 11.01
N ASN C 84 16.75 -23.64 12.23
CA ASN C 84 17.62 -22.46 12.52
C ASN C 84 18.93 -22.99 13.09
N PRO C 85 19.94 -23.03 12.26
CA PRO C 85 21.28 -23.56 12.63
C PRO C 85 21.94 -22.86 13.82
N GLU C 86 22.73 -23.57 14.58
CA GLU C 86 23.42 -22.94 15.74
C GLU C 86 24.29 -21.75 15.27
N THR C 87 24.78 -21.79 14.05
CA THR C 87 25.64 -20.66 13.55
C THR C 87 24.89 -19.32 13.61
N ASN C 88 23.58 -19.33 13.53
CA ASN C 88 22.83 -18.04 13.55
C ASN C 88 22.86 -17.45 14.96
N THR C 89 22.38 -16.25 15.11
CA THR C 89 22.38 -15.61 16.46
C THR C 89 20.98 -15.04 16.84
N LEU C 90 19.96 -15.20 16.02
CA LEU C 90 18.62 -14.63 16.42
C LEU C 90 17.50 -15.66 16.24
N MET C 91 16.53 -15.69 17.14
CA MET C 91 15.40 -16.66 16.97
C MET C 91 14.45 -16.15 15.88
N HIS C 92 13.99 -17.03 15.01
CA HIS C 92 13.08 -16.60 13.93
C HIS C 92 11.71 -17.29 14.08
N ASN C 93 10.99 -17.34 13.00
CA ASN C 93 9.64 -17.97 12.97
C ASN C 93 9.04 -17.71 11.57
N ILE C 94 8.07 -18.48 11.13
CA ILE C 94 7.51 -18.24 9.77
C ILE C 94 5.98 -18.09 9.81
N ASP C 95 5.47 -17.04 9.23
CA ASP C 95 4.00 -16.83 9.17
C ASP C 95 3.55 -16.83 7.69
N PHE C 96 2.82 -17.84 7.28
CA PHE C 96 2.38 -17.92 5.87
C PHE C 96 0.98 -17.33 5.72
N HIS C 97 0.88 -16.28 4.97
CA HIS C 97 -0.44 -15.62 4.74
C HIS C 97 -1.47 -16.65 4.23
N ALA C 98 -1.02 -17.69 3.58
CA ALA C 98 -1.97 -18.70 3.03
C ALA C 98 -2.41 -19.73 4.09
N ALA C 99 -2.10 -19.49 5.33
CA ALA C 99 -2.53 -20.44 6.40
C ALA C 99 -3.57 -19.77 7.28
N THR C 100 -4.21 -20.52 8.13
CA THR C 100 -5.26 -19.91 9.02
C THR C 100 -5.10 -20.39 10.47
N GLY C 101 -4.69 -19.51 11.35
CA GLY C 101 -4.55 -19.88 12.81
C GLY C 101 -3.09 -19.69 13.31
N ALA C 102 -2.90 -19.16 14.52
CA ALA C 102 -1.51 -19.00 15.05
C ALA C 102 -0.71 -17.93 14.28
N LEU C 103 -1.31 -16.79 14.05
CA LEU C 103 -0.58 -15.69 13.34
C LEU C 103 0.06 -16.20 12.05
N GLY C 104 -0.60 -17.10 11.37
CA GLY C 104 -0.04 -17.62 10.09
C GLY C 104 1.08 -18.64 10.37
N GLY C 105 1.08 -19.24 11.52
CA GLY C 105 2.14 -20.25 11.84
C GLY C 105 3.31 -19.62 12.63
N GLY C 106 3.33 -18.33 12.83
CA GLY C 106 4.46 -17.70 13.58
C GLY C 106 4.36 -18.04 15.08
N GLY C 107 3.17 -18.20 15.59
CA GLY C 107 3.02 -18.52 17.05
C GLY C 107 3.46 -19.96 17.36
N LEU C 108 3.56 -20.82 16.37
CA LEU C 108 3.97 -22.23 16.64
C LEU C 108 5.27 -22.60 15.88
N THR C 109 6.09 -21.64 15.55
CA THR C 109 7.37 -21.94 14.83
C THR C 109 8.54 -21.06 15.37
N GLU C 110 8.46 -20.52 16.56
CA GLU C 110 9.58 -19.70 17.09
C GLU C 110 10.71 -20.64 17.46
N ILE C 111 11.80 -20.60 16.74
CA ILE C 111 12.91 -21.54 17.04
C ILE C 111 14.21 -20.78 17.18
N ASN C 112 14.87 -20.92 18.28
CA ASN C 112 16.16 -20.22 18.48
C ASN C 112 17.30 -21.07 17.91
N PRO C 113 18.43 -20.46 17.65
CA PRO C 113 19.61 -21.17 17.11
C PRO C 113 19.73 -22.59 17.68
N GLY C 114 19.93 -23.56 16.83
CA GLY C 114 20.03 -24.97 17.32
C GLY C 114 18.64 -25.61 17.50
N GLU C 115 17.59 -25.04 16.94
CA GLU C 115 16.24 -25.65 17.10
C GLU C 115 15.50 -25.70 15.74
N LYS C 116 14.74 -26.74 15.50
CA LYS C 116 13.96 -26.86 14.23
C LYS C 116 12.56 -27.38 14.54
N THR C 117 11.59 -27.03 13.76
CA THR C 117 10.22 -27.49 14.03
C THR C 117 9.57 -27.89 12.72
N ILE C 118 8.38 -28.39 12.81
CA ILE C 118 7.65 -28.80 11.59
C ILE C 118 6.19 -28.35 11.72
N LEU C 119 5.72 -27.55 10.81
CA LEU C 119 4.32 -27.07 10.90
C LEU C 119 3.57 -27.46 9.64
N ARG C 120 2.39 -27.97 9.80
CA ARG C 120 1.60 -28.38 8.61
C ARG C 120 0.25 -27.65 8.60
N PHE C 121 -0.08 -27.01 7.52
CA PHE C 121 -1.37 -26.29 7.43
C PHE C 121 -2.08 -26.66 6.11
N LYS C 122 -3.39 -26.57 6.09
CA LYS C 122 -4.17 -26.89 4.88
C LYS C 122 -4.27 -25.64 4.00
N ALA C 123 -3.97 -25.80 2.76
CA ALA C 123 -4.03 -24.68 1.80
C ALA C 123 -5.45 -24.62 1.32
N THR C 124 -6.23 -23.88 2.01
CA THR C 124 -7.70 -23.84 1.69
C THR C 124 -8.10 -22.76 0.66
N LYS C 125 -7.21 -21.90 0.28
CA LYS C 125 -7.57 -20.83 -0.68
C LYS C 125 -6.52 -20.79 -1.79
N PRO C 126 -6.96 -20.69 -3.01
CA PRO C 126 -6.06 -20.66 -4.19
C PRO C 126 -5.51 -19.26 -4.48
N GLY C 127 -4.21 -19.14 -4.67
CA GLY C 127 -3.65 -17.79 -4.98
C GLY C 127 -2.24 -17.64 -4.39
N VAL C 128 -1.45 -16.77 -4.96
CA VAL C 128 -0.08 -16.55 -4.46
C VAL C 128 -0.19 -15.78 -3.15
N PHE C 129 0.67 -16.07 -2.23
CA PHE C 129 0.59 -15.39 -0.93
C PHE C 129 2.00 -15.18 -0.43
N VAL C 130 2.21 -14.19 0.36
CA VAL C 130 3.62 -13.95 0.85
C VAL C 130 3.87 -14.51 2.28
N TYR C 131 4.94 -15.28 2.47
CA TYR C 131 5.29 -15.79 3.80
C TYR C 131 6.44 -14.94 4.32
N HIS C 132 6.60 -14.81 5.60
CA HIS C 132 7.70 -13.95 6.13
C HIS C 132 7.87 -14.15 7.64
N CYS C 133 9.10 -14.12 8.12
CA CYS C 133 9.34 -14.34 9.58
C CYS C 133 8.86 -13.10 10.34
N ALA C 134 8.39 -13.27 11.54
CA ALA C 134 7.90 -12.08 12.29
C ALA C 134 7.96 -12.34 13.79
N PRO C 135 9.13 -12.36 14.34
CA PRO C 135 9.33 -12.58 15.80
C PRO C 135 8.74 -11.41 16.61
N PRO C 136 7.88 -11.71 17.55
CA PRO C 136 7.23 -10.66 18.40
C PRO C 136 8.19 -9.54 18.84
N GLY C 137 7.89 -8.30 18.51
CA GLY C 137 8.79 -7.18 18.93
C GLY C 137 9.80 -6.78 17.83
N MET C 138 10.12 -7.65 16.90
CA MET C 138 11.11 -7.28 15.86
C MET C 138 10.62 -7.77 14.51
N VAL C 139 9.36 -7.58 14.26
CA VAL C 139 8.79 -8.04 12.96
C VAL C 139 9.42 -7.30 11.76
N PRO C 140 9.16 -6.03 11.64
CA PRO C 140 9.65 -5.18 10.52
C PRO C 140 11.14 -5.37 10.24
N TRP C 141 11.92 -5.56 11.27
CA TRP C 141 13.39 -5.75 11.07
C TRP C 141 13.67 -7.05 10.30
N HIS C 142 13.08 -8.14 10.71
CA HIS C 142 13.32 -9.44 10.03
C HIS C 142 12.82 -9.39 8.58
N VAL C 143 11.70 -8.78 8.34
CA VAL C 143 11.15 -8.73 6.95
C VAL C 143 12.06 -7.87 6.06
N VAL C 144 12.44 -6.71 6.53
CA VAL C 144 13.30 -5.81 5.70
C VAL C 144 14.64 -6.49 5.47
N SER C 145 15.09 -7.24 6.43
CA SER C 145 16.39 -7.95 6.27
C SER C 145 16.31 -9.00 5.14
N GLY C 146 15.19 -9.15 4.50
CA GLY C 146 15.05 -10.15 3.41
C GLY C 146 14.52 -11.48 3.94
N MET C 147 13.79 -11.48 5.03
CA MET C 147 13.26 -12.77 5.55
C MET C 147 11.80 -12.93 5.09
N ASN C 148 11.61 -13.15 3.82
CA ASN C 148 10.23 -13.29 3.31
C ASN C 148 10.26 -13.79 1.85
N GLY C 149 9.27 -14.52 1.47
CA GLY C 149 9.19 -15.06 0.07
C GLY C 149 7.71 -15.19 -0.32
N ALA C 150 7.31 -16.28 -0.94
CA ALA C 150 5.87 -16.41 -1.32
C ALA C 150 5.55 -17.83 -1.83
N ILE C 151 4.36 -18.32 -1.55
CA ILE C 151 3.96 -19.67 -2.03
C ILE C 151 2.76 -19.55 -2.97
N MET C 152 2.63 -20.44 -3.91
CA MET C 152 1.49 -20.38 -4.87
C MET C 152 0.62 -21.64 -4.76
N VAL C 153 -0.59 -21.48 -4.30
CA VAL C 153 -1.52 -22.63 -4.17
C VAL C 153 -2.39 -22.57 -5.40
N LEU C 154 -2.14 -23.43 -6.32
CA LEU C 154 -2.90 -23.35 -7.61
C LEU C 154 -4.16 -24.20 -7.59
N PRO C 155 -5.22 -23.70 -8.17
CA PRO C 155 -6.49 -24.46 -8.27
C PRO C 155 -6.23 -25.89 -8.76
N ARG C 156 -6.89 -26.87 -8.20
CA ARG C 156 -6.67 -28.27 -8.62
C ARG C 156 -6.72 -28.39 -10.13
N GLU C 157 -7.59 -27.66 -10.76
CA GLU C 157 -7.71 -27.73 -12.25
C GLU C 157 -6.79 -26.70 -12.96
N GLY C 158 -5.80 -26.16 -12.29
CA GLY C 158 -4.90 -25.17 -12.97
C GLY C 158 -5.51 -23.77 -12.92
N LEU C 159 -4.96 -22.86 -13.68
CA LEU C 159 -5.51 -21.46 -13.68
C LEU C 159 -6.45 -21.26 -14.87
N HIS C 160 -7.45 -20.42 -14.70
CA HIS C 160 -8.41 -20.15 -15.80
C HIS C 160 -8.73 -18.64 -15.77
N ASP C 161 -9.16 -18.11 -16.87
CA ASP C 161 -9.48 -16.64 -16.92
C ASP C 161 -10.74 -16.35 -16.11
N GLY C 162 -11.39 -15.24 -16.38
CA GLY C 162 -12.63 -14.89 -15.61
C GLY C 162 -13.85 -15.66 -16.18
N LYS C 163 -13.79 -16.11 -17.40
CA LYS C 163 -14.96 -16.85 -17.97
C LYS C 163 -14.86 -18.36 -17.70
N GLY C 164 -13.73 -18.82 -17.22
CA GLY C 164 -13.59 -20.30 -16.95
C GLY C 164 -12.57 -20.97 -17.92
N LYS C 165 -12.14 -20.32 -18.97
CA LYS C 165 -11.18 -20.96 -19.92
C LYS C 165 -9.88 -21.26 -19.20
N ALA C 166 -9.20 -22.28 -19.60
CA ALA C 166 -7.91 -22.64 -18.94
C ALA C 166 -6.72 -21.82 -19.51
N LEU C 167 -5.94 -21.22 -18.63
CA LEU C 167 -4.74 -20.46 -19.02
C LEU C 167 -3.55 -21.25 -18.50
N THR C 168 -2.74 -21.73 -19.39
CA THR C 168 -1.61 -22.56 -18.99
C THR C 168 -0.37 -21.85 -19.39
N TYR C 169 0.56 -21.82 -18.54
CA TYR C 169 1.82 -21.09 -18.85
C TYR C 169 2.96 -22.06 -19.14
N ASP C 170 3.82 -21.71 -20.06
CA ASP C 170 4.99 -22.58 -20.37
C ASP C 170 6.16 -22.28 -19.41
N LYS C 171 6.24 -21.08 -18.87
CA LYS C 171 7.36 -20.76 -17.95
C LYS C 171 6.86 -19.87 -16.81
N ILE C 172 7.36 -20.08 -15.63
CA ILE C 172 6.93 -19.25 -14.47
C ILE C 172 8.16 -18.77 -13.67
N TYR C 173 8.21 -17.49 -13.38
CA TYR C 173 9.36 -16.93 -12.62
C TYR C 173 8.79 -16.20 -11.41
N TYR C 174 9.51 -16.19 -10.34
CA TYR C 174 9.05 -15.51 -9.11
C TYR C 174 10.02 -14.41 -8.75
N VAL C 175 9.57 -13.19 -8.81
CA VAL C 175 10.46 -12.04 -8.50
C VAL C 175 10.03 -11.40 -7.18
N GLY C 176 10.80 -11.61 -6.16
CA GLY C 176 10.50 -11.03 -4.83
C GLY C 176 11.19 -9.69 -4.71
N GLU C 177 10.44 -8.67 -4.47
CA GLU C 177 10.99 -7.31 -4.36
C GLU C 177 11.30 -7.08 -2.91
N GLN C 178 12.30 -6.33 -2.65
CA GLN C 178 12.66 -6.08 -1.23
C GLN C 178 13.14 -4.65 -1.02
N ASP C 179 12.53 -3.95 -0.12
CA ASP C 179 12.96 -2.55 0.16
C ASP C 179 13.88 -2.56 1.39
N PHE C 180 15.10 -2.14 1.24
CA PHE C 180 16.02 -2.15 2.39
C PHE C 180 16.11 -0.75 2.99
N TYR C 181 16.88 -0.64 4.02
CA TYR C 181 17.06 0.67 4.71
C TYR C 181 18.46 0.64 5.30
N VAL C 182 19.43 1.00 4.52
CA VAL C 182 20.83 0.91 4.99
C VAL C 182 21.28 2.21 5.61
N PRO C 183 21.81 2.12 6.79
CA PRO C 183 22.33 3.32 7.52
C PRO C 183 23.60 3.91 6.87
N ARG C 184 23.70 5.23 6.79
CA ARG C 184 24.89 5.87 6.19
C ARG C 184 25.56 6.73 7.25
N ASP C 185 26.82 7.00 7.09
CA ASP C 185 27.55 7.83 8.10
C ASP C 185 27.29 9.33 7.87
N GLU C 186 28.20 10.19 8.27
CA GLU C 186 27.98 11.66 8.08
C GLU C 186 28.33 12.08 6.65
N ASN C 187 29.24 11.38 6.00
CA ASN C 187 29.62 11.77 4.61
C ASN C 187 28.63 11.18 3.57
N GLY C 188 27.71 10.35 3.97
CA GLY C 188 26.74 9.77 2.99
C GLY C 188 27.16 8.34 2.56
N LYS C 189 28.23 7.79 3.09
CA LYS C 189 28.64 6.41 2.70
C LYS C 189 27.90 5.37 3.54
N TYR C 190 27.45 4.31 2.92
CA TYR C 190 26.73 3.26 3.66
C TYR C 190 27.65 2.70 4.72
N LYS C 191 27.11 2.32 5.82
CA LYS C 191 27.95 1.78 6.92
C LYS C 191 27.89 0.24 6.91
N LYS C 192 28.97 -0.38 7.28
CA LYS C 192 28.99 -1.86 7.32
C LYS C 192 29.30 -2.29 8.74
N TYR C 193 28.85 -3.44 9.14
CA TYR C 193 29.12 -3.87 10.52
C TYR C 193 29.71 -5.25 10.52
N GLU C 194 29.67 -5.91 11.62
CA GLU C 194 30.24 -7.29 11.69
C GLU C 194 29.14 -8.29 12.09
N ALA C 195 28.09 -7.84 12.74
CA ALA C 195 27.02 -8.77 13.14
C ALA C 195 25.68 -8.14 12.81
N PRO C 196 24.65 -8.92 12.87
CA PRO C 196 23.26 -8.46 12.57
C PRO C 196 22.70 -7.53 13.65
N GLY C 197 22.98 -7.81 14.90
CA GLY C 197 22.44 -6.95 15.99
C GLY C 197 23.15 -5.57 16.01
N ASP C 198 24.40 -5.52 15.63
CA ASP C 198 25.14 -4.22 15.65
C ASP C 198 24.46 -3.20 14.74
N ALA C 199 23.73 -3.64 13.75
CA ALA C 199 23.06 -2.67 12.82
C ALA C 199 21.54 -2.54 13.11
N TYR C 200 21.07 -3.00 14.24
CA TYR C 200 19.60 -2.87 14.55
C TYR C 200 19.17 -1.40 14.85
N GLU C 201 19.84 -0.69 15.74
CA GLU C 201 19.41 0.69 16.08
C GLU C 201 19.53 1.61 14.87
N ASP C 202 20.64 1.56 14.20
CA ASP C 202 20.85 2.45 13.01
C ASP C 202 19.83 2.11 11.93
N THR C 203 19.53 0.87 11.76
CA THR C 203 18.54 0.48 10.71
C THR C 203 17.15 1.00 11.09
N VAL C 204 16.73 0.79 12.30
CA VAL C 204 15.38 1.27 12.73
C VAL C 204 15.23 2.75 12.38
N LYS C 205 16.24 3.53 12.68
CA LYS C 205 16.16 4.98 12.37
C LYS C 205 15.84 5.18 10.89
N VAL C 206 16.48 4.44 10.02
CA VAL C 206 16.21 4.59 8.56
C VAL C 206 14.82 4.05 8.24
N MET C 207 14.45 2.94 8.83
CA MET C 207 13.11 2.36 8.53
C MET C 207 12.00 3.34 8.92
N ARG C 208 12.17 4.08 9.98
CA ARG C 208 11.11 5.05 10.40
C ARG C 208 10.87 6.09 9.29
N THR C 209 11.91 6.49 8.62
CA THR C 209 11.75 7.50 7.54
C THR C 209 10.83 6.98 6.42
N LEU C 210 10.46 5.72 6.44
CA LEU C 210 9.57 5.19 5.36
C LEU C 210 10.19 5.48 3.98
N THR C 211 11.50 5.55 3.91
CA THR C 211 12.15 5.82 2.60
C THR C 211 13.30 4.83 2.43
N PRO C 212 13.08 3.80 1.66
CA PRO C 212 14.11 2.74 1.42
C PRO C 212 15.32 3.22 0.61
N THR C 213 16.52 2.96 1.09
CA THR C 213 17.73 3.40 0.33
C THR C 213 17.86 2.55 -0.96
N HIS C 214 17.29 1.38 -1.00
CA HIS C 214 17.40 0.53 -2.22
C HIS C 214 16.19 -0.40 -2.30
N VAL C 215 15.59 -0.49 -3.46
CA VAL C 215 14.41 -1.37 -3.62
C VAL C 215 14.75 -2.25 -4.79
N VAL C 216 14.92 -3.51 -4.59
CA VAL C 216 15.37 -4.28 -5.76
C VAL C 216 14.68 -5.61 -5.86
N PHE C 217 15.12 -6.40 -6.78
CA PHE C 217 14.50 -7.73 -6.98
C PHE C 217 15.57 -8.81 -6.86
N ASN C 218 15.28 -9.86 -6.15
CA ASN C 218 16.29 -10.96 -5.97
C ASN C 218 17.38 -10.61 -4.93
N GLY C 219 17.22 -9.55 -4.16
CA GLY C 219 18.25 -9.20 -3.13
C GLY C 219 19.44 -8.34 -3.69
N ALA C 220 19.36 -7.69 -4.84
CA ALA C 220 20.53 -6.85 -5.27
C ALA C 220 20.22 -6.03 -6.54
N VAL C 221 20.65 -4.78 -6.58
CA VAL C 221 20.42 -3.97 -7.81
C VAL C 221 21.08 -4.69 -8.98
N GLY C 222 20.36 -4.90 -10.04
CA GLY C 222 20.95 -5.62 -11.20
C GLY C 222 21.05 -7.14 -10.93
N ALA C 223 20.23 -7.69 -10.04
CA ALA C 223 20.31 -9.16 -9.78
C ALA C 223 19.68 -10.00 -10.92
N LEU C 224 18.55 -9.60 -11.46
CA LEU C 224 17.88 -10.40 -12.55
C LEU C 224 18.20 -9.86 -13.95
N THR C 225 19.41 -9.46 -14.18
CA THR C 225 19.85 -8.97 -15.52
C THR C 225 21.24 -9.55 -15.83
N GLY C 226 21.56 -9.73 -17.08
CA GLY C 226 22.88 -10.32 -17.45
C GLY C 226 22.75 -11.83 -17.40
N ASP C 227 23.57 -12.47 -16.62
CA ASP C 227 23.46 -13.96 -16.52
C ASP C 227 22.12 -14.37 -15.87
N LYS C 228 21.49 -13.48 -15.12
CA LYS C 228 20.18 -13.85 -14.48
C LYS C 228 18.97 -13.31 -15.27
N ALA C 229 19.17 -12.60 -16.35
CA ALA C 229 17.98 -12.08 -17.11
C ALA C 229 17.03 -13.24 -17.45
N MET C 230 15.76 -13.09 -17.15
CA MET C 230 14.80 -14.16 -17.47
C MET C 230 14.87 -14.43 -18.96
N THR C 231 14.20 -15.43 -19.40
CA THR C 231 14.20 -15.76 -20.84
C THR C 231 12.79 -16.19 -21.29
N ALA C 232 12.49 -15.95 -22.54
CA ALA C 232 11.16 -16.33 -23.10
C ALA C 232 11.22 -16.14 -24.63
N ALA C 233 10.46 -16.91 -25.38
CA ALA C 233 10.49 -16.78 -26.85
C ALA C 233 9.10 -16.41 -27.36
N VAL C 234 9.05 -15.69 -28.43
CA VAL C 234 7.75 -15.27 -29.01
C VAL C 234 6.83 -16.46 -29.05
N GLY C 235 5.61 -16.27 -28.64
CA GLY C 235 4.63 -17.40 -28.63
C GLY C 235 4.61 -18.14 -27.26
N GLU C 236 5.51 -17.84 -26.36
CA GLU C 236 5.53 -18.52 -25.05
C GLU C 236 4.69 -17.74 -24.04
N LYS C 237 4.03 -18.44 -23.18
CA LYS C 237 3.18 -17.80 -22.15
C LYS C 237 3.94 -17.91 -20.86
N VAL C 238 4.04 -16.86 -20.14
CA VAL C 238 4.83 -16.90 -18.90
C VAL C 238 4.10 -16.23 -17.76
N LEU C 239 4.11 -16.86 -16.63
CA LEU C 239 3.45 -16.29 -15.43
C LEU C 239 4.53 -15.72 -14.52
N ILE C 240 4.44 -14.46 -14.18
CA ILE C 240 5.46 -13.82 -13.33
C ILE C 240 4.85 -13.45 -11.97
N VAL C 241 5.13 -14.25 -10.98
CA VAL C 241 4.62 -13.97 -9.62
C VAL C 241 5.54 -12.96 -8.97
N HIS C 242 4.98 -12.04 -8.28
CA HIS C 242 5.80 -10.99 -7.65
C HIS C 242 5.27 -10.74 -6.25
N SER C 243 6.14 -10.59 -5.32
CA SER C 243 5.68 -10.36 -3.92
C SER C 243 6.49 -9.26 -3.23
N GLN C 244 5.83 -8.55 -2.35
CA GLN C 244 6.45 -7.46 -1.55
C GLN C 244 5.85 -7.58 -0.14
N ALA C 245 6.63 -8.04 0.80
CA ALA C 245 6.12 -8.27 2.18
C ALA C 245 6.60 -7.16 3.11
N ASN C 246 6.45 -5.98 2.65
CA ASN C 246 6.85 -4.77 3.43
C ASN C 246 6.86 -3.50 2.54
N ARG C 247 5.99 -3.38 1.54
CA ARG C 247 6.02 -2.14 0.72
C ARG C 247 5.14 -2.30 -0.51
N ASP C 248 4.40 -1.29 -0.88
CA ASP C 248 3.53 -1.42 -2.10
C ASP C 248 4.36 -1.17 -3.40
N THR C 249 4.19 -2.01 -4.41
CA THR C 249 4.92 -1.81 -5.69
C THR C 249 3.90 -1.73 -6.83
N ARG C 250 4.37 -1.53 -8.01
CA ARG C 250 3.48 -1.44 -9.21
C ARG C 250 4.23 -1.99 -10.42
N PRO C 251 4.15 -3.28 -10.60
CA PRO C 251 4.85 -4.01 -11.69
C PRO C 251 4.49 -3.50 -13.09
N HIS C 252 5.42 -3.57 -13.98
CA HIS C 252 5.18 -3.13 -15.39
C HIS C 252 6.25 -3.72 -16.35
N LEU C 253 5.82 -4.54 -17.29
CA LEU C 253 6.75 -5.13 -18.29
C LEU C 253 6.90 -4.15 -19.45
N ILE C 254 8.04 -3.56 -19.55
CA ILE C 254 8.34 -2.57 -20.60
C ILE C 254 8.31 -3.27 -21.93
N GLY C 255 7.53 -2.76 -22.81
CA GLY C 255 7.43 -3.41 -24.15
C GLY C 255 6.28 -4.44 -24.16
N GLY C 256 5.76 -4.83 -23.02
CA GLY C 256 4.66 -5.83 -23.01
C GLY C 256 3.57 -5.39 -22.05
N HIS C 257 2.78 -6.31 -21.59
CA HIS C 257 1.68 -5.96 -20.66
C HIS C 257 1.20 -7.23 -19.94
N GLY C 258 0.40 -7.06 -18.93
CA GLY C 258 -0.12 -8.23 -18.18
C GLY C 258 -1.44 -8.64 -18.80
N ASP C 259 -1.41 -9.60 -19.66
CA ASP C 259 -2.66 -10.03 -20.34
C ASP C 259 -3.72 -10.27 -19.28
N TYR C 260 -3.41 -11.12 -18.37
CA TYR C 260 -4.34 -11.42 -17.25
C TYR C 260 -3.56 -11.21 -15.96
N VAL C 261 -4.03 -10.39 -15.06
CA VAL C 261 -3.22 -10.15 -13.83
C VAL C 261 -4.06 -10.24 -12.56
N TRP C 262 -3.85 -11.26 -11.79
CA TRP C 262 -4.57 -11.38 -10.49
C TRP C 262 -3.83 -10.46 -9.55
N ALA C 263 -4.18 -9.21 -9.58
CA ALA C 263 -3.45 -8.18 -8.80
C ALA C 263 -3.49 -8.53 -7.33
N THR C 264 -4.61 -8.93 -6.89
CA THR C 264 -4.77 -9.29 -5.45
C THR C 264 -4.07 -10.63 -5.15
N GLY C 265 -3.60 -11.31 -6.16
CA GLY C 265 -2.92 -12.63 -5.89
C GLY C 265 -3.94 -13.70 -5.39
N LYS C 266 -5.18 -13.60 -5.79
CA LYS C 266 -6.20 -14.59 -5.37
C LYS C 266 -6.84 -15.12 -6.66
N PHE C 267 -6.81 -16.39 -6.85
CA PHE C 267 -7.36 -16.98 -8.12
C PHE C 267 -8.89 -16.81 -8.18
N ASN C 268 -9.56 -16.97 -7.09
CA ASN C 268 -11.04 -16.85 -7.08
C ASN C 268 -11.43 -15.48 -7.59
N THR C 269 -10.63 -14.50 -7.31
CA THR C 269 -10.95 -13.13 -7.77
C THR C 269 -10.56 -13.00 -9.25
N PRO C 270 -11.52 -12.75 -10.10
CA PRO C 270 -11.27 -12.61 -11.57
C PRO C 270 -10.02 -11.77 -11.87
N PRO C 271 -9.19 -12.18 -12.81
CA PRO C 271 -7.94 -11.42 -13.14
C PRO C 271 -8.15 -10.20 -14.08
N ASP C 272 -7.74 -9.00 -13.69
CA ASP C 272 -7.90 -7.86 -14.61
C ASP C 272 -7.29 -8.27 -15.95
N VAL C 273 -7.49 -7.52 -16.98
CA VAL C 273 -6.91 -7.93 -18.30
C VAL C 273 -6.38 -6.70 -19.07
N ASP C 274 -5.38 -6.91 -19.89
CA ASP C 274 -4.82 -5.81 -20.70
C ASP C 274 -4.28 -4.79 -19.73
N GLN C 275 -3.44 -5.22 -18.85
CA GLN C 275 -2.92 -4.24 -17.83
C GLN C 275 -1.53 -3.69 -18.19
N GLU C 276 -1.37 -2.37 -18.22
CA GLU C 276 -0.02 -1.78 -18.49
C GLU C 276 0.83 -1.79 -17.20
N THR C 277 0.24 -1.48 -16.06
CA THR C 277 0.97 -1.45 -14.78
C THR C 277 -0.02 -1.87 -13.69
N TRP C 278 0.31 -2.85 -12.93
CA TRP C 278 -0.63 -3.33 -11.89
C TRP C 278 -0.31 -2.70 -10.55
N PHE C 279 -0.79 -3.28 -9.48
CA PHE C 279 -0.52 -2.72 -8.14
C PHE C 279 -0.63 -3.81 -7.07
N ILE C 280 0.45 -4.07 -6.37
CA ILE C 280 0.44 -5.10 -5.30
C ILE C 280 0.79 -4.39 -4.00
N PRO C 281 -0.12 -4.39 -3.07
CA PRO C 281 0.06 -3.70 -1.75
C PRO C 281 1.01 -4.43 -0.79
N GLY C 282 1.91 -3.70 -0.18
CA GLY C 282 2.83 -4.32 0.79
C GLY C 282 2.07 -5.40 1.54
N GLY C 283 2.72 -6.47 1.82
CA GLY C 283 2.06 -7.60 2.52
C GLY C 283 1.23 -8.42 1.53
N ALA C 284 1.61 -8.50 0.27
CA ALA C 284 0.76 -9.31 -0.67
C ALA C 284 1.52 -9.69 -1.95
N ALA C 285 1.27 -10.86 -2.48
CA ALA C 285 1.94 -11.27 -3.76
C ALA C 285 0.89 -11.45 -4.87
N GLY C 286 1.15 -10.97 -6.06
CA GLY C 286 0.16 -11.11 -7.16
C GLY C 286 0.75 -12.00 -8.26
N ALA C 287 0.15 -11.97 -9.42
CA ALA C 287 0.65 -12.80 -10.55
C ALA C 287 0.13 -12.23 -11.87
N ALA C 288 0.97 -12.20 -12.87
CA ALA C 288 0.56 -11.67 -14.20
C ALA C 288 0.98 -12.67 -15.27
N PHE C 289 0.09 -12.96 -16.17
CA PHE C 289 0.41 -13.94 -17.24
C PHE C 289 0.40 -13.21 -18.57
N TYR C 290 1.38 -13.41 -19.37
CA TYR C 290 1.43 -12.70 -20.67
C TYR C 290 2.12 -13.55 -21.73
N THR C 291 1.61 -13.51 -22.92
CA THR C 291 2.20 -14.27 -24.04
C THR C 291 3.06 -13.32 -24.85
N PHE C 292 4.33 -13.59 -24.92
CA PHE C 292 5.25 -12.70 -25.67
C PHE C 292 4.94 -12.72 -27.16
N GLN C 293 4.96 -11.57 -27.78
CA GLN C 293 4.69 -11.49 -29.24
C GLN C 293 5.88 -10.86 -30.00
N GLN C 294 6.82 -10.25 -29.31
CA GLN C 294 7.98 -9.63 -30.02
C GLN C 294 9.28 -10.00 -29.32
N PRO C 295 10.31 -10.26 -30.09
CA PRO C 295 11.65 -10.64 -29.57
C PRO C 295 12.50 -9.43 -29.22
N GLY C 296 13.41 -9.57 -28.30
CA GLY C 296 14.26 -8.42 -27.92
C GLY C 296 14.43 -8.41 -26.40
N ILE C 297 14.97 -7.35 -25.88
CA ILE C 297 15.17 -7.26 -24.40
C ILE C 297 14.10 -6.34 -23.80
N TYR C 298 13.39 -6.82 -22.82
CA TYR C 298 12.33 -6.01 -22.17
C TYR C 298 12.65 -5.88 -20.68
N ALA C 299 12.46 -4.73 -20.13
CA ALA C 299 12.75 -4.52 -18.69
C ALA C 299 11.47 -4.67 -17.92
N TYR C 300 11.54 -5.22 -16.75
CA TYR C 300 10.29 -5.42 -15.98
C TYR C 300 10.53 -4.79 -14.64
N VAL C 301 9.83 -3.77 -14.28
CA VAL C 301 10.20 -3.19 -12.97
C VAL C 301 9.10 -2.37 -12.34
N ASN C 302 9.35 -1.98 -11.13
CA ASN C 302 8.39 -1.17 -10.37
C ASN C 302 8.27 0.13 -11.12
N HIS C 303 7.10 0.52 -11.45
CA HIS C 303 6.98 1.77 -12.26
C HIS C 303 7.62 2.90 -11.48
N ASN C 304 7.30 3.09 -10.23
CA ASN C 304 8.04 4.19 -9.56
C ASN C 304 9.41 4.31 -10.30
N LEU C 305 9.47 5.10 -11.36
CA LEU C 305 10.71 5.20 -12.18
C LEU C 305 11.91 5.38 -11.27
N ILE C 306 11.75 6.21 -10.31
CA ILE C 306 12.87 6.46 -9.36
C ILE C 306 13.22 5.15 -8.68
N GLU C 307 12.23 4.51 -8.13
CA GLU C 307 12.48 3.19 -7.47
C GLU C 307 13.06 2.16 -8.48
N ALA C 308 12.67 2.21 -9.74
CA ALA C 308 13.20 1.22 -10.73
C ALA C 308 14.58 1.61 -11.35
N PHE C 309 14.95 2.87 -11.43
CA PHE C 309 16.26 3.19 -12.07
C PHE C 309 17.24 3.75 -11.06
N GLU C 310 16.75 4.52 -10.14
CA GLU C 310 17.66 5.12 -9.12
C GLU C 310 17.82 4.21 -7.88
N LEU C 311 16.85 3.39 -7.54
CA LEU C 311 17.01 2.54 -6.33
C LEU C 311 17.53 1.17 -6.73
N GLY C 312 16.95 0.59 -7.74
CA GLY C 312 17.40 -0.76 -8.20
C GLY C 312 16.20 -1.74 -8.41
N ALA C 313 15.00 -1.28 -8.72
CA ALA C 313 13.88 -2.24 -8.95
C ALA C 313 13.68 -2.46 -10.45
N ALA C 314 14.62 -3.07 -11.14
CA ALA C 314 14.44 -3.30 -12.60
C ALA C 314 15.19 -4.55 -13.06
N ALA C 315 14.49 -5.51 -13.63
CA ALA C 315 15.16 -6.74 -14.12
C ALA C 315 15.01 -6.75 -15.63
N HIS C 316 15.46 -7.75 -16.30
CA HIS C 316 15.29 -7.73 -17.79
C HIS C 316 15.06 -9.13 -18.39
N PHE C 317 14.06 -9.27 -19.26
CA PHE C 317 13.83 -10.59 -19.93
C PHE C 317 14.31 -10.55 -21.41
N LYS C 318 15.10 -11.52 -21.83
CA LYS C 318 15.61 -11.59 -23.20
C LYS C 318 14.72 -12.57 -23.91
N VAL C 319 14.19 -12.19 -25.01
CA VAL C 319 13.25 -13.07 -25.71
C VAL C 319 13.73 -13.28 -27.11
N THR C 320 13.60 -14.47 -27.56
CA THR C 320 14.06 -14.79 -28.95
C THR C 320 12.86 -15.03 -29.84
N GLY C 321 13.03 -14.91 -31.13
CA GLY C 321 11.87 -15.14 -32.06
C GLY C 321 11.98 -14.21 -33.28
N GLU C 322 10.89 -14.02 -33.97
CA GLU C 322 10.90 -13.14 -35.17
C GLU C 322 10.09 -11.89 -34.84
N TRP C 323 10.54 -10.77 -35.31
CA TRP C 323 9.84 -9.50 -35.04
C TRP C 323 8.56 -9.46 -35.86
N ASN C 324 7.58 -8.79 -35.34
CA ASN C 324 6.27 -8.67 -36.04
C ASN C 324 6.04 -7.20 -36.36
N ASP C 325 6.17 -6.84 -37.60
CA ASP C 325 6.00 -5.42 -37.99
C ASP C 325 4.55 -5.00 -37.78
N ASP C 326 3.64 -5.87 -38.10
CA ASP C 326 2.20 -5.53 -37.93
C ASP C 326 2.01 -4.85 -36.57
N LEU C 327 2.50 -5.45 -35.53
CA LEU C 327 2.38 -4.86 -34.17
C LEU C 327 3.17 -3.55 -34.08
N MET C 328 4.38 -3.49 -34.59
CA MET C 328 5.14 -2.21 -34.47
C MET C 328 6.25 -2.16 -35.50
N THR C 329 6.39 -1.06 -36.16
CA THR C 329 7.46 -0.95 -37.19
C THR C 329 7.98 0.50 -37.26
N SER C 330 9.28 0.68 -37.36
CA SER C 330 9.84 2.06 -37.46
C SER C 330 9.78 2.51 -38.91
N VAL C 331 8.74 3.22 -39.27
CA VAL C 331 8.60 3.67 -40.68
C VAL C 331 9.82 4.50 -41.06
N LEU C 332 10.17 5.41 -40.22
CA LEU C 332 11.36 6.26 -40.50
C LEU C 332 12.32 6.22 -39.31
N ALA C 333 13.42 5.52 -39.44
CA ALA C 333 14.39 5.43 -38.31
C ALA C 333 14.94 6.83 -38.02
N PRO C 334 15.38 7.04 -36.81
CA PRO C 334 15.93 8.34 -36.37
C PRO C 334 16.94 8.90 -37.38
N SER C 335 16.69 10.05 -37.92
CA SER C 335 17.65 10.63 -38.91
C SER C 335 17.71 12.14 -38.74
N GLY C 336 18.24 12.83 -39.70
CA GLY C 336 18.33 14.31 -39.61
C GLY C 336 17.03 14.93 -40.10
N GLU D 1 20.55 -1.66 48.68
CA GLU D 1 20.51 -0.53 47.75
C GLU D 1 19.82 -0.93 46.42
N ASN D 2 19.77 0.01 45.51
CA ASN D 2 19.03 -0.14 44.27
C ASN D 2 19.96 -0.12 43.07
N ILE D 3 19.64 -0.99 42.10
CA ILE D 3 20.43 -1.03 40.87
C ILE D 3 19.46 -0.83 39.70
N GLU D 4 19.77 0.16 38.89
CA GLU D 4 18.87 0.47 37.77
C GLU D 4 19.34 -0.20 36.48
N VAL D 5 18.39 -0.84 35.80
CA VAL D 5 18.71 -1.56 34.56
C VAL D 5 17.80 -1.02 33.46
N HIS D 6 18.33 -0.78 32.26
CA HIS D 6 17.48 -0.31 31.17
C HIS D 6 17.26 -1.43 30.14
N MET D 7 16.08 -1.42 29.56
CA MET D 7 15.71 -2.34 28.48
C MET D 7 15.71 -1.52 27.19
N LEU D 8 16.53 -1.94 26.24
CA LEU D 8 16.69 -1.21 25.00
C LEU D 8 16.58 -2.06 23.75
N ASN D 9 16.15 -1.43 22.65
CA ASN D 9 16.10 -2.12 21.36
C ASN D 9 17.51 -2.28 20.82
N LYS D 10 18.40 -1.38 21.20
CA LYS D 10 19.77 -1.47 20.68
C LYS D 10 20.74 -0.89 21.71
N GLY D 11 21.84 -1.57 21.96
CA GLY D 11 22.80 -1.06 22.94
C GLY D 11 24.19 -1.54 22.56
N ALA D 12 25.10 -1.59 23.52
CA ALA D 12 26.47 -1.96 23.23
C ALA D 12 26.62 -3.35 22.64
N GLU D 13 25.86 -4.34 23.14
CA GLU D 13 26.08 -5.68 22.61
C GLU D 13 25.26 -6.01 21.37
N GLY D 14 24.45 -5.08 20.88
CA GLY D 14 23.64 -5.37 19.70
C GLY D 14 22.18 -5.04 19.94
N ALA D 15 21.28 -5.75 19.28
CA ALA D 15 19.85 -5.52 19.40
C ALA D 15 19.30 -6.27 20.63
N MET D 16 18.26 -5.69 21.21
CA MET D 16 17.44 -6.22 22.28
C MET D 16 18.26 -6.59 23.51
N VAL D 17 18.57 -5.58 24.34
CA VAL D 17 19.47 -5.86 25.46
C VAL D 17 19.02 -5.22 26.77
N PHE D 18 19.57 -5.81 27.85
CA PHE D 18 19.41 -5.24 29.19
C PHE D 18 20.76 -4.56 29.45
N GLU D 19 20.77 -3.35 29.99
CA GLU D 19 22.04 -2.68 30.32
C GLU D 19 21.95 -2.19 31.76
N PRO D 20 22.77 -2.68 32.68
CA PRO D 20 23.79 -3.69 32.48
C PRO D 20 23.19 -5.10 32.34
N ALA D 21 23.94 -6.07 31.83
CA ALA D 21 23.36 -7.40 31.69
C ALA D 21 23.91 -8.29 32.80
N TYR D 22 24.83 -7.72 33.57
CA TYR D 22 25.40 -8.46 34.71
C TYR D 22 25.13 -7.59 35.94
N ILE D 23 24.37 -8.10 36.89
CA ILE D 23 23.97 -7.30 38.05
C ILE D 23 24.42 -8.00 39.32
N LYS D 24 25.24 -7.28 40.08
CA LYS D 24 25.75 -7.85 41.33
C LYS D 24 24.96 -7.28 42.50
N ALA D 25 24.38 -8.13 43.33
CA ALA D 25 23.55 -7.56 44.38
C ALA D 25 23.64 -8.37 45.67
N ASN D 26 23.05 -7.87 46.75
CA ASN D 26 23.02 -8.64 48.00
C ASN D 26 21.58 -8.82 48.46
N PRO D 27 21.30 -9.79 49.34
CA PRO D 27 19.92 -9.99 49.82
C PRO D 27 19.31 -8.72 50.40
N GLY D 28 18.11 -8.35 50.00
CA GLY D 28 17.49 -7.12 50.44
C GLY D 28 17.65 -6.00 49.43
N ASP D 29 18.55 -6.11 48.45
CA ASP D 29 18.68 -5.05 47.44
C ASP D 29 17.50 -5.06 46.48
N THR D 30 17.31 -3.96 45.74
CA THR D 30 16.28 -3.97 44.71
C THR D 30 16.96 -3.73 43.35
N VAL D 31 16.32 -4.27 42.34
CA VAL D 31 16.73 -4.11 40.95
C VAL D 31 15.52 -3.47 40.26
N THR D 32 15.74 -2.27 39.72
CA THR D 32 14.67 -1.56 39.03
C THR D 32 14.89 -1.62 37.51
N PHE D 33 13.93 -2.24 36.83
CA PHE D 33 13.99 -2.44 35.39
C PHE D 33 13.17 -1.36 34.69
N ILE D 34 13.83 -0.57 33.84
CA ILE D 34 13.16 0.55 33.18
C ILE D 34 13.11 0.36 31.67
N PRO D 35 11.93 0.15 31.10
CA PRO D 35 11.90 0.02 29.64
C PRO D 35 12.06 1.39 28.98
N VAL D 36 13.25 1.68 28.49
CA VAL D 36 13.54 2.94 27.80
C VAL D 36 12.90 2.93 26.42
N ASP D 37 12.89 1.75 25.79
CA ASP D 37 12.16 1.59 24.54
C ASP D 37 10.92 0.75 24.84
N LYS D 38 9.89 0.80 24.00
CA LYS D 38 8.72 -0.03 24.26
C LYS D 38 8.92 -1.46 23.75
N GLY D 39 8.11 -2.38 24.26
CA GLY D 39 8.11 -3.75 23.80
C GLY D 39 8.86 -4.72 24.69
N HIS D 40 9.27 -4.29 25.88
CA HIS D 40 10.07 -5.18 26.74
C HIS D 40 9.46 -5.43 28.11
N ASN D 41 9.84 -6.55 28.74
CA ASN D 41 9.40 -6.89 30.09
C ASN D 41 10.55 -7.71 30.73
N VAL D 42 10.31 -8.28 31.87
CA VAL D 42 11.33 -9.12 32.52
C VAL D 42 10.60 -10.27 33.18
N GLU D 43 11.17 -11.46 33.06
CA GLU D 43 10.55 -12.70 33.54
C GLU D 43 11.65 -13.66 34.00
N SER D 44 11.50 -14.29 35.15
CA SER D 44 12.54 -15.22 35.58
C SER D 44 12.43 -16.48 34.69
N ILE D 45 13.56 -17.12 34.43
CA ILE D 45 13.53 -18.32 33.59
C ILE D 45 13.41 -19.57 34.45
N LYS D 46 12.52 -20.47 34.06
CA LYS D 46 12.30 -21.73 34.83
C LYS D 46 13.60 -22.50 35.08
N ASP D 47 13.81 -22.85 36.32
CA ASP D 47 14.96 -23.59 36.76
C ASP D 47 16.29 -22.86 36.61
N MET D 48 16.20 -21.54 36.42
CA MET D 48 17.43 -20.75 36.38
C MET D 48 17.36 -19.61 37.39
N ILE D 49 16.74 -19.88 38.52
CA ILE D 49 16.72 -19.03 39.69
C ILE D 49 16.98 -19.93 40.89
N PRO D 50 17.44 -19.38 42.00
CA PRO D 50 17.79 -20.25 43.12
C PRO D 50 16.60 -20.98 43.74
N GLU D 51 16.92 -22.12 44.32
CA GLU D 51 16.03 -23.03 44.99
C GLU D 51 14.77 -22.50 45.62
N GLY D 52 14.82 -21.54 46.55
CA GLY D 52 13.61 -21.05 47.20
C GLY D 52 13.11 -19.68 46.82
N ALA D 53 13.53 -19.24 45.65
CA ALA D 53 13.12 -17.88 45.25
C ALA D 53 11.80 -17.96 44.50
N GLU D 54 11.01 -16.90 44.52
CA GLU D 54 9.75 -16.91 43.80
C GLU D 54 9.92 -16.54 42.33
N LYS D 55 9.14 -17.14 41.46
CA LYS D 55 9.17 -16.78 40.03
C LYS D 55 8.55 -15.41 39.86
N PHE D 56 8.89 -14.69 38.80
CA PHE D 56 8.33 -13.35 38.61
C PHE D 56 8.18 -13.02 37.13
N LYS D 57 7.22 -12.15 36.82
CA LYS D 57 7.01 -11.77 35.44
C LYS D 57 6.35 -10.38 35.42
N SER D 58 7.00 -9.44 34.75
CA SER D 58 6.41 -8.10 34.73
C SER D 58 5.54 -7.86 33.52
N LYS D 59 4.73 -6.80 33.46
CA LYS D 59 3.97 -6.55 32.23
C LYS D 59 4.83 -5.79 31.24
N ILE D 60 4.56 -5.94 29.95
CA ILE D 60 5.35 -5.23 28.94
C ILE D 60 5.21 -3.73 29.09
N ASN D 61 6.30 -2.99 28.98
CA ASN D 61 6.35 -1.55 29.07
C ASN D 61 6.29 -0.95 30.47
N GLU D 62 6.07 -1.76 31.50
CA GLU D 62 6.06 -1.27 32.88
C GLU D 62 7.44 -1.29 33.54
N ASN D 63 7.60 -0.28 34.41
CA ASN D 63 8.78 -0.18 35.27
C ASN D 63 8.58 -1.26 36.32
N TYR D 64 9.57 -2.11 36.57
CA TYR D 64 9.33 -3.16 37.56
C TYR D 64 10.44 -3.17 38.60
N VAL D 65 10.06 -3.26 39.87
CA VAL D 65 11.08 -3.28 40.91
C VAL D 65 11.15 -4.70 41.49
N LEU D 66 12.29 -5.35 41.31
CA LEU D 66 12.47 -6.68 41.86
C LEU D 66 13.20 -6.61 43.19
N THR D 67 12.68 -7.23 44.24
CA THR D 67 13.47 -7.34 45.47
C THR D 67 14.13 -8.70 45.51
N VAL D 68 15.44 -8.74 45.74
CA VAL D 68 16.11 -10.04 45.73
C VAL D 68 16.43 -10.46 47.16
N THR D 69 16.05 -11.69 47.48
CA THR D 69 16.25 -12.23 48.83
C THR D 69 17.23 -13.39 48.83
N GLN D 70 16.91 -14.45 48.11
CA GLN D 70 17.79 -15.64 48.12
C GLN D 70 19.09 -15.45 47.35
N PRO D 71 20.20 -15.87 47.93
CA PRO D 71 21.51 -15.81 47.30
C PRO D 71 21.54 -16.84 46.16
N GLY D 72 22.42 -16.58 45.21
CA GLY D 72 22.49 -17.46 44.06
C GLY D 72 22.39 -16.62 42.78
N ALA D 73 22.44 -17.32 41.64
CA ALA D 73 22.37 -16.65 40.34
C ALA D 73 20.94 -16.79 39.80
N TYR D 74 20.54 -15.78 39.06
CA TYR D 74 19.21 -15.70 38.46
C TYR D 74 19.45 -15.28 36.99
N LEU D 75 18.87 -16.06 36.08
CA LEU D 75 18.94 -15.61 34.67
C LEU D 75 17.52 -15.12 34.37
N VAL D 76 17.41 -13.88 33.91
CA VAL D 76 16.09 -13.37 33.57
C VAL D 76 16.08 -13.08 32.07
N LYS D 77 14.87 -13.10 31.52
CA LYS D 77 14.79 -12.81 30.09
C LYS D 77 13.73 -11.72 29.88
N CYS D 78 13.72 -11.20 28.67
CA CYS D 78 12.59 -10.39 28.20
C CYS D 78 11.71 -11.44 27.49
N THR D 79 10.42 -11.52 27.82
CA THR D 79 9.56 -12.56 27.24
C THR D 79 9.53 -12.49 25.72
N PRO D 80 9.20 -11.36 25.12
CA PRO D 80 9.17 -11.35 23.65
C PRO D 80 10.55 -11.50 23.02
N HIS D 81 11.64 -10.98 23.61
CA HIS D 81 12.89 -11.06 22.85
C HIS D 81 13.94 -12.04 23.38
N TYR D 82 13.51 -12.99 24.19
CA TYR D 82 14.42 -14.01 24.70
C TYR D 82 15.15 -14.73 23.56
N ALA D 83 14.39 -15.11 22.52
CA ALA D 83 15.07 -15.81 21.42
C ALA D 83 16.06 -14.95 20.67
N MET D 84 16.03 -13.63 20.81
CA MET D 84 16.99 -12.74 20.18
C MET D 84 18.12 -12.38 21.13
N GLY D 85 18.18 -13.05 22.27
CA GLY D 85 19.30 -12.89 23.18
C GLY D 85 19.07 -11.96 24.35
N MET D 86 17.85 -11.46 24.55
CA MET D 86 17.70 -10.43 25.60
C MET D 86 17.63 -11.04 26.99
N ILE D 87 18.76 -11.09 27.68
CA ILE D 87 18.79 -11.70 29.02
C ILE D 87 19.67 -10.86 29.95
N ALA D 88 19.58 -11.11 31.25
CA ALA D 88 20.49 -10.51 32.19
C ALA D 88 20.74 -11.58 33.28
N LEU D 89 21.92 -11.49 33.89
CA LEU D 89 22.27 -12.41 34.98
C LEU D 89 22.38 -11.57 36.25
N ILE D 90 21.64 -11.99 37.28
CA ILE D 90 21.73 -11.32 38.56
C ILE D 90 22.48 -12.26 39.51
N ALA D 91 23.55 -11.79 40.13
CA ALA D 91 24.32 -12.62 41.05
C ALA D 91 24.14 -12.03 42.45
N VAL D 92 23.50 -12.82 43.31
CA VAL D 92 23.22 -12.43 44.70
C VAL D 92 24.17 -13.13 45.65
N GLY D 93 25.02 -12.35 46.32
CA GLY D 93 25.98 -12.92 47.27
C GLY D 93 27.21 -13.41 46.55
N ASP D 94 28.21 -13.96 47.24
CA ASP D 94 29.40 -14.40 46.49
C ASP D 94 29.29 -15.87 46.09
N SER D 95 30.07 -16.29 45.12
CA SER D 95 30.17 -17.58 44.47
C SER D 95 28.86 -18.34 44.46
N PRO D 96 27.95 -17.84 43.63
CA PRO D 96 26.59 -18.38 43.56
C PRO D 96 26.63 -19.89 43.25
N ALA D 97 25.96 -20.67 44.10
CA ALA D 97 26.05 -22.12 44.02
C ALA D 97 25.54 -22.65 42.68
N ASN D 98 24.56 -21.97 42.09
CA ASN D 98 23.92 -22.49 40.89
C ASN D 98 24.41 -21.91 39.58
N LEU D 99 25.49 -21.12 39.55
CA LEU D 99 25.98 -20.49 38.35
C LEU D 99 26.43 -21.47 37.27
N ASP D 100 27.23 -22.50 37.59
CA ASP D 100 27.68 -23.46 36.58
C ASP D 100 26.49 -24.22 36.00
N GLN D 101 25.50 -24.53 36.83
CA GLN D 101 24.30 -25.20 36.38
C GLN D 101 23.61 -24.30 35.36
N ILE D 102 23.49 -23.00 35.65
CA ILE D 102 22.82 -22.14 34.67
C ILE D 102 23.59 -22.01 33.39
N VAL D 103 24.91 -21.99 33.48
CA VAL D 103 25.70 -21.85 32.24
C VAL D 103 25.55 -23.09 31.39
N SER D 104 25.41 -24.26 32.02
CA SER D 104 25.25 -25.49 31.24
C SER D 104 23.83 -25.72 30.75
N ALA D 105 22.80 -25.08 31.34
CA ALA D 105 21.43 -25.42 30.95
C ALA D 105 21.10 -25.16 29.49
N LYS D 106 20.08 -25.88 29.00
CA LYS D 106 19.67 -25.69 27.62
C LYS D 106 19.04 -24.31 27.40
N LYS D 107 19.48 -23.61 26.37
CA LYS D 107 18.93 -22.30 26.03
C LYS D 107 19.31 -21.95 24.59
N PRO D 108 18.68 -20.95 23.99
CA PRO D 108 19.03 -20.55 22.61
C PRO D 108 20.50 -20.22 22.48
N LYS D 109 21.04 -20.56 21.30
CA LYS D 109 22.46 -20.33 21.04
C LYS D 109 22.86 -18.88 21.23
N ILE D 110 21.99 -17.98 20.77
CA ILE D 110 22.34 -16.56 20.90
C ILE D 110 22.35 -16.16 22.36
N VAL D 111 21.41 -16.72 23.12
CA VAL D 111 21.41 -16.46 24.57
C VAL D 111 22.72 -16.91 25.19
N GLN D 112 23.10 -18.16 24.89
CA GLN D 112 24.33 -18.75 25.43
C GLN D 112 25.54 -17.89 25.13
N GLU D 113 25.65 -17.39 23.90
CA GLU D 113 26.77 -16.53 23.54
C GLU D 113 26.78 -15.24 24.34
N ARG D 114 25.62 -14.63 24.55
CA ARG D 114 25.67 -13.41 25.36
C ARG D 114 25.96 -13.65 26.83
N LEU D 115 25.42 -14.73 27.36
CA LEU D 115 25.66 -15.14 28.75
C LEU D 115 27.16 -15.32 28.97
N GLU D 116 27.79 -16.03 28.04
CA GLU D 116 29.22 -16.30 28.17
C GLU D 116 30.04 -15.02 28.16
N LYS D 117 29.58 -14.09 27.34
CA LYS D 117 30.28 -12.82 27.29
C LYS D 117 30.10 -12.05 28.59
N VAL D 118 28.87 -11.95 29.07
CA VAL D 118 28.66 -11.22 30.32
C VAL D 118 29.39 -11.82 31.50
N ILE D 119 29.52 -13.15 31.56
CA ILE D 119 30.24 -13.71 32.69
C ILE D 119 31.72 -13.41 32.58
N ALA D 120 32.22 -13.32 31.35
CA ALA D 120 33.64 -13.05 31.12
C ALA D 120 33.93 -11.55 31.24
N SER D 121 33.26 -10.83 30.37
CA SER D 121 33.24 -9.42 30.06
C SER D 121 31.97 -8.71 30.50
N ALA D 122 31.78 -8.62 31.81
CA ALA D 122 30.65 -7.94 32.43
C ALA D 122 30.65 -8.19 33.95
N LYS D 123 31.39 -9.21 34.35
CA LYS D 123 31.49 -9.64 35.74
C LYS D 123 32.09 -8.55 36.64
CU CU E . -12.39 20.89 11.44
CU CU F . -12.42 13.59 0.92
GD GD G . -10.19 4.45 25.63
GD GD H . -18.45 -10.20 24.90
GD GD I . -0.15 -31.42 21.44
CU CU J . 13.19 12.78 -22.92
CU CU K . 6.24 3.17 -18.25
GD GD L . -1.43 27.45 -19.96
GD GD M . -20.82 28.25 -21.95
GD GD N . -33.45 28.55 1.67
CU CU O . 13.46 -13.79 11.37
CU CU P . 2.14 -10.38 6.66
GD GD Q . 22.96 -14.51 -5.99
GD GD R . 17.07 -22.12 -22.00
GD GD S . 14.19 -2.23 -42.19
CU CU T . 12.53 -7.13 25.01
N THR A 2 -42.01 13.15 -4.76
CA THR A 2 -42.43 14.59 -4.75
C THR A 2 -42.08 15.24 -3.40
N ALA A 3 -42.38 16.50 -3.23
CA ALA A 3 -42.06 17.18 -1.94
C ALA A 3 -42.91 16.59 -0.81
N ALA A 4 -44.18 16.37 -1.03
CA ALA A 4 -45.04 15.81 0.05
C ALA A 4 -44.52 14.43 0.46
N GLU A 5 -44.10 13.65 -0.50
CA GLU A 5 -43.58 12.29 -0.16
C GLU A 5 -42.33 12.41 0.72
N ILE A 6 -41.42 13.28 0.37
CA ILE A 6 -40.18 13.43 1.19
C ILE A 6 -40.54 13.93 2.59
N ALA A 7 -41.45 14.87 2.68
CA ALA A 7 -41.85 15.40 4.02
C ALA A 7 -42.65 14.35 4.83
N ALA A 8 -43.25 13.38 4.20
CA ALA A 8 -44.04 12.36 4.96
C ALA A 8 -43.16 11.18 5.43
N LEU A 9 -41.93 11.09 4.99
CA LEU A 9 -41.07 9.95 5.44
C LEU A 9 -40.83 10.04 6.96
N PRO A 10 -40.86 8.92 7.65
CA PRO A 10 -40.63 8.89 9.13
C PRO A 10 -39.21 9.32 9.55
N ARG A 11 -39.09 10.18 10.53
CA ARG A 11 -37.77 10.64 11.00
C ARG A 11 -37.45 9.84 12.27
N GLN A 12 -36.26 9.35 12.37
CA GLN A 12 -35.90 8.54 13.57
C GLN A 12 -34.52 8.95 14.07
N LYS A 13 -34.44 9.30 15.30
CA LYS A 13 -33.14 9.72 15.88
C LYS A 13 -32.41 8.47 16.36
N VAL A 14 -31.12 8.47 16.24
CA VAL A 14 -30.32 7.30 16.68
C VAL A 14 -29.15 7.77 17.55
N GLU A 15 -28.93 7.09 18.63
CA GLU A 15 -27.84 7.45 19.55
C GLU A 15 -26.58 6.81 19.00
N LEU A 16 -25.53 7.56 18.95
CA LEU A 16 -24.27 6.99 18.38
C LEU A 16 -23.32 6.49 19.47
N VAL A 17 -22.51 5.50 19.18
CA VAL A 17 -21.56 5.00 20.18
C VAL A 17 -20.19 5.47 19.75
N ASP A 18 -19.19 5.06 20.43
CA ASP A 18 -17.81 5.49 20.04
C ASP A 18 -17.02 4.30 19.47
N PRO A 19 -16.26 4.52 18.43
CA PRO A 19 -15.44 3.45 17.80
C PRO A 19 -14.67 2.63 18.84
N PRO A 20 -14.35 1.41 18.52
CA PRO A 20 -14.69 0.80 17.20
C PRO A 20 -16.11 0.21 17.17
N PHE A 21 -16.86 0.35 18.23
CA PHE A 21 -18.23 -0.20 18.26
C PHE A 21 -19.11 0.53 17.23
N VAL A 22 -20.29 0.05 17.07
CA VAL A 22 -21.24 0.67 16.12
C VAL A 22 -22.59 0.73 16.82
N HIS A 23 -23.37 1.68 16.48
CA HIS A 23 -24.69 1.84 17.12
C HIS A 23 -25.58 0.64 16.80
N ALA A 24 -26.85 0.76 17.08
CA ALA A 24 -27.78 -0.38 16.80
C ALA A 24 -28.44 -0.17 15.43
N HIS A 25 -28.37 -1.17 14.59
CA HIS A 25 -29.00 -1.06 13.24
C HIS A 25 -29.29 -2.46 12.70
N SER A 26 -30.12 -2.56 11.69
CA SER A 26 -30.44 -3.89 11.11
C SER A 26 -29.82 -3.97 9.71
N GLN A 27 -29.31 -5.11 9.36
CA GLN A 27 -28.68 -5.24 8.01
C GLN A 27 -29.76 -4.96 7.01
N VAL A 28 -30.71 -5.83 6.93
CA VAL A 28 -31.84 -5.59 6.00
C VAL A 28 -32.63 -4.37 6.52
N ALA A 29 -33.00 -3.47 5.66
CA ALA A 29 -33.73 -2.25 6.10
C ALA A 29 -35.09 -2.64 6.67
N GLU A 30 -35.48 -1.99 7.72
CA GLU A 30 -36.80 -2.27 8.35
C GLU A 30 -37.76 -1.13 7.99
N GLY A 31 -38.69 -1.39 7.12
CA GLY A 31 -39.64 -0.32 6.71
C GLY A 31 -39.10 0.31 5.44
N GLY A 32 -39.73 1.35 4.99
CA GLY A 32 -39.26 2.01 3.75
C GLY A 32 -38.21 3.07 4.12
N PRO A 33 -37.94 3.95 3.21
CA PRO A 33 -36.94 5.04 3.41
C PRO A 33 -37.28 5.90 4.63
N LYS A 34 -36.30 6.31 5.37
CA LYS A 34 -36.57 7.16 6.57
C LYS A 34 -35.39 8.13 6.84
N VAL A 35 -35.72 9.34 7.23
CA VAL A 35 -34.71 10.37 7.55
C VAL A 35 -34.11 10.04 8.91
N VAL A 36 -32.90 9.59 8.88
CA VAL A 36 -32.18 9.21 10.10
C VAL A 36 -31.54 10.44 10.63
N GLU A 37 -31.72 10.66 11.87
CA GLU A 37 -31.16 11.88 12.49
C GLU A 37 -30.06 11.54 13.49
N PHE A 38 -28.94 12.18 13.35
CA PHE A 38 -27.80 11.96 14.28
C PHE A 38 -27.21 13.32 14.66
N THR A 39 -26.77 13.50 15.88
CA THR A 39 -26.20 14.81 16.30
C THR A 39 -24.82 14.60 16.90
N MET A 40 -23.85 15.35 16.46
CA MET A 40 -22.48 15.19 17.02
C MET A 40 -21.86 16.56 17.36
N VAL A 41 -21.33 16.68 18.56
CA VAL A 41 -20.69 17.94 18.99
C VAL A 41 -19.21 17.77 18.77
N ILE A 42 -18.58 18.77 18.27
CA ILE A 42 -17.13 18.67 17.98
C ILE A 42 -16.35 19.12 19.20
N GLU A 43 -15.32 18.42 19.54
CA GLU A 43 -14.54 18.82 20.74
C GLU A 43 -13.05 18.94 20.41
N GLU A 44 -12.49 20.12 20.54
CA GLU A 44 -11.03 20.28 20.25
C GLU A 44 -10.27 20.17 21.58
N LYS A 45 -9.52 19.11 21.78
CA LYS A 45 -8.80 18.97 23.05
C LYS A 45 -7.46 18.31 22.81
N LYS A 46 -6.69 18.20 23.83
CA LYS A 46 -5.35 17.56 23.69
C LYS A 46 -5.41 16.10 24.14
N ILE A 47 -5.00 15.20 23.29
CA ILE A 47 -5.01 13.76 23.64
C ILE A 47 -3.60 13.17 23.44
N VAL A 48 -3.23 12.24 24.27
CA VAL A 48 -1.93 11.60 24.19
C VAL A 48 -2.06 10.49 23.19
N ILE A 49 -1.05 10.26 22.46
CA ILE A 49 -1.13 9.20 21.40
C ILE A 49 0.18 8.42 21.31
N ASP A 50 0.81 8.18 22.42
CA ASP A 50 2.10 7.41 22.44
C ASP A 50 2.54 7.17 23.91
N ASP A 51 3.18 6.05 24.20
CA ASP A 51 3.62 5.79 25.61
C ASP A 51 4.60 6.88 26.12
N ALA A 52 5.09 7.77 25.29
CA ALA A 52 6.04 8.82 25.77
C ALA A 52 5.30 10.12 26.12
N GLY A 53 4.00 10.11 26.18
CA GLY A 53 3.24 11.37 26.53
C GLY A 53 3.16 12.36 25.34
N THR A 54 3.32 11.91 24.12
CA THR A 54 3.22 12.84 22.96
C THR A 54 1.78 13.34 22.93
N GLU A 55 1.58 14.56 22.60
CA GLU A 55 0.16 15.06 22.61
C GLU A 55 -0.19 15.75 21.29
N VAL A 56 -1.37 15.51 20.79
CA VAL A 56 -1.81 16.18 19.53
C VAL A 56 -3.19 16.86 19.72
N HIS A 57 -3.26 18.16 19.48
CA HIS A 57 -4.54 18.90 19.62
C HIS A 57 -5.53 18.29 18.65
N ALA A 58 -6.30 17.38 19.14
CA ALA A 58 -7.27 16.66 18.28
C ALA A 58 -8.53 17.48 18.05
N MET A 59 -9.07 17.32 16.88
CA MET A 59 -10.31 18.00 16.48
C MET A 59 -11.20 16.82 16.27
N ALA A 60 -12.16 16.65 17.10
CA ALA A 60 -12.86 15.38 16.98
C ALA A 60 -14.32 15.54 16.92
N PHE A 61 -14.87 14.85 16.02
CA PHE A 61 -16.36 14.85 15.90
C PHE A 61 -16.92 13.85 16.92
N ASN A 62 -17.79 14.28 17.80
CA ASN A 62 -18.33 13.34 18.83
C ASN A 62 -17.27 13.09 19.92
N GLY A 63 -16.24 13.90 20.01
CA GLY A 63 -15.18 13.69 21.04
C GLY A 63 -14.38 12.40 20.82
N THR A 64 -14.37 11.81 19.63
CA THR A 64 -13.54 10.56 19.46
C THR A 64 -12.87 10.47 18.06
N VAL A 65 -11.58 10.13 18.01
CA VAL A 65 -10.88 9.95 16.72
C VAL A 65 -10.70 8.45 16.54
N PRO A 66 -11.26 7.91 15.50
CA PRO A 66 -12.02 8.68 14.50
C PRO A 66 -13.49 8.87 14.86
N GLY A 67 -14.13 9.87 14.33
CA GLY A 67 -15.56 10.10 14.63
C GLY A 67 -16.27 8.75 14.66
N PRO A 68 -17.51 8.76 15.03
CA PRO A 68 -18.34 7.52 15.11
C PRO A 68 -18.90 7.10 13.75
N LEU A 69 -19.09 5.82 13.55
CA LEU A 69 -19.63 5.35 12.24
C LEU A 69 -21.18 5.40 12.25
N MET A 70 -21.76 6.19 11.38
CA MET A 70 -23.23 6.28 11.29
C MET A 70 -23.66 5.25 10.26
N VAL A 71 -24.74 4.62 10.48
CA VAL A 71 -25.17 3.57 9.51
C VAL A 71 -26.65 3.72 9.12
N VAL A 72 -26.88 3.87 7.85
CA VAL A 72 -28.26 3.97 7.31
C VAL A 72 -28.32 3.07 6.06
N HIS A 73 -29.46 2.99 5.42
CA HIS A 73 -29.56 2.14 4.22
C HIS A 73 -29.60 3.04 2.98
N GLN A 74 -29.51 2.44 1.83
CA GLN A 74 -29.53 3.21 0.57
C GLN A 74 -30.93 3.78 0.38
N ASP A 75 -31.00 5.02 0.03
CA ASP A 75 -32.34 5.66 -0.16
C ASP A 75 -32.67 6.50 1.08
N ASP A 76 -32.32 6.04 2.25
CA ASP A 76 -32.61 6.80 3.47
C ASP A 76 -31.79 8.10 3.47
N TYR A 77 -32.29 9.12 4.10
CA TYR A 77 -31.58 10.42 4.15
C TYR A 77 -30.95 10.62 5.53
N LEU A 78 -29.71 10.99 5.55
CA LEU A 78 -29.00 11.22 6.82
C LEU A 78 -29.10 12.70 7.14
N GLU A 79 -29.57 13.01 8.30
CA GLU A 79 -29.74 14.42 8.72
C GLU A 79 -28.91 14.59 9.95
N LEU A 80 -27.86 15.31 9.84
CA LEU A 80 -26.97 15.41 11.03
C LEU A 80 -26.87 16.84 11.56
N THR A 81 -27.22 17.00 12.81
CA THR A 81 -27.10 18.34 13.47
C THR A 81 -25.70 18.41 14.11
N LEU A 82 -24.83 19.23 13.58
CA LEU A 82 -23.48 19.35 14.10
C LEU A 82 -23.45 20.54 14.99
N ILE A 83 -22.64 20.51 15.95
CA ILE A 83 -22.58 21.64 16.91
C ILE A 83 -21.13 21.94 17.28
N ASN A 84 -20.75 23.17 17.15
CA ASN A 84 -19.36 23.59 17.51
C ASN A 84 -19.46 24.52 18.71
N PRO A 85 -19.20 24.00 19.87
CA PRO A 85 -19.29 24.74 21.16
C PRO A 85 -18.53 26.07 21.16
N GLU A 86 -18.99 27.01 21.94
CA GLU A 86 -18.28 28.32 22.00
C GLU A 86 -16.87 28.12 22.58
N THR A 87 -16.66 27.10 23.37
CA THR A 87 -15.30 26.87 23.96
C THR A 87 -14.27 26.63 22.86
N ASN A 88 -14.68 26.03 21.77
CA ASN A 88 -13.71 25.74 20.67
C ASN A 88 -13.18 27.06 20.10
N THR A 89 -12.09 27.01 19.39
CA THR A 89 -11.52 28.26 18.81
C THR A 89 -11.31 28.15 17.28
N LEU A 90 -11.80 27.12 16.62
CA LEU A 90 -11.59 27.04 15.13
C LEU A 90 -12.91 26.67 14.42
N MET A 91 -13.24 27.36 13.35
CA MET A 91 -14.49 27.02 12.61
C MET A 91 -14.29 25.68 11.89
N HIS A 92 -15.30 24.84 11.86
CA HIS A 92 -15.16 23.53 11.17
C HIS A 92 -16.17 23.40 10.03
N ASN A 93 -16.49 22.19 9.70
CA ASN A 93 -17.46 21.89 8.60
C ASN A 93 -17.38 20.38 8.32
N ILE A 94 -18.39 19.78 7.72
CA ILE A 94 -18.32 18.31 7.46
C ILE A 94 -18.65 17.99 6.00
N ASP A 95 -17.80 17.22 5.36
CA ASP A 95 -18.05 16.82 3.94
C ASP A 95 -18.17 15.29 3.89
N PHE A 96 -19.34 14.77 3.63
CA PHE A 96 -19.51 13.29 3.59
C PHE A 96 -19.36 12.78 2.15
N HIS A 97 -18.36 12.00 1.91
CA HIS A 97 -18.14 11.43 0.55
C HIS A 97 -19.43 10.76 0.03
N ALA A 98 -20.26 10.23 0.91
CA ALA A 98 -21.51 9.55 0.46
C ALA A 98 -22.62 10.54 0.08
N ALA A 99 -22.34 11.82 0.04
CA ALA A 99 -23.38 12.81 -0.34
C ALA A 99 -23.04 13.39 -1.71
N THR A 100 -23.96 14.11 -2.31
CA THR A 100 -23.68 14.70 -3.65
C THR A 100 -24.12 16.17 -3.70
N GLY A 101 -23.18 17.07 -3.84
CA GLY A 101 -23.51 18.55 -3.93
C GLY A 101 -22.92 19.35 -2.75
N ALA A 102 -22.36 20.53 -3.01
CA ALA A 102 -21.80 21.35 -1.88
C ALA A 102 -20.53 20.72 -1.30
N LEU A 103 -19.61 20.30 -2.13
CA LEU A 103 -18.33 19.73 -1.61
C LEU A 103 -18.61 18.66 -0.57
N GLY A 104 -19.67 17.92 -0.75
CA GLY A 104 -20.00 16.84 0.23
C GLY A 104 -20.61 17.43 1.50
N GLY A 105 -21.23 18.57 1.40
CA GLY A 105 -21.86 19.20 2.61
C GLY A 105 -20.92 20.21 3.29
N GLY A 106 -19.67 20.32 2.90
CA GLY A 106 -18.75 21.29 3.56
C GLY A 106 -19.15 22.74 3.24
N GLY A 107 -19.66 22.99 2.05
CA GLY A 107 -20.04 24.39 1.68
C GLY A 107 -21.31 24.85 2.44
N LEU A 108 -22.02 23.96 3.07
CA LEU A 108 -23.27 24.39 3.80
C LEU A 108 -23.20 23.93 5.27
N THR A 109 -22.03 23.82 5.82
CA THR A 109 -21.89 23.40 7.24
C THR A 109 -20.73 24.14 7.95
N GLU A 110 -20.30 25.28 7.45
CA GLU A 110 -19.21 26.04 8.11
C GLU A 110 -19.78 26.67 9.37
N ILE A 111 -19.37 26.20 10.51
CA ILE A 111 -19.94 26.76 11.76
C ILE A 111 -18.81 27.18 12.68
N ASN A 112 -18.81 28.42 13.06
CA ASN A 112 -17.73 28.91 13.98
C ASN A 112 -18.17 28.69 15.42
N PRO A 113 -17.24 28.67 16.34
CA PRO A 113 -17.54 28.48 17.78
C PRO A 113 -18.85 29.16 18.20
N GLY A 114 -19.75 28.43 18.80
CA GLY A 114 -21.05 29.03 19.21
C GLY A 114 -22.10 28.87 18.10
N GLU A 115 -21.85 28.03 17.12
CA GLU A 115 -22.87 27.87 16.03
C GLU A 115 -23.09 26.38 15.67
N LYS A 116 -24.33 26.00 15.38
CA LYS A 116 -24.62 24.59 14.98
C LYS A 116 -25.58 24.59 13.77
N THR A 117 -25.51 23.61 12.91
CA THR A 117 -26.41 23.61 11.75
C THR A 117 -26.99 22.22 11.59
N ILE A 118 -27.73 22.04 10.56
CA ILE A 118 -28.34 20.71 10.30
C ILE A 118 -28.34 20.48 8.79
N LEU A 119 -27.66 19.47 8.34
CA LEU A 119 -27.61 19.21 6.87
C LEU A 119 -28.16 17.82 6.57
N ARG A 120 -29.05 17.74 5.63
CA ARG A 120 -29.64 16.41 5.27
C ARG A 120 -29.30 16.06 3.81
N PHE A 121 -28.87 14.84 3.57
CA PHE A 121 -28.53 14.41 2.19
C PHE A 121 -29.06 12.98 1.97
N LYS A 122 -29.47 12.69 0.77
CA LYS A 122 -30.00 11.34 0.44
C LYS A 122 -28.84 10.39 0.15
N ALA A 123 -28.82 9.29 0.82
CA ALA A 123 -27.76 8.28 0.63
C ALA A 123 -28.16 7.49 -0.58
N THR A 124 -27.68 7.91 -1.69
CA THR A 124 -28.12 7.25 -2.98
C THR A 124 -27.21 6.08 -3.41
N LYS A 125 -26.08 5.89 -2.80
CA LYS A 125 -25.19 4.78 -3.21
C LYS A 125 -24.81 3.96 -1.99
N PRO A 126 -24.80 2.68 -2.13
CA PRO A 126 -24.47 1.75 -1.02
C PRO A 126 -22.95 1.52 -0.85
N GLY A 127 -22.47 1.56 0.36
CA GLY A 127 -21.01 1.33 0.56
C GLY A 127 -20.47 2.23 1.67
N VAL A 128 -19.39 1.81 2.30
CA VAL A 128 -18.79 2.61 3.37
C VAL A 128 -18.13 3.82 2.73
N PHE A 129 -18.14 4.92 3.40
CA PHE A 129 -17.54 6.12 2.81
C PHE A 129 -16.93 6.93 3.93
N VAL A 130 -15.89 7.65 3.66
CA VAL A 130 -15.26 8.45 4.77
C VAL A 130 -15.75 9.93 4.81
N TYR A 131 -16.17 10.41 5.97
CA TYR A 131 -16.59 11.82 6.11
C TYR A 131 -15.44 12.54 6.82
N HIS A 132 -15.29 13.82 6.61
CA HIS A 132 -14.15 14.53 7.26
C HIS A 132 -14.34 16.05 7.18
N CYS A 133 -13.94 16.78 8.19
CA CYS A 133 -14.09 18.26 8.17
C CYS A 133 -13.09 18.84 7.18
N ALA A 134 -13.43 19.90 6.50
CA ALA A 134 -12.47 20.45 5.51
C ALA A 134 -12.71 21.92 5.25
N PRO A 135 -12.39 22.75 6.19
CA PRO A 135 -12.54 24.23 6.06
C PRO A 135 -11.62 24.78 4.97
N PRO A 136 -12.18 25.46 4.01
CA PRO A 136 -11.41 26.03 2.87
C PRO A 136 -10.05 26.61 3.28
N GLY A 137 -8.97 26.08 2.74
CA GLY A 137 -7.62 26.63 3.08
C GLY A 137 -6.93 25.83 4.22
N MET A 138 -7.64 25.05 4.98
CA MET A 138 -6.98 24.30 6.08
C MET A 138 -7.54 22.89 6.12
N VAL A 139 -7.79 22.34 4.97
CA VAL A 139 -8.36 20.96 4.91
C VAL A 139 -7.41 19.94 5.56
N PRO A 140 -6.25 19.72 4.98
CA PRO A 140 -5.25 18.74 5.47
C PRO A 140 -4.97 18.85 6.97
N TRP A 141 -5.03 20.03 7.51
CA TRP A 141 -4.75 20.17 8.97
C TRP A 141 -5.90 19.59 9.80
N HIS A 142 -7.10 19.96 9.47
CA HIS A 142 -8.28 19.45 10.22
C HIS A 142 -8.39 17.92 10.11
N VAL A 143 -8.07 17.36 8.98
CA VAL A 143 -8.19 15.88 8.82
C VAL A 143 -7.07 15.18 9.60
N VAL A 144 -5.86 15.62 9.44
CA VAL A 144 -4.73 14.97 10.15
C VAL A 144 -4.93 15.11 11.67
N SER A 145 -5.56 16.18 12.09
CA SER A 145 -5.78 16.37 13.55
C SER A 145 -6.77 15.32 14.09
N GLY A 146 -7.30 14.50 13.22
CA GLY A 146 -8.26 13.45 13.69
C GLY A 146 -9.72 13.91 13.47
N MET A 147 -9.98 14.78 12.52
CA MET A 147 -11.38 15.22 12.28
C MET A 147 -11.96 14.45 11.08
N ASN A 148 -12.15 13.18 11.23
CA ASN A 148 -12.70 12.37 10.11
C ASN A 148 -13.14 10.99 10.63
N GLY A 149 -14.14 10.44 10.02
CA GLY A 149 -14.67 9.09 10.44
C GLY A 149 -15.21 8.36 9.20
N ALA A 150 -16.37 7.74 9.29
CA ALA A 150 -16.93 7.03 8.10
C ALA A 150 -18.37 6.57 8.34
N ILE A 151 -19.18 6.57 7.32
CA ILE A 151 -20.59 6.11 7.47
C ILE A 151 -20.84 4.91 6.54
N MET A 152 -21.68 4.00 6.94
CA MET A 152 -21.96 2.80 6.08
C MET A 152 -23.41 2.80 5.60
N VAL A 153 -23.61 2.92 4.32
CA VAL A 153 -24.98 2.90 3.76
C VAL A 153 -25.19 1.51 3.23
N LEU A 154 -25.89 0.71 3.95
CA LEU A 154 -26.03 -0.72 3.52
C LEU A 154 -27.22 -0.92 2.58
N PRO A 155 -27.05 -1.75 1.57
CA PRO A 155 -28.14 -2.07 0.63
C PRO A 155 -29.44 -2.40 1.39
N ARG A 156 -30.56 -1.98 0.89
CA ARG A 156 -31.85 -2.25 1.60
C ARG A 156 -31.99 -3.74 1.91
N GLU A 157 -31.46 -4.58 1.06
CA GLU A 157 -31.57 -6.06 1.30
C GLU A 157 -30.34 -6.62 2.04
N GLY A 158 -29.52 -5.78 2.63
CA GLY A 158 -28.33 -6.30 3.36
C GLY A 158 -27.16 -6.47 2.39
N LEU A 159 -26.12 -7.15 2.82
CA LEU A 159 -24.95 -7.36 1.92
C LEU A 159 -24.95 -8.78 1.34
N HIS A 160 -24.49 -8.94 0.12
CA HIS A 160 -24.44 -10.27 -0.51
C HIS A 160 -23.10 -10.42 -1.24
N ASP A 161 -22.72 -11.61 -1.58
CA ASP A 161 -21.43 -11.82 -2.29
C ASP A 161 -21.56 -11.43 -3.77
N GLY A 162 -20.69 -11.92 -4.62
CA GLY A 162 -20.76 -11.57 -6.07
C GLY A 162 -21.84 -12.42 -6.78
N LYS A 163 -22.22 -13.54 -6.22
CA LYS A 163 -23.26 -14.40 -6.90
C LYS A 163 -24.67 -14.13 -6.32
N GLY A 164 -24.83 -13.16 -5.46
CA GLY A 164 -26.20 -12.88 -4.89
C GLY A 164 -26.42 -13.55 -3.50
N LYS A 165 -25.57 -14.44 -3.06
CA LYS A 165 -25.76 -15.09 -1.75
C LYS A 165 -25.71 -14.05 -0.64
N ALA A 166 -26.60 -14.14 0.30
CA ALA A 166 -26.61 -13.14 1.42
C ALA A 166 -25.44 -13.38 2.40
N LEU A 167 -24.77 -12.33 2.78
CA LEU A 167 -23.64 -12.40 3.74
C LEU A 167 -24.06 -11.58 4.96
N THR A 168 -24.36 -12.24 6.03
CA THR A 168 -24.85 -11.55 7.23
C THR A 168 -23.80 -11.68 8.29
N TYR A 169 -23.43 -10.60 8.84
CA TYR A 169 -22.35 -10.63 9.87
C TYR A 169 -22.95 -10.61 11.28
N ASP A 170 -22.36 -11.34 12.20
CA ASP A 170 -22.86 -11.35 13.60
C ASP A 170 -22.38 -10.09 14.35
N LYS A 171 -21.25 -9.54 13.97
CA LYS A 171 -20.73 -8.33 14.67
C LYS A 171 -19.96 -7.48 13.68
N ILE A 172 -19.88 -6.20 13.92
CA ILE A 172 -19.13 -5.30 12.99
C ILE A 172 -18.35 -4.26 13.80
N TYR A 173 -17.11 -4.06 13.46
CA TYR A 173 -16.28 -3.06 14.16
C TYR A 173 -15.74 -2.07 13.14
N TYR A 174 -15.54 -0.85 13.56
CA TYR A 174 -15.02 0.19 12.62
C TYR A 174 -13.66 0.67 13.13
N VAL A 175 -12.64 0.43 12.37
CA VAL A 175 -11.27 0.84 12.78
C VAL A 175 -10.80 2.00 11.90
N GLY A 176 -10.83 3.19 12.41
CA GLY A 176 -10.38 4.37 11.65
C GLY A 176 -8.88 4.55 11.89
N GLU A 177 -8.14 4.65 10.85
CA GLU A 177 -6.68 4.79 10.96
C GLU A 177 -6.38 6.26 10.81
N GLN A 178 -5.40 6.72 11.51
CA GLN A 178 -5.10 8.18 11.42
C GLN A 178 -3.60 8.41 11.41
N ASP A 179 -3.10 9.04 10.37
CA ASP A 179 -1.64 9.34 10.31
C ASP A 179 -1.40 10.76 10.85
N PHE A 180 -0.68 10.90 11.93
CA PHE A 180 -0.43 12.23 12.48
C PHE A 180 0.92 12.75 12.00
N TYR A 181 1.23 13.93 12.37
CA TYR A 181 2.51 14.57 11.98
C TYR A 181 2.88 15.51 13.11
N VAL A 182 3.55 15.00 14.09
CA VAL A 182 3.86 15.82 15.29
C VAL A 182 5.23 16.44 15.15
N PRO A 183 5.29 17.72 15.34
CA PRO A 183 6.58 18.48 15.24
C PRO A 183 7.56 18.13 16.39
N ARG A 184 8.83 17.96 16.07
CA ARG A 184 9.85 17.64 17.11
C ARG A 184 10.90 18.75 17.13
N ASP A 185 11.49 19.01 18.25
CA ASP A 185 12.52 20.09 18.33
C ASP A 185 13.81 19.62 17.67
N GLU A 186 14.91 20.27 17.96
CA GLU A 186 16.21 19.86 17.35
C GLU A 186 16.73 18.56 17.98
N ASN A 187 16.43 18.31 19.23
CA ASN A 187 16.92 17.06 19.89
C ASN A 187 16.07 15.83 19.55
N GLY A 188 15.01 15.98 18.77
CA GLY A 188 14.17 14.80 18.43
C GLY A 188 13.02 14.59 19.45
N LYS A 189 12.75 15.53 20.32
CA LYS A 189 11.64 15.37 21.30
C LYS A 189 10.37 16.03 20.76
N TYR A 190 9.26 15.35 20.84
CA TYR A 190 7.99 15.91 20.34
C TYR A 190 7.74 17.23 21.05
N LYS A 191 7.20 18.17 20.36
CA LYS A 191 6.94 19.50 20.99
C LYS A 191 5.44 19.64 21.34
N LYS A 192 5.16 20.29 22.44
CA LYS A 192 3.75 20.50 22.84
C LYS A 192 3.45 21.99 22.73
N TYR A 193 2.22 22.34 22.64
CA TYR A 193 1.87 23.77 22.51
C TYR A 193 0.70 24.07 23.42
N GLU A 194 0.35 25.30 23.51
CA GLU A 194 -0.78 25.70 24.39
C GLU A 194 -2.11 25.59 23.63
N ALA A 195 -2.19 26.10 22.42
CA ALA A 195 -3.46 26.02 21.67
C ALA A 195 -3.24 25.28 20.37
N PRO A 196 -4.29 25.04 19.65
CA PRO A 196 -4.24 24.32 18.34
C PRO A 196 -3.56 25.13 17.22
N GLY A 197 -3.74 26.43 17.18
CA GLY A 197 -3.10 27.24 16.09
C GLY A 197 -1.60 27.39 16.33
N ASP A 198 -1.17 27.40 17.55
CA ASP A 198 0.29 27.57 17.84
C ASP A 198 1.11 26.48 17.13
N ALA A 199 0.53 25.35 16.86
CA ALA A 199 1.30 24.25 16.18
C ALA A 199 0.90 24.12 14.70
N TYR A 200 0.35 25.14 14.11
CA TYR A 200 -0.03 25.06 12.66
C TYR A 200 1.21 25.13 11.72
N GLU A 201 2.11 26.07 11.91
CA GLU A 201 3.28 26.17 10.98
C GLU A 201 4.20 24.96 11.14
N ASP A 202 4.51 24.61 12.36
CA ASP A 202 5.42 23.45 12.58
C ASP A 202 4.78 22.16 12.08
N THR A 203 3.49 22.03 12.19
CA THR A 203 2.82 20.79 11.73
C THR A 203 2.84 20.74 10.21
N VAL A 204 2.52 21.82 9.57
CA VAL A 204 2.54 21.84 8.08
C VAL A 204 3.91 21.37 7.59
N LYS A 205 4.95 21.86 8.19
CA LYS A 205 6.31 21.43 7.76
C LYS A 205 6.40 19.91 7.81
N VAL A 206 5.96 19.31 8.88
CA VAL A 206 6.01 17.83 8.99
C VAL A 206 5.09 17.18 7.94
N MET A 207 3.92 17.73 7.74
CA MET A 207 2.98 17.14 6.73
C MET A 207 3.60 17.18 5.33
N ARG A 208 4.33 18.20 4.99
CA ARG A 208 4.94 18.30 3.64
C ARG A 208 5.85 17.10 3.41
N THR A 209 6.55 16.69 4.42
CA THR A 209 7.48 15.53 4.27
C THR A 209 6.71 14.26 3.84
N LEU A 210 5.40 14.26 3.91
CA LEU A 210 4.63 13.05 3.52
C LEU A 210 5.06 11.87 4.37
N THR A 211 5.55 12.11 5.56
CA THR A 211 5.99 10.98 6.43
C THR A 211 5.38 11.18 7.82
N PRO A 212 4.36 10.42 8.13
CA PRO A 212 3.66 10.53 9.46
C PRO A 212 4.51 10.02 10.64
N THR A 213 4.62 10.79 11.70
CA THR A 213 5.41 10.33 12.87
C THR A 213 4.67 9.17 13.57
N HIS A 214 3.36 9.08 13.43
CA HIS A 214 2.62 7.98 14.09
C HIS A 214 1.37 7.64 13.26
N VAL A 215 1.15 6.37 13.03
CA VAL A 215 -0.04 5.95 12.25
C VAL A 215 -0.77 5.00 13.14
N VAL A 216 -1.94 5.30 13.55
CA VAL A 216 -2.56 4.36 14.52
C VAL A 216 -4.03 4.15 14.27
N PHE A 217 -4.60 3.35 15.11
CA PHE A 217 -6.06 3.07 14.98
C PHE A 217 -6.78 3.46 16.27
N ASN A 218 -7.91 4.09 16.16
CA ASN A 218 -8.66 4.51 17.39
C ASN A 218 -8.09 5.80 18.02
N GLY A 219 -7.11 6.43 17.39
CA GLY A 219 -6.54 7.68 17.97
C GLY A 219 -5.32 7.45 18.93
N ALA A 220 -4.69 6.30 18.98
CA ALA A 220 -3.51 6.16 19.90
C ALA A 220 -2.79 4.81 19.70
N VAL A 221 -1.48 4.81 19.72
CA VAL A 221 -0.75 3.52 19.55
C VAL A 221 -1.21 2.55 20.65
N GLY A 222 -1.61 1.37 20.28
CA GLY A 222 -2.11 0.40 21.31
C GLY A 222 -3.57 0.69 21.76
N ALA A 223 -4.35 1.46 21.01
CA ALA A 223 -5.75 1.72 21.44
C ALA A 223 -6.64 0.46 21.27
N LEU A 224 -6.32 -0.44 20.36
CA LEU A 224 -7.17 -1.64 20.16
C LEU A 224 -6.37 -2.91 20.46
N THR A 225 -5.45 -2.83 21.37
CA THR A 225 -4.62 -4.03 21.71
C THR A 225 -4.60 -4.19 23.23
N GLY A 226 -4.35 -5.39 23.71
CA GLY A 226 -4.29 -5.63 25.17
C GLY A 226 -5.71 -5.89 25.68
N ASP A 227 -6.14 -5.15 26.66
CA ASP A 227 -7.53 -5.34 27.19
C ASP A 227 -8.56 -4.73 26.23
N LYS A 228 -8.14 -3.88 25.32
CA LYS A 228 -9.12 -3.25 24.38
C LYS A 228 -9.13 -4.00 23.04
N ALA A 229 -8.56 -5.18 22.98
CA ALA A 229 -8.54 -5.93 21.70
C ALA A 229 -9.98 -6.37 21.35
N MET A 230 -10.37 -6.23 20.10
CA MET A 230 -11.74 -6.63 19.74
C MET A 230 -11.97 -8.05 20.24
N THR A 231 -13.01 -8.65 19.79
CA THR A 231 -13.32 -10.05 20.21
C THR A 231 -14.14 -10.76 19.10
N ALA A 232 -14.00 -12.07 19.02
CA ALA A 232 -14.72 -12.89 18.02
C ALA A 232 -14.56 -14.36 18.39
N ALA A 233 -15.54 -15.19 18.12
CA ALA A 233 -15.42 -16.62 18.48
C ALA A 233 -15.48 -17.48 17.22
N VAL A 234 -14.80 -18.59 17.23
CA VAL A 234 -14.79 -19.48 16.05
C VAL A 234 -16.21 -19.67 15.57
N GLY A 235 -16.42 -19.53 14.30
CA GLY A 235 -17.80 -19.68 13.75
C GLY A 235 -18.54 -18.32 13.69
N GLU A 236 -17.91 -17.25 14.12
CA GLU A 236 -18.58 -15.92 14.10
C GLU A 236 -18.15 -15.17 12.83
N LYS A 237 -19.08 -14.49 12.23
CA LYS A 237 -18.80 -13.73 11.00
C LYS A 237 -18.66 -12.28 11.42
N VAL A 238 -17.62 -11.65 11.04
CA VAL A 238 -17.44 -10.26 11.50
C VAL A 238 -17.02 -9.35 10.36
N LEU A 239 -17.66 -8.23 10.25
CA LEU A 239 -17.33 -7.25 9.20
C LEU A 239 -16.46 -6.16 9.82
N ILE A 240 -15.33 -5.88 9.24
CA ILE A 240 -14.42 -4.86 9.79
C ILE A 240 -14.28 -3.70 8.80
N VAL A 241 -14.92 -2.62 9.10
CA VAL A 241 -14.86 -1.43 8.23
C VAL A 241 -13.63 -0.64 8.61
N HIS A 242 -12.90 -0.20 7.65
CA HIS A 242 -11.66 0.55 7.95
C HIS A 242 -11.64 1.78 7.07
N SER A 243 -11.20 2.87 7.61
CA SER A 243 -11.16 4.13 6.82
C SER A 243 -9.83 4.88 7.02
N GLN A 244 -9.45 5.61 6.02
CA GLN A 244 -8.21 6.44 6.02
C GLN A 244 -8.56 7.67 5.18
N ALA A 245 -8.78 8.77 5.83
CA ALA A 245 -9.24 10.00 5.09
C ALA A 245 -8.12 10.78 4.38
N ASN A 246 -6.89 10.45 4.61
CA ASN A 246 -5.79 11.21 3.94
C ASN A 246 -4.47 10.39 3.90
N ARG A 247 -4.56 9.11 3.66
CA ARG A 247 -3.32 8.27 3.59
C ARG A 247 -3.69 6.85 3.11
N ASP A 248 -2.98 6.28 2.16
CA ASP A 248 -3.35 4.89 1.71
C ASP A 248 -2.81 3.82 2.68
N THR A 249 -3.63 2.85 3.06
CA THR A 249 -3.16 1.78 3.96
C THR A 249 -3.33 0.44 3.25
N ARG A 250 -3.10 -0.61 3.96
CA ARG A 250 -3.24 -1.99 3.38
C ARG A 250 -3.52 -2.96 4.53
N PRO A 251 -4.77 -3.09 4.88
CA PRO A 251 -5.23 -3.95 6.00
C PRO A 251 -4.85 -5.42 5.84
N HIS A 252 -4.59 -6.08 6.94
CA HIS A 252 -4.23 -7.53 6.90
C HIS A 252 -4.47 -8.19 8.29
N LEU A 253 -5.34 -9.18 8.35
CA LEU A 253 -5.61 -9.90 9.63
C LEU A 253 -4.61 -11.04 9.76
N ILE A 254 -3.67 -10.87 10.64
CA ILE A 254 -2.61 -11.88 10.85
C ILE A 254 -3.26 -13.15 11.37
N GLY A 255 -3.07 -14.20 10.68
CA GLY A 255 -3.67 -15.49 11.10
C GLY A 255 -5.01 -15.73 10.38
N GLY A 256 -5.57 -14.72 9.75
CA GLY A 256 -6.86 -14.93 9.05
C GLY A 256 -6.78 -14.34 7.64
N HIS A 257 -7.90 -13.95 7.10
CA HIS A 257 -7.90 -13.37 5.73
C HIS A 257 -9.28 -12.75 5.44
N GLY A 258 -9.34 -11.84 4.53
CA GLY A 258 -10.64 -11.18 4.19
C GLY A 258 -11.39 -12.11 3.24
N ASP A 259 -12.34 -12.82 3.75
CA ASP A 259 -13.10 -13.77 2.89
C ASP A 259 -13.67 -13.00 1.72
N TYR A 260 -14.37 -11.96 2.03
CA TYR A 260 -14.96 -11.08 0.98
C TYR A 260 -14.57 -9.66 1.35
N VAL A 261 -13.94 -8.94 0.47
CA VAL A 261 -13.50 -7.57 0.86
C VAL A 261 -13.84 -6.54 -0.21
N TRP A 262 -14.77 -5.68 0.09
CA TRP A 262 -15.11 -4.58 -0.86
C TRP A 262 -14.02 -3.55 -0.67
N ALA A 263 -12.94 -3.75 -1.35
CA ALA A 263 -11.73 -2.87 -1.16
C ALA A 263 -12.10 -1.44 -1.42
N THR A 264 -12.82 -1.23 -2.45
CA THR A 264 -13.21 0.16 -2.82
C THR A 264 -14.27 0.69 -1.85
N GLY A 265 -14.81 -0.15 -1.01
CA GLY A 265 -15.86 0.33 -0.04
C GLY A 265 -17.23 0.58 -0.74
N LYS A 266 -17.44 0.00 -1.89
CA LYS A 266 -18.72 0.17 -2.62
C LYS A 266 -19.38 -1.21 -2.71
N PHE A 267 -20.60 -1.31 -2.34
CA PHE A 267 -21.28 -2.65 -2.36
C PHE A 267 -21.59 -3.07 -3.80
N ASN A 268 -21.97 -2.14 -4.62
CA ASN A 268 -22.30 -2.48 -6.04
C ASN A 268 -21.09 -3.15 -6.69
N THR A 269 -19.92 -2.77 -6.30
CA THR A 269 -18.70 -3.37 -6.90
C THR A 269 -18.42 -4.71 -6.22
N PRO A 270 -18.44 -5.76 -6.99
CA PRO A 270 -18.21 -7.14 -6.45
C PRO A 270 -17.04 -7.19 -5.45
N PRO A 271 -17.19 -7.89 -4.35
CA PRO A 271 -16.10 -7.97 -3.32
C PRO A 271 -14.99 -8.99 -3.64
N ASP A 272 -13.73 -8.58 -3.74
CA ASP A 272 -12.67 -9.58 -4.00
C ASP A 272 -12.87 -10.70 -3.00
N VAL A 273 -12.17 -11.78 -3.14
CA VAL A 273 -12.37 -12.90 -2.17
C VAL A 273 -11.02 -13.59 -1.86
N ASP A 274 -10.91 -14.13 -0.68
CA ASP A 274 -9.66 -14.84 -0.29
C ASP A 274 -8.56 -13.82 -0.32
N GLN A 275 -8.74 -12.74 0.40
CA GLN A 275 -7.68 -11.68 0.35
C GLN A 275 -6.71 -11.75 1.55
N GLU A 276 -5.41 -11.80 1.29
CA GLU A 276 -4.43 -11.79 2.42
C GLU A 276 -4.20 -10.33 2.90
N THR A 277 -4.14 -9.38 1.99
CA THR A 277 -3.91 -7.96 2.36
C THR A 277 -4.61 -7.10 1.32
N TRP A 278 -5.50 -6.27 1.73
CA TRP A 278 -6.25 -5.45 0.74
C TRP A 278 -5.57 -4.10 0.59
N PHE A 279 -6.24 -3.18 -0.01
CA PHE A 279 -5.65 -1.83 -0.20
C PHE A 279 -6.75 -0.75 -0.26
N ILE A 280 -6.72 0.18 0.66
CA ILE A 280 -7.71 1.28 0.68
C ILE A 280 -6.96 2.59 0.50
N PRO A 281 -7.23 3.28 -0.57
CA PRO A 281 -6.53 4.55 -0.91
C PRO A 281 -6.95 5.75 -0.05
N GLY A 282 -5.99 6.52 0.41
CA GLY A 282 -6.32 7.71 1.21
C GLY A 282 -7.59 8.33 0.64
N GLY A 283 -8.45 8.78 1.49
CA GLY A 283 -9.73 9.37 1.04
C GLY A 283 -10.76 8.26 0.75
N ALA A 284 -10.71 7.15 1.45
CA ALA A 284 -11.73 6.09 1.15
C ALA A 284 -11.84 5.05 2.27
N ALA A 285 -13.01 4.50 2.48
CA ALA A 285 -13.17 3.45 3.54
C ALA A 285 -13.64 2.13 2.89
N GLY A 286 -13.06 1.02 3.27
CA GLY A 286 -13.48 -0.28 2.66
C GLY A 286 -14.13 -1.15 3.72
N ALA A 287 -14.31 -2.42 3.44
CA ALA A 287 -14.95 -3.33 4.42
C ALA A 287 -14.58 -4.78 4.11
N ALA A 288 -14.22 -5.54 5.10
CA ALA A 288 -13.85 -6.96 4.88
C ALA A 288 -14.71 -7.84 5.79
N PHE A 289 -15.18 -8.94 5.28
CA PHE A 289 -16.03 -9.85 6.08
C PHE A 289 -15.32 -11.19 6.20
N TYR A 290 -15.14 -11.69 7.38
CA TYR A 290 -14.41 -12.97 7.52
C TYR A 290 -14.99 -13.80 8.67
N THR A 291 -15.11 -15.07 8.44
CA THR A 291 -15.62 -16.00 9.48
C THR A 291 -14.42 -16.63 10.18
N PHE A 292 -14.31 -16.39 11.45
CA PHE A 292 -13.15 -16.92 12.22
C PHE A 292 -13.24 -18.43 12.32
N GLN A 293 -12.14 -19.09 12.11
CA GLN A 293 -12.12 -20.59 12.20
C GLN A 293 -11.14 -21.09 13.28
N GLN A 294 -10.27 -20.24 13.81
CA GLN A 294 -9.31 -20.71 14.85
C GLN A 294 -9.27 -19.72 16.00
N PRO A 295 -9.22 -20.22 17.20
CA PRO A 295 -9.18 -19.38 18.44
C PRO A 295 -7.76 -18.94 18.78
N GLY A 296 -7.65 -17.86 19.48
CA GLY A 296 -6.29 -17.37 19.85
C GLY A 296 -6.22 -15.86 19.62
N ILE A 297 -5.06 -15.29 19.71
CA ILE A 297 -4.92 -13.83 19.50
C ILE A 297 -4.42 -13.55 18.06
N TYR A 298 -5.10 -12.68 17.36
CA TYR A 298 -4.68 -12.34 15.97
C TYR A 298 -4.48 -10.83 15.88
N ALA A 299 -3.46 -10.40 15.19
CA ALA A 299 -3.20 -8.95 15.07
C ALA A 299 -3.76 -8.49 13.74
N TYR A 300 -4.26 -7.30 13.69
CA TYR A 300 -4.83 -6.82 12.41
C TYR A 300 -4.22 -5.48 12.15
N VAL A 301 -3.46 -5.33 11.12
CA VAL A 301 -2.83 -4.00 10.99
C VAL A 301 -2.39 -3.69 9.57
N ASN A 302 -1.97 -2.48 9.41
CA ASN A 302 -1.48 -2.01 8.10
C ASN A 302 -0.26 -2.83 7.81
N HIS A 303 -0.22 -3.42 6.67
CA HIS A 303 0.94 -4.30 6.40
C HIS A 303 2.18 -3.47 6.46
N ASN A 304 2.23 -2.34 5.82
CA ASN A 304 3.50 -1.58 6.03
C ASN A 304 4.01 -1.97 7.46
N LEU A 305 4.79 -3.03 7.58
CA LEU A 305 5.23 -3.52 8.92
C LEU A 305 5.76 -2.36 9.71
N ILE A 306 6.54 -1.57 9.09
CA ILE A 306 7.11 -0.38 9.80
C ILE A 306 5.97 0.45 10.35
N GLU A 307 5.01 0.76 9.51
CA GLU A 307 3.84 1.55 9.98
C GLU A 307 3.03 0.75 11.06
N ALA A 308 3.00 -0.55 10.98
CA ALA A 308 2.21 -1.34 11.99
C ALA A 308 3.00 -1.64 13.30
N PHE A 309 4.31 -1.74 13.29
CA PHE A 309 5.01 -2.06 14.56
C PHE A 309 5.83 -0.88 15.06
N GLU A 310 6.40 -0.13 14.17
CA GLU A 310 7.22 1.04 14.59
C GLU A 310 6.38 2.33 14.73
N LEU A 311 5.30 2.48 13.99
CA LEU A 311 4.51 3.75 14.10
C LEU A 311 3.36 3.54 15.08
N GLY A 312 2.66 2.46 14.94
CA GLY A 312 1.51 2.18 15.85
C GLY A 312 0.23 1.78 15.06
N ALA A 313 0.34 1.14 13.92
CA ALA A 313 -0.89 0.74 13.18
C ALA A 313 -1.14 -0.77 13.38
N ALA A 314 -1.39 -1.21 14.60
CA ALA A 314 -1.63 -2.66 14.81
C ALA A 314 -2.58 -2.90 16.00
N ALA A 315 -3.70 -3.54 15.76
CA ALA A 315 -4.65 -3.83 16.87
C ALA A 315 -4.67 -5.34 17.05
N HIS A 316 -5.49 -5.85 17.93
CA HIS A 316 -5.50 -7.34 18.10
C HIS A 316 -6.90 -7.87 18.47
N PHE A 317 -7.31 -8.96 17.84
CA PHE A 317 -8.65 -9.56 18.18
C PHE A 317 -8.45 -10.90 18.95
N LYS A 318 -9.09 -11.03 20.10
CA LYS A 318 -8.99 -12.25 20.91
C LYS A 318 -10.18 -13.08 20.51
N VAL A 319 -9.94 -14.30 20.20
CA VAL A 319 -11.04 -15.15 19.73
C VAL A 319 -11.11 -16.39 20.57
N THR A 320 -12.28 -16.77 20.92
CA THR A 320 -12.45 -17.99 21.76
C THR A 320 -13.03 -19.13 20.92
N GLY A 321 -12.82 -20.36 21.32
CA GLY A 321 -13.37 -21.50 20.53
C GLY A 321 -12.43 -22.70 20.62
N GLU A 322 -12.62 -23.66 19.75
CA GLU A 322 -11.75 -24.87 19.77
C GLU A 322 -10.81 -24.82 18.56
N TRP A 323 -9.58 -25.17 18.79
CA TRP A 323 -8.58 -25.16 17.70
C TRP A 323 -8.93 -26.25 16.71
N ASN A 324 -8.54 -26.05 15.50
CA ASN A 324 -8.82 -27.04 14.43
C ASN A 324 -7.50 -27.48 13.85
N ASP A 325 -7.08 -28.67 14.16
CA ASP A 325 -5.77 -29.16 13.67
C ASP A 325 -5.81 -29.33 12.16
N ASP A 326 -6.92 -29.73 11.64
CA ASP A 326 -7.03 -29.92 10.16
C ASP A 326 -6.48 -28.68 9.46
N LEU A 327 -6.87 -27.53 9.90
CA LEU A 327 -6.39 -26.27 9.29
C LEU A 327 -4.91 -26.06 9.61
N MET A 328 -4.46 -26.33 10.82
CA MET A 328 -3.03 -26.10 11.12
C MET A 328 -2.63 -26.86 12.37
N THR A 329 -1.51 -27.53 12.34
CA THR A 329 -1.07 -28.28 13.55
C THR A 329 0.47 -28.32 13.64
N SER A 330 1.03 -28.08 14.80
CA SER A 330 2.52 -28.13 14.95
C SER A 330 2.93 -29.59 15.08
N VAL A 331 3.39 -30.18 14.02
CA VAL A 331 3.79 -31.61 14.08
C VAL A 331 4.94 -31.75 15.04
N LEU A 332 5.92 -30.92 14.89
CA LEU A 332 7.08 -30.97 15.82
C LEU A 332 7.31 -29.57 16.43
N ALA A 333 6.98 -29.39 17.69
CA ALA A 333 7.18 -28.05 18.32
C ALA A 333 8.66 -27.72 18.34
N PRO A 334 9.00 -26.46 18.37
CA PRO A 334 10.40 -26.00 18.40
C PRO A 334 11.26 -26.79 19.40
N SER A 335 12.30 -27.42 18.95
CA SER A 335 13.15 -28.21 19.89
C SER A 335 14.50 -28.46 19.25
N GLY A 336 15.45 -28.90 20.03
CA GLY A 336 16.81 -29.17 19.47
C GLY A 336 16.68 -29.97 18.17
N ALA B 1 -2.20 -8.65 -40.05
CA ALA B 1 -2.32 -8.04 -41.40
C ALA B 1 -0.93 -7.98 -42.06
N THR B 2 -0.87 -8.16 -43.35
CA THR B 2 0.44 -8.10 -44.04
C THR B 2 0.74 -6.66 -44.42
N ALA B 3 1.94 -6.40 -44.86
CA ALA B 3 2.30 -5.01 -45.24
C ALA B 3 1.35 -4.48 -46.33
N ALA B 4 1.03 -5.28 -47.31
CA ALA B 4 0.12 -4.81 -48.40
C ALA B 4 -1.23 -4.38 -47.81
N GLU B 5 -1.72 -5.12 -46.86
CA GLU B 5 -3.04 -4.76 -46.26
C GLU B 5 -2.91 -3.46 -45.47
N ILE B 6 -1.88 -3.35 -44.68
CA ILE B 6 -1.70 -2.10 -43.88
C ILE B 6 -1.55 -0.91 -44.82
N ALA B 7 -0.83 -1.07 -45.90
CA ALA B 7 -0.63 0.06 -46.86
C ALA B 7 -1.97 0.48 -47.50
N ALA B 8 -2.90 -0.44 -47.66
CA ALA B 8 -4.21 -0.08 -48.31
C ALA B 8 -5.22 0.50 -47.29
N LEU B 9 -4.88 0.64 -46.04
CA LEU B 9 -5.87 1.21 -45.06
C LEU B 9 -5.87 2.75 -45.14
N PRO B 10 -7.02 3.35 -44.97
CA PRO B 10 -7.16 4.85 -45.01
C PRO B 10 -6.33 5.56 -43.93
N ARG B 11 -5.69 6.65 -44.28
CA ARG B 11 -4.87 7.40 -43.28
C ARG B 11 -5.64 8.67 -42.89
N GLN B 12 -5.62 9.01 -41.64
CA GLN B 12 -6.33 10.22 -41.16
C GLN B 12 -5.41 11.02 -40.25
N LYS B 13 -5.05 12.20 -40.68
CA LYS B 13 -4.14 13.05 -39.88
C LYS B 13 -4.98 13.75 -38.84
N VAL B 14 -4.48 13.84 -37.66
CA VAL B 14 -5.27 14.49 -36.58
C VAL B 14 -4.46 15.61 -35.90
N GLU B 15 -5.05 16.77 -35.80
CA GLU B 15 -4.38 17.91 -35.14
C GLU B 15 -4.63 17.76 -33.65
N LEU B 16 -3.59 17.76 -32.89
CA LEU B 16 -3.76 17.56 -31.42
C LEU B 16 -3.99 18.90 -30.72
N VAL B 17 -4.69 18.87 -29.62
CA VAL B 17 -4.95 20.11 -28.88
C VAL B 17 -4.11 20.07 -27.60
N ASP B 18 -4.23 21.04 -26.77
CA ASP B 18 -3.42 21.01 -25.52
C ASP B 18 -4.31 20.68 -24.30
N PRO B 19 -3.90 19.75 -23.46
CA PRO B 19 -4.67 19.38 -22.26
C PRO B 19 -5.22 20.62 -21.54
N PRO B 20 -6.28 20.47 -20.78
CA PRO B 20 -6.95 19.15 -20.58
C PRO B 20 -7.92 18.78 -21.73
N PHE B 21 -8.02 19.61 -22.73
CA PHE B 21 -8.94 19.31 -23.86
C PHE B 21 -8.42 18.11 -24.63
N VAL B 22 -9.27 17.57 -25.46
CA VAL B 22 -8.91 16.40 -26.28
C VAL B 22 -9.35 16.68 -27.71
N HIS B 23 -8.58 16.24 -28.64
CA HIS B 23 -8.90 16.48 -30.07
C HIS B 23 -10.24 15.85 -30.42
N ALA B 24 -10.82 16.31 -31.47
CA ALA B 24 -12.13 15.76 -31.92
C ALA B 24 -11.97 14.30 -32.29
N HIS B 25 -12.94 13.51 -31.93
CA HIS B 25 -12.91 12.06 -32.22
C HIS B 25 -14.31 11.49 -31.97
N SER B 26 -14.62 10.37 -32.54
CA SER B 26 -15.96 9.78 -32.34
C SER B 26 -15.84 8.60 -31.39
N GLN B 27 -16.76 8.46 -30.50
CA GLN B 27 -16.68 7.33 -29.53
C GLN B 27 -16.74 6.06 -30.33
N VAL B 28 -17.81 5.88 -31.02
CA VAL B 28 -17.95 4.68 -31.89
C VAL B 28 -17.07 4.90 -33.13
N ALA B 29 -16.31 3.92 -33.50
CA ALA B 29 -15.40 4.06 -34.67
C ALA B 29 -16.22 4.23 -35.95
N GLU B 30 -15.81 5.13 -36.79
CA GLU B 30 -16.53 5.36 -38.08
C GLU B 30 -15.72 4.71 -39.20
N GLY B 31 -16.16 3.58 -39.69
CA GLY B 31 -15.41 2.89 -40.76
C GLY B 31 -14.53 1.80 -40.13
N GLY B 32 -13.76 1.09 -40.93
CA GLY B 32 -12.89 0.01 -40.38
C GLY B 32 -11.58 0.63 -39.85
N PRO B 33 -10.57 -0.19 -39.67
CA PRO B 33 -9.24 0.25 -39.16
C PRO B 33 -8.59 1.32 -40.03
N LYS B 34 -7.97 2.29 -39.42
CA LYS B 34 -7.29 3.38 -40.20
C LYS B 34 -5.99 3.83 -39.50
N VAL B 35 -4.96 4.08 -40.28
CA VAL B 35 -3.66 4.56 -39.74
C VAL B 35 -3.81 6.02 -39.36
N VAL B 36 -3.85 6.24 -38.09
CA VAL B 36 -4.01 7.59 -37.55
C VAL B 36 -2.65 8.20 -37.51
N GLU B 37 -2.59 9.40 -37.91
CA GLU B 37 -1.25 10.07 -37.97
C GLU B 37 -1.21 11.26 -37.02
N PHE B 38 -0.22 11.29 -36.18
CA PHE B 38 -0.06 12.44 -35.23
C PHE B 38 1.42 12.88 -35.20
N THR B 39 1.69 14.16 -35.15
CA THR B 39 3.11 14.62 -35.13
C THR B 39 3.32 15.53 -33.92
N MET B 40 4.34 15.28 -33.14
CA MET B 40 4.60 16.13 -31.95
C MET B 40 6.09 16.51 -31.85
N VAL B 41 6.37 17.78 -31.73
CA VAL B 41 7.76 18.26 -31.60
C VAL B 41 8.03 18.42 -30.11
N ILE B 42 9.15 17.99 -29.68
CA ILE B 42 9.48 18.06 -28.24
C ILE B 42 10.19 19.36 -27.97
N GLU B 43 9.82 20.03 -26.93
CA GLU B 43 10.50 21.34 -26.66
C GLU B 43 10.99 21.41 -25.22
N GLU B 44 12.28 21.38 -24.99
CA GLU B 44 12.78 21.50 -23.59
C GLU B 44 12.85 22.99 -23.23
N LYS B 45 11.96 23.49 -22.40
CA LYS B 45 12.02 24.92 -22.09
C LYS B 45 11.81 25.12 -20.61
N LYS B 46 11.68 26.33 -20.22
CA LYS B 46 11.45 26.64 -18.79
C LYS B 46 10.00 27.05 -18.55
N ILE B 47 9.35 26.39 -17.62
CA ILE B 47 7.94 26.71 -17.30
C ILE B 47 7.81 26.95 -15.79
N VAL B 48 6.90 27.79 -15.42
CA VAL B 48 6.69 28.11 -14.01
C VAL B 48 5.71 27.11 -13.50
N ILE B 49 5.83 26.76 -12.29
CA ILE B 49 4.89 25.72 -11.75
C ILE B 49 4.03 26.24 -10.59
N ASP B 50 4.34 27.36 -10.01
CA ASP B 50 3.51 27.85 -8.88
C ASP B 50 3.36 29.35 -8.98
N ASP B 51 2.74 29.95 -8.00
CA ASP B 51 2.54 31.42 -8.02
C ASP B 51 3.84 32.13 -7.62
N ALA B 52 4.66 31.49 -6.82
CA ALA B 52 5.94 32.13 -6.39
C ALA B 52 6.91 32.31 -7.58
N GLY B 53 6.67 31.65 -8.68
CA GLY B 53 7.61 31.80 -9.85
C GLY B 53 8.63 30.64 -9.92
N THR B 54 8.41 29.56 -9.20
CA THR B 54 9.35 28.42 -9.25
C THR B 54 9.46 27.98 -10.69
N GLU B 55 10.64 27.72 -11.15
CA GLU B 55 10.78 27.32 -12.59
C GLU B 55 11.43 25.94 -12.73
N VAL B 56 10.91 25.15 -13.64
CA VAL B 56 11.49 23.79 -13.90
C VAL B 56 11.74 23.59 -15.43
N HIS B 57 12.95 23.22 -15.80
CA HIS B 57 13.30 23.00 -17.22
C HIS B 57 12.53 21.79 -17.67
N ALA B 58 11.38 22.02 -18.18
CA ALA B 58 10.50 20.90 -18.59
C ALA B 58 10.85 20.37 -19.97
N MET B 59 10.64 19.10 -20.14
CA MET B 59 10.87 18.41 -21.43
C MET B 59 9.48 18.10 -21.83
N ALA B 60 9.01 18.69 -22.85
CA ALA B 60 7.58 18.50 -23.09
C ALA B 60 7.29 18.13 -24.49
N PHE B 61 6.55 17.10 -24.59
CA PHE B 61 6.09 16.65 -25.93
C PHE B 61 4.96 17.58 -26.38
N ASN B 62 5.08 18.20 -27.53
CA ASN B 62 4.00 19.14 -27.97
C ASN B 62 4.08 20.47 -27.18
N GLY B 63 5.16 20.73 -26.46
CA GLY B 63 5.27 21.99 -25.69
C GLY B 63 4.27 22.04 -24.52
N THR B 64 3.75 20.92 -24.05
CA THR B 64 2.79 21.04 -22.88
C THR B 64 2.90 19.84 -21.90
N VAL B 65 2.95 20.12 -20.59
CA VAL B 65 2.97 19.04 -19.59
C VAL B 65 1.58 18.98 -18.96
N PRO B 66 0.92 17.87 -19.08
CA PRO B 66 1.46 16.67 -19.76
C PRO B 66 1.19 16.68 -21.27
N GLY B 67 2.00 15.97 -22.02
CA GLY B 67 1.77 15.91 -23.48
C GLY B 67 0.28 15.83 -23.76
N PRO B 68 -0.09 15.90 -25.00
CA PRO B 68 -1.52 15.85 -25.42
C PRO B 68 -2.06 14.41 -25.47
N LEU B 69 -3.35 14.24 -25.27
CA LEU B 69 -3.93 12.87 -25.31
C LEU B 69 -4.35 12.49 -26.74
N MET B 70 -3.73 11.48 -27.31
CA MET B 70 -4.08 11.03 -28.66
C MET B 70 -5.19 10.02 -28.51
N VAL B 71 -6.09 9.99 -29.43
CA VAL B 71 -7.24 9.04 -29.29
C VAL B 71 -7.52 8.30 -30.61
N VAL B 72 -7.43 7.01 -30.56
CA VAL B 72 -7.73 6.16 -31.73
C VAL B 72 -8.59 4.98 -31.25
N HIS B 73 -9.00 4.11 -32.12
CA HIS B 73 -9.84 2.97 -31.70
C HIS B 73 -8.99 1.71 -31.68
N GLN B 74 -9.51 0.68 -31.10
CA GLN B 74 -8.76 -0.60 -31.03
C GLN B 74 -8.64 -1.18 -32.42
N ASP B 75 -7.48 -1.60 -32.78
CA ASP B 75 -7.27 -2.16 -34.14
C ASP B 75 -6.58 -1.12 -35.02
N ASP B 76 -6.93 0.14 -34.86
CA ASP B 76 -6.31 1.21 -35.68
C ASP B 76 -4.82 1.34 -35.31
N TYR B 77 -4.00 1.70 -36.26
CA TYR B 77 -2.55 1.85 -36.00
C TYR B 77 -2.23 3.34 -35.78
N LEU B 78 -1.49 3.61 -34.75
CA LEU B 78 -1.10 5.00 -34.41
C LEU B 78 0.29 5.23 -34.98
N GLU B 79 0.40 6.19 -35.83
CA GLU B 79 1.70 6.49 -36.48
C GLU B 79 2.09 7.85 -36.01
N LEU B 80 3.13 7.92 -35.27
CA LEU B 80 3.52 9.26 -34.72
C LEU B 80 4.89 9.73 -35.19
N THR B 81 4.91 10.85 -35.86
CA THR B 81 6.21 11.46 -36.31
C THR B 81 6.70 12.37 -35.17
N LEU B 82 7.77 12.00 -34.53
CA LEU B 82 8.29 12.76 -33.40
C LEU B 82 9.46 13.52 -33.92
N ILE B 83 9.62 14.68 -33.44
CA ILE B 83 10.73 15.54 -33.92
C ILE B 83 11.43 16.23 -32.76
N ASN B 84 12.71 16.07 -32.68
CA ASN B 84 13.52 16.70 -31.60
C ASN B 84 14.36 17.81 -32.26
N PRO B 85 13.89 19.01 -32.17
CA PRO B 85 14.53 20.21 -32.78
C PRO B 85 15.99 20.36 -32.41
N GLU B 86 16.76 20.94 -33.29
CA GLU B 86 18.21 21.14 -33.00
C GLU B 86 18.38 22.08 -31.79
N THR B 87 17.42 22.93 -31.52
CA THR B 87 17.55 23.87 -30.37
C THR B 87 17.66 23.08 -29.05
N ASN B 88 17.12 21.90 -28.99
CA ASN B 88 17.18 21.10 -27.74
C ASN B 88 18.62 20.62 -27.52
N THR B 89 18.92 20.14 -26.34
CA THR B 89 20.31 19.66 -26.06
C THR B 89 20.34 18.19 -25.55
N LEU B 90 19.23 17.47 -25.48
CA LEU B 90 19.31 16.05 -24.99
C LEU B 90 18.53 15.10 -25.91
N MET B 91 19.05 13.91 -26.15
CA MET B 91 18.33 12.94 -27.02
C MET B 91 17.13 12.39 -26.25
N HIS B 92 16.01 12.21 -26.90
CA HIS B 92 14.82 11.69 -26.20
C HIS B 92 14.39 10.34 -26.78
N ASN B 93 13.12 10.06 -26.68
CA ASN B 93 12.56 8.78 -27.20
C ASN B 93 11.14 8.62 -26.62
N ILE B 94 10.27 7.87 -27.27
CA ILE B 94 8.88 7.74 -26.71
C ILE B 94 8.52 6.25 -26.52
N ASP B 95 8.02 5.91 -25.36
CA ASP B 95 7.59 4.51 -25.09
C ASP B 95 6.09 4.51 -24.76
N PHE B 96 5.26 4.04 -25.65
CA PHE B 96 3.79 4.03 -25.39
C PHE B 96 3.38 2.71 -24.74
N HIS B 97 2.91 2.79 -23.53
CA HIS B 97 2.45 1.56 -22.80
C HIS B 97 1.43 0.78 -23.67
N ALA B 98 0.71 1.45 -24.54
CA ALA B 98 -0.32 0.73 -25.37
C ALA B 98 0.29 0.03 -26.60
N ALA B 99 1.59 -0.01 -26.72
CA ALA B 99 2.21 -0.69 -27.89
C ALA B 99 2.91 -1.96 -27.42
N THR B 100 3.29 -2.81 -28.32
CA THR B 100 3.97 -4.08 -27.90
C THR B 100 5.25 -4.32 -28.72
N GLY B 101 6.40 -4.25 -28.10
CA GLY B 101 7.70 -4.53 -28.81
C GLY B 101 8.66 -3.30 -28.79
N ALA B 102 9.93 -3.50 -28.49
CA ALA B 102 10.89 -2.34 -28.51
C ALA B 102 10.65 -1.42 -27.31
N LEU B 103 10.55 -1.99 -26.15
CA LEU B 103 10.35 -1.15 -24.93
C LEU B 103 9.23 -0.12 -25.16
N GLY B 104 8.17 -0.51 -25.80
CA GLY B 104 7.04 0.45 -26.04
C GLY B 104 7.43 1.48 -27.12
N GLY B 105 8.34 1.13 -27.98
CA GLY B 105 8.75 2.10 -29.06
C GLY B 105 9.96 2.95 -28.64
N GLY B 106 10.43 2.83 -27.43
CA GLY B 106 11.60 3.65 -26.99
C GLY B 106 12.89 3.14 -27.64
N GLY B 107 12.96 1.88 -27.99
CA GLY B 107 14.20 1.33 -28.61
C GLY B 107 14.29 1.71 -30.10
N LEU B 108 13.21 2.16 -30.69
CA LEU B 108 13.26 2.53 -32.15
C LEU B 108 12.90 4.02 -32.36
N THR B 109 13.01 4.83 -31.34
CA THR B 109 12.69 6.29 -31.49
C THR B 109 13.75 7.19 -30.81
N GLU B 110 14.94 6.70 -30.55
CA GLU B 110 15.98 7.54 -29.91
C GLU B 110 16.44 8.58 -30.94
N ILE B 111 16.12 9.81 -30.72
CA ILE B 111 16.51 10.85 -31.71
C ILE B 111 17.25 11.98 -31.02
N ASN B 112 18.40 12.30 -31.51
CA ASN B 112 19.18 13.40 -30.88
C ASN B 112 18.82 14.71 -31.56
N PRO B 113 19.06 15.81 -30.92
CA PRO B 113 18.76 17.16 -31.48
C PRO B 113 18.99 17.21 -32.99
N GLY B 114 18.02 17.67 -33.73
CA GLY B 114 18.18 17.73 -35.23
C GLY B 114 17.77 16.40 -35.88
N GLU B 115 17.03 15.55 -35.19
CA GLU B 115 16.61 14.26 -35.82
C GLU B 115 15.13 13.95 -35.52
N LYS B 116 14.42 13.37 -36.46
CA LYS B 116 12.98 13.03 -36.23
C LYS B 116 12.71 11.63 -36.82
N THR B 117 11.78 10.90 -36.27
CA THR B 117 11.49 9.55 -36.82
C THR B 117 9.99 9.36 -36.91
N ILE B 118 9.57 8.20 -37.30
CA ILE B 118 8.13 7.91 -37.42
C ILE B 118 7.88 6.47 -36.97
N LEU B 119 7.17 6.28 -35.91
CA LEU B 119 6.93 4.89 -35.42
C LEU B 119 5.43 4.57 -35.52
N ARG B 120 5.12 3.42 -36.04
CA ARG B 120 3.68 3.03 -36.17
C ARG B 120 3.43 1.71 -35.40
N PHE B 121 2.45 1.70 -34.55
CA PHE B 121 2.14 0.46 -33.77
C PHE B 121 0.63 0.20 -33.80
N LYS B 122 0.26 -1.04 -33.74
CA LYS B 122 -1.18 -1.42 -33.76
C LYS B 122 -1.72 -1.36 -32.34
N ALA B 123 -2.80 -0.67 -32.20
CA ALA B 123 -3.46 -0.50 -30.89
C ALA B 123 -4.30 -1.73 -30.71
N THR B 124 -3.74 -2.68 -30.08
CA THR B 124 -4.47 -4.00 -29.95
C THR B 124 -5.30 -4.13 -28.67
N LYS B 125 -5.20 -3.22 -27.75
CA LYS B 125 -5.99 -3.33 -26.50
C LYS B 125 -6.69 -2.01 -26.22
N PRO B 126 -7.92 -2.08 -25.78
CA PRO B 126 -8.72 -0.87 -25.47
C PRO B 126 -8.48 -0.32 -24.06
N GLY B 127 -8.28 0.97 -23.92
CA GLY B 127 -8.05 1.53 -22.56
C GLY B 127 -7.05 2.69 -22.61
N VAL B 128 -7.10 3.54 -21.62
CA VAL B 128 -6.17 4.70 -21.58
C VAL B 128 -4.83 4.18 -21.11
N PHE B 129 -3.78 4.72 -21.63
CA PHE B 129 -2.44 4.23 -21.24
C PHE B 129 -1.53 5.42 -21.18
N VAL B 130 -0.49 5.34 -20.44
CA VAL B 130 0.44 6.52 -20.35
C VAL B 130 1.72 6.35 -21.21
N TYR B 131 2.04 7.34 -22.04
CA TYR B 131 3.28 7.29 -22.84
C TYR B 131 4.30 8.19 -22.14
N HIS B 132 5.56 7.97 -22.34
CA HIS B 132 6.57 8.82 -21.64
C HIS B 132 7.97 8.55 -22.22
N CYS B 133 8.80 9.58 -22.33
CA CYS B 133 10.16 9.40 -22.88
C CYS B 133 11.02 8.64 -21.88
N ALA B 134 11.94 7.82 -22.32
CA ALA B 134 12.76 7.06 -21.35
C ALA B 134 14.12 6.69 -21.95
N PRO B 135 14.99 7.65 -22.09
CA PRO B 135 16.35 7.41 -22.63
C PRO B 135 17.19 6.55 -21.68
N PRO B 136 17.70 5.44 -22.14
CA PRO B 136 18.51 4.52 -21.30
C PRO B 136 19.50 5.25 -20.36
N GLY B 137 19.35 5.08 -19.06
CA GLY B 137 20.29 5.75 -18.11
C GLY B 137 19.70 7.06 -17.53
N MET B 138 18.68 7.63 -18.13
CA MET B 138 18.13 8.90 -17.59
C MET B 138 16.62 8.87 -17.73
N VAL B 139 16.04 7.75 -17.42
CA VAL B 139 14.55 7.62 -17.54
C VAL B 139 13.82 8.55 -16.56
N PRO B 140 13.92 8.26 -15.28
CA PRO B 140 13.24 9.03 -14.20
C PRO B 140 13.39 10.53 -14.34
N TRP B 141 14.52 10.97 -14.81
CA TRP B 141 14.73 12.44 -14.96
C TRP B 141 13.82 13.00 -16.05
N HIS B 142 13.82 12.37 -17.20
CA HIS B 142 12.97 12.86 -18.33
C HIS B 142 11.47 12.80 -17.96
N VAL B 143 11.04 11.79 -17.26
CA VAL B 143 9.59 11.68 -16.91
C VAL B 143 9.21 12.73 -15.87
N VAL B 144 10.01 12.87 -14.85
CA VAL B 144 9.69 13.87 -13.79
C VAL B 144 9.73 15.26 -14.39
N SER B 145 10.59 15.47 -15.35
CA SER B 145 10.68 16.81 -15.99
C SER B 145 9.38 17.15 -16.74
N GLY B 146 8.44 16.22 -16.80
CA GLY B 146 7.17 16.49 -17.51
C GLY B 146 7.19 15.89 -18.93
N MET B 147 7.97 14.86 -19.17
CA MET B 147 7.98 14.26 -20.54
C MET B 147 7.09 13.02 -20.54
N ASN B 148 5.80 13.21 -20.42
CA ASN B 148 4.87 12.05 -20.41
C ASN B 148 3.42 12.53 -20.55
N GLY B 149 2.60 11.74 -21.16
CA GLY B 149 1.16 12.10 -21.36
C GLY B 149 0.31 10.81 -21.35
N ALA B 150 -0.63 10.65 -22.25
CA ALA B 150 -1.44 9.41 -22.26
C ALA B 150 -2.34 9.34 -23.51
N ILE B 151 -2.55 8.16 -24.04
CA ILE B 151 -3.43 8.02 -25.24
C ILE B 151 -4.64 7.15 -24.88
N MET B 152 -5.75 7.34 -25.53
CA MET B 152 -6.95 6.53 -25.21
C MET B 152 -7.40 5.73 -26.45
N VAL B 153 -7.32 4.43 -26.38
CA VAL B 153 -7.74 3.56 -27.50
C VAL B 153 -9.13 3.10 -27.15
N LEU B 154 -10.12 3.67 -27.75
CA LEU B 154 -11.52 3.30 -27.36
C LEU B 154 -12.05 2.12 -28.17
N PRO B 155 -12.79 1.25 -27.52
CA PRO B 155 -13.42 0.09 -28.19
C PRO B 155 -14.14 0.53 -29.46
N ARG B 156 -14.02 -0.22 -30.52
CA ARG B 156 -14.68 0.17 -31.81
C ARG B 156 -16.15 0.51 -31.57
N GLU B 157 -16.78 -0.15 -30.64
CA GLU B 157 -18.22 0.12 -30.37
C GLU B 157 -18.41 1.17 -29.25
N GLY B 158 -17.39 1.93 -28.91
CA GLY B 158 -17.56 2.96 -27.84
C GLY B 158 -17.33 2.34 -26.47
N LEU B 159 -17.66 3.03 -25.43
CA LEU B 159 -17.47 2.47 -24.06
C LEU B 159 -18.80 1.94 -23.48
N HIS B 160 -18.75 0.82 -22.79
CA HIS B 160 -19.97 0.25 -22.17
C HIS B 160 -19.64 -0.13 -20.73
N ASP B 161 -20.62 -0.26 -19.90
CA ASP B 161 -20.38 -0.61 -18.47
C ASP B 161 -19.90 -2.07 -18.36
N GLY B 162 -19.94 -2.62 -17.18
CA GLY B 162 -19.49 -4.04 -17.00
C GLY B 162 -20.58 -5.07 -17.42
N LYS B 163 -21.76 -4.65 -17.80
CA LYS B 163 -22.81 -5.65 -18.20
C LYS B 163 -23.12 -5.54 -19.70
N GLY B 164 -22.53 -4.60 -20.40
CA GLY B 164 -22.81 -4.45 -21.87
C GLY B 164 -23.58 -3.15 -22.22
N LYS B 165 -24.10 -2.42 -21.26
CA LYS B 165 -24.86 -1.18 -21.57
C LYS B 165 -23.91 -0.15 -22.14
N ALA B 166 -24.36 0.63 -23.08
CA ALA B 166 -23.48 1.67 -23.69
C ALA B 166 -23.39 2.93 -22.79
N LEU B 167 -22.18 3.41 -22.60
CA LEU B 167 -21.94 4.63 -21.79
C LEU B 167 -21.34 5.66 -22.74
N THR B 168 -22.03 6.73 -22.97
CA THR B 168 -21.57 7.75 -23.92
C THR B 168 -21.38 9.01 -23.16
N TYR B 169 -20.24 9.57 -23.25
CA TYR B 169 -19.95 10.81 -22.47
C TYR B 169 -20.17 12.06 -23.35
N ASP B 170 -20.73 13.09 -22.78
CA ASP B 170 -20.95 14.34 -23.57
C ASP B 170 -19.61 15.09 -23.75
N LYS B 171 -18.75 15.04 -22.76
CA LYS B 171 -17.44 15.74 -22.87
C LYS B 171 -16.37 14.91 -22.17
N ILE B 172 -15.14 15.15 -22.48
CA ILE B 172 -14.03 14.38 -21.84
C ILE B 172 -12.81 15.28 -21.63
N TYR B 173 -12.24 15.24 -20.46
CA TYR B 173 -11.06 16.07 -20.15
C TYR B 173 -9.94 15.12 -19.70
N TYR B 174 -8.73 15.48 -19.99
CA TYR B 174 -7.58 14.61 -19.61
C TYR B 174 -6.69 15.38 -18.65
N VAL B 175 -6.65 14.96 -17.43
CA VAL B 175 -5.82 15.66 -16.42
C VAL B 175 -4.57 14.84 -16.10
N GLY B 176 -3.45 15.30 -16.57
CA GLY B 176 -2.17 14.60 -16.31
C GLY B 176 -1.56 15.17 -15.03
N GLU B 177 -1.22 14.32 -14.13
CA GLU B 177 -0.65 14.76 -12.85
C GLU B 177 0.83 14.61 -12.96
N GLN B 178 1.55 15.48 -12.36
CA GLN B 178 3.02 15.39 -12.48
C GLN B 178 3.69 15.74 -11.15
N ASP B 179 4.46 14.83 -10.63
CA ASP B 179 5.17 15.10 -9.34
C ASP B 179 6.58 15.60 -9.67
N PHE B 180 6.91 16.80 -9.29
CA PHE B 180 8.25 17.33 -9.58
C PHE B 180 9.11 17.18 -8.34
N TYR B 181 10.34 17.52 -8.49
CA TYR B 181 11.31 17.42 -7.37
C TYR B 181 12.27 18.58 -7.58
N VAL B 182 11.94 19.70 -7.03
CA VAL B 182 12.77 20.90 -7.26
C VAL B 182 13.75 21.13 -6.14
N PRO B 183 14.98 21.30 -6.49
CA PRO B 183 16.07 21.55 -5.49
C PRO B 183 15.88 22.90 -4.75
N ARG B 184 16.18 22.93 -3.47
CA ARG B 184 16.03 24.19 -2.70
C ARG B 184 17.40 24.56 -2.13
N ASP B 185 17.63 25.81 -1.91
CA ASP B 185 18.96 26.24 -1.37
C ASP B 185 18.97 26.08 0.15
N GLU B 186 19.85 26.77 0.82
CA GLU B 186 19.92 26.66 2.30
C GLU B 186 18.70 27.36 2.93
N ASN B 187 18.27 28.45 2.35
CA ASN B 187 17.10 29.19 2.92
C ASN B 187 15.77 28.43 2.64
N GLY B 188 15.83 27.26 2.06
CA GLY B 188 14.55 26.52 1.77
C GLY B 188 13.81 27.10 0.54
N LYS B 189 14.44 27.96 -0.22
CA LYS B 189 13.77 28.52 -1.43
C LYS B 189 14.16 27.69 -2.64
N TYR B 190 13.28 27.59 -3.59
CA TYR B 190 13.58 26.79 -4.80
C TYR B 190 14.75 27.42 -5.54
N LYS B 191 15.54 26.61 -6.18
CA LYS B 191 16.72 27.16 -6.92
C LYS B 191 16.45 27.15 -8.43
N LYS B 192 16.96 28.13 -9.14
CA LYS B 192 16.76 28.19 -10.59
C LYS B 192 18.11 27.97 -11.26
N TYR B 193 18.12 27.46 -12.44
CA TYR B 193 19.41 27.20 -13.11
C TYR B 193 19.38 27.81 -14.50
N GLU B 194 20.47 27.76 -15.18
CA GLU B 194 20.53 28.33 -16.55
C GLU B 194 20.14 27.26 -17.59
N ALA B 195 20.76 26.11 -17.53
CA ALA B 195 20.43 25.05 -18.50
C ALA B 195 19.93 23.80 -17.75
N PRO B 196 19.19 22.97 -18.43
CA PRO B 196 18.62 21.72 -17.83
C PRO B 196 19.69 20.82 -17.20
N GLY B 197 20.87 20.78 -17.76
CA GLY B 197 21.95 19.90 -17.19
C GLY B 197 22.45 20.42 -15.82
N ASP B 198 22.44 21.71 -15.59
CA ASP B 198 22.96 22.25 -14.29
C ASP B 198 22.04 21.83 -13.14
N ALA B 199 20.85 21.40 -13.43
CA ALA B 199 19.92 20.98 -12.34
C ALA B 199 19.77 19.45 -12.29
N TYR B 200 20.64 18.72 -12.92
CA TYR B 200 20.55 17.22 -12.89
C TYR B 200 21.00 16.61 -11.54
N GLU B 201 22.17 16.95 -11.02
CA GLU B 201 22.65 16.31 -9.75
C GLU B 201 21.78 16.74 -8.57
N ASP B 202 21.45 17.99 -8.51
CA ASP B 202 20.62 18.48 -7.37
C ASP B 202 19.22 17.88 -7.45
N THR B 203 18.72 17.65 -8.63
CA THR B 203 17.36 17.06 -8.77
C THR B 203 17.40 15.60 -8.34
N VAL B 204 18.34 14.86 -8.86
CA VAL B 204 18.44 13.43 -8.48
C VAL B 204 18.37 13.31 -6.96
N LYS B 205 19.13 14.12 -6.26
CA LYS B 205 19.10 14.06 -4.77
C LYS B 205 17.65 14.17 -4.27
N VAL B 206 16.91 15.12 -4.78
CA VAL B 206 15.49 15.27 -4.35
C VAL B 206 14.67 14.06 -4.79
N MET B 207 14.90 13.59 -5.99
CA MET B 207 14.12 12.41 -6.48
C MET B 207 14.36 11.18 -5.58
N ARG B 208 15.54 11.03 -5.04
CA ARG B 208 15.82 9.84 -4.18
C ARG B 208 14.95 9.89 -2.93
N THR B 209 14.71 11.06 -2.41
CA THR B 209 13.86 11.18 -1.18
C THR B 209 12.43 10.66 -1.43
N LEU B 210 12.08 10.35 -2.66
CA LEU B 210 10.70 9.86 -2.93
C LEU B 210 9.69 10.85 -2.35
N THR B 211 10.02 12.12 -2.36
CA THR B 211 9.08 13.13 -1.81
C THR B 211 9.04 14.32 -2.76
N PRO B 212 8.03 14.39 -3.57
CA PRO B 212 7.87 15.51 -4.56
C PRO B 212 7.58 16.87 -3.91
N THR B 213 8.29 17.92 -4.29
CA THR B 213 8.03 19.26 -3.70
C THR B 213 6.70 19.81 -4.25
N HIS B 214 6.26 19.37 -5.40
CA HIS B 214 4.98 19.88 -5.97
C HIS B 214 4.32 18.78 -6.82
N VAL B 215 3.06 18.54 -6.59
CA VAL B 215 2.35 17.50 -7.37
C VAL B 215 1.19 18.23 -7.97
N VAL B 216 1.12 18.34 -9.26
CA VAL B 216 0.01 19.17 -9.76
C VAL B 216 -0.62 18.61 -11.01
N PHE B 217 -1.55 19.34 -11.52
CA PHE B 217 -2.26 18.88 -12.75
C PHE B 217 -2.09 19.94 -13.84
N ASN B 218 -1.87 19.51 -15.06
CA ASN B 218 -1.70 20.50 -16.17
C ASN B 218 -0.30 21.18 -16.16
N GLY B 219 0.61 20.77 -15.31
CA GLY B 219 1.96 21.40 -15.29
C GLY B 219 2.12 22.54 -14.23
N ALA B 220 1.14 22.85 -13.38
CA ALA B 220 1.40 23.95 -12.40
C ALA B 220 0.31 24.01 -11.33
N VAL B 221 0.67 24.38 -10.13
CA VAL B 221 -0.35 24.48 -9.05
C VAL B 221 -1.40 25.52 -9.48
N GLY B 222 -2.65 25.16 -9.42
CA GLY B 222 -3.72 26.12 -9.85
C GLY B 222 -3.80 26.22 -11.39
N ALA B 223 -3.37 25.21 -12.13
CA ALA B 223 -3.45 25.28 -13.63
C ALA B 223 -4.91 25.08 -14.11
N LEU B 224 -5.72 24.32 -13.41
CA LEU B 224 -7.12 24.07 -13.85
C LEU B 224 -8.13 24.78 -12.93
N THR B 225 -7.89 26.02 -12.63
CA THR B 225 -8.82 26.80 -11.77
C THR B 225 -9.00 28.18 -12.38
N GLY B 226 -9.88 28.97 -11.86
CA GLY B 226 -10.11 30.33 -12.41
C GLY B 226 -10.72 30.19 -13.78
N ASP B 227 -10.26 30.97 -14.72
CA ASP B 227 -10.81 30.87 -16.10
C ASP B 227 -10.47 29.50 -16.70
N LYS B 228 -9.49 28.81 -16.17
CA LYS B 228 -9.13 27.47 -16.72
C LYS B 228 -9.88 26.34 -16.00
N ALA B 229 -10.71 26.64 -15.02
CA ALA B 229 -11.45 25.55 -14.31
C ALA B 229 -12.35 24.79 -15.30
N MET B 230 -12.32 23.48 -15.28
CA MET B 230 -13.17 22.71 -16.20
C MET B 230 -14.60 23.20 -16.06
N THR B 231 -15.47 22.70 -16.86
CA THR B 231 -16.90 23.13 -16.80
C THR B 231 -17.83 21.94 -17.09
N ALA B 232 -18.97 21.94 -16.48
CA ALA B 232 -19.98 20.86 -16.68
C ALA B 232 -21.32 21.34 -16.13
N ALA B 233 -22.42 20.80 -16.61
CA ALA B 233 -23.74 21.25 -16.12
C ALA B 233 -24.53 20.04 -15.62
N VAL B 234 -25.46 20.29 -14.75
CA VAL B 234 -26.30 19.20 -14.20
C VAL B 234 -26.85 18.37 -15.35
N GLY B 235 -26.72 17.10 -15.26
CA GLY B 235 -27.23 16.21 -16.36
C GLY B 235 -26.14 15.95 -17.44
N GLU B 236 -24.96 16.50 -17.28
CA GLU B 236 -23.88 16.27 -18.28
C GLU B 236 -23.04 15.07 -17.85
N LYS B 237 -22.70 14.25 -18.78
CA LYS B 237 -21.88 13.06 -18.48
C LYS B 237 -20.47 13.40 -18.91
N VAL B 238 -19.55 13.27 -18.03
CA VAL B 238 -18.16 13.66 -18.39
C VAL B 238 -17.17 12.57 -18.01
N LEU B 239 -16.32 12.24 -18.93
CA LEU B 239 -15.29 11.21 -18.65
C LEU B 239 -13.96 11.92 -18.38
N ILE B 240 -13.39 11.69 -17.24
CA ILE B 240 -12.11 12.38 -16.89
C ILE B 240 -10.96 11.37 -16.84
N VAL B 241 -10.13 11.41 -17.84
CA VAL B 241 -8.97 10.49 -17.89
C VAL B 241 -7.86 11.13 -17.08
N HIS B 242 -7.18 10.35 -16.33
CA HIS B 242 -6.11 10.91 -15.48
C HIS B 242 -4.91 9.98 -15.57
N SER B 243 -3.76 10.54 -15.67
CA SER B 243 -2.54 9.69 -15.78
C SER B 243 -1.42 10.18 -14.85
N GLN B 244 -0.60 9.25 -14.42
CA GLN B 244 0.56 9.53 -13.53
C GLN B 244 1.67 8.57 -13.98
N ALA B 245 2.64 9.07 -14.69
CA ALA B 245 3.73 8.20 -15.24
C ALA B 245 4.97 8.33 -14.38
N ASN B 246 4.78 8.25 -13.11
CA ASN B 246 5.91 8.34 -12.15
C ASN B 246 5.39 8.51 -10.69
N ARG B 247 4.22 7.99 -10.32
CA ARG B 247 3.78 8.17 -8.91
C ARG B 247 2.34 7.72 -8.76
N ASP B 248 2.01 7.07 -7.66
CA ASP B 248 0.59 6.63 -7.49
C ASP B 248 -0.31 7.78 -6.95
N THR B 249 -1.49 7.98 -7.52
CA THR B 249 -2.39 9.03 -7.03
C THR B 249 -3.73 8.38 -6.67
N ARG B 250 -4.63 9.15 -6.18
CA ARG B 250 -5.97 8.61 -5.78
C ARG B 250 -7.01 9.71 -6.02
N PRO B 251 -7.49 9.80 -7.23
CA PRO B 251 -8.48 10.82 -7.66
C PRO B 251 -9.75 10.85 -6.82
N HIS B 252 -10.33 12.00 -6.70
CA HIS B 252 -11.60 12.15 -5.92
C HIS B 252 -12.31 13.49 -6.26
N LEU B 253 -13.52 13.43 -6.77
CA LEU B 253 -14.28 14.66 -7.10
C LEU B 253 -15.07 15.09 -5.87
N ILE B 254 -14.66 16.16 -5.27
CA ILE B 254 -15.31 16.68 -4.06
C ILE B 254 -16.73 17.06 -4.39
N GLY B 255 -17.64 16.50 -3.69
CA GLY B 255 -19.07 16.80 -3.95
C GLY B 255 -19.66 15.80 -4.97
N GLY B 256 -18.84 15.00 -5.61
CA GLY B 256 -19.38 14.03 -6.60
C GLY B 256 -18.81 12.63 -6.34
N HIS B 257 -18.73 11.84 -7.36
CA HIS B 257 -18.19 10.47 -7.23
C HIS B 257 -18.04 9.86 -8.63
N GLY B 258 -17.20 8.88 -8.75
CA GLY B 258 -16.99 8.23 -10.08
C GLY B 258 -18.07 7.18 -10.27
N ASP B 259 -19.02 7.47 -11.08
CA ASP B 259 -20.13 6.50 -11.30
C ASP B 259 -19.53 5.19 -11.78
N TYR B 260 -18.74 5.27 -12.79
CA TYR B 260 -18.07 4.07 -13.34
C TYR B 260 -16.60 4.42 -13.48
N VAL B 261 -15.72 3.67 -12.88
CA VAL B 261 -14.29 4.07 -12.98
C VAL B 261 -13.37 2.90 -13.35
N TRP B 262 -12.84 2.92 -14.54
CA TRP B 262 -11.88 1.88 -14.96
C TRP B 262 -10.57 2.26 -14.29
N ALA B 263 -10.43 1.84 -13.08
CA ALA B 263 -9.25 2.27 -12.26
C ALA B 263 -7.97 1.84 -12.93
N THR B 264 -8.00 0.68 -13.48
CA THR B 264 -6.79 0.16 -14.15
C THR B 264 -6.62 0.81 -15.53
N GLY B 265 -7.59 1.56 -15.97
CA GLY B 265 -7.46 2.21 -17.33
C GLY B 265 -7.58 1.17 -18.47
N LYS B 266 -8.25 0.07 -18.24
CA LYS B 266 -8.43 -0.98 -19.28
C LYS B 266 -9.94 -1.14 -19.47
N PHE B 267 -10.40 -1.00 -20.68
CA PHE B 267 -11.87 -1.10 -20.92
C PHE B 267 -12.37 -2.53 -20.71
N ASN B 268 -11.60 -3.51 -21.11
CA ASN B 268 -12.05 -4.91 -20.96
C ASN B 268 -12.27 -5.24 -19.49
N THR B 269 -11.52 -4.61 -18.63
CA THR B 269 -11.66 -4.87 -17.18
C THR B 269 -12.87 -4.09 -16.66
N PRO B 270 -13.87 -4.79 -16.22
CA PRO B 270 -15.12 -4.14 -15.71
C PRO B 270 -14.83 -2.91 -14.84
N PRO B 271 -15.55 -1.81 -15.04
CA PRO B 271 -15.31 -0.56 -14.24
C PRO B 271 -15.98 -0.57 -12.84
N ASP B 272 -15.21 -0.34 -11.77
CA ASP B 272 -15.86 -0.30 -10.44
C ASP B 272 -17.03 0.66 -10.55
N VAL B 273 -17.82 0.78 -9.54
CA VAL B 273 -18.98 1.72 -9.63
C VAL B 273 -19.25 2.41 -8.28
N ASP B 274 -19.76 3.61 -8.32
CA ASP B 274 -20.07 4.34 -7.07
C ASP B 274 -18.78 4.50 -6.32
N GLN B 275 -17.81 5.08 -6.94
CA GLN B 275 -16.48 5.21 -6.23
C GLN B 275 -16.27 6.62 -5.63
N GLU B 276 -15.92 6.68 -4.35
CA GLU B 276 -15.64 8.01 -3.73
C GLU B 276 -14.19 8.45 -4.06
N THR B 277 -13.26 7.52 -4.04
CA THR B 277 -11.84 7.85 -4.35
C THR B 277 -11.22 6.61 -5.00
N TRP B 278 -10.70 6.75 -6.17
CA TRP B 278 -10.13 5.57 -6.86
C TRP B 278 -8.63 5.48 -6.59
N PHE B 279 -7.94 4.74 -7.40
CA PHE B 279 -6.47 4.59 -7.20
C PHE B 279 -5.78 4.22 -8.53
N ILE B 280 -4.89 5.07 -8.97
CA ILE B 280 -4.14 4.81 -10.24
C ILE B 280 -2.67 4.73 -9.89
N PRO B 281 -2.07 3.58 -10.08
CA PRO B 281 -0.65 3.33 -9.72
C PRO B 281 0.36 4.01 -10.66
N GLY B 282 1.36 4.62 -10.11
CA GLY B 282 2.40 5.26 -10.95
C GLY B 282 2.64 4.37 -12.15
N GLY B 283 2.79 4.94 -13.30
CA GLY B 283 3.00 4.16 -14.52
C GLY B 283 1.66 3.72 -15.10
N ALA B 284 0.59 4.48 -14.91
CA ALA B 284 -0.71 4.01 -15.49
C ALA B 284 -1.75 5.13 -15.56
N ALA B 285 -2.64 5.08 -16.53
CA ALA B 285 -3.71 6.12 -16.64
C ALA B 285 -5.09 5.45 -16.50
N GLY B 286 -5.99 6.03 -15.73
CA GLY B 286 -7.33 5.41 -15.57
C GLY B 286 -8.39 6.31 -16.20
N ALA B 287 -9.63 6.09 -15.88
CA ALA B 287 -10.73 6.92 -16.46
C ALA B 287 -11.98 6.79 -15.58
N ALA B 288 -12.62 7.89 -15.30
CA ALA B 288 -13.85 7.87 -14.46
C ALA B 288 -14.97 8.61 -15.20
N PHE B 289 -16.14 8.05 -15.21
CA PHE B 289 -17.28 8.69 -15.91
C PHE B 289 -18.34 9.04 -14.87
N TYR B 290 -18.78 10.26 -14.85
CA TYR B 290 -19.79 10.63 -13.83
C TYR B 290 -20.76 11.68 -14.38
N THR B 291 -22.01 11.50 -14.09
CA THR B 291 -23.05 12.47 -14.54
C THR B 291 -23.31 13.44 -13.40
N PHE B 292 -23.05 14.69 -13.63
CA PHE B 292 -23.25 15.72 -12.57
C PHE B 292 -24.72 15.85 -12.22
N GLN B 293 -25.00 16.00 -10.96
CA GLN B 293 -26.43 16.16 -10.53
C GLN B 293 -26.63 17.48 -9.75
N GLN B 294 -25.58 18.12 -9.28
CA GLN B 294 -25.75 19.39 -8.52
C GLN B 294 -24.83 20.46 -9.09
N PRO B 295 -25.31 21.68 -9.15
CA PRO B 295 -24.53 22.83 -9.67
C PRO B 295 -23.67 23.47 -8.60
N GLY B 296 -22.64 24.16 -9.00
CA GLY B 296 -21.75 24.82 -8.01
C GLY B 296 -20.29 24.57 -8.39
N ILE B 297 -19.40 24.81 -7.48
CA ILE B 297 -17.95 24.58 -7.78
C ILE B 297 -17.44 23.35 -7.03
N TYR B 298 -16.87 22.41 -7.73
CA TYR B 298 -16.36 21.19 -7.08
C TYR B 298 -14.86 21.07 -7.34
N ALA B 299 -14.12 20.58 -6.38
CA ALA B 299 -12.65 20.44 -6.55
C ALA B 299 -12.34 18.99 -6.85
N TYR B 300 -11.49 18.74 -7.81
CA TYR B 300 -11.16 17.33 -8.14
C TYR B 300 -9.70 17.16 -7.86
N VAL B 301 -9.34 16.33 -6.94
CA VAL B 301 -7.88 16.27 -6.68
C VAL B 301 -7.44 14.98 -6.03
N ASN B 302 -6.16 14.84 -5.92
CA ASN B 302 -5.57 13.65 -5.29
C ASN B 302 -5.98 13.70 -3.85
N HIS B 303 -6.52 12.65 -3.36
CA HIS B 303 -7.00 12.70 -1.96
C HIS B 303 -5.83 12.99 -1.07
N ASN B 304 -4.72 12.32 -1.22
CA ASN B 304 -3.62 12.76 -0.31
C ASN B 304 -3.88 14.28 -0.02
N LEU B 305 -4.66 14.61 1.00
CA LEU B 305 -5.02 16.03 1.27
C LEU B 305 -3.78 16.89 1.19
N ILE B 306 -2.74 16.42 1.78
CA ILE B 306 -1.47 17.20 1.76
C ILE B 306 -1.06 17.42 0.31
N GLU B 307 -1.03 16.37 -0.45
CA GLU B 307 -0.65 16.50 -1.89
C GLU B 307 -1.67 17.39 -2.64
N ALA B 308 -2.94 17.34 -2.29
CA ALA B 308 -3.95 18.17 -3.01
C ALA B 308 -4.02 19.66 -2.53
N PHE B 309 -3.66 19.99 -1.30
CA PHE B 309 -3.79 21.42 -0.89
C PHE B 309 -2.41 22.03 -0.64
N GLU B 310 -1.53 21.28 -0.06
CA GLU B 310 -0.16 21.82 0.23
C GLU B 310 0.80 21.65 -0.97
N LEU B 311 0.64 20.66 -1.81
CA LEU B 311 1.60 20.49 -2.94
C LEU B 311 1.06 21.17 -4.19
N GLY B 312 -0.18 20.98 -4.47
CA GLY B 312 -0.81 21.60 -5.68
C GLY B 312 -1.54 20.55 -6.55
N ALA B 313 -2.15 19.51 -5.98
CA ALA B 313 -2.87 18.54 -6.84
C ALA B 313 -4.39 18.76 -6.71
N ALA B 314 -4.89 19.92 -7.07
CA ALA B 314 -6.36 20.15 -6.95
C ALA B 314 -6.86 21.10 -8.04
N ALA B 315 -7.79 20.66 -8.86
CA ALA B 315 -8.34 21.54 -9.91
C ALA B 315 -9.76 21.90 -9.51
N HIS B 316 -10.49 22.58 -10.33
CA HIS B 316 -11.89 22.93 -9.92
C HIS B 316 -12.85 22.91 -11.11
N PHE B 317 -14.00 22.28 -10.98
CA PHE B 317 -14.99 22.27 -12.10
C PHE B 317 -16.25 23.11 -11.75
N LYS B 318 -16.56 24.11 -12.56
CA LYS B 318 -17.74 24.95 -12.32
C LYS B 318 -18.90 24.26 -13.01
N VAL B 319 -20.01 24.17 -12.37
CA VAL B 319 -21.14 23.46 -12.98
C VAL B 319 -22.38 24.32 -12.88
N THR B 320 -23.05 24.47 -13.98
CA THR B 320 -24.29 25.29 -14.00
C THR B 320 -25.52 24.38 -13.94
N GLY B 321 -26.62 24.88 -13.45
CA GLY B 321 -27.84 24.04 -13.37
C GLY B 321 -28.70 24.48 -12.17
N GLU B 322 -29.61 23.63 -11.76
CA GLU B 322 -30.50 23.96 -10.62
C GLU B 322 -30.16 23.03 -9.46
N TRP B 323 -30.16 23.55 -8.29
CA TRP B 323 -29.83 22.74 -7.10
C TRP B 323 -30.93 21.72 -6.88
N ASN B 324 -30.58 20.66 -6.26
CA ASN B 324 -31.58 19.57 -5.99
C ASN B 324 -31.60 19.31 -4.49
N ASP B 325 -32.61 19.81 -3.83
CA ASP B 325 -32.70 19.63 -2.36
C ASP B 325 -32.85 18.14 -2.05
N ASP B 326 -33.64 17.46 -2.81
CA ASP B 326 -33.84 16.01 -2.56
C ASP B 326 -32.48 15.36 -2.26
N LEU B 327 -31.50 15.64 -3.07
CA LEU B 327 -30.14 15.06 -2.84
C LEU B 327 -29.48 15.70 -1.61
N MET B 328 -29.61 17.00 -1.43
CA MET B 328 -28.96 17.62 -0.25
C MET B 328 -29.62 18.95 0.05
N THR B 329 -29.84 19.24 1.30
CA THR B 329 -30.48 20.54 1.66
C THR B 329 -30.06 20.98 3.06
N SER B 330 -29.70 22.23 3.22
CA SER B 330 -29.29 22.73 4.55
C SER B 330 -30.55 23.04 5.37
N VAL B 331 -30.97 22.13 6.20
CA VAL B 331 -32.20 22.37 7.00
C VAL B 331 -31.99 23.58 7.89
N LEU B 332 -30.87 23.64 8.53
CA LEU B 332 -30.58 24.81 9.42
C LEU B 332 -29.20 25.39 9.07
N ALA B 333 -29.16 26.54 8.47
CA ALA B 333 -27.85 27.14 8.11
C ALA B 333 -27.08 27.47 9.39
N PRO B 334 -25.79 27.52 9.32
CA PRO B 334 -24.92 27.82 10.49
C PRO B 334 -25.44 29.02 11.29
N SER B 335 -25.82 28.81 12.52
CA SER B 335 -26.33 29.94 13.33
C SER B 335 -25.93 29.74 14.79
N GLY B 336 -26.47 30.55 15.66
CA GLY B 336 -26.14 30.41 17.11
C GLY B 336 -26.86 29.20 17.69
N ALA C 1 -11.21 -32.67 7.41
CA ALA C 1 -10.76 -34.09 7.46
C ALA C 1 -10.30 -34.42 8.89
N THR C 2 -10.35 -35.67 9.27
CA THR C 2 -9.92 -36.05 10.63
C THR C 2 -8.43 -36.40 10.60
N ALA C 3 -7.83 -36.54 11.75
CA ALA C 3 -6.38 -36.88 11.79
C ALA C 3 -6.14 -38.18 11.02
N ALA C 4 -6.97 -39.16 11.19
CA ALA C 4 -6.77 -40.46 10.47
C ALA C 4 -6.80 -40.21 8.97
N GLU C 5 -7.77 -39.46 8.50
CA GLU C 5 -7.85 -39.19 7.03
C GLU C 5 -6.57 -38.50 6.55
N ILE C 6 -6.08 -37.55 7.30
CA ILE C 6 -4.84 -36.83 6.88
C ILE C 6 -3.63 -37.79 6.91
N ALA C 7 -3.61 -38.68 7.86
CA ALA C 7 -2.45 -39.62 7.95
C ALA C 7 -2.44 -40.60 6.76
N ALA C 8 -3.57 -40.86 6.16
CA ALA C 8 -3.61 -41.82 5.02
C ALA C 8 -3.39 -41.10 3.67
N LEU C 9 -3.22 -39.81 3.65
CA LEU C 9 -3.01 -39.10 2.34
C LEU C 9 -1.55 -39.30 1.88
N PRO C 10 -1.33 -39.40 0.60
CA PRO C 10 0.04 -39.59 0.03
C PRO C 10 0.95 -38.37 0.28
N ARG C 11 2.18 -38.58 0.71
CA ARG C 11 3.09 -37.43 0.96
C ARG C 11 4.13 -37.33 -0.18
N GLN C 12 4.42 -36.13 -0.61
CA GLN C 12 5.42 -35.93 -1.69
C GLN C 12 6.46 -34.89 -1.24
N LYS C 13 7.71 -35.26 -1.24
CA LYS C 13 8.78 -34.34 -0.82
C LYS C 13 9.21 -33.55 -2.04
N VAL C 14 9.40 -32.29 -1.86
CA VAL C 14 9.80 -31.45 -3.01
C VAL C 14 11.11 -30.73 -2.72
N GLU C 15 11.97 -30.69 -3.70
CA GLU C 15 13.27 -30.01 -3.57
C GLU C 15 13.09 -28.59 -4.08
N LEU C 16 13.38 -27.64 -3.27
CA LEU C 16 13.17 -26.22 -3.67
C LEU C 16 14.38 -25.70 -4.42
N VAL C 17 14.16 -24.76 -5.30
CA VAL C 17 15.28 -24.17 -6.07
C VAL C 17 15.46 -22.73 -5.61
N ASP C 18 16.35 -22.01 -6.20
CA ASP C 18 16.53 -20.59 -5.76
C ASP C 18 15.90 -19.63 -6.80
N PRO C 19 15.12 -18.67 -6.35
CA PRO C 19 14.48 -17.68 -7.26
C PRO C 19 15.48 -17.15 -8.30
N PRO C 20 14.99 -16.66 -9.40
CA PRO C 20 13.52 -16.59 -9.68
C PRO C 20 12.93 -17.91 -10.18
N PHE C 21 13.73 -18.92 -10.35
CA PHE C 21 13.23 -20.23 -10.83
C PHE C 21 12.33 -20.86 -9.78
N VAL C 22 11.45 -21.71 -10.19
CA VAL C 22 10.54 -22.38 -9.27
C VAL C 22 10.81 -23.86 -9.38
N HIS C 23 10.41 -24.59 -8.41
CA HIS C 23 10.65 -26.06 -8.43
C HIS C 23 9.68 -26.72 -9.40
N ALA C 24 9.91 -27.97 -9.68
CA ALA C 24 9.02 -28.72 -10.60
C ALA C 24 7.64 -28.85 -9.96
N HIS C 25 6.62 -28.75 -10.77
CA HIS C 25 5.23 -28.87 -10.26
C HIS C 25 4.27 -28.92 -11.46
N SER C 26 3.13 -29.53 -11.30
CA SER C 26 2.16 -29.61 -12.41
C SER C 26 1.06 -28.59 -12.18
N GLN C 27 0.61 -27.95 -13.21
CA GLN C 27 -0.46 -26.92 -13.03
C GLN C 27 -1.69 -27.64 -12.53
N VAL C 28 -2.13 -28.58 -13.30
CA VAL C 28 -3.29 -29.41 -12.89
C VAL C 28 -2.81 -30.41 -11.85
N ALA C 29 -3.53 -30.54 -10.78
CA ALA C 29 -3.11 -31.46 -9.69
C ALA C 29 -3.08 -32.90 -10.18
N GLU C 30 -2.05 -33.61 -9.86
CA GLU C 30 -1.95 -35.04 -10.28
C GLU C 30 -2.38 -35.93 -9.11
N GLY C 31 -3.62 -36.33 -9.08
CA GLY C 31 -4.11 -37.17 -7.97
C GLY C 31 -4.93 -36.31 -7.01
N GLY C 32 -5.31 -36.85 -5.90
CA GLY C 32 -6.12 -36.06 -4.92
C GLY C 32 -5.18 -35.27 -3.98
N PRO C 33 -5.69 -34.87 -2.84
CA PRO C 33 -4.93 -34.10 -1.83
C PRO C 33 -3.70 -34.85 -1.33
N LYS C 34 -2.63 -34.14 -1.13
CA LYS C 34 -1.39 -34.80 -0.64
C LYS C 34 -0.57 -33.84 0.26
N VAL C 35 0.02 -34.37 1.30
CA VAL C 35 0.84 -33.57 2.24
C VAL C 35 2.21 -33.33 1.60
N VAL C 36 2.38 -32.15 1.12
CA VAL C 36 3.61 -31.76 0.44
C VAL C 36 4.60 -31.44 1.52
N GLU C 37 5.78 -31.86 1.33
CA GLU C 37 6.81 -31.63 2.38
C GLU C 37 7.95 -30.80 1.83
N PHE C 38 8.29 -29.74 2.51
CA PHE C 38 9.42 -28.88 2.07
C PHE C 38 10.26 -28.47 3.30
N THR C 39 11.56 -28.43 3.18
CA THR C 39 12.40 -28.05 4.35
C THR C 39 13.32 -26.89 3.97
N MET C 40 13.41 -25.90 4.81
CA MET C 40 14.28 -24.72 4.49
C MET C 40 15.09 -24.30 5.72
N VAL C 41 16.39 -24.23 5.59
CA VAL C 41 17.27 -23.81 6.70
C VAL C 41 17.45 -22.30 6.57
N ILE C 42 17.43 -21.62 7.65
CA ILE C 42 17.57 -20.14 7.61
C ILE C 42 19.03 -19.79 7.77
N GLU C 43 19.53 -18.92 6.95
CA GLU C 43 20.97 -18.57 7.07
C GLU C 43 21.15 -17.05 7.17
N GLU C 44 21.55 -16.55 8.31
CA GLU C 44 21.76 -15.07 8.42
C GLU C 44 23.21 -14.73 8.01
N LYS C 45 23.40 -14.08 6.88
CA LYS C 45 24.78 -13.76 6.47
C LYS C 45 24.77 -12.36 5.87
N LYS C 46 25.82 -12.02 5.21
CA LYS C 46 25.89 -10.66 4.57
C LYS C 46 25.80 -10.76 3.03
N ILE C 47 24.88 -10.03 2.44
CA ILE C 47 24.72 -10.01 0.96
C ILE C 47 24.96 -8.58 0.44
N VAL C 48 25.64 -8.48 -0.66
CA VAL C 48 25.95 -7.19 -1.27
C VAL C 48 24.74 -6.84 -2.05
N ILE C 49 24.40 -5.64 -2.05
CA ILE C 49 23.15 -5.25 -2.76
C ILE C 49 23.39 -4.32 -3.95
N ASP C 50 24.52 -3.69 -4.03
CA ASP C 50 24.75 -2.75 -5.17
C ASP C 50 26.18 -2.88 -5.68
N ASP C 51 26.58 -2.00 -6.55
CA ASP C 51 27.95 -2.07 -7.10
C ASP C 51 28.91 -1.39 -6.12
N ALA C 52 28.40 -0.48 -5.33
CA ALA C 52 29.29 0.22 -4.35
C ALA C 52 29.71 -0.73 -3.21
N GLY C 53 29.32 -1.98 -3.25
CA GLY C 53 29.72 -2.93 -2.16
C GLY C 53 28.83 -2.77 -0.91
N THR C 54 27.70 -2.09 -1.00
CA THR C 54 26.82 -1.94 0.18
C THR C 54 26.49 -3.33 0.69
N GLU C 55 26.37 -3.50 1.97
CA GLU C 55 26.08 -4.86 2.48
C GLU C 55 24.90 -4.85 3.48
N VAL C 56 24.01 -5.80 3.36
CA VAL C 56 22.87 -5.90 4.31
C VAL C 56 22.86 -7.29 5.01
N HIS C 57 22.82 -7.30 6.32
CA HIS C 57 22.80 -8.57 7.10
C HIS C 57 21.48 -9.25 6.79
N ALA C 58 21.49 -10.06 5.81
CA ALA C 58 20.25 -10.73 5.37
C ALA C 58 19.91 -11.97 6.22
N MET C 59 18.64 -12.12 6.45
CA MET C 59 18.10 -13.27 7.21
C MET C 59 17.39 -13.98 6.11
N ALA C 60 17.86 -15.09 5.72
CA ALA C 60 17.28 -15.63 4.50
C ALA C 60 16.89 -17.04 4.65
N PHE C 61 15.70 -17.25 4.30
CA PHE C 61 15.17 -18.66 4.32
C PHE C 61 15.72 -19.38 3.09
N ASN C 62 16.38 -20.50 3.25
CA ASN C 62 16.97 -21.20 2.08
C ASN C 62 18.24 -20.48 1.57
N GLY C 63 18.80 -19.57 2.34
CA GLY C 63 20.03 -18.86 1.88
C GLY C 63 19.75 -17.91 0.69
N THR C 64 18.53 -17.53 0.43
CA THR C 64 18.31 -16.59 -0.75
C THR C 64 17.16 -15.57 -0.50
N VAL C 65 17.38 -14.30 -0.84
CA VAL C 65 16.32 -13.29 -0.70
C VAL C 65 15.82 -12.99 -2.11
N PRO C 66 14.57 -13.21 -2.35
CA PRO C 66 13.61 -13.70 -1.33
C PRO C 66 13.58 -15.23 -1.25
N GLY C 67 13.18 -15.74 -0.13
CA GLY C 67 13.11 -17.22 0.02
C GLY C 67 12.57 -17.82 -1.28
N PRO C 68 12.57 -19.11 -1.37
CA PRO C 68 12.07 -19.84 -2.57
C PRO C 68 10.54 -19.92 -2.62
N LEU C 69 9.99 -20.04 -3.80
CA LEU C 69 8.50 -20.13 -3.92
C LEU C 69 8.05 -21.59 -3.85
N MET C 70 7.22 -21.92 -2.89
CA MET C 70 6.71 -23.29 -2.76
C MET C 70 5.41 -23.35 -3.54
N VAL C 71 5.14 -24.45 -4.13
CA VAL C 71 3.89 -24.53 -4.95
C VAL C 71 3.11 -25.83 -4.68
N VAL C 72 1.94 -25.70 -4.14
CA VAL C 72 1.05 -26.86 -3.88
C VAL C 72 -0.34 -26.50 -4.44
N HIS C 73 -1.27 -27.41 -4.42
CA HIS C 73 -2.62 -27.10 -4.95
C HIS C 73 -3.55 -26.79 -3.78
N GLN C 74 -4.72 -26.36 -4.09
CA GLN C 74 -5.70 -26.03 -3.03
C GLN C 74 -6.21 -27.32 -2.42
N ASP C 75 -6.23 -27.39 -1.13
CA ASP C 75 -6.68 -28.63 -0.45
C ASP C 75 -5.47 -29.38 0.08
N ASP C 76 -4.39 -29.37 -0.65
CA ASP C 76 -3.16 -30.08 -0.19
C ASP C 76 -2.61 -29.39 1.06
N TYR C 77 -2.00 -30.15 1.92
CA TYR C 77 -1.43 -29.57 3.17
C TYR C 77 0.09 -29.39 2.99
N LEU C 78 0.55 -28.23 3.29
CA LEU C 78 1.99 -27.91 3.17
C LEU C 78 2.64 -28.14 4.52
N GLU C 79 3.61 -28.99 4.55
CA GLU C 79 4.29 -29.32 5.82
C GLU C 79 5.71 -28.85 5.66
N LEU C 80 6.09 -27.89 6.41
CA LEU C 80 7.46 -27.34 6.23
C LEU C 80 8.33 -27.51 7.47
N THR C 81 9.42 -28.20 7.32
CA THR C 81 10.38 -28.37 8.46
C THR C 81 11.41 -27.24 8.37
N LEU C 82 11.35 -26.30 9.28
CA LEU C 82 12.27 -25.17 9.26
C LEU C 82 13.36 -25.48 10.23
N ILE C 83 14.49 -24.98 9.96
CA ILE C 83 15.65 -25.27 10.85
C ILE C 83 16.53 -24.02 11.01
N ASN C 84 16.75 -23.64 12.23
CA ASN C 84 17.62 -22.46 12.52
C ASN C 84 18.93 -22.99 13.09
N PRO C 85 19.94 -23.03 12.26
CA PRO C 85 21.28 -23.56 12.63
C PRO C 85 21.94 -22.86 13.82
N GLU C 86 22.73 -23.57 14.58
CA GLU C 86 23.42 -22.94 15.74
C GLU C 86 24.29 -21.75 15.27
N THR C 87 24.78 -21.79 14.05
CA THR C 87 25.64 -20.66 13.55
C THR C 87 24.89 -19.32 13.61
N ASN C 88 23.58 -19.33 13.53
CA ASN C 88 22.83 -18.04 13.55
C ASN C 88 22.86 -17.45 14.96
N THR C 89 22.38 -16.25 15.11
CA THR C 89 22.38 -15.61 16.46
C THR C 89 20.98 -15.04 16.84
N LEU C 90 19.96 -15.20 16.02
CA LEU C 90 18.62 -14.63 16.42
C LEU C 90 17.50 -15.66 16.24
N MET C 91 16.53 -15.69 17.14
CA MET C 91 15.40 -16.66 16.97
C MET C 91 14.45 -16.15 15.88
N HIS C 92 13.99 -17.03 15.01
CA HIS C 92 13.08 -16.60 13.93
C HIS C 92 11.71 -17.29 14.08
N ASN C 93 10.99 -17.34 13.00
CA ASN C 93 9.64 -17.97 12.97
C ASN C 93 9.04 -17.71 11.57
N ILE C 94 8.07 -18.48 11.13
CA ILE C 94 7.51 -18.24 9.77
C ILE C 94 5.98 -18.09 9.81
N ASP C 95 5.47 -17.04 9.23
CA ASP C 95 4.00 -16.83 9.17
C ASP C 95 3.55 -16.83 7.69
N PHE C 96 2.82 -17.84 7.28
CA PHE C 96 2.38 -17.92 5.87
C PHE C 96 0.98 -17.33 5.72
N HIS C 97 0.88 -16.28 4.97
CA HIS C 97 -0.44 -15.62 4.74
C HIS C 97 -1.47 -16.65 4.23
N ALA C 98 -1.02 -17.69 3.58
CA ALA C 98 -1.97 -18.70 3.03
C ALA C 98 -2.41 -19.73 4.09
N ALA C 99 -2.10 -19.49 5.33
CA ALA C 99 -2.53 -20.44 6.40
C ALA C 99 -3.57 -19.77 7.28
N THR C 100 -4.21 -20.52 8.13
CA THR C 100 -5.26 -19.91 9.02
C THR C 100 -5.10 -20.39 10.47
N GLY C 101 -4.69 -19.51 11.35
CA GLY C 101 -4.55 -19.88 12.81
C GLY C 101 -3.09 -19.69 13.31
N ALA C 102 -2.90 -19.16 14.52
CA ALA C 102 -1.51 -19.00 15.05
C ALA C 102 -0.71 -17.93 14.28
N LEU C 103 -1.31 -16.79 14.05
CA LEU C 103 -0.58 -15.69 13.34
C LEU C 103 0.06 -16.20 12.05
N GLY C 104 -0.60 -17.10 11.37
CA GLY C 104 -0.04 -17.62 10.09
C GLY C 104 1.08 -18.64 10.37
N GLY C 105 1.08 -19.24 11.52
CA GLY C 105 2.14 -20.25 11.84
C GLY C 105 3.31 -19.62 12.63
N GLY C 106 3.33 -18.33 12.83
CA GLY C 106 4.46 -17.70 13.58
C GLY C 106 4.36 -18.04 15.08
N GLY C 107 3.17 -18.20 15.59
CA GLY C 107 3.02 -18.52 17.05
C GLY C 107 3.46 -19.96 17.36
N LEU C 108 3.56 -20.82 16.37
CA LEU C 108 3.97 -22.23 16.64
C LEU C 108 5.27 -22.60 15.88
N THR C 109 6.09 -21.64 15.55
CA THR C 109 7.37 -21.94 14.83
C THR C 109 8.54 -21.06 15.37
N GLU C 110 8.46 -20.52 16.56
CA GLU C 110 9.58 -19.70 17.09
C GLU C 110 10.71 -20.64 17.46
N ILE C 111 11.80 -20.60 16.74
CA ILE C 111 12.91 -21.54 17.04
C ILE C 111 14.21 -20.78 17.18
N ASN C 112 14.87 -20.92 18.28
CA ASN C 112 16.16 -20.22 18.48
C ASN C 112 17.30 -21.07 17.91
N PRO C 113 18.43 -20.46 17.65
CA PRO C 113 19.61 -21.17 17.11
C PRO C 113 19.73 -22.59 17.68
N GLY C 114 19.93 -23.56 16.83
CA GLY C 114 20.03 -24.97 17.32
C GLY C 114 18.64 -25.61 17.50
N GLU C 115 17.59 -25.04 16.94
CA GLU C 115 16.24 -25.65 17.10
C GLU C 115 15.50 -25.70 15.74
N LYS C 116 14.74 -26.74 15.50
CA LYS C 116 13.96 -26.86 14.23
C LYS C 116 12.56 -27.38 14.54
N THR C 117 11.59 -27.03 13.76
CA THR C 117 10.22 -27.49 14.03
C THR C 117 9.57 -27.89 12.72
N ILE C 118 8.38 -28.39 12.81
CA ILE C 118 7.65 -28.80 11.59
C ILE C 118 6.19 -28.35 11.72
N LEU C 119 5.72 -27.55 10.81
CA LEU C 119 4.32 -27.07 10.90
C LEU C 119 3.57 -27.46 9.64
N ARG C 120 2.39 -27.97 9.80
CA ARG C 120 1.60 -28.38 8.61
C ARG C 120 0.25 -27.65 8.60
N PHE C 121 -0.08 -27.01 7.52
CA PHE C 121 -1.37 -26.29 7.43
C PHE C 121 -2.08 -26.66 6.11
N LYS C 122 -3.39 -26.57 6.09
CA LYS C 122 -4.17 -26.89 4.88
C LYS C 122 -4.27 -25.64 4.00
N ALA C 123 -3.97 -25.80 2.76
CA ALA C 123 -4.03 -24.68 1.80
C ALA C 123 -5.45 -24.62 1.32
N THR C 124 -6.23 -23.88 2.01
CA THR C 124 -7.70 -23.84 1.69
C THR C 124 -8.10 -22.76 0.66
N LYS C 125 -7.21 -21.90 0.28
CA LYS C 125 -7.57 -20.83 -0.68
C LYS C 125 -6.52 -20.79 -1.79
N PRO C 126 -6.96 -20.69 -3.01
CA PRO C 126 -6.06 -20.66 -4.19
C PRO C 126 -5.51 -19.26 -4.48
N GLY C 127 -4.21 -19.14 -4.67
CA GLY C 127 -3.65 -17.79 -4.98
C GLY C 127 -2.24 -17.64 -4.39
N VAL C 128 -1.45 -16.77 -4.96
CA VAL C 128 -0.08 -16.55 -4.46
C VAL C 128 -0.19 -15.78 -3.15
N PHE C 129 0.67 -16.07 -2.23
CA PHE C 129 0.59 -15.39 -0.93
C PHE C 129 2.00 -15.18 -0.43
N VAL C 130 2.21 -14.19 0.36
CA VAL C 130 3.62 -13.95 0.85
C VAL C 130 3.87 -14.51 2.28
N TYR C 131 4.94 -15.28 2.47
CA TYR C 131 5.29 -15.79 3.80
C TYR C 131 6.44 -14.94 4.32
N HIS C 132 6.60 -14.81 5.60
CA HIS C 132 7.70 -13.95 6.13
C HIS C 132 7.87 -14.15 7.64
N CYS C 133 9.10 -14.12 8.12
CA CYS C 133 9.34 -14.34 9.58
C CYS C 133 8.86 -13.10 10.34
N ALA C 134 8.39 -13.27 11.54
CA ALA C 134 7.90 -12.08 12.29
C ALA C 134 7.96 -12.34 13.79
N PRO C 135 9.13 -12.36 14.34
CA PRO C 135 9.33 -12.58 15.80
C PRO C 135 8.74 -11.41 16.61
N PRO C 136 7.88 -11.71 17.55
CA PRO C 136 7.23 -10.66 18.40
C PRO C 136 8.19 -9.54 18.84
N GLY C 137 7.89 -8.30 18.51
CA GLY C 137 8.79 -7.18 18.93
C GLY C 137 9.80 -6.78 17.83
N MET C 138 10.12 -7.65 16.90
CA MET C 138 11.11 -7.28 15.86
C MET C 138 10.62 -7.77 14.51
N VAL C 139 9.36 -7.58 14.26
CA VAL C 139 8.79 -8.04 12.96
C VAL C 139 9.42 -7.30 11.76
N PRO C 140 9.16 -6.03 11.64
CA PRO C 140 9.65 -5.18 10.52
C PRO C 140 11.14 -5.37 10.24
N TRP C 141 11.92 -5.56 11.27
CA TRP C 141 13.39 -5.75 11.07
C TRP C 141 13.67 -7.05 10.30
N HIS C 142 13.08 -8.14 10.71
CA HIS C 142 13.32 -9.44 10.03
C HIS C 142 12.82 -9.39 8.58
N VAL C 143 11.70 -8.78 8.34
CA VAL C 143 11.15 -8.73 6.95
C VAL C 143 12.06 -7.87 6.06
N VAL C 144 12.44 -6.71 6.53
CA VAL C 144 13.30 -5.81 5.70
C VAL C 144 14.64 -6.49 5.47
N SER C 145 15.09 -7.24 6.43
CA SER C 145 16.39 -7.95 6.27
C SER C 145 16.31 -9.00 5.14
N GLY C 146 15.19 -9.15 4.50
CA GLY C 146 15.05 -10.15 3.41
C GLY C 146 14.52 -11.48 3.94
N MET C 147 13.79 -11.48 5.03
CA MET C 147 13.26 -12.77 5.55
C MET C 147 11.80 -12.93 5.09
N ASN C 148 11.61 -13.15 3.82
CA ASN C 148 10.23 -13.29 3.31
C ASN C 148 10.26 -13.79 1.85
N GLY C 149 9.27 -14.52 1.47
CA GLY C 149 9.19 -15.06 0.07
C GLY C 149 7.71 -15.19 -0.32
N ALA C 150 7.31 -16.28 -0.94
CA ALA C 150 5.87 -16.41 -1.32
C ALA C 150 5.55 -17.83 -1.83
N ILE C 151 4.36 -18.32 -1.55
CA ILE C 151 3.96 -19.67 -2.03
C ILE C 151 2.76 -19.55 -2.97
N MET C 152 2.63 -20.44 -3.91
CA MET C 152 1.49 -20.38 -4.87
C MET C 152 0.62 -21.64 -4.76
N VAL C 153 -0.59 -21.48 -4.30
CA VAL C 153 -1.52 -22.63 -4.17
C VAL C 153 -2.39 -22.57 -5.40
N LEU C 154 -2.14 -23.43 -6.32
CA LEU C 154 -2.90 -23.35 -7.61
C LEU C 154 -4.16 -24.20 -7.59
N PRO C 155 -5.22 -23.70 -8.17
CA PRO C 155 -6.49 -24.46 -8.27
C PRO C 155 -6.23 -25.89 -8.76
N ARG C 156 -6.89 -26.87 -8.20
CA ARG C 156 -6.67 -28.27 -8.62
C ARG C 156 -6.72 -28.39 -10.13
N GLU C 157 -7.59 -27.66 -10.76
CA GLU C 157 -7.71 -27.73 -12.25
C GLU C 157 -6.79 -26.70 -12.96
N GLY C 158 -5.80 -26.16 -12.29
CA GLY C 158 -4.90 -25.17 -12.97
C GLY C 158 -5.51 -23.77 -12.92
N LEU C 159 -4.96 -22.86 -13.68
CA LEU C 159 -5.51 -21.46 -13.68
C LEU C 159 -6.45 -21.26 -14.87
N HIS C 160 -7.45 -20.42 -14.70
CA HIS C 160 -8.41 -20.15 -15.80
C HIS C 160 -8.73 -18.64 -15.77
N ASP C 161 -9.16 -18.11 -16.87
CA ASP C 161 -9.48 -16.64 -16.92
C ASP C 161 -10.74 -16.35 -16.11
N GLY C 162 -11.39 -15.24 -16.38
CA GLY C 162 -12.63 -14.89 -15.61
C GLY C 162 -13.85 -15.66 -16.18
N LYS C 163 -13.79 -16.11 -17.40
CA LYS C 163 -14.96 -16.85 -17.97
C LYS C 163 -14.86 -18.36 -17.70
N GLY C 164 -13.73 -18.82 -17.22
CA GLY C 164 -13.59 -20.30 -16.95
C GLY C 164 -12.57 -20.97 -17.92
N LYS C 165 -12.14 -20.32 -18.97
CA LYS C 165 -11.18 -20.96 -19.92
C LYS C 165 -9.88 -21.26 -19.20
N ALA C 166 -9.20 -22.28 -19.60
CA ALA C 166 -7.91 -22.64 -18.94
C ALA C 166 -6.72 -21.82 -19.51
N LEU C 167 -5.94 -21.22 -18.63
CA LEU C 167 -4.74 -20.46 -19.02
C LEU C 167 -3.55 -21.25 -18.50
N THR C 168 -2.74 -21.73 -19.39
CA THR C 168 -1.61 -22.56 -18.99
C THR C 168 -0.37 -21.85 -19.39
N TYR C 169 0.56 -21.82 -18.54
CA TYR C 169 1.82 -21.09 -18.85
C TYR C 169 2.96 -22.06 -19.14
N ASP C 170 3.82 -21.71 -20.06
CA ASP C 170 4.99 -22.58 -20.37
C ASP C 170 6.16 -22.28 -19.41
N LYS C 171 6.24 -21.08 -18.87
CA LYS C 171 7.36 -20.76 -17.95
C LYS C 171 6.86 -19.87 -16.81
N ILE C 172 7.36 -20.08 -15.63
CA ILE C 172 6.93 -19.25 -14.47
C ILE C 172 8.16 -18.77 -13.67
N TYR C 173 8.21 -17.49 -13.38
CA TYR C 173 9.36 -16.93 -12.62
C TYR C 173 8.79 -16.20 -11.41
N TYR C 174 9.51 -16.19 -10.34
CA TYR C 174 9.05 -15.51 -9.11
C TYR C 174 10.02 -14.41 -8.75
N VAL C 175 9.57 -13.19 -8.81
CA VAL C 175 10.46 -12.04 -8.50
C VAL C 175 10.03 -11.40 -7.18
N GLY C 176 10.80 -11.61 -6.16
CA GLY C 176 10.50 -11.03 -4.83
C GLY C 176 11.19 -9.69 -4.71
N GLU C 177 10.44 -8.67 -4.47
CA GLU C 177 10.99 -7.31 -4.36
C GLU C 177 11.30 -7.08 -2.91
N GLN C 178 12.30 -6.33 -2.65
CA GLN C 178 12.66 -6.08 -1.23
C GLN C 178 13.14 -4.65 -1.02
N ASP C 179 12.53 -3.95 -0.12
CA ASP C 179 12.96 -2.55 0.16
C ASP C 179 13.88 -2.56 1.39
N PHE C 180 15.10 -2.14 1.24
CA PHE C 180 16.02 -2.15 2.39
C PHE C 180 16.11 -0.75 2.99
N TYR C 181 16.88 -0.64 4.02
CA TYR C 181 17.06 0.67 4.71
C TYR C 181 18.46 0.64 5.30
N VAL C 182 19.43 1.00 4.52
CA VAL C 182 20.83 0.91 4.99
C VAL C 182 21.28 2.21 5.61
N PRO C 183 21.81 2.12 6.79
CA PRO C 183 22.33 3.32 7.52
C PRO C 183 23.60 3.91 6.87
N ARG C 184 23.70 5.23 6.79
CA ARG C 184 24.89 5.87 6.19
C ARG C 184 25.56 6.73 7.25
N ASP C 185 26.82 7.00 7.09
CA ASP C 185 27.55 7.83 8.10
C ASP C 185 27.29 9.33 7.87
N GLU C 186 28.20 10.19 8.27
CA GLU C 186 27.98 11.66 8.08
C GLU C 186 28.33 12.08 6.65
N ASN C 187 29.24 11.38 6.00
CA ASN C 187 29.62 11.77 4.61
C ASN C 187 28.63 11.18 3.57
N GLY C 188 27.71 10.35 3.97
CA GLY C 188 26.74 9.77 2.99
C GLY C 188 27.16 8.34 2.56
N LYS C 189 28.23 7.79 3.09
CA LYS C 189 28.64 6.41 2.70
C LYS C 189 27.90 5.37 3.54
N TYR C 190 27.45 4.31 2.92
CA TYR C 190 26.73 3.26 3.66
C TYR C 190 27.65 2.70 4.72
N LYS C 191 27.11 2.32 5.82
CA LYS C 191 27.95 1.78 6.92
C LYS C 191 27.89 0.24 6.91
N LYS C 192 28.97 -0.38 7.28
CA LYS C 192 28.99 -1.86 7.32
C LYS C 192 29.30 -2.29 8.74
N TYR C 193 28.85 -3.44 9.14
CA TYR C 193 29.12 -3.87 10.52
C TYR C 193 29.71 -5.25 10.52
N GLU C 194 29.67 -5.91 11.62
CA GLU C 194 30.24 -7.29 11.69
C GLU C 194 29.14 -8.29 12.09
N ALA C 195 28.09 -7.84 12.74
CA ALA C 195 27.02 -8.77 13.14
C ALA C 195 25.68 -8.14 12.81
N PRO C 196 24.65 -8.92 12.87
CA PRO C 196 23.26 -8.46 12.57
C PRO C 196 22.70 -7.53 13.65
N GLY C 197 22.98 -7.81 14.90
CA GLY C 197 22.44 -6.95 15.99
C GLY C 197 23.15 -5.57 16.01
N ASP C 198 24.40 -5.52 15.63
CA ASP C 198 25.14 -4.22 15.65
C ASP C 198 24.46 -3.20 14.74
N ALA C 199 23.73 -3.64 13.75
CA ALA C 199 23.06 -2.67 12.82
C ALA C 199 21.54 -2.54 13.11
N TYR C 200 21.07 -3.00 14.24
CA TYR C 200 19.60 -2.87 14.55
C TYR C 200 19.17 -1.40 14.85
N GLU C 201 19.84 -0.69 15.74
CA GLU C 201 19.41 0.69 16.08
C GLU C 201 19.53 1.61 14.87
N ASP C 202 20.64 1.56 14.20
CA ASP C 202 20.85 2.45 13.01
C ASP C 202 19.83 2.11 11.93
N THR C 203 19.53 0.87 11.76
CA THR C 203 18.54 0.48 10.71
C THR C 203 17.15 1.00 11.09
N VAL C 204 16.73 0.79 12.30
CA VAL C 204 15.38 1.27 12.73
C VAL C 204 15.23 2.75 12.38
N LYS C 205 16.24 3.53 12.68
CA LYS C 205 16.16 4.98 12.37
C LYS C 205 15.84 5.18 10.89
N VAL C 206 16.48 4.44 10.02
CA VAL C 206 16.21 4.59 8.56
C VAL C 206 14.82 4.05 8.24
N MET C 207 14.45 2.94 8.83
CA MET C 207 13.11 2.36 8.53
C MET C 207 12.00 3.34 8.92
N ARG C 208 12.17 4.08 9.98
CA ARG C 208 11.11 5.05 10.40
C ARG C 208 10.87 6.09 9.29
N THR C 209 11.91 6.49 8.62
CA THR C 209 11.75 7.50 7.54
C THR C 209 10.83 6.98 6.42
N LEU C 210 10.46 5.72 6.44
CA LEU C 210 9.57 5.19 5.36
C LEU C 210 10.19 5.48 3.98
N THR C 211 11.50 5.55 3.91
CA THR C 211 12.15 5.82 2.60
C THR C 211 13.30 4.83 2.43
N PRO C 212 13.08 3.80 1.66
CA PRO C 212 14.11 2.74 1.42
C PRO C 212 15.32 3.22 0.61
N THR C 213 16.52 2.96 1.09
CA THR C 213 17.73 3.40 0.33
C THR C 213 17.86 2.55 -0.96
N HIS C 214 17.29 1.38 -1.00
CA HIS C 214 17.40 0.53 -2.22
C HIS C 214 16.19 -0.40 -2.30
N VAL C 215 15.59 -0.49 -3.46
CA VAL C 215 14.41 -1.37 -3.62
C VAL C 215 14.75 -2.25 -4.79
N VAL C 216 14.92 -3.51 -4.59
CA VAL C 216 15.37 -4.28 -5.76
C VAL C 216 14.68 -5.61 -5.86
N PHE C 217 15.12 -6.40 -6.78
CA PHE C 217 14.50 -7.73 -6.98
C PHE C 217 15.57 -8.81 -6.86
N ASN C 218 15.28 -9.86 -6.15
CA ASN C 218 16.29 -10.96 -5.97
C ASN C 218 17.38 -10.61 -4.93
N GLY C 219 17.22 -9.55 -4.16
CA GLY C 219 18.25 -9.20 -3.13
C GLY C 219 19.44 -8.34 -3.69
N ALA C 220 19.36 -7.69 -4.84
CA ALA C 220 20.53 -6.85 -5.27
C ALA C 220 20.22 -6.03 -6.54
N VAL C 221 20.65 -4.78 -6.58
CA VAL C 221 20.42 -3.97 -7.81
C VAL C 221 21.08 -4.69 -8.98
N GLY C 222 20.36 -4.90 -10.04
CA GLY C 222 20.95 -5.62 -11.20
C GLY C 222 21.05 -7.14 -10.93
N ALA C 223 20.23 -7.69 -10.04
CA ALA C 223 20.31 -9.16 -9.78
C ALA C 223 19.68 -10.00 -10.92
N LEU C 224 18.55 -9.60 -11.46
CA LEU C 224 17.88 -10.40 -12.55
C LEU C 224 18.20 -9.86 -13.95
N THR C 225 19.41 -9.46 -14.18
CA THR C 225 19.85 -8.97 -15.52
C THR C 225 21.24 -9.55 -15.83
N GLY C 226 21.56 -9.73 -17.08
CA GLY C 226 22.88 -10.32 -17.45
C GLY C 226 22.75 -11.83 -17.40
N ASP C 227 23.57 -12.47 -16.62
CA ASP C 227 23.46 -13.96 -16.52
C ASP C 227 22.12 -14.37 -15.87
N LYS C 228 21.49 -13.48 -15.12
CA LYS C 228 20.18 -13.85 -14.48
C LYS C 228 18.97 -13.31 -15.27
N ALA C 229 19.17 -12.60 -16.35
CA ALA C 229 17.98 -12.08 -17.11
C ALA C 229 17.03 -13.24 -17.45
N MET C 230 15.76 -13.09 -17.15
CA MET C 230 14.80 -14.16 -17.47
C MET C 230 14.87 -14.43 -18.96
N THR C 231 14.20 -15.43 -19.40
CA THR C 231 14.20 -15.76 -20.84
C THR C 231 12.79 -16.19 -21.29
N ALA C 232 12.49 -15.95 -22.54
CA ALA C 232 11.16 -16.33 -23.10
C ALA C 232 11.22 -16.14 -24.63
N ALA C 233 10.46 -16.91 -25.38
CA ALA C 233 10.49 -16.78 -26.85
C ALA C 233 9.10 -16.41 -27.36
N VAL C 234 9.05 -15.69 -28.43
CA VAL C 234 7.75 -15.27 -29.01
C VAL C 234 6.83 -16.46 -29.05
N GLY C 235 5.61 -16.27 -28.64
CA GLY C 235 4.63 -17.40 -28.63
C GLY C 235 4.61 -18.14 -27.26
N GLU C 236 5.51 -17.84 -26.36
CA GLU C 236 5.53 -18.52 -25.05
C GLU C 236 4.69 -17.74 -24.04
N LYS C 237 4.03 -18.44 -23.18
CA LYS C 237 3.18 -17.80 -22.15
C LYS C 237 3.94 -17.91 -20.86
N VAL C 238 4.04 -16.86 -20.14
CA VAL C 238 4.83 -16.90 -18.90
C VAL C 238 4.10 -16.23 -17.76
N LEU C 239 4.11 -16.86 -16.63
CA LEU C 239 3.45 -16.29 -15.43
C LEU C 239 4.53 -15.72 -14.52
N ILE C 240 4.44 -14.46 -14.18
CA ILE C 240 5.46 -13.82 -13.33
C ILE C 240 4.85 -13.45 -11.97
N VAL C 241 5.13 -14.25 -10.98
CA VAL C 241 4.62 -13.97 -9.62
C VAL C 241 5.54 -12.96 -8.97
N HIS C 242 4.98 -12.04 -8.28
CA HIS C 242 5.80 -10.99 -7.65
C HIS C 242 5.27 -10.74 -6.25
N SER C 243 6.14 -10.59 -5.32
CA SER C 243 5.68 -10.36 -3.92
C SER C 243 6.49 -9.26 -3.23
N GLN C 244 5.83 -8.55 -2.35
CA GLN C 244 6.45 -7.46 -1.55
C GLN C 244 5.85 -7.58 -0.14
N ALA C 245 6.63 -8.04 0.80
CA ALA C 245 6.12 -8.27 2.18
C ALA C 245 6.60 -7.16 3.11
N ASN C 246 6.45 -5.98 2.65
CA ASN C 246 6.85 -4.77 3.43
C ASN C 246 6.86 -3.50 2.54
N ARG C 247 5.99 -3.38 1.54
CA ARG C 247 6.02 -2.14 0.72
C ARG C 247 5.14 -2.30 -0.51
N ASP C 248 4.40 -1.29 -0.88
CA ASP C 248 3.53 -1.42 -2.10
C ASP C 248 4.36 -1.17 -3.40
N THR C 249 4.19 -2.01 -4.41
CA THR C 249 4.92 -1.81 -5.69
C THR C 249 3.90 -1.73 -6.83
N ARG C 250 4.37 -1.53 -8.01
CA ARG C 250 3.48 -1.44 -9.21
C ARG C 250 4.23 -1.99 -10.42
N PRO C 251 4.15 -3.28 -10.60
CA PRO C 251 4.85 -4.01 -11.69
C PRO C 251 4.49 -3.50 -13.09
N HIS C 252 5.42 -3.57 -13.98
CA HIS C 252 5.18 -3.13 -15.39
C HIS C 252 6.25 -3.72 -16.35
N LEU C 253 5.82 -4.54 -17.29
CA LEU C 253 6.75 -5.13 -18.29
C LEU C 253 6.90 -4.15 -19.45
N ILE C 254 8.04 -3.56 -19.55
CA ILE C 254 8.34 -2.57 -20.60
C ILE C 254 8.31 -3.27 -21.93
N GLY C 255 7.53 -2.76 -22.81
CA GLY C 255 7.43 -3.41 -24.15
C GLY C 255 6.28 -4.44 -24.16
N GLY C 256 5.76 -4.83 -23.02
CA GLY C 256 4.66 -5.83 -23.01
C GLY C 256 3.57 -5.39 -22.05
N HIS C 257 2.78 -6.31 -21.59
CA HIS C 257 1.68 -5.96 -20.66
C HIS C 257 1.20 -7.23 -19.94
N GLY C 258 0.40 -7.06 -18.93
CA GLY C 258 -0.12 -8.23 -18.18
C GLY C 258 -1.44 -8.64 -18.80
N ASP C 259 -1.41 -9.60 -19.66
CA ASP C 259 -2.66 -10.03 -20.34
C ASP C 259 -3.72 -10.27 -19.28
N TYR C 260 -3.41 -11.12 -18.37
CA TYR C 260 -4.34 -11.42 -17.25
C TYR C 260 -3.56 -11.21 -15.96
N VAL C 261 -4.03 -10.39 -15.06
CA VAL C 261 -3.22 -10.15 -13.83
C VAL C 261 -4.06 -10.24 -12.56
N TRP C 262 -3.85 -11.26 -11.79
CA TRP C 262 -4.57 -11.38 -10.49
C TRP C 262 -3.83 -10.46 -9.55
N ALA C 263 -4.18 -9.21 -9.58
CA ALA C 263 -3.45 -8.18 -8.80
C ALA C 263 -3.49 -8.53 -7.33
N THR C 264 -4.61 -8.93 -6.89
CA THR C 264 -4.77 -9.29 -5.45
C THR C 264 -4.07 -10.63 -5.15
N GLY C 265 -3.60 -11.31 -6.16
CA GLY C 265 -2.92 -12.63 -5.89
C GLY C 265 -3.94 -13.70 -5.39
N LYS C 266 -5.18 -13.60 -5.79
CA LYS C 266 -6.20 -14.59 -5.37
C LYS C 266 -6.84 -15.12 -6.66
N PHE C 267 -6.81 -16.39 -6.85
CA PHE C 267 -7.36 -16.98 -8.12
C PHE C 267 -8.89 -16.81 -8.18
N ASN C 268 -9.56 -16.97 -7.09
CA ASN C 268 -11.04 -16.85 -7.08
C ASN C 268 -11.43 -15.48 -7.59
N THR C 269 -10.63 -14.50 -7.31
CA THR C 269 -10.95 -13.13 -7.77
C THR C 269 -10.56 -13.00 -9.25
N PRO C 270 -11.52 -12.75 -10.10
CA PRO C 270 -11.27 -12.61 -11.57
C PRO C 270 -10.02 -11.77 -11.87
N PRO C 271 -9.19 -12.18 -12.81
CA PRO C 271 -7.94 -11.42 -13.14
C PRO C 271 -8.15 -10.20 -14.08
N ASP C 272 -7.74 -9.00 -13.69
CA ASP C 272 -7.90 -7.86 -14.61
C ASP C 272 -7.29 -8.27 -15.95
N VAL C 273 -7.49 -7.52 -16.98
CA VAL C 273 -6.91 -7.93 -18.30
C VAL C 273 -6.38 -6.70 -19.07
N ASP C 274 -5.38 -6.91 -19.89
CA ASP C 274 -4.82 -5.81 -20.70
C ASP C 274 -4.28 -4.79 -19.73
N GLN C 275 -3.44 -5.22 -18.85
CA GLN C 275 -2.92 -4.24 -17.83
C GLN C 275 -1.53 -3.69 -18.19
N GLU C 276 -1.37 -2.37 -18.22
CA GLU C 276 -0.02 -1.78 -18.49
C GLU C 276 0.83 -1.79 -17.20
N THR C 277 0.24 -1.48 -16.06
CA THR C 277 0.97 -1.45 -14.78
C THR C 277 -0.02 -1.87 -13.69
N TRP C 278 0.31 -2.85 -12.93
CA TRP C 278 -0.63 -3.33 -11.89
C TRP C 278 -0.31 -2.70 -10.55
N PHE C 279 -0.79 -3.28 -9.48
CA PHE C 279 -0.52 -2.72 -8.14
C PHE C 279 -0.63 -3.81 -7.07
N ILE C 280 0.45 -4.07 -6.37
CA ILE C 280 0.44 -5.10 -5.30
C ILE C 280 0.79 -4.39 -4.00
N PRO C 281 -0.12 -4.39 -3.07
CA PRO C 281 0.06 -3.70 -1.75
C PRO C 281 1.01 -4.43 -0.79
N GLY C 282 1.91 -3.70 -0.18
CA GLY C 282 2.83 -4.32 0.79
C GLY C 282 2.07 -5.40 1.54
N GLY C 283 2.72 -6.47 1.82
CA GLY C 283 2.06 -7.60 2.52
C GLY C 283 1.23 -8.42 1.53
N ALA C 284 1.61 -8.50 0.27
CA ALA C 284 0.76 -9.31 -0.67
C ALA C 284 1.52 -9.69 -1.95
N ALA C 285 1.27 -10.86 -2.48
CA ALA C 285 1.94 -11.27 -3.76
C ALA C 285 0.89 -11.45 -4.87
N GLY C 286 1.15 -10.97 -6.06
CA GLY C 286 0.16 -11.11 -7.16
C GLY C 286 0.75 -12.00 -8.26
N ALA C 287 0.15 -11.97 -9.42
CA ALA C 287 0.65 -12.80 -10.55
C ALA C 287 0.13 -12.23 -11.87
N ALA C 288 0.97 -12.20 -12.87
CA ALA C 288 0.56 -11.67 -14.20
C ALA C 288 0.98 -12.67 -15.27
N PHE C 289 0.09 -12.96 -16.17
CA PHE C 289 0.41 -13.94 -17.24
C PHE C 289 0.40 -13.21 -18.57
N TYR C 290 1.38 -13.41 -19.37
CA TYR C 290 1.43 -12.70 -20.67
C TYR C 290 2.12 -13.55 -21.73
N THR C 291 1.61 -13.51 -22.92
CA THR C 291 2.20 -14.27 -24.04
C THR C 291 3.06 -13.32 -24.85
N PHE C 292 4.33 -13.59 -24.92
CA PHE C 292 5.25 -12.70 -25.67
C PHE C 292 4.94 -12.72 -27.16
N GLN C 293 4.96 -11.57 -27.78
CA GLN C 293 4.69 -11.49 -29.24
C GLN C 293 5.88 -10.86 -30.00
N GLN C 294 6.82 -10.25 -29.31
CA GLN C 294 7.98 -9.63 -30.02
C GLN C 294 9.28 -10.00 -29.32
N PRO C 295 10.31 -10.26 -30.09
CA PRO C 295 11.65 -10.64 -29.57
C PRO C 295 12.50 -9.43 -29.22
N GLY C 296 13.41 -9.57 -28.30
CA GLY C 296 14.26 -8.42 -27.92
C GLY C 296 14.43 -8.41 -26.40
N ILE C 297 14.97 -7.35 -25.88
CA ILE C 297 15.17 -7.26 -24.40
C ILE C 297 14.10 -6.34 -23.80
N TYR C 298 13.39 -6.82 -22.82
CA TYR C 298 12.33 -6.01 -22.17
C TYR C 298 12.65 -5.88 -20.68
N ALA C 299 12.46 -4.73 -20.13
CA ALA C 299 12.75 -4.52 -18.69
C ALA C 299 11.47 -4.67 -17.92
N TYR C 300 11.54 -5.22 -16.75
CA TYR C 300 10.29 -5.42 -15.98
C TYR C 300 10.53 -4.79 -14.64
N VAL C 301 9.83 -3.77 -14.28
CA VAL C 301 10.20 -3.19 -12.97
C VAL C 301 9.10 -2.37 -12.34
N ASN C 302 9.35 -1.98 -11.13
CA ASN C 302 8.39 -1.17 -10.37
C ASN C 302 8.27 0.13 -11.12
N HIS C 303 7.10 0.52 -11.45
CA HIS C 303 6.98 1.77 -12.26
C HIS C 303 7.62 2.90 -11.48
N ASN C 304 7.30 3.09 -10.23
CA ASN C 304 8.04 4.19 -9.56
C ASN C 304 9.41 4.31 -10.30
N LEU C 305 9.47 5.10 -11.36
CA LEU C 305 10.71 5.20 -12.18
C LEU C 305 11.91 5.38 -11.27
N ILE C 306 11.75 6.21 -10.31
CA ILE C 306 12.87 6.46 -9.36
C ILE C 306 13.22 5.15 -8.68
N GLU C 307 12.23 4.51 -8.13
CA GLU C 307 12.48 3.19 -7.47
C GLU C 307 13.06 2.16 -8.48
N ALA C 308 12.67 2.21 -9.74
CA ALA C 308 13.20 1.22 -10.73
C ALA C 308 14.58 1.61 -11.35
N PHE C 309 14.95 2.87 -11.43
CA PHE C 309 16.26 3.19 -12.07
C PHE C 309 17.24 3.75 -11.06
N GLU C 310 16.75 4.52 -10.14
CA GLU C 310 17.66 5.12 -9.12
C GLU C 310 17.82 4.21 -7.88
N LEU C 311 16.85 3.39 -7.54
CA LEU C 311 17.01 2.54 -6.33
C LEU C 311 17.53 1.17 -6.73
N GLY C 312 16.95 0.59 -7.74
CA GLY C 312 17.40 -0.76 -8.20
C GLY C 312 16.20 -1.74 -8.41
N ALA C 313 15.00 -1.28 -8.72
CA ALA C 313 13.88 -2.24 -8.95
C ALA C 313 13.68 -2.46 -10.45
N ALA C 314 14.62 -3.07 -11.14
CA ALA C 314 14.44 -3.30 -12.60
C ALA C 314 15.19 -4.55 -13.06
N ALA C 315 14.49 -5.51 -13.63
CA ALA C 315 15.16 -6.74 -14.12
C ALA C 315 15.01 -6.75 -15.63
N HIS C 316 15.46 -7.75 -16.30
CA HIS C 316 15.29 -7.73 -17.79
C HIS C 316 15.06 -9.13 -18.39
N PHE C 317 14.06 -9.27 -19.26
CA PHE C 317 13.83 -10.59 -19.93
C PHE C 317 14.31 -10.55 -21.41
N LYS C 318 15.10 -11.52 -21.83
CA LYS C 318 15.61 -11.59 -23.20
C LYS C 318 14.72 -12.57 -23.91
N VAL C 319 14.19 -12.19 -25.01
CA VAL C 319 13.25 -13.07 -25.71
C VAL C 319 13.73 -13.28 -27.11
N THR C 320 13.60 -14.47 -27.56
CA THR C 320 14.06 -14.79 -28.95
C THR C 320 12.86 -15.03 -29.84
N GLY C 321 13.03 -14.91 -31.13
CA GLY C 321 11.87 -15.14 -32.06
C GLY C 321 11.98 -14.21 -33.28
N GLU C 322 10.89 -14.02 -33.97
CA GLU C 322 10.90 -13.14 -35.17
C GLU C 322 10.09 -11.89 -34.84
N TRP C 323 10.54 -10.77 -35.31
CA TRP C 323 9.84 -9.50 -35.04
C TRP C 323 8.56 -9.46 -35.86
N ASN C 324 7.58 -8.79 -35.34
CA ASN C 324 6.27 -8.67 -36.04
C ASN C 324 6.04 -7.20 -36.36
N ASP C 325 6.17 -6.84 -37.60
CA ASP C 325 6.00 -5.42 -37.99
C ASP C 325 4.55 -5.00 -37.78
N ASP C 326 3.64 -5.87 -38.10
CA ASP C 326 2.20 -5.53 -37.93
C ASP C 326 2.01 -4.85 -36.57
N LEU C 327 2.50 -5.45 -35.53
CA LEU C 327 2.38 -4.86 -34.17
C LEU C 327 3.17 -3.55 -34.08
N MET C 328 4.38 -3.49 -34.59
CA MET C 328 5.14 -2.21 -34.47
C MET C 328 6.25 -2.16 -35.50
N THR C 329 6.39 -1.06 -36.16
CA THR C 329 7.46 -0.95 -37.19
C THR C 329 7.98 0.50 -37.26
N SER C 330 9.28 0.68 -37.36
CA SER C 330 9.84 2.06 -37.46
C SER C 330 9.78 2.51 -38.91
N VAL C 331 8.74 3.22 -39.27
CA VAL C 331 8.60 3.67 -40.68
C VAL C 331 9.82 4.50 -41.06
N LEU C 332 10.17 5.41 -40.22
CA LEU C 332 11.36 6.26 -40.50
C LEU C 332 12.32 6.22 -39.31
N ALA C 333 13.42 5.52 -39.44
CA ALA C 333 14.39 5.43 -38.31
C ALA C 333 14.94 6.83 -38.02
N PRO C 334 15.38 7.04 -36.81
CA PRO C 334 15.93 8.34 -36.37
C PRO C 334 16.94 8.90 -37.38
N SER C 335 16.69 10.05 -37.92
CA SER C 335 17.65 10.63 -38.91
C SER C 335 17.71 12.14 -38.74
N GLY C 336 18.24 12.83 -39.70
CA GLY C 336 18.33 14.31 -39.61
C GLY C 336 17.03 14.93 -40.10
N GLU D 1 21.53 -1.98 49.13
CA GLU D 1 21.51 -0.87 48.18
C GLU D 1 20.79 -1.26 46.88
N ASN D 2 20.74 -0.33 45.95
CA ASN D 2 19.99 -0.47 44.72
C ASN D 2 20.89 -0.50 43.52
N ILE D 3 20.54 -1.36 42.54
CA ILE D 3 21.31 -1.44 41.31
C ILE D 3 20.33 -1.23 40.15
N GLU D 4 20.64 -0.25 39.32
CA GLU D 4 19.73 0.05 38.23
C GLU D 4 20.17 -0.63 36.93
N VAL D 5 19.20 -1.26 36.27
CA VAL D 5 19.47 -2.01 35.03
C VAL D 5 18.56 -1.45 33.94
N HIS D 6 19.08 -1.23 32.73
CA HIS D 6 18.22 -0.76 31.66
C HIS D 6 17.97 -1.88 30.64
N MET D 7 16.77 -1.85 30.07
CA MET D 7 16.36 -2.77 29.01
C MET D 7 16.35 -1.97 27.71
N LEU D 8 17.15 -2.42 26.76
CA LEU D 8 17.31 -1.70 25.50
C LEU D 8 17.15 -2.58 24.26
N ASN D 9 16.73 -1.94 23.17
CA ASN D 9 16.63 -2.64 21.89
C ASN D 9 18.03 -2.86 21.32
N LYS D 10 18.95 -1.97 21.67
CA LYS D 10 20.32 -2.12 21.14
C LYS D 10 21.31 -1.55 22.15
N GLY D 11 22.40 -2.25 22.38
CA GLY D 11 23.39 -1.75 23.35
C GLY D 11 24.76 -2.28 22.95
N ALA D 12 25.68 -2.35 23.89
CA ALA D 12 27.04 -2.76 23.59
C ALA D 12 27.14 -4.17 23.01
N GLU D 13 26.35 -5.12 23.54
CA GLU D 13 26.53 -6.47 23.02
C GLU D 13 25.68 -6.78 21.80
N GLY D 14 24.89 -5.85 21.31
CA GLY D 14 24.06 -6.13 20.15
C GLY D 14 22.62 -5.75 20.41
N ALA D 15 21.68 -6.44 19.77
CA ALA D 15 20.26 -6.18 19.91
C ALA D 15 19.71 -6.88 21.15
N MET D 16 18.69 -6.27 21.75
CA MET D 16 17.88 -6.77 22.83
C MET D 16 18.71 -7.14 24.06
N VAL D 17 19.05 -6.14 24.86
CA VAL D 17 19.96 -6.43 25.98
C VAL D 17 19.56 -5.77 27.29
N PHE D 18 20.10 -6.36 28.37
CA PHE D 18 19.98 -5.76 29.70
C PHE D 18 21.36 -5.11 29.93
N GLU D 19 21.41 -3.90 30.47
CA GLU D 19 22.70 -3.27 30.76
C GLU D 19 22.65 -2.75 32.20
N PRO D 20 23.46 -3.26 33.11
CA PRO D 20 24.46 -4.31 32.90
C PRO D 20 23.81 -5.69 32.80
N ALA D 21 24.53 -6.69 32.28
CA ALA D 21 23.90 -8.01 32.17
C ALA D 21 24.45 -8.91 33.27
N TYR D 22 25.40 -8.34 34.03
CA TYR D 22 25.96 -9.08 35.16
C TYR D 22 25.73 -8.19 36.39
N ILE D 23 24.98 -8.68 37.36
CA ILE D 23 24.62 -7.85 38.50
C ILE D 23 25.07 -8.55 39.78
N LYS D 24 25.92 -7.83 40.52
CA LYS D 24 26.45 -8.40 41.77
C LYS D 24 25.69 -7.80 42.93
N ALA D 25 25.10 -8.63 43.80
CA ALA D 25 24.30 -8.01 44.86
C ALA D 25 24.38 -8.81 46.15
N ASN D 26 23.81 -8.29 47.23
CA ASN D 26 23.80 -9.03 48.49
C ASN D 26 22.35 -9.18 48.98
N PRO D 27 22.06 -10.12 49.87
CA PRO D 27 20.68 -10.29 50.37
C PRO D 27 20.13 -8.98 50.95
N GLY D 28 18.93 -8.58 50.56
CA GLY D 28 18.35 -7.33 51.01
C GLY D 28 18.53 -6.23 49.97
N ASP D 29 19.40 -6.37 48.99
CA ASP D 29 19.55 -5.33 47.95
C ASP D 29 18.36 -5.33 47.01
N THR D 30 18.19 -4.23 46.26
CA THR D 30 17.14 -4.22 45.25
C THR D 30 17.80 -4.01 43.88
N VAL D 31 17.13 -4.55 42.89
CA VAL D 31 17.52 -4.41 41.49
C VAL D 31 16.31 -3.74 40.81
N THR D 32 16.57 -2.56 40.25
CA THR D 32 15.51 -1.84 39.57
C THR D 32 15.71 -1.92 38.04
N PHE D 33 14.72 -2.51 37.39
CA PHE D 33 14.74 -2.74 35.95
C PHE D 33 13.94 -1.64 35.26
N ILE D 34 14.61 -0.88 34.38
CA ILE D 34 13.95 0.25 33.71
C ILE D 34 13.89 0.05 32.21
N PRO D 35 12.70 -0.13 31.66
CA PRO D 35 12.64 -0.29 30.20
C PRO D 35 12.82 1.07 29.52
N VAL D 36 14.02 1.33 29.01
CA VAL D 36 14.32 2.57 28.30
C VAL D 36 13.66 2.55 26.93
N ASP D 37 13.61 1.38 26.32
CA ASP D 37 12.84 1.21 25.08
C ASP D 37 11.60 0.42 25.41
N LYS D 38 10.57 0.48 24.58
CA LYS D 38 9.37 -0.31 24.87
C LYS D 38 9.51 -1.75 24.38
N GLY D 39 8.69 -2.64 24.91
CA GLY D 39 8.64 -4.01 24.47
C GLY D 39 9.38 -4.99 25.35
N HIS D 40 9.83 -4.57 26.54
CA HIS D 40 10.62 -5.46 27.39
C HIS D 40 10.01 -5.69 28.78
N ASN D 41 10.38 -6.80 29.42
CA ASN D 41 9.94 -7.12 30.78
C ASN D 41 11.07 -7.96 31.40
N VAL D 42 10.85 -8.50 32.57
CA VAL D 42 11.85 -9.36 33.21
C VAL D 42 11.10 -10.50 33.89
N GLU D 43 11.63 -11.70 33.77
CA GLU D 43 10.99 -12.91 34.29
C GLU D 43 12.07 -13.90 34.73
N SER D 44 11.91 -14.52 35.90
CA SER D 44 12.93 -15.47 36.31
C SER D 44 12.77 -16.73 35.46
N ILE D 45 13.88 -17.41 35.18
CA ILE D 45 13.80 -18.62 34.35
C ILE D 45 13.65 -19.85 35.24
N LYS D 46 12.75 -20.73 34.87
CA LYS D 46 12.49 -21.97 35.66
C LYS D 46 13.77 -22.78 35.89
N ASP D 47 14.00 -23.12 37.14
CA ASP D 47 15.14 -23.89 37.56
C ASP D 47 16.48 -23.20 37.39
N MET D 48 16.42 -21.88 37.19
CA MET D 48 17.68 -21.13 37.12
C MET D 48 17.65 -19.97 38.11
N ILE D 49 17.04 -20.21 39.25
CA ILE D 49 17.07 -19.33 40.42
C ILE D 49 17.31 -20.23 41.62
N PRO D 50 17.82 -19.69 42.70
CA PRO D 50 18.16 -20.55 43.84
C PRO D 50 16.96 -21.24 44.49
N GLU D 51 17.25 -22.39 45.08
CA GLU D 51 16.36 -23.26 45.77
C GLU D 51 15.12 -22.68 46.43
N GLY D 52 15.21 -21.71 47.33
CA GLY D 52 14.03 -21.19 47.99
C GLY D 52 13.56 -19.81 47.62
N ALA D 53 13.96 -19.38 46.42
CA ALA D 53 13.59 -18.02 46.01
C ALA D 53 12.26 -18.07 45.29
N GLU D 54 11.50 -17.00 45.31
CA GLU D 54 10.22 -16.98 44.60
C GLU D 54 10.39 -16.62 43.12
N LYS D 55 9.58 -17.21 42.27
CA LYS D 55 9.60 -16.88 40.85
C LYS D 55 9.01 -15.49 40.67
N PHE D 56 9.35 -14.79 39.58
CA PHE D 56 8.82 -13.44 39.39
C PHE D 56 8.66 -13.12 37.91
N LYS D 57 7.73 -12.23 37.61
CA LYS D 57 7.50 -11.85 36.23
C LYS D 57 6.89 -10.46 36.20
N SER D 58 7.54 -9.54 35.51
CA SER D 58 7.00 -8.17 35.48
C SER D 58 6.11 -7.94 34.27
N LYS D 59 5.34 -6.85 34.22
CA LYS D 59 4.56 -6.60 33.00
C LYS D 59 5.42 -5.87 31.98
N ILE D 60 5.14 -6.03 30.70
CA ILE D 60 5.93 -5.36 29.66
C ILE D 60 5.83 -3.86 29.79
N ASN D 61 6.94 -3.15 29.67
CA ASN D 61 7.03 -1.70 29.74
C ASN D 61 7.01 -1.08 31.13
N GLU D 62 6.80 -1.87 32.17
CA GLU D 62 6.81 -1.37 33.54
C GLU D 62 8.20 -1.41 34.19
N ASN D 63 8.40 -0.40 35.04
CA ASN D 63 9.59 -0.32 35.88
C ASN D 63 9.39 -1.38 36.94
N TYR D 64 10.35 -2.26 37.19
CA TYR D 64 10.10 -3.29 38.20
C TYR D 64 11.22 -3.32 39.22
N VAL D 65 10.87 -3.39 40.51
CA VAL D 65 11.90 -3.43 41.52
C VAL D 65 11.94 -4.84 42.12
N LEU D 66 13.05 -5.52 41.93
CA LEU D 66 13.21 -6.86 42.50
C LEU D 66 13.96 -6.79 43.81
N THR D 67 13.43 -7.38 44.88
CA THR D 67 14.24 -7.49 46.09
C THR D 67 14.87 -8.88 46.14
N VAL D 68 16.18 -8.94 46.36
CA VAL D 68 16.81 -10.27 46.35
C VAL D 68 17.15 -10.67 47.78
N THR D 69 16.73 -11.89 48.12
CA THR D 69 16.94 -12.42 49.48
C THR D 69 17.88 -13.60 49.47
N GLN D 70 17.52 -14.68 48.77
CA GLN D 70 18.37 -15.88 48.78
C GLN D 70 19.66 -15.74 47.99
N PRO D 71 20.77 -16.18 48.56
CA PRO D 71 22.06 -16.16 47.91
C PRO D 71 22.06 -17.21 46.77
N GLY D 72 22.92 -16.99 45.81
CA GLY D 72 22.95 -17.89 44.67
C GLY D 72 22.86 -17.06 43.38
N ALA D 73 22.87 -17.77 42.26
CA ALA D 73 22.79 -17.11 40.95
C ALA D 73 21.35 -17.22 40.44
N TYR D 74 20.97 -16.21 39.69
CA TYR D 74 19.63 -16.10 39.10
C TYR D 74 19.86 -15.70 37.62
N LEU D 75 19.25 -16.48 36.73
CA LEU D 75 19.31 -16.04 35.32
C LEU D 75 17.90 -15.52 35.03
N VAL D 76 17.81 -14.29 34.56
CA VAL D 76 16.50 -13.74 34.23
C VAL D 76 16.48 -13.46 32.73
N LYS D 77 15.27 -13.46 32.19
CA LYS D 77 15.16 -13.18 30.77
C LYS D 77 14.14 -12.07 30.56
N CYS D 78 14.11 -11.56 29.34
CA CYS D 78 13.01 -10.73 28.88
C CYS D 78 12.08 -11.75 28.20
N THR D 79 10.79 -11.80 28.55
CA THR D 79 9.90 -12.83 28.00
C THR D 79 9.84 -12.77 26.48
N PRO D 80 9.55 -11.64 25.86
CA PRO D 80 9.50 -11.64 24.40
C PRO D 80 10.85 -11.84 23.75
N HIS D 81 11.96 -11.35 24.31
CA HIS D 81 13.20 -11.46 23.54
C HIS D 81 14.22 -12.47 24.06
N TYR D 82 13.79 -13.41 24.89
CA TYR D 82 14.67 -14.44 25.39
C TYR D 82 15.36 -15.19 24.26
N ALA D 83 14.59 -15.57 23.24
CA ALA D 83 15.22 -16.31 22.13
C ALA D 83 16.22 -15.48 21.36
N MET D 84 16.23 -14.16 21.48
CA MET D 84 17.20 -13.30 20.82
C MET D 84 18.36 -12.97 21.75
N GLY D 85 18.42 -13.62 22.90
CA GLY D 85 19.56 -13.47 23.80
C GLY D 85 19.36 -12.53 24.95
N MET D 86 18.18 -11.99 25.17
CA MET D 86 18.07 -10.95 26.20
C MET D 86 17.99 -11.55 27.60
N ILE D 87 19.14 -11.61 28.27
CA ILE D 87 19.18 -12.20 29.63
C ILE D 87 20.09 -11.38 30.52
N ALA D 88 20.02 -11.62 31.83
CA ALA D 88 20.96 -11.02 32.75
C ALA D 88 21.20 -12.09 33.85
N LEU D 89 22.38 -12.02 34.43
CA LEU D 89 22.73 -12.94 35.53
C LEU D 89 22.88 -12.10 36.80
N ILE D 90 22.15 -12.48 37.84
CA ILE D 90 22.28 -11.79 39.11
C ILE D 90 23.01 -12.74 40.06
N ALA D 91 24.11 -12.30 40.65
CA ALA D 91 24.87 -13.14 41.58
C ALA D 91 24.72 -12.53 42.98
N VAL D 92 24.09 -13.29 43.85
CA VAL D 92 23.84 -12.88 45.23
C VAL D 92 24.78 -13.58 46.19
N GLY D 93 25.66 -12.82 46.83
CA GLY D 93 26.62 -13.41 47.77
C GLY D 93 27.83 -13.94 47.04
N ASP D 94 28.82 -14.52 47.72
CA ASP D 94 29.99 -15.00 46.96
C ASP D 94 29.82 -16.48 46.58
N SER D 95 30.58 -16.92 45.60
CA SER D 95 30.62 -18.22 44.97
C SER D 95 29.30 -18.93 44.98
N PRO D 96 28.38 -18.43 44.16
CA PRO D 96 27.01 -18.93 44.11
C PRO D 96 27.00 -20.45 43.82
N ALA D 97 26.33 -21.19 44.69
CA ALA D 97 26.37 -22.64 44.64
C ALA D 97 25.82 -23.19 43.31
N ASN D 98 24.86 -22.47 42.73
CA ASN D 98 24.19 -22.99 41.55
C ASN D 98 24.68 -22.44 40.22
N LEU D 99 25.76 -21.68 40.17
CA LEU D 99 26.26 -21.08 38.95
C LEU D 99 26.66 -22.10 37.87
N ASP D 100 27.43 -23.13 38.19
CA ASP D 100 27.85 -24.12 37.20
C ASP D 100 26.63 -24.87 36.63
N GLN D 101 25.65 -25.12 37.48
CA GLN D 101 24.42 -25.77 37.06
C GLN D 101 23.74 -24.86 36.03
N ILE D 102 23.66 -23.56 36.32
CA ILE D 102 22.99 -22.69 35.34
C ILE D 102 23.75 -22.60 34.04
N VAL D 103 25.08 -22.61 34.12
CA VAL D 103 25.86 -22.51 32.86
C VAL D 103 25.65 -23.76 32.02
N SER D 104 25.49 -24.92 32.68
CA SER D 104 25.28 -26.15 31.91
C SER D 104 23.84 -26.34 31.45
N ALA D 105 22.84 -25.67 32.04
CA ALA D 105 21.45 -25.96 31.69
C ALA D 105 21.10 -25.71 30.22
N LYS D 106 20.07 -26.41 29.76
CA LYS D 106 19.63 -26.23 28.39
C LYS D 106 19.04 -24.84 28.16
N LYS D 107 19.49 -24.17 27.12
CA LYS D 107 18.97 -22.84 26.76
C LYS D 107 19.34 -22.52 25.31
N PRO D 108 18.72 -21.51 24.71
CA PRO D 108 19.05 -21.14 23.32
C PRO D 108 20.54 -20.85 23.16
N LYS D 109 21.05 -21.21 21.97
CA LYS D 109 22.47 -21.04 21.69
C LYS D 109 22.91 -19.60 21.86
N ILE D 110 22.06 -18.67 21.40
CA ILE D 110 22.46 -17.27 21.50
C ILE D 110 22.50 -16.85 22.97
N VAL D 111 21.55 -17.37 23.73
CA VAL D 111 21.59 -17.09 25.19
C VAL D 111 22.90 -17.57 25.80
N GLN D 112 23.24 -18.83 25.50
CA GLN D 112 24.45 -19.46 26.04
C GLN D 112 25.69 -18.63 25.70
N GLU D 113 25.79 -18.14 24.46
CA GLU D 113 26.93 -17.33 24.08
C GLU D 113 27.00 -16.03 24.86
N ARG D 114 25.84 -15.39 25.09
CA ARG D 114 25.94 -14.15 25.87
C ARG D 114 26.26 -14.38 27.35
N LEU D 115 25.69 -15.44 27.89
CA LEU D 115 25.93 -15.85 29.29
C LEU D 115 27.43 -16.07 29.49
N GLU D 116 28.04 -16.80 28.55
CA GLU D 116 29.46 -17.12 28.67
C GLU D 116 30.31 -15.86 28.63
N LYS D 117 29.87 -14.91 27.80
CA LYS D 117 30.60 -13.67 27.72
C LYS D 117 30.47 -12.88 29.01
N VAL D 118 29.24 -12.75 29.52
CA VAL D 118 29.07 -12.00 30.76
C VAL D 118 29.81 -12.60 31.93
N ILE D 119 29.89 -13.93 32.00
CA ILE D 119 30.62 -14.50 33.14
C ILE D 119 32.11 -14.25 33.00
N ALA D 120 32.59 -14.18 31.76
CA ALA D 120 34.02 -13.95 31.51
C ALA D 120 34.34 -12.46 31.61
N SER D 121 33.69 -11.73 30.73
CA SER D 121 33.70 -10.33 30.40
C SER D 121 32.45 -9.57 30.86
N ALA D 122 32.29 -9.47 32.17
CA ALA D 122 31.19 -8.74 32.80
C ALA D 122 31.21 -8.97 34.32
N LYS D 123 31.93 -10.01 34.72
CA LYS D 123 32.03 -10.43 36.12
C LYS D 123 32.68 -9.34 37.00
CU CU E . -12.39 20.89 11.44
CU CU F . -12.42 13.59 0.92
GD GD G . -10.19 4.45 25.63
GD GD H . -18.45 -10.20 24.90
GD GD I . -0.15 -31.42 21.44
CU CU J . 13.19 12.78 -22.92
CU CU K . 6.24 3.17 -18.25
GD GD L . -1.43 27.45 -19.96
GD GD M . -20.82 28.25 -21.95
GD GD N . -33.45 28.55 1.67
CU CU O . 13.46 -13.79 11.37
CU CU P . 2.15 -10.38 6.66
GD GD Q . 22.96 -14.51 -5.99
GD GD R . 17.07 -22.12 -22.00
GD GD S . 14.19 -2.23 -42.19
CU CU T . 12.98 -7.50 25.66
N THR A 2 -42.01 13.15 -4.76
CA THR A 2 -42.43 14.59 -4.75
C THR A 2 -42.08 15.24 -3.40
N ALA A 3 -42.38 16.50 -3.23
CA ALA A 3 -42.06 17.18 -1.94
C ALA A 3 -42.91 16.59 -0.81
N ALA A 4 -44.18 16.37 -1.03
CA ALA A 4 -45.04 15.81 0.05
C ALA A 4 -44.52 14.43 0.46
N GLU A 5 -44.10 13.65 -0.50
CA GLU A 5 -43.58 12.29 -0.16
C GLU A 5 -42.33 12.41 0.72
N ILE A 6 -41.42 13.28 0.37
CA ILE A 6 -40.18 13.43 1.19
C ILE A 6 -40.54 13.93 2.59
N ALA A 7 -41.45 14.87 2.68
CA ALA A 7 -41.85 15.40 4.02
C ALA A 7 -42.65 14.35 4.83
N ALA A 8 -43.25 13.38 4.20
CA ALA A 8 -44.04 12.36 4.96
C ALA A 8 -43.16 11.18 5.43
N LEU A 9 -41.93 11.09 4.99
CA LEU A 9 -41.07 9.95 5.44
C LEU A 9 -40.83 10.04 6.96
N PRO A 10 -40.86 8.92 7.65
CA PRO A 10 -40.63 8.89 9.13
C PRO A 10 -39.21 9.32 9.55
N ARG A 11 -39.09 10.18 10.53
CA ARG A 11 -37.77 10.64 11.00
C ARG A 11 -37.45 9.84 12.27
N GLN A 12 -36.26 9.35 12.37
CA GLN A 12 -35.90 8.54 13.57
C GLN A 12 -34.52 8.95 14.07
N LYS A 13 -34.44 9.30 15.30
CA LYS A 13 -33.14 9.72 15.88
C LYS A 13 -32.41 8.47 16.36
N VAL A 14 -31.12 8.47 16.24
CA VAL A 14 -30.32 7.30 16.68
C VAL A 14 -29.15 7.77 17.55
N GLU A 15 -28.93 7.09 18.63
CA GLU A 15 -27.84 7.45 19.55
C GLU A 15 -26.58 6.81 19.00
N LEU A 16 -25.53 7.56 18.95
CA LEU A 16 -24.27 6.99 18.38
C LEU A 16 -23.32 6.49 19.47
N VAL A 17 -22.51 5.50 19.18
CA VAL A 17 -21.56 5.00 20.18
C VAL A 17 -20.19 5.47 19.75
N ASP A 18 -19.19 5.06 20.43
CA ASP A 18 -17.81 5.49 20.04
C ASP A 18 -17.02 4.30 19.47
N PRO A 19 -16.26 4.52 18.43
CA PRO A 19 -15.44 3.45 17.80
C PRO A 19 -14.67 2.63 18.84
N PRO A 20 -14.35 1.41 18.52
CA PRO A 20 -14.69 0.80 17.20
C PRO A 20 -16.11 0.21 17.17
N PHE A 21 -16.86 0.35 18.23
CA PHE A 21 -18.23 -0.20 18.26
C PHE A 21 -19.11 0.53 17.23
N VAL A 22 -20.29 0.05 17.07
CA VAL A 22 -21.24 0.67 16.12
C VAL A 22 -22.59 0.73 16.82
N HIS A 23 -23.37 1.68 16.48
CA HIS A 23 -24.69 1.84 17.12
C HIS A 23 -25.58 0.64 16.80
N ALA A 24 -26.85 0.76 17.08
CA ALA A 24 -27.78 -0.38 16.80
C ALA A 24 -28.44 -0.17 15.43
N HIS A 25 -28.37 -1.17 14.59
CA HIS A 25 -29.00 -1.06 13.24
C HIS A 25 -29.29 -2.46 12.70
N SER A 26 -30.12 -2.56 11.69
CA SER A 26 -30.44 -3.89 11.11
C SER A 26 -29.82 -3.97 9.71
N GLN A 27 -29.31 -5.11 9.36
CA GLN A 27 -28.68 -5.24 8.01
C GLN A 27 -29.76 -4.96 7.01
N VAL A 28 -30.71 -5.83 6.93
CA VAL A 28 -31.84 -5.59 6.00
C VAL A 28 -32.63 -4.37 6.52
N ALA A 29 -33.00 -3.47 5.66
CA ALA A 29 -33.73 -2.25 6.10
C ALA A 29 -35.09 -2.64 6.67
N GLU A 30 -35.48 -1.99 7.72
CA GLU A 30 -36.80 -2.27 8.35
C GLU A 30 -37.76 -1.13 7.99
N GLY A 31 -38.69 -1.39 7.12
CA GLY A 31 -39.64 -0.32 6.71
C GLY A 31 -39.10 0.31 5.44
N GLY A 32 -39.73 1.35 4.99
CA GLY A 32 -39.26 2.01 3.75
C GLY A 32 -38.21 3.07 4.12
N PRO A 33 -37.94 3.95 3.21
CA PRO A 33 -36.94 5.04 3.41
C PRO A 33 -37.28 5.90 4.63
N LYS A 34 -36.30 6.31 5.37
CA LYS A 34 -36.57 7.16 6.57
C LYS A 34 -35.39 8.13 6.84
N VAL A 35 -35.72 9.34 7.23
CA VAL A 35 -34.71 10.37 7.55
C VAL A 35 -34.11 10.04 8.91
N VAL A 36 -32.90 9.59 8.88
CA VAL A 36 -32.18 9.21 10.10
C VAL A 36 -31.54 10.44 10.63
N GLU A 37 -31.72 10.66 11.87
CA GLU A 37 -31.16 11.88 12.49
C GLU A 37 -30.06 11.54 13.49
N PHE A 38 -28.94 12.18 13.35
CA PHE A 38 -27.80 11.96 14.28
C PHE A 38 -27.21 13.32 14.66
N THR A 39 -26.77 13.50 15.88
CA THR A 39 -26.20 14.81 16.30
C THR A 39 -24.82 14.60 16.90
N MET A 40 -23.85 15.35 16.46
CA MET A 40 -22.48 15.19 17.02
C MET A 40 -21.86 16.56 17.36
N VAL A 41 -21.33 16.68 18.56
CA VAL A 41 -20.69 17.94 18.99
C VAL A 41 -19.21 17.77 18.77
N ILE A 42 -18.58 18.77 18.27
CA ILE A 42 -17.13 18.67 17.98
C ILE A 42 -16.35 19.12 19.20
N GLU A 43 -15.32 18.42 19.54
CA GLU A 43 -14.54 18.82 20.74
C GLU A 43 -13.05 18.94 20.41
N GLU A 44 -12.49 20.12 20.54
CA GLU A 44 -11.03 20.28 20.25
C GLU A 44 -10.27 20.17 21.58
N LYS A 45 -9.52 19.11 21.78
CA LYS A 45 -8.80 18.97 23.05
C LYS A 45 -7.46 18.31 22.81
N LYS A 46 -6.69 18.20 23.83
CA LYS A 46 -5.35 17.56 23.69
C LYS A 46 -5.41 16.10 24.14
N ILE A 47 -5.00 15.20 23.29
CA ILE A 47 -5.01 13.76 23.64
C ILE A 47 -3.60 13.17 23.44
N VAL A 48 -3.23 12.24 24.27
CA VAL A 48 -1.93 11.60 24.19
C VAL A 48 -2.06 10.49 23.19
N ILE A 49 -1.05 10.26 22.46
CA ILE A 49 -1.13 9.20 21.40
C ILE A 49 0.18 8.42 21.31
N ASP A 50 0.81 8.18 22.42
CA ASP A 50 2.10 7.41 22.44
C ASP A 50 2.54 7.17 23.91
N ASP A 51 3.18 6.05 24.20
CA ASP A 51 3.62 5.79 25.61
C ASP A 51 4.60 6.88 26.12
N ALA A 52 5.09 7.77 25.29
CA ALA A 52 6.04 8.82 25.77
C ALA A 52 5.30 10.12 26.12
N GLY A 53 4.00 10.11 26.18
CA GLY A 53 3.24 11.37 26.53
C GLY A 53 3.16 12.36 25.34
N THR A 54 3.32 11.91 24.12
CA THR A 54 3.22 12.84 22.96
C THR A 54 1.78 13.34 22.93
N GLU A 55 1.58 14.56 22.60
CA GLU A 55 0.16 15.06 22.61
C GLU A 55 -0.19 15.75 21.29
N VAL A 56 -1.37 15.51 20.79
CA VAL A 56 -1.81 16.18 19.53
C VAL A 56 -3.19 16.86 19.72
N HIS A 57 -3.26 18.16 19.48
CA HIS A 57 -4.54 18.90 19.62
C HIS A 57 -5.53 18.29 18.65
N ALA A 58 -6.30 17.38 19.14
CA ALA A 58 -7.27 16.66 18.28
C ALA A 58 -8.53 17.48 18.05
N MET A 59 -9.07 17.32 16.88
CA MET A 59 -10.31 18.00 16.48
C MET A 59 -11.20 16.82 16.27
N ALA A 60 -12.16 16.65 17.10
CA ALA A 60 -12.86 15.38 16.98
C ALA A 60 -14.32 15.54 16.92
N PHE A 61 -14.87 14.85 16.02
CA PHE A 61 -16.36 14.85 15.90
C PHE A 61 -16.92 13.85 16.92
N ASN A 62 -17.79 14.28 17.80
CA ASN A 62 -18.33 13.34 18.83
C ASN A 62 -17.27 13.09 19.92
N GLY A 63 -16.24 13.90 20.01
CA GLY A 63 -15.18 13.69 21.04
C GLY A 63 -14.38 12.40 20.82
N THR A 64 -14.37 11.81 19.63
CA THR A 64 -13.54 10.56 19.46
C THR A 64 -12.87 10.47 18.06
N VAL A 65 -11.58 10.13 18.01
CA VAL A 65 -10.88 9.95 16.72
C VAL A 65 -10.70 8.45 16.54
N PRO A 66 -11.26 7.91 15.50
CA PRO A 66 -12.02 8.68 14.50
C PRO A 66 -13.49 8.87 14.86
N GLY A 67 -14.13 9.87 14.33
CA GLY A 67 -15.56 10.10 14.63
C GLY A 67 -16.27 8.75 14.66
N PRO A 68 -17.51 8.76 15.03
CA PRO A 68 -18.34 7.52 15.11
C PRO A 68 -18.90 7.10 13.75
N LEU A 69 -19.09 5.82 13.55
CA LEU A 69 -19.63 5.35 12.24
C LEU A 69 -21.18 5.40 12.25
N MET A 70 -21.76 6.19 11.38
CA MET A 70 -23.23 6.28 11.29
C MET A 70 -23.66 5.25 10.26
N VAL A 71 -24.74 4.62 10.48
CA VAL A 71 -25.17 3.57 9.51
C VAL A 71 -26.65 3.72 9.12
N VAL A 72 -26.88 3.87 7.85
CA VAL A 72 -28.26 3.97 7.31
C VAL A 72 -28.32 3.07 6.06
N HIS A 73 -29.46 2.99 5.42
CA HIS A 73 -29.56 2.14 4.22
C HIS A 73 -29.60 3.04 2.98
N GLN A 74 -29.51 2.44 1.83
CA GLN A 74 -29.53 3.21 0.57
C GLN A 74 -30.93 3.78 0.38
N ASP A 75 -31.00 5.02 0.03
CA ASP A 75 -32.34 5.66 -0.16
C ASP A 75 -32.67 6.50 1.08
N ASP A 76 -32.32 6.04 2.25
CA ASP A 76 -32.61 6.80 3.47
C ASP A 76 -31.79 8.10 3.47
N TYR A 77 -32.29 9.12 4.10
CA TYR A 77 -31.58 10.42 4.15
C TYR A 77 -30.95 10.62 5.53
N LEU A 78 -29.71 10.99 5.55
CA LEU A 78 -29.00 11.22 6.82
C LEU A 78 -29.10 12.70 7.14
N GLU A 79 -29.57 13.01 8.30
CA GLU A 79 -29.74 14.42 8.72
C GLU A 79 -28.91 14.59 9.95
N LEU A 80 -27.86 15.31 9.84
CA LEU A 80 -26.97 15.41 11.03
C LEU A 80 -26.87 16.84 11.56
N THR A 81 -27.22 17.00 12.81
CA THR A 81 -27.10 18.34 13.47
C THR A 81 -25.70 18.41 14.11
N LEU A 82 -24.83 19.23 13.58
CA LEU A 82 -23.48 19.35 14.10
C LEU A 82 -23.45 20.54 14.99
N ILE A 83 -22.64 20.51 15.95
CA ILE A 83 -22.58 21.64 16.91
C ILE A 83 -21.13 21.94 17.28
N ASN A 84 -20.75 23.17 17.15
CA ASN A 84 -19.36 23.59 17.51
C ASN A 84 -19.46 24.52 18.71
N PRO A 85 -19.20 24.00 19.87
CA PRO A 85 -19.29 24.74 21.16
C PRO A 85 -18.53 26.07 21.16
N GLU A 86 -18.99 27.01 21.94
CA GLU A 86 -18.28 28.32 22.00
C GLU A 86 -16.87 28.12 22.58
N THR A 87 -16.66 27.10 23.37
CA THR A 87 -15.30 26.87 23.96
C THR A 87 -14.27 26.63 22.86
N ASN A 88 -14.68 26.03 21.77
CA ASN A 88 -13.71 25.74 20.67
C ASN A 88 -13.18 27.06 20.10
N THR A 89 -12.09 27.01 19.39
CA THR A 89 -11.52 28.26 18.81
C THR A 89 -11.31 28.15 17.28
N LEU A 90 -11.80 27.12 16.62
CA LEU A 90 -11.59 27.04 15.13
C LEU A 90 -12.91 26.67 14.42
N MET A 91 -13.24 27.36 13.35
CA MET A 91 -14.49 27.02 12.61
C MET A 91 -14.29 25.68 11.89
N HIS A 92 -15.30 24.84 11.86
CA HIS A 92 -15.16 23.53 11.17
C HIS A 92 -16.17 23.40 10.03
N ASN A 93 -16.49 22.19 9.70
CA ASN A 93 -17.46 21.89 8.60
C ASN A 93 -17.38 20.38 8.32
N ILE A 94 -18.39 19.78 7.72
CA ILE A 94 -18.32 18.31 7.46
C ILE A 94 -18.65 17.99 6.00
N ASP A 95 -17.80 17.22 5.36
CA ASP A 95 -18.05 16.82 3.94
C ASP A 95 -18.17 15.29 3.89
N PHE A 96 -19.34 14.77 3.63
CA PHE A 96 -19.51 13.29 3.59
C PHE A 96 -19.36 12.78 2.15
N HIS A 97 -18.36 12.00 1.91
CA HIS A 97 -18.14 11.43 0.55
C HIS A 97 -19.43 10.76 0.03
N ALA A 98 -20.26 10.23 0.91
CA ALA A 98 -21.51 9.55 0.46
C ALA A 98 -22.62 10.54 0.08
N ALA A 99 -22.34 11.82 0.04
CA ALA A 99 -23.38 12.81 -0.34
C ALA A 99 -23.04 13.39 -1.71
N THR A 100 -23.96 14.11 -2.31
CA THR A 100 -23.68 14.70 -3.65
C THR A 100 -24.12 16.17 -3.70
N GLY A 101 -23.18 17.07 -3.84
CA GLY A 101 -23.51 18.55 -3.93
C GLY A 101 -22.92 19.35 -2.75
N ALA A 102 -22.36 20.53 -3.01
CA ALA A 102 -21.80 21.35 -1.88
C ALA A 102 -20.53 20.72 -1.30
N LEU A 103 -19.61 20.30 -2.13
CA LEU A 103 -18.33 19.73 -1.61
C LEU A 103 -18.61 18.66 -0.57
N GLY A 104 -19.67 17.92 -0.75
CA GLY A 104 -20.00 16.84 0.23
C GLY A 104 -20.61 17.43 1.50
N GLY A 105 -21.23 18.57 1.40
CA GLY A 105 -21.86 19.20 2.61
C GLY A 105 -20.92 20.21 3.29
N GLY A 106 -19.67 20.32 2.90
CA GLY A 106 -18.75 21.29 3.56
C GLY A 106 -19.15 22.74 3.24
N GLY A 107 -19.66 22.99 2.05
CA GLY A 107 -20.04 24.39 1.68
C GLY A 107 -21.31 24.85 2.44
N LEU A 108 -22.02 23.96 3.07
CA LEU A 108 -23.27 24.39 3.80
C LEU A 108 -23.20 23.93 5.27
N THR A 109 -22.03 23.82 5.82
CA THR A 109 -21.89 23.40 7.24
C THR A 109 -20.73 24.14 7.95
N GLU A 110 -20.30 25.28 7.45
CA GLU A 110 -19.21 26.04 8.11
C GLU A 110 -19.78 26.67 9.37
N ILE A 111 -19.37 26.20 10.51
CA ILE A 111 -19.94 26.76 11.76
C ILE A 111 -18.81 27.18 12.68
N ASN A 112 -18.81 28.42 13.06
CA ASN A 112 -17.73 28.91 13.98
C ASN A 112 -18.17 28.69 15.42
N PRO A 113 -17.24 28.67 16.34
CA PRO A 113 -17.54 28.48 17.78
C PRO A 113 -18.85 29.16 18.20
N GLY A 114 -19.75 28.43 18.80
CA GLY A 114 -21.05 29.03 19.21
C GLY A 114 -22.10 28.87 18.10
N GLU A 115 -21.85 28.03 17.12
CA GLU A 115 -22.87 27.87 16.03
C GLU A 115 -23.09 26.38 15.67
N LYS A 116 -24.33 26.00 15.38
CA LYS A 116 -24.62 24.59 14.98
C LYS A 116 -25.58 24.59 13.77
N THR A 117 -25.51 23.61 12.91
CA THR A 117 -26.41 23.61 11.75
C THR A 117 -26.99 22.22 11.59
N ILE A 118 -27.73 22.04 10.56
CA ILE A 118 -28.34 20.71 10.30
C ILE A 118 -28.34 20.48 8.79
N LEU A 119 -27.66 19.47 8.34
CA LEU A 119 -27.61 19.21 6.87
C LEU A 119 -28.16 17.82 6.57
N ARG A 120 -29.05 17.74 5.63
CA ARG A 120 -29.64 16.41 5.27
C ARG A 120 -29.30 16.06 3.81
N PHE A 121 -28.87 14.84 3.57
CA PHE A 121 -28.53 14.41 2.19
C PHE A 121 -29.06 12.98 1.97
N LYS A 122 -29.47 12.69 0.77
CA LYS A 122 -30.00 11.34 0.44
C LYS A 122 -28.84 10.39 0.15
N ALA A 123 -28.82 9.29 0.82
CA ALA A 123 -27.76 8.28 0.63
C ALA A 123 -28.16 7.49 -0.58
N THR A 124 -27.68 7.91 -1.69
CA THR A 124 -28.12 7.25 -2.98
C THR A 124 -27.21 6.08 -3.41
N LYS A 125 -26.08 5.89 -2.80
CA LYS A 125 -25.19 4.78 -3.21
C LYS A 125 -24.81 3.96 -1.99
N PRO A 126 -24.80 2.68 -2.13
CA PRO A 126 -24.47 1.75 -1.02
C PRO A 126 -22.95 1.52 -0.85
N GLY A 127 -22.47 1.56 0.36
CA GLY A 127 -21.01 1.33 0.56
C GLY A 127 -20.47 2.23 1.67
N VAL A 128 -19.39 1.81 2.30
CA VAL A 128 -18.79 2.61 3.37
C VAL A 128 -18.13 3.82 2.73
N PHE A 129 -18.14 4.92 3.40
CA PHE A 129 -17.54 6.12 2.81
C PHE A 129 -16.93 6.93 3.93
N VAL A 130 -15.89 7.65 3.66
CA VAL A 130 -15.26 8.45 4.77
C VAL A 130 -15.75 9.93 4.81
N TYR A 131 -16.17 10.41 5.97
CA TYR A 131 -16.59 11.82 6.11
C TYR A 131 -15.44 12.54 6.82
N HIS A 132 -15.29 13.82 6.61
CA HIS A 132 -14.15 14.53 7.26
C HIS A 132 -14.34 16.05 7.18
N CYS A 133 -13.94 16.78 8.19
CA CYS A 133 -14.09 18.26 8.17
C CYS A 133 -13.09 18.84 7.18
N ALA A 134 -13.43 19.90 6.50
CA ALA A 134 -12.47 20.45 5.51
C ALA A 134 -12.71 21.92 5.25
N PRO A 135 -12.39 22.75 6.19
CA PRO A 135 -12.54 24.23 6.06
C PRO A 135 -11.62 24.78 4.97
N PRO A 136 -12.18 25.46 4.01
CA PRO A 136 -11.41 26.03 2.87
C PRO A 136 -10.05 26.61 3.28
N GLY A 137 -8.97 26.08 2.74
CA GLY A 137 -7.62 26.63 3.08
C GLY A 137 -6.93 25.83 4.22
N MET A 138 -7.64 25.05 4.98
CA MET A 138 -6.98 24.30 6.08
C MET A 138 -7.54 22.89 6.12
N VAL A 139 -7.79 22.34 4.97
CA VAL A 139 -8.36 20.96 4.91
C VAL A 139 -7.41 19.94 5.56
N PRO A 140 -6.25 19.72 4.98
CA PRO A 140 -5.25 18.74 5.47
C PRO A 140 -4.97 18.85 6.97
N TRP A 141 -5.03 20.03 7.51
CA TRP A 141 -4.75 20.17 8.97
C TRP A 141 -5.90 19.59 9.80
N HIS A 142 -7.10 19.96 9.47
CA HIS A 142 -8.28 19.45 10.22
C HIS A 142 -8.39 17.92 10.11
N VAL A 143 -8.07 17.36 8.98
CA VAL A 143 -8.19 15.88 8.82
C VAL A 143 -7.07 15.18 9.60
N VAL A 144 -5.86 15.62 9.44
CA VAL A 144 -4.73 14.97 10.15
C VAL A 144 -4.93 15.11 11.67
N SER A 145 -5.56 16.18 12.09
CA SER A 145 -5.78 16.37 13.55
C SER A 145 -6.77 15.32 14.09
N GLY A 146 -7.30 14.50 13.22
CA GLY A 146 -8.26 13.45 13.69
C GLY A 146 -9.72 13.91 13.47
N MET A 147 -9.98 14.78 12.52
CA MET A 147 -11.38 15.22 12.28
C MET A 147 -11.96 14.45 11.08
N ASN A 148 -12.15 13.18 11.23
CA ASN A 148 -12.70 12.37 10.11
C ASN A 148 -13.14 10.99 10.63
N GLY A 149 -14.14 10.44 10.02
CA GLY A 149 -14.67 9.09 10.44
C GLY A 149 -15.21 8.36 9.20
N ALA A 150 -16.37 7.74 9.29
CA ALA A 150 -16.93 7.03 8.10
C ALA A 150 -18.37 6.57 8.34
N ILE A 151 -19.18 6.57 7.32
CA ILE A 151 -20.59 6.11 7.47
C ILE A 151 -20.84 4.91 6.54
N MET A 152 -21.68 4.00 6.94
CA MET A 152 -21.96 2.80 6.08
C MET A 152 -23.41 2.80 5.60
N VAL A 153 -23.61 2.92 4.32
CA VAL A 153 -24.98 2.90 3.76
C VAL A 153 -25.19 1.51 3.23
N LEU A 154 -25.89 0.71 3.95
CA LEU A 154 -26.03 -0.72 3.52
C LEU A 154 -27.22 -0.92 2.58
N PRO A 155 -27.05 -1.75 1.57
CA PRO A 155 -28.14 -2.07 0.63
C PRO A 155 -29.44 -2.40 1.39
N ARG A 156 -30.56 -1.98 0.89
CA ARG A 156 -31.85 -2.25 1.60
C ARG A 156 -31.99 -3.74 1.91
N GLU A 157 -31.46 -4.58 1.06
CA GLU A 157 -31.57 -6.06 1.30
C GLU A 157 -30.34 -6.62 2.04
N GLY A 158 -29.52 -5.78 2.63
CA GLY A 158 -28.33 -6.30 3.36
C GLY A 158 -27.16 -6.47 2.39
N LEU A 159 -26.12 -7.15 2.82
CA LEU A 159 -24.95 -7.36 1.92
C LEU A 159 -24.95 -8.78 1.34
N HIS A 160 -24.49 -8.94 0.12
CA HIS A 160 -24.44 -10.27 -0.51
C HIS A 160 -23.10 -10.42 -1.24
N ASP A 161 -22.72 -11.61 -1.58
CA ASP A 161 -21.43 -11.82 -2.29
C ASP A 161 -21.56 -11.43 -3.77
N GLY A 162 -20.69 -11.92 -4.62
CA GLY A 162 -20.76 -11.57 -6.07
C GLY A 162 -21.84 -12.42 -6.78
N LYS A 163 -22.22 -13.54 -6.22
CA LYS A 163 -23.26 -14.40 -6.90
C LYS A 163 -24.67 -14.13 -6.32
N GLY A 164 -24.83 -13.16 -5.46
CA GLY A 164 -26.20 -12.88 -4.89
C GLY A 164 -26.42 -13.55 -3.50
N LYS A 165 -25.57 -14.44 -3.06
CA LYS A 165 -25.76 -15.09 -1.75
C LYS A 165 -25.71 -14.05 -0.64
N ALA A 166 -26.60 -14.14 0.30
CA ALA A 166 -26.61 -13.14 1.42
C ALA A 166 -25.44 -13.38 2.40
N LEU A 167 -24.77 -12.33 2.78
CA LEU A 167 -23.64 -12.40 3.74
C LEU A 167 -24.06 -11.58 4.96
N THR A 168 -24.36 -12.24 6.03
CA THR A 168 -24.85 -11.55 7.23
C THR A 168 -23.80 -11.68 8.29
N TYR A 169 -23.43 -10.60 8.84
CA TYR A 169 -22.35 -10.63 9.87
C TYR A 169 -22.95 -10.61 11.28
N ASP A 170 -22.36 -11.34 12.20
CA ASP A 170 -22.86 -11.35 13.60
C ASP A 170 -22.38 -10.09 14.35
N LYS A 171 -21.25 -9.54 13.97
CA LYS A 171 -20.73 -8.33 14.67
C LYS A 171 -19.96 -7.48 13.68
N ILE A 172 -19.88 -6.20 13.92
CA ILE A 172 -19.13 -5.30 12.99
C ILE A 172 -18.35 -4.26 13.80
N TYR A 173 -17.11 -4.06 13.46
CA TYR A 173 -16.28 -3.06 14.16
C TYR A 173 -15.74 -2.07 13.14
N TYR A 174 -15.54 -0.85 13.56
CA TYR A 174 -15.02 0.19 12.62
C TYR A 174 -13.66 0.67 13.13
N VAL A 175 -12.64 0.43 12.37
CA VAL A 175 -11.27 0.84 12.78
C VAL A 175 -10.80 2.00 11.90
N GLY A 176 -10.83 3.19 12.41
CA GLY A 176 -10.38 4.37 11.65
C GLY A 176 -8.88 4.55 11.89
N GLU A 177 -8.14 4.65 10.85
CA GLU A 177 -6.68 4.79 10.96
C GLU A 177 -6.38 6.26 10.81
N GLN A 178 -5.40 6.72 11.51
CA GLN A 178 -5.10 8.18 11.42
C GLN A 178 -3.60 8.41 11.41
N ASP A 179 -3.10 9.04 10.37
CA ASP A 179 -1.64 9.34 10.31
C ASP A 179 -1.40 10.76 10.85
N PHE A 180 -0.68 10.90 11.93
CA PHE A 180 -0.43 12.23 12.48
C PHE A 180 0.92 12.75 12.00
N TYR A 181 1.23 13.93 12.37
CA TYR A 181 2.51 14.57 11.98
C TYR A 181 2.88 15.51 13.11
N VAL A 182 3.55 15.00 14.09
CA VAL A 182 3.86 15.82 15.29
C VAL A 182 5.23 16.44 15.15
N PRO A 183 5.29 17.72 15.34
CA PRO A 183 6.58 18.48 15.24
C PRO A 183 7.56 18.13 16.39
N ARG A 184 8.83 17.96 16.07
CA ARG A 184 9.85 17.64 17.11
C ARG A 184 10.90 18.75 17.13
N ASP A 185 11.49 19.01 18.25
CA ASP A 185 12.52 20.09 18.33
C ASP A 185 13.81 19.62 17.67
N GLU A 186 14.91 20.27 17.96
CA GLU A 186 16.21 19.86 17.35
C GLU A 186 16.73 18.56 17.98
N ASN A 187 16.43 18.31 19.23
CA ASN A 187 16.92 17.06 19.89
C ASN A 187 16.07 15.83 19.55
N GLY A 188 15.01 15.98 18.77
CA GLY A 188 14.17 14.80 18.43
C GLY A 188 13.02 14.59 19.45
N LYS A 189 12.75 15.53 20.32
CA LYS A 189 11.64 15.37 21.30
C LYS A 189 10.37 16.03 20.76
N TYR A 190 9.26 15.35 20.84
CA TYR A 190 7.99 15.91 20.34
C TYR A 190 7.74 17.23 21.05
N LYS A 191 7.20 18.17 20.36
CA LYS A 191 6.94 19.50 20.99
C LYS A 191 5.44 19.64 21.34
N LYS A 192 5.16 20.29 22.44
CA LYS A 192 3.75 20.50 22.84
C LYS A 192 3.45 21.99 22.73
N TYR A 193 2.22 22.34 22.64
CA TYR A 193 1.87 23.77 22.51
C TYR A 193 0.70 24.07 23.42
N GLU A 194 0.35 25.30 23.51
CA GLU A 194 -0.78 25.70 24.39
C GLU A 194 -2.11 25.59 23.63
N ALA A 195 -2.19 26.10 22.42
CA ALA A 195 -3.46 26.02 21.67
C ALA A 195 -3.24 25.28 20.37
N PRO A 196 -4.29 25.04 19.65
CA PRO A 196 -4.24 24.32 18.34
C PRO A 196 -3.56 25.13 17.22
N GLY A 197 -3.74 26.43 17.18
CA GLY A 197 -3.10 27.24 16.09
C GLY A 197 -1.60 27.39 16.33
N ASP A 198 -1.17 27.40 17.55
CA ASP A 198 0.29 27.57 17.84
C ASP A 198 1.11 26.48 17.13
N ALA A 199 0.53 25.35 16.86
CA ALA A 199 1.30 24.25 16.18
C ALA A 199 0.90 24.12 14.70
N TYR A 200 0.35 25.14 14.11
CA TYR A 200 -0.03 25.06 12.66
C TYR A 200 1.21 25.13 11.72
N GLU A 201 2.11 26.07 11.91
CA GLU A 201 3.28 26.17 10.98
C GLU A 201 4.20 24.96 11.14
N ASP A 202 4.51 24.61 12.36
CA ASP A 202 5.42 23.45 12.58
C ASP A 202 4.78 22.16 12.08
N THR A 203 3.49 22.03 12.19
CA THR A 203 2.82 20.79 11.73
C THR A 203 2.84 20.74 10.21
N VAL A 204 2.52 21.82 9.57
CA VAL A 204 2.54 21.84 8.08
C VAL A 204 3.91 21.37 7.59
N LYS A 205 4.95 21.86 8.19
CA LYS A 205 6.31 21.43 7.76
C LYS A 205 6.40 19.91 7.81
N VAL A 206 5.96 19.31 8.88
CA VAL A 206 6.01 17.83 8.99
C VAL A 206 5.09 17.18 7.94
N MET A 207 3.92 17.73 7.74
CA MET A 207 2.98 17.14 6.73
C MET A 207 3.60 17.18 5.33
N ARG A 208 4.33 18.20 4.99
CA ARG A 208 4.94 18.30 3.64
C ARG A 208 5.85 17.10 3.41
N THR A 209 6.55 16.69 4.42
CA THR A 209 7.48 15.53 4.27
C THR A 209 6.71 14.26 3.84
N LEU A 210 5.40 14.26 3.91
CA LEU A 210 4.63 13.05 3.52
C LEU A 210 5.06 11.87 4.37
N THR A 211 5.55 12.11 5.56
CA THR A 211 5.99 10.98 6.43
C THR A 211 5.38 11.18 7.82
N PRO A 212 4.36 10.42 8.13
CA PRO A 212 3.66 10.53 9.46
C PRO A 212 4.51 10.02 10.64
N THR A 213 4.62 10.79 11.70
CA THR A 213 5.41 10.33 12.87
C THR A 213 4.67 9.17 13.57
N HIS A 214 3.36 9.08 13.43
CA HIS A 214 2.62 7.98 14.09
C HIS A 214 1.37 7.64 13.26
N VAL A 215 1.15 6.37 13.03
CA VAL A 215 -0.04 5.95 12.25
C VAL A 215 -0.77 5.00 13.14
N VAL A 216 -1.94 5.30 13.55
CA VAL A 216 -2.56 4.36 14.52
C VAL A 216 -4.03 4.15 14.27
N PHE A 217 -4.60 3.35 15.11
CA PHE A 217 -6.06 3.07 14.98
C PHE A 217 -6.78 3.46 16.27
N ASN A 218 -7.91 4.09 16.16
CA ASN A 218 -8.66 4.51 17.39
C ASN A 218 -8.09 5.80 18.02
N GLY A 219 -7.11 6.43 17.39
CA GLY A 219 -6.54 7.68 17.97
C GLY A 219 -5.32 7.45 18.93
N ALA A 220 -4.69 6.30 18.98
CA ALA A 220 -3.51 6.16 19.90
C ALA A 220 -2.79 4.81 19.70
N VAL A 221 -1.48 4.81 19.72
CA VAL A 221 -0.75 3.52 19.55
C VAL A 221 -1.21 2.55 20.65
N GLY A 222 -1.61 1.37 20.28
CA GLY A 222 -2.11 0.40 21.31
C GLY A 222 -3.57 0.69 21.76
N ALA A 223 -4.35 1.46 21.01
CA ALA A 223 -5.75 1.72 21.44
C ALA A 223 -6.64 0.46 21.27
N LEU A 224 -6.32 -0.44 20.36
CA LEU A 224 -7.17 -1.64 20.16
C LEU A 224 -6.37 -2.91 20.46
N THR A 225 -5.45 -2.83 21.37
CA THR A 225 -4.62 -4.03 21.71
C THR A 225 -4.60 -4.19 23.23
N GLY A 226 -4.35 -5.39 23.71
CA GLY A 226 -4.29 -5.63 25.17
C GLY A 226 -5.71 -5.89 25.68
N ASP A 227 -6.14 -5.15 26.66
CA ASP A 227 -7.53 -5.34 27.19
C ASP A 227 -8.56 -4.73 26.23
N LYS A 228 -8.14 -3.88 25.32
CA LYS A 228 -9.12 -3.25 24.38
C LYS A 228 -9.13 -4.00 23.04
N ALA A 229 -8.56 -5.18 22.98
CA ALA A 229 -8.54 -5.93 21.70
C ALA A 229 -9.98 -6.37 21.35
N MET A 230 -10.37 -6.23 20.10
CA MET A 230 -11.74 -6.63 19.74
C MET A 230 -11.97 -8.05 20.24
N THR A 231 -13.01 -8.65 19.79
CA THR A 231 -13.32 -10.05 20.21
C THR A 231 -14.14 -10.76 19.10
N ALA A 232 -14.00 -12.07 19.02
CA ALA A 232 -14.72 -12.89 18.02
C ALA A 232 -14.56 -14.36 18.39
N ALA A 233 -15.54 -15.19 18.12
CA ALA A 233 -15.42 -16.62 18.48
C ALA A 233 -15.48 -17.48 17.22
N VAL A 234 -14.80 -18.59 17.23
CA VAL A 234 -14.79 -19.48 16.05
C VAL A 234 -16.21 -19.67 15.57
N GLY A 235 -16.42 -19.53 14.30
CA GLY A 235 -17.80 -19.68 13.75
C GLY A 235 -18.54 -18.32 13.69
N GLU A 236 -17.91 -17.25 14.12
CA GLU A 236 -18.58 -15.92 14.10
C GLU A 236 -18.15 -15.17 12.83
N LYS A 237 -19.08 -14.49 12.23
CA LYS A 237 -18.80 -13.73 11.00
C LYS A 237 -18.66 -12.28 11.42
N VAL A 238 -17.62 -11.65 11.04
CA VAL A 238 -17.44 -10.26 11.50
C VAL A 238 -17.02 -9.35 10.36
N LEU A 239 -17.66 -8.23 10.25
CA LEU A 239 -17.33 -7.25 9.20
C LEU A 239 -16.46 -6.16 9.82
N ILE A 240 -15.33 -5.88 9.24
CA ILE A 240 -14.42 -4.86 9.79
C ILE A 240 -14.28 -3.70 8.80
N VAL A 241 -14.92 -2.62 9.10
CA VAL A 241 -14.86 -1.43 8.23
C VAL A 241 -13.63 -0.64 8.61
N HIS A 242 -12.90 -0.20 7.65
CA HIS A 242 -11.66 0.55 7.95
C HIS A 242 -11.64 1.78 7.07
N SER A 243 -11.20 2.87 7.61
CA SER A 243 -11.16 4.13 6.82
C SER A 243 -9.83 4.88 7.02
N GLN A 244 -9.45 5.61 6.02
CA GLN A 244 -8.21 6.44 6.02
C GLN A 244 -8.56 7.67 5.18
N ALA A 245 -8.78 8.77 5.83
CA ALA A 245 -9.24 10.00 5.09
C ALA A 245 -8.12 10.78 4.38
N ASN A 246 -6.89 10.45 4.61
CA ASN A 246 -5.79 11.21 3.94
C ASN A 246 -4.47 10.39 3.90
N ARG A 247 -4.56 9.11 3.66
CA ARG A 247 -3.32 8.27 3.59
C ARG A 247 -3.69 6.85 3.11
N ASP A 248 -2.98 6.28 2.16
CA ASP A 248 -3.35 4.89 1.71
C ASP A 248 -2.81 3.82 2.68
N THR A 249 -3.63 2.85 3.06
CA THR A 249 -3.16 1.78 3.96
C THR A 249 -3.33 0.44 3.25
N ARG A 250 -3.10 -0.61 3.96
CA ARG A 250 -3.24 -1.99 3.38
C ARG A 250 -3.52 -2.96 4.53
N PRO A 251 -4.77 -3.09 4.88
CA PRO A 251 -5.23 -3.95 6.00
C PRO A 251 -4.85 -5.42 5.84
N HIS A 252 -4.59 -6.08 6.94
CA HIS A 252 -4.23 -7.53 6.90
C HIS A 252 -4.47 -8.19 8.29
N LEU A 253 -5.34 -9.18 8.35
CA LEU A 253 -5.61 -9.90 9.63
C LEU A 253 -4.61 -11.04 9.76
N ILE A 254 -3.67 -10.87 10.64
CA ILE A 254 -2.61 -11.88 10.85
C ILE A 254 -3.26 -13.15 11.37
N GLY A 255 -3.07 -14.20 10.68
CA GLY A 255 -3.67 -15.49 11.10
C GLY A 255 -5.01 -15.73 10.38
N GLY A 256 -5.57 -14.72 9.75
CA GLY A 256 -6.86 -14.93 9.05
C GLY A 256 -6.78 -14.34 7.64
N HIS A 257 -7.90 -13.95 7.10
CA HIS A 257 -7.90 -13.37 5.73
C HIS A 257 -9.28 -12.75 5.44
N GLY A 258 -9.34 -11.84 4.53
CA GLY A 258 -10.64 -11.18 4.19
C GLY A 258 -11.39 -12.11 3.24
N ASP A 259 -12.34 -12.82 3.75
CA ASP A 259 -13.10 -13.77 2.89
C ASP A 259 -13.67 -13.00 1.72
N TYR A 260 -14.37 -11.96 2.03
CA TYR A 260 -14.96 -11.08 0.98
C TYR A 260 -14.57 -9.66 1.35
N VAL A 261 -13.94 -8.94 0.47
CA VAL A 261 -13.50 -7.57 0.86
C VAL A 261 -13.84 -6.54 -0.21
N TRP A 262 -14.77 -5.68 0.09
CA TRP A 262 -15.11 -4.58 -0.86
C TRP A 262 -14.02 -3.55 -0.67
N ALA A 263 -12.94 -3.75 -1.35
CA ALA A 263 -11.73 -2.87 -1.16
C ALA A 263 -12.10 -1.44 -1.42
N THR A 264 -12.82 -1.23 -2.45
CA THR A 264 -13.21 0.16 -2.82
C THR A 264 -14.27 0.69 -1.85
N GLY A 265 -14.81 -0.15 -1.01
CA GLY A 265 -15.86 0.33 -0.04
C GLY A 265 -17.23 0.58 -0.74
N LYS A 266 -17.44 0.00 -1.89
CA LYS A 266 -18.72 0.17 -2.62
C LYS A 266 -19.38 -1.21 -2.71
N PHE A 267 -20.60 -1.31 -2.34
CA PHE A 267 -21.28 -2.65 -2.36
C PHE A 267 -21.59 -3.07 -3.80
N ASN A 268 -21.97 -2.14 -4.62
CA ASN A 268 -22.30 -2.48 -6.04
C ASN A 268 -21.09 -3.15 -6.69
N THR A 269 -19.92 -2.77 -6.30
CA THR A 269 -18.70 -3.37 -6.90
C THR A 269 -18.42 -4.71 -6.22
N PRO A 270 -18.44 -5.76 -6.99
CA PRO A 270 -18.21 -7.14 -6.45
C PRO A 270 -17.04 -7.19 -5.45
N PRO A 271 -17.19 -7.89 -4.35
CA PRO A 271 -16.10 -7.97 -3.32
C PRO A 271 -14.99 -8.99 -3.64
N ASP A 272 -13.73 -8.58 -3.74
CA ASP A 272 -12.67 -9.58 -4.00
C ASP A 272 -12.87 -10.70 -3.00
N VAL A 273 -12.17 -11.78 -3.14
CA VAL A 273 -12.37 -12.90 -2.17
C VAL A 273 -11.02 -13.59 -1.86
N ASP A 274 -10.91 -14.13 -0.68
CA ASP A 274 -9.66 -14.84 -0.29
C ASP A 274 -8.56 -13.82 -0.32
N GLN A 275 -8.74 -12.74 0.40
CA GLN A 275 -7.68 -11.68 0.35
C GLN A 275 -6.71 -11.75 1.55
N GLU A 276 -5.41 -11.80 1.29
CA GLU A 276 -4.43 -11.79 2.42
C GLU A 276 -4.20 -10.33 2.90
N THR A 277 -4.14 -9.38 1.99
CA THR A 277 -3.91 -7.96 2.36
C THR A 277 -4.61 -7.10 1.32
N TRP A 278 -5.50 -6.27 1.73
CA TRP A 278 -6.25 -5.45 0.74
C TRP A 278 -5.57 -4.10 0.59
N PHE A 279 -6.24 -3.18 -0.01
CA PHE A 279 -5.65 -1.83 -0.20
C PHE A 279 -6.75 -0.75 -0.26
N ILE A 280 -6.72 0.18 0.66
CA ILE A 280 -7.71 1.28 0.68
C ILE A 280 -6.96 2.59 0.50
N PRO A 281 -7.23 3.28 -0.57
CA PRO A 281 -6.53 4.55 -0.91
C PRO A 281 -6.95 5.75 -0.05
N GLY A 282 -5.99 6.52 0.41
CA GLY A 282 -6.32 7.71 1.21
C GLY A 282 -7.59 8.33 0.64
N GLY A 283 -8.45 8.78 1.49
CA GLY A 283 -9.73 9.37 1.04
C GLY A 283 -10.76 8.26 0.75
N ALA A 284 -10.71 7.15 1.45
CA ALA A 284 -11.73 6.09 1.15
C ALA A 284 -11.84 5.05 2.27
N ALA A 285 -13.01 4.50 2.48
CA ALA A 285 -13.17 3.45 3.54
C ALA A 285 -13.64 2.13 2.89
N GLY A 286 -13.06 1.02 3.27
CA GLY A 286 -13.48 -0.28 2.66
C GLY A 286 -14.13 -1.15 3.72
N ALA A 287 -14.31 -2.42 3.44
CA ALA A 287 -14.95 -3.33 4.42
C ALA A 287 -14.58 -4.78 4.11
N ALA A 288 -14.22 -5.54 5.10
CA ALA A 288 -13.85 -6.96 4.88
C ALA A 288 -14.71 -7.84 5.79
N PHE A 289 -15.18 -8.94 5.28
CA PHE A 289 -16.03 -9.85 6.08
C PHE A 289 -15.32 -11.19 6.20
N TYR A 290 -15.14 -11.69 7.38
CA TYR A 290 -14.41 -12.97 7.52
C TYR A 290 -14.99 -13.80 8.67
N THR A 291 -15.11 -15.07 8.44
CA THR A 291 -15.62 -16.00 9.48
C THR A 291 -14.42 -16.63 10.18
N PHE A 292 -14.31 -16.39 11.45
CA PHE A 292 -13.15 -16.92 12.22
C PHE A 292 -13.24 -18.43 12.32
N GLN A 293 -12.14 -19.09 12.11
CA GLN A 293 -12.12 -20.59 12.20
C GLN A 293 -11.14 -21.09 13.28
N GLN A 294 -10.27 -20.24 13.81
CA GLN A 294 -9.31 -20.71 14.85
C GLN A 294 -9.27 -19.72 16.00
N PRO A 295 -9.22 -20.22 17.20
CA PRO A 295 -9.18 -19.38 18.44
C PRO A 295 -7.76 -18.94 18.78
N GLY A 296 -7.65 -17.86 19.48
CA GLY A 296 -6.29 -17.37 19.85
C GLY A 296 -6.22 -15.86 19.62
N ILE A 297 -5.06 -15.29 19.71
CA ILE A 297 -4.92 -13.83 19.50
C ILE A 297 -4.42 -13.55 18.06
N TYR A 298 -5.10 -12.68 17.36
CA TYR A 298 -4.68 -12.34 15.97
C TYR A 298 -4.48 -10.83 15.88
N ALA A 299 -3.46 -10.40 15.19
CA ALA A 299 -3.20 -8.95 15.07
C ALA A 299 -3.76 -8.49 13.74
N TYR A 300 -4.26 -7.30 13.69
CA TYR A 300 -4.83 -6.82 12.41
C TYR A 300 -4.22 -5.48 12.15
N VAL A 301 -3.46 -5.33 11.12
CA VAL A 301 -2.83 -4.00 10.99
C VAL A 301 -2.39 -3.69 9.57
N ASN A 302 -1.97 -2.48 9.41
CA ASN A 302 -1.48 -2.01 8.10
C ASN A 302 -0.26 -2.83 7.81
N HIS A 303 -0.22 -3.42 6.67
CA HIS A 303 0.94 -4.30 6.40
C HIS A 303 2.18 -3.47 6.46
N ASN A 304 2.23 -2.34 5.82
CA ASN A 304 3.50 -1.58 6.03
C ASN A 304 4.01 -1.97 7.46
N LEU A 305 4.79 -3.03 7.58
CA LEU A 305 5.23 -3.52 8.92
C LEU A 305 5.76 -2.36 9.71
N ILE A 306 6.54 -1.57 9.09
CA ILE A 306 7.11 -0.38 9.80
C ILE A 306 5.97 0.45 10.35
N GLU A 307 5.01 0.76 9.51
CA GLU A 307 3.84 1.55 9.98
C GLU A 307 3.03 0.75 11.06
N ALA A 308 3.00 -0.55 10.98
CA ALA A 308 2.21 -1.34 11.99
C ALA A 308 3.00 -1.64 13.30
N PHE A 309 4.31 -1.74 13.29
CA PHE A 309 5.01 -2.06 14.56
C PHE A 309 5.83 -0.88 15.06
N GLU A 310 6.40 -0.13 14.17
CA GLU A 310 7.22 1.04 14.59
C GLU A 310 6.38 2.33 14.73
N LEU A 311 5.30 2.48 13.99
CA LEU A 311 4.51 3.75 14.10
C LEU A 311 3.36 3.54 15.08
N GLY A 312 2.66 2.46 14.94
CA GLY A 312 1.51 2.18 15.85
C GLY A 312 0.23 1.78 15.06
N ALA A 313 0.34 1.14 13.92
CA ALA A 313 -0.89 0.74 13.18
C ALA A 313 -1.14 -0.77 13.38
N ALA A 314 -1.39 -1.21 14.60
CA ALA A 314 -1.63 -2.66 14.81
C ALA A 314 -2.58 -2.90 16.00
N ALA A 315 -3.70 -3.54 15.76
CA ALA A 315 -4.65 -3.83 16.87
C ALA A 315 -4.67 -5.34 17.05
N HIS A 316 -5.49 -5.85 17.93
CA HIS A 316 -5.50 -7.34 18.10
C HIS A 316 -6.90 -7.87 18.47
N PHE A 317 -7.31 -8.96 17.84
CA PHE A 317 -8.65 -9.56 18.18
C PHE A 317 -8.45 -10.90 18.95
N LYS A 318 -9.09 -11.03 20.10
CA LYS A 318 -8.99 -12.25 20.91
C LYS A 318 -10.18 -13.08 20.51
N VAL A 319 -9.94 -14.30 20.20
CA VAL A 319 -11.04 -15.15 19.73
C VAL A 319 -11.11 -16.39 20.57
N THR A 320 -12.28 -16.77 20.92
CA THR A 320 -12.45 -17.99 21.76
C THR A 320 -13.03 -19.13 20.92
N GLY A 321 -12.82 -20.36 21.32
CA GLY A 321 -13.37 -21.50 20.53
C GLY A 321 -12.43 -22.70 20.62
N GLU A 322 -12.62 -23.66 19.75
CA GLU A 322 -11.75 -24.87 19.77
C GLU A 322 -10.81 -24.82 18.56
N TRP A 323 -9.58 -25.17 18.79
CA TRP A 323 -8.58 -25.16 17.70
C TRP A 323 -8.93 -26.25 16.71
N ASN A 324 -8.54 -26.05 15.50
CA ASN A 324 -8.82 -27.04 14.43
C ASN A 324 -7.50 -27.48 13.85
N ASP A 325 -7.08 -28.67 14.16
CA ASP A 325 -5.77 -29.16 13.67
C ASP A 325 -5.81 -29.33 12.16
N ASP A 326 -6.92 -29.73 11.64
CA ASP A 326 -7.03 -29.92 10.16
C ASP A 326 -6.48 -28.68 9.46
N LEU A 327 -6.87 -27.53 9.90
CA LEU A 327 -6.39 -26.27 9.29
C LEU A 327 -4.91 -26.06 9.61
N MET A 328 -4.46 -26.33 10.82
CA MET A 328 -3.03 -26.10 11.12
C MET A 328 -2.63 -26.86 12.37
N THR A 329 -1.51 -27.53 12.34
CA THR A 329 -1.07 -28.28 13.55
C THR A 329 0.47 -28.32 13.64
N SER A 330 1.03 -28.08 14.80
CA SER A 330 2.52 -28.13 14.95
C SER A 330 2.93 -29.59 15.08
N VAL A 331 3.39 -30.18 14.02
CA VAL A 331 3.79 -31.61 14.08
C VAL A 331 4.94 -31.75 15.04
N LEU A 332 5.92 -30.92 14.89
CA LEU A 332 7.08 -30.97 15.82
C LEU A 332 7.31 -29.57 16.43
N ALA A 333 6.98 -29.39 17.69
CA ALA A 333 7.18 -28.05 18.32
C ALA A 333 8.66 -27.72 18.34
N PRO A 334 9.00 -26.46 18.37
CA PRO A 334 10.40 -26.00 18.40
C PRO A 334 11.26 -26.79 19.40
N SER A 335 12.30 -27.42 18.95
CA SER A 335 13.15 -28.21 19.89
C SER A 335 14.50 -28.46 19.25
N GLY A 336 15.45 -28.90 20.03
CA GLY A 336 16.81 -29.17 19.47
C GLY A 336 16.68 -29.97 18.17
N ALA B 1 -2.20 -8.65 -40.05
CA ALA B 1 -2.32 -8.04 -41.40
C ALA B 1 -0.93 -7.98 -42.06
N THR B 2 -0.87 -8.16 -43.35
CA THR B 2 0.44 -8.10 -44.04
C THR B 2 0.74 -6.66 -44.42
N ALA B 3 1.94 -6.40 -44.86
CA ALA B 3 2.30 -5.01 -45.24
C ALA B 3 1.35 -4.48 -46.33
N ALA B 4 1.03 -5.28 -47.31
CA ALA B 4 0.12 -4.81 -48.40
C ALA B 4 -1.23 -4.38 -47.81
N GLU B 5 -1.72 -5.12 -46.86
CA GLU B 5 -3.04 -4.76 -46.26
C GLU B 5 -2.91 -3.46 -45.47
N ILE B 6 -1.88 -3.35 -44.68
CA ILE B 6 -1.70 -2.10 -43.88
C ILE B 6 -1.55 -0.91 -44.82
N ALA B 7 -0.83 -1.07 -45.90
CA ALA B 7 -0.63 0.06 -46.86
C ALA B 7 -1.97 0.48 -47.50
N ALA B 8 -2.90 -0.44 -47.66
CA ALA B 8 -4.21 -0.08 -48.31
C ALA B 8 -5.22 0.50 -47.29
N LEU B 9 -4.88 0.64 -46.04
CA LEU B 9 -5.87 1.21 -45.06
C LEU B 9 -5.87 2.75 -45.14
N PRO B 10 -7.02 3.35 -44.97
CA PRO B 10 -7.16 4.85 -45.01
C PRO B 10 -6.33 5.56 -43.93
N ARG B 11 -5.69 6.65 -44.28
CA ARG B 11 -4.87 7.40 -43.28
C ARG B 11 -5.64 8.67 -42.89
N GLN B 12 -5.62 9.01 -41.64
CA GLN B 12 -6.33 10.22 -41.16
C GLN B 12 -5.41 11.02 -40.25
N LYS B 13 -5.05 12.20 -40.68
CA LYS B 13 -4.14 13.05 -39.88
C LYS B 13 -4.98 13.75 -38.84
N VAL B 14 -4.48 13.84 -37.66
CA VAL B 14 -5.27 14.49 -36.58
C VAL B 14 -4.46 15.61 -35.90
N GLU B 15 -5.05 16.77 -35.80
CA GLU B 15 -4.38 17.91 -35.14
C GLU B 15 -4.63 17.76 -33.65
N LEU B 16 -3.59 17.76 -32.89
CA LEU B 16 -3.76 17.56 -31.42
C LEU B 16 -3.99 18.90 -30.72
N VAL B 17 -4.69 18.87 -29.62
CA VAL B 17 -4.95 20.11 -28.88
C VAL B 17 -4.11 20.07 -27.60
N ASP B 18 -4.23 21.04 -26.77
CA ASP B 18 -3.42 21.01 -25.52
C ASP B 18 -4.31 20.68 -24.30
N PRO B 19 -3.90 19.75 -23.46
CA PRO B 19 -4.67 19.38 -22.26
C PRO B 19 -5.22 20.62 -21.54
N PRO B 20 -6.28 20.47 -20.78
CA PRO B 20 -6.95 19.15 -20.58
C PRO B 20 -7.92 18.78 -21.73
N PHE B 21 -8.02 19.61 -22.73
CA PHE B 21 -8.94 19.31 -23.86
C PHE B 21 -8.42 18.11 -24.63
N VAL B 22 -9.27 17.57 -25.46
CA VAL B 22 -8.91 16.40 -26.28
C VAL B 22 -9.35 16.68 -27.71
N HIS B 23 -8.58 16.24 -28.64
CA HIS B 23 -8.90 16.48 -30.07
C HIS B 23 -10.24 15.85 -30.42
N ALA B 24 -10.82 16.31 -31.47
CA ALA B 24 -12.13 15.76 -31.92
C ALA B 24 -11.97 14.30 -32.29
N HIS B 25 -12.94 13.51 -31.93
CA HIS B 25 -12.91 12.06 -32.22
C HIS B 25 -14.31 11.49 -31.97
N SER B 26 -14.62 10.37 -32.54
CA SER B 26 -15.96 9.78 -32.34
C SER B 26 -15.84 8.60 -31.39
N GLN B 27 -16.76 8.46 -30.50
CA GLN B 27 -16.68 7.33 -29.53
C GLN B 27 -16.74 6.06 -30.33
N VAL B 28 -17.81 5.88 -31.02
CA VAL B 28 -17.95 4.68 -31.89
C VAL B 28 -17.07 4.90 -33.13
N ALA B 29 -16.31 3.92 -33.50
CA ALA B 29 -15.40 4.06 -34.67
C ALA B 29 -16.22 4.23 -35.95
N GLU B 30 -15.81 5.13 -36.79
CA GLU B 30 -16.53 5.36 -38.08
C GLU B 30 -15.72 4.71 -39.20
N GLY B 31 -16.16 3.58 -39.69
CA GLY B 31 -15.41 2.89 -40.76
C GLY B 31 -14.53 1.80 -40.13
N GLY B 32 -13.76 1.09 -40.93
CA GLY B 32 -12.89 0.01 -40.38
C GLY B 32 -11.58 0.63 -39.85
N PRO B 33 -10.57 -0.19 -39.67
CA PRO B 33 -9.24 0.25 -39.16
C PRO B 33 -8.59 1.32 -40.03
N LYS B 34 -7.97 2.29 -39.42
CA LYS B 34 -7.29 3.38 -40.20
C LYS B 34 -5.99 3.83 -39.50
N VAL B 35 -4.96 4.08 -40.28
CA VAL B 35 -3.66 4.56 -39.74
C VAL B 35 -3.81 6.02 -39.36
N VAL B 36 -3.85 6.24 -38.09
CA VAL B 36 -4.01 7.59 -37.55
C VAL B 36 -2.65 8.20 -37.51
N GLU B 37 -2.59 9.40 -37.91
CA GLU B 37 -1.25 10.07 -37.97
C GLU B 37 -1.21 11.26 -37.02
N PHE B 38 -0.22 11.29 -36.18
CA PHE B 38 -0.06 12.44 -35.23
C PHE B 38 1.42 12.88 -35.20
N THR B 39 1.69 14.16 -35.15
CA THR B 39 3.11 14.62 -35.13
C THR B 39 3.32 15.53 -33.92
N MET B 40 4.34 15.28 -33.14
CA MET B 40 4.60 16.13 -31.95
C MET B 40 6.09 16.51 -31.85
N VAL B 41 6.37 17.78 -31.73
CA VAL B 41 7.76 18.26 -31.60
C VAL B 41 8.03 18.42 -30.11
N ILE B 42 9.15 17.99 -29.68
CA ILE B 42 9.48 18.06 -28.24
C ILE B 42 10.19 19.36 -27.97
N GLU B 43 9.82 20.03 -26.93
CA GLU B 43 10.50 21.34 -26.66
C GLU B 43 10.99 21.41 -25.22
N GLU B 44 12.28 21.38 -24.99
CA GLU B 44 12.78 21.50 -23.59
C GLU B 44 12.85 22.99 -23.23
N LYS B 45 11.96 23.49 -22.40
CA LYS B 45 12.02 24.92 -22.09
C LYS B 45 11.81 25.12 -20.61
N LYS B 46 11.68 26.33 -20.22
CA LYS B 46 11.45 26.64 -18.79
C LYS B 46 10.00 27.05 -18.55
N ILE B 47 9.35 26.39 -17.62
CA ILE B 47 7.94 26.71 -17.30
C ILE B 47 7.81 26.95 -15.79
N VAL B 48 6.90 27.79 -15.42
CA VAL B 48 6.69 28.11 -14.01
C VAL B 48 5.71 27.11 -13.50
N ILE B 49 5.83 26.76 -12.29
CA ILE B 49 4.89 25.72 -11.75
C ILE B 49 4.03 26.24 -10.59
N ASP B 50 4.34 27.36 -10.01
CA ASP B 50 3.51 27.85 -8.88
C ASP B 50 3.36 29.35 -8.98
N ASP B 51 2.74 29.95 -8.00
CA ASP B 51 2.54 31.42 -8.02
C ASP B 51 3.84 32.13 -7.62
N ALA B 52 4.66 31.49 -6.82
CA ALA B 52 5.94 32.13 -6.39
C ALA B 52 6.91 32.31 -7.58
N GLY B 53 6.67 31.65 -8.68
CA GLY B 53 7.61 31.80 -9.85
C GLY B 53 8.63 30.64 -9.92
N THR B 54 8.41 29.56 -9.20
CA THR B 54 9.35 28.42 -9.25
C THR B 54 9.46 27.98 -10.69
N GLU B 55 10.64 27.72 -11.15
CA GLU B 55 10.78 27.32 -12.59
C GLU B 55 11.43 25.94 -12.73
N VAL B 56 10.91 25.15 -13.64
CA VAL B 56 11.49 23.79 -13.90
C VAL B 56 11.74 23.59 -15.43
N HIS B 57 12.95 23.22 -15.80
CA HIS B 57 13.30 23.00 -17.22
C HIS B 57 12.53 21.79 -17.67
N ALA B 58 11.38 22.02 -18.18
CA ALA B 58 10.50 20.90 -18.59
C ALA B 58 10.85 20.37 -19.97
N MET B 59 10.64 19.10 -20.14
CA MET B 59 10.87 18.41 -21.43
C MET B 59 9.48 18.10 -21.83
N ALA B 60 9.01 18.69 -22.85
CA ALA B 60 7.58 18.50 -23.09
C ALA B 60 7.29 18.13 -24.49
N PHE B 61 6.55 17.10 -24.59
CA PHE B 61 6.09 16.65 -25.93
C PHE B 61 4.96 17.58 -26.38
N ASN B 62 5.08 18.20 -27.53
CA ASN B 62 4.00 19.14 -27.97
C ASN B 62 4.08 20.47 -27.18
N GLY B 63 5.16 20.73 -26.46
CA GLY B 63 5.27 21.99 -25.69
C GLY B 63 4.27 22.04 -24.52
N THR B 64 3.75 20.92 -24.05
CA THR B 64 2.79 21.04 -22.88
C THR B 64 2.90 19.84 -21.90
N VAL B 65 2.95 20.12 -20.59
CA VAL B 65 2.97 19.04 -19.59
C VAL B 65 1.58 18.98 -18.96
N PRO B 66 0.92 17.87 -19.08
CA PRO B 66 1.46 16.67 -19.76
C PRO B 66 1.19 16.68 -21.27
N GLY B 67 2.00 15.97 -22.02
CA GLY B 67 1.77 15.91 -23.48
C GLY B 67 0.28 15.83 -23.76
N PRO B 68 -0.09 15.90 -25.00
CA PRO B 68 -1.52 15.85 -25.42
C PRO B 68 -2.06 14.41 -25.47
N LEU B 69 -3.35 14.24 -25.27
CA LEU B 69 -3.93 12.87 -25.31
C LEU B 69 -4.35 12.49 -26.74
N MET B 70 -3.73 11.48 -27.31
CA MET B 70 -4.08 11.03 -28.66
C MET B 70 -5.19 10.02 -28.51
N VAL B 71 -6.09 9.99 -29.43
CA VAL B 71 -7.24 9.04 -29.29
C VAL B 71 -7.52 8.30 -30.61
N VAL B 72 -7.43 7.01 -30.56
CA VAL B 72 -7.73 6.16 -31.73
C VAL B 72 -8.59 4.98 -31.25
N HIS B 73 -9.00 4.11 -32.12
CA HIS B 73 -9.84 2.97 -31.70
C HIS B 73 -8.99 1.71 -31.68
N GLN B 74 -9.51 0.68 -31.10
CA GLN B 74 -8.76 -0.60 -31.03
C GLN B 74 -8.64 -1.18 -32.42
N ASP B 75 -7.48 -1.60 -32.78
CA ASP B 75 -7.27 -2.16 -34.14
C ASP B 75 -6.58 -1.12 -35.02
N ASP B 76 -6.93 0.14 -34.86
CA ASP B 76 -6.31 1.21 -35.68
C ASP B 76 -4.82 1.34 -35.31
N TYR B 77 -4.00 1.70 -36.26
CA TYR B 77 -2.55 1.85 -36.00
C TYR B 77 -2.23 3.34 -35.78
N LEU B 78 -1.49 3.61 -34.75
CA LEU B 78 -1.10 5.00 -34.41
C LEU B 78 0.29 5.23 -34.98
N GLU B 79 0.40 6.19 -35.83
CA GLU B 79 1.70 6.49 -36.48
C GLU B 79 2.09 7.85 -36.01
N LEU B 80 3.13 7.92 -35.27
CA LEU B 80 3.52 9.26 -34.72
C LEU B 80 4.89 9.73 -35.19
N THR B 81 4.91 10.85 -35.86
CA THR B 81 6.21 11.46 -36.31
C THR B 81 6.70 12.37 -35.17
N LEU B 82 7.77 12.00 -34.53
CA LEU B 82 8.29 12.76 -33.40
C LEU B 82 9.46 13.52 -33.92
N ILE B 83 9.62 14.68 -33.44
CA ILE B 83 10.73 15.54 -33.92
C ILE B 83 11.43 16.23 -32.76
N ASN B 84 12.71 16.07 -32.68
CA ASN B 84 13.52 16.70 -31.60
C ASN B 84 14.36 17.81 -32.26
N PRO B 85 13.89 19.01 -32.17
CA PRO B 85 14.53 20.21 -32.78
C PRO B 85 15.99 20.36 -32.41
N GLU B 86 16.76 20.94 -33.29
CA GLU B 86 18.21 21.14 -33.00
C GLU B 86 18.38 22.08 -31.79
N THR B 87 17.42 22.93 -31.52
CA THR B 87 17.55 23.87 -30.37
C THR B 87 17.66 23.08 -29.05
N ASN B 88 17.12 21.90 -28.99
CA ASN B 88 17.18 21.10 -27.74
C ASN B 88 18.62 20.62 -27.52
N THR B 89 18.92 20.14 -26.34
CA THR B 89 20.31 19.66 -26.06
C THR B 89 20.34 18.19 -25.55
N LEU B 90 19.23 17.47 -25.48
CA LEU B 90 19.31 16.05 -24.99
C LEU B 90 18.53 15.10 -25.91
N MET B 91 19.05 13.91 -26.15
CA MET B 91 18.33 12.94 -27.02
C MET B 91 17.13 12.39 -26.25
N HIS B 92 16.01 12.21 -26.90
CA HIS B 92 14.82 11.69 -26.20
C HIS B 92 14.39 10.34 -26.78
N ASN B 93 13.12 10.06 -26.68
CA ASN B 93 12.56 8.78 -27.20
C ASN B 93 11.14 8.62 -26.62
N ILE B 94 10.27 7.87 -27.27
CA ILE B 94 8.88 7.74 -26.71
C ILE B 94 8.52 6.25 -26.52
N ASP B 95 8.02 5.91 -25.36
CA ASP B 95 7.59 4.51 -25.09
C ASP B 95 6.09 4.51 -24.76
N PHE B 96 5.26 4.04 -25.65
CA PHE B 96 3.79 4.03 -25.39
C PHE B 96 3.38 2.71 -24.74
N HIS B 97 2.91 2.79 -23.53
CA HIS B 97 2.45 1.56 -22.80
C HIS B 97 1.43 0.78 -23.67
N ALA B 98 0.71 1.45 -24.54
CA ALA B 98 -0.32 0.73 -25.37
C ALA B 98 0.29 0.03 -26.60
N ALA B 99 1.59 -0.01 -26.72
CA ALA B 99 2.21 -0.69 -27.89
C ALA B 99 2.91 -1.96 -27.42
N THR B 100 3.29 -2.81 -28.32
CA THR B 100 3.97 -4.08 -27.90
C THR B 100 5.25 -4.32 -28.72
N GLY B 101 6.40 -4.25 -28.10
CA GLY B 101 7.70 -4.53 -28.81
C GLY B 101 8.66 -3.30 -28.79
N ALA B 102 9.93 -3.50 -28.49
CA ALA B 102 10.89 -2.34 -28.51
C ALA B 102 10.65 -1.42 -27.31
N LEU B 103 10.55 -1.99 -26.15
CA LEU B 103 10.35 -1.15 -24.93
C LEU B 103 9.23 -0.12 -25.16
N GLY B 104 8.17 -0.51 -25.80
CA GLY B 104 7.04 0.45 -26.04
C GLY B 104 7.43 1.48 -27.12
N GLY B 105 8.34 1.13 -27.98
CA GLY B 105 8.75 2.10 -29.06
C GLY B 105 9.96 2.95 -28.64
N GLY B 106 10.43 2.83 -27.43
CA GLY B 106 11.60 3.65 -26.99
C GLY B 106 12.89 3.14 -27.64
N GLY B 107 12.96 1.88 -27.99
CA GLY B 107 14.20 1.33 -28.61
C GLY B 107 14.29 1.71 -30.10
N LEU B 108 13.21 2.16 -30.69
CA LEU B 108 13.26 2.53 -32.15
C LEU B 108 12.90 4.02 -32.36
N THR B 109 13.01 4.83 -31.34
CA THR B 109 12.69 6.29 -31.49
C THR B 109 13.75 7.19 -30.81
N GLU B 110 14.94 6.70 -30.55
CA GLU B 110 15.98 7.54 -29.91
C GLU B 110 16.44 8.58 -30.94
N ILE B 111 16.12 9.81 -30.72
CA ILE B 111 16.51 10.85 -31.71
C ILE B 111 17.25 11.98 -31.02
N ASN B 112 18.40 12.30 -31.51
CA ASN B 112 19.18 13.40 -30.88
C ASN B 112 18.82 14.71 -31.56
N PRO B 113 19.06 15.81 -30.92
CA PRO B 113 18.76 17.16 -31.48
C PRO B 113 18.99 17.21 -32.99
N GLY B 114 18.02 17.67 -33.73
CA GLY B 114 18.18 17.73 -35.23
C GLY B 114 17.77 16.40 -35.88
N GLU B 115 17.03 15.55 -35.19
CA GLU B 115 16.61 14.26 -35.82
C GLU B 115 15.13 13.95 -35.52
N LYS B 116 14.42 13.37 -36.46
CA LYS B 116 12.98 13.03 -36.23
C LYS B 116 12.71 11.63 -36.82
N THR B 117 11.78 10.90 -36.27
CA THR B 117 11.49 9.55 -36.82
C THR B 117 9.99 9.36 -36.91
N ILE B 118 9.57 8.20 -37.30
CA ILE B 118 8.13 7.91 -37.42
C ILE B 118 7.88 6.47 -36.97
N LEU B 119 7.17 6.28 -35.91
CA LEU B 119 6.93 4.89 -35.42
C LEU B 119 5.43 4.57 -35.52
N ARG B 120 5.12 3.42 -36.04
CA ARG B 120 3.68 3.03 -36.17
C ARG B 120 3.43 1.71 -35.40
N PHE B 121 2.45 1.70 -34.55
CA PHE B 121 2.14 0.46 -33.77
C PHE B 121 0.63 0.20 -33.80
N LYS B 122 0.26 -1.04 -33.74
CA LYS B 122 -1.18 -1.42 -33.76
C LYS B 122 -1.72 -1.36 -32.34
N ALA B 123 -2.80 -0.67 -32.20
CA ALA B 123 -3.46 -0.50 -30.89
C ALA B 123 -4.30 -1.73 -30.71
N THR B 124 -3.74 -2.68 -30.08
CA THR B 124 -4.47 -4.00 -29.95
C THR B 124 -5.30 -4.13 -28.67
N LYS B 125 -5.20 -3.22 -27.75
CA LYS B 125 -5.99 -3.33 -26.50
C LYS B 125 -6.69 -2.01 -26.22
N PRO B 126 -7.92 -2.08 -25.78
CA PRO B 126 -8.72 -0.87 -25.47
C PRO B 126 -8.48 -0.32 -24.06
N GLY B 127 -8.28 0.97 -23.92
CA GLY B 127 -8.05 1.53 -22.56
C GLY B 127 -7.05 2.69 -22.61
N VAL B 128 -7.10 3.54 -21.62
CA VAL B 128 -6.17 4.70 -21.58
C VAL B 128 -4.83 4.18 -21.11
N PHE B 129 -3.78 4.72 -21.63
CA PHE B 129 -2.44 4.23 -21.24
C PHE B 129 -1.53 5.42 -21.18
N VAL B 130 -0.49 5.34 -20.44
CA VAL B 130 0.44 6.52 -20.35
C VAL B 130 1.72 6.35 -21.21
N TYR B 131 2.04 7.34 -22.04
CA TYR B 131 3.28 7.29 -22.84
C TYR B 131 4.30 8.19 -22.14
N HIS B 132 5.56 7.97 -22.34
CA HIS B 132 6.57 8.82 -21.64
C HIS B 132 7.97 8.55 -22.22
N CYS B 133 8.80 9.58 -22.33
CA CYS B 133 10.16 9.40 -22.88
C CYS B 133 11.02 8.64 -21.88
N ALA B 134 11.94 7.82 -22.32
CA ALA B 134 12.76 7.06 -21.35
C ALA B 134 14.12 6.69 -21.95
N PRO B 135 14.99 7.65 -22.09
CA PRO B 135 16.35 7.41 -22.63
C PRO B 135 17.19 6.55 -21.68
N PRO B 136 17.70 5.44 -22.14
CA PRO B 136 18.51 4.52 -21.30
C PRO B 136 19.50 5.25 -20.36
N GLY B 137 19.35 5.08 -19.06
CA GLY B 137 20.29 5.75 -18.11
C GLY B 137 19.70 7.06 -17.53
N MET B 138 18.68 7.63 -18.13
CA MET B 138 18.13 8.90 -17.59
C MET B 138 16.62 8.87 -17.73
N VAL B 139 16.04 7.75 -17.42
CA VAL B 139 14.55 7.62 -17.54
C VAL B 139 13.82 8.55 -16.56
N PRO B 140 13.92 8.26 -15.28
CA PRO B 140 13.24 9.03 -14.20
C PRO B 140 13.39 10.53 -14.34
N TRP B 141 14.52 10.97 -14.81
CA TRP B 141 14.73 12.44 -14.96
C TRP B 141 13.82 13.00 -16.05
N HIS B 142 13.82 12.37 -17.20
CA HIS B 142 12.97 12.86 -18.33
C HIS B 142 11.47 12.80 -17.96
N VAL B 143 11.04 11.79 -17.26
CA VAL B 143 9.59 11.68 -16.91
C VAL B 143 9.21 12.73 -15.87
N VAL B 144 10.01 12.87 -14.85
CA VAL B 144 9.69 13.87 -13.79
C VAL B 144 9.73 15.26 -14.39
N SER B 145 10.59 15.47 -15.35
CA SER B 145 10.68 16.81 -15.99
C SER B 145 9.38 17.15 -16.74
N GLY B 146 8.44 16.22 -16.80
CA GLY B 146 7.17 16.49 -17.51
C GLY B 146 7.19 15.89 -18.93
N MET B 147 7.97 14.86 -19.17
CA MET B 147 7.98 14.26 -20.54
C MET B 147 7.09 13.02 -20.54
N ASN B 148 5.80 13.21 -20.42
CA ASN B 148 4.87 12.05 -20.41
C ASN B 148 3.42 12.53 -20.55
N GLY B 149 2.60 11.74 -21.16
CA GLY B 149 1.16 12.10 -21.36
C GLY B 149 0.31 10.81 -21.35
N ALA B 150 -0.63 10.65 -22.25
CA ALA B 150 -1.44 9.41 -22.26
C ALA B 150 -2.34 9.34 -23.51
N ILE B 151 -2.55 8.16 -24.04
CA ILE B 151 -3.43 8.02 -25.24
C ILE B 151 -4.64 7.15 -24.88
N MET B 152 -5.75 7.34 -25.53
CA MET B 152 -6.95 6.53 -25.21
C MET B 152 -7.40 5.73 -26.45
N VAL B 153 -7.32 4.43 -26.38
CA VAL B 153 -7.74 3.56 -27.50
C VAL B 153 -9.13 3.10 -27.15
N LEU B 154 -10.12 3.67 -27.75
CA LEU B 154 -11.52 3.30 -27.36
C LEU B 154 -12.05 2.12 -28.17
N PRO B 155 -12.79 1.25 -27.52
CA PRO B 155 -13.42 0.09 -28.19
C PRO B 155 -14.14 0.53 -29.46
N ARG B 156 -14.02 -0.22 -30.52
CA ARG B 156 -14.68 0.17 -31.81
C ARG B 156 -16.15 0.51 -31.57
N GLU B 157 -16.78 -0.15 -30.64
CA GLU B 157 -18.22 0.12 -30.37
C GLU B 157 -18.41 1.17 -29.25
N GLY B 158 -17.39 1.93 -28.91
CA GLY B 158 -17.56 2.96 -27.84
C GLY B 158 -17.33 2.34 -26.47
N LEU B 159 -17.66 3.03 -25.43
CA LEU B 159 -17.47 2.47 -24.06
C LEU B 159 -18.80 1.94 -23.48
N HIS B 160 -18.75 0.82 -22.79
CA HIS B 160 -19.97 0.25 -22.17
C HIS B 160 -19.64 -0.13 -20.73
N ASP B 161 -20.62 -0.26 -19.90
CA ASP B 161 -20.38 -0.61 -18.47
C ASP B 161 -19.90 -2.07 -18.36
N GLY B 162 -19.94 -2.62 -17.18
CA GLY B 162 -19.49 -4.04 -17.00
C GLY B 162 -20.58 -5.07 -17.42
N LYS B 163 -21.76 -4.65 -17.80
CA LYS B 163 -22.81 -5.65 -18.20
C LYS B 163 -23.12 -5.54 -19.70
N GLY B 164 -22.53 -4.60 -20.40
CA GLY B 164 -22.81 -4.45 -21.87
C GLY B 164 -23.58 -3.15 -22.22
N LYS B 165 -24.10 -2.42 -21.26
CA LYS B 165 -24.86 -1.18 -21.57
C LYS B 165 -23.91 -0.15 -22.14
N ALA B 166 -24.36 0.63 -23.08
CA ALA B 166 -23.48 1.67 -23.69
C ALA B 166 -23.39 2.93 -22.79
N LEU B 167 -22.18 3.41 -22.60
CA LEU B 167 -21.94 4.63 -21.79
C LEU B 167 -21.34 5.66 -22.74
N THR B 168 -22.03 6.73 -22.97
CA THR B 168 -21.57 7.75 -23.92
C THR B 168 -21.38 9.01 -23.16
N TYR B 169 -20.24 9.57 -23.25
CA TYR B 169 -19.95 10.81 -22.47
C TYR B 169 -20.17 12.06 -23.35
N ASP B 170 -20.73 13.09 -22.78
CA ASP B 170 -20.95 14.34 -23.57
C ASP B 170 -19.61 15.09 -23.75
N LYS B 171 -18.75 15.04 -22.76
CA LYS B 171 -17.44 15.74 -22.87
C LYS B 171 -16.37 14.91 -22.17
N ILE B 172 -15.14 15.15 -22.48
CA ILE B 172 -14.03 14.38 -21.84
C ILE B 172 -12.81 15.28 -21.63
N TYR B 173 -12.24 15.24 -20.46
CA TYR B 173 -11.06 16.07 -20.15
C TYR B 173 -9.94 15.12 -19.70
N TYR B 174 -8.73 15.48 -19.99
CA TYR B 174 -7.58 14.61 -19.61
C TYR B 174 -6.69 15.38 -18.65
N VAL B 175 -6.65 14.96 -17.43
CA VAL B 175 -5.82 15.66 -16.42
C VAL B 175 -4.57 14.84 -16.10
N GLY B 176 -3.45 15.30 -16.57
CA GLY B 176 -2.17 14.60 -16.31
C GLY B 176 -1.56 15.17 -15.03
N GLU B 177 -1.22 14.32 -14.13
CA GLU B 177 -0.65 14.76 -12.85
C GLU B 177 0.83 14.61 -12.96
N GLN B 178 1.55 15.48 -12.36
CA GLN B 178 3.02 15.39 -12.48
C GLN B 178 3.69 15.74 -11.15
N ASP B 179 4.46 14.83 -10.63
CA ASP B 179 5.17 15.10 -9.34
C ASP B 179 6.58 15.60 -9.67
N PHE B 180 6.91 16.80 -9.29
CA PHE B 180 8.25 17.33 -9.58
C PHE B 180 9.11 17.18 -8.34
N TYR B 181 10.34 17.52 -8.49
CA TYR B 181 11.31 17.42 -7.37
C TYR B 181 12.27 18.58 -7.58
N VAL B 182 11.94 19.70 -7.03
CA VAL B 182 12.77 20.90 -7.26
C VAL B 182 13.75 21.13 -6.14
N PRO B 183 14.98 21.30 -6.49
CA PRO B 183 16.07 21.55 -5.49
C PRO B 183 15.88 22.90 -4.75
N ARG B 184 16.18 22.93 -3.47
CA ARG B 184 16.03 24.19 -2.70
C ARG B 184 17.40 24.56 -2.13
N ASP B 185 17.63 25.81 -1.91
CA ASP B 185 18.96 26.24 -1.37
C ASP B 185 18.97 26.08 0.15
N GLU B 186 19.85 26.77 0.82
CA GLU B 186 19.92 26.66 2.30
C GLU B 186 18.70 27.36 2.93
N ASN B 187 18.27 28.45 2.35
CA ASN B 187 17.10 29.19 2.92
C ASN B 187 15.77 28.43 2.64
N GLY B 188 15.83 27.26 2.06
CA GLY B 188 14.55 26.52 1.77
C GLY B 188 13.81 27.10 0.54
N LYS B 189 14.44 27.96 -0.22
CA LYS B 189 13.77 28.52 -1.43
C LYS B 189 14.16 27.69 -2.64
N TYR B 190 13.28 27.59 -3.59
CA TYR B 190 13.58 26.79 -4.80
C TYR B 190 14.75 27.42 -5.54
N LYS B 191 15.54 26.61 -6.18
CA LYS B 191 16.72 27.16 -6.92
C LYS B 191 16.45 27.15 -8.43
N LYS B 192 16.96 28.13 -9.14
CA LYS B 192 16.76 28.19 -10.59
C LYS B 192 18.11 27.97 -11.26
N TYR B 193 18.12 27.46 -12.44
CA TYR B 193 19.41 27.20 -13.11
C TYR B 193 19.38 27.81 -14.50
N GLU B 194 20.47 27.76 -15.18
CA GLU B 194 20.53 28.33 -16.55
C GLU B 194 20.14 27.26 -17.59
N ALA B 195 20.76 26.11 -17.53
CA ALA B 195 20.43 25.05 -18.50
C ALA B 195 19.93 23.80 -17.75
N PRO B 196 19.19 22.97 -18.43
CA PRO B 196 18.62 21.72 -17.83
C PRO B 196 19.69 20.82 -17.20
N GLY B 197 20.87 20.78 -17.76
CA GLY B 197 21.95 19.90 -17.19
C GLY B 197 22.45 20.42 -15.82
N ASP B 198 22.44 21.71 -15.59
CA ASP B 198 22.96 22.25 -14.29
C ASP B 198 22.04 21.83 -13.14
N ALA B 199 20.85 21.40 -13.43
CA ALA B 199 19.92 20.98 -12.34
C ALA B 199 19.77 19.45 -12.29
N TYR B 200 20.64 18.72 -12.92
CA TYR B 200 20.55 17.22 -12.89
C TYR B 200 21.00 16.61 -11.54
N GLU B 201 22.17 16.95 -11.02
CA GLU B 201 22.65 16.31 -9.75
C GLU B 201 21.78 16.74 -8.57
N ASP B 202 21.45 17.99 -8.51
CA ASP B 202 20.62 18.48 -7.37
C ASP B 202 19.22 17.88 -7.45
N THR B 203 18.72 17.65 -8.63
CA THR B 203 17.36 17.06 -8.77
C THR B 203 17.40 15.60 -8.34
N VAL B 204 18.34 14.86 -8.86
CA VAL B 204 18.44 13.43 -8.48
C VAL B 204 18.37 13.31 -6.96
N LYS B 205 19.13 14.12 -6.26
CA LYS B 205 19.10 14.06 -4.77
C LYS B 205 17.65 14.17 -4.27
N VAL B 206 16.91 15.12 -4.78
CA VAL B 206 15.49 15.27 -4.35
C VAL B 206 14.67 14.06 -4.79
N MET B 207 14.90 13.59 -5.99
CA MET B 207 14.12 12.41 -6.48
C MET B 207 14.36 11.18 -5.58
N ARG B 208 15.54 11.03 -5.04
CA ARG B 208 15.82 9.84 -4.18
C ARG B 208 14.95 9.89 -2.93
N THR B 209 14.71 11.06 -2.41
CA THR B 209 13.86 11.18 -1.18
C THR B 209 12.43 10.66 -1.43
N LEU B 210 12.08 10.35 -2.66
CA LEU B 210 10.70 9.86 -2.93
C LEU B 210 9.69 10.85 -2.35
N THR B 211 10.02 12.12 -2.36
CA THR B 211 9.08 13.13 -1.81
C THR B 211 9.04 14.32 -2.76
N PRO B 212 8.03 14.39 -3.57
CA PRO B 212 7.87 15.51 -4.56
C PRO B 212 7.58 16.87 -3.91
N THR B 213 8.29 17.92 -4.29
CA THR B 213 8.03 19.26 -3.70
C THR B 213 6.70 19.81 -4.25
N HIS B 214 6.26 19.37 -5.40
CA HIS B 214 4.98 19.88 -5.97
C HIS B 214 4.32 18.78 -6.82
N VAL B 215 3.06 18.54 -6.59
CA VAL B 215 2.35 17.50 -7.37
C VAL B 215 1.19 18.23 -7.97
N VAL B 216 1.12 18.34 -9.26
CA VAL B 216 0.01 19.17 -9.76
C VAL B 216 -0.62 18.61 -11.01
N PHE B 217 -1.55 19.34 -11.52
CA PHE B 217 -2.26 18.88 -12.75
C PHE B 217 -2.09 19.94 -13.84
N ASN B 218 -1.87 19.51 -15.06
CA ASN B 218 -1.70 20.50 -16.17
C ASN B 218 -0.30 21.18 -16.16
N GLY B 219 0.61 20.77 -15.31
CA GLY B 219 1.96 21.40 -15.29
C GLY B 219 2.12 22.54 -14.23
N ALA B 220 1.14 22.85 -13.38
CA ALA B 220 1.40 23.95 -12.40
C ALA B 220 0.31 24.01 -11.33
N VAL B 221 0.67 24.38 -10.13
CA VAL B 221 -0.35 24.48 -9.05
C VAL B 221 -1.40 25.52 -9.48
N GLY B 222 -2.65 25.16 -9.42
CA GLY B 222 -3.72 26.12 -9.85
C GLY B 222 -3.80 26.22 -11.39
N ALA B 223 -3.37 25.21 -12.13
CA ALA B 223 -3.45 25.28 -13.63
C ALA B 223 -4.91 25.08 -14.11
N LEU B 224 -5.72 24.32 -13.41
CA LEU B 224 -7.12 24.07 -13.85
C LEU B 224 -8.13 24.78 -12.93
N THR B 225 -7.89 26.02 -12.63
CA THR B 225 -8.82 26.80 -11.77
C THR B 225 -9.00 28.18 -12.38
N GLY B 226 -9.88 28.97 -11.86
CA GLY B 226 -10.11 30.33 -12.41
C GLY B 226 -10.72 30.19 -13.78
N ASP B 227 -10.26 30.97 -14.72
CA ASP B 227 -10.81 30.87 -16.10
C ASP B 227 -10.47 29.50 -16.70
N LYS B 228 -9.49 28.81 -16.17
CA LYS B 228 -9.13 27.47 -16.72
C LYS B 228 -9.88 26.34 -16.00
N ALA B 229 -10.71 26.64 -15.02
CA ALA B 229 -11.45 25.55 -14.31
C ALA B 229 -12.35 24.79 -15.30
N MET B 230 -12.32 23.48 -15.28
CA MET B 230 -13.17 22.71 -16.20
C MET B 230 -14.60 23.20 -16.06
N THR B 231 -15.47 22.70 -16.86
CA THR B 231 -16.90 23.13 -16.80
C THR B 231 -17.83 21.94 -17.09
N ALA B 232 -18.97 21.94 -16.48
CA ALA B 232 -19.98 20.86 -16.68
C ALA B 232 -21.32 21.34 -16.13
N ALA B 233 -22.42 20.80 -16.61
CA ALA B 233 -23.74 21.25 -16.12
C ALA B 233 -24.53 20.04 -15.62
N VAL B 234 -25.46 20.29 -14.75
CA VAL B 234 -26.30 19.20 -14.20
C VAL B 234 -26.85 18.37 -15.35
N GLY B 235 -26.72 17.10 -15.26
CA GLY B 235 -27.23 16.21 -16.36
C GLY B 235 -26.14 15.95 -17.44
N GLU B 236 -24.96 16.50 -17.28
CA GLU B 236 -23.88 16.27 -18.28
C GLU B 236 -23.04 15.07 -17.85
N LYS B 237 -22.70 14.25 -18.78
CA LYS B 237 -21.88 13.06 -18.48
C LYS B 237 -20.47 13.40 -18.91
N VAL B 238 -19.55 13.27 -18.03
CA VAL B 238 -18.16 13.66 -18.39
C VAL B 238 -17.17 12.57 -18.01
N LEU B 239 -16.32 12.24 -18.93
CA LEU B 239 -15.29 11.21 -18.65
C LEU B 239 -13.96 11.92 -18.38
N ILE B 240 -13.39 11.69 -17.24
CA ILE B 240 -12.11 12.38 -16.89
C ILE B 240 -10.96 11.37 -16.84
N VAL B 241 -10.13 11.41 -17.84
CA VAL B 241 -8.97 10.49 -17.89
C VAL B 241 -7.86 11.13 -17.08
N HIS B 242 -7.18 10.35 -16.33
CA HIS B 242 -6.11 10.91 -15.48
C HIS B 242 -4.91 9.98 -15.57
N SER B 243 -3.76 10.54 -15.67
CA SER B 243 -2.54 9.69 -15.78
C SER B 243 -1.42 10.18 -14.85
N GLN B 244 -0.60 9.25 -14.42
CA GLN B 244 0.56 9.53 -13.53
C GLN B 244 1.67 8.57 -13.98
N ALA B 245 2.64 9.07 -14.69
CA ALA B 245 3.73 8.20 -15.24
C ALA B 245 4.97 8.33 -14.38
N ASN B 246 4.78 8.25 -13.11
CA ASN B 246 5.91 8.34 -12.15
C ASN B 246 5.39 8.51 -10.69
N ARG B 247 4.22 7.99 -10.32
CA ARG B 247 3.78 8.17 -8.91
C ARG B 247 2.34 7.72 -8.76
N ASP B 248 2.01 7.07 -7.66
CA ASP B 248 0.59 6.63 -7.49
C ASP B 248 -0.31 7.78 -6.95
N THR B 249 -1.49 7.98 -7.52
CA THR B 249 -2.39 9.03 -7.03
C THR B 249 -3.73 8.38 -6.67
N ARG B 250 -4.63 9.15 -6.18
CA ARG B 250 -5.97 8.61 -5.78
C ARG B 250 -7.01 9.71 -6.02
N PRO B 251 -7.49 9.80 -7.23
CA PRO B 251 -8.48 10.82 -7.66
C PRO B 251 -9.75 10.85 -6.82
N HIS B 252 -10.33 12.00 -6.70
CA HIS B 252 -11.60 12.15 -5.92
C HIS B 252 -12.31 13.49 -6.26
N LEU B 253 -13.52 13.43 -6.77
CA LEU B 253 -14.28 14.66 -7.10
C LEU B 253 -15.07 15.09 -5.87
N ILE B 254 -14.66 16.16 -5.27
CA ILE B 254 -15.31 16.68 -4.06
C ILE B 254 -16.73 17.06 -4.39
N GLY B 255 -17.64 16.50 -3.69
CA GLY B 255 -19.07 16.80 -3.95
C GLY B 255 -19.66 15.80 -4.97
N GLY B 256 -18.84 15.00 -5.61
CA GLY B 256 -19.38 14.03 -6.60
C GLY B 256 -18.81 12.63 -6.34
N HIS B 257 -18.73 11.84 -7.36
CA HIS B 257 -18.19 10.47 -7.23
C HIS B 257 -18.04 9.86 -8.63
N GLY B 258 -17.20 8.88 -8.75
CA GLY B 258 -16.99 8.23 -10.08
C GLY B 258 -18.07 7.18 -10.27
N ASP B 259 -19.02 7.47 -11.08
CA ASP B 259 -20.13 6.50 -11.30
C ASP B 259 -19.53 5.19 -11.78
N TYR B 260 -18.74 5.27 -12.79
CA TYR B 260 -18.07 4.07 -13.34
C TYR B 260 -16.60 4.42 -13.48
N VAL B 261 -15.72 3.67 -12.88
CA VAL B 261 -14.29 4.07 -12.98
C VAL B 261 -13.37 2.90 -13.35
N TRP B 262 -12.84 2.92 -14.54
CA TRP B 262 -11.88 1.88 -14.96
C TRP B 262 -10.57 2.26 -14.29
N ALA B 263 -10.43 1.84 -13.08
CA ALA B 263 -9.25 2.27 -12.26
C ALA B 263 -7.97 1.84 -12.93
N THR B 264 -8.00 0.68 -13.48
CA THR B 264 -6.79 0.16 -14.15
C THR B 264 -6.62 0.81 -15.53
N GLY B 265 -7.59 1.56 -15.97
CA GLY B 265 -7.46 2.21 -17.33
C GLY B 265 -7.58 1.17 -18.47
N LYS B 266 -8.25 0.07 -18.24
CA LYS B 266 -8.43 -0.98 -19.28
C LYS B 266 -9.94 -1.14 -19.47
N PHE B 267 -10.40 -1.00 -20.68
CA PHE B 267 -11.87 -1.10 -20.92
C PHE B 267 -12.37 -2.53 -20.71
N ASN B 268 -11.60 -3.51 -21.11
CA ASN B 268 -12.05 -4.91 -20.96
C ASN B 268 -12.27 -5.24 -19.49
N THR B 269 -11.52 -4.61 -18.63
CA THR B 269 -11.66 -4.87 -17.18
C THR B 269 -12.87 -4.09 -16.66
N PRO B 270 -13.87 -4.79 -16.22
CA PRO B 270 -15.12 -4.14 -15.71
C PRO B 270 -14.83 -2.91 -14.84
N PRO B 271 -15.55 -1.81 -15.04
CA PRO B 271 -15.31 -0.56 -14.24
C PRO B 271 -15.98 -0.57 -12.84
N ASP B 272 -15.21 -0.34 -11.77
CA ASP B 272 -15.86 -0.30 -10.44
C ASP B 272 -17.03 0.66 -10.55
N VAL B 273 -17.82 0.78 -9.54
CA VAL B 273 -18.98 1.72 -9.63
C VAL B 273 -19.25 2.41 -8.28
N ASP B 274 -19.76 3.61 -8.32
CA ASP B 274 -20.07 4.34 -7.07
C ASP B 274 -18.78 4.50 -6.32
N GLN B 275 -17.81 5.08 -6.94
CA GLN B 275 -16.48 5.21 -6.23
C GLN B 275 -16.27 6.62 -5.63
N GLU B 276 -15.92 6.68 -4.35
CA GLU B 276 -15.64 8.01 -3.73
C GLU B 276 -14.19 8.45 -4.06
N THR B 277 -13.26 7.52 -4.04
CA THR B 277 -11.84 7.85 -4.35
C THR B 277 -11.22 6.61 -5.00
N TRP B 278 -10.70 6.75 -6.17
CA TRP B 278 -10.13 5.57 -6.86
C TRP B 278 -8.63 5.48 -6.59
N PHE B 279 -7.94 4.74 -7.40
CA PHE B 279 -6.47 4.59 -7.20
C PHE B 279 -5.78 4.22 -8.53
N ILE B 280 -4.89 5.07 -8.97
CA ILE B 280 -4.14 4.81 -10.24
C ILE B 280 -2.67 4.73 -9.89
N PRO B 281 -2.07 3.58 -10.08
CA PRO B 281 -0.65 3.33 -9.72
C PRO B 281 0.36 4.01 -10.66
N GLY B 282 1.36 4.62 -10.11
CA GLY B 282 2.40 5.26 -10.95
C GLY B 282 2.64 4.37 -12.15
N GLY B 283 2.79 4.94 -13.30
CA GLY B 283 3.00 4.16 -14.52
C GLY B 283 1.66 3.72 -15.10
N ALA B 284 0.59 4.48 -14.91
CA ALA B 284 -0.71 4.01 -15.49
C ALA B 284 -1.75 5.13 -15.56
N ALA B 285 -2.64 5.08 -16.53
CA ALA B 285 -3.71 6.12 -16.64
C ALA B 285 -5.09 5.45 -16.50
N GLY B 286 -5.99 6.03 -15.73
CA GLY B 286 -7.33 5.41 -15.57
C GLY B 286 -8.39 6.31 -16.20
N ALA B 287 -9.63 6.09 -15.88
CA ALA B 287 -10.73 6.92 -16.46
C ALA B 287 -11.98 6.79 -15.58
N ALA B 288 -12.62 7.89 -15.30
CA ALA B 288 -13.85 7.87 -14.46
C ALA B 288 -14.97 8.61 -15.20
N PHE B 289 -16.14 8.05 -15.21
CA PHE B 289 -17.28 8.69 -15.91
C PHE B 289 -18.34 9.04 -14.87
N TYR B 290 -18.78 10.26 -14.85
CA TYR B 290 -19.79 10.63 -13.83
C TYR B 290 -20.76 11.68 -14.38
N THR B 291 -22.01 11.50 -14.09
CA THR B 291 -23.05 12.47 -14.54
C THR B 291 -23.31 13.44 -13.40
N PHE B 292 -23.05 14.69 -13.63
CA PHE B 292 -23.25 15.72 -12.57
C PHE B 292 -24.72 15.85 -12.22
N GLN B 293 -25.00 16.00 -10.96
CA GLN B 293 -26.43 16.16 -10.53
C GLN B 293 -26.63 17.48 -9.75
N GLN B 294 -25.58 18.12 -9.28
CA GLN B 294 -25.75 19.39 -8.52
C GLN B 294 -24.83 20.46 -9.09
N PRO B 295 -25.31 21.68 -9.15
CA PRO B 295 -24.53 22.83 -9.67
C PRO B 295 -23.67 23.47 -8.60
N GLY B 296 -22.64 24.16 -9.00
CA GLY B 296 -21.75 24.82 -8.01
C GLY B 296 -20.29 24.57 -8.39
N ILE B 297 -19.40 24.81 -7.48
CA ILE B 297 -17.95 24.58 -7.78
C ILE B 297 -17.44 23.35 -7.03
N TYR B 298 -16.87 22.41 -7.73
CA TYR B 298 -16.36 21.19 -7.08
C TYR B 298 -14.86 21.07 -7.34
N ALA B 299 -14.12 20.58 -6.38
CA ALA B 299 -12.65 20.44 -6.55
C ALA B 299 -12.34 18.99 -6.85
N TYR B 300 -11.49 18.74 -7.81
CA TYR B 300 -11.16 17.33 -8.14
C TYR B 300 -9.70 17.16 -7.86
N VAL B 301 -9.34 16.33 -6.94
CA VAL B 301 -7.88 16.27 -6.68
C VAL B 301 -7.44 14.98 -6.03
N ASN B 302 -6.16 14.84 -5.92
CA ASN B 302 -5.57 13.65 -5.29
C ASN B 302 -5.98 13.70 -3.85
N HIS B 303 -6.52 12.65 -3.36
CA HIS B 303 -7.00 12.70 -1.96
C HIS B 303 -5.83 12.99 -1.07
N ASN B 304 -4.72 12.32 -1.22
CA ASN B 304 -3.62 12.76 -0.31
C ASN B 304 -3.88 14.28 -0.02
N LEU B 305 -4.66 14.61 1.00
CA LEU B 305 -5.02 16.03 1.27
C LEU B 305 -3.78 16.89 1.19
N ILE B 306 -2.74 16.42 1.78
CA ILE B 306 -1.47 17.20 1.76
C ILE B 306 -1.06 17.42 0.31
N GLU B 307 -1.03 16.37 -0.45
CA GLU B 307 -0.65 16.50 -1.89
C GLU B 307 -1.67 17.39 -2.64
N ALA B 308 -2.94 17.34 -2.29
CA ALA B 308 -3.95 18.17 -3.01
C ALA B 308 -4.02 19.66 -2.53
N PHE B 309 -3.66 19.99 -1.30
CA PHE B 309 -3.79 21.42 -0.89
C PHE B 309 -2.41 22.03 -0.64
N GLU B 310 -1.53 21.28 -0.06
CA GLU B 310 -0.16 21.82 0.23
C GLU B 310 0.80 21.65 -0.97
N LEU B 311 0.64 20.66 -1.81
CA LEU B 311 1.60 20.49 -2.94
C LEU B 311 1.06 21.17 -4.19
N GLY B 312 -0.18 20.98 -4.47
CA GLY B 312 -0.81 21.60 -5.68
C GLY B 312 -1.54 20.55 -6.55
N ALA B 313 -2.15 19.51 -5.98
CA ALA B 313 -2.87 18.54 -6.84
C ALA B 313 -4.39 18.76 -6.71
N ALA B 314 -4.89 19.92 -7.07
CA ALA B 314 -6.36 20.15 -6.95
C ALA B 314 -6.86 21.10 -8.04
N ALA B 315 -7.79 20.66 -8.86
CA ALA B 315 -8.34 21.54 -9.91
C ALA B 315 -9.76 21.90 -9.51
N HIS B 316 -10.49 22.58 -10.33
CA HIS B 316 -11.89 22.93 -9.92
C HIS B 316 -12.85 22.91 -11.11
N PHE B 317 -14.00 22.28 -10.98
CA PHE B 317 -14.99 22.27 -12.10
C PHE B 317 -16.25 23.11 -11.75
N LYS B 318 -16.56 24.11 -12.56
CA LYS B 318 -17.74 24.95 -12.32
C LYS B 318 -18.90 24.26 -13.01
N VAL B 319 -20.01 24.17 -12.37
CA VAL B 319 -21.14 23.46 -12.98
C VAL B 319 -22.38 24.32 -12.88
N THR B 320 -23.05 24.47 -13.98
CA THR B 320 -24.29 25.29 -14.00
C THR B 320 -25.52 24.38 -13.94
N GLY B 321 -26.62 24.88 -13.45
CA GLY B 321 -27.84 24.04 -13.37
C GLY B 321 -28.70 24.48 -12.17
N GLU B 322 -29.61 23.63 -11.76
CA GLU B 322 -30.50 23.96 -10.62
C GLU B 322 -30.16 23.03 -9.46
N TRP B 323 -30.16 23.55 -8.29
CA TRP B 323 -29.83 22.74 -7.10
C TRP B 323 -30.93 21.72 -6.88
N ASN B 324 -30.58 20.66 -6.26
CA ASN B 324 -31.58 19.57 -5.99
C ASN B 324 -31.60 19.31 -4.49
N ASP B 325 -32.61 19.81 -3.83
CA ASP B 325 -32.70 19.63 -2.36
C ASP B 325 -32.85 18.14 -2.05
N ASP B 326 -33.64 17.46 -2.81
CA ASP B 326 -33.84 16.01 -2.56
C ASP B 326 -32.48 15.36 -2.26
N LEU B 327 -31.50 15.64 -3.07
CA LEU B 327 -30.14 15.06 -2.84
C LEU B 327 -29.48 15.70 -1.61
N MET B 328 -29.61 17.00 -1.43
CA MET B 328 -28.96 17.62 -0.25
C MET B 328 -29.62 18.95 0.05
N THR B 329 -29.84 19.24 1.30
CA THR B 329 -30.48 20.54 1.66
C THR B 329 -30.06 20.98 3.06
N SER B 330 -29.70 22.23 3.22
CA SER B 330 -29.29 22.73 4.55
C SER B 330 -30.55 23.04 5.37
N VAL B 331 -30.97 22.13 6.20
CA VAL B 331 -32.20 22.37 7.00
C VAL B 331 -31.99 23.58 7.89
N LEU B 332 -30.87 23.64 8.53
CA LEU B 332 -30.58 24.81 9.42
C LEU B 332 -29.20 25.39 9.07
N ALA B 333 -29.16 26.54 8.47
CA ALA B 333 -27.85 27.14 8.11
C ALA B 333 -27.08 27.47 9.39
N PRO B 334 -25.79 27.52 9.32
CA PRO B 334 -24.92 27.82 10.49
C PRO B 334 -25.44 29.02 11.29
N SER B 335 -25.82 28.81 12.52
CA SER B 335 -26.33 29.94 13.33
C SER B 335 -25.93 29.74 14.79
N GLY B 336 -26.47 30.55 15.66
CA GLY B 336 -26.14 30.41 17.11
C GLY B 336 -26.86 29.20 17.69
N ALA C 1 -11.21 -32.67 7.41
CA ALA C 1 -10.76 -34.09 7.46
C ALA C 1 -10.30 -34.42 8.89
N THR C 2 -10.35 -35.67 9.27
CA THR C 2 -9.92 -36.05 10.63
C THR C 2 -8.43 -36.40 10.60
N ALA C 3 -7.83 -36.54 11.75
CA ALA C 3 -6.38 -36.88 11.79
C ALA C 3 -6.14 -38.18 11.02
N ALA C 4 -6.97 -39.16 11.19
CA ALA C 4 -6.77 -40.46 10.47
C ALA C 4 -6.80 -40.21 8.97
N GLU C 5 -7.77 -39.46 8.50
CA GLU C 5 -7.85 -39.19 7.03
C GLU C 5 -6.57 -38.50 6.55
N ILE C 6 -6.08 -37.55 7.30
CA ILE C 6 -4.84 -36.83 6.88
C ILE C 6 -3.63 -37.79 6.91
N ALA C 7 -3.61 -38.68 7.86
CA ALA C 7 -2.45 -39.62 7.95
C ALA C 7 -2.44 -40.60 6.76
N ALA C 8 -3.57 -40.86 6.16
CA ALA C 8 -3.61 -41.82 5.02
C ALA C 8 -3.39 -41.10 3.67
N LEU C 9 -3.22 -39.81 3.65
CA LEU C 9 -3.01 -39.10 2.34
C LEU C 9 -1.55 -39.30 1.88
N PRO C 10 -1.33 -39.40 0.60
CA PRO C 10 0.04 -39.59 0.03
C PRO C 10 0.95 -38.37 0.28
N ARG C 11 2.18 -38.58 0.71
CA ARG C 11 3.09 -37.43 0.96
C ARG C 11 4.13 -37.33 -0.18
N GLN C 12 4.42 -36.13 -0.61
CA GLN C 12 5.42 -35.93 -1.69
C GLN C 12 6.46 -34.89 -1.24
N LYS C 13 7.71 -35.26 -1.24
CA LYS C 13 8.78 -34.34 -0.82
C LYS C 13 9.21 -33.55 -2.04
N VAL C 14 9.40 -32.29 -1.86
CA VAL C 14 9.80 -31.45 -3.01
C VAL C 14 11.11 -30.73 -2.72
N GLU C 15 11.97 -30.69 -3.70
CA GLU C 15 13.27 -30.01 -3.57
C GLU C 15 13.09 -28.59 -4.08
N LEU C 16 13.38 -27.64 -3.27
CA LEU C 16 13.17 -26.22 -3.67
C LEU C 16 14.38 -25.70 -4.42
N VAL C 17 14.16 -24.76 -5.30
CA VAL C 17 15.28 -24.17 -6.07
C VAL C 17 15.46 -22.73 -5.61
N ASP C 18 16.35 -22.01 -6.20
CA ASP C 18 16.53 -20.59 -5.76
C ASP C 18 15.90 -19.63 -6.80
N PRO C 19 15.12 -18.67 -6.35
CA PRO C 19 14.48 -17.68 -7.26
C PRO C 19 15.48 -17.15 -8.30
N PRO C 20 14.99 -16.66 -9.40
CA PRO C 20 13.52 -16.59 -9.68
C PRO C 20 12.93 -17.91 -10.18
N PHE C 21 13.73 -18.92 -10.35
CA PHE C 21 13.23 -20.23 -10.83
C PHE C 21 12.33 -20.86 -9.78
N VAL C 22 11.45 -21.71 -10.19
CA VAL C 22 10.54 -22.38 -9.27
C VAL C 22 10.81 -23.86 -9.38
N HIS C 23 10.41 -24.59 -8.41
CA HIS C 23 10.65 -26.06 -8.43
C HIS C 23 9.68 -26.72 -9.40
N ALA C 24 9.91 -27.97 -9.68
CA ALA C 24 9.02 -28.72 -10.60
C ALA C 24 7.64 -28.85 -9.96
N HIS C 25 6.62 -28.75 -10.77
CA HIS C 25 5.23 -28.87 -10.26
C HIS C 25 4.27 -28.92 -11.46
N SER C 26 3.13 -29.53 -11.30
CA SER C 26 2.16 -29.61 -12.41
C SER C 26 1.06 -28.59 -12.18
N GLN C 27 0.61 -27.95 -13.21
CA GLN C 27 -0.46 -26.92 -13.03
C GLN C 27 -1.69 -27.64 -12.53
N VAL C 28 -2.13 -28.58 -13.30
CA VAL C 28 -3.29 -29.41 -12.89
C VAL C 28 -2.81 -30.41 -11.85
N ALA C 29 -3.53 -30.54 -10.78
CA ALA C 29 -3.11 -31.46 -9.69
C ALA C 29 -3.08 -32.90 -10.18
N GLU C 30 -2.05 -33.61 -9.86
CA GLU C 30 -1.95 -35.04 -10.28
C GLU C 30 -2.38 -35.93 -9.11
N GLY C 31 -3.62 -36.33 -9.08
CA GLY C 31 -4.11 -37.17 -7.97
C GLY C 31 -4.93 -36.31 -7.01
N GLY C 32 -5.31 -36.85 -5.90
CA GLY C 32 -6.12 -36.06 -4.92
C GLY C 32 -5.18 -35.27 -3.98
N PRO C 33 -5.69 -34.87 -2.84
CA PRO C 33 -4.93 -34.10 -1.83
C PRO C 33 -3.70 -34.85 -1.33
N LYS C 34 -2.63 -34.14 -1.13
CA LYS C 34 -1.39 -34.80 -0.64
C LYS C 34 -0.57 -33.84 0.26
N VAL C 35 0.02 -34.37 1.30
CA VAL C 35 0.84 -33.57 2.24
C VAL C 35 2.21 -33.33 1.60
N VAL C 36 2.38 -32.15 1.12
CA VAL C 36 3.61 -31.76 0.44
C VAL C 36 4.60 -31.44 1.52
N GLU C 37 5.78 -31.86 1.33
CA GLU C 37 6.81 -31.63 2.38
C GLU C 37 7.95 -30.80 1.83
N PHE C 38 8.29 -29.74 2.51
CA PHE C 38 9.42 -28.88 2.07
C PHE C 38 10.26 -28.47 3.30
N THR C 39 11.56 -28.43 3.18
CA THR C 39 12.40 -28.05 4.35
C THR C 39 13.32 -26.89 3.97
N MET C 40 13.41 -25.90 4.81
CA MET C 40 14.28 -24.72 4.49
C MET C 40 15.09 -24.30 5.72
N VAL C 41 16.39 -24.23 5.59
CA VAL C 41 17.27 -23.81 6.70
C VAL C 41 17.45 -22.30 6.57
N ILE C 42 17.43 -21.62 7.65
CA ILE C 42 17.57 -20.14 7.61
C ILE C 42 19.03 -19.79 7.77
N GLU C 43 19.53 -18.92 6.95
CA GLU C 43 20.97 -18.57 7.07
C GLU C 43 21.15 -17.05 7.17
N GLU C 44 21.55 -16.55 8.31
CA GLU C 44 21.76 -15.07 8.42
C GLU C 44 23.21 -14.73 8.01
N LYS C 45 23.40 -14.08 6.88
CA LYS C 45 24.78 -13.76 6.47
C LYS C 45 24.77 -12.36 5.87
N LYS C 46 25.82 -12.02 5.21
CA LYS C 46 25.89 -10.66 4.57
C LYS C 46 25.80 -10.76 3.03
N ILE C 47 24.88 -10.03 2.44
CA ILE C 47 24.72 -10.01 0.96
C ILE C 47 24.96 -8.58 0.44
N VAL C 48 25.64 -8.48 -0.66
CA VAL C 48 25.95 -7.19 -1.27
C VAL C 48 24.74 -6.84 -2.05
N ILE C 49 24.40 -5.64 -2.05
CA ILE C 49 23.15 -5.25 -2.76
C ILE C 49 23.39 -4.32 -3.95
N ASP C 50 24.52 -3.69 -4.03
CA ASP C 50 24.75 -2.75 -5.17
C ASP C 50 26.18 -2.88 -5.68
N ASP C 51 26.58 -2.00 -6.55
CA ASP C 51 27.95 -2.07 -7.10
C ASP C 51 28.91 -1.39 -6.12
N ALA C 52 28.40 -0.48 -5.33
CA ALA C 52 29.29 0.22 -4.35
C ALA C 52 29.71 -0.73 -3.21
N GLY C 53 29.32 -1.98 -3.25
CA GLY C 53 29.72 -2.93 -2.16
C GLY C 53 28.83 -2.77 -0.91
N THR C 54 27.70 -2.09 -1.00
CA THR C 54 26.82 -1.94 0.18
C THR C 54 26.49 -3.33 0.69
N GLU C 55 26.37 -3.50 1.97
CA GLU C 55 26.08 -4.86 2.48
C GLU C 55 24.90 -4.85 3.48
N VAL C 56 24.01 -5.80 3.36
CA VAL C 56 22.87 -5.90 4.31
C VAL C 56 22.86 -7.29 5.01
N HIS C 57 22.82 -7.30 6.32
CA HIS C 57 22.80 -8.57 7.10
C HIS C 57 21.48 -9.25 6.79
N ALA C 58 21.49 -10.06 5.81
CA ALA C 58 20.25 -10.73 5.37
C ALA C 58 19.91 -11.97 6.22
N MET C 59 18.64 -12.12 6.45
CA MET C 59 18.10 -13.27 7.21
C MET C 59 17.39 -13.98 6.11
N ALA C 60 17.86 -15.09 5.72
CA ALA C 60 17.28 -15.63 4.50
C ALA C 60 16.89 -17.04 4.65
N PHE C 61 15.70 -17.25 4.30
CA PHE C 61 15.17 -18.66 4.32
C PHE C 61 15.72 -19.38 3.09
N ASN C 62 16.38 -20.50 3.25
CA ASN C 62 16.97 -21.20 2.08
C ASN C 62 18.24 -20.48 1.57
N GLY C 63 18.80 -19.57 2.34
CA GLY C 63 20.03 -18.86 1.88
C GLY C 63 19.75 -17.91 0.69
N THR C 64 18.53 -17.53 0.43
CA THR C 64 18.31 -16.59 -0.75
C THR C 64 17.16 -15.57 -0.50
N VAL C 65 17.38 -14.30 -0.84
CA VAL C 65 16.32 -13.29 -0.70
C VAL C 65 15.82 -12.99 -2.11
N PRO C 66 14.57 -13.21 -2.35
CA PRO C 66 13.61 -13.70 -1.33
C PRO C 66 13.58 -15.23 -1.25
N GLY C 67 13.18 -15.74 -0.13
CA GLY C 67 13.11 -17.22 0.02
C GLY C 67 12.57 -17.82 -1.28
N PRO C 68 12.57 -19.11 -1.37
CA PRO C 68 12.07 -19.84 -2.57
C PRO C 68 10.54 -19.92 -2.62
N LEU C 69 9.99 -20.04 -3.80
CA LEU C 69 8.50 -20.13 -3.92
C LEU C 69 8.05 -21.59 -3.85
N MET C 70 7.22 -21.92 -2.89
CA MET C 70 6.71 -23.29 -2.76
C MET C 70 5.41 -23.35 -3.54
N VAL C 71 5.14 -24.45 -4.13
CA VAL C 71 3.89 -24.53 -4.95
C VAL C 71 3.11 -25.83 -4.68
N VAL C 72 1.94 -25.70 -4.14
CA VAL C 72 1.05 -26.86 -3.88
C VAL C 72 -0.34 -26.50 -4.44
N HIS C 73 -1.27 -27.41 -4.42
CA HIS C 73 -2.62 -27.10 -4.95
C HIS C 73 -3.55 -26.79 -3.78
N GLN C 74 -4.72 -26.36 -4.09
CA GLN C 74 -5.70 -26.03 -3.03
C GLN C 74 -6.21 -27.32 -2.42
N ASP C 75 -6.23 -27.39 -1.13
CA ASP C 75 -6.68 -28.63 -0.45
C ASP C 75 -5.47 -29.38 0.08
N ASP C 76 -4.39 -29.37 -0.65
CA ASP C 76 -3.16 -30.08 -0.19
C ASP C 76 -2.61 -29.39 1.06
N TYR C 77 -2.00 -30.15 1.92
CA TYR C 77 -1.43 -29.57 3.17
C TYR C 77 0.09 -29.39 2.99
N LEU C 78 0.55 -28.23 3.29
CA LEU C 78 1.99 -27.91 3.17
C LEU C 78 2.64 -28.14 4.52
N GLU C 79 3.61 -28.99 4.55
CA GLU C 79 4.29 -29.32 5.82
C GLU C 79 5.71 -28.85 5.66
N LEU C 80 6.09 -27.89 6.41
CA LEU C 80 7.46 -27.34 6.23
C LEU C 80 8.33 -27.51 7.47
N THR C 81 9.42 -28.20 7.32
CA THR C 81 10.38 -28.37 8.46
C THR C 81 11.41 -27.24 8.37
N LEU C 82 11.35 -26.30 9.28
CA LEU C 82 12.27 -25.17 9.26
C LEU C 82 13.36 -25.48 10.23
N ILE C 83 14.49 -24.98 9.96
CA ILE C 83 15.65 -25.27 10.85
C ILE C 83 16.53 -24.02 11.01
N ASN C 84 16.75 -23.64 12.23
CA ASN C 84 17.62 -22.46 12.52
C ASN C 84 18.93 -22.99 13.09
N PRO C 85 19.94 -23.03 12.26
CA PRO C 85 21.28 -23.56 12.63
C PRO C 85 21.94 -22.86 13.82
N GLU C 86 22.73 -23.57 14.58
CA GLU C 86 23.42 -22.94 15.74
C GLU C 86 24.29 -21.75 15.27
N THR C 87 24.78 -21.79 14.05
CA THR C 87 25.64 -20.66 13.55
C THR C 87 24.89 -19.32 13.61
N ASN C 88 23.58 -19.33 13.53
CA ASN C 88 22.83 -18.04 13.55
C ASN C 88 22.86 -17.45 14.96
N THR C 89 22.38 -16.25 15.11
CA THR C 89 22.38 -15.61 16.46
C THR C 89 20.98 -15.04 16.84
N LEU C 90 19.96 -15.20 16.02
CA LEU C 90 18.62 -14.63 16.42
C LEU C 90 17.50 -15.66 16.24
N MET C 91 16.53 -15.69 17.14
CA MET C 91 15.40 -16.66 16.97
C MET C 91 14.45 -16.15 15.88
N HIS C 92 13.99 -17.03 15.01
CA HIS C 92 13.08 -16.60 13.93
C HIS C 92 11.71 -17.29 14.08
N ASN C 93 10.99 -17.34 13.00
CA ASN C 93 9.64 -17.97 12.97
C ASN C 93 9.04 -17.71 11.57
N ILE C 94 8.07 -18.48 11.13
CA ILE C 94 7.51 -18.24 9.77
C ILE C 94 5.98 -18.09 9.81
N ASP C 95 5.47 -17.04 9.23
CA ASP C 95 4.00 -16.83 9.17
C ASP C 95 3.55 -16.83 7.69
N PHE C 96 2.82 -17.84 7.28
CA PHE C 96 2.38 -17.92 5.87
C PHE C 96 0.98 -17.33 5.72
N HIS C 97 0.88 -16.28 4.97
CA HIS C 97 -0.44 -15.62 4.74
C HIS C 97 -1.47 -16.65 4.23
N ALA C 98 -1.02 -17.69 3.58
CA ALA C 98 -1.97 -18.70 3.03
C ALA C 98 -2.41 -19.73 4.09
N ALA C 99 -2.10 -19.49 5.33
CA ALA C 99 -2.53 -20.44 6.40
C ALA C 99 -3.57 -19.77 7.28
N THR C 100 -4.21 -20.52 8.13
CA THR C 100 -5.26 -19.91 9.02
C THR C 100 -5.10 -20.39 10.47
N GLY C 101 -4.69 -19.51 11.35
CA GLY C 101 -4.55 -19.88 12.81
C GLY C 101 -3.09 -19.69 13.31
N ALA C 102 -2.90 -19.16 14.52
CA ALA C 102 -1.51 -19.00 15.05
C ALA C 102 -0.71 -17.93 14.28
N LEU C 103 -1.31 -16.79 14.05
CA LEU C 103 -0.58 -15.69 13.34
C LEU C 103 0.06 -16.20 12.05
N GLY C 104 -0.60 -17.10 11.37
CA GLY C 104 -0.04 -17.62 10.09
C GLY C 104 1.08 -18.64 10.37
N GLY C 105 1.08 -19.24 11.52
CA GLY C 105 2.14 -20.25 11.84
C GLY C 105 3.31 -19.62 12.63
N GLY C 106 3.33 -18.33 12.83
CA GLY C 106 4.46 -17.70 13.58
C GLY C 106 4.36 -18.04 15.08
N GLY C 107 3.17 -18.20 15.59
CA GLY C 107 3.02 -18.52 17.05
C GLY C 107 3.46 -19.96 17.36
N LEU C 108 3.56 -20.82 16.37
CA LEU C 108 3.97 -22.23 16.64
C LEU C 108 5.27 -22.60 15.88
N THR C 109 6.09 -21.64 15.55
CA THR C 109 7.37 -21.94 14.83
C THR C 109 8.54 -21.06 15.37
N GLU C 110 8.46 -20.52 16.56
CA GLU C 110 9.58 -19.70 17.09
C GLU C 110 10.71 -20.64 17.46
N ILE C 111 11.80 -20.60 16.74
CA ILE C 111 12.91 -21.54 17.04
C ILE C 111 14.21 -20.78 17.18
N ASN C 112 14.87 -20.92 18.28
CA ASN C 112 16.16 -20.22 18.48
C ASN C 112 17.30 -21.07 17.91
N PRO C 113 18.43 -20.46 17.65
CA PRO C 113 19.61 -21.17 17.11
C PRO C 113 19.73 -22.59 17.68
N GLY C 114 19.93 -23.56 16.83
CA GLY C 114 20.03 -24.97 17.32
C GLY C 114 18.64 -25.61 17.50
N GLU C 115 17.59 -25.04 16.94
CA GLU C 115 16.24 -25.65 17.10
C GLU C 115 15.50 -25.70 15.74
N LYS C 116 14.74 -26.74 15.50
CA LYS C 116 13.96 -26.86 14.23
C LYS C 116 12.56 -27.38 14.54
N THR C 117 11.59 -27.03 13.76
CA THR C 117 10.22 -27.49 14.03
C THR C 117 9.57 -27.89 12.72
N ILE C 118 8.38 -28.39 12.81
CA ILE C 118 7.65 -28.80 11.59
C ILE C 118 6.19 -28.35 11.72
N LEU C 119 5.72 -27.55 10.81
CA LEU C 119 4.32 -27.07 10.90
C LEU C 119 3.57 -27.46 9.64
N ARG C 120 2.39 -27.97 9.80
CA ARG C 120 1.60 -28.38 8.61
C ARG C 120 0.25 -27.65 8.60
N PHE C 121 -0.08 -27.01 7.52
CA PHE C 121 -1.37 -26.29 7.43
C PHE C 121 -2.08 -26.66 6.11
N LYS C 122 -3.39 -26.57 6.09
CA LYS C 122 -4.17 -26.89 4.88
C LYS C 122 -4.27 -25.64 4.00
N ALA C 123 -3.97 -25.80 2.76
CA ALA C 123 -4.03 -24.68 1.80
C ALA C 123 -5.45 -24.62 1.32
N THR C 124 -6.23 -23.88 2.01
CA THR C 124 -7.70 -23.84 1.69
C THR C 124 -8.10 -22.76 0.66
N LYS C 125 -7.21 -21.90 0.28
CA LYS C 125 -7.57 -20.83 -0.68
C LYS C 125 -6.52 -20.79 -1.79
N PRO C 126 -6.96 -20.69 -3.01
CA PRO C 126 -6.06 -20.66 -4.19
C PRO C 126 -5.51 -19.26 -4.48
N GLY C 127 -4.21 -19.14 -4.67
CA GLY C 127 -3.65 -17.79 -4.98
C GLY C 127 -2.24 -17.64 -4.39
N VAL C 128 -1.45 -16.77 -4.96
CA VAL C 128 -0.08 -16.55 -4.46
C VAL C 128 -0.19 -15.78 -3.15
N PHE C 129 0.67 -16.07 -2.23
CA PHE C 129 0.59 -15.39 -0.93
C PHE C 129 2.00 -15.18 -0.43
N VAL C 130 2.21 -14.19 0.36
CA VAL C 130 3.62 -13.95 0.85
C VAL C 130 3.87 -14.51 2.28
N TYR C 131 4.94 -15.28 2.47
CA TYR C 131 5.29 -15.79 3.80
C TYR C 131 6.44 -14.94 4.32
N HIS C 132 6.60 -14.81 5.60
CA HIS C 132 7.70 -13.95 6.13
C HIS C 132 7.87 -14.15 7.64
N CYS C 133 9.10 -14.12 8.12
CA CYS C 133 9.34 -14.34 9.58
C CYS C 133 8.86 -13.10 10.34
N ALA C 134 8.39 -13.27 11.54
CA ALA C 134 7.90 -12.08 12.29
C ALA C 134 7.96 -12.34 13.79
N PRO C 135 9.13 -12.36 14.34
CA PRO C 135 9.33 -12.58 15.80
C PRO C 135 8.74 -11.41 16.61
N PRO C 136 7.88 -11.71 17.55
CA PRO C 136 7.23 -10.66 18.40
C PRO C 136 8.19 -9.54 18.84
N GLY C 137 7.89 -8.30 18.51
CA GLY C 137 8.79 -7.18 18.93
C GLY C 137 9.80 -6.78 17.83
N MET C 138 10.12 -7.65 16.90
CA MET C 138 11.11 -7.28 15.86
C MET C 138 10.62 -7.77 14.51
N VAL C 139 9.36 -7.58 14.26
CA VAL C 139 8.79 -8.04 12.96
C VAL C 139 9.42 -7.30 11.76
N PRO C 140 9.16 -6.03 11.64
CA PRO C 140 9.65 -5.18 10.52
C PRO C 140 11.14 -5.37 10.24
N TRP C 141 11.92 -5.56 11.27
CA TRP C 141 13.39 -5.75 11.07
C TRP C 141 13.67 -7.05 10.30
N HIS C 142 13.08 -8.14 10.71
CA HIS C 142 13.32 -9.44 10.03
C HIS C 142 12.82 -9.39 8.58
N VAL C 143 11.70 -8.78 8.34
CA VAL C 143 11.15 -8.73 6.95
C VAL C 143 12.06 -7.87 6.06
N VAL C 144 12.44 -6.71 6.53
CA VAL C 144 13.30 -5.81 5.70
C VAL C 144 14.64 -6.49 5.47
N SER C 145 15.09 -7.24 6.43
CA SER C 145 16.39 -7.95 6.27
C SER C 145 16.31 -9.00 5.14
N GLY C 146 15.19 -9.15 4.50
CA GLY C 146 15.05 -10.15 3.41
C GLY C 146 14.52 -11.48 3.94
N MET C 147 13.79 -11.48 5.03
CA MET C 147 13.26 -12.77 5.55
C MET C 147 11.80 -12.93 5.09
N ASN C 148 11.61 -13.15 3.82
CA ASN C 148 10.23 -13.29 3.31
C ASN C 148 10.26 -13.79 1.85
N GLY C 149 9.27 -14.52 1.47
CA GLY C 149 9.19 -15.06 0.07
C GLY C 149 7.71 -15.19 -0.32
N ALA C 150 7.31 -16.28 -0.94
CA ALA C 150 5.87 -16.41 -1.32
C ALA C 150 5.55 -17.83 -1.83
N ILE C 151 4.36 -18.32 -1.55
CA ILE C 151 3.96 -19.67 -2.03
C ILE C 151 2.76 -19.55 -2.97
N MET C 152 2.63 -20.44 -3.91
CA MET C 152 1.49 -20.38 -4.87
C MET C 152 0.62 -21.64 -4.76
N VAL C 153 -0.59 -21.48 -4.30
CA VAL C 153 -1.52 -22.63 -4.17
C VAL C 153 -2.39 -22.57 -5.40
N LEU C 154 -2.14 -23.43 -6.32
CA LEU C 154 -2.90 -23.35 -7.61
C LEU C 154 -4.16 -24.20 -7.59
N PRO C 155 -5.22 -23.70 -8.17
CA PRO C 155 -6.49 -24.46 -8.27
C PRO C 155 -6.23 -25.89 -8.76
N ARG C 156 -6.89 -26.87 -8.20
CA ARG C 156 -6.67 -28.27 -8.62
C ARG C 156 -6.72 -28.39 -10.13
N GLU C 157 -7.59 -27.66 -10.76
CA GLU C 157 -7.71 -27.73 -12.25
C GLU C 157 -6.79 -26.70 -12.96
N GLY C 158 -5.80 -26.16 -12.29
CA GLY C 158 -4.90 -25.17 -12.97
C GLY C 158 -5.51 -23.77 -12.92
N LEU C 159 -4.96 -22.86 -13.68
CA LEU C 159 -5.51 -21.46 -13.68
C LEU C 159 -6.45 -21.26 -14.87
N HIS C 160 -7.45 -20.42 -14.70
CA HIS C 160 -8.41 -20.15 -15.80
C HIS C 160 -8.73 -18.64 -15.77
N ASP C 161 -9.16 -18.11 -16.87
CA ASP C 161 -9.48 -16.64 -16.92
C ASP C 161 -10.74 -16.35 -16.11
N GLY C 162 -11.39 -15.24 -16.38
CA GLY C 162 -12.63 -14.89 -15.61
C GLY C 162 -13.85 -15.66 -16.18
N LYS C 163 -13.79 -16.11 -17.40
CA LYS C 163 -14.96 -16.85 -17.97
C LYS C 163 -14.86 -18.36 -17.70
N GLY C 164 -13.73 -18.82 -17.22
CA GLY C 164 -13.59 -20.30 -16.95
C GLY C 164 -12.57 -20.97 -17.92
N LYS C 165 -12.14 -20.32 -18.97
CA LYS C 165 -11.18 -20.96 -19.92
C LYS C 165 -9.88 -21.26 -19.20
N ALA C 166 -9.20 -22.28 -19.60
CA ALA C 166 -7.91 -22.64 -18.94
C ALA C 166 -6.72 -21.82 -19.51
N LEU C 167 -5.94 -21.22 -18.63
CA LEU C 167 -4.74 -20.46 -19.02
C LEU C 167 -3.55 -21.25 -18.50
N THR C 168 -2.74 -21.73 -19.39
CA THR C 168 -1.61 -22.56 -18.99
C THR C 168 -0.37 -21.85 -19.39
N TYR C 169 0.56 -21.82 -18.54
CA TYR C 169 1.82 -21.09 -18.85
C TYR C 169 2.96 -22.06 -19.14
N ASP C 170 3.82 -21.71 -20.06
CA ASP C 170 4.99 -22.58 -20.37
C ASP C 170 6.16 -22.28 -19.41
N LYS C 171 6.24 -21.08 -18.87
CA LYS C 171 7.36 -20.76 -17.95
C LYS C 171 6.86 -19.87 -16.81
N ILE C 172 7.36 -20.08 -15.63
CA ILE C 172 6.93 -19.25 -14.47
C ILE C 172 8.16 -18.77 -13.67
N TYR C 173 8.21 -17.49 -13.38
CA TYR C 173 9.36 -16.93 -12.62
C TYR C 173 8.79 -16.20 -11.41
N TYR C 174 9.51 -16.19 -10.34
CA TYR C 174 9.05 -15.51 -9.11
C TYR C 174 10.02 -14.41 -8.75
N VAL C 175 9.57 -13.19 -8.81
CA VAL C 175 10.46 -12.04 -8.50
C VAL C 175 10.03 -11.40 -7.18
N GLY C 176 10.80 -11.61 -6.16
CA GLY C 176 10.50 -11.03 -4.83
C GLY C 176 11.19 -9.69 -4.71
N GLU C 177 10.44 -8.67 -4.47
CA GLU C 177 10.99 -7.31 -4.36
C GLU C 177 11.30 -7.08 -2.91
N GLN C 178 12.30 -6.33 -2.65
CA GLN C 178 12.66 -6.08 -1.23
C GLN C 178 13.14 -4.65 -1.02
N ASP C 179 12.53 -3.95 -0.12
CA ASP C 179 12.96 -2.55 0.16
C ASP C 179 13.88 -2.56 1.39
N PHE C 180 15.10 -2.14 1.24
CA PHE C 180 16.02 -2.15 2.39
C PHE C 180 16.11 -0.75 2.99
N TYR C 181 16.88 -0.64 4.02
CA TYR C 181 17.06 0.67 4.71
C TYR C 181 18.46 0.64 5.30
N VAL C 182 19.43 1.00 4.52
CA VAL C 182 20.83 0.91 4.99
C VAL C 182 21.28 2.21 5.61
N PRO C 183 21.81 2.12 6.79
CA PRO C 183 22.33 3.32 7.52
C PRO C 183 23.60 3.91 6.87
N ARG C 184 23.70 5.23 6.79
CA ARG C 184 24.89 5.87 6.19
C ARG C 184 25.56 6.73 7.25
N ASP C 185 26.82 7.00 7.09
CA ASP C 185 27.55 7.83 8.10
C ASP C 185 27.29 9.33 7.87
N GLU C 186 28.20 10.19 8.27
CA GLU C 186 27.98 11.66 8.08
C GLU C 186 28.33 12.08 6.65
N ASN C 187 29.24 11.38 6.00
CA ASN C 187 29.62 11.77 4.61
C ASN C 187 28.63 11.18 3.57
N GLY C 188 27.71 10.35 3.97
CA GLY C 188 26.74 9.77 2.99
C GLY C 188 27.16 8.34 2.56
N LYS C 189 28.23 7.79 3.09
CA LYS C 189 28.64 6.41 2.70
C LYS C 189 27.90 5.37 3.54
N TYR C 190 27.45 4.31 2.92
CA TYR C 190 26.73 3.26 3.66
C TYR C 190 27.65 2.70 4.72
N LYS C 191 27.11 2.32 5.82
CA LYS C 191 27.95 1.78 6.92
C LYS C 191 27.89 0.24 6.91
N LYS C 192 28.97 -0.38 7.28
CA LYS C 192 28.99 -1.86 7.32
C LYS C 192 29.30 -2.29 8.74
N TYR C 193 28.85 -3.44 9.14
CA TYR C 193 29.12 -3.87 10.52
C TYR C 193 29.71 -5.25 10.52
N GLU C 194 29.67 -5.91 11.62
CA GLU C 194 30.24 -7.29 11.69
C GLU C 194 29.14 -8.29 12.09
N ALA C 195 28.09 -7.84 12.74
CA ALA C 195 27.02 -8.77 13.14
C ALA C 195 25.68 -8.14 12.81
N PRO C 196 24.65 -8.92 12.87
CA PRO C 196 23.26 -8.46 12.57
C PRO C 196 22.70 -7.53 13.65
N GLY C 197 22.98 -7.81 14.90
CA GLY C 197 22.44 -6.95 15.99
C GLY C 197 23.15 -5.57 16.01
N ASP C 198 24.40 -5.52 15.63
CA ASP C 198 25.14 -4.22 15.65
C ASP C 198 24.46 -3.20 14.74
N ALA C 199 23.73 -3.64 13.75
CA ALA C 199 23.06 -2.67 12.82
C ALA C 199 21.54 -2.54 13.11
N TYR C 200 21.07 -3.00 14.24
CA TYR C 200 19.60 -2.87 14.55
C TYR C 200 19.17 -1.40 14.85
N GLU C 201 19.84 -0.69 15.74
CA GLU C 201 19.41 0.69 16.08
C GLU C 201 19.53 1.61 14.87
N ASP C 202 20.64 1.56 14.20
CA ASP C 202 20.85 2.45 13.01
C ASP C 202 19.83 2.11 11.93
N THR C 203 19.53 0.87 11.76
CA THR C 203 18.54 0.48 10.71
C THR C 203 17.15 1.00 11.09
N VAL C 204 16.73 0.79 12.30
CA VAL C 204 15.38 1.27 12.73
C VAL C 204 15.23 2.75 12.38
N LYS C 205 16.24 3.53 12.68
CA LYS C 205 16.16 4.98 12.37
C LYS C 205 15.84 5.18 10.89
N VAL C 206 16.48 4.44 10.02
CA VAL C 206 16.21 4.59 8.56
C VAL C 206 14.82 4.05 8.24
N MET C 207 14.45 2.94 8.83
CA MET C 207 13.11 2.36 8.53
C MET C 207 12.00 3.34 8.92
N ARG C 208 12.17 4.08 9.98
CA ARG C 208 11.11 5.05 10.40
C ARG C 208 10.87 6.09 9.29
N THR C 209 11.91 6.49 8.62
CA THR C 209 11.75 7.50 7.54
C THR C 209 10.83 6.98 6.42
N LEU C 210 10.46 5.72 6.44
CA LEU C 210 9.57 5.19 5.36
C LEU C 210 10.19 5.48 3.98
N THR C 211 11.50 5.55 3.91
CA THR C 211 12.15 5.82 2.60
C THR C 211 13.30 4.83 2.43
N PRO C 212 13.08 3.80 1.66
CA PRO C 212 14.11 2.74 1.42
C PRO C 212 15.32 3.22 0.61
N THR C 213 16.52 2.96 1.09
CA THR C 213 17.73 3.40 0.33
C THR C 213 17.86 2.55 -0.96
N HIS C 214 17.29 1.38 -1.00
CA HIS C 214 17.40 0.53 -2.22
C HIS C 214 16.19 -0.40 -2.30
N VAL C 215 15.59 -0.49 -3.46
CA VAL C 215 14.41 -1.37 -3.62
C VAL C 215 14.75 -2.25 -4.79
N VAL C 216 14.92 -3.51 -4.59
CA VAL C 216 15.37 -4.28 -5.76
C VAL C 216 14.68 -5.61 -5.86
N PHE C 217 15.12 -6.40 -6.78
CA PHE C 217 14.50 -7.73 -6.98
C PHE C 217 15.57 -8.81 -6.86
N ASN C 218 15.28 -9.86 -6.15
CA ASN C 218 16.29 -10.96 -5.97
C ASN C 218 17.38 -10.61 -4.93
N GLY C 219 17.22 -9.55 -4.16
CA GLY C 219 18.25 -9.20 -3.13
C GLY C 219 19.44 -8.34 -3.69
N ALA C 220 19.36 -7.69 -4.84
CA ALA C 220 20.53 -6.85 -5.27
C ALA C 220 20.22 -6.03 -6.54
N VAL C 221 20.65 -4.78 -6.58
CA VAL C 221 20.42 -3.97 -7.81
C VAL C 221 21.08 -4.69 -8.98
N GLY C 222 20.36 -4.90 -10.04
CA GLY C 222 20.95 -5.62 -11.20
C GLY C 222 21.05 -7.14 -10.93
N ALA C 223 20.23 -7.69 -10.04
CA ALA C 223 20.31 -9.16 -9.78
C ALA C 223 19.68 -10.00 -10.92
N LEU C 224 18.55 -9.60 -11.46
CA LEU C 224 17.88 -10.40 -12.55
C LEU C 224 18.20 -9.86 -13.95
N THR C 225 19.41 -9.46 -14.18
CA THR C 225 19.85 -8.97 -15.52
C THR C 225 21.24 -9.55 -15.83
N GLY C 226 21.56 -9.73 -17.08
CA GLY C 226 22.88 -10.32 -17.45
C GLY C 226 22.75 -11.83 -17.40
N ASP C 227 23.57 -12.47 -16.62
CA ASP C 227 23.46 -13.96 -16.52
C ASP C 227 22.12 -14.37 -15.87
N LYS C 228 21.49 -13.48 -15.12
CA LYS C 228 20.18 -13.85 -14.48
C LYS C 228 18.97 -13.31 -15.27
N ALA C 229 19.17 -12.60 -16.35
CA ALA C 229 17.98 -12.08 -17.11
C ALA C 229 17.03 -13.24 -17.45
N MET C 230 15.76 -13.09 -17.15
CA MET C 230 14.80 -14.16 -17.47
C MET C 230 14.87 -14.43 -18.96
N THR C 231 14.20 -15.43 -19.40
CA THR C 231 14.20 -15.76 -20.84
C THR C 231 12.79 -16.19 -21.29
N ALA C 232 12.49 -15.95 -22.54
CA ALA C 232 11.16 -16.33 -23.10
C ALA C 232 11.22 -16.14 -24.63
N ALA C 233 10.46 -16.91 -25.38
CA ALA C 233 10.49 -16.78 -26.85
C ALA C 233 9.10 -16.41 -27.36
N VAL C 234 9.05 -15.69 -28.43
CA VAL C 234 7.75 -15.27 -29.01
C VAL C 234 6.83 -16.46 -29.05
N GLY C 235 5.61 -16.27 -28.64
CA GLY C 235 4.63 -17.40 -28.63
C GLY C 235 4.61 -18.14 -27.26
N GLU C 236 5.51 -17.84 -26.36
CA GLU C 236 5.53 -18.52 -25.05
C GLU C 236 4.69 -17.74 -24.04
N LYS C 237 4.03 -18.44 -23.18
CA LYS C 237 3.18 -17.80 -22.15
C LYS C 237 3.94 -17.91 -20.86
N VAL C 238 4.04 -16.86 -20.14
CA VAL C 238 4.83 -16.90 -18.90
C VAL C 238 4.10 -16.23 -17.76
N LEU C 239 4.11 -16.86 -16.63
CA LEU C 239 3.45 -16.29 -15.43
C LEU C 239 4.53 -15.72 -14.52
N ILE C 240 4.44 -14.46 -14.18
CA ILE C 240 5.46 -13.82 -13.33
C ILE C 240 4.85 -13.45 -11.97
N VAL C 241 5.13 -14.25 -10.98
CA VAL C 241 4.62 -13.97 -9.62
C VAL C 241 5.54 -12.96 -8.97
N HIS C 242 4.98 -12.04 -8.28
CA HIS C 242 5.80 -10.99 -7.65
C HIS C 242 5.27 -10.74 -6.25
N SER C 243 6.14 -10.59 -5.32
CA SER C 243 5.68 -10.36 -3.92
C SER C 243 6.49 -9.26 -3.23
N GLN C 244 5.83 -8.55 -2.35
CA GLN C 244 6.45 -7.46 -1.55
C GLN C 244 5.85 -7.58 -0.14
N ALA C 245 6.63 -8.04 0.80
CA ALA C 245 6.12 -8.27 2.18
C ALA C 245 6.60 -7.16 3.11
N ASN C 246 6.45 -5.98 2.65
CA ASN C 246 6.85 -4.77 3.43
C ASN C 246 6.86 -3.50 2.54
N ARG C 247 5.99 -3.38 1.54
CA ARG C 247 6.02 -2.14 0.72
C ARG C 247 5.14 -2.30 -0.51
N ASP C 248 4.40 -1.29 -0.88
CA ASP C 248 3.53 -1.42 -2.10
C ASP C 248 4.36 -1.17 -3.40
N THR C 249 4.19 -2.01 -4.41
CA THR C 249 4.92 -1.81 -5.69
C THR C 249 3.90 -1.73 -6.83
N ARG C 250 4.37 -1.53 -8.01
CA ARG C 250 3.48 -1.44 -9.21
C ARG C 250 4.23 -1.99 -10.42
N PRO C 251 4.15 -3.28 -10.60
CA PRO C 251 4.85 -4.01 -11.69
C PRO C 251 4.49 -3.50 -13.09
N HIS C 252 5.42 -3.57 -13.98
CA HIS C 252 5.18 -3.13 -15.39
C HIS C 252 6.25 -3.72 -16.35
N LEU C 253 5.82 -4.54 -17.29
CA LEU C 253 6.75 -5.13 -18.29
C LEU C 253 6.90 -4.15 -19.45
N ILE C 254 8.04 -3.56 -19.55
CA ILE C 254 8.34 -2.57 -20.60
C ILE C 254 8.31 -3.27 -21.93
N GLY C 255 7.53 -2.76 -22.81
CA GLY C 255 7.43 -3.41 -24.15
C GLY C 255 6.28 -4.44 -24.16
N GLY C 256 5.76 -4.83 -23.02
CA GLY C 256 4.66 -5.83 -23.01
C GLY C 256 3.57 -5.39 -22.05
N HIS C 257 2.78 -6.31 -21.59
CA HIS C 257 1.68 -5.96 -20.66
C HIS C 257 1.20 -7.23 -19.94
N GLY C 258 0.40 -7.06 -18.93
CA GLY C 258 -0.12 -8.23 -18.18
C GLY C 258 -1.44 -8.64 -18.80
N ASP C 259 -1.41 -9.60 -19.66
CA ASP C 259 -2.66 -10.03 -20.34
C ASP C 259 -3.72 -10.27 -19.28
N TYR C 260 -3.41 -11.12 -18.37
CA TYR C 260 -4.34 -11.42 -17.25
C TYR C 260 -3.56 -11.21 -15.96
N VAL C 261 -4.03 -10.39 -15.06
CA VAL C 261 -3.22 -10.15 -13.83
C VAL C 261 -4.06 -10.24 -12.56
N TRP C 262 -3.85 -11.26 -11.79
CA TRP C 262 -4.57 -11.38 -10.49
C TRP C 262 -3.83 -10.46 -9.55
N ALA C 263 -4.18 -9.21 -9.58
CA ALA C 263 -3.45 -8.18 -8.80
C ALA C 263 -3.49 -8.53 -7.33
N THR C 264 -4.61 -8.93 -6.89
CA THR C 264 -4.77 -9.29 -5.45
C THR C 264 -4.07 -10.63 -5.15
N GLY C 265 -3.60 -11.31 -6.16
CA GLY C 265 -2.92 -12.63 -5.89
C GLY C 265 -3.94 -13.70 -5.39
N LYS C 266 -5.18 -13.60 -5.79
CA LYS C 266 -6.20 -14.59 -5.37
C LYS C 266 -6.84 -15.12 -6.66
N PHE C 267 -6.81 -16.39 -6.85
CA PHE C 267 -7.36 -16.98 -8.12
C PHE C 267 -8.89 -16.81 -8.18
N ASN C 268 -9.56 -16.97 -7.09
CA ASN C 268 -11.04 -16.85 -7.08
C ASN C 268 -11.43 -15.48 -7.59
N THR C 269 -10.63 -14.50 -7.31
CA THR C 269 -10.95 -13.13 -7.77
C THR C 269 -10.56 -13.00 -9.25
N PRO C 270 -11.52 -12.75 -10.10
CA PRO C 270 -11.27 -12.61 -11.57
C PRO C 270 -10.02 -11.77 -11.87
N PRO C 271 -9.19 -12.18 -12.81
CA PRO C 271 -7.94 -11.42 -13.14
C PRO C 271 -8.15 -10.20 -14.08
N ASP C 272 -7.74 -9.00 -13.69
CA ASP C 272 -7.90 -7.86 -14.61
C ASP C 272 -7.29 -8.27 -15.95
N VAL C 273 -7.49 -7.52 -16.98
CA VAL C 273 -6.91 -7.93 -18.30
C VAL C 273 -6.38 -6.70 -19.07
N ASP C 274 -5.38 -6.91 -19.89
CA ASP C 274 -4.82 -5.81 -20.70
C ASP C 274 -4.28 -4.79 -19.73
N GLN C 275 -3.44 -5.22 -18.85
CA GLN C 275 -2.92 -4.24 -17.83
C GLN C 275 -1.53 -3.69 -18.19
N GLU C 276 -1.37 -2.37 -18.22
CA GLU C 276 -0.02 -1.78 -18.49
C GLU C 276 0.83 -1.79 -17.20
N THR C 277 0.24 -1.48 -16.06
CA THR C 277 0.97 -1.45 -14.78
C THR C 277 -0.02 -1.87 -13.69
N TRP C 278 0.31 -2.85 -12.93
CA TRP C 278 -0.63 -3.33 -11.89
C TRP C 278 -0.31 -2.70 -10.55
N PHE C 279 -0.79 -3.28 -9.48
CA PHE C 279 -0.52 -2.72 -8.14
C PHE C 279 -0.63 -3.81 -7.07
N ILE C 280 0.45 -4.07 -6.37
CA ILE C 280 0.44 -5.10 -5.30
C ILE C 280 0.79 -4.39 -4.00
N PRO C 281 -0.12 -4.39 -3.07
CA PRO C 281 0.06 -3.70 -1.75
C PRO C 281 1.01 -4.43 -0.79
N GLY C 282 1.91 -3.70 -0.18
CA GLY C 282 2.83 -4.32 0.79
C GLY C 282 2.07 -5.40 1.54
N GLY C 283 2.72 -6.47 1.82
CA GLY C 283 2.06 -7.60 2.52
C GLY C 283 1.23 -8.42 1.53
N ALA C 284 1.61 -8.50 0.27
CA ALA C 284 0.76 -9.31 -0.67
C ALA C 284 1.52 -9.69 -1.95
N ALA C 285 1.27 -10.86 -2.48
CA ALA C 285 1.94 -11.27 -3.76
C ALA C 285 0.89 -11.45 -4.87
N GLY C 286 1.15 -10.97 -6.06
CA GLY C 286 0.16 -11.11 -7.16
C GLY C 286 0.75 -12.00 -8.26
N ALA C 287 0.15 -11.97 -9.42
CA ALA C 287 0.65 -12.80 -10.55
C ALA C 287 0.13 -12.23 -11.87
N ALA C 288 0.97 -12.20 -12.87
CA ALA C 288 0.56 -11.67 -14.20
C ALA C 288 0.98 -12.67 -15.27
N PHE C 289 0.09 -12.96 -16.17
CA PHE C 289 0.41 -13.94 -17.24
C PHE C 289 0.40 -13.21 -18.57
N TYR C 290 1.38 -13.41 -19.37
CA TYR C 290 1.43 -12.70 -20.67
C TYR C 290 2.12 -13.55 -21.73
N THR C 291 1.61 -13.51 -22.92
CA THR C 291 2.20 -14.27 -24.04
C THR C 291 3.06 -13.32 -24.85
N PHE C 292 4.33 -13.59 -24.92
CA PHE C 292 5.25 -12.70 -25.67
C PHE C 292 4.94 -12.72 -27.16
N GLN C 293 4.96 -11.57 -27.78
CA GLN C 293 4.69 -11.49 -29.24
C GLN C 293 5.88 -10.86 -30.00
N GLN C 294 6.82 -10.25 -29.31
CA GLN C 294 7.98 -9.63 -30.02
C GLN C 294 9.28 -10.00 -29.32
N PRO C 295 10.31 -10.26 -30.09
CA PRO C 295 11.65 -10.64 -29.57
C PRO C 295 12.50 -9.43 -29.22
N GLY C 296 13.41 -9.57 -28.30
CA GLY C 296 14.26 -8.42 -27.92
C GLY C 296 14.43 -8.41 -26.40
N ILE C 297 14.97 -7.35 -25.88
CA ILE C 297 15.17 -7.26 -24.40
C ILE C 297 14.10 -6.34 -23.80
N TYR C 298 13.39 -6.82 -22.82
CA TYR C 298 12.33 -6.01 -22.17
C TYR C 298 12.65 -5.88 -20.68
N ALA C 299 12.46 -4.73 -20.13
CA ALA C 299 12.75 -4.52 -18.69
C ALA C 299 11.47 -4.67 -17.92
N TYR C 300 11.54 -5.22 -16.75
CA TYR C 300 10.29 -5.42 -15.98
C TYR C 300 10.53 -4.79 -14.64
N VAL C 301 9.83 -3.77 -14.28
CA VAL C 301 10.20 -3.19 -12.97
C VAL C 301 9.10 -2.37 -12.34
N ASN C 302 9.35 -1.98 -11.13
CA ASN C 302 8.39 -1.17 -10.37
C ASN C 302 8.27 0.13 -11.12
N HIS C 303 7.10 0.52 -11.45
CA HIS C 303 6.98 1.77 -12.26
C HIS C 303 7.62 2.90 -11.48
N ASN C 304 7.30 3.09 -10.23
CA ASN C 304 8.04 4.19 -9.56
C ASN C 304 9.41 4.31 -10.30
N LEU C 305 9.47 5.10 -11.36
CA LEU C 305 10.71 5.20 -12.18
C LEU C 305 11.91 5.38 -11.27
N ILE C 306 11.75 6.21 -10.31
CA ILE C 306 12.87 6.46 -9.36
C ILE C 306 13.22 5.15 -8.68
N GLU C 307 12.23 4.51 -8.13
CA GLU C 307 12.48 3.19 -7.47
C GLU C 307 13.06 2.16 -8.48
N ALA C 308 12.67 2.21 -9.74
CA ALA C 308 13.20 1.22 -10.73
C ALA C 308 14.58 1.61 -11.35
N PHE C 309 14.95 2.87 -11.43
CA PHE C 309 16.26 3.19 -12.07
C PHE C 309 17.24 3.75 -11.06
N GLU C 310 16.75 4.52 -10.14
CA GLU C 310 17.66 5.12 -9.12
C GLU C 310 17.82 4.21 -7.88
N LEU C 311 16.85 3.39 -7.54
CA LEU C 311 17.01 2.54 -6.33
C LEU C 311 17.53 1.17 -6.73
N GLY C 312 16.95 0.59 -7.74
CA GLY C 312 17.40 -0.76 -8.20
C GLY C 312 16.20 -1.74 -8.41
N ALA C 313 15.00 -1.28 -8.72
CA ALA C 313 13.88 -2.24 -8.95
C ALA C 313 13.68 -2.46 -10.45
N ALA C 314 14.62 -3.07 -11.14
CA ALA C 314 14.44 -3.30 -12.60
C ALA C 314 15.19 -4.55 -13.06
N ALA C 315 14.49 -5.51 -13.63
CA ALA C 315 15.16 -6.74 -14.12
C ALA C 315 15.01 -6.75 -15.63
N HIS C 316 15.46 -7.75 -16.30
CA HIS C 316 15.29 -7.73 -17.79
C HIS C 316 15.06 -9.13 -18.39
N PHE C 317 14.06 -9.27 -19.26
CA PHE C 317 13.83 -10.59 -19.93
C PHE C 317 14.31 -10.55 -21.41
N LYS C 318 15.10 -11.52 -21.83
CA LYS C 318 15.61 -11.59 -23.20
C LYS C 318 14.72 -12.57 -23.91
N VAL C 319 14.19 -12.19 -25.01
CA VAL C 319 13.25 -13.07 -25.71
C VAL C 319 13.73 -13.28 -27.11
N THR C 320 13.60 -14.47 -27.56
CA THR C 320 14.06 -14.79 -28.95
C THR C 320 12.86 -15.03 -29.84
N GLY C 321 13.03 -14.91 -31.13
CA GLY C 321 11.87 -15.14 -32.06
C GLY C 321 11.98 -14.21 -33.28
N GLU C 322 10.89 -14.02 -33.97
CA GLU C 322 10.90 -13.14 -35.17
C GLU C 322 10.09 -11.89 -34.84
N TRP C 323 10.54 -10.77 -35.31
CA TRP C 323 9.84 -9.50 -35.04
C TRP C 323 8.56 -9.46 -35.86
N ASN C 324 7.58 -8.79 -35.34
CA ASN C 324 6.27 -8.67 -36.04
C ASN C 324 6.04 -7.20 -36.36
N ASP C 325 6.17 -6.84 -37.60
CA ASP C 325 6.00 -5.42 -37.99
C ASP C 325 4.55 -5.00 -37.78
N ASP C 326 3.64 -5.87 -38.10
CA ASP C 326 2.20 -5.53 -37.93
C ASP C 326 2.01 -4.85 -36.57
N LEU C 327 2.50 -5.45 -35.53
CA LEU C 327 2.38 -4.86 -34.17
C LEU C 327 3.17 -3.55 -34.08
N MET C 328 4.38 -3.49 -34.59
CA MET C 328 5.14 -2.21 -34.47
C MET C 328 6.25 -2.16 -35.50
N THR C 329 6.39 -1.06 -36.16
CA THR C 329 7.46 -0.95 -37.19
C THR C 329 7.98 0.50 -37.26
N SER C 330 9.28 0.68 -37.36
CA SER C 330 9.84 2.06 -37.46
C SER C 330 9.78 2.51 -38.91
N VAL C 331 8.74 3.22 -39.27
CA VAL C 331 8.60 3.67 -40.68
C VAL C 331 9.82 4.50 -41.06
N LEU C 332 10.17 5.41 -40.22
CA LEU C 332 11.36 6.26 -40.50
C LEU C 332 12.32 6.22 -39.31
N ALA C 333 13.42 5.52 -39.44
CA ALA C 333 14.39 5.43 -38.31
C ALA C 333 14.94 6.83 -38.02
N PRO C 334 15.38 7.04 -36.81
CA PRO C 334 15.93 8.34 -36.37
C PRO C 334 16.94 8.90 -37.38
N SER C 335 16.69 10.05 -37.92
CA SER C 335 17.65 10.63 -38.91
C SER C 335 17.71 12.14 -38.74
N GLY C 336 18.24 12.83 -39.70
CA GLY C 336 18.33 14.31 -39.61
C GLY C 336 17.03 14.93 -40.10
N GLU D 1 22.98 -2.40 48.42
CA GLU D 1 22.93 -1.30 47.47
C GLU D 1 22.13 -1.69 46.22
N ASN D 2 22.04 -0.77 45.29
CA ASN D 2 21.19 -0.91 44.11
C ASN D 2 22.03 -0.96 42.85
N ILE D 3 21.61 -1.82 41.91
CA ILE D 3 22.29 -1.92 40.63
C ILE D 3 21.25 -1.71 39.53
N GLU D 4 21.53 -0.74 38.68
CA GLU D 4 20.56 -0.42 37.64
C GLU D 4 20.90 -1.13 36.32
N VAL D 5 19.88 -1.74 35.73
CA VAL D 5 20.06 -2.50 34.49
C VAL D 5 19.09 -1.95 33.44
N HIS D 6 19.54 -1.74 32.21
CA HIS D 6 18.63 -1.25 31.18
C HIS D 6 18.29 -2.38 30.19
N MET D 7 17.06 -2.34 29.71
CA MET D 7 16.57 -3.25 28.67
C MET D 7 16.50 -2.46 27.37
N LEU D 8 17.22 -2.94 26.38
CA LEU D 8 17.32 -2.23 25.11
C LEU D 8 17.07 -3.11 23.89
N ASN D 9 16.59 -2.49 22.81
CA ASN D 9 16.40 -3.19 21.55
C ASN D 9 17.76 -3.42 20.89
N LYS D 10 18.72 -2.56 21.18
CA LYS D 10 20.04 -2.72 20.57
C LYS D 10 21.10 -2.17 21.51
N GLY D 11 22.20 -2.89 21.68
CA GLY D 11 23.25 -2.40 22.58
C GLY D 11 24.58 -2.95 22.10
N ALA D 12 25.57 -3.03 22.99
CA ALA D 12 26.88 -3.46 22.60
C ALA D 12 26.93 -4.87 22.04
N GLU D 13 26.17 -5.80 22.61
CA GLU D 13 26.30 -7.16 22.10
C GLU D 13 25.36 -7.48 20.94
N GLY D 14 24.56 -6.53 20.49
CA GLY D 14 23.65 -6.81 19.38
C GLY D 14 22.24 -6.40 19.73
N ALA D 15 21.25 -7.08 19.15
CA ALA D 15 19.86 -6.79 19.38
C ALA D 15 19.36 -7.49 20.66
N MET D 16 18.40 -6.85 21.31
CA MET D 16 17.63 -7.33 22.44
C MET D 16 18.54 -7.70 23.63
N VAL D 17 18.95 -6.70 24.40
CA VAL D 17 19.92 -7.00 25.46
C VAL D 17 19.60 -6.32 26.79
N PHE D 18 20.21 -6.91 27.82
CA PHE D 18 20.19 -6.31 29.17
C PHE D 18 21.57 -5.68 29.30
N GLU D 19 21.68 -4.47 29.82
CA GLU D 19 22.99 -3.84 30.03
C GLU D 19 23.04 -3.32 31.47
N PRO D 20 23.91 -3.83 32.33
CA PRO D 20 24.87 -4.90 32.06
C PRO D 20 24.20 -6.27 32.01
N ALA D 21 24.87 -7.28 31.46
CA ALA D 21 24.21 -8.61 31.41
C ALA D 21 24.82 -9.50 32.48
N TYR D 22 25.81 -8.94 33.17
CA TYR D 22 26.44 -9.69 34.28
C TYR D 22 26.30 -8.78 35.50
N ILE D 23 25.59 -9.24 36.52
CA ILE D 23 25.33 -8.41 37.68
C ILE D 23 25.84 -9.10 38.93
N LYS D 24 26.75 -8.40 39.61
CA LYS D 24 27.33 -8.95 40.83
C LYS D 24 26.66 -8.34 42.04
N ALA D 25 26.11 -9.15 42.94
CA ALA D 25 25.39 -8.51 44.04
C ALA D 25 25.54 -9.31 45.33
N ASN D 26 25.05 -8.77 46.44
CA ASN D 26 25.09 -9.50 47.71
C ASN D 26 23.69 -9.61 48.28
N PRO D 27 23.43 -10.54 49.20
CA PRO D 27 22.09 -10.69 49.79
C PRO D 27 21.59 -9.38 50.39
N GLY D 28 20.38 -8.96 50.08
CA GLY D 28 19.84 -7.70 50.54
C GLY D 28 19.97 -6.60 49.49
N ASP D 29 20.79 -6.76 48.45
CA ASP D 29 20.88 -5.73 47.40
C ASP D 29 19.64 -5.71 46.54
N THR D 30 19.44 -4.62 45.79
CA THR D 30 18.33 -4.61 44.85
C THR D 30 18.91 -4.42 43.44
N VAL D 31 18.17 -4.95 42.48
CA VAL D 31 18.48 -4.83 41.07
C VAL D 31 17.24 -4.15 40.45
N THR D 32 17.48 -2.97 39.88
CA THR D 32 16.39 -2.24 39.25
C THR D 32 16.48 -2.34 37.72
N PHE D 33 15.45 -2.92 37.13
CA PHE D 33 15.39 -3.15 35.69
C PHE D 33 14.57 -2.04 35.04
N ILE D 34 15.18 -1.31 34.12
CA ILE D 34 14.52 -0.17 33.49
C ILE D 34 14.35 -0.38 31.99
N PRO D 35 13.11 -0.54 31.53
CA PRO D 35 12.97 -0.70 30.07
C PRO D 35 13.13 0.65 29.36
N VAL D 36 14.30 0.88 28.78
CA VAL D 36 14.58 2.11 28.05
C VAL D 36 13.83 2.09 26.72
N ASP D 37 13.73 0.91 26.13
CA ASP D 37 12.88 0.76 24.93
C ASP D 37 11.65 -0.01 25.35
N LYS D 38 10.57 0.06 24.58
CA LYS D 38 9.38 -0.70 24.96
C LYS D 38 9.47 -2.15 24.46
N GLY D 39 8.66 -3.03 25.06
CA GLY D 39 8.57 -4.40 24.63
C GLY D 39 9.34 -5.39 25.48
N HIS D 40 9.87 -4.96 26.62
CA HIS D 40 10.69 -5.87 27.43
C HIS D 40 10.18 -6.07 28.85
N ASN D 41 10.56 -7.18 29.48
CA ASN D 41 10.20 -7.48 30.87
C ASN D 41 11.36 -8.33 31.43
N VAL D 42 11.19 -8.87 32.61
CA VAL D 42 12.22 -9.75 33.19
C VAL D 42 11.50 -10.86 33.93
N GLU D 43 12.00 -12.07 33.79
CA GLU D 43 11.38 -13.27 34.35
C GLU D 43 12.47 -14.27 34.74
N SER D 44 12.37 -14.88 35.92
CA SER D 44 13.40 -15.85 36.28
C SER D 44 13.16 -17.11 35.44
N ILE D 45 14.24 -17.81 35.10
CA ILE D 45 14.09 -19.02 34.29
C ILE D 45 13.98 -20.24 35.19
N LYS D 46 13.04 -21.11 34.89
CA LYS D 46 12.82 -22.35 35.71
C LYS D 46 14.10 -23.17 35.87
N ASP D 47 14.39 -23.50 37.09
CA ASP D 47 15.55 -24.29 37.46
C ASP D 47 16.88 -23.63 37.20
N MET D 48 16.83 -22.30 36.99
CA MET D 48 18.09 -21.57 36.83
C MET D 48 18.15 -20.41 37.82
N ILE D 49 17.60 -20.63 38.99
CA ILE D 49 17.71 -19.74 40.15
C ILE D 49 18.03 -20.64 41.34
N PRO D 50 18.60 -20.10 42.39
CA PRO D 50 18.99 -20.96 43.51
C PRO D 50 17.83 -21.61 44.24
N GLU D 51 18.13 -22.77 44.81
CA GLU D 51 17.28 -23.63 45.57
C GLU D 51 16.08 -23.02 46.29
N GLY D 52 16.25 -22.05 47.18
CA GLY D 52 15.11 -21.50 47.91
C GLY D 52 14.65 -20.12 47.55
N ALA D 53 14.99 -19.70 46.33
CA ALA D 53 14.62 -18.34 45.93
C ALA D 53 13.24 -18.37 45.30
N GLU D 54 12.50 -17.27 45.35
CA GLU D 54 11.18 -17.25 44.73
C GLU D 54 11.26 -16.91 43.25
N LYS D 55 10.39 -17.49 42.45
CA LYS D 55 10.33 -17.17 41.02
C LYS D 55 9.75 -15.77 40.87
N PHE D 56 10.03 -15.08 39.76
CA PHE D 56 9.53 -13.72 39.58
C PHE D 56 9.28 -13.41 38.12
N LYS D 57 8.34 -12.51 37.87
CA LYS D 57 8.03 -12.14 36.49
C LYS D 57 7.44 -10.73 36.49
N SER D 58 8.07 -9.83 35.76
CA SER D 58 7.55 -8.46 35.75
C SER D 58 6.58 -8.22 34.60
N LYS D 59 5.82 -7.12 34.58
CA LYS D 59 4.98 -6.86 33.42
C LYS D 59 5.79 -6.15 32.34
N ILE D 60 5.42 -6.32 31.07
CA ILE D 60 6.16 -5.68 29.99
C ILE D 60 6.10 -4.16 30.11
N ASN D 61 7.20 -3.48 29.91
CA ASN D 61 7.32 -2.03 29.97
C ASN D 61 7.40 -1.40 31.36
N GLU D 62 7.23 -2.18 32.41
CA GLU D 62 7.35 -1.66 33.77
C GLU D 62 8.78 -1.73 34.34
N ASN D 63 9.05 -0.73 35.16
CA ASN D 63 10.29 -0.65 35.92
C ASN D 63 10.12 -1.71 37.01
N TYR D 64 11.09 -2.59 37.20
CA TYR D 64 10.88 -3.61 38.23
C TYR D 64 12.06 -3.64 39.19
N VAL D 65 11.79 -3.70 40.49
CA VAL D 65 12.88 -3.76 41.44
C VAL D 65 12.94 -5.16 42.05
N LEU D 66 14.03 -5.86 41.79
CA LEU D 66 14.19 -7.19 42.36
C LEU D 66 15.02 -7.13 43.63
N THR D 67 14.56 -7.71 44.73
CA THR D 67 15.44 -7.81 45.90
C THR D 67 16.05 -9.22 45.91
N VAL D 68 17.36 -9.30 46.05
CA VAL D 68 17.97 -10.63 46.01
C VAL D 68 18.39 -11.04 47.42
N THR D 69 17.97 -12.24 47.80
CA THR D 69 18.26 -12.77 49.14
C THR D 69 19.19 -13.97 49.09
N GLN D 70 18.76 -15.04 48.42
CA GLN D 70 19.59 -16.26 48.38
C GLN D 70 20.83 -16.14 47.52
N PRO D 71 21.97 -16.60 48.03
CA PRO D 71 23.23 -16.61 47.29
C PRO D 71 23.13 -17.66 46.17
N GLY D 72 23.94 -17.46 45.15
CA GLY D 72 23.87 -18.37 44.02
C GLY D 72 23.72 -17.56 42.72
N ALA D 73 23.65 -18.27 41.61
CA ALA D 73 23.50 -17.62 40.31
C ALA D 73 22.03 -17.71 39.89
N TYR D 74 21.60 -16.70 39.16
CA TYR D 74 20.25 -16.57 38.65
C TYR D 74 20.39 -16.18 37.16
N LEU D 75 19.72 -16.96 36.32
CA LEU D 75 19.68 -16.53 34.90
C LEU D 75 18.27 -15.99 34.69
N VAL D 76 18.18 -14.76 34.22
CA VAL D 76 16.86 -14.18 33.97
C VAL D 76 16.75 -13.93 32.47
N LYS D 77 15.50 -13.91 32.00
CA LYS D 77 15.31 -13.63 30.59
C LYS D 77 14.30 -12.51 30.43
N CYS D 78 14.20 -12.01 29.21
CA CYS D 78 13.09 -11.16 28.80
C CYS D 78 12.09 -12.17 28.20
N THR D 79 10.85 -12.20 28.63
CA THR D 79 9.90 -13.21 28.14
C THR D 79 9.76 -13.17 26.63
N PRO D 80 9.43 -12.04 26.02
CA PRO D 80 9.30 -12.04 24.56
C PRO D 80 10.60 -12.27 23.83
N HIS D 81 11.76 -11.80 24.32
CA HIS D 81 12.93 -11.94 23.48
C HIS D 81 13.98 -12.96 23.94
N TYR D 82 13.58 -13.88 24.80
CA TYR D 82 14.48 -14.92 25.26
C TYR D 82 15.09 -15.70 24.09
N ALA D 83 14.23 -16.07 23.13
CA ALA D 83 14.79 -16.81 21.99
C ALA D 83 15.76 -16.01 21.15
N MET D 84 15.79 -14.69 21.25
CA MET D 84 16.73 -13.85 20.53
C MET D 84 17.96 -13.54 21.38
N GLY D 85 18.07 -14.18 22.54
CA GLY D 85 19.27 -14.05 23.36
C GLY D 85 19.17 -13.09 24.51
N MET D 86 17.99 -12.54 24.80
CA MET D 86 17.97 -11.48 25.84
C MET D 86 17.99 -12.06 27.24
N ILE D 87 19.17 -12.15 27.85
CA ILE D 87 19.27 -12.73 29.19
C ILE D 87 20.25 -11.92 30.02
N ALA D 88 20.25 -12.14 31.33
CA ALA D 88 21.26 -11.55 32.19
C ALA D 88 21.55 -12.62 33.27
N LEU D 89 22.78 -12.57 33.79
CA LEU D 89 23.18 -13.49 34.88
C LEU D 89 23.41 -12.63 36.11
N ILE D 90 22.74 -13.00 37.21
CA ILE D 90 22.96 -12.29 38.46
C ILE D 90 23.73 -13.26 39.37
N ALA D 91 24.87 -12.83 39.89
CA ALA D 91 25.68 -13.68 40.77
C ALA D 91 25.63 -13.06 42.17
N VAL D 92 25.03 -13.80 43.09
CA VAL D 92 24.87 -13.37 44.49
C VAL D 92 25.86 -14.08 45.39
N GLY D 93 26.80 -13.33 45.96
CA GLY D 93 27.80 -13.92 46.85
C GLY D 93 28.96 -14.49 46.05
N ASP D 94 29.98 -15.07 46.67
CA ASP D 94 31.08 -15.58 45.85
C ASP D 94 30.88 -17.05 45.49
N SER D 95 31.56 -17.52 44.46
CA SER D 95 31.55 -18.82 43.85
C SER D 95 30.20 -19.52 43.95
N PRO D 96 29.26 -19.01 43.18
CA PRO D 96 27.87 -19.49 43.22
C PRO D 96 27.83 -21.00 42.94
N ALA D 97 27.20 -21.73 43.86
CA ALA D 97 27.21 -23.17 43.81
C ALA D 97 26.58 -23.72 42.53
N ASN D 98 25.58 -23.00 42.00
CA ASN D 98 24.83 -23.51 40.86
C ASN D 98 25.25 -22.99 39.51
N LEU D 99 26.34 -22.25 39.38
CA LEU D 99 26.78 -21.66 38.13
C LEU D 99 27.09 -22.69 37.03
N ASP D 100 27.87 -23.74 37.32
CA ASP D 100 28.20 -24.74 36.30
C ASP D 100 26.94 -25.46 35.83
N GLN D 101 26.00 -25.69 36.75
CA GLN D 101 24.74 -26.32 36.40
C GLN D 101 24.01 -25.41 35.41
N ILE D 102 23.98 -24.11 35.68
CA ILE D 102 23.26 -23.24 34.74
C ILE D 102 23.94 -23.16 33.40
N VAL D 103 25.26 -23.20 33.39
CA VAL D 103 25.97 -23.13 32.09
C VAL D 103 25.69 -24.38 31.27
N SER D 104 25.56 -25.52 31.94
CA SER D 104 25.28 -26.76 31.20
C SER D 104 23.81 -26.93 30.84
N ALA D 105 22.86 -26.23 31.49
CA ALA D 105 21.45 -26.52 31.22
C ALA D 105 21.01 -26.27 29.77
N LYS D 106 19.94 -26.95 29.39
CA LYS D 106 19.43 -26.77 28.04
C LYS D 106 18.83 -25.37 27.84
N LYS D 107 19.24 -24.71 26.76
CA LYS D 107 18.71 -23.38 26.43
C LYS D 107 19.00 -23.08 24.96
N PRO D 108 18.37 -22.06 24.38
CA PRO D 108 18.62 -21.71 22.98
C PRO D 108 20.09 -21.45 22.72
N LYS D 109 20.52 -21.83 21.52
CA LYS D 109 21.92 -21.66 21.14
C LYS D 109 22.40 -20.24 21.26
N ILE D 110 21.53 -19.30 20.85
CA ILE D 110 21.95 -17.90 20.92
C ILE D 110 22.10 -17.47 22.38
N VAL D 111 21.19 -17.98 23.21
CA VAL D 111 21.32 -17.69 24.65
C VAL D 111 22.66 -18.19 25.19
N GLN D 112 22.96 -19.46 24.88
CA GLN D 112 24.19 -20.09 25.34
C GLN D 112 25.42 -19.29 24.94
N GLU D 113 25.46 -18.82 23.67
CA GLU D 113 26.58 -18.03 23.21
C GLU D 113 26.72 -16.71 23.98
N ARG D 114 25.59 -16.05 24.28
CA ARG D 114 25.76 -14.81 25.05
C ARG D 114 26.16 -15.03 26.50
N LEU D 115 25.62 -16.09 27.09
CA LEU D 115 25.93 -16.48 28.46
C LEU D 115 27.44 -16.73 28.58
N GLU D 116 27.98 -17.48 27.61
CA GLU D 116 29.39 -17.81 27.64
C GLU D 116 30.26 -16.58 27.53
N LYS D 117 29.79 -15.63 26.73
CA LYS D 117 30.53 -14.40 26.60
C LYS D 117 30.49 -13.61 27.89
N VAL D 118 29.31 -13.44 28.46
CA VAL D 118 29.21 -12.67 29.70
C VAL D 118 30.02 -13.29 30.84
N ILE D 119 30.09 -14.62 30.92
CA ILE D 119 30.86 -15.19 32.00
C ILE D 119 32.36 -14.96 31.77
N ALA D 120 32.75 -14.92 30.51
CA ALA D 120 34.17 -14.71 30.17
C ALA D 120 34.53 -13.22 30.23
N SER D 121 33.83 -12.48 29.40
CA SER D 121 33.84 -11.09 29.05
C SER D 121 32.64 -10.31 29.57
N ALA D 122 32.56 -10.19 30.90
CA ALA D 122 31.52 -9.45 31.59
C ALA D 122 31.62 -9.68 33.10
N LYS D 123 32.34 -10.72 33.48
CA LYS D 123 32.54 -11.12 34.86
C LYS D 123 33.25 -10.04 35.69
CU CU E . -12.39 20.89 11.44
CU CU F . -12.42 13.59 0.92
GD GD G . -10.19 4.45 25.63
GD GD H . -18.45 -10.20 24.90
GD GD I . -0.15 -31.42 21.44
CU CU J . 13.19 12.78 -22.92
CU CU K . 6.24 3.17 -18.25
GD GD L . -1.43 27.45 -19.96
GD GD M . -20.82 28.25 -21.95
GD GD N . -33.45 28.55 1.67
CU CU O . 13.46 -13.79 11.37
CU CU P . 2.14 -10.38 6.66
GD GD Q . 22.96 -14.51 -5.99
GD GD R . 17.07 -22.12 -22.00
GD GD S . 14.19 -2.23 -42.19
CU CU T . 12.92 -7.96 25.57
N THR A 2 -42.01 13.15 -4.76
CA THR A 2 -42.43 14.59 -4.75
C THR A 2 -42.08 15.24 -3.40
N ALA A 3 -42.38 16.50 -3.23
CA ALA A 3 -42.06 17.18 -1.94
C ALA A 3 -42.91 16.59 -0.81
N ALA A 4 -44.18 16.37 -1.03
CA ALA A 4 -45.04 15.81 0.05
C ALA A 4 -44.52 14.43 0.46
N GLU A 5 -44.10 13.65 -0.50
CA GLU A 5 -43.58 12.29 -0.16
C GLU A 5 -42.33 12.41 0.72
N ILE A 6 -41.42 13.28 0.37
CA ILE A 6 -40.18 13.43 1.19
C ILE A 6 -40.54 13.93 2.59
N ALA A 7 -41.45 14.87 2.68
CA ALA A 7 -41.85 15.40 4.02
C ALA A 7 -42.65 14.35 4.83
N ALA A 8 -43.25 13.38 4.20
CA ALA A 8 -44.04 12.36 4.96
C ALA A 8 -43.16 11.18 5.43
N LEU A 9 -41.93 11.09 4.99
CA LEU A 9 -41.07 9.95 5.44
C LEU A 9 -40.83 10.04 6.96
N PRO A 10 -40.86 8.92 7.65
CA PRO A 10 -40.63 8.89 9.13
C PRO A 10 -39.21 9.32 9.55
N ARG A 11 -39.09 10.18 10.53
CA ARG A 11 -37.77 10.64 11.00
C ARG A 11 -37.45 9.84 12.27
N GLN A 12 -36.26 9.35 12.37
CA GLN A 12 -35.90 8.54 13.57
C GLN A 12 -34.52 8.95 14.07
N LYS A 13 -34.44 9.30 15.30
CA LYS A 13 -33.14 9.72 15.88
C LYS A 13 -32.41 8.47 16.36
N VAL A 14 -31.12 8.47 16.24
CA VAL A 14 -30.32 7.30 16.68
C VAL A 14 -29.15 7.77 17.55
N GLU A 15 -28.93 7.09 18.63
CA GLU A 15 -27.84 7.45 19.55
C GLU A 15 -26.58 6.81 19.00
N LEU A 16 -25.53 7.56 18.95
CA LEU A 16 -24.27 6.99 18.38
C LEU A 16 -23.32 6.49 19.47
N VAL A 17 -22.51 5.50 19.18
CA VAL A 17 -21.56 5.00 20.18
C VAL A 17 -20.19 5.47 19.75
N ASP A 18 -19.19 5.06 20.43
CA ASP A 18 -17.81 5.49 20.04
C ASP A 18 -17.02 4.30 19.47
N PRO A 19 -16.26 4.52 18.43
CA PRO A 19 -15.44 3.45 17.80
C PRO A 19 -14.67 2.63 18.84
N PRO A 20 -14.35 1.41 18.52
CA PRO A 20 -14.69 0.80 17.20
C PRO A 20 -16.11 0.21 17.17
N PHE A 21 -16.86 0.35 18.23
CA PHE A 21 -18.23 -0.20 18.26
C PHE A 21 -19.11 0.53 17.23
N VAL A 22 -20.29 0.05 17.07
CA VAL A 22 -21.24 0.67 16.12
C VAL A 22 -22.59 0.73 16.82
N HIS A 23 -23.37 1.68 16.48
CA HIS A 23 -24.69 1.84 17.12
C HIS A 23 -25.58 0.64 16.80
N ALA A 24 -26.85 0.76 17.08
CA ALA A 24 -27.78 -0.38 16.80
C ALA A 24 -28.44 -0.17 15.43
N HIS A 25 -28.37 -1.17 14.59
CA HIS A 25 -29.00 -1.06 13.24
C HIS A 25 -29.29 -2.46 12.70
N SER A 26 -30.12 -2.56 11.69
CA SER A 26 -30.44 -3.89 11.11
C SER A 26 -29.82 -3.97 9.71
N GLN A 27 -29.31 -5.11 9.36
CA GLN A 27 -28.68 -5.24 8.01
C GLN A 27 -29.76 -4.96 7.01
N VAL A 28 -30.71 -5.83 6.93
CA VAL A 28 -31.84 -5.59 6.00
C VAL A 28 -32.63 -4.37 6.52
N ALA A 29 -33.00 -3.47 5.66
CA ALA A 29 -33.73 -2.25 6.10
C ALA A 29 -35.09 -2.64 6.67
N GLU A 30 -35.48 -1.99 7.72
CA GLU A 30 -36.80 -2.27 8.35
C GLU A 30 -37.76 -1.13 7.99
N GLY A 31 -38.69 -1.39 7.12
CA GLY A 31 -39.64 -0.32 6.71
C GLY A 31 -39.10 0.31 5.44
N GLY A 32 -39.73 1.35 4.99
CA GLY A 32 -39.26 2.01 3.75
C GLY A 32 -38.21 3.07 4.12
N PRO A 33 -37.94 3.95 3.21
CA PRO A 33 -36.94 5.04 3.41
C PRO A 33 -37.28 5.90 4.63
N LYS A 34 -36.30 6.31 5.37
CA LYS A 34 -36.57 7.16 6.57
C LYS A 34 -35.39 8.13 6.84
N VAL A 35 -35.72 9.34 7.23
CA VAL A 35 -34.71 10.37 7.55
C VAL A 35 -34.11 10.04 8.91
N VAL A 36 -32.90 9.59 8.88
CA VAL A 36 -32.18 9.21 10.10
C VAL A 36 -31.54 10.44 10.63
N GLU A 37 -31.72 10.66 11.87
CA GLU A 37 -31.16 11.88 12.49
C GLU A 37 -30.06 11.54 13.49
N PHE A 38 -28.94 12.18 13.35
CA PHE A 38 -27.80 11.96 14.28
C PHE A 38 -27.21 13.32 14.66
N THR A 39 -26.77 13.50 15.88
CA THR A 39 -26.20 14.81 16.30
C THR A 39 -24.82 14.60 16.90
N MET A 40 -23.85 15.35 16.46
CA MET A 40 -22.48 15.19 17.02
C MET A 40 -21.86 16.56 17.36
N VAL A 41 -21.33 16.68 18.56
CA VAL A 41 -20.69 17.94 18.99
C VAL A 41 -19.21 17.77 18.77
N ILE A 42 -18.58 18.77 18.27
CA ILE A 42 -17.13 18.67 17.98
C ILE A 42 -16.35 19.12 19.20
N GLU A 43 -15.32 18.42 19.54
CA GLU A 43 -14.54 18.82 20.74
C GLU A 43 -13.05 18.94 20.41
N GLU A 44 -12.49 20.12 20.54
CA GLU A 44 -11.03 20.28 20.25
C GLU A 44 -10.27 20.17 21.58
N LYS A 45 -9.52 19.11 21.78
CA LYS A 45 -8.80 18.97 23.05
C LYS A 45 -7.46 18.31 22.81
N LYS A 46 -6.69 18.20 23.83
CA LYS A 46 -5.35 17.56 23.69
C LYS A 46 -5.41 16.10 24.14
N ILE A 47 -5.00 15.20 23.29
CA ILE A 47 -5.01 13.76 23.64
C ILE A 47 -3.60 13.17 23.44
N VAL A 48 -3.23 12.24 24.27
CA VAL A 48 -1.93 11.60 24.19
C VAL A 48 -2.06 10.49 23.19
N ILE A 49 -1.05 10.26 22.46
CA ILE A 49 -1.13 9.20 21.40
C ILE A 49 0.18 8.42 21.31
N ASP A 50 0.81 8.18 22.42
CA ASP A 50 2.10 7.41 22.44
C ASP A 50 2.54 7.17 23.91
N ASP A 51 3.18 6.05 24.20
CA ASP A 51 3.62 5.79 25.61
C ASP A 51 4.60 6.88 26.12
N ALA A 52 5.09 7.77 25.29
CA ALA A 52 6.04 8.82 25.77
C ALA A 52 5.30 10.12 26.12
N GLY A 53 4.00 10.11 26.18
CA GLY A 53 3.24 11.37 26.53
C GLY A 53 3.16 12.36 25.34
N THR A 54 3.32 11.91 24.12
CA THR A 54 3.22 12.84 22.96
C THR A 54 1.78 13.34 22.93
N GLU A 55 1.58 14.56 22.60
CA GLU A 55 0.16 15.06 22.61
C GLU A 55 -0.19 15.75 21.29
N VAL A 56 -1.37 15.51 20.79
CA VAL A 56 -1.81 16.18 19.53
C VAL A 56 -3.19 16.86 19.72
N HIS A 57 -3.26 18.16 19.48
CA HIS A 57 -4.54 18.90 19.62
C HIS A 57 -5.53 18.29 18.65
N ALA A 58 -6.30 17.38 19.14
CA ALA A 58 -7.27 16.66 18.28
C ALA A 58 -8.53 17.48 18.05
N MET A 59 -9.07 17.32 16.88
CA MET A 59 -10.31 18.00 16.48
C MET A 59 -11.20 16.82 16.27
N ALA A 60 -12.16 16.65 17.10
CA ALA A 60 -12.86 15.38 16.98
C ALA A 60 -14.32 15.54 16.92
N PHE A 61 -14.87 14.85 16.02
CA PHE A 61 -16.36 14.85 15.90
C PHE A 61 -16.92 13.85 16.92
N ASN A 62 -17.79 14.28 17.80
CA ASN A 62 -18.33 13.34 18.83
C ASN A 62 -17.27 13.09 19.92
N GLY A 63 -16.24 13.90 20.01
CA GLY A 63 -15.18 13.69 21.04
C GLY A 63 -14.38 12.40 20.82
N THR A 64 -14.37 11.81 19.63
CA THR A 64 -13.54 10.56 19.46
C THR A 64 -12.87 10.47 18.06
N VAL A 65 -11.58 10.13 18.01
CA VAL A 65 -10.88 9.95 16.72
C VAL A 65 -10.70 8.45 16.54
N PRO A 66 -11.26 7.91 15.50
CA PRO A 66 -12.02 8.68 14.50
C PRO A 66 -13.49 8.87 14.86
N GLY A 67 -14.13 9.87 14.33
CA GLY A 67 -15.56 10.10 14.63
C GLY A 67 -16.27 8.75 14.66
N PRO A 68 -17.51 8.76 15.03
CA PRO A 68 -18.34 7.52 15.11
C PRO A 68 -18.90 7.10 13.75
N LEU A 69 -19.09 5.82 13.55
CA LEU A 69 -19.63 5.35 12.24
C LEU A 69 -21.18 5.40 12.25
N MET A 70 -21.76 6.19 11.38
CA MET A 70 -23.23 6.28 11.29
C MET A 70 -23.66 5.25 10.26
N VAL A 71 -24.74 4.62 10.48
CA VAL A 71 -25.17 3.57 9.51
C VAL A 71 -26.65 3.72 9.12
N VAL A 72 -26.88 3.87 7.85
CA VAL A 72 -28.26 3.97 7.31
C VAL A 72 -28.32 3.07 6.06
N HIS A 73 -29.46 2.99 5.42
CA HIS A 73 -29.56 2.14 4.22
C HIS A 73 -29.60 3.04 2.98
N GLN A 74 -29.51 2.44 1.83
CA GLN A 74 -29.53 3.21 0.57
C GLN A 74 -30.93 3.78 0.38
N ASP A 75 -31.00 5.02 0.03
CA ASP A 75 -32.34 5.66 -0.16
C ASP A 75 -32.67 6.50 1.08
N ASP A 76 -32.32 6.04 2.25
CA ASP A 76 -32.61 6.80 3.47
C ASP A 76 -31.79 8.10 3.47
N TYR A 77 -32.29 9.12 4.10
CA TYR A 77 -31.58 10.42 4.15
C TYR A 77 -30.95 10.62 5.53
N LEU A 78 -29.71 10.99 5.55
CA LEU A 78 -29.00 11.22 6.82
C LEU A 78 -29.10 12.70 7.14
N GLU A 79 -29.57 13.01 8.30
CA GLU A 79 -29.74 14.42 8.72
C GLU A 79 -28.91 14.59 9.95
N LEU A 80 -27.86 15.31 9.84
CA LEU A 80 -26.97 15.41 11.03
C LEU A 80 -26.87 16.84 11.56
N THR A 81 -27.22 17.00 12.81
CA THR A 81 -27.10 18.34 13.47
C THR A 81 -25.70 18.41 14.11
N LEU A 82 -24.83 19.23 13.58
CA LEU A 82 -23.48 19.35 14.10
C LEU A 82 -23.45 20.54 14.99
N ILE A 83 -22.64 20.51 15.95
CA ILE A 83 -22.58 21.64 16.91
C ILE A 83 -21.13 21.94 17.28
N ASN A 84 -20.75 23.17 17.15
CA ASN A 84 -19.36 23.59 17.51
C ASN A 84 -19.46 24.52 18.71
N PRO A 85 -19.20 24.00 19.87
CA PRO A 85 -19.29 24.74 21.16
C PRO A 85 -18.53 26.07 21.16
N GLU A 86 -18.99 27.01 21.94
CA GLU A 86 -18.28 28.32 22.00
C GLU A 86 -16.87 28.12 22.58
N THR A 87 -16.66 27.10 23.37
CA THR A 87 -15.30 26.87 23.96
C THR A 87 -14.27 26.63 22.86
N ASN A 88 -14.68 26.03 21.77
CA ASN A 88 -13.71 25.74 20.67
C ASN A 88 -13.18 27.06 20.10
N THR A 89 -12.09 27.01 19.39
CA THR A 89 -11.52 28.26 18.81
C THR A 89 -11.31 28.15 17.28
N LEU A 90 -11.80 27.12 16.62
CA LEU A 90 -11.59 27.04 15.13
C LEU A 90 -12.91 26.67 14.42
N MET A 91 -13.24 27.36 13.35
CA MET A 91 -14.49 27.02 12.61
C MET A 91 -14.29 25.68 11.89
N HIS A 92 -15.30 24.84 11.86
CA HIS A 92 -15.16 23.53 11.17
C HIS A 92 -16.17 23.40 10.03
N ASN A 93 -16.49 22.19 9.70
CA ASN A 93 -17.46 21.89 8.60
C ASN A 93 -17.38 20.38 8.32
N ILE A 94 -18.39 19.78 7.72
CA ILE A 94 -18.32 18.31 7.46
C ILE A 94 -18.65 17.99 6.00
N ASP A 95 -17.80 17.22 5.36
CA ASP A 95 -18.05 16.82 3.94
C ASP A 95 -18.17 15.29 3.89
N PHE A 96 -19.34 14.77 3.63
CA PHE A 96 -19.51 13.29 3.59
C PHE A 96 -19.36 12.78 2.15
N HIS A 97 -18.36 12.00 1.91
CA HIS A 97 -18.14 11.43 0.55
C HIS A 97 -19.43 10.76 0.03
N ALA A 98 -20.26 10.23 0.91
CA ALA A 98 -21.51 9.55 0.46
C ALA A 98 -22.62 10.54 0.08
N ALA A 99 -22.34 11.82 0.04
CA ALA A 99 -23.38 12.81 -0.34
C ALA A 99 -23.04 13.39 -1.71
N THR A 100 -23.96 14.11 -2.31
CA THR A 100 -23.68 14.70 -3.65
C THR A 100 -24.12 16.17 -3.70
N GLY A 101 -23.18 17.07 -3.84
CA GLY A 101 -23.51 18.55 -3.93
C GLY A 101 -22.92 19.35 -2.75
N ALA A 102 -22.36 20.53 -3.01
CA ALA A 102 -21.80 21.35 -1.88
C ALA A 102 -20.53 20.72 -1.30
N LEU A 103 -19.61 20.30 -2.13
CA LEU A 103 -18.33 19.73 -1.61
C LEU A 103 -18.61 18.66 -0.57
N GLY A 104 -19.67 17.92 -0.75
CA GLY A 104 -20.00 16.84 0.23
C GLY A 104 -20.61 17.43 1.50
N GLY A 105 -21.23 18.57 1.40
CA GLY A 105 -21.86 19.20 2.61
C GLY A 105 -20.92 20.21 3.29
N GLY A 106 -19.67 20.32 2.90
CA GLY A 106 -18.75 21.29 3.56
C GLY A 106 -19.15 22.74 3.24
N GLY A 107 -19.66 22.99 2.05
CA GLY A 107 -20.04 24.39 1.68
C GLY A 107 -21.31 24.85 2.44
N LEU A 108 -22.02 23.96 3.07
CA LEU A 108 -23.27 24.39 3.80
C LEU A 108 -23.20 23.93 5.27
N THR A 109 -22.03 23.82 5.82
CA THR A 109 -21.89 23.40 7.24
C THR A 109 -20.73 24.14 7.95
N GLU A 110 -20.30 25.28 7.45
CA GLU A 110 -19.21 26.04 8.11
C GLU A 110 -19.78 26.67 9.37
N ILE A 111 -19.37 26.20 10.51
CA ILE A 111 -19.94 26.76 11.76
C ILE A 111 -18.81 27.18 12.68
N ASN A 112 -18.81 28.42 13.06
CA ASN A 112 -17.73 28.91 13.98
C ASN A 112 -18.17 28.69 15.42
N PRO A 113 -17.24 28.67 16.34
CA PRO A 113 -17.54 28.48 17.78
C PRO A 113 -18.85 29.16 18.20
N GLY A 114 -19.75 28.43 18.80
CA GLY A 114 -21.05 29.03 19.21
C GLY A 114 -22.10 28.87 18.10
N GLU A 115 -21.85 28.03 17.12
CA GLU A 115 -22.87 27.87 16.03
C GLU A 115 -23.09 26.38 15.67
N LYS A 116 -24.33 26.00 15.38
CA LYS A 116 -24.62 24.59 14.98
C LYS A 116 -25.58 24.59 13.77
N THR A 117 -25.51 23.61 12.91
CA THR A 117 -26.41 23.61 11.75
C THR A 117 -26.99 22.22 11.59
N ILE A 118 -27.73 22.04 10.56
CA ILE A 118 -28.34 20.71 10.30
C ILE A 118 -28.34 20.48 8.79
N LEU A 119 -27.66 19.47 8.34
CA LEU A 119 -27.61 19.21 6.87
C LEU A 119 -28.16 17.82 6.57
N ARG A 120 -29.05 17.74 5.63
CA ARG A 120 -29.64 16.41 5.27
C ARG A 120 -29.30 16.06 3.81
N PHE A 121 -28.87 14.84 3.57
CA PHE A 121 -28.53 14.41 2.19
C PHE A 121 -29.06 12.98 1.97
N LYS A 122 -29.47 12.69 0.77
CA LYS A 122 -30.00 11.34 0.44
C LYS A 122 -28.84 10.39 0.15
N ALA A 123 -28.82 9.29 0.82
CA ALA A 123 -27.76 8.28 0.63
C ALA A 123 -28.16 7.49 -0.58
N THR A 124 -27.68 7.91 -1.69
CA THR A 124 -28.12 7.25 -2.98
C THR A 124 -27.21 6.08 -3.41
N LYS A 125 -26.08 5.89 -2.80
CA LYS A 125 -25.19 4.78 -3.21
C LYS A 125 -24.81 3.96 -1.99
N PRO A 126 -24.80 2.68 -2.13
CA PRO A 126 -24.47 1.75 -1.02
C PRO A 126 -22.95 1.52 -0.85
N GLY A 127 -22.47 1.56 0.36
CA GLY A 127 -21.01 1.33 0.56
C GLY A 127 -20.47 2.23 1.67
N VAL A 128 -19.39 1.81 2.30
CA VAL A 128 -18.79 2.61 3.37
C VAL A 128 -18.13 3.82 2.73
N PHE A 129 -18.14 4.92 3.40
CA PHE A 129 -17.54 6.12 2.81
C PHE A 129 -16.93 6.93 3.93
N VAL A 130 -15.89 7.65 3.66
CA VAL A 130 -15.26 8.45 4.77
C VAL A 130 -15.75 9.93 4.81
N TYR A 131 -16.17 10.41 5.97
CA TYR A 131 -16.59 11.82 6.11
C TYR A 131 -15.44 12.54 6.82
N HIS A 132 -15.29 13.82 6.61
CA HIS A 132 -14.15 14.53 7.26
C HIS A 132 -14.34 16.05 7.18
N CYS A 133 -13.94 16.78 8.19
CA CYS A 133 -14.09 18.26 8.17
C CYS A 133 -13.09 18.84 7.18
N ALA A 134 -13.43 19.90 6.50
CA ALA A 134 -12.47 20.45 5.51
C ALA A 134 -12.71 21.92 5.25
N PRO A 135 -12.39 22.75 6.19
CA PRO A 135 -12.54 24.23 6.06
C PRO A 135 -11.62 24.78 4.97
N PRO A 136 -12.18 25.46 4.01
CA PRO A 136 -11.41 26.03 2.87
C PRO A 136 -10.05 26.61 3.28
N GLY A 137 -8.97 26.08 2.74
CA GLY A 137 -7.62 26.63 3.08
C GLY A 137 -6.93 25.83 4.22
N MET A 138 -7.64 25.05 4.98
CA MET A 138 -6.98 24.30 6.08
C MET A 138 -7.54 22.89 6.12
N VAL A 139 -7.79 22.34 4.97
CA VAL A 139 -8.36 20.96 4.91
C VAL A 139 -7.41 19.94 5.56
N PRO A 140 -6.25 19.72 4.98
CA PRO A 140 -5.25 18.74 5.47
C PRO A 140 -4.97 18.85 6.97
N TRP A 141 -5.03 20.03 7.51
CA TRP A 141 -4.75 20.17 8.97
C TRP A 141 -5.90 19.59 9.80
N HIS A 142 -7.10 19.96 9.47
CA HIS A 142 -8.28 19.45 10.22
C HIS A 142 -8.39 17.92 10.11
N VAL A 143 -8.07 17.36 8.98
CA VAL A 143 -8.19 15.88 8.82
C VAL A 143 -7.07 15.18 9.60
N VAL A 144 -5.86 15.62 9.44
CA VAL A 144 -4.73 14.97 10.15
C VAL A 144 -4.93 15.11 11.67
N SER A 145 -5.56 16.18 12.09
CA SER A 145 -5.78 16.37 13.55
C SER A 145 -6.77 15.32 14.09
N GLY A 146 -7.30 14.50 13.22
CA GLY A 146 -8.26 13.45 13.69
C GLY A 146 -9.72 13.91 13.47
N MET A 147 -9.98 14.78 12.52
CA MET A 147 -11.38 15.22 12.28
C MET A 147 -11.96 14.45 11.08
N ASN A 148 -12.15 13.18 11.23
CA ASN A 148 -12.70 12.37 10.11
C ASN A 148 -13.14 10.99 10.63
N GLY A 149 -14.14 10.44 10.02
CA GLY A 149 -14.67 9.09 10.44
C GLY A 149 -15.21 8.36 9.20
N ALA A 150 -16.37 7.74 9.29
CA ALA A 150 -16.93 7.03 8.10
C ALA A 150 -18.37 6.57 8.34
N ILE A 151 -19.18 6.57 7.32
CA ILE A 151 -20.59 6.11 7.47
C ILE A 151 -20.84 4.91 6.54
N MET A 152 -21.68 4.00 6.94
CA MET A 152 -21.96 2.80 6.08
C MET A 152 -23.41 2.80 5.60
N VAL A 153 -23.61 2.92 4.32
CA VAL A 153 -24.98 2.90 3.76
C VAL A 153 -25.19 1.51 3.23
N LEU A 154 -25.89 0.71 3.95
CA LEU A 154 -26.03 -0.72 3.52
C LEU A 154 -27.22 -0.92 2.58
N PRO A 155 -27.05 -1.75 1.57
CA PRO A 155 -28.14 -2.07 0.63
C PRO A 155 -29.44 -2.40 1.39
N ARG A 156 -30.56 -1.98 0.89
CA ARG A 156 -31.85 -2.25 1.60
C ARG A 156 -31.99 -3.74 1.91
N GLU A 157 -31.46 -4.58 1.06
CA GLU A 157 -31.57 -6.06 1.30
C GLU A 157 -30.34 -6.62 2.04
N GLY A 158 -29.52 -5.78 2.63
CA GLY A 158 -28.33 -6.30 3.36
C GLY A 158 -27.16 -6.47 2.39
N LEU A 159 -26.12 -7.15 2.82
CA LEU A 159 -24.95 -7.36 1.92
C LEU A 159 -24.95 -8.78 1.34
N HIS A 160 -24.49 -8.94 0.12
CA HIS A 160 -24.44 -10.27 -0.51
C HIS A 160 -23.10 -10.42 -1.24
N ASP A 161 -22.72 -11.61 -1.58
CA ASP A 161 -21.43 -11.82 -2.29
C ASP A 161 -21.56 -11.43 -3.77
N GLY A 162 -20.69 -11.92 -4.62
CA GLY A 162 -20.76 -11.57 -6.07
C GLY A 162 -21.84 -12.42 -6.78
N LYS A 163 -22.22 -13.54 -6.22
CA LYS A 163 -23.26 -14.40 -6.90
C LYS A 163 -24.67 -14.13 -6.32
N GLY A 164 -24.83 -13.16 -5.46
CA GLY A 164 -26.20 -12.88 -4.89
C GLY A 164 -26.42 -13.55 -3.50
N LYS A 165 -25.57 -14.44 -3.06
CA LYS A 165 -25.76 -15.09 -1.75
C LYS A 165 -25.71 -14.05 -0.64
N ALA A 166 -26.60 -14.14 0.30
CA ALA A 166 -26.61 -13.14 1.42
C ALA A 166 -25.44 -13.38 2.40
N LEU A 167 -24.77 -12.33 2.78
CA LEU A 167 -23.64 -12.40 3.74
C LEU A 167 -24.06 -11.58 4.96
N THR A 168 -24.36 -12.24 6.03
CA THR A 168 -24.85 -11.55 7.23
C THR A 168 -23.80 -11.68 8.29
N TYR A 169 -23.43 -10.60 8.84
CA TYR A 169 -22.35 -10.63 9.87
C TYR A 169 -22.95 -10.61 11.28
N ASP A 170 -22.36 -11.34 12.20
CA ASP A 170 -22.86 -11.35 13.60
C ASP A 170 -22.38 -10.09 14.35
N LYS A 171 -21.25 -9.54 13.97
CA LYS A 171 -20.73 -8.33 14.67
C LYS A 171 -19.96 -7.48 13.68
N ILE A 172 -19.88 -6.20 13.92
CA ILE A 172 -19.13 -5.30 12.99
C ILE A 172 -18.35 -4.26 13.80
N TYR A 173 -17.11 -4.06 13.46
CA TYR A 173 -16.28 -3.06 14.16
C TYR A 173 -15.74 -2.07 13.14
N TYR A 174 -15.54 -0.85 13.56
CA TYR A 174 -15.02 0.19 12.62
C TYR A 174 -13.66 0.67 13.13
N VAL A 175 -12.64 0.43 12.37
CA VAL A 175 -11.27 0.84 12.78
C VAL A 175 -10.80 2.00 11.90
N GLY A 176 -10.83 3.19 12.41
CA GLY A 176 -10.38 4.37 11.65
C GLY A 176 -8.88 4.55 11.89
N GLU A 177 -8.14 4.65 10.85
CA GLU A 177 -6.68 4.79 10.96
C GLU A 177 -6.38 6.26 10.81
N GLN A 178 -5.40 6.72 11.51
CA GLN A 178 -5.10 8.18 11.42
C GLN A 178 -3.60 8.41 11.41
N ASP A 179 -3.10 9.04 10.37
CA ASP A 179 -1.64 9.34 10.31
C ASP A 179 -1.40 10.76 10.85
N PHE A 180 -0.68 10.90 11.93
CA PHE A 180 -0.43 12.23 12.48
C PHE A 180 0.92 12.75 12.00
N TYR A 181 1.23 13.93 12.37
CA TYR A 181 2.51 14.57 11.98
C TYR A 181 2.88 15.51 13.11
N VAL A 182 3.55 15.00 14.09
CA VAL A 182 3.86 15.82 15.29
C VAL A 182 5.23 16.44 15.15
N PRO A 183 5.29 17.72 15.34
CA PRO A 183 6.58 18.48 15.24
C PRO A 183 7.56 18.13 16.39
N ARG A 184 8.83 17.96 16.07
CA ARG A 184 9.85 17.64 17.11
C ARG A 184 10.90 18.75 17.13
N ASP A 185 11.49 19.01 18.25
CA ASP A 185 12.52 20.09 18.33
C ASP A 185 13.81 19.62 17.67
N GLU A 186 14.91 20.27 17.96
CA GLU A 186 16.21 19.86 17.35
C GLU A 186 16.73 18.56 17.98
N ASN A 187 16.43 18.31 19.23
CA ASN A 187 16.92 17.06 19.89
C ASN A 187 16.07 15.83 19.55
N GLY A 188 15.01 15.98 18.77
CA GLY A 188 14.17 14.80 18.43
C GLY A 188 13.02 14.59 19.45
N LYS A 189 12.75 15.53 20.32
CA LYS A 189 11.64 15.37 21.30
C LYS A 189 10.37 16.03 20.76
N TYR A 190 9.26 15.35 20.84
CA TYR A 190 7.99 15.91 20.34
C TYR A 190 7.74 17.23 21.05
N LYS A 191 7.20 18.17 20.36
CA LYS A 191 6.94 19.50 20.99
C LYS A 191 5.44 19.64 21.34
N LYS A 192 5.16 20.29 22.44
CA LYS A 192 3.75 20.50 22.84
C LYS A 192 3.45 21.99 22.73
N TYR A 193 2.22 22.34 22.64
CA TYR A 193 1.87 23.77 22.51
C TYR A 193 0.70 24.07 23.42
N GLU A 194 0.35 25.30 23.51
CA GLU A 194 -0.78 25.70 24.39
C GLU A 194 -2.11 25.59 23.63
N ALA A 195 -2.19 26.10 22.42
CA ALA A 195 -3.46 26.02 21.67
C ALA A 195 -3.24 25.28 20.37
N PRO A 196 -4.29 25.04 19.65
CA PRO A 196 -4.24 24.32 18.34
C PRO A 196 -3.56 25.13 17.22
N GLY A 197 -3.74 26.43 17.18
CA GLY A 197 -3.10 27.24 16.09
C GLY A 197 -1.60 27.39 16.33
N ASP A 198 -1.17 27.40 17.55
CA ASP A 198 0.29 27.57 17.84
C ASP A 198 1.11 26.48 17.13
N ALA A 199 0.53 25.35 16.86
CA ALA A 199 1.30 24.25 16.18
C ALA A 199 0.90 24.12 14.70
N TYR A 200 0.35 25.14 14.11
CA TYR A 200 -0.03 25.06 12.66
C TYR A 200 1.21 25.13 11.72
N GLU A 201 2.11 26.07 11.91
CA GLU A 201 3.28 26.17 10.98
C GLU A 201 4.20 24.96 11.14
N ASP A 202 4.51 24.61 12.36
CA ASP A 202 5.42 23.45 12.58
C ASP A 202 4.78 22.16 12.08
N THR A 203 3.49 22.03 12.19
CA THR A 203 2.82 20.79 11.73
C THR A 203 2.84 20.74 10.21
N VAL A 204 2.52 21.82 9.57
CA VAL A 204 2.54 21.84 8.08
C VAL A 204 3.91 21.37 7.59
N LYS A 205 4.95 21.86 8.19
CA LYS A 205 6.31 21.43 7.76
C LYS A 205 6.40 19.91 7.81
N VAL A 206 5.96 19.31 8.88
CA VAL A 206 6.01 17.83 8.99
C VAL A 206 5.09 17.18 7.94
N MET A 207 3.92 17.73 7.74
CA MET A 207 2.98 17.14 6.73
C MET A 207 3.60 17.18 5.33
N ARG A 208 4.33 18.20 4.99
CA ARG A 208 4.94 18.30 3.64
C ARG A 208 5.85 17.10 3.41
N THR A 209 6.55 16.69 4.42
CA THR A 209 7.48 15.53 4.27
C THR A 209 6.71 14.26 3.84
N LEU A 210 5.40 14.26 3.91
CA LEU A 210 4.63 13.05 3.52
C LEU A 210 5.06 11.87 4.37
N THR A 211 5.55 12.11 5.56
CA THR A 211 5.99 10.98 6.43
C THR A 211 5.38 11.18 7.82
N PRO A 212 4.36 10.42 8.13
CA PRO A 212 3.66 10.53 9.46
C PRO A 212 4.51 10.02 10.64
N THR A 213 4.62 10.79 11.70
CA THR A 213 5.41 10.33 12.87
C THR A 213 4.67 9.17 13.57
N HIS A 214 3.36 9.08 13.43
CA HIS A 214 2.62 7.98 14.09
C HIS A 214 1.37 7.64 13.26
N VAL A 215 1.15 6.37 13.03
CA VAL A 215 -0.04 5.95 12.25
C VAL A 215 -0.77 5.00 13.14
N VAL A 216 -1.94 5.30 13.55
CA VAL A 216 -2.56 4.36 14.52
C VAL A 216 -4.03 4.15 14.27
N PHE A 217 -4.60 3.35 15.11
CA PHE A 217 -6.06 3.07 14.98
C PHE A 217 -6.78 3.46 16.27
N ASN A 218 -7.91 4.09 16.16
CA ASN A 218 -8.66 4.51 17.39
C ASN A 218 -8.09 5.80 18.02
N GLY A 219 -7.11 6.43 17.39
CA GLY A 219 -6.54 7.68 17.97
C GLY A 219 -5.32 7.45 18.93
N ALA A 220 -4.69 6.30 18.98
CA ALA A 220 -3.51 6.16 19.90
C ALA A 220 -2.79 4.81 19.70
N VAL A 221 -1.48 4.81 19.72
CA VAL A 221 -0.75 3.52 19.55
C VAL A 221 -1.21 2.55 20.65
N GLY A 222 -1.61 1.37 20.28
CA GLY A 222 -2.11 0.40 21.31
C GLY A 222 -3.57 0.69 21.76
N ALA A 223 -4.35 1.46 21.01
CA ALA A 223 -5.75 1.72 21.44
C ALA A 223 -6.64 0.46 21.27
N LEU A 224 -6.32 -0.44 20.36
CA LEU A 224 -7.17 -1.64 20.16
C LEU A 224 -6.37 -2.91 20.46
N THR A 225 -5.45 -2.83 21.37
CA THR A 225 -4.62 -4.03 21.71
C THR A 225 -4.60 -4.19 23.23
N GLY A 226 -4.35 -5.39 23.71
CA GLY A 226 -4.29 -5.63 25.17
C GLY A 226 -5.71 -5.89 25.68
N ASP A 227 -6.14 -5.15 26.66
CA ASP A 227 -7.53 -5.34 27.19
C ASP A 227 -8.56 -4.73 26.23
N LYS A 228 -8.14 -3.88 25.32
CA LYS A 228 -9.12 -3.25 24.38
C LYS A 228 -9.13 -4.00 23.04
N ALA A 229 -8.56 -5.18 22.98
CA ALA A 229 -8.54 -5.93 21.70
C ALA A 229 -9.98 -6.37 21.35
N MET A 230 -10.37 -6.23 20.10
CA MET A 230 -11.74 -6.63 19.74
C MET A 230 -11.97 -8.05 20.24
N THR A 231 -13.01 -8.65 19.79
CA THR A 231 -13.32 -10.05 20.21
C THR A 231 -14.14 -10.76 19.10
N ALA A 232 -14.00 -12.07 19.02
CA ALA A 232 -14.72 -12.89 18.02
C ALA A 232 -14.56 -14.36 18.39
N ALA A 233 -15.54 -15.19 18.12
CA ALA A 233 -15.42 -16.62 18.48
C ALA A 233 -15.48 -17.48 17.22
N VAL A 234 -14.80 -18.59 17.23
CA VAL A 234 -14.79 -19.48 16.05
C VAL A 234 -16.21 -19.67 15.57
N GLY A 235 -16.42 -19.53 14.30
CA GLY A 235 -17.80 -19.68 13.75
C GLY A 235 -18.54 -18.32 13.69
N GLU A 236 -17.91 -17.25 14.12
CA GLU A 236 -18.58 -15.92 14.10
C GLU A 236 -18.15 -15.17 12.83
N LYS A 237 -19.08 -14.49 12.23
CA LYS A 237 -18.80 -13.73 11.00
C LYS A 237 -18.66 -12.28 11.42
N VAL A 238 -17.62 -11.65 11.04
CA VAL A 238 -17.44 -10.26 11.50
C VAL A 238 -17.02 -9.35 10.36
N LEU A 239 -17.66 -8.23 10.25
CA LEU A 239 -17.33 -7.25 9.20
C LEU A 239 -16.46 -6.16 9.82
N ILE A 240 -15.33 -5.88 9.24
CA ILE A 240 -14.42 -4.86 9.79
C ILE A 240 -14.28 -3.70 8.80
N VAL A 241 -14.92 -2.62 9.10
CA VAL A 241 -14.86 -1.43 8.23
C VAL A 241 -13.63 -0.64 8.61
N HIS A 242 -12.90 -0.20 7.65
CA HIS A 242 -11.66 0.55 7.95
C HIS A 242 -11.64 1.78 7.07
N SER A 243 -11.20 2.87 7.61
CA SER A 243 -11.16 4.13 6.82
C SER A 243 -9.83 4.88 7.02
N GLN A 244 -9.45 5.61 6.02
CA GLN A 244 -8.21 6.44 6.02
C GLN A 244 -8.56 7.67 5.18
N ALA A 245 -8.78 8.77 5.83
CA ALA A 245 -9.24 10.00 5.09
C ALA A 245 -8.12 10.78 4.38
N ASN A 246 -6.89 10.45 4.61
CA ASN A 246 -5.79 11.21 3.94
C ASN A 246 -4.47 10.39 3.90
N ARG A 247 -4.56 9.11 3.66
CA ARG A 247 -3.32 8.27 3.59
C ARG A 247 -3.69 6.85 3.11
N ASP A 248 -2.98 6.28 2.16
CA ASP A 248 -3.35 4.89 1.71
C ASP A 248 -2.81 3.82 2.68
N THR A 249 -3.63 2.85 3.06
CA THR A 249 -3.16 1.78 3.96
C THR A 249 -3.33 0.44 3.25
N ARG A 250 -3.10 -0.61 3.96
CA ARG A 250 -3.24 -1.99 3.38
C ARG A 250 -3.52 -2.96 4.53
N PRO A 251 -4.77 -3.09 4.88
CA PRO A 251 -5.23 -3.95 6.00
C PRO A 251 -4.85 -5.42 5.84
N HIS A 252 -4.59 -6.08 6.94
CA HIS A 252 -4.23 -7.53 6.90
C HIS A 252 -4.47 -8.19 8.29
N LEU A 253 -5.34 -9.18 8.35
CA LEU A 253 -5.61 -9.90 9.63
C LEU A 253 -4.61 -11.04 9.76
N ILE A 254 -3.67 -10.87 10.64
CA ILE A 254 -2.61 -11.88 10.85
C ILE A 254 -3.26 -13.15 11.37
N GLY A 255 -3.07 -14.20 10.68
CA GLY A 255 -3.67 -15.49 11.10
C GLY A 255 -5.01 -15.73 10.38
N GLY A 256 -5.57 -14.72 9.75
CA GLY A 256 -6.86 -14.93 9.05
C GLY A 256 -6.78 -14.34 7.64
N HIS A 257 -7.90 -13.95 7.10
CA HIS A 257 -7.90 -13.37 5.73
C HIS A 257 -9.28 -12.75 5.44
N GLY A 258 -9.34 -11.84 4.53
CA GLY A 258 -10.64 -11.18 4.19
C GLY A 258 -11.39 -12.11 3.24
N ASP A 259 -12.34 -12.82 3.75
CA ASP A 259 -13.10 -13.77 2.89
C ASP A 259 -13.67 -13.00 1.72
N TYR A 260 -14.37 -11.96 2.03
CA TYR A 260 -14.96 -11.08 0.98
C TYR A 260 -14.57 -9.66 1.35
N VAL A 261 -13.94 -8.94 0.47
CA VAL A 261 -13.50 -7.57 0.86
C VAL A 261 -13.84 -6.54 -0.21
N TRP A 262 -14.77 -5.68 0.09
CA TRP A 262 -15.11 -4.58 -0.86
C TRP A 262 -14.02 -3.55 -0.67
N ALA A 263 -12.94 -3.75 -1.35
CA ALA A 263 -11.73 -2.87 -1.16
C ALA A 263 -12.10 -1.44 -1.42
N THR A 264 -12.82 -1.23 -2.45
CA THR A 264 -13.21 0.16 -2.82
C THR A 264 -14.27 0.69 -1.85
N GLY A 265 -14.81 -0.15 -1.01
CA GLY A 265 -15.86 0.33 -0.04
C GLY A 265 -17.23 0.58 -0.74
N LYS A 266 -17.44 0.00 -1.89
CA LYS A 266 -18.72 0.17 -2.62
C LYS A 266 -19.38 -1.21 -2.71
N PHE A 267 -20.60 -1.31 -2.34
CA PHE A 267 -21.28 -2.65 -2.36
C PHE A 267 -21.59 -3.07 -3.80
N ASN A 268 -21.97 -2.14 -4.62
CA ASN A 268 -22.30 -2.48 -6.04
C ASN A 268 -21.09 -3.15 -6.69
N THR A 269 -19.92 -2.77 -6.30
CA THR A 269 -18.70 -3.37 -6.90
C THR A 269 -18.42 -4.71 -6.22
N PRO A 270 -18.44 -5.76 -6.99
CA PRO A 270 -18.21 -7.14 -6.45
C PRO A 270 -17.04 -7.19 -5.45
N PRO A 271 -17.19 -7.89 -4.35
CA PRO A 271 -16.10 -7.97 -3.32
C PRO A 271 -14.99 -8.99 -3.64
N ASP A 272 -13.73 -8.58 -3.74
CA ASP A 272 -12.67 -9.58 -4.00
C ASP A 272 -12.87 -10.70 -3.00
N VAL A 273 -12.17 -11.78 -3.14
CA VAL A 273 -12.37 -12.90 -2.17
C VAL A 273 -11.02 -13.59 -1.86
N ASP A 274 -10.91 -14.13 -0.68
CA ASP A 274 -9.66 -14.84 -0.29
C ASP A 274 -8.56 -13.82 -0.32
N GLN A 275 -8.74 -12.74 0.40
CA GLN A 275 -7.68 -11.68 0.35
C GLN A 275 -6.71 -11.75 1.55
N GLU A 276 -5.41 -11.80 1.29
CA GLU A 276 -4.43 -11.79 2.42
C GLU A 276 -4.20 -10.33 2.90
N THR A 277 -4.14 -9.38 1.99
CA THR A 277 -3.91 -7.96 2.36
C THR A 277 -4.61 -7.10 1.32
N TRP A 278 -5.50 -6.27 1.73
CA TRP A 278 -6.25 -5.45 0.74
C TRP A 278 -5.57 -4.10 0.59
N PHE A 279 -6.24 -3.18 -0.01
CA PHE A 279 -5.65 -1.83 -0.20
C PHE A 279 -6.75 -0.75 -0.26
N ILE A 280 -6.72 0.18 0.66
CA ILE A 280 -7.71 1.28 0.68
C ILE A 280 -6.96 2.59 0.50
N PRO A 281 -7.23 3.28 -0.57
CA PRO A 281 -6.53 4.55 -0.91
C PRO A 281 -6.95 5.75 -0.05
N GLY A 282 -5.99 6.52 0.41
CA GLY A 282 -6.32 7.71 1.21
C GLY A 282 -7.59 8.33 0.64
N GLY A 283 -8.45 8.78 1.49
CA GLY A 283 -9.73 9.37 1.04
C GLY A 283 -10.76 8.26 0.75
N ALA A 284 -10.71 7.15 1.45
CA ALA A 284 -11.73 6.09 1.15
C ALA A 284 -11.84 5.05 2.27
N ALA A 285 -13.01 4.50 2.48
CA ALA A 285 -13.17 3.45 3.54
C ALA A 285 -13.64 2.13 2.89
N GLY A 286 -13.06 1.02 3.27
CA GLY A 286 -13.48 -0.28 2.66
C GLY A 286 -14.13 -1.15 3.72
N ALA A 287 -14.31 -2.42 3.44
CA ALA A 287 -14.95 -3.33 4.42
C ALA A 287 -14.58 -4.78 4.11
N ALA A 288 -14.22 -5.54 5.10
CA ALA A 288 -13.85 -6.96 4.88
C ALA A 288 -14.71 -7.84 5.79
N PHE A 289 -15.18 -8.94 5.28
CA PHE A 289 -16.03 -9.85 6.08
C PHE A 289 -15.32 -11.19 6.20
N TYR A 290 -15.14 -11.69 7.38
CA TYR A 290 -14.41 -12.97 7.52
C TYR A 290 -14.99 -13.80 8.67
N THR A 291 -15.11 -15.07 8.44
CA THR A 291 -15.62 -16.00 9.48
C THR A 291 -14.42 -16.63 10.18
N PHE A 292 -14.31 -16.39 11.45
CA PHE A 292 -13.15 -16.92 12.22
C PHE A 292 -13.24 -18.43 12.32
N GLN A 293 -12.14 -19.09 12.11
CA GLN A 293 -12.12 -20.59 12.20
C GLN A 293 -11.14 -21.09 13.28
N GLN A 294 -10.27 -20.24 13.81
CA GLN A 294 -9.31 -20.71 14.85
C GLN A 294 -9.27 -19.72 16.00
N PRO A 295 -9.22 -20.22 17.20
CA PRO A 295 -9.18 -19.38 18.44
C PRO A 295 -7.76 -18.94 18.78
N GLY A 296 -7.65 -17.86 19.48
CA GLY A 296 -6.29 -17.37 19.85
C GLY A 296 -6.22 -15.86 19.62
N ILE A 297 -5.06 -15.29 19.71
CA ILE A 297 -4.92 -13.83 19.50
C ILE A 297 -4.42 -13.55 18.06
N TYR A 298 -5.10 -12.68 17.36
CA TYR A 298 -4.68 -12.34 15.97
C TYR A 298 -4.48 -10.83 15.88
N ALA A 299 -3.46 -10.40 15.19
CA ALA A 299 -3.20 -8.95 15.07
C ALA A 299 -3.76 -8.49 13.74
N TYR A 300 -4.26 -7.30 13.69
CA TYR A 300 -4.83 -6.82 12.41
C TYR A 300 -4.22 -5.48 12.15
N VAL A 301 -3.46 -5.33 11.12
CA VAL A 301 -2.83 -4.00 10.99
C VAL A 301 -2.39 -3.69 9.57
N ASN A 302 -1.97 -2.48 9.41
CA ASN A 302 -1.48 -2.01 8.10
C ASN A 302 -0.26 -2.83 7.81
N HIS A 303 -0.22 -3.42 6.67
CA HIS A 303 0.94 -4.30 6.40
C HIS A 303 2.18 -3.47 6.46
N ASN A 304 2.23 -2.34 5.82
CA ASN A 304 3.50 -1.58 6.03
C ASN A 304 4.01 -1.97 7.46
N LEU A 305 4.79 -3.03 7.58
CA LEU A 305 5.23 -3.52 8.92
C LEU A 305 5.76 -2.36 9.71
N ILE A 306 6.54 -1.57 9.09
CA ILE A 306 7.11 -0.38 9.80
C ILE A 306 5.97 0.45 10.35
N GLU A 307 5.01 0.76 9.51
CA GLU A 307 3.84 1.55 9.98
C GLU A 307 3.03 0.75 11.06
N ALA A 308 3.00 -0.55 10.98
CA ALA A 308 2.21 -1.34 11.99
C ALA A 308 3.00 -1.64 13.30
N PHE A 309 4.31 -1.74 13.29
CA PHE A 309 5.01 -2.06 14.56
C PHE A 309 5.83 -0.88 15.06
N GLU A 310 6.40 -0.13 14.17
CA GLU A 310 7.22 1.04 14.59
C GLU A 310 6.38 2.33 14.73
N LEU A 311 5.30 2.48 13.99
CA LEU A 311 4.51 3.75 14.10
C LEU A 311 3.36 3.54 15.08
N GLY A 312 2.66 2.46 14.94
CA GLY A 312 1.51 2.18 15.85
C GLY A 312 0.23 1.78 15.06
N ALA A 313 0.34 1.14 13.92
CA ALA A 313 -0.89 0.74 13.18
C ALA A 313 -1.14 -0.77 13.38
N ALA A 314 -1.39 -1.21 14.60
CA ALA A 314 -1.63 -2.66 14.81
C ALA A 314 -2.58 -2.90 16.00
N ALA A 315 -3.70 -3.54 15.76
CA ALA A 315 -4.65 -3.83 16.87
C ALA A 315 -4.67 -5.34 17.05
N HIS A 316 -5.49 -5.85 17.93
CA HIS A 316 -5.50 -7.34 18.10
C HIS A 316 -6.90 -7.87 18.47
N PHE A 317 -7.31 -8.96 17.84
CA PHE A 317 -8.65 -9.56 18.18
C PHE A 317 -8.45 -10.90 18.95
N LYS A 318 -9.09 -11.03 20.10
CA LYS A 318 -8.99 -12.25 20.91
C LYS A 318 -10.18 -13.08 20.51
N VAL A 319 -9.94 -14.30 20.20
CA VAL A 319 -11.04 -15.15 19.73
C VAL A 319 -11.11 -16.39 20.57
N THR A 320 -12.28 -16.77 20.92
CA THR A 320 -12.45 -17.99 21.76
C THR A 320 -13.03 -19.13 20.92
N GLY A 321 -12.82 -20.36 21.32
CA GLY A 321 -13.37 -21.50 20.53
C GLY A 321 -12.43 -22.70 20.62
N GLU A 322 -12.62 -23.66 19.75
CA GLU A 322 -11.75 -24.87 19.77
C GLU A 322 -10.81 -24.82 18.56
N TRP A 323 -9.58 -25.17 18.79
CA TRP A 323 -8.58 -25.16 17.70
C TRP A 323 -8.93 -26.25 16.71
N ASN A 324 -8.54 -26.05 15.50
CA ASN A 324 -8.82 -27.04 14.43
C ASN A 324 -7.50 -27.48 13.85
N ASP A 325 -7.08 -28.67 14.16
CA ASP A 325 -5.77 -29.16 13.67
C ASP A 325 -5.81 -29.33 12.16
N ASP A 326 -6.92 -29.73 11.64
CA ASP A 326 -7.03 -29.92 10.16
C ASP A 326 -6.48 -28.68 9.46
N LEU A 327 -6.87 -27.53 9.90
CA LEU A 327 -6.39 -26.27 9.29
C LEU A 327 -4.91 -26.06 9.61
N MET A 328 -4.46 -26.33 10.82
CA MET A 328 -3.03 -26.10 11.12
C MET A 328 -2.63 -26.86 12.37
N THR A 329 -1.51 -27.53 12.34
CA THR A 329 -1.07 -28.28 13.55
C THR A 329 0.47 -28.32 13.64
N SER A 330 1.03 -28.08 14.80
CA SER A 330 2.52 -28.13 14.95
C SER A 330 2.93 -29.59 15.08
N VAL A 331 3.39 -30.18 14.02
CA VAL A 331 3.79 -31.61 14.08
C VAL A 331 4.94 -31.75 15.04
N LEU A 332 5.92 -30.92 14.89
CA LEU A 332 7.08 -30.97 15.82
C LEU A 332 7.31 -29.57 16.43
N ALA A 333 6.98 -29.39 17.69
CA ALA A 333 7.18 -28.05 18.32
C ALA A 333 8.66 -27.72 18.34
N PRO A 334 9.00 -26.46 18.37
CA PRO A 334 10.40 -26.00 18.40
C PRO A 334 11.26 -26.79 19.40
N SER A 335 12.30 -27.42 18.95
CA SER A 335 13.15 -28.21 19.89
C SER A 335 14.50 -28.46 19.25
N GLY A 336 15.45 -28.90 20.03
CA GLY A 336 16.81 -29.17 19.47
C GLY A 336 16.68 -29.97 18.17
N ALA B 1 -2.20 -8.65 -40.05
CA ALA B 1 -2.32 -8.04 -41.40
C ALA B 1 -0.93 -7.98 -42.06
N THR B 2 -0.87 -8.16 -43.35
CA THR B 2 0.44 -8.10 -44.04
C THR B 2 0.74 -6.66 -44.42
N ALA B 3 1.94 -6.40 -44.86
CA ALA B 3 2.30 -5.01 -45.24
C ALA B 3 1.35 -4.48 -46.33
N ALA B 4 1.03 -5.28 -47.31
CA ALA B 4 0.12 -4.81 -48.40
C ALA B 4 -1.23 -4.38 -47.81
N GLU B 5 -1.72 -5.12 -46.86
CA GLU B 5 -3.04 -4.76 -46.26
C GLU B 5 -2.91 -3.46 -45.47
N ILE B 6 -1.88 -3.35 -44.68
CA ILE B 6 -1.70 -2.10 -43.88
C ILE B 6 -1.55 -0.91 -44.82
N ALA B 7 -0.83 -1.07 -45.90
CA ALA B 7 -0.63 0.06 -46.86
C ALA B 7 -1.97 0.48 -47.50
N ALA B 8 -2.90 -0.44 -47.66
CA ALA B 8 -4.21 -0.08 -48.31
C ALA B 8 -5.22 0.50 -47.29
N LEU B 9 -4.88 0.64 -46.04
CA LEU B 9 -5.87 1.21 -45.06
C LEU B 9 -5.87 2.75 -45.14
N PRO B 10 -7.02 3.35 -44.97
CA PRO B 10 -7.16 4.85 -45.01
C PRO B 10 -6.33 5.56 -43.93
N ARG B 11 -5.69 6.65 -44.28
CA ARG B 11 -4.87 7.40 -43.28
C ARG B 11 -5.64 8.67 -42.89
N GLN B 12 -5.62 9.01 -41.64
CA GLN B 12 -6.33 10.22 -41.16
C GLN B 12 -5.41 11.02 -40.25
N LYS B 13 -5.05 12.20 -40.68
CA LYS B 13 -4.14 13.05 -39.88
C LYS B 13 -4.98 13.75 -38.84
N VAL B 14 -4.48 13.84 -37.66
CA VAL B 14 -5.27 14.49 -36.58
C VAL B 14 -4.46 15.61 -35.90
N GLU B 15 -5.05 16.77 -35.80
CA GLU B 15 -4.38 17.91 -35.14
C GLU B 15 -4.63 17.76 -33.65
N LEU B 16 -3.59 17.76 -32.89
CA LEU B 16 -3.76 17.56 -31.42
C LEU B 16 -3.99 18.90 -30.72
N VAL B 17 -4.69 18.87 -29.62
CA VAL B 17 -4.95 20.11 -28.88
C VAL B 17 -4.11 20.07 -27.60
N ASP B 18 -4.23 21.04 -26.77
CA ASP B 18 -3.42 21.01 -25.52
C ASP B 18 -4.31 20.68 -24.30
N PRO B 19 -3.90 19.75 -23.46
CA PRO B 19 -4.67 19.38 -22.26
C PRO B 19 -5.22 20.62 -21.54
N PRO B 20 -6.28 20.47 -20.78
CA PRO B 20 -6.95 19.15 -20.58
C PRO B 20 -7.92 18.78 -21.73
N PHE B 21 -8.02 19.61 -22.73
CA PHE B 21 -8.94 19.31 -23.86
C PHE B 21 -8.42 18.11 -24.63
N VAL B 22 -9.27 17.57 -25.46
CA VAL B 22 -8.91 16.40 -26.28
C VAL B 22 -9.35 16.68 -27.71
N HIS B 23 -8.58 16.24 -28.64
CA HIS B 23 -8.90 16.48 -30.07
C HIS B 23 -10.24 15.85 -30.42
N ALA B 24 -10.82 16.31 -31.47
CA ALA B 24 -12.13 15.76 -31.92
C ALA B 24 -11.97 14.30 -32.29
N HIS B 25 -12.94 13.51 -31.93
CA HIS B 25 -12.91 12.06 -32.22
C HIS B 25 -14.31 11.49 -31.97
N SER B 26 -14.62 10.37 -32.54
CA SER B 26 -15.96 9.78 -32.34
C SER B 26 -15.84 8.60 -31.39
N GLN B 27 -16.76 8.46 -30.50
CA GLN B 27 -16.68 7.33 -29.53
C GLN B 27 -16.74 6.06 -30.33
N VAL B 28 -17.81 5.88 -31.02
CA VAL B 28 -17.95 4.68 -31.89
C VAL B 28 -17.07 4.90 -33.13
N ALA B 29 -16.31 3.92 -33.50
CA ALA B 29 -15.40 4.06 -34.67
C ALA B 29 -16.22 4.23 -35.95
N GLU B 30 -15.81 5.13 -36.79
CA GLU B 30 -16.53 5.36 -38.08
C GLU B 30 -15.72 4.71 -39.20
N GLY B 31 -16.16 3.58 -39.69
CA GLY B 31 -15.41 2.89 -40.76
C GLY B 31 -14.53 1.80 -40.13
N GLY B 32 -13.76 1.09 -40.93
CA GLY B 32 -12.89 0.01 -40.38
C GLY B 32 -11.58 0.63 -39.85
N PRO B 33 -10.57 -0.19 -39.67
CA PRO B 33 -9.24 0.25 -39.16
C PRO B 33 -8.59 1.32 -40.03
N LYS B 34 -7.97 2.29 -39.42
CA LYS B 34 -7.29 3.38 -40.20
C LYS B 34 -5.99 3.83 -39.50
N VAL B 35 -4.96 4.08 -40.28
CA VAL B 35 -3.66 4.56 -39.74
C VAL B 35 -3.81 6.02 -39.36
N VAL B 36 -3.85 6.24 -38.09
CA VAL B 36 -4.01 7.59 -37.55
C VAL B 36 -2.65 8.20 -37.51
N GLU B 37 -2.59 9.40 -37.91
CA GLU B 37 -1.25 10.07 -37.97
C GLU B 37 -1.21 11.26 -37.02
N PHE B 38 -0.22 11.29 -36.18
CA PHE B 38 -0.06 12.44 -35.23
C PHE B 38 1.42 12.88 -35.20
N THR B 39 1.69 14.16 -35.15
CA THR B 39 3.11 14.62 -35.13
C THR B 39 3.32 15.53 -33.92
N MET B 40 4.34 15.28 -33.14
CA MET B 40 4.60 16.13 -31.95
C MET B 40 6.09 16.51 -31.85
N VAL B 41 6.37 17.78 -31.73
CA VAL B 41 7.76 18.26 -31.60
C VAL B 41 8.03 18.42 -30.11
N ILE B 42 9.15 17.99 -29.68
CA ILE B 42 9.48 18.06 -28.24
C ILE B 42 10.19 19.36 -27.97
N GLU B 43 9.82 20.03 -26.93
CA GLU B 43 10.50 21.34 -26.66
C GLU B 43 10.99 21.41 -25.22
N GLU B 44 12.28 21.38 -24.99
CA GLU B 44 12.78 21.50 -23.59
C GLU B 44 12.85 22.99 -23.23
N LYS B 45 11.96 23.49 -22.40
CA LYS B 45 12.02 24.92 -22.09
C LYS B 45 11.81 25.12 -20.61
N LYS B 46 11.68 26.33 -20.22
CA LYS B 46 11.45 26.64 -18.79
C LYS B 46 10.00 27.05 -18.55
N ILE B 47 9.35 26.39 -17.62
CA ILE B 47 7.94 26.71 -17.30
C ILE B 47 7.81 26.95 -15.79
N VAL B 48 6.90 27.79 -15.42
CA VAL B 48 6.69 28.11 -14.01
C VAL B 48 5.71 27.11 -13.50
N ILE B 49 5.83 26.76 -12.29
CA ILE B 49 4.89 25.72 -11.75
C ILE B 49 4.03 26.24 -10.59
N ASP B 50 4.34 27.36 -10.01
CA ASP B 50 3.51 27.85 -8.88
C ASP B 50 3.36 29.35 -8.98
N ASP B 51 2.74 29.95 -8.00
CA ASP B 51 2.54 31.42 -8.02
C ASP B 51 3.84 32.13 -7.62
N ALA B 52 4.66 31.49 -6.82
CA ALA B 52 5.94 32.13 -6.39
C ALA B 52 6.91 32.31 -7.58
N GLY B 53 6.67 31.65 -8.68
CA GLY B 53 7.61 31.80 -9.85
C GLY B 53 8.63 30.64 -9.92
N THR B 54 8.41 29.56 -9.20
CA THR B 54 9.35 28.42 -9.25
C THR B 54 9.46 27.98 -10.69
N GLU B 55 10.64 27.72 -11.15
CA GLU B 55 10.78 27.32 -12.59
C GLU B 55 11.43 25.94 -12.73
N VAL B 56 10.91 25.15 -13.64
CA VAL B 56 11.49 23.79 -13.90
C VAL B 56 11.74 23.59 -15.43
N HIS B 57 12.95 23.22 -15.80
CA HIS B 57 13.30 23.00 -17.22
C HIS B 57 12.53 21.79 -17.67
N ALA B 58 11.38 22.02 -18.18
CA ALA B 58 10.50 20.90 -18.59
C ALA B 58 10.85 20.37 -19.97
N MET B 59 10.64 19.10 -20.14
CA MET B 59 10.87 18.41 -21.43
C MET B 59 9.48 18.10 -21.83
N ALA B 60 9.01 18.69 -22.85
CA ALA B 60 7.58 18.50 -23.09
C ALA B 60 7.29 18.13 -24.49
N PHE B 61 6.55 17.10 -24.59
CA PHE B 61 6.09 16.65 -25.93
C PHE B 61 4.96 17.58 -26.38
N ASN B 62 5.08 18.20 -27.53
CA ASN B 62 4.00 19.14 -27.97
C ASN B 62 4.08 20.47 -27.18
N GLY B 63 5.16 20.73 -26.46
CA GLY B 63 5.27 21.99 -25.69
C GLY B 63 4.27 22.04 -24.52
N THR B 64 3.75 20.92 -24.05
CA THR B 64 2.79 21.04 -22.88
C THR B 64 2.90 19.84 -21.90
N VAL B 65 2.95 20.12 -20.59
CA VAL B 65 2.97 19.04 -19.59
C VAL B 65 1.58 18.98 -18.96
N PRO B 66 0.92 17.87 -19.08
CA PRO B 66 1.46 16.67 -19.76
C PRO B 66 1.19 16.68 -21.27
N GLY B 67 2.00 15.97 -22.02
CA GLY B 67 1.77 15.91 -23.48
C GLY B 67 0.28 15.83 -23.76
N PRO B 68 -0.09 15.90 -25.00
CA PRO B 68 -1.52 15.85 -25.42
C PRO B 68 -2.06 14.41 -25.47
N LEU B 69 -3.35 14.24 -25.27
CA LEU B 69 -3.93 12.87 -25.31
C LEU B 69 -4.35 12.49 -26.74
N MET B 70 -3.73 11.48 -27.31
CA MET B 70 -4.08 11.03 -28.66
C MET B 70 -5.19 10.02 -28.51
N VAL B 71 -6.09 9.99 -29.43
CA VAL B 71 -7.24 9.04 -29.29
C VAL B 71 -7.52 8.30 -30.61
N VAL B 72 -7.43 7.01 -30.56
CA VAL B 72 -7.73 6.16 -31.73
C VAL B 72 -8.59 4.98 -31.25
N HIS B 73 -9.00 4.11 -32.12
CA HIS B 73 -9.84 2.97 -31.70
C HIS B 73 -8.99 1.71 -31.68
N GLN B 74 -9.51 0.68 -31.10
CA GLN B 74 -8.76 -0.60 -31.03
C GLN B 74 -8.64 -1.18 -32.42
N ASP B 75 -7.48 -1.60 -32.78
CA ASP B 75 -7.27 -2.16 -34.14
C ASP B 75 -6.58 -1.12 -35.02
N ASP B 76 -6.93 0.14 -34.86
CA ASP B 76 -6.31 1.21 -35.68
C ASP B 76 -4.82 1.34 -35.31
N TYR B 77 -4.00 1.70 -36.26
CA TYR B 77 -2.55 1.85 -36.00
C TYR B 77 -2.23 3.34 -35.78
N LEU B 78 -1.49 3.61 -34.75
CA LEU B 78 -1.10 5.00 -34.41
C LEU B 78 0.29 5.23 -34.98
N GLU B 79 0.40 6.19 -35.83
CA GLU B 79 1.70 6.49 -36.48
C GLU B 79 2.09 7.85 -36.01
N LEU B 80 3.13 7.92 -35.27
CA LEU B 80 3.52 9.26 -34.72
C LEU B 80 4.89 9.73 -35.19
N THR B 81 4.91 10.85 -35.86
CA THR B 81 6.21 11.46 -36.31
C THR B 81 6.70 12.37 -35.17
N LEU B 82 7.77 12.00 -34.53
CA LEU B 82 8.29 12.76 -33.40
C LEU B 82 9.46 13.52 -33.92
N ILE B 83 9.62 14.68 -33.44
CA ILE B 83 10.73 15.54 -33.92
C ILE B 83 11.43 16.23 -32.76
N ASN B 84 12.71 16.07 -32.68
CA ASN B 84 13.52 16.70 -31.60
C ASN B 84 14.36 17.81 -32.26
N PRO B 85 13.89 19.01 -32.17
CA PRO B 85 14.53 20.21 -32.78
C PRO B 85 15.99 20.36 -32.41
N GLU B 86 16.76 20.94 -33.29
CA GLU B 86 18.21 21.14 -33.00
C GLU B 86 18.38 22.08 -31.79
N THR B 87 17.42 22.93 -31.52
CA THR B 87 17.55 23.87 -30.37
C THR B 87 17.66 23.08 -29.05
N ASN B 88 17.12 21.90 -28.99
CA ASN B 88 17.18 21.10 -27.74
C ASN B 88 18.62 20.62 -27.52
N THR B 89 18.92 20.14 -26.34
CA THR B 89 20.31 19.66 -26.06
C THR B 89 20.34 18.19 -25.55
N LEU B 90 19.23 17.47 -25.48
CA LEU B 90 19.31 16.05 -24.99
C LEU B 90 18.53 15.10 -25.91
N MET B 91 19.05 13.91 -26.15
CA MET B 91 18.33 12.94 -27.02
C MET B 91 17.13 12.39 -26.25
N HIS B 92 16.01 12.21 -26.90
CA HIS B 92 14.82 11.69 -26.20
C HIS B 92 14.39 10.34 -26.78
N ASN B 93 13.12 10.06 -26.68
CA ASN B 93 12.56 8.78 -27.20
C ASN B 93 11.14 8.62 -26.62
N ILE B 94 10.27 7.87 -27.27
CA ILE B 94 8.88 7.74 -26.71
C ILE B 94 8.52 6.25 -26.52
N ASP B 95 8.02 5.91 -25.36
CA ASP B 95 7.59 4.51 -25.09
C ASP B 95 6.09 4.51 -24.76
N PHE B 96 5.26 4.04 -25.65
CA PHE B 96 3.79 4.03 -25.39
C PHE B 96 3.38 2.71 -24.74
N HIS B 97 2.91 2.79 -23.53
CA HIS B 97 2.45 1.56 -22.80
C HIS B 97 1.43 0.78 -23.67
N ALA B 98 0.71 1.45 -24.54
CA ALA B 98 -0.32 0.73 -25.37
C ALA B 98 0.29 0.03 -26.60
N ALA B 99 1.59 -0.01 -26.72
CA ALA B 99 2.21 -0.69 -27.89
C ALA B 99 2.91 -1.96 -27.42
N THR B 100 3.29 -2.81 -28.32
CA THR B 100 3.97 -4.08 -27.90
C THR B 100 5.25 -4.32 -28.72
N GLY B 101 6.40 -4.25 -28.10
CA GLY B 101 7.70 -4.53 -28.81
C GLY B 101 8.66 -3.30 -28.79
N ALA B 102 9.93 -3.50 -28.49
CA ALA B 102 10.89 -2.34 -28.51
C ALA B 102 10.65 -1.42 -27.31
N LEU B 103 10.55 -1.99 -26.15
CA LEU B 103 10.35 -1.15 -24.93
C LEU B 103 9.23 -0.12 -25.16
N GLY B 104 8.17 -0.51 -25.80
CA GLY B 104 7.04 0.45 -26.04
C GLY B 104 7.43 1.48 -27.12
N GLY B 105 8.34 1.13 -27.98
CA GLY B 105 8.75 2.10 -29.06
C GLY B 105 9.96 2.95 -28.64
N GLY B 106 10.43 2.83 -27.43
CA GLY B 106 11.60 3.65 -26.99
C GLY B 106 12.89 3.14 -27.64
N GLY B 107 12.96 1.88 -27.99
CA GLY B 107 14.20 1.33 -28.61
C GLY B 107 14.29 1.71 -30.10
N LEU B 108 13.21 2.16 -30.69
CA LEU B 108 13.26 2.53 -32.15
C LEU B 108 12.90 4.02 -32.36
N THR B 109 13.01 4.83 -31.34
CA THR B 109 12.69 6.29 -31.49
C THR B 109 13.75 7.19 -30.81
N GLU B 110 14.94 6.70 -30.55
CA GLU B 110 15.98 7.54 -29.91
C GLU B 110 16.44 8.58 -30.94
N ILE B 111 16.12 9.81 -30.72
CA ILE B 111 16.51 10.85 -31.71
C ILE B 111 17.25 11.98 -31.02
N ASN B 112 18.40 12.30 -31.51
CA ASN B 112 19.18 13.40 -30.88
C ASN B 112 18.82 14.71 -31.56
N PRO B 113 19.06 15.81 -30.92
CA PRO B 113 18.76 17.16 -31.48
C PRO B 113 18.99 17.21 -32.99
N GLY B 114 18.02 17.67 -33.73
CA GLY B 114 18.18 17.73 -35.23
C GLY B 114 17.77 16.40 -35.88
N GLU B 115 17.03 15.55 -35.19
CA GLU B 115 16.61 14.26 -35.82
C GLU B 115 15.13 13.95 -35.52
N LYS B 116 14.42 13.37 -36.46
CA LYS B 116 12.98 13.03 -36.23
C LYS B 116 12.71 11.63 -36.82
N THR B 117 11.78 10.90 -36.27
CA THR B 117 11.49 9.55 -36.82
C THR B 117 9.99 9.36 -36.91
N ILE B 118 9.57 8.20 -37.30
CA ILE B 118 8.13 7.91 -37.42
C ILE B 118 7.88 6.47 -36.97
N LEU B 119 7.17 6.28 -35.91
CA LEU B 119 6.93 4.89 -35.42
C LEU B 119 5.43 4.57 -35.52
N ARG B 120 5.12 3.42 -36.04
CA ARG B 120 3.68 3.03 -36.17
C ARG B 120 3.43 1.71 -35.40
N PHE B 121 2.45 1.70 -34.55
CA PHE B 121 2.14 0.46 -33.77
C PHE B 121 0.63 0.20 -33.80
N LYS B 122 0.26 -1.04 -33.74
CA LYS B 122 -1.18 -1.42 -33.76
C LYS B 122 -1.72 -1.36 -32.34
N ALA B 123 -2.80 -0.67 -32.20
CA ALA B 123 -3.46 -0.50 -30.89
C ALA B 123 -4.30 -1.73 -30.71
N THR B 124 -3.74 -2.68 -30.08
CA THR B 124 -4.47 -4.00 -29.95
C THR B 124 -5.30 -4.13 -28.67
N LYS B 125 -5.20 -3.22 -27.75
CA LYS B 125 -5.99 -3.33 -26.50
C LYS B 125 -6.69 -2.01 -26.22
N PRO B 126 -7.92 -2.08 -25.78
CA PRO B 126 -8.72 -0.87 -25.47
C PRO B 126 -8.48 -0.32 -24.06
N GLY B 127 -8.28 0.97 -23.92
CA GLY B 127 -8.05 1.53 -22.56
C GLY B 127 -7.05 2.69 -22.61
N VAL B 128 -7.10 3.54 -21.62
CA VAL B 128 -6.17 4.70 -21.58
C VAL B 128 -4.83 4.18 -21.11
N PHE B 129 -3.78 4.72 -21.63
CA PHE B 129 -2.44 4.23 -21.24
C PHE B 129 -1.53 5.42 -21.18
N VAL B 130 -0.49 5.34 -20.44
CA VAL B 130 0.44 6.52 -20.35
C VAL B 130 1.72 6.35 -21.21
N TYR B 131 2.04 7.34 -22.04
CA TYR B 131 3.28 7.29 -22.84
C TYR B 131 4.30 8.19 -22.14
N HIS B 132 5.56 7.97 -22.34
CA HIS B 132 6.57 8.82 -21.64
C HIS B 132 7.97 8.55 -22.22
N CYS B 133 8.80 9.58 -22.33
CA CYS B 133 10.16 9.40 -22.88
C CYS B 133 11.02 8.64 -21.88
N ALA B 134 11.94 7.82 -22.32
CA ALA B 134 12.76 7.06 -21.35
C ALA B 134 14.12 6.69 -21.95
N PRO B 135 14.99 7.65 -22.09
CA PRO B 135 16.35 7.41 -22.63
C PRO B 135 17.19 6.55 -21.68
N PRO B 136 17.70 5.44 -22.14
CA PRO B 136 18.51 4.52 -21.30
C PRO B 136 19.50 5.25 -20.36
N GLY B 137 19.35 5.08 -19.06
CA GLY B 137 20.29 5.75 -18.11
C GLY B 137 19.70 7.06 -17.53
N MET B 138 18.68 7.63 -18.13
CA MET B 138 18.13 8.90 -17.59
C MET B 138 16.62 8.87 -17.73
N VAL B 139 16.04 7.75 -17.42
CA VAL B 139 14.55 7.62 -17.54
C VAL B 139 13.82 8.55 -16.56
N PRO B 140 13.92 8.26 -15.28
CA PRO B 140 13.24 9.03 -14.20
C PRO B 140 13.39 10.53 -14.34
N TRP B 141 14.52 10.97 -14.81
CA TRP B 141 14.73 12.44 -14.96
C TRP B 141 13.82 13.00 -16.05
N HIS B 142 13.82 12.37 -17.20
CA HIS B 142 12.97 12.86 -18.33
C HIS B 142 11.47 12.80 -17.96
N VAL B 143 11.04 11.79 -17.26
CA VAL B 143 9.59 11.68 -16.91
C VAL B 143 9.21 12.73 -15.87
N VAL B 144 10.01 12.87 -14.85
CA VAL B 144 9.69 13.87 -13.79
C VAL B 144 9.73 15.26 -14.39
N SER B 145 10.59 15.47 -15.35
CA SER B 145 10.68 16.81 -15.99
C SER B 145 9.38 17.15 -16.74
N GLY B 146 8.44 16.22 -16.80
CA GLY B 146 7.17 16.49 -17.51
C GLY B 146 7.19 15.89 -18.93
N MET B 147 7.97 14.86 -19.17
CA MET B 147 7.98 14.26 -20.54
C MET B 147 7.09 13.02 -20.54
N ASN B 148 5.80 13.21 -20.42
CA ASN B 148 4.87 12.05 -20.41
C ASN B 148 3.42 12.53 -20.55
N GLY B 149 2.60 11.74 -21.16
CA GLY B 149 1.16 12.10 -21.36
C GLY B 149 0.31 10.81 -21.35
N ALA B 150 -0.63 10.65 -22.25
CA ALA B 150 -1.44 9.41 -22.26
C ALA B 150 -2.34 9.34 -23.51
N ILE B 151 -2.55 8.16 -24.04
CA ILE B 151 -3.43 8.02 -25.24
C ILE B 151 -4.64 7.15 -24.88
N MET B 152 -5.75 7.34 -25.53
CA MET B 152 -6.95 6.53 -25.21
C MET B 152 -7.40 5.73 -26.45
N VAL B 153 -7.32 4.43 -26.38
CA VAL B 153 -7.74 3.56 -27.50
C VAL B 153 -9.13 3.10 -27.15
N LEU B 154 -10.12 3.67 -27.75
CA LEU B 154 -11.52 3.30 -27.36
C LEU B 154 -12.05 2.12 -28.17
N PRO B 155 -12.79 1.25 -27.52
CA PRO B 155 -13.42 0.09 -28.19
C PRO B 155 -14.14 0.53 -29.46
N ARG B 156 -14.02 -0.22 -30.52
CA ARG B 156 -14.68 0.17 -31.81
C ARG B 156 -16.15 0.51 -31.57
N GLU B 157 -16.78 -0.15 -30.64
CA GLU B 157 -18.22 0.12 -30.37
C GLU B 157 -18.41 1.17 -29.25
N GLY B 158 -17.39 1.93 -28.91
CA GLY B 158 -17.56 2.96 -27.84
C GLY B 158 -17.33 2.34 -26.47
N LEU B 159 -17.66 3.03 -25.43
CA LEU B 159 -17.47 2.47 -24.06
C LEU B 159 -18.80 1.94 -23.48
N HIS B 160 -18.75 0.82 -22.79
CA HIS B 160 -19.97 0.25 -22.17
C HIS B 160 -19.64 -0.13 -20.73
N ASP B 161 -20.62 -0.26 -19.90
CA ASP B 161 -20.38 -0.61 -18.47
C ASP B 161 -19.90 -2.07 -18.36
N GLY B 162 -19.94 -2.62 -17.18
CA GLY B 162 -19.49 -4.04 -17.00
C GLY B 162 -20.58 -5.07 -17.42
N LYS B 163 -21.76 -4.65 -17.80
CA LYS B 163 -22.81 -5.65 -18.20
C LYS B 163 -23.12 -5.54 -19.70
N GLY B 164 -22.53 -4.60 -20.40
CA GLY B 164 -22.81 -4.45 -21.87
C GLY B 164 -23.58 -3.15 -22.22
N LYS B 165 -24.10 -2.42 -21.26
CA LYS B 165 -24.86 -1.18 -21.57
C LYS B 165 -23.91 -0.15 -22.14
N ALA B 166 -24.36 0.63 -23.08
CA ALA B 166 -23.48 1.67 -23.69
C ALA B 166 -23.39 2.93 -22.79
N LEU B 167 -22.18 3.41 -22.60
CA LEU B 167 -21.94 4.63 -21.79
C LEU B 167 -21.34 5.66 -22.74
N THR B 168 -22.03 6.73 -22.97
CA THR B 168 -21.57 7.75 -23.92
C THR B 168 -21.38 9.01 -23.16
N TYR B 169 -20.24 9.57 -23.25
CA TYR B 169 -19.95 10.81 -22.47
C TYR B 169 -20.17 12.06 -23.35
N ASP B 170 -20.73 13.09 -22.78
CA ASP B 170 -20.95 14.34 -23.57
C ASP B 170 -19.61 15.09 -23.75
N LYS B 171 -18.75 15.04 -22.76
CA LYS B 171 -17.44 15.74 -22.87
C LYS B 171 -16.37 14.91 -22.17
N ILE B 172 -15.14 15.15 -22.48
CA ILE B 172 -14.03 14.38 -21.84
C ILE B 172 -12.81 15.28 -21.63
N TYR B 173 -12.24 15.24 -20.46
CA TYR B 173 -11.06 16.07 -20.15
C TYR B 173 -9.94 15.12 -19.70
N TYR B 174 -8.73 15.48 -19.99
CA TYR B 174 -7.58 14.61 -19.61
C TYR B 174 -6.69 15.38 -18.65
N VAL B 175 -6.65 14.96 -17.43
CA VAL B 175 -5.82 15.66 -16.42
C VAL B 175 -4.57 14.84 -16.10
N GLY B 176 -3.45 15.30 -16.57
CA GLY B 176 -2.17 14.60 -16.31
C GLY B 176 -1.56 15.17 -15.03
N GLU B 177 -1.22 14.32 -14.13
CA GLU B 177 -0.65 14.76 -12.85
C GLU B 177 0.83 14.61 -12.96
N GLN B 178 1.55 15.48 -12.36
CA GLN B 178 3.02 15.39 -12.48
C GLN B 178 3.69 15.74 -11.15
N ASP B 179 4.46 14.83 -10.63
CA ASP B 179 5.17 15.10 -9.34
C ASP B 179 6.58 15.60 -9.67
N PHE B 180 6.91 16.80 -9.29
CA PHE B 180 8.25 17.33 -9.58
C PHE B 180 9.11 17.18 -8.34
N TYR B 181 10.34 17.52 -8.49
CA TYR B 181 11.31 17.42 -7.37
C TYR B 181 12.27 18.58 -7.58
N VAL B 182 11.94 19.70 -7.03
CA VAL B 182 12.77 20.90 -7.26
C VAL B 182 13.75 21.13 -6.14
N PRO B 183 14.98 21.30 -6.49
CA PRO B 183 16.07 21.55 -5.49
C PRO B 183 15.88 22.90 -4.75
N ARG B 184 16.18 22.93 -3.47
CA ARG B 184 16.03 24.19 -2.70
C ARG B 184 17.40 24.56 -2.13
N ASP B 185 17.63 25.81 -1.91
CA ASP B 185 18.96 26.24 -1.37
C ASP B 185 18.97 26.08 0.15
N GLU B 186 19.85 26.77 0.82
CA GLU B 186 19.92 26.66 2.30
C GLU B 186 18.70 27.36 2.93
N ASN B 187 18.27 28.45 2.35
CA ASN B 187 17.10 29.19 2.92
C ASN B 187 15.77 28.43 2.64
N GLY B 188 15.83 27.26 2.06
CA GLY B 188 14.55 26.52 1.77
C GLY B 188 13.81 27.10 0.54
N LYS B 189 14.44 27.96 -0.22
CA LYS B 189 13.77 28.52 -1.43
C LYS B 189 14.16 27.69 -2.64
N TYR B 190 13.28 27.59 -3.59
CA TYR B 190 13.58 26.79 -4.80
C TYR B 190 14.75 27.42 -5.54
N LYS B 191 15.54 26.61 -6.18
CA LYS B 191 16.72 27.16 -6.92
C LYS B 191 16.45 27.15 -8.43
N LYS B 192 16.96 28.13 -9.14
CA LYS B 192 16.76 28.19 -10.59
C LYS B 192 18.11 27.97 -11.26
N TYR B 193 18.12 27.46 -12.44
CA TYR B 193 19.41 27.20 -13.11
C TYR B 193 19.38 27.81 -14.50
N GLU B 194 20.47 27.76 -15.18
CA GLU B 194 20.53 28.33 -16.55
C GLU B 194 20.14 27.26 -17.59
N ALA B 195 20.76 26.11 -17.53
CA ALA B 195 20.43 25.05 -18.50
C ALA B 195 19.93 23.80 -17.75
N PRO B 196 19.19 22.97 -18.43
CA PRO B 196 18.62 21.72 -17.83
C PRO B 196 19.69 20.82 -17.20
N GLY B 197 20.87 20.78 -17.76
CA GLY B 197 21.95 19.90 -17.19
C GLY B 197 22.45 20.42 -15.82
N ASP B 198 22.44 21.71 -15.59
CA ASP B 198 22.96 22.25 -14.29
C ASP B 198 22.04 21.83 -13.14
N ALA B 199 20.85 21.40 -13.43
CA ALA B 199 19.92 20.98 -12.34
C ALA B 199 19.77 19.45 -12.29
N TYR B 200 20.64 18.72 -12.92
CA TYR B 200 20.55 17.22 -12.89
C TYR B 200 21.00 16.61 -11.54
N GLU B 201 22.17 16.95 -11.02
CA GLU B 201 22.65 16.31 -9.75
C GLU B 201 21.78 16.74 -8.57
N ASP B 202 21.45 17.99 -8.51
CA ASP B 202 20.62 18.48 -7.37
C ASP B 202 19.22 17.88 -7.45
N THR B 203 18.72 17.65 -8.63
CA THR B 203 17.36 17.06 -8.77
C THR B 203 17.40 15.60 -8.34
N VAL B 204 18.34 14.86 -8.86
CA VAL B 204 18.44 13.43 -8.48
C VAL B 204 18.37 13.31 -6.96
N LYS B 205 19.13 14.12 -6.26
CA LYS B 205 19.10 14.06 -4.77
C LYS B 205 17.65 14.17 -4.27
N VAL B 206 16.91 15.12 -4.78
CA VAL B 206 15.49 15.27 -4.35
C VAL B 206 14.67 14.06 -4.79
N MET B 207 14.90 13.59 -5.99
CA MET B 207 14.12 12.41 -6.48
C MET B 207 14.36 11.18 -5.58
N ARG B 208 15.54 11.03 -5.04
CA ARG B 208 15.82 9.84 -4.18
C ARG B 208 14.95 9.89 -2.93
N THR B 209 14.71 11.06 -2.41
CA THR B 209 13.86 11.18 -1.18
C THR B 209 12.43 10.66 -1.43
N LEU B 210 12.08 10.35 -2.66
CA LEU B 210 10.70 9.86 -2.93
C LEU B 210 9.69 10.85 -2.35
N THR B 211 10.02 12.12 -2.36
CA THR B 211 9.08 13.13 -1.81
C THR B 211 9.04 14.32 -2.76
N PRO B 212 8.03 14.39 -3.57
CA PRO B 212 7.87 15.51 -4.56
C PRO B 212 7.58 16.87 -3.91
N THR B 213 8.29 17.92 -4.29
CA THR B 213 8.03 19.26 -3.70
C THR B 213 6.70 19.81 -4.25
N HIS B 214 6.26 19.37 -5.40
CA HIS B 214 4.98 19.88 -5.97
C HIS B 214 4.32 18.78 -6.82
N VAL B 215 3.06 18.54 -6.59
CA VAL B 215 2.35 17.50 -7.37
C VAL B 215 1.19 18.23 -7.97
N VAL B 216 1.12 18.34 -9.26
CA VAL B 216 0.01 19.17 -9.76
C VAL B 216 -0.62 18.61 -11.01
N PHE B 217 -1.55 19.34 -11.52
CA PHE B 217 -2.26 18.88 -12.75
C PHE B 217 -2.09 19.94 -13.84
N ASN B 218 -1.87 19.51 -15.06
CA ASN B 218 -1.70 20.50 -16.17
C ASN B 218 -0.30 21.18 -16.16
N GLY B 219 0.61 20.77 -15.31
CA GLY B 219 1.96 21.40 -15.29
C GLY B 219 2.12 22.54 -14.23
N ALA B 220 1.14 22.85 -13.38
CA ALA B 220 1.40 23.95 -12.40
C ALA B 220 0.31 24.01 -11.33
N VAL B 221 0.67 24.38 -10.13
CA VAL B 221 -0.35 24.48 -9.05
C VAL B 221 -1.40 25.52 -9.48
N GLY B 222 -2.65 25.16 -9.42
CA GLY B 222 -3.72 26.12 -9.85
C GLY B 222 -3.80 26.22 -11.39
N ALA B 223 -3.37 25.21 -12.13
CA ALA B 223 -3.45 25.28 -13.63
C ALA B 223 -4.91 25.08 -14.11
N LEU B 224 -5.72 24.32 -13.41
CA LEU B 224 -7.12 24.07 -13.85
C LEU B 224 -8.13 24.78 -12.93
N THR B 225 -7.89 26.02 -12.63
CA THR B 225 -8.82 26.80 -11.77
C THR B 225 -9.00 28.18 -12.38
N GLY B 226 -9.88 28.97 -11.86
CA GLY B 226 -10.11 30.33 -12.41
C GLY B 226 -10.72 30.19 -13.78
N ASP B 227 -10.26 30.97 -14.72
CA ASP B 227 -10.81 30.87 -16.10
C ASP B 227 -10.47 29.50 -16.70
N LYS B 228 -9.49 28.81 -16.17
CA LYS B 228 -9.13 27.47 -16.72
C LYS B 228 -9.88 26.34 -16.00
N ALA B 229 -10.71 26.64 -15.02
CA ALA B 229 -11.45 25.55 -14.31
C ALA B 229 -12.35 24.79 -15.30
N MET B 230 -12.32 23.48 -15.28
CA MET B 230 -13.17 22.71 -16.20
C MET B 230 -14.60 23.20 -16.06
N THR B 231 -15.47 22.70 -16.86
CA THR B 231 -16.90 23.13 -16.80
C THR B 231 -17.83 21.94 -17.09
N ALA B 232 -18.97 21.94 -16.48
CA ALA B 232 -19.98 20.86 -16.68
C ALA B 232 -21.32 21.34 -16.13
N ALA B 233 -22.42 20.80 -16.61
CA ALA B 233 -23.74 21.25 -16.12
C ALA B 233 -24.53 20.04 -15.62
N VAL B 234 -25.46 20.29 -14.75
CA VAL B 234 -26.30 19.20 -14.20
C VAL B 234 -26.85 18.37 -15.35
N GLY B 235 -26.72 17.10 -15.26
CA GLY B 235 -27.23 16.21 -16.36
C GLY B 235 -26.14 15.95 -17.44
N GLU B 236 -24.96 16.50 -17.28
CA GLU B 236 -23.88 16.27 -18.28
C GLU B 236 -23.04 15.07 -17.85
N LYS B 237 -22.70 14.25 -18.78
CA LYS B 237 -21.88 13.06 -18.48
C LYS B 237 -20.47 13.40 -18.91
N VAL B 238 -19.55 13.27 -18.03
CA VAL B 238 -18.16 13.66 -18.39
C VAL B 238 -17.17 12.57 -18.01
N LEU B 239 -16.32 12.24 -18.93
CA LEU B 239 -15.29 11.21 -18.65
C LEU B 239 -13.96 11.92 -18.38
N ILE B 240 -13.39 11.69 -17.24
CA ILE B 240 -12.11 12.38 -16.89
C ILE B 240 -10.96 11.37 -16.84
N VAL B 241 -10.13 11.41 -17.84
CA VAL B 241 -8.97 10.49 -17.89
C VAL B 241 -7.86 11.13 -17.08
N HIS B 242 -7.18 10.35 -16.33
CA HIS B 242 -6.11 10.91 -15.48
C HIS B 242 -4.91 9.98 -15.57
N SER B 243 -3.76 10.54 -15.67
CA SER B 243 -2.54 9.69 -15.78
C SER B 243 -1.42 10.18 -14.85
N GLN B 244 -0.60 9.25 -14.42
CA GLN B 244 0.56 9.53 -13.53
C GLN B 244 1.67 8.57 -13.98
N ALA B 245 2.64 9.07 -14.69
CA ALA B 245 3.73 8.20 -15.24
C ALA B 245 4.97 8.33 -14.38
N ASN B 246 4.78 8.25 -13.11
CA ASN B 246 5.91 8.34 -12.15
C ASN B 246 5.39 8.51 -10.69
N ARG B 247 4.22 7.99 -10.32
CA ARG B 247 3.78 8.17 -8.91
C ARG B 247 2.34 7.72 -8.76
N ASP B 248 2.01 7.07 -7.66
CA ASP B 248 0.59 6.63 -7.49
C ASP B 248 -0.31 7.78 -6.95
N THR B 249 -1.49 7.98 -7.52
CA THR B 249 -2.39 9.03 -7.03
C THR B 249 -3.73 8.38 -6.67
N ARG B 250 -4.63 9.15 -6.18
CA ARG B 250 -5.97 8.61 -5.78
C ARG B 250 -7.01 9.71 -6.02
N PRO B 251 -7.49 9.80 -7.23
CA PRO B 251 -8.48 10.82 -7.66
C PRO B 251 -9.75 10.85 -6.82
N HIS B 252 -10.33 12.00 -6.70
CA HIS B 252 -11.60 12.15 -5.92
C HIS B 252 -12.31 13.49 -6.26
N LEU B 253 -13.52 13.43 -6.77
CA LEU B 253 -14.28 14.66 -7.10
C LEU B 253 -15.07 15.09 -5.87
N ILE B 254 -14.66 16.16 -5.27
CA ILE B 254 -15.31 16.68 -4.06
C ILE B 254 -16.73 17.06 -4.39
N GLY B 255 -17.64 16.50 -3.69
CA GLY B 255 -19.07 16.80 -3.95
C GLY B 255 -19.66 15.80 -4.97
N GLY B 256 -18.84 15.00 -5.61
CA GLY B 256 -19.38 14.03 -6.60
C GLY B 256 -18.81 12.63 -6.34
N HIS B 257 -18.73 11.84 -7.36
CA HIS B 257 -18.19 10.47 -7.23
C HIS B 257 -18.04 9.86 -8.63
N GLY B 258 -17.20 8.88 -8.75
CA GLY B 258 -16.99 8.23 -10.08
C GLY B 258 -18.07 7.18 -10.27
N ASP B 259 -19.02 7.47 -11.08
CA ASP B 259 -20.13 6.50 -11.30
C ASP B 259 -19.53 5.19 -11.78
N TYR B 260 -18.74 5.27 -12.79
CA TYR B 260 -18.07 4.07 -13.34
C TYR B 260 -16.60 4.42 -13.48
N VAL B 261 -15.72 3.67 -12.88
CA VAL B 261 -14.29 4.07 -12.98
C VAL B 261 -13.37 2.90 -13.35
N TRP B 262 -12.84 2.92 -14.54
CA TRP B 262 -11.88 1.88 -14.96
C TRP B 262 -10.57 2.26 -14.29
N ALA B 263 -10.43 1.84 -13.08
CA ALA B 263 -9.25 2.27 -12.26
C ALA B 263 -7.97 1.84 -12.93
N THR B 264 -8.00 0.68 -13.48
CA THR B 264 -6.79 0.16 -14.15
C THR B 264 -6.62 0.81 -15.53
N GLY B 265 -7.59 1.56 -15.97
CA GLY B 265 -7.46 2.21 -17.33
C GLY B 265 -7.58 1.17 -18.47
N LYS B 266 -8.25 0.07 -18.24
CA LYS B 266 -8.43 -0.98 -19.28
C LYS B 266 -9.94 -1.14 -19.47
N PHE B 267 -10.40 -1.00 -20.68
CA PHE B 267 -11.87 -1.10 -20.92
C PHE B 267 -12.37 -2.53 -20.71
N ASN B 268 -11.60 -3.51 -21.11
CA ASN B 268 -12.05 -4.91 -20.96
C ASN B 268 -12.27 -5.24 -19.49
N THR B 269 -11.52 -4.61 -18.63
CA THR B 269 -11.66 -4.87 -17.18
C THR B 269 -12.87 -4.09 -16.66
N PRO B 270 -13.87 -4.79 -16.22
CA PRO B 270 -15.12 -4.14 -15.71
C PRO B 270 -14.83 -2.91 -14.84
N PRO B 271 -15.55 -1.81 -15.04
CA PRO B 271 -15.31 -0.56 -14.24
C PRO B 271 -15.98 -0.57 -12.84
N ASP B 272 -15.21 -0.34 -11.77
CA ASP B 272 -15.86 -0.30 -10.44
C ASP B 272 -17.03 0.66 -10.55
N VAL B 273 -17.82 0.78 -9.54
CA VAL B 273 -18.98 1.72 -9.63
C VAL B 273 -19.25 2.41 -8.28
N ASP B 274 -19.76 3.61 -8.32
CA ASP B 274 -20.07 4.34 -7.07
C ASP B 274 -18.78 4.50 -6.32
N GLN B 275 -17.81 5.08 -6.94
CA GLN B 275 -16.48 5.21 -6.23
C GLN B 275 -16.27 6.62 -5.63
N GLU B 276 -15.92 6.68 -4.35
CA GLU B 276 -15.64 8.01 -3.73
C GLU B 276 -14.19 8.45 -4.06
N THR B 277 -13.26 7.52 -4.04
CA THR B 277 -11.84 7.85 -4.35
C THR B 277 -11.22 6.61 -5.00
N TRP B 278 -10.70 6.75 -6.17
CA TRP B 278 -10.13 5.57 -6.86
C TRP B 278 -8.63 5.48 -6.59
N PHE B 279 -7.94 4.74 -7.40
CA PHE B 279 -6.47 4.59 -7.20
C PHE B 279 -5.78 4.22 -8.53
N ILE B 280 -4.89 5.07 -8.97
CA ILE B 280 -4.14 4.81 -10.24
C ILE B 280 -2.67 4.73 -9.89
N PRO B 281 -2.07 3.58 -10.08
CA PRO B 281 -0.65 3.33 -9.72
C PRO B 281 0.36 4.01 -10.66
N GLY B 282 1.36 4.62 -10.11
CA GLY B 282 2.40 5.26 -10.95
C GLY B 282 2.64 4.37 -12.15
N GLY B 283 2.79 4.94 -13.30
CA GLY B 283 3.00 4.16 -14.52
C GLY B 283 1.66 3.72 -15.10
N ALA B 284 0.59 4.48 -14.91
CA ALA B 284 -0.71 4.01 -15.49
C ALA B 284 -1.75 5.13 -15.56
N ALA B 285 -2.64 5.08 -16.53
CA ALA B 285 -3.71 6.12 -16.64
C ALA B 285 -5.09 5.45 -16.50
N GLY B 286 -5.99 6.03 -15.73
CA GLY B 286 -7.33 5.41 -15.57
C GLY B 286 -8.39 6.31 -16.20
N ALA B 287 -9.63 6.09 -15.88
CA ALA B 287 -10.73 6.92 -16.46
C ALA B 287 -11.98 6.79 -15.58
N ALA B 288 -12.62 7.89 -15.30
CA ALA B 288 -13.85 7.87 -14.46
C ALA B 288 -14.97 8.61 -15.20
N PHE B 289 -16.14 8.05 -15.21
CA PHE B 289 -17.28 8.69 -15.91
C PHE B 289 -18.34 9.04 -14.87
N TYR B 290 -18.78 10.26 -14.85
CA TYR B 290 -19.79 10.63 -13.83
C TYR B 290 -20.76 11.68 -14.38
N THR B 291 -22.01 11.50 -14.09
CA THR B 291 -23.05 12.47 -14.54
C THR B 291 -23.31 13.44 -13.40
N PHE B 292 -23.05 14.69 -13.63
CA PHE B 292 -23.25 15.72 -12.57
C PHE B 292 -24.72 15.85 -12.22
N GLN B 293 -25.00 16.00 -10.96
CA GLN B 293 -26.43 16.16 -10.53
C GLN B 293 -26.63 17.48 -9.75
N GLN B 294 -25.58 18.12 -9.28
CA GLN B 294 -25.75 19.39 -8.52
C GLN B 294 -24.83 20.46 -9.09
N PRO B 295 -25.31 21.68 -9.15
CA PRO B 295 -24.53 22.83 -9.67
C PRO B 295 -23.67 23.47 -8.60
N GLY B 296 -22.64 24.16 -9.00
CA GLY B 296 -21.75 24.82 -8.01
C GLY B 296 -20.29 24.57 -8.39
N ILE B 297 -19.40 24.81 -7.48
CA ILE B 297 -17.95 24.58 -7.78
C ILE B 297 -17.44 23.35 -7.03
N TYR B 298 -16.87 22.41 -7.73
CA TYR B 298 -16.36 21.19 -7.08
C TYR B 298 -14.86 21.07 -7.34
N ALA B 299 -14.12 20.58 -6.38
CA ALA B 299 -12.65 20.44 -6.55
C ALA B 299 -12.34 18.99 -6.85
N TYR B 300 -11.49 18.74 -7.81
CA TYR B 300 -11.16 17.33 -8.14
C TYR B 300 -9.70 17.16 -7.86
N VAL B 301 -9.34 16.33 -6.94
CA VAL B 301 -7.88 16.27 -6.68
C VAL B 301 -7.44 14.98 -6.03
N ASN B 302 -6.16 14.84 -5.92
CA ASN B 302 -5.57 13.65 -5.29
C ASN B 302 -5.98 13.70 -3.85
N HIS B 303 -6.52 12.65 -3.36
CA HIS B 303 -7.00 12.70 -1.96
C HIS B 303 -5.83 12.99 -1.07
N ASN B 304 -4.72 12.32 -1.22
CA ASN B 304 -3.62 12.76 -0.31
C ASN B 304 -3.88 14.28 -0.02
N LEU B 305 -4.66 14.61 1.00
CA LEU B 305 -5.02 16.03 1.27
C LEU B 305 -3.78 16.89 1.19
N ILE B 306 -2.74 16.42 1.78
CA ILE B 306 -1.47 17.20 1.76
C ILE B 306 -1.06 17.42 0.31
N GLU B 307 -1.03 16.37 -0.45
CA GLU B 307 -0.65 16.50 -1.89
C GLU B 307 -1.67 17.39 -2.64
N ALA B 308 -2.94 17.34 -2.29
CA ALA B 308 -3.95 18.17 -3.01
C ALA B 308 -4.02 19.66 -2.53
N PHE B 309 -3.66 19.99 -1.30
CA PHE B 309 -3.79 21.42 -0.89
C PHE B 309 -2.41 22.03 -0.64
N GLU B 310 -1.53 21.28 -0.06
CA GLU B 310 -0.16 21.82 0.23
C GLU B 310 0.80 21.65 -0.97
N LEU B 311 0.64 20.66 -1.81
CA LEU B 311 1.60 20.49 -2.94
C LEU B 311 1.06 21.17 -4.19
N GLY B 312 -0.18 20.98 -4.47
CA GLY B 312 -0.81 21.60 -5.68
C GLY B 312 -1.54 20.55 -6.55
N ALA B 313 -2.15 19.51 -5.98
CA ALA B 313 -2.87 18.54 -6.84
C ALA B 313 -4.39 18.76 -6.71
N ALA B 314 -4.89 19.92 -7.07
CA ALA B 314 -6.36 20.15 -6.95
C ALA B 314 -6.86 21.10 -8.04
N ALA B 315 -7.79 20.66 -8.86
CA ALA B 315 -8.34 21.54 -9.91
C ALA B 315 -9.76 21.90 -9.51
N HIS B 316 -10.49 22.58 -10.33
CA HIS B 316 -11.89 22.93 -9.92
C HIS B 316 -12.85 22.91 -11.11
N PHE B 317 -14.00 22.28 -10.98
CA PHE B 317 -14.99 22.27 -12.10
C PHE B 317 -16.25 23.11 -11.75
N LYS B 318 -16.56 24.11 -12.56
CA LYS B 318 -17.74 24.95 -12.32
C LYS B 318 -18.90 24.26 -13.01
N VAL B 319 -20.01 24.17 -12.37
CA VAL B 319 -21.14 23.46 -12.98
C VAL B 319 -22.38 24.32 -12.88
N THR B 320 -23.05 24.47 -13.98
CA THR B 320 -24.29 25.29 -14.00
C THR B 320 -25.52 24.38 -13.94
N GLY B 321 -26.62 24.88 -13.45
CA GLY B 321 -27.84 24.04 -13.37
C GLY B 321 -28.70 24.48 -12.17
N GLU B 322 -29.61 23.63 -11.76
CA GLU B 322 -30.50 23.96 -10.62
C GLU B 322 -30.16 23.03 -9.46
N TRP B 323 -30.16 23.55 -8.29
CA TRP B 323 -29.83 22.74 -7.10
C TRP B 323 -30.93 21.72 -6.88
N ASN B 324 -30.58 20.66 -6.26
CA ASN B 324 -31.58 19.57 -5.99
C ASN B 324 -31.60 19.31 -4.49
N ASP B 325 -32.61 19.81 -3.83
CA ASP B 325 -32.70 19.63 -2.36
C ASP B 325 -32.85 18.14 -2.05
N ASP B 326 -33.64 17.46 -2.81
CA ASP B 326 -33.84 16.01 -2.56
C ASP B 326 -32.48 15.36 -2.26
N LEU B 327 -31.50 15.64 -3.07
CA LEU B 327 -30.14 15.06 -2.84
C LEU B 327 -29.48 15.70 -1.61
N MET B 328 -29.61 17.00 -1.43
CA MET B 328 -28.96 17.62 -0.25
C MET B 328 -29.62 18.95 0.05
N THR B 329 -29.84 19.24 1.30
CA THR B 329 -30.48 20.54 1.66
C THR B 329 -30.06 20.98 3.06
N SER B 330 -29.70 22.23 3.22
CA SER B 330 -29.29 22.73 4.55
C SER B 330 -30.55 23.04 5.37
N VAL B 331 -30.97 22.13 6.20
CA VAL B 331 -32.20 22.37 7.00
C VAL B 331 -31.99 23.58 7.89
N LEU B 332 -30.87 23.64 8.53
CA LEU B 332 -30.58 24.81 9.42
C LEU B 332 -29.20 25.39 9.07
N ALA B 333 -29.16 26.54 8.47
CA ALA B 333 -27.85 27.14 8.11
C ALA B 333 -27.08 27.47 9.39
N PRO B 334 -25.79 27.52 9.32
CA PRO B 334 -24.92 27.82 10.49
C PRO B 334 -25.44 29.02 11.29
N SER B 335 -25.82 28.81 12.52
CA SER B 335 -26.33 29.94 13.33
C SER B 335 -25.93 29.74 14.79
N GLY B 336 -26.47 30.55 15.66
CA GLY B 336 -26.14 30.41 17.11
C GLY B 336 -26.86 29.20 17.69
N ALA C 1 -11.21 -32.67 7.41
CA ALA C 1 -10.76 -34.09 7.46
C ALA C 1 -10.30 -34.42 8.89
N THR C 2 -10.35 -35.67 9.27
CA THR C 2 -9.92 -36.05 10.63
C THR C 2 -8.43 -36.40 10.60
N ALA C 3 -7.83 -36.54 11.75
CA ALA C 3 -6.38 -36.88 11.79
C ALA C 3 -6.14 -38.18 11.02
N ALA C 4 -6.97 -39.16 11.19
CA ALA C 4 -6.77 -40.46 10.47
C ALA C 4 -6.80 -40.21 8.97
N GLU C 5 -7.77 -39.46 8.50
CA GLU C 5 -7.85 -39.19 7.03
C GLU C 5 -6.57 -38.50 6.55
N ILE C 6 -6.08 -37.55 7.30
CA ILE C 6 -4.84 -36.83 6.88
C ILE C 6 -3.63 -37.79 6.91
N ALA C 7 -3.61 -38.68 7.86
CA ALA C 7 -2.45 -39.62 7.95
C ALA C 7 -2.44 -40.60 6.76
N ALA C 8 -3.57 -40.86 6.16
CA ALA C 8 -3.61 -41.82 5.02
C ALA C 8 -3.39 -41.10 3.67
N LEU C 9 -3.22 -39.81 3.65
CA LEU C 9 -3.01 -39.10 2.34
C LEU C 9 -1.55 -39.30 1.88
N PRO C 10 -1.33 -39.40 0.60
CA PRO C 10 0.04 -39.59 0.03
C PRO C 10 0.95 -38.37 0.28
N ARG C 11 2.18 -38.58 0.71
CA ARG C 11 3.09 -37.43 0.96
C ARG C 11 4.13 -37.33 -0.18
N GLN C 12 4.42 -36.13 -0.61
CA GLN C 12 5.42 -35.93 -1.69
C GLN C 12 6.46 -34.89 -1.24
N LYS C 13 7.71 -35.26 -1.24
CA LYS C 13 8.78 -34.34 -0.82
C LYS C 13 9.21 -33.55 -2.04
N VAL C 14 9.40 -32.29 -1.86
CA VAL C 14 9.80 -31.45 -3.01
C VAL C 14 11.11 -30.73 -2.72
N GLU C 15 11.97 -30.69 -3.70
CA GLU C 15 13.27 -30.01 -3.57
C GLU C 15 13.09 -28.59 -4.08
N LEU C 16 13.38 -27.64 -3.27
CA LEU C 16 13.17 -26.22 -3.67
C LEU C 16 14.38 -25.70 -4.42
N VAL C 17 14.16 -24.76 -5.30
CA VAL C 17 15.28 -24.17 -6.07
C VAL C 17 15.46 -22.73 -5.61
N ASP C 18 16.35 -22.01 -6.20
CA ASP C 18 16.53 -20.59 -5.76
C ASP C 18 15.90 -19.63 -6.80
N PRO C 19 15.12 -18.67 -6.35
CA PRO C 19 14.48 -17.68 -7.26
C PRO C 19 15.48 -17.15 -8.30
N PRO C 20 14.99 -16.66 -9.40
CA PRO C 20 13.52 -16.59 -9.68
C PRO C 20 12.93 -17.91 -10.18
N PHE C 21 13.73 -18.92 -10.35
CA PHE C 21 13.23 -20.23 -10.83
C PHE C 21 12.33 -20.86 -9.78
N VAL C 22 11.45 -21.71 -10.19
CA VAL C 22 10.54 -22.38 -9.27
C VAL C 22 10.81 -23.86 -9.38
N HIS C 23 10.41 -24.59 -8.41
CA HIS C 23 10.65 -26.06 -8.43
C HIS C 23 9.68 -26.72 -9.40
N ALA C 24 9.91 -27.97 -9.68
CA ALA C 24 9.02 -28.72 -10.60
C ALA C 24 7.64 -28.85 -9.96
N HIS C 25 6.62 -28.75 -10.77
CA HIS C 25 5.23 -28.87 -10.26
C HIS C 25 4.27 -28.92 -11.46
N SER C 26 3.13 -29.53 -11.30
CA SER C 26 2.16 -29.61 -12.41
C SER C 26 1.06 -28.59 -12.18
N GLN C 27 0.61 -27.95 -13.21
CA GLN C 27 -0.46 -26.92 -13.03
C GLN C 27 -1.69 -27.64 -12.53
N VAL C 28 -2.13 -28.58 -13.30
CA VAL C 28 -3.29 -29.41 -12.89
C VAL C 28 -2.81 -30.41 -11.85
N ALA C 29 -3.53 -30.54 -10.78
CA ALA C 29 -3.11 -31.46 -9.69
C ALA C 29 -3.08 -32.90 -10.18
N GLU C 30 -2.05 -33.61 -9.86
CA GLU C 30 -1.95 -35.04 -10.28
C GLU C 30 -2.38 -35.93 -9.11
N GLY C 31 -3.62 -36.33 -9.08
CA GLY C 31 -4.11 -37.17 -7.97
C GLY C 31 -4.93 -36.31 -7.01
N GLY C 32 -5.31 -36.85 -5.90
CA GLY C 32 -6.12 -36.06 -4.92
C GLY C 32 -5.18 -35.27 -3.98
N PRO C 33 -5.69 -34.87 -2.84
CA PRO C 33 -4.93 -34.10 -1.83
C PRO C 33 -3.70 -34.85 -1.33
N LYS C 34 -2.63 -34.14 -1.13
CA LYS C 34 -1.39 -34.80 -0.64
C LYS C 34 -0.57 -33.84 0.26
N VAL C 35 0.02 -34.37 1.30
CA VAL C 35 0.84 -33.57 2.24
C VAL C 35 2.21 -33.33 1.60
N VAL C 36 2.38 -32.15 1.12
CA VAL C 36 3.61 -31.76 0.44
C VAL C 36 4.60 -31.44 1.52
N GLU C 37 5.78 -31.86 1.33
CA GLU C 37 6.81 -31.63 2.38
C GLU C 37 7.95 -30.80 1.83
N PHE C 38 8.29 -29.74 2.51
CA PHE C 38 9.42 -28.88 2.07
C PHE C 38 10.26 -28.47 3.30
N THR C 39 11.56 -28.43 3.18
CA THR C 39 12.40 -28.05 4.35
C THR C 39 13.32 -26.89 3.97
N MET C 40 13.41 -25.90 4.81
CA MET C 40 14.28 -24.72 4.49
C MET C 40 15.09 -24.30 5.72
N VAL C 41 16.39 -24.23 5.59
CA VAL C 41 17.27 -23.81 6.70
C VAL C 41 17.45 -22.30 6.57
N ILE C 42 17.43 -21.62 7.65
CA ILE C 42 17.57 -20.14 7.61
C ILE C 42 19.03 -19.79 7.77
N GLU C 43 19.53 -18.92 6.95
CA GLU C 43 20.97 -18.57 7.07
C GLU C 43 21.15 -17.05 7.17
N GLU C 44 21.55 -16.55 8.31
CA GLU C 44 21.76 -15.07 8.42
C GLU C 44 23.21 -14.73 8.01
N LYS C 45 23.40 -14.08 6.88
CA LYS C 45 24.78 -13.76 6.47
C LYS C 45 24.77 -12.36 5.87
N LYS C 46 25.82 -12.02 5.21
CA LYS C 46 25.89 -10.66 4.57
C LYS C 46 25.80 -10.76 3.03
N ILE C 47 24.88 -10.03 2.44
CA ILE C 47 24.72 -10.01 0.96
C ILE C 47 24.96 -8.58 0.44
N VAL C 48 25.64 -8.48 -0.66
CA VAL C 48 25.95 -7.19 -1.27
C VAL C 48 24.74 -6.84 -2.05
N ILE C 49 24.40 -5.64 -2.05
CA ILE C 49 23.15 -5.25 -2.76
C ILE C 49 23.39 -4.32 -3.95
N ASP C 50 24.52 -3.69 -4.03
CA ASP C 50 24.75 -2.75 -5.17
C ASP C 50 26.18 -2.88 -5.68
N ASP C 51 26.58 -2.00 -6.55
CA ASP C 51 27.95 -2.07 -7.10
C ASP C 51 28.91 -1.39 -6.12
N ALA C 52 28.40 -0.48 -5.33
CA ALA C 52 29.29 0.22 -4.35
C ALA C 52 29.71 -0.73 -3.21
N GLY C 53 29.32 -1.98 -3.25
CA GLY C 53 29.72 -2.93 -2.16
C GLY C 53 28.83 -2.77 -0.91
N THR C 54 27.70 -2.09 -1.00
CA THR C 54 26.82 -1.94 0.18
C THR C 54 26.49 -3.33 0.69
N GLU C 55 26.37 -3.50 1.97
CA GLU C 55 26.08 -4.86 2.48
C GLU C 55 24.90 -4.85 3.48
N VAL C 56 24.01 -5.80 3.36
CA VAL C 56 22.87 -5.90 4.31
C VAL C 56 22.86 -7.29 5.01
N HIS C 57 22.82 -7.30 6.32
CA HIS C 57 22.80 -8.57 7.10
C HIS C 57 21.48 -9.25 6.79
N ALA C 58 21.49 -10.06 5.81
CA ALA C 58 20.25 -10.73 5.37
C ALA C 58 19.91 -11.97 6.22
N MET C 59 18.64 -12.12 6.45
CA MET C 59 18.10 -13.27 7.21
C MET C 59 17.39 -13.98 6.11
N ALA C 60 17.86 -15.09 5.72
CA ALA C 60 17.28 -15.63 4.50
C ALA C 60 16.89 -17.04 4.65
N PHE C 61 15.70 -17.25 4.30
CA PHE C 61 15.17 -18.66 4.32
C PHE C 61 15.72 -19.38 3.09
N ASN C 62 16.38 -20.50 3.25
CA ASN C 62 16.97 -21.20 2.08
C ASN C 62 18.24 -20.48 1.57
N GLY C 63 18.80 -19.57 2.34
CA GLY C 63 20.03 -18.86 1.88
C GLY C 63 19.75 -17.91 0.69
N THR C 64 18.53 -17.53 0.43
CA THR C 64 18.31 -16.59 -0.75
C THR C 64 17.16 -15.57 -0.50
N VAL C 65 17.38 -14.30 -0.84
CA VAL C 65 16.32 -13.29 -0.70
C VAL C 65 15.82 -12.99 -2.11
N PRO C 66 14.57 -13.21 -2.35
CA PRO C 66 13.61 -13.70 -1.33
C PRO C 66 13.58 -15.23 -1.25
N GLY C 67 13.18 -15.74 -0.13
CA GLY C 67 13.11 -17.22 0.02
C GLY C 67 12.57 -17.82 -1.28
N PRO C 68 12.57 -19.11 -1.37
CA PRO C 68 12.07 -19.84 -2.57
C PRO C 68 10.54 -19.92 -2.62
N LEU C 69 9.99 -20.04 -3.80
CA LEU C 69 8.50 -20.13 -3.92
C LEU C 69 8.05 -21.59 -3.85
N MET C 70 7.22 -21.92 -2.89
CA MET C 70 6.71 -23.29 -2.76
C MET C 70 5.41 -23.35 -3.54
N VAL C 71 5.14 -24.45 -4.13
CA VAL C 71 3.89 -24.53 -4.95
C VAL C 71 3.11 -25.83 -4.68
N VAL C 72 1.94 -25.70 -4.14
CA VAL C 72 1.05 -26.86 -3.88
C VAL C 72 -0.34 -26.50 -4.44
N HIS C 73 -1.27 -27.41 -4.42
CA HIS C 73 -2.62 -27.10 -4.95
C HIS C 73 -3.55 -26.79 -3.78
N GLN C 74 -4.72 -26.36 -4.09
CA GLN C 74 -5.70 -26.03 -3.03
C GLN C 74 -6.21 -27.32 -2.42
N ASP C 75 -6.23 -27.39 -1.13
CA ASP C 75 -6.68 -28.63 -0.45
C ASP C 75 -5.47 -29.38 0.08
N ASP C 76 -4.39 -29.37 -0.65
CA ASP C 76 -3.16 -30.08 -0.19
C ASP C 76 -2.61 -29.39 1.06
N TYR C 77 -2.00 -30.15 1.92
CA TYR C 77 -1.43 -29.57 3.17
C TYR C 77 0.09 -29.39 2.99
N LEU C 78 0.55 -28.23 3.29
CA LEU C 78 1.99 -27.91 3.17
C LEU C 78 2.64 -28.14 4.52
N GLU C 79 3.61 -28.99 4.55
CA GLU C 79 4.29 -29.32 5.82
C GLU C 79 5.71 -28.85 5.66
N LEU C 80 6.09 -27.89 6.41
CA LEU C 80 7.46 -27.34 6.23
C LEU C 80 8.33 -27.51 7.47
N THR C 81 9.42 -28.20 7.32
CA THR C 81 10.38 -28.37 8.46
C THR C 81 11.41 -27.24 8.37
N LEU C 82 11.35 -26.30 9.28
CA LEU C 82 12.27 -25.17 9.26
C LEU C 82 13.36 -25.48 10.23
N ILE C 83 14.49 -24.98 9.96
CA ILE C 83 15.65 -25.27 10.85
C ILE C 83 16.53 -24.02 11.01
N ASN C 84 16.75 -23.64 12.23
CA ASN C 84 17.62 -22.46 12.52
C ASN C 84 18.93 -22.99 13.09
N PRO C 85 19.94 -23.03 12.26
CA PRO C 85 21.28 -23.56 12.63
C PRO C 85 21.94 -22.86 13.82
N GLU C 86 22.73 -23.57 14.58
CA GLU C 86 23.42 -22.94 15.74
C GLU C 86 24.29 -21.75 15.27
N THR C 87 24.78 -21.79 14.05
CA THR C 87 25.64 -20.66 13.55
C THR C 87 24.89 -19.32 13.61
N ASN C 88 23.58 -19.33 13.53
CA ASN C 88 22.83 -18.04 13.55
C ASN C 88 22.86 -17.45 14.96
N THR C 89 22.38 -16.25 15.11
CA THR C 89 22.38 -15.61 16.46
C THR C 89 20.98 -15.04 16.84
N LEU C 90 19.96 -15.20 16.02
CA LEU C 90 18.62 -14.63 16.42
C LEU C 90 17.50 -15.66 16.24
N MET C 91 16.53 -15.69 17.14
CA MET C 91 15.40 -16.66 16.97
C MET C 91 14.45 -16.15 15.88
N HIS C 92 13.99 -17.03 15.01
CA HIS C 92 13.08 -16.60 13.93
C HIS C 92 11.71 -17.29 14.08
N ASN C 93 10.99 -17.34 13.00
CA ASN C 93 9.64 -17.97 12.97
C ASN C 93 9.04 -17.71 11.57
N ILE C 94 8.07 -18.48 11.13
CA ILE C 94 7.51 -18.24 9.77
C ILE C 94 5.98 -18.09 9.81
N ASP C 95 5.47 -17.04 9.23
CA ASP C 95 4.00 -16.83 9.17
C ASP C 95 3.55 -16.83 7.69
N PHE C 96 2.82 -17.84 7.28
CA PHE C 96 2.38 -17.92 5.87
C PHE C 96 0.98 -17.33 5.72
N HIS C 97 0.88 -16.28 4.97
CA HIS C 97 -0.44 -15.62 4.74
C HIS C 97 -1.47 -16.65 4.23
N ALA C 98 -1.02 -17.69 3.58
CA ALA C 98 -1.97 -18.70 3.03
C ALA C 98 -2.41 -19.73 4.09
N ALA C 99 -2.10 -19.49 5.33
CA ALA C 99 -2.53 -20.44 6.40
C ALA C 99 -3.57 -19.77 7.28
N THR C 100 -4.21 -20.52 8.13
CA THR C 100 -5.26 -19.91 9.02
C THR C 100 -5.10 -20.39 10.47
N GLY C 101 -4.69 -19.51 11.35
CA GLY C 101 -4.55 -19.88 12.81
C GLY C 101 -3.09 -19.69 13.31
N ALA C 102 -2.90 -19.16 14.52
CA ALA C 102 -1.51 -19.00 15.05
C ALA C 102 -0.71 -17.93 14.28
N LEU C 103 -1.31 -16.79 14.05
CA LEU C 103 -0.58 -15.69 13.34
C LEU C 103 0.06 -16.20 12.05
N GLY C 104 -0.60 -17.10 11.37
CA GLY C 104 -0.04 -17.62 10.09
C GLY C 104 1.08 -18.64 10.37
N GLY C 105 1.08 -19.24 11.52
CA GLY C 105 2.14 -20.25 11.84
C GLY C 105 3.31 -19.62 12.63
N GLY C 106 3.33 -18.33 12.83
CA GLY C 106 4.46 -17.70 13.58
C GLY C 106 4.36 -18.04 15.08
N GLY C 107 3.17 -18.20 15.59
CA GLY C 107 3.02 -18.52 17.05
C GLY C 107 3.46 -19.96 17.36
N LEU C 108 3.56 -20.82 16.37
CA LEU C 108 3.97 -22.23 16.64
C LEU C 108 5.27 -22.60 15.88
N THR C 109 6.09 -21.64 15.55
CA THR C 109 7.37 -21.94 14.83
C THR C 109 8.54 -21.06 15.37
N GLU C 110 8.46 -20.52 16.56
CA GLU C 110 9.58 -19.70 17.09
C GLU C 110 10.71 -20.64 17.46
N ILE C 111 11.80 -20.60 16.74
CA ILE C 111 12.91 -21.54 17.04
C ILE C 111 14.21 -20.78 17.18
N ASN C 112 14.87 -20.92 18.28
CA ASN C 112 16.16 -20.22 18.48
C ASN C 112 17.30 -21.07 17.91
N PRO C 113 18.43 -20.46 17.65
CA PRO C 113 19.61 -21.17 17.11
C PRO C 113 19.73 -22.59 17.68
N GLY C 114 19.93 -23.56 16.83
CA GLY C 114 20.03 -24.97 17.32
C GLY C 114 18.64 -25.61 17.50
N GLU C 115 17.59 -25.04 16.94
CA GLU C 115 16.24 -25.65 17.10
C GLU C 115 15.50 -25.70 15.74
N LYS C 116 14.74 -26.74 15.50
CA LYS C 116 13.96 -26.86 14.23
C LYS C 116 12.56 -27.38 14.54
N THR C 117 11.59 -27.03 13.76
CA THR C 117 10.22 -27.49 14.03
C THR C 117 9.57 -27.89 12.72
N ILE C 118 8.38 -28.39 12.81
CA ILE C 118 7.65 -28.80 11.59
C ILE C 118 6.19 -28.35 11.72
N LEU C 119 5.72 -27.55 10.81
CA LEU C 119 4.32 -27.07 10.90
C LEU C 119 3.57 -27.46 9.64
N ARG C 120 2.39 -27.97 9.80
CA ARG C 120 1.60 -28.38 8.61
C ARG C 120 0.25 -27.65 8.60
N PHE C 121 -0.08 -27.01 7.52
CA PHE C 121 -1.37 -26.29 7.43
C PHE C 121 -2.08 -26.66 6.11
N LYS C 122 -3.39 -26.57 6.09
CA LYS C 122 -4.17 -26.89 4.88
C LYS C 122 -4.27 -25.64 4.00
N ALA C 123 -3.97 -25.80 2.76
CA ALA C 123 -4.03 -24.68 1.80
C ALA C 123 -5.45 -24.62 1.32
N THR C 124 -6.23 -23.88 2.01
CA THR C 124 -7.70 -23.84 1.69
C THR C 124 -8.10 -22.76 0.66
N LYS C 125 -7.21 -21.90 0.28
CA LYS C 125 -7.57 -20.83 -0.68
C LYS C 125 -6.52 -20.79 -1.79
N PRO C 126 -6.96 -20.69 -3.01
CA PRO C 126 -6.06 -20.66 -4.19
C PRO C 126 -5.51 -19.26 -4.48
N GLY C 127 -4.21 -19.14 -4.67
CA GLY C 127 -3.65 -17.79 -4.98
C GLY C 127 -2.24 -17.64 -4.39
N VAL C 128 -1.45 -16.77 -4.96
CA VAL C 128 -0.08 -16.55 -4.46
C VAL C 128 -0.19 -15.78 -3.15
N PHE C 129 0.67 -16.07 -2.23
CA PHE C 129 0.59 -15.39 -0.93
C PHE C 129 2.00 -15.18 -0.43
N VAL C 130 2.21 -14.19 0.36
CA VAL C 130 3.62 -13.95 0.85
C VAL C 130 3.87 -14.51 2.28
N TYR C 131 4.94 -15.28 2.47
CA TYR C 131 5.29 -15.79 3.80
C TYR C 131 6.44 -14.94 4.32
N HIS C 132 6.60 -14.81 5.60
CA HIS C 132 7.70 -13.95 6.13
C HIS C 132 7.87 -14.15 7.64
N CYS C 133 9.10 -14.12 8.12
CA CYS C 133 9.34 -14.34 9.58
C CYS C 133 8.86 -13.10 10.34
N ALA C 134 8.39 -13.27 11.54
CA ALA C 134 7.90 -12.08 12.29
C ALA C 134 7.96 -12.34 13.79
N PRO C 135 9.13 -12.36 14.34
CA PRO C 135 9.33 -12.58 15.80
C PRO C 135 8.74 -11.41 16.61
N PRO C 136 7.88 -11.71 17.55
CA PRO C 136 7.23 -10.66 18.40
C PRO C 136 8.19 -9.54 18.84
N GLY C 137 7.89 -8.30 18.51
CA GLY C 137 8.79 -7.18 18.93
C GLY C 137 9.80 -6.78 17.83
N MET C 138 10.12 -7.65 16.90
CA MET C 138 11.11 -7.28 15.86
C MET C 138 10.62 -7.77 14.51
N VAL C 139 9.36 -7.58 14.26
CA VAL C 139 8.79 -8.04 12.96
C VAL C 139 9.42 -7.30 11.76
N PRO C 140 9.16 -6.03 11.64
CA PRO C 140 9.65 -5.18 10.52
C PRO C 140 11.14 -5.37 10.24
N TRP C 141 11.92 -5.56 11.27
CA TRP C 141 13.39 -5.75 11.07
C TRP C 141 13.67 -7.05 10.30
N HIS C 142 13.08 -8.14 10.71
CA HIS C 142 13.32 -9.44 10.03
C HIS C 142 12.82 -9.39 8.58
N VAL C 143 11.70 -8.78 8.34
CA VAL C 143 11.15 -8.73 6.95
C VAL C 143 12.06 -7.87 6.06
N VAL C 144 12.44 -6.71 6.53
CA VAL C 144 13.30 -5.81 5.70
C VAL C 144 14.64 -6.49 5.47
N SER C 145 15.09 -7.24 6.43
CA SER C 145 16.39 -7.95 6.27
C SER C 145 16.31 -9.00 5.14
N GLY C 146 15.19 -9.15 4.50
CA GLY C 146 15.05 -10.15 3.41
C GLY C 146 14.52 -11.48 3.94
N MET C 147 13.79 -11.48 5.03
CA MET C 147 13.26 -12.77 5.55
C MET C 147 11.80 -12.93 5.09
N ASN C 148 11.61 -13.15 3.82
CA ASN C 148 10.23 -13.29 3.31
C ASN C 148 10.26 -13.79 1.85
N GLY C 149 9.27 -14.52 1.47
CA GLY C 149 9.19 -15.06 0.07
C GLY C 149 7.71 -15.19 -0.32
N ALA C 150 7.31 -16.28 -0.94
CA ALA C 150 5.87 -16.41 -1.32
C ALA C 150 5.55 -17.83 -1.83
N ILE C 151 4.36 -18.32 -1.55
CA ILE C 151 3.96 -19.67 -2.03
C ILE C 151 2.76 -19.55 -2.97
N MET C 152 2.63 -20.44 -3.91
CA MET C 152 1.49 -20.38 -4.87
C MET C 152 0.62 -21.64 -4.76
N VAL C 153 -0.59 -21.48 -4.30
CA VAL C 153 -1.52 -22.63 -4.17
C VAL C 153 -2.39 -22.57 -5.40
N LEU C 154 -2.14 -23.43 -6.32
CA LEU C 154 -2.90 -23.35 -7.61
C LEU C 154 -4.16 -24.20 -7.59
N PRO C 155 -5.22 -23.70 -8.17
CA PRO C 155 -6.49 -24.46 -8.27
C PRO C 155 -6.23 -25.89 -8.76
N ARG C 156 -6.89 -26.87 -8.20
CA ARG C 156 -6.67 -28.27 -8.62
C ARG C 156 -6.72 -28.39 -10.13
N GLU C 157 -7.59 -27.66 -10.76
CA GLU C 157 -7.71 -27.73 -12.25
C GLU C 157 -6.79 -26.70 -12.96
N GLY C 158 -5.80 -26.16 -12.29
CA GLY C 158 -4.90 -25.17 -12.97
C GLY C 158 -5.51 -23.77 -12.92
N LEU C 159 -4.96 -22.86 -13.68
CA LEU C 159 -5.51 -21.46 -13.68
C LEU C 159 -6.45 -21.26 -14.87
N HIS C 160 -7.45 -20.42 -14.70
CA HIS C 160 -8.41 -20.15 -15.80
C HIS C 160 -8.73 -18.64 -15.77
N ASP C 161 -9.16 -18.11 -16.87
CA ASP C 161 -9.48 -16.64 -16.92
C ASP C 161 -10.74 -16.35 -16.11
N GLY C 162 -11.39 -15.24 -16.38
CA GLY C 162 -12.63 -14.89 -15.61
C GLY C 162 -13.85 -15.66 -16.18
N LYS C 163 -13.79 -16.11 -17.40
CA LYS C 163 -14.96 -16.85 -17.97
C LYS C 163 -14.86 -18.36 -17.70
N GLY C 164 -13.73 -18.82 -17.22
CA GLY C 164 -13.59 -20.30 -16.95
C GLY C 164 -12.57 -20.97 -17.92
N LYS C 165 -12.14 -20.32 -18.97
CA LYS C 165 -11.18 -20.96 -19.92
C LYS C 165 -9.88 -21.26 -19.20
N ALA C 166 -9.20 -22.28 -19.60
CA ALA C 166 -7.91 -22.64 -18.94
C ALA C 166 -6.72 -21.82 -19.51
N LEU C 167 -5.94 -21.22 -18.63
CA LEU C 167 -4.74 -20.46 -19.02
C LEU C 167 -3.55 -21.25 -18.50
N THR C 168 -2.74 -21.73 -19.39
CA THR C 168 -1.61 -22.56 -18.99
C THR C 168 -0.37 -21.85 -19.39
N TYR C 169 0.56 -21.82 -18.54
CA TYR C 169 1.82 -21.09 -18.85
C TYR C 169 2.96 -22.06 -19.14
N ASP C 170 3.82 -21.71 -20.06
CA ASP C 170 4.99 -22.58 -20.37
C ASP C 170 6.16 -22.28 -19.41
N LYS C 171 6.24 -21.08 -18.87
CA LYS C 171 7.36 -20.76 -17.95
C LYS C 171 6.86 -19.87 -16.81
N ILE C 172 7.36 -20.08 -15.63
CA ILE C 172 6.93 -19.25 -14.47
C ILE C 172 8.16 -18.77 -13.67
N TYR C 173 8.21 -17.49 -13.38
CA TYR C 173 9.36 -16.93 -12.62
C TYR C 173 8.79 -16.20 -11.41
N TYR C 174 9.51 -16.19 -10.34
CA TYR C 174 9.05 -15.51 -9.11
C TYR C 174 10.02 -14.41 -8.75
N VAL C 175 9.57 -13.19 -8.81
CA VAL C 175 10.46 -12.04 -8.50
C VAL C 175 10.03 -11.40 -7.18
N GLY C 176 10.80 -11.61 -6.16
CA GLY C 176 10.50 -11.03 -4.83
C GLY C 176 11.19 -9.69 -4.71
N GLU C 177 10.44 -8.67 -4.47
CA GLU C 177 10.99 -7.31 -4.36
C GLU C 177 11.30 -7.08 -2.91
N GLN C 178 12.30 -6.33 -2.65
CA GLN C 178 12.66 -6.08 -1.23
C GLN C 178 13.14 -4.65 -1.02
N ASP C 179 12.53 -3.95 -0.12
CA ASP C 179 12.96 -2.55 0.16
C ASP C 179 13.88 -2.56 1.39
N PHE C 180 15.10 -2.14 1.24
CA PHE C 180 16.02 -2.15 2.39
C PHE C 180 16.11 -0.75 2.99
N TYR C 181 16.88 -0.64 4.02
CA TYR C 181 17.06 0.67 4.71
C TYR C 181 18.46 0.64 5.30
N VAL C 182 19.43 1.00 4.52
CA VAL C 182 20.83 0.91 4.99
C VAL C 182 21.28 2.21 5.61
N PRO C 183 21.81 2.12 6.79
CA PRO C 183 22.33 3.32 7.52
C PRO C 183 23.60 3.91 6.87
N ARG C 184 23.70 5.23 6.79
CA ARG C 184 24.89 5.87 6.19
C ARG C 184 25.56 6.73 7.25
N ASP C 185 26.82 7.00 7.09
CA ASP C 185 27.55 7.83 8.10
C ASP C 185 27.29 9.33 7.87
N GLU C 186 28.20 10.19 8.27
CA GLU C 186 27.98 11.66 8.08
C GLU C 186 28.33 12.08 6.65
N ASN C 187 29.24 11.38 6.00
CA ASN C 187 29.62 11.77 4.61
C ASN C 187 28.63 11.18 3.57
N GLY C 188 27.71 10.35 3.97
CA GLY C 188 26.74 9.77 2.99
C GLY C 188 27.16 8.34 2.56
N LYS C 189 28.23 7.79 3.09
CA LYS C 189 28.64 6.41 2.70
C LYS C 189 27.90 5.37 3.54
N TYR C 190 27.45 4.31 2.92
CA TYR C 190 26.73 3.26 3.66
C TYR C 190 27.65 2.70 4.72
N LYS C 191 27.11 2.32 5.82
CA LYS C 191 27.95 1.78 6.92
C LYS C 191 27.89 0.24 6.91
N LYS C 192 28.97 -0.38 7.28
CA LYS C 192 28.99 -1.86 7.32
C LYS C 192 29.30 -2.29 8.74
N TYR C 193 28.85 -3.44 9.14
CA TYR C 193 29.12 -3.87 10.52
C TYR C 193 29.71 -5.25 10.52
N GLU C 194 29.67 -5.91 11.62
CA GLU C 194 30.24 -7.29 11.69
C GLU C 194 29.14 -8.29 12.09
N ALA C 195 28.09 -7.84 12.74
CA ALA C 195 27.02 -8.77 13.14
C ALA C 195 25.68 -8.14 12.81
N PRO C 196 24.65 -8.92 12.87
CA PRO C 196 23.26 -8.46 12.57
C PRO C 196 22.70 -7.53 13.65
N GLY C 197 22.98 -7.81 14.90
CA GLY C 197 22.44 -6.95 15.99
C GLY C 197 23.15 -5.57 16.01
N ASP C 198 24.40 -5.52 15.63
CA ASP C 198 25.14 -4.22 15.65
C ASP C 198 24.46 -3.20 14.74
N ALA C 199 23.73 -3.64 13.75
CA ALA C 199 23.06 -2.67 12.82
C ALA C 199 21.54 -2.54 13.11
N TYR C 200 21.07 -3.00 14.24
CA TYR C 200 19.60 -2.87 14.55
C TYR C 200 19.17 -1.40 14.85
N GLU C 201 19.84 -0.69 15.74
CA GLU C 201 19.41 0.69 16.08
C GLU C 201 19.53 1.61 14.87
N ASP C 202 20.64 1.56 14.20
CA ASP C 202 20.85 2.45 13.01
C ASP C 202 19.83 2.11 11.93
N THR C 203 19.53 0.87 11.76
CA THR C 203 18.54 0.48 10.71
C THR C 203 17.15 1.00 11.09
N VAL C 204 16.73 0.79 12.30
CA VAL C 204 15.38 1.27 12.73
C VAL C 204 15.23 2.75 12.38
N LYS C 205 16.24 3.53 12.68
CA LYS C 205 16.16 4.98 12.37
C LYS C 205 15.84 5.18 10.89
N VAL C 206 16.48 4.44 10.02
CA VAL C 206 16.21 4.59 8.56
C VAL C 206 14.82 4.05 8.24
N MET C 207 14.45 2.94 8.83
CA MET C 207 13.11 2.36 8.53
C MET C 207 12.00 3.34 8.92
N ARG C 208 12.17 4.08 9.98
CA ARG C 208 11.11 5.05 10.40
C ARG C 208 10.87 6.09 9.29
N THR C 209 11.91 6.49 8.62
CA THR C 209 11.75 7.50 7.54
C THR C 209 10.83 6.98 6.42
N LEU C 210 10.46 5.72 6.44
CA LEU C 210 9.57 5.19 5.36
C LEU C 210 10.19 5.48 3.98
N THR C 211 11.50 5.55 3.91
CA THR C 211 12.15 5.82 2.60
C THR C 211 13.30 4.83 2.43
N PRO C 212 13.08 3.80 1.66
CA PRO C 212 14.11 2.74 1.42
C PRO C 212 15.32 3.22 0.61
N THR C 213 16.52 2.96 1.09
CA THR C 213 17.73 3.40 0.33
C THR C 213 17.86 2.55 -0.96
N HIS C 214 17.29 1.38 -1.00
CA HIS C 214 17.40 0.53 -2.22
C HIS C 214 16.19 -0.40 -2.30
N VAL C 215 15.59 -0.49 -3.46
CA VAL C 215 14.41 -1.37 -3.62
C VAL C 215 14.75 -2.25 -4.79
N VAL C 216 14.92 -3.51 -4.59
CA VAL C 216 15.37 -4.28 -5.76
C VAL C 216 14.68 -5.61 -5.86
N PHE C 217 15.12 -6.40 -6.78
CA PHE C 217 14.50 -7.73 -6.98
C PHE C 217 15.57 -8.81 -6.86
N ASN C 218 15.28 -9.86 -6.15
CA ASN C 218 16.29 -10.96 -5.97
C ASN C 218 17.38 -10.61 -4.93
N GLY C 219 17.22 -9.55 -4.16
CA GLY C 219 18.25 -9.20 -3.13
C GLY C 219 19.44 -8.34 -3.69
N ALA C 220 19.36 -7.69 -4.84
CA ALA C 220 20.53 -6.85 -5.27
C ALA C 220 20.22 -6.03 -6.54
N VAL C 221 20.65 -4.78 -6.58
CA VAL C 221 20.42 -3.97 -7.81
C VAL C 221 21.08 -4.69 -8.98
N GLY C 222 20.36 -4.90 -10.04
CA GLY C 222 20.95 -5.62 -11.20
C GLY C 222 21.05 -7.14 -10.93
N ALA C 223 20.23 -7.69 -10.04
CA ALA C 223 20.31 -9.16 -9.78
C ALA C 223 19.68 -10.00 -10.92
N LEU C 224 18.55 -9.60 -11.46
CA LEU C 224 17.88 -10.40 -12.55
C LEU C 224 18.20 -9.86 -13.95
N THR C 225 19.41 -9.46 -14.18
CA THR C 225 19.85 -8.97 -15.52
C THR C 225 21.24 -9.55 -15.83
N GLY C 226 21.56 -9.73 -17.08
CA GLY C 226 22.88 -10.32 -17.45
C GLY C 226 22.75 -11.83 -17.40
N ASP C 227 23.57 -12.47 -16.62
CA ASP C 227 23.46 -13.96 -16.52
C ASP C 227 22.12 -14.37 -15.87
N LYS C 228 21.49 -13.48 -15.12
CA LYS C 228 20.18 -13.85 -14.48
C LYS C 228 18.97 -13.31 -15.27
N ALA C 229 19.17 -12.60 -16.35
CA ALA C 229 17.98 -12.08 -17.11
C ALA C 229 17.03 -13.24 -17.45
N MET C 230 15.76 -13.09 -17.15
CA MET C 230 14.80 -14.16 -17.47
C MET C 230 14.87 -14.43 -18.96
N THR C 231 14.20 -15.43 -19.40
CA THR C 231 14.20 -15.76 -20.84
C THR C 231 12.79 -16.19 -21.29
N ALA C 232 12.49 -15.95 -22.54
CA ALA C 232 11.16 -16.33 -23.10
C ALA C 232 11.22 -16.14 -24.63
N ALA C 233 10.46 -16.91 -25.38
CA ALA C 233 10.49 -16.78 -26.85
C ALA C 233 9.10 -16.41 -27.36
N VAL C 234 9.05 -15.69 -28.43
CA VAL C 234 7.75 -15.27 -29.01
C VAL C 234 6.83 -16.46 -29.05
N GLY C 235 5.61 -16.27 -28.64
CA GLY C 235 4.63 -17.40 -28.63
C GLY C 235 4.61 -18.14 -27.26
N GLU C 236 5.51 -17.84 -26.36
CA GLU C 236 5.53 -18.52 -25.05
C GLU C 236 4.69 -17.74 -24.04
N LYS C 237 4.03 -18.44 -23.18
CA LYS C 237 3.18 -17.80 -22.15
C LYS C 237 3.94 -17.91 -20.86
N VAL C 238 4.04 -16.86 -20.14
CA VAL C 238 4.83 -16.90 -18.90
C VAL C 238 4.10 -16.23 -17.76
N LEU C 239 4.11 -16.86 -16.63
CA LEU C 239 3.45 -16.29 -15.43
C LEU C 239 4.53 -15.72 -14.52
N ILE C 240 4.44 -14.46 -14.18
CA ILE C 240 5.46 -13.82 -13.33
C ILE C 240 4.85 -13.45 -11.97
N VAL C 241 5.13 -14.25 -10.98
CA VAL C 241 4.62 -13.97 -9.62
C VAL C 241 5.54 -12.96 -8.97
N HIS C 242 4.98 -12.04 -8.28
CA HIS C 242 5.80 -10.99 -7.65
C HIS C 242 5.27 -10.74 -6.25
N SER C 243 6.14 -10.59 -5.32
CA SER C 243 5.68 -10.36 -3.92
C SER C 243 6.49 -9.26 -3.23
N GLN C 244 5.83 -8.55 -2.35
CA GLN C 244 6.45 -7.46 -1.55
C GLN C 244 5.85 -7.58 -0.14
N ALA C 245 6.63 -8.04 0.80
CA ALA C 245 6.12 -8.27 2.18
C ALA C 245 6.60 -7.16 3.11
N ASN C 246 6.45 -5.98 2.65
CA ASN C 246 6.85 -4.77 3.43
C ASN C 246 6.86 -3.50 2.54
N ARG C 247 5.99 -3.38 1.54
CA ARG C 247 6.02 -2.14 0.72
C ARG C 247 5.14 -2.30 -0.51
N ASP C 248 4.40 -1.29 -0.88
CA ASP C 248 3.53 -1.42 -2.10
C ASP C 248 4.36 -1.17 -3.40
N THR C 249 4.19 -2.01 -4.41
CA THR C 249 4.92 -1.81 -5.69
C THR C 249 3.90 -1.73 -6.83
N ARG C 250 4.37 -1.53 -8.01
CA ARG C 250 3.48 -1.44 -9.21
C ARG C 250 4.23 -1.99 -10.42
N PRO C 251 4.15 -3.28 -10.60
CA PRO C 251 4.85 -4.01 -11.69
C PRO C 251 4.49 -3.50 -13.09
N HIS C 252 5.42 -3.57 -13.98
CA HIS C 252 5.18 -3.13 -15.39
C HIS C 252 6.25 -3.72 -16.35
N LEU C 253 5.82 -4.54 -17.29
CA LEU C 253 6.75 -5.13 -18.29
C LEU C 253 6.90 -4.15 -19.45
N ILE C 254 8.04 -3.56 -19.55
CA ILE C 254 8.34 -2.57 -20.60
C ILE C 254 8.31 -3.27 -21.93
N GLY C 255 7.53 -2.76 -22.81
CA GLY C 255 7.43 -3.41 -24.15
C GLY C 255 6.28 -4.44 -24.16
N GLY C 256 5.76 -4.83 -23.02
CA GLY C 256 4.66 -5.83 -23.01
C GLY C 256 3.57 -5.39 -22.05
N HIS C 257 2.78 -6.31 -21.59
CA HIS C 257 1.68 -5.96 -20.66
C HIS C 257 1.20 -7.23 -19.94
N GLY C 258 0.40 -7.06 -18.93
CA GLY C 258 -0.12 -8.23 -18.18
C GLY C 258 -1.44 -8.64 -18.80
N ASP C 259 -1.41 -9.60 -19.66
CA ASP C 259 -2.66 -10.03 -20.34
C ASP C 259 -3.72 -10.27 -19.28
N TYR C 260 -3.41 -11.12 -18.37
CA TYR C 260 -4.34 -11.42 -17.25
C TYR C 260 -3.56 -11.21 -15.96
N VAL C 261 -4.03 -10.39 -15.06
CA VAL C 261 -3.22 -10.15 -13.83
C VAL C 261 -4.06 -10.24 -12.56
N TRP C 262 -3.85 -11.26 -11.79
CA TRP C 262 -4.57 -11.38 -10.49
C TRP C 262 -3.83 -10.46 -9.55
N ALA C 263 -4.18 -9.21 -9.58
CA ALA C 263 -3.45 -8.18 -8.80
C ALA C 263 -3.49 -8.53 -7.33
N THR C 264 -4.61 -8.93 -6.89
CA THR C 264 -4.77 -9.29 -5.45
C THR C 264 -4.07 -10.63 -5.15
N GLY C 265 -3.60 -11.31 -6.16
CA GLY C 265 -2.92 -12.63 -5.89
C GLY C 265 -3.94 -13.70 -5.39
N LYS C 266 -5.18 -13.60 -5.79
CA LYS C 266 -6.20 -14.59 -5.37
C LYS C 266 -6.84 -15.12 -6.66
N PHE C 267 -6.81 -16.39 -6.85
CA PHE C 267 -7.36 -16.98 -8.12
C PHE C 267 -8.89 -16.81 -8.18
N ASN C 268 -9.56 -16.97 -7.09
CA ASN C 268 -11.04 -16.85 -7.08
C ASN C 268 -11.43 -15.48 -7.59
N THR C 269 -10.63 -14.50 -7.31
CA THR C 269 -10.95 -13.13 -7.77
C THR C 269 -10.56 -13.00 -9.25
N PRO C 270 -11.52 -12.75 -10.10
CA PRO C 270 -11.27 -12.61 -11.57
C PRO C 270 -10.02 -11.77 -11.87
N PRO C 271 -9.19 -12.18 -12.81
CA PRO C 271 -7.94 -11.42 -13.14
C PRO C 271 -8.15 -10.20 -14.08
N ASP C 272 -7.74 -9.00 -13.69
CA ASP C 272 -7.90 -7.86 -14.61
C ASP C 272 -7.29 -8.27 -15.95
N VAL C 273 -7.49 -7.52 -16.98
CA VAL C 273 -6.91 -7.93 -18.30
C VAL C 273 -6.38 -6.70 -19.07
N ASP C 274 -5.38 -6.91 -19.89
CA ASP C 274 -4.82 -5.81 -20.70
C ASP C 274 -4.28 -4.79 -19.73
N GLN C 275 -3.44 -5.22 -18.85
CA GLN C 275 -2.92 -4.24 -17.83
C GLN C 275 -1.53 -3.69 -18.19
N GLU C 276 -1.37 -2.37 -18.22
CA GLU C 276 -0.02 -1.78 -18.49
C GLU C 276 0.83 -1.79 -17.20
N THR C 277 0.24 -1.48 -16.06
CA THR C 277 0.97 -1.45 -14.78
C THR C 277 -0.02 -1.87 -13.69
N TRP C 278 0.31 -2.85 -12.93
CA TRP C 278 -0.63 -3.33 -11.89
C TRP C 278 -0.31 -2.70 -10.55
N PHE C 279 -0.79 -3.28 -9.48
CA PHE C 279 -0.52 -2.72 -8.14
C PHE C 279 -0.63 -3.81 -7.07
N ILE C 280 0.45 -4.07 -6.37
CA ILE C 280 0.44 -5.10 -5.30
C ILE C 280 0.79 -4.39 -4.00
N PRO C 281 -0.12 -4.39 -3.07
CA PRO C 281 0.06 -3.70 -1.75
C PRO C 281 1.01 -4.43 -0.79
N GLY C 282 1.91 -3.70 -0.18
CA GLY C 282 2.83 -4.32 0.79
C GLY C 282 2.07 -5.40 1.54
N GLY C 283 2.72 -6.47 1.82
CA GLY C 283 2.06 -7.60 2.52
C GLY C 283 1.23 -8.42 1.53
N ALA C 284 1.61 -8.50 0.27
CA ALA C 284 0.76 -9.31 -0.67
C ALA C 284 1.52 -9.69 -1.95
N ALA C 285 1.27 -10.86 -2.48
CA ALA C 285 1.94 -11.27 -3.76
C ALA C 285 0.89 -11.45 -4.87
N GLY C 286 1.15 -10.97 -6.06
CA GLY C 286 0.16 -11.11 -7.16
C GLY C 286 0.75 -12.00 -8.26
N ALA C 287 0.15 -11.97 -9.42
CA ALA C 287 0.65 -12.80 -10.55
C ALA C 287 0.13 -12.23 -11.87
N ALA C 288 0.97 -12.20 -12.87
CA ALA C 288 0.56 -11.67 -14.20
C ALA C 288 0.98 -12.67 -15.27
N PHE C 289 0.09 -12.96 -16.17
CA PHE C 289 0.41 -13.94 -17.24
C PHE C 289 0.40 -13.21 -18.57
N TYR C 290 1.38 -13.41 -19.37
CA TYR C 290 1.43 -12.70 -20.67
C TYR C 290 2.12 -13.55 -21.73
N THR C 291 1.61 -13.51 -22.92
CA THR C 291 2.20 -14.27 -24.04
C THR C 291 3.06 -13.32 -24.85
N PHE C 292 4.33 -13.59 -24.92
CA PHE C 292 5.25 -12.70 -25.67
C PHE C 292 4.94 -12.72 -27.16
N GLN C 293 4.96 -11.57 -27.78
CA GLN C 293 4.69 -11.49 -29.24
C GLN C 293 5.88 -10.86 -30.00
N GLN C 294 6.82 -10.25 -29.31
CA GLN C 294 7.98 -9.63 -30.02
C GLN C 294 9.28 -10.00 -29.32
N PRO C 295 10.31 -10.26 -30.09
CA PRO C 295 11.65 -10.64 -29.57
C PRO C 295 12.50 -9.43 -29.22
N GLY C 296 13.41 -9.57 -28.30
CA GLY C 296 14.26 -8.42 -27.92
C GLY C 296 14.43 -8.41 -26.40
N ILE C 297 14.97 -7.35 -25.88
CA ILE C 297 15.17 -7.26 -24.40
C ILE C 297 14.10 -6.34 -23.80
N TYR C 298 13.39 -6.82 -22.82
CA TYR C 298 12.33 -6.01 -22.17
C TYR C 298 12.65 -5.88 -20.68
N ALA C 299 12.46 -4.73 -20.13
CA ALA C 299 12.75 -4.52 -18.69
C ALA C 299 11.47 -4.67 -17.92
N TYR C 300 11.54 -5.22 -16.75
CA TYR C 300 10.29 -5.42 -15.98
C TYR C 300 10.53 -4.79 -14.64
N VAL C 301 9.83 -3.77 -14.28
CA VAL C 301 10.20 -3.19 -12.97
C VAL C 301 9.10 -2.37 -12.34
N ASN C 302 9.35 -1.98 -11.13
CA ASN C 302 8.39 -1.17 -10.37
C ASN C 302 8.27 0.13 -11.12
N HIS C 303 7.10 0.52 -11.45
CA HIS C 303 6.98 1.77 -12.26
C HIS C 303 7.62 2.90 -11.48
N ASN C 304 7.30 3.09 -10.23
CA ASN C 304 8.04 4.19 -9.56
C ASN C 304 9.41 4.31 -10.30
N LEU C 305 9.47 5.10 -11.36
CA LEU C 305 10.71 5.20 -12.18
C LEU C 305 11.91 5.38 -11.27
N ILE C 306 11.75 6.21 -10.31
CA ILE C 306 12.87 6.46 -9.36
C ILE C 306 13.22 5.15 -8.68
N GLU C 307 12.23 4.51 -8.13
CA GLU C 307 12.48 3.19 -7.47
C GLU C 307 13.06 2.16 -8.48
N ALA C 308 12.67 2.21 -9.74
CA ALA C 308 13.20 1.22 -10.73
C ALA C 308 14.58 1.61 -11.35
N PHE C 309 14.95 2.87 -11.43
CA PHE C 309 16.26 3.19 -12.07
C PHE C 309 17.24 3.75 -11.06
N GLU C 310 16.75 4.52 -10.14
CA GLU C 310 17.66 5.12 -9.12
C GLU C 310 17.82 4.21 -7.88
N LEU C 311 16.85 3.39 -7.54
CA LEU C 311 17.01 2.54 -6.33
C LEU C 311 17.53 1.17 -6.73
N GLY C 312 16.95 0.59 -7.74
CA GLY C 312 17.40 -0.76 -8.20
C GLY C 312 16.20 -1.74 -8.41
N ALA C 313 15.00 -1.28 -8.72
CA ALA C 313 13.88 -2.24 -8.95
C ALA C 313 13.68 -2.46 -10.45
N ALA C 314 14.62 -3.07 -11.14
CA ALA C 314 14.44 -3.30 -12.60
C ALA C 314 15.19 -4.55 -13.06
N ALA C 315 14.49 -5.51 -13.63
CA ALA C 315 15.16 -6.74 -14.12
C ALA C 315 15.01 -6.75 -15.63
N HIS C 316 15.46 -7.75 -16.30
CA HIS C 316 15.29 -7.73 -17.79
C HIS C 316 15.06 -9.13 -18.39
N PHE C 317 14.06 -9.27 -19.26
CA PHE C 317 13.83 -10.59 -19.93
C PHE C 317 14.31 -10.55 -21.41
N LYS C 318 15.10 -11.52 -21.83
CA LYS C 318 15.61 -11.59 -23.20
C LYS C 318 14.72 -12.57 -23.91
N VAL C 319 14.19 -12.19 -25.01
CA VAL C 319 13.25 -13.07 -25.71
C VAL C 319 13.73 -13.28 -27.11
N THR C 320 13.60 -14.47 -27.56
CA THR C 320 14.06 -14.79 -28.95
C THR C 320 12.86 -15.03 -29.84
N GLY C 321 13.03 -14.91 -31.13
CA GLY C 321 11.87 -15.14 -32.06
C GLY C 321 11.98 -14.21 -33.28
N GLU C 322 10.89 -14.02 -33.97
CA GLU C 322 10.90 -13.14 -35.17
C GLU C 322 10.09 -11.89 -34.84
N TRP C 323 10.54 -10.77 -35.31
CA TRP C 323 9.84 -9.50 -35.04
C TRP C 323 8.56 -9.46 -35.86
N ASN C 324 7.58 -8.79 -35.34
CA ASN C 324 6.27 -8.67 -36.04
C ASN C 324 6.04 -7.20 -36.36
N ASP C 325 6.17 -6.84 -37.60
CA ASP C 325 6.00 -5.42 -37.99
C ASP C 325 4.55 -5.00 -37.78
N ASP C 326 3.64 -5.87 -38.10
CA ASP C 326 2.20 -5.53 -37.93
C ASP C 326 2.01 -4.85 -36.57
N LEU C 327 2.50 -5.45 -35.53
CA LEU C 327 2.38 -4.86 -34.17
C LEU C 327 3.17 -3.55 -34.08
N MET C 328 4.38 -3.49 -34.59
CA MET C 328 5.14 -2.21 -34.47
C MET C 328 6.25 -2.16 -35.50
N THR C 329 6.39 -1.06 -36.16
CA THR C 329 7.46 -0.95 -37.19
C THR C 329 7.98 0.50 -37.26
N SER C 330 9.28 0.68 -37.36
CA SER C 330 9.84 2.06 -37.46
C SER C 330 9.78 2.51 -38.91
N VAL C 331 8.74 3.22 -39.27
CA VAL C 331 8.60 3.67 -40.68
C VAL C 331 9.82 4.50 -41.06
N LEU C 332 10.17 5.41 -40.22
CA LEU C 332 11.36 6.26 -40.50
C LEU C 332 12.32 6.22 -39.31
N ALA C 333 13.42 5.52 -39.44
CA ALA C 333 14.39 5.43 -38.31
C ALA C 333 14.94 6.83 -38.02
N PRO C 334 15.38 7.04 -36.81
CA PRO C 334 15.93 8.34 -36.37
C PRO C 334 16.94 8.90 -37.38
N SER C 335 16.69 10.05 -37.92
CA SER C 335 17.65 10.63 -38.91
C SER C 335 17.71 12.14 -38.74
N GLY C 336 18.24 12.83 -39.70
CA GLY C 336 18.33 14.31 -39.61
C GLY C 336 17.03 14.93 -40.10
N GLU D 1 22.91 0.86 46.67
CA GLU D 1 22.67 1.85 45.61
C GLU D 1 21.81 1.26 44.49
N ASN D 2 21.55 2.07 43.48
CA ASN D 2 20.63 1.72 42.41
C ASN D 2 21.36 1.60 41.08
N ILE D 3 20.94 0.62 40.28
CA ILE D 3 21.52 0.43 38.96
C ILE D 3 20.38 0.43 37.95
N GLU D 4 20.49 1.33 36.97
CA GLU D 4 19.42 1.44 36.00
C GLU D 4 19.70 0.63 34.74
N VAL D 5 18.71 -0.12 34.31
CA VAL D 5 18.85 -1.01 33.14
C VAL D 5 17.76 -0.64 32.14
N HIS D 6 18.08 -0.54 30.85
CA HIS D 6 17.05 -0.25 29.87
C HIS D 6 16.73 -1.51 29.03
N MET D 7 15.47 -1.61 28.66
CA MET D 7 14.99 -2.68 27.78
C MET D 7 14.73 -2.04 26.42
N LEU D 8 15.41 -2.56 25.41
CA LEU D 8 15.33 -1.99 24.07
C LEU D 8 15.07 -3.02 22.98
N ASN D 9 14.45 -2.55 21.89
CA ASN D 9 14.23 -3.40 20.73
C ASN D 9 15.53 -3.61 19.98
N LYS D 10 16.43 -2.62 20.09
CA LYS D 10 17.70 -2.75 19.38
C LYS D 10 18.79 -2.00 20.16
N GLY D 11 19.96 -2.61 20.30
CA GLY D 11 21.03 -1.94 21.04
C GLY D 11 22.36 -2.42 20.51
N ALA D 12 23.41 -2.32 21.29
CA ALA D 12 24.74 -2.68 20.83
C ALA D 12 24.86 -4.14 20.41
N GLU D 13 24.24 -5.06 21.15
CA GLU D 13 24.45 -6.46 20.77
C GLU D 13 23.47 -6.97 19.74
N GLY D 14 22.54 -6.15 19.26
CA GLY D 14 21.57 -6.63 18.29
C GLY D 14 20.16 -6.30 18.71
N ALA D 15 19.19 -7.12 18.30
CA ALA D 15 17.79 -6.93 18.63
C ALA D 15 17.48 -7.52 20.02
N MET D 16 16.52 -6.89 20.68
CA MET D 16 15.91 -7.31 21.93
C MET D 16 16.93 -7.47 23.05
N VAL D 17 17.31 -6.36 23.68
CA VAL D 17 18.39 -6.47 24.65
C VAL D 17 18.12 -5.67 25.94
N PHE D 18 18.86 -6.09 26.98
CA PHE D 18 18.89 -5.34 28.25
C PHE D 18 20.23 -4.59 28.18
N GLU D 19 20.26 -3.32 28.56
CA GLU D 19 21.53 -2.57 28.59
C GLU D 19 21.64 -1.89 29.95
N PRO D 20 22.62 -2.25 30.78
CA PRO D 20 23.65 -3.24 30.54
C PRO D 20 23.10 -4.67 30.69
N ALA D 21 23.82 -5.67 30.19
CA ALA D 21 23.29 -7.03 30.33
C ALA D 21 24.06 -7.75 31.43
N TYR D 22 25.05 -7.04 31.96
CA TYR D 22 25.84 -7.60 33.07
C TYR D 22 25.71 -6.60 34.21
N ILE D 23 25.15 -6.99 35.32
CA ILE D 23 24.90 -6.06 36.42
C ILE D 23 25.57 -6.57 37.68
N LYS D 24 26.46 -5.72 38.20
CA LYS D 24 27.20 -6.09 39.40
C LYS D 24 26.57 -5.41 40.60
N ALA D 25 26.18 -6.16 41.63
CA ALA D 25 25.49 -5.46 42.72
C ALA D 25 25.83 -6.10 44.07
N ASN D 26 25.38 -5.48 45.16
CA ASN D 26 25.60 -6.07 46.48
C ASN D 26 24.26 -6.24 47.20
N PRO D 27 24.17 -7.08 48.22
CA PRO D 27 22.90 -7.27 48.94
C PRO D 27 22.33 -5.95 49.45
N GLY D 28 21.06 -5.67 49.20
CA GLY D 28 20.45 -4.41 49.59
C GLY D 28 20.40 -3.43 48.42
N ASP D 29 21.13 -3.63 47.34
CA ASP D 29 21.04 -2.72 46.18
C ASP D 29 19.73 -2.90 45.44
N THR D 30 19.37 -1.93 44.61
CA THR D 30 18.20 -2.09 43.77
C THR D 30 18.63 -2.02 42.30
N VAL D 31 17.87 -2.71 41.48
CA VAL D 31 18.05 -2.72 40.05
C VAL D 31 16.71 -2.22 39.47
N THR D 32 16.79 -1.10 38.76
CA THR D 32 15.58 -0.53 38.16
C THR D 32 15.57 -0.78 36.65
N PHE D 33 14.54 -1.51 36.23
CA PHE D 33 14.37 -1.91 34.83
C PHE D 33 13.41 -0.95 34.15
N ILE D 34 13.88 -0.26 33.10
CA ILE D 34 13.06 0.73 32.43
C ILE D 34 12.78 0.35 30.99
N PRO D 35 11.55 0.03 30.65
CA PRO D 35 11.29 -0.30 29.23
C PRO D 35 11.26 0.97 28.38
N VAL D 36 12.35 1.23 27.68
CA VAL D 36 12.46 2.40 26.80
C VAL D 36 11.60 2.17 25.56
N ASP D 37 11.56 0.93 25.09
CA ASP D 37 10.64 0.58 24.01
C ASP D 37 9.52 -0.25 24.61
N LYS D 38 8.38 -0.35 23.95
CA LYS D 38 7.30 -1.17 24.50
C LYS D 38 7.48 -2.65 24.15
N GLY D 39 6.82 -3.52 24.91
CA GLY D 39 6.82 -4.93 24.62
C GLY D 39 7.74 -5.75 25.50
N HIS D 40 8.32 -5.15 26.54
CA HIS D 40 9.29 -5.90 27.36
C HIS D 40 8.92 -5.98 28.83
N ASN D 41 9.45 -6.99 29.53
CA ASN D 41 9.24 -7.16 30.97
C ASN D 41 10.52 -7.85 31.51
N VAL D 42 10.50 -8.26 32.74
CA VAL D 42 11.65 -8.98 33.31
C VAL D 42 11.09 -10.06 34.23
N GLU D 43 11.69 -11.24 34.16
CA GLU D 43 11.22 -12.41 34.89
C GLU D 43 12.44 -13.27 35.28
N SER D 44 12.50 -13.75 36.52
CA SER D 44 13.63 -14.59 36.89
C SER D 44 13.45 -15.95 36.21
N ILE D 45 14.56 -16.58 35.84
CA ILE D 45 14.46 -17.88 35.17
C ILE D 45 14.53 -19.01 36.20
N LYS D 46 13.65 -19.98 36.08
CA LYS D 46 13.62 -21.14 37.03
C LYS D 46 14.98 -21.83 37.15
N ASP D 47 15.39 -21.99 38.38
CA ASP D 47 16.65 -22.64 38.71
C ASP D 47 17.89 -21.89 38.26
N MET D 48 17.71 -20.61 37.93
CA MET D 48 18.88 -19.80 37.58
C MET D 48 18.90 -18.53 38.44
N ILE D 49 18.48 -18.67 39.68
CA ILE D 49 18.61 -17.66 40.72
C ILE D 49 19.09 -18.40 41.97
N PRO D 50 19.70 -17.69 42.89
CA PRO D 50 20.27 -18.38 44.05
C PRO D 50 19.23 -19.06 44.95
N GLU D 51 19.69 -20.10 45.61
CA GLU D 51 18.98 -20.94 46.51
C GLU D 51 17.80 -20.37 47.28
N GLY D 52 17.94 -19.29 48.05
CA GLY D 52 16.84 -18.77 48.83
C GLY D 52 16.21 -17.48 48.37
N ALA D 53 16.40 -17.17 47.09
CA ALA D 53 15.88 -15.89 46.60
C ALA D 53 14.46 -16.11 46.08
N GLU D 54 13.63 -15.08 46.10
CA GLU D 54 12.27 -15.23 45.60
C GLU D 54 12.19 -15.05 44.08
N LYS D 55 11.31 -15.78 43.44
CA LYS D 55 11.10 -15.63 42.00
C LYS D 55 10.39 -14.31 41.76
N PHE D 56 10.51 -13.73 40.57
CA PHE D 56 9.87 -12.44 40.30
C PHE D 56 9.48 -12.32 38.84
N LYS D 57 8.44 -11.53 38.58
CA LYS D 57 7.98 -11.34 37.21
C LYS D 57 7.26 -10.00 37.13
N SER D 58 7.75 -9.13 36.24
CA SER D 58 7.10 -7.82 36.16
C SER D 58 6.03 -7.78 35.08
N LYS D 59 5.17 -6.76 35.03
CA LYS D 59 4.21 -6.70 33.91
C LYS D 59 4.86 -6.05 32.70
N ILE D 60 4.40 -6.39 31.50
CA ILE D 60 4.99 -5.80 30.29
C ILE D 60 4.79 -4.29 30.27
N ASN D 61 5.81 -3.55 29.89
CA ASN D 61 5.80 -2.10 29.79
C ASN D 61 5.93 -1.31 31.09
N GLU D 62 5.93 -1.99 32.24
CA GLU D 62 6.11 -1.32 33.52
C GLU D 62 7.58 -1.21 33.95
N ASN D 63 7.81 -0.09 34.64
CA ASN D 63 9.11 0.17 35.27
C ASN D 63 9.13 -0.77 36.47
N TYR D 64 10.19 -1.55 36.67
CA TYR D 64 10.16 -2.46 37.80
C TYR D 64 11.41 -2.30 38.65
N VAL D 65 11.26 -2.23 39.97
CA VAL D 65 12.42 -2.08 40.82
C VAL D 65 12.66 -3.40 41.56
N LEU D 66 13.79 -4.03 41.27
CA LEU D 66 14.13 -5.28 41.95
C LEU D 66 15.05 -5.01 43.12
N THR D 67 14.72 -5.51 44.32
CA THR D 67 15.71 -5.41 45.41
C THR D 67 16.44 -6.74 45.51
N VAL D 68 17.77 -6.70 45.53
CA VAL D 68 18.49 -7.97 45.57
C VAL D 68 19.08 -8.19 46.98
N THR D 69 18.80 -9.36 47.51
CA THR D 69 19.24 -9.72 48.86
C THR D 69 20.27 -10.84 48.85
N GLN D 70 19.89 -12.00 48.33
CA GLN D 70 20.82 -13.15 48.35
C GLN D 70 21.97 -13.02 47.36
N PRO D 71 23.18 -13.32 47.81
CA PRO D 71 24.37 -13.30 46.97
C PRO D 71 24.28 -14.48 45.97
N GLY D 72 24.98 -14.33 44.86
CA GLY D 72 24.90 -15.36 43.84
C GLY D 72 24.56 -14.71 42.50
N ALA D 73 24.48 -15.54 41.47
CA ALA D 73 24.16 -15.05 40.13
C ALA D 73 22.68 -15.31 39.85
N TYR D 74 22.10 -14.43 39.06
CA TYR D 74 20.70 -14.46 38.68
C TYR D 74 20.68 -14.23 37.14
N LEU D 75 20.02 -15.15 36.45
CA LEU D 75 19.83 -14.88 35.01
C LEU D 75 18.35 -14.49 34.87
N VAL D 76 18.11 -13.33 34.29
CA VAL D 76 16.72 -12.91 34.10
C VAL D 76 16.46 -12.82 32.61
N LYS D 77 15.19 -12.95 32.26
CA LYS D 77 14.86 -12.85 30.84
C LYS D 77 13.74 -11.85 30.67
N CYS D 78 13.50 -11.49 29.43
CA CYS D 78 12.27 -10.79 29.04
C CYS D 78 11.33 -11.94 28.63
N THR D 79 10.13 -12.02 29.17
CA THR D 79 9.25 -13.16 28.89
C THR D 79 8.97 -13.29 27.40
N PRO D 80 8.50 -12.26 26.71
CA PRO D 80 8.24 -12.45 25.28
C PRO D 80 9.50 -12.64 24.46
N HIS D 81 10.64 -12.02 24.78
CA HIS D 81 11.75 -12.16 23.86
C HIS D 81 12.92 -13.02 24.32
N TYR D 82 12.69 -13.87 25.30
CA TYR D 82 13.71 -14.79 25.78
C TYR D 82 14.29 -15.63 24.64
N ALA D 83 13.40 -16.17 23.80
CA ALA D 83 13.93 -16.99 22.70
C ALA D 83 14.74 -16.21 21.69
N MET D 84 14.66 -14.88 21.67
CA MET D 84 15.46 -14.05 20.77
C MET D 84 16.71 -13.54 21.47
N GLY D 85 16.99 -14.04 22.67
CA GLY D 85 18.23 -13.73 23.36
C GLY D 85 18.13 -12.66 24.42
N MET D 86 16.94 -12.17 24.75
CA MET D 86 16.91 -11.02 25.67
C MET D 86 17.08 -11.44 27.12
N ILE D 87 18.31 -11.36 27.62
CA ILE D 87 18.58 -11.77 29.01
C ILE D 87 19.55 -10.81 29.66
N ALA D 88 19.68 -10.88 30.98
CA ALA D 88 20.71 -10.12 31.67
C ALA D 88 21.18 -11.04 32.82
N LEU D 89 22.43 -10.83 33.23
CA LEU D 89 22.99 -11.58 34.35
C LEU D 89 23.25 -10.58 35.48
N ILE D 90 22.72 -10.87 36.65
CA ILE D 90 22.97 -10.02 37.81
C ILE D 90 23.91 -10.81 38.73
N ALA D 91 25.04 -10.23 39.09
CA ALA D 91 25.99 -10.91 39.99
C ALA D 91 26.00 -10.14 41.31
N VAL D 92 25.56 -10.83 42.35
CA VAL D 92 25.47 -10.27 43.71
C VAL D 92 26.59 -10.80 44.57
N GLY D 93 27.50 -9.92 44.99
CA GLY D 93 28.63 -10.32 45.84
C GLY D 93 29.76 -10.87 44.98
N ASP D 94 30.87 -11.29 45.57
CA ASP D 94 31.95 -11.80 44.70
C ASP D 94 31.86 -13.30 44.51
N SER D 95 32.49 -13.82 43.49
CA SER D 95 32.55 -15.19 43.01
C SER D 95 31.29 -15.97 43.31
N PRO D 96 30.23 -15.63 42.58
CA PRO D 96 28.91 -16.22 42.80
C PRO D 96 28.98 -17.75 42.69
N ALA D 97 28.50 -18.42 43.72
CA ALA D 97 28.65 -19.87 43.82
C ALA D 97 27.96 -20.59 42.66
N ASN D 98 26.86 -20.02 42.16
CA ASN D 98 26.08 -20.72 41.15
C ASN D 98 26.33 -20.30 39.72
N LEU D 99 27.33 -19.50 39.41
CA LEU D 99 27.61 -19.02 38.08
C LEU D 99 27.93 -20.13 37.06
N ASP D 100 28.81 -21.07 37.38
CA ASP D 100 29.16 -22.15 36.45
C ASP D 100 27.93 -23.01 36.17
N GLN D 101 27.11 -23.23 37.19
CA GLN D 101 25.87 -24.00 37.03
C GLN D 101 24.98 -23.26 36.02
N ILE D 102 24.85 -21.95 36.16
CA ILE D 102 23.98 -21.24 35.20
C ILE D 102 24.54 -21.27 33.81
N VAL D 103 25.86 -21.18 33.68
CA VAL D 103 26.44 -21.20 32.31
C VAL D 103 26.21 -22.55 31.67
N SER D 104 26.25 -23.62 32.46
CA SER D 104 26.02 -24.96 31.88
C SER D 104 24.55 -25.28 31.66
N ALA D 105 23.59 -24.61 32.32
CA ALA D 105 22.19 -25.03 32.21
C ALA D 105 21.62 -24.98 30.80
N LYS D 106 20.58 -25.78 30.59
CA LYS D 106 19.95 -25.80 29.28
C LYS D 106 19.22 -24.49 28.99
N LYS D 107 19.47 -23.92 27.81
CA LYS D 107 18.80 -22.68 27.41
C LYS D 107 18.93 -22.52 25.89
N PRO D 108 18.16 -21.63 25.28
CA PRO D 108 18.26 -21.41 23.82
C PRO D 108 19.68 -21.06 23.41
N LYS D 109 20.03 -21.53 22.21
CA LYS D 109 21.38 -21.29 21.69
C LYS D 109 21.72 -19.82 21.63
N ILE D 110 20.76 -19.02 21.20
CA ILE D 110 21.05 -17.58 21.09
C ILE D 110 21.27 -16.98 22.48
N VAL D 111 20.49 -17.47 23.44
CA VAL D 111 20.71 -17.01 24.83
C VAL D 111 22.12 -17.34 25.28
N GLN D 112 22.51 -18.61 25.08
CA GLN D 112 23.84 -19.08 25.48
C GLN D 112 24.95 -18.23 24.89
N GLU D 113 24.83 -17.89 23.59
CA GLU D 113 25.84 -17.07 22.95
C GLU D 113 25.91 -15.68 23.57
N ARG D 114 24.76 -15.08 23.90
CA ARG D 114 24.88 -13.75 24.52
C ARG D 114 25.42 -13.78 25.93
N LEU D 115 25.02 -14.81 26.68
CA LEU D 115 25.48 -15.02 28.05
C LEU D 115 27.02 -15.12 28.05
N GLU D 116 27.53 -15.93 27.12
CA GLU D 116 28.97 -16.13 27.05
C GLU D 116 29.71 -14.85 26.74
N LYS D 117 29.09 -14.05 25.89
CA LYS D 117 29.69 -12.77 25.57
C LYS D 117 29.70 -11.84 26.78
N VAL D 118 28.55 -11.72 27.44
CA VAL D 118 28.49 -10.84 28.59
C VAL D 118 29.43 -11.25 29.70
N ILE D 119 29.64 -12.56 29.90
CA ILE D 119 30.56 -12.93 30.97
C ILE D 119 31.99 -12.61 30.58
N ALA D 120 32.28 -12.67 29.28
CA ALA D 120 33.64 -12.39 28.81
C ALA D 120 33.86 -10.88 28.68
N SER D 121 33.02 -10.30 27.84
CA SER D 121 32.88 -8.94 27.36
C SER D 121 31.65 -8.22 27.91
N ALA D 122 31.67 -7.97 29.22
CA ALA D 122 30.63 -7.24 29.92
C ALA D 122 30.87 -7.28 31.43
N LYS D 123 31.73 -8.22 31.84
CA LYS D 123 32.07 -8.46 33.23
C LYS D 123 32.75 -7.24 33.88
CU CU E . -12.39 20.89 11.44
CU CU F . -12.42 13.59 0.92
GD GD G . -10.19 4.45 25.63
GD GD H . -18.45 -10.20 24.90
GD GD I . -0.15 -31.42 21.44
CU CU J . 13.19 12.78 -22.92
CU CU K . 6.24 3.17 -18.25
GD GD L . -1.43 27.45 -19.96
GD GD M . -20.82 28.25 -21.95
GD GD N . -33.45 28.55 1.67
CU CU O . 13.46 -13.79 11.37
CU CU P . 2.14 -10.38 6.66
GD GD Q . 22.96 -14.51 -5.99
GD GD R . 17.07 -22.12 -22.00
GD GD S . 14.19 -2.23 -42.19
CU CU T . 11.54 -7.99 25.52
N THR A 2 -42.01 13.15 -4.76
CA THR A 2 -42.43 14.59 -4.75
C THR A 2 -42.08 15.24 -3.40
N ALA A 3 -42.38 16.50 -3.23
CA ALA A 3 -42.06 17.18 -1.94
C ALA A 3 -42.91 16.59 -0.81
N ALA A 4 -44.18 16.37 -1.03
CA ALA A 4 -45.04 15.81 0.05
C ALA A 4 -44.52 14.43 0.46
N GLU A 5 -44.10 13.65 -0.50
CA GLU A 5 -43.58 12.29 -0.16
C GLU A 5 -42.33 12.41 0.72
N ILE A 6 -41.42 13.28 0.37
CA ILE A 6 -40.18 13.43 1.19
C ILE A 6 -40.54 13.93 2.59
N ALA A 7 -41.45 14.87 2.68
CA ALA A 7 -41.85 15.40 4.02
C ALA A 7 -42.65 14.35 4.83
N ALA A 8 -43.25 13.38 4.20
CA ALA A 8 -44.04 12.36 4.96
C ALA A 8 -43.16 11.18 5.43
N LEU A 9 -41.93 11.09 4.99
CA LEU A 9 -41.07 9.95 5.44
C LEU A 9 -40.83 10.04 6.96
N PRO A 10 -40.86 8.92 7.65
CA PRO A 10 -40.63 8.89 9.13
C PRO A 10 -39.21 9.32 9.55
N ARG A 11 -39.09 10.18 10.53
CA ARG A 11 -37.77 10.64 11.00
C ARG A 11 -37.45 9.84 12.27
N GLN A 12 -36.26 9.35 12.37
CA GLN A 12 -35.90 8.54 13.57
C GLN A 12 -34.52 8.95 14.07
N LYS A 13 -34.44 9.30 15.30
CA LYS A 13 -33.14 9.72 15.88
C LYS A 13 -32.41 8.47 16.36
N VAL A 14 -31.12 8.47 16.24
CA VAL A 14 -30.32 7.30 16.68
C VAL A 14 -29.15 7.77 17.55
N GLU A 15 -28.93 7.09 18.63
CA GLU A 15 -27.84 7.45 19.55
C GLU A 15 -26.58 6.81 19.00
N LEU A 16 -25.53 7.56 18.95
CA LEU A 16 -24.27 6.99 18.38
C LEU A 16 -23.32 6.49 19.47
N VAL A 17 -22.51 5.50 19.18
CA VAL A 17 -21.56 5.00 20.18
C VAL A 17 -20.19 5.47 19.75
N ASP A 18 -19.19 5.06 20.43
CA ASP A 18 -17.81 5.49 20.04
C ASP A 18 -17.02 4.30 19.47
N PRO A 19 -16.26 4.52 18.43
CA PRO A 19 -15.44 3.45 17.80
C PRO A 19 -14.67 2.63 18.84
N PRO A 20 -14.35 1.41 18.52
CA PRO A 20 -14.69 0.80 17.20
C PRO A 20 -16.11 0.21 17.17
N PHE A 21 -16.86 0.35 18.23
CA PHE A 21 -18.23 -0.20 18.26
C PHE A 21 -19.11 0.53 17.23
N VAL A 22 -20.29 0.05 17.07
CA VAL A 22 -21.24 0.67 16.12
C VAL A 22 -22.59 0.73 16.82
N HIS A 23 -23.37 1.68 16.48
CA HIS A 23 -24.69 1.84 17.12
C HIS A 23 -25.58 0.64 16.80
N ALA A 24 -26.85 0.76 17.08
CA ALA A 24 -27.78 -0.38 16.80
C ALA A 24 -28.44 -0.17 15.43
N HIS A 25 -28.37 -1.17 14.59
CA HIS A 25 -29.00 -1.06 13.24
C HIS A 25 -29.29 -2.46 12.70
N SER A 26 -30.12 -2.56 11.69
CA SER A 26 -30.44 -3.89 11.11
C SER A 26 -29.82 -3.97 9.71
N GLN A 27 -29.31 -5.11 9.36
CA GLN A 27 -28.68 -5.24 8.01
C GLN A 27 -29.76 -4.96 7.01
N VAL A 28 -30.71 -5.83 6.93
CA VAL A 28 -31.84 -5.59 6.00
C VAL A 28 -32.63 -4.37 6.52
N ALA A 29 -33.00 -3.47 5.66
CA ALA A 29 -33.73 -2.25 6.10
C ALA A 29 -35.09 -2.64 6.67
N GLU A 30 -35.48 -1.99 7.72
CA GLU A 30 -36.80 -2.27 8.35
C GLU A 30 -37.76 -1.13 7.99
N GLY A 31 -38.69 -1.39 7.12
CA GLY A 31 -39.64 -0.32 6.71
C GLY A 31 -39.10 0.31 5.44
N GLY A 32 -39.73 1.35 4.99
CA GLY A 32 -39.26 2.01 3.75
C GLY A 32 -38.21 3.07 4.12
N PRO A 33 -37.94 3.95 3.21
CA PRO A 33 -36.94 5.04 3.41
C PRO A 33 -37.28 5.90 4.63
N LYS A 34 -36.30 6.31 5.37
CA LYS A 34 -36.57 7.16 6.57
C LYS A 34 -35.39 8.13 6.84
N VAL A 35 -35.72 9.34 7.23
CA VAL A 35 -34.71 10.37 7.55
C VAL A 35 -34.11 10.04 8.91
N VAL A 36 -32.90 9.59 8.88
CA VAL A 36 -32.18 9.21 10.10
C VAL A 36 -31.54 10.44 10.63
N GLU A 37 -31.72 10.66 11.87
CA GLU A 37 -31.16 11.88 12.49
C GLU A 37 -30.06 11.54 13.49
N PHE A 38 -28.94 12.18 13.35
CA PHE A 38 -27.80 11.96 14.28
C PHE A 38 -27.21 13.32 14.66
N THR A 39 -26.77 13.50 15.88
CA THR A 39 -26.20 14.81 16.30
C THR A 39 -24.82 14.60 16.90
N MET A 40 -23.85 15.35 16.46
CA MET A 40 -22.48 15.19 17.02
C MET A 40 -21.86 16.56 17.36
N VAL A 41 -21.33 16.68 18.56
CA VAL A 41 -20.69 17.94 18.99
C VAL A 41 -19.21 17.77 18.77
N ILE A 42 -18.58 18.77 18.27
CA ILE A 42 -17.13 18.67 17.98
C ILE A 42 -16.35 19.12 19.20
N GLU A 43 -15.32 18.42 19.54
CA GLU A 43 -14.54 18.82 20.74
C GLU A 43 -13.05 18.94 20.41
N GLU A 44 -12.49 20.12 20.54
CA GLU A 44 -11.03 20.28 20.25
C GLU A 44 -10.27 20.17 21.58
N LYS A 45 -9.52 19.11 21.78
CA LYS A 45 -8.80 18.97 23.05
C LYS A 45 -7.46 18.31 22.81
N LYS A 46 -6.69 18.20 23.83
CA LYS A 46 -5.35 17.56 23.69
C LYS A 46 -5.41 16.10 24.14
N ILE A 47 -5.00 15.20 23.29
CA ILE A 47 -5.01 13.76 23.64
C ILE A 47 -3.60 13.17 23.44
N VAL A 48 -3.23 12.24 24.27
CA VAL A 48 -1.93 11.60 24.19
C VAL A 48 -2.06 10.49 23.19
N ILE A 49 -1.05 10.26 22.46
CA ILE A 49 -1.13 9.20 21.40
C ILE A 49 0.18 8.42 21.31
N ASP A 50 0.81 8.18 22.42
CA ASP A 50 2.10 7.41 22.44
C ASP A 50 2.54 7.17 23.91
N ASP A 51 3.18 6.05 24.20
CA ASP A 51 3.62 5.79 25.61
C ASP A 51 4.60 6.88 26.12
N ALA A 52 5.09 7.77 25.29
CA ALA A 52 6.04 8.82 25.77
C ALA A 52 5.30 10.12 26.12
N GLY A 53 4.00 10.11 26.18
CA GLY A 53 3.24 11.37 26.53
C GLY A 53 3.16 12.36 25.34
N THR A 54 3.32 11.91 24.12
CA THR A 54 3.22 12.84 22.96
C THR A 54 1.78 13.34 22.93
N GLU A 55 1.58 14.56 22.60
CA GLU A 55 0.16 15.06 22.61
C GLU A 55 -0.19 15.75 21.29
N VAL A 56 -1.37 15.51 20.79
CA VAL A 56 -1.81 16.18 19.53
C VAL A 56 -3.19 16.86 19.72
N HIS A 57 -3.26 18.16 19.48
CA HIS A 57 -4.54 18.90 19.62
C HIS A 57 -5.53 18.29 18.65
N ALA A 58 -6.30 17.38 19.14
CA ALA A 58 -7.27 16.66 18.28
C ALA A 58 -8.53 17.48 18.05
N MET A 59 -9.07 17.32 16.88
CA MET A 59 -10.31 18.00 16.48
C MET A 59 -11.20 16.82 16.27
N ALA A 60 -12.16 16.65 17.10
CA ALA A 60 -12.86 15.38 16.98
C ALA A 60 -14.32 15.54 16.92
N PHE A 61 -14.87 14.85 16.02
CA PHE A 61 -16.36 14.85 15.90
C PHE A 61 -16.92 13.85 16.92
N ASN A 62 -17.79 14.28 17.80
CA ASN A 62 -18.33 13.34 18.83
C ASN A 62 -17.27 13.09 19.92
N GLY A 63 -16.24 13.90 20.01
CA GLY A 63 -15.18 13.69 21.04
C GLY A 63 -14.38 12.40 20.82
N THR A 64 -14.37 11.81 19.63
CA THR A 64 -13.54 10.56 19.46
C THR A 64 -12.87 10.47 18.06
N VAL A 65 -11.58 10.13 18.01
CA VAL A 65 -10.88 9.95 16.72
C VAL A 65 -10.70 8.45 16.54
N PRO A 66 -11.26 7.91 15.50
CA PRO A 66 -12.02 8.68 14.50
C PRO A 66 -13.49 8.87 14.86
N GLY A 67 -14.13 9.87 14.33
CA GLY A 67 -15.56 10.10 14.63
C GLY A 67 -16.27 8.75 14.66
N PRO A 68 -17.51 8.76 15.03
CA PRO A 68 -18.34 7.52 15.11
C PRO A 68 -18.90 7.10 13.75
N LEU A 69 -19.09 5.82 13.55
CA LEU A 69 -19.63 5.35 12.24
C LEU A 69 -21.18 5.40 12.25
N MET A 70 -21.76 6.19 11.38
CA MET A 70 -23.23 6.28 11.29
C MET A 70 -23.66 5.25 10.26
N VAL A 71 -24.74 4.62 10.48
CA VAL A 71 -25.17 3.57 9.51
C VAL A 71 -26.65 3.72 9.12
N VAL A 72 -26.88 3.87 7.85
CA VAL A 72 -28.26 3.97 7.31
C VAL A 72 -28.32 3.07 6.06
N HIS A 73 -29.46 2.99 5.42
CA HIS A 73 -29.56 2.14 4.22
C HIS A 73 -29.60 3.04 2.98
N GLN A 74 -29.51 2.44 1.83
CA GLN A 74 -29.53 3.21 0.57
C GLN A 74 -30.93 3.78 0.38
N ASP A 75 -31.00 5.02 0.03
CA ASP A 75 -32.34 5.66 -0.16
C ASP A 75 -32.67 6.50 1.08
N ASP A 76 -32.32 6.04 2.25
CA ASP A 76 -32.61 6.80 3.47
C ASP A 76 -31.79 8.10 3.47
N TYR A 77 -32.29 9.12 4.10
CA TYR A 77 -31.58 10.42 4.15
C TYR A 77 -30.95 10.62 5.53
N LEU A 78 -29.71 10.99 5.55
CA LEU A 78 -29.00 11.22 6.82
C LEU A 78 -29.10 12.70 7.14
N GLU A 79 -29.57 13.01 8.30
CA GLU A 79 -29.74 14.42 8.72
C GLU A 79 -28.91 14.59 9.95
N LEU A 80 -27.86 15.31 9.84
CA LEU A 80 -26.97 15.41 11.03
C LEU A 80 -26.87 16.84 11.56
N THR A 81 -27.22 17.00 12.81
CA THR A 81 -27.10 18.34 13.47
C THR A 81 -25.70 18.41 14.11
N LEU A 82 -24.83 19.23 13.58
CA LEU A 82 -23.48 19.35 14.10
C LEU A 82 -23.45 20.54 14.99
N ILE A 83 -22.64 20.51 15.95
CA ILE A 83 -22.58 21.64 16.91
C ILE A 83 -21.13 21.94 17.28
N ASN A 84 -20.75 23.17 17.15
CA ASN A 84 -19.36 23.59 17.51
C ASN A 84 -19.46 24.52 18.71
N PRO A 85 -19.20 24.00 19.87
CA PRO A 85 -19.29 24.74 21.16
C PRO A 85 -18.53 26.07 21.16
N GLU A 86 -18.99 27.01 21.94
CA GLU A 86 -18.28 28.32 22.00
C GLU A 86 -16.87 28.12 22.58
N THR A 87 -16.66 27.10 23.37
CA THR A 87 -15.30 26.87 23.96
C THR A 87 -14.27 26.63 22.86
N ASN A 88 -14.68 26.03 21.77
CA ASN A 88 -13.71 25.74 20.67
C ASN A 88 -13.18 27.06 20.10
N THR A 89 -12.09 27.01 19.39
CA THR A 89 -11.52 28.26 18.81
C THR A 89 -11.31 28.15 17.28
N LEU A 90 -11.80 27.12 16.62
CA LEU A 90 -11.59 27.04 15.13
C LEU A 90 -12.91 26.67 14.42
N MET A 91 -13.24 27.36 13.35
CA MET A 91 -14.49 27.02 12.61
C MET A 91 -14.29 25.68 11.89
N HIS A 92 -15.30 24.84 11.86
CA HIS A 92 -15.16 23.53 11.17
C HIS A 92 -16.17 23.40 10.03
N ASN A 93 -16.49 22.19 9.70
CA ASN A 93 -17.46 21.89 8.60
C ASN A 93 -17.38 20.38 8.32
N ILE A 94 -18.39 19.78 7.72
CA ILE A 94 -18.32 18.31 7.46
C ILE A 94 -18.65 17.99 6.00
N ASP A 95 -17.80 17.22 5.36
CA ASP A 95 -18.05 16.82 3.94
C ASP A 95 -18.17 15.29 3.89
N PHE A 96 -19.34 14.77 3.63
CA PHE A 96 -19.51 13.29 3.59
C PHE A 96 -19.36 12.78 2.15
N HIS A 97 -18.36 12.00 1.91
CA HIS A 97 -18.14 11.43 0.55
C HIS A 97 -19.43 10.76 0.03
N ALA A 98 -20.26 10.23 0.91
CA ALA A 98 -21.51 9.55 0.46
C ALA A 98 -22.62 10.54 0.08
N ALA A 99 -22.34 11.82 0.04
CA ALA A 99 -23.38 12.81 -0.34
C ALA A 99 -23.04 13.39 -1.71
N THR A 100 -23.96 14.11 -2.31
CA THR A 100 -23.68 14.70 -3.65
C THR A 100 -24.12 16.17 -3.70
N GLY A 101 -23.18 17.07 -3.84
CA GLY A 101 -23.51 18.55 -3.93
C GLY A 101 -22.92 19.35 -2.75
N ALA A 102 -22.36 20.53 -3.01
CA ALA A 102 -21.80 21.35 -1.88
C ALA A 102 -20.53 20.72 -1.30
N LEU A 103 -19.61 20.30 -2.13
CA LEU A 103 -18.33 19.73 -1.61
C LEU A 103 -18.61 18.66 -0.57
N GLY A 104 -19.67 17.92 -0.75
CA GLY A 104 -20.00 16.84 0.23
C GLY A 104 -20.61 17.43 1.50
N GLY A 105 -21.23 18.57 1.40
CA GLY A 105 -21.86 19.20 2.61
C GLY A 105 -20.92 20.21 3.29
N GLY A 106 -19.67 20.32 2.90
CA GLY A 106 -18.75 21.29 3.56
C GLY A 106 -19.15 22.74 3.24
N GLY A 107 -19.66 22.99 2.05
CA GLY A 107 -20.04 24.39 1.68
C GLY A 107 -21.31 24.85 2.44
N LEU A 108 -22.02 23.96 3.07
CA LEU A 108 -23.27 24.39 3.80
C LEU A 108 -23.20 23.93 5.27
N THR A 109 -22.03 23.82 5.82
CA THR A 109 -21.89 23.40 7.24
C THR A 109 -20.73 24.14 7.95
N GLU A 110 -20.30 25.28 7.45
CA GLU A 110 -19.21 26.04 8.11
C GLU A 110 -19.78 26.67 9.37
N ILE A 111 -19.37 26.20 10.51
CA ILE A 111 -19.94 26.76 11.76
C ILE A 111 -18.81 27.18 12.68
N ASN A 112 -18.81 28.42 13.06
CA ASN A 112 -17.73 28.91 13.98
C ASN A 112 -18.17 28.69 15.42
N PRO A 113 -17.24 28.67 16.34
CA PRO A 113 -17.54 28.48 17.78
C PRO A 113 -18.85 29.16 18.20
N GLY A 114 -19.75 28.43 18.80
CA GLY A 114 -21.05 29.03 19.21
C GLY A 114 -22.10 28.87 18.10
N GLU A 115 -21.85 28.03 17.12
CA GLU A 115 -22.87 27.87 16.03
C GLU A 115 -23.09 26.38 15.67
N LYS A 116 -24.33 26.00 15.38
CA LYS A 116 -24.62 24.59 14.98
C LYS A 116 -25.58 24.59 13.77
N THR A 117 -25.51 23.61 12.91
CA THR A 117 -26.41 23.61 11.75
C THR A 117 -26.99 22.22 11.59
N ILE A 118 -27.73 22.04 10.56
CA ILE A 118 -28.34 20.71 10.30
C ILE A 118 -28.34 20.48 8.79
N LEU A 119 -27.66 19.47 8.34
CA LEU A 119 -27.61 19.21 6.87
C LEU A 119 -28.16 17.82 6.57
N ARG A 120 -29.05 17.74 5.63
CA ARG A 120 -29.64 16.41 5.27
C ARG A 120 -29.30 16.06 3.81
N PHE A 121 -28.87 14.84 3.57
CA PHE A 121 -28.53 14.41 2.19
C PHE A 121 -29.06 12.98 1.97
N LYS A 122 -29.47 12.69 0.77
CA LYS A 122 -30.00 11.34 0.44
C LYS A 122 -28.84 10.39 0.15
N ALA A 123 -28.82 9.29 0.82
CA ALA A 123 -27.76 8.28 0.63
C ALA A 123 -28.16 7.49 -0.58
N THR A 124 -27.68 7.91 -1.69
CA THR A 124 -28.12 7.25 -2.98
C THR A 124 -27.21 6.08 -3.41
N LYS A 125 -26.08 5.89 -2.80
CA LYS A 125 -25.19 4.78 -3.21
C LYS A 125 -24.81 3.96 -1.99
N PRO A 126 -24.80 2.68 -2.13
CA PRO A 126 -24.47 1.75 -1.02
C PRO A 126 -22.95 1.52 -0.85
N GLY A 127 -22.47 1.56 0.36
CA GLY A 127 -21.01 1.33 0.56
C GLY A 127 -20.47 2.23 1.67
N VAL A 128 -19.39 1.81 2.30
CA VAL A 128 -18.79 2.61 3.37
C VAL A 128 -18.13 3.82 2.73
N PHE A 129 -18.14 4.92 3.40
CA PHE A 129 -17.54 6.12 2.81
C PHE A 129 -16.93 6.93 3.93
N VAL A 130 -15.89 7.65 3.66
CA VAL A 130 -15.26 8.45 4.77
C VAL A 130 -15.75 9.93 4.81
N TYR A 131 -16.17 10.41 5.97
CA TYR A 131 -16.59 11.82 6.11
C TYR A 131 -15.44 12.54 6.82
N HIS A 132 -15.29 13.82 6.61
CA HIS A 132 -14.15 14.53 7.26
C HIS A 132 -14.34 16.05 7.18
N CYS A 133 -13.94 16.78 8.19
CA CYS A 133 -14.09 18.26 8.17
C CYS A 133 -13.09 18.84 7.18
N ALA A 134 -13.43 19.90 6.50
CA ALA A 134 -12.47 20.45 5.51
C ALA A 134 -12.71 21.92 5.25
N PRO A 135 -12.39 22.75 6.19
CA PRO A 135 -12.54 24.23 6.06
C PRO A 135 -11.62 24.78 4.97
N PRO A 136 -12.18 25.46 4.01
CA PRO A 136 -11.41 26.03 2.87
C PRO A 136 -10.05 26.61 3.28
N GLY A 137 -8.97 26.08 2.74
CA GLY A 137 -7.62 26.63 3.08
C GLY A 137 -6.93 25.83 4.22
N MET A 138 -7.64 25.05 4.98
CA MET A 138 -6.98 24.30 6.08
C MET A 138 -7.54 22.89 6.12
N VAL A 139 -7.79 22.34 4.97
CA VAL A 139 -8.36 20.96 4.91
C VAL A 139 -7.41 19.94 5.56
N PRO A 140 -6.25 19.72 4.98
CA PRO A 140 -5.25 18.74 5.47
C PRO A 140 -4.97 18.85 6.97
N TRP A 141 -5.03 20.03 7.51
CA TRP A 141 -4.75 20.17 8.97
C TRP A 141 -5.90 19.59 9.80
N HIS A 142 -7.10 19.96 9.47
CA HIS A 142 -8.28 19.45 10.22
C HIS A 142 -8.39 17.92 10.11
N VAL A 143 -8.07 17.36 8.98
CA VAL A 143 -8.19 15.88 8.82
C VAL A 143 -7.07 15.18 9.60
N VAL A 144 -5.86 15.62 9.44
CA VAL A 144 -4.73 14.97 10.15
C VAL A 144 -4.93 15.11 11.67
N SER A 145 -5.56 16.18 12.09
CA SER A 145 -5.78 16.37 13.55
C SER A 145 -6.77 15.32 14.09
N GLY A 146 -7.30 14.50 13.22
CA GLY A 146 -8.26 13.45 13.69
C GLY A 146 -9.72 13.91 13.47
N MET A 147 -9.98 14.78 12.52
CA MET A 147 -11.38 15.22 12.28
C MET A 147 -11.96 14.45 11.08
N ASN A 148 -12.15 13.18 11.23
CA ASN A 148 -12.70 12.37 10.11
C ASN A 148 -13.14 10.99 10.63
N GLY A 149 -14.14 10.44 10.02
CA GLY A 149 -14.67 9.09 10.44
C GLY A 149 -15.21 8.36 9.20
N ALA A 150 -16.37 7.74 9.29
CA ALA A 150 -16.93 7.03 8.10
C ALA A 150 -18.37 6.57 8.34
N ILE A 151 -19.18 6.57 7.32
CA ILE A 151 -20.59 6.11 7.47
C ILE A 151 -20.84 4.91 6.54
N MET A 152 -21.68 4.00 6.94
CA MET A 152 -21.96 2.80 6.08
C MET A 152 -23.41 2.80 5.60
N VAL A 153 -23.61 2.92 4.32
CA VAL A 153 -24.98 2.90 3.76
C VAL A 153 -25.19 1.51 3.23
N LEU A 154 -25.89 0.71 3.95
CA LEU A 154 -26.03 -0.72 3.52
C LEU A 154 -27.22 -0.92 2.58
N PRO A 155 -27.05 -1.75 1.57
CA PRO A 155 -28.14 -2.07 0.63
C PRO A 155 -29.44 -2.40 1.39
N ARG A 156 -30.56 -1.98 0.89
CA ARG A 156 -31.85 -2.25 1.60
C ARG A 156 -31.99 -3.74 1.91
N GLU A 157 -31.46 -4.58 1.06
CA GLU A 157 -31.57 -6.06 1.30
C GLU A 157 -30.34 -6.62 2.04
N GLY A 158 -29.52 -5.78 2.63
CA GLY A 158 -28.33 -6.30 3.36
C GLY A 158 -27.16 -6.47 2.39
N LEU A 159 -26.12 -7.15 2.82
CA LEU A 159 -24.95 -7.36 1.92
C LEU A 159 -24.95 -8.78 1.34
N HIS A 160 -24.49 -8.94 0.12
CA HIS A 160 -24.44 -10.27 -0.51
C HIS A 160 -23.10 -10.42 -1.24
N ASP A 161 -22.72 -11.61 -1.58
CA ASP A 161 -21.43 -11.82 -2.29
C ASP A 161 -21.56 -11.43 -3.77
N GLY A 162 -20.69 -11.92 -4.62
CA GLY A 162 -20.76 -11.57 -6.07
C GLY A 162 -21.84 -12.42 -6.78
N LYS A 163 -22.22 -13.54 -6.22
CA LYS A 163 -23.26 -14.40 -6.90
C LYS A 163 -24.67 -14.13 -6.32
N GLY A 164 -24.83 -13.16 -5.46
CA GLY A 164 -26.20 -12.88 -4.89
C GLY A 164 -26.42 -13.55 -3.50
N LYS A 165 -25.57 -14.44 -3.06
CA LYS A 165 -25.76 -15.09 -1.75
C LYS A 165 -25.71 -14.05 -0.64
N ALA A 166 -26.60 -14.14 0.30
CA ALA A 166 -26.61 -13.14 1.42
C ALA A 166 -25.44 -13.38 2.40
N LEU A 167 -24.77 -12.33 2.78
CA LEU A 167 -23.64 -12.40 3.74
C LEU A 167 -24.06 -11.58 4.96
N THR A 168 -24.36 -12.24 6.03
CA THR A 168 -24.85 -11.55 7.23
C THR A 168 -23.80 -11.68 8.29
N TYR A 169 -23.43 -10.60 8.84
CA TYR A 169 -22.35 -10.63 9.87
C TYR A 169 -22.95 -10.61 11.28
N ASP A 170 -22.36 -11.34 12.20
CA ASP A 170 -22.86 -11.35 13.60
C ASP A 170 -22.38 -10.09 14.35
N LYS A 171 -21.25 -9.54 13.97
CA LYS A 171 -20.73 -8.33 14.67
C LYS A 171 -19.96 -7.48 13.68
N ILE A 172 -19.88 -6.20 13.92
CA ILE A 172 -19.13 -5.30 12.99
C ILE A 172 -18.35 -4.26 13.80
N TYR A 173 -17.11 -4.06 13.46
CA TYR A 173 -16.28 -3.06 14.16
C TYR A 173 -15.74 -2.07 13.14
N TYR A 174 -15.54 -0.85 13.56
CA TYR A 174 -15.02 0.19 12.62
C TYR A 174 -13.66 0.67 13.13
N VAL A 175 -12.64 0.43 12.37
CA VAL A 175 -11.27 0.84 12.78
C VAL A 175 -10.80 2.00 11.90
N GLY A 176 -10.83 3.19 12.41
CA GLY A 176 -10.38 4.37 11.65
C GLY A 176 -8.88 4.55 11.89
N GLU A 177 -8.14 4.65 10.85
CA GLU A 177 -6.68 4.79 10.96
C GLU A 177 -6.38 6.26 10.81
N GLN A 178 -5.40 6.72 11.51
CA GLN A 178 -5.10 8.18 11.42
C GLN A 178 -3.60 8.41 11.41
N ASP A 179 -3.10 9.04 10.37
CA ASP A 179 -1.64 9.34 10.31
C ASP A 179 -1.40 10.76 10.85
N PHE A 180 -0.68 10.90 11.93
CA PHE A 180 -0.43 12.23 12.48
C PHE A 180 0.92 12.75 12.00
N TYR A 181 1.23 13.93 12.37
CA TYR A 181 2.51 14.57 11.98
C TYR A 181 2.88 15.51 13.11
N VAL A 182 3.55 15.00 14.09
CA VAL A 182 3.86 15.82 15.29
C VAL A 182 5.23 16.44 15.15
N PRO A 183 5.29 17.72 15.34
CA PRO A 183 6.58 18.48 15.24
C PRO A 183 7.56 18.13 16.39
N ARG A 184 8.83 17.96 16.07
CA ARG A 184 9.85 17.64 17.11
C ARG A 184 10.90 18.75 17.13
N ASP A 185 11.49 19.01 18.25
CA ASP A 185 12.52 20.09 18.33
C ASP A 185 13.81 19.62 17.67
N GLU A 186 14.91 20.27 17.96
CA GLU A 186 16.21 19.86 17.35
C GLU A 186 16.73 18.56 17.98
N ASN A 187 16.43 18.31 19.23
CA ASN A 187 16.92 17.06 19.89
C ASN A 187 16.07 15.83 19.55
N GLY A 188 15.01 15.98 18.77
CA GLY A 188 14.17 14.80 18.43
C GLY A 188 13.02 14.59 19.45
N LYS A 189 12.75 15.53 20.32
CA LYS A 189 11.64 15.37 21.30
C LYS A 189 10.37 16.03 20.76
N TYR A 190 9.26 15.35 20.84
CA TYR A 190 7.99 15.91 20.34
C TYR A 190 7.74 17.23 21.05
N LYS A 191 7.20 18.17 20.36
CA LYS A 191 6.94 19.50 20.99
C LYS A 191 5.44 19.64 21.34
N LYS A 192 5.16 20.29 22.44
CA LYS A 192 3.75 20.50 22.84
C LYS A 192 3.45 21.99 22.73
N TYR A 193 2.22 22.34 22.64
CA TYR A 193 1.87 23.77 22.51
C TYR A 193 0.70 24.07 23.42
N GLU A 194 0.35 25.30 23.51
CA GLU A 194 -0.78 25.70 24.39
C GLU A 194 -2.11 25.59 23.63
N ALA A 195 -2.19 26.10 22.42
CA ALA A 195 -3.46 26.02 21.67
C ALA A 195 -3.24 25.28 20.37
N PRO A 196 -4.29 25.04 19.65
CA PRO A 196 -4.24 24.32 18.34
C PRO A 196 -3.56 25.13 17.22
N GLY A 197 -3.74 26.43 17.18
CA GLY A 197 -3.10 27.24 16.09
C GLY A 197 -1.60 27.39 16.33
N ASP A 198 -1.17 27.40 17.55
CA ASP A 198 0.29 27.57 17.84
C ASP A 198 1.11 26.48 17.13
N ALA A 199 0.53 25.35 16.86
CA ALA A 199 1.30 24.25 16.18
C ALA A 199 0.90 24.12 14.70
N TYR A 200 0.35 25.14 14.11
CA TYR A 200 -0.03 25.06 12.66
C TYR A 200 1.21 25.13 11.72
N GLU A 201 2.11 26.07 11.91
CA GLU A 201 3.28 26.17 10.98
C GLU A 201 4.20 24.96 11.14
N ASP A 202 4.51 24.61 12.36
CA ASP A 202 5.42 23.45 12.58
C ASP A 202 4.78 22.16 12.08
N THR A 203 3.49 22.03 12.19
CA THR A 203 2.82 20.79 11.73
C THR A 203 2.84 20.74 10.21
N VAL A 204 2.52 21.82 9.57
CA VAL A 204 2.54 21.84 8.08
C VAL A 204 3.91 21.37 7.59
N LYS A 205 4.95 21.86 8.19
CA LYS A 205 6.31 21.43 7.76
C LYS A 205 6.40 19.91 7.81
N VAL A 206 5.96 19.31 8.88
CA VAL A 206 6.01 17.83 8.99
C VAL A 206 5.09 17.18 7.94
N MET A 207 3.92 17.73 7.74
CA MET A 207 2.98 17.14 6.73
C MET A 207 3.60 17.18 5.33
N ARG A 208 4.33 18.20 4.99
CA ARG A 208 4.94 18.30 3.64
C ARG A 208 5.85 17.10 3.41
N THR A 209 6.55 16.69 4.42
CA THR A 209 7.48 15.53 4.27
C THR A 209 6.71 14.26 3.84
N LEU A 210 5.40 14.26 3.91
CA LEU A 210 4.63 13.05 3.52
C LEU A 210 5.06 11.87 4.37
N THR A 211 5.55 12.11 5.56
CA THR A 211 5.99 10.98 6.43
C THR A 211 5.38 11.18 7.82
N PRO A 212 4.36 10.42 8.13
CA PRO A 212 3.66 10.53 9.46
C PRO A 212 4.51 10.02 10.64
N THR A 213 4.62 10.79 11.70
CA THR A 213 5.41 10.33 12.87
C THR A 213 4.67 9.17 13.57
N HIS A 214 3.36 9.08 13.43
CA HIS A 214 2.62 7.98 14.09
C HIS A 214 1.37 7.64 13.26
N VAL A 215 1.15 6.37 13.03
CA VAL A 215 -0.04 5.95 12.25
C VAL A 215 -0.77 5.00 13.14
N VAL A 216 -1.94 5.30 13.55
CA VAL A 216 -2.56 4.36 14.52
C VAL A 216 -4.03 4.15 14.27
N PHE A 217 -4.60 3.35 15.11
CA PHE A 217 -6.06 3.07 14.98
C PHE A 217 -6.78 3.46 16.27
N ASN A 218 -7.91 4.09 16.16
CA ASN A 218 -8.66 4.51 17.39
C ASN A 218 -8.09 5.80 18.02
N GLY A 219 -7.11 6.43 17.39
CA GLY A 219 -6.54 7.68 17.97
C GLY A 219 -5.32 7.45 18.93
N ALA A 220 -4.69 6.30 18.98
CA ALA A 220 -3.51 6.16 19.90
C ALA A 220 -2.79 4.81 19.70
N VAL A 221 -1.48 4.81 19.72
CA VAL A 221 -0.75 3.52 19.55
C VAL A 221 -1.21 2.55 20.65
N GLY A 222 -1.61 1.37 20.28
CA GLY A 222 -2.11 0.40 21.31
C GLY A 222 -3.57 0.69 21.76
N ALA A 223 -4.35 1.46 21.01
CA ALA A 223 -5.75 1.72 21.44
C ALA A 223 -6.64 0.46 21.27
N LEU A 224 -6.32 -0.44 20.36
CA LEU A 224 -7.17 -1.64 20.16
C LEU A 224 -6.37 -2.91 20.46
N THR A 225 -5.45 -2.83 21.37
CA THR A 225 -4.62 -4.03 21.71
C THR A 225 -4.60 -4.19 23.23
N GLY A 226 -4.35 -5.39 23.71
CA GLY A 226 -4.29 -5.63 25.17
C GLY A 226 -5.71 -5.89 25.68
N ASP A 227 -6.14 -5.15 26.66
CA ASP A 227 -7.53 -5.34 27.19
C ASP A 227 -8.56 -4.73 26.23
N LYS A 228 -8.14 -3.88 25.32
CA LYS A 228 -9.12 -3.25 24.38
C LYS A 228 -9.13 -4.00 23.04
N ALA A 229 -8.56 -5.18 22.98
CA ALA A 229 -8.54 -5.93 21.70
C ALA A 229 -9.98 -6.37 21.35
N MET A 230 -10.37 -6.23 20.10
CA MET A 230 -11.74 -6.63 19.74
C MET A 230 -11.97 -8.05 20.24
N THR A 231 -13.01 -8.65 19.79
CA THR A 231 -13.32 -10.05 20.21
C THR A 231 -14.14 -10.76 19.10
N ALA A 232 -14.00 -12.07 19.02
CA ALA A 232 -14.72 -12.89 18.02
C ALA A 232 -14.56 -14.36 18.39
N ALA A 233 -15.54 -15.19 18.12
CA ALA A 233 -15.42 -16.62 18.48
C ALA A 233 -15.48 -17.48 17.22
N VAL A 234 -14.80 -18.59 17.23
CA VAL A 234 -14.79 -19.48 16.05
C VAL A 234 -16.21 -19.67 15.57
N GLY A 235 -16.42 -19.53 14.30
CA GLY A 235 -17.80 -19.68 13.75
C GLY A 235 -18.54 -18.32 13.69
N GLU A 236 -17.91 -17.25 14.12
CA GLU A 236 -18.58 -15.92 14.10
C GLU A 236 -18.15 -15.17 12.83
N LYS A 237 -19.08 -14.49 12.23
CA LYS A 237 -18.80 -13.73 11.00
C LYS A 237 -18.66 -12.28 11.42
N VAL A 238 -17.62 -11.65 11.04
CA VAL A 238 -17.44 -10.26 11.50
C VAL A 238 -17.02 -9.35 10.36
N LEU A 239 -17.66 -8.23 10.25
CA LEU A 239 -17.33 -7.25 9.20
C LEU A 239 -16.46 -6.16 9.82
N ILE A 240 -15.33 -5.88 9.24
CA ILE A 240 -14.42 -4.86 9.79
C ILE A 240 -14.28 -3.70 8.80
N VAL A 241 -14.92 -2.62 9.10
CA VAL A 241 -14.86 -1.43 8.23
C VAL A 241 -13.63 -0.64 8.61
N HIS A 242 -12.90 -0.20 7.65
CA HIS A 242 -11.66 0.55 7.95
C HIS A 242 -11.64 1.78 7.07
N SER A 243 -11.20 2.87 7.61
CA SER A 243 -11.16 4.13 6.82
C SER A 243 -9.83 4.88 7.02
N GLN A 244 -9.45 5.61 6.02
CA GLN A 244 -8.21 6.44 6.02
C GLN A 244 -8.56 7.67 5.18
N ALA A 245 -8.78 8.77 5.83
CA ALA A 245 -9.24 10.00 5.09
C ALA A 245 -8.12 10.78 4.38
N ASN A 246 -6.89 10.45 4.61
CA ASN A 246 -5.79 11.21 3.94
C ASN A 246 -4.47 10.39 3.90
N ARG A 247 -4.56 9.11 3.66
CA ARG A 247 -3.32 8.27 3.59
C ARG A 247 -3.69 6.85 3.11
N ASP A 248 -2.98 6.28 2.16
CA ASP A 248 -3.35 4.89 1.71
C ASP A 248 -2.81 3.82 2.68
N THR A 249 -3.63 2.85 3.06
CA THR A 249 -3.16 1.78 3.96
C THR A 249 -3.33 0.44 3.25
N ARG A 250 -3.10 -0.61 3.96
CA ARG A 250 -3.24 -1.99 3.38
C ARG A 250 -3.52 -2.96 4.53
N PRO A 251 -4.77 -3.09 4.88
CA PRO A 251 -5.23 -3.95 6.00
C PRO A 251 -4.85 -5.42 5.84
N HIS A 252 -4.59 -6.08 6.94
CA HIS A 252 -4.23 -7.53 6.90
C HIS A 252 -4.47 -8.19 8.29
N LEU A 253 -5.34 -9.18 8.35
CA LEU A 253 -5.61 -9.90 9.63
C LEU A 253 -4.61 -11.04 9.76
N ILE A 254 -3.67 -10.87 10.64
CA ILE A 254 -2.61 -11.88 10.85
C ILE A 254 -3.26 -13.15 11.37
N GLY A 255 -3.07 -14.20 10.68
CA GLY A 255 -3.67 -15.49 11.10
C GLY A 255 -5.01 -15.73 10.38
N GLY A 256 -5.57 -14.72 9.75
CA GLY A 256 -6.86 -14.93 9.05
C GLY A 256 -6.78 -14.34 7.64
N HIS A 257 -7.90 -13.95 7.10
CA HIS A 257 -7.90 -13.37 5.73
C HIS A 257 -9.28 -12.75 5.44
N GLY A 258 -9.34 -11.84 4.53
CA GLY A 258 -10.64 -11.18 4.19
C GLY A 258 -11.39 -12.11 3.24
N ASP A 259 -12.34 -12.82 3.75
CA ASP A 259 -13.10 -13.77 2.89
C ASP A 259 -13.67 -13.00 1.72
N TYR A 260 -14.37 -11.96 2.03
CA TYR A 260 -14.96 -11.08 0.98
C TYR A 260 -14.57 -9.66 1.35
N VAL A 261 -13.94 -8.94 0.47
CA VAL A 261 -13.50 -7.57 0.86
C VAL A 261 -13.84 -6.54 -0.21
N TRP A 262 -14.77 -5.68 0.09
CA TRP A 262 -15.11 -4.58 -0.86
C TRP A 262 -14.02 -3.55 -0.67
N ALA A 263 -12.94 -3.75 -1.35
CA ALA A 263 -11.73 -2.87 -1.16
C ALA A 263 -12.10 -1.44 -1.42
N THR A 264 -12.82 -1.23 -2.45
CA THR A 264 -13.21 0.16 -2.82
C THR A 264 -14.27 0.69 -1.85
N GLY A 265 -14.81 -0.15 -1.01
CA GLY A 265 -15.86 0.33 -0.04
C GLY A 265 -17.23 0.58 -0.74
N LYS A 266 -17.44 0.00 -1.89
CA LYS A 266 -18.72 0.17 -2.62
C LYS A 266 -19.38 -1.21 -2.71
N PHE A 267 -20.60 -1.31 -2.34
CA PHE A 267 -21.28 -2.65 -2.36
C PHE A 267 -21.59 -3.07 -3.80
N ASN A 268 -21.97 -2.14 -4.62
CA ASN A 268 -22.30 -2.48 -6.04
C ASN A 268 -21.09 -3.15 -6.69
N THR A 269 -19.92 -2.77 -6.30
CA THR A 269 -18.70 -3.37 -6.90
C THR A 269 -18.42 -4.71 -6.22
N PRO A 270 -18.44 -5.76 -6.99
CA PRO A 270 -18.21 -7.14 -6.45
C PRO A 270 -17.04 -7.19 -5.45
N PRO A 271 -17.19 -7.89 -4.35
CA PRO A 271 -16.10 -7.97 -3.32
C PRO A 271 -14.99 -8.99 -3.64
N ASP A 272 -13.73 -8.58 -3.74
CA ASP A 272 -12.67 -9.58 -4.00
C ASP A 272 -12.87 -10.70 -3.00
N VAL A 273 -12.17 -11.78 -3.14
CA VAL A 273 -12.37 -12.90 -2.17
C VAL A 273 -11.02 -13.59 -1.86
N ASP A 274 -10.91 -14.13 -0.68
CA ASP A 274 -9.66 -14.84 -0.29
C ASP A 274 -8.56 -13.82 -0.32
N GLN A 275 -8.74 -12.74 0.40
CA GLN A 275 -7.68 -11.68 0.35
C GLN A 275 -6.71 -11.75 1.55
N GLU A 276 -5.41 -11.80 1.29
CA GLU A 276 -4.43 -11.79 2.42
C GLU A 276 -4.20 -10.33 2.90
N THR A 277 -4.14 -9.38 1.99
CA THR A 277 -3.91 -7.96 2.36
C THR A 277 -4.61 -7.10 1.32
N TRP A 278 -5.50 -6.27 1.73
CA TRP A 278 -6.25 -5.45 0.74
C TRP A 278 -5.57 -4.10 0.59
N PHE A 279 -6.24 -3.18 -0.01
CA PHE A 279 -5.65 -1.83 -0.20
C PHE A 279 -6.75 -0.75 -0.26
N ILE A 280 -6.72 0.18 0.66
CA ILE A 280 -7.71 1.28 0.68
C ILE A 280 -6.96 2.59 0.50
N PRO A 281 -7.23 3.28 -0.57
CA PRO A 281 -6.53 4.55 -0.91
C PRO A 281 -6.95 5.75 -0.05
N GLY A 282 -5.99 6.52 0.41
CA GLY A 282 -6.32 7.71 1.21
C GLY A 282 -7.59 8.33 0.64
N GLY A 283 -8.45 8.78 1.49
CA GLY A 283 -9.73 9.37 1.04
C GLY A 283 -10.76 8.26 0.75
N ALA A 284 -10.71 7.15 1.45
CA ALA A 284 -11.73 6.09 1.15
C ALA A 284 -11.84 5.05 2.27
N ALA A 285 -13.01 4.50 2.48
CA ALA A 285 -13.17 3.45 3.54
C ALA A 285 -13.64 2.13 2.89
N GLY A 286 -13.06 1.02 3.27
CA GLY A 286 -13.48 -0.28 2.66
C GLY A 286 -14.13 -1.15 3.72
N ALA A 287 -14.31 -2.42 3.44
CA ALA A 287 -14.95 -3.33 4.42
C ALA A 287 -14.58 -4.78 4.11
N ALA A 288 -14.22 -5.54 5.10
CA ALA A 288 -13.85 -6.96 4.88
C ALA A 288 -14.71 -7.84 5.79
N PHE A 289 -15.18 -8.94 5.28
CA PHE A 289 -16.03 -9.85 6.08
C PHE A 289 -15.32 -11.19 6.20
N TYR A 290 -15.14 -11.69 7.38
CA TYR A 290 -14.41 -12.97 7.52
C TYR A 290 -14.99 -13.80 8.67
N THR A 291 -15.11 -15.07 8.44
CA THR A 291 -15.62 -16.00 9.48
C THR A 291 -14.42 -16.63 10.18
N PHE A 292 -14.31 -16.39 11.45
CA PHE A 292 -13.15 -16.92 12.22
C PHE A 292 -13.24 -18.43 12.32
N GLN A 293 -12.14 -19.09 12.11
CA GLN A 293 -12.12 -20.59 12.20
C GLN A 293 -11.14 -21.09 13.28
N GLN A 294 -10.27 -20.24 13.81
CA GLN A 294 -9.31 -20.71 14.85
C GLN A 294 -9.27 -19.72 16.00
N PRO A 295 -9.22 -20.22 17.20
CA PRO A 295 -9.18 -19.38 18.44
C PRO A 295 -7.76 -18.94 18.78
N GLY A 296 -7.65 -17.86 19.48
CA GLY A 296 -6.29 -17.37 19.85
C GLY A 296 -6.22 -15.86 19.62
N ILE A 297 -5.06 -15.29 19.71
CA ILE A 297 -4.92 -13.83 19.50
C ILE A 297 -4.42 -13.55 18.06
N TYR A 298 -5.10 -12.68 17.36
CA TYR A 298 -4.68 -12.34 15.97
C TYR A 298 -4.48 -10.83 15.88
N ALA A 299 -3.46 -10.40 15.19
CA ALA A 299 -3.20 -8.95 15.07
C ALA A 299 -3.76 -8.49 13.74
N TYR A 300 -4.26 -7.30 13.69
CA TYR A 300 -4.83 -6.82 12.41
C TYR A 300 -4.22 -5.48 12.15
N VAL A 301 -3.46 -5.33 11.12
CA VAL A 301 -2.83 -4.00 10.99
C VAL A 301 -2.39 -3.69 9.57
N ASN A 302 -1.97 -2.48 9.41
CA ASN A 302 -1.48 -2.01 8.10
C ASN A 302 -0.26 -2.83 7.81
N HIS A 303 -0.22 -3.42 6.67
CA HIS A 303 0.94 -4.30 6.40
C HIS A 303 2.18 -3.47 6.46
N ASN A 304 2.23 -2.34 5.82
CA ASN A 304 3.50 -1.58 6.03
C ASN A 304 4.01 -1.97 7.46
N LEU A 305 4.79 -3.03 7.58
CA LEU A 305 5.23 -3.52 8.92
C LEU A 305 5.76 -2.36 9.71
N ILE A 306 6.54 -1.57 9.09
CA ILE A 306 7.11 -0.38 9.80
C ILE A 306 5.97 0.45 10.35
N GLU A 307 5.01 0.76 9.51
CA GLU A 307 3.84 1.55 9.98
C GLU A 307 3.03 0.75 11.06
N ALA A 308 3.00 -0.55 10.98
CA ALA A 308 2.21 -1.34 11.99
C ALA A 308 3.00 -1.64 13.30
N PHE A 309 4.31 -1.74 13.29
CA PHE A 309 5.01 -2.06 14.56
C PHE A 309 5.83 -0.88 15.06
N GLU A 310 6.40 -0.13 14.17
CA GLU A 310 7.22 1.04 14.59
C GLU A 310 6.38 2.33 14.73
N LEU A 311 5.30 2.48 13.99
CA LEU A 311 4.51 3.75 14.10
C LEU A 311 3.36 3.54 15.08
N GLY A 312 2.66 2.46 14.94
CA GLY A 312 1.51 2.18 15.85
C GLY A 312 0.23 1.78 15.06
N ALA A 313 0.34 1.14 13.92
CA ALA A 313 -0.89 0.74 13.18
C ALA A 313 -1.14 -0.77 13.38
N ALA A 314 -1.39 -1.21 14.60
CA ALA A 314 -1.63 -2.66 14.81
C ALA A 314 -2.58 -2.90 16.00
N ALA A 315 -3.70 -3.54 15.76
CA ALA A 315 -4.65 -3.83 16.87
C ALA A 315 -4.67 -5.34 17.05
N HIS A 316 -5.49 -5.85 17.93
CA HIS A 316 -5.50 -7.34 18.10
C HIS A 316 -6.90 -7.87 18.47
N PHE A 317 -7.31 -8.96 17.84
CA PHE A 317 -8.65 -9.56 18.18
C PHE A 317 -8.45 -10.90 18.95
N LYS A 318 -9.09 -11.03 20.10
CA LYS A 318 -8.99 -12.25 20.91
C LYS A 318 -10.18 -13.08 20.51
N VAL A 319 -9.94 -14.30 20.20
CA VAL A 319 -11.04 -15.15 19.73
C VAL A 319 -11.11 -16.39 20.57
N THR A 320 -12.28 -16.77 20.92
CA THR A 320 -12.45 -17.99 21.76
C THR A 320 -13.03 -19.13 20.92
N GLY A 321 -12.82 -20.36 21.32
CA GLY A 321 -13.37 -21.50 20.53
C GLY A 321 -12.43 -22.70 20.62
N GLU A 322 -12.62 -23.66 19.75
CA GLU A 322 -11.75 -24.87 19.77
C GLU A 322 -10.81 -24.82 18.56
N TRP A 323 -9.58 -25.17 18.79
CA TRP A 323 -8.58 -25.16 17.70
C TRP A 323 -8.93 -26.25 16.71
N ASN A 324 -8.54 -26.05 15.50
CA ASN A 324 -8.82 -27.04 14.43
C ASN A 324 -7.50 -27.48 13.85
N ASP A 325 -7.08 -28.67 14.16
CA ASP A 325 -5.77 -29.16 13.67
C ASP A 325 -5.81 -29.33 12.16
N ASP A 326 -6.92 -29.73 11.64
CA ASP A 326 -7.03 -29.92 10.16
C ASP A 326 -6.48 -28.68 9.46
N LEU A 327 -6.87 -27.53 9.90
CA LEU A 327 -6.39 -26.27 9.29
C LEU A 327 -4.91 -26.06 9.61
N MET A 328 -4.46 -26.33 10.82
CA MET A 328 -3.03 -26.10 11.12
C MET A 328 -2.63 -26.86 12.37
N THR A 329 -1.51 -27.53 12.34
CA THR A 329 -1.07 -28.28 13.55
C THR A 329 0.47 -28.32 13.64
N SER A 330 1.03 -28.08 14.80
CA SER A 330 2.52 -28.13 14.95
C SER A 330 2.93 -29.59 15.08
N VAL A 331 3.39 -30.18 14.02
CA VAL A 331 3.79 -31.61 14.08
C VAL A 331 4.94 -31.75 15.04
N LEU A 332 5.92 -30.92 14.89
CA LEU A 332 7.08 -30.97 15.82
C LEU A 332 7.31 -29.57 16.43
N ALA A 333 6.98 -29.39 17.69
CA ALA A 333 7.18 -28.05 18.32
C ALA A 333 8.66 -27.72 18.34
N PRO A 334 9.00 -26.46 18.37
CA PRO A 334 10.40 -26.00 18.40
C PRO A 334 11.26 -26.79 19.40
N SER A 335 12.30 -27.42 18.95
CA SER A 335 13.15 -28.21 19.89
C SER A 335 14.50 -28.46 19.25
N GLY A 336 15.45 -28.90 20.03
CA GLY A 336 16.81 -29.17 19.47
C GLY A 336 16.68 -29.97 18.17
N ALA B 1 -2.20 -8.65 -40.05
CA ALA B 1 -2.32 -8.04 -41.40
C ALA B 1 -0.93 -7.98 -42.06
N THR B 2 -0.87 -8.16 -43.35
CA THR B 2 0.44 -8.10 -44.04
C THR B 2 0.74 -6.66 -44.42
N ALA B 3 1.94 -6.40 -44.86
CA ALA B 3 2.30 -5.01 -45.24
C ALA B 3 1.35 -4.48 -46.33
N ALA B 4 1.03 -5.28 -47.31
CA ALA B 4 0.12 -4.81 -48.40
C ALA B 4 -1.23 -4.38 -47.81
N GLU B 5 -1.72 -5.12 -46.86
CA GLU B 5 -3.04 -4.76 -46.26
C GLU B 5 -2.91 -3.46 -45.47
N ILE B 6 -1.88 -3.35 -44.68
CA ILE B 6 -1.70 -2.10 -43.88
C ILE B 6 -1.55 -0.91 -44.82
N ALA B 7 -0.83 -1.07 -45.90
CA ALA B 7 -0.63 0.06 -46.86
C ALA B 7 -1.97 0.48 -47.50
N ALA B 8 -2.90 -0.44 -47.66
CA ALA B 8 -4.21 -0.08 -48.31
C ALA B 8 -5.22 0.50 -47.29
N LEU B 9 -4.88 0.64 -46.04
CA LEU B 9 -5.87 1.21 -45.06
C LEU B 9 -5.87 2.75 -45.14
N PRO B 10 -7.02 3.35 -44.97
CA PRO B 10 -7.16 4.85 -45.01
C PRO B 10 -6.33 5.56 -43.93
N ARG B 11 -5.69 6.65 -44.28
CA ARG B 11 -4.87 7.40 -43.28
C ARG B 11 -5.64 8.67 -42.89
N GLN B 12 -5.62 9.01 -41.64
CA GLN B 12 -6.33 10.22 -41.16
C GLN B 12 -5.41 11.02 -40.25
N LYS B 13 -5.05 12.20 -40.68
CA LYS B 13 -4.14 13.05 -39.88
C LYS B 13 -4.98 13.75 -38.84
N VAL B 14 -4.48 13.84 -37.66
CA VAL B 14 -5.27 14.49 -36.58
C VAL B 14 -4.46 15.61 -35.90
N GLU B 15 -5.05 16.77 -35.80
CA GLU B 15 -4.38 17.91 -35.14
C GLU B 15 -4.63 17.76 -33.65
N LEU B 16 -3.59 17.76 -32.89
CA LEU B 16 -3.76 17.56 -31.42
C LEU B 16 -3.99 18.90 -30.72
N VAL B 17 -4.69 18.87 -29.62
CA VAL B 17 -4.95 20.11 -28.88
C VAL B 17 -4.11 20.07 -27.60
N ASP B 18 -4.23 21.04 -26.77
CA ASP B 18 -3.42 21.01 -25.52
C ASP B 18 -4.31 20.68 -24.30
N PRO B 19 -3.90 19.75 -23.46
CA PRO B 19 -4.67 19.38 -22.26
C PRO B 19 -5.22 20.62 -21.54
N PRO B 20 -6.28 20.47 -20.78
CA PRO B 20 -6.95 19.15 -20.58
C PRO B 20 -7.92 18.78 -21.73
N PHE B 21 -8.02 19.61 -22.73
CA PHE B 21 -8.94 19.31 -23.86
C PHE B 21 -8.42 18.11 -24.63
N VAL B 22 -9.27 17.57 -25.46
CA VAL B 22 -8.91 16.40 -26.28
C VAL B 22 -9.35 16.68 -27.71
N HIS B 23 -8.58 16.24 -28.64
CA HIS B 23 -8.90 16.48 -30.07
C HIS B 23 -10.24 15.85 -30.42
N ALA B 24 -10.82 16.31 -31.47
CA ALA B 24 -12.13 15.76 -31.92
C ALA B 24 -11.97 14.30 -32.29
N HIS B 25 -12.94 13.51 -31.93
CA HIS B 25 -12.91 12.06 -32.22
C HIS B 25 -14.31 11.49 -31.97
N SER B 26 -14.62 10.37 -32.54
CA SER B 26 -15.96 9.78 -32.34
C SER B 26 -15.84 8.60 -31.39
N GLN B 27 -16.76 8.46 -30.50
CA GLN B 27 -16.68 7.33 -29.53
C GLN B 27 -16.74 6.06 -30.33
N VAL B 28 -17.81 5.88 -31.02
CA VAL B 28 -17.95 4.68 -31.89
C VAL B 28 -17.07 4.90 -33.13
N ALA B 29 -16.31 3.92 -33.50
CA ALA B 29 -15.40 4.06 -34.67
C ALA B 29 -16.22 4.23 -35.95
N GLU B 30 -15.81 5.13 -36.79
CA GLU B 30 -16.53 5.36 -38.08
C GLU B 30 -15.72 4.71 -39.20
N GLY B 31 -16.16 3.58 -39.69
CA GLY B 31 -15.41 2.89 -40.76
C GLY B 31 -14.53 1.80 -40.13
N GLY B 32 -13.76 1.09 -40.93
CA GLY B 32 -12.89 0.01 -40.38
C GLY B 32 -11.58 0.63 -39.85
N PRO B 33 -10.57 -0.19 -39.67
CA PRO B 33 -9.24 0.25 -39.16
C PRO B 33 -8.59 1.32 -40.03
N LYS B 34 -7.97 2.29 -39.42
CA LYS B 34 -7.29 3.38 -40.20
C LYS B 34 -5.99 3.83 -39.50
N VAL B 35 -4.96 4.08 -40.28
CA VAL B 35 -3.66 4.56 -39.74
C VAL B 35 -3.81 6.02 -39.36
N VAL B 36 -3.85 6.24 -38.09
CA VAL B 36 -4.01 7.59 -37.55
C VAL B 36 -2.65 8.20 -37.51
N GLU B 37 -2.59 9.40 -37.91
CA GLU B 37 -1.25 10.07 -37.97
C GLU B 37 -1.21 11.26 -37.02
N PHE B 38 -0.22 11.29 -36.18
CA PHE B 38 -0.06 12.44 -35.23
C PHE B 38 1.42 12.88 -35.20
N THR B 39 1.69 14.16 -35.15
CA THR B 39 3.11 14.62 -35.13
C THR B 39 3.32 15.53 -33.92
N MET B 40 4.34 15.28 -33.14
CA MET B 40 4.60 16.13 -31.95
C MET B 40 6.09 16.51 -31.85
N VAL B 41 6.37 17.78 -31.73
CA VAL B 41 7.76 18.26 -31.60
C VAL B 41 8.03 18.42 -30.11
N ILE B 42 9.15 17.99 -29.68
CA ILE B 42 9.48 18.06 -28.24
C ILE B 42 10.19 19.36 -27.97
N GLU B 43 9.82 20.03 -26.93
CA GLU B 43 10.50 21.34 -26.66
C GLU B 43 10.99 21.41 -25.22
N GLU B 44 12.28 21.38 -24.99
CA GLU B 44 12.78 21.50 -23.59
C GLU B 44 12.85 22.99 -23.23
N LYS B 45 11.96 23.49 -22.40
CA LYS B 45 12.02 24.92 -22.09
C LYS B 45 11.81 25.12 -20.61
N LYS B 46 11.68 26.33 -20.22
CA LYS B 46 11.45 26.64 -18.79
C LYS B 46 10.00 27.05 -18.55
N ILE B 47 9.35 26.39 -17.62
CA ILE B 47 7.94 26.71 -17.30
C ILE B 47 7.81 26.95 -15.79
N VAL B 48 6.90 27.79 -15.42
CA VAL B 48 6.69 28.11 -14.01
C VAL B 48 5.71 27.11 -13.50
N ILE B 49 5.83 26.76 -12.29
CA ILE B 49 4.89 25.72 -11.75
C ILE B 49 4.03 26.24 -10.59
N ASP B 50 4.34 27.36 -10.01
CA ASP B 50 3.51 27.85 -8.88
C ASP B 50 3.36 29.35 -8.98
N ASP B 51 2.74 29.95 -8.00
CA ASP B 51 2.54 31.42 -8.02
C ASP B 51 3.84 32.13 -7.62
N ALA B 52 4.66 31.49 -6.82
CA ALA B 52 5.94 32.13 -6.39
C ALA B 52 6.91 32.31 -7.58
N GLY B 53 6.67 31.65 -8.68
CA GLY B 53 7.61 31.80 -9.85
C GLY B 53 8.63 30.64 -9.92
N THR B 54 8.41 29.56 -9.20
CA THR B 54 9.35 28.42 -9.25
C THR B 54 9.46 27.98 -10.69
N GLU B 55 10.64 27.72 -11.15
CA GLU B 55 10.78 27.32 -12.59
C GLU B 55 11.43 25.94 -12.73
N VAL B 56 10.91 25.15 -13.64
CA VAL B 56 11.49 23.79 -13.90
C VAL B 56 11.74 23.59 -15.43
N HIS B 57 12.95 23.22 -15.80
CA HIS B 57 13.30 23.00 -17.22
C HIS B 57 12.53 21.79 -17.67
N ALA B 58 11.38 22.02 -18.18
CA ALA B 58 10.50 20.90 -18.59
C ALA B 58 10.85 20.37 -19.97
N MET B 59 10.64 19.10 -20.14
CA MET B 59 10.87 18.41 -21.43
C MET B 59 9.48 18.10 -21.83
N ALA B 60 9.01 18.69 -22.85
CA ALA B 60 7.58 18.50 -23.09
C ALA B 60 7.29 18.13 -24.49
N PHE B 61 6.55 17.10 -24.59
CA PHE B 61 6.09 16.65 -25.93
C PHE B 61 4.96 17.58 -26.38
N ASN B 62 5.08 18.20 -27.53
CA ASN B 62 4.00 19.14 -27.97
C ASN B 62 4.08 20.47 -27.18
N GLY B 63 5.16 20.73 -26.46
CA GLY B 63 5.27 21.99 -25.69
C GLY B 63 4.27 22.04 -24.52
N THR B 64 3.75 20.92 -24.05
CA THR B 64 2.79 21.04 -22.88
C THR B 64 2.90 19.84 -21.90
N VAL B 65 2.95 20.12 -20.59
CA VAL B 65 2.97 19.04 -19.59
C VAL B 65 1.58 18.98 -18.96
N PRO B 66 0.92 17.87 -19.08
CA PRO B 66 1.46 16.67 -19.76
C PRO B 66 1.19 16.68 -21.27
N GLY B 67 2.00 15.97 -22.02
CA GLY B 67 1.77 15.91 -23.48
C GLY B 67 0.28 15.83 -23.76
N PRO B 68 -0.09 15.90 -25.00
CA PRO B 68 -1.52 15.85 -25.42
C PRO B 68 -2.06 14.41 -25.47
N LEU B 69 -3.35 14.24 -25.27
CA LEU B 69 -3.93 12.87 -25.31
C LEU B 69 -4.35 12.49 -26.74
N MET B 70 -3.73 11.48 -27.31
CA MET B 70 -4.08 11.03 -28.66
C MET B 70 -5.19 10.02 -28.51
N VAL B 71 -6.09 9.99 -29.43
CA VAL B 71 -7.24 9.04 -29.29
C VAL B 71 -7.52 8.30 -30.61
N VAL B 72 -7.43 7.01 -30.56
CA VAL B 72 -7.73 6.16 -31.73
C VAL B 72 -8.59 4.98 -31.25
N HIS B 73 -9.00 4.11 -32.12
CA HIS B 73 -9.84 2.97 -31.70
C HIS B 73 -8.99 1.71 -31.68
N GLN B 74 -9.51 0.68 -31.10
CA GLN B 74 -8.76 -0.60 -31.03
C GLN B 74 -8.64 -1.18 -32.42
N ASP B 75 -7.48 -1.60 -32.78
CA ASP B 75 -7.27 -2.16 -34.14
C ASP B 75 -6.58 -1.12 -35.02
N ASP B 76 -6.93 0.14 -34.86
CA ASP B 76 -6.31 1.21 -35.68
C ASP B 76 -4.82 1.34 -35.31
N TYR B 77 -4.00 1.70 -36.26
CA TYR B 77 -2.55 1.85 -36.00
C TYR B 77 -2.23 3.34 -35.78
N LEU B 78 -1.49 3.61 -34.75
CA LEU B 78 -1.10 5.00 -34.41
C LEU B 78 0.29 5.23 -34.98
N GLU B 79 0.40 6.19 -35.83
CA GLU B 79 1.70 6.49 -36.48
C GLU B 79 2.09 7.85 -36.01
N LEU B 80 3.13 7.92 -35.27
CA LEU B 80 3.52 9.26 -34.72
C LEU B 80 4.89 9.73 -35.19
N THR B 81 4.91 10.85 -35.86
CA THR B 81 6.21 11.46 -36.31
C THR B 81 6.70 12.37 -35.17
N LEU B 82 7.77 12.00 -34.53
CA LEU B 82 8.29 12.76 -33.40
C LEU B 82 9.46 13.52 -33.92
N ILE B 83 9.62 14.68 -33.44
CA ILE B 83 10.73 15.54 -33.92
C ILE B 83 11.43 16.23 -32.76
N ASN B 84 12.71 16.07 -32.68
CA ASN B 84 13.52 16.70 -31.60
C ASN B 84 14.36 17.81 -32.26
N PRO B 85 13.89 19.01 -32.17
CA PRO B 85 14.53 20.21 -32.78
C PRO B 85 15.99 20.36 -32.41
N GLU B 86 16.76 20.94 -33.29
CA GLU B 86 18.21 21.14 -33.00
C GLU B 86 18.38 22.08 -31.79
N THR B 87 17.42 22.93 -31.52
CA THR B 87 17.55 23.87 -30.37
C THR B 87 17.66 23.08 -29.05
N ASN B 88 17.12 21.90 -28.99
CA ASN B 88 17.18 21.10 -27.74
C ASN B 88 18.62 20.62 -27.52
N THR B 89 18.92 20.14 -26.34
CA THR B 89 20.31 19.66 -26.06
C THR B 89 20.34 18.19 -25.55
N LEU B 90 19.23 17.47 -25.48
CA LEU B 90 19.31 16.05 -24.99
C LEU B 90 18.53 15.10 -25.91
N MET B 91 19.05 13.91 -26.15
CA MET B 91 18.33 12.94 -27.02
C MET B 91 17.13 12.39 -26.25
N HIS B 92 16.01 12.21 -26.90
CA HIS B 92 14.82 11.69 -26.20
C HIS B 92 14.39 10.34 -26.78
N ASN B 93 13.12 10.06 -26.68
CA ASN B 93 12.56 8.78 -27.20
C ASN B 93 11.14 8.62 -26.62
N ILE B 94 10.27 7.87 -27.27
CA ILE B 94 8.88 7.74 -26.71
C ILE B 94 8.52 6.25 -26.52
N ASP B 95 8.02 5.91 -25.36
CA ASP B 95 7.59 4.51 -25.09
C ASP B 95 6.09 4.51 -24.76
N PHE B 96 5.26 4.04 -25.65
CA PHE B 96 3.79 4.03 -25.39
C PHE B 96 3.38 2.71 -24.74
N HIS B 97 2.91 2.79 -23.53
CA HIS B 97 2.45 1.56 -22.80
C HIS B 97 1.43 0.78 -23.67
N ALA B 98 0.71 1.45 -24.54
CA ALA B 98 -0.32 0.73 -25.37
C ALA B 98 0.29 0.03 -26.60
N ALA B 99 1.59 -0.01 -26.72
CA ALA B 99 2.21 -0.69 -27.89
C ALA B 99 2.91 -1.96 -27.42
N THR B 100 3.29 -2.81 -28.32
CA THR B 100 3.97 -4.08 -27.90
C THR B 100 5.25 -4.32 -28.72
N GLY B 101 6.40 -4.25 -28.10
CA GLY B 101 7.70 -4.53 -28.81
C GLY B 101 8.66 -3.30 -28.79
N ALA B 102 9.93 -3.50 -28.49
CA ALA B 102 10.89 -2.34 -28.51
C ALA B 102 10.65 -1.42 -27.31
N LEU B 103 10.55 -1.99 -26.15
CA LEU B 103 10.35 -1.15 -24.93
C LEU B 103 9.23 -0.12 -25.16
N GLY B 104 8.17 -0.51 -25.80
CA GLY B 104 7.04 0.45 -26.04
C GLY B 104 7.43 1.48 -27.12
N GLY B 105 8.34 1.13 -27.98
CA GLY B 105 8.75 2.10 -29.06
C GLY B 105 9.96 2.95 -28.64
N GLY B 106 10.43 2.83 -27.43
CA GLY B 106 11.60 3.65 -26.99
C GLY B 106 12.89 3.14 -27.64
N GLY B 107 12.96 1.88 -27.99
CA GLY B 107 14.20 1.33 -28.61
C GLY B 107 14.29 1.71 -30.10
N LEU B 108 13.21 2.16 -30.69
CA LEU B 108 13.26 2.53 -32.15
C LEU B 108 12.90 4.02 -32.36
N THR B 109 13.01 4.83 -31.34
CA THR B 109 12.69 6.29 -31.49
C THR B 109 13.75 7.19 -30.81
N GLU B 110 14.94 6.70 -30.55
CA GLU B 110 15.98 7.54 -29.91
C GLU B 110 16.44 8.58 -30.94
N ILE B 111 16.12 9.81 -30.72
CA ILE B 111 16.51 10.85 -31.71
C ILE B 111 17.25 11.98 -31.02
N ASN B 112 18.40 12.30 -31.51
CA ASN B 112 19.18 13.40 -30.88
C ASN B 112 18.82 14.71 -31.56
N PRO B 113 19.06 15.81 -30.92
CA PRO B 113 18.76 17.16 -31.48
C PRO B 113 18.99 17.21 -32.99
N GLY B 114 18.02 17.67 -33.73
CA GLY B 114 18.18 17.73 -35.23
C GLY B 114 17.77 16.40 -35.88
N GLU B 115 17.03 15.55 -35.19
CA GLU B 115 16.61 14.26 -35.82
C GLU B 115 15.13 13.95 -35.52
N LYS B 116 14.42 13.37 -36.46
CA LYS B 116 12.98 13.03 -36.23
C LYS B 116 12.71 11.63 -36.82
N THR B 117 11.78 10.90 -36.27
CA THR B 117 11.49 9.55 -36.82
C THR B 117 9.99 9.36 -36.91
N ILE B 118 9.57 8.20 -37.30
CA ILE B 118 8.13 7.91 -37.42
C ILE B 118 7.88 6.47 -36.97
N LEU B 119 7.17 6.28 -35.91
CA LEU B 119 6.93 4.89 -35.42
C LEU B 119 5.43 4.57 -35.52
N ARG B 120 5.12 3.42 -36.04
CA ARG B 120 3.68 3.03 -36.17
C ARG B 120 3.43 1.71 -35.40
N PHE B 121 2.45 1.70 -34.55
CA PHE B 121 2.14 0.46 -33.77
C PHE B 121 0.63 0.20 -33.80
N LYS B 122 0.26 -1.04 -33.74
CA LYS B 122 -1.18 -1.42 -33.76
C LYS B 122 -1.72 -1.36 -32.34
N ALA B 123 -2.80 -0.67 -32.20
CA ALA B 123 -3.46 -0.50 -30.89
C ALA B 123 -4.30 -1.73 -30.71
N THR B 124 -3.74 -2.68 -30.08
CA THR B 124 -4.47 -4.00 -29.95
C THR B 124 -5.30 -4.13 -28.67
N LYS B 125 -5.20 -3.22 -27.75
CA LYS B 125 -5.99 -3.33 -26.50
C LYS B 125 -6.69 -2.01 -26.22
N PRO B 126 -7.92 -2.08 -25.78
CA PRO B 126 -8.72 -0.87 -25.47
C PRO B 126 -8.48 -0.32 -24.06
N GLY B 127 -8.28 0.97 -23.92
CA GLY B 127 -8.05 1.53 -22.56
C GLY B 127 -7.05 2.69 -22.61
N VAL B 128 -7.10 3.54 -21.62
CA VAL B 128 -6.17 4.70 -21.58
C VAL B 128 -4.83 4.18 -21.11
N PHE B 129 -3.78 4.72 -21.63
CA PHE B 129 -2.44 4.23 -21.24
C PHE B 129 -1.53 5.42 -21.18
N VAL B 130 -0.49 5.34 -20.44
CA VAL B 130 0.44 6.52 -20.35
C VAL B 130 1.72 6.35 -21.21
N TYR B 131 2.04 7.34 -22.04
CA TYR B 131 3.28 7.29 -22.84
C TYR B 131 4.30 8.19 -22.14
N HIS B 132 5.56 7.97 -22.34
CA HIS B 132 6.57 8.82 -21.64
C HIS B 132 7.97 8.55 -22.22
N CYS B 133 8.80 9.58 -22.33
CA CYS B 133 10.16 9.40 -22.88
C CYS B 133 11.02 8.64 -21.88
N ALA B 134 11.94 7.82 -22.32
CA ALA B 134 12.76 7.06 -21.35
C ALA B 134 14.12 6.69 -21.95
N PRO B 135 14.99 7.65 -22.09
CA PRO B 135 16.35 7.41 -22.63
C PRO B 135 17.19 6.55 -21.68
N PRO B 136 17.70 5.44 -22.14
CA PRO B 136 18.51 4.52 -21.30
C PRO B 136 19.50 5.25 -20.36
N GLY B 137 19.35 5.08 -19.06
CA GLY B 137 20.29 5.75 -18.11
C GLY B 137 19.70 7.06 -17.53
N MET B 138 18.68 7.63 -18.13
CA MET B 138 18.13 8.90 -17.59
C MET B 138 16.62 8.87 -17.73
N VAL B 139 16.04 7.75 -17.42
CA VAL B 139 14.55 7.62 -17.54
C VAL B 139 13.82 8.55 -16.56
N PRO B 140 13.92 8.26 -15.28
CA PRO B 140 13.24 9.03 -14.20
C PRO B 140 13.39 10.53 -14.34
N TRP B 141 14.52 10.97 -14.81
CA TRP B 141 14.73 12.44 -14.96
C TRP B 141 13.82 13.00 -16.05
N HIS B 142 13.82 12.37 -17.20
CA HIS B 142 12.97 12.86 -18.33
C HIS B 142 11.47 12.80 -17.96
N VAL B 143 11.04 11.79 -17.26
CA VAL B 143 9.59 11.68 -16.91
C VAL B 143 9.21 12.73 -15.87
N VAL B 144 10.01 12.87 -14.85
CA VAL B 144 9.69 13.87 -13.79
C VAL B 144 9.73 15.26 -14.39
N SER B 145 10.59 15.47 -15.35
CA SER B 145 10.68 16.81 -15.99
C SER B 145 9.38 17.15 -16.74
N GLY B 146 8.44 16.22 -16.80
CA GLY B 146 7.17 16.49 -17.51
C GLY B 146 7.19 15.89 -18.93
N MET B 147 7.97 14.86 -19.17
CA MET B 147 7.98 14.26 -20.54
C MET B 147 7.09 13.02 -20.54
N ASN B 148 5.80 13.21 -20.42
CA ASN B 148 4.87 12.05 -20.41
C ASN B 148 3.42 12.53 -20.55
N GLY B 149 2.60 11.74 -21.16
CA GLY B 149 1.16 12.10 -21.36
C GLY B 149 0.31 10.81 -21.35
N ALA B 150 -0.63 10.65 -22.25
CA ALA B 150 -1.44 9.41 -22.26
C ALA B 150 -2.34 9.34 -23.51
N ILE B 151 -2.55 8.16 -24.04
CA ILE B 151 -3.43 8.02 -25.24
C ILE B 151 -4.64 7.15 -24.88
N MET B 152 -5.75 7.34 -25.53
CA MET B 152 -6.95 6.53 -25.21
C MET B 152 -7.40 5.73 -26.45
N VAL B 153 -7.32 4.43 -26.38
CA VAL B 153 -7.74 3.56 -27.50
C VAL B 153 -9.13 3.10 -27.15
N LEU B 154 -10.12 3.67 -27.75
CA LEU B 154 -11.52 3.30 -27.36
C LEU B 154 -12.05 2.12 -28.17
N PRO B 155 -12.79 1.25 -27.52
CA PRO B 155 -13.42 0.09 -28.19
C PRO B 155 -14.14 0.53 -29.46
N ARG B 156 -14.02 -0.22 -30.52
CA ARG B 156 -14.68 0.17 -31.81
C ARG B 156 -16.15 0.51 -31.57
N GLU B 157 -16.78 -0.15 -30.64
CA GLU B 157 -18.22 0.12 -30.37
C GLU B 157 -18.41 1.17 -29.25
N GLY B 158 -17.39 1.93 -28.91
CA GLY B 158 -17.56 2.96 -27.84
C GLY B 158 -17.33 2.34 -26.47
N LEU B 159 -17.66 3.03 -25.43
CA LEU B 159 -17.47 2.47 -24.06
C LEU B 159 -18.80 1.94 -23.48
N HIS B 160 -18.75 0.82 -22.79
CA HIS B 160 -19.97 0.25 -22.17
C HIS B 160 -19.64 -0.13 -20.73
N ASP B 161 -20.62 -0.26 -19.90
CA ASP B 161 -20.38 -0.61 -18.47
C ASP B 161 -19.90 -2.07 -18.36
N GLY B 162 -19.94 -2.62 -17.18
CA GLY B 162 -19.49 -4.04 -17.00
C GLY B 162 -20.58 -5.07 -17.42
N LYS B 163 -21.76 -4.65 -17.80
CA LYS B 163 -22.81 -5.65 -18.20
C LYS B 163 -23.12 -5.54 -19.70
N GLY B 164 -22.53 -4.60 -20.40
CA GLY B 164 -22.81 -4.45 -21.87
C GLY B 164 -23.58 -3.15 -22.22
N LYS B 165 -24.10 -2.42 -21.26
CA LYS B 165 -24.86 -1.18 -21.57
C LYS B 165 -23.91 -0.15 -22.14
N ALA B 166 -24.36 0.63 -23.08
CA ALA B 166 -23.48 1.67 -23.69
C ALA B 166 -23.39 2.93 -22.79
N LEU B 167 -22.18 3.41 -22.60
CA LEU B 167 -21.94 4.63 -21.79
C LEU B 167 -21.34 5.66 -22.74
N THR B 168 -22.03 6.73 -22.97
CA THR B 168 -21.57 7.75 -23.92
C THR B 168 -21.38 9.01 -23.16
N TYR B 169 -20.24 9.57 -23.25
CA TYR B 169 -19.95 10.81 -22.47
C TYR B 169 -20.17 12.06 -23.35
N ASP B 170 -20.73 13.09 -22.78
CA ASP B 170 -20.95 14.34 -23.57
C ASP B 170 -19.61 15.09 -23.75
N LYS B 171 -18.75 15.04 -22.76
CA LYS B 171 -17.44 15.74 -22.87
C LYS B 171 -16.37 14.91 -22.17
N ILE B 172 -15.14 15.15 -22.48
CA ILE B 172 -14.03 14.38 -21.84
C ILE B 172 -12.81 15.28 -21.63
N TYR B 173 -12.24 15.24 -20.46
CA TYR B 173 -11.06 16.07 -20.15
C TYR B 173 -9.94 15.12 -19.70
N TYR B 174 -8.73 15.48 -19.99
CA TYR B 174 -7.58 14.61 -19.61
C TYR B 174 -6.69 15.38 -18.65
N VAL B 175 -6.65 14.96 -17.43
CA VAL B 175 -5.82 15.66 -16.42
C VAL B 175 -4.57 14.84 -16.10
N GLY B 176 -3.45 15.30 -16.57
CA GLY B 176 -2.17 14.60 -16.31
C GLY B 176 -1.56 15.17 -15.03
N GLU B 177 -1.22 14.32 -14.13
CA GLU B 177 -0.65 14.76 -12.85
C GLU B 177 0.83 14.61 -12.96
N GLN B 178 1.55 15.48 -12.36
CA GLN B 178 3.02 15.39 -12.48
C GLN B 178 3.69 15.74 -11.15
N ASP B 179 4.46 14.83 -10.63
CA ASP B 179 5.17 15.10 -9.34
C ASP B 179 6.58 15.60 -9.67
N PHE B 180 6.91 16.80 -9.29
CA PHE B 180 8.25 17.33 -9.58
C PHE B 180 9.11 17.18 -8.34
N TYR B 181 10.34 17.52 -8.49
CA TYR B 181 11.31 17.42 -7.37
C TYR B 181 12.27 18.58 -7.58
N VAL B 182 11.94 19.70 -7.03
CA VAL B 182 12.77 20.90 -7.26
C VAL B 182 13.75 21.13 -6.14
N PRO B 183 14.98 21.30 -6.49
CA PRO B 183 16.07 21.55 -5.49
C PRO B 183 15.88 22.90 -4.75
N ARG B 184 16.18 22.93 -3.47
CA ARG B 184 16.03 24.19 -2.70
C ARG B 184 17.40 24.56 -2.13
N ASP B 185 17.63 25.81 -1.91
CA ASP B 185 18.96 26.24 -1.37
C ASP B 185 18.97 26.08 0.15
N GLU B 186 19.85 26.77 0.82
CA GLU B 186 19.92 26.66 2.30
C GLU B 186 18.70 27.36 2.93
N ASN B 187 18.27 28.45 2.35
CA ASN B 187 17.10 29.19 2.92
C ASN B 187 15.77 28.43 2.64
N GLY B 188 15.83 27.26 2.06
CA GLY B 188 14.55 26.52 1.77
C GLY B 188 13.81 27.10 0.54
N LYS B 189 14.44 27.96 -0.22
CA LYS B 189 13.77 28.52 -1.43
C LYS B 189 14.16 27.69 -2.64
N TYR B 190 13.28 27.59 -3.59
CA TYR B 190 13.58 26.79 -4.80
C TYR B 190 14.75 27.42 -5.54
N LYS B 191 15.54 26.61 -6.18
CA LYS B 191 16.72 27.16 -6.92
C LYS B 191 16.45 27.15 -8.43
N LYS B 192 16.96 28.13 -9.14
CA LYS B 192 16.76 28.19 -10.59
C LYS B 192 18.11 27.97 -11.26
N TYR B 193 18.12 27.46 -12.44
CA TYR B 193 19.41 27.20 -13.11
C TYR B 193 19.38 27.81 -14.50
N GLU B 194 20.47 27.76 -15.18
CA GLU B 194 20.53 28.33 -16.55
C GLU B 194 20.14 27.26 -17.59
N ALA B 195 20.76 26.11 -17.53
CA ALA B 195 20.43 25.05 -18.50
C ALA B 195 19.93 23.80 -17.75
N PRO B 196 19.19 22.97 -18.43
CA PRO B 196 18.62 21.72 -17.83
C PRO B 196 19.69 20.82 -17.20
N GLY B 197 20.87 20.78 -17.76
CA GLY B 197 21.95 19.90 -17.19
C GLY B 197 22.45 20.42 -15.82
N ASP B 198 22.44 21.71 -15.59
CA ASP B 198 22.96 22.25 -14.29
C ASP B 198 22.04 21.83 -13.14
N ALA B 199 20.85 21.40 -13.43
CA ALA B 199 19.92 20.98 -12.34
C ALA B 199 19.77 19.45 -12.29
N TYR B 200 20.64 18.72 -12.92
CA TYR B 200 20.55 17.22 -12.89
C TYR B 200 21.00 16.61 -11.54
N GLU B 201 22.17 16.95 -11.02
CA GLU B 201 22.65 16.31 -9.75
C GLU B 201 21.78 16.74 -8.57
N ASP B 202 21.45 17.99 -8.51
CA ASP B 202 20.62 18.48 -7.37
C ASP B 202 19.22 17.88 -7.45
N THR B 203 18.72 17.65 -8.63
CA THR B 203 17.36 17.06 -8.77
C THR B 203 17.40 15.60 -8.34
N VAL B 204 18.34 14.86 -8.86
CA VAL B 204 18.44 13.43 -8.48
C VAL B 204 18.37 13.31 -6.96
N LYS B 205 19.13 14.12 -6.26
CA LYS B 205 19.10 14.06 -4.77
C LYS B 205 17.65 14.17 -4.27
N VAL B 206 16.91 15.12 -4.78
CA VAL B 206 15.49 15.27 -4.35
C VAL B 206 14.67 14.06 -4.79
N MET B 207 14.90 13.59 -5.99
CA MET B 207 14.12 12.41 -6.48
C MET B 207 14.36 11.18 -5.58
N ARG B 208 15.54 11.03 -5.04
CA ARG B 208 15.82 9.84 -4.18
C ARG B 208 14.95 9.89 -2.93
N THR B 209 14.71 11.06 -2.41
CA THR B 209 13.86 11.18 -1.18
C THR B 209 12.43 10.66 -1.43
N LEU B 210 12.08 10.35 -2.66
CA LEU B 210 10.70 9.86 -2.93
C LEU B 210 9.69 10.85 -2.35
N THR B 211 10.02 12.12 -2.36
CA THR B 211 9.08 13.13 -1.81
C THR B 211 9.04 14.32 -2.76
N PRO B 212 8.03 14.39 -3.57
CA PRO B 212 7.87 15.51 -4.56
C PRO B 212 7.58 16.87 -3.91
N THR B 213 8.29 17.92 -4.29
CA THR B 213 8.03 19.26 -3.70
C THR B 213 6.70 19.81 -4.25
N HIS B 214 6.26 19.37 -5.40
CA HIS B 214 4.98 19.88 -5.97
C HIS B 214 4.32 18.78 -6.82
N VAL B 215 3.06 18.54 -6.59
CA VAL B 215 2.35 17.50 -7.37
C VAL B 215 1.19 18.23 -7.97
N VAL B 216 1.12 18.34 -9.26
CA VAL B 216 0.01 19.17 -9.76
C VAL B 216 -0.62 18.61 -11.01
N PHE B 217 -1.55 19.34 -11.52
CA PHE B 217 -2.26 18.88 -12.75
C PHE B 217 -2.09 19.94 -13.84
N ASN B 218 -1.87 19.51 -15.06
CA ASN B 218 -1.70 20.50 -16.17
C ASN B 218 -0.30 21.18 -16.16
N GLY B 219 0.61 20.77 -15.31
CA GLY B 219 1.96 21.40 -15.29
C GLY B 219 2.12 22.54 -14.23
N ALA B 220 1.14 22.85 -13.38
CA ALA B 220 1.40 23.95 -12.40
C ALA B 220 0.31 24.01 -11.33
N VAL B 221 0.67 24.38 -10.13
CA VAL B 221 -0.35 24.48 -9.05
C VAL B 221 -1.40 25.52 -9.48
N GLY B 222 -2.65 25.16 -9.42
CA GLY B 222 -3.72 26.12 -9.85
C GLY B 222 -3.80 26.22 -11.39
N ALA B 223 -3.37 25.21 -12.13
CA ALA B 223 -3.45 25.28 -13.63
C ALA B 223 -4.91 25.08 -14.11
N LEU B 224 -5.72 24.32 -13.41
CA LEU B 224 -7.12 24.07 -13.85
C LEU B 224 -8.13 24.78 -12.93
N THR B 225 -7.89 26.02 -12.63
CA THR B 225 -8.82 26.80 -11.77
C THR B 225 -9.00 28.18 -12.38
N GLY B 226 -9.88 28.97 -11.86
CA GLY B 226 -10.11 30.33 -12.41
C GLY B 226 -10.72 30.19 -13.78
N ASP B 227 -10.26 30.97 -14.72
CA ASP B 227 -10.81 30.87 -16.10
C ASP B 227 -10.47 29.50 -16.70
N LYS B 228 -9.49 28.81 -16.17
CA LYS B 228 -9.13 27.47 -16.72
C LYS B 228 -9.88 26.34 -16.00
N ALA B 229 -10.71 26.64 -15.02
CA ALA B 229 -11.45 25.55 -14.31
C ALA B 229 -12.35 24.79 -15.30
N MET B 230 -12.32 23.48 -15.28
CA MET B 230 -13.17 22.71 -16.20
C MET B 230 -14.60 23.20 -16.06
N THR B 231 -15.47 22.70 -16.86
CA THR B 231 -16.90 23.13 -16.80
C THR B 231 -17.83 21.94 -17.09
N ALA B 232 -18.97 21.94 -16.48
CA ALA B 232 -19.98 20.86 -16.68
C ALA B 232 -21.32 21.34 -16.13
N ALA B 233 -22.42 20.80 -16.61
CA ALA B 233 -23.74 21.25 -16.12
C ALA B 233 -24.53 20.04 -15.62
N VAL B 234 -25.46 20.29 -14.75
CA VAL B 234 -26.30 19.20 -14.20
C VAL B 234 -26.85 18.37 -15.35
N GLY B 235 -26.72 17.10 -15.26
CA GLY B 235 -27.23 16.21 -16.36
C GLY B 235 -26.14 15.95 -17.44
N GLU B 236 -24.96 16.50 -17.28
CA GLU B 236 -23.88 16.27 -18.28
C GLU B 236 -23.04 15.07 -17.85
N LYS B 237 -22.70 14.25 -18.78
CA LYS B 237 -21.88 13.06 -18.48
C LYS B 237 -20.47 13.40 -18.91
N VAL B 238 -19.55 13.27 -18.03
CA VAL B 238 -18.16 13.66 -18.39
C VAL B 238 -17.17 12.57 -18.01
N LEU B 239 -16.32 12.24 -18.93
CA LEU B 239 -15.29 11.21 -18.65
C LEU B 239 -13.96 11.92 -18.38
N ILE B 240 -13.39 11.69 -17.24
CA ILE B 240 -12.11 12.38 -16.89
C ILE B 240 -10.96 11.37 -16.84
N VAL B 241 -10.13 11.41 -17.84
CA VAL B 241 -8.97 10.49 -17.89
C VAL B 241 -7.86 11.13 -17.08
N HIS B 242 -7.18 10.35 -16.33
CA HIS B 242 -6.11 10.91 -15.48
C HIS B 242 -4.91 9.98 -15.57
N SER B 243 -3.76 10.54 -15.67
CA SER B 243 -2.54 9.69 -15.78
C SER B 243 -1.42 10.18 -14.85
N GLN B 244 -0.60 9.25 -14.42
CA GLN B 244 0.56 9.53 -13.53
C GLN B 244 1.67 8.57 -13.98
N ALA B 245 2.64 9.07 -14.69
CA ALA B 245 3.73 8.20 -15.24
C ALA B 245 4.97 8.33 -14.38
N ASN B 246 4.78 8.25 -13.11
CA ASN B 246 5.91 8.34 -12.15
C ASN B 246 5.39 8.51 -10.69
N ARG B 247 4.22 7.99 -10.32
CA ARG B 247 3.78 8.17 -8.91
C ARG B 247 2.34 7.72 -8.76
N ASP B 248 2.01 7.07 -7.66
CA ASP B 248 0.59 6.63 -7.49
C ASP B 248 -0.31 7.78 -6.95
N THR B 249 -1.49 7.98 -7.52
CA THR B 249 -2.39 9.03 -7.03
C THR B 249 -3.73 8.38 -6.67
N ARG B 250 -4.63 9.15 -6.18
CA ARG B 250 -5.97 8.61 -5.78
C ARG B 250 -7.01 9.71 -6.02
N PRO B 251 -7.49 9.80 -7.23
CA PRO B 251 -8.48 10.82 -7.66
C PRO B 251 -9.75 10.85 -6.82
N HIS B 252 -10.33 12.00 -6.70
CA HIS B 252 -11.60 12.15 -5.92
C HIS B 252 -12.31 13.49 -6.26
N LEU B 253 -13.52 13.43 -6.77
CA LEU B 253 -14.28 14.66 -7.10
C LEU B 253 -15.07 15.09 -5.87
N ILE B 254 -14.66 16.16 -5.27
CA ILE B 254 -15.31 16.68 -4.06
C ILE B 254 -16.73 17.06 -4.39
N GLY B 255 -17.64 16.50 -3.69
CA GLY B 255 -19.07 16.80 -3.95
C GLY B 255 -19.66 15.80 -4.97
N GLY B 256 -18.84 15.00 -5.61
CA GLY B 256 -19.38 14.03 -6.60
C GLY B 256 -18.81 12.63 -6.34
N HIS B 257 -18.73 11.84 -7.36
CA HIS B 257 -18.19 10.47 -7.23
C HIS B 257 -18.04 9.86 -8.63
N GLY B 258 -17.20 8.88 -8.75
CA GLY B 258 -16.99 8.23 -10.08
C GLY B 258 -18.07 7.18 -10.27
N ASP B 259 -19.02 7.47 -11.08
CA ASP B 259 -20.13 6.50 -11.30
C ASP B 259 -19.53 5.19 -11.78
N TYR B 260 -18.74 5.27 -12.79
CA TYR B 260 -18.07 4.07 -13.34
C TYR B 260 -16.60 4.42 -13.48
N VAL B 261 -15.72 3.67 -12.88
CA VAL B 261 -14.29 4.07 -12.98
C VAL B 261 -13.37 2.90 -13.35
N TRP B 262 -12.84 2.92 -14.54
CA TRP B 262 -11.88 1.88 -14.96
C TRP B 262 -10.57 2.26 -14.29
N ALA B 263 -10.43 1.84 -13.08
CA ALA B 263 -9.25 2.27 -12.26
C ALA B 263 -7.97 1.84 -12.93
N THR B 264 -8.00 0.68 -13.48
CA THR B 264 -6.79 0.16 -14.15
C THR B 264 -6.62 0.81 -15.53
N GLY B 265 -7.59 1.56 -15.97
CA GLY B 265 -7.46 2.21 -17.33
C GLY B 265 -7.58 1.17 -18.47
N LYS B 266 -8.25 0.07 -18.24
CA LYS B 266 -8.43 -0.98 -19.28
C LYS B 266 -9.94 -1.14 -19.47
N PHE B 267 -10.40 -1.00 -20.68
CA PHE B 267 -11.87 -1.10 -20.92
C PHE B 267 -12.37 -2.53 -20.71
N ASN B 268 -11.60 -3.51 -21.11
CA ASN B 268 -12.05 -4.91 -20.96
C ASN B 268 -12.27 -5.24 -19.49
N THR B 269 -11.52 -4.61 -18.63
CA THR B 269 -11.66 -4.87 -17.18
C THR B 269 -12.87 -4.09 -16.66
N PRO B 270 -13.87 -4.79 -16.22
CA PRO B 270 -15.12 -4.14 -15.71
C PRO B 270 -14.83 -2.91 -14.84
N PRO B 271 -15.55 -1.81 -15.04
CA PRO B 271 -15.31 -0.56 -14.24
C PRO B 271 -15.98 -0.57 -12.84
N ASP B 272 -15.21 -0.34 -11.77
CA ASP B 272 -15.86 -0.30 -10.44
C ASP B 272 -17.03 0.66 -10.55
N VAL B 273 -17.82 0.78 -9.54
CA VAL B 273 -18.98 1.72 -9.63
C VAL B 273 -19.25 2.41 -8.28
N ASP B 274 -19.76 3.61 -8.32
CA ASP B 274 -20.07 4.34 -7.07
C ASP B 274 -18.78 4.50 -6.32
N GLN B 275 -17.81 5.08 -6.94
CA GLN B 275 -16.48 5.21 -6.23
C GLN B 275 -16.27 6.62 -5.63
N GLU B 276 -15.92 6.68 -4.35
CA GLU B 276 -15.64 8.01 -3.73
C GLU B 276 -14.19 8.45 -4.06
N THR B 277 -13.26 7.52 -4.04
CA THR B 277 -11.84 7.85 -4.35
C THR B 277 -11.22 6.61 -5.00
N TRP B 278 -10.70 6.75 -6.17
CA TRP B 278 -10.13 5.57 -6.86
C TRP B 278 -8.63 5.48 -6.59
N PHE B 279 -7.94 4.74 -7.40
CA PHE B 279 -6.47 4.59 -7.20
C PHE B 279 -5.78 4.22 -8.53
N ILE B 280 -4.89 5.07 -8.97
CA ILE B 280 -4.14 4.81 -10.24
C ILE B 280 -2.67 4.73 -9.89
N PRO B 281 -2.07 3.58 -10.08
CA PRO B 281 -0.65 3.33 -9.72
C PRO B 281 0.36 4.01 -10.66
N GLY B 282 1.36 4.62 -10.11
CA GLY B 282 2.40 5.26 -10.95
C GLY B 282 2.64 4.37 -12.15
N GLY B 283 2.79 4.94 -13.30
CA GLY B 283 3.00 4.16 -14.52
C GLY B 283 1.66 3.72 -15.10
N ALA B 284 0.59 4.48 -14.91
CA ALA B 284 -0.71 4.01 -15.49
C ALA B 284 -1.75 5.13 -15.56
N ALA B 285 -2.64 5.08 -16.53
CA ALA B 285 -3.71 6.12 -16.64
C ALA B 285 -5.09 5.45 -16.50
N GLY B 286 -5.99 6.03 -15.73
CA GLY B 286 -7.33 5.41 -15.57
C GLY B 286 -8.39 6.31 -16.20
N ALA B 287 -9.63 6.09 -15.88
CA ALA B 287 -10.73 6.92 -16.46
C ALA B 287 -11.98 6.79 -15.58
N ALA B 288 -12.62 7.89 -15.30
CA ALA B 288 -13.85 7.87 -14.46
C ALA B 288 -14.97 8.61 -15.20
N PHE B 289 -16.14 8.05 -15.21
CA PHE B 289 -17.28 8.69 -15.91
C PHE B 289 -18.34 9.04 -14.87
N TYR B 290 -18.78 10.26 -14.85
CA TYR B 290 -19.79 10.63 -13.83
C TYR B 290 -20.76 11.68 -14.38
N THR B 291 -22.01 11.50 -14.09
CA THR B 291 -23.05 12.47 -14.54
C THR B 291 -23.31 13.44 -13.40
N PHE B 292 -23.05 14.69 -13.63
CA PHE B 292 -23.25 15.72 -12.57
C PHE B 292 -24.72 15.85 -12.22
N GLN B 293 -25.00 16.00 -10.96
CA GLN B 293 -26.43 16.16 -10.53
C GLN B 293 -26.63 17.48 -9.75
N GLN B 294 -25.58 18.12 -9.28
CA GLN B 294 -25.75 19.39 -8.52
C GLN B 294 -24.83 20.46 -9.09
N PRO B 295 -25.31 21.68 -9.15
CA PRO B 295 -24.53 22.83 -9.67
C PRO B 295 -23.67 23.47 -8.60
N GLY B 296 -22.64 24.16 -9.00
CA GLY B 296 -21.75 24.82 -8.01
C GLY B 296 -20.29 24.57 -8.39
N ILE B 297 -19.40 24.81 -7.48
CA ILE B 297 -17.95 24.58 -7.78
C ILE B 297 -17.44 23.35 -7.03
N TYR B 298 -16.87 22.41 -7.73
CA TYR B 298 -16.36 21.19 -7.08
C TYR B 298 -14.86 21.07 -7.34
N ALA B 299 -14.12 20.58 -6.38
CA ALA B 299 -12.65 20.44 -6.55
C ALA B 299 -12.34 18.99 -6.85
N TYR B 300 -11.49 18.74 -7.81
CA TYR B 300 -11.16 17.33 -8.14
C TYR B 300 -9.70 17.16 -7.86
N VAL B 301 -9.34 16.33 -6.94
CA VAL B 301 -7.88 16.27 -6.68
C VAL B 301 -7.44 14.98 -6.03
N ASN B 302 -6.16 14.84 -5.92
CA ASN B 302 -5.57 13.65 -5.29
C ASN B 302 -5.98 13.70 -3.85
N HIS B 303 -6.52 12.65 -3.36
CA HIS B 303 -7.00 12.70 -1.96
C HIS B 303 -5.83 12.99 -1.07
N ASN B 304 -4.72 12.32 -1.22
CA ASN B 304 -3.62 12.76 -0.31
C ASN B 304 -3.88 14.28 -0.02
N LEU B 305 -4.66 14.61 1.00
CA LEU B 305 -5.02 16.03 1.27
C LEU B 305 -3.78 16.89 1.19
N ILE B 306 -2.74 16.42 1.78
CA ILE B 306 -1.47 17.20 1.76
C ILE B 306 -1.06 17.42 0.31
N GLU B 307 -1.03 16.37 -0.45
CA GLU B 307 -0.65 16.50 -1.89
C GLU B 307 -1.67 17.39 -2.64
N ALA B 308 -2.94 17.34 -2.29
CA ALA B 308 -3.95 18.17 -3.01
C ALA B 308 -4.02 19.66 -2.53
N PHE B 309 -3.66 19.99 -1.30
CA PHE B 309 -3.79 21.42 -0.89
C PHE B 309 -2.41 22.03 -0.64
N GLU B 310 -1.53 21.28 -0.06
CA GLU B 310 -0.16 21.82 0.23
C GLU B 310 0.80 21.65 -0.97
N LEU B 311 0.64 20.66 -1.81
CA LEU B 311 1.60 20.49 -2.94
C LEU B 311 1.06 21.17 -4.19
N GLY B 312 -0.18 20.98 -4.47
CA GLY B 312 -0.81 21.60 -5.68
C GLY B 312 -1.54 20.55 -6.55
N ALA B 313 -2.15 19.51 -5.98
CA ALA B 313 -2.87 18.54 -6.84
C ALA B 313 -4.39 18.76 -6.71
N ALA B 314 -4.89 19.92 -7.07
CA ALA B 314 -6.36 20.15 -6.95
C ALA B 314 -6.86 21.10 -8.04
N ALA B 315 -7.79 20.66 -8.86
CA ALA B 315 -8.34 21.54 -9.91
C ALA B 315 -9.76 21.90 -9.51
N HIS B 316 -10.49 22.58 -10.33
CA HIS B 316 -11.89 22.93 -9.92
C HIS B 316 -12.85 22.91 -11.11
N PHE B 317 -14.00 22.28 -10.98
CA PHE B 317 -14.99 22.27 -12.10
C PHE B 317 -16.25 23.11 -11.75
N LYS B 318 -16.56 24.11 -12.56
CA LYS B 318 -17.74 24.95 -12.32
C LYS B 318 -18.90 24.26 -13.01
N VAL B 319 -20.01 24.17 -12.37
CA VAL B 319 -21.14 23.46 -12.98
C VAL B 319 -22.38 24.32 -12.88
N THR B 320 -23.05 24.47 -13.98
CA THR B 320 -24.29 25.29 -14.00
C THR B 320 -25.52 24.38 -13.94
N GLY B 321 -26.62 24.88 -13.45
CA GLY B 321 -27.84 24.04 -13.37
C GLY B 321 -28.70 24.48 -12.17
N GLU B 322 -29.61 23.63 -11.76
CA GLU B 322 -30.50 23.96 -10.62
C GLU B 322 -30.16 23.03 -9.46
N TRP B 323 -30.16 23.55 -8.29
CA TRP B 323 -29.83 22.74 -7.10
C TRP B 323 -30.93 21.72 -6.88
N ASN B 324 -30.58 20.66 -6.26
CA ASN B 324 -31.58 19.57 -5.99
C ASN B 324 -31.60 19.31 -4.49
N ASP B 325 -32.61 19.81 -3.83
CA ASP B 325 -32.70 19.63 -2.36
C ASP B 325 -32.85 18.14 -2.05
N ASP B 326 -33.64 17.46 -2.81
CA ASP B 326 -33.84 16.01 -2.56
C ASP B 326 -32.48 15.36 -2.26
N LEU B 327 -31.50 15.64 -3.07
CA LEU B 327 -30.14 15.06 -2.84
C LEU B 327 -29.48 15.70 -1.61
N MET B 328 -29.61 17.00 -1.43
CA MET B 328 -28.96 17.62 -0.25
C MET B 328 -29.62 18.95 0.05
N THR B 329 -29.84 19.24 1.30
CA THR B 329 -30.48 20.54 1.66
C THR B 329 -30.06 20.98 3.06
N SER B 330 -29.70 22.23 3.22
CA SER B 330 -29.29 22.73 4.55
C SER B 330 -30.55 23.04 5.37
N VAL B 331 -30.97 22.13 6.20
CA VAL B 331 -32.20 22.37 7.00
C VAL B 331 -31.99 23.58 7.89
N LEU B 332 -30.87 23.64 8.53
CA LEU B 332 -30.58 24.81 9.42
C LEU B 332 -29.20 25.39 9.07
N ALA B 333 -29.16 26.54 8.47
CA ALA B 333 -27.85 27.14 8.11
C ALA B 333 -27.08 27.47 9.39
N PRO B 334 -25.79 27.52 9.32
CA PRO B 334 -24.92 27.82 10.49
C PRO B 334 -25.44 29.02 11.29
N SER B 335 -25.82 28.81 12.52
CA SER B 335 -26.33 29.94 13.33
C SER B 335 -25.93 29.74 14.79
N GLY B 336 -26.47 30.55 15.66
CA GLY B 336 -26.14 30.41 17.11
C GLY B 336 -26.86 29.20 17.69
N ALA C 1 -11.21 -32.67 7.41
CA ALA C 1 -10.76 -34.09 7.46
C ALA C 1 -10.30 -34.42 8.89
N THR C 2 -10.35 -35.67 9.27
CA THR C 2 -9.92 -36.05 10.63
C THR C 2 -8.43 -36.40 10.60
N ALA C 3 -7.83 -36.54 11.75
CA ALA C 3 -6.38 -36.88 11.79
C ALA C 3 -6.14 -38.18 11.02
N ALA C 4 -6.97 -39.16 11.19
CA ALA C 4 -6.77 -40.46 10.47
C ALA C 4 -6.80 -40.21 8.97
N GLU C 5 -7.77 -39.46 8.50
CA GLU C 5 -7.85 -39.19 7.03
C GLU C 5 -6.57 -38.50 6.55
N ILE C 6 -6.08 -37.55 7.30
CA ILE C 6 -4.84 -36.83 6.88
C ILE C 6 -3.63 -37.79 6.91
N ALA C 7 -3.61 -38.68 7.86
CA ALA C 7 -2.45 -39.62 7.95
C ALA C 7 -2.44 -40.60 6.76
N ALA C 8 -3.57 -40.86 6.16
CA ALA C 8 -3.61 -41.82 5.02
C ALA C 8 -3.39 -41.10 3.67
N LEU C 9 -3.22 -39.81 3.65
CA LEU C 9 -3.01 -39.10 2.34
C LEU C 9 -1.55 -39.30 1.88
N PRO C 10 -1.33 -39.40 0.60
CA PRO C 10 0.04 -39.59 0.03
C PRO C 10 0.95 -38.37 0.28
N ARG C 11 2.18 -38.58 0.71
CA ARG C 11 3.09 -37.43 0.96
C ARG C 11 4.13 -37.33 -0.18
N GLN C 12 4.42 -36.13 -0.61
CA GLN C 12 5.42 -35.93 -1.69
C GLN C 12 6.46 -34.89 -1.24
N LYS C 13 7.71 -35.26 -1.24
CA LYS C 13 8.78 -34.34 -0.82
C LYS C 13 9.21 -33.55 -2.04
N VAL C 14 9.40 -32.29 -1.86
CA VAL C 14 9.80 -31.45 -3.01
C VAL C 14 11.11 -30.73 -2.72
N GLU C 15 11.97 -30.69 -3.70
CA GLU C 15 13.27 -30.01 -3.57
C GLU C 15 13.09 -28.59 -4.08
N LEU C 16 13.38 -27.64 -3.27
CA LEU C 16 13.17 -26.22 -3.67
C LEU C 16 14.38 -25.70 -4.42
N VAL C 17 14.16 -24.76 -5.30
CA VAL C 17 15.28 -24.17 -6.07
C VAL C 17 15.46 -22.73 -5.61
N ASP C 18 16.35 -22.01 -6.20
CA ASP C 18 16.53 -20.59 -5.76
C ASP C 18 15.90 -19.63 -6.80
N PRO C 19 15.12 -18.67 -6.35
CA PRO C 19 14.48 -17.68 -7.26
C PRO C 19 15.48 -17.15 -8.30
N PRO C 20 14.99 -16.66 -9.40
CA PRO C 20 13.52 -16.59 -9.68
C PRO C 20 12.93 -17.91 -10.18
N PHE C 21 13.73 -18.92 -10.35
CA PHE C 21 13.23 -20.23 -10.83
C PHE C 21 12.33 -20.86 -9.78
N VAL C 22 11.45 -21.71 -10.19
CA VAL C 22 10.54 -22.38 -9.27
C VAL C 22 10.81 -23.86 -9.38
N HIS C 23 10.41 -24.59 -8.41
CA HIS C 23 10.65 -26.06 -8.43
C HIS C 23 9.68 -26.72 -9.40
N ALA C 24 9.91 -27.97 -9.68
CA ALA C 24 9.02 -28.72 -10.60
C ALA C 24 7.64 -28.85 -9.96
N HIS C 25 6.62 -28.75 -10.77
CA HIS C 25 5.23 -28.87 -10.26
C HIS C 25 4.27 -28.92 -11.46
N SER C 26 3.13 -29.53 -11.30
CA SER C 26 2.16 -29.61 -12.41
C SER C 26 1.06 -28.59 -12.18
N GLN C 27 0.61 -27.95 -13.21
CA GLN C 27 -0.46 -26.92 -13.03
C GLN C 27 -1.69 -27.64 -12.53
N VAL C 28 -2.13 -28.58 -13.30
CA VAL C 28 -3.29 -29.41 -12.89
C VAL C 28 -2.81 -30.41 -11.85
N ALA C 29 -3.53 -30.54 -10.78
CA ALA C 29 -3.11 -31.46 -9.69
C ALA C 29 -3.08 -32.90 -10.18
N GLU C 30 -2.05 -33.61 -9.86
CA GLU C 30 -1.95 -35.04 -10.28
C GLU C 30 -2.38 -35.93 -9.11
N GLY C 31 -3.62 -36.33 -9.08
CA GLY C 31 -4.11 -37.17 -7.97
C GLY C 31 -4.93 -36.31 -7.01
N GLY C 32 -5.31 -36.85 -5.90
CA GLY C 32 -6.12 -36.06 -4.92
C GLY C 32 -5.18 -35.27 -3.98
N PRO C 33 -5.69 -34.87 -2.84
CA PRO C 33 -4.93 -34.10 -1.83
C PRO C 33 -3.70 -34.85 -1.33
N LYS C 34 -2.63 -34.14 -1.13
CA LYS C 34 -1.39 -34.80 -0.64
C LYS C 34 -0.57 -33.84 0.26
N VAL C 35 0.02 -34.37 1.30
CA VAL C 35 0.84 -33.57 2.24
C VAL C 35 2.21 -33.33 1.60
N VAL C 36 2.38 -32.15 1.12
CA VAL C 36 3.61 -31.76 0.44
C VAL C 36 4.60 -31.44 1.52
N GLU C 37 5.78 -31.86 1.33
CA GLU C 37 6.81 -31.63 2.38
C GLU C 37 7.95 -30.80 1.83
N PHE C 38 8.29 -29.74 2.51
CA PHE C 38 9.42 -28.88 2.07
C PHE C 38 10.26 -28.47 3.30
N THR C 39 11.56 -28.43 3.18
CA THR C 39 12.40 -28.05 4.35
C THR C 39 13.32 -26.89 3.97
N MET C 40 13.41 -25.90 4.81
CA MET C 40 14.28 -24.72 4.49
C MET C 40 15.09 -24.30 5.72
N VAL C 41 16.39 -24.23 5.59
CA VAL C 41 17.27 -23.81 6.70
C VAL C 41 17.45 -22.30 6.57
N ILE C 42 17.43 -21.62 7.65
CA ILE C 42 17.57 -20.14 7.61
C ILE C 42 19.03 -19.79 7.77
N GLU C 43 19.53 -18.92 6.95
CA GLU C 43 20.97 -18.57 7.07
C GLU C 43 21.15 -17.05 7.17
N GLU C 44 21.55 -16.55 8.31
CA GLU C 44 21.76 -15.07 8.42
C GLU C 44 23.21 -14.73 8.01
N LYS C 45 23.40 -14.08 6.88
CA LYS C 45 24.78 -13.76 6.47
C LYS C 45 24.77 -12.36 5.87
N LYS C 46 25.82 -12.02 5.21
CA LYS C 46 25.89 -10.66 4.57
C LYS C 46 25.80 -10.76 3.03
N ILE C 47 24.88 -10.03 2.44
CA ILE C 47 24.72 -10.01 0.96
C ILE C 47 24.96 -8.58 0.44
N VAL C 48 25.64 -8.48 -0.66
CA VAL C 48 25.95 -7.19 -1.27
C VAL C 48 24.74 -6.84 -2.05
N ILE C 49 24.40 -5.64 -2.05
CA ILE C 49 23.15 -5.25 -2.76
C ILE C 49 23.39 -4.32 -3.95
N ASP C 50 24.52 -3.69 -4.03
CA ASP C 50 24.75 -2.75 -5.17
C ASP C 50 26.18 -2.88 -5.68
N ASP C 51 26.58 -2.00 -6.55
CA ASP C 51 27.95 -2.07 -7.10
C ASP C 51 28.91 -1.39 -6.12
N ALA C 52 28.40 -0.48 -5.33
CA ALA C 52 29.29 0.22 -4.35
C ALA C 52 29.71 -0.73 -3.21
N GLY C 53 29.32 -1.98 -3.25
CA GLY C 53 29.72 -2.93 -2.16
C GLY C 53 28.83 -2.77 -0.91
N THR C 54 27.70 -2.09 -1.00
CA THR C 54 26.82 -1.94 0.18
C THR C 54 26.49 -3.33 0.69
N GLU C 55 26.37 -3.50 1.97
CA GLU C 55 26.08 -4.86 2.48
C GLU C 55 24.90 -4.85 3.48
N VAL C 56 24.01 -5.80 3.36
CA VAL C 56 22.87 -5.90 4.31
C VAL C 56 22.86 -7.29 5.01
N HIS C 57 22.82 -7.30 6.32
CA HIS C 57 22.80 -8.57 7.10
C HIS C 57 21.48 -9.25 6.79
N ALA C 58 21.49 -10.06 5.81
CA ALA C 58 20.25 -10.73 5.37
C ALA C 58 19.91 -11.97 6.22
N MET C 59 18.64 -12.12 6.45
CA MET C 59 18.10 -13.27 7.21
C MET C 59 17.39 -13.98 6.11
N ALA C 60 17.86 -15.09 5.72
CA ALA C 60 17.28 -15.63 4.50
C ALA C 60 16.89 -17.04 4.65
N PHE C 61 15.70 -17.25 4.30
CA PHE C 61 15.17 -18.66 4.32
C PHE C 61 15.72 -19.38 3.09
N ASN C 62 16.38 -20.50 3.25
CA ASN C 62 16.97 -21.20 2.08
C ASN C 62 18.24 -20.48 1.57
N GLY C 63 18.80 -19.57 2.34
CA GLY C 63 20.03 -18.86 1.88
C GLY C 63 19.75 -17.91 0.69
N THR C 64 18.53 -17.53 0.43
CA THR C 64 18.31 -16.59 -0.75
C THR C 64 17.16 -15.57 -0.50
N VAL C 65 17.38 -14.30 -0.84
CA VAL C 65 16.32 -13.29 -0.70
C VAL C 65 15.82 -12.99 -2.11
N PRO C 66 14.57 -13.21 -2.35
CA PRO C 66 13.61 -13.70 -1.33
C PRO C 66 13.58 -15.23 -1.25
N GLY C 67 13.18 -15.74 -0.13
CA GLY C 67 13.11 -17.22 0.02
C GLY C 67 12.57 -17.82 -1.28
N PRO C 68 12.57 -19.11 -1.37
CA PRO C 68 12.07 -19.84 -2.57
C PRO C 68 10.54 -19.92 -2.62
N LEU C 69 9.99 -20.04 -3.80
CA LEU C 69 8.50 -20.13 -3.92
C LEU C 69 8.05 -21.59 -3.85
N MET C 70 7.22 -21.92 -2.89
CA MET C 70 6.71 -23.29 -2.76
C MET C 70 5.41 -23.35 -3.54
N VAL C 71 5.14 -24.45 -4.13
CA VAL C 71 3.89 -24.53 -4.95
C VAL C 71 3.11 -25.83 -4.68
N VAL C 72 1.94 -25.70 -4.14
CA VAL C 72 1.05 -26.86 -3.88
C VAL C 72 -0.34 -26.50 -4.44
N HIS C 73 -1.27 -27.41 -4.42
CA HIS C 73 -2.62 -27.10 -4.95
C HIS C 73 -3.55 -26.79 -3.78
N GLN C 74 -4.72 -26.36 -4.09
CA GLN C 74 -5.70 -26.03 -3.03
C GLN C 74 -6.21 -27.32 -2.42
N ASP C 75 -6.23 -27.39 -1.13
CA ASP C 75 -6.68 -28.63 -0.45
C ASP C 75 -5.47 -29.38 0.08
N ASP C 76 -4.39 -29.37 -0.65
CA ASP C 76 -3.16 -30.08 -0.19
C ASP C 76 -2.61 -29.39 1.06
N TYR C 77 -2.00 -30.15 1.92
CA TYR C 77 -1.43 -29.57 3.17
C TYR C 77 0.09 -29.39 2.99
N LEU C 78 0.55 -28.23 3.29
CA LEU C 78 1.99 -27.91 3.17
C LEU C 78 2.64 -28.14 4.52
N GLU C 79 3.61 -28.99 4.55
CA GLU C 79 4.29 -29.32 5.82
C GLU C 79 5.71 -28.85 5.66
N LEU C 80 6.09 -27.89 6.41
CA LEU C 80 7.46 -27.34 6.23
C LEU C 80 8.33 -27.51 7.47
N THR C 81 9.42 -28.20 7.32
CA THR C 81 10.38 -28.37 8.46
C THR C 81 11.41 -27.24 8.37
N LEU C 82 11.35 -26.30 9.28
CA LEU C 82 12.27 -25.17 9.26
C LEU C 82 13.36 -25.48 10.23
N ILE C 83 14.49 -24.98 9.96
CA ILE C 83 15.65 -25.27 10.85
C ILE C 83 16.53 -24.02 11.01
N ASN C 84 16.75 -23.64 12.23
CA ASN C 84 17.62 -22.46 12.52
C ASN C 84 18.93 -22.99 13.09
N PRO C 85 19.94 -23.03 12.26
CA PRO C 85 21.28 -23.56 12.63
C PRO C 85 21.94 -22.86 13.82
N GLU C 86 22.73 -23.57 14.58
CA GLU C 86 23.42 -22.94 15.74
C GLU C 86 24.29 -21.75 15.27
N THR C 87 24.78 -21.79 14.05
CA THR C 87 25.64 -20.66 13.55
C THR C 87 24.89 -19.32 13.61
N ASN C 88 23.58 -19.33 13.53
CA ASN C 88 22.83 -18.04 13.55
C ASN C 88 22.86 -17.45 14.96
N THR C 89 22.38 -16.25 15.11
CA THR C 89 22.38 -15.61 16.46
C THR C 89 20.98 -15.04 16.84
N LEU C 90 19.96 -15.20 16.02
CA LEU C 90 18.62 -14.63 16.42
C LEU C 90 17.50 -15.66 16.24
N MET C 91 16.53 -15.69 17.14
CA MET C 91 15.40 -16.66 16.97
C MET C 91 14.45 -16.15 15.88
N HIS C 92 13.99 -17.03 15.01
CA HIS C 92 13.08 -16.60 13.93
C HIS C 92 11.71 -17.29 14.08
N ASN C 93 10.99 -17.34 13.00
CA ASN C 93 9.64 -17.97 12.97
C ASN C 93 9.04 -17.71 11.57
N ILE C 94 8.07 -18.48 11.13
CA ILE C 94 7.51 -18.24 9.77
C ILE C 94 5.98 -18.09 9.81
N ASP C 95 5.47 -17.04 9.23
CA ASP C 95 4.00 -16.83 9.17
C ASP C 95 3.55 -16.83 7.69
N PHE C 96 2.82 -17.84 7.28
CA PHE C 96 2.38 -17.92 5.87
C PHE C 96 0.98 -17.33 5.72
N HIS C 97 0.88 -16.28 4.97
CA HIS C 97 -0.44 -15.62 4.74
C HIS C 97 -1.47 -16.65 4.23
N ALA C 98 -1.02 -17.69 3.58
CA ALA C 98 -1.97 -18.70 3.03
C ALA C 98 -2.41 -19.73 4.09
N ALA C 99 -2.10 -19.49 5.33
CA ALA C 99 -2.53 -20.44 6.40
C ALA C 99 -3.57 -19.77 7.28
N THR C 100 -4.21 -20.52 8.13
CA THR C 100 -5.26 -19.91 9.02
C THR C 100 -5.10 -20.39 10.47
N GLY C 101 -4.69 -19.51 11.35
CA GLY C 101 -4.55 -19.88 12.81
C GLY C 101 -3.09 -19.69 13.31
N ALA C 102 -2.90 -19.16 14.52
CA ALA C 102 -1.51 -19.00 15.05
C ALA C 102 -0.71 -17.93 14.28
N LEU C 103 -1.31 -16.79 14.05
CA LEU C 103 -0.58 -15.69 13.34
C LEU C 103 0.06 -16.20 12.05
N GLY C 104 -0.60 -17.10 11.37
CA GLY C 104 -0.04 -17.62 10.09
C GLY C 104 1.08 -18.64 10.37
N GLY C 105 1.08 -19.24 11.52
CA GLY C 105 2.14 -20.25 11.84
C GLY C 105 3.31 -19.62 12.63
N GLY C 106 3.33 -18.33 12.83
CA GLY C 106 4.46 -17.70 13.58
C GLY C 106 4.36 -18.04 15.08
N GLY C 107 3.17 -18.20 15.59
CA GLY C 107 3.02 -18.52 17.05
C GLY C 107 3.46 -19.96 17.36
N LEU C 108 3.56 -20.82 16.37
CA LEU C 108 3.97 -22.23 16.64
C LEU C 108 5.27 -22.60 15.88
N THR C 109 6.09 -21.64 15.55
CA THR C 109 7.37 -21.94 14.83
C THR C 109 8.54 -21.06 15.37
N GLU C 110 8.46 -20.52 16.56
CA GLU C 110 9.58 -19.70 17.09
C GLU C 110 10.71 -20.64 17.46
N ILE C 111 11.80 -20.60 16.74
CA ILE C 111 12.91 -21.54 17.04
C ILE C 111 14.21 -20.78 17.18
N ASN C 112 14.87 -20.92 18.28
CA ASN C 112 16.16 -20.22 18.48
C ASN C 112 17.30 -21.07 17.91
N PRO C 113 18.43 -20.46 17.65
CA PRO C 113 19.61 -21.17 17.11
C PRO C 113 19.73 -22.59 17.68
N GLY C 114 19.93 -23.56 16.83
CA GLY C 114 20.03 -24.97 17.32
C GLY C 114 18.64 -25.61 17.50
N GLU C 115 17.59 -25.04 16.94
CA GLU C 115 16.24 -25.65 17.10
C GLU C 115 15.50 -25.70 15.74
N LYS C 116 14.74 -26.74 15.50
CA LYS C 116 13.96 -26.86 14.23
C LYS C 116 12.56 -27.38 14.54
N THR C 117 11.59 -27.03 13.76
CA THR C 117 10.22 -27.49 14.03
C THR C 117 9.57 -27.89 12.72
N ILE C 118 8.38 -28.39 12.81
CA ILE C 118 7.65 -28.80 11.59
C ILE C 118 6.19 -28.35 11.72
N LEU C 119 5.72 -27.55 10.81
CA LEU C 119 4.32 -27.07 10.90
C LEU C 119 3.57 -27.46 9.64
N ARG C 120 2.39 -27.97 9.80
CA ARG C 120 1.60 -28.38 8.61
C ARG C 120 0.25 -27.65 8.60
N PHE C 121 -0.08 -27.01 7.52
CA PHE C 121 -1.37 -26.29 7.43
C PHE C 121 -2.08 -26.66 6.11
N LYS C 122 -3.39 -26.57 6.09
CA LYS C 122 -4.17 -26.89 4.88
C LYS C 122 -4.27 -25.64 4.00
N ALA C 123 -3.97 -25.80 2.76
CA ALA C 123 -4.03 -24.68 1.80
C ALA C 123 -5.45 -24.62 1.32
N THR C 124 -6.23 -23.88 2.01
CA THR C 124 -7.70 -23.84 1.69
C THR C 124 -8.10 -22.76 0.66
N LYS C 125 -7.21 -21.90 0.28
CA LYS C 125 -7.57 -20.83 -0.68
C LYS C 125 -6.52 -20.79 -1.79
N PRO C 126 -6.96 -20.69 -3.01
CA PRO C 126 -6.06 -20.66 -4.19
C PRO C 126 -5.51 -19.26 -4.48
N GLY C 127 -4.21 -19.14 -4.67
CA GLY C 127 -3.65 -17.79 -4.98
C GLY C 127 -2.24 -17.64 -4.39
N VAL C 128 -1.45 -16.77 -4.96
CA VAL C 128 -0.08 -16.55 -4.46
C VAL C 128 -0.19 -15.78 -3.15
N PHE C 129 0.67 -16.07 -2.23
CA PHE C 129 0.59 -15.39 -0.93
C PHE C 129 2.00 -15.18 -0.43
N VAL C 130 2.21 -14.19 0.36
CA VAL C 130 3.62 -13.95 0.85
C VAL C 130 3.87 -14.51 2.28
N TYR C 131 4.94 -15.28 2.47
CA TYR C 131 5.29 -15.79 3.80
C TYR C 131 6.44 -14.94 4.32
N HIS C 132 6.60 -14.81 5.60
CA HIS C 132 7.70 -13.95 6.13
C HIS C 132 7.87 -14.15 7.64
N CYS C 133 9.10 -14.12 8.12
CA CYS C 133 9.34 -14.34 9.58
C CYS C 133 8.86 -13.10 10.34
N ALA C 134 8.39 -13.27 11.54
CA ALA C 134 7.90 -12.08 12.29
C ALA C 134 7.96 -12.34 13.79
N PRO C 135 9.13 -12.36 14.34
CA PRO C 135 9.33 -12.58 15.80
C PRO C 135 8.74 -11.41 16.61
N PRO C 136 7.88 -11.71 17.55
CA PRO C 136 7.23 -10.66 18.40
C PRO C 136 8.19 -9.54 18.84
N GLY C 137 7.89 -8.30 18.51
CA GLY C 137 8.79 -7.18 18.93
C GLY C 137 9.80 -6.78 17.83
N MET C 138 10.12 -7.65 16.90
CA MET C 138 11.11 -7.28 15.86
C MET C 138 10.62 -7.77 14.51
N VAL C 139 9.36 -7.58 14.26
CA VAL C 139 8.79 -8.04 12.96
C VAL C 139 9.42 -7.30 11.76
N PRO C 140 9.16 -6.03 11.64
CA PRO C 140 9.65 -5.18 10.52
C PRO C 140 11.14 -5.37 10.24
N TRP C 141 11.92 -5.56 11.27
CA TRP C 141 13.39 -5.75 11.07
C TRP C 141 13.67 -7.05 10.30
N HIS C 142 13.08 -8.14 10.71
CA HIS C 142 13.32 -9.44 10.03
C HIS C 142 12.82 -9.39 8.58
N VAL C 143 11.70 -8.78 8.34
CA VAL C 143 11.15 -8.73 6.95
C VAL C 143 12.06 -7.87 6.06
N VAL C 144 12.44 -6.71 6.53
CA VAL C 144 13.30 -5.81 5.70
C VAL C 144 14.64 -6.49 5.47
N SER C 145 15.09 -7.24 6.43
CA SER C 145 16.39 -7.95 6.27
C SER C 145 16.31 -9.00 5.14
N GLY C 146 15.19 -9.15 4.50
CA GLY C 146 15.05 -10.15 3.41
C GLY C 146 14.52 -11.48 3.94
N MET C 147 13.79 -11.48 5.03
CA MET C 147 13.26 -12.77 5.55
C MET C 147 11.80 -12.93 5.09
N ASN C 148 11.61 -13.15 3.82
CA ASN C 148 10.23 -13.29 3.31
C ASN C 148 10.26 -13.79 1.85
N GLY C 149 9.27 -14.52 1.47
CA GLY C 149 9.19 -15.06 0.07
C GLY C 149 7.71 -15.19 -0.32
N ALA C 150 7.31 -16.28 -0.94
CA ALA C 150 5.87 -16.41 -1.32
C ALA C 150 5.55 -17.83 -1.83
N ILE C 151 4.36 -18.32 -1.55
CA ILE C 151 3.96 -19.67 -2.03
C ILE C 151 2.76 -19.55 -2.97
N MET C 152 2.63 -20.44 -3.91
CA MET C 152 1.49 -20.38 -4.87
C MET C 152 0.62 -21.64 -4.76
N VAL C 153 -0.59 -21.48 -4.30
CA VAL C 153 -1.52 -22.63 -4.17
C VAL C 153 -2.39 -22.57 -5.40
N LEU C 154 -2.14 -23.43 -6.32
CA LEU C 154 -2.90 -23.35 -7.61
C LEU C 154 -4.16 -24.20 -7.59
N PRO C 155 -5.22 -23.70 -8.17
CA PRO C 155 -6.49 -24.46 -8.27
C PRO C 155 -6.23 -25.89 -8.76
N ARG C 156 -6.89 -26.87 -8.20
CA ARG C 156 -6.67 -28.27 -8.62
C ARG C 156 -6.72 -28.39 -10.13
N GLU C 157 -7.59 -27.66 -10.76
CA GLU C 157 -7.71 -27.73 -12.25
C GLU C 157 -6.79 -26.70 -12.96
N GLY C 158 -5.80 -26.16 -12.29
CA GLY C 158 -4.90 -25.17 -12.97
C GLY C 158 -5.51 -23.77 -12.92
N LEU C 159 -4.96 -22.86 -13.68
CA LEU C 159 -5.51 -21.46 -13.68
C LEU C 159 -6.45 -21.26 -14.87
N HIS C 160 -7.45 -20.42 -14.70
CA HIS C 160 -8.41 -20.15 -15.80
C HIS C 160 -8.73 -18.64 -15.77
N ASP C 161 -9.16 -18.11 -16.87
CA ASP C 161 -9.48 -16.64 -16.92
C ASP C 161 -10.74 -16.35 -16.11
N GLY C 162 -11.39 -15.24 -16.38
CA GLY C 162 -12.63 -14.89 -15.61
C GLY C 162 -13.85 -15.66 -16.18
N LYS C 163 -13.79 -16.11 -17.40
CA LYS C 163 -14.96 -16.85 -17.97
C LYS C 163 -14.86 -18.36 -17.70
N GLY C 164 -13.73 -18.82 -17.22
CA GLY C 164 -13.59 -20.30 -16.95
C GLY C 164 -12.57 -20.97 -17.92
N LYS C 165 -12.14 -20.32 -18.97
CA LYS C 165 -11.18 -20.96 -19.92
C LYS C 165 -9.88 -21.26 -19.20
N ALA C 166 -9.20 -22.28 -19.60
CA ALA C 166 -7.91 -22.64 -18.94
C ALA C 166 -6.72 -21.82 -19.51
N LEU C 167 -5.94 -21.22 -18.63
CA LEU C 167 -4.74 -20.46 -19.02
C LEU C 167 -3.55 -21.25 -18.50
N THR C 168 -2.74 -21.73 -19.39
CA THR C 168 -1.61 -22.56 -18.99
C THR C 168 -0.37 -21.85 -19.39
N TYR C 169 0.56 -21.82 -18.54
CA TYR C 169 1.82 -21.09 -18.85
C TYR C 169 2.96 -22.06 -19.14
N ASP C 170 3.82 -21.71 -20.06
CA ASP C 170 4.99 -22.58 -20.37
C ASP C 170 6.16 -22.28 -19.41
N LYS C 171 6.24 -21.08 -18.87
CA LYS C 171 7.36 -20.76 -17.95
C LYS C 171 6.86 -19.87 -16.81
N ILE C 172 7.36 -20.08 -15.63
CA ILE C 172 6.93 -19.25 -14.47
C ILE C 172 8.16 -18.77 -13.67
N TYR C 173 8.21 -17.49 -13.38
CA TYR C 173 9.36 -16.93 -12.62
C TYR C 173 8.79 -16.20 -11.41
N TYR C 174 9.51 -16.19 -10.34
CA TYR C 174 9.05 -15.51 -9.11
C TYR C 174 10.02 -14.41 -8.75
N VAL C 175 9.57 -13.19 -8.81
CA VAL C 175 10.46 -12.04 -8.50
C VAL C 175 10.03 -11.40 -7.18
N GLY C 176 10.80 -11.61 -6.16
CA GLY C 176 10.50 -11.03 -4.83
C GLY C 176 11.19 -9.69 -4.71
N GLU C 177 10.44 -8.67 -4.47
CA GLU C 177 10.99 -7.31 -4.36
C GLU C 177 11.30 -7.08 -2.91
N GLN C 178 12.30 -6.33 -2.65
CA GLN C 178 12.66 -6.08 -1.23
C GLN C 178 13.14 -4.65 -1.02
N ASP C 179 12.53 -3.95 -0.12
CA ASP C 179 12.96 -2.55 0.16
C ASP C 179 13.88 -2.56 1.39
N PHE C 180 15.10 -2.14 1.24
CA PHE C 180 16.02 -2.15 2.39
C PHE C 180 16.11 -0.75 2.99
N TYR C 181 16.88 -0.64 4.02
CA TYR C 181 17.06 0.67 4.71
C TYR C 181 18.46 0.64 5.30
N VAL C 182 19.43 1.00 4.52
CA VAL C 182 20.83 0.91 4.99
C VAL C 182 21.28 2.21 5.61
N PRO C 183 21.81 2.12 6.79
CA PRO C 183 22.33 3.32 7.52
C PRO C 183 23.60 3.91 6.87
N ARG C 184 23.70 5.23 6.79
CA ARG C 184 24.89 5.87 6.19
C ARG C 184 25.56 6.73 7.25
N ASP C 185 26.82 7.00 7.09
CA ASP C 185 27.55 7.83 8.10
C ASP C 185 27.29 9.33 7.87
N GLU C 186 28.20 10.19 8.27
CA GLU C 186 27.98 11.66 8.08
C GLU C 186 28.33 12.08 6.65
N ASN C 187 29.24 11.38 6.00
CA ASN C 187 29.62 11.77 4.61
C ASN C 187 28.63 11.18 3.57
N GLY C 188 27.71 10.35 3.97
CA GLY C 188 26.74 9.77 2.99
C GLY C 188 27.16 8.34 2.56
N LYS C 189 28.23 7.79 3.09
CA LYS C 189 28.64 6.41 2.70
C LYS C 189 27.90 5.37 3.54
N TYR C 190 27.45 4.31 2.92
CA TYR C 190 26.73 3.26 3.66
C TYR C 190 27.65 2.70 4.72
N LYS C 191 27.11 2.32 5.82
CA LYS C 191 27.95 1.78 6.92
C LYS C 191 27.89 0.24 6.91
N LYS C 192 28.97 -0.38 7.28
CA LYS C 192 28.99 -1.86 7.32
C LYS C 192 29.30 -2.29 8.74
N TYR C 193 28.85 -3.44 9.14
CA TYR C 193 29.12 -3.87 10.52
C TYR C 193 29.71 -5.25 10.52
N GLU C 194 29.67 -5.91 11.62
CA GLU C 194 30.24 -7.29 11.69
C GLU C 194 29.14 -8.29 12.09
N ALA C 195 28.09 -7.84 12.74
CA ALA C 195 27.02 -8.77 13.14
C ALA C 195 25.68 -8.14 12.81
N PRO C 196 24.65 -8.92 12.87
CA PRO C 196 23.26 -8.46 12.57
C PRO C 196 22.70 -7.53 13.65
N GLY C 197 22.98 -7.81 14.90
CA GLY C 197 22.44 -6.95 15.99
C GLY C 197 23.15 -5.57 16.01
N ASP C 198 24.40 -5.52 15.63
CA ASP C 198 25.14 -4.22 15.65
C ASP C 198 24.46 -3.20 14.74
N ALA C 199 23.73 -3.64 13.75
CA ALA C 199 23.06 -2.67 12.82
C ALA C 199 21.54 -2.54 13.11
N TYR C 200 21.07 -3.00 14.24
CA TYR C 200 19.60 -2.87 14.55
C TYR C 200 19.17 -1.40 14.85
N GLU C 201 19.84 -0.69 15.74
CA GLU C 201 19.41 0.69 16.08
C GLU C 201 19.53 1.61 14.87
N ASP C 202 20.64 1.56 14.20
CA ASP C 202 20.85 2.45 13.01
C ASP C 202 19.83 2.11 11.93
N THR C 203 19.53 0.87 11.76
CA THR C 203 18.54 0.48 10.71
C THR C 203 17.15 1.00 11.09
N VAL C 204 16.73 0.79 12.30
CA VAL C 204 15.38 1.27 12.73
C VAL C 204 15.23 2.75 12.38
N LYS C 205 16.24 3.53 12.68
CA LYS C 205 16.16 4.98 12.37
C LYS C 205 15.84 5.18 10.89
N VAL C 206 16.48 4.44 10.02
CA VAL C 206 16.21 4.59 8.56
C VAL C 206 14.82 4.05 8.24
N MET C 207 14.45 2.94 8.83
CA MET C 207 13.11 2.36 8.53
C MET C 207 12.00 3.34 8.92
N ARG C 208 12.17 4.08 9.98
CA ARG C 208 11.11 5.05 10.40
C ARG C 208 10.87 6.09 9.29
N THR C 209 11.91 6.49 8.62
CA THR C 209 11.75 7.50 7.54
C THR C 209 10.83 6.98 6.42
N LEU C 210 10.46 5.72 6.44
CA LEU C 210 9.57 5.19 5.36
C LEU C 210 10.19 5.48 3.98
N THR C 211 11.50 5.55 3.91
CA THR C 211 12.15 5.82 2.60
C THR C 211 13.30 4.83 2.43
N PRO C 212 13.08 3.80 1.66
CA PRO C 212 14.11 2.74 1.42
C PRO C 212 15.32 3.22 0.61
N THR C 213 16.52 2.96 1.09
CA THR C 213 17.73 3.40 0.33
C THR C 213 17.86 2.55 -0.96
N HIS C 214 17.29 1.38 -1.00
CA HIS C 214 17.40 0.53 -2.22
C HIS C 214 16.19 -0.40 -2.30
N VAL C 215 15.59 -0.49 -3.46
CA VAL C 215 14.41 -1.37 -3.62
C VAL C 215 14.75 -2.25 -4.79
N VAL C 216 14.92 -3.51 -4.59
CA VAL C 216 15.37 -4.28 -5.76
C VAL C 216 14.68 -5.61 -5.86
N PHE C 217 15.12 -6.40 -6.78
CA PHE C 217 14.50 -7.73 -6.98
C PHE C 217 15.57 -8.81 -6.86
N ASN C 218 15.28 -9.86 -6.15
CA ASN C 218 16.29 -10.96 -5.97
C ASN C 218 17.38 -10.61 -4.93
N GLY C 219 17.22 -9.55 -4.16
CA GLY C 219 18.25 -9.20 -3.13
C GLY C 219 19.44 -8.34 -3.69
N ALA C 220 19.36 -7.69 -4.84
CA ALA C 220 20.53 -6.85 -5.27
C ALA C 220 20.22 -6.03 -6.54
N VAL C 221 20.65 -4.78 -6.58
CA VAL C 221 20.42 -3.97 -7.81
C VAL C 221 21.08 -4.69 -8.98
N GLY C 222 20.36 -4.90 -10.04
CA GLY C 222 20.95 -5.62 -11.20
C GLY C 222 21.05 -7.14 -10.93
N ALA C 223 20.23 -7.69 -10.04
CA ALA C 223 20.31 -9.16 -9.78
C ALA C 223 19.68 -10.00 -10.92
N LEU C 224 18.55 -9.60 -11.46
CA LEU C 224 17.88 -10.40 -12.55
C LEU C 224 18.20 -9.86 -13.95
N THR C 225 19.41 -9.46 -14.18
CA THR C 225 19.85 -8.97 -15.52
C THR C 225 21.24 -9.55 -15.83
N GLY C 226 21.56 -9.73 -17.08
CA GLY C 226 22.88 -10.32 -17.45
C GLY C 226 22.75 -11.83 -17.40
N ASP C 227 23.57 -12.47 -16.62
CA ASP C 227 23.46 -13.96 -16.52
C ASP C 227 22.12 -14.37 -15.87
N LYS C 228 21.49 -13.48 -15.12
CA LYS C 228 20.18 -13.85 -14.48
C LYS C 228 18.97 -13.31 -15.27
N ALA C 229 19.17 -12.60 -16.35
CA ALA C 229 17.98 -12.08 -17.11
C ALA C 229 17.03 -13.24 -17.45
N MET C 230 15.76 -13.09 -17.15
CA MET C 230 14.80 -14.16 -17.47
C MET C 230 14.87 -14.43 -18.96
N THR C 231 14.20 -15.43 -19.40
CA THR C 231 14.20 -15.76 -20.84
C THR C 231 12.79 -16.19 -21.29
N ALA C 232 12.49 -15.95 -22.54
CA ALA C 232 11.16 -16.33 -23.10
C ALA C 232 11.22 -16.14 -24.63
N ALA C 233 10.46 -16.91 -25.38
CA ALA C 233 10.49 -16.78 -26.85
C ALA C 233 9.10 -16.41 -27.36
N VAL C 234 9.05 -15.69 -28.43
CA VAL C 234 7.75 -15.27 -29.01
C VAL C 234 6.83 -16.46 -29.05
N GLY C 235 5.61 -16.27 -28.64
CA GLY C 235 4.63 -17.40 -28.63
C GLY C 235 4.61 -18.14 -27.26
N GLU C 236 5.51 -17.84 -26.36
CA GLU C 236 5.53 -18.52 -25.05
C GLU C 236 4.69 -17.74 -24.04
N LYS C 237 4.03 -18.44 -23.18
CA LYS C 237 3.18 -17.80 -22.15
C LYS C 237 3.94 -17.91 -20.86
N VAL C 238 4.04 -16.86 -20.14
CA VAL C 238 4.83 -16.90 -18.90
C VAL C 238 4.10 -16.23 -17.76
N LEU C 239 4.11 -16.86 -16.63
CA LEU C 239 3.45 -16.29 -15.43
C LEU C 239 4.53 -15.72 -14.52
N ILE C 240 4.44 -14.46 -14.18
CA ILE C 240 5.46 -13.82 -13.33
C ILE C 240 4.85 -13.45 -11.97
N VAL C 241 5.13 -14.25 -10.98
CA VAL C 241 4.62 -13.97 -9.62
C VAL C 241 5.54 -12.96 -8.97
N HIS C 242 4.98 -12.04 -8.28
CA HIS C 242 5.80 -10.99 -7.65
C HIS C 242 5.27 -10.74 -6.25
N SER C 243 6.14 -10.59 -5.32
CA SER C 243 5.68 -10.36 -3.92
C SER C 243 6.49 -9.26 -3.23
N GLN C 244 5.83 -8.55 -2.35
CA GLN C 244 6.45 -7.46 -1.55
C GLN C 244 5.85 -7.58 -0.14
N ALA C 245 6.63 -8.04 0.80
CA ALA C 245 6.12 -8.27 2.18
C ALA C 245 6.60 -7.16 3.11
N ASN C 246 6.45 -5.98 2.65
CA ASN C 246 6.85 -4.77 3.43
C ASN C 246 6.86 -3.50 2.54
N ARG C 247 5.99 -3.38 1.54
CA ARG C 247 6.02 -2.14 0.72
C ARG C 247 5.14 -2.30 -0.51
N ASP C 248 4.40 -1.29 -0.88
CA ASP C 248 3.53 -1.42 -2.10
C ASP C 248 4.36 -1.17 -3.40
N THR C 249 4.19 -2.01 -4.41
CA THR C 249 4.92 -1.81 -5.69
C THR C 249 3.90 -1.73 -6.83
N ARG C 250 4.37 -1.53 -8.01
CA ARG C 250 3.48 -1.44 -9.21
C ARG C 250 4.23 -1.99 -10.42
N PRO C 251 4.15 -3.28 -10.60
CA PRO C 251 4.85 -4.01 -11.69
C PRO C 251 4.49 -3.50 -13.09
N HIS C 252 5.42 -3.57 -13.98
CA HIS C 252 5.18 -3.13 -15.39
C HIS C 252 6.25 -3.72 -16.35
N LEU C 253 5.82 -4.54 -17.29
CA LEU C 253 6.75 -5.13 -18.29
C LEU C 253 6.90 -4.15 -19.45
N ILE C 254 8.04 -3.56 -19.55
CA ILE C 254 8.34 -2.57 -20.60
C ILE C 254 8.31 -3.27 -21.93
N GLY C 255 7.53 -2.76 -22.81
CA GLY C 255 7.43 -3.41 -24.15
C GLY C 255 6.28 -4.44 -24.16
N GLY C 256 5.76 -4.83 -23.02
CA GLY C 256 4.66 -5.83 -23.01
C GLY C 256 3.57 -5.39 -22.05
N HIS C 257 2.78 -6.31 -21.59
CA HIS C 257 1.68 -5.96 -20.66
C HIS C 257 1.20 -7.23 -19.94
N GLY C 258 0.40 -7.06 -18.93
CA GLY C 258 -0.12 -8.23 -18.18
C GLY C 258 -1.44 -8.64 -18.80
N ASP C 259 -1.41 -9.60 -19.66
CA ASP C 259 -2.66 -10.03 -20.34
C ASP C 259 -3.72 -10.27 -19.28
N TYR C 260 -3.41 -11.12 -18.37
CA TYR C 260 -4.34 -11.42 -17.25
C TYR C 260 -3.56 -11.21 -15.96
N VAL C 261 -4.03 -10.39 -15.06
CA VAL C 261 -3.22 -10.15 -13.83
C VAL C 261 -4.06 -10.24 -12.56
N TRP C 262 -3.85 -11.26 -11.79
CA TRP C 262 -4.57 -11.38 -10.49
C TRP C 262 -3.83 -10.46 -9.55
N ALA C 263 -4.18 -9.21 -9.58
CA ALA C 263 -3.45 -8.18 -8.80
C ALA C 263 -3.49 -8.53 -7.33
N THR C 264 -4.61 -8.93 -6.89
CA THR C 264 -4.77 -9.29 -5.45
C THR C 264 -4.07 -10.63 -5.15
N GLY C 265 -3.60 -11.31 -6.16
CA GLY C 265 -2.92 -12.63 -5.89
C GLY C 265 -3.94 -13.70 -5.39
N LYS C 266 -5.18 -13.60 -5.79
CA LYS C 266 -6.20 -14.59 -5.37
C LYS C 266 -6.84 -15.12 -6.66
N PHE C 267 -6.81 -16.39 -6.85
CA PHE C 267 -7.36 -16.98 -8.12
C PHE C 267 -8.89 -16.81 -8.18
N ASN C 268 -9.56 -16.97 -7.09
CA ASN C 268 -11.04 -16.85 -7.08
C ASN C 268 -11.43 -15.48 -7.59
N THR C 269 -10.63 -14.50 -7.31
CA THR C 269 -10.95 -13.13 -7.77
C THR C 269 -10.56 -13.00 -9.25
N PRO C 270 -11.52 -12.75 -10.10
CA PRO C 270 -11.27 -12.61 -11.57
C PRO C 270 -10.02 -11.77 -11.87
N PRO C 271 -9.19 -12.18 -12.81
CA PRO C 271 -7.94 -11.42 -13.14
C PRO C 271 -8.15 -10.20 -14.08
N ASP C 272 -7.74 -9.00 -13.69
CA ASP C 272 -7.90 -7.86 -14.61
C ASP C 272 -7.29 -8.27 -15.95
N VAL C 273 -7.49 -7.52 -16.98
CA VAL C 273 -6.91 -7.93 -18.30
C VAL C 273 -6.38 -6.70 -19.07
N ASP C 274 -5.38 -6.91 -19.89
CA ASP C 274 -4.82 -5.81 -20.70
C ASP C 274 -4.28 -4.79 -19.73
N GLN C 275 -3.44 -5.22 -18.85
CA GLN C 275 -2.92 -4.24 -17.83
C GLN C 275 -1.53 -3.69 -18.19
N GLU C 276 -1.37 -2.37 -18.22
CA GLU C 276 -0.02 -1.78 -18.49
C GLU C 276 0.83 -1.79 -17.20
N THR C 277 0.24 -1.48 -16.06
CA THR C 277 0.97 -1.45 -14.78
C THR C 277 -0.02 -1.87 -13.69
N TRP C 278 0.31 -2.85 -12.93
CA TRP C 278 -0.63 -3.33 -11.89
C TRP C 278 -0.31 -2.70 -10.55
N PHE C 279 -0.79 -3.28 -9.48
CA PHE C 279 -0.52 -2.72 -8.14
C PHE C 279 -0.63 -3.81 -7.07
N ILE C 280 0.45 -4.07 -6.37
CA ILE C 280 0.44 -5.10 -5.30
C ILE C 280 0.79 -4.39 -4.00
N PRO C 281 -0.12 -4.39 -3.07
CA PRO C 281 0.06 -3.70 -1.75
C PRO C 281 1.01 -4.43 -0.79
N GLY C 282 1.91 -3.70 -0.18
CA GLY C 282 2.83 -4.32 0.79
C GLY C 282 2.07 -5.40 1.54
N GLY C 283 2.72 -6.47 1.82
CA GLY C 283 2.06 -7.60 2.52
C GLY C 283 1.23 -8.42 1.53
N ALA C 284 1.61 -8.50 0.27
CA ALA C 284 0.76 -9.31 -0.67
C ALA C 284 1.52 -9.69 -1.95
N ALA C 285 1.27 -10.86 -2.48
CA ALA C 285 1.94 -11.27 -3.76
C ALA C 285 0.89 -11.45 -4.87
N GLY C 286 1.15 -10.97 -6.06
CA GLY C 286 0.16 -11.11 -7.16
C GLY C 286 0.75 -12.00 -8.26
N ALA C 287 0.15 -11.97 -9.42
CA ALA C 287 0.65 -12.80 -10.55
C ALA C 287 0.13 -12.23 -11.87
N ALA C 288 0.97 -12.20 -12.87
CA ALA C 288 0.56 -11.67 -14.20
C ALA C 288 0.98 -12.67 -15.27
N PHE C 289 0.09 -12.96 -16.17
CA PHE C 289 0.41 -13.94 -17.24
C PHE C 289 0.40 -13.21 -18.57
N TYR C 290 1.38 -13.41 -19.37
CA TYR C 290 1.43 -12.70 -20.67
C TYR C 290 2.12 -13.55 -21.73
N THR C 291 1.61 -13.51 -22.92
CA THR C 291 2.20 -14.27 -24.04
C THR C 291 3.06 -13.32 -24.85
N PHE C 292 4.33 -13.59 -24.92
CA PHE C 292 5.25 -12.70 -25.67
C PHE C 292 4.94 -12.72 -27.16
N GLN C 293 4.96 -11.57 -27.78
CA GLN C 293 4.69 -11.49 -29.24
C GLN C 293 5.88 -10.86 -30.00
N GLN C 294 6.82 -10.25 -29.31
CA GLN C 294 7.98 -9.63 -30.02
C GLN C 294 9.28 -10.00 -29.32
N PRO C 295 10.31 -10.26 -30.09
CA PRO C 295 11.65 -10.64 -29.57
C PRO C 295 12.50 -9.43 -29.22
N GLY C 296 13.41 -9.57 -28.30
CA GLY C 296 14.26 -8.42 -27.92
C GLY C 296 14.43 -8.41 -26.40
N ILE C 297 14.97 -7.35 -25.88
CA ILE C 297 15.17 -7.26 -24.40
C ILE C 297 14.10 -6.34 -23.80
N TYR C 298 13.39 -6.82 -22.82
CA TYR C 298 12.33 -6.01 -22.17
C TYR C 298 12.65 -5.88 -20.68
N ALA C 299 12.46 -4.73 -20.13
CA ALA C 299 12.75 -4.52 -18.69
C ALA C 299 11.47 -4.67 -17.92
N TYR C 300 11.54 -5.22 -16.75
CA TYR C 300 10.29 -5.42 -15.98
C TYR C 300 10.53 -4.79 -14.64
N VAL C 301 9.83 -3.77 -14.28
CA VAL C 301 10.20 -3.19 -12.97
C VAL C 301 9.10 -2.37 -12.34
N ASN C 302 9.35 -1.98 -11.13
CA ASN C 302 8.39 -1.17 -10.37
C ASN C 302 8.27 0.13 -11.12
N HIS C 303 7.10 0.52 -11.45
CA HIS C 303 6.98 1.77 -12.26
C HIS C 303 7.62 2.90 -11.48
N ASN C 304 7.30 3.09 -10.23
CA ASN C 304 8.04 4.19 -9.56
C ASN C 304 9.41 4.31 -10.30
N LEU C 305 9.47 5.10 -11.36
CA LEU C 305 10.71 5.20 -12.18
C LEU C 305 11.91 5.38 -11.27
N ILE C 306 11.75 6.21 -10.31
CA ILE C 306 12.87 6.46 -9.36
C ILE C 306 13.22 5.15 -8.68
N GLU C 307 12.23 4.51 -8.13
CA GLU C 307 12.48 3.19 -7.47
C GLU C 307 13.06 2.16 -8.48
N ALA C 308 12.67 2.21 -9.74
CA ALA C 308 13.20 1.22 -10.73
C ALA C 308 14.58 1.61 -11.35
N PHE C 309 14.95 2.87 -11.43
CA PHE C 309 16.26 3.19 -12.07
C PHE C 309 17.24 3.75 -11.06
N GLU C 310 16.75 4.52 -10.14
CA GLU C 310 17.66 5.12 -9.12
C GLU C 310 17.82 4.21 -7.88
N LEU C 311 16.85 3.39 -7.54
CA LEU C 311 17.01 2.54 -6.33
C LEU C 311 17.53 1.17 -6.73
N GLY C 312 16.95 0.59 -7.74
CA GLY C 312 17.40 -0.76 -8.20
C GLY C 312 16.20 -1.74 -8.41
N ALA C 313 15.00 -1.28 -8.72
CA ALA C 313 13.88 -2.24 -8.95
C ALA C 313 13.68 -2.46 -10.45
N ALA C 314 14.62 -3.07 -11.14
CA ALA C 314 14.44 -3.30 -12.60
C ALA C 314 15.19 -4.55 -13.06
N ALA C 315 14.49 -5.51 -13.63
CA ALA C 315 15.16 -6.74 -14.12
C ALA C 315 15.01 -6.75 -15.63
N HIS C 316 15.46 -7.75 -16.30
CA HIS C 316 15.29 -7.73 -17.79
C HIS C 316 15.06 -9.13 -18.39
N PHE C 317 14.06 -9.27 -19.26
CA PHE C 317 13.83 -10.59 -19.93
C PHE C 317 14.31 -10.55 -21.41
N LYS C 318 15.10 -11.52 -21.83
CA LYS C 318 15.61 -11.59 -23.20
C LYS C 318 14.72 -12.57 -23.91
N VAL C 319 14.19 -12.19 -25.01
CA VAL C 319 13.25 -13.07 -25.71
C VAL C 319 13.73 -13.28 -27.11
N THR C 320 13.60 -14.47 -27.56
CA THR C 320 14.06 -14.79 -28.95
C THR C 320 12.86 -15.03 -29.84
N GLY C 321 13.03 -14.91 -31.13
CA GLY C 321 11.87 -15.14 -32.06
C GLY C 321 11.98 -14.21 -33.28
N GLU C 322 10.89 -14.02 -33.97
CA GLU C 322 10.90 -13.14 -35.17
C GLU C 322 10.09 -11.89 -34.84
N TRP C 323 10.54 -10.77 -35.31
CA TRP C 323 9.84 -9.50 -35.04
C TRP C 323 8.56 -9.46 -35.86
N ASN C 324 7.58 -8.79 -35.34
CA ASN C 324 6.27 -8.67 -36.04
C ASN C 324 6.04 -7.20 -36.36
N ASP C 325 6.17 -6.84 -37.60
CA ASP C 325 6.00 -5.42 -37.99
C ASP C 325 4.55 -5.00 -37.78
N ASP C 326 3.64 -5.87 -38.10
CA ASP C 326 2.20 -5.53 -37.93
C ASP C 326 2.01 -4.85 -36.57
N LEU C 327 2.50 -5.45 -35.53
CA LEU C 327 2.38 -4.86 -34.17
C LEU C 327 3.17 -3.55 -34.08
N MET C 328 4.38 -3.49 -34.59
CA MET C 328 5.14 -2.21 -34.47
C MET C 328 6.25 -2.16 -35.50
N THR C 329 6.39 -1.06 -36.16
CA THR C 329 7.46 -0.95 -37.19
C THR C 329 7.98 0.50 -37.26
N SER C 330 9.28 0.68 -37.36
CA SER C 330 9.84 2.06 -37.46
C SER C 330 9.78 2.51 -38.91
N VAL C 331 8.74 3.22 -39.27
CA VAL C 331 8.60 3.67 -40.68
C VAL C 331 9.82 4.50 -41.06
N LEU C 332 10.17 5.41 -40.22
CA LEU C 332 11.36 6.26 -40.50
C LEU C 332 12.32 6.22 -39.31
N ALA C 333 13.42 5.52 -39.44
CA ALA C 333 14.39 5.43 -38.31
C ALA C 333 14.94 6.83 -38.02
N PRO C 334 15.38 7.04 -36.81
CA PRO C 334 15.93 8.34 -36.37
C PRO C 334 16.94 8.90 -37.38
N SER C 335 16.69 10.05 -37.92
CA SER C 335 17.65 10.63 -38.91
C SER C 335 17.71 12.14 -38.74
N GLY C 336 18.24 12.83 -39.70
CA GLY C 336 18.33 14.31 -39.61
C GLY C 336 17.03 14.93 -40.10
N GLU D 1 20.91 -0.44 49.06
CA GLU D 1 20.63 0.64 48.13
C GLU D 1 19.87 0.14 46.90
N ASN D 2 19.59 1.05 45.98
CA ASN D 2 18.75 0.78 44.83
C ASN D 2 19.55 0.89 43.54
N ILE D 3 19.25 -0.02 42.60
CA ILE D 3 19.91 0.02 41.30
C ILE D 3 18.81 0.06 40.24
N GLU D 4 18.89 1.08 39.39
CA GLU D 4 17.85 1.23 38.38
C GLU D 4 18.28 0.61 37.05
N VAL D 5 17.36 -0.15 36.47
CA VAL D 5 17.64 -0.86 35.21
C VAL D 5 16.56 -0.46 34.21
N HIS D 6 16.93 -0.17 32.97
CA HIS D 6 15.92 0.16 31.97
C HIS D 6 15.75 -0.99 30.96
N MET D 7 14.52 -1.15 30.51
CA MET D 7 14.17 -2.13 29.46
C MET D 7 13.93 -1.35 28.18
N LEU D 8 14.69 -1.67 27.16
CA LEU D 8 14.63 -0.95 25.91
C LEU D 8 14.50 -1.84 24.68
N ASN D 9 13.89 -1.28 23.63
CA ASN D 9 13.80 -1.99 22.35
C ASN D 9 15.14 -1.98 21.66
N LYS D 10 15.95 -0.96 21.94
CA LYS D 10 17.26 -0.88 21.30
C LYS D 10 18.24 -0.16 22.21
N GLY D 11 19.44 -0.68 22.34
CA GLY D 11 20.42 -0.03 23.23
C GLY D 11 21.81 -0.33 22.70
N ALA D 12 22.82 -0.24 23.56
CA ALA D 12 24.19 -0.43 23.14
C ALA D 12 24.46 -1.81 22.55
N GLU D 13 23.89 -2.87 23.12
CA GLU D 13 24.24 -4.17 22.58
C GLU D 13 23.35 -4.63 21.44
N GLY D 14 22.38 -3.83 21.02
CA GLY D 14 21.50 -4.25 19.94
C GLY D 14 20.04 -4.11 20.33
N ALA D 15 19.17 -4.95 19.76
CA ALA D 15 17.75 -4.91 20.03
C ALA D 15 17.43 -5.69 21.32
N MET D 16 16.39 -5.25 21.99
CA MET D 16 15.75 -5.87 23.14
C MET D 16 16.74 -6.09 24.29
N VAL D 17 16.99 -5.04 25.08
CA VAL D 17 18.03 -5.18 26.09
C VAL D 17 17.64 -4.59 27.45
N PHE D 18 18.37 -5.07 28.47
CA PHE D 18 18.28 -4.51 29.82
C PHE D 18 19.54 -3.65 29.92
N GLU D 19 19.44 -2.44 30.46
CA GLU D 19 20.64 -1.60 30.66
C GLU D 19 20.63 -1.10 32.10
N PRO D 20 21.60 -1.46 32.92
CA PRO D 20 22.72 -2.34 32.61
C PRO D 20 22.30 -3.81 32.56
N ALA D 21 23.13 -4.68 31.97
CA ALA D 21 22.71 -6.09 31.90
C ALA D 21 23.48 -6.87 32.95
N TYR D 22 24.39 -6.16 33.62
CA TYR D 22 25.18 -6.80 34.69
C TYR D 22 24.91 -5.96 35.94
N ILE D 23 24.33 -6.54 36.96
CA ILE D 23 23.95 -5.79 38.15
C ILE D 23 24.61 -6.41 39.38
N LYS D 24 25.40 -5.55 40.05
CA LYS D 24 26.12 -6.03 41.24
C LYS D 24 25.38 -5.55 42.48
N ALA D 25 25.00 -6.46 43.37
CA ALA D 25 24.22 -5.97 44.50
C ALA D 25 24.54 -6.75 45.77
N ASN D 26 24.00 -6.31 46.91
CA ASN D 26 24.21 -7.05 48.17
C ASN D 26 22.85 -7.41 48.77
N PRO D 27 22.80 -8.39 49.68
CA PRO D 27 21.51 -8.78 50.30
C PRO D 27 20.81 -7.58 50.94
N GLY D 28 19.53 -7.37 50.66
CA GLY D 28 18.79 -6.24 51.16
C GLY D 28 18.71 -5.13 50.12
N ASP D 29 19.51 -5.12 49.06
CA ASP D 29 19.39 -4.08 48.03
C ASP D 29 18.13 -4.27 47.20
N THR D 30 17.73 -3.22 46.48
CA THR D 30 16.61 -3.37 45.57
C THR D 30 17.10 -3.07 44.15
N VAL D 31 16.45 -3.72 43.20
CA VAL D 31 16.68 -3.52 41.78
C VAL D 31 15.33 -3.07 41.21
N THR D 32 15.34 -1.85 40.65
CA THR D 32 14.12 -1.31 40.06
C THR D 32 14.19 -1.37 38.54
N PHE D 33 13.25 -2.11 37.97
CA PHE D 33 13.19 -2.34 36.53
C PHE D 33 12.17 -1.38 35.92
N ILE D 34 12.62 -0.54 34.99
CA ILE D 34 11.75 0.48 34.40
C ILE D 34 11.57 0.26 32.91
N PRO D 35 10.38 -0.11 32.47
CA PRO D 35 10.21 -0.27 31.01
C PRO D 35 10.12 1.09 30.32
N VAL D 36 11.21 1.52 29.72
CA VAL D 36 11.24 2.81 29.00
C VAL D 36 10.48 2.68 27.69
N ASP D 37 10.58 1.50 27.07
CA ASP D 37 9.74 1.22 25.91
C ASP D 37 8.66 0.23 26.34
N LYS D 38 7.56 0.13 25.61
CA LYS D 38 6.54 -0.84 26.00
C LYS D 38 6.87 -2.24 25.47
N GLY D 39 6.26 -3.26 26.07
CA GLY D 39 6.38 -4.62 25.61
C GLY D 39 7.35 -5.46 26.42
N HIS D 40 7.81 -4.96 27.56
CA HIS D 40 8.81 -5.73 28.34
C HIS D 40 8.38 -6.03 29.77
N ASN D 41 8.97 -7.07 30.37
CA ASN D 41 8.72 -7.45 31.75
C ASN D 41 10.02 -8.09 32.27
N VAL D 42 9.98 -8.66 33.44
CA VAL D 42 11.17 -9.35 33.97
C VAL D 42 10.67 -10.59 34.71
N GLU D 43 11.37 -11.68 34.53
CA GLU D 43 10.99 -12.98 35.09
C GLU D 43 12.25 -13.78 35.43
N SER D 44 12.29 -14.41 36.60
CA SER D 44 13.48 -15.20 36.92
C SER D 44 13.45 -16.46 36.07
N ILE D 45 14.62 -16.96 35.68
CA ILE D 45 14.67 -18.16 34.86
C ILE D 45 14.80 -19.40 35.73
N LYS D 46 14.01 -20.42 35.44
CA LYS D 46 14.03 -21.69 36.24
C LYS D 46 15.44 -22.28 36.35
N ASP D 47 15.81 -22.56 37.56
CA ASP D 47 17.11 -23.14 37.88
C ASP D 47 18.30 -22.25 37.60
N MET D 48 18.01 -20.95 37.42
CA MET D 48 19.12 -20.01 37.24
C MET D 48 19.00 -18.87 38.25
N ILE D 49 18.54 -19.21 39.44
CA ILE D 49 18.52 -18.33 40.60
C ILE D 49 19.02 -19.18 41.77
N PRO D 50 19.53 -18.55 42.81
CA PRO D 50 20.09 -19.34 43.91
C PRO D 50 19.08 -20.20 44.65
N GLU D 51 19.61 -21.28 45.20
CA GLU D 51 18.93 -22.30 45.96
C GLU D 51 17.67 -21.92 46.71
N GLY D 52 17.68 -20.94 47.62
CA GLY D 52 16.50 -20.62 48.40
C GLY D 52 15.79 -19.33 48.07
N ALA D 53 16.02 -18.85 46.85
CA ALA D 53 15.40 -17.57 46.49
C ALA D 53 14.03 -17.83 45.89
N GLU D 54 13.11 -16.89 45.98
CA GLU D 54 11.79 -17.08 45.39
C GLU D 54 11.77 -16.71 43.91
N LYS D 55 10.98 -17.43 43.13
CA LYS D 55 10.83 -17.10 41.71
C LYS D 55 10.01 -15.82 41.60
N PHE D 56 10.14 -15.07 40.50
CA PHE D 56 9.39 -13.83 40.36
C PHE D 56 9.05 -13.55 38.91
N LYS D 57 7.97 -12.82 38.70
CA LYS D 57 7.55 -12.49 37.35
C LYS D 57 6.72 -11.22 37.39
N SER D 58 7.17 -10.21 36.65
CA SER D 58 6.42 -8.95 36.68
C SER D 58 5.39 -8.86 35.56
N LYS D 59 4.45 -7.91 35.59
CA LYS D 59 3.54 -7.78 34.45
C LYS D 59 4.18 -6.94 33.37
N ILE D 60 3.81 -7.15 32.10
CA ILE D 60 4.40 -6.36 31.02
C ILE D 60 4.06 -4.89 31.17
N ASN D 61 5.03 -4.02 30.95
CA ASN D 61 4.89 -2.57 31.03
C ASN D 61 4.90 -1.96 32.42
N GLU D 62 4.90 -2.77 33.47
CA GLU D 62 4.97 -2.26 34.84
C GLU D 62 6.39 -2.08 35.36
N ASN D 63 6.51 -1.06 36.20
CA ASN D 63 7.74 -0.77 36.93
C ASN D 63 7.79 -1.86 38.00
N TYR D 64 8.91 -2.57 38.15
CA TYR D 64 8.91 -3.62 39.17
C TYR D 64 10.11 -3.46 40.09
N VAL D 65 9.88 -3.58 41.40
CA VAL D 65 11.00 -3.45 42.32
C VAL D 65 11.31 -4.83 42.90
N LEU D 66 12.50 -5.33 42.60
CA LEU D 66 12.92 -6.62 43.14
C LEU D 66 13.77 -6.43 44.38
N THR D 67 13.43 -7.10 45.49
CA THR D 67 14.35 -7.07 46.63
C THR D 67 15.20 -8.33 46.61
N VAL D 68 16.51 -8.20 46.71
CA VAL D 68 17.35 -9.40 46.62
C VAL D 68 17.87 -9.74 48.02
N THR D 69 17.69 -11.00 48.38
CA THR D 69 18.09 -11.49 49.70
C THR D 69 19.21 -12.51 49.61
N GLN D 70 18.96 -13.62 48.93
CA GLN D 70 19.99 -14.68 48.85
C GLN D 70 21.17 -14.33 47.95
N PRO D 71 22.39 -14.59 48.42
CA PRO D 71 23.60 -14.36 47.66
C PRO D 71 23.65 -15.40 46.52
N GLY D 72 24.39 -15.05 45.48
CA GLY D 72 24.44 -15.94 44.33
C GLY D 72 24.12 -15.15 43.06
N ALA D 73 24.15 -15.85 41.94
CA ALA D 73 23.85 -15.22 40.65
C ALA D 73 22.42 -15.56 40.27
N TYR D 74 21.79 -14.62 39.56
CA TYR D 74 20.41 -14.73 39.10
C TYR D 74 20.45 -14.31 37.61
N LEU D 75 19.90 -15.18 36.77
CA LEU D 75 19.75 -14.73 35.37
C LEU D 75 18.25 -14.45 35.20
N VAL D 76 17.93 -13.25 34.76
CA VAL D 76 16.53 -12.91 34.55
C VAL D 76 16.33 -12.66 33.06
N LYS D 77 15.09 -12.86 32.63
CA LYS D 77 14.81 -12.60 31.21
C LYS D 77 13.61 -11.66 31.11
N CYS D 78 13.39 -11.17 29.91
CA CYS D 78 12.14 -10.53 29.55
C CYS D 78 11.33 -11.69 28.94
N THR D 79 10.11 -11.94 29.40
CA THR D 79 9.34 -13.10 28.93
C THR D 79 9.14 -13.07 27.42
N PRO D 80 8.62 -12.00 26.85
CA PRO D 80 8.43 -12.01 25.39
C PRO D 80 9.74 -11.99 24.62
N HIS D 81 10.81 -11.33 25.09
CA HIS D 81 11.97 -11.25 24.22
C HIS D 81 13.19 -12.07 24.63
N TYR D 82 12.98 -13.06 25.49
CA TYR D 82 14.06 -13.94 25.89
C TYR D 82 14.76 -14.57 24.70
N ALA D 83 13.96 -15.08 23.75
CA ALA D 83 14.61 -15.70 22.58
C ALA D 83 15.40 -14.72 21.73
N MET D 84 15.21 -13.42 21.86
CA MET D 84 15.96 -12.42 21.13
C MET D 84 17.14 -11.90 21.96
N GLY D 85 17.40 -12.54 23.10
CA GLY D 85 18.58 -12.21 23.88
C GLY D 85 18.34 -11.30 25.06
N MET D 86 17.10 -10.96 25.39
CA MET D 86 16.91 -9.95 26.44
C MET D 86 17.06 -10.54 27.83
N ILE D 87 18.26 -10.42 28.40
CA ILE D 87 18.50 -10.99 29.75
C ILE D 87 19.35 -10.03 30.57
N ALA D 88 19.43 -10.27 31.87
CA ALA D 88 20.36 -9.53 32.71
C ALA D 88 20.85 -10.54 33.76
N LEU D 89 22.05 -10.28 34.26
CA LEU D 89 22.65 -11.13 35.31
C LEU D 89 22.76 -10.26 36.56
N ILE D 90 22.20 -10.76 37.66
CA ILE D 90 22.33 -10.04 38.93
C ILE D 90 23.29 -10.87 39.79
N ALA D 91 24.35 -10.25 40.29
CA ALA D 91 25.31 -10.96 41.14
C ALA D 91 25.19 -10.37 42.55
N VAL D 92 24.76 -11.22 43.47
CA VAL D 92 24.58 -10.85 44.88
C VAL D 92 25.69 -11.39 45.73
N GLY D 93 26.50 -10.50 46.30
CA GLY D 93 27.62 -10.91 47.15
C GLY D 93 28.82 -11.25 46.30
N ASP D 94 29.96 -11.66 46.89
CA ASP D 94 31.12 -11.95 46.03
C ASP D 94 31.16 -13.43 45.64
N SER D 95 31.88 -13.75 44.60
CA SER D 95 32.09 -15.04 43.95
C SER D 95 30.89 -15.96 44.09
N PRO D 96 29.84 -15.60 43.34
CA PRO D 96 28.56 -16.32 43.41
C PRO D 96 28.77 -17.82 43.11
N ALA D 97 28.31 -18.66 44.02
CA ALA D 97 28.57 -20.08 43.94
C ALA D 97 28.00 -20.71 42.67
N ASN D 98 26.90 -20.16 42.19
CA ASN D 98 26.21 -20.79 41.06
C ASN D 98 26.49 -20.18 39.70
N LEU D 99 27.44 -19.25 39.56
CA LEU D 99 27.72 -18.58 38.31
C LEU D 99 28.18 -19.53 37.19
N ASP D 100 29.13 -20.42 37.43
CA ASP D 100 29.61 -21.34 36.39
C ASP D 100 28.48 -22.26 35.94
N GLN D 101 27.63 -22.67 36.87
CA GLN D 101 26.48 -23.51 36.55
C GLN D 101 25.58 -22.72 35.59
N ILE D 102 25.32 -21.45 35.89
CA ILE D 102 24.44 -20.72 34.98
C ILE D 102 25.06 -20.50 33.63
N VAL D 103 26.36 -20.30 33.59
CA VAL D 103 27.00 -20.09 32.27
C VAL D 103 26.93 -21.36 31.44
N SER D 104 27.02 -22.51 32.08
CA SER D 104 26.95 -23.77 31.33
C SER D 104 25.52 -24.19 31.00
N ALA D 105 24.48 -23.69 31.68
CA ALA D 105 23.13 -24.21 31.45
C ALA D 105 22.62 -24.02 30.02
N LYS D 106 21.66 -24.88 29.65
CA LYS D 106 21.09 -24.77 28.32
C LYS D 106 20.27 -23.48 28.16
N LYS D 107 20.50 -22.76 27.09
CA LYS D 107 19.75 -21.53 26.79
C LYS D 107 19.93 -21.17 25.32
N PRO D 108 19.12 -20.27 24.78
CA PRO D 108 19.26 -19.86 23.38
C PRO D 108 20.66 -19.33 23.09
N LYS D 109 21.11 -19.61 21.86
CA LYS D 109 22.46 -19.21 21.46
C LYS D 109 22.67 -17.72 21.59
N ILE D 110 21.65 -16.94 21.22
CA ILE D 110 21.82 -15.49 21.31
C ILE D 110 21.92 -15.07 22.77
N VAL D 111 21.15 -15.74 23.61
CA VAL D 111 21.27 -15.44 25.06
C VAL D 111 22.68 -15.72 25.55
N GLN D 112 23.20 -16.90 25.21
CA GLN D 112 24.54 -17.32 25.63
C GLN D 112 25.59 -16.30 25.20
N GLU D 113 25.50 -15.81 23.96
CA GLU D 113 26.47 -14.84 23.48
C GLU D 113 26.39 -13.53 24.26
N ARG D 114 25.17 -13.08 24.61
CA ARG D 114 25.14 -11.84 25.40
C ARG D 114 25.62 -12.01 26.82
N LEU D 115 25.27 -13.15 27.41
CA LEU D 115 25.70 -13.50 28.77
C LEU D 115 27.23 -13.48 28.84
N GLU D 116 27.86 -14.12 27.85
CA GLU D 116 29.31 -14.19 27.83
C GLU D 116 29.95 -12.82 27.73
N LYS D 117 29.29 -11.96 26.96
CA LYS D 117 29.80 -10.61 26.82
C LYS D 117 29.66 -9.85 28.13
N VAL D 118 28.48 -9.91 28.74
CA VAL D 118 28.30 -9.19 30.00
C VAL D 118 29.22 -9.67 31.10
N ILE D 119 29.53 -10.97 31.15
CA ILE D 119 30.44 -11.41 32.21
C ILE D 119 31.85 -10.92 31.94
N ALA D 120 32.20 -10.79 30.67
CA ALA D 120 33.54 -10.33 30.30
C ALA D 120 33.64 -8.81 30.37
N SER D 121 32.79 -8.19 29.57
CA SER D 121 32.56 -6.81 29.26
C SER D 121 31.25 -6.26 29.83
N ALA D 122 31.19 -6.18 31.15
CA ALA D 122 30.04 -5.64 31.89
C ALA D 122 30.23 -5.87 33.39
N LYS D 123 31.14 -6.77 33.73
CA LYS D 123 31.44 -7.14 35.10
C LYS D 123 31.98 -5.97 35.93
CU CU E . -12.39 20.89 11.44
CU CU F . -12.42 13.59 0.92
GD GD G . -10.19 4.45 25.63
GD GD H . -18.45 -10.20 24.90
GD GD I . -0.15 -31.42 21.44
CU CU J . 13.19 12.78 -22.92
CU CU K . 6.24 3.17 -18.25
GD GD L . -1.43 27.45 -19.96
GD GD M . -20.82 28.25 -21.95
GD GD N . -33.45 28.55 1.67
CU CU O . 13.46 -13.79 11.37
CU CU P . 2.14 -10.38 6.66
GD GD Q . 22.96 -14.51 -5.99
GD GD R . 17.07 -22.12 -22.00
GD GD S . 14.19 -2.23 -42.19
CU CU T . 11.32 -7.37 26.38
N THR A 2 -42.01 13.15 -4.76
CA THR A 2 -42.43 14.59 -4.75
C THR A 2 -42.08 15.24 -3.40
N ALA A 3 -42.38 16.50 -3.23
CA ALA A 3 -42.06 17.18 -1.94
C ALA A 3 -42.91 16.59 -0.81
N ALA A 4 -44.18 16.37 -1.03
CA ALA A 4 -45.04 15.81 0.05
C ALA A 4 -44.52 14.43 0.46
N GLU A 5 -44.10 13.65 -0.50
CA GLU A 5 -43.58 12.29 -0.16
C GLU A 5 -42.33 12.41 0.72
N ILE A 6 -41.42 13.28 0.37
CA ILE A 6 -40.18 13.43 1.19
C ILE A 6 -40.54 13.93 2.59
N ALA A 7 -41.45 14.87 2.68
CA ALA A 7 -41.85 15.40 4.02
C ALA A 7 -42.65 14.35 4.83
N ALA A 8 -43.25 13.38 4.20
CA ALA A 8 -44.04 12.36 4.96
C ALA A 8 -43.16 11.18 5.43
N LEU A 9 -41.93 11.09 4.99
CA LEU A 9 -41.07 9.95 5.44
C LEU A 9 -40.83 10.04 6.96
N PRO A 10 -40.86 8.92 7.65
CA PRO A 10 -40.63 8.89 9.13
C PRO A 10 -39.21 9.32 9.55
N ARG A 11 -39.09 10.18 10.53
CA ARG A 11 -37.77 10.64 11.00
C ARG A 11 -37.45 9.84 12.27
N GLN A 12 -36.26 9.35 12.37
CA GLN A 12 -35.90 8.54 13.57
C GLN A 12 -34.52 8.95 14.07
N LYS A 13 -34.44 9.30 15.30
CA LYS A 13 -33.14 9.72 15.88
C LYS A 13 -32.41 8.47 16.36
N VAL A 14 -31.12 8.47 16.24
CA VAL A 14 -30.32 7.30 16.68
C VAL A 14 -29.15 7.77 17.55
N GLU A 15 -28.93 7.09 18.63
CA GLU A 15 -27.84 7.45 19.55
C GLU A 15 -26.58 6.81 19.00
N LEU A 16 -25.53 7.56 18.95
CA LEU A 16 -24.27 6.99 18.38
C LEU A 16 -23.32 6.49 19.47
N VAL A 17 -22.51 5.50 19.18
CA VAL A 17 -21.56 5.00 20.18
C VAL A 17 -20.19 5.47 19.75
N ASP A 18 -19.19 5.06 20.43
CA ASP A 18 -17.81 5.49 20.04
C ASP A 18 -17.02 4.30 19.47
N PRO A 19 -16.26 4.52 18.43
CA PRO A 19 -15.44 3.45 17.80
C PRO A 19 -14.67 2.63 18.84
N PRO A 20 -14.35 1.41 18.52
CA PRO A 20 -14.69 0.80 17.20
C PRO A 20 -16.11 0.21 17.17
N PHE A 21 -16.86 0.35 18.23
CA PHE A 21 -18.23 -0.20 18.26
C PHE A 21 -19.11 0.53 17.23
N VAL A 22 -20.29 0.05 17.07
CA VAL A 22 -21.24 0.67 16.12
C VAL A 22 -22.59 0.73 16.82
N HIS A 23 -23.37 1.68 16.48
CA HIS A 23 -24.69 1.84 17.12
C HIS A 23 -25.58 0.64 16.80
N ALA A 24 -26.85 0.76 17.08
CA ALA A 24 -27.78 -0.38 16.80
C ALA A 24 -28.44 -0.17 15.43
N HIS A 25 -28.37 -1.17 14.59
CA HIS A 25 -29.00 -1.06 13.24
C HIS A 25 -29.29 -2.46 12.70
N SER A 26 -30.12 -2.56 11.69
CA SER A 26 -30.44 -3.89 11.11
C SER A 26 -29.82 -3.97 9.71
N GLN A 27 -29.31 -5.11 9.36
CA GLN A 27 -28.68 -5.24 8.01
C GLN A 27 -29.76 -4.96 7.01
N VAL A 28 -30.71 -5.83 6.93
CA VAL A 28 -31.84 -5.59 6.00
C VAL A 28 -32.63 -4.37 6.52
N ALA A 29 -33.00 -3.47 5.66
CA ALA A 29 -33.73 -2.25 6.10
C ALA A 29 -35.09 -2.64 6.67
N GLU A 30 -35.48 -1.99 7.72
CA GLU A 30 -36.80 -2.27 8.35
C GLU A 30 -37.76 -1.13 7.99
N GLY A 31 -38.69 -1.39 7.12
CA GLY A 31 -39.64 -0.32 6.71
C GLY A 31 -39.10 0.31 5.44
N GLY A 32 -39.73 1.35 4.99
CA GLY A 32 -39.26 2.01 3.75
C GLY A 32 -38.21 3.07 4.12
N PRO A 33 -37.94 3.95 3.21
CA PRO A 33 -36.94 5.04 3.41
C PRO A 33 -37.28 5.90 4.63
N LYS A 34 -36.30 6.31 5.37
CA LYS A 34 -36.57 7.16 6.57
C LYS A 34 -35.39 8.13 6.84
N VAL A 35 -35.72 9.34 7.23
CA VAL A 35 -34.71 10.37 7.55
C VAL A 35 -34.11 10.04 8.91
N VAL A 36 -32.90 9.59 8.88
CA VAL A 36 -32.18 9.21 10.10
C VAL A 36 -31.54 10.44 10.63
N GLU A 37 -31.72 10.66 11.87
CA GLU A 37 -31.16 11.88 12.49
C GLU A 37 -30.06 11.54 13.49
N PHE A 38 -28.94 12.18 13.35
CA PHE A 38 -27.80 11.96 14.28
C PHE A 38 -27.21 13.32 14.66
N THR A 39 -26.77 13.50 15.88
CA THR A 39 -26.20 14.81 16.30
C THR A 39 -24.82 14.60 16.90
N MET A 40 -23.85 15.35 16.46
CA MET A 40 -22.48 15.19 17.02
C MET A 40 -21.86 16.56 17.36
N VAL A 41 -21.33 16.68 18.56
CA VAL A 41 -20.69 17.94 18.99
C VAL A 41 -19.21 17.77 18.77
N ILE A 42 -18.58 18.77 18.27
CA ILE A 42 -17.13 18.67 17.98
C ILE A 42 -16.35 19.12 19.20
N GLU A 43 -15.32 18.42 19.54
CA GLU A 43 -14.54 18.82 20.74
C GLU A 43 -13.05 18.94 20.41
N GLU A 44 -12.49 20.12 20.54
CA GLU A 44 -11.03 20.28 20.25
C GLU A 44 -10.27 20.17 21.58
N LYS A 45 -9.52 19.11 21.78
CA LYS A 45 -8.80 18.97 23.05
C LYS A 45 -7.46 18.31 22.81
N LYS A 46 -6.69 18.20 23.83
CA LYS A 46 -5.35 17.56 23.69
C LYS A 46 -5.41 16.10 24.14
N ILE A 47 -5.00 15.20 23.29
CA ILE A 47 -5.01 13.76 23.64
C ILE A 47 -3.60 13.17 23.44
N VAL A 48 -3.23 12.24 24.27
CA VAL A 48 -1.93 11.60 24.19
C VAL A 48 -2.06 10.49 23.19
N ILE A 49 -1.05 10.26 22.46
CA ILE A 49 -1.13 9.20 21.40
C ILE A 49 0.18 8.42 21.31
N ASP A 50 0.81 8.18 22.42
CA ASP A 50 2.10 7.41 22.44
C ASP A 50 2.54 7.17 23.91
N ASP A 51 3.18 6.05 24.20
CA ASP A 51 3.62 5.79 25.61
C ASP A 51 4.60 6.88 26.12
N ALA A 52 5.09 7.77 25.29
CA ALA A 52 6.04 8.82 25.77
C ALA A 52 5.30 10.12 26.12
N GLY A 53 4.00 10.11 26.18
CA GLY A 53 3.24 11.37 26.53
C GLY A 53 3.16 12.36 25.34
N THR A 54 3.32 11.91 24.12
CA THR A 54 3.22 12.84 22.96
C THR A 54 1.78 13.34 22.93
N GLU A 55 1.58 14.56 22.60
CA GLU A 55 0.16 15.06 22.61
C GLU A 55 -0.19 15.75 21.29
N VAL A 56 -1.37 15.51 20.79
CA VAL A 56 -1.81 16.18 19.53
C VAL A 56 -3.19 16.86 19.72
N HIS A 57 -3.26 18.16 19.48
CA HIS A 57 -4.54 18.90 19.62
C HIS A 57 -5.53 18.29 18.65
N ALA A 58 -6.30 17.38 19.14
CA ALA A 58 -7.27 16.66 18.28
C ALA A 58 -8.53 17.48 18.05
N MET A 59 -9.07 17.32 16.88
CA MET A 59 -10.31 18.00 16.48
C MET A 59 -11.20 16.82 16.27
N ALA A 60 -12.16 16.65 17.10
CA ALA A 60 -12.86 15.38 16.98
C ALA A 60 -14.32 15.54 16.92
N PHE A 61 -14.87 14.85 16.02
CA PHE A 61 -16.36 14.85 15.90
C PHE A 61 -16.92 13.85 16.92
N ASN A 62 -17.79 14.28 17.80
CA ASN A 62 -18.33 13.34 18.83
C ASN A 62 -17.27 13.09 19.92
N GLY A 63 -16.24 13.90 20.01
CA GLY A 63 -15.18 13.69 21.04
C GLY A 63 -14.38 12.40 20.82
N THR A 64 -14.37 11.81 19.63
CA THR A 64 -13.54 10.56 19.46
C THR A 64 -12.87 10.47 18.06
N VAL A 65 -11.58 10.13 18.01
CA VAL A 65 -10.88 9.95 16.72
C VAL A 65 -10.70 8.45 16.54
N PRO A 66 -11.26 7.91 15.50
CA PRO A 66 -12.02 8.68 14.50
C PRO A 66 -13.49 8.87 14.86
N GLY A 67 -14.13 9.87 14.33
CA GLY A 67 -15.56 10.10 14.63
C GLY A 67 -16.27 8.75 14.66
N PRO A 68 -17.51 8.76 15.03
CA PRO A 68 -18.34 7.52 15.11
C PRO A 68 -18.90 7.10 13.75
N LEU A 69 -19.09 5.82 13.55
CA LEU A 69 -19.63 5.35 12.24
C LEU A 69 -21.18 5.40 12.25
N MET A 70 -21.76 6.19 11.38
CA MET A 70 -23.23 6.28 11.29
C MET A 70 -23.66 5.25 10.26
N VAL A 71 -24.74 4.62 10.48
CA VAL A 71 -25.17 3.57 9.51
C VAL A 71 -26.65 3.72 9.12
N VAL A 72 -26.88 3.87 7.85
CA VAL A 72 -28.26 3.97 7.31
C VAL A 72 -28.32 3.07 6.06
N HIS A 73 -29.46 2.99 5.42
CA HIS A 73 -29.56 2.14 4.22
C HIS A 73 -29.60 3.04 2.98
N GLN A 74 -29.51 2.44 1.83
CA GLN A 74 -29.53 3.21 0.57
C GLN A 74 -30.93 3.78 0.38
N ASP A 75 -31.00 5.02 0.03
CA ASP A 75 -32.34 5.66 -0.16
C ASP A 75 -32.67 6.50 1.08
N ASP A 76 -32.32 6.04 2.25
CA ASP A 76 -32.61 6.80 3.47
C ASP A 76 -31.79 8.10 3.47
N TYR A 77 -32.29 9.12 4.10
CA TYR A 77 -31.58 10.42 4.15
C TYR A 77 -30.95 10.62 5.53
N LEU A 78 -29.71 10.99 5.55
CA LEU A 78 -29.00 11.22 6.82
C LEU A 78 -29.10 12.70 7.14
N GLU A 79 -29.57 13.01 8.30
CA GLU A 79 -29.74 14.42 8.72
C GLU A 79 -28.91 14.59 9.95
N LEU A 80 -27.86 15.31 9.84
CA LEU A 80 -26.97 15.41 11.03
C LEU A 80 -26.87 16.84 11.56
N THR A 81 -27.22 17.00 12.81
CA THR A 81 -27.10 18.34 13.47
C THR A 81 -25.70 18.41 14.11
N LEU A 82 -24.83 19.23 13.58
CA LEU A 82 -23.48 19.35 14.10
C LEU A 82 -23.45 20.54 14.99
N ILE A 83 -22.64 20.51 15.95
CA ILE A 83 -22.58 21.64 16.91
C ILE A 83 -21.13 21.94 17.28
N ASN A 84 -20.75 23.17 17.15
CA ASN A 84 -19.36 23.59 17.51
C ASN A 84 -19.46 24.52 18.71
N PRO A 85 -19.20 24.00 19.87
CA PRO A 85 -19.29 24.74 21.16
C PRO A 85 -18.53 26.07 21.16
N GLU A 86 -18.99 27.01 21.94
CA GLU A 86 -18.28 28.32 22.00
C GLU A 86 -16.87 28.12 22.58
N THR A 87 -16.66 27.10 23.37
CA THR A 87 -15.30 26.87 23.96
C THR A 87 -14.27 26.63 22.86
N ASN A 88 -14.68 26.03 21.77
CA ASN A 88 -13.71 25.74 20.67
C ASN A 88 -13.18 27.06 20.10
N THR A 89 -12.09 27.01 19.39
CA THR A 89 -11.52 28.26 18.81
C THR A 89 -11.31 28.15 17.28
N LEU A 90 -11.80 27.12 16.62
CA LEU A 90 -11.59 27.04 15.13
C LEU A 90 -12.91 26.67 14.42
N MET A 91 -13.24 27.36 13.35
CA MET A 91 -14.49 27.02 12.61
C MET A 91 -14.29 25.68 11.89
N HIS A 92 -15.30 24.84 11.86
CA HIS A 92 -15.16 23.53 11.17
C HIS A 92 -16.17 23.40 10.03
N ASN A 93 -16.49 22.19 9.70
CA ASN A 93 -17.46 21.89 8.60
C ASN A 93 -17.38 20.38 8.32
N ILE A 94 -18.39 19.78 7.72
CA ILE A 94 -18.32 18.31 7.46
C ILE A 94 -18.65 17.99 6.00
N ASP A 95 -17.80 17.22 5.36
CA ASP A 95 -18.05 16.82 3.94
C ASP A 95 -18.17 15.29 3.89
N PHE A 96 -19.34 14.77 3.63
CA PHE A 96 -19.51 13.29 3.59
C PHE A 96 -19.36 12.78 2.15
N HIS A 97 -18.36 12.00 1.91
CA HIS A 97 -18.14 11.43 0.55
C HIS A 97 -19.43 10.76 0.03
N ALA A 98 -20.26 10.23 0.91
CA ALA A 98 -21.51 9.55 0.46
C ALA A 98 -22.62 10.54 0.08
N ALA A 99 -22.34 11.82 0.04
CA ALA A 99 -23.38 12.81 -0.34
C ALA A 99 -23.04 13.39 -1.71
N THR A 100 -23.96 14.11 -2.31
CA THR A 100 -23.68 14.70 -3.65
C THR A 100 -24.12 16.17 -3.70
N GLY A 101 -23.18 17.07 -3.84
CA GLY A 101 -23.51 18.55 -3.93
C GLY A 101 -22.92 19.35 -2.75
N ALA A 102 -22.36 20.53 -3.01
CA ALA A 102 -21.80 21.35 -1.88
C ALA A 102 -20.53 20.72 -1.30
N LEU A 103 -19.61 20.30 -2.13
CA LEU A 103 -18.33 19.73 -1.61
C LEU A 103 -18.61 18.66 -0.57
N GLY A 104 -19.67 17.92 -0.75
CA GLY A 104 -20.00 16.84 0.23
C GLY A 104 -20.61 17.43 1.50
N GLY A 105 -21.23 18.57 1.40
CA GLY A 105 -21.86 19.20 2.61
C GLY A 105 -20.92 20.21 3.29
N GLY A 106 -19.67 20.32 2.90
CA GLY A 106 -18.75 21.29 3.56
C GLY A 106 -19.15 22.74 3.24
N GLY A 107 -19.66 22.99 2.05
CA GLY A 107 -20.04 24.39 1.68
C GLY A 107 -21.31 24.85 2.44
N LEU A 108 -22.02 23.96 3.07
CA LEU A 108 -23.27 24.39 3.80
C LEU A 108 -23.20 23.93 5.27
N THR A 109 -22.03 23.82 5.82
CA THR A 109 -21.89 23.40 7.24
C THR A 109 -20.73 24.14 7.95
N GLU A 110 -20.30 25.28 7.45
CA GLU A 110 -19.21 26.04 8.11
C GLU A 110 -19.78 26.67 9.37
N ILE A 111 -19.37 26.20 10.51
CA ILE A 111 -19.94 26.76 11.76
C ILE A 111 -18.81 27.18 12.68
N ASN A 112 -18.81 28.42 13.06
CA ASN A 112 -17.73 28.91 13.98
C ASN A 112 -18.17 28.69 15.42
N PRO A 113 -17.24 28.67 16.34
CA PRO A 113 -17.54 28.48 17.78
C PRO A 113 -18.85 29.16 18.20
N GLY A 114 -19.75 28.43 18.80
CA GLY A 114 -21.05 29.03 19.21
C GLY A 114 -22.10 28.87 18.10
N GLU A 115 -21.85 28.03 17.12
CA GLU A 115 -22.87 27.87 16.03
C GLU A 115 -23.09 26.38 15.67
N LYS A 116 -24.33 26.00 15.38
CA LYS A 116 -24.62 24.59 14.98
C LYS A 116 -25.58 24.59 13.77
N THR A 117 -25.51 23.61 12.91
CA THR A 117 -26.41 23.61 11.75
C THR A 117 -26.99 22.22 11.59
N ILE A 118 -27.73 22.04 10.56
CA ILE A 118 -28.34 20.71 10.30
C ILE A 118 -28.34 20.48 8.79
N LEU A 119 -27.66 19.47 8.34
CA LEU A 119 -27.61 19.21 6.87
C LEU A 119 -28.16 17.82 6.57
N ARG A 120 -29.05 17.74 5.63
CA ARG A 120 -29.64 16.41 5.27
C ARG A 120 -29.30 16.06 3.81
N PHE A 121 -28.87 14.84 3.57
CA PHE A 121 -28.53 14.41 2.19
C PHE A 121 -29.06 12.98 1.97
N LYS A 122 -29.47 12.69 0.77
CA LYS A 122 -30.00 11.34 0.44
C LYS A 122 -28.84 10.39 0.15
N ALA A 123 -28.82 9.29 0.82
CA ALA A 123 -27.76 8.28 0.63
C ALA A 123 -28.16 7.49 -0.58
N THR A 124 -27.68 7.91 -1.69
CA THR A 124 -28.12 7.25 -2.98
C THR A 124 -27.21 6.08 -3.41
N LYS A 125 -26.08 5.89 -2.80
CA LYS A 125 -25.19 4.78 -3.21
C LYS A 125 -24.81 3.96 -1.99
N PRO A 126 -24.80 2.68 -2.13
CA PRO A 126 -24.47 1.75 -1.02
C PRO A 126 -22.95 1.52 -0.85
N GLY A 127 -22.47 1.56 0.36
CA GLY A 127 -21.01 1.33 0.56
C GLY A 127 -20.47 2.23 1.67
N VAL A 128 -19.39 1.81 2.30
CA VAL A 128 -18.79 2.61 3.37
C VAL A 128 -18.13 3.82 2.73
N PHE A 129 -18.14 4.92 3.40
CA PHE A 129 -17.54 6.12 2.81
C PHE A 129 -16.93 6.93 3.93
N VAL A 130 -15.89 7.65 3.66
CA VAL A 130 -15.26 8.45 4.77
C VAL A 130 -15.75 9.93 4.81
N TYR A 131 -16.17 10.41 5.97
CA TYR A 131 -16.59 11.82 6.11
C TYR A 131 -15.44 12.54 6.82
N HIS A 132 -15.29 13.82 6.61
CA HIS A 132 -14.15 14.53 7.26
C HIS A 132 -14.34 16.05 7.18
N CYS A 133 -13.94 16.78 8.19
CA CYS A 133 -14.09 18.26 8.17
C CYS A 133 -13.09 18.84 7.18
N ALA A 134 -13.43 19.90 6.50
CA ALA A 134 -12.47 20.45 5.51
C ALA A 134 -12.71 21.92 5.25
N PRO A 135 -12.39 22.75 6.19
CA PRO A 135 -12.54 24.23 6.06
C PRO A 135 -11.62 24.78 4.97
N PRO A 136 -12.18 25.46 4.01
CA PRO A 136 -11.41 26.03 2.87
C PRO A 136 -10.05 26.61 3.28
N GLY A 137 -8.97 26.08 2.74
CA GLY A 137 -7.62 26.63 3.08
C GLY A 137 -6.93 25.83 4.22
N MET A 138 -7.64 25.05 4.98
CA MET A 138 -6.98 24.30 6.08
C MET A 138 -7.54 22.89 6.12
N VAL A 139 -7.79 22.34 4.97
CA VAL A 139 -8.36 20.96 4.91
C VAL A 139 -7.41 19.94 5.56
N PRO A 140 -6.25 19.72 4.98
CA PRO A 140 -5.25 18.74 5.47
C PRO A 140 -4.97 18.85 6.97
N TRP A 141 -5.03 20.03 7.51
CA TRP A 141 -4.75 20.17 8.97
C TRP A 141 -5.90 19.59 9.80
N HIS A 142 -7.10 19.96 9.47
CA HIS A 142 -8.28 19.45 10.22
C HIS A 142 -8.39 17.92 10.11
N VAL A 143 -8.07 17.36 8.98
CA VAL A 143 -8.19 15.88 8.82
C VAL A 143 -7.07 15.18 9.60
N VAL A 144 -5.86 15.62 9.44
CA VAL A 144 -4.73 14.97 10.15
C VAL A 144 -4.93 15.11 11.67
N SER A 145 -5.56 16.18 12.09
CA SER A 145 -5.78 16.37 13.55
C SER A 145 -6.77 15.32 14.09
N GLY A 146 -7.30 14.50 13.22
CA GLY A 146 -8.26 13.45 13.69
C GLY A 146 -9.72 13.91 13.47
N MET A 147 -9.98 14.78 12.52
CA MET A 147 -11.38 15.22 12.28
C MET A 147 -11.96 14.45 11.08
N ASN A 148 -12.15 13.18 11.23
CA ASN A 148 -12.70 12.37 10.11
C ASN A 148 -13.14 10.99 10.63
N GLY A 149 -14.14 10.44 10.02
CA GLY A 149 -14.67 9.09 10.44
C GLY A 149 -15.21 8.36 9.20
N ALA A 150 -16.37 7.74 9.29
CA ALA A 150 -16.93 7.03 8.10
C ALA A 150 -18.37 6.57 8.34
N ILE A 151 -19.18 6.57 7.32
CA ILE A 151 -20.59 6.11 7.47
C ILE A 151 -20.84 4.91 6.54
N MET A 152 -21.68 4.00 6.94
CA MET A 152 -21.96 2.80 6.08
C MET A 152 -23.41 2.80 5.60
N VAL A 153 -23.61 2.92 4.32
CA VAL A 153 -24.98 2.90 3.76
C VAL A 153 -25.19 1.51 3.23
N LEU A 154 -25.89 0.71 3.95
CA LEU A 154 -26.03 -0.72 3.52
C LEU A 154 -27.22 -0.92 2.58
N PRO A 155 -27.05 -1.75 1.57
CA PRO A 155 -28.14 -2.07 0.63
C PRO A 155 -29.44 -2.40 1.39
N ARG A 156 -30.56 -1.98 0.89
CA ARG A 156 -31.85 -2.25 1.60
C ARG A 156 -31.99 -3.74 1.91
N GLU A 157 -31.46 -4.58 1.06
CA GLU A 157 -31.57 -6.06 1.30
C GLU A 157 -30.34 -6.62 2.04
N GLY A 158 -29.52 -5.78 2.63
CA GLY A 158 -28.33 -6.30 3.36
C GLY A 158 -27.16 -6.47 2.39
N LEU A 159 -26.12 -7.15 2.82
CA LEU A 159 -24.95 -7.36 1.92
C LEU A 159 -24.95 -8.78 1.34
N HIS A 160 -24.49 -8.94 0.12
CA HIS A 160 -24.44 -10.27 -0.51
C HIS A 160 -23.10 -10.42 -1.24
N ASP A 161 -22.72 -11.61 -1.58
CA ASP A 161 -21.43 -11.82 -2.29
C ASP A 161 -21.56 -11.43 -3.77
N GLY A 162 -20.69 -11.92 -4.62
CA GLY A 162 -20.76 -11.57 -6.07
C GLY A 162 -21.84 -12.42 -6.78
N LYS A 163 -22.22 -13.54 -6.22
CA LYS A 163 -23.26 -14.40 -6.90
C LYS A 163 -24.67 -14.13 -6.32
N GLY A 164 -24.83 -13.16 -5.46
CA GLY A 164 -26.20 -12.88 -4.89
C GLY A 164 -26.42 -13.55 -3.50
N LYS A 165 -25.57 -14.44 -3.06
CA LYS A 165 -25.76 -15.09 -1.75
C LYS A 165 -25.71 -14.05 -0.64
N ALA A 166 -26.60 -14.14 0.30
CA ALA A 166 -26.61 -13.14 1.42
C ALA A 166 -25.44 -13.38 2.40
N LEU A 167 -24.77 -12.33 2.78
CA LEU A 167 -23.64 -12.40 3.74
C LEU A 167 -24.06 -11.58 4.96
N THR A 168 -24.36 -12.24 6.03
CA THR A 168 -24.85 -11.55 7.23
C THR A 168 -23.80 -11.68 8.29
N TYR A 169 -23.43 -10.60 8.84
CA TYR A 169 -22.35 -10.63 9.87
C TYR A 169 -22.95 -10.61 11.28
N ASP A 170 -22.36 -11.34 12.20
CA ASP A 170 -22.86 -11.35 13.60
C ASP A 170 -22.38 -10.09 14.35
N LYS A 171 -21.25 -9.54 13.97
CA LYS A 171 -20.73 -8.33 14.67
C LYS A 171 -19.96 -7.48 13.68
N ILE A 172 -19.88 -6.20 13.92
CA ILE A 172 -19.13 -5.30 12.99
C ILE A 172 -18.35 -4.26 13.80
N TYR A 173 -17.11 -4.06 13.46
CA TYR A 173 -16.28 -3.06 14.16
C TYR A 173 -15.74 -2.07 13.14
N TYR A 174 -15.54 -0.85 13.56
CA TYR A 174 -15.02 0.19 12.62
C TYR A 174 -13.66 0.67 13.13
N VAL A 175 -12.64 0.43 12.37
CA VAL A 175 -11.27 0.84 12.78
C VAL A 175 -10.80 2.00 11.90
N GLY A 176 -10.83 3.19 12.41
CA GLY A 176 -10.38 4.37 11.65
C GLY A 176 -8.88 4.55 11.89
N GLU A 177 -8.14 4.65 10.85
CA GLU A 177 -6.68 4.79 10.96
C GLU A 177 -6.38 6.26 10.81
N GLN A 178 -5.40 6.72 11.51
CA GLN A 178 -5.10 8.18 11.42
C GLN A 178 -3.60 8.41 11.41
N ASP A 179 -3.10 9.04 10.37
CA ASP A 179 -1.64 9.34 10.31
C ASP A 179 -1.40 10.76 10.85
N PHE A 180 -0.68 10.90 11.93
CA PHE A 180 -0.43 12.23 12.48
C PHE A 180 0.92 12.75 12.00
N TYR A 181 1.23 13.93 12.37
CA TYR A 181 2.51 14.57 11.98
C TYR A 181 2.88 15.51 13.11
N VAL A 182 3.55 15.00 14.09
CA VAL A 182 3.86 15.82 15.29
C VAL A 182 5.23 16.44 15.15
N PRO A 183 5.29 17.72 15.34
CA PRO A 183 6.58 18.48 15.24
C PRO A 183 7.56 18.13 16.39
N ARG A 184 8.83 17.96 16.07
CA ARG A 184 9.85 17.64 17.11
C ARG A 184 10.90 18.75 17.13
N ASP A 185 11.49 19.01 18.25
CA ASP A 185 12.52 20.09 18.33
C ASP A 185 13.81 19.62 17.67
N GLU A 186 14.91 20.27 17.96
CA GLU A 186 16.21 19.86 17.35
C GLU A 186 16.73 18.56 17.98
N ASN A 187 16.43 18.31 19.23
CA ASN A 187 16.92 17.06 19.89
C ASN A 187 16.07 15.83 19.55
N GLY A 188 15.01 15.98 18.77
CA GLY A 188 14.17 14.80 18.43
C GLY A 188 13.02 14.59 19.45
N LYS A 189 12.75 15.53 20.32
CA LYS A 189 11.64 15.37 21.30
C LYS A 189 10.37 16.03 20.76
N TYR A 190 9.26 15.35 20.84
CA TYR A 190 7.99 15.91 20.34
C TYR A 190 7.74 17.23 21.05
N LYS A 191 7.20 18.17 20.36
CA LYS A 191 6.94 19.50 20.99
C LYS A 191 5.44 19.64 21.34
N LYS A 192 5.16 20.29 22.44
CA LYS A 192 3.75 20.50 22.84
C LYS A 192 3.45 21.99 22.73
N TYR A 193 2.22 22.34 22.64
CA TYR A 193 1.87 23.77 22.51
C TYR A 193 0.70 24.07 23.42
N GLU A 194 0.35 25.30 23.51
CA GLU A 194 -0.78 25.70 24.39
C GLU A 194 -2.11 25.59 23.63
N ALA A 195 -2.19 26.10 22.42
CA ALA A 195 -3.46 26.02 21.67
C ALA A 195 -3.24 25.28 20.37
N PRO A 196 -4.29 25.04 19.65
CA PRO A 196 -4.24 24.32 18.34
C PRO A 196 -3.56 25.13 17.22
N GLY A 197 -3.74 26.43 17.18
CA GLY A 197 -3.10 27.24 16.09
C GLY A 197 -1.60 27.39 16.33
N ASP A 198 -1.17 27.40 17.55
CA ASP A 198 0.29 27.57 17.84
C ASP A 198 1.11 26.48 17.13
N ALA A 199 0.53 25.35 16.86
CA ALA A 199 1.30 24.25 16.18
C ALA A 199 0.90 24.12 14.70
N TYR A 200 0.35 25.14 14.11
CA TYR A 200 -0.03 25.06 12.66
C TYR A 200 1.21 25.13 11.72
N GLU A 201 2.11 26.07 11.91
CA GLU A 201 3.28 26.17 10.98
C GLU A 201 4.20 24.96 11.14
N ASP A 202 4.51 24.61 12.36
CA ASP A 202 5.42 23.45 12.58
C ASP A 202 4.78 22.16 12.08
N THR A 203 3.49 22.03 12.19
CA THR A 203 2.82 20.79 11.73
C THR A 203 2.84 20.74 10.21
N VAL A 204 2.52 21.82 9.57
CA VAL A 204 2.54 21.84 8.08
C VAL A 204 3.91 21.37 7.59
N LYS A 205 4.95 21.86 8.19
CA LYS A 205 6.31 21.43 7.76
C LYS A 205 6.40 19.91 7.81
N VAL A 206 5.96 19.31 8.88
CA VAL A 206 6.01 17.83 8.99
C VAL A 206 5.09 17.18 7.94
N MET A 207 3.92 17.73 7.74
CA MET A 207 2.98 17.14 6.73
C MET A 207 3.60 17.18 5.33
N ARG A 208 4.33 18.20 4.99
CA ARG A 208 4.94 18.30 3.64
C ARG A 208 5.85 17.10 3.41
N THR A 209 6.55 16.69 4.42
CA THR A 209 7.48 15.53 4.27
C THR A 209 6.71 14.26 3.84
N LEU A 210 5.40 14.26 3.91
CA LEU A 210 4.63 13.05 3.52
C LEU A 210 5.06 11.87 4.37
N THR A 211 5.55 12.11 5.56
CA THR A 211 5.99 10.98 6.43
C THR A 211 5.38 11.18 7.82
N PRO A 212 4.36 10.42 8.13
CA PRO A 212 3.66 10.53 9.46
C PRO A 212 4.51 10.02 10.64
N THR A 213 4.62 10.79 11.70
CA THR A 213 5.41 10.33 12.87
C THR A 213 4.67 9.17 13.57
N HIS A 214 3.36 9.08 13.43
CA HIS A 214 2.62 7.98 14.09
C HIS A 214 1.37 7.64 13.26
N VAL A 215 1.15 6.37 13.03
CA VAL A 215 -0.04 5.95 12.25
C VAL A 215 -0.77 5.00 13.14
N VAL A 216 -1.94 5.30 13.55
CA VAL A 216 -2.56 4.36 14.52
C VAL A 216 -4.03 4.15 14.27
N PHE A 217 -4.60 3.35 15.11
CA PHE A 217 -6.06 3.07 14.98
C PHE A 217 -6.78 3.46 16.27
N ASN A 218 -7.91 4.09 16.16
CA ASN A 218 -8.66 4.51 17.39
C ASN A 218 -8.09 5.80 18.02
N GLY A 219 -7.11 6.43 17.39
CA GLY A 219 -6.54 7.68 17.97
C GLY A 219 -5.32 7.45 18.93
N ALA A 220 -4.69 6.30 18.98
CA ALA A 220 -3.51 6.16 19.90
C ALA A 220 -2.79 4.81 19.70
N VAL A 221 -1.48 4.81 19.72
CA VAL A 221 -0.75 3.52 19.55
C VAL A 221 -1.21 2.55 20.65
N GLY A 222 -1.61 1.37 20.28
CA GLY A 222 -2.11 0.40 21.31
C GLY A 222 -3.57 0.69 21.76
N ALA A 223 -4.35 1.46 21.01
CA ALA A 223 -5.75 1.72 21.44
C ALA A 223 -6.64 0.46 21.27
N LEU A 224 -6.32 -0.44 20.36
CA LEU A 224 -7.17 -1.64 20.16
C LEU A 224 -6.37 -2.91 20.46
N THR A 225 -5.45 -2.83 21.37
CA THR A 225 -4.62 -4.03 21.71
C THR A 225 -4.60 -4.19 23.23
N GLY A 226 -4.35 -5.39 23.71
CA GLY A 226 -4.29 -5.63 25.17
C GLY A 226 -5.71 -5.89 25.68
N ASP A 227 -6.14 -5.15 26.66
CA ASP A 227 -7.53 -5.34 27.19
C ASP A 227 -8.56 -4.73 26.23
N LYS A 228 -8.14 -3.88 25.32
CA LYS A 228 -9.12 -3.25 24.38
C LYS A 228 -9.13 -4.00 23.04
N ALA A 229 -8.56 -5.18 22.98
CA ALA A 229 -8.54 -5.93 21.70
C ALA A 229 -9.98 -6.37 21.35
N MET A 230 -10.37 -6.23 20.10
CA MET A 230 -11.74 -6.63 19.74
C MET A 230 -11.97 -8.05 20.24
N THR A 231 -13.01 -8.65 19.79
CA THR A 231 -13.32 -10.05 20.21
C THR A 231 -14.14 -10.76 19.10
N ALA A 232 -14.00 -12.07 19.02
CA ALA A 232 -14.72 -12.89 18.02
C ALA A 232 -14.56 -14.36 18.39
N ALA A 233 -15.54 -15.19 18.12
CA ALA A 233 -15.42 -16.62 18.48
C ALA A 233 -15.48 -17.48 17.22
N VAL A 234 -14.80 -18.59 17.23
CA VAL A 234 -14.79 -19.48 16.05
C VAL A 234 -16.21 -19.67 15.57
N GLY A 235 -16.42 -19.53 14.30
CA GLY A 235 -17.80 -19.68 13.75
C GLY A 235 -18.54 -18.32 13.69
N GLU A 236 -17.91 -17.25 14.12
CA GLU A 236 -18.58 -15.92 14.10
C GLU A 236 -18.15 -15.17 12.83
N LYS A 237 -19.08 -14.49 12.23
CA LYS A 237 -18.80 -13.73 11.00
C LYS A 237 -18.66 -12.28 11.42
N VAL A 238 -17.62 -11.65 11.04
CA VAL A 238 -17.44 -10.26 11.50
C VAL A 238 -17.02 -9.35 10.36
N LEU A 239 -17.66 -8.23 10.25
CA LEU A 239 -17.33 -7.25 9.20
C LEU A 239 -16.46 -6.16 9.82
N ILE A 240 -15.33 -5.88 9.24
CA ILE A 240 -14.42 -4.86 9.79
C ILE A 240 -14.28 -3.70 8.80
N VAL A 241 -14.92 -2.62 9.10
CA VAL A 241 -14.86 -1.43 8.23
C VAL A 241 -13.63 -0.64 8.61
N HIS A 242 -12.90 -0.20 7.65
CA HIS A 242 -11.66 0.55 7.95
C HIS A 242 -11.64 1.78 7.07
N SER A 243 -11.20 2.87 7.61
CA SER A 243 -11.16 4.13 6.82
C SER A 243 -9.83 4.88 7.02
N GLN A 244 -9.45 5.61 6.02
CA GLN A 244 -8.21 6.44 6.02
C GLN A 244 -8.56 7.67 5.18
N ALA A 245 -8.78 8.77 5.83
CA ALA A 245 -9.24 10.00 5.09
C ALA A 245 -8.12 10.78 4.38
N ASN A 246 -6.89 10.45 4.61
CA ASN A 246 -5.79 11.21 3.94
C ASN A 246 -4.47 10.39 3.90
N ARG A 247 -4.56 9.11 3.66
CA ARG A 247 -3.32 8.27 3.59
C ARG A 247 -3.69 6.85 3.11
N ASP A 248 -2.98 6.28 2.16
CA ASP A 248 -3.35 4.89 1.71
C ASP A 248 -2.81 3.82 2.68
N THR A 249 -3.63 2.85 3.06
CA THR A 249 -3.16 1.78 3.96
C THR A 249 -3.33 0.44 3.25
N ARG A 250 -3.10 -0.61 3.96
CA ARG A 250 -3.24 -1.99 3.38
C ARG A 250 -3.52 -2.96 4.53
N PRO A 251 -4.77 -3.09 4.88
CA PRO A 251 -5.23 -3.95 6.00
C PRO A 251 -4.85 -5.42 5.84
N HIS A 252 -4.59 -6.08 6.94
CA HIS A 252 -4.23 -7.53 6.90
C HIS A 252 -4.47 -8.19 8.29
N LEU A 253 -5.34 -9.18 8.35
CA LEU A 253 -5.61 -9.90 9.63
C LEU A 253 -4.61 -11.04 9.76
N ILE A 254 -3.67 -10.87 10.64
CA ILE A 254 -2.61 -11.88 10.85
C ILE A 254 -3.26 -13.15 11.37
N GLY A 255 -3.07 -14.20 10.68
CA GLY A 255 -3.67 -15.49 11.10
C GLY A 255 -5.01 -15.73 10.38
N GLY A 256 -5.57 -14.72 9.75
CA GLY A 256 -6.86 -14.93 9.05
C GLY A 256 -6.78 -14.34 7.64
N HIS A 257 -7.90 -13.95 7.10
CA HIS A 257 -7.90 -13.37 5.73
C HIS A 257 -9.28 -12.75 5.44
N GLY A 258 -9.34 -11.84 4.53
CA GLY A 258 -10.64 -11.18 4.19
C GLY A 258 -11.39 -12.11 3.24
N ASP A 259 -12.34 -12.82 3.75
CA ASP A 259 -13.10 -13.77 2.89
C ASP A 259 -13.67 -13.00 1.72
N TYR A 260 -14.37 -11.96 2.03
CA TYR A 260 -14.96 -11.08 0.98
C TYR A 260 -14.57 -9.66 1.35
N VAL A 261 -13.94 -8.94 0.47
CA VAL A 261 -13.50 -7.57 0.86
C VAL A 261 -13.84 -6.54 -0.21
N TRP A 262 -14.77 -5.68 0.09
CA TRP A 262 -15.11 -4.58 -0.86
C TRP A 262 -14.02 -3.55 -0.67
N ALA A 263 -12.94 -3.75 -1.35
CA ALA A 263 -11.73 -2.87 -1.16
C ALA A 263 -12.10 -1.44 -1.42
N THR A 264 -12.82 -1.23 -2.45
CA THR A 264 -13.21 0.16 -2.82
C THR A 264 -14.27 0.69 -1.85
N GLY A 265 -14.81 -0.15 -1.01
CA GLY A 265 -15.86 0.33 -0.04
C GLY A 265 -17.23 0.58 -0.74
N LYS A 266 -17.44 0.00 -1.89
CA LYS A 266 -18.72 0.17 -2.62
C LYS A 266 -19.38 -1.21 -2.71
N PHE A 267 -20.60 -1.31 -2.34
CA PHE A 267 -21.28 -2.65 -2.36
C PHE A 267 -21.59 -3.07 -3.80
N ASN A 268 -21.97 -2.14 -4.62
CA ASN A 268 -22.30 -2.48 -6.04
C ASN A 268 -21.09 -3.15 -6.69
N THR A 269 -19.92 -2.77 -6.30
CA THR A 269 -18.70 -3.37 -6.90
C THR A 269 -18.42 -4.71 -6.22
N PRO A 270 -18.44 -5.76 -6.99
CA PRO A 270 -18.21 -7.14 -6.45
C PRO A 270 -17.04 -7.19 -5.45
N PRO A 271 -17.19 -7.89 -4.35
CA PRO A 271 -16.10 -7.97 -3.32
C PRO A 271 -14.99 -8.99 -3.64
N ASP A 272 -13.73 -8.58 -3.74
CA ASP A 272 -12.67 -9.58 -4.00
C ASP A 272 -12.87 -10.70 -3.00
N VAL A 273 -12.17 -11.78 -3.14
CA VAL A 273 -12.37 -12.90 -2.17
C VAL A 273 -11.02 -13.59 -1.86
N ASP A 274 -10.91 -14.13 -0.68
CA ASP A 274 -9.66 -14.84 -0.29
C ASP A 274 -8.56 -13.82 -0.32
N GLN A 275 -8.74 -12.74 0.40
CA GLN A 275 -7.68 -11.68 0.35
C GLN A 275 -6.71 -11.75 1.55
N GLU A 276 -5.41 -11.80 1.29
CA GLU A 276 -4.43 -11.79 2.42
C GLU A 276 -4.20 -10.33 2.90
N THR A 277 -4.14 -9.38 1.99
CA THR A 277 -3.91 -7.96 2.36
C THR A 277 -4.61 -7.10 1.32
N TRP A 278 -5.50 -6.27 1.73
CA TRP A 278 -6.25 -5.45 0.74
C TRP A 278 -5.57 -4.10 0.59
N PHE A 279 -6.24 -3.18 -0.01
CA PHE A 279 -5.65 -1.83 -0.20
C PHE A 279 -6.75 -0.75 -0.26
N ILE A 280 -6.72 0.18 0.66
CA ILE A 280 -7.71 1.28 0.68
C ILE A 280 -6.96 2.59 0.50
N PRO A 281 -7.23 3.28 -0.57
CA PRO A 281 -6.53 4.55 -0.91
C PRO A 281 -6.95 5.75 -0.05
N GLY A 282 -5.99 6.52 0.41
CA GLY A 282 -6.32 7.71 1.21
C GLY A 282 -7.59 8.33 0.64
N GLY A 283 -8.45 8.78 1.49
CA GLY A 283 -9.73 9.37 1.04
C GLY A 283 -10.76 8.26 0.75
N ALA A 284 -10.71 7.15 1.45
CA ALA A 284 -11.73 6.09 1.15
C ALA A 284 -11.84 5.05 2.27
N ALA A 285 -13.01 4.50 2.48
CA ALA A 285 -13.17 3.45 3.54
C ALA A 285 -13.64 2.13 2.89
N GLY A 286 -13.06 1.02 3.27
CA GLY A 286 -13.48 -0.28 2.66
C GLY A 286 -14.13 -1.15 3.72
N ALA A 287 -14.31 -2.42 3.44
CA ALA A 287 -14.95 -3.33 4.42
C ALA A 287 -14.58 -4.78 4.11
N ALA A 288 -14.22 -5.54 5.10
CA ALA A 288 -13.85 -6.96 4.88
C ALA A 288 -14.71 -7.84 5.79
N PHE A 289 -15.18 -8.94 5.28
CA PHE A 289 -16.03 -9.85 6.08
C PHE A 289 -15.32 -11.19 6.20
N TYR A 290 -15.14 -11.69 7.38
CA TYR A 290 -14.41 -12.97 7.52
C TYR A 290 -14.99 -13.80 8.67
N THR A 291 -15.11 -15.07 8.44
CA THR A 291 -15.62 -16.00 9.48
C THR A 291 -14.42 -16.63 10.18
N PHE A 292 -14.31 -16.39 11.45
CA PHE A 292 -13.15 -16.92 12.22
C PHE A 292 -13.24 -18.43 12.32
N GLN A 293 -12.14 -19.09 12.11
CA GLN A 293 -12.12 -20.59 12.20
C GLN A 293 -11.14 -21.09 13.28
N GLN A 294 -10.27 -20.24 13.81
CA GLN A 294 -9.31 -20.71 14.85
C GLN A 294 -9.27 -19.72 16.00
N PRO A 295 -9.22 -20.22 17.20
CA PRO A 295 -9.18 -19.38 18.44
C PRO A 295 -7.76 -18.94 18.78
N GLY A 296 -7.65 -17.86 19.48
CA GLY A 296 -6.29 -17.37 19.85
C GLY A 296 -6.22 -15.86 19.62
N ILE A 297 -5.06 -15.29 19.71
CA ILE A 297 -4.92 -13.83 19.50
C ILE A 297 -4.42 -13.55 18.06
N TYR A 298 -5.10 -12.68 17.36
CA TYR A 298 -4.68 -12.34 15.97
C TYR A 298 -4.48 -10.83 15.88
N ALA A 299 -3.46 -10.40 15.19
CA ALA A 299 -3.20 -8.95 15.07
C ALA A 299 -3.76 -8.49 13.74
N TYR A 300 -4.26 -7.30 13.69
CA TYR A 300 -4.83 -6.82 12.41
C TYR A 300 -4.22 -5.48 12.15
N VAL A 301 -3.46 -5.33 11.12
CA VAL A 301 -2.83 -4.00 10.99
C VAL A 301 -2.39 -3.69 9.57
N ASN A 302 -1.97 -2.48 9.41
CA ASN A 302 -1.48 -2.01 8.10
C ASN A 302 -0.26 -2.83 7.81
N HIS A 303 -0.22 -3.42 6.67
CA HIS A 303 0.94 -4.30 6.40
C HIS A 303 2.18 -3.47 6.46
N ASN A 304 2.23 -2.34 5.82
CA ASN A 304 3.50 -1.58 6.03
C ASN A 304 4.01 -1.97 7.46
N LEU A 305 4.79 -3.03 7.58
CA LEU A 305 5.23 -3.52 8.92
C LEU A 305 5.76 -2.36 9.71
N ILE A 306 6.54 -1.57 9.09
CA ILE A 306 7.11 -0.38 9.80
C ILE A 306 5.97 0.45 10.35
N GLU A 307 5.01 0.76 9.51
CA GLU A 307 3.84 1.55 9.98
C GLU A 307 3.03 0.75 11.06
N ALA A 308 3.00 -0.55 10.98
CA ALA A 308 2.21 -1.34 11.99
C ALA A 308 3.00 -1.64 13.30
N PHE A 309 4.31 -1.74 13.29
CA PHE A 309 5.01 -2.06 14.56
C PHE A 309 5.83 -0.88 15.06
N GLU A 310 6.40 -0.13 14.17
CA GLU A 310 7.22 1.04 14.59
C GLU A 310 6.38 2.33 14.73
N LEU A 311 5.30 2.48 13.99
CA LEU A 311 4.51 3.75 14.10
C LEU A 311 3.36 3.54 15.08
N GLY A 312 2.66 2.46 14.94
CA GLY A 312 1.51 2.18 15.85
C GLY A 312 0.23 1.78 15.06
N ALA A 313 0.34 1.14 13.92
CA ALA A 313 -0.89 0.74 13.18
C ALA A 313 -1.14 -0.77 13.38
N ALA A 314 -1.39 -1.21 14.60
CA ALA A 314 -1.63 -2.66 14.81
C ALA A 314 -2.58 -2.90 16.00
N ALA A 315 -3.70 -3.54 15.76
CA ALA A 315 -4.65 -3.83 16.87
C ALA A 315 -4.67 -5.34 17.05
N HIS A 316 -5.49 -5.85 17.93
CA HIS A 316 -5.50 -7.34 18.10
C HIS A 316 -6.90 -7.87 18.47
N PHE A 317 -7.31 -8.96 17.84
CA PHE A 317 -8.65 -9.56 18.18
C PHE A 317 -8.45 -10.90 18.95
N LYS A 318 -9.09 -11.03 20.10
CA LYS A 318 -8.99 -12.25 20.91
C LYS A 318 -10.18 -13.08 20.51
N VAL A 319 -9.94 -14.30 20.20
CA VAL A 319 -11.04 -15.15 19.73
C VAL A 319 -11.11 -16.39 20.57
N THR A 320 -12.28 -16.77 20.92
CA THR A 320 -12.45 -17.99 21.76
C THR A 320 -13.03 -19.13 20.92
N GLY A 321 -12.82 -20.36 21.32
CA GLY A 321 -13.37 -21.50 20.53
C GLY A 321 -12.43 -22.70 20.62
N GLU A 322 -12.62 -23.66 19.75
CA GLU A 322 -11.75 -24.87 19.77
C GLU A 322 -10.81 -24.82 18.56
N TRP A 323 -9.58 -25.17 18.79
CA TRP A 323 -8.58 -25.16 17.70
C TRP A 323 -8.93 -26.25 16.71
N ASN A 324 -8.54 -26.05 15.50
CA ASN A 324 -8.82 -27.04 14.43
C ASN A 324 -7.50 -27.48 13.85
N ASP A 325 -7.08 -28.67 14.16
CA ASP A 325 -5.77 -29.16 13.67
C ASP A 325 -5.81 -29.33 12.16
N ASP A 326 -6.92 -29.73 11.64
CA ASP A 326 -7.03 -29.92 10.16
C ASP A 326 -6.48 -28.68 9.46
N LEU A 327 -6.87 -27.53 9.90
CA LEU A 327 -6.39 -26.27 9.29
C LEU A 327 -4.91 -26.06 9.61
N MET A 328 -4.46 -26.33 10.82
CA MET A 328 -3.03 -26.10 11.12
C MET A 328 -2.63 -26.86 12.37
N THR A 329 -1.51 -27.53 12.34
CA THR A 329 -1.07 -28.28 13.55
C THR A 329 0.47 -28.32 13.64
N SER A 330 1.03 -28.08 14.80
CA SER A 330 2.52 -28.13 14.95
C SER A 330 2.93 -29.59 15.08
N VAL A 331 3.39 -30.18 14.02
CA VAL A 331 3.79 -31.61 14.08
C VAL A 331 4.94 -31.75 15.04
N LEU A 332 5.92 -30.92 14.89
CA LEU A 332 7.08 -30.97 15.82
C LEU A 332 7.31 -29.57 16.43
N ALA A 333 6.98 -29.39 17.69
CA ALA A 333 7.18 -28.05 18.32
C ALA A 333 8.66 -27.72 18.34
N PRO A 334 9.00 -26.46 18.37
CA PRO A 334 10.40 -26.00 18.40
C PRO A 334 11.26 -26.79 19.40
N SER A 335 12.30 -27.42 18.95
CA SER A 335 13.15 -28.21 19.89
C SER A 335 14.50 -28.46 19.25
N GLY A 336 15.45 -28.90 20.03
CA GLY A 336 16.81 -29.17 19.47
C GLY A 336 16.68 -29.97 18.17
N ALA B 1 -2.20 -8.65 -40.05
CA ALA B 1 -2.32 -8.04 -41.40
C ALA B 1 -0.93 -7.98 -42.06
N THR B 2 -0.87 -8.16 -43.35
CA THR B 2 0.44 -8.10 -44.04
C THR B 2 0.74 -6.66 -44.42
N ALA B 3 1.94 -6.40 -44.86
CA ALA B 3 2.30 -5.01 -45.24
C ALA B 3 1.35 -4.48 -46.33
N ALA B 4 1.03 -5.28 -47.31
CA ALA B 4 0.12 -4.81 -48.40
C ALA B 4 -1.23 -4.38 -47.81
N GLU B 5 -1.72 -5.12 -46.86
CA GLU B 5 -3.04 -4.76 -46.26
C GLU B 5 -2.91 -3.46 -45.47
N ILE B 6 -1.88 -3.35 -44.68
CA ILE B 6 -1.70 -2.10 -43.88
C ILE B 6 -1.55 -0.91 -44.82
N ALA B 7 -0.83 -1.07 -45.90
CA ALA B 7 -0.63 0.06 -46.86
C ALA B 7 -1.97 0.48 -47.50
N ALA B 8 -2.90 -0.44 -47.66
CA ALA B 8 -4.21 -0.08 -48.31
C ALA B 8 -5.22 0.50 -47.29
N LEU B 9 -4.88 0.64 -46.04
CA LEU B 9 -5.87 1.21 -45.06
C LEU B 9 -5.87 2.75 -45.14
N PRO B 10 -7.02 3.35 -44.97
CA PRO B 10 -7.16 4.85 -45.01
C PRO B 10 -6.33 5.56 -43.93
N ARG B 11 -5.69 6.65 -44.28
CA ARG B 11 -4.87 7.40 -43.28
C ARG B 11 -5.64 8.67 -42.89
N GLN B 12 -5.62 9.01 -41.64
CA GLN B 12 -6.33 10.22 -41.16
C GLN B 12 -5.41 11.02 -40.25
N LYS B 13 -5.05 12.20 -40.68
CA LYS B 13 -4.14 13.05 -39.88
C LYS B 13 -4.98 13.75 -38.84
N VAL B 14 -4.48 13.84 -37.66
CA VAL B 14 -5.27 14.49 -36.58
C VAL B 14 -4.46 15.61 -35.90
N GLU B 15 -5.05 16.77 -35.80
CA GLU B 15 -4.38 17.91 -35.14
C GLU B 15 -4.63 17.76 -33.65
N LEU B 16 -3.59 17.76 -32.89
CA LEU B 16 -3.76 17.56 -31.42
C LEU B 16 -3.99 18.90 -30.72
N VAL B 17 -4.69 18.87 -29.62
CA VAL B 17 -4.95 20.11 -28.88
C VAL B 17 -4.11 20.07 -27.60
N ASP B 18 -4.23 21.04 -26.77
CA ASP B 18 -3.42 21.01 -25.52
C ASP B 18 -4.31 20.68 -24.30
N PRO B 19 -3.90 19.75 -23.46
CA PRO B 19 -4.67 19.38 -22.26
C PRO B 19 -5.22 20.62 -21.54
N PRO B 20 -6.28 20.47 -20.78
CA PRO B 20 -6.95 19.15 -20.58
C PRO B 20 -7.92 18.78 -21.73
N PHE B 21 -8.02 19.61 -22.73
CA PHE B 21 -8.94 19.31 -23.86
C PHE B 21 -8.42 18.11 -24.63
N VAL B 22 -9.27 17.57 -25.46
CA VAL B 22 -8.91 16.40 -26.28
C VAL B 22 -9.35 16.68 -27.71
N HIS B 23 -8.58 16.24 -28.64
CA HIS B 23 -8.90 16.48 -30.07
C HIS B 23 -10.24 15.85 -30.42
N ALA B 24 -10.82 16.31 -31.47
CA ALA B 24 -12.13 15.76 -31.92
C ALA B 24 -11.97 14.30 -32.29
N HIS B 25 -12.94 13.51 -31.93
CA HIS B 25 -12.91 12.06 -32.22
C HIS B 25 -14.31 11.49 -31.97
N SER B 26 -14.62 10.37 -32.54
CA SER B 26 -15.96 9.78 -32.34
C SER B 26 -15.84 8.60 -31.39
N GLN B 27 -16.76 8.46 -30.50
CA GLN B 27 -16.68 7.33 -29.53
C GLN B 27 -16.74 6.06 -30.33
N VAL B 28 -17.81 5.88 -31.02
CA VAL B 28 -17.95 4.68 -31.89
C VAL B 28 -17.07 4.90 -33.13
N ALA B 29 -16.31 3.92 -33.50
CA ALA B 29 -15.40 4.06 -34.67
C ALA B 29 -16.22 4.23 -35.95
N GLU B 30 -15.81 5.13 -36.79
CA GLU B 30 -16.53 5.36 -38.08
C GLU B 30 -15.72 4.71 -39.20
N GLY B 31 -16.16 3.58 -39.69
CA GLY B 31 -15.41 2.89 -40.76
C GLY B 31 -14.53 1.80 -40.13
N GLY B 32 -13.76 1.09 -40.93
CA GLY B 32 -12.89 0.01 -40.38
C GLY B 32 -11.58 0.63 -39.85
N PRO B 33 -10.57 -0.19 -39.67
CA PRO B 33 -9.24 0.25 -39.16
C PRO B 33 -8.59 1.32 -40.03
N LYS B 34 -7.97 2.29 -39.42
CA LYS B 34 -7.29 3.38 -40.20
C LYS B 34 -5.99 3.83 -39.50
N VAL B 35 -4.96 4.08 -40.28
CA VAL B 35 -3.66 4.56 -39.74
C VAL B 35 -3.81 6.02 -39.36
N VAL B 36 -3.85 6.24 -38.09
CA VAL B 36 -4.01 7.59 -37.55
C VAL B 36 -2.65 8.20 -37.51
N GLU B 37 -2.59 9.40 -37.91
CA GLU B 37 -1.25 10.07 -37.97
C GLU B 37 -1.21 11.26 -37.02
N PHE B 38 -0.22 11.29 -36.18
CA PHE B 38 -0.06 12.44 -35.23
C PHE B 38 1.42 12.88 -35.20
N THR B 39 1.69 14.16 -35.15
CA THR B 39 3.11 14.62 -35.13
C THR B 39 3.32 15.53 -33.92
N MET B 40 4.34 15.28 -33.14
CA MET B 40 4.60 16.13 -31.95
C MET B 40 6.09 16.51 -31.85
N VAL B 41 6.37 17.78 -31.73
CA VAL B 41 7.76 18.26 -31.60
C VAL B 41 8.03 18.42 -30.11
N ILE B 42 9.15 17.99 -29.68
CA ILE B 42 9.48 18.06 -28.24
C ILE B 42 10.19 19.36 -27.97
N GLU B 43 9.82 20.03 -26.93
CA GLU B 43 10.50 21.34 -26.66
C GLU B 43 10.99 21.41 -25.22
N GLU B 44 12.28 21.38 -24.99
CA GLU B 44 12.78 21.50 -23.59
C GLU B 44 12.85 22.99 -23.23
N LYS B 45 11.96 23.49 -22.40
CA LYS B 45 12.02 24.92 -22.09
C LYS B 45 11.81 25.12 -20.61
N LYS B 46 11.68 26.33 -20.22
CA LYS B 46 11.45 26.64 -18.79
C LYS B 46 10.00 27.05 -18.55
N ILE B 47 9.35 26.39 -17.62
CA ILE B 47 7.94 26.71 -17.30
C ILE B 47 7.81 26.95 -15.79
N VAL B 48 6.90 27.79 -15.42
CA VAL B 48 6.69 28.11 -14.01
C VAL B 48 5.71 27.11 -13.50
N ILE B 49 5.83 26.76 -12.29
CA ILE B 49 4.89 25.72 -11.75
C ILE B 49 4.03 26.24 -10.59
N ASP B 50 4.34 27.36 -10.01
CA ASP B 50 3.51 27.85 -8.88
C ASP B 50 3.36 29.35 -8.98
N ASP B 51 2.74 29.95 -8.00
CA ASP B 51 2.54 31.42 -8.02
C ASP B 51 3.84 32.13 -7.62
N ALA B 52 4.66 31.49 -6.82
CA ALA B 52 5.94 32.13 -6.39
C ALA B 52 6.91 32.31 -7.58
N GLY B 53 6.67 31.65 -8.68
CA GLY B 53 7.61 31.80 -9.85
C GLY B 53 8.63 30.64 -9.92
N THR B 54 8.41 29.56 -9.20
CA THR B 54 9.35 28.42 -9.25
C THR B 54 9.46 27.98 -10.69
N GLU B 55 10.64 27.72 -11.15
CA GLU B 55 10.78 27.32 -12.59
C GLU B 55 11.43 25.94 -12.73
N VAL B 56 10.91 25.15 -13.64
CA VAL B 56 11.49 23.79 -13.90
C VAL B 56 11.74 23.59 -15.43
N HIS B 57 12.95 23.22 -15.80
CA HIS B 57 13.30 23.00 -17.22
C HIS B 57 12.53 21.79 -17.67
N ALA B 58 11.38 22.02 -18.18
CA ALA B 58 10.50 20.90 -18.59
C ALA B 58 10.85 20.37 -19.97
N MET B 59 10.64 19.10 -20.14
CA MET B 59 10.87 18.41 -21.43
C MET B 59 9.48 18.10 -21.83
N ALA B 60 9.01 18.69 -22.85
CA ALA B 60 7.58 18.50 -23.09
C ALA B 60 7.29 18.13 -24.49
N PHE B 61 6.55 17.10 -24.59
CA PHE B 61 6.09 16.65 -25.93
C PHE B 61 4.96 17.58 -26.38
N ASN B 62 5.08 18.20 -27.53
CA ASN B 62 4.00 19.14 -27.97
C ASN B 62 4.08 20.47 -27.18
N GLY B 63 5.16 20.73 -26.46
CA GLY B 63 5.27 21.99 -25.69
C GLY B 63 4.27 22.04 -24.52
N THR B 64 3.75 20.92 -24.05
CA THR B 64 2.79 21.04 -22.88
C THR B 64 2.90 19.84 -21.90
N VAL B 65 2.95 20.12 -20.59
CA VAL B 65 2.97 19.04 -19.59
C VAL B 65 1.58 18.98 -18.96
N PRO B 66 0.92 17.87 -19.08
CA PRO B 66 1.46 16.67 -19.76
C PRO B 66 1.19 16.68 -21.27
N GLY B 67 2.00 15.97 -22.02
CA GLY B 67 1.77 15.91 -23.48
C GLY B 67 0.28 15.83 -23.76
N PRO B 68 -0.09 15.90 -25.00
CA PRO B 68 -1.52 15.85 -25.42
C PRO B 68 -2.06 14.41 -25.47
N LEU B 69 -3.35 14.24 -25.27
CA LEU B 69 -3.93 12.87 -25.31
C LEU B 69 -4.35 12.49 -26.74
N MET B 70 -3.73 11.48 -27.31
CA MET B 70 -4.08 11.03 -28.66
C MET B 70 -5.19 10.02 -28.51
N VAL B 71 -6.09 9.99 -29.43
CA VAL B 71 -7.24 9.04 -29.29
C VAL B 71 -7.52 8.30 -30.61
N VAL B 72 -7.43 7.01 -30.56
CA VAL B 72 -7.73 6.16 -31.73
C VAL B 72 -8.59 4.98 -31.25
N HIS B 73 -9.00 4.11 -32.12
CA HIS B 73 -9.84 2.97 -31.70
C HIS B 73 -8.99 1.71 -31.68
N GLN B 74 -9.51 0.68 -31.10
CA GLN B 74 -8.76 -0.60 -31.03
C GLN B 74 -8.64 -1.18 -32.42
N ASP B 75 -7.48 -1.60 -32.78
CA ASP B 75 -7.27 -2.16 -34.14
C ASP B 75 -6.58 -1.12 -35.02
N ASP B 76 -6.93 0.14 -34.86
CA ASP B 76 -6.31 1.21 -35.68
C ASP B 76 -4.82 1.34 -35.31
N TYR B 77 -4.00 1.70 -36.26
CA TYR B 77 -2.55 1.85 -36.00
C TYR B 77 -2.23 3.34 -35.78
N LEU B 78 -1.49 3.61 -34.75
CA LEU B 78 -1.10 5.00 -34.41
C LEU B 78 0.29 5.23 -34.98
N GLU B 79 0.40 6.19 -35.83
CA GLU B 79 1.70 6.49 -36.48
C GLU B 79 2.09 7.85 -36.01
N LEU B 80 3.13 7.92 -35.27
CA LEU B 80 3.52 9.26 -34.72
C LEU B 80 4.89 9.73 -35.19
N THR B 81 4.91 10.85 -35.86
CA THR B 81 6.21 11.46 -36.31
C THR B 81 6.70 12.37 -35.17
N LEU B 82 7.77 12.00 -34.53
CA LEU B 82 8.29 12.76 -33.40
C LEU B 82 9.46 13.52 -33.92
N ILE B 83 9.62 14.68 -33.44
CA ILE B 83 10.73 15.54 -33.92
C ILE B 83 11.43 16.23 -32.76
N ASN B 84 12.71 16.07 -32.68
CA ASN B 84 13.52 16.70 -31.60
C ASN B 84 14.36 17.81 -32.26
N PRO B 85 13.89 19.01 -32.17
CA PRO B 85 14.53 20.21 -32.78
C PRO B 85 15.99 20.36 -32.41
N GLU B 86 16.76 20.94 -33.29
CA GLU B 86 18.21 21.14 -33.00
C GLU B 86 18.38 22.08 -31.79
N THR B 87 17.42 22.93 -31.52
CA THR B 87 17.55 23.87 -30.37
C THR B 87 17.66 23.08 -29.05
N ASN B 88 17.12 21.90 -28.99
CA ASN B 88 17.18 21.10 -27.74
C ASN B 88 18.62 20.62 -27.52
N THR B 89 18.92 20.14 -26.34
CA THR B 89 20.31 19.66 -26.06
C THR B 89 20.34 18.19 -25.55
N LEU B 90 19.23 17.47 -25.48
CA LEU B 90 19.31 16.05 -24.99
C LEU B 90 18.53 15.10 -25.91
N MET B 91 19.05 13.91 -26.15
CA MET B 91 18.33 12.94 -27.02
C MET B 91 17.13 12.39 -26.25
N HIS B 92 16.01 12.21 -26.90
CA HIS B 92 14.82 11.69 -26.20
C HIS B 92 14.39 10.34 -26.78
N ASN B 93 13.12 10.06 -26.68
CA ASN B 93 12.56 8.78 -27.20
C ASN B 93 11.14 8.62 -26.62
N ILE B 94 10.27 7.87 -27.27
CA ILE B 94 8.88 7.74 -26.71
C ILE B 94 8.52 6.25 -26.52
N ASP B 95 8.02 5.91 -25.36
CA ASP B 95 7.59 4.51 -25.09
C ASP B 95 6.09 4.51 -24.76
N PHE B 96 5.26 4.04 -25.65
CA PHE B 96 3.79 4.03 -25.39
C PHE B 96 3.38 2.71 -24.74
N HIS B 97 2.91 2.79 -23.53
CA HIS B 97 2.45 1.56 -22.80
C HIS B 97 1.43 0.78 -23.67
N ALA B 98 0.71 1.45 -24.54
CA ALA B 98 -0.32 0.73 -25.37
C ALA B 98 0.29 0.03 -26.60
N ALA B 99 1.59 -0.01 -26.72
CA ALA B 99 2.21 -0.69 -27.89
C ALA B 99 2.91 -1.96 -27.42
N THR B 100 3.29 -2.81 -28.32
CA THR B 100 3.97 -4.08 -27.90
C THR B 100 5.25 -4.32 -28.72
N GLY B 101 6.40 -4.25 -28.10
CA GLY B 101 7.70 -4.53 -28.81
C GLY B 101 8.66 -3.30 -28.79
N ALA B 102 9.93 -3.50 -28.49
CA ALA B 102 10.89 -2.34 -28.51
C ALA B 102 10.65 -1.42 -27.31
N LEU B 103 10.55 -1.99 -26.15
CA LEU B 103 10.35 -1.15 -24.93
C LEU B 103 9.23 -0.12 -25.16
N GLY B 104 8.17 -0.51 -25.80
CA GLY B 104 7.04 0.45 -26.04
C GLY B 104 7.43 1.48 -27.12
N GLY B 105 8.34 1.13 -27.98
CA GLY B 105 8.75 2.10 -29.06
C GLY B 105 9.96 2.95 -28.64
N GLY B 106 10.43 2.83 -27.43
CA GLY B 106 11.60 3.65 -26.99
C GLY B 106 12.89 3.14 -27.64
N GLY B 107 12.96 1.88 -27.99
CA GLY B 107 14.20 1.33 -28.61
C GLY B 107 14.29 1.71 -30.10
N LEU B 108 13.21 2.16 -30.69
CA LEU B 108 13.26 2.53 -32.15
C LEU B 108 12.90 4.02 -32.36
N THR B 109 13.01 4.83 -31.34
CA THR B 109 12.69 6.29 -31.49
C THR B 109 13.75 7.19 -30.81
N GLU B 110 14.94 6.70 -30.55
CA GLU B 110 15.98 7.54 -29.91
C GLU B 110 16.44 8.58 -30.94
N ILE B 111 16.12 9.81 -30.72
CA ILE B 111 16.51 10.85 -31.71
C ILE B 111 17.25 11.98 -31.02
N ASN B 112 18.40 12.30 -31.51
CA ASN B 112 19.18 13.40 -30.88
C ASN B 112 18.82 14.71 -31.56
N PRO B 113 19.06 15.81 -30.92
CA PRO B 113 18.76 17.16 -31.48
C PRO B 113 18.99 17.21 -32.99
N GLY B 114 18.02 17.67 -33.73
CA GLY B 114 18.18 17.73 -35.23
C GLY B 114 17.77 16.40 -35.88
N GLU B 115 17.03 15.55 -35.19
CA GLU B 115 16.61 14.26 -35.82
C GLU B 115 15.13 13.95 -35.52
N LYS B 116 14.42 13.37 -36.46
CA LYS B 116 12.98 13.03 -36.23
C LYS B 116 12.71 11.63 -36.82
N THR B 117 11.78 10.90 -36.27
CA THR B 117 11.49 9.55 -36.82
C THR B 117 9.99 9.36 -36.91
N ILE B 118 9.57 8.20 -37.30
CA ILE B 118 8.13 7.91 -37.42
C ILE B 118 7.88 6.47 -36.97
N LEU B 119 7.17 6.28 -35.91
CA LEU B 119 6.93 4.89 -35.42
C LEU B 119 5.43 4.57 -35.52
N ARG B 120 5.12 3.42 -36.04
CA ARG B 120 3.68 3.03 -36.17
C ARG B 120 3.43 1.71 -35.40
N PHE B 121 2.45 1.70 -34.55
CA PHE B 121 2.14 0.46 -33.77
C PHE B 121 0.63 0.20 -33.80
N LYS B 122 0.26 -1.04 -33.74
CA LYS B 122 -1.18 -1.42 -33.76
C LYS B 122 -1.72 -1.36 -32.34
N ALA B 123 -2.80 -0.67 -32.20
CA ALA B 123 -3.46 -0.50 -30.89
C ALA B 123 -4.30 -1.73 -30.71
N THR B 124 -3.74 -2.68 -30.08
CA THR B 124 -4.47 -4.00 -29.95
C THR B 124 -5.30 -4.13 -28.67
N LYS B 125 -5.20 -3.22 -27.75
CA LYS B 125 -5.99 -3.33 -26.50
C LYS B 125 -6.69 -2.01 -26.22
N PRO B 126 -7.92 -2.08 -25.78
CA PRO B 126 -8.72 -0.87 -25.47
C PRO B 126 -8.48 -0.32 -24.06
N GLY B 127 -8.28 0.97 -23.92
CA GLY B 127 -8.05 1.53 -22.56
C GLY B 127 -7.05 2.69 -22.61
N VAL B 128 -7.10 3.54 -21.62
CA VAL B 128 -6.17 4.70 -21.58
C VAL B 128 -4.83 4.18 -21.11
N PHE B 129 -3.78 4.72 -21.63
CA PHE B 129 -2.44 4.23 -21.24
C PHE B 129 -1.53 5.42 -21.18
N VAL B 130 -0.49 5.34 -20.44
CA VAL B 130 0.44 6.52 -20.35
C VAL B 130 1.72 6.35 -21.21
N TYR B 131 2.04 7.34 -22.04
CA TYR B 131 3.28 7.29 -22.84
C TYR B 131 4.30 8.19 -22.14
N HIS B 132 5.56 7.97 -22.34
CA HIS B 132 6.57 8.82 -21.64
C HIS B 132 7.97 8.55 -22.22
N CYS B 133 8.80 9.58 -22.33
CA CYS B 133 10.16 9.40 -22.88
C CYS B 133 11.02 8.64 -21.88
N ALA B 134 11.94 7.82 -22.32
CA ALA B 134 12.76 7.06 -21.35
C ALA B 134 14.12 6.69 -21.95
N PRO B 135 14.99 7.65 -22.09
CA PRO B 135 16.35 7.41 -22.63
C PRO B 135 17.19 6.55 -21.68
N PRO B 136 17.70 5.44 -22.14
CA PRO B 136 18.51 4.52 -21.30
C PRO B 136 19.50 5.25 -20.36
N GLY B 137 19.35 5.08 -19.06
CA GLY B 137 20.29 5.75 -18.11
C GLY B 137 19.70 7.06 -17.53
N MET B 138 18.68 7.63 -18.13
CA MET B 138 18.13 8.90 -17.59
C MET B 138 16.62 8.87 -17.73
N VAL B 139 16.04 7.75 -17.42
CA VAL B 139 14.55 7.62 -17.54
C VAL B 139 13.82 8.55 -16.56
N PRO B 140 13.92 8.26 -15.28
CA PRO B 140 13.24 9.03 -14.20
C PRO B 140 13.39 10.53 -14.34
N TRP B 141 14.52 10.97 -14.81
CA TRP B 141 14.73 12.44 -14.96
C TRP B 141 13.82 13.00 -16.05
N HIS B 142 13.82 12.37 -17.20
CA HIS B 142 12.97 12.86 -18.33
C HIS B 142 11.47 12.80 -17.96
N VAL B 143 11.04 11.79 -17.26
CA VAL B 143 9.59 11.68 -16.91
C VAL B 143 9.21 12.73 -15.87
N VAL B 144 10.01 12.87 -14.85
CA VAL B 144 9.69 13.87 -13.79
C VAL B 144 9.73 15.26 -14.39
N SER B 145 10.59 15.47 -15.35
CA SER B 145 10.68 16.81 -15.99
C SER B 145 9.38 17.15 -16.74
N GLY B 146 8.44 16.22 -16.80
CA GLY B 146 7.17 16.49 -17.51
C GLY B 146 7.19 15.89 -18.93
N MET B 147 7.97 14.86 -19.17
CA MET B 147 7.98 14.26 -20.54
C MET B 147 7.09 13.02 -20.54
N ASN B 148 5.80 13.21 -20.42
CA ASN B 148 4.87 12.05 -20.41
C ASN B 148 3.42 12.53 -20.55
N GLY B 149 2.60 11.74 -21.16
CA GLY B 149 1.16 12.10 -21.36
C GLY B 149 0.31 10.81 -21.35
N ALA B 150 -0.63 10.65 -22.25
CA ALA B 150 -1.44 9.41 -22.26
C ALA B 150 -2.34 9.34 -23.51
N ILE B 151 -2.55 8.16 -24.04
CA ILE B 151 -3.43 8.02 -25.24
C ILE B 151 -4.64 7.15 -24.88
N MET B 152 -5.75 7.34 -25.53
CA MET B 152 -6.95 6.53 -25.21
C MET B 152 -7.40 5.73 -26.45
N VAL B 153 -7.32 4.43 -26.38
CA VAL B 153 -7.74 3.56 -27.50
C VAL B 153 -9.13 3.10 -27.15
N LEU B 154 -10.12 3.67 -27.75
CA LEU B 154 -11.52 3.30 -27.36
C LEU B 154 -12.05 2.12 -28.17
N PRO B 155 -12.79 1.25 -27.52
CA PRO B 155 -13.42 0.09 -28.19
C PRO B 155 -14.14 0.53 -29.46
N ARG B 156 -14.02 -0.22 -30.52
CA ARG B 156 -14.68 0.17 -31.81
C ARG B 156 -16.15 0.51 -31.57
N GLU B 157 -16.78 -0.15 -30.64
CA GLU B 157 -18.22 0.12 -30.37
C GLU B 157 -18.41 1.17 -29.25
N GLY B 158 -17.39 1.93 -28.91
CA GLY B 158 -17.56 2.96 -27.84
C GLY B 158 -17.33 2.34 -26.47
N LEU B 159 -17.66 3.03 -25.43
CA LEU B 159 -17.47 2.47 -24.06
C LEU B 159 -18.80 1.94 -23.48
N HIS B 160 -18.75 0.82 -22.79
CA HIS B 160 -19.97 0.25 -22.17
C HIS B 160 -19.64 -0.13 -20.73
N ASP B 161 -20.62 -0.26 -19.90
CA ASP B 161 -20.38 -0.61 -18.47
C ASP B 161 -19.90 -2.07 -18.36
N GLY B 162 -19.94 -2.62 -17.18
CA GLY B 162 -19.49 -4.04 -17.00
C GLY B 162 -20.58 -5.07 -17.42
N LYS B 163 -21.76 -4.65 -17.80
CA LYS B 163 -22.81 -5.65 -18.20
C LYS B 163 -23.12 -5.54 -19.70
N GLY B 164 -22.53 -4.60 -20.40
CA GLY B 164 -22.81 -4.45 -21.87
C GLY B 164 -23.58 -3.15 -22.22
N LYS B 165 -24.10 -2.42 -21.26
CA LYS B 165 -24.86 -1.18 -21.57
C LYS B 165 -23.91 -0.15 -22.14
N ALA B 166 -24.36 0.63 -23.08
CA ALA B 166 -23.48 1.67 -23.69
C ALA B 166 -23.39 2.93 -22.79
N LEU B 167 -22.18 3.41 -22.60
CA LEU B 167 -21.94 4.63 -21.79
C LEU B 167 -21.34 5.66 -22.74
N THR B 168 -22.03 6.73 -22.97
CA THR B 168 -21.57 7.75 -23.92
C THR B 168 -21.38 9.01 -23.16
N TYR B 169 -20.24 9.57 -23.25
CA TYR B 169 -19.95 10.81 -22.47
C TYR B 169 -20.17 12.06 -23.35
N ASP B 170 -20.73 13.09 -22.78
CA ASP B 170 -20.95 14.34 -23.57
C ASP B 170 -19.61 15.09 -23.75
N LYS B 171 -18.75 15.04 -22.76
CA LYS B 171 -17.44 15.74 -22.87
C LYS B 171 -16.37 14.91 -22.17
N ILE B 172 -15.14 15.15 -22.48
CA ILE B 172 -14.03 14.38 -21.84
C ILE B 172 -12.81 15.28 -21.63
N TYR B 173 -12.24 15.24 -20.46
CA TYR B 173 -11.06 16.07 -20.15
C TYR B 173 -9.94 15.12 -19.70
N TYR B 174 -8.73 15.48 -19.99
CA TYR B 174 -7.58 14.61 -19.61
C TYR B 174 -6.69 15.38 -18.65
N VAL B 175 -6.65 14.96 -17.43
CA VAL B 175 -5.82 15.66 -16.42
C VAL B 175 -4.57 14.84 -16.10
N GLY B 176 -3.45 15.30 -16.57
CA GLY B 176 -2.17 14.60 -16.31
C GLY B 176 -1.56 15.17 -15.03
N GLU B 177 -1.22 14.32 -14.13
CA GLU B 177 -0.65 14.76 -12.85
C GLU B 177 0.83 14.61 -12.96
N GLN B 178 1.55 15.48 -12.36
CA GLN B 178 3.02 15.39 -12.48
C GLN B 178 3.69 15.74 -11.15
N ASP B 179 4.46 14.83 -10.63
CA ASP B 179 5.17 15.10 -9.34
C ASP B 179 6.58 15.60 -9.67
N PHE B 180 6.91 16.80 -9.29
CA PHE B 180 8.25 17.33 -9.58
C PHE B 180 9.11 17.18 -8.34
N TYR B 181 10.34 17.52 -8.49
CA TYR B 181 11.31 17.42 -7.37
C TYR B 181 12.27 18.58 -7.58
N VAL B 182 11.94 19.70 -7.03
CA VAL B 182 12.77 20.90 -7.26
C VAL B 182 13.75 21.13 -6.14
N PRO B 183 14.98 21.30 -6.49
CA PRO B 183 16.07 21.55 -5.49
C PRO B 183 15.88 22.90 -4.75
N ARG B 184 16.18 22.93 -3.47
CA ARG B 184 16.03 24.19 -2.70
C ARG B 184 17.40 24.56 -2.13
N ASP B 185 17.63 25.81 -1.91
CA ASP B 185 18.96 26.24 -1.37
C ASP B 185 18.97 26.08 0.15
N GLU B 186 19.85 26.77 0.82
CA GLU B 186 19.92 26.66 2.30
C GLU B 186 18.70 27.36 2.93
N ASN B 187 18.27 28.45 2.35
CA ASN B 187 17.10 29.19 2.92
C ASN B 187 15.77 28.43 2.64
N GLY B 188 15.83 27.26 2.06
CA GLY B 188 14.55 26.52 1.77
C GLY B 188 13.81 27.10 0.54
N LYS B 189 14.44 27.96 -0.22
CA LYS B 189 13.77 28.52 -1.43
C LYS B 189 14.16 27.69 -2.64
N TYR B 190 13.28 27.59 -3.59
CA TYR B 190 13.58 26.79 -4.80
C TYR B 190 14.75 27.42 -5.54
N LYS B 191 15.54 26.61 -6.18
CA LYS B 191 16.72 27.16 -6.92
C LYS B 191 16.45 27.15 -8.43
N LYS B 192 16.96 28.13 -9.14
CA LYS B 192 16.76 28.19 -10.59
C LYS B 192 18.11 27.97 -11.26
N TYR B 193 18.12 27.46 -12.44
CA TYR B 193 19.41 27.20 -13.11
C TYR B 193 19.38 27.81 -14.50
N GLU B 194 20.47 27.76 -15.18
CA GLU B 194 20.53 28.33 -16.55
C GLU B 194 20.14 27.26 -17.59
N ALA B 195 20.76 26.11 -17.53
CA ALA B 195 20.43 25.05 -18.50
C ALA B 195 19.93 23.80 -17.75
N PRO B 196 19.19 22.97 -18.43
CA PRO B 196 18.62 21.72 -17.83
C PRO B 196 19.69 20.82 -17.20
N GLY B 197 20.87 20.78 -17.76
CA GLY B 197 21.95 19.90 -17.19
C GLY B 197 22.45 20.42 -15.82
N ASP B 198 22.44 21.71 -15.59
CA ASP B 198 22.96 22.25 -14.29
C ASP B 198 22.04 21.83 -13.14
N ALA B 199 20.85 21.40 -13.43
CA ALA B 199 19.92 20.98 -12.34
C ALA B 199 19.77 19.45 -12.29
N TYR B 200 20.64 18.72 -12.92
CA TYR B 200 20.55 17.22 -12.89
C TYR B 200 21.00 16.61 -11.54
N GLU B 201 22.17 16.95 -11.02
CA GLU B 201 22.65 16.31 -9.75
C GLU B 201 21.78 16.74 -8.57
N ASP B 202 21.45 17.99 -8.51
CA ASP B 202 20.62 18.48 -7.37
C ASP B 202 19.22 17.88 -7.45
N THR B 203 18.72 17.65 -8.63
CA THR B 203 17.36 17.06 -8.77
C THR B 203 17.40 15.60 -8.34
N VAL B 204 18.34 14.86 -8.86
CA VAL B 204 18.44 13.43 -8.48
C VAL B 204 18.37 13.31 -6.96
N LYS B 205 19.13 14.12 -6.26
CA LYS B 205 19.10 14.06 -4.77
C LYS B 205 17.65 14.17 -4.27
N VAL B 206 16.91 15.12 -4.78
CA VAL B 206 15.49 15.27 -4.35
C VAL B 206 14.67 14.06 -4.79
N MET B 207 14.90 13.59 -5.99
CA MET B 207 14.12 12.41 -6.48
C MET B 207 14.36 11.18 -5.58
N ARG B 208 15.54 11.03 -5.04
CA ARG B 208 15.82 9.84 -4.18
C ARG B 208 14.95 9.89 -2.93
N THR B 209 14.71 11.06 -2.41
CA THR B 209 13.86 11.18 -1.18
C THR B 209 12.43 10.66 -1.43
N LEU B 210 12.08 10.35 -2.66
CA LEU B 210 10.70 9.86 -2.93
C LEU B 210 9.69 10.85 -2.35
N THR B 211 10.02 12.12 -2.36
CA THR B 211 9.08 13.13 -1.81
C THR B 211 9.04 14.32 -2.76
N PRO B 212 8.03 14.39 -3.57
CA PRO B 212 7.87 15.51 -4.56
C PRO B 212 7.58 16.87 -3.91
N THR B 213 8.29 17.92 -4.29
CA THR B 213 8.03 19.26 -3.70
C THR B 213 6.70 19.81 -4.25
N HIS B 214 6.26 19.37 -5.40
CA HIS B 214 4.98 19.88 -5.97
C HIS B 214 4.32 18.78 -6.82
N VAL B 215 3.06 18.54 -6.59
CA VAL B 215 2.35 17.50 -7.37
C VAL B 215 1.19 18.23 -7.97
N VAL B 216 1.12 18.34 -9.26
CA VAL B 216 0.01 19.17 -9.76
C VAL B 216 -0.62 18.61 -11.01
N PHE B 217 -1.55 19.34 -11.52
CA PHE B 217 -2.26 18.88 -12.75
C PHE B 217 -2.09 19.94 -13.84
N ASN B 218 -1.87 19.51 -15.06
CA ASN B 218 -1.70 20.50 -16.17
C ASN B 218 -0.30 21.18 -16.16
N GLY B 219 0.61 20.77 -15.31
CA GLY B 219 1.96 21.40 -15.29
C GLY B 219 2.12 22.54 -14.23
N ALA B 220 1.14 22.85 -13.38
CA ALA B 220 1.40 23.95 -12.40
C ALA B 220 0.31 24.01 -11.33
N VAL B 221 0.67 24.38 -10.13
CA VAL B 221 -0.35 24.48 -9.05
C VAL B 221 -1.40 25.52 -9.48
N GLY B 222 -2.65 25.16 -9.42
CA GLY B 222 -3.72 26.12 -9.85
C GLY B 222 -3.80 26.22 -11.39
N ALA B 223 -3.37 25.21 -12.13
CA ALA B 223 -3.45 25.28 -13.63
C ALA B 223 -4.91 25.08 -14.11
N LEU B 224 -5.72 24.32 -13.41
CA LEU B 224 -7.12 24.07 -13.85
C LEU B 224 -8.13 24.78 -12.93
N THR B 225 -7.89 26.02 -12.63
CA THR B 225 -8.82 26.80 -11.77
C THR B 225 -9.00 28.18 -12.38
N GLY B 226 -9.88 28.97 -11.86
CA GLY B 226 -10.11 30.33 -12.41
C GLY B 226 -10.72 30.19 -13.78
N ASP B 227 -10.26 30.97 -14.72
CA ASP B 227 -10.81 30.87 -16.10
C ASP B 227 -10.47 29.50 -16.70
N LYS B 228 -9.49 28.81 -16.17
CA LYS B 228 -9.13 27.47 -16.72
C LYS B 228 -9.88 26.34 -16.00
N ALA B 229 -10.71 26.64 -15.02
CA ALA B 229 -11.45 25.55 -14.31
C ALA B 229 -12.35 24.79 -15.30
N MET B 230 -12.32 23.48 -15.28
CA MET B 230 -13.17 22.71 -16.20
C MET B 230 -14.60 23.20 -16.06
N THR B 231 -15.47 22.70 -16.86
CA THR B 231 -16.90 23.13 -16.80
C THR B 231 -17.83 21.94 -17.09
N ALA B 232 -18.97 21.94 -16.48
CA ALA B 232 -19.98 20.86 -16.68
C ALA B 232 -21.32 21.34 -16.13
N ALA B 233 -22.42 20.80 -16.61
CA ALA B 233 -23.74 21.25 -16.12
C ALA B 233 -24.53 20.04 -15.62
N VAL B 234 -25.46 20.29 -14.75
CA VAL B 234 -26.30 19.20 -14.20
C VAL B 234 -26.85 18.37 -15.35
N GLY B 235 -26.72 17.10 -15.26
CA GLY B 235 -27.23 16.21 -16.36
C GLY B 235 -26.14 15.95 -17.44
N GLU B 236 -24.96 16.50 -17.28
CA GLU B 236 -23.88 16.27 -18.28
C GLU B 236 -23.04 15.07 -17.85
N LYS B 237 -22.70 14.25 -18.78
CA LYS B 237 -21.88 13.06 -18.48
C LYS B 237 -20.47 13.40 -18.91
N VAL B 238 -19.55 13.27 -18.03
CA VAL B 238 -18.16 13.66 -18.39
C VAL B 238 -17.17 12.57 -18.01
N LEU B 239 -16.32 12.24 -18.93
CA LEU B 239 -15.29 11.21 -18.65
C LEU B 239 -13.96 11.92 -18.38
N ILE B 240 -13.39 11.69 -17.24
CA ILE B 240 -12.11 12.38 -16.89
C ILE B 240 -10.96 11.37 -16.84
N VAL B 241 -10.13 11.41 -17.84
CA VAL B 241 -8.97 10.49 -17.89
C VAL B 241 -7.86 11.13 -17.08
N HIS B 242 -7.18 10.35 -16.33
CA HIS B 242 -6.11 10.91 -15.48
C HIS B 242 -4.91 9.98 -15.57
N SER B 243 -3.76 10.54 -15.67
CA SER B 243 -2.54 9.69 -15.78
C SER B 243 -1.42 10.18 -14.85
N GLN B 244 -0.60 9.25 -14.42
CA GLN B 244 0.56 9.53 -13.53
C GLN B 244 1.67 8.57 -13.98
N ALA B 245 2.64 9.07 -14.69
CA ALA B 245 3.73 8.20 -15.24
C ALA B 245 4.97 8.33 -14.38
N ASN B 246 4.78 8.25 -13.11
CA ASN B 246 5.91 8.34 -12.15
C ASN B 246 5.39 8.51 -10.69
N ARG B 247 4.22 7.99 -10.32
CA ARG B 247 3.78 8.17 -8.91
C ARG B 247 2.34 7.72 -8.76
N ASP B 248 2.01 7.07 -7.66
CA ASP B 248 0.59 6.63 -7.49
C ASP B 248 -0.31 7.78 -6.95
N THR B 249 -1.49 7.98 -7.52
CA THR B 249 -2.39 9.03 -7.03
C THR B 249 -3.73 8.38 -6.67
N ARG B 250 -4.63 9.15 -6.18
CA ARG B 250 -5.97 8.61 -5.78
C ARG B 250 -7.01 9.71 -6.02
N PRO B 251 -7.49 9.80 -7.23
CA PRO B 251 -8.48 10.82 -7.66
C PRO B 251 -9.75 10.85 -6.82
N HIS B 252 -10.33 12.00 -6.70
CA HIS B 252 -11.60 12.15 -5.92
C HIS B 252 -12.31 13.49 -6.26
N LEU B 253 -13.52 13.43 -6.77
CA LEU B 253 -14.28 14.66 -7.10
C LEU B 253 -15.07 15.09 -5.87
N ILE B 254 -14.66 16.16 -5.27
CA ILE B 254 -15.31 16.68 -4.06
C ILE B 254 -16.73 17.06 -4.39
N GLY B 255 -17.64 16.50 -3.69
CA GLY B 255 -19.07 16.80 -3.95
C GLY B 255 -19.66 15.80 -4.97
N GLY B 256 -18.84 15.00 -5.61
CA GLY B 256 -19.38 14.03 -6.60
C GLY B 256 -18.81 12.63 -6.34
N HIS B 257 -18.73 11.84 -7.36
CA HIS B 257 -18.19 10.47 -7.23
C HIS B 257 -18.04 9.86 -8.63
N GLY B 258 -17.20 8.88 -8.75
CA GLY B 258 -16.99 8.23 -10.08
C GLY B 258 -18.07 7.18 -10.27
N ASP B 259 -19.02 7.47 -11.08
CA ASP B 259 -20.13 6.50 -11.30
C ASP B 259 -19.53 5.19 -11.78
N TYR B 260 -18.74 5.27 -12.79
CA TYR B 260 -18.07 4.07 -13.34
C TYR B 260 -16.60 4.42 -13.48
N VAL B 261 -15.72 3.67 -12.88
CA VAL B 261 -14.29 4.07 -12.98
C VAL B 261 -13.37 2.90 -13.35
N TRP B 262 -12.84 2.92 -14.54
CA TRP B 262 -11.88 1.88 -14.96
C TRP B 262 -10.57 2.26 -14.29
N ALA B 263 -10.43 1.84 -13.08
CA ALA B 263 -9.25 2.27 -12.26
C ALA B 263 -7.97 1.84 -12.93
N THR B 264 -8.00 0.68 -13.48
CA THR B 264 -6.79 0.16 -14.15
C THR B 264 -6.62 0.81 -15.53
N GLY B 265 -7.59 1.56 -15.97
CA GLY B 265 -7.46 2.21 -17.33
C GLY B 265 -7.58 1.17 -18.47
N LYS B 266 -8.25 0.07 -18.24
CA LYS B 266 -8.43 -0.98 -19.28
C LYS B 266 -9.94 -1.14 -19.47
N PHE B 267 -10.40 -1.00 -20.68
CA PHE B 267 -11.87 -1.10 -20.92
C PHE B 267 -12.37 -2.53 -20.71
N ASN B 268 -11.60 -3.51 -21.11
CA ASN B 268 -12.05 -4.91 -20.96
C ASN B 268 -12.27 -5.24 -19.49
N THR B 269 -11.52 -4.61 -18.63
CA THR B 269 -11.66 -4.87 -17.18
C THR B 269 -12.87 -4.09 -16.66
N PRO B 270 -13.87 -4.79 -16.22
CA PRO B 270 -15.12 -4.14 -15.71
C PRO B 270 -14.83 -2.91 -14.84
N PRO B 271 -15.55 -1.81 -15.04
CA PRO B 271 -15.31 -0.56 -14.24
C PRO B 271 -15.98 -0.57 -12.84
N ASP B 272 -15.21 -0.34 -11.77
CA ASP B 272 -15.86 -0.30 -10.44
C ASP B 272 -17.03 0.66 -10.55
N VAL B 273 -17.82 0.78 -9.54
CA VAL B 273 -18.98 1.72 -9.63
C VAL B 273 -19.25 2.41 -8.28
N ASP B 274 -19.76 3.61 -8.32
CA ASP B 274 -20.07 4.34 -7.07
C ASP B 274 -18.78 4.50 -6.32
N GLN B 275 -17.81 5.08 -6.94
CA GLN B 275 -16.48 5.21 -6.23
C GLN B 275 -16.27 6.62 -5.63
N GLU B 276 -15.92 6.68 -4.35
CA GLU B 276 -15.64 8.01 -3.73
C GLU B 276 -14.19 8.45 -4.06
N THR B 277 -13.26 7.52 -4.04
CA THR B 277 -11.84 7.85 -4.35
C THR B 277 -11.22 6.61 -5.00
N TRP B 278 -10.70 6.75 -6.17
CA TRP B 278 -10.13 5.57 -6.86
C TRP B 278 -8.63 5.48 -6.59
N PHE B 279 -7.94 4.74 -7.40
CA PHE B 279 -6.47 4.59 -7.20
C PHE B 279 -5.78 4.22 -8.53
N ILE B 280 -4.89 5.07 -8.97
CA ILE B 280 -4.14 4.81 -10.24
C ILE B 280 -2.67 4.73 -9.89
N PRO B 281 -2.07 3.58 -10.08
CA PRO B 281 -0.65 3.33 -9.72
C PRO B 281 0.36 4.01 -10.66
N GLY B 282 1.36 4.62 -10.11
CA GLY B 282 2.40 5.26 -10.95
C GLY B 282 2.64 4.37 -12.15
N GLY B 283 2.79 4.94 -13.30
CA GLY B 283 3.00 4.16 -14.52
C GLY B 283 1.66 3.72 -15.10
N ALA B 284 0.59 4.48 -14.91
CA ALA B 284 -0.71 4.01 -15.49
C ALA B 284 -1.75 5.13 -15.56
N ALA B 285 -2.64 5.08 -16.53
CA ALA B 285 -3.71 6.12 -16.64
C ALA B 285 -5.09 5.45 -16.50
N GLY B 286 -5.99 6.03 -15.73
CA GLY B 286 -7.33 5.41 -15.57
C GLY B 286 -8.39 6.31 -16.20
N ALA B 287 -9.63 6.09 -15.88
CA ALA B 287 -10.73 6.92 -16.46
C ALA B 287 -11.98 6.79 -15.58
N ALA B 288 -12.62 7.89 -15.30
CA ALA B 288 -13.85 7.87 -14.46
C ALA B 288 -14.97 8.61 -15.20
N PHE B 289 -16.14 8.05 -15.21
CA PHE B 289 -17.28 8.69 -15.91
C PHE B 289 -18.34 9.04 -14.87
N TYR B 290 -18.78 10.26 -14.85
CA TYR B 290 -19.79 10.63 -13.83
C TYR B 290 -20.76 11.68 -14.38
N THR B 291 -22.01 11.50 -14.09
CA THR B 291 -23.05 12.47 -14.54
C THR B 291 -23.31 13.44 -13.40
N PHE B 292 -23.05 14.69 -13.63
CA PHE B 292 -23.25 15.72 -12.57
C PHE B 292 -24.72 15.85 -12.22
N GLN B 293 -25.00 16.00 -10.96
CA GLN B 293 -26.43 16.16 -10.53
C GLN B 293 -26.63 17.48 -9.75
N GLN B 294 -25.58 18.12 -9.28
CA GLN B 294 -25.75 19.39 -8.52
C GLN B 294 -24.83 20.46 -9.09
N PRO B 295 -25.31 21.68 -9.15
CA PRO B 295 -24.53 22.83 -9.67
C PRO B 295 -23.67 23.47 -8.60
N GLY B 296 -22.64 24.16 -9.00
CA GLY B 296 -21.75 24.82 -8.01
C GLY B 296 -20.29 24.57 -8.39
N ILE B 297 -19.40 24.81 -7.48
CA ILE B 297 -17.95 24.58 -7.78
C ILE B 297 -17.44 23.35 -7.03
N TYR B 298 -16.87 22.41 -7.73
CA TYR B 298 -16.36 21.19 -7.08
C TYR B 298 -14.86 21.07 -7.34
N ALA B 299 -14.12 20.58 -6.38
CA ALA B 299 -12.65 20.44 -6.55
C ALA B 299 -12.34 18.99 -6.85
N TYR B 300 -11.49 18.74 -7.81
CA TYR B 300 -11.16 17.33 -8.14
C TYR B 300 -9.70 17.16 -7.86
N VAL B 301 -9.34 16.33 -6.94
CA VAL B 301 -7.88 16.27 -6.68
C VAL B 301 -7.44 14.98 -6.03
N ASN B 302 -6.16 14.84 -5.92
CA ASN B 302 -5.57 13.65 -5.29
C ASN B 302 -5.98 13.70 -3.85
N HIS B 303 -6.52 12.65 -3.36
CA HIS B 303 -7.00 12.70 -1.96
C HIS B 303 -5.83 12.99 -1.07
N ASN B 304 -4.72 12.32 -1.22
CA ASN B 304 -3.62 12.76 -0.31
C ASN B 304 -3.88 14.28 -0.02
N LEU B 305 -4.66 14.61 1.00
CA LEU B 305 -5.02 16.03 1.27
C LEU B 305 -3.78 16.89 1.19
N ILE B 306 -2.74 16.42 1.78
CA ILE B 306 -1.47 17.20 1.76
C ILE B 306 -1.06 17.42 0.31
N GLU B 307 -1.03 16.37 -0.45
CA GLU B 307 -0.65 16.50 -1.89
C GLU B 307 -1.67 17.39 -2.64
N ALA B 308 -2.94 17.34 -2.29
CA ALA B 308 -3.95 18.17 -3.01
C ALA B 308 -4.02 19.66 -2.53
N PHE B 309 -3.66 19.99 -1.30
CA PHE B 309 -3.79 21.42 -0.89
C PHE B 309 -2.41 22.03 -0.64
N GLU B 310 -1.53 21.28 -0.06
CA GLU B 310 -0.16 21.82 0.23
C GLU B 310 0.80 21.65 -0.97
N LEU B 311 0.64 20.66 -1.81
CA LEU B 311 1.60 20.49 -2.94
C LEU B 311 1.06 21.17 -4.19
N GLY B 312 -0.18 20.98 -4.47
CA GLY B 312 -0.81 21.60 -5.68
C GLY B 312 -1.54 20.55 -6.55
N ALA B 313 -2.15 19.51 -5.98
CA ALA B 313 -2.87 18.54 -6.84
C ALA B 313 -4.39 18.76 -6.71
N ALA B 314 -4.89 19.92 -7.07
CA ALA B 314 -6.36 20.15 -6.95
C ALA B 314 -6.86 21.10 -8.04
N ALA B 315 -7.79 20.66 -8.86
CA ALA B 315 -8.34 21.54 -9.91
C ALA B 315 -9.76 21.90 -9.51
N HIS B 316 -10.49 22.58 -10.33
CA HIS B 316 -11.89 22.93 -9.92
C HIS B 316 -12.85 22.91 -11.11
N PHE B 317 -14.00 22.28 -10.98
CA PHE B 317 -14.99 22.27 -12.10
C PHE B 317 -16.25 23.11 -11.75
N LYS B 318 -16.56 24.11 -12.56
CA LYS B 318 -17.74 24.95 -12.32
C LYS B 318 -18.90 24.26 -13.01
N VAL B 319 -20.01 24.17 -12.37
CA VAL B 319 -21.14 23.46 -12.98
C VAL B 319 -22.38 24.32 -12.88
N THR B 320 -23.05 24.47 -13.98
CA THR B 320 -24.29 25.29 -14.00
C THR B 320 -25.52 24.38 -13.94
N GLY B 321 -26.62 24.88 -13.45
CA GLY B 321 -27.84 24.04 -13.37
C GLY B 321 -28.70 24.48 -12.17
N GLU B 322 -29.61 23.63 -11.76
CA GLU B 322 -30.50 23.96 -10.62
C GLU B 322 -30.16 23.03 -9.46
N TRP B 323 -30.16 23.55 -8.29
CA TRP B 323 -29.83 22.74 -7.10
C TRP B 323 -30.93 21.72 -6.88
N ASN B 324 -30.58 20.66 -6.26
CA ASN B 324 -31.58 19.57 -5.99
C ASN B 324 -31.60 19.31 -4.49
N ASP B 325 -32.61 19.81 -3.83
CA ASP B 325 -32.70 19.63 -2.36
C ASP B 325 -32.85 18.14 -2.05
N ASP B 326 -33.64 17.46 -2.81
CA ASP B 326 -33.84 16.01 -2.56
C ASP B 326 -32.48 15.36 -2.26
N LEU B 327 -31.50 15.64 -3.07
CA LEU B 327 -30.14 15.06 -2.84
C LEU B 327 -29.48 15.70 -1.61
N MET B 328 -29.61 17.00 -1.43
CA MET B 328 -28.96 17.62 -0.25
C MET B 328 -29.62 18.95 0.05
N THR B 329 -29.84 19.24 1.30
CA THR B 329 -30.48 20.54 1.66
C THR B 329 -30.06 20.98 3.06
N SER B 330 -29.70 22.23 3.22
CA SER B 330 -29.29 22.73 4.55
C SER B 330 -30.55 23.04 5.37
N VAL B 331 -30.97 22.13 6.20
CA VAL B 331 -32.20 22.37 7.00
C VAL B 331 -31.99 23.58 7.89
N LEU B 332 -30.87 23.64 8.53
CA LEU B 332 -30.58 24.81 9.42
C LEU B 332 -29.20 25.39 9.07
N ALA B 333 -29.16 26.54 8.47
CA ALA B 333 -27.85 27.14 8.11
C ALA B 333 -27.08 27.47 9.39
N PRO B 334 -25.79 27.52 9.32
CA PRO B 334 -24.92 27.82 10.49
C PRO B 334 -25.44 29.02 11.29
N SER B 335 -25.82 28.81 12.52
CA SER B 335 -26.33 29.94 13.33
C SER B 335 -25.93 29.74 14.79
N GLY B 336 -26.47 30.55 15.66
CA GLY B 336 -26.14 30.41 17.11
C GLY B 336 -26.86 29.20 17.69
N ALA C 1 -11.21 -32.67 7.41
CA ALA C 1 -10.76 -34.09 7.46
C ALA C 1 -10.30 -34.42 8.89
N THR C 2 -10.35 -35.67 9.27
CA THR C 2 -9.92 -36.05 10.63
C THR C 2 -8.43 -36.40 10.60
N ALA C 3 -7.83 -36.54 11.75
CA ALA C 3 -6.38 -36.88 11.79
C ALA C 3 -6.14 -38.18 11.02
N ALA C 4 -6.97 -39.16 11.19
CA ALA C 4 -6.77 -40.46 10.47
C ALA C 4 -6.80 -40.21 8.97
N GLU C 5 -7.77 -39.46 8.50
CA GLU C 5 -7.85 -39.19 7.03
C GLU C 5 -6.57 -38.50 6.55
N ILE C 6 -6.08 -37.55 7.30
CA ILE C 6 -4.84 -36.83 6.88
C ILE C 6 -3.63 -37.79 6.91
N ALA C 7 -3.61 -38.68 7.86
CA ALA C 7 -2.45 -39.62 7.95
C ALA C 7 -2.44 -40.60 6.76
N ALA C 8 -3.57 -40.86 6.16
CA ALA C 8 -3.61 -41.82 5.02
C ALA C 8 -3.39 -41.10 3.67
N LEU C 9 -3.22 -39.81 3.65
CA LEU C 9 -3.01 -39.10 2.34
C LEU C 9 -1.55 -39.30 1.88
N PRO C 10 -1.33 -39.40 0.60
CA PRO C 10 0.04 -39.59 0.03
C PRO C 10 0.95 -38.37 0.28
N ARG C 11 2.18 -38.58 0.71
CA ARG C 11 3.09 -37.43 0.96
C ARG C 11 4.13 -37.33 -0.18
N GLN C 12 4.42 -36.13 -0.61
CA GLN C 12 5.42 -35.93 -1.69
C GLN C 12 6.46 -34.89 -1.24
N LYS C 13 7.71 -35.26 -1.24
CA LYS C 13 8.78 -34.34 -0.82
C LYS C 13 9.21 -33.55 -2.04
N VAL C 14 9.40 -32.29 -1.86
CA VAL C 14 9.80 -31.45 -3.01
C VAL C 14 11.11 -30.73 -2.72
N GLU C 15 11.97 -30.69 -3.70
CA GLU C 15 13.27 -30.01 -3.57
C GLU C 15 13.09 -28.59 -4.08
N LEU C 16 13.38 -27.64 -3.27
CA LEU C 16 13.17 -26.22 -3.67
C LEU C 16 14.38 -25.70 -4.42
N VAL C 17 14.16 -24.76 -5.30
CA VAL C 17 15.28 -24.17 -6.07
C VAL C 17 15.46 -22.73 -5.61
N ASP C 18 16.35 -22.01 -6.20
CA ASP C 18 16.53 -20.59 -5.76
C ASP C 18 15.90 -19.63 -6.80
N PRO C 19 15.12 -18.67 -6.35
CA PRO C 19 14.48 -17.68 -7.26
C PRO C 19 15.48 -17.15 -8.30
N PRO C 20 14.99 -16.66 -9.40
CA PRO C 20 13.52 -16.59 -9.68
C PRO C 20 12.93 -17.91 -10.18
N PHE C 21 13.73 -18.92 -10.35
CA PHE C 21 13.23 -20.23 -10.83
C PHE C 21 12.33 -20.86 -9.78
N VAL C 22 11.45 -21.71 -10.19
CA VAL C 22 10.54 -22.38 -9.27
C VAL C 22 10.81 -23.86 -9.38
N HIS C 23 10.41 -24.59 -8.41
CA HIS C 23 10.65 -26.06 -8.43
C HIS C 23 9.68 -26.72 -9.40
N ALA C 24 9.91 -27.97 -9.68
CA ALA C 24 9.02 -28.72 -10.60
C ALA C 24 7.64 -28.85 -9.96
N HIS C 25 6.62 -28.75 -10.77
CA HIS C 25 5.23 -28.87 -10.26
C HIS C 25 4.27 -28.92 -11.46
N SER C 26 3.13 -29.53 -11.30
CA SER C 26 2.16 -29.61 -12.41
C SER C 26 1.06 -28.59 -12.18
N GLN C 27 0.61 -27.95 -13.21
CA GLN C 27 -0.46 -26.92 -13.03
C GLN C 27 -1.69 -27.64 -12.53
N VAL C 28 -2.13 -28.58 -13.30
CA VAL C 28 -3.29 -29.41 -12.89
C VAL C 28 -2.81 -30.41 -11.85
N ALA C 29 -3.53 -30.54 -10.78
CA ALA C 29 -3.11 -31.46 -9.69
C ALA C 29 -3.08 -32.90 -10.18
N GLU C 30 -2.05 -33.61 -9.86
CA GLU C 30 -1.95 -35.04 -10.28
C GLU C 30 -2.38 -35.93 -9.11
N GLY C 31 -3.62 -36.33 -9.08
CA GLY C 31 -4.11 -37.17 -7.97
C GLY C 31 -4.93 -36.31 -7.01
N GLY C 32 -5.31 -36.85 -5.90
CA GLY C 32 -6.12 -36.06 -4.92
C GLY C 32 -5.18 -35.27 -3.98
N PRO C 33 -5.69 -34.87 -2.84
CA PRO C 33 -4.93 -34.10 -1.83
C PRO C 33 -3.70 -34.85 -1.33
N LYS C 34 -2.63 -34.14 -1.13
CA LYS C 34 -1.39 -34.80 -0.64
C LYS C 34 -0.57 -33.84 0.26
N VAL C 35 0.02 -34.37 1.30
CA VAL C 35 0.84 -33.57 2.24
C VAL C 35 2.21 -33.33 1.60
N VAL C 36 2.38 -32.15 1.12
CA VAL C 36 3.61 -31.76 0.44
C VAL C 36 4.60 -31.44 1.52
N GLU C 37 5.78 -31.86 1.33
CA GLU C 37 6.81 -31.63 2.38
C GLU C 37 7.95 -30.80 1.83
N PHE C 38 8.29 -29.74 2.51
CA PHE C 38 9.42 -28.88 2.07
C PHE C 38 10.26 -28.47 3.30
N THR C 39 11.56 -28.43 3.18
CA THR C 39 12.40 -28.05 4.35
C THR C 39 13.32 -26.89 3.97
N MET C 40 13.41 -25.90 4.81
CA MET C 40 14.28 -24.72 4.49
C MET C 40 15.09 -24.30 5.72
N VAL C 41 16.39 -24.23 5.59
CA VAL C 41 17.27 -23.81 6.70
C VAL C 41 17.45 -22.30 6.57
N ILE C 42 17.43 -21.62 7.65
CA ILE C 42 17.57 -20.14 7.61
C ILE C 42 19.03 -19.79 7.77
N GLU C 43 19.53 -18.92 6.95
CA GLU C 43 20.97 -18.57 7.07
C GLU C 43 21.15 -17.05 7.17
N GLU C 44 21.55 -16.55 8.31
CA GLU C 44 21.76 -15.07 8.42
C GLU C 44 23.21 -14.73 8.01
N LYS C 45 23.40 -14.08 6.88
CA LYS C 45 24.78 -13.76 6.47
C LYS C 45 24.77 -12.36 5.87
N LYS C 46 25.82 -12.02 5.21
CA LYS C 46 25.89 -10.66 4.57
C LYS C 46 25.80 -10.76 3.03
N ILE C 47 24.88 -10.03 2.44
CA ILE C 47 24.72 -10.01 0.96
C ILE C 47 24.96 -8.58 0.44
N VAL C 48 25.64 -8.48 -0.66
CA VAL C 48 25.95 -7.19 -1.27
C VAL C 48 24.74 -6.84 -2.05
N ILE C 49 24.40 -5.64 -2.05
CA ILE C 49 23.15 -5.25 -2.76
C ILE C 49 23.39 -4.32 -3.95
N ASP C 50 24.52 -3.69 -4.03
CA ASP C 50 24.75 -2.75 -5.17
C ASP C 50 26.18 -2.88 -5.68
N ASP C 51 26.58 -2.00 -6.55
CA ASP C 51 27.95 -2.07 -7.10
C ASP C 51 28.91 -1.39 -6.12
N ALA C 52 28.40 -0.48 -5.33
CA ALA C 52 29.29 0.22 -4.35
C ALA C 52 29.71 -0.73 -3.21
N GLY C 53 29.32 -1.98 -3.25
CA GLY C 53 29.72 -2.93 -2.16
C GLY C 53 28.83 -2.77 -0.91
N THR C 54 27.70 -2.09 -1.00
CA THR C 54 26.82 -1.94 0.18
C THR C 54 26.49 -3.33 0.69
N GLU C 55 26.37 -3.50 1.97
CA GLU C 55 26.08 -4.86 2.48
C GLU C 55 24.90 -4.85 3.48
N VAL C 56 24.01 -5.80 3.36
CA VAL C 56 22.87 -5.90 4.31
C VAL C 56 22.86 -7.29 5.01
N HIS C 57 22.82 -7.30 6.32
CA HIS C 57 22.80 -8.57 7.10
C HIS C 57 21.48 -9.25 6.79
N ALA C 58 21.49 -10.06 5.81
CA ALA C 58 20.25 -10.73 5.37
C ALA C 58 19.91 -11.97 6.22
N MET C 59 18.64 -12.12 6.45
CA MET C 59 18.10 -13.27 7.21
C MET C 59 17.39 -13.98 6.11
N ALA C 60 17.86 -15.09 5.72
CA ALA C 60 17.28 -15.63 4.50
C ALA C 60 16.89 -17.04 4.65
N PHE C 61 15.70 -17.25 4.30
CA PHE C 61 15.17 -18.66 4.32
C PHE C 61 15.72 -19.38 3.09
N ASN C 62 16.38 -20.50 3.25
CA ASN C 62 16.97 -21.20 2.08
C ASN C 62 18.24 -20.48 1.57
N GLY C 63 18.80 -19.57 2.34
CA GLY C 63 20.03 -18.86 1.88
C GLY C 63 19.75 -17.91 0.69
N THR C 64 18.53 -17.53 0.43
CA THR C 64 18.31 -16.59 -0.75
C THR C 64 17.16 -15.57 -0.50
N VAL C 65 17.38 -14.30 -0.84
CA VAL C 65 16.32 -13.29 -0.70
C VAL C 65 15.82 -12.99 -2.11
N PRO C 66 14.57 -13.21 -2.35
CA PRO C 66 13.61 -13.70 -1.33
C PRO C 66 13.58 -15.23 -1.25
N GLY C 67 13.18 -15.74 -0.13
CA GLY C 67 13.11 -17.22 0.02
C GLY C 67 12.57 -17.82 -1.28
N PRO C 68 12.57 -19.11 -1.37
CA PRO C 68 12.07 -19.84 -2.57
C PRO C 68 10.54 -19.92 -2.62
N LEU C 69 9.99 -20.04 -3.80
CA LEU C 69 8.50 -20.13 -3.92
C LEU C 69 8.05 -21.59 -3.85
N MET C 70 7.22 -21.92 -2.89
CA MET C 70 6.71 -23.29 -2.76
C MET C 70 5.41 -23.35 -3.54
N VAL C 71 5.14 -24.45 -4.13
CA VAL C 71 3.89 -24.53 -4.95
C VAL C 71 3.11 -25.83 -4.68
N VAL C 72 1.94 -25.70 -4.14
CA VAL C 72 1.05 -26.86 -3.88
C VAL C 72 -0.34 -26.50 -4.44
N HIS C 73 -1.27 -27.41 -4.42
CA HIS C 73 -2.62 -27.10 -4.95
C HIS C 73 -3.55 -26.79 -3.78
N GLN C 74 -4.72 -26.36 -4.09
CA GLN C 74 -5.70 -26.03 -3.03
C GLN C 74 -6.21 -27.32 -2.42
N ASP C 75 -6.23 -27.39 -1.13
CA ASP C 75 -6.68 -28.63 -0.45
C ASP C 75 -5.47 -29.38 0.08
N ASP C 76 -4.39 -29.37 -0.65
CA ASP C 76 -3.16 -30.08 -0.19
C ASP C 76 -2.61 -29.39 1.06
N TYR C 77 -2.00 -30.15 1.92
CA TYR C 77 -1.43 -29.57 3.17
C TYR C 77 0.09 -29.39 2.99
N LEU C 78 0.55 -28.23 3.29
CA LEU C 78 1.99 -27.91 3.17
C LEU C 78 2.64 -28.14 4.52
N GLU C 79 3.61 -28.99 4.55
CA GLU C 79 4.29 -29.32 5.82
C GLU C 79 5.71 -28.85 5.66
N LEU C 80 6.09 -27.89 6.41
CA LEU C 80 7.46 -27.34 6.23
C LEU C 80 8.33 -27.51 7.47
N THR C 81 9.42 -28.20 7.32
CA THR C 81 10.38 -28.37 8.46
C THR C 81 11.41 -27.24 8.37
N LEU C 82 11.35 -26.30 9.28
CA LEU C 82 12.27 -25.17 9.26
C LEU C 82 13.36 -25.48 10.23
N ILE C 83 14.49 -24.98 9.96
CA ILE C 83 15.65 -25.27 10.85
C ILE C 83 16.53 -24.02 11.01
N ASN C 84 16.75 -23.64 12.23
CA ASN C 84 17.62 -22.46 12.52
C ASN C 84 18.93 -22.99 13.09
N PRO C 85 19.94 -23.03 12.26
CA PRO C 85 21.28 -23.56 12.63
C PRO C 85 21.94 -22.86 13.82
N GLU C 86 22.73 -23.57 14.58
CA GLU C 86 23.42 -22.94 15.74
C GLU C 86 24.29 -21.75 15.27
N THR C 87 24.78 -21.79 14.05
CA THR C 87 25.64 -20.66 13.55
C THR C 87 24.89 -19.32 13.61
N ASN C 88 23.58 -19.33 13.53
CA ASN C 88 22.83 -18.04 13.55
C ASN C 88 22.86 -17.45 14.96
N THR C 89 22.38 -16.25 15.11
CA THR C 89 22.38 -15.61 16.46
C THR C 89 20.98 -15.04 16.84
N LEU C 90 19.96 -15.20 16.02
CA LEU C 90 18.62 -14.63 16.42
C LEU C 90 17.50 -15.66 16.24
N MET C 91 16.53 -15.69 17.14
CA MET C 91 15.40 -16.66 16.97
C MET C 91 14.45 -16.15 15.88
N HIS C 92 13.99 -17.03 15.01
CA HIS C 92 13.08 -16.60 13.93
C HIS C 92 11.71 -17.29 14.08
N ASN C 93 10.99 -17.34 13.00
CA ASN C 93 9.64 -17.97 12.97
C ASN C 93 9.04 -17.71 11.57
N ILE C 94 8.07 -18.48 11.13
CA ILE C 94 7.51 -18.24 9.77
C ILE C 94 5.98 -18.09 9.81
N ASP C 95 5.47 -17.04 9.23
CA ASP C 95 4.00 -16.83 9.17
C ASP C 95 3.55 -16.83 7.69
N PHE C 96 2.82 -17.84 7.28
CA PHE C 96 2.38 -17.92 5.87
C PHE C 96 0.98 -17.33 5.72
N HIS C 97 0.88 -16.28 4.97
CA HIS C 97 -0.44 -15.62 4.74
C HIS C 97 -1.47 -16.65 4.23
N ALA C 98 -1.02 -17.69 3.58
CA ALA C 98 -1.97 -18.70 3.03
C ALA C 98 -2.41 -19.73 4.09
N ALA C 99 -2.10 -19.49 5.33
CA ALA C 99 -2.53 -20.44 6.40
C ALA C 99 -3.57 -19.77 7.28
N THR C 100 -4.21 -20.52 8.13
CA THR C 100 -5.26 -19.91 9.02
C THR C 100 -5.10 -20.39 10.47
N GLY C 101 -4.69 -19.51 11.35
CA GLY C 101 -4.55 -19.88 12.81
C GLY C 101 -3.09 -19.69 13.31
N ALA C 102 -2.90 -19.16 14.52
CA ALA C 102 -1.51 -19.00 15.05
C ALA C 102 -0.71 -17.93 14.28
N LEU C 103 -1.31 -16.79 14.05
CA LEU C 103 -0.58 -15.69 13.34
C LEU C 103 0.06 -16.20 12.05
N GLY C 104 -0.60 -17.10 11.37
CA GLY C 104 -0.04 -17.62 10.09
C GLY C 104 1.08 -18.64 10.37
N GLY C 105 1.08 -19.24 11.52
CA GLY C 105 2.14 -20.25 11.84
C GLY C 105 3.31 -19.62 12.63
N GLY C 106 3.33 -18.33 12.83
CA GLY C 106 4.46 -17.70 13.58
C GLY C 106 4.36 -18.04 15.08
N GLY C 107 3.17 -18.20 15.59
CA GLY C 107 3.02 -18.52 17.05
C GLY C 107 3.46 -19.96 17.36
N LEU C 108 3.56 -20.82 16.37
CA LEU C 108 3.97 -22.23 16.64
C LEU C 108 5.27 -22.60 15.88
N THR C 109 6.09 -21.64 15.55
CA THR C 109 7.37 -21.94 14.83
C THR C 109 8.54 -21.06 15.37
N GLU C 110 8.46 -20.52 16.56
CA GLU C 110 9.58 -19.70 17.09
C GLU C 110 10.71 -20.64 17.46
N ILE C 111 11.80 -20.60 16.74
CA ILE C 111 12.91 -21.54 17.04
C ILE C 111 14.21 -20.78 17.18
N ASN C 112 14.87 -20.92 18.28
CA ASN C 112 16.16 -20.22 18.48
C ASN C 112 17.30 -21.07 17.91
N PRO C 113 18.43 -20.46 17.65
CA PRO C 113 19.61 -21.17 17.11
C PRO C 113 19.73 -22.59 17.68
N GLY C 114 19.93 -23.56 16.83
CA GLY C 114 20.03 -24.97 17.32
C GLY C 114 18.64 -25.61 17.50
N GLU C 115 17.59 -25.04 16.94
CA GLU C 115 16.24 -25.65 17.10
C GLU C 115 15.50 -25.70 15.74
N LYS C 116 14.74 -26.74 15.50
CA LYS C 116 13.96 -26.86 14.23
C LYS C 116 12.56 -27.38 14.54
N THR C 117 11.59 -27.03 13.76
CA THR C 117 10.22 -27.49 14.03
C THR C 117 9.57 -27.89 12.72
N ILE C 118 8.38 -28.39 12.81
CA ILE C 118 7.65 -28.80 11.59
C ILE C 118 6.19 -28.35 11.72
N LEU C 119 5.72 -27.55 10.81
CA LEU C 119 4.32 -27.07 10.90
C LEU C 119 3.57 -27.46 9.64
N ARG C 120 2.39 -27.97 9.80
CA ARG C 120 1.60 -28.38 8.61
C ARG C 120 0.25 -27.65 8.60
N PHE C 121 -0.08 -27.01 7.52
CA PHE C 121 -1.37 -26.29 7.43
C PHE C 121 -2.08 -26.66 6.11
N LYS C 122 -3.39 -26.57 6.09
CA LYS C 122 -4.17 -26.89 4.88
C LYS C 122 -4.27 -25.64 4.00
N ALA C 123 -3.97 -25.80 2.76
CA ALA C 123 -4.03 -24.68 1.80
C ALA C 123 -5.45 -24.62 1.32
N THR C 124 -6.23 -23.88 2.01
CA THR C 124 -7.70 -23.84 1.69
C THR C 124 -8.10 -22.76 0.66
N LYS C 125 -7.21 -21.90 0.28
CA LYS C 125 -7.57 -20.83 -0.68
C LYS C 125 -6.52 -20.79 -1.79
N PRO C 126 -6.96 -20.69 -3.01
CA PRO C 126 -6.06 -20.66 -4.19
C PRO C 126 -5.51 -19.26 -4.48
N GLY C 127 -4.21 -19.14 -4.67
CA GLY C 127 -3.65 -17.79 -4.98
C GLY C 127 -2.24 -17.64 -4.39
N VAL C 128 -1.45 -16.77 -4.96
CA VAL C 128 -0.08 -16.55 -4.46
C VAL C 128 -0.19 -15.78 -3.15
N PHE C 129 0.67 -16.07 -2.23
CA PHE C 129 0.59 -15.39 -0.93
C PHE C 129 2.00 -15.18 -0.43
N VAL C 130 2.21 -14.19 0.36
CA VAL C 130 3.62 -13.95 0.85
C VAL C 130 3.87 -14.51 2.28
N TYR C 131 4.94 -15.28 2.47
CA TYR C 131 5.29 -15.79 3.80
C TYR C 131 6.44 -14.94 4.32
N HIS C 132 6.60 -14.81 5.60
CA HIS C 132 7.70 -13.95 6.13
C HIS C 132 7.87 -14.15 7.64
N CYS C 133 9.10 -14.12 8.12
CA CYS C 133 9.34 -14.34 9.58
C CYS C 133 8.86 -13.10 10.34
N ALA C 134 8.39 -13.27 11.54
CA ALA C 134 7.90 -12.08 12.29
C ALA C 134 7.96 -12.34 13.79
N PRO C 135 9.13 -12.36 14.34
CA PRO C 135 9.33 -12.58 15.80
C PRO C 135 8.74 -11.41 16.61
N PRO C 136 7.88 -11.71 17.55
CA PRO C 136 7.23 -10.66 18.40
C PRO C 136 8.19 -9.54 18.84
N GLY C 137 7.89 -8.30 18.51
CA GLY C 137 8.79 -7.18 18.93
C GLY C 137 9.80 -6.78 17.83
N MET C 138 10.12 -7.65 16.90
CA MET C 138 11.11 -7.28 15.86
C MET C 138 10.62 -7.77 14.51
N VAL C 139 9.36 -7.58 14.26
CA VAL C 139 8.79 -8.04 12.96
C VAL C 139 9.42 -7.30 11.76
N PRO C 140 9.16 -6.03 11.64
CA PRO C 140 9.65 -5.18 10.52
C PRO C 140 11.14 -5.37 10.24
N TRP C 141 11.92 -5.56 11.27
CA TRP C 141 13.39 -5.75 11.07
C TRP C 141 13.67 -7.05 10.30
N HIS C 142 13.08 -8.14 10.71
CA HIS C 142 13.32 -9.44 10.03
C HIS C 142 12.82 -9.39 8.58
N VAL C 143 11.70 -8.78 8.34
CA VAL C 143 11.15 -8.73 6.95
C VAL C 143 12.06 -7.87 6.06
N VAL C 144 12.44 -6.71 6.53
CA VAL C 144 13.30 -5.81 5.70
C VAL C 144 14.64 -6.49 5.47
N SER C 145 15.09 -7.24 6.43
CA SER C 145 16.39 -7.95 6.27
C SER C 145 16.31 -9.00 5.14
N GLY C 146 15.19 -9.15 4.50
CA GLY C 146 15.05 -10.15 3.41
C GLY C 146 14.52 -11.48 3.94
N MET C 147 13.79 -11.48 5.03
CA MET C 147 13.26 -12.77 5.55
C MET C 147 11.80 -12.93 5.09
N ASN C 148 11.61 -13.15 3.82
CA ASN C 148 10.23 -13.29 3.31
C ASN C 148 10.26 -13.79 1.85
N GLY C 149 9.27 -14.52 1.47
CA GLY C 149 9.19 -15.06 0.07
C GLY C 149 7.71 -15.19 -0.32
N ALA C 150 7.31 -16.28 -0.94
CA ALA C 150 5.87 -16.41 -1.32
C ALA C 150 5.55 -17.83 -1.83
N ILE C 151 4.36 -18.32 -1.55
CA ILE C 151 3.96 -19.67 -2.03
C ILE C 151 2.76 -19.55 -2.97
N MET C 152 2.63 -20.44 -3.91
CA MET C 152 1.49 -20.38 -4.87
C MET C 152 0.62 -21.64 -4.76
N VAL C 153 -0.59 -21.48 -4.30
CA VAL C 153 -1.52 -22.63 -4.17
C VAL C 153 -2.39 -22.57 -5.40
N LEU C 154 -2.14 -23.43 -6.32
CA LEU C 154 -2.90 -23.35 -7.61
C LEU C 154 -4.16 -24.20 -7.59
N PRO C 155 -5.22 -23.70 -8.17
CA PRO C 155 -6.49 -24.46 -8.27
C PRO C 155 -6.23 -25.89 -8.76
N ARG C 156 -6.89 -26.87 -8.20
CA ARG C 156 -6.67 -28.27 -8.62
C ARG C 156 -6.72 -28.39 -10.13
N GLU C 157 -7.59 -27.66 -10.76
CA GLU C 157 -7.71 -27.73 -12.25
C GLU C 157 -6.79 -26.70 -12.96
N GLY C 158 -5.80 -26.16 -12.29
CA GLY C 158 -4.90 -25.17 -12.97
C GLY C 158 -5.51 -23.77 -12.92
N LEU C 159 -4.96 -22.86 -13.68
CA LEU C 159 -5.51 -21.46 -13.68
C LEU C 159 -6.45 -21.26 -14.87
N HIS C 160 -7.45 -20.42 -14.70
CA HIS C 160 -8.41 -20.15 -15.80
C HIS C 160 -8.73 -18.64 -15.77
N ASP C 161 -9.16 -18.11 -16.87
CA ASP C 161 -9.48 -16.64 -16.92
C ASP C 161 -10.74 -16.35 -16.11
N GLY C 162 -11.39 -15.24 -16.38
CA GLY C 162 -12.63 -14.89 -15.61
C GLY C 162 -13.85 -15.66 -16.18
N LYS C 163 -13.79 -16.11 -17.40
CA LYS C 163 -14.96 -16.85 -17.97
C LYS C 163 -14.86 -18.36 -17.70
N GLY C 164 -13.73 -18.82 -17.22
CA GLY C 164 -13.59 -20.30 -16.95
C GLY C 164 -12.57 -20.97 -17.92
N LYS C 165 -12.14 -20.32 -18.97
CA LYS C 165 -11.18 -20.96 -19.92
C LYS C 165 -9.88 -21.26 -19.20
N ALA C 166 -9.20 -22.28 -19.60
CA ALA C 166 -7.91 -22.64 -18.94
C ALA C 166 -6.72 -21.82 -19.51
N LEU C 167 -5.94 -21.22 -18.63
CA LEU C 167 -4.74 -20.46 -19.02
C LEU C 167 -3.55 -21.25 -18.50
N THR C 168 -2.74 -21.73 -19.39
CA THR C 168 -1.61 -22.56 -18.99
C THR C 168 -0.37 -21.85 -19.39
N TYR C 169 0.56 -21.82 -18.54
CA TYR C 169 1.82 -21.09 -18.85
C TYR C 169 2.96 -22.06 -19.14
N ASP C 170 3.82 -21.71 -20.06
CA ASP C 170 4.99 -22.58 -20.37
C ASP C 170 6.16 -22.28 -19.41
N LYS C 171 6.24 -21.08 -18.87
CA LYS C 171 7.36 -20.76 -17.95
C LYS C 171 6.86 -19.87 -16.81
N ILE C 172 7.36 -20.08 -15.63
CA ILE C 172 6.93 -19.25 -14.47
C ILE C 172 8.16 -18.77 -13.67
N TYR C 173 8.21 -17.49 -13.38
CA TYR C 173 9.36 -16.93 -12.62
C TYR C 173 8.79 -16.20 -11.41
N TYR C 174 9.51 -16.19 -10.34
CA TYR C 174 9.05 -15.51 -9.11
C TYR C 174 10.02 -14.41 -8.75
N VAL C 175 9.57 -13.19 -8.81
CA VAL C 175 10.46 -12.04 -8.50
C VAL C 175 10.03 -11.40 -7.18
N GLY C 176 10.80 -11.61 -6.16
CA GLY C 176 10.50 -11.03 -4.83
C GLY C 176 11.19 -9.69 -4.71
N GLU C 177 10.44 -8.67 -4.47
CA GLU C 177 10.99 -7.31 -4.36
C GLU C 177 11.30 -7.08 -2.91
N GLN C 178 12.30 -6.33 -2.65
CA GLN C 178 12.66 -6.08 -1.23
C GLN C 178 13.14 -4.65 -1.02
N ASP C 179 12.53 -3.95 -0.12
CA ASP C 179 12.96 -2.55 0.16
C ASP C 179 13.88 -2.56 1.39
N PHE C 180 15.10 -2.14 1.24
CA PHE C 180 16.02 -2.15 2.39
C PHE C 180 16.11 -0.75 2.99
N TYR C 181 16.88 -0.64 4.02
CA TYR C 181 17.06 0.67 4.71
C TYR C 181 18.46 0.64 5.30
N VAL C 182 19.43 1.00 4.52
CA VAL C 182 20.83 0.91 4.99
C VAL C 182 21.28 2.21 5.61
N PRO C 183 21.81 2.12 6.79
CA PRO C 183 22.33 3.32 7.52
C PRO C 183 23.60 3.91 6.87
N ARG C 184 23.70 5.23 6.79
CA ARG C 184 24.89 5.87 6.19
C ARG C 184 25.56 6.73 7.25
N ASP C 185 26.82 7.00 7.09
CA ASP C 185 27.55 7.83 8.10
C ASP C 185 27.29 9.33 7.87
N GLU C 186 28.20 10.19 8.27
CA GLU C 186 27.98 11.66 8.08
C GLU C 186 28.33 12.08 6.65
N ASN C 187 29.24 11.38 6.00
CA ASN C 187 29.62 11.77 4.61
C ASN C 187 28.63 11.18 3.57
N GLY C 188 27.71 10.35 3.97
CA GLY C 188 26.74 9.77 2.99
C GLY C 188 27.16 8.34 2.56
N LYS C 189 28.23 7.79 3.09
CA LYS C 189 28.64 6.41 2.70
C LYS C 189 27.90 5.37 3.54
N TYR C 190 27.45 4.31 2.92
CA TYR C 190 26.73 3.26 3.66
C TYR C 190 27.65 2.70 4.72
N LYS C 191 27.11 2.32 5.82
CA LYS C 191 27.95 1.78 6.92
C LYS C 191 27.89 0.24 6.91
N LYS C 192 28.97 -0.38 7.28
CA LYS C 192 28.99 -1.86 7.32
C LYS C 192 29.30 -2.29 8.74
N TYR C 193 28.85 -3.44 9.14
CA TYR C 193 29.12 -3.87 10.52
C TYR C 193 29.71 -5.25 10.52
N GLU C 194 29.67 -5.91 11.62
CA GLU C 194 30.24 -7.29 11.69
C GLU C 194 29.14 -8.29 12.09
N ALA C 195 28.09 -7.84 12.74
CA ALA C 195 27.02 -8.77 13.14
C ALA C 195 25.68 -8.14 12.81
N PRO C 196 24.65 -8.92 12.87
CA PRO C 196 23.26 -8.46 12.57
C PRO C 196 22.70 -7.53 13.65
N GLY C 197 22.98 -7.81 14.90
CA GLY C 197 22.44 -6.95 15.99
C GLY C 197 23.15 -5.57 16.01
N ASP C 198 24.40 -5.52 15.63
CA ASP C 198 25.14 -4.22 15.65
C ASP C 198 24.46 -3.20 14.74
N ALA C 199 23.73 -3.64 13.75
CA ALA C 199 23.06 -2.67 12.82
C ALA C 199 21.54 -2.54 13.11
N TYR C 200 21.07 -3.00 14.24
CA TYR C 200 19.60 -2.87 14.55
C TYR C 200 19.17 -1.40 14.85
N GLU C 201 19.84 -0.69 15.74
CA GLU C 201 19.41 0.69 16.08
C GLU C 201 19.53 1.61 14.87
N ASP C 202 20.64 1.56 14.20
CA ASP C 202 20.85 2.45 13.01
C ASP C 202 19.83 2.11 11.93
N THR C 203 19.53 0.87 11.76
CA THR C 203 18.54 0.48 10.71
C THR C 203 17.15 1.00 11.09
N VAL C 204 16.73 0.79 12.30
CA VAL C 204 15.38 1.27 12.73
C VAL C 204 15.23 2.75 12.38
N LYS C 205 16.24 3.53 12.68
CA LYS C 205 16.16 4.98 12.37
C LYS C 205 15.84 5.18 10.89
N VAL C 206 16.48 4.44 10.02
CA VAL C 206 16.21 4.59 8.56
C VAL C 206 14.82 4.05 8.24
N MET C 207 14.45 2.94 8.83
CA MET C 207 13.11 2.36 8.53
C MET C 207 12.00 3.34 8.92
N ARG C 208 12.17 4.08 9.98
CA ARG C 208 11.11 5.05 10.40
C ARG C 208 10.87 6.09 9.29
N THR C 209 11.91 6.49 8.62
CA THR C 209 11.75 7.50 7.54
C THR C 209 10.83 6.98 6.42
N LEU C 210 10.46 5.72 6.44
CA LEU C 210 9.57 5.19 5.36
C LEU C 210 10.19 5.48 3.98
N THR C 211 11.50 5.55 3.91
CA THR C 211 12.15 5.82 2.60
C THR C 211 13.30 4.83 2.43
N PRO C 212 13.08 3.80 1.66
CA PRO C 212 14.11 2.74 1.42
C PRO C 212 15.32 3.22 0.61
N THR C 213 16.52 2.96 1.09
CA THR C 213 17.73 3.40 0.33
C THR C 213 17.86 2.55 -0.96
N HIS C 214 17.29 1.38 -1.00
CA HIS C 214 17.40 0.53 -2.22
C HIS C 214 16.19 -0.40 -2.30
N VAL C 215 15.59 -0.49 -3.46
CA VAL C 215 14.41 -1.37 -3.62
C VAL C 215 14.75 -2.25 -4.79
N VAL C 216 14.92 -3.51 -4.59
CA VAL C 216 15.37 -4.28 -5.76
C VAL C 216 14.68 -5.61 -5.86
N PHE C 217 15.12 -6.40 -6.78
CA PHE C 217 14.50 -7.73 -6.98
C PHE C 217 15.57 -8.81 -6.86
N ASN C 218 15.28 -9.86 -6.15
CA ASN C 218 16.29 -10.96 -5.97
C ASN C 218 17.38 -10.61 -4.93
N GLY C 219 17.22 -9.55 -4.16
CA GLY C 219 18.25 -9.20 -3.13
C GLY C 219 19.44 -8.34 -3.69
N ALA C 220 19.36 -7.69 -4.84
CA ALA C 220 20.53 -6.85 -5.27
C ALA C 220 20.22 -6.03 -6.54
N VAL C 221 20.65 -4.78 -6.58
CA VAL C 221 20.42 -3.97 -7.81
C VAL C 221 21.08 -4.69 -8.98
N GLY C 222 20.36 -4.90 -10.04
CA GLY C 222 20.95 -5.62 -11.20
C GLY C 222 21.05 -7.14 -10.93
N ALA C 223 20.23 -7.69 -10.04
CA ALA C 223 20.31 -9.16 -9.78
C ALA C 223 19.68 -10.00 -10.92
N LEU C 224 18.55 -9.60 -11.46
CA LEU C 224 17.88 -10.40 -12.55
C LEU C 224 18.20 -9.86 -13.95
N THR C 225 19.41 -9.46 -14.18
CA THR C 225 19.85 -8.97 -15.52
C THR C 225 21.24 -9.55 -15.83
N GLY C 226 21.56 -9.73 -17.08
CA GLY C 226 22.88 -10.32 -17.45
C GLY C 226 22.75 -11.83 -17.40
N ASP C 227 23.57 -12.47 -16.62
CA ASP C 227 23.46 -13.96 -16.52
C ASP C 227 22.12 -14.37 -15.87
N LYS C 228 21.49 -13.48 -15.12
CA LYS C 228 20.18 -13.85 -14.48
C LYS C 228 18.97 -13.31 -15.27
N ALA C 229 19.17 -12.60 -16.35
CA ALA C 229 17.98 -12.08 -17.11
C ALA C 229 17.03 -13.24 -17.45
N MET C 230 15.76 -13.09 -17.15
CA MET C 230 14.80 -14.16 -17.47
C MET C 230 14.87 -14.43 -18.96
N THR C 231 14.20 -15.43 -19.40
CA THR C 231 14.20 -15.76 -20.84
C THR C 231 12.79 -16.19 -21.29
N ALA C 232 12.49 -15.95 -22.54
CA ALA C 232 11.16 -16.33 -23.10
C ALA C 232 11.22 -16.14 -24.63
N ALA C 233 10.46 -16.91 -25.38
CA ALA C 233 10.49 -16.78 -26.85
C ALA C 233 9.10 -16.41 -27.36
N VAL C 234 9.05 -15.69 -28.43
CA VAL C 234 7.75 -15.27 -29.01
C VAL C 234 6.83 -16.46 -29.05
N GLY C 235 5.61 -16.27 -28.64
CA GLY C 235 4.63 -17.40 -28.63
C GLY C 235 4.61 -18.14 -27.26
N GLU C 236 5.51 -17.84 -26.36
CA GLU C 236 5.53 -18.52 -25.05
C GLU C 236 4.69 -17.74 -24.04
N LYS C 237 4.03 -18.44 -23.18
CA LYS C 237 3.18 -17.80 -22.15
C LYS C 237 3.94 -17.91 -20.86
N VAL C 238 4.04 -16.86 -20.14
CA VAL C 238 4.83 -16.90 -18.90
C VAL C 238 4.10 -16.23 -17.76
N LEU C 239 4.11 -16.86 -16.63
CA LEU C 239 3.45 -16.29 -15.43
C LEU C 239 4.53 -15.72 -14.52
N ILE C 240 4.44 -14.46 -14.18
CA ILE C 240 5.46 -13.82 -13.33
C ILE C 240 4.85 -13.45 -11.97
N VAL C 241 5.13 -14.25 -10.98
CA VAL C 241 4.62 -13.97 -9.62
C VAL C 241 5.54 -12.96 -8.97
N HIS C 242 4.98 -12.04 -8.28
CA HIS C 242 5.80 -10.99 -7.65
C HIS C 242 5.27 -10.74 -6.25
N SER C 243 6.14 -10.59 -5.32
CA SER C 243 5.68 -10.36 -3.92
C SER C 243 6.49 -9.26 -3.23
N GLN C 244 5.83 -8.55 -2.35
CA GLN C 244 6.45 -7.46 -1.55
C GLN C 244 5.85 -7.58 -0.14
N ALA C 245 6.63 -8.04 0.80
CA ALA C 245 6.12 -8.27 2.18
C ALA C 245 6.60 -7.16 3.11
N ASN C 246 6.45 -5.98 2.65
CA ASN C 246 6.85 -4.77 3.43
C ASN C 246 6.86 -3.50 2.54
N ARG C 247 5.99 -3.38 1.54
CA ARG C 247 6.02 -2.14 0.72
C ARG C 247 5.14 -2.30 -0.51
N ASP C 248 4.40 -1.29 -0.88
CA ASP C 248 3.53 -1.42 -2.10
C ASP C 248 4.36 -1.17 -3.40
N THR C 249 4.19 -2.01 -4.41
CA THR C 249 4.92 -1.81 -5.69
C THR C 249 3.90 -1.73 -6.83
N ARG C 250 4.37 -1.53 -8.01
CA ARG C 250 3.48 -1.44 -9.21
C ARG C 250 4.23 -1.99 -10.42
N PRO C 251 4.15 -3.28 -10.60
CA PRO C 251 4.85 -4.01 -11.69
C PRO C 251 4.49 -3.50 -13.09
N HIS C 252 5.42 -3.57 -13.98
CA HIS C 252 5.18 -3.13 -15.39
C HIS C 252 6.25 -3.72 -16.35
N LEU C 253 5.82 -4.54 -17.29
CA LEU C 253 6.75 -5.13 -18.29
C LEU C 253 6.90 -4.15 -19.45
N ILE C 254 8.04 -3.56 -19.55
CA ILE C 254 8.34 -2.57 -20.60
C ILE C 254 8.31 -3.27 -21.93
N GLY C 255 7.53 -2.76 -22.81
CA GLY C 255 7.43 -3.41 -24.15
C GLY C 255 6.28 -4.44 -24.16
N GLY C 256 5.76 -4.83 -23.02
CA GLY C 256 4.66 -5.83 -23.01
C GLY C 256 3.57 -5.39 -22.05
N HIS C 257 2.78 -6.31 -21.59
CA HIS C 257 1.68 -5.96 -20.66
C HIS C 257 1.20 -7.23 -19.94
N GLY C 258 0.40 -7.06 -18.93
CA GLY C 258 -0.12 -8.23 -18.18
C GLY C 258 -1.44 -8.64 -18.80
N ASP C 259 -1.41 -9.60 -19.66
CA ASP C 259 -2.66 -10.03 -20.34
C ASP C 259 -3.72 -10.27 -19.28
N TYR C 260 -3.41 -11.12 -18.37
CA TYR C 260 -4.34 -11.42 -17.25
C TYR C 260 -3.56 -11.21 -15.96
N VAL C 261 -4.03 -10.39 -15.06
CA VAL C 261 -3.22 -10.15 -13.83
C VAL C 261 -4.06 -10.24 -12.56
N TRP C 262 -3.85 -11.26 -11.79
CA TRP C 262 -4.57 -11.38 -10.49
C TRP C 262 -3.83 -10.46 -9.55
N ALA C 263 -4.18 -9.21 -9.58
CA ALA C 263 -3.45 -8.18 -8.80
C ALA C 263 -3.49 -8.53 -7.33
N THR C 264 -4.61 -8.93 -6.89
CA THR C 264 -4.77 -9.29 -5.45
C THR C 264 -4.07 -10.63 -5.15
N GLY C 265 -3.60 -11.31 -6.16
CA GLY C 265 -2.92 -12.63 -5.89
C GLY C 265 -3.94 -13.70 -5.39
N LYS C 266 -5.18 -13.60 -5.79
CA LYS C 266 -6.20 -14.59 -5.37
C LYS C 266 -6.84 -15.12 -6.66
N PHE C 267 -6.81 -16.39 -6.85
CA PHE C 267 -7.36 -16.98 -8.12
C PHE C 267 -8.89 -16.81 -8.18
N ASN C 268 -9.56 -16.97 -7.09
CA ASN C 268 -11.04 -16.85 -7.08
C ASN C 268 -11.43 -15.48 -7.59
N THR C 269 -10.63 -14.50 -7.31
CA THR C 269 -10.95 -13.13 -7.77
C THR C 269 -10.56 -13.00 -9.25
N PRO C 270 -11.52 -12.75 -10.10
CA PRO C 270 -11.27 -12.61 -11.57
C PRO C 270 -10.02 -11.77 -11.87
N PRO C 271 -9.19 -12.18 -12.81
CA PRO C 271 -7.94 -11.42 -13.14
C PRO C 271 -8.15 -10.20 -14.08
N ASP C 272 -7.74 -9.00 -13.69
CA ASP C 272 -7.90 -7.86 -14.61
C ASP C 272 -7.29 -8.27 -15.95
N VAL C 273 -7.49 -7.52 -16.98
CA VAL C 273 -6.91 -7.93 -18.30
C VAL C 273 -6.38 -6.70 -19.07
N ASP C 274 -5.38 -6.91 -19.89
CA ASP C 274 -4.82 -5.81 -20.70
C ASP C 274 -4.28 -4.79 -19.73
N GLN C 275 -3.44 -5.22 -18.85
CA GLN C 275 -2.92 -4.24 -17.83
C GLN C 275 -1.53 -3.69 -18.19
N GLU C 276 -1.37 -2.37 -18.22
CA GLU C 276 -0.02 -1.78 -18.49
C GLU C 276 0.83 -1.79 -17.20
N THR C 277 0.24 -1.48 -16.06
CA THR C 277 0.97 -1.45 -14.78
C THR C 277 -0.02 -1.87 -13.69
N TRP C 278 0.31 -2.85 -12.93
CA TRP C 278 -0.63 -3.33 -11.89
C TRP C 278 -0.31 -2.70 -10.55
N PHE C 279 -0.79 -3.28 -9.48
CA PHE C 279 -0.52 -2.72 -8.14
C PHE C 279 -0.63 -3.81 -7.07
N ILE C 280 0.45 -4.07 -6.37
CA ILE C 280 0.44 -5.10 -5.30
C ILE C 280 0.79 -4.39 -4.00
N PRO C 281 -0.12 -4.39 -3.07
CA PRO C 281 0.06 -3.70 -1.75
C PRO C 281 1.01 -4.43 -0.79
N GLY C 282 1.91 -3.70 -0.18
CA GLY C 282 2.83 -4.32 0.79
C GLY C 282 2.07 -5.40 1.54
N GLY C 283 2.72 -6.47 1.82
CA GLY C 283 2.06 -7.60 2.52
C GLY C 283 1.23 -8.42 1.53
N ALA C 284 1.61 -8.50 0.27
CA ALA C 284 0.76 -9.31 -0.67
C ALA C 284 1.52 -9.69 -1.95
N ALA C 285 1.27 -10.86 -2.48
CA ALA C 285 1.94 -11.27 -3.76
C ALA C 285 0.89 -11.45 -4.87
N GLY C 286 1.15 -10.97 -6.06
CA GLY C 286 0.16 -11.11 -7.16
C GLY C 286 0.75 -12.00 -8.26
N ALA C 287 0.15 -11.97 -9.42
CA ALA C 287 0.65 -12.80 -10.55
C ALA C 287 0.13 -12.23 -11.87
N ALA C 288 0.97 -12.20 -12.87
CA ALA C 288 0.56 -11.67 -14.20
C ALA C 288 0.98 -12.67 -15.27
N PHE C 289 0.09 -12.96 -16.17
CA PHE C 289 0.41 -13.94 -17.24
C PHE C 289 0.40 -13.21 -18.57
N TYR C 290 1.38 -13.41 -19.37
CA TYR C 290 1.43 -12.70 -20.67
C TYR C 290 2.12 -13.55 -21.73
N THR C 291 1.61 -13.51 -22.92
CA THR C 291 2.20 -14.27 -24.04
C THR C 291 3.06 -13.32 -24.85
N PHE C 292 4.33 -13.59 -24.92
CA PHE C 292 5.25 -12.70 -25.67
C PHE C 292 4.94 -12.72 -27.16
N GLN C 293 4.96 -11.57 -27.78
CA GLN C 293 4.69 -11.49 -29.24
C GLN C 293 5.88 -10.86 -30.00
N GLN C 294 6.82 -10.25 -29.31
CA GLN C 294 7.98 -9.63 -30.02
C GLN C 294 9.28 -10.00 -29.32
N PRO C 295 10.31 -10.26 -30.09
CA PRO C 295 11.65 -10.64 -29.57
C PRO C 295 12.50 -9.43 -29.22
N GLY C 296 13.41 -9.57 -28.30
CA GLY C 296 14.26 -8.42 -27.92
C GLY C 296 14.43 -8.41 -26.40
N ILE C 297 14.97 -7.35 -25.88
CA ILE C 297 15.17 -7.26 -24.40
C ILE C 297 14.10 -6.34 -23.80
N TYR C 298 13.39 -6.82 -22.82
CA TYR C 298 12.33 -6.01 -22.17
C TYR C 298 12.65 -5.88 -20.68
N ALA C 299 12.46 -4.73 -20.13
CA ALA C 299 12.75 -4.52 -18.69
C ALA C 299 11.47 -4.67 -17.92
N TYR C 300 11.54 -5.22 -16.75
CA TYR C 300 10.29 -5.42 -15.98
C TYR C 300 10.53 -4.79 -14.64
N VAL C 301 9.83 -3.77 -14.28
CA VAL C 301 10.20 -3.19 -12.97
C VAL C 301 9.10 -2.37 -12.34
N ASN C 302 9.35 -1.98 -11.13
CA ASN C 302 8.39 -1.17 -10.37
C ASN C 302 8.27 0.13 -11.12
N HIS C 303 7.10 0.52 -11.45
CA HIS C 303 6.98 1.77 -12.26
C HIS C 303 7.62 2.90 -11.48
N ASN C 304 7.30 3.09 -10.23
CA ASN C 304 8.04 4.19 -9.56
C ASN C 304 9.41 4.31 -10.30
N LEU C 305 9.47 5.10 -11.36
CA LEU C 305 10.71 5.20 -12.18
C LEU C 305 11.91 5.38 -11.27
N ILE C 306 11.75 6.21 -10.31
CA ILE C 306 12.87 6.46 -9.36
C ILE C 306 13.22 5.15 -8.68
N GLU C 307 12.23 4.51 -8.13
CA GLU C 307 12.48 3.19 -7.47
C GLU C 307 13.06 2.16 -8.48
N ALA C 308 12.67 2.21 -9.74
CA ALA C 308 13.20 1.22 -10.73
C ALA C 308 14.58 1.61 -11.35
N PHE C 309 14.95 2.87 -11.43
CA PHE C 309 16.26 3.19 -12.07
C PHE C 309 17.24 3.75 -11.06
N GLU C 310 16.75 4.52 -10.14
CA GLU C 310 17.66 5.12 -9.12
C GLU C 310 17.82 4.21 -7.88
N LEU C 311 16.85 3.39 -7.54
CA LEU C 311 17.01 2.54 -6.33
C LEU C 311 17.53 1.17 -6.73
N GLY C 312 16.95 0.59 -7.74
CA GLY C 312 17.40 -0.76 -8.20
C GLY C 312 16.20 -1.74 -8.41
N ALA C 313 15.00 -1.28 -8.72
CA ALA C 313 13.88 -2.24 -8.95
C ALA C 313 13.68 -2.46 -10.45
N ALA C 314 14.62 -3.07 -11.14
CA ALA C 314 14.44 -3.30 -12.60
C ALA C 314 15.19 -4.55 -13.06
N ALA C 315 14.49 -5.51 -13.63
CA ALA C 315 15.16 -6.74 -14.12
C ALA C 315 15.01 -6.75 -15.63
N HIS C 316 15.46 -7.75 -16.30
CA HIS C 316 15.29 -7.73 -17.79
C HIS C 316 15.06 -9.13 -18.39
N PHE C 317 14.06 -9.27 -19.26
CA PHE C 317 13.83 -10.59 -19.93
C PHE C 317 14.31 -10.55 -21.41
N LYS C 318 15.10 -11.52 -21.83
CA LYS C 318 15.61 -11.59 -23.20
C LYS C 318 14.72 -12.57 -23.91
N VAL C 319 14.19 -12.19 -25.01
CA VAL C 319 13.25 -13.07 -25.71
C VAL C 319 13.73 -13.28 -27.11
N THR C 320 13.60 -14.47 -27.56
CA THR C 320 14.06 -14.79 -28.95
C THR C 320 12.86 -15.03 -29.84
N GLY C 321 13.03 -14.91 -31.13
CA GLY C 321 11.87 -15.14 -32.06
C GLY C 321 11.98 -14.21 -33.28
N GLU C 322 10.89 -14.02 -33.97
CA GLU C 322 10.90 -13.14 -35.17
C GLU C 322 10.09 -11.89 -34.84
N TRP C 323 10.54 -10.77 -35.31
CA TRP C 323 9.84 -9.50 -35.04
C TRP C 323 8.56 -9.46 -35.86
N ASN C 324 7.58 -8.79 -35.34
CA ASN C 324 6.27 -8.67 -36.04
C ASN C 324 6.04 -7.20 -36.36
N ASP C 325 6.17 -6.84 -37.60
CA ASP C 325 6.00 -5.42 -37.99
C ASP C 325 4.55 -5.00 -37.78
N ASP C 326 3.64 -5.87 -38.10
CA ASP C 326 2.20 -5.53 -37.93
C ASP C 326 2.01 -4.85 -36.57
N LEU C 327 2.50 -5.45 -35.53
CA LEU C 327 2.38 -4.86 -34.17
C LEU C 327 3.17 -3.55 -34.08
N MET C 328 4.38 -3.49 -34.59
CA MET C 328 5.14 -2.21 -34.47
C MET C 328 6.25 -2.16 -35.50
N THR C 329 6.39 -1.06 -36.16
CA THR C 329 7.46 -0.95 -37.19
C THR C 329 7.98 0.50 -37.26
N SER C 330 9.28 0.68 -37.36
CA SER C 330 9.84 2.06 -37.46
C SER C 330 9.78 2.51 -38.91
N VAL C 331 8.74 3.22 -39.27
CA VAL C 331 8.60 3.67 -40.68
C VAL C 331 9.82 4.50 -41.06
N LEU C 332 10.17 5.41 -40.22
CA LEU C 332 11.36 6.26 -40.50
C LEU C 332 12.32 6.22 -39.31
N ALA C 333 13.42 5.52 -39.44
CA ALA C 333 14.39 5.43 -38.31
C ALA C 333 14.94 6.83 -38.02
N PRO C 334 15.38 7.04 -36.81
CA PRO C 334 15.93 8.34 -36.37
C PRO C 334 16.94 8.90 -37.38
N SER C 335 16.69 10.05 -37.92
CA SER C 335 17.65 10.63 -38.91
C SER C 335 17.71 12.14 -38.74
N GLY C 336 18.24 12.83 -39.70
CA GLY C 336 18.33 14.31 -39.61
C GLY C 336 17.03 14.93 -40.10
N GLU D 1 22.19 -2.03 48.02
CA GLU D 1 22.14 -0.94 47.04
C GLU D 1 21.35 -1.36 45.80
N ASN D 2 21.26 -0.46 44.84
CA ASN D 2 20.43 -0.61 43.67
C ASN D 2 21.28 -0.70 42.41
N ILE D 3 20.84 -1.58 41.50
CA ILE D 3 21.53 -1.72 40.22
C ILE D 3 20.50 -1.53 39.11
N GLU D 4 20.79 -0.57 38.24
CA GLU D 4 19.83 -0.28 37.18
C GLU D 4 20.17 -1.02 35.89
N VAL D 5 19.15 -1.63 35.31
CA VAL D 5 19.33 -2.43 34.08
C VAL D 5 18.37 -1.88 33.02
N HIS D 6 18.83 -1.71 31.78
CA HIS D 6 17.93 -1.24 30.73
C HIS D 6 17.58 -2.40 29.77
N MET D 7 16.35 -2.35 29.28
CA MET D 7 15.87 -3.29 28.26
C MET D 7 15.81 -2.53 26.94
N LEU D 8 16.54 -3.03 25.96
CA LEU D 8 16.64 -2.35 24.68
C LEU D 8 16.39 -3.26 23.49
N ASN D 9 15.93 -2.65 22.39
CA ASN D 9 15.74 -3.39 21.14
C ASN D 9 17.09 -3.66 20.50
N LYS D 10 18.06 -2.77 20.77
CA LYS D 10 19.38 -2.97 20.18
C LYS D 10 20.45 -2.41 21.11
N GLY D 11 21.53 -3.13 21.30
CA GLY D 11 22.59 -2.63 22.19
C GLY D 11 23.92 -3.20 21.73
N ALA D 12 24.89 -3.26 22.63
CA ALA D 12 26.22 -3.71 22.26
C ALA D 12 26.25 -5.14 21.73
N GLU D 13 25.48 -6.05 22.32
CA GLU D 13 25.60 -7.42 21.84
C GLU D 13 24.67 -7.76 20.68
N GLY D 14 23.87 -6.82 20.20
CA GLY D 14 22.97 -7.11 19.10
C GLY D 14 21.55 -6.69 19.43
N ALA D 15 20.57 -7.38 18.86
CA ALA D 15 19.17 -7.07 19.08
C ALA D 15 18.67 -7.72 20.37
N MET D 16 17.71 -7.08 21.00
CA MET D 16 16.93 -7.51 22.14
C MET D 16 17.83 -7.87 23.33
N VAL D 17 18.24 -6.85 24.08
CA VAL D 17 19.21 -7.14 25.15
C VAL D 17 18.88 -6.42 26.47
N PHE D 18 19.48 -6.99 27.53
CA PHE D 18 19.46 -6.35 28.85
C PHE D 18 20.85 -5.74 28.97
N GLU D 19 20.96 -4.50 29.47
CA GLU D 19 22.28 -3.89 29.67
C GLU D 19 22.33 -3.34 31.10
N PRO D 20 23.18 -3.84 31.97
CA PRO D 20 24.14 -4.92 31.74
C PRO D 20 23.46 -6.29 31.71
N ALA D 21 24.12 -7.31 31.19
CA ALA D 21 23.46 -8.62 31.16
C ALA D 21 24.05 -9.49 32.26
N TYR D 22 25.04 -8.93 32.95
CA TYR D 22 25.66 -9.66 34.08
C TYR D 22 25.52 -8.73 35.27
N ILE D 23 24.81 -9.16 36.29
CA ILE D 23 24.54 -8.30 37.44
C ILE D 23 25.04 -8.96 38.71
N LYS D 24 25.94 -8.25 39.38
CA LYS D 24 26.53 -8.79 40.61
C LYS D 24 25.85 -8.14 41.80
N ALA D 25 25.29 -8.92 42.71
CA ALA D 25 24.57 -8.25 43.79
C ALA D 25 24.71 -9.02 45.10
N ASN D 26 24.22 -8.45 46.21
CA ASN D 26 24.25 -9.15 47.49
C ASN D 26 22.83 -9.23 48.06
N PRO D 27 22.57 -10.15 49.00
CA PRO D 27 21.22 -10.27 49.58
C PRO D 27 20.73 -8.94 50.15
N GLY D 28 19.52 -8.51 49.81
CA GLY D 28 18.99 -7.24 50.25
C GLY D 28 19.14 -6.17 49.18
N ASP D 29 19.96 -6.37 48.14
CA ASP D 29 20.07 -5.36 47.07
C ASP D 29 18.82 -5.35 46.20
N THR D 30 18.63 -4.28 45.42
CA THR D 30 17.54 -4.26 44.48
C THR D 30 18.13 -4.12 43.07
N VAL D 31 17.39 -4.68 42.12
CA VAL D 31 17.70 -4.59 40.70
C VAL D 31 16.47 -3.91 40.07
N THR D 32 16.72 -2.76 39.46
CA THR D 32 15.64 -2.02 38.81
C THR D 32 15.75 -2.16 37.29
N PHE D 33 14.70 -2.75 36.71
CA PHE D 33 14.65 -3.01 35.28
C PHE D 33 13.84 -1.92 34.60
N ILE D 34 14.47 -1.20 33.66
CA ILE D 34 13.81 -0.08 33.00
C ILE D 34 13.65 -0.31 31.51
N PRO D 35 12.42 -0.49 31.04
CA PRO D 35 12.28 -0.68 29.59
C PRO D 35 12.45 0.65 28.84
N VAL D 36 13.62 0.86 28.27
CA VAL D 36 13.92 2.07 27.50
C VAL D 36 13.17 2.03 26.18
N ASP D 37 13.07 0.84 25.60
CA ASP D 37 12.23 0.66 24.41
C ASP D 37 10.99 -0.10 24.84
N LYS D 38 9.91 -0.03 24.07
CA LYS D 38 8.72 -0.78 24.46
C LYS D 38 8.80 -2.24 24.00
N GLY D 39 7.99 -3.10 24.60
CA GLY D 39 7.88 -4.48 24.20
C GLY D 39 8.65 -5.46 25.08
N HIS D 40 9.16 -5.00 26.23
CA HIS D 40 9.98 -5.89 27.06
C HIS D 40 9.45 -6.05 28.48
N ASN D 41 9.83 -7.15 29.14
CA ASN D 41 9.46 -7.42 30.53
C ASN D 41 10.61 -8.27 31.11
N VAL D 42 10.43 -8.78 32.31
CA VAL D 42 11.46 -9.65 32.91
C VAL D 42 10.72 -10.73 33.68
N GLU D 43 11.21 -11.95 33.56
CA GLU D 43 10.57 -13.13 34.15
C GLU D 43 11.66 -14.13 34.56
N SER D 44 11.55 -14.71 35.76
CA SER D 44 12.56 -15.67 36.15
C SER D 44 12.33 -16.96 35.34
N ILE D 45 13.40 -17.67 35.02
CA ILE D 45 13.24 -18.90 34.24
C ILE D 45 13.12 -20.10 35.17
N LYS D 46 12.17 -20.98 34.88
CA LYS D 46 11.94 -22.19 35.73
C LYS D 46 13.21 -23.01 35.92
N ASP D 47 13.49 -23.31 37.14
CA ASP D 47 14.65 -24.10 37.54
C ASP D 47 15.97 -23.46 37.27
N MET D 48 15.95 -22.14 37.03
CA MET D 48 17.21 -21.42 36.87
C MET D 48 17.27 -20.23 37.82
N ILE D 49 16.72 -20.43 39.01
CA ILE D 49 16.83 -19.51 40.14
C ILE D 49 17.13 -20.39 41.34
N PRO D 50 17.70 -19.82 42.39
CA PRO D 50 18.10 -20.66 43.53
C PRO D 50 16.92 -21.29 44.26
N GLU D 51 17.21 -22.42 44.87
CA GLU D 51 16.33 -23.26 45.63
C GLU D 51 15.15 -22.63 46.34
N GLY D 52 15.31 -21.63 47.21
CA GLY D 52 14.18 -21.07 47.92
C GLY D 52 13.73 -19.69 47.52
N ALA D 53 14.08 -19.31 46.30
CA ALA D 53 13.72 -17.95 45.86
C ALA D 53 12.34 -17.99 45.22
N GLU D 54 11.61 -16.89 45.24
CA GLU D 54 10.29 -16.86 44.62
C GLU D 54 10.39 -16.56 43.12
N LYS D 55 9.52 -17.15 42.33
CA LYS D 55 9.46 -16.87 40.90
C LYS D 55 8.90 -15.47 40.72
N PHE D 56 9.19 -14.81 39.59
CA PHE D 56 8.69 -13.44 39.38
C PHE D 56 8.45 -13.17 37.91
N LYS D 57 7.52 -12.27 37.63
CA LYS D 57 7.23 -11.93 36.25
C LYS D 57 6.64 -10.52 36.21
N SER D 58 7.28 -9.64 35.45
CA SER D 58 6.77 -8.26 35.42
C SER D 58 5.82 -8.04 34.26
N LYS D 59 5.07 -6.94 34.21
CA LYS D 59 4.23 -6.70 33.03
C LYS D 59 5.05 -6.02 31.94
N ILE D 60 4.68 -6.22 30.68
CA ILE D 60 5.44 -5.60 29.59
C ILE D 60 5.37 -4.09 29.67
N ASN D 61 6.49 -3.42 29.46
CA ASN D 61 6.62 -1.98 29.49
C ASN D 61 6.70 -1.30 30.85
N GLU D 62 6.52 -2.06 31.93
CA GLU D 62 6.64 -1.51 33.28
C GLU D 62 8.05 -1.57 33.85
N ASN D 63 8.33 -0.55 34.65
CA ASN D 63 9.57 -0.47 35.42
C ASN D 63 9.39 -1.49 36.53
N TYR D 64 10.35 -2.40 36.75
CA TYR D 64 10.13 -3.38 37.80
C TYR D 64 11.31 -3.41 38.76
N VAL D 65 11.02 -3.43 40.06
CA VAL D 65 12.11 -3.47 41.03
C VAL D 65 12.15 -4.86 41.67
N LEU D 66 13.24 -5.57 41.43
CA LEU D 66 13.40 -6.89 42.02
C LEU D 66 14.22 -6.80 43.30
N THR D 67 13.74 -7.35 44.41
CA THR D 67 14.61 -7.44 45.58
C THR D 67 15.21 -8.85 45.63
N VAL D 68 16.52 -8.93 45.78
CA VAL D 68 17.13 -10.27 45.78
C VAL D 68 17.54 -10.65 47.21
N THR D 69 17.11 -11.84 47.60
CA THR D 69 17.38 -12.34 48.96
C THR D 69 18.30 -13.55 48.94
N GLN D 70 17.87 -14.62 48.29
CA GLN D 70 18.69 -15.84 48.29
C GLN D 70 19.94 -15.76 47.44
N PRO D 71 21.07 -16.21 47.95
CA PRO D 71 22.32 -16.25 47.23
C PRO D 71 22.23 -17.33 46.13
N GLY D 72 23.04 -17.16 45.11
CA GLY D 72 22.98 -18.09 43.99
C GLY D 72 22.84 -17.31 42.68
N ALA D 73 22.77 -18.05 41.60
CA ALA D 73 22.63 -17.42 40.28
C ALA D 73 21.17 -17.52 39.84
N TYR D 74 20.76 -16.51 39.08
CA TYR D 74 19.39 -16.39 38.57
C TYR D 74 19.55 -16.05 37.07
N LEU D 75 18.87 -16.84 36.24
CA LEU D 75 18.86 -16.43 34.81
C LEU D 75 17.44 -15.89 34.59
N VAL D 76 17.37 -14.67 34.09
CA VAL D 76 16.05 -14.10 33.82
C VAL D 76 15.94 -13.87 32.31
N LYS D 77 14.71 -13.85 31.84
CA LYS D 77 14.53 -13.61 30.41
C LYS D 77 13.52 -12.49 30.23
N CYS D 78 13.44 -12.01 29.00
CA CYS D 78 12.33 -11.17 28.57
C CYS D 78 11.33 -12.19 27.98
N THR D 79 10.08 -12.19 28.40
CA THR D 79 9.13 -13.20 27.94
C THR D 79 8.98 -13.20 26.42
N PRO D 80 8.68 -12.08 25.79
CA PRO D 80 8.55 -12.12 24.33
C PRO D 80 9.85 -12.38 23.61
N HIS D 81 11.01 -11.89 24.10
CA HIS D 81 12.20 -12.06 23.26
C HIS D 81 13.23 -13.09 23.75
N TYR D 82 12.82 -13.98 24.63
CA TYR D 82 13.71 -15.02 25.12
C TYR D 82 14.31 -15.83 23.98
N ALA D 83 13.47 -16.21 23.01
CA ALA D 83 14.03 -16.99 21.89
C ALA D 83 15.01 -16.21 21.04
N MET D 84 15.05 -14.89 21.11
CA MET D 84 16.00 -14.08 20.38
C MET D 84 17.22 -13.75 21.23
N GLY D 85 17.33 -14.36 22.39
CA GLY D 85 18.52 -14.24 23.22
C GLY D 85 18.41 -13.24 24.36
N MET D 86 17.24 -12.67 24.62
CA MET D 86 17.22 -11.60 25.63
C MET D 86 17.21 -12.14 27.04
N ILE D 87 18.40 -12.22 27.65
CA ILE D 87 18.50 -12.77 29.03
C ILE D 87 19.48 -11.95 29.84
N ALA D 88 19.47 -12.14 31.16
CA ALA D 88 20.49 -11.54 32.00
C ALA D 88 20.76 -12.59 33.11
N LEU D 89 21.98 -12.53 33.64
CA LEU D 89 22.36 -13.42 34.74
C LEU D 89 22.60 -12.54 35.96
N ILE D 90 21.92 -12.87 37.06
CA ILE D 90 22.14 -12.15 38.30
C ILE D 90 22.90 -13.09 39.24
N ALA D 91 24.05 -12.66 39.75
CA ALA D 91 24.83 -13.49 40.66
C ALA D 91 24.79 -12.83 42.04
N VAL D 92 24.17 -13.54 42.98
CA VAL D 92 24.02 -13.09 44.36
C VAL D 92 25.00 -13.79 45.27
N GLY D 93 25.93 -13.04 45.84
CA GLY D 93 26.92 -13.61 46.75
C GLY D 93 28.08 -14.20 45.96
N ASP D 94 29.10 -14.78 46.60
CA ASP D 94 30.21 -15.32 45.80
C ASP D 94 29.99 -16.80 45.48
N SER D 95 30.67 -17.28 44.47
CA SER D 95 30.65 -18.61 43.88
C SER D 95 29.31 -19.29 43.99
N PRO D 96 28.37 -18.79 43.20
CA PRO D 96 26.98 -19.25 43.25
C PRO D 96 26.92 -20.78 43.01
N ALA D 97 26.28 -21.48 43.94
CA ALA D 97 26.29 -22.93 43.92
C ALA D 97 25.65 -23.50 42.64
N ASN D 98 24.67 -22.78 42.10
CA ASN D 98 23.92 -23.32 40.97
C ASN D 98 24.34 -22.83 39.61
N LEU D 99 25.45 -22.09 39.47
CA LEU D 99 25.89 -21.55 38.21
C LEU D 99 26.20 -22.59 37.14
N ASP D 100 26.97 -23.64 37.45
CA ASP D 100 27.30 -24.68 36.46
C ASP D 100 26.03 -25.40 36.00
N GLN D 101 25.10 -25.60 36.91
CA GLN D 101 23.83 -26.23 36.57
C GLN D 101 23.11 -25.33 35.56
N ILE D 102 23.09 -24.03 35.80
CA ILE D 102 22.38 -23.17 34.83
C ILE D 102 23.07 -23.14 33.50
N VAL D 103 24.39 -23.18 33.49
CA VAL D 103 25.10 -23.15 32.20
C VAL D 103 24.82 -24.42 31.41
N SER D 104 24.67 -25.54 32.11
CA SER D 104 24.39 -26.79 31.40
C SER D 104 22.93 -26.96 31.02
N ALA D 105 21.97 -26.24 31.65
CA ALA D 105 20.56 -26.52 31.38
C ALA D 105 20.14 -26.30 29.93
N LYS D 106 19.05 -26.99 29.56
CA LYS D 106 18.55 -26.83 28.20
C LYS D 106 17.98 -25.44 27.96
N LYS D 107 18.38 -24.81 26.87
CA LYS D 107 17.87 -23.48 26.51
C LYS D 107 18.17 -23.21 25.03
N PRO D 108 17.54 -22.21 24.43
CA PRO D 108 17.80 -21.89 23.02
C PRO D 108 19.28 -21.64 22.77
N LYS D 109 19.72 -22.06 21.57
CA LYS D 109 21.12 -21.92 21.19
C LYS D 109 21.61 -20.48 21.30
N ILE D 110 20.75 -19.55 20.84
CA ILE D 110 21.18 -18.15 20.88
C ILE D 110 21.33 -17.69 22.33
N VAL D 111 20.41 -18.17 23.17
CA VAL D 111 20.54 -17.85 24.62
C VAL D 111 21.87 -18.34 25.17
N GLN D 112 22.15 -19.63 24.89
CA GLN D 112 23.39 -20.26 25.36
C GLN D 112 24.62 -19.47 24.95
N GLU D 113 24.66 -19.03 23.68
CA GLU D 113 25.81 -18.26 23.21
C GLU D 113 25.93 -16.93 23.94
N ARG D 114 24.82 -16.25 24.22
CA ARG D 114 24.99 -14.99 24.96
C ARG D 114 25.38 -15.19 26.42
N LEU D 115 24.82 -16.22 27.03
CA LEU D 115 25.13 -16.59 28.41
C LEU D 115 26.64 -16.84 28.54
N GLU D 116 27.17 -17.62 27.59
CA GLU D 116 28.58 -17.97 27.64
C GLU D 116 29.47 -16.73 27.52
N LYS D 117 29.01 -15.80 26.69
CA LYS D 117 29.75 -14.58 26.52
C LYS D 117 29.72 -13.75 27.80
N VAL D 118 28.53 -13.57 28.36
CA VAL D 118 28.44 -12.78 29.59
C VAL D 118 29.23 -13.36 30.73
N ILE D 119 29.29 -14.69 30.84
CA ILE D 119 30.06 -15.25 31.95
C ILE D 119 31.55 -15.03 31.72
N ALA D 120 31.95 -15.03 30.46
CA ALA D 120 33.37 -14.84 30.13
C ALA D 120 33.74 -13.34 30.16
N SER D 121 33.06 -12.63 29.29
CA SER D 121 33.08 -11.24 28.92
C SER D 121 31.88 -10.44 29.43
N ALA D 122 31.79 -10.29 30.73
CA ALA D 122 30.75 -9.52 31.41
C ALA D 122 30.84 -9.71 32.93
N LYS D 123 31.56 -10.75 33.33
CA LYS D 123 31.74 -11.13 34.72
C LYS D 123 32.47 -10.03 35.53
CU CU E . -12.39 20.89 11.44
CU CU F . -12.42 13.59 0.92
GD GD G . -10.19 4.45 25.63
GD GD H . -18.45 -10.20 24.90
GD GD I . -0.15 -31.42 21.44
CU CU J . 13.19 12.78 -22.92
CU CU K . 6.24 3.17 -18.25
GD GD L . -1.43 27.45 -19.96
GD GD M . -20.82 28.25 -21.95
GD GD N . -33.45 28.55 1.67
CU CU O . 13.46 -13.79 11.37
CU CU P . 2.14 -10.38 6.66
GD GD Q . 22.96 -14.51 -5.99
GD GD R . 17.07 -22.12 -22.00
GD GD S . 14.19 -2.23 -42.19
CU CU T . 12.20 -8.05 25.26
N THR A 2 -42.01 13.15 -4.76
CA THR A 2 -42.43 14.59 -4.75
C THR A 2 -42.08 15.24 -3.40
N ALA A 3 -42.38 16.50 -3.23
CA ALA A 3 -42.06 17.18 -1.94
C ALA A 3 -42.91 16.59 -0.81
N ALA A 4 -44.18 16.37 -1.03
CA ALA A 4 -45.04 15.81 0.05
C ALA A 4 -44.52 14.43 0.46
N GLU A 5 -44.10 13.65 -0.50
CA GLU A 5 -43.58 12.29 -0.16
C GLU A 5 -42.33 12.41 0.72
N ILE A 6 -41.42 13.28 0.37
CA ILE A 6 -40.18 13.43 1.19
C ILE A 6 -40.54 13.93 2.59
N ALA A 7 -41.45 14.87 2.68
CA ALA A 7 -41.85 15.40 4.02
C ALA A 7 -42.65 14.35 4.83
N ALA A 8 -43.25 13.38 4.20
CA ALA A 8 -44.04 12.36 4.96
C ALA A 8 -43.16 11.18 5.43
N LEU A 9 -41.93 11.09 4.99
CA LEU A 9 -41.07 9.95 5.44
C LEU A 9 -40.83 10.04 6.96
N PRO A 10 -40.86 8.92 7.65
CA PRO A 10 -40.63 8.89 9.13
C PRO A 10 -39.21 9.32 9.55
N ARG A 11 -39.09 10.18 10.53
CA ARG A 11 -37.77 10.64 11.00
C ARG A 11 -37.45 9.84 12.27
N GLN A 12 -36.26 9.35 12.37
CA GLN A 12 -35.90 8.54 13.57
C GLN A 12 -34.52 8.95 14.07
N LYS A 13 -34.44 9.30 15.30
CA LYS A 13 -33.14 9.72 15.88
C LYS A 13 -32.41 8.47 16.36
N VAL A 14 -31.12 8.47 16.24
CA VAL A 14 -30.32 7.30 16.68
C VAL A 14 -29.15 7.77 17.55
N GLU A 15 -28.93 7.09 18.63
CA GLU A 15 -27.84 7.45 19.55
C GLU A 15 -26.58 6.81 19.00
N LEU A 16 -25.53 7.56 18.95
CA LEU A 16 -24.27 6.99 18.38
C LEU A 16 -23.32 6.49 19.47
N VAL A 17 -22.51 5.50 19.18
CA VAL A 17 -21.56 5.00 20.18
C VAL A 17 -20.19 5.47 19.75
N ASP A 18 -19.19 5.06 20.43
CA ASP A 18 -17.81 5.49 20.04
C ASP A 18 -17.02 4.30 19.47
N PRO A 19 -16.26 4.52 18.43
CA PRO A 19 -15.44 3.45 17.80
C PRO A 19 -14.67 2.63 18.84
N PRO A 20 -14.35 1.41 18.52
CA PRO A 20 -14.69 0.80 17.20
C PRO A 20 -16.11 0.21 17.17
N PHE A 21 -16.86 0.35 18.23
CA PHE A 21 -18.23 -0.20 18.26
C PHE A 21 -19.11 0.53 17.23
N VAL A 22 -20.29 0.05 17.07
CA VAL A 22 -21.24 0.67 16.12
C VAL A 22 -22.59 0.73 16.82
N HIS A 23 -23.37 1.68 16.48
CA HIS A 23 -24.69 1.84 17.12
C HIS A 23 -25.58 0.64 16.80
N ALA A 24 -26.85 0.76 17.08
CA ALA A 24 -27.78 -0.38 16.80
C ALA A 24 -28.44 -0.17 15.43
N HIS A 25 -28.37 -1.17 14.59
CA HIS A 25 -29.00 -1.06 13.24
C HIS A 25 -29.29 -2.46 12.70
N SER A 26 -30.12 -2.56 11.69
CA SER A 26 -30.44 -3.89 11.11
C SER A 26 -29.82 -3.97 9.71
N GLN A 27 -29.31 -5.11 9.36
CA GLN A 27 -28.68 -5.24 8.01
C GLN A 27 -29.76 -4.96 7.01
N VAL A 28 -30.71 -5.83 6.93
CA VAL A 28 -31.84 -5.59 6.00
C VAL A 28 -32.63 -4.37 6.52
N ALA A 29 -33.00 -3.47 5.66
CA ALA A 29 -33.73 -2.25 6.10
C ALA A 29 -35.09 -2.64 6.67
N GLU A 30 -35.48 -1.99 7.72
CA GLU A 30 -36.80 -2.27 8.35
C GLU A 30 -37.76 -1.13 7.99
N GLY A 31 -38.69 -1.39 7.12
CA GLY A 31 -39.64 -0.32 6.71
C GLY A 31 -39.10 0.31 5.44
N GLY A 32 -39.73 1.35 4.99
CA GLY A 32 -39.26 2.01 3.75
C GLY A 32 -38.21 3.07 4.12
N PRO A 33 -37.94 3.95 3.21
CA PRO A 33 -36.94 5.04 3.41
C PRO A 33 -37.28 5.90 4.63
N LYS A 34 -36.30 6.31 5.37
CA LYS A 34 -36.57 7.16 6.57
C LYS A 34 -35.39 8.13 6.84
N VAL A 35 -35.72 9.34 7.23
CA VAL A 35 -34.71 10.37 7.55
C VAL A 35 -34.11 10.04 8.91
N VAL A 36 -32.90 9.59 8.88
CA VAL A 36 -32.18 9.21 10.10
C VAL A 36 -31.54 10.44 10.63
N GLU A 37 -31.72 10.66 11.87
CA GLU A 37 -31.16 11.88 12.49
C GLU A 37 -30.06 11.54 13.49
N PHE A 38 -28.94 12.18 13.35
CA PHE A 38 -27.80 11.96 14.28
C PHE A 38 -27.21 13.32 14.66
N THR A 39 -26.77 13.50 15.88
CA THR A 39 -26.20 14.81 16.30
C THR A 39 -24.82 14.60 16.90
N MET A 40 -23.85 15.35 16.46
CA MET A 40 -22.48 15.19 17.02
C MET A 40 -21.86 16.56 17.36
N VAL A 41 -21.33 16.68 18.56
CA VAL A 41 -20.69 17.94 18.99
C VAL A 41 -19.21 17.77 18.77
N ILE A 42 -18.58 18.77 18.27
CA ILE A 42 -17.13 18.67 17.98
C ILE A 42 -16.35 19.12 19.20
N GLU A 43 -15.32 18.42 19.54
CA GLU A 43 -14.54 18.82 20.74
C GLU A 43 -13.05 18.94 20.41
N GLU A 44 -12.49 20.12 20.54
CA GLU A 44 -11.03 20.28 20.25
C GLU A 44 -10.27 20.17 21.58
N LYS A 45 -9.52 19.11 21.78
CA LYS A 45 -8.80 18.97 23.05
C LYS A 45 -7.46 18.31 22.81
N LYS A 46 -6.69 18.20 23.83
CA LYS A 46 -5.35 17.56 23.69
C LYS A 46 -5.41 16.10 24.14
N ILE A 47 -5.00 15.20 23.29
CA ILE A 47 -5.01 13.76 23.64
C ILE A 47 -3.60 13.17 23.44
N VAL A 48 -3.23 12.24 24.27
CA VAL A 48 -1.93 11.60 24.19
C VAL A 48 -2.06 10.49 23.19
N ILE A 49 -1.05 10.26 22.46
CA ILE A 49 -1.13 9.20 21.40
C ILE A 49 0.18 8.42 21.31
N ASP A 50 0.81 8.18 22.42
CA ASP A 50 2.10 7.41 22.44
C ASP A 50 2.54 7.17 23.91
N ASP A 51 3.18 6.05 24.20
CA ASP A 51 3.62 5.79 25.61
C ASP A 51 4.60 6.88 26.12
N ALA A 52 5.09 7.77 25.29
CA ALA A 52 6.04 8.82 25.77
C ALA A 52 5.30 10.12 26.12
N GLY A 53 4.00 10.11 26.18
CA GLY A 53 3.24 11.37 26.53
C GLY A 53 3.16 12.36 25.34
N THR A 54 3.32 11.91 24.12
CA THR A 54 3.22 12.84 22.96
C THR A 54 1.78 13.34 22.93
N GLU A 55 1.58 14.56 22.60
CA GLU A 55 0.16 15.06 22.61
C GLU A 55 -0.19 15.75 21.29
N VAL A 56 -1.37 15.51 20.79
CA VAL A 56 -1.81 16.18 19.53
C VAL A 56 -3.19 16.86 19.72
N HIS A 57 -3.26 18.16 19.48
CA HIS A 57 -4.54 18.90 19.62
C HIS A 57 -5.53 18.29 18.65
N ALA A 58 -6.30 17.38 19.14
CA ALA A 58 -7.27 16.66 18.28
C ALA A 58 -8.53 17.48 18.05
N MET A 59 -9.07 17.32 16.88
CA MET A 59 -10.31 18.00 16.48
C MET A 59 -11.20 16.82 16.27
N ALA A 60 -12.16 16.65 17.10
CA ALA A 60 -12.86 15.38 16.98
C ALA A 60 -14.32 15.54 16.92
N PHE A 61 -14.87 14.85 16.02
CA PHE A 61 -16.36 14.85 15.90
C PHE A 61 -16.92 13.85 16.92
N ASN A 62 -17.79 14.28 17.80
CA ASN A 62 -18.33 13.34 18.83
C ASN A 62 -17.27 13.09 19.92
N GLY A 63 -16.24 13.90 20.01
CA GLY A 63 -15.18 13.69 21.04
C GLY A 63 -14.38 12.40 20.82
N THR A 64 -14.37 11.81 19.63
CA THR A 64 -13.54 10.56 19.46
C THR A 64 -12.87 10.47 18.06
N VAL A 65 -11.58 10.13 18.01
CA VAL A 65 -10.88 9.95 16.72
C VAL A 65 -10.70 8.45 16.54
N PRO A 66 -11.26 7.91 15.50
CA PRO A 66 -12.02 8.68 14.50
C PRO A 66 -13.49 8.87 14.86
N GLY A 67 -14.13 9.87 14.33
CA GLY A 67 -15.56 10.10 14.63
C GLY A 67 -16.27 8.75 14.66
N PRO A 68 -17.51 8.76 15.03
CA PRO A 68 -18.34 7.52 15.11
C PRO A 68 -18.90 7.10 13.75
N LEU A 69 -19.09 5.82 13.55
CA LEU A 69 -19.63 5.35 12.24
C LEU A 69 -21.18 5.40 12.25
N MET A 70 -21.76 6.19 11.38
CA MET A 70 -23.23 6.28 11.29
C MET A 70 -23.66 5.25 10.26
N VAL A 71 -24.74 4.62 10.48
CA VAL A 71 -25.17 3.57 9.51
C VAL A 71 -26.65 3.72 9.12
N VAL A 72 -26.88 3.87 7.85
CA VAL A 72 -28.26 3.97 7.31
C VAL A 72 -28.32 3.07 6.06
N HIS A 73 -29.46 2.99 5.42
CA HIS A 73 -29.56 2.14 4.22
C HIS A 73 -29.60 3.04 2.98
N GLN A 74 -29.51 2.44 1.83
CA GLN A 74 -29.53 3.21 0.57
C GLN A 74 -30.93 3.78 0.38
N ASP A 75 -31.00 5.02 0.03
CA ASP A 75 -32.34 5.66 -0.16
C ASP A 75 -32.67 6.50 1.08
N ASP A 76 -32.32 6.04 2.25
CA ASP A 76 -32.61 6.80 3.47
C ASP A 76 -31.79 8.10 3.47
N TYR A 77 -32.29 9.12 4.10
CA TYR A 77 -31.58 10.42 4.15
C TYR A 77 -30.95 10.62 5.53
N LEU A 78 -29.71 10.99 5.55
CA LEU A 78 -29.00 11.22 6.82
C LEU A 78 -29.10 12.70 7.14
N GLU A 79 -29.57 13.01 8.30
CA GLU A 79 -29.74 14.42 8.72
C GLU A 79 -28.91 14.59 9.95
N LEU A 80 -27.86 15.31 9.84
CA LEU A 80 -26.97 15.41 11.03
C LEU A 80 -26.87 16.84 11.56
N THR A 81 -27.22 17.00 12.81
CA THR A 81 -27.10 18.34 13.47
C THR A 81 -25.70 18.41 14.11
N LEU A 82 -24.83 19.23 13.58
CA LEU A 82 -23.48 19.35 14.10
C LEU A 82 -23.45 20.54 14.99
N ILE A 83 -22.64 20.51 15.95
CA ILE A 83 -22.58 21.64 16.91
C ILE A 83 -21.13 21.94 17.28
N ASN A 84 -20.75 23.17 17.15
CA ASN A 84 -19.36 23.59 17.51
C ASN A 84 -19.46 24.52 18.71
N PRO A 85 -19.20 24.00 19.87
CA PRO A 85 -19.29 24.74 21.16
C PRO A 85 -18.53 26.07 21.16
N GLU A 86 -18.99 27.01 21.94
CA GLU A 86 -18.28 28.32 22.00
C GLU A 86 -16.87 28.12 22.58
N THR A 87 -16.66 27.10 23.37
CA THR A 87 -15.30 26.87 23.96
C THR A 87 -14.27 26.63 22.86
N ASN A 88 -14.68 26.03 21.77
CA ASN A 88 -13.71 25.74 20.67
C ASN A 88 -13.18 27.06 20.10
N THR A 89 -12.09 27.01 19.39
CA THR A 89 -11.52 28.26 18.81
C THR A 89 -11.31 28.15 17.28
N LEU A 90 -11.80 27.12 16.62
CA LEU A 90 -11.59 27.04 15.13
C LEU A 90 -12.91 26.67 14.42
N MET A 91 -13.24 27.36 13.35
CA MET A 91 -14.49 27.02 12.61
C MET A 91 -14.29 25.68 11.89
N HIS A 92 -15.30 24.84 11.86
CA HIS A 92 -15.16 23.53 11.17
C HIS A 92 -16.17 23.40 10.03
N ASN A 93 -16.49 22.19 9.70
CA ASN A 93 -17.46 21.89 8.60
C ASN A 93 -17.38 20.38 8.32
N ILE A 94 -18.39 19.78 7.72
CA ILE A 94 -18.32 18.31 7.46
C ILE A 94 -18.65 17.99 6.00
N ASP A 95 -17.80 17.22 5.36
CA ASP A 95 -18.05 16.82 3.94
C ASP A 95 -18.17 15.29 3.89
N PHE A 96 -19.34 14.77 3.63
CA PHE A 96 -19.51 13.29 3.59
C PHE A 96 -19.36 12.78 2.15
N HIS A 97 -18.36 12.00 1.91
CA HIS A 97 -18.14 11.43 0.55
C HIS A 97 -19.43 10.76 0.03
N ALA A 98 -20.26 10.23 0.91
CA ALA A 98 -21.51 9.55 0.46
C ALA A 98 -22.62 10.54 0.08
N ALA A 99 -22.34 11.82 0.04
CA ALA A 99 -23.38 12.81 -0.34
C ALA A 99 -23.04 13.39 -1.71
N THR A 100 -23.96 14.11 -2.31
CA THR A 100 -23.68 14.70 -3.65
C THR A 100 -24.12 16.17 -3.70
N GLY A 101 -23.18 17.07 -3.84
CA GLY A 101 -23.51 18.55 -3.93
C GLY A 101 -22.92 19.35 -2.75
N ALA A 102 -22.36 20.53 -3.01
CA ALA A 102 -21.80 21.35 -1.88
C ALA A 102 -20.53 20.72 -1.30
N LEU A 103 -19.61 20.30 -2.13
CA LEU A 103 -18.33 19.73 -1.61
C LEU A 103 -18.61 18.66 -0.57
N GLY A 104 -19.67 17.92 -0.75
CA GLY A 104 -20.00 16.84 0.23
C GLY A 104 -20.61 17.43 1.50
N GLY A 105 -21.23 18.57 1.40
CA GLY A 105 -21.86 19.20 2.61
C GLY A 105 -20.92 20.21 3.29
N GLY A 106 -19.67 20.32 2.90
CA GLY A 106 -18.75 21.29 3.56
C GLY A 106 -19.15 22.74 3.24
N GLY A 107 -19.66 22.99 2.05
CA GLY A 107 -20.04 24.39 1.68
C GLY A 107 -21.31 24.85 2.44
N LEU A 108 -22.02 23.96 3.07
CA LEU A 108 -23.27 24.39 3.80
C LEU A 108 -23.20 23.93 5.27
N THR A 109 -22.03 23.82 5.82
CA THR A 109 -21.89 23.40 7.24
C THR A 109 -20.73 24.14 7.95
N GLU A 110 -20.30 25.28 7.45
CA GLU A 110 -19.21 26.04 8.11
C GLU A 110 -19.78 26.67 9.37
N ILE A 111 -19.37 26.20 10.51
CA ILE A 111 -19.94 26.76 11.76
C ILE A 111 -18.81 27.18 12.68
N ASN A 112 -18.81 28.42 13.06
CA ASN A 112 -17.73 28.91 13.98
C ASN A 112 -18.17 28.69 15.42
N PRO A 113 -17.24 28.67 16.34
CA PRO A 113 -17.54 28.48 17.78
C PRO A 113 -18.85 29.16 18.20
N GLY A 114 -19.75 28.43 18.80
CA GLY A 114 -21.05 29.03 19.21
C GLY A 114 -22.10 28.87 18.10
N GLU A 115 -21.85 28.03 17.12
CA GLU A 115 -22.87 27.87 16.03
C GLU A 115 -23.09 26.38 15.67
N LYS A 116 -24.33 26.00 15.38
CA LYS A 116 -24.62 24.59 14.98
C LYS A 116 -25.58 24.59 13.77
N THR A 117 -25.51 23.61 12.91
CA THR A 117 -26.41 23.61 11.75
C THR A 117 -26.99 22.22 11.59
N ILE A 118 -27.73 22.04 10.56
CA ILE A 118 -28.34 20.71 10.30
C ILE A 118 -28.34 20.48 8.79
N LEU A 119 -27.66 19.47 8.34
CA LEU A 119 -27.61 19.21 6.87
C LEU A 119 -28.16 17.82 6.57
N ARG A 120 -29.05 17.74 5.63
CA ARG A 120 -29.64 16.41 5.27
C ARG A 120 -29.30 16.06 3.81
N PHE A 121 -28.87 14.84 3.57
CA PHE A 121 -28.53 14.41 2.19
C PHE A 121 -29.06 12.98 1.97
N LYS A 122 -29.47 12.69 0.77
CA LYS A 122 -30.00 11.34 0.44
C LYS A 122 -28.84 10.39 0.15
N ALA A 123 -28.82 9.29 0.82
CA ALA A 123 -27.76 8.28 0.63
C ALA A 123 -28.16 7.49 -0.58
N THR A 124 -27.68 7.91 -1.69
CA THR A 124 -28.12 7.25 -2.98
C THR A 124 -27.21 6.08 -3.41
N LYS A 125 -26.08 5.89 -2.80
CA LYS A 125 -25.19 4.78 -3.21
C LYS A 125 -24.81 3.96 -1.99
N PRO A 126 -24.80 2.68 -2.13
CA PRO A 126 -24.47 1.75 -1.02
C PRO A 126 -22.95 1.52 -0.85
N GLY A 127 -22.47 1.56 0.36
CA GLY A 127 -21.01 1.33 0.56
C GLY A 127 -20.47 2.23 1.67
N VAL A 128 -19.39 1.81 2.30
CA VAL A 128 -18.79 2.61 3.37
C VAL A 128 -18.13 3.82 2.73
N PHE A 129 -18.14 4.92 3.40
CA PHE A 129 -17.54 6.12 2.81
C PHE A 129 -16.93 6.93 3.93
N VAL A 130 -15.89 7.65 3.66
CA VAL A 130 -15.26 8.45 4.77
C VAL A 130 -15.75 9.93 4.81
N TYR A 131 -16.17 10.41 5.97
CA TYR A 131 -16.59 11.82 6.11
C TYR A 131 -15.44 12.54 6.82
N HIS A 132 -15.29 13.82 6.61
CA HIS A 132 -14.15 14.53 7.26
C HIS A 132 -14.34 16.05 7.18
N CYS A 133 -13.94 16.78 8.19
CA CYS A 133 -14.09 18.26 8.17
C CYS A 133 -13.09 18.84 7.18
N ALA A 134 -13.43 19.90 6.50
CA ALA A 134 -12.47 20.45 5.51
C ALA A 134 -12.71 21.92 5.25
N PRO A 135 -12.39 22.75 6.19
CA PRO A 135 -12.54 24.23 6.06
C PRO A 135 -11.62 24.78 4.97
N PRO A 136 -12.18 25.46 4.01
CA PRO A 136 -11.41 26.03 2.87
C PRO A 136 -10.05 26.61 3.28
N GLY A 137 -8.97 26.08 2.74
CA GLY A 137 -7.62 26.63 3.08
C GLY A 137 -6.93 25.83 4.22
N MET A 138 -7.64 25.05 4.98
CA MET A 138 -6.98 24.30 6.08
C MET A 138 -7.54 22.89 6.12
N VAL A 139 -7.79 22.34 4.97
CA VAL A 139 -8.36 20.96 4.91
C VAL A 139 -7.41 19.94 5.56
N PRO A 140 -6.25 19.72 4.98
CA PRO A 140 -5.25 18.74 5.47
C PRO A 140 -4.97 18.85 6.97
N TRP A 141 -5.03 20.03 7.51
CA TRP A 141 -4.75 20.17 8.97
C TRP A 141 -5.90 19.59 9.80
N HIS A 142 -7.10 19.96 9.47
CA HIS A 142 -8.28 19.45 10.22
C HIS A 142 -8.39 17.92 10.11
N VAL A 143 -8.07 17.36 8.98
CA VAL A 143 -8.19 15.88 8.82
C VAL A 143 -7.07 15.18 9.60
N VAL A 144 -5.86 15.62 9.44
CA VAL A 144 -4.73 14.97 10.15
C VAL A 144 -4.93 15.11 11.67
N SER A 145 -5.56 16.18 12.09
CA SER A 145 -5.78 16.37 13.55
C SER A 145 -6.77 15.32 14.09
N GLY A 146 -7.30 14.50 13.22
CA GLY A 146 -8.26 13.45 13.69
C GLY A 146 -9.72 13.91 13.47
N MET A 147 -9.98 14.78 12.52
CA MET A 147 -11.38 15.22 12.28
C MET A 147 -11.96 14.45 11.08
N ASN A 148 -12.15 13.18 11.23
CA ASN A 148 -12.70 12.37 10.11
C ASN A 148 -13.14 10.99 10.63
N GLY A 149 -14.14 10.44 10.02
CA GLY A 149 -14.67 9.09 10.44
C GLY A 149 -15.21 8.36 9.20
N ALA A 150 -16.37 7.74 9.29
CA ALA A 150 -16.93 7.03 8.10
C ALA A 150 -18.37 6.57 8.34
N ILE A 151 -19.18 6.57 7.32
CA ILE A 151 -20.59 6.11 7.47
C ILE A 151 -20.84 4.91 6.54
N MET A 152 -21.68 4.00 6.94
CA MET A 152 -21.96 2.80 6.08
C MET A 152 -23.41 2.80 5.60
N VAL A 153 -23.61 2.92 4.32
CA VAL A 153 -24.98 2.90 3.76
C VAL A 153 -25.19 1.51 3.23
N LEU A 154 -25.89 0.71 3.95
CA LEU A 154 -26.03 -0.72 3.52
C LEU A 154 -27.22 -0.92 2.58
N PRO A 155 -27.05 -1.75 1.57
CA PRO A 155 -28.14 -2.07 0.63
C PRO A 155 -29.44 -2.40 1.39
N ARG A 156 -30.56 -1.98 0.89
CA ARG A 156 -31.85 -2.25 1.60
C ARG A 156 -31.99 -3.74 1.91
N GLU A 157 -31.46 -4.58 1.06
CA GLU A 157 -31.57 -6.06 1.30
C GLU A 157 -30.34 -6.62 2.04
N GLY A 158 -29.52 -5.78 2.63
CA GLY A 158 -28.33 -6.30 3.36
C GLY A 158 -27.16 -6.47 2.39
N LEU A 159 -26.12 -7.15 2.82
CA LEU A 159 -24.95 -7.36 1.92
C LEU A 159 -24.95 -8.78 1.34
N HIS A 160 -24.49 -8.94 0.12
CA HIS A 160 -24.44 -10.27 -0.51
C HIS A 160 -23.10 -10.42 -1.24
N ASP A 161 -22.72 -11.61 -1.58
CA ASP A 161 -21.43 -11.82 -2.29
C ASP A 161 -21.56 -11.43 -3.77
N GLY A 162 -20.69 -11.92 -4.62
CA GLY A 162 -20.76 -11.57 -6.07
C GLY A 162 -21.84 -12.42 -6.78
N LYS A 163 -22.22 -13.54 -6.22
CA LYS A 163 -23.26 -14.40 -6.90
C LYS A 163 -24.67 -14.13 -6.32
N GLY A 164 -24.83 -13.16 -5.46
CA GLY A 164 -26.20 -12.88 -4.89
C GLY A 164 -26.42 -13.55 -3.50
N LYS A 165 -25.57 -14.44 -3.06
CA LYS A 165 -25.76 -15.09 -1.75
C LYS A 165 -25.71 -14.05 -0.64
N ALA A 166 -26.60 -14.14 0.30
CA ALA A 166 -26.61 -13.14 1.42
C ALA A 166 -25.44 -13.38 2.40
N LEU A 167 -24.77 -12.33 2.78
CA LEU A 167 -23.64 -12.40 3.74
C LEU A 167 -24.06 -11.58 4.96
N THR A 168 -24.36 -12.24 6.03
CA THR A 168 -24.85 -11.55 7.23
C THR A 168 -23.80 -11.68 8.29
N TYR A 169 -23.43 -10.60 8.84
CA TYR A 169 -22.35 -10.63 9.87
C TYR A 169 -22.95 -10.61 11.28
N ASP A 170 -22.36 -11.34 12.20
CA ASP A 170 -22.86 -11.35 13.60
C ASP A 170 -22.38 -10.09 14.35
N LYS A 171 -21.25 -9.54 13.97
CA LYS A 171 -20.73 -8.33 14.67
C LYS A 171 -19.96 -7.48 13.68
N ILE A 172 -19.88 -6.20 13.92
CA ILE A 172 -19.13 -5.30 12.99
C ILE A 172 -18.35 -4.26 13.80
N TYR A 173 -17.11 -4.06 13.46
CA TYR A 173 -16.28 -3.06 14.16
C TYR A 173 -15.74 -2.07 13.14
N TYR A 174 -15.54 -0.85 13.56
CA TYR A 174 -15.02 0.19 12.62
C TYR A 174 -13.66 0.67 13.13
N VAL A 175 -12.64 0.43 12.37
CA VAL A 175 -11.27 0.84 12.78
C VAL A 175 -10.80 2.00 11.90
N GLY A 176 -10.83 3.19 12.41
CA GLY A 176 -10.38 4.37 11.65
C GLY A 176 -8.88 4.55 11.89
N GLU A 177 -8.14 4.65 10.85
CA GLU A 177 -6.68 4.79 10.96
C GLU A 177 -6.38 6.26 10.81
N GLN A 178 -5.40 6.72 11.51
CA GLN A 178 -5.10 8.18 11.42
C GLN A 178 -3.60 8.41 11.41
N ASP A 179 -3.10 9.04 10.37
CA ASP A 179 -1.64 9.34 10.31
C ASP A 179 -1.40 10.76 10.85
N PHE A 180 -0.68 10.90 11.93
CA PHE A 180 -0.43 12.23 12.48
C PHE A 180 0.92 12.75 12.00
N TYR A 181 1.23 13.93 12.37
CA TYR A 181 2.51 14.57 11.98
C TYR A 181 2.88 15.51 13.11
N VAL A 182 3.55 15.00 14.09
CA VAL A 182 3.86 15.82 15.29
C VAL A 182 5.23 16.44 15.15
N PRO A 183 5.29 17.72 15.34
CA PRO A 183 6.58 18.48 15.24
C PRO A 183 7.56 18.13 16.39
N ARG A 184 8.83 17.96 16.07
CA ARG A 184 9.85 17.64 17.11
C ARG A 184 10.90 18.75 17.13
N ASP A 185 11.49 19.01 18.25
CA ASP A 185 12.52 20.09 18.33
C ASP A 185 13.81 19.62 17.67
N GLU A 186 14.91 20.27 17.96
CA GLU A 186 16.21 19.86 17.35
C GLU A 186 16.73 18.56 17.98
N ASN A 187 16.43 18.31 19.23
CA ASN A 187 16.92 17.06 19.89
C ASN A 187 16.07 15.83 19.55
N GLY A 188 15.01 15.98 18.77
CA GLY A 188 14.17 14.80 18.43
C GLY A 188 13.02 14.59 19.45
N LYS A 189 12.75 15.53 20.32
CA LYS A 189 11.64 15.37 21.30
C LYS A 189 10.37 16.03 20.76
N TYR A 190 9.26 15.35 20.84
CA TYR A 190 7.99 15.91 20.34
C TYR A 190 7.74 17.23 21.05
N LYS A 191 7.20 18.17 20.36
CA LYS A 191 6.94 19.50 20.99
C LYS A 191 5.44 19.64 21.34
N LYS A 192 5.16 20.29 22.44
CA LYS A 192 3.75 20.50 22.84
C LYS A 192 3.45 21.99 22.73
N TYR A 193 2.22 22.34 22.64
CA TYR A 193 1.87 23.77 22.51
C TYR A 193 0.70 24.07 23.42
N GLU A 194 0.35 25.30 23.51
CA GLU A 194 -0.78 25.70 24.39
C GLU A 194 -2.11 25.59 23.63
N ALA A 195 -2.19 26.10 22.42
CA ALA A 195 -3.46 26.02 21.67
C ALA A 195 -3.24 25.28 20.37
N PRO A 196 -4.29 25.04 19.65
CA PRO A 196 -4.24 24.32 18.34
C PRO A 196 -3.56 25.13 17.22
N GLY A 197 -3.74 26.43 17.18
CA GLY A 197 -3.10 27.24 16.09
C GLY A 197 -1.60 27.39 16.33
N ASP A 198 -1.17 27.40 17.55
CA ASP A 198 0.29 27.57 17.84
C ASP A 198 1.11 26.48 17.13
N ALA A 199 0.53 25.35 16.86
CA ALA A 199 1.30 24.25 16.18
C ALA A 199 0.90 24.12 14.70
N TYR A 200 0.35 25.14 14.11
CA TYR A 200 -0.03 25.06 12.66
C TYR A 200 1.21 25.13 11.72
N GLU A 201 2.11 26.07 11.91
CA GLU A 201 3.28 26.17 10.98
C GLU A 201 4.20 24.96 11.14
N ASP A 202 4.51 24.61 12.36
CA ASP A 202 5.42 23.45 12.58
C ASP A 202 4.78 22.16 12.08
N THR A 203 3.49 22.03 12.19
CA THR A 203 2.82 20.79 11.73
C THR A 203 2.84 20.74 10.21
N VAL A 204 2.52 21.82 9.57
CA VAL A 204 2.54 21.84 8.08
C VAL A 204 3.91 21.37 7.59
N LYS A 205 4.95 21.86 8.19
CA LYS A 205 6.31 21.43 7.76
C LYS A 205 6.40 19.91 7.81
N VAL A 206 5.96 19.31 8.88
CA VAL A 206 6.01 17.83 8.99
C VAL A 206 5.09 17.18 7.94
N MET A 207 3.92 17.73 7.74
CA MET A 207 2.98 17.14 6.73
C MET A 207 3.60 17.18 5.33
N ARG A 208 4.33 18.20 4.99
CA ARG A 208 4.94 18.30 3.64
C ARG A 208 5.85 17.10 3.41
N THR A 209 6.55 16.69 4.42
CA THR A 209 7.48 15.53 4.27
C THR A 209 6.71 14.26 3.84
N LEU A 210 5.40 14.26 3.91
CA LEU A 210 4.63 13.05 3.52
C LEU A 210 5.06 11.87 4.37
N THR A 211 5.55 12.11 5.56
CA THR A 211 5.99 10.98 6.43
C THR A 211 5.38 11.18 7.82
N PRO A 212 4.36 10.42 8.13
CA PRO A 212 3.66 10.53 9.46
C PRO A 212 4.51 10.02 10.64
N THR A 213 4.62 10.79 11.70
CA THR A 213 5.41 10.33 12.87
C THR A 213 4.67 9.17 13.57
N HIS A 214 3.36 9.08 13.43
CA HIS A 214 2.62 7.98 14.09
C HIS A 214 1.37 7.64 13.26
N VAL A 215 1.15 6.37 13.03
CA VAL A 215 -0.04 5.95 12.25
C VAL A 215 -0.77 5.00 13.14
N VAL A 216 -1.94 5.30 13.55
CA VAL A 216 -2.56 4.36 14.52
C VAL A 216 -4.03 4.15 14.27
N PHE A 217 -4.60 3.35 15.11
CA PHE A 217 -6.06 3.07 14.98
C PHE A 217 -6.78 3.46 16.27
N ASN A 218 -7.91 4.09 16.16
CA ASN A 218 -8.66 4.51 17.39
C ASN A 218 -8.09 5.80 18.02
N GLY A 219 -7.11 6.43 17.39
CA GLY A 219 -6.54 7.68 17.97
C GLY A 219 -5.32 7.45 18.93
N ALA A 220 -4.69 6.30 18.98
CA ALA A 220 -3.51 6.16 19.90
C ALA A 220 -2.79 4.81 19.70
N VAL A 221 -1.48 4.81 19.72
CA VAL A 221 -0.75 3.52 19.55
C VAL A 221 -1.21 2.55 20.65
N GLY A 222 -1.61 1.37 20.28
CA GLY A 222 -2.11 0.40 21.31
C GLY A 222 -3.57 0.69 21.76
N ALA A 223 -4.35 1.46 21.01
CA ALA A 223 -5.75 1.72 21.44
C ALA A 223 -6.64 0.46 21.27
N LEU A 224 -6.32 -0.44 20.36
CA LEU A 224 -7.17 -1.64 20.16
C LEU A 224 -6.37 -2.91 20.46
N THR A 225 -5.45 -2.83 21.37
CA THR A 225 -4.62 -4.03 21.71
C THR A 225 -4.60 -4.19 23.23
N GLY A 226 -4.35 -5.39 23.71
CA GLY A 226 -4.29 -5.63 25.17
C GLY A 226 -5.71 -5.89 25.68
N ASP A 227 -6.14 -5.15 26.66
CA ASP A 227 -7.53 -5.34 27.19
C ASP A 227 -8.56 -4.73 26.23
N LYS A 228 -8.14 -3.88 25.32
CA LYS A 228 -9.12 -3.25 24.38
C LYS A 228 -9.13 -4.00 23.04
N ALA A 229 -8.56 -5.18 22.98
CA ALA A 229 -8.54 -5.93 21.70
C ALA A 229 -9.98 -6.37 21.35
N MET A 230 -10.37 -6.23 20.10
CA MET A 230 -11.74 -6.63 19.74
C MET A 230 -11.97 -8.05 20.24
N THR A 231 -13.01 -8.65 19.79
CA THR A 231 -13.32 -10.05 20.21
C THR A 231 -14.14 -10.76 19.10
N ALA A 232 -14.00 -12.07 19.02
CA ALA A 232 -14.72 -12.89 18.02
C ALA A 232 -14.56 -14.36 18.39
N ALA A 233 -15.54 -15.19 18.12
CA ALA A 233 -15.42 -16.62 18.48
C ALA A 233 -15.48 -17.48 17.22
N VAL A 234 -14.80 -18.59 17.23
CA VAL A 234 -14.79 -19.48 16.05
C VAL A 234 -16.21 -19.67 15.57
N GLY A 235 -16.42 -19.53 14.30
CA GLY A 235 -17.80 -19.68 13.75
C GLY A 235 -18.54 -18.32 13.69
N GLU A 236 -17.91 -17.25 14.12
CA GLU A 236 -18.58 -15.92 14.10
C GLU A 236 -18.15 -15.17 12.83
N LYS A 237 -19.08 -14.49 12.23
CA LYS A 237 -18.80 -13.73 11.00
C LYS A 237 -18.66 -12.28 11.42
N VAL A 238 -17.62 -11.65 11.04
CA VAL A 238 -17.44 -10.26 11.50
C VAL A 238 -17.02 -9.35 10.36
N LEU A 239 -17.66 -8.23 10.25
CA LEU A 239 -17.33 -7.25 9.20
C LEU A 239 -16.46 -6.16 9.82
N ILE A 240 -15.33 -5.88 9.24
CA ILE A 240 -14.42 -4.86 9.79
C ILE A 240 -14.28 -3.70 8.80
N VAL A 241 -14.92 -2.62 9.10
CA VAL A 241 -14.86 -1.43 8.23
C VAL A 241 -13.63 -0.64 8.61
N HIS A 242 -12.90 -0.20 7.65
CA HIS A 242 -11.66 0.55 7.95
C HIS A 242 -11.64 1.78 7.07
N SER A 243 -11.20 2.87 7.61
CA SER A 243 -11.16 4.13 6.82
C SER A 243 -9.83 4.88 7.02
N GLN A 244 -9.45 5.61 6.02
CA GLN A 244 -8.21 6.44 6.02
C GLN A 244 -8.56 7.67 5.18
N ALA A 245 -8.78 8.77 5.83
CA ALA A 245 -9.24 10.00 5.09
C ALA A 245 -8.12 10.78 4.38
N ASN A 246 -6.89 10.45 4.61
CA ASN A 246 -5.79 11.21 3.94
C ASN A 246 -4.47 10.39 3.90
N ARG A 247 -4.56 9.11 3.66
CA ARG A 247 -3.32 8.27 3.59
C ARG A 247 -3.69 6.85 3.11
N ASP A 248 -2.98 6.28 2.16
CA ASP A 248 -3.35 4.89 1.71
C ASP A 248 -2.81 3.82 2.68
N THR A 249 -3.63 2.85 3.06
CA THR A 249 -3.16 1.78 3.96
C THR A 249 -3.33 0.44 3.25
N ARG A 250 -3.10 -0.61 3.96
CA ARG A 250 -3.24 -1.99 3.38
C ARG A 250 -3.52 -2.96 4.53
N PRO A 251 -4.77 -3.09 4.88
CA PRO A 251 -5.23 -3.95 6.00
C PRO A 251 -4.85 -5.42 5.84
N HIS A 252 -4.59 -6.08 6.94
CA HIS A 252 -4.23 -7.53 6.90
C HIS A 252 -4.47 -8.19 8.29
N LEU A 253 -5.34 -9.18 8.35
CA LEU A 253 -5.61 -9.90 9.63
C LEU A 253 -4.61 -11.04 9.76
N ILE A 254 -3.67 -10.87 10.64
CA ILE A 254 -2.61 -11.88 10.85
C ILE A 254 -3.26 -13.15 11.37
N GLY A 255 -3.07 -14.20 10.68
CA GLY A 255 -3.67 -15.49 11.10
C GLY A 255 -5.01 -15.73 10.38
N GLY A 256 -5.57 -14.72 9.75
CA GLY A 256 -6.86 -14.93 9.05
C GLY A 256 -6.78 -14.34 7.64
N HIS A 257 -7.90 -13.95 7.10
CA HIS A 257 -7.90 -13.37 5.73
C HIS A 257 -9.28 -12.75 5.44
N GLY A 258 -9.34 -11.84 4.53
CA GLY A 258 -10.64 -11.18 4.19
C GLY A 258 -11.39 -12.11 3.24
N ASP A 259 -12.34 -12.82 3.75
CA ASP A 259 -13.10 -13.77 2.89
C ASP A 259 -13.67 -13.00 1.72
N TYR A 260 -14.37 -11.96 2.03
CA TYR A 260 -14.96 -11.08 0.98
C TYR A 260 -14.57 -9.66 1.35
N VAL A 261 -13.94 -8.94 0.47
CA VAL A 261 -13.50 -7.57 0.86
C VAL A 261 -13.84 -6.54 -0.21
N TRP A 262 -14.77 -5.68 0.09
CA TRP A 262 -15.11 -4.58 -0.86
C TRP A 262 -14.02 -3.55 -0.67
N ALA A 263 -12.94 -3.75 -1.35
CA ALA A 263 -11.73 -2.87 -1.16
C ALA A 263 -12.10 -1.44 -1.42
N THR A 264 -12.82 -1.23 -2.45
CA THR A 264 -13.21 0.16 -2.82
C THR A 264 -14.27 0.69 -1.85
N GLY A 265 -14.81 -0.15 -1.01
CA GLY A 265 -15.86 0.33 -0.04
C GLY A 265 -17.23 0.58 -0.74
N LYS A 266 -17.44 0.00 -1.89
CA LYS A 266 -18.72 0.17 -2.62
C LYS A 266 -19.38 -1.21 -2.71
N PHE A 267 -20.60 -1.31 -2.34
CA PHE A 267 -21.28 -2.65 -2.36
C PHE A 267 -21.59 -3.07 -3.80
N ASN A 268 -21.97 -2.14 -4.62
CA ASN A 268 -22.30 -2.48 -6.04
C ASN A 268 -21.09 -3.15 -6.69
N THR A 269 -19.92 -2.77 -6.30
CA THR A 269 -18.70 -3.37 -6.90
C THR A 269 -18.42 -4.71 -6.22
N PRO A 270 -18.44 -5.76 -6.99
CA PRO A 270 -18.21 -7.14 -6.45
C PRO A 270 -17.04 -7.19 -5.45
N PRO A 271 -17.19 -7.89 -4.35
CA PRO A 271 -16.10 -7.97 -3.32
C PRO A 271 -14.99 -8.99 -3.64
N ASP A 272 -13.73 -8.58 -3.74
CA ASP A 272 -12.67 -9.58 -4.00
C ASP A 272 -12.87 -10.70 -3.00
N VAL A 273 -12.17 -11.78 -3.14
CA VAL A 273 -12.37 -12.90 -2.17
C VAL A 273 -11.02 -13.59 -1.86
N ASP A 274 -10.91 -14.13 -0.68
CA ASP A 274 -9.66 -14.84 -0.29
C ASP A 274 -8.56 -13.82 -0.32
N GLN A 275 -8.74 -12.74 0.40
CA GLN A 275 -7.68 -11.68 0.35
C GLN A 275 -6.71 -11.75 1.55
N GLU A 276 -5.41 -11.80 1.29
CA GLU A 276 -4.43 -11.79 2.42
C GLU A 276 -4.20 -10.33 2.90
N THR A 277 -4.14 -9.38 1.99
CA THR A 277 -3.91 -7.96 2.36
C THR A 277 -4.61 -7.10 1.32
N TRP A 278 -5.50 -6.27 1.73
CA TRP A 278 -6.25 -5.45 0.74
C TRP A 278 -5.57 -4.10 0.59
N PHE A 279 -6.24 -3.18 -0.01
CA PHE A 279 -5.65 -1.83 -0.20
C PHE A 279 -6.75 -0.75 -0.26
N ILE A 280 -6.72 0.18 0.66
CA ILE A 280 -7.71 1.28 0.68
C ILE A 280 -6.96 2.59 0.50
N PRO A 281 -7.23 3.28 -0.57
CA PRO A 281 -6.53 4.55 -0.91
C PRO A 281 -6.95 5.75 -0.05
N GLY A 282 -5.99 6.52 0.41
CA GLY A 282 -6.32 7.71 1.21
C GLY A 282 -7.59 8.33 0.64
N GLY A 283 -8.45 8.78 1.49
CA GLY A 283 -9.73 9.37 1.04
C GLY A 283 -10.76 8.26 0.75
N ALA A 284 -10.71 7.15 1.45
CA ALA A 284 -11.73 6.09 1.15
C ALA A 284 -11.84 5.05 2.27
N ALA A 285 -13.01 4.50 2.48
CA ALA A 285 -13.17 3.45 3.54
C ALA A 285 -13.64 2.13 2.89
N GLY A 286 -13.06 1.02 3.27
CA GLY A 286 -13.48 -0.28 2.66
C GLY A 286 -14.13 -1.15 3.72
N ALA A 287 -14.31 -2.42 3.44
CA ALA A 287 -14.95 -3.33 4.42
C ALA A 287 -14.58 -4.78 4.11
N ALA A 288 -14.22 -5.54 5.10
CA ALA A 288 -13.85 -6.96 4.88
C ALA A 288 -14.71 -7.84 5.79
N PHE A 289 -15.18 -8.94 5.28
CA PHE A 289 -16.03 -9.85 6.08
C PHE A 289 -15.32 -11.19 6.20
N TYR A 290 -15.14 -11.69 7.38
CA TYR A 290 -14.41 -12.97 7.52
C TYR A 290 -14.99 -13.80 8.67
N THR A 291 -15.11 -15.07 8.44
CA THR A 291 -15.62 -16.00 9.48
C THR A 291 -14.42 -16.63 10.18
N PHE A 292 -14.31 -16.39 11.45
CA PHE A 292 -13.15 -16.92 12.22
C PHE A 292 -13.24 -18.43 12.32
N GLN A 293 -12.14 -19.09 12.11
CA GLN A 293 -12.12 -20.59 12.20
C GLN A 293 -11.14 -21.09 13.28
N GLN A 294 -10.27 -20.24 13.81
CA GLN A 294 -9.31 -20.71 14.85
C GLN A 294 -9.27 -19.72 16.00
N PRO A 295 -9.22 -20.22 17.20
CA PRO A 295 -9.18 -19.38 18.44
C PRO A 295 -7.76 -18.94 18.78
N GLY A 296 -7.65 -17.86 19.48
CA GLY A 296 -6.29 -17.37 19.85
C GLY A 296 -6.22 -15.86 19.62
N ILE A 297 -5.06 -15.29 19.71
CA ILE A 297 -4.92 -13.83 19.50
C ILE A 297 -4.42 -13.55 18.06
N TYR A 298 -5.10 -12.68 17.36
CA TYR A 298 -4.68 -12.34 15.97
C TYR A 298 -4.48 -10.83 15.88
N ALA A 299 -3.46 -10.40 15.19
CA ALA A 299 -3.20 -8.95 15.07
C ALA A 299 -3.76 -8.49 13.74
N TYR A 300 -4.26 -7.30 13.69
CA TYR A 300 -4.83 -6.82 12.41
C TYR A 300 -4.22 -5.48 12.15
N VAL A 301 -3.46 -5.33 11.12
CA VAL A 301 -2.83 -4.00 10.99
C VAL A 301 -2.39 -3.69 9.57
N ASN A 302 -1.97 -2.48 9.41
CA ASN A 302 -1.48 -2.01 8.10
C ASN A 302 -0.26 -2.83 7.81
N HIS A 303 -0.22 -3.42 6.67
CA HIS A 303 0.94 -4.30 6.40
C HIS A 303 2.18 -3.47 6.46
N ASN A 304 2.23 -2.34 5.82
CA ASN A 304 3.50 -1.58 6.03
C ASN A 304 4.01 -1.97 7.46
N LEU A 305 4.79 -3.03 7.58
CA LEU A 305 5.23 -3.52 8.92
C LEU A 305 5.76 -2.36 9.71
N ILE A 306 6.54 -1.57 9.09
CA ILE A 306 7.11 -0.38 9.80
C ILE A 306 5.97 0.45 10.35
N GLU A 307 5.01 0.76 9.51
CA GLU A 307 3.84 1.55 9.98
C GLU A 307 3.03 0.75 11.06
N ALA A 308 3.00 -0.55 10.98
CA ALA A 308 2.21 -1.34 11.99
C ALA A 308 3.00 -1.64 13.30
N PHE A 309 4.31 -1.74 13.29
CA PHE A 309 5.01 -2.06 14.56
C PHE A 309 5.83 -0.88 15.06
N GLU A 310 6.40 -0.13 14.17
CA GLU A 310 7.22 1.04 14.59
C GLU A 310 6.38 2.33 14.73
N LEU A 311 5.30 2.48 13.99
CA LEU A 311 4.51 3.75 14.10
C LEU A 311 3.36 3.54 15.08
N GLY A 312 2.66 2.46 14.94
CA GLY A 312 1.51 2.18 15.85
C GLY A 312 0.23 1.78 15.06
N ALA A 313 0.34 1.14 13.92
CA ALA A 313 -0.89 0.74 13.18
C ALA A 313 -1.14 -0.77 13.38
N ALA A 314 -1.39 -1.21 14.60
CA ALA A 314 -1.63 -2.66 14.81
C ALA A 314 -2.58 -2.90 16.00
N ALA A 315 -3.70 -3.54 15.76
CA ALA A 315 -4.65 -3.83 16.87
C ALA A 315 -4.67 -5.34 17.05
N HIS A 316 -5.49 -5.85 17.93
CA HIS A 316 -5.50 -7.34 18.10
C HIS A 316 -6.90 -7.87 18.47
N PHE A 317 -7.31 -8.96 17.84
CA PHE A 317 -8.65 -9.56 18.18
C PHE A 317 -8.45 -10.90 18.95
N LYS A 318 -9.09 -11.03 20.10
CA LYS A 318 -8.99 -12.25 20.91
C LYS A 318 -10.18 -13.08 20.51
N VAL A 319 -9.94 -14.30 20.20
CA VAL A 319 -11.04 -15.15 19.73
C VAL A 319 -11.11 -16.39 20.57
N THR A 320 -12.28 -16.77 20.92
CA THR A 320 -12.45 -17.99 21.76
C THR A 320 -13.03 -19.13 20.92
N GLY A 321 -12.82 -20.36 21.32
CA GLY A 321 -13.37 -21.50 20.53
C GLY A 321 -12.43 -22.70 20.62
N GLU A 322 -12.62 -23.66 19.75
CA GLU A 322 -11.75 -24.87 19.77
C GLU A 322 -10.81 -24.82 18.56
N TRP A 323 -9.58 -25.17 18.79
CA TRP A 323 -8.58 -25.16 17.70
C TRP A 323 -8.93 -26.25 16.71
N ASN A 324 -8.54 -26.05 15.50
CA ASN A 324 -8.82 -27.04 14.43
C ASN A 324 -7.50 -27.48 13.85
N ASP A 325 -7.08 -28.67 14.16
CA ASP A 325 -5.77 -29.16 13.67
C ASP A 325 -5.81 -29.33 12.16
N ASP A 326 -6.92 -29.73 11.64
CA ASP A 326 -7.03 -29.92 10.16
C ASP A 326 -6.48 -28.68 9.46
N LEU A 327 -6.87 -27.53 9.90
CA LEU A 327 -6.39 -26.27 9.29
C LEU A 327 -4.91 -26.06 9.61
N MET A 328 -4.46 -26.33 10.82
CA MET A 328 -3.03 -26.10 11.12
C MET A 328 -2.63 -26.86 12.37
N THR A 329 -1.51 -27.53 12.34
CA THR A 329 -1.07 -28.28 13.55
C THR A 329 0.47 -28.32 13.64
N SER A 330 1.03 -28.08 14.80
CA SER A 330 2.52 -28.13 14.95
C SER A 330 2.93 -29.59 15.08
N VAL A 331 3.39 -30.18 14.02
CA VAL A 331 3.79 -31.61 14.08
C VAL A 331 4.94 -31.75 15.04
N LEU A 332 5.92 -30.92 14.89
CA LEU A 332 7.08 -30.97 15.82
C LEU A 332 7.31 -29.57 16.43
N ALA A 333 6.98 -29.39 17.69
CA ALA A 333 7.18 -28.05 18.32
C ALA A 333 8.66 -27.72 18.34
N PRO A 334 9.00 -26.46 18.37
CA PRO A 334 10.40 -26.00 18.40
C PRO A 334 11.26 -26.79 19.40
N SER A 335 12.30 -27.42 18.95
CA SER A 335 13.15 -28.21 19.89
C SER A 335 14.50 -28.46 19.25
N GLY A 336 15.45 -28.90 20.03
CA GLY A 336 16.81 -29.17 19.47
C GLY A 336 16.68 -29.97 18.17
N ALA B 1 -2.20 -8.65 -40.05
CA ALA B 1 -2.32 -8.04 -41.40
C ALA B 1 -0.93 -7.98 -42.06
N THR B 2 -0.87 -8.16 -43.35
CA THR B 2 0.44 -8.10 -44.04
C THR B 2 0.74 -6.66 -44.42
N ALA B 3 1.94 -6.40 -44.86
CA ALA B 3 2.30 -5.01 -45.24
C ALA B 3 1.35 -4.48 -46.33
N ALA B 4 1.03 -5.28 -47.31
CA ALA B 4 0.12 -4.81 -48.40
C ALA B 4 -1.23 -4.38 -47.81
N GLU B 5 -1.72 -5.12 -46.86
CA GLU B 5 -3.04 -4.76 -46.26
C GLU B 5 -2.91 -3.46 -45.47
N ILE B 6 -1.88 -3.35 -44.68
CA ILE B 6 -1.70 -2.10 -43.88
C ILE B 6 -1.55 -0.91 -44.82
N ALA B 7 -0.83 -1.07 -45.90
CA ALA B 7 -0.63 0.06 -46.86
C ALA B 7 -1.97 0.48 -47.50
N ALA B 8 -2.90 -0.44 -47.66
CA ALA B 8 -4.21 -0.08 -48.31
C ALA B 8 -5.22 0.50 -47.29
N LEU B 9 -4.88 0.64 -46.04
CA LEU B 9 -5.87 1.21 -45.06
C LEU B 9 -5.87 2.75 -45.14
N PRO B 10 -7.02 3.35 -44.97
CA PRO B 10 -7.16 4.85 -45.01
C PRO B 10 -6.33 5.56 -43.93
N ARG B 11 -5.69 6.65 -44.28
CA ARG B 11 -4.87 7.40 -43.28
C ARG B 11 -5.64 8.67 -42.89
N GLN B 12 -5.62 9.01 -41.64
CA GLN B 12 -6.33 10.22 -41.16
C GLN B 12 -5.41 11.02 -40.25
N LYS B 13 -5.05 12.20 -40.68
CA LYS B 13 -4.14 13.05 -39.88
C LYS B 13 -4.98 13.75 -38.84
N VAL B 14 -4.48 13.84 -37.66
CA VAL B 14 -5.27 14.49 -36.58
C VAL B 14 -4.46 15.61 -35.90
N GLU B 15 -5.05 16.77 -35.80
CA GLU B 15 -4.38 17.91 -35.14
C GLU B 15 -4.63 17.76 -33.65
N LEU B 16 -3.59 17.76 -32.89
CA LEU B 16 -3.76 17.56 -31.42
C LEU B 16 -3.99 18.90 -30.72
N VAL B 17 -4.69 18.87 -29.62
CA VAL B 17 -4.95 20.11 -28.88
C VAL B 17 -4.11 20.07 -27.60
N ASP B 18 -4.23 21.04 -26.77
CA ASP B 18 -3.42 21.01 -25.52
C ASP B 18 -4.31 20.68 -24.30
N PRO B 19 -3.90 19.75 -23.46
CA PRO B 19 -4.67 19.38 -22.26
C PRO B 19 -5.22 20.62 -21.54
N PRO B 20 -6.28 20.47 -20.78
CA PRO B 20 -6.95 19.15 -20.58
C PRO B 20 -7.92 18.78 -21.73
N PHE B 21 -8.02 19.61 -22.73
CA PHE B 21 -8.94 19.31 -23.86
C PHE B 21 -8.42 18.11 -24.63
N VAL B 22 -9.27 17.57 -25.46
CA VAL B 22 -8.91 16.40 -26.28
C VAL B 22 -9.35 16.68 -27.71
N HIS B 23 -8.58 16.24 -28.64
CA HIS B 23 -8.90 16.48 -30.07
C HIS B 23 -10.24 15.85 -30.42
N ALA B 24 -10.82 16.31 -31.47
CA ALA B 24 -12.13 15.76 -31.92
C ALA B 24 -11.97 14.30 -32.29
N HIS B 25 -12.94 13.51 -31.93
CA HIS B 25 -12.91 12.06 -32.22
C HIS B 25 -14.31 11.49 -31.97
N SER B 26 -14.62 10.37 -32.54
CA SER B 26 -15.96 9.78 -32.34
C SER B 26 -15.84 8.60 -31.39
N GLN B 27 -16.76 8.46 -30.50
CA GLN B 27 -16.68 7.33 -29.53
C GLN B 27 -16.74 6.06 -30.33
N VAL B 28 -17.81 5.88 -31.02
CA VAL B 28 -17.95 4.68 -31.89
C VAL B 28 -17.07 4.90 -33.13
N ALA B 29 -16.31 3.92 -33.50
CA ALA B 29 -15.40 4.06 -34.67
C ALA B 29 -16.22 4.23 -35.95
N GLU B 30 -15.81 5.13 -36.79
CA GLU B 30 -16.53 5.36 -38.08
C GLU B 30 -15.72 4.71 -39.20
N GLY B 31 -16.16 3.58 -39.69
CA GLY B 31 -15.41 2.89 -40.76
C GLY B 31 -14.53 1.80 -40.13
N GLY B 32 -13.76 1.09 -40.93
CA GLY B 32 -12.89 0.01 -40.38
C GLY B 32 -11.58 0.63 -39.85
N PRO B 33 -10.57 -0.19 -39.67
CA PRO B 33 -9.24 0.25 -39.16
C PRO B 33 -8.59 1.32 -40.03
N LYS B 34 -7.97 2.29 -39.42
CA LYS B 34 -7.29 3.38 -40.20
C LYS B 34 -5.99 3.83 -39.50
N VAL B 35 -4.96 4.08 -40.28
CA VAL B 35 -3.66 4.56 -39.74
C VAL B 35 -3.81 6.02 -39.36
N VAL B 36 -3.85 6.24 -38.09
CA VAL B 36 -4.01 7.59 -37.55
C VAL B 36 -2.65 8.20 -37.51
N GLU B 37 -2.59 9.40 -37.91
CA GLU B 37 -1.25 10.07 -37.97
C GLU B 37 -1.21 11.26 -37.02
N PHE B 38 -0.22 11.29 -36.18
CA PHE B 38 -0.06 12.44 -35.23
C PHE B 38 1.42 12.88 -35.20
N THR B 39 1.69 14.16 -35.15
CA THR B 39 3.11 14.62 -35.13
C THR B 39 3.32 15.53 -33.92
N MET B 40 4.34 15.28 -33.14
CA MET B 40 4.60 16.13 -31.95
C MET B 40 6.09 16.51 -31.85
N VAL B 41 6.37 17.78 -31.73
CA VAL B 41 7.76 18.26 -31.60
C VAL B 41 8.03 18.42 -30.11
N ILE B 42 9.15 17.99 -29.68
CA ILE B 42 9.48 18.06 -28.24
C ILE B 42 10.19 19.36 -27.97
N GLU B 43 9.82 20.03 -26.93
CA GLU B 43 10.50 21.34 -26.66
C GLU B 43 10.99 21.41 -25.22
N GLU B 44 12.28 21.38 -24.99
CA GLU B 44 12.78 21.50 -23.59
C GLU B 44 12.85 22.99 -23.23
N LYS B 45 11.96 23.49 -22.40
CA LYS B 45 12.02 24.92 -22.09
C LYS B 45 11.81 25.12 -20.61
N LYS B 46 11.68 26.33 -20.22
CA LYS B 46 11.45 26.64 -18.79
C LYS B 46 10.00 27.05 -18.55
N ILE B 47 9.35 26.39 -17.62
CA ILE B 47 7.94 26.71 -17.30
C ILE B 47 7.81 26.95 -15.79
N VAL B 48 6.90 27.79 -15.42
CA VAL B 48 6.69 28.11 -14.01
C VAL B 48 5.71 27.11 -13.50
N ILE B 49 5.83 26.76 -12.29
CA ILE B 49 4.89 25.72 -11.75
C ILE B 49 4.03 26.24 -10.59
N ASP B 50 4.34 27.36 -10.01
CA ASP B 50 3.51 27.85 -8.88
C ASP B 50 3.36 29.35 -8.98
N ASP B 51 2.74 29.95 -8.00
CA ASP B 51 2.54 31.42 -8.02
C ASP B 51 3.84 32.13 -7.62
N ALA B 52 4.66 31.49 -6.82
CA ALA B 52 5.94 32.13 -6.39
C ALA B 52 6.91 32.31 -7.58
N GLY B 53 6.67 31.65 -8.68
CA GLY B 53 7.61 31.80 -9.85
C GLY B 53 8.63 30.64 -9.92
N THR B 54 8.41 29.56 -9.20
CA THR B 54 9.35 28.42 -9.25
C THR B 54 9.46 27.98 -10.69
N GLU B 55 10.64 27.72 -11.15
CA GLU B 55 10.78 27.32 -12.59
C GLU B 55 11.43 25.94 -12.73
N VAL B 56 10.91 25.15 -13.64
CA VAL B 56 11.49 23.79 -13.90
C VAL B 56 11.74 23.59 -15.43
N HIS B 57 12.95 23.22 -15.80
CA HIS B 57 13.30 23.00 -17.22
C HIS B 57 12.53 21.79 -17.67
N ALA B 58 11.38 22.02 -18.18
CA ALA B 58 10.50 20.90 -18.59
C ALA B 58 10.85 20.37 -19.97
N MET B 59 10.64 19.10 -20.14
CA MET B 59 10.87 18.41 -21.43
C MET B 59 9.48 18.10 -21.83
N ALA B 60 9.01 18.69 -22.85
CA ALA B 60 7.58 18.50 -23.09
C ALA B 60 7.29 18.13 -24.49
N PHE B 61 6.55 17.10 -24.59
CA PHE B 61 6.09 16.65 -25.93
C PHE B 61 4.96 17.58 -26.38
N ASN B 62 5.08 18.20 -27.53
CA ASN B 62 4.00 19.14 -27.97
C ASN B 62 4.08 20.47 -27.18
N GLY B 63 5.16 20.73 -26.46
CA GLY B 63 5.27 21.99 -25.69
C GLY B 63 4.27 22.04 -24.52
N THR B 64 3.75 20.92 -24.05
CA THR B 64 2.79 21.04 -22.88
C THR B 64 2.90 19.84 -21.90
N VAL B 65 2.95 20.12 -20.59
CA VAL B 65 2.97 19.04 -19.59
C VAL B 65 1.58 18.98 -18.96
N PRO B 66 0.92 17.87 -19.08
CA PRO B 66 1.46 16.67 -19.76
C PRO B 66 1.19 16.68 -21.27
N GLY B 67 2.00 15.97 -22.02
CA GLY B 67 1.77 15.91 -23.48
C GLY B 67 0.28 15.83 -23.76
N PRO B 68 -0.09 15.90 -25.00
CA PRO B 68 -1.52 15.85 -25.42
C PRO B 68 -2.06 14.41 -25.47
N LEU B 69 -3.35 14.24 -25.27
CA LEU B 69 -3.93 12.87 -25.31
C LEU B 69 -4.35 12.49 -26.74
N MET B 70 -3.73 11.48 -27.31
CA MET B 70 -4.08 11.03 -28.66
C MET B 70 -5.19 10.02 -28.51
N VAL B 71 -6.09 9.99 -29.43
CA VAL B 71 -7.24 9.04 -29.29
C VAL B 71 -7.52 8.30 -30.61
N VAL B 72 -7.43 7.01 -30.56
CA VAL B 72 -7.73 6.16 -31.73
C VAL B 72 -8.59 4.98 -31.25
N HIS B 73 -9.00 4.11 -32.12
CA HIS B 73 -9.84 2.97 -31.70
C HIS B 73 -8.99 1.71 -31.68
N GLN B 74 -9.51 0.68 -31.10
CA GLN B 74 -8.76 -0.60 -31.03
C GLN B 74 -8.64 -1.18 -32.42
N ASP B 75 -7.48 -1.60 -32.78
CA ASP B 75 -7.27 -2.16 -34.14
C ASP B 75 -6.58 -1.12 -35.02
N ASP B 76 -6.93 0.14 -34.86
CA ASP B 76 -6.31 1.21 -35.68
C ASP B 76 -4.82 1.34 -35.31
N TYR B 77 -4.00 1.70 -36.26
CA TYR B 77 -2.55 1.85 -36.00
C TYR B 77 -2.23 3.34 -35.78
N LEU B 78 -1.49 3.61 -34.75
CA LEU B 78 -1.10 5.00 -34.41
C LEU B 78 0.29 5.23 -34.98
N GLU B 79 0.40 6.19 -35.83
CA GLU B 79 1.70 6.49 -36.48
C GLU B 79 2.09 7.85 -36.01
N LEU B 80 3.13 7.92 -35.27
CA LEU B 80 3.52 9.26 -34.72
C LEU B 80 4.89 9.73 -35.19
N THR B 81 4.91 10.85 -35.86
CA THR B 81 6.21 11.46 -36.31
C THR B 81 6.70 12.37 -35.17
N LEU B 82 7.77 12.00 -34.53
CA LEU B 82 8.29 12.76 -33.40
C LEU B 82 9.46 13.52 -33.92
N ILE B 83 9.62 14.68 -33.44
CA ILE B 83 10.73 15.54 -33.92
C ILE B 83 11.43 16.23 -32.76
N ASN B 84 12.71 16.07 -32.68
CA ASN B 84 13.52 16.70 -31.60
C ASN B 84 14.36 17.81 -32.26
N PRO B 85 13.89 19.01 -32.17
CA PRO B 85 14.53 20.21 -32.78
C PRO B 85 15.99 20.36 -32.41
N GLU B 86 16.76 20.94 -33.29
CA GLU B 86 18.21 21.14 -33.00
C GLU B 86 18.38 22.08 -31.79
N THR B 87 17.42 22.93 -31.52
CA THR B 87 17.55 23.87 -30.37
C THR B 87 17.66 23.08 -29.05
N ASN B 88 17.12 21.90 -28.99
CA ASN B 88 17.18 21.10 -27.74
C ASN B 88 18.62 20.62 -27.52
N THR B 89 18.92 20.14 -26.34
CA THR B 89 20.31 19.66 -26.06
C THR B 89 20.34 18.19 -25.55
N LEU B 90 19.23 17.47 -25.48
CA LEU B 90 19.31 16.05 -24.99
C LEU B 90 18.53 15.10 -25.91
N MET B 91 19.05 13.91 -26.15
CA MET B 91 18.33 12.94 -27.02
C MET B 91 17.13 12.39 -26.25
N HIS B 92 16.01 12.21 -26.90
CA HIS B 92 14.82 11.69 -26.20
C HIS B 92 14.39 10.34 -26.78
N ASN B 93 13.12 10.06 -26.68
CA ASN B 93 12.56 8.78 -27.20
C ASN B 93 11.14 8.62 -26.62
N ILE B 94 10.27 7.87 -27.27
CA ILE B 94 8.88 7.74 -26.71
C ILE B 94 8.52 6.25 -26.52
N ASP B 95 8.02 5.91 -25.36
CA ASP B 95 7.59 4.51 -25.09
C ASP B 95 6.09 4.51 -24.76
N PHE B 96 5.26 4.04 -25.65
CA PHE B 96 3.79 4.03 -25.39
C PHE B 96 3.38 2.71 -24.74
N HIS B 97 2.91 2.79 -23.53
CA HIS B 97 2.45 1.56 -22.80
C HIS B 97 1.43 0.78 -23.67
N ALA B 98 0.71 1.45 -24.54
CA ALA B 98 -0.32 0.73 -25.37
C ALA B 98 0.29 0.03 -26.60
N ALA B 99 1.59 -0.01 -26.72
CA ALA B 99 2.21 -0.69 -27.89
C ALA B 99 2.91 -1.96 -27.42
N THR B 100 3.29 -2.81 -28.32
CA THR B 100 3.97 -4.08 -27.90
C THR B 100 5.25 -4.32 -28.72
N GLY B 101 6.40 -4.25 -28.10
CA GLY B 101 7.70 -4.53 -28.81
C GLY B 101 8.66 -3.30 -28.79
N ALA B 102 9.93 -3.50 -28.49
CA ALA B 102 10.89 -2.34 -28.51
C ALA B 102 10.65 -1.42 -27.31
N LEU B 103 10.55 -1.99 -26.15
CA LEU B 103 10.35 -1.15 -24.93
C LEU B 103 9.23 -0.12 -25.16
N GLY B 104 8.17 -0.51 -25.80
CA GLY B 104 7.04 0.45 -26.04
C GLY B 104 7.43 1.48 -27.12
N GLY B 105 8.34 1.13 -27.98
CA GLY B 105 8.75 2.10 -29.06
C GLY B 105 9.96 2.95 -28.64
N GLY B 106 10.43 2.83 -27.43
CA GLY B 106 11.60 3.65 -26.99
C GLY B 106 12.89 3.14 -27.64
N GLY B 107 12.96 1.88 -27.99
CA GLY B 107 14.20 1.33 -28.61
C GLY B 107 14.29 1.71 -30.10
N LEU B 108 13.21 2.16 -30.69
CA LEU B 108 13.26 2.53 -32.15
C LEU B 108 12.90 4.02 -32.36
N THR B 109 13.01 4.83 -31.34
CA THR B 109 12.69 6.29 -31.49
C THR B 109 13.75 7.19 -30.81
N GLU B 110 14.94 6.70 -30.55
CA GLU B 110 15.98 7.54 -29.91
C GLU B 110 16.44 8.58 -30.94
N ILE B 111 16.12 9.81 -30.72
CA ILE B 111 16.51 10.85 -31.71
C ILE B 111 17.25 11.98 -31.02
N ASN B 112 18.40 12.30 -31.51
CA ASN B 112 19.18 13.40 -30.88
C ASN B 112 18.82 14.71 -31.56
N PRO B 113 19.06 15.81 -30.92
CA PRO B 113 18.76 17.16 -31.48
C PRO B 113 18.99 17.21 -32.99
N GLY B 114 18.02 17.67 -33.73
CA GLY B 114 18.18 17.73 -35.23
C GLY B 114 17.77 16.40 -35.88
N GLU B 115 17.03 15.55 -35.19
CA GLU B 115 16.61 14.26 -35.82
C GLU B 115 15.13 13.95 -35.52
N LYS B 116 14.42 13.37 -36.46
CA LYS B 116 12.98 13.03 -36.23
C LYS B 116 12.71 11.63 -36.82
N THR B 117 11.78 10.90 -36.27
CA THR B 117 11.49 9.55 -36.82
C THR B 117 9.99 9.36 -36.91
N ILE B 118 9.57 8.20 -37.30
CA ILE B 118 8.13 7.91 -37.42
C ILE B 118 7.88 6.47 -36.97
N LEU B 119 7.17 6.28 -35.91
CA LEU B 119 6.93 4.89 -35.42
C LEU B 119 5.43 4.57 -35.52
N ARG B 120 5.12 3.42 -36.04
CA ARG B 120 3.68 3.03 -36.17
C ARG B 120 3.43 1.71 -35.40
N PHE B 121 2.45 1.70 -34.55
CA PHE B 121 2.14 0.46 -33.77
C PHE B 121 0.63 0.20 -33.80
N LYS B 122 0.26 -1.04 -33.74
CA LYS B 122 -1.18 -1.42 -33.76
C LYS B 122 -1.72 -1.36 -32.34
N ALA B 123 -2.80 -0.67 -32.20
CA ALA B 123 -3.46 -0.50 -30.89
C ALA B 123 -4.30 -1.73 -30.71
N THR B 124 -3.74 -2.68 -30.08
CA THR B 124 -4.47 -4.00 -29.95
C THR B 124 -5.30 -4.13 -28.67
N LYS B 125 -5.20 -3.22 -27.75
CA LYS B 125 -5.99 -3.33 -26.50
C LYS B 125 -6.69 -2.01 -26.22
N PRO B 126 -7.92 -2.08 -25.78
CA PRO B 126 -8.72 -0.87 -25.47
C PRO B 126 -8.48 -0.32 -24.06
N GLY B 127 -8.28 0.97 -23.92
CA GLY B 127 -8.05 1.53 -22.56
C GLY B 127 -7.05 2.69 -22.61
N VAL B 128 -7.10 3.54 -21.62
CA VAL B 128 -6.17 4.70 -21.58
C VAL B 128 -4.83 4.18 -21.11
N PHE B 129 -3.78 4.72 -21.63
CA PHE B 129 -2.44 4.23 -21.24
C PHE B 129 -1.53 5.42 -21.18
N VAL B 130 -0.49 5.34 -20.44
CA VAL B 130 0.44 6.52 -20.35
C VAL B 130 1.72 6.35 -21.21
N TYR B 131 2.04 7.34 -22.04
CA TYR B 131 3.28 7.29 -22.84
C TYR B 131 4.30 8.19 -22.14
N HIS B 132 5.56 7.97 -22.34
CA HIS B 132 6.57 8.82 -21.64
C HIS B 132 7.97 8.55 -22.22
N CYS B 133 8.80 9.58 -22.33
CA CYS B 133 10.16 9.40 -22.88
C CYS B 133 11.02 8.64 -21.88
N ALA B 134 11.94 7.82 -22.32
CA ALA B 134 12.76 7.06 -21.35
C ALA B 134 14.12 6.69 -21.95
N PRO B 135 14.99 7.65 -22.09
CA PRO B 135 16.35 7.41 -22.63
C PRO B 135 17.19 6.55 -21.68
N PRO B 136 17.70 5.44 -22.14
CA PRO B 136 18.51 4.52 -21.30
C PRO B 136 19.50 5.25 -20.36
N GLY B 137 19.35 5.08 -19.06
CA GLY B 137 20.29 5.75 -18.11
C GLY B 137 19.70 7.06 -17.53
N MET B 138 18.68 7.63 -18.13
CA MET B 138 18.13 8.90 -17.59
C MET B 138 16.62 8.87 -17.73
N VAL B 139 16.04 7.75 -17.42
CA VAL B 139 14.55 7.62 -17.54
C VAL B 139 13.82 8.55 -16.56
N PRO B 140 13.92 8.26 -15.28
CA PRO B 140 13.24 9.03 -14.20
C PRO B 140 13.39 10.53 -14.34
N TRP B 141 14.52 10.97 -14.81
CA TRP B 141 14.73 12.44 -14.96
C TRP B 141 13.82 13.00 -16.05
N HIS B 142 13.82 12.37 -17.20
CA HIS B 142 12.97 12.86 -18.33
C HIS B 142 11.47 12.80 -17.96
N VAL B 143 11.04 11.79 -17.26
CA VAL B 143 9.59 11.68 -16.91
C VAL B 143 9.21 12.73 -15.87
N VAL B 144 10.01 12.87 -14.85
CA VAL B 144 9.69 13.87 -13.79
C VAL B 144 9.73 15.26 -14.39
N SER B 145 10.59 15.47 -15.35
CA SER B 145 10.68 16.81 -15.99
C SER B 145 9.38 17.15 -16.74
N GLY B 146 8.44 16.22 -16.80
CA GLY B 146 7.17 16.49 -17.51
C GLY B 146 7.19 15.89 -18.93
N MET B 147 7.97 14.86 -19.17
CA MET B 147 7.98 14.26 -20.54
C MET B 147 7.09 13.02 -20.54
N ASN B 148 5.80 13.21 -20.42
CA ASN B 148 4.87 12.05 -20.41
C ASN B 148 3.42 12.53 -20.55
N GLY B 149 2.60 11.74 -21.16
CA GLY B 149 1.16 12.10 -21.36
C GLY B 149 0.31 10.81 -21.35
N ALA B 150 -0.63 10.65 -22.25
CA ALA B 150 -1.44 9.41 -22.26
C ALA B 150 -2.34 9.34 -23.51
N ILE B 151 -2.55 8.16 -24.04
CA ILE B 151 -3.43 8.02 -25.24
C ILE B 151 -4.64 7.15 -24.88
N MET B 152 -5.75 7.34 -25.53
CA MET B 152 -6.95 6.53 -25.21
C MET B 152 -7.40 5.73 -26.45
N VAL B 153 -7.32 4.43 -26.38
CA VAL B 153 -7.74 3.56 -27.50
C VAL B 153 -9.13 3.10 -27.15
N LEU B 154 -10.12 3.67 -27.75
CA LEU B 154 -11.52 3.30 -27.36
C LEU B 154 -12.05 2.12 -28.17
N PRO B 155 -12.79 1.25 -27.52
CA PRO B 155 -13.42 0.09 -28.19
C PRO B 155 -14.14 0.53 -29.46
N ARG B 156 -14.02 -0.22 -30.52
CA ARG B 156 -14.68 0.17 -31.81
C ARG B 156 -16.15 0.51 -31.57
N GLU B 157 -16.78 -0.15 -30.64
CA GLU B 157 -18.22 0.12 -30.37
C GLU B 157 -18.41 1.17 -29.25
N GLY B 158 -17.39 1.93 -28.91
CA GLY B 158 -17.56 2.96 -27.84
C GLY B 158 -17.33 2.34 -26.47
N LEU B 159 -17.66 3.03 -25.43
CA LEU B 159 -17.47 2.47 -24.06
C LEU B 159 -18.80 1.94 -23.48
N HIS B 160 -18.75 0.82 -22.79
CA HIS B 160 -19.97 0.25 -22.17
C HIS B 160 -19.64 -0.13 -20.73
N ASP B 161 -20.62 -0.26 -19.90
CA ASP B 161 -20.38 -0.61 -18.47
C ASP B 161 -19.90 -2.07 -18.36
N GLY B 162 -19.94 -2.62 -17.18
CA GLY B 162 -19.49 -4.04 -17.00
C GLY B 162 -20.58 -5.07 -17.42
N LYS B 163 -21.76 -4.65 -17.80
CA LYS B 163 -22.81 -5.65 -18.20
C LYS B 163 -23.12 -5.54 -19.70
N GLY B 164 -22.53 -4.60 -20.40
CA GLY B 164 -22.81 -4.45 -21.87
C GLY B 164 -23.58 -3.15 -22.22
N LYS B 165 -24.10 -2.42 -21.26
CA LYS B 165 -24.86 -1.18 -21.57
C LYS B 165 -23.91 -0.15 -22.14
N ALA B 166 -24.36 0.63 -23.08
CA ALA B 166 -23.48 1.67 -23.69
C ALA B 166 -23.39 2.93 -22.79
N LEU B 167 -22.18 3.41 -22.60
CA LEU B 167 -21.94 4.63 -21.79
C LEU B 167 -21.34 5.66 -22.74
N THR B 168 -22.03 6.73 -22.97
CA THR B 168 -21.57 7.75 -23.92
C THR B 168 -21.38 9.01 -23.16
N TYR B 169 -20.24 9.57 -23.25
CA TYR B 169 -19.95 10.81 -22.47
C TYR B 169 -20.17 12.06 -23.35
N ASP B 170 -20.73 13.09 -22.78
CA ASP B 170 -20.95 14.34 -23.57
C ASP B 170 -19.61 15.09 -23.75
N LYS B 171 -18.75 15.04 -22.76
CA LYS B 171 -17.44 15.74 -22.87
C LYS B 171 -16.37 14.91 -22.17
N ILE B 172 -15.14 15.15 -22.48
CA ILE B 172 -14.03 14.38 -21.84
C ILE B 172 -12.81 15.28 -21.63
N TYR B 173 -12.24 15.24 -20.46
CA TYR B 173 -11.06 16.07 -20.15
C TYR B 173 -9.94 15.12 -19.70
N TYR B 174 -8.73 15.48 -19.99
CA TYR B 174 -7.58 14.61 -19.61
C TYR B 174 -6.69 15.38 -18.65
N VAL B 175 -6.65 14.96 -17.43
CA VAL B 175 -5.82 15.66 -16.42
C VAL B 175 -4.57 14.84 -16.10
N GLY B 176 -3.45 15.30 -16.57
CA GLY B 176 -2.17 14.60 -16.31
C GLY B 176 -1.56 15.17 -15.03
N GLU B 177 -1.22 14.32 -14.13
CA GLU B 177 -0.65 14.76 -12.85
C GLU B 177 0.83 14.61 -12.96
N GLN B 178 1.55 15.48 -12.36
CA GLN B 178 3.02 15.39 -12.48
C GLN B 178 3.69 15.74 -11.15
N ASP B 179 4.46 14.83 -10.63
CA ASP B 179 5.17 15.10 -9.34
C ASP B 179 6.58 15.60 -9.67
N PHE B 180 6.91 16.80 -9.29
CA PHE B 180 8.25 17.33 -9.58
C PHE B 180 9.11 17.18 -8.34
N TYR B 181 10.34 17.52 -8.49
CA TYR B 181 11.31 17.42 -7.37
C TYR B 181 12.27 18.58 -7.58
N VAL B 182 11.94 19.70 -7.03
CA VAL B 182 12.77 20.90 -7.26
C VAL B 182 13.75 21.13 -6.14
N PRO B 183 14.98 21.30 -6.49
CA PRO B 183 16.07 21.55 -5.49
C PRO B 183 15.88 22.90 -4.75
N ARG B 184 16.18 22.93 -3.47
CA ARG B 184 16.03 24.19 -2.70
C ARG B 184 17.40 24.56 -2.13
N ASP B 185 17.63 25.81 -1.91
CA ASP B 185 18.96 26.24 -1.37
C ASP B 185 18.97 26.08 0.15
N GLU B 186 19.85 26.77 0.82
CA GLU B 186 19.92 26.66 2.30
C GLU B 186 18.70 27.36 2.93
N ASN B 187 18.27 28.45 2.35
CA ASN B 187 17.10 29.19 2.92
C ASN B 187 15.77 28.43 2.64
N GLY B 188 15.83 27.26 2.06
CA GLY B 188 14.55 26.52 1.77
C GLY B 188 13.81 27.10 0.54
N LYS B 189 14.44 27.96 -0.22
CA LYS B 189 13.77 28.52 -1.43
C LYS B 189 14.16 27.69 -2.64
N TYR B 190 13.28 27.59 -3.59
CA TYR B 190 13.58 26.79 -4.80
C TYR B 190 14.75 27.42 -5.54
N LYS B 191 15.54 26.61 -6.18
CA LYS B 191 16.72 27.16 -6.92
C LYS B 191 16.45 27.15 -8.43
N LYS B 192 16.96 28.13 -9.14
CA LYS B 192 16.76 28.19 -10.59
C LYS B 192 18.11 27.97 -11.26
N TYR B 193 18.12 27.46 -12.44
CA TYR B 193 19.41 27.20 -13.11
C TYR B 193 19.38 27.81 -14.50
N GLU B 194 20.47 27.76 -15.18
CA GLU B 194 20.53 28.33 -16.55
C GLU B 194 20.14 27.26 -17.59
N ALA B 195 20.76 26.11 -17.53
CA ALA B 195 20.43 25.05 -18.50
C ALA B 195 19.93 23.80 -17.75
N PRO B 196 19.19 22.97 -18.43
CA PRO B 196 18.62 21.72 -17.83
C PRO B 196 19.69 20.82 -17.20
N GLY B 197 20.87 20.78 -17.76
CA GLY B 197 21.95 19.90 -17.19
C GLY B 197 22.45 20.42 -15.82
N ASP B 198 22.44 21.71 -15.59
CA ASP B 198 22.96 22.25 -14.29
C ASP B 198 22.04 21.83 -13.14
N ALA B 199 20.85 21.40 -13.43
CA ALA B 199 19.92 20.98 -12.34
C ALA B 199 19.77 19.45 -12.29
N TYR B 200 20.64 18.72 -12.92
CA TYR B 200 20.55 17.22 -12.89
C TYR B 200 21.00 16.61 -11.54
N GLU B 201 22.17 16.95 -11.02
CA GLU B 201 22.65 16.31 -9.75
C GLU B 201 21.78 16.74 -8.57
N ASP B 202 21.45 17.99 -8.51
CA ASP B 202 20.62 18.48 -7.37
C ASP B 202 19.22 17.88 -7.45
N THR B 203 18.72 17.65 -8.63
CA THR B 203 17.36 17.06 -8.77
C THR B 203 17.40 15.60 -8.34
N VAL B 204 18.34 14.86 -8.86
CA VAL B 204 18.44 13.43 -8.48
C VAL B 204 18.37 13.31 -6.96
N LYS B 205 19.13 14.12 -6.26
CA LYS B 205 19.10 14.06 -4.77
C LYS B 205 17.65 14.17 -4.27
N VAL B 206 16.91 15.12 -4.78
CA VAL B 206 15.49 15.27 -4.35
C VAL B 206 14.67 14.06 -4.79
N MET B 207 14.90 13.59 -5.99
CA MET B 207 14.12 12.41 -6.48
C MET B 207 14.36 11.18 -5.58
N ARG B 208 15.54 11.03 -5.04
CA ARG B 208 15.82 9.84 -4.18
C ARG B 208 14.95 9.89 -2.93
N THR B 209 14.71 11.06 -2.41
CA THR B 209 13.86 11.18 -1.18
C THR B 209 12.43 10.66 -1.43
N LEU B 210 12.08 10.35 -2.66
CA LEU B 210 10.70 9.86 -2.93
C LEU B 210 9.69 10.85 -2.35
N THR B 211 10.02 12.12 -2.36
CA THR B 211 9.08 13.13 -1.81
C THR B 211 9.04 14.32 -2.76
N PRO B 212 8.03 14.39 -3.57
CA PRO B 212 7.87 15.51 -4.56
C PRO B 212 7.58 16.87 -3.91
N THR B 213 8.29 17.92 -4.29
CA THR B 213 8.03 19.26 -3.70
C THR B 213 6.70 19.81 -4.25
N HIS B 214 6.26 19.37 -5.40
CA HIS B 214 4.98 19.88 -5.97
C HIS B 214 4.32 18.78 -6.82
N VAL B 215 3.06 18.54 -6.59
CA VAL B 215 2.35 17.50 -7.37
C VAL B 215 1.19 18.23 -7.97
N VAL B 216 1.12 18.34 -9.26
CA VAL B 216 0.01 19.17 -9.76
C VAL B 216 -0.62 18.61 -11.01
N PHE B 217 -1.55 19.34 -11.52
CA PHE B 217 -2.26 18.88 -12.75
C PHE B 217 -2.09 19.94 -13.84
N ASN B 218 -1.87 19.51 -15.06
CA ASN B 218 -1.70 20.50 -16.17
C ASN B 218 -0.30 21.18 -16.16
N GLY B 219 0.61 20.77 -15.31
CA GLY B 219 1.96 21.40 -15.29
C GLY B 219 2.12 22.54 -14.23
N ALA B 220 1.14 22.85 -13.38
CA ALA B 220 1.40 23.95 -12.40
C ALA B 220 0.31 24.01 -11.33
N VAL B 221 0.67 24.38 -10.13
CA VAL B 221 -0.35 24.48 -9.05
C VAL B 221 -1.40 25.52 -9.48
N GLY B 222 -2.65 25.16 -9.42
CA GLY B 222 -3.72 26.12 -9.85
C GLY B 222 -3.80 26.22 -11.39
N ALA B 223 -3.37 25.21 -12.13
CA ALA B 223 -3.45 25.28 -13.63
C ALA B 223 -4.91 25.08 -14.11
N LEU B 224 -5.72 24.32 -13.41
CA LEU B 224 -7.12 24.07 -13.85
C LEU B 224 -8.13 24.78 -12.93
N THR B 225 -7.89 26.02 -12.63
CA THR B 225 -8.82 26.80 -11.77
C THR B 225 -9.00 28.18 -12.38
N GLY B 226 -9.88 28.97 -11.86
CA GLY B 226 -10.11 30.33 -12.41
C GLY B 226 -10.72 30.19 -13.78
N ASP B 227 -10.26 30.97 -14.72
CA ASP B 227 -10.81 30.87 -16.10
C ASP B 227 -10.47 29.50 -16.70
N LYS B 228 -9.49 28.81 -16.17
CA LYS B 228 -9.13 27.47 -16.72
C LYS B 228 -9.88 26.34 -16.00
N ALA B 229 -10.71 26.64 -15.02
CA ALA B 229 -11.45 25.55 -14.31
C ALA B 229 -12.35 24.79 -15.30
N MET B 230 -12.32 23.48 -15.28
CA MET B 230 -13.17 22.71 -16.20
C MET B 230 -14.60 23.20 -16.06
N THR B 231 -15.47 22.70 -16.86
CA THR B 231 -16.90 23.13 -16.80
C THR B 231 -17.83 21.94 -17.09
N ALA B 232 -18.97 21.94 -16.48
CA ALA B 232 -19.98 20.86 -16.68
C ALA B 232 -21.32 21.34 -16.13
N ALA B 233 -22.42 20.80 -16.61
CA ALA B 233 -23.74 21.25 -16.12
C ALA B 233 -24.53 20.04 -15.62
N VAL B 234 -25.46 20.29 -14.75
CA VAL B 234 -26.30 19.20 -14.20
C VAL B 234 -26.85 18.37 -15.35
N GLY B 235 -26.72 17.10 -15.26
CA GLY B 235 -27.23 16.21 -16.36
C GLY B 235 -26.14 15.95 -17.44
N GLU B 236 -24.96 16.50 -17.28
CA GLU B 236 -23.88 16.27 -18.28
C GLU B 236 -23.04 15.07 -17.85
N LYS B 237 -22.70 14.25 -18.78
CA LYS B 237 -21.88 13.06 -18.48
C LYS B 237 -20.47 13.40 -18.91
N VAL B 238 -19.55 13.27 -18.03
CA VAL B 238 -18.16 13.66 -18.39
C VAL B 238 -17.17 12.57 -18.01
N LEU B 239 -16.32 12.24 -18.93
CA LEU B 239 -15.29 11.21 -18.65
C LEU B 239 -13.96 11.92 -18.38
N ILE B 240 -13.39 11.69 -17.24
CA ILE B 240 -12.11 12.38 -16.89
C ILE B 240 -10.96 11.37 -16.84
N VAL B 241 -10.13 11.41 -17.84
CA VAL B 241 -8.97 10.49 -17.89
C VAL B 241 -7.86 11.13 -17.08
N HIS B 242 -7.18 10.35 -16.33
CA HIS B 242 -6.11 10.91 -15.48
C HIS B 242 -4.91 9.98 -15.57
N SER B 243 -3.76 10.54 -15.67
CA SER B 243 -2.54 9.69 -15.78
C SER B 243 -1.42 10.18 -14.85
N GLN B 244 -0.60 9.25 -14.42
CA GLN B 244 0.56 9.53 -13.53
C GLN B 244 1.67 8.57 -13.98
N ALA B 245 2.64 9.07 -14.69
CA ALA B 245 3.73 8.20 -15.24
C ALA B 245 4.97 8.33 -14.38
N ASN B 246 4.78 8.25 -13.11
CA ASN B 246 5.91 8.34 -12.15
C ASN B 246 5.39 8.51 -10.69
N ARG B 247 4.22 7.99 -10.32
CA ARG B 247 3.78 8.17 -8.91
C ARG B 247 2.34 7.72 -8.76
N ASP B 248 2.01 7.07 -7.66
CA ASP B 248 0.59 6.63 -7.49
C ASP B 248 -0.31 7.78 -6.95
N THR B 249 -1.49 7.98 -7.52
CA THR B 249 -2.39 9.03 -7.03
C THR B 249 -3.73 8.38 -6.67
N ARG B 250 -4.63 9.15 -6.18
CA ARG B 250 -5.97 8.61 -5.78
C ARG B 250 -7.01 9.71 -6.02
N PRO B 251 -7.49 9.80 -7.23
CA PRO B 251 -8.48 10.82 -7.66
C PRO B 251 -9.75 10.85 -6.82
N HIS B 252 -10.33 12.00 -6.70
CA HIS B 252 -11.60 12.15 -5.92
C HIS B 252 -12.31 13.49 -6.26
N LEU B 253 -13.52 13.43 -6.77
CA LEU B 253 -14.28 14.66 -7.10
C LEU B 253 -15.07 15.09 -5.87
N ILE B 254 -14.66 16.16 -5.27
CA ILE B 254 -15.31 16.68 -4.06
C ILE B 254 -16.73 17.06 -4.39
N GLY B 255 -17.64 16.50 -3.69
CA GLY B 255 -19.07 16.80 -3.95
C GLY B 255 -19.66 15.80 -4.97
N GLY B 256 -18.84 15.00 -5.61
CA GLY B 256 -19.38 14.03 -6.60
C GLY B 256 -18.81 12.63 -6.34
N HIS B 257 -18.73 11.84 -7.36
CA HIS B 257 -18.19 10.47 -7.23
C HIS B 257 -18.04 9.86 -8.63
N GLY B 258 -17.20 8.88 -8.75
CA GLY B 258 -16.99 8.23 -10.08
C GLY B 258 -18.07 7.18 -10.27
N ASP B 259 -19.02 7.47 -11.08
CA ASP B 259 -20.13 6.50 -11.30
C ASP B 259 -19.53 5.19 -11.78
N TYR B 260 -18.74 5.27 -12.79
CA TYR B 260 -18.07 4.07 -13.34
C TYR B 260 -16.60 4.42 -13.48
N VAL B 261 -15.72 3.67 -12.88
CA VAL B 261 -14.29 4.07 -12.98
C VAL B 261 -13.37 2.90 -13.35
N TRP B 262 -12.84 2.92 -14.54
CA TRP B 262 -11.88 1.88 -14.96
C TRP B 262 -10.57 2.26 -14.29
N ALA B 263 -10.43 1.84 -13.08
CA ALA B 263 -9.25 2.27 -12.26
C ALA B 263 -7.97 1.84 -12.93
N THR B 264 -8.00 0.68 -13.48
CA THR B 264 -6.79 0.16 -14.15
C THR B 264 -6.62 0.81 -15.53
N GLY B 265 -7.59 1.56 -15.97
CA GLY B 265 -7.46 2.21 -17.33
C GLY B 265 -7.58 1.17 -18.47
N LYS B 266 -8.25 0.07 -18.24
CA LYS B 266 -8.43 -0.98 -19.28
C LYS B 266 -9.94 -1.14 -19.47
N PHE B 267 -10.40 -1.00 -20.68
CA PHE B 267 -11.87 -1.10 -20.92
C PHE B 267 -12.37 -2.53 -20.71
N ASN B 268 -11.60 -3.51 -21.11
CA ASN B 268 -12.05 -4.91 -20.96
C ASN B 268 -12.27 -5.24 -19.49
N THR B 269 -11.52 -4.61 -18.63
CA THR B 269 -11.66 -4.87 -17.18
C THR B 269 -12.87 -4.09 -16.66
N PRO B 270 -13.87 -4.79 -16.22
CA PRO B 270 -15.12 -4.14 -15.71
C PRO B 270 -14.83 -2.91 -14.84
N PRO B 271 -15.55 -1.81 -15.04
CA PRO B 271 -15.31 -0.56 -14.24
C PRO B 271 -15.98 -0.57 -12.84
N ASP B 272 -15.21 -0.34 -11.77
CA ASP B 272 -15.86 -0.30 -10.44
C ASP B 272 -17.03 0.66 -10.55
N VAL B 273 -17.82 0.78 -9.54
CA VAL B 273 -18.98 1.72 -9.63
C VAL B 273 -19.25 2.41 -8.28
N ASP B 274 -19.76 3.61 -8.32
CA ASP B 274 -20.07 4.34 -7.07
C ASP B 274 -18.78 4.50 -6.32
N GLN B 275 -17.81 5.08 -6.94
CA GLN B 275 -16.48 5.21 -6.23
C GLN B 275 -16.27 6.62 -5.63
N GLU B 276 -15.92 6.68 -4.35
CA GLU B 276 -15.64 8.01 -3.73
C GLU B 276 -14.19 8.45 -4.06
N THR B 277 -13.26 7.52 -4.04
CA THR B 277 -11.84 7.85 -4.35
C THR B 277 -11.22 6.61 -5.00
N TRP B 278 -10.70 6.75 -6.17
CA TRP B 278 -10.13 5.57 -6.86
C TRP B 278 -8.63 5.48 -6.59
N PHE B 279 -7.94 4.74 -7.40
CA PHE B 279 -6.47 4.59 -7.20
C PHE B 279 -5.78 4.22 -8.53
N ILE B 280 -4.89 5.07 -8.97
CA ILE B 280 -4.14 4.81 -10.24
C ILE B 280 -2.67 4.73 -9.89
N PRO B 281 -2.07 3.58 -10.08
CA PRO B 281 -0.65 3.33 -9.72
C PRO B 281 0.36 4.01 -10.66
N GLY B 282 1.36 4.62 -10.11
CA GLY B 282 2.40 5.26 -10.95
C GLY B 282 2.64 4.37 -12.15
N GLY B 283 2.79 4.94 -13.30
CA GLY B 283 3.00 4.16 -14.52
C GLY B 283 1.66 3.72 -15.10
N ALA B 284 0.59 4.48 -14.91
CA ALA B 284 -0.71 4.01 -15.49
C ALA B 284 -1.75 5.13 -15.56
N ALA B 285 -2.64 5.08 -16.53
CA ALA B 285 -3.71 6.12 -16.64
C ALA B 285 -5.09 5.45 -16.50
N GLY B 286 -5.99 6.03 -15.73
CA GLY B 286 -7.33 5.41 -15.57
C GLY B 286 -8.39 6.31 -16.20
N ALA B 287 -9.63 6.09 -15.88
CA ALA B 287 -10.73 6.92 -16.46
C ALA B 287 -11.98 6.79 -15.58
N ALA B 288 -12.62 7.89 -15.30
CA ALA B 288 -13.85 7.87 -14.46
C ALA B 288 -14.97 8.61 -15.20
N PHE B 289 -16.14 8.05 -15.21
CA PHE B 289 -17.28 8.69 -15.91
C PHE B 289 -18.34 9.04 -14.87
N TYR B 290 -18.78 10.26 -14.85
CA TYR B 290 -19.79 10.63 -13.83
C TYR B 290 -20.76 11.68 -14.38
N THR B 291 -22.01 11.50 -14.09
CA THR B 291 -23.05 12.47 -14.54
C THR B 291 -23.31 13.44 -13.40
N PHE B 292 -23.05 14.69 -13.63
CA PHE B 292 -23.25 15.72 -12.57
C PHE B 292 -24.72 15.85 -12.22
N GLN B 293 -25.00 16.00 -10.96
CA GLN B 293 -26.43 16.16 -10.53
C GLN B 293 -26.63 17.48 -9.75
N GLN B 294 -25.58 18.12 -9.28
CA GLN B 294 -25.75 19.39 -8.52
C GLN B 294 -24.83 20.46 -9.09
N PRO B 295 -25.31 21.68 -9.15
CA PRO B 295 -24.53 22.83 -9.67
C PRO B 295 -23.67 23.47 -8.60
N GLY B 296 -22.64 24.16 -9.00
CA GLY B 296 -21.75 24.82 -8.01
C GLY B 296 -20.29 24.57 -8.39
N ILE B 297 -19.40 24.81 -7.48
CA ILE B 297 -17.95 24.58 -7.78
C ILE B 297 -17.44 23.35 -7.03
N TYR B 298 -16.87 22.41 -7.73
CA TYR B 298 -16.36 21.19 -7.08
C TYR B 298 -14.86 21.07 -7.34
N ALA B 299 -14.12 20.58 -6.38
CA ALA B 299 -12.65 20.44 -6.55
C ALA B 299 -12.34 18.99 -6.85
N TYR B 300 -11.49 18.74 -7.81
CA TYR B 300 -11.16 17.33 -8.14
C TYR B 300 -9.70 17.16 -7.86
N VAL B 301 -9.34 16.33 -6.94
CA VAL B 301 -7.88 16.27 -6.68
C VAL B 301 -7.44 14.98 -6.03
N ASN B 302 -6.16 14.84 -5.92
CA ASN B 302 -5.57 13.65 -5.29
C ASN B 302 -5.98 13.70 -3.85
N HIS B 303 -6.52 12.65 -3.36
CA HIS B 303 -7.00 12.70 -1.96
C HIS B 303 -5.83 12.99 -1.07
N ASN B 304 -4.72 12.32 -1.22
CA ASN B 304 -3.62 12.76 -0.31
C ASN B 304 -3.88 14.28 -0.02
N LEU B 305 -4.66 14.61 1.00
CA LEU B 305 -5.02 16.03 1.27
C LEU B 305 -3.78 16.89 1.19
N ILE B 306 -2.74 16.42 1.78
CA ILE B 306 -1.47 17.20 1.76
C ILE B 306 -1.06 17.42 0.31
N GLU B 307 -1.03 16.37 -0.45
CA GLU B 307 -0.65 16.50 -1.89
C GLU B 307 -1.67 17.39 -2.64
N ALA B 308 -2.94 17.34 -2.29
CA ALA B 308 -3.95 18.17 -3.01
C ALA B 308 -4.02 19.66 -2.53
N PHE B 309 -3.66 19.99 -1.30
CA PHE B 309 -3.79 21.42 -0.89
C PHE B 309 -2.41 22.03 -0.64
N GLU B 310 -1.53 21.28 -0.06
CA GLU B 310 -0.16 21.82 0.23
C GLU B 310 0.80 21.65 -0.97
N LEU B 311 0.64 20.66 -1.81
CA LEU B 311 1.60 20.49 -2.94
C LEU B 311 1.06 21.17 -4.19
N GLY B 312 -0.18 20.98 -4.47
CA GLY B 312 -0.81 21.60 -5.68
C GLY B 312 -1.54 20.55 -6.55
N ALA B 313 -2.15 19.51 -5.98
CA ALA B 313 -2.87 18.54 -6.84
C ALA B 313 -4.39 18.76 -6.71
N ALA B 314 -4.89 19.92 -7.07
CA ALA B 314 -6.36 20.15 -6.95
C ALA B 314 -6.86 21.10 -8.04
N ALA B 315 -7.79 20.66 -8.86
CA ALA B 315 -8.34 21.54 -9.91
C ALA B 315 -9.76 21.90 -9.51
N HIS B 316 -10.49 22.58 -10.33
CA HIS B 316 -11.89 22.93 -9.92
C HIS B 316 -12.85 22.91 -11.11
N PHE B 317 -14.00 22.28 -10.98
CA PHE B 317 -14.99 22.27 -12.10
C PHE B 317 -16.25 23.11 -11.75
N LYS B 318 -16.56 24.11 -12.56
CA LYS B 318 -17.74 24.95 -12.32
C LYS B 318 -18.90 24.26 -13.01
N VAL B 319 -20.01 24.17 -12.37
CA VAL B 319 -21.14 23.46 -12.98
C VAL B 319 -22.38 24.32 -12.88
N THR B 320 -23.05 24.47 -13.98
CA THR B 320 -24.29 25.29 -14.00
C THR B 320 -25.52 24.38 -13.94
N GLY B 321 -26.62 24.88 -13.45
CA GLY B 321 -27.84 24.04 -13.37
C GLY B 321 -28.70 24.48 -12.17
N GLU B 322 -29.61 23.63 -11.76
CA GLU B 322 -30.50 23.96 -10.62
C GLU B 322 -30.16 23.03 -9.46
N TRP B 323 -30.16 23.55 -8.29
CA TRP B 323 -29.83 22.74 -7.10
C TRP B 323 -30.93 21.72 -6.88
N ASN B 324 -30.58 20.66 -6.26
CA ASN B 324 -31.58 19.57 -5.99
C ASN B 324 -31.60 19.31 -4.49
N ASP B 325 -32.61 19.81 -3.83
CA ASP B 325 -32.70 19.63 -2.36
C ASP B 325 -32.85 18.14 -2.05
N ASP B 326 -33.64 17.46 -2.81
CA ASP B 326 -33.84 16.01 -2.56
C ASP B 326 -32.48 15.36 -2.26
N LEU B 327 -31.50 15.64 -3.07
CA LEU B 327 -30.14 15.06 -2.84
C LEU B 327 -29.48 15.70 -1.61
N MET B 328 -29.61 17.00 -1.43
CA MET B 328 -28.96 17.62 -0.25
C MET B 328 -29.62 18.95 0.05
N THR B 329 -29.84 19.24 1.30
CA THR B 329 -30.48 20.54 1.66
C THR B 329 -30.06 20.98 3.06
N SER B 330 -29.70 22.23 3.22
CA SER B 330 -29.29 22.73 4.55
C SER B 330 -30.55 23.04 5.37
N VAL B 331 -30.97 22.13 6.20
CA VAL B 331 -32.20 22.37 7.00
C VAL B 331 -31.99 23.58 7.89
N LEU B 332 -30.87 23.64 8.53
CA LEU B 332 -30.58 24.81 9.42
C LEU B 332 -29.20 25.39 9.07
N ALA B 333 -29.16 26.54 8.47
CA ALA B 333 -27.85 27.14 8.11
C ALA B 333 -27.08 27.47 9.39
N PRO B 334 -25.79 27.52 9.32
CA PRO B 334 -24.92 27.82 10.49
C PRO B 334 -25.44 29.02 11.29
N SER B 335 -25.82 28.81 12.52
CA SER B 335 -26.33 29.94 13.33
C SER B 335 -25.93 29.74 14.79
N GLY B 336 -26.47 30.55 15.66
CA GLY B 336 -26.14 30.41 17.11
C GLY B 336 -26.86 29.20 17.69
N ALA C 1 -11.21 -32.67 7.41
CA ALA C 1 -10.76 -34.09 7.46
C ALA C 1 -10.30 -34.42 8.89
N THR C 2 -10.35 -35.67 9.27
CA THR C 2 -9.92 -36.05 10.63
C THR C 2 -8.43 -36.40 10.60
N ALA C 3 -7.83 -36.54 11.75
CA ALA C 3 -6.38 -36.88 11.79
C ALA C 3 -6.14 -38.18 11.02
N ALA C 4 -6.97 -39.16 11.19
CA ALA C 4 -6.77 -40.46 10.47
C ALA C 4 -6.80 -40.21 8.97
N GLU C 5 -7.77 -39.46 8.50
CA GLU C 5 -7.85 -39.19 7.03
C GLU C 5 -6.57 -38.50 6.55
N ILE C 6 -6.08 -37.55 7.30
CA ILE C 6 -4.84 -36.83 6.88
C ILE C 6 -3.63 -37.79 6.91
N ALA C 7 -3.61 -38.68 7.86
CA ALA C 7 -2.45 -39.62 7.95
C ALA C 7 -2.44 -40.60 6.76
N ALA C 8 -3.57 -40.86 6.16
CA ALA C 8 -3.61 -41.82 5.02
C ALA C 8 -3.39 -41.10 3.67
N LEU C 9 -3.22 -39.81 3.65
CA LEU C 9 -3.01 -39.10 2.34
C LEU C 9 -1.55 -39.30 1.88
N PRO C 10 -1.33 -39.40 0.60
CA PRO C 10 0.04 -39.59 0.03
C PRO C 10 0.95 -38.37 0.28
N ARG C 11 2.18 -38.58 0.71
CA ARG C 11 3.09 -37.43 0.96
C ARG C 11 4.13 -37.33 -0.18
N GLN C 12 4.42 -36.13 -0.61
CA GLN C 12 5.42 -35.93 -1.69
C GLN C 12 6.46 -34.89 -1.24
N LYS C 13 7.71 -35.26 -1.24
CA LYS C 13 8.78 -34.34 -0.82
C LYS C 13 9.21 -33.55 -2.04
N VAL C 14 9.40 -32.29 -1.86
CA VAL C 14 9.80 -31.45 -3.01
C VAL C 14 11.11 -30.73 -2.72
N GLU C 15 11.97 -30.69 -3.70
CA GLU C 15 13.27 -30.01 -3.57
C GLU C 15 13.09 -28.59 -4.08
N LEU C 16 13.38 -27.64 -3.27
CA LEU C 16 13.17 -26.22 -3.67
C LEU C 16 14.38 -25.70 -4.42
N VAL C 17 14.16 -24.76 -5.30
CA VAL C 17 15.28 -24.17 -6.07
C VAL C 17 15.46 -22.73 -5.61
N ASP C 18 16.35 -22.01 -6.20
CA ASP C 18 16.53 -20.59 -5.76
C ASP C 18 15.90 -19.63 -6.80
N PRO C 19 15.12 -18.67 -6.35
CA PRO C 19 14.48 -17.68 -7.26
C PRO C 19 15.48 -17.15 -8.30
N PRO C 20 14.99 -16.66 -9.40
CA PRO C 20 13.52 -16.59 -9.68
C PRO C 20 12.93 -17.91 -10.18
N PHE C 21 13.73 -18.92 -10.35
CA PHE C 21 13.23 -20.23 -10.83
C PHE C 21 12.33 -20.86 -9.78
N VAL C 22 11.45 -21.71 -10.19
CA VAL C 22 10.54 -22.38 -9.27
C VAL C 22 10.81 -23.86 -9.38
N HIS C 23 10.41 -24.59 -8.41
CA HIS C 23 10.65 -26.06 -8.43
C HIS C 23 9.68 -26.72 -9.40
N ALA C 24 9.91 -27.97 -9.68
CA ALA C 24 9.02 -28.72 -10.60
C ALA C 24 7.64 -28.85 -9.96
N HIS C 25 6.62 -28.75 -10.77
CA HIS C 25 5.23 -28.87 -10.26
C HIS C 25 4.27 -28.92 -11.46
N SER C 26 3.13 -29.53 -11.30
CA SER C 26 2.16 -29.61 -12.41
C SER C 26 1.06 -28.59 -12.18
N GLN C 27 0.61 -27.95 -13.21
CA GLN C 27 -0.46 -26.92 -13.03
C GLN C 27 -1.69 -27.64 -12.53
N VAL C 28 -2.13 -28.58 -13.30
CA VAL C 28 -3.29 -29.41 -12.89
C VAL C 28 -2.81 -30.41 -11.85
N ALA C 29 -3.53 -30.54 -10.78
CA ALA C 29 -3.11 -31.46 -9.69
C ALA C 29 -3.08 -32.90 -10.18
N GLU C 30 -2.05 -33.61 -9.86
CA GLU C 30 -1.95 -35.04 -10.28
C GLU C 30 -2.38 -35.93 -9.11
N GLY C 31 -3.62 -36.33 -9.08
CA GLY C 31 -4.11 -37.17 -7.97
C GLY C 31 -4.93 -36.31 -7.01
N GLY C 32 -5.31 -36.85 -5.90
CA GLY C 32 -6.12 -36.06 -4.92
C GLY C 32 -5.18 -35.27 -3.98
N PRO C 33 -5.69 -34.87 -2.84
CA PRO C 33 -4.93 -34.10 -1.83
C PRO C 33 -3.70 -34.85 -1.33
N LYS C 34 -2.63 -34.14 -1.13
CA LYS C 34 -1.39 -34.80 -0.64
C LYS C 34 -0.57 -33.84 0.26
N VAL C 35 0.02 -34.37 1.30
CA VAL C 35 0.84 -33.57 2.24
C VAL C 35 2.21 -33.33 1.60
N VAL C 36 2.38 -32.15 1.12
CA VAL C 36 3.61 -31.76 0.44
C VAL C 36 4.60 -31.44 1.52
N GLU C 37 5.78 -31.86 1.33
CA GLU C 37 6.81 -31.63 2.38
C GLU C 37 7.95 -30.80 1.83
N PHE C 38 8.29 -29.74 2.51
CA PHE C 38 9.42 -28.88 2.07
C PHE C 38 10.26 -28.47 3.30
N THR C 39 11.56 -28.43 3.18
CA THR C 39 12.40 -28.05 4.35
C THR C 39 13.32 -26.89 3.97
N MET C 40 13.41 -25.90 4.81
CA MET C 40 14.28 -24.72 4.49
C MET C 40 15.09 -24.30 5.72
N VAL C 41 16.39 -24.23 5.59
CA VAL C 41 17.27 -23.81 6.70
C VAL C 41 17.45 -22.30 6.57
N ILE C 42 17.43 -21.62 7.65
CA ILE C 42 17.57 -20.14 7.61
C ILE C 42 19.03 -19.79 7.77
N GLU C 43 19.53 -18.92 6.95
CA GLU C 43 20.97 -18.57 7.07
C GLU C 43 21.15 -17.05 7.17
N GLU C 44 21.55 -16.55 8.31
CA GLU C 44 21.76 -15.07 8.42
C GLU C 44 23.21 -14.73 8.01
N LYS C 45 23.40 -14.08 6.88
CA LYS C 45 24.78 -13.76 6.47
C LYS C 45 24.77 -12.36 5.87
N LYS C 46 25.82 -12.02 5.21
CA LYS C 46 25.89 -10.66 4.57
C LYS C 46 25.80 -10.76 3.03
N ILE C 47 24.88 -10.03 2.44
CA ILE C 47 24.72 -10.01 0.96
C ILE C 47 24.96 -8.58 0.44
N VAL C 48 25.64 -8.48 -0.66
CA VAL C 48 25.95 -7.19 -1.27
C VAL C 48 24.74 -6.84 -2.05
N ILE C 49 24.40 -5.64 -2.05
CA ILE C 49 23.15 -5.25 -2.76
C ILE C 49 23.39 -4.32 -3.95
N ASP C 50 24.52 -3.69 -4.03
CA ASP C 50 24.75 -2.75 -5.17
C ASP C 50 26.18 -2.88 -5.68
N ASP C 51 26.58 -2.00 -6.55
CA ASP C 51 27.95 -2.07 -7.10
C ASP C 51 28.91 -1.39 -6.12
N ALA C 52 28.40 -0.48 -5.33
CA ALA C 52 29.29 0.22 -4.35
C ALA C 52 29.71 -0.73 -3.21
N GLY C 53 29.32 -1.98 -3.25
CA GLY C 53 29.72 -2.93 -2.16
C GLY C 53 28.83 -2.77 -0.91
N THR C 54 27.70 -2.09 -1.00
CA THR C 54 26.82 -1.94 0.18
C THR C 54 26.49 -3.33 0.69
N GLU C 55 26.37 -3.50 1.97
CA GLU C 55 26.08 -4.86 2.48
C GLU C 55 24.90 -4.85 3.48
N VAL C 56 24.01 -5.80 3.36
CA VAL C 56 22.87 -5.90 4.31
C VAL C 56 22.86 -7.29 5.01
N HIS C 57 22.82 -7.30 6.32
CA HIS C 57 22.80 -8.57 7.10
C HIS C 57 21.48 -9.25 6.79
N ALA C 58 21.49 -10.06 5.81
CA ALA C 58 20.25 -10.73 5.37
C ALA C 58 19.91 -11.97 6.22
N MET C 59 18.64 -12.12 6.45
CA MET C 59 18.10 -13.27 7.21
C MET C 59 17.39 -13.98 6.11
N ALA C 60 17.86 -15.09 5.72
CA ALA C 60 17.28 -15.63 4.50
C ALA C 60 16.89 -17.04 4.65
N PHE C 61 15.70 -17.25 4.30
CA PHE C 61 15.17 -18.66 4.32
C PHE C 61 15.72 -19.38 3.09
N ASN C 62 16.38 -20.50 3.25
CA ASN C 62 16.97 -21.20 2.08
C ASN C 62 18.24 -20.48 1.57
N GLY C 63 18.80 -19.57 2.34
CA GLY C 63 20.03 -18.86 1.88
C GLY C 63 19.75 -17.91 0.69
N THR C 64 18.53 -17.53 0.43
CA THR C 64 18.31 -16.59 -0.75
C THR C 64 17.16 -15.57 -0.50
N VAL C 65 17.38 -14.30 -0.84
CA VAL C 65 16.32 -13.29 -0.70
C VAL C 65 15.82 -12.99 -2.11
N PRO C 66 14.57 -13.21 -2.35
CA PRO C 66 13.61 -13.70 -1.33
C PRO C 66 13.58 -15.23 -1.25
N GLY C 67 13.18 -15.74 -0.13
CA GLY C 67 13.11 -17.22 0.02
C GLY C 67 12.57 -17.82 -1.28
N PRO C 68 12.57 -19.11 -1.37
CA PRO C 68 12.07 -19.84 -2.57
C PRO C 68 10.54 -19.92 -2.62
N LEU C 69 9.99 -20.04 -3.80
CA LEU C 69 8.50 -20.13 -3.92
C LEU C 69 8.05 -21.59 -3.85
N MET C 70 7.22 -21.92 -2.89
CA MET C 70 6.71 -23.29 -2.76
C MET C 70 5.41 -23.35 -3.54
N VAL C 71 5.14 -24.45 -4.13
CA VAL C 71 3.89 -24.53 -4.95
C VAL C 71 3.11 -25.83 -4.68
N VAL C 72 1.94 -25.70 -4.14
CA VAL C 72 1.05 -26.86 -3.88
C VAL C 72 -0.34 -26.50 -4.44
N HIS C 73 -1.27 -27.41 -4.42
CA HIS C 73 -2.62 -27.10 -4.95
C HIS C 73 -3.55 -26.79 -3.78
N GLN C 74 -4.72 -26.36 -4.09
CA GLN C 74 -5.70 -26.03 -3.03
C GLN C 74 -6.21 -27.32 -2.42
N ASP C 75 -6.23 -27.39 -1.13
CA ASP C 75 -6.68 -28.63 -0.45
C ASP C 75 -5.47 -29.38 0.08
N ASP C 76 -4.39 -29.37 -0.65
CA ASP C 76 -3.16 -30.08 -0.19
C ASP C 76 -2.61 -29.39 1.06
N TYR C 77 -2.00 -30.15 1.92
CA TYR C 77 -1.43 -29.57 3.17
C TYR C 77 0.09 -29.39 2.99
N LEU C 78 0.55 -28.23 3.29
CA LEU C 78 1.99 -27.91 3.17
C LEU C 78 2.64 -28.14 4.52
N GLU C 79 3.61 -28.99 4.55
CA GLU C 79 4.29 -29.32 5.82
C GLU C 79 5.71 -28.85 5.66
N LEU C 80 6.09 -27.89 6.41
CA LEU C 80 7.46 -27.34 6.23
C LEU C 80 8.33 -27.51 7.47
N THR C 81 9.42 -28.20 7.32
CA THR C 81 10.38 -28.37 8.46
C THR C 81 11.41 -27.24 8.37
N LEU C 82 11.35 -26.30 9.28
CA LEU C 82 12.27 -25.17 9.26
C LEU C 82 13.36 -25.48 10.23
N ILE C 83 14.49 -24.98 9.96
CA ILE C 83 15.65 -25.27 10.85
C ILE C 83 16.53 -24.02 11.01
N ASN C 84 16.75 -23.64 12.23
CA ASN C 84 17.62 -22.46 12.52
C ASN C 84 18.93 -22.99 13.09
N PRO C 85 19.94 -23.03 12.26
CA PRO C 85 21.28 -23.56 12.63
C PRO C 85 21.94 -22.86 13.82
N GLU C 86 22.73 -23.57 14.58
CA GLU C 86 23.42 -22.94 15.74
C GLU C 86 24.29 -21.75 15.27
N THR C 87 24.78 -21.79 14.05
CA THR C 87 25.64 -20.66 13.55
C THR C 87 24.89 -19.32 13.61
N ASN C 88 23.58 -19.33 13.53
CA ASN C 88 22.83 -18.04 13.55
C ASN C 88 22.86 -17.45 14.96
N THR C 89 22.38 -16.25 15.11
CA THR C 89 22.38 -15.61 16.46
C THR C 89 20.98 -15.04 16.84
N LEU C 90 19.96 -15.20 16.02
CA LEU C 90 18.62 -14.63 16.42
C LEU C 90 17.50 -15.66 16.24
N MET C 91 16.53 -15.69 17.14
CA MET C 91 15.40 -16.66 16.97
C MET C 91 14.45 -16.15 15.88
N HIS C 92 13.99 -17.03 15.01
CA HIS C 92 13.08 -16.60 13.93
C HIS C 92 11.71 -17.29 14.08
N ASN C 93 10.99 -17.34 13.00
CA ASN C 93 9.64 -17.97 12.97
C ASN C 93 9.04 -17.71 11.57
N ILE C 94 8.07 -18.48 11.13
CA ILE C 94 7.51 -18.24 9.77
C ILE C 94 5.98 -18.09 9.81
N ASP C 95 5.47 -17.04 9.23
CA ASP C 95 4.00 -16.83 9.17
C ASP C 95 3.55 -16.83 7.69
N PHE C 96 2.82 -17.84 7.28
CA PHE C 96 2.38 -17.92 5.87
C PHE C 96 0.98 -17.33 5.72
N HIS C 97 0.88 -16.28 4.97
CA HIS C 97 -0.44 -15.62 4.74
C HIS C 97 -1.47 -16.65 4.23
N ALA C 98 -1.02 -17.69 3.58
CA ALA C 98 -1.97 -18.70 3.03
C ALA C 98 -2.41 -19.73 4.09
N ALA C 99 -2.10 -19.49 5.33
CA ALA C 99 -2.53 -20.44 6.40
C ALA C 99 -3.57 -19.77 7.28
N THR C 100 -4.21 -20.52 8.13
CA THR C 100 -5.26 -19.91 9.02
C THR C 100 -5.10 -20.39 10.47
N GLY C 101 -4.69 -19.51 11.35
CA GLY C 101 -4.55 -19.88 12.81
C GLY C 101 -3.09 -19.69 13.31
N ALA C 102 -2.90 -19.16 14.52
CA ALA C 102 -1.51 -19.00 15.05
C ALA C 102 -0.71 -17.93 14.28
N LEU C 103 -1.31 -16.79 14.05
CA LEU C 103 -0.58 -15.69 13.34
C LEU C 103 0.06 -16.20 12.05
N GLY C 104 -0.60 -17.10 11.37
CA GLY C 104 -0.04 -17.62 10.09
C GLY C 104 1.08 -18.64 10.37
N GLY C 105 1.08 -19.24 11.52
CA GLY C 105 2.14 -20.25 11.84
C GLY C 105 3.31 -19.62 12.63
N GLY C 106 3.33 -18.33 12.83
CA GLY C 106 4.46 -17.70 13.58
C GLY C 106 4.36 -18.04 15.08
N GLY C 107 3.17 -18.20 15.59
CA GLY C 107 3.02 -18.52 17.05
C GLY C 107 3.46 -19.96 17.36
N LEU C 108 3.56 -20.82 16.37
CA LEU C 108 3.97 -22.23 16.64
C LEU C 108 5.27 -22.60 15.88
N THR C 109 6.09 -21.64 15.55
CA THR C 109 7.37 -21.94 14.83
C THR C 109 8.54 -21.06 15.37
N GLU C 110 8.46 -20.52 16.56
CA GLU C 110 9.58 -19.70 17.09
C GLU C 110 10.71 -20.64 17.46
N ILE C 111 11.80 -20.60 16.74
CA ILE C 111 12.91 -21.54 17.04
C ILE C 111 14.21 -20.78 17.18
N ASN C 112 14.87 -20.92 18.28
CA ASN C 112 16.16 -20.22 18.48
C ASN C 112 17.30 -21.07 17.91
N PRO C 113 18.43 -20.46 17.65
CA PRO C 113 19.61 -21.17 17.11
C PRO C 113 19.73 -22.59 17.68
N GLY C 114 19.93 -23.56 16.83
CA GLY C 114 20.03 -24.97 17.32
C GLY C 114 18.64 -25.61 17.50
N GLU C 115 17.59 -25.04 16.94
CA GLU C 115 16.24 -25.65 17.10
C GLU C 115 15.50 -25.70 15.74
N LYS C 116 14.74 -26.74 15.50
CA LYS C 116 13.96 -26.86 14.23
C LYS C 116 12.56 -27.38 14.54
N THR C 117 11.59 -27.03 13.76
CA THR C 117 10.22 -27.49 14.03
C THR C 117 9.57 -27.89 12.72
N ILE C 118 8.38 -28.39 12.81
CA ILE C 118 7.65 -28.80 11.59
C ILE C 118 6.19 -28.35 11.72
N LEU C 119 5.72 -27.55 10.81
CA LEU C 119 4.32 -27.07 10.90
C LEU C 119 3.57 -27.46 9.64
N ARG C 120 2.39 -27.97 9.80
CA ARG C 120 1.60 -28.38 8.61
C ARG C 120 0.25 -27.65 8.60
N PHE C 121 -0.08 -27.01 7.52
CA PHE C 121 -1.37 -26.29 7.43
C PHE C 121 -2.08 -26.66 6.11
N LYS C 122 -3.39 -26.57 6.09
CA LYS C 122 -4.17 -26.89 4.88
C LYS C 122 -4.27 -25.64 4.00
N ALA C 123 -3.97 -25.80 2.76
CA ALA C 123 -4.03 -24.68 1.80
C ALA C 123 -5.45 -24.62 1.32
N THR C 124 -6.23 -23.88 2.01
CA THR C 124 -7.70 -23.84 1.69
C THR C 124 -8.10 -22.76 0.66
N LYS C 125 -7.21 -21.90 0.28
CA LYS C 125 -7.57 -20.83 -0.68
C LYS C 125 -6.52 -20.79 -1.79
N PRO C 126 -6.96 -20.69 -3.01
CA PRO C 126 -6.06 -20.66 -4.19
C PRO C 126 -5.51 -19.26 -4.48
N GLY C 127 -4.21 -19.14 -4.67
CA GLY C 127 -3.65 -17.79 -4.98
C GLY C 127 -2.24 -17.64 -4.39
N VAL C 128 -1.45 -16.77 -4.96
CA VAL C 128 -0.08 -16.55 -4.46
C VAL C 128 -0.19 -15.78 -3.15
N PHE C 129 0.67 -16.07 -2.23
CA PHE C 129 0.59 -15.39 -0.93
C PHE C 129 2.00 -15.18 -0.43
N VAL C 130 2.21 -14.19 0.36
CA VAL C 130 3.62 -13.95 0.85
C VAL C 130 3.87 -14.51 2.28
N TYR C 131 4.94 -15.28 2.47
CA TYR C 131 5.29 -15.79 3.80
C TYR C 131 6.44 -14.94 4.32
N HIS C 132 6.60 -14.81 5.60
CA HIS C 132 7.70 -13.95 6.13
C HIS C 132 7.87 -14.15 7.64
N CYS C 133 9.10 -14.12 8.12
CA CYS C 133 9.34 -14.34 9.58
C CYS C 133 8.86 -13.10 10.34
N ALA C 134 8.39 -13.27 11.54
CA ALA C 134 7.90 -12.08 12.29
C ALA C 134 7.96 -12.34 13.79
N PRO C 135 9.13 -12.36 14.34
CA PRO C 135 9.33 -12.58 15.80
C PRO C 135 8.74 -11.41 16.61
N PRO C 136 7.88 -11.71 17.55
CA PRO C 136 7.23 -10.66 18.40
C PRO C 136 8.19 -9.54 18.84
N GLY C 137 7.89 -8.30 18.51
CA GLY C 137 8.79 -7.18 18.93
C GLY C 137 9.80 -6.78 17.83
N MET C 138 10.12 -7.65 16.90
CA MET C 138 11.11 -7.28 15.86
C MET C 138 10.62 -7.77 14.51
N VAL C 139 9.36 -7.58 14.26
CA VAL C 139 8.79 -8.04 12.96
C VAL C 139 9.42 -7.30 11.76
N PRO C 140 9.16 -6.03 11.64
CA PRO C 140 9.65 -5.18 10.52
C PRO C 140 11.14 -5.37 10.24
N TRP C 141 11.92 -5.56 11.27
CA TRP C 141 13.39 -5.75 11.07
C TRP C 141 13.67 -7.05 10.30
N HIS C 142 13.08 -8.14 10.71
CA HIS C 142 13.32 -9.44 10.03
C HIS C 142 12.82 -9.39 8.58
N VAL C 143 11.70 -8.78 8.34
CA VAL C 143 11.15 -8.73 6.95
C VAL C 143 12.06 -7.87 6.06
N VAL C 144 12.44 -6.71 6.53
CA VAL C 144 13.30 -5.81 5.70
C VAL C 144 14.64 -6.49 5.47
N SER C 145 15.09 -7.24 6.43
CA SER C 145 16.39 -7.95 6.27
C SER C 145 16.31 -9.00 5.14
N GLY C 146 15.19 -9.15 4.50
CA GLY C 146 15.05 -10.15 3.41
C GLY C 146 14.52 -11.48 3.94
N MET C 147 13.79 -11.48 5.03
CA MET C 147 13.26 -12.77 5.55
C MET C 147 11.80 -12.93 5.09
N ASN C 148 11.61 -13.15 3.82
CA ASN C 148 10.23 -13.29 3.31
C ASN C 148 10.26 -13.79 1.85
N GLY C 149 9.27 -14.52 1.47
CA GLY C 149 9.19 -15.06 0.07
C GLY C 149 7.71 -15.19 -0.32
N ALA C 150 7.31 -16.28 -0.94
CA ALA C 150 5.87 -16.41 -1.32
C ALA C 150 5.55 -17.83 -1.83
N ILE C 151 4.36 -18.32 -1.55
CA ILE C 151 3.96 -19.67 -2.03
C ILE C 151 2.76 -19.55 -2.97
N MET C 152 2.63 -20.44 -3.91
CA MET C 152 1.49 -20.38 -4.87
C MET C 152 0.62 -21.64 -4.76
N VAL C 153 -0.59 -21.48 -4.30
CA VAL C 153 -1.52 -22.63 -4.17
C VAL C 153 -2.39 -22.57 -5.40
N LEU C 154 -2.14 -23.43 -6.32
CA LEU C 154 -2.90 -23.35 -7.61
C LEU C 154 -4.16 -24.20 -7.59
N PRO C 155 -5.22 -23.70 -8.17
CA PRO C 155 -6.49 -24.46 -8.27
C PRO C 155 -6.23 -25.89 -8.76
N ARG C 156 -6.89 -26.87 -8.20
CA ARG C 156 -6.67 -28.27 -8.62
C ARG C 156 -6.72 -28.39 -10.13
N GLU C 157 -7.59 -27.66 -10.76
CA GLU C 157 -7.71 -27.73 -12.25
C GLU C 157 -6.79 -26.70 -12.96
N GLY C 158 -5.80 -26.16 -12.29
CA GLY C 158 -4.90 -25.17 -12.97
C GLY C 158 -5.51 -23.77 -12.92
N LEU C 159 -4.96 -22.86 -13.68
CA LEU C 159 -5.51 -21.46 -13.68
C LEU C 159 -6.45 -21.26 -14.87
N HIS C 160 -7.45 -20.42 -14.70
CA HIS C 160 -8.41 -20.15 -15.80
C HIS C 160 -8.73 -18.64 -15.77
N ASP C 161 -9.16 -18.11 -16.87
CA ASP C 161 -9.48 -16.64 -16.92
C ASP C 161 -10.74 -16.35 -16.11
N GLY C 162 -11.39 -15.24 -16.38
CA GLY C 162 -12.63 -14.89 -15.61
C GLY C 162 -13.85 -15.66 -16.18
N LYS C 163 -13.79 -16.11 -17.40
CA LYS C 163 -14.96 -16.85 -17.97
C LYS C 163 -14.86 -18.36 -17.70
N GLY C 164 -13.73 -18.82 -17.22
CA GLY C 164 -13.59 -20.30 -16.95
C GLY C 164 -12.57 -20.97 -17.92
N LYS C 165 -12.14 -20.32 -18.97
CA LYS C 165 -11.18 -20.96 -19.92
C LYS C 165 -9.88 -21.26 -19.20
N ALA C 166 -9.20 -22.28 -19.60
CA ALA C 166 -7.91 -22.64 -18.94
C ALA C 166 -6.72 -21.82 -19.51
N LEU C 167 -5.94 -21.22 -18.63
CA LEU C 167 -4.74 -20.46 -19.02
C LEU C 167 -3.55 -21.25 -18.50
N THR C 168 -2.74 -21.73 -19.39
CA THR C 168 -1.61 -22.56 -18.99
C THR C 168 -0.37 -21.85 -19.39
N TYR C 169 0.56 -21.82 -18.54
CA TYR C 169 1.82 -21.09 -18.85
C TYR C 169 2.96 -22.06 -19.14
N ASP C 170 3.82 -21.71 -20.06
CA ASP C 170 4.99 -22.58 -20.37
C ASP C 170 6.16 -22.28 -19.41
N LYS C 171 6.24 -21.08 -18.87
CA LYS C 171 7.36 -20.76 -17.95
C LYS C 171 6.86 -19.87 -16.81
N ILE C 172 7.36 -20.08 -15.63
CA ILE C 172 6.93 -19.25 -14.47
C ILE C 172 8.16 -18.77 -13.67
N TYR C 173 8.21 -17.49 -13.38
CA TYR C 173 9.36 -16.93 -12.62
C TYR C 173 8.79 -16.20 -11.41
N TYR C 174 9.51 -16.19 -10.34
CA TYR C 174 9.05 -15.51 -9.11
C TYR C 174 10.02 -14.41 -8.75
N VAL C 175 9.57 -13.19 -8.81
CA VAL C 175 10.46 -12.04 -8.50
C VAL C 175 10.03 -11.40 -7.18
N GLY C 176 10.80 -11.61 -6.16
CA GLY C 176 10.50 -11.03 -4.83
C GLY C 176 11.19 -9.69 -4.71
N GLU C 177 10.44 -8.67 -4.47
CA GLU C 177 10.99 -7.31 -4.36
C GLU C 177 11.30 -7.08 -2.91
N GLN C 178 12.30 -6.33 -2.65
CA GLN C 178 12.66 -6.08 -1.23
C GLN C 178 13.14 -4.65 -1.02
N ASP C 179 12.53 -3.95 -0.12
CA ASP C 179 12.96 -2.55 0.16
C ASP C 179 13.88 -2.56 1.39
N PHE C 180 15.10 -2.14 1.24
CA PHE C 180 16.02 -2.15 2.39
C PHE C 180 16.11 -0.75 2.99
N TYR C 181 16.88 -0.64 4.02
CA TYR C 181 17.06 0.67 4.71
C TYR C 181 18.46 0.64 5.30
N VAL C 182 19.43 1.00 4.52
CA VAL C 182 20.83 0.91 4.99
C VAL C 182 21.28 2.21 5.61
N PRO C 183 21.81 2.12 6.79
CA PRO C 183 22.33 3.32 7.52
C PRO C 183 23.60 3.91 6.87
N ARG C 184 23.70 5.23 6.79
CA ARG C 184 24.89 5.87 6.19
C ARG C 184 25.56 6.73 7.25
N ASP C 185 26.82 7.00 7.09
CA ASP C 185 27.55 7.83 8.10
C ASP C 185 27.29 9.33 7.87
N GLU C 186 28.20 10.19 8.27
CA GLU C 186 27.98 11.66 8.08
C GLU C 186 28.33 12.08 6.65
N ASN C 187 29.24 11.38 6.00
CA ASN C 187 29.62 11.77 4.61
C ASN C 187 28.63 11.18 3.57
N GLY C 188 27.71 10.35 3.97
CA GLY C 188 26.74 9.77 2.99
C GLY C 188 27.16 8.34 2.56
N LYS C 189 28.23 7.79 3.09
CA LYS C 189 28.64 6.41 2.70
C LYS C 189 27.90 5.37 3.54
N TYR C 190 27.45 4.31 2.92
CA TYR C 190 26.73 3.26 3.66
C TYR C 190 27.65 2.70 4.72
N LYS C 191 27.11 2.32 5.82
CA LYS C 191 27.95 1.78 6.92
C LYS C 191 27.89 0.24 6.91
N LYS C 192 28.97 -0.38 7.28
CA LYS C 192 28.99 -1.86 7.32
C LYS C 192 29.30 -2.29 8.74
N TYR C 193 28.85 -3.44 9.14
CA TYR C 193 29.12 -3.87 10.52
C TYR C 193 29.71 -5.25 10.52
N GLU C 194 29.67 -5.91 11.62
CA GLU C 194 30.24 -7.29 11.69
C GLU C 194 29.14 -8.29 12.09
N ALA C 195 28.09 -7.84 12.74
CA ALA C 195 27.02 -8.77 13.14
C ALA C 195 25.68 -8.14 12.81
N PRO C 196 24.65 -8.92 12.87
CA PRO C 196 23.26 -8.46 12.57
C PRO C 196 22.70 -7.53 13.65
N GLY C 197 22.98 -7.81 14.90
CA GLY C 197 22.44 -6.95 15.99
C GLY C 197 23.15 -5.57 16.01
N ASP C 198 24.40 -5.52 15.63
CA ASP C 198 25.14 -4.22 15.65
C ASP C 198 24.46 -3.20 14.74
N ALA C 199 23.73 -3.64 13.75
CA ALA C 199 23.06 -2.67 12.82
C ALA C 199 21.54 -2.54 13.11
N TYR C 200 21.07 -3.00 14.24
CA TYR C 200 19.60 -2.87 14.55
C TYR C 200 19.17 -1.40 14.85
N GLU C 201 19.84 -0.69 15.74
CA GLU C 201 19.41 0.69 16.08
C GLU C 201 19.53 1.61 14.87
N ASP C 202 20.64 1.56 14.20
CA ASP C 202 20.85 2.45 13.01
C ASP C 202 19.83 2.11 11.93
N THR C 203 19.53 0.87 11.76
CA THR C 203 18.54 0.48 10.71
C THR C 203 17.15 1.00 11.09
N VAL C 204 16.73 0.79 12.30
CA VAL C 204 15.38 1.27 12.73
C VAL C 204 15.23 2.75 12.38
N LYS C 205 16.24 3.53 12.68
CA LYS C 205 16.16 4.98 12.37
C LYS C 205 15.84 5.18 10.89
N VAL C 206 16.48 4.44 10.02
CA VAL C 206 16.21 4.59 8.56
C VAL C 206 14.82 4.05 8.24
N MET C 207 14.45 2.94 8.83
CA MET C 207 13.11 2.36 8.53
C MET C 207 12.00 3.34 8.92
N ARG C 208 12.17 4.08 9.98
CA ARG C 208 11.11 5.05 10.40
C ARG C 208 10.87 6.09 9.29
N THR C 209 11.91 6.49 8.62
CA THR C 209 11.75 7.50 7.54
C THR C 209 10.83 6.98 6.42
N LEU C 210 10.46 5.72 6.44
CA LEU C 210 9.57 5.19 5.36
C LEU C 210 10.19 5.48 3.98
N THR C 211 11.50 5.55 3.91
CA THR C 211 12.15 5.82 2.60
C THR C 211 13.30 4.83 2.43
N PRO C 212 13.08 3.80 1.66
CA PRO C 212 14.11 2.74 1.42
C PRO C 212 15.32 3.22 0.61
N THR C 213 16.52 2.96 1.09
CA THR C 213 17.73 3.40 0.33
C THR C 213 17.86 2.55 -0.96
N HIS C 214 17.29 1.38 -1.00
CA HIS C 214 17.40 0.53 -2.22
C HIS C 214 16.19 -0.40 -2.30
N VAL C 215 15.59 -0.49 -3.46
CA VAL C 215 14.41 -1.37 -3.62
C VAL C 215 14.75 -2.25 -4.79
N VAL C 216 14.92 -3.51 -4.59
CA VAL C 216 15.37 -4.28 -5.76
C VAL C 216 14.68 -5.61 -5.86
N PHE C 217 15.12 -6.40 -6.78
CA PHE C 217 14.50 -7.73 -6.98
C PHE C 217 15.57 -8.81 -6.86
N ASN C 218 15.28 -9.86 -6.15
CA ASN C 218 16.29 -10.96 -5.97
C ASN C 218 17.38 -10.61 -4.93
N GLY C 219 17.22 -9.55 -4.16
CA GLY C 219 18.25 -9.20 -3.13
C GLY C 219 19.44 -8.34 -3.69
N ALA C 220 19.36 -7.69 -4.84
CA ALA C 220 20.53 -6.85 -5.27
C ALA C 220 20.22 -6.03 -6.54
N VAL C 221 20.65 -4.78 -6.58
CA VAL C 221 20.42 -3.97 -7.81
C VAL C 221 21.08 -4.69 -8.98
N GLY C 222 20.36 -4.90 -10.04
CA GLY C 222 20.95 -5.62 -11.20
C GLY C 222 21.05 -7.14 -10.93
N ALA C 223 20.23 -7.69 -10.04
CA ALA C 223 20.31 -9.16 -9.78
C ALA C 223 19.68 -10.00 -10.92
N LEU C 224 18.55 -9.60 -11.46
CA LEU C 224 17.88 -10.40 -12.55
C LEU C 224 18.20 -9.86 -13.95
N THR C 225 19.41 -9.46 -14.18
CA THR C 225 19.85 -8.97 -15.52
C THR C 225 21.24 -9.55 -15.83
N GLY C 226 21.56 -9.73 -17.08
CA GLY C 226 22.88 -10.32 -17.45
C GLY C 226 22.75 -11.83 -17.40
N ASP C 227 23.57 -12.47 -16.62
CA ASP C 227 23.46 -13.96 -16.52
C ASP C 227 22.12 -14.37 -15.87
N LYS C 228 21.49 -13.48 -15.12
CA LYS C 228 20.18 -13.85 -14.48
C LYS C 228 18.97 -13.31 -15.27
N ALA C 229 19.17 -12.60 -16.35
CA ALA C 229 17.98 -12.08 -17.11
C ALA C 229 17.03 -13.24 -17.45
N MET C 230 15.76 -13.09 -17.15
CA MET C 230 14.80 -14.16 -17.47
C MET C 230 14.87 -14.43 -18.96
N THR C 231 14.20 -15.43 -19.40
CA THR C 231 14.20 -15.76 -20.84
C THR C 231 12.79 -16.19 -21.29
N ALA C 232 12.49 -15.95 -22.54
CA ALA C 232 11.16 -16.33 -23.10
C ALA C 232 11.22 -16.14 -24.63
N ALA C 233 10.46 -16.91 -25.38
CA ALA C 233 10.49 -16.78 -26.85
C ALA C 233 9.10 -16.41 -27.36
N VAL C 234 9.05 -15.69 -28.43
CA VAL C 234 7.75 -15.27 -29.01
C VAL C 234 6.83 -16.46 -29.05
N GLY C 235 5.61 -16.27 -28.64
CA GLY C 235 4.63 -17.40 -28.63
C GLY C 235 4.61 -18.14 -27.26
N GLU C 236 5.51 -17.84 -26.36
CA GLU C 236 5.53 -18.52 -25.05
C GLU C 236 4.69 -17.74 -24.04
N LYS C 237 4.03 -18.44 -23.18
CA LYS C 237 3.18 -17.80 -22.15
C LYS C 237 3.94 -17.91 -20.86
N VAL C 238 4.04 -16.86 -20.14
CA VAL C 238 4.83 -16.90 -18.90
C VAL C 238 4.10 -16.23 -17.76
N LEU C 239 4.11 -16.86 -16.63
CA LEU C 239 3.45 -16.29 -15.43
C LEU C 239 4.53 -15.72 -14.52
N ILE C 240 4.44 -14.46 -14.18
CA ILE C 240 5.46 -13.82 -13.33
C ILE C 240 4.85 -13.45 -11.97
N VAL C 241 5.13 -14.25 -10.98
CA VAL C 241 4.62 -13.97 -9.62
C VAL C 241 5.54 -12.96 -8.97
N HIS C 242 4.98 -12.04 -8.28
CA HIS C 242 5.80 -10.99 -7.65
C HIS C 242 5.27 -10.74 -6.25
N SER C 243 6.14 -10.59 -5.32
CA SER C 243 5.68 -10.36 -3.92
C SER C 243 6.49 -9.26 -3.23
N GLN C 244 5.83 -8.55 -2.35
CA GLN C 244 6.45 -7.46 -1.55
C GLN C 244 5.85 -7.58 -0.14
N ALA C 245 6.63 -8.04 0.80
CA ALA C 245 6.12 -8.27 2.18
C ALA C 245 6.60 -7.16 3.11
N ASN C 246 6.45 -5.98 2.65
CA ASN C 246 6.85 -4.77 3.43
C ASN C 246 6.86 -3.50 2.54
N ARG C 247 5.99 -3.38 1.54
CA ARG C 247 6.02 -2.14 0.72
C ARG C 247 5.14 -2.30 -0.51
N ASP C 248 4.40 -1.29 -0.88
CA ASP C 248 3.53 -1.42 -2.10
C ASP C 248 4.36 -1.17 -3.40
N THR C 249 4.19 -2.01 -4.41
CA THR C 249 4.92 -1.81 -5.69
C THR C 249 3.90 -1.73 -6.83
N ARG C 250 4.37 -1.53 -8.01
CA ARG C 250 3.48 -1.44 -9.21
C ARG C 250 4.23 -1.99 -10.42
N PRO C 251 4.15 -3.28 -10.60
CA PRO C 251 4.85 -4.01 -11.69
C PRO C 251 4.49 -3.50 -13.09
N HIS C 252 5.42 -3.57 -13.98
CA HIS C 252 5.18 -3.13 -15.39
C HIS C 252 6.25 -3.72 -16.35
N LEU C 253 5.82 -4.54 -17.29
CA LEU C 253 6.75 -5.13 -18.29
C LEU C 253 6.90 -4.15 -19.45
N ILE C 254 8.04 -3.56 -19.55
CA ILE C 254 8.34 -2.57 -20.60
C ILE C 254 8.31 -3.27 -21.93
N GLY C 255 7.53 -2.76 -22.81
CA GLY C 255 7.43 -3.41 -24.15
C GLY C 255 6.28 -4.44 -24.16
N GLY C 256 5.76 -4.83 -23.02
CA GLY C 256 4.66 -5.83 -23.01
C GLY C 256 3.57 -5.39 -22.05
N HIS C 257 2.78 -6.31 -21.59
CA HIS C 257 1.68 -5.96 -20.66
C HIS C 257 1.20 -7.23 -19.94
N GLY C 258 0.40 -7.06 -18.93
CA GLY C 258 -0.12 -8.23 -18.18
C GLY C 258 -1.44 -8.64 -18.80
N ASP C 259 -1.41 -9.60 -19.66
CA ASP C 259 -2.66 -10.03 -20.34
C ASP C 259 -3.72 -10.27 -19.28
N TYR C 260 -3.41 -11.12 -18.37
CA TYR C 260 -4.34 -11.42 -17.25
C TYR C 260 -3.56 -11.21 -15.96
N VAL C 261 -4.03 -10.39 -15.06
CA VAL C 261 -3.22 -10.15 -13.83
C VAL C 261 -4.06 -10.24 -12.56
N TRP C 262 -3.85 -11.26 -11.79
CA TRP C 262 -4.57 -11.38 -10.49
C TRP C 262 -3.83 -10.46 -9.55
N ALA C 263 -4.18 -9.21 -9.58
CA ALA C 263 -3.45 -8.18 -8.80
C ALA C 263 -3.49 -8.53 -7.33
N THR C 264 -4.61 -8.93 -6.89
CA THR C 264 -4.77 -9.29 -5.45
C THR C 264 -4.07 -10.63 -5.15
N GLY C 265 -3.60 -11.31 -6.16
CA GLY C 265 -2.92 -12.63 -5.89
C GLY C 265 -3.94 -13.70 -5.39
N LYS C 266 -5.18 -13.60 -5.79
CA LYS C 266 -6.20 -14.59 -5.37
C LYS C 266 -6.84 -15.12 -6.66
N PHE C 267 -6.81 -16.39 -6.85
CA PHE C 267 -7.36 -16.98 -8.12
C PHE C 267 -8.89 -16.81 -8.18
N ASN C 268 -9.56 -16.97 -7.09
CA ASN C 268 -11.04 -16.85 -7.08
C ASN C 268 -11.43 -15.48 -7.59
N THR C 269 -10.63 -14.50 -7.31
CA THR C 269 -10.95 -13.13 -7.77
C THR C 269 -10.56 -13.00 -9.25
N PRO C 270 -11.52 -12.75 -10.10
CA PRO C 270 -11.27 -12.61 -11.57
C PRO C 270 -10.02 -11.77 -11.87
N PRO C 271 -9.19 -12.18 -12.81
CA PRO C 271 -7.94 -11.42 -13.14
C PRO C 271 -8.15 -10.20 -14.08
N ASP C 272 -7.74 -9.00 -13.69
CA ASP C 272 -7.90 -7.86 -14.61
C ASP C 272 -7.29 -8.27 -15.95
N VAL C 273 -7.49 -7.52 -16.98
CA VAL C 273 -6.91 -7.93 -18.30
C VAL C 273 -6.38 -6.70 -19.07
N ASP C 274 -5.38 -6.91 -19.89
CA ASP C 274 -4.82 -5.81 -20.70
C ASP C 274 -4.28 -4.79 -19.73
N GLN C 275 -3.44 -5.22 -18.85
CA GLN C 275 -2.92 -4.24 -17.83
C GLN C 275 -1.53 -3.69 -18.19
N GLU C 276 -1.37 -2.37 -18.22
CA GLU C 276 -0.02 -1.78 -18.49
C GLU C 276 0.83 -1.79 -17.20
N THR C 277 0.24 -1.48 -16.06
CA THR C 277 0.97 -1.45 -14.78
C THR C 277 -0.02 -1.87 -13.69
N TRP C 278 0.31 -2.85 -12.93
CA TRP C 278 -0.63 -3.33 -11.89
C TRP C 278 -0.31 -2.70 -10.55
N PHE C 279 -0.79 -3.28 -9.48
CA PHE C 279 -0.52 -2.72 -8.14
C PHE C 279 -0.63 -3.81 -7.07
N ILE C 280 0.45 -4.07 -6.37
CA ILE C 280 0.44 -5.10 -5.30
C ILE C 280 0.79 -4.39 -4.00
N PRO C 281 -0.12 -4.39 -3.07
CA PRO C 281 0.06 -3.70 -1.75
C PRO C 281 1.01 -4.43 -0.79
N GLY C 282 1.91 -3.70 -0.18
CA GLY C 282 2.83 -4.32 0.79
C GLY C 282 2.07 -5.40 1.54
N GLY C 283 2.72 -6.47 1.82
CA GLY C 283 2.06 -7.60 2.52
C GLY C 283 1.23 -8.42 1.53
N ALA C 284 1.61 -8.50 0.27
CA ALA C 284 0.76 -9.31 -0.67
C ALA C 284 1.52 -9.69 -1.95
N ALA C 285 1.27 -10.86 -2.48
CA ALA C 285 1.94 -11.27 -3.76
C ALA C 285 0.89 -11.45 -4.87
N GLY C 286 1.15 -10.97 -6.06
CA GLY C 286 0.16 -11.11 -7.16
C GLY C 286 0.75 -12.00 -8.26
N ALA C 287 0.15 -11.97 -9.42
CA ALA C 287 0.65 -12.80 -10.55
C ALA C 287 0.13 -12.23 -11.87
N ALA C 288 0.97 -12.20 -12.87
CA ALA C 288 0.56 -11.67 -14.20
C ALA C 288 0.98 -12.67 -15.27
N PHE C 289 0.09 -12.96 -16.17
CA PHE C 289 0.41 -13.94 -17.24
C PHE C 289 0.40 -13.21 -18.57
N TYR C 290 1.38 -13.41 -19.37
CA TYR C 290 1.43 -12.70 -20.67
C TYR C 290 2.12 -13.55 -21.73
N THR C 291 1.61 -13.51 -22.92
CA THR C 291 2.20 -14.27 -24.04
C THR C 291 3.06 -13.32 -24.85
N PHE C 292 4.33 -13.59 -24.92
CA PHE C 292 5.25 -12.70 -25.67
C PHE C 292 4.94 -12.72 -27.16
N GLN C 293 4.96 -11.57 -27.78
CA GLN C 293 4.69 -11.49 -29.24
C GLN C 293 5.88 -10.86 -30.00
N GLN C 294 6.82 -10.25 -29.31
CA GLN C 294 7.98 -9.63 -30.02
C GLN C 294 9.28 -10.00 -29.32
N PRO C 295 10.31 -10.26 -30.09
CA PRO C 295 11.65 -10.64 -29.57
C PRO C 295 12.50 -9.43 -29.22
N GLY C 296 13.41 -9.57 -28.30
CA GLY C 296 14.26 -8.42 -27.92
C GLY C 296 14.43 -8.41 -26.40
N ILE C 297 14.97 -7.35 -25.88
CA ILE C 297 15.17 -7.26 -24.40
C ILE C 297 14.10 -6.34 -23.80
N TYR C 298 13.39 -6.82 -22.82
CA TYR C 298 12.33 -6.01 -22.17
C TYR C 298 12.65 -5.88 -20.68
N ALA C 299 12.46 -4.73 -20.13
CA ALA C 299 12.75 -4.52 -18.69
C ALA C 299 11.47 -4.67 -17.92
N TYR C 300 11.54 -5.22 -16.75
CA TYR C 300 10.29 -5.42 -15.98
C TYR C 300 10.53 -4.79 -14.64
N VAL C 301 9.83 -3.77 -14.28
CA VAL C 301 10.20 -3.19 -12.97
C VAL C 301 9.10 -2.37 -12.34
N ASN C 302 9.35 -1.98 -11.13
CA ASN C 302 8.39 -1.17 -10.37
C ASN C 302 8.27 0.13 -11.12
N HIS C 303 7.10 0.52 -11.45
CA HIS C 303 6.98 1.77 -12.26
C HIS C 303 7.62 2.90 -11.48
N ASN C 304 7.30 3.09 -10.23
CA ASN C 304 8.04 4.19 -9.56
C ASN C 304 9.41 4.31 -10.30
N LEU C 305 9.47 5.10 -11.36
CA LEU C 305 10.71 5.20 -12.18
C LEU C 305 11.91 5.38 -11.27
N ILE C 306 11.75 6.21 -10.31
CA ILE C 306 12.87 6.46 -9.36
C ILE C 306 13.22 5.15 -8.68
N GLU C 307 12.23 4.51 -8.13
CA GLU C 307 12.48 3.19 -7.47
C GLU C 307 13.06 2.16 -8.48
N ALA C 308 12.67 2.21 -9.74
CA ALA C 308 13.20 1.22 -10.73
C ALA C 308 14.58 1.61 -11.35
N PHE C 309 14.95 2.87 -11.43
CA PHE C 309 16.26 3.19 -12.07
C PHE C 309 17.24 3.75 -11.06
N GLU C 310 16.75 4.52 -10.14
CA GLU C 310 17.66 5.12 -9.12
C GLU C 310 17.82 4.21 -7.88
N LEU C 311 16.85 3.39 -7.54
CA LEU C 311 17.01 2.54 -6.33
C LEU C 311 17.53 1.17 -6.73
N GLY C 312 16.95 0.59 -7.74
CA GLY C 312 17.40 -0.76 -8.20
C GLY C 312 16.20 -1.74 -8.41
N ALA C 313 15.00 -1.28 -8.72
CA ALA C 313 13.88 -2.24 -8.95
C ALA C 313 13.68 -2.46 -10.45
N ALA C 314 14.62 -3.07 -11.14
CA ALA C 314 14.44 -3.30 -12.60
C ALA C 314 15.19 -4.55 -13.06
N ALA C 315 14.49 -5.51 -13.63
CA ALA C 315 15.16 -6.74 -14.12
C ALA C 315 15.01 -6.75 -15.63
N HIS C 316 15.46 -7.75 -16.30
CA HIS C 316 15.29 -7.73 -17.79
C HIS C 316 15.06 -9.13 -18.39
N PHE C 317 14.06 -9.27 -19.26
CA PHE C 317 13.83 -10.59 -19.93
C PHE C 317 14.31 -10.55 -21.41
N LYS C 318 15.10 -11.52 -21.83
CA LYS C 318 15.61 -11.59 -23.20
C LYS C 318 14.72 -12.57 -23.91
N VAL C 319 14.19 -12.19 -25.01
CA VAL C 319 13.25 -13.07 -25.71
C VAL C 319 13.73 -13.28 -27.11
N THR C 320 13.60 -14.47 -27.56
CA THR C 320 14.06 -14.79 -28.95
C THR C 320 12.86 -15.03 -29.84
N GLY C 321 13.03 -14.91 -31.13
CA GLY C 321 11.87 -15.14 -32.06
C GLY C 321 11.98 -14.21 -33.28
N GLU C 322 10.89 -14.02 -33.97
CA GLU C 322 10.90 -13.14 -35.17
C GLU C 322 10.09 -11.89 -34.84
N TRP C 323 10.54 -10.77 -35.31
CA TRP C 323 9.84 -9.50 -35.04
C TRP C 323 8.56 -9.46 -35.86
N ASN C 324 7.58 -8.79 -35.34
CA ASN C 324 6.27 -8.67 -36.04
C ASN C 324 6.04 -7.20 -36.36
N ASP C 325 6.17 -6.84 -37.60
CA ASP C 325 6.00 -5.42 -37.99
C ASP C 325 4.55 -5.00 -37.78
N ASP C 326 3.64 -5.87 -38.10
CA ASP C 326 2.20 -5.53 -37.93
C ASP C 326 2.01 -4.85 -36.57
N LEU C 327 2.50 -5.45 -35.53
CA LEU C 327 2.38 -4.86 -34.17
C LEU C 327 3.17 -3.55 -34.08
N MET C 328 4.38 -3.49 -34.59
CA MET C 328 5.14 -2.21 -34.47
C MET C 328 6.25 -2.16 -35.50
N THR C 329 6.39 -1.06 -36.16
CA THR C 329 7.46 -0.95 -37.19
C THR C 329 7.98 0.50 -37.26
N SER C 330 9.28 0.68 -37.36
CA SER C 330 9.84 2.06 -37.46
C SER C 330 9.78 2.51 -38.91
N VAL C 331 8.74 3.22 -39.27
CA VAL C 331 8.60 3.67 -40.68
C VAL C 331 9.82 4.50 -41.06
N LEU C 332 10.17 5.41 -40.22
CA LEU C 332 11.36 6.26 -40.50
C LEU C 332 12.32 6.22 -39.31
N ALA C 333 13.42 5.52 -39.44
CA ALA C 333 14.39 5.43 -38.31
C ALA C 333 14.94 6.83 -38.02
N PRO C 334 15.38 7.04 -36.81
CA PRO C 334 15.93 8.34 -36.37
C PRO C 334 16.94 8.90 -37.38
N SER C 335 16.69 10.05 -37.92
CA SER C 335 17.65 10.63 -38.91
C SER C 335 17.71 12.14 -38.74
N GLY C 336 18.24 12.83 -39.70
CA GLY C 336 18.33 14.31 -39.61
C GLY C 336 17.03 14.93 -40.10
N GLU D 1 22.59 -1.96 48.40
CA GLU D 1 22.56 -0.89 47.41
C GLU D 1 21.80 -1.32 46.14
N ASN D 2 21.73 -0.44 45.18
CA ASN D 2 20.93 -0.62 43.99
C ASN D 2 21.80 -0.71 42.75
N ILE D 3 21.40 -1.61 41.83
CA ILE D 3 22.12 -1.75 40.57
C ILE D 3 21.12 -1.58 39.44
N GLU D 4 21.41 -0.64 38.56
CA GLU D 4 20.48 -0.36 37.48
C GLU D 4 20.85 -1.11 36.20
N VAL D 5 19.86 -1.74 35.61
CA VAL D 5 20.08 -2.55 34.39
C VAL D 5 19.13 -2.03 33.31
N HIS D 6 19.62 -1.87 32.08
CA HIS D 6 18.74 -1.42 31.00
C HIS D 6 18.43 -2.59 30.04
N MET D 7 17.21 -2.56 29.53
CA MET D 7 16.76 -3.52 28.51
C MET D 7 16.73 -2.77 27.18
N LEU D 8 17.48 -3.28 26.22
CA LEU D 8 17.61 -2.62 24.94
C LEU D 8 17.40 -3.53 23.74
N ASN D 9 16.95 -2.95 22.63
CA ASN D 9 16.80 -3.70 21.38
C ASN D 9 18.18 -3.96 20.78
N LYS D 10 19.12 -3.07 21.07
CA LYS D 10 20.46 -3.26 20.50
C LYS D 10 21.49 -2.66 21.45
N GLY D 11 22.59 -3.38 21.68
CA GLY D 11 23.61 -2.85 22.59
C GLY D 11 24.95 -3.41 22.17
N ALA D 12 25.91 -3.45 23.08
CA ALA D 12 27.25 -3.89 22.75
C ALA D 12 27.31 -5.32 22.24
N GLU D 13 26.54 -6.23 22.82
CA GLU D 13 26.68 -7.61 22.36
C GLU D 13 25.79 -7.97 21.19
N GLY D 14 25.00 -7.04 20.68
CA GLY D 14 24.12 -7.37 19.55
C GLY D 14 22.69 -6.95 19.84
N ALA D 15 21.73 -7.66 19.26
CA ALA D 15 20.32 -7.36 19.44
C ALA D 15 19.79 -8.01 20.74
N MET D 16 18.81 -7.36 21.33
CA MET D 16 18.02 -7.80 22.46
C MET D 16 18.89 -8.14 23.68
N VAL D 17 19.27 -7.10 24.43
CA VAL D 17 20.21 -7.36 25.52
C VAL D 17 19.86 -6.64 26.81
N PHE D 18 20.43 -7.18 27.90
CA PHE D 18 20.36 -6.54 29.21
C PHE D 18 21.76 -5.90 29.37
N GLU D 19 21.84 -4.67 29.85
CA GLU D 19 23.14 -4.03 30.08
C GLU D 19 23.15 -3.46 31.49
N PRO D 20 23.99 -3.94 32.39
CA PRO D 20 24.97 -5.01 32.20
C PRO D 20 24.30 -6.39 32.17
N ALA D 21 24.99 -7.42 31.68
CA ALA D 21 24.34 -8.74 31.65
C ALA D 21 24.92 -9.59 32.77
N TYR D 22 25.89 -9.00 33.47
CA TYR D 22 26.48 -9.71 34.62
C TYR D 22 26.31 -8.76 35.80
N ILE D 23 25.57 -9.19 36.81
CA ILE D 23 25.27 -8.31 37.94
C ILE D 23 25.74 -8.96 39.23
N LYS D 24 26.63 -8.24 39.92
CA LYS D 24 27.19 -8.76 41.16
C LYS D 24 26.47 -8.10 42.33
N ALA D 25 25.90 -8.88 43.24
CA ALA D 25 25.14 -8.20 44.30
C ALA D 25 25.26 -8.95 45.62
N ASN D 26 24.74 -8.38 46.70
CA ASN D 26 24.75 -9.07 47.99
C ASN D 26 23.32 -9.17 48.53
N PRO D 27 23.05 -10.07 49.47
CA PRO D 27 21.69 -10.20 50.03
C PRO D 27 21.17 -8.86 50.56
N GLY D 28 19.96 -8.46 50.20
CA GLY D 28 19.41 -7.19 50.61
C GLY D 28 19.57 -6.14 49.52
N ASP D 29 20.41 -6.32 48.51
CA ASP D 29 20.54 -5.33 47.43
C ASP D 29 19.31 -5.35 46.54
N THR D 30 19.14 -4.28 45.74
CA THR D 30 18.05 -4.30 44.77
C THR D 30 18.68 -4.16 43.37
N VAL D 31 17.97 -4.74 42.41
CA VAL D 31 18.31 -4.66 41.01
C VAL D 31 17.10 -4.00 40.33
N THR D 32 17.34 -2.85 39.72
CA THR D 32 16.27 -2.14 39.04
C THR D 32 16.41 -2.29 37.52
N PHE D 33 15.39 -2.89 36.92
CA PHE D 33 15.37 -3.18 35.50
C PHE D 33 14.57 -2.10 34.78
N ILE D 34 15.21 -1.39 33.85
CA ILE D 34 14.55 -0.28 33.16
C ILE D 34 14.43 -0.54 31.67
N PRO D 35 13.22 -0.73 31.16
CA PRO D 35 13.11 -0.93 29.71
C PRO D 35 13.29 0.39 28.97
N VAL D 36 14.47 0.60 28.41
CA VAL D 36 14.77 1.80 27.64
C VAL D 36 14.06 1.74 26.30
N ASP D 37 13.98 0.54 25.73
CA ASP D 37 13.17 0.34 24.53
C ASP D 37 11.92 -0.42 24.93
N LYS D 38 10.86 -0.38 24.14
CA LYS D 38 9.67 -1.14 24.51
C LYS D 38 9.78 -2.61 24.06
N GLY D 39 8.97 -3.46 24.66
CA GLY D 39 8.88 -4.85 24.29
C GLY D 39 9.64 -5.80 25.18
N HIS D 40 10.12 -5.33 26.33
CA HIS D 40 10.93 -6.21 27.19
C HIS D 40 10.37 -6.35 28.61
N ASN D 41 10.74 -7.44 29.28
CA ASN D 41 10.34 -7.70 30.67
C ASN D 41 11.49 -8.53 31.29
N VAL D 42 11.30 -9.03 32.48
CA VAL D 42 12.31 -9.87 33.13
C VAL D 42 11.57 -10.96 33.88
N GLU D 43 12.08 -12.18 33.79
CA GLU D 43 11.44 -13.36 34.37
C GLU D 43 12.52 -14.34 34.84
N SER D 44 12.40 -14.90 36.03
CA SER D 44 13.41 -15.86 36.46
C SER D 44 13.21 -17.15 35.66
N ILE D 45 14.30 -17.85 35.37
CA ILE D 45 14.18 -19.09 34.60
C ILE D 45 14.04 -20.29 35.54
N LYS D 46 13.11 -21.17 35.25
CA LYS D 46 12.88 -22.38 36.09
C LYS D 46 14.15 -23.19 36.32
N ASP D 47 14.40 -23.47 37.56
CA ASP D 47 15.56 -24.25 37.99
C ASP D 47 16.89 -23.58 37.74
N MET D 48 16.85 -22.27 37.49
CA MET D 48 18.11 -21.54 37.34
C MET D 48 18.14 -20.35 38.29
N ILE D 49 17.56 -20.53 39.46
CA ILE D 49 17.63 -19.61 40.59
C ILE D 49 17.91 -20.46 41.82
N PRO D 50 18.45 -19.87 42.86
CA PRO D 50 18.82 -20.69 44.02
C PRO D 50 17.64 -21.33 44.73
N GLU D 51 17.93 -22.46 45.36
CA GLU D 51 17.05 -23.29 46.11
C GLU D 51 15.84 -22.66 46.79
N GLY D 52 15.97 -21.66 47.65
CA GLY D 52 14.82 -21.09 48.33
C GLY D 52 14.35 -19.73 47.90
N ALA D 53 14.73 -19.36 46.68
CA ALA D 53 14.36 -18.01 46.22
C ALA D 53 13.00 -18.07 45.55
N GLU D 54 12.26 -16.98 45.54
CA GLU D 54 10.96 -16.98 44.88
C GLU D 54 11.09 -16.69 43.38
N LYS D 55 10.24 -17.30 42.59
CA LYS D 55 10.21 -17.03 41.15
C LYS D 55 9.63 -15.64 40.93
N PHE D 56 9.95 -14.98 39.81
CA PHE D 56 9.43 -13.64 39.57
C PHE D 56 9.24 -13.38 38.09
N LYS D 57 8.30 -12.49 37.77
CA LYS D 57 8.03 -12.17 36.39
C LYS D 57 7.43 -10.77 36.32
N SER D 58 8.08 -9.89 35.57
CA SER D 58 7.55 -8.53 35.50
C SER D 58 6.62 -8.33 34.32
N LYS D 59 5.86 -7.23 34.25
CA LYS D 59 5.05 -7.01 33.04
C LYS D 59 5.89 -6.35 31.97
N ILE D 60 5.56 -6.55 30.69
CA ILE D 60 6.32 -5.94 29.62
C ILE D 60 6.24 -4.42 29.68
N ASN D 61 7.36 -3.74 29.49
CA ASN D 61 7.47 -2.30 29.50
C ASN D 61 7.50 -1.62 30.86
N GLU D 62 7.32 -2.36 31.94
CA GLU D 62 7.39 -1.80 33.28
C GLU D 62 8.79 -1.83 33.89
N ASN D 63 9.03 -0.80 34.69
CA ASN D 63 10.26 -0.70 35.48
C ASN D 63 10.07 -1.72 36.60
N TYR D 64 11.03 -2.59 36.85
CA TYR D 64 10.80 -3.57 37.91
C TYR D 64 11.95 -3.57 38.90
N VAL D 65 11.64 -3.58 40.19
CA VAL D 65 12.70 -3.59 41.18
C VAL D 65 12.74 -4.97 41.84
N LEU D 66 13.85 -5.68 41.64
CA LEU D 66 14.00 -7.00 42.25
C LEU D 66 14.80 -6.88 43.54
N THR D 67 14.30 -7.42 44.64
CA THR D 67 15.15 -7.49 45.84
C THR D 67 15.75 -8.88 45.93
N VAL D 68 17.06 -8.96 46.10
CA VAL D 68 17.68 -10.29 46.13
C VAL D 68 18.06 -10.65 47.57
N THR D 69 17.64 -11.83 47.97
CA THR D 69 17.88 -12.31 49.33
C THR D 69 18.82 -13.51 49.35
N GLN D 70 18.42 -14.60 48.71
CA GLN D 70 19.25 -15.82 48.74
C GLN D 70 20.52 -15.73 47.90
N PRO D 71 21.64 -16.16 48.46
CA PRO D 71 22.92 -16.19 47.77
C PRO D 71 22.86 -17.28 46.68
N GLY D 72 23.70 -17.12 45.68
CA GLY D 72 23.66 -18.06 44.58
C GLY D 72 23.55 -17.29 43.26
N ALA D 73 23.51 -18.05 42.16
CA ALA D 73 23.40 -17.45 40.84
C ALA D 73 21.95 -17.56 40.38
N TYR D 74 21.54 -16.57 39.59
CA TYR D 74 20.20 -16.46 39.05
C TYR D 74 20.38 -16.13 37.55
N LEU D 75 19.73 -16.95 36.71
CA LEU D 75 19.74 -16.56 35.28
C LEU D 75 18.33 -16.03 35.01
N VAL D 76 18.26 -14.82 34.49
CA VAL D 76 16.93 -14.27 34.18
C VAL D 76 16.87 -14.05 32.68
N LYS D 77 15.63 -14.06 32.18
CA LYS D 77 15.49 -13.84 30.74
C LYS D 77 14.48 -12.72 30.52
N CYS D 78 14.41 -12.26 29.29
CA CYS D 78 13.30 -11.44 28.82
C CYS D 78 12.33 -12.47 28.21
N THR D 79 11.08 -12.48 28.61
CA THR D 79 10.15 -13.52 28.13
C THR D 79 10.04 -13.53 26.62
N PRO D 80 9.73 -12.43 25.96
CA PRO D 80 9.64 -12.49 24.50
C PRO D 80 10.96 -12.73 23.82
N HIS D 81 12.10 -12.23 24.32
CA HIS D 81 13.31 -12.40 23.53
C HIS D 81 14.35 -13.39 24.04
N TYR D 82 13.92 -14.29 24.93
CA TYR D 82 14.81 -15.31 25.45
C TYR D 82 15.45 -16.12 24.32
N ALA D 83 14.63 -16.53 23.35
CA ALA D 83 15.23 -17.31 22.25
C ALA D 83 16.22 -16.54 21.41
N MET D 84 16.24 -15.21 21.48
CA MET D 84 17.20 -14.40 20.75
C MET D 84 18.40 -14.04 21.63
N GLY D 85 18.48 -14.65 22.80
CA GLY D 85 19.65 -14.49 23.65
C GLY D 85 19.51 -13.49 24.77
N MET D 86 18.33 -12.92 25.00
CA MET D 86 18.27 -11.84 26.00
C MET D 86 18.24 -12.37 27.42
N ILE D 87 19.41 -12.42 28.06
CA ILE D 87 19.47 -12.95 29.44
C ILE D 87 20.43 -12.12 30.27
N ALA D 88 20.40 -12.30 31.58
CA ALA D 88 21.38 -11.68 32.45
C ALA D 88 21.64 -12.70 33.58
N LEU D 89 22.84 -12.62 34.13
CA LEU D 89 23.22 -13.50 35.25
C LEU D 89 23.41 -12.61 36.47
N ILE D 90 22.71 -12.93 37.56
CA ILE D 90 22.90 -12.19 38.79
C ILE D 90 23.64 -13.12 39.75
N ALA D 91 24.77 -12.66 40.29
CA ALA D 91 25.55 -13.47 41.22
C ALA D 91 25.45 -12.80 42.60
N VAL D 92 24.84 -13.51 43.53
CA VAL D 92 24.64 -13.04 44.90
C VAL D 92 25.59 -13.73 45.85
N GLY D 93 26.52 -12.95 46.43
CA GLY D 93 27.49 -13.51 47.36
C GLY D 93 28.67 -14.09 46.62
N ASP D 94 29.68 -14.65 47.29
CA ASP D 94 30.81 -15.18 46.52
C ASP D 94 30.63 -16.67 46.20
N SER D 95 31.34 -17.15 45.21
CA SER D 95 31.35 -18.49 44.64
C SER D 95 30.01 -19.19 44.74
N PRO D 96 29.08 -18.70 43.92
CA PRO D 96 27.69 -19.18 43.93
C PRO D 96 27.66 -20.71 43.71
N ALA D 97 27.01 -21.41 44.63
CA ALA D 97 27.03 -22.86 44.63
C ALA D 97 26.43 -23.45 43.35
N ASN D 98 25.45 -22.75 42.77
CA ASN D 98 24.74 -23.31 41.64
C ASN D 98 25.18 -22.82 40.27
N LEU D 99 26.29 -22.09 40.15
CA LEU D 99 26.76 -21.54 38.89
C LEU D 99 27.10 -22.60 37.84
N ASP D 100 27.87 -23.63 38.18
CA ASP D 100 28.24 -24.68 37.22
C ASP D 100 27.00 -25.41 36.74
N GLN D 101 26.04 -25.63 37.63
CA GLN D 101 24.78 -26.28 37.27
C GLN D 101 24.08 -25.40 36.22
N ILE D 102 24.03 -24.09 36.45
CA ILE D 102 23.34 -23.25 35.46
C ILE D 102 24.06 -23.22 34.14
N VAL D 103 25.39 -23.25 34.17
CA VAL D 103 26.12 -23.22 32.88
C VAL D 103 25.87 -24.50 32.11
N SER D 104 25.73 -25.62 32.81
CA SER D 104 25.48 -26.88 32.11
C SER D 104 24.02 -27.07 31.70
N ALA D 105 23.05 -26.36 32.30
CA ALA D 105 21.65 -26.65 32.00
C ALA D 105 21.26 -26.46 30.54
N LYS D 106 20.18 -27.16 30.15
CA LYS D 106 19.72 -27.03 28.78
C LYS D 106 19.13 -25.65 28.51
N LYS D 107 19.56 -25.02 27.42
CA LYS D 107 19.04 -23.71 27.03
C LYS D 107 19.36 -23.45 25.55
N PRO D 108 18.75 -22.45 24.94
CA PRO D 108 19.04 -22.15 23.52
C PRO D 108 20.52 -21.89 23.30
N LYS D 109 20.98 -22.32 22.12
CA LYS D 109 22.39 -22.16 21.77
C LYS D 109 22.86 -20.72 21.87
N ILE D 110 22.00 -19.81 21.40
CA ILE D 110 22.42 -18.41 21.44
C ILE D 110 22.52 -17.92 22.87
N VAL D 111 21.60 -18.40 23.70
CA VAL D 111 21.68 -18.06 25.13
C VAL D 111 23.00 -18.54 25.73
N GLN D 112 23.31 -19.82 25.47
CA GLN D 112 24.54 -20.43 25.98
C GLN D 112 25.77 -19.64 25.59
N GLU D 113 25.84 -19.21 24.31
CA GLU D 113 26.98 -18.43 23.86
C GLU D 113 27.09 -17.09 24.59
N ARG D 114 25.95 -16.42 24.83
CA ARG D 114 26.09 -15.15 25.56
C ARG D 114 26.45 -15.33 27.02
N LEU D 115 25.89 -16.36 27.64
CA LEU D 115 26.17 -16.71 29.03
C LEU D 115 27.67 -16.95 29.20
N GLU D 116 28.24 -17.73 28.27
CA GLU D 116 29.65 -18.04 28.36
C GLU D 116 30.53 -16.81 28.23
N LYS D 117 30.07 -15.90 27.39
CA LYS D 117 30.81 -14.67 27.23
C LYS D 117 30.73 -13.83 28.49
N VAL D 118 29.53 -13.65 29.02
CA VAL D 118 29.41 -12.84 30.24
C VAL D 118 30.17 -13.41 31.41
N ILE D 119 30.25 -14.73 31.53
CA ILE D 119 31.00 -15.27 32.67
C ILE D 119 32.49 -15.03 32.47
N ALA D 120 32.93 -15.04 31.22
CA ALA D 120 34.35 -14.84 30.92
C ALA D 120 34.69 -13.34 30.93
N SER D 121 34.02 -12.65 30.05
CA SER D 121 34.04 -11.26 29.66
C SER D 121 32.82 -10.47 30.12
N ALA D 122 32.70 -10.31 31.44
CA ALA D 122 31.63 -9.54 32.07
C ALA D 122 31.69 -9.72 33.59
N LYS D 123 32.42 -10.74 34.02
CA LYS D 123 32.57 -11.10 35.43
C LYS D 123 33.25 -9.98 36.24
CU CU E . -12.39 20.89 11.44
CU CU F . -12.42 13.59 0.92
GD GD G . -10.19 4.45 25.63
GD GD H . -18.45 -10.20 24.90
GD GD I . -0.15 -31.42 21.44
CU CU J . 13.19 12.78 -22.92
CU CU K . 6.24 3.17 -18.25
GD GD L . -1.43 27.45 -19.96
GD GD M . -20.82 28.25 -21.95
GD GD N . -33.45 28.55 1.67
CU CU O . 13.46 -13.79 11.37
CU CU P . 2.14 -10.38 6.66
GD GD Q . 22.96 -14.51 -5.99
GD GD R . 17.07 -22.12 -22.00
GD GD S . 14.19 -2.23 -42.19
CU CU T . 13.22 -8.35 25.47
N THR A 2 -42.01 13.15 -4.76
CA THR A 2 -42.43 14.59 -4.75
C THR A 2 -42.08 15.24 -3.40
N ALA A 3 -42.38 16.50 -3.23
CA ALA A 3 -42.06 17.18 -1.94
C ALA A 3 -42.91 16.59 -0.81
N ALA A 4 -44.18 16.37 -1.03
CA ALA A 4 -45.04 15.81 0.05
C ALA A 4 -44.52 14.43 0.46
N GLU A 5 -44.10 13.65 -0.50
CA GLU A 5 -43.58 12.29 -0.16
C GLU A 5 -42.33 12.41 0.72
N ILE A 6 -41.42 13.28 0.37
CA ILE A 6 -40.18 13.43 1.19
C ILE A 6 -40.54 13.93 2.59
N ALA A 7 -41.45 14.87 2.68
CA ALA A 7 -41.85 15.40 4.02
C ALA A 7 -42.65 14.35 4.83
N ALA A 8 -43.25 13.38 4.20
CA ALA A 8 -44.04 12.36 4.96
C ALA A 8 -43.16 11.18 5.43
N LEU A 9 -41.93 11.09 4.99
CA LEU A 9 -41.07 9.95 5.44
C LEU A 9 -40.83 10.04 6.96
N PRO A 10 -40.86 8.92 7.65
CA PRO A 10 -40.63 8.89 9.13
C PRO A 10 -39.21 9.32 9.55
N ARG A 11 -39.09 10.18 10.53
CA ARG A 11 -37.77 10.64 11.00
C ARG A 11 -37.45 9.84 12.27
N GLN A 12 -36.26 9.35 12.37
CA GLN A 12 -35.90 8.54 13.57
C GLN A 12 -34.52 8.95 14.07
N LYS A 13 -34.44 9.30 15.30
CA LYS A 13 -33.14 9.72 15.88
C LYS A 13 -32.41 8.47 16.36
N VAL A 14 -31.12 8.47 16.24
CA VAL A 14 -30.32 7.30 16.68
C VAL A 14 -29.15 7.77 17.55
N GLU A 15 -28.93 7.09 18.63
CA GLU A 15 -27.84 7.45 19.55
C GLU A 15 -26.58 6.81 19.00
N LEU A 16 -25.53 7.56 18.95
CA LEU A 16 -24.27 6.99 18.38
C LEU A 16 -23.32 6.49 19.47
N VAL A 17 -22.51 5.50 19.18
CA VAL A 17 -21.56 5.00 20.18
C VAL A 17 -20.19 5.47 19.75
N ASP A 18 -19.19 5.06 20.43
CA ASP A 18 -17.81 5.49 20.04
C ASP A 18 -17.02 4.30 19.47
N PRO A 19 -16.26 4.52 18.43
CA PRO A 19 -15.44 3.45 17.80
C PRO A 19 -14.67 2.63 18.84
N PRO A 20 -14.35 1.41 18.52
CA PRO A 20 -14.69 0.80 17.20
C PRO A 20 -16.11 0.21 17.17
N PHE A 21 -16.86 0.35 18.23
CA PHE A 21 -18.23 -0.20 18.26
C PHE A 21 -19.11 0.53 17.23
N VAL A 22 -20.29 0.05 17.07
CA VAL A 22 -21.24 0.67 16.12
C VAL A 22 -22.59 0.73 16.82
N HIS A 23 -23.37 1.68 16.48
CA HIS A 23 -24.69 1.84 17.12
C HIS A 23 -25.58 0.64 16.80
N ALA A 24 -26.85 0.76 17.08
CA ALA A 24 -27.78 -0.38 16.80
C ALA A 24 -28.44 -0.17 15.43
N HIS A 25 -28.37 -1.17 14.59
CA HIS A 25 -29.00 -1.06 13.24
C HIS A 25 -29.29 -2.46 12.70
N SER A 26 -30.12 -2.56 11.69
CA SER A 26 -30.44 -3.89 11.11
C SER A 26 -29.82 -3.97 9.71
N GLN A 27 -29.31 -5.11 9.36
CA GLN A 27 -28.68 -5.24 8.01
C GLN A 27 -29.76 -4.96 7.01
N VAL A 28 -30.71 -5.83 6.93
CA VAL A 28 -31.84 -5.59 6.00
C VAL A 28 -32.63 -4.37 6.52
N ALA A 29 -33.00 -3.47 5.66
CA ALA A 29 -33.73 -2.25 6.10
C ALA A 29 -35.09 -2.64 6.67
N GLU A 30 -35.48 -1.99 7.72
CA GLU A 30 -36.80 -2.27 8.35
C GLU A 30 -37.76 -1.13 7.99
N GLY A 31 -38.69 -1.39 7.12
CA GLY A 31 -39.64 -0.32 6.71
C GLY A 31 -39.10 0.31 5.44
N GLY A 32 -39.73 1.35 4.99
CA GLY A 32 -39.26 2.01 3.75
C GLY A 32 -38.21 3.07 4.12
N PRO A 33 -37.94 3.95 3.21
CA PRO A 33 -36.94 5.04 3.41
C PRO A 33 -37.28 5.90 4.63
N LYS A 34 -36.30 6.31 5.37
CA LYS A 34 -36.57 7.16 6.57
C LYS A 34 -35.39 8.13 6.84
N VAL A 35 -35.72 9.34 7.23
CA VAL A 35 -34.71 10.37 7.55
C VAL A 35 -34.11 10.04 8.91
N VAL A 36 -32.90 9.59 8.88
CA VAL A 36 -32.18 9.21 10.10
C VAL A 36 -31.54 10.44 10.63
N GLU A 37 -31.72 10.66 11.87
CA GLU A 37 -31.16 11.88 12.49
C GLU A 37 -30.06 11.54 13.49
N PHE A 38 -28.94 12.18 13.35
CA PHE A 38 -27.80 11.96 14.28
C PHE A 38 -27.21 13.32 14.66
N THR A 39 -26.77 13.50 15.88
CA THR A 39 -26.20 14.81 16.30
C THR A 39 -24.82 14.60 16.90
N MET A 40 -23.85 15.35 16.46
CA MET A 40 -22.48 15.19 17.02
C MET A 40 -21.86 16.56 17.36
N VAL A 41 -21.33 16.68 18.56
CA VAL A 41 -20.69 17.94 18.99
C VAL A 41 -19.21 17.77 18.77
N ILE A 42 -18.58 18.77 18.27
CA ILE A 42 -17.13 18.67 17.98
C ILE A 42 -16.35 19.12 19.20
N GLU A 43 -15.32 18.42 19.54
CA GLU A 43 -14.54 18.82 20.74
C GLU A 43 -13.05 18.94 20.41
N GLU A 44 -12.49 20.12 20.54
CA GLU A 44 -11.03 20.28 20.25
C GLU A 44 -10.27 20.17 21.58
N LYS A 45 -9.52 19.11 21.78
CA LYS A 45 -8.80 18.97 23.05
C LYS A 45 -7.46 18.31 22.81
N LYS A 46 -6.69 18.20 23.83
CA LYS A 46 -5.35 17.56 23.69
C LYS A 46 -5.41 16.10 24.14
N ILE A 47 -5.00 15.20 23.29
CA ILE A 47 -5.01 13.76 23.64
C ILE A 47 -3.60 13.17 23.44
N VAL A 48 -3.23 12.24 24.27
CA VAL A 48 -1.93 11.60 24.19
C VAL A 48 -2.06 10.49 23.19
N ILE A 49 -1.05 10.26 22.46
CA ILE A 49 -1.13 9.20 21.40
C ILE A 49 0.18 8.42 21.31
N ASP A 50 0.81 8.18 22.42
CA ASP A 50 2.10 7.41 22.44
C ASP A 50 2.54 7.17 23.91
N ASP A 51 3.18 6.05 24.20
CA ASP A 51 3.62 5.79 25.61
C ASP A 51 4.60 6.88 26.12
N ALA A 52 5.09 7.77 25.29
CA ALA A 52 6.04 8.82 25.77
C ALA A 52 5.30 10.12 26.12
N GLY A 53 4.00 10.11 26.18
CA GLY A 53 3.24 11.37 26.53
C GLY A 53 3.16 12.36 25.34
N THR A 54 3.32 11.91 24.12
CA THR A 54 3.22 12.84 22.96
C THR A 54 1.78 13.34 22.93
N GLU A 55 1.58 14.56 22.60
CA GLU A 55 0.16 15.06 22.61
C GLU A 55 -0.19 15.75 21.29
N VAL A 56 -1.37 15.51 20.79
CA VAL A 56 -1.81 16.18 19.53
C VAL A 56 -3.19 16.86 19.72
N HIS A 57 -3.26 18.16 19.48
CA HIS A 57 -4.54 18.90 19.62
C HIS A 57 -5.53 18.29 18.65
N ALA A 58 -6.30 17.38 19.14
CA ALA A 58 -7.27 16.66 18.28
C ALA A 58 -8.53 17.48 18.05
N MET A 59 -9.07 17.32 16.88
CA MET A 59 -10.31 18.00 16.48
C MET A 59 -11.20 16.82 16.27
N ALA A 60 -12.16 16.65 17.10
CA ALA A 60 -12.86 15.38 16.98
C ALA A 60 -14.32 15.54 16.92
N PHE A 61 -14.87 14.85 16.02
CA PHE A 61 -16.36 14.85 15.90
C PHE A 61 -16.92 13.85 16.92
N ASN A 62 -17.79 14.28 17.80
CA ASN A 62 -18.33 13.34 18.83
C ASN A 62 -17.27 13.09 19.92
N GLY A 63 -16.24 13.90 20.01
CA GLY A 63 -15.18 13.69 21.04
C GLY A 63 -14.38 12.40 20.82
N THR A 64 -14.37 11.81 19.63
CA THR A 64 -13.54 10.56 19.46
C THR A 64 -12.87 10.47 18.06
N VAL A 65 -11.58 10.13 18.01
CA VAL A 65 -10.88 9.95 16.72
C VAL A 65 -10.70 8.45 16.54
N PRO A 66 -11.26 7.91 15.50
CA PRO A 66 -12.02 8.68 14.50
C PRO A 66 -13.49 8.87 14.86
N GLY A 67 -14.13 9.87 14.33
CA GLY A 67 -15.56 10.10 14.63
C GLY A 67 -16.27 8.75 14.66
N PRO A 68 -17.51 8.76 15.03
CA PRO A 68 -18.34 7.52 15.11
C PRO A 68 -18.90 7.10 13.75
N LEU A 69 -19.09 5.82 13.55
CA LEU A 69 -19.63 5.35 12.24
C LEU A 69 -21.18 5.40 12.25
N MET A 70 -21.76 6.19 11.38
CA MET A 70 -23.23 6.28 11.29
C MET A 70 -23.66 5.25 10.26
N VAL A 71 -24.74 4.62 10.48
CA VAL A 71 -25.17 3.57 9.51
C VAL A 71 -26.65 3.72 9.12
N VAL A 72 -26.88 3.87 7.85
CA VAL A 72 -28.26 3.97 7.31
C VAL A 72 -28.32 3.07 6.06
N HIS A 73 -29.46 2.99 5.42
CA HIS A 73 -29.56 2.14 4.22
C HIS A 73 -29.60 3.04 2.98
N GLN A 74 -29.51 2.44 1.83
CA GLN A 74 -29.53 3.21 0.57
C GLN A 74 -30.93 3.78 0.38
N ASP A 75 -31.00 5.02 0.03
CA ASP A 75 -32.34 5.66 -0.16
C ASP A 75 -32.67 6.50 1.08
N ASP A 76 -32.32 6.04 2.25
CA ASP A 76 -32.61 6.80 3.47
C ASP A 76 -31.79 8.10 3.47
N TYR A 77 -32.29 9.12 4.10
CA TYR A 77 -31.58 10.42 4.15
C TYR A 77 -30.95 10.62 5.53
N LEU A 78 -29.71 10.99 5.55
CA LEU A 78 -29.00 11.22 6.82
C LEU A 78 -29.10 12.70 7.14
N GLU A 79 -29.57 13.01 8.30
CA GLU A 79 -29.74 14.42 8.72
C GLU A 79 -28.91 14.59 9.95
N LEU A 80 -27.86 15.31 9.84
CA LEU A 80 -26.97 15.41 11.03
C LEU A 80 -26.87 16.84 11.56
N THR A 81 -27.22 17.00 12.81
CA THR A 81 -27.10 18.34 13.47
C THR A 81 -25.70 18.41 14.11
N LEU A 82 -24.83 19.23 13.58
CA LEU A 82 -23.48 19.35 14.10
C LEU A 82 -23.45 20.54 14.99
N ILE A 83 -22.64 20.51 15.95
CA ILE A 83 -22.58 21.64 16.91
C ILE A 83 -21.13 21.94 17.28
N ASN A 84 -20.75 23.17 17.15
CA ASN A 84 -19.36 23.59 17.51
C ASN A 84 -19.46 24.52 18.71
N PRO A 85 -19.20 24.00 19.87
CA PRO A 85 -19.29 24.74 21.16
C PRO A 85 -18.53 26.07 21.16
N GLU A 86 -18.99 27.01 21.94
CA GLU A 86 -18.28 28.32 22.00
C GLU A 86 -16.87 28.12 22.58
N THR A 87 -16.66 27.10 23.37
CA THR A 87 -15.30 26.87 23.96
C THR A 87 -14.27 26.63 22.86
N ASN A 88 -14.68 26.03 21.77
CA ASN A 88 -13.71 25.74 20.67
C ASN A 88 -13.18 27.06 20.10
N THR A 89 -12.09 27.01 19.39
CA THR A 89 -11.52 28.26 18.81
C THR A 89 -11.31 28.15 17.28
N LEU A 90 -11.80 27.12 16.62
CA LEU A 90 -11.59 27.04 15.13
C LEU A 90 -12.91 26.67 14.42
N MET A 91 -13.24 27.36 13.35
CA MET A 91 -14.49 27.02 12.61
C MET A 91 -14.29 25.68 11.89
N HIS A 92 -15.30 24.84 11.86
CA HIS A 92 -15.16 23.53 11.17
C HIS A 92 -16.17 23.40 10.03
N ASN A 93 -16.49 22.19 9.70
CA ASN A 93 -17.46 21.89 8.60
C ASN A 93 -17.38 20.38 8.32
N ILE A 94 -18.39 19.78 7.72
CA ILE A 94 -18.32 18.31 7.46
C ILE A 94 -18.65 17.99 6.00
N ASP A 95 -17.80 17.22 5.36
CA ASP A 95 -18.05 16.82 3.94
C ASP A 95 -18.17 15.29 3.89
N PHE A 96 -19.34 14.77 3.63
CA PHE A 96 -19.51 13.29 3.59
C PHE A 96 -19.36 12.78 2.15
N HIS A 97 -18.36 12.00 1.91
CA HIS A 97 -18.14 11.43 0.55
C HIS A 97 -19.43 10.76 0.03
N ALA A 98 -20.26 10.23 0.91
CA ALA A 98 -21.51 9.55 0.46
C ALA A 98 -22.62 10.54 0.08
N ALA A 99 -22.34 11.82 0.04
CA ALA A 99 -23.38 12.81 -0.34
C ALA A 99 -23.04 13.39 -1.71
N THR A 100 -23.96 14.11 -2.31
CA THR A 100 -23.68 14.70 -3.65
C THR A 100 -24.12 16.17 -3.70
N GLY A 101 -23.18 17.07 -3.84
CA GLY A 101 -23.51 18.55 -3.93
C GLY A 101 -22.92 19.35 -2.75
N ALA A 102 -22.36 20.53 -3.01
CA ALA A 102 -21.80 21.35 -1.88
C ALA A 102 -20.53 20.72 -1.30
N LEU A 103 -19.61 20.30 -2.13
CA LEU A 103 -18.33 19.73 -1.61
C LEU A 103 -18.61 18.66 -0.57
N GLY A 104 -19.67 17.92 -0.75
CA GLY A 104 -20.00 16.84 0.23
C GLY A 104 -20.61 17.43 1.50
N GLY A 105 -21.23 18.57 1.40
CA GLY A 105 -21.86 19.20 2.61
C GLY A 105 -20.92 20.21 3.29
N GLY A 106 -19.67 20.32 2.90
CA GLY A 106 -18.75 21.29 3.56
C GLY A 106 -19.15 22.74 3.24
N GLY A 107 -19.66 22.99 2.05
CA GLY A 107 -20.04 24.39 1.68
C GLY A 107 -21.31 24.85 2.44
N LEU A 108 -22.02 23.96 3.07
CA LEU A 108 -23.27 24.39 3.80
C LEU A 108 -23.20 23.93 5.27
N THR A 109 -22.03 23.82 5.82
CA THR A 109 -21.89 23.40 7.24
C THR A 109 -20.73 24.14 7.95
N GLU A 110 -20.30 25.28 7.45
CA GLU A 110 -19.21 26.04 8.11
C GLU A 110 -19.78 26.67 9.37
N ILE A 111 -19.37 26.20 10.51
CA ILE A 111 -19.94 26.76 11.76
C ILE A 111 -18.81 27.18 12.68
N ASN A 112 -18.81 28.42 13.06
CA ASN A 112 -17.73 28.91 13.98
C ASN A 112 -18.17 28.69 15.42
N PRO A 113 -17.24 28.67 16.34
CA PRO A 113 -17.54 28.48 17.78
C PRO A 113 -18.85 29.16 18.20
N GLY A 114 -19.75 28.43 18.80
CA GLY A 114 -21.05 29.03 19.21
C GLY A 114 -22.10 28.87 18.10
N GLU A 115 -21.85 28.03 17.12
CA GLU A 115 -22.87 27.87 16.03
C GLU A 115 -23.09 26.38 15.67
N LYS A 116 -24.33 26.00 15.38
CA LYS A 116 -24.62 24.59 14.98
C LYS A 116 -25.58 24.59 13.77
N THR A 117 -25.51 23.61 12.91
CA THR A 117 -26.41 23.61 11.75
C THR A 117 -26.99 22.22 11.59
N ILE A 118 -27.73 22.04 10.56
CA ILE A 118 -28.34 20.71 10.30
C ILE A 118 -28.34 20.48 8.79
N LEU A 119 -27.66 19.47 8.34
CA LEU A 119 -27.61 19.21 6.87
C LEU A 119 -28.16 17.82 6.57
N ARG A 120 -29.05 17.74 5.63
CA ARG A 120 -29.64 16.41 5.27
C ARG A 120 -29.30 16.06 3.81
N PHE A 121 -28.87 14.84 3.57
CA PHE A 121 -28.53 14.41 2.19
C PHE A 121 -29.06 12.98 1.97
N LYS A 122 -29.47 12.69 0.77
CA LYS A 122 -30.00 11.34 0.44
C LYS A 122 -28.84 10.39 0.15
N ALA A 123 -28.82 9.29 0.82
CA ALA A 123 -27.76 8.28 0.63
C ALA A 123 -28.16 7.49 -0.58
N THR A 124 -27.68 7.91 -1.69
CA THR A 124 -28.12 7.25 -2.98
C THR A 124 -27.21 6.08 -3.41
N LYS A 125 -26.08 5.89 -2.80
CA LYS A 125 -25.19 4.78 -3.21
C LYS A 125 -24.81 3.96 -1.99
N PRO A 126 -24.80 2.68 -2.13
CA PRO A 126 -24.47 1.75 -1.02
C PRO A 126 -22.95 1.52 -0.85
N GLY A 127 -22.47 1.56 0.36
CA GLY A 127 -21.01 1.33 0.56
C GLY A 127 -20.47 2.23 1.67
N VAL A 128 -19.39 1.81 2.30
CA VAL A 128 -18.79 2.61 3.37
C VAL A 128 -18.13 3.82 2.73
N PHE A 129 -18.14 4.92 3.40
CA PHE A 129 -17.54 6.12 2.81
C PHE A 129 -16.93 6.93 3.93
N VAL A 130 -15.89 7.65 3.66
CA VAL A 130 -15.26 8.45 4.77
C VAL A 130 -15.75 9.93 4.81
N TYR A 131 -16.17 10.41 5.97
CA TYR A 131 -16.59 11.82 6.11
C TYR A 131 -15.44 12.54 6.82
N HIS A 132 -15.29 13.82 6.61
CA HIS A 132 -14.15 14.53 7.26
C HIS A 132 -14.34 16.05 7.18
N CYS A 133 -13.94 16.78 8.19
CA CYS A 133 -14.09 18.26 8.17
C CYS A 133 -13.09 18.84 7.18
N ALA A 134 -13.43 19.90 6.50
CA ALA A 134 -12.47 20.45 5.51
C ALA A 134 -12.71 21.92 5.25
N PRO A 135 -12.39 22.75 6.19
CA PRO A 135 -12.54 24.23 6.06
C PRO A 135 -11.62 24.78 4.97
N PRO A 136 -12.18 25.46 4.01
CA PRO A 136 -11.41 26.03 2.87
C PRO A 136 -10.05 26.61 3.28
N GLY A 137 -8.97 26.08 2.74
CA GLY A 137 -7.62 26.63 3.08
C GLY A 137 -6.93 25.83 4.22
N MET A 138 -7.64 25.05 4.98
CA MET A 138 -6.98 24.30 6.08
C MET A 138 -7.54 22.89 6.12
N VAL A 139 -7.79 22.34 4.97
CA VAL A 139 -8.36 20.96 4.91
C VAL A 139 -7.41 19.94 5.56
N PRO A 140 -6.25 19.72 4.98
CA PRO A 140 -5.25 18.74 5.47
C PRO A 140 -4.97 18.85 6.97
N TRP A 141 -5.03 20.03 7.51
CA TRP A 141 -4.75 20.17 8.97
C TRP A 141 -5.90 19.59 9.80
N HIS A 142 -7.10 19.96 9.47
CA HIS A 142 -8.28 19.45 10.22
C HIS A 142 -8.39 17.92 10.11
N VAL A 143 -8.07 17.36 8.98
CA VAL A 143 -8.19 15.88 8.82
C VAL A 143 -7.07 15.18 9.60
N VAL A 144 -5.86 15.62 9.44
CA VAL A 144 -4.73 14.97 10.15
C VAL A 144 -4.93 15.11 11.67
N SER A 145 -5.56 16.18 12.09
CA SER A 145 -5.78 16.37 13.55
C SER A 145 -6.77 15.32 14.09
N GLY A 146 -7.30 14.50 13.22
CA GLY A 146 -8.26 13.45 13.69
C GLY A 146 -9.72 13.91 13.47
N MET A 147 -9.98 14.78 12.52
CA MET A 147 -11.38 15.22 12.28
C MET A 147 -11.96 14.45 11.08
N ASN A 148 -12.15 13.18 11.23
CA ASN A 148 -12.70 12.37 10.11
C ASN A 148 -13.14 10.99 10.63
N GLY A 149 -14.14 10.44 10.02
CA GLY A 149 -14.67 9.09 10.44
C GLY A 149 -15.21 8.36 9.20
N ALA A 150 -16.37 7.74 9.29
CA ALA A 150 -16.93 7.03 8.10
C ALA A 150 -18.37 6.57 8.34
N ILE A 151 -19.18 6.57 7.32
CA ILE A 151 -20.59 6.11 7.47
C ILE A 151 -20.84 4.91 6.54
N MET A 152 -21.68 4.00 6.94
CA MET A 152 -21.96 2.80 6.08
C MET A 152 -23.41 2.80 5.60
N VAL A 153 -23.61 2.92 4.32
CA VAL A 153 -24.98 2.90 3.76
C VAL A 153 -25.19 1.51 3.23
N LEU A 154 -25.89 0.71 3.95
CA LEU A 154 -26.03 -0.72 3.52
C LEU A 154 -27.22 -0.92 2.58
N PRO A 155 -27.05 -1.75 1.57
CA PRO A 155 -28.14 -2.07 0.63
C PRO A 155 -29.44 -2.40 1.39
N ARG A 156 -30.56 -1.98 0.89
CA ARG A 156 -31.85 -2.25 1.60
C ARG A 156 -31.99 -3.74 1.91
N GLU A 157 -31.46 -4.58 1.06
CA GLU A 157 -31.57 -6.06 1.30
C GLU A 157 -30.34 -6.62 2.04
N GLY A 158 -29.52 -5.78 2.63
CA GLY A 158 -28.33 -6.30 3.36
C GLY A 158 -27.16 -6.47 2.39
N LEU A 159 -26.12 -7.15 2.82
CA LEU A 159 -24.95 -7.36 1.92
C LEU A 159 -24.95 -8.78 1.34
N HIS A 160 -24.49 -8.94 0.12
CA HIS A 160 -24.44 -10.27 -0.51
C HIS A 160 -23.10 -10.42 -1.24
N ASP A 161 -22.72 -11.61 -1.58
CA ASP A 161 -21.43 -11.82 -2.29
C ASP A 161 -21.56 -11.43 -3.77
N GLY A 162 -20.69 -11.92 -4.62
CA GLY A 162 -20.76 -11.57 -6.07
C GLY A 162 -21.84 -12.42 -6.78
N LYS A 163 -22.22 -13.54 -6.22
CA LYS A 163 -23.26 -14.40 -6.90
C LYS A 163 -24.67 -14.13 -6.32
N GLY A 164 -24.83 -13.16 -5.46
CA GLY A 164 -26.20 -12.88 -4.89
C GLY A 164 -26.42 -13.55 -3.50
N LYS A 165 -25.57 -14.44 -3.06
CA LYS A 165 -25.76 -15.09 -1.75
C LYS A 165 -25.71 -14.05 -0.64
N ALA A 166 -26.60 -14.14 0.30
CA ALA A 166 -26.61 -13.14 1.42
C ALA A 166 -25.44 -13.38 2.40
N LEU A 167 -24.77 -12.33 2.78
CA LEU A 167 -23.64 -12.40 3.74
C LEU A 167 -24.06 -11.58 4.96
N THR A 168 -24.36 -12.24 6.03
CA THR A 168 -24.85 -11.55 7.23
C THR A 168 -23.80 -11.68 8.29
N TYR A 169 -23.43 -10.60 8.84
CA TYR A 169 -22.35 -10.63 9.87
C TYR A 169 -22.95 -10.61 11.28
N ASP A 170 -22.36 -11.34 12.20
CA ASP A 170 -22.86 -11.35 13.60
C ASP A 170 -22.38 -10.09 14.35
N LYS A 171 -21.25 -9.54 13.97
CA LYS A 171 -20.73 -8.33 14.67
C LYS A 171 -19.96 -7.48 13.68
N ILE A 172 -19.88 -6.20 13.92
CA ILE A 172 -19.13 -5.30 12.99
C ILE A 172 -18.35 -4.26 13.80
N TYR A 173 -17.11 -4.06 13.46
CA TYR A 173 -16.28 -3.06 14.16
C TYR A 173 -15.74 -2.07 13.14
N TYR A 174 -15.54 -0.85 13.56
CA TYR A 174 -15.02 0.19 12.62
C TYR A 174 -13.66 0.67 13.13
N VAL A 175 -12.64 0.43 12.37
CA VAL A 175 -11.27 0.84 12.78
C VAL A 175 -10.80 2.00 11.90
N GLY A 176 -10.83 3.19 12.41
CA GLY A 176 -10.38 4.37 11.65
C GLY A 176 -8.88 4.55 11.89
N GLU A 177 -8.14 4.65 10.85
CA GLU A 177 -6.68 4.79 10.96
C GLU A 177 -6.38 6.26 10.81
N GLN A 178 -5.40 6.72 11.51
CA GLN A 178 -5.10 8.18 11.42
C GLN A 178 -3.60 8.41 11.41
N ASP A 179 -3.10 9.04 10.37
CA ASP A 179 -1.64 9.34 10.31
C ASP A 179 -1.40 10.76 10.85
N PHE A 180 -0.68 10.90 11.93
CA PHE A 180 -0.43 12.23 12.48
C PHE A 180 0.92 12.75 12.00
N TYR A 181 1.23 13.93 12.37
CA TYR A 181 2.51 14.57 11.98
C TYR A 181 2.88 15.51 13.11
N VAL A 182 3.55 15.00 14.09
CA VAL A 182 3.86 15.82 15.29
C VAL A 182 5.23 16.44 15.15
N PRO A 183 5.29 17.72 15.34
CA PRO A 183 6.58 18.48 15.24
C PRO A 183 7.56 18.13 16.39
N ARG A 184 8.83 17.96 16.07
CA ARG A 184 9.85 17.64 17.11
C ARG A 184 10.90 18.75 17.13
N ASP A 185 11.49 19.01 18.25
CA ASP A 185 12.52 20.09 18.33
C ASP A 185 13.81 19.62 17.67
N GLU A 186 14.91 20.27 17.96
CA GLU A 186 16.21 19.86 17.35
C GLU A 186 16.73 18.56 17.98
N ASN A 187 16.43 18.31 19.23
CA ASN A 187 16.92 17.06 19.89
C ASN A 187 16.07 15.83 19.55
N GLY A 188 15.01 15.98 18.77
CA GLY A 188 14.17 14.80 18.43
C GLY A 188 13.02 14.59 19.45
N LYS A 189 12.75 15.53 20.32
CA LYS A 189 11.64 15.37 21.30
C LYS A 189 10.37 16.03 20.76
N TYR A 190 9.26 15.35 20.84
CA TYR A 190 7.99 15.91 20.34
C TYR A 190 7.74 17.23 21.05
N LYS A 191 7.20 18.17 20.36
CA LYS A 191 6.94 19.50 20.99
C LYS A 191 5.44 19.64 21.34
N LYS A 192 5.16 20.29 22.44
CA LYS A 192 3.75 20.50 22.84
C LYS A 192 3.45 21.99 22.73
N TYR A 193 2.22 22.34 22.64
CA TYR A 193 1.87 23.77 22.51
C TYR A 193 0.70 24.07 23.42
N GLU A 194 0.35 25.30 23.51
CA GLU A 194 -0.78 25.70 24.39
C GLU A 194 -2.11 25.59 23.63
N ALA A 195 -2.19 26.10 22.42
CA ALA A 195 -3.46 26.02 21.67
C ALA A 195 -3.24 25.28 20.37
N PRO A 196 -4.29 25.04 19.65
CA PRO A 196 -4.24 24.32 18.34
C PRO A 196 -3.56 25.13 17.22
N GLY A 197 -3.74 26.43 17.18
CA GLY A 197 -3.10 27.24 16.09
C GLY A 197 -1.60 27.39 16.33
N ASP A 198 -1.17 27.40 17.55
CA ASP A 198 0.29 27.57 17.84
C ASP A 198 1.11 26.48 17.13
N ALA A 199 0.53 25.35 16.86
CA ALA A 199 1.30 24.25 16.18
C ALA A 199 0.90 24.12 14.70
N TYR A 200 0.35 25.14 14.11
CA TYR A 200 -0.03 25.06 12.66
C TYR A 200 1.21 25.13 11.72
N GLU A 201 2.11 26.07 11.91
CA GLU A 201 3.28 26.17 10.98
C GLU A 201 4.20 24.96 11.14
N ASP A 202 4.51 24.61 12.36
CA ASP A 202 5.42 23.45 12.58
C ASP A 202 4.78 22.16 12.08
N THR A 203 3.49 22.03 12.19
CA THR A 203 2.82 20.79 11.73
C THR A 203 2.84 20.74 10.21
N VAL A 204 2.52 21.82 9.57
CA VAL A 204 2.54 21.84 8.08
C VAL A 204 3.91 21.37 7.59
N LYS A 205 4.95 21.86 8.19
CA LYS A 205 6.31 21.43 7.76
C LYS A 205 6.40 19.91 7.81
N VAL A 206 5.96 19.31 8.88
CA VAL A 206 6.01 17.83 8.99
C VAL A 206 5.09 17.18 7.94
N MET A 207 3.92 17.73 7.74
CA MET A 207 2.98 17.14 6.73
C MET A 207 3.60 17.18 5.33
N ARG A 208 4.33 18.20 4.99
CA ARG A 208 4.94 18.30 3.64
C ARG A 208 5.85 17.10 3.41
N THR A 209 6.55 16.69 4.42
CA THR A 209 7.48 15.53 4.27
C THR A 209 6.71 14.26 3.84
N LEU A 210 5.40 14.26 3.91
CA LEU A 210 4.63 13.05 3.52
C LEU A 210 5.06 11.87 4.37
N THR A 211 5.55 12.11 5.56
CA THR A 211 5.99 10.98 6.43
C THR A 211 5.38 11.18 7.82
N PRO A 212 4.36 10.42 8.13
CA PRO A 212 3.66 10.53 9.46
C PRO A 212 4.51 10.02 10.64
N THR A 213 4.62 10.79 11.70
CA THR A 213 5.41 10.33 12.87
C THR A 213 4.67 9.17 13.57
N HIS A 214 3.36 9.08 13.43
CA HIS A 214 2.62 7.98 14.09
C HIS A 214 1.37 7.64 13.26
N VAL A 215 1.15 6.37 13.03
CA VAL A 215 -0.04 5.95 12.25
C VAL A 215 -0.77 5.00 13.14
N VAL A 216 -1.94 5.30 13.55
CA VAL A 216 -2.56 4.36 14.52
C VAL A 216 -4.03 4.15 14.27
N PHE A 217 -4.60 3.35 15.11
CA PHE A 217 -6.06 3.07 14.98
C PHE A 217 -6.78 3.46 16.27
N ASN A 218 -7.91 4.09 16.16
CA ASN A 218 -8.66 4.51 17.39
C ASN A 218 -8.09 5.80 18.02
N GLY A 219 -7.11 6.43 17.39
CA GLY A 219 -6.54 7.68 17.97
C GLY A 219 -5.32 7.45 18.93
N ALA A 220 -4.69 6.30 18.98
CA ALA A 220 -3.51 6.16 19.90
C ALA A 220 -2.79 4.81 19.70
N VAL A 221 -1.48 4.81 19.72
CA VAL A 221 -0.75 3.52 19.55
C VAL A 221 -1.21 2.55 20.65
N GLY A 222 -1.61 1.37 20.28
CA GLY A 222 -2.11 0.40 21.31
C GLY A 222 -3.57 0.69 21.76
N ALA A 223 -4.35 1.46 21.01
CA ALA A 223 -5.75 1.72 21.44
C ALA A 223 -6.64 0.46 21.27
N LEU A 224 -6.32 -0.44 20.36
CA LEU A 224 -7.17 -1.64 20.16
C LEU A 224 -6.37 -2.91 20.46
N THR A 225 -5.45 -2.83 21.37
CA THR A 225 -4.62 -4.03 21.71
C THR A 225 -4.60 -4.19 23.23
N GLY A 226 -4.35 -5.39 23.71
CA GLY A 226 -4.29 -5.63 25.17
C GLY A 226 -5.71 -5.89 25.68
N ASP A 227 -6.14 -5.15 26.66
CA ASP A 227 -7.53 -5.34 27.19
C ASP A 227 -8.56 -4.73 26.23
N LYS A 228 -8.14 -3.88 25.32
CA LYS A 228 -9.12 -3.25 24.38
C LYS A 228 -9.13 -4.00 23.04
N ALA A 229 -8.56 -5.18 22.98
CA ALA A 229 -8.54 -5.93 21.70
C ALA A 229 -9.98 -6.37 21.35
N MET A 230 -10.37 -6.23 20.10
CA MET A 230 -11.74 -6.63 19.74
C MET A 230 -11.97 -8.05 20.24
N THR A 231 -13.01 -8.65 19.79
CA THR A 231 -13.32 -10.05 20.21
C THR A 231 -14.14 -10.76 19.10
N ALA A 232 -14.00 -12.07 19.02
CA ALA A 232 -14.72 -12.89 18.02
C ALA A 232 -14.56 -14.36 18.39
N ALA A 233 -15.54 -15.19 18.12
CA ALA A 233 -15.42 -16.62 18.48
C ALA A 233 -15.48 -17.48 17.22
N VAL A 234 -14.80 -18.59 17.23
CA VAL A 234 -14.79 -19.48 16.05
C VAL A 234 -16.21 -19.67 15.57
N GLY A 235 -16.42 -19.53 14.30
CA GLY A 235 -17.80 -19.68 13.75
C GLY A 235 -18.54 -18.32 13.69
N GLU A 236 -17.91 -17.25 14.12
CA GLU A 236 -18.58 -15.92 14.10
C GLU A 236 -18.15 -15.17 12.83
N LYS A 237 -19.08 -14.49 12.23
CA LYS A 237 -18.80 -13.73 11.00
C LYS A 237 -18.66 -12.28 11.42
N VAL A 238 -17.62 -11.65 11.04
CA VAL A 238 -17.44 -10.26 11.50
C VAL A 238 -17.02 -9.35 10.36
N LEU A 239 -17.66 -8.23 10.25
CA LEU A 239 -17.33 -7.25 9.20
C LEU A 239 -16.46 -6.16 9.82
N ILE A 240 -15.33 -5.88 9.24
CA ILE A 240 -14.42 -4.86 9.79
C ILE A 240 -14.28 -3.70 8.80
N VAL A 241 -14.92 -2.62 9.10
CA VAL A 241 -14.86 -1.43 8.23
C VAL A 241 -13.63 -0.64 8.61
N HIS A 242 -12.90 -0.20 7.65
CA HIS A 242 -11.66 0.55 7.95
C HIS A 242 -11.64 1.78 7.07
N SER A 243 -11.20 2.87 7.61
CA SER A 243 -11.16 4.13 6.82
C SER A 243 -9.83 4.88 7.02
N GLN A 244 -9.45 5.61 6.02
CA GLN A 244 -8.21 6.44 6.02
C GLN A 244 -8.56 7.67 5.18
N ALA A 245 -8.78 8.77 5.83
CA ALA A 245 -9.24 10.00 5.09
C ALA A 245 -8.12 10.78 4.38
N ASN A 246 -6.89 10.45 4.61
CA ASN A 246 -5.79 11.21 3.94
C ASN A 246 -4.47 10.39 3.90
N ARG A 247 -4.56 9.11 3.66
CA ARG A 247 -3.32 8.27 3.59
C ARG A 247 -3.69 6.85 3.11
N ASP A 248 -2.98 6.28 2.16
CA ASP A 248 -3.35 4.89 1.71
C ASP A 248 -2.81 3.82 2.68
N THR A 249 -3.63 2.85 3.06
CA THR A 249 -3.16 1.78 3.96
C THR A 249 -3.33 0.44 3.25
N ARG A 250 -3.10 -0.61 3.96
CA ARG A 250 -3.24 -1.99 3.38
C ARG A 250 -3.52 -2.96 4.53
N PRO A 251 -4.77 -3.09 4.88
CA PRO A 251 -5.23 -3.95 6.00
C PRO A 251 -4.85 -5.42 5.84
N HIS A 252 -4.59 -6.08 6.94
CA HIS A 252 -4.23 -7.53 6.90
C HIS A 252 -4.47 -8.19 8.29
N LEU A 253 -5.34 -9.18 8.35
CA LEU A 253 -5.61 -9.90 9.63
C LEU A 253 -4.61 -11.04 9.76
N ILE A 254 -3.67 -10.87 10.64
CA ILE A 254 -2.61 -11.88 10.85
C ILE A 254 -3.26 -13.15 11.37
N GLY A 255 -3.07 -14.20 10.68
CA GLY A 255 -3.67 -15.49 11.10
C GLY A 255 -5.01 -15.73 10.38
N GLY A 256 -5.57 -14.72 9.75
CA GLY A 256 -6.86 -14.93 9.05
C GLY A 256 -6.78 -14.34 7.64
N HIS A 257 -7.90 -13.95 7.10
CA HIS A 257 -7.90 -13.37 5.73
C HIS A 257 -9.28 -12.75 5.44
N GLY A 258 -9.34 -11.84 4.53
CA GLY A 258 -10.64 -11.18 4.19
C GLY A 258 -11.39 -12.11 3.24
N ASP A 259 -12.34 -12.82 3.75
CA ASP A 259 -13.10 -13.77 2.89
C ASP A 259 -13.67 -13.00 1.72
N TYR A 260 -14.37 -11.96 2.03
CA TYR A 260 -14.96 -11.08 0.98
C TYR A 260 -14.57 -9.66 1.35
N VAL A 261 -13.94 -8.94 0.47
CA VAL A 261 -13.50 -7.57 0.86
C VAL A 261 -13.84 -6.54 -0.21
N TRP A 262 -14.77 -5.68 0.09
CA TRP A 262 -15.11 -4.58 -0.86
C TRP A 262 -14.02 -3.55 -0.67
N ALA A 263 -12.94 -3.75 -1.35
CA ALA A 263 -11.73 -2.87 -1.16
C ALA A 263 -12.10 -1.44 -1.42
N THR A 264 -12.82 -1.23 -2.45
CA THR A 264 -13.21 0.16 -2.82
C THR A 264 -14.27 0.69 -1.85
N GLY A 265 -14.81 -0.15 -1.01
CA GLY A 265 -15.86 0.33 -0.04
C GLY A 265 -17.23 0.58 -0.74
N LYS A 266 -17.44 0.00 -1.89
CA LYS A 266 -18.72 0.17 -2.62
C LYS A 266 -19.38 -1.21 -2.71
N PHE A 267 -20.60 -1.31 -2.34
CA PHE A 267 -21.28 -2.65 -2.36
C PHE A 267 -21.59 -3.07 -3.80
N ASN A 268 -21.97 -2.14 -4.62
CA ASN A 268 -22.30 -2.48 -6.04
C ASN A 268 -21.09 -3.15 -6.69
N THR A 269 -19.92 -2.77 -6.30
CA THR A 269 -18.70 -3.37 -6.90
C THR A 269 -18.42 -4.71 -6.22
N PRO A 270 -18.44 -5.76 -6.99
CA PRO A 270 -18.21 -7.14 -6.45
C PRO A 270 -17.04 -7.19 -5.45
N PRO A 271 -17.19 -7.89 -4.35
CA PRO A 271 -16.10 -7.97 -3.32
C PRO A 271 -14.99 -8.99 -3.64
N ASP A 272 -13.73 -8.58 -3.74
CA ASP A 272 -12.67 -9.58 -4.00
C ASP A 272 -12.87 -10.70 -3.00
N VAL A 273 -12.17 -11.78 -3.14
CA VAL A 273 -12.37 -12.90 -2.17
C VAL A 273 -11.02 -13.59 -1.86
N ASP A 274 -10.91 -14.13 -0.68
CA ASP A 274 -9.66 -14.84 -0.29
C ASP A 274 -8.56 -13.82 -0.32
N GLN A 275 -8.74 -12.74 0.40
CA GLN A 275 -7.68 -11.68 0.35
C GLN A 275 -6.71 -11.75 1.55
N GLU A 276 -5.41 -11.80 1.29
CA GLU A 276 -4.43 -11.79 2.42
C GLU A 276 -4.20 -10.33 2.90
N THR A 277 -4.14 -9.38 1.99
CA THR A 277 -3.91 -7.96 2.36
C THR A 277 -4.61 -7.10 1.32
N TRP A 278 -5.50 -6.27 1.73
CA TRP A 278 -6.25 -5.45 0.74
C TRP A 278 -5.57 -4.10 0.59
N PHE A 279 -6.24 -3.18 -0.01
CA PHE A 279 -5.65 -1.83 -0.20
C PHE A 279 -6.75 -0.75 -0.26
N ILE A 280 -6.72 0.18 0.66
CA ILE A 280 -7.71 1.28 0.68
C ILE A 280 -6.96 2.59 0.50
N PRO A 281 -7.23 3.28 -0.57
CA PRO A 281 -6.53 4.55 -0.91
C PRO A 281 -6.95 5.75 -0.05
N GLY A 282 -5.99 6.52 0.41
CA GLY A 282 -6.32 7.71 1.21
C GLY A 282 -7.59 8.33 0.64
N GLY A 283 -8.45 8.78 1.49
CA GLY A 283 -9.73 9.37 1.04
C GLY A 283 -10.76 8.26 0.75
N ALA A 284 -10.71 7.15 1.45
CA ALA A 284 -11.73 6.09 1.15
C ALA A 284 -11.84 5.05 2.27
N ALA A 285 -13.01 4.50 2.48
CA ALA A 285 -13.17 3.45 3.54
C ALA A 285 -13.64 2.13 2.89
N GLY A 286 -13.06 1.02 3.27
CA GLY A 286 -13.48 -0.28 2.66
C GLY A 286 -14.13 -1.15 3.72
N ALA A 287 -14.31 -2.42 3.44
CA ALA A 287 -14.95 -3.33 4.42
C ALA A 287 -14.58 -4.78 4.11
N ALA A 288 -14.22 -5.54 5.10
CA ALA A 288 -13.85 -6.96 4.88
C ALA A 288 -14.71 -7.84 5.79
N PHE A 289 -15.18 -8.94 5.28
CA PHE A 289 -16.03 -9.85 6.08
C PHE A 289 -15.32 -11.19 6.20
N TYR A 290 -15.14 -11.69 7.38
CA TYR A 290 -14.41 -12.97 7.52
C TYR A 290 -14.99 -13.80 8.67
N THR A 291 -15.11 -15.07 8.44
CA THR A 291 -15.62 -16.00 9.48
C THR A 291 -14.42 -16.63 10.18
N PHE A 292 -14.31 -16.39 11.45
CA PHE A 292 -13.15 -16.92 12.22
C PHE A 292 -13.24 -18.43 12.32
N GLN A 293 -12.14 -19.09 12.11
CA GLN A 293 -12.12 -20.59 12.20
C GLN A 293 -11.14 -21.09 13.28
N GLN A 294 -10.27 -20.24 13.81
CA GLN A 294 -9.31 -20.71 14.85
C GLN A 294 -9.27 -19.72 16.00
N PRO A 295 -9.22 -20.22 17.20
CA PRO A 295 -9.18 -19.38 18.44
C PRO A 295 -7.76 -18.94 18.78
N GLY A 296 -7.65 -17.86 19.48
CA GLY A 296 -6.29 -17.37 19.85
C GLY A 296 -6.22 -15.86 19.62
N ILE A 297 -5.06 -15.29 19.71
CA ILE A 297 -4.92 -13.83 19.50
C ILE A 297 -4.42 -13.55 18.06
N TYR A 298 -5.10 -12.68 17.36
CA TYR A 298 -4.68 -12.34 15.97
C TYR A 298 -4.48 -10.83 15.88
N ALA A 299 -3.46 -10.40 15.19
CA ALA A 299 -3.20 -8.95 15.07
C ALA A 299 -3.76 -8.49 13.74
N TYR A 300 -4.26 -7.30 13.69
CA TYR A 300 -4.83 -6.82 12.41
C TYR A 300 -4.22 -5.48 12.15
N VAL A 301 -3.46 -5.33 11.12
CA VAL A 301 -2.83 -4.00 10.99
C VAL A 301 -2.39 -3.69 9.57
N ASN A 302 -1.97 -2.48 9.41
CA ASN A 302 -1.48 -2.01 8.10
C ASN A 302 -0.26 -2.83 7.81
N HIS A 303 -0.22 -3.42 6.67
CA HIS A 303 0.94 -4.30 6.40
C HIS A 303 2.18 -3.47 6.46
N ASN A 304 2.23 -2.34 5.82
CA ASN A 304 3.50 -1.58 6.03
C ASN A 304 4.01 -1.97 7.46
N LEU A 305 4.79 -3.03 7.58
CA LEU A 305 5.23 -3.52 8.92
C LEU A 305 5.76 -2.36 9.71
N ILE A 306 6.54 -1.57 9.09
CA ILE A 306 7.11 -0.38 9.80
C ILE A 306 5.97 0.45 10.35
N GLU A 307 5.01 0.76 9.51
CA GLU A 307 3.84 1.55 9.98
C GLU A 307 3.03 0.75 11.06
N ALA A 308 3.00 -0.55 10.98
CA ALA A 308 2.21 -1.34 11.99
C ALA A 308 3.00 -1.64 13.30
N PHE A 309 4.31 -1.74 13.29
CA PHE A 309 5.01 -2.06 14.56
C PHE A 309 5.83 -0.88 15.06
N GLU A 310 6.40 -0.13 14.17
CA GLU A 310 7.22 1.04 14.59
C GLU A 310 6.38 2.33 14.73
N LEU A 311 5.30 2.48 13.99
CA LEU A 311 4.51 3.75 14.10
C LEU A 311 3.36 3.54 15.08
N GLY A 312 2.66 2.46 14.94
CA GLY A 312 1.51 2.18 15.85
C GLY A 312 0.23 1.78 15.06
N ALA A 313 0.34 1.14 13.92
CA ALA A 313 -0.89 0.74 13.18
C ALA A 313 -1.14 -0.77 13.38
N ALA A 314 -1.39 -1.21 14.60
CA ALA A 314 -1.63 -2.66 14.81
C ALA A 314 -2.58 -2.90 16.00
N ALA A 315 -3.70 -3.54 15.76
CA ALA A 315 -4.65 -3.83 16.87
C ALA A 315 -4.67 -5.34 17.05
N HIS A 316 -5.49 -5.85 17.93
CA HIS A 316 -5.50 -7.34 18.10
C HIS A 316 -6.90 -7.87 18.47
N PHE A 317 -7.31 -8.96 17.84
CA PHE A 317 -8.65 -9.56 18.18
C PHE A 317 -8.45 -10.90 18.95
N LYS A 318 -9.09 -11.03 20.10
CA LYS A 318 -8.99 -12.25 20.91
C LYS A 318 -10.18 -13.08 20.51
N VAL A 319 -9.94 -14.30 20.20
CA VAL A 319 -11.04 -15.15 19.73
C VAL A 319 -11.11 -16.39 20.57
N THR A 320 -12.28 -16.77 20.92
CA THR A 320 -12.45 -17.99 21.76
C THR A 320 -13.03 -19.13 20.92
N GLY A 321 -12.82 -20.36 21.32
CA GLY A 321 -13.37 -21.50 20.53
C GLY A 321 -12.43 -22.70 20.62
N GLU A 322 -12.62 -23.66 19.75
CA GLU A 322 -11.75 -24.87 19.77
C GLU A 322 -10.81 -24.82 18.56
N TRP A 323 -9.58 -25.17 18.79
CA TRP A 323 -8.58 -25.16 17.70
C TRP A 323 -8.93 -26.25 16.71
N ASN A 324 -8.54 -26.05 15.50
CA ASN A 324 -8.82 -27.04 14.43
C ASN A 324 -7.50 -27.48 13.85
N ASP A 325 -7.08 -28.67 14.16
CA ASP A 325 -5.77 -29.16 13.67
C ASP A 325 -5.81 -29.33 12.16
N ASP A 326 -6.92 -29.73 11.64
CA ASP A 326 -7.03 -29.92 10.16
C ASP A 326 -6.48 -28.68 9.46
N LEU A 327 -6.87 -27.53 9.90
CA LEU A 327 -6.39 -26.27 9.29
C LEU A 327 -4.91 -26.06 9.61
N MET A 328 -4.46 -26.33 10.82
CA MET A 328 -3.03 -26.10 11.12
C MET A 328 -2.63 -26.86 12.37
N THR A 329 -1.51 -27.53 12.34
CA THR A 329 -1.07 -28.28 13.55
C THR A 329 0.47 -28.32 13.64
N SER A 330 1.03 -28.08 14.80
CA SER A 330 2.52 -28.13 14.95
C SER A 330 2.93 -29.59 15.08
N VAL A 331 3.39 -30.18 14.02
CA VAL A 331 3.79 -31.61 14.08
C VAL A 331 4.94 -31.75 15.04
N LEU A 332 5.92 -30.92 14.89
CA LEU A 332 7.08 -30.97 15.82
C LEU A 332 7.31 -29.57 16.43
N ALA A 333 6.98 -29.39 17.69
CA ALA A 333 7.18 -28.05 18.32
C ALA A 333 8.66 -27.72 18.34
N PRO A 334 9.00 -26.46 18.37
CA PRO A 334 10.40 -26.00 18.40
C PRO A 334 11.26 -26.79 19.40
N SER A 335 12.30 -27.42 18.95
CA SER A 335 13.15 -28.21 19.89
C SER A 335 14.50 -28.46 19.25
N GLY A 336 15.45 -28.90 20.03
CA GLY A 336 16.81 -29.17 19.47
C GLY A 336 16.68 -29.97 18.17
N ALA B 1 -2.20 -8.65 -40.05
CA ALA B 1 -2.32 -8.04 -41.40
C ALA B 1 -0.93 -7.98 -42.06
N THR B 2 -0.87 -8.16 -43.35
CA THR B 2 0.44 -8.10 -44.04
C THR B 2 0.74 -6.66 -44.42
N ALA B 3 1.94 -6.40 -44.86
CA ALA B 3 2.30 -5.01 -45.24
C ALA B 3 1.35 -4.48 -46.33
N ALA B 4 1.03 -5.28 -47.31
CA ALA B 4 0.12 -4.81 -48.40
C ALA B 4 -1.23 -4.38 -47.81
N GLU B 5 -1.72 -5.12 -46.86
CA GLU B 5 -3.04 -4.76 -46.26
C GLU B 5 -2.91 -3.46 -45.47
N ILE B 6 -1.88 -3.35 -44.68
CA ILE B 6 -1.70 -2.10 -43.88
C ILE B 6 -1.55 -0.91 -44.82
N ALA B 7 -0.83 -1.07 -45.90
CA ALA B 7 -0.63 0.06 -46.86
C ALA B 7 -1.97 0.48 -47.50
N ALA B 8 -2.90 -0.44 -47.66
CA ALA B 8 -4.21 -0.08 -48.31
C ALA B 8 -5.22 0.50 -47.29
N LEU B 9 -4.88 0.64 -46.04
CA LEU B 9 -5.87 1.21 -45.06
C LEU B 9 -5.87 2.75 -45.14
N PRO B 10 -7.02 3.35 -44.97
CA PRO B 10 -7.16 4.85 -45.01
C PRO B 10 -6.33 5.56 -43.93
N ARG B 11 -5.69 6.65 -44.28
CA ARG B 11 -4.87 7.40 -43.28
C ARG B 11 -5.64 8.67 -42.89
N GLN B 12 -5.62 9.01 -41.64
CA GLN B 12 -6.33 10.22 -41.16
C GLN B 12 -5.41 11.02 -40.25
N LYS B 13 -5.05 12.20 -40.68
CA LYS B 13 -4.14 13.05 -39.88
C LYS B 13 -4.98 13.75 -38.84
N VAL B 14 -4.48 13.84 -37.66
CA VAL B 14 -5.27 14.49 -36.58
C VAL B 14 -4.46 15.61 -35.90
N GLU B 15 -5.05 16.77 -35.80
CA GLU B 15 -4.38 17.91 -35.14
C GLU B 15 -4.63 17.76 -33.65
N LEU B 16 -3.59 17.76 -32.89
CA LEU B 16 -3.76 17.56 -31.42
C LEU B 16 -3.99 18.90 -30.72
N VAL B 17 -4.69 18.87 -29.62
CA VAL B 17 -4.95 20.11 -28.88
C VAL B 17 -4.11 20.07 -27.60
N ASP B 18 -4.23 21.04 -26.77
CA ASP B 18 -3.42 21.01 -25.52
C ASP B 18 -4.31 20.68 -24.30
N PRO B 19 -3.90 19.75 -23.46
CA PRO B 19 -4.67 19.38 -22.26
C PRO B 19 -5.22 20.62 -21.54
N PRO B 20 -6.28 20.47 -20.78
CA PRO B 20 -6.95 19.15 -20.58
C PRO B 20 -7.92 18.78 -21.73
N PHE B 21 -8.02 19.61 -22.73
CA PHE B 21 -8.94 19.31 -23.86
C PHE B 21 -8.42 18.11 -24.63
N VAL B 22 -9.27 17.57 -25.46
CA VAL B 22 -8.91 16.40 -26.28
C VAL B 22 -9.35 16.68 -27.71
N HIS B 23 -8.58 16.24 -28.64
CA HIS B 23 -8.90 16.48 -30.07
C HIS B 23 -10.24 15.85 -30.42
N ALA B 24 -10.82 16.31 -31.47
CA ALA B 24 -12.13 15.76 -31.92
C ALA B 24 -11.97 14.30 -32.29
N HIS B 25 -12.94 13.51 -31.93
CA HIS B 25 -12.91 12.06 -32.22
C HIS B 25 -14.31 11.49 -31.97
N SER B 26 -14.62 10.37 -32.54
CA SER B 26 -15.96 9.78 -32.34
C SER B 26 -15.84 8.60 -31.39
N GLN B 27 -16.76 8.46 -30.50
CA GLN B 27 -16.68 7.33 -29.53
C GLN B 27 -16.74 6.06 -30.33
N VAL B 28 -17.81 5.88 -31.02
CA VAL B 28 -17.95 4.68 -31.89
C VAL B 28 -17.07 4.90 -33.13
N ALA B 29 -16.31 3.92 -33.50
CA ALA B 29 -15.40 4.06 -34.67
C ALA B 29 -16.22 4.23 -35.95
N GLU B 30 -15.81 5.13 -36.79
CA GLU B 30 -16.53 5.36 -38.08
C GLU B 30 -15.72 4.71 -39.20
N GLY B 31 -16.16 3.58 -39.69
CA GLY B 31 -15.41 2.89 -40.76
C GLY B 31 -14.53 1.80 -40.13
N GLY B 32 -13.76 1.09 -40.93
CA GLY B 32 -12.89 0.01 -40.38
C GLY B 32 -11.58 0.63 -39.85
N PRO B 33 -10.57 -0.19 -39.67
CA PRO B 33 -9.24 0.25 -39.16
C PRO B 33 -8.59 1.32 -40.03
N LYS B 34 -7.97 2.29 -39.42
CA LYS B 34 -7.29 3.38 -40.20
C LYS B 34 -5.99 3.83 -39.50
N VAL B 35 -4.96 4.08 -40.28
CA VAL B 35 -3.66 4.56 -39.74
C VAL B 35 -3.81 6.02 -39.36
N VAL B 36 -3.85 6.24 -38.09
CA VAL B 36 -4.01 7.59 -37.55
C VAL B 36 -2.65 8.20 -37.51
N GLU B 37 -2.59 9.40 -37.91
CA GLU B 37 -1.25 10.07 -37.97
C GLU B 37 -1.21 11.26 -37.02
N PHE B 38 -0.22 11.29 -36.18
CA PHE B 38 -0.06 12.44 -35.23
C PHE B 38 1.42 12.88 -35.20
N THR B 39 1.69 14.16 -35.15
CA THR B 39 3.11 14.62 -35.13
C THR B 39 3.32 15.53 -33.92
N MET B 40 4.34 15.28 -33.14
CA MET B 40 4.60 16.13 -31.95
C MET B 40 6.09 16.51 -31.85
N VAL B 41 6.37 17.78 -31.73
CA VAL B 41 7.76 18.26 -31.60
C VAL B 41 8.03 18.42 -30.11
N ILE B 42 9.15 17.99 -29.68
CA ILE B 42 9.48 18.06 -28.24
C ILE B 42 10.19 19.36 -27.97
N GLU B 43 9.82 20.03 -26.93
CA GLU B 43 10.50 21.34 -26.66
C GLU B 43 10.99 21.41 -25.22
N GLU B 44 12.28 21.38 -24.99
CA GLU B 44 12.78 21.50 -23.59
C GLU B 44 12.85 22.99 -23.23
N LYS B 45 11.96 23.49 -22.40
CA LYS B 45 12.02 24.92 -22.09
C LYS B 45 11.81 25.12 -20.61
N LYS B 46 11.68 26.33 -20.22
CA LYS B 46 11.45 26.64 -18.79
C LYS B 46 10.00 27.05 -18.55
N ILE B 47 9.35 26.39 -17.62
CA ILE B 47 7.94 26.71 -17.30
C ILE B 47 7.81 26.95 -15.79
N VAL B 48 6.90 27.79 -15.42
CA VAL B 48 6.69 28.11 -14.01
C VAL B 48 5.71 27.11 -13.50
N ILE B 49 5.83 26.76 -12.29
CA ILE B 49 4.89 25.72 -11.75
C ILE B 49 4.03 26.24 -10.59
N ASP B 50 4.34 27.36 -10.01
CA ASP B 50 3.51 27.85 -8.88
C ASP B 50 3.36 29.35 -8.98
N ASP B 51 2.74 29.95 -8.00
CA ASP B 51 2.54 31.42 -8.02
C ASP B 51 3.84 32.13 -7.62
N ALA B 52 4.66 31.49 -6.82
CA ALA B 52 5.94 32.13 -6.39
C ALA B 52 6.91 32.31 -7.58
N GLY B 53 6.67 31.65 -8.68
CA GLY B 53 7.61 31.80 -9.85
C GLY B 53 8.63 30.64 -9.92
N THR B 54 8.41 29.56 -9.20
CA THR B 54 9.35 28.42 -9.25
C THR B 54 9.46 27.98 -10.69
N GLU B 55 10.64 27.72 -11.15
CA GLU B 55 10.78 27.32 -12.59
C GLU B 55 11.43 25.94 -12.73
N VAL B 56 10.91 25.15 -13.64
CA VAL B 56 11.49 23.79 -13.90
C VAL B 56 11.74 23.59 -15.43
N HIS B 57 12.95 23.22 -15.80
CA HIS B 57 13.30 23.00 -17.22
C HIS B 57 12.53 21.79 -17.67
N ALA B 58 11.38 22.02 -18.18
CA ALA B 58 10.50 20.90 -18.59
C ALA B 58 10.85 20.37 -19.97
N MET B 59 10.64 19.10 -20.14
CA MET B 59 10.87 18.41 -21.43
C MET B 59 9.48 18.10 -21.83
N ALA B 60 9.01 18.69 -22.85
CA ALA B 60 7.58 18.50 -23.09
C ALA B 60 7.29 18.13 -24.49
N PHE B 61 6.55 17.10 -24.59
CA PHE B 61 6.09 16.65 -25.93
C PHE B 61 4.96 17.58 -26.38
N ASN B 62 5.08 18.20 -27.53
CA ASN B 62 4.00 19.14 -27.97
C ASN B 62 4.08 20.47 -27.18
N GLY B 63 5.16 20.73 -26.46
CA GLY B 63 5.27 21.99 -25.69
C GLY B 63 4.27 22.04 -24.52
N THR B 64 3.75 20.92 -24.05
CA THR B 64 2.79 21.04 -22.88
C THR B 64 2.90 19.84 -21.90
N VAL B 65 2.95 20.12 -20.59
CA VAL B 65 2.97 19.04 -19.59
C VAL B 65 1.58 18.98 -18.96
N PRO B 66 0.92 17.87 -19.08
CA PRO B 66 1.46 16.67 -19.76
C PRO B 66 1.19 16.68 -21.27
N GLY B 67 2.00 15.97 -22.02
CA GLY B 67 1.77 15.91 -23.48
C GLY B 67 0.28 15.83 -23.76
N PRO B 68 -0.09 15.90 -25.00
CA PRO B 68 -1.52 15.85 -25.42
C PRO B 68 -2.06 14.41 -25.47
N LEU B 69 -3.35 14.24 -25.27
CA LEU B 69 -3.93 12.87 -25.31
C LEU B 69 -4.35 12.49 -26.74
N MET B 70 -3.73 11.48 -27.31
CA MET B 70 -4.08 11.03 -28.66
C MET B 70 -5.19 10.02 -28.51
N VAL B 71 -6.09 9.99 -29.43
CA VAL B 71 -7.24 9.04 -29.29
C VAL B 71 -7.52 8.30 -30.61
N VAL B 72 -7.43 7.01 -30.56
CA VAL B 72 -7.73 6.16 -31.73
C VAL B 72 -8.59 4.98 -31.25
N HIS B 73 -9.00 4.11 -32.12
CA HIS B 73 -9.84 2.97 -31.70
C HIS B 73 -8.99 1.71 -31.68
N GLN B 74 -9.51 0.68 -31.10
CA GLN B 74 -8.76 -0.60 -31.03
C GLN B 74 -8.64 -1.18 -32.42
N ASP B 75 -7.48 -1.60 -32.78
CA ASP B 75 -7.27 -2.16 -34.14
C ASP B 75 -6.58 -1.12 -35.02
N ASP B 76 -6.93 0.14 -34.86
CA ASP B 76 -6.31 1.21 -35.68
C ASP B 76 -4.82 1.34 -35.31
N TYR B 77 -4.00 1.70 -36.26
CA TYR B 77 -2.55 1.85 -36.00
C TYR B 77 -2.23 3.34 -35.78
N LEU B 78 -1.49 3.61 -34.75
CA LEU B 78 -1.10 5.00 -34.41
C LEU B 78 0.29 5.23 -34.98
N GLU B 79 0.40 6.19 -35.83
CA GLU B 79 1.70 6.49 -36.48
C GLU B 79 2.09 7.85 -36.01
N LEU B 80 3.13 7.92 -35.27
CA LEU B 80 3.52 9.26 -34.72
C LEU B 80 4.89 9.73 -35.19
N THR B 81 4.91 10.85 -35.86
CA THR B 81 6.21 11.46 -36.31
C THR B 81 6.70 12.37 -35.17
N LEU B 82 7.77 12.00 -34.53
CA LEU B 82 8.29 12.76 -33.40
C LEU B 82 9.46 13.52 -33.92
N ILE B 83 9.62 14.68 -33.44
CA ILE B 83 10.73 15.54 -33.92
C ILE B 83 11.43 16.23 -32.76
N ASN B 84 12.71 16.07 -32.68
CA ASN B 84 13.52 16.70 -31.60
C ASN B 84 14.36 17.81 -32.26
N PRO B 85 13.89 19.01 -32.17
CA PRO B 85 14.53 20.21 -32.78
C PRO B 85 15.99 20.36 -32.41
N GLU B 86 16.76 20.94 -33.29
CA GLU B 86 18.21 21.14 -33.00
C GLU B 86 18.38 22.08 -31.79
N THR B 87 17.42 22.93 -31.52
CA THR B 87 17.55 23.87 -30.37
C THR B 87 17.66 23.08 -29.05
N ASN B 88 17.12 21.90 -28.99
CA ASN B 88 17.18 21.10 -27.74
C ASN B 88 18.62 20.62 -27.52
N THR B 89 18.92 20.14 -26.34
CA THR B 89 20.31 19.66 -26.06
C THR B 89 20.34 18.19 -25.55
N LEU B 90 19.23 17.47 -25.48
CA LEU B 90 19.31 16.05 -24.99
C LEU B 90 18.53 15.10 -25.91
N MET B 91 19.05 13.91 -26.15
CA MET B 91 18.33 12.94 -27.02
C MET B 91 17.13 12.39 -26.25
N HIS B 92 16.01 12.21 -26.90
CA HIS B 92 14.82 11.69 -26.20
C HIS B 92 14.39 10.34 -26.78
N ASN B 93 13.12 10.06 -26.68
CA ASN B 93 12.56 8.78 -27.20
C ASN B 93 11.14 8.62 -26.62
N ILE B 94 10.27 7.87 -27.27
CA ILE B 94 8.88 7.74 -26.71
C ILE B 94 8.52 6.25 -26.52
N ASP B 95 8.02 5.91 -25.36
CA ASP B 95 7.59 4.51 -25.09
C ASP B 95 6.09 4.51 -24.76
N PHE B 96 5.26 4.04 -25.65
CA PHE B 96 3.79 4.03 -25.39
C PHE B 96 3.38 2.71 -24.74
N HIS B 97 2.91 2.79 -23.53
CA HIS B 97 2.45 1.56 -22.80
C HIS B 97 1.43 0.78 -23.67
N ALA B 98 0.71 1.45 -24.54
CA ALA B 98 -0.32 0.73 -25.37
C ALA B 98 0.29 0.03 -26.60
N ALA B 99 1.59 -0.01 -26.72
CA ALA B 99 2.21 -0.69 -27.89
C ALA B 99 2.91 -1.96 -27.42
N THR B 100 3.29 -2.81 -28.32
CA THR B 100 3.97 -4.08 -27.90
C THR B 100 5.25 -4.32 -28.72
N GLY B 101 6.40 -4.25 -28.10
CA GLY B 101 7.70 -4.53 -28.81
C GLY B 101 8.66 -3.30 -28.79
N ALA B 102 9.93 -3.50 -28.49
CA ALA B 102 10.89 -2.34 -28.51
C ALA B 102 10.65 -1.42 -27.31
N LEU B 103 10.55 -1.99 -26.15
CA LEU B 103 10.35 -1.15 -24.93
C LEU B 103 9.23 -0.12 -25.16
N GLY B 104 8.17 -0.51 -25.80
CA GLY B 104 7.04 0.45 -26.04
C GLY B 104 7.43 1.48 -27.12
N GLY B 105 8.34 1.13 -27.98
CA GLY B 105 8.75 2.10 -29.06
C GLY B 105 9.96 2.95 -28.64
N GLY B 106 10.43 2.83 -27.43
CA GLY B 106 11.60 3.65 -26.99
C GLY B 106 12.89 3.14 -27.64
N GLY B 107 12.96 1.88 -27.99
CA GLY B 107 14.20 1.33 -28.61
C GLY B 107 14.29 1.71 -30.10
N LEU B 108 13.21 2.16 -30.69
CA LEU B 108 13.26 2.53 -32.15
C LEU B 108 12.90 4.02 -32.36
N THR B 109 13.01 4.83 -31.34
CA THR B 109 12.69 6.29 -31.49
C THR B 109 13.75 7.19 -30.81
N GLU B 110 14.94 6.70 -30.55
CA GLU B 110 15.98 7.54 -29.91
C GLU B 110 16.44 8.58 -30.94
N ILE B 111 16.12 9.81 -30.72
CA ILE B 111 16.51 10.85 -31.71
C ILE B 111 17.25 11.98 -31.02
N ASN B 112 18.40 12.30 -31.51
CA ASN B 112 19.18 13.40 -30.88
C ASN B 112 18.82 14.71 -31.56
N PRO B 113 19.06 15.81 -30.92
CA PRO B 113 18.76 17.16 -31.48
C PRO B 113 18.99 17.21 -32.99
N GLY B 114 18.02 17.67 -33.73
CA GLY B 114 18.18 17.73 -35.23
C GLY B 114 17.77 16.40 -35.88
N GLU B 115 17.03 15.55 -35.19
CA GLU B 115 16.61 14.26 -35.82
C GLU B 115 15.13 13.95 -35.52
N LYS B 116 14.42 13.37 -36.46
CA LYS B 116 12.98 13.03 -36.23
C LYS B 116 12.71 11.63 -36.82
N THR B 117 11.78 10.90 -36.27
CA THR B 117 11.49 9.55 -36.82
C THR B 117 9.99 9.36 -36.91
N ILE B 118 9.57 8.20 -37.30
CA ILE B 118 8.13 7.91 -37.42
C ILE B 118 7.88 6.47 -36.97
N LEU B 119 7.17 6.28 -35.91
CA LEU B 119 6.93 4.89 -35.42
C LEU B 119 5.43 4.57 -35.52
N ARG B 120 5.12 3.42 -36.04
CA ARG B 120 3.68 3.03 -36.17
C ARG B 120 3.43 1.71 -35.40
N PHE B 121 2.45 1.70 -34.55
CA PHE B 121 2.14 0.46 -33.77
C PHE B 121 0.63 0.20 -33.80
N LYS B 122 0.26 -1.04 -33.74
CA LYS B 122 -1.18 -1.42 -33.76
C LYS B 122 -1.72 -1.36 -32.34
N ALA B 123 -2.80 -0.67 -32.20
CA ALA B 123 -3.46 -0.50 -30.89
C ALA B 123 -4.30 -1.73 -30.71
N THR B 124 -3.74 -2.68 -30.08
CA THR B 124 -4.47 -4.00 -29.95
C THR B 124 -5.30 -4.13 -28.67
N LYS B 125 -5.20 -3.22 -27.75
CA LYS B 125 -5.99 -3.33 -26.50
C LYS B 125 -6.69 -2.01 -26.22
N PRO B 126 -7.92 -2.08 -25.78
CA PRO B 126 -8.72 -0.87 -25.47
C PRO B 126 -8.48 -0.32 -24.06
N GLY B 127 -8.28 0.97 -23.92
CA GLY B 127 -8.05 1.53 -22.56
C GLY B 127 -7.05 2.69 -22.61
N VAL B 128 -7.10 3.54 -21.62
CA VAL B 128 -6.17 4.70 -21.58
C VAL B 128 -4.83 4.18 -21.11
N PHE B 129 -3.78 4.72 -21.63
CA PHE B 129 -2.44 4.23 -21.24
C PHE B 129 -1.53 5.42 -21.18
N VAL B 130 -0.49 5.34 -20.44
CA VAL B 130 0.44 6.52 -20.35
C VAL B 130 1.72 6.35 -21.21
N TYR B 131 2.04 7.34 -22.04
CA TYR B 131 3.28 7.29 -22.84
C TYR B 131 4.30 8.19 -22.14
N HIS B 132 5.56 7.97 -22.34
CA HIS B 132 6.57 8.82 -21.64
C HIS B 132 7.97 8.55 -22.22
N CYS B 133 8.80 9.58 -22.33
CA CYS B 133 10.16 9.40 -22.88
C CYS B 133 11.02 8.64 -21.88
N ALA B 134 11.94 7.82 -22.32
CA ALA B 134 12.76 7.06 -21.35
C ALA B 134 14.12 6.69 -21.95
N PRO B 135 14.99 7.65 -22.09
CA PRO B 135 16.35 7.41 -22.63
C PRO B 135 17.19 6.55 -21.68
N PRO B 136 17.70 5.44 -22.14
CA PRO B 136 18.51 4.52 -21.30
C PRO B 136 19.50 5.25 -20.36
N GLY B 137 19.35 5.08 -19.06
CA GLY B 137 20.29 5.75 -18.11
C GLY B 137 19.70 7.06 -17.53
N MET B 138 18.68 7.63 -18.13
CA MET B 138 18.13 8.90 -17.59
C MET B 138 16.62 8.87 -17.73
N VAL B 139 16.04 7.75 -17.42
CA VAL B 139 14.55 7.62 -17.54
C VAL B 139 13.82 8.55 -16.56
N PRO B 140 13.92 8.26 -15.28
CA PRO B 140 13.24 9.03 -14.20
C PRO B 140 13.39 10.53 -14.34
N TRP B 141 14.52 10.97 -14.81
CA TRP B 141 14.73 12.44 -14.96
C TRP B 141 13.82 13.00 -16.05
N HIS B 142 13.82 12.37 -17.20
CA HIS B 142 12.97 12.86 -18.33
C HIS B 142 11.47 12.80 -17.96
N VAL B 143 11.04 11.79 -17.26
CA VAL B 143 9.59 11.68 -16.91
C VAL B 143 9.21 12.73 -15.87
N VAL B 144 10.01 12.87 -14.85
CA VAL B 144 9.69 13.87 -13.79
C VAL B 144 9.73 15.26 -14.39
N SER B 145 10.59 15.47 -15.35
CA SER B 145 10.68 16.81 -15.99
C SER B 145 9.38 17.15 -16.74
N GLY B 146 8.44 16.22 -16.80
CA GLY B 146 7.17 16.49 -17.51
C GLY B 146 7.19 15.89 -18.93
N MET B 147 7.97 14.86 -19.17
CA MET B 147 7.98 14.26 -20.54
C MET B 147 7.09 13.02 -20.54
N ASN B 148 5.80 13.21 -20.42
CA ASN B 148 4.87 12.05 -20.41
C ASN B 148 3.42 12.53 -20.55
N GLY B 149 2.60 11.74 -21.16
CA GLY B 149 1.16 12.10 -21.36
C GLY B 149 0.31 10.81 -21.35
N ALA B 150 -0.63 10.65 -22.25
CA ALA B 150 -1.44 9.41 -22.26
C ALA B 150 -2.34 9.34 -23.51
N ILE B 151 -2.55 8.16 -24.04
CA ILE B 151 -3.43 8.02 -25.24
C ILE B 151 -4.64 7.15 -24.88
N MET B 152 -5.75 7.34 -25.53
CA MET B 152 -6.95 6.53 -25.21
C MET B 152 -7.40 5.73 -26.45
N VAL B 153 -7.32 4.43 -26.38
CA VAL B 153 -7.74 3.56 -27.50
C VAL B 153 -9.13 3.10 -27.15
N LEU B 154 -10.12 3.67 -27.75
CA LEU B 154 -11.52 3.30 -27.36
C LEU B 154 -12.05 2.12 -28.17
N PRO B 155 -12.79 1.25 -27.52
CA PRO B 155 -13.42 0.09 -28.19
C PRO B 155 -14.14 0.53 -29.46
N ARG B 156 -14.02 -0.22 -30.52
CA ARG B 156 -14.68 0.17 -31.81
C ARG B 156 -16.15 0.51 -31.57
N GLU B 157 -16.78 -0.15 -30.64
CA GLU B 157 -18.22 0.12 -30.37
C GLU B 157 -18.41 1.17 -29.25
N GLY B 158 -17.39 1.93 -28.91
CA GLY B 158 -17.56 2.96 -27.84
C GLY B 158 -17.33 2.34 -26.47
N LEU B 159 -17.66 3.03 -25.43
CA LEU B 159 -17.47 2.47 -24.06
C LEU B 159 -18.80 1.94 -23.48
N HIS B 160 -18.75 0.82 -22.79
CA HIS B 160 -19.97 0.25 -22.17
C HIS B 160 -19.64 -0.13 -20.73
N ASP B 161 -20.62 -0.26 -19.90
CA ASP B 161 -20.38 -0.61 -18.47
C ASP B 161 -19.90 -2.07 -18.36
N GLY B 162 -19.94 -2.62 -17.18
CA GLY B 162 -19.49 -4.04 -17.00
C GLY B 162 -20.58 -5.07 -17.42
N LYS B 163 -21.76 -4.65 -17.80
CA LYS B 163 -22.81 -5.65 -18.20
C LYS B 163 -23.12 -5.54 -19.70
N GLY B 164 -22.53 -4.60 -20.40
CA GLY B 164 -22.81 -4.45 -21.87
C GLY B 164 -23.58 -3.15 -22.22
N LYS B 165 -24.10 -2.42 -21.26
CA LYS B 165 -24.86 -1.18 -21.57
C LYS B 165 -23.91 -0.15 -22.14
N ALA B 166 -24.36 0.63 -23.08
CA ALA B 166 -23.48 1.67 -23.69
C ALA B 166 -23.39 2.93 -22.79
N LEU B 167 -22.18 3.41 -22.60
CA LEU B 167 -21.94 4.63 -21.79
C LEU B 167 -21.34 5.66 -22.74
N THR B 168 -22.03 6.73 -22.97
CA THR B 168 -21.57 7.75 -23.92
C THR B 168 -21.38 9.01 -23.16
N TYR B 169 -20.24 9.57 -23.25
CA TYR B 169 -19.95 10.81 -22.47
C TYR B 169 -20.17 12.06 -23.35
N ASP B 170 -20.73 13.09 -22.78
CA ASP B 170 -20.95 14.34 -23.57
C ASP B 170 -19.61 15.09 -23.75
N LYS B 171 -18.75 15.04 -22.76
CA LYS B 171 -17.44 15.74 -22.87
C LYS B 171 -16.37 14.91 -22.17
N ILE B 172 -15.14 15.15 -22.48
CA ILE B 172 -14.03 14.38 -21.84
C ILE B 172 -12.81 15.28 -21.63
N TYR B 173 -12.24 15.24 -20.46
CA TYR B 173 -11.06 16.07 -20.15
C TYR B 173 -9.94 15.12 -19.70
N TYR B 174 -8.73 15.48 -19.99
CA TYR B 174 -7.58 14.61 -19.61
C TYR B 174 -6.69 15.38 -18.65
N VAL B 175 -6.65 14.96 -17.43
CA VAL B 175 -5.82 15.66 -16.42
C VAL B 175 -4.57 14.84 -16.10
N GLY B 176 -3.45 15.30 -16.57
CA GLY B 176 -2.17 14.60 -16.31
C GLY B 176 -1.56 15.17 -15.03
N GLU B 177 -1.22 14.32 -14.13
CA GLU B 177 -0.65 14.76 -12.85
C GLU B 177 0.83 14.61 -12.96
N GLN B 178 1.55 15.48 -12.36
CA GLN B 178 3.02 15.39 -12.48
C GLN B 178 3.69 15.74 -11.15
N ASP B 179 4.46 14.83 -10.63
CA ASP B 179 5.17 15.10 -9.34
C ASP B 179 6.58 15.60 -9.67
N PHE B 180 6.91 16.80 -9.29
CA PHE B 180 8.25 17.33 -9.58
C PHE B 180 9.11 17.18 -8.34
N TYR B 181 10.34 17.52 -8.49
CA TYR B 181 11.31 17.42 -7.37
C TYR B 181 12.27 18.58 -7.58
N VAL B 182 11.94 19.70 -7.03
CA VAL B 182 12.77 20.90 -7.26
C VAL B 182 13.75 21.13 -6.14
N PRO B 183 14.98 21.30 -6.49
CA PRO B 183 16.07 21.55 -5.49
C PRO B 183 15.88 22.90 -4.75
N ARG B 184 16.18 22.93 -3.47
CA ARG B 184 16.03 24.19 -2.70
C ARG B 184 17.40 24.56 -2.13
N ASP B 185 17.63 25.81 -1.91
CA ASP B 185 18.96 26.24 -1.37
C ASP B 185 18.97 26.08 0.15
N GLU B 186 19.85 26.77 0.82
CA GLU B 186 19.92 26.66 2.30
C GLU B 186 18.70 27.36 2.93
N ASN B 187 18.27 28.45 2.35
CA ASN B 187 17.10 29.19 2.92
C ASN B 187 15.77 28.43 2.64
N GLY B 188 15.83 27.26 2.06
CA GLY B 188 14.55 26.52 1.77
C GLY B 188 13.81 27.10 0.54
N LYS B 189 14.44 27.96 -0.22
CA LYS B 189 13.77 28.52 -1.43
C LYS B 189 14.16 27.69 -2.64
N TYR B 190 13.28 27.59 -3.59
CA TYR B 190 13.58 26.79 -4.80
C TYR B 190 14.75 27.42 -5.54
N LYS B 191 15.54 26.61 -6.18
CA LYS B 191 16.72 27.16 -6.92
C LYS B 191 16.45 27.15 -8.43
N LYS B 192 16.96 28.13 -9.14
CA LYS B 192 16.76 28.19 -10.59
C LYS B 192 18.11 27.97 -11.26
N TYR B 193 18.12 27.46 -12.44
CA TYR B 193 19.41 27.20 -13.11
C TYR B 193 19.38 27.81 -14.50
N GLU B 194 20.47 27.76 -15.18
CA GLU B 194 20.53 28.33 -16.55
C GLU B 194 20.14 27.26 -17.59
N ALA B 195 20.76 26.11 -17.53
CA ALA B 195 20.43 25.05 -18.50
C ALA B 195 19.93 23.80 -17.75
N PRO B 196 19.19 22.97 -18.43
CA PRO B 196 18.62 21.72 -17.83
C PRO B 196 19.69 20.82 -17.20
N GLY B 197 20.87 20.78 -17.76
CA GLY B 197 21.95 19.90 -17.19
C GLY B 197 22.45 20.42 -15.82
N ASP B 198 22.44 21.71 -15.59
CA ASP B 198 22.96 22.25 -14.29
C ASP B 198 22.04 21.83 -13.14
N ALA B 199 20.85 21.40 -13.43
CA ALA B 199 19.92 20.98 -12.34
C ALA B 199 19.77 19.45 -12.29
N TYR B 200 20.64 18.72 -12.92
CA TYR B 200 20.55 17.22 -12.89
C TYR B 200 21.00 16.61 -11.54
N GLU B 201 22.17 16.95 -11.02
CA GLU B 201 22.65 16.31 -9.75
C GLU B 201 21.78 16.74 -8.57
N ASP B 202 21.45 17.99 -8.51
CA ASP B 202 20.62 18.48 -7.37
C ASP B 202 19.22 17.88 -7.45
N THR B 203 18.72 17.65 -8.63
CA THR B 203 17.36 17.06 -8.77
C THR B 203 17.40 15.60 -8.34
N VAL B 204 18.34 14.86 -8.86
CA VAL B 204 18.44 13.43 -8.48
C VAL B 204 18.37 13.31 -6.96
N LYS B 205 19.13 14.12 -6.26
CA LYS B 205 19.10 14.06 -4.77
C LYS B 205 17.65 14.17 -4.27
N VAL B 206 16.91 15.12 -4.78
CA VAL B 206 15.49 15.27 -4.35
C VAL B 206 14.67 14.06 -4.79
N MET B 207 14.90 13.59 -5.99
CA MET B 207 14.12 12.41 -6.48
C MET B 207 14.36 11.18 -5.58
N ARG B 208 15.54 11.03 -5.04
CA ARG B 208 15.82 9.84 -4.18
C ARG B 208 14.95 9.89 -2.93
N THR B 209 14.71 11.06 -2.41
CA THR B 209 13.86 11.18 -1.18
C THR B 209 12.43 10.66 -1.43
N LEU B 210 12.08 10.35 -2.66
CA LEU B 210 10.70 9.86 -2.93
C LEU B 210 9.69 10.85 -2.35
N THR B 211 10.02 12.12 -2.36
CA THR B 211 9.08 13.13 -1.81
C THR B 211 9.04 14.32 -2.76
N PRO B 212 8.03 14.39 -3.57
CA PRO B 212 7.87 15.51 -4.56
C PRO B 212 7.58 16.87 -3.91
N THR B 213 8.29 17.92 -4.29
CA THR B 213 8.03 19.26 -3.70
C THR B 213 6.70 19.81 -4.25
N HIS B 214 6.26 19.37 -5.40
CA HIS B 214 4.98 19.88 -5.97
C HIS B 214 4.32 18.78 -6.82
N VAL B 215 3.06 18.54 -6.59
CA VAL B 215 2.35 17.50 -7.37
C VAL B 215 1.19 18.23 -7.97
N VAL B 216 1.12 18.34 -9.26
CA VAL B 216 0.01 19.17 -9.76
C VAL B 216 -0.62 18.61 -11.01
N PHE B 217 -1.55 19.34 -11.52
CA PHE B 217 -2.26 18.88 -12.75
C PHE B 217 -2.09 19.94 -13.84
N ASN B 218 -1.87 19.51 -15.06
CA ASN B 218 -1.70 20.50 -16.17
C ASN B 218 -0.30 21.18 -16.16
N GLY B 219 0.61 20.77 -15.31
CA GLY B 219 1.96 21.40 -15.29
C GLY B 219 2.12 22.54 -14.23
N ALA B 220 1.14 22.85 -13.38
CA ALA B 220 1.40 23.95 -12.40
C ALA B 220 0.31 24.01 -11.33
N VAL B 221 0.67 24.38 -10.13
CA VAL B 221 -0.35 24.48 -9.05
C VAL B 221 -1.40 25.52 -9.48
N GLY B 222 -2.65 25.16 -9.42
CA GLY B 222 -3.72 26.12 -9.85
C GLY B 222 -3.80 26.22 -11.39
N ALA B 223 -3.37 25.21 -12.13
CA ALA B 223 -3.45 25.28 -13.63
C ALA B 223 -4.91 25.08 -14.11
N LEU B 224 -5.72 24.32 -13.41
CA LEU B 224 -7.12 24.07 -13.85
C LEU B 224 -8.13 24.78 -12.93
N THR B 225 -7.89 26.02 -12.63
CA THR B 225 -8.82 26.80 -11.77
C THR B 225 -9.00 28.18 -12.38
N GLY B 226 -9.88 28.97 -11.86
CA GLY B 226 -10.11 30.33 -12.41
C GLY B 226 -10.72 30.19 -13.78
N ASP B 227 -10.26 30.97 -14.72
CA ASP B 227 -10.81 30.87 -16.10
C ASP B 227 -10.47 29.50 -16.70
N LYS B 228 -9.49 28.81 -16.17
CA LYS B 228 -9.13 27.47 -16.72
C LYS B 228 -9.88 26.34 -16.00
N ALA B 229 -10.71 26.64 -15.02
CA ALA B 229 -11.45 25.55 -14.31
C ALA B 229 -12.35 24.79 -15.30
N MET B 230 -12.32 23.48 -15.28
CA MET B 230 -13.17 22.71 -16.20
C MET B 230 -14.60 23.20 -16.06
N THR B 231 -15.47 22.70 -16.86
CA THR B 231 -16.90 23.13 -16.80
C THR B 231 -17.83 21.94 -17.09
N ALA B 232 -18.97 21.94 -16.48
CA ALA B 232 -19.98 20.86 -16.68
C ALA B 232 -21.32 21.34 -16.13
N ALA B 233 -22.42 20.80 -16.61
CA ALA B 233 -23.74 21.25 -16.12
C ALA B 233 -24.53 20.04 -15.62
N VAL B 234 -25.46 20.29 -14.75
CA VAL B 234 -26.30 19.20 -14.20
C VAL B 234 -26.85 18.37 -15.35
N GLY B 235 -26.72 17.10 -15.26
CA GLY B 235 -27.23 16.21 -16.36
C GLY B 235 -26.14 15.95 -17.44
N GLU B 236 -24.96 16.50 -17.28
CA GLU B 236 -23.88 16.27 -18.28
C GLU B 236 -23.04 15.07 -17.85
N LYS B 237 -22.70 14.25 -18.78
CA LYS B 237 -21.88 13.06 -18.48
C LYS B 237 -20.47 13.40 -18.91
N VAL B 238 -19.55 13.27 -18.03
CA VAL B 238 -18.16 13.66 -18.39
C VAL B 238 -17.17 12.57 -18.01
N LEU B 239 -16.32 12.24 -18.93
CA LEU B 239 -15.29 11.21 -18.65
C LEU B 239 -13.96 11.92 -18.38
N ILE B 240 -13.39 11.69 -17.24
CA ILE B 240 -12.11 12.38 -16.89
C ILE B 240 -10.96 11.37 -16.84
N VAL B 241 -10.13 11.41 -17.84
CA VAL B 241 -8.97 10.49 -17.89
C VAL B 241 -7.86 11.13 -17.08
N HIS B 242 -7.18 10.35 -16.33
CA HIS B 242 -6.11 10.91 -15.48
C HIS B 242 -4.91 9.98 -15.57
N SER B 243 -3.76 10.54 -15.67
CA SER B 243 -2.54 9.69 -15.78
C SER B 243 -1.42 10.18 -14.85
N GLN B 244 -0.60 9.25 -14.42
CA GLN B 244 0.56 9.53 -13.53
C GLN B 244 1.67 8.57 -13.98
N ALA B 245 2.64 9.07 -14.69
CA ALA B 245 3.73 8.20 -15.24
C ALA B 245 4.97 8.33 -14.38
N ASN B 246 4.78 8.25 -13.11
CA ASN B 246 5.91 8.34 -12.15
C ASN B 246 5.39 8.51 -10.69
N ARG B 247 4.22 7.99 -10.32
CA ARG B 247 3.78 8.17 -8.91
C ARG B 247 2.34 7.72 -8.76
N ASP B 248 2.01 7.07 -7.66
CA ASP B 248 0.59 6.63 -7.49
C ASP B 248 -0.31 7.78 -6.95
N THR B 249 -1.49 7.98 -7.52
CA THR B 249 -2.39 9.03 -7.03
C THR B 249 -3.73 8.38 -6.67
N ARG B 250 -4.63 9.15 -6.18
CA ARG B 250 -5.97 8.61 -5.78
C ARG B 250 -7.01 9.71 -6.02
N PRO B 251 -7.49 9.80 -7.23
CA PRO B 251 -8.48 10.82 -7.66
C PRO B 251 -9.75 10.85 -6.82
N HIS B 252 -10.33 12.00 -6.70
CA HIS B 252 -11.60 12.15 -5.92
C HIS B 252 -12.31 13.49 -6.26
N LEU B 253 -13.52 13.43 -6.77
CA LEU B 253 -14.28 14.66 -7.10
C LEU B 253 -15.07 15.09 -5.87
N ILE B 254 -14.66 16.16 -5.27
CA ILE B 254 -15.31 16.68 -4.06
C ILE B 254 -16.73 17.06 -4.39
N GLY B 255 -17.64 16.50 -3.69
CA GLY B 255 -19.07 16.80 -3.95
C GLY B 255 -19.66 15.80 -4.97
N GLY B 256 -18.84 15.00 -5.61
CA GLY B 256 -19.38 14.03 -6.60
C GLY B 256 -18.81 12.63 -6.34
N HIS B 257 -18.73 11.84 -7.36
CA HIS B 257 -18.19 10.47 -7.23
C HIS B 257 -18.04 9.86 -8.63
N GLY B 258 -17.20 8.88 -8.75
CA GLY B 258 -16.99 8.23 -10.08
C GLY B 258 -18.07 7.18 -10.27
N ASP B 259 -19.02 7.47 -11.08
CA ASP B 259 -20.13 6.50 -11.30
C ASP B 259 -19.53 5.19 -11.78
N TYR B 260 -18.74 5.27 -12.79
CA TYR B 260 -18.07 4.07 -13.34
C TYR B 260 -16.60 4.42 -13.48
N VAL B 261 -15.72 3.67 -12.88
CA VAL B 261 -14.29 4.07 -12.98
C VAL B 261 -13.37 2.90 -13.35
N TRP B 262 -12.84 2.92 -14.54
CA TRP B 262 -11.88 1.88 -14.96
C TRP B 262 -10.57 2.26 -14.29
N ALA B 263 -10.43 1.84 -13.08
CA ALA B 263 -9.25 2.27 -12.26
C ALA B 263 -7.97 1.84 -12.93
N THR B 264 -8.00 0.68 -13.48
CA THR B 264 -6.79 0.16 -14.15
C THR B 264 -6.62 0.81 -15.53
N GLY B 265 -7.59 1.56 -15.97
CA GLY B 265 -7.46 2.21 -17.33
C GLY B 265 -7.58 1.17 -18.47
N LYS B 266 -8.25 0.07 -18.24
CA LYS B 266 -8.43 -0.98 -19.28
C LYS B 266 -9.94 -1.14 -19.47
N PHE B 267 -10.40 -1.00 -20.68
CA PHE B 267 -11.87 -1.10 -20.92
C PHE B 267 -12.37 -2.53 -20.71
N ASN B 268 -11.60 -3.51 -21.11
CA ASN B 268 -12.05 -4.91 -20.96
C ASN B 268 -12.27 -5.24 -19.49
N THR B 269 -11.52 -4.61 -18.63
CA THR B 269 -11.66 -4.87 -17.18
C THR B 269 -12.87 -4.09 -16.66
N PRO B 270 -13.87 -4.79 -16.22
CA PRO B 270 -15.12 -4.14 -15.71
C PRO B 270 -14.83 -2.91 -14.84
N PRO B 271 -15.55 -1.81 -15.04
CA PRO B 271 -15.31 -0.56 -14.24
C PRO B 271 -15.98 -0.57 -12.84
N ASP B 272 -15.21 -0.34 -11.77
CA ASP B 272 -15.86 -0.30 -10.44
C ASP B 272 -17.03 0.66 -10.55
N VAL B 273 -17.82 0.78 -9.54
CA VAL B 273 -18.98 1.72 -9.63
C VAL B 273 -19.25 2.41 -8.28
N ASP B 274 -19.76 3.61 -8.32
CA ASP B 274 -20.07 4.34 -7.07
C ASP B 274 -18.78 4.50 -6.32
N GLN B 275 -17.81 5.08 -6.94
CA GLN B 275 -16.48 5.21 -6.23
C GLN B 275 -16.27 6.62 -5.63
N GLU B 276 -15.92 6.68 -4.35
CA GLU B 276 -15.64 8.01 -3.73
C GLU B 276 -14.19 8.45 -4.06
N THR B 277 -13.26 7.52 -4.04
CA THR B 277 -11.84 7.85 -4.35
C THR B 277 -11.22 6.61 -5.00
N TRP B 278 -10.70 6.75 -6.17
CA TRP B 278 -10.13 5.57 -6.86
C TRP B 278 -8.63 5.48 -6.59
N PHE B 279 -7.94 4.74 -7.40
CA PHE B 279 -6.47 4.59 -7.20
C PHE B 279 -5.78 4.22 -8.53
N ILE B 280 -4.89 5.07 -8.97
CA ILE B 280 -4.14 4.81 -10.24
C ILE B 280 -2.67 4.73 -9.89
N PRO B 281 -2.07 3.58 -10.08
CA PRO B 281 -0.65 3.33 -9.72
C PRO B 281 0.36 4.01 -10.66
N GLY B 282 1.36 4.62 -10.11
CA GLY B 282 2.40 5.26 -10.95
C GLY B 282 2.64 4.37 -12.15
N GLY B 283 2.79 4.94 -13.30
CA GLY B 283 3.00 4.16 -14.52
C GLY B 283 1.66 3.72 -15.10
N ALA B 284 0.59 4.48 -14.91
CA ALA B 284 -0.71 4.01 -15.49
C ALA B 284 -1.75 5.13 -15.56
N ALA B 285 -2.64 5.08 -16.53
CA ALA B 285 -3.71 6.12 -16.64
C ALA B 285 -5.09 5.45 -16.50
N GLY B 286 -5.99 6.03 -15.73
CA GLY B 286 -7.33 5.41 -15.57
C GLY B 286 -8.39 6.31 -16.20
N ALA B 287 -9.63 6.09 -15.88
CA ALA B 287 -10.73 6.92 -16.46
C ALA B 287 -11.98 6.79 -15.58
N ALA B 288 -12.62 7.89 -15.30
CA ALA B 288 -13.85 7.87 -14.46
C ALA B 288 -14.97 8.61 -15.20
N PHE B 289 -16.14 8.05 -15.21
CA PHE B 289 -17.28 8.69 -15.91
C PHE B 289 -18.34 9.04 -14.87
N TYR B 290 -18.78 10.26 -14.85
CA TYR B 290 -19.79 10.63 -13.83
C TYR B 290 -20.76 11.68 -14.38
N THR B 291 -22.01 11.50 -14.09
CA THR B 291 -23.05 12.47 -14.54
C THR B 291 -23.31 13.44 -13.40
N PHE B 292 -23.05 14.69 -13.63
CA PHE B 292 -23.25 15.72 -12.57
C PHE B 292 -24.72 15.85 -12.22
N GLN B 293 -25.00 16.00 -10.96
CA GLN B 293 -26.43 16.16 -10.53
C GLN B 293 -26.63 17.48 -9.75
N GLN B 294 -25.58 18.12 -9.28
CA GLN B 294 -25.75 19.39 -8.52
C GLN B 294 -24.83 20.46 -9.09
N PRO B 295 -25.31 21.68 -9.15
CA PRO B 295 -24.53 22.83 -9.67
C PRO B 295 -23.67 23.47 -8.60
N GLY B 296 -22.64 24.16 -9.00
CA GLY B 296 -21.75 24.82 -8.01
C GLY B 296 -20.29 24.57 -8.39
N ILE B 297 -19.40 24.81 -7.48
CA ILE B 297 -17.95 24.58 -7.78
C ILE B 297 -17.44 23.35 -7.03
N TYR B 298 -16.87 22.41 -7.73
CA TYR B 298 -16.36 21.19 -7.08
C TYR B 298 -14.86 21.07 -7.34
N ALA B 299 -14.12 20.58 -6.38
CA ALA B 299 -12.65 20.44 -6.55
C ALA B 299 -12.34 18.99 -6.85
N TYR B 300 -11.49 18.74 -7.81
CA TYR B 300 -11.16 17.33 -8.14
C TYR B 300 -9.70 17.16 -7.86
N VAL B 301 -9.34 16.33 -6.94
CA VAL B 301 -7.88 16.27 -6.68
C VAL B 301 -7.44 14.98 -6.03
N ASN B 302 -6.16 14.84 -5.92
CA ASN B 302 -5.57 13.65 -5.29
C ASN B 302 -5.98 13.70 -3.85
N HIS B 303 -6.52 12.65 -3.36
CA HIS B 303 -7.00 12.70 -1.96
C HIS B 303 -5.83 12.99 -1.07
N ASN B 304 -4.72 12.32 -1.22
CA ASN B 304 -3.62 12.76 -0.31
C ASN B 304 -3.88 14.28 -0.02
N LEU B 305 -4.66 14.61 1.00
CA LEU B 305 -5.02 16.03 1.27
C LEU B 305 -3.78 16.89 1.19
N ILE B 306 -2.74 16.42 1.78
CA ILE B 306 -1.47 17.20 1.76
C ILE B 306 -1.06 17.42 0.31
N GLU B 307 -1.03 16.37 -0.45
CA GLU B 307 -0.65 16.50 -1.89
C GLU B 307 -1.67 17.39 -2.64
N ALA B 308 -2.94 17.34 -2.29
CA ALA B 308 -3.95 18.17 -3.01
C ALA B 308 -4.02 19.66 -2.53
N PHE B 309 -3.66 19.99 -1.30
CA PHE B 309 -3.79 21.42 -0.89
C PHE B 309 -2.41 22.03 -0.64
N GLU B 310 -1.53 21.28 -0.06
CA GLU B 310 -0.16 21.82 0.23
C GLU B 310 0.80 21.65 -0.97
N LEU B 311 0.64 20.66 -1.81
CA LEU B 311 1.60 20.49 -2.94
C LEU B 311 1.06 21.17 -4.19
N GLY B 312 -0.18 20.98 -4.47
CA GLY B 312 -0.81 21.60 -5.68
C GLY B 312 -1.54 20.55 -6.55
N ALA B 313 -2.15 19.51 -5.98
CA ALA B 313 -2.87 18.54 -6.84
C ALA B 313 -4.39 18.76 -6.71
N ALA B 314 -4.89 19.92 -7.07
CA ALA B 314 -6.36 20.15 -6.95
C ALA B 314 -6.86 21.10 -8.04
N ALA B 315 -7.79 20.66 -8.86
CA ALA B 315 -8.34 21.54 -9.91
C ALA B 315 -9.76 21.90 -9.51
N HIS B 316 -10.49 22.58 -10.33
CA HIS B 316 -11.89 22.93 -9.92
C HIS B 316 -12.85 22.91 -11.11
N PHE B 317 -14.00 22.28 -10.98
CA PHE B 317 -14.99 22.27 -12.10
C PHE B 317 -16.25 23.11 -11.75
N LYS B 318 -16.56 24.11 -12.56
CA LYS B 318 -17.74 24.95 -12.32
C LYS B 318 -18.90 24.26 -13.01
N VAL B 319 -20.01 24.17 -12.37
CA VAL B 319 -21.14 23.46 -12.98
C VAL B 319 -22.38 24.32 -12.88
N THR B 320 -23.05 24.47 -13.98
CA THR B 320 -24.29 25.29 -14.00
C THR B 320 -25.52 24.38 -13.94
N GLY B 321 -26.62 24.88 -13.45
CA GLY B 321 -27.84 24.04 -13.37
C GLY B 321 -28.70 24.48 -12.17
N GLU B 322 -29.61 23.63 -11.76
CA GLU B 322 -30.50 23.96 -10.62
C GLU B 322 -30.16 23.03 -9.46
N TRP B 323 -30.16 23.55 -8.29
CA TRP B 323 -29.83 22.74 -7.10
C TRP B 323 -30.93 21.72 -6.88
N ASN B 324 -30.58 20.66 -6.26
CA ASN B 324 -31.58 19.57 -5.99
C ASN B 324 -31.60 19.31 -4.49
N ASP B 325 -32.61 19.81 -3.83
CA ASP B 325 -32.70 19.63 -2.36
C ASP B 325 -32.85 18.14 -2.05
N ASP B 326 -33.64 17.46 -2.81
CA ASP B 326 -33.84 16.01 -2.56
C ASP B 326 -32.48 15.36 -2.26
N LEU B 327 -31.50 15.64 -3.07
CA LEU B 327 -30.14 15.06 -2.84
C LEU B 327 -29.48 15.70 -1.61
N MET B 328 -29.61 17.00 -1.43
CA MET B 328 -28.96 17.62 -0.25
C MET B 328 -29.62 18.95 0.05
N THR B 329 -29.84 19.24 1.30
CA THR B 329 -30.48 20.54 1.66
C THR B 329 -30.06 20.98 3.06
N SER B 330 -29.70 22.23 3.22
CA SER B 330 -29.29 22.73 4.55
C SER B 330 -30.55 23.04 5.37
N VAL B 331 -30.97 22.13 6.20
CA VAL B 331 -32.20 22.37 7.00
C VAL B 331 -31.99 23.58 7.89
N LEU B 332 -30.87 23.64 8.53
CA LEU B 332 -30.58 24.81 9.42
C LEU B 332 -29.20 25.39 9.07
N ALA B 333 -29.16 26.54 8.47
CA ALA B 333 -27.85 27.14 8.11
C ALA B 333 -27.08 27.47 9.39
N PRO B 334 -25.79 27.52 9.32
CA PRO B 334 -24.92 27.82 10.49
C PRO B 334 -25.44 29.02 11.29
N SER B 335 -25.82 28.81 12.52
CA SER B 335 -26.33 29.94 13.33
C SER B 335 -25.93 29.74 14.79
N GLY B 336 -26.47 30.55 15.66
CA GLY B 336 -26.14 30.41 17.11
C GLY B 336 -26.86 29.20 17.69
N ALA C 1 -11.21 -32.67 7.41
CA ALA C 1 -10.76 -34.09 7.46
C ALA C 1 -10.30 -34.42 8.89
N THR C 2 -10.35 -35.67 9.27
CA THR C 2 -9.92 -36.05 10.63
C THR C 2 -8.43 -36.40 10.60
N ALA C 3 -7.83 -36.54 11.75
CA ALA C 3 -6.38 -36.88 11.79
C ALA C 3 -6.14 -38.18 11.02
N ALA C 4 -6.97 -39.16 11.19
CA ALA C 4 -6.77 -40.46 10.47
C ALA C 4 -6.80 -40.21 8.97
N GLU C 5 -7.77 -39.46 8.50
CA GLU C 5 -7.85 -39.19 7.03
C GLU C 5 -6.57 -38.50 6.55
N ILE C 6 -6.08 -37.55 7.30
CA ILE C 6 -4.84 -36.83 6.88
C ILE C 6 -3.63 -37.79 6.91
N ALA C 7 -3.61 -38.68 7.86
CA ALA C 7 -2.45 -39.62 7.95
C ALA C 7 -2.44 -40.60 6.76
N ALA C 8 -3.57 -40.86 6.16
CA ALA C 8 -3.61 -41.82 5.02
C ALA C 8 -3.39 -41.10 3.67
N LEU C 9 -3.22 -39.81 3.65
CA LEU C 9 -3.01 -39.10 2.34
C LEU C 9 -1.55 -39.30 1.88
N PRO C 10 -1.33 -39.40 0.60
CA PRO C 10 0.04 -39.59 0.03
C PRO C 10 0.95 -38.37 0.28
N ARG C 11 2.18 -38.58 0.71
CA ARG C 11 3.09 -37.43 0.96
C ARG C 11 4.13 -37.33 -0.18
N GLN C 12 4.42 -36.13 -0.61
CA GLN C 12 5.42 -35.93 -1.69
C GLN C 12 6.46 -34.89 -1.24
N LYS C 13 7.71 -35.26 -1.24
CA LYS C 13 8.78 -34.34 -0.82
C LYS C 13 9.21 -33.55 -2.04
N VAL C 14 9.40 -32.29 -1.86
CA VAL C 14 9.80 -31.45 -3.01
C VAL C 14 11.11 -30.73 -2.72
N GLU C 15 11.97 -30.69 -3.70
CA GLU C 15 13.27 -30.01 -3.57
C GLU C 15 13.09 -28.59 -4.08
N LEU C 16 13.38 -27.64 -3.27
CA LEU C 16 13.17 -26.22 -3.67
C LEU C 16 14.38 -25.70 -4.42
N VAL C 17 14.16 -24.76 -5.30
CA VAL C 17 15.28 -24.17 -6.07
C VAL C 17 15.46 -22.73 -5.61
N ASP C 18 16.35 -22.01 -6.20
CA ASP C 18 16.53 -20.59 -5.76
C ASP C 18 15.90 -19.63 -6.80
N PRO C 19 15.12 -18.67 -6.35
CA PRO C 19 14.48 -17.68 -7.26
C PRO C 19 15.48 -17.15 -8.30
N PRO C 20 14.99 -16.66 -9.40
CA PRO C 20 13.52 -16.59 -9.68
C PRO C 20 12.93 -17.91 -10.18
N PHE C 21 13.73 -18.92 -10.35
CA PHE C 21 13.23 -20.23 -10.83
C PHE C 21 12.33 -20.86 -9.78
N VAL C 22 11.45 -21.71 -10.19
CA VAL C 22 10.54 -22.38 -9.27
C VAL C 22 10.81 -23.86 -9.38
N HIS C 23 10.41 -24.59 -8.41
CA HIS C 23 10.65 -26.06 -8.43
C HIS C 23 9.68 -26.72 -9.40
N ALA C 24 9.91 -27.97 -9.68
CA ALA C 24 9.02 -28.72 -10.60
C ALA C 24 7.64 -28.85 -9.96
N HIS C 25 6.62 -28.75 -10.77
CA HIS C 25 5.23 -28.87 -10.26
C HIS C 25 4.27 -28.92 -11.46
N SER C 26 3.13 -29.53 -11.30
CA SER C 26 2.16 -29.61 -12.41
C SER C 26 1.06 -28.59 -12.18
N GLN C 27 0.61 -27.95 -13.21
CA GLN C 27 -0.46 -26.92 -13.03
C GLN C 27 -1.69 -27.64 -12.53
N VAL C 28 -2.13 -28.58 -13.30
CA VAL C 28 -3.29 -29.41 -12.89
C VAL C 28 -2.81 -30.41 -11.85
N ALA C 29 -3.53 -30.54 -10.78
CA ALA C 29 -3.11 -31.46 -9.69
C ALA C 29 -3.08 -32.90 -10.18
N GLU C 30 -2.05 -33.61 -9.86
CA GLU C 30 -1.95 -35.04 -10.28
C GLU C 30 -2.38 -35.93 -9.11
N GLY C 31 -3.62 -36.33 -9.08
CA GLY C 31 -4.11 -37.17 -7.97
C GLY C 31 -4.93 -36.31 -7.01
N GLY C 32 -5.31 -36.85 -5.90
CA GLY C 32 -6.12 -36.06 -4.92
C GLY C 32 -5.18 -35.27 -3.98
N PRO C 33 -5.69 -34.87 -2.84
CA PRO C 33 -4.93 -34.10 -1.83
C PRO C 33 -3.70 -34.85 -1.33
N LYS C 34 -2.63 -34.14 -1.13
CA LYS C 34 -1.39 -34.80 -0.64
C LYS C 34 -0.57 -33.84 0.26
N VAL C 35 0.02 -34.37 1.30
CA VAL C 35 0.84 -33.57 2.24
C VAL C 35 2.21 -33.33 1.60
N VAL C 36 2.38 -32.15 1.12
CA VAL C 36 3.61 -31.76 0.44
C VAL C 36 4.60 -31.44 1.52
N GLU C 37 5.78 -31.86 1.33
CA GLU C 37 6.81 -31.63 2.38
C GLU C 37 7.95 -30.80 1.83
N PHE C 38 8.29 -29.74 2.51
CA PHE C 38 9.42 -28.88 2.07
C PHE C 38 10.26 -28.47 3.30
N THR C 39 11.56 -28.43 3.18
CA THR C 39 12.40 -28.05 4.35
C THR C 39 13.32 -26.89 3.97
N MET C 40 13.41 -25.90 4.81
CA MET C 40 14.28 -24.72 4.49
C MET C 40 15.09 -24.30 5.72
N VAL C 41 16.39 -24.23 5.59
CA VAL C 41 17.27 -23.81 6.70
C VAL C 41 17.45 -22.30 6.57
N ILE C 42 17.43 -21.62 7.65
CA ILE C 42 17.57 -20.14 7.61
C ILE C 42 19.03 -19.79 7.77
N GLU C 43 19.53 -18.92 6.95
CA GLU C 43 20.97 -18.57 7.07
C GLU C 43 21.15 -17.05 7.17
N GLU C 44 21.55 -16.55 8.31
CA GLU C 44 21.76 -15.07 8.42
C GLU C 44 23.21 -14.73 8.01
N LYS C 45 23.40 -14.08 6.88
CA LYS C 45 24.78 -13.76 6.47
C LYS C 45 24.77 -12.36 5.87
N LYS C 46 25.82 -12.02 5.21
CA LYS C 46 25.89 -10.66 4.57
C LYS C 46 25.80 -10.76 3.03
N ILE C 47 24.88 -10.03 2.44
CA ILE C 47 24.72 -10.01 0.96
C ILE C 47 24.96 -8.58 0.44
N VAL C 48 25.64 -8.48 -0.66
CA VAL C 48 25.95 -7.19 -1.27
C VAL C 48 24.74 -6.84 -2.05
N ILE C 49 24.40 -5.64 -2.05
CA ILE C 49 23.15 -5.25 -2.76
C ILE C 49 23.39 -4.32 -3.95
N ASP C 50 24.52 -3.69 -4.03
CA ASP C 50 24.75 -2.75 -5.17
C ASP C 50 26.18 -2.88 -5.68
N ASP C 51 26.58 -2.00 -6.55
CA ASP C 51 27.95 -2.07 -7.10
C ASP C 51 28.91 -1.39 -6.12
N ALA C 52 28.40 -0.48 -5.33
CA ALA C 52 29.29 0.22 -4.35
C ALA C 52 29.71 -0.73 -3.21
N GLY C 53 29.32 -1.98 -3.25
CA GLY C 53 29.72 -2.93 -2.16
C GLY C 53 28.83 -2.77 -0.91
N THR C 54 27.70 -2.09 -1.00
CA THR C 54 26.82 -1.94 0.18
C THR C 54 26.49 -3.33 0.69
N GLU C 55 26.37 -3.50 1.97
CA GLU C 55 26.08 -4.86 2.48
C GLU C 55 24.90 -4.85 3.48
N VAL C 56 24.01 -5.80 3.36
CA VAL C 56 22.87 -5.90 4.31
C VAL C 56 22.86 -7.29 5.01
N HIS C 57 22.82 -7.30 6.32
CA HIS C 57 22.80 -8.57 7.10
C HIS C 57 21.48 -9.25 6.79
N ALA C 58 21.49 -10.06 5.81
CA ALA C 58 20.25 -10.73 5.37
C ALA C 58 19.91 -11.97 6.22
N MET C 59 18.64 -12.12 6.45
CA MET C 59 18.10 -13.27 7.21
C MET C 59 17.39 -13.98 6.11
N ALA C 60 17.86 -15.09 5.72
CA ALA C 60 17.28 -15.63 4.50
C ALA C 60 16.89 -17.04 4.65
N PHE C 61 15.70 -17.25 4.30
CA PHE C 61 15.17 -18.66 4.32
C PHE C 61 15.72 -19.38 3.09
N ASN C 62 16.38 -20.50 3.25
CA ASN C 62 16.97 -21.20 2.08
C ASN C 62 18.24 -20.48 1.57
N GLY C 63 18.80 -19.57 2.34
CA GLY C 63 20.03 -18.86 1.88
C GLY C 63 19.75 -17.91 0.69
N THR C 64 18.53 -17.53 0.43
CA THR C 64 18.31 -16.59 -0.75
C THR C 64 17.16 -15.57 -0.50
N VAL C 65 17.38 -14.30 -0.84
CA VAL C 65 16.32 -13.29 -0.70
C VAL C 65 15.82 -12.99 -2.11
N PRO C 66 14.57 -13.21 -2.35
CA PRO C 66 13.61 -13.70 -1.33
C PRO C 66 13.58 -15.23 -1.25
N GLY C 67 13.18 -15.74 -0.13
CA GLY C 67 13.11 -17.22 0.02
C GLY C 67 12.57 -17.82 -1.28
N PRO C 68 12.57 -19.11 -1.37
CA PRO C 68 12.07 -19.84 -2.57
C PRO C 68 10.54 -19.92 -2.62
N LEU C 69 9.99 -20.04 -3.80
CA LEU C 69 8.50 -20.13 -3.92
C LEU C 69 8.05 -21.59 -3.85
N MET C 70 7.22 -21.92 -2.89
CA MET C 70 6.71 -23.29 -2.76
C MET C 70 5.41 -23.35 -3.54
N VAL C 71 5.14 -24.45 -4.13
CA VAL C 71 3.89 -24.53 -4.95
C VAL C 71 3.11 -25.83 -4.68
N VAL C 72 1.94 -25.70 -4.14
CA VAL C 72 1.05 -26.86 -3.88
C VAL C 72 -0.34 -26.50 -4.44
N HIS C 73 -1.27 -27.41 -4.42
CA HIS C 73 -2.62 -27.10 -4.95
C HIS C 73 -3.55 -26.79 -3.78
N GLN C 74 -4.72 -26.36 -4.09
CA GLN C 74 -5.70 -26.03 -3.03
C GLN C 74 -6.21 -27.32 -2.42
N ASP C 75 -6.23 -27.39 -1.13
CA ASP C 75 -6.68 -28.63 -0.45
C ASP C 75 -5.47 -29.38 0.08
N ASP C 76 -4.39 -29.37 -0.65
CA ASP C 76 -3.16 -30.08 -0.19
C ASP C 76 -2.61 -29.39 1.06
N TYR C 77 -2.00 -30.15 1.92
CA TYR C 77 -1.43 -29.57 3.17
C TYR C 77 0.09 -29.39 2.99
N LEU C 78 0.55 -28.23 3.29
CA LEU C 78 1.99 -27.91 3.17
C LEU C 78 2.64 -28.14 4.52
N GLU C 79 3.61 -28.99 4.55
CA GLU C 79 4.29 -29.32 5.82
C GLU C 79 5.71 -28.85 5.66
N LEU C 80 6.09 -27.89 6.41
CA LEU C 80 7.46 -27.34 6.23
C LEU C 80 8.33 -27.51 7.47
N THR C 81 9.42 -28.20 7.32
CA THR C 81 10.38 -28.37 8.46
C THR C 81 11.41 -27.24 8.37
N LEU C 82 11.35 -26.30 9.28
CA LEU C 82 12.27 -25.17 9.26
C LEU C 82 13.36 -25.48 10.23
N ILE C 83 14.49 -24.98 9.96
CA ILE C 83 15.65 -25.27 10.85
C ILE C 83 16.53 -24.02 11.01
N ASN C 84 16.75 -23.64 12.23
CA ASN C 84 17.62 -22.46 12.52
C ASN C 84 18.93 -22.99 13.09
N PRO C 85 19.94 -23.03 12.26
CA PRO C 85 21.28 -23.56 12.63
C PRO C 85 21.94 -22.86 13.82
N GLU C 86 22.73 -23.57 14.58
CA GLU C 86 23.42 -22.94 15.74
C GLU C 86 24.29 -21.75 15.27
N THR C 87 24.78 -21.79 14.05
CA THR C 87 25.64 -20.66 13.55
C THR C 87 24.89 -19.32 13.61
N ASN C 88 23.58 -19.33 13.53
CA ASN C 88 22.83 -18.04 13.55
C ASN C 88 22.86 -17.45 14.96
N THR C 89 22.38 -16.25 15.11
CA THR C 89 22.38 -15.61 16.46
C THR C 89 20.98 -15.04 16.84
N LEU C 90 19.96 -15.20 16.02
CA LEU C 90 18.62 -14.63 16.42
C LEU C 90 17.50 -15.66 16.24
N MET C 91 16.53 -15.69 17.14
CA MET C 91 15.40 -16.66 16.97
C MET C 91 14.45 -16.15 15.88
N HIS C 92 13.99 -17.03 15.01
CA HIS C 92 13.08 -16.60 13.93
C HIS C 92 11.71 -17.29 14.08
N ASN C 93 10.99 -17.34 13.00
CA ASN C 93 9.64 -17.97 12.97
C ASN C 93 9.04 -17.71 11.57
N ILE C 94 8.07 -18.48 11.13
CA ILE C 94 7.51 -18.24 9.77
C ILE C 94 5.98 -18.09 9.81
N ASP C 95 5.47 -17.04 9.23
CA ASP C 95 4.00 -16.83 9.17
C ASP C 95 3.55 -16.83 7.69
N PHE C 96 2.82 -17.84 7.28
CA PHE C 96 2.38 -17.92 5.87
C PHE C 96 0.98 -17.33 5.72
N HIS C 97 0.88 -16.28 4.97
CA HIS C 97 -0.44 -15.62 4.74
C HIS C 97 -1.47 -16.65 4.23
N ALA C 98 -1.02 -17.69 3.58
CA ALA C 98 -1.97 -18.70 3.03
C ALA C 98 -2.41 -19.73 4.09
N ALA C 99 -2.10 -19.49 5.33
CA ALA C 99 -2.53 -20.44 6.40
C ALA C 99 -3.57 -19.77 7.28
N THR C 100 -4.21 -20.52 8.13
CA THR C 100 -5.26 -19.91 9.02
C THR C 100 -5.10 -20.39 10.47
N GLY C 101 -4.69 -19.51 11.35
CA GLY C 101 -4.55 -19.88 12.81
C GLY C 101 -3.09 -19.69 13.31
N ALA C 102 -2.90 -19.16 14.52
CA ALA C 102 -1.51 -19.00 15.05
C ALA C 102 -0.71 -17.93 14.28
N LEU C 103 -1.31 -16.79 14.05
CA LEU C 103 -0.58 -15.69 13.34
C LEU C 103 0.06 -16.20 12.05
N GLY C 104 -0.60 -17.10 11.37
CA GLY C 104 -0.04 -17.62 10.09
C GLY C 104 1.08 -18.64 10.37
N GLY C 105 1.08 -19.24 11.52
CA GLY C 105 2.14 -20.25 11.84
C GLY C 105 3.31 -19.62 12.63
N GLY C 106 3.33 -18.33 12.83
CA GLY C 106 4.46 -17.70 13.58
C GLY C 106 4.36 -18.04 15.08
N GLY C 107 3.17 -18.20 15.59
CA GLY C 107 3.02 -18.52 17.05
C GLY C 107 3.46 -19.96 17.36
N LEU C 108 3.56 -20.82 16.37
CA LEU C 108 3.97 -22.23 16.64
C LEU C 108 5.27 -22.60 15.88
N THR C 109 6.09 -21.64 15.55
CA THR C 109 7.37 -21.94 14.83
C THR C 109 8.54 -21.06 15.37
N GLU C 110 8.46 -20.52 16.56
CA GLU C 110 9.58 -19.70 17.09
C GLU C 110 10.71 -20.64 17.46
N ILE C 111 11.80 -20.60 16.74
CA ILE C 111 12.91 -21.54 17.04
C ILE C 111 14.21 -20.78 17.18
N ASN C 112 14.87 -20.92 18.28
CA ASN C 112 16.16 -20.22 18.48
C ASN C 112 17.30 -21.07 17.91
N PRO C 113 18.43 -20.46 17.65
CA PRO C 113 19.61 -21.17 17.11
C PRO C 113 19.73 -22.59 17.68
N GLY C 114 19.93 -23.56 16.83
CA GLY C 114 20.03 -24.97 17.32
C GLY C 114 18.64 -25.61 17.50
N GLU C 115 17.59 -25.04 16.94
CA GLU C 115 16.24 -25.65 17.10
C GLU C 115 15.50 -25.70 15.74
N LYS C 116 14.74 -26.74 15.50
CA LYS C 116 13.96 -26.86 14.23
C LYS C 116 12.56 -27.38 14.54
N THR C 117 11.59 -27.03 13.76
CA THR C 117 10.22 -27.49 14.03
C THR C 117 9.57 -27.89 12.72
N ILE C 118 8.38 -28.39 12.81
CA ILE C 118 7.65 -28.80 11.59
C ILE C 118 6.19 -28.35 11.72
N LEU C 119 5.72 -27.55 10.81
CA LEU C 119 4.32 -27.07 10.90
C LEU C 119 3.57 -27.46 9.64
N ARG C 120 2.39 -27.97 9.80
CA ARG C 120 1.60 -28.38 8.61
C ARG C 120 0.25 -27.65 8.60
N PHE C 121 -0.08 -27.01 7.52
CA PHE C 121 -1.37 -26.29 7.43
C PHE C 121 -2.08 -26.66 6.11
N LYS C 122 -3.39 -26.57 6.09
CA LYS C 122 -4.17 -26.89 4.88
C LYS C 122 -4.27 -25.64 4.00
N ALA C 123 -3.97 -25.80 2.76
CA ALA C 123 -4.03 -24.68 1.80
C ALA C 123 -5.45 -24.62 1.32
N THR C 124 -6.23 -23.88 2.01
CA THR C 124 -7.70 -23.84 1.69
C THR C 124 -8.10 -22.76 0.66
N LYS C 125 -7.21 -21.90 0.28
CA LYS C 125 -7.57 -20.83 -0.68
C LYS C 125 -6.52 -20.79 -1.79
N PRO C 126 -6.96 -20.69 -3.01
CA PRO C 126 -6.06 -20.66 -4.19
C PRO C 126 -5.51 -19.26 -4.48
N GLY C 127 -4.21 -19.14 -4.67
CA GLY C 127 -3.65 -17.79 -4.98
C GLY C 127 -2.24 -17.64 -4.39
N VAL C 128 -1.45 -16.77 -4.96
CA VAL C 128 -0.08 -16.55 -4.46
C VAL C 128 -0.19 -15.78 -3.15
N PHE C 129 0.67 -16.07 -2.23
CA PHE C 129 0.59 -15.39 -0.93
C PHE C 129 2.00 -15.18 -0.43
N VAL C 130 2.21 -14.19 0.36
CA VAL C 130 3.62 -13.95 0.85
C VAL C 130 3.87 -14.51 2.28
N TYR C 131 4.94 -15.28 2.47
CA TYR C 131 5.29 -15.79 3.80
C TYR C 131 6.44 -14.94 4.32
N HIS C 132 6.60 -14.81 5.60
CA HIS C 132 7.70 -13.95 6.13
C HIS C 132 7.87 -14.15 7.64
N CYS C 133 9.10 -14.12 8.12
CA CYS C 133 9.34 -14.34 9.58
C CYS C 133 8.86 -13.10 10.34
N ALA C 134 8.39 -13.27 11.54
CA ALA C 134 7.90 -12.08 12.29
C ALA C 134 7.96 -12.34 13.79
N PRO C 135 9.13 -12.36 14.34
CA PRO C 135 9.33 -12.58 15.80
C PRO C 135 8.74 -11.41 16.61
N PRO C 136 7.88 -11.71 17.55
CA PRO C 136 7.23 -10.66 18.40
C PRO C 136 8.19 -9.54 18.84
N GLY C 137 7.89 -8.30 18.51
CA GLY C 137 8.79 -7.18 18.93
C GLY C 137 9.80 -6.78 17.83
N MET C 138 10.12 -7.65 16.90
CA MET C 138 11.11 -7.28 15.86
C MET C 138 10.62 -7.77 14.51
N VAL C 139 9.36 -7.58 14.26
CA VAL C 139 8.79 -8.04 12.96
C VAL C 139 9.42 -7.30 11.76
N PRO C 140 9.16 -6.03 11.64
CA PRO C 140 9.65 -5.18 10.52
C PRO C 140 11.14 -5.37 10.24
N TRP C 141 11.92 -5.56 11.27
CA TRP C 141 13.39 -5.75 11.07
C TRP C 141 13.67 -7.05 10.30
N HIS C 142 13.08 -8.14 10.71
CA HIS C 142 13.32 -9.44 10.03
C HIS C 142 12.82 -9.39 8.58
N VAL C 143 11.70 -8.78 8.34
CA VAL C 143 11.15 -8.73 6.95
C VAL C 143 12.06 -7.87 6.06
N VAL C 144 12.44 -6.71 6.53
CA VAL C 144 13.30 -5.81 5.70
C VAL C 144 14.64 -6.49 5.47
N SER C 145 15.09 -7.24 6.43
CA SER C 145 16.39 -7.95 6.27
C SER C 145 16.31 -9.00 5.14
N GLY C 146 15.19 -9.15 4.50
CA GLY C 146 15.05 -10.15 3.41
C GLY C 146 14.52 -11.48 3.94
N MET C 147 13.79 -11.48 5.03
CA MET C 147 13.26 -12.77 5.55
C MET C 147 11.80 -12.93 5.09
N ASN C 148 11.61 -13.15 3.82
CA ASN C 148 10.23 -13.29 3.31
C ASN C 148 10.26 -13.79 1.85
N GLY C 149 9.27 -14.52 1.47
CA GLY C 149 9.19 -15.06 0.07
C GLY C 149 7.71 -15.19 -0.32
N ALA C 150 7.31 -16.28 -0.94
CA ALA C 150 5.87 -16.41 -1.32
C ALA C 150 5.55 -17.83 -1.83
N ILE C 151 4.36 -18.32 -1.55
CA ILE C 151 3.96 -19.67 -2.03
C ILE C 151 2.76 -19.55 -2.97
N MET C 152 2.63 -20.44 -3.91
CA MET C 152 1.49 -20.38 -4.87
C MET C 152 0.62 -21.64 -4.76
N VAL C 153 -0.59 -21.48 -4.30
CA VAL C 153 -1.52 -22.63 -4.17
C VAL C 153 -2.39 -22.57 -5.40
N LEU C 154 -2.14 -23.43 -6.32
CA LEU C 154 -2.90 -23.35 -7.61
C LEU C 154 -4.16 -24.20 -7.59
N PRO C 155 -5.22 -23.70 -8.17
CA PRO C 155 -6.49 -24.46 -8.27
C PRO C 155 -6.23 -25.89 -8.76
N ARG C 156 -6.89 -26.87 -8.20
CA ARG C 156 -6.67 -28.27 -8.62
C ARG C 156 -6.72 -28.39 -10.13
N GLU C 157 -7.59 -27.66 -10.76
CA GLU C 157 -7.71 -27.73 -12.25
C GLU C 157 -6.79 -26.70 -12.96
N GLY C 158 -5.80 -26.16 -12.29
CA GLY C 158 -4.90 -25.17 -12.97
C GLY C 158 -5.51 -23.77 -12.92
N LEU C 159 -4.96 -22.86 -13.68
CA LEU C 159 -5.51 -21.46 -13.68
C LEU C 159 -6.45 -21.26 -14.87
N HIS C 160 -7.45 -20.42 -14.70
CA HIS C 160 -8.41 -20.15 -15.80
C HIS C 160 -8.73 -18.64 -15.77
N ASP C 161 -9.16 -18.11 -16.87
CA ASP C 161 -9.48 -16.64 -16.92
C ASP C 161 -10.74 -16.35 -16.11
N GLY C 162 -11.39 -15.24 -16.38
CA GLY C 162 -12.63 -14.89 -15.61
C GLY C 162 -13.85 -15.66 -16.18
N LYS C 163 -13.79 -16.11 -17.40
CA LYS C 163 -14.96 -16.85 -17.97
C LYS C 163 -14.86 -18.36 -17.70
N GLY C 164 -13.73 -18.82 -17.22
CA GLY C 164 -13.59 -20.30 -16.95
C GLY C 164 -12.57 -20.97 -17.92
N LYS C 165 -12.14 -20.32 -18.97
CA LYS C 165 -11.18 -20.96 -19.92
C LYS C 165 -9.88 -21.26 -19.20
N ALA C 166 -9.20 -22.28 -19.60
CA ALA C 166 -7.91 -22.64 -18.94
C ALA C 166 -6.72 -21.82 -19.51
N LEU C 167 -5.94 -21.22 -18.63
CA LEU C 167 -4.74 -20.46 -19.02
C LEU C 167 -3.55 -21.25 -18.50
N THR C 168 -2.74 -21.73 -19.39
CA THR C 168 -1.61 -22.56 -18.99
C THR C 168 -0.37 -21.85 -19.39
N TYR C 169 0.56 -21.82 -18.54
CA TYR C 169 1.82 -21.09 -18.85
C TYR C 169 2.96 -22.06 -19.14
N ASP C 170 3.82 -21.71 -20.06
CA ASP C 170 4.99 -22.58 -20.37
C ASP C 170 6.16 -22.28 -19.41
N LYS C 171 6.24 -21.08 -18.87
CA LYS C 171 7.36 -20.76 -17.95
C LYS C 171 6.86 -19.87 -16.81
N ILE C 172 7.36 -20.08 -15.63
CA ILE C 172 6.93 -19.25 -14.47
C ILE C 172 8.16 -18.77 -13.67
N TYR C 173 8.21 -17.49 -13.38
CA TYR C 173 9.36 -16.93 -12.62
C TYR C 173 8.79 -16.20 -11.41
N TYR C 174 9.51 -16.19 -10.34
CA TYR C 174 9.05 -15.51 -9.11
C TYR C 174 10.02 -14.41 -8.75
N VAL C 175 9.57 -13.19 -8.81
CA VAL C 175 10.46 -12.04 -8.50
C VAL C 175 10.03 -11.40 -7.18
N GLY C 176 10.80 -11.61 -6.16
CA GLY C 176 10.50 -11.03 -4.83
C GLY C 176 11.19 -9.69 -4.71
N GLU C 177 10.44 -8.67 -4.47
CA GLU C 177 10.99 -7.31 -4.36
C GLU C 177 11.30 -7.08 -2.91
N GLN C 178 12.30 -6.33 -2.65
CA GLN C 178 12.66 -6.08 -1.23
C GLN C 178 13.14 -4.65 -1.02
N ASP C 179 12.53 -3.95 -0.12
CA ASP C 179 12.96 -2.55 0.16
C ASP C 179 13.88 -2.56 1.39
N PHE C 180 15.10 -2.14 1.24
CA PHE C 180 16.02 -2.15 2.39
C PHE C 180 16.11 -0.75 2.99
N TYR C 181 16.88 -0.64 4.02
CA TYR C 181 17.06 0.67 4.71
C TYR C 181 18.46 0.64 5.30
N VAL C 182 19.43 1.00 4.52
CA VAL C 182 20.83 0.91 4.99
C VAL C 182 21.28 2.21 5.61
N PRO C 183 21.81 2.12 6.79
CA PRO C 183 22.33 3.32 7.52
C PRO C 183 23.60 3.91 6.87
N ARG C 184 23.70 5.23 6.79
CA ARG C 184 24.89 5.87 6.19
C ARG C 184 25.56 6.73 7.25
N ASP C 185 26.82 7.00 7.09
CA ASP C 185 27.55 7.83 8.10
C ASP C 185 27.29 9.33 7.87
N GLU C 186 28.20 10.19 8.27
CA GLU C 186 27.98 11.66 8.08
C GLU C 186 28.33 12.08 6.65
N ASN C 187 29.24 11.38 6.00
CA ASN C 187 29.62 11.77 4.61
C ASN C 187 28.63 11.18 3.57
N GLY C 188 27.71 10.35 3.97
CA GLY C 188 26.74 9.77 2.99
C GLY C 188 27.16 8.34 2.56
N LYS C 189 28.23 7.79 3.09
CA LYS C 189 28.64 6.41 2.70
C LYS C 189 27.90 5.37 3.54
N TYR C 190 27.45 4.31 2.92
CA TYR C 190 26.73 3.26 3.66
C TYR C 190 27.65 2.70 4.72
N LYS C 191 27.11 2.32 5.82
CA LYS C 191 27.95 1.78 6.92
C LYS C 191 27.89 0.24 6.91
N LYS C 192 28.97 -0.38 7.28
CA LYS C 192 28.99 -1.86 7.32
C LYS C 192 29.30 -2.29 8.74
N TYR C 193 28.85 -3.44 9.14
CA TYR C 193 29.12 -3.87 10.52
C TYR C 193 29.71 -5.25 10.52
N GLU C 194 29.67 -5.91 11.62
CA GLU C 194 30.24 -7.29 11.69
C GLU C 194 29.14 -8.29 12.09
N ALA C 195 28.09 -7.84 12.74
CA ALA C 195 27.02 -8.77 13.14
C ALA C 195 25.68 -8.14 12.81
N PRO C 196 24.65 -8.92 12.87
CA PRO C 196 23.26 -8.46 12.57
C PRO C 196 22.70 -7.53 13.65
N GLY C 197 22.98 -7.81 14.90
CA GLY C 197 22.44 -6.95 15.99
C GLY C 197 23.15 -5.57 16.01
N ASP C 198 24.40 -5.52 15.63
CA ASP C 198 25.14 -4.22 15.65
C ASP C 198 24.46 -3.20 14.74
N ALA C 199 23.73 -3.64 13.75
CA ALA C 199 23.06 -2.67 12.82
C ALA C 199 21.54 -2.54 13.11
N TYR C 200 21.07 -3.00 14.24
CA TYR C 200 19.60 -2.87 14.55
C TYR C 200 19.17 -1.40 14.85
N GLU C 201 19.84 -0.69 15.74
CA GLU C 201 19.41 0.69 16.08
C GLU C 201 19.53 1.61 14.87
N ASP C 202 20.64 1.56 14.20
CA ASP C 202 20.85 2.45 13.01
C ASP C 202 19.83 2.11 11.93
N THR C 203 19.53 0.87 11.76
CA THR C 203 18.54 0.48 10.71
C THR C 203 17.15 1.00 11.09
N VAL C 204 16.73 0.79 12.30
CA VAL C 204 15.38 1.27 12.73
C VAL C 204 15.23 2.75 12.38
N LYS C 205 16.24 3.53 12.68
CA LYS C 205 16.16 4.98 12.37
C LYS C 205 15.84 5.18 10.89
N VAL C 206 16.48 4.44 10.02
CA VAL C 206 16.21 4.59 8.56
C VAL C 206 14.82 4.05 8.24
N MET C 207 14.45 2.94 8.83
CA MET C 207 13.11 2.36 8.53
C MET C 207 12.00 3.34 8.92
N ARG C 208 12.17 4.08 9.98
CA ARG C 208 11.11 5.05 10.40
C ARG C 208 10.87 6.09 9.29
N THR C 209 11.91 6.49 8.62
CA THR C 209 11.75 7.50 7.54
C THR C 209 10.83 6.98 6.42
N LEU C 210 10.46 5.72 6.44
CA LEU C 210 9.57 5.19 5.36
C LEU C 210 10.19 5.48 3.98
N THR C 211 11.50 5.55 3.91
CA THR C 211 12.15 5.82 2.60
C THR C 211 13.30 4.83 2.43
N PRO C 212 13.08 3.80 1.66
CA PRO C 212 14.11 2.74 1.42
C PRO C 212 15.32 3.22 0.61
N THR C 213 16.52 2.96 1.09
CA THR C 213 17.73 3.40 0.33
C THR C 213 17.86 2.55 -0.96
N HIS C 214 17.29 1.38 -1.00
CA HIS C 214 17.40 0.53 -2.22
C HIS C 214 16.19 -0.40 -2.30
N VAL C 215 15.59 -0.49 -3.46
CA VAL C 215 14.41 -1.37 -3.62
C VAL C 215 14.75 -2.25 -4.79
N VAL C 216 14.92 -3.51 -4.59
CA VAL C 216 15.37 -4.28 -5.76
C VAL C 216 14.68 -5.61 -5.86
N PHE C 217 15.12 -6.40 -6.78
CA PHE C 217 14.50 -7.73 -6.98
C PHE C 217 15.57 -8.81 -6.86
N ASN C 218 15.28 -9.86 -6.15
CA ASN C 218 16.29 -10.96 -5.97
C ASN C 218 17.38 -10.61 -4.93
N GLY C 219 17.22 -9.55 -4.16
CA GLY C 219 18.25 -9.20 -3.13
C GLY C 219 19.44 -8.34 -3.69
N ALA C 220 19.36 -7.69 -4.84
CA ALA C 220 20.53 -6.85 -5.27
C ALA C 220 20.22 -6.03 -6.54
N VAL C 221 20.65 -4.78 -6.58
CA VAL C 221 20.42 -3.97 -7.81
C VAL C 221 21.08 -4.69 -8.98
N GLY C 222 20.36 -4.90 -10.04
CA GLY C 222 20.95 -5.62 -11.20
C GLY C 222 21.05 -7.14 -10.93
N ALA C 223 20.23 -7.69 -10.04
CA ALA C 223 20.31 -9.16 -9.78
C ALA C 223 19.68 -10.00 -10.92
N LEU C 224 18.55 -9.60 -11.46
CA LEU C 224 17.88 -10.40 -12.55
C LEU C 224 18.20 -9.86 -13.95
N THR C 225 19.41 -9.46 -14.18
CA THR C 225 19.85 -8.97 -15.52
C THR C 225 21.24 -9.55 -15.83
N GLY C 226 21.56 -9.73 -17.08
CA GLY C 226 22.88 -10.32 -17.45
C GLY C 226 22.75 -11.83 -17.40
N ASP C 227 23.57 -12.47 -16.62
CA ASP C 227 23.46 -13.96 -16.52
C ASP C 227 22.12 -14.37 -15.87
N LYS C 228 21.49 -13.48 -15.12
CA LYS C 228 20.18 -13.85 -14.48
C LYS C 228 18.97 -13.31 -15.27
N ALA C 229 19.17 -12.60 -16.35
CA ALA C 229 17.98 -12.08 -17.11
C ALA C 229 17.03 -13.24 -17.45
N MET C 230 15.76 -13.09 -17.15
CA MET C 230 14.80 -14.16 -17.47
C MET C 230 14.87 -14.43 -18.96
N THR C 231 14.20 -15.43 -19.40
CA THR C 231 14.20 -15.76 -20.84
C THR C 231 12.79 -16.19 -21.29
N ALA C 232 12.49 -15.95 -22.54
CA ALA C 232 11.16 -16.33 -23.10
C ALA C 232 11.22 -16.14 -24.63
N ALA C 233 10.46 -16.91 -25.38
CA ALA C 233 10.49 -16.78 -26.85
C ALA C 233 9.10 -16.41 -27.36
N VAL C 234 9.05 -15.69 -28.43
CA VAL C 234 7.75 -15.27 -29.01
C VAL C 234 6.83 -16.46 -29.05
N GLY C 235 5.61 -16.27 -28.64
CA GLY C 235 4.63 -17.40 -28.63
C GLY C 235 4.61 -18.14 -27.26
N GLU C 236 5.51 -17.84 -26.36
CA GLU C 236 5.53 -18.52 -25.05
C GLU C 236 4.69 -17.74 -24.04
N LYS C 237 4.03 -18.44 -23.18
CA LYS C 237 3.18 -17.80 -22.15
C LYS C 237 3.94 -17.91 -20.86
N VAL C 238 4.04 -16.86 -20.14
CA VAL C 238 4.83 -16.90 -18.90
C VAL C 238 4.10 -16.23 -17.76
N LEU C 239 4.11 -16.86 -16.63
CA LEU C 239 3.45 -16.29 -15.43
C LEU C 239 4.53 -15.72 -14.52
N ILE C 240 4.44 -14.46 -14.18
CA ILE C 240 5.46 -13.82 -13.33
C ILE C 240 4.85 -13.45 -11.97
N VAL C 241 5.13 -14.25 -10.98
CA VAL C 241 4.62 -13.97 -9.62
C VAL C 241 5.54 -12.96 -8.97
N HIS C 242 4.98 -12.04 -8.28
CA HIS C 242 5.80 -10.99 -7.65
C HIS C 242 5.27 -10.74 -6.25
N SER C 243 6.14 -10.59 -5.32
CA SER C 243 5.68 -10.36 -3.92
C SER C 243 6.49 -9.26 -3.23
N GLN C 244 5.83 -8.55 -2.35
CA GLN C 244 6.45 -7.46 -1.55
C GLN C 244 5.85 -7.58 -0.14
N ALA C 245 6.63 -8.04 0.80
CA ALA C 245 6.12 -8.27 2.18
C ALA C 245 6.60 -7.16 3.11
N ASN C 246 6.45 -5.98 2.65
CA ASN C 246 6.85 -4.77 3.43
C ASN C 246 6.86 -3.50 2.54
N ARG C 247 5.99 -3.38 1.54
CA ARG C 247 6.02 -2.14 0.72
C ARG C 247 5.14 -2.30 -0.51
N ASP C 248 4.40 -1.29 -0.88
CA ASP C 248 3.53 -1.42 -2.10
C ASP C 248 4.36 -1.17 -3.40
N THR C 249 4.19 -2.01 -4.41
CA THR C 249 4.92 -1.81 -5.69
C THR C 249 3.90 -1.73 -6.83
N ARG C 250 4.37 -1.53 -8.01
CA ARG C 250 3.48 -1.44 -9.21
C ARG C 250 4.23 -1.99 -10.42
N PRO C 251 4.15 -3.28 -10.60
CA PRO C 251 4.85 -4.01 -11.69
C PRO C 251 4.49 -3.50 -13.09
N HIS C 252 5.42 -3.57 -13.98
CA HIS C 252 5.18 -3.13 -15.39
C HIS C 252 6.25 -3.72 -16.35
N LEU C 253 5.82 -4.54 -17.29
CA LEU C 253 6.75 -5.13 -18.29
C LEU C 253 6.90 -4.15 -19.45
N ILE C 254 8.04 -3.56 -19.55
CA ILE C 254 8.34 -2.57 -20.60
C ILE C 254 8.31 -3.27 -21.93
N GLY C 255 7.53 -2.76 -22.81
CA GLY C 255 7.43 -3.41 -24.15
C GLY C 255 6.28 -4.44 -24.16
N GLY C 256 5.76 -4.83 -23.02
CA GLY C 256 4.66 -5.83 -23.01
C GLY C 256 3.57 -5.39 -22.05
N HIS C 257 2.78 -6.31 -21.59
CA HIS C 257 1.68 -5.96 -20.66
C HIS C 257 1.20 -7.23 -19.94
N GLY C 258 0.40 -7.06 -18.93
CA GLY C 258 -0.12 -8.23 -18.18
C GLY C 258 -1.44 -8.64 -18.80
N ASP C 259 -1.41 -9.60 -19.66
CA ASP C 259 -2.66 -10.03 -20.34
C ASP C 259 -3.72 -10.27 -19.28
N TYR C 260 -3.41 -11.12 -18.37
CA TYR C 260 -4.34 -11.42 -17.25
C TYR C 260 -3.56 -11.21 -15.96
N VAL C 261 -4.03 -10.39 -15.06
CA VAL C 261 -3.22 -10.15 -13.83
C VAL C 261 -4.06 -10.24 -12.56
N TRP C 262 -3.85 -11.26 -11.79
CA TRP C 262 -4.57 -11.38 -10.49
C TRP C 262 -3.83 -10.46 -9.55
N ALA C 263 -4.18 -9.21 -9.58
CA ALA C 263 -3.45 -8.18 -8.80
C ALA C 263 -3.49 -8.53 -7.33
N THR C 264 -4.61 -8.93 -6.89
CA THR C 264 -4.77 -9.29 -5.45
C THR C 264 -4.07 -10.63 -5.15
N GLY C 265 -3.60 -11.31 -6.16
CA GLY C 265 -2.92 -12.63 -5.89
C GLY C 265 -3.94 -13.70 -5.39
N LYS C 266 -5.18 -13.60 -5.79
CA LYS C 266 -6.20 -14.59 -5.37
C LYS C 266 -6.84 -15.12 -6.66
N PHE C 267 -6.81 -16.39 -6.85
CA PHE C 267 -7.36 -16.98 -8.12
C PHE C 267 -8.89 -16.81 -8.18
N ASN C 268 -9.56 -16.97 -7.09
CA ASN C 268 -11.04 -16.85 -7.08
C ASN C 268 -11.43 -15.48 -7.59
N THR C 269 -10.63 -14.50 -7.31
CA THR C 269 -10.95 -13.13 -7.77
C THR C 269 -10.56 -13.00 -9.25
N PRO C 270 -11.52 -12.75 -10.10
CA PRO C 270 -11.27 -12.61 -11.57
C PRO C 270 -10.02 -11.77 -11.87
N PRO C 271 -9.19 -12.18 -12.81
CA PRO C 271 -7.94 -11.42 -13.14
C PRO C 271 -8.15 -10.20 -14.08
N ASP C 272 -7.74 -9.00 -13.69
CA ASP C 272 -7.90 -7.86 -14.61
C ASP C 272 -7.29 -8.27 -15.95
N VAL C 273 -7.49 -7.52 -16.98
CA VAL C 273 -6.91 -7.93 -18.30
C VAL C 273 -6.38 -6.70 -19.07
N ASP C 274 -5.38 -6.91 -19.89
CA ASP C 274 -4.82 -5.81 -20.70
C ASP C 274 -4.28 -4.79 -19.73
N GLN C 275 -3.44 -5.22 -18.85
CA GLN C 275 -2.92 -4.24 -17.83
C GLN C 275 -1.53 -3.69 -18.19
N GLU C 276 -1.37 -2.37 -18.22
CA GLU C 276 -0.02 -1.78 -18.49
C GLU C 276 0.83 -1.79 -17.20
N THR C 277 0.24 -1.48 -16.06
CA THR C 277 0.97 -1.45 -14.78
C THR C 277 -0.02 -1.87 -13.69
N TRP C 278 0.31 -2.85 -12.93
CA TRP C 278 -0.63 -3.33 -11.89
C TRP C 278 -0.31 -2.70 -10.55
N PHE C 279 -0.79 -3.28 -9.48
CA PHE C 279 -0.52 -2.72 -8.14
C PHE C 279 -0.63 -3.81 -7.07
N ILE C 280 0.45 -4.07 -6.37
CA ILE C 280 0.44 -5.10 -5.30
C ILE C 280 0.79 -4.39 -4.00
N PRO C 281 -0.12 -4.39 -3.07
CA PRO C 281 0.06 -3.70 -1.75
C PRO C 281 1.01 -4.43 -0.79
N GLY C 282 1.91 -3.70 -0.18
CA GLY C 282 2.83 -4.32 0.79
C GLY C 282 2.07 -5.40 1.54
N GLY C 283 2.72 -6.47 1.82
CA GLY C 283 2.06 -7.60 2.52
C GLY C 283 1.23 -8.42 1.53
N ALA C 284 1.61 -8.50 0.27
CA ALA C 284 0.76 -9.31 -0.67
C ALA C 284 1.52 -9.69 -1.95
N ALA C 285 1.27 -10.86 -2.48
CA ALA C 285 1.94 -11.27 -3.76
C ALA C 285 0.89 -11.45 -4.87
N GLY C 286 1.15 -10.97 -6.06
CA GLY C 286 0.16 -11.11 -7.16
C GLY C 286 0.75 -12.00 -8.26
N ALA C 287 0.15 -11.97 -9.42
CA ALA C 287 0.65 -12.80 -10.55
C ALA C 287 0.13 -12.23 -11.87
N ALA C 288 0.97 -12.20 -12.87
CA ALA C 288 0.56 -11.67 -14.20
C ALA C 288 0.98 -12.67 -15.27
N PHE C 289 0.09 -12.96 -16.17
CA PHE C 289 0.41 -13.94 -17.24
C PHE C 289 0.40 -13.21 -18.57
N TYR C 290 1.38 -13.41 -19.37
CA TYR C 290 1.43 -12.70 -20.67
C TYR C 290 2.12 -13.55 -21.73
N THR C 291 1.61 -13.51 -22.92
CA THR C 291 2.20 -14.27 -24.04
C THR C 291 3.06 -13.32 -24.85
N PHE C 292 4.33 -13.59 -24.92
CA PHE C 292 5.25 -12.70 -25.67
C PHE C 292 4.94 -12.72 -27.16
N GLN C 293 4.96 -11.57 -27.78
CA GLN C 293 4.69 -11.49 -29.24
C GLN C 293 5.88 -10.86 -30.00
N GLN C 294 6.82 -10.25 -29.31
CA GLN C 294 7.98 -9.63 -30.02
C GLN C 294 9.28 -10.00 -29.32
N PRO C 295 10.31 -10.26 -30.09
CA PRO C 295 11.65 -10.64 -29.57
C PRO C 295 12.50 -9.43 -29.22
N GLY C 296 13.41 -9.57 -28.30
CA GLY C 296 14.26 -8.42 -27.92
C GLY C 296 14.43 -8.41 -26.40
N ILE C 297 14.97 -7.35 -25.88
CA ILE C 297 15.17 -7.26 -24.40
C ILE C 297 14.10 -6.34 -23.80
N TYR C 298 13.39 -6.82 -22.82
CA TYR C 298 12.33 -6.01 -22.17
C TYR C 298 12.65 -5.88 -20.68
N ALA C 299 12.46 -4.73 -20.13
CA ALA C 299 12.75 -4.52 -18.69
C ALA C 299 11.47 -4.67 -17.92
N TYR C 300 11.54 -5.22 -16.75
CA TYR C 300 10.29 -5.42 -15.98
C TYR C 300 10.53 -4.79 -14.64
N VAL C 301 9.83 -3.77 -14.28
CA VAL C 301 10.20 -3.19 -12.97
C VAL C 301 9.10 -2.37 -12.34
N ASN C 302 9.35 -1.98 -11.13
CA ASN C 302 8.39 -1.17 -10.37
C ASN C 302 8.27 0.13 -11.12
N HIS C 303 7.10 0.52 -11.45
CA HIS C 303 6.98 1.77 -12.26
C HIS C 303 7.62 2.90 -11.48
N ASN C 304 7.30 3.09 -10.23
CA ASN C 304 8.04 4.19 -9.56
C ASN C 304 9.41 4.31 -10.30
N LEU C 305 9.47 5.10 -11.36
CA LEU C 305 10.71 5.20 -12.18
C LEU C 305 11.91 5.38 -11.27
N ILE C 306 11.75 6.21 -10.31
CA ILE C 306 12.87 6.46 -9.36
C ILE C 306 13.22 5.15 -8.68
N GLU C 307 12.23 4.51 -8.13
CA GLU C 307 12.48 3.19 -7.47
C GLU C 307 13.06 2.16 -8.48
N ALA C 308 12.67 2.21 -9.74
CA ALA C 308 13.20 1.22 -10.73
C ALA C 308 14.58 1.61 -11.35
N PHE C 309 14.95 2.87 -11.43
CA PHE C 309 16.26 3.19 -12.07
C PHE C 309 17.24 3.75 -11.06
N GLU C 310 16.75 4.52 -10.14
CA GLU C 310 17.66 5.12 -9.12
C GLU C 310 17.82 4.21 -7.88
N LEU C 311 16.85 3.39 -7.54
CA LEU C 311 17.01 2.54 -6.33
C LEU C 311 17.53 1.17 -6.73
N GLY C 312 16.95 0.59 -7.74
CA GLY C 312 17.40 -0.76 -8.20
C GLY C 312 16.20 -1.74 -8.41
N ALA C 313 15.00 -1.28 -8.72
CA ALA C 313 13.88 -2.24 -8.95
C ALA C 313 13.68 -2.46 -10.45
N ALA C 314 14.62 -3.07 -11.14
CA ALA C 314 14.44 -3.30 -12.60
C ALA C 314 15.19 -4.55 -13.06
N ALA C 315 14.49 -5.51 -13.63
CA ALA C 315 15.16 -6.74 -14.12
C ALA C 315 15.01 -6.75 -15.63
N HIS C 316 15.46 -7.75 -16.30
CA HIS C 316 15.29 -7.73 -17.79
C HIS C 316 15.06 -9.13 -18.39
N PHE C 317 14.06 -9.27 -19.26
CA PHE C 317 13.83 -10.59 -19.93
C PHE C 317 14.31 -10.55 -21.41
N LYS C 318 15.10 -11.52 -21.83
CA LYS C 318 15.61 -11.59 -23.20
C LYS C 318 14.72 -12.57 -23.91
N VAL C 319 14.19 -12.19 -25.01
CA VAL C 319 13.25 -13.07 -25.71
C VAL C 319 13.73 -13.28 -27.11
N THR C 320 13.60 -14.47 -27.56
CA THR C 320 14.06 -14.79 -28.95
C THR C 320 12.86 -15.03 -29.84
N GLY C 321 13.03 -14.91 -31.13
CA GLY C 321 11.87 -15.14 -32.06
C GLY C 321 11.98 -14.21 -33.28
N GLU C 322 10.89 -14.02 -33.97
CA GLU C 322 10.90 -13.14 -35.17
C GLU C 322 10.09 -11.89 -34.84
N TRP C 323 10.54 -10.77 -35.31
CA TRP C 323 9.84 -9.50 -35.04
C TRP C 323 8.56 -9.46 -35.86
N ASN C 324 7.58 -8.79 -35.34
CA ASN C 324 6.27 -8.67 -36.04
C ASN C 324 6.04 -7.20 -36.36
N ASP C 325 6.17 -6.84 -37.60
CA ASP C 325 6.00 -5.42 -37.99
C ASP C 325 4.55 -5.00 -37.78
N ASP C 326 3.64 -5.87 -38.10
CA ASP C 326 2.20 -5.53 -37.93
C ASP C 326 2.01 -4.85 -36.57
N LEU C 327 2.50 -5.45 -35.53
CA LEU C 327 2.38 -4.86 -34.17
C LEU C 327 3.17 -3.55 -34.08
N MET C 328 4.38 -3.49 -34.59
CA MET C 328 5.14 -2.21 -34.47
C MET C 328 6.25 -2.16 -35.50
N THR C 329 6.39 -1.06 -36.16
CA THR C 329 7.46 -0.95 -37.19
C THR C 329 7.98 0.50 -37.26
N SER C 330 9.28 0.68 -37.36
CA SER C 330 9.84 2.06 -37.46
C SER C 330 9.78 2.51 -38.91
N VAL C 331 8.74 3.22 -39.27
CA VAL C 331 8.60 3.67 -40.68
C VAL C 331 9.82 4.50 -41.06
N LEU C 332 10.17 5.41 -40.22
CA LEU C 332 11.36 6.26 -40.50
C LEU C 332 12.32 6.22 -39.31
N ALA C 333 13.42 5.52 -39.44
CA ALA C 333 14.39 5.43 -38.31
C ALA C 333 14.94 6.83 -38.02
N PRO C 334 15.38 7.04 -36.81
CA PRO C 334 15.93 8.34 -36.37
C PRO C 334 16.94 8.90 -37.38
N SER C 335 16.69 10.05 -37.92
CA SER C 335 17.65 10.63 -38.91
C SER C 335 17.71 12.14 -38.74
N GLY C 336 18.24 12.83 -39.70
CA GLY C 336 18.33 14.31 -39.61
C GLY C 336 17.03 14.93 -40.10
N GLU D 1 21.07 1.27 47.24
CA GLU D 1 20.99 2.25 46.15
C GLU D 1 20.29 1.65 44.93
N ASN D 2 20.19 2.45 43.89
CA ASN D 2 19.42 2.10 42.71
C ASN D 2 20.32 1.97 41.50
N ILE D 3 20.00 0.97 40.66
CA ILE D 3 20.76 0.77 39.42
C ILE D 3 19.77 0.77 38.26
N GLU D 4 20.01 1.65 37.30
CA GLU D 4 19.08 1.77 36.20
C GLU D 4 19.54 0.94 35.00
N VAL D 5 18.60 0.18 34.44
CA VAL D 5 18.90 -0.71 33.31
C VAL D 5 17.95 -0.35 32.17
N HIS D 6 18.44 -0.27 30.93
CA HIS D 6 17.56 0.03 29.81
C HIS D 6 17.35 -1.24 28.96
N MET D 7 16.15 -1.33 28.42
CA MET D 7 15.78 -2.41 27.49
C MET D 7 15.73 -1.79 26.10
N LEU D 8 16.53 -2.32 25.19
CA LEU D 8 16.64 -1.76 23.85
C LEU D 8 16.52 -2.80 22.75
N ASN D 9 16.06 -2.34 21.58
CA ASN D 9 15.98 -3.20 20.41
C ASN D 9 17.39 -3.42 19.84
N LYS D 10 18.27 -2.44 20.06
CA LYS D 10 19.62 -2.58 19.54
C LYS D 10 20.59 -1.84 20.44
N GLY D 11 21.73 -2.45 20.75
CA GLY D 11 22.70 -1.77 21.63
C GLY D 11 24.08 -2.28 21.28
N ALA D 12 25.02 -2.17 22.21
CA ALA D 12 26.39 -2.55 21.93
C ALA D 12 26.56 -4.01 21.55
N GLU D 13 25.84 -4.92 22.21
CA GLU D 13 26.09 -6.32 21.87
C GLU D 13 25.25 -6.84 20.72
N GLY D 14 24.40 -6.02 20.12
CA GLY D 14 23.57 -6.49 19.01
C GLY D 14 22.11 -6.16 19.25
N ALA D 15 21.21 -6.98 18.72
CA ALA D 15 19.79 -6.77 18.85
C ALA D 15 19.28 -7.33 20.18
N MET D 16 18.24 -6.70 20.70
CA MET D 16 17.46 -7.11 21.85
C MET D 16 18.32 -7.27 23.11
N VAL D 17 18.61 -6.15 23.77
CA VAL D 17 19.55 -6.24 24.89
C VAL D 17 19.12 -5.44 26.12
N PHE D 18 19.71 -5.84 27.25
CA PHE D 18 19.57 -5.10 28.50
C PHE D 18 20.90 -4.35 28.62
N GLU D 19 20.89 -3.08 28.99
CA GLU D 19 22.16 -2.33 29.18
C GLU D 19 22.09 -1.65 30.54
N PRO D 20 22.94 -1.98 31.49
CA PRO D 20 23.99 -3.00 31.40
C PRO D 20 23.42 -4.41 31.49
N ALA D 21 24.19 -5.43 31.11
CA ALA D 21 23.64 -6.79 31.18
C ALA D 21 24.24 -7.50 32.38
N TYR D 22 25.16 -6.79 33.04
CA TYR D 22 25.78 -7.36 34.25
C TYR D 22 25.51 -6.33 35.35
N ILE D 23 24.78 -6.71 36.39
CA ILE D 23 24.40 -5.77 37.43
C ILE D 23 24.89 -6.27 38.77
N LYS D 24 25.71 -5.42 39.40
CA LYS D 24 26.27 -5.79 40.70
C LYS D 24 25.49 -5.08 41.80
N ALA D 25 24.95 -5.82 42.76
CA ALA D 25 24.14 -5.11 43.75
C ALA D 25 24.28 -5.73 45.13
N ASN D 26 23.69 -5.10 46.15
CA ASN D 26 23.72 -5.67 47.49
C ASN D 26 22.30 -5.83 48.02
N PRO D 27 22.06 -6.66 49.04
CA PRO D 27 20.70 -6.83 49.58
C PRO D 27 20.08 -5.50 49.99
N GLY D 28 18.85 -5.22 49.56
CA GLY D 28 18.21 -3.95 49.84
C GLY D 28 18.32 -2.99 48.68
N ASP D 29 19.20 -3.21 47.71
CA ASP D 29 19.27 -2.31 46.54
C ASP D 29 18.07 -2.49 45.63
N THR D 30 17.83 -1.51 44.75
CA THR D 30 16.79 -1.68 43.76
C THR D 30 17.42 -1.62 42.37
N VAL D 31 16.77 -2.33 41.46
CA VAL D 31 17.14 -2.35 40.05
C VAL D 31 15.90 -1.84 39.30
N THR D 32 16.08 -0.74 38.60
CA THR D 32 14.98 -0.16 37.84
C THR D 32 15.16 -0.43 36.34
N PHE D 33 14.19 -1.15 35.78
CA PHE D 33 14.23 -1.56 34.38
C PHE D 33 13.36 -0.61 33.57
N ILE D 34 13.98 0.06 32.59
CA ILE D 34 13.26 1.06 31.79
C ILE D 34 13.19 0.66 30.33
N PRO D 35 12.00 0.35 29.83
CA PRO D 35 11.94 0.00 28.40
C PRO D 35 12.05 1.27 27.54
N VAL D 36 13.22 1.52 26.99
CA VAL D 36 13.45 2.67 26.12
C VAL D 36 12.77 2.44 24.77
N ASP D 37 12.79 1.19 24.32
CA ASP D 37 12.02 0.84 23.13
C ASP D 37 10.82 0.02 23.57
N LYS D 38 9.78 -0.07 22.76
CA LYS D 38 8.63 -0.88 23.17
C LYS D 38 8.85 -2.37 22.87
N GLY D 39 8.09 -3.23 23.53
CA GLY D 39 8.11 -4.64 23.27
C GLY D 39 8.90 -5.46 24.26
N HIS D 40 9.33 -4.86 25.37
CA HIS D 40 10.17 -5.60 26.32
C HIS D 40 9.60 -5.66 27.73
N ASN D 41 10.03 -6.66 28.51
CA ASN D 41 9.63 -6.83 29.90
C ASN D 41 10.81 -7.51 30.61
N VAL D 42 10.62 -7.92 31.84
CA VAL D 42 11.68 -8.64 32.57
C VAL D 42 11.00 -9.70 33.41
N GLU D 43 11.59 -10.88 33.44
CA GLU D 43 11.02 -12.05 34.11
C GLU D 43 12.16 -12.92 34.67
N SER D 44 12.05 -13.38 35.90
CA SER D 44 13.11 -14.22 36.43
C SER D 44 13.02 -15.58 35.75
N ILE D 45 14.16 -16.24 35.54
CA ILE D 45 14.13 -17.54 34.88
C ILE D 45 14.06 -18.66 35.92
N LYS D 46 13.21 -19.62 35.69
CA LYS D 46 13.03 -20.77 36.63
C LYS D 46 14.36 -21.46 36.95
N ASP D 47 14.61 -21.62 38.21
CA ASP D 47 15.79 -22.27 38.73
C ASP D 47 17.08 -21.54 38.44
N MET D 48 16.96 -20.26 38.07
CA MET D 48 18.18 -19.46 37.89
C MET D 48 18.09 -18.18 38.73
N ILE D 49 17.51 -18.30 39.89
CA ILE D 49 17.49 -17.28 40.93
C ILE D 49 17.80 -18.01 42.24
N PRO D 50 18.28 -17.30 43.24
CA PRO D 50 18.68 -17.98 44.47
C PRO D 50 17.53 -18.64 45.22
N GLU D 51 17.89 -19.69 45.95
CA GLU D 51 17.05 -20.51 46.76
C GLU D 51 15.78 -19.92 47.35
N GLY D 52 15.83 -18.84 48.13
CA GLY D 52 14.62 -18.29 48.73
C GLY D 52 14.08 -17.00 48.18
N ALA D 53 14.46 -16.72 46.94
CA ALA D 53 14.00 -15.44 46.36
C ALA D 53 12.67 -15.66 45.67
N GLU D 54 11.85 -14.63 45.57
CA GLU D 54 10.56 -14.77 44.88
C GLU D 54 10.70 -14.60 43.37
N LYS D 55 9.91 -15.34 42.61
CA LYS D 55 9.90 -15.20 41.16
C LYS D 55 9.24 -13.87 40.81
N PHE D 56 9.53 -13.30 39.64
CA PHE D 56 8.93 -12.02 39.27
C PHE D 56 8.74 -11.90 37.77
N LYS D 57 7.76 -11.11 37.38
CA LYS D 57 7.50 -10.93 35.95
C LYS D 57 6.80 -9.58 35.76
N SER D 58 7.41 -8.73 34.94
CA SER D 58 6.79 -7.42 34.75
C SER D 58 5.88 -7.39 33.53
N LYS D 59 5.05 -6.35 33.35
CA LYS D 59 4.24 -6.30 32.13
C LYS D 59 5.06 -5.67 31.01
N ILE D 60 4.77 -6.02 29.76
CA ILE D 60 5.52 -5.45 28.64
C ILE D 60 5.33 -3.94 28.57
N ASN D 61 6.40 -3.20 28.33
CA ASN D 61 6.41 -1.76 28.22
C ASN D 61 6.37 -0.96 29.52
N GLU D 62 6.21 -1.62 30.65
CA GLU D 62 6.22 -0.94 31.94
C GLU D 62 7.61 -0.83 32.58
N ASN D 63 7.77 0.29 33.28
CA ASN D 63 8.95 0.54 34.08
C ASN D 63 8.81 -0.38 35.28
N TYR D 64 9.82 -1.17 35.62
CA TYR D 64 9.64 -2.06 36.76
C TYR D 64 10.78 -1.90 37.76
N VAL D 65 10.43 -1.81 39.04
CA VAL D 65 11.47 -1.67 40.04
C VAL D 65 11.60 -2.99 40.82
N LEU D 66 12.74 -3.62 40.70
CA LEU D 66 12.98 -4.86 41.43
C LEU D 66 13.73 -4.58 42.71
N THR D 67 13.25 -5.06 43.86
CA THR D 67 14.07 -4.97 45.07
C THR D 67 14.79 -6.30 45.28
N VAL D 68 16.09 -6.27 45.48
CA VAL D 68 16.79 -7.55 45.64
C VAL D 68 17.16 -7.75 47.11
N THR D 69 16.83 -8.93 47.61
CA THR D 69 17.07 -9.26 49.01
C THR D 69 18.08 -10.39 49.15
N GLN D 70 17.77 -11.55 48.60
CA GLN D 70 18.68 -12.70 48.75
C GLN D 70 19.95 -12.59 47.94
N PRO D 71 21.10 -12.90 48.54
CA PRO D 71 22.38 -12.91 47.87
C PRO D 71 22.41 -14.09 46.89
N GLY D 72 23.27 -13.95 45.88
CA GLY D 72 23.32 -14.98 44.87
C GLY D 72 23.18 -14.35 43.48
N ALA D 73 23.22 -15.20 42.46
CA ALA D 73 23.09 -14.71 41.08
C ALA D 73 21.67 -14.97 40.61
N TYR D 74 21.20 -14.09 39.74
CA TYR D 74 19.87 -14.12 39.17
C TYR D 74 20.06 -13.91 37.65
N LEU D 75 19.49 -14.83 36.87
CA LEU D 75 19.51 -14.57 35.42
C LEU D 75 18.06 -14.17 35.09
N VAL D 76 17.92 -13.01 34.46
CA VAL D 76 16.57 -12.58 34.08
C VAL D 76 16.51 -12.51 32.56
N LYS D 77 15.30 -12.64 32.05
CA LYS D 77 15.16 -12.55 30.59
C LYS D 77 14.09 -11.53 30.26
N CYS D 78 14.02 -11.19 28.99
CA CYS D 78 12.86 -10.49 28.44
C CYS D 78 11.99 -11.64 27.91
N THR D 79 10.72 -11.71 28.28
CA THR D 79 9.87 -12.84 27.89
C THR D 79 9.80 -12.99 26.38
N PRO D 80 9.43 -11.97 25.63
CA PRO D 80 9.38 -12.16 24.17
C PRO D 80 10.73 -12.37 23.54
N HIS D 81 11.82 -11.75 24.00
CA HIS D 81 13.05 -11.91 23.25
C HIS D 81 14.13 -12.78 23.87
N TYR D 82 13.76 -13.62 24.82
CA TYR D 82 14.71 -14.52 25.44
C TYR D 82 15.43 -15.38 24.40
N ALA D 83 14.66 -15.93 23.45
CA ALA D 83 15.33 -16.77 22.45
C ALA D 83 16.27 -16.00 21.55
N MET D 84 16.21 -14.68 21.50
CA MET D 84 17.13 -13.86 20.72
C MET D 84 18.27 -13.34 21.58
N GLY D 85 18.38 -13.83 22.81
CA GLY D 85 19.52 -13.53 23.65
C GLY D 85 19.29 -12.45 24.68
N MET D 86 18.07 -11.95 24.85
CA MET D 86 17.91 -10.78 25.73
C MET D 86 17.89 -11.20 27.20
N ILE D 87 19.04 -11.11 27.86
CA ILE D 87 19.11 -11.51 29.28
C ILE D 87 19.99 -10.54 30.05
N ALA D 88 19.94 -10.61 31.38
CA ALA D 88 20.86 -9.85 32.19
C ALA D 88 21.16 -10.75 33.41
N LEU D 89 22.36 -10.55 33.97
CA LEU D 89 22.76 -11.29 35.17
C LEU D 89 22.87 -10.29 36.31
N ILE D 90 22.17 -10.56 37.41
CA ILE D 90 22.27 -9.70 38.58
C ILE D 90 23.07 -10.48 39.63
N ALA D 91 24.15 -9.92 40.14
CA ALA D 91 24.95 -10.59 41.15
C ALA D 91 24.79 -9.81 42.46
N VAL D 92 24.20 -10.48 43.44
CA VAL D 92 23.95 -9.90 44.77
C VAL D 92 24.93 -10.43 45.79
N GLY D 93 25.79 -9.55 46.31
CA GLY D 93 26.77 -9.95 47.30
C GLY D 93 28.00 -10.51 46.62
N ASP D 94 29.03 -10.94 47.36
CA ASP D 94 30.21 -11.45 46.65
C ASP D 94 30.14 -12.97 46.47
N SER D 95 30.90 -13.49 45.54
CA SER D 95 31.02 -14.87 45.08
C SER D 95 29.72 -15.66 45.21
N PRO D 96 28.78 -15.30 44.35
CA PRO D 96 27.43 -15.88 44.39
C PRO D 96 27.50 -17.42 44.30
N ALA D 97 26.89 -18.07 45.27
CA ALA D 97 27.00 -19.51 45.39
C ALA D 97 26.48 -20.26 44.17
N ASN D 98 25.47 -19.68 43.51
CA ASN D 98 24.81 -20.39 42.42
C ASN D 98 25.26 -19.98 41.02
N LEU D 99 26.30 -19.19 40.85
CA LEU D 99 26.76 -18.73 39.56
C LEU D 99 27.20 -19.84 38.61
N ASP D 100 28.04 -20.79 39.06
CA ASP D 100 28.49 -21.88 38.18
C ASP D 100 27.31 -22.74 37.75
N GLN D 101 26.34 -22.94 38.65
CA GLN D 101 25.15 -23.70 38.32
C GLN D 101 24.42 -22.97 37.20
N ILE D 102 24.27 -21.65 37.31
CA ILE D 102 23.54 -20.95 36.24
C ILE D 102 24.28 -21.00 34.93
N VAL D 103 25.61 -20.92 34.99
CA VAL D 103 26.37 -20.95 33.72
C VAL D 103 26.23 -22.31 33.05
N SER D 104 26.14 -23.38 33.85
CA SER D 104 25.99 -24.70 33.25
C SER D 104 24.56 -25.03 32.84
N ALA D 105 23.53 -24.34 33.36
CA ALA D 105 22.16 -24.75 33.07
C ALA D 105 21.79 -24.72 31.59
N LYS D 106 20.78 -25.52 31.25
CA LYS D 106 20.33 -25.54 29.86
C LYS D 106 19.65 -24.23 29.47
N LYS D 107 20.06 -23.67 28.33
CA LYS D 107 19.46 -22.44 27.82
C LYS D 107 19.80 -22.29 26.33
N PRO D 108 19.13 -21.40 25.61
CA PRO D 108 19.43 -21.20 24.19
C PRO D 108 20.89 -20.85 23.96
N LYS D 109 21.41 -21.35 22.83
CA LYS D 109 22.81 -21.13 22.50
C LYS D 109 23.18 -19.66 22.48
N ILE D 110 22.27 -18.85 21.91
CA ILE D 110 22.59 -17.42 21.82
C ILE D 110 22.63 -16.80 23.22
N VAL D 111 21.72 -17.29 24.07
CA VAL D 111 21.76 -16.81 25.48
C VAL D 111 23.09 -17.14 26.12
N GLN D 112 23.49 -18.41 25.99
CA GLN D 112 24.75 -18.89 26.57
C GLN D 112 25.93 -18.05 26.12
N GLU D 113 25.99 -17.73 24.82
CA GLU D 113 27.09 -16.92 24.31
C GLU D 113 27.09 -15.52 24.92
N ARG D 114 25.91 -14.91 25.08
CA ARG D 114 25.94 -13.57 25.70
C ARG D 114 26.29 -13.59 27.18
N LEU D 115 25.78 -14.61 27.88
CA LEU D 115 26.06 -14.82 29.30
C LEU D 115 27.57 -14.93 29.52
N GLU D 116 28.20 -15.75 28.67
CA GLU D 116 29.64 -15.96 28.80
C GLU D 116 30.42 -14.68 28.58
N LYS D 117 29.93 -13.88 27.65
CA LYS D 117 30.58 -12.61 27.39
C LYS D 117 30.43 -11.68 28.58
N VAL D 118 29.20 -11.54 29.07
CA VAL D 118 28.98 -10.64 30.21
C VAL D 118 29.77 -11.05 31.44
N ILE D 119 29.93 -12.35 31.68
CA ILE D 119 30.69 -12.73 32.87
C ILE D 119 32.17 -12.42 32.68
N ALA D 120 32.64 -12.49 31.43
CA ALA D 120 34.04 -12.22 31.14
C ALA D 120 34.29 -10.71 31.02
N SER D 121 33.59 -10.14 30.08
CA SER D 121 33.52 -8.79 29.58
C SER D 121 32.24 -8.05 29.94
N ALA D 122 32.08 -7.79 31.24
CA ALA D 122 30.95 -7.05 31.79
C ALA D 122 31.00 -7.08 33.32
N LYS D 123 31.77 -8.02 33.84
CA LYS D 123 31.92 -8.24 35.28
C LYS D 123 32.51 -7.01 36.00
CU CU E . -12.39 20.89 11.44
CU CU F . -12.42 13.59 0.92
GD GD G . -10.19 4.45 25.63
GD GD H . -18.45 -10.20 24.90
GD GD I . -0.15 -31.42 21.44
CU CU J . 13.19 12.78 -22.92
CU CU K . 6.24 3.17 -18.25
GD GD L . -1.43 27.45 -19.96
GD GD M . -20.82 28.25 -21.95
GD GD N . -33.45 28.55 1.67
CU CU O . 13.46 -13.79 11.37
CU CU P . 2.14 -10.38 6.66
GD GD Q . 22.96 -14.51 -5.99
GD GD R . 17.07 -22.12 -22.00
GD GD S . 14.19 -2.23 -42.19
CU CU T . 12.65 -7.72 24.83
N THR A 2 -42.01 13.15 -4.76
CA THR A 2 -42.43 14.59 -4.75
C THR A 2 -42.08 15.24 -3.40
N ALA A 3 -42.38 16.50 -3.23
CA ALA A 3 -42.06 17.18 -1.94
C ALA A 3 -42.91 16.59 -0.81
N ALA A 4 -44.18 16.37 -1.03
CA ALA A 4 -45.04 15.81 0.05
C ALA A 4 -44.52 14.43 0.46
N GLU A 5 -44.10 13.65 -0.50
CA GLU A 5 -43.58 12.29 -0.16
C GLU A 5 -42.33 12.41 0.72
N ILE A 6 -41.42 13.28 0.37
CA ILE A 6 -40.18 13.43 1.19
C ILE A 6 -40.54 13.93 2.59
N ALA A 7 -41.45 14.87 2.68
CA ALA A 7 -41.85 15.40 4.02
C ALA A 7 -42.65 14.35 4.83
N ALA A 8 -43.25 13.38 4.20
CA ALA A 8 -44.04 12.36 4.96
C ALA A 8 -43.16 11.18 5.43
N LEU A 9 -41.93 11.09 4.99
CA LEU A 9 -41.07 9.95 5.44
C LEU A 9 -40.83 10.04 6.96
N PRO A 10 -40.86 8.92 7.65
CA PRO A 10 -40.63 8.89 9.13
C PRO A 10 -39.21 9.32 9.55
N ARG A 11 -39.09 10.18 10.53
CA ARG A 11 -37.77 10.64 11.00
C ARG A 11 -37.45 9.84 12.27
N GLN A 12 -36.26 9.35 12.37
CA GLN A 12 -35.90 8.54 13.57
C GLN A 12 -34.52 8.95 14.07
N LYS A 13 -34.44 9.30 15.30
CA LYS A 13 -33.14 9.72 15.88
C LYS A 13 -32.41 8.47 16.36
N VAL A 14 -31.12 8.47 16.24
CA VAL A 14 -30.32 7.30 16.68
C VAL A 14 -29.15 7.77 17.55
N GLU A 15 -28.93 7.09 18.63
CA GLU A 15 -27.84 7.45 19.55
C GLU A 15 -26.58 6.81 19.00
N LEU A 16 -25.53 7.56 18.95
CA LEU A 16 -24.27 6.99 18.38
C LEU A 16 -23.32 6.49 19.47
N VAL A 17 -22.51 5.50 19.18
CA VAL A 17 -21.56 5.00 20.18
C VAL A 17 -20.19 5.47 19.75
N ASP A 18 -19.19 5.06 20.43
CA ASP A 18 -17.81 5.49 20.04
C ASP A 18 -17.02 4.30 19.47
N PRO A 19 -16.26 4.52 18.43
CA PRO A 19 -15.44 3.45 17.80
C PRO A 19 -14.67 2.63 18.84
N PRO A 20 -14.35 1.41 18.52
CA PRO A 20 -14.69 0.80 17.20
C PRO A 20 -16.11 0.21 17.17
N PHE A 21 -16.86 0.35 18.23
CA PHE A 21 -18.23 -0.20 18.26
C PHE A 21 -19.11 0.53 17.23
N VAL A 22 -20.29 0.05 17.07
CA VAL A 22 -21.24 0.67 16.12
C VAL A 22 -22.59 0.73 16.82
N HIS A 23 -23.37 1.68 16.48
CA HIS A 23 -24.69 1.84 17.12
C HIS A 23 -25.58 0.64 16.80
N ALA A 24 -26.85 0.76 17.08
CA ALA A 24 -27.78 -0.38 16.80
C ALA A 24 -28.44 -0.17 15.43
N HIS A 25 -28.37 -1.17 14.59
CA HIS A 25 -29.00 -1.06 13.24
C HIS A 25 -29.29 -2.46 12.70
N SER A 26 -30.12 -2.56 11.69
CA SER A 26 -30.44 -3.89 11.11
C SER A 26 -29.82 -3.97 9.71
N GLN A 27 -29.31 -5.11 9.36
CA GLN A 27 -28.68 -5.24 8.01
C GLN A 27 -29.76 -4.96 7.01
N VAL A 28 -30.71 -5.83 6.93
CA VAL A 28 -31.84 -5.59 6.00
C VAL A 28 -32.63 -4.37 6.52
N ALA A 29 -33.00 -3.47 5.66
CA ALA A 29 -33.73 -2.25 6.10
C ALA A 29 -35.09 -2.64 6.67
N GLU A 30 -35.48 -1.99 7.72
CA GLU A 30 -36.80 -2.27 8.35
C GLU A 30 -37.76 -1.13 7.99
N GLY A 31 -38.69 -1.39 7.12
CA GLY A 31 -39.64 -0.32 6.71
C GLY A 31 -39.10 0.31 5.44
N GLY A 32 -39.73 1.35 4.99
CA GLY A 32 -39.26 2.01 3.75
C GLY A 32 -38.21 3.07 4.12
N PRO A 33 -37.94 3.95 3.21
CA PRO A 33 -36.94 5.04 3.41
C PRO A 33 -37.28 5.90 4.63
N LYS A 34 -36.30 6.31 5.37
CA LYS A 34 -36.57 7.16 6.57
C LYS A 34 -35.39 8.13 6.84
N VAL A 35 -35.72 9.34 7.23
CA VAL A 35 -34.71 10.37 7.55
C VAL A 35 -34.11 10.04 8.91
N VAL A 36 -32.90 9.59 8.88
CA VAL A 36 -32.18 9.21 10.10
C VAL A 36 -31.54 10.44 10.63
N GLU A 37 -31.72 10.66 11.87
CA GLU A 37 -31.16 11.88 12.49
C GLU A 37 -30.06 11.54 13.49
N PHE A 38 -28.94 12.18 13.35
CA PHE A 38 -27.80 11.96 14.28
C PHE A 38 -27.21 13.32 14.66
N THR A 39 -26.77 13.50 15.88
CA THR A 39 -26.20 14.81 16.30
C THR A 39 -24.82 14.60 16.90
N MET A 40 -23.85 15.35 16.46
CA MET A 40 -22.48 15.19 17.02
C MET A 40 -21.86 16.56 17.36
N VAL A 41 -21.33 16.68 18.56
CA VAL A 41 -20.69 17.94 18.99
C VAL A 41 -19.21 17.77 18.77
N ILE A 42 -18.58 18.77 18.27
CA ILE A 42 -17.13 18.67 17.98
C ILE A 42 -16.35 19.12 19.20
N GLU A 43 -15.32 18.42 19.54
CA GLU A 43 -14.54 18.82 20.74
C GLU A 43 -13.05 18.94 20.41
N GLU A 44 -12.49 20.12 20.54
CA GLU A 44 -11.03 20.28 20.25
C GLU A 44 -10.27 20.17 21.58
N LYS A 45 -9.52 19.11 21.78
CA LYS A 45 -8.80 18.97 23.05
C LYS A 45 -7.46 18.31 22.81
N LYS A 46 -6.69 18.20 23.83
CA LYS A 46 -5.35 17.56 23.69
C LYS A 46 -5.41 16.10 24.14
N ILE A 47 -5.00 15.20 23.29
CA ILE A 47 -5.01 13.76 23.64
C ILE A 47 -3.60 13.17 23.44
N VAL A 48 -3.23 12.24 24.27
CA VAL A 48 -1.93 11.60 24.19
C VAL A 48 -2.06 10.49 23.19
N ILE A 49 -1.05 10.26 22.46
CA ILE A 49 -1.13 9.20 21.40
C ILE A 49 0.18 8.42 21.31
N ASP A 50 0.81 8.18 22.42
CA ASP A 50 2.10 7.41 22.44
C ASP A 50 2.54 7.17 23.91
N ASP A 51 3.18 6.05 24.20
CA ASP A 51 3.62 5.79 25.61
C ASP A 51 4.60 6.88 26.12
N ALA A 52 5.09 7.77 25.29
CA ALA A 52 6.04 8.82 25.77
C ALA A 52 5.30 10.12 26.12
N GLY A 53 4.00 10.11 26.18
CA GLY A 53 3.24 11.37 26.53
C GLY A 53 3.16 12.36 25.34
N THR A 54 3.32 11.91 24.12
CA THR A 54 3.22 12.84 22.96
C THR A 54 1.78 13.34 22.93
N GLU A 55 1.58 14.56 22.60
CA GLU A 55 0.16 15.06 22.61
C GLU A 55 -0.19 15.75 21.29
N VAL A 56 -1.37 15.51 20.79
CA VAL A 56 -1.81 16.18 19.53
C VAL A 56 -3.19 16.86 19.72
N HIS A 57 -3.26 18.16 19.48
CA HIS A 57 -4.54 18.90 19.62
C HIS A 57 -5.53 18.29 18.65
N ALA A 58 -6.30 17.38 19.14
CA ALA A 58 -7.27 16.66 18.28
C ALA A 58 -8.53 17.48 18.05
N MET A 59 -9.07 17.32 16.88
CA MET A 59 -10.31 18.00 16.48
C MET A 59 -11.20 16.82 16.27
N ALA A 60 -12.16 16.65 17.10
CA ALA A 60 -12.86 15.38 16.98
C ALA A 60 -14.32 15.54 16.92
N PHE A 61 -14.87 14.85 16.02
CA PHE A 61 -16.36 14.85 15.90
C PHE A 61 -16.92 13.85 16.92
N ASN A 62 -17.79 14.28 17.80
CA ASN A 62 -18.33 13.34 18.83
C ASN A 62 -17.27 13.09 19.92
N GLY A 63 -16.24 13.90 20.01
CA GLY A 63 -15.18 13.69 21.04
C GLY A 63 -14.38 12.40 20.82
N THR A 64 -14.37 11.81 19.63
CA THR A 64 -13.54 10.56 19.46
C THR A 64 -12.87 10.47 18.06
N VAL A 65 -11.58 10.13 18.01
CA VAL A 65 -10.88 9.95 16.72
C VAL A 65 -10.70 8.45 16.54
N PRO A 66 -11.26 7.91 15.50
CA PRO A 66 -12.02 8.68 14.50
C PRO A 66 -13.49 8.87 14.86
N GLY A 67 -14.13 9.87 14.33
CA GLY A 67 -15.56 10.10 14.63
C GLY A 67 -16.27 8.75 14.66
N PRO A 68 -17.51 8.76 15.03
CA PRO A 68 -18.34 7.52 15.11
C PRO A 68 -18.90 7.10 13.75
N LEU A 69 -19.09 5.82 13.55
CA LEU A 69 -19.63 5.35 12.24
C LEU A 69 -21.18 5.40 12.25
N MET A 70 -21.76 6.19 11.38
CA MET A 70 -23.23 6.28 11.29
C MET A 70 -23.66 5.25 10.26
N VAL A 71 -24.74 4.62 10.48
CA VAL A 71 -25.17 3.57 9.51
C VAL A 71 -26.65 3.72 9.12
N VAL A 72 -26.88 3.87 7.85
CA VAL A 72 -28.26 3.97 7.31
C VAL A 72 -28.32 3.07 6.06
N HIS A 73 -29.46 2.99 5.42
CA HIS A 73 -29.56 2.14 4.22
C HIS A 73 -29.60 3.04 2.98
N GLN A 74 -29.51 2.44 1.83
CA GLN A 74 -29.53 3.21 0.57
C GLN A 74 -30.93 3.78 0.38
N ASP A 75 -31.00 5.02 0.03
CA ASP A 75 -32.34 5.66 -0.16
C ASP A 75 -32.67 6.50 1.08
N ASP A 76 -32.32 6.04 2.25
CA ASP A 76 -32.61 6.80 3.47
C ASP A 76 -31.79 8.10 3.47
N TYR A 77 -32.29 9.12 4.10
CA TYR A 77 -31.58 10.42 4.15
C TYR A 77 -30.95 10.62 5.53
N LEU A 78 -29.71 10.99 5.55
CA LEU A 78 -29.00 11.22 6.82
C LEU A 78 -29.10 12.70 7.14
N GLU A 79 -29.57 13.01 8.30
CA GLU A 79 -29.74 14.42 8.72
C GLU A 79 -28.91 14.59 9.95
N LEU A 80 -27.86 15.31 9.84
CA LEU A 80 -26.97 15.41 11.03
C LEU A 80 -26.87 16.84 11.56
N THR A 81 -27.22 17.00 12.81
CA THR A 81 -27.10 18.34 13.47
C THR A 81 -25.70 18.41 14.11
N LEU A 82 -24.83 19.23 13.58
CA LEU A 82 -23.48 19.35 14.10
C LEU A 82 -23.45 20.54 14.99
N ILE A 83 -22.64 20.51 15.95
CA ILE A 83 -22.58 21.64 16.91
C ILE A 83 -21.13 21.94 17.28
N ASN A 84 -20.75 23.17 17.15
CA ASN A 84 -19.36 23.59 17.51
C ASN A 84 -19.46 24.52 18.71
N PRO A 85 -19.20 24.00 19.87
CA PRO A 85 -19.29 24.74 21.16
C PRO A 85 -18.53 26.07 21.16
N GLU A 86 -18.99 27.01 21.94
CA GLU A 86 -18.28 28.32 22.00
C GLU A 86 -16.87 28.12 22.58
N THR A 87 -16.66 27.10 23.37
CA THR A 87 -15.30 26.87 23.96
C THR A 87 -14.27 26.63 22.86
N ASN A 88 -14.68 26.03 21.77
CA ASN A 88 -13.71 25.74 20.67
C ASN A 88 -13.18 27.06 20.10
N THR A 89 -12.09 27.01 19.39
CA THR A 89 -11.52 28.26 18.81
C THR A 89 -11.31 28.15 17.28
N LEU A 90 -11.80 27.12 16.62
CA LEU A 90 -11.59 27.04 15.13
C LEU A 90 -12.91 26.67 14.42
N MET A 91 -13.24 27.36 13.35
CA MET A 91 -14.49 27.02 12.61
C MET A 91 -14.29 25.68 11.89
N HIS A 92 -15.30 24.84 11.86
CA HIS A 92 -15.16 23.53 11.17
C HIS A 92 -16.17 23.40 10.03
N ASN A 93 -16.49 22.19 9.70
CA ASN A 93 -17.46 21.89 8.60
C ASN A 93 -17.38 20.38 8.32
N ILE A 94 -18.39 19.78 7.72
CA ILE A 94 -18.32 18.31 7.46
C ILE A 94 -18.65 17.99 6.00
N ASP A 95 -17.80 17.22 5.36
CA ASP A 95 -18.05 16.82 3.94
C ASP A 95 -18.17 15.29 3.89
N PHE A 96 -19.34 14.77 3.63
CA PHE A 96 -19.51 13.29 3.59
C PHE A 96 -19.36 12.78 2.15
N HIS A 97 -18.36 12.00 1.91
CA HIS A 97 -18.14 11.43 0.55
C HIS A 97 -19.43 10.76 0.03
N ALA A 98 -20.26 10.23 0.91
CA ALA A 98 -21.51 9.55 0.46
C ALA A 98 -22.62 10.54 0.08
N ALA A 99 -22.34 11.82 0.04
CA ALA A 99 -23.38 12.81 -0.34
C ALA A 99 -23.04 13.39 -1.71
N THR A 100 -23.96 14.11 -2.31
CA THR A 100 -23.68 14.70 -3.65
C THR A 100 -24.12 16.17 -3.70
N GLY A 101 -23.18 17.07 -3.84
CA GLY A 101 -23.51 18.55 -3.93
C GLY A 101 -22.92 19.35 -2.75
N ALA A 102 -22.36 20.53 -3.01
CA ALA A 102 -21.80 21.35 -1.88
C ALA A 102 -20.53 20.72 -1.30
N LEU A 103 -19.61 20.30 -2.13
CA LEU A 103 -18.33 19.73 -1.61
C LEU A 103 -18.61 18.66 -0.57
N GLY A 104 -19.67 17.92 -0.75
CA GLY A 104 -20.00 16.84 0.23
C GLY A 104 -20.61 17.43 1.50
N GLY A 105 -21.23 18.57 1.40
CA GLY A 105 -21.86 19.20 2.61
C GLY A 105 -20.92 20.21 3.29
N GLY A 106 -19.67 20.32 2.90
CA GLY A 106 -18.75 21.29 3.56
C GLY A 106 -19.15 22.74 3.24
N GLY A 107 -19.66 22.99 2.05
CA GLY A 107 -20.04 24.39 1.68
C GLY A 107 -21.31 24.85 2.44
N LEU A 108 -22.02 23.96 3.07
CA LEU A 108 -23.27 24.39 3.80
C LEU A 108 -23.20 23.93 5.27
N THR A 109 -22.03 23.82 5.82
CA THR A 109 -21.89 23.40 7.24
C THR A 109 -20.73 24.14 7.95
N GLU A 110 -20.30 25.28 7.45
CA GLU A 110 -19.21 26.04 8.11
C GLU A 110 -19.78 26.67 9.37
N ILE A 111 -19.37 26.20 10.51
CA ILE A 111 -19.94 26.76 11.76
C ILE A 111 -18.81 27.18 12.68
N ASN A 112 -18.81 28.42 13.06
CA ASN A 112 -17.73 28.91 13.98
C ASN A 112 -18.17 28.69 15.42
N PRO A 113 -17.24 28.67 16.34
CA PRO A 113 -17.54 28.48 17.78
C PRO A 113 -18.85 29.16 18.20
N GLY A 114 -19.75 28.43 18.80
CA GLY A 114 -21.05 29.03 19.21
C GLY A 114 -22.10 28.87 18.10
N GLU A 115 -21.85 28.03 17.12
CA GLU A 115 -22.87 27.87 16.03
C GLU A 115 -23.09 26.38 15.67
N LYS A 116 -24.33 26.00 15.38
CA LYS A 116 -24.62 24.59 14.98
C LYS A 116 -25.58 24.59 13.77
N THR A 117 -25.51 23.61 12.91
CA THR A 117 -26.41 23.61 11.75
C THR A 117 -26.99 22.22 11.59
N ILE A 118 -27.73 22.04 10.56
CA ILE A 118 -28.34 20.71 10.30
C ILE A 118 -28.34 20.48 8.79
N LEU A 119 -27.66 19.47 8.34
CA LEU A 119 -27.61 19.21 6.87
C LEU A 119 -28.16 17.82 6.57
N ARG A 120 -29.05 17.74 5.63
CA ARG A 120 -29.64 16.41 5.27
C ARG A 120 -29.30 16.06 3.81
N PHE A 121 -28.87 14.84 3.57
CA PHE A 121 -28.53 14.41 2.19
C PHE A 121 -29.06 12.98 1.97
N LYS A 122 -29.47 12.69 0.77
CA LYS A 122 -30.00 11.34 0.44
C LYS A 122 -28.84 10.39 0.15
N ALA A 123 -28.82 9.29 0.82
CA ALA A 123 -27.76 8.28 0.63
C ALA A 123 -28.16 7.49 -0.58
N THR A 124 -27.68 7.91 -1.69
CA THR A 124 -28.12 7.25 -2.98
C THR A 124 -27.21 6.08 -3.41
N LYS A 125 -26.08 5.89 -2.80
CA LYS A 125 -25.19 4.78 -3.21
C LYS A 125 -24.81 3.96 -1.99
N PRO A 126 -24.80 2.68 -2.13
CA PRO A 126 -24.47 1.75 -1.02
C PRO A 126 -22.95 1.52 -0.85
N GLY A 127 -22.47 1.56 0.36
CA GLY A 127 -21.01 1.33 0.56
C GLY A 127 -20.47 2.23 1.67
N VAL A 128 -19.39 1.81 2.30
CA VAL A 128 -18.79 2.61 3.37
C VAL A 128 -18.13 3.82 2.73
N PHE A 129 -18.14 4.92 3.40
CA PHE A 129 -17.54 6.12 2.81
C PHE A 129 -16.93 6.93 3.93
N VAL A 130 -15.89 7.65 3.66
CA VAL A 130 -15.26 8.45 4.77
C VAL A 130 -15.75 9.93 4.81
N TYR A 131 -16.17 10.41 5.97
CA TYR A 131 -16.59 11.82 6.11
C TYR A 131 -15.44 12.54 6.82
N HIS A 132 -15.29 13.82 6.61
CA HIS A 132 -14.15 14.53 7.26
C HIS A 132 -14.34 16.05 7.18
N CYS A 133 -13.94 16.78 8.19
CA CYS A 133 -14.09 18.26 8.17
C CYS A 133 -13.09 18.84 7.18
N ALA A 134 -13.43 19.90 6.50
CA ALA A 134 -12.47 20.45 5.51
C ALA A 134 -12.71 21.92 5.25
N PRO A 135 -12.39 22.75 6.19
CA PRO A 135 -12.54 24.23 6.06
C PRO A 135 -11.62 24.78 4.97
N PRO A 136 -12.18 25.46 4.01
CA PRO A 136 -11.41 26.03 2.87
C PRO A 136 -10.05 26.61 3.28
N GLY A 137 -8.97 26.08 2.74
CA GLY A 137 -7.62 26.63 3.08
C GLY A 137 -6.93 25.83 4.22
N MET A 138 -7.64 25.05 4.98
CA MET A 138 -6.98 24.30 6.08
C MET A 138 -7.54 22.89 6.12
N VAL A 139 -7.79 22.34 4.97
CA VAL A 139 -8.36 20.96 4.91
C VAL A 139 -7.41 19.94 5.56
N PRO A 140 -6.25 19.72 4.98
CA PRO A 140 -5.25 18.74 5.47
C PRO A 140 -4.97 18.85 6.97
N TRP A 141 -5.03 20.03 7.51
CA TRP A 141 -4.75 20.17 8.97
C TRP A 141 -5.90 19.59 9.80
N HIS A 142 -7.10 19.96 9.47
CA HIS A 142 -8.28 19.45 10.22
C HIS A 142 -8.39 17.92 10.11
N VAL A 143 -8.07 17.36 8.98
CA VAL A 143 -8.19 15.88 8.82
C VAL A 143 -7.07 15.18 9.60
N VAL A 144 -5.86 15.62 9.44
CA VAL A 144 -4.73 14.97 10.15
C VAL A 144 -4.93 15.11 11.67
N SER A 145 -5.56 16.18 12.09
CA SER A 145 -5.78 16.37 13.55
C SER A 145 -6.77 15.32 14.09
N GLY A 146 -7.30 14.50 13.22
CA GLY A 146 -8.26 13.45 13.69
C GLY A 146 -9.72 13.91 13.47
N MET A 147 -9.98 14.78 12.52
CA MET A 147 -11.38 15.22 12.28
C MET A 147 -11.96 14.45 11.08
N ASN A 148 -12.15 13.18 11.23
CA ASN A 148 -12.70 12.37 10.11
C ASN A 148 -13.14 10.99 10.63
N GLY A 149 -14.14 10.44 10.02
CA GLY A 149 -14.67 9.09 10.44
C GLY A 149 -15.21 8.36 9.20
N ALA A 150 -16.37 7.74 9.29
CA ALA A 150 -16.93 7.03 8.10
C ALA A 150 -18.37 6.57 8.34
N ILE A 151 -19.18 6.57 7.32
CA ILE A 151 -20.59 6.11 7.47
C ILE A 151 -20.84 4.91 6.54
N MET A 152 -21.68 4.00 6.94
CA MET A 152 -21.96 2.80 6.08
C MET A 152 -23.41 2.80 5.60
N VAL A 153 -23.61 2.92 4.32
CA VAL A 153 -24.98 2.90 3.76
C VAL A 153 -25.19 1.51 3.23
N LEU A 154 -25.89 0.71 3.95
CA LEU A 154 -26.03 -0.72 3.52
C LEU A 154 -27.22 -0.92 2.58
N PRO A 155 -27.05 -1.75 1.57
CA PRO A 155 -28.14 -2.07 0.63
C PRO A 155 -29.44 -2.40 1.39
N ARG A 156 -30.56 -1.98 0.89
CA ARG A 156 -31.85 -2.25 1.60
C ARG A 156 -31.99 -3.74 1.91
N GLU A 157 -31.46 -4.58 1.06
CA GLU A 157 -31.57 -6.06 1.30
C GLU A 157 -30.34 -6.62 2.04
N GLY A 158 -29.52 -5.78 2.63
CA GLY A 158 -28.33 -6.30 3.36
C GLY A 158 -27.16 -6.47 2.39
N LEU A 159 -26.12 -7.15 2.82
CA LEU A 159 -24.95 -7.36 1.92
C LEU A 159 -24.95 -8.78 1.34
N HIS A 160 -24.49 -8.94 0.12
CA HIS A 160 -24.44 -10.27 -0.51
C HIS A 160 -23.10 -10.42 -1.24
N ASP A 161 -22.72 -11.61 -1.58
CA ASP A 161 -21.43 -11.82 -2.29
C ASP A 161 -21.56 -11.43 -3.77
N GLY A 162 -20.69 -11.92 -4.62
CA GLY A 162 -20.76 -11.57 -6.07
C GLY A 162 -21.84 -12.42 -6.78
N LYS A 163 -22.22 -13.54 -6.22
CA LYS A 163 -23.26 -14.40 -6.90
C LYS A 163 -24.67 -14.13 -6.32
N GLY A 164 -24.83 -13.16 -5.46
CA GLY A 164 -26.20 -12.88 -4.89
C GLY A 164 -26.42 -13.55 -3.50
N LYS A 165 -25.57 -14.44 -3.06
CA LYS A 165 -25.76 -15.09 -1.75
C LYS A 165 -25.71 -14.05 -0.64
N ALA A 166 -26.60 -14.14 0.30
CA ALA A 166 -26.61 -13.14 1.42
C ALA A 166 -25.44 -13.38 2.40
N LEU A 167 -24.77 -12.33 2.78
CA LEU A 167 -23.64 -12.40 3.74
C LEU A 167 -24.06 -11.58 4.96
N THR A 168 -24.36 -12.24 6.03
CA THR A 168 -24.85 -11.55 7.23
C THR A 168 -23.80 -11.68 8.29
N TYR A 169 -23.43 -10.60 8.84
CA TYR A 169 -22.35 -10.63 9.87
C TYR A 169 -22.95 -10.61 11.28
N ASP A 170 -22.36 -11.34 12.20
CA ASP A 170 -22.86 -11.35 13.60
C ASP A 170 -22.38 -10.09 14.35
N LYS A 171 -21.25 -9.54 13.97
CA LYS A 171 -20.73 -8.33 14.67
C LYS A 171 -19.96 -7.48 13.68
N ILE A 172 -19.88 -6.20 13.92
CA ILE A 172 -19.13 -5.30 12.99
C ILE A 172 -18.35 -4.26 13.80
N TYR A 173 -17.11 -4.06 13.46
CA TYR A 173 -16.28 -3.06 14.16
C TYR A 173 -15.74 -2.07 13.14
N TYR A 174 -15.54 -0.85 13.56
CA TYR A 174 -15.02 0.19 12.62
C TYR A 174 -13.66 0.67 13.13
N VAL A 175 -12.64 0.43 12.37
CA VAL A 175 -11.27 0.84 12.78
C VAL A 175 -10.80 2.00 11.90
N GLY A 176 -10.83 3.19 12.41
CA GLY A 176 -10.38 4.37 11.65
C GLY A 176 -8.88 4.55 11.89
N GLU A 177 -8.14 4.65 10.85
CA GLU A 177 -6.68 4.79 10.96
C GLU A 177 -6.38 6.26 10.81
N GLN A 178 -5.40 6.72 11.51
CA GLN A 178 -5.10 8.18 11.42
C GLN A 178 -3.60 8.41 11.41
N ASP A 179 -3.10 9.04 10.37
CA ASP A 179 -1.64 9.34 10.31
C ASP A 179 -1.40 10.76 10.85
N PHE A 180 -0.68 10.90 11.93
CA PHE A 180 -0.43 12.23 12.48
C PHE A 180 0.92 12.75 12.00
N TYR A 181 1.23 13.93 12.37
CA TYR A 181 2.51 14.57 11.98
C TYR A 181 2.88 15.51 13.11
N VAL A 182 3.55 15.00 14.09
CA VAL A 182 3.86 15.82 15.29
C VAL A 182 5.23 16.44 15.15
N PRO A 183 5.29 17.72 15.34
CA PRO A 183 6.58 18.48 15.24
C PRO A 183 7.56 18.13 16.39
N ARG A 184 8.83 17.96 16.07
CA ARG A 184 9.85 17.64 17.11
C ARG A 184 10.90 18.75 17.13
N ASP A 185 11.49 19.01 18.25
CA ASP A 185 12.52 20.09 18.33
C ASP A 185 13.81 19.62 17.67
N GLU A 186 14.91 20.27 17.96
CA GLU A 186 16.21 19.86 17.35
C GLU A 186 16.73 18.56 17.98
N ASN A 187 16.43 18.31 19.23
CA ASN A 187 16.92 17.06 19.89
C ASN A 187 16.07 15.83 19.55
N GLY A 188 15.01 15.98 18.77
CA GLY A 188 14.17 14.80 18.43
C GLY A 188 13.02 14.59 19.45
N LYS A 189 12.75 15.53 20.32
CA LYS A 189 11.64 15.37 21.30
C LYS A 189 10.37 16.03 20.76
N TYR A 190 9.26 15.35 20.84
CA TYR A 190 7.99 15.91 20.34
C TYR A 190 7.74 17.23 21.05
N LYS A 191 7.20 18.17 20.36
CA LYS A 191 6.94 19.50 20.99
C LYS A 191 5.44 19.64 21.34
N LYS A 192 5.16 20.29 22.44
CA LYS A 192 3.75 20.50 22.84
C LYS A 192 3.45 21.99 22.73
N TYR A 193 2.22 22.34 22.64
CA TYR A 193 1.87 23.77 22.51
C TYR A 193 0.70 24.07 23.42
N GLU A 194 0.35 25.30 23.51
CA GLU A 194 -0.78 25.70 24.39
C GLU A 194 -2.11 25.59 23.63
N ALA A 195 -2.19 26.10 22.42
CA ALA A 195 -3.46 26.02 21.67
C ALA A 195 -3.24 25.28 20.37
N PRO A 196 -4.29 25.04 19.65
CA PRO A 196 -4.24 24.32 18.34
C PRO A 196 -3.56 25.13 17.22
N GLY A 197 -3.74 26.43 17.18
CA GLY A 197 -3.10 27.24 16.09
C GLY A 197 -1.60 27.39 16.33
N ASP A 198 -1.17 27.40 17.55
CA ASP A 198 0.29 27.57 17.84
C ASP A 198 1.11 26.48 17.13
N ALA A 199 0.53 25.35 16.86
CA ALA A 199 1.30 24.25 16.18
C ALA A 199 0.90 24.12 14.70
N TYR A 200 0.35 25.14 14.11
CA TYR A 200 -0.03 25.06 12.66
C TYR A 200 1.21 25.13 11.72
N GLU A 201 2.11 26.07 11.91
CA GLU A 201 3.28 26.17 10.98
C GLU A 201 4.20 24.96 11.14
N ASP A 202 4.51 24.61 12.36
CA ASP A 202 5.42 23.45 12.58
C ASP A 202 4.78 22.16 12.08
N THR A 203 3.49 22.03 12.19
CA THR A 203 2.82 20.79 11.73
C THR A 203 2.84 20.74 10.21
N VAL A 204 2.52 21.82 9.57
CA VAL A 204 2.54 21.84 8.08
C VAL A 204 3.91 21.37 7.59
N LYS A 205 4.95 21.86 8.19
CA LYS A 205 6.31 21.43 7.76
C LYS A 205 6.40 19.91 7.81
N VAL A 206 5.96 19.31 8.88
CA VAL A 206 6.01 17.83 8.99
C VAL A 206 5.09 17.18 7.94
N MET A 207 3.92 17.73 7.74
CA MET A 207 2.98 17.14 6.73
C MET A 207 3.60 17.18 5.33
N ARG A 208 4.33 18.20 4.99
CA ARG A 208 4.94 18.30 3.64
C ARG A 208 5.85 17.10 3.41
N THR A 209 6.55 16.69 4.42
CA THR A 209 7.48 15.53 4.27
C THR A 209 6.71 14.26 3.84
N LEU A 210 5.40 14.26 3.91
CA LEU A 210 4.63 13.05 3.52
C LEU A 210 5.06 11.87 4.37
N THR A 211 5.55 12.11 5.56
CA THR A 211 5.99 10.98 6.43
C THR A 211 5.38 11.18 7.82
N PRO A 212 4.36 10.42 8.13
CA PRO A 212 3.66 10.53 9.46
C PRO A 212 4.51 10.02 10.64
N THR A 213 4.62 10.79 11.70
CA THR A 213 5.41 10.33 12.87
C THR A 213 4.67 9.17 13.57
N HIS A 214 3.36 9.08 13.43
CA HIS A 214 2.62 7.98 14.09
C HIS A 214 1.37 7.64 13.26
N VAL A 215 1.15 6.37 13.03
CA VAL A 215 -0.04 5.95 12.25
C VAL A 215 -0.77 5.00 13.14
N VAL A 216 -1.94 5.30 13.55
CA VAL A 216 -2.56 4.36 14.52
C VAL A 216 -4.03 4.15 14.27
N PHE A 217 -4.60 3.35 15.11
CA PHE A 217 -6.06 3.07 14.98
C PHE A 217 -6.78 3.46 16.27
N ASN A 218 -7.91 4.09 16.16
CA ASN A 218 -8.66 4.51 17.39
C ASN A 218 -8.09 5.80 18.02
N GLY A 219 -7.11 6.43 17.39
CA GLY A 219 -6.54 7.68 17.97
C GLY A 219 -5.32 7.45 18.93
N ALA A 220 -4.69 6.30 18.98
CA ALA A 220 -3.51 6.16 19.90
C ALA A 220 -2.79 4.81 19.70
N VAL A 221 -1.48 4.81 19.72
CA VAL A 221 -0.75 3.52 19.55
C VAL A 221 -1.21 2.55 20.65
N GLY A 222 -1.61 1.37 20.28
CA GLY A 222 -2.11 0.40 21.31
C GLY A 222 -3.57 0.69 21.76
N ALA A 223 -4.35 1.46 21.01
CA ALA A 223 -5.75 1.72 21.44
C ALA A 223 -6.64 0.46 21.27
N LEU A 224 -6.32 -0.44 20.36
CA LEU A 224 -7.17 -1.64 20.16
C LEU A 224 -6.37 -2.91 20.46
N THR A 225 -5.45 -2.83 21.37
CA THR A 225 -4.62 -4.03 21.71
C THR A 225 -4.60 -4.19 23.23
N GLY A 226 -4.35 -5.39 23.71
CA GLY A 226 -4.29 -5.63 25.17
C GLY A 226 -5.71 -5.89 25.68
N ASP A 227 -6.14 -5.15 26.66
CA ASP A 227 -7.53 -5.34 27.19
C ASP A 227 -8.56 -4.73 26.23
N LYS A 228 -8.14 -3.88 25.32
CA LYS A 228 -9.12 -3.25 24.38
C LYS A 228 -9.13 -4.00 23.04
N ALA A 229 -8.56 -5.18 22.98
CA ALA A 229 -8.54 -5.93 21.70
C ALA A 229 -9.98 -6.37 21.35
N MET A 230 -10.37 -6.23 20.10
CA MET A 230 -11.74 -6.63 19.74
C MET A 230 -11.97 -8.05 20.24
N THR A 231 -13.01 -8.65 19.79
CA THR A 231 -13.32 -10.05 20.21
C THR A 231 -14.14 -10.76 19.10
N ALA A 232 -14.00 -12.07 19.02
CA ALA A 232 -14.72 -12.89 18.02
C ALA A 232 -14.56 -14.36 18.39
N ALA A 233 -15.54 -15.19 18.12
CA ALA A 233 -15.42 -16.62 18.48
C ALA A 233 -15.48 -17.48 17.22
N VAL A 234 -14.80 -18.59 17.23
CA VAL A 234 -14.79 -19.48 16.05
C VAL A 234 -16.21 -19.67 15.57
N GLY A 235 -16.42 -19.53 14.30
CA GLY A 235 -17.80 -19.68 13.75
C GLY A 235 -18.54 -18.32 13.69
N GLU A 236 -17.91 -17.25 14.12
CA GLU A 236 -18.58 -15.92 14.10
C GLU A 236 -18.15 -15.17 12.83
N LYS A 237 -19.08 -14.49 12.23
CA LYS A 237 -18.80 -13.73 11.00
C LYS A 237 -18.66 -12.28 11.42
N VAL A 238 -17.62 -11.65 11.04
CA VAL A 238 -17.44 -10.26 11.50
C VAL A 238 -17.02 -9.35 10.36
N LEU A 239 -17.66 -8.23 10.25
CA LEU A 239 -17.33 -7.25 9.20
C LEU A 239 -16.46 -6.16 9.82
N ILE A 240 -15.33 -5.88 9.24
CA ILE A 240 -14.42 -4.86 9.79
C ILE A 240 -14.28 -3.70 8.80
N VAL A 241 -14.92 -2.62 9.10
CA VAL A 241 -14.86 -1.43 8.23
C VAL A 241 -13.63 -0.64 8.61
N HIS A 242 -12.90 -0.20 7.65
CA HIS A 242 -11.66 0.55 7.95
C HIS A 242 -11.64 1.78 7.07
N SER A 243 -11.20 2.87 7.61
CA SER A 243 -11.16 4.13 6.82
C SER A 243 -9.83 4.88 7.02
N GLN A 244 -9.45 5.61 6.02
CA GLN A 244 -8.21 6.44 6.02
C GLN A 244 -8.56 7.67 5.18
N ALA A 245 -8.78 8.77 5.83
CA ALA A 245 -9.24 10.00 5.09
C ALA A 245 -8.12 10.78 4.38
N ASN A 246 -6.89 10.45 4.61
CA ASN A 246 -5.79 11.21 3.94
C ASN A 246 -4.47 10.39 3.90
N ARG A 247 -4.56 9.11 3.66
CA ARG A 247 -3.32 8.27 3.59
C ARG A 247 -3.69 6.85 3.11
N ASP A 248 -2.98 6.28 2.16
CA ASP A 248 -3.35 4.89 1.71
C ASP A 248 -2.81 3.82 2.68
N THR A 249 -3.63 2.85 3.06
CA THR A 249 -3.16 1.78 3.96
C THR A 249 -3.33 0.44 3.25
N ARG A 250 -3.10 -0.61 3.96
CA ARG A 250 -3.24 -1.99 3.38
C ARG A 250 -3.52 -2.96 4.53
N PRO A 251 -4.77 -3.09 4.88
CA PRO A 251 -5.23 -3.95 6.00
C PRO A 251 -4.85 -5.42 5.84
N HIS A 252 -4.59 -6.08 6.94
CA HIS A 252 -4.23 -7.53 6.90
C HIS A 252 -4.47 -8.19 8.29
N LEU A 253 -5.34 -9.18 8.35
CA LEU A 253 -5.61 -9.90 9.63
C LEU A 253 -4.61 -11.04 9.76
N ILE A 254 -3.67 -10.87 10.64
CA ILE A 254 -2.61 -11.88 10.85
C ILE A 254 -3.26 -13.15 11.37
N GLY A 255 -3.07 -14.20 10.68
CA GLY A 255 -3.67 -15.49 11.10
C GLY A 255 -5.01 -15.73 10.38
N GLY A 256 -5.57 -14.72 9.75
CA GLY A 256 -6.86 -14.93 9.05
C GLY A 256 -6.78 -14.34 7.64
N HIS A 257 -7.90 -13.95 7.10
CA HIS A 257 -7.90 -13.37 5.73
C HIS A 257 -9.28 -12.75 5.44
N GLY A 258 -9.34 -11.84 4.53
CA GLY A 258 -10.64 -11.18 4.19
C GLY A 258 -11.39 -12.11 3.24
N ASP A 259 -12.34 -12.82 3.75
CA ASP A 259 -13.10 -13.77 2.89
C ASP A 259 -13.67 -13.00 1.72
N TYR A 260 -14.37 -11.96 2.03
CA TYR A 260 -14.96 -11.08 0.98
C TYR A 260 -14.57 -9.66 1.35
N VAL A 261 -13.94 -8.94 0.47
CA VAL A 261 -13.50 -7.57 0.86
C VAL A 261 -13.84 -6.54 -0.21
N TRP A 262 -14.77 -5.68 0.09
CA TRP A 262 -15.11 -4.58 -0.86
C TRP A 262 -14.02 -3.55 -0.67
N ALA A 263 -12.94 -3.75 -1.35
CA ALA A 263 -11.73 -2.87 -1.16
C ALA A 263 -12.10 -1.44 -1.42
N THR A 264 -12.82 -1.23 -2.45
CA THR A 264 -13.21 0.16 -2.82
C THR A 264 -14.27 0.69 -1.85
N GLY A 265 -14.81 -0.15 -1.01
CA GLY A 265 -15.86 0.33 -0.04
C GLY A 265 -17.23 0.58 -0.74
N LYS A 266 -17.44 0.00 -1.89
CA LYS A 266 -18.72 0.17 -2.62
C LYS A 266 -19.38 -1.21 -2.71
N PHE A 267 -20.60 -1.31 -2.34
CA PHE A 267 -21.28 -2.65 -2.36
C PHE A 267 -21.59 -3.07 -3.80
N ASN A 268 -21.97 -2.14 -4.62
CA ASN A 268 -22.30 -2.48 -6.04
C ASN A 268 -21.09 -3.15 -6.69
N THR A 269 -19.92 -2.77 -6.30
CA THR A 269 -18.70 -3.37 -6.90
C THR A 269 -18.42 -4.71 -6.22
N PRO A 270 -18.44 -5.76 -6.99
CA PRO A 270 -18.21 -7.14 -6.45
C PRO A 270 -17.04 -7.19 -5.45
N PRO A 271 -17.19 -7.89 -4.35
CA PRO A 271 -16.10 -7.97 -3.32
C PRO A 271 -14.99 -8.99 -3.64
N ASP A 272 -13.73 -8.58 -3.74
CA ASP A 272 -12.67 -9.58 -4.00
C ASP A 272 -12.87 -10.70 -3.00
N VAL A 273 -12.17 -11.78 -3.14
CA VAL A 273 -12.37 -12.90 -2.17
C VAL A 273 -11.02 -13.59 -1.86
N ASP A 274 -10.91 -14.13 -0.68
CA ASP A 274 -9.66 -14.84 -0.29
C ASP A 274 -8.56 -13.82 -0.32
N GLN A 275 -8.74 -12.74 0.40
CA GLN A 275 -7.68 -11.68 0.35
C GLN A 275 -6.71 -11.75 1.55
N GLU A 276 -5.41 -11.80 1.29
CA GLU A 276 -4.43 -11.79 2.42
C GLU A 276 -4.20 -10.33 2.90
N THR A 277 -4.14 -9.38 1.99
CA THR A 277 -3.91 -7.96 2.36
C THR A 277 -4.61 -7.10 1.32
N TRP A 278 -5.50 -6.27 1.73
CA TRP A 278 -6.25 -5.45 0.74
C TRP A 278 -5.57 -4.10 0.59
N PHE A 279 -6.24 -3.18 -0.01
CA PHE A 279 -5.65 -1.83 -0.20
C PHE A 279 -6.75 -0.75 -0.26
N ILE A 280 -6.72 0.18 0.66
CA ILE A 280 -7.71 1.28 0.68
C ILE A 280 -6.96 2.59 0.50
N PRO A 281 -7.23 3.28 -0.57
CA PRO A 281 -6.53 4.55 -0.91
C PRO A 281 -6.95 5.75 -0.05
N GLY A 282 -5.99 6.52 0.41
CA GLY A 282 -6.32 7.71 1.21
C GLY A 282 -7.59 8.33 0.64
N GLY A 283 -8.45 8.78 1.49
CA GLY A 283 -9.73 9.37 1.04
C GLY A 283 -10.76 8.26 0.75
N ALA A 284 -10.71 7.15 1.45
CA ALA A 284 -11.73 6.09 1.15
C ALA A 284 -11.84 5.05 2.27
N ALA A 285 -13.01 4.50 2.48
CA ALA A 285 -13.17 3.45 3.54
C ALA A 285 -13.64 2.13 2.89
N GLY A 286 -13.06 1.02 3.27
CA GLY A 286 -13.48 -0.28 2.66
C GLY A 286 -14.13 -1.15 3.72
N ALA A 287 -14.31 -2.42 3.44
CA ALA A 287 -14.95 -3.33 4.42
C ALA A 287 -14.58 -4.78 4.11
N ALA A 288 -14.22 -5.54 5.10
CA ALA A 288 -13.85 -6.96 4.88
C ALA A 288 -14.71 -7.84 5.79
N PHE A 289 -15.18 -8.94 5.28
CA PHE A 289 -16.03 -9.85 6.08
C PHE A 289 -15.32 -11.19 6.20
N TYR A 290 -15.14 -11.69 7.38
CA TYR A 290 -14.41 -12.97 7.52
C TYR A 290 -14.99 -13.80 8.67
N THR A 291 -15.11 -15.07 8.44
CA THR A 291 -15.62 -16.00 9.48
C THR A 291 -14.42 -16.63 10.18
N PHE A 292 -14.31 -16.39 11.45
CA PHE A 292 -13.15 -16.92 12.22
C PHE A 292 -13.24 -18.43 12.32
N GLN A 293 -12.14 -19.09 12.11
CA GLN A 293 -12.12 -20.59 12.20
C GLN A 293 -11.14 -21.09 13.28
N GLN A 294 -10.27 -20.24 13.81
CA GLN A 294 -9.31 -20.71 14.85
C GLN A 294 -9.27 -19.72 16.00
N PRO A 295 -9.22 -20.22 17.20
CA PRO A 295 -9.18 -19.38 18.44
C PRO A 295 -7.76 -18.94 18.78
N GLY A 296 -7.65 -17.86 19.48
CA GLY A 296 -6.29 -17.37 19.85
C GLY A 296 -6.22 -15.86 19.62
N ILE A 297 -5.06 -15.29 19.71
CA ILE A 297 -4.92 -13.83 19.50
C ILE A 297 -4.42 -13.55 18.06
N TYR A 298 -5.10 -12.68 17.36
CA TYR A 298 -4.68 -12.34 15.97
C TYR A 298 -4.48 -10.83 15.88
N ALA A 299 -3.46 -10.40 15.19
CA ALA A 299 -3.20 -8.95 15.07
C ALA A 299 -3.76 -8.49 13.74
N TYR A 300 -4.26 -7.30 13.69
CA TYR A 300 -4.83 -6.82 12.41
C TYR A 300 -4.22 -5.48 12.15
N VAL A 301 -3.46 -5.33 11.12
CA VAL A 301 -2.83 -4.00 10.99
C VAL A 301 -2.39 -3.69 9.57
N ASN A 302 -1.97 -2.48 9.41
CA ASN A 302 -1.48 -2.01 8.10
C ASN A 302 -0.26 -2.83 7.81
N HIS A 303 -0.22 -3.42 6.67
CA HIS A 303 0.94 -4.30 6.40
C HIS A 303 2.18 -3.47 6.46
N ASN A 304 2.23 -2.34 5.82
CA ASN A 304 3.50 -1.58 6.03
C ASN A 304 4.01 -1.97 7.46
N LEU A 305 4.79 -3.03 7.58
CA LEU A 305 5.23 -3.52 8.92
C LEU A 305 5.76 -2.36 9.71
N ILE A 306 6.54 -1.57 9.09
CA ILE A 306 7.11 -0.38 9.80
C ILE A 306 5.97 0.45 10.35
N GLU A 307 5.01 0.76 9.51
CA GLU A 307 3.84 1.55 9.98
C GLU A 307 3.03 0.75 11.06
N ALA A 308 3.00 -0.55 10.98
CA ALA A 308 2.21 -1.34 11.99
C ALA A 308 3.00 -1.64 13.30
N PHE A 309 4.31 -1.74 13.29
CA PHE A 309 5.01 -2.06 14.56
C PHE A 309 5.83 -0.88 15.06
N GLU A 310 6.40 -0.13 14.17
CA GLU A 310 7.22 1.04 14.59
C GLU A 310 6.38 2.33 14.73
N LEU A 311 5.30 2.48 13.99
CA LEU A 311 4.51 3.75 14.10
C LEU A 311 3.36 3.54 15.08
N GLY A 312 2.66 2.46 14.94
CA GLY A 312 1.51 2.18 15.85
C GLY A 312 0.23 1.78 15.06
N ALA A 313 0.34 1.14 13.92
CA ALA A 313 -0.89 0.74 13.18
C ALA A 313 -1.14 -0.77 13.38
N ALA A 314 -1.39 -1.21 14.60
CA ALA A 314 -1.63 -2.66 14.81
C ALA A 314 -2.58 -2.90 16.00
N ALA A 315 -3.70 -3.54 15.76
CA ALA A 315 -4.65 -3.83 16.87
C ALA A 315 -4.67 -5.34 17.05
N HIS A 316 -5.49 -5.85 17.93
CA HIS A 316 -5.50 -7.34 18.10
C HIS A 316 -6.90 -7.87 18.47
N PHE A 317 -7.31 -8.96 17.84
CA PHE A 317 -8.65 -9.56 18.18
C PHE A 317 -8.45 -10.90 18.95
N LYS A 318 -9.09 -11.03 20.10
CA LYS A 318 -8.99 -12.25 20.91
C LYS A 318 -10.18 -13.08 20.51
N VAL A 319 -9.94 -14.30 20.20
CA VAL A 319 -11.04 -15.15 19.73
C VAL A 319 -11.11 -16.39 20.57
N THR A 320 -12.28 -16.77 20.92
CA THR A 320 -12.45 -17.99 21.76
C THR A 320 -13.03 -19.13 20.92
N GLY A 321 -12.82 -20.36 21.32
CA GLY A 321 -13.37 -21.50 20.53
C GLY A 321 -12.43 -22.70 20.62
N GLU A 322 -12.62 -23.66 19.75
CA GLU A 322 -11.75 -24.87 19.77
C GLU A 322 -10.81 -24.82 18.56
N TRP A 323 -9.58 -25.17 18.79
CA TRP A 323 -8.58 -25.16 17.70
C TRP A 323 -8.93 -26.25 16.71
N ASN A 324 -8.54 -26.05 15.50
CA ASN A 324 -8.82 -27.04 14.43
C ASN A 324 -7.50 -27.48 13.85
N ASP A 325 -7.08 -28.67 14.16
CA ASP A 325 -5.77 -29.16 13.67
C ASP A 325 -5.81 -29.33 12.16
N ASP A 326 -6.92 -29.73 11.64
CA ASP A 326 -7.03 -29.92 10.16
C ASP A 326 -6.48 -28.68 9.46
N LEU A 327 -6.87 -27.53 9.90
CA LEU A 327 -6.39 -26.27 9.29
C LEU A 327 -4.91 -26.06 9.61
N MET A 328 -4.46 -26.33 10.82
CA MET A 328 -3.03 -26.10 11.12
C MET A 328 -2.63 -26.86 12.37
N THR A 329 -1.51 -27.53 12.34
CA THR A 329 -1.07 -28.28 13.55
C THR A 329 0.47 -28.32 13.64
N SER A 330 1.03 -28.08 14.80
CA SER A 330 2.52 -28.13 14.95
C SER A 330 2.93 -29.59 15.08
N VAL A 331 3.39 -30.18 14.02
CA VAL A 331 3.79 -31.61 14.08
C VAL A 331 4.94 -31.75 15.04
N LEU A 332 5.92 -30.92 14.89
CA LEU A 332 7.08 -30.97 15.82
C LEU A 332 7.31 -29.57 16.43
N ALA A 333 6.98 -29.39 17.69
CA ALA A 333 7.18 -28.05 18.32
C ALA A 333 8.66 -27.72 18.34
N PRO A 334 9.00 -26.46 18.37
CA PRO A 334 10.40 -26.00 18.40
C PRO A 334 11.26 -26.79 19.40
N SER A 335 12.30 -27.42 18.95
CA SER A 335 13.15 -28.21 19.89
C SER A 335 14.50 -28.46 19.25
N GLY A 336 15.45 -28.90 20.03
CA GLY A 336 16.81 -29.17 19.47
C GLY A 336 16.68 -29.97 18.17
N ALA B 1 -2.20 -8.65 -40.05
CA ALA B 1 -2.32 -8.04 -41.40
C ALA B 1 -0.93 -7.98 -42.06
N THR B 2 -0.87 -8.16 -43.35
CA THR B 2 0.44 -8.10 -44.04
C THR B 2 0.74 -6.66 -44.42
N ALA B 3 1.94 -6.40 -44.86
CA ALA B 3 2.30 -5.01 -45.24
C ALA B 3 1.35 -4.48 -46.33
N ALA B 4 1.03 -5.28 -47.31
CA ALA B 4 0.12 -4.81 -48.40
C ALA B 4 -1.23 -4.38 -47.81
N GLU B 5 -1.72 -5.12 -46.86
CA GLU B 5 -3.04 -4.76 -46.26
C GLU B 5 -2.91 -3.46 -45.47
N ILE B 6 -1.88 -3.35 -44.68
CA ILE B 6 -1.70 -2.10 -43.88
C ILE B 6 -1.55 -0.91 -44.82
N ALA B 7 -0.83 -1.07 -45.90
CA ALA B 7 -0.63 0.06 -46.86
C ALA B 7 -1.97 0.48 -47.50
N ALA B 8 -2.90 -0.44 -47.66
CA ALA B 8 -4.21 -0.08 -48.31
C ALA B 8 -5.22 0.50 -47.29
N LEU B 9 -4.88 0.64 -46.04
CA LEU B 9 -5.87 1.21 -45.06
C LEU B 9 -5.87 2.75 -45.14
N PRO B 10 -7.02 3.35 -44.97
CA PRO B 10 -7.16 4.85 -45.01
C PRO B 10 -6.33 5.56 -43.93
N ARG B 11 -5.69 6.65 -44.28
CA ARG B 11 -4.87 7.40 -43.28
C ARG B 11 -5.64 8.67 -42.89
N GLN B 12 -5.62 9.01 -41.64
CA GLN B 12 -6.33 10.22 -41.16
C GLN B 12 -5.41 11.02 -40.25
N LYS B 13 -5.05 12.20 -40.68
CA LYS B 13 -4.14 13.05 -39.88
C LYS B 13 -4.98 13.75 -38.84
N VAL B 14 -4.48 13.84 -37.66
CA VAL B 14 -5.27 14.49 -36.58
C VAL B 14 -4.46 15.61 -35.90
N GLU B 15 -5.05 16.77 -35.80
CA GLU B 15 -4.38 17.91 -35.14
C GLU B 15 -4.63 17.76 -33.65
N LEU B 16 -3.59 17.76 -32.89
CA LEU B 16 -3.76 17.56 -31.42
C LEU B 16 -3.99 18.90 -30.72
N VAL B 17 -4.69 18.87 -29.62
CA VAL B 17 -4.95 20.11 -28.88
C VAL B 17 -4.11 20.07 -27.60
N ASP B 18 -4.23 21.04 -26.77
CA ASP B 18 -3.42 21.01 -25.52
C ASP B 18 -4.31 20.68 -24.30
N PRO B 19 -3.90 19.75 -23.46
CA PRO B 19 -4.67 19.38 -22.26
C PRO B 19 -5.22 20.62 -21.54
N PRO B 20 -6.28 20.47 -20.78
CA PRO B 20 -6.95 19.15 -20.58
C PRO B 20 -7.92 18.78 -21.73
N PHE B 21 -8.02 19.61 -22.73
CA PHE B 21 -8.94 19.31 -23.86
C PHE B 21 -8.42 18.11 -24.63
N VAL B 22 -9.27 17.57 -25.46
CA VAL B 22 -8.91 16.40 -26.28
C VAL B 22 -9.35 16.68 -27.71
N HIS B 23 -8.58 16.24 -28.64
CA HIS B 23 -8.90 16.48 -30.07
C HIS B 23 -10.24 15.85 -30.42
N ALA B 24 -10.82 16.31 -31.47
CA ALA B 24 -12.13 15.76 -31.92
C ALA B 24 -11.97 14.30 -32.29
N HIS B 25 -12.94 13.51 -31.93
CA HIS B 25 -12.91 12.06 -32.22
C HIS B 25 -14.31 11.49 -31.97
N SER B 26 -14.62 10.37 -32.54
CA SER B 26 -15.96 9.78 -32.34
C SER B 26 -15.84 8.60 -31.39
N GLN B 27 -16.76 8.46 -30.50
CA GLN B 27 -16.68 7.33 -29.53
C GLN B 27 -16.74 6.06 -30.33
N VAL B 28 -17.81 5.88 -31.02
CA VAL B 28 -17.95 4.68 -31.89
C VAL B 28 -17.07 4.90 -33.13
N ALA B 29 -16.31 3.92 -33.50
CA ALA B 29 -15.40 4.06 -34.67
C ALA B 29 -16.22 4.23 -35.95
N GLU B 30 -15.81 5.13 -36.79
CA GLU B 30 -16.53 5.36 -38.08
C GLU B 30 -15.72 4.71 -39.20
N GLY B 31 -16.16 3.58 -39.69
CA GLY B 31 -15.41 2.89 -40.76
C GLY B 31 -14.53 1.80 -40.13
N GLY B 32 -13.76 1.09 -40.93
CA GLY B 32 -12.89 0.01 -40.38
C GLY B 32 -11.58 0.63 -39.85
N PRO B 33 -10.57 -0.19 -39.67
CA PRO B 33 -9.24 0.25 -39.16
C PRO B 33 -8.59 1.32 -40.03
N LYS B 34 -7.97 2.29 -39.42
CA LYS B 34 -7.29 3.38 -40.20
C LYS B 34 -5.99 3.83 -39.50
N VAL B 35 -4.96 4.08 -40.28
CA VAL B 35 -3.66 4.56 -39.74
C VAL B 35 -3.81 6.02 -39.36
N VAL B 36 -3.85 6.24 -38.09
CA VAL B 36 -4.01 7.59 -37.55
C VAL B 36 -2.65 8.20 -37.51
N GLU B 37 -2.59 9.40 -37.91
CA GLU B 37 -1.25 10.07 -37.97
C GLU B 37 -1.21 11.26 -37.02
N PHE B 38 -0.22 11.29 -36.18
CA PHE B 38 -0.06 12.44 -35.23
C PHE B 38 1.42 12.88 -35.20
N THR B 39 1.69 14.16 -35.15
CA THR B 39 3.11 14.62 -35.13
C THR B 39 3.32 15.53 -33.92
N MET B 40 4.34 15.28 -33.14
CA MET B 40 4.60 16.13 -31.95
C MET B 40 6.09 16.51 -31.85
N VAL B 41 6.37 17.78 -31.73
CA VAL B 41 7.76 18.26 -31.60
C VAL B 41 8.03 18.42 -30.11
N ILE B 42 9.15 17.99 -29.68
CA ILE B 42 9.48 18.06 -28.24
C ILE B 42 10.19 19.36 -27.97
N GLU B 43 9.82 20.03 -26.93
CA GLU B 43 10.50 21.34 -26.66
C GLU B 43 10.99 21.41 -25.22
N GLU B 44 12.28 21.38 -24.99
CA GLU B 44 12.78 21.50 -23.59
C GLU B 44 12.85 22.99 -23.23
N LYS B 45 11.96 23.49 -22.40
CA LYS B 45 12.02 24.92 -22.09
C LYS B 45 11.81 25.12 -20.61
N LYS B 46 11.68 26.33 -20.22
CA LYS B 46 11.45 26.64 -18.79
C LYS B 46 10.00 27.05 -18.55
N ILE B 47 9.35 26.39 -17.62
CA ILE B 47 7.94 26.71 -17.30
C ILE B 47 7.81 26.95 -15.79
N VAL B 48 6.90 27.79 -15.42
CA VAL B 48 6.69 28.11 -14.01
C VAL B 48 5.71 27.11 -13.50
N ILE B 49 5.83 26.76 -12.29
CA ILE B 49 4.89 25.72 -11.75
C ILE B 49 4.03 26.24 -10.59
N ASP B 50 4.34 27.36 -10.01
CA ASP B 50 3.51 27.85 -8.88
C ASP B 50 3.36 29.35 -8.98
N ASP B 51 2.74 29.95 -8.00
CA ASP B 51 2.54 31.42 -8.02
C ASP B 51 3.84 32.13 -7.62
N ALA B 52 4.66 31.49 -6.82
CA ALA B 52 5.94 32.13 -6.39
C ALA B 52 6.91 32.31 -7.58
N GLY B 53 6.67 31.65 -8.68
CA GLY B 53 7.61 31.80 -9.85
C GLY B 53 8.63 30.64 -9.92
N THR B 54 8.41 29.56 -9.20
CA THR B 54 9.35 28.42 -9.25
C THR B 54 9.46 27.98 -10.69
N GLU B 55 10.64 27.72 -11.15
CA GLU B 55 10.78 27.32 -12.59
C GLU B 55 11.43 25.94 -12.73
N VAL B 56 10.91 25.15 -13.64
CA VAL B 56 11.49 23.79 -13.90
C VAL B 56 11.74 23.59 -15.43
N HIS B 57 12.95 23.22 -15.80
CA HIS B 57 13.30 23.00 -17.22
C HIS B 57 12.53 21.79 -17.67
N ALA B 58 11.38 22.02 -18.18
CA ALA B 58 10.50 20.90 -18.59
C ALA B 58 10.85 20.37 -19.97
N MET B 59 10.64 19.10 -20.14
CA MET B 59 10.87 18.41 -21.43
C MET B 59 9.48 18.10 -21.83
N ALA B 60 9.01 18.69 -22.85
CA ALA B 60 7.58 18.50 -23.09
C ALA B 60 7.29 18.13 -24.49
N PHE B 61 6.55 17.10 -24.59
CA PHE B 61 6.09 16.65 -25.93
C PHE B 61 4.96 17.58 -26.38
N ASN B 62 5.08 18.20 -27.53
CA ASN B 62 4.00 19.14 -27.97
C ASN B 62 4.08 20.47 -27.18
N GLY B 63 5.16 20.73 -26.46
CA GLY B 63 5.27 21.99 -25.69
C GLY B 63 4.27 22.04 -24.52
N THR B 64 3.75 20.92 -24.05
CA THR B 64 2.79 21.04 -22.88
C THR B 64 2.90 19.84 -21.90
N VAL B 65 2.95 20.12 -20.59
CA VAL B 65 2.97 19.04 -19.59
C VAL B 65 1.58 18.98 -18.96
N PRO B 66 0.92 17.87 -19.08
CA PRO B 66 1.46 16.67 -19.76
C PRO B 66 1.19 16.68 -21.27
N GLY B 67 2.00 15.97 -22.02
CA GLY B 67 1.77 15.91 -23.48
C GLY B 67 0.28 15.83 -23.76
N PRO B 68 -0.09 15.90 -25.00
CA PRO B 68 -1.52 15.85 -25.42
C PRO B 68 -2.06 14.41 -25.47
N LEU B 69 -3.35 14.24 -25.27
CA LEU B 69 -3.93 12.87 -25.31
C LEU B 69 -4.35 12.49 -26.74
N MET B 70 -3.73 11.48 -27.31
CA MET B 70 -4.08 11.03 -28.66
C MET B 70 -5.19 10.02 -28.51
N VAL B 71 -6.09 9.99 -29.43
CA VAL B 71 -7.24 9.04 -29.29
C VAL B 71 -7.52 8.30 -30.61
N VAL B 72 -7.43 7.01 -30.56
CA VAL B 72 -7.73 6.16 -31.73
C VAL B 72 -8.59 4.98 -31.25
N HIS B 73 -9.00 4.11 -32.12
CA HIS B 73 -9.84 2.97 -31.70
C HIS B 73 -8.99 1.71 -31.68
N GLN B 74 -9.51 0.68 -31.10
CA GLN B 74 -8.76 -0.60 -31.03
C GLN B 74 -8.64 -1.18 -32.42
N ASP B 75 -7.48 -1.60 -32.78
CA ASP B 75 -7.27 -2.16 -34.14
C ASP B 75 -6.58 -1.12 -35.02
N ASP B 76 -6.93 0.14 -34.86
CA ASP B 76 -6.31 1.21 -35.68
C ASP B 76 -4.82 1.34 -35.31
N TYR B 77 -4.00 1.70 -36.26
CA TYR B 77 -2.55 1.85 -36.00
C TYR B 77 -2.23 3.34 -35.78
N LEU B 78 -1.49 3.61 -34.75
CA LEU B 78 -1.10 5.00 -34.41
C LEU B 78 0.29 5.23 -34.98
N GLU B 79 0.40 6.19 -35.83
CA GLU B 79 1.70 6.49 -36.48
C GLU B 79 2.09 7.85 -36.01
N LEU B 80 3.13 7.92 -35.27
CA LEU B 80 3.52 9.26 -34.72
C LEU B 80 4.89 9.73 -35.19
N THR B 81 4.91 10.85 -35.86
CA THR B 81 6.21 11.46 -36.31
C THR B 81 6.70 12.37 -35.17
N LEU B 82 7.77 12.00 -34.53
CA LEU B 82 8.29 12.76 -33.40
C LEU B 82 9.46 13.52 -33.92
N ILE B 83 9.62 14.68 -33.44
CA ILE B 83 10.73 15.54 -33.92
C ILE B 83 11.43 16.23 -32.76
N ASN B 84 12.71 16.07 -32.68
CA ASN B 84 13.52 16.70 -31.60
C ASN B 84 14.36 17.81 -32.26
N PRO B 85 13.89 19.01 -32.17
CA PRO B 85 14.53 20.21 -32.78
C PRO B 85 15.99 20.36 -32.41
N GLU B 86 16.76 20.94 -33.29
CA GLU B 86 18.21 21.14 -33.00
C GLU B 86 18.38 22.08 -31.79
N THR B 87 17.42 22.93 -31.52
CA THR B 87 17.55 23.87 -30.37
C THR B 87 17.66 23.08 -29.05
N ASN B 88 17.12 21.90 -28.99
CA ASN B 88 17.18 21.10 -27.74
C ASN B 88 18.62 20.62 -27.52
N THR B 89 18.92 20.14 -26.34
CA THR B 89 20.31 19.66 -26.06
C THR B 89 20.34 18.19 -25.55
N LEU B 90 19.23 17.47 -25.48
CA LEU B 90 19.31 16.05 -24.99
C LEU B 90 18.53 15.10 -25.91
N MET B 91 19.05 13.91 -26.15
CA MET B 91 18.33 12.94 -27.02
C MET B 91 17.13 12.39 -26.25
N HIS B 92 16.01 12.21 -26.90
CA HIS B 92 14.82 11.69 -26.20
C HIS B 92 14.39 10.34 -26.78
N ASN B 93 13.12 10.06 -26.68
CA ASN B 93 12.56 8.78 -27.20
C ASN B 93 11.14 8.62 -26.62
N ILE B 94 10.27 7.87 -27.27
CA ILE B 94 8.88 7.74 -26.71
C ILE B 94 8.52 6.25 -26.52
N ASP B 95 8.02 5.91 -25.36
CA ASP B 95 7.59 4.51 -25.09
C ASP B 95 6.09 4.51 -24.76
N PHE B 96 5.26 4.04 -25.65
CA PHE B 96 3.79 4.03 -25.39
C PHE B 96 3.38 2.71 -24.74
N HIS B 97 2.91 2.79 -23.53
CA HIS B 97 2.45 1.56 -22.80
C HIS B 97 1.43 0.78 -23.67
N ALA B 98 0.71 1.45 -24.54
CA ALA B 98 -0.32 0.73 -25.37
C ALA B 98 0.29 0.03 -26.60
N ALA B 99 1.59 -0.01 -26.72
CA ALA B 99 2.21 -0.69 -27.89
C ALA B 99 2.91 -1.96 -27.42
N THR B 100 3.29 -2.81 -28.32
CA THR B 100 3.97 -4.08 -27.90
C THR B 100 5.25 -4.32 -28.72
N GLY B 101 6.40 -4.25 -28.10
CA GLY B 101 7.70 -4.53 -28.81
C GLY B 101 8.66 -3.30 -28.79
N ALA B 102 9.93 -3.50 -28.49
CA ALA B 102 10.89 -2.34 -28.51
C ALA B 102 10.65 -1.42 -27.31
N LEU B 103 10.55 -1.99 -26.15
CA LEU B 103 10.35 -1.15 -24.93
C LEU B 103 9.23 -0.12 -25.16
N GLY B 104 8.17 -0.51 -25.80
CA GLY B 104 7.04 0.45 -26.04
C GLY B 104 7.43 1.48 -27.12
N GLY B 105 8.34 1.13 -27.98
CA GLY B 105 8.75 2.10 -29.06
C GLY B 105 9.96 2.95 -28.64
N GLY B 106 10.43 2.83 -27.43
CA GLY B 106 11.60 3.65 -26.99
C GLY B 106 12.89 3.14 -27.64
N GLY B 107 12.96 1.88 -27.99
CA GLY B 107 14.20 1.33 -28.61
C GLY B 107 14.29 1.71 -30.10
N LEU B 108 13.21 2.16 -30.69
CA LEU B 108 13.26 2.53 -32.15
C LEU B 108 12.90 4.02 -32.36
N THR B 109 13.01 4.83 -31.34
CA THR B 109 12.69 6.29 -31.49
C THR B 109 13.75 7.19 -30.81
N GLU B 110 14.94 6.70 -30.55
CA GLU B 110 15.98 7.54 -29.91
C GLU B 110 16.44 8.58 -30.94
N ILE B 111 16.12 9.81 -30.72
CA ILE B 111 16.51 10.85 -31.71
C ILE B 111 17.25 11.98 -31.02
N ASN B 112 18.40 12.30 -31.51
CA ASN B 112 19.18 13.40 -30.88
C ASN B 112 18.82 14.71 -31.56
N PRO B 113 19.06 15.81 -30.92
CA PRO B 113 18.76 17.16 -31.48
C PRO B 113 18.99 17.21 -32.99
N GLY B 114 18.02 17.67 -33.73
CA GLY B 114 18.18 17.73 -35.23
C GLY B 114 17.77 16.40 -35.88
N GLU B 115 17.03 15.55 -35.19
CA GLU B 115 16.61 14.26 -35.82
C GLU B 115 15.13 13.95 -35.52
N LYS B 116 14.42 13.37 -36.46
CA LYS B 116 12.98 13.03 -36.23
C LYS B 116 12.71 11.63 -36.82
N THR B 117 11.78 10.90 -36.27
CA THR B 117 11.49 9.55 -36.82
C THR B 117 9.99 9.36 -36.91
N ILE B 118 9.57 8.20 -37.30
CA ILE B 118 8.13 7.91 -37.42
C ILE B 118 7.88 6.47 -36.97
N LEU B 119 7.17 6.28 -35.91
CA LEU B 119 6.93 4.89 -35.42
C LEU B 119 5.43 4.57 -35.52
N ARG B 120 5.12 3.42 -36.04
CA ARG B 120 3.68 3.03 -36.17
C ARG B 120 3.43 1.71 -35.40
N PHE B 121 2.45 1.70 -34.55
CA PHE B 121 2.14 0.46 -33.77
C PHE B 121 0.63 0.20 -33.80
N LYS B 122 0.26 -1.04 -33.74
CA LYS B 122 -1.18 -1.42 -33.76
C LYS B 122 -1.72 -1.36 -32.34
N ALA B 123 -2.80 -0.67 -32.20
CA ALA B 123 -3.46 -0.50 -30.89
C ALA B 123 -4.30 -1.73 -30.71
N THR B 124 -3.74 -2.68 -30.08
CA THR B 124 -4.47 -4.00 -29.95
C THR B 124 -5.30 -4.13 -28.67
N LYS B 125 -5.20 -3.22 -27.75
CA LYS B 125 -5.99 -3.33 -26.50
C LYS B 125 -6.69 -2.01 -26.22
N PRO B 126 -7.92 -2.08 -25.78
CA PRO B 126 -8.72 -0.87 -25.47
C PRO B 126 -8.48 -0.32 -24.06
N GLY B 127 -8.28 0.97 -23.92
CA GLY B 127 -8.05 1.53 -22.56
C GLY B 127 -7.05 2.69 -22.61
N VAL B 128 -7.10 3.54 -21.62
CA VAL B 128 -6.17 4.70 -21.58
C VAL B 128 -4.83 4.18 -21.11
N PHE B 129 -3.78 4.72 -21.63
CA PHE B 129 -2.44 4.23 -21.24
C PHE B 129 -1.53 5.42 -21.18
N VAL B 130 -0.49 5.34 -20.44
CA VAL B 130 0.44 6.52 -20.35
C VAL B 130 1.72 6.35 -21.21
N TYR B 131 2.04 7.34 -22.04
CA TYR B 131 3.28 7.29 -22.84
C TYR B 131 4.30 8.19 -22.14
N HIS B 132 5.56 7.97 -22.34
CA HIS B 132 6.57 8.82 -21.64
C HIS B 132 7.97 8.55 -22.22
N CYS B 133 8.80 9.58 -22.33
CA CYS B 133 10.16 9.40 -22.88
C CYS B 133 11.02 8.64 -21.88
N ALA B 134 11.94 7.82 -22.32
CA ALA B 134 12.76 7.06 -21.35
C ALA B 134 14.12 6.69 -21.95
N PRO B 135 14.99 7.65 -22.09
CA PRO B 135 16.35 7.41 -22.63
C PRO B 135 17.19 6.55 -21.68
N PRO B 136 17.70 5.44 -22.14
CA PRO B 136 18.51 4.52 -21.30
C PRO B 136 19.50 5.25 -20.36
N GLY B 137 19.35 5.08 -19.06
CA GLY B 137 20.29 5.75 -18.11
C GLY B 137 19.70 7.06 -17.53
N MET B 138 18.68 7.63 -18.13
CA MET B 138 18.13 8.90 -17.59
C MET B 138 16.62 8.87 -17.73
N VAL B 139 16.04 7.75 -17.42
CA VAL B 139 14.55 7.62 -17.54
C VAL B 139 13.82 8.55 -16.56
N PRO B 140 13.92 8.26 -15.28
CA PRO B 140 13.24 9.03 -14.20
C PRO B 140 13.39 10.53 -14.34
N TRP B 141 14.52 10.97 -14.81
CA TRP B 141 14.73 12.44 -14.96
C TRP B 141 13.82 13.00 -16.05
N HIS B 142 13.82 12.37 -17.20
CA HIS B 142 12.97 12.86 -18.33
C HIS B 142 11.47 12.80 -17.96
N VAL B 143 11.04 11.79 -17.26
CA VAL B 143 9.59 11.68 -16.91
C VAL B 143 9.21 12.73 -15.87
N VAL B 144 10.01 12.87 -14.85
CA VAL B 144 9.69 13.87 -13.79
C VAL B 144 9.73 15.26 -14.39
N SER B 145 10.59 15.47 -15.35
CA SER B 145 10.68 16.81 -15.99
C SER B 145 9.38 17.15 -16.74
N GLY B 146 8.44 16.22 -16.80
CA GLY B 146 7.17 16.49 -17.51
C GLY B 146 7.19 15.89 -18.93
N MET B 147 7.97 14.86 -19.17
CA MET B 147 7.98 14.26 -20.54
C MET B 147 7.09 13.02 -20.54
N ASN B 148 5.80 13.21 -20.42
CA ASN B 148 4.87 12.05 -20.41
C ASN B 148 3.42 12.53 -20.55
N GLY B 149 2.60 11.74 -21.16
CA GLY B 149 1.16 12.10 -21.36
C GLY B 149 0.31 10.81 -21.35
N ALA B 150 -0.63 10.65 -22.25
CA ALA B 150 -1.44 9.41 -22.26
C ALA B 150 -2.34 9.34 -23.51
N ILE B 151 -2.55 8.16 -24.04
CA ILE B 151 -3.43 8.02 -25.24
C ILE B 151 -4.64 7.15 -24.88
N MET B 152 -5.75 7.34 -25.53
CA MET B 152 -6.95 6.53 -25.21
C MET B 152 -7.40 5.73 -26.45
N VAL B 153 -7.32 4.43 -26.38
CA VAL B 153 -7.74 3.56 -27.50
C VAL B 153 -9.13 3.10 -27.15
N LEU B 154 -10.12 3.67 -27.75
CA LEU B 154 -11.52 3.30 -27.36
C LEU B 154 -12.05 2.12 -28.17
N PRO B 155 -12.79 1.25 -27.52
CA PRO B 155 -13.42 0.09 -28.19
C PRO B 155 -14.14 0.53 -29.46
N ARG B 156 -14.02 -0.22 -30.52
CA ARG B 156 -14.68 0.17 -31.81
C ARG B 156 -16.15 0.51 -31.57
N GLU B 157 -16.78 -0.15 -30.64
CA GLU B 157 -18.22 0.12 -30.37
C GLU B 157 -18.41 1.17 -29.25
N GLY B 158 -17.39 1.93 -28.91
CA GLY B 158 -17.56 2.96 -27.84
C GLY B 158 -17.33 2.34 -26.47
N LEU B 159 -17.66 3.03 -25.43
CA LEU B 159 -17.47 2.47 -24.06
C LEU B 159 -18.80 1.94 -23.48
N HIS B 160 -18.75 0.82 -22.79
CA HIS B 160 -19.97 0.25 -22.17
C HIS B 160 -19.64 -0.13 -20.73
N ASP B 161 -20.62 -0.26 -19.90
CA ASP B 161 -20.38 -0.61 -18.47
C ASP B 161 -19.90 -2.07 -18.36
N GLY B 162 -19.94 -2.62 -17.18
CA GLY B 162 -19.49 -4.04 -17.00
C GLY B 162 -20.58 -5.07 -17.42
N LYS B 163 -21.76 -4.65 -17.80
CA LYS B 163 -22.81 -5.65 -18.20
C LYS B 163 -23.12 -5.54 -19.70
N GLY B 164 -22.53 -4.60 -20.40
CA GLY B 164 -22.81 -4.45 -21.87
C GLY B 164 -23.58 -3.15 -22.22
N LYS B 165 -24.10 -2.42 -21.26
CA LYS B 165 -24.86 -1.18 -21.57
C LYS B 165 -23.91 -0.15 -22.14
N ALA B 166 -24.36 0.63 -23.08
CA ALA B 166 -23.48 1.67 -23.69
C ALA B 166 -23.39 2.93 -22.79
N LEU B 167 -22.18 3.41 -22.60
CA LEU B 167 -21.94 4.63 -21.79
C LEU B 167 -21.34 5.66 -22.74
N THR B 168 -22.03 6.73 -22.97
CA THR B 168 -21.57 7.75 -23.92
C THR B 168 -21.38 9.01 -23.16
N TYR B 169 -20.24 9.57 -23.25
CA TYR B 169 -19.95 10.81 -22.47
C TYR B 169 -20.17 12.06 -23.35
N ASP B 170 -20.73 13.09 -22.78
CA ASP B 170 -20.95 14.34 -23.57
C ASP B 170 -19.61 15.09 -23.75
N LYS B 171 -18.75 15.04 -22.76
CA LYS B 171 -17.44 15.74 -22.87
C LYS B 171 -16.37 14.91 -22.17
N ILE B 172 -15.14 15.15 -22.48
CA ILE B 172 -14.03 14.38 -21.84
C ILE B 172 -12.81 15.28 -21.63
N TYR B 173 -12.24 15.24 -20.46
CA TYR B 173 -11.06 16.07 -20.15
C TYR B 173 -9.94 15.12 -19.70
N TYR B 174 -8.73 15.48 -19.99
CA TYR B 174 -7.58 14.61 -19.61
C TYR B 174 -6.69 15.38 -18.65
N VAL B 175 -6.65 14.96 -17.43
CA VAL B 175 -5.82 15.66 -16.42
C VAL B 175 -4.57 14.84 -16.10
N GLY B 176 -3.45 15.30 -16.57
CA GLY B 176 -2.17 14.60 -16.31
C GLY B 176 -1.56 15.17 -15.03
N GLU B 177 -1.22 14.32 -14.13
CA GLU B 177 -0.65 14.76 -12.85
C GLU B 177 0.83 14.61 -12.96
N GLN B 178 1.55 15.48 -12.36
CA GLN B 178 3.02 15.39 -12.48
C GLN B 178 3.69 15.74 -11.15
N ASP B 179 4.46 14.83 -10.63
CA ASP B 179 5.17 15.10 -9.34
C ASP B 179 6.58 15.60 -9.67
N PHE B 180 6.91 16.80 -9.29
CA PHE B 180 8.25 17.33 -9.58
C PHE B 180 9.11 17.18 -8.34
N TYR B 181 10.34 17.52 -8.49
CA TYR B 181 11.31 17.42 -7.37
C TYR B 181 12.27 18.58 -7.58
N VAL B 182 11.94 19.70 -7.03
CA VAL B 182 12.77 20.90 -7.26
C VAL B 182 13.75 21.13 -6.14
N PRO B 183 14.98 21.30 -6.49
CA PRO B 183 16.07 21.55 -5.49
C PRO B 183 15.88 22.90 -4.75
N ARG B 184 16.18 22.93 -3.47
CA ARG B 184 16.03 24.19 -2.70
C ARG B 184 17.40 24.56 -2.13
N ASP B 185 17.63 25.81 -1.91
CA ASP B 185 18.96 26.24 -1.37
C ASP B 185 18.97 26.08 0.15
N GLU B 186 19.85 26.77 0.82
CA GLU B 186 19.92 26.66 2.30
C GLU B 186 18.70 27.36 2.93
N ASN B 187 18.27 28.45 2.35
CA ASN B 187 17.10 29.19 2.92
C ASN B 187 15.77 28.43 2.64
N GLY B 188 15.83 27.26 2.06
CA GLY B 188 14.55 26.52 1.77
C GLY B 188 13.81 27.10 0.54
N LYS B 189 14.44 27.96 -0.22
CA LYS B 189 13.77 28.52 -1.43
C LYS B 189 14.16 27.69 -2.64
N TYR B 190 13.28 27.59 -3.59
CA TYR B 190 13.58 26.79 -4.80
C TYR B 190 14.75 27.42 -5.54
N LYS B 191 15.54 26.61 -6.18
CA LYS B 191 16.72 27.16 -6.92
C LYS B 191 16.45 27.15 -8.43
N LYS B 192 16.96 28.13 -9.14
CA LYS B 192 16.76 28.19 -10.59
C LYS B 192 18.11 27.97 -11.26
N TYR B 193 18.12 27.46 -12.44
CA TYR B 193 19.41 27.20 -13.11
C TYR B 193 19.38 27.81 -14.50
N GLU B 194 20.47 27.76 -15.18
CA GLU B 194 20.53 28.33 -16.55
C GLU B 194 20.14 27.26 -17.59
N ALA B 195 20.76 26.11 -17.53
CA ALA B 195 20.43 25.05 -18.50
C ALA B 195 19.93 23.80 -17.75
N PRO B 196 19.19 22.97 -18.43
CA PRO B 196 18.62 21.72 -17.83
C PRO B 196 19.69 20.82 -17.20
N GLY B 197 20.87 20.78 -17.76
CA GLY B 197 21.95 19.90 -17.19
C GLY B 197 22.45 20.42 -15.82
N ASP B 198 22.44 21.71 -15.59
CA ASP B 198 22.96 22.25 -14.29
C ASP B 198 22.04 21.83 -13.14
N ALA B 199 20.85 21.40 -13.43
CA ALA B 199 19.92 20.98 -12.34
C ALA B 199 19.77 19.45 -12.29
N TYR B 200 20.64 18.72 -12.92
CA TYR B 200 20.55 17.22 -12.89
C TYR B 200 21.00 16.61 -11.54
N GLU B 201 22.17 16.95 -11.02
CA GLU B 201 22.65 16.31 -9.75
C GLU B 201 21.78 16.74 -8.57
N ASP B 202 21.45 17.99 -8.51
CA ASP B 202 20.62 18.48 -7.37
C ASP B 202 19.22 17.88 -7.45
N THR B 203 18.72 17.65 -8.63
CA THR B 203 17.36 17.06 -8.77
C THR B 203 17.40 15.60 -8.34
N VAL B 204 18.34 14.86 -8.86
CA VAL B 204 18.44 13.43 -8.48
C VAL B 204 18.37 13.31 -6.96
N LYS B 205 19.13 14.12 -6.26
CA LYS B 205 19.10 14.06 -4.77
C LYS B 205 17.65 14.17 -4.27
N VAL B 206 16.91 15.12 -4.78
CA VAL B 206 15.49 15.27 -4.35
C VAL B 206 14.67 14.06 -4.79
N MET B 207 14.90 13.59 -5.99
CA MET B 207 14.12 12.41 -6.48
C MET B 207 14.36 11.18 -5.58
N ARG B 208 15.54 11.03 -5.04
CA ARG B 208 15.82 9.84 -4.18
C ARG B 208 14.95 9.89 -2.93
N THR B 209 14.71 11.06 -2.41
CA THR B 209 13.86 11.18 -1.18
C THR B 209 12.43 10.66 -1.43
N LEU B 210 12.08 10.35 -2.66
CA LEU B 210 10.70 9.86 -2.93
C LEU B 210 9.69 10.85 -2.35
N THR B 211 10.02 12.12 -2.36
CA THR B 211 9.08 13.13 -1.81
C THR B 211 9.04 14.32 -2.76
N PRO B 212 8.03 14.39 -3.57
CA PRO B 212 7.87 15.51 -4.56
C PRO B 212 7.58 16.87 -3.91
N THR B 213 8.29 17.92 -4.29
CA THR B 213 8.03 19.26 -3.70
C THR B 213 6.70 19.81 -4.25
N HIS B 214 6.26 19.37 -5.40
CA HIS B 214 4.98 19.88 -5.97
C HIS B 214 4.32 18.78 -6.82
N VAL B 215 3.06 18.54 -6.59
CA VAL B 215 2.35 17.50 -7.37
C VAL B 215 1.19 18.23 -7.97
N VAL B 216 1.12 18.34 -9.26
CA VAL B 216 0.01 19.17 -9.76
C VAL B 216 -0.62 18.61 -11.01
N PHE B 217 -1.55 19.34 -11.52
CA PHE B 217 -2.26 18.88 -12.75
C PHE B 217 -2.09 19.94 -13.84
N ASN B 218 -1.87 19.51 -15.06
CA ASN B 218 -1.70 20.50 -16.17
C ASN B 218 -0.30 21.18 -16.16
N GLY B 219 0.61 20.77 -15.31
CA GLY B 219 1.96 21.40 -15.29
C GLY B 219 2.12 22.54 -14.23
N ALA B 220 1.14 22.85 -13.38
CA ALA B 220 1.40 23.95 -12.40
C ALA B 220 0.31 24.01 -11.33
N VAL B 221 0.67 24.38 -10.13
CA VAL B 221 -0.35 24.48 -9.05
C VAL B 221 -1.40 25.52 -9.48
N GLY B 222 -2.65 25.16 -9.42
CA GLY B 222 -3.72 26.12 -9.85
C GLY B 222 -3.80 26.22 -11.39
N ALA B 223 -3.37 25.21 -12.13
CA ALA B 223 -3.45 25.28 -13.63
C ALA B 223 -4.91 25.08 -14.11
N LEU B 224 -5.72 24.32 -13.41
CA LEU B 224 -7.12 24.07 -13.85
C LEU B 224 -8.13 24.78 -12.93
N THR B 225 -7.89 26.02 -12.63
CA THR B 225 -8.82 26.80 -11.77
C THR B 225 -9.00 28.18 -12.38
N GLY B 226 -9.88 28.97 -11.86
CA GLY B 226 -10.11 30.33 -12.41
C GLY B 226 -10.72 30.19 -13.78
N ASP B 227 -10.26 30.97 -14.72
CA ASP B 227 -10.81 30.87 -16.10
C ASP B 227 -10.47 29.50 -16.70
N LYS B 228 -9.49 28.81 -16.17
CA LYS B 228 -9.13 27.47 -16.72
C LYS B 228 -9.88 26.34 -16.00
N ALA B 229 -10.71 26.64 -15.02
CA ALA B 229 -11.45 25.55 -14.31
C ALA B 229 -12.35 24.79 -15.30
N MET B 230 -12.32 23.48 -15.28
CA MET B 230 -13.17 22.71 -16.20
C MET B 230 -14.60 23.20 -16.06
N THR B 231 -15.47 22.70 -16.86
CA THR B 231 -16.90 23.13 -16.80
C THR B 231 -17.83 21.94 -17.09
N ALA B 232 -18.97 21.94 -16.48
CA ALA B 232 -19.98 20.86 -16.68
C ALA B 232 -21.32 21.34 -16.13
N ALA B 233 -22.42 20.80 -16.61
CA ALA B 233 -23.74 21.25 -16.12
C ALA B 233 -24.53 20.04 -15.62
N VAL B 234 -25.46 20.29 -14.75
CA VAL B 234 -26.30 19.20 -14.20
C VAL B 234 -26.85 18.37 -15.35
N GLY B 235 -26.72 17.10 -15.26
CA GLY B 235 -27.23 16.21 -16.36
C GLY B 235 -26.14 15.95 -17.44
N GLU B 236 -24.96 16.50 -17.28
CA GLU B 236 -23.88 16.27 -18.28
C GLU B 236 -23.04 15.07 -17.85
N LYS B 237 -22.70 14.25 -18.78
CA LYS B 237 -21.88 13.06 -18.48
C LYS B 237 -20.47 13.40 -18.91
N VAL B 238 -19.55 13.27 -18.03
CA VAL B 238 -18.16 13.66 -18.39
C VAL B 238 -17.17 12.57 -18.01
N LEU B 239 -16.32 12.24 -18.93
CA LEU B 239 -15.29 11.21 -18.65
C LEU B 239 -13.96 11.92 -18.38
N ILE B 240 -13.39 11.69 -17.24
CA ILE B 240 -12.11 12.38 -16.89
C ILE B 240 -10.96 11.37 -16.84
N VAL B 241 -10.13 11.41 -17.84
CA VAL B 241 -8.97 10.49 -17.89
C VAL B 241 -7.86 11.13 -17.08
N HIS B 242 -7.18 10.35 -16.33
CA HIS B 242 -6.11 10.91 -15.48
C HIS B 242 -4.91 9.98 -15.57
N SER B 243 -3.76 10.54 -15.67
CA SER B 243 -2.54 9.69 -15.78
C SER B 243 -1.42 10.18 -14.85
N GLN B 244 -0.60 9.25 -14.42
CA GLN B 244 0.56 9.53 -13.53
C GLN B 244 1.67 8.57 -13.98
N ALA B 245 2.64 9.07 -14.69
CA ALA B 245 3.73 8.20 -15.24
C ALA B 245 4.97 8.33 -14.38
N ASN B 246 4.78 8.25 -13.11
CA ASN B 246 5.91 8.34 -12.15
C ASN B 246 5.39 8.51 -10.69
N ARG B 247 4.22 7.99 -10.32
CA ARG B 247 3.78 8.17 -8.91
C ARG B 247 2.34 7.72 -8.76
N ASP B 248 2.01 7.07 -7.66
CA ASP B 248 0.59 6.63 -7.49
C ASP B 248 -0.31 7.78 -6.95
N THR B 249 -1.49 7.98 -7.52
CA THR B 249 -2.39 9.03 -7.03
C THR B 249 -3.73 8.38 -6.67
N ARG B 250 -4.63 9.15 -6.18
CA ARG B 250 -5.97 8.61 -5.78
C ARG B 250 -7.01 9.71 -6.02
N PRO B 251 -7.49 9.80 -7.23
CA PRO B 251 -8.48 10.82 -7.66
C PRO B 251 -9.75 10.85 -6.82
N HIS B 252 -10.33 12.00 -6.70
CA HIS B 252 -11.60 12.15 -5.92
C HIS B 252 -12.31 13.49 -6.26
N LEU B 253 -13.52 13.43 -6.77
CA LEU B 253 -14.28 14.66 -7.10
C LEU B 253 -15.07 15.09 -5.87
N ILE B 254 -14.66 16.16 -5.27
CA ILE B 254 -15.31 16.68 -4.06
C ILE B 254 -16.73 17.06 -4.39
N GLY B 255 -17.64 16.50 -3.69
CA GLY B 255 -19.07 16.80 -3.95
C GLY B 255 -19.66 15.80 -4.97
N GLY B 256 -18.84 15.00 -5.61
CA GLY B 256 -19.38 14.03 -6.60
C GLY B 256 -18.81 12.63 -6.34
N HIS B 257 -18.73 11.84 -7.36
CA HIS B 257 -18.19 10.47 -7.23
C HIS B 257 -18.04 9.86 -8.63
N GLY B 258 -17.20 8.88 -8.75
CA GLY B 258 -16.99 8.23 -10.08
C GLY B 258 -18.07 7.18 -10.27
N ASP B 259 -19.02 7.47 -11.08
CA ASP B 259 -20.13 6.50 -11.30
C ASP B 259 -19.53 5.19 -11.78
N TYR B 260 -18.74 5.27 -12.79
CA TYR B 260 -18.07 4.07 -13.34
C TYR B 260 -16.60 4.42 -13.48
N VAL B 261 -15.72 3.67 -12.88
CA VAL B 261 -14.29 4.07 -12.98
C VAL B 261 -13.37 2.90 -13.35
N TRP B 262 -12.84 2.92 -14.54
CA TRP B 262 -11.88 1.88 -14.96
C TRP B 262 -10.57 2.26 -14.29
N ALA B 263 -10.43 1.84 -13.08
CA ALA B 263 -9.25 2.27 -12.26
C ALA B 263 -7.97 1.84 -12.93
N THR B 264 -8.00 0.68 -13.48
CA THR B 264 -6.79 0.16 -14.15
C THR B 264 -6.62 0.81 -15.53
N GLY B 265 -7.59 1.56 -15.97
CA GLY B 265 -7.46 2.21 -17.33
C GLY B 265 -7.58 1.17 -18.47
N LYS B 266 -8.25 0.07 -18.24
CA LYS B 266 -8.43 -0.98 -19.28
C LYS B 266 -9.94 -1.14 -19.47
N PHE B 267 -10.40 -1.00 -20.68
CA PHE B 267 -11.87 -1.10 -20.92
C PHE B 267 -12.37 -2.53 -20.71
N ASN B 268 -11.60 -3.51 -21.11
CA ASN B 268 -12.05 -4.91 -20.96
C ASN B 268 -12.27 -5.24 -19.49
N THR B 269 -11.52 -4.61 -18.63
CA THR B 269 -11.66 -4.87 -17.18
C THR B 269 -12.87 -4.09 -16.66
N PRO B 270 -13.87 -4.79 -16.22
CA PRO B 270 -15.12 -4.14 -15.71
C PRO B 270 -14.83 -2.91 -14.84
N PRO B 271 -15.55 -1.81 -15.04
CA PRO B 271 -15.31 -0.56 -14.24
C PRO B 271 -15.98 -0.57 -12.84
N ASP B 272 -15.21 -0.34 -11.77
CA ASP B 272 -15.86 -0.30 -10.44
C ASP B 272 -17.03 0.66 -10.55
N VAL B 273 -17.82 0.78 -9.54
CA VAL B 273 -18.98 1.72 -9.63
C VAL B 273 -19.25 2.41 -8.28
N ASP B 274 -19.76 3.61 -8.32
CA ASP B 274 -20.07 4.34 -7.07
C ASP B 274 -18.78 4.50 -6.32
N GLN B 275 -17.81 5.08 -6.94
CA GLN B 275 -16.48 5.21 -6.23
C GLN B 275 -16.27 6.62 -5.63
N GLU B 276 -15.92 6.68 -4.35
CA GLU B 276 -15.64 8.01 -3.73
C GLU B 276 -14.19 8.45 -4.06
N THR B 277 -13.26 7.52 -4.04
CA THR B 277 -11.84 7.85 -4.35
C THR B 277 -11.22 6.61 -5.00
N TRP B 278 -10.70 6.75 -6.17
CA TRP B 278 -10.13 5.57 -6.86
C TRP B 278 -8.63 5.48 -6.59
N PHE B 279 -7.94 4.74 -7.40
CA PHE B 279 -6.47 4.59 -7.20
C PHE B 279 -5.78 4.22 -8.53
N ILE B 280 -4.89 5.07 -8.97
CA ILE B 280 -4.14 4.81 -10.24
C ILE B 280 -2.67 4.73 -9.89
N PRO B 281 -2.07 3.58 -10.08
CA PRO B 281 -0.65 3.33 -9.72
C PRO B 281 0.36 4.01 -10.66
N GLY B 282 1.36 4.62 -10.11
CA GLY B 282 2.40 5.26 -10.95
C GLY B 282 2.64 4.37 -12.15
N GLY B 283 2.79 4.94 -13.30
CA GLY B 283 3.00 4.16 -14.52
C GLY B 283 1.66 3.72 -15.10
N ALA B 284 0.59 4.48 -14.91
CA ALA B 284 -0.71 4.01 -15.49
C ALA B 284 -1.75 5.13 -15.56
N ALA B 285 -2.64 5.08 -16.53
CA ALA B 285 -3.71 6.12 -16.64
C ALA B 285 -5.09 5.45 -16.50
N GLY B 286 -5.99 6.03 -15.73
CA GLY B 286 -7.33 5.41 -15.57
C GLY B 286 -8.39 6.31 -16.20
N ALA B 287 -9.63 6.09 -15.88
CA ALA B 287 -10.73 6.92 -16.46
C ALA B 287 -11.98 6.79 -15.58
N ALA B 288 -12.62 7.89 -15.30
CA ALA B 288 -13.85 7.87 -14.46
C ALA B 288 -14.97 8.61 -15.20
N PHE B 289 -16.14 8.05 -15.21
CA PHE B 289 -17.28 8.69 -15.91
C PHE B 289 -18.34 9.04 -14.87
N TYR B 290 -18.78 10.26 -14.85
CA TYR B 290 -19.79 10.63 -13.83
C TYR B 290 -20.76 11.68 -14.38
N THR B 291 -22.01 11.50 -14.09
CA THR B 291 -23.05 12.47 -14.54
C THR B 291 -23.31 13.44 -13.40
N PHE B 292 -23.05 14.69 -13.63
CA PHE B 292 -23.25 15.72 -12.57
C PHE B 292 -24.72 15.85 -12.22
N GLN B 293 -25.00 16.00 -10.96
CA GLN B 293 -26.43 16.16 -10.53
C GLN B 293 -26.63 17.48 -9.75
N GLN B 294 -25.58 18.12 -9.28
CA GLN B 294 -25.75 19.39 -8.52
C GLN B 294 -24.83 20.46 -9.09
N PRO B 295 -25.31 21.68 -9.15
CA PRO B 295 -24.53 22.83 -9.67
C PRO B 295 -23.67 23.47 -8.60
N GLY B 296 -22.64 24.16 -9.00
CA GLY B 296 -21.75 24.82 -8.01
C GLY B 296 -20.29 24.57 -8.39
N ILE B 297 -19.40 24.81 -7.48
CA ILE B 297 -17.95 24.58 -7.78
C ILE B 297 -17.44 23.35 -7.03
N TYR B 298 -16.87 22.41 -7.73
CA TYR B 298 -16.36 21.19 -7.08
C TYR B 298 -14.86 21.07 -7.34
N ALA B 299 -14.12 20.58 -6.38
CA ALA B 299 -12.65 20.44 -6.55
C ALA B 299 -12.34 18.99 -6.85
N TYR B 300 -11.49 18.74 -7.81
CA TYR B 300 -11.16 17.33 -8.14
C TYR B 300 -9.70 17.16 -7.86
N VAL B 301 -9.34 16.33 -6.94
CA VAL B 301 -7.88 16.27 -6.68
C VAL B 301 -7.44 14.98 -6.03
N ASN B 302 -6.16 14.84 -5.92
CA ASN B 302 -5.57 13.65 -5.29
C ASN B 302 -5.98 13.70 -3.85
N HIS B 303 -6.52 12.65 -3.36
CA HIS B 303 -7.00 12.70 -1.96
C HIS B 303 -5.83 12.99 -1.07
N ASN B 304 -4.72 12.32 -1.22
CA ASN B 304 -3.62 12.76 -0.31
C ASN B 304 -3.88 14.28 -0.02
N LEU B 305 -4.66 14.61 1.00
CA LEU B 305 -5.02 16.03 1.27
C LEU B 305 -3.78 16.89 1.19
N ILE B 306 -2.74 16.42 1.78
CA ILE B 306 -1.47 17.20 1.76
C ILE B 306 -1.06 17.42 0.31
N GLU B 307 -1.03 16.37 -0.45
CA GLU B 307 -0.65 16.50 -1.89
C GLU B 307 -1.67 17.39 -2.64
N ALA B 308 -2.94 17.34 -2.29
CA ALA B 308 -3.95 18.17 -3.01
C ALA B 308 -4.02 19.66 -2.53
N PHE B 309 -3.66 19.99 -1.30
CA PHE B 309 -3.79 21.42 -0.89
C PHE B 309 -2.41 22.03 -0.64
N GLU B 310 -1.53 21.28 -0.06
CA GLU B 310 -0.16 21.82 0.23
C GLU B 310 0.80 21.65 -0.97
N LEU B 311 0.64 20.66 -1.81
CA LEU B 311 1.60 20.49 -2.94
C LEU B 311 1.06 21.17 -4.19
N GLY B 312 -0.18 20.98 -4.47
CA GLY B 312 -0.81 21.60 -5.68
C GLY B 312 -1.54 20.55 -6.55
N ALA B 313 -2.15 19.51 -5.98
CA ALA B 313 -2.87 18.54 -6.84
C ALA B 313 -4.39 18.76 -6.71
N ALA B 314 -4.89 19.92 -7.07
CA ALA B 314 -6.36 20.15 -6.95
C ALA B 314 -6.86 21.10 -8.04
N ALA B 315 -7.79 20.66 -8.86
CA ALA B 315 -8.34 21.54 -9.91
C ALA B 315 -9.76 21.90 -9.51
N HIS B 316 -10.49 22.58 -10.33
CA HIS B 316 -11.89 22.93 -9.92
C HIS B 316 -12.85 22.91 -11.11
N PHE B 317 -14.00 22.28 -10.98
CA PHE B 317 -14.99 22.27 -12.10
C PHE B 317 -16.25 23.11 -11.75
N LYS B 318 -16.56 24.11 -12.56
CA LYS B 318 -17.74 24.95 -12.32
C LYS B 318 -18.90 24.26 -13.01
N VAL B 319 -20.01 24.17 -12.37
CA VAL B 319 -21.14 23.46 -12.98
C VAL B 319 -22.38 24.32 -12.88
N THR B 320 -23.05 24.47 -13.98
CA THR B 320 -24.29 25.29 -14.00
C THR B 320 -25.52 24.38 -13.94
N GLY B 321 -26.62 24.88 -13.45
CA GLY B 321 -27.84 24.04 -13.37
C GLY B 321 -28.70 24.48 -12.17
N GLU B 322 -29.61 23.63 -11.76
CA GLU B 322 -30.50 23.96 -10.62
C GLU B 322 -30.16 23.03 -9.46
N TRP B 323 -30.16 23.55 -8.29
CA TRP B 323 -29.83 22.74 -7.10
C TRP B 323 -30.93 21.72 -6.88
N ASN B 324 -30.58 20.66 -6.26
CA ASN B 324 -31.58 19.57 -5.99
C ASN B 324 -31.60 19.31 -4.49
N ASP B 325 -32.61 19.81 -3.83
CA ASP B 325 -32.70 19.63 -2.36
C ASP B 325 -32.85 18.14 -2.05
N ASP B 326 -33.64 17.46 -2.81
CA ASP B 326 -33.84 16.01 -2.56
C ASP B 326 -32.48 15.36 -2.26
N LEU B 327 -31.50 15.64 -3.07
CA LEU B 327 -30.14 15.06 -2.84
C LEU B 327 -29.48 15.70 -1.61
N MET B 328 -29.61 17.00 -1.43
CA MET B 328 -28.96 17.62 -0.25
C MET B 328 -29.62 18.95 0.05
N THR B 329 -29.84 19.24 1.30
CA THR B 329 -30.48 20.54 1.66
C THR B 329 -30.06 20.98 3.06
N SER B 330 -29.70 22.23 3.22
CA SER B 330 -29.29 22.73 4.55
C SER B 330 -30.55 23.04 5.37
N VAL B 331 -30.97 22.13 6.20
CA VAL B 331 -32.20 22.37 7.00
C VAL B 331 -31.99 23.58 7.89
N LEU B 332 -30.87 23.64 8.53
CA LEU B 332 -30.58 24.81 9.42
C LEU B 332 -29.20 25.39 9.07
N ALA B 333 -29.16 26.54 8.47
CA ALA B 333 -27.85 27.14 8.11
C ALA B 333 -27.08 27.47 9.39
N PRO B 334 -25.79 27.52 9.32
CA PRO B 334 -24.92 27.82 10.49
C PRO B 334 -25.44 29.02 11.29
N SER B 335 -25.82 28.81 12.52
CA SER B 335 -26.33 29.94 13.33
C SER B 335 -25.93 29.74 14.79
N GLY B 336 -26.47 30.55 15.66
CA GLY B 336 -26.14 30.41 17.11
C GLY B 336 -26.86 29.20 17.69
N ALA C 1 -11.21 -32.67 7.41
CA ALA C 1 -10.76 -34.09 7.46
C ALA C 1 -10.30 -34.42 8.89
N THR C 2 -10.35 -35.67 9.27
CA THR C 2 -9.92 -36.05 10.63
C THR C 2 -8.43 -36.40 10.60
N ALA C 3 -7.83 -36.54 11.75
CA ALA C 3 -6.38 -36.88 11.79
C ALA C 3 -6.14 -38.18 11.02
N ALA C 4 -6.97 -39.16 11.19
CA ALA C 4 -6.77 -40.46 10.47
C ALA C 4 -6.80 -40.21 8.97
N GLU C 5 -7.77 -39.46 8.50
CA GLU C 5 -7.85 -39.19 7.03
C GLU C 5 -6.57 -38.50 6.55
N ILE C 6 -6.08 -37.55 7.30
CA ILE C 6 -4.84 -36.83 6.88
C ILE C 6 -3.63 -37.79 6.91
N ALA C 7 -3.61 -38.68 7.86
CA ALA C 7 -2.45 -39.62 7.95
C ALA C 7 -2.44 -40.60 6.76
N ALA C 8 -3.57 -40.86 6.16
CA ALA C 8 -3.61 -41.82 5.02
C ALA C 8 -3.39 -41.10 3.67
N LEU C 9 -3.22 -39.81 3.65
CA LEU C 9 -3.01 -39.10 2.34
C LEU C 9 -1.55 -39.30 1.88
N PRO C 10 -1.33 -39.40 0.60
CA PRO C 10 0.04 -39.59 0.03
C PRO C 10 0.95 -38.37 0.28
N ARG C 11 2.18 -38.58 0.71
CA ARG C 11 3.09 -37.43 0.96
C ARG C 11 4.13 -37.33 -0.18
N GLN C 12 4.42 -36.13 -0.61
CA GLN C 12 5.42 -35.93 -1.69
C GLN C 12 6.46 -34.89 -1.24
N LYS C 13 7.71 -35.26 -1.24
CA LYS C 13 8.78 -34.34 -0.82
C LYS C 13 9.21 -33.55 -2.04
N VAL C 14 9.40 -32.29 -1.86
CA VAL C 14 9.80 -31.45 -3.01
C VAL C 14 11.11 -30.73 -2.72
N GLU C 15 11.97 -30.69 -3.70
CA GLU C 15 13.27 -30.01 -3.57
C GLU C 15 13.09 -28.59 -4.08
N LEU C 16 13.38 -27.64 -3.27
CA LEU C 16 13.17 -26.22 -3.67
C LEU C 16 14.38 -25.70 -4.42
N VAL C 17 14.16 -24.76 -5.30
CA VAL C 17 15.28 -24.17 -6.07
C VAL C 17 15.46 -22.73 -5.61
N ASP C 18 16.35 -22.01 -6.20
CA ASP C 18 16.53 -20.59 -5.76
C ASP C 18 15.90 -19.63 -6.80
N PRO C 19 15.12 -18.67 -6.35
CA PRO C 19 14.48 -17.68 -7.26
C PRO C 19 15.48 -17.15 -8.30
N PRO C 20 14.99 -16.66 -9.40
CA PRO C 20 13.52 -16.59 -9.68
C PRO C 20 12.93 -17.91 -10.18
N PHE C 21 13.73 -18.92 -10.35
CA PHE C 21 13.23 -20.23 -10.83
C PHE C 21 12.33 -20.86 -9.78
N VAL C 22 11.45 -21.71 -10.19
CA VAL C 22 10.54 -22.38 -9.27
C VAL C 22 10.81 -23.86 -9.38
N HIS C 23 10.41 -24.59 -8.41
CA HIS C 23 10.65 -26.06 -8.43
C HIS C 23 9.68 -26.72 -9.40
N ALA C 24 9.91 -27.97 -9.68
CA ALA C 24 9.02 -28.72 -10.60
C ALA C 24 7.64 -28.85 -9.96
N HIS C 25 6.62 -28.75 -10.77
CA HIS C 25 5.23 -28.87 -10.26
C HIS C 25 4.27 -28.92 -11.46
N SER C 26 3.13 -29.53 -11.30
CA SER C 26 2.16 -29.61 -12.41
C SER C 26 1.06 -28.59 -12.18
N GLN C 27 0.61 -27.95 -13.21
CA GLN C 27 -0.46 -26.92 -13.03
C GLN C 27 -1.69 -27.64 -12.53
N VAL C 28 -2.13 -28.58 -13.30
CA VAL C 28 -3.29 -29.41 -12.89
C VAL C 28 -2.81 -30.41 -11.85
N ALA C 29 -3.53 -30.54 -10.78
CA ALA C 29 -3.11 -31.46 -9.69
C ALA C 29 -3.08 -32.90 -10.18
N GLU C 30 -2.05 -33.61 -9.86
CA GLU C 30 -1.95 -35.04 -10.28
C GLU C 30 -2.38 -35.93 -9.11
N GLY C 31 -3.62 -36.33 -9.08
CA GLY C 31 -4.11 -37.17 -7.97
C GLY C 31 -4.93 -36.31 -7.01
N GLY C 32 -5.31 -36.85 -5.90
CA GLY C 32 -6.12 -36.06 -4.92
C GLY C 32 -5.18 -35.27 -3.98
N PRO C 33 -5.69 -34.87 -2.84
CA PRO C 33 -4.93 -34.10 -1.83
C PRO C 33 -3.70 -34.85 -1.33
N LYS C 34 -2.63 -34.14 -1.13
CA LYS C 34 -1.39 -34.80 -0.64
C LYS C 34 -0.57 -33.84 0.26
N VAL C 35 0.02 -34.37 1.30
CA VAL C 35 0.84 -33.57 2.24
C VAL C 35 2.21 -33.33 1.60
N VAL C 36 2.38 -32.15 1.12
CA VAL C 36 3.61 -31.76 0.44
C VAL C 36 4.60 -31.44 1.52
N GLU C 37 5.78 -31.86 1.33
CA GLU C 37 6.81 -31.63 2.38
C GLU C 37 7.95 -30.80 1.83
N PHE C 38 8.29 -29.74 2.51
CA PHE C 38 9.42 -28.88 2.07
C PHE C 38 10.26 -28.47 3.30
N THR C 39 11.56 -28.43 3.18
CA THR C 39 12.40 -28.05 4.35
C THR C 39 13.32 -26.89 3.97
N MET C 40 13.41 -25.90 4.81
CA MET C 40 14.28 -24.72 4.49
C MET C 40 15.09 -24.30 5.72
N VAL C 41 16.39 -24.23 5.59
CA VAL C 41 17.27 -23.81 6.70
C VAL C 41 17.45 -22.30 6.57
N ILE C 42 17.43 -21.62 7.65
CA ILE C 42 17.57 -20.14 7.61
C ILE C 42 19.03 -19.79 7.77
N GLU C 43 19.53 -18.92 6.95
CA GLU C 43 20.97 -18.57 7.07
C GLU C 43 21.15 -17.05 7.17
N GLU C 44 21.55 -16.55 8.31
CA GLU C 44 21.76 -15.07 8.42
C GLU C 44 23.21 -14.73 8.01
N LYS C 45 23.40 -14.08 6.88
CA LYS C 45 24.78 -13.76 6.47
C LYS C 45 24.77 -12.36 5.87
N LYS C 46 25.82 -12.02 5.21
CA LYS C 46 25.89 -10.66 4.57
C LYS C 46 25.80 -10.76 3.03
N ILE C 47 24.88 -10.03 2.44
CA ILE C 47 24.72 -10.01 0.96
C ILE C 47 24.96 -8.58 0.44
N VAL C 48 25.64 -8.48 -0.66
CA VAL C 48 25.95 -7.19 -1.27
C VAL C 48 24.74 -6.84 -2.05
N ILE C 49 24.40 -5.64 -2.05
CA ILE C 49 23.15 -5.25 -2.76
C ILE C 49 23.39 -4.32 -3.95
N ASP C 50 24.52 -3.69 -4.03
CA ASP C 50 24.75 -2.75 -5.17
C ASP C 50 26.18 -2.88 -5.68
N ASP C 51 26.58 -2.00 -6.55
CA ASP C 51 27.95 -2.07 -7.10
C ASP C 51 28.91 -1.39 -6.12
N ALA C 52 28.40 -0.48 -5.33
CA ALA C 52 29.29 0.22 -4.35
C ALA C 52 29.71 -0.73 -3.21
N GLY C 53 29.32 -1.98 -3.25
CA GLY C 53 29.72 -2.93 -2.16
C GLY C 53 28.83 -2.77 -0.91
N THR C 54 27.70 -2.09 -1.00
CA THR C 54 26.82 -1.94 0.18
C THR C 54 26.49 -3.33 0.69
N GLU C 55 26.37 -3.50 1.97
CA GLU C 55 26.08 -4.86 2.48
C GLU C 55 24.90 -4.85 3.48
N VAL C 56 24.01 -5.80 3.36
CA VAL C 56 22.87 -5.90 4.31
C VAL C 56 22.86 -7.29 5.01
N HIS C 57 22.82 -7.30 6.32
CA HIS C 57 22.80 -8.57 7.10
C HIS C 57 21.48 -9.25 6.79
N ALA C 58 21.49 -10.06 5.81
CA ALA C 58 20.25 -10.73 5.37
C ALA C 58 19.91 -11.97 6.22
N MET C 59 18.64 -12.12 6.45
CA MET C 59 18.10 -13.27 7.21
C MET C 59 17.39 -13.98 6.11
N ALA C 60 17.86 -15.09 5.72
CA ALA C 60 17.28 -15.63 4.50
C ALA C 60 16.89 -17.04 4.65
N PHE C 61 15.70 -17.25 4.30
CA PHE C 61 15.17 -18.66 4.32
C PHE C 61 15.72 -19.38 3.09
N ASN C 62 16.38 -20.50 3.25
CA ASN C 62 16.97 -21.20 2.08
C ASN C 62 18.24 -20.48 1.57
N GLY C 63 18.80 -19.57 2.34
CA GLY C 63 20.03 -18.86 1.88
C GLY C 63 19.75 -17.91 0.69
N THR C 64 18.53 -17.53 0.43
CA THR C 64 18.31 -16.59 -0.75
C THR C 64 17.16 -15.57 -0.50
N VAL C 65 17.38 -14.30 -0.84
CA VAL C 65 16.32 -13.29 -0.70
C VAL C 65 15.82 -12.99 -2.11
N PRO C 66 14.57 -13.21 -2.35
CA PRO C 66 13.61 -13.70 -1.33
C PRO C 66 13.58 -15.23 -1.25
N GLY C 67 13.18 -15.74 -0.13
CA GLY C 67 13.11 -17.22 0.02
C GLY C 67 12.57 -17.82 -1.28
N PRO C 68 12.57 -19.11 -1.37
CA PRO C 68 12.07 -19.84 -2.57
C PRO C 68 10.54 -19.92 -2.62
N LEU C 69 9.99 -20.04 -3.80
CA LEU C 69 8.50 -20.13 -3.92
C LEU C 69 8.05 -21.59 -3.85
N MET C 70 7.22 -21.92 -2.89
CA MET C 70 6.71 -23.29 -2.76
C MET C 70 5.41 -23.35 -3.54
N VAL C 71 5.14 -24.45 -4.13
CA VAL C 71 3.89 -24.53 -4.95
C VAL C 71 3.11 -25.83 -4.68
N VAL C 72 1.94 -25.70 -4.14
CA VAL C 72 1.05 -26.86 -3.88
C VAL C 72 -0.34 -26.50 -4.44
N HIS C 73 -1.27 -27.41 -4.42
CA HIS C 73 -2.62 -27.10 -4.95
C HIS C 73 -3.55 -26.79 -3.78
N GLN C 74 -4.72 -26.36 -4.09
CA GLN C 74 -5.70 -26.03 -3.03
C GLN C 74 -6.21 -27.32 -2.42
N ASP C 75 -6.23 -27.39 -1.13
CA ASP C 75 -6.68 -28.63 -0.45
C ASP C 75 -5.47 -29.38 0.08
N ASP C 76 -4.39 -29.37 -0.65
CA ASP C 76 -3.16 -30.08 -0.19
C ASP C 76 -2.61 -29.39 1.06
N TYR C 77 -2.00 -30.15 1.92
CA TYR C 77 -1.43 -29.57 3.17
C TYR C 77 0.09 -29.39 2.99
N LEU C 78 0.55 -28.23 3.29
CA LEU C 78 1.99 -27.91 3.17
C LEU C 78 2.64 -28.14 4.52
N GLU C 79 3.61 -28.99 4.55
CA GLU C 79 4.29 -29.32 5.82
C GLU C 79 5.71 -28.85 5.66
N LEU C 80 6.09 -27.89 6.41
CA LEU C 80 7.46 -27.34 6.23
C LEU C 80 8.33 -27.51 7.47
N THR C 81 9.42 -28.20 7.32
CA THR C 81 10.38 -28.37 8.46
C THR C 81 11.41 -27.24 8.37
N LEU C 82 11.35 -26.30 9.28
CA LEU C 82 12.27 -25.17 9.26
C LEU C 82 13.36 -25.48 10.23
N ILE C 83 14.49 -24.98 9.96
CA ILE C 83 15.65 -25.27 10.85
C ILE C 83 16.53 -24.02 11.01
N ASN C 84 16.75 -23.64 12.23
CA ASN C 84 17.62 -22.46 12.52
C ASN C 84 18.93 -22.99 13.09
N PRO C 85 19.94 -23.03 12.26
CA PRO C 85 21.28 -23.56 12.63
C PRO C 85 21.94 -22.86 13.82
N GLU C 86 22.73 -23.57 14.58
CA GLU C 86 23.42 -22.94 15.74
C GLU C 86 24.29 -21.75 15.27
N THR C 87 24.78 -21.79 14.05
CA THR C 87 25.64 -20.66 13.55
C THR C 87 24.89 -19.32 13.61
N ASN C 88 23.58 -19.33 13.53
CA ASN C 88 22.83 -18.04 13.55
C ASN C 88 22.86 -17.45 14.96
N THR C 89 22.38 -16.25 15.11
CA THR C 89 22.38 -15.61 16.46
C THR C 89 20.98 -15.04 16.84
N LEU C 90 19.96 -15.20 16.02
CA LEU C 90 18.62 -14.63 16.42
C LEU C 90 17.50 -15.66 16.24
N MET C 91 16.53 -15.69 17.14
CA MET C 91 15.40 -16.66 16.97
C MET C 91 14.45 -16.15 15.88
N HIS C 92 13.99 -17.03 15.01
CA HIS C 92 13.08 -16.60 13.93
C HIS C 92 11.71 -17.29 14.08
N ASN C 93 10.99 -17.34 13.00
CA ASN C 93 9.64 -17.97 12.97
C ASN C 93 9.04 -17.71 11.57
N ILE C 94 8.07 -18.48 11.13
CA ILE C 94 7.51 -18.24 9.77
C ILE C 94 5.98 -18.09 9.81
N ASP C 95 5.47 -17.04 9.23
CA ASP C 95 4.00 -16.83 9.17
C ASP C 95 3.55 -16.83 7.69
N PHE C 96 2.82 -17.84 7.28
CA PHE C 96 2.38 -17.92 5.87
C PHE C 96 0.98 -17.33 5.72
N HIS C 97 0.88 -16.28 4.97
CA HIS C 97 -0.44 -15.62 4.74
C HIS C 97 -1.47 -16.65 4.23
N ALA C 98 -1.02 -17.69 3.58
CA ALA C 98 -1.97 -18.70 3.03
C ALA C 98 -2.41 -19.73 4.09
N ALA C 99 -2.10 -19.49 5.33
CA ALA C 99 -2.53 -20.44 6.40
C ALA C 99 -3.57 -19.77 7.28
N THR C 100 -4.21 -20.52 8.13
CA THR C 100 -5.26 -19.91 9.02
C THR C 100 -5.10 -20.39 10.47
N GLY C 101 -4.69 -19.51 11.35
CA GLY C 101 -4.55 -19.88 12.81
C GLY C 101 -3.09 -19.69 13.31
N ALA C 102 -2.90 -19.16 14.52
CA ALA C 102 -1.51 -19.00 15.05
C ALA C 102 -0.71 -17.93 14.28
N LEU C 103 -1.31 -16.79 14.05
CA LEU C 103 -0.58 -15.69 13.34
C LEU C 103 0.06 -16.20 12.05
N GLY C 104 -0.60 -17.10 11.37
CA GLY C 104 -0.04 -17.62 10.09
C GLY C 104 1.08 -18.64 10.37
N GLY C 105 1.08 -19.24 11.52
CA GLY C 105 2.14 -20.25 11.84
C GLY C 105 3.31 -19.62 12.63
N GLY C 106 3.33 -18.33 12.83
CA GLY C 106 4.46 -17.70 13.58
C GLY C 106 4.36 -18.04 15.08
N GLY C 107 3.17 -18.20 15.59
CA GLY C 107 3.02 -18.52 17.05
C GLY C 107 3.46 -19.96 17.36
N LEU C 108 3.56 -20.82 16.37
CA LEU C 108 3.97 -22.23 16.64
C LEU C 108 5.27 -22.60 15.88
N THR C 109 6.09 -21.64 15.55
CA THR C 109 7.37 -21.94 14.83
C THR C 109 8.54 -21.06 15.37
N GLU C 110 8.46 -20.52 16.56
CA GLU C 110 9.58 -19.70 17.09
C GLU C 110 10.71 -20.64 17.46
N ILE C 111 11.80 -20.60 16.74
CA ILE C 111 12.91 -21.54 17.04
C ILE C 111 14.21 -20.78 17.18
N ASN C 112 14.87 -20.92 18.28
CA ASN C 112 16.16 -20.22 18.48
C ASN C 112 17.30 -21.07 17.91
N PRO C 113 18.43 -20.46 17.65
CA PRO C 113 19.61 -21.17 17.11
C PRO C 113 19.73 -22.59 17.68
N GLY C 114 19.93 -23.56 16.83
CA GLY C 114 20.03 -24.97 17.32
C GLY C 114 18.64 -25.61 17.50
N GLU C 115 17.59 -25.04 16.94
CA GLU C 115 16.24 -25.65 17.10
C GLU C 115 15.50 -25.70 15.74
N LYS C 116 14.74 -26.74 15.50
CA LYS C 116 13.96 -26.86 14.23
C LYS C 116 12.56 -27.38 14.54
N THR C 117 11.59 -27.03 13.76
CA THR C 117 10.22 -27.49 14.03
C THR C 117 9.57 -27.89 12.72
N ILE C 118 8.38 -28.39 12.81
CA ILE C 118 7.65 -28.80 11.59
C ILE C 118 6.19 -28.35 11.72
N LEU C 119 5.72 -27.55 10.81
CA LEU C 119 4.32 -27.07 10.90
C LEU C 119 3.57 -27.46 9.64
N ARG C 120 2.39 -27.97 9.80
CA ARG C 120 1.60 -28.38 8.61
C ARG C 120 0.25 -27.65 8.60
N PHE C 121 -0.08 -27.01 7.52
CA PHE C 121 -1.37 -26.29 7.43
C PHE C 121 -2.08 -26.66 6.11
N LYS C 122 -3.39 -26.57 6.09
CA LYS C 122 -4.17 -26.89 4.88
C LYS C 122 -4.27 -25.64 4.00
N ALA C 123 -3.97 -25.80 2.76
CA ALA C 123 -4.03 -24.68 1.80
C ALA C 123 -5.45 -24.62 1.32
N THR C 124 -6.23 -23.88 2.01
CA THR C 124 -7.70 -23.84 1.69
C THR C 124 -8.10 -22.76 0.66
N LYS C 125 -7.21 -21.90 0.28
CA LYS C 125 -7.57 -20.83 -0.68
C LYS C 125 -6.52 -20.79 -1.79
N PRO C 126 -6.96 -20.69 -3.01
CA PRO C 126 -6.06 -20.66 -4.19
C PRO C 126 -5.51 -19.26 -4.48
N GLY C 127 -4.21 -19.14 -4.67
CA GLY C 127 -3.65 -17.79 -4.98
C GLY C 127 -2.24 -17.64 -4.39
N VAL C 128 -1.45 -16.77 -4.96
CA VAL C 128 -0.08 -16.55 -4.46
C VAL C 128 -0.19 -15.78 -3.15
N PHE C 129 0.67 -16.07 -2.23
CA PHE C 129 0.59 -15.39 -0.93
C PHE C 129 2.00 -15.18 -0.43
N VAL C 130 2.21 -14.19 0.36
CA VAL C 130 3.62 -13.95 0.85
C VAL C 130 3.87 -14.51 2.28
N TYR C 131 4.94 -15.28 2.47
CA TYR C 131 5.29 -15.79 3.80
C TYR C 131 6.44 -14.94 4.32
N HIS C 132 6.60 -14.81 5.60
CA HIS C 132 7.70 -13.95 6.13
C HIS C 132 7.87 -14.15 7.64
N CYS C 133 9.10 -14.12 8.12
CA CYS C 133 9.34 -14.34 9.58
C CYS C 133 8.86 -13.10 10.34
N ALA C 134 8.39 -13.27 11.54
CA ALA C 134 7.90 -12.08 12.29
C ALA C 134 7.96 -12.34 13.79
N PRO C 135 9.13 -12.36 14.34
CA PRO C 135 9.33 -12.58 15.80
C PRO C 135 8.74 -11.41 16.61
N PRO C 136 7.88 -11.71 17.55
CA PRO C 136 7.23 -10.66 18.40
C PRO C 136 8.19 -9.54 18.84
N GLY C 137 7.89 -8.30 18.51
CA GLY C 137 8.79 -7.18 18.93
C GLY C 137 9.80 -6.78 17.83
N MET C 138 10.12 -7.65 16.90
CA MET C 138 11.11 -7.28 15.86
C MET C 138 10.62 -7.77 14.51
N VAL C 139 9.36 -7.58 14.26
CA VAL C 139 8.79 -8.04 12.96
C VAL C 139 9.42 -7.30 11.76
N PRO C 140 9.16 -6.03 11.64
CA PRO C 140 9.65 -5.18 10.52
C PRO C 140 11.14 -5.37 10.24
N TRP C 141 11.92 -5.56 11.27
CA TRP C 141 13.39 -5.75 11.07
C TRP C 141 13.67 -7.05 10.30
N HIS C 142 13.08 -8.14 10.71
CA HIS C 142 13.32 -9.44 10.03
C HIS C 142 12.82 -9.39 8.58
N VAL C 143 11.70 -8.78 8.34
CA VAL C 143 11.15 -8.73 6.95
C VAL C 143 12.06 -7.87 6.06
N VAL C 144 12.44 -6.71 6.53
CA VAL C 144 13.30 -5.81 5.70
C VAL C 144 14.64 -6.49 5.47
N SER C 145 15.09 -7.24 6.43
CA SER C 145 16.39 -7.95 6.27
C SER C 145 16.31 -9.00 5.14
N GLY C 146 15.19 -9.15 4.50
CA GLY C 146 15.05 -10.15 3.41
C GLY C 146 14.52 -11.48 3.94
N MET C 147 13.79 -11.48 5.03
CA MET C 147 13.26 -12.77 5.55
C MET C 147 11.80 -12.93 5.09
N ASN C 148 11.61 -13.15 3.82
CA ASN C 148 10.23 -13.29 3.31
C ASN C 148 10.26 -13.79 1.85
N GLY C 149 9.27 -14.52 1.47
CA GLY C 149 9.19 -15.06 0.07
C GLY C 149 7.71 -15.19 -0.32
N ALA C 150 7.31 -16.28 -0.94
CA ALA C 150 5.87 -16.41 -1.32
C ALA C 150 5.55 -17.83 -1.83
N ILE C 151 4.36 -18.32 -1.55
CA ILE C 151 3.96 -19.67 -2.03
C ILE C 151 2.76 -19.55 -2.97
N MET C 152 2.63 -20.44 -3.91
CA MET C 152 1.49 -20.38 -4.87
C MET C 152 0.62 -21.64 -4.76
N VAL C 153 -0.59 -21.48 -4.30
CA VAL C 153 -1.52 -22.63 -4.17
C VAL C 153 -2.39 -22.57 -5.40
N LEU C 154 -2.14 -23.43 -6.32
CA LEU C 154 -2.90 -23.35 -7.61
C LEU C 154 -4.16 -24.20 -7.59
N PRO C 155 -5.22 -23.70 -8.17
CA PRO C 155 -6.49 -24.46 -8.27
C PRO C 155 -6.23 -25.89 -8.76
N ARG C 156 -6.89 -26.87 -8.20
CA ARG C 156 -6.67 -28.27 -8.62
C ARG C 156 -6.72 -28.39 -10.13
N GLU C 157 -7.59 -27.66 -10.76
CA GLU C 157 -7.71 -27.73 -12.25
C GLU C 157 -6.79 -26.70 -12.96
N GLY C 158 -5.80 -26.16 -12.29
CA GLY C 158 -4.90 -25.17 -12.97
C GLY C 158 -5.51 -23.77 -12.92
N LEU C 159 -4.96 -22.86 -13.68
CA LEU C 159 -5.51 -21.46 -13.68
C LEU C 159 -6.45 -21.26 -14.87
N HIS C 160 -7.45 -20.42 -14.70
CA HIS C 160 -8.41 -20.15 -15.80
C HIS C 160 -8.73 -18.64 -15.77
N ASP C 161 -9.16 -18.11 -16.87
CA ASP C 161 -9.48 -16.64 -16.92
C ASP C 161 -10.74 -16.35 -16.11
N GLY C 162 -11.39 -15.24 -16.38
CA GLY C 162 -12.63 -14.89 -15.61
C GLY C 162 -13.85 -15.66 -16.18
N LYS C 163 -13.79 -16.11 -17.40
CA LYS C 163 -14.96 -16.85 -17.97
C LYS C 163 -14.86 -18.36 -17.70
N GLY C 164 -13.73 -18.82 -17.22
CA GLY C 164 -13.59 -20.30 -16.95
C GLY C 164 -12.57 -20.97 -17.92
N LYS C 165 -12.14 -20.32 -18.97
CA LYS C 165 -11.18 -20.96 -19.92
C LYS C 165 -9.88 -21.26 -19.20
N ALA C 166 -9.20 -22.28 -19.60
CA ALA C 166 -7.91 -22.64 -18.94
C ALA C 166 -6.72 -21.82 -19.51
N LEU C 167 -5.94 -21.22 -18.63
CA LEU C 167 -4.74 -20.46 -19.02
C LEU C 167 -3.55 -21.25 -18.50
N THR C 168 -2.74 -21.73 -19.39
CA THR C 168 -1.61 -22.56 -18.99
C THR C 168 -0.37 -21.85 -19.39
N TYR C 169 0.56 -21.82 -18.54
CA TYR C 169 1.82 -21.09 -18.85
C TYR C 169 2.96 -22.06 -19.14
N ASP C 170 3.82 -21.71 -20.06
CA ASP C 170 4.99 -22.58 -20.37
C ASP C 170 6.16 -22.28 -19.41
N LYS C 171 6.24 -21.08 -18.87
CA LYS C 171 7.36 -20.76 -17.95
C LYS C 171 6.86 -19.87 -16.81
N ILE C 172 7.36 -20.08 -15.63
CA ILE C 172 6.93 -19.25 -14.47
C ILE C 172 8.16 -18.77 -13.67
N TYR C 173 8.21 -17.49 -13.38
CA TYR C 173 9.36 -16.93 -12.62
C TYR C 173 8.79 -16.20 -11.41
N TYR C 174 9.51 -16.19 -10.34
CA TYR C 174 9.05 -15.51 -9.11
C TYR C 174 10.02 -14.41 -8.75
N VAL C 175 9.57 -13.19 -8.81
CA VAL C 175 10.46 -12.04 -8.50
C VAL C 175 10.03 -11.40 -7.18
N GLY C 176 10.80 -11.61 -6.16
CA GLY C 176 10.50 -11.03 -4.83
C GLY C 176 11.19 -9.69 -4.71
N GLU C 177 10.44 -8.67 -4.47
CA GLU C 177 10.99 -7.31 -4.36
C GLU C 177 11.30 -7.08 -2.91
N GLN C 178 12.30 -6.33 -2.65
CA GLN C 178 12.66 -6.08 -1.23
C GLN C 178 13.14 -4.65 -1.02
N ASP C 179 12.53 -3.95 -0.12
CA ASP C 179 12.96 -2.55 0.16
C ASP C 179 13.88 -2.56 1.39
N PHE C 180 15.10 -2.14 1.24
CA PHE C 180 16.02 -2.15 2.39
C PHE C 180 16.11 -0.75 2.99
N TYR C 181 16.88 -0.64 4.02
CA TYR C 181 17.06 0.67 4.71
C TYR C 181 18.46 0.64 5.30
N VAL C 182 19.43 1.00 4.52
CA VAL C 182 20.83 0.91 4.99
C VAL C 182 21.28 2.21 5.61
N PRO C 183 21.81 2.12 6.79
CA PRO C 183 22.33 3.32 7.52
C PRO C 183 23.60 3.91 6.87
N ARG C 184 23.70 5.23 6.79
CA ARG C 184 24.89 5.87 6.19
C ARG C 184 25.56 6.73 7.25
N ASP C 185 26.82 7.00 7.09
CA ASP C 185 27.55 7.83 8.10
C ASP C 185 27.29 9.33 7.87
N GLU C 186 28.20 10.19 8.27
CA GLU C 186 27.98 11.66 8.08
C GLU C 186 28.33 12.08 6.65
N ASN C 187 29.24 11.38 6.00
CA ASN C 187 29.62 11.77 4.61
C ASN C 187 28.63 11.18 3.57
N GLY C 188 27.71 10.35 3.97
CA GLY C 188 26.74 9.77 2.99
C GLY C 188 27.16 8.34 2.56
N LYS C 189 28.23 7.79 3.09
CA LYS C 189 28.64 6.41 2.70
C LYS C 189 27.90 5.37 3.54
N TYR C 190 27.45 4.31 2.92
CA TYR C 190 26.73 3.26 3.66
C TYR C 190 27.65 2.70 4.72
N LYS C 191 27.11 2.32 5.82
CA LYS C 191 27.95 1.78 6.92
C LYS C 191 27.89 0.24 6.91
N LYS C 192 28.97 -0.38 7.28
CA LYS C 192 28.99 -1.86 7.32
C LYS C 192 29.30 -2.29 8.74
N TYR C 193 28.85 -3.44 9.14
CA TYR C 193 29.12 -3.87 10.52
C TYR C 193 29.71 -5.25 10.52
N GLU C 194 29.67 -5.91 11.62
CA GLU C 194 30.24 -7.29 11.69
C GLU C 194 29.14 -8.29 12.09
N ALA C 195 28.09 -7.84 12.74
CA ALA C 195 27.02 -8.77 13.14
C ALA C 195 25.68 -8.14 12.81
N PRO C 196 24.65 -8.92 12.87
CA PRO C 196 23.26 -8.46 12.57
C PRO C 196 22.70 -7.53 13.65
N GLY C 197 22.98 -7.81 14.90
CA GLY C 197 22.44 -6.95 15.99
C GLY C 197 23.15 -5.57 16.01
N ASP C 198 24.40 -5.52 15.63
CA ASP C 198 25.14 -4.22 15.65
C ASP C 198 24.46 -3.20 14.74
N ALA C 199 23.73 -3.64 13.75
CA ALA C 199 23.06 -2.67 12.82
C ALA C 199 21.54 -2.54 13.11
N TYR C 200 21.07 -3.00 14.24
CA TYR C 200 19.60 -2.87 14.55
C TYR C 200 19.17 -1.40 14.85
N GLU C 201 19.84 -0.69 15.74
CA GLU C 201 19.41 0.69 16.08
C GLU C 201 19.53 1.61 14.87
N ASP C 202 20.64 1.56 14.20
CA ASP C 202 20.85 2.45 13.01
C ASP C 202 19.83 2.11 11.93
N THR C 203 19.53 0.87 11.76
CA THR C 203 18.54 0.48 10.71
C THR C 203 17.15 1.00 11.09
N VAL C 204 16.73 0.79 12.30
CA VAL C 204 15.38 1.27 12.73
C VAL C 204 15.23 2.75 12.38
N LYS C 205 16.24 3.53 12.68
CA LYS C 205 16.16 4.98 12.37
C LYS C 205 15.84 5.18 10.89
N VAL C 206 16.48 4.44 10.02
CA VAL C 206 16.21 4.59 8.56
C VAL C 206 14.82 4.05 8.24
N MET C 207 14.45 2.94 8.83
CA MET C 207 13.11 2.36 8.53
C MET C 207 12.00 3.34 8.92
N ARG C 208 12.17 4.08 9.98
CA ARG C 208 11.11 5.05 10.40
C ARG C 208 10.87 6.09 9.29
N THR C 209 11.91 6.49 8.62
CA THR C 209 11.75 7.50 7.54
C THR C 209 10.83 6.98 6.42
N LEU C 210 10.46 5.72 6.44
CA LEU C 210 9.57 5.19 5.36
C LEU C 210 10.19 5.48 3.98
N THR C 211 11.50 5.55 3.91
CA THR C 211 12.15 5.82 2.60
C THR C 211 13.30 4.83 2.43
N PRO C 212 13.08 3.80 1.66
CA PRO C 212 14.11 2.74 1.42
C PRO C 212 15.32 3.22 0.61
N THR C 213 16.52 2.96 1.09
CA THR C 213 17.73 3.40 0.33
C THR C 213 17.86 2.55 -0.96
N HIS C 214 17.29 1.38 -1.00
CA HIS C 214 17.40 0.53 -2.22
C HIS C 214 16.19 -0.40 -2.30
N VAL C 215 15.59 -0.49 -3.46
CA VAL C 215 14.41 -1.37 -3.62
C VAL C 215 14.75 -2.25 -4.79
N VAL C 216 14.92 -3.51 -4.59
CA VAL C 216 15.37 -4.28 -5.76
C VAL C 216 14.68 -5.61 -5.86
N PHE C 217 15.12 -6.40 -6.78
CA PHE C 217 14.50 -7.73 -6.98
C PHE C 217 15.57 -8.81 -6.86
N ASN C 218 15.28 -9.86 -6.15
CA ASN C 218 16.29 -10.96 -5.97
C ASN C 218 17.38 -10.61 -4.93
N GLY C 219 17.22 -9.55 -4.16
CA GLY C 219 18.25 -9.20 -3.13
C GLY C 219 19.44 -8.34 -3.69
N ALA C 220 19.36 -7.69 -4.84
CA ALA C 220 20.53 -6.85 -5.27
C ALA C 220 20.22 -6.03 -6.54
N VAL C 221 20.65 -4.78 -6.58
CA VAL C 221 20.42 -3.97 -7.81
C VAL C 221 21.08 -4.69 -8.98
N GLY C 222 20.36 -4.90 -10.04
CA GLY C 222 20.95 -5.62 -11.20
C GLY C 222 21.05 -7.14 -10.93
N ALA C 223 20.23 -7.69 -10.04
CA ALA C 223 20.31 -9.16 -9.78
C ALA C 223 19.68 -10.00 -10.92
N LEU C 224 18.55 -9.60 -11.46
CA LEU C 224 17.88 -10.40 -12.55
C LEU C 224 18.20 -9.86 -13.95
N THR C 225 19.41 -9.46 -14.18
CA THR C 225 19.85 -8.97 -15.52
C THR C 225 21.24 -9.55 -15.83
N GLY C 226 21.56 -9.73 -17.08
CA GLY C 226 22.88 -10.32 -17.45
C GLY C 226 22.75 -11.83 -17.40
N ASP C 227 23.57 -12.47 -16.62
CA ASP C 227 23.46 -13.96 -16.52
C ASP C 227 22.12 -14.37 -15.87
N LYS C 228 21.49 -13.48 -15.12
CA LYS C 228 20.18 -13.85 -14.48
C LYS C 228 18.97 -13.31 -15.27
N ALA C 229 19.17 -12.60 -16.35
CA ALA C 229 17.98 -12.08 -17.11
C ALA C 229 17.03 -13.24 -17.45
N MET C 230 15.76 -13.09 -17.15
CA MET C 230 14.80 -14.16 -17.47
C MET C 230 14.87 -14.43 -18.96
N THR C 231 14.20 -15.43 -19.40
CA THR C 231 14.20 -15.76 -20.84
C THR C 231 12.79 -16.19 -21.29
N ALA C 232 12.49 -15.95 -22.54
CA ALA C 232 11.16 -16.33 -23.10
C ALA C 232 11.22 -16.14 -24.63
N ALA C 233 10.46 -16.91 -25.38
CA ALA C 233 10.49 -16.78 -26.85
C ALA C 233 9.10 -16.41 -27.36
N VAL C 234 9.05 -15.69 -28.43
CA VAL C 234 7.75 -15.27 -29.01
C VAL C 234 6.83 -16.46 -29.05
N GLY C 235 5.61 -16.27 -28.64
CA GLY C 235 4.63 -17.40 -28.63
C GLY C 235 4.61 -18.14 -27.26
N GLU C 236 5.51 -17.84 -26.36
CA GLU C 236 5.53 -18.52 -25.05
C GLU C 236 4.69 -17.74 -24.04
N LYS C 237 4.03 -18.44 -23.18
CA LYS C 237 3.18 -17.80 -22.15
C LYS C 237 3.94 -17.91 -20.86
N VAL C 238 4.04 -16.86 -20.14
CA VAL C 238 4.83 -16.90 -18.90
C VAL C 238 4.10 -16.23 -17.76
N LEU C 239 4.11 -16.86 -16.63
CA LEU C 239 3.45 -16.29 -15.43
C LEU C 239 4.53 -15.72 -14.52
N ILE C 240 4.44 -14.46 -14.18
CA ILE C 240 5.46 -13.82 -13.33
C ILE C 240 4.85 -13.45 -11.97
N VAL C 241 5.13 -14.25 -10.98
CA VAL C 241 4.62 -13.97 -9.62
C VAL C 241 5.54 -12.96 -8.97
N HIS C 242 4.98 -12.04 -8.28
CA HIS C 242 5.80 -10.99 -7.65
C HIS C 242 5.27 -10.74 -6.25
N SER C 243 6.14 -10.59 -5.32
CA SER C 243 5.68 -10.36 -3.92
C SER C 243 6.49 -9.26 -3.23
N GLN C 244 5.83 -8.55 -2.35
CA GLN C 244 6.45 -7.46 -1.55
C GLN C 244 5.85 -7.58 -0.14
N ALA C 245 6.63 -8.04 0.80
CA ALA C 245 6.12 -8.27 2.18
C ALA C 245 6.60 -7.16 3.11
N ASN C 246 6.45 -5.98 2.65
CA ASN C 246 6.85 -4.77 3.43
C ASN C 246 6.86 -3.50 2.54
N ARG C 247 5.99 -3.38 1.54
CA ARG C 247 6.02 -2.14 0.72
C ARG C 247 5.14 -2.30 -0.51
N ASP C 248 4.40 -1.29 -0.88
CA ASP C 248 3.53 -1.42 -2.10
C ASP C 248 4.36 -1.17 -3.40
N THR C 249 4.19 -2.01 -4.41
CA THR C 249 4.92 -1.81 -5.69
C THR C 249 3.90 -1.73 -6.83
N ARG C 250 4.37 -1.53 -8.01
CA ARG C 250 3.48 -1.44 -9.21
C ARG C 250 4.23 -1.99 -10.42
N PRO C 251 4.15 -3.28 -10.60
CA PRO C 251 4.85 -4.01 -11.69
C PRO C 251 4.49 -3.50 -13.09
N HIS C 252 5.42 -3.57 -13.98
CA HIS C 252 5.18 -3.13 -15.39
C HIS C 252 6.25 -3.72 -16.35
N LEU C 253 5.82 -4.54 -17.29
CA LEU C 253 6.75 -5.13 -18.29
C LEU C 253 6.90 -4.15 -19.45
N ILE C 254 8.04 -3.56 -19.55
CA ILE C 254 8.34 -2.57 -20.60
C ILE C 254 8.31 -3.27 -21.93
N GLY C 255 7.53 -2.76 -22.81
CA GLY C 255 7.43 -3.41 -24.15
C GLY C 255 6.28 -4.44 -24.16
N GLY C 256 5.76 -4.83 -23.02
CA GLY C 256 4.66 -5.83 -23.01
C GLY C 256 3.57 -5.39 -22.05
N HIS C 257 2.78 -6.31 -21.59
CA HIS C 257 1.68 -5.96 -20.66
C HIS C 257 1.20 -7.23 -19.94
N GLY C 258 0.40 -7.06 -18.93
CA GLY C 258 -0.12 -8.23 -18.18
C GLY C 258 -1.44 -8.64 -18.80
N ASP C 259 -1.41 -9.60 -19.66
CA ASP C 259 -2.66 -10.03 -20.34
C ASP C 259 -3.72 -10.27 -19.28
N TYR C 260 -3.41 -11.12 -18.37
CA TYR C 260 -4.34 -11.42 -17.25
C TYR C 260 -3.56 -11.21 -15.96
N VAL C 261 -4.03 -10.39 -15.06
CA VAL C 261 -3.22 -10.15 -13.83
C VAL C 261 -4.06 -10.24 -12.56
N TRP C 262 -3.85 -11.26 -11.79
CA TRP C 262 -4.57 -11.38 -10.49
C TRP C 262 -3.83 -10.46 -9.55
N ALA C 263 -4.18 -9.21 -9.58
CA ALA C 263 -3.45 -8.18 -8.80
C ALA C 263 -3.49 -8.53 -7.33
N THR C 264 -4.61 -8.93 -6.89
CA THR C 264 -4.77 -9.29 -5.45
C THR C 264 -4.07 -10.63 -5.15
N GLY C 265 -3.60 -11.31 -6.16
CA GLY C 265 -2.92 -12.63 -5.89
C GLY C 265 -3.94 -13.70 -5.39
N LYS C 266 -5.18 -13.60 -5.79
CA LYS C 266 -6.20 -14.59 -5.37
C LYS C 266 -6.84 -15.12 -6.66
N PHE C 267 -6.81 -16.39 -6.85
CA PHE C 267 -7.36 -16.98 -8.12
C PHE C 267 -8.89 -16.81 -8.18
N ASN C 268 -9.56 -16.97 -7.09
CA ASN C 268 -11.04 -16.85 -7.08
C ASN C 268 -11.43 -15.48 -7.59
N THR C 269 -10.63 -14.50 -7.31
CA THR C 269 -10.95 -13.13 -7.77
C THR C 269 -10.56 -13.00 -9.25
N PRO C 270 -11.52 -12.75 -10.10
CA PRO C 270 -11.27 -12.61 -11.57
C PRO C 270 -10.02 -11.77 -11.87
N PRO C 271 -9.19 -12.18 -12.81
CA PRO C 271 -7.94 -11.42 -13.14
C PRO C 271 -8.15 -10.20 -14.08
N ASP C 272 -7.74 -9.00 -13.69
CA ASP C 272 -7.90 -7.86 -14.61
C ASP C 272 -7.29 -8.27 -15.95
N VAL C 273 -7.49 -7.52 -16.98
CA VAL C 273 -6.91 -7.93 -18.30
C VAL C 273 -6.38 -6.70 -19.07
N ASP C 274 -5.38 -6.91 -19.89
CA ASP C 274 -4.82 -5.81 -20.70
C ASP C 274 -4.28 -4.79 -19.73
N GLN C 275 -3.44 -5.22 -18.85
CA GLN C 275 -2.92 -4.24 -17.83
C GLN C 275 -1.53 -3.69 -18.19
N GLU C 276 -1.37 -2.37 -18.22
CA GLU C 276 -0.02 -1.78 -18.49
C GLU C 276 0.83 -1.79 -17.20
N THR C 277 0.24 -1.48 -16.06
CA THR C 277 0.97 -1.45 -14.78
C THR C 277 -0.02 -1.87 -13.69
N TRP C 278 0.31 -2.85 -12.93
CA TRP C 278 -0.63 -3.33 -11.89
C TRP C 278 -0.31 -2.70 -10.55
N PHE C 279 -0.79 -3.28 -9.48
CA PHE C 279 -0.52 -2.72 -8.14
C PHE C 279 -0.63 -3.81 -7.07
N ILE C 280 0.45 -4.07 -6.37
CA ILE C 280 0.44 -5.10 -5.30
C ILE C 280 0.79 -4.39 -4.00
N PRO C 281 -0.12 -4.39 -3.07
CA PRO C 281 0.06 -3.70 -1.75
C PRO C 281 1.01 -4.43 -0.79
N GLY C 282 1.91 -3.70 -0.18
CA GLY C 282 2.83 -4.32 0.79
C GLY C 282 2.07 -5.40 1.54
N GLY C 283 2.72 -6.47 1.82
CA GLY C 283 2.06 -7.60 2.52
C GLY C 283 1.23 -8.42 1.53
N ALA C 284 1.61 -8.50 0.27
CA ALA C 284 0.76 -9.31 -0.67
C ALA C 284 1.52 -9.69 -1.95
N ALA C 285 1.27 -10.86 -2.48
CA ALA C 285 1.94 -11.27 -3.76
C ALA C 285 0.89 -11.45 -4.87
N GLY C 286 1.15 -10.97 -6.06
CA GLY C 286 0.16 -11.11 -7.16
C GLY C 286 0.75 -12.00 -8.26
N ALA C 287 0.15 -11.97 -9.42
CA ALA C 287 0.65 -12.80 -10.55
C ALA C 287 0.13 -12.23 -11.87
N ALA C 288 0.97 -12.20 -12.87
CA ALA C 288 0.56 -11.67 -14.20
C ALA C 288 0.98 -12.67 -15.27
N PHE C 289 0.09 -12.96 -16.17
CA PHE C 289 0.41 -13.94 -17.24
C PHE C 289 0.40 -13.21 -18.57
N TYR C 290 1.38 -13.41 -19.37
CA TYR C 290 1.43 -12.70 -20.67
C TYR C 290 2.12 -13.55 -21.73
N THR C 291 1.61 -13.51 -22.92
CA THR C 291 2.20 -14.27 -24.04
C THR C 291 3.06 -13.32 -24.85
N PHE C 292 4.33 -13.59 -24.92
CA PHE C 292 5.25 -12.70 -25.67
C PHE C 292 4.94 -12.72 -27.16
N GLN C 293 4.96 -11.57 -27.78
CA GLN C 293 4.69 -11.49 -29.24
C GLN C 293 5.88 -10.86 -30.00
N GLN C 294 6.82 -10.25 -29.31
CA GLN C 294 7.98 -9.63 -30.02
C GLN C 294 9.28 -10.00 -29.32
N PRO C 295 10.31 -10.26 -30.09
CA PRO C 295 11.65 -10.64 -29.57
C PRO C 295 12.50 -9.43 -29.22
N GLY C 296 13.41 -9.57 -28.30
CA GLY C 296 14.26 -8.42 -27.92
C GLY C 296 14.43 -8.41 -26.40
N ILE C 297 14.97 -7.35 -25.88
CA ILE C 297 15.17 -7.26 -24.40
C ILE C 297 14.10 -6.34 -23.80
N TYR C 298 13.39 -6.82 -22.82
CA TYR C 298 12.33 -6.01 -22.17
C TYR C 298 12.65 -5.88 -20.68
N ALA C 299 12.46 -4.73 -20.13
CA ALA C 299 12.75 -4.52 -18.69
C ALA C 299 11.47 -4.67 -17.92
N TYR C 300 11.54 -5.22 -16.75
CA TYR C 300 10.29 -5.42 -15.98
C TYR C 300 10.53 -4.79 -14.64
N VAL C 301 9.83 -3.77 -14.28
CA VAL C 301 10.20 -3.19 -12.97
C VAL C 301 9.10 -2.37 -12.34
N ASN C 302 9.35 -1.98 -11.13
CA ASN C 302 8.39 -1.17 -10.37
C ASN C 302 8.27 0.13 -11.12
N HIS C 303 7.10 0.52 -11.45
CA HIS C 303 6.98 1.77 -12.26
C HIS C 303 7.62 2.90 -11.48
N ASN C 304 7.30 3.09 -10.23
CA ASN C 304 8.04 4.19 -9.56
C ASN C 304 9.41 4.31 -10.30
N LEU C 305 9.47 5.10 -11.36
CA LEU C 305 10.71 5.20 -12.18
C LEU C 305 11.91 5.38 -11.27
N ILE C 306 11.75 6.21 -10.31
CA ILE C 306 12.87 6.46 -9.36
C ILE C 306 13.22 5.15 -8.68
N GLU C 307 12.23 4.51 -8.13
CA GLU C 307 12.48 3.19 -7.47
C GLU C 307 13.06 2.16 -8.48
N ALA C 308 12.67 2.21 -9.74
CA ALA C 308 13.20 1.22 -10.73
C ALA C 308 14.58 1.61 -11.35
N PHE C 309 14.95 2.87 -11.43
CA PHE C 309 16.26 3.19 -12.07
C PHE C 309 17.24 3.75 -11.06
N GLU C 310 16.75 4.52 -10.14
CA GLU C 310 17.66 5.12 -9.12
C GLU C 310 17.82 4.21 -7.88
N LEU C 311 16.85 3.39 -7.54
CA LEU C 311 17.01 2.54 -6.33
C LEU C 311 17.53 1.17 -6.73
N GLY C 312 16.95 0.59 -7.74
CA GLY C 312 17.40 -0.76 -8.20
C GLY C 312 16.20 -1.74 -8.41
N ALA C 313 15.00 -1.28 -8.72
CA ALA C 313 13.88 -2.24 -8.95
C ALA C 313 13.68 -2.46 -10.45
N ALA C 314 14.62 -3.07 -11.14
CA ALA C 314 14.44 -3.30 -12.60
C ALA C 314 15.19 -4.55 -13.06
N ALA C 315 14.49 -5.51 -13.63
CA ALA C 315 15.16 -6.74 -14.12
C ALA C 315 15.01 -6.75 -15.63
N HIS C 316 15.46 -7.75 -16.30
CA HIS C 316 15.29 -7.73 -17.79
C HIS C 316 15.06 -9.13 -18.39
N PHE C 317 14.06 -9.27 -19.26
CA PHE C 317 13.83 -10.59 -19.93
C PHE C 317 14.31 -10.55 -21.41
N LYS C 318 15.10 -11.52 -21.83
CA LYS C 318 15.61 -11.59 -23.20
C LYS C 318 14.72 -12.57 -23.91
N VAL C 319 14.19 -12.19 -25.01
CA VAL C 319 13.25 -13.07 -25.71
C VAL C 319 13.73 -13.28 -27.11
N THR C 320 13.60 -14.47 -27.56
CA THR C 320 14.06 -14.79 -28.95
C THR C 320 12.86 -15.03 -29.84
N GLY C 321 13.03 -14.91 -31.13
CA GLY C 321 11.87 -15.14 -32.06
C GLY C 321 11.98 -14.21 -33.28
N GLU C 322 10.89 -14.02 -33.97
CA GLU C 322 10.90 -13.14 -35.17
C GLU C 322 10.09 -11.89 -34.84
N TRP C 323 10.54 -10.77 -35.31
CA TRP C 323 9.84 -9.50 -35.04
C TRP C 323 8.56 -9.46 -35.86
N ASN C 324 7.58 -8.79 -35.34
CA ASN C 324 6.27 -8.67 -36.04
C ASN C 324 6.04 -7.20 -36.36
N ASP C 325 6.17 -6.84 -37.60
CA ASP C 325 6.00 -5.42 -37.99
C ASP C 325 4.55 -5.00 -37.78
N ASP C 326 3.64 -5.87 -38.10
CA ASP C 326 2.20 -5.53 -37.93
C ASP C 326 2.01 -4.85 -36.57
N LEU C 327 2.50 -5.45 -35.53
CA LEU C 327 2.38 -4.86 -34.17
C LEU C 327 3.17 -3.55 -34.08
N MET C 328 4.38 -3.49 -34.59
CA MET C 328 5.14 -2.21 -34.47
C MET C 328 6.25 -2.16 -35.50
N THR C 329 6.39 -1.06 -36.16
CA THR C 329 7.46 -0.95 -37.19
C THR C 329 7.98 0.50 -37.26
N SER C 330 9.28 0.68 -37.36
CA SER C 330 9.84 2.06 -37.46
C SER C 330 9.78 2.51 -38.91
N VAL C 331 8.74 3.22 -39.27
CA VAL C 331 8.60 3.67 -40.68
C VAL C 331 9.82 4.50 -41.06
N LEU C 332 10.17 5.41 -40.22
CA LEU C 332 11.36 6.26 -40.50
C LEU C 332 12.32 6.22 -39.31
N ALA C 333 13.42 5.52 -39.44
CA ALA C 333 14.39 5.43 -38.31
C ALA C 333 14.94 6.83 -38.02
N PRO C 334 15.38 7.04 -36.81
CA PRO C 334 15.93 8.34 -36.37
C PRO C 334 16.94 8.90 -37.38
N SER C 335 16.69 10.05 -37.92
CA SER C 335 17.65 10.63 -38.91
C SER C 335 17.71 12.14 -38.74
N GLY C 336 18.24 12.83 -39.70
CA GLY C 336 18.33 14.31 -39.61
C GLY C 336 17.03 14.93 -40.10
N GLU D 1 23.06 -1.01 47.61
CA GLU D 1 23.11 0.01 46.55
C GLU D 1 22.35 -0.48 45.30
N ASN D 2 22.34 0.35 44.29
CA ASN D 2 21.55 0.13 43.08
C ASN D 2 22.46 -0.07 41.88
N ILE D 3 22.05 -1.01 41.01
CA ILE D 3 22.79 -1.26 39.78
C ILE D 3 21.81 -1.12 38.61
N GLU D 4 22.17 -0.25 37.69
CA GLU D 4 21.26 0.00 36.57
C GLU D 4 21.64 -0.85 35.35
N VAL D 5 20.63 -1.48 34.77
CA VAL D 5 20.84 -2.37 33.61
C VAL D 5 19.96 -1.88 32.47
N HIS D 6 20.47 -1.81 31.24
CA HIS D 6 19.64 -1.40 30.12
C HIS D 6 19.30 -2.61 29.23
N MET D 7 18.10 -2.57 28.68
CA MET D 7 17.63 -3.57 27.72
C MET D 7 17.66 -2.90 26.35
N LEU D 8 18.41 -3.50 25.44
CA LEU D 8 18.60 -2.92 24.11
C LEU D 8 18.37 -3.91 22.97
N ASN D 9 17.97 -3.37 21.82
CA ASN D 9 17.82 -4.19 20.62
C ASN D 9 19.20 -4.54 20.07
N LYS D 10 20.18 -3.68 20.33
CA LYS D 10 21.51 -3.95 19.80
C LYS D 10 22.55 -3.34 20.74
N GLY D 11 23.61 -4.09 21.04
CA GLY D 11 24.64 -3.54 21.94
C GLY D 11 25.97 -4.18 21.59
N ALA D 12 26.89 -4.20 22.53
CA ALA D 12 28.22 -4.71 22.26
C ALA D 12 28.24 -6.18 21.84
N GLU D 13 27.42 -7.02 22.46
CA GLU D 13 27.50 -8.43 22.09
C GLU D 13 26.63 -8.82 20.92
N GLY D 14 25.88 -7.90 20.33
CA GLY D 14 25.02 -8.25 19.20
C GLY D 14 23.61 -7.77 19.43
N ALA D 15 22.63 -8.47 18.88
CA ALA D 15 21.23 -8.10 19.00
C ALA D 15 20.65 -8.65 20.31
N MET D 16 19.68 -7.93 20.84
CA MET D 16 18.84 -8.26 21.98
C MET D 16 19.67 -8.55 23.23
N VAL D 17 20.08 -7.50 23.93
CA VAL D 17 20.99 -7.71 25.05
C VAL D 17 20.63 -6.90 26.30
N PHE D 18 21.16 -7.40 27.42
CA PHE D 18 21.09 -6.67 28.70
C PHE D 18 22.50 -6.08 28.84
N GLU D 19 22.62 -4.83 29.25
CA GLU D 19 23.94 -4.24 29.47
C GLU D 19 23.94 -3.57 30.85
N PRO D 20 24.73 -4.03 31.80
CA PRO D 20 25.68 -5.14 31.69
C PRO D 20 24.95 -6.50 31.73
N ALA D 21 25.60 -7.58 31.33
CA ALA D 21 24.91 -8.87 31.35
C ALA D 21 25.42 -9.67 32.54
N TYR D 22 26.40 -9.09 33.23
CA TYR D 22 26.94 -9.74 34.44
C TYR D 22 26.78 -8.73 35.56
N ILE D 23 26.00 -9.06 36.58
CA ILE D 23 25.71 -8.10 37.64
C ILE D 23 26.13 -8.70 38.98
N LYS D 24 27.03 -7.95 39.64
CA LYS D 24 27.53 -8.41 40.93
C LYS D 24 26.82 -7.65 42.04
N ALA D 25 26.20 -8.35 42.98
CA ALA D 25 25.45 -7.59 43.97
C ALA D 25 25.51 -8.26 45.33
N ASN D 26 24.98 -7.59 46.36
CA ASN D 26 24.93 -8.20 47.70
C ASN D 26 23.49 -8.21 48.21
N PRO D 27 23.16 -9.04 49.19
CA PRO D 27 21.78 -9.08 49.72
C PRO D 27 21.31 -7.69 50.16
N GLY D 28 20.13 -7.27 49.74
CA GLY D 28 19.61 -5.95 50.05
C GLY D 28 19.84 -4.97 48.91
N ASP D 29 20.70 -5.26 47.94
CA ASP D 29 20.90 -4.35 46.80
C ASP D 29 19.69 -4.37 45.88
N THR D 30 19.57 -3.34 45.01
CA THR D 30 18.52 -3.38 44.01
C THR D 30 19.17 -3.35 42.63
N VAL D 31 18.47 -3.96 41.70
CA VAL D 31 18.85 -3.98 40.29
C VAL D 31 17.67 -3.33 39.55
N THR D 32 17.98 -2.22 38.87
CA THR D 32 16.95 -1.51 38.12
C THR D 32 17.12 -1.76 36.61
N PHE D 33 16.10 -2.36 36.03
CA PHE D 33 16.10 -2.73 34.62
C PHE D 33 15.35 -1.66 33.82
N ILE D 34 16.04 -1.04 32.87
CA ILE D 34 15.45 0.05 32.10
C ILE D 34 15.35 -0.30 30.63
N PRO D 35 14.15 -0.47 30.11
CA PRO D 35 14.06 -0.77 28.67
C PRO D 35 14.31 0.50 27.84
N VAL D 36 15.52 0.63 27.31
CA VAL D 36 15.88 1.77 26.47
C VAL D 36 15.20 1.65 25.12
N ASP D 37 15.08 0.43 24.63
CA ASP D 37 14.30 0.19 23.42
C ASP D 37 13.01 -0.51 23.84
N LYS D 38 11.97 -0.47 23.01
CA LYS D 38 10.74 -1.16 23.39
C LYS D 38 10.80 -2.65 23.04
N GLY D 39 9.94 -3.43 23.67
CA GLY D 39 9.80 -4.83 23.37
C GLY D 39 10.50 -5.76 24.36
N HIS D 40 10.97 -5.24 25.48
CA HIS D 40 11.72 -6.08 26.42
C HIS D 40 11.13 -6.13 27.82
N ASN D 41 11.43 -7.19 28.58
CA ASN D 41 11.00 -7.34 29.96
C ASN D 41 12.09 -8.17 30.67
N VAL D 42 11.85 -8.59 31.88
CA VAL D 42 12.81 -9.43 32.60
C VAL D 42 12.01 -10.45 33.40
N GLU D 43 12.46 -11.68 33.40
CA GLU D 43 11.77 -12.80 34.04
C GLU D 43 12.80 -13.79 34.59
N SER D 44 12.62 -14.27 35.81
CA SER D 44 13.59 -15.24 36.32
C SER D 44 13.35 -16.56 35.59
N ILE D 45 14.41 -17.33 35.38
CA ILE D 45 14.26 -18.61 34.69
C ILE D 45 14.06 -19.74 35.69
N LYS D 46 13.09 -20.60 35.42
CA LYS D 46 12.78 -21.75 36.35
C LYS D 46 14.03 -22.59 36.65
N ASP D 47 14.24 -22.80 37.91
CA ASP D 47 15.34 -23.59 38.42
C ASP D 47 16.71 -23.00 38.17
N MET D 48 16.73 -21.70 37.83
CA MET D 48 18.02 -21.04 37.67
C MET D 48 18.08 -19.78 38.54
N ILE D 49 17.46 -19.88 39.71
CA ILE D 49 17.55 -18.89 40.77
C ILE D 49 17.76 -19.68 42.06
N PRO D 50 18.31 -19.05 43.08
CA PRO D 50 18.62 -19.80 44.30
C PRO D 50 17.39 -20.34 45.02
N GLU D 51 17.62 -21.44 45.72
CA GLU D 51 16.69 -22.19 46.50
C GLU D 51 15.49 -21.47 47.10
N GLY D 52 15.65 -20.43 47.90
CA GLY D 52 14.50 -19.77 48.52
C GLY D 52 14.11 -18.42 48.00
N ALA D 53 14.53 -18.14 46.77
CA ALA D 53 14.22 -16.81 46.21
C ALA D 53 12.87 -16.86 45.51
N GLU D 54 12.19 -15.74 45.42
CA GLU D 54 10.90 -15.73 44.74
C GLU D 54 11.07 -15.54 43.23
N LYS D 55 10.21 -16.16 42.44
CA LYS D 55 10.24 -15.99 40.99
C LYS D 55 9.72 -14.59 40.68
N PHE D 56 10.08 -14.02 39.51
CA PHE D 56 9.64 -12.67 39.19
C PHE D 56 9.48 -12.50 37.69
N LYS D 57 8.59 -11.59 37.31
CA LYS D 57 8.37 -11.34 35.89
C LYS D 57 7.83 -9.93 35.71
N SER D 58 8.53 -9.12 34.93
CA SER D 58 8.06 -7.75 34.76
C SER D 58 7.17 -7.59 33.55
N LYS D 59 6.45 -6.47 33.39
CA LYS D 59 5.68 -6.29 32.15
C LYS D 59 6.57 -5.73 31.05
N ILE D 60 6.26 -6.00 29.80
CA ILE D 60 7.08 -5.49 28.70
C ILE D 60 7.06 -3.97 28.67
N ASN D 61 8.21 -3.35 28.47
CA ASN D 61 8.38 -1.91 28.39
C ASN D 61 8.41 -1.15 29.71
N GLU D 62 8.17 -1.81 30.83
CA GLU D 62 8.23 -1.18 32.14
C GLU D 62 9.62 -1.23 32.78
N ASN D 63 9.89 -0.15 33.52
CA ASN D 63 11.09 -0.05 34.34
C ASN D 63 10.84 -0.98 35.51
N TYR D 64 11.75 -1.89 35.84
CA TYR D 64 11.45 -2.79 36.94
C TYR D 64 12.59 -2.78 37.96
N VAL D 65 12.24 -2.69 39.25
CA VAL D 65 13.28 -2.69 40.26
C VAL D 65 13.26 -4.02 41.00
N LEU D 66 14.32 -4.78 40.87
CA LEU D 66 14.41 -6.06 41.57
C LEU D 66 15.18 -5.90 42.87
N THR D 67 14.64 -6.36 44.00
CA THR D 67 15.45 -6.38 45.21
C THR D 67 16.00 -7.78 45.40
N VAL D 68 17.30 -7.91 45.61
CA VAL D 68 17.87 -9.25 45.74
C VAL D 68 18.19 -9.53 47.21
N THR D 69 17.72 -10.68 47.67
CA THR D 69 17.91 -11.07 49.07
C THR D 69 18.79 -12.31 49.19
N GLN D 70 18.36 -13.42 48.60
CA GLN D 70 19.15 -14.66 48.72
C GLN D 70 20.43 -14.67 47.92
N PRO D 71 21.52 -15.12 48.53
CA PRO D 71 22.82 -15.24 47.87
C PRO D 71 22.73 -16.40 46.85
N GLY D 72 23.60 -16.33 45.85
CA GLY D 72 23.55 -17.34 44.81
C GLY D 72 23.49 -16.65 43.45
N ALA D 73 23.45 -17.47 42.40
CA ALA D 73 23.40 -16.95 41.04
C ALA D 73 21.96 -17.03 40.55
N TYR D 74 21.61 -16.08 39.70
CA TYR D 74 20.28 -15.95 39.12
C TYR D 74 20.51 -15.72 37.60
N LEU D 75 19.85 -16.55 36.80
CA LEU D 75 19.91 -16.26 35.35
C LEU D 75 18.53 -15.70 35.01
N VAL D 76 18.51 -14.51 34.42
CA VAL D 76 17.22 -13.93 34.04
C VAL D 76 17.19 -13.82 32.53
N LYS D 77 15.98 -13.80 31.99
CA LYS D 77 15.87 -13.66 30.55
C LYS D 77 14.91 -12.52 30.24
N CYS D 78 14.90 -12.14 28.97
CA CYS D 78 13.83 -11.30 28.43
C CYS D 78 12.84 -12.33 27.86
N THR D 79 11.57 -12.28 28.22
CA THR D 79 10.61 -13.29 27.79
C THR D 79 10.54 -13.40 26.27
N PRO D 80 10.29 -12.32 25.55
CA PRO D 80 10.23 -12.47 24.09
C PRO D 80 11.56 -12.81 23.46
N HIS D 81 12.71 -12.32 23.96
CA HIS D 81 13.92 -12.59 23.20
C HIS D 81 14.91 -13.59 23.81
N TYR D 82 14.42 -14.41 24.74
CA TYR D 82 15.26 -15.44 25.34
C TYR D 82 15.89 -16.34 24.29
N ALA D 83 15.08 -16.78 23.31
CA ALA D 83 15.66 -17.66 22.28
C ALA D 83 16.71 -16.97 21.43
N MET D 84 16.78 -15.64 21.40
CA MET D 84 17.78 -14.91 20.66
C MET D 84 18.98 -14.56 21.53
N GLY D 85 19.02 -15.09 22.75
CA GLY D 85 20.17 -14.92 23.61
C GLY D 85 20.04 -13.84 24.67
N MET D 86 18.89 -13.22 24.84
CA MET D 86 18.85 -12.08 25.76
C MET D 86 18.76 -12.52 27.22
N ILE D 87 19.92 -12.58 27.88
CA ILE D 87 19.93 -13.02 29.29
C ILE D 87 20.89 -12.18 30.09
N ALA D 88 20.82 -12.27 31.41
CA ALA D 88 21.81 -11.63 32.27
C ALA D 88 22.00 -12.60 33.46
N LEU D 89 23.19 -12.54 34.04
CA LEU D 89 23.50 -13.36 35.22
C LEU D 89 23.72 -12.40 36.38
N ILE D 90 22.98 -12.62 37.47
CA ILE D 90 23.16 -11.81 38.67
C ILE D 90 23.85 -12.70 39.70
N ALA D 91 24.97 -12.27 40.24
CA ALA D 91 25.70 -13.05 41.23
C ALA D 91 25.60 -12.29 42.57
N VAL D 92 24.94 -12.92 43.52
CA VAL D 92 24.72 -12.35 44.86
C VAL D 92 25.64 -13.01 45.87
N GLY D 93 26.58 -12.24 46.42
CA GLY D 93 27.50 -12.77 47.42
C GLY D 93 28.68 -13.45 46.73
N ASP D 94 29.65 -14.00 47.46
CA ASP D 94 30.77 -14.63 46.76
C ASP D 94 30.52 -16.13 46.53
N SER D 95 31.24 -16.71 45.60
CA SER D 95 31.21 -18.07 45.10
C SER D 95 29.84 -18.70 45.21
N PRO D 96 28.94 -18.23 44.33
CA PRO D 96 27.55 -18.66 44.35
C PRO D 96 27.45 -20.20 44.22
N ALA D 97 26.75 -20.81 45.16
CA ALA D 97 26.70 -22.26 45.25
C ALA D 97 26.12 -22.90 44.00
N ASN D 98 25.18 -22.20 43.35
CA ASN D 98 24.47 -22.80 42.23
C ASN D 98 24.97 -22.42 40.85
N LEU D 99 26.11 -21.74 40.71
CA LEU D 99 26.62 -21.29 39.44
C LEU D 99 26.95 -22.42 38.47
N ASP D 100 27.67 -23.47 38.88
CA ASP D 100 28.01 -24.58 37.99
C ASP D 100 26.75 -25.30 37.52
N GLN D 101 25.76 -25.41 38.41
CA GLN D 101 24.49 -26.03 38.05
C GLN D 101 23.86 -25.19 36.94
N ILE D 102 23.85 -23.87 37.09
CA ILE D 102 23.22 -23.07 36.03
C ILE D 102 23.97 -23.15 34.73
N VAL D 103 25.29 -23.23 34.80
CA VAL D 103 26.05 -23.31 33.54
C VAL D 103 25.78 -24.63 32.83
N SER D 104 25.56 -25.69 33.60
CA SER D 104 25.28 -26.99 32.97
C SER D 104 23.83 -27.15 32.54
N ALA D 105 22.86 -26.36 33.06
CA ALA D 105 21.45 -26.61 32.75
C ALA D 105 21.11 -26.50 31.27
N LYS D 106 20.03 -27.18 30.89
CA LYS D 106 19.60 -27.12 29.51
C LYS D 106 19.08 -25.72 29.14
N LYS D 107 19.55 -25.18 28.03
CA LYS D 107 19.10 -23.88 27.54
C LYS D 107 19.47 -23.73 26.06
N PRO D 108 18.90 -22.75 25.36
CA PRO D 108 19.24 -22.55 23.94
C PRO D 108 20.73 -22.36 23.74
N LYS D 109 21.21 -22.88 22.60
CA LYS D 109 22.63 -22.80 22.29
C LYS D 109 23.15 -21.38 22.30
N ILE D 110 22.35 -20.46 21.75
CA ILE D 110 22.82 -19.08 21.71
C ILE D 110 22.91 -18.51 23.13
N VAL D 111 21.95 -18.90 23.95
CA VAL D 111 22.01 -18.48 25.37
C VAL D 111 23.30 -18.97 26.02
N GLN D 112 23.56 -20.27 25.86
CA GLN D 112 24.75 -20.90 26.44
C GLN D 112 26.03 -20.18 26.02
N GLU D 113 26.14 -19.84 24.72
CA GLU D 113 27.32 -19.13 24.26
C GLU D 113 27.46 -17.76 24.90
N ARG D 114 26.36 -17.03 25.07
CA ARG D 114 26.53 -15.72 25.72
C ARG D 114 26.85 -15.82 27.20
N LEU D 115 26.22 -16.79 27.87
CA LEU D 115 26.47 -17.07 29.29
C LEU D 115 27.95 -17.34 29.50
N GLU D 116 28.51 -18.21 28.64
CA GLU D 116 29.91 -18.58 28.78
C GLU D 116 30.83 -17.40 28.61
N LYS D 117 30.44 -16.51 27.69
CA LYS D 117 31.22 -15.33 27.47
C LYS D 117 31.16 -14.41 28.69
N VAL D 118 29.95 -14.15 29.17
CA VAL D 118 29.83 -13.26 30.34
C VAL D 118 30.55 -13.79 31.56
N ILE D 119 30.55 -15.10 31.77
CA ILE D 119 31.27 -15.59 32.95
C ILE D 119 32.77 -15.44 32.78
N ALA D 120 33.24 -15.53 31.54
CA ALA D 120 34.66 -15.41 31.25
C ALA D 120 35.08 -13.94 31.19
N SER D 121 34.46 -13.26 30.26
CA SER D 121 34.54 -11.90 29.79
C SER D 121 33.34 -11.04 30.17
N ALA D 122 33.20 -10.78 31.45
CA ALA D 122 32.15 -9.95 32.02
C ALA D 122 32.17 -10.02 33.55
N LYS D 123 32.84 -11.05 34.05
CA LYS D 123 32.94 -11.32 35.48
C LYS D 123 33.65 -10.20 36.25
CU CU E . -12.39 20.89 11.44
CU CU F . -12.42 13.59 0.92
GD GD G . -10.19 4.45 25.63
GD GD H . -18.45 -10.20 24.90
GD GD I . -0.15 -31.42 21.44
CU CU J . 13.19 12.78 -22.92
CU CU K . 6.24 3.17 -18.25
GD GD L . -1.43 27.45 -19.96
GD GD M . -20.82 28.25 -21.95
GD GD N . -33.45 28.55 1.67
CU CU O . 13.46 -13.79 11.37
CU CU P . 2.15 -10.38 6.66
GD GD Q . 22.96 -14.51 -5.99
GD GD R . 17.07 -22.12 -22.00
GD GD S . 14.19 -2.23 -42.19
CU CU T . 13.96 -8.43 24.89
N THR A 2 -42.01 13.15 -4.76
CA THR A 2 -42.43 14.59 -4.75
C THR A 2 -42.08 15.24 -3.40
N ALA A 3 -42.38 16.50 -3.23
CA ALA A 3 -42.06 17.18 -1.94
C ALA A 3 -42.91 16.59 -0.81
N ALA A 4 -44.18 16.37 -1.03
CA ALA A 4 -45.04 15.81 0.05
C ALA A 4 -44.52 14.43 0.46
N GLU A 5 -44.10 13.65 -0.50
CA GLU A 5 -43.58 12.29 -0.16
C GLU A 5 -42.33 12.41 0.72
N ILE A 6 -41.42 13.28 0.37
CA ILE A 6 -40.18 13.43 1.19
C ILE A 6 -40.54 13.93 2.59
N ALA A 7 -41.45 14.87 2.68
CA ALA A 7 -41.85 15.40 4.02
C ALA A 7 -42.65 14.35 4.83
N ALA A 8 -43.25 13.38 4.20
CA ALA A 8 -44.04 12.36 4.96
C ALA A 8 -43.16 11.18 5.43
N LEU A 9 -41.93 11.09 4.99
CA LEU A 9 -41.07 9.95 5.44
C LEU A 9 -40.83 10.04 6.96
N PRO A 10 -40.86 8.92 7.65
CA PRO A 10 -40.63 8.89 9.13
C PRO A 10 -39.21 9.32 9.55
N ARG A 11 -39.09 10.18 10.53
CA ARG A 11 -37.77 10.64 11.00
C ARG A 11 -37.45 9.84 12.27
N GLN A 12 -36.26 9.35 12.37
CA GLN A 12 -35.90 8.54 13.57
C GLN A 12 -34.52 8.95 14.07
N LYS A 13 -34.44 9.30 15.30
CA LYS A 13 -33.14 9.72 15.88
C LYS A 13 -32.41 8.47 16.36
N VAL A 14 -31.12 8.47 16.24
CA VAL A 14 -30.32 7.30 16.68
C VAL A 14 -29.15 7.77 17.55
N GLU A 15 -28.93 7.09 18.63
CA GLU A 15 -27.84 7.45 19.55
C GLU A 15 -26.58 6.81 19.00
N LEU A 16 -25.53 7.56 18.95
CA LEU A 16 -24.27 6.99 18.38
C LEU A 16 -23.32 6.49 19.47
N VAL A 17 -22.51 5.50 19.18
CA VAL A 17 -21.56 5.00 20.18
C VAL A 17 -20.19 5.47 19.75
N ASP A 18 -19.19 5.06 20.43
CA ASP A 18 -17.81 5.49 20.04
C ASP A 18 -17.02 4.30 19.47
N PRO A 19 -16.26 4.52 18.43
CA PRO A 19 -15.44 3.45 17.80
C PRO A 19 -14.67 2.63 18.84
N PRO A 20 -14.35 1.41 18.52
CA PRO A 20 -14.69 0.80 17.20
C PRO A 20 -16.11 0.21 17.17
N PHE A 21 -16.86 0.35 18.23
CA PHE A 21 -18.23 -0.20 18.26
C PHE A 21 -19.11 0.53 17.23
N VAL A 22 -20.29 0.05 17.07
CA VAL A 22 -21.24 0.67 16.12
C VAL A 22 -22.59 0.73 16.82
N HIS A 23 -23.37 1.68 16.48
CA HIS A 23 -24.69 1.84 17.12
C HIS A 23 -25.58 0.64 16.80
N ALA A 24 -26.85 0.76 17.08
CA ALA A 24 -27.78 -0.38 16.80
C ALA A 24 -28.44 -0.17 15.43
N HIS A 25 -28.37 -1.17 14.59
CA HIS A 25 -29.00 -1.06 13.24
C HIS A 25 -29.29 -2.46 12.70
N SER A 26 -30.12 -2.56 11.69
CA SER A 26 -30.44 -3.89 11.11
C SER A 26 -29.82 -3.97 9.71
N GLN A 27 -29.31 -5.11 9.36
CA GLN A 27 -28.68 -5.24 8.01
C GLN A 27 -29.76 -4.96 7.01
N VAL A 28 -30.71 -5.83 6.93
CA VAL A 28 -31.84 -5.59 6.00
C VAL A 28 -32.63 -4.37 6.52
N ALA A 29 -33.00 -3.47 5.66
CA ALA A 29 -33.73 -2.25 6.10
C ALA A 29 -35.09 -2.64 6.67
N GLU A 30 -35.48 -1.99 7.72
CA GLU A 30 -36.80 -2.27 8.35
C GLU A 30 -37.76 -1.13 7.99
N GLY A 31 -38.69 -1.39 7.12
CA GLY A 31 -39.64 -0.32 6.71
C GLY A 31 -39.10 0.31 5.44
N GLY A 32 -39.73 1.35 4.99
CA GLY A 32 -39.26 2.01 3.75
C GLY A 32 -38.21 3.07 4.12
N PRO A 33 -37.94 3.95 3.21
CA PRO A 33 -36.94 5.04 3.41
C PRO A 33 -37.28 5.90 4.63
N LYS A 34 -36.30 6.31 5.37
CA LYS A 34 -36.57 7.16 6.57
C LYS A 34 -35.39 8.13 6.84
N VAL A 35 -35.72 9.34 7.23
CA VAL A 35 -34.71 10.37 7.55
C VAL A 35 -34.11 10.04 8.91
N VAL A 36 -32.90 9.59 8.88
CA VAL A 36 -32.18 9.21 10.10
C VAL A 36 -31.54 10.44 10.63
N GLU A 37 -31.72 10.66 11.87
CA GLU A 37 -31.16 11.88 12.49
C GLU A 37 -30.06 11.54 13.49
N PHE A 38 -28.94 12.18 13.35
CA PHE A 38 -27.80 11.96 14.28
C PHE A 38 -27.21 13.32 14.66
N THR A 39 -26.77 13.50 15.88
CA THR A 39 -26.20 14.81 16.30
C THR A 39 -24.82 14.60 16.90
N MET A 40 -23.85 15.35 16.46
CA MET A 40 -22.48 15.19 17.02
C MET A 40 -21.86 16.56 17.36
N VAL A 41 -21.33 16.68 18.56
CA VAL A 41 -20.69 17.94 18.99
C VAL A 41 -19.21 17.77 18.77
N ILE A 42 -18.58 18.77 18.27
CA ILE A 42 -17.13 18.67 17.98
C ILE A 42 -16.35 19.12 19.20
N GLU A 43 -15.32 18.42 19.54
CA GLU A 43 -14.54 18.82 20.74
C GLU A 43 -13.05 18.94 20.41
N GLU A 44 -12.49 20.12 20.54
CA GLU A 44 -11.03 20.28 20.25
C GLU A 44 -10.27 20.17 21.58
N LYS A 45 -9.52 19.11 21.78
CA LYS A 45 -8.80 18.97 23.05
C LYS A 45 -7.46 18.31 22.81
N LYS A 46 -6.69 18.20 23.83
CA LYS A 46 -5.35 17.56 23.69
C LYS A 46 -5.41 16.10 24.14
N ILE A 47 -5.00 15.20 23.29
CA ILE A 47 -5.01 13.76 23.64
C ILE A 47 -3.60 13.17 23.44
N VAL A 48 -3.23 12.24 24.27
CA VAL A 48 -1.93 11.60 24.19
C VAL A 48 -2.06 10.49 23.19
N ILE A 49 -1.05 10.26 22.46
CA ILE A 49 -1.13 9.20 21.40
C ILE A 49 0.18 8.42 21.31
N ASP A 50 0.81 8.18 22.42
CA ASP A 50 2.10 7.41 22.44
C ASP A 50 2.54 7.17 23.91
N ASP A 51 3.18 6.05 24.20
CA ASP A 51 3.62 5.79 25.61
C ASP A 51 4.60 6.88 26.12
N ALA A 52 5.09 7.77 25.29
CA ALA A 52 6.04 8.82 25.77
C ALA A 52 5.30 10.12 26.12
N GLY A 53 4.00 10.11 26.18
CA GLY A 53 3.24 11.37 26.53
C GLY A 53 3.16 12.36 25.34
N THR A 54 3.32 11.91 24.12
CA THR A 54 3.22 12.84 22.96
C THR A 54 1.78 13.34 22.93
N GLU A 55 1.58 14.56 22.60
CA GLU A 55 0.16 15.06 22.61
C GLU A 55 -0.19 15.75 21.29
N VAL A 56 -1.37 15.51 20.79
CA VAL A 56 -1.81 16.18 19.53
C VAL A 56 -3.19 16.86 19.72
N HIS A 57 -3.26 18.16 19.48
CA HIS A 57 -4.54 18.90 19.62
C HIS A 57 -5.53 18.29 18.65
N ALA A 58 -6.30 17.38 19.14
CA ALA A 58 -7.27 16.66 18.28
C ALA A 58 -8.53 17.48 18.05
N MET A 59 -9.07 17.32 16.88
CA MET A 59 -10.31 18.00 16.48
C MET A 59 -11.20 16.82 16.27
N ALA A 60 -12.16 16.65 17.10
CA ALA A 60 -12.86 15.38 16.98
C ALA A 60 -14.32 15.54 16.92
N PHE A 61 -14.87 14.85 16.02
CA PHE A 61 -16.36 14.85 15.90
C PHE A 61 -16.92 13.85 16.92
N ASN A 62 -17.79 14.28 17.80
CA ASN A 62 -18.33 13.34 18.83
C ASN A 62 -17.27 13.09 19.92
N GLY A 63 -16.24 13.90 20.01
CA GLY A 63 -15.18 13.69 21.04
C GLY A 63 -14.38 12.40 20.82
N THR A 64 -14.37 11.81 19.63
CA THR A 64 -13.54 10.56 19.46
C THR A 64 -12.87 10.47 18.06
N VAL A 65 -11.58 10.13 18.01
CA VAL A 65 -10.88 9.95 16.72
C VAL A 65 -10.70 8.45 16.54
N PRO A 66 -11.26 7.91 15.50
CA PRO A 66 -12.02 8.68 14.50
C PRO A 66 -13.49 8.87 14.86
N GLY A 67 -14.13 9.87 14.33
CA GLY A 67 -15.56 10.10 14.63
C GLY A 67 -16.27 8.75 14.66
N PRO A 68 -17.51 8.76 15.03
CA PRO A 68 -18.34 7.52 15.11
C PRO A 68 -18.90 7.10 13.75
N LEU A 69 -19.09 5.82 13.55
CA LEU A 69 -19.63 5.35 12.24
C LEU A 69 -21.18 5.40 12.25
N MET A 70 -21.76 6.19 11.38
CA MET A 70 -23.23 6.28 11.29
C MET A 70 -23.66 5.25 10.26
N VAL A 71 -24.74 4.62 10.48
CA VAL A 71 -25.17 3.57 9.51
C VAL A 71 -26.65 3.72 9.12
N VAL A 72 -26.88 3.87 7.85
CA VAL A 72 -28.26 3.97 7.31
C VAL A 72 -28.32 3.07 6.06
N HIS A 73 -29.46 2.99 5.42
CA HIS A 73 -29.56 2.14 4.22
C HIS A 73 -29.60 3.04 2.98
N GLN A 74 -29.51 2.44 1.83
CA GLN A 74 -29.53 3.21 0.57
C GLN A 74 -30.93 3.78 0.38
N ASP A 75 -31.00 5.02 0.03
CA ASP A 75 -32.34 5.66 -0.16
C ASP A 75 -32.67 6.50 1.08
N ASP A 76 -32.32 6.04 2.25
CA ASP A 76 -32.61 6.80 3.47
C ASP A 76 -31.79 8.10 3.47
N TYR A 77 -32.29 9.12 4.10
CA TYR A 77 -31.58 10.42 4.15
C TYR A 77 -30.95 10.62 5.53
N LEU A 78 -29.71 10.99 5.55
CA LEU A 78 -29.00 11.22 6.82
C LEU A 78 -29.10 12.70 7.14
N GLU A 79 -29.57 13.01 8.30
CA GLU A 79 -29.74 14.42 8.72
C GLU A 79 -28.91 14.59 9.95
N LEU A 80 -27.86 15.31 9.84
CA LEU A 80 -26.97 15.41 11.03
C LEU A 80 -26.87 16.84 11.56
N THR A 81 -27.22 17.00 12.81
CA THR A 81 -27.10 18.34 13.47
C THR A 81 -25.70 18.41 14.11
N LEU A 82 -24.83 19.23 13.58
CA LEU A 82 -23.48 19.35 14.10
C LEU A 82 -23.45 20.54 14.99
N ILE A 83 -22.64 20.51 15.95
CA ILE A 83 -22.58 21.64 16.91
C ILE A 83 -21.13 21.94 17.28
N ASN A 84 -20.75 23.17 17.15
CA ASN A 84 -19.36 23.59 17.51
C ASN A 84 -19.46 24.52 18.71
N PRO A 85 -19.20 24.00 19.87
CA PRO A 85 -19.29 24.74 21.16
C PRO A 85 -18.53 26.07 21.16
N GLU A 86 -18.99 27.01 21.94
CA GLU A 86 -18.28 28.32 22.00
C GLU A 86 -16.87 28.12 22.58
N THR A 87 -16.66 27.10 23.37
CA THR A 87 -15.30 26.87 23.96
C THR A 87 -14.27 26.63 22.86
N ASN A 88 -14.68 26.03 21.77
CA ASN A 88 -13.71 25.74 20.67
C ASN A 88 -13.18 27.06 20.10
N THR A 89 -12.09 27.01 19.39
CA THR A 89 -11.52 28.26 18.81
C THR A 89 -11.31 28.15 17.28
N LEU A 90 -11.80 27.12 16.62
CA LEU A 90 -11.59 27.04 15.13
C LEU A 90 -12.91 26.67 14.42
N MET A 91 -13.24 27.36 13.35
CA MET A 91 -14.49 27.02 12.61
C MET A 91 -14.29 25.68 11.89
N HIS A 92 -15.30 24.84 11.86
CA HIS A 92 -15.16 23.53 11.17
C HIS A 92 -16.17 23.40 10.03
N ASN A 93 -16.49 22.19 9.70
CA ASN A 93 -17.46 21.89 8.60
C ASN A 93 -17.38 20.38 8.32
N ILE A 94 -18.39 19.78 7.72
CA ILE A 94 -18.32 18.31 7.46
C ILE A 94 -18.65 17.99 6.00
N ASP A 95 -17.80 17.22 5.36
CA ASP A 95 -18.05 16.82 3.94
C ASP A 95 -18.17 15.29 3.89
N PHE A 96 -19.34 14.77 3.63
CA PHE A 96 -19.51 13.29 3.59
C PHE A 96 -19.36 12.78 2.15
N HIS A 97 -18.36 12.00 1.91
CA HIS A 97 -18.14 11.43 0.55
C HIS A 97 -19.43 10.76 0.03
N ALA A 98 -20.26 10.23 0.91
CA ALA A 98 -21.51 9.55 0.46
C ALA A 98 -22.62 10.54 0.08
N ALA A 99 -22.34 11.82 0.04
CA ALA A 99 -23.38 12.81 -0.34
C ALA A 99 -23.04 13.39 -1.71
N THR A 100 -23.96 14.11 -2.31
CA THR A 100 -23.68 14.70 -3.65
C THR A 100 -24.12 16.17 -3.70
N GLY A 101 -23.18 17.07 -3.84
CA GLY A 101 -23.51 18.55 -3.93
C GLY A 101 -22.92 19.35 -2.75
N ALA A 102 -22.36 20.53 -3.01
CA ALA A 102 -21.80 21.35 -1.88
C ALA A 102 -20.53 20.72 -1.30
N LEU A 103 -19.61 20.30 -2.13
CA LEU A 103 -18.33 19.73 -1.61
C LEU A 103 -18.61 18.66 -0.57
N GLY A 104 -19.67 17.92 -0.75
CA GLY A 104 -20.00 16.84 0.23
C GLY A 104 -20.61 17.43 1.50
N GLY A 105 -21.23 18.57 1.40
CA GLY A 105 -21.86 19.20 2.61
C GLY A 105 -20.92 20.21 3.29
N GLY A 106 -19.67 20.32 2.90
CA GLY A 106 -18.75 21.29 3.56
C GLY A 106 -19.15 22.74 3.24
N GLY A 107 -19.66 22.99 2.05
CA GLY A 107 -20.04 24.39 1.68
C GLY A 107 -21.31 24.85 2.44
N LEU A 108 -22.02 23.96 3.07
CA LEU A 108 -23.27 24.39 3.80
C LEU A 108 -23.20 23.93 5.27
N THR A 109 -22.03 23.82 5.82
CA THR A 109 -21.89 23.40 7.24
C THR A 109 -20.73 24.14 7.95
N GLU A 110 -20.30 25.28 7.45
CA GLU A 110 -19.21 26.04 8.11
C GLU A 110 -19.78 26.67 9.37
N ILE A 111 -19.37 26.20 10.51
CA ILE A 111 -19.94 26.76 11.76
C ILE A 111 -18.81 27.18 12.68
N ASN A 112 -18.81 28.42 13.06
CA ASN A 112 -17.73 28.91 13.98
C ASN A 112 -18.17 28.69 15.42
N PRO A 113 -17.24 28.67 16.34
CA PRO A 113 -17.54 28.48 17.78
C PRO A 113 -18.85 29.16 18.20
N GLY A 114 -19.75 28.43 18.80
CA GLY A 114 -21.05 29.03 19.21
C GLY A 114 -22.10 28.87 18.10
N GLU A 115 -21.85 28.03 17.12
CA GLU A 115 -22.87 27.87 16.03
C GLU A 115 -23.09 26.38 15.67
N LYS A 116 -24.33 26.00 15.38
CA LYS A 116 -24.62 24.59 14.98
C LYS A 116 -25.58 24.59 13.77
N THR A 117 -25.51 23.61 12.91
CA THR A 117 -26.41 23.61 11.75
C THR A 117 -26.99 22.22 11.59
N ILE A 118 -27.73 22.04 10.56
CA ILE A 118 -28.34 20.71 10.30
C ILE A 118 -28.34 20.48 8.79
N LEU A 119 -27.66 19.47 8.34
CA LEU A 119 -27.61 19.21 6.87
C LEU A 119 -28.16 17.82 6.57
N ARG A 120 -29.05 17.74 5.63
CA ARG A 120 -29.64 16.41 5.27
C ARG A 120 -29.30 16.06 3.81
N PHE A 121 -28.87 14.84 3.57
CA PHE A 121 -28.53 14.41 2.19
C PHE A 121 -29.06 12.98 1.97
N LYS A 122 -29.47 12.69 0.77
CA LYS A 122 -30.00 11.34 0.44
C LYS A 122 -28.84 10.39 0.15
N ALA A 123 -28.82 9.29 0.82
CA ALA A 123 -27.76 8.28 0.63
C ALA A 123 -28.16 7.49 -0.58
N THR A 124 -27.68 7.91 -1.69
CA THR A 124 -28.12 7.25 -2.98
C THR A 124 -27.21 6.08 -3.41
N LYS A 125 -26.08 5.89 -2.80
CA LYS A 125 -25.19 4.78 -3.21
C LYS A 125 -24.81 3.96 -1.99
N PRO A 126 -24.80 2.68 -2.13
CA PRO A 126 -24.47 1.75 -1.02
C PRO A 126 -22.95 1.52 -0.85
N GLY A 127 -22.47 1.56 0.36
CA GLY A 127 -21.01 1.33 0.56
C GLY A 127 -20.47 2.23 1.67
N VAL A 128 -19.39 1.81 2.30
CA VAL A 128 -18.79 2.61 3.37
C VAL A 128 -18.13 3.82 2.73
N PHE A 129 -18.14 4.92 3.40
CA PHE A 129 -17.54 6.12 2.81
C PHE A 129 -16.93 6.93 3.93
N VAL A 130 -15.89 7.65 3.66
CA VAL A 130 -15.26 8.45 4.77
C VAL A 130 -15.75 9.93 4.81
N TYR A 131 -16.17 10.41 5.97
CA TYR A 131 -16.59 11.82 6.11
C TYR A 131 -15.44 12.54 6.82
N HIS A 132 -15.29 13.82 6.61
CA HIS A 132 -14.15 14.53 7.26
C HIS A 132 -14.34 16.05 7.18
N CYS A 133 -13.94 16.78 8.19
CA CYS A 133 -14.09 18.26 8.17
C CYS A 133 -13.09 18.84 7.18
N ALA A 134 -13.43 19.90 6.50
CA ALA A 134 -12.47 20.45 5.51
C ALA A 134 -12.71 21.92 5.25
N PRO A 135 -12.39 22.75 6.19
CA PRO A 135 -12.54 24.23 6.06
C PRO A 135 -11.62 24.78 4.97
N PRO A 136 -12.18 25.46 4.01
CA PRO A 136 -11.41 26.03 2.87
C PRO A 136 -10.05 26.61 3.28
N GLY A 137 -8.97 26.08 2.74
CA GLY A 137 -7.62 26.63 3.08
C GLY A 137 -6.93 25.83 4.22
N MET A 138 -7.64 25.05 4.98
CA MET A 138 -6.98 24.30 6.08
C MET A 138 -7.54 22.89 6.12
N VAL A 139 -7.79 22.34 4.97
CA VAL A 139 -8.36 20.96 4.91
C VAL A 139 -7.41 19.94 5.56
N PRO A 140 -6.25 19.72 4.98
CA PRO A 140 -5.25 18.74 5.47
C PRO A 140 -4.97 18.85 6.97
N TRP A 141 -5.03 20.03 7.51
CA TRP A 141 -4.75 20.17 8.97
C TRP A 141 -5.90 19.59 9.80
N HIS A 142 -7.10 19.96 9.47
CA HIS A 142 -8.28 19.45 10.22
C HIS A 142 -8.39 17.92 10.11
N VAL A 143 -8.07 17.36 8.98
CA VAL A 143 -8.19 15.88 8.82
C VAL A 143 -7.07 15.18 9.60
N VAL A 144 -5.86 15.62 9.44
CA VAL A 144 -4.73 14.97 10.15
C VAL A 144 -4.93 15.11 11.67
N SER A 145 -5.56 16.18 12.09
CA SER A 145 -5.78 16.37 13.55
C SER A 145 -6.77 15.32 14.09
N GLY A 146 -7.30 14.50 13.22
CA GLY A 146 -8.26 13.45 13.69
C GLY A 146 -9.72 13.91 13.47
N MET A 147 -9.98 14.78 12.52
CA MET A 147 -11.38 15.22 12.28
C MET A 147 -11.96 14.45 11.08
N ASN A 148 -12.15 13.18 11.23
CA ASN A 148 -12.70 12.37 10.11
C ASN A 148 -13.14 10.99 10.63
N GLY A 149 -14.14 10.44 10.02
CA GLY A 149 -14.67 9.09 10.44
C GLY A 149 -15.21 8.36 9.20
N ALA A 150 -16.37 7.74 9.29
CA ALA A 150 -16.93 7.03 8.10
C ALA A 150 -18.37 6.57 8.34
N ILE A 151 -19.18 6.57 7.32
CA ILE A 151 -20.59 6.11 7.47
C ILE A 151 -20.84 4.91 6.54
N MET A 152 -21.68 4.00 6.94
CA MET A 152 -21.96 2.80 6.08
C MET A 152 -23.41 2.80 5.60
N VAL A 153 -23.61 2.92 4.32
CA VAL A 153 -24.98 2.90 3.76
C VAL A 153 -25.19 1.51 3.23
N LEU A 154 -25.89 0.71 3.95
CA LEU A 154 -26.03 -0.72 3.52
C LEU A 154 -27.22 -0.92 2.58
N PRO A 155 -27.05 -1.75 1.57
CA PRO A 155 -28.14 -2.07 0.63
C PRO A 155 -29.44 -2.40 1.39
N ARG A 156 -30.56 -1.98 0.89
CA ARG A 156 -31.85 -2.25 1.60
C ARG A 156 -31.99 -3.74 1.91
N GLU A 157 -31.46 -4.58 1.06
CA GLU A 157 -31.57 -6.06 1.30
C GLU A 157 -30.34 -6.62 2.04
N GLY A 158 -29.52 -5.78 2.63
CA GLY A 158 -28.33 -6.30 3.36
C GLY A 158 -27.16 -6.47 2.39
N LEU A 159 -26.12 -7.15 2.82
CA LEU A 159 -24.95 -7.36 1.92
C LEU A 159 -24.95 -8.78 1.34
N HIS A 160 -24.49 -8.94 0.12
CA HIS A 160 -24.44 -10.27 -0.51
C HIS A 160 -23.10 -10.42 -1.24
N ASP A 161 -22.72 -11.61 -1.58
CA ASP A 161 -21.43 -11.82 -2.29
C ASP A 161 -21.56 -11.43 -3.77
N GLY A 162 -20.69 -11.92 -4.62
CA GLY A 162 -20.76 -11.57 -6.07
C GLY A 162 -21.84 -12.42 -6.78
N LYS A 163 -22.22 -13.54 -6.22
CA LYS A 163 -23.26 -14.40 -6.90
C LYS A 163 -24.67 -14.13 -6.32
N GLY A 164 -24.83 -13.16 -5.46
CA GLY A 164 -26.20 -12.88 -4.89
C GLY A 164 -26.42 -13.55 -3.50
N LYS A 165 -25.57 -14.44 -3.06
CA LYS A 165 -25.76 -15.09 -1.75
C LYS A 165 -25.71 -14.05 -0.64
N ALA A 166 -26.60 -14.14 0.30
CA ALA A 166 -26.61 -13.14 1.42
C ALA A 166 -25.44 -13.38 2.40
N LEU A 167 -24.77 -12.33 2.78
CA LEU A 167 -23.64 -12.40 3.74
C LEU A 167 -24.06 -11.58 4.96
N THR A 168 -24.36 -12.24 6.03
CA THR A 168 -24.85 -11.55 7.23
C THR A 168 -23.80 -11.68 8.29
N TYR A 169 -23.43 -10.60 8.84
CA TYR A 169 -22.35 -10.63 9.87
C TYR A 169 -22.95 -10.61 11.28
N ASP A 170 -22.36 -11.34 12.20
CA ASP A 170 -22.86 -11.35 13.60
C ASP A 170 -22.38 -10.09 14.35
N LYS A 171 -21.25 -9.54 13.97
CA LYS A 171 -20.73 -8.33 14.67
C LYS A 171 -19.96 -7.48 13.68
N ILE A 172 -19.88 -6.20 13.92
CA ILE A 172 -19.13 -5.30 12.99
C ILE A 172 -18.35 -4.26 13.80
N TYR A 173 -17.11 -4.06 13.46
CA TYR A 173 -16.28 -3.06 14.16
C TYR A 173 -15.74 -2.07 13.14
N TYR A 174 -15.54 -0.85 13.56
CA TYR A 174 -15.02 0.19 12.62
C TYR A 174 -13.66 0.67 13.13
N VAL A 175 -12.64 0.43 12.37
CA VAL A 175 -11.27 0.84 12.78
C VAL A 175 -10.80 2.00 11.90
N GLY A 176 -10.83 3.19 12.41
CA GLY A 176 -10.38 4.37 11.65
C GLY A 176 -8.88 4.55 11.89
N GLU A 177 -8.14 4.65 10.85
CA GLU A 177 -6.68 4.79 10.96
C GLU A 177 -6.38 6.26 10.81
N GLN A 178 -5.40 6.72 11.51
CA GLN A 178 -5.10 8.18 11.42
C GLN A 178 -3.60 8.41 11.41
N ASP A 179 -3.10 9.04 10.37
CA ASP A 179 -1.64 9.34 10.31
C ASP A 179 -1.40 10.76 10.85
N PHE A 180 -0.68 10.90 11.93
CA PHE A 180 -0.43 12.23 12.48
C PHE A 180 0.92 12.75 12.00
N TYR A 181 1.23 13.93 12.37
CA TYR A 181 2.51 14.57 11.98
C TYR A 181 2.88 15.51 13.11
N VAL A 182 3.55 15.00 14.09
CA VAL A 182 3.86 15.82 15.29
C VAL A 182 5.23 16.44 15.15
N PRO A 183 5.29 17.72 15.34
CA PRO A 183 6.58 18.48 15.24
C PRO A 183 7.56 18.13 16.39
N ARG A 184 8.83 17.96 16.07
CA ARG A 184 9.85 17.64 17.11
C ARG A 184 10.90 18.75 17.13
N ASP A 185 11.49 19.01 18.25
CA ASP A 185 12.52 20.09 18.33
C ASP A 185 13.81 19.62 17.67
N GLU A 186 14.91 20.27 17.96
CA GLU A 186 16.21 19.86 17.35
C GLU A 186 16.73 18.56 17.98
N ASN A 187 16.43 18.31 19.23
CA ASN A 187 16.92 17.06 19.89
C ASN A 187 16.07 15.83 19.55
N GLY A 188 15.01 15.98 18.77
CA GLY A 188 14.17 14.80 18.43
C GLY A 188 13.02 14.59 19.45
N LYS A 189 12.75 15.53 20.32
CA LYS A 189 11.64 15.37 21.30
C LYS A 189 10.37 16.03 20.76
N TYR A 190 9.26 15.35 20.84
CA TYR A 190 7.99 15.91 20.34
C TYR A 190 7.74 17.23 21.05
N LYS A 191 7.20 18.17 20.36
CA LYS A 191 6.94 19.50 20.99
C LYS A 191 5.44 19.64 21.34
N LYS A 192 5.16 20.29 22.44
CA LYS A 192 3.75 20.50 22.84
C LYS A 192 3.45 21.99 22.73
N TYR A 193 2.22 22.34 22.64
CA TYR A 193 1.87 23.77 22.51
C TYR A 193 0.70 24.07 23.42
N GLU A 194 0.35 25.30 23.51
CA GLU A 194 -0.78 25.70 24.39
C GLU A 194 -2.11 25.59 23.63
N ALA A 195 -2.19 26.10 22.42
CA ALA A 195 -3.46 26.02 21.67
C ALA A 195 -3.24 25.28 20.37
N PRO A 196 -4.29 25.04 19.65
CA PRO A 196 -4.24 24.32 18.34
C PRO A 196 -3.56 25.13 17.22
N GLY A 197 -3.74 26.43 17.18
CA GLY A 197 -3.10 27.24 16.09
C GLY A 197 -1.60 27.39 16.33
N ASP A 198 -1.17 27.40 17.55
CA ASP A 198 0.29 27.57 17.84
C ASP A 198 1.11 26.48 17.13
N ALA A 199 0.53 25.35 16.86
CA ALA A 199 1.30 24.25 16.18
C ALA A 199 0.90 24.12 14.70
N TYR A 200 0.35 25.14 14.11
CA TYR A 200 -0.03 25.06 12.66
C TYR A 200 1.21 25.13 11.72
N GLU A 201 2.11 26.07 11.91
CA GLU A 201 3.28 26.17 10.98
C GLU A 201 4.20 24.96 11.14
N ASP A 202 4.51 24.61 12.36
CA ASP A 202 5.42 23.45 12.58
C ASP A 202 4.78 22.16 12.08
N THR A 203 3.49 22.03 12.19
CA THR A 203 2.82 20.79 11.73
C THR A 203 2.84 20.74 10.21
N VAL A 204 2.52 21.82 9.57
CA VAL A 204 2.54 21.84 8.08
C VAL A 204 3.91 21.37 7.59
N LYS A 205 4.95 21.86 8.19
CA LYS A 205 6.31 21.43 7.76
C LYS A 205 6.40 19.91 7.81
N VAL A 206 5.96 19.31 8.88
CA VAL A 206 6.01 17.83 8.99
C VAL A 206 5.09 17.18 7.94
N MET A 207 3.92 17.73 7.74
CA MET A 207 2.98 17.14 6.73
C MET A 207 3.60 17.18 5.33
N ARG A 208 4.33 18.20 4.99
CA ARG A 208 4.94 18.30 3.64
C ARG A 208 5.85 17.10 3.41
N THR A 209 6.55 16.69 4.42
CA THR A 209 7.48 15.53 4.27
C THR A 209 6.71 14.26 3.84
N LEU A 210 5.40 14.26 3.91
CA LEU A 210 4.63 13.05 3.52
C LEU A 210 5.06 11.87 4.37
N THR A 211 5.55 12.11 5.56
CA THR A 211 5.99 10.98 6.43
C THR A 211 5.38 11.18 7.82
N PRO A 212 4.36 10.42 8.13
CA PRO A 212 3.66 10.53 9.46
C PRO A 212 4.51 10.02 10.64
N THR A 213 4.62 10.79 11.70
CA THR A 213 5.41 10.33 12.87
C THR A 213 4.67 9.17 13.57
N HIS A 214 3.36 9.08 13.43
CA HIS A 214 2.62 7.98 14.09
C HIS A 214 1.37 7.64 13.26
N VAL A 215 1.15 6.37 13.03
CA VAL A 215 -0.04 5.95 12.25
C VAL A 215 -0.77 5.00 13.14
N VAL A 216 -1.94 5.30 13.55
CA VAL A 216 -2.56 4.36 14.52
C VAL A 216 -4.03 4.15 14.27
N PHE A 217 -4.60 3.35 15.11
CA PHE A 217 -6.06 3.07 14.98
C PHE A 217 -6.78 3.46 16.27
N ASN A 218 -7.91 4.09 16.16
CA ASN A 218 -8.66 4.51 17.39
C ASN A 218 -8.09 5.80 18.02
N GLY A 219 -7.11 6.43 17.39
CA GLY A 219 -6.54 7.68 17.97
C GLY A 219 -5.32 7.45 18.93
N ALA A 220 -4.69 6.30 18.98
CA ALA A 220 -3.51 6.16 19.90
C ALA A 220 -2.79 4.81 19.70
N VAL A 221 -1.48 4.81 19.72
CA VAL A 221 -0.75 3.52 19.55
C VAL A 221 -1.21 2.55 20.65
N GLY A 222 -1.61 1.37 20.28
CA GLY A 222 -2.11 0.40 21.31
C GLY A 222 -3.57 0.69 21.76
N ALA A 223 -4.35 1.46 21.01
CA ALA A 223 -5.75 1.72 21.44
C ALA A 223 -6.64 0.46 21.27
N LEU A 224 -6.32 -0.44 20.36
CA LEU A 224 -7.17 -1.64 20.16
C LEU A 224 -6.37 -2.91 20.46
N THR A 225 -5.45 -2.83 21.37
CA THR A 225 -4.62 -4.03 21.71
C THR A 225 -4.60 -4.19 23.23
N GLY A 226 -4.35 -5.39 23.71
CA GLY A 226 -4.29 -5.63 25.17
C GLY A 226 -5.71 -5.89 25.68
N ASP A 227 -6.14 -5.15 26.66
CA ASP A 227 -7.53 -5.34 27.19
C ASP A 227 -8.56 -4.73 26.23
N LYS A 228 -8.14 -3.88 25.32
CA LYS A 228 -9.12 -3.25 24.38
C LYS A 228 -9.13 -4.00 23.04
N ALA A 229 -8.56 -5.18 22.98
CA ALA A 229 -8.54 -5.93 21.70
C ALA A 229 -9.98 -6.37 21.35
N MET A 230 -10.37 -6.23 20.10
CA MET A 230 -11.74 -6.63 19.74
C MET A 230 -11.97 -8.05 20.24
N THR A 231 -13.01 -8.65 19.79
CA THR A 231 -13.32 -10.05 20.21
C THR A 231 -14.14 -10.76 19.10
N ALA A 232 -14.00 -12.07 19.02
CA ALA A 232 -14.72 -12.89 18.02
C ALA A 232 -14.56 -14.36 18.39
N ALA A 233 -15.54 -15.19 18.12
CA ALA A 233 -15.42 -16.62 18.48
C ALA A 233 -15.48 -17.48 17.22
N VAL A 234 -14.80 -18.59 17.23
CA VAL A 234 -14.79 -19.48 16.05
C VAL A 234 -16.21 -19.67 15.57
N GLY A 235 -16.42 -19.53 14.30
CA GLY A 235 -17.80 -19.68 13.75
C GLY A 235 -18.54 -18.32 13.69
N GLU A 236 -17.91 -17.25 14.12
CA GLU A 236 -18.58 -15.92 14.10
C GLU A 236 -18.15 -15.17 12.83
N LYS A 237 -19.08 -14.49 12.23
CA LYS A 237 -18.80 -13.73 11.00
C LYS A 237 -18.66 -12.28 11.42
N VAL A 238 -17.62 -11.65 11.04
CA VAL A 238 -17.44 -10.26 11.50
C VAL A 238 -17.02 -9.35 10.36
N LEU A 239 -17.66 -8.23 10.25
CA LEU A 239 -17.33 -7.25 9.20
C LEU A 239 -16.46 -6.16 9.82
N ILE A 240 -15.33 -5.88 9.24
CA ILE A 240 -14.42 -4.86 9.79
C ILE A 240 -14.28 -3.70 8.80
N VAL A 241 -14.92 -2.62 9.10
CA VAL A 241 -14.86 -1.43 8.23
C VAL A 241 -13.63 -0.64 8.61
N HIS A 242 -12.90 -0.20 7.65
CA HIS A 242 -11.66 0.55 7.95
C HIS A 242 -11.64 1.78 7.07
N SER A 243 -11.20 2.87 7.61
CA SER A 243 -11.16 4.13 6.82
C SER A 243 -9.83 4.88 7.02
N GLN A 244 -9.45 5.61 6.02
CA GLN A 244 -8.21 6.44 6.02
C GLN A 244 -8.56 7.67 5.18
N ALA A 245 -8.78 8.77 5.83
CA ALA A 245 -9.24 10.00 5.09
C ALA A 245 -8.12 10.78 4.38
N ASN A 246 -6.89 10.45 4.61
CA ASN A 246 -5.79 11.21 3.94
C ASN A 246 -4.47 10.39 3.90
N ARG A 247 -4.56 9.11 3.66
CA ARG A 247 -3.32 8.27 3.59
C ARG A 247 -3.69 6.85 3.11
N ASP A 248 -2.98 6.28 2.16
CA ASP A 248 -3.35 4.89 1.71
C ASP A 248 -2.81 3.82 2.68
N THR A 249 -3.63 2.85 3.06
CA THR A 249 -3.16 1.78 3.96
C THR A 249 -3.33 0.44 3.25
N ARG A 250 -3.10 -0.61 3.96
CA ARG A 250 -3.24 -1.99 3.38
C ARG A 250 -3.52 -2.96 4.53
N PRO A 251 -4.77 -3.09 4.88
CA PRO A 251 -5.23 -3.95 6.00
C PRO A 251 -4.85 -5.42 5.84
N HIS A 252 -4.59 -6.08 6.94
CA HIS A 252 -4.23 -7.53 6.90
C HIS A 252 -4.47 -8.19 8.29
N LEU A 253 -5.34 -9.18 8.35
CA LEU A 253 -5.61 -9.90 9.63
C LEU A 253 -4.61 -11.04 9.76
N ILE A 254 -3.67 -10.87 10.64
CA ILE A 254 -2.61 -11.88 10.85
C ILE A 254 -3.26 -13.15 11.37
N GLY A 255 -3.07 -14.20 10.68
CA GLY A 255 -3.67 -15.49 11.10
C GLY A 255 -5.01 -15.73 10.38
N GLY A 256 -5.57 -14.72 9.75
CA GLY A 256 -6.86 -14.93 9.05
C GLY A 256 -6.78 -14.34 7.64
N HIS A 257 -7.90 -13.95 7.10
CA HIS A 257 -7.90 -13.37 5.73
C HIS A 257 -9.28 -12.75 5.44
N GLY A 258 -9.34 -11.84 4.53
CA GLY A 258 -10.64 -11.18 4.19
C GLY A 258 -11.39 -12.11 3.24
N ASP A 259 -12.34 -12.82 3.75
CA ASP A 259 -13.10 -13.77 2.89
C ASP A 259 -13.67 -13.00 1.72
N TYR A 260 -14.37 -11.96 2.03
CA TYR A 260 -14.96 -11.08 0.98
C TYR A 260 -14.57 -9.66 1.35
N VAL A 261 -13.94 -8.94 0.47
CA VAL A 261 -13.50 -7.57 0.86
C VAL A 261 -13.84 -6.54 -0.21
N TRP A 262 -14.77 -5.68 0.09
CA TRP A 262 -15.11 -4.58 -0.86
C TRP A 262 -14.02 -3.55 -0.67
N ALA A 263 -12.94 -3.75 -1.35
CA ALA A 263 -11.73 -2.87 -1.16
C ALA A 263 -12.10 -1.44 -1.42
N THR A 264 -12.82 -1.23 -2.45
CA THR A 264 -13.21 0.16 -2.82
C THR A 264 -14.27 0.69 -1.85
N GLY A 265 -14.81 -0.15 -1.01
CA GLY A 265 -15.86 0.33 -0.04
C GLY A 265 -17.23 0.58 -0.74
N LYS A 266 -17.44 0.00 -1.89
CA LYS A 266 -18.72 0.17 -2.62
C LYS A 266 -19.38 -1.21 -2.71
N PHE A 267 -20.60 -1.31 -2.34
CA PHE A 267 -21.28 -2.65 -2.36
C PHE A 267 -21.59 -3.07 -3.80
N ASN A 268 -21.97 -2.14 -4.62
CA ASN A 268 -22.30 -2.48 -6.04
C ASN A 268 -21.09 -3.15 -6.69
N THR A 269 -19.92 -2.77 -6.30
CA THR A 269 -18.70 -3.37 -6.90
C THR A 269 -18.42 -4.71 -6.22
N PRO A 270 -18.44 -5.76 -6.99
CA PRO A 270 -18.21 -7.14 -6.45
C PRO A 270 -17.04 -7.19 -5.45
N PRO A 271 -17.19 -7.89 -4.35
CA PRO A 271 -16.10 -7.97 -3.32
C PRO A 271 -14.99 -8.99 -3.64
N ASP A 272 -13.73 -8.58 -3.74
CA ASP A 272 -12.67 -9.58 -4.00
C ASP A 272 -12.87 -10.70 -3.00
N VAL A 273 -12.17 -11.78 -3.14
CA VAL A 273 -12.37 -12.90 -2.17
C VAL A 273 -11.02 -13.59 -1.86
N ASP A 274 -10.91 -14.13 -0.68
CA ASP A 274 -9.66 -14.84 -0.29
C ASP A 274 -8.56 -13.82 -0.32
N GLN A 275 -8.74 -12.74 0.40
CA GLN A 275 -7.68 -11.68 0.35
C GLN A 275 -6.71 -11.75 1.55
N GLU A 276 -5.41 -11.80 1.29
CA GLU A 276 -4.43 -11.79 2.42
C GLU A 276 -4.20 -10.33 2.90
N THR A 277 -4.14 -9.38 1.99
CA THR A 277 -3.91 -7.96 2.36
C THR A 277 -4.61 -7.10 1.32
N TRP A 278 -5.50 -6.27 1.73
CA TRP A 278 -6.25 -5.45 0.74
C TRP A 278 -5.57 -4.10 0.59
N PHE A 279 -6.24 -3.18 -0.01
CA PHE A 279 -5.65 -1.83 -0.20
C PHE A 279 -6.75 -0.75 -0.26
N ILE A 280 -6.72 0.18 0.66
CA ILE A 280 -7.71 1.28 0.68
C ILE A 280 -6.96 2.59 0.50
N PRO A 281 -7.23 3.28 -0.57
CA PRO A 281 -6.53 4.55 -0.91
C PRO A 281 -6.95 5.75 -0.05
N GLY A 282 -5.99 6.52 0.41
CA GLY A 282 -6.32 7.71 1.21
C GLY A 282 -7.59 8.33 0.64
N GLY A 283 -8.45 8.78 1.49
CA GLY A 283 -9.73 9.37 1.04
C GLY A 283 -10.76 8.26 0.75
N ALA A 284 -10.71 7.15 1.45
CA ALA A 284 -11.73 6.09 1.15
C ALA A 284 -11.84 5.05 2.27
N ALA A 285 -13.01 4.50 2.48
CA ALA A 285 -13.17 3.45 3.54
C ALA A 285 -13.64 2.13 2.89
N GLY A 286 -13.06 1.02 3.27
CA GLY A 286 -13.48 -0.28 2.66
C GLY A 286 -14.13 -1.15 3.72
N ALA A 287 -14.31 -2.42 3.44
CA ALA A 287 -14.95 -3.33 4.42
C ALA A 287 -14.58 -4.78 4.11
N ALA A 288 -14.22 -5.54 5.10
CA ALA A 288 -13.85 -6.96 4.88
C ALA A 288 -14.71 -7.84 5.79
N PHE A 289 -15.18 -8.94 5.28
CA PHE A 289 -16.03 -9.85 6.08
C PHE A 289 -15.32 -11.19 6.20
N TYR A 290 -15.14 -11.69 7.38
CA TYR A 290 -14.41 -12.97 7.52
C TYR A 290 -14.99 -13.80 8.67
N THR A 291 -15.11 -15.07 8.44
CA THR A 291 -15.62 -16.00 9.48
C THR A 291 -14.42 -16.63 10.18
N PHE A 292 -14.31 -16.39 11.45
CA PHE A 292 -13.15 -16.92 12.22
C PHE A 292 -13.24 -18.43 12.32
N GLN A 293 -12.14 -19.09 12.11
CA GLN A 293 -12.12 -20.59 12.20
C GLN A 293 -11.14 -21.09 13.28
N GLN A 294 -10.27 -20.24 13.81
CA GLN A 294 -9.31 -20.71 14.85
C GLN A 294 -9.27 -19.72 16.00
N PRO A 295 -9.22 -20.22 17.20
CA PRO A 295 -9.18 -19.38 18.44
C PRO A 295 -7.76 -18.94 18.78
N GLY A 296 -7.65 -17.86 19.48
CA GLY A 296 -6.29 -17.37 19.85
C GLY A 296 -6.22 -15.86 19.62
N ILE A 297 -5.06 -15.29 19.71
CA ILE A 297 -4.92 -13.83 19.50
C ILE A 297 -4.42 -13.55 18.06
N TYR A 298 -5.10 -12.68 17.36
CA TYR A 298 -4.68 -12.34 15.97
C TYR A 298 -4.48 -10.83 15.88
N ALA A 299 -3.46 -10.40 15.19
CA ALA A 299 -3.20 -8.95 15.07
C ALA A 299 -3.76 -8.49 13.74
N TYR A 300 -4.26 -7.30 13.69
CA TYR A 300 -4.83 -6.82 12.41
C TYR A 300 -4.22 -5.48 12.15
N VAL A 301 -3.46 -5.33 11.12
CA VAL A 301 -2.83 -4.00 10.99
C VAL A 301 -2.39 -3.69 9.57
N ASN A 302 -1.97 -2.48 9.41
CA ASN A 302 -1.48 -2.01 8.10
C ASN A 302 -0.26 -2.83 7.81
N HIS A 303 -0.22 -3.42 6.67
CA HIS A 303 0.94 -4.30 6.40
C HIS A 303 2.18 -3.47 6.46
N ASN A 304 2.23 -2.34 5.82
CA ASN A 304 3.50 -1.58 6.03
C ASN A 304 4.01 -1.97 7.46
N LEU A 305 4.79 -3.03 7.58
CA LEU A 305 5.23 -3.52 8.92
C LEU A 305 5.76 -2.36 9.71
N ILE A 306 6.54 -1.57 9.09
CA ILE A 306 7.11 -0.38 9.80
C ILE A 306 5.97 0.45 10.35
N GLU A 307 5.01 0.76 9.51
CA GLU A 307 3.84 1.55 9.98
C GLU A 307 3.03 0.75 11.06
N ALA A 308 3.00 -0.55 10.98
CA ALA A 308 2.21 -1.34 11.99
C ALA A 308 3.00 -1.64 13.30
N PHE A 309 4.31 -1.74 13.29
CA PHE A 309 5.01 -2.06 14.56
C PHE A 309 5.83 -0.88 15.06
N GLU A 310 6.40 -0.13 14.17
CA GLU A 310 7.22 1.04 14.59
C GLU A 310 6.38 2.33 14.73
N LEU A 311 5.30 2.48 13.99
CA LEU A 311 4.51 3.75 14.10
C LEU A 311 3.36 3.54 15.08
N GLY A 312 2.66 2.46 14.94
CA GLY A 312 1.51 2.18 15.85
C GLY A 312 0.23 1.78 15.06
N ALA A 313 0.34 1.14 13.92
CA ALA A 313 -0.89 0.74 13.18
C ALA A 313 -1.14 -0.77 13.38
N ALA A 314 -1.39 -1.21 14.60
CA ALA A 314 -1.63 -2.66 14.81
C ALA A 314 -2.58 -2.90 16.00
N ALA A 315 -3.70 -3.54 15.76
CA ALA A 315 -4.65 -3.83 16.87
C ALA A 315 -4.67 -5.34 17.05
N HIS A 316 -5.49 -5.85 17.93
CA HIS A 316 -5.50 -7.34 18.10
C HIS A 316 -6.90 -7.87 18.47
N PHE A 317 -7.31 -8.96 17.84
CA PHE A 317 -8.65 -9.56 18.18
C PHE A 317 -8.45 -10.90 18.95
N LYS A 318 -9.09 -11.03 20.10
CA LYS A 318 -8.99 -12.25 20.91
C LYS A 318 -10.18 -13.08 20.51
N VAL A 319 -9.94 -14.30 20.20
CA VAL A 319 -11.04 -15.15 19.73
C VAL A 319 -11.11 -16.39 20.57
N THR A 320 -12.28 -16.77 20.92
CA THR A 320 -12.45 -17.99 21.76
C THR A 320 -13.03 -19.13 20.92
N GLY A 321 -12.82 -20.36 21.32
CA GLY A 321 -13.37 -21.50 20.53
C GLY A 321 -12.43 -22.70 20.62
N GLU A 322 -12.62 -23.66 19.75
CA GLU A 322 -11.75 -24.87 19.77
C GLU A 322 -10.81 -24.82 18.56
N TRP A 323 -9.58 -25.17 18.79
CA TRP A 323 -8.58 -25.16 17.70
C TRP A 323 -8.93 -26.25 16.71
N ASN A 324 -8.54 -26.05 15.50
CA ASN A 324 -8.82 -27.04 14.43
C ASN A 324 -7.50 -27.48 13.85
N ASP A 325 -7.08 -28.67 14.16
CA ASP A 325 -5.77 -29.16 13.67
C ASP A 325 -5.81 -29.33 12.16
N ASP A 326 -6.92 -29.73 11.64
CA ASP A 326 -7.03 -29.92 10.16
C ASP A 326 -6.48 -28.68 9.46
N LEU A 327 -6.87 -27.53 9.90
CA LEU A 327 -6.39 -26.27 9.29
C LEU A 327 -4.91 -26.06 9.61
N MET A 328 -4.46 -26.33 10.82
CA MET A 328 -3.03 -26.10 11.12
C MET A 328 -2.63 -26.86 12.37
N THR A 329 -1.51 -27.53 12.34
CA THR A 329 -1.07 -28.28 13.55
C THR A 329 0.47 -28.32 13.64
N SER A 330 1.03 -28.08 14.80
CA SER A 330 2.52 -28.13 14.95
C SER A 330 2.93 -29.59 15.08
N VAL A 331 3.39 -30.18 14.02
CA VAL A 331 3.79 -31.61 14.08
C VAL A 331 4.94 -31.75 15.04
N LEU A 332 5.92 -30.92 14.89
CA LEU A 332 7.08 -30.97 15.82
C LEU A 332 7.31 -29.57 16.43
N ALA A 333 6.98 -29.39 17.69
CA ALA A 333 7.18 -28.05 18.32
C ALA A 333 8.66 -27.72 18.34
N PRO A 334 9.00 -26.46 18.37
CA PRO A 334 10.40 -26.00 18.40
C PRO A 334 11.26 -26.79 19.40
N SER A 335 12.30 -27.42 18.95
CA SER A 335 13.15 -28.21 19.89
C SER A 335 14.50 -28.46 19.25
N GLY A 336 15.45 -28.90 20.03
CA GLY A 336 16.81 -29.17 19.47
C GLY A 336 16.68 -29.97 18.17
N ALA B 1 -2.20 -8.65 -40.05
CA ALA B 1 -2.32 -8.04 -41.40
C ALA B 1 -0.93 -7.98 -42.06
N THR B 2 -0.87 -8.16 -43.35
CA THR B 2 0.44 -8.10 -44.04
C THR B 2 0.74 -6.66 -44.42
N ALA B 3 1.94 -6.40 -44.86
CA ALA B 3 2.30 -5.01 -45.24
C ALA B 3 1.35 -4.48 -46.33
N ALA B 4 1.03 -5.28 -47.31
CA ALA B 4 0.12 -4.81 -48.40
C ALA B 4 -1.23 -4.38 -47.81
N GLU B 5 -1.72 -5.12 -46.86
CA GLU B 5 -3.04 -4.76 -46.26
C GLU B 5 -2.91 -3.46 -45.47
N ILE B 6 -1.88 -3.35 -44.68
CA ILE B 6 -1.70 -2.10 -43.88
C ILE B 6 -1.55 -0.91 -44.82
N ALA B 7 -0.83 -1.07 -45.90
CA ALA B 7 -0.63 0.06 -46.86
C ALA B 7 -1.97 0.48 -47.50
N ALA B 8 -2.90 -0.44 -47.66
CA ALA B 8 -4.21 -0.08 -48.31
C ALA B 8 -5.22 0.50 -47.29
N LEU B 9 -4.88 0.64 -46.04
CA LEU B 9 -5.87 1.21 -45.06
C LEU B 9 -5.87 2.75 -45.14
N PRO B 10 -7.02 3.35 -44.97
CA PRO B 10 -7.16 4.85 -45.01
C PRO B 10 -6.33 5.56 -43.93
N ARG B 11 -5.69 6.65 -44.28
CA ARG B 11 -4.87 7.40 -43.28
C ARG B 11 -5.64 8.67 -42.89
N GLN B 12 -5.62 9.01 -41.64
CA GLN B 12 -6.33 10.22 -41.16
C GLN B 12 -5.41 11.02 -40.25
N LYS B 13 -5.05 12.20 -40.68
CA LYS B 13 -4.14 13.05 -39.88
C LYS B 13 -4.98 13.75 -38.84
N VAL B 14 -4.48 13.84 -37.66
CA VAL B 14 -5.27 14.49 -36.58
C VAL B 14 -4.46 15.61 -35.90
N GLU B 15 -5.05 16.77 -35.80
CA GLU B 15 -4.38 17.91 -35.14
C GLU B 15 -4.63 17.76 -33.65
N LEU B 16 -3.59 17.76 -32.89
CA LEU B 16 -3.76 17.56 -31.42
C LEU B 16 -3.99 18.90 -30.72
N VAL B 17 -4.69 18.87 -29.62
CA VAL B 17 -4.95 20.11 -28.88
C VAL B 17 -4.11 20.07 -27.60
N ASP B 18 -4.23 21.04 -26.77
CA ASP B 18 -3.42 21.01 -25.52
C ASP B 18 -4.31 20.68 -24.30
N PRO B 19 -3.90 19.75 -23.46
CA PRO B 19 -4.67 19.38 -22.26
C PRO B 19 -5.22 20.62 -21.54
N PRO B 20 -6.28 20.47 -20.78
CA PRO B 20 -6.95 19.15 -20.58
C PRO B 20 -7.92 18.78 -21.73
N PHE B 21 -8.02 19.61 -22.73
CA PHE B 21 -8.94 19.31 -23.86
C PHE B 21 -8.42 18.11 -24.63
N VAL B 22 -9.27 17.57 -25.46
CA VAL B 22 -8.91 16.40 -26.28
C VAL B 22 -9.35 16.68 -27.71
N HIS B 23 -8.58 16.24 -28.64
CA HIS B 23 -8.90 16.48 -30.07
C HIS B 23 -10.24 15.85 -30.42
N ALA B 24 -10.82 16.31 -31.47
CA ALA B 24 -12.13 15.76 -31.92
C ALA B 24 -11.97 14.30 -32.29
N HIS B 25 -12.94 13.51 -31.93
CA HIS B 25 -12.91 12.06 -32.22
C HIS B 25 -14.31 11.49 -31.97
N SER B 26 -14.62 10.37 -32.54
CA SER B 26 -15.96 9.78 -32.34
C SER B 26 -15.84 8.60 -31.39
N GLN B 27 -16.76 8.46 -30.50
CA GLN B 27 -16.68 7.33 -29.53
C GLN B 27 -16.74 6.06 -30.33
N VAL B 28 -17.81 5.88 -31.02
CA VAL B 28 -17.95 4.68 -31.89
C VAL B 28 -17.07 4.90 -33.13
N ALA B 29 -16.31 3.92 -33.50
CA ALA B 29 -15.40 4.06 -34.67
C ALA B 29 -16.22 4.23 -35.95
N GLU B 30 -15.81 5.13 -36.79
CA GLU B 30 -16.53 5.36 -38.08
C GLU B 30 -15.72 4.71 -39.20
N GLY B 31 -16.16 3.58 -39.69
CA GLY B 31 -15.41 2.89 -40.76
C GLY B 31 -14.53 1.80 -40.13
N GLY B 32 -13.76 1.09 -40.93
CA GLY B 32 -12.89 0.01 -40.38
C GLY B 32 -11.58 0.63 -39.85
N PRO B 33 -10.57 -0.19 -39.67
CA PRO B 33 -9.24 0.25 -39.16
C PRO B 33 -8.59 1.32 -40.03
N LYS B 34 -7.97 2.29 -39.42
CA LYS B 34 -7.29 3.38 -40.20
C LYS B 34 -5.99 3.83 -39.50
N VAL B 35 -4.96 4.08 -40.28
CA VAL B 35 -3.66 4.56 -39.74
C VAL B 35 -3.81 6.02 -39.36
N VAL B 36 -3.85 6.24 -38.09
CA VAL B 36 -4.01 7.59 -37.55
C VAL B 36 -2.65 8.20 -37.51
N GLU B 37 -2.59 9.40 -37.91
CA GLU B 37 -1.25 10.07 -37.97
C GLU B 37 -1.21 11.26 -37.02
N PHE B 38 -0.22 11.29 -36.18
CA PHE B 38 -0.06 12.44 -35.23
C PHE B 38 1.42 12.88 -35.20
N THR B 39 1.69 14.16 -35.15
CA THR B 39 3.11 14.62 -35.13
C THR B 39 3.32 15.53 -33.92
N MET B 40 4.34 15.28 -33.14
CA MET B 40 4.60 16.13 -31.95
C MET B 40 6.09 16.51 -31.85
N VAL B 41 6.37 17.78 -31.73
CA VAL B 41 7.76 18.26 -31.60
C VAL B 41 8.03 18.42 -30.11
N ILE B 42 9.15 17.99 -29.68
CA ILE B 42 9.48 18.06 -28.24
C ILE B 42 10.19 19.36 -27.97
N GLU B 43 9.82 20.03 -26.93
CA GLU B 43 10.50 21.34 -26.66
C GLU B 43 10.99 21.41 -25.22
N GLU B 44 12.28 21.38 -24.99
CA GLU B 44 12.78 21.50 -23.59
C GLU B 44 12.85 22.99 -23.23
N LYS B 45 11.96 23.49 -22.40
CA LYS B 45 12.02 24.92 -22.09
C LYS B 45 11.81 25.12 -20.61
N LYS B 46 11.68 26.33 -20.22
CA LYS B 46 11.45 26.64 -18.79
C LYS B 46 10.00 27.05 -18.55
N ILE B 47 9.35 26.39 -17.62
CA ILE B 47 7.94 26.71 -17.30
C ILE B 47 7.81 26.95 -15.79
N VAL B 48 6.90 27.79 -15.42
CA VAL B 48 6.69 28.11 -14.01
C VAL B 48 5.71 27.11 -13.50
N ILE B 49 5.83 26.76 -12.29
CA ILE B 49 4.89 25.72 -11.75
C ILE B 49 4.03 26.24 -10.59
N ASP B 50 4.34 27.36 -10.01
CA ASP B 50 3.51 27.85 -8.88
C ASP B 50 3.36 29.35 -8.98
N ASP B 51 2.74 29.95 -8.00
CA ASP B 51 2.54 31.42 -8.02
C ASP B 51 3.84 32.13 -7.62
N ALA B 52 4.66 31.49 -6.82
CA ALA B 52 5.94 32.13 -6.39
C ALA B 52 6.91 32.31 -7.58
N GLY B 53 6.67 31.65 -8.68
CA GLY B 53 7.61 31.80 -9.85
C GLY B 53 8.63 30.64 -9.92
N THR B 54 8.41 29.56 -9.20
CA THR B 54 9.35 28.42 -9.25
C THR B 54 9.46 27.98 -10.69
N GLU B 55 10.64 27.72 -11.15
CA GLU B 55 10.78 27.32 -12.59
C GLU B 55 11.43 25.94 -12.73
N VAL B 56 10.91 25.15 -13.64
CA VAL B 56 11.49 23.79 -13.90
C VAL B 56 11.74 23.59 -15.43
N HIS B 57 12.95 23.22 -15.80
CA HIS B 57 13.30 23.00 -17.22
C HIS B 57 12.53 21.79 -17.67
N ALA B 58 11.38 22.02 -18.18
CA ALA B 58 10.50 20.90 -18.59
C ALA B 58 10.85 20.37 -19.97
N MET B 59 10.64 19.10 -20.14
CA MET B 59 10.87 18.41 -21.43
C MET B 59 9.48 18.10 -21.83
N ALA B 60 9.01 18.69 -22.85
CA ALA B 60 7.58 18.50 -23.09
C ALA B 60 7.29 18.13 -24.49
N PHE B 61 6.55 17.10 -24.59
CA PHE B 61 6.09 16.65 -25.93
C PHE B 61 4.96 17.58 -26.38
N ASN B 62 5.08 18.20 -27.53
CA ASN B 62 4.00 19.14 -27.97
C ASN B 62 4.08 20.47 -27.18
N GLY B 63 5.16 20.73 -26.46
CA GLY B 63 5.27 21.99 -25.69
C GLY B 63 4.27 22.04 -24.52
N THR B 64 3.75 20.92 -24.05
CA THR B 64 2.79 21.04 -22.88
C THR B 64 2.90 19.84 -21.90
N VAL B 65 2.95 20.12 -20.59
CA VAL B 65 2.97 19.04 -19.59
C VAL B 65 1.58 18.98 -18.96
N PRO B 66 0.92 17.87 -19.08
CA PRO B 66 1.46 16.67 -19.76
C PRO B 66 1.19 16.68 -21.27
N GLY B 67 2.00 15.97 -22.02
CA GLY B 67 1.77 15.91 -23.48
C GLY B 67 0.28 15.83 -23.76
N PRO B 68 -0.09 15.90 -25.00
CA PRO B 68 -1.52 15.85 -25.42
C PRO B 68 -2.06 14.41 -25.47
N LEU B 69 -3.35 14.24 -25.27
CA LEU B 69 -3.93 12.87 -25.31
C LEU B 69 -4.35 12.49 -26.74
N MET B 70 -3.73 11.48 -27.31
CA MET B 70 -4.08 11.03 -28.66
C MET B 70 -5.19 10.02 -28.51
N VAL B 71 -6.09 9.99 -29.43
CA VAL B 71 -7.24 9.04 -29.29
C VAL B 71 -7.52 8.30 -30.61
N VAL B 72 -7.43 7.01 -30.56
CA VAL B 72 -7.73 6.16 -31.73
C VAL B 72 -8.59 4.98 -31.25
N HIS B 73 -9.00 4.11 -32.12
CA HIS B 73 -9.84 2.97 -31.70
C HIS B 73 -8.99 1.71 -31.68
N GLN B 74 -9.51 0.68 -31.10
CA GLN B 74 -8.76 -0.60 -31.03
C GLN B 74 -8.64 -1.18 -32.42
N ASP B 75 -7.48 -1.60 -32.78
CA ASP B 75 -7.27 -2.16 -34.14
C ASP B 75 -6.58 -1.12 -35.02
N ASP B 76 -6.93 0.14 -34.86
CA ASP B 76 -6.31 1.21 -35.68
C ASP B 76 -4.82 1.34 -35.31
N TYR B 77 -4.00 1.70 -36.26
CA TYR B 77 -2.55 1.85 -36.00
C TYR B 77 -2.23 3.34 -35.78
N LEU B 78 -1.49 3.61 -34.75
CA LEU B 78 -1.10 5.00 -34.41
C LEU B 78 0.29 5.23 -34.98
N GLU B 79 0.40 6.19 -35.83
CA GLU B 79 1.70 6.49 -36.48
C GLU B 79 2.09 7.85 -36.01
N LEU B 80 3.13 7.92 -35.27
CA LEU B 80 3.52 9.26 -34.72
C LEU B 80 4.89 9.73 -35.19
N THR B 81 4.91 10.85 -35.86
CA THR B 81 6.21 11.46 -36.31
C THR B 81 6.70 12.37 -35.17
N LEU B 82 7.77 12.00 -34.53
CA LEU B 82 8.29 12.76 -33.40
C LEU B 82 9.46 13.52 -33.92
N ILE B 83 9.62 14.68 -33.44
CA ILE B 83 10.73 15.54 -33.92
C ILE B 83 11.43 16.23 -32.76
N ASN B 84 12.71 16.07 -32.68
CA ASN B 84 13.52 16.70 -31.60
C ASN B 84 14.36 17.81 -32.26
N PRO B 85 13.89 19.01 -32.17
CA PRO B 85 14.53 20.21 -32.78
C PRO B 85 15.99 20.36 -32.41
N GLU B 86 16.76 20.94 -33.29
CA GLU B 86 18.21 21.14 -33.00
C GLU B 86 18.38 22.08 -31.79
N THR B 87 17.42 22.93 -31.52
CA THR B 87 17.55 23.87 -30.37
C THR B 87 17.66 23.08 -29.05
N ASN B 88 17.12 21.90 -28.99
CA ASN B 88 17.18 21.10 -27.74
C ASN B 88 18.62 20.62 -27.52
N THR B 89 18.92 20.14 -26.34
CA THR B 89 20.31 19.66 -26.06
C THR B 89 20.34 18.19 -25.55
N LEU B 90 19.23 17.47 -25.48
CA LEU B 90 19.31 16.05 -24.99
C LEU B 90 18.53 15.10 -25.91
N MET B 91 19.05 13.91 -26.15
CA MET B 91 18.33 12.94 -27.02
C MET B 91 17.13 12.39 -26.25
N HIS B 92 16.01 12.21 -26.90
CA HIS B 92 14.82 11.69 -26.20
C HIS B 92 14.39 10.34 -26.78
N ASN B 93 13.12 10.06 -26.68
CA ASN B 93 12.56 8.78 -27.20
C ASN B 93 11.14 8.62 -26.62
N ILE B 94 10.27 7.87 -27.27
CA ILE B 94 8.88 7.74 -26.71
C ILE B 94 8.52 6.25 -26.52
N ASP B 95 8.02 5.91 -25.36
CA ASP B 95 7.59 4.51 -25.09
C ASP B 95 6.09 4.51 -24.76
N PHE B 96 5.26 4.04 -25.65
CA PHE B 96 3.79 4.03 -25.39
C PHE B 96 3.38 2.71 -24.74
N HIS B 97 2.91 2.79 -23.53
CA HIS B 97 2.45 1.56 -22.80
C HIS B 97 1.43 0.78 -23.67
N ALA B 98 0.71 1.45 -24.54
CA ALA B 98 -0.32 0.73 -25.37
C ALA B 98 0.29 0.03 -26.60
N ALA B 99 1.59 -0.01 -26.72
CA ALA B 99 2.21 -0.69 -27.89
C ALA B 99 2.91 -1.96 -27.42
N THR B 100 3.29 -2.81 -28.32
CA THR B 100 3.97 -4.08 -27.90
C THR B 100 5.25 -4.32 -28.72
N GLY B 101 6.40 -4.25 -28.10
CA GLY B 101 7.70 -4.53 -28.81
C GLY B 101 8.66 -3.30 -28.79
N ALA B 102 9.93 -3.50 -28.49
CA ALA B 102 10.89 -2.34 -28.51
C ALA B 102 10.65 -1.42 -27.31
N LEU B 103 10.55 -1.99 -26.15
CA LEU B 103 10.35 -1.15 -24.93
C LEU B 103 9.23 -0.12 -25.16
N GLY B 104 8.17 -0.51 -25.80
CA GLY B 104 7.04 0.45 -26.04
C GLY B 104 7.43 1.48 -27.12
N GLY B 105 8.34 1.13 -27.98
CA GLY B 105 8.75 2.10 -29.06
C GLY B 105 9.96 2.95 -28.64
N GLY B 106 10.43 2.83 -27.43
CA GLY B 106 11.60 3.65 -26.99
C GLY B 106 12.89 3.14 -27.64
N GLY B 107 12.96 1.88 -27.99
CA GLY B 107 14.20 1.33 -28.61
C GLY B 107 14.29 1.71 -30.10
N LEU B 108 13.21 2.16 -30.69
CA LEU B 108 13.26 2.53 -32.15
C LEU B 108 12.90 4.02 -32.36
N THR B 109 13.01 4.83 -31.34
CA THR B 109 12.69 6.29 -31.49
C THR B 109 13.75 7.19 -30.81
N GLU B 110 14.94 6.70 -30.55
CA GLU B 110 15.98 7.54 -29.91
C GLU B 110 16.44 8.58 -30.94
N ILE B 111 16.12 9.81 -30.72
CA ILE B 111 16.51 10.85 -31.71
C ILE B 111 17.25 11.98 -31.02
N ASN B 112 18.40 12.30 -31.51
CA ASN B 112 19.18 13.40 -30.88
C ASN B 112 18.82 14.71 -31.56
N PRO B 113 19.06 15.81 -30.92
CA PRO B 113 18.76 17.16 -31.48
C PRO B 113 18.99 17.21 -32.99
N GLY B 114 18.02 17.67 -33.73
CA GLY B 114 18.18 17.73 -35.23
C GLY B 114 17.77 16.40 -35.88
N GLU B 115 17.03 15.55 -35.19
CA GLU B 115 16.61 14.26 -35.82
C GLU B 115 15.13 13.95 -35.52
N LYS B 116 14.42 13.37 -36.46
CA LYS B 116 12.98 13.03 -36.23
C LYS B 116 12.71 11.63 -36.82
N THR B 117 11.78 10.90 -36.27
CA THR B 117 11.49 9.55 -36.82
C THR B 117 9.99 9.36 -36.91
N ILE B 118 9.57 8.20 -37.30
CA ILE B 118 8.13 7.91 -37.42
C ILE B 118 7.88 6.47 -36.97
N LEU B 119 7.17 6.28 -35.91
CA LEU B 119 6.93 4.89 -35.42
C LEU B 119 5.43 4.57 -35.52
N ARG B 120 5.12 3.42 -36.04
CA ARG B 120 3.68 3.03 -36.17
C ARG B 120 3.43 1.71 -35.40
N PHE B 121 2.45 1.70 -34.55
CA PHE B 121 2.14 0.46 -33.77
C PHE B 121 0.63 0.20 -33.80
N LYS B 122 0.26 -1.04 -33.74
CA LYS B 122 -1.18 -1.42 -33.76
C LYS B 122 -1.72 -1.36 -32.34
N ALA B 123 -2.80 -0.67 -32.20
CA ALA B 123 -3.46 -0.50 -30.89
C ALA B 123 -4.30 -1.73 -30.71
N THR B 124 -3.74 -2.68 -30.08
CA THR B 124 -4.47 -4.00 -29.95
C THR B 124 -5.30 -4.13 -28.67
N LYS B 125 -5.20 -3.22 -27.75
CA LYS B 125 -5.99 -3.33 -26.50
C LYS B 125 -6.69 -2.01 -26.22
N PRO B 126 -7.92 -2.08 -25.78
CA PRO B 126 -8.72 -0.87 -25.47
C PRO B 126 -8.48 -0.32 -24.06
N GLY B 127 -8.28 0.97 -23.92
CA GLY B 127 -8.05 1.53 -22.56
C GLY B 127 -7.05 2.69 -22.61
N VAL B 128 -7.10 3.54 -21.62
CA VAL B 128 -6.17 4.70 -21.58
C VAL B 128 -4.83 4.18 -21.11
N PHE B 129 -3.78 4.72 -21.63
CA PHE B 129 -2.44 4.23 -21.24
C PHE B 129 -1.53 5.42 -21.18
N VAL B 130 -0.49 5.34 -20.44
CA VAL B 130 0.44 6.52 -20.35
C VAL B 130 1.72 6.35 -21.21
N TYR B 131 2.04 7.34 -22.04
CA TYR B 131 3.28 7.29 -22.84
C TYR B 131 4.30 8.19 -22.14
N HIS B 132 5.56 7.97 -22.34
CA HIS B 132 6.57 8.82 -21.64
C HIS B 132 7.97 8.55 -22.22
N CYS B 133 8.80 9.58 -22.33
CA CYS B 133 10.16 9.40 -22.88
C CYS B 133 11.02 8.64 -21.88
N ALA B 134 11.94 7.82 -22.32
CA ALA B 134 12.76 7.06 -21.35
C ALA B 134 14.12 6.69 -21.95
N PRO B 135 14.99 7.65 -22.09
CA PRO B 135 16.35 7.41 -22.63
C PRO B 135 17.19 6.55 -21.68
N PRO B 136 17.70 5.44 -22.14
CA PRO B 136 18.51 4.52 -21.30
C PRO B 136 19.50 5.25 -20.36
N GLY B 137 19.35 5.08 -19.06
CA GLY B 137 20.29 5.75 -18.11
C GLY B 137 19.70 7.06 -17.53
N MET B 138 18.68 7.63 -18.13
CA MET B 138 18.13 8.90 -17.59
C MET B 138 16.62 8.87 -17.73
N VAL B 139 16.04 7.75 -17.42
CA VAL B 139 14.55 7.62 -17.54
C VAL B 139 13.82 8.55 -16.56
N PRO B 140 13.92 8.26 -15.28
CA PRO B 140 13.24 9.03 -14.20
C PRO B 140 13.39 10.53 -14.34
N TRP B 141 14.52 10.97 -14.81
CA TRP B 141 14.73 12.44 -14.96
C TRP B 141 13.82 13.00 -16.05
N HIS B 142 13.82 12.37 -17.20
CA HIS B 142 12.97 12.86 -18.33
C HIS B 142 11.47 12.80 -17.96
N VAL B 143 11.04 11.79 -17.26
CA VAL B 143 9.59 11.68 -16.91
C VAL B 143 9.21 12.73 -15.87
N VAL B 144 10.01 12.87 -14.85
CA VAL B 144 9.69 13.87 -13.79
C VAL B 144 9.73 15.26 -14.39
N SER B 145 10.59 15.47 -15.35
CA SER B 145 10.68 16.81 -15.99
C SER B 145 9.38 17.15 -16.74
N GLY B 146 8.44 16.22 -16.80
CA GLY B 146 7.17 16.49 -17.51
C GLY B 146 7.19 15.89 -18.93
N MET B 147 7.97 14.86 -19.17
CA MET B 147 7.98 14.26 -20.54
C MET B 147 7.09 13.02 -20.54
N ASN B 148 5.80 13.21 -20.42
CA ASN B 148 4.87 12.05 -20.41
C ASN B 148 3.42 12.53 -20.55
N GLY B 149 2.60 11.74 -21.16
CA GLY B 149 1.16 12.10 -21.36
C GLY B 149 0.31 10.81 -21.35
N ALA B 150 -0.63 10.65 -22.25
CA ALA B 150 -1.44 9.41 -22.26
C ALA B 150 -2.34 9.34 -23.51
N ILE B 151 -2.55 8.16 -24.04
CA ILE B 151 -3.43 8.02 -25.24
C ILE B 151 -4.64 7.15 -24.88
N MET B 152 -5.75 7.34 -25.53
CA MET B 152 -6.95 6.53 -25.21
C MET B 152 -7.40 5.73 -26.45
N VAL B 153 -7.32 4.43 -26.38
CA VAL B 153 -7.74 3.56 -27.50
C VAL B 153 -9.13 3.10 -27.15
N LEU B 154 -10.12 3.67 -27.75
CA LEU B 154 -11.52 3.30 -27.36
C LEU B 154 -12.05 2.12 -28.17
N PRO B 155 -12.79 1.25 -27.52
CA PRO B 155 -13.42 0.09 -28.19
C PRO B 155 -14.14 0.53 -29.46
N ARG B 156 -14.02 -0.22 -30.52
CA ARG B 156 -14.68 0.17 -31.81
C ARG B 156 -16.15 0.51 -31.57
N GLU B 157 -16.78 -0.15 -30.64
CA GLU B 157 -18.22 0.12 -30.37
C GLU B 157 -18.41 1.17 -29.25
N GLY B 158 -17.39 1.93 -28.91
CA GLY B 158 -17.56 2.96 -27.84
C GLY B 158 -17.33 2.34 -26.47
N LEU B 159 -17.66 3.03 -25.43
CA LEU B 159 -17.47 2.47 -24.06
C LEU B 159 -18.80 1.94 -23.48
N HIS B 160 -18.75 0.82 -22.79
CA HIS B 160 -19.97 0.25 -22.17
C HIS B 160 -19.64 -0.13 -20.73
N ASP B 161 -20.62 -0.26 -19.90
CA ASP B 161 -20.38 -0.61 -18.47
C ASP B 161 -19.90 -2.07 -18.36
N GLY B 162 -19.94 -2.62 -17.18
CA GLY B 162 -19.49 -4.04 -17.00
C GLY B 162 -20.58 -5.07 -17.42
N LYS B 163 -21.76 -4.65 -17.80
CA LYS B 163 -22.81 -5.65 -18.20
C LYS B 163 -23.12 -5.54 -19.70
N GLY B 164 -22.53 -4.60 -20.40
CA GLY B 164 -22.81 -4.45 -21.87
C GLY B 164 -23.58 -3.15 -22.22
N LYS B 165 -24.10 -2.42 -21.26
CA LYS B 165 -24.86 -1.18 -21.57
C LYS B 165 -23.91 -0.15 -22.14
N ALA B 166 -24.36 0.63 -23.08
CA ALA B 166 -23.48 1.67 -23.69
C ALA B 166 -23.39 2.93 -22.79
N LEU B 167 -22.18 3.41 -22.60
CA LEU B 167 -21.94 4.63 -21.79
C LEU B 167 -21.34 5.66 -22.74
N THR B 168 -22.03 6.73 -22.97
CA THR B 168 -21.57 7.75 -23.92
C THR B 168 -21.38 9.01 -23.16
N TYR B 169 -20.24 9.57 -23.25
CA TYR B 169 -19.95 10.81 -22.47
C TYR B 169 -20.17 12.06 -23.35
N ASP B 170 -20.73 13.09 -22.78
CA ASP B 170 -20.95 14.34 -23.57
C ASP B 170 -19.61 15.09 -23.75
N LYS B 171 -18.75 15.04 -22.76
CA LYS B 171 -17.44 15.74 -22.87
C LYS B 171 -16.37 14.91 -22.17
N ILE B 172 -15.14 15.15 -22.48
CA ILE B 172 -14.03 14.38 -21.84
C ILE B 172 -12.81 15.28 -21.63
N TYR B 173 -12.24 15.24 -20.46
CA TYR B 173 -11.06 16.07 -20.15
C TYR B 173 -9.94 15.12 -19.70
N TYR B 174 -8.73 15.48 -19.99
CA TYR B 174 -7.58 14.61 -19.61
C TYR B 174 -6.69 15.38 -18.65
N VAL B 175 -6.65 14.96 -17.43
CA VAL B 175 -5.82 15.66 -16.42
C VAL B 175 -4.57 14.84 -16.10
N GLY B 176 -3.45 15.30 -16.57
CA GLY B 176 -2.17 14.60 -16.31
C GLY B 176 -1.56 15.17 -15.03
N GLU B 177 -1.22 14.32 -14.13
CA GLU B 177 -0.65 14.76 -12.85
C GLU B 177 0.83 14.61 -12.96
N GLN B 178 1.55 15.48 -12.36
CA GLN B 178 3.02 15.39 -12.48
C GLN B 178 3.69 15.74 -11.15
N ASP B 179 4.46 14.83 -10.63
CA ASP B 179 5.17 15.10 -9.34
C ASP B 179 6.58 15.60 -9.67
N PHE B 180 6.91 16.80 -9.29
CA PHE B 180 8.25 17.33 -9.58
C PHE B 180 9.11 17.18 -8.34
N TYR B 181 10.34 17.52 -8.49
CA TYR B 181 11.31 17.42 -7.37
C TYR B 181 12.27 18.58 -7.58
N VAL B 182 11.94 19.70 -7.03
CA VAL B 182 12.77 20.90 -7.26
C VAL B 182 13.75 21.13 -6.14
N PRO B 183 14.98 21.30 -6.49
CA PRO B 183 16.07 21.55 -5.49
C PRO B 183 15.88 22.90 -4.75
N ARG B 184 16.18 22.93 -3.47
CA ARG B 184 16.03 24.19 -2.70
C ARG B 184 17.40 24.56 -2.13
N ASP B 185 17.63 25.81 -1.91
CA ASP B 185 18.96 26.24 -1.37
C ASP B 185 18.97 26.08 0.15
N GLU B 186 19.85 26.77 0.82
CA GLU B 186 19.92 26.66 2.30
C GLU B 186 18.70 27.36 2.93
N ASN B 187 18.27 28.45 2.35
CA ASN B 187 17.10 29.19 2.92
C ASN B 187 15.77 28.43 2.64
N GLY B 188 15.83 27.26 2.06
CA GLY B 188 14.55 26.52 1.77
C GLY B 188 13.81 27.10 0.54
N LYS B 189 14.44 27.96 -0.22
CA LYS B 189 13.77 28.52 -1.43
C LYS B 189 14.16 27.69 -2.64
N TYR B 190 13.28 27.59 -3.59
CA TYR B 190 13.58 26.79 -4.80
C TYR B 190 14.75 27.42 -5.54
N LYS B 191 15.54 26.61 -6.18
CA LYS B 191 16.72 27.16 -6.92
C LYS B 191 16.45 27.15 -8.43
N LYS B 192 16.96 28.13 -9.14
CA LYS B 192 16.76 28.19 -10.59
C LYS B 192 18.11 27.97 -11.26
N TYR B 193 18.12 27.46 -12.44
CA TYR B 193 19.41 27.20 -13.11
C TYR B 193 19.38 27.81 -14.50
N GLU B 194 20.47 27.76 -15.18
CA GLU B 194 20.53 28.33 -16.55
C GLU B 194 20.14 27.26 -17.59
N ALA B 195 20.76 26.11 -17.53
CA ALA B 195 20.43 25.05 -18.50
C ALA B 195 19.93 23.80 -17.75
N PRO B 196 19.19 22.97 -18.43
CA PRO B 196 18.62 21.72 -17.83
C PRO B 196 19.69 20.82 -17.20
N GLY B 197 20.87 20.78 -17.76
CA GLY B 197 21.95 19.90 -17.19
C GLY B 197 22.45 20.42 -15.82
N ASP B 198 22.44 21.71 -15.59
CA ASP B 198 22.96 22.25 -14.29
C ASP B 198 22.04 21.83 -13.14
N ALA B 199 20.85 21.40 -13.43
CA ALA B 199 19.92 20.98 -12.34
C ALA B 199 19.77 19.45 -12.29
N TYR B 200 20.64 18.72 -12.92
CA TYR B 200 20.55 17.22 -12.89
C TYR B 200 21.00 16.61 -11.54
N GLU B 201 22.17 16.95 -11.02
CA GLU B 201 22.65 16.31 -9.75
C GLU B 201 21.78 16.74 -8.57
N ASP B 202 21.45 17.99 -8.51
CA ASP B 202 20.62 18.48 -7.37
C ASP B 202 19.22 17.88 -7.45
N THR B 203 18.72 17.65 -8.63
CA THR B 203 17.36 17.06 -8.77
C THR B 203 17.40 15.60 -8.34
N VAL B 204 18.34 14.86 -8.86
CA VAL B 204 18.44 13.43 -8.48
C VAL B 204 18.37 13.31 -6.96
N LYS B 205 19.13 14.12 -6.26
CA LYS B 205 19.10 14.06 -4.77
C LYS B 205 17.65 14.17 -4.27
N VAL B 206 16.91 15.12 -4.78
CA VAL B 206 15.49 15.27 -4.35
C VAL B 206 14.67 14.06 -4.79
N MET B 207 14.90 13.59 -5.99
CA MET B 207 14.12 12.41 -6.48
C MET B 207 14.36 11.18 -5.58
N ARG B 208 15.54 11.03 -5.04
CA ARG B 208 15.82 9.84 -4.18
C ARG B 208 14.95 9.89 -2.93
N THR B 209 14.71 11.06 -2.41
CA THR B 209 13.86 11.18 -1.18
C THR B 209 12.43 10.66 -1.43
N LEU B 210 12.08 10.35 -2.66
CA LEU B 210 10.70 9.86 -2.93
C LEU B 210 9.69 10.85 -2.35
N THR B 211 10.02 12.12 -2.36
CA THR B 211 9.08 13.13 -1.81
C THR B 211 9.04 14.32 -2.76
N PRO B 212 8.03 14.39 -3.57
CA PRO B 212 7.87 15.51 -4.56
C PRO B 212 7.58 16.87 -3.91
N THR B 213 8.29 17.92 -4.29
CA THR B 213 8.03 19.26 -3.70
C THR B 213 6.70 19.81 -4.25
N HIS B 214 6.26 19.37 -5.40
CA HIS B 214 4.98 19.88 -5.97
C HIS B 214 4.32 18.78 -6.82
N VAL B 215 3.06 18.54 -6.59
CA VAL B 215 2.35 17.50 -7.37
C VAL B 215 1.19 18.23 -7.97
N VAL B 216 1.12 18.34 -9.26
CA VAL B 216 0.01 19.17 -9.76
C VAL B 216 -0.62 18.61 -11.01
N PHE B 217 -1.55 19.34 -11.52
CA PHE B 217 -2.26 18.88 -12.75
C PHE B 217 -2.09 19.94 -13.84
N ASN B 218 -1.87 19.51 -15.06
CA ASN B 218 -1.70 20.50 -16.17
C ASN B 218 -0.30 21.18 -16.16
N GLY B 219 0.61 20.77 -15.31
CA GLY B 219 1.96 21.40 -15.29
C GLY B 219 2.12 22.54 -14.23
N ALA B 220 1.14 22.85 -13.38
CA ALA B 220 1.40 23.95 -12.40
C ALA B 220 0.31 24.01 -11.33
N VAL B 221 0.67 24.38 -10.13
CA VAL B 221 -0.35 24.48 -9.05
C VAL B 221 -1.40 25.52 -9.48
N GLY B 222 -2.65 25.16 -9.42
CA GLY B 222 -3.72 26.12 -9.85
C GLY B 222 -3.80 26.22 -11.39
N ALA B 223 -3.37 25.21 -12.13
CA ALA B 223 -3.45 25.28 -13.63
C ALA B 223 -4.91 25.08 -14.11
N LEU B 224 -5.72 24.32 -13.41
CA LEU B 224 -7.12 24.07 -13.85
C LEU B 224 -8.13 24.78 -12.93
N THR B 225 -7.89 26.02 -12.63
CA THR B 225 -8.82 26.80 -11.77
C THR B 225 -9.00 28.18 -12.38
N GLY B 226 -9.88 28.97 -11.86
CA GLY B 226 -10.11 30.33 -12.41
C GLY B 226 -10.72 30.19 -13.78
N ASP B 227 -10.26 30.97 -14.72
CA ASP B 227 -10.81 30.87 -16.10
C ASP B 227 -10.47 29.50 -16.70
N LYS B 228 -9.49 28.81 -16.17
CA LYS B 228 -9.13 27.47 -16.72
C LYS B 228 -9.88 26.34 -16.00
N ALA B 229 -10.71 26.64 -15.02
CA ALA B 229 -11.45 25.55 -14.31
C ALA B 229 -12.35 24.79 -15.30
N MET B 230 -12.32 23.48 -15.28
CA MET B 230 -13.17 22.71 -16.20
C MET B 230 -14.60 23.20 -16.06
N THR B 231 -15.47 22.70 -16.86
CA THR B 231 -16.90 23.13 -16.80
C THR B 231 -17.83 21.94 -17.09
N ALA B 232 -18.97 21.94 -16.48
CA ALA B 232 -19.98 20.86 -16.68
C ALA B 232 -21.32 21.34 -16.13
N ALA B 233 -22.42 20.80 -16.61
CA ALA B 233 -23.74 21.25 -16.12
C ALA B 233 -24.53 20.04 -15.62
N VAL B 234 -25.46 20.29 -14.75
CA VAL B 234 -26.30 19.20 -14.20
C VAL B 234 -26.85 18.37 -15.35
N GLY B 235 -26.72 17.10 -15.26
CA GLY B 235 -27.23 16.21 -16.36
C GLY B 235 -26.14 15.95 -17.44
N GLU B 236 -24.96 16.50 -17.28
CA GLU B 236 -23.88 16.27 -18.28
C GLU B 236 -23.04 15.07 -17.85
N LYS B 237 -22.70 14.25 -18.78
CA LYS B 237 -21.88 13.06 -18.48
C LYS B 237 -20.47 13.40 -18.91
N VAL B 238 -19.55 13.27 -18.03
CA VAL B 238 -18.16 13.66 -18.39
C VAL B 238 -17.17 12.57 -18.01
N LEU B 239 -16.32 12.24 -18.93
CA LEU B 239 -15.29 11.21 -18.65
C LEU B 239 -13.96 11.92 -18.38
N ILE B 240 -13.39 11.69 -17.24
CA ILE B 240 -12.11 12.38 -16.89
C ILE B 240 -10.96 11.37 -16.84
N VAL B 241 -10.13 11.41 -17.84
CA VAL B 241 -8.97 10.49 -17.89
C VAL B 241 -7.86 11.13 -17.08
N HIS B 242 -7.18 10.35 -16.33
CA HIS B 242 -6.11 10.91 -15.48
C HIS B 242 -4.91 9.98 -15.57
N SER B 243 -3.76 10.54 -15.67
CA SER B 243 -2.54 9.69 -15.78
C SER B 243 -1.42 10.18 -14.85
N GLN B 244 -0.60 9.25 -14.42
CA GLN B 244 0.56 9.53 -13.53
C GLN B 244 1.67 8.57 -13.98
N ALA B 245 2.64 9.07 -14.69
CA ALA B 245 3.73 8.20 -15.24
C ALA B 245 4.97 8.33 -14.38
N ASN B 246 4.78 8.25 -13.11
CA ASN B 246 5.91 8.34 -12.15
C ASN B 246 5.39 8.51 -10.69
N ARG B 247 4.22 7.99 -10.32
CA ARG B 247 3.78 8.17 -8.91
C ARG B 247 2.34 7.72 -8.76
N ASP B 248 2.01 7.07 -7.66
CA ASP B 248 0.59 6.63 -7.49
C ASP B 248 -0.31 7.78 -6.95
N THR B 249 -1.49 7.98 -7.52
CA THR B 249 -2.39 9.03 -7.03
C THR B 249 -3.73 8.38 -6.67
N ARG B 250 -4.63 9.15 -6.18
CA ARG B 250 -5.97 8.61 -5.78
C ARG B 250 -7.01 9.71 -6.02
N PRO B 251 -7.49 9.80 -7.23
CA PRO B 251 -8.48 10.82 -7.66
C PRO B 251 -9.75 10.85 -6.82
N HIS B 252 -10.33 12.00 -6.70
CA HIS B 252 -11.60 12.15 -5.92
C HIS B 252 -12.31 13.49 -6.26
N LEU B 253 -13.52 13.43 -6.77
CA LEU B 253 -14.28 14.66 -7.10
C LEU B 253 -15.07 15.09 -5.87
N ILE B 254 -14.66 16.16 -5.27
CA ILE B 254 -15.31 16.68 -4.06
C ILE B 254 -16.73 17.06 -4.39
N GLY B 255 -17.64 16.50 -3.69
CA GLY B 255 -19.07 16.80 -3.95
C GLY B 255 -19.66 15.80 -4.97
N GLY B 256 -18.84 15.00 -5.61
CA GLY B 256 -19.38 14.03 -6.60
C GLY B 256 -18.81 12.63 -6.34
N HIS B 257 -18.73 11.84 -7.36
CA HIS B 257 -18.19 10.47 -7.23
C HIS B 257 -18.04 9.86 -8.63
N GLY B 258 -17.20 8.88 -8.75
CA GLY B 258 -16.99 8.23 -10.08
C GLY B 258 -18.07 7.18 -10.27
N ASP B 259 -19.02 7.47 -11.08
CA ASP B 259 -20.13 6.50 -11.30
C ASP B 259 -19.53 5.19 -11.78
N TYR B 260 -18.74 5.27 -12.79
CA TYR B 260 -18.07 4.07 -13.34
C TYR B 260 -16.60 4.42 -13.48
N VAL B 261 -15.72 3.67 -12.88
CA VAL B 261 -14.29 4.07 -12.98
C VAL B 261 -13.37 2.90 -13.35
N TRP B 262 -12.84 2.92 -14.54
CA TRP B 262 -11.88 1.88 -14.96
C TRP B 262 -10.57 2.26 -14.29
N ALA B 263 -10.43 1.84 -13.08
CA ALA B 263 -9.25 2.27 -12.26
C ALA B 263 -7.97 1.84 -12.93
N THR B 264 -8.00 0.68 -13.48
CA THR B 264 -6.79 0.16 -14.15
C THR B 264 -6.62 0.81 -15.53
N GLY B 265 -7.59 1.56 -15.97
CA GLY B 265 -7.46 2.21 -17.33
C GLY B 265 -7.58 1.17 -18.47
N LYS B 266 -8.25 0.07 -18.24
CA LYS B 266 -8.43 -0.98 -19.28
C LYS B 266 -9.94 -1.14 -19.47
N PHE B 267 -10.40 -1.00 -20.68
CA PHE B 267 -11.87 -1.10 -20.92
C PHE B 267 -12.37 -2.53 -20.71
N ASN B 268 -11.60 -3.51 -21.11
CA ASN B 268 -12.05 -4.91 -20.96
C ASN B 268 -12.27 -5.24 -19.49
N THR B 269 -11.52 -4.61 -18.63
CA THR B 269 -11.66 -4.87 -17.18
C THR B 269 -12.87 -4.09 -16.66
N PRO B 270 -13.87 -4.79 -16.22
CA PRO B 270 -15.12 -4.14 -15.71
C PRO B 270 -14.83 -2.91 -14.84
N PRO B 271 -15.55 -1.81 -15.04
CA PRO B 271 -15.31 -0.56 -14.24
C PRO B 271 -15.98 -0.57 -12.84
N ASP B 272 -15.21 -0.34 -11.77
CA ASP B 272 -15.86 -0.30 -10.44
C ASP B 272 -17.03 0.66 -10.55
N VAL B 273 -17.82 0.78 -9.54
CA VAL B 273 -18.98 1.72 -9.63
C VAL B 273 -19.25 2.41 -8.28
N ASP B 274 -19.76 3.61 -8.32
CA ASP B 274 -20.07 4.34 -7.07
C ASP B 274 -18.78 4.50 -6.32
N GLN B 275 -17.81 5.08 -6.94
CA GLN B 275 -16.48 5.21 -6.23
C GLN B 275 -16.27 6.62 -5.63
N GLU B 276 -15.92 6.68 -4.35
CA GLU B 276 -15.64 8.01 -3.73
C GLU B 276 -14.19 8.45 -4.06
N THR B 277 -13.26 7.52 -4.04
CA THR B 277 -11.84 7.85 -4.35
C THR B 277 -11.22 6.61 -5.00
N TRP B 278 -10.70 6.75 -6.17
CA TRP B 278 -10.13 5.57 -6.86
C TRP B 278 -8.63 5.48 -6.59
N PHE B 279 -7.94 4.74 -7.40
CA PHE B 279 -6.47 4.59 -7.20
C PHE B 279 -5.78 4.22 -8.53
N ILE B 280 -4.89 5.07 -8.97
CA ILE B 280 -4.14 4.81 -10.24
C ILE B 280 -2.67 4.73 -9.89
N PRO B 281 -2.07 3.58 -10.08
CA PRO B 281 -0.65 3.33 -9.72
C PRO B 281 0.36 4.01 -10.66
N GLY B 282 1.36 4.62 -10.11
CA GLY B 282 2.40 5.26 -10.95
C GLY B 282 2.64 4.37 -12.15
N GLY B 283 2.79 4.94 -13.30
CA GLY B 283 3.00 4.16 -14.52
C GLY B 283 1.66 3.72 -15.10
N ALA B 284 0.59 4.48 -14.91
CA ALA B 284 -0.71 4.01 -15.49
C ALA B 284 -1.75 5.13 -15.56
N ALA B 285 -2.64 5.08 -16.53
CA ALA B 285 -3.71 6.12 -16.64
C ALA B 285 -5.09 5.45 -16.50
N GLY B 286 -5.99 6.03 -15.73
CA GLY B 286 -7.33 5.41 -15.57
C GLY B 286 -8.39 6.31 -16.20
N ALA B 287 -9.63 6.09 -15.88
CA ALA B 287 -10.73 6.92 -16.46
C ALA B 287 -11.98 6.79 -15.58
N ALA B 288 -12.62 7.89 -15.30
CA ALA B 288 -13.85 7.87 -14.46
C ALA B 288 -14.97 8.61 -15.20
N PHE B 289 -16.14 8.05 -15.21
CA PHE B 289 -17.28 8.69 -15.91
C PHE B 289 -18.34 9.04 -14.87
N TYR B 290 -18.78 10.26 -14.85
CA TYR B 290 -19.79 10.63 -13.83
C TYR B 290 -20.76 11.68 -14.38
N THR B 291 -22.01 11.50 -14.09
CA THR B 291 -23.05 12.47 -14.54
C THR B 291 -23.31 13.44 -13.40
N PHE B 292 -23.05 14.69 -13.63
CA PHE B 292 -23.25 15.72 -12.57
C PHE B 292 -24.72 15.85 -12.22
N GLN B 293 -25.00 16.00 -10.96
CA GLN B 293 -26.43 16.16 -10.53
C GLN B 293 -26.63 17.48 -9.75
N GLN B 294 -25.58 18.12 -9.28
CA GLN B 294 -25.75 19.39 -8.52
C GLN B 294 -24.83 20.46 -9.09
N PRO B 295 -25.31 21.68 -9.15
CA PRO B 295 -24.53 22.83 -9.67
C PRO B 295 -23.67 23.47 -8.60
N GLY B 296 -22.64 24.16 -9.00
CA GLY B 296 -21.75 24.82 -8.01
C GLY B 296 -20.29 24.57 -8.39
N ILE B 297 -19.40 24.81 -7.48
CA ILE B 297 -17.95 24.58 -7.78
C ILE B 297 -17.44 23.35 -7.03
N TYR B 298 -16.87 22.41 -7.73
CA TYR B 298 -16.36 21.19 -7.08
C TYR B 298 -14.86 21.07 -7.34
N ALA B 299 -14.12 20.58 -6.38
CA ALA B 299 -12.65 20.44 -6.55
C ALA B 299 -12.34 18.99 -6.85
N TYR B 300 -11.49 18.74 -7.81
CA TYR B 300 -11.16 17.33 -8.14
C TYR B 300 -9.70 17.16 -7.86
N VAL B 301 -9.34 16.33 -6.94
CA VAL B 301 -7.88 16.27 -6.68
C VAL B 301 -7.44 14.98 -6.03
N ASN B 302 -6.16 14.84 -5.92
CA ASN B 302 -5.57 13.65 -5.29
C ASN B 302 -5.98 13.70 -3.85
N HIS B 303 -6.52 12.65 -3.36
CA HIS B 303 -7.00 12.70 -1.96
C HIS B 303 -5.83 12.99 -1.07
N ASN B 304 -4.72 12.32 -1.22
CA ASN B 304 -3.62 12.76 -0.31
C ASN B 304 -3.88 14.28 -0.02
N LEU B 305 -4.66 14.61 1.00
CA LEU B 305 -5.02 16.03 1.27
C LEU B 305 -3.78 16.89 1.19
N ILE B 306 -2.74 16.42 1.78
CA ILE B 306 -1.47 17.20 1.76
C ILE B 306 -1.06 17.42 0.31
N GLU B 307 -1.03 16.37 -0.45
CA GLU B 307 -0.65 16.50 -1.89
C GLU B 307 -1.67 17.39 -2.64
N ALA B 308 -2.94 17.34 -2.29
CA ALA B 308 -3.95 18.17 -3.01
C ALA B 308 -4.02 19.66 -2.53
N PHE B 309 -3.66 19.99 -1.30
CA PHE B 309 -3.79 21.42 -0.89
C PHE B 309 -2.41 22.03 -0.64
N GLU B 310 -1.53 21.28 -0.06
CA GLU B 310 -0.16 21.82 0.23
C GLU B 310 0.80 21.65 -0.97
N LEU B 311 0.64 20.66 -1.81
CA LEU B 311 1.60 20.49 -2.94
C LEU B 311 1.06 21.17 -4.19
N GLY B 312 -0.18 20.98 -4.47
CA GLY B 312 -0.81 21.60 -5.68
C GLY B 312 -1.54 20.55 -6.55
N ALA B 313 -2.15 19.51 -5.98
CA ALA B 313 -2.87 18.54 -6.84
C ALA B 313 -4.39 18.76 -6.71
N ALA B 314 -4.89 19.92 -7.07
CA ALA B 314 -6.36 20.15 -6.95
C ALA B 314 -6.86 21.10 -8.04
N ALA B 315 -7.79 20.66 -8.86
CA ALA B 315 -8.34 21.54 -9.91
C ALA B 315 -9.76 21.90 -9.51
N HIS B 316 -10.49 22.58 -10.33
CA HIS B 316 -11.89 22.93 -9.92
C HIS B 316 -12.85 22.91 -11.11
N PHE B 317 -14.00 22.28 -10.98
CA PHE B 317 -14.99 22.27 -12.10
C PHE B 317 -16.25 23.11 -11.75
N LYS B 318 -16.56 24.11 -12.56
CA LYS B 318 -17.74 24.95 -12.32
C LYS B 318 -18.90 24.26 -13.01
N VAL B 319 -20.01 24.17 -12.37
CA VAL B 319 -21.14 23.46 -12.98
C VAL B 319 -22.38 24.32 -12.88
N THR B 320 -23.05 24.47 -13.98
CA THR B 320 -24.29 25.29 -14.00
C THR B 320 -25.52 24.38 -13.94
N GLY B 321 -26.62 24.88 -13.45
CA GLY B 321 -27.84 24.04 -13.37
C GLY B 321 -28.70 24.48 -12.17
N GLU B 322 -29.61 23.63 -11.76
CA GLU B 322 -30.50 23.96 -10.62
C GLU B 322 -30.16 23.03 -9.46
N TRP B 323 -30.16 23.55 -8.29
CA TRP B 323 -29.83 22.74 -7.10
C TRP B 323 -30.93 21.72 -6.88
N ASN B 324 -30.58 20.66 -6.26
CA ASN B 324 -31.58 19.57 -5.99
C ASN B 324 -31.60 19.31 -4.49
N ASP B 325 -32.61 19.81 -3.83
CA ASP B 325 -32.70 19.63 -2.36
C ASP B 325 -32.85 18.14 -2.05
N ASP B 326 -33.64 17.46 -2.81
CA ASP B 326 -33.84 16.01 -2.56
C ASP B 326 -32.48 15.36 -2.26
N LEU B 327 -31.50 15.64 -3.07
CA LEU B 327 -30.14 15.06 -2.84
C LEU B 327 -29.48 15.70 -1.61
N MET B 328 -29.61 17.00 -1.43
CA MET B 328 -28.96 17.62 -0.25
C MET B 328 -29.62 18.95 0.05
N THR B 329 -29.84 19.24 1.30
CA THR B 329 -30.48 20.54 1.66
C THR B 329 -30.06 20.98 3.06
N SER B 330 -29.70 22.23 3.22
CA SER B 330 -29.29 22.73 4.55
C SER B 330 -30.55 23.04 5.37
N VAL B 331 -30.97 22.13 6.20
CA VAL B 331 -32.20 22.37 7.00
C VAL B 331 -31.99 23.58 7.89
N LEU B 332 -30.87 23.64 8.53
CA LEU B 332 -30.58 24.81 9.42
C LEU B 332 -29.20 25.39 9.07
N ALA B 333 -29.16 26.54 8.47
CA ALA B 333 -27.85 27.14 8.11
C ALA B 333 -27.08 27.47 9.39
N PRO B 334 -25.79 27.52 9.32
CA PRO B 334 -24.92 27.82 10.49
C PRO B 334 -25.44 29.02 11.29
N SER B 335 -25.82 28.81 12.52
CA SER B 335 -26.33 29.94 13.33
C SER B 335 -25.93 29.74 14.79
N GLY B 336 -26.47 30.55 15.66
CA GLY B 336 -26.14 30.41 17.11
C GLY B 336 -26.86 29.20 17.69
N ALA C 1 -11.21 -32.67 7.41
CA ALA C 1 -10.76 -34.09 7.46
C ALA C 1 -10.30 -34.42 8.89
N THR C 2 -10.35 -35.67 9.27
CA THR C 2 -9.92 -36.05 10.63
C THR C 2 -8.43 -36.40 10.60
N ALA C 3 -7.83 -36.54 11.75
CA ALA C 3 -6.38 -36.88 11.79
C ALA C 3 -6.14 -38.18 11.02
N ALA C 4 -6.97 -39.16 11.19
CA ALA C 4 -6.77 -40.46 10.47
C ALA C 4 -6.80 -40.21 8.97
N GLU C 5 -7.77 -39.46 8.50
CA GLU C 5 -7.85 -39.19 7.03
C GLU C 5 -6.57 -38.50 6.55
N ILE C 6 -6.08 -37.55 7.30
CA ILE C 6 -4.84 -36.83 6.88
C ILE C 6 -3.63 -37.79 6.91
N ALA C 7 -3.61 -38.68 7.86
CA ALA C 7 -2.45 -39.62 7.95
C ALA C 7 -2.44 -40.60 6.76
N ALA C 8 -3.57 -40.86 6.16
CA ALA C 8 -3.61 -41.82 5.02
C ALA C 8 -3.39 -41.10 3.67
N LEU C 9 -3.22 -39.81 3.65
CA LEU C 9 -3.01 -39.10 2.34
C LEU C 9 -1.55 -39.30 1.88
N PRO C 10 -1.33 -39.40 0.60
CA PRO C 10 0.04 -39.59 0.03
C PRO C 10 0.95 -38.37 0.28
N ARG C 11 2.18 -38.58 0.71
CA ARG C 11 3.09 -37.43 0.96
C ARG C 11 4.13 -37.33 -0.18
N GLN C 12 4.42 -36.13 -0.61
CA GLN C 12 5.42 -35.93 -1.69
C GLN C 12 6.46 -34.89 -1.24
N LYS C 13 7.71 -35.26 -1.24
CA LYS C 13 8.78 -34.34 -0.82
C LYS C 13 9.21 -33.55 -2.04
N VAL C 14 9.40 -32.29 -1.86
CA VAL C 14 9.80 -31.45 -3.01
C VAL C 14 11.11 -30.73 -2.72
N GLU C 15 11.97 -30.69 -3.70
CA GLU C 15 13.27 -30.01 -3.57
C GLU C 15 13.09 -28.59 -4.08
N LEU C 16 13.38 -27.64 -3.27
CA LEU C 16 13.17 -26.22 -3.67
C LEU C 16 14.38 -25.70 -4.42
N VAL C 17 14.16 -24.76 -5.30
CA VAL C 17 15.28 -24.17 -6.07
C VAL C 17 15.46 -22.73 -5.61
N ASP C 18 16.35 -22.01 -6.20
CA ASP C 18 16.53 -20.59 -5.76
C ASP C 18 15.90 -19.63 -6.80
N PRO C 19 15.12 -18.67 -6.35
CA PRO C 19 14.48 -17.68 -7.26
C PRO C 19 15.48 -17.15 -8.30
N PRO C 20 14.99 -16.66 -9.40
CA PRO C 20 13.52 -16.59 -9.68
C PRO C 20 12.93 -17.91 -10.18
N PHE C 21 13.73 -18.92 -10.35
CA PHE C 21 13.23 -20.23 -10.83
C PHE C 21 12.33 -20.86 -9.78
N VAL C 22 11.45 -21.71 -10.19
CA VAL C 22 10.54 -22.38 -9.27
C VAL C 22 10.81 -23.86 -9.38
N HIS C 23 10.41 -24.59 -8.41
CA HIS C 23 10.65 -26.06 -8.43
C HIS C 23 9.68 -26.72 -9.40
N ALA C 24 9.91 -27.97 -9.68
CA ALA C 24 9.02 -28.72 -10.60
C ALA C 24 7.64 -28.85 -9.96
N HIS C 25 6.62 -28.75 -10.77
CA HIS C 25 5.23 -28.87 -10.26
C HIS C 25 4.27 -28.92 -11.46
N SER C 26 3.13 -29.53 -11.30
CA SER C 26 2.16 -29.61 -12.41
C SER C 26 1.06 -28.59 -12.18
N GLN C 27 0.61 -27.95 -13.21
CA GLN C 27 -0.46 -26.92 -13.03
C GLN C 27 -1.69 -27.64 -12.53
N VAL C 28 -2.13 -28.58 -13.30
CA VAL C 28 -3.29 -29.41 -12.89
C VAL C 28 -2.81 -30.41 -11.85
N ALA C 29 -3.53 -30.54 -10.78
CA ALA C 29 -3.11 -31.46 -9.69
C ALA C 29 -3.08 -32.90 -10.18
N GLU C 30 -2.05 -33.61 -9.86
CA GLU C 30 -1.95 -35.04 -10.28
C GLU C 30 -2.38 -35.93 -9.11
N GLY C 31 -3.62 -36.33 -9.08
CA GLY C 31 -4.11 -37.17 -7.97
C GLY C 31 -4.93 -36.31 -7.01
N GLY C 32 -5.31 -36.85 -5.90
CA GLY C 32 -6.12 -36.06 -4.92
C GLY C 32 -5.18 -35.27 -3.98
N PRO C 33 -5.69 -34.87 -2.84
CA PRO C 33 -4.93 -34.10 -1.83
C PRO C 33 -3.70 -34.85 -1.33
N LYS C 34 -2.63 -34.14 -1.13
CA LYS C 34 -1.39 -34.80 -0.64
C LYS C 34 -0.57 -33.84 0.26
N VAL C 35 0.02 -34.37 1.30
CA VAL C 35 0.84 -33.57 2.24
C VAL C 35 2.21 -33.33 1.60
N VAL C 36 2.38 -32.15 1.12
CA VAL C 36 3.61 -31.76 0.44
C VAL C 36 4.60 -31.44 1.52
N GLU C 37 5.78 -31.86 1.33
CA GLU C 37 6.81 -31.63 2.38
C GLU C 37 7.95 -30.80 1.83
N PHE C 38 8.29 -29.74 2.51
CA PHE C 38 9.42 -28.88 2.07
C PHE C 38 10.26 -28.47 3.30
N THR C 39 11.56 -28.43 3.18
CA THR C 39 12.40 -28.05 4.35
C THR C 39 13.32 -26.89 3.97
N MET C 40 13.41 -25.90 4.81
CA MET C 40 14.28 -24.72 4.49
C MET C 40 15.09 -24.30 5.72
N VAL C 41 16.39 -24.23 5.59
CA VAL C 41 17.27 -23.81 6.70
C VAL C 41 17.45 -22.30 6.57
N ILE C 42 17.43 -21.62 7.65
CA ILE C 42 17.57 -20.14 7.61
C ILE C 42 19.03 -19.79 7.77
N GLU C 43 19.53 -18.92 6.95
CA GLU C 43 20.97 -18.57 7.07
C GLU C 43 21.15 -17.05 7.17
N GLU C 44 21.55 -16.55 8.31
CA GLU C 44 21.76 -15.07 8.42
C GLU C 44 23.21 -14.73 8.01
N LYS C 45 23.40 -14.08 6.88
CA LYS C 45 24.78 -13.76 6.47
C LYS C 45 24.77 -12.36 5.87
N LYS C 46 25.82 -12.02 5.21
CA LYS C 46 25.89 -10.66 4.57
C LYS C 46 25.80 -10.76 3.03
N ILE C 47 24.88 -10.03 2.44
CA ILE C 47 24.72 -10.01 0.96
C ILE C 47 24.96 -8.58 0.44
N VAL C 48 25.64 -8.48 -0.66
CA VAL C 48 25.95 -7.19 -1.27
C VAL C 48 24.74 -6.84 -2.05
N ILE C 49 24.40 -5.64 -2.05
CA ILE C 49 23.15 -5.25 -2.76
C ILE C 49 23.39 -4.32 -3.95
N ASP C 50 24.52 -3.69 -4.03
CA ASP C 50 24.75 -2.75 -5.17
C ASP C 50 26.18 -2.88 -5.68
N ASP C 51 26.58 -2.00 -6.55
CA ASP C 51 27.95 -2.07 -7.10
C ASP C 51 28.91 -1.39 -6.12
N ALA C 52 28.40 -0.48 -5.33
CA ALA C 52 29.29 0.22 -4.35
C ALA C 52 29.71 -0.73 -3.21
N GLY C 53 29.32 -1.98 -3.25
CA GLY C 53 29.72 -2.93 -2.16
C GLY C 53 28.83 -2.77 -0.91
N THR C 54 27.70 -2.09 -1.00
CA THR C 54 26.82 -1.94 0.18
C THR C 54 26.49 -3.33 0.69
N GLU C 55 26.37 -3.50 1.97
CA GLU C 55 26.08 -4.86 2.48
C GLU C 55 24.90 -4.85 3.48
N VAL C 56 24.01 -5.80 3.36
CA VAL C 56 22.87 -5.90 4.31
C VAL C 56 22.86 -7.29 5.01
N HIS C 57 22.82 -7.30 6.32
CA HIS C 57 22.80 -8.57 7.10
C HIS C 57 21.48 -9.25 6.79
N ALA C 58 21.49 -10.06 5.81
CA ALA C 58 20.25 -10.73 5.37
C ALA C 58 19.91 -11.97 6.22
N MET C 59 18.64 -12.12 6.45
CA MET C 59 18.10 -13.27 7.21
C MET C 59 17.39 -13.98 6.11
N ALA C 60 17.86 -15.09 5.72
CA ALA C 60 17.28 -15.63 4.50
C ALA C 60 16.89 -17.04 4.65
N PHE C 61 15.70 -17.25 4.30
CA PHE C 61 15.17 -18.66 4.32
C PHE C 61 15.72 -19.38 3.09
N ASN C 62 16.38 -20.50 3.25
CA ASN C 62 16.97 -21.20 2.08
C ASN C 62 18.24 -20.48 1.57
N GLY C 63 18.80 -19.57 2.34
CA GLY C 63 20.03 -18.86 1.88
C GLY C 63 19.75 -17.91 0.69
N THR C 64 18.53 -17.53 0.43
CA THR C 64 18.31 -16.59 -0.75
C THR C 64 17.16 -15.57 -0.50
N VAL C 65 17.38 -14.30 -0.84
CA VAL C 65 16.32 -13.29 -0.70
C VAL C 65 15.82 -12.99 -2.11
N PRO C 66 14.57 -13.21 -2.35
CA PRO C 66 13.61 -13.70 -1.33
C PRO C 66 13.58 -15.23 -1.25
N GLY C 67 13.18 -15.74 -0.13
CA GLY C 67 13.11 -17.22 0.02
C GLY C 67 12.57 -17.82 -1.28
N PRO C 68 12.57 -19.11 -1.37
CA PRO C 68 12.07 -19.84 -2.57
C PRO C 68 10.54 -19.92 -2.62
N LEU C 69 9.99 -20.04 -3.80
CA LEU C 69 8.50 -20.13 -3.92
C LEU C 69 8.05 -21.59 -3.85
N MET C 70 7.22 -21.92 -2.89
CA MET C 70 6.71 -23.29 -2.76
C MET C 70 5.41 -23.35 -3.54
N VAL C 71 5.14 -24.45 -4.13
CA VAL C 71 3.89 -24.53 -4.95
C VAL C 71 3.11 -25.83 -4.68
N VAL C 72 1.94 -25.70 -4.14
CA VAL C 72 1.05 -26.86 -3.88
C VAL C 72 -0.34 -26.50 -4.44
N HIS C 73 -1.27 -27.41 -4.42
CA HIS C 73 -2.62 -27.10 -4.95
C HIS C 73 -3.55 -26.79 -3.78
N GLN C 74 -4.72 -26.36 -4.09
CA GLN C 74 -5.70 -26.03 -3.03
C GLN C 74 -6.21 -27.32 -2.42
N ASP C 75 -6.23 -27.39 -1.13
CA ASP C 75 -6.68 -28.63 -0.45
C ASP C 75 -5.47 -29.38 0.08
N ASP C 76 -4.39 -29.37 -0.65
CA ASP C 76 -3.16 -30.08 -0.19
C ASP C 76 -2.61 -29.39 1.06
N TYR C 77 -2.00 -30.15 1.92
CA TYR C 77 -1.43 -29.57 3.17
C TYR C 77 0.09 -29.39 2.99
N LEU C 78 0.55 -28.23 3.29
CA LEU C 78 1.99 -27.91 3.17
C LEU C 78 2.64 -28.14 4.52
N GLU C 79 3.61 -28.99 4.55
CA GLU C 79 4.29 -29.32 5.82
C GLU C 79 5.71 -28.85 5.66
N LEU C 80 6.09 -27.89 6.41
CA LEU C 80 7.46 -27.34 6.23
C LEU C 80 8.33 -27.51 7.47
N THR C 81 9.42 -28.20 7.32
CA THR C 81 10.38 -28.37 8.46
C THR C 81 11.41 -27.24 8.37
N LEU C 82 11.35 -26.30 9.28
CA LEU C 82 12.27 -25.17 9.26
C LEU C 82 13.36 -25.48 10.23
N ILE C 83 14.49 -24.98 9.96
CA ILE C 83 15.65 -25.27 10.85
C ILE C 83 16.53 -24.02 11.01
N ASN C 84 16.75 -23.64 12.23
CA ASN C 84 17.62 -22.46 12.52
C ASN C 84 18.93 -22.99 13.09
N PRO C 85 19.94 -23.03 12.26
CA PRO C 85 21.28 -23.56 12.63
C PRO C 85 21.94 -22.86 13.82
N GLU C 86 22.73 -23.57 14.58
CA GLU C 86 23.42 -22.94 15.74
C GLU C 86 24.29 -21.75 15.27
N THR C 87 24.78 -21.79 14.05
CA THR C 87 25.64 -20.66 13.55
C THR C 87 24.89 -19.32 13.61
N ASN C 88 23.58 -19.33 13.53
CA ASN C 88 22.83 -18.04 13.55
C ASN C 88 22.86 -17.45 14.96
N THR C 89 22.38 -16.25 15.11
CA THR C 89 22.38 -15.61 16.46
C THR C 89 20.98 -15.04 16.84
N LEU C 90 19.96 -15.20 16.02
CA LEU C 90 18.62 -14.63 16.42
C LEU C 90 17.50 -15.66 16.24
N MET C 91 16.53 -15.69 17.14
CA MET C 91 15.40 -16.66 16.97
C MET C 91 14.45 -16.15 15.88
N HIS C 92 13.99 -17.03 15.01
CA HIS C 92 13.08 -16.60 13.93
C HIS C 92 11.71 -17.29 14.08
N ASN C 93 10.99 -17.34 13.00
CA ASN C 93 9.64 -17.97 12.97
C ASN C 93 9.04 -17.71 11.57
N ILE C 94 8.07 -18.48 11.13
CA ILE C 94 7.51 -18.24 9.77
C ILE C 94 5.98 -18.09 9.81
N ASP C 95 5.47 -17.04 9.23
CA ASP C 95 4.00 -16.83 9.17
C ASP C 95 3.55 -16.83 7.69
N PHE C 96 2.82 -17.84 7.28
CA PHE C 96 2.38 -17.92 5.87
C PHE C 96 0.98 -17.33 5.72
N HIS C 97 0.88 -16.28 4.97
CA HIS C 97 -0.44 -15.62 4.74
C HIS C 97 -1.47 -16.65 4.23
N ALA C 98 -1.02 -17.69 3.58
CA ALA C 98 -1.97 -18.70 3.03
C ALA C 98 -2.41 -19.73 4.09
N ALA C 99 -2.10 -19.49 5.33
CA ALA C 99 -2.53 -20.44 6.40
C ALA C 99 -3.57 -19.77 7.28
N THR C 100 -4.21 -20.52 8.13
CA THR C 100 -5.26 -19.91 9.02
C THR C 100 -5.10 -20.39 10.47
N GLY C 101 -4.69 -19.51 11.35
CA GLY C 101 -4.55 -19.88 12.81
C GLY C 101 -3.09 -19.69 13.31
N ALA C 102 -2.90 -19.16 14.52
CA ALA C 102 -1.51 -19.00 15.05
C ALA C 102 -0.71 -17.93 14.28
N LEU C 103 -1.31 -16.79 14.05
CA LEU C 103 -0.58 -15.69 13.34
C LEU C 103 0.06 -16.20 12.05
N GLY C 104 -0.60 -17.10 11.37
CA GLY C 104 -0.04 -17.62 10.09
C GLY C 104 1.08 -18.64 10.37
N GLY C 105 1.08 -19.24 11.52
CA GLY C 105 2.14 -20.25 11.84
C GLY C 105 3.31 -19.62 12.63
N GLY C 106 3.33 -18.33 12.83
CA GLY C 106 4.46 -17.70 13.58
C GLY C 106 4.36 -18.04 15.08
N GLY C 107 3.17 -18.20 15.59
CA GLY C 107 3.02 -18.52 17.05
C GLY C 107 3.46 -19.96 17.36
N LEU C 108 3.56 -20.82 16.37
CA LEU C 108 3.97 -22.23 16.64
C LEU C 108 5.27 -22.60 15.88
N THR C 109 6.09 -21.64 15.55
CA THR C 109 7.37 -21.94 14.83
C THR C 109 8.54 -21.06 15.37
N GLU C 110 8.46 -20.52 16.56
CA GLU C 110 9.58 -19.70 17.09
C GLU C 110 10.71 -20.64 17.46
N ILE C 111 11.80 -20.60 16.74
CA ILE C 111 12.91 -21.54 17.04
C ILE C 111 14.21 -20.78 17.18
N ASN C 112 14.87 -20.92 18.28
CA ASN C 112 16.16 -20.22 18.48
C ASN C 112 17.30 -21.07 17.91
N PRO C 113 18.43 -20.46 17.65
CA PRO C 113 19.61 -21.17 17.11
C PRO C 113 19.73 -22.59 17.68
N GLY C 114 19.93 -23.56 16.83
CA GLY C 114 20.03 -24.97 17.32
C GLY C 114 18.64 -25.61 17.50
N GLU C 115 17.59 -25.04 16.94
CA GLU C 115 16.24 -25.65 17.10
C GLU C 115 15.50 -25.70 15.74
N LYS C 116 14.74 -26.74 15.50
CA LYS C 116 13.96 -26.86 14.23
C LYS C 116 12.56 -27.38 14.54
N THR C 117 11.59 -27.03 13.76
CA THR C 117 10.22 -27.49 14.03
C THR C 117 9.57 -27.89 12.72
N ILE C 118 8.38 -28.39 12.81
CA ILE C 118 7.65 -28.80 11.59
C ILE C 118 6.19 -28.35 11.72
N LEU C 119 5.72 -27.55 10.81
CA LEU C 119 4.32 -27.07 10.90
C LEU C 119 3.57 -27.46 9.64
N ARG C 120 2.39 -27.97 9.80
CA ARG C 120 1.60 -28.38 8.61
C ARG C 120 0.25 -27.65 8.60
N PHE C 121 -0.08 -27.01 7.52
CA PHE C 121 -1.37 -26.29 7.43
C PHE C 121 -2.08 -26.66 6.11
N LYS C 122 -3.39 -26.57 6.09
CA LYS C 122 -4.17 -26.89 4.88
C LYS C 122 -4.27 -25.64 4.00
N ALA C 123 -3.97 -25.80 2.76
CA ALA C 123 -4.03 -24.68 1.80
C ALA C 123 -5.45 -24.62 1.32
N THR C 124 -6.23 -23.88 2.01
CA THR C 124 -7.70 -23.84 1.69
C THR C 124 -8.10 -22.76 0.66
N LYS C 125 -7.21 -21.90 0.28
CA LYS C 125 -7.57 -20.83 -0.68
C LYS C 125 -6.52 -20.79 -1.79
N PRO C 126 -6.96 -20.69 -3.01
CA PRO C 126 -6.06 -20.66 -4.19
C PRO C 126 -5.51 -19.26 -4.48
N GLY C 127 -4.21 -19.14 -4.67
CA GLY C 127 -3.65 -17.79 -4.98
C GLY C 127 -2.24 -17.64 -4.39
N VAL C 128 -1.45 -16.77 -4.96
CA VAL C 128 -0.08 -16.55 -4.46
C VAL C 128 -0.19 -15.78 -3.15
N PHE C 129 0.67 -16.07 -2.23
CA PHE C 129 0.59 -15.39 -0.93
C PHE C 129 2.00 -15.18 -0.43
N VAL C 130 2.21 -14.19 0.36
CA VAL C 130 3.62 -13.95 0.85
C VAL C 130 3.87 -14.51 2.28
N TYR C 131 4.94 -15.28 2.47
CA TYR C 131 5.29 -15.79 3.80
C TYR C 131 6.44 -14.94 4.32
N HIS C 132 6.60 -14.81 5.60
CA HIS C 132 7.70 -13.95 6.13
C HIS C 132 7.87 -14.15 7.64
N CYS C 133 9.10 -14.12 8.12
CA CYS C 133 9.34 -14.34 9.58
C CYS C 133 8.86 -13.10 10.34
N ALA C 134 8.39 -13.27 11.54
CA ALA C 134 7.90 -12.08 12.29
C ALA C 134 7.96 -12.34 13.79
N PRO C 135 9.13 -12.36 14.34
CA PRO C 135 9.33 -12.58 15.80
C PRO C 135 8.74 -11.41 16.61
N PRO C 136 7.88 -11.71 17.55
CA PRO C 136 7.23 -10.66 18.40
C PRO C 136 8.19 -9.54 18.84
N GLY C 137 7.89 -8.30 18.51
CA GLY C 137 8.79 -7.18 18.93
C GLY C 137 9.80 -6.78 17.83
N MET C 138 10.12 -7.65 16.90
CA MET C 138 11.11 -7.28 15.86
C MET C 138 10.62 -7.77 14.51
N VAL C 139 9.36 -7.58 14.26
CA VAL C 139 8.79 -8.04 12.96
C VAL C 139 9.42 -7.30 11.76
N PRO C 140 9.16 -6.03 11.64
CA PRO C 140 9.65 -5.18 10.52
C PRO C 140 11.14 -5.37 10.24
N TRP C 141 11.92 -5.56 11.27
CA TRP C 141 13.39 -5.75 11.07
C TRP C 141 13.67 -7.05 10.30
N HIS C 142 13.08 -8.14 10.71
CA HIS C 142 13.32 -9.44 10.03
C HIS C 142 12.82 -9.39 8.58
N VAL C 143 11.70 -8.78 8.34
CA VAL C 143 11.15 -8.73 6.95
C VAL C 143 12.06 -7.87 6.06
N VAL C 144 12.44 -6.71 6.53
CA VAL C 144 13.30 -5.81 5.70
C VAL C 144 14.64 -6.49 5.47
N SER C 145 15.09 -7.24 6.43
CA SER C 145 16.39 -7.95 6.27
C SER C 145 16.31 -9.00 5.14
N GLY C 146 15.19 -9.15 4.50
CA GLY C 146 15.05 -10.15 3.41
C GLY C 146 14.52 -11.48 3.94
N MET C 147 13.79 -11.48 5.03
CA MET C 147 13.26 -12.77 5.55
C MET C 147 11.80 -12.93 5.09
N ASN C 148 11.61 -13.15 3.82
CA ASN C 148 10.23 -13.29 3.31
C ASN C 148 10.26 -13.79 1.85
N GLY C 149 9.27 -14.52 1.47
CA GLY C 149 9.19 -15.06 0.07
C GLY C 149 7.71 -15.19 -0.32
N ALA C 150 7.31 -16.28 -0.94
CA ALA C 150 5.87 -16.41 -1.32
C ALA C 150 5.55 -17.83 -1.83
N ILE C 151 4.36 -18.32 -1.55
CA ILE C 151 3.96 -19.67 -2.03
C ILE C 151 2.76 -19.55 -2.97
N MET C 152 2.63 -20.44 -3.91
CA MET C 152 1.49 -20.38 -4.87
C MET C 152 0.62 -21.64 -4.76
N VAL C 153 -0.59 -21.48 -4.30
CA VAL C 153 -1.52 -22.63 -4.17
C VAL C 153 -2.39 -22.57 -5.40
N LEU C 154 -2.14 -23.43 -6.32
CA LEU C 154 -2.90 -23.35 -7.61
C LEU C 154 -4.16 -24.20 -7.59
N PRO C 155 -5.22 -23.70 -8.17
CA PRO C 155 -6.49 -24.46 -8.27
C PRO C 155 -6.23 -25.89 -8.76
N ARG C 156 -6.89 -26.87 -8.20
CA ARG C 156 -6.67 -28.27 -8.62
C ARG C 156 -6.72 -28.39 -10.13
N GLU C 157 -7.59 -27.66 -10.76
CA GLU C 157 -7.71 -27.73 -12.25
C GLU C 157 -6.79 -26.70 -12.96
N GLY C 158 -5.80 -26.16 -12.29
CA GLY C 158 -4.90 -25.17 -12.97
C GLY C 158 -5.51 -23.77 -12.92
N LEU C 159 -4.96 -22.86 -13.68
CA LEU C 159 -5.51 -21.46 -13.68
C LEU C 159 -6.45 -21.26 -14.87
N HIS C 160 -7.45 -20.42 -14.70
CA HIS C 160 -8.41 -20.15 -15.80
C HIS C 160 -8.73 -18.64 -15.77
N ASP C 161 -9.16 -18.11 -16.87
CA ASP C 161 -9.48 -16.64 -16.92
C ASP C 161 -10.74 -16.35 -16.11
N GLY C 162 -11.39 -15.24 -16.38
CA GLY C 162 -12.63 -14.89 -15.61
C GLY C 162 -13.85 -15.66 -16.18
N LYS C 163 -13.79 -16.11 -17.40
CA LYS C 163 -14.96 -16.85 -17.97
C LYS C 163 -14.86 -18.36 -17.70
N GLY C 164 -13.73 -18.82 -17.22
CA GLY C 164 -13.59 -20.30 -16.95
C GLY C 164 -12.57 -20.97 -17.92
N LYS C 165 -12.14 -20.32 -18.97
CA LYS C 165 -11.18 -20.96 -19.92
C LYS C 165 -9.88 -21.26 -19.20
N ALA C 166 -9.20 -22.28 -19.60
CA ALA C 166 -7.91 -22.64 -18.94
C ALA C 166 -6.72 -21.82 -19.51
N LEU C 167 -5.94 -21.22 -18.63
CA LEU C 167 -4.74 -20.46 -19.02
C LEU C 167 -3.55 -21.25 -18.50
N THR C 168 -2.74 -21.73 -19.39
CA THR C 168 -1.61 -22.56 -18.99
C THR C 168 -0.37 -21.85 -19.39
N TYR C 169 0.56 -21.82 -18.54
CA TYR C 169 1.82 -21.09 -18.85
C TYR C 169 2.96 -22.06 -19.14
N ASP C 170 3.82 -21.71 -20.06
CA ASP C 170 4.99 -22.58 -20.37
C ASP C 170 6.16 -22.28 -19.41
N LYS C 171 6.24 -21.08 -18.87
CA LYS C 171 7.36 -20.76 -17.95
C LYS C 171 6.86 -19.87 -16.81
N ILE C 172 7.36 -20.08 -15.63
CA ILE C 172 6.93 -19.25 -14.47
C ILE C 172 8.16 -18.77 -13.67
N TYR C 173 8.21 -17.49 -13.38
CA TYR C 173 9.36 -16.93 -12.62
C TYR C 173 8.79 -16.20 -11.41
N TYR C 174 9.51 -16.19 -10.34
CA TYR C 174 9.05 -15.51 -9.11
C TYR C 174 10.02 -14.41 -8.75
N VAL C 175 9.57 -13.19 -8.81
CA VAL C 175 10.46 -12.04 -8.50
C VAL C 175 10.03 -11.40 -7.18
N GLY C 176 10.80 -11.61 -6.16
CA GLY C 176 10.50 -11.03 -4.83
C GLY C 176 11.19 -9.69 -4.71
N GLU C 177 10.44 -8.67 -4.47
CA GLU C 177 10.99 -7.31 -4.36
C GLU C 177 11.30 -7.08 -2.91
N GLN C 178 12.30 -6.33 -2.65
CA GLN C 178 12.66 -6.08 -1.23
C GLN C 178 13.14 -4.65 -1.02
N ASP C 179 12.53 -3.95 -0.12
CA ASP C 179 12.96 -2.55 0.16
C ASP C 179 13.88 -2.56 1.39
N PHE C 180 15.10 -2.14 1.24
CA PHE C 180 16.02 -2.15 2.39
C PHE C 180 16.11 -0.75 2.99
N TYR C 181 16.88 -0.64 4.02
CA TYR C 181 17.06 0.67 4.71
C TYR C 181 18.46 0.64 5.30
N VAL C 182 19.43 1.00 4.52
CA VAL C 182 20.83 0.91 4.99
C VAL C 182 21.28 2.21 5.61
N PRO C 183 21.81 2.12 6.79
CA PRO C 183 22.33 3.32 7.52
C PRO C 183 23.60 3.91 6.87
N ARG C 184 23.70 5.23 6.79
CA ARG C 184 24.89 5.87 6.19
C ARG C 184 25.56 6.73 7.25
N ASP C 185 26.82 7.00 7.09
CA ASP C 185 27.55 7.83 8.10
C ASP C 185 27.29 9.33 7.87
N GLU C 186 28.20 10.19 8.27
CA GLU C 186 27.98 11.66 8.08
C GLU C 186 28.33 12.08 6.65
N ASN C 187 29.24 11.38 6.00
CA ASN C 187 29.62 11.77 4.61
C ASN C 187 28.63 11.18 3.57
N GLY C 188 27.71 10.35 3.97
CA GLY C 188 26.74 9.77 2.99
C GLY C 188 27.16 8.34 2.56
N LYS C 189 28.23 7.79 3.09
CA LYS C 189 28.64 6.41 2.70
C LYS C 189 27.90 5.37 3.54
N TYR C 190 27.45 4.31 2.92
CA TYR C 190 26.73 3.26 3.66
C TYR C 190 27.65 2.70 4.72
N LYS C 191 27.11 2.32 5.82
CA LYS C 191 27.95 1.78 6.92
C LYS C 191 27.89 0.24 6.91
N LYS C 192 28.97 -0.38 7.28
CA LYS C 192 28.99 -1.86 7.32
C LYS C 192 29.30 -2.29 8.74
N TYR C 193 28.85 -3.44 9.14
CA TYR C 193 29.12 -3.87 10.52
C TYR C 193 29.71 -5.25 10.52
N GLU C 194 29.67 -5.91 11.62
CA GLU C 194 30.24 -7.29 11.69
C GLU C 194 29.14 -8.29 12.09
N ALA C 195 28.09 -7.84 12.74
CA ALA C 195 27.02 -8.77 13.14
C ALA C 195 25.68 -8.14 12.81
N PRO C 196 24.65 -8.92 12.87
CA PRO C 196 23.26 -8.46 12.57
C PRO C 196 22.70 -7.53 13.65
N GLY C 197 22.98 -7.81 14.90
CA GLY C 197 22.44 -6.95 15.99
C GLY C 197 23.15 -5.57 16.01
N ASP C 198 24.40 -5.52 15.63
CA ASP C 198 25.14 -4.22 15.65
C ASP C 198 24.46 -3.20 14.74
N ALA C 199 23.73 -3.64 13.75
CA ALA C 199 23.06 -2.67 12.82
C ALA C 199 21.54 -2.54 13.11
N TYR C 200 21.07 -3.00 14.24
CA TYR C 200 19.60 -2.87 14.55
C TYR C 200 19.17 -1.40 14.85
N GLU C 201 19.84 -0.69 15.74
CA GLU C 201 19.41 0.69 16.08
C GLU C 201 19.53 1.61 14.87
N ASP C 202 20.64 1.56 14.20
CA ASP C 202 20.85 2.45 13.01
C ASP C 202 19.83 2.11 11.93
N THR C 203 19.53 0.87 11.76
CA THR C 203 18.54 0.48 10.71
C THR C 203 17.15 1.00 11.09
N VAL C 204 16.73 0.79 12.30
CA VAL C 204 15.38 1.27 12.73
C VAL C 204 15.23 2.75 12.38
N LYS C 205 16.24 3.53 12.68
CA LYS C 205 16.16 4.98 12.37
C LYS C 205 15.84 5.18 10.89
N VAL C 206 16.48 4.44 10.02
CA VAL C 206 16.21 4.59 8.56
C VAL C 206 14.82 4.05 8.24
N MET C 207 14.45 2.94 8.83
CA MET C 207 13.11 2.36 8.53
C MET C 207 12.00 3.34 8.92
N ARG C 208 12.17 4.08 9.98
CA ARG C 208 11.11 5.05 10.40
C ARG C 208 10.87 6.09 9.29
N THR C 209 11.91 6.49 8.62
CA THR C 209 11.75 7.50 7.54
C THR C 209 10.83 6.98 6.42
N LEU C 210 10.46 5.72 6.44
CA LEU C 210 9.57 5.19 5.36
C LEU C 210 10.19 5.48 3.98
N THR C 211 11.50 5.55 3.91
CA THR C 211 12.15 5.82 2.60
C THR C 211 13.30 4.83 2.43
N PRO C 212 13.08 3.80 1.66
CA PRO C 212 14.11 2.74 1.42
C PRO C 212 15.32 3.22 0.61
N THR C 213 16.52 2.96 1.09
CA THR C 213 17.73 3.40 0.33
C THR C 213 17.86 2.55 -0.96
N HIS C 214 17.29 1.38 -1.00
CA HIS C 214 17.40 0.53 -2.22
C HIS C 214 16.19 -0.40 -2.30
N VAL C 215 15.59 -0.49 -3.46
CA VAL C 215 14.41 -1.37 -3.62
C VAL C 215 14.75 -2.25 -4.79
N VAL C 216 14.92 -3.51 -4.59
CA VAL C 216 15.37 -4.28 -5.76
C VAL C 216 14.68 -5.61 -5.86
N PHE C 217 15.12 -6.40 -6.78
CA PHE C 217 14.50 -7.73 -6.98
C PHE C 217 15.57 -8.81 -6.86
N ASN C 218 15.28 -9.86 -6.15
CA ASN C 218 16.29 -10.96 -5.97
C ASN C 218 17.38 -10.61 -4.93
N GLY C 219 17.22 -9.55 -4.16
CA GLY C 219 18.25 -9.20 -3.13
C GLY C 219 19.44 -8.34 -3.69
N ALA C 220 19.36 -7.69 -4.84
CA ALA C 220 20.53 -6.85 -5.27
C ALA C 220 20.22 -6.03 -6.54
N VAL C 221 20.65 -4.78 -6.58
CA VAL C 221 20.42 -3.97 -7.81
C VAL C 221 21.08 -4.69 -8.98
N GLY C 222 20.36 -4.90 -10.04
CA GLY C 222 20.95 -5.62 -11.20
C GLY C 222 21.05 -7.14 -10.93
N ALA C 223 20.23 -7.69 -10.04
CA ALA C 223 20.31 -9.16 -9.78
C ALA C 223 19.68 -10.00 -10.92
N LEU C 224 18.55 -9.60 -11.46
CA LEU C 224 17.88 -10.40 -12.55
C LEU C 224 18.20 -9.86 -13.95
N THR C 225 19.41 -9.46 -14.18
CA THR C 225 19.85 -8.97 -15.52
C THR C 225 21.24 -9.55 -15.83
N GLY C 226 21.56 -9.73 -17.08
CA GLY C 226 22.88 -10.32 -17.45
C GLY C 226 22.75 -11.83 -17.40
N ASP C 227 23.57 -12.47 -16.62
CA ASP C 227 23.46 -13.96 -16.52
C ASP C 227 22.12 -14.37 -15.87
N LYS C 228 21.49 -13.48 -15.12
CA LYS C 228 20.18 -13.85 -14.48
C LYS C 228 18.97 -13.31 -15.27
N ALA C 229 19.17 -12.60 -16.35
CA ALA C 229 17.98 -12.08 -17.11
C ALA C 229 17.03 -13.24 -17.45
N MET C 230 15.76 -13.09 -17.15
CA MET C 230 14.80 -14.16 -17.47
C MET C 230 14.87 -14.43 -18.96
N THR C 231 14.20 -15.43 -19.40
CA THR C 231 14.20 -15.76 -20.84
C THR C 231 12.79 -16.19 -21.29
N ALA C 232 12.49 -15.95 -22.54
CA ALA C 232 11.16 -16.33 -23.10
C ALA C 232 11.22 -16.14 -24.63
N ALA C 233 10.46 -16.91 -25.38
CA ALA C 233 10.49 -16.78 -26.85
C ALA C 233 9.10 -16.41 -27.36
N VAL C 234 9.05 -15.69 -28.43
CA VAL C 234 7.75 -15.27 -29.01
C VAL C 234 6.83 -16.46 -29.05
N GLY C 235 5.61 -16.27 -28.64
CA GLY C 235 4.63 -17.40 -28.63
C GLY C 235 4.61 -18.14 -27.26
N GLU C 236 5.51 -17.84 -26.36
CA GLU C 236 5.53 -18.52 -25.05
C GLU C 236 4.69 -17.74 -24.04
N LYS C 237 4.03 -18.44 -23.18
CA LYS C 237 3.18 -17.80 -22.15
C LYS C 237 3.94 -17.91 -20.86
N VAL C 238 4.04 -16.86 -20.14
CA VAL C 238 4.83 -16.90 -18.90
C VAL C 238 4.10 -16.23 -17.76
N LEU C 239 4.11 -16.86 -16.63
CA LEU C 239 3.45 -16.29 -15.43
C LEU C 239 4.53 -15.72 -14.52
N ILE C 240 4.44 -14.46 -14.18
CA ILE C 240 5.46 -13.82 -13.33
C ILE C 240 4.85 -13.45 -11.97
N VAL C 241 5.13 -14.25 -10.98
CA VAL C 241 4.62 -13.97 -9.62
C VAL C 241 5.54 -12.96 -8.97
N HIS C 242 4.98 -12.04 -8.28
CA HIS C 242 5.80 -10.99 -7.65
C HIS C 242 5.27 -10.74 -6.25
N SER C 243 6.14 -10.59 -5.32
CA SER C 243 5.68 -10.36 -3.92
C SER C 243 6.49 -9.26 -3.23
N GLN C 244 5.83 -8.55 -2.35
CA GLN C 244 6.45 -7.46 -1.55
C GLN C 244 5.85 -7.58 -0.14
N ALA C 245 6.63 -8.04 0.80
CA ALA C 245 6.12 -8.27 2.18
C ALA C 245 6.60 -7.16 3.11
N ASN C 246 6.45 -5.98 2.65
CA ASN C 246 6.85 -4.77 3.43
C ASN C 246 6.86 -3.50 2.54
N ARG C 247 5.99 -3.38 1.54
CA ARG C 247 6.02 -2.14 0.72
C ARG C 247 5.14 -2.30 -0.51
N ASP C 248 4.40 -1.29 -0.88
CA ASP C 248 3.53 -1.42 -2.10
C ASP C 248 4.36 -1.17 -3.40
N THR C 249 4.19 -2.01 -4.41
CA THR C 249 4.92 -1.81 -5.69
C THR C 249 3.90 -1.73 -6.83
N ARG C 250 4.37 -1.53 -8.01
CA ARG C 250 3.48 -1.44 -9.21
C ARG C 250 4.23 -1.99 -10.42
N PRO C 251 4.15 -3.28 -10.60
CA PRO C 251 4.85 -4.01 -11.69
C PRO C 251 4.49 -3.50 -13.09
N HIS C 252 5.42 -3.57 -13.98
CA HIS C 252 5.18 -3.13 -15.39
C HIS C 252 6.25 -3.72 -16.35
N LEU C 253 5.82 -4.54 -17.29
CA LEU C 253 6.75 -5.13 -18.29
C LEU C 253 6.90 -4.15 -19.45
N ILE C 254 8.04 -3.56 -19.55
CA ILE C 254 8.34 -2.57 -20.60
C ILE C 254 8.31 -3.27 -21.93
N GLY C 255 7.53 -2.76 -22.81
CA GLY C 255 7.43 -3.41 -24.15
C GLY C 255 6.28 -4.44 -24.16
N GLY C 256 5.76 -4.83 -23.02
CA GLY C 256 4.66 -5.83 -23.01
C GLY C 256 3.57 -5.39 -22.05
N HIS C 257 2.78 -6.31 -21.59
CA HIS C 257 1.68 -5.96 -20.66
C HIS C 257 1.20 -7.23 -19.94
N GLY C 258 0.40 -7.06 -18.93
CA GLY C 258 -0.12 -8.23 -18.18
C GLY C 258 -1.44 -8.64 -18.80
N ASP C 259 -1.41 -9.60 -19.66
CA ASP C 259 -2.66 -10.03 -20.34
C ASP C 259 -3.72 -10.27 -19.28
N TYR C 260 -3.41 -11.12 -18.37
CA TYR C 260 -4.34 -11.42 -17.25
C TYR C 260 -3.56 -11.21 -15.96
N VAL C 261 -4.03 -10.39 -15.06
CA VAL C 261 -3.22 -10.15 -13.83
C VAL C 261 -4.06 -10.24 -12.56
N TRP C 262 -3.85 -11.26 -11.79
CA TRP C 262 -4.57 -11.38 -10.49
C TRP C 262 -3.83 -10.46 -9.55
N ALA C 263 -4.18 -9.21 -9.58
CA ALA C 263 -3.45 -8.18 -8.80
C ALA C 263 -3.49 -8.53 -7.33
N THR C 264 -4.61 -8.93 -6.89
CA THR C 264 -4.77 -9.29 -5.45
C THR C 264 -4.07 -10.63 -5.15
N GLY C 265 -3.60 -11.31 -6.16
CA GLY C 265 -2.92 -12.63 -5.89
C GLY C 265 -3.94 -13.70 -5.39
N LYS C 266 -5.18 -13.60 -5.79
CA LYS C 266 -6.20 -14.59 -5.37
C LYS C 266 -6.84 -15.12 -6.66
N PHE C 267 -6.81 -16.39 -6.85
CA PHE C 267 -7.36 -16.98 -8.12
C PHE C 267 -8.89 -16.81 -8.18
N ASN C 268 -9.56 -16.97 -7.09
CA ASN C 268 -11.04 -16.85 -7.08
C ASN C 268 -11.43 -15.48 -7.59
N THR C 269 -10.63 -14.50 -7.31
CA THR C 269 -10.95 -13.13 -7.77
C THR C 269 -10.56 -13.00 -9.25
N PRO C 270 -11.52 -12.75 -10.10
CA PRO C 270 -11.27 -12.61 -11.57
C PRO C 270 -10.02 -11.77 -11.87
N PRO C 271 -9.19 -12.18 -12.81
CA PRO C 271 -7.94 -11.42 -13.14
C PRO C 271 -8.15 -10.20 -14.08
N ASP C 272 -7.74 -9.00 -13.69
CA ASP C 272 -7.90 -7.86 -14.61
C ASP C 272 -7.29 -8.27 -15.95
N VAL C 273 -7.49 -7.52 -16.98
CA VAL C 273 -6.91 -7.93 -18.30
C VAL C 273 -6.38 -6.70 -19.07
N ASP C 274 -5.38 -6.91 -19.89
CA ASP C 274 -4.82 -5.81 -20.70
C ASP C 274 -4.28 -4.79 -19.73
N GLN C 275 -3.44 -5.22 -18.85
CA GLN C 275 -2.92 -4.24 -17.83
C GLN C 275 -1.53 -3.69 -18.19
N GLU C 276 -1.37 -2.37 -18.22
CA GLU C 276 -0.02 -1.78 -18.49
C GLU C 276 0.83 -1.79 -17.20
N THR C 277 0.24 -1.48 -16.06
CA THR C 277 0.97 -1.45 -14.78
C THR C 277 -0.02 -1.87 -13.69
N TRP C 278 0.31 -2.85 -12.93
CA TRP C 278 -0.63 -3.33 -11.89
C TRP C 278 -0.31 -2.70 -10.55
N PHE C 279 -0.79 -3.28 -9.48
CA PHE C 279 -0.52 -2.72 -8.14
C PHE C 279 -0.63 -3.81 -7.07
N ILE C 280 0.45 -4.07 -6.37
CA ILE C 280 0.44 -5.10 -5.30
C ILE C 280 0.79 -4.39 -4.00
N PRO C 281 -0.12 -4.39 -3.07
CA PRO C 281 0.06 -3.70 -1.75
C PRO C 281 1.01 -4.43 -0.79
N GLY C 282 1.91 -3.70 -0.18
CA GLY C 282 2.83 -4.32 0.79
C GLY C 282 2.07 -5.40 1.54
N GLY C 283 2.72 -6.47 1.82
CA GLY C 283 2.06 -7.60 2.52
C GLY C 283 1.23 -8.42 1.53
N ALA C 284 1.61 -8.50 0.27
CA ALA C 284 0.76 -9.31 -0.67
C ALA C 284 1.52 -9.69 -1.95
N ALA C 285 1.27 -10.86 -2.48
CA ALA C 285 1.94 -11.27 -3.76
C ALA C 285 0.89 -11.45 -4.87
N GLY C 286 1.15 -10.97 -6.06
CA GLY C 286 0.16 -11.11 -7.16
C GLY C 286 0.75 -12.00 -8.26
N ALA C 287 0.15 -11.97 -9.42
CA ALA C 287 0.65 -12.80 -10.55
C ALA C 287 0.13 -12.23 -11.87
N ALA C 288 0.97 -12.20 -12.87
CA ALA C 288 0.56 -11.67 -14.20
C ALA C 288 0.98 -12.67 -15.27
N PHE C 289 0.09 -12.96 -16.17
CA PHE C 289 0.41 -13.94 -17.24
C PHE C 289 0.40 -13.21 -18.57
N TYR C 290 1.38 -13.41 -19.37
CA TYR C 290 1.43 -12.70 -20.67
C TYR C 290 2.12 -13.55 -21.73
N THR C 291 1.61 -13.51 -22.92
CA THR C 291 2.20 -14.27 -24.04
C THR C 291 3.06 -13.32 -24.85
N PHE C 292 4.33 -13.59 -24.92
CA PHE C 292 5.25 -12.70 -25.67
C PHE C 292 4.94 -12.72 -27.16
N GLN C 293 4.96 -11.57 -27.78
CA GLN C 293 4.69 -11.49 -29.24
C GLN C 293 5.88 -10.86 -30.00
N GLN C 294 6.82 -10.25 -29.31
CA GLN C 294 7.98 -9.63 -30.02
C GLN C 294 9.28 -10.00 -29.32
N PRO C 295 10.31 -10.26 -30.09
CA PRO C 295 11.65 -10.64 -29.57
C PRO C 295 12.50 -9.43 -29.22
N GLY C 296 13.41 -9.57 -28.30
CA GLY C 296 14.26 -8.42 -27.92
C GLY C 296 14.43 -8.41 -26.40
N ILE C 297 14.97 -7.35 -25.88
CA ILE C 297 15.17 -7.26 -24.40
C ILE C 297 14.10 -6.34 -23.80
N TYR C 298 13.39 -6.82 -22.82
CA TYR C 298 12.33 -6.01 -22.17
C TYR C 298 12.65 -5.88 -20.68
N ALA C 299 12.46 -4.73 -20.13
CA ALA C 299 12.75 -4.52 -18.69
C ALA C 299 11.47 -4.67 -17.92
N TYR C 300 11.54 -5.22 -16.75
CA TYR C 300 10.29 -5.42 -15.98
C TYR C 300 10.53 -4.79 -14.64
N VAL C 301 9.83 -3.77 -14.28
CA VAL C 301 10.20 -3.19 -12.97
C VAL C 301 9.10 -2.37 -12.34
N ASN C 302 9.35 -1.98 -11.13
CA ASN C 302 8.39 -1.17 -10.37
C ASN C 302 8.27 0.13 -11.12
N HIS C 303 7.10 0.52 -11.45
CA HIS C 303 6.98 1.77 -12.26
C HIS C 303 7.62 2.90 -11.48
N ASN C 304 7.30 3.09 -10.23
CA ASN C 304 8.04 4.19 -9.56
C ASN C 304 9.41 4.31 -10.30
N LEU C 305 9.47 5.10 -11.36
CA LEU C 305 10.71 5.20 -12.18
C LEU C 305 11.91 5.38 -11.27
N ILE C 306 11.75 6.21 -10.31
CA ILE C 306 12.87 6.46 -9.36
C ILE C 306 13.22 5.15 -8.68
N GLU C 307 12.23 4.51 -8.13
CA GLU C 307 12.48 3.19 -7.47
C GLU C 307 13.06 2.16 -8.48
N ALA C 308 12.67 2.21 -9.74
CA ALA C 308 13.20 1.22 -10.73
C ALA C 308 14.58 1.61 -11.35
N PHE C 309 14.95 2.87 -11.43
CA PHE C 309 16.26 3.19 -12.07
C PHE C 309 17.24 3.75 -11.06
N GLU C 310 16.75 4.52 -10.14
CA GLU C 310 17.66 5.12 -9.12
C GLU C 310 17.82 4.21 -7.88
N LEU C 311 16.85 3.39 -7.54
CA LEU C 311 17.01 2.54 -6.33
C LEU C 311 17.53 1.17 -6.73
N GLY C 312 16.95 0.59 -7.74
CA GLY C 312 17.40 -0.76 -8.20
C GLY C 312 16.20 -1.74 -8.41
N ALA C 313 15.00 -1.28 -8.72
CA ALA C 313 13.88 -2.24 -8.95
C ALA C 313 13.68 -2.46 -10.45
N ALA C 314 14.62 -3.07 -11.14
CA ALA C 314 14.44 -3.30 -12.60
C ALA C 314 15.19 -4.55 -13.06
N ALA C 315 14.49 -5.51 -13.63
CA ALA C 315 15.16 -6.74 -14.12
C ALA C 315 15.01 -6.75 -15.63
N HIS C 316 15.46 -7.75 -16.30
CA HIS C 316 15.29 -7.73 -17.79
C HIS C 316 15.06 -9.13 -18.39
N PHE C 317 14.06 -9.27 -19.26
CA PHE C 317 13.83 -10.59 -19.93
C PHE C 317 14.31 -10.55 -21.41
N LYS C 318 15.10 -11.52 -21.83
CA LYS C 318 15.61 -11.59 -23.20
C LYS C 318 14.72 -12.57 -23.91
N VAL C 319 14.19 -12.19 -25.01
CA VAL C 319 13.25 -13.07 -25.71
C VAL C 319 13.73 -13.28 -27.11
N THR C 320 13.60 -14.47 -27.56
CA THR C 320 14.06 -14.79 -28.95
C THR C 320 12.86 -15.03 -29.84
N GLY C 321 13.03 -14.91 -31.13
CA GLY C 321 11.87 -15.14 -32.06
C GLY C 321 11.98 -14.21 -33.28
N GLU C 322 10.89 -14.02 -33.97
CA GLU C 322 10.90 -13.14 -35.17
C GLU C 322 10.09 -11.89 -34.84
N TRP C 323 10.54 -10.77 -35.31
CA TRP C 323 9.84 -9.50 -35.04
C TRP C 323 8.56 -9.46 -35.86
N ASN C 324 7.58 -8.79 -35.34
CA ASN C 324 6.27 -8.67 -36.04
C ASN C 324 6.04 -7.20 -36.36
N ASP C 325 6.17 -6.84 -37.60
CA ASP C 325 6.00 -5.42 -37.99
C ASP C 325 4.55 -5.00 -37.78
N ASP C 326 3.64 -5.87 -38.10
CA ASP C 326 2.20 -5.53 -37.93
C ASP C 326 2.01 -4.85 -36.57
N LEU C 327 2.50 -5.45 -35.53
CA LEU C 327 2.38 -4.86 -34.17
C LEU C 327 3.17 -3.55 -34.08
N MET C 328 4.38 -3.49 -34.59
CA MET C 328 5.14 -2.21 -34.47
C MET C 328 6.25 -2.16 -35.50
N THR C 329 6.39 -1.06 -36.16
CA THR C 329 7.46 -0.95 -37.19
C THR C 329 7.98 0.50 -37.26
N SER C 330 9.28 0.68 -37.36
CA SER C 330 9.84 2.06 -37.46
C SER C 330 9.78 2.51 -38.91
N VAL C 331 8.74 3.22 -39.27
CA VAL C 331 8.60 3.67 -40.68
C VAL C 331 9.82 4.50 -41.06
N LEU C 332 10.17 5.41 -40.22
CA LEU C 332 11.36 6.26 -40.50
C LEU C 332 12.32 6.22 -39.31
N ALA C 333 13.42 5.52 -39.44
CA ALA C 333 14.39 5.43 -38.31
C ALA C 333 14.94 6.83 -38.02
N PRO C 334 15.38 7.04 -36.81
CA PRO C 334 15.93 8.34 -36.37
C PRO C 334 16.94 8.90 -37.38
N SER C 335 16.69 10.05 -37.92
CA SER C 335 17.65 10.63 -38.91
C SER C 335 17.71 12.14 -38.74
N GLY C 336 18.24 12.83 -39.70
CA GLY C 336 18.33 14.31 -39.61
C GLY C 336 17.03 14.93 -40.10
N GLU D 1 21.45 -3.39 49.46
CA GLU D 1 21.20 -2.17 48.69
C GLU D 1 20.46 -2.49 47.38
N ASN D 2 20.20 -1.46 46.61
CA ASN D 2 19.39 -1.55 45.41
C ASN D 2 20.20 -1.25 44.17
N ILE D 3 19.93 -2.01 43.10
CA ILE D 3 20.61 -1.78 41.83
C ILE D 3 19.54 -1.58 40.77
N GLU D 4 19.62 -0.44 40.08
CA GLU D 4 18.61 -0.15 39.08
C GLU D 4 19.05 -0.56 37.68
N VAL D 5 18.14 -1.23 36.98
CA VAL D 5 18.45 -1.75 35.64
C VAL D 5 17.39 -1.20 34.68
N HIS D 6 17.77 -0.73 33.50
CA HIS D 6 16.78 -0.25 32.54
C HIS D 6 16.64 -1.25 31.38
N MET D 7 15.42 -1.33 30.89
CA MET D 7 15.09 -2.15 29.71
C MET D 7 14.87 -1.17 28.55
N LEU D 8 15.65 -1.35 27.51
CA LEU D 8 15.60 -0.44 26.37
C LEU D 8 15.50 -1.14 25.02
N ASN D 9 14.91 -0.44 24.06
CA ASN D 9 14.84 -0.96 22.70
C ASN D 9 16.21 -0.84 22.02
N LYS D 10 17.00 0.13 22.47
CA LYS D 10 18.32 0.29 21.87
C LYS D 10 19.28 0.86 22.91
N GLY D 11 20.49 0.33 22.97
CA GLY D 11 21.45 0.85 23.96
C GLY D 11 22.84 0.62 23.43
N ALA D 12 23.83 0.59 24.31
CA ALA D 12 25.22 0.45 23.88
C ALA D 12 25.50 -0.82 23.09
N GLU D 13 24.92 -1.96 23.50
CA GLU D 13 25.27 -3.18 22.78
C GLU D 13 24.40 -3.45 21.57
N GLY D 14 23.44 -2.60 21.26
CA GLY D 14 22.59 -2.84 20.10
C GLY D 14 21.13 -2.76 20.48
N ALA D 15 20.27 -3.50 19.78
CA ALA D 15 18.84 -3.49 20.03
C ALA D 15 18.49 -4.47 21.18
N MET D 16 17.45 -4.12 21.90
CA MET D 16 16.79 -4.90 22.93
C MET D 16 17.75 -5.30 24.05
N VAL D 17 17.98 -4.39 24.98
CA VAL D 17 19.01 -4.67 25.98
C VAL D 17 18.59 -4.29 27.41
N PHE D 18 19.30 -4.91 28.36
CA PHE D 18 19.18 -4.55 29.78
C PHE D 18 20.45 -3.72 30.03
N GLU D 19 20.34 -2.61 30.75
CA GLU D 19 21.53 -1.81 31.07
C GLU D 19 21.49 -1.52 32.58
N PRO D 20 22.44 -2.01 33.36
CA PRO D 20 23.59 -2.83 32.94
C PRO D 20 23.16 -4.28 32.66
N ALA D 21 24.00 -5.05 31.97
CA ALA D 21 23.58 -6.43 31.69
C ALA D 21 24.34 -7.36 32.61
N TYR D 22 25.24 -6.76 33.40
CA TYR D 22 25.99 -7.57 34.38
C TYR D 22 25.71 -6.91 35.74
N ILE D 23 25.11 -7.64 36.65
CA ILE D 23 24.71 -7.07 37.94
C ILE D 23 25.35 -7.86 39.07
N LYS D 24 26.12 -7.12 39.87
CA LYS D 24 26.82 -7.76 40.99
C LYS D 24 26.05 -7.47 42.27
N ALA D 25 25.67 -8.51 43.02
CA ALA D 25 24.86 -8.19 44.19
C ALA D 25 25.16 -9.14 45.34
N ASN D 26 24.60 -8.89 46.51
CA ASN D 26 24.78 -9.80 47.65
C ASN D 26 23.42 -10.25 48.17
N PRO D 27 23.34 -11.34 48.92
CA PRO D 27 22.05 -11.82 49.45
C PRO D 27 21.34 -10.72 50.24
N GLY D 28 20.06 -10.48 49.98
CA GLY D 28 19.32 -9.43 50.63
C GLY D 28 19.24 -8.16 49.78
N ASP D 29 20.06 -8.01 48.74
CA ASP D 29 19.97 -6.82 47.87
C ASP D 29 18.73 -6.89 47.00
N THR D 30 18.33 -5.74 46.44
CA THR D 30 17.23 -5.76 45.49
C THR D 30 17.75 -5.25 44.13
N VAL D 31 17.11 -5.75 43.10
CA VAL D 31 17.37 -5.35 41.73
C VAL D 31 16.03 -4.81 41.21
N THR D 32 16.05 -3.52 40.83
CA THR D 32 14.84 -2.90 40.31
C THR D 32 14.94 -2.73 38.79
N PHE D 33 14.01 -3.39 38.10
CA PHE D 33 13.98 -3.39 36.64
C PHE D 33 12.96 -2.36 36.16
N ILE D 34 13.43 -1.38 35.38
CA ILE D 34 12.57 -0.29 34.92
C ILE D 34 12.43 -0.28 33.41
N PRO D 35 11.24 -0.58 32.90
CA PRO D 35 11.11 -0.53 31.44
C PRO D 35 11.02 0.93 30.96
N VAL D 36 12.12 1.45 30.45
CA VAL D 36 12.17 2.81 29.92
C VAL D 36 11.42 2.88 28.60
N ASP D 37 11.53 1.81 27.82
CA ASP D 37 10.71 1.71 26.60
C ASP D 37 9.64 0.67 26.86
N LYS D 38 8.55 0.68 26.10
CA LYS D 38 7.52 -0.34 26.32
C LYS D 38 7.86 -1.64 25.60
N GLY D 39 7.23 -2.74 26.03
CA GLY D 39 7.37 -4.01 25.39
C GLY D 39 8.32 -4.98 26.08
N HIS D 40 8.77 -4.66 27.29
CA HIS D 40 9.75 -5.51 27.96
C HIS D 40 9.29 -6.03 29.32
N ASN D 41 9.87 -7.15 29.77
CA ASN D 41 9.59 -7.73 31.08
C ASN D 41 10.89 -8.45 31.52
N VAL D 42 10.83 -9.19 32.60
CA VAL D 42 12.01 -9.95 33.05
C VAL D 42 11.49 -11.27 33.59
N GLU D 43 12.20 -12.33 33.26
CA GLU D 43 11.80 -13.71 33.61
C GLU D 43 13.05 -14.55 33.85
N SER D 44 13.08 -15.34 34.91
CA SER D 44 14.27 -16.16 35.13
C SER D 44 14.25 -17.29 34.10
N ILE D 45 15.43 -17.72 33.67
CA ILE D 45 15.49 -18.79 32.67
C ILE D 45 15.60 -20.16 33.36
N LYS D 46 14.82 -21.12 32.91
CA LYS D 46 14.84 -22.48 33.51
C LYS D 46 16.24 -23.09 33.55
N ASP D 47 16.59 -23.55 34.72
CA ASP D 47 17.88 -24.17 34.98
C ASP D 47 19.07 -23.25 34.85
N MET D 48 18.80 -21.94 34.85
CA MET D 48 19.90 -20.98 34.83
C MET D 48 19.76 -20.01 36.00
N ILE D 49 19.28 -20.51 37.12
CA ILE D 49 19.25 -19.82 38.40
C ILE D 49 19.73 -20.83 39.44
N PRO D 50 20.21 -20.36 40.58
CA PRO D 50 20.76 -21.30 41.55
C PRO D 50 19.73 -22.28 42.14
N GLU D 51 20.24 -23.42 42.52
CA GLU D 51 19.55 -24.54 43.11
C GLU D 51 18.28 -24.27 43.90
N GLY D 52 18.28 -23.44 44.94
CA GLY D 52 17.08 -23.23 45.74
C GLY D 52 16.37 -21.91 45.59
N ALA D 53 16.63 -21.26 44.46
CA ALA D 53 16.01 -19.93 44.28
C ALA D 53 14.65 -20.10 43.61
N GLU D 54 13.73 -19.18 43.83
CA GLU D 54 12.43 -19.28 43.20
C GLU D 54 12.43 -18.70 41.78
N LYS D 55 11.66 -19.28 40.89
CA LYS D 55 11.53 -18.76 39.53
C LYS D 55 10.71 -17.48 39.61
N PHE D 56 10.86 -16.57 38.63
CA PHE D 56 10.11 -15.31 38.66
C PHE D 56 9.80 -14.82 37.26
N LYS D 57 8.71 -14.07 37.15
CA LYS D 57 8.33 -13.54 35.84
C LYS D 57 7.50 -12.28 36.06
N SER D 58 7.96 -11.18 35.49
CA SER D 58 7.20 -9.94 35.70
C SER D 58 6.20 -9.68 34.58
N LYS D 59 5.25 -8.75 34.73
CA LYS D 59 4.36 -8.45 33.60
C LYS D 59 5.03 -7.46 32.66
N ILE D 60 4.68 -7.48 31.38
CA ILE D 60 5.28 -6.54 30.44
C ILE D 60 4.95 -5.10 30.80
N ASN D 61 5.92 -4.21 30.72
CA ASN D 61 5.78 -2.80 31.03
C ASN D 61 5.75 -2.39 32.49
N GLU D 62 5.75 -3.35 33.41
CA GLU D 62 5.79 -3.05 34.83
C GLU D 62 7.20 -2.95 35.40
N ASN D 63 7.30 -2.06 36.38
CA ASN D 63 8.52 -1.89 37.17
C ASN D 63 8.56 -3.12 38.07
N TYR D 64 9.67 -3.85 38.13
CA TYR D 64 9.65 -5.03 38.98
C TYR D 64 10.83 -5.02 39.94
N VAL D 65 10.58 -5.34 41.21
CA VAL D 65 11.68 -5.35 42.17
C VAL D 65 11.99 -6.80 42.54
N LEU D 66 13.18 -7.25 42.20
CA LEU D 66 13.59 -8.61 42.54
C LEU D 66 14.41 -8.60 43.81
N THR D 67 14.06 -9.42 44.80
CA THR D 67 14.95 -9.57 45.95
C THR D 67 15.81 -10.81 45.75
N VAL D 68 17.11 -10.69 45.90
CA VAL D 68 17.95 -11.87 45.66
C VAL D 68 18.45 -12.42 47.00
N THR D 69 18.26 -13.72 47.16
CA THR D 69 18.65 -14.40 48.41
C THR D 69 19.76 -15.40 48.18
N GLN D 70 19.53 -16.40 47.34
CA GLN D 70 20.56 -17.43 47.13
C GLN D 70 21.76 -16.96 46.31
N PRO D 71 22.96 -17.29 46.76
CA PRO D 71 24.19 -16.95 46.06
C PRO D 71 24.26 -17.81 44.78
N GLY D 72 25.02 -17.31 43.82
CA GLY D 72 25.10 -18.02 42.55
C GLY D 72 24.80 -17.05 41.41
N ALA D 73 24.85 -17.57 40.19
CA ALA D 73 24.57 -16.76 39.01
C ALA D 73 23.13 -17.04 38.55
N TYR D 74 22.53 -16.00 37.98
CA TYR D 74 21.16 -16.04 37.48
C TYR D 74 21.22 -15.40 36.07
N LEU D 75 20.69 -16.14 35.10
CA LEU D 75 20.56 -15.50 33.78
C LEU D 75 19.08 -15.18 33.63
N VAL D 76 18.77 -13.92 33.36
CA VAL D 76 17.36 -13.57 33.18
C VAL D 76 17.19 -13.09 31.74
N LYS D 77 15.95 -13.22 31.26
CA LYS D 77 15.70 -12.75 29.90
C LYS D 77 14.50 -11.82 29.91
N CYS D 78 14.31 -11.15 28.80
CA CYS D 78 13.05 -10.46 28.51
C CYS D 78 12.26 -11.51 27.72
N THR D 79 11.03 -11.83 28.12
CA THR D 79 10.27 -12.90 27.47
C THR D 79 10.10 -12.64 25.98
N PRO D 80 9.58 -11.50 25.55
CA PRO D 80 9.43 -11.30 24.11
C PRO D 80 10.75 -11.17 23.38
N HIS D 81 11.81 -10.59 23.96
CA HIS D 81 12.99 -10.38 23.12
C HIS D 81 14.20 -11.26 23.43
N TYR D 82 13.98 -12.37 24.13
CA TYR D 82 15.05 -13.29 24.43
C TYR D 82 15.77 -13.75 23.16
N ALA D 83 14.99 -14.09 22.13
CA ALA D 83 15.66 -14.55 20.90
C ALA D 83 16.47 -13.46 20.21
N MET D 84 16.26 -12.19 20.54
CA MET D 84 17.04 -11.09 19.98
C MET D 84 18.19 -10.71 20.89
N GLY D 85 18.43 -11.50 21.93
CA GLY D 85 19.59 -11.29 22.77
C GLY D 85 19.34 -10.57 24.07
N MET D 86 18.09 -10.28 24.42
CA MET D 86 17.89 -9.43 25.61
C MET D 86 18.01 -10.22 26.90
N ILE D 87 19.20 -10.19 27.50
CA ILE D 87 19.42 -10.95 28.75
C ILE D 87 20.25 -10.13 29.72
N ALA D 88 20.31 -10.55 30.98
CA ALA D 88 21.21 -9.95 31.93
C ALA D 88 21.69 -11.11 32.84
N LEU D 89 22.88 -10.93 33.38
CA LEU D 89 23.45 -11.92 34.30
C LEU D 89 23.55 -11.26 35.68
N ILE D 90 22.97 -11.90 36.68
CA ILE D 90 23.07 -11.39 38.04
C ILE D 90 24.02 -12.33 38.79
N ALA D 91 25.07 -11.79 39.39
CA ALA D 91 26.01 -12.62 40.14
C ALA D 91 25.87 -12.25 41.62
N VAL D 92 25.42 -13.22 42.40
CA VAL D 92 25.21 -13.06 43.85
C VAL D 92 26.32 -13.73 44.63
N GLY D 93 27.12 -12.94 45.34
CA GLY D 93 28.21 -13.48 46.14
C GLY D 93 29.44 -13.69 45.27
N ASP D 94 30.55 -14.17 45.81
CA ASP D 94 31.72 -14.34 44.94
C ASP D 94 31.78 -15.75 44.34
N SER D 95 32.52 -15.91 43.27
CA SER D 95 32.74 -17.09 42.45
C SER D 95 31.54 -18.02 42.42
N PRO D 96 30.51 -17.55 41.72
CA PRO D 96 29.23 -18.27 41.66
C PRO D 96 29.45 -19.70 41.15
N ALA D 97 28.97 -20.67 41.91
CA ALA D 97 29.23 -22.07 41.64
C ALA D 97 28.69 -22.50 40.27
N ASN D 98 27.58 -21.89 39.85
CA ASN D 98 26.93 -22.34 38.63
C ASN D 98 27.22 -21.54 37.39
N LEU D 99 28.17 -20.60 37.40
CA LEU D 99 28.49 -19.76 36.27
C LEU D 99 28.96 -20.51 35.02
N ASP D 100 29.91 -21.44 35.15
CA ASP D 100 30.40 -22.20 33.99
C ASP D 100 29.28 -23.04 33.39
N GLN D 101 28.42 -23.58 34.23
CA GLN D 101 27.28 -24.36 33.76
C GLN D 101 26.39 -23.44 32.93
N ILE D 102 26.13 -22.23 33.40
CA ILE D 102 25.26 -21.36 32.60
C ILE D 102 25.91 -20.95 31.30
N VAL D 103 27.21 -20.75 31.32
CA VAL D 103 27.88 -20.34 30.06
C VAL D 103 27.82 -21.48 29.05
N SER D 104 27.89 -22.71 29.52
CA SER D 104 27.84 -23.85 28.59
C SER D 104 26.42 -24.21 28.17
N ALA D 105 25.36 -23.80 28.90
CA ALA D 105 24.01 -24.28 28.56
C ALA D 105 23.54 -23.89 27.18
N LYS D 106 22.59 -24.67 26.66
CA LYS D 106 22.05 -24.37 25.35
C LYS D 106 21.21 -23.09 25.37
N LYS D 107 21.47 -22.20 24.42
CA LYS D 107 20.72 -20.95 24.30
C LYS D 107 20.93 -20.37 22.90
N PRO D 108 20.12 -19.40 22.49
CA PRO D 108 20.30 -18.79 21.16
C PRO D 108 21.70 -18.22 20.97
N LYS D 109 22.17 -18.32 19.72
CA LYS D 109 23.53 -17.86 19.41
C LYS D 109 23.74 -16.41 19.77
N ILE D 110 22.72 -15.60 19.50
CA ILE D 110 22.90 -14.17 19.80
C ILE D 110 22.97 -13.96 21.31
N VAL D 111 22.18 -14.75 22.03
CA VAL D 111 22.27 -14.68 23.51
C VAL D 111 23.68 -15.01 23.98
N GLN D 112 24.19 -16.15 23.48
CA GLN D 112 25.53 -16.61 23.85
C GLN D 112 26.59 -15.55 23.60
N GLU D 113 26.52 -14.89 22.43
CA GLU D 113 27.50 -13.85 22.13
C GLU D 113 27.40 -12.67 23.10
N ARG D 114 26.18 -12.27 23.48
CA ARG D 114 26.13 -11.16 24.44
C ARG D 114 26.58 -11.55 25.84
N LEU D 115 26.24 -12.76 26.25
CA LEU D 115 26.64 -13.31 27.55
C LEU D 115 28.16 -13.30 27.64
N GLU D 116 28.81 -13.79 26.58
CA GLU D 116 30.27 -13.86 26.58
C GLU D 116 30.90 -12.48 26.70
N LYS D 117 30.26 -11.53 26.05
CA LYS D 117 30.76 -10.17 26.12
C LYS D 117 30.61 -9.61 27.52
N VAL D 118 29.42 -9.76 28.10
CA VAL D 118 29.20 -9.24 29.45
C VAL D 118 30.11 -9.87 30.48
N ILE D 119 30.42 -11.16 30.34
CA ILE D 119 31.30 -11.76 31.34
C ILE D 119 32.72 -11.24 31.18
N ALA D 120 33.09 -10.92 29.94
CA ALA D 120 34.44 -10.42 29.67
C ALA D 120 34.53 -8.92 29.98
N SER D 121 33.71 -8.19 29.26
CA SER D 121 33.48 -6.78 29.15
C SER D 121 32.15 -6.31 29.77
N ALA D 122 32.07 -6.42 31.08
CA ALA D 122 30.92 -6.00 31.87
C ALA D 122 31.07 -6.44 33.33
N LYS D 123 31.98 -7.39 33.53
CA LYS D 123 32.26 -7.97 34.84
C LYS D 123 32.78 -6.94 35.85
CU CU E . -12.39 20.89 11.44
CU CU F . -12.42 13.59 0.92
GD GD G . -10.19 4.45 25.63
GD GD H . -18.45 -10.20 24.90
GD GD I . -0.15 -31.42 21.44
CU CU J . 13.19 12.78 -22.92
CU CU K . 6.24 3.17 -18.25
GD GD L . -1.43 27.45 -19.96
GD GD M . -20.82 28.25 -21.95
GD GD N . -33.45 28.55 1.67
CU CU O . 13.46 -13.79 11.37
CU CU P . 2.14 -10.38 6.66
GD GD Q . 22.96 -14.51 -5.99
GD GD R . 17.07 -22.12 -22.00
GD GD S . 14.19 -2.23 -42.19
CU CU T . 12.30 -6.86 25.83
N THR A 2 -42.01 13.15 -4.76
CA THR A 2 -42.43 14.59 -4.75
C THR A 2 -42.08 15.24 -3.40
N ALA A 3 -42.38 16.50 -3.23
CA ALA A 3 -42.06 17.18 -1.94
C ALA A 3 -42.91 16.59 -0.81
N ALA A 4 -44.18 16.37 -1.03
CA ALA A 4 -45.04 15.81 0.05
C ALA A 4 -44.52 14.43 0.46
N GLU A 5 -44.10 13.65 -0.50
CA GLU A 5 -43.58 12.29 -0.16
C GLU A 5 -42.33 12.41 0.72
N ILE A 6 -41.42 13.28 0.37
CA ILE A 6 -40.18 13.43 1.19
C ILE A 6 -40.54 13.93 2.59
N ALA A 7 -41.45 14.87 2.68
CA ALA A 7 -41.85 15.40 4.02
C ALA A 7 -42.65 14.35 4.83
N ALA A 8 -43.25 13.38 4.20
CA ALA A 8 -44.04 12.36 4.96
C ALA A 8 -43.16 11.18 5.43
N LEU A 9 -41.93 11.09 4.99
CA LEU A 9 -41.07 9.95 5.44
C LEU A 9 -40.83 10.04 6.96
N PRO A 10 -40.86 8.92 7.65
CA PRO A 10 -40.63 8.89 9.13
C PRO A 10 -39.21 9.32 9.55
N ARG A 11 -39.09 10.18 10.53
CA ARG A 11 -37.77 10.64 11.00
C ARG A 11 -37.45 9.84 12.27
N GLN A 12 -36.26 9.35 12.37
CA GLN A 12 -35.90 8.54 13.57
C GLN A 12 -34.52 8.95 14.07
N LYS A 13 -34.44 9.30 15.30
CA LYS A 13 -33.14 9.72 15.88
C LYS A 13 -32.41 8.47 16.36
N VAL A 14 -31.12 8.47 16.24
CA VAL A 14 -30.32 7.30 16.68
C VAL A 14 -29.15 7.77 17.55
N GLU A 15 -28.93 7.09 18.63
CA GLU A 15 -27.84 7.45 19.55
C GLU A 15 -26.58 6.81 19.00
N LEU A 16 -25.53 7.56 18.95
CA LEU A 16 -24.27 6.99 18.38
C LEU A 16 -23.32 6.49 19.47
N VAL A 17 -22.51 5.50 19.18
CA VAL A 17 -21.56 5.00 20.18
C VAL A 17 -20.19 5.47 19.75
N ASP A 18 -19.19 5.06 20.43
CA ASP A 18 -17.81 5.49 20.04
C ASP A 18 -17.02 4.30 19.47
N PRO A 19 -16.26 4.52 18.43
CA PRO A 19 -15.44 3.45 17.80
C PRO A 19 -14.67 2.63 18.84
N PRO A 20 -14.35 1.41 18.52
CA PRO A 20 -14.69 0.80 17.20
C PRO A 20 -16.11 0.21 17.17
N PHE A 21 -16.86 0.35 18.23
CA PHE A 21 -18.23 -0.20 18.26
C PHE A 21 -19.11 0.53 17.23
N VAL A 22 -20.29 0.05 17.07
CA VAL A 22 -21.24 0.67 16.12
C VAL A 22 -22.59 0.73 16.82
N HIS A 23 -23.37 1.68 16.48
CA HIS A 23 -24.69 1.84 17.12
C HIS A 23 -25.58 0.64 16.80
N ALA A 24 -26.85 0.76 17.08
CA ALA A 24 -27.78 -0.38 16.80
C ALA A 24 -28.44 -0.17 15.43
N HIS A 25 -28.37 -1.17 14.59
CA HIS A 25 -29.00 -1.06 13.24
C HIS A 25 -29.29 -2.46 12.70
N SER A 26 -30.12 -2.56 11.69
CA SER A 26 -30.44 -3.89 11.11
C SER A 26 -29.82 -3.97 9.71
N GLN A 27 -29.31 -5.11 9.36
CA GLN A 27 -28.68 -5.24 8.01
C GLN A 27 -29.76 -4.96 7.01
N VAL A 28 -30.71 -5.83 6.93
CA VAL A 28 -31.84 -5.59 6.00
C VAL A 28 -32.63 -4.37 6.52
N ALA A 29 -33.00 -3.47 5.66
CA ALA A 29 -33.73 -2.25 6.10
C ALA A 29 -35.09 -2.64 6.67
N GLU A 30 -35.48 -1.99 7.72
CA GLU A 30 -36.80 -2.27 8.35
C GLU A 30 -37.76 -1.13 7.99
N GLY A 31 -38.69 -1.39 7.12
CA GLY A 31 -39.64 -0.32 6.71
C GLY A 31 -39.10 0.31 5.44
N GLY A 32 -39.73 1.35 4.99
CA GLY A 32 -39.26 2.01 3.75
C GLY A 32 -38.21 3.07 4.12
N PRO A 33 -37.94 3.95 3.21
CA PRO A 33 -36.94 5.04 3.41
C PRO A 33 -37.28 5.90 4.63
N LYS A 34 -36.30 6.31 5.37
CA LYS A 34 -36.57 7.16 6.57
C LYS A 34 -35.39 8.13 6.84
N VAL A 35 -35.72 9.34 7.23
CA VAL A 35 -34.71 10.37 7.55
C VAL A 35 -34.11 10.04 8.91
N VAL A 36 -32.90 9.59 8.88
CA VAL A 36 -32.18 9.21 10.10
C VAL A 36 -31.54 10.44 10.63
N GLU A 37 -31.72 10.66 11.87
CA GLU A 37 -31.16 11.88 12.49
C GLU A 37 -30.06 11.54 13.49
N PHE A 38 -28.94 12.18 13.35
CA PHE A 38 -27.80 11.96 14.28
C PHE A 38 -27.21 13.32 14.66
N THR A 39 -26.77 13.50 15.88
CA THR A 39 -26.20 14.81 16.30
C THR A 39 -24.82 14.60 16.90
N MET A 40 -23.85 15.35 16.46
CA MET A 40 -22.48 15.19 17.02
C MET A 40 -21.86 16.56 17.36
N VAL A 41 -21.33 16.68 18.56
CA VAL A 41 -20.69 17.94 18.99
C VAL A 41 -19.21 17.77 18.77
N ILE A 42 -18.58 18.77 18.27
CA ILE A 42 -17.13 18.67 17.98
C ILE A 42 -16.35 19.12 19.20
N GLU A 43 -15.32 18.42 19.54
CA GLU A 43 -14.54 18.82 20.74
C GLU A 43 -13.05 18.94 20.41
N GLU A 44 -12.49 20.12 20.54
CA GLU A 44 -11.03 20.28 20.25
C GLU A 44 -10.27 20.17 21.58
N LYS A 45 -9.52 19.11 21.78
CA LYS A 45 -8.80 18.97 23.05
C LYS A 45 -7.46 18.31 22.81
N LYS A 46 -6.69 18.20 23.83
CA LYS A 46 -5.35 17.56 23.69
C LYS A 46 -5.41 16.10 24.14
N ILE A 47 -5.00 15.20 23.29
CA ILE A 47 -5.01 13.76 23.64
C ILE A 47 -3.60 13.17 23.44
N VAL A 48 -3.23 12.24 24.27
CA VAL A 48 -1.93 11.60 24.19
C VAL A 48 -2.06 10.49 23.19
N ILE A 49 -1.05 10.26 22.46
CA ILE A 49 -1.13 9.20 21.40
C ILE A 49 0.18 8.42 21.31
N ASP A 50 0.81 8.18 22.42
CA ASP A 50 2.10 7.41 22.44
C ASP A 50 2.54 7.17 23.91
N ASP A 51 3.18 6.05 24.20
CA ASP A 51 3.62 5.79 25.61
C ASP A 51 4.60 6.88 26.12
N ALA A 52 5.09 7.77 25.29
CA ALA A 52 6.04 8.82 25.77
C ALA A 52 5.30 10.12 26.12
N GLY A 53 4.00 10.11 26.18
CA GLY A 53 3.24 11.37 26.53
C GLY A 53 3.16 12.36 25.34
N THR A 54 3.32 11.91 24.12
CA THR A 54 3.22 12.84 22.96
C THR A 54 1.78 13.34 22.93
N GLU A 55 1.58 14.56 22.60
CA GLU A 55 0.16 15.06 22.61
C GLU A 55 -0.19 15.75 21.29
N VAL A 56 -1.37 15.51 20.79
CA VAL A 56 -1.81 16.18 19.53
C VAL A 56 -3.19 16.86 19.72
N HIS A 57 -3.26 18.16 19.48
CA HIS A 57 -4.54 18.90 19.62
C HIS A 57 -5.53 18.29 18.65
N ALA A 58 -6.30 17.38 19.14
CA ALA A 58 -7.27 16.66 18.28
C ALA A 58 -8.53 17.48 18.05
N MET A 59 -9.07 17.32 16.88
CA MET A 59 -10.31 18.00 16.48
C MET A 59 -11.20 16.82 16.27
N ALA A 60 -12.16 16.65 17.10
CA ALA A 60 -12.86 15.38 16.98
C ALA A 60 -14.32 15.54 16.92
N PHE A 61 -14.87 14.85 16.02
CA PHE A 61 -16.36 14.85 15.90
C PHE A 61 -16.92 13.85 16.92
N ASN A 62 -17.79 14.28 17.80
CA ASN A 62 -18.33 13.34 18.83
C ASN A 62 -17.27 13.09 19.92
N GLY A 63 -16.24 13.90 20.01
CA GLY A 63 -15.18 13.69 21.04
C GLY A 63 -14.38 12.40 20.82
N THR A 64 -14.37 11.81 19.63
CA THR A 64 -13.54 10.56 19.46
C THR A 64 -12.87 10.47 18.06
N VAL A 65 -11.58 10.13 18.01
CA VAL A 65 -10.88 9.95 16.72
C VAL A 65 -10.70 8.45 16.54
N PRO A 66 -11.26 7.91 15.50
CA PRO A 66 -12.02 8.68 14.50
C PRO A 66 -13.49 8.87 14.86
N GLY A 67 -14.13 9.87 14.33
CA GLY A 67 -15.56 10.10 14.63
C GLY A 67 -16.27 8.75 14.66
N PRO A 68 -17.51 8.76 15.03
CA PRO A 68 -18.34 7.52 15.11
C PRO A 68 -18.90 7.10 13.75
N LEU A 69 -19.09 5.82 13.55
CA LEU A 69 -19.63 5.35 12.24
C LEU A 69 -21.18 5.40 12.25
N MET A 70 -21.76 6.19 11.38
CA MET A 70 -23.23 6.28 11.29
C MET A 70 -23.66 5.25 10.26
N VAL A 71 -24.74 4.62 10.48
CA VAL A 71 -25.17 3.57 9.51
C VAL A 71 -26.65 3.72 9.12
N VAL A 72 -26.88 3.87 7.85
CA VAL A 72 -28.26 3.97 7.31
C VAL A 72 -28.32 3.07 6.06
N HIS A 73 -29.46 2.99 5.42
CA HIS A 73 -29.56 2.14 4.22
C HIS A 73 -29.60 3.04 2.98
N GLN A 74 -29.51 2.44 1.83
CA GLN A 74 -29.53 3.21 0.57
C GLN A 74 -30.93 3.78 0.38
N ASP A 75 -31.00 5.02 0.03
CA ASP A 75 -32.34 5.66 -0.16
C ASP A 75 -32.67 6.50 1.08
N ASP A 76 -32.32 6.04 2.25
CA ASP A 76 -32.61 6.80 3.47
C ASP A 76 -31.79 8.10 3.47
N TYR A 77 -32.29 9.12 4.10
CA TYR A 77 -31.58 10.42 4.15
C TYR A 77 -30.95 10.62 5.53
N LEU A 78 -29.71 10.99 5.55
CA LEU A 78 -29.00 11.22 6.82
C LEU A 78 -29.10 12.70 7.14
N GLU A 79 -29.57 13.01 8.30
CA GLU A 79 -29.74 14.42 8.72
C GLU A 79 -28.91 14.59 9.95
N LEU A 80 -27.86 15.31 9.84
CA LEU A 80 -26.97 15.41 11.03
C LEU A 80 -26.87 16.84 11.56
N THR A 81 -27.22 17.00 12.81
CA THR A 81 -27.10 18.34 13.47
C THR A 81 -25.70 18.41 14.11
N LEU A 82 -24.83 19.23 13.58
CA LEU A 82 -23.48 19.35 14.10
C LEU A 82 -23.45 20.54 14.99
N ILE A 83 -22.64 20.51 15.95
CA ILE A 83 -22.58 21.64 16.91
C ILE A 83 -21.13 21.94 17.28
N ASN A 84 -20.75 23.17 17.15
CA ASN A 84 -19.36 23.59 17.51
C ASN A 84 -19.46 24.52 18.71
N PRO A 85 -19.20 24.00 19.87
CA PRO A 85 -19.29 24.74 21.16
C PRO A 85 -18.53 26.07 21.16
N GLU A 86 -18.99 27.01 21.94
CA GLU A 86 -18.28 28.32 22.00
C GLU A 86 -16.87 28.12 22.58
N THR A 87 -16.66 27.10 23.37
CA THR A 87 -15.30 26.87 23.96
C THR A 87 -14.27 26.63 22.86
N ASN A 88 -14.68 26.03 21.77
CA ASN A 88 -13.71 25.74 20.67
C ASN A 88 -13.18 27.06 20.10
N THR A 89 -12.09 27.01 19.39
CA THR A 89 -11.52 28.26 18.81
C THR A 89 -11.31 28.15 17.28
N LEU A 90 -11.80 27.12 16.62
CA LEU A 90 -11.59 27.04 15.13
C LEU A 90 -12.91 26.67 14.42
N MET A 91 -13.24 27.36 13.35
CA MET A 91 -14.49 27.02 12.61
C MET A 91 -14.29 25.68 11.89
N HIS A 92 -15.30 24.84 11.86
CA HIS A 92 -15.16 23.53 11.17
C HIS A 92 -16.17 23.40 10.03
N ASN A 93 -16.49 22.19 9.70
CA ASN A 93 -17.46 21.89 8.60
C ASN A 93 -17.38 20.38 8.32
N ILE A 94 -18.39 19.78 7.72
CA ILE A 94 -18.32 18.31 7.46
C ILE A 94 -18.65 17.99 6.00
N ASP A 95 -17.80 17.22 5.36
CA ASP A 95 -18.05 16.82 3.94
C ASP A 95 -18.17 15.29 3.89
N PHE A 96 -19.34 14.77 3.63
CA PHE A 96 -19.51 13.29 3.59
C PHE A 96 -19.36 12.78 2.15
N HIS A 97 -18.36 12.00 1.91
CA HIS A 97 -18.14 11.43 0.55
C HIS A 97 -19.43 10.76 0.03
N ALA A 98 -20.26 10.23 0.91
CA ALA A 98 -21.51 9.55 0.46
C ALA A 98 -22.62 10.54 0.08
N ALA A 99 -22.34 11.82 0.04
CA ALA A 99 -23.38 12.81 -0.34
C ALA A 99 -23.04 13.39 -1.71
N THR A 100 -23.96 14.11 -2.31
CA THR A 100 -23.68 14.70 -3.65
C THR A 100 -24.12 16.17 -3.70
N GLY A 101 -23.18 17.07 -3.84
CA GLY A 101 -23.51 18.55 -3.93
C GLY A 101 -22.92 19.35 -2.75
N ALA A 102 -22.36 20.53 -3.01
CA ALA A 102 -21.80 21.35 -1.88
C ALA A 102 -20.53 20.72 -1.30
N LEU A 103 -19.61 20.30 -2.13
CA LEU A 103 -18.33 19.73 -1.61
C LEU A 103 -18.61 18.66 -0.57
N GLY A 104 -19.67 17.92 -0.75
CA GLY A 104 -20.00 16.84 0.23
C GLY A 104 -20.61 17.43 1.50
N GLY A 105 -21.23 18.57 1.40
CA GLY A 105 -21.86 19.20 2.61
C GLY A 105 -20.92 20.21 3.29
N GLY A 106 -19.67 20.32 2.90
CA GLY A 106 -18.75 21.29 3.56
C GLY A 106 -19.15 22.74 3.24
N GLY A 107 -19.66 22.99 2.05
CA GLY A 107 -20.04 24.39 1.68
C GLY A 107 -21.31 24.85 2.44
N LEU A 108 -22.02 23.96 3.07
CA LEU A 108 -23.27 24.39 3.80
C LEU A 108 -23.20 23.93 5.27
N THR A 109 -22.03 23.82 5.82
CA THR A 109 -21.89 23.40 7.24
C THR A 109 -20.73 24.14 7.95
N GLU A 110 -20.30 25.28 7.45
CA GLU A 110 -19.21 26.04 8.11
C GLU A 110 -19.78 26.67 9.37
N ILE A 111 -19.37 26.20 10.51
CA ILE A 111 -19.94 26.76 11.76
C ILE A 111 -18.81 27.18 12.68
N ASN A 112 -18.81 28.42 13.06
CA ASN A 112 -17.73 28.91 13.98
C ASN A 112 -18.17 28.69 15.42
N PRO A 113 -17.24 28.67 16.34
CA PRO A 113 -17.54 28.48 17.78
C PRO A 113 -18.85 29.16 18.20
N GLY A 114 -19.75 28.43 18.80
CA GLY A 114 -21.05 29.03 19.21
C GLY A 114 -22.10 28.87 18.10
N GLU A 115 -21.85 28.03 17.12
CA GLU A 115 -22.87 27.87 16.03
C GLU A 115 -23.09 26.38 15.67
N LYS A 116 -24.33 26.00 15.38
CA LYS A 116 -24.62 24.59 14.98
C LYS A 116 -25.58 24.59 13.77
N THR A 117 -25.51 23.61 12.91
CA THR A 117 -26.41 23.61 11.75
C THR A 117 -26.99 22.22 11.59
N ILE A 118 -27.73 22.04 10.56
CA ILE A 118 -28.34 20.71 10.30
C ILE A 118 -28.34 20.48 8.79
N LEU A 119 -27.66 19.47 8.34
CA LEU A 119 -27.61 19.21 6.87
C LEU A 119 -28.16 17.82 6.57
N ARG A 120 -29.05 17.74 5.63
CA ARG A 120 -29.64 16.41 5.27
C ARG A 120 -29.30 16.06 3.81
N PHE A 121 -28.87 14.84 3.57
CA PHE A 121 -28.53 14.41 2.19
C PHE A 121 -29.06 12.98 1.97
N LYS A 122 -29.47 12.69 0.77
CA LYS A 122 -30.00 11.34 0.44
C LYS A 122 -28.84 10.39 0.15
N ALA A 123 -28.82 9.29 0.82
CA ALA A 123 -27.76 8.28 0.63
C ALA A 123 -28.16 7.49 -0.58
N THR A 124 -27.68 7.91 -1.69
CA THR A 124 -28.12 7.25 -2.98
C THR A 124 -27.21 6.08 -3.41
N LYS A 125 -26.08 5.89 -2.80
CA LYS A 125 -25.19 4.78 -3.21
C LYS A 125 -24.81 3.96 -1.99
N PRO A 126 -24.80 2.68 -2.13
CA PRO A 126 -24.47 1.75 -1.02
C PRO A 126 -22.95 1.52 -0.85
N GLY A 127 -22.47 1.56 0.36
CA GLY A 127 -21.01 1.33 0.56
C GLY A 127 -20.47 2.23 1.67
N VAL A 128 -19.39 1.81 2.30
CA VAL A 128 -18.79 2.61 3.37
C VAL A 128 -18.13 3.82 2.73
N PHE A 129 -18.14 4.92 3.40
CA PHE A 129 -17.54 6.12 2.81
C PHE A 129 -16.93 6.93 3.93
N VAL A 130 -15.89 7.65 3.66
CA VAL A 130 -15.26 8.45 4.77
C VAL A 130 -15.75 9.93 4.81
N TYR A 131 -16.17 10.41 5.97
CA TYR A 131 -16.59 11.82 6.11
C TYR A 131 -15.44 12.54 6.82
N HIS A 132 -15.29 13.82 6.61
CA HIS A 132 -14.15 14.53 7.26
C HIS A 132 -14.34 16.05 7.18
N CYS A 133 -13.94 16.78 8.19
CA CYS A 133 -14.09 18.26 8.17
C CYS A 133 -13.09 18.84 7.18
N ALA A 134 -13.43 19.90 6.50
CA ALA A 134 -12.47 20.45 5.51
C ALA A 134 -12.71 21.92 5.25
N PRO A 135 -12.39 22.75 6.19
CA PRO A 135 -12.54 24.23 6.06
C PRO A 135 -11.62 24.78 4.97
N PRO A 136 -12.18 25.46 4.01
CA PRO A 136 -11.41 26.03 2.87
C PRO A 136 -10.05 26.61 3.28
N GLY A 137 -8.97 26.08 2.74
CA GLY A 137 -7.62 26.63 3.08
C GLY A 137 -6.93 25.83 4.22
N MET A 138 -7.64 25.05 4.98
CA MET A 138 -6.98 24.30 6.08
C MET A 138 -7.54 22.89 6.12
N VAL A 139 -7.79 22.34 4.97
CA VAL A 139 -8.36 20.96 4.91
C VAL A 139 -7.41 19.94 5.56
N PRO A 140 -6.25 19.72 4.98
CA PRO A 140 -5.25 18.74 5.47
C PRO A 140 -4.97 18.85 6.97
N TRP A 141 -5.03 20.03 7.51
CA TRP A 141 -4.75 20.17 8.97
C TRP A 141 -5.90 19.59 9.80
N HIS A 142 -7.10 19.96 9.47
CA HIS A 142 -8.28 19.45 10.22
C HIS A 142 -8.39 17.92 10.11
N VAL A 143 -8.07 17.36 8.98
CA VAL A 143 -8.19 15.88 8.82
C VAL A 143 -7.07 15.18 9.60
N VAL A 144 -5.86 15.62 9.44
CA VAL A 144 -4.73 14.97 10.15
C VAL A 144 -4.93 15.11 11.67
N SER A 145 -5.56 16.18 12.09
CA SER A 145 -5.78 16.37 13.55
C SER A 145 -6.77 15.32 14.09
N GLY A 146 -7.30 14.50 13.22
CA GLY A 146 -8.26 13.45 13.69
C GLY A 146 -9.72 13.91 13.47
N MET A 147 -9.98 14.78 12.52
CA MET A 147 -11.38 15.22 12.28
C MET A 147 -11.96 14.45 11.08
N ASN A 148 -12.15 13.18 11.23
CA ASN A 148 -12.70 12.37 10.11
C ASN A 148 -13.14 10.99 10.63
N GLY A 149 -14.14 10.44 10.02
CA GLY A 149 -14.67 9.09 10.44
C GLY A 149 -15.21 8.36 9.20
N ALA A 150 -16.37 7.74 9.29
CA ALA A 150 -16.93 7.03 8.10
C ALA A 150 -18.37 6.57 8.34
N ILE A 151 -19.18 6.57 7.32
CA ILE A 151 -20.59 6.11 7.47
C ILE A 151 -20.84 4.91 6.54
N MET A 152 -21.68 4.00 6.94
CA MET A 152 -21.96 2.80 6.08
C MET A 152 -23.41 2.80 5.60
N VAL A 153 -23.61 2.92 4.32
CA VAL A 153 -24.98 2.90 3.76
C VAL A 153 -25.19 1.51 3.23
N LEU A 154 -25.89 0.71 3.95
CA LEU A 154 -26.03 -0.72 3.52
C LEU A 154 -27.22 -0.92 2.58
N PRO A 155 -27.05 -1.75 1.57
CA PRO A 155 -28.14 -2.07 0.63
C PRO A 155 -29.44 -2.40 1.39
N ARG A 156 -30.56 -1.98 0.89
CA ARG A 156 -31.85 -2.25 1.60
C ARG A 156 -31.99 -3.74 1.91
N GLU A 157 -31.46 -4.58 1.06
CA GLU A 157 -31.57 -6.06 1.30
C GLU A 157 -30.34 -6.62 2.04
N GLY A 158 -29.52 -5.78 2.63
CA GLY A 158 -28.33 -6.30 3.36
C GLY A 158 -27.16 -6.47 2.39
N LEU A 159 -26.12 -7.15 2.82
CA LEU A 159 -24.95 -7.36 1.92
C LEU A 159 -24.95 -8.78 1.34
N HIS A 160 -24.49 -8.94 0.12
CA HIS A 160 -24.44 -10.27 -0.51
C HIS A 160 -23.10 -10.42 -1.24
N ASP A 161 -22.72 -11.61 -1.58
CA ASP A 161 -21.43 -11.82 -2.29
C ASP A 161 -21.56 -11.43 -3.77
N GLY A 162 -20.69 -11.92 -4.62
CA GLY A 162 -20.76 -11.57 -6.07
C GLY A 162 -21.84 -12.42 -6.78
N LYS A 163 -22.22 -13.54 -6.22
CA LYS A 163 -23.26 -14.40 -6.90
C LYS A 163 -24.67 -14.13 -6.32
N GLY A 164 -24.83 -13.16 -5.46
CA GLY A 164 -26.20 -12.88 -4.89
C GLY A 164 -26.42 -13.55 -3.50
N LYS A 165 -25.57 -14.44 -3.06
CA LYS A 165 -25.76 -15.09 -1.75
C LYS A 165 -25.71 -14.05 -0.64
N ALA A 166 -26.60 -14.14 0.30
CA ALA A 166 -26.61 -13.14 1.42
C ALA A 166 -25.44 -13.38 2.40
N LEU A 167 -24.77 -12.33 2.78
CA LEU A 167 -23.64 -12.40 3.74
C LEU A 167 -24.06 -11.58 4.96
N THR A 168 -24.36 -12.24 6.03
CA THR A 168 -24.85 -11.55 7.23
C THR A 168 -23.80 -11.68 8.29
N TYR A 169 -23.43 -10.60 8.84
CA TYR A 169 -22.35 -10.63 9.87
C TYR A 169 -22.95 -10.61 11.28
N ASP A 170 -22.36 -11.34 12.20
CA ASP A 170 -22.86 -11.35 13.60
C ASP A 170 -22.38 -10.09 14.35
N LYS A 171 -21.25 -9.54 13.97
CA LYS A 171 -20.73 -8.33 14.67
C LYS A 171 -19.96 -7.48 13.68
N ILE A 172 -19.88 -6.20 13.92
CA ILE A 172 -19.13 -5.30 12.99
C ILE A 172 -18.35 -4.26 13.80
N TYR A 173 -17.11 -4.06 13.46
CA TYR A 173 -16.28 -3.06 14.16
C TYR A 173 -15.74 -2.07 13.14
N TYR A 174 -15.54 -0.85 13.56
CA TYR A 174 -15.02 0.19 12.62
C TYR A 174 -13.66 0.67 13.13
N VAL A 175 -12.64 0.43 12.37
CA VAL A 175 -11.27 0.84 12.78
C VAL A 175 -10.80 2.00 11.90
N GLY A 176 -10.83 3.19 12.41
CA GLY A 176 -10.38 4.37 11.65
C GLY A 176 -8.88 4.55 11.89
N GLU A 177 -8.14 4.65 10.85
CA GLU A 177 -6.68 4.79 10.96
C GLU A 177 -6.38 6.26 10.81
N GLN A 178 -5.40 6.72 11.51
CA GLN A 178 -5.10 8.18 11.42
C GLN A 178 -3.60 8.41 11.41
N ASP A 179 -3.10 9.04 10.37
CA ASP A 179 -1.64 9.34 10.31
C ASP A 179 -1.40 10.76 10.85
N PHE A 180 -0.68 10.90 11.93
CA PHE A 180 -0.43 12.23 12.48
C PHE A 180 0.92 12.75 12.00
N TYR A 181 1.23 13.93 12.37
CA TYR A 181 2.51 14.57 11.98
C TYR A 181 2.88 15.51 13.11
N VAL A 182 3.55 15.00 14.09
CA VAL A 182 3.86 15.82 15.29
C VAL A 182 5.23 16.44 15.15
N PRO A 183 5.29 17.72 15.34
CA PRO A 183 6.58 18.48 15.24
C PRO A 183 7.56 18.13 16.39
N ARG A 184 8.83 17.96 16.07
CA ARG A 184 9.85 17.64 17.11
C ARG A 184 10.90 18.75 17.13
N ASP A 185 11.49 19.01 18.25
CA ASP A 185 12.52 20.09 18.33
C ASP A 185 13.81 19.62 17.67
N GLU A 186 14.91 20.27 17.96
CA GLU A 186 16.21 19.86 17.35
C GLU A 186 16.73 18.56 17.98
N ASN A 187 16.43 18.31 19.23
CA ASN A 187 16.92 17.06 19.89
C ASN A 187 16.07 15.83 19.55
N GLY A 188 15.01 15.98 18.77
CA GLY A 188 14.17 14.80 18.43
C GLY A 188 13.02 14.59 19.45
N LYS A 189 12.75 15.53 20.32
CA LYS A 189 11.64 15.37 21.30
C LYS A 189 10.37 16.03 20.76
N TYR A 190 9.26 15.35 20.84
CA TYR A 190 7.99 15.91 20.34
C TYR A 190 7.74 17.23 21.05
N LYS A 191 7.20 18.17 20.36
CA LYS A 191 6.94 19.50 20.99
C LYS A 191 5.44 19.64 21.34
N LYS A 192 5.16 20.29 22.44
CA LYS A 192 3.75 20.50 22.84
C LYS A 192 3.45 21.99 22.73
N TYR A 193 2.22 22.34 22.64
CA TYR A 193 1.87 23.77 22.51
C TYR A 193 0.70 24.07 23.42
N GLU A 194 0.35 25.30 23.51
CA GLU A 194 -0.78 25.70 24.39
C GLU A 194 -2.11 25.59 23.63
N ALA A 195 -2.19 26.10 22.42
CA ALA A 195 -3.46 26.02 21.67
C ALA A 195 -3.24 25.28 20.37
N PRO A 196 -4.29 25.04 19.65
CA PRO A 196 -4.24 24.32 18.34
C PRO A 196 -3.56 25.13 17.22
N GLY A 197 -3.74 26.43 17.18
CA GLY A 197 -3.10 27.24 16.09
C GLY A 197 -1.60 27.39 16.33
N ASP A 198 -1.17 27.40 17.55
CA ASP A 198 0.29 27.57 17.84
C ASP A 198 1.11 26.48 17.13
N ALA A 199 0.53 25.35 16.86
CA ALA A 199 1.30 24.25 16.18
C ALA A 199 0.90 24.12 14.70
N TYR A 200 0.35 25.14 14.11
CA TYR A 200 -0.03 25.06 12.66
C TYR A 200 1.21 25.13 11.72
N GLU A 201 2.11 26.07 11.91
CA GLU A 201 3.28 26.17 10.98
C GLU A 201 4.20 24.96 11.14
N ASP A 202 4.51 24.61 12.36
CA ASP A 202 5.42 23.45 12.58
C ASP A 202 4.78 22.16 12.08
N THR A 203 3.49 22.03 12.19
CA THR A 203 2.82 20.79 11.73
C THR A 203 2.84 20.74 10.21
N VAL A 204 2.52 21.82 9.57
CA VAL A 204 2.54 21.84 8.08
C VAL A 204 3.91 21.37 7.59
N LYS A 205 4.95 21.86 8.19
CA LYS A 205 6.31 21.43 7.76
C LYS A 205 6.40 19.91 7.81
N VAL A 206 5.96 19.31 8.88
CA VAL A 206 6.01 17.83 8.99
C VAL A 206 5.09 17.18 7.94
N MET A 207 3.92 17.73 7.74
CA MET A 207 2.98 17.14 6.73
C MET A 207 3.60 17.18 5.33
N ARG A 208 4.33 18.20 4.99
CA ARG A 208 4.94 18.30 3.64
C ARG A 208 5.85 17.10 3.41
N THR A 209 6.55 16.69 4.42
CA THR A 209 7.48 15.53 4.27
C THR A 209 6.71 14.26 3.84
N LEU A 210 5.40 14.26 3.91
CA LEU A 210 4.63 13.05 3.52
C LEU A 210 5.06 11.87 4.37
N THR A 211 5.55 12.11 5.56
CA THR A 211 5.99 10.98 6.43
C THR A 211 5.38 11.18 7.82
N PRO A 212 4.36 10.42 8.13
CA PRO A 212 3.66 10.53 9.46
C PRO A 212 4.51 10.02 10.64
N THR A 213 4.62 10.79 11.70
CA THR A 213 5.41 10.33 12.87
C THR A 213 4.67 9.17 13.57
N HIS A 214 3.36 9.08 13.43
CA HIS A 214 2.62 7.98 14.09
C HIS A 214 1.37 7.64 13.26
N VAL A 215 1.15 6.37 13.03
CA VAL A 215 -0.04 5.95 12.25
C VAL A 215 -0.77 5.00 13.14
N VAL A 216 -1.94 5.30 13.55
CA VAL A 216 -2.56 4.36 14.52
C VAL A 216 -4.03 4.15 14.27
N PHE A 217 -4.60 3.35 15.11
CA PHE A 217 -6.06 3.07 14.98
C PHE A 217 -6.78 3.46 16.27
N ASN A 218 -7.91 4.09 16.16
CA ASN A 218 -8.66 4.51 17.39
C ASN A 218 -8.09 5.80 18.02
N GLY A 219 -7.11 6.43 17.39
CA GLY A 219 -6.54 7.68 17.97
C GLY A 219 -5.32 7.45 18.93
N ALA A 220 -4.69 6.30 18.98
CA ALA A 220 -3.51 6.16 19.90
C ALA A 220 -2.79 4.81 19.70
N VAL A 221 -1.48 4.81 19.72
CA VAL A 221 -0.75 3.52 19.55
C VAL A 221 -1.21 2.55 20.65
N GLY A 222 -1.61 1.37 20.28
CA GLY A 222 -2.11 0.40 21.31
C GLY A 222 -3.57 0.69 21.76
N ALA A 223 -4.35 1.46 21.01
CA ALA A 223 -5.75 1.72 21.44
C ALA A 223 -6.64 0.46 21.27
N LEU A 224 -6.32 -0.44 20.36
CA LEU A 224 -7.17 -1.64 20.16
C LEU A 224 -6.37 -2.91 20.46
N THR A 225 -5.45 -2.83 21.37
CA THR A 225 -4.62 -4.03 21.71
C THR A 225 -4.60 -4.19 23.23
N GLY A 226 -4.35 -5.39 23.71
CA GLY A 226 -4.29 -5.63 25.17
C GLY A 226 -5.71 -5.89 25.68
N ASP A 227 -6.14 -5.15 26.66
CA ASP A 227 -7.53 -5.34 27.19
C ASP A 227 -8.56 -4.73 26.23
N LYS A 228 -8.14 -3.88 25.32
CA LYS A 228 -9.12 -3.25 24.38
C LYS A 228 -9.13 -4.00 23.04
N ALA A 229 -8.56 -5.18 22.98
CA ALA A 229 -8.54 -5.93 21.70
C ALA A 229 -9.98 -6.37 21.35
N MET A 230 -10.37 -6.23 20.10
CA MET A 230 -11.74 -6.63 19.74
C MET A 230 -11.97 -8.05 20.24
N THR A 231 -13.01 -8.65 19.79
CA THR A 231 -13.32 -10.05 20.21
C THR A 231 -14.14 -10.76 19.10
N ALA A 232 -14.00 -12.07 19.02
CA ALA A 232 -14.72 -12.89 18.02
C ALA A 232 -14.56 -14.36 18.39
N ALA A 233 -15.54 -15.19 18.12
CA ALA A 233 -15.42 -16.62 18.48
C ALA A 233 -15.48 -17.48 17.22
N VAL A 234 -14.80 -18.59 17.23
CA VAL A 234 -14.79 -19.48 16.05
C VAL A 234 -16.21 -19.67 15.57
N GLY A 235 -16.42 -19.53 14.30
CA GLY A 235 -17.80 -19.68 13.75
C GLY A 235 -18.54 -18.32 13.69
N GLU A 236 -17.91 -17.25 14.12
CA GLU A 236 -18.58 -15.92 14.10
C GLU A 236 -18.15 -15.17 12.83
N LYS A 237 -19.08 -14.49 12.23
CA LYS A 237 -18.80 -13.73 11.00
C LYS A 237 -18.66 -12.28 11.42
N VAL A 238 -17.62 -11.65 11.04
CA VAL A 238 -17.44 -10.26 11.50
C VAL A 238 -17.02 -9.35 10.36
N LEU A 239 -17.66 -8.23 10.25
CA LEU A 239 -17.33 -7.25 9.20
C LEU A 239 -16.46 -6.16 9.82
N ILE A 240 -15.33 -5.88 9.24
CA ILE A 240 -14.42 -4.86 9.79
C ILE A 240 -14.28 -3.70 8.80
N VAL A 241 -14.92 -2.62 9.10
CA VAL A 241 -14.86 -1.43 8.23
C VAL A 241 -13.63 -0.64 8.61
N HIS A 242 -12.90 -0.20 7.65
CA HIS A 242 -11.66 0.55 7.95
C HIS A 242 -11.64 1.78 7.07
N SER A 243 -11.20 2.87 7.61
CA SER A 243 -11.16 4.13 6.82
C SER A 243 -9.83 4.88 7.02
N GLN A 244 -9.45 5.61 6.02
CA GLN A 244 -8.21 6.44 6.02
C GLN A 244 -8.56 7.67 5.18
N ALA A 245 -8.78 8.77 5.83
CA ALA A 245 -9.24 10.00 5.09
C ALA A 245 -8.12 10.78 4.38
N ASN A 246 -6.89 10.45 4.61
CA ASN A 246 -5.79 11.21 3.94
C ASN A 246 -4.47 10.39 3.90
N ARG A 247 -4.56 9.11 3.66
CA ARG A 247 -3.32 8.27 3.59
C ARG A 247 -3.69 6.85 3.11
N ASP A 248 -2.98 6.28 2.16
CA ASP A 248 -3.35 4.89 1.71
C ASP A 248 -2.81 3.82 2.68
N THR A 249 -3.63 2.85 3.06
CA THR A 249 -3.16 1.78 3.96
C THR A 249 -3.33 0.44 3.25
N ARG A 250 -3.10 -0.61 3.96
CA ARG A 250 -3.24 -1.99 3.38
C ARG A 250 -3.52 -2.96 4.53
N PRO A 251 -4.77 -3.09 4.88
CA PRO A 251 -5.23 -3.95 6.00
C PRO A 251 -4.85 -5.42 5.84
N HIS A 252 -4.59 -6.08 6.94
CA HIS A 252 -4.23 -7.53 6.90
C HIS A 252 -4.47 -8.19 8.29
N LEU A 253 -5.34 -9.18 8.35
CA LEU A 253 -5.61 -9.90 9.63
C LEU A 253 -4.61 -11.04 9.76
N ILE A 254 -3.67 -10.87 10.64
CA ILE A 254 -2.61 -11.88 10.85
C ILE A 254 -3.26 -13.15 11.37
N GLY A 255 -3.07 -14.20 10.68
CA GLY A 255 -3.67 -15.49 11.10
C GLY A 255 -5.01 -15.73 10.38
N GLY A 256 -5.57 -14.72 9.75
CA GLY A 256 -6.86 -14.93 9.05
C GLY A 256 -6.78 -14.34 7.64
N HIS A 257 -7.90 -13.95 7.10
CA HIS A 257 -7.90 -13.37 5.73
C HIS A 257 -9.28 -12.75 5.44
N GLY A 258 -9.34 -11.84 4.53
CA GLY A 258 -10.64 -11.18 4.19
C GLY A 258 -11.39 -12.11 3.24
N ASP A 259 -12.34 -12.82 3.75
CA ASP A 259 -13.10 -13.77 2.89
C ASP A 259 -13.67 -13.00 1.72
N TYR A 260 -14.37 -11.96 2.03
CA TYR A 260 -14.96 -11.08 0.98
C TYR A 260 -14.57 -9.66 1.35
N VAL A 261 -13.94 -8.94 0.47
CA VAL A 261 -13.50 -7.57 0.86
C VAL A 261 -13.84 -6.54 -0.21
N TRP A 262 -14.77 -5.68 0.09
CA TRP A 262 -15.11 -4.58 -0.86
C TRP A 262 -14.02 -3.55 -0.67
N ALA A 263 -12.94 -3.75 -1.35
CA ALA A 263 -11.73 -2.87 -1.16
C ALA A 263 -12.10 -1.44 -1.42
N THR A 264 -12.82 -1.23 -2.45
CA THR A 264 -13.21 0.16 -2.82
C THR A 264 -14.27 0.69 -1.85
N GLY A 265 -14.81 -0.15 -1.01
CA GLY A 265 -15.86 0.33 -0.04
C GLY A 265 -17.23 0.58 -0.74
N LYS A 266 -17.44 0.00 -1.89
CA LYS A 266 -18.72 0.17 -2.62
C LYS A 266 -19.38 -1.21 -2.71
N PHE A 267 -20.60 -1.31 -2.34
CA PHE A 267 -21.28 -2.65 -2.36
C PHE A 267 -21.59 -3.07 -3.80
N ASN A 268 -21.97 -2.14 -4.62
CA ASN A 268 -22.30 -2.48 -6.04
C ASN A 268 -21.09 -3.15 -6.69
N THR A 269 -19.92 -2.77 -6.30
CA THR A 269 -18.70 -3.37 -6.90
C THR A 269 -18.42 -4.71 -6.22
N PRO A 270 -18.44 -5.76 -6.99
CA PRO A 270 -18.21 -7.14 -6.45
C PRO A 270 -17.04 -7.19 -5.45
N PRO A 271 -17.19 -7.89 -4.35
CA PRO A 271 -16.10 -7.97 -3.32
C PRO A 271 -14.99 -8.99 -3.64
N ASP A 272 -13.73 -8.58 -3.74
CA ASP A 272 -12.67 -9.58 -4.00
C ASP A 272 -12.87 -10.70 -3.00
N VAL A 273 -12.17 -11.78 -3.14
CA VAL A 273 -12.37 -12.90 -2.17
C VAL A 273 -11.02 -13.59 -1.86
N ASP A 274 -10.91 -14.13 -0.68
CA ASP A 274 -9.66 -14.84 -0.29
C ASP A 274 -8.56 -13.82 -0.32
N GLN A 275 -8.74 -12.74 0.40
CA GLN A 275 -7.68 -11.68 0.35
C GLN A 275 -6.71 -11.75 1.55
N GLU A 276 -5.41 -11.80 1.29
CA GLU A 276 -4.43 -11.79 2.42
C GLU A 276 -4.20 -10.33 2.90
N THR A 277 -4.14 -9.38 1.99
CA THR A 277 -3.91 -7.96 2.36
C THR A 277 -4.61 -7.10 1.32
N TRP A 278 -5.50 -6.27 1.73
CA TRP A 278 -6.25 -5.45 0.74
C TRP A 278 -5.57 -4.10 0.59
N PHE A 279 -6.24 -3.18 -0.01
CA PHE A 279 -5.65 -1.83 -0.20
C PHE A 279 -6.75 -0.75 -0.26
N ILE A 280 -6.72 0.18 0.66
CA ILE A 280 -7.71 1.28 0.68
C ILE A 280 -6.96 2.59 0.50
N PRO A 281 -7.23 3.28 -0.57
CA PRO A 281 -6.53 4.55 -0.91
C PRO A 281 -6.95 5.75 -0.05
N GLY A 282 -5.99 6.52 0.41
CA GLY A 282 -6.32 7.71 1.21
C GLY A 282 -7.59 8.33 0.64
N GLY A 283 -8.45 8.78 1.49
CA GLY A 283 -9.73 9.37 1.04
C GLY A 283 -10.76 8.26 0.75
N ALA A 284 -10.71 7.15 1.45
CA ALA A 284 -11.73 6.09 1.15
C ALA A 284 -11.84 5.05 2.27
N ALA A 285 -13.01 4.50 2.48
CA ALA A 285 -13.17 3.45 3.54
C ALA A 285 -13.64 2.13 2.89
N GLY A 286 -13.06 1.02 3.27
CA GLY A 286 -13.48 -0.28 2.66
C GLY A 286 -14.13 -1.15 3.72
N ALA A 287 -14.31 -2.42 3.44
CA ALA A 287 -14.95 -3.33 4.42
C ALA A 287 -14.58 -4.78 4.11
N ALA A 288 -14.22 -5.54 5.10
CA ALA A 288 -13.85 -6.96 4.88
C ALA A 288 -14.71 -7.84 5.79
N PHE A 289 -15.18 -8.94 5.28
CA PHE A 289 -16.03 -9.85 6.08
C PHE A 289 -15.32 -11.19 6.20
N TYR A 290 -15.14 -11.69 7.38
CA TYR A 290 -14.41 -12.97 7.52
C TYR A 290 -14.99 -13.80 8.67
N THR A 291 -15.11 -15.07 8.44
CA THR A 291 -15.62 -16.00 9.48
C THR A 291 -14.42 -16.63 10.18
N PHE A 292 -14.31 -16.39 11.45
CA PHE A 292 -13.15 -16.92 12.22
C PHE A 292 -13.24 -18.43 12.32
N GLN A 293 -12.14 -19.09 12.11
CA GLN A 293 -12.12 -20.59 12.20
C GLN A 293 -11.14 -21.09 13.28
N GLN A 294 -10.27 -20.24 13.81
CA GLN A 294 -9.31 -20.71 14.85
C GLN A 294 -9.27 -19.72 16.00
N PRO A 295 -9.22 -20.22 17.20
CA PRO A 295 -9.18 -19.38 18.44
C PRO A 295 -7.76 -18.94 18.78
N GLY A 296 -7.65 -17.86 19.48
CA GLY A 296 -6.29 -17.37 19.85
C GLY A 296 -6.22 -15.86 19.62
N ILE A 297 -5.06 -15.29 19.71
CA ILE A 297 -4.92 -13.83 19.50
C ILE A 297 -4.42 -13.55 18.06
N TYR A 298 -5.10 -12.68 17.36
CA TYR A 298 -4.68 -12.34 15.97
C TYR A 298 -4.48 -10.83 15.88
N ALA A 299 -3.46 -10.40 15.19
CA ALA A 299 -3.20 -8.95 15.07
C ALA A 299 -3.76 -8.49 13.74
N TYR A 300 -4.26 -7.30 13.69
CA TYR A 300 -4.83 -6.82 12.41
C TYR A 300 -4.22 -5.48 12.15
N VAL A 301 -3.46 -5.33 11.12
CA VAL A 301 -2.83 -4.00 10.99
C VAL A 301 -2.39 -3.69 9.57
N ASN A 302 -1.97 -2.48 9.41
CA ASN A 302 -1.48 -2.01 8.10
C ASN A 302 -0.26 -2.83 7.81
N HIS A 303 -0.22 -3.42 6.67
CA HIS A 303 0.94 -4.30 6.40
C HIS A 303 2.18 -3.47 6.46
N ASN A 304 2.23 -2.34 5.82
CA ASN A 304 3.50 -1.58 6.03
C ASN A 304 4.01 -1.97 7.46
N LEU A 305 4.79 -3.03 7.58
CA LEU A 305 5.23 -3.52 8.92
C LEU A 305 5.76 -2.36 9.71
N ILE A 306 6.54 -1.57 9.09
CA ILE A 306 7.11 -0.38 9.80
C ILE A 306 5.97 0.45 10.35
N GLU A 307 5.01 0.76 9.51
CA GLU A 307 3.84 1.55 9.98
C GLU A 307 3.03 0.75 11.06
N ALA A 308 3.00 -0.55 10.98
CA ALA A 308 2.21 -1.34 11.99
C ALA A 308 3.00 -1.64 13.30
N PHE A 309 4.31 -1.74 13.29
CA PHE A 309 5.01 -2.06 14.56
C PHE A 309 5.83 -0.88 15.06
N GLU A 310 6.40 -0.13 14.17
CA GLU A 310 7.22 1.04 14.59
C GLU A 310 6.38 2.33 14.73
N LEU A 311 5.30 2.48 13.99
CA LEU A 311 4.51 3.75 14.10
C LEU A 311 3.36 3.54 15.08
N GLY A 312 2.66 2.46 14.94
CA GLY A 312 1.51 2.18 15.85
C GLY A 312 0.23 1.78 15.06
N ALA A 313 0.34 1.14 13.92
CA ALA A 313 -0.89 0.74 13.18
C ALA A 313 -1.14 -0.77 13.38
N ALA A 314 -1.39 -1.21 14.60
CA ALA A 314 -1.63 -2.66 14.81
C ALA A 314 -2.58 -2.90 16.00
N ALA A 315 -3.70 -3.54 15.76
CA ALA A 315 -4.65 -3.83 16.87
C ALA A 315 -4.67 -5.34 17.05
N HIS A 316 -5.49 -5.85 17.93
CA HIS A 316 -5.50 -7.34 18.10
C HIS A 316 -6.90 -7.87 18.47
N PHE A 317 -7.31 -8.96 17.84
CA PHE A 317 -8.65 -9.56 18.18
C PHE A 317 -8.45 -10.90 18.95
N LYS A 318 -9.09 -11.03 20.10
CA LYS A 318 -8.99 -12.25 20.91
C LYS A 318 -10.18 -13.08 20.51
N VAL A 319 -9.94 -14.30 20.20
CA VAL A 319 -11.04 -15.15 19.73
C VAL A 319 -11.11 -16.39 20.57
N THR A 320 -12.28 -16.77 20.92
CA THR A 320 -12.45 -17.99 21.76
C THR A 320 -13.03 -19.13 20.92
N GLY A 321 -12.82 -20.36 21.32
CA GLY A 321 -13.37 -21.50 20.53
C GLY A 321 -12.43 -22.70 20.62
N GLU A 322 -12.62 -23.66 19.75
CA GLU A 322 -11.75 -24.87 19.77
C GLU A 322 -10.81 -24.82 18.56
N TRP A 323 -9.58 -25.17 18.79
CA TRP A 323 -8.58 -25.16 17.70
C TRP A 323 -8.93 -26.25 16.71
N ASN A 324 -8.54 -26.05 15.50
CA ASN A 324 -8.82 -27.04 14.43
C ASN A 324 -7.50 -27.48 13.85
N ASP A 325 -7.08 -28.67 14.16
CA ASP A 325 -5.77 -29.16 13.67
C ASP A 325 -5.81 -29.33 12.16
N ASP A 326 -6.92 -29.73 11.64
CA ASP A 326 -7.03 -29.92 10.16
C ASP A 326 -6.48 -28.68 9.46
N LEU A 327 -6.87 -27.53 9.90
CA LEU A 327 -6.39 -26.27 9.29
C LEU A 327 -4.91 -26.06 9.61
N MET A 328 -4.46 -26.33 10.82
CA MET A 328 -3.03 -26.10 11.12
C MET A 328 -2.63 -26.86 12.37
N THR A 329 -1.51 -27.53 12.34
CA THR A 329 -1.07 -28.28 13.55
C THR A 329 0.47 -28.32 13.64
N SER A 330 1.03 -28.08 14.80
CA SER A 330 2.52 -28.13 14.95
C SER A 330 2.93 -29.59 15.08
N VAL A 331 3.39 -30.18 14.02
CA VAL A 331 3.79 -31.61 14.08
C VAL A 331 4.94 -31.75 15.04
N LEU A 332 5.92 -30.92 14.89
CA LEU A 332 7.08 -30.97 15.82
C LEU A 332 7.31 -29.57 16.43
N ALA A 333 6.98 -29.39 17.69
CA ALA A 333 7.18 -28.05 18.32
C ALA A 333 8.66 -27.72 18.34
N PRO A 334 9.00 -26.46 18.37
CA PRO A 334 10.40 -26.00 18.40
C PRO A 334 11.26 -26.79 19.40
N SER A 335 12.30 -27.42 18.95
CA SER A 335 13.15 -28.21 19.89
C SER A 335 14.50 -28.46 19.25
N GLY A 336 15.45 -28.90 20.03
CA GLY A 336 16.81 -29.17 19.47
C GLY A 336 16.68 -29.97 18.17
N ALA B 1 -2.20 -8.65 -40.05
CA ALA B 1 -2.32 -8.04 -41.40
C ALA B 1 -0.93 -7.98 -42.06
N THR B 2 -0.87 -8.16 -43.35
CA THR B 2 0.44 -8.10 -44.04
C THR B 2 0.74 -6.66 -44.42
N ALA B 3 1.94 -6.40 -44.86
CA ALA B 3 2.30 -5.01 -45.24
C ALA B 3 1.35 -4.48 -46.33
N ALA B 4 1.03 -5.28 -47.31
CA ALA B 4 0.12 -4.81 -48.40
C ALA B 4 -1.23 -4.38 -47.81
N GLU B 5 -1.72 -5.12 -46.86
CA GLU B 5 -3.04 -4.76 -46.26
C GLU B 5 -2.91 -3.46 -45.47
N ILE B 6 -1.88 -3.35 -44.68
CA ILE B 6 -1.70 -2.10 -43.88
C ILE B 6 -1.55 -0.91 -44.82
N ALA B 7 -0.83 -1.07 -45.90
CA ALA B 7 -0.63 0.06 -46.86
C ALA B 7 -1.97 0.48 -47.50
N ALA B 8 -2.90 -0.44 -47.66
CA ALA B 8 -4.21 -0.08 -48.31
C ALA B 8 -5.22 0.50 -47.29
N LEU B 9 -4.88 0.64 -46.04
CA LEU B 9 -5.87 1.21 -45.06
C LEU B 9 -5.87 2.75 -45.14
N PRO B 10 -7.02 3.35 -44.97
CA PRO B 10 -7.16 4.85 -45.01
C PRO B 10 -6.33 5.56 -43.93
N ARG B 11 -5.69 6.65 -44.28
CA ARG B 11 -4.87 7.40 -43.28
C ARG B 11 -5.64 8.67 -42.89
N GLN B 12 -5.62 9.01 -41.64
CA GLN B 12 -6.33 10.22 -41.16
C GLN B 12 -5.41 11.02 -40.25
N LYS B 13 -5.05 12.20 -40.68
CA LYS B 13 -4.14 13.05 -39.88
C LYS B 13 -4.98 13.75 -38.84
N VAL B 14 -4.48 13.84 -37.66
CA VAL B 14 -5.27 14.49 -36.58
C VAL B 14 -4.46 15.61 -35.90
N GLU B 15 -5.05 16.77 -35.80
CA GLU B 15 -4.38 17.91 -35.14
C GLU B 15 -4.63 17.76 -33.65
N LEU B 16 -3.59 17.76 -32.89
CA LEU B 16 -3.76 17.56 -31.42
C LEU B 16 -3.99 18.90 -30.72
N VAL B 17 -4.69 18.87 -29.62
CA VAL B 17 -4.95 20.11 -28.88
C VAL B 17 -4.11 20.07 -27.60
N ASP B 18 -4.23 21.04 -26.77
CA ASP B 18 -3.42 21.01 -25.52
C ASP B 18 -4.31 20.68 -24.30
N PRO B 19 -3.90 19.75 -23.46
CA PRO B 19 -4.67 19.38 -22.26
C PRO B 19 -5.22 20.62 -21.54
N PRO B 20 -6.28 20.47 -20.78
CA PRO B 20 -6.95 19.15 -20.58
C PRO B 20 -7.92 18.78 -21.73
N PHE B 21 -8.02 19.61 -22.73
CA PHE B 21 -8.94 19.31 -23.86
C PHE B 21 -8.42 18.11 -24.63
N VAL B 22 -9.27 17.57 -25.46
CA VAL B 22 -8.91 16.40 -26.28
C VAL B 22 -9.35 16.68 -27.71
N HIS B 23 -8.58 16.24 -28.64
CA HIS B 23 -8.90 16.48 -30.07
C HIS B 23 -10.24 15.85 -30.42
N ALA B 24 -10.82 16.31 -31.47
CA ALA B 24 -12.13 15.76 -31.92
C ALA B 24 -11.97 14.30 -32.29
N HIS B 25 -12.94 13.51 -31.93
CA HIS B 25 -12.91 12.06 -32.22
C HIS B 25 -14.31 11.49 -31.97
N SER B 26 -14.62 10.37 -32.54
CA SER B 26 -15.96 9.78 -32.34
C SER B 26 -15.84 8.60 -31.39
N GLN B 27 -16.76 8.46 -30.50
CA GLN B 27 -16.68 7.33 -29.53
C GLN B 27 -16.74 6.06 -30.33
N VAL B 28 -17.81 5.88 -31.02
CA VAL B 28 -17.95 4.68 -31.89
C VAL B 28 -17.07 4.90 -33.13
N ALA B 29 -16.31 3.92 -33.50
CA ALA B 29 -15.40 4.06 -34.67
C ALA B 29 -16.22 4.23 -35.95
N GLU B 30 -15.81 5.13 -36.79
CA GLU B 30 -16.53 5.36 -38.08
C GLU B 30 -15.72 4.71 -39.20
N GLY B 31 -16.16 3.58 -39.69
CA GLY B 31 -15.41 2.89 -40.76
C GLY B 31 -14.53 1.80 -40.13
N GLY B 32 -13.76 1.09 -40.93
CA GLY B 32 -12.89 0.01 -40.38
C GLY B 32 -11.58 0.63 -39.85
N PRO B 33 -10.57 -0.19 -39.67
CA PRO B 33 -9.24 0.25 -39.16
C PRO B 33 -8.59 1.32 -40.03
N LYS B 34 -7.97 2.29 -39.42
CA LYS B 34 -7.29 3.38 -40.20
C LYS B 34 -5.99 3.83 -39.50
N VAL B 35 -4.96 4.08 -40.28
CA VAL B 35 -3.66 4.56 -39.74
C VAL B 35 -3.81 6.02 -39.36
N VAL B 36 -3.85 6.24 -38.09
CA VAL B 36 -4.01 7.59 -37.55
C VAL B 36 -2.65 8.20 -37.51
N GLU B 37 -2.59 9.40 -37.91
CA GLU B 37 -1.25 10.07 -37.97
C GLU B 37 -1.21 11.26 -37.02
N PHE B 38 -0.22 11.29 -36.18
CA PHE B 38 -0.06 12.44 -35.23
C PHE B 38 1.42 12.88 -35.20
N THR B 39 1.69 14.16 -35.15
CA THR B 39 3.11 14.62 -35.13
C THR B 39 3.32 15.53 -33.92
N MET B 40 4.34 15.28 -33.14
CA MET B 40 4.60 16.13 -31.95
C MET B 40 6.09 16.51 -31.85
N VAL B 41 6.37 17.78 -31.73
CA VAL B 41 7.76 18.26 -31.60
C VAL B 41 8.03 18.42 -30.11
N ILE B 42 9.15 17.99 -29.68
CA ILE B 42 9.48 18.06 -28.24
C ILE B 42 10.19 19.36 -27.97
N GLU B 43 9.82 20.03 -26.93
CA GLU B 43 10.50 21.34 -26.66
C GLU B 43 10.99 21.41 -25.22
N GLU B 44 12.28 21.38 -24.99
CA GLU B 44 12.78 21.50 -23.59
C GLU B 44 12.85 22.99 -23.23
N LYS B 45 11.96 23.49 -22.40
CA LYS B 45 12.02 24.92 -22.09
C LYS B 45 11.81 25.12 -20.61
N LYS B 46 11.68 26.33 -20.22
CA LYS B 46 11.45 26.64 -18.79
C LYS B 46 10.00 27.05 -18.55
N ILE B 47 9.35 26.39 -17.62
CA ILE B 47 7.94 26.71 -17.30
C ILE B 47 7.81 26.95 -15.79
N VAL B 48 6.90 27.79 -15.42
CA VAL B 48 6.69 28.11 -14.01
C VAL B 48 5.71 27.11 -13.50
N ILE B 49 5.83 26.76 -12.29
CA ILE B 49 4.89 25.72 -11.75
C ILE B 49 4.03 26.24 -10.59
N ASP B 50 4.34 27.36 -10.01
CA ASP B 50 3.51 27.85 -8.88
C ASP B 50 3.36 29.35 -8.98
N ASP B 51 2.74 29.95 -8.00
CA ASP B 51 2.54 31.42 -8.02
C ASP B 51 3.84 32.13 -7.62
N ALA B 52 4.66 31.49 -6.82
CA ALA B 52 5.94 32.13 -6.39
C ALA B 52 6.91 32.31 -7.58
N GLY B 53 6.67 31.65 -8.68
CA GLY B 53 7.61 31.80 -9.85
C GLY B 53 8.63 30.64 -9.92
N THR B 54 8.41 29.56 -9.20
CA THR B 54 9.35 28.42 -9.25
C THR B 54 9.46 27.98 -10.69
N GLU B 55 10.64 27.72 -11.15
CA GLU B 55 10.78 27.32 -12.59
C GLU B 55 11.43 25.94 -12.73
N VAL B 56 10.91 25.15 -13.64
CA VAL B 56 11.49 23.79 -13.90
C VAL B 56 11.74 23.59 -15.43
N HIS B 57 12.95 23.22 -15.80
CA HIS B 57 13.30 23.00 -17.22
C HIS B 57 12.53 21.79 -17.67
N ALA B 58 11.38 22.02 -18.18
CA ALA B 58 10.50 20.90 -18.59
C ALA B 58 10.85 20.37 -19.97
N MET B 59 10.64 19.10 -20.14
CA MET B 59 10.87 18.41 -21.43
C MET B 59 9.48 18.10 -21.83
N ALA B 60 9.01 18.69 -22.85
CA ALA B 60 7.58 18.50 -23.09
C ALA B 60 7.29 18.13 -24.49
N PHE B 61 6.55 17.10 -24.59
CA PHE B 61 6.09 16.65 -25.93
C PHE B 61 4.96 17.58 -26.38
N ASN B 62 5.08 18.20 -27.53
CA ASN B 62 4.00 19.14 -27.97
C ASN B 62 4.08 20.47 -27.18
N GLY B 63 5.16 20.73 -26.46
CA GLY B 63 5.27 21.99 -25.69
C GLY B 63 4.27 22.04 -24.52
N THR B 64 3.75 20.92 -24.05
CA THR B 64 2.79 21.04 -22.88
C THR B 64 2.90 19.84 -21.90
N VAL B 65 2.95 20.12 -20.59
CA VAL B 65 2.97 19.04 -19.59
C VAL B 65 1.58 18.98 -18.96
N PRO B 66 0.92 17.87 -19.08
CA PRO B 66 1.46 16.67 -19.76
C PRO B 66 1.19 16.68 -21.27
N GLY B 67 2.00 15.97 -22.02
CA GLY B 67 1.77 15.91 -23.48
C GLY B 67 0.28 15.83 -23.76
N PRO B 68 -0.09 15.90 -25.00
CA PRO B 68 -1.52 15.85 -25.42
C PRO B 68 -2.06 14.41 -25.47
N LEU B 69 -3.35 14.24 -25.27
CA LEU B 69 -3.93 12.87 -25.31
C LEU B 69 -4.35 12.49 -26.74
N MET B 70 -3.73 11.48 -27.31
CA MET B 70 -4.08 11.03 -28.66
C MET B 70 -5.19 10.02 -28.51
N VAL B 71 -6.09 9.99 -29.43
CA VAL B 71 -7.24 9.04 -29.29
C VAL B 71 -7.52 8.30 -30.61
N VAL B 72 -7.43 7.01 -30.56
CA VAL B 72 -7.73 6.16 -31.73
C VAL B 72 -8.59 4.98 -31.25
N HIS B 73 -9.00 4.11 -32.12
CA HIS B 73 -9.84 2.97 -31.70
C HIS B 73 -8.99 1.71 -31.68
N GLN B 74 -9.51 0.68 -31.10
CA GLN B 74 -8.76 -0.60 -31.03
C GLN B 74 -8.64 -1.18 -32.42
N ASP B 75 -7.48 -1.60 -32.78
CA ASP B 75 -7.27 -2.16 -34.14
C ASP B 75 -6.58 -1.12 -35.02
N ASP B 76 -6.93 0.14 -34.86
CA ASP B 76 -6.31 1.21 -35.68
C ASP B 76 -4.82 1.34 -35.31
N TYR B 77 -4.00 1.70 -36.26
CA TYR B 77 -2.55 1.85 -36.00
C TYR B 77 -2.23 3.34 -35.78
N LEU B 78 -1.49 3.61 -34.75
CA LEU B 78 -1.10 5.00 -34.41
C LEU B 78 0.29 5.23 -34.98
N GLU B 79 0.40 6.19 -35.83
CA GLU B 79 1.70 6.49 -36.48
C GLU B 79 2.09 7.85 -36.01
N LEU B 80 3.13 7.92 -35.27
CA LEU B 80 3.52 9.26 -34.72
C LEU B 80 4.89 9.73 -35.19
N THR B 81 4.91 10.85 -35.86
CA THR B 81 6.21 11.46 -36.31
C THR B 81 6.70 12.37 -35.17
N LEU B 82 7.77 12.00 -34.53
CA LEU B 82 8.29 12.76 -33.40
C LEU B 82 9.46 13.52 -33.92
N ILE B 83 9.62 14.68 -33.44
CA ILE B 83 10.73 15.54 -33.92
C ILE B 83 11.43 16.23 -32.76
N ASN B 84 12.71 16.07 -32.68
CA ASN B 84 13.52 16.70 -31.60
C ASN B 84 14.36 17.81 -32.26
N PRO B 85 13.89 19.01 -32.17
CA PRO B 85 14.53 20.21 -32.78
C PRO B 85 15.99 20.36 -32.41
N GLU B 86 16.76 20.94 -33.29
CA GLU B 86 18.21 21.14 -33.00
C GLU B 86 18.38 22.08 -31.79
N THR B 87 17.42 22.93 -31.52
CA THR B 87 17.55 23.87 -30.37
C THR B 87 17.66 23.08 -29.05
N ASN B 88 17.12 21.90 -28.99
CA ASN B 88 17.18 21.10 -27.74
C ASN B 88 18.62 20.62 -27.52
N THR B 89 18.92 20.14 -26.34
CA THR B 89 20.31 19.66 -26.06
C THR B 89 20.34 18.19 -25.55
N LEU B 90 19.23 17.47 -25.48
CA LEU B 90 19.31 16.05 -24.99
C LEU B 90 18.53 15.10 -25.91
N MET B 91 19.05 13.91 -26.15
CA MET B 91 18.33 12.94 -27.02
C MET B 91 17.13 12.39 -26.25
N HIS B 92 16.01 12.21 -26.90
CA HIS B 92 14.82 11.69 -26.20
C HIS B 92 14.39 10.34 -26.78
N ASN B 93 13.12 10.06 -26.68
CA ASN B 93 12.56 8.78 -27.20
C ASN B 93 11.14 8.62 -26.62
N ILE B 94 10.27 7.87 -27.27
CA ILE B 94 8.88 7.74 -26.71
C ILE B 94 8.52 6.25 -26.52
N ASP B 95 8.02 5.91 -25.36
CA ASP B 95 7.59 4.51 -25.09
C ASP B 95 6.09 4.51 -24.76
N PHE B 96 5.26 4.04 -25.65
CA PHE B 96 3.79 4.03 -25.39
C PHE B 96 3.38 2.71 -24.74
N HIS B 97 2.91 2.79 -23.53
CA HIS B 97 2.45 1.56 -22.80
C HIS B 97 1.43 0.78 -23.67
N ALA B 98 0.71 1.45 -24.54
CA ALA B 98 -0.32 0.73 -25.37
C ALA B 98 0.29 0.03 -26.60
N ALA B 99 1.59 -0.01 -26.72
CA ALA B 99 2.21 -0.69 -27.89
C ALA B 99 2.91 -1.96 -27.42
N THR B 100 3.29 -2.81 -28.32
CA THR B 100 3.97 -4.08 -27.90
C THR B 100 5.25 -4.32 -28.72
N GLY B 101 6.40 -4.25 -28.10
CA GLY B 101 7.70 -4.53 -28.81
C GLY B 101 8.66 -3.30 -28.79
N ALA B 102 9.93 -3.50 -28.49
CA ALA B 102 10.89 -2.34 -28.51
C ALA B 102 10.65 -1.42 -27.31
N LEU B 103 10.55 -1.99 -26.15
CA LEU B 103 10.35 -1.15 -24.93
C LEU B 103 9.23 -0.12 -25.16
N GLY B 104 8.17 -0.51 -25.80
CA GLY B 104 7.04 0.45 -26.04
C GLY B 104 7.43 1.48 -27.12
N GLY B 105 8.34 1.13 -27.98
CA GLY B 105 8.75 2.10 -29.06
C GLY B 105 9.96 2.95 -28.64
N GLY B 106 10.43 2.83 -27.43
CA GLY B 106 11.60 3.65 -26.99
C GLY B 106 12.89 3.14 -27.64
N GLY B 107 12.96 1.88 -27.99
CA GLY B 107 14.20 1.33 -28.61
C GLY B 107 14.29 1.71 -30.10
N LEU B 108 13.21 2.16 -30.69
CA LEU B 108 13.26 2.53 -32.15
C LEU B 108 12.90 4.02 -32.36
N THR B 109 13.01 4.83 -31.34
CA THR B 109 12.69 6.29 -31.49
C THR B 109 13.75 7.19 -30.81
N GLU B 110 14.94 6.70 -30.55
CA GLU B 110 15.98 7.54 -29.91
C GLU B 110 16.44 8.58 -30.94
N ILE B 111 16.12 9.81 -30.72
CA ILE B 111 16.51 10.85 -31.71
C ILE B 111 17.25 11.98 -31.02
N ASN B 112 18.40 12.30 -31.51
CA ASN B 112 19.18 13.40 -30.88
C ASN B 112 18.82 14.71 -31.56
N PRO B 113 19.06 15.81 -30.92
CA PRO B 113 18.76 17.16 -31.48
C PRO B 113 18.99 17.21 -32.99
N GLY B 114 18.02 17.67 -33.73
CA GLY B 114 18.18 17.73 -35.23
C GLY B 114 17.77 16.40 -35.88
N GLU B 115 17.03 15.55 -35.19
CA GLU B 115 16.61 14.26 -35.82
C GLU B 115 15.13 13.95 -35.52
N LYS B 116 14.42 13.37 -36.46
CA LYS B 116 12.98 13.03 -36.23
C LYS B 116 12.71 11.63 -36.82
N THR B 117 11.78 10.90 -36.27
CA THR B 117 11.49 9.55 -36.82
C THR B 117 9.99 9.36 -36.91
N ILE B 118 9.57 8.20 -37.30
CA ILE B 118 8.13 7.91 -37.42
C ILE B 118 7.88 6.47 -36.97
N LEU B 119 7.17 6.28 -35.91
CA LEU B 119 6.93 4.89 -35.42
C LEU B 119 5.43 4.57 -35.52
N ARG B 120 5.12 3.42 -36.04
CA ARG B 120 3.68 3.03 -36.17
C ARG B 120 3.43 1.71 -35.40
N PHE B 121 2.45 1.70 -34.55
CA PHE B 121 2.14 0.46 -33.77
C PHE B 121 0.63 0.20 -33.80
N LYS B 122 0.26 -1.04 -33.74
CA LYS B 122 -1.18 -1.42 -33.76
C LYS B 122 -1.72 -1.36 -32.34
N ALA B 123 -2.80 -0.67 -32.20
CA ALA B 123 -3.46 -0.50 -30.89
C ALA B 123 -4.30 -1.73 -30.71
N THR B 124 -3.74 -2.68 -30.08
CA THR B 124 -4.47 -4.00 -29.95
C THR B 124 -5.30 -4.13 -28.67
N LYS B 125 -5.20 -3.22 -27.75
CA LYS B 125 -5.99 -3.33 -26.50
C LYS B 125 -6.69 -2.01 -26.22
N PRO B 126 -7.92 -2.08 -25.78
CA PRO B 126 -8.72 -0.87 -25.47
C PRO B 126 -8.48 -0.32 -24.06
N GLY B 127 -8.28 0.97 -23.92
CA GLY B 127 -8.05 1.53 -22.56
C GLY B 127 -7.05 2.69 -22.61
N VAL B 128 -7.10 3.54 -21.62
CA VAL B 128 -6.17 4.70 -21.58
C VAL B 128 -4.83 4.18 -21.11
N PHE B 129 -3.78 4.72 -21.63
CA PHE B 129 -2.44 4.23 -21.24
C PHE B 129 -1.53 5.42 -21.18
N VAL B 130 -0.49 5.34 -20.44
CA VAL B 130 0.44 6.52 -20.35
C VAL B 130 1.72 6.35 -21.21
N TYR B 131 2.04 7.34 -22.04
CA TYR B 131 3.28 7.29 -22.84
C TYR B 131 4.30 8.19 -22.14
N HIS B 132 5.56 7.97 -22.34
CA HIS B 132 6.57 8.82 -21.64
C HIS B 132 7.97 8.55 -22.22
N CYS B 133 8.80 9.58 -22.33
CA CYS B 133 10.16 9.40 -22.88
C CYS B 133 11.02 8.64 -21.88
N ALA B 134 11.94 7.82 -22.32
CA ALA B 134 12.76 7.06 -21.35
C ALA B 134 14.12 6.69 -21.95
N PRO B 135 14.99 7.65 -22.09
CA PRO B 135 16.35 7.41 -22.63
C PRO B 135 17.19 6.55 -21.68
N PRO B 136 17.70 5.44 -22.14
CA PRO B 136 18.51 4.52 -21.30
C PRO B 136 19.50 5.25 -20.36
N GLY B 137 19.35 5.08 -19.06
CA GLY B 137 20.29 5.75 -18.11
C GLY B 137 19.70 7.06 -17.53
N MET B 138 18.68 7.63 -18.13
CA MET B 138 18.13 8.90 -17.59
C MET B 138 16.62 8.87 -17.73
N VAL B 139 16.04 7.75 -17.42
CA VAL B 139 14.55 7.62 -17.54
C VAL B 139 13.82 8.55 -16.56
N PRO B 140 13.92 8.26 -15.28
CA PRO B 140 13.24 9.03 -14.20
C PRO B 140 13.39 10.53 -14.34
N TRP B 141 14.52 10.97 -14.81
CA TRP B 141 14.73 12.44 -14.96
C TRP B 141 13.82 13.00 -16.05
N HIS B 142 13.82 12.37 -17.20
CA HIS B 142 12.97 12.86 -18.33
C HIS B 142 11.47 12.80 -17.96
N VAL B 143 11.04 11.79 -17.26
CA VAL B 143 9.59 11.68 -16.91
C VAL B 143 9.21 12.73 -15.87
N VAL B 144 10.01 12.87 -14.85
CA VAL B 144 9.69 13.87 -13.79
C VAL B 144 9.73 15.26 -14.39
N SER B 145 10.59 15.47 -15.35
CA SER B 145 10.68 16.81 -15.99
C SER B 145 9.38 17.15 -16.74
N GLY B 146 8.44 16.22 -16.80
CA GLY B 146 7.17 16.49 -17.51
C GLY B 146 7.19 15.89 -18.93
N MET B 147 7.97 14.86 -19.17
CA MET B 147 7.98 14.26 -20.54
C MET B 147 7.09 13.02 -20.54
N ASN B 148 5.80 13.21 -20.42
CA ASN B 148 4.87 12.05 -20.41
C ASN B 148 3.42 12.53 -20.55
N GLY B 149 2.60 11.74 -21.16
CA GLY B 149 1.16 12.10 -21.36
C GLY B 149 0.31 10.81 -21.35
N ALA B 150 -0.63 10.65 -22.25
CA ALA B 150 -1.44 9.41 -22.26
C ALA B 150 -2.34 9.34 -23.51
N ILE B 151 -2.55 8.16 -24.04
CA ILE B 151 -3.43 8.02 -25.24
C ILE B 151 -4.64 7.15 -24.88
N MET B 152 -5.75 7.34 -25.53
CA MET B 152 -6.95 6.53 -25.21
C MET B 152 -7.40 5.73 -26.45
N VAL B 153 -7.32 4.43 -26.38
CA VAL B 153 -7.74 3.56 -27.50
C VAL B 153 -9.13 3.10 -27.15
N LEU B 154 -10.12 3.67 -27.75
CA LEU B 154 -11.52 3.30 -27.36
C LEU B 154 -12.05 2.12 -28.17
N PRO B 155 -12.79 1.25 -27.52
CA PRO B 155 -13.42 0.09 -28.19
C PRO B 155 -14.14 0.53 -29.46
N ARG B 156 -14.02 -0.22 -30.52
CA ARG B 156 -14.68 0.17 -31.81
C ARG B 156 -16.15 0.51 -31.57
N GLU B 157 -16.78 -0.15 -30.64
CA GLU B 157 -18.22 0.12 -30.37
C GLU B 157 -18.41 1.17 -29.25
N GLY B 158 -17.39 1.93 -28.91
CA GLY B 158 -17.56 2.96 -27.84
C GLY B 158 -17.33 2.34 -26.47
N LEU B 159 -17.66 3.03 -25.43
CA LEU B 159 -17.47 2.47 -24.06
C LEU B 159 -18.80 1.94 -23.48
N HIS B 160 -18.75 0.82 -22.79
CA HIS B 160 -19.97 0.25 -22.17
C HIS B 160 -19.64 -0.13 -20.73
N ASP B 161 -20.62 -0.26 -19.90
CA ASP B 161 -20.38 -0.61 -18.47
C ASP B 161 -19.90 -2.07 -18.36
N GLY B 162 -19.94 -2.62 -17.18
CA GLY B 162 -19.49 -4.04 -17.00
C GLY B 162 -20.58 -5.07 -17.42
N LYS B 163 -21.76 -4.65 -17.80
CA LYS B 163 -22.81 -5.65 -18.20
C LYS B 163 -23.12 -5.54 -19.70
N GLY B 164 -22.53 -4.60 -20.40
CA GLY B 164 -22.81 -4.45 -21.87
C GLY B 164 -23.58 -3.15 -22.22
N LYS B 165 -24.10 -2.42 -21.26
CA LYS B 165 -24.86 -1.18 -21.57
C LYS B 165 -23.91 -0.15 -22.14
N ALA B 166 -24.36 0.63 -23.08
CA ALA B 166 -23.48 1.67 -23.69
C ALA B 166 -23.39 2.93 -22.79
N LEU B 167 -22.18 3.41 -22.60
CA LEU B 167 -21.94 4.63 -21.79
C LEU B 167 -21.34 5.66 -22.74
N THR B 168 -22.03 6.73 -22.97
CA THR B 168 -21.57 7.75 -23.92
C THR B 168 -21.38 9.01 -23.16
N TYR B 169 -20.24 9.57 -23.25
CA TYR B 169 -19.95 10.81 -22.47
C TYR B 169 -20.17 12.06 -23.35
N ASP B 170 -20.73 13.09 -22.78
CA ASP B 170 -20.95 14.34 -23.57
C ASP B 170 -19.61 15.09 -23.75
N LYS B 171 -18.75 15.04 -22.76
CA LYS B 171 -17.44 15.74 -22.87
C LYS B 171 -16.37 14.91 -22.17
N ILE B 172 -15.14 15.15 -22.48
CA ILE B 172 -14.03 14.38 -21.84
C ILE B 172 -12.81 15.28 -21.63
N TYR B 173 -12.24 15.24 -20.46
CA TYR B 173 -11.06 16.07 -20.15
C TYR B 173 -9.94 15.12 -19.70
N TYR B 174 -8.73 15.48 -19.99
CA TYR B 174 -7.58 14.61 -19.61
C TYR B 174 -6.69 15.38 -18.65
N VAL B 175 -6.65 14.96 -17.43
CA VAL B 175 -5.82 15.66 -16.42
C VAL B 175 -4.57 14.84 -16.10
N GLY B 176 -3.45 15.30 -16.57
CA GLY B 176 -2.17 14.60 -16.31
C GLY B 176 -1.56 15.17 -15.03
N GLU B 177 -1.22 14.32 -14.13
CA GLU B 177 -0.65 14.76 -12.85
C GLU B 177 0.83 14.61 -12.96
N GLN B 178 1.55 15.48 -12.36
CA GLN B 178 3.02 15.39 -12.48
C GLN B 178 3.69 15.74 -11.15
N ASP B 179 4.46 14.83 -10.63
CA ASP B 179 5.17 15.10 -9.34
C ASP B 179 6.58 15.60 -9.67
N PHE B 180 6.91 16.80 -9.29
CA PHE B 180 8.25 17.33 -9.58
C PHE B 180 9.11 17.18 -8.34
N TYR B 181 10.34 17.52 -8.49
CA TYR B 181 11.31 17.42 -7.37
C TYR B 181 12.27 18.58 -7.58
N VAL B 182 11.94 19.70 -7.03
CA VAL B 182 12.77 20.90 -7.26
C VAL B 182 13.75 21.13 -6.14
N PRO B 183 14.98 21.30 -6.49
CA PRO B 183 16.07 21.55 -5.49
C PRO B 183 15.88 22.90 -4.75
N ARG B 184 16.18 22.93 -3.47
CA ARG B 184 16.03 24.19 -2.70
C ARG B 184 17.40 24.56 -2.13
N ASP B 185 17.63 25.81 -1.91
CA ASP B 185 18.96 26.24 -1.37
C ASP B 185 18.97 26.08 0.15
N GLU B 186 19.85 26.77 0.82
CA GLU B 186 19.92 26.66 2.30
C GLU B 186 18.70 27.36 2.93
N ASN B 187 18.27 28.45 2.35
CA ASN B 187 17.10 29.19 2.92
C ASN B 187 15.77 28.43 2.64
N GLY B 188 15.83 27.26 2.06
CA GLY B 188 14.55 26.52 1.77
C GLY B 188 13.81 27.10 0.54
N LYS B 189 14.44 27.96 -0.22
CA LYS B 189 13.77 28.52 -1.43
C LYS B 189 14.16 27.69 -2.64
N TYR B 190 13.28 27.59 -3.59
CA TYR B 190 13.58 26.79 -4.80
C TYR B 190 14.75 27.42 -5.54
N LYS B 191 15.54 26.61 -6.18
CA LYS B 191 16.72 27.16 -6.92
C LYS B 191 16.45 27.15 -8.43
N LYS B 192 16.96 28.13 -9.14
CA LYS B 192 16.76 28.19 -10.59
C LYS B 192 18.11 27.97 -11.26
N TYR B 193 18.12 27.46 -12.44
CA TYR B 193 19.41 27.20 -13.11
C TYR B 193 19.38 27.81 -14.50
N GLU B 194 20.47 27.76 -15.18
CA GLU B 194 20.53 28.33 -16.55
C GLU B 194 20.14 27.26 -17.59
N ALA B 195 20.76 26.11 -17.53
CA ALA B 195 20.43 25.05 -18.50
C ALA B 195 19.93 23.80 -17.75
N PRO B 196 19.19 22.97 -18.43
CA PRO B 196 18.62 21.72 -17.83
C PRO B 196 19.69 20.82 -17.20
N GLY B 197 20.87 20.78 -17.76
CA GLY B 197 21.95 19.90 -17.19
C GLY B 197 22.45 20.42 -15.82
N ASP B 198 22.44 21.71 -15.59
CA ASP B 198 22.96 22.25 -14.29
C ASP B 198 22.04 21.83 -13.14
N ALA B 199 20.85 21.40 -13.43
CA ALA B 199 19.92 20.98 -12.34
C ALA B 199 19.77 19.45 -12.29
N TYR B 200 20.64 18.72 -12.92
CA TYR B 200 20.55 17.22 -12.89
C TYR B 200 21.00 16.61 -11.54
N GLU B 201 22.17 16.95 -11.02
CA GLU B 201 22.65 16.31 -9.75
C GLU B 201 21.78 16.74 -8.57
N ASP B 202 21.45 17.99 -8.51
CA ASP B 202 20.62 18.48 -7.37
C ASP B 202 19.22 17.88 -7.45
N THR B 203 18.72 17.65 -8.63
CA THR B 203 17.36 17.06 -8.77
C THR B 203 17.40 15.60 -8.34
N VAL B 204 18.34 14.86 -8.86
CA VAL B 204 18.44 13.43 -8.48
C VAL B 204 18.37 13.31 -6.96
N LYS B 205 19.13 14.12 -6.26
CA LYS B 205 19.10 14.06 -4.77
C LYS B 205 17.65 14.17 -4.27
N VAL B 206 16.91 15.12 -4.78
CA VAL B 206 15.49 15.27 -4.35
C VAL B 206 14.67 14.06 -4.79
N MET B 207 14.90 13.59 -5.99
CA MET B 207 14.12 12.41 -6.48
C MET B 207 14.36 11.18 -5.58
N ARG B 208 15.54 11.03 -5.04
CA ARG B 208 15.82 9.84 -4.18
C ARG B 208 14.95 9.89 -2.93
N THR B 209 14.71 11.06 -2.41
CA THR B 209 13.86 11.18 -1.18
C THR B 209 12.43 10.66 -1.43
N LEU B 210 12.08 10.35 -2.66
CA LEU B 210 10.70 9.86 -2.93
C LEU B 210 9.69 10.85 -2.35
N THR B 211 10.02 12.12 -2.36
CA THR B 211 9.08 13.13 -1.81
C THR B 211 9.04 14.32 -2.76
N PRO B 212 8.03 14.39 -3.57
CA PRO B 212 7.87 15.51 -4.56
C PRO B 212 7.58 16.87 -3.91
N THR B 213 8.29 17.92 -4.29
CA THR B 213 8.03 19.26 -3.70
C THR B 213 6.70 19.81 -4.25
N HIS B 214 6.26 19.37 -5.40
CA HIS B 214 4.98 19.88 -5.97
C HIS B 214 4.32 18.78 -6.82
N VAL B 215 3.06 18.54 -6.59
CA VAL B 215 2.35 17.50 -7.37
C VAL B 215 1.19 18.23 -7.97
N VAL B 216 1.12 18.34 -9.26
CA VAL B 216 0.01 19.17 -9.76
C VAL B 216 -0.62 18.61 -11.01
N PHE B 217 -1.55 19.34 -11.52
CA PHE B 217 -2.26 18.88 -12.75
C PHE B 217 -2.09 19.94 -13.84
N ASN B 218 -1.87 19.51 -15.06
CA ASN B 218 -1.70 20.50 -16.17
C ASN B 218 -0.30 21.18 -16.16
N GLY B 219 0.61 20.77 -15.31
CA GLY B 219 1.96 21.40 -15.29
C GLY B 219 2.12 22.54 -14.23
N ALA B 220 1.14 22.85 -13.38
CA ALA B 220 1.40 23.95 -12.40
C ALA B 220 0.31 24.01 -11.33
N VAL B 221 0.67 24.38 -10.13
CA VAL B 221 -0.35 24.48 -9.05
C VAL B 221 -1.40 25.52 -9.48
N GLY B 222 -2.65 25.16 -9.42
CA GLY B 222 -3.72 26.12 -9.85
C GLY B 222 -3.80 26.22 -11.39
N ALA B 223 -3.37 25.21 -12.13
CA ALA B 223 -3.45 25.28 -13.63
C ALA B 223 -4.91 25.08 -14.11
N LEU B 224 -5.72 24.32 -13.41
CA LEU B 224 -7.12 24.07 -13.85
C LEU B 224 -8.13 24.78 -12.93
N THR B 225 -7.89 26.02 -12.63
CA THR B 225 -8.82 26.80 -11.77
C THR B 225 -9.00 28.18 -12.38
N GLY B 226 -9.88 28.97 -11.86
CA GLY B 226 -10.11 30.33 -12.41
C GLY B 226 -10.72 30.19 -13.78
N ASP B 227 -10.26 30.97 -14.72
CA ASP B 227 -10.81 30.87 -16.10
C ASP B 227 -10.47 29.50 -16.70
N LYS B 228 -9.49 28.81 -16.17
CA LYS B 228 -9.13 27.47 -16.72
C LYS B 228 -9.88 26.34 -16.00
N ALA B 229 -10.71 26.64 -15.02
CA ALA B 229 -11.45 25.55 -14.31
C ALA B 229 -12.35 24.79 -15.30
N MET B 230 -12.32 23.48 -15.28
CA MET B 230 -13.17 22.71 -16.20
C MET B 230 -14.60 23.20 -16.06
N THR B 231 -15.47 22.70 -16.86
CA THR B 231 -16.90 23.13 -16.80
C THR B 231 -17.83 21.94 -17.09
N ALA B 232 -18.97 21.94 -16.48
CA ALA B 232 -19.98 20.86 -16.68
C ALA B 232 -21.32 21.34 -16.13
N ALA B 233 -22.42 20.80 -16.61
CA ALA B 233 -23.74 21.25 -16.12
C ALA B 233 -24.53 20.04 -15.62
N VAL B 234 -25.46 20.29 -14.75
CA VAL B 234 -26.30 19.20 -14.20
C VAL B 234 -26.85 18.37 -15.35
N GLY B 235 -26.72 17.10 -15.26
CA GLY B 235 -27.23 16.21 -16.36
C GLY B 235 -26.14 15.95 -17.44
N GLU B 236 -24.96 16.50 -17.28
CA GLU B 236 -23.88 16.27 -18.28
C GLU B 236 -23.04 15.07 -17.85
N LYS B 237 -22.70 14.25 -18.78
CA LYS B 237 -21.88 13.06 -18.48
C LYS B 237 -20.47 13.40 -18.91
N VAL B 238 -19.55 13.27 -18.03
CA VAL B 238 -18.16 13.66 -18.39
C VAL B 238 -17.17 12.57 -18.01
N LEU B 239 -16.32 12.24 -18.93
CA LEU B 239 -15.29 11.21 -18.65
C LEU B 239 -13.96 11.92 -18.38
N ILE B 240 -13.39 11.69 -17.24
CA ILE B 240 -12.11 12.38 -16.89
C ILE B 240 -10.96 11.37 -16.84
N VAL B 241 -10.13 11.41 -17.84
CA VAL B 241 -8.97 10.49 -17.89
C VAL B 241 -7.86 11.13 -17.08
N HIS B 242 -7.18 10.35 -16.33
CA HIS B 242 -6.11 10.91 -15.48
C HIS B 242 -4.91 9.98 -15.57
N SER B 243 -3.76 10.54 -15.67
CA SER B 243 -2.54 9.69 -15.78
C SER B 243 -1.42 10.18 -14.85
N GLN B 244 -0.60 9.25 -14.42
CA GLN B 244 0.56 9.53 -13.53
C GLN B 244 1.67 8.57 -13.98
N ALA B 245 2.64 9.07 -14.69
CA ALA B 245 3.73 8.20 -15.24
C ALA B 245 4.97 8.33 -14.38
N ASN B 246 4.78 8.25 -13.11
CA ASN B 246 5.91 8.34 -12.15
C ASN B 246 5.39 8.51 -10.69
N ARG B 247 4.22 7.99 -10.32
CA ARG B 247 3.78 8.17 -8.91
C ARG B 247 2.34 7.72 -8.76
N ASP B 248 2.01 7.07 -7.66
CA ASP B 248 0.59 6.63 -7.49
C ASP B 248 -0.31 7.78 -6.95
N THR B 249 -1.49 7.98 -7.52
CA THR B 249 -2.39 9.03 -7.03
C THR B 249 -3.73 8.38 -6.67
N ARG B 250 -4.63 9.15 -6.18
CA ARG B 250 -5.97 8.61 -5.78
C ARG B 250 -7.01 9.71 -6.02
N PRO B 251 -7.49 9.80 -7.23
CA PRO B 251 -8.48 10.82 -7.66
C PRO B 251 -9.75 10.85 -6.82
N HIS B 252 -10.33 12.00 -6.70
CA HIS B 252 -11.60 12.15 -5.92
C HIS B 252 -12.31 13.49 -6.26
N LEU B 253 -13.52 13.43 -6.77
CA LEU B 253 -14.28 14.66 -7.10
C LEU B 253 -15.07 15.09 -5.87
N ILE B 254 -14.66 16.16 -5.27
CA ILE B 254 -15.31 16.68 -4.06
C ILE B 254 -16.73 17.06 -4.39
N GLY B 255 -17.64 16.50 -3.69
CA GLY B 255 -19.07 16.80 -3.95
C GLY B 255 -19.66 15.80 -4.97
N GLY B 256 -18.84 15.00 -5.61
CA GLY B 256 -19.38 14.03 -6.60
C GLY B 256 -18.81 12.63 -6.34
N HIS B 257 -18.73 11.84 -7.36
CA HIS B 257 -18.19 10.47 -7.23
C HIS B 257 -18.04 9.86 -8.63
N GLY B 258 -17.20 8.88 -8.75
CA GLY B 258 -16.99 8.23 -10.08
C GLY B 258 -18.07 7.18 -10.27
N ASP B 259 -19.02 7.47 -11.08
CA ASP B 259 -20.13 6.50 -11.30
C ASP B 259 -19.53 5.19 -11.78
N TYR B 260 -18.74 5.27 -12.79
CA TYR B 260 -18.07 4.07 -13.34
C TYR B 260 -16.60 4.42 -13.48
N VAL B 261 -15.72 3.67 -12.88
CA VAL B 261 -14.29 4.07 -12.98
C VAL B 261 -13.37 2.90 -13.35
N TRP B 262 -12.84 2.92 -14.54
CA TRP B 262 -11.88 1.88 -14.96
C TRP B 262 -10.57 2.26 -14.29
N ALA B 263 -10.43 1.84 -13.08
CA ALA B 263 -9.25 2.27 -12.26
C ALA B 263 -7.97 1.84 -12.93
N THR B 264 -8.00 0.68 -13.48
CA THR B 264 -6.79 0.16 -14.15
C THR B 264 -6.62 0.81 -15.53
N GLY B 265 -7.59 1.56 -15.97
CA GLY B 265 -7.46 2.21 -17.33
C GLY B 265 -7.58 1.17 -18.47
N LYS B 266 -8.25 0.07 -18.24
CA LYS B 266 -8.43 -0.98 -19.28
C LYS B 266 -9.94 -1.14 -19.47
N PHE B 267 -10.40 -1.00 -20.68
CA PHE B 267 -11.87 -1.10 -20.92
C PHE B 267 -12.37 -2.53 -20.71
N ASN B 268 -11.60 -3.51 -21.11
CA ASN B 268 -12.05 -4.91 -20.96
C ASN B 268 -12.27 -5.24 -19.49
N THR B 269 -11.52 -4.61 -18.63
CA THR B 269 -11.66 -4.87 -17.18
C THR B 269 -12.87 -4.09 -16.66
N PRO B 270 -13.87 -4.79 -16.22
CA PRO B 270 -15.12 -4.14 -15.71
C PRO B 270 -14.83 -2.91 -14.84
N PRO B 271 -15.55 -1.81 -15.04
CA PRO B 271 -15.31 -0.56 -14.24
C PRO B 271 -15.98 -0.57 -12.84
N ASP B 272 -15.21 -0.34 -11.77
CA ASP B 272 -15.86 -0.30 -10.44
C ASP B 272 -17.03 0.66 -10.55
N VAL B 273 -17.82 0.78 -9.54
CA VAL B 273 -18.98 1.72 -9.63
C VAL B 273 -19.25 2.41 -8.28
N ASP B 274 -19.76 3.61 -8.32
CA ASP B 274 -20.07 4.34 -7.07
C ASP B 274 -18.78 4.50 -6.32
N GLN B 275 -17.81 5.08 -6.94
CA GLN B 275 -16.48 5.21 -6.23
C GLN B 275 -16.27 6.62 -5.63
N GLU B 276 -15.92 6.68 -4.35
CA GLU B 276 -15.64 8.01 -3.73
C GLU B 276 -14.19 8.45 -4.06
N THR B 277 -13.26 7.52 -4.04
CA THR B 277 -11.84 7.85 -4.35
C THR B 277 -11.22 6.61 -5.00
N TRP B 278 -10.70 6.75 -6.17
CA TRP B 278 -10.13 5.57 -6.86
C TRP B 278 -8.63 5.48 -6.59
N PHE B 279 -7.94 4.74 -7.40
CA PHE B 279 -6.47 4.59 -7.20
C PHE B 279 -5.78 4.22 -8.53
N ILE B 280 -4.89 5.07 -8.97
CA ILE B 280 -4.14 4.81 -10.24
C ILE B 280 -2.67 4.73 -9.89
N PRO B 281 -2.07 3.58 -10.08
CA PRO B 281 -0.65 3.33 -9.72
C PRO B 281 0.36 4.01 -10.66
N GLY B 282 1.36 4.62 -10.11
CA GLY B 282 2.40 5.26 -10.95
C GLY B 282 2.64 4.37 -12.15
N GLY B 283 2.79 4.94 -13.30
CA GLY B 283 3.00 4.16 -14.52
C GLY B 283 1.66 3.72 -15.10
N ALA B 284 0.59 4.48 -14.91
CA ALA B 284 -0.71 4.01 -15.49
C ALA B 284 -1.75 5.13 -15.56
N ALA B 285 -2.64 5.08 -16.53
CA ALA B 285 -3.71 6.12 -16.64
C ALA B 285 -5.09 5.45 -16.50
N GLY B 286 -5.99 6.03 -15.73
CA GLY B 286 -7.33 5.41 -15.57
C GLY B 286 -8.39 6.31 -16.20
N ALA B 287 -9.63 6.09 -15.88
CA ALA B 287 -10.73 6.92 -16.46
C ALA B 287 -11.98 6.79 -15.58
N ALA B 288 -12.62 7.89 -15.30
CA ALA B 288 -13.85 7.87 -14.46
C ALA B 288 -14.97 8.61 -15.20
N PHE B 289 -16.14 8.05 -15.21
CA PHE B 289 -17.28 8.69 -15.91
C PHE B 289 -18.34 9.04 -14.87
N TYR B 290 -18.78 10.26 -14.85
CA TYR B 290 -19.79 10.63 -13.83
C TYR B 290 -20.76 11.68 -14.38
N THR B 291 -22.01 11.50 -14.09
CA THR B 291 -23.05 12.47 -14.54
C THR B 291 -23.31 13.44 -13.40
N PHE B 292 -23.05 14.69 -13.63
CA PHE B 292 -23.25 15.72 -12.57
C PHE B 292 -24.72 15.85 -12.22
N GLN B 293 -25.00 16.00 -10.96
CA GLN B 293 -26.43 16.16 -10.53
C GLN B 293 -26.63 17.48 -9.75
N GLN B 294 -25.58 18.12 -9.28
CA GLN B 294 -25.75 19.39 -8.52
C GLN B 294 -24.83 20.46 -9.09
N PRO B 295 -25.31 21.68 -9.15
CA PRO B 295 -24.53 22.83 -9.67
C PRO B 295 -23.67 23.47 -8.60
N GLY B 296 -22.64 24.16 -9.00
CA GLY B 296 -21.75 24.82 -8.01
C GLY B 296 -20.29 24.57 -8.39
N ILE B 297 -19.40 24.81 -7.48
CA ILE B 297 -17.95 24.58 -7.78
C ILE B 297 -17.44 23.35 -7.03
N TYR B 298 -16.87 22.41 -7.73
CA TYR B 298 -16.36 21.19 -7.08
C TYR B 298 -14.86 21.07 -7.34
N ALA B 299 -14.12 20.58 -6.38
CA ALA B 299 -12.65 20.44 -6.55
C ALA B 299 -12.34 18.99 -6.85
N TYR B 300 -11.49 18.74 -7.81
CA TYR B 300 -11.16 17.33 -8.14
C TYR B 300 -9.70 17.16 -7.86
N VAL B 301 -9.34 16.33 -6.94
CA VAL B 301 -7.88 16.27 -6.68
C VAL B 301 -7.44 14.98 -6.03
N ASN B 302 -6.16 14.84 -5.92
CA ASN B 302 -5.57 13.65 -5.29
C ASN B 302 -5.98 13.70 -3.85
N HIS B 303 -6.52 12.65 -3.36
CA HIS B 303 -7.00 12.70 -1.96
C HIS B 303 -5.83 12.99 -1.07
N ASN B 304 -4.72 12.32 -1.22
CA ASN B 304 -3.62 12.76 -0.31
C ASN B 304 -3.88 14.28 -0.02
N LEU B 305 -4.66 14.61 1.00
CA LEU B 305 -5.02 16.03 1.27
C LEU B 305 -3.78 16.89 1.19
N ILE B 306 -2.74 16.42 1.78
CA ILE B 306 -1.47 17.20 1.76
C ILE B 306 -1.06 17.42 0.31
N GLU B 307 -1.03 16.37 -0.45
CA GLU B 307 -0.65 16.50 -1.89
C GLU B 307 -1.67 17.39 -2.64
N ALA B 308 -2.94 17.34 -2.29
CA ALA B 308 -3.95 18.17 -3.01
C ALA B 308 -4.02 19.66 -2.53
N PHE B 309 -3.66 19.99 -1.30
CA PHE B 309 -3.79 21.42 -0.89
C PHE B 309 -2.41 22.03 -0.64
N GLU B 310 -1.53 21.28 -0.06
CA GLU B 310 -0.16 21.82 0.23
C GLU B 310 0.80 21.65 -0.97
N LEU B 311 0.64 20.66 -1.81
CA LEU B 311 1.60 20.49 -2.94
C LEU B 311 1.06 21.17 -4.19
N GLY B 312 -0.18 20.98 -4.47
CA GLY B 312 -0.81 21.60 -5.68
C GLY B 312 -1.54 20.55 -6.55
N ALA B 313 -2.15 19.51 -5.98
CA ALA B 313 -2.87 18.54 -6.84
C ALA B 313 -4.39 18.76 -6.71
N ALA B 314 -4.89 19.92 -7.07
CA ALA B 314 -6.36 20.15 -6.95
C ALA B 314 -6.86 21.10 -8.04
N ALA B 315 -7.79 20.66 -8.86
CA ALA B 315 -8.34 21.54 -9.91
C ALA B 315 -9.76 21.90 -9.51
N HIS B 316 -10.49 22.58 -10.33
CA HIS B 316 -11.89 22.93 -9.92
C HIS B 316 -12.85 22.91 -11.11
N PHE B 317 -14.00 22.28 -10.98
CA PHE B 317 -14.99 22.27 -12.10
C PHE B 317 -16.25 23.11 -11.75
N LYS B 318 -16.56 24.11 -12.56
CA LYS B 318 -17.74 24.95 -12.32
C LYS B 318 -18.90 24.26 -13.01
N VAL B 319 -20.01 24.17 -12.37
CA VAL B 319 -21.14 23.46 -12.98
C VAL B 319 -22.38 24.32 -12.88
N THR B 320 -23.05 24.47 -13.98
CA THR B 320 -24.29 25.29 -14.00
C THR B 320 -25.52 24.38 -13.94
N GLY B 321 -26.62 24.88 -13.45
CA GLY B 321 -27.84 24.04 -13.37
C GLY B 321 -28.70 24.48 -12.17
N GLU B 322 -29.61 23.63 -11.76
CA GLU B 322 -30.50 23.96 -10.62
C GLU B 322 -30.16 23.03 -9.46
N TRP B 323 -30.16 23.55 -8.29
CA TRP B 323 -29.83 22.74 -7.10
C TRP B 323 -30.93 21.72 -6.88
N ASN B 324 -30.58 20.66 -6.26
CA ASN B 324 -31.58 19.57 -5.99
C ASN B 324 -31.60 19.31 -4.49
N ASP B 325 -32.61 19.81 -3.83
CA ASP B 325 -32.70 19.63 -2.36
C ASP B 325 -32.85 18.14 -2.05
N ASP B 326 -33.64 17.46 -2.81
CA ASP B 326 -33.84 16.01 -2.56
C ASP B 326 -32.48 15.36 -2.26
N LEU B 327 -31.50 15.64 -3.07
CA LEU B 327 -30.14 15.06 -2.84
C LEU B 327 -29.48 15.70 -1.61
N MET B 328 -29.61 17.00 -1.43
CA MET B 328 -28.96 17.62 -0.25
C MET B 328 -29.62 18.95 0.05
N THR B 329 -29.84 19.24 1.30
CA THR B 329 -30.48 20.54 1.66
C THR B 329 -30.06 20.98 3.06
N SER B 330 -29.70 22.23 3.22
CA SER B 330 -29.29 22.73 4.55
C SER B 330 -30.55 23.04 5.37
N VAL B 331 -30.97 22.13 6.20
CA VAL B 331 -32.20 22.37 7.00
C VAL B 331 -31.99 23.58 7.89
N LEU B 332 -30.87 23.64 8.53
CA LEU B 332 -30.58 24.81 9.42
C LEU B 332 -29.20 25.39 9.07
N ALA B 333 -29.16 26.54 8.47
CA ALA B 333 -27.85 27.14 8.11
C ALA B 333 -27.08 27.47 9.39
N PRO B 334 -25.79 27.52 9.32
CA PRO B 334 -24.92 27.82 10.49
C PRO B 334 -25.44 29.02 11.29
N SER B 335 -25.82 28.81 12.52
CA SER B 335 -26.33 29.94 13.33
C SER B 335 -25.93 29.74 14.79
N GLY B 336 -26.47 30.55 15.66
CA GLY B 336 -26.14 30.41 17.11
C GLY B 336 -26.86 29.20 17.69
N ALA C 1 -11.21 -32.67 7.41
CA ALA C 1 -10.76 -34.09 7.46
C ALA C 1 -10.30 -34.42 8.89
N THR C 2 -10.35 -35.67 9.27
CA THR C 2 -9.92 -36.05 10.63
C THR C 2 -8.43 -36.40 10.60
N ALA C 3 -7.83 -36.54 11.75
CA ALA C 3 -6.38 -36.88 11.79
C ALA C 3 -6.14 -38.18 11.02
N ALA C 4 -6.97 -39.16 11.19
CA ALA C 4 -6.77 -40.46 10.47
C ALA C 4 -6.80 -40.21 8.97
N GLU C 5 -7.77 -39.46 8.50
CA GLU C 5 -7.85 -39.19 7.03
C GLU C 5 -6.57 -38.50 6.55
N ILE C 6 -6.08 -37.55 7.30
CA ILE C 6 -4.84 -36.83 6.88
C ILE C 6 -3.63 -37.79 6.91
N ALA C 7 -3.61 -38.68 7.86
CA ALA C 7 -2.45 -39.62 7.95
C ALA C 7 -2.44 -40.60 6.76
N ALA C 8 -3.57 -40.86 6.16
CA ALA C 8 -3.61 -41.82 5.02
C ALA C 8 -3.39 -41.10 3.67
N LEU C 9 -3.22 -39.81 3.65
CA LEU C 9 -3.01 -39.10 2.34
C LEU C 9 -1.55 -39.30 1.88
N PRO C 10 -1.33 -39.40 0.60
CA PRO C 10 0.04 -39.59 0.03
C PRO C 10 0.95 -38.37 0.28
N ARG C 11 2.18 -38.58 0.71
CA ARG C 11 3.09 -37.43 0.96
C ARG C 11 4.13 -37.33 -0.18
N GLN C 12 4.42 -36.13 -0.61
CA GLN C 12 5.42 -35.93 -1.69
C GLN C 12 6.46 -34.89 -1.24
N LYS C 13 7.71 -35.26 -1.24
CA LYS C 13 8.78 -34.34 -0.82
C LYS C 13 9.21 -33.55 -2.04
N VAL C 14 9.40 -32.29 -1.86
CA VAL C 14 9.80 -31.45 -3.01
C VAL C 14 11.11 -30.73 -2.72
N GLU C 15 11.97 -30.69 -3.70
CA GLU C 15 13.27 -30.01 -3.57
C GLU C 15 13.09 -28.59 -4.08
N LEU C 16 13.38 -27.64 -3.27
CA LEU C 16 13.17 -26.22 -3.67
C LEU C 16 14.38 -25.70 -4.42
N VAL C 17 14.16 -24.76 -5.30
CA VAL C 17 15.28 -24.17 -6.07
C VAL C 17 15.46 -22.73 -5.61
N ASP C 18 16.35 -22.01 -6.20
CA ASP C 18 16.53 -20.59 -5.76
C ASP C 18 15.90 -19.63 -6.80
N PRO C 19 15.12 -18.67 -6.35
CA PRO C 19 14.48 -17.68 -7.26
C PRO C 19 15.48 -17.15 -8.30
N PRO C 20 14.99 -16.66 -9.40
CA PRO C 20 13.52 -16.59 -9.68
C PRO C 20 12.93 -17.91 -10.18
N PHE C 21 13.73 -18.92 -10.35
CA PHE C 21 13.23 -20.23 -10.83
C PHE C 21 12.33 -20.86 -9.78
N VAL C 22 11.45 -21.71 -10.19
CA VAL C 22 10.54 -22.38 -9.27
C VAL C 22 10.81 -23.86 -9.38
N HIS C 23 10.41 -24.59 -8.41
CA HIS C 23 10.65 -26.06 -8.43
C HIS C 23 9.68 -26.72 -9.40
N ALA C 24 9.91 -27.97 -9.68
CA ALA C 24 9.02 -28.72 -10.60
C ALA C 24 7.64 -28.85 -9.96
N HIS C 25 6.62 -28.75 -10.77
CA HIS C 25 5.23 -28.87 -10.26
C HIS C 25 4.27 -28.92 -11.46
N SER C 26 3.13 -29.53 -11.30
CA SER C 26 2.16 -29.61 -12.41
C SER C 26 1.06 -28.59 -12.18
N GLN C 27 0.61 -27.95 -13.21
CA GLN C 27 -0.46 -26.92 -13.03
C GLN C 27 -1.69 -27.64 -12.53
N VAL C 28 -2.13 -28.58 -13.30
CA VAL C 28 -3.29 -29.41 -12.89
C VAL C 28 -2.81 -30.41 -11.85
N ALA C 29 -3.53 -30.54 -10.78
CA ALA C 29 -3.11 -31.46 -9.69
C ALA C 29 -3.08 -32.90 -10.18
N GLU C 30 -2.05 -33.61 -9.86
CA GLU C 30 -1.95 -35.04 -10.28
C GLU C 30 -2.38 -35.93 -9.11
N GLY C 31 -3.62 -36.33 -9.08
CA GLY C 31 -4.11 -37.17 -7.97
C GLY C 31 -4.93 -36.31 -7.01
N GLY C 32 -5.31 -36.85 -5.90
CA GLY C 32 -6.12 -36.06 -4.92
C GLY C 32 -5.18 -35.27 -3.98
N PRO C 33 -5.69 -34.87 -2.84
CA PRO C 33 -4.93 -34.10 -1.83
C PRO C 33 -3.70 -34.85 -1.33
N LYS C 34 -2.63 -34.14 -1.13
CA LYS C 34 -1.39 -34.80 -0.64
C LYS C 34 -0.57 -33.84 0.26
N VAL C 35 0.02 -34.37 1.30
CA VAL C 35 0.84 -33.57 2.24
C VAL C 35 2.21 -33.33 1.60
N VAL C 36 2.38 -32.15 1.12
CA VAL C 36 3.61 -31.76 0.44
C VAL C 36 4.60 -31.44 1.52
N GLU C 37 5.78 -31.86 1.33
CA GLU C 37 6.81 -31.63 2.38
C GLU C 37 7.95 -30.80 1.83
N PHE C 38 8.29 -29.74 2.51
CA PHE C 38 9.42 -28.88 2.07
C PHE C 38 10.26 -28.47 3.30
N THR C 39 11.56 -28.43 3.18
CA THR C 39 12.40 -28.05 4.35
C THR C 39 13.32 -26.89 3.97
N MET C 40 13.41 -25.90 4.81
CA MET C 40 14.28 -24.72 4.49
C MET C 40 15.09 -24.30 5.72
N VAL C 41 16.39 -24.23 5.59
CA VAL C 41 17.27 -23.81 6.70
C VAL C 41 17.45 -22.30 6.57
N ILE C 42 17.43 -21.62 7.65
CA ILE C 42 17.57 -20.14 7.61
C ILE C 42 19.03 -19.79 7.77
N GLU C 43 19.53 -18.92 6.95
CA GLU C 43 20.97 -18.57 7.07
C GLU C 43 21.15 -17.05 7.17
N GLU C 44 21.55 -16.55 8.31
CA GLU C 44 21.76 -15.07 8.42
C GLU C 44 23.21 -14.73 8.01
N LYS C 45 23.40 -14.08 6.88
CA LYS C 45 24.78 -13.76 6.47
C LYS C 45 24.77 -12.36 5.87
N LYS C 46 25.82 -12.02 5.21
CA LYS C 46 25.89 -10.66 4.57
C LYS C 46 25.80 -10.76 3.03
N ILE C 47 24.88 -10.03 2.44
CA ILE C 47 24.72 -10.01 0.96
C ILE C 47 24.96 -8.58 0.44
N VAL C 48 25.64 -8.48 -0.66
CA VAL C 48 25.95 -7.19 -1.27
C VAL C 48 24.74 -6.84 -2.05
N ILE C 49 24.40 -5.64 -2.05
CA ILE C 49 23.15 -5.25 -2.76
C ILE C 49 23.39 -4.32 -3.95
N ASP C 50 24.52 -3.69 -4.03
CA ASP C 50 24.75 -2.75 -5.17
C ASP C 50 26.18 -2.88 -5.68
N ASP C 51 26.58 -2.00 -6.55
CA ASP C 51 27.95 -2.07 -7.10
C ASP C 51 28.91 -1.39 -6.12
N ALA C 52 28.40 -0.48 -5.33
CA ALA C 52 29.29 0.22 -4.35
C ALA C 52 29.71 -0.73 -3.21
N GLY C 53 29.32 -1.98 -3.25
CA GLY C 53 29.72 -2.93 -2.16
C GLY C 53 28.83 -2.77 -0.91
N THR C 54 27.70 -2.09 -1.00
CA THR C 54 26.82 -1.94 0.18
C THR C 54 26.49 -3.33 0.69
N GLU C 55 26.37 -3.50 1.97
CA GLU C 55 26.08 -4.86 2.48
C GLU C 55 24.90 -4.85 3.48
N VAL C 56 24.01 -5.80 3.36
CA VAL C 56 22.87 -5.90 4.31
C VAL C 56 22.86 -7.29 5.01
N HIS C 57 22.82 -7.30 6.32
CA HIS C 57 22.80 -8.57 7.10
C HIS C 57 21.48 -9.25 6.79
N ALA C 58 21.49 -10.06 5.81
CA ALA C 58 20.25 -10.73 5.37
C ALA C 58 19.91 -11.97 6.22
N MET C 59 18.64 -12.12 6.45
CA MET C 59 18.10 -13.27 7.21
C MET C 59 17.39 -13.98 6.11
N ALA C 60 17.86 -15.09 5.72
CA ALA C 60 17.28 -15.63 4.50
C ALA C 60 16.89 -17.04 4.65
N PHE C 61 15.70 -17.25 4.30
CA PHE C 61 15.17 -18.66 4.32
C PHE C 61 15.72 -19.38 3.09
N ASN C 62 16.38 -20.50 3.25
CA ASN C 62 16.97 -21.20 2.08
C ASN C 62 18.24 -20.48 1.57
N GLY C 63 18.80 -19.57 2.34
CA GLY C 63 20.03 -18.86 1.88
C GLY C 63 19.75 -17.91 0.69
N THR C 64 18.53 -17.53 0.43
CA THR C 64 18.31 -16.59 -0.75
C THR C 64 17.16 -15.57 -0.50
N VAL C 65 17.38 -14.30 -0.84
CA VAL C 65 16.32 -13.29 -0.70
C VAL C 65 15.82 -12.99 -2.11
N PRO C 66 14.57 -13.21 -2.35
CA PRO C 66 13.61 -13.70 -1.33
C PRO C 66 13.58 -15.23 -1.25
N GLY C 67 13.18 -15.74 -0.13
CA GLY C 67 13.11 -17.22 0.02
C GLY C 67 12.57 -17.82 -1.28
N PRO C 68 12.57 -19.11 -1.37
CA PRO C 68 12.07 -19.84 -2.57
C PRO C 68 10.54 -19.92 -2.62
N LEU C 69 9.99 -20.04 -3.80
CA LEU C 69 8.50 -20.13 -3.92
C LEU C 69 8.05 -21.59 -3.85
N MET C 70 7.22 -21.92 -2.89
CA MET C 70 6.71 -23.29 -2.76
C MET C 70 5.41 -23.35 -3.54
N VAL C 71 5.14 -24.45 -4.13
CA VAL C 71 3.89 -24.53 -4.95
C VAL C 71 3.11 -25.83 -4.68
N VAL C 72 1.94 -25.70 -4.14
CA VAL C 72 1.05 -26.86 -3.88
C VAL C 72 -0.34 -26.50 -4.44
N HIS C 73 -1.27 -27.41 -4.42
CA HIS C 73 -2.62 -27.10 -4.95
C HIS C 73 -3.55 -26.79 -3.78
N GLN C 74 -4.72 -26.36 -4.09
CA GLN C 74 -5.70 -26.03 -3.03
C GLN C 74 -6.21 -27.32 -2.42
N ASP C 75 -6.23 -27.39 -1.13
CA ASP C 75 -6.68 -28.63 -0.45
C ASP C 75 -5.47 -29.38 0.08
N ASP C 76 -4.39 -29.37 -0.65
CA ASP C 76 -3.16 -30.08 -0.19
C ASP C 76 -2.61 -29.39 1.06
N TYR C 77 -2.00 -30.15 1.92
CA TYR C 77 -1.43 -29.57 3.17
C TYR C 77 0.09 -29.39 2.99
N LEU C 78 0.55 -28.23 3.29
CA LEU C 78 1.99 -27.91 3.17
C LEU C 78 2.64 -28.14 4.52
N GLU C 79 3.61 -28.99 4.55
CA GLU C 79 4.29 -29.32 5.82
C GLU C 79 5.71 -28.85 5.66
N LEU C 80 6.09 -27.89 6.41
CA LEU C 80 7.46 -27.34 6.23
C LEU C 80 8.33 -27.51 7.47
N THR C 81 9.42 -28.20 7.32
CA THR C 81 10.38 -28.37 8.46
C THR C 81 11.41 -27.24 8.37
N LEU C 82 11.35 -26.30 9.28
CA LEU C 82 12.27 -25.17 9.26
C LEU C 82 13.36 -25.48 10.23
N ILE C 83 14.49 -24.98 9.96
CA ILE C 83 15.65 -25.27 10.85
C ILE C 83 16.53 -24.02 11.01
N ASN C 84 16.75 -23.64 12.23
CA ASN C 84 17.62 -22.46 12.52
C ASN C 84 18.93 -22.99 13.09
N PRO C 85 19.94 -23.03 12.26
CA PRO C 85 21.28 -23.56 12.63
C PRO C 85 21.94 -22.86 13.82
N GLU C 86 22.73 -23.57 14.58
CA GLU C 86 23.42 -22.94 15.74
C GLU C 86 24.29 -21.75 15.27
N THR C 87 24.78 -21.79 14.05
CA THR C 87 25.64 -20.66 13.55
C THR C 87 24.89 -19.32 13.61
N ASN C 88 23.58 -19.33 13.53
CA ASN C 88 22.83 -18.04 13.55
C ASN C 88 22.86 -17.45 14.96
N THR C 89 22.38 -16.25 15.11
CA THR C 89 22.38 -15.61 16.46
C THR C 89 20.98 -15.04 16.84
N LEU C 90 19.96 -15.20 16.02
CA LEU C 90 18.62 -14.63 16.42
C LEU C 90 17.50 -15.66 16.24
N MET C 91 16.53 -15.69 17.14
CA MET C 91 15.40 -16.66 16.97
C MET C 91 14.45 -16.15 15.88
N HIS C 92 13.99 -17.03 15.01
CA HIS C 92 13.08 -16.60 13.93
C HIS C 92 11.71 -17.29 14.08
N ASN C 93 10.99 -17.34 13.00
CA ASN C 93 9.64 -17.97 12.97
C ASN C 93 9.04 -17.71 11.57
N ILE C 94 8.07 -18.48 11.13
CA ILE C 94 7.51 -18.24 9.77
C ILE C 94 5.98 -18.09 9.81
N ASP C 95 5.47 -17.04 9.23
CA ASP C 95 4.00 -16.83 9.17
C ASP C 95 3.55 -16.83 7.69
N PHE C 96 2.82 -17.84 7.28
CA PHE C 96 2.38 -17.92 5.87
C PHE C 96 0.98 -17.33 5.72
N HIS C 97 0.88 -16.28 4.97
CA HIS C 97 -0.44 -15.62 4.74
C HIS C 97 -1.47 -16.65 4.23
N ALA C 98 -1.02 -17.69 3.58
CA ALA C 98 -1.97 -18.70 3.03
C ALA C 98 -2.41 -19.73 4.09
N ALA C 99 -2.10 -19.49 5.33
CA ALA C 99 -2.53 -20.44 6.40
C ALA C 99 -3.57 -19.77 7.28
N THR C 100 -4.21 -20.52 8.13
CA THR C 100 -5.26 -19.91 9.02
C THR C 100 -5.10 -20.39 10.47
N GLY C 101 -4.69 -19.51 11.35
CA GLY C 101 -4.55 -19.88 12.81
C GLY C 101 -3.09 -19.69 13.31
N ALA C 102 -2.90 -19.16 14.52
CA ALA C 102 -1.51 -19.00 15.05
C ALA C 102 -0.71 -17.93 14.28
N LEU C 103 -1.31 -16.79 14.05
CA LEU C 103 -0.58 -15.69 13.34
C LEU C 103 0.06 -16.20 12.05
N GLY C 104 -0.60 -17.10 11.37
CA GLY C 104 -0.04 -17.62 10.09
C GLY C 104 1.08 -18.64 10.37
N GLY C 105 1.08 -19.24 11.52
CA GLY C 105 2.14 -20.25 11.84
C GLY C 105 3.31 -19.62 12.63
N GLY C 106 3.33 -18.33 12.83
CA GLY C 106 4.46 -17.70 13.58
C GLY C 106 4.36 -18.04 15.08
N GLY C 107 3.17 -18.20 15.59
CA GLY C 107 3.02 -18.52 17.05
C GLY C 107 3.46 -19.96 17.36
N LEU C 108 3.56 -20.82 16.37
CA LEU C 108 3.97 -22.23 16.64
C LEU C 108 5.27 -22.60 15.88
N THR C 109 6.09 -21.64 15.55
CA THR C 109 7.37 -21.94 14.83
C THR C 109 8.54 -21.06 15.37
N GLU C 110 8.46 -20.52 16.56
CA GLU C 110 9.58 -19.70 17.09
C GLU C 110 10.71 -20.64 17.46
N ILE C 111 11.80 -20.60 16.74
CA ILE C 111 12.91 -21.54 17.04
C ILE C 111 14.21 -20.78 17.18
N ASN C 112 14.87 -20.92 18.28
CA ASN C 112 16.16 -20.22 18.48
C ASN C 112 17.30 -21.07 17.91
N PRO C 113 18.43 -20.46 17.65
CA PRO C 113 19.61 -21.17 17.11
C PRO C 113 19.73 -22.59 17.68
N GLY C 114 19.93 -23.56 16.83
CA GLY C 114 20.03 -24.97 17.32
C GLY C 114 18.64 -25.61 17.50
N GLU C 115 17.59 -25.04 16.94
CA GLU C 115 16.24 -25.65 17.10
C GLU C 115 15.50 -25.70 15.74
N LYS C 116 14.74 -26.74 15.50
CA LYS C 116 13.96 -26.86 14.23
C LYS C 116 12.56 -27.38 14.54
N THR C 117 11.59 -27.03 13.76
CA THR C 117 10.22 -27.49 14.03
C THR C 117 9.57 -27.89 12.72
N ILE C 118 8.38 -28.39 12.81
CA ILE C 118 7.65 -28.80 11.59
C ILE C 118 6.19 -28.35 11.72
N LEU C 119 5.72 -27.55 10.81
CA LEU C 119 4.32 -27.07 10.90
C LEU C 119 3.57 -27.46 9.64
N ARG C 120 2.39 -27.97 9.80
CA ARG C 120 1.60 -28.38 8.61
C ARG C 120 0.25 -27.65 8.60
N PHE C 121 -0.08 -27.01 7.52
CA PHE C 121 -1.37 -26.29 7.43
C PHE C 121 -2.08 -26.66 6.11
N LYS C 122 -3.39 -26.57 6.09
CA LYS C 122 -4.17 -26.89 4.88
C LYS C 122 -4.27 -25.64 4.00
N ALA C 123 -3.97 -25.80 2.76
CA ALA C 123 -4.03 -24.68 1.80
C ALA C 123 -5.45 -24.62 1.32
N THR C 124 -6.23 -23.88 2.01
CA THR C 124 -7.70 -23.84 1.69
C THR C 124 -8.10 -22.76 0.66
N LYS C 125 -7.21 -21.90 0.28
CA LYS C 125 -7.57 -20.83 -0.68
C LYS C 125 -6.52 -20.79 -1.79
N PRO C 126 -6.96 -20.69 -3.01
CA PRO C 126 -6.06 -20.66 -4.19
C PRO C 126 -5.51 -19.26 -4.48
N GLY C 127 -4.21 -19.14 -4.67
CA GLY C 127 -3.65 -17.79 -4.98
C GLY C 127 -2.24 -17.64 -4.39
N VAL C 128 -1.45 -16.77 -4.96
CA VAL C 128 -0.08 -16.55 -4.46
C VAL C 128 -0.19 -15.78 -3.15
N PHE C 129 0.67 -16.07 -2.23
CA PHE C 129 0.59 -15.39 -0.93
C PHE C 129 2.00 -15.18 -0.43
N VAL C 130 2.21 -14.19 0.36
CA VAL C 130 3.62 -13.95 0.85
C VAL C 130 3.87 -14.51 2.28
N TYR C 131 4.94 -15.28 2.47
CA TYR C 131 5.29 -15.79 3.80
C TYR C 131 6.44 -14.94 4.32
N HIS C 132 6.60 -14.81 5.60
CA HIS C 132 7.70 -13.95 6.13
C HIS C 132 7.87 -14.15 7.64
N CYS C 133 9.10 -14.12 8.12
CA CYS C 133 9.34 -14.34 9.58
C CYS C 133 8.86 -13.10 10.34
N ALA C 134 8.39 -13.27 11.54
CA ALA C 134 7.90 -12.08 12.29
C ALA C 134 7.96 -12.34 13.79
N PRO C 135 9.13 -12.36 14.34
CA PRO C 135 9.33 -12.58 15.80
C PRO C 135 8.74 -11.41 16.61
N PRO C 136 7.88 -11.71 17.55
CA PRO C 136 7.23 -10.66 18.40
C PRO C 136 8.19 -9.54 18.84
N GLY C 137 7.89 -8.30 18.51
CA GLY C 137 8.79 -7.18 18.93
C GLY C 137 9.80 -6.78 17.83
N MET C 138 10.12 -7.65 16.90
CA MET C 138 11.11 -7.28 15.86
C MET C 138 10.62 -7.77 14.51
N VAL C 139 9.36 -7.58 14.26
CA VAL C 139 8.79 -8.04 12.96
C VAL C 139 9.42 -7.30 11.76
N PRO C 140 9.16 -6.03 11.64
CA PRO C 140 9.65 -5.18 10.52
C PRO C 140 11.14 -5.37 10.24
N TRP C 141 11.92 -5.56 11.27
CA TRP C 141 13.39 -5.75 11.07
C TRP C 141 13.67 -7.05 10.30
N HIS C 142 13.08 -8.14 10.71
CA HIS C 142 13.32 -9.44 10.03
C HIS C 142 12.82 -9.39 8.58
N VAL C 143 11.70 -8.78 8.34
CA VAL C 143 11.15 -8.73 6.95
C VAL C 143 12.06 -7.87 6.06
N VAL C 144 12.44 -6.71 6.53
CA VAL C 144 13.30 -5.81 5.70
C VAL C 144 14.64 -6.49 5.47
N SER C 145 15.09 -7.24 6.43
CA SER C 145 16.39 -7.95 6.27
C SER C 145 16.31 -9.00 5.14
N GLY C 146 15.19 -9.15 4.50
CA GLY C 146 15.05 -10.15 3.41
C GLY C 146 14.52 -11.48 3.94
N MET C 147 13.79 -11.48 5.03
CA MET C 147 13.26 -12.77 5.55
C MET C 147 11.80 -12.93 5.09
N ASN C 148 11.61 -13.15 3.82
CA ASN C 148 10.23 -13.29 3.31
C ASN C 148 10.26 -13.79 1.85
N GLY C 149 9.27 -14.52 1.47
CA GLY C 149 9.19 -15.06 0.07
C GLY C 149 7.71 -15.19 -0.32
N ALA C 150 7.31 -16.28 -0.94
CA ALA C 150 5.87 -16.41 -1.32
C ALA C 150 5.55 -17.83 -1.83
N ILE C 151 4.36 -18.32 -1.55
CA ILE C 151 3.96 -19.67 -2.03
C ILE C 151 2.76 -19.55 -2.97
N MET C 152 2.63 -20.44 -3.91
CA MET C 152 1.49 -20.38 -4.87
C MET C 152 0.62 -21.64 -4.76
N VAL C 153 -0.59 -21.48 -4.30
CA VAL C 153 -1.52 -22.63 -4.17
C VAL C 153 -2.39 -22.57 -5.40
N LEU C 154 -2.14 -23.43 -6.32
CA LEU C 154 -2.90 -23.35 -7.61
C LEU C 154 -4.16 -24.20 -7.59
N PRO C 155 -5.22 -23.70 -8.17
CA PRO C 155 -6.49 -24.46 -8.27
C PRO C 155 -6.23 -25.89 -8.76
N ARG C 156 -6.89 -26.87 -8.20
CA ARG C 156 -6.67 -28.27 -8.62
C ARG C 156 -6.72 -28.39 -10.13
N GLU C 157 -7.59 -27.66 -10.76
CA GLU C 157 -7.71 -27.73 -12.25
C GLU C 157 -6.79 -26.70 -12.96
N GLY C 158 -5.80 -26.16 -12.29
CA GLY C 158 -4.90 -25.17 -12.97
C GLY C 158 -5.51 -23.77 -12.92
N LEU C 159 -4.96 -22.86 -13.68
CA LEU C 159 -5.51 -21.46 -13.68
C LEU C 159 -6.45 -21.26 -14.87
N HIS C 160 -7.45 -20.42 -14.70
CA HIS C 160 -8.41 -20.15 -15.80
C HIS C 160 -8.73 -18.64 -15.77
N ASP C 161 -9.16 -18.11 -16.87
CA ASP C 161 -9.48 -16.64 -16.92
C ASP C 161 -10.74 -16.35 -16.11
N GLY C 162 -11.39 -15.24 -16.38
CA GLY C 162 -12.63 -14.89 -15.61
C GLY C 162 -13.85 -15.66 -16.18
N LYS C 163 -13.79 -16.11 -17.40
CA LYS C 163 -14.96 -16.85 -17.97
C LYS C 163 -14.86 -18.36 -17.70
N GLY C 164 -13.73 -18.82 -17.22
CA GLY C 164 -13.59 -20.30 -16.95
C GLY C 164 -12.57 -20.97 -17.92
N LYS C 165 -12.14 -20.32 -18.97
CA LYS C 165 -11.18 -20.96 -19.92
C LYS C 165 -9.88 -21.26 -19.20
N ALA C 166 -9.20 -22.28 -19.60
CA ALA C 166 -7.91 -22.64 -18.94
C ALA C 166 -6.72 -21.82 -19.51
N LEU C 167 -5.94 -21.22 -18.63
CA LEU C 167 -4.74 -20.46 -19.02
C LEU C 167 -3.55 -21.25 -18.50
N THR C 168 -2.74 -21.73 -19.39
CA THR C 168 -1.61 -22.56 -18.99
C THR C 168 -0.37 -21.85 -19.39
N TYR C 169 0.56 -21.82 -18.54
CA TYR C 169 1.82 -21.09 -18.85
C TYR C 169 2.96 -22.06 -19.14
N ASP C 170 3.82 -21.71 -20.06
CA ASP C 170 4.99 -22.58 -20.37
C ASP C 170 6.16 -22.28 -19.41
N LYS C 171 6.24 -21.08 -18.87
CA LYS C 171 7.36 -20.76 -17.95
C LYS C 171 6.86 -19.87 -16.81
N ILE C 172 7.36 -20.08 -15.63
CA ILE C 172 6.93 -19.25 -14.47
C ILE C 172 8.16 -18.77 -13.67
N TYR C 173 8.21 -17.49 -13.38
CA TYR C 173 9.36 -16.93 -12.62
C TYR C 173 8.79 -16.20 -11.41
N TYR C 174 9.51 -16.19 -10.34
CA TYR C 174 9.05 -15.51 -9.11
C TYR C 174 10.02 -14.41 -8.75
N VAL C 175 9.57 -13.19 -8.81
CA VAL C 175 10.46 -12.04 -8.50
C VAL C 175 10.03 -11.40 -7.18
N GLY C 176 10.80 -11.61 -6.16
CA GLY C 176 10.50 -11.03 -4.83
C GLY C 176 11.19 -9.69 -4.71
N GLU C 177 10.44 -8.67 -4.47
CA GLU C 177 10.99 -7.31 -4.36
C GLU C 177 11.30 -7.08 -2.91
N GLN C 178 12.30 -6.33 -2.65
CA GLN C 178 12.66 -6.08 -1.23
C GLN C 178 13.14 -4.65 -1.02
N ASP C 179 12.53 -3.95 -0.12
CA ASP C 179 12.96 -2.55 0.16
C ASP C 179 13.88 -2.56 1.39
N PHE C 180 15.10 -2.14 1.24
CA PHE C 180 16.02 -2.15 2.39
C PHE C 180 16.11 -0.75 2.99
N TYR C 181 16.88 -0.64 4.02
CA TYR C 181 17.06 0.67 4.71
C TYR C 181 18.46 0.64 5.30
N VAL C 182 19.43 1.00 4.52
CA VAL C 182 20.83 0.91 4.99
C VAL C 182 21.28 2.21 5.61
N PRO C 183 21.81 2.12 6.79
CA PRO C 183 22.33 3.32 7.52
C PRO C 183 23.60 3.91 6.87
N ARG C 184 23.70 5.23 6.79
CA ARG C 184 24.89 5.87 6.19
C ARG C 184 25.56 6.73 7.25
N ASP C 185 26.82 7.00 7.09
CA ASP C 185 27.55 7.83 8.10
C ASP C 185 27.29 9.33 7.87
N GLU C 186 28.20 10.19 8.27
CA GLU C 186 27.98 11.66 8.08
C GLU C 186 28.33 12.08 6.65
N ASN C 187 29.24 11.38 6.00
CA ASN C 187 29.62 11.77 4.61
C ASN C 187 28.63 11.18 3.57
N GLY C 188 27.71 10.35 3.97
CA GLY C 188 26.74 9.77 2.99
C GLY C 188 27.16 8.34 2.56
N LYS C 189 28.23 7.79 3.09
CA LYS C 189 28.64 6.41 2.70
C LYS C 189 27.90 5.37 3.54
N TYR C 190 27.45 4.31 2.92
CA TYR C 190 26.73 3.26 3.66
C TYR C 190 27.65 2.70 4.72
N LYS C 191 27.11 2.32 5.82
CA LYS C 191 27.95 1.78 6.92
C LYS C 191 27.89 0.24 6.91
N LYS C 192 28.97 -0.38 7.28
CA LYS C 192 28.99 -1.86 7.32
C LYS C 192 29.30 -2.29 8.74
N TYR C 193 28.85 -3.44 9.14
CA TYR C 193 29.12 -3.87 10.52
C TYR C 193 29.71 -5.25 10.52
N GLU C 194 29.67 -5.91 11.62
CA GLU C 194 30.24 -7.29 11.69
C GLU C 194 29.14 -8.29 12.09
N ALA C 195 28.09 -7.84 12.74
CA ALA C 195 27.02 -8.77 13.14
C ALA C 195 25.68 -8.14 12.81
N PRO C 196 24.65 -8.92 12.87
CA PRO C 196 23.26 -8.46 12.57
C PRO C 196 22.70 -7.53 13.65
N GLY C 197 22.98 -7.81 14.90
CA GLY C 197 22.44 -6.95 15.99
C GLY C 197 23.15 -5.57 16.01
N ASP C 198 24.40 -5.52 15.63
CA ASP C 198 25.14 -4.22 15.65
C ASP C 198 24.46 -3.20 14.74
N ALA C 199 23.73 -3.64 13.75
CA ALA C 199 23.06 -2.67 12.82
C ALA C 199 21.54 -2.54 13.11
N TYR C 200 21.07 -3.00 14.24
CA TYR C 200 19.60 -2.87 14.55
C TYR C 200 19.17 -1.40 14.85
N GLU C 201 19.84 -0.69 15.74
CA GLU C 201 19.41 0.69 16.08
C GLU C 201 19.53 1.61 14.87
N ASP C 202 20.64 1.56 14.20
CA ASP C 202 20.85 2.45 13.01
C ASP C 202 19.83 2.11 11.93
N THR C 203 19.53 0.87 11.76
CA THR C 203 18.54 0.48 10.71
C THR C 203 17.15 1.00 11.09
N VAL C 204 16.73 0.79 12.30
CA VAL C 204 15.38 1.27 12.73
C VAL C 204 15.23 2.75 12.38
N LYS C 205 16.24 3.53 12.68
CA LYS C 205 16.16 4.98 12.37
C LYS C 205 15.84 5.18 10.89
N VAL C 206 16.48 4.44 10.02
CA VAL C 206 16.21 4.59 8.56
C VAL C 206 14.82 4.05 8.24
N MET C 207 14.45 2.94 8.83
CA MET C 207 13.11 2.36 8.53
C MET C 207 12.00 3.34 8.92
N ARG C 208 12.17 4.08 9.98
CA ARG C 208 11.11 5.05 10.40
C ARG C 208 10.87 6.09 9.29
N THR C 209 11.91 6.49 8.62
CA THR C 209 11.75 7.50 7.54
C THR C 209 10.83 6.98 6.42
N LEU C 210 10.46 5.72 6.44
CA LEU C 210 9.57 5.19 5.36
C LEU C 210 10.19 5.48 3.98
N THR C 211 11.50 5.55 3.91
CA THR C 211 12.15 5.82 2.60
C THR C 211 13.30 4.83 2.43
N PRO C 212 13.08 3.80 1.66
CA PRO C 212 14.11 2.74 1.42
C PRO C 212 15.32 3.22 0.61
N THR C 213 16.52 2.96 1.09
CA THR C 213 17.73 3.40 0.33
C THR C 213 17.86 2.55 -0.96
N HIS C 214 17.29 1.38 -1.00
CA HIS C 214 17.40 0.53 -2.22
C HIS C 214 16.19 -0.40 -2.30
N VAL C 215 15.59 -0.49 -3.46
CA VAL C 215 14.41 -1.37 -3.62
C VAL C 215 14.75 -2.25 -4.79
N VAL C 216 14.92 -3.51 -4.59
CA VAL C 216 15.37 -4.28 -5.76
C VAL C 216 14.68 -5.61 -5.86
N PHE C 217 15.12 -6.40 -6.78
CA PHE C 217 14.50 -7.73 -6.98
C PHE C 217 15.57 -8.81 -6.86
N ASN C 218 15.28 -9.86 -6.15
CA ASN C 218 16.29 -10.96 -5.97
C ASN C 218 17.38 -10.61 -4.93
N GLY C 219 17.22 -9.55 -4.16
CA GLY C 219 18.25 -9.20 -3.13
C GLY C 219 19.44 -8.34 -3.69
N ALA C 220 19.36 -7.69 -4.84
CA ALA C 220 20.53 -6.85 -5.27
C ALA C 220 20.22 -6.03 -6.54
N VAL C 221 20.65 -4.78 -6.58
CA VAL C 221 20.42 -3.97 -7.81
C VAL C 221 21.08 -4.69 -8.98
N GLY C 222 20.36 -4.90 -10.04
CA GLY C 222 20.95 -5.62 -11.20
C GLY C 222 21.05 -7.14 -10.93
N ALA C 223 20.23 -7.69 -10.04
CA ALA C 223 20.31 -9.16 -9.78
C ALA C 223 19.68 -10.00 -10.92
N LEU C 224 18.55 -9.60 -11.46
CA LEU C 224 17.88 -10.40 -12.55
C LEU C 224 18.20 -9.86 -13.95
N THR C 225 19.41 -9.46 -14.18
CA THR C 225 19.85 -8.97 -15.52
C THR C 225 21.24 -9.55 -15.83
N GLY C 226 21.56 -9.73 -17.08
CA GLY C 226 22.88 -10.32 -17.45
C GLY C 226 22.75 -11.83 -17.40
N ASP C 227 23.57 -12.47 -16.62
CA ASP C 227 23.46 -13.96 -16.52
C ASP C 227 22.12 -14.37 -15.87
N LYS C 228 21.49 -13.48 -15.12
CA LYS C 228 20.18 -13.85 -14.48
C LYS C 228 18.97 -13.31 -15.27
N ALA C 229 19.17 -12.60 -16.35
CA ALA C 229 17.98 -12.08 -17.11
C ALA C 229 17.03 -13.24 -17.45
N MET C 230 15.76 -13.09 -17.15
CA MET C 230 14.80 -14.16 -17.47
C MET C 230 14.87 -14.43 -18.96
N THR C 231 14.20 -15.43 -19.40
CA THR C 231 14.20 -15.76 -20.84
C THR C 231 12.79 -16.19 -21.29
N ALA C 232 12.49 -15.95 -22.54
CA ALA C 232 11.16 -16.33 -23.10
C ALA C 232 11.22 -16.14 -24.63
N ALA C 233 10.46 -16.91 -25.38
CA ALA C 233 10.49 -16.78 -26.85
C ALA C 233 9.10 -16.41 -27.36
N VAL C 234 9.05 -15.69 -28.43
CA VAL C 234 7.75 -15.27 -29.01
C VAL C 234 6.83 -16.46 -29.05
N GLY C 235 5.61 -16.27 -28.64
CA GLY C 235 4.63 -17.40 -28.63
C GLY C 235 4.61 -18.14 -27.26
N GLU C 236 5.51 -17.84 -26.36
CA GLU C 236 5.53 -18.52 -25.05
C GLU C 236 4.69 -17.74 -24.04
N LYS C 237 4.03 -18.44 -23.18
CA LYS C 237 3.18 -17.80 -22.15
C LYS C 237 3.94 -17.91 -20.86
N VAL C 238 4.04 -16.86 -20.14
CA VAL C 238 4.83 -16.90 -18.90
C VAL C 238 4.10 -16.23 -17.76
N LEU C 239 4.11 -16.86 -16.63
CA LEU C 239 3.45 -16.29 -15.43
C LEU C 239 4.53 -15.72 -14.52
N ILE C 240 4.44 -14.46 -14.18
CA ILE C 240 5.46 -13.82 -13.33
C ILE C 240 4.85 -13.45 -11.97
N VAL C 241 5.13 -14.25 -10.98
CA VAL C 241 4.62 -13.97 -9.62
C VAL C 241 5.54 -12.96 -8.97
N HIS C 242 4.98 -12.04 -8.28
CA HIS C 242 5.80 -10.99 -7.65
C HIS C 242 5.27 -10.74 -6.25
N SER C 243 6.14 -10.59 -5.32
CA SER C 243 5.68 -10.36 -3.92
C SER C 243 6.49 -9.26 -3.23
N GLN C 244 5.83 -8.55 -2.35
CA GLN C 244 6.45 -7.46 -1.55
C GLN C 244 5.85 -7.58 -0.14
N ALA C 245 6.63 -8.04 0.80
CA ALA C 245 6.12 -8.27 2.18
C ALA C 245 6.60 -7.16 3.11
N ASN C 246 6.45 -5.98 2.65
CA ASN C 246 6.85 -4.77 3.43
C ASN C 246 6.86 -3.50 2.54
N ARG C 247 5.99 -3.38 1.54
CA ARG C 247 6.02 -2.14 0.72
C ARG C 247 5.14 -2.30 -0.51
N ASP C 248 4.40 -1.29 -0.88
CA ASP C 248 3.53 -1.42 -2.10
C ASP C 248 4.36 -1.17 -3.40
N THR C 249 4.19 -2.01 -4.41
CA THR C 249 4.92 -1.81 -5.69
C THR C 249 3.90 -1.73 -6.83
N ARG C 250 4.37 -1.53 -8.01
CA ARG C 250 3.48 -1.44 -9.21
C ARG C 250 4.23 -1.99 -10.42
N PRO C 251 4.15 -3.28 -10.60
CA PRO C 251 4.85 -4.01 -11.69
C PRO C 251 4.49 -3.50 -13.09
N HIS C 252 5.42 -3.57 -13.98
CA HIS C 252 5.18 -3.13 -15.39
C HIS C 252 6.25 -3.72 -16.35
N LEU C 253 5.82 -4.54 -17.29
CA LEU C 253 6.75 -5.13 -18.29
C LEU C 253 6.90 -4.15 -19.45
N ILE C 254 8.04 -3.56 -19.55
CA ILE C 254 8.34 -2.57 -20.60
C ILE C 254 8.31 -3.27 -21.93
N GLY C 255 7.53 -2.76 -22.81
CA GLY C 255 7.43 -3.41 -24.15
C GLY C 255 6.28 -4.44 -24.16
N GLY C 256 5.76 -4.83 -23.02
CA GLY C 256 4.66 -5.83 -23.01
C GLY C 256 3.57 -5.39 -22.05
N HIS C 257 2.78 -6.31 -21.59
CA HIS C 257 1.68 -5.96 -20.66
C HIS C 257 1.20 -7.23 -19.94
N GLY C 258 0.40 -7.06 -18.93
CA GLY C 258 -0.12 -8.23 -18.18
C GLY C 258 -1.44 -8.64 -18.80
N ASP C 259 -1.41 -9.60 -19.66
CA ASP C 259 -2.66 -10.03 -20.34
C ASP C 259 -3.72 -10.27 -19.28
N TYR C 260 -3.41 -11.12 -18.37
CA TYR C 260 -4.34 -11.42 -17.25
C TYR C 260 -3.56 -11.21 -15.96
N VAL C 261 -4.03 -10.39 -15.06
CA VAL C 261 -3.22 -10.15 -13.83
C VAL C 261 -4.06 -10.24 -12.56
N TRP C 262 -3.85 -11.26 -11.79
CA TRP C 262 -4.57 -11.38 -10.49
C TRP C 262 -3.83 -10.46 -9.55
N ALA C 263 -4.18 -9.21 -9.58
CA ALA C 263 -3.45 -8.18 -8.80
C ALA C 263 -3.49 -8.53 -7.33
N THR C 264 -4.61 -8.93 -6.89
CA THR C 264 -4.77 -9.29 -5.45
C THR C 264 -4.07 -10.63 -5.15
N GLY C 265 -3.60 -11.31 -6.16
CA GLY C 265 -2.92 -12.63 -5.89
C GLY C 265 -3.94 -13.70 -5.39
N LYS C 266 -5.18 -13.60 -5.79
CA LYS C 266 -6.20 -14.59 -5.37
C LYS C 266 -6.84 -15.12 -6.66
N PHE C 267 -6.81 -16.39 -6.85
CA PHE C 267 -7.36 -16.98 -8.12
C PHE C 267 -8.89 -16.81 -8.18
N ASN C 268 -9.56 -16.97 -7.09
CA ASN C 268 -11.04 -16.85 -7.08
C ASN C 268 -11.43 -15.48 -7.59
N THR C 269 -10.63 -14.50 -7.31
CA THR C 269 -10.95 -13.13 -7.77
C THR C 269 -10.56 -13.00 -9.25
N PRO C 270 -11.52 -12.75 -10.10
CA PRO C 270 -11.27 -12.61 -11.57
C PRO C 270 -10.02 -11.77 -11.87
N PRO C 271 -9.19 -12.18 -12.81
CA PRO C 271 -7.94 -11.42 -13.14
C PRO C 271 -8.15 -10.20 -14.08
N ASP C 272 -7.74 -9.00 -13.69
CA ASP C 272 -7.90 -7.86 -14.61
C ASP C 272 -7.29 -8.27 -15.95
N VAL C 273 -7.49 -7.52 -16.98
CA VAL C 273 -6.91 -7.93 -18.30
C VAL C 273 -6.38 -6.70 -19.07
N ASP C 274 -5.38 -6.91 -19.89
CA ASP C 274 -4.82 -5.81 -20.70
C ASP C 274 -4.28 -4.79 -19.73
N GLN C 275 -3.44 -5.22 -18.85
CA GLN C 275 -2.92 -4.24 -17.83
C GLN C 275 -1.53 -3.69 -18.19
N GLU C 276 -1.37 -2.37 -18.22
CA GLU C 276 -0.02 -1.78 -18.49
C GLU C 276 0.83 -1.79 -17.20
N THR C 277 0.24 -1.48 -16.06
CA THR C 277 0.97 -1.45 -14.78
C THR C 277 -0.02 -1.87 -13.69
N TRP C 278 0.31 -2.85 -12.93
CA TRP C 278 -0.63 -3.33 -11.89
C TRP C 278 -0.31 -2.70 -10.55
N PHE C 279 -0.79 -3.28 -9.48
CA PHE C 279 -0.52 -2.72 -8.14
C PHE C 279 -0.63 -3.81 -7.07
N ILE C 280 0.45 -4.07 -6.37
CA ILE C 280 0.44 -5.10 -5.30
C ILE C 280 0.79 -4.39 -4.00
N PRO C 281 -0.12 -4.39 -3.07
CA PRO C 281 0.06 -3.70 -1.75
C PRO C 281 1.01 -4.43 -0.79
N GLY C 282 1.91 -3.70 -0.18
CA GLY C 282 2.83 -4.32 0.79
C GLY C 282 2.07 -5.40 1.54
N GLY C 283 2.72 -6.47 1.82
CA GLY C 283 2.06 -7.60 2.52
C GLY C 283 1.23 -8.42 1.53
N ALA C 284 1.61 -8.50 0.27
CA ALA C 284 0.76 -9.31 -0.67
C ALA C 284 1.52 -9.69 -1.95
N ALA C 285 1.27 -10.86 -2.48
CA ALA C 285 1.94 -11.27 -3.76
C ALA C 285 0.89 -11.45 -4.87
N GLY C 286 1.15 -10.97 -6.06
CA GLY C 286 0.16 -11.11 -7.16
C GLY C 286 0.75 -12.00 -8.26
N ALA C 287 0.15 -11.97 -9.42
CA ALA C 287 0.65 -12.80 -10.55
C ALA C 287 0.13 -12.23 -11.87
N ALA C 288 0.97 -12.20 -12.87
CA ALA C 288 0.56 -11.67 -14.20
C ALA C 288 0.98 -12.67 -15.27
N PHE C 289 0.09 -12.96 -16.17
CA PHE C 289 0.41 -13.94 -17.24
C PHE C 289 0.40 -13.21 -18.57
N TYR C 290 1.38 -13.41 -19.37
CA TYR C 290 1.43 -12.70 -20.67
C TYR C 290 2.12 -13.55 -21.73
N THR C 291 1.61 -13.51 -22.92
CA THR C 291 2.20 -14.27 -24.04
C THR C 291 3.06 -13.32 -24.85
N PHE C 292 4.33 -13.59 -24.92
CA PHE C 292 5.25 -12.70 -25.67
C PHE C 292 4.94 -12.72 -27.16
N GLN C 293 4.96 -11.57 -27.78
CA GLN C 293 4.69 -11.49 -29.24
C GLN C 293 5.88 -10.86 -30.00
N GLN C 294 6.82 -10.25 -29.31
CA GLN C 294 7.98 -9.63 -30.02
C GLN C 294 9.28 -10.00 -29.32
N PRO C 295 10.31 -10.26 -30.09
CA PRO C 295 11.65 -10.64 -29.57
C PRO C 295 12.50 -9.43 -29.22
N GLY C 296 13.41 -9.57 -28.30
CA GLY C 296 14.26 -8.42 -27.92
C GLY C 296 14.43 -8.41 -26.40
N ILE C 297 14.97 -7.35 -25.88
CA ILE C 297 15.17 -7.26 -24.40
C ILE C 297 14.10 -6.34 -23.80
N TYR C 298 13.39 -6.82 -22.82
CA TYR C 298 12.33 -6.01 -22.17
C TYR C 298 12.65 -5.88 -20.68
N ALA C 299 12.46 -4.73 -20.13
CA ALA C 299 12.75 -4.52 -18.69
C ALA C 299 11.47 -4.67 -17.92
N TYR C 300 11.54 -5.22 -16.75
CA TYR C 300 10.29 -5.42 -15.98
C TYR C 300 10.53 -4.79 -14.64
N VAL C 301 9.83 -3.77 -14.28
CA VAL C 301 10.20 -3.19 -12.97
C VAL C 301 9.10 -2.37 -12.34
N ASN C 302 9.35 -1.98 -11.13
CA ASN C 302 8.39 -1.17 -10.37
C ASN C 302 8.27 0.13 -11.12
N HIS C 303 7.10 0.52 -11.45
CA HIS C 303 6.98 1.77 -12.26
C HIS C 303 7.62 2.90 -11.48
N ASN C 304 7.30 3.09 -10.23
CA ASN C 304 8.04 4.19 -9.56
C ASN C 304 9.41 4.31 -10.30
N LEU C 305 9.47 5.10 -11.36
CA LEU C 305 10.71 5.20 -12.18
C LEU C 305 11.91 5.38 -11.27
N ILE C 306 11.75 6.21 -10.31
CA ILE C 306 12.87 6.46 -9.36
C ILE C 306 13.22 5.15 -8.68
N GLU C 307 12.23 4.51 -8.13
CA GLU C 307 12.48 3.19 -7.47
C GLU C 307 13.06 2.16 -8.48
N ALA C 308 12.67 2.21 -9.74
CA ALA C 308 13.20 1.22 -10.73
C ALA C 308 14.58 1.61 -11.35
N PHE C 309 14.95 2.87 -11.43
CA PHE C 309 16.26 3.19 -12.07
C PHE C 309 17.24 3.75 -11.06
N GLU C 310 16.75 4.52 -10.14
CA GLU C 310 17.66 5.12 -9.12
C GLU C 310 17.82 4.21 -7.88
N LEU C 311 16.85 3.39 -7.54
CA LEU C 311 17.01 2.54 -6.33
C LEU C 311 17.53 1.17 -6.73
N GLY C 312 16.95 0.59 -7.74
CA GLY C 312 17.40 -0.76 -8.20
C GLY C 312 16.20 -1.74 -8.41
N ALA C 313 15.00 -1.28 -8.72
CA ALA C 313 13.88 -2.24 -8.95
C ALA C 313 13.68 -2.46 -10.45
N ALA C 314 14.62 -3.07 -11.14
CA ALA C 314 14.44 -3.30 -12.60
C ALA C 314 15.19 -4.55 -13.06
N ALA C 315 14.49 -5.51 -13.63
CA ALA C 315 15.16 -6.74 -14.12
C ALA C 315 15.01 -6.75 -15.63
N HIS C 316 15.46 -7.75 -16.30
CA HIS C 316 15.29 -7.73 -17.79
C HIS C 316 15.06 -9.13 -18.39
N PHE C 317 14.06 -9.27 -19.26
CA PHE C 317 13.83 -10.59 -19.93
C PHE C 317 14.31 -10.55 -21.41
N LYS C 318 15.10 -11.52 -21.83
CA LYS C 318 15.61 -11.59 -23.20
C LYS C 318 14.72 -12.57 -23.91
N VAL C 319 14.19 -12.19 -25.01
CA VAL C 319 13.25 -13.07 -25.71
C VAL C 319 13.73 -13.28 -27.11
N THR C 320 13.60 -14.47 -27.56
CA THR C 320 14.06 -14.79 -28.95
C THR C 320 12.86 -15.03 -29.84
N GLY C 321 13.03 -14.91 -31.13
CA GLY C 321 11.87 -15.14 -32.06
C GLY C 321 11.98 -14.21 -33.28
N GLU C 322 10.89 -14.02 -33.97
CA GLU C 322 10.90 -13.14 -35.17
C GLU C 322 10.09 -11.89 -34.84
N TRP C 323 10.54 -10.77 -35.31
CA TRP C 323 9.84 -9.50 -35.04
C TRP C 323 8.56 -9.46 -35.86
N ASN C 324 7.58 -8.79 -35.34
CA ASN C 324 6.27 -8.67 -36.04
C ASN C 324 6.04 -7.20 -36.36
N ASP C 325 6.17 -6.84 -37.60
CA ASP C 325 6.00 -5.42 -37.99
C ASP C 325 4.55 -5.00 -37.78
N ASP C 326 3.64 -5.87 -38.10
CA ASP C 326 2.20 -5.53 -37.93
C ASP C 326 2.01 -4.85 -36.57
N LEU C 327 2.50 -5.45 -35.53
CA LEU C 327 2.38 -4.86 -34.17
C LEU C 327 3.17 -3.55 -34.08
N MET C 328 4.38 -3.49 -34.59
CA MET C 328 5.14 -2.21 -34.47
C MET C 328 6.25 -2.16 -35.50
N THR C 329 6.39 -1.06 -36.16
CA THR C 329 7.46 -0.95 -37.19
C THR C 329 7.98 0.50 -37.26
N SER C 330 9.28 0.68 -37.36
CA SER C 330 9.84 2.06 -37.46
C SER C 330 9.78 2.51 -38.91
N VAL C 331 8.74 3.22 -39.27
CA VAL C 331 8.60 3.67 -40.68
C VAL C 331 9.82 4.50 -41.06
N LEU C 332 10.17 5.41 -40.22
CA LEU C 332 11.36 6.26 -40.50
C LEU C 332 12.32 6.22 -39.31
N ALA C 333 13.42 5.52 -39.44
CA ALA C 333 14.39 5.43 -38.31
C ALA C 333 14.94 6.83 -38.02
N PRO C 334 15.38 7.04 -36.81
CA PRO C 334 15.93 8.34 -36.37
C PRO C 334 16.94 8.90 -37.38
N SER C 335 16.69 10.05 -37.92
CA SER C 335 17.65 10.63 -38.91
C SER C 335 17.71 12.14 -38.74
N GLY C 336 18.24 12.83 -39.70
CA GLY C 336 18.33 14.31 -39.61
C GLY C 336 17.03 14.93 -40.10
N GLU D 1 21.41 -1.59 48.98
CA GLU D 1 21.05 -0.45 48.15
C GLU D 1 20.32 -0.90 46.87
N ASN D 2 19.97 0.06 46.04
CA ASN D 2 19.13 -0.17 44.88
C ASN D 2 19.91 0.11 43.60
N ILE D 3 19.66 -0.73 42.59
CA ILE D 3 20.29 -0.54 41.29
C ILE D 3 19.18 -0.49 40.24
N GLU D 4 19.18 0.60 39.49
CA GLU D 4 18.12 0.77 38.50
C GLU D 4 18.56 0.30 37.12
N VAL D 5 17.70 -0.48 36.48
CA VAL D 5 18.00 -1.06 35.16
C VAL D 5 16.89 -0.65 34.20
N HIS D 6 17.22 -0.23 32.99
CA HIS D 6 16.18 0.13 32.03
C HIS D 6 16.08 -0.96 30.93
N MET D 7 14.86 -1.16 30.48
CA MET D 7 14.57 -2.07 29.36
C MET D 7 14.25 -1.20 28.15
N LEU D 8 15.03 -1.38 27.10
CA LEU D 8 14.89 -0.55 25.91
C LEU D 8 14.81 -1.34 24.61
N ASN D 9 14.15 -0.75 23.62
CA ASN D 9 14.09 -1.35 22.29
C ASN D 9 15.43 -1.19 21.58
N LYS D 10 16.17 -0.14 21.95
CA LYS D 10 17.46 0.07 21.31
C LYS D 10 18.40 0.79 22.28
N GLY D 11 19.64 0.34 22.35
CA GLY D 11 20.58 0.98 23.28
C GLY D 11 21.98 0.81 22.72
N ALA D 12 22.98 0.91 23.58
CA ALA D 12 24.36 0.85 23.12
C ALA D 12 24.72 -0.45 22.42
N GLU D 13 24.23 -1.60 22.90
CA GLU D 13 24.66 -2.82 22.25
C GLU D 13 23.78 -3.24 21.09
N GLY D 14 22.76 -2.48 20.74
CA GLY D 14 21.90 -2.86 19.62
C GLY D 14 20.44 -2.85 20.04
N ALA D 15 19.63 -3.70 19.41
CA ALA D 15 18.21 -3.77 19.70
C ALA D 15 17.96 -4.69 20.90
N MET D 16 16.90 -4.38 21.64
CA MET D 16 16.32 -5.14 22.73
C MET D 16 17.33 -5.39 23.85
N VAL D 17 17.52 -4.40 24.71
CA VAL D 17 18.59 -4.55 25.71
C VAL D 17 18.17 -4.10 27.11
N PHE D 18 18.94 -4.62 28.08
CA PHE D 18 18.83 -4.18 29.47
C PHE D 18 20.03 -3.24 29.65
N GLU D 19 19.85 -2.09 30.28
CA GLU D 19 20.99 -1.19 30.54
C GLU D 19 20.98 -0.82 32.02
N PRO D 20 21.97 -1.19 32.80
CA PRO D 20 23.15 -1.95 32.42
C PRO D 20 22.83 -3.44 32.24
N ALA D 21 23.70 -4.19 31.58
CA ALA D 21 23.38 -5.62 31.39
C ALA D 21 24.23 -6.43 32.35
N TYR D 22 25.09 -5.72 33.08
CA TYR D 22 25.92 -6.40 34.10
C TYR D 22 25.62 -5.68 35.41
N ILE D 23 25.10 -6.40 36.38
CA ILE D 23 24.69 -5.77 37.63
C ILE D 23 25.40 -6.43 38.80
N LYS D 24 26.13 -5.59 39.53
CA LYS D 24 26.90 -6.12 40.67
C LYS D 24 26.14 -5.80 41.94
N ALA D 25 25.84 -6.80 42.77
CA ALA D 25 25.03 -6.47 43.94
C ALA D 25 25.44 -7.33 45.14
N ASN D 26 24.87 -7.03 46.31
CA ASN D 26 25.14 -7.85 47.49
C ASN D 26 23.83 -8.36 48.07
N PRO D 27 23.85 -9.41 48.90
CA PRO D 27 22.61 -9.93 49.49
C PRO D 27 21.84 -8.85 50.23
N GLY D 28 20.54 -8.72 49.98
CA GLY D 28 19.74 -7.67 50.59
C GLY D 28 19.56 -6.48 49.65
N ASP D 29 20.34 -6.34 48.59
CA ASP D 29 20.14 -5.22 47.65
C ASP D 29 18.88 -5.43 46.81
N THR D 30 18.39 -4.35 46.19
CA THR D 30 17.29 -4.50 45.28
C THR D 30 17.74 -4.04 43.88
N VAL D 31 17.11 -4.65 42.90
CA VAL D 31 17.32 -4.32 41.49
C VAL D 31 15.93 -3.92 40.97
N THR D 32 15.85 -2.67 40.51
CA THR D 32 14.59 -2.16 39.98
C THR D 32 14.65 -2.09 38.45
N PHE D 33 13.75 -2.84 37.83
CA PHE D 33 13.69 -2.94 36.38
C PHE D 33 12.59 -2.01 35.86
N ILE D 34 12.98 -1.05 35.01
CA ILE D 34 12.03 -0.06 34.51
C ILE D 34 11.85 -0.16 33.00
N PRO D 35 10.69 -0.58 32.54
CA PRO D 35 10.52 -0.63 31.08
C PRO D 35 10.32 0.78 30.52
N VAL D 36 11.37 1.35 29.94
CA VAL D 36 11.31 2.67 29.33
C VAL D 36 10.53 2.60 28.02
N ASP D 37 10.69 1.50 27.30
CA ASP D 37 9.87 1.26 26.12
C ASP D 37 8.86 0.17 26.48
N LYS D 38 7.77 0.05 25.75
CA LYS D 38 6.82 -1.02 26.06
C LYS D 38 7.24 -2.35 25.41
N GLY D 39 6.71 -3.45 25.93
CA GLY D 39 6.92 -4.75 25.35
C GLY D 39 7.95 -5.60 26.08
N HIS D 40 8.40 -5.16 27.26
CA HIS D 40 9.45 -5.92 27.96
C HIS D 40 9.06 -6.37 29.36
N ASN D 41 9.73 -7.41 29.87
CA ASN D 41 9.52 -7.93 31.22
C ASN D 41 10.86 -8.52 31.66
N VAL D 42 10.89 -9.19 32.78
CA VAL D 42 12.11 -9.83 33.25
C VAL D 42 11.72 -11.16 33.89
N GLU D 43 12.49 -12.19 33.60
CA GLU D 43 12.19 -13.55 34.05
C GLU D 43 13.51 -14.30 34.32
N SER D 44 13.62 -15.01 35.43
CA SER D 44 14.86 -15.73 35.67
C SER D 44 14.91 -16.92 34.71
N ILE D 45 16.10 -17.31 34.28
CA ILE D 45 16.22 -18.43 33.35
C ILE D 45 16.45 -19.73 34.11
N LYS D 46 15.73 -20.77 33.75
CA LYS D 46 15.85 -22.09 34.44
C LYS D 46 17.29 -22.58 34.48
N ASP D 47 17.70 -22.95 35.66
CA ASP D 47 19.04 -23.46 35.92
C ASP D 47 20.16 -22.47 35.71
N MET D 48 19.79 -21.19 35.63
CA MET D 48 20.82 -20.16 35.54
C MET D 48 20.63 -19.11 36.64
N ILE D 49 20.21 -19.58 37.80
CA ILE D 49 20.16 -18.81 39.04
C ILE D 49 20.73 -19.72 40.13
N PRO D 50 21.20 -19.15 41.22
CA PRO D 50 21.84 -19.98 42.23
C PRO D 50 20.90 -20.99 42.91
N GLU D 51 21.49 -22.07 43.35
CA GLU D 51 20.89 -23.18 44.02
C GLU D 51 19.63 -22.96 44.83
N GLY D 52 19.59 -22.07 45.81
CA GLY D 52 18.39 -21.90 46.62
C GLY D 52 17.59 -20.63 46.41
N ALA D 53 17.77 -20.04 45.24
CA ALA D 53 17.05 -18.77 44.99
C ALA D 53 15.70 -19.08 44.38
N GLU D 54 14.72 -18.22 44.56
CA GLU D 54 13.42 -18.45 43.96
C GLU D 54 13.35 -17.96 42.52
N LYS D 55 12.61 -18.65 41.68
CA LYS D 55 12.41 -18.23 40.30
C LYS D 55 11.50 -16.99 40.31
N PHE D 56 11.56 -16.16 39.27
CA PHE D 56 10.74 -14.96 39.24
C PHE D 56 10.36 -14.57 37.82
N LYS D 57 9.21 -13.91 37.68
CA LYS D 57 8.77 -13.50 36.36
C LYS D 57 7.85 -12.29 36.52
N SER D 58 8.23 -11.19 35.87
CA SER D 58 7.38 -10.00 36.01
C SER D 58 6.35 -9.89 34.91
N LYS D 59 5.34 -9.01 35.03
CA LYS D 59 4.41 -8.85 33.91
C LYS D 59 4.97 -7.87 32.89
N ILE D 60 4.61 -7.99 31.62
CA ILE D 60 5.12 -7.08 30.60
C ILE D 60 4.69 -5.65 30.88
N ASN D 61 5.59 -4.70 30.73
CA ASN D 61 5.36 -3.29 30.94
C ASN D 61 5.33 -2.79 32.38
N GLU D 62 5.41 -3.69 33.35
CA GLU D 62 5.46 -3.30 34.76
C GLU D 62 6.88 -3.06 35.29
N ASN D 63 6.93 -2.10 36.21
CA ASN D 63 8.15 -1.80 36.95
C ASN D 63 8.29 -2.96 37.93
N TYR D 64 9.46 -3.60 38.01
CA TYR D 64 9.54 -4.73 38.93
C TYR D 64 10.74 -4.57 39.85
N VAL D 65 10.54 -4.82 41.15
CA VAL D 65 11.65 -4.70 42.07
C VAL D 65 12.07 -6.09 42.53
N LEU D 66 13.28 -6.48 42.18
CA LEU D 66 13.80 -7.78 42.61
C LEU D 66 14.64 -7.63 43.85
N THR D 67 14.37 -8.41 44.90
CA THR D 67 15.30 -8.42 46.03
C THR D 67 16.23 -9.62 45.89
N VAL D 68 17.53 -9.40 46.00
CA VAL D 68 18.45 -10.53 45.81
C VAL D 68 19.01 -10.95 47.16
N THR D 69 18.91 -12.25 47.42
CA THR D 69 19.37 -12.82 48.69
C THR D 69 20.56 -13.75 48.50
N GLN D 70 20.38 -14.81 47.73
CA GLN D 70 21.47 -15.78 47.56
C GLN D 70 22.61 -15.28 46.69
N PRO D 71 23.85 -15.49 47.13
CA PRO D 71 25.04 -15.12 46.37
C PRO D 71 25.14 -16.05 45.14
N GLY D 72 25.84 -15.57 44.14
CA GLY D 72 25.95 -16.35 42.92
C GLY D 72 25.55 -15.48 41.72
N ALA D 73 25.61 -16.07 40.54
CA ALA D 73 25.25 -15.35 39.32
C ALA D 73 23.83 -15.77 38.91
N TYR D 74 23.14 -14.82 38.30
CA TYR D 74 21.78 -14.98 37.83
C TYR D 74 21.76 -14.42 36.38
N LEU D 75 21.25 -15.26 35.48
CA LEU D 75 21.07 -14.71 34.12
C LEU D 75 19.55 -14.52 34.00
N VAL D 76 19.15 -13.31 33.65
CA VAL D 76 17.72 -13.06 33.48
C VAL D 76 17.47 -12.69 32.02
N LYS D 77 16.25 -12.93 31.58
CA LYS D 77 15.95 -12.57 30.20
C LYS D 77 14.68 -11.72 30.19
N CYS D 78 14.42 -11.14 29.03
CA CYS D 78 13.11 -10.57 28.74
C CYS D 78 12.38 -11.73 28.03
N THR D 79 11.18 -12.10 28.48
CA THR D 79 10.49 -13.26 27.91
C THR D 79 10.27 -13.11 26.42
N PRO D 80 9.66 -12.04 25.93
CA PRO D 80 9.47 -11.94 24.48
C PRO D 80 10.76 -11.76 23.72
N HIS D 81 11.78 -11.07 24.23
CA HIS D 81 12.93 -10.84 23.36
C HIS D 81 14.20 -11.61 23.69
N TYR D 82 14.07 -12.68 24.46
CA TYR D 82 15.22 -13.51 24.79
C TYR D 82 15.94 -13.99 23.54
N ALA D 83 15.17 -14.47 22.56
CA ALA D 83 15.85 -14.95 21.33
C ALA D 83 16.56 -13.85 20.56
N MET D 84 16.27 -12.57 20.80
CA MET D 84 16.95 -11.47 20.16
C MET D 84 18.09 -10.95 21.02
N GLY D 85 18.41 -11.65 22.10
CA GLY D 85 19.57 -11.32 22.90
C GLY D 85 19.29 -10.52 24.15
N MET D 86 18.03 -10.30 24.52
CA MET D 86 17.80 -9.39 25.66
C MET D 86 18.00 -10.08 27.00
N ILE D 87 19.20 -9.94 27.56
CA ILE D 87 19.50 -10.60 28.84
C ILE D 87 20.29 -9.66 29.74
N ALA D 88 20.41 -10.00 31.02
CA ALA D 88 21.28 -9.26 31.92
C ALA D 88 21.86 -10.33 32.87
N LEU D 89 23.05 -10.03 33.38
CA LEU D 89 23.70 -10.92 34.35
C LEU D 89 23.78 -10.17 35.67
N ILE D 90 23.26 -10.78 36.72
CA ILE D 90 23.36 -10.18 38.05
C ILE D 90 24.38 -11.00 38.84
N ALA D 91 25.41 -10.35 39.38
CA ALA D 91 26.42 -11.06 40.15
C ALA D 91 26.28 -10.61 41.61
N VAL D 92 25.92 -11.56 42.47
CA VAL D 92 25.74 -11.32 43.89
C VAL D 92 26.90 -11.86 44.69
N GLY D 93 27.65 -10.96 45.33
CA GLY D 93 28.80 -11.38 46.14
C GLY D 93 30.02 -11.55 45.25
N ASP D 94 31.18 -11.92 45.80
CA ASP D 94 32.34 -12.07 44.90
C ASP D 94 32.49 -13.50 44.39
N SER D 95 33.22 -13.68 43.33
CA SER D 95 33.50 -14.88 42.56
C SER D 95 32.37 -15.90 42.62
N PRO D 96 31.29 -15.55 41.92
CA PRO D 96 30.07 -16.36 41.95
C PRO D 96 30.38 -17.81 41.51
N ALA D 97 29.99 -18.75 42.36
CA ALA D 97 30.34 -20.15 42.15
C ALA D 97 29.81 -20.70 40.83
N ASN D 98 28.65 -20.19 40.40
CA ASN D 98 27.99 -20.77 39.23
C ASN D 98 28.22 -20.03 37.93
N LEU D 99 29.10 -19.03 37.86
CA LEU D 99 29.32 -18.24 36.67
C LEU D 99 29.83 -19.04 35.48
N ASP D 100 30.84 -19.89 35.62
CA ASP D 100 31.36 -20.69 34.51
C ASP D 100 30.30 -21.64 33.99
N GLN D 101 29.48 -22.19 34.89
CA GLN D 101 28.40 -23.07 34.49
C GLN D 101 27.43 -22.27 33.62
N ILE D 102 27.09 -21.05 34.03
CA ILE D 102 26.15 -20.30 33.20
C ILE D 102 26.73 -19.93 31.86
N VAL D 103 28.02 -19.63 31.83
CA VAL D 103 28.63 -19.27 30.52
C VAL D 103 28.64 -20.47 29.59
N SER D 104 28.81 -21.67 30.15
CA SER D 104 28.81 -22.85 29.28
C SER D 104 27.41 -23.34 28.92
N ALA D 105 26.34 -22.97 29.65
CA ALA D 105 25.03 -23.56 29.39
C ALA D 105 24.50 -23.29 27.98
N LYS D 106 23.59 -24.18 27.55
CA LYS D 106 23.01 -24.00 26.23
C LYS D 106 22.09 -22.77 26.19
N LYS D 107 22.26 -21.93 25.18
CA LYS D 107 21.43 -20.75 25.00
C LYS D 107 21.56 -20.24 23.56
N PRO D 108 20.68 -19.36 23.10
CA PRO D 108 20.79 -18.82 21.74
C PRO D 108 22.13 -18.18 21.48
N LYS D 109 22.59 -18.32 20.24
CA LYS D 109 23.90 -17.79 19.85
C LYS D 109 24.01 -16.31 20.13
N ILE D 110 22.93 -15.58 19.83
CA ILE D 110 23.00 -14.13 20.04
C ILE D 110 23.10 -13.82 21.53
N VAL D 111 22.38 -14.61 22.32
CA VAL D 111 22.49 -14.44 23.78
C VAL D 111 23.94 -14.64 24.24
N GLN D 112 24.52 -15.78 23.79
CA GLN D 112 25.90 -16.11 24.16
C GLN D 112 26.87 -15.01 23.82
N GLU D 113 26.73 -14.42 22.62
CA GLU D 113 27.62 -13.34 22.22
C GLU D 113 27.46 -12.12 23.12
N ARG D 114 26.22 -11.78 23.51
CA ARG D 114 26.12 -10.61 24.40
C ARG D 114 26.63 -10.87 25.80
N LEU D 115 26.37 -12.08 26.29
CA LEU D 115 26.84 -12.52 27.61
C LEU D 115 28.36 -12.39 27.67
N GLU D 116 29.01 -12.90 26.63
CA GLU D 116 30.48 -12.87 26.60
C GLU D 116 31.01 -11.46 26.60
N LYS D 117 30.30 -10.58 25.92
CA LYS D 117 30.70 -9.19 25.89
C LYS D 117 30.53 -8.56 27.26
N VAL D 118 29.37 -8.76 27.87
CA VAL D 118 29.15 -8.16 29.19
C VAL D 118 30.12 -8.66 30.24
N ILE D 119 30.51 -9.93 30.17
CA ILE D 119 31.45 -10.40 31.19
C ILE D 119 32.83 -9.79 30.95
N ALA D 120 33.16 -9.53 29.69
CA ALA D 120 34.46 -8.96 29.36
C ALA D 120 34.45 -7.43 29.57
N SER D 121 33.56 -6.82 28.83
CA SER D 121 33.22 -5.43 28.63
C SER D 121 31.88 -5.02 29.25
N ALA D 122 31.83 -5.06 30.58
CA ALA D 122 30.67 -4.66 31.36
C ALA D 122 30.89 -5.00 32.84
N LYS D 123 31.86 -5.87 33.08
CA LYS D 123 32.21 -6.35 34.42
C LYS D 123 32.68 -5.20 35.35
CU CU E . -12.39 20.89 11.44
CU CU F . -12.42 13.59 0.92
GD GD G . -10.19 4.45 25.63
GD GD H . -18.45 -10.20 24.90
GD GD I . -0.15 -31.42 21.44
CU CU J . 13.19 12.78 -22.92
CU CU K . 6.24 3.17 -18.25
GD GD L . -1.43 27.45 -19.96
GD GD M . -20.82 28.25 -21.95
GD GD N . -33.45 28.55 1.67
CU CU O . 13.46 -13.79 11.37
CU CU P . 2.14 -10.38 6.66
GD GD Q . 22.96 -14.51 -5.99
GD GD R . 17.07 -22.12 -22.00
GD GD S . 14.19 -2.23 -42.19
CU CU T . 12.04 -7.21 25.85
N THR A 2 -42.01 13.15 -4.76
CA THR A 2 -42.43 14.59 -4.75
C THR A 2 -42.08 15.24 -3.40
N ALA A 3 -42.38 16.50 -3.23
CA ALA A 3 -42.06 17.18 -1.94
C ALA A 3 -42.91 16.59 -0.81
N ALA A 4 -44.18 16.37 -1.03
CA ALA A 4 -45.04 15.81 0.05
C ALA A 4 -44.52 14.43 0.46
N GLU A 5 -44.10 13.65 -0.50
CA GLU A 5 -43.58 12.29 -0.16
C GLU A 5 -42.33 12.41 0.72
N ILE A 6 -41.42 13.28 0.37
CA ILE A 6 -40.18 13.43 1.19
C ILE A 6 -40.54 13.93 2.59
N ALA A 7 -41.45 14.87 2.68
CA ALA A 7 -41.85 15.40 4.02
C ALA A 7 -42.65 14.35 4.83
N ALA A 8 -43.25 13.38 4.20
CA ALA A 8 -44.04 12.36 4.96
C ALA A 8 -43.16 11.18 5.43
N LEU A 9 -41.93 11.09 4.99
CA LEU A 9 -41.07 9.95 5.44
C LEU A 9 -40.83 10.04 6.96
N PRO A 10 -40.86 8.92 7.65
CA PRO A 10 -40.63 8.89 9.13
C PRO A 10 -39.21 9.32 9.55
N ARG A 11 -39.09 10.18 10.53
CA ARG A 11 -37.77 10.64 11.00
C ARG A 11 -37.45 9.84 12.27
N GLN A 12 -36.26 9.35 12.37
CA GLN A 12 -35.90 8.54 13.57
C GLN A 12 -34.52 8.95 14.07
N LYS A 13 -34.44 9.30 15.30
CA LYS A 13 -33.14 9.72 15.88
C LYS A 13 -32.41 8.47 16.36
N VAL A 14 -31.12 8.47 16.24
CA VAL A 14 -30.32 7.30 16.68
C VAL A 14 -29.15 7.77 17.55
N GLU A 15 -28.93 7.09 18.63
CA GLU A 15 -27.84 7.45 19.55
C GLU A 15 -26.58 6.81 19.00
N LEU A 16 -25.53 7.56 18.95
CA LEU A 16 -24.27 6.99 18.38
C LEU A 16 -23.32 6.49 19.47
N VAL A 17 -22.51 5.50 19.18
CA VAL A 17 -21.56 5.00 20.18
C VAL A 17 -20.19 5.47 19.75
N ASP A 18 -19.19 5.06 20.43
CA ASP A 18 -17.81 5.49 20.04
C ASP A 18 -17.02 4.30 19.47
N PRO A 19 -16.26 4.52 18.43
CA PRO A 19 -15.44 3.45 17.80
C PRO A 19 -14.67 2.63 18.84
N PRO A 20 -14.35 1.41 18.52
CA PRO A 20 -14.69 0.80 17.20
C PRO A 20 -16.11 0.21 17.17
N PHE A 21 -16.86 0.35 18.23
CA PHE A 21 -18.23 -0.20 18.26
C PHE A 21 -19.11 0.53 17.23
N VAL A 22 -20.29 0.05 17.07
CA VAL A 22 -21.24 0.67 16.12
C VAL A 22 -22.59 0.73 16.82
N HIS A 23 -23.37 1.68 16.48
CA HIS A 23 -24.69 1.84 17.12
C HIS A 23 -25.58 0.64 16.80
N ALA A 24 -26.85 0.76 17.08
CA ALA A 24 -27.78 -0.38 16.80
C ALA A 24 -28.44 -0.17 15.43
N HIS A 25 -28.37 -1.17 14.59
CA HIS A 25 -29.00 -1.06 13.24
C HIS A 25 -29.29 -2.46 12.70
N SER A 26 -30.12 -2.56 11.69
CA SER A 26 -30.44 -3.89 11.11
C SER A 26 -29.82 -3.97 9.71
N GLN A 27 -29.31 -5.11 9.36
CA GLN A 27 -28.68 -5.24 8.01
C GLN A 27 -29.76 -4.96 7.01
N VAL A 28 -30.71 -5.83 6.93
CA VAL A 28 -31.84 -5.59 6.00
C VAL A 28 -32.63 -4.37 6.52
N ALA A 29 -33.00 -3.47 5.66
CA ALA A 29 -33.73 -2.25 6.10
C ALA A 29 -35.09 -2.64 6.67
N GLU A 30 -35.48 -1.99 7.72
CA GLU A 30 -36.80 -2.27 8.35
C GLU A 30 -37.76 -1.13 7.99
N GLY A 31 -38.69 -1.39 7.12
CA GLY A 31 -39.64 -0.32 6.71
C GLY A 31 -39.10 0.31 5.44
N GLY A 32 -39.73 1.35 4.99
CA GLY A 32 -39.26 2.01 3.75
C GLY A 32 -38.21 3.07 4.12
N PRO A 33 -37.94 3.95 3.21
CA PRO A 33 -36.94 5.04 3.41
C PRO A 33 -37.28 5.90 4.63
N LYS A 34 -36.30 6.31 5.37
CA LYS A 34 -36.57 7.16 6.57
C LYS A 34 -35.39 8.13 6.84
N VAL A 35 -35.72 9.34 7.23
CA VAL A 35 -34.71 10.37 7.55
C VAL A 35 -34.11 10.04 8.91
N VAL A 36 -32.90 9.59 8.88
CA VAL A 36 -32.18 9.21 10.10
C VAL A 36 -31.54 10.44 10.63
N GLU A 37 -31.72 10.66 11.87
CA GLU A 37 -31.16 11.88 12.49
C GLU A 37 -30.06 11.54 13.49
N PHE A 38 -28.94 12.18 13.35
CA PHE A 38 -27.80 11.96 14.28
C PHE A 38 -27.21 13.32 14.66
N THR A 39 -26.77 13.50 15.88
CA THR A 39 -26.20 14.81 16.30
C THR A 39 -24.82 14.60 16.90
N MET A 40 -23.85 15.35 16.46
CA MET A 40 -22.48 15.19 17.02
C MET A 40 -21.86 16.56 17.36
N VAL A 41 -21.33 16.68 18.56
CA VAL A 41 -20.69 17.94 18.99
C VAL A 41 -19.21 17.77 18.77
N ILE A 42 -18.58 18.77 18.27
CA ILE A 42 -17.13 18.67 17.98
C ILE A 42 -16.35 19.12 19.20
N GLU A 43 -15.32 18.42 19.54
CA GLU A 43 -14.54 18.82 20.74
C GLU A 43 -13.05 18.94 20.41
N GLU A 44 -12.49 20.12 20.54
CA GLU A 44 -11.03 20.28 20.25
C GLU A 44 -10.27 20.17 21.58
N LYS A 45 -9.52 19.11 21.78
CA LYS A 45 -8.80 18.97 23.05
C LYS A 45 -7.46 18.31 22.81
N LYS A 46 -6.69 18.20 23.83
CA LYS A 46 -5.35 17.56 23.69
C LYS A 46 -5.41 16.10 24.14
N ILE A 47 -5.00 15.20 23.29
CA ILE A 47 -5.01 13.76 23.64
C ILE A 47 -3.60 13.17 23.44
N VAL A 48 -3.23 12.24 24.27
CA VAL A 48 -1.93 11.60 24.19
C VAL A 48 -2.06 10.49 23.19
N ILE A 49 -1.05 10.26 22.46
CA ILE A 49 -1.13 9.20 21.40
C ILE A 49 0.18 8.42 21.31
N ASP A 50 0.81 8.18 22.42
CA ASP A 50 2.10 7.41 22.44
C ASP A 50 2.54 7.17 23.91
N ASP A 51 3.18 6.05 24.20
CA ASP A 51 3.62 5.79 25.61
C ASP A 51 4.60 6.88 26.12
N ALA A 52 5.09 7.77 25.29
CA ALA A 52 6.04 8.82 25.77
C ALA A 52 5.30 10.12 26.12
N GLY A 53 4.00 10.11 26.18
CA GLY A 53 3.24 11.37 26.53
C GLY A 53 3.16 12.36 25.34
N THR A 54 3.32 11.91 24.12
CA THR A 54 3.22 12.84 22.96
C THR A 54 1.78 13.34 22.93
N GLU A 55 1.58 14.56 22.60
CA GLU A 55 0.16 15.06 22.61
C GLU A 55 -0.19 15.75 21.29
N VAL A 56 -1.37 15.51 20.79
CA VAL A 56 -1.81 16.18 19.53
C VAL A 56 -3.19 16.86 19.72
N HIS A 57 -3.26 18.16 19.48
CA HIS A 57 -4.54 18.90 19.62
C HIS A 57 -5.53 18.29 18.65
N ALA A 58 -6.30 17.38 19.14
CA ALA A 58 -7.27 16.66 18.28
C ALA A 58 -8.53 17.48 18.05
N MET A 59 -9.07 17.32 16.88
CA MET A 59 -10.31 18.00 16.48
C MET A 59 -11.20 16.82 16.27
N ALA A 60 -12.16 16.65 17.10
CA ALA A 60 -12.86 15.38 16.98
C ALA A 60 -14.32 15.54 16.92
N PHE A 61 -14.87 14.85 16.02
CA PHE A 61 -16.36 14.85 15.90
C PHE A 61 -16.92 13.85 16.92
N ASN A 62 -17.79 14.28 17.80
CA ASN A 62 -18.33 13.34 18.83
C ASN A 62 -17.27 13.09 19.92
N GLY A 63 -16.24 13.90 20.01
CA GLY A 63 -15.18 13.69 21.04
C GLY A 63 -14.38 12.40 20.82
N THR A 64 -14.37 11.81 19.63
CA THR A 64 -13.54 10.56 19.46
C THR A 64 -12.87 10.47 18.06
N VAL A 65 -11.58 10.13 18.01
CA VAL A 65 -10.88 9.95 16.72
C VAL A 65 -10.70 8.45 16.54
N PRO A 66 -11.26 7.91 15.50
CA PRO A 66 -12.02 8.68 14.50
C PRO A 66 -13.49 8.87 14.86
N GLY A 67 -14.13 9.87 14.33
CA GLY A 67 -15.56 10.10 14.63
C GLY A 67 -16.27 8.75 14.66
N PRO A 68 -17.51 8.76 15.03
CA PRO A 68 -18.34 7.52 15.11
C PRO A 68 -18.90 7.10 13.75
N LEU A 69 -19.09 5.82 13.55
CA LEU A 69 -19.63 5.35 12.24
C LEU A 69 -21.18 5.40 12.25
N MET A 70 -21.76 6.19 11.38
CA MET A 70 -23.23 6.28 11.29
C MET A 70 -23.66 5.25 10.26
N VAL A 71 -24.74 4.62 10.48
CA VAL A 71 -25.17 3.57 9.51
C VAL A 71 -26.65 3.72 9.12
N VAL A 72 -26.88 3.87 7.85
CA VAL A 72 -28.26 3.97 7.31
C VAL A 72 -28.32 3.07 6.06
N HIS A 73 -29.46 2.99 5.42
CA HIS A 73 -29.56 2.14 4.22
C HIS A 73 -29.60 3.04 2.98
N GLN A 74 -29.51 2.44 1.83
CA GLN A 74 -29.53 3.21 0.57
C GLN A 74 -30.93 3.78 0.38
N ASP A 75 -31.00 5.02 0.03
CA ASP A 75 -32.34 5.66 -0.16
C ASP A 75 -32.67 6.50 1.08
N ASP A 76 -32.32 6.04 2.25
CA ASP A 76 -32.61 6.80 3.47
C ASP A 76 -31.79 8.10 3.47
N TYR A 77 -32.29 9.12 4.10
CA TYR A 77 -31.58 10.42 4.15
C TYR A 77 -30.95 10.62 5.53
N LEU A 78 -29.71 10.99 5.55
CA LEU A 78 -29.00 11.22 6.82
C LEU A 78 -29.10 12.70 7.14
N GLU A 79 -29.57 13.01 8.30
CA GLU A 79 -29.74 14.42 8.72
C GLU A 79 -28.91 14.59 9.95
N LEU A 80 -27.86 15.31 9.84
CA LEU A 80 -26.97 15.41 11.03
C LEU A 80 -26.87 16.84 11.56
N THR A 81 -27.22 17.00 12.81
CA THR A 81 -27.10 18.34 13.47
C THR A 81 -25.70 18.41 14.11
N LEU A 82 -24.83 19.23 13.58
CA LEU A 82 -23.48 19.35 14.10
C LEU A 82 -23.45 20.54 14.99
N ILE A 83 -22.64 20.51 15.95
CA ILE A 83 -22.58 21.64 16.91
C ILE A 83 -21.13 21.94 17.28
N ASN A 84 -20.75 23.17 17.15
CA ASN A 84 -19.36 23.59 17.51
C ASN A 84 -19.46 24.52 18.71
N PRO A 85 -19.20 24.00 19.87
CA PRO A 85 -19.29 24.74 21.16
C PRO A 85 -18.53 26.07 21.16
N GLU A 86 -18.99 27.01 21.94
CA GLU A 86 -18.28 28.32 22.00
C GLU A 86 -16.87 28.12 22.58
N THR A 87 -16.66 27.10 23.37
CA THR A 87 -15.30 26.87 23.96
C THR A 87 -14.27 26.63 22.86
N ASN A 88 -14.68 26.03 21.77
CA ASN A 88 -13.71 25.74 20.67
C ASN A 88 -13.18 27.06 20.10
N THR A 89 -12.09 27.01 19.39
CA THR A 89 -11.52 28.26 18.81
C THR A 89 -11.31 28.15 17.28
N LEU A 90 -11.80 27.12 16.62
CA LEU A 90 -11.59 27.04 15.13
C LEU A 90 -12.91 26.67 14.42
N MET A 91 -13.24 27.36 13.35
CA MET A 91 -14.49 27.02 12.61
C MET A 91 -14.29 25.68 11.89
N HIS A 92 -15.30 24.84 11.86
CA HIS A 92 -15.16 23.53 11.17
C HIS A 92 -16.17 23.40 10.03
N ASN A 93 -16.49 22.19 9.70
CA ASN A 93 -17.46 21.89 8.60
C ASN A 93 -17.38 20.38 8.32
N ILE A 94 -18.39 19.78 7.72
CA ILE A 94 -18.32 18.31 7.46
C ILE A 94 -18.65 17.99 6.00
N ASP A 95 -17.80 17.22 5.36
CA ASP A 95 -18.05 16.82 3.94
C ASP A 95 -18.17 15.29 3.89
N PHE A 96 -19.34 14.77 3.63
CA PHE A 96 -19.51 13.29 3.59
C PHE A 96 -19.36 12.78 2.15
N HIS A 97 -18.36 12.00 1.91
CA HIS A 97 -18.14 11.43 0.55
C HIS A 97 -19.43 10.76 0.03
N ALA A 98 -20.26 10.23 0.91
CA ALA A 98 -21.51 9.55 0.46
C ALA A 98 -22.62 10.54 0.08
N ALA A 99 -22.34 11.82 0.04
CA ALA A 99 -23.38 12.81 -0.34
C ALA A 99 -23.04 13.39 -1.71
N THR A 100 -23.96 14.11 -2.31
CA THR A 100 -23.68 14.70 -3.65
C THR A 100 -24.12 16.17 -3.70
N GLY A 101 -23.18 17.07 -3.84
CA GLY A 101 -23.51 18.55 -3.93
C GLY A 101 -22.92 19.35 -2.75
N ALA A 102 -22.36 20.53 -3.01
CA ALA A 102 -21.80 21.35 -1.88
C ALA A 102 -20.53 20.72 -1.30
N LEU A 103 -19.61 20.30 -2.13
CA LEU A 103 -18.33 19.73 -1.61
C LEU A 103 -18.61 18.66 -0.57
N GLY A 104 -19.67 17.92 -0.75
CA GLY A 104 -20.00 16.84 0.23
C GLY A 104 -20.61 17.43 1.50
N GLY A 105 -21.23 18.57 1.40
CA GLY A 105 -21.86 19.20 2.61
C GLY A 105 -20.92 20.21 3.29
N GLY A 106 -19.67 20.32 2.90
CA GLY A 106 -18.75 21.29 3.56
C GLY A 106 -19.15 22.74 3.24
N GLY A 107 -19.66 22.99 2.05
CA GLY A 107 -20.04 24.39 1.68
C GLY A 107 -21.31 24.85 2.44
N LEU A 108 -22.02 23.96 3.07
CA LEU A 108 -23.27 24.39 3.80
C LEU A 108 -23.20 23.93 5.27
N THR A 109 -22.03 23.82 5.82
CA THR A 109 -21.89 23.40 7.24
C THR A 109 -20.73 24.14 7.95
N GLU A 110 -20.30 25.28 7.45
CA GLU A 110 -19.21 26.04 8.11
C GLU A 110 -19.78 26.67 9.37
N ILE A 111 -19.37 26.20 10.51
CA ILE A 111 -19.94 26.76 11.76
C ILE A 111 -18.81 27.18 12.68
N ASN A 112 -18.81 28.42 13.06
CA ASN A 112 -17.73 28.91 13.98
C ASN A 112 -18.17 28.69 15.42
N PRO A 113 -17.24 28.67 16.34
CA PRO A 113 -17.54 28.48 17.78
C PRO A 113 -18.85 29.16 18.20
N GLY A 114 -19.75 28.43 18.80
CA GLY A 114 -21.05 29.03 19.21
C GLY A 114 -22.10 28.87 18.10
N GLU A 115 -21.85 28.03 17.12
CA GLU A 115 -22.87 27.87 16.03
C GLU A 115 -23.09 26.38 15.67
N LYS A 116 -24.33 26.00 15.38
CA LYS A 116 -24.62 24.59 14.98
C LYS A 116 -25.58 24.59 13.77
N THR A 117 -25.51 23.61 12.91
CA THR A 117 -26.41 23.61 11.75
C THR A 117 -26.99 22.22 11.59
N ILE A 118 -27.73 22.04 10.56
CA ILE A 118 -28.34 20.71 10.30
C ILE A 118 -28.34 20.48 8.79
N LEU A 119 -27.66 19.47 8.34
CA LEU A 119 -27.61 19.21 6.87
C LEU A 119 -28.16 17.82 6.57
N ARG A 120 -29.05 17.74 5.63
CA ARG A 120 -29.64 16.41 5.27
C ARG A 120 -29.30 16.06 3.81
N PHE A 121 -28.87 14.84 3.57
CA PHE A 121 -28.53 14.41 2.19
C PHE A 121 -29.06 12.98 1.97
N LYS A 122 -29.47 12.69 0.77
CA LYS A 122 -30.00 11.34 0.44
C LYS A 122 -28.84 10.39 0.15
N ALA A 123 -28.82 9.29 0.82
CA ALA A 123 -27.76 8.28 0.63
C ALA A 123 -28.16 7.49 -0.58
N THR A 124 -27.68 7.91 -1.69
CA THR A 124 -28.12 7.25 -2.98
C THR A 124 -27.21 6.08 -3.41
N LYS A 125 -26.08 5.89 -2.80
CA LYS A 125 -25.19 4.78 -3.21
C LYS A 125 -24.81 3.96 -1.99
N PRO A 126 -24.80 2.68 -2.13
CA PRO A 126 -24.47 1.75 -1.02
C PRO A 126 -22.95 1.52 -0.85
N GLY A 127 -22.47 1.56 0.36
CA GLY A 127 -21.01 1.33 0.56
C GLY A 127 -20.47 2.23 1.67
N VAL A 128 -19.39 1.81 2.30
CA VAL A 128 -18.79 2.61 3.37
C VAL A 128 -18.13 3.82 2.73
N PHE A 129 -18.14 4.92 3.40
CA PHE A 129 -17.54 6.12 2.81
C PHE A 129 -16.93 6.93 3.93
N VAL A 130 -15.89 7.65 3.66
CA VAL A 130 -15.26 8.45 4.77
C VAL A 130 -15.75 9.93 4.81
N TYR A 131 -16.17 10.41 5.97
CA TYR A 131 -16.59 11.82 6.11
C TYR A 131 -15.44 12.54 6.82
N HIS A 132 -15.29 13.82 6.61
CA HIS A 132 -14.15 14.53 7.26
C HIS A 132 -14.34 16.05 7.18
N CYS A 133 -13.94 16.78 8.19
CA CYS A 133 -14.09 18.26 8.17
C CYS A 133 -13.09 18.84 7.18
N ALA A 134 -13.43 19.90 6.50
CA ALA A 134 -12.47 20.45 5.51
C ALA A 134 -12.71 21.92 5.25
N PRO A 135 -12.39 22.75 6.19
CA PRO A 135 -12.54 24.23 6.06
C PRO A 135 -11.62 24.78 4.97
N PRO A 136 -12.18 25.46 4.01
CA PRO A 136 -11.41 26.03 2.87
C PRO A 136 -10.05 26.61 3.28
N GLY A 137 -8.97 26.08 2.74
CA GLY A 137 -7.62 26.63 3.08
C GLY A 137 -6.93 25.83 4.22
N MET A 138 -7.64 25.05 4.98
CA MET A 138 -6.98 24.30 6.08
C MET A 138 -7.54 22.89 6.12
N VAL A 139 -7.79 22.34 4.97
CA VAL A 139 -8.36 20.96 4.91
C VAL A 139 -7.41 19.94 5.56
N PRO A 140 -6.25 19.72 4.98
CA PRO A 140 -5.25 18.74 5.47
C PRO A 140 -4.97 18.85 6.97
N TRP A 141 -5.03 20.03 7.51
CA TRP A 141 -4.75 20.17 8.97
C TRP A 141 -5.90 19.59 9.80
N HIS A 142 -7.10 19.96 9.47
CA HIS A 142 -8.28 19.45 10.22
C HIS A 142 -8.39 17.92 10.11
N VAL A 143 -8.07 17.36 8.98
CA VAL A 143 -8.19 15.88 8.82
C VAL A 143 -7.07 15.18 9.60
N VAL A 144 -5.86 15.62 9.44
CA VAL A 144 -4.73 14.97 10.15
C VAL A 144 -4.93 15.11 11.67
N SER A 145 -5.56 16.18 12.09
CA SER A 145 -5.78 16.37 13.55
C SER A 145 -6.77 15.32 14.09
N GLY A 146 -7.30 14.50 13.22
CA GLY A 146 -8.26 13.45 13.69
C GLY A 146 -9.72 13.91 13.47
N MET A 147 -9.98 14.78 12.52
CA MET A 147 -11.38 15.22 12.28
C MET A 147 -11.96 14.45 11.08
N ASN A 148 -12.15 13.18 11.23
CA ASN A 148 -12.70 12.37 10.11
C ASN A 148 -13.14 10.99 10.63
N GLY A 149 -14.14 10.44 10.02
CA GLY A 149 -14.67 9.09 10.44
C GLY A 149 -15.21 8.36 9.20
N ALA A 150 -16.37 7.74 9.29
CA ALA A 150 -16.93 7.03 8.10
C ALA A 150 -18.37 6.57 8.34
N ILE A 151 -19.18 6.57 7.32
CA ILE A 151 -20.59 6.11 7.47
C ILE A 151 -20.84 4.91 6.54
N MET A 152 -21.68 4.00 6.94
CA MET A 152 -21.96 2.80 6.08
C MET A 152 -23.41 2.80 5.60
N VAL A 153 -23.61 2.92 4.32
CA VAL A 153 -24.98 2.90 3.76
C VAL A 153 -25.19 1.51 3.23
N LEU A 154 -25.89 0.71 3.95
CA LEU A 154 -26.03 -0.72 3.52
C LEU A 154 -27.22 -0.92 2.58
N PRO A 155 -27.05 -1.75 1.57
CA PRO A 155 -28.14 -2.07 0.63
C PRO A 155 -29.44 -2.40 1.39
N ARG A 156 -30.56 -1.98 0.89
CA ARG A 156 -31.85 -2.25 1.60
C ARG A 156 -31.99 -3.74 1.91
N GLU A 157 -31.46 -4.58 1.06
CA GLU A 157 -31.57 -6.06 1.30
C GLU A 157 -30.34 -6.62 2.04
N GLY A 158 -29.52 -5.78 2.63
CA GLY A 158 -28.33 -6.30 3.36
C GLY A 158 -27.16 -6.47 2.39
N LEU A 159 -26.12 -7.15 2.82
CA LEU A 159 -24.95 -7.36 1.92
C LEU A 159 -24.95 -8.78 1.34
N HIS A 160 -24.49 -8.94 0.12
CA HIS A 160 -24.44 -10.27 -0.51
C HIS A 160 -23.10 -10.42 -1.24
N ASP A 161 -22.72 -11.61 -1.58
CA ASP A 161 -21.43 -11.82 -2.29
C ASP A 161 -21.56 -11.43 -3.77
N GLY A 162 -20.69 -11.92 -4.62
CA GLY A 162 -20.76 -11.57 -6.07
C GLY A 162 -21.84 -12.42 -6.78
N LYS A 163 -22.22 -13.54 -6.22
CA LYS A 163 -23.26 -14.40 -6.90
C LYS A 163 -24.67 -14.13 -6.32
N GLY A 164 -24.83 -13.16 -5.46
CA GLY A 164 -26.20 -12.88 -4.89
C GLY A 164 -26.42 -13.55 -3.50
N LYS A 165 -25.57 -14.44 -3.06
CA LYS A 165 -25.76 -15.09 -1.75
C LYS A 165 -25.71 -14.05 -0.64
N ALA A 166 -26.60 -14.14 0.30
CA ALA A 166 -26.61 -13.14 1.42
C ALA A 166 -25.44 -13.38 2.40
N LEU A 167 -24.77 -12.33 2.78
CA LEU A 167 -23.64 -12.40 3.74
C LEU A 167 -24.06 -11.58 4.96
N THR A 168 -24.36 -12.24 6.03
CA THR A 168 -24.85 -11.55 7.23
C THR A 168 -23.80 -11.68 8.29
N TYR A 169 -23.43 -10.60 8.84
CA TYR A 169 -22.35 -10.63 9.87
C TYR A 169 -22.95 -10.61 11.28
N ASP A 170 -22.36 -11.34 12.20
CA ASP A 170 -22.86 -11.35 13.60
C ASP A 170 -22.38 -10.09 14.35
N LYS A 171 -21.25 -9.54 13.97
CA LYS A 171 -20.73 -8.33 14.67
C LYS A 171 -19.96 -7.48 13.68
N ILE A 172 -19.88 -6.20 13.92
CA ILE A 172 -19.13 -5.30 12.99
C ILE A 172 -18.35 -4.26 13.80
N TYR A 173 -17.11 -4.06 13.46
CA TYR A 173 -16.28 -3.06 14.16
C TYR A 173 -15.74 -2.07 13.14
N TYR A 174 -15.54 -0.85 13.56
CA TYR A 174 -15.02 0.19 12.62
C TYR A 174 -13.66 0.67 13.13
N VAL A 175 -12.64 0.43 12.37
CA VAL A 175 -11.27 0.84 12.78
C VAL A 175 -10.80 2.00 11.90
N GLY A 176 -10.83 3.19 12.41
CA GLY A 176 -10.38 4.37 11.65
C GLY A 176 -8.88 4.55 11.89
N GLU A 177 -8.14 4.65 10.85
CA GLU A 177 -6.68 4.79 10.96
C GLU A 177 -6.38 6.26 10.81
N GLN A 178 -5.40 6.72 11.51
CA GLN A 178 -5.10 8.18 11.42
C GLN A 178 -3.60 8.41 11.41
N ASP A 179 -3.10 9.04 10.37
CA ASP A 179 -1.64 9.34 10.31
C ASP A 179 -1.40 10.76 10.85
N PHE A 180 -0.68 10.90 11.93
CA PHE A 180 -0.43 12.23 12.48
C PHE A 180 0.92 12.75 12.00
N TYR A 181 1.23 13.93 12.37
CA TYR A 181 2.51 14.57 11.98
C TYR A 181 2.88 15.51 13.11
N VAL A 182 3.55 15.00 14.09
CA VAL A 182 3.86 15.82 15.29
C VAL A 182 5.23 16.44 15.15
N PRO A 183 5.29 17.72 15.34
CA PRO A 183 6.58 18.48 15.24
C PRO A 183 7.56 18.13 16.39
N ARG A 184 8.83 17.96 16.07
CA ARG A 184 9.85 17.64 17.11
C ARG A 184 10.90 18.75 17.13
N ASP A 185 11.49 19.01 18.25
CA ASP A 185 12.52 20.09 18.33
C ASP A 185 13.81 19.62 17.67
N GLU A 186 14.91 20.27 17.96
CA GLU A 186 16.21 19.86 17.35
C GLU A 186 16.73 18.56 17.98
N ASN A 187 16.43 18.31 19.23
CA ASN A 187 16.92 17.06 19.89
C ASN A 187 16.07 15.83 19.55
N GLY A 188 15.01 15.98 18.77
CA GLY A 188 14.17 14.80 18.43
C GLY A 188 13.02 14.59 19.45
N LYS A 189 12.75 15.53 20.32
CA LYS A 189 11.64 15.37 21.30
C LYS A 189 10.37 16.03 20.76
N TYR A 190 9.26 15.35 20.84
CA TYR A 190 7.99 15.91 20.34
C TYR A 190 7.74 17.23 21.05
N LYS A 191 7.20 18.17 20.36
CA LYS A 191 6.94 19.50 20.99
C LYS A 191 5.44 19.64 21.34
N LYS A 192 5.16 20.29 22.44
CA LYS A 192 3.75 20.50 22.84
C LYS A 192 3.45 21.99 22.73
N TYR A 193 2.22 22.34 22.64
CA TYR A 193 1.87 23.77 22.51
C TYR A 193 0.70 24.07 23.42
N GLU A 194 0.35 25.30 23.51
CA GLU A 194 -0.78 25.70 24.39
C GLU A 194 -2.11 25.59 23.63
N ALA A 195 -2.19 26.10 22.42
CA ALA A 195 -3.46 26.02 21.67
C ALA A 195 -3.24 25.28 20.37
N PRO A 196 -4.29 25.04 19.65
CA PRO A 196 -4.24 24.32 18.34
C PRO A 196 -3.56 25.13 17.22
N GLY A 197 -3.74 26.43 17.18
CA GLY A 197 -3.10 27.24 16.09
C GLY A 197 -1.60 27.39 16.33
N ASP A 198 -1.17 27.40 17.55
CA ASP A 198 0.29 27.57 17.84
C ASP A 198 1.11 26.48 17.13
N ALA A 199 0.53 25.35 16.86
CA ALA A 199 1.30 24.25 16.18
C ALA A 199 0.90 24.12 14.70
N TYR A 200 0.35 25.14 14.11
CA TYR A 200 -0.03 25.06 12.66
C TYR A 200 1.21 25.13 11.72
N GLU A 201 2.11 26.07 11.91
CA GLU A 201 3.28 26.17 10.98
C GLU A 201 4.20 24.96 11.14
N ASP A 202 4.51 24.61 12.36
CA ASP A 202 5.42 23.45 12.58
C ASP A 202 4.78 22.16 12.08
N THR A 203 3.49 22.03 12.19
CA THR A 203 2.82 20.79 11.73
C THR A 203 2.84 20.74 10.21
N VAL A 204 2.52 21.82 9.57
CA VAL A 204 2.54 21.84 8.08
C VAL A 204 3.91 21.37 7.59
N LYS A 205 4.95 21.86 8.19
CA LYS A 205 6.31 21.43 7.76
C LYS A 205 6.40 19.91 7.81
N VAL A 206 5.96 19.31 8.88
CA VAL A 206 6.01 17.83 8.99
C VAL A 206 5.09 17.18 7.94
N MET A 207 3.92 17.73 7.74
CA MET A 207 2.98 17.14 6.73
C MET A 207 3.60 17.18 5.33
N ARG A 208 4.33 18.20 4.99
CA ARG A 208 4.94 18.30 3.64
C ARG A 208 5.85 17.10 3.41
N THR A 209 6.55 16.69 4.42
CA THR A 209 7.48 15.53 4.27
C THR A 209 6.71 14.26 3.84
N LEU A 210 5.40 14.26 3.91
CA LEU A 210 4.63 13.05 3.52
C LEU A 210 5.06 11.87 4.37
N THR A 211 5.55 12.11 5.56
CA THR A 211 5.99 10.98 6.43
C THR A 211 5.38 11.18 7.82
N PRO A 212 4.36 10.42 8.13
CA PRO A 212 3.66 10.53 9.46
C PRO A 212 4.51 10.02 10.64
N THR A 213 4.62 10.79 11.70
CA THR A 213 5.41 10.33 12.87
C THR A 213 4.67 9.17 13.57
N HIS A 214 3.36 9.08 13.43
CA HIS A 214 2.62 7.98 14.09
C HIS A 214 1.37 7.64 13.26
N VAL A 215 1.15 6.37 13.03
CA VAL A 215 -0.04 5.95 12.25
C VAL A 215 -0.77 5.00 13.14
N VAL A 216 -1.94 5.30 13.55
CA VAL A 216 -2.56 4.36 14.52
C VAL A 216 -4.03 4.15 14.27
N PHE A 217 -4.60 3.35 15.11
CA PHE A 217 -6.06 3.07 14.98
C PHE A 217 -6.78 3.46 16.27
N ASN A 218 -7.91 4.09 16.16
CA ASN A 218 -8.66 4.51 17.39
C ASN A 218 -8.09 5.80 18.02
N GLY A 219 -7.11 6.43 17.39
CA GLY A 219 -6.54 7.68 17.97
C GLY A 219 -5.32 7.45 18.93
N ALA A 220 -4.69 6.30 18.98
CA ALA A 220 -3.51 6.16 19.90
C ALA A 220 -2.79 4.81 19.70
N VAL A 221 -1.48 4.81 19.72
CA VAL A 221 -0.75 3.52 19.55
C VAL A 221 -1.21 2.55 20.65
N GLY A 222 -1.61 1.37 20.28
CA GLY A 222 -2.11 0.40 21.31
C GLY A 222 -3.57 0.69 21.76
N ALA A 223 -4.35 1.46 21.01
CA ALA A 223 -5.75 1.72 21.44
C ALA A 223 -6.64 0.46 21.27
N LEU A 224 -6.32 -0.44 20.36
CA LEU A 224 -7.17 -1.64 20.16
C LEU A 224 -6.37 -2.91 20.46
N THR A 225 -5.45 -2.83 21.37
CA THR A 225 -4.62 -4.03 21.71
C THR A 225 -4.60 -4.19 23.23
N GLY A 226 -4.35 -5.39 23.71
CA GLY A 226 -4.29 -5.63 25.17
C GLY A 226 -5.71 -5.89 25.68
N ASP A 227 -6.14 -5.15 26.66
CA ASP A 227 -7.53 -5.34 27.19
C ASP A 227 -8.56 -4.73 26.23
N LYS A 228 -8.14 -3.88 25.32
CA LYS A 228 -9.12 -3.25 24.38
C LYS A 228 -9.13 -4.00 23.04
N ALA A 229 -8.56 -5.18 22.98
CA ALA A 229 -8.54 -5.93 21.70
C ALA A 229 -9.98 -6.37 21.35
N MET A 230 -10.37 -6.23 20.10
CA MET A 230 -11.74 -6.63 19.74
C MET A 230 -11.97 -8.05 20.24
N THR A 231 -13.01 -8.65 19.79
CA THR A 231 -13.32 -10.05 20.21
C THR A 231 -14.14 -10.76 19.10
N ALA A 232 -14.00 -12.07 19.02
CA ALA A 232 -14.72 -12.89 18.02
C ALA A 232 -14.56 -14.36 18.39
N ALA A 233 -15.54 -15.19 18.12
CA ALA A 233 -15.42 -16.62 18.48
C ALA A 233 -15.48 -17.48 17.22
N VAL A 234 -14.80 -18.59 17.23
CA VAL A 234 -14.79 -19.48 16.05
C VAL A 234 -16.21 -19.67 15.57
N GLY A 235 -16.42 -19.53 14.30
CA GLY A 235 -17.80 -19.68 13.75
C GLY A 235 -18.54 -18.32 13.69
N GLU A 236 -17.91 -17.25 14.12
CA GLU A 236 -18.58 -15.92 14.10
C GLU A 236 -18.15 -15.17 12.83
N LYS A 237 -19.08 -14.49 12.23
CA LYS A 237 -18.80 -13.73 11.00
C LYS A 237 -18.66 -12.28 11.42
N VAL A 238 -17.62 -11.65 11.04
CA VAL A 238 -17.44 -10.26 11.50
C VAL A 238 -17.02 -9.35 10.36
N LEU A 239 -17.66 -8.23 10.25
CA LEU A 239 -17.33 -7.25 9.20
C LEU A 239 -16.46 -6.16 9.82
N ILE A 240 -15.33 -5.88 9.24
CA ILE A 240 -14.42 -4.86 9.79
C ILE A 240 -14.28 -3.70 8.80
N VAL A 241 -14.92 -2.62 9.10
CA VAL A 241 -14.86 -1.43 8.23
C VAL A 241 -13.63 -0.64 8.61
N HIS A 242 -12.90 -0.20 7.65
CA HIS A 242 -11.66 0.55 7.95
C HIS A 242 -11.64 1.78 7.07
N SER A 243 -11.20 2.87 7.61
CA SER A 243 -11.16 4.13 6.82
C SER A 243 -9.83 4.88 7.02
N GLN A 244 -9.45 5.61 6.02
CA GLN A 244 -8.21 6.44 6.02
C GLN A 244 -8.56 7.67 5.18
N ALA A 245 -8.78 8.77 5.83
CA ALA A 245 -9.24 10.00 5.09
C ALA A 245 -8.12 10.78 4.38
N ASN A 246 -6.89 10.45 4.61
CA ASN A 246 -5.79 11.21 3.94
C ASN A 246 -4.47 10.39 3.90
N ARG A 247 -4.56 9.11 3.66
CA ARG A 247 -3.32 8.27 3.59
C ARG A 247 -3.69 6.85 3.11
N ASP A 248 -2.98 6.28 2.16
CA ASP A 248 -3.35 4.89 1.71
C ASP A 248 -2.81 3.82 2.68
N THR A 249 -3.63 2.85 3.06
CA THR A 249 -3.16 1.78 3.96
C THR A 249 -3.33 0.44 3.25
N ARG A 250 -3.10 -0.61 3.96
CA ARG A 250 -3.24 -1.99 3.38
C ARG A 250 -3.52 -2.96 4.53
N PRO A 251 -4.77 -3.09 4.88
CA PRO A 251 -5.23 -3.95 6.00
C PRO A 251 -4.85 -5.42 5.84
N HIS A 252 -4.59 -6.08 6.94
CA HIS A 252 -4.23 -7.53 6.90
C HIS A 252 -4.47 -8.19 8.29
N LEU A 253 -5.34 -9.18 8.35
CA LEU A 253 -5.61 -9.90 9.63
C LEU A 253 -4.61 -11.04 9.76
N ILE A 254 -3.67 -10.87 10.64
CA ILE A 254 -2.61 -11.88 10.85
C ILE A 254 -3.26 -13.15 11.37
N GLY A 255 -3.07 -14.20 10.68
CA GLY A 255 -3.67 -15.49 11.10
C GLY A 255 -5.01 -15.73 10.38
N GLY A 256 -5.57 -14.72 9.75
CA GLY A 256 -6.86 -14.93 9.05
C GLY A 256 -6.78 -14.34 7.64
N HIS A 257 -7.90 -13.95 7.10
CA HIS A 257 -7.90 -13.37 5.73
C HIS A 257 -9.28 -12.75 5.44
N GLY A 258 -9.34 -11.84 4.53
CA GLY A 258 -10.64 -11.18 4.19
C GLY A 258 -11.39 -12.11 3.24
N ASP A 259 -12.34 -12.82 3.75
CA ASP A 259 -13.10 -13.77 2.89
C ASP A 259 -13.67 -13.00 1.72
N TYR A 260 -14.37 -11.96 2.03
CA TYR A 260 -14.96 -11.08 0.98
C TYR A 260 -14.57 -9.66 1.35
N VAL A 261 -13.94 -8.94 0.47
CA VAL A 261 -13.50 -7.57 0.86
C VAL A 261 -13.84 -6.54 -0.21
N TRP A 262 -14.77 -5.68 0.09
CA TRP A 262 -15.11 -4.58 -0.86
C TRP A 262 -14.02 -3.55 -0.67
N ALA A 263 -12.94 -3.75 -1.35
CA ALA A 263 -11.73 -2.87 -1.16
C ALA A 263 -12.10 -1.44 -1.42
N THR A 264 -12.82 -1.23 -2.45
CA THR A 264 -13.21 0.16 -2.82
C THR A 264 -14.27 0.69 -1.85
N GLY A 265 -14.81 -0.15 -1.01
CA GLY A 265 -15.86 0.33 -0.04
C GLY A 265 -17.23 0.58 -0.74
N LYS A 266 -17.44 0.00 -1.89
CA LYS A 266 -18.72 0.17 -2.62
C LYS A 266 -19.38 -1.21 -2.71
N PHE A 267 -20.60 -1.31 -2.34
CA PHE A 267 -21.28 -2.65 -2.36
C PHE A 267 -21.59 -3.07 -3.80
N ASN A 268 -21.97 -2.14 -4.62
CA ASN A 268 -22.30 -2.48 -6.04
C ASN A 268 -21.09 -3.15 -6.69
N THR A 269 -19.92 -2.77 -6.30
CA THR A 269 -18.70 -3.37 -6.90
C THR A 269 -18.42 -4.71 -6.22
N PRO A 270 -18.44 -5.76 -6.99
CA PRO A 270 -18.21 -7.14 -6.45
C PRO A 270 -17.04 -7.19 -5.45
N PRO A 271 -17.19 -7.89 -4.35
CA PRO A 271 -16.10 -7.97 -3.32
C PRO A 271 -14.99 -8.99 -3.64
N ASP A 272 -13.73 -8.58 -3.74
CA ASP A 272 -12.67 -9.58 -4.00
C ASP A 272 -12.87 -10.70 -3.00
N VAL A 273 -12.17 -11.78 -3.14
CA VAL A 273 -12.37 -12.90 -2.17
C VAL A 273 -11.02 -13.59 -1.86
N ASP A 274 -10.91 -14.13 -0.68
CA ASP A 274 -9.66 -14.84 -0.29
C ASP A 274 -8.56 -13.82 -0.32
N GLN A 275 -8.74 -12.74 0.40
CA GLN A 275 -7.68 -11.68 0.35
C GLN A 275 -6.71 -11.75 1.55
N GLU A 276 -5.41 -11.80 1.29
CA GLU A 276 -4.43 -11.79 2.42
C GLU A 276 -4.20 -10.33 2.90
N THR A 277 -4.14 -9.38 1.99
CA THR A 277 -3.91 -7.96 2.36
C THR A 277 -4.61 -7.10 1.32
N TRP A 278 -5.50 -6.27 1.73
CA TRP A 278 -6.25 -5.45 0.74
C TRP A 278 -5.57 -4.10 0.59
N PHE A 279 -6.24 -3.18 -0.01
CA PHE A 279 -5.65 -1.83 -0.20
C PHE A 279 -6.75 -0.75 -0.26
N ILE A 280 -6.72 0.18 0.66
CA ILE A 280 -7.71 1.28 0.68
C ILE A 280 -6.96 2.59 0.50
N PRO A 281 -7.23 3.28 -0.57
CA PRO A 281 -6.53 4.55 -0.91
C PRO A 281 -6.95 5.75 -0.05
N GLY A 282 -5.99 6.52 0.41
CA GLY A 282 -6.32 7.71 1.21
C GLY A 282 -7.59 8.33 0.64
N GLY A 283 -8.45 8.78 1.49
CA GLY A 283 -9.73 9.37 1.04
C GLY A 283 -10.76 8.26 0.75
N ALA A 284 -10.71 7.15 1.45
CA ALA A 284 -11.73 6.09 1.15
C ALA A 284 -11.84 5.05 2.27
N ALA A 285 -13.01 4.50 2.48
CA ALA A 285 -13.17 3.45 3.54
C ALA A 285 -13.64 2.13 2.89
N GLY A 286 -13.06 1.02 3.27
CA GLY A 286 -13.48 -0.28 2.66
C GLY A 286 -14.13 -1.15 3.72
N ALA A 287 -14.31 -2.42 3.44
CA ALA A 287 -14.95 -3.33 4.42
C ALA A 287 -14.58 -4.78 4.11
N ALA A 288 -14.22 -5.54 5.10
CA ALA A 288 -13.85 -6.96 4.88
C ALA A 288 -14.71 -7.84 5.79
N PHE A 289 -15.18 -8.94 5.28
CA PHE A 289 -16.03 -9.85 6.08
C PHE A 289 -15.32 -11.19 6.20
N TYR A 290 -15.14 -11.69 7.38
CA TYR A 290 -14.41 -12.97 7.52
C TYR A 290 -14.99 -13.80 8.67
N THR A 291 -15.11 -15.07 8.44
CA THR A 291 -15.62 -16.00 9.48
C THR A 291 -14.42 -16.63 10.18
N PHE A 292 -14.31 -16.39 11.45
CA PHE A 292 -13.15 -16.92 12.22
C PHE A 292 -13.24 -18.43 12.32
N GLN A 293 -12.14 -19.09 12.11
CA GLN A 293 -12.12 -20.59 12.20
C GLN A 293 -11.14 -21.09 13.28
N GLN A 294 -10.27 -20.24 13.81
CA GLN A 294 -9.31 -20.71 14.85
C GLN A 294 -9.27 -19.72 16.00
N PRO A 295 -9.22 -20.22 17.20
CA PRO A 295 -9.18 -19.38 18.44
C PRO A 295 -7.76 -18.94 18.78
N GLY A 296 -7.65 -17.86 19.48
CA GLY A 296 -6.29 -17.37 19.85
C GLY A 296 -6.22 -15.86 19.62
N ILE A 297 -5.06 -15.29 19.71
CA ILE A 297 -4.92 -13.83 19.50
C ILE A 297 -4.42 -13.55 18.06
N TYR A 298 -5.10 -12.68 17.36
CA TYR A 298 -4.68 -12.34 15.97
C TYR A 298 -4.48 -10.83 15.88
N ALA A 299 -3.46 -10.40 15.19
CA ALA A 299 -3.20 -8.95 15.07
C ALA A 299 -3.76 -8.49 13.74
N TYR A 300 -4.26 -7.30 13.69
CA TYR A 300 -4.83 -6.82 12.41
C TYR A 300 -4.22 -5.48 12.15
N VAL A 301 -3.46 -5.33 11.12
CA VAL A 301 -2.83 -4.00 10.99
C VAL A 301 -2.39 -3.69 9.57
N ASN A 302 -1.97 -2.48 9.41
CA ASN A 302 -1.48 -2.01 8.10
C ASN A 302 -0.26 -2.83 7.81
N HIS A 303 -0.22 -3.42 6.67
CA HIS A 303 0.94 -4.30 6.40
C HIS A 303 2.18 -3.47 6.46
N ASN A 304 2.23 -2.34 5.82
CA ASN A 304 3.50 -1.58 6.03
C ASN A 304 4.01 -1.97 7.46
N LEU A 305 4.79 -3.03 7.58
CA LEU A 305 5.23 -3.52 8.92
C LEU A 305 5.76 -2.36 9.71
N ILE A 306 6.54 -1.57 9.09
CA ILE A 306 7.11 -0.38 9.80
C ILE A 306 5.97 0.45 10.35
N GLU A 307 5.01 0.76 9.51
CA GLU A 307 3.84 1.55 9.98
C GLU A 307 3.03 0.75 11.06
N ALA A 308 3.00 -0.55 10.98
CA ALA A 308 2.21 -1.34 11.99
C ALA A 308 3.00 -1.64 13.30
N PHE A 309 4.31 -1.74 13.29
CA PHE A 309 5.01 -2.06 14.56
C PHE A 309 5.83 -0.88 15.06
N GLU A 310 6.40 -0.13 14.17
CA GLU A 310 7.22 1.04 14.59
C GLU A 310 6.38 2.33 14.73
N LEU A 311 5.30 2.48 13.99
CA LEU A 311 4.51 3.75 14.10
C LEU A 311 3.36 3.54 15.08
N GLY A 312 2.66 2.46 14.94
CA GLY A 312 1.51 2.18 15.85
C GLY A 312 0.23 1.78 15.06
N ALA A 313 0.34 1.14 13.92
CA ALA A 313 -0.89 0.74 13.18
C ALA A 313 -1.14 -0.77 13.38
N ALA A 314 -1.39 -1.21 14.60
CA ALA A 314 -1.63 -2.66 14.81
C ALA A 314 -2.58 -2.90 16.00
N ALA A 315 -3.70 -3.54 15.76
CA ALA A 315 -4.65 -3.83 16.87
C ALA A 315 -4.67 -5.34 17.05
N HIS A 316 -5.49 -5.85 17.93
CA HIS A 316 -5.50 -7.34 18.10
C HIS A 316 -6.90 -7.87 18.47
N PHE A 317 -7.31 -8.96 17.84
CA PHE A 317 -8.65 -9.56 18.18
C PHE A 317 -8.45 -10.90 18.95
N LYS A 318 -9.09 -11.03 20.10
CA LYS A 318 -8.99 -12.25 20.91
C LYS A 318 -10.18 -13.08 20.51
N VAL A 319 -9.94 -14.30 20.20
CA VAL A 319 -11.04 -15.15 19.73
C VAL A 319 -11.11 -16.39 20.57
N THR A 320 -12.28 -16.77 20.92
CA THR A 320 -12.45 -17.99 21.76
C THR A 320 -13.03 -19.13 20.92
N GLY A 321 -12.82 -20.36 21.32
CA GLY A 321 -13.37 -21.50 20.53
C GLY A 321 -12.43 -22.70 20.62
N GLU A 322 -12.62 -23.66 19.75
CA GLU A 322 -11.75 -24.87 19.77
C GLU A 322 -10.81 -24.82 18.56
N TRP A 323 -9.58 -25.17 18.79
CA TRP A 323 -8.58 -25.16 17.70
C TRP A 323 -8.93 -26.25 16.71
N ASN A 324 -8.54 -26.05 15.50
CA ASN A 324 -8.82 -27.04 14.43
C ASN A 324 -7.50 -27.48 13.85
N ASP A 325 -7.08 -28.67 14.16
CA ASP A 325 -5.77 -29.16 13.67
C ASP A 325 -5.81 -29.33 12.16
N ASP A 326 -6.92 -29.73 11.64
CA ASP A 326 -7.03 -29.92 10.16
C ASP A 326 -6.48 -28.68 9.46
N LEU A 327 -6.87 -27.53 9.90
CA LEU A 327 -6.39 -26.27 9.29
C LEU A 327 -4.91 -26.06 9.61
N MET A 328 -4.46 -26.33 10.82
CA MET A 328 -3.03 -26.10 11.12
C MET A 328 -2.63 -26.86 12.37
N THR A 329 -1.51 -27.53 12.34
CA THR A 329 -1.07 -28.28 13.55
C THR A 329 0.47 -28.32 13.64
N SER A 330 1.03 -28.08 14.80
CA SER A 330 2.52 -28.13 14.95
C SER A 330 2.93 -29.59 15.08
N VAL A 331 3.39 -30.18 14.02
CA VAL A 331 3.79 -31.61 14.08
C VAL A 331 4.94 -31.75 15.04
N LEU A 332 5.92 -30.92 14.89
CA LEU A 332 7.08 -30.97 15.82
C LEU A 332 7.31 -29.57 16.43
N ALA A 333 6.98 -29.39 17.69
CA ALA A 333 7.18 -28.05 18.32
C ALA A 333 8.66 -27.72 18.34
N PRO A 334 9.00 -26.46 18.37
CA PRO A 334 10.40 -26.00 18.40
C PRO A 334 11.26 -26.79 19.40
N SER A 335 12.30 -27.42 18.95
CA SER A 335 13.15 -28.21 19.89
C SER A 335 14.50 -28.46 19.25
N GLY A 336 15.45 -28.90 20.03
CA GLY A 336 16.81 -29.17 19.47
C GLY A 336 16.68 -29.97 18.17
N ALA B 1 -2.20 -8.65 -40.05
CA ALA B 1 -2.32 -8.04 -41.40
C ALA B 1 -0.93 -7.98 -42.06
N THR B 2 -0.87 -8.16 -43.35
CA THR B 2 0.44 -8.10 -44.04
C THR B 2 0.74 -6.66 -44.42
N ALA B 3 1.94 -6.40 -44.86
CA ALA B 3 2.30 -5.01 -45.24
C ALA B 3 1.35 -4.48 -46.33
N ALA B 4 1.03 -5.28 -47.31
CA ALA B 4 0.12 -4.81 -48.40
C ALA B 4 -1.23 -4.38 -47.81
N GLU B 5 -1.72 -5.12 -46.86
CA GLU B 5 -3.04 -4.76 -46.26
C GLU B 5 -2.91 -3.46 -45.47
N ILE B 6 -1.88 -3.35 -44.68
CA ILE B 6 -1.70 -2.10 -43.88
C ILE B 6 -1.55 -0.91 -44.82
N ALA B 7 -0.83 -1.07 -45.90
CA ALA B 7 -0.63 0.06 -46.86
C ALA B 7 -1.97 0.48 -47.50
N ALA B 8 -2.90 -0.44 -47.66
CA ALA B 8 -4.21 -0.08 -48.31
C ALA B 8 -5.22 0.50 -47.29
N LEU B 9 -4.88 0.64 -46.04
CA LEU B 9 -5.87 1.21 -45.06
C LEU B 9 -5.87 2.75 -45.14
N PRO B 10 -7.02 3.35 -44.97
CA PRO B 10 -7.16 4.85 -45.01
C PRO B 10 -6.33 5.56 -43.93
N ARG B 11 -5.69 6.65 -44.28
CA ARG B 11 -4.87 7.40 -43.28
C ARG B 11 -5.64 8.67 -42.89
N GLN B 12 -5.62 9.01 -41.64
CA GLN B 12 -6.33 10.22 -41.16
C GLN B 12 -5.41 11.02 -40.25
N LYS B 13 -5.05 12.20 -40.68
CA LYS B 13 -4.14 13.05 -39.88
C LYS B 13 -4.98 13.75 -38.84
N VAL B 14 -4.48 13.84 -37.66
CA VAL B 14 -5.27 14.49 -36.58
C VAL B 14 -4.46 15.61 -35.90
N GLU B 15 -5.05 16.77 -35.80
CA GLU B 15 -4.38 17.91 -35.14
C GLU B 15 -4.63 17.76 -33.65
N LEU B 16 -3.59 17.76 -32.89
CA LEU B 16 -3.76 17.56 -31.42
C LEU B 16 -3.99 18.90 -30.72
N VAL B 17 -4.69 18.87 -29.62
CA VAL B 17 -4.95 20.11 -28.88
C VAL B 17 -4.11 20.07 -27.60
N ASP B 18 -4.23 21.04 -26.77
CA ASP B 18 -3.42 21.01 -25.52
C ASP B 18 -4.31 20.68 -24.30
N PRO B 19 -3.90 19.75 -23.46
CA PRO B 19 -4.67 19.38 -22.26
C PRO B 19 -5.22 20.62 -21.54
N PRO B 20 -6.28 20.47 -20.78
CA PRO B 20 -6.95 19.15 -20.58
C PRO B 20 -7.92 18.78 -21.73
N PHE B 21 -8.02 19.61 -22.73
CA PHE B 21 -8.94 19.31 -23.86
C PHE B 21 -8.42 18.11 -24.63
N VAL B 22 -9.27 17.57 -25.46
CA VAL B 22 -8.91 16.40 -26.28
C VAL B 22 -9.35 16.68 -27.71
N HIS B 23 -8.58 16.24 -28.64
CA HIS B 23 -8.90 16.48 -30.07
C HIS B 23 -10.24 15.85 -30.42
N ALA B 24 -10.82 16.31 -31.47
CA ALA B 24 -12.13 15.76 -31.92
C ALA B 24 -11.97 14.30 -32.29
N HIS B 25 -12.94 13.51 -31.93
CA HIS B 25 -12.91 12.06 -32.22
C HIS B 25 -14.31 11.49 -31.97
N SER B 26 -14.62 10.37 -32.54
CA SER B 26 -15.96 9.78 -32.34
C SER B 26 -15.84 8.60 -31.39
N GLN B 27 -16.76 8.46 -30.50
CA GLN B 27 -16.68 7.33 -29.53
C GLN B 27 -16.74 6.06 -30.33
N VAL B 28 -17.81 5.88 -31.02
CA VAL B 28 -17.95 4.68 -31.89
C VAL B 28 -17.07 4.90 -33.13
N ALA B 29 -16.31 3.92 -33.50
CA ALA B 29 -15.40 4.06 -34.67
C ALA B 29 -16.22 4.23 -35.95
N GLU B 30 -15.81 5.13 -36.79
CA GLU B 30 -16.53 5.36 -38.08
C GLU B 30 -15.72 4.71 -39.20
N GLY B 31 -16.16 3.58 -39.69
CA GLY B 31 -15.41 2.89 -40.76
C GLY B 31 -14.53 1.80 -40.13
N GLY B 32 -13.76 1.09 -40.93
CA GLY B 32 -12.89 0.01 -40.38
C GLY B 32 -11.58 0.63 -39.85
N PRO B 33 -10.57 -0.19 -39.67
CA PRO B 33 -9.24 0.25 -39.16
C PRO B 33 -8.59 1.32 -40.03
N LYS B 34 -7.97 2.29 -39.42
CA LYS B 34 -7.29 3.38 -40.20
C LYS B 34 -5.99 3.83 -39.50
N VAL B 35 -4.96 4.08 -40.28
CA VAL B 35 -3.66 4.56 -39.74
C VAL B 35 -3.81 6.02 -39.36
N VAL B 36 -3.85 6.24 -38.09
CA VAL B 36 -4.01 7.59 -37.55
C VAL B 36 -2.65 8.20 -37.51
N GLU B 37 -2.59 9.40 -37.91
CA GLU B 37 -1.25 10.07 -37.97
C GLU B 37 -1.21 11.26 -37.02
N PHE B 38 -0.22 11.29 -36.18
CA PHE B 38 -0.06 12.44 -35.23
C PHE B 38 1.42 12.88 -35.20
N THR B 39 1.69 14.16 -35.15
CA THR B 39 3.11 14.62 -35.13
C THR B 39 3.32 15.53 -33.92
N MET B 40 4.34 15.28 -33.14
CA MET B 40 4.60 16.13 -31.95
C MET B 40 6.09 16.51 -31.85
N VAL B 41 6.37 17.78 -31.73
CA VAL B 41 7.76 18.26 -31.60
C VAL B 41 8.03 18.42 -30.11
N ILE B 42 9.15 17.99 -29.68
CA ILE B 42 9.48 18.06 -28.24
C ILE B 42 10.19 19.36 -27.97
N GLU B 43 9.82 20.03 -26.93
CA GLU B 43 10.50 21.34 -26.66
C GLU B 43 10.99 21.41 -25.22
N GLU B 44 12.28 21.38 -24.99
CA GLU B 44 12.78 21.50 -23.59
C GLU B 44 12.85 22.99 -23.23
N LYS B 45 11.96 23.49 -22.40
CA LYS B 45 12.02 24.92 -22.09
C LYS B 45 11.81 25.12 -20.61
N LYS B 46 11.68 26.33 -20.22
CA LYS B 46 11.45 26.64 -18.79
C LYS B 46 10.00 27.05 -18.55
N ILE B 47 9.35 26.39 -17.62
CA ILE B 47 7.94 26.71 -17.30
C ILE B 47 7.81 26.95 -15.79
N VAL B 48 6.90 27.79 -15.42
CA VAL B 48 6.69 28.11 -14.01
C VAL B 48 5.71 27.11 -13.50
N ILE B 49 5.83 26.76 -12.29
CA ILE B 49 4.89 25.72 -11.75
C ILE B 49 4.03 26.24 -10.59
N ASP B 50 4.34 27.36 -10.01
CA ASP B 50 3.51 27.85 -8.88
C ASP B 50 3.36 29.35 -8.98
N ASP B 51 2.74 29.95 -8.00
CA ASP B 51 2.54 31.42 -8.02
C ASP B 51 3.84 32.13 -7.62
N ALA B 52 4.66 31.49 -6.82
CA ALA B 52 5.94 32.13 -6.39
C ALA B 52 6.91 32.31 -7.58
N GLY B 53 6.67 31.65 -8.68
CA GLY B 53 7.61 31.80 -9.85
C GLY B 53 8.63 30.64 -9.92
N THR B 54 8.41 29.56 -9.20
CA THR B 54 9.35 28.42 -9.25
C THR B 54 9.46 27.98 -10.69
N GLU B 55 10.64 27.72 -11.15
CA GLU B 55 10.78 27.32 -12.59
C GLU B 55 11.43 25.94 -12.73
N VAL B 56 10.91 25.15 -13.64
CA VAL B 56 11.49 23.79 -13.90
C VAL B 56 11.74 23.59 -15.43
N HIS B 57 12.95 23.22 -15.80
CA HIS B 57 13.30 23.00 -17.22
C HIS B 57 12.53 21.79 -17.67
N ALA B 58 11.38 22.02 -18.18
CA ALA B 58 10.50 20.90 -18.59
C ALA B 58 10.85 20.37 -19.97
N MET B 59 10.64 19.10 -20.14
CA MET B 59 10.87 18.41 -21.43
C MET B 59 9.48 18.10 -21.83
N ALA B 60 9.01 18.69 -22.85
CA ALA B 60 7.58 18.50 -23.09
C ALA B 60 7.29 18.13 -24.49
N PHE B 61 6.55 17.10 -24.59
CA PHE B 61 6.09 16.65 -25.93
C PHE B 61 4.96 17.58 -26.38
N ASN B 62 5.08 18.20 -27.53
CA ASN B 62 4.00 19.14 -27.97
C ASN B 62 4.08 20.47 -27.18
N GLY B 63 5.16 20.73 -26.46
CA GLY B 63 5.27 21.99 -25.69
C GLY B 63 4.27 22.04 -24.52
N THR B 64 3.75 20.92 -24.05
CA THR B 64 2.79 21.04 -22.88
C THR B 64 2.90 19.84 -21.90
N VAL B 65 2.95 20.12 -20.59
CA VAL B 65 2.97 19.04 -19.59
C VAL B 65 1.58 18.98 -18.96
N PRO B 66 0.92 17.87 -19.08
CA PRO B 66 1.46 16.67 -19.76
C PRO B 66 1.19 16.68 -21.27
N GLY B 67 2.00 15.97 -22.02
CA GLY B 67 1.77 15.91 -23.48
C GLY B 67 0.28 15.83 -23.76
N PRO B 68 -0.09 15.90 -25.00
CA PRO B 68 -1.52 15.85 -25.42
C PRO B 68 -2.06 14.41 -25.47
N LEU B 69 -3.35 14.24 -25.27
CA LEU B 69 -3.93 12.87 -25.31
C LEU B 69 -4.35 12.49 -26.74
N MET B 70 -3.73 11.48 -27.31
CA MET B 70 -4.08 11.03 -28.66
C MET B 70 -5.19 10.02 -28.51
N VAL B 71 -6.09 9.99 -29.43
CA VAL B 71 -7.24 9.04 -29.29
C VAL B 71 -7.52 8.30 -30.61
N VAL B 72 -7.43 7.01 -30.56
CA VAL B 72 -7.73 6.16 -31.73
C VAL B 72 -8.59 4.98 -31.25
N HIS B 73 -9.00 4.11 -32.12
CA HIS B 73 -9.84 2.97 -31.70
C HIS B 73 -8.99 1.71 -31.68
N GLN B 74 -9.51 0.68 -31.10
CA GLN B 74 -8.76 -0.60 -31.03
C GLN B 74 -8.64 -1.18 -32.42
N ASP B 75 -7.48 -1.60 -32.78
CA ASP B 75 -7.27 -2.16 -34.14
C ASP B 75 -6.58 -1.12 -35.02
N ASP B 76 -6.93 0.14 -34.86
CA ASP B 76 -6.31 1.21 -35.68
C ASP B 76 -4.82 1.34 -35.31
N TYR B 77 -4.00 1.70 -36.26
CA TYR B 77 -2.55 1.85 -36.00
C TYR B 77 -2.23 3.34 -35.78
N LEU B 78 -1.49 3.61 -34.75
CA LEU B 78 -1.10 5.00 -34.41
C LEU B 78 0.29 5.23 -34.98
N GLU B 79 0.40 6.19 -35.83
CA GLU B 79 1.70 6.49 -36.48
C GLU B 79 2.09 7.85 -36.01
N LEU B 80 3.13 7.92 -35.27
CA LEU B 80 3.52 9.26 -34.72
C LEU B 80 4.89 9.73 -35.19
N THR B 81 4.91 10.85 -35.86
CA THR B 81 6.21 11.46 -36.31
C THR B 81 6.70 12.37 -35.17
N LEU B 82 7.77 12.00 -34.53
CA LEU B 82 8.29 12.76 -33.40
C LEU B 82 9.46 13.52 -33.92
N ILE B 83 9.62 14.68 -33.44
CA ILE B 83 10.73 15.54 -33.92
C ILE B 83 11.43 16.23 -32.76
N ASN B 84 12.71 16.07 -32.68
CA ASN B 84 13.52 16.70 -31.60
C ASN B 84 14.36 17.81 -32.26
N PRO B 85 13.89 19.01 -32.17
CA PRO B 85 14.53 20.21 -32.78
C PRO B 85 15.99 20.36 -32.41
N GLU B 86 16.76 20.94 -33.29
CA GLU B 86 18.21 21.14 -33.00
C GLU B 86 18.38 22.08 -31.79
N THR B 87 17.42 22.93 -31.52
CA THR B 87 17.55 23.87 -30.37
C THR B 87 17.66 23.08 -29.05
N ASN B 88 17.12 21.90 -28.99
CA ASN B 88 17.18 21.10 -27.74
C ASN B 88 18.62 20.62 -27.52
N THR B 89 18.92 20.14 -26.34
CA THR B 89 20.31 19.66 -26.06
C THR B 89 20.34 18.19 -25.55
N LEU B 90 19.23 17.47 -25.48
CA LEU B 90 19.31 16.05 -24.99
C LEU B 90 18.53 15.10 -25.91
N MET B 91 19.05 13.91 -26.15
CA MET B 91 18.33 12.94 -27.02
C MET B 91 17.13 12.39 -26.25
N HIS B 92 16.01 12.21 -26.90
CA HIS B 92 14.82 11.69 -26.20
C HIS B 92 14.39 10.34 -26.78
N ASN B 93 13.12 10.06 -26.68
CA ASN B 93 12.56 8.78 -27.20
C ASN B 93 11.14 8.62 -26.62
N ILE B 94 10.27 7.87 -27.27
CA ILE B 94 8.88 7.74 -26.71
C ILE B 94 8.52 6.25 -26.52
N ASP B 95 8.02 5.91 -25.36
CA ASP B 95 7.59 4.51 -25.09
C ASP B 95 6.09 4.51 -24.76
N PHE B 96 5.26 4.04 -25.65
CA PHE B 96 3.79 4.03 -25.39
C PHE B 96 3.38 2.71 -24.74
N HIS B 97 2.91 2.79 -23.53
CA HIS B 97 2.45 1.56 -22.80
C HIS B 97 1.43 0.78 -23.67
N ALA B 98 0.71 1.45 -24.54
CA ALA B 98 -0.32 0.73 -25.37
C ALA B 98 0.29 0.03 -26.60
N ALA B 99 1.59 -0.01 -26.72
CA ALA B 99 2.21 -0.69 -27.89
C ALA B 99 2.91 -1.96 -27.42
N THR B 100 3.29 -2.81 -28.32
CA THR B 100 3.97 -4.08 -27.90
C THR B 100 5.25 -4.32 -28.72
N GLY B 101 6.40 -4.25 -28.10
CA GLY B 101 7.70 -4.53 -28.81
C GLY B 101 8.66 -3.30 -28.79
N ALA B 102 9.93 -3.50 -28.49
CA ALA B 102 10.89 -2.34 -28.51
C ALA B 102 10.65 -1.42 -27.31
N LEU B 103 10.55 -1.99 -26.15
CA LEU B 103 10.35 -1.15 -24.93
C LEU B 103 9.23 -0.12 -25.16
N GLY B 104 8.17 -0.51 -25.80
CA GLY B 104 7.04 0.45 -26.04
C GLY B 104 7.43 1.48 -27.12
N GLY B 105 8.34 1.13 -27.98
CA GLY B 105 8.75 2.10 -29.06
C GLY B 105 9.96 2.95 -28.64
N GLY B 106 10.43 2.83 -27.43
CA GLY B 106 11.60 3.65 -26.99
C GLY B 106 12.89 3.14 -27.64
N GLY B 107 12.96 1.88 -27.99
CA GLY B 107 14.20 1.33 -28.61
C GLY B 107 14.29 1.71 -30.10
N LEU B 108 13.21 2.16 -30.69
CA LEU B 108 13.26 2.53 -32.15
C LEU B 108 12.90 4.02 -32.36
N THR B 109 13.01 4.83 -31.34
CA THR B 109 12.69 6.29 -31.49
C THR B 109 13.75 7.19 -30.81
N GLU B 110 14.94 6.70 -30.55
CA GLU B 110 15.98 7.54 -29.91
C GLU B 110 16.44 8.58 -30.94
N ILE B 111 16.12 9.81 -30.72
CA ILE B 111 16.51 10.85 -31.71
C ILE B 111 17.25 11.98 -31.02
N ASN B 112 18.40 12.30 -31.51
CA ASN B 112 19.18 13.40 -30.88
C ASN B 112 18.82 14.71 -31.56
N PRO B 113 19.06 15.81 -30.92
CA PRO B 113 18.76 17.16 -31.48
C PRO B 113 18.99 17.21 -32.99
N GLY B 114 18.02 17.67 -33.73
CA GLY B 114 18.18 17.73 -35.23
C GLY B 114 17.77 16.40 -35.88
N GLU B 115 17.03 15.55 -35.19
CA GLU B 115 16.61 14.26 -35.82
C GLU B 115 15.13 13.95 -35.52
N LYS B 116 14.42 13.37 -36.46
CA LYS B 116 12.98 13.03 -36.23
C LYS B 116 12.71 11.63 -36.82
N THR B 117 11.78 10.90 -36.27
CA THR B 117 11.49 9.55 -36.82
C THR B 117 9.99 9.36 -36.91
N ILE B 118 9.57 8.20 -37.30
CA ILE B 118 8.13 7.91 -37.42
C ILE B 118 7.88 6.47 -36.97
N LEU B 119 7.17 6.28 -35.91
CA LEU B 119 6.93 4.89 -35.42
C LEU B 119 5.43 4.57 -35.52
N ARG B 120 5.12 3.42 -36.04
CA ARG B 120 3.68 3.03 -36.17
C ARG B 120 3.43 1.71 -35.40
N PHE B 121 2.45 1.70 -34.55
CA PHE B 121 2.14 0.46 -33.77
C PHE B 121 0.63 0.20 -33.80
N LYS B 122 0.26 -1.04 -33.74
CA LYS B 122 -1.18 -1.42 -33.76
C LYS B 122 -1.72 -1.36 -32.34
N ALA B 123 -2.80 -0.67 -32.20
CA ALA B 123 -3.46 -0.50 -30.89
C ALA B 123 -4.30 -1.73 -30.71
N THR B 124 -3.74 -2.68 -30.08
CA THR B 124 -4.47 -4.00 -29.95
C THR B 124 -5.30 -4.13 -28.67
N LYS B 125 -5.20 -3.22 -27.75
CA LYS B 125 -5.99 -3.33 -26.50
C LYS B 125 -6.69 -2.01 -26.22
N PRO B 126 -7.92 -2.08 -25.78
CA PRO B 126 -8.72 -0.87 -25.47
C PRO B 126 -8.48 -0.32 -24.06
N GLY B 127 -8.28 0.97 -23.92
CA GLY B 127 -8.05 1.53 -22.56
C GLY B 127 -7.05 2.69 -22.61
N VAL B 128 -7.10 3.54 -21.62
CA VAL B 128 -6.17 4.70 -21.58
C VAL B 128 -4.83 4.18 -21.11
N PHE B 129 -3.78 4.72 -21.63
CA PHE B 129 -2.44 4.23 -21.24
C PHE B 129 -1.53 5.42 -21.18
N VAL B 130 -0.49 5.34 -20.44
CA VAL B 130 0.44 6.52 -20.35
C VAL B 130 1.72 6.35 -21.21
N TYR B 131 2.04 7.34 -22.04
CA TYR B 131 3.28 7.29 -22.84
C TYR B 131 4.30 8.19 -22.14
N HIS B 132 5.56 7.97 -22.34
CA HIS B 132 6.57 8.82 -21.64
C HIS B 132 7.97 8.55 -22.22
N CYS B 133 8.80 9.58 -22.33
CA CYS B 133 10.16 9.40 -22.88
C CYS B 133 11.02 8.64 -21.88
N ALA B 134 11.94 7.82 -22.32
CA ALA B 134 12.76 7.06 -21.35
C ALA B 134 14.12 6.69 -21.95
N PRO B 135 14.99 7.65 -22.09
CA PRO B 135 16.35 7.41 -22.63
C PRO B 135 17.19 6.55 -21.68
N PRO B 136 17.70 5.44 -22.14
CA PRO B 136 18.51 4.52 -21.30
C PRO B 136 19.50 5.25 -20.36
N GLY B 137 19.35 5.08 -19.06
CA GLY B 137 20.29 5.75 -18.11
C GLY B 137 19.70 7.06 -17.53
N MET B 138 18.68 7.63 -18.13
CA MET B 138 18.13 8.90 -17.59
C MET B 138 16.62 8.87 -17.73
N VAL B 139 16.04 7.75 -17.42
CA VAL B 139 14.55 7.62 -17.54
C VAL B 139 13.82 8.55 -16.56
N PRO B 140 13.92 8.26 -15.28
CA PRO B 140 13.24 9.03 -14.20
C PRO B 140 13.39 10.53 -14.34
N TRP B 141 14.52 10.97 -14.81
CA TRP B 141 14.73 12.44 -14.96
C TRP B 141 13.82 13.00 -16.05
N HIS B 142 13.82 12.37 -17.20
CA HIS B 142 12.97 12.86 -18.33
C HIS B 142 11.47 12.80 -17.96
N VAL B 143 11.04 11.79 -17.26
CA VAL B 143 9.59 11.68 -16.91
C VAL B 143 9.21 12.73 -15.87
N VAL B 144 10.01 12.87 -14.85
CA VAL B 144 9.69 13.87 -13.79
C VAL B 144 9.73 15.26 -14.39
N SER B 145 10.59 15.47 -15.35
CA SER B 145 10.68 16.81 -15.99
C SER B 145 9.38 17.15 -16.74
N GLY B 146 8.44 16.22 -16.80
CA GLY B 146 7.17 16.49 -17.51
C GLY B 146 7.19 15.89 -18.93
N MET B 147 7.97 14.86 -19.17
CA MET B 147 7.98 14.26 -20.54
C MET B 147 7.09 13.02 -20.54
N ASN B 148 5.80 13.21 -20.42
CA ASN B 148 4.87 12.05 -20.41
C ASN B 148 3.42 12.53 -20.55
N GLY B 149 2.60 11.74 -21.16
CA GLY B 149 1.16 12.10 -21.36
C GLY B 149 0.31 10.81 -21.35
N ALA B 150 -0.63 10.65 -22.25
CA ALA B 150 -1.44 9.41 -22.26
C ALA B 150 -2.34 9.34 -23.51
N ILE B 151 -2.55 8.16 -24.04
CA ILE B 151 -3.43 8.02 -25.24
C ILE B 151 -4.64 7.15 -24.88
N MET B 152 -5.75 7.34 -25.53
CA MET B 152 -6.95 6.53 -25.21
C MET B 152 -7.40 5.73 -26.45
N VAL B 153 -7.32 4.43 -26.38
CA VAL B 153 -7.74 3.56 -27.50
C VAL B 153 -9.13 3.10 -27.15
N LEU B 154 -10.12 3.67 -27.75
CA LEU B 154 -11.52 3.30 -27.36
C LEU B 154 -12.05 2.12 -28.17
N PRO B 155 -12.79 1.25 -27.52
CA PRO B 155 -13.42 0.09 -28.19
C PRO B 155 -14.14 0.53 -29.46
N ARG B 156 -14.02 -0.22 -30.52
CA ARG B 156 -14.68 0.17 -31.81
C ARG B 156 -16.15 0.51 -31.57
N GLU B 157 -16.78 -0.15 -30.64
CA GLU B 157 -18.22 0.12 -30.37
C GLU B 157 -18.41 1.17 -29.25
N GLY B 158 -17.39 1.93 -28.91
CA GLY B 158 -17.56 2.96 -27.84
C GLY B 158 -17.33 2.34 -26.47
N LEU B 159 -17.66 3.03 -25.43
CA LEU B 159 -17.47 2.47 -24.06
C LEU B 159 -18.80 1.94 -23.48
N HIS B 160 -18.75 0.82 -22.79
CA HIS B 160 -19.97 0.25 -22.17
C HIS B 160 -19.64 -0.13 -20.73
N ASP B 161 -20.62 -0.26 -19.90
CA ASP B 161 -20.38 -0.61 -18.47
C ASP B 161 -19.90 -2.07 -18.36
N GLY B 162 -19.94 -2.62 -17.18
CA GLY B 162 -19.49 -4.04 -17.00
C GLY B 162 -20.58 -5.07 -17.42
N LYS B 163 -21.76 -4.65 -17.80
CA LYS B 163 -22.81 -5.65 -18.20
C LYS B 163 -23.12 -5.54 -19.70
N GLY B 164 -22.53 -4.60 -20.40
CA GLY B 164 -22.81 -4.45 -21.87
C GLY B 164 -23.58 -3.15 -22.22
N LYS B 165 -24.10 -2.42 -21.26
CA LYS B 165 -24.86 -1.18 -21.57
C LYS B 165 -23.91 -0.15 -22.14
N ALA B 166 -24.36 0.63 -23.08
CA ALA B 166 -23.48 1.67 -23.69
C ALA B 166 -23.39 2.93 -22.79
N LEU B 167 -22.18 3.41 -22.60
CA LEU B 167 -21.94 4.63 -21.79
C LEU B 167 -21.34 5.66 -22.74
N THR B 168 -22.03 6.73 -22.97
CA THR B 168 -21.57 7.75 -23.92
C THR B 168 -21.38 9.01 -23.16
N TYR B 169 -20.24 9.57 -23.25
CA TYR B 169 -19.95 10.81 -22.47
C TYR B 169 -20.17 12.06 -23.35
N ASP B 170 -20.73 13.09 -22.78
CA ASP B 170 -20.95 14.34 -23.57
C ASP B 170 -19.61 15.09 -23.75
N LYS B 171 -18.75 15.04 -22.76
CA LYS B 171 -17.44 15.74 -22.87
C LYS B 171 -16.37 14.91 -22.17
N ILE B 172 -15.14 15.15 -22.48
CA ILE B 172 -14.03 14.38 -21.84
C ILE B 172 -12.81 15.28 -21.63
N TYR B 173 -12.24 15.24 -20.46
CA TYR B 173 -11.06 16.07 -20.15
C TYR B 173 -9.94 15.12 -19.70
N TYR B 174 -8.73 15.48 -19.99
CA TYR B 174 -7.58 14.61 -19.61
C TYR B 174 -6.69 15.38 -18.65
N VAL B 175 -6.65 14.96 -17.43
CA VAL B 175 -5.82 15.66 -16.42
C VAL B 175 -4.57 14.84 -16.10
N GLY B 176 -3.45 15.30 -16.57
CA GLY B 176 -2.17 14.60 -16.31
C GLY B 176 -1.56 15.17 -15.03
N GLU B 177 -1.22 14.32 -14.13
CA GLU B 177 -0.65 14.76 -12.85
C GLU B 177 0.83 14.61 -12.96
N GLN B 178 1.55 15.48 -12.36
CA GLN B 178 3.02 15.39 -12.48
C GLN B 178 3.69 15.74 -11.15
N ASP B 179 4.46 14.83 -10.63
CA ASP B 179 5.17 15.10 -9.34
C ASP B 179 6.58 15.60 -9.67
N PHE B 180 6.91 16.80 -9.29
CA PHE B 180 8.25 17.33 -9.58
C PHE B 180 9.11 17.18 -8.34
N TYR B 181 10.34 17.52 -8.49
CA TYR B 181 11.31 17.42 -7.37
C TYR B 181 12.27 18.58 -7.58
N VAL B 182 11.94 19.70 -7.03
CA VAL B 182 12.77 20.90 -7.26
C VAL B 182 13.75 21.13 -6.14
N PRO B 183 14.98 21.30 -6.49
CA PRO B 183 16.07 21.55 -5.49
C PRO B 183 15.88 22.90 -4.75
N ARG B 184 16.18 22.93 -3.47
CA ARG B 184 16.03 24.19 -2.70
C ARG B 184 17.40 24.56 -2.13
N ASP B 185 17.63 25.81 -1.91
CA ASP B 185 18.96 26.24 -1.37
C ASP B 185 18.97 26.08 0.15
N GLU B 186 19.85 26.77 0.82
CA GLU B 186 19.92 26.66 2.30
C GLU B 186 18.70 27.36 2.93
N ASN B 187 18.27 28.45 2.35
CA ASN B 187 17.10 29.19 2.92
C ASN B 187 15.77 28.43 2.64
N GLY B 188 15.83 27.26 2.06
CA GLY B 188 14.55 26.52 1.77
C GLY B 188 13.81 27.10 0.54
N LYS B 189 14.44 27.96 -0.22
CA LYS B 189 13.77 28.52 -1.43
C LYS B 189 14.16 27.69 -2.64
N TYR B 190 13.28 27.59 -3.59
CA TYR B 190 13.58 26.79 -4.80
C TYR B 190 14.75 27.42 -5.54
N LYS B 191 15.54 26.61 -6.18
CA LYS B 191 16.72 27.16 -6.92
C LYS B 191 16.45 27.15 -8.43
N LYS B 192 16.96 28.13 -9.14
CA LYS B 192 16.76 28.19 -10.59
C LYS B 192 18.11 27.97 -11.26
N TYR B 193 18.12 27.46 -12.44
CA TYR B 193 19.41 27.20 -13.11
C TYR B 193 19.38 27.81 -14.50
N GLU B 194 20.47 27.76 -15.18
CA GLU B 194 20.53 28.33 -16.55
C GLU B 194 20.14 27.26 -17.59
N ALA B 195 20.76 26.11 -17.53
CA ALA B 195 20.43 25.05 -18.50
C ALA B 195 19.93 23.80 -17.75
N PRO B 196 19.19 22.97 -18.43
CA PRO B 196 18.62 21.72 -17.83
C PRO B 196 19.69 20.82 -17.20
N GLY B 197 20.87 20.78 -17.76
CA GLY B 197 21.95 19.90 -17.19
C GLY B 197 22.45 20.42 -15.82
N ASP B 198 22.44 21.71 -15.59
CA ASP B 198 22.96 22.25 -14.29
C ASP B 198 22.04 21.83 -13.14
N ALA B 199 20.85 21.40 -13.43
CA ALA B 199 19.92 20.98 -12.34
C ALA B 199 19.77 19.45 -12.29
N TYR B 200 20.64 18.72 -12.92
CA TYR B 200 20.55 17.22 -12.89
C TYR B 200 21.00 16.61 -11.54
N GLU B 201 22.17 16.95 -11.02
CA GLU B 201 22.65 16.31 -9.75
C GLU B 201 21.78 16.74 -8.57
N ASP B 202 21.45 17.99 -8.51
CA ASP B 202 20.62 18.48 -7.37
C ASP B 202 19.22 17.88 -7.45
N THR B 203 18.72 17.65 -8.63
CA THR B 203 17.36 17.06 -8.77
C THR B 203 17.40 15.60 -8.34
N VAL B 204 18.34 14.86 -8.86
CA VAL B 204 18.44 13.43 -8.48
C VAL B 204 18.37 13.31 -6.96
N LYS B 205 19.13 14.12 -6.26
CA LYS B 205 19.10 14.06 -4.77
C LYS B 205 17.65 14.17 -4.27
N VAL B 206 16.91 15.12 -4.78
CA VAL B 206 15.49 15.27 -4.35
C VAL B 206 14.67 14.06 -4.79
N MET B 207 14.90 13.59 -5.99
CA MET B 207 14.12 12.41 -6.48
C MET B 207 14.36 11.18 -5.58
N ARG B 208 15.54 11.03 -5.04
CA ARG B 208 15.82 9.84 -4.18
C ARG B 208 14.95 9.89 -2.93
N THR B 209 14.71 11.06 -2.41
CA THR B 209 13.86 11.18 -1.18
C THR B 209 12.43 10.66 -1.43
N LEU B 210 12.08 10.35 -2.66
CA LEU B 210 10.70 9.86 -2.93
C LEU B 210 9.69 10.85 -2.35
N THR B 211 10.02 12.12 -2.36
CA THR B 211 9.08 13.13 -1.81
C THR B 211 9.04 14.32 -2.76
N PRO B 212 8.03 14.39 -3.57
CA PRO B 212 7.87 15.51 -4.56
C PRO B 212 7.58 16.87 -3.91
N THR B 213 8.29 17.92 -4.29
CA THR B 213 8.03 19.26 -3.70
C THR B 213 6.70 19.81 -4.25
N HIS B 214 6.26 19.37 -5.40
CA HIS B 214 4.98 19.88 -5.97
C HIS B 214 4.32 18.78 -6.82
N VAL B 215 3.06 18.54 -6.59
CA VAL B 215 2.35 17.50 -7.37
C VAL B 215 1.19 18.23 -7.97
N VAL B 216 1.12 18.34 -9.26
CA VAL B 216 0.01 19.17 -9.76
C VAL B 216 -0.62 18.61 -11.01
N PHE B 217 -1.55 19.34 -11.52
CA PHE B 217 -2.26 18.88 -12.75
C PHE B 217 -2.09 19.94 -13.84
N ASN B 218 -1.87 19.51 -15.06
CA ASN B 218 -1.70 20.50 -16.17
C ASN B 218 -0.30 21.18 -16.16
N GLY B 219 0.61 20.77 -15.31
CA GLY B 219 1.96 21.40 -15.29
C GLY B 219 2.12 22.54 -14.23
N ALA B 220 1.14 22.85 -13.38
CA ALA B 220 1.40 23.95 -12.40
C ALA B 220 0.31 24.01 -11.33
N VAL B 221 0.67 24.38 -10.13
CA VAL B 221 -0.35 24.48 -9.05
C VAL B 221 -1.40 25.52 -9.48
N GLY B 222 -2.65 25.16 -9.42
CA GLY B 222 -3.72 26.12 -9.85
C GLY B 222 -3.80 26.22 -11.39
N ALA B 223 -3.37 25.21 -12.13
CA ALA B 223 -3.45 25.28 -13.63
C ALA B 223 -4.91 25.08 -14.11
N LEU B 224 -5.72 24.32 -13.41
CA LEU B 224 -7.12 24.07 -13.85
C LEU B 224 -8.13 24.78 -12.93
N THR B 225 -7.89 26.02 -12.63
CA THR B 225 -8.82 26.80 -11.77
C THR B 225 -9.00 28.18 -12.38
N GLY B 226 -9.88 28.97 -11.86
CA GLY B 226 -10.11 30.33 -12.41
C GLY B 226 -10.72 30.19 -13.78
N ASP B 227 -10.26 30.97 -14.72
CA ASP B 227 -10.81 30.87 -16.10
C ASP B 227 -10.47 29.50 -16.70
N LYS B 228 -9.49 28.81 -16.17
CA LYS B 228 -9.13 27.47 -16.72
C LYS B 228 -9.88 26.34 -16.00
N ALA B 229 -10.71 26.64 -15.02
CA ALA B 229 -11.45 25.55 -14.31
C ALA B 229 -12.35 24.79 -15.30
N MET B 230 -12.32 23.48 -15.28
CA MET B 230 -13.17 22.71 -16.20
C MET B 230 -14.60 23.20 -16.06
N THR B 231 -15.47 22.70 -16.86
CA THR B 231 -16.90 23.13 -16.80
C THR B 231 -17.83 21.94 -17.09
N ALA B 232 -18.97 21.94 -16.48
CA ALA B 232 -19.98 20.86 -16.68
C ALA B 232 -21.32 21.34 -16.13
N ALA B 233 -22.42 20.80 -16.61
CA ALA B 233 -23.74 21.25 -16.12
C ALA B 233 -24.53 20.04 -15.62
N VAL B 234 -25.46 20.29 -14.75
CA VAL B 234 -26.30 19.20 -14.20
C VAL B 234 -26.85 18.37 -15.35
N GLY B 235 -26.72 17.10 -15.26
CA GLY B 235 -27.23 16.21 -16.36
C GLY B 235 -26.14 15.95 -17.44
N GLU B 236 -24.96 16.50 -17.28
CA GLU B 236 -23.88 16.27 -18.28
C GLU B 236 -23.04 15.07 -17.85
N LYS B 237 -22.70 14.25 -18.78
CA LYS B 237 -21.88 13.06 -18.48
C LYS B 237 -20.47 13.40 -18.91
N VAL B 238 -19.55 13.27 -18.03
CA VAL B 238 -18.16 13.66 -18.39
C VAL B 238 -17.17 12.57 -18.01
N LEU B 239 -16.32 12.24 -18.93
CA LEU B 239 -15.29 11.21 -18.65
C LEU B 239 -13.96 11.92 -18.38
N ILE B 240 -13.39 11.69 -17.24
CA ILE B 240 -12.11 12.38 -16.89
C ILE B 240 -10.96 11.37 -16.84
N VAL B 241 -10.13 11.41 -17.84
CA VAL B 241 -8.97 10.49 -17.89
C VAL B 241 -7.86 11.13 -17.08
N HIS B 242 -7.18 10.35 -16.33
CA HIS B 242 -6.11 10.91 -15.48
C HIS B 242 -4.91 9.98 -15.57
N SER B 243 -3.76 10.54 -15.67
CA SER B 243 -2.54 9.69 -15.78
C SER B 243 -1.42 10.18 -14.85
N GLN B 244 -0.60 9.25 -14.42
CA GLN B 244 0.56 9.53 -13.53
C GLN B 244 1.67 8.57 -13.98
N ALA B 245 2.64 9.07 -14.69
CA ALA B 245 3.73 8.20 -15.24
C ALA B 245 4.97 8.33 -14.38
N ASN B 246 4.78 8.25 -13.11
CA ASN B 246 5.91 8.34 -12.15
C ASN B 246 5.39 8.51 -10.69
N ARG B 247 4.22 7.99 -10.32
CA ARG B 247 3.78 8.17 -8.91
C ARG B 247 2.34 7.72 -8.76
N ASP B 248 2.01 7.07 -7.66
CA ASP B 248 0.59 6.63 -7.49
C ASP B 248 -0.31 7.78 -6.95
N THR B 249 -1.49 7.98 -7.52
CA THR B 249 -2.39 9.03 -7.03
C THR B 249 -3.73 8.38 -6.67
N ARG B 250 -4.63 9.15 -6.18
CA ARG B 250 -5.97 8.61 -5.78
C ARG B 250 -7.01 9.71 -6.02
N PRO B 251 -7.49 9.80 -7.23
CA PRO B 251 -8.48 10.82 -7.66
C PRO B 251 -9.75 10.85 -6.82
N HIS B 252 -10.33 12.00 -6.70
CA HIS B 252 -11.60 12.15 -5.92
C HIS B 252 -12.31 13.49 -6.26
N LEU B 253 -13.52 13.43 -6.77
CA LEU B 253 -14.28 14.66 -7.10
C LEU B 253 -15.07 15.09 -5.87
N ILE B 254 -14.66 16.16 -5.27
CA ILE B 254 -15.31 16.68 -4.06
C ILE B 254 -16.73 17.06 -4.39
N GLY B 255 -17.64 16.50 -3.69
CA GLY B 255 -19.07 16.80 -3.95
C GLY B 255 -19.66 15.80 -4.97
N GLY B 256 -18.84 15.00 -5.61
CA GLY B 256 -19.38 14.03 -6.60
C GLY B 256 -18.81 12.63 -6.34
N HIS B 257 -18.73 11.84 -7.36
CA HIS B 257 -18.19 10.47 -7.23
C HIS B 257 -18.04 9.86 -8.63
N GLY B 258 -17.20 8.88 -8.75
CA GLY B 258 -16.99 8.23 -10.08
C GLY B 258 -18.07 7.18 -10.27
N ASP B 259 -19.02 7.47 -11.08
CA ASP B 259 -20.13 6.50 -11.30
C ASP B 259 -19.53 5.19 -11.78
N TYR B 260 -18.74 5.27 -12.79
CA TYR B 260 -18.07 4.07 -13.34
C TYR B 260 -16.60 4.42 -13.48
N VAL B 261 -15.72 3.67 -12.88
CA VAL B 261 -14.29 4.07 -12.98
C VAL B 261 -13.37 2.90 -13.35
N TRP B 262 -12.84 2.92 -14.54
CA TRP B 262 -11.88 1.88 -14.96
C TRP B 262 -10.57 2.26 -14.29
N ALA B 263 -10.43 1.84 -13.08
CA ALA B 263 -9.25 2.27 -12.26
C ALA B 263 -7.97 1.84 -12.93
N THR B 264 -8.00 0.68 -13.48
CA THR B 264 -6.79 0.16 -14.15
C THR B 264 -6.62 0.81 -15.53
N GLY B 265 -7.59 1.56 -15.97
CA GLY B 265 -7.46 2.21 -17.33
C GLY B 265 -7.58 1.17 -18.47
N LYS B 266 -8.25 0.07 -18.24
CA LYS B 266 -8.43 -0.98 -19.28
C LYS B 266 -9.94 -1.14 -19.47
N PHE B 267 -10.40 -1.00 -20.68
CA PHE B 267 -11.87 -1.10 -20.92
C PHE B 267 -12.37 -2.53 -20.71
N ASN B 268 -11.60 -3.51 -21.11
CA ASN B 268 -12.05 -4.91 -20.96
C ASN B 268 -12.27 -5.24 -19.49
N THR B 269 -11.52 -4.61 -18.63
CA THR B 269 -11.66 -4.87 -17.18
C THR B 269 -12.87 -4.09 -16.66
N PRO B 270 -13.87 -4.79 -16.22
CA PRO B 270 -15.12 -4.14 -15.71
C PRO B 270 -14.83 -2.91 -14.84
N PRO B 271 -15.55 -1.81 -15.04
CA PRO B 271 -15.31 -0.56 -14.24
C PRO B 271 -15.98 -0.57 -12.84
N ASP B 272 -15.21 -0.34 -11.77
CA ASP B 272 -15.86 -0.30 -10.44
C ASP B 272 -17.03 0.66 -10.55
N VAL B 273 -17.82 0.78 -9.54
CA VAL B 273 -18.98 1.72 -9.63
C VAL B 273 -19.25 2.41 -8.28
N ASP B 274 -19.76 3.61 -8.32
CA ASP B 274 -20.07 4.34 -7.07
C ASP B 274 -18.78 4.50 -6.32
N GLN B 275 -17.81 5.08 -6.94
CA GLN B 275 -16.48 5.21 -6.23
C GLN B 275 -16.27 6.62 -5.63
N GLU B 276 -15.92 6.68 -4.35
CA GLU B 276 -15.64 8.01 -3.73
C GLU B 276 -14.19 8.45 -4.06
N THR B 277 -13.26 7.52 -4.04
CA THR B 277 -11.84 7.85 -4.35
C THR B 277 -11.22 6.61 -5.00
N TRP B 278 -10.70 6.75 -6.17
CA TRP B 278 -10.13 5.57 -6.86
C TRP B 278 -8.63 5.48 -6.59
N PHE B 279 -7.94 4.74 -7.40
CA PHE B 279 -6.47 4.59 -7.20
C PHE B 279 -5.78 4.22 -8.53
N ILE B 280 -4.89 5.07 -8.97
CA ILE B 280 -4.14 4.81 -10.24
C ILE B 280 -2.67 4.73 -9.89
N PRO B 281 -2.07 3.58 -10.08
CA PRO B 281 -0.65 3.33 -9.72
C PRO B 281 0.36 4.01 -10.66
N GLY B 282 1.36 4.62 -10.11
CA GLY B 282 2.40 5.26 -10.95
C GLY B 282 2.64 4.37 -12.15
N GLY B 283 2.79 4.94 -13.30
CA GLY B 283 3.00 4.16 -14.52
C GLY B 283 1.66 3.72 -15.10
N ALA B 284 0.59 4.48 -14.91
CA ALA B 284 -0.71 4.01 -15.49
C ALA B 284 -1.75 5.13 -15.56
N ALA B 285 -2.64 5.08 -16.53
CA ALA B 285 -3.71 6.12 -16.64
C ALA B 285 -5.09 5.45 -16.50
N GLY B 286 -5.99 6.03 -15.73
CA GLY B 286 -7.33 5.41 -15.57
C GLY B 286 -8.39 6.31 -16.20
N ALA B 287 -9.63 6.09 -15.88
CA ALA B 287 -10.73 6.92 -16.46
C ALA B 287 -11.98 6.79 -15.58
N ALA B 288 -12.62 7.89 -15.30
CA ALA B 288 -13.85 7.87 -14.46
C ALA B 288 -14.97 8.61 -15.20
N PHE B 289 -16.14 8.05 -15.21
CA PHE B 289 -17.28 8.69 -15.91
C PHE B 289 -18.34 9.04 -14.87
N TYR B 290 -18.78 10.26 -14.85
CA TYR B 290 -19.79 10.63 -13.83
C TYR B 290 -20.76 11.68 -14.38
N THR B 291 -22.01 11.50 -14.09
CA THR B 291 -23.05 12.47 -14.54
C THR B 291 -23.31 13.44 -13.40
N PHE B 292 -23.05 14.69 -13.63
CA PHE B 292 -23.25 15.72 -12.57
C PHE B 292 -24.72 15.85 -12.22
N GLN B 293 -25.00 16.00 -10.96
CA GLN B 293 -26.43 16.16 -10.53
C GLN B 293 -26.63 17.48 -9.75
N GLN B 294 -25.58 18.12 -9.28
CA GLN B 294 -25.75 19.39 -8.52
C GLN B 294 -24.83 20.46 -9.09
N PRO B 295 -25.31 21.68 -9.15
CA PRO B 295 -24.53 22.83 -9.67
C PRO B 295 -23.67 23.47 -8.60
N GLY B 296 -22.64 24.16 -9.00
CA GLY B 296 -21.75 24.82 -8.01
C GLY B 296 -20.29 24.57 -8.39
N ILE B 297 -19.40 24.81 -7.48
CA ILE B 297 -17.95 24.58 -7.78
C ILE B 297 -17.44 23.35 -7.03
N TYR B 298 -16.87 22.41 -7.73
CA TYR B 298 -16.36 21.19 -7.08
C TYR B 298 -14.86 21.07 -7.34
N ALA B 299 -14.12 20.58 -6.38
CA ALA B 299 -12.65 20.44 -6.55
C ALA B 299 -12.34 18.99 -6.85
N TYR B 300 -11.49 18.74 -7.81
CA TYR B 300 -11.16 17.33 -8.14
C TYR B 300 -9.70 17.16 -7.86
N VAL B 301 -9.34 16.33 -6.94
CA VAL B 301 -7.88 16.27 -6.68
C VAL B 301 -7.44 14.98 -6.03
N ASN B 302 -6.16 14.84 -5.92
CA ASN B 302 -5.57 13.65 -5.29
C ASN B 302 -5.98 13.70 -3.85
N HIS B 303 -6.52 12.65 -3.36
CA HIS B 303 -7.00 12.70 -1.96
C HIS B 303 -5.83 12.99 -1.07
N ASN B 304 -4.72 12.32 -1.22
CA ASN B 304 -3.62 12.76 -0.31
C ASN B 304 -3.88 14.28 -0.02
N LEU B 305 -4.66 14.61 1.00
CA LEU B 305 -5.02 16.03 1.27
C LEU B 305 -3.78 16.89 1.19
N ILE B 306 -2.74 16.42 1.78
CA ILE B 306 -1.47 17.20 1.76
C ILE B 306 -1.06 17.42 0.31
N GLU B 307 -1.03 16.37 -0.45
CA GLU B 307 -0.65 16.50 -1.89
C GLU B 307 -1.67 17.39 -2.64
N ALA B 308 -2.94 17.34 -2.29
CA ALA B 308 -3.95 18.17 -3.01
C ALA B 308 -4.02 19.66 -2.53
N PHE B 309 -3.66 19.99 -1.30
CA PHE B 309 -3.79 21.42 -0.89
C PHE B 309 -2.41 22.03 -0.64
N GLU B 310 -1.53 21.28 -0.06
CA GLU B 310 -0.16 21.82 0.23
C GLU B 310 0.80 21.65 -0.97
N LEU B 311 0.64 20.66 -1.81
CA LEU B 311 1.60 20.49 -2.94
C LEU B 311 1.06 21.17 -4.19
N GLY B 312 -0.18 20.98 -4.47
CA GLY B 312 -0.81 21.60 -5.68
C GLY B 312 -1.54 20.55 -6.55
N ALA B 313 -2.15 19.51 -5.98
CA ALA B 313 -2.87 18.54 -6.84
C ALA B 313 -4.39 18.76 -6.71
N ALA B 314 -4.89 19.92 -7.07
CA ALA B 314 -6.36 20.15 -6.95
C ALA B 314 -6.86 21.10 -8.04
N ALA B 315 -7.79 20.66 -8.86
CA ALA B 315 -8.34 21.54 -9.91
C ALA B 315 -9.76 21.90 -9.51
N HIS B 316 -10.49 22.58 -10.33
CA HIS B 316 -11.89 22.93 -9.92
C HIS B 316 -12.85 22.91 -11.11
N PHE B 317 -14.00 22.28 -10.98
CA PHE B 317 -14.99 22.27 -12.10
C PHE B 317 -16.25 23.11 -11.75
N LYS B 318 -16.56 24.11 -12.56
CA LYS B 318 -17.74 24.95 -12.32
C LYS B 318 -18.90 24.26 -13.01
N VAL B 319 -20.01 24.17 -12.37
CA VAL B 319 -21.14 23.46 -12.98
C VAL B 319 -22.38 24.32 -12.88
N THR B 320 -23.05 24.47 -13.98
CA THR B 320 -24.29 25.29 -14.00
C THR B 320 -25.52 24.38 -13.94
N GLY B 321 -26.62 24.88 -13.45
CA GLY B 321 -27.84 24.04 -13.37
C GLY B 321 -28.70 24.48 -12.17
N GLU B 322 -29.61 23.63 -11.76
CA GLU B 322 -30.50 23.96 -10.62
C GLU B 322 -30.16 23.03 -9.46
N TRP B 323 -30.16 23.55 -8.29
CA TRP B 323 -29.83 22.74 -7.10
C TRP B 323 -30.93 21.72 -6.88
N ASN B 324 -30.58 20.66 -6.26
CA ASN B 324 -31.58 19.57 -5.99
C ASN B 324 -31.60 19.31 -4.49
N ASP B 325 -32.61 19.81 -3.83
CA ASP B 325 -32.70 19.63 -2.36
C ASP B 325 -32.85 18.14 -2.05
N ASP B 326 -33.64 17.46 -2.81
CA ASP B 326 -33.84 16.01 -2.56
C ASP B 326 -32.48 15.36 -2.26
N LEU B 327 -31.50 15.64 -3.07
CA LEU B 327 -30.14 15.06 -2.84
C LEU B 327 -29.48 15.70 -1.61
N MET B 328 -29.61 17.00 -1.43
CA MET B 328 -28.96 17.62 -0.25
C MET B 328 -29.62 18.95 0.05
N THR B 329 -29.84 19.24 1.30
CA THR B 329 -30.48 20.54 1.66
C THR B 329 -30.06 20.98 3.06
N SER B 330 -29.70 22.23 3.22
CA SER B 330 -29.29 22.73 4.55
C SER B 330 -30.55 23.04 5.37
N VAL B 331 -30.97 22.13 6.20
CA VAL B 331 -32.20 22.37 7.00
C VAL B 331 -31.99 23.58 7.89
N LEU B 332 -30.87 23.64 8.53
CA LEU B 332 -30.58 24.81 9.42
C LEU B 332 -29.20 25.39 9.07
N ALA B 333 -29.16 26.54 8.47
CA ALA B 333 -27.85 27.14 8.11
C ALA B 333 -27.08 27.47 9.39
N PRO B 334 -25.79 27.52 9.32
CA PRO B 334 -24.92 27.82 10.49
C PRO B 334 -25.44 29.02 11.29
N SER B 335 -25.82 28.81 12.52
CA SER B 335 -26.33 29.94 13.33
C SER B 335 -25.93 29.74 14.79
N GLY B 336 -26.47 30.55 15.66
CA GLY B 336 -26.14 30.41 17.11
C GLY B 336 -26.86 29.20 17.69
N ALA C 1 -11.21 -32.67 7.41
CA ALA C 1 -10.76 -34.09 7.46
C ALA C 1 -10.30 -34.42 8.89
N THR C 2 -10.35 -35.67 9.27
CA THR C 2 -9.92 -36.05 10.63
C THR C 2 -8.43 -36.40 10.60
N ALA C 3 -7.83 -36.54 11.75
CA ALA C 3 -6.38 -36.88 11.79
C ALA C 3 -6.14 -38.18 11.02
N ALA C 4 -6.97 -39.16 11.19
CA ALA C 4 -6.77 -40.46 10.47
C ALA C 4 -6.80 -40.21 8.97
N GLU C 5 -7.77 -39.46 8.50
CA GLU C 5 -7.85 -39.19 7.03
C GLU C 5 -6.57 -38.50 6.55
N ILE C 6 -6.08 -37.55 7.30
CA ILE C 6 -4.84 -36.83 6.88
C ILE C 6 -3.63 -37.79 6.91
N ALA C 7 -3.61 -38.68 7.86
CA ALA C 7 -2.45 -39.62 7.95
C ALA C 7 -2.44 -40.60 6.76
N ALA C 8 -3.57 -40.86 6.16
CA ALA C 8 -3.61 -41.82 5.02
C ALA C 8 -3.39 -41.10 3.67
N LEU C 9 -3.22 -39.81 3.65
CA LEU C 9 -3.01 -39.10 2.34
C LEU C 9 -1.55 -39.30 1.88
N PRO C 10 -1.33 -39.40 0.60
CA PRO C 10 0.04 -39.59 0.03
C PRO C 10 0.95 -38.37 0.28
N ARG C 11 2.18 -38.58 0.71
CA ARG C 11 3.09 -37.43 0.96
C ARG C 11 4.13 -37.33 -0.18
N GLN C 12 4.42 -36.13 -0.61
CA GLN C 12 5.42 -35.93 -1.69
C GLN C 12 6.46 -34.89 -1.24
N LYS C 13 7.71 -35.26 -1.24
CA LYS C 13 8.78 -34.34 -0.82
C LYS C 13 9.21 -33.55 -2.04
N VAL C 14 9.40 -32.29 -1.86
CA VAL C 14 9.80 -31.45 -3.01
C VAL C 14 11.11 -30.73 -2.72
N GLU C 15 11.97 -30.69 -3.70
CA GLU C 15 13.27 -30.01 -3.57
C GLU C 15 13.09 -28.59 -4.08
N LEU C 16 13.38 -27.64 -3.27
CA LEU C 16 13.17 -26.22 -3.67
C LEU C 16 14.38 -25.70 -4.42
N VAL C 17 14.16 -24.76 -5.30
CA VAL C 17 15.28 -24.17 -6.07
C VAL C 17 15.46 -22.73 -5.61
N ASP C 18 16.35 -22.01 -6.20
CA ASP C 18 16.53 -20.59 -5.76
C ASP C 18 15.90 -19.63 -6.80
N PRO C 19 15.12 -18.67 -6.35
CA PRO C 19 14.48 -17.68 -7.26
C PRO C 19 15.48 -17.15 -8.30
N PRO C 20 14.99 -16.66 -9.40
CA PRO C 20 13.52 -16.59 -9.68
C PRO C 20 12.93 -17.91 -10.18
N PHE C 21 13.73 -18.92 -10.35
CA PHE C 21 13.23 -20.23 -10.83
C PHE C 21 12.33 -20.86 -9.78
N VAL C 22 11.45 -21.71 -10.19
CA VAL C 22 10.54 -22.38 -9.27
C VAL C 22 10.81 -23.86 -9.38
N HIS C 23 10.41 -24.59 -8.41
CA HIS C 23 10.65 -26.06 -8.43
C HIS C 23 9.68 -26.72 -9.40
N ALA C 24 9.91 -27.97 -9.68
CA ALA C 24 9.02 -28.72 -10.60
C ALA C 24 7.64 -28.85 -9.96
N HIS C 25 6.62 -28.75 -10.77
CA HIS C 25 5.23 -28.87 -10.26
C HIS C 25 4.27 -28.92 -11.46
N SER C 26 3.13 -29.53 -11.30
CA SER C 26 2.16 -29.61 -12.41
C SER C 26 1.06 -28.59 -12.18
N GLN C 27 0.61 -27.95 -13.21
CA GLN C 27 -0.46 -26.92 -13.03
C GLN C 27 -1.69 -27.64 -12.53
N VAL C 28 -2.13 -28.58 -13.30
CA VAL C 28 -3.29 -29.41 -12.89
C VAL C 28 -2.81 -30.41 -11.85
N ALA C 29 -3.53 -30.54 -10.78
CA ALA C 29 -3.11 -31.46 -9.69
C ALA C 29 -3.08 -32.90 -10.18
N GLU C 30 -2.05 -33.61 -9.86
CA GLU C 30 -1.95 -35.04 -10.28
C GLU C 30 -2.38 -35.93 -9.11
N GLY C 31 -3.62 -36.33 -9.08
CA GLY C 31 -4.11 -37.17 -7.97
C GLY C 31 -4.93 -36.31 -7.01
N GLY C 32 -5.31 -36.85 -5.90
CA GLY C 32 -6.12 -36.06 -4.92
C GLY C 32 -5.18 -35.27 -3.98
N PRO C 33 -5.69 -34.87 -2.84
CA PRO C 33 -4.93 -34.10 -1.83
C PRO C 33 -3.70 -34.85 -1.33
N LYS C 34 -2.63 -34.14 -1.13
CA LYS C 34 -1.39 -34.80 -0.64
C LYS C 34 -0.57 -33.84 0.26
N VAL C 35 0.02 -34.37 1.30
CA VAL C 35 0.84 -33.57 2.24
C VAL C 35 2.21 -33.33 1.60
N VAL C 36 2.38 -32.15 1.12
CA VAL C 36 3.61 -31.76 0.44
C VAL C 36 4.60 -31.44 1.52
N GLU C 37 5.78 -31.86 1.33
CA GLU C 37 6.81 -31.63 2.38
C GLU C 37 7.95 -30.80 1.83
N PHE C 38 8.29 -29.74 2.51
CA PHE C 38 9.42 -28.88 2.07
C PHE C 38 10.26 -28.47 3.30
N THR C 39 11.56 -28.43 3.18
CA THR C 39 12.40 -28.05 4.35
C THR C 39 13.32 -26.89 3.97
N MET C 40 13.41 -25.90 4.81
CA MET C 40 14.28 -24.72 4.49
C MET C 40 15.09 -24.30 5.72
N VAL C 41 16.39 -24.23 5.59
CA VAL C 41 17.27 -23.81 6.70
C VAL C 41 17.45 -22.30 6.57
N ILE C 42 17.43 -21.62 7.65
CA ILE C 42 17.57 -20.14 7.61
C ILE C 42 19.03 -19.79 7.77
N GLU C 43 19.53 -18.92 6.95
CA GLU C 43 20.97 -18.57 7.07
C GLU C 43 21.15 -17.05 7.17
N GLU C 44 21.55 -16.55 8.31
CA GLU C 44 21.76 -15.07 8.42
C GLU C 44 23.21 -14.73 8.01
N LYS C 45 23.40 -14.08 6.88
CA LYS C 45 24.78 -13.76 6.47
C LYS C 45 24.77 -12.36 5.87
N LYS C 46 25.82 -12.02 5.21
CA LYS C 46 25.89 -10.66 4.57
C LYS C 46 25.80 -10.76 3.03
N ILE C 47 24.88 -10.03 2.44
CA ILE C 47 24.72 -10.01 0.96
C ILE C 47 24.96 -8.58 0.44
N VAL C 48 25.64 -8.48 -0.66
CA VAL C 48 25.95 -7.19 -1.27
C VAL C 48 24.74 -6.84 -2.05
N ILE C 49 24.40 -5.64 -2.05
CA ILE C 49 23.15 -5.25 -2.76
C ILE C 49 23.39 -4.32 -3.95
N ASP C 50 24.52 -3.69 -4.03
CA ASP C 50 24.75 -2.75 -5.17
C ASP C 50 26.18 -2.88 -5.68
N ASP C 51 26.58 -2.00 -6.55
CA ASP C 51 27.95 -2.07 -7.10
C ASP C 51 28.91 -1.39 -6.12
N ALA C 52 28.40 -0.48 -5.33
CA ALA C 52 29.29 0.22 -4.35
C ALA C 52 29.71 -0.73 -3.21
N GLY C 53 29.32 -1.98 -3.25
CA GLY C 53 29.72 -2.93 -2.16
C GLY C 53 28.83 -2.77 -0.91
N THR C 54 27.70 -2.09 -1.00
CA THR C 54 26.82 -1.94 0.18
C THR C 54 26.49 -3.33 0.69
N GLU C 55 26.37 -3.50 1.97
CA GLU C 55 26.08 -4.86 2.48
C GLU C 55 24.90 -4.85 3.48
N VAL C 56 24.01 -5.80 3.36
CA VAL C 56 22.87 -5.90 4.31
C VAL C 56 22.86 -7.29 5.01
N HIS C 57 22.82 -7.30 6.32
CA HIS C 57 22.80 -8.57 7.10
C HIS C 57 21.48 -9.25 6.79
N ALA C 58 21.49 -10.06 5.81
CA ALA C 58 20.25 -10.73 5.37
C ALA C 58 19.91 -11.97 6.22
N MET C 59 18.64 -12.12 6.45
CA MET C 59 18.10 -13.27 7.21
C MET C 59 17.39 -13.98 6.11
N ALA C 60 17.86 -15.09 5.72
CA ALA C 60 17.28 -15.63 4.50
C ALA C 60 16.89 -17.04 4.65
N PHE C 61 15.70 -17.25 4.30
CA PHE C 61 15.17 -18.66 4.32
C PHE C 61 15.72 -19.38 3.09
N ASN C 62 16.38 -20.50 3.25
CA ASN C 62 16.97 -21.20 2.08
C ASN C 62 18.24 -20.48 1.57
N GLY C 63 18.80 -19.57 2.34
CA GLY C 63 20.03 -18.86 1.88
C GLY C 63 19.75 -17.91 0.69
N THR C 64 18.53 -17.53 0.43
CA THR C 64 18.31 -16.59 -0.75
C THR C 64 17.16 -15.57 -0.50
N VAL C 65 17.38 -14.30 -0.84
CA VAL C 65 16.32 -13.29 -0.70
C VAL C 65 15.82 -12.99 -2.11
N PRO C 66 14.57 -13.21 -2.35
CA PRO C 66 13.61 -13.70 -1.33
C PRO C 66 13.58 -15.23 -1.25
N GLY C 67 13.18 -15.74 -0.13
CA GLY C 67 13.11 -17.22 0.02
C GLY C 67 12.57 -17.82 -1.28
N PRO C 68 12.57 -19.11 -1.37
CA PRO C 68 12.07 -19.84 -2.57
C PRO C 68 10.54 -19.92 -2.62
N LEU C 69 9.99 -20.04 -3.80
CA LEU C 69 8.50 -20.13 -3.92
C LEU C 69 8.05 -21.59 -3.85
N MET C 70 7.22 -21.92 -2.89
CA MET C 70 6.71 -23.29 -2.76
C MET C 70 5.41 -23.35 -3.54
N VAL C 71 5.14 -24.45 -4.13
CA VAL C 71 3.89 -24.53 -4.95
C VAL C 71 3.11 -25.83 -4.68
N VAL C 72 1.94 -25.70 -4.14
CA VAL C 72 1.05 -26.86 -3.88
C VAL C 72 -0.34 -26.50 -4.44
N HIS C 73 -1.27 -27.41 -4.42
CA HIS C 73 -2.62 -27.10 -4.95
C HIS C 73 -3.55 -26.79 -3.78
N GLN C 74 -4.72 -26.36 -4.09
CA GLN C 74 -5.70 -26.03 -3.03
C GLN C 74 -6.21 -27.32 -2.42
N ASP C 75 -6.23 -27.39 -1.13
CA ASP C 75 -6.68 -28.63 -0.45
C ASP C 75 -5.47 -29.38 0.08
N ASP C 76 -4.39 -29.37 -0.65
CA ASP C 76 -3.16 -30.08 -0.19
C ASP C 76 -2.61 -29.39 1.06
N TYR C 77 -2.00 -30.15 1.92
CA TYR C 77 -1.43 -29.57 3.17
C TYR C 77 0.09 -29.39 2.99
N LEU C 78 0.55 -28.23 3.29
CA LEU C 78 1.99 -27.91 3.17
C LEU C 78 2.64 -28.14 4.52
N GLU C 79 3.61 -28.99 4.55
CA GLU C 79 4.29 -29.32 5.82
C GLU C 79 5.71 -28.85 5.66
N LEU C 80 6.09 -27.89 6.41
CA LEU C 80 7.46 -27.34 6.23
C LEU C 80 8.33 -27.51 7.47
N THR C 81 9.42 -28.20 7.32
CA THR C 81 10.38 -28.37 8.46
C THR C 81 11.41 -27.24 8.37
N LEU C 82 11.35 -26.30 9.28
CA LEU C 82 12.27 -25.17 9.26
C LEU C 82 13.36 -25.48 10.23
N ILE C 83 14.49 -24.98 9.96
CA ILE C 83 15.65 -25.27 10.85
C ILE C 83 16.53 -24.02 11.01
N ASN C 84 16.75 -23.64 12.23
CA ASN C 84 17.62 -22.46 12.52
C ASN C 84 18.93 -22.99 13.09
N PRO C 85 19.94 -23.03 12.26
CA PRO C 85 21.28 -23.56 12.63
C PRO C 85 21.94 -22.86 13.82
N GLU C 86 22.73 -23.57 14.58
CA GLU C 86 23.42 -22.94 15.74
C GLU C 86 24.29 -21.75 15.27
N THR C 87 24.78 -21.79 14.05
CA THR C 87 25.64 -20.66 13.55
C THR C 87 24.89 -19.32 13.61
N ASN C 88 23.58 -19.33 13.53
CA ASN C 88 22.83 -18.04 13.55
C ASN C 88 22.86 -17.45 14.96
N THR C 89 22.38 -16.25 15.11
CA THR C 89 22.38 -15.61 16.46
C THR C 89 20.98 -15.04 16.84
N LEU C 90 19.96 -15.20 16.02
CA LEU C 90 18.62 -14.63 16.42
C LEU C 90 17.50 -15.66 16.24
N MET C 91 16.53 -15.69 17.14
CA MET C 91 15.40 -16.66 16.97
C MET C 91 14.45 -16.15 15.88
N HIS C 92 13.99 -17.03 15.01
CA HIS C 92 13.08 -16.60 13.93
C HIS C 92 11.71 -17.29 14.08
N ASN C 93 10.99 -17.34 13.00
CA ASN C 93 9.64 -17.97 12.97
C ASN C 93 9.04 -17.71 11.57
N ILE C 94 8.07 -18.48 11.13
CA ILE C 94 7.51 -18.24 9.77
C ILE C 94 5.98 -18.09 9.81
N ASP C 95 5.47 -17.04 9.23
CA ASP C 95 4.00 -16.83 9.17
C ASP C 95 3.55 -16.83 7.69
N PHE C 96 2.82 -17.84 7.28
CA PHE C 96 2.38 -17.92 5.87
C PHE C 96 0.98 -17.33 5.72
N HIS C 97 0.88 -16.28 4.97
CA HIS C 97 -0.44 -15.62 4.74
C HIS C 97 -1.47 -16.65 4.23
N ALA C 98 -1.02 -17.69 3.58
CA ALA C 98 -1.97 -18.70 3.03
C ALA C 98 -2.41 -19.73 4.09
N ALA C 99 -2.10 -19.49 5.33
CA ALA C 99 -2.53 -20.44 6.40
C ALA C 99 -3.57 -19.77 7.28
N THR C 100 -4.21 -20.52 8.13
CA THR C 100 -5.26 -19.91 9.02
C THR C 100 -5.10 -20.39 10.47
N GLY C 101 -4.69 -19.51 11.35
CA GLY C 101 -4.55 -19.88 12.81
C GLY C 101 -3.09 -19.69 13.31
N ALA C 102 -2.90 -19.16 14.52
CA ALA C 102 -1.51 -19.00 15.05
C ALA C 102 -0.71 -17.93 14.28
N LEU C 103 -1.31 -16.79 14.05
CA LEU C 103 -0.58 -15.69 13.34
C LEU C 103 0.06 -16.20 12.05
N GLY C 104 -0.60 -17.10 11.37
CA GLY C 104 -0.04 -17.62 10.09
C GLY C 104 1.08 -18.64 10.37
N GLY C 105 1.08 -19.24 11.52
CA GLY C 105 2.14 -20.25 11.84
C GLY C 105 3.31 -19.62 12.63
N GLY C 106 3.33 -18.33 12.83
CA GLY C 106 4.46 -17.70 13.58
C GLY C 106 4.36 -18.04 15.08
N GLY C 107 3.17 -18.20 15.59
CA GLY C 107 3.02 -18.52 17.05
C GLY C 107 3.46 -19.96 17.36
N LEU C 108 3.56 -20.82 16.37
CA LEU C 108 3.97 -22.23 16.64
C LEU C 108 5.27 -22.60 15.88
N THR C 109 6.09 -21.64 15.55
CA THR C 109 7.37 -21.94 14.83
C THR C 109 8.54 -21.06 15.37
N GLU C 110 8.46 -20.52 16.56
CA GLU C 110 9.58 -19.70 17.09
C GLU C 110 10.71 -20.64 17.46
N ILE C 111 11.80 -20.60 16.74
CA ILE C 111 12.91 -21.54 17.04
C ILE C 111 14.21 -20.78 17.18
N ASN C 112 14.87 -20.92 18.28
CA ASN C 112 16.16 -20.22 18.48
C ASN C 112 17.30 -21.07 17.91
N PRO C 113 18.43 -20.46 17.65
CA PRO C 113 19.61 -21.17 17.11
C PRO C 113 19.73 -22.59 17.68
N GLY C 114 19.93 -23.56 16.83
CA GLY C 114 20.03 -24.97 17.32
C GLY C 114 18.64 -25.61 17.50
N GLU C 115 17.59 -25.04 16.94
CA GLU C 115 16.24 -25.65 17.10
C GLU C 115 15.50 -25.70 15.74
N LYS C 116 14.74 -26.74 15.50
CA LYS C 116 13.96 -26.86 14.23
C LYS C 116 12.56 -27.38 14.54
N THR C 117 11.59 -27.03 13.76
CA THR C 117 10.22 -27.49 14.03
C THR C 117 9.57 -27.89 12.72
N ILE C 118 8.38 -28.39 12.81
CA ILE C 118 7.65 -28.80 11.59
C ILE C 118 6.19 -28.35 11.72
N LEU C 119 5.72 -27.55 10.81
CA LEU C 119 4.32 -27.07 10.90
C LEU C 119 3.57 -27.46 9.64
N ARG C 120 2.39 -27.97 9.80
CA ARG C 120 1.60 -28.38 8.61
C ARG C 120 0.25 -27.65 8.60
N PHE C 121 -0.08 -27.01 7.52
CA PHE C 121 -1.37 -26.29 7.43
C PHE C 121 -2.08 -26.66 6.11
N LYS C 122 -3.39 -26.57 6.09
CA LYS C 122 -4.17 -26.89 4.88
C LYS C 122 -4.27 -25.64 4.00
N ALA C 123 -3.97 -25.80 2.76
CA ALA C 123 -4.03 -24.68 1.80
C ALA C 123 -5.45 -24.62 1.32
N THR C 124 -6.23 -23.88 2.01
CA THR C 124 -7.70 -23.84 1.69
C THR C 124 -8.10 -22.76 0.66
N LYS C 125 -7.21 -21.90 0.28
CA LYS C 125 -7.57 -20.83 -0.68
C LYS C 125 -6.52 -20.79 -1.79
N PRO C 126 -6.96 -20.69 -3.01
CA PRO C 126 -6.06 -20.66 -4.19
C PRO C 126 -5.51 -19.26 -4.48
N GLY C 127 -4.21 -19.14 -4.67
CA GLY C 127 -3.65 -17.79 -4.98
C GLY C 127 -2.24 -17.64 -4.39
N VAL C 128 -1.45 -16.77 -4.96
CA VAL C 128 -0.08 -16.55 -4.46
C VAL C 128 -0.19 -15.78 -3.15
N PHE C 129 0.67 -16.07 -2.23
CA PHE C 129 0.59 -15.39 -0.93
C PHE C 129 2.00 -15.18 -0.43
N VAL C 130 2.21 -14.19 0.36
CA VAL C 130 3.62 -13.95 0.85
C VAL C 130 3.87 -14.51 2.28
N TYR C 131 4.94 -15.28 2.47
CA TYR C 131 5.29 -15.79 3.80
C TYR C 131 6.44 -14.94 4.32
N HIS C 132 6.60 -14.81 5.60
CA HIS C 132 7.70 -13.95 6.13
C HIS C 132 7.87 -14.15 7.64
N CYS C 133 9.10 -14.12 8.12
CA CYS C 133 9.34 -14.34 9.58
C CYS C 133 8.86 -13.10 10.34
N ALA C 134 8.39 -13.27 11.54
CA ALA C 134 7.90 -12.08 12.29
C ALA C 134 7.96 -12.34 13.79
N PRO C 135 9.13 -12.36 14.34
CA PRO C 135 9.33 -12.58 15.80
C PRO C 135 8.74 -11.41 16.61
N PRO C 136 7.88 -11.71 17.55
CA PRO C 136 7.23 -10.66 18.40
C PRO C 136 8.19 -9.54 18.84
N GLY C 137 7.89 -8.30 18.51
CA GLY C 137 8.79 -7.18 18.93
C GLY C 137 9.80 -6.78 17.83
N MET C 138 10.12 -7.65 16.90
CA MET C 138 11.11 -7.28 15.86
C MET C 138 10.62 -7.77 14.51
N VAL C 139 9.36 -7.58 14.26
CA VAL C 139 8.79 -8.04 12.96
C VAL C 139 9.42 -7.30 11.76
N PRO C 140 9.16 -6.03 11.64
CA PRO C 140 9.65 -5.18 10.52
C PRO C 140 11.14 -5.37 10.24
N TRP C 141 11.92 -5.56 11.27
CA TRP C 141 13.39 -5.75 11.07
C TRP C 141 13.67 -7.05 10.30
N HIS C 142 13.08 -8.14 10.71
CA HIS C 142 13.32 -9.44 10.03
C HIS C 142 12.82 -9.39 8.58
N VAL C 143 11.70 -8.78 8.34
CA VAL C 143 11.15 -8.73 6.95
C VAL C 143 12.06 -7.87 6.06
N VAL C 144 12.44 -6.71 6.53
CA VAL C 144 13.30 -5.81 5.70
C VAL C 144 14.64 -6.49 5.47
N SER C 145 15.09 -7.24 6.43
CA SER C 145 16.39 -7.95 6.27
C SER C 145 16.31 -9.00 5.14
N GLY C 146 15.19 -9.15 4.50
CA GLY C 146 15.05 -10.15 3.41
C GLY C 146 14.52 -11.48 3.94
N MET C 147 13.79 -11.48 5.03
CA MET C 147 13.26 -12.77 5.55
C MET C 147 11.80 -12.93 5.09
N ASN C 148 11.61 -13.15 3.82
CA ASN C 148 10.23 -13.29 3.31
C ASN C 148 10.26 -13.79 1.85
N GLY C 149 9.27 -14.52 1.47
CA GLY C 149 9.19 -15.06 0.07
C GLY C 149 7.71 -15.19 -0.32
N ALA C 150 7.31 -16.28 -0.94
CA ALA C 150 5.87 -16.41 -1.32
C ALA C 150 5.55 -17.83 -1.83
N ILE C 151 4.36 -18.32 -1.55
CA ILE C 151 3.96 -19.67 -2.03
C ILE C 151 2.76 -19.55 -2.97
N MET C 152 2.63 -20.44 -3.91
CA MET C 152 1.49 -20.38 -4.87
C MET C 152 0.62 -21.64 -4.76
N VAL C 153 -0.59 -21.48 -4.30
CA VAL C 153 -1.52 -22.63 -4.17
C VAL C 153 -2.39 -22.57 -5.40
N LEU C 154 -2.14 -23.43 -6.32
CA LEU C 154 -2.90 -23.35 -7.61
C LEU C 154 -4.16 -24.20 -7.59
N PRO C 155 -5.22 -23.70 -8.17
CA PRO C 155 -6.49 -24.46 -8.27
C PRO C 155 -6.23 -25.89 -8.76
N ARG C 156 -6.89 -26.87 -8.20
CA ARG C 156 -6.67 -28.27 -8.62
C ARG C 156 -6.72 -28.39 -10.13
N GLU C 157 -7.59 -27.66 -10.76
CA GLU C 157 -7.71 -27.73 -12.25
C GLU C 157 -6.79 -26.70 -12.96
N GLY C 158 -5.80 -26.16 -12.29
CA GLY C 158 -4.90 -25.17 -12.97
C GLY C 158 -5.51 -23.77 -12.92
N LEU C 159 -4.96 -22.86 -13.68
CA LEU C 159 -5.51 -21.46 -13.68
C LEU C 159 -6.45 -21.26 -14.87
N HIS C 160 -7.45 -20.42 -14.70
CA HIS C 160 -8.41 -20.15 -15.80
C HIS C 160 -8.73 -18.64 -15.77
N ASP C 161 -9.16 -18.11 -16.87
CA ASP C 161 -9.48 -16.64 -16.92
C ASP C 161 -10.74 -16.35 -16.11
N GLY C 162 -11.39 -15.24 -16.38
CA GLY C 162 -12.63 -14.89 -15.61
C GLY C 162 -13.85 -15.66 -16.18
N LYS C 163 -13.79 -16.11 -17.40
CA LYS C 163 -14.96 -16.85 -17.97
C LYS C 163 -14.86 -18.36 -17.70
N GLY C 164 -13.73 -18.82 -17.22
CA GLY C 164 -13.59 -20.30 -16.95
C GLY C 164 -12.57 -20.97 -17.92
N LYS C 165 -12.14 -20.32 -18.97
CA LYS C 165 -11.18 -20.96 -19.92
C LYS C 165 -9.88 -21.26 -19.20
N ALA C 166 -9.20 -22.28 -19.60
CA ALA C 166 -7.91 -22.64 -18.94
C ALA C 166 -6.72 -21.82 -19.51
N LEU C 167 -5.94 -21.22 -18.63
CA LEU C 167 -4.74 -20.46 -19.02
C LEU C 167 -3.55 -21.25 -18.50
N THR C 168 -2.74 -21.73 -19.39
CA THR C 168 -1.61 -22.56 -18.99
C THR C 168 -0.37 -21.85 -19.39
N TYR C 169 0.56 -21.82 -18.54
CA TYR C 169 1.82 -21.09 -18.85
C TYR C 169 2.96 -22.06 -19.14
N ASP C 170 3.82 -21.71 -20.06
CA ASP C 170 4.99 -22.58 -20.37
C ASP C 170 6.16 -22.28 -19.41
N LYS C 171 6.24 -21.08 -18.87
CA LYS C 171 7.36 -20.76 -17.95
C LYS C 171 6.86 -19.87 -16.81
N ILE C 172 7.36 -20.08 -15.63
CA ILE C 172 6.93 -19.25 -14.47
C ILE C 172 8.16 -18.77 -13.67
N TYR C 173 8.21 -17.49 -13.38
CA TYR C 173 9.36 -16.93 -12.62
C TYR C 173 8.79 -16.20 -11.41
N TYR C 174 9.51 -16.19 -10.34
CA TYR C 174 9.05 -15.51 -9.11
C TYR C 174 10.02 -14.41 -8.75
N VAL C 175 9.57 -13.19 -8.81
CA VAL C 175 10.46 -12.04 -8.50
C VAL C 175 10.03 -11.40 -7.18
N GLY C 176 10.80 -11.61 -6.16
CA GLY C 176 10.50 -11.03 -4.83
C GLY C 176 11.19 -9.69 -4.71
N GLU C 177 10.44 -8.67 -4.47
CA GLU C 177 10.99 -7.31 -4.36
C GLU C 177 11.30 -7.08 -2.91
N GLN C 178 12.30 -6.33 -2.65
CA GLN C 178 12.66 -6.08 -1.23
C GLN C 178 13.14 -4.65 -1.02
N ASP C 179 12.53 -3.95 -0.12
CA ASP C 179 12.96 -2.55 0.16
C ASP C 179 13.88 -2.56 1.39
N PHE C 180 15.10 -2.14 1.24
CA PHE C 180 16.02 -2.15 2.39
C PHE C 180 16.11 -0.75 2.99
N TYR C 181 16.88 -0.64 4.02
CA TYR C 181 17.06 0.67 4.71
C TYR C 181 18.46 0.64 5.30
N VAL C 182 19.43 1.00 4.52
CA VAL C 182 20.83 0.91 4.99
C VAL C 182 21.28 2.21 5.61
N PRO C 183 21.81 2.12 6.79
CA PRO C 183 22.33 3.32 7.52
C PRO C 183 23.60 3.91 6.87
N ARG C 184 23.70 5.23 6.79
CA ARG C 184 24.89 5.87 6.19
C ARG C 184 25.56 6.73 7.25
N ASP C 185 26.82 7.00 7.09
CA ASP C 185 27.55 7.83 8.10
C ASP C 185 27.29 9.33 7.87
N GLU C 186 28.20 10.19 8.27
CA GLU C 186 27.98 11.66 8.08
C GLU C 186 28.33 12.08 6.65
N ASN C 187 29.24 11.38 6.00
CA ASN C 187 29.62 11.77 4.61
C ASN C 187 28.63 11.18 3.57
N GLY C 188 27.71 10.35 3.97
CA GLY C 188 26.74 9.77 2.99
C GLY C 188 27.16 8.34 2.56
N LYS C 189 28.23 7.79 3.09
CA LYS C 189 28.64 6.41 2.70
C LYS C 189 27.90 5.37 3.54
N TYR C 190 27.45 4.31 2.92
CA TYR C 190 26.73 3.26 3.66
C TYR C 190 27.65 2.70 4.72
N LYS C 191 27.11 2.32 5.82
CA LYS C 191 27.95 1.78 6.92
C LYS C 191 27.89 0.24 6.91
N LYS C 192 28.97 -0.38 7.28
CA LYS C 192 28.99 -1.86 7.32
C LYS C 192 29.30 -2.29 8.74
N TYR C 193 28.85 -3.44 9.14
CA TYR C 193 29.12 -3.87 10.52
C TYR C 193 29.71 -5.25 10.52
N GLU C 194 29.67 -5.91 11.62
CA GLU C 194 30.24 -7.29 11.69
C GLU C 194 29.14 -8.29 12.09
N ALA C 195 28.09 -7.84 12.74
CA ALA C 195 27.02 -8.77 13.14
C ALA C 195 25.68 -8.14 12.81
N PRO C 196 24.65 -8.92 12.87
CA PRO C 196 23.26 -8.46 12.57
C PRO C 196 22.70 -7.53 13.65
N GLY C 197 22.98 -7.81 14.90
CA GLY C 197 22.44 -6.95 15.99
C GLY C 197 23.15 -5.57 16.01
N ASP C 198 24.40 -5.52 15.63
CA ASP C 198 25.14 -4.22 15.65
C ASP C 198 24.46 -3.20 14.74
N ALA C 199 23.73 -3.64 13.75
CA ALA C 199 23.06 -2.67 12.82
C ALA C 199 21.54 -2.54 13.11
N TYR C 200 21.07 -3.00 14.24
CA TYR C 200 19.60 -2.87 14.55
C TYR C 200 19.17 -1.40 14.85
N GLU C 201 19.84 -0.69 15.74
CA GLU C 201 19.41 0.69 16.08
C GLU C 201 19.53 1.61 14.87
N ASP C 202 20.64 1.56 14.20
CA ASP C 202 20.85 2.45 13.01
C ASP C 202 19.83 2.11 11.93
N THR C 203 19.53 0.87 11.76
CA THR C 203 18.54 0.48 10.71
C THR C 203 17.15 1.00 11.09
N VAL C 204 16.73 0.79 12.30
CA VAL C 204 15.38 1.27 12.73
C VAL C 204 15.23 2.75 12.38
N LYS C 205 16.24 3.53 12.68
CA LYS C 205 16.16 4.98 12.37
C LYS C 205 15.84 5.18 10.89
N VAL C 206 16.48 4.44 10.02
CA VAL C 206 16.21 4.59 8.56
C VAL C 206 14.82 4.05 8.24
N MET C 207 14.45 2.94 8.83
CA MET C 207 13.11 2.36 8.53
C MET C 207 12.00 3.34 8.92
N ARG C 208 12.17 4.08 9.98
CA ARG C 208 11.11 5.05 10.40
C ARG C 208 10.87 6.09 9.29
N THR C 209 11.91 6.49 8.62
CA THR C 209 11.75 7.50 7.54
C THR C 209 10.83 6.98 6.42
N LEU C 210 10.46 5.72 6.44
CA LEU C 210 9.57 5.19 5.36
C LEU C 210 10.19 5.48 3.98
N THR C 211 11.50 5.55 3.91
CA THR C 211 12.15 5.82 2.60
C THR C 211 13.30 4.83 2.43
N PRO C 212 13.08 3.80 1.66
CA PRO C 212 14.11 2.74 1.42
C PRO C 212 15.32 3.22 0.61
N THR C 213 16.52 2.96 1.09
CA THR C 213 17.73 3.40 0.33
C THR C 213 17.86 2.55 -0.96
N HIS C 214 17.29 1.38 -1.00
CA HIS C 214 17.40 0.53 -2.22
C HIS C 214 16.19 -0.40 -2.30
N VAL C 215 15.59 -0.49 -3.46
CA VAL C 215 14.41 -1.37 -3.62
C VAL C 215 14.75 -2.25 -4.79
N VAL C 216 14.92 -3.51 -4.59
CA VAL C 216 15.37 -4.28 -5.76
C VAL C 216 14.68 -5.61 -5.86
N PHE C 217 15.12 -6.40 -6.78
CA PHE C 217 14.50 -7.73 -6.98
C PHE C 217 15.57 -8.81 -6.86
N ASN C 218 15.28 -9.86 -6.15
CA ASN C 218 16.29 -10.96 -5.97
C ASN C 218 17.38 -10.61 -4.93
N GLY C 219 17.22 -9.55 -4.16
CA GLY C 219 18.25 -9.20 -3.13
C GLY C 219 19.44 -8.34 -3.69
N ALA C 220 19.36 -7.69 -4.84
CA ALA C 220 20.53 -6.85 -5.27
C ALA C 220 20.22 -6.03 -6.54
N VAL C 221 20.65 -4.78 -6.58
CA VAL C 221 20.42 -3.97 -7.81
C VAL C 221 21.08 -4.69 -8.98
N GLY C 222 20.36 -4.90 -10.04
CA GLY C 222 20.95 -5.62 -11.20
C GLY C 222 21.05 -7.14 -10.93
N ALA C 223 20.23 -7.69 -10.04
CA ALA C 223 20.31 -9.16 -9.78
C ALA C 223 19.68 -10.00 -10.92
N LEU C 224 18.55 -9.60 -11.46
CA LEU C 224 17.88 -10.40 -12.55
C LEU C 224 18.20 -9.86 -13.95
N THR C 225 19.41 -9.46 -14.18
CA THR C 225 19.85 -8.97 -15.52
C THR C 225 21.24 -9.55 -15.83
N GLY C 226 21.56 -9.73 -17.08
CA GLY C 226 22.88 -10.32 -17.45
C GLY C 226 22.75 -11.83 -17.40
N ASP C 227 23.57 -12.47 -16.62
CA ASP C 227 23.46 -13.96 -16.52
C ASP C 227 22.12 -14.37 -15.87
N LYS C 228 21.49 -13.48 -15.12
CA LYS C 228 20.18 -13.85 -14.48
C LYS C 228 18.97 -13.31 -15.27
N ALA C 229 19.17 -12.60 -16.35
CA ALA C 229 17.98 -12.08 -17.11
C ALA C 229 17.03 -13.24 -17.45
N MET C 230 15.76 -13.09 -17.15
CA MET C 230 14.80 -14.16 -17.47
C MET C 230 14.87 -14.43 -18.96
N THR C 231 14.20 -15.43 -19.40
CA THR C 231 14.20 -15.76 -20.84
C THR C 231 12.79 -16.19 -21.29
N ALA C 232 12.49 -15.95 -22.54
CA ALA C 232 11.16 -16.33 -23.10
C ALA C 232 11.22 -16.14 -24.63
N ALA C 233 10.46 -16.91 -25.38
CA ALA C 233 10.49 -16.78 -26.85
C ALA C 233 9.10 -16.41 -27.36
N VAL C 234 9.05 -15.69 -28.43
CA VAL C 234 7.75 -15.27 -29.01
C VAL C 234 6.83 -16.46 -29.05
N GLY C 235 5.61 -16.27 -28.64
CA GLY C 235 4.63 -17.40 -28.63
C GLY C 235 4.61 -18.14 -27.26
N GLU C 236 5.51 -17.84 -26.36
CA GLU C 236 5.53 -18.52 -25.05
C GLU C 236 4.69 -17.74 -24.04
N LYS C 237 4.03 -18.44 -23.18
CA LYS C 237 3.18 -17.80 -22.15
C LYS C 237 3.94 -17.91 -20.86
N VAL C 238 4.04 -16.86 -20.14
CA VAL C 238 4.83 -16.90 -18.90
C VAL C 238 4.10 -16.23 -17.76
N LEU C 239 4.11 -16.86 -16.63
CA LEU C 239 3.45 -16.29 -15.43
C LEU C 239 4.53 -15.72 -14.52
N ILE C 240 4.44 -14.46 -14.18
CA ILE C 240 5.46 -13.82 -13.33
C ILE C 240 4.85 -13.45 -11.97
N VAL C 241 5.13 -14.25 -10.98
CA VAL C 241 4.62 -13.97 -9.62
C VAL C 241 5.54 -12.96 -8.97
N HIS C 242 4.98 -12.04 -8.28
CA HIS C 242 5.80 -10.99 -7.65
C HIS C 242 5.27 -10.74 -6.25
N SER C 243 6.14 -10.59 -5.32
CA SER C 243 5.68 -10.36 -3.92
C SER C 243 6.49 -9.26 -3.23
N GLN C 244 5.83 -8.55 -2.35
CA GLN C 244 6.45 -7.46 -1.55
C GLN C 244 5.85 -7.58 -0.14
N ALA C 245 6.63 -8.04 0.80
CA ALA C 245 6.12 -8.27 2.18
C ALA C 245 6.60 -7.16 3.11
N ASN C 246 6.45 -5.98 2.65
CA ASN C 246 6.85 -4.77 3.43
C ASN C 246 6.86 -3.50 2.54
N ARG C 247 5.99 -3.38 1.54
CA ARG C 247 6.02 -2.14 0.72
C ARG C 247 5.14 -2.30 -0.51
N ASP C 248 4.40 -1.29 -0.88
CA ASP C 248 3.53 -1.42 -2.10
C ASP C 248 4.36 -1.17 -3.40
N THR C 249 4.19 -2.01 -4.41
CA THR C 249 4.92 -1.81 -5.69
C THR C 249 3.90 -1.73 -6.83
N ARG C 250 4.37 -1.53 -8.01
CA ARG C 250 3.48 -1.44 -9.21
C ARG C 250 4.23 -1.99 -10.42
N PRO C 251 4.15 -3.28 -10.60
CA PRO C 251 4.85 -4.01 -11.69
C PRO C 251 4.49 -3.50 -13.09
N HIS C 252 5.42 -3.57 -13.98
CA HIS C 252 5.18 -3.13 -15.39
C HIS C 252 6.25 -3.72 -16.35
N LEU C 253 5.82 -4.54 -17.29
CA LEU C 253 6.75 -5.13 -18.29
C LEU C 253 6.90 -4.15 -19.45
N ILE C 254 8.04 -3.56 -19.55
CA ILE C 254 8.34 -2.57 -20.60
C ILE C 254 8.31 -3.27 -21.93
N GLY C 255 7.53 -2.76 -22.81
CA GLY C 255 7.43 -3.41 -24.15
C GLY C 255 6.28 -4.44 -24.16
N GLY C 256 5.76 -4.83 -23.02
CA GLY C 256 4.66 -5.83 -23.01
C GLY C 256 3.57 -5.39 -22.05
N HIS C 257 2.78 -6.31 -21.59
CA HIS C 257 1.68 -5.96 -20.66
C HIS C 257 1.20 -7.23 -19.94
N GLY C 258 0.40 -7.06 -18.93
CA GLY C 258 -0.12 -8.23 -18.18
C GLY C 258 -1.44 -8.64 -18.80
N ASP C 259 -1.41 -9.60 -19.66
CA ASP C 259 -2.66 -10.03 -20.34
C ASP C 259 -3.72 -10.27 -19.28
N TYR C 260 -3.41 -11.12 -18.37
CA TYR C 260 -4.34 -11.42 -17.25
C TYR C 260 -3.56 -11.21 -15.96
N VAL C 261 -4.03 -10.39 -15.06
CA VAL C 261 -3.22 -10.15 -13.83
C VAL C 261 -4.06 -10.24 -12.56
N TRP C 262 -3.85 -11.26 -11.79
CA TRP C 262 -4.57 -11.38 -10.49
C TRP C 262 -3.83 -10.46 -9.55
N ALA C 263 -4.18 -9.21 -9.58
CA ALA C 263 -3.45 -8.18 -8.80
C ALA C 263 -3.49 -8.53 -7.33
N THR C 264 -4.61 -8.93 -6.89
CA THR C 264 -4.77 -9.29 -5.45
C THR C 264 -4.07 -10.63 -5.15
N GLY C 265 -3.60 -11.31 -6.16
CA GLY C 265 -2.92 -12.63 -5.89
C GLY C 265 -3.94 -13.70 -5.39
N LYS C 266 -5.18 -13.60 -5.79
CA LYS C 266 -6.20 -14.59 -5.37
C LYS C 266 -6.84 -15.12 -6.66
N PHE C 267 -6.81 -16.39 -6.85
CA PHE C 267 -7.36 -16.98 -8.12
C PHE C 267 -8.89 -16.81 -8.18
N ASN C 268 -9.56 -16.97 -7.09
CA ASN C 268 -11.04 -16.85 -7.08
C ASN C 268 -11.43 -15.48 -7.59
N THR C 269 -10.63 -14.50 -7.31
CA THR C 269 -10.95 -13.13 -7.77
C THR C 269 -10.56 -13.00 -9.25
N PRO C 270 -11.52 -12.75 -10.10
CA PRO C 270 -11.27 -12.61 -11.57
C PRO C 270 -10.02 -11.77 -11.87
N PRO C 271 -9.19 -12.18 -12.81
CA PRO C 271 -7.94 -11.42 -13.14
C PRO C 271 -8.15 -10.20 -14.08
N ASP C 272 -7.74 -9.00 -13.69
CA ASP C 272 -7.90 -7.86 -14.61
C ASP C 272 -7.29 -8.27 -15.95
N VAL C 273 -7.49 -7.52 -16.98
CA VAL C 273 -6.91 -7.93 -18.30
C VAL C 273 -6.38 -6.70 -19.07
N ASP C 274 -5.38 -6.91 -19.89
CA ASP C 274 -4.82 -5.81 -20.70
C ASP C 274 -4.28 -4.79 -19.73
N GLN C 275 -3.44 -5.22 -18.85
CA GLN C 275 -2.92 -4.24 -17.83
C GLN C 275 -1.53 -3.69 -18.19
N GLU C 276 -1.37 -2.37 -18.22
CA GLU C 276 -0.02 -1.78 -18.49
C GLU C 276 0.83 -1.79 -17.20
N THR C 277 0.24 -1.48 -16.06
CA THR C 277 0.97 -1.45 -14.78
C THR C 277 -0.02 -1.87 -13.69
N TRP C 278 0.31 -2.85 -12.93
CA TRP C 278 -0.63 -3.33 -11.89
C TRP C 278 -0.31 -2.70 -10.55
N PHE C 279 -0.79 -3.28 -9.48
CA PHE C 279 -0.52 -2.72 -8.14
C PHE C 279 -0.63 -3.81 -7.07
N ILE C 280 0.45 -4.07 -6.37
CA ILE C 280 0.44 -5.10 -5.30
C ILE C 280 0.79 -4.39 -4.00
N PRO C 281 -0.12 -4.39 -3.07
CA PRO C 281 0.06 -3.70 -1.75
C PRO C 281 1.01 -4.43 -0.79
N GLY C 282 1.91 -3.70 -0.18
CA GLY C 282 2.83 -4.32 0.79
C GLY C 282 2.07 -5.40 1.54
N GLY C 283 2.72 -6.47 1.82
CA GLY C 283 2.06 -7.60 2.52
C GLY C 283 1.23 -8.42 1.53
N ALA C 284 1.61 -8.50 0.27
CA ALA C 284 0.76 -9.31 -0.67
C ALA C 284 1.52 -9.69 -1.95
N ALA C 285 1.27 -10.86 -2.48
CA ALA C 285 1.94 -11.27 -3.76
C ALA C 285 0.89 -11.45 -4.87
N GLY C 286 1.15 -10.97 -6.06
CA GLY C 286 0.16 -11.11 -7.16
C GLY C 286 0.75 -12.00 -8.26
N ALA C 287 0.15 -11.97 -9.42
CA ALA C 287 0.65 -12.80 -10.55
C ALA C 287 0.13 -12.23 -11.87
N ALA C 288 0.97 -12.20 -12.87
CA ALA C 288 0.56 -11.67 -14.20
C ALA C 288 0.98 -12.67 -15.27
N PHE C 289 0.09 -12.96 -16.17
CA PHE C 289 0.41 -13.94 -17.24
C PHE C 289 0.40 -13.21 -18.57
N TYR C 290 1.38 -13.41 -19.37
CA TYR C 290 1.43 -12.70 -20.67
C TYR C 290 2.12 -13.55 -21.73
N THR C 291 1.61 -13.51 -22.92
CA THR C 291 2.20 -14.27 -24.04
C THR C 291 3.06 -13.32 -24.85
N PHE C 292 4.33 -13.59 -24.92
CA PHE C 292 5.25 -12.70 -25.67
C PHE C 292 4.94 -12.72 -27.16
N GLN C 293 4.96 -11.57 -27.78
CA GLN C 293 4.69 -11.49 -29.24
C GLN C 293 5.88 -10.86 -30.00
N GLN C 294 6.82 -10.25 -29.31
CA GLN C 294 7.98 -9.63 -30.02
C GLN C 294 9.28 -10.00 -29.32
N PRO C 295 10.31 -10.26 -30.09
CA PRO C 295 11.65 -10.64 -29.57
C PRO C 295 12.50 -9.43 -29.22
N GLY C 296 13.41 -9.57 -28.30
CA GLY C 296 14.26 -8.42 -27.92
C GLY C 296 14.43 -8.41 -26.40
N ILE C 297 14.97 -7.35 -25.88
CA ILE C 297 15.17 -7.26 -24.40
C ILE C 297 14.10 -6.34 -23.80
N TYR C 298 13.39 -6.82 -22.82
CA TYR C 298 12.33 -6.01 -22.17
C TYR C 298 12.65 -5.88 -20.68
N ALA C 299 12.46 -4.73 -20.13
CA ALA C 299 12.75 -4.52 -18.69
C ALA C 299 11.47 -4.67 -17.92
N TYR C 300 11.54 -5.22 -16.75
CA TYR C 300 10.29 -5.42 -15.98
C TYR C 300 10.53 -4.79 -14.64
N VAL C 301 9.83 -3.77 -14.28
CA VAL C 301 10.20 -3.19 -12.97
C VAL C 301 9.10 -2.37 -12.34
N ASN C 302 9.35 -1.98 -11.13
CA ASN C 302 8.39 -1.17 -10.37
C ASN C 302 8.27 0.13 -11.12
N HIS C 303 7.10 0.52 -11.45
CA HIS C 303 6.98 1.77 -12.26
C HIS C 303 7.62 2.90 -11.48
N ASN C 304 7.30 3.09 -10.23
CA ASN C 304 8.04 4.19 -9.56
C ASN C 304 9.41 4.31 -10.30
N LEU C 305 9.47 5.10 -11.36
CA LEU C 305 10.71 5.20 -12.18
C LEU C 305 11.91 5.38 -11.27
N ILE C 306 11.75 6.21 -10.31
CA ILE C 306 12.87 6.46 -9.36
C ILE C 306 13.22 5.15 -8.68
N GLU C 307 12.23 4.51 -8.13
CA GLU C 307 12.48 3.19 -7.47
C GLU C 307 13.06 2.16 -8.48
N ALA C 308 12.67 2.21 -9.74
CA ALA C 308 13.20 1.22 -10.73
C ALA C 308 14.58 1.61 -11.35
N PHE C 309 14.95 2.87 -11.43
CA PHE C 309 16.26 3.19 -12.07
C PHE C 309 17.24 3.75 -11.06
N GLU C 310 16.75 4.52 -10.14
CA GLU C 310 17.66 5.12 -9.12
C GLU C 310 17.82 4.21 -7.88
N LEU C 311 16.85 3.39 -7.54
CA LEU C 311 17.01 2.54 -6.33
C LEU C 311 17.53 1.17 -6.73
N GLY C 312 16.95 0.59 -7.74
CA GLY C 312 17.40 -0.76 -8.20
C GLY C 312 16.20 -1.74 -8.41
N ALA C 313 15.00 -1.28 -8.72
CA ALA C 313 13.88 -2.24 -8.95
C ALA C 313 13.68 -2.46 -10.45
N ALA C 314 14.62 -3.07 -11.14
CA ALA C 314 14.44 -3.30 -12.60
C ALA C 314 15.19 -4.55 -13.06
N ALA C 315 14.49 -5.51 -13.63
CA ALA C 315 15.16 -6.74 -14.12
C ALA C 315 15.01 -6.75 -15.63
N HIS C 316 15.46 -7.75 -16.30
CA HIS C 316 15.29 -7.73 -17.79
C HIS C 316 15.06 -9.13 -18.39
N PHE C 317 14.06 -9.27 -19.26
CA PHE C 317 13.83 -10.59 -19.93
C PHE C 317 14.31 -10.55 -21.41
N LYS C 318 15.10 -11.52 -21.83
CA LYS C 318 15.61 -11.59 -23.20
C LYS C 318 14.72 -12.57 -23.91
N VAL C 319 14.19 -12.19 -25.01
CA VAL C 319 13.25 -13.07 -25.71
C VAL C 319 13.73 -13.28 -27.11
N THR C 320 13.60 -14.47 -27.56
CA THR C 320 14.06 -14.79 -28.95
C THR C 320 12.86 -15.03 -29.84
N GLY C 321 13.03 -14.91 -31.13
CA GLY C 321 11.87 -15.14 -32.06
C GLY C 321 11.98 -14.21 -33.28
N GLU C 322 10.89 -14.02 -33.97
CA GLU C 322 10.90 -13.14 -35.17
C GLU C 322 10.09 -11.89 -34.84
N TRP C 323 10.54 -10.77 -35.31
CA TRP C 323 9.84 -9.50 -35.04
C TRP C 323 8.56 -9.46 -35.86
N ASN C 324 7.58 -8.79 -35.34
CA ASN C 324 6.27 -8.67 -36.04
C ASN C 324 6.04 -7.20 -36.36
N ASP C 325 6.17 -6.84 -37.60
CA ASP C 325 6.00 -5.42 -37.99
C ASP C 325 4.55 -5.00 -37.78
N ASP C 326 3.64 -5.87 -38.10
CA ASP C 326 2.20 -5.53 -37.93
C ASP C 326 2.01 -4.85 -36.57
N LEU C 327 2.50 -5.45 -35.53
CA LEU C 327 2.38 -4.86 -34.17
C LEU C 327 3.17 -3.55 -34.08
N MET C 328 4.38 -3.49 -34.59
CA MET C 328 5.14 -2.21 -34.47
C MET C 328 6.25 -2.16 -35.50
N THR C 329 6.39 -1.06 -36.16
CA THR C 329 7.46 -0.95 -37.19
C THR C 329 7.98 0.50 -37.26
N SER C 330 9.28 0.68 -37.36
CA SER C 330 9.84 2.06 -37.46
C SER C 330 9.78 2.51 -38.91
N VAL C 331 8.74 3.22 -39.27
CA VAL C 331 8.60 3.67 -40.68
C VAL C 331 9.82 4.50 -41.06
N LEU C 332 10.17 5.41 -40.22
CA LEU C 332 11.36 6.26 -40.50
C LEU C 332 12.32 6.22 -39.31
N ALA C 333 13.42 5.52 -39.44
CA ALA C 333 14.39 5.43 -38.31
C ALA C 333 14.94 6.83 -38.02
N PRO C 334 15.38 7.04 -36.81
CA PRO C 334 15.93 8.34 -36.37
C PRO C 334 16.94 8.90 -37.38
N SER C 335 16.69 10.05 -37.92
CA SER C 335 17.65 10.63 -38.91
C SER C 335 17.71 12.14 -38.74
N GLY C 336 18.24 12.83 -39.70
CA GLY C 336 18.33 14.31 -39.61
C GLY C 336 17.03 14.93 -40.10
N GLU D 1 23.95 -0.55 47.96
CA GLU D 1 24.03 0.44 46.89
C GLU D 1 23.16 0.04 45.69
N ASN D 2 23.19 0.88 44.67
CA ASN D 2 22.31 0.74 43.52
C ASN D 2 23.12 0.45 42.26
N ILE D 3 22.57 -0.44 41.42
CA ILE D 3 23.22 -0.76 40.15
C ILE D 3 22.20 -0.52 39.04
N GLU D 4 22.59 0.31 38.09
CA GLU D 4 21.66 0.65 37.02
C GLU D 4 21.88 -0.23 35.79
N VAL D 5 20.78 -0.74 35.26
CA VAL D 5 20.84 -1.65 34.09
C VAL D 5 19.95 -1.06 33.01
N HIS D 6 20.41 -1.05 31.76
CA HIS D 6 19.55 -0.55 30.67
C HIS D 6 19.05 -1.72 29.81
N MET D 7 17.83 -1.55 29.32
CA MET D 7 17.21 -2.49 28.39
C MET D 7 17.23 -1.84 27.01
N LEU D 8 17.86 -2.50 26.07
CA LEU D 8 18.03 -1.94 24.73
C LEU D 8 17.66 -2.90 23.61
N ASN D 9 17.25 -2.32 22.49
CA ASN D 9 16.96 -3.12 21.29
C ASN D 9 18.25 -3.60 20.67
N LYS D 10 19.33 -2.84 20.86
CA LYS D 10 20.61 -3.25 20.27
C LYS D 10 21.75 -2.75 21.15
N GLY D 11 22.73 -3.60 21.40
CA GLY D 11 23.86 -3.17 22.24
C GLY D 11 25.09 -3.93 21.82
N ALA D 12 26.07 -4.06 22.71
CA ALA D 12 27.32 -4.70 22.37
C ALA D 12 27.16 -6.15 21.95
N GLU D 13 26.28 -6.91 22.62
CA GLU D 13 26.22 -8.32 22.25
C GLU D 13 25.25 -8.61 21.12
N GLY D 14 24.57 -7.62 20.58
CA GLY D 14 23.62 -7.88 19.50
C GLY D 14 22.27 -7.26 19.81
N ALA D 15 21.20 -7.85 19.31
CA ALA D 15 19.85 -7.35 19.49
C ALA D 15 19.29 -7.84 20.85
N MET D 16 18.44 -7.02 21.43
CA MET D 16 17.63 -7.28 22.60
C MET D 16 18.49 -7.65 23.82
N VAL D 17 19.04 -6.64 24.48
CA VAL D 17 19.97 -6.96 25.56
C VAL D 17 19.78 -6.11 26.82
N PHE D 18 20.31 -6.68 27.92
CA PHE D 18 20.38 -5.94 29.20
C PHE D 18 21.85 -5.50 29.25
N GLU D 19 22.12 -4.26 29.65
CA GLU D 19 23.51 -3.81 29.80
C GLU D 19 23.65 -3.16 31.18
N PRO D 20 24.45 -3.69 32.08
CA PRO D 20 25.26 -4.89 31.93
C PRO D 20 24.40 -6.17 32.01
N ALA D 21 24.92 -7.31 31.57
CA ALA D 21 24.10 -8.53 31.64
C ALA D 21 24.59 -9.38 32.80
N TYR D 22 25.66 -8.89 33.44
CA TYR D 22 26.20 -9.61 34.61
C TYR D 22 26.20 -8.58 35.74
N ILE D 23 25.45 -8.83 36.79
CA ILE D 23 25.31 -7.85 37.87
C ILE D 23 25.74 -8.49 39.19
N LYS D 24 26.75 -7.85 39.80
CA LYS D 24 27.27 -8.36 41.06
C LYS D 24 26.70 -7.53 42.20
N ALA D 25 26.06 -8.18 43.18
CA ALA D 25 25.46 -7.33 44.21
C ALA D 25 25.51 -8.01 45.56
N ASN D 26 25.12 -7.30 46.63
CA ASN D 26 25.08 -7.91 47.96
C ASN D 26 23.67 -7.76 48.55
N PRO D 27 23.31 -8.56 49.55
CA PRO D 27 21.97 -8.46 50.15
C PRO D 27 21.66 -7.04 50.61
N GLY D 28 20.51 -6.49 50.25
CA GLY D 28 20.15 -5.14 50.59
C GLY D 28 20.41 -4.18 49.44
N ASP D 29 21.19 -4.55 48.42
CA ASP D 29 21.40 -3.66 47.27
C ASP D 29 20.16 -3.55 46.41
N THR D 30 20.10 -2.53 45.56
CA THR D 30 19.00 -2.45 44.62
C THR D 30 19.57 -2.48 43.19
N VAL D 31 18.76 -3.01 42.30
CA VAL D 31 19.05 -3.07 40.88
C VAL D 31 17.91 -2.30 40.20
N THR D 32 18.30 -1.23 39.51
CA THR D 32 17.31 -0.42 38.81
C THR D 32 17.37 -0.68 37.30
N PHE D 33 16.26 -1.16 36.77
CA PHE D 33 16.14 -1.54 35.36
C PHE D 33 15.47 -0.40 34.61
N ILE D 34 16.17 0.16 33.61
CA ILE D 34 15.65 1.30 32.87
C ILE D 34 15.43 0.97 31.41
N PRO D 35 14.19 0.92 30.96
CA PRO D 35 14.01 0.65 29.52
C PRO D 35 14.33 1.88 28.68
N VAL D 36 15.52 1.89 28.09
CA VAL D 36 15.94 3.00 27.23
C VAL D 36 15.18 2.95 25.91
N ASP D 37 14.92 1.74 25.43
CA ASP D 37 14.05 1.59 24.27
C ASP D 37 12.72 1.02 24.75
N LYS D 38 11.64 1.17 23.99
CA LYS D 38 10.37 0.61 24.44
C LYS D 38 10.26 -0.87 24.09
N GLY D 39 9.36 -1.57 24.77
CA GLY D 39 9.07 -2.96 24.48
C GLY D 39 9.71 -3.95 25.42
N HIS D 40 10.31 -3.48 26.52
CA HIS D 40 11.02 -4.40 27.42
C HIS D 40 10.50 -4.39 28.86
N ASN D 41 10.74 -5.47 29.59
CA ASN D 41 10.36 -5.59 31.00
C ASN D 41 11.40 -6.53 31.65
N VAL D 42 11.19 -6.92 32.88
CA VAL D 42 12.09 -7.87 33.54
C VAL D 42 11.24 -8.78 34.39
N GLU D 43 11.56 -10.06 34.37
CA GLU D 43 10.80 -11.10 35.04
C GLU D 43 11.74 -12.20 35.54
N SER D 44 11.58 -12.67 36.77
CA SER D 44 12.48 -13.72 37.22
C SER D 44 12.07 -15.01 36.53
N ILE D 45 13.03 -15.88 36.25
CA ILE D 45 12.72 -17.14 35.57
C ILE D 45 12.44 -18.25 36.58
N LYS D 46 11.39 -19.01 36.38
CA LYS D 46 11.02 -20.12 37.31
C LYS D 46 12.18 -21.09 37.56
N ASP D 47 12.44 -21.32 38.80
CA ASP D 47 13.49 -22.23 39.25
C ASP D 47 14.89 -21.77 38.93
N MET D 48 15.03 -20.49 38.58
CA MET D 48 16.37 -19.95 38.35
C MET D 48 16.60 -18.71 39.22
N ILE D 49 16.04 -18.74 40.41
CA ILE D 49 16.28 -17.77 41.47
C ILE D 49 16.49 -18.58 42.75
N PRO D 50 17.15 -18.01 43.74
CA PRO D 50 17.44 -18.79 44.93
C PRO D 50 16.21 -19.22 45.73
N GLU D 51 16.36 -20.33 46.41
CA GLU D 51 15.41 -20.99 47.25
C GLU D 51 14.32 -20.16 47.91
N GLY D 52 14.63 -19.13 48.70
CA GLY D 52 13.59 -18.37 49.37
C GLY D 52 13.31 -16.98 48.88
N ALA D 53 13.68 -16.74 47.62
CA ALA D 53 13.49 -15.38 47.09
C ALA D 53 12.10 -15.29 46.45
N GLU D 54 11.52 -14.11 46.40
CA GLU D 54 10.22 -13.97 45.78
C GLU D 54 10.32 -13.79 44.26
N LYS D 55 9.36 -14.33 43.53
CA LYS D 55 9.33 -14.15 42.08
C LYS D 55 8.94 -12.69 41.78
N PHE D 56 9.30 -12.17 40.61
CA PHE D 56 8.97 -10.78 40.30
C PHE D 56 8.75 -10.59 38.81
N LYS D 57 7.93 -9.60 38.47
CA LYS D 57 7.66 -9.32 37.07
C LYS D 57 7.26 -7.86 36.93
N SER D 58 8.00 -7.13 36.11
CA SER D 58 7.66 -5.72 35.96
C SER D 58 6.73 -5.45 34.79
N LYS D 59 6.12 -4.27 34.66
CA LYS D 59 5.30 -4.01 33.47
C LYS D 59 6.19 -3.54 32.33
N ILE D 60 5.79 -3.77 31.09
CA ILE D 60 6.59 -3.34 29.95
C ILE D 60 6.72 -1.83 29.92
N ASN D 61 7.91 -1.33 29.65
CA ASN D 61 8.23 0.09 29.56
C ASN D 61 8.40 0.84 30.87
N GLU D 62 8.15 0.19 32.01
CA GLU D 62 8.36 0.82 33.31
C GLU D 62 9.76 0.62 33.87
N ASN D 63 10.18 1.66 34.60
CA ASN D 63 11.43 1.64 35.34
C ASN D 63 11.15 0.73 36.53
N TYR D 64 11.98 -0.25 36.81
CA TYR D 64 11.66 -1.12 37.94
C TYR D 64 12.83 -1.23 38.88
N VAL D 65 12.56 -1.12 40.19
CA VAL D 65 13.65 -1.22 41.15
C VAL D 65 13.54 -2.55 41.89
N LEU D 66 14.52 -3.42 41.70
CA LEU D 66 14.51 -4.69 42.40
C LEU D 66 15.36 -4.62 43.65
N THR D 67 14.83 -5.01 44.81
CA THR D 67 15.70 -5.13 45.98
C THR D 67 16.12 -6.58 46.14
N VAL D 68 17.42 -6.84 46.29
CA VAL D 68 17.84 -8.23 46.39
C VAL D 68 18.22 -8.55 47.83
N THR D 69 17.66 -9.64 48.32
CA THR D 69 17.88 -10.07 49.72
C THR D 69 18.64 -11.38 49.78
N GLN D 70 18.06 -12.44 49.22
CA GLN D 70 18.72 -13.75 49.31
C GLN D 70 19.96 -13.89 48.43
N PRO D 71 21.03 -14.45 48.98
CA PRO D 71 22.27 -14.70 48.26
C PRO D 71 22.01 -15.83 47.25
N GLY D 72 22.83 -15.85 46.21
CA GLY D 72 22.62 -16.84 45.17
C GLY D 72 22.56 -16.16 43.81
N ALA D 73 22.38 -16.97 42.78
CA ALA D 73 22.30 -16.44 41.41
C ALA D 73 20.84 -16.37 41.00
N TYR D 74 20.54 -15.38 40.17
CA TYR D 74 19.20 -15.12 39.66
C TYR D 74 19.38 -14.91 38.13
N LEU D 75 18.59 -15.67 37.37
CA LEU D 75 18.59 -15.38 35.92
C LEU D 75 17.27 -14.68 35.66
N VAL D 76 17.33 -13.50 35.06
CA VAL D 76 16.10 -12.79 34.76
C VAL D 76 16.00 -12.66 33.24
N LYS D 77 14.76 -12.53 32.78
CA LYS D 77 14.60 -12.37 31.34
C LYS D 77 13.73 -11.14 31.07
N CYS D 78 13.70 -10.75 29.81
CA CYS D 78 12.70 -9.81 29.32
C CYS D 78 11.57 -10.74 28.82
N THR D 79 10.33 -10.55 29.24
CA THR D 79 9.26 -11.46 28.87
C THR D 79 9.09 -11.56 27.36
N PRO D 80 8.92 -10.45 26.65
CA PRO D 80 8.76 -10.59 25.19
C PRO D 80 10.01 -11.06 24.49
N HIS D 81 11.23 -10.70 24.92
CA HIS D 81 12.36 -11.08 24.11
C HIS D 81 13.28 -12.19 24.66
N TYR D 82 12.76 -12.95 25.61
CA TYR D 82 13.52 -14.06 26.17
C TYR D 82 14.00 -15.02 25.09
N ALA D 83 13.10 -15.37 24.16
CA ALA D 83 13.54 -16.29 23.11
C ALA D 83 14.59 -15.71 22.19
N MET D 84 14.80 -14.41 22.17
CA MET D 84 15.84 -13.78 21.36
C MET D 84 17.11 -13.55 22.17
N GLY D 85 17.15 -14.09 23.38
CA GLY D 85 18.36 -14.04 24.19
C GLY D 85 18.41 -12.96 25.24
N MET D 86 17.32 -12.23 25.47
CA MET D 86 17.46 -11.08 26.39
C MET D 86 17.40 -11.51 27.86
N ILE D 87 18.57 -11.69 28.45
CA ILE D 87 18.62 -12.15 29.86
C ILE D 87 19.71 -11.40 30.60
N ALA D 88 19.70 -11.49 31.94
CA ALA D 88 20.80 -10.96 32.72
C ALA D 88 20.95 -11.94 33.91
N LEU D 89 22.18 -12.00 34.42
CA LEU D 89 22.46 -12.86 35.59
C LEU D 89 22.83 -11.93 36.74
N ILE D 90 22.13 -12.08 37.86
CA ILE D 90 22.46 -11.30 39.04
C ILE D 90 23.11 -12.26 40.04
N ALA D 91 24.30 -11.93 40.51
CA ALA D 91 25.00 -12.78 41.48
C ALA D 91 25.05 -12.03 42.81
N VAL D 92 24.37 -12.58 43.80
CA VAL D 92 24.30 -12.01 45.15
C VAL D 92 25.19 -12.76 46.11
N GLY D 93 26.23 -12.09 46.61
CA GLY D 93 27.15 -12.71 47.55
C GLY D 93 28.21 -13.51 46.80
N ASP D 94 29.15 -14.16 47.48
CA ASP D 94 30.17 -14.90 46.71
C ASP D 94 29.77 -16.35 46.51
N SER D 95 30.36 -17.00 45.54
CA SER D 95 30.17 -18.36 45.05
C SER D 95 28.75 -18.85 45.23
N PRO D 96 27.87 -18.29 44.41
CA PRO D 96 26.43 -18.57 44.50
C PRO D 96 26.17 -20.09 44.38
N ALA D 97 25.47 -20.63 45.36
CA ALA D 97 25.28 -22.07 45.45
C ALA D 97 24.57 -22.64 44.23
N ASN D 98 23.67 -21.85 43.63
CA ASN D 98 22.85 -22.37 42.56
C ASN D 98 23.31 -22.04 41.16
N LEU D 99 24.49 -21.47 40.96
CA LEU D 99 24.98 -21.08 39.64
C LEU D 99 25.14 -22.23 38.66
N ASP D 100 25.77 -23.34 39.05
CA ASP D 100 25.96 -24.49 38.15
C ASP D 100 24.60 -25.07 37.74
N GLN D 101 23.65 -25.09 38.68
CA GLN D 101 22.31 -25.57 38.39
C GLN D 101 21.70 -24.68 37.32
N ILE D 102 21.84 -23.35 37.47
CA ILE D 102 21.24 -22.50 36.43
C ILE D 102 21.90 -22.65 35.10
N VAL D 103 23.21 -22.86 35.09
CA VAL D 103 23.90 -23.01 33.79
C VAL D 103 23.45 -24.29 33.11
N SER D 104 23.17 -25.34 33.89
CA SER D 104 22.72 -26.59 33.27
C SER D 104 21.23 -26.59 32.93
N ALA D 105 20.39 -25.72 33.50
CA ALA D 105 18.96 -25.83 33.26
C ALA D 105 18.54 -25.68 31.80
N LYS D 106 17.37 -26.24 31.48
CA LYS D 106 16.87 -26.13 30.12
C LYS D 106 16.48 -24.69 29.79
N LYS D 107 16.94 -24.20 28.65
CA LYS D 107 16.60 -22.85 28.18
C LYS D 107 16.91 -22.74 26.68
N PRO D 108 16.40 -21.70 26.02
CA PRO D 108 16.68 -21.54 24.59
C PRO D 108 18.17 -21.50 24.30
N LYS D 109 18.53 -22.06 23.14
CA LYS D 109 19.94 -22.12 22.74
C LYS D 109 20.60 -20.77 22.73
N ILE D 110 19.86 -19.76 22.22
CA ILE D 110 20.47 -18.44 22.15
C ILE D 110 20.69 -17.89 23.55
N VAL D 111 19.74 -18.18 24.44
CA VAL D 111 19.93 -17.77 25.84
C VAL D 111 21.18 -18.39 26.43
N GLN D 112 21.31 -19.71 26.25
CA GLN D 112 22.46 -20.45 26.76
C GLN D 112 23.77 -19.88 26.28
N GLU D 113 23.85 -19.53 24.98
CA GLU D 113 25.07 -18.95 24.44
C GLU D 113 25.39 -17.61 25.07
N ARG D 114 24.37 -16.76 25.30
CA ARG D 114 24.71 -15.49 25.94
C ARG D 114 25.10 -15.62 27.41
N LEU D 115 24.42 -16.53 28.10
CA LEU D 115 24.71 -16.83 29.51
C LEU D 115 26.16 -17.26 29.65
N GLU D 116 26.58 -18.17 28.76
CA GLU D 116 27.94 -18.68 28.82
C GLU D 116 28.97 -17.59 28.59
N LYS D 117 28.62 -16.67 27.71
CA LYS D 117 29.51 -15.57 27.44
C LYS D 117 29.61 -14.65 28.65
N VAL D 118 28.45 -14.27 29.21
CA VAL D 118 28.49 -13.39 30.37
C VAL D 118 29.21 -13.98 31.55
N ILE D 119 29.10 -15.30 31.76
CA ILE D 119 29.82 -15.86 32.91
C ILE D 119 31.31 -15.86 32.65
N ALA D 120 31.70 -15.99 31.39
CA ALA D 120 33.12 -16.01 31.03
C ALA D 120 33.68 -14.59 30.95
N SER D 121 33.08 -13.86 30.03
CA SER D 121 33.27 -12.51 29.55
C SER D 121 32.19 -11.53 30.00
N ALA D 122 32.15 -11.27 31.30
CA ALA D 122 31.22 -10.33 31.91
C ALA D 122 31.32 -10.41 33.45
N LYS D 123 31.90 -11.51 33.92
CA LYS D 123 32.06 -11.79 35.33
C LYS D 123 32.92 -10.74 36.06
CU CU E . -12.39 20.89 11.44
CU CU F . -12.42 13.59 0.92
GD GD G . -10.19 4.45 25.63
GD GD H . -18.45 -10.20 24.90
GD GD I . -0.15 -31.42 21.44
CU CU J . 13.19 12.78 -22.92
CU CU K . 6.24 3.17 -18.25
GD GD L . -1.43 27.45 -19.96
GD GD M . -20.82 28.25 -21.95
GD GD N . -33.45 28.55 1.67
CU CU O . 13.46 -13.79 11.37
CU CU P . 2.14 -10.38 6.66
GD GD Q . 22.96 -14.51 -5.99
GD GD R . 17.07 -22.12 -22.00
GD GD S . 14.19 -2.23 -42.19
CU CU T . 12.92 -6.95 25.78
N THR A 2 -42.01 13.15 -4.76
CA THR A 2 -42.43 14.59 -4.75
C THR A 2 -42.08 15.24 -3.40
N ALA A 3 -42.38 16.50 -3.23
CA ALA A 3 -42.06 17.18 -1.94
C ALA A 3 -42.91 16.59 -0.81
N ALA A 4 -44.18 16.37 -1.03
CA ALA A 4 -45.04 15.81 0.05
C ALA A 4 -44.52 14.43 0.46
N GLU A 5 -44.10 13.65 -0.50
CA GLU A 5 -43.58 12.29 -0.16
C GLU A 5 -42.33 12.41 0.72
N ILE A 6 -41.42 13.28 0.37
CA ILE A 6 -40.18 13.43 1.19
C ILE A 6 -40.54 13.93 2.59
N ALA A 7 -41.45 14.87 2.68
CA ALA A 7 -41.85 15.40 4.02
C ALA A 7 -42.65 14.35 4.83
N ALA A 8 -43.25 13.38 4.20
CA ALA A 8 -44.04 12.36 4.96
C ALA A 8 -43.16 11.18 5.43
N LEU A 9 -41.93 11.09 4.99
CA LEU A 9 -41.07 9.95 5.44
C LEU A 9 -40.83 10.04 6.96
N PRO A 10 -40.86 8.92 7.65
CA PRO A 10 -40.63 8.89 9.13
C PRO A 10 -39.21 9.32 9.55
N ARG A 11 -39.09 10.18 10.53
CA ARG A 11 -37.77 10.64 11.00
C ARG A 11 -37.45 9.84 12.27
N GLN A 12 -36.26 9.35 12.37
CA GLN A 12 -35.90 8.54 13.57
C GLN A 12 -34.52 8.95 14.07
N LYS A 13 -34.44 9.30 15.30
CA LYS A 13 -33.14 9.72 15.88
C LYS A 13 -32.41 8.47 16.36
N VAL A 14 -31.12 8.47 16.24
CA VAL A 14 -30.32 7.30 16.68
C VAL A 14 -29.15 7.77 17.55
N GLU A 15 -28.93 7.09 18.63
CA GLU A 15 -27.84 7.45 19.55
C GLU A 15 -26.58 6.81 19.00
N LEU A 16 -25.53 7.56 18.95
CA LEU A 16 -24.27 6.99 18.38
C LEU A 16 -23.32 6.49 19.47
N VAL A 17 -22.51 5.50 19.18
CA VAL A 17 -21.56 5.00 20.18
C VAL A 17 -20.19 5.47 19.75
N ASP A 18 -19.19 5.06 20.43
CA ASP A 18 -17.81 5.49 20.04
C ASP A 18 -17.02 4.30 19.47
N PRO A 19 -16.26 4.52 18.43
CA PRO A 19 -15.44 3.45 17.80
C PRO A 19 -14.67 2.63 18.84
N PRO A 20 -14.35 1.41 18.52
CA PRO A 20 -14.69 0.80 17.20
C PRO A 20 -16.11 0.21 17.17
N PHE A 21 -16.86 0.35 18.23
CA PHE A 21 -18.23 -0.20 18.26
C PHE A 21 -19.11 0.53 17.23
N VAL A 22 -20.29 0.05 17.07
CA VAL A 22 -21.24 0.67 16.12
C VAL A 22 -22.59 0.73 16.82
N HIS A 23 -23.37 1.68 16.48
CA HIS A 23 -24.69 1.84 17.12
C HIS A 23 -25.58 0.64 16.80
N ALA A 24 -26.85 0.76 17.08
CA ALA A 24 -27.78 -0.38 16.80
C ALA A 24 -28.44 -0.17 15.43
N HIS A 25 -28.37 -1.17 14.59
CA HIS A 25 -29.00 -1.06 13.24
C HIS A 25 -29.29 -2.46 12.70
N SER A 26 -30.12 -2.56 11.69
CA SER A 26 -30.44 -3.89 11.11
C SER A 26 -29.82 -3.97 9.71
N GLN A 27 -29.31 -5.11 9.36
CA GLN A 27 -28.68 -5.24 8.01
C GLN A 27 -29.76 -4.96 7.01
N VAL A 28 -30.71 -5.83 6.93
CA VAL A 28 -31.84 -5.59 6.00
C VAL A 28 -32.63 -4.37 6.52
N ALA A 29 -33.00 -3.47 5.66
CA ALA A 29 -33.73 -2.25 6.10
C ALA A 29 -35.09 -2.64 6.67
N GLU A 30 -35.48 -1.99 7.72
CA GLU A 30 -36.80 -2.27 8.35
C GLU A 30 -37.76 -1.13 7.99
N GLY A 31 -38.69 -1.39 7.12
CA GLY A 31 -39.64 -0.32 6.71
C GLY A 31 -39.10 0.31 5.44
N GLY A 32 -39.73 1.35 4.99
CA GLY A 32 -39.26 2.01 3.75
C GLY A 32 -38.21 3.07 4.12
N PRO A 33 -37.94 3.95 3.21
CA PRO A 33 -36.94 5.04 3.41
C PRO A 33 -37.28 5.90 4.63
N LYS A 34 -36.30 6.31 5.37
CA LYS A 34 -36.57 7.16 6.57
C LYS A 34 -35.39 8.13 6.84
N VAL A 35 -35.72 9.34 7.23
CA VAL A 35 -34.71 10.37 7.55
C VAL A 35 -34.11 10.04 8.91
N VAL A 36 -32.90 9.59 8.88
CA VAL A 36 -32.18 9.21 10.10
C VAL A 36 -31.54 10.44 10.63
N GLU A 37 -31.72 10.66 11.87
CA GLU A 37 -31.16 11.88 12.49
C GLU A 37 -30.06 11.54 13.49
N PHE A 38 -28.94 12.18 13.35
CA PHE A 38 -27.80 11.96 14.28
C PHE A 38 -27.21 13.32 14.66
N THR A 39 -26.77 13.50 15.88
CA THR A 39 -26.20 14.81 16.30
C THR A 39 -24.82 14.60 16.90
N MET A 40 -23.85 15.35 16.46
CA MET A 40 -22.48 15.19 17.02
C MET A 40 -21.86 16.56 17.36
N VAL A 41 -21.33 16.68 18.56
CA VAL A 41 -20.69 17.94 18.99
C VAL A 41 -19.21 17.77 18.77
N ILE A 42 -18.58 18.77 18.27
CA ILE A 42 -17.13 18.67 17.98
C ILE A 42 -16.35 19.12 19.20
N GLU A 43 -15.32 18.42 19.54
CA GLU A 43 -14.54 18.82 20.74
C GLU A 43 -13.05 18.94 20.41
N GLU A 44 -12.49 20.12 20.54
CA GLU A 44 -11.03 20.28 20.25
C GLU A 44 -10.27 20.17 21.58
N LYS A 45 -9.52 19.11 21.78
CA LYS A 45 -8.80 18.97 23.05
C LYS A 45 -7.46 18.31 22.81
N LYS A 46 -6.69 18.20 23.83
CA LYS A 46 -5.35 17.56 23.69
C LYS A 46 -5.41 16.10 24.14
N ILE A 47 -5.00 15.20 23.29
CA ILE A 47 -5.01 13.76 23.64
C ILE A 47 -3.60 13.17 23.44
N VAL A 48 -3.23 12.24 24.27
CA VAL A 48 -1.93 11.60 24.19
C VAL A 48 -2.06 10.49 23.19
N ILE A 49 -1.05 10.26 22.46
CA ILE A 49 -1.13 9.20 21.40
C ILE A 49 0.18 8.42 21.31
N ASP A 50 0.81 8.18 22.42
CA ASP A 50 2.10 7.41 22.44
C ASP A 50 2.54 7.17 23.91
N ASP A 51 3.18 6.05 24.20
CA ASP A 51 3.62 5.79 25.61
C ASP A 51 4.60 6.88 26.12
N ALA A 52 5.09 7.77 25.29
CA ALA A 52 6.04 8.82 25.77
C ALA A 52 5.30 10.12 26.12
N GLY A 53 4.00 10.11 26.18
CA GLY A 53 3.24 11.37 26.53
C GLY A 53 3.16 12.36 25.34
N THR A 54 3.32 11.91 24.12
CA THR A 54 3.22 12.84 22.96
C THR A 54 1.78 13.34 22.93
N GLU A 55 1.58 14.56 22.60
CA GLU A 55 0.16 15.06 22.61
C GLU A 55 -0.19 15.75 21.29
N VAL A 56 -1.37 15.51 20.79
CA VAL A 56 -1.81 16.18 19.53
C VAL A 56 -3.19 16.86 19.72
N HIS A 57 -3.26 18.16 19.48
CA HIS A 57 -4.54 18.90 19.62
C HIS A 57 -5.53 18.29 18.65
N ALA A 58 -6.30 17.38 19.14
CA ALA A 58 -7.27 16.66 18.28
C ALA A 58 -8.53 17.48 18.05
N MET A 59 -9.07 17.32 16.88
CA MET A 59 -10.31 18.00 16.48
C MET A 59 -11.20 16.82 16.27
N ALA A 60 -12.16 16.65 17.10
CA ALA A 60 -12.86 15.38 16.98
C ALA A 60 -14.32 15.54 16.92
N PHE A 61 -14.87 14.85 16.02
CA PHE A 61 -16.36 14.85 15.90
C PHE A 61 -16.92 13.85 16.92
N ASN A 62 -17.79 14.28 17.80
CA ASN A 62 -18.33 13.34 18.83
C ASN A 62 -17.27 13.09 19.92
N GLY A 63 -16.24 13.90 20.01
CA GLY A 63 -15.18 13.69 21.04
C GLY A 63 -14.38 12.40 20.82
N THR A 64 -14.37 11.81 19.63
CA THR A 64 -13.54 10.56 19.46
C THR A 64 -12.87 10.47 18.06
N VAL A 65 -11.58 10.13 18.01
CA VAL A 65 -10.88 9.95 16.72
C VAL A 65 -10.70 8.45 16.54
N PRO A 66 -11.26 7.91 15.50
CA PRO A 66 -12.02 8.68 14.50
C PRO A 66 -13.49 8.87 14.86
N GLY A 67 -14.13 9.87 14.33
CA GLY A 67 -15.56 10.10 14.63
C GLY A 67 -16.27 8.75 14.66
N PRO A 68 -17.51 8.76 15.03
CA PRO A 68 -18.34 7.52 15.11
C PRO A 68 -18.90 7.10 13.75
N LEU A 69 -19.09 5.82 13.55
CA LEU A 69 -19.63 5.35 12.24
C LEU A 69 -21.18 5.40 12.25
N MET A 70 -21.76 6.19 11.38
CA MET A 70 -23.23 6.28 11.29
C MET A 70 -23.66 5.25 10.26
N VAL A 71 -24.74 4.62 10.48
CA VAL A 71 -25.17 3.57 9.51
C VAL A 71 -26.65 3.72 9.12
N VAL A 72 -26.88 3.87 7.85
CA VAL A 72 -28.26 3.97 7.31
C VAL A 72 -28.32 3.07 6.06
N HIS A 73 -29.46 2.99 5.42
CA HIS A 73 -29.56 2.14 4.22
C HIS A 73 -29.60 3.04 2.98
N GLN A 74 -29.51 2.44 1.83
CA GLN A 74 -29.53 3.21 0.57
C GLN A 74 -30.93 3.78 0.38
N ASP A 75 -31.00 5.02 0.03
CA ASP A 75 -32.34 5.66 -0.16
C ASP A 75 -32.67 6.50 1.08
N ASP A 76 -32.32 6.04 2.25
CA ASP A 76 -32.61 6.80 3.47
C ASP A 76 -31.79 8.10 3.47
N TYR A 77 -32.29 9.12 4.10
CA TYR A 77 -31.58 10.42 4.15
C TYR A 77 -30.95 10.62 5.53
N LEU A 78 -29.71 10.99 5.55
CA LEU A 78 -29.00 11.22 6.82
C LEU A 78 -29.10 12.70 7.14
N GLU A 79 -29.57 13.01 8.30
CA GLU A 79 -29.74 14.42 8.72
C GLU A 79 -28.91 14.59 9.95
N LEU A 80 -27.86 15.31 9.84
CA LEU A 80 -26.97 15.41 11.03
C LEU A 80 -26.87 16.84 11.56
N THR A 81 -27.22 17.00 12.81
CA THR A 81 -27.10 18.34 13.47
C THR A 81 -25.70 18.41 14.11
N LEU A 82 -24.83 19.23 13.58
CA LEU A 82 -23.48 19.35 14.10
C LEU A 82 -23.45 20.54 14.99
N ILE A 83 -22.64 20.51 15.95
CA ILE A 83 -22.58 21.64 16.91
C ILE A 83 -21.13 21.94 17.28
N ASN A 84 -20.75 23.17 17.15
CA ASN A 84 -19.36 23.59 17.51
C ASN A 84 -19.46 24.52 18.71
N PRO A 85 -19.20 24.00 19.87
CA PRO A 85 -19.29 24.74 21.16
C PRO A 85 -18.53 26.07 21.16
N GLU A 86 -18.99 27.01 21.94
CA GLU A 86 -18.28 28.32 22.00
C GLU A 86 -16.87 28.12 22.58
N THR A 87 -16.66 27.10 23.37
CA THR A 87 -15.30 26.87 23.96
C THR A 87 -14.27 26.63 22.86
N ASN A 88 -14.68 26.03 21.77
CA ASN A 88 -13.71 25.74 20.67
C ASN A 88 -13.18 27.06 20.10
N THR A 89 -12.09 27.01 19.39
CA THR A 89 -11.52 28.26 18.81
C THR A 89 -11.31 28.15 17.28
N LEU A 90 -11.80 27.12 16.62
CA LEU A 90 -11.59 27.04 15.13
C LEU A 90 -12.91 26.67 14.42
N MET A 91 -13.24 27.36 13.35
CA MET A 91 -14.49 27.02 12.61
C MET A 91 -14.29 25.68 11.89
N HIS A 92 -15.30 24.84 11.86
CA HIS A 92 -15.16 23.53 11.17
C HIS A 92 -16.17 23.40 10.03
N ASN A 93 -16.49 22.19 9.70
CA ASN A 93 -17.46 21.89 8.60
C ASN A 93 -17.38 20.38 8.32
N ILE A 94 -18.39 19.78 7.72
CA ILE A 94 -18.32 18.31 7.46
C ILE A 94 -18.65 17.99 6.00
N ASP A 95 -17.80 17.22 5.36
CA ASP A 95 -18.05 16.82 3.94
C ASP A 95 -18.17 15.29 3.89
N PHE A 96 -19.34 14.77 3.63
CA PHE A 96 -19.51 13.29 3.59
C PHE A 96 -19.36 12.78 2.15
N HIS A 97 -18.36 12.00 1.91
CA HIS A 97 -18.14 11.43 0.55
C HIS A 97 -19.43 10.76 0.03
N ALA A 98 -20.26 10.23 0.91
CA ALA A 98 -21.51 9.55 0.46
C ALA A 98 -22.62 10.54 0.08
N ALA A 99 -22.34 11.82 0.04
CA ALA A 99 -23.38 12.81 -0.34
C ALA A 99 -23.04 13.39 -1.71
N THR A 100 -23.96 14.11 -2.31
CA THR A 100 -23.68 14.70 -3.65
C THR A 100 -24.12 16.17 -3.70
N GLY A 101 -23.18 17.07 -3.84
CA GLY A 101 -23.51 18.55 -3.93
C GLY A 101 -22.92 19.35 -2.75
N ALA A 102 -22.36 20.53 -3.01
CA ALA A 102 -21.80 21.35 -1.88
C ALA A 102 -20.53 20.72 -1.30
N LEU A 103 -19.61 20.30 -2.13
CA LEU A 103 -18.33 19.73 -1.61
C LEU A 103 -18.61 18.66 -0.57
N GLY A 104 -19.67 17.92 -0.75
CA GLY A 104 -20.00 16.84 0.23
C GLY A 104 -20.61 17.43 1.50
N GLY A 105 -21.23 18.57 1.40
CA GLY A 105 -21.86 19.20 2.61
C GLY A 105 -20.92 20.21 3.29
N GLY A 106 -19.67 20.32 2.90
CA GLY A 106 -18.75 21.29 3.56
C GLY A 106 -19.15 22.74 3.24
N GLY A 107 -19.66 22.99 2.05
CA GLY A 107 -20.04 24.39 1.68
C GLY A 107 -21.31 24.85 2.44
N LEU A 108 -22.02 23.96 3.07
CA LEU A 108 -23.27 24.39 3.80
C LEU A 108 -23.20 23.93 5.27
N THR A 109 -22.03 23.82 5.82
CA THR A 109 -21.89 23.40 7.24
C THR A 109 -20.73 24.14 7.95
N GLU A 110 -20.30 25.28 7.45
CA GLU A 110 -19.21 26.04 8.11
C GLU A 110 -19.78 26.67 9.37
N ILE A 111 -19.37 26.20 10.51
CA ILE A 111 -19.94 26.76 11.76
C ILE A 111 -18.81 27.18 12.68
N ASN A 112 -18.81 28.42 13.06
CA ASN A 112 -17.73 28.91 13.98
C ASN A 112 -18.17 28.69 15.42
N PRO A 113 -17.24 28.67 16.34
CA PRO A 113 -17.54 28.48 17.78
C PRO A 113 -18.85 29.16 18.20
N GLY A 114 -19.75 28.43 18.80
CA GLY A 114 -21.05 29.03 19.21
C GLY A 114 -22.10 28.87 18.10
N GLU A 115 -21.85 28.03 17.12
CA GLU A 115 -22.87 27.87 16.03
C GLU A 115 -23.09 26.38 15.67
N LYS A 116 -24.33 26.00 15.38
CA LYS A 116 -24.62 24.59 14.98
C LYS A 116 -25.58 24.59 13.77
N THR A 117 -25.51 23.61 12.91
CA THR A 117 -26.41 23.61 11.75
C THR A 117 -26.99 22.22 11.59
N ILE A 118 -27.73 22.04 10.56
CA ILE A 118 -28.34 20.71 10.30
C ILE A 118 -28.34 20.48 8.79
N LEU A 119 -27.66 19.47 8.34
CA LEU A 119 -27.61 19.21 6.87
C LEU A 119 -28.16 17.82 6.57
N ARG A 120 -29.05 17.74 5.63
CA ARG A 120 -29.64 16.41 5.27
C ARG A 120 -29.30 16.06 3.81
N PHE A 121 -28.87 14.84 3.57
CA PHE A 121 -28.53 14.41 2.19
C PHE A 121 -29.06 12.98 1.97
N LYS A 122 -29.47 12.69 0.77
CA LYS A 122 -30.00 11.34 0.44
C LYS A 122 -28.84 10.39 0.15
N ALA A 123 -28.82 9.29 0.82
CA ALA A 123 -27.76 8.28 0.63
C ALA A 123 -28.16 7.49 -0.58
N THR A 124 -27.68 7.91 -1.69
CA THR A 124 -28.12 7.25 -2.98
C THR A 124 -27.21 6.08 -3.41
N LYS A 125 -26.08 5.89 -2.80
CA LYS A 125 -25.19 4.78 -3.21
C LYS A 125 -24.81 3.96 -1.99
N PRO A 126 -24.80 2.68 -2.13
CA PRO A 126 -24.47 1.75 -1.02
C PRO A 126 -22.95 1.52 -0.85
N GLY A 127 -22.47 1.56 0.36
CA GLY A 127 -21.01 1.33 0.56
C GLY A 127 -20.47 2.23 1.67
N VAL A 128 -19.39 1.81 2.30
CA VAL A 128 -18.79 2.61 3.37
C VAL A 128 -18.13 3.82 2.73
N PHE A 129 -18.14 4.92 3.40
CA PHE A 129 -17.54 6.12 2.81
C PHE A 129 -16.93 6.93 3.93
N VAL A 130 -15.89 7.65 3.66
CA VAL A 130 -15.26 8.45 4.77
C VAL A 130 -15.75 9.93 4.81
N TYR A 131 -16.17 10.41 5.97
CA TYR A 131 -16.59 11.82 6.11
C TYR A 131 -15.44 12.54 6.82
N HIS A 132 -15.29 13.82 6.61
CA HIS A 132 -14.15 14.53 7.26
C HIS A 132 -14.34 16.05 7.18
N CYS A 133 -13.94 16.78 8.19
CA CYS A 133 -14.09 18.26 8.17
C CYS A 133 -13.09 18.84 7.18
N ALA A 134 -13.43 19.90 6.50
CA ALA A 134 -12.47 20.45 5.51
C ALA A 134 -12.71 21.92 5.25
N PRO A 135 -12.39 22.75 6.19
CA PRO A 135 -12.54 24.23 6.06
C PRO A 135 -11.62 24.78 4.97
N PRO A 136 -12.18 25.46 4.01
CA PRO A 136 -11.41 26.03 2.87
C PRO A 136 -10.05 26.61 3.28
N GLY A 137 -8.97 26.08 2.74
CA GLY A 137 -7.62 26.63 3.08
C GLY A 137 -6.93 25.83 4.22
N MET A 138 -7.64 25.05 4.98
CA MET A 138 -6.98 24.30 6.08
C MET A 138 -7.54 22.89 6.12
N VAL A 139 -7.79 22.34 4.97
CA VAL A 139 -8.36 20.96 4.91
C VAL A 139 -7.41 19.94 5.56
N PRO A 140 -6.25 19.72 4.98
CA PRO A 140 -5.25 18.74 5.47
C PRO A 140 -4.97 18.85 6.97
N TRP A 141 -5.03 20.03 7.51
CA TRP A 141 -4.75 20.17 8.97
C TRP A 141 -5.90 19.59 9.80
N HIS A 142 -7.10 19.96 9.47
CA HIS A 142 -8.28 19.45 10.22
C HIS A 142 -8.39 17.92 10.11
N VAL A 143 -8.07 17.36 8.98
CA VAL A 143 -8.19 15.88 8.82
C VAL A 143 -7.07 15.18 9.60
N VAL A 144 -5.86 15.62 9.44
CA VAL A 144 -4.73 14.97 10.15
C VAL A 144 -4.93 15.11 11.67
N SER A 145 -5.56 16.18 12.09
CA SER A 145 -5.78 16.37 13.55
C SER A 145 -6.77 15.32 14.09
N GLY A 146 -7.30 14.50 13.22
CA GLY A 146 -8.26 13.45 13.69
C GLY A 146 -9.72 13.91 13.47
N MET A 147 -9.98 14.78 12.52
CA MET A 147 -11.38 15.22 12.28
C MET A 147 -11.96 14.45 11.08
N ASN A 148 -12.15 13.18 11.23
CA ASN A 148 -12.70 12.37 10.11
C ASN A 148 -13.14 10.99 10.63
N GLY A 149 -14.14 10.44 10.02
CA GLY A 149 -14.67 9.09 10.44
C GLY A 149 -15.21 8.36 9.20
N ALA A 150 -16.37 7.74 9.29
CA ALA A 150 -16.93 7.03 8.10
C ALA A 150 -18.37 6.57 8.34
N ILE A 151 -19.18 6.57 7.32
CA ILE A 151 -20.59 6.11 7.47
C ILE A 151 -20.84 4.91 6.54
N MET A 152 -21.68 4.00 6.94
CA MET A 152 -21.96 2.80 6.08
C MET A 152 -23.41 2.80 5.60
N VAL A 153 -23.61 2.92 4.32
CA VAL A 153 -24.98 2.90 3.76
C VAL A 153 -25.19 1.51 3.23
N LEU A 154 -25.89 0.71 3.95
CA LEU A 154 -26.03 -0.72 3.52
C LEU A 154 -27.22 -0.92 2.58
N PRO A 155 -27.05 -1.75 1.57
CA PRO A 155 -28.14 -2.07 0.63
C PRO A 155 -29.44 -2.40 1.39
N ARG A 156 -30.56 -1.98 0.89
CA ARG A 156 -31.85 -2.25 1.60
C ARG A 156 -31.99 -3.74 1.91
N GLU A 157 -31.46 -4.58 1.06
CA GLU A 157 -31.57 -6.06 1.30
C GLU A 157 -30.34 -6.62 2.04
N GLY A 158 -29.52 -5.78 2.63
CA GLY A 158 -28.33 -6.30 3.36
C GLY A 158 -27.16 -6.47 2.39
N LEU A 159 -26.12 -7.15 2.82
CA LEU A 159 -24.95 -7.36 1.92
C LEU A 159 -24.95 -8.78 1.34
N HIS A 160 -24.49 -8.94 0.12
CA HIS A 160 -24.44 -10.27 -0.51
C HIS A 160 -23.10 -10.42 -1.24
N ASP A 161 -22.72 -11.61 -1.58
CA ASP A 161 -21.43 -11.82 -2.29
C ASP A 161 -21.56 -11.43 -3.77
N GLY A 162 -20.69 -11.92 -4.62
CA GLY A 162 -20.76 -11.57 -6.07
C GLY A 162 -21.84 -12.42 -6.78
N LYS A 163 -22.22 -13.54 -6.22
CA LYS A 163 -23.26 -14.40 -6.90
C LYS A 163 -24.67 -14.13 -6.32
N GLY A 164 -24.83 -13.16 -5.46
CA GLY A 164 -26.20 -12.88 -4.89
C GLY A 164 -26.42 -13.55 -3.50
N LYS A 165 -25.57 -14.44 -3.06
CA LYS A 165 -25.76 -15.09 -1.75
C LYS A 165 -25.71 -14.05 -0.64
N ALA A 166 -26.60 -14.14 0.30
CA ALA A 166 -26.61 -13.14 1.42
C ALA A 166 -25.44 -13.38 2.40
N LEU A 167 -24.77 -12.33 2.78
CA LEU A 167 -23.64 -12.40 3.74
C LEU A 167 -24.06 -11.58 4.96
N THR A 168 -24.36 -12.24 6.03
CA THR A 168 -24.85 -11.55 7.23
C THR A 168 -23.80 -11.68 8.29
N TYR A 169 -23.43 -10.60 8.84
CA TYR A 169 -22.35 -10.63 9.87
C TYR A 169 -22.95 -10.61 11.28
N ASP A 170 -22.36 -11.34 12.20
CA ASP A 170 -22.86 -11.35 13.60
C ASP A 170 -22.38 -10.09 14.35
N LYS A 171 -21.25 -9.54 13.97
CA LYS A 171 -20.73 -8.33 14.67
C LYS A 171 -19.96 -7.48 13.68
N ILE A 172 -19.88 -6.20 13.92
CA ILE A 172 -19.13 -5.30 12.99
C ILE A 172 -18.35 -4.26 13.80
N TYR A 173 -17.11 -4.06 13.46
CA TYR A 173 -16.28 -3.06 14.16
C TYR A 173 -15.74 -2.07 13.14
N TYR A 174 -15.54 -0.85 13.56
CA TYR A 174 -15.02 0.19 12.62
C TYR A 174 -13.66 0.67 13.13
N VAL A 175 -12.64 0.43 12.37
CA VAL A 175 -11.27 0.84 12.78
C VAL A 175 -10.80 2.00 11.90
N GLY A 176 -10.83 3.19 12.41
CA GLY A 176 -10.38 4.37 11.65
C GLY A 176 -8.88 4.55 11.89
N GLU A 177 -8.14 4.65 10.85
CA GLU A 177 -6.68 4.79 10.96
C GLU A 177 -6.38 6.26 10.81
N GLN A 178 -5.40 6.72 11.51
CA GLN A 178 -5.10 8.18 11.42
C GLN A 178 -3.60 8.41 11.41
N ASP A 179 -3.10 9.04 10.37
CA ASP A 179 -1.64 9.34 10.31
C ASP A 179 -1.40 10.76 10.85
N PHE A 180 -0.68 10.90 11.93
CA PHE A 180 -0.43 12.23 12.48
C PHE A 180 0.92 12.75 12.00
N TYR A 181 1.23 13.93 12.37
CA TYR A 181 2.51 14.57 11.98
C TYR A 181 2.88 15.51 13.11
N VAL A 182 3.55 15.00 14.09
CA VAL A 182 3.86 15.82 15.29
C VAL A 182 5.23 16.44 15.15
N PRO A 183 5.29 17.72 15.34
CA PRO A 183 6.58 18.48 15.24
C PRO A 183 7.56 18.13 16.39
N ARG A 184 8.83 17.96 16.07
CA ARG A 184 9.85 17.64 17.11
C ARG A 184 10.90 18.75 17.13
N ASP A 185 11.49 19.01 18.25
CA ASP A 185 12.52 20.09 18.33
C ASP A 185 13.81 19.62 17.67
N GLU A 186 14.91 20.27 17.96
CA GLU A 186 16.21 19.86 17.35
C GLU A 186 16.73 18.56 17.98
N ASN A 187 16.43 18.31 19.23
CA ASN A 187 16.92 17.06 19.89
C ASN A 187 16.07 15.83 19.55
N GLY A 188 15.01 15.98 18.77
CA GLY A 188 14.17 14.80 18.43
C GLY A 188 13.02 14.59 19.45
N LYS A 189 12.75 15.53 20.32
CA LYS A 189 11.64 15.37 21.30
C LYS A 189 10.37 16.03 20.76
N TYR A 190 9.26 15.35 20.84
CA TYR A 190 7.99 15.91 20.34
C TYR A 190 7.74 17.23 21.05
N LYS A 191 7.20 18.17 20.36
CA LYS A 191 6.94 19.50 20.99
C LYS A 191 5.44 19.64 21.34
N LYS A 192 5.16 20.29 22.44
CA LYS A 192 3.75 20.50 22.84
C LYS A 192 3.45 21.99 22.73
N TYR A 193 2.22 22.34 22.64
CA TYR A 193 1.87 23.77 22.51
C TYR A 193 0.70 24.07 23.42
N GLU A 194 0.35 25.30 23.51
CA GLU A 194 -0.78 25.70 24.39
C GLU A 194 -2.11 25.59 23.63
N ALA A 195 -2.19 26.10 22.42
CA ALA A 195 -3.46 26.02 21.67
C ALA A 195 -3.24 25.28 20.37
N PRO A 196 -4.29 25.04 19.65
CA PRO A 196 -4.24 24.32 18.34
C PRO A 196 -3.56 25.13 17.22
N GLY A 197 -3.74 26.43 17.18
CA GLY A 197 -3.10 27.24 16.09
C GLY A 197 -1.60 27.39 16.33
N ASP A 198 -1.17 27.40 17.55
CA ASP A 198 0.29 27.57 17.84
C ASP A 198 1.11 26.48 17.13
N ALA A 199 0.53 25.35 16.86
CA ALA A 199 1.30 24.25 16.18
C ALA A 199 0.90 24.12 14.70
N TYR A 200 0.35 25.14 14.11
CA TYR A 200 -0.03 25.06 12.66
C TYR A 200 1.21 25.13 11.72
N GLU A 201 2.11 26.07 11.91
CA GLU A 201 3.28 26.17 10.98
C GLU A 201 4.20 24.96 11.14
N ASP A 202 4.51 24.61 12.36
CA ASP A 202 5.42 23.45 12.58
C ASP A 202 4.78 22.16 12.08
N THR A 203 3.49 22.03 12.19
CA THR A 203 2.82 20.79 11.73
C THR A 203 2.84 20.74 10.21
N VAL A 204 2.52 21.82 9.57
CA VAL A 204 2.54 21.84 8.08
C VAL A 204 3.91 21.37 7.59
N LYS A 205 4.95 21.86 8.19
CA LYS A 205 6.31 21.43 7.76
C LYS A 205 6.40 19.91 7.81
N VAL A 206 5.96 19.31 8.88
CA VAL A 206 6.01 17.83 8.99
C VAL A 206 5.09 17.18 7.94
N MET A 207 3.92 17.73 7.74
CA MET A 207 2.98 17.14 6.73
C MET A 207 3.60 17.18 5.33
N ARG A 208 4.33 18.20 4.99
CA ARG A 208 4.94 18.30 3.64
C ARG A 208 5.85 17.10 3.41
N THR A 209 6.55 16.69 4.42
CA THR A 209 7.48 15.53 4.27
C THR A 209 6.71 14.26 3.84
N LEU A 210 5.40 14.26 3.91
CA LEU A 210 4.63 13.05 3.52
C LEU A 210 5.06 11.87 4.37
N THR A 211 5.55 12.11 5.56
CA THR A 211 5.99 10.98 6.43
C THR A 211 5.38 11.18 7.82
N PRO A 212 4.36 10.42 8.13
CA PRO A 212 3.66 10.53 9.46
C PRO A 212 4.51 10.02 10.64
N THR A 213 4.62 10.79 11.70
CA THR A 213 5.41 10.33 12.87
C THR A 213 4.67 9.17 13.57
N HIS A 214 3.36 9.08 13.43
CA HIS A 214 2.62 7.98 14.09
C HIS A 214 1.37 7.64 13.26
N VAL A 215 1.15 6.37 13.03
CA VAL A 215 -0.04 5.95 12.25
C VAL A 215 -0.77 5.00 13.14
N VAL A 216 -1.94 5.30 13.55
CA VAL A 216 -2.56 4.36 14.52
C VAL A 216 -4.03 4.15 14.27
N PHE A 217 -4.60 3.35 15.11
CA PHE A 217 -6.06 3.07 14.98
C PHE A 217 -6.78 3.46 16.27
N ASN A 218 -7.91 4.09 16.16
CA ASN A 218 -8.66 4.51 17.39
C ASN A 218 -8.09 5.80 18.02
N GLY A 219 -7.11 6.43 17.39
CA GLY A 219 -6.54 7.68 17.97
C GLY A 219 -5.32 7.45 18.93
N ALA A 220 -4.69 6.30 18.98
CA ALA A 220 -3.51 6.16 19.90
C ALA A 220 -2.79 4.81 19.70
N VAL A 221 -1.48 4.81 19.72
CA VAL A 221 -0.75 3.52 19.55
C VAL A 221 -1.21 2.55 20.65
N GLY A 222 -1.61 1.37 20.28
CA GLY A 222 -2.11 0.40 21.31
C GLY A 222 -3.57 0.69 21.76
N ALA A 223 -4.35 1.46 21.01
CA ALA A 223 -5.75 1.72 21.44
C ALA A 223 -6.64 0.46 21.27
N LEU A 224 -6.32 -0.44 20.36
CA LEU A 224 -7.17 -1.64 20.16
C LEU A 224 -6.37 -2.91 20.46
N THR A 225 -5.45 -2.83 21.37
CA THR A 225 -4.62 -4.03 21.71
C THR A 225 -4.60 -4.19 23.23
N GLY A 226 -4.35 -5.39 23.71
CA GLY A 226 -4.29 -5.63 25.17
C GLY A 226 -5.71 -5.89 25.68
N ASP A 227 -6.14 -5.15 26.66
CA ASP A 227 -7.53 -5.34 27.19
C ASP A 227 -8.56 -4.73 26.23
N LYS A 228 -8.14 -3.88 25.32
CA LYS A 228 -9.12 -3.25 24.38
C LYS A 228 -9.13 -4.00 23.04
N ALA A 229 -8.56 -5.18 22.98
CA ALA A 229 -8.54 -5.93 21.70
C ALA A 229 -9.98 -6.37 21.35
N MET A 230 -10.37 -6.23 20.10
CA MET A 230 -11.74 -6.63 19.74
C MET A 230 -11.97 -8.05 20.24
N THR A 231 -13.01 -8.65 19.79
CA THR A 231 -13.32 -10.05 20.21
C THR A 231 -14.14 -10.76 19.10
N ALA A 232 -14.00 -12.07 19.02
CA ALA A 232 -14.72 -12.89 18.02
C ALA A 232 -14.56 -14.36 18.39
N ALA A 233 -15.54 -15.19 18.12
CA ALA A 233 -15.42 -16.62 18.48
C ALA A 233 -15.48 -17.48 17.22
N VAL A 234 -14.80 -18.59 17.23
CA VAL A 234 -14.79 -19.48 16.05
C VAL A 234 -16.21 -19.67 15.57
N GLY A 235 -16.42 -19.53 14.30
CA GLY A 235 -17.80 -19.68 13.75
C GLY A 235 -18.54 -18.32 13.69
N GLU A 236 -17.91 -17.25 14.12
CA GLU A 236 -18.58 -15.92 14.10
C GLU A 236 -18.15 -15.17 12.83
N LYS A 237 -19.08 -14.49 12.23
CA LYS A 237 -18.80 -13.73 11.00
C LYS A 237 -18.66 -12.28 11.42
N VAL A 238 -17.62 -11.65 11.04
CA VAL A 238 -17.44 -10.26 11.50
C VAL A 238 -17.02 -9.35 10.36
N LEU A 239 -17.66 -8.23 10.25
CA LEU A 239 -17.33 -7.25 9.20
C LEU A 239 -16.46 -6.16 9.82
N ILE A 240 -15.33 -5.88 9.24
CA ILE A 240 -14.42 -4.86 9.79
C ILE A 240 -14.28 -3.70 8.80
N VAL A 241 -14.92 -2.62 9.10
CA VAL A 241 -14.86 -1.43 8.23
C VAL A 241 -13.63 -0.64 8.61
N HIS A 242 -12.90 -0.20 7.65
CA HIS A 242 -11.66 0.55 7.95
C HIS A 242 -11.64 1.78 7.07
N SER A 243 -11.20 2.87 7.61
CA SER A 243 -11.16 4.13 6.82
C SER A 243 -9.83 4.88 7.02
N GLN A 244 -9.45 5.61 6.02
CA GLN A 244 -8.21 6.44 6.02
C GLN A 244 -8.56 7.67 5.18
N ALA A 245 -8.78 8.77 5.83
CA ALA A 245 -9.24 10.00 5.09
C ALA A 245 -8.12 10.78 4.38
N ASN A 246 -6.89 10.45 4.61
CA ASN A 246 -5.79 11.21 3.94
C ASN A 246 -4.47 10.39 3.90
N ARG A 247 -4.56 9.11 3.66
CA ARG A 247 -3.32 8.27 3.59
C ARG A 247 -3.69 6.85 3.11
N ASP A 248 -2.98 6.28 2.16
CA ASP A 248 -3.35 4.89 1.71
C ASP A 248 -2.81 3.82 2.68
N THR A 249 -3.63 2.85 3.06
CA THR A 249 -3.16 1.78 3.96
C THR A 249 -3.33 0.44 3.25
N ARG A 250 -3.10 -0.61 3.96
CA ARG A 250 -3.24 -1.99 3.38
C ARG A 250 -3.52 -2.96 4.53
N PRO A 251 -4.77 -3.09 4.88
CA PRO A 251 -5.23 -3.95 6.00
C PRO A 251 -4.85 -5.42 5.84
N HIS A 252 -4.59 -6.08 6.94
CA HIS A 252 -4.23 -7.53 6.90
C HIS A 252 -4.47 -8.19 8.29
N LEU A 253 -5.34 -9.18 8.35
CA LEU A 253 -5.61 -9.90 9.63
C LEU A 253 -4.61 -11.04 9.76
N ILE A 254 -3.67 -10.87 10.64
CA ILE A 254 -2.61 -11.88 10.85
C ILE A 254 -3.26 -13.15 11.37
N GLY A 255 -3.07 -14.20 10.68
CA GLY A 255 -3.67 -15.49 11.10
C GLY A 255 -5.01 -15.73 10.38
N GLY A 256 -5.57 -14.72 9.75
CA GLY A 256 -6.86 -14.93 9.05
C GLY A 256 -6.78 -14.34 7.64
N HIS A 257 -7.90 -13.95 7.10
CA HIS A 257 -7.90 -13.37 5.73
C HIS A 257 -9.28 -12.75 5.44
N GLY A 258 -9.34 -11.84 4.53
CA GLY A 258 -10.64 -11.18 4.19
C GLY A 258 -11.39 -12.11 3.24
N ASP A 259 -12.34 -12.82 3.75
CA ASP A 259 -13.10 -13.77 2.89
C ASP A 259 -13.67 -13.00 1.72
N TYR A 260 -14.37 -11.96 2.03
CA TYR A 260 -14.96 -11.08 0.98
C TYR A 260 -14.57 -9.66 1.35
N VAL A 261 -13.94 -8.94 0.47
CA VAL A 261 -13.50 -7.57 0.86
C VAL A 261 -13.84 -6.54 -0.21
N TRP A 262 -14.77 -5.68 0.09
CA TRP A 262 -15.11 -4.58 -0.86
C TRP A 262 -14.02 -3.55 -0.67
N ALA A 263 -12.94 -3.75 -1.35
CA ALA A 263 -11.73 -2.87 -1.16
C ALA A 263 -12.10 -1.44 -1.42
N THR A 264 -12.82 -1.23 -2.45
CA THR A 264 -13.21 0.16 -2.82
C THR A 264 -14.27 0.69 -1.85
N GLY A 265 -14.81 -0.15 -1.01
CA GLY A 265 -15.86 0.33 -0.04
C GLY A 265 -17.23 0.58 -0.74
N LYS A 266 -17.44 0.00 -1.89
CA LYS A 266 -18.72 0.17 -2.62
C LYS A 266 -19.38 -1.21 -2.71
N PHE A 267 -20.60 -1.31 -2.34
CA PHE A 267 -21.28 -2.65 -2.36
C PHE A 267 -21.59 -3.07 -3.80
N ASN A 268 -21.97 -2.14 -4.62
CA ASN A 268 -22.30 -2.48 -6.04
C ASN A 268 -21.09 -3.15 -6.69
N THR A 269 -19.92 -2.77 -6.30
CA THR A 269 -18.70 -3.37 -6.90
C THR A 269 -18.42 -4.71 -6.22
N PRO A 270 -18.44 -5.76 -6.99
CA PRO A 270 -18.21 -7.14 -6.45
C PRO A 270 -17.04 -7.19 -5.45
N PRO A 271 -17.19 -7.89 -4.35
CA PRO A 271 -16.10 -7.97 -3.32
C PRO A 271 -14.99 -8.99 -3.64
N ASP A 272 -13.73 -8.58 -3.74
CA ASP A 272 -12.67 -9.58 -4.00
C ASP A 272 -12.87 -10.70 -3.00
N VAL A 273 -12.17 -11.78 -3.14
CA VAL A 273 -12.37 -12.90 -2.17
C VAL A 273 -11.02 -13.59 -1.86
N ASP A 274 -10.91 -14.13 -0.68
CA ASP A 274 -9.66 -14.84 -0.29
C ASP A 274 -8.56 -13.82 -0.32
N GLN A 275 -8.74 -12.74 0.40
CA GLN A 275 -7.68 -11.68 0.35
C GLN A 275 -6.71 -11.75 1.55
N GLU A 276 -5.41 -11.80 1.29
CA GLU A 276 -4.43 -11.79 2.42
C GLU A 276 -4.20 -10.33 2.90
N THR A 277 -4.14 -9.38 1.99
CA THR A 277 -3.91 -7.96 2.36
C THR A 277 -4.61 -7.10 1.32
N TRP A 278 -5.50 -6.27 1.73
CA TRP A 278 -6.25 -5.45 0.74
C TRP A 278 -5.57 -4.10 0.59
N PHE A 279 -6.24 -3.18 -0.01
CA PHE A 279 -5.65 -1.83 -0.20
C PHE A 279 -6.75 -0.75 -0.26
N ILE A 280 -6.72 0.18 0.66
CA ILE A 280 -7.71 1.28 0.68
C ILE A 280 -6.96 2.59 0.50
N PRO A 281 -7.23 3.28 -0.57
CA PRO A 281 -6.53 4.55 -0.91
C PRO A 281 -6.95 5.75 -0.05
N GLY A 282 -5.99 6.52 0.41
CA GLY A 282 -6.32 7.71 1.21
C GLY A 282 -7.59 8.33 0.64
N GLY A 283 -8.45 8.78 1.49
CA GLY A 283 -9.73 9.37 1.04
C GLY A 283 -10.76 8.26 0.75
N ALA A 284 -10.71 7.15 1.45
CA ALA A 284 -11.73 6.09 1.15
C ALA A 284 -11.84 5.05 2.27
N ALA A 285 -13.01 4.50 2.48
CA ALA A 285 -13.17 3.45 3.54
C ALA A 285 -13.64 2.13 2.89
N GLY A 286 -13.06 1.02 3.27
CA GLY A 286 -13.48 -0.28 2.66
C GLY A 286 -14.13 -1.15 3.72
N ALA A 287 -14.31 -2.42 3.44
CA ALA A 287 -14.95 -3.33 4.42
C ALA A 287 -14.58 -4.78 4.11
N ALA A 288 -14.22 -5.54 5.10
CA ALA A 288 -13.85 -6.96 4.88
C ALA A 288 -14.71 -7.84 5.79
N PHE A 289 -15.18 -8.94 5.28
CA PHE A 289 -16.03 -9.85 6.08
C PHE A 289 -15.32 -11.19 6.20
N TYR A 290 -15.14 -11.69 7.38
CA TYR A 290 -14.41 -12.97 7.52
C TYR A 290 -14.99 -13.80 8.67
N THR A 291 -15.11 -15.07 8.44
CA THR A 291 -15.62 -16.00 9.48
C THR A 291 -14.42 -16.63 10.18
N PHE A 292 -14.31 -16.39 11.45
CA PHE A 292 -13.15 -16.92 12.22
C PHE A 292 -13.24 -18.43 12.32
N GLN A 293 -12.14 -19.09 12.11
CA GLN A 293 -12.12 -20.59 12.20
C GLN A 293 -11.14 -21.09 13.28
N GLN A 294 -10.27 -20.24 13.81
CA GLN A 294 -9.31 -20.71 14.85
C GLN A 294 -9.27 -19.72 16.00
N PRO A 295 -9.22 -20.22 17.20
CA PRO A 295 -9.18 -19.38 18.44
C PRO A 295 -7.76 -18.94 18.78
N GLY A 296 -7.65 -17.86 19.48
CA GLY A 296 -6.29 -17.37 19.85
C GLY A 296 -6.22 -15.86 19.62
N ILE A 297 -5.06 -15.29 19.71
CA ILE A 297 -4.92 -13.83 19.50
C ILE A 297 -4.42 -13.55 18.06
N TYR A 298 -5.10 -12.68 17.36
CA TYR A 298 -4.68 -12.34 15.97
C TYR A 298 -4.48 -10.83 15.88
N ALA A 299 -3.46 -10.40 15.19
CA ALA A 299 -3.20 -8.95 15.07
C ALA A 299 -3.76 -8.49 13.74
N TYR A 300 -4.26 -7.30 13.69
CA TYR A 300 -4.83 -6.82 12.41
C TYR A 300 -4.22 -5.48 12.15
N VAL A 301 -3.46 -5.33 11.12
CA VAL A 301 -2.83 -4.00 10.99
C VAL A 301 -2.39 -3.69 9.57
N ASN A 302 -1.97 -2.48 9.41
CA ASN A 302 -1.48 -2.01 8.10
C ASN A 302 -0.26 -2.83 7.81
N HIS A 303 -0.22 -3.42 6.67
CA HIS A 303 0.94 -4.30 6.40
C HIS A 303 2.18 -3.47 6.46
N ASN A 304 2.23 -2.34 5.82
CA ASN A 304 3.50 -1.58 6.03
C ASN A 304 4.01 -1.97 7.46
N LEU A 305 4.79 -3.03 7.58
CA LEU A 305 5.23 -3.52 8.92
C LEU A 305 5.76 -2.36 9.71
N ILE A 306 6.54 -1.57 9.09
CA ILE A 306 7.11 -0.38 9.80
C ILE A 306 5.97 0.45 10.35
N GLU A 307 5.01 0.76 9.51
CA GLU A 307 3.84 1.55 9.98
C GLU A 307 3.03 0.75 11.06
N ALA A 308 3.00 -0.55 10.98
CA ALA A 308 2.21 -1.34 11.99
C ALA A 308 3.00 -1.64 13.30
N PHE A 309 4.31 -1.74 13.29
CA PHE A 309 5.01 -2.06 14.56
C PHE A 309 5.83 -0.88 15.06
N GLU A 310 6.40 -0.13 14.17
CA GLU A 310 7.22 1.04 14.59
C GLU A 310 6.38 2.33 14.73
N LEU A 311 5.30 2.48 13.99
CA LEU A 311 4.51 3.75 14.10
C LEU A 311 3.36 3.54 15.08
N GLY A 312 2.66 2.46 14.94
CA GLY A 312 1.51 2.18 15.85
C GLY A 312 0.23 1.78 15.06
N ALA A 313 0.34 1.14 13.92
CA ALA A 313 -0.89 0.74 13.18
C ALA A 313 -1.14 -0.77 13.38
N ALA A 314 -1.39 -1.21 14.60
CA ALA A 314 -1.63 -2.66 14.81
C ALA A 314 -2.58 -2.90 16.00
N ALA A 315 -3.70 -3.54 15.76
CA ALA A 315 -4.65 -3.83 16.87
C ALA A 315 -4.67 -5.34 17.05
N HIS A 316 -5.49 -5.85 17.93
CA HIS A 316 -5.50 -7.34 18.10
C HIS A 316 -6.90 -7.87 18.47
N PHE A 317 -7.31 -8.96 17.84
CA PHE A 317 -8.65 -9.56 18.18
C PHE A 317 -8.45 -10.90 18.95
N LYS A 318 -9.09 -11.03 20.10
CA LYS A 318 -8.99 -12.25 20.91
C LYS A 318 -10.18 -13.08 20.51
N VAL A 319 -9.94 -14.30 20.20
CA VAL A 319 -11.04 -15.15 19.73
C VAL A 319 -11.11 -16.39 20.57
N THR A 320 -12.28 -16.77 20.92
CA THR A 320 -12.45 -17.99 21.76
C THR A 320 -13.03 -19.13 20.92
N GLY A 321 -12.82 -20.36 21.32
CA GLY A 321 -13.37 -21.50 20.53
C GLY A 321 -12.43 -22.70 20.62
N GLU A 322 -12.62 -23.66 19.75
CA GLU A 322 -11.75 -24.87 19.77
C GLU A 322 -10.81 -24.82 18.56
N TRP A 323 -9.58 -25.17 18.79
CA TRP A 323 -8.58 -25.16 17.70
C TRP A 323 -8.93 -26.25 16.71
N ASN A 324 -8.54 -26.05 15.50
CA ASN A 324 -8.82 -27.04 14.43
C ASN A 324 -7.50 -27.48 13.85
N ASP A 325 -7.08 -28.67 14.16
CA ASP A 325 -5.77 -29.16 13.67
C ASP A 325 -5.81 -29.33 12.16
N ASP A 326 -6.92 -29.73 11.64
CA ASP A 326 -7.03 -29.92 10.16
C ASP A 326 -6.48 -28.68 9.46
N LEU A 327 -6.87 -27.53 9.90
CA LEU A 327 -6.39 -26.27 9.29
C LEU A 327 -4.91 -26.06 9.61
N MET A 328 -4.46 -26.33 10.82
CA MET A 328 -3.03 -26.10 11.12
C MET A 328 -2.63 -26.86 12.37
N THR A 329 -1.51 -27.53 12.34
CA THR A 329 -1.07 -28.28 13.55
C THR A 329 0.47 -28.32 13.64
N SER A 330 1.03 -28.08 14.80
CA SER A 330 2.52 -28.13 14.95
C SER A 330 2.93 -29.59 15.08
N VAL A 331 3.39 -30.18 14.02
CA VAL A 331 3.79 -31.61 14.08
C VAL A 331 4.94 -31.75 15.04
N LEU A 332 5.92 -30.92 14.89
CA LEU A 332 7.08 -30.97 15.82
C LEU A 332 7.31 -29.57 16.43
N ALA A 333 6.98 -29.39 17.69
CA ALA A 333 7.18 -28.05 18.32
C ALA A 333 8.66 -27.72 18.34
N PRO A 334 9.00 -26.46 18.37
CA PRO A 334 10.40 -26.00 18.40
C PRO A 334 11.26 -26.79 19.40
N SER A 335 12.30 -27.42 18.95
CA SER A 335 13.15 -28.21 19.89
C SER A 335 14.50 -28.46 19.25
N GLY A 336 15.45 -28.90 20.03
CA GLY A 336 16.81 -29.17 19.47
C GLY A 336 16.68 -29.97 18.17
N ALA B 1 -2.20 -8.65 -40.05
CA ALA B 1 -2.32 -8.04 -41.40
C ALA B 1 -0.93 -7.98 -42.06
N THR B 2 -0.87 -8.16 -43.35
CA THR B 2 0.44 -8.10 -44.04
C THR B 2 0.74 -6.66 -44.42
N ALA B 3 1.94 -6.40 -44.86
CA ALA B 3 2.30 -5.01 -45.24
C ALA B 3 1.35 -4.48 -46.33
N ALA B 4 1.03 -5.28 -47.31
CA ALA B 4 0.12 -4.81 -48.40
C ALA B 4 -1.23 -4.38 -47.81
N GLU B 5 -1.72 -5.12 -46.86
CA GLU B 5 -3.04 -4.76 -46.26
C GLU B 5 -2.91 -3.46 -45.47
N ILE B 6 -1.88 -3.35 -44.68
CA ILE B 6 -1.70 -2.10 -43.88
C ILE B 6 -1.55 -0.91 -44.82
N ALA B 7 -0.83 -1.07 -45.90
CA ALA B 7 -0.63 0.06 -46.86
C ALA B 7 -1.97 0.48 -47.50
N ALA B 8 -2.90 -0.44 -47.66
CA ALA B 8 -4.21 -0.08 -48.31
C ALA B 8 -5.22 0.50 -47.29
N LEU B 9 -4.88 0.64 -46.04
CA LEU B 9 -5.87 1.21 -45.06
C LEU B 9 -5.87 2.75 -45.14
N PRO B 10 -7.02 3.35 -44.97
CA PRO B 10 -7.16 4.85 -45.01
C PRO B 10 -6.33 5.56 -43.93
N ARG B 11 -5.69 6.65 -44.28
CA ARG B 11 -4.87 7.40 -43.28
C ARG B 11 -5.64 8.67 -42.89
N GLN B 12 -5.62 9.01 -41.64
CA GLN B 12 -6.33 10.22 -41.16
C GLN B 12 -5.41 11.02 -40.25
N LYS B 13 -5.05 12.20 -40.68
CA LYS B 13 -4.14 13.05 -39.88
C LYS B 13 -4.98 13.75 -38.84
N VAL B 14 -4.48 13.84 -37.66
CA VAL B 14 -5.27 14.49 -36.58
C VAL B 14 -4.46 15.61 -35.90
N GLU B 15 -5.05 16.77 -35.80
CA GLU B 15 -4.38 17.91 -35.14
C GLU B 15 -4.63 17.76 -33.65
N LEU B 16 -3.59 17.76 -32.89
CA LEU B 16 -3.76 17.56 -31.42
C LEU B 16 -3.99 18.90 -30.72
N VAL B 17 -4.69 18.87 -29.62
CA VAL B 17 -4.95 20.11 -28.88
C VAL B 17 -4.11 20.07 -27.60
N ASP B 18 -4.23 21.04 -26.77
CA ASP B 18 -3.42 21.01 -25.52
C ASP B 18 -4.31 20.68 -24.30
N PRO B 19 -3.90 19.75 -23.46
CA PRO B 19 -4.67 19.38 -22.26
C PRO B 19 -5.22 20.62 -21.54
N PRO B 20 -6.28 20.47 -20.78
CA PRO B 20 -6.95 19.15 -20.58
C PRO B 20 -7.92 18.78 -21.73
N PHE B 21 -8.02 19.61 -22.73
CA PHE B 21 -8.94 19.31 -23.86
C PHE B 21 -8.42 18.11 -24.63
N VAL B 22 -9.27 17.57 -25.46
CA VAL B 22 -8.91 16.40 -26.28
C VAL B 22 -9.35 16.68 -27.71
N HIS B 23 -8.58 16.24 -28.64
CA HIS B 23 -8.90 16.48 -30.07
C HIS B 23 -10.24 15.85 -30.42
N ALA B 24 -10.82 16.31 -31.47
CA ALA B 24 -12.13 15.76 -31.92
C ALA B 24 -11.97 14.30 -32.29
N HIS B 25 -12.94 13.51 -31.93
CA HIS B 25 -12.91 12.06 -32.22
C HIS B 25 -14.31 11.49 -31.97
N SER B 26 -14.62 10.37 -32.54
CA SER B 26 -15.96 9.78 -32.34
C SER B 26 -15.84 8.60 -31.39
N GLN B 27 -16.76 8.46 -30.50
CA GLN B 27 -16.68 7.33 -29.53
C GLN B 27 -16.74 6.06 -30.33
N VAL B 28 -17.81 5.88 -31.02
CA VAL B 28 -17.95 4.68 -31.89
C VAL B 28 -17.07 4.90 -33.13
N ALA B 29 -16.31 3.92 -33.50
CA ALA B 29 -15.40 4.06 -34.67
C ALA B 29 -16.22 4.23 -35.95
N GLU B 30 -15.81 5.13 -36.79
CA GLU B 30 -16.53 5.36 -38.08
C GLU B 30 -15.72 4.71 -39.20
N GLY B 31 -16.16 3.58 -39.69
CA GLY B 31 -15.41 2.89 -40.76
C GLY B 31 -14.53 1.80 -40.13
N GLY B 32 -13.76 1.09 -40.93
CA GLY B 32 -12.89 0.01 -40.38
C GLY B 32 -11.58 0.63 -39.85
N PRO B 33 -10.57 -0.19 -39.67
CA PRO B 33 -9.24 0.25 -39.16
C PRO B 33 -8.59 1.32 -40.03
N LYS B 34 -7.97 2.29 -39.42
CA LYS B 34 -7.29 3.38 -40.20
C LYS B 34 -5.99 3.83 -39.50
N VAL B 35 -4.96 4.08 -40.28
CA VAL B 35 -3.66 4.56 -39.74
C VAL B 35 -3.81 6.02 -39.36
N VAL B 36 -3.85 6.24 -38.09
CA VAL B 36 -4.01 7.59 -37.55
C VAL B 36 -2.65 8.20 -37.51
N GLU B 37 -2.59 9.40 -37.91
CA GLU B 37 -1.25 10.07 -37.97
C GLU B 37 -1.21 11.26 -37.02
N PHE B 38 -0.22 11.29 -36.18
CA PHE B 38 -0.06 12.44 -35.23
C PHE B 38 1.42 12.88 -35.20
N THR B 39 1.69 14.16 -35.15
CA THR B 39 3.11 14.62 -35.13
C THR B 39 3.32 15.53 -33.92
N MET B 40 4.34 15.28 -33.14
CA MET B 40 4.60 16.13 -31.95
C MET B 40 6.09 16.51 -31.85
N VAL B 41 6.37 17.78 -31.73
CA VAL B 41 7.76 18.26 -31.60
C VAL B 41 8.03 18.42 -30.11
N ILE B 42 9.15 17.99 -29.68
CA ILE B 42 9.48 18.06 -28.24
C ILE B 42 10.19 19.36 -27.97
N GLU B 43 9.82 20.03 -26.93
CA GLU B 43 10.50 21.34 -26.66
C GLU B 43 10.99 21.41 -25.22
N GLU B 44 12.28 21.38 -24.99
CA GLU B 44 12.78 21.50 -23.59
C GLU B 44 12.85 22.99 -23.23
N LYS B 45 11.96 23.49 -22.40
CA LYS B 45 12.02 24.92 -22.09
C LYS B 45 11.81 25.12 -20.61
N LYS B 46 11.68 26.33 -20.22
CA LYS B 46 11.45 26.64 -18.79
C LYS B 46 10.00 27.05 -18.55
N ILE B 47 9.35 26.39 -17.62
CA ILE B 47 7.94 26.71 -17.30
C ILE B 47 7.81 26.95 -15.79
N VAL B 48 6.90 27.79 -15.42
CA VAL B 48 6.69 28.11 -14.01
C VAL B 48 5.71 27.11 -13.50
N ILE B 49 5.83 26.76 -12.29
CA ILE B 49 4.89 25.72 -11.75
C ILE B 49 4.03 26.24 -10.59
N ASP B 50 4.34 27.36 -10.01
CA ASP B 50 3.51 27.85 -8.88
C ASP B 50 3.36 29.35 -8.98
N ASP B 51 2.74 29.95 -8.00
CA ASP B 51 2.54 31.42 -8.02
C ASP B 51 3.84 32.13 -7.62
N ALA B 52 4.66 31.49 -6.82
CA ALA B 52 5.94 32.13 -6.39
C ALA B 52 6.91 32.31 -7.58
N GLY B 53 6.67 31.65 -8.68
CA GLY B 53 7.61 31.80 -9.85
C GLY B 53 8.63 30.64 -9.92
N THR B 54 8.41 29.56 -9.20
CA THR B 54 9.35 28.42 -9.25
C THR B 54 9.46 27.98 -10.69
N GLU B 55 10.64 27.72 -11.15
CA GLU B 55 10.78 27.32 -12.59
C GLU B 55 11.43 25.94 -12.73
N VAL B 56 10.91 25.15 -13.64
CA VAL B 56 11.49 23.79 -13.90
C VAL B 56 11.74 23.59 -15.43
N HIS B 57 12.95 23.22 -15.80
CA HIS B 57 13.30 23.00 -17.22
C HIS B 57 12.53 21.79 -17.67
N ALA B 58 11.38 22.02 -18.18
CA ALA B 58 10.50 20.90 -18.59
C ALA B 58 10.85 20.37 -19.97
N MET B 59 10.64 19.10 -20.14
CA MET B 59 10.87 18.41 -21.43
C MET B 59 9.48 18.10 -21.83
N ALA B 60 9.01 18.69 -22.85
CA ALA B 60 7.58 18.50 -23.09
C ALA B 60 7.29 18.13 -24.49
N PHE B 61 6.55 17.10 -24.59
CA PHE B 61 6.09 16.65 -25.93
C PHE B 61 4.96 17.58 -26.38
N ASN B 62 5.08 18.20 -27.53
CA ASN B 62 4.00 19.14 -27.97
C ASN B 62 4.08 20.47 -27.18
N GLY B 63 5.16 20.73 -26.46
CA GLY B 63 5.27 21.99 -25.69
C GLY B 63 4.27 22.04 -24.52
N THR B 64 3.75 20.92 -24.05
CA THR B 64 2.79 21.04 -22.88
C THR B 64 2.90 19.84 -21.90
N VAL B 65 2.95 20.12 -20.59
CA VAL B 65 2.97 19.04 -19.59
C VAL B 65 1.58 18.98 -18.96
N PRO B 66 0.92 17.87 -19.08
CA PRO B 66 1.46 16.67 -19.76
C PRO B 66 1.19 16.68 -21.27
N GLY B 67 2.00 15.97 -22.02
CA GLY B 67 1.77 15.91 -23.48
C GLY B 67 0.28 15.83 -23.76
N PRO B 68 -0.09 15.90 -25.00
CA PRO B 68 -1.52 15.85 -25.42
C PRO B 68 -2.06 14.41 -25.47
N LEU B 69 -3.35 14.24 -25.27
CA LEU B 69 -3.93 12.87 -25.31
C LEU B 69 -4.35 12.49 -26.74
N MET B 70 -3.73 11.48 -27.31
CA MET B 70 -4.08 11.03 -28.66
C MET B 70 -5.19 10.02 -28.51
N VAL B 71 -6.09 9.99 -29.43
CA VAL B 71 -7.24 9.04 -29.29
C VAL B 71 -7.52 8.30 -30.61
N VAL B 72 -7.43 7.01 -30.56
CA VAL B 72 -7.73 6.16 -31.73
C VAL B 72 -8.59 4.98 -31.25
N HIS B 73 -9.00 4.11 -32.12
CA HIS B 73 -9.84 2.97 -31.70
C HIS B 73 -8.99 1.71 -31.68
N GLN B 74 -9.51 0.68 -31.10
CA GLN B 74 -8.76 -0.60 -31.03
C GLN B 74 -8.64 -1.18 -32.42
N ASP B 75 -7.48 -1.60 -32.78
CA ASP B 75 -7.27 -2.16 -34.14
C ASP B 75 -6.58 -1.12 -35.02
N ASP B 76 -6.93 0.14 -34.86
CA ASP B 76 -6.31 1.21 -35.68
C ASP B 76 -4.82 1.34 -35.31
N TYR B 77 -4.00 1.70 -36.26
CA TYR B 77 -2.55 1.85 -36.00
C TYR B 77 -2.23 3.34 -35.78
N LEU B 78 -1.49 3.61 -34.75
CA LEU B 78 -1.10 5.00 -34.41
C LEU B 78 0.29 5.23 -34.98
N GLU B 79 0.40 6.19 -35.83
CA GLU B 79 1.70 6.49 -36.48
C GLU B 79 2.09 7.85 -36.01
N LEU B 80 3.13 7.92 -35.27
CA LEU B 80 3.52 9.26 -34.72
C LEU B 80 4.89 9.73 -35.19
N THR B 81 4.91 10.85 -35.86
CA THR B 81 6.21 11.46 -36.31
C THR B 81 6.70 12.37 -35.17
N LEU B 82 7.77 12.00 -34.53
CA LEU B 82 8.29 12.76 -33.40
C LEU B 82 9.46 13.52 -33.92
N ILE B 83 9.62 14.68 -33.44
CA ILE B 83 10.73 15.54 -33.92
C ILE B 83 11.43 16.23 -32.76
N ASN B 84 12.71 16.07 -32.68
CA ASN B 84 13.52 16.70 -31.60
C ASN B 84 14.36 17.81 -32.26
N PRO B 85 13.89 19.01 -32.17
CA PRO B 85 14.53 20.21 -32.78
C PRO B 85 15.99 20.36 -32.41
N GLU B 86 16.76 20.94 -33.29
CA GLU B 86 18.21 21.14 -33.00
C GLU B 86 18.38 22.08 -31.79
N THR B 87 17.42 22.93 -31.52
CA THR B 87 17.55 23.87 -30.37
C THR B 87 17.66 23.08 -29.05
N ASN B 88 17.12 21.90 -28.99
CA ASN B 88 17.18 21.10 -27.74
C ASN B 88 18.62 20.62 -27.52
N THR B 89 18.92 20.14 -26.34
CA THR B 89 20.31 19.66 -26.06
C THR B 89 20.34 18.19 -25.55
N LEU B 90 19.23 17.47 -25.48
CA LEU B 90 19.31 16.05 -24.99
C LEU B 90 18.53 15.10 -25.91
N MET B 91 19.05 13.91 -26.15
CA MET B 91 18.33 12.94 -27.02
C MET B 91 17.13 12.39 -26.25
N HIS B 92 16.01 12.21 -26.90
CA HIS B 92 14.82 11.69 -26.20
C HIS B 92 14.39 10.34 -26.78
N ASN B 93 13.12 10.06 -26.68
CA ASN B 93 12.56 8.78 -27.20
C ASN B 93 11.14 8.62 -26.62
N ILE B 94 10.27 7.87 -27.27
CA ILE B 94 8.88 7.74 -26.71
C ILE B 94 8.52 6.25 -26.52
N ASP B 95 8.02 5.91 -25.36
CA ASP B 95 7.59 4.51 -25.09
C ASP B 95 6.09 4.51 -24.76
N PHE B 96 5.26 4.04 -25.65
CA PHE B 96 3.79 4.03 -25.39
C PHE B 96 3.38 2.71 -24.74
N HIS B 97 2.91 2.79 -23.53
CA HIS B 97 2.45 1.56 -22.80
C HIS B 97 1.43 0.78 -23.67
N ALA B 98 0.71 1.45 -24.54
CA ALA B 98 -0.32 0.73 -25.37
C ALA B 98 0.29 0.03 -26.60
N ALA B 99 1.59 -0.01 -26.72
CA ALA B 99 2.21 -0.69 -27.89
C ALA B 99 2.91 -1.96 -27.42
N THR B 100 3.29 -2.81 -28.32
CA THR B 100 3.97 -4.08 -27.90
C THR B 100 5.25 -4.32 -28.72
N GLY B 101 6.40 -4.25 -28.10
CA GLY B 101 7.70 -4.53 -28.81
C GLY B 101 8.66 -3.30 -28.79
N ALA B 102 9.93 -3.50 -28.49
CA ALA B 102 10.89 -2.34 -28.51
C ALA B 102 10.65 -1.42 -27.31
N LEU B 103 10.55 -1.99 -26.15
CA LEU B 103 10.35 -1.15 -24.93
C LEU B 103 9.23 -0.12 -25.16
N GLY B 104 8.17 -0.51 -25.80
CA GLY B 104 7.04 0.45 -26.04
C GLY B 104 7.43 1.48 -27.12
N GLY B 105 8.34 1.13 -27.98
CA GLY B 105 8.75 2.10 -29.06
C GLY B 105 9.96 2.95 -28.64
N GLY B 106 10.43 2.83 -27.43
CA GLY B 106 11.60 3.65 -26.99
C GLY B 106 12.89 3.14 -27.64
N GLY B 107 12.96 1.88 -27.99
CA GLY B 107 14.20 1.33 -28.61
C GLY B 107 14.29 1.71 -30.10
N LEU B 108 13.21 2.16 -30.69
CA LEU B 108 13.26 2.53 -32.15
C LEU B 108 12.90 4.02 -32.36
N THR B 109 13.01 4.83 -31.34
CA THR B 109 12.69 6.29 -31.49
C THR B 109 13.75 7.19 -30.81
N GLU B 110 14.94 6.70 -30.55
CA GLU B 110 15.98 7.54 -29.91
C GLU B 110 16.44 8.58 -30.94
N ILE B 111 16.12 9.81 -30.72
CA ILE B 111 16.51 10.85 -31.71
C ILE B 111 17.25 11.98 -31.02
N ASN B 112 18.40 12.30 -31.51
CA ASN B 112 19.18 13.40 -30.88
C ASN B 112 18.82 14.71 -31.56
N PRO B 113 19.06 15.81 -30.92
CA PRO B 113 18.76 17.16 -31.48
C PRO B 113 18.99 17.21 -32.99
N GLY B 114 18.02 17.67 -33.73
CA GLY B 114 18.18 17.73 -35.23
C GLY B 114 17.77 16.40 -35.88
N GLU B 115 17.03 15.55 -35.19
CA GLU B 115 16.61 14.26 -35.82
C GLU B 115 15.13 13.95 -35.52
N LYS B 116 14.42 13.37 -36.46
CA LYS B 116 12.98 13.03 -36.23
C LYS B 116 12.71 11.63 -36.82
N THR B 117 11.78 10.90 -36.27
CA THR B 117 11.49 9.55 -36.82
C THR B 117 9.99 9.36 -36.91
N ILE B 118 9.57 8.20 -37.30
CA ILE B 118 8.13 7.91 -37.42
C ILE B 118 7.88 6.47 -36.97
N LEU B 119 7.17 6.28 -35.91
CA LEU B 119 6.93 4.89 -35.42
C LEU B 119 5.43 4.57 -35.52
N ARG B 120 5.12 3.42 -36.04
CA ARG B 120 3.68 3.03 -36.17
C ARG B 120 3.43 1.71 -35.40
N PHE B 121 2.45 1.70 -34.55
CA PHE B 121 2.14 0.46 -33.77
C PHE B 121 0.63 0.20 -33.80
N LYS B 122 0.26 -1.04 -33.74
CA LYS B 122 -1.18 -1.42 -33.76
C LYS B 122 -1.72 -1.36 -32.34
N ALA B 123 -2.80 -0.67 -32.20
CA ALA B 123 -3.46 -0.50 -30.89
C ALA B 123 -4.30 -1.73 -30.71
N THR B 124 -3.74 -2.68 -30.08
CA THR B 124 -4.47 -4.00 -29.95
C THR B 124 -5.30 -4.13 -28.67
N LYS B 125 -5.20 -3.22 -27.75
CA LYS B 125 -5.99 -3.33 -26.50
C LYS B 125 -6.69 -2.01 -26.22
N PRO B 126 -7.92 -2.08 -25.78
CA PRO B 126 -8.72 -0.87 -25.47
C PRO B 126 -8.48 -0.32 -24.06
N GLY B 127 -8.28 0.97 -23.92
CA GLY B 127 -8.05 1.53 -22.56
C GLY B 127 -7.05 2.69 -22.61
N VAL B 128 -7.10 3.54 -21.62
CA VAL B 128 -6.17 4.70 -21.58
C VAL B 128 -4.83 4.18 -21.11
N PHE B 129 -3.78 4.72 -21.63
CA PHE B 129 -2.44 4.23 -21.24
C PHE B 129 -1.53 5.42 -21.18
N VAL B 130 -0.49 5.34 -20.44
CA VAL B 130 0.44 6.52 -20.35
C VAL B 130 1.72 6.35 -21.21
N TYR B 131 2.04 7.34 -22.04
CA TYR B 131 3.28 7.29 -22.84
C TYR B 131 4.30 8.19 -22.14
N HIS B 132 5.56 7.97 -22.34
CA HIS B 132 6.57 8.82 -21.64
C HIS B 132 7.97 8.55 -22.22
N CYS B 133 8.80 9.58 -22.33
CA CYS B 133 10.16 9.40 -22.88
C CYS B 133 11.02 8.64 -21.88
N ALA B 134 11.94 7.82 -22.32
CA ALA B 134 12.76 7.06 -21.35
C ALA B 134 14.12 6.69 -21.95
N PRO B 135 14.99 7.65 -22.09
CA PRO B 135 16.35 7.41 -22.63
C PRO B 135 17.19 6.55 -21.68
N PRO B 136 17.70 5.44 -22.14
CA PRO B 136 18.51 4.52 -21.30
C PRO B 136 19.50 5.25 -20.36
N GLY B 137 19.35 5.08 -19.06
CA GLY B 137 20.29 5.75 -18.11
C GLY B 137 19.70 7.06 -17.53
N MET B 138 18.68 7.63 -18.13
CA MET B 138 18.13 8.90 -17.59
C MET B 138 16.62 8.87 -17.73
N VAL B 139 16.04 7.75 -17.42
CA VAL B 139 14.55 7.62 -17.54
C VAL B 139 13.82 8.55 -16.56
N PRO B 140 13.92 8.26 -15.28
CA PRO B 140 13.24 9.03 -14.20
C PRO B 140 13.39 10.53 -14.34
N TRP B 141 14.52 10.97 -14.81
CA TRP B 141 14.73 12.44 -14.96
C TRP B 141 13.82 13.00 -16.05
N HIS B 142 13.82 12.37 -17.20
CA HIS B 142 12.97 12.86 -18.33
C HIS B 142 11.47 12.80 -17.96
N VAL B 143 11.04 11.79 -17.26
CA VAL B 143 9.59 11.68 -16.91
C VAL B 143 9.21 12.73 -15.87
N VAL B 144 10.01 12.87 -14.85
CA VAL B 144 9.69 13.87 -13.79
C VAL B 144 9.73 15.26 -14.39
N SER B 145 10.59 15.47 -15.35
CA SER B 145 10.68 16.81 -15.99
C SER B 145 9.38 17.15 -16.74
N GLY B 146 8.44 16.22 -16.80
CA GLY B 146 7.17 16.49 -17.51
C GLY B 146 7.19 15.89 -18.93
N MET B 147 7.97 14.86 -19.17
CA MET B 147 7.98 14.26 -20.54
C MET B 147 7.09 13.02 -20.54
N ASN B 148 5.80 13.21 -20.42
CA ASN B 148 4.87 12.05 -20.41
C ASN B 148 3.42 12.53 -20.55
N GLY B 149 2.60 11.74 -21.16
CA GLY B 149 1.16 12.10 -21.36
C GLY B 149 0.31 10.81 -21.35
N ALA B 150 -0.63 10.65 -22.25
CA ALA B 150 -1.44 9.41 -22.26
C ALA B 150 -2.34 9.34 -23.51
N ILE B 151 -2.55 8.16 -24.04
CA ILE B 151 -3.43 8.02 -25.24
C ILE B 151 -4.64 7.15 -24.88
N MET B 152 -5.75 7.34 -25.53
CA MET B 152 -6.95 6.53 -25.21
C MET B 152 -7.40 5.73 -26.45
N VAL B 153 -7.32 4.43 -26.38
CA VAL B 153 -7.74 3.56 -27.50
C VAL B 153 -9.13 3.10 -27.15
N LEU B 154 -10.12 3.67 -27.75
CA LEU B 154 -11.52 3.30 -27.36
C LEU B 154 -12.05 2.12 -28.17
N PRO B 155 -12.79 1.25 -27.52
CA PRO B 155 -13.42 0.09 -28.19
C PRO B 155 -14.14 0.53 -29.46
N ARG B 156 -14.02 -0.22 -30.52
CA ARG B 156 -14.68 0.17 -31.81
C ARG B 156 -16.15 0.51 -31.57
N GLU B 157 -16.78 -0.15 -30.64
CA GLU B 157 -18.22 0.12 -30.37
C GLU B 157 -18.41 1.17 -29.25
N GLY B 158 -17.39 1.93 -28.91
CA GLY B 158 -17.56 2.96 -27.84
C GLY B 158 -17.33 2.34 -26.47
N LEU B 159 -17.66 3.03 -25.43
CA LEU B 159 -17.47 2.47 -24.06
C LEU B 159 -18.80 1.94 -23.48
N HIS B 160 -18.75 0.82 -22.79
CA HIS B 160 -19.97 0.25 -22.17
C HIS B 160 -19.64 -0.13 -20.73
N ASP B 161 -20.62 -0.26 -19.90
CA ASP B 161 -20.38 -0.61 -18.47
C ASP B 161 -19.90 -2.07 -18.36
N GLY B 162 -19.94 -2.62 -17.18
CA GLY B 162 -19.49 -4.04 -17.00
C GLY B 162 -20.58 -5.07 -17.42
N LYS B 163 -21.76 -4.65 -17.80
CA LYS B 163 -22.81 -5.65 -18.20
C LYS B 163 -23.12 -5.54 -19.70
N GLY B 164 -22.53 -4.60 -20.40
CA GLY B 164 -22.81 -4.45 -21.87
C GLY B 164 -23.58 -3.15 -22.22
N LYS B 165 -24.10 -2.42 -21.26
CA LYS B 165 -24.86 -1.18 -21.57
C LYS B 165 -23.91 -0.15 -22.14
N ALA B 166 -24.36 0.63 -23.08
CA ALA B 166 -23.48 1.67 -23.69
C ALA B 166 -23.39 2.93 -22.79
N LEU B 167 -22.18 3.41 -22.60
CA LEU B 167 -21.94 4.63 -21.79
C LEU B 167 -21.34 5.66 -22.74
N THR B 168 -22.03 6.73 -22.97
CA THR B 168 -21.57 7.75 -23.92
C THR B 168 -21.38 9.01 -23.16
N TYR B 169 -20.24 9.57 -23.25
CA TYR B 169 -19.95 10.81 -22.47
C TYR B 169 -20.17 12.06 -23.35
N ASP B 170 -20.73 13.09 -22.78
CA ASP B 170 -20.95 14.34 -23.57
C ASP B 170 -19.61 15.09 -23.75
N LYS B 171 -18.75 15.04 -22.76
CA LYS B 171 -17.44 15.74 -22.87
C LYS B 171 -16.37 14.91 -22.17
N ILE B 172 -15.14 15.15 -22.48
CA ILE B 172 -14.03 14.38 -21.84
C ILE B 172 -12.81 15.28 -21.63
N TYR B 173 -12.24 15.24 -20.46
CA TYR B 173 -11.06 16.07 -20.15
C TYR B 173 -9.94 15.12 -19.70
N TYR B 174 -8.73 15.48 -19.99
CA TYR B 174 -7.58 14.61 -19.61
C TYR B 174 -6.69 15.38 -18.65
N VAL B 175 -6.65 14.96 -17.43
CA VAL B 175 -5.82 15.66 -16.42
C VAL B 175 -4.57 14.84 -16.10
N GLY B 176 -3.45 15.30 -16.57
CA GLY B 176 -2.17 14.60 -16.31
C GLY B 176 -1.56 15.17 -15.03
N GLU B 177 -1.22 14.32 -14.13
CA GLU B 177 -0.65 14.76 -12.85
C GLU B 177 0.83 14.61 -12.96
N GLN B 178 1.55 15.48 -12.36
CA GLN B 178 3.02 15.39 -12.48
C GLN B 178 3.69 15.74 -11.15
N ASP B 179 4.46 14.83 -10.63
CA ASP B 179 5.17 15.10 -9.34
C ASP B 179 6.58 15.60 -9.67
N PHE B 180 6.91 16.80 -9.29
CA PHE B 180 8.25 17.33 -9.58
C PHE B 180 9.11 17.18 -8.34
N TYR B 181 10.34 17.52 -8.49
CA TYR B 181 11.31 17.42 -7.37
C TYR B 181 12.27 18.58 -7.58
N VAL B 182 11.94 19.70 -7.03
CA VAL B 182 12.77 20.90 -7.26
C VAL B 182 13.75 21.13 -6.14
N PRO B 183 14.98 21.30 -6.49
CA PRO B 183 16.07 21.55 -5.49
C PRO B 183 15.88 22.90 -4.75
N ARG B 184 16.18 22.93 -3.47
CA ARG B 184 16.03 24.19 -2.70
C ARG B 184 17.40 24.56 -2.13
N ASP B 185 17.63 25.81 -1.91
CA ASP B 185 18.96 26.24 -1.37
C ASP B 185 18.97 26.08 0.15
N GLU B 186 19.85 26.77 0.82
CA GLU B 186 19.92 26.66 2.30
C GLU B 186 18.70 27.36 2.93
N ASN B 187 18.27 28.45 2.35
CA ASN B 187 17.10 29.19 2.92
C ASN B 187 15.77 28.43 2.64
N GLY B 188 15.83 27.26 2.06
CA GLY B 188 14.55 26.52 1.77
C GLY B 188 13.81 27.10 0.54
N LYS B 189 14.44 27.96 -0.22
CA LYS B 189 13.77 28.52 -1.43
C LYS B 189 14.16 27.69 -2.64
N TYR B 190 13.28 27.59 -3.59
CA TYR B 190 13.58 26.79 -4.80
C TYR B 190 14.75 27.42 -5.54
N LYS B 191 15.54 26.61 -6.18
CA LYS B 191 16.72 27.16 -6.92
C LYS B 191 16.45 27.15 -8.43
N LYS B 192 16.96 28.13 -9.14
CA LYS B 192 16.76 28.19 -10.59
C LYS B 192 18.11 27.97 -11.26
N TYR B 193 18.12 27.46 -12.44
CA TYR B 193 19.41 27.20 -13.11
C TYR B 193 19.38 27.81 -14.50
N GLU B 194 20.47 27.76 -15.18
CA GLU B 194 20.53 28.33 -16.55
C GLU B 194 20.14 27.26 -17.59
N ALA B 195 20.76 26.11 -17.53
CA ALA B 195 20.43 25.05 -18.50
C ALA B 195 19.93 23.80 -17.75
N PRO B 196 19.19 22.97 -18.43
CA PRO B 196 18.62 21.72 -17.83
C PRO B 196 19.69 20.82 -17.20
N GLY B 197 20.87 20.78 -17.76
CA GLY B 197 21.95 19.90 -17.19
C GLY B 197 22.45 20.42 -15.82
N ASP B 198 22.44 21.71 -15.59
CA ASP B 198 22.96 22.25 -14.29
C ASP B 198 22.04 21.83 -13.14
N ALA B 199 20.85 21.40 -13.43
CA ALA B 199 19.92 20.98 -12.34
C ALA B 199 19.77 19.45 -12.29
N TYR B 200 20.64 18.72 -12.92
CA TYR B 200 20.55 17.22 -12.89
C TYR B 200 21.00 16.61 -11.54
N GLU B 201 22.17 16.95 -11.02
CA GLU B 201 22.65 16.31 -9.75
C GLU B 201 21.78 16.74 -8.57
N ASP B 202 21.45 17.99 -8.51
CA ASP B 202 20.62 18.48 -7.37
C ASP B 202 19.22 17.88 -7.45
N THR B 203 18.72 17.65 -8.63
CA THR B 203 17.36 17.06 -8.77
C THR B 203 17.40 15.60 -8.34
N VAL B 204 18.34 14.86 -8.86
CA VAL B 204 18.44 13.43 -8.48
C VAL B 204 18.37 13.31 -6.96
N LYS B 205 19.13 14.12 -6.26
CA LYS B 205 19.10 14.06 -4.77
C LYS B 205 17.65 14.17 -4.27
N VAL B 206 16.91 15.12 -4.78
CA VAL B 206 15.49 15.27 -4.35
C VAL B 206 14.67 14.06 -4.79
N MET B 207 14.90 13.59 -5.99
CA MET B 207 14.12 12.41 -6.48
C MET B 207 14.36 11.18 -5.58
N ARG B 208 15.54 11.03 -5.04
CA ARG B 208 15.82 9.84 -4.18
C ARG B 208 14.95 9.89 -2.93
N THR B 209 14.71 11.06 -2.41
CA THR B 209 13.86 11.18 -1.18
C THR B 209 12.43 10.66 -1.43
N LEU B 210 12.08 10.35 -2.66
CA LEU B 210 10.70 9.86 -2.93
C LEU B 210 9.69 10.85 -2.35
N THR B 211 10.02 12.12 -2.36
CA THR B 211 9.08 13.13 -1.81
C THR B 211 9.04 14.32 -2.76
N PRO B 212 8.03 14.39 -3.57
CA PRO B 212 7.87 15.51 -4.56
C PRO B 212 7.58 16.87 -3.91
N THR B 213 8.29 17.92 -4.29
CA THR B 213 8.03 19.26 -3.70
C THR B 213 6.70 19.81 -4.25
N HIS B 214 6.26 19.37 -5.40
CA HIS B 214 4.98 19.88 -5.97
C HIS B 214 4.32 18.78 -6.82
N VAL B 215 3.06 18.54 -6.59
CA VAL B 215 2.35 17.50 -7.37
C VAL B 215 1.19 18.23 -7.97
N VAL B 216 1.12 18.34 -9.26
CA VAL B 216 0.01 19.17 -9.76
C VAL B 216 -0.62 18.61 -11.01
N PHE B 217 -1.55 19.34 -11.52
CA PHE B 217 -2.26 18.88 -12.75
C PHE B 217 -2.09 19.94 -13.84
N ASN B 218 -1.87 19.51 -15.06
CA ASN B 218 -1.70 20.50 -16.17
C ASN B 218 -0.30 21.18 -16.16
N GLY B 219 0.61 20.77 -15.31
CA GLY B 219 1.96 21.40 -15.29
C GLY B 219 2.12 22.54 -14.23
N ALA B 220 1.14 22.85 -13.38
CA ALA B 220 1.40 23.95 -12.40
C ALA B 220 0.31 24.01 -11.33
N VAL B 221 0.67 24.38 -10.13
CA VAL B 221 -0.35 24.48 -9.05
C VAL B 221 -1.40 25.52 -9.48
N GLY B 222 -2.65 25.16 -9.42
CA GLY B 222 -3.72 26.12 -9.85
C GLY B 222 -3.80 26.22 -11.39
N ALA B 223 -3.37 25.21 -12.13
CA ALA B 223 -3.45 25.28 -13.63
C ALA B 223 -4.91 25.08 -14.11
N LEU B 224 -5.72 24.32 -13.41
CA LEU B 224 -7.12 24.07 -13.85
C LEU B 224 -8.13 24.78 -12.93
N THR B 225 -7.89 26.02 -12.63
CA THR B 225 -8.82 26.80 -11.77
C THR B 225 -9.00 28.18 -12.38
N GLY B 226 -9.88 28.97 -11.86
CA GLY B 226 -10.11 30.33 -12.41
C GLY B 226 -10.72 30.19 -13.78
N ASP B 227 -10.26 30.97 -14.72
CA ASP B 227 -10.81 30.87 -16.10
C ASP B 227 -10.47 29.50 -16.70
N LYS B 228 -9.49 28.81 -16.17
CA LYS B 228 -9.13 27.47 -16.72
C LYS B 228 -9.88 26.34 -16.00
N ALA B 229 -10.71 26.64 -15.02
CA ALA B 229 -11.45 25.55 -14.31
C ALA B 229 -12.35 24.79 -15.30
N MET B 230 -12.32 23.48 -15.28
CA MET B 230 -13.17 22.71 -16.20
C MET B 230 -14.60 23.20 -16.06
N THR B 231 -15.47 22.70 -16.86
CA THR B 231 -16.90 23.13 -16.80
C THR B 231 -17.83 21.94 -17.09
N ALA B 232 -18.97 21.94 -16.48
CA ALA B 232 -19.98 20.86 -16.68
C ALA B 232 -21.32 21.34 -16.13
N ALA B 233 -22.42 20.80 -16.61
CA ALA B 233 -23.74 21.25 -16.12
C ALA B 233 -24.53 20.04 -15.62
N VAL B 234 -25.46 20.29 -14.75
CA VAL B 234 -26.30 19.20 -14.20
C VAL B 234 -26.85 18.37 -15.35
N GLY B 235 -26.72 17.10 -15.26
CA GLY B 235 -27.23 16.21 -16.36
C GLY B 235 -26.14 15.95 -17.44
N GLU B 236 -24.96 16.50 -17.28
CA GLU B 236 -23.88 16.27 -18.28
C GLU B 236 -23.04 15.07 -17.85
N LYS B 237 -22.70 14.25 -18.78
CA LYS B 237 -21.88 13.06 -18.48
C LYS B 237 -20.47 13.40 -18.91
N VAL B 238 -19.55 13.27 -18.03
CA VAL B 238 -18.16 13.66 -18.39
C VAL B 238 -17.17 12.57 -18.01
N LEU B 239 -16.32 12.24 -18.93
CA LEU B 239 -15.29 11.21 -18.65
C LEU B 239 -13.96 11.92 -18.38
N ILE B 240 -13.39 11.69 -17.24
CA ILE B 240 -12.11 12.38 -16.89
C ILE B 240 -10.96 11.37 -16.84
N VAL B 241 -10.13 11.41 -17.84
CA VAL B 241 -8.97 10.49 -17.89
C VAL B 241 -7.86 11.13 -17.08
N HIS B 242 -7.18 10.35 -16.33
CA HIS B 242 -6.11 10.91 -15.48
C HIS B 242 -4.91 9.98 -15.57
N SER B 243 -3.76 10.54 -15.67
CA SER B 243 -2.54 9.69 -15.78
C SER B 243 -1.42 10.18 -14.85
N GLN B 244 -0.60 9.25 -14.42
CA GLN B 244 0.56 9.53 -13.53
C GLN B 244 1.67 8.57 -13.98
N ALA B 245 2.64 9.07 -14.69
CA ALA B 245 3.73 8.20 -15.24
C ALA B 245 4.97 8.33 -14.38
N ASN B 246 4.78 8.25 -13.11
CA ASN B 246 5.91 8.34 -12.15
C ASN B 246 5.39 8.51 -10.69
N ARG B 247 4.22 7.99 -10.32
CA ARG B 247 3.78 8.17 -8.91
C ARG B 247 2.34 7.72 -8.76
N ASP B 248 2.01 7.07 -7.66
CA ASP B 248 0.59 6.63 -7.49
C ASP B 248 -0.31 7.78 -6.95
N THR B 249 -1.49 7.98 -7.52
CA THR B 249 -2.39 9.03 -7.03
C THR B 249 -3.73 8.38 -6.67
N ARG B 250 -4.63 9.15 -6.18
CA ARG B 250 -5.97 8.61 -5.78
C ARG B 250 -7.01 9.71 -6.02
N PRO B 251 -7.49 9.80 -7.23
CA PRO B 251 -8.48 10.82 -7.66
C PRO B 251 -9.75 10.85 -6.82
N HIS B 252 -10.33 12.00 -6.70
CA HIS B 252 -11.60 12.15 -5.92
C HIS B 252 -12.31 13.49 -6.26
N LEU B 253 -13.52 13.43 -6.77
CA LEU B 253 -14.28 14.66 -7.10
C LEU B 253 -15.07 15.09 -5.87
N ILE B 254 -14.66 16.16 -5.27
CA ILE B 254 -15.31 16.68 -4.06
C ILE B 254 -16.73 17.06 -4.39
N GLY B 255 -17.64 16.50 -3.69
CA GLY B 255 -19.07 16.80 -3.95
C GLY B 255 -19.66 15.80 -4.97
N GLY B 256 -18.84 15.00 -5.61
CA GLY B 256 -19.38 14.03 -6.60
C GLY B 256 -18.81 12.63 -6.34
N HIS B 257 -18.73 11.84 -7.36
CA HIS B 257 -18.19 10.47 -7.23
C HIS B 257 -18.04 9.86 -8.63
N GLY B 258 -17.20 8.88 -8.75
CA GLY B 258 -16.99 8.23 -10.08
C GLY B 258 -18.07 7.18 -10.27
N ASP B 259 -19.02 7.47 -11.08
CA ASP B 259 -20.13 6.50 -11.30
C ASP B 259 -19.53 5.19 -11.78
N TYR B 260 -18.74 5.27 -12.79
CA TYR B 260 -18.07 4.07 -13.34
C TYR B 260 -16.60 4.42 -13.48
N VAL B 261 -15.72 3.67 -12.88
CA VAL B 261 -14.29 4.07 -12.98
C VAL B 261 -13.37 2.90 -13.35
N TRP B 262 -12.84 2.92 -14.54
CA TRP B 262 -11.88 1.88 -14.96
C TRP B 262 -10.57 2.26 -14.29
N ALA B 263 -10.43 1.84 -13.08
CA ALA B 263 -9.25 2.27 -12.26
C ALA B 263 -7.97 1.84 -12.93
N THR B 264 -8.00 0.68 -13.48
CA THR B 264 -6.79 0.16 -14.15
C THR B 264 -6.62 0.81 -15.53
N GLY B 265 -7.59 1.56 -15.97
CA GLY B 265 -7.46 2.21 -17.33
C GLY B 265 -7.58 1.17 -18.47
N LYS B 266 -8.25 0.07 -18.24
CA LYS B 266 -8.43 -0.98 -19.28
C LYS B 266 -9.94 -1.14 -19.47
N PHE B 267 -10.40 -1.00 -20.68
CA PHE B 267 -11.87 -1.10 -20.92
C PHE B 267 -12.37 -2.53 -20.71
N ASN B 268 -11.60 -3.51 -21.11
CA ASN B 268 -12.05 -4.91 -20.96
C ASN B 268 -12.27 -5.24 -19.49
N THR B 269 -11.52 -4.61 -18.63
CA THR B 269 -11.66 -4.87 -17.18
C THR B 269 -12.87 -4.09 -16.66
N PRO B 270 -13.87 -4.79 -16.22
CA PRO B 270 -15.12 -4.14 -15.71
C PRO B 270 -14.83 -2.91 -14.84
N PRO B 271 -15.55 -1.81 -15.04
CA PRO B 271 -15.31 -0.56 -14.24
C PRO B 271 -15.98 -0.57 -12.84
N ASP B 272 -15.21 -0.34 -11.77
CA ASP B 272 -15.86 -0.30 -10.44
C ASP B 272 -17.03 0.66 -10.55
N VAL B 273 -17.82 0.78 -9.54
CA VAL B 273 -18.98 1.72 -9.63
C VAL B 273 -19.25 2.41 -8.28
N ASP B 274 -19.76 3.61 -8.32
CA ASP B 274 -20.07 4.34 -7.07
C ASP B 274 -18.78 4.50 -6.32
N GLN B 275 -17.81 5.08 -6.94
CA GLN B 275 -16.48 5.21 -6.23
C GLN B 275 -16.27 6.62 -5.63
N GLU B 276 -15.92 6.68 -4.35
CA GLU B 276 -15.64 8.01 -3.73
C GLU B 276 -14.19 8.45 -4.06
N THR B 277 -13.26 7.52 -4.04
CA THR B 277 -11.84 7.85 -4.35
C THR B 277 -11.22 6.61 -5.00
N TRP B 278 -10.70 6.75 -6.17
CA TRP B 278 -10.13 5.57 -6.86
C TRP B 278 -8.63 5.48 -6.59
N PHE B 279 -7.94 4.74 -7.40
CA PHE B 279 -6.47 4.59 -7.20
C PHE B 279 -5.78 4.22 -8.53
N ILE B 280 -4.89 5.07 -8.97
CA ILE B 280 -4.14 4.81 -10.24
C ILE B 280 -2.67 4.73 -9.89
N PRO B 281 -2.07 3.58 -10.08
CA PRO B 281 -0.65 3.33 -9.72
C PRO B 281 0.36 4.01 -10.66
N GLY B 282 1.36 4.62 -10.11
CA GLY B 282 2.40 5.26 -10.95
C GLY B 282 2.64 4.37 -12.15
N GLY B 283 2.79 4.94 -13.30
CA GLY B 283 3.00 4.16 -14.52
C GLY B 283 1.66 3.72 -15.10
N ALA B 284 0.59 4.48 -14.91
CA ALA B 284 -0.71 4.01 -15.49
C ALA B 284 -1.75 5.13 -15.56
N ALA B 285 -2.64 5.08 -16.53
CA ALA B 285 -3.71 6.12 -16.64
C ALA B 285 -5.09 5.45 -16.50
N GLY B 286 -5.99 6.03 -15.73
CA GLY B 286 -7.33 5.41 -15.57
C GLY B 286 -8.39 6.31 -16.20
N ALA B 287 -9.63 6.09 -15.88
CA ALA B 287 -10.73 6.92 -16.46
C ALA B 287 -11.98 6.79 -15.58
N ALA B 288 -12.62 7.89 -15.30
CA ALA B 288 -13.85 7.87 -14.46
C ALA B 288 -14.97 8.61 -15.20
N PHE B 289 -16.14 8.05 -15.21
CA PHE B 289 -17.28 8.69 -15.91
C PHE B 289 -18.34 9.04 -14.87
N TYR B 290 -18.78 10.26 -14.85
CA TYR B 290 -19.79 10.63 -13.83
C TYR B 290 -20.76 11.68 -14.38
N THR B 291 -22.01 11.50 -14.09
CA THR B 291 -23.05 12.47 -14.54
C THR B 291 -23.31 13.44 -13.40
N PHE B 292 -23.05 14.69 -13.63
CA PHE B 292 -23.25 15.72 -12.57
C PHE B 292 -24.72 15.85 -12.22
N GLN B 293 -25.00 16.00 -10.96
CA GLN B 293 -26.43 16.16 -10.53
C GLN B 293 -26.63 17.48 -9.75
N GLN B 294 -25.58 18.12 -9.28
CA GLN B 294 -25.75 19.39 -8.52
C GLN B 294 -24.83 20.46 -9.09
N PRO B 295 -25.31 21.68 -9.15
CA PRO B 295 -24.53 22.83 -9.67
C PRO B 295 -23.67 23.47 -8.60
N GLY B 296 -22.64 24.16 -9.00
CA GLY B 296 -21.75 24.82 -8.01
C GLY B 296 -20.29 24.57 -8.39
N ILE B 297 -19.40 24.81 -7.48
CA ILE B 297 -17.95 24.58 -7.78
C ILE B 297 -17.44 23.35 -7.03
N TYR B 298 -16.87 22.41 -7.73
CA TYR B 298 -16.36 21.19 -7.08
C TYR B 298 -14.86 21.07 -7.34
N ALA B 299 -14.12 20.58 -6.38
CA ALA B 299 -12.65 20.44 -6.55
C ALA B 299 -12.34 18.99 -6.85
N TYR B 300 -11.49 18.74 -7.81
CA TYR B 300 -11.16 17.33 -8.14
C TYR B 300 -9.70 17.16 -7.86
N VAL B 301 -9.34 16.33 -6.94
CA VAL B 301 -7.88 16.27 -6.68
C VAL B 301 -7.44 14.98 -6.03
N ASN B 302 -6.16 14.84 -5.92
CA ASN B 302 -5.57 13.65 -5.29
C ASN B 302 -5.98 13.70 -3.85
N HIS B 303 -6.52 12.65 -3.36
CA HIS B 303 -7.00 12.70 -1.96
C HIS B 303 -5.83 12.99 -1.07
N ASN B 304 -4.72 12.32 -1.22
CA ASN B 304 -3.62 12.76 -0.31
C ASN B 304 -3.88 14.28 -0.02
N LEU B 305 -4.66 14.61 1.00
CA LEU B 305 -5.02 16.03 1.27
C LEU B 305 -3.78 16.89 1.19
N ILE B 306 -2.74 16.42 1.78
CA ILE B 306 -1.47 17.20 1.76
C ILE B 306 -1.06 17.42 0.31
N GLU B 307 -1.03 16.37 -0.45
CA GLU B 307 -0.65 16.50 -1.89
C GLU B 307 -1.67 17.39 -2.64
N ALA B 308 -2.94 17.34 -2.29
CA ALA B 308 -3.95 18.17 -3.01
C ALA B 308 -4.02 19.66 -2.53
N PHE B 309 -3.66 19.99 -1.30
CA PHE B 309 -3.79 21.42 -0.89
C PHE B 309 -2.41 22.03 -0.64
N GLU B 310 -1.53 21.28 -0.06
CA GLU B 310 -0.16 21.82 0.23
C GLU B 310 0.80 21.65 -0.97
N LEU B 311 0.64 20.66 -1.81
CA LEU B 311 1.60 20.49 -2.94
C LEU B 311 1.06 21.17 -4.19
N GLY B 312 -0.18 20.98 -4.47
CA GLY B 312 -0.81 21.60 -5.68
C GLY B 312 -1.54 20.55 -6.55
N ALA B 313 -2.15 19.51 -5.98
CA ALA B 313 -2.87 18.54 -6.84
C ALA B 313 -4.39 18.76 -6.71
N ALA B 314 -4.89 19.92 -7.07
CA ALA B 314 -6.36 20.15 -6.95
C ALA B 314 -6.86 21.10 -8.04
N ALA B 315 -7.79 20.66 -8.86
CA ALA B 315 -8.34 21.54 -9.91
C ALA B 315 -9.76 21.90 -9.51
N HIS B 316 -10.49 22.58 -10.33
CA HIS B 316 -11.89 22.93 -9.92
C HIS B 316 -12.85 22.91 -11.11
N PHE B 317 -14.00 22.28 -10.98
CA PHE B 317 -14.99 22.27 -12.10
C PHE B 317 -16.25 23.11 -11.75
N LYS B 318 -16.56 24.11 -12.56
CA LYS B 318 -17.74 24.95 -12.32
C LYS B 318 -18.90 24.26 -13.01
N VAL B 319 -20.01 24.17 -12.37
CA VAL B 319 -21.14 23.46 -12.98
C VAL B 319 -22.38 24.32 -12.88
N THR B 320 -23.05 24.47 -13.98
CA THR B 320 -24.29 25.29 -14.00
C THR B 320 -25.52 24.38 -13.94
N GLY B 321 -26.62 24.88 -13.45
CA GLY B 321 -27.84 24.04 -13.37
C GLY B 321 -28.70 24.48 -12.17
N GLU B 322 -29.61 23.63 -11.76
CA GLU B 322 -30.50 23.96 -10.62
C GLU B 322 -30.16 23.03 -9.46
N TRP B 323 -30.16 23.55 -8.29
CA TRP B 323 -29.83 22.74 -7.10
C TRP B 323 -30.93 21.72 -6.88
N ASN B 324 -30.58 20.66 -6.26
CA ASN B 324 -31.58 19.57 -5.99
C ASN B 324 -31.60 19.31 -4.49
N ASP B 325 -32.61 19.81 -3.83
CA ASP B 325 -32.70 19.63 -2.36
C ASP B 325 -32.85 18.14 -2.05
N ASP B 326 -33.64 17.46 -2.81
CA ASP B 326 -33.84 16.01 -2.56
C ASP B 326 -32.48 15.36 -2.26
N LEU B 327 -31.50 15.64 -3.07
CA LEU B 327 -30.14 15.06 -2.84
C LEU B 327 -29.48 15.70 -1.61
N MET B 328 -29.61 17.00 -1.43
CA MET B 328 -28.96 17.62 -0.25
C MET B 328 -29.62 18.95 0.05
N THR B 329 -29.84 19.24 1.30
CA THR B 329 -30.48 20.54 1.66
C THR B 329 -30.06 20.98 3.06
N SER B 330 -29.70 22.23 3.22
CA SER B 330 -29.29 22.73 4.55
C SER B 330 -30.55 23.04 5.37
N VAL B 331 -30.97 22.13 6.20
CA VAL B 331 -32.20 22.37 7.00
C VAL B 331 -31.99 23.58 7.89
N LEU B 332 -30.87 23.64 8.53
CA LEU B 332 -30.58 24.81 9.42
C LEU B 332 -29.20 25.39 9.07
N ALA B 333 -29.16 26.54 8.47
CA ALA B 333 -27.85 27.14 8.11
C ALA B 333 -27.08 27.47 9.39
N PRO B 334 -25.79 27.52 9.32
CA PRO B 334 -24.92 27.82 10.49
C PRO B 334 -25.44 29.02 11.29
N SER B 335 -25.82 28.81 12.52
CA SER B 335 -26.33 29.94 13.33
C SER B 335 -25.93 29.74 14.79
N GLY B 336 -26.47 30.55 15.66
CA GLY B 336 -26.14 30.41 17.11
C GLY B 336 -26.86 29.20 17.69
N ALA C 1 -11.21 -32.67 7.41
CA ALA C 1 -10.76 -34.09 7.46
C ALA C 1 -10.30 -34.42 8.89
N THR C 2 -10.35 -35.67 9.27
CA THR C 2 -9.92 -36.05 10.63
C THR C 2 -8.43 -36.40 10.60
N ALA C 3 -7.83 -36.54 11.75
CA ALA C 3 -6.38 -36.88 11.79
C ALA C 3 -6.14 -38.18 11.02
N ALA C 4 -6.97 -39.16 11.19
CA ALA C 4 -6.77 -40.46 10.47
C ALA C 4 -6.80 -40.21 8.97
N GLU C 5 -7.77 -39.46 8.50
CA GLU C 5 -7.85 -39.19 7.03
C GLU C 5 -6.57 -38.50 6.55
N ILE C 6 -6.08 -37.55 7.30
CA ILE C 6 -4.84 -36.83 6.88
C ILE C 6 -3.63 -37.79 6.91
N ALA C 7 -3.61 -38.68 7.86
CA ALA C 7 -2.45 -39.62 7.95
C ALA C 7 -2.44 -40.60 6.76
N ALA C 8 -3.57 -40.86 6.16
CA ALA C 8 -3.61 -41.82 5.02
C ALA C 8 -3.39 -41.10 3.67
N LEU C 9 -3.22 -39.81 3.65
CA LEU C 9 -3.01 -39.10 2.34
C LEU C 9 -1.55 -39.30 1.88
N PRO C 10 -1.33 -39.40 0.60
CA PRO C 10 0.04 -39.59 0.03
C PRO C 10 0.95 -38.37 0.28
N ARG C 11 2.18 -38.58 0.71
CA ARG C 11 3.09 -37.43 0.96
C ARG C 11 4.13 -37.33 -0.18
N GLN C 12 4.42 -36.13 -0.61
CA GLN C 12 5.42 -35.93 -1.69
C GLN C 12 6.46 -34.89 -1.24
N LYS C 13 7.71 -35.26 -1.24
CA LYS C 13 8.78 -34.34 -0.82
C LYS C 13 9.21 -33.55 -2.04
N VAL C 14 9.40 -32.29 -1.86
CA VAL C 14 9.80 -31.45 -3.01
C VAL C 14 11.11 -30.73 -2.72
N GLU C 15 11.97 -30.69 -3.70
CA GLU C 15 13.27 -30.01 -3.57
C GLU C 15 13.09 -28.59 -4.08
N LEU C 16 13.38 -27.64 -3.27
CA LEU C 16 13.17 -26.22 -3.67
C LEU C 16 14.38 -25.70 -4.42
N VAL C 17 14.16 -24.76 -5.30
CA VAL C 17 15.28 -24.17 -6.07
C VAL C 17 15.46 -22.73 -5.61
N ASP C 18 16.35 -22.01 -6.20
CA ASP C 18 16.53 -20.59 -5.76
C ASP C 18 15.90 -19.63 -6.80
N PRO C 19 15.12 -18.67 -6.35
CA PRO C 19 14.48 -17.68 -7.26
C PRO C 19 15.48 -17.15 -8.30
N PRO C 20 14.99 -16.66 -9.40
CA PRO C 20 13.52 -16.59 -9.68
C PRO C 20 12.93 -17.91 -10.18
N PHE C 21 13.73 -18.92 -10.35
CA PHE C 21 13.23 -20.23 -10.83
C PHE C 21 12.33 -20.86 -9.78
N VAL C 22 11.45 -21.71 -10.19
CA VAL C 22 10.54 -22.38 -9.27
C VAL C 22 10.81 -23.86 -9.38
N HIS C 23 10.41 -24.59 -8.41
CA HIS C 23 10.65 -26.06 -8.43
C HIS C 23 9.68 -26.72 -9.40
N ALA C 24 9.91 -27.97 -9.68
CA ALA C 24 9.02 -28.72 -10.60
C ALA C 24 7.64 -28.85 -9.96
N HIS C 25 6.62 -28.75 -10.77
CA HIS C 25 5.23 -28.87 -10.26
C HIS C 25 4.27 -28.92 -11.46
N SER C 26 3.13 -29.53 -11.30
CA SER C 26 2.16 -29.61 -12.41
C SER C 26 1.06 -28.59 -12.18
N GLN C 27 0.61 -27.95 -13.21
CA GLN C 27 -0.46 -26.92 -13.03
C GLN C 27 -1.69 -27.64 -12.53
N VAL C 28 -2.13 -28.58 -13.30
CA VAL C 28 -3.29 -29.41 -12.89
C VAL C 28 -2.81 -30.41 -11.85
N ALA C 29 -3.53 -30.54 -10.78
CA ALA C 29 -3.11 -31.46 -9.69
C ALA C 29 -3.08 -32.90 -10.18
N GLU C 30 -2.05 -33.61 -9.86
CA GLU C 30 -1.95 -35.04 -10.28
C GLU C 30 -2.38 -35.93 -9.11
N GLY C 31 -3.62 -36.33 -9.08
CA GLY C 31 -4.11 -37.17 -7.97
C GLY C 31 -4.93 -36.31 -7.01
N GLY C 32 -5.31 -36.85 -5.90
CA GLY C 32 -6.12 -36.06 -4.92
C GLY C 32 -5.18 -35.27 -3.98
N PRO C 33 -5.69 -34.87 -2.84
CA PRO C 33 -4.93 -34.10 -1.83
C PRO C 33 -3.70 -34.85 -1.33
N LYS C 34 -2.63 -34.14 -1.13
CA LYS C 34 -1.39 -34.80 -0.64
C LYS C 34 -0.57 -33.84 0.26
N VAL C 35 0.02 -34.37 1.30
CA VAL C 35 0.84 -33.57 2.24
C VAL C 35 2.21 -33.33 1.60
N VAL C 36 2.38 -32.15 1.12
CA VAL C 36 3.61 -31.76 0.44
C VAL C 36 4.60 -31.44 1.52
N GLU C 37 5.78 -31.86 1.33
CA GLU C 37 6.81 -31.63 2.38
C GLU C 37 7.95 -30.80 1.83
N PHE C 38 8.29 -29.74 2.51
CA PHE C 38 9.42 -28.88 2.07
C PHE C 38 10.26 -28.47 3.30
N THR C 39 11.56 -28.43 3.18
CA THR C 39 12.40 -28.05 4.35
C THR C 39 13.32 -26.89 3.97
N MET C 40 13.41 -25.90 4.81
CA MET C 40 14.28 -24.72 4.49
C MET C 40 15.09 -24.30 5.72
N VAL C 41 16.39 -24.23 5.59
CA VAL C 41 17.27 -23.81 6.70
C VAL C 41 17.45 -22.30 6.57
N ILE C 42 17.43 -21.62 7.65
CA ILE C 42 17.57 -20.14 7.61
C ILE C 42 19.03 -19.79 7.77
N GLU C 43 19.53 -18.92 6.95
CA GLU C 43 20.97 -18.57 7.07
C GLU C 43 21.15 -17.05 7.17
N GLU C 44 21.55 -16.55 8.31
CA GLU C 44 21.76 -15.07 8.42
C GLU C 44 23.21 -14.73 8.01
N LYS C 45 23.40 -14.08 6.88
CA LYS C 45 24.78 -13.76 6.47
C LYS C 45 24.77 -12.36 5.87
N LYS C 46 25.82 -12.02 5.21
CA LYS C 46 25.89 -10.66 4.57
C LYS C 46 25.80 -10.76 3.03
N ILE C 47 24.88 -10.03 2.44
CA ILE C 47 24.72 -10.01 0.96
C ILE C 47 24.96 -8.58 0.44
N VAL C 48 25.64 -8.48 -0.66
CA VAL C 48 25.95 -7.19 -1.27
C VAL C 48 24.74 -6.84 -2.05
N ILE C 49 24.40 -5.64 -2.05
CA ILE C 49 23.15 -5.25 -2.76
C ILE C 49 23.39 -4.32 -3.95
N ASP C 50 24.52 -3.69 -4.03
CA ASP C 50 24.75 -2.75 -5.17
C ASP C 50 26.18 -2.88 -5.68
N ASP C 51 26.58 -2.00 -6.55
CA ASP C 51 27.95 -2.07 -7.10
C ASP C 51 28.91 -1.39 -6.12
N ALA C 52 28.40 -0.48 -5.33
CA ALA C 52 29.29 0.22 -4.35
C ALA C 52 29.71 -0.73 -3.21
N GLY C 53 29.32 -1.98 -3.25
CA GLY C 53 29.72 -2.93 -2.16
C GLY C 53 28.83 -2.77 -0.91
N THR C 54 27.70 -2.09 -1.00
CA THR C 54 26.82 -1.94 0.18
C THR C 54 26.49 -3.33 0.69
N GLU C 55 26.37 -3.50 1.97
CA GLU C 55 26.08 -4.86 2.48
C GLU C 55 24.90 -4.85 3.48
N VAL C 56 24.01 -5.80 3.36
CA VAL C 56 22.87 -5.90 4.31
C VAL C 56 22.86 -7.29 5.01
N HIS C 57 22.82 -7.30 6.32
CA HIS C 57 22.80 -8.57 7.10
C HIS C 57 21.48 -9.25 6.79
N ALA C 58 21.49 -10.06 5.81
CA ALA C 58 20.25 -10.73 5.37
C ALA C 58 19.91 -11.97 6.22
N MET C 59 18.64 -12.12 6.45
CA MET C 59 18.10 -13.27 7.21
C MET C 59 17.39 -13.98 6.11
N ALA C 60 17.86 -15.09 5.72
CA ALA C 60 17.28 -15.63 4.50
C ALA C 60 16.89 -17.04 4.65
N PHE C 61 15.70 -17.25 4.30
CA PHE C 61 15.17 -18.66 4.32
C PHE C 61 15.72 -19.38 3.09
N ASN C 62 16.38 -20.50 3.25
CA ASN C 62 16.97 -21.20 2.08
C ASN C 62 18.24 -20.48 1.57
N GLY C 63 18.80 -19.57 2.34
CA GLY C 63 20.03 -18.86 1.88
C GLY C 63 19.75 -17.91 0.69
N THR C 64 18.53 -17.53 0.43
CA THR C 64 18.31 -16.59 -0.75
C THR C 64 17.16 -15.57 -0.50
N VAL C 65 17.38 -14.30 -0.84
CA VAL C 65 16.32 -13.29 -0.70
C VAL C 65 15.82 -12.99 -2.11
N PRO C 66 14.57 -13.21 -2.35
CA PRO C 66 13.61 -13.70 -1.33
C PRO C 66 13.58 -15.23 -1.25
N GLY C 67 13.18 -15.74 -0.13
CA GLY C 67 13.11 -17.22 0.02
C GLY C 67 12.57 -17.82 -1.28
N PRO C 68 12.57 -19.11 -1.37
CA PRO C 68 12.07 -19.84 -2.57
C PRO C 68 10.54 -19.92 -2.62
N LEU C 69 9.99 -20.04 -3.80
CA LEU C 69 8.50 -20.13 -3.92
C LEU C 69 8.05 -21.59 -3.85
N MET C 70 7.22 -21.92 -2.89
CA MET C 70 6.71 -23.29 -2.76
C MET C 70 5.41 -23.35 -3.54
N VAL C 71 5.14 -24.45 -4.13
CA VAL C 71 3.89 -24.53 -4.95
C VAL C 71 3.11 -25.83 -4.68
N VAL C 72 1.94 -25.70 -4.14
CA VAL C 72 1.05 -26.86 -3.88
C VAL C 72 -0.34 -26.50 -4.44
N HIS C 73 -1.27 -27.41 -4.42
CA HIS C 73 -2.62 -27.10 -4.95
C HIS C 73 -3.55 -26.79 -3.78
N GLN C 74 -4.72 -26.36 -4.09
CA GLN C 74 -5.70 -26.03 -3.03
C GLN C 74 -6.21 -27.32 -2.42
N ASP C 75 -6.23 -27.39 -1.13
CA ASP C 75 -6.68 -28.63 -0.45
C ASP C 75 -5.47 -29.38 0.08
N ASP C 76 -4.39 -29.37 -0.65
CA ASP C 76 -3.16 -30.08 -0.19
C ASP C 76 -2.61 -29.39 1.06
N TYR C 77 -2.00 -30.15 1.92
CA TYR C 77 -1.43 -29.57 3.17
C TYR C 77 0.09 -29.39 2.99
N LEU C 78 0.55 -28.23 3.29
CA LEU C 78 1.99 -27.91 3.17
C LEU C 78 2.64 -28.14 4.52
N GLU C 79 3.61 -28.99 4.55
CA GLU C 79 4.29 -29.32 5.82
C GLU C 79 5.71 -28.85 5.66
N LEU C 80 6.09 -27.89 6.41
CA LEU C 80 7.46 -27.34 6.23
C LEU C 80 8.33 -27.51 7.47
N THR C 81 9.42 -28.20 7.32
CA THR C 81 10.38 -28.37 8.46
C THR C 81 11.41 -27.24 8.37
N LEU C 82 11.35 -26.30 9.28
CA LEU C 82 12.27 -25.17 9.26
C LEU C 82 13.36 -25.48 10.23
N ILE C 83 14.49 -24.98 9.96
CA ILE C 83 15.65 -25.27 10.85
C ILE C 83 16.53 -24.02 11.01
N ASN C 84 16.75 -23.64 12.23
CA ASN C 84 17.62 -22.46 12.52
C ASN C 84 18.93 -22.99 13.09
N PRO C 85 19.94 -23.03 12.26
CA PRO C 85 21.28 -23.56 12.63
C PRO C 85 21.94 -22.86 13.82
N GLU C 86 22.73 -23.57 14.58
CA GLU C 86 23.42 -22.94 15.74
C GLU C 86 24.29 -21.75 15.27
N THR C 87 24.78 -21.79 14.05
CA THR C 87 25.64 -20.66 13.55
C THR C 87 24.89 -19.32 13.61
N ASN C 88 23.58 -19.33 13.53
CA ASN C 88 22.83 -18.04 13.55
C ASN C 88 22.86 -17.45 14.96
N THR C 89 22.38 -16.25 15.11
CA THR C 89 22.38 -15.61 16.46
C THR C 89 20.98 -15.04 16.84
N LEU C 90 19.96 -15.20 16.02
CA LEU C 90 18.62 -14.63 16.42
C LEU C 90 17.50 -15.66 16.24
N MET C 91 16.53 -15.69 17.14
CA MET C 91 15.40 -16.66 16.97
C MET C 91 14.45 -16.15 15.88
N HIS C 92 13.99 -17.03 15.01
CA HIS C 92 13.08 -16.60 13.93
C HIS C 92 11.71 -17.29 14.08
N ASN C 93 10.99 -17.34 13.00
CA ASN C 93 9.64 -17.97 12.97
C ASN C 93 9.04 -17.71 11.57
N ILE C 94 8.07 -18.48 11.13
CA ILE C 94 7.51 -18.24 9.77
C ILE C 94 5.98 -18.09 9.81
N ASP C 95 5.47 -17.04 9.23
CA ASP C 95 4.00 -16.83 9.17
C ASP C 95 3.55 -16.83 7.69
N PHE C 96 2.82 -17.84 7.28
CA PHE C 96 2.38 -17.92 5.87
C PHE C 96 0.98 -17.33 5.72
N HIS C 97 0.88 -16.28 4.97
CA HIS C 97 -0.44 -15.62 4.74
C HIS C 97 -1.47 -16.65 4.23
N ALA C 98 -1.02 -17.69 3.58
CA ALA C 98 -1.97 -18.70 3.03
C ALA C 98 -2.41 -19.73 4.09
N ALA C 99 -2.10 -19.49 5.33
CA ALA C 99 -2.53 -20.44 6.40
C ALA C 99 -3.57 -19.77 7.28
N THR C 100 -4.21 -20.52 8.13
CA THR C 100 -5.26 -19.91 9.02
C THR C 100 -5.10 -20.39 10.47
N GLY C 101 -4.69 -19.51 11.35
CA GLY C 101 -4.55 -19.88 12.81
C GLY C 101 -3.09 -19.69 13.31
N ALA C 102 -2.90 -19.16 14.52
CA ALA C 102 -1.51 -19.00 15.05
C ALA C 102 -0.71 -17.93 14.28
N LEU C 103 -1.31 -16.79 14.05
CA LEU C 103 -0.58 -15.69 13.34
C LEU C 103 0.06 -16.20 12.05
N GLY C 104 -0.60 -17.10 11.37
CA GLY C 104 -0.04 -17.62 10.09
C GLY C 104 1.08 -18.64 10.37
N GLY C 105 1.08 -19.24 11.52
CA GLY C 105 2.14 -20.25 11.84
C GLY C 105 3.31 -19.62 12.63
N GLY C 106 3.33 -18.33 12.83
CA GLY C 106 4.46 -17.70 13.58
C GLY C 106 4.36 -18.04 15.08
N GLY C 107 3.17 -18.20 15.59
CA GLY C 107 3.02 -18.52 17.05
C GLY C 107 3.46 -19.96 17.36
N LEU C 108 3.56 -20.82 16.37
CA LEU C 108 3.97 -22.23 16.64
C LEU C 108 5.27 -22.60 15.88
N THR C 109 6.09 -21.64 15.55
CA THR C 109 7.37 -21.94 14.83
C THR C 109 8.54 -21.06 15.37
N GLU C 110 8.46 -20.52 16.56
CA GLU C 110 9.58 -19.70 17.09
C GLU C 110 10.71 -20.64 17.46
N ILE C 111 11.80 -20.60 16.74
CA ILE C 111 12.91 -21.54 17.04
C ILE C 111 14.21 -20.78 17.18
N ASN C 112 14.87 -20.92 18.28
CA ASN C 112 16.16 -20.22 18.48
C ASN C 112 17.30 -21.07 17.91
N PRO C 113 18.43 -20.46 17.65
CA PRO C 113 19.61 -21.17 17.11
C PRO C 113 19.73 -22.59 17.68
N GLY C 114 19.93 -23.56 16.83
CA GLY C 114 20.03 -24.97 17.32
C GLY C 114 18.64 -25.61 17.50
N GLU C 115 17.59 -25.04 16.94
CA GLU C 115 16.24 -25.65 17.10
C GLU C 115 15.50 -25.70 15.74
N LYS C 116 14.74 -26.74 15.50
CA LYS C 116 13.96 -26.86 14.23
C LYS C 116 12.56 -27.38 14.54
N THR C 117 11.59 -27.03 13.76
CA THR C 117 10.22 -27.49 14.03
C THR C 117 9.57 -27.89 12.72
N ILE C 118 8.38 -28.39 12.81
CA ILE C 118 7.65 -28.80 11.59
C ILE C 118 6.19 -28.35 11.72
N LEU C 119 5.72 -27.55 10.81
CA LEU C 119 4.32 -27.07 10.90
C LEU C 119 3.57 -27.46 9.64
N ARG C 120 2.39 -27.97 9.80
CA ARG C 120 1.60 -28.38 8.61
C ARG C 120 0.25 -27.65 8.60
N PHE C 121 -0.08 -27.01 7.52
CA PHE C 121 -1.37 -26.29 7.43
C PHE C 121 -2.08 -26.66 6.11
N LYS C 122 -3.39 -26.57 6.09
CA LYS C 122 -4.17 -26.89 4.88
C LYS C 122 -4.27 -25.64 4.00
N ALA C 123 -3.97 -25.80 2.76
CA ALA C 123 -4.03 -24.68 1.80
C ALA C 123 -5.45 -24.62 1.32
N THR C 124 -6.23 -23.88 2.01
CA THR C 124 -7.70 -23.84 1.69
C THR C 124 -8.10 -22.76 0.66
N LYS C 125 -7.21 -21.90 0.28
CA LYS C 125 -7.57 -20.83 -0.68
C LYS C 125 -6.52 -20.79 -1.79
N PRO C 126 -6.96 -20.69 -3.01
CA PRO C 126 -6.06 -20.66 -4.19
C PRO C 126 -5.51 -19.26 -4.48
N GLY C 127 -4.21 -19.14 -4.67
CA GLY C 127 -3.65 -17.79 -4.98
C GLY C 127 -2.24 -17.64 -4.39
N VAL C 128 -1.45 -16.77 -4.96
CA VAL C 128 -0.08 -16.55 -4.46
C VAL C 128 -0.19 -15.78 -3.15
N PHE C 129 0.67 -16.07 -2.23
CA PHE C 129 0.59 -15.39 -0.93
C PHE C 129 2.00 -15.18 -0.43
N VAL C 130 2.21 -14.19 0.36
CA VAL C 130 3.62 -13.95 0.85
C VAL C 130 3.87 -14.51 2.28
N TYR C 131 4.94 -15.28 2.47
CA TYR C 131 5.29 -15.79 3.80
C TYR C 131 6.44 -14.94 4.32
N HIS C 132 6.60 -14.81 5.60
CA HIS C 132 7.70 -13.95 6.13
C HIS C 132 7.87 -14.15 7.64
N CYS C 133 9.10 -14.12 8.12
CA CYS C 133 9.34 -14.34 9.58
C CYS C 133 8.86 -13.10 10.34
N ALA C 134 8.39 -13.27 11.54
CA ALA C 134 7.90 -12.08 12.29
C ALA C 134 7.96 -12.34 13.79
N PRO C 135 9.13 -12.36 14.34
CA PRO C 135 9.33 -12.58 15.80
C PRO C 135 8.74 -11.41 16.61
N PRO C 136 7.88 -11.71 17.55
CA PRO C 136 7.23 -10.66 18.40
C PRO C 136 8.19 -9.54 18.84
N GLY C 137 7.89 -8.30 18.51
CA GLY C 137 8.79 -7.18 18.93
C GLY C 137 9.80 -6.78 17.83
N MET C 138 10.12 -7.65 16.90
CA MET C 138 11.11 -7.28 15.86
C MET C 138 10.62 -7.77 14.51
N VAL C 139 9.36 -7.58 14.26
CA VAL C 139 8.79 -8.04 12.96
C VAL C 139 9.42 -7.30 11.76
N PRO C 140 9.16 -6.03 11.64
CA PRO C 140 9.65 -5.18 10.52
C PRO C 140 11.14 -5.37 10.24
N TRP C 141 11.92 -5.56 11.27
CA TRP C 141 13.39 -5.75 11.07
C TRP C 141 13.67 -7.05 10.30
N HIS C 142 13.08 -8.14 10.71
CA HIS C 142 13.32 -9.44 10.03
C HIS C 142 12.82 -9.39 8.58
N VAL C 143 11.70 -8.78 8.34
CA VAL C 143 11.15 -8.73 6.95
C VAL C 143 12.06 -7.87 6.06
N VAL C 144 12.44 -6.71 6.53
CA VAL C 144 13.30 -5.81 5.70
C VAL C 144 14.64 -6.49 5.47
N SER C 145 15.09 -7.24 6.43
CA SER C 145 16.39 -7.95 6.27
C SER C 145 16.31 -9.00 5.14
N GLY C 146 15.19 -9.15 4.50
CA GLY C 146 15.05 -10.15 3.41
C GLY C 146 14.52 -11.48 3.94
N MET C 147 13.79 -11.48 5.03
CA MET C 147 13.26 -12.77 5.55
C MET C 147 11.80 -12.93 5.09
N ASN C 148 11.61 -13.15 3.82
CA ASN C 148 10.23 -13.29 3.31
C ASN C 148 10.26 -13.79 1.85
N GLY C 149 9.27 -14.52 1.47
CA GLY C 149 9.19 -15.06 0.07
C GLY C 149 7.71 -15.19 -0.32
N ALA C 150 7.31 -16.28 -0.94
CA ALA C 150 5.87 -16.41 -1.32
C ALA C 150 5.55 -17.83 -1.83
N ILE C 151 4.36 -18.32 -1.55
CA ILE C 151 3.96 -19.67 -2.03
C ILE C 151 2.76 -19.55 -2.97
N MET C 152 2.63 -20.44 -3.91
CA MET C 152 1.49 -20.38 -4.87
C MET C 152 0.62 -21.64 -4.76
N VAL C 153 -0.59 -21.48 -4.30
CA VAL C 153 -1.52 -22.63 -4.17
C VAL C 153 -2.39 -22.57 -5.40
N LEU C 154 -2.14 -23.43 -6.32
CA LEU C 154 -2.90 -23.35 -7.61
C LEU C 154 -4.16 -24.20 -7.59
N PRO C 155 -5.22 -23.70 -8.17
CA PRO C 155 -6.49 -24.46 -8.27
C PRO C 155 -6.23 -25.89 -8.76
N ARG C 156 -6.89 -26.87 -8.20
CA ARG C 156 -6.67 -28.27 -8.62
C ARG C 156 -6.72 -28.39 -10.13
N GLU C 157 -7.59 -27.66 -10.76
CA GLU C 157 -7.71 -27.73 -12.25
C GLU C 157 -6.79 -26.70 -12.96
N GLY C 158 -5.80 -26.16 -12.29
CA GLY C 158 -4.90 -25.17 -12.97
C GLY C 158 -5.51 -23.77 -12.92
N LEU C 159 -4.96 -22.86 -13.68
CA LEU C 159 -5.51 -21.46 -13.68
C LEU C 159 -6.45 -21.26 -14.87
N HIS C 160 -7.45 -20.42 -14.70
CA HIS C 160 -8.41 -20.15 -15.80
C HIS C 160 -8.73 -18.64 -15.77
N ASP C 161 -9.16 -18.11 -16.87
CA ASP C 161 -9.48 -16.64 -16.92
C ASP C 161 -10.74 -16.35 -16.11
N GLY C 162 -11.39 -15.24 -16.38
CA GLY C 162 -12.63 -14.89 -15.61
C GLY C 162 -13.85 -15.66 -16.18
N LYS C 163 -13.79 -16.11 -17.40
CA LYS C 163 -14.96 -16.85 -17.97
C LYS C 163 -14.86 -18.36 -17.70
N GLY C 164 -13.73 -18.82 -17.22
CA GLY C 164 -13.59 -20.30 -16.95
C GLY C 164 -12.57 -20.97 -17.92
N LYS C 165 -12.14 -20.32 -18.97
CA LYS C 165 -11.18 -20.96 -19.92
C LYS C 165 -9.88 -21.26 -19.20
N ALA C 166 -9.20 -22.28 -19.60
CA ALA C 166 -7.91 -22.64 -18.94
C ALA C 166 -6.72 -21.82 -19.51
N LEU C 167 -5.94 -21.22 -18.63
CA LEU C 167 -4.74 -20.46 -19.02
C LEU C 167 -3.55 -21.25 -18.50
N THR C 168 -2.74 -21.73 -19.39
CA THR C 168 -1.61 -22.56 -18.99
C THR C 168 -0.37 -21.85 -19.39
N TYR C 169 0.56 -21.82 -18.54
CA TYR C 169 1.82 -21.09 -18.85
C TYR C 169 2.96 -22.06 -19.14
N ASP C 170 3.82 -21.71 -20.06
CA ASP C 170 4.99 -22.58 -20.37
C ASP C 170 6.16 -22.28 -19.41
N LYS C 171 6.24 -21.08 -18.87
CA LYS C 171 7.36 -20.76 -17.95
C LYS C 171 6.86 -19.87 -16.81
N ILE C 172 7.36 -20.08 -15.63
CA ILE C 172 6.93 -19.25 -14.47
C ILE C 172 8.16 -18.77 -13.67
N TYR C 173 8.21 -17.49 -13.38
CA TYR C 173 9.36 -16.93 -12.62
C TYR C 173 8.79 -16.20 -11.41
N TYR C 174 9.51 -16.19 -10.34
CA TYR C 174 9.05 -15.51 -9.11
C TYR C 174 10.02 -14.41 -8.75
N VAL C 175 9.57 -13.19 -8.81
CA VAL C 175 10.46 -12.04 -8.50
C VAL C 175 10.03 -11.40 -7.18
N GLY C 176 10.80 -11.61 -6.16
CA GLY C 176 10.50 -11.03 -4.83
C GLY C 176 11.19 -9.69 -4.71
N GLU C 177 10.44 -8.67 -4.47
CA GLU C 177 10.99 -7.31 -4.36
C GLU C 177 11.30 -7.08 -2.91
N GLN C 178 12.30 -6.33 -2.65
CA GLN C 178 12.66 -6.08 -1.23
C GLN C 178 13.14 -4.65 -1.02
N ASP C 179 12.53 -3.95 -0.12
CA ASP C 179 12.96 -2.55 0.16
C ASP C 179 13.88 -2.56 1.39
N PHE C 180 15.10 -2.14 1.24
CA PHE C 180 16.02 -2.15 2.39
C PHE C 180 16.11 -0.75 2.99
N TYR C 181 16.88 -0.64 4.02
CA TYR C 181 17.06 0.67 4.71
C TYR C 181 18.46 0.64 5.30
N VAL C 182 19.43 1.00 4.52
CA VAL C 182 20.83 0.91 4.99
C VAL C 182 21.28 2.21 5.61
N PRO C 183 21.81 2.12 6.79
CA PRO C 183 22.33 3.32 7.52
C PRO C 183 23.60 3.91 6.87
N ARG C 184 23.70 5.23 6.79
CA ARG C 184 24.89 5.87 6.19
C ARG C 184 25.56 6.73 7.25
N ASP C 185 26.82 7.00 7.09
CA ASP C 185 27.55 7.83 8.10
C ASP C 185 27.29 9.33 7.87
N GLU C 186 28.20 10.19 8.27
CA GLU C 186 27.98 11.66 8.08
C GLU C 186 28.33 12.08 6.65
N ASN C 187 29.24 11.38 6.00
CA ASN C 187 29.62 11.77 4.61
C ASN C 187 28.63 11.18 3.57
N GLY C 188 27.71 10.35 3.97
CA GLY C 188 26.74 9.77 2.99
C GLY C 188 27.16 8.34 2.56
N LYS C 189 28.23 7.79 3.09
CA LYS C 189 28.64 6.41 2.70
C LYS C 189 27.90 5.37 3.54
N TYR C 190 27.45 4.31 2.92
CA TYR C 190 26.73 3.26 3.66
C TYR C 190 27.65 2.70 4.72
N LYS C 191 27.11 2.32 5.82
CA LYS C 191 27.95 1.78 6.92
C LYS C 191 27.89 0.24 6.91
N LYS C 192 28.97 -0.38 7.28
CA LYS C 192 28.99 -1.86 7.32
C LYS C 192 29.30 -2.29 8.74
N TYR C 193 28.85 -3.44 9.14
CA TYR C 193 29.12 -3.87 10.52
C TYR C 193 29.71 -5.25 10.52
N GLU C 194 29.67 -5.91 11.62
CA GLU C 194 30.24 -7.29 11.69
C GLU C 194 29.14 -8.29 12.09
N ALA C 195 28.09 -7.84 12.74
CA ALA C 195 27.02 -8.77 13.14
C ALA C 195 25.68 -8.14 12.81
N PRO C 196 24.65 -8.92 12.87
CA PRO C 196 23.26 -8.46 12.57
C PRO C 196 22.70 -7.53 13.65
N GLY C 197 22.98 -7.81 14.90
CA GLY C 197 22.44 -6.95 15.99
C GLY C 197 23.15 -5.57 16.01
N ASP C 198 24.40 -5.52 15.63
CA ASP C 198 25.14 -4.22 15.65
C ASP C 198 24.46 -3.20 14.74
N ALA C 199 23.73 -3.64 13.75
CA ALA C 199 23.06 -2.67 12.82
C ALA C 199 21.54 -2.54 13.11
N TYR C 200 21.07 -3.00 14.24
CA TYR C 200 19.60 -2.87 14.55
C TYR C 200 19.17 -1.40 14.85
N GLU C 201 19.84 -0.69 15.74
CA GLU C 201 19.41 0.69 16.08
C GLU C 201 19.53 1.61 14.87
N ASP C 202 20.64 1.56 14.20
CA ASP C 202 20.85 2.45 13.01
C ASP C 202 19.83 2.11 11.93
N THR C 203 19.53 0.87 11.76
CA THR C 203 18.54 0.48 10.71
C THR C 203 17.15 1.00 11.09
N VAL C 204 16.73 0.79 12.30
CA VAL C 204 15.38 1.27 12.73
C VAL C 204 15.23 2.75 12.38
N LYS C 205 16.24 3.53 12.68
CA LYS C 205 16.16 4.98 12.37
C LYS C 205 15.84 5.18 10.89
N VAL C 206 16.48 4.44 10.02
CA VAL C 206 16.21 4.59 8.56
C VAL C 206 14.82 4.05 8.24
N MET C 207 14.45 2.94 8.83
CA MET C 207 13.11 2.36 8.53
C MET C 207 12.00 3.34 8.92
N ARG C 208 12.17 4.08 9.98
CA ARG C 208 11.11 5.05 10.40
C ARG C 208 10.87 6.09 9.29
N THR C 209 11.91 6.49 8.62
CA THR C 209 11.75 7.50 7.54
C THR C 209 10.83 6.98 6.42
N LEU C 210 10.46 5.72 6.44
CA LEU C 210 9.57 5.19 5.36
C LEU C 210 10.19 5.48 3.98
N THR C 211 11.50 5.55 3.91
CA THR C 211 12.15 5.82 2.60
C THR C 211 13.30 4.83 2.43
N PRO C 212 13.08 3.80 1.66
CA PRO C 212 14.11 2.74 1.42
C PRO C 212 15.32 3.22 0.61
N THR C 213 16.52 2.96 1.09
CA THR C 213 17.73 3.40 0.33
C THR C 213 17.86 2.55 -0.96
N HIS C 214 17.29 1.38 -1.00
CA HIS C 214 17.40 0.53 -2.22
C HIS C 214 16.19 -0.40 -2.30
N VAL C 215 15.59 -0.49 -3.46
CA VAL C 215 14.41 -1.37 -3.62
C VAL C 215 14.75 -2.25 -4.79
N VAL C 216 14.92 -3.51 -4.59
CA VAL C 216 15.37 -4.28 -5.76
C VAL C 216 14.68 -5.61 -5.86
N PHE C 217 15.12 -6.40 -6.78
CA PHE C 217 14.50 -7.73 -6.98
C PHE C 217 15.57 -8.81 -6.86
N ASN C 218 15.28 -9.86 -6.15
CA ASN C 218 16.29 -10.96 -5.97
C ASN C 218 17.38 -10.61 -4.93
N GLY C 219 17.22 -9.55 -4.16
CA GLY C 219 18.25 -9.20 -3.13
C GLY C 219 19.44 -8.34 -3.69
N ALA C 220 19.36 -7.69 -4.84
CA ALA C 220 20.53 -6.85 -5.27
C ALA C 220 20.22 -6.03 -6.54
N VAL C 221 20.65 -4.78 -6.58
CA VAL C 221 20.42 -3.97 -7.81
C VAL C 221 21.08 -4.69 -8.98
N GLY C 222 20.36 -4.90 -10.04
CA GLY C 222 20.95 -5.62 -11.20
C GLY C 222 21.05 -7.14 -10.93
N ALA C 223 20.23 -7.69 -10.04
CA ALA C 223 20.31 -9.16 -9.78
C ALA C 223 19.68 -10.00 -10.92
N LEU C 224 18.55 -9.60 -11.46
CA LEU C 224 17.88 -10.40 -12.55
C LEU C 224 18.20 -9.86 -13.95
N THR C 225 19.41 -9.46 -14.18
CA THR C 225 19.85 -8.97 -15.52
C THR C 225 21.24 -9.55 -15.83
N GLY C 226 21.56 -9.73 -17.08
CA GLY C 226 22.88 -10.32 -17.45
C GLY C 226 22.75 -11.83 -17.40
N ASP C 227 23.57 -12.47 -16.62
CA ASP C 227 23.46 -13.96 -16.52
C ASP C 227 22.12 -14.37 -15.87
N LYS C 228 21.49 -13.48 -15.12
CA LYS C 228 20.18 -13.85 -14.48
C LYS C 228 18.97 -13.31 -15.27
N ALA C 229 19.17 -12.60 -16.35
CA ALA C 229 17.98 -12.08 -17.11
C ALA C 229 17.03 -13.24 -17.45
N MET C 230 15.76 -13.09 -17.15
CA MET C 230 14.80 -14.16 -17.47
C MET C 230 14.87 -14.43 -18.96
N THR C 231 14.20 -15.43 -19.40
CA THR C 231 14.20 -15.76 -20.84
C THR C 231 12.79 -16.19 -21.29
N ALA C 232 12.49 -15.95 -22.54
CA ALA C 232 11.16 -16.33 -23.10
C ALA C 232 11.22 -16.14 -24.63
N ALA C 233 10.46 -16.91 -25.38
CA ALA C 233 10.49 -16.78 -26.85
C ALA C 233 9.10 -16.41 -27.36
N VAL C 234 9.05 -15.69 -28.43
CA VAL C 234 7.75 -15.27 -29.01
C VAL C 234 6.83 -16.46 -29.05
N GLY C 235 5.61 -16.27 -28.64
CA GLY C 235 4.63 -17.40 -28.63
C GLY C 235 4.61 -18.14 -27.26
N GLU C 236 5.51 -17.84 -26.36
CA GLU C 236 5.53 -18.52 -25.05
C GLU C 236 4.69 -17.74 -24.04
N LYS C 237 4.03 -18.44 -23.18
CA LYS C 237 3.18 -17.80 -22.15
C LYS C 237 3.94 -17.91 -20.86
N VAL C 238 4.04 -16.86 -20.14
CA VAL C 238 4.83 -16.90 -18.90
C VAL C 238 4.10 -16.23 -17.76
N LEU C 239 4.11 -16.86 -16.63
CA LEU C 239 3.45 -16.29 -15.43
C LEU C 239 4.53 -15.72 -14.52
N ILE C 240 4.44 -14.46 -14.18
CA ILE C 240 5.46 -13.82 -13.33
C ILE C 240 4.85 -13.45 -11.97
N VAL C 241 5.13 -14.25 -10.98
CA VAL C 241 4.62 -13.97 -9.62
C VAL C 241 5.54 -12.96 -8.97
N HIS C 242 4.98 -12.04 -8.28
CA HIS C 242 5.80 -10.99 -7.65
C HIS C 242 5.27 -10.74 -6.25
N SER C 243 6.14 -10.59 -5.32
CA SER C 243 5.68 -10.36 -3.92
C SER C 243 6.49 -9.26 -3.23
N GLN C 244 5.83 -8.55 -2.35
CA GLN C 244 6.45 -7.46 -1.55
C GLN C 244 5.85 -7.58 -0.14
N ALA C 245 6.63 -8.04 0.80
CA ALA C 245 6.12 -8.27 2.18
C ALA C 245 6.60 -7.16 3.11
N ASN C 246 6.45 -5.98 2.65
CA ASN C 246 6.85 -4.77 3.43
C ASN C 246 6.86 -3.50 2.54
N ARG C 247 5.99 -3.38 1.54
CA ARG C 247 6.02 -2.14 0.72
C ARG C 247 5.14 -2.30 -0.51
N ASP C 248 4.40 -1.29 -0.88
CA ASP C 248 3.53 -1.42 -2.10
C ASP C 248 4.36 -1.17 -3.40
N THR C 249 4.19 -2.01 -4.41
CA THR C 249 4.92 -1.81 -5.69
C THR C 249 3.90 -1.73 -6.83
N ARG C 250 4.37 -1.53 -8.01
CA ARG C 250 3.48 -1.44 -9.21
C ARG C 250 4.23 -1.99 -10.42
N PRO C 251 4.15 -3.28 -10.60
CA PRO C 251 4.85 -4.01 -11.69
C PRO C 251 4.49 -3.50 -13.09
N HIS C 252 5.42 -3.57 -13.98
CA HIS C 252 5.18 -3.13 -15.39
C HIS C 252 6.25 -3.72 -16.35
N LEU C 253 5.82 -4.54 -17.29
CA LEU C 253 6.75 -5.13 -18.29
C LEU C 253 6.90 -4.15 -19.45
N ILE C 254 8.04 -3.56 -19.55
CA ILE C 254 8.34 -2.57 -20.60
C ILE C 254 8.31 -3.27 -21.93
N GLY C 255 7.53 -2.76 -22.81
CA GLY C 255 7.43 -3.41 -24.15
C GLY C 255 6.28 -4.44 -24.16
N GLY C 256 5.76 -4.83 -23.02
CA GLY C 256 4.66 -5.83 -23.01
C GLY C 256 3.57 -5.39 -22.05
N HIS C 257 2.78 -6.31 -21.59
CA HIS C 257 1.68 -5.96 -20.66
C HIS C 257 1.20 -7.23 -19.94
N GLY C 258 0.40 -7.06 -18.93
CA GLY C 258 -0.12 -8.23 -18.18
C GLY C 258 -1.44 -8.64 -18.80
N ASP C 259 -1.41 -9.60 -19.66
CA ASP C 259 -2.66 -10.03 -20.34
C ASP C 259 -3.72 -10.27 -19.28
N TYR C 260 -3.41 -11.12 -18.37
CA TYR C 260 -4.34 -11.42 -17.25
C TYR C 260 -3.56 -11.21 -15.96
N VAL C 261 -4.03 -10.39 -15.06
CA VAL C 261 -3.22 -10.15 -13.83
C VAL C 261 -4.06 -10.24 -12.56
N TRP C 262 -3.85 -11.26 -11.79
CA TRP C 262 -4.57 -11.38 -10.49
C TRP C 262 -3.83 -10.46 -9.55
N ALA C 263 -4.18 -9.21 -9.58
CA ALA C 263 -3.45 -8.18 -8.80
C ALA C 263 -3.49 -8.53 -7.33
N THR C 264 -4.61 -8.93 -6.89
CA THR C 264 -4.77 -9.29 -5.45
C THR C 264 -4.07 -10.63 -5.15
N GLY C 265 -3.60 -11.31 -6.16
CA GLY C 265 -2.92 -12.63 -5.89
C GLY C 265 -3.94 -13.70 -5.39
N LYS C 266 -5.18 -13.60 -5.79
CA LYS C 266 -6.20 -14.59 -5.37
C LYS C 266 -6.84 -15.12 -6.66
N PHE C 267 -6.81 -16.39 -6.85
CA PHE C 267 -7.36 -16.98 -8.12
C PHE C 267 -8.89 -16.81 -8.18
N ASN C 268 -9.56 -16.97 -7.09
CA ASN C 268 -11.04 -16.85 -7.08
C ASN C 268 -11.43 -15.48 -7.59
N THR C 269 -10.63 -14.50 -7.31
CA THR C 269 -10.95 -13.13 -7.77
C THR C 269 -10.56 -13.00 -9.25
N PRO C 270 -11.52 -12.75 -10.10
CA PRO C 270 -11.27 -12.61 -11.57
C PRO C 270 -10.02 -11.77 -11.87
N PRO C 271 -9.19 -12.18 -12.81
CA PRO C 271 -7.94 -11.42 -13.14
C PRO C 271 -8.15 -10.20 -14.08
N ASP C 272 -7.74 -9.00 -13.69
CA ASP C 272 -7.90 -7.86 -14.61
C ASP C 272 -7.29 -8.27 -15.95
N VAL C 273 -7.49 -7.52 -16.98
CA VAL C 273 -6.91 -7.93 -18.30
C VAL C 273 -6.38 -6.70 -19.07
N ASP C 274 -5.38 -6.91 -19.89
CA ASP C 274 -4.82 -5.81 -20.70
C ASP C 274 -4.28 -4.79 -19.73
N GLN C 275 -3.44 -5.22 -18.85
CA GLN C 275 -2.92 -4.24 -17.83
C GLN C 275 -1.53 -3.69 -18.19
N GLU C 276 -1.37 -2.37 -18.22
CA GLU C 276 -0.02 -1.78 -18.49
C GLU C 276 0.83 -1.79 -17.20
N THR C 277 0.24 -1.48 -16.06
CA THR C 277 0.97 -1.45 -14.78
C THR C 277 -0.02 -1.87 -13.69
N TRP C 278 0.31 -2.85 -12.93
CA TRP C 278 -0.63 -3.33 -11.89
C TRP C 278 -0.31 -2.70 -10.55
N PHE C 279 -0.79 -3.28 -9.48
CA PHE C 279 -0.52 -2.72 -8.14
C PHE C 279 -0.63 -3.81 -7.07
N ILE C 280 0.45 -4.07 -6.37
CA ILE C 280 0.44 -5.10 -5.30
C ILE C 280 0.79 -4.39 -4.00
N PRO C 281 -0.12 -4.39 -3.07
CA PRO C 281 0.06 -3.70 -1.75
C PRO C 281 1.01 -4.43 -0.79
N GLY C 282 1.91 -3.70 -0.18
CA GLY C 282 2.83 -4.32 0.79
C GLY C 282 2.07 -5.40 1.54
N GLY C 283 2.72 -6.47 1.82
CA GLY C 283 2.06 -7.60 2.52
C GLY C 283 1.23 -8.42 1.53
N ALA C 284 1.61 -8.50 0.27
CA ALA C 284 0.76 -9.31 -0.67
C ALA C 284 1.52 -9.69 -1.95
N ALA C 285 1.27 -10.86 -2.48
CA ALA C 285 1.94 -11.27 -3.76
C ALA C 285 0.89 -11.45 -4.87
N GLY C 286 1.15 -10.97 -6.06
CA GLY C 286 0.16 -11.11 -7.16
C GLY C 286 0.75 -12.00 -8.26
N ALA C 287 0.15 -11.97 -9.42
CA ALA C 287 0.65 -12.80 -10.55
C ALA C 287 0.13 -12.23 -11.87
N ALA C 288 0.97 -12.20 -12.87
CA ALA C 288 0.56 -11.67 -14.20
C ALA C 288 0.98 -12.67 -15.27
N PHE C 289 0.09 -12.96 -16.17
CA PHE C 289 0.41 -13.94 -17.24
C PHE C 289 0.40 -13.21 -18.57
N TYR C 290 1.38 -13.41 -19.37
CA TYR C 290 1.43 -12.70 -20.67
C TYR C 290 2.12 -13.55 -21.73
N THR C 291 1.61 -13.51 -22.92
CA THR C 291 2.20 -14.27 -24.04
C THR C 291 3.06 -13.32 -24.85
N PHE C 292 4.33 -13.59 -24.92
CA PHE C 292 5.25 -12.70 -25.67
C PHE C 292 4.94 -12.72 -27.16
N GLN C 293 4.96 -11.57 -27.78
CA GLN C 293 4.69 -11.49 -29.24
C GLN C 293 5.88 -10.86 -30.00
N GLN C 294 6.82 -10.25 -29.31
CA GLN C 294 7.98 -9.63 -30.02
C GLN C 294 9.28 -10.00 -29.32
N PRO C 295 10.31 -10.26 -30.09
CA PRO C 295 11.65 -10.64 -29.57
C PRO C 295 12.50 -9.43 -29.22
N GLY C 296 13.41 -9.57 -28.30
CA GLY C 296 14.26 -8.42 -27.92
C GLY C 296 14.43 -8.41 -26.40
N ILE C 297 14.97 -7.35 -25.88
CA ILE C 297 15.17 -7.26 -24.40
C ILE C 297 14.10 -6.34 -23.80
N TYR C 298 13.39 -6.82 -22.82
CA TYR C 298 12.33 -6.01 -22.17
C TYR C 298 12.65 -5.88 -20.68
N ALA C 299 12.46 -4.73 -20.13
CA ALA C 299 12.75 -4.52 -18.69
C ALA C 299 11.47 -4.67 -17.92
N TYR C 300 11.54 -5.22 -16.75
CA TYR C 300 10.29 -5.42 -15.98
C TYR C 300 10.53 -4.79 -14.64
N VAL C 301 9.83 -3.77 -14.28
CA VAL C 301 10.20 -3.19 -12.97
C VAL C 301 9.10 -2.37 -12.34
N ASN C 302 9.35 -1.98 -11.13
CA ASN C 302 8.39 -1.17 -10.37
C ASN C 302 8.27 0.13 -11.12
N HIS C 303 7.10 0.52 -11.45
CA HIS C 303 6.98 1.77 -12.26
C HIS C 303 7.62 2.90 -11.48
N ASN C 304 7.30 3.09 -10.23
CA ASN C 304 8.04 4.19 -9.56
C ASN C 304 9.41 4.31 -10.30
N LEU C 305 9.47 5.10 -11.36
CA LEU C 305 10.71 5.20 -12.18
C LEU C 305 11.91 5.38 -11.27
N ILE C 306 11.75 6.21 -10.31
CA ILE C 306 12.87 6.46 -9.36
C ILE C 306 13.22 5.15 -8.68
N GLU C 307 12.23 4.51 -8.13
CA GLU C 307 12.48 3.19 -7.47
C GLU C 307 13.06 2.16 -8.48
N ALA C 308 12.67 2.21 -9.74
CA ALA C 308 13.20 1.22 -10.73
C ALA C 308 14.58 1.61 -11.35
N PHE C 309 14.95 2.87 -11.43
CA PHE C 309 16.26 3.19 -12.07
C PHE C 309 17.24 3.75 -11.06
N GLU C 310 16.75 4.52 -10.14
CA GLU C 310 17.66 5.12 -9.12
C GLU C 310 17.82 4.21 -7.88
N LEU C 311 16.85 3.39 -7.54
CA LEU C 311 17.01 2.54 -6.33
C LEU C 311 17.53 1.17 -6.73
N GLY C 312 16.95 0.59 -7.74
CA GLY C 312 17.40 -0.76 -8.20
C GLY C 312 16.20 -1.74 -8.41
N ALA C 313 15.00 -1.28 -8.72
CA ALA C 313 13.88 -2.24 -8.95
C ALA C 313 13.68 -2.46 -10.45
N ALA C 314 14.62 -3.07 -11.14
CA ALA C 314 14.44 -3.30 -12.60
C ALA C 314 15.19 -4.55 -13.06
N ALA C 315 14.49 -5.51 -13.63
CA ALA C 315 15.16 -6.74 -14.12
C ALA C 315 15.01 -6.75 -15.63
N HIS C 316 15.46 -7.75 -16.30
CA HIS C 316 15.29 -7.73 -17.79
C HIS C 316 15.06 -9.13 -18.39
N PHE C 317 14.06 -9.27 -19.26
CA PHE C 317 13.83 -10.59 -19.93
C PHE C 317 14.31 -10.55 -21.41
N LYS C 318 15.10 -11.52 -21.83
CA LYS C 318 15.61 -11.59 -23.20
C LYS C 318 14.72 -12.57 -23.91
N VAL C 319 14.19 -12.19 -25.01
CA VAL C 319 13.25 -13.07 -25.71
C VAL C 319 13.73 -13.28 -27.11
N THR C 320 13.60 -14.47 -27.56
CA THR C 320 14.06 -14.79 -28.95
C THR C 320 12.86 -15.03 -29.84
N GLY C 321 13.03 -14.91 -31.13
CA GLY C 321 11.87 -15.14 -32.06
C GLY C 321 11.98 -14.21 -33.28
N GLU C 322 10.89 -14.02 -33.97
CA GLU C 322 10.90 -13.14 -35.17
C GLU C 322 10.09 -11.89 -34.84
N TRP C 323 10.54 -10.77 -35.31
CA TRP C 323 9.84 -9.50 -35.04
C TRP C 323 8.56 -9.46 -35.86
N ASN C 324 7.58 -8.79 -35.34
CA ASN C 324 6.27 -8.67 -36.04
C ASN C 324 6.04 -7.20 -36.36
N ASP C 325 6.17 -6.84 -37.60
CA ASP C 325 6.00 -5.42 -37.99
C ASP C 325 4.55 -5.00 -37.78
N ASP C 326 3.64 -5.87 -38.10
CA ASP C 326 2.20 -5.53 -37.93
C ASP C 326 2.01 -4.85 -36.57
N LEU C 327 2.50 -5.45 -35.53
CA LEU C 327 2.38 -4.86 -34.17
C LEU C 327 3.17 -3.55 -34.08
N MET C 328 4.38 -3.49 -34.59
CA MET C 328 5.14 -2.21 -34.47
C MET C 328 6.25 -2.16 -35.50
N THR C 329 6.39 -1.06 -36.16
CA THR C 329 7.46 -0.95 -37.19
C THR C 329 7.98 0.50 -37.26
N SER C 330 9.28 0.68 -37.36
CA SER C 330 9.84 2.06 -37.46
C SER C 330 9.78 2.51 -38.91
N VAL C 331 8.74 3.22 -39.27
CA VAL C 331 8.60 3.67 -40.68
C VAL C 331 9.82 4.50 -41.06
N LEU C 332 10.17 5.41 -40.22
CA LEU C 332 11.36 6.26 -40.50
C LEU C 332 12.32 6.22 -39.31
N ALA C 333 13.42 5.52 -39.44
CA ALA C 333 14.39 5.43 -38.31
C ALA C 333 14.94 6.83 -38.02
N PRO C 334 15.38 7.04 -36.81
CA PRO C 334 15.93 8.34 -36.37
C PRO C 334 16.94 8.90 -37.38
N SER C 335 16.69 10.05 -37.92
CA SER C 335 17.65 10.63 -38.91
C SER C 335 17.71 12.14 -38.74
N GLY C 336 18.24 12.83 -39.70
CA GLY C 336 18.33 14.31 -39.61
C GLY C 336 17.03 14.93 -40.10
N GLU D 1 22.68 1.30 47.53
CA GLU D 1 22.27 2.34 46.57
C GLU D 1 21.43 1.74 45.44
N ASN D 2 21.04 2.59 44.51
CA ASN D 2 20.12 2.22 43.45
C ASN D 2 20.79 2.30 42.10
N ILE D 3 20.46 1.33 41.23
CA ILE D 3 21.00 1.33 39.87
C ILE D 3 19.82 1.27 38.91
N GLU D 4 19.77 2.24 38.02
CA GLU D 4 18.65 2.31 37.09
C GLU D 4 18.98 1.63 35.76
N VAL D 5 18.05 0.80 35.30
CA VAL D 5 18.25 0.05 34.06
C VAL D 5 17.08 0.34 33.13
N HIS D 6 17.32 0.58 31.85
CA HIS D 6 16.22 0.83 30.93
C HIS D 6 16.03 -0.39 30.00
N MET D 7 14.77 -0.63 29.66
CA MET D 7 14.37 -1.68 28.71
C MET D 7 13.99 -0.96 27.42
N LEU D 8 14.68 -1.31 26.35
CA LEU D 8 14.47 -0.65 25.07
C LEU D 8 14.28 -1.60 23.90
N ASN D 9 13.55 -1.14 22.88
CA ASN D 9 13.39 -1.91 21.66
C ASN D 9 14.67 -1.88 20.85
N LYS D 10 15.45 -0.81 21.01
CA LYS D 10 16.68 -0.71 20.25
C LYS D 10 17.70 0.10 21.04
N GLY D 11 18.94 -0.37 21.09
CA GLY D 11 19.96 0.38 21.85
C GLY D 11 21.31 0.11 21.23
N ALA D 12 22.38 0.29 21.99
CA ALA D 12 23.71 0.14 21.45
C ALA D 12 24.00 -1.25 20.90
N GLU D 13 23.54 -2.31 21.57
CA GLU D 13 23.89 -3.63 21.07
C GLU D 13 22.94 -4.18 20.03
N GLY D 14 21.90 -3.45 19.67
CA GLY D 14 20.95 -3.96 18.68
C GLY D 14 19.53 -3.85 19.19
N ALA D 15 18.65 -4.76 18.75
CA ALA D 15 17.26 -4.76 19.14
C ALA D 15 17.09 -5.50 20.48
N MET D 16 16.10 -5.07 21.23
CA MET D 16 15.60 -5.66 22.45
C MET D 16 16.68 -5.77 23.52
N VAL D 17 16.94 -4.68 24.23
CA VAL D 17 18.08 -4.72 25.16
C VAL D 17 17.77 -4.07 26.51
N PHE D 18 18.61 -4.47 27.48
CA PHE D 18 18.60 -3.85 28.81
C PHE D 18 19.83 -2.92 28.76
N GLU D 19 19.73 -1.70 29.25
CA GLU D 19 20.89 -0.80 29.30
C GLU D 19 20.98 -0.22 30.70
N PRO D 20 22.03 -0.50 31.46
CA PRO D 20 23.17 -1.34 31.10
C PRO D 20 22.81 -2.83 31.14
N ALA D 21 23.62 -3.69 30.52
CA ALA D 21 23.27 -5.12 30.57
C ALA D 21 24.18 -5.81 31.57
N TYR D 22 25.10 -5.03 32.13
CA TYR D 22 25.99 -5.58 33.16
C TYR D 22 25.81 -4.68 34.38
N ILE D 23 25.34 -5.24 35.48
CA ILE D 23 25.03 -4.44 36.67
C ILE D 23 25.83 -4.96 37.85
N LYS D 24 26.63 -4.05 38.41
CA LYS D 24 27.46 -4.43 39.55
C LYS D 24 26.81 -3.93 40.82
N ALA D 25 26.56 -4.80 41.80
CA ALA D 25 25.85 -4.29 42.97
C ALA D 25 26.32 -4.98 44.24
N ASN D 26 25.86 -4.52 45.39
CA ASN D 26 26.21 -5.18 46.66
C ASN D 26 24.93 -5.57 47.40
N PRO D 27 24.99 -6.50 48.35
CA PRO D 27 23.79 -6.91 49.10
C PRO D 27 23.09 -5.71 49.73
N GLY D 28 21.78 -5.58 49.56
CA GLY D 28 21.04 -4.45 50.08
C GLY D 28 20.81 -3.39 49.00
N ASP D 29 21.51 -3.42 47.87
CA ASP D 29 21.26 -2.44 46.81
C ASP D 29 19.94 -2.72 46.11
N THR D 30 19.43 -1.73 45.37
CA THR D 30 18.25 -1.98 44.57
C THR D 30 18.60 -1.73 43.10
N VAL D 31 17.89 -2.45 42.26
CA VAL D 31 18.00 -2.32 40.81
C VAL D 31 16.58 -1.95 40.33
N THR D 32 16.48 -0.77 39.72
CA THR D 32 15.20 -0.32 39.22
C THR D 32 15.13 -0.44 37.70
N PHE D 33 14.19 -1.26 37.25
CA PHE D 33 14.02 -1.55 35.82
C PHE D 33 12.90 -0.68 35.27
N ILE D 34 13.23 0.14 34.26
CA ILE D 34 12.26 1.08 33.71
C ILE D 34 11.97 0.78 32.25
N PRO D 35 10.76 0.33 31.93
CA PRO D 35 10.49 0.09 30.51
C PRO D 35 10.27 1.41 29.77
N VAL D 36 11.28 1.86 29.06
CA VAL D 36 11.19 3.10 28.27
C VAL D 36 10.32 2.88 27.04
N ASP D 37 10.42 1.67 26.47
CA ASP D 37 9.49 1.29 25.40
C ASP D 37 8.51 0.29 25.97
N LYS D 38 7.36 0.10 25.34
CA LYS D 38 6.42 -0.90 25.86
C LYS D 38 6.77 -2.31 25.38
N GLY D 39 6.26 -3.32 26.08
CA GLY D 39 6.42 -4.69 25.68
C GLY D 39 7.49 -5.46 26.44
N HIS D 40 8.02 -4.87 27.51
CA HIS D 40 9.11 -5.55 28.22
C HIS D 40 8.82 -5.80 29.70
N ASN D 41 9.52 -6.78 30.30
CA ASN D 41 9.40 -7.10 31.72
C ASN D 41 10.77 -7.65 32.14
N VAL D 42 10.87 -8.17 33.34
CA VAL D 42 12.12 -8.77 33.80
C VAL D 42 11.75 -9.99 34.64
N GLU D 43 12.49 -11.06 34.45
CA GLU D 43 12.21 -12.36 35.09
C GLU D 43 13.53 -13.07 35.37
N SER D 44 13.71 -13.64 36.55
CA SER D 44 14.96 -14.35 36.80
C SER D 44 14.91 -15.66 36.02
N ILE D 45 16.07 -16.13 35.55
CA ILE D 45 16.11 -17.37 34.78
C ILE D 45 16.37 -18.56 35.70
N LYS D 46 15.61 -19.62 35.54
CA LYS D 46 15.77 -20.85 36.38
C LYS D 46 17.21 -21.36 36.40
N ASP D 47 17.70 -21.57 37.58
CA ASP D 47 19.04 -22.07 37.81
C ASP D 47 20.15 -21.14 37.39
N MET D 48 19.80 -19.87 37.17
CA MET D 48 20.83 -18.89 36.86
C MET D 48 20.74 -17.71 37.82
N ILE D 49 20.40 -18.00 39.06
CA ILE D 49 20.45 -17.07 40.17
C ILE D 49 21.09 -17.83 41.33
N PRO D 50 21.64 -17.13 42.29
CA PRO D 50 22.34 -17.84 43.37
C PRO D 50 21.44 -18.71 44.23
N GLU D 51 22.06 -19.74 44.79
CA GLU D 51 21.50 -20.74 45.64
C GLU D 51 20.29 -20.37 46.50
N GLY D 52 20.35 -19.35 47.35
CA GLY D 52 19.21 -19.04 48.21
C GLY D 52 18.41 -17.81 47.89
N ALA D 53 18.52 -17.38 46.64
CA ALA D 53 17.80 -16.14 46.27
C ALA D 53 16.40 -16.50 45.81
N GLU D 54 15.45 -15.60 45.93
CA GLU D 54 14.10 -15.88 45.47
C GLU D 54 13.93 -15.58 43.98
N LYS D 55 13.12 -16.37 43.30
CA LYS D 55 12.83 -16.13 41.89
C LYS D 55 11.94 -14.90 41.80
N PHE D 56 11.94 -14.20 40.65
CA PHE D 56 11.13 -13.00 40.52
C PHE D 56 10.64 -12.80 39.09
N LYS D 57 9.51 -12.14 38.95
CA LYS D 57 8.96 -11.89 37.62
C LYS D 57 8.08 -10.65 37.67
N SER D 58 8.41 -9.67 36.85
CA SER D 58 7.61 -8.45 36.90
C SER D 58 6.49 -8.46 35.86
N LYS D 59 5.51 -7.55 35.94
CA LYS D 59 4.50 -7.53 34.88
C LYS D 59 5.00 -6.70 33.69
N ILE D 60 4.54 -7.00 32.48
CA ILE D 60 4.99 -6.24 31.32
C ILE D 60 4.59 -4.78 31.43
N ASN D 61 5.50 -3.88 31.08
CA ASN D 61 5.30 -2.44 31.10
C ASN D 61 5.39 -1.76 32.46
N GLU D 62 5.53 -2.51 33.54
CA GLU D 62 5.68 -1.93 34.87
C GLU D 62 7.14 -1.66 35.26
N ASN D 63 7.27 -0.59 36.03
CA ASN D 63 8.55 -0.23 36.64
C ASN D 63 8.75 -1.24 37.75
N TYR D 64 9.91 -1.90 37.83
CA TYR D 64 10.05 -2.88 38.89
C TYR D 64 11.31 -2.63 39.70
N VAL D 65 11.20 -2.70 41.03
CA VAL D 65 12.38 -2.48 41.84
C VAL D 65 12.82 -3.80 42.45
N LEU D 66 14.00 -4.26 42.07
CA LEU D 66 14.52 -5.51 42.63
C LEU D 66 15.45 -5.21 43.79
N THR D 67 15.26 -5.83 44.95
CA THR D 67 16.28 -5.71 46.00
C THR D 67 17.17 -6.94 45.96
N VAL D 68 18.48 -6.73 45.94
CA VAL D 68 19.36 -7.90 45.84
C VAL D 68 20.02 -8.15 47.21
N THR D 69 19.93 -9.39 47.64
CA THR D 69 20.47 -9.80 48.94
C THR D 69 21.63 -10.77 48.80
N GLN D 70 21.38 -11.92 48.19
CA GLN D 70 22.44 -12.94 48.07
C GLN D 70 23.51 -12.59 47.06
N PRO D 71 24.78 -12.77 47.43
CA PRO D 71 25.91 -12.53 46.56
C PRO D 71 25.92 -13.62 45.47
N GLY D 72 26.55 -13.29 44.35
CA GLY D 72 26.55 -14.23 43.25
C GLY D 72 26.07 -13.52 41.97
N ALA D 73 26.04 -14.28 40.89
CA ALA D 73 25.60 -13.72 39.60
C ALA D 73 24.15 -14.15 39.36
N TYR D 74 23.43 -13.29 38.67
CA TYR D 74 22.03 -13.47 38.34
C TYR D 74 21.91 -13.12 36.84
N LEU D 75 21.33 -14.06 36.09
CA LEU D 75 21.04 -13.70 34.68
C LEU D 75 19.53 -13.49 34.64
N VAL D 76 19.12 -12.33 34.16
CA VAL D 76 17.68 -12.07 34.06
C VAL D 76 17.34 -11.89 32.59
N LYS D 77 16.08 -12.16 32.28
CA LYS D 77 15.67 -12.00 30.88
C LYS D 77 14.42 -11.13 30.84
N CYS D 78 14.08 -10.70 29.64
CA CYS D 78 12.76 -10.13 29.37
C CYS D 78 11.96 -11.37 28.90
N THR D 79 10.80 -11.64 29.47
CA THR D 79 10.05 -12.86 29.12
C THR D 79 9.73 -12.90 27.63
N PRO D 80 9.10 -11.89 27.06
CA PRO D 80 8.80 -11.99 25.62
C PRO D 80 10.03 -11.95 24.75
N HIS D 81 11.10 -11.22 25.08
CA HIS D 81 12.17 -11.13 24.11
C HIS D 81 13.46 -11.88 24.45
N TYR D 82 13.38 -12.84 25.36
CA TYR D 82 14.53 -13.64 25.72
C TYR D 82 15.15 -14.31 24.50
N ALA D 83 14.30 -14.88 23.65
CA ALA D 83 14.88 -15.55 22.46
C ALA D 83 15.54 -14.58 21.49
N MET D 84 15.29 -13.28 21.59
CA MET D 84 15.94 -12.29 20.74
C MET D 84 17.15 -11.68 21.43
N GLY D 85 17.54 -12.24 22.58
CA GLY D 85 18.76 -11.82 23.24
C GLY D 85 18.58 -10.86 24.40
N MET D 86 17.36 -10.56 24.81
CA MET D 86 17.23 -9.50 25.83
C MET D 86 17.52 -10.01 27.23
N ILE D 87 18.75 -9.81 27.69
CA ILE D 87 19.14 -10.30 29.02
C ILE D 87 20.01 -9.27 29.71
N ALA D 88 20.21 -9.43 31.02
CA ALA D 88 21.16 -8.61 31.74
C ALA D 88 21.80 -9.55 32.80
N LEU D 89 23.03 -9.21 33.16
CA LEU D 89 23.74 -9.98 34.19
C LEU D 89 23.93 -9.04 35.39
N ILE D 90 23.49 -9.50 36.56
CA ILE D 90 23.69 -8.72 37.77
C ILE D 90 24.76 -9.46 38.59
N ALA D 91 25.82 -8.77 38.96
CA ALA D 91 26.89 -9.39 39.75
C ALA D 91 26.87 -8.74 41.14
N VAL D 92 26.55 -9.55 42.14
CA VAL D 92 26.47 -9.11 43.53
C VAL D 92 27.69 -9.57 44.31
N GLY D 93 28.51 -8.62 44.76
CA GLY D 93 29.70 -8.94 45.53
C GLY D 93 30.85 -9.26 44.60
N ASP D 94 32.05 -9.59 45.10
CA ASP D 94 33.13 -9.88 44.15
C ASP D 94 33.22 -11.38 43.84
N SER D 95 33.86 -11.71 42.75
CA SER D 95 34.07 -13.02 42.16
C SER D 95 32.94 -13.98 42.43
N PRO D 96 31.82 -13.71 41.77
CA PRO D 96 30.58 -14.48 41.99
C PRO D 96 30.84 -15.98 41.74
N ALA D 97 30.50 -16.79 42.73
CA ALA D 97 30.82 -18.20 42.70
C ALA D 97 30.18 -18.92 41.51
N ASN D 98 29.00 -18.46 41.10
CA ASN D 98 28.26 -19.17 40.07
C ASN D 98 28.39 -18.61 38.67
N LEU D 99 29.27 -17.65 38.39
CA LEU D 99 29.41 -17.04 37.09
C LEU D 99 29.82 -18.01 35.98
N ASP D 100 30.84 -18.85 36.18
CA ASP D 100 31.26 -19.80 35.15
C ASP D 100 30.14 -20.79 34.83
N GLN D 101 29.40 -21.19 35.86
CA GLN D 101 28.27 -22.10 35.68
C GLN D 101 27.25 -21.41 34.77
N ILE D 102 26.96 -20.12 35.03
CA ILE D 102 25.97 -19.47 34.17
C ILE D 102 26.45 -19.31 32.75
N VAL D 103 27.74 -19.06 32.59
CA VAL D 103 28.26 -18.88 31.21
C VAL D 103 28.17 -20.19 30.46
N SER D 104 28.37 -21.30 31.15
CA SER D 104 28.30 -22.60 30.46
C SER D 104 26.86 -23.09 30.28
N ALA D 105 25.87 -22.61 31.03
CA ALA D 105 24.52 -23.20 30.94
C ALA D 105 23.88 -23.11 29.55
N LYS D 106 22.94 -24.02 29.31
CA LYS D 106 22.26 -24.01 28.03
C LYS D 106 21.36 -22.78 27.88
N LYS D 107 21.47 -22.10 26.76
CA LYS D 107 20.63 -20.92 26.48
C LYS D 107 20.67 -20.62 24.97
N PRO D 108 19.77 -19.79 24.47
CA PRO D 108 19.78 -19.44 23.04
C PRO D 108 21.11 -18.87 22.60
N LYS D 109 21.48 -19.21 21.35
CA LYS D 109 22.75 -18.76 20.81
C LYS D 109 22.91 -17.26 20.87
N ILE D 110 21.82 -16.54 20.55
CA ILE D 110 21.93 -15.09 20.55
C ILE D 110 22.14 -14.58 21.97
N VAL D 111 21.48 -15.23 22.91
CA VAL D 111 21.70 -14.87 24.33
C VAL D 111 23.17 -15.05 24.70
N GLN D 112 23.70 -16.23 24.38
CA GLN D 112 25.10 -16.56 24.68
C GLN D 112 26.05 -15.53 24.12
N GLU D 113 25.83 -15.12 22.87
CA GLU D 113 26.70 -14.12 22.27
C GLU D 113 26.63 -12.78 23.00
N ARG D 114 25.43 -12.36 23.42
CA ARG D 114 25.40 -11.08 24.15
C ARG D 114 26.02 -11.16 25.53
N LEU D 115 25.78 -12.28 26.20
CA LEU D 115 26.34 -12.55 27.53
C LEU D 115 27.86 -12.45 27.47
N GLU D 116 28.44 -13.11 26.46
CA GLU D 116 29.88 -13.12 26.32
C GLU D 116 30.45 -11.73 26.10
N LYS D 117 29.68 -10.94 25.34
CA LYS D 117 30.11 -9.58 25.11
C LYS D 117 30.05 -8.77 26.38
N VAL D 118 28.94 -8.84 27.09
CA VAL D 118 28.81 -8.07 28.33
C VAL D 118 29.86 -8.45 29.37
N ILE D 119 30.23 -9.72 29.44
CA ILE D 119 31.24 -10.07 30.44
C ILE D 119 32.60 -9.54 30.03
N ALA D 120 32.84 -9.45 28.72
CA ALA D 120 34.12 -8.96 28.21
C ALA D 120 34.14 -7.42 28.22
N SER D 121 33.21 -6.89 27.46
CA SER D 121 32.88 -5.53 27.10
C SER D 121 31.60 -5.02 27.76
N ALA D 122 31.65 -4.88 29.07
CA ALA D 122 30.55 -4.35 29.88
C ALA D 122 30.87 -4.49 31.37
N LYS D 123 31.86 -5.33 31.66
CA LYS D 123 32.29 -5.63 33.02
C LYS D 123 32.84 -4.40 33.75
CU CU E . -12.39 20.89 11.44
CU CU F . -12.42 13.59 0.92
GD GD G . -10.19 4.45 25.63
GD GD H . -18.45 -10.20 24.90
GD GD I . -0.15 -31.42 21.44
CU CU J . 13.19 12.78 -22.92
CU CU K . 6.24 3.17 -18.25
GD GD L . -1.43 27.45 -19.96
GD GD M . -20.82 28.25 -21.95
GD GD N . -33.45 28.55 1.67
CU CU O . 13.46 -13.79 11.37
CU CU P . 2.14 -10.38 6.66
GD GD Q . 22.96 -14.51 -5.99
GD GD R . 17.07 -22.12 -22.00
GD GD S . 14.19 -2.23 -42.19
CU CU T . 11.53 -7.17 26.13
#